data_7FJ1
#
_entry.id   7FJ1
#
_cell.length_a   1.00
_cell.length_b   1.00
_cell.length_c   1.00
_cell.angle_alpha   90.00
_cell.angle_beta   90.00
_cell.angle_gamma   90.00
#
_symmetry.space_group_name_H-M   'P 1'
#
loop_
_entity.id
_entity.type
_entity.pdbx_description
1 polymer 'Major capsid protein'
2 polymer 'Triplex capsid protein 2'
3 polymer 'Capsid vertex component 1'
4 polymer 'Small capsomere-interacting protein'
5 polymer 'Triplex capsid protein 1'
6 polymer 'DNA packaging tegument protein UL25'
7 polymer VP1/2
#
loop_
_entity_poly.entity_id
_entity_poly.type
_entity_poly.pdbx_seq_one_letter_code
_entity_poly.pdbx_strand_id
1 'polypeptide(L)'
;MERPAILPSGQILSNIEVHSHRALFDIFKRFRSDDNNLYGAEFDALLGTYCSTLSLVRFLELGLSVACVCTKFPELSYVA
EGTIQFEVQQPMIARDGPHPADQPVHNYMIKRLDRRSLNAAFSIAVEALGLISGENLDGTHISSAMRLRAIQQLARNVQA
VLDSFERGTADQMLRVLMEKAPPLSLLAPFTLYEGRLADRVACAALVSELKRRVRDDTFFLTKHERNKDAVLDRLSDLVN
CTAPSVAVARMTHADTQGRPVDGVLVTTAGVRQRLLHHVLTLADTHADVPVTYGEMVIANTNLVTALVMGKAVSNMDDVA
RYLLGGEPAPDDGKPVGSARVRADLVVVGDRLVFLEALEKRVYQATQVPYPLVGNLDVTFVMPLGVFKPAADRYARHAGS
FAPTPGLPDPRTHPPRAVHFFNKDGVPCHVTFEHAMGTLCHPSFLDVDATLAALRQEPAEVQCAFGAYVADARPDALVGL
MQRFLEEWPGMMPVRPRWAAPAAADQLLAPGNADLRLELHPAFDFFVAPEVDVPGPFAVPQVMGQVRAMPRIINGNIPLA
LCPVDFRDARGFELSVDRHRLAPATVAAVRGAFRDANYPMVFYIIEAVIHGSERTFCALARLVAQCIQSYWRNTHNAAFV
NNFYMVMYINTYLGNGELPEDCAAVYKDLLEHVHALRRLIGEFTLPGDPLGNQPQEELNHALADATLLPPLIWDCDPILY
RDGLAERLPELRVNGAHFQHILWVEMAQVNFRNVGGGLVHNRPVRNENQPLHPHHDAEWSVLSKIYYYAVVPAFSRGNCC
TMGVRYDRVYQLVQTMVVPETDEEVGTDDPRHPLHPRNLVPNSLNVLFHNACVAVDADAMLILQETVTNMAERTTPLLAS
VAPDAGMATVATRDMRTHDGSLHHGLLMMAYQPNDATLLEGAFFYPAPVNALFACADHLGAMRDVGAEVRAAAQHVPCVP
HFLGANYYATVRQPVAQHAAQSRADENTLSYALMAGYFKMSPVAFTHQLRRQLHPGFALTVVRQDRFATENVLFAEKASE
SYFMGQMQVARTESGGGLHLQLTQPRANVDLGVGFTAAYAAAALRAPVTDMGNLPQNLFATRGAPPMLDADADDYLRRTV
NAGNRLAPVPVFGQMLPQVPAGLARGQQSVCEFIATPVSVDLAYFRRACNPRGRAAGEVHGEEGLMFDHSHADPAHPHRA
TANPWASQRHSYADRLYNGQYNMSGPAYSPCFKFFTPAEAVAKSRGLARLIADTGAAASPTSNGEYQFKRPVGAGELVED
PCALFQEAYPPLCASDSALLRTPLGAEEHFAQYLIRDESPLKGCFQHASA
;
0,A,S,U,a,e,f,g,l,m,n,p,q,u,w,y
2 'polypeptide(L)'
;MEVDIALPTLSPGDLSALQRCEGRVVFLETLRRHATLREVALPCGGDVLAAMAAYRRRFAAVITRVTPHRMLATPLGVGG
RGQSLVLQNTGPFDLTNGDHVCLVPPLLGDECLRLTSANLELRFPMTLPLAQARELTARVVARAAETLRGGAPARGADVV
FSNGRRYQLPPPHRDNAEAATRSLVLNMIFLLNEGAVILLSLIPNLLTLGAQDGYANAVIQLGSATRELGQLVRQPPPPL
PQDHARRFCVFEALEAWIASASRLGDTLGTRPVARVCIFDGPPTVPPGEKAAVVEV
;
1,2,3,j,k,o,s,v,x,z
3 'polypeptide(L)'
;MDAHIANETKQQMTRFAPALVHVIVPDPLLARAGVDPLAPFAAHAQTRYHGSGVCEPWVSVFAGHVQTGAVESVLTLPPL
QRPRGPGGLFVSLPLALGAHFDGFTTAALRVGARELVFTYDELLPARTRYNVDGERLERLCRQFANYARARRVAPAVAAA
GGHIDALLPPAAATIDGEAQLTRGGFDDPAAPHARDADREILSLVRRAAELVAARHPVRSHVASGLMQGALARRGGGGDG
AGALEAAATVPAPAAREDANGGGAAWRDELLLTPQDPRPLTALDWLDAGYAALAGGDAPAHVWRRRPVSLVARRHYQTGE
TFVVVAYEHSTAWGGRRGPRGEPLARVLAEECERHGVEHPRALPAEARRELVRRHAELAVPLGDEEPPLPVFDATAELVL
LERFRNACVRALLAGVRESVRREPRMRQIIEFAIRPRDREAVLDVAGRAPALLDAFARRLEHTPAREMVDSGLMTAAAAH
LAARATAGYVTFESGPLLGGVFLFDYYSAGGEVIRVTRAPLAVAVEPATRGQFACRFRGASHRCLPGESYAYLCVGVSRD
LRALVVLPGGFGFFATLRLEWPAALVDPVLERLCRRV
;
B
4 'polypeptide(L)'
;MSFDPNNPRTITAQTLEGALPVDILLRLNRATGLQMDAAEAHAIVEDARRTLFIGTSLALVNLRRAHDKHLVERQPMFAT
SDYSSWARPTVGLKRTFCPRPPP
;
E,F,G,H,I,J,K,L,M,N,O,P,Q,R,V
5 'polypeptide(L)'
;MSVQIGNGLLMVVAPGTLTVGSARARLIRQVTLADFCEPQAERPGLVVLALRHPADLAGAAYAATPPGKNHRDLEEAWLA
LDEGGRGLGGDGIRASVVSLNFLVAAAENADDALRAHVTTNYRDRRTAARLERFATVLRAMIRSHVFPHRALHVLGGLLG
HVTQDRLASVTCVARGDQEAARTNDMAARRSQVHVPACALMDVDRELRLGGDDGLRFAYLVFVYTQRHRREALRVHVAVS
RLPELGDALSFLLAGTRVDNAIHGTDEADAPAAPAAAAAFPAYLFNDPRSARCPTGRLNTPAAEALPVWAPDMRGRATRN
SCMYAAYVRLGTVERVVRRAERCGSVDLPLAHMERFTWDVGAWEECFF
;
T,h,i,r,t
6 'polypeptide(L)'
;MDRAWFAFEAAAIPGSARHFIAPPFPVGFWARPGFGEGLDARLALAHANARRRAAAAALDNAMAAGARLEAEVDEQLRPL
ERQVERVAEALVVLEETARAAEEADAARAAEEAPEATAAADEGREVQIAKNDVALAYDANLSLDFLAMVYAARGAASGVL
FGTWYATLQATLVAERPQVSRAIDSRDGRMSRTFMGVTTTALQACGRLYVGNRHYSALESAALCLHLVHRARQGPGAAGA
AAPLGIADLLERVPEYLDALSQALAEGGRISYRYNYARVPREQLHGRYALEGHSVLAALARLRVVPGANVGANEVDGAGF
VDEVNRAAAAFLGRGQNLFLGEDAPLLRATVNTITGLLLLRRLLHNGNVYGDRLRNNFQLGALVPNAPPPRGASGDAPAS
RSGDGNLRFLLAHYVVVAYRADERTELTQLFPGLAALALDAHSIRARVQRHQLNLVRLVALELQNRQRVTAPVNEVIAAH
DAVAVQYEEGLGLLLQQPHLRNAADKRLGQFGVSSDYDLLYFLCLGYIPQFAAA
;
X,c
7 'polypeptide(L)' RVVESDTLINRRYMRATGLGALALLIAACRLIARRLRETRTTLKGSARRFNVDLFQVRLILG Y,Z
#
# COMPACT_ATOMS: atom_id res chain seq x y z
N ARG A 3 -135.45 -17.56 -28.13
CA ARG A 3 -135.60 -16.11 -28.08
C ARG A 3 -137.03 -15.72 -27.79
N PRO A 4 -137.31 -15.32 -26.55
CA PRO A 4 -138.64 -14.80 -26.22
C PRO A 4 -138.92 -13.51 -26.97
N ALA A 5 -140.20 -13.28 -27.27
CA ALA A 5 -140.60 -12.07 -27.95
C ALA A 5 -140.73 -10.92 -26.95
N ILE A 6 -140.99 -9.73 -27.47
CA ILE A 6 -141.07 -8.53 -26.65
C ILE A 6 -142.53 -8.20 -26.35
N LEU A 7 -143.30 -7.98 -27.41
CA LEU A 7 -144.71 -7.58 -27.26
C LEU A 7 -145.62 -8.64 -27.86
N PRO A 8 -146.35 -9.38 -27.04
CA PRO A 8 -147.26 -10.40 -27.59
C PRO A 8 -148.41 -9.75 -28.35
N SER A 9 -148.77 -10.37 -29.47
CA SER A 9 -149.87 -9.85 -30.29
C SER A 9 -151.22 -10.11 -29.62
N GLY A 10 -151.56 -11.38 -29.42
CA GLY A 10 -152.80 -11.74 -28.79
C GLY A 10 -152.59 -12.72 -27.66
N GLN A 11 -153.44 -12.58 -26.64
CA GLN A 11 -153.32 -13.39 -25.43
C GLN A 11 -154.22 -14.61 -25.50
N ILE A 12 -153.86 -15.65 -24.77
CA ILE A 12 -154.63 -16.89 -24.72
C ILE A 12 -155.81 -16.70 -23.79
N LEU A 13 -156.79 -17.60 -23.85
CA LEU A 13 -157.95 -17.55 -22.98
C LEU A 13 -158.17 -18.81 -22.15
N SER A 14 -157.31 -19.81 -22.26
CA SER A 14 -157.46 -21.06 -21.54
C SER A 14 -156.31 -21.24 -20.55
N ASN A 15 -156.62 -21.78 -19.37
CA ASN A 15 -155.62 -22.13 -18.38
C ASN A 15 -155.31 -23.62 -18.40
N ILE A 16 -155.38 -24.23 -19.57
CA ILE A 16 -155.07 -25.65 -19.71
C ILE A 16 -153.59 -25.89 -19.38
N GLU A 17 -153.33 -27.01 -18.73
CA GLU A 17 -151.95 -27.36 -18.38
C GLU A 17 -151.23 -27.88 -19.60
N VAL A 18 -150.02 -27.35 -19.83
CA VAL A 18 -149.35 -27.56 -21.11
C VAL A 18 -148.58 -28.87 -21.13
N HIS A 19 -147.97 -29.25 -20.00
CA HIS A 19 -147.05 -30.39 -20.02
C HIS A 19 -147.77 -31.69 -20.38
N SER A 20 -149.05 -31.80 -20.02
CA SER A 20 -149.82 -32.98 -20.40
C SER A 20 -149.99 -33.06 -21.91
N HIS A 21 -150.42 -31.96 -22.52
CA HIS A 21 -150.56 -31.87 -23.98
C HIS A 21 -149.24 -31.47 -24.63
N ARG A 22 -148.19 -32.24 -24.32
CA ARG A 22 -146.84 -31.89 -24.80
C ARG A 22 -146.67 -32.16 -26.28
N ALA A 23 -147.22 -33.27 -26.79
CA ALA A 23 -146.95 -33.70 -28.15
C ALA A 23 -147.58 -32.81 -29.21
N LEU A 24 -148.54 -31.95 -28.85
CA LEU A 24 -149.17 -31.09 -29.85
C LEU A 24 -148.16 -30.15 -30.49
N PHE A 25 -147.32 -29.50 -29.69
CA PHE A 25 -146.34 -28.57 -30.21
C PHE A 25 -145.21 -29.32 -30.92
N ASP A 26 -144.26 -28.56 -31.45
CA ASP A 26 -143.09 -29.11 -32.12
C ASP A 26 -141.81 -28.91 -31.31
N ILE A 27 -141.65 -27.73 -30.70
CA ILE A 27 -140.54 -27.44 -29.80
C ILE A 27 -141.14 -27.06 -28.45
N PHE A 28 -140.63 -27.66 -27.37
CA PHE A 28 -141.19 -27.45 -26.04
C PHE A 28 -140.07 -27.29 -25.04
N LYS A 29 -140.10 -26.18 -24.29
CA LYS A 29 -139.11 -25.93 -23.26
C LYS A 29 -139.82 -25.40 -22.03
N ARG A 30 -139.49 -25.97 -20.86
CA ARG A 30 -139.99 -25.49 -19.59
C ARG A 30 -138.84 -25.40 -18.60
N PHE A 31 -138.88 -24.37 -17.76
CA PHE A 31 -137.87 -24.19 -16.73
C PHE A 31 -138.55 -23.77 -15.44
N ARG A 32 -137.89 -24.06 -14.31
CA ARG A 32 -138.48 -23.82 -13.01
C ARG A 32 -138.88 -22.37 -12.84
N SER A 33 -137.90 -21.46 -12.83
CA SER A 33 -138.16 -20.03 -12.75
C SER A 33 -136.87 -19.28 -13.06
N ASP A 34 -136.95 -18.32 -13.96
CA ASP A 34 -135.84 -17.41 -14.26
C ASP A 34 -134.58 -18.18 -14.64
N ASP A 35 -134.64 -18.83 -15.80
CA ASP A 35 -133.46 -19.48 -16.35
C ASP A 35 -132.39 -18.42 -16.62
N ASN A 36 -131.13 -18.85 -16.50
CA ASN A 36 -130.00 -17.94 -16.64
C ASN A 36 -129.66 -17.62 -18.09
N ASN A 37 -130.24 -18.34 -19.05
CA ASN A 37 -129.80 -18.27 -20.43
C ASN A 37 -130.50 -17.20 -21.25
N LEU A 38 -131.73 -16.83 -20.91
CA LEU A 38 -132.52 -15.93 -21.74
C LEU A 38 -132.17 -14.46 -21.52
N TYR A 39 -131.04 -14.17 -20.86
CA TYR A 39 -130.66 -12.79 -20.59
C TYR A 39 -129.48 -12.31 -21.43
N GLY A 40 -128.57 -13.20 -21.80
CA GLY A 40 -127.48 -12.83 -22.67
C GLY A 40 -127.96 -12.71 -24.10
N ALA A 41 -127.78 -11.54 -24.71
CA ALA A 41 -128.19 -11.30 -26.09
C ALA A 41 -126.97 -11.50 -26.98
N GLU A 42 -126.74 -12.76 -27.37
CA GLU A 42 -125.56 -13.13 -28.15
C GLU A 42 -125.89 -13.01 -29.64
N PHE A 43 -126.00 -11.76 -30.10
CA PHE A 43 -126.33 -11.53 -31.50
C PHE A 43 -125.10 -11.75 -32.37
N ASP A 44 -125.30 -11.61 -33.68
CA ASP A 44 -124.28 -11.93 -34.66
C ASP A 44 -124.38 -10.95 -35.81
N ALA A 45 -123.26 -10.38 -36.22
CA ALA A 45 -123.29 -9.29 -37.19
C ALA A 45 -122.13 -9.40 -38.16
N LEU A 46 -122.35 -8.87 -39.36
CA LEU A 46 -121.29 -8.66 -40.33
C LEU A 46 -120.82 -7.21 -40.26
N LEU A 47 -119.51 -7.02 -40.44
CA LEU A 47 -118.85 -5.77 -40.11
C LEU A 47 -118.33 -5.04 -41.36
N GLY A 48 -119.14 -5.01 -42.40
CA GLY A 48 -118.85 -4.18 -43.55
C GLY A 48 -118.71 -4.93 -44.86
N THR A 49 -119.43 -4.48 -45.88
CA THR A 49 -119.27 -5.00 -47.21
C THR A 49 -118.20 -4.20 -47.95
N TYR A 50 -117.71 -4.74 -49.06
CA TYR A 50 -116.70 -4.06 -49.87
C TYR A 50 -116.93 -4.44 -51.33
N CYS A 51 -117.38 -3.48 -52.12
CA CYS A 51 -117.70 -3.69 -53.53
C CYS A 51 -116.60 -3.10 -54.39
N SER A 52 -116.09 -3.90 -55.32
CA SER A 52 -115.03 -3.43 -56.21
C SER A 52 -115.60 -2.49 -57.27
N THR A 53 -114.69 -1.80 -57.94
CA THR A 53 -114.99 -1.01 -59.12
C THR A 53 -114.24 -1.61 -60.31
N LEU A 54 -114.31 -0.94 -61.45
CA LEU A 54 -113.59 -1.39 -62.63
C LEU A 54 -112.91 -0.20 -63.28
N SER A 55 -111.71 -0.41 -63.81
CA SER A 55 -110.93 0.63 -64.46
C SER A 55 -111.10 0.51 -65.97
N LEU A 56 -111.54 1.59 -66.60
CA LEU A 56 -111.68 1.62 -68.04
C LEU A 56 -110.34 1.94 -68.69
N VAL A 57 -110.09 1.33 -69.84
CA VAL A 57 -108.92 1.61 -70.65
C VAL A 57 -109.39 1.90 -72.07
N ARG A 58 -108.82 2.94 -72.68
CA ARG A 58 -109.19 3.36 -74.01
C ARG A 58 -107.97 3.28 -74.93
N PHE A 59 -108.14 2.60 -76.06
CA PHE A 59 -107.02 2.31 -76.95
C PHE A 59 -106.41 3.59 -77.52
N LEU A 60 -107.17 4.66 -77.61
CA LEU A 60 -106.65 5.91 -78.17
C LEU A 60 -105.93 6.76 -77.15
N GLU A 61 -105.86 6.33 -75.89
CA GLU A 61 -105.04 6.99 -74.89
C GLU A 61 -103.77 6.21 -74.57
N LEU A 62 -103.65 4.99 -75.09
CA LEU A 62 -102.40 4.25 -75.00
C LEU A 62 -101.32 4.92 -75.83
N GLY A 63 -100.09 4.45 -75.67
CA GLY A 63 -99.00 4.94 -76.49
C GLY A 63 -98.84 4.08 -77.73
N LEU A 64 -99.39 2.87 -77.68
CA LEU A 64 -99.28 1.95 -78.81
C LEU A 64 -100.09 2.41 -80.02
N SER A 65 -101.12 3.23 -79.81
CA SER A 65 -101.98 3.67 -80.91
C SER A 65 -101.19 4.31 -82.05
N VAL A 66 -100.03 4.89 -81.77
CA VAL A 66 -99.23 5.54 -82.81
C VAL A 66 -98.58 4.53 -83.75
N ALA A 67 -98.82 3.25 -83.55
CA ALA A 67 -98.25 2.26 -84.47
C ALA A 67 -99.09 2.11 -85.73
N CYS A 68 -100.42 2.12 -85.60
CA CYS A 68 -101.32 1.75 -86.69
C CYS A 68 -102.24 2.92 -87.02
N VAL A 69 -102.75 2.94 -88.25
CA VAL A 69 -103.81 3.86 -88.64
C VAL A 69 -105.15 3.14 -88.52
N CYS A 70 -106.02 3.67 -87.68
CA CYS A 70 -107.33 3.07 -87.42
C CYS A 70 -108.41 3.91 -88.08
N THR A 71 -109.32 3.25 -88.80
CA THR A 71 -110.42 3.92 -89.47
C THR A 71 -111.66 3.02 -89.46
N LYS A 72 -112.82 3.64 -89.23
CA LYS A 72 -114.07 2.90 -89.31
C LYS A 72 -114.35 2.48 -90.75
N PHE A 73 -114.94 1.31 -90.90
CA PHE A 73 -115.38 0.82 -92.22
C PHE A 73 -116.63 0.00 -92.02
N PRO A 74 -117.80 0.66 -91.91
CA PRO A 74 -119.05 -0.06 -91.63
C PRO A 74 -119.47 -1.01 -92.74
N GLU A 75 -118.68 -1.13 -93.80
CA GLU A 75 -118.99 -2.02 -94.91
C GLU A 75 -117.98 -3.16 -95.05
N LEU A 76 -117.11 -3.36 -94.05
CA LEU A 76 -116.10 -4.40 -94.11
C LEU A 76 -116.71 -5.79 -94.30
N SER A 77 -117.93 -6.01 -93.79
CA SER A 77 -118.52 -7.35 -93.83
C SER A 77 -118.87 -7.80 -95.24
N TYR A 78 -118.73 -6.93 -96.24
CA TYR A 78 -119.09 -7.29 -97.60
C TYR A 78 -117.89 -7.46 -98.52
N VAL A 79 -116.74 -6.88 -98.16
CA VAL A 79 -115.63 -6.80 -99.10
C VAL A 79 -114.99 -8.18 -99.26
N ALA A 80 -114.63 -8.51 -100.50
CA ALA A 80 -113.84 -9.70 -100.82
C ALA A 80 -112.38 -9.41 -100.52
N GLU A 81 -111.47 -10.21 -101.09
CA GLU A 81 -110.06 -10.06 -100.76
C GLU A 81 -109.54 -8.71 -101.25
N GLY A 82 -109.44 -7.76 -100.32
CA GLY A 82 -109.05 -6.41 -100.64
C GLY A 82 -107.55 -6.26 -100.65
N THR A 83 -107.07 -5.24 -101.36
CA THR A 83 -105.64 -5.07 -101.58
C THR A 83 -105.28 -3.59 -101.53
N ILE A 84 -103.97 -3.34 -101.65
CA ILE A 84 -103.44 -2.01 -101.88
C ILE A 84 -102.32 -2.15 -102.90
N GLN A 85 -102.03 -1.06 -103.62
CA GLN A 85 -101.07 -1.09 -104.70
C GLN A 85 -99.86 -0.22 -104.35
N PHE A 86 -98.72 -0.56 -104.96
CA PHE A 86 -97.47 0.12 -104.72
C PHE A 86 -96.78 0.42 -106.04
N GLU A 87 -96.07 1.55 -106.06
CA GLU A 87 -95.18 1.86 -107.18
C GLU A 87 -93.95 2.56 -106.58
N VAL A 88 -92.77 2.05 -106.92
CA VAL A 88 -91.51 2.66 -106.50
C VAL A 88 -90.61 2.74 -107.71
N GLN A 89 -89.87 3.83 -107.81
CA GLN A 89 -88.91 4.04 -108.90
C GLN A 89 -87.52 4.13 -108.28
N GLN A 90 -86.63 3.28 -108.72
CA GLN A 90 -85.32 3.33 -108.10
C GLN A 90 -84.42 4.31 -108.84
N PRO A 91 -83.58 5.04 -108.11
CA PRO A 91 -82.63 5.95 -108.77
C PRO A 91 -81.56 5.17 -109.51
N MET A 92 -80.72 5.86 -110.28
CA MET A 92 -79.70 5.19 -111.06
C MET A 92 -78.55 6.17 -111.28
N ILE A 93 -77.32 5.63 -111.21
CA ILE A 93 -76.10 6.41 -111.34
C ILE A 93 -75.43 6.01 -112.63
N ALA A 94 -74.80 6.97 -113.30
CA ALA A 94 -74.12 6.69 -114.55
C ALA A 94 -72.90 5.82 -114.31
N ARG A 95 -72.48 5.10 -115.35
CA ARG A 95 -71.32 4.22 -115.29
C ARG A 95 -70.24 4.73 -116.24
N ASP A 96 -69.03 4.23 -116.03
CA ASP A 96 -67.87 4.67 -116.79
C ASP A 96 -67.26 3.49 -117.56
N GLY A 97 -66.84 3.74 -118.79
CA GLY A 97 -65.95 2.87 -119.50
C GLY A 97 -66.41 1.44 -119.65
N PRO A 98 -65.77 0.53 -118.90
CA PRO A 98 -66.05 -0.91 -119.09
C PRO A 98 -67.48 -1.30 -118.75
N HIS A 99 -68.04 -0.82 -117.65
CA HIS A 99 -69.36 -1.25 -117.23
C HIS A 99 -70.42 -0.76 -118.24
N PRO A 100 -71.49 -1.53 -118.43
CA PRO A 100 -72.51 -1.12 -119.39
C PRO A 100 -73.46 -0.08 -118.83
N ALA A 101 -74.05 0.70 -119.74
CA ALA A 101 -75.01 1.72 -119.34
C ALA A 101 -76.27 1.08 -118.78
N ASP A 102 -76.74 1.61 -117.66
CA ASP A 102 -77.88 1.05 -116.95
C ASP A 102 -79.14 1.83 -117.29
N GLN A 103 -80.29 1.17 -117.19
CA GLN A 103 -81.58 1.78 -117.44
C GLN A 103 -82.29 2.07 -116.12
N PRO A 104 -83.10 3.12 -116.08
CA PRO A 104 -83.99 3.31 -114.94
C PRO A 104 -85.02 2.19 -114.88
N VAL A 105 -85.42 1.83 -113.67
CA VAL A 105 -86.27 0.67 -113.44
C VAL A 105 -87.52 1.09 -112.68
N HIS A 106 -88.66 0.56 -113.12
CA HIS A 106 -89.91 0.67 -112.38
C HIS A 106 -90.35 -0.71 -111.94
N ASN A 107 -91.20 -0.74 -110.92
CA ASN A 107 -91.77 -2.01 -110.45
C ASN A 107 -93.02 -1.73 -109.63
N TYR A 108 -94.12 -2.37 -110.03
CA TYR A 108 -95.35 -2.33 -109.25
C TYR A 108 -95.48 -3.60 -108.42
N MET A 109 -96.18 -3.47 -107.30
CA MET A 109 -96.34 -4.59 -106.39
C MET A 109 -97.61 -4.37 -105.57
N ILE A 110 -98.27 -5.48 -105.22
CA ILE A 110 -99.55 -5.43 -104.54
C ILE A 110 -99.50 -6.35 -103.32
N LYS A 111 -100.01 -5.85 -102.20
CA LYS A 111 -100.16 -6.63 -100.99
C LYS A 111 -101.64 -6.93 -100.79
N ARG A 112 -101.94 -7.89 -99.91
CA ARG A 112 -103.30 -8.34 -99.70
C ARG A 112 -103.70 -8.21 -98.24
N LEU A 113 -105.00 -8.16 -98.01
CA LEU A 113 -105.56 -7.99 -96.68
C LEU A 113 -105.61 -9.30 -95.93
N ASP A 114 -105.57 -9.21 -94.61
CA ASP A 114 -105.85 -10.33 -93.72
C ASP A 114 -107.28 -10.19 -93.18
N ARG A 115 -107.78 -11.27 -92.59
CA ARG A 115 -109.14 -11.29 -92.05
C ARG A 115 -109.11 -11.92 -90.66
N ARG A 116 -109.76 -11.27 -89.70
CA ARG A 116 -109.80 -11.68 -88.31
C ARG A 116 -111.15 -11.30 -87.71
N SER A 117 -111.22 -11.32 -86.38
CA SER A 117 -112.42 -10.93 -85.66
C SER A 117 -112.08 -10.71 -84.19
N LEU A 118 -113.12 -10.44 -83.42
CA LEU A 118 -113.10 -10.44 -81.97
C LEU A 118 -114.50 -10.82 -81.49
N ASN A 119 -114.58 -11.42 -80.30
CA ASN A 119 -115.89 -11.80 -79.82
C ASN A 119 -115.86 -12.04 -78.32
N ALA A 120 -117.03 -11.89 -77.69
CA ALA A 120 -117.21 -12.14 -76.27
C ALA A 120 -118.57 -12.81 -76.08
N ALA A 121 -118.89 -13.12 -74.83
CA ALA A 121 -120.20 -13.68 -74.49
C ALA A 121 -120.71 -13.01 -73.23
N PHE A 122 -122.04 -12.85 -73.16
CA PHE A 122 -122.64 -11.92 -72.22
C PHE A 122 -123.92 -12.50 -71.58
N SER A 123 -123.96 -13.82 -71.41
CA SER A 123 -125.19 -14.51 -71.06
C SER A 123 -125.81 -13.97 -69.77
N ILE A 124 -127.12 -14.12 -69.66
CA ILE A 124 -127.89 -13.70 -68.50
C ILE A 124 -128.82 -14.85 -68.10
N ALA A 125 -129.17 -14.88 -66.82
CA ALA A 125 -129.98 -15.98 -66.30
C ALA A 125 -131.46 -15.75 -66.52
N VAL A 126 -132.17 -16.84 -66.81
CA VAL A 126 -133.62 -16.76 -67.04
C VAL A 126 -134.34 -16.33 -65.76
N GLU A 127 -133.89 -16.85 -64.61
CA GLU A 127 -134.49 -16.53 -63.31
C GLU A 127 -134.58 -15.03 -63.07
N ALA A 128 -133.76 -14.23 -63.73
CA ALA A 128 -133.90 -12.78 -63.72
C ALA A 128 -134.28 -12.20 -65.07
N LEU A 129 -134.04 -12.93 -66.16
CA LEU A 129 -134.60 -12.53 -67.46
C LEU A 129 -136.09 -12.26 -67.34
N GLY A 130 -136.81 -13.18 -66.71
CA GLY A 130 -138.24 -12.96 -66.49
C GLY A 130 -138.51 -11.69 -65.70
N LEU A 131 -137.63 -11.36 -64.75
CA LEU A 131 -137.81 -10.14 -63.96
C LEU A 131 -137.62 -8.90 -64.81
N ILE A 132 -136.74 -8.95 -65.82
CA ILE A 132 -136.49 -7.76 -66.64
C ILE A 132 -137.75 -7.40 -67.43
N SER A 133 -138.27 -8.35 -68.21
CA SER A 133 -139.33 -8.04 -69.17
C SER A 133 -140.60 -7.57 -68.47
N GLY A 134 -140.95 -8.18 -67.35
CA GLY A 134 -142.17 -7.87 -66.65
C GLY A 134 -143.25 -8.92 -66.72
N GLU A 135 -142.97 -10.08 -67.31
CA GLU A 135 -143.95 -11.16 -67.33
C GLU A 135 -144.09 -11.81 -65.96
N ASN A 136 -142.95 -12.17 -65.35
CA ASN A 136 -142.97 -12.80 -64.04
C ASN A 136 -143.00 -11.78 -62.90
N LEU A 137 -142.84 -10.49 -63.23
CA LEU A 137 -142.95 -9.46 -62.21
C LEU A 137 -144.36 -9.41 -61.66
N ASP A 138 -144.48 -9.56 -60.35
CA ASP A 138 -145.76 -9.40 -59.66
C ASP A 138 -145.78 -8.06 -58.95
N GLY A 139 -146.99 -7.59 -58.66
CA GLY A 139 -147.12 -6.33 -57.96
C GLY A 139 -147.03 -6.52 -56.46
N THR A 140 -145.83 -6.36 -55.92
CA THR A 140 -145.57 -6.47 -54.49
C THR A 140 -144.58 -5.37 -54.14
N HIS A 141 -143.99 -5.46 -52.95
CA HIS A 141 -142.82 -4.67 -52.60
C HIS A 141 -141.53 -5.48 -52.58
N ILE A 142 -141.63 -6.80 -52.47
CA ILE A 142 -140.45 -7.67 -52.43
C ILE A 142 -140.01 -8.11 -53.82
N SER A 143 -140.70 -7.68 -54.87
CA SER A 143 -140.33 -8.06 -56.23
C SER A 143 -139.67 -6.92 -57.00
N SER A 144 -140.10 -5.68 -56.79
CA SER A 144 -139.40 -4.54 -57.37
C SER A 144 -137.97 -4.46 -56.85
N ALA A 145 -137.76 -4.82 -55.58
CA ALA A 145 -136.43 -4.91 -55.02
C ALA A 145 -135.56 -5.92 -55.73
N MET A 146 -136.15 -6.94 -56.34
CA MET A 146 -135.41 -7.88 -57.18
C MET A 146 -135.25 -7.38 -58.61
N ARG A 147 -136.24 -6.66 -59.14
CA ARG A 147 -136.09 -6.09 -60.48
C ARG A 147 -134.94 -5.10 -60.53
N LEU A 148 -134.81 -4.26 -59.49
CA LEU A 148 -133.70 -3.31 -59.46
C LEU A 148 -132.36 -4.03 -59.41
N ARG A 149 -132.27 -5.10 -58.63
CA ARG A 149 -131.04 -5.89 -58.58
C ARG A 149 -130.71 -6.50 -59.93
N ALA A 150 -131.73 -7.05 -60.62
CA ALA A 150 -131.49 -7.65 -61.92
C ALA A 150 -131.02 -6.62 -62.93
N ILE A 151 -131.64 -5.44 -62.94
CA ILE A 151 -131.22 -4.39 -63.86
C ILE A 151 -129.79 -3.95 -63.57
N GLN A 152 -129.46 -3.78 -62.28
CA GLN A 152 -128.10 -3.39 -61.93
C GLN A 152 -127.09 -4.45 -62.34
N GLN A 153 -127.44 -5.73 -62.18
CA GLN A 153 -126.55 -6.81 -62.60
C GLN A 153 -126.31 -6.77 -64.10
N LEU A 154 -127.39 -6.62 -64.87
CA LEU A 154 -127.26 -6.55 -66.33
C LEU A 154 -126.39 -5.37 -66.75
N ALA A 155 -126.57 -4.22 -66.08
CA ALA A 155 -125.79 -3.04 -66.43
C ALA A 155 -124.33 -3.23 -66.10
N ARG A 156 -124.03 -3.77 -64.92
CA ARG A 156 -122.65 -4.03 -64.54
C ARG A 156 -121.99 -5.05 -65.47
N ASN A 157 -122.77 -5.98 -66.02
CA ASN A 157 -122.21 -6.96 -66.95
C ASN A 157 -121.93 -6.36 -68.32
N VAL A 158 -122.88 -5.60 -68.87
CA VAL A 158 -122.64 -4.98 -70.16
C VAL A 158 -121.53 -3.95 -70.06
N GLN A 159 -121.35 -3.34 -68.88
CA GLN A 159 -120.24 -2.42 -68.67
C GLN A 159 -118.91 -3.11 -68.92
N ALA A 160 -118.75 -4.33 -68.40
CA ALA A 160 -117.51 -5.06 -68.60
C ALA A 160 -117.38 -5.57 -70.03
N VAL A 161 -118.45 -6.07 -70.63
CA VAL A 161 -118.34 -6.69 -71.95
C VAL A 161 -118.04 -5.64 -73.01
N LEU A 162 -118.68 -4.46 -72.92
CA LEU A 162 -118.42 -3.40 -73.88
C LEU A 162 -116.99 -2.90 -73.81
N ASP A 163 -116.39 -2.87 -72.62
CA ASP A 163 -115.02 -2.40 -72.45
C ASP A 163 -113.99 -3.44 -72.89
N SER A 164 -114.42 -4.69 -73.09
CA SER A 164 -113.49 -5.75 -73.47
C SER A 164 -112.87 -5.51 -74.84
N PHE A 165 -113.54 -4.76 -75.70
CA PHE A 165 -113.10 -4.60 -77.09
C PHE A 165 -111.99 -3.57 -77.24
N GLU A 166 -111.70 -2.78 -76.22
CA GLU A 166 -110.55 -1.88 -76.22
C GLU A 166 -109.27 -2.63 -75.89
N ARG A 167 -109.27 -3.37 -74.77
CA ARG A 167 -108.20 -4.32 -74.49
C ARG A 167 -108.05 -5.32 -75.62
N GLY A 168 -109.15 -5.70 -76.26
CA GLY A 168 -109.08 -6.62 -77.39
C GLY A 168 -108.20 -6.09 -78.51
N THR A 169 -108.42 -4.83 -78.91
CA THR A 169 -107.59 -4.24 -79.94
C THR A 169 -106.16 -4.00 -79.45
N ALA A 170 -106.02 -3.56 -78.20
CA ALA A 170 -104.69 -3.35 -77.63
C ALA A 170 -103.87 -4.63 -77.61
N ASP A 171 -104.54 -5.78 -77.54
CA ASP A 171 -103.89 -7.08 -77.63
C ASP A 171 -103.68 -7.54 -79.06
N GLN A 172 -104.68 -7.34 -79.92
CA GLN A 172 -104.57 -7.76 -81.31
C GLN A 172 -103.43 -7.04 -82.02
N MET A 173 -103.20 -5.78 -81.66
CA MET A 173 -102.11 -5.03 -82.28
C MET A 173 -100.77 -5.69 -81.98
N LEU A 174 -100.52 -6.01 -80.71
CA LEU A 174 -99.29 -6.72 -80.34
C LEU A 174 -99.23 -8.09 -81.01
N ARG A 175 -100.36 -8.79 -81.07
CA ARG A 175 -100.39 -10.11 -81.70
C ARG A 175 -99.94 -10.05 -83.14
N VAL A 176 -100.45 -9.08 -83.90
CA VAL A 176 -100.05 -8.94 -85.30
C VAL A 176 -98.61 -8.47 -85.42
N LEU A 177 -98.21 -7.47 -84.62
CA LEU A 177 -96.85 -6.96 -84.67
C LEU A 177 -95.81 -8.02 -84.36
N MET A 178 -96.11 -8.96 -83.46
CA MET A 178 -95.14 -9.99 -83.10
C MET A 178 -94.96 -11.04 -84.18
N GLU A 179 -95.70 -10.96 -85.29
CA GLU A 179 -95.56 -11.90 -86.39
C GLU A 179 -94.65 -11.40 -87.49
N LYS A 180 -94.74 -10.12 -87.86
CA LYS A 180 -93.97 -9.57 -88.97
C LYS A 180 -92.52 -9.30 -88.61
N ALA A 181 -92.27 -8.86 -87.38
CA ALA A 181 -90.94 -8.46 -86.94
C ALA A 181 -89.94 -9.60 -87.04
N PRO A 182 -88.90 -9.48 -87.86
CA PRO A 182 -87.83 -10.45 -87.84
C PRO A 182 -86.84 -10.14 -86.74
N PRO A 183 -86.20 -11.16 -86.16
CA PRO A 183 -85.25 -10.90 -85.08
C PRO A 183 -84.09 -10.03 -85.57
N LEU A 184 -83.70 -9.08 -84.70
CA LEU A 184 -82.65 -8.13 -85.07
C LEU A 184 -81.35 -8.84 -85.45
N SER A 185 -81.02 -9.93 -84.75
CA SER A 185 -79.78 -10.67 -85.05
C SER A 185 -79.71 -11.05 -86.51
N LEU A 186 -80.85 -11.36 -87.13
CA LEU A 186 -80.90 -11.73 -88.54
C LEU A 186 -81.23 -10.54 -89.43
N LEU A 187 -81.14 -9.31 -88.94
CA LEU A 187 -81.49 -8.14 -89.73
C LEU A 187 -80.32 -7.19 -89.92
N ALA A 188 -79.62 -6.82 -88.85
CA ALA A 188 -78.48 -5.92 -88.99
C ALA A 188 -77.42 -6.44 -89.95
N PRO A 189 -76.98 -7.70 -89.88
CA PRO A 189 -76.04 -8.21 -90.89
C PRO A 189 -76.67 -8.47 -92.26
N PHE A 190 -77.95 -8.15 -92.45
CA PHE A 190 -78.59 -8.30 -93.74
C PHE A 190 -78.60 -7.01 -94.56
N THR A 191 -78.67 -5.85 -93.90
CA THR A 191 -78.69 -4.57 -94.58
C THR A 191 -77.30 -4.16 -95.08
N LEU A 192 -76.24 -4.79 -94.58
CA LEU A 192 -74.88 -4.41 -94.95
C LEU A 192 -74.43 -4.98 -96.27
N TYR A 193 -75.15 -5.97 -96.81
CA TYR A 193 -74.81 -6.58 -98.10
C TYR A 193 -75.88 -6.30 -99.16
N GLU A 194 -76.69 -5.27 -98.96
CA GLU A 194 -77.81 -5.00 -99.84
C GLU A 194 -77.34 -4.61 -101.24
N GLY A 195 -78.20 -4.81 -102.22
CA GLY A 195 -77.90 -4.52 -103.60
C GLY A 195 -76.75 -5.33 -104.15
N ARG A 196 -76.40 -6.43 -103.47
CA ARG A 196 -75.24 -7.22 -103.84
C ARG A 196 -75.47 -8.72 -103.83
N LEU A 197 -76.57 -9.22 -103.28
CA LEU A 197 -76.72 -10.67 -103.16
C LEU A 197 -77.19 -11.28 -104.48
N ALA A 198 -76.53 -10.93 -105.57
CA ALA A 198 -76.81 -11.49 -106.88
C ALA A 198 -75.88 -12.65 -107.18
N ASP A 199 -74.57 -12.41 -107.16
CA ASP A 199 -73.61 -13.48 -107.28
C ASP A 199 -73.71 -14.42 -106.08
N ARG A 200 -73.36 -15.69 -106.29
CA ARG A 200 -73.56 -16.68 -105.25
C ARG A 200 -72.52 -16.53 -104.14
N VAL A 201 -71.36 -15.96 -104.46
CA VAL A 201 -70.30 -15.82 -103.46
C VAL A 201 -70.67 -14.86 -102.34
N ALA A 202 -71.46 -13.82 -102.62
CA ALA A 202 -71.91 -12.94 -101.55
C ALA A 202 -72.99 -13.60 -100.70
N CYS A 203 -73.90 -14.34 -101.33
CA CYS A 203 -74.88 -15.11 -100.57
C CYS A 203 -74.23 -16.18 -99.71
N ALA A 204 -73.11 -16.75 -100.16
CA ALA A 204 -72.39 -17.76 -99.39
C ALA A 204 -71.57 -17.16 -98.26
N ALA A 205 -71.29 -15.86 -98.30
CA ALA A 205 -70.76 -15.16 -97.14
C ALA A 205 -71.84 -14.68 -96.20
N LEU A 206 -73.04 -14.41 -96.74
CA LEU A 206 -74.16 -13.98 -95.92
C LEU A 206 -74.51 -15.01 -94.86
N VAL A 207 -74.69 -16.28 -95.26
CA VAL A 207 -75.08 -17.30 -94.31
C VAL A 207 -73.97 -17.53 -93.28
N SER A 208 -72.71 -17.44 -93.70
CA SER A 208 -71.61 -17.58 -92.75
C SER A 208 -71.58 -16.45 -91.74
N GLU A 209 -71.92 -15.24 -92.15
CA GLU A 209 -72.02 -14.13 -91.20
C GLU A 209 -73.20 -14.31 -90.27
N LEU A 210 -74.32 -14.82 -90.79
CA LEU A 210 -75.52 -14.99 -89.98
C LEU A 210 -75.31 -16.04 -88.89
N LYS A 211 -74.80 -17.22 -89.27
CA LYS A 211 -74.53 -18.26 -88.28
C LYS A 211 -73.63 -17.77 -87.16
N ARG A 212 -72.69 -16.86 -87.46
CA ARG A 212 -71.86 -16.29 -86.40
C ARG A 212 -72.64 -15.31 -85.55
N ARG A 213 -73.37 -14.38 -86.17
CA ARG A 213 -74.00 -13.31 -85.40
C ARG A 213 -75.10 -13.84 -84.49
N VAL A 214 -75.78 -14.91 -84.89
CA VAL A 214 -76.88 -15.42 -84.06
C VAL A 214 -76.34 -15.98 -82.74
N ARG A 215 -75.34 -16.86 -82.82
CA ARG A 215 -74.83 -17.54 -81.62
C ARG A 215 -73.91 -16.67 -80.78
N ASP A 216 -73.81 -15.37 -81.04
CA ASP A 216 -72.96 -14.49 -80.25
C ASP A 216 -73.75 -13.39 -79.56
N ASP A 217 -74.66 -12.74 -80.28
CA ASP A 217 -75.35 -11.56 -79.78
C ASP A 217 -76.87 -11.75 -79.90
N THR A 218 -77.35 -12.88 -79.44
CA THR A 218 -78.78 -13.10 -79.30
C THR A 218 -79.29 -12.76 -77.91
N PHE A 219 -78.45 -12.15 -77.07
CA PHE A 219 -78.84 -11.80 -75.71
C PHE A 219 -77.96 -10.63 -75.26
N PHE A 220 -78.55 -9.45 -75.16
CA PHE A 220 -77.90 -8.32 -74.50
C PHE A 220 -78.49 -8.14 -73.11
N LEU A 221 -77.88 -7.24 -72.34
CA LEU A 221 -78.16 -7.01 -70.92
C LEU A 221 -78.14 -8.31 -70.11
N THR A 222 -77.50 -9.35 -70.64
CA THR A 222 -77.16 -10.55 -69.87
C THR A 222 -75.69 -10.91 -70.02
N LYS A 223 -75.12 -10.72 -71.21
CA LYS A 223 -73.69 -10.69 -71.41
C LYS A 223 -73.15 -9.26 -71.46
N HIS A 224 -74.06 -8.27 -71.60
CA HIS A 224 -73.66 -6.87 -71.65
C HIS A 224 -74.42 -6.02 -70.64
N GLU A 225 -74.90 -6.61 -69.54
CA GLU A 225 -75.65 -5.84 -68.55
C GLU A 225 -74.76 -4.87 -67.76
N ARG A 226 -73.45 -4.92 -67.95
CA ARG A 226 -72.54 -4.01 -67.26
C ARG A 226 -72.16 -2.83 -68.16
N ASN A 227 -71.99 -3.10 -69.46
CA ASN A 227 -71.60 -2.05 -70.40
C ASN A 227 -72.78 -1.15 -70.71
N LYS A 228 -72.93 -0.07 -69.94
CA LYS A 228 -74.02 0.87 -70.17
C LYS A 228 -73.96 1.47 -71.57
N ASP A 229 -72.77 1.51 -72.17
CA ASP A 229 -72.66 1.97 -73.55
C ASP A 229 -73.20 0.93 -74.52
N ALA A 230 -72.99 -0.35 -74.23
CA ALA A 230 -73.39 -1.41 -75.16
C ALA A 230 -74.90 -1.46 -75.33
N VAL A 231 -75.64 -1.40 -74.23
CA VAL A 231 -77.10 -1.42 -74.31
C VAL A 231 -77.60 -0.25 -75.16
N LEU A 232 -77.00 0.92 -74.96
CA LEU A 232 -77.46 2.11 -75.68
C LEU A 232 -77.14 2.02 -77.17
N ASP A 233 -75.92 1.62 -77.52
CA ASP A 233 -75.58 1.55 -78.94
C ASP A 233 -76.36 0.42 -79.63
N ARG A 234 -76.63 -0.66 -78.90
CA ARG A 234 -77.45 -1.73 -79.45
C ARG A 234 -78.87 -1.26 -79.71
N LEU A 235 -79.46 -0.52 -78.77
CA LEU A 235 -80.81 0.00 -78.96
C LEU A 235 -80.85 1.01 -80.10
N SER A 236 -79.79 1.80 -80.25
CA SER A 236 -79.70 2.71 -81.39
C SER A 236 -79.66 1.93 -82.70
N ASP A 237 -78.84 0.87 -82.76
CA ASP A 237 -78.82 0.01 -83.94
C ASP A 237 -80.21 -0.54 -84.24
N LEU A 238 -80.93 -0.95 -83.19
CA LEU A 238 -82.29 -1.43 -83.38
C LEU A 238 -83.18 -0.36 -84.02
N VAL A 239 -83.32 0.80 -83.36
CA VAL A 239 -84.23 1.82 -83.85
C VAL A 239 -83.79 2.42 -85.18
N ASN A 240 -82.55 2.18 -85.61
CA ASN A 240 -82.10 2.67 -86.90
C ASN A 240 -82.06 1.60 -87.98
N CYS A 241 -82.25 0.32 -87.62
CA CYS A 241 -82.18 -0.74 -88.62
C CYS A 241 -83.44 -0.64 -89.47
N THR A 242 -84.59 -0.35 -88.86
CA THR A 242 -85.83 -0.20 -89.62
C THR A 242 -85.87 1.00 -90.55
N ALA A 243 -86.87 1.01 -91.43
CA ALA A 243 -87.03 2.07 -92.41
C ALA A 243 -88.39 2.68 -92.13
N PRO A 244 -88.51 4.00 -92.14
CA PRO A 244 -89.80 4.64 -91.84
C PRO A 244 -90.86 4.26 -92.88
N SER A 245 -92.11 4.35 -92.46
CA SER A 245 -93.23 3.95 -93.29
C SER A 245 -93.74 5.15 -94.09
N VAL A 246 -94.92 5.02 -94.69
CA VAL A 246 -95.51 6.08 -95.52
C VAL A 246 -95.86 7.27 -94.62
N ALA A 247 -96.05 8.43 -95.24
CA ALA A 247 -96.39 9.65 -94.54
C ALA A 247 -97.89 9.90 -94.64
N VAL A 248 -98.51 10.20 -93.50
CA VAL A 248 -99.91 10.62 -93.46
C VAL A 248 -100.00 11.84 -92.54
N ALA A 249 -101.08 12.60 -92.68
CA ALA A 249 -101.23 13.87 -91.99
C ALA A 249 -102.23 13.81 -90.84
N ARG A 250 -102.73 12.61 -90.50
CA ARG A 250 -103.73 12.50 -89.46
C ARG A 250 -103.16 12.04 -88.12
N MET A 251 -101.84 11.84 -88.02
CA MET A 251 -101.27 11.33 -86.77
C MET A 251 -101.07 12.46 -85.76
N THR A 252 -100.21 13.43 -86.09
CA THR A 252 -99.90 14.57 -85.22
C THR A 252 -99.41 14.15 -83.85
N HIS A 253 -98.99 12.89 -83.70
CA HIS A 253 -98.44 12.42 -82.44
C HIS A 253 -97.14 13.15 -82.15
N ALA A 254 -97.14 14.03 -81.15
CA ALA A 254 -95.99 14.89 -80.92
C ALA A 254 -95.79 15.09 -79.42
N ASP A 255 -94.56 15.47 -79.07
CA ASP A 255 -94.26 15.90 -77.72
C ASP A 255 -95.11 17.12 -77.37
N THR A 256 -95.32 17.30 -76.07
CA THR A 256 -96.06 18.47 -75.58
C THR A 256 -95.46 19.77 -76.09
N GLN A 257 -94.14 19.81 -76.32
CA GLN A 257 -93.44 21.02 -76.74
C GLN A 257 -93.10 21.00 -78.22
N GLY A 258 -92.49 19.93 -78.72
CA GLY A 258 -91.87 20.01 -80.03
C GLY A 258 -92.12 18.90 -81.03
N ARG A 259 -91.03 18.31 -81.52
CA ARG A 259 -91.06 17.48 -82.72
C ARG A 259 -91.99 16.29 -82.56
N PRO A 260 -92.46 15.72 -83.67
CA PRO A 260 -93.34 14.55 -83.58
C PRO A 260 -92.57 13.28 -83.26
N VAL A 261 -93.29 12.34 -82.66
CA VAL A 261 -92.72 11.08 -82.20
C VAL A 261 -92.56 10.13 -83.38
N ASP A 262 -91.79 9.06 -83.18
CA ASP A 262 -91.41 8.16 -84.26
C ASP A 262 -91.97 6.75 -84.12
N GLY A 263 -92.11 6.24 -82.90
CA GLY A 263 -92.62 4.90 -82.72
C GLY A 263 -92.78 4.55 -81.26
N VAL A 264 -92.81 3.25 -80.99
CA VAL A 264 -92.97 2.74 -79.63
C VAL A 264 -91.92 1.67 -79.37
N LEU A 265 -91.53 1.55 -78.10
CA LEU A 265 -90.65 0.50 -77.62
C LEU A 265 -91.45 -0.35 -76.65
N VAL A 266 -92.20 -1.31 -77.19
CA VAL A 266 -93.05 -2.14 -76.36
C VAL A 266 -92.23 -3.26 -75.74
N THR A 267 -92.27 -3.37 -74.42
CA THR A 267 -91.48 -4.36 -73.71
C THR A 267 -92.15 -4.66 -72.38
N THR A 268 -91.76 -5.80 -71.80
CA THR A 268 -92.30 -6.20 -70.51
C THR A 268 -91.86 -5.23 -69.42
N ALA A 269 -92.62 -5.21 -68.32
CA ALA A 269 -92.30 -4.36 -67.19
C ALA A 269 -91.02 -4.79 -66.48
N GLY A 270 -90.51 -5.97 -66.76
CA GLY A 270 -89.26 -6.42 -66.16
C GLY A 270 -88.05 -5.73 -66.73
N VAL A 271 -88.09 -5.46 -68.04
CA VAL A 271 -86.97 -4.76 -68.68
C VAL A 271 -87.13 -3.25 -68.50
N ARG A 272 -88.36 -2.77 -68.31
CA ARG A 272 -88.60 -1.34 -68.18
C ARG A 272 -87.98 -0.78 -66.91
N GLN A 273 -88.19 -1.46 -65.78
CA GLN A 273 -87.64 -1.00 -64.51
C GLN A 273 -86.12 -0.91 -64.56
N ARG A 274 -85.49 -1.77 -65.37
CA ARG A 274 -84.05 -1.70 -65.56
C ARG A 274 -83.68 -0.51 -66.44
N LEU A 275 -84.27 -0.42 -67.63
CA LEU A 275 -83.88 0.61 -68.58
C LEU A 275 -84.14 2.01 -68.08
N LEU A 276 -85.12 2.21 -67.19
CA LEU A 276 -85.45 3.54 -66.70
C LEU A 276 -84.45 4.09 -65.67
N HIS A 277 -83.73 3.23 -64.95
CA HIS A 277 -82.87 3.68 -63.86
C HIS A 277 -81.41 3.77 -64.24
N HIS A 278 -80.97 3.15 -65.33
CA HIS A 278 -79.53 3.07 -65.54
C HIS A 278 -79.04 3.62 -66.87
N VAL A 279 -79.79 3.41 -67.96
CA VAL A 279 -79.24 3.71 -69.28
C VAL A 279 -80.12 4.71 -70.03
N LEU A 280 -81.41 4.74 -69.73
CA LEU A 280 -82.34 5.58 -70.46
C LEU A 280 -82.93 6.64 -69.54
N THR A 281 -83.00 7.86 -70.05
CA THR A 281 -83.52 9.01 -69.32
C THR A 281 -84.83 9.45 -69.93
N LEU A 282 -85.85 9.61 -69.07
CA LEU A 282 -87.13 10.14 -69.51
C LEU A 282 -86.95 11.48 -70.21
N ALA A 283 -87.41 11.55 -71.45
CA ALA A 283 -87.35 12.82 -72.18
C ALA A 283 -88.41 13.79 -71.66
N ASP A 284 -89.67 13.39 -71.74
CA ASP A 284 -90.79 14.20 -71.25
C ASP A 284 -91.81 13.24 -70.67
N THR A 285 -92.69 13.77 -69.81
CA THR A 285 -93.65 12.94 -69.09
C THR A 285 -95.08 13.09 -69.62
N HIS A 286 -95.26 13.79 -70.74
CA HIS A 286 -96.59 13.97 -71.31
C HIS A 286 -96.45 14.01 -72.82
N ALA A 287 -97.58 13.93 -73.52
CA ALA A 287 -97.57 13.83 -74.97
C ALA A 287 -98.86 14.42 -75.54
N ASP A 288 -99.09 14.18 -76.82
CA ASP A 288 -100.26 14.69 -77.53
C ASP A 288 -100.71 13.64 -78.52
N VAL A 289 -102.02 13.40 -78.56
CA VAL A 289 -102.60 12.28 -79.31
C VAL A 289 -103.88 12.76 -79.99
N PRO A 290 -104.18 12.22 -81.19
CA PRO A 290 -105.50 12.44 -81.78
C PRO A 290 -106.60 11.82 -80.93
N VAL A 291 -107.86 12.11 -81.23
CA VAL A 291 -108.96 11.68 -80.39
C VAL A 291 -109.92 10.82 -81.20
N THR A 292 -109.94 11.03 -82.51
CA THR A 292 -110.95 10.43 -83.37
C THR A 292 -110.28 9.61 -84.45
N TYR A 293 -110.87 8.46 -84.78
CA TYR A 293 -110.43 7.66 -85.91
C TYR A 293 -110.72 8.38 -87.21
N GLY A 294 -110.36 7.76 -88.33
CA GLY A 294 -110.78 8.23 -89.64
C GLY A 294 -112.01 7.45 -90.08
N GLU A 295 -112.75 8.02 -91.01
CA GLU A 295 -113.87 7.34 -91.63
C GLU A 295 -113.56 7.03 -93.09
N MET A 296 -114.07 5.90 -93.56
CA MET A 296 -113.99 5.54 -94.98
C MET A 296 -115.29 4.84 -95.33
N VAL A 297 -116.11 5.50 -96.15
CA VAL A 297 -117.45 5.01 -96.47
C VAL A 297 -117.68 5.10 -97.97
N ILE A 298 -118.25 4.06 -98.54
CA ILE A 298 -118.68 4.11 -99.93
C ILE A 298 -119.80 5.13 -100.06
N ALA A 299 -119.83 5.83 -101.18
CA ALA A 299 -120.71 6.98 -101.32
C ALA A 299 -121.17 7.09 -102.77
N ASN A 300 -121.67 8.27 -103.14
CA ASN A 300 -122.41 8.49 -104.38
C ASN A 300 -121.89 7.72 -105.58
N THR A 301 -120.59 7.82 -105.86
CA THR A 301 -120.06 7.20 -107.07
C THR A 301 -119.59 5.77 -106.85
N ASN A 302 -118.83 5.53 -105.78
CA ASN A 302 -118.37 4.18 -105.50
C ASN A 302 -119.53 3.23 -105.26
N LEU A 303 -120.67 3.74 -104.76
CA LEU A 303 -121.87 2.93 -104.62
C LEU A 303 -122.29 2.34 -105.97
N VAL A 304 -122.23 3.15 -107.03
CA VAL A 304 -122.66 2.70 -108.35
C VAL A 304 -121.84 1.50 -108.80
N THR A 305 -120.52 1.67 -108.88
CA THR A 305 -119.67 0.60 -109.36
C THR A 305 -119.68 -0.60 -108.41
N ALA A 306 -119.84 -0.36 -107.11
CA ALA A 306 -119.95 -1.47 -106.17
C ALA A 306 -121.20 -2.30 -106.42
N LEU A 307 -122.30 -1.64 -106.80
CA LEU A 307 -123.54 -2.38 -107.01
C LEU A 307 -123.58 -3.06 -108.38
N VAL A 308 -123.09 -2.40 -109.42
CA VAL A 308 -123.23 -2.96 -110.77
C VAL A 308 -121.96 -3.67 -111.23
N MET A 309 -120.81 -2.99 -111.16
CA MET A 309 -119.58 -3.57 -111.70
C MET A 309 -119.05 -4.68 -110.79
N GLY A 310 -118.77 -4.35 -109.53
CA GLY A 310 -118.27 -5.32 -108.58
C GLY A 310 -116.91 -4.95 -108.02
N LYS A 311 -116.57 -3.67 -108.10
CA LYS A 311 -115.29 -3.17 -107.60
C LYS A 311 -115.52 -1.85 -106.90
N ALA A 312 -114.44 -1.30 -106.34
CA ALA A 312 -114.45 0.03 -105.74
C ALA A 312 -113.01 0.47 -105.54
N VAL A 313 -112.84 1.77 -105.29
CA VAL A 313 -111.52 2.33 -105.01
C VAL A 313 -111.64 3.22 -103.79
N SER A 314 -110.54 3.33 -103.04
CA SER A 314 -110.56 4.10 -101.79
C SER A 314 -110.84 5.57 -102.07
N ASN A 315 -110.38 6.09 -103.20
CA ASN A 315 -110.54 7.49 -103.57
C ASN A 315 -111.10 7.55 -105.00
N MET A 316 -112.42 7.51 -105.11
CA MET A 316 -113.11 7.67 -106.39
C MET A 316 -113.44 9.12 -106.69
N ASP A 317 -113.70 9.92 -105.67
CA ASP A 317 -114.09 11.31 -105.88
C ASP A 317 -112.98 12.08 -106.59
N ASP A 318 -111.74 11.93 -106.12
CA ASP A 318 -110.64 12.71 -106.69
C ASP A 318 -110.26 12.21 -108.08
N VAL A 319 -110.24 10.89 -108.29
CA VAL A 319 -109.91 10.38 -109.61
C VAL A 319 -111.00 10.75 -110.61
N ALA A 320 -112.24 10.85 -110.14
CA ALA A 320 -113.32 11.33 -110.99
C ALA A 320 -113.12 12.79 -111.35
N ARG A 321 -112.87 13.63 -110.35
CA ARG A 321 -112.60 15.05 -110.60
C ARG A 321 -111.30 15.25 -111.36
N TYR A 322 -110.49 14.20 -111.52
CA TYR A 322 -109.26 14.29 -112.30
C TYR A 322 -109.47 13.88 -113.76
N LEU A 323 -110.15 12.76 -113.99
CA LEU A 323 -110.33 12.25 -115.35
C LEU A 323 -111.14 13.22 -116.20
N LEU A 324 -111.86 14.13 -115.55
CA LEU A 324 -112.52 15.23 -116.23
C LEU A 324 -112.32 16.47 -115.37
N GLY A 325 -112.42 17.64 -116.02
CA GLY A 325 -112.06 18.89 -115.35
C GLY A 325 -112.81 19.10 -114.05
N GLY A 326 -114.05 18.66 -113.98
CA GLY A 326 -114.84 18.81 -112.77
C GLY A 326 -116.34 18.89 -113.03
N GLY A 337 -108.99 17.98 -83.62
CA GLY A 337 -109.08 17.70 -82.19
C GLY A 337 -107.90 16.93 -81.66
N SER A 338 -107.43 17.31 -80.47
CA SER A 338 -106.30 16.65 -79.84
C SER A 338 -106.45 16.75 -78.32
N ALA A 339 -105.85 15.80 -77.62
CA ALA A 339 -105.90 15.73 -76.17
C ALA A 339 -104.49 15.63 -75.62
N ARG A 340 -104.39 15.75 -74.30
CA ARG A 340 -103.11 15.76 -73.58
C ARG A 340 -103.12 14.62 -72.57
N VAL A 341 -102.42 13.54 -72.89
CA VAL A 341 -102.45 12.34 -72.06
C VAL A 341 -101.08 12.13 -71.42
N ARG A 342 -100.99 11.11 -70.58
CA ARG A 342 -99.77 10.81 -69.83
C ARG A 342 -99.05 9.63 -70.48
N ALA A 343 -97.80 9.85 -70.87
CA ALA A 343 -96.96 8.80 -71.44
C ALA A 343 -95.52 9.07 -71.03
N ASP A 344 -94.61 8.19 -71.46
CA ASP A 344 -93.20 8.28 -71.10
C ASP A 344 -92.37 8.31 -72.38
N LEU A 345 -92.07 9.51 -72.86
CA LEU A 345 -91.26 9.67 -74.06
C LEU A 345 -89.78 9.55 -73.70
N VAL A 346 -89.01 9.00 -74.64
CA VAL A 346 -87.57 8.84 -74.47
C VAL A 346 -86.89 9.28 -75.76
N VAL A 347 -85.58 9.41 -75.71
CA VAL A 347 -84.77 9.74 -76.88
C VAL A 347 -83.64 8.73 -76.95
N VAL A 348 -83.69 7.85 -77.94
CA VAL A 348 -82.64 6.86 -78.16
C VAL A 348 -82.15 6.99 -79.59
N GLY A 349 -80.89 6.62 -79.82
CA GLY A 349 -80.26 6.92 -81.08
C GLY A 349 -80.32 8.41 -81.34
N ASP A 350 -81.14 8.80 -82.32
CA ASP A 350 -81.48 10.21 -82.52
C ASP A 350 -82.98 10.43 -82.64
N ARG A 351 -83.78 9.36 -82.65
CA ARG A 351 -85.22 9.44 -82.80
C ARG A 351 -85.91 9.39 -81.44
N LEU A 352 -87.04 10.10 -81.34
CA LEU A 352 -87.81 10.19 -80.10
C LEU A 352 -89.00 9.24 -80.22
N VAL A 353 -89.06 8.25 -79.33
CA VAL A 353 -90.08 7.21 -79.37
C VAL A 353 -90.73 7.10 -78.01
N PHE A 354 -91.87 6.42 -77.98
CA PHE A 354 -92.55 6.10 -76.73
C PHE A 354 -91.83 4.93 -76.05
N LEU A 355 -92.24 4.63 -74.82
CA LEU A 355 -91.68 3.50 -74.08
C LEU A 355 -92.76 3.01 -73.12
N GLU A 356 -93.37 1.89 -73.44
CA GLU A 356 -94.54 1.39 -72.72
C GLU A 356 -94.29 0.00 -72.17
N ALA A 357 -95.03 -0.33 -71.11
CA ALA A 357 -95.08 -1.67 -70.53
C ALA A 357 -96.53 -1.95 -70.19
N LEU A 358 -97.19 -2.77 -71.01
CA LEU A 358 -98.63 -2.97 -70.92
C LEU A 358 -99.01 -4.13 -70.00
N GLU A 359 -98.10 -4.54 -69.11
CA GLU A 359 -98.43 -5.59 -68.15
C GLU A 359 -99.43 -5.13 -67.09
N LYS A 360 -99.44 -3.84 -66.75
CA LYS A 360 -100.28 -3.32 -65.67
C LYS A 360 -101.64 -2.85 -66.16
N ARG A 361 -101.67 -1.93 -67.12
CA ARG A 361 -102.95 -1.42 -67.62
C ARG A 361 -103.78 -2.53 -68.24
N VAL A 362 -103.19 -3.27 -69.17
CA VAL A 362 -103.84 -4.41 -69.77
C VAL A 362 -103.19 -5.68 -69.21
N TYR A 363 -103.85 -6.82 -69.44
CA TYR A 363 -103.35 -8.15 -69.14
C TYR A 363 -103.35 -8.47 -67.65
N GLN A 364 -103.61 -7.48 -66.79
CA GLN A 364 -103.53 -7.71 -65.35
C GLN A 364 -104.80 -8.37 -64.84
N ALA A 365 -104.63 -9.40 -64.02
CA ALA A 365 -105.74 -10.16 -63.45
C ALA A 365 -106.69 -10.69 -64.52
N THR A 366 -106.13 -11.14 -65.64
CA THR A 366 -106.91 -11.73 -66.72
C THR A 366 -106.13 -12.90 -67.30
N GLN A 367 -106.83 -14.01 -67.52
CA GLN A 367 -106.20 -15.31 -67.77
C GLN A 367 -105.40 -15.35 -69.08
N VAL A 368 -105.37 -14.27 -69.85
CA VAL A 368 -104.54 -14.21 -71.06
C VAL A 368 -103.09 -14.09 -70.63
N PRO A 369 -102.14 -14.72 -71.31
CA PRO A 369 -100.73 -14.45 -71.05
C PRO A 369 -100.20 -13.32 -71.91
N TYR A 370 -99.10 -12.75 -71.46
CA TYR A 370 -98.47 -11.64 -72.19
C TYR A 370 -97.95 -12.14 -73.53
N PRO A 371 -98.02 -11.34 -74.59
CA PRO A 371 -97.55 -11.79 -75.91
C PRO A 371 -96.10 -11.46 -76.21
N LEU A 372 -95.33 -11.00 -75.24
CA LEU A 372 -93.93 -10.64 -75.45
C LEU A 372 -92.99 -11.51 -74.63
N VAL A 373 -93.48 -12.65 -74.17
CA VAL A 373 -92.63 -13.67 -73.55
C VAL A 373 -92.44 -14.75 -74.62
N GLY A 374 -91.41 -14.58 -75.44
CA GLY A 374 -91.21 -15.43 -76.58
C GLY A 374 -90.78 -16.84 -76.22
N ASN A 375 -90.55 -17.67 -77.23
CA ASN A 375 -90.10 -19.05 -77.03
C ASN A 375 -88.95 -19.31 -77.99
N LEU A 376 -87.72 -19.11 -77.52
CA LEU A 376 -86.57 -19.52 -78.31
C LEU A 376 -86.58 -21.03 -78.49
N ASP A 377 -85.86 -21.49 -79.51
CA ASP A 377 -85.85 -22.91 -79.83
C ASP A 377 -84.49 -23.29 -80.37
N VAL A 378 -83.81 -24.19 -79.68
CA VAL A 378 -82.53 -24.74 -80.11
C VAL A 378 -82.60 -26.25 -80.03
N THR A 379 -81.72 -26.91 -80.78
CA THR A 379 -81.64 -28.37 -80.82
C THR A 379 -80.20 -28.78 -80.57
N PHE A 380 -79.98 -29.52 -79.50
CA PHE A 380 -78.64 -29.95 -79.13
C PHE A 380 -78.32 -31.32 -79.74
N VAL A 381 -77.03 -31.64 -79.78
CA VAL A 381 -76.56 -32.88 -80.38
C VAL A 381 -75.25 -33.25 -79.71
N MET A 382 -75.05 -34.55 -79.48
CA MET A 382 -73.83 -35.03 -78.85
C MET A 382 -73.52 -36.44 -79.30
N PRO A 383 -72.26 -36.75 -79.58
CA PRO A 383 -71.89 -38.13 -79.97
C PRO A 383 -71.83 -39.04 -78.76
N LEU A 384 -72.27 -40.28 -78.95
CA LEU A 384 -72.38 -41.21 -77.82
C LEU A 384 -71.15 -42.09 -77.67
N GLY A 385 -70.83 -42.89 -78.68
CA GLY A 385 -69.81 -43.90 -78.54
C GLY A 385 -68.73 -43.88 -79.59
N VAL A 386 -68.37 -42.68 -80.07
CA VAL A 386 -67.28 -42.58 -81.03
C VAL A 386 -65.96 -42.92 -80.36
N PHE A 387 -65.04 -43.48 -81.14
CA PHE A 387 -63.71 -43.87 -80.66
C PHE A 387 -62.68 -43.09 -81.47
N LYS A 388 -61.89 -42.27 -80.79
CA LYS A 388 -60.88 -41.47 -81.45
C LYS A 388 -59.81 -42.36 -82.06
N PRO A 389 -59.17 -41.94 -83.15
CA PRO A 389 -58.14 -42.77 -83.78
C PRO A 389 -56.90 -42.93 -82.91
N ALA A 390 -55.92 -43.68 -83.41
CA ALA A 390 -54.75 -44.08 -82.64
C ALA A 390 -53.82 -42.93 -82.31
N ALA A 391 -53.93 -41.79 -82.98
CA ALA A 391 -53.05 -40.65 -82.75
C ALA A 391 -53.61 -39.66 -81.75
N ASP A 392 -54.87 -39.79 -81.35
CA ASP A 392 -55.53 -38.81 -80.49
C ASP A 392 -55.80 -39.34 -79.09
N ARG A 393 -55.19 -40.47 -78.73
CA ARG A 393 -55.28 -41.01 -77.38
C ARG A 393 -54.00 -40.63 -76.65
N TYR A 394 -54.02 -39.47 -75.99
CA TYR A 394 -52.84 -38.92 -75.35
C TYR A 394 -53.25 -38.27 -74.03
N ALA A 395 -52.37 -38.36 -73.03
CA ALA A 395 -52.61 -37.70 -71.76
C ALA A 395 -52.12 -36.26 -71.84
N ARG A 396 -52.90 -35.32 -71.31
CA ARG A 396 -52.48 -33.93 -71.31
C ARG A 396 -51.32 -33.70 -70.35
N HIS A 397 -51.38 -34.33 -69.18
CA HIS A 397 -50.33 -34.26 -68.18
C HIS A 397 -49.96 -35.66 -67.71
N ALA A 398 -48.74 -35.78 -67.18
CA ALA A 398 -48.33 -37.05 -66.60
C ALA A 398 -49.17 -37.40 -65.37
N GLY A 399 -49.71 -36.39 -64.69
CA GLY A 399 -50.60 -36.65 -63.59
C GLY A 399 -51.99 -36.91 -64.10
N SER A 400 -52.33 -38.19 -64.22
CA SER A 400 -53.59 -38.60 -64.82
C SER A 400 -54.70 -38.56 -63.78
N PHE A 401 -55.85 -39.13 -64.14
CA PHE A 401 -56.84 -39.56 -63.15
C PHE A 401 -56.43 -40.97 -62.72
N ALA A 402 -55.40 -41.01 -61.88
CA ALA A 402 -54.76 -42.27 -61.54
C ALA A 402 -55.77 -43.22 -60.89
N PRO A 403 -55.87 -44.44 -61.37
CA PRO A 403 -56.80 -45.41 -60.77
C PRO A 403 -56.23 -46.00 -59.50
N THR A 404 -57.04 -46.83 -58.86
CA THR A 404 -56.63 -47.52 -57.65
C THR A 404 -55.45 -48.44 -57.95
N PRO A 405 -54.33 -48.33 -57.23
CA PRO A 405 -53.19 -49.21 -57.49
C PRO A 405 -53.54 -50.68 -57.31
N GLY A 406 -53.23 -51.48 -58.32
CA GLY A 406 -53.60 -52.88 -58.34
C GLY A 406 -54.85 -53.20 -59.14
N LEU A 407 -55.34 -52.26 -59.94
CA LEU A 407 -56.54 -52.45 -60.75
C LEU A 407 -56.28 -51.90 -62.14
N PRO A 408 -56.87 -52.49 -63.17
CA PRO A 408 -56.67 -51.98 -64.53
C PRO A 408 -57.31 -50.61 -64.69
N ASP A 409 -56.65 -49.77 -65.47
CA ASP A 409 -57.16 -48.42 -65.69
C ASP A 409 -58.44 -48.49 -66.50
N PRO A 410 -59.56 -47.99 -65.99
CA PRO A 410 -60.82 -48.02 -66.74
C PRO A 410 -60.96 -46.91 -67.79
N ARG A 411 -59.86 -46.25 -68.15
CA ARG A 411 -59.93 -45.11 -69.05
C ARG A 411 -59.50 -45.42 -70.47
N THR A 412 -58.71 -46.47 -70.70
CA THR A 412 -58.27 -46.77 -72.05
C THR A 412 -59.36 -47.44 -72.89
N HIS A 413 -60.51 -47.74 -72.30
CA HIS A 413 -61.55 -48.45 -73.02
C HIS A 413 -62.39 -47.50 -73.84
N PRO A 414 -62.84 -47.93 -75.02
CA PRO A 414 -63.80 -47.13 -75.79
C PRO A 414 -65.03 -46.83 -74.96
N PRO A 415 -65.45 -45.57 -74.92
CA PRO A 415 -66.53 -45.18 -74.02
C PRO A 415 -67.89 -45.66 -74.52
N ARG A 416 -68.83 -45.77 -73.57
CA ARG A 416 -70.17 -46.26 -73.86
C ARG A 416 -71.21 -45.43 -73.12
N ALA A 417 -70.91 -44.16 -72.87
CA ALA A 417 -71.84 -43.31 -72.15
C ALA A 417 -71.53 -41.86 -72.47
N VAL A 418 -72.48 -40.99 -72.14
CA VAL A 418 -72.34 -39.54 -72.24
C VAL A 418 -72.98 -38.90 -71.02
N HIS A 419 -72.40 -37.80 -70.57
CA HIS A 419 -72.87 -37.10 -69.39
C HIS A 419 -73.02 -35.62 -69.71
N PHE A 420 -74.01 -34.99 -69.11
CA PHE A 420 -74.26 -33.57 -69.28
C PHE A 420 -75.06 -33.07 -68.09
N PHE A 421 -75.45 -31.80 -68.13
CA PHE A 421 -76.18 -31.16 -67.05
C PHE A 421 -77.66 -31.09 -67.39
N ASN A 422 -78.51 -31.14 -66.36
CA ASN A 422 -79.94 -31.03 -66.51
C ASN A 422 -80.33 -29.55 -66.48
N LYS A 423 -81.64 -29.28 -66.35
CA LYS A 423 -82.10 -27.89 -66.30
C LYS A 423 -81.58 -27.16 -65.08
N ASP A 424 -81.58 -27.83 -63.93
CA ASP A 424 -81.13 -27.22 -62.68
C ASP A 424 -79.64 -27.38 -62.42
N GLY A 425 -79.06 -28.52 -62.79
CA GLY A 425 -77.65 -28.75 -62.55
C GLY A 425 -77.33 -30.18 -62.18
N VAL A 426 -78.35 -30.97 -61.88
CA VAL A 426 -78.11 -32.37 -61.55
C VAL A 426 -77.56 -33.10 -62.77
N PRO A 427 -76.57 -33.97 -62.62
CA PRO A 427 -76.04 -34.68 -63.78
C PRO A 427 -76.92 -35.85 -64.20
N CYS A 428 -77.30 -35.86 -65.47
CA CYS A 428 -78.19 -36.88 -66.02
C CYS A 428 -77.53 -37.46 -67.26
N HIS A 429 -77.34 -38.78 -67.27
CA HIS A 429 -76.51 -39.42 -68.28
C HIS A 429 -77.35 -40.27 -69.23
N VAL A 430 -76.73 -40.59 -70.36
CA VAL A 430 -77.36 -41.37 -71.43
C VAL A 430 -76.38 -42.46 -71.85
N THR A 431 -76.88 -43.70 -71.92
CA THR A 431 -76.05 -44.85 -72.29
C THR A 431 -76.80 -45.71 -73.29
N PHE A 432 -76.10 -46.74 -73.79
CA PHE A 432 -76.65 -47.61 -74.83
C PHE A 432 -78.00 -48.19 -74.44
N GLU A 433 -78.18 -48.54 -73.16
CA GLU A 433 -79.39 -49.22 -72.72
C GLU A 433 -80.65 -48.46 -73.09
N HIS A 434 -80.57 -47.13 -73.17
CA HIS A 434 -81.74 -46.35 -73.54
C HIS A 434 -82.11 -46.50 -75.02
N ALA A 435 -81.12 -46.76 -75.87
CA ALA A 435 -81.34 -46.84 -77.31
C ALA A 435 -82.18 -48.03 -77.73
N MET A 436 -82.43 -48.99 -76.84
CA MET A 436 -83.16 -50.20 -77.20
C MET A 436 -84.55 -49.87 -77.75
N GLY A 437 -85.15 -48.78 -77.28
CA GLY A 437 -86.39 -48.32 -77.89
C GLY A 437 -86.27 -47.93 -79.35
N THR A 438 -85.05 -47.87 -79.87
CA THR A 438 -84.80 -47.58 -81.27
C THR A 438 -84.14 -48.73 -82.01
N LEU A 439 -83.02 -49.26 -81.49
CA LEU A 439 -82.31 -50.34 -82.16
C LEU A 439 -83.02 -51.67 -82.08
N CYS A 440 -83.84 -51.90 -81.04
CA CYS A 440 -84.57 -53.15 -80.87
C CYS A 440 -86.00 -52.92 -81.37
N HIS A 441 -86.17 -53.06 -82.68
CA HIS A 441 -87.47 -52.89 -83.33
C HIS A 441 -87.46 -53.53 -84.71
N PRO A 442 -88.58 -54.12 -85.15
CA PRO A 442 -88.61 -54.73 -86.49
C PRO A 442 -88.20 -53.81 -87.63
N SER A 443 -88.36 -52.49 -87.43
CA SER A 443 -87.93 -51.52 -88.44
C SER A 443 -86.46 -51.67 -88.81
N PHE A 444 -85.63 -52.12 -87.86
CA PHE A 444 -84.20 -52.27 -88.09
C PHE A 444 -83.85 -53.23 -89.21
N LEU A 445 -84.80 -54.06 -89.64
CA LEU A 445 -84.56 -55.06 -90.68
C LEU A 445 -85.54 -54.88 -91.82
N ASP A 446 -85.74 -53.62 -92.22
CA ASP A 446 -86.69 -53.26 -93.28
C ASP A 446 -85.90 -52.77 -94.48
N VAL A 447 -85.86 -53.57 -95.53
CA VAL A 447 -85.13 -53.24 -96.76
C VAL A 447 -85.99 -53.38 -98.01
N ASP A 448 -87.26 -53.78 -97.88
CA ASP A 448 -88.08 -54.02 -99.07
C ASP A 448 -88.22 -52.75 -99.90
N ALA A 449 -88.52 -51.62 -99.24
CA ALA A 449 -88.61 -50.36 -99.96
C ALA A 449 -87.28 -49.99 -100.60
N THR A 450 -86.17 -50.22 -99.89
CA THR A 450 -84.86 -49.87 -100.43
C THR A 450 -84.53 -50.71 -101.66
N LEU A 451 -84.67 -52.03 -101.56
CA LEU A 451 -84.40 -52.89 -102.70
C LEU A 451 -85.32 -52.57 -103.87
N ALA A 452 -86.61 -52.34 -103.59
CA ALA A 452 -87.54 -51.97 -104.66
C ALA A 452 -87.10 -50.69 -105.37
N ALA A 453 -86.78 -49.65 -104.60
CA ALA A 453 -86.37 -48.38 -105.19
C ALA A 453 -84.99 -48.45 -105.84
N LEU A 454 -84.18 -49.44 -105.50
CA LEU A 454 -82.80 -49.50 -106.00
C LEU A 454 -82.68 -50.24 -107.33
N ARG A 455 -83.68 -51.03 -107.72
CA ARG A 455 -83.64 -51.72 -109.00
C ARG A 455 -83.96 -50.81 -110.18
N GLN A 456 -84.33 -49.55 -109.92
CA GLN A 456 -84.64 -48.62 -111.01
C GLN A 456 -83.41 -48.31 -111.87
N GLU A 457 -82.22 -48.44 -111.31
CA GLU A 457 -81.02 -48.43 -112.13
C GLU A 457 -81.17 -49.45 -113.25
N PRO A 458 -80.85 -49.07 -114.50
CA PRO A 458 -81.16 -49.96 -115.64
C PRO A 458 -80.51 -51.33 -115.52
N ALA A 459 -79.17 -51.38 -115.50
CA ALA A 459 -78.45 -52.65 -115.35
C ALA A 459 -76.95 -52.41 -115.24
N GLU A 460 -76.26 -53.28 -114.51
CA GLU A 460 -74.80 -53.24 -114.40
C GLU A 460 -74.30 -54.63 -114.05
N VAL A 461 -73.20 -55.04 -114.68
CA VAL A 461 -72.51 -56.28 -114.34
C VAL A 461 -71.02 -55.98 -114.35
N GLN A 462 -70.44 -55.79 -113.17
CA GLN A 462 -69.02 -55.47 -113.06
C GLN A 462 -68.15 -56.71 -113.00
N CYS A 463 -68.55 -57.70 -112.21
CA CYS A 463 -67.83 -58.97 -112.08
C CYS A 463 -68.77 -59.94 -111.37
N ALA A 464 -68.33 -61.20 -111.28
CA ALA A 464 -69.21 -62.24 -110.75
C ALA A 464 -68.52 -63.22 -109.80
N PHE A 465 -67.23 -63.04 -109.50
CA PHE A 465 -66.52 -64.05 -108.72
C PHE A 465 -66.94 -64.04 -107.26
N GLY A 466 -67.45 -62.92 -106.76
CA GLY A 466 -67.74 -62.79 -105.34
C GLY A 466 -69.18 -62.96 -104.92
N ALA A 467 -70.11 -63.19 -105.84
CA ALA A 467 -71.52 -63.28 -105.49
C ALA A 467 -72.24 -64.38 -106.25
N TYR A 468 -71.54 -65.47 -106.56
CA TYR A 468 -72.15 -66.54 -107.36
C TYR A 468 -71.68 -67.89 -106.84
N VAL A 469 -72.65 -68.75 -106.54
CA VAL A 469 -72.37 -70.13 -106.15
C VAL A 469 -72.89 -71.05 -107.24
N ALA A 470 -72.62 -72.35 -107.13
CA ALA A 470 -73.06 -73.30 -108.13
C ALA A 470 -73.05 -74.69 -107.54
N ASP A 471 -74.04 -75.50 -107.91
CA ASP A 471 -74.08 -76.88 -107.46
C ASP A 471 -72.99 -77.68 -108.15
N ALA A 472 -72.54 -78.74 -107.48
CA ALA A 472 -71.42 -79.54 -107.94
C ALA A 472 -71.86 -80.97 -108.21
N ARG A 473 -71.29 -81.54 -109.26
CA ARG A 473 -71.53 -82.93 -109.63
C ARG A 473 -70.59 -83.83 -108.82
N PRO A 474 -70.78 -85.16 -108.92
CA PRO A 474 -69.81 -86.07 -108.29
C PRO A 474 -68.47 -86.06 -109.00
N ASP A 475 -67.57 -86.96 -108.61
CA ASP A 475 -66.16 -86.95 -109.03
C ASP A 475 -65.52 -85.62 -108.64
N ALA A 476 -65.46 -85.42 -107.33
CA ALA A 476 -65.21 -84.11 -106.75
C ALA A 476 -63.75 -83.94 -106.32
N LEU A 477 -63.38 -82.66 -106.19
CA LEU A 477 -62.26 -82.17 -105.39
C LEU A 477 -60.89 -82.45 -106.01
N VAL A 478 -60.82 -83.17 -107.13
CA VAL A 478 -59.56 -83.34 -107.84
C VAL A 478 -59.72 -82.78 -109.24
N GLY A 479 -60.70 -83.30 -109.97
CA GLY A 479 -61.07 -82.68 -111.23
C GLY A 479 -61.79 -81.37 -111.04
N LEU A 480 -62.41 -81.16 -109.88
CA LEU A 480 -63.20 -79.96 -109.65
C LEU A 480 -62.31 -78.74 -109.48
N MET A 481 -61.28 -78.84 -108.63
CA MET A 481 -60.34 -77.74 -108.48
C MET A 481 -59.67 -77.41 -109.82
N GLN A 482 -59.25 -78.44 -110.56
CA GLN A 482 -58.61 -78.22 -111.85
C GLN A 482 -59.56 -77.51 -112.81
N ARG A 483 -60.82 -77.96 -112.89
CA ARG A 483 -61.78 -77.32 -113.76
C ARG A 483 -62.09 -75.90 -113.34
N PHE A 484 -62.07 -75.62 -112.03
CA PHE A 484 -62.35 -74.27 -111.56
C PHE A 484 -61.19 -73.31 -111.90
N LEU A 485 -59.96 -73.76 -111.69
CA LEU A 485 -58.80 -72.92 -111.96
C LEU A 485 -58.65 -72.63 -113.45
N GLU A 486 -59.43 -73.35 -114.28
CA GLU A 486 -59.43 -73.10 -115.71
C GLU A 486 -60.39 -71.98 -116.09
N GLU A 487 -61.52 -71.88 -115.40
CA GLU A 487 -62.53 -70.87 -115.68
C GLU A 487 -62.52 -69.74 -114.65
N TRP A 488 -61.44 -69.58 -113.90
CA TRP A 488 -61.37 -68.48 -112.94
C TRP A 488 -61.06 -67.15 -113.63
N PRO A 489 -59.98 -67.04 -114.44
CA PRO A 489 -59.70 -65.74 -115.08
C PRO A 489 -60.86 -65.18 -115.87
N GLY A 490 -61.58 -66.02 -116.61
CA GLY A 490 -62.76 -65.57 -117.32
C GLY A 490 -63.87 -65.06 -116.42
N MET A 491 -63.86 -65.47 -115.15
CA MET A 491 -64.88 -65.03 -114.20
C MET A 491 -64.55 -63.70 -113.53
N MET A 492 -63.38 -63.13 -113.81
CA MET A 492 -63.00 -61.82 -113.31
C MET A 492 -62.41 -60.99 -114.45
N PRO A 493 -63.24 -60.19 -115.13
CA PRO A 493 -62.65 -59.19 -116.03
C PRO A 493 -61.82 -58.17 -115.28
N VAL A 494 -62.28 -57.78 -114.09
CA VAL A 494 -61.58 -56.84 -113.23
C VAL A 494 -61.59 -57.42 -111.81
N ARG A 495 -60.58 -57.05 -111.03
CA ARG A 495 -60.48 -57.54 -109.66
C ARG A 495 -61.71 -57.12 -108.87
N PRO A 496 -62.21 -57.97 -107.97
CA PRO A 496 -63.42 -57.63 -107.23
C PRO A 496 -63.17 -56.55 -106.19
N ARG A 497 -64.15 -55.66 -106.03
CA ARG A 497 -64.01 -54.55 -105.10
C ARG A 497 -63.95 -55.03 -103.65
N TRP A 498 -64.81 -55.99 -103.28
CA TRP A 498 -64.84 -56.46 -101.90
C TRP A 498 -63.52 -57.06 -101.45
N ALA A 499 -62.79 -57.72 -102.33
CA ALA A 499 -61.50 -58.30 -101.97
C ALA A 499 -60.52 -57.23 -101.52
N ALA A 500 -60.27 -56.25 -102.39
CA ALA A 500 -59.38 -55.15 -102.08
C ALA A 500 -60.20 -53.96 -101.57
N PRO A 501 -60.27 -53.73 -100.26
CA PRO A 501 -61.07 -52.61 -99.76
C PRO A 501 -60.55 -51.28 -100.30
N ALA A 502 -61.47 -50.32 -100.42
CA ALA A 502 -61.15 -49.06 -101.07
C ALA A 502 -60.03 -48.31 -100.33
N ALA A 503 -60.33 -47.86 -99.12
CA ALA A 503 -59.38 -47.11 -98.29
C ALA A 503 -60.03 -46.92 -96.92
N ALA A 504 -59.37 -46.13 -96.07
CA ALA A 504 -60.00 -45.68 -94.83
C ALA A 504 -60.90 -44.48 -95.08
N ASP A 505 -60.40 -43.51 -95.86
CA ASP A 505 -61.14 -42.28 -96.13
C ASP A 505 -61.67 -42.16 -97.54
N GLN A 506 -60.94 -42.67 -98.54
CA GLN A 506 -61.37 -42.50 -99.92
C GLN A 506 -62.66 -43.25 -100.25
N LEU A 507 -63.20 -44.03 -99.30
CA LEU A 507 -64.57 -44.49 -99.43
C LEU A 507 -65.52 -43.31 -99.50
N LEU A 508 -65.27 -42.26 -98.71
CA LEU A 508 -66.08 -41.06 -98.69
C LEU A 508 -65.62 -40.04 -99.74
N ALA A 509 -64.92 -40.48 -100.77
CA ALA A 509 -64.64 -39.60 -101.90
C ALA A 509 -65.94 -39.20 -102.57
N PRO A 510 -66.01 -37.99 -103.13
CA PRO A 510 -67.27 -37.52 -103.72
C PRO A 510 -67.67 -38.22 -105.00
N GLY A 511 -66.92 -39.20 -105.49
CA GLY A 511 -67.24 -39.79 -106.77
C GLY A 511 -67.10 -41.30 -106.89
N ASN A 512 -66.63 -41.97 -105.84
CA ASN A 512 -66.37 -43.39 -105.92
C ASN A 512 -67.68 -44.17 -106.07
N ALA A 513 -67.54 -45.48 -106.32
CA ALA A 513 -68.67 -46.33 -106.65
C ALA A 513 -69.04 -47.31 -105.53
N ASP A 514 -68.77 -46.94 -104.28
CA ASP A 514 -69.10 -47.79 -103.14
C ASP A 514 -70.21 -47.24 -102.26
N LEU A 515 -70.19 -45.93 -101.99
CA LEU A 515 -71.23 -45.34 -101.14
C LEU A 515 -72.61 -45.56 -101.72
N ARG A 516 -72.70 -45.71 -103.05
CA ARG A 516 -73.97 -46.06 -103.68
C ARG A 516 -74.51 -47.41 -103.22
N LEU A 517 -73.64 -48.30 -102.72
CA LEU A 517 -74.08 -49.62 -102.28
C LEU A 517 -73.75 -49.88 -100.82
N GLU A 518 -73.51 -48.84 -100.02
CA GLU A 518 -73.30 -48.96 -98.58
C GLU A 518 -74.22 -47.95 -97.89
N LEU A 519 -75.43 -48.39 -97.55
CA LEU A 519 -76.42 -47.46 -97.01
C LEU A 519 -77.22 -48.08 -95.86
N HIS A 520 -76.67 -49.08 -95.18
CA HIS A 520 -77.29 -49.62 -93.99
C HIS A 520 -76.26 -50.42 -93.18
N PRO A 521 -76.26 -50.30 -91.85
CA PRO A 521 -75.23 -50.95 -91.05
C PRO A 521 -75.38 -52.46 -90.90
N ALA A 522 -76.47 -53.07 -91.36
CA ALA A 522 -76.67 -54.50 -91.16
C ALA A 522 -77.10 -55.20 -92.44
N PHE A 523 -76.73 -54.64 -93.59
CA PHE A 523 -77.12 -55.22 -94.88
C PHE A 523 -76.08 -54.87 -95.92
N ASP A 524 -75.50 -55.87 -96.56
CA ASP A 524 -74.59 -55.68 -97.68
C ASP A 524 -75.38 -55.67 -98.98
N PHE A 525 -74.99 -54.79 -99.89
CA PHE A 525 -75.68 -54.63 -101.17
C PHE A 525 -74.68 -54.85 -102.28
N PHE A 526 -74.90 -55.88 -103.09
CA PHE A 526 -74.01 -56.17 -104.20
C PHE A 526 -74.79 -56.24 -105.51
N VAL A 527 -74.06 -56.52 -106.60
CA VAL A 527 -74.67 -56.77 -107.92
C VAL A 527 -74.37 -58.23 -108.26
N ALA A 528 -75.40 -58.96 -108.68
CA ALA A 528 -75.29 -60.41 -108.81
C ALA A 528 -75.99 -60.91 -110.06
N PRO A 529 -75.46 -61.94 -110.72
CA PRO A 529 -76.11 -62.47 -111.93
C PRO A 529 -77.51 -63.00 -111.67
N GLU A 530 -78.46 -62.61 -112.51
CA GLU A 530 -79.87 -62.94 -112.32
C GLU A 530 -80.11 -64.39 -112.70
N VAL A 531 -79.80 -65.28 -111.75
CA VAL A 531 -80.16 -66.68 -111.78
C VAL A 531 -80.55 -67.05 -110.34
N ASP A 532 -81.15 -68.23 -110.18
CA ASP A 532 -81.40 -68.77 -108.84
C ASP A 532 -80.13 -69.43 -108.34
N VAL A 533 -79.83 -69.21 -107.06
CA VAL A 533 -78.60 -69.74 -106.46
C VAL A 533 -78.92 -71.03 -105.71
N PRO A 534 -78.15 -72.11 -105.91
CA PRO A 534 -77.01 -72.15 -106.84
C PRO A 534 -77.42 -72.33 -108.30
N GLY A 535 -76.51 -72.00 -109.22
CA GLY A 535 -76.75 -72.19 -110.63
C GLY A 535 -75.80 -73.22 -111.21
N PRO A 536 -75.65 -73.22 -112.53
CA PRO A 536 -74.77 -74.20 -113.18
C PRO A 536 -73.30 -73.90 -112.90
N PHE A 537 -72.48 -74.94 -113.08
CA PHE A 537 -71.04 -74.79 -112.86
C PHE A 537 -70.42 -73.82 -113.86
N ALA A 538 -70.86 -73.87 -115.12
CA ALA A 538 -70.48 -72.88 -116.11
C ALA A 538 -71.34 -71.63 -115.92
N VAL A 539 -70.69 -70.50 -115.72
CA VAL A 539 -71.40 -69.27 -115.34
C VAL A 539 -72.21 -68.77 -116.53
N PRO A 540 -73.45 -68.34 -116.32
CA PRO A 540 -74.18 -67.63 -117.38
C PRO A 540 -73.96 -66.13 -117.29
N GLN A 541 -74.03 -65.49 -118.47
CA GLN A 541 -73.73 -64.08 -118.62
C GLN A 541 -74.97 -63.20 -118.66
N VAL A 542 -76.07 -63.65 -118.06
CA VAL A 542 -77.31 -62.88 -118.13
C VAL A 542 -77.16 -61.58 -117.36
N MET A 543 -78.09 -60.65 -117.63
CA MET A 543 -78.08 -59.35 -116.97
C MET A 543 -78.21 -59.51 -115.46
N GLY A 544 -77.41 -58.75 -114.73
CA GLY A 544 -77.37 -58.89 -113.28
C GLY A 544 -78.48 -58.15 -112.58
N GLN A 545 -78.56 -58.37 -111.27
CA GLN A 545 -79.56 -57.74 -110.41
C GLN A 545 -78.86 -57.30 -109.13
N VAL A 546 -79.60 -56.55 -108.31
CA VAL A 546 -79.07 -55.99 -107.07
C VAL A 546 -79.77 -56.72 -105.92
N ARG A 547 -79.09 -57.71 -105.35
CA ARG A 547 -79.64 -58.41 -104.21
C ARG A 547 -79.07 -57.81 -102.92
N ALA A 548 -79.40 -58.44 -101.79
CA ALA A 548 -78.94 -57.96 -100.50
C ALA A 548 -78.92 -59.10 -99.50
N MET A 549 -77.98 -59.04 -98.56
CA MET A 549 -77.78 -60.09 -97.58
C MET A 549 -77.48 -59.47 -96.23
N PRO A 550 -78.02 -60.02 -95.15
CA PRO A 550 -77.77 -59.43 -93.82
C PRO A 550 -76.41 -59.79 -93.27
N ARG A 551 -75.61 -58.78 -92.90
CA ARG A 551 -74.39 -59.03 -92.15
C ARG A 551 -74.75 -59.73 -90.85
N ILE A 552 -74.29 -60.97 -90.69
CA ILE A 552 -74.74 -61.76 -89.55
C ILE A 552 -73.98 -61.40 -88.29
N ILE A 553 -72.72 -61.01 -88.40
CA ILE A 553 -71.87 -60.71 -87.25
C ILE A 553 -71.26 -59.33 -87.41
N ASN A 554 -71.07 -58.65 -86.27
CA ASN A 554 -70.49 -57.31 -86.27
C ASN A 554 -69.08 -57.26 -86.84
N GLY A 555 -68.45 -58.41 -87.09
CA GLY A 555 -67.17 -58.42 -87.77
C GLY A 555 -67.24 -58.05 -89.23
N ASN A 556 -68.38 -58.31 -89.89
CA ASN A 556 -68.49 -58.06 -91.32
C ASN A 556 -68.57 -56.58 -91.67
N ILE A 557 -68.70 -55.71 -90.68
CA ILE A 557 -68.69 -54.27 -90.98
C ILE A 557 -67.38 -53.91 -91.66
N PRO A 558 -67.40 -53.31 -92.85
CA PRO A 558 -66.15 -53.04 -93.56
C PRO A 558 -65.17 -52.23 -92.72
N LEU A 559 -63.88 -52.46 -93.00
CA LEU A 559 -62.82 -51.91 -92.16
C LEU A 559 -62.88 -50.39 -92.09
N ALA A 560 -63.31 -49.74 -93.17
CA ALA A 560 -63.34 -48.28 -93.21
C ALA A 560 -64.33 -47.68 -92.23
N LEU A 561 -65.29 -48.45 -91.74
CA LEU A 561 -66.28 -47.95 -90.80
C LEU A 561 -66.13 -48.54 -89.42
N CYS A 562 -65.27 -49.55 -89.25
CA CYS A 562 -64.88 -50.12 -87.97
C CYS A 562 -63.41 -50.48 -88.07
N PRO A 563 -62.50 -49.53 -87.86
CA PRO A 563 -61.10 -49.76 -88.20
C PRO A 563 -60.48 -50.84 -87.32
N VAL A 564 -59.31 -51.32 -87.78
CA VAL A 564 -58.58 -52.35 -87.06
C VAL A 564 -58.24 -51.92 -85.65
N ASP A 565 -57.94 -50.63 -85.45
CA ASP A 565 -57.55 -50.14 -84.14
C ASP A 565 -58.65 -50.37 -83.10
N PHE A 566 -59.89 -50.03 -83.45
CA PHE A 566 -61.00 -50.13 -82.51
C PHE A 566 -61.25 -51.57 -82.10
N ARG A 567 -61.16 -52.50 -83.06
CA ARG A 567 -61.38 -53.91 -82.74
C ARG A 567 -60.41 -54.39 -81.66
N ASP A 568 -59.12 -54.13 -81.86
CA ASP A 568 -58.13 -54.58 -80.89
C ASP A 568 -58.24 -53.82 -79.58
N ALA A 569 -58.69 -52.57 -79.60
CA ALA A 569 -58.92 -51.84 -78.36
C ALA A 569 -60.04 -52.50 -77.56
N ARG A 570 -61.16 -52.80 -78.23
CA ARG A 570 -62.26 -53.49 -77.56
C ARG A 570 -61.80 -54.83 -77.02
N GLY A 571 -60.99 -55.55 -77.79
CA GLY A 571 -60.42 -56.80 -77.34
C GLY A 571 -59.60 -56.66 -76.07
N PHE A 572 -58.64 -55.72 -76.08
CA PHE A 572 -57.84 -55.46 -74.89
C PHE A 572 -58.70 -55.09 -73.69
N GLU A 573 -59.84 -54.43 -73.92
CA GLU A 573 -60.75 -54.18 -72.81
C GLU A 573 -61.36 -55.48 -72.33
N LEU A 574 -61.78 -56.35 -73.24
CA LEU A 574 -62.40 -57.62 -72.88
C LEU A 574 -61.42 -58.65 -72.35
N SER A 575 -60.11 -58.38 -72.43
CA SER A 575 -59.11 -59.38 -72.10
C SER A 575 -58.59 -59.26 -70.68
N VAL A 576 -59.16 -58.37 -69.88
CA VAL A 576 -58.65 -58.11 -68.54
C VAL A 576 -59.10 -59.24 -67.61
N ASP A 577 -58.13 -59.76 -66.84
CA ASP A 577 -58.34 -60.73 -65.76
C ASP A 577 -59.38 -61.80 -66.05
N ARG A 578 -59.39 -62.33 -67.28
CA ARG A 578 -60.25 -63.46 -67.61
C ARG A 578 -59.44 -64.74 -67.82
N HIS A 579 -58.45 -64.70 -68.70
CA HIS A 579 -57.48 -65.78 -68.86
C HIS A 579 -56.33 -65.25 -69.72
N ARG A 580 -55.13 -65.71 -69.41
CA ARG A 580 -53.92 -65.27 -70.11
C ARG A 580 -53.11 -66.49 -70.53
N LEU A 581 -52.50 -66.40 -71.70
CA LEU A 581 -51.66 -67.48 -72.22
C LEU A 581 -50.24 -67.27 -71.73
N ALA A 582 -49.70 -68.29 -71.07
CA ALA A 582 -48.33 -68.21 -70.59
C ALA A 582 -47.38 -67.98 -71.75
N PRO A 583 -46.33 -67.17 -71.58
CA PRO A 583 -45.44 -66.85 -72.71
C PRO A 583 -44.79 -68.08 -73.32
N ALA A 584 -44.55 -69.14 -72.53
CA ALA A 584 -44.00 -70.37 -73.10
C ALA A 584 -44.96 -70.99 -74.09
N THR A 585 -46.24 -71.10 -73.70
CA THR A 585 -47.24 -71.72 -74.56
C THR A 585 -47.37 -70.96 -75.89
N VAL A 586 -47.47 -69.64 -75.82
CA VAL A 586 -47.65 -68.85 -77.04
C VAL A 586 -46.37 -68.87 -77.88
N ALA A 587 -45.20 -68.83 -77.23
CA ALA A 587 -43.95 -68.89 -77.97
C ALA A 587 -43.75 -70.24 -78.65
N ALA A 588 -44.30 -71.32 -78.09
CA ALA A 588 -44.24 -72.61 -78.74
C ALA A 588 -45.23 -72.71 -79.89
N VAL A 589 -46.47 -72.29 -79.66
CA VAL A 589 -47.50 -72.41 -80.69
C VAL A 589 -47.16 -71.53 -81.89
N ARG A 590 -46.66 -70.32 -81.66
CA ARG A 590 -46.28 -69.46 -82.76
C ARG A 590 -45.10 -70.02 -83.55
N GLY A 591 -44.06 -70.46 -82.84
CA GLY A 591 -42.94 -71.09 -83.51
C GLY A 591 -43.35 -72.30 -84.33
N ALA A 592 -44.37 -73.02 -83.87
CA ALA A 592 -44.91 -74.13 -84.65
C ALA A 592 -45.60 -73.62 -85.91
N PHE A 593 -46.62 -72.77 -85.75
CA PHE A 593 -47.41 -72.29 -86.88
C PHE A 593 -46.58 -71.51 -87.90
N ARG A 594 -45.46 -70.94 -87.49
CA ARG A 594 -44.60 -70.18 -88.39
C ARG A 594 -43.47 -71.02 -88.98
N ASP A 595 -43.30 -72.24 -88.52
CA ASP A 595 -42.26 -73.12 -89.06
C ASP A 595 -42.57 -73.43 -90.52
N ALA A 596 -41.51 -73.55 -91.32
CA ALA A 596 -41.68 -73.82 -92.75
C ALA A 596 -41.42 -75.26 -93.12
N ASN A 597 -40.66 -76.01 -92.31
CA ASN A 597 -40.35 -77.39 -92.63
C ASN A 597 -40.98 -78.34 -91.62
N TYR A 598 -42.24 -78.10 -91.29
CA TYR A 598 -42.99 -79.03 -90.45
C TYR A 598 -42.88 -80.44 -91.01
N PRO A 599 -42.50 -81.43 -90.20
CA PRO A 599 -42.28 -82.78 -90.74
C PRO A 599 -43.56 -83.38 -91.30
N MET A 600 -43.47 -83.86 -92.55
CA MET A 600 -44.63 -84.39 -93.24
C MET A 600 -45.20 -85.64 -92.59
N VAL A 601 -44.39 -86.38 -91.84
CA VAL A 601 -44.87 -87.58 -91.18
C VAL A 601 -45.98 -87.25 -90.19
N PHE A 602 -45.94 -86.04 -89.61
CA PHE A 602 -47.02 -85.62 -88.72
C PHE A 602 -48.33 -85.47 -89.47
N TYR A 603 -48.30 -84.81 -90.64
CA TYR A 603 -49.48 -84.74 -91.48
C TYR A 603 -49.96 -86.13 -91.87
N ILE A 604 -49.04 -87.04 -92.18
CA ILE A 604 -49.41 -88.39 -92.58
C ILE A 604 -50.14 -89.10 -91.44
N ILE A 605 -49.58 -89.04 -90.24
CA ILE A 605 -50.22 -89.67 -89.08
C ILE A 605 -51.59 -89.05 -88.83
N GLU A 606 -51.66 -87.71 -88.90
CA GLU A 606 -52.93 -87.02 -88.69
C GLU A 606 -53.97 -87.41 -89.73
N ALA A 607 -53.53 -87.73 -90.94
CA ALA A 607 -54.49 -88.15 -91.96
C ALA A 607 -54.93 -89.59 -91.76
N VAL A 608 -54.00 -90.45 -91.32
CA VAL A 608 -54.34 -91.86 -91.12
C VAL A 608 -55.28 -92.02 -89.93
N ILE A 609 -54.99 -91.33 -88.83
CA ILE A 609 -55.91 -91.34 -87.69
C ILE A 609 -57.25 -90.74 -88.09
N HIS A 610 -57.23 -89.76 -88.99
CA HIS A 610 -58.40 -89.05 -89.50
C HIS A 610 -59.44 -88.73 -88.42
N GLY A 611 -58.97 -88.32 -87.24
CA GLY A 611 -59.89 -87.91 -86.19
C GLY A 611 -60.69 -89.03 -85.57
N SER A 612 -60.21 -90.27 -85.67
CA SER A 612 -60.91 -91.40 -85.07
C SER A 612 -60.84 -91.31 -83.55
N GLU A 613 -61.55 -92.23 -82.89
CA GLU A 613 -61.57 -92.33 -81.44
C GLU A 613 -60.78 -93.52 -80.91
N ARG A 614 -60.86 -94.67 -81.57
CA ARG A 614 -60.12 -95.84 -81.13
C ARG A 614 -58.73 -95.93 -81.74
N THR A 615 -58.55 -95.47 -82.99
CA THR A 615 -57.23 -95.56 -83.60
C THR A 615 -56.22 -94.67 -82.87
N PHE A 616 -56.67 -93.56 -82.29
CA PHE A 616 -55.75 -92.78 -81.48
C PHE A 616 -55.35 -93.52 -80.22
N CYS A 617 -56.32 -94.14 -79.54
CA CYS A 617 -56.00 -94.92 -78.35
C CYS A 617 -55.17 -96.15 -78.68
N ALA A 618 -55.09 -96.52 -79.96
CA ALA A 618 -54.20 -97.59 -80.41
C ALA A 618 -52.81 -97.09 -80.77
N LEU A 619 -52.71 -95.95 -81.44
CA LEU A 619 -51.44 -95.37 -81.84
C LEU A 619 -50.81 -94.52 -80.74
N ALA A 620 -51.45 -94.41 -79.58
CA ALA A 620 -50.98 -93.60 -78.46
C ALA A 620 -49.47 -93.66 -78.23
N ARG A 621 -48.88 -94.85 -78.28
CA ARG A 621 -47.45 -94.97 -78.07
C ARG A 621 -46.67 -94.20 -79.13
N LEU A 622 -46.99 -94.42 -80.40
CA LEU A 622 -46.30 -93.71 -81.47
C LEU A 622 -46.56 -92.21 -81.40
N VAL A 623 -47.78 -91.82 -81.04
CA VAL A 623 -48.10 -90.40 -80.92
C VAL A 623 -47.24 -89.73 -79.86
N ALA A 624 -47.18 -90.35 -78.67
CA ALA A 624 -46.36 -89.78 -77.60
C ALA A 624 -44.88 -89.79 -77.99
N GLN A 625 -44.44 -90.81 -78.74
CA GLN A 625 -43.06 -90.84 -79.18
C GLN A 625 -42.75 -89.67 -80.12
N CYS A 626 -43.64 -89.42 -81.09
CA CYS A 626 -43.42 -88.28 -81.99
C CYS A 626 -43.48 -86.95 -81.23
N ILE A 627 -44.37 -86.84 -80.25
CA ILE A 627 -44.44 -85.60 -79.48
C ILE A 627 -43.12 -85.38 -78.72
N GLN A 628 -42.63 -86.42 -78.05
CA GLN A 628 -41.36 -86.31 -77.34
C GLN A 628 -40.23 -85.97 -78.30
N SER A 629 -40.21 -86.58 -79.49
CA SER A 629 -39.16 -86.32 -80.45
C SER A 629 -39.19 -84.86 -80.89
N TYR A 630 -40.37 -84.36 -81.24
CA TYR A 630 -40.45 -82.98 -81.73
C TYR A 630 -40.15 -81.97 -80.63
N TRP A 631 -40.51 -82.29 -79.39
CA TRP A 631 -40.17 -81.38 -78.29
C TRP A 631 -38.67 -81.36 -78.04
N ARG A 632 -38.07 -82.54 -77.90
CA ARG A 632 -36.62 -82.63 -77.72
C ARG A 632 -35.87 -82.31 -79.01
N ASN A 633 -36.58 -81.91 -80.06
CA ASN A 633 -35.95 -81.51 -81.31
C ASN A 633 -36.04 -80.02 -81.60
N THR A 634 -37.17 -79.35 -81.29
CA THR A 634 -37.31 -77.95 -81.65
C THR A 634 -37.94 -77.09 -80.55
N HIS A 635 -38.40 -77.68 -79.44
CA HIS A 635 -39.07 -76.93 -78.38
C HIS A 635 -40.35 -76.26 -78.87
N ASN A 636 -41.08 -76.95 -79.74
CA ASN A 636 -42.37 -76.49 -80.24
C ASN A 636 -43.46 -77.48 -79.84
N ALA A 637 -44.67 -77.24 -80.32
CA ALA A 637 -45.76 -78.17 -80.16
C ALA A 637 -45.91 -79.01 -81.43
N ALA A 638 -46.94 -79.85 -81.46
CA ALA A 638 -47.16 -80.71 -82.61
C ALA A 638 -48.63 -81.05 -82.71
N PHE A 639 -49.06 -81.36 -83.94
CA PHE A 639 -50.43 -81.77 -84.26
C PHE A 639 -51.46 -80.70 -83.91
N VAL A 640 -51.03 -79.49 -83.56
CA VAL A 640 -51.94 -78.43 -83.13
C VAL A 640 -52.92 -78.01 -84.21
N ASN A 641 -52.62 -78.31 -85.48
CA ASN A 641 -53.56 -78.01 -86.56
C ASN A 641 -54.90 -78.69 -86.33
N ASN A 642 -54.88 -79.91 -85.81
CA ASN A 642 -56.11 -80.63 -85.51
C ASN A 642 -56.64 -80.19 -84.14
N PHE A 643 -57.95 -80.31 -83.95
CA PHE A 643 -58.56 -80.03 -82.65
C PHE A 643 -58.89 -81.31 -81.89
N TYR A 644 -59.52 -82.28 -82.56
CA TYR A 644 -59.73 -83.59 -81.94
C TYR A 644 -58.42 -84.18 -81.44
N MET A 645 -57.34 -84.02 -82.21
CA MET A 645 -56.05 -84.58 -81.80
C MET A 645 -55.52 -83.91 -80.55
N VAL A 646 -55.48 -82.57 -80.52
CA VAL A 646 -54.97 -81.87 -79.36
C VAL A 646 -55.85 -82.10 -78.14
N MET A 647 -57.15 -82.31 -78.33
CA MET A 647 -58.02 -82.66 -77.22
C MET A 647 -57.70 -84.05 -76.69
N TYR A 648 -57.59 -85.04 -77.59
CA TYR A 648 -57.22 -86.38 -77.18
C TYR A 648 -55.87 -86.41 -76.46
N ILE A 649 -54.96 -85.50 -76.83
CA ILE A 649 -53.64 -85.47 -76.20
C ILE A 649 -53.77 -85.30 -74.69
N ASN A 650 -54.35 -84.19 -74.25
CA ASN A 650 -54.52 -83.97 -72.83
C ASN A 650 -55.73 -84.69 -72.25
N THR A 651 -56.43 -85.49 -73.06
CA THR A 651 -57.44 -86.38 -72.50
C THR A 651 -56.86 -87.74 -72.11
N TYR A 652 -55.91 -88.25 -72.89
CA TYR A 652 -55.36 -89.59 -72.68
C TYR A 652 -53.91 -89.56 -72.23
N LEU A 653 -53.02 -88.92 -72.99
CA LEU A 653 -51.61 -88.86 -72.60
C LEU A 653 -51.47 -88.10 -71.29
N GLY A 654 -51.80 -86.80 -71.30
CA GLY A 654 -52.01 -86.02 -70.10
C GLY A 654 -51.00 -86.20 -68.99
N ASN A 655 -51.45 -86.79 -67.89
CA ASN A 655 -50.61 -87.03 -66.72
C ASN A 655 -49.46 -88.00 -66.99
N GLY A 656 -49.45 -88.66 -68.14
CA GLY A 656 -48.57 -89.81 -68.30
C GLY A 656 -47.18 -89.53 -68.84
N GLU A 657 -46.86 -90.11 -69.99
CA GLU A 657 -45.48 -90.18 -70.45
C GLU A 657 -44.96 -88.84 -70.98
N LEU A 658 -45.84 -87.87 -71.22
CA LEU A 658 -45.39 -86.61 -71.79
C LEU A 658 -44.52 -85.86 -70.78
N PRO A 659 -43.52 -85.10 -71.25
CA PRO A 659 -42.64 -84.39 -70.33
C PRO A 659 -43.38 -83.37 -69.48
N GLU A 660 -42.67 -82.86 -68.48
CA GLU A 660 -43.27 -81.93 -67.51
C GLU A 660 -43.78 -80.67 -68.21
N ASP A 661 -42.94 -80.08 -69.07
CA ASP A 661 -43.29 -78.80 -69.67
C ASP A 661 -44.08 -78.98 -70.95
N CYS A 662 -43.83 -80.06 -71.69
CA CYS A 662 -44.48 -80.26 -72.98
C CYS A 662 -45.98 -80.47 -72.88
N ALA A 663 -46.50 -80.82 -71.70
CA ALA A 663 -47.94 -80.95 -71.51
C ALA A 663 -48.59 -79.62 -71.12
N ALA A 664 -47.80 -78.68 -70.61
CA ALA A 664 -48.34 -77.37 -70.25
C ALA A 664 -48.98 -76.68 -71.44
N VAL A 665 -48.37 -76.82 -72.63
CA VAL A 665 -48.92 -76.19 -73.83
C VAL A 665 -50.26 -76.82 -74.18
N TYR A 666 -50.32 -78.15 -74.17
CA TYR A 666 -51.56 -78.84 -74.52
C TYR A 666 -52.63 -78.70 -73.47
N LYS A 667 -52.28 -78.27 -72.25
CA LYS A 667 -53.27 -77.96 -71.23
C LYS A 667 -53.77 -76.53 -71.32
N ASP A 668 -52.87 -75.58 -71.54
CA ASP A 668 -53.27 -74.17 -71.62
C ASP A 668 -54.03 -73.89 -72.90
N LEU A 669 -53.63 -74.51 -74.02
CA LEU A 669 -54.32 -74.33 -75.29
C LEU A 669 -55.77 -74.83 -75.23
N LEU A 670 -56.08 -75.69 -74.27
CA LEU A 670 -57.45 -76.16 -74.06
C LEU A 670 -58.20 -75.36 -73.02
N GLU A 671 -57.53 -75.00 -71.91
CA GLU A 671 -58.19 -74.18 -70.90
C GLU A 671 -58.54 -72.81 -71.46
N HIS A 672 -57.74 -72.29 -72.40
CA HIS A 672 -58.08 -71.03 -73.05
C HIS A 672 -59.36 -71.14 -73.87
N VAL A 673 -59.49 -72.22 -74.64
CA VAL A 673 -60.72 -72.43 -75.41
C VAL A 673 -61.91 -72.63 -74.48
N HIS A 674 -61.69 -73.32 -73.37
CA HIS A 674 -62.74 -73.48 -72.36
C HIS A 674 -63.20 -72.12 -71.83
N ALA A 675 -62.27 -71.26 -71.46
CA ALA A 675 -62.63 -69.95 -70.93
C ALA A 675 -63.30 -69.10 -72.00
N LEU A 676 -62.85 -69.22 -73.26
CA LEU A 676 -63.50 -68.48 -74.33
C LEU A 676 -64.94 -68.94 -74.54
N ARG A 677 -65.18 -70.24 -74.42
CA ARG A 677 -66.55 -70.74 -74.47
C ARG A 677 -67.37 -70.19 -73.31
N ARG A 678 -66.81 -70.22 -72.10
CA ARG A 678 -67.53 -69.71 -70.93
C ARG A 678 -67.76 -68.20 -71.01
N LEU A 679 -67.00 -67.49 -71.84
CA LEU A 679 -67.15 -66.05 -71.96
C LEU A 679 -68.57 -65.67 -72.35
N ILE A 680 -69.04 -66.14 -73.52
CA ILE A 680 -70.34 -65.75 -74.05
C ILE A 680 -71.48 -66.06 -73.09
N GLY A 681 -71.32 -67.03 -72.21
CA GLY A 681 -72.34 -67.34 -71.22
C GLY A 681 -72.67 -66.22 -70.27
N GLU A 682 -71.80 -65.22 -70.15
CA GLU A 682 -72.02 -64.10 -69.24
C GLU A 682 -72.44 -62.83 -69.98
N PHE A 683 -72.40 -62.82 -71.30
CA PHE A 683 -72.92 -61.71 -72.08
C PHE A 683 -74.33 -61.98 -72.58
N THR A 684 -74.99 -62.99 -72.00
CA THR A 684 -76.33 -63.39 -72.41
C THR A 684 -77.22 -63.40 -71.18
N LEU A 685 -78.18 -62.48 -71.12
CA LEU A 685 -79.19 -62.54 -70.08
C LEU A 685 -79.88 -63.90 -70.12
N PRO A 686 -80.23 -64.47 -68.96
CA PRO A 686 -80.96 -65.74 -68.97
C PRO A 686 -82.31 -65.58 -69.64
N GLY A 687 -82.44 -66.16 -70.84
CA GLY A 687 -83.64 -65.98 -71.62
C GLY A 687 -84.45 -67.25 -71.80
N ASP A 688 -85.52 -67.16 -72.58
CA ASP A 688 -86.46 -68.27 -72.76
C ASP A 688 -86.25 -68.86 -74.15
N PRO A 689 -86.31 -70.18 -74.30
CA PRO A 689 -86.13 -70.80 -75.62
C PRO A 689 -87.15 -70.30 -76.63
N LEU A 690 -86.70 -69.58 -77.66
CA LEU A 690 -87.61 -68.89 -78.55
C LEU A 690 -87.95 -69.74 -79.79
N GLY A 691 -86.95 -70.06 -80.58
CA GLY A 691 -87.17 -70.81 -81.81
C GLY A 691 -86.69 -72.23 -81.70
N ASN A 692 -86.95 -72.84 -80.54
CA ASN A 692 -86.40 -74.17 -80.20
C ASN A 692 -84.89 -74.16 -80.31
N GLN A 693 -84.28 -73.03 -79.95
CA GLN A 693 -82.85 -72.86 -79.80
C GLN A 693 -82.64 -72.16 -78.47
N PRO A 694 -81.66 -72.58 -77.69
CA PRO A 694 -81.38 -71.87 -76.43
C PRO A 694 -80.99 -70.43 -76.70
N GLN A 695 -81.40 -69.54 -75.79
CA GLN A 695 -81.20 -68.11 -76.00
C GLN A 695 -79.73 -67.77 -76.24
N GLU A 696 -78.83 -68.50 -75.57
CA GLU A 696 -77.39 -68.32 -75.75
C GLU A 696 -76.95 -68.51 -77.19
N GLU A 697 -77.80 -69.10 -78.04
CA GLU A 697 -77.50 -69.32 -79.45
C GLU A 697 -77.93 -68.14 -80.32
N LEU A 698 -79.00 -67.44 -79.97
CA LEU A 698 -79.45 -66.30 -80.75
C LEU A 698 -78.54 -65.09 -80.57
N ASN A 699 -77.73 -65.07 -79.52
CA ASN A 699 -76.82 -63.94 -79.30
C ASN A 699 -75.51 -64.14 -80.06
N HIS A 700 -74.83 -65.25 -79.80
CA HIS A 700 -73.56 -65.50 -80.47
C HIS A 700 -73.78 -66.24 -81.80
N ALA A 701 -72.71 -66.38 -82.56
CA ALA A 701 -72.74 -67.08 -83.83
C ALA A 701 -71.86 -68.32 -83.86
N LEU A 702 -71.08 -68.56 -82.80
CA LEU A 702 -70.24 -69.74 -82.72
C LEU A 702 -70.79 -70.80 -81.77
N ALA A 703 -71.71 -70.43 -80.88
CA ALA A 703 -72.51 -71.40 -80.15
C ALA A 703 -73.71 -71.86 -80.97
N ASP A 704 -73.71 -71.58 -82.26
CA ASP A 704 -74.82 -71.92 -83.14
C ASP A 704 -74.74 -73.39 -83.54
N ALA A 705 -75.91 -73.99 -83.76
CA ALA A 705 -76.00 -75.35 -84.27
C ALA A 705 -76.23 -75.41 -85.77
N THR A 706 -76.82 -74.37 -86.36
CA THR A 706 -77.07 -74.30 -87.80
C THR A 706 -75.84 -73.88 -88.59
N LEU A 707 -74.68 -73.78 -87.93
CA LEU A 707 -73.42 -73.44 -88.59
C LEU A 707 -72.47 -74.61 -88.45
N LEU A 708 -72.25 -75.32 -89.53
CA LEU A 708 -71.27 -76.40 -89.52
C LEU A 708 -69.88 -75.81 -89.39
N PRO A 709 -69.02 -76.39 -88.55
CA PRO A 709 -67.64 -75.91 -88.45
C PRO A 709 -66.93 -76.00 -89.78
N PRO A 710 -65.77 -75.36 -89.93
CA PRO A 710 -65.05 -75.46 -91.21
C PRO A 710 -64.62 -76.87 -91.55
N LEU A 711 -64.18 -77.65 -90.57
CA LEU A 711 -63.70 -79.00 -90.81
C LEU A 711 -64.46 -79.98 -89.92
N ILE A 712 -65.15 -80.92 -90.53
CA ILE A 712 -65.77 -82.01 -89.81
C ILE A 712 -64.94 -83.27 -90.04
N TRP A 713 -65.14 -84.26 -89.17
CA TRP A 713 -64.42 -85.52 -89.22
C TRP A 713 -65.34 -86.72 -89.10
N ASP A 714 -66.63 -86.46 -88.92
CA ASP A 714 -67.67 -87.48 -88.82
C ASP A 714 -68.99 -86.77 -89.11
N CYS A 715 -70.11 -87.42 -88.79
CA CYS A 715 -71.41 -86.82 -89.02
C CYS A 715 -72.02 -86.21 -87.77
N ASP A 716 -71.24 -86.05 -86.69
CA ASP A 716 -71.83 -85.62 -85.41
C ASP A 716 -72.54 -84.27 -85.52
N PRO A 717 -71.89 -83.18 -85.94
CA PRO A 717 -72.60 -81.89 -85.98
C PRO A 717 -73.76 -81.88 -86.96
N ILE A 718 -73.71 -82.69 -88.02
CA ILE A 718 -74.81 -82.75 -88.97
C ILE A 718 -76.05 -83.35 -88.34
N LEU A 719 -75.88 -84.43 -87.57
CA LEU A 719 -77.03 -85.06 -86.91
C LEU A 719 -77.70 -84.09 -85.94
N TYR A 720 -76.91 -83.27 -85.26
CA TYR A 720 -77.49 -82.23 -84.41
C TYR A 720 -78.09 -81.08 -85.21
N ARG A 721 -77.83 -81.03 -86.52
CA ARG A 721 -78.31 -79.95 -87.37
C ARG A 721 -79.70 -80.24 -87.92
N ASP A 722 -79.89 -81.42 -88.52
CA ASP A 722 -81.17 -81.76 -89.10
C ASP A 722 -82.30 -81.79 -88.07
N GLY A 723 -81.97 -81.88 -86.78
CA GLY A 723 -82.98 -81.79 -85.75
C GLY A 723 -83.61 -80.42 -85.61
N LEU A 724 -83.01 -79.39 -86.21
CA LEU A 724 -83.53 -78.03 -86.16
C LEU A 724 -84.27 -77.77 -87.46
N ALA A 725 -85.60 -77.78 -87.41
CA ALA A 725 -86.43 -77.62 -88.59
C ALA A 725 -87.18 -76.29 -88.63
N GLU A 726 -87.11 -75.49 -87.57
CA GLU A 726 -87.84 -74.22 -87.53
C GLU A 726 -87.49 -73.35 -88.73
N ARG A 727 -86.20 -73.10 -88.93
CA ARG A 727 -85.70 -72.51 -90.18
C ARG A 727 -85.22 -73.67 -91.04
N LEU A 728 -85.98 -74.00 -92.07
CA LEU A 728 -85.75 -75.20 -92.87
C LEU A 728 -84.36 -75.17 -93.49
N PRO A 729 -83.45 -76.03 -93.04
CA PRO A 729 -82.11 -76.06 -93.63
C PRO A 729 -82.02 -77.10 -94.76
N GLU A 730 -80.87 -77.19 -95.39
CA GLU A 730 -80.63 -78.23 -96.37
C GLU A 730 -79.13 -78.47 -96.47
N LEU A 731 -78.77 -79.70 -96.85
CA LEU A 731 -77.40 -80.09 -97.06
C LEU A 731 -77.26 -80.72 -98.43
N ARG A 732 -76.11 -80.51 -99.06
CA ARG A 732 -75.84 -81.03 -100.40
C ARG A 732 -74.41 -81.56 -100.42
N VAL A 733 -74.25 -82.85 -100.19
CA VAL A 733 -72.94 -83.51 -100.23
C VAL A 733 -72.72 -83.95 -101.67
N ASN A 734 -72.17 -83.05 -102.47
CA ASN A 734 -71.84 -83.27 -103.88
C ASN A 734 -73.07 -83.55 -104.74
N GLY A 735 -74.27 -83.29 -104.23
CA GLY A 735 -75.48 -83.51 -105.01
C GLY A 735 -76.47 -84.44 -104.33
N ALA A 736 -75.95 -85.47 -103.67
CA ALA A 736 -76.81 -86.38 -102.94
C ALA A 736 -77.24 -85.75 -101.61
N HIS A 737 -78.34 -86.26 -101.06
CA HIS A 737 -78.78 -85.78 -99.75
C HIS A 737 -77.70 -86.06 -98.73
N PHE A 738 -77.53 -87.34 -98.40
CA PHE A 738 -76.36 -87.99 -97.82
C PHE A 738 -76.76 -89.44 -97.57
N GLN A 739 -75.76 -90.29 -97.39
CA GLN A 739 -76.01 -91.70 -97.10
C GLN A 739 -75.08 -92.14 -95.97
N HIS A 740 -75.62 -92.19 -94.76
CA HIS A 740 -74.85 -92.54 -93.57
C HIS A 740 -74.46 -94.02 -93.67
N ILE A 741 -73.19 -94.27 -93.95
CA ILE A 741 -72.64 -95.62 -93.93
C ILE A 741 -71.60 -95.69 -92.83
N LEU A 742 -71.50 -96.85 -92.19
CA LEU A 742 -70.62 -97.03 -91.05
C LEU A 742 -69.20 -97.33 -91.50
N TRP A 743 -68.38 -97.82 -90.57
CA TRP A 743 -66.97 -98.06 -90.82
C TRP A 743 -66.74 -98.86 -92.10
N VAL A 744 -65.57 -98.66 -92.70
CA VAL A 744 -65.19 -99.32 -93.94
C VAL A 744 -63.93 -100.13 -93.67
N GLU A 745 -63.76 -101.19 -94.45
CA GLU A 745 -62.66 -102.13 -94.28
C GLU A 745 -61.95 -102.30 -95.61
N MET A 746 -60.73 -102.84 -95.56
CA MET A 746 -59.87 -102.87 -96.73
C MET A 746 -60.43 -103.73 -97.86
N ALA A 747 -61.35 -104.67 -97.56
CA ALA A 747 -61.84 -105.57 -98.60
C ALA A 747 -62.69 -104.82 -99.63
N GLN A 748 -63.56 -103.91 -99.17
CA GLN A 748 -64.40 -103.10 -100.05
C GLN A 748 -64.16 -101.65 -99.69
N VAL A 749 -63.16 -101.04 -100.31
CA VAL A 749 -62.72 -99.68 -99.99
C VAL A 749 -63.29 -98.66 -100.96
N ASN A 750 -63.28 -98.97 -102.27
CA ASN A 750 -63.83 -98.10 -103.31
C ASN A 750 -63.19 -96.72 -103.25
N PHE A 751 -61.90 -96.69 -103.57
CA PHE A 751 -61.12 -95.47 -103.54
C PHE A 751 -61.60 -94.45 -104.58
N ARG A 752 -62.63 -94.81 -105.35
CA ARG A 752 -63.15 -93.93 -106.41
C ARG A 752 -64.64 -93.68 -106.26
N ASN A 753 -65.18 -93.73 -105.05
CA ASN A 753 -66.59 -93.42 -104.85
C ASN A 753 -66.83 -91.94 -105.09
N VAL A 754 -68.00 -91.64 -105.67
CA VAL A 754 -68.30 -90.26 -106.07
C VAL A 754 -69.60 -89.73 -105.47
N GLY A 755 -70.53 -90.58 -105.04
CA GLY A 755 -71.79 -90.11 -104.52
C GLY A 755 -71.69 -89.56 -103.11
N GLY A 756 -72.83 -89.20 -102.57
CA GLY A 756 -72.89 -88.65 -101.23
C GLY A 756 -73.02 -89.71 -100.15
N GLY A 757 -71.90 -90.09 -99.55
CA GLY A 757 -71.90 -91.04 -98.46
C GLY A 757 -70.71 -90.82 -97.54
N LEU A 758 -70.98 -90.64 -96.26
CA LEU A 758 -69.95 -90.29 -95.29
C LEU A 758 -69.74 -91.46 -94.33
N VAL A 759 -68.63 -91.39 -93.59
CA VAL A 759 -68.20 -92.50 -92.74
C VAL A 759 -68.12 -92.05 -91.29
N HIS A 760 -68.09 -93.03 -90.41
CA HIS A 760 -67.87 -92.82 -88.98
C HIS A 760 -66.65 -93.63 -88.58
N ASN A 761 -65.52 -92.95 -88.41
CA ASN A 761 -64.24 -93.58 -88.10
C ASN A 761 -64.33 -94.51 -86.90
N ARG A 762 -64.15 -95.82 -87.17
CA ARG A 762 -64.26 -96.88 -86.17
C ARG A 762 -65.53 -96.66 -85.37
N PRO A 763 -66.68 -97.05 -85.93
CA PRO A 763 -67.93 -96.31 -85.74
C PRO A 763 -68.15 -95.76 -84.34
N VAL A 764 -68.08 -96.63 -83.34
CA VAL A 764 -68.31 -96.24 -81.96
C VAL A 764 -67.21 -96.84 -81.11
N ARG A 765 -66.88 -96.15 -80.02
CA ARG A 765 -65.92 -96.69 -79.07
C ARG A 765 -66.39 -98.04 -78.53
N ASN A 766 -67.61 -98.11 -78.01
CA ASN A 766 -68.10 -99.31 -77.32
C ASN A 766 -69.34 -99.91 -77.96
N GLU A 767 -70.36 -99.09 -78.22
CA GLU A 767 -71.73 -99.58 -78.28
C GLU A 767 -72.00 -100.38 -79.54
N ASN A 768 -71.65 -99.81 -80.70
CA ASN A 768 -72.06 -100.35 -82.00
C ASN A 768 -73.58 -100.46 -82.08
N GLN A 769 -74.25 -99.36 -81.72
CA GLN A 769 -75.68 -99.19 -81.83
C GLN A 769 -76.00 -98.38 -83.08
N PRO A 770 -77.25 -98.44 -83.56
CA PRO A 770 -77.58 -97.73 -84.80
C PRO A 770 -77.60 -96.22 -84.69
N LEU A 771 -76.58 -95.57 -85.25
CA LEU A 771 -76.57 -94.14 -85.56
C LEU A 771 -76.88 -93.29 -84.32
N HIS A 772 -75.93 -93.29 -83.39
CA HIS A 772 -76.00 -92.34 -82.30
C HIS A 772 -74.71 -91.52 -82.24
N PRO A 773 -74.80 -90.22 -82.01
CA PRO A 773 -73.59 -89.39 -81.97
C PRO A 773 -72.74 -89.70 -80.74
N HIS A 774 -71.46 -89.99 -80.96
CA HIS A 774 -70.57 -90.43 -79.90
C HIS A 774 -69.83 -89.27 -79.26
N HIS A 775 -70.43 -88.08 -79.26
CA HIS A 775 -69.94 -86.91 -78.54
C HIS A 775 -71.13 -85.97 -78.35
N ASP A 776 -71.21 -85.30 -77.20
CA ASP A 776 -72.36 -84.45 -76.96
C ASP A 776 -72.33 -83.24 -77.90
N ALA A 777 -73.41 -82.46 -77.86
CA ALA A 777 -73.52 -81.30 -78.74
C ALA A 777 -72.46 -80.25 -78.43
N GLU A 778 -71.95 -80.24 -77.20
CA GLU A 778 -71.02 -79.23 -76.74
C GLU A 778 -69.59 -79.46 -77.23
N TRP A 779 -69.41 -80.30 -78.24
CA TRP A 779 -68.13 -80.57 -78.88
C TRP A 779 -67.92 -79.72 -80.13
N SER A 780 -68.95 -79.62 -80.98
CA SER A 780 -68.85 -78.81 -82.19
C SER A 780 -68.66 -77.34 -81.85
N VAL A 781 -69.22 -76.89 -80.73
CA VAL A 781 -69.06 -75.49 -80.33
C VAL A 781 -67.60 -75.19 -80.02
N LEU A 782 -66.95 -76.07 -79.24
CA LEU A 782 -65.52 -75.90 -79.00
C LEU A 782 -64.72 -76.02 -80.29
N SER A 783 -65.15 -76.90 -81.20
CA SER A 783 -64.47 -77.00 -82.49
C SER A 783 -64.52 -75.68 -83.25
N LYS A 784 -65.71 -75.08 -83.32
CA LYS A 784 -65.86 -73.81 -84.01
C LYS A 784 -65.06 -72.70 -83.33
N ILE A 785 -65.09 -72.67 -82.00
CA ILE A 785 -64.30 -71.69 -81.27
C ILE A 785 -62.83 -71.80 -81.65
N TYR A 786 -62.28 -73.01 -81.56
CA TYR A 786 -60.88 -73.22 -81.88
C TYR A 786 -60.56 -72.83 -83.31
N TYR A 787 -61.42 -73.21 -84.26
CA TYR A 787 -61.04 -73.04 -85.65
C TYR A 787 -61.34 -71.64 -86.18
N TYR A 788 -62.16 -70.85 -85.49
CA TYR A 788 -62.44 -69.51 -85.95
C TYR A 788 -61.77 -68.42 -85.12
N ALA A 789 -61.31 -68.73 -83.91
CA ALA A 789 -60.74 -67.70 -83.06
C ALA A 789 -59.24 -67.87 -82.82
N VAL A 790 -58.81 -69.03 -82.35
CA VAL A 790 -57.45 -69.16 -81.86
C VAL A 790 -56.46 -69.49 -82.98
N VAL A 791 -56.86 -70.21 -84.01
CA VAL A 791 -55.98 -70.55 -85.12
C VAL A 791 -55.60 -69.31 -85.91
N PRO A 792 -56.53 -68.43 -86.29
CA PRO A 792 -56.11 -67.19 -86.97
C PRO A 792 -55.36 -66.23 -86.07
N ALA A 793 -55.42 -66.41 -84.74
CA ALA A 793 -54.66 -65.55 -83.85
C ALA A 793 -53.17 -65.82 -83.95
N PHE A 794 -52.78 -67.08 -84.16
CA PHE A 794 -51.36 -67.41 -84.27
C PHE A 794 -50.91 -67.48 -85.72
N SER A 795 -51.74 -68.03 -86.60
CA SER A 795 -51.34 -68.22 -87.99
C SER A 795 -51.19 -66.89 -88.72
N ARG A 796 -52.18 -66.01 -88.58
CA ARG A 796 -52.22 -64.72 -89.27
C ARG A 796 -52.15 -64.91 -90.78
N GLY A 797 -53.11 -65.68 -91.29
CA GLY A 797 -53.28 -65.85 -92.73
C GLY A 797 -52.17 -66.60 -93.44
N ASN A 798 -51.87 -67.80 -92.98
CA ASN A 798 -50.95 -68.69 -93.68
C ASN A 798 -51.55 -70.04 -93.99
N CYS A 799 -52.38 -70.57 -93.10
CA CYS A 799 -52.93 -71.91 -93.27
C CYS A 799 -53.88 -71.95 -94.47
N CYS A 800 -53.92 -73.12 -95.10
CA CYS A 800 -54.81 -73.37 -96.23
C CYS A 800 -55.21 -74.84 -96.17
N THR A 801 -56.47 -75.10 -95.82
CA THR A 801 -56.96 -76.46 -95.72
C THR A 801 -56.72 -77.23 -97.01
N MET A 802 -56.44 -78.52 -96.87
CA MET A 802 -56.06 -79.37 -97.99
C MET A 802 -57.01 -80.55 -98.11
N GLY A 803 -57.14 -81.06 -99.34
CA GLY A 803 -57.89 -82.26 -99.60
C GLY A 803 -56.93 -83.42 -99.76
N VAL A 804 -57.04 -84.38 -98.84
CA VAL A 804 -56.11 -85.51 -98.80
C VAL A 804 -56.30 -86.37 -100.04
N ARG A 805 -55.20 -86.95 -100.52
CA ARG A 805 -55.21 -87.91 -101.62
C ARG A 805 -54.87 -89.27 -101.01
N TYR A 806 -55.91 -90.06 -100.75
CA TYR A 806 -55.76 -91.25 -99.92
C TYR A 806 -55.07 -92.41 -100.63
N ASP A 807 -55.29 -92.58 -101.94
CA ASP A 807 -54.74 -93.73 -102.64
C ASP A 807 -53.23 -93.83 -102.49
N ARG A 808 -52.57 -92.67 -102.34
CA ARG A 808 -51.12 -92.65 -102.15
C ARG A 808 -50.72 -93.01 -100.72
N VAL A 809 -51.35 -92.38 -99.73
CA VAL A 809 -50.86 -92.45 -98.36
C VAL A 809 -51.04 -93.85 -97.80
N TYR A 810 -52.17 -94.49 -98.09
CA TYR A 810 -52.40 -95.85 -97.60
C TYR A 810 -51.40 -96.82 -98.19
N GLN A 811 -51.21 -96.77 -99.51
CA GLN A 811 -50.21 -97.61 -100.15
C GLN A 811 -48.83 -97.37 -99.57
N LEU A 812 -48.52 -96.12 -99.18
CA LEU A 812 -47.22 -95.84 -98.61
C LEU A 812 -47.08 -96.44 -97.22
N VAL A 813 -48.01 -96.14 -96.32
CA VAL A 813 -47.84 -96.41 -94.89
C VAL A 813 -47.67 -97.89 -94.57
N GLN A 814 -48.08 -98.78 -95.45
CA GLN A 814 -47.94 -100.21 -95.19
C GLN A 814 -46.52 -100.71 -95.39
N THR A 815 -45.81 -100.18 -96.38
CA THR A 815 -44.50 -100.72 -96.77
C THR A 815 -43.47 -100.30 -95.72
N MET A 816 -43.38 -101.09 -94.67
CA MET A 816 -42.37 -100.92 -93.63
C MET A 816 -41.39 -102.07 -93.68
N VAL A 817 -40.19 -101.84 -93.13
CA VAL A 817 -39.17 -102.86 -92.99
C VAL A 817 -38.83 -102.96 -91.50
N VAL A 818 -39.27 -104.06 -90.88
CA VAL A 818 -38.92 -104.35 -89.48
C VAL A 818 -38.24 -105.71 -89.42
N PRO A 819 -36.98 -105.77 -89.01
CA PRO A 819 -36.27 -107.06 -88.99
C PRO A 819 -36.71 -107.93 -87.83
N GLU A 820 -36.61 -109.24 -88.04
CA GLU A 820 -37.11 -110.25 -87.10
C GLU A 820 -36.12 -110.36 -85.94
N THR A 821 -36.56 -109.93 -84.76
CA THR A 821 -35.75 -109.99 -83.55
C THR A 821 -36.66 -109.86 -82.34
N ASP A 822 -36.46 -110.73 -81.35
CA ASP A 822 -37.30 -110.73 -80.17
C ASP A 822 -37.09 -109.50 -79.30
N GLU A 823 -35.88 -109.34 -78.78
CA GLU A 823 -35.59 -108.31 -77.78
C GLU A 823 -34.94 -107.10 -78.45
N GLU A 824 -35.35 -105.91 -78.02
CA GLU A 824 -34.79 -104.68 -78.56
C GLU A 824 -33.32 -104.57 -78.20
N VAL A 825 -32.51 -104.21 -79.19
CA VAL A 825 -31.06 -104.10 -79.01
C VAL A 825 -30.60 -102.65 -78.90
N GLY A 826 -31.31 -101.71 -79.51
CA GLY A 826 -30.96 -100.30 -79.48
C GLY A 826 -30.88 -99.72 -80.87
N THR A 827 -30.40 -98.47 -80.93
CA THR A 827 -30.28 -97.74 -82.18
C THR A 827 -28.86 -97.84 -82.75
N ASP A 828 -28.13 -98.89 -82.39
CA ASP A 828 -26.81 -99.15 -82.93
C ASP A 828 -26.79 -100.37 -83.85
N ASP A 829 -27.33 -101.49 -83.40
CA ASP A 829 -27.31 -102.71 -84.19
C ASP A 829 -28.18 -102.55 -85.43
N PRO A 830 -27.68 -102.91 -86.62
CA PRO A 830 -28.51 -102.82 -87.84
C PRO A 830 -29.82 -103.60 -87.77
N ARG A 831 -29.99 -104.39 -86.71
CA ARG A 831 -31.30 -104.95 -86.40
C ARG A 831 -32.31 -103.88 -85.97
N HIS A 832 -31.90 -102.62 -85.96
CA HIS A 832 -32.77 -101.48 -85.68
C HIS A 832 -33.50 -101.05 -86.95
N PRO A 833 -34.75 -100.59 -86.82
CA PRO A 833 -35.50 -100.21 -88.02
C PRO A 833 -34.96 -98.97 -88.70
N LEU A 834 -34.26 -98.09 -87.98
CA LEU A 834 -33.77 -96.84 -88.54
C LEU A 834 -32.29 -96.85 -88.89
N HIS A 835 -31.59 -97.95 -88.66
CA HIS A 835 -30.18 -98.03 -89.01
C HIS A 835 -30.01 -97.91 -90.53
N PRO A 836 -28.94 -97.24 -90.98
CA PRO A 836 -28.80 -96.99 -92.43
C PRO A 836 -28.77 -98.25 -93.29
N ARG A 837 -28.45 -99.41 -92.73
CA ARG A 837 -28.32 -100.61 -93.54
C ARG A 837 -29.66 -101.02 -94.14
N ASN A 838 -30.72 -101.04 -93.33
CA ASN A 838 -32.03 -101.53 -93.76
C ASN A 838 -32.98 -100.41 -94.11
N LEU A 839 -32.45 -99.27 -94.57
CA LEU A 839 -33.29 -98.13 -94.96
C LEU A 839 -33.48 -98.20 -96.47
N VAL A 840 -34.37 -99.10 -96.88
CA VAL A 840 -34.65 -99.31 -98.30
C VAL A 840 -35.27 -98.05 -98.88
N PRO A 841 -34.99 -97.71 -100.14
CA PRO A 841 -35.52 -96.46 -100.70
C PRO A 841 -37.02 -96.50 -100.88
N ASN A 842 -37.64 -95.33 -100.76
CA ASN A 842 -39.07 -95.13 -101.02
C ASN A 842 -39.93 -96.01 -100.12
N SER A 843 -39.49 -96.24 -98.89
CA SER A 843 -40.27 -96.91 -97.86
C SER A 843 -40.90 -95.87 -96.94
N LEU A 844 -41.49 -96.33 -95.84
CA LEU A 844 -41.99 -95.40 -94.84
C LEU A 844 -40.91 -94.93 -93.89
N ASN A 845 -39.90 -95.79 -93.63
CA ASN A 845 -38.86 -95.44 -92.66
C ASN A 845 -38.05 -94.24 -93.09
N VAL A 846 -37.84 -94.07 -94.39
CA VAL A 846 -37.09 -92.91 -94.88
C VAL A 846 -37.77 -91.62 -94.46
N LEU A 847 -39.11 -91.62 -94.37
CA LEU A 847 -39.81 -90.43 -93.89
C LEU A 847 -39.47 -90.13 -92.44
N PHE A 848 -39.56 -91.14 -91.56
CA PHE A 848 -39.25 -90.94 -90.15
C PHE A 848 -37.80 -90.52 -89.95
N HIS A 849 -36.87 -91.03 -90.78
CA HIS A 849 -35.50 -90.56 -90.71
C HIS A 849 -35.34 -89.17 -91.31
N ASN A 850 -36.26 -88.74 -92.17
CA ASN A 850 -36.22 -87.40 -92.73
C ASN A 850 -36.66 -86.33 -91.73
N ALA A 851 -37.07 -86.71 -90.53
CA ALA A 851 -37.53 -85.77 -89.52
C ALA A 851 -36.78 -85.90 -88.21
N CYS A 852 -35.75 -86.76 -88.16
CA CYS A 852 -34.92 -86.95 -86.97
C CYS A 852 -35.77 -87.24 -85.74
N VAL A 853 -36.58 -88.29 -85.84
CA VAL A 853 -37.41 -88.72 -84.73
C VAL A 853 -36.93 -90.09 -84.27
N ALA A 854 -37.29 -90.45 -83.03
CA ALA A 854 -36.84 -91.70 -82.42
C ALA A 854 -38.07 -92.58 -82.14
N VAL A 855 -38.20 -93.66 -82.90
CA VAL A 855 -39.30 -94.60 -82.75
C VAL A 855 -38.71 -95.99 -82.53
N ASP A 856 -39.60 -96.93 -82.21
CA ASP A 856 -39.24 -98.33 -82.04
C ASP A 856 -40.03 -99.19 -83.01
N ALA A 857 -39.47 -100.37 -83.31
CA ALA A 857 -40.18 -101.34 -84.15
C ALA A 857 -41.52 -101.72 -83.53
N ASP A 858 -41.54 -101.85 -82.19
CA ASP A 858 -42.79 -102.10 -81.49
C ASP A 858 -43.81 -100.99 -81.71
N ALA A 859 -43.35 -99.75 -81.87
CA ALA A 859 -44.23 -98.61 -82.13
C ALA A 859 -44.68 -98.58 -83.58
N MET A 860 -43.77 -98.86 -84.52
CA MET A 860 -44.12 -98.81 -85.93
C MET A 860 -45.03 -99.97 -86.33
N LEU A 861 -44.91 -101.12 -85.66
CA LEU A 861 -45.80 -102.23 -85.97
C LEU A 861 -47.26 -101.88 -85.69
N ILE A 862 -47.50 -100.92 -84.80
CA ILE A 862 -48.86 -100.57 -84.39
C ILE A 862 -49.69 -100.05 -85.55
N LEU A 863 -49.07 -99.53 -86.62
CA LEU A 863 -49.82 -98.93 -87.69
C LEU A 863 -50.70 -99.93 -88.44
N GLN A 864 -50.48 -101.23 -88.25
CA GLN A 864 -51.30 -102.21 -88.94
C GLN A 864 -52.77 -102.14 -88.51
N GLU A 865 -53.05 -101.53 -87.36
CA GLU A 865 -54.42 -101.49 -86.86
C GLU A 865 -55.31 -100.54 -87.66
N THR A 866 -54.71 -99.61 -88.41
CA THR A 866 -55.51 -98.67 -89.18
C THR A 866 -56.28 -99.36 -90.30
N VAL A 867 -55.80 -100.53 -90.73
CA VAL A 867 -56.42 -101.20 -91.88
C VAL A 867 -57.86 -101.60 -91.58
N THR A 868 -58.12 -102.00 -90.34
CA THR A 868 -59.48 -102.42 -89.97
C THR A 868 -60.49 -101.29 -90.06
N ASN A 869 -60.04 -100.03 -90.07
CA ASN A 869 -60.92 -98.87 -90.13
C ASN A 869 -60.26 -97.83 -91.02
N MET A 870 -60.68 -97.77 -92.28
CA MET A 870 -60.07 -96.89 -93.26
C MET A 870 -60.80 -95.55 -93.30
N ALA A 871 -60.45 -94.73 -94.29
CA ALA A 871 -61.14 -93.48 -94.57
C ALA A 871 -61.16 -93.31 -96.09
N GLU A 872 -62.36 -93.19 -96.64
CA GLU A 872 -62.53 -93.34 -98.09
C GLU A 872 -61.97 -92.14 -98.86
N ARG A 873 -62.55 -90.97 -98.65
CA ARG A 873 -62.14 -89.77 -99.36
C ARG A 873 -62.70 -88.56 -98.61
N THR A 874 -62.09 -87.41 -98.87
CA THR A 874 -62.56 -86.14 -98.34
C THR A 874 -63.50 -85.47 -99.34
N THR A 875 -64.65 -84.99 -98.84
CA THR A 875 -65.73 -84.53 -99.68
C THR A 875 -66.15 -83.12 -99.25
N PRO A 876 -66.43 -82.23 -100.18
CA PRO A 876 -66.98 -80.91 -99.82
C PRO A 876 -68.42 -81.03 -99.35
N LEU A 877 -68.88 -79.97 -98.69
CA LEU A 877 -70.26 -79.87 -98.23
C LEU A 877 -70.78 -78.49 -98.56
N LEU A 878 -72.11 -78.35 -98.59
CA LEU A 878 -72.73 -77.06 -98.88
C LEU A 878 -73.95 -76.91 -97.96
N ALA A 879 -73.76 -76.23 -96.85
CA ALA A 879 -74.84 -75.98 -95.91
C ALA A 879 -75.64 -74.76 -96.33
N SER A 880 -76.82 -74.62 -95.74
CA SER A 880 -77.71 -73.50 -96.04
C SER A 880 -78.79 -73.45 -94.98
N VAL A 881 -78.96 -72.28 -94.35
CA VAL A 881 -79.96 -72.09 -93.31
C VAL A 881 -80.57 -70.70 -93.50
N ALA A 882 -81.88 -70.60 -93.36
CA ALA A 882 -82.55 -69.31 -93.37
C ALA A 882 -82.09 -68.50 -92.15
N PRO A 883 -82.19 -67.16 -92.22
CA PRO A 883 -81.85 -66.35 -91.06
C PRO A 883 -82.70 -66.74 -89.87
N ASP A 884 -82.12 -66.64 -88.67
CA ASP A 884 -82.74 -67.18 -87.48
C ASP A 884 -83.93 -66.31 -87.06
N ALA A 885 -84.50 -66.63 -85.90
CA ALA A 885 -85.62 -65.85 -85.37
C ALA A 885 -85.26 -64.41 -85.10
N GLY A 886 -83.97 -64.06 -85.06
CA GLY A 886 -83.57 -62.68 -84.95
C GLY A 886 -83.85 -61.89 -86.20
N MET A 887 -83.17 -62.24 -87.29
CA MET A 887 -83.49 -61.66 -88.61
C MET A 887 -84.60 -62.48 -89.28
N ALA A 888 -85.80 -62.43 -88.72
CA ALA A 888 -86.93 -63.25 -89.15
C ALA A 888 -88.06 -62.41 -89.73
N THR A 889 -87.72 -61.41 -90.53
CA THR A 889 -88.73 -60.57 -91.15
C THR A 889 -89.23 -61.22 -92.43
N VAL A 890 -90.51 -61.01 -92.74
CA VAL A 890 -91.11 -61.52 -93.96
C VAL A 890 -90.38 -61.06 -95.22
N ALA A 891 -89.63 -59.97 -95.14
CA ALA A 891 -88.87 -59.47 -96.29
C ALA A 891 -87.49 -60.10 -96.42
N THR A 892 -87.05 -60.87 -95.43
CA THR A 892 -85.75 -61.54 -95.48
C THR A 892 -85.92 -63.05 -95.33
N ARG A 893 -87.09 -63.58 -95.69
CA ARG A 893 -87.30 -65.02 -95.63
C ARG A 893 -86.35 -65.76 -96.55
N ASP A 894 -86.16 -65.27 -97.77
CA ASP A 894 -85.43 -65.99 -98.80
C ASP A 894 -83.96 -65.57 -98.87
N MET A 895 -83.44 -64.92 -97.84
CA MET A 895 -82.04 -64.53 -97.80
C MET A 895 -81.24 -65.56 -97.01
N ARG A 896 -81.13 -66.75 -97.59
CA ARG A 896 -80.39 -67.82 -96.96
C ARG A 896 -78.92 -67.77 -97.35
N THR A 897 -78.09 -68.44 -96.57
CA THR A 897 -76.65 -68.38 -96.72
C THR A 897 -76.13 -69.66 -97.38
N HIS A 898 -74.81 -69.66 -97.65
CA HIS A 898 -74.16 -70.76 -98.35
C HIS A 898 -72.70 -70.76 -97.89
N ASP A 899 -72.37 -71.67 -96.98
CA ASP A 899 -70.99 -71.81 -96.51
C ASP A 899 -70.53 -73.25 -96.74
N GLY A 900 -69.25 -73.42 -97.05
CA GLY A 900 -68.70 -74.72 -97.33
C GLY A 900 -68.01 -75.33 -96.12
N SER A 901 -67.50 -76.55 -96.33
CA SER A 901 -66.76 -77.29 -95.32
C SER A 901 -66.17 -78.54 -95.94
N LEU A 902 -65.26 -79.21 -95.22
CA LEU A 902 -64.66 -80.45 -95.68
C LEU A 902 -64.87 -81.54 -94.65
N HIS A 903 -65.01 -82.78 -95.13
CA HIS A 903 -65.13 -83.96 -94.30
C HIS A 903 -63.91 -84.82 -94.49
N HIS A 904 -63.24 -85.18 -93.39
CA HIS A 904 -61.96 -85.88 -93.42
C HIS A 904 -60.92 -85.15 -94.26
N GLY A 905 -60.94 -83.82 -94.20
CA GLY A 905 -59.91 -83.00 -94.83
C GLY A 905 -58.71 -82.85 -93.93
N LEU A 906 -58.05 -81.70 -94.05
CA LEU A 906 -56.87 -81.41 -93.24
C LEU A 906 -56.53 -79.94 -93.41
N LEU A 907 -56.05 -79.33 -92.34
CA LEU A 907 -55.57 -77.95 -92.36
C LEU A 907 -54.06 -77.98 -92.15
N MET A 908 -53.31 -77.96 -93.24
CA MET A 908 -51.86 -77.82 -93.14
C MET A 908 -51.52 -76.37 -92.81
N MET A 909 -50.42 -76.18 -92.09
CA MET A 909 -50.13 -74.91 -91.43
C MET A 909 -49.41 -73.93 -92.35
N ALA A 910 -48.22 -74.31 -92.82
CA ALA A 910 -47.42 -73.42 -93.65
C ALA A 910 -46.77 -74.24 -94.75
N TYR A 911 -46.69 -73.68 -95.95
CA TYR A 911 -46.19 -74.43 -97.09
C TYR A 911 -44.67 -74.54 -97.04
N GLN A 912 -44.15 -75.49 -97.83
CA GLN A 912 -42.72 -75.68 -98.02
C GLN A 912 -42.52 -76.00 -99.49
N PRO A 913 -42.50 -74.99 -100.36
CA PRO A 913 -42.32 -75.23 -101.79
C PRO A 913 -40.87 -75.53 -102.15
N ASN A 914 -39.95 -75.01 -101.34
CA ASN A 914 -38.53 -75.13 -101.62
C ASN A 914 -38.02 -76.56 -101.57
N ASP A 915 -38.63 -77.43 -100.77
CA ASP A 915 -38.09 -78.76 -100.52
C ASP A 915 -37.95 -79.55 -101.82
N ALA A 916 -36.99 -80.49 -101.81
CA ALA A 916 -36.75 -81.33 -102.97
C ALA A 916 -36.72 -82.82 -102.64
N THR A 917 -36.95 -83.21 -101.39
CA THR A 917 -36.98 -84.63 -101.03
C THR A 917 -38.33 -85.26 -101.27
N LEU A 918 -39.24 -84.56 -101.94
CA LEU A 918 -40.61 -85.03 -102.12
C LEU A 918 -41.25 -84.32 -103.31
N LEU A 919 -42.14 -85.03 -104.00
CA LEU A 919 -42.90 -84.41 -105.07
C LEU A 919 -43.84 -83.34 -104.50
N GLU A 920 -44.22 -82.39 -105.35
CA GLU A 920 -44.97 -81.22 -104.90
C GLU A 920 -46.35 -81.61 -104.42
N GLY A 921 -47.17 -82.16 -105.32
CA GLY A 921 -48.46 -82.69 -104.93
C GLY A 921 -48.38 -84.13 -104.46
N ALA A 922 -47.50 -84.41 -103.50
CA ALA A 922 -47.26 -85.78 -103.08
C ALA A 922 -48.51 -86.38 -102.43
N PHE A 923 -49.11 -85.68 -101.47
CA PHE A 923 -50.23 -86.22 -100.71
C PHE A 923 -51.44 -85.31 -100.63
N PHE A 924 -51.31 -84.01 -100.89
CA PHE A 924 -52.39 -83.06 -100.65
C PHE A 924 -52.47 -82.05 -101.78
N TYR A 925 -53.68 -81.55 -102.01
CA TYR A 925 -53.96 -80.50 -102.98
C TYR A 925 -54.79 -79.40 -102.32
N PRO A 926 -54.70 -78.16 -102.79
CA PRO A 926 -55.41 -77.06 -102.12
C PRO A 926 -56.89 -77.07 -102.42
N ALA A 927 -57.66 -76.66 -101.40
CA ALA A 927 -59.11 -76.53 -101.51
C ALA A 927 -59.65 -75.65 -100.38
N PRO A 928 -59.42 -74.34 -100.43
CA PRO A 928 -59.86 -73.48 -99.34
C PRO A 928 -61.37 -73.48 -99.18
N VAL A 929 -61.81 -73.16 -97.96
CA VAL A 929 -63.22 -73.18 -97.61
C VAL A 929 -63.74 -71.77 -97.32
N ASN A 930 -62.87 -70.86 -96.91
CA ASN A 930 -63.28 -69.56 -96.41
C ASN A 930 -62.12 -68.59 -96.53
N ALA A 931 -62.46 -67.30 -96.59
CA ALA A 931 -61.47 -66.27 -96.83
C ALA A 931 -60.33 -66.28 -95.81
N LEU A 932 -60.56 -66.81 -94.61
CA LEU A 932 -59.47 -66.94 -93.65
C LEU A 932 -58.51 -68.05 -94.07
N PHE A 933 -59.03 -69.26 -94.29
CA PHE A 933 -58.20 -70.41 -94.63
C PHE A 933 -57.95 -70.47 -96.13
N ALA A 934 -57.38 -69.39 -96.65
CA ALA A 934 -57.03 -69.32 -98.07
C ALA A 934 -55.78 -68.44 -98.18
N CYS A 935 -54.62 -69.09 -98.18
CA CYS A 935 -53.39 -68.39 -98.51
C CYS A 935 -53.21 -68.37 -100.02
N ALA A 936 -52.06 -67.87 -100.47
CA ALA A 936 -51.81 -67.80 -101.90
C ALA A 936 -50.78 -68.82 -102.37
N ASP A 937 -49.59 -68.82 -101.78
CA ASP A 937 -48.50 -69.68 -102.22
C ASP A 937 -48.80 -71.16 -102.05
N HIS A 938 -49.81 -71.50 -101.24
CA HIS A 938 -50.28 -72.89 -101.16
C HIS A 938 -50.84 -73.39 -102.47
N LEU A 939 -51.20 -72.48 -103.39
CA LEU A 939 -51.74 -72.88 -104.69
C LEU A 939 -50.70 -73.55 -105.58
N GLY A 940 -49.47 -73.75 -105.10
CA GLY A 940 -48.47 -74.44 -105.90
C GLY A 940 -48.64 -75.95 -105.86
N ALA A 941 -49.04 -76.49 -104.71
CA ALA A 941 -49.17 -77.93 -104.56
C ALA A 941 -50.18 -78.53 -105.51
N MET A 942 -51.10 -77.72 -106.04
CA MET A 942 -51.98 -78.13 -107.12
C MET A 942 -51.15 -78.46 -108.36
N ARG A 943 -51.20 -79.71 -108.82
CA ARG A 943 -50.35 -80.09 -109.94
C ARG A 943 -50.67 -79.28 -111.18
N ASP A 944 -49.63 -78.79 -111.85
CA ASP A 944 -49.74 -77.94 -113.03
C ASP A 944 -50.52 -76.66 -112.72
N VAL A 945 -49.91 -75.80 -111.91
CA VAL A 945 -50.48 -74.49 -111.64
C VAL A 945 -50.46 -73.64 -112.90
N GLY A 946 -51.49 -72.82 -113.08
CA GLY A 946 -51.45 -71.85 -114.14
C GLY A 946 -50.53 -70.69 -113.81
N ALA A 947 -49.84 -70.18 -114.83
CA ALA A 947 -48.92 -69.08 -114.62
C ALA A 947 -49.65 -67.80 -114.25
N GLU A 948 -50.79 -67.54 -114.90
CA GLU A 948 -51.50 -66.28 -114.67
C GLU A 948 -52.13 -66.24 -113.29
N VAL A 949 -52.70 -67.36 -112.83
CA VAL A 949 -53.55 -67.34 -111.64
C VAL A 949 -52.76 -66.95 -110.40
N ARG A 950 -51.54 -67.48 -110.24
CA ARG A 950 -50.74 -67.16 -109.07
C ARG A 950 -50.52 -65.65 -108.94
N ALA A 951 -50.26 -64.97 -110.06
CA ALA A 951 -50.08 -63.53 -110.06
C ALA A 951 -51.35 -62.79 -109.67
N ALA A 952 -52.51 -63.42 -109.76
CA ALA A 952 -53.79 -62.81 -109.37
C ALA A 952 -54.39 -63.51 -108.16
N ALA A 953 -53.59 -64.31 -107.46
CA ALA A 953 -54.07 -65.05 -106.30
C ALA A 953 -53.53 -64.53 -104.98
N GLN A 954 -52.45 -63.77 -104.98
CA GLN A 954 -51.93 -63.18 -103.74
C GLN A 954 -52.71 -61.95 -103.31
N HIS A 955 -53.49 -61.35 -104.21
CA HIS A 955 -54.24 -60.14 -103.91
C HIS A 955 -55.70 -60.38 -103.58
N VAL A 956 -56.26 -61.52 -103.98
CA VAL A 956 -57.65 -61.87 -103.70
C VAL A 956 -57.67 -63.28 -103.12
N PRO A 957 -58.54 -63.56 -102.15
CA PRO A 957 -58.76 -64.96 -101.72
C PRO A 957 -59.21 -65.81 -102.89
N CYS A 958 -59.11 -67.13 -102.70
CA CYS A 958 -59.21 -68.08 -103.80
C CYS A 958 -60.25 -69.15 -103.50
N VAL A 959 -61.40 -68.74 -102.96
CA VAL A 959 -62.44 -69.71 -102.64
C VAL A 959 -63.15 -70.14 -103.92
N PRO A 960 -63.21 -71.43 -104.24
CA PRO A 960 -63.95 -71.87 -105.43
C PRO A 960 -65.44 -71.64 -105.26
N HIS A 961 -66.11 -71.43 -106.40
CA HIS A 961 -67.51 -71.00 -106.42
C HIS A 961 -68.48 -72.17 -106.23
N PHE A 962 -67.99 -73.32 -105.76
CA PHE A 962 -68.87 -74.40 -105.30
C PHE A 962 -68.75 -74.60 -103.79
N LEU A 963 -68.07 -73.68 -103.10
CA LEU A 963 -67.93 -73.72 -101.65
C LEU A 963 -68.39 -72.43 -100.99
N GLY A 964 -69.24 -71.65 -101.68
CA GLY A 964 -69.80 -70.46 -101.09
C GLY A 964 -68.98 -69.21 -101.36
N ALA A 965 -69.56 -68.25 -102.05
CA ALA A 965 -68.88 -66.99 -102.31
C ALA A 965 -68.85 -66.15 -101.04
N ASN A 966 -68.19 -65.01 -101.10
CA ASN A 966 -67.94 -64.21 -99.91
C ASN A 966 -69.16 -63.39 -99.51
N TYR A 967 -70.19 -63.32 -100.36
CA TYR A 967 -71.40 -62.59 -100.05
C TYR A 967 -72.52 -63.47 -99.50
N TYR A 968 -72.54 -64.75 -99.85
CA TYR A 968 -73.53 -65.69 -99.31
C TYR A 968 -73.00 -66.45 -98.10
N ALA A 969 -71.83 -66.09 -97.60
CA ALA A 969 -71.25 -66.80 -96.48
C ALA A 969 -71.74 -66.19 -95.17
N THR A 970 -71.38 -66.83 -94.06
CA THR A 970 -71.64 -66.32 -92.73
C THR A 970 -70.37 -65.80 -92.08
N VAL A 971 -69.25 -65.86 -92.80
CA VAL A 971 -67.98 -65.29 -92.34
C VAL A 971 -67.42 -64.53 -93.55
N ARG A 972 -67.64 -63.22 -93.57
CA ARG A 972 -67.34 -62.39 -94.73
C ARG A 972 -65.85 -62.11 -94.81
N GLN A 973 -65.47 -61.22 -95.75
CA GLN A 973 -64.05 -60.93 -95.97
C GLN A 973 -63.44 -60.08 -94.87
N PRO A 974 -64.05 -58.98 -94.41
CA PRO A 974 -63.34 -58.08 -93.46
C PRO A 974 -62.80 -58.78 -92.22
N VAL A 975 -63.50 -59.79 -91.68
CA VAL A 975 -62.99 -60.49 -90.52
C VAL A 975 -61.71 -61.26 -90.83
N ALA A 976 -61.57 -61.75 -92.07
CA ALA A 976 -60.33 -62.40 -92.46
C ALA A 976 -59.19 -61.40 -92.60
N GLN A 977 -59.46 -60.23 -93.16
CA GLN A 977 -58.44 -59.19 -93.31
C GLN A 977 -58.04 -58.60 -91.96
N HIS A 978 -58.95 -58.61 -90.98
CA HIS A 978 -58.66 -57.99 -89.69
C HIS A 978 -57.57 -58.75 -88.95
N ALA A 979 -57.58 -60.08 -89.01
CA ALA A 979 -56.58 -60.88 -88.32
C ALA A 979 -55.31 -61.05 -89.13
N ALA A 980 -55.23 -60.48 -90.34
CA ALA A 980 -54.04 -60.59 -91.17
C ALA A 980 -53.17 -59.35 -91.16
N GLN A 981 -53.66 -58.21 -90.69
CA GLN A 981 -52.89 -56.97 -90.64
C GLN A 981 -53.10 -56.25 -89.32
N SER A 982 -53.28 -57.00 -88.24
CA SER A 982 -53.46 -56.44 -86.90
C SER A 982 -52.20 -56.58 -86.06
N ARG A 983 -51.44 -55.49 -85.94
CA ARG A 983 -50.22 -55.51 -85.12
C ARG A 983 -50.27 -55.43 -83.54
N ALA A 984 -51.04 -56.41 -83.04
CA ALA A 984 -51.35 -56.44 -81.60
C ALA A 984 -51.57 -57.78 -80.88
N ASP A 985 -50.52 -58.26 -80.23
CA ASP A 985 -50.62 -59.12 -79.04
C ASP A 985 -51.65 -60.25 -79.22
N GLU A 986 -51.29 -61.20 -80.08
CA GLU A 986 -52.18 -62.31 -80.43
C GLU A 986 -52.96 -62.87 -79.25
N ASN A 987 -52.38 -62.82 -78.05
CA ASN A 987 -53.13 -63.17 -76.84
C ASN A 987 -54.41 -62.35 -76.71
N THR A 988 -54.37 -61.07 -77.08
CA THR A 988 -55.59 -60.27 -77.08
C THR A 988 -56.28 -60.28 -78.44
N LEU A 989 -55.56 -60.67 -79.50
CA LEU A 989 -56.19 -60.81 -80.80
C LEU A 989 -57.20 -61.96 -80.80
N SER A 990 -56.94 -63.00 -80.00
CA SER A 990 -57.93 -64.06 -79.84
C SER A 990 -59.23 -63.51 -79.28
N TYR A 991 -59.16 -62.76 -78.18
CA TYR A 991 -60.36 -62.17 -77.60
C TYR A 991 -61.03 -61.19 -78.55
N ALA A 992 -60.23 -60.43 -79.30
CA ALA A 992 -60.81 -59.49 -80.26
C ALA A 992 -61.61 -60.21 -81.34
N LEU A 993 -61.02 -61.26 -81.92
CA LEU A 993 -61.74 -62.08 -82.89
C LEU A 993 -63.01 -62.66 -82.29
N MET A 994 -62.92 -63.23 -81.09
CA MET A 994 -64.10 -63.85 -80.48
C MET A 994 -65.19 -62.82 -80.25
N ALA A 995 -64.83 -61.65 -79.74
CA ALA A 995 -65.79 -60.58 -79.55
C ALA A 995 -66.41 -60.12 -80.85
N GLY A 996 -65.67 -60.17 -81.95
CA GLY A 996 -66.25 -59.85 -83.23
C GLY A 996 -67.08 -60.98 -83.79
N TYR A 997 -67.89 -61.64 -82.95
CA TYR A 997 -68.73 -62.74 -83.40
C TYR A 997 -70.10 -62.70 -82.76
N PHE A 998 -70.56 -61.52 -82.33
CA PHE A 998 -71.89 -61.35 -81.77
C PHE A 998 -72.84 -60.92 -82.87
N LYS A 999 -73.95 -61.64 -83.02
CA LYS A 999 -74.91 -61.32 -84.06
C LYS A 999 -75.46 -59.91 -83.90
N MET A 1000 -75.96 -59.36 -85.01
CA MET A 1000 -76.48 -58.00 -85.08
C MET A 1000 -77.99 -58.10 -85.30
N SER A 1001 -78.74 -58.19 -84.20
CA SER A 1001 -80.17 -58.40 -84.29
C SER A 1001 -80.79 -57.77 -83.05
N PRO A 1002 -82.06 -57.36 -83.10
CA PRO A 1002 -82.72 -56.85 -81.90
C PRO A 1002 -82.71 -57.88 -80.78
N VAL A 1003 -82.90 -59.15 -81.14
CA VAL A 1003 -82.85 -60.23 -80.16
C VAL A 1003 -81.48 -60.37 -79.52
N ALA A 1004 -80.42 -59.99 -80.23
CA ALA A 1004 -79.08 -59.99 -79.65
C ALA A 1004 -78.74 -58.65 -79.02
N PHE A 1005 -79.34 -57.56 -79.49
CA PHE A 1005 -79.07 -56.25 -78.91
C PHE A 1005 -79.69 -56.14 -77.52
N THR A 1006 -80.88 -56.71 -77.34
CA THR A 1006 -81.51 -56.68 -76.01
C THR A 1006 -80.64 -57.37 -74.96
N HIS A 1007 -79.71 -58.22 -75.37
CA HIS A 1007 -78.71 -58.80 -74.48
C HIS A 1007 -77.46 -57.93 -74.38
N GLN A 1008 -76.88 -57.58 -75.53
CA GLN A 1008 -75.57 -56.91 -75.53
C GLN A 1008 -75.66 -55.51 -74.92
N LEU A 1009 -76.62 -54.71 -75.37
CA LEU A 1009 -76.73 -53.34 -74.85
C LEU A 1009 -76.95 -53.33 -73.35
N ARG A 1010 -77.62 -54.34 -72.81
CA ARG A 1010 -77.79 -54.44 -71.36
C ARG A 1010 -76.52 -54.91 -70.65
N ARG A 1011 -75.79 -55.84 -71.25
CA ARG A 1011 -74.60 -56.39 -70.63
C ARG A 1011 -73.37 -55.49 -70.80
N GLN A 1012 -73.56 -54.29 -71.36
CA GLN A 1012 -72.52 -53.26 -71.44
C GLN A 1012 -71.37 -53.68 -72.35
N LEU A 1013 -71.71 -54.38 -73.43
CA LEU A 1013 -70.78 -54.57 -74.52
C LEU A 1013 -71.00 -53.45 -75.53
N HIS A 1014 -69.92 -53.02 -76.18
CA HIS A 1014 -70.00 -51.95 -77.15
C HIS A 1014 -69.99 -52.53 -78.56
N PRO A 1015 -71.12 -52.57 -79.25
CA PRO A 1015 -71.11 -53.02 -80.65
C PRO A 1015 -70.37 -52.04 -81.55
N GLY A 1016 -70.27 -52.36 -82.84
CA GLY A 1016 -69.50 -51.54 -83.75
C GLY A 1016 -70.20 -50.28 -84.21
N PHE A 1017 -71.03 -49.70 -83.34
CA PHE A 1017 -71.80 -48.52 -83.68
C PHE A 1017 -71.25 -47.27 -82.97
N ALA A 1018 -71.90 -46.15 -83.26
CA ALA A 1018 -71.70 -44.92 -82.50
C ALA A 1018 -72.95 -44.08 -82.72
N LEU A 1019 -73.82 -44.02 -81.71
CA LEU A 1019 -75.08 -43.33 -81.88
C LEU A 1019 -74.89 -41.82 -81.79
N THR A 1020 -75.92 -41.09 -82.21
CA THR A 1020 -75.91 -39.63 -82.20
C THR A 1020 -77.20 -39.13 -81.57
N VAL A 1021 -77.06 -38.47 -80.43
CA VAL A 1021 -78.20 -37.97 -79.67
C VAL A 1021 -78.62 -36.61 -80.24
N VAL A 1022 -79.93 -36.40 -80.35
CA VAL A 1022 -80.48 -35.12 -80.76
C VAL A 1022 -81.74 -34.86 -79.95
N ARG A 1023 -81.96 -33.60 -79.59
CA ARG A 1023 -83.13 -33.24 -78.80
C ARG A 1023 -83.35 -31.74 -78.94
N GLN A 1024 -84.61 -31.34 -78.81
CA GLN A 1024 -85.02 -29.95 -79.02
C GLN A 1024 -85.54 -29.36 -77.72
N ASP A 1025 -85.07 -28.16 -77.40
CA ASP A 1025 -85.42 -27.48 -76.16
C ASP A 1025 -86.05 -26.13 -76.46
N ARG A 1026 -86.87 -25.65 -75.52
CA ARG A 1026 -87.63 -24.43 -75.68
C ARG A 1026 -87.36 -23.52 -74.49
N PHE A 1027 -87.01 -22.26 -74.76
CA PHE A 1027 -86.64 -21.31 -73.73
C PHE A 1027 -87.50 -20.06 -73.86
N ALA A 1028 -88.05 -19.60 -72.74
CA ALA A 1028 -88.88 -18.41 -72.71
C ALA A 1028 -88.02 -17.19 -72.43
N THR A 1029 -88.15 -16.18 -73.29
CA THR A 1029 -87.33 -14.97 -73.22
C THR A 1029 -88.20 -13.76 -72.96
N GLU A 1030 -87.56 -12.60 -72.87
CA GLU A 1030 -88.23 -11.32 -72.69
C GLU A 1030 -87.72 -10.37 -73.77
N ASN A 1031 -88.55 -10.10 -74.77
CA ASN A 1031 -88.13 -9.37 -75.95
C ASN A 1031 -88.31 -7.86 -75.76
N VAL A 1032 -87.79 -7.10 -76.73
CA VAL A 1032 -87.98 -5.65 -76.80
C VAL A 1032 -88.39 -5.31 -78.22
N LEU A 1033 -89.68 -5.04 -78.41
CA LEU A 1033 -90.21 -4.83 -79.76
C LEU A 1033 -90.31 -3.34 -80.07
N PHE A 1034 -90.19 -3.01 -81.34
CA PHE A 1034 -90.19 -1.64 -81.81
C PHE A 1034 -90.97 -1.55 -83.12
N ALA A 1035 -91.90 -0.60 -83.18
CA ALA A 1035 -92.70 -0.32 -84.36
C ALA A 1035 -92.37 1.09 -84.84
N GLU A 1036 -93.12 1.56 -85.83
CA GLU A 1036 -92.83 2.85 -86.46
C GLU A 1036 -94.07 3.74 -86.49
N LYS A 1037 -93.95 4.84 -87.24
CA LYS A 1037 -94.94 5.91 -87.20
C LYS A 1037 -96.30 5.43 -87.68
N ALA A 1038 -96.34 4.68 -88.77
CA ALA A 1038 -97.58 4.01 -89.18
C ALA A 1038 -97.17 2.73 -89.91
N SER A 1039 -97.08 1.64 -89.17
CA SER A 1039 -96.60 0.38 -89.71
C SER A 1039 -97.72 -0.55 -90.16
N GLU A 1040 -98.96 -0.24 -89.83
CA GLU A 1040 -100.06 -1.13 -90.16
C GLU A 1040 -101.28 -0.29 -90.54
N SER A 1041 -101.96 -0.71 -91.59
CA SER A 1041 -103.28 -0.18 -91.93
C SER A 1041 -104.31 -1.06 -91.23
N TYR A 1042 -105.22 -0.43 -90.50
CA TYR A 1042 -106.13 -1.14 -89.60
C TYR A 1042 -107.56 -0.72 -89.87
N PHE A 1043 -108.45 -1.71 -89.98
CA PHE A 1043 -109.86 -1.49 -90.28
C PHE A 1043 -110.73 -2.19 -89.26
N MET A 1044 -111.56 -1.43 -88.56
CA MET A 1044 -112.53 -1.97 -87.61
C MET A 1044 -113.90 -1.96 -88.27
N GLY A 1045 -114.56 -3.12 -88.28
CA GLY A 1045 -115.89 -3.21 -88.83
C GLY A 1045 -116.95 -2.76 -87.85
N GLN A 1046 -118.22 -2.98 -88.18
CA GLN A 1046 -119.33 -2.64 -87.31
C GLN A 1046 -119.70 -3.85 -86.47
N MET A 1047 -120.13 -3.59 -85.24
CA MET A 1047 -120.45 -4.67 -84.33
C MET A 1047 -121.62 -5.49 -84.86
N GLN A 1048 -121.71 -6.74 -84.42
CA GLN A 1048 -122.77 -7.63 -84.89
C GLN A 1048 -123.20 -8.52 -83.74
N VAL A 1049 -124.36 -8.24 -83.17
CA VAL A 1049 -124.92 -9.02 -82.07
C VAL A 1049 -125.62 -10.24 -82.68
N ALA A 1050 -125.43 -11.39 -82.05
CA ALA A 1050 -126.04 -12.65 -82.48
C ALA A 1050 -126.56 -13.37 -81.25
N ARG A 1051 -127.84 -13.16 -80.94
CA ARG A 1051 -128.45 -13.76 -79.76
C ARG A 1051 -128.93 -15.16 -80.07
N THR A 1052 -128.58 -16.11 -79.21
CA THR A 1052 -129.11 -17.48 -79.27
C THR A 1052 -129.59 -17.88 -77.89
N GLU A 1053 -130.77 -18.49 -77.83
CA GLU A 1053 -131.30 -18.97 -76.57
C GLU A 1053 -130.67 -20.31 -76.20
N SER A 1054 -130.51 -20.54 -74.90
CA SER A 1054 -129.92 -21.78 -74.43
C SER A 1054 -130.19 -21.92 -72.93
N GLY A 1055 -130.69 -23.08 -72.53
CA GLY A 1055 -130.98 -23.33 -71.14
C GLY A 1055 -131.93 -22.34 -70.49
N GLY A 1056 -132.90 -21.84 -71.25
CA GLY A 1056 -133.87 -20.90 -70.72
C GLY A 1056 -133.40 -19.46 -70.67
N GLY A 1057 -132.11 -19.26 -70.44
CA GLY A 1057 -131.56 -17.91 -70.35
C GLY A 1057 -130.94 -17.49 -71.67
N LEU A 1058 -131.06 -16.19 -71.98
CA LEU A 1058 -130.40 -15.66 -73.16
C LEU A 1058 -128.88 -15.82 -73.03
N HIS A 1059 -128.25 -16.15 -74.15
CA HIS A 1059 -126.80 -16.26 -74.25
C HIS A 1059 -126.39 -15.35 -75.39
N LEU A 1060 -126.23 -14.06 -75.09
CA LEU A 1060 -125.86 -13.10 -76.11
C LEU A 1060 -124.41 -13.32 -76.53
N GLN A 1061 -124.05 -12.71 -77.66
CA GLN A 1061 -122.71 -12.87 -78.20
C GLN A 1061 -122.41 -11.70 -79.10
N LEU A 1062 -121.40 -10.91 -78.74
CA LEU A 1062 -120.93 -9.84 -79.60
C LEU A 1062 -119.82 -10.36 -80.52
N THR A 1063 -119.69 -9.72 -81.68
CA THR A 1063 -118.72 -10.13 -82.68
C THR A 1063 -118.47 -8.96 -83.61
N GLN A 1064 -117.20 -8.67 -83.87
CA GLN A 1064 -116.83 -7.55 -84.72
C GLN A 1064 -115.76 -8.03 -85.71
N PRO A 1065 -115.98 -7.86 -87.00
CA PRO A 1065 -114.94 -8.24 -87.97
C PRO A 1065 -113.93 -7.13 -88.16
N ARG A 1066 -112.65 -7.46 -88.14
CA ARG A 1066 -111.60 -6.47 -88.34
C ARG A 1066 -110.52 -7.06 -89.25
N ALA A 1067 -109.92 -6.18 -90.05
CA ALA A 1067 -108.95 -6.59 -91.03
C ALA A 1067 -107.83 -5.56 -91.05
N ASN A 1068 -106.61 -6.02 -91.28
CA ASN A 1068 -105.45 -5.14 -91.32
C ASN A 1068 -104.54 -5.52 -92.47
N VAL A 1069 -103.49 -4.73 -92.65
CA VAL A 1069 -102.46 -4.99 -93.65
C VAL A 1069 -101.26 -4.11 -93.33
N ASP A 1070 -100.07 -4.63 -93.60
CA ASP A 1070 -98.89 -3.78 -93.57
C ASP A 1070 -98.89 -2.83 -94.76
N LEU A 1071 -98.33 -1.64 -94.55
CA LEU A 1071 -98.31 -0.62 -95.60
C LEU A 1071 -96.91 -0.02 -95.73
N GLY A 1072 -95.90 -0.72 -95.22
CA GLY A 1072 -94.54 -0.24 -95.33
C GLY A 1072 -93.65 -1.20 -96.09
N VAL A 1073 -93.20 -0.78 -97.27
CA VAL A 1073 -92.25 -1.59 -98.03
C VAL A 1073 -90.98 -1.70 -97.21
N GLY A 1074 -90.30 -2.84 -97.35
CA GLY A 1074 -89.22 -3.16 -96.43
C GLY A 1074 -89.78 -3.59 -95.10
N PHE A 1075 -88.92 -3.58 -94.09
CA PHE A 1075 -89.29 -4.03 -92.76
C PHE A 1075 -89.57 -2.85 -91.85
N THR A 1076 -90.53 -3.04 -90.94
CA THR A 1076 -91.00 -1.94 -90.10
C THR A 1076 -91.18 -2.35 -88.64
N ALA A 1077 -90.57 -3.45 -88.22
CA ALA A 1077 -90.69 -3.91 -86.84
C ALA A 1077 -89.59 -4.94 -86.58
N ALA A 1078 -89.08 -4.95 -85.35
CA ALA A 1078 -88.03 -5.89 -84.98
C ALA A 1078 -87.95 -5.96 -83.46
N TYR A 1079 -87.66 -7.15 -82.96
CA TYR A 1079 -87.44 -7.36 -81.53
C TYR A 1079 -85.96 -7.67 -81.31
N ALA A 1080 -85.58 -7.83 -80.04
CA ALA A 1080 -84.19 -8.01 -79.68
C ALA A 1080 -83.92 -9.14 -78.70
N ALA A 1081 -84.92 -9.63 -77.96
CA ALA A 1081 -84.76 -10.74 -77.03
C ALA A 1081 -83.69 -10.44 -75.97
N ALA A 1082 -84.01 -9.43 -75.15
CA ALA A 1082 -83.06 -8.93 -74.16
C ALA A 1082 -82.79 -9.93 -73.05
N ALA A 1083 -83.81 -10.29 -72.28
CA ALA A 1083 -83.61 -11.10 -71.09
C ALA A 1083 -83.77 -12.58 -71.43
N LEU A 1084 -83.81 -13.43 -70.40
CA LEU A 1084 -83.97 -14.86 -70.59
C LEU A 1084 -84.64 -15.42 -69.35
N ARG A 1085 -85.91 -15.77 -69.45
CA ARG A 1085 -86.59 -16.42 -68.34
C ARG A 1085 -86.15 -17.88 -68.23
N ALA A 1086 -86.77 -18.59 -67.30
CA ALA A 1086 -86.42 -19.98 -67.08
C ALA A 1086 -86.73 -20.82 -68.30
N PRO A 1087 -85.92 -21.84 -68.58
CA PRO A 1087 -86.25 -22.78 -69.66
C PRO A 1087 -87.57 -23.48 -69.38
N VAL A 1088 -88.48 -23.41 -70.34
CA VAL A 1088 -89.82 -23.91 -70.11
C VAL A 1088 -89.85 -25.44 -70.19
N THR A 1089 -88.87 -26.04 -70.84
CA THR A 1089 -88.81 -27.49 -70.97
C THR A 1089 -87.75 -28.07 -70.04
N ASP A 1090 -87.96 -29.32 -69.64
CA ASP A 1090 -86.89 -30.10 -69.06
C ASP A 1090 -85.80 -30.32 -70.09
N MET A 1091 -84.61 -30.68 -69.62
CA MET A 1091 -83.49 -30.99 -70.50
C MET A 1091 -82.90 -32.35 -70.21
N GLY A 1092 -83.64 -33.23 -69.54
CA GLY A 1092 -83.20 -34.58 -69.27
C GLY A 1092 -83.23 -35.44 -70.51
N ASN A 1093 -83.36 -36.74 -70.30
CA ASN A 1093 -83.39 -37.70 -71.40
C ASN A 1093 -84.67 -38.52 -71.34
N LEU A 1094 -85.12 -38.93 -72.52
CA LEU A 1094 -86.33 -39.73 -72.66
C LEU A 1094 -86.23 -40.53 -73.95
N PRO A 1095 -85.76 -41.77 -73.89
CA PRO A 1095 -85.60 -42.57 -75.11
C PRO A 1095 -86.95 -42.79 -75.80
N GLN A 1096 -86.97 -42.59 -77.11
CA GLN A 1096 -88.22 -42.73 -77.84
C GLN A 1096 -88.54 -44.20 -78.09
N ASN A 1097 -89.69 -44.63 -77.61
CA ASN A 1097 -90.17 -45.99 -77.88
C ASN A 1097 -90.63 -46.05 -79.33
N LEU A 1098 -89.92 -46.82 -80.15
CA LEU A 1098 -90.44 -46.96 -81.51
C LEU A 1098 -91.58 -47.92 -81.59
N PHE A 1099 -92.09 -48.39 -80.45
CA PHE A 1099 -93.24 -49.27 -80.42
C PHE A 1099 -94.57 -48.50 -80.35
N ALA A 1100 -94.51 -47.18 -80.39
CA ALA A 1100 -95.71 -46.36 -80.53
C ALA A 1100 -96.03 -46.07 -81.99
N THR A 1101 -95.15 -46.40 -82.91
CA THR A 1101 -95.34 -46.17 -84.33
C THR A 1101 -95.89 -47.44 -84.98
N ARG A 1102 -96.19 -47.34 -86.28
CA ARG A 1102 -96.84 -48.42 -87.00
C ARG A 1102 -96.03 -48.81 -88.23
N GLY A 1103 -96.61 -49.63 -89.10
CA GLY A 1103 -96.05 -49.89 -90.40
C GLY A 1103 -94.78 -50.72 -90.42
N ALA A 1104 -94.21 -51.04 -89.27
CA ALA A 1104 -93.07 -51.94 -89.21
C ALA A 1104 -93.58 -53.38 -89.28
N PRO A 1105 -93.40 -54.07 -90.40
CA PRO A 1105 -93.95 -55.42 -90.54
C PRO A 1105 -93.38 -56.34 -89.48
N PRO A 1106 -94.21 -56.85 -88.57
CA PRO A 1106 -93.70 -57.64 -87.45
C PRO A 1106 -93.03 -58.92 -87.93
N MET A 1107 -92.17 -59.46 -87.08
CA MET A 1107 -91.41 -60.65 -87.41
C MET A 1107 -92.34 -61.85 -87.54
N LEU A 1108 -91.80 -62.91 -88.15
CA LEU A 1108 -92.59 -64.12 -88.38
C LEU A 1108 -93.07 -64.74 -87.07
N ASP A 1109 -92.13 -65.17 -86.23
CA ASP A 1109 -92.47 -65.83 -84.98
C ASP A 1109 -93.15 -64.85 -84.03
N ALA A 1110 -94.46 -65.02 -83.83
CA ALA A 1110 -95.21 -64.13 -82.94
C ALA A 1110 -94.61 -64.08 -81.54
N ASP A 1111 -94.11 -65.20 -81.03
CA ASP A 1111 -93.51 -65.20 -79.70
C ASP A 1111 -92.27 -64.31 -79.63
N ALA A 1112 -91.48 -64.24 -80.70
CA ALA A 1112 -90.32 -63.36 -80.70
C ALA A 1112 -90.73 -61.90 -80.59
N ASP A 1113 -91.74 -61.51 -81.36
CA ASP A 1113 -92.24 -60.14 -81.30
C ASP A 1113 -92.81 -59.84 -79.92
N ASP A 1114 -93.56 -60.78 -79.35
CA ASP A 1114 -94.10 -60.58 -78.01
C ASP A 1114 -92.98 -60.46 -76.98
N TYR A 1115 -91.88 -61.20 -77.17
CA TYR A 1115 -90.76 -61.09 -76.26
C TYR A 1115 -90.10 -59.72 -76.37
N LEU A 1116 -89.92 -59.23 -77.60
CA LEU A 1116 -89.41 -57.87 -77.79
C LEU A 1116 -90.28 -56.86 -77.05
N ARG A 1117 -91.60 -56.96 -77.24
CA ARG A 1117 -92.51 -56.02 -76.58
C ARG A 1117 -92.43 -56.13 -75.07
N ARG A 1118 -92.36 -57.34 -74.54
CA ARG A 1118 -92.30 -57.54 -73.10
C ARG A 1118 -90.99 -57.01 -72.52
N THR A 1119 -89.91 -57.11 -73.27
CA THR A 1119 -88.61 -56.68 -72.75
C THR A 1119 -88.43 -55.17 -72.82
N VAL A 1120 -88.67 -54.57 -73.98
CA VAL A 1120 -88.40 -53.14 -74.13
C VAL A 1120 -89.35 -52.32 -73.28
N ASN A 1121 -90.64 -52.59 -73.37
CA ASN A 1121 -91.64 -51.82 -72.65
C ASN A 1121 -91.64 -52.09 -71.15
N ALA A 1122 -90.81 -53.01 -70.67
CA ALA A 1122 -90.72 -53.29 -69.24
C ALA A 1122 -90.05 -52.12 -68.53
N GLY A 1123 -90.81 -51.45 -67.66
CA GLY A 1123 -90.30 -50.36 -66.87
C GLY A 1123 -89.77 -49.19 -67.67
N ASN A 1124 -90.42 -48.90 -68.79
CA ASN A 1124 -90.06 -47.76 -69.64
C ASN A 1124 -91.24 -46.80 -69.71
N ARG A 1125 -90.96 -45.52 -69.46
CA ARG A 1125 -91.96 -44.50 -69.71
C ARG A 1125 -92.30 -44.48 -71.20
N LEU A 1126 -93.41 -43.78 -71.52
CA LEU A 1126 -93.91 -43.63 -72.88
C LEU A 1126 -94.40 -44.97 -73.45
N ALA A 1127 -94.32 -46.05 -72.68
CA ALA A 1127 -94.78 -47.35 -73.16
C ALA A 1127 -96.28 -47.27 -73.48
N PRO A 1128 -96.70 -47.67 -74.67
CA PRO A 1128 -98.10 -47.47 -75.06
C PRO A 1128 -99.03 -48.47 -74.38
N VAL A 1129 -99.92 -47.95 -73.55
CA VAL A 1129 -101.00 -48.75 -72.98
C VAL A 1129 -102.03 -48.92 -74.09
N PRO A 1130 -102.49 -50.16 -74.36
CA PRO A 1130 -103.27 -50.41 -75.58
C PRO A 1130 -104.65 -49.77 -75.53
N VAL A 1131 -104.93 -48.94 -76.53
CA VAL A 1131 -106.28 -48.47 -76.84
C VAL A 1131 -106.48 -48.67 -78.34
N PHE A 1132 -107.73 -48.89 -78.73
CA PHE A 1132 -108.03 -49.38 -80.08
C PHE A 1132 -107.71 -48.30 -81.10
N GLY A 1133 -106.54 -48.43 -81.74
CA GLY A 1133 -106.06 -47.60 -82.84
C GLY A 1133 -105.59 -46.21 -82.38
N GLN A 1134 -105.21 -46.05 -81.11
CA GLN A 1134 -104.60 -44.80 -80.66
C GLN A 1134 -103.19 -44.98 -80.14
N MET A 1135 -102.97 -45.91 -79.20
CA MET A 1135 -101.65 -46.20 -78.61
C MET A 1135 -101.04 -44.93 -78.00
N LEU A 1136 -101.73 -44.42 -76.97
CA LEU A 1136 -101.18 -43.28 -76.26
C LEU A 1136 -100.74 -43.70 -74.86
N PRO A 1137 -99.47 -43.50 -74.51
CA PRO A 1137 -99.00 -43.88 -73.17
C PRO A 1137 -99.69 -43.10 -72.07
N GLN A 1138 -99.60 -43.65 -70.86
CA GLN A 1138 -100.36 -43.14 -69.73
C GLN A 1138 -99.84 -41.77 -69.29
N VAL A 1139 -100.65 -41.11 -68.45
CA VAL A 1139 -100.30 -39.83 -67.86
C VAL A 1139 -99.39 -40.08 -66.67
N PRO A 1140 -98.36 -39.27 -66.46
CA PRO A 1140 -97.52 -39.40 -65.26
C PRO A 1140 -98.07 -38.59 -64.10
N ALA A 1141 -97.81 -39.10 -62.90
CA ALA A 1141 -98.26 -38.48 -61.66
C ALA A 1141 -97.17 -37.50 -61.20
N GLY A 1142 -97.42 -36.21 -61.43
CA GLY A 1142 -96.50 -35.19 -60.96
C GLY A 1142 -95.31 -34.96 -61.86
N LEU A 1143 -94.92 -33.70 -62.05
CA LEU A 1143 -93.77 -33.34 -62.85
C LEU A 1143 -92.82 -32.49 -62.02
N ALA A 1144 -91.53 -32.83 -62.08
CA ALA A 1144 -90.52 -32.07 -61.33
C ALA A 1144 -90.34 -30.69 -61.93
N ARG A 1145 -90.25 -30.61 -63.26
CA ARG A 1145 -89.94 -29.36 -63.95
C ARG A 1145 -90.69 -29.37 -65.28
N GLY A 1146 -90.24 -28.54 -66.21
CA GLY A 1146 -90.86 -28.44 -67.53
C GLY A 1146 -91.04 -29.77 -68.23
N GLN A 1147 -91.89 -29.79 -69.26
CA GLN A 1147 -92.22 -31.02 -69.97
C GLN A 1147 -90.96 -31.71 -70.47
N GLN A 1148 -90.84 -33.00 -70.16
CA GLN A 1148 -89.64 -33.74 -70.54
C GLN A 1148 -89.53 -33.86 -72.04
N SER A 1149 -88.32 -33.64 -72.56
CA SER A 1149 -88.09 -33.64 -74.00
C SER A 1149 -88.02 -35.07 -74.51
N VAL A 1150 -87.62 -35.24 -75.77
CA VAL A 1150 -87.41 -36.55 -76.37
C VAL A 1150 -86.04 -36.55 -77.03
N CYS A 1151 -85.32 -37.66 -76.89
CA CYS A 1151 -83.98 -37.81 -77.45
C CYS A 1151 -83.95 -38.99 -78.38
N GLU A 1152 -83.62 -38.73 -79.65
CA GLU A 1152 -83.57 -39.79 -80.64
C GLU A 1152 -82.19 -40.45 -80.64
N PHE A 1153 -81.96 -41.31 -81.62
CA PHE A 1153 -80.67 -41.95 -81.81
C PHE A 1153 -80.49 -42.22 -83.29
N ILE A 1154 -79.37 -41.80 -83.85
CA ILE A 1154 -79.05 -41.99 -85.25
C ILE A 1154 -77.77 -42.81 -85.33
N ALA A 1155 -77.84 -43.94 -86.03
CA ALA A 1155 -76.65 -44.78 -86.19
C ALA A 1155 -75.58 -44.04 -86.98
N THR A 1156 -74.33 -44.31 -86.63
CA THR A 1156 -73.19 -43.64 -87.23
C THR A 1156 -71.94 -44.49 -86.99
N PRO A 1157 -71.11 -44.70 -88.01
CA PRO A 1157 -69.92 -45.53 -87.83
C PRO A 1157 -69.00 -44.98 -86.74
N VAL A 1158 -68.18 -45.88 -86.19
CA VAL A 1158 -67.32 -45.51 -85.07
C VAL A 1158 -66.21 -44.56 -85.51
N SER A 1159 -65.67 -44.75 -86.71
CA SER A 1159 -64.52 -44.00 -87.17
C SER A 1159 -64.84 -42.58 -87.60
N VAL A 1160 -66.07 -42.10 -87.36
CA VAL A 1160 -66.39 -40.73 -87.72
C VAL A 1160 -65.53 -39.77 -86.92
N ASP A 1161 -65.17 -38.65 -87.54
CA ASP A 1161 -64.27 -37.69 -86.90
C ASP A 1161 -64.94 -37.05 -85.70
N LEU A 1162 -64.27 -37.09 -84.55
CA LEU A 1162 -64.81 -36.45 -83.36
C LEU A 1162 -64.90 -34.94 -83.54
N ALA A 1163 -63.93 -34.33 -84.21
CA ALA A 1163 -63.92 -32.88 -84.37
C ALA A 1163 -65.13 -32.37 -85.14
N TYR A 1164 -65.80 -33.23 -85.90
CA TYR A 1164 -66.99 -32.81 -86.63
C TYR A 1164 -68.10 -32.35 -85.70
N PHE A 1165 -68.10 -32.80 -84.44
CA PHE A 1165 -69.12 -32.42 -83.47
C PHE A 1165 -68.72 -31.27 -82.57
N ARG A 1166 -67.46 -30.82 -82.65
CA ARG A 1166 -67.04 -29.67 -81.84
C ARG A 1166 -67.79 -28.41 -82.23
N ARG A 1167 -67.63 -27.96 -83.48
CA ARG A 1167 -68.33 -26.78 -83.96
C ARG A 1167 -69.80 -27.10 -84.18
N ALA A 1168 -70.55 -26.11 -84.65
CA ALA A 1168 -71.93 -26.35 -85.05
C ALA A 1168 -71.95 -27.33 -86.21
N CYS A 1169 -72.68 -28.43 -86.04
CA CYS A 1169 -72.70 -29.49 -87.04
C CYS A 1169 -74.15 -29.83 -87.36
N ASN A 1170 -74.32 -30.63 -88.41
CA ASN A 1170 -75.61 -31.15 -88.80
C ASN A 1170 -75.65 -32.64 -88.49
N PRO A 1171 -76.72 -33.15 -87.88
CA PRO A 1171 -76.76 -34.57 -87.52
C PRO A 1171 -76.74 -35.50 -88.72
N ARG A 1172 -77.20 -35.03 -89.89
CA ARG A 1172 -77.20 -35.87 -91.09
C ARG A 1172 -75.77 -36.18 -91.53
N GLY A 1173 -74.92 -35.16 -91.58
CA GLY A 1173 -73.57 -35.31 -92.08
C GLY A 1173 -73.40 -34.55 -93.37
N ARG A 1174 -74.41 -34.63 -94.24
CA ARG A 1174 -74.50 -33.78 -95.42
C ARG A 1174 -75.25 -32.52 -95.00
N ALA A 1175 -74.54 -31.41 -94.89
CA ALA A 1175 -75.05 -30.20 -94.28
C ALA A 1175 -75.87 -29.34 -95.23
N ALA A 1176 -76.46 -29.93 -96.27
CA ALA A 1176 -77.06 -29.18 -97.36
C ALA A 1176 -78.09 -28.16 -96.89
N GLY A 1177 -79.19 -28.62 -96.31
CA GLY A 1177 -80.21 -27.65 -95.95
C GLY A 1177 -80.80 -26.99 -97.19
N GLU A 1178 -81.13 -25.71 -97.05
CA GLU A 1178 -81.69 -24.95 -98.17
C GLU A 1178 -80.98 -23.64 -98.44
N VAL A 1179 -80.47 -22.96 -97.41
CA VAL A 1179 -80.03 -21.59 -97.58
C VAL A 1179 -78.75 -21.51 -98.40
N HIS A 1180 -77.79 -22.40 -98.15
CA HIS A 1180 -76.53 -22.40 -98.88
C HIS A 1180 -76.53 -23.61 -99.82
N GLY A 1181 -77.14 -23.43 -100.99
CA GLY A 1181 -77.16 -24.49 -101.97
C GLY A 1181 -78.41 -24.58 -102.82
N GLU A 1182 -78.23 -24.99 -104.08
CA GLU A 1182 -79.32 -25.21 -105.00
C GLU A 1182 -80.03 -26.53 -104.66
N GLU A 1183 -81.25 -26.69 -105.17
CA GLU A 1183 -82.06 -27.86 -104.84
C GLU A 1183 -81.51 -29.10 -105.54
N GLY A 1184 -81.75 -30.26 -104.92
CA GLY A 1184 -81.14 -31.50 -105.34
C GLY A 1184 -79.78 -31.75 -104.75
N LEU A 1185 -79.11 -30.71 -104.25
CA LEU A 1185 -77.83 -30.84 -103.56
C LEU A 1185 -77.89 -31.81 -102.39
N MET A 1186 -79.07 -31.96 -101.77
CA MET A 1186 -79.16 -32.65 -100.49
C MET A 1186 -78.99 -34.15 -100.66
N PHE A 1187 -79.52 -34.71 -101.75
CA PHE A 1187 -79.54 -36.15 -101.92
C PHE A 1187 -78.51 -36.70 -102.89
N ASP A 1188 -78.02 -35.89 -103.84
CA ASP A 1188 -77.00 -36.40 -104.76
C ASP A 1188 -75.69 -36.62 -104.01
N HIS A 1189 -74.82 -37.44 -104.60
CA HIS A 1189 -73.54 -37.73 -103.98
C HIS A 1189 -72.39 -37.70 -104.98
N SER A 1190 -72.58 -37.06 -106.13
CA SER A 1190 -71.49 -36.79 -107.04
C SER A 1190 -70.81 -35.46 -106.74
N HIS A 1191 -71.49 -34.54 -106.05
CA HIS A 1191 -70.92 -33.26 -105.67
C HIS A 1191 -70.52 -33.30 -104.21
N ALA A 1192 -69.43 -32.60 -103.89
CA ALA A 1192 -68.86 -32.66 -102.56
C ALA A 1192 -69.76 -31.97 -101.54
N ASP A 1193 -69.53 -32.29 -100.27
CA ASP A 1193 -70.22 -31.62 -99.17
C ASP A 1193 -69.88 -30.13 -99.20
N PRO A 1194 -70.86 -29.24 -99.19
CA PRO A 1194 -70.54 -27.82 -99.02
C PRO A 1194 -69.77 -27.53 -97.75
N ALA A 1195 -70.21 -28.08 -96.61
CA ALA A 1195 -69.59 -27.76 -95.33
C ALA A 1195 -68.11 -28.18 -95.28
N HIS A 1196 -67.79 -29.38 -95.75
CA HIS A 1196 -66.42 -29.89 -95.70
C HIS A 1196 -65.98 -30.27 -97.11
N PRO A 1197 -65.03 -29.54 -97.70
CA PRO A 1197 -64.69 -29.81 -99.11
C PRO A 1197 -64.08 -31.18 -99.36
N HIS A 1198 -63.23 -31.68 -98.48
CA HIS A 1198 -62.57 -32.97 -98.72
C HIS A 1198 -63.60 -34.09 -98.84
N ARG A 1199 -64.30 -34.35 -97.74
CA ARG A 1199 -65.22 -35.49 -97.69
C ARG A 1199 -66.40 -35.26 -98.62
N ALA A 1200 -67.13 -36.34 -98.90
CA ALA A 1200 -68.45 -36.24 -99.49
C ALA A 1200 -69.56 -36.13 -98.46
N THR A 1201 -69.53 -36.95 -97.41
CA THR A 1201 -70.46 -36.87 -96.30
C THR A 1201 -69.67 -37.14 -95.02
N ALA A 1202 -70.40 -37.38 -93.93
CA ALA A 1202 -69.79 -37.83 -92.69
C ALA A 1202 -70.45 -39.05 -92.10
N ASN A 1203 -71.57 -39.51 -92.65
CA ASN A 1203 -72.30 -40.65 -92.13
C ASN A 1203 -73.10 -41.28 -93.26
N PRO A 1204 -72.54 -42.24 -93.99
CA PRO A 1204 -73.25 -42.82 -95.13
C PRO A 1204 -74.55 -43.50 -94.76
N TRP A 1205 -74.66 -44.06 -93.56
CA TRP A 1205 -75.90 -44.69 -93.12
C TRP A 1205 -77.00 -43.68 -92.81
N ALA A 1206 -76.78 -42.38 -93.07
CA ALA A 1206 -77.79 -41.38 -92.75
C ALA A 1206 -77.93 -40.28 -93.80
N SER A 1207 -77.34 -40.42 -94.99
CA SER A 1207 -77.40 -39.33 -95.96
C SER A 1207 -78.09 -39.72 -97.27
N GLN A 1208 -77.65 -40.80 -97.92
CA GLN A 1208 -78.16 -41.15 -99.23
C GLN A 1208 -79.67 -41.40 -99.18
N ARG A 1209 -80.30 -41.27 -100.35
CA ARG A 1209 -81.73 -41.50 -100.45
C ARG A 1209 -82.05 -42.95 -100.12
N HIS A 1210 -83.09 -43.14 -99.30
CA HIS A 1210 -83.52 -44.45 -98.83
C HIS A 1210 -82.46 -45.14 -97.97
N SER A 1211 -81.66 -44.37 -97.25
CA SER A 1211 -80.71 -44.92 -96.30
C SER A 1211 -81.48 -45.41 -95.05
N TYR A 1212 -80.76 -45.92 -94.06
CA TYR A 1212 -81.43 -46.47 -92.88
C TYR A 1212 -82.11 -45.37 -92.08
N ALA A 1213 -81.33 -44.41 -91.57
CA ALA A 1213 -81.90 -43.33 -90.77
C ALA A 1213 -82.94 -42.54 -91.56
N ASP A 1214 -82.72 -42.40 -92.88
CA ASP A 1214 -83.69 -41.71 -93.72
C ASP A 1214 -85.04 -42.41 -93.69
N ARG A 1215 -85.05 -43.73 -93.91
CA ARG A 1215 -86.30 -44.48 -93.95
C ARG A 1215 -87.07 -44.38 -92.63
N LEU A 1216 -86.39 -44.07 -91.54
CA LEU A 1216 -87.04 -43.97 -90.24
C LEU A 1216 -87.43 -42.54 -89.88
N TYR A 1217 -86.64 -41.55 -90.28
CA TYR A 1217 -86.77 -40.19 -89.80
C TYR A 1217 -87.12 -39.21 -90.92
N ASN A 1218 -87.89 -39.64 -91.90
CA ASN A 1218 -88.38 -38.75 -92.96
C ASN A 1218 -89.90 -38.79 -92.98
N GLY A 1219 -90.48 -37.65 -93.36
CA GLY A 1219 -91.92 -37.50 -93.37
C GLY A 1219 -92.60 -38.16 -94.55
N GLN A 1220 -91.98 -38.09 -95.71
CA GLN A 1220 -92.56 -38.60 -96.94
C GLN A 1220 -92.73 -40.11 -96.96
N TYR A 1221 -92.34 -40.82 -95.90
CA TYR A 1221 -92.37 -42.28 -95.89
C TYR A 1221 -93.40 -42.85 -94.91
N ASN A 1222 -94.21 -42.00 -94.30
CA ASN A 1222 -95.39 -42.40 -93.54
C ASN A 1222 -95.03 -43.35 -92.39
N MET A 1223 -94.21 -42.82 -91.48
CA MET A 1223 -93.91 -43.46 -90.21
C MET A 1223 -94.32 -42.52 -89.07
N SER A 1224 -95.50 -41.94 -89.20
CA SER A 1224 -95.98 -40.93 -88.24
C SER A 1224 -96.39 -41.60 -86.94
N GLY A 1225 -95.61 -41.38 -85.88
CA GLY A 1225 -95.97 -41.84 -84.56
C GLY A 1225 -96.54 -40.71 -83.74
N PRO A 1226 -97.26 -41.06 -82.65
CA PRO A 1226 -97.82 -40.01 -81.79
C PRO A 1226 -96.76 -39.19 -81.06
N ALA A 1227 -95.56 -39.73 -80.88
CA ALA A 1227 -94.50 -38.99 -80.21
C ALA A 1227 -93.83 -38.03 -81.18
N TYR A 1228 -93.36 -36.91 -80.64
CA TYR A 1228 -92.65 -35.93 -81.43
C TYR A 1228 -91.29 -36.48 -81.87
N SER A 1229 -90.70 -35.83 -82.85
CA SER A 1229 -89.37 -36.19 -83.34
C SER A 1229 -88.58 -34.92 -83.63
N PRO A 1230 -87.91 -34.37 -82.62
CA PRO A 1230 -87.03 -33.21 -82.87
C PRO A 1230 -86.12 -33.33 -84.07
N CYS A 1231 -85.70 -34.55 -84.43
CA CYS A 1231 -84.84 -34.75 -85.60
C CYS A 1231 -85.63 -34.88 -86.89
N PHE A 1232 -86.90 -34.45 -86.91
CA PHE A 1232 -87.72 -34.46 -88.11
C PHE A 1232 -87.35 -33.34 -89.08
N LYS A 1233 -87.04 -32.16 -88.56
CA LYS A 1233 -86.80 -30.98 -89.39
C LYS A 1233 -85.43 -30.98 -90.05
N PHE A 1234 -84.64 -32.03 -89.89
CA PHE A 1234 -83.31 -32.09 -90.50
C PHE A 1234 -83.26 -32.96 -91.75
N PHE A 1235 -84.27 -33.80 -91.97
CA PHE A 1235 -84.28 -34.75 -93.08
C PHE A 1235 -85.34 -34.44 -94.13
N THR A 1236 -86.45 -33.83 -93.75
CA THR A 1236 -87.52 -33.58 -94.70
C THR A 1236 -87.15 -32.46 -95.66
N PRO A 1237 -87.16 -32.70 -96.97
CA PRO A 1237 -87.02 -31.61 -97.95
C PRO A 1237 -88.33 -31.07 -98.50
N ALA A 1238 -89.48 -31.59 -98.03
CA ALA A 1238 -90.78 -31.23 -98.59
C ALA A 1238 -91.03 -29.72 -98.60
N GLU A 1239 -90.23 -28.94 -97.87
CA GLU A 1239 -90.32 -27.49 -97.98
C GLU A 1239 -89.75 -26.99 -99.31
N ALA A 1240 -89.03 -27.85 -100.04
CA ALA A 1240 -88.36 -27.45 -101.26
C ALA A 1240 -89.26 -27.46 -102.48
N VAL A 1241 -90.32 -28.29 -102.51
CA VAL A 1241 -91.20 -28.32 -103.67
C VAL A 1241 -91.84 -26.96 -103.90
N ALA A 1242 -92.14 -26.25 -102.82
CA ALA A 1242 -92.59 -24.86 -102.89
C ALA A 1242 -91.37 -23.98 -102.75
N LYS A 1243 -90.76 -23.64 -103.89
CA LYS A 1243 -89.52 -22.88 -103.89
C LYS A 1243 -89.74 -21.48 -103.30
N SER A 1244 -88.74 -21.00 -102.57
CA SER A 1244 -88.74 -19.65 -102.04
C SER A 1244 -87.94 -18.73 -102.95
N ARG A 1245 -88.42 -17.51 -103.13
CA ARG A 1245 -87.90 -16.60 -104.13
C ARG A 1245 -87.08 -15.46 -103.54
N GLY A 1246 -86.72 -15.54 -102.27
CA GLY A 1246 -85.89 -14.51 -101.66
C GLY A 1246 -85.49 -14.86 -100.23
N LEU A 1247 -84.28 -14.48 -99.83
CA LEU A 1247 -83.84 -14.77 -98.48
C LEU A 1247 -84.68 -14.05 -97.45
N ALA A 1248 -85.14 -12.83 -97.75
CA ALA A 1248 -85.97 -12.10 -96.82
C ALA A 1248 -87.26 -12.85 -96.49
N ARG A 1249 -87.77 -13.63 -97.44
CA ARG A 1249 -88.91 -14.50 -97.16
C ARG A 1249 -88.58 -15.46 -96.02
N LEU A 1250 -87.39 -16.07 -96.07
CA LEU A 1250 -86.98 -16.98 -95.00
C LEU A 1250 -86.78 -16.24 -93.69
N ILE A 1251 -86.15 -15.05 -93.74
CA ILE A 1251 -85.92 -14.30 -92.51
C ILE A 1251 -87.24 -13.87 -91.88
N ALA A 1252 -88.27 -13.68 -92.71
CA ALA A 1252 -89.59 -13.35 -92.18
C ALA A 1252 -90.30 -14.60 -91.68
N ASP A 1253 -90.00 -15.76 -92.28
CA ASP A 1253 -90.62 -17.00 -91.84
C ASP A 1253 -90.17 -17.38 -90.43
N THR A 1254 -88.86 -17.53 -90.23
CA THR A 1254 -88.33 -17.80 -88.90
C THR A 1254 -88.72 -16.67 -87.95
N GLY A 1255 -88.96 -17.02 -86.69
CA GLY A 1255 -89.50 -16.11 -85.72
C GLY A 1255 -91.02 -16.12 -85.65
N ALA A 1256 -91.68 -16.71 -86.64
CA ALA A 1256 -93.14 -16.76 -86.65
C ALA A 1256 -93.68 -18.11 -87.13
N ALA A 1257 -92.90 -19.17 -87.10
CA ALA A 1257 -93.42 -20.48 -87.48
C ALA A 1257 -94.28 -21.05 -86.36
N ALA A 1258 -95.20 -21.93 -86.73
CA ALA A 1258 -96.14 -22.49 -85.77
C ALA A 1258 -95.45 -23.49 -84.85
N SER A 1259 -95.90 -23.54 -83.61
CA SER A 1259 -95.33 -24.46 -82.65
C SER A 1259 -95.78 -25.88 -82.96
N PRO A 1260 -94.85 -26.83 -83.14
CA PRO A 1260 -95.25 -28.21 -83.47
C PRO A 1260 -95.54 -29.09 -82.27
N THR A 1261 -95.14 -28.70 -81.06
CA THR A 1261 -95.30 -29.51 -79.87
C THR A 1261 -96.45 -28.97 -79.05
N SER A 1262 -97.09 -29.84 -78.26
CA SER A 1262 -98.18 -29.44 -77.40
C SER A 1262 -97.62 -28.83 -76.12
N ASN A 1263 -98.48 -28.59 -75.14
CA ASN A 1263 -98.09 -28.04 -73.84
C ASN A 1263 -98.35 -29.06 -72.73
N GLY A 1264 -98.44 -30.34 -73.09
CA GLY A 1264 -98.78 -31.37 -72.14
C GLY A 1264 -97.64 -31.75 -71.24
N GLU A 1265 -97.80 -32.91 -70.60
CA GLU A 1265 -96.79 -33.44 -69.69
C GLU A 1265 -95.54 -33.89 -70.43
N TYR A 1266 -95.68 -34.41 -71.64
CA TYR A 1266 -94.57 -34.81 -72.49
C TYR A 1266 -94.56 -33.96 -73.75
N GLN A 1267 -93.70 -34.33 -74.70
CA GLN A 1267 -93.64 -33.68 -75.99
C GLN A 1267 -94.39 -34.54 -77.00
N PHE A 1268 -95.55 -34.06 -77.44
CA PHE A 1268 -96.32 -34.68 -78.51
C PHE A 1268 -96.56 -33.65 -79.61
N LYS A 1269 -96.69 -34.13 -80.84
CA LYS A 1269 -97.01 -33.24 -81.95
C LYS A 1269 -98.39 -32.61 -81.74
N ARG A 1270 -98.57 -31.44 -82.35
CA ARG A 1270 -99.83 -30.73 -82.22
C ARG A 1270 -100.40 -30.41 -83.60
N PRO A 1271 -101.72 -30.54 -83.77
CA PRO A 1271 -102.33 -30.14 -85.05
C PRO A 1271 -102.05 -28.68 -85.35
N VAL A 1272 -101.94 -28.37 -86.64
CA VAL A 1272 -101.61 -27.02 -87.09
C VAL A 1272 -102.82 -26.12 -86.96
N GLY A 1273 -103.96 -26.69 -86.54
CA GLY A 1273 -105.17 -25.92 -86.45
C GLY A 1273 -105.15 -24.84 -85.38
N ALA A 1274 -104.42 -25.07 -84.29
CA ALA A 1274 -104.46 -24.14 -83.16
C ALA A 1274 -103.72 -22.85 -83.47
N GLY A 1275 -102.41 -22.93 -83.70
CA GLY A 1275 -101.61 -21.75 -83.95
C GLY A 1275 -100.85 -21.27 -82.73
N GLU A 1276 -99.62 -20.81 -82.93
CA GLU A 1276 -98.74 -20.37 -81.84
C GLU A 1276 -97.51 -19.74 -82.47
N LEU A 1277 -96.81 -18.91 -81.69
CA LEU A 1277 -95.61 -18.23 -82.14
C LEU A 1277 -94.40 -18.90 -81.53
N VAL A 1278 -93.33 -19.02 -82.32
CA VAL A 1278 -92.07 -19.58 -81.85
C VAL A 1278 -90.99 -19.18 -82.83
N GLU A 1279 -89.76 -19.04 -82.34
CA GLU A 1279 -88.63 -18.61 -83.15
C GLU A 1279 -87.51 -19.64 -83.02
N ASP A 1280 -87.01 -20.11 -84.15
CA ASP A 1280 -85.91 -21.07 -84.12
C ASP A 1280 -84.90 -20.80 -85.22
N PRO A 1281 -83.64 -20.55 -84.85
CA PRO A 1281 -82.59 -20.43 -85.87
C PRO A 1281 -82.29 -21.73 -86.58
N CYS A 1282 -82.55 -22.88 -85.95
CA CYS A 1282 -82.26 -24.16 -86.58
C CYS A 1282 -83.06 -24.34 -87.87
N ALA A 1283 -84.35 -24.04 -87.83
CA ALA A 1283 -85.22 -24.23 -89.00
C ALA A 1283 -84.74 -23.45 -90.22
N LEU A 1284 -83.85 -22.48 -90.04
CA LEU A 1284 -83.26 -21.78 -91.18
C LEU A 1284 -81.92 -22.36 -91.59
N PHE A 1285 -81.05 -22.66 -90.64
CA PHE A 1285 -79.71 -23.13 -90.96
C PHE A 1285 -79.60 -24.65 -91.01
N GLN A 1286 -80.63 -25.38 -90.56
CA GLN A 1286 -80.61 -26.84 -90.51
C GLN A 1286 -79.34 -27.33 -89.82
N GLU A 1287 -79.15 -26.82 -88.61
CA GLU A 1287 -77.91 -26.97 -87.87
C GLU A 1287 -78.23 -27.12 -86.39
N ALA A 1288 -77.34 -27.81 -85.68
CA ALA A 1288 -77.51 -28.06 -84.26
C ALA A 1288 -76.27 -27.64 -83.50
N TYR A 1289 -76.45 -27.36 -82.21
CA TYR A 1289 -75.35 -26.91 -81.38
C TYR A 1289 -75.03 -27.92 -80.29
N PRO A 1290 -73.79 -28.35 -80.16
CA PRO A 1290 -73.43 -29.32 -79.14
C PRO A 1290 -73.39 -28.67 -77.77
N PRO A 1291 -74.07 -29.27 -76.78
CA PRO A 1291 -74.06 -28.69 -75.43
C PRO A 1291 -72.85 -29.14 -74.64
N LEU A 1292 -72.73 -28.70 -73.39
CA LEU A 1292 -71.59 -29.02 -72.56
C LEU A 1292 -71.72 -30.49 -72.15
N CYS A 1293 -71.18 -31.37 -72.99
CA CYS A 1293 -71.24 -32.80 -72.77
C CYS A 1293 -69.85 -33.35 -72.50
N ALA A 1294 -69.81 -34.50 -71.84
CA ALA A 1294 -68.55 -35.13 -71.49
C ALA A 1294 -68.77 -36.64 -71.40
N SER A 1295 -67.77 -37.39 -71.88
CA SER A 1295 -67.83 -38.84 -71.92
C SER A 1295 -67.32 -39.49 -70.65
N ASP A 1296 -67.25 -38.74 -69.55
CA ASP A 1296 -66.83 -39.30 -68.27
C ASP A 1296 -67.23 -38.32 -67.18
N SER A 1297 -67.94 -38.80 -66.16
CA SER A 1297 -68.43 -37.93 -65.10
C SER A 1297 -67.31 -37.18 -64.39
N ALA A 1298 -66.12 -37.76 -64.31
CA ALA A 1298 -64.99 -37.10 -63.65
C ALA A 1298 -64.49 -35.89 -64.42
N LEU A 1299 -64.90 -35.72 -65.67
CA LEU A 1299 -64.47 -34.58 -66.48
C LEU A 1299 -65.36 -33.36 -66.31
N LEU A 1300 -66.48 -33.49 -65.60
CA LEU A 1300 -67.35 -32.35 -65.29
C LEU A 1300 -67.16 -32.01 -63.81
N ARG A 1301 -66.11 -31.23 -63.55
CA ARG A 1301 -65.77 -30.76 -62.21
C ARG A 1301 -65.40 -29.29 -62.30
N THR A 1302 -65.03 -28.70 -61.15
CA THR A 1302 -64.61 -27.30 -61.16
C THR A 1302 -63.28 -27.07 -61.88
N PRO A 1303 -62.25 -27.95 -61.80
CA PRO A 1303 -61.08 -27.71 -62.65
C PRO A 1303 -61.21 -28.42 -63.99
N LEU A 1304 -62.04 -27.86 -64.87
CA LEU A 1304 -62.32 -28.48 -66.17
C LEU A 1304 -61.03 -28.76 -66.92
N GLY A 1305 -60.26 -27.71 -67.22
CA GLY A 1305 -58.93 -27.84 -67.78
C GLY A 1305 -58.83 -28.70 -69.03
N ALA A 1306 -58.18 -29.85 -68.90
CA ALA A 1306 -57.96 -30.74 -70.04
C ALA A 1306 -59.30 -31.19 -70.61
N GLU A 1307 -59.38 -31.21 -71.95
CA GLU A 1307 -60.60 -31.63 -72.62
C GLU A 1307 -60.47 -33.02 -73.24
N GLU A 1308 -59.25 -33.53 -73.37
CA GLU A 1308 -59.01 -34.90 -73.78
C GLU A 1308 -57.93 -35.51 -72.89
N HIS A 1309 -58.26 -36.65 -72.30
CA HIS A 1309 -57.36 -37.35 -71.38
C HIS A 1309 -56.85 -38.65 -71.97
N PHE A 1310 -57.75 -39.47 -72.50
CA PHE A 1310 -57.42 -40.76 -73.11
C PHE A 1310 -58.49 -41.00 -74.17
N ALA A 1311 -58.80 -42.25 -74.48
CA ALA A 1311 -59.96 -42.57 -75.33
C ALA A 1311 -61.19 -41.72 -75.00
N GLN A 1312 -61.30 -41.25 -73.76
CA GLN A 1312 -62.36 -40.34 -73.37
C GLN A 1312 -62.20 -38.99 -74.11
N TYR A 1313 -63.16 -38.10 -73.86
CA TYR A 1313 -63.12 -36.77 -74.46
C TYR A 1313 -64.18 -35.91 -73.79
N LEU A 1314 -63.95 -34.61 -73.82
CA LEU A 1314 -64.92 -33.62 -73.41
C LEU A 1314 -65.16 -32.69 -74.60
N ILE A 1315 -66.36 -32.13 -74.68
CA ILE A 1315 -66.71 -31.20 -75.75
C ILE A 1315 -67.10 -29.88 -75.10
N ARG A 1316 -66.40 -28.81 -75.47
CA ARG A 1316 -66.72 -27.47 -74.99
C ARG A 1316 -68.13 -27.09 -75.43
N ASP A 1317 -68.70 -26.07 -74.80
CA ASP A 1317 -70.05 -25.62 -75.12
C ASP A 1317 -69.97 -24.55 -76.21
N GLU A 1318 -70.68 -24.77 -77.30
CA GLU A 1318 -70.83 -23.78 -78.36
C GLU A 1318 -72.31 -23.74 -78.74
N SER A 1319 -72.99 -22.72 -78.24
CA SER A 1319 -74.42 -22.55 -78.45
C SER A 1319 -74.79 -21.12 -78.10
N PRO A 1320 -75.96 -20.65 -78.52
CA PRO A 1320 -76.39 -19.29 -78.16
C PRO A 1320 -76.65 -19.11 -76.67
N LEU A 1321 -76.40 -20.14 -75.87
CA LEU A 1321 -76.65 -20.07 -74.43
C LEU A 1321 -75.38 -20.34 -73.62
N LYS A 1322 -74.28 -19.68 -73.97
CA LYS A 1322 -73.02 -19.90 -73.26
C LYS A 1322 -73.01 -19.26 -71.88
N GLY A 1323 -74.12 -18.73 -71.39
CA GLY A 1323 -74.18 -18.14 -70.07
C GLY A 1323 -75.56 -18.18 -69.46
N MET B 1 23.13 39.60 -48.26
CA MET B 1 23.78 39.40 -49.53
C MET B 1 22.82 38.76 -50.54
N GLU B 2 22.87 39.24 -51.78
CA GLU B 2 22.01 38.72 -52.84
C GLU B 2 22.81 38.72 -54.13
N VAL B 3 23.11 37.53 -54.65
CA VAL B 3 23.95 37.43 -55.83
C VAL B 3 23.21 37.98 -57.03
N ASP B 4 23.93 38.70 -57.88
CA ASP B 4 23.37 39.31 -59.08
C ASP B 4 23.92 38.56 -60.29
N ILE B 5 23.17 37.59 -60.78
CA ILE B 5 23.54 36.87 -61.98
C ILE B 5 23.13 37.70 -63.19
N ALA B 6 24.11 38.17 -63.96
CA ALA B 6 23.79 38.93 -65.16
C ALA B 6 23.61 38.01 -66.35
N LEU B 7 22.72 38.42 -67.26
CA LEU B 7 22.40 37.62 -68.43
C LEU B 7 22.88 38.28 -69.70
N PRO B 8 23.44 37.52 -70.64
CA PRO B 8 23.68 38.07 -71.98
C PRO B 8 22.37 38.30 -72.71
N THR B 9 22.43 38.67 -73.98
CA THR B 9 21.19 38.80 -74.75
C THR B 9 20.62 37.42 -75.07
N LEU B 10 19.30 37.34 -75.11
CA LEU B 10 18.61 36.08 -75.38
C LEU B 10 17.61 36.26 -76.50
N SER B 11 17.34 35.17 -77.21
CA SER B 11 16.21 35.15 -78.13
C SER B 11 14.91 35.22 -77.33
N PRO B 12 13.90 35.93 -77.83
CA PRO B 12 12.66 36.10 -77.06
C PRO B 12 11.95 34.80 -76.75
N GLY B 13 12.40 33.67 -77.30
CA GLY B 13 11.75 32.40 -77.05
C GLY B 13 12.12 31.76 -75.73
N ASP B 14 13.42 31.59 -75.49
CA ASP B 14 13.87 30.87 -74.30
C ASP B 14 13.85 31.74 -73.05
N LEU B 15 13.84 33.06 -73.19
CA LEU B 15 13.70 33.91 -72.02
C LEU B 15 12.39 33.64 -71.30
N SER B 16 11.32 33.44 -72.06
CA SER B 16 10.02 33.16 -71.45
C SER B 16 10.02 31.85 -70.69
N ALA B 17 10.75 30.85 -71.19
CA ALA B 17 10.82 29.58 -70.47
C ALA B 17 11.69 29.71 -69.23
N LEU B 18 12.82 30.42 -69.34
CA LEU B 18 13.65 30.68 -68.17
C LEU B 18 12.86 31.42 -67.10
N GLN B 19 11.93 32.28 -67.51
CA GLN B 19 11.10 32.98 -66.54
C GLN B 19 10.30 32.04 -65.65
N ARG B 20 10.03 30.81 -66.12
CA ARG B 20 9.30 29.85 -65.32
C ARG B 20 10.18 29.10 -64.34
N CYS B 21 11.48 29.37 -64.33
CA CYS B 21 12.40 28.76 -63.38
C CYS B 21 12.59 29.66 -62.15
N GLU B 22 11.50 29.96 -61.46
CA GLU B 22 11.58 30.93 -60.38
C GLU B 22 12.00 30.32 -59.05
N GLY B 23 12.08 29.01 -58.95
CA GLY B 23 12.35 28.40 -57.66
C GLY B 23 13.42 27.33 -57.69
N ARG B 24 14.05 27.12 -58.83
CA ARG B 24 15.08 26.10 -58.91
C ARG B 24 16.42 26.67 -58.43
N VAL B 25 17.31 25.77 -58.05
CA VAL B 25 18.55 26.13 -57.37
C VAL B 25 19.73 25.94 -58.32
N VAL B 26 20.76 26.76 -58.14
CA VAL B 26 21.96 26.69 -58.95
C VAL B 26 23.16 26.45 -58.04
N PHE B 27 24.36 26.36 -58.63
CA PHE B 27 25.57 26.06 -57.89
C PHE B 27 26.68 26.98 -58.38
N LEU B 28 26.90 28.08 -57.66
CA LEU B 28 28.01 28.96 -57.97
C LEU B 28 29.32 28.32 -57.53
N GLU B 29 30.42 29.01 -57.77
CA GLU B 29 31.73 28.59 -57.31
C GLU B 29 32.36 29.59 -56.36
N THR B 30 32.32 30.88 -56.71
CA THR B 30 32.75 31.96 -55.84
C THR B 30 31.55 32.83 -55.50
N LEU B 31 31.57 33.41 -54.31
CA LEU B 31 30.42 34.10 -53.76
C LEU B 31 30.55 35.62 -53.89
N ARG B 32 31.10 36.09 -55.00
CA ARG B 32 31.07 37.53 -55.26
C ARG B 32 29.65 38.02 -55.45
N ARG B 33 29.47 39.33 -55.32
CA ARG B 33 28.14 39.89 -55.51
C ARG B 33 27.68 39.81 -56.96
N HIS B 34 28.60 39.99 -57.90
CA HIS B 34 28.27 39.97 -59.31
C HIS B 34 28.71 38.66 -59.94
N ALA B 35 27.97 38.23 -60.94
CA ALA B 35 28.28 36.97 -61.64
C ALA B 35 27.53 36.93 -62.96
N THR B 36 28.00 36.08 -63.85
CA THR B 36 27.48 35.95 -65.20
C THR B 36 26.96 34.53 -65.42
N LEU B 37 25.93 34.43 -66.26
CA LEU B 37 25.28 33.14 -66.49
C LEU B 37 26.28 32.08 -66.93
N ARG B 38 27.23 32.44 -67.80
CA ARG B 38 28.17 31.45 -68.30
C ARG B 38 28.89 30.72 -67.19
N GLU B 39 29.08 31.37 -66.03
CA GLU B 39 29.81 30.76 -64.93
C GLU B 39 29.11 29.51 -64.42
N VAL B 40 27.90 29.64 -63.89
CA VAL B 40 27.17 28.50 -63.38
C VAL B 40 26.57 27.76 -64.58
N ALA B 41 27.20 26.65 -64.95
CA ALA B 41 26.74 25.87 -66.10
C ALA B 41 27.27 24.46 -65.97
N LEU B 42 26.41 23.53 -65.82
CA LEU B 42 26.81 22.15 -65.70
C LEU B 42 26.58 21.41 -67.01
N PRO B 43 27.50 20.51 -67.38
CA PRO B 43 27.34 19.75 -68.63
C PRO B 43 26.12 18.86 -68.61
N CYS B 44 25.86 18.17 -69.71
CA CYS B 44 24.67 17.34 -69.80
C CYS B 44 24.77 16.15 -68.85
N GLY B 45 23.71 15.33 -68.86
CA GLY B 45 23.60 14.20 -67.95
C GLY B 45 24.75 13.22 -68.02
N GLY B 46 25.03 12.57 -66.89
CA GLY B 46 26.09 11.59 -66.81
C GLY B 46 26.80 11.70 -65.48
N ASP B 47 27.26 10.55 -64.96
CA ASP B 47 28.04 10.48 -63.73
C ASP B 47 27.28 11.08 -62.55
N VAL B 48 26.20 10.40 -62.18
CA VAL B 48 25.44 10.81 -61.01
C VAL B 48 26.34 10.80 -59.77
N LEU B 49 27.29 9.87 -59.71
CA LEU B 49 28.19 9.82 -58.56
C LEU B 49 29.16 10.97 -58.57
N ALA B 50 29.78 11.26 -59.71
CA ALA B 50 30.71 12.38 -59.78
C ALA B 50 30.00 13.71 -59.53
N ALA B 51 28.80 13.86 -60.09
CA ALA B 51 28.05 15.09 -59.86
C ALA B 51 27.69 15.24 -58.38
N MET B 52 27.18 14.17 -57.76
CA MET B 52 26.91 14.21 -56.33
C MET B 52 28.16 14.57 -55.54
N ALA B 53 29.32 14.08 -55.97
CA ALA B 53 30.57 14.47 -55.33
C ALA B 53 30.87 15.95 -55.53
N ALA B 54 30.45 16.52 -56.67
CA ALA B 54 30.74 17.91 -56.97
C ALA B 54 29.70 18.87 -56.42
N TYR B 55 28.80 18.40 -55.56
CA TYR B 55 27.83 19.28 -54.92
C TYR B 55 28.24 19.70 -53.51
N ARG B 56 29.20 19.01 -52.92
CA ARG B 56 29.69 19.40 -51.60
C ARG B 56 30.87 20.35 -51.67
N ARG B 57 31.54 20.44 -52.83
CA ARG B 57 32.64 21.38 -52.97
C ARG B 57 32.14 22.79 -53.27
N ARG B 58 31.04 22.91 -54.00
CA ARG B 58 30.39 24.19 -54.22
C ARG B 58 29.18 24.33 -53.30
N PHE B 59 28.70 25.56 -53.17
CA PHE B 59 27.54 25.86 -52.36
C PHE B 59 26.39 26.30 -53.24
N ALA B 60 25.17 26.13 -52.73
CA ALA B 60 23.98 26.36 -53.53
C ALA B 60 23.50 27.80 -53.43
N ALA B 61 22.53 28.13 -54.28
CA ALA B 61 21.88 29.44 -54.28
C ALA B 61 20.59 29.39 -55.07
N VAL B 62 19.48 29.79 -54.46
CA VAL B 62 18.18 29.78 -55.13
C VAL B 62 17.92 31.17 -55.68
N ILE B 63 17.11 31.23 -56.72
CA ILE B 63 16.84 32.47 -57.42
C ILE B 63 15.39 32.87 -57.20
N THR B 64 15.11 34.17 -57.31
CA THR B 64 13.80 34.68 -56.93
C THR B 64 13.15 35.53 -58.02
N ARG B 65 13.93 36.13 -58.91
CA ARG B 65 13.36 37.03 -59.90
C ARG B 65 14.23 37.04 -61.14
N VAL B 66 13.59 37.06 -62.31
CA VAL B 66 14.29 37.07 -63.60
C VAL B 66 13.77 38.27 -64.39
N THR B 67 14.51 39.37 -64.36
CA THR B 67 14.22 40.46 -65.26
C THR B 67 14.74 40.12 -66.65
N PRO B 68 14.36 40.88 -67.68
CA PRO B 68 14.94 40.63 -69.01
C PRO B 68 16.44 40.80 -69.06
N HIS B 69 17.07 41.33 -68.02
CA HIS B 69 18.50 41.61 -68.03
C HIS B 69 19.26 40.87 -66.95
N ARG B 70 18.86 40.99 -65.69
CA ARG B 70 19.61 40.43 -64.56
C ARG B 70 18.83 39.26 -63.96
N MET B 71 19.39 38.70 -62.89
CA MET B 71 18.84 37.48 -62.29
C MET B 71 19.21 37.51 -60.80
N LEU B 72 18.22 37.79 -59.97
CA LEU B 72 18.46 37.77 -58.53
C LEU B 72 18.67 36.33 -58.06
N ALA B 73 19.29 36.19 -56.90
CA ALA B 73 19.58 34.88 -56.34
C ALA B 73 19.62 35.01 -54.82
N THR B 74 20.01 33.94 -54.15
CA THR B 74 20.12 33.95 -52.70
C THR B 74 21.14 32.92 -52.25
N PRO B 75 22.30 33.36 -51.75
CA PRO B 75 23.26 32.40 -51.21
C PRO B 75 22.64 31.58 -50.09
N LEU B 76 22.52 30.27 -50.30
CA LEU B 76 21.61 29.47 -49.49
C LEU B 76 21.98 29.47 -48.02
N GLY B 77 23.06 28.80 -47.65
CA GLY B 77 23.50 28.88 -46.28
C GLY B 77 24.94 29.31 -46.11
N VAL B 78 25.14 30.56 -45.70
CA VAL B 78 26.46 31.00 -45.28
C VAL B 78 26.32 31.71 -43.95
N GLY B 79 25.19 32.37 -43.73
CA GLY B 79 24.95 33.08 -42.49
C GLY B 79 23.50 33.10 -42.06
N GLY B 80 22.65 32.39 -42.78
CA GLY B 80 21.23 32.38 -42.50
C GLY B 80 20.79 31.02 -42.00
N ARG B 81 19.96 31.03 -40.97
CA ARG B 81 19.36 29.79 -40.48
C ARG B 81 17.87 29.95 -40.19
N GLY B 82 17.28 31.09 -40.55
CA GLY B 82 15.84 31.29 -40.43
C GLY B 82 15.31 32.08 -41.60
N GLN B 83 16.13 32.26 -42.62
CA GLN B 83 15.78 33.05 -43.79
C GLN B 83 14.72 32.30 -44.58
N SER B 84 13.47 32.70 -44.44
CA SER B 84 12.40 32.04 -45.17
C SER B 84 12.51 32.35 -46.66
N LEU B 85 12.17 31.36 -47.47
CA LEU B 85 12.16 31.54 -48.92
C LEU B 85 11.30 30.43 -49.52
N VAL B 86 11.28 30.40 -50.86
CA VAL B 86 10.44 29.46 -51.59
C VAL B 86 11.26 28.86 -52.72
N LEU B 87 11.04 27.57 -52.97
CA LEU B 87 11.72 26.88 -54.06
C LEU B 87 10.78 25.81 -54.59
N GLN B 88 10.75 25.63 -55.91
CA GLN B 88 9.79 24.72 -56.51
C GLN B 88 10.28 23.29 -56.46
N ASN B 89 9.41 22.40 -55.99
CA ASN B 89 9.73 20.99 -55.89
C ASN B 89 9.85 20.40 -57.29
N THR B 90 11.08 20.08 -57.70
CA THR B 90 11.34 19.55 -59.03
C THR B 90 11.70 18.08 -59.01
N GLY B 91 11.30 17.36 -57.96
CA GLY B 91 11.59 15.96 -57.86
C GLY B 91 10.39 15.12 -58.23
N PRO B 92 10.59 13.81 -58.40
CA PRO B 92 9.47 12.93 -58.74
C PRO B 92 8.56 12.61 -57.58
N PHE B 93 9.00 12.86 -56.35
CA PHE B 93 8.22 12.54 -55.17
C PHE B 93 7.40 13.74 -54.73
N ASP B 94 6.63 13.54 -53.67
CA ASP B 94 6.00 14.63 -52.92
C ASP B 94 6.79 14.86 -51.65
N LEU B 95 6.62 16.06 -51.09
CA LEU B 95 7.25 16.40 -49.82
C LEU B 95 6.17 16.96 -48.90
N THR B 96 5.84 16.18 -47.87
CA THR B 96 4.82 16.57 -46.90
C THR B 96 5.42 17.66 -46.01
N ASN B 97 4.71 18.08 -44.97
CA ASN B 97 5.23 19.08 -44.07
C ASN B 97 6.29 18.49 -43.16
N GLY B 98 7.20 19.34 -42.69
CA GLY B 98 8.11 18.99 -41.63
C GLY B 98 9.37 18.26 -42.05
N ASP B 99 9.32 17.42 -43.08
CA ASP B 99 10.48 16.63 -43.45
C ASP B 99 11.52 17.49 -44.16
N HIS B 100 12.78 17.22 -43.88
CA HIS B 100 13.87 17.97 -44.48
C HIS B 100 14.01 17.60 -45.95
N VAL B 101 14.74 18.45 -46.69
CA VAL B 101 14.95 18.24 -48.12
C VAL B 101 16.44 18.12 -48.38
N CYS B 102 16.77 17.55 -49.54
CA CYS B 102 18.16 17.38 -49.93
C CYS B 102 18.29 17.52 -51.43
N LEU B 103 19.44 18.04 -51.85
CA LEU B 103 19.75 18.19 -53.25
C LEU B 103 20.34 16.90 -53.80
N VAL B 104 19.75 16.39 -54.88
CA VAL B 104 20.31 15.24 -55.57
C VAL B 104 20.35 15.56 -57.06
N PRO B 105 21.42 15.19 -57.76
CA PRO B 105 21.50 15.43 -59.20
C PRO B 105 20.37 14.73 -59.93
N PRO B 106 20.09 15.13 -61.17
CA PRO B 106 18.91 14.60 -61.87
C PRO B 106 19.08 13.16 -62.27
N LEU B 107 17.98 12.59 -62.73
CA LEU B 107 17.89 11.18 -63.10
C LEU B 107 17.55 11.06 -64.58
N LEU B 108 18.24 10.16 -65.27
CA LEU B 108 17.96 9.79 -66.65
C LEU B 108 18.38 10.88 -67.64
N GLY B 109 18.77 12.05 -67.14
CA GLY B 109 18.92 13.17 -68.05
C GLY B 109 17.57 13.61 -68.58
N ASP B 110 17.59 14.34 -69.70
CA ASP B 110 16.39 14.81 -70.39
C ASP B 110 15.69 15.94 -69.63
N GLU B 111 16.16 16.25 -68.42
CA GLU B 111 15.66 17.41 -67.67
C GLU B 111 16.79 18.44 -67.66
N CYS B 112 16.83 19.26 -68.70
CA CYS B 112 17.89 20.24 -68.88
C CYS B 112 17.33 21.41 -69.66
N LEU B 113 17.56 22.62 -69.15
CA LEU B 113 17.13 23.84 -69.81
C LEU B 113 18.24 24.31 -70.74
N ARG B 114 17.96 24.35 -72.03
CA ARG B 114 18.94 24.68 -73.05
C ARG B 114 18.64 26.06 -73.62
N LEU B 115 19.63 26.93 -73.62
CA LEU B 115 19.48 28.29 -74.13
C LEU B 115 20.24 28.39 -75.45
N THR B 116 19.52 28.78 -76.50
CA THR B 116 20.13 28.82 -77.84
C THR B 116 21.10 29.98 -77.97
N SER B 117 20.69 31.17 -77.55
CA SER B 117 21.54 32.35 -77.69
C SER B 117 22.88 32.14 -76.99
N ALA B 118 22.86 31.81 -75.71
CA ALA B 118 24.09 31.62 -74.95
C ALA B 118 24.81 30.34 -75.32
N ASN B 119 24.15 29.42 -76.03
CA ASN B 119 24.76 28.15 -76.44
C ASN B 119 25.11 27.28 -75.21
N LEU B 120 24.45 27.54 -74.09
CA LEU B 120 24.74 26.82 -72.86
C LEU B 120 23.49 26.07 -72.38
N GLU B 121 23.70 25.22 -71.38
CA GLU B 121 22.61 24.48 -70.76
C GLU B 121 22.82 24.48 -69.25
N LEU B 122 21.71 24.28 -68.53
CA LEU B 122 21.71 24.24 -67.08
C LEU B 122 20.98 22.99 -66.62
N ARG B 123 21.44 22.41 -65.53
CA ARG B 123 20.88 21.17 -65.00
C ARG B 123 20.47 21.40 -63.55
N PHE B 124 19.26 21.90 -63.36
CA PHE B 124 18.78 22.19 -62.02
C PHE B 124 18.50 20.89 -61.28
N PRO B 125 19.13 20.65 -60.14
CA PRO B 125 18.95 19.38 -59.45
C PRO B 125 17.59 19.26 -58.78
N MET B 126 17.13 18.02 -58.65
CA MET B 126 15.85 17.76 -58.02
C MET B 126 16.00 17.76 -56.51
N THR B 127 14.87 17.88 -55.82
CA THR B 127 14.83 17.96 -54.36
C THR B 127 14.00 16.80 -53.82
N LEU B 128 14.64 15.94 -53.05
CA LEU B 128 13.94 14.80 -52.49
C LEU B 128 13.88 14.90 -50.97
N PRO B 129 12.90 14.28 -50.35
CA PRO B 129 12.92 14.17 -48.89
C PRO B 129 14.15 13.39 -48.45
N LEU B 130 14.71 13.80 -47.31
CA LEU B 130 15.90 13.15 -46.78
C LEU B 130 15.74 11.64 -46.71
N ALA B 131 14.58 11.18 -46.25
CA ALA B 131 14.38 9.76 -46.00
C ALA B 131 14.52 8.90 -47.24
N GLN B 132 14.37 9.49 -48.43
CA GLN B 132 14.56 8.75 -49.67
C GLN B 132 15.85 9.11 -50.38
N ALA B 133 16.37 10.32 -50.16
CA ALA B 133 17.69 10.65 -50.69
C ALA B 133 18.75 9.77 -50.07
N ARG B 134 18.63 9.46 -48.78
CA ARG B 134 19.53 8.51 -48.16
C ARG B 134 19.50 7.17 -48.87
N GLU B 135 18.29 6.67 -49.14
CA GLU B 135 18.18 5.36 -49.77
C GLU B 135 18.72 5.37 -51.19
N LEU B 136 18.49 6.46 -51.93
CA LEU B 136 19.03 6.54 -53.27
C LEU B 136 20.55 6.58 -53.25
N THR B 137 21.13 7.35 -52.35
CA THR B 137 22.59 7.36 -52.21
C THR B 137 23.10 5.97 -51.89
N ALA B 138 22.43 5.28 -50.98
CA ALA B 138 22.82 3.91 -50.65
C ALA B 138 22.80 3.02 -51.88
N ARG B 139 21.74 3.13 -52.68
CA ARG B 139 21.61 2.27 -53.87
C ARG B 139 22.72 2.56 -54.86
N VAL B 140 23.00 3.84 -55.10
CA VAL B 140 24.01 4.19 -56.09
C VAL B 140 25.39 3.74 -55.62
N VAL B 141 25.68 3.90 -54.32
CA VAL B 141 26.98 3.49 -53.82
C VAL B 141 27.13 1.98 -53.86
N ALA B 142 26.07 1.25 -53.51
CA ALA B 142 26.12 -0.20 -53.56
C ALA B 142 26.35 -0.69 -54.99
N ARG B 143 25.69 -0.06 -55.96
CA ARG B 143 25.90 -0.46 -57.34
C ARG B 143 27.29 -0.10 -57.81
N ALA B 144 27.82 1.03 -57.34
CA ALA B 144 29.20 1.40 -57.68
C ALA B 144 30.20 0.39 -57.11
N ALA B 145 29.88 -0.18 -55.96
CA ALA B 145 30.77 -1.17 -55.35
C ALA B 145 30.76 -2.51 -56.07
N GLU B 146 29.99 -2.67 -57.14
CA GLU B 146 29.96 -3.93 -57.87
C GLU B 146 30.97 -3.99 -59.00
N THR B 147 31.47 -2.85 -59.48
CA THR B 147 32.59 -2.82 -60.41
C THR B 147 33.83 -2.51 -59.58
N LEU B 148 34.43 -3.55 -59.05
CA LEU B 148 35.48 -3.46 -58.05
C LEU B 148 36.70 -2.70 -58.57
N GLN B 168 15.84 2.88 -65.99
CA GLN B 168 15.99 4.01 -65.08
C GLN B 168 17.31 3.92 -64.31
N LEU B 169 18.33 3.37 -64.97
CA LEU B 169 19.64 3.26 -64.33
C LEU B 169 20.73 3.65 -65.31
N PRO B 170 21.57 4.64 -64.97
CA PRO B 170 22.75 4.93 -65.78
C PRO B 170 23.96 4.17 -65.29
N PRO B 171 24.86 3.77 -66.18
CA PRO B 171 26.03 2.99 -65.78
C PRO B 171 27.16 3.88 -65.32
N PRO B 172 28.00 3.42 -64.39
CA PRO B 172 29.08 4.28 -63.88
C PRO B 172 30.31 4.31 -64.77
N HIS B 173 31.38 4.96 -64.31
CA HIS B 173 32.56 5.18 -65.12
C HIS B 173 33.83 4.54 -64.58
N ARG B 174 33.86 4.16 -63.31
CA ARG B 174 35.03 3.56 -62.65
C ARG B 174 36.11 4.60 -62.42
N ASP B 175 35.92 5.82 -62.95
CA ASP B 175 36.91 6.87 -62.74
C ASP B 175 36.91 7.32 -61.29
N ASN B 176 35.74 7.71 -60.76
CA ASN B 176 35.62 8.17 -59.39
C ASN B 176 34.77 7.26 -58.53
N ALA B 177 34.23 6.17 -59.11
CA ALA B 177 33.53 5.20 -58.28
C ALA B 177 34.47 4.60 -57.24
N GLU B 178 35.74 4.42 -57.61
CA GLU B 178 36.73 3.95 -56.65
C GLU B 178 36.85 4.90 -55.46
N ALA B 179 36.74 6.20 -55.69
CA ALA B 179 36.81 7.16 -54.58
C ALA B 179 35.66 6.94 -53.62
N ALA B 180 34.46 6.70 -54.14
CA ALA B 180 33.32 6.45 -53.27
C ALA B 180 33.49 5.15 -52.48
N THR B 181 33.94 4.09 -53.16
CA THR B 181 34.18 2.84 -52.44
C THR B 181 35.24 3.03 -51.36
N ARG B 182 36.23 3.87 -51.63
CA ARG B 182 37.25 4.16 -50.63
C ARG B 182 36.64 4.86 -49.42
N SER B 183 35.83 5.89 -49.68
CA SER B 183 35.19 6.60 -48.58
C SER B 183 34.32 5.67 -47.75
N LEU B 184 33.71 4.67 -48.39
CA LEU B 184 32.89 3.73 -47.62
C LEU B 184 33.75 2.79 -46.79
N VAL B 185 34.76 2.17 -47.42
CA VAL B 185 35.55 1.16 -46.73
C VAL B 185 36.36 1.79 -45.60
N LEU B 186 36.69 3.07 -45.71
CA LEU B 186 37.41 3.71 -44.61
C LEU B 186 36.59 3.71 -43.33
N ASN B 187 35.36 4.24 -43.41
CA ASN B 187 34.50 4.26 -42.24
C ASN B 187 34.14 2.87 -41.78
N MET B 188 34.03 1.91 -42.70
CA MET B 188 33.67 0.57 -42.25
C MET B 188 34.84 -0.13 -41.58
N ILE B 189 36.07 0.18 -42.00
CA ILE B 189 37.24 -0.39 -41.35
C ILE B 189 37.42 0.22 -39.97
N PHE B 190 37.30 1.53 -39.87
CA PHE B 190 37.56 2.15 -38.57
C PHE B 190 36.47 1.89 -37.57
N LEU B 191 35.47 1.09 -37.92
CA LEU B 191 34.49 0.64 -36.95
C LEU B 191 34.95 -0.58 -36.19
N LEU B 192 35.87 -1.36 -36.75
CA LEU B 192 36.40 -2.54 -36.08
C LEU B 192 37.35 -2.11 -34.98
N ASN B 193 36.97 -2.37 -33.73
CA ASN B 193 37.80 -2.06 -32.59
C ASN B 193 37.82 -3.26 -31.67
N GLU B 194 38.55 -3.14 -30.57
CA GLU B 194 38.74 -4.26 -29.67
C GLU B 194 37.48 -4.59 -28.89
N GLY B 195 36.52 -3.67 -28.79
CA GLY B 195 35.26 -3.98 -28.16
C GLY B 195 34.24 -4.44 -29.17
N ALA B 196 34.49 -4.13 -30.44
CA ALA B 196 33.63 -4.63 -31.51
C ALA B 196 33.63 -6.14 -31.54
N VAL B 197 34.77 -6.77 -31.27
CA VAL B 197 34.82 -8.23 -31.21
C VAL B 197 33.99 -8.74 -30.04
N ILE B 198 34.05 -8.06 -28.90
CA ILE B 198 33.21 -8.44 -27.77
C ILE B 198 31.75 -8.41 -28.16
N LEU B 199 31.32 -7.30 -28.75
CA LEU B 199 29.92 -7.18 -29.15
C LEU B 199 29.56 -8.19 -30.22
N LEU B 200 30.52 -8.56 -31.07
CA LEU B 200 30.30 -9.60 -32.07
C LEU B 200 30.17 -10.96 -31.42
N SER B 201 30.73 -11.15 -30.23
CA SER B 201 30.72 -12.47 -29.60
C SER B 201 29.32 -12.91 -29.25
N LEU B 202 28.38 -12.00 -29.06
CA LEU B 202 27.06 -12.35 -28.57
C LEU B 202 26.02 -12.51 -29.67
N ILE B 203 26.45 -12.62 -30.94
CA ILE B 203 25.50 -12.81 -32.03
C ILE B 203 24.54 -13.98 -31.77
N PRO B 204 25.01 -15.17 -31.41
CA PRO B 204 24.04 -16.21 -31.05
C PRO B 204 23.27 -15.87 -29.79
N ASN B 205 23.92 -15.22 -28.83
CA ASN B 205 23.23 -14.80 -27.62
C ASN B 205 22.23 -13.70 -27.89
N LEU B 206 22.23 -13.14 -29.09
CA LEU B 206 21.21 -12.19 -29.52
C LEU B 206 20.12 -12.87 -30.35
N LEU B 207 20.51 -13.79 -31.24
CA LEU B 207 19.53 -14.56 -31.98
C LEU B 207 18.59 -15.30 -31.04
N THR B 208 19.16 -15.96 -30.02
CA THR B 208 18.32 -16.68 -29.07
C THR B 208 17.36 -15.76 -28.34
N LEU B 209 17.60 -14.45 -28.36
CA LEU B 209 16.61 -13.49 -27.87
C LEU B 209 15.63 -13.10 -28.96
N GLY B 210 16.08 -13.07 -30.21
CA GLY B 210 15.20 -12.71 -31.32
C GLY B 210 14.11 -13.71 -31.61
N ALA B 211 14.10 -14.87 -30.96
CA ALA B 211 13.04 -15.86 -31.15
C ALA B 211 12.19 -16.02 -29.90
N GLN B 212 12.36 -15.16 -28.91
CA GLN B 212 11.53 -15.18 -27.71
C GLN B 212 10.52 -14.03 -27.67
N ASP B 213 10.71 -13.00 -28.47
CA ASP B 213 9.81 -11.85 -28.49
C ASP B 213 9.57 -11.43 -29.94
N GLY B 214 8.41 -10.84 -30.18
CA GLY B 214 8.05 -10.41 -31.52
C GLY B 214 8.82 -9.19 -31.97
N TYR B 215 8.83 -8.15 -31.13
CA TYR B 215 9.53 -6.92 -31.49
C TYR B 215 10.99 -7.19 -31.83
N ALA B 216 11.69 -7.87 -30.92
CA ALA B 216 13.08 -8.21 -31.17
C ALA B 216 13.25 -8.90 -32.51
N ASN B 217 12.36 -9.84 -32.83
CA ASN B 217 12.43 -10.51 -34.12
C ASN B 217 12.30 -9.51 -35.25
N ALA B 218 11.40 -8.54 -35.12
CA ALA B 218 11.22 -7.57 -36.19
C ALA B 218 12.40 -6.61 -36.30
N VAL B 219 13.18 -6.45 -35.24
CA VAL B 219 14.36 -5.59 -35.32
C VAL B 219 15.44 -6.22 -36.19
N ILE B 220 15.46 -7.54 -36.31
CA ILE B 220 16.44 -8.25 -37.11
C ILE B 220 15.77 -8.60 -38.44
N GLN B 221 16.24 -7.99 -39.52
CA GLN B 221 15.58 -8.14 -40.81
C GLN B 221 15.78 -9.55 -41.35
N LEU B 222 15.24 -9.77 -42.56
CA LEU B 222 15.32 -11.08 -43.19
C LEU B 222 16.66 -11.30 -43.90
N GLY B 223 17.08 -10.37 -44.73
CA GLY B 223 18.34 -10.50 -45.42
C GLY B 223 19.48 -9.88 -44.64
N SER B 224 19.49 -10.12 -43.33
CA SER B 224 20.33 -9.38 -42.40
C SER B 224 21.80 -9.76 -42.47
N ALA B 225 22.16 -10.77 -43.24
CA ALA B 225 23.55 -11.17 -43.46
C ALA B 225 24.28 -11.54 -42.16
N THR B 226 23.57 -11.62 -41.05
CA THR B 226 24.18 -12.03 -39.79
C THR B 226 23.40 -13.18 -39.20
N ARG B 227 22.11 -13.26 -39.51
CA ARG B 227 21.37 -14.48 -39.22
C ARG B 227 21.95 -15.66 -39.96
N GLU B 228 22.52 -15.42 -41.15
CA GLU B 228 23.22 -16.45 -41.87
C GLU B 228 24.61 -16.72 -41.31
N LEU B 229 25.04 -15.98 -40.30
CA LEU B 229 26.29 -16.27 -39.62
C LEU B 229 26.08 -17.07 -38.34
N GLY B 230 25.04 -16.76 -37.58
CA GLY B 230 24.80 -17.45 -36.33
C GLY B 230 24.43 -18.91 -36.49
N GLN B 231 24.34 -19.36 -37.73
CA GLN B 231 24.07 -20.76 -38.03
C GLN B 231 25.27 -21.49 -38.62
N LEU B 232 26.34 -20.79 -38.94
CA LEU B 232 27.46 -21.40 -39.64
C LEU B 232 28.73 -21.46 -38.82
N VAL B 233 28.96 -20.50 -37.92
CA VAL B 233 30.24 -20.33 -37.26
C VAL B 233 30.04 -20.31 -35.75
N ARG B 234 30.95 -20.97 -35.04
CA ARG B 234 31.04 -20.90 -33.59
C ARG B 234 32.33 -20.20 -33.22
N GLN B 235 32.28 -19.37 -32.18
CA GLN B 235 33.43 -18.59 -31.77
C GLN B 235 33.69 -18.77 -30.28
N PRO B 236 34.95 -18.87 -29.89
CA PRO B 236 35.27 -19.00 -28.46
C PRO B 236 35.05 -17.69 -27.74
N PRO B 237 35.05 -17.70 -26.42
CA PRO B 237 35.00 -16.44 -25.66
C PRO B 237 36.22 -15.60 -25.97
N PRO B 238 36.05 -14.28 -26.11
CA PRO B 238 37.16 -13.46 -26.59
C PRO B 238 38.23 -13.33 -25.54
N PRO B 239 39.49 -13.12 -25.94
CA PRO B 239 40.55 -12.95 -24.95
C PRO B 239 40.41 -11.63 -24.23
N LEU B 240 40.74 -11.64 -22.94
CA LEU B 240 40.59 -10.45 -22.14
C LEU B 240 41.59 -9.39 -22.58
N PRO B 241 41.20 -8.13 -22.65
CA PRO B 241 42.08 -7.08 -23.15
C PRO B 241 43.33 -6.87 -22.34
N GLN B 242 44.27 -6.08 -22.88
CA GLN B 242 45.41 -5.65 -22.11
C GLN B 242 44.94 -4.69 -21.02
N ASP B 243 45.05 -5.11 -19.78
CA ASP B 243 44.58 -4.33 -18.64
C ASP B 243 43.09 -4.01 -18.82
N HIS B 244 42.28 -5.06 -18.76
CA HIS B 244 40.84 -4.88 -18.83
C HIS B 244 40.25 -4.39 -17.52
N ALA B 245 40.97 -4.58 -16.41
CA ALA B 245 40.41 -4.21 -15.12
C ALA B 245 40.32 -2.71 -14.92
N ARG B 246 40.99 -1.90 -15.73
CA ARG B 246 41.04 -0.46 -15.57
C ARG B 246 40.07 0.28 -16.47
N ARG B 247 39.91 -0.16 -17.71
CA ARG B 247 38.99 0.46 -18.66
C ARG B 247 38.07 -0.60 -19.22
N PHE B 248 36.95 -0.15 -19.79
CA PHE B 248 35.90 -1.01 -20.32
C PHE B 248 35.67 -0.61 -21.78
N CYS B 249 35.83 -1.58 -22.68
CA CYS B 249 36.02 -1.25 -24.10
C CYS B 249 34.72 -1.08 -24.86
N VAL B 250 33.69 -1.84 -24.47
CA VAL B 250 32.45 -1.84 -25.24
C VAL B 250 31.85 -0.44 -25.32
N PHE B 251 32.07 0.38 -24.29
CA PHE B 251 31.42 1.67 -24.25
C PHE B 251 32.01 2.64 -25.27
N GLU B 252 33.33 2.73 -25.34
CA GLU B 252 33.90 3.61 -26.35
C GLU B 252 33.72 3.03 -27.74
N ALA B 253 33.64 1.70 -27.84
CA ALA B 253 33.23 1.12 -29.12
C ALA B 253 31.89 1.67 -29.57
N LEU B 254 30.90 1.65 -28.66
CA LEU B 254 29.57 2.11 -29.01
C LEU B 254 29.55 3.62 -29.25
N GLU B 255 30.36 4.38 -28.52
CA GLU B 255 30.42 5.82 -28.76
C GLU B 255 31.00 6.11 -30.14
N ALA B 256 32.09 5.42 -30.50
CA ALA B 256 32.63 5.57 -31.85
C ALA B 256 31.59 5.23 -32.89
N TRP B 257 30.79 4.19 -32.64
CA TRP B 257 29.77 3.81 -33.60
C TRP B 257 28.71 4.90 -33.74
N ILE B 258 28.25 5.44 -32.62
CA ILE B 258 27.24 6.49 -32.67
C ILE B 258 27.75 7.69 -33.45
N ALA B 259 28.97 8.12 -33.13
CA ALA B 259 29.52 9.30 -33.81
C ALA B 259 29.72 9.05 -35.30
N SER B 260 30.17 7.85 -35.67
CA SER B 260 30.43 7.57 -37.07
C SER B 260 29.14 7.43 -37.86
N ALA B 261 28.12 6.80 -37.27
CA ALA B 261 26.86 6.64 -37.98
C ALA B 261 26.08 7.94 -38.05
N SER B 262 26.35 8.87 -37.12
CA SER B 262 25.67 10.17 -37.19
C SER B 262 26.05 10.92 -38.45
N ARG B 263 27.27 10.75 -38.95
CA ARG B 263 27.73 11.47 -40.12
C ARG B 263 28.23 10.52 -41.19
N LEU B 264 27.56 9.40 -41.37
CA LEU B 264 27.92 8.47 -42.43
C LEU B 264 27.35 8.91 -43.77
N GLY B 265 26.03 9.06 -43.85
CA GLY B 265 25.41 9.42 -45.11
C GLY B 265 25.92 10.74 -45.65
N ASP B 266 26.17 11.70 -44.76
CA ASP B 266 26.78 12.96 -45.15
C ASP B 266 28.06 12.73 -45.95
N THR B 267 28.91 11.82 -45.49
CA THR B 267 30.17 11.56 -46.15
C THR B 267 29.99 11.02 -47.56
N LEU B 268 28.84 10.41 -47.86
CA LEU B 268 28.58 9.88 -49.20
C LEU B 268 27.59 10.74 -49.98
N GLY B 269 26.42 11.01 -49.41
CA GLY B 269 25.40 11.78 -50.10
C GLY B 269 25.53 13.27 -49.91
N THR B 270 24.49 13.92 -49.42
CA THR B 270 24.49 15.36 -49.21
C THR B 270 23.74 15.70 -47.93
N ARG B 271 24.22 16.73 -47.25
CA ARG B 271 23.61 17.14 -45.99
C ARG B 271 22.22 17.73 -46.24
N PRO B 272 21.32 17.64 -45.26
CA PRO B 272 20.03 18.32 -45.40
C PRO B 272 20.21 19.84 -45.39
N VAL B 273 19.44 20.50 -46.23
CA VAL B 273 19.65 21.91 -46.50
C VAL B 273 18.51 22.80 -46.01
N ALA B 274 17.30 22.26 -45.88
CA ALA B 274 16.17 23.04 -45.38
C ALA B 274 15.07 22.08 -44.99
N ARG B 275 14.26 22.51 -44.02
CA ARG B 275 13.05 21.79 -43.64
C ARG B 275 11.85 22.62 -44.06
N VAL B 276 10.86 21.98 -44.65
CA VAL B 276 9.73 22.66 -45.25
C VAL B 276 8.66 22.88 -44.19
N CYS B 277 8.06 24.06 -44.19
CA CYS B 277 6.99 24.40 -43.25
C CYS B 277 6.01 25.34 -43.91
N ILE B 278 4.72 25.01 -43.79
CA ILE B 278 3.65 25.79 -44.38
C ILE B 278 2.66 26.15 -43.30
N PHE B 279 2.11 27.37 -43.37
CA PHE B 279 1.16 27.86 -42.39
C PHE B 279 -0.28 27.78 -42.87
N ASP B 280 -0.54 28.11 -44.13
CA ASP B 280 -1.90 28.20 -44.66
C ASP B 280 -2.22 27.12 -45.66
N GLY B 281 -1.43 27.00 -46.74
CA GLY B 281 -1.70 26.04 -47.78
C GLY B 281 -1.79 24.62 -47.26
N PRO B 282 -2.37 23.72 -48.07
CA PRO B 282 -2.48 22.34 -47.64
C PRO B 282 -1.11 21.72 -47.44
N PRO B 283 -0.99 20.73 -46.55
CA PRO B 283 0.35 20.24 -46.18
C PRO B 283 1.14 19.67 -47.34
N THR B 284 0.60 18.64 -47.99
CA THR B 284 1.31 18.03 -49.11
C THR B 284 1.30 18.98 -50.30
N VAL B 285 2.44 19.11 -50.97
CA VAL B 285 2.55 19.92 -52.17
C VAL B 285 2.96 19.02 -53.33
N PRO B 286 2.22 19.00 -54.43
CA PRO B 286 2.54 18.11 -55.53
C PRO B 286 3.75 18.61 -56.30
N PRO B 287 4.35 17.78 -57.15
CA PRO B 287 5.55 18.21 -57.89
C PRO B 287 5.25 19.38 -58.81
N GLY B 288 6.32 20.06 -59.20
CA GLY B 288 6.17 21.24 -60.03
C GLY B 288 5.35 22.33 -59.40
N GLU B 289 5.40 22.47 -58.08
CA GLU B 289 4.63 23.48 -57.38
C GLU B 289 5.52 24.16 -56.35
N LYS B 290 5.41 25.48 -56.25
CA LYS B 290 6.26 26.25 -55.35
C LYS B 290 5.74 26.14 -53.93
N ALA B 291 6.64 25.82 -52.99
CA ALA B 291 6.29 25.63 -51.59
C ALA B 291 7.27 26.38 -50.71
N ALA B 292 6.75 27.03 -49.68
CA ALA B 292 7.58 27.81 -48.77
C ALA B 292 8.50 26.89 -47.98
N VAL B 293 9.56 27.48 -47.43
CA VAL B 293 10.55 26.70 -46.69
C VAL B 293 11.39 27.61 -45.81
N VAL B 294 11.83 27.09 -44.68
CA VAL B 294 12.86 27.72 -43.86
C VAL B 294 14.10 26.85 -43.98
N GLU B 295 15.27 27.47 -43.89
CA GLU B 295 16.52 26.76 -44.10
C GLU B 295 17.20 26.48 -42.76
N VAL B 296 17.89 25.35 -42.71
CA VAL B 296 18.69 24.99 -41.54
C VAL B 296 20.05 24.51 -42.01
N MET C 1 5.52 43.74 -124.79
CA MET C 1 6.90 43.84 -125.15
C MET C 1 7.16 44.16 -126.63
N GLU C 2 8.17 45.01 -126.82
CA GLU C 2 8.56 45.54 -128.12
C GLU C 2 10.05 45.81 -128.06
N VAL C 3 10.78 45.38 -129.06
CA VAL C 3 12.22 45.61 -129.10
C VAL C 3 12.48 46.93 -129.80
N ASP C 4 13.41 47.72 -129.24
CA ASP C 4 13.77 49.03 -129.79
C ASP C 4 15.22 48.94 -130.23
N ILE C 5 15.44 48.70 -131.51
CA ILE C 5 16.80 48.65 -132.05
C ILE C 5 17.14 50.05 -132.57
N ALA C 6 17.91 50.79 -131.77
CA ALA C 6 18.28 52.16 -132.15
C ALA C 6 19.23 52.14 -133.33
N LEU C 7 19.10 53.17 -134.18
CA LEU C 7 19.91 53.27 -135.37
C LEU C 7 20.86 54.47 -135.28
N PRO C 8 22.07 54.34 -135.81
CA PRO C 8 22.95 55.51 -135.91
C PRO C 8 22.48 56.44 -137.02
N THR C 9 23.23 57.50 -137.30
CA THR C 9 22.89 58.31 -138.47
C THR C 9 23.25 57.56 -139.74
N LEU C 10 22.35 57.59 -140.71
CA LEU C 10 22.53 56.88 -141.97
C LEU C 10 22.45 57.88 -143.12
N SER C 11 22.76 57.40 -144.31
CA SER C 11 22.66 58.26 -145.48
C SER C 11 21.20 58.43 -145.86
N PRO C 12 20.73 59.65 -146.08
CA PRO C 12 19.37 59.82 -146.61
C PRO C 12 19.14 59.09 -147.91
N GLY C 13 20.19 58.85 -148.70
CA GLY C 13 20.10 57.99 -149.85
C GLY C 13 19.98 56.52 -149.52
N ASP C 14 20.14 56.14 -148.24
CA ASP C 14 20.01 54.77 -147.83
C ASP C 14 19.05 54.55 -146.67
N LEU C 15 18.84 55.55 -145.81
CA LEU C 15 17.77 55.44 -144.82
C LEU C 15 16.45 55.09 -145.49
N SER C 16 16.13 55.79 -146.58
CA SER C 16 14.89 55.53 -147.30
C SER C 16 14.84 54.11 -147.85
N ALA C 17 15.97 53.60 -148.34
CA ALA C 17 16.00 52.22 -148.82
C ALA C 17 15.73 51.25 -147.69
N LEU C 18 16.22 51.57 -146.49
CA LEU C 18 16.00 50.69 -145.35
C LEU C 18 14.57 50.79 -144.84
N GLN C 19 13.90 51.90 -145.13
CA GLN C 19 12.48 52.00 -144.81
C GLN C 19 11.64 50.98 -145.58
N ARG C 20 12.20 50.40 -146.65
CA ARG C 20 11.50 49.37 -147.41
C ARG C 20 11.56 48.00 -146.74
N CYS C 21 11.99 47.93 -145.48
CA CYS C 21 12.09 46.68 -144.74
C CYS C 21 11.08 46.74 -143.60
N GLU C 22 9.91 46.15 -143.84
CA GLU C 22 8.82 46.19 -142.89
C GLU C 22 8.30 44.82 -142.50
N GLY C 23 8.73 43.76 -143.19
CA GLY C 23 8.25 42.43 -142.89
C GLY C 23 9.34 41.39 -142.91
N ARG C 24 10.58 41.82 -142.76
CA ARG C 24 11.72 40.91 -142.71
C ARG C 24 12.17 40.72 -141.28
N VAL C 25 12.61 39.51 -140.98
CA VAL C 25 12.95 39.14 -139.61
C VAL C 25 14.45 39.25 -139.40
N VAL C 26 14.83 39.45 -138.14
CA VAL C 26 16.23 39.58 -137.74
C VAL C 26 16.47 38.71 -136.52
N PHE C 27 17.74 38.37 -136.30
CA PHE C 27 18.12 37.40 -135.28
C PHE C 27 18.92 38.09 -134.18
N LEU C 28 18.26 38.40 -133.08
CA LEU C 28 18.93 38.98 -131.93
C LEU C 28 19.77 37.92 -131.23
N GLU C 29 20.34 38.27 -130.08
CA GLU C 29 20.97 37.29 -129.21
C GLU C 29 20.43 37.30 -127.80
N THR C 30 19.98 38.44 -127.29
CA THR C 30 19.30 38.48 -126.01
C THR C 30 18.13 39.46 -126.13
N LEU C 31 17.20 39.34 -125.19
CA LEU C 31 15.88 39.98 -125.30
C LEU C 31 15.76 41.22 -124.41
N ARG C 32 16.82 42.00 -124.27
CA ARG C 32 16.70 43.25 -123.54
C ARG C 32 15.87 44.25 -124.34
N ARG C 33 15.13 45.10 -123.63
CA ARG C 33 14.16 45.98 -124.28
C ARG C 33 14.83 46.92 -125.27
N HIS C 34 16.05 47.36 -125.00
CA HIS C 34 16.80 48.19 -125.93
C HIS C 34 17.92 47.37 -126.54
N ALA C 35 18.42 47.86 -127.67
CA ALA C 35 19.49 47.19 -128.42
C ALA C 35 20.01 48.18 -129.45
N THR C 36 20.98 47.73 -130.24
CA THR C 36 21.63 48.57 -131.24
C THR C 36 21.72 47.84 -132.57
N LEU C 37 21.73 48.62 -133.65
CA LEU C 37 21.78 48.05 -134.99
C LEU C 37 23.09 47.33 -135.24
N ARG C 38 24.20 47.89 -134.75
CA ARG C 38 25.50 47.25 -134.88
C ARG C 38 25.48 45.82 -134.34
N GLU C 39 24.54 45.49 -133.46
CA GLU C 39 24.54 44.16 -132.86
C GLU C 39 23.97 43.11 -133.81
N VAL C 40 22.70 43.25 -134.19
CA VAL C 40 22.08 42.25 -135.07
C VAL C 40 22.64 42.44 -136.47
N ALA C 41 23.61 41.62 -136.82
CA ALA C 41 24.29 41.75 -138.10
C ALA C 41 25.13 40.50 -138.35
N LEU C 42 25.12 40.05 -139.60
CA LEU C 42 25.89 38.91 -140.07
C LEU C 42 26.67 39.34 -141.30
N PRO C 43 27.82 38.74 -141.54
CA PRO C 43 28.56 39.05 -142.77
C PRO C 43 27.84 38.60 -144.01
N CYS C 44 28.49 38.73 -145.16
CA CYS C 44 27.92 38.32 -146.43
C CYS C 44 27.73 36.80 -146.45
N GLY C 45 27.22 36.30 -147.57
CA GLY C 45 26.92 34.88 -147.73
C GLY C 45 28.10 33.96 -147.51
N GLY C 46 27.80 32.69 -147.20
CA GLY C 46 28.84 31.70 -147.00
C GLY C 46 28.46 30.68 -145.93
N ASP C 47 28.68 29.40 -146.23
CA ASP C 47 28.44 28.30 -145.30
C ASP C 47 26.98 28.27 -144.83
N VAL C 48 26.11 27.96 -145.79
CA VAL C 48 24.66 27.91 -145.52
C VAL C 48 24.37 27.01 -144.33
N LEU C 49 25.14 25.93 -144.18
CA LEU C 49 24.93 25.04 -143.04
C LEU C 49 25.35 25.70 -141.73
N ALA C 50 26.45 26.46 -141.74
CA ALA C 50 26.79 27.26 -140.58
C ALA C 50 25.67 28.22 -140.23
N ALA C 51 25.12 28.88 -141.24
CA ALA C 51 24.04 29.84 -141.01
C ALA C 51 22.84 29.15 -140.37
N MET C 52 22.36 28.07 -140.98
CA MET C 52 21.20 27.39 -140.42
C MET C 52 21.47 26.82 -139.04
N ALA C 53 22.73 26.49 -138.72
CA ALA C 53 23.05 26.15 -137.35
C ALA C 53 23.00 27.37 -136.45
N ALA C 54 23.26 28.55 -137.00
CA ALA C 54 23.17 29.78 -136.23
C ALA C 54 21.74 30.19 -135.94
N TYR C 55 20.79 29.77 -136.77
CA TYR C 55 19.40 30.18 -136.65
C TYR C 55 18.60 29.35 -135.66
N ARG C 56 19.27 28.56 -134.81
CA ARG C 56 18.58 27.76 -133.82
C ARG C 56 18.88 28.17 -132.38
N ARG C 57 20.05 28.76 -132.14
CA ARG C 57 20.43 29.20 -130.81
C ARG C 57 20.00 30.63 -130.52
N ARG C 58 19.55 31.37 -131.53
CA ARG C 58 19.22 32.77 -131.39
C ARG C 58 17.79 33.00 -131.89
N PHE C 59 16.89 33.33 -130.97
CA PHE C 59 15.50 33.54 -131.34
C PHE C 59 15.36 34.85 -132.13
N ALA C 60 14.43 34.83 -133.08
CA ALA C 60 14.30 35.90 -134.05
C ALA C 60 13.22 36.90 -133.64
N ALA C 61 13.14 37.99 -134.38
CA ALA C 61 12.13 39.01 -134.17
C ALA C 61 11.85 39.72 -135.48
N VAL C 62 10.61 40.13 -135.68
CA VAL C 62 10.18 40.81 -136.90
C VAL C 62 10.06 42.30 -136.62
N ILE C 63 10.42 43.11 -137.60
CA ILE C 63 10.37 44.55 -137.48
C ILE C 63 9.01 45.04 -137.98
N THR C 64 8.56 46.16 -137.44
CA THR C 64 7.22 46.68 -137.76
C THR C 64 7.25 48.12 -138.23
N ARG C 65 8.08 48.96 -137.65
CA ARG C 65 8.12 50.37 -137.98
C ARG C 65 9.57 50.82 -138.09
N VAL C 66 9.83 51.72 -139.04
CA VAL C 66 11.17 52.26 -139.23
C VAL C 66 11.08 53.79 -139.30
N THR C 67 11.29 54.45 -138.18
CA THR C 67 11.37 55.90 -138.15
C THR C 67 12.83 56.33 -138.19
N PRO C 68 13.12 57.53 -138.69
CA PRO C 68 14.52 57.98 -138.78
C PRO C 68 15.28 57.93 -137.46
N HIS C 69 14.63 57.65 -136.33
CA HIS C 69 15.30 57.62 -135.04
C HIS C 69 15.42 56.19 -134.50
N ARG C 70 14.32 55.50 -134.31
CA ARG C 70 14.32 54.15 -133.75
C ARG C 70 13.74 53.18 -134.77
N MET C 71 13.75 51.91 -134.43
CA MET C 71 13.17 50.87 -135.27
C MET C 71 12.57 49.82 -134.35
N LEU C 72 11.25 49.78 -134.28
CA LEU C 72 10.60 48.81 -133.41
C LEU C 72 10.74 47.41 -134.00
N ALA C 73 10.30 46.43 -133.22
CA ALA C 73 10.33 45.04 -133.65
C ALA C 73 9.36 44.26 -132.78
N THR C 74 9.39 42.93 -132.89
CA THR C 74 8.56 42.09 -132.05
C THR C 74 9.17 40.71 -131.92
N PRO C 75 9.44 40.25 -130.70
CA PRO C 75 10.00 38.91 -130.52
C PRO C 75 9.07 37.85 -131.08
N LEU C 76 9.57 37.04 -132.01
CA LEU C 76 8.73 36.19 -132.82
C LEU C 76 7.89 35.26 -131.96
N GLY C 77 8.50 34.30 -131.27
CA GLY C 77 7.78 33.56 -130.26
C GLY C 77 8.53 33.48 -128.96
N VAL C 78 8.03 34.14 -127.92
CA VAL C 78 8.65 33.97 -126.61
C VAL C 78 7.61 33.59 -125.57
N GLY C 79 6.38 34.03 -125.79
CA GLY C 79 5.23 33.64 -124.98
C GLY C 79 3.92 33.62 -125.74
N GLY C 80 3.98 34.01 -127.01
CA GLY C 80 2.79 34.26 -127.82
C GLY C 80 2.36 32.97 -128.50
N ARG C 81 1.05 32.77 -128.58
CA ARG C 81 0.48 31.64 -129.28
C ARG C 81 -0.47 32.03 -130.40
N GLY C 82 -0.92 33.28 -130.44
CA GLY C 82 -1.78 33.75 -131.49
C GLY C 82 -1.47 35.19 -131.87
N GLN C 83 -0.27 35.64 -131.55
CA GLN C 83 0.08 37.05 -131.72
C GLN C 83 0.19 37.37 -133.21
N SER C 84 -0.88 37.91 -133.78
CA SER C 84 -0.93 38.16 -135.21
C SER C 84 -0.05 39.34 -135.58
N LEU C 85 0.76 39.15 -136.61
CA LEU C 85 1.62 40.21 -137.15
C LEU C 85 1.69 40.06 -138.66
N VAL C 86 2.55 40.83 -139.30
CA VAL C 86 2.73 40.79 -140.74
C VAL C 86 4.21 40.56 -141.04
N LEU C 87 4.48 39.79 -142.08
CA LEU C 87 5.83 39.62 -142.60
C LEU C 87 5.71 39.31 -144.08
N GLN C 88 6.67 39.81 -144.84
CA GLN C 88 6.65 39.71 -146.30
C GLN C 88 7.44 38.50 -146.77
N ASN C 89 6.95 37.87 -147.83
CA ASN C 89 7.68 36.79 -148.47
C ASN C 89 8.91 37.34 -149.16
N THR C 90 10.06 36.72 -148.90
CA THR C 90 11.28 37.11 -149.58
C THR C 90 12.01 35.88 -150.12
N GLY C 91 11.23 34.84 -150.44
CA GLY C 91 11.77 33.64 -151.04
C GLY C 91 11.42 33.53 -152.50
N PRO C 92 11.87 32.47 -153.16
CA PRO C 92 11.58 32.29 -154.58
C PRO C 92 10.23 31.67 -154.84
N PHE C 93 9.73 30.91 -153.86
CA PHE C 93 8.44 30.25 -153.98
C PHE C 93 7.34 31.14 -153.43
N ASP C 94 6.11 30.84 -153.86
CA ASP C 94 4.93 31.53 -153.34
C ASP C 94 4.49 30.85 -152.06
N LEU C 95 3.37 31.29 -151.50
CA LEU C 95 2.81 30.66 -150.31
C LEU C 95 1.30 30.86 -150.31
N THR C 96 0.57 29.77 -150.15
CA THR C 96 -0.88 29.76 -150.13
C THR C 96 -1.37 29.85 -148.68
N ASN C 97 -2.69 29.92 -148.51
CA ASN C 97 -3.26 30.02 -147.18
C ASN C 97 -3.00 28.76 -146.37
N GLY C 98 -2.94 28.93 -145.06
CA GLY C 98 -2.93 27.81 -144.13
C GLY C 98 -1.60 27.20 -143.80
N ASP C 99 -0.74 27.00 -144.81
CA ASP C 99 0.50 26.27 -144.60
C ASP C 99 1.45 27.03 -143.69
N HIS C 100 2.25 26.27 -142.93
CA HIS C 100 3.23 26.88 -142.05
C HIS C 100 4.40 27.45 -142.85
N VAL C 101 5.12 28.35 -142.21
CA VAL C 101 6.29 28.99 -142.81
C VAL C 101 7.53 28.58 -142.02
N CYS C 102 8.65 28.51 -142.73
CA CYS C 102 9.94 28.23 -142.11
C CYS C 102 10.95 29.26 -142.59
N LEU C 103 12.00 29.43 -141.79
CA LEU C 103 13.07 30.38 -142.09
C LEU C 103 14.34 29.61 -142.44
N VAL C 104 14.90 29.89 -143.61
CA VAL C 104 16.13 29.25 -144.03
C VAL C 104 17.08 30.36 -144.47
N PRO C 105 18.39 30.21 -144.24
CA PRO C 105 19.34 31.26 -144.64
C PRO C 105 19.22 31.59 -146.12
N PRO C 106 19.71 32.76 -146.54
CA PRO C 106 19.58 33.15 -147.95
C PRO C 106 20.50 32.33 -148.84
N LEU C 107 19.94 31.83 -149.93
CA LEU C 107 20.70 31.00 -150.85
C LEU C 107 21.42 31.87 -151.89
N LEU C 108 22.60 31.42 -152.30
CA LEU C 108 23.41 32.06 -153.34
C LEU C 108 23.95 33.41 -152.91
N GLY C 109 23.56 33.87 -151.73
CA GLY C 109 24.02 35.17 -151.29
C GLY C 109 23.55 36.29 -152.21
N ASP C 110 24.33 37.38 -152.18
CA ASP C 110 24.15 38.56 -153.04
C ASP C 110 22.93 39.37 -152.62
N GLU C 111 22.19 38.89 -151.63
CA GLU C 111 21.10 39.65 -151.02
C GLU C 111 21.60 40.17 -149.67
N CYS C 112 22.26 41.32 -149.72
CA CYS C 112 22.81 41.96 -148.54
C CYS C 112 22.42 43.43 -148.56
N LEU C 113 21.71 43.87 -147.52
CA LEU C 113 21.28 45.25 -147.44
C LEU C 113 22.46 46.10 -146.99
N ARG C 114 23.23 46.60 -147.95
CA ARG C 114 24.46 47.31 -147.66
C ARG C 114 24.18 48.71 -147.13
N LEU C 115 24.83 49.06 -146.01
CA LEU C 115 24.68 50.37 -145.37
C LEU C 115 26.06 50.99 -145.22
N THR C 116 26.52 51.69 -146.25
CA THR C 116 27.85 52.27 -146.23
C THR C 116 28.02 53.31 -145.11
N SER C 117 26.93 53.95 -144.68
CA SER C 117 27.05 54.96 -143.64
C SER C 117 27.43 54.33 -142.30
N ALA C 118 26.66 53.34 -141.85
CA ALA C 118 26.99 52.61 -140.64
C ALA C 118 28.05 51.55 -140.88
N ASN C 119 28.47 51.35 -142.13
CA ASN C 119 29.50 50.38 -142.51
C ASN C 119 29.09 48.94 -142.25
N LEU C 120 27.84 48.70 -141.89
CA LEU C 120 27.36 47.37 -141.54
C LEU C 120 26.20 46.98 -142.43
N GLU C 121 26.14 45.68 -142.76
CA GLU C 121 25.12 45.15 -143.66
C GLU C 121 24.43 43.97 -143.02
N LEU C 122 23.23 43.67 -143.52
CA LEU C 122 22.40 42.60 -142.98
C LEU C 122 22.05 41.60 -144.08
N ARG C 123 21.54 40.45 -143.66
CA ARG C 123 21.06 39.39 -144.55
C ARG C 123 19.72 38.92 -144.00
N PHE C 124 18.65 39.50 -144.49
CA PHE C 124 17.33 39.11 -144.01
C PHE C 124 17.00 37.73 -144.56
N PRO C 125 16.76 36.73 -143.71
CA PRO C 125 16.57 35.37 -144.21
C PRO C 125 15.23 35.21 -144.89
N MET C 126 15.17 34.23 -145.80
CA MET C 126 13.98 34.03 -146.62
C MET C 126 12.97 33.16 -145.88
N THR C 127 11.76 33.11 -146.44
CA THR C 127 10.65 32.36 -145.88
C THR C 127 10.12 31.41 -146.92
N LEU C 128 10.07 30.12 -146.58
CA LEU C 128 9.60 29.08 -147.47
C LEU C 128 8.43 28.33 -146.85
N PRO C 129 7.60 27.70 -147.67
CA PRO C 129 6.67 26.71 -147.13
C PRO C 129 7.43 25.57 -146.47
N LEU C 130 6.78 24.94 -145.50
CA LEU C 130 7.43 23.90 -144.71
C LEU C 130 7.94 22.76 -145.59
N ALA C 131 7.02 22.11 -146.31
CA ALA C 131 7.29 20.85 -147.00
C ALA C 131 8.39 21.02 -148.06
N GLN C 132 8.68 22.26 -148.44
CA GLN C 132 9.72 22.56 -149.43
C GLN C 132 11.06 22.91 -148.80
N ALA C 133 11.05 23.64 -147.69
CA ALA C 133 12.27 23.79 -146.91
C ALA C 133 12.77 22.44 -146.43
N ARG C 134 11.86 21.48 -146.21
CA ARG C 134 12.27 20.12 -145.88
C ARG C 134 13.16 19.56 -146.98
N GLU C 135 12.70 19.63 -148.24
CA GLU C 135 13.50 19.15 -149.36
C GLU C 135 14.82 19.89 -149.45
N LEU C 136 14.80 21.22 -149.25
CA LEU C 136 16.03 22.00 -149.36
C LEU C 136 17.06 21.55 -148.35
N THR C 137 16.68 21.49 -147.07
CA THR C 137 17.59 21.07 -146.03
C THR C 137 18.08 19.65 -146.26
N ALA C 138 17.18 18.74 -146.65
CA ALA C 138 17.59 17.37 -146.91
C ALA C 138 18.65 17.31 -147.99
N ARG C 139 18.43 18.04 -149.09
CA ARG C 139 19.41 18.05 -150.18
C ARG C 139 20.75 18.57 -149.69
N VAL C 140 20.74 19.66 -148.92
CA VAL C 140 22.00 20.25 -148.47
C VAL C 140 22.75 19.29 -147.56
N VAL C 141 22.05 18.65 -146.62
CA VAL C 141 22.77 17.78 -145.69
C VAL C 141 23.24 16.51 -146.38
N ALA C 142 22.48 16.02 -147.36
CA ALA C 142 22.93 14.86 -148.12
C ALA C 142 24.20 15.19 -148.89
N ARG C 143 24.22 16.35 -149.55
CA ARG C 143 25.41 16.71 -150.30
C ARG C 143 26.59 17.02 -149.38
N ALA C 144 26.32 17.51 -148.17
CA ALA C 144 27.40 17.74 -147.22
C ALA C 144 27.96 16.41 -146.72
N ALA C 145 27.10 15.43 -146.45
CA ALA C 145 27.57 14.12 -146.04
C ALA C 145 28.29 13.40 -147.18
N GLU C 146 27.98 13.75 -148.43
CA GLU C 146 28.74 13.19 -149.55
C GLU C 146 30.22 13.43 -149.37
N THR C 147 30.60 14.64 -148.94
CA THR C 147 31.99 14.91 -148.58
C THR C 147 32.34 14.04 -147.39
N LEU C 148 33.18 13.05 -147.62
CA LEU C 148 33.49 12.01 -146.64
C LEU C 148 34.01 12.62 -145.34
N GLN C 168 23.58 26.88 -159.49
CA GLN C 168 22.98 27.41 -158.27
C GLN C 168 23.31 26.53 -157.07
N LEU C 169 24.59 26.51 -156.69
CA LEU C 169 25.03 25.68 -155.59
C LEU C 169 26.26 26.29 -154.93
N PRO C 170 26.25 26.45 -153.61
CA PRO C 170 27.44 26.92 -152.90
C PRO C 170 28.35 25.76 -152.58
N PRO C 171 29.66 26.00 -152.46
CA PRO C 171 30.58 24.93 -152.09
C PRO C 171 30.57 24.69 -150.60
N PRO C 172 30.62 23.43 -150.16
CA PRO C 172 30.58 23.14 -148.72
C PRO C 172 31.90 23.47 -148.03
N HIS C 173 32.00 23.19 -146.73
CA HIS C 173 33.15 23.63 -145.95
C HIS C 173 33.97 22.49 -145.35
N ARG C 174 33.35 21.34 -145.05
CA ARG C 174 34.01 20.17 -144.48
C ARG C 174 34.45 20.39 -143.03
N ASP C 175 34.22 21.58 -142.48
CA ASP C 175 34.57 21.89 -141.10
C ASP C 175 33.40 21.63 -140.16
N ASN C 176 32.27 22.29 -140.41
CA ASN C 176 31.07 22.08 -139.63
C ASN C 176 30.11 21.09 -140.27
N ALA C 177 30.36 20.68 -141.51
CA ALA C 177 29.56 19.63 -142.12
C ALA C 177 29.64 18.34 -141.31
N GLU C 178 30.73 18.16 -140.57
CA GLU C 178 30.83 16.99 -139.70
C GLU C 178 29.83 17.07 -138.55
N ALA C 179 29.49 18.29 -138.10
CA ALA C 179 28.41 18.42 -137.12
C ALA C 179 27.10 17.91 -137.69
N ALA C 180 26.81 18.25 -138.95
CA ALA C 180 25.58 17.78 -139.58
C ALA C 180 25.60 16.27 -139.76
N THR C 181 26.70 15.74 -140.26
CA THR C 181 26.84 14.29 -140.43
C THR C 181 26.67 13.58 -139.09
N ARG C 182 27.25 14.14 -138.02
CA ARG C 182 27.15 13.52 -136.71
C ARG C 182 25.72 13.55 -136.20
N SER C 183 25.07 14.71 -136.27
CA SER C 183 23.69 14.82 -135.82
C SER C 183 22.77 13.90 -136.60
N LEU C 184 23.06 13.66 -137.87
CA LEU C 184 22.25 12.74 -138.65
C LEU C 184 22.52 11.29 -138.27
N VAL C 185 23.79 10.89 -138.28
CA VAL C 185 24.14 9.49 -138.09
C VAL C 185 23.80 9.04 -136.68
N LEU C 186 23.81 9.95 -135.71
CA LEU C 186 23.42 9.54 -134.37
C LEU C 186 21.95 9.12 -134.32
N ASN C 187 21.06 9.97 -134.85
CA ASN C 187 19.64 9.63 -134.84
C ASN C 187 19.36 8.42 -135.71
N MET C 188 20.10 8.25 -136.80
CA MET C 188 19.87 7.07 -137.63
C MET C 188 20.32 5.81 -136.91
N ILE C 189 21.48 5.85 -136.24
CA ILE C 189 22.00 4.68 -135.54
C ILE C 189 21.08 4.29 -134.40
N PHE C 190 20.55 5.27 -133.69
CA PHE C 190 19.75 4.87 -132.54
C PHE C 190 18.40 4.29 -132.92
N LEU C 191 18.16 4.11 -134.21
CA LEU C 191 16.98 3.41 -134.70
C LEU C 191 17.14 1.89 -134.65
N LEU C 192 18.37 1.40 -134.50
CA LEU C 192 18.65 -0.02 -134.62
C LEU C 192 18.40 -0.68 -133.27
N ASN C 193 17.26 -1.35 -133.16
CA ASN C 193 16.90 -2.09 -131.96
C ASN C 193 16.75 -3.56 -132.32
N GLU C 194 16.80 -4.40 -131.28
CA GLU C 194 16.68 -5.85 -131.48
C GLU C 194 15.37 -6.22 -132.18
N GLY C 195 14.35 -5.37 -132.07
CA GLY C 195 13.14 -5.58 -132.83
C GLY C 195 13.22 -5.12 -134.27
N ALA C 196 14.13 -4.19 -134.58
CA ALA C 196 14.25 -3.69 -135.94
C ALA C 196 14.53 -4.81 -136.94
N VAL C 197 15.34 -5.79 -136.54
CA VAL C 197 15.62 -6.89 -137.46
C VAL C 197 14.38 -7.75 -137.68
N ILE C 198 13.47 -7.79 -136.71
CA ILE C 198 12.23 -8.51 -136.92
C ILE C 198 11.41 -7.85 -138.01
N LEU C 199 11.40 -6.52 -138.04
CA LEU C 199 10.76 -5.78 -139.12
C LEU C 199 11.53 -5.87 -140.42
N LEU C 200 12.83 -6.06 -140.34
CA LEU C 200 13.68 -6.23 -141.52
C LEU C 200 13.55 -7.61 -142.13
N SER C 201 13.09 -8.59 -141.36
CA SER C 201 12.99 -9.95 -141.86
C SER C 201 11.80 -10.17 -142.78
N LEU C 202 11.12 -9.10 -143.21
CA LEU C 202 9.98 -9.23 -144.08
C LEU C 202 10.12 -8.46 -145.39
N ILE C 203 11.32 -7.94 -145.68
CA ILE C 203 11.53 -7.25 -146.96
C ILE C 203 11.05 -8.08 -148.14
N PRO C 204 11.40 -9.37 -148.25
CA PRO C 204 10.79 -10.17 -149.33
C PRO C 204 9.28 -10.26 -149.20
N ASN C 205 8.80 -10.52 -147.99
CA ASN C 205 7.36 -10.60 -147.75
C ASN C 205 6.67 -9.26 -148.01
N LEU C 206 7.38 -8.15 -147.85
CA LEU C 206 6.81 -6.86 -148.22
C LEU C 206 6.76 -6.68 -149.73
N LEU C 207 7.87 -6.98 -150.41
CA LEU C 207 7.95 -6.76 -151.84
C LEU C 207 6.90 -7.57 -152.58
N THR C 208 6.74 -8.85 -152.21
CA THR C 208 5.71 -9.65 -152.85
C THR C 208 4.31 -9.09 -152.63
N LEU C 209 4.10 -8.33 -151.55
CA LEU C 209 2.82 -7.66 -151.37
C LEU C 209 2.74 -6.40 -152.20
N GLY C 210 3.88 -5.75 -152.43
CA GLY C 210 3.87 -4.51 -153.18
C GLY C 210 3.42 -4.70 -154.60
N ALA C 211 3.76 -5.83 -155.20
CA ALA C 211 3.47 -6.09 -156.61
C ALA C 211 2.06 -6.62 -156.83
N GLN C 212 1.26 -6.82 -155.78
CA GLN C 212 -0.09 -7.34 -155.95
C GLN C 212 -1.15 -6.25 -155.93
N ASP C 213 -0.85 -5.07 -155.42
CA ASP C 213 -1.80 -3.97 -155.35
C ASP C 213 -1.13 -2.70 -155.83
N GLY C 214 -1.92 -1.86 -156.51
CA GLY C 214 -1.36 -0.64 -157.07
C GLY C 214 -0.87 0.34 -156.02
N TYR C 215 -1.64 0.51 -154.95
CA TYR C 215 -1.26 1.45 -153.92
C TYR C 215 0.05 1.05 -153.25
N ALA C 216 0.18 -0.24 -152.92
CA ALA C 216 1.42 -0.71 -152.30
C ALA C 216 2.61 -0.47 -153.22
N ASN C 217 2.42 -0.69 -154.52
CA ASN C 217 3.52 -0.48 -155.45
C ASN C 217 3.85 1.00 -155.59
N ALA C 218 2.84 1.87 -155.47
CA ALA C 218 3.11 3.30 -155.56
C ALA C 218 3.80 3.82 -154.30
N VAL C 219 3.49 3.23 -153.14
CA VAL C 219 4.14 3.63 -151.89
C VAL C 219 5.65 3.48 -152.01
N ILE C 220 6.11 2.29 -152.37
CA ILE C 220 7.54 2.09 -152.57
C ILE C 220 7.97 2.89 -153.80
N GLN C 221 9.03 3.67 -153.63
CA GLN C 221 9.49 4.55 -154.71
C GLN C 221 10.25 3.72 -155.73
N LEU C 222 10.90 4.39 -156.68
CA LEU C 222 11.70 3.69 -157.67
C LEU C 222 13.12 3.43 -157.17
N GLY C 223 13.83 4.46 -156.78
CA GLY C 223 15.15 4.28 -156.20
C GLY C 223 15.08 4.08 -154.70
N SER C 224 14.23 3.15 -154.27
CA SER C 224 13.93 2.99 -152.86
C SER C 224 15.10 2.42 -152.06
N ALA C 225 16.17 1.98 -152.72
CA ALA C 225 17.38 1.48 -152.09
C ALA C 225 17.13 0.27 -151.19
N THR C 226 15.92 -0.28 -151.23
CA THR C 226 15.60 -1.52 -150.52
C THR C 226 15.06 -2.52 -151.53
N ARG C 227 14.34 -2.00 -152.53
CA ARG C 227 13.92 -2.85 -153.64
C ARG C 227 15.13 -3.43 -154.36
N GLU C 228 16.26 -2.73 -154.32
CA GLU C 228 17.51 -3.27 -154.84
C GLU C 228 18.18 -4.21 -153.86
N LEU C 229 17.64 -4.34 -152.66
CA LEU C 229 18.11 -5.33 -151.70
C LEU C 229 17.28 -6.59 -151.68
N GLY C 230 15.97 -6.47 -151.94
CA GLY C 230 15.08 -7.63 -151.88
C GLY C 230 15.37 -8.67 -152.92
N GLN C 231 16.14 -8.34 -153.95
CA GLN C 231 16.49 -9.27 -155.01
C GLN C 231 17.95 -9.68 -155.01
N LEU C 232 18.75 -9.18 -154.08
CA LEU C 232 20.17 -9.51 -154.04
C LEU C 232 20.57 -10.38 -152.86
N VAL C 233 19.96 -10.20 -151.70
CA VAL C 233 20.41 -10.87 -150.48
C VAL C 233 19.24 -11.63 -149.86
N ARG C 234 19.55 -12.75 -149.22
CA ARG C 234 18.60 -13.55 -148.47
C ARG C 234 18.95 -13.50 -146.99
N GLN C 235 17.91 -13.56 -146.14
CA GLN C 235 18.13 -13.62 -144.70
C GLN C 235 17.29 -14.75 -144.11
N PRO C 236 17.87 -15.53 -143.20
CA PRO C 236 17.14 -16.65 -142.60
C PRO C 236 16.14 -16.14 -141.58
N PRO C 237 15.31 -17.02 -141.02
CA PRO C 237 14.42 -16.59 -139.95
C PRO C 237 15.19 -15.93 -138.83
N PRO C 238 14.60 -14.94 -138.16
CA PRO C 238 15.33 -14.19 -137.15
C PRO C 238 15.39 -14.94 -135.83
N PRO C 239 16.54 -14.97 -135.19
CA PRO C 239 16.65 -15.69 -133.90
C PRO C 239 15.84 -14.99 -132.82
N LEU C 240 15.10 -15.78 -132.06
CA LEU C 240 14.29 -15.25 -130.98
C LEU C 240 15.18 -14.56 -129.96
N PRO C 241 14.87 -13.33 -129.56
CA PRO C 241 15.73 -12.62 -128.61
C PRO C 241 15.65 -13.21 -127.20
N GLN C 242 16.36 -12.59 -126.27
CA GLN C 242 16.39 -13.06 -124.90
C GLN C 242 15.06 -12.73 -124.20
N ASP C 243 14.49 -13.72 -123.54
CA ASP C 243 13.21 -13.57 -122.86
C ASP C 243 12.14 -13.05 -123.81
N HIS C 244 12.00 -13.72 -124.95
CA HIS C 244 10.98 -13.36 -125.93
C HIS C 244 9.61 -13.93 -125.58
N ALA C 245 9.43 -14.36 -124.34
CA ALA C 245 8.16 -14.93 -123.89
C ALA C 245 7.44 -14.03 -122.91
N ARG C 246 8.05 -12.93 -122.46
CA ARG C 246 7.33 -11.95 -121.65
C ARG C 246 6.95 -10.70 -122.45
N ARG C 247 7.93 -10.05 -123.05
CA ARG C 247 7.73 -8.77 -123.73
C ARG C 247 7.68 -8.96 -125.25
N PHE C 248 7.68 -7.85 -125.97
CA PHE C 248 7.63 -7.88 -127.44
C PHE C 248 8.36 -6.65 -127.96
N CYS C 249 9.21 -6.84 -128.97
CA CYS C 249 10.13 -5.80 -129.41
C CYS C 249 9.62 -5.00 -130.59
N VAL C 250 8.66 -5.52 -131.35
CA VAL C 250 8.13 -4.81 -132.51
C VAL C 250 7.50 -3.48 -132.07
N PHE C 251 6.66 -3.52 -131.05
CA PHE C 251 5.97 -2.33 -130.60
C PHE C 251 6.93 -1.29 -130.04
N GLU C 252 7.91 -1.74 -129.25
CA GLU C 252 8.93 -0.83 -128.73
C GLU C 252 9.70 -0.18 -129.87
N ALA C 253 10.10 -0.97 -130.86
CA ALA C 253 10.81 -0.44 -132.01
C ALA C 253 9.99 0.63 -132.71
N LEU C 254 8.71 0.36 -132.95
CA LEU C 254 7.92 1.30 -133.72
C LEU C 254 7.64 2.57 -132.92
N GLU C 255 7.47 2.45 -131.60
CA GLU C 255 7.30 3.64 -130.78
C GLU C 255 8.55 4.50 -130.80
N ALA C 256 9.72 3.87 -130.66
CA ALA C 256 10.97 4.62 -130.83
C ALA C 256 11.00 5.32 -132.18
N TRP C 257 10.62 4.60 -133.24
CA TRP C 257 10.68 5.17 -134.57
C TRP C 257 9.82 6.43 -134.68
N ILE C 258 8.56 6.33 -134.27
CA ILE C 258 7.67 7.47 -134.44
C ILE C 258 8.11 8.63 -133.56
N ALA C 259 8.48 8.33 -132.31
CA ALA C 259 8.87 9.40 -131.40
C ALA C 259 10.11 10.14 -131.88
N SER C 260 11.05 9.42 -132.49
CA SER C 260 12.28 10.03 -132.93
C SER C 260 12.21 10.58 -134.35
N ALA C 261 11.19 10.21 -135.12
CA ALA C 261 11.02 10.77 -136.46
C ALA C 261 10.12 11.98 -136.47
N SER C 262 9.23 12.10 -135.47
CA SER C 262 8.38 13.28 -135.38
C SER C 262 9.17 14.57 -135.21
N ARG C 263 10.48 14.48 -134.92
CA ARG C 263 11.29 15.68 -134.74
C ARG C 263 12.60 15.61 -135.52
N LEU C 264 12.75 14.64 -136.42
CA LEU C 264 14.01 14.49 -137.14
C LEU C 264 14.39 15.77 -137.88
N GLY C 265 13.47 16.29 -138.70
CA GLY C 265 13.78 17.47 -139.46
C GLY C 265 14.08 18.69 -138.61
N ASP C 266 13.50 18.75 -137.41
CA ASP C 266 13.69 19.91 -136.55
C ASP C 266 15.15 20.05 -136.14
N THR C 267 15.74 18.98 -135.62
CA THR C 267 17.14 19.01 -135.22
C THR C 267 18.10 19.14 -136.40
N LEU C 268 17.59 19.07 -137.62
CA LEU C 268 18.38 19.36 -138.81
C LEU C 268 18.06 20.73 -139.40
N GLY C 269 16.81 20.96 -139.76
CA GLY C 269 16.38 22.22 -140.33
C GLY C 269 15.99 23.21 -139.26
N THR C 270 14.86 23.89 -139.48
CA THR C 270 14.35 24.87 -138.54
C THR C 270 12.92 24.69 -138.09
N ARG C 271 12.65 25.03 -136.83
CA ARG C 271 11.27 24.94 -136.36
C ARG C 271 10.25 25.69 -137.18
N PRO C 272 9.04 25.17 -137.35
CA PRO C 272 7.99 25.98 -137.96
C PRO C 272 7.72 27.01 -136.89
N VAL C 273 7.47 28.25 -137.32
CA VAL C 273 7.26 29.35 -136.39
C VAL C 273 5.91 30.03 -136.56
N ALA C 274 5.33 30.01 -137.75
CA ALA C 274 4.08 30.71 -137.99
C ALA C 274 3.36 30.01 -139.14
N ARG C 275 2.05 30.17 -139.15
CA ARG C 275 1.23 29.70 -140.26
C ARG C 275 0.46 30.89 -140.80
N VAL C 276 0.40 30.99 -142.12
CA VAL C 276 -0.21 32.14 -142.76
C VAL C 276 -1.73 31.98 -142.73
N CYS C 277 -2.43 33.01 -142.26
CA CYS C 277 -3.88 33.06 -142.29
C CYS C 277 -4.29 34.34 -142.99
N ILE C 278 -5.38 34.25 -143.76
CA ILE C 278 -5.87 35.39 -144.52
C ILE C 278 -7.39 35.37 -144.44
N PHE C 279 -7.99 36.46 -143.96
CA PHE C 279 -9.42 36.51 -143.74
C PHE C 279 -10.18 37.03 -144.96
N ASP C 280 -9.63 38.03 -145.64
CA ASP C 280 -10.39 38.69 -146.71
C ASP C 280 -9.62 38.71 -148.03
N GLY C 281 -8.30 38.81 -147.98
CA GLY C 281 -7.49 38.94 -149.16
C GLY C 281 -7.55 37.73 -150.06
N PRO C 282 -6.85 37.79 -151.19
CA PRO C 282 -6.82 36.65 -152.11
C PRO C 282 -6.17 35.46 -151.46
N PRO C 283 -6.44 34.24 -151.95
CA PRO C 283 -5.90 33.04 -151.28
C PRO C 283 -4.38 33.00 -151.24
N THR C 284 -3.71 33.22 -152.36
CA THR C 284 -2.26 33.14 -152.41
C THR C 284 -1.65 34.53 -152.36
N VAL C 285 -0.42 34.60 -151.85
CA VAL C 285 0.35 35.83 -151.87
C VAL C 285 1.55 35.62 -152.79
N PRO C 286 1.71 36.44 -153.81
CA PRO C 286 2.86 36.30 -154.71
C PRO C 286 4.12 36.78 -154.03
N PRO C 287 5.30 36.43 -154.56
CA PRO C 287 6.54 36.84 -153.90
C PRO C 287 6.66 38.36 -153.79
N GLY C 288 7.28 38.81 -152.71
CA GLY C 288 7.52 40.23 -152.53
C GLY C 288 6.30 41.03 -152.12
N GLU C 289 5.32 40.40 -151.49
CA GLU C 289 4.14 41.11 -151.01
C GLU C 289 3.88 40.75 -149.56
N LYS C 290 3.47 41.75 -148.78
CA LYS C 290 3.13 41.51 -147.38
C LYS C 290 1.96 40.53 -147.28
N ALA C 291 1.98 39.71 -146.24
CA ALA C 291 0.92 38.76 -145.98
C ALA C 291 0.65 38.71 -144.49
N ALA C 292 -0.64 38.70 -144.13
CA ALA C 292 -0.99 38.49 -142.74
C ALA C 292 -0.55 37.09 -142.29
N VAL C 293 -0.36 36.93 -140.99
CA VAL C 293 0.13 35.68 -140.45
C VAL C 293 -0.23 35.62 -138.97
N VAL C 294 -0.39 34.41 -138.45
CA VAL C 294 -0.51 34.19 -137.01
C VAL C 294 0.68 33.32 -136.59
N GLU C 295 1.27 33.65 -135.45
CA GLU C 295 2.42 32.92 -134.97
C GLU C 295 1.96 31.72 -134.15
N VAL C 296 2.72 30.63 -134.26
CA VAL C 296 2.44 29.43 -133.49
C VAL C 296 3.73 28.92 -132.86
N MET D 1 -93.37 -5.37 -144.20
CA MET D 1 -94.38 -6.41 -144.26
C MET D 1 -94.72 -6.94 -142.87
N GLU D 2 -95.98 -7.33 -142.68
CA GLU D 2 -96.45 -7.78 -141.38
C GLU D 2 -97.55 -8.81 -141.60
N VAL D 3 -97.29 -10.07 -141.25
CA VAL D 3 -98.32 -11.09 -141.35
C VAL D 3 -99.39 -10.82 -140.31
N ASP D 4 -100.65 -10.94 -140.71
CA ASP D 4 -101.79 -10.67 -139.85
C ASP D 4 -102.50 -12.01 -139.57
N ILE D 5 -102.27 -12.55 -138.38
CA ILE D 5 -102.93 -13.78 -137.97
C ILE D 5 -104.23 -13.42 -137.27
N ALA D 6 -105.34 -13.89 -137.81
CA ALA D 6 -106.65 -13.60 -137.25
C ALA D 6 -106.96 -14.55 -136.10
N LEU D 7 -107.97 -14.19 -135.31
CA LEU D 7 -108.34 -14.96 -134.13
C LEU D 7 -109.84 -15.15 -134.08
N PRO D 8 -110.32 -16.29 -133.60
CA PRO D 8 -111.73 -16.43 -133.25
C PRO D 8 -112.00 -15.75 -131.91
N THR D 9 -113.21 -15.88 -131.38
CA THR D 9 -113.50 -15.36 -130.05
C THR D 9 -113.11 -16.41 -129.02
N LEU D 10 -112.58 -15.97 -127.89
CA LEU D 10 -112.09 -16.85 -126.85
C LEU D 10 -112.54 -16.33 -125.49
N SER D 11 -112.59 -17.24 -124.53
CA SER D 11 -112.87 -16.85 -123.16
C SER D 11 -111.66 -16.10 -122.59
N PRO D 12 -111.88 -15.12 -121.71
CA PRO D 12 -110.75 -14.36 -121.16
C PRO D 12 -109.83 -15.20 -120.29
N GLY D 13 -110.25 -16.38 -119.84
CA GLY D 13 -109.37 -17.23 -119.07
C GLY D 13 -108.13 -17.68 -119.84
N ASP D 14 -108.20 -17.69 -121.17
CA ASP D 14 -107.08 -18.06 -122.00
C ASP D 14 -106.55 -16.95 -122.88
N LEU D 15 -107.31 -15.88 -123.10
CA LEU D 15 -106.76 -14.74 -123.81
C LEU D 15 -105.60 -14.14 -123.05
N SER D 16 -105.71 -14.06 -121.72
CA SER D 16 -104.60 -13.58 -120.92
C SER D 16 -103.43 -14.55 -120.94
N ALA D 17 -103.70 -15.83 -121.20
CA ALA D 17 -102.62 -16.80 -121.33
C ALA D 17 -101.88 -16.62 -122.65
N LEU D 18 -102.62 -16.49 -123.75
CA LEU D 18 -102.00 -16.22 -125.05
C LEU D 18 -101.32 -14.87 -125.08
N GLN D 19 -101.81 -13.90 -124.30
CA GLN D 19 -101.21 -12.57 -124.30
C GLN D 19 -99.82 -12.59 -123.71
N ARG D 20 -99.53 -13.53 -122.80
CA ARG D 20 -98.18 -13.59 -122.26
C ARG D 20 -97.18 -14.18 -123.23
N CYS D 21 -97.61 -14.61 -124.42
CA CYS D 21 -96.70 -15.09 -125.46
C CYS D 21 -96.57 -13.99 -126.50
N GLU D 22 -95.62 -13.08 -126.25
CA GLU D 22 -95.39 -11.93 -127.13
C GLU D 22 -94.07 -12.01 -127.87
N GLY D 23 -93.27 -13.04 -127.62
CA GLY D 23 -91.95 -13.10 -128.22
C GLY D 23 -91.57 -14.48 -128.70
N ARG D 24 -92.55 -15.37 -128.78
CA ARG D 24 -92.26 -16.71 -129.28
C ARG D 24 -92.52 -16.77 -130.77
N VAL D 25 -91.92 -17.77 -131.41
CA VAL D 25 -91.89 -17.87 -132.86
C VAL D 25 -92.83 -18.97 -133.31
N VAL D 26 -93.48 -18.76 -134.45
CA VAL D 26 -94.40 -19.73 -135.02
C VAL D 26 -93.89 -20.14 -136.39
N PHE D 27 -94.58 -21.09 -137.03
CA PHE D 27 -94.17 -21.61 -138.33
C PHE D 27 -95.37 -21.62 -139.26
N LEU D 28 -95.38 -20.72 -140.24
CA LEU D 28 -96.45 -20.66 -141.22
C LEU D 28 -96.29 -21.80 -142.21
N GLU D 29 -97.08 -21.76 -143.29
CA GLU D 29 -96.88 -22.61 -144.46
C GLU D 29 -96.72 -21.80 -145.74
N THR D 30 -97.33 -20.62 -145.81
CA THR D 30 -97.24 -19.75 -146.97
C THR D 30 -97.12 -18.32 -146.45
N LEU D 31 -96.58 -17.43 -147.28
CA LEU D 31 -96.34 -16.05 -146.87
C LEU D 31 -97.45 -15.13 -147.39
N ARG D 32 -98.70 -15.58 -147.31
CA ARG D 32 -99.81 -14.67 -147.52
C ARG D 32 -99.85 -13.64 -146.40
N ARG D 33 -100.41 -12.47 -146.72
CA ARG D 33 -100.52 -11.42 -145.72
C ARG D 33 -101.42 -11.86 -144.56
N HIS D 34 -102.61 -12.34 -144.87
CA HIS D 34 -103.56 -12.78 -143.85
C HIS D 34 -103.42 -14.27 -143.59
N ALA D 35 -103.76 -14.67 -142.36
CA ALA D 35 -103.71 -16.06 -141.97
C ALA D 35 -104.54 -16.24 -140.71
N THR D 36 -105.10 -17.44 -140.56
CA THR D 36 -105.96 -17.76 -139.43
C THR D 36 -105.18 -18.61 -138.44
N LEU D 37 -105.64 -18.63 -137.18
CA LEU D 37 -104.91 -19.34 -136.12
C LEU D 37 -104.83 -20.83 -136.41
N ARG D 38 -105.80 -21.39 -137.12
CA ARG D 38 -105.81 -22.82 -137.39
C ARG D 38 -104.62 -23.24 -138.24
N GLU D 39 -104.14 -22.36 -139.12
CA GLU D 39 -103.04 -22.72 -140.01
C GLU D 39 -101.78 -23.04 -139.23
N VAL D 40 -101.43 -22.18 -138.28
CA VAL D 40 -100.23 -22.36 -137.47
C VAL D 40 -100.67 -23.06 -136.19
N ALA D 41 -100.68 -24.38 -136.24
CA ALA D 41 -101.08 -25.18 -135.08
C ALA D 41 -100.56 -26.58 -135.29
N LEU D 42 -99.73 -27.04 -134.37
CA LEU D 42 -99.18 -28.38 -134.43
C LEU D 42 -99.83 -29.25 -133.36
N PRO D 43 -99.82 -30.57 -133.53
CA PRO D 43 -100.33 -31.45 -132.47
C PRO D 43 -99.45 -31.41 -131.22
N CYS D 44 -99.81 -32.21 -130.22
CA CYS D 44 -99.04 -32.25 -128.99
C CYS D 44 -97.70 -32.95 -129.24
N GLY D 45 -96.97 -33.19 -128.15
CA GLY D 45 -95.65 -33.80 -128.23
C GLY D 45 -95.60 -35.06 -129.06
N GLY D 46 -94.48 -35.25 -129.77
CA GLY D 46 -94.30 -36.42 -130.60
C GLY D 46 -93.36 -36.21 -131.78
N ASP D 47 -92.50 -37.19 -132.03
CA ASP D 47 -91.62 -37.23 -133.20
C ASP D 47 -90.69 -36.03 -133.24
N VAL D 48 -89.78 -35.97 -132.26
CA VAL D 48 -88.85 -34.84 -132.18
C VAL D 48 -88.02 -34.74 -133.45
N LEU D 49 -87.54 -35.87 -133.96
CA LEU D 49 -86.73 -35.84 -135.18
C LEU D 49 -87.58 -35.43 -136.37
N ALA D 50 -88.78 -35.99 -136.49
CA ALA D 50 -89.67 -35.60 -137.58
C ALA D 50 -90.03 -34.13 -137.50
N ALA D 51 -90.34 -33.66 -136.28
CA ALA D 51 -90.68 -32.24 -136.11
C ALA D 51 -89.54 -31.35 -136.55
N MET D 52 -88.32 -31.64 -136.08
CA MET D 52 -87.16 -30.89 -136.53
C MET D 52 -87.04 -30.93 -138.05
N ALA D 53 -87.29 -32.10 -138.65
CA ALA D 53 -87.27 -32.20 -140.10
C ALA D 53 -88.35 -31.36 -140.76
N ALA D 54 -89.39 -31.00 -140.00
CA ALA D 54 -90.45 -30.15 -140.54
C ALA D 54 -90.08 -28.67 -140.51
N TYR D 55 -89.24 -28.25 -139.57
CA TYR D 55 -88.85 -26.85 -139.50
C TYR D 55 -87.96 -26.41 -140.66
N ARG D 56 -87.57 -27.32 -141.54
CA ARG D 56 -86.67 -27.01 -142.64
C ARG D 56 -87.39 -26.82 -143.96
N ARG D 57 -88.71 -26.98 -143.99
CA ARG D 57 -89.49 -26.71 -145.20
C ARG D 57 -90.34 -25.46 -145.08
N ARG D 58 -91.06 -25.29 -143.99
CA ARG D 58 -91.77 -24.04 -143.70
C ARG D 58 -90.79 -23.05 -143.09
N PHE D 59 -91.15 -21.77 -143.19
CA PHE D 59 -90.32 -20.72 -142.64
C PHE D 59 -90.99 -20.07 -141.44
N ALA D 60 -90.16 -19.60 -140.52
CA ALA D 60 -90.62 -19.16 -139.21
C ALA D 60 -91.06 -17.70 -139.23
N ALA D 61 -91.70 -17.30 -138.15
CA ALA D 61 -92.16 -15.93 -137.96
C ALA D 61 -92.41 -15.73 -136.48
N VAL D 62 -91.87 -14.64 -135.93
CA VAL D 62 -92.07 -14.30 -134.53
C VAL D 62 -93.23 -13.32 -134.45
N ILE D 63 -94.01 -13.42 -133.38
CA ILE D 63 -95.13 -12.52 -133.21
C ILE D 63 -94.70 -11.31 -132.37
N THR D 64 -95.42 -10.22 -132.54
CA THR D 64 -94.95 -9.02 -131.85
C THR D 64 -96.01 -8.37 -130.97
N ARG D 65 -97.29 -8.50 -131.30
CA ARG D 65 -98.34 -7.91 -130.48
C ARG D 65 -99.58 -8.78 -130.56
N VAL D 66 -100.40 -8.72 -129.50
CA VAL D 66 -101.62 -9.50 -129.39
C VAL D 66 -102.77 -8.56 -129.05
N THR D 67 -103.51 -8.20 -130.01
CA THR D 67 -104.72 -7.50 -129.58
C THR D 67 -105.86 -8.51 -129.48
N PRO D 68 -106.90 -8.20 -128.70
CA PRO D 68 -108.05 -9.12 -128.61
C PRO D 68 -108.75 -9.39 -129.94
N HIS D 69 -108.28 -8.81 -131.04
CA HIS D 69 -108.87 -9.06 -132.36
C HIS D 69 -107.92 -9.80 -133.28
N ARG D 70 -106.73 -9.26 -133.53
CA ARG D 70 -105.76 -9.86 -134.45
C ARG D 70 -104.47 -10.17 -133.68
N MET D 71 -103.50 -10.74 -134.41
CA MET D 71 -102.21 -11.07 -133.82
C MET D 71 -101.15 -10.85 -134.89
N LEU D 72 -100.31 -9.85 -134.69
CA LEU D 72 -99.29 -9.52 -135.67
C LEU D 72 -98.13 -10.51 -135.59
N ALA D 73 -97.31 -10.50 -136.62
CA ALA D 73 -96.15 -11.38 -136.70
C ALA D 73 -95.10 -10.71 -137.60
N THR D 74 -94.10 -11.47 -137.99
CA THR D 74 -93.07 -10.94 -138.87
C THR D 74 -92.35 -12.09 -139.57
N PRO D 75 -92.34 -12.12 -140.90
CA PRO D 75 -91.60 -13.16 -141.61
C PRO D 75 -90.13 -13.10 -141.24
N LEU D 76 -89.61 -14.20 -140.71
CA LEU D 76 -88.30 -14.14 -140.07
C LEU D 76 -87.20 -13.73 -141.04
N GLY D 77 -86.86 -14.58 -142.00
CA GLY D 77 -85.94 -14.12 -143.01
C GLY D 77 -86.43 -14.31 -144.43
N VAL D 78 -86.82 -13.22 -145.08
CA VAL D 78 -87.01 -13.24 -146.54
C VAL D 78 -86.32 -12.04 -147.16
N GLY D 79 -86.19 -10.95 -146.39
CA GLY D 79 -85.69 -9.71 -146.96
C GLY D 79 -84.91 -8.84 -146.00
N GLY D 80 -84.62 -9.36 -144.81
CA GLY D 80 -83.94 -8.55 -143.82
C GLY D 80 -82.72 -9.22 -143.22
N ARG D 81 -81.62 -8.49 -143.16
CA ARG D 81 -80.44 -8.95 -142.45
C ARG D 81 -80.09 -8.05 -141.28
N GLY D 82 -80.93 -7.05 -140.99
CA GLY D 82 -80.70 -6.16 -139.88
C GLY D 82 -81.98 -5.79 -139.17
N GLN D 83 -83.04 -6.54 -139.43
CA GLN D 83 -84.35 -6.23 -138.87
C GLN D 83 -84.36 -6.48 -137.37
N SER D 84 -84.07 -5.45 -136.58
CA SER D 84 -83.99 -5.60 -135.13
C SER D 84 -85.36 -5.91 -134.57
N LEU D 85 -85.48 -7.00 -133.84
CA LEU D 85 -86.73 -7.50 -133.30
C LEU D 85 -86.49 -8.01 -131.89
N VAL D 86 -87.51 -8.65 -131.31
CA VAL D 86 -87.43 -9.21 -129.98
C VAL D 86 -88.02 -10.60 -130.00
N LEU D 87 -87.39 -11.53 -129.28
CA LEU D 87 -87.98 -12.85 -129.06
C LEU D 87 -87.49 -13.35 -127.71
N GLN D 88 -88.37 -14.02 -126.97
CA GLN D 88 -88.06 -14.39 -125.61
C GLN D 88 -87.34 -15.73 -125.54
N ASN D 89 -86.40 -15.83 -124.61
CA ASN D 89 -85.58 -17.02 -124.46
C ASN D 89 -86.37 -18.09 -123.74
N THR D 90 -86.91 -19.05 -124.51
CA THR D 90 -87.79 -20.06 -123.97
C THR D 90 -87.12 -21.42 -123.86
N GLY D 91 -85.81 -21.44 -123.66
CA GLY D 91 -85.10 -22.67 -123.45
C GLY D 91 -84.64 -22.80 -122.01
N PRO D 92 -83.90 -23.86 -121.70
CA PRO D 92 -83.44 -24.03 -120.33
C PRO D 92 -82.17 -23.23 -120.04
N PHE D 93 -81.35 -22.99 -121.06
CA PHE D 93 -80.09 -22.31 -120.89
C PHE D 93 -80.26 -20.81 -121.12
N ASP D 94 -79.67 -20.01 -120.24
CA ASP D 94 -79.51 -18.60 -120.54
C ASP D 94 -78.45 -18.44 -121.62
N LEU D 95 -78.50 -17.31 -122.32
CA LEU D 95 -77.60 -17.08 -123.43
C LEU D 95 -76.99 -15.69 -123.32
N THR D 96 -75.71 -15.60 -123.67
CA THR D 96 -74.90 -14.41 -123.52
C THR D 96 -74.93 -13.59 -124.80
N ASN D 97 -74.45 -12.36 -124.72
CA ASN D 97 -74.30 -11.52 -125.90
C ASN D 97 -73.27 -12.11 -126.85
N GLY D 98 -73.64 -12.21 -128.12
CA GLY D 98 -72.66 -12.54 -129.15
C GLY D 98 -72.98 -13.77 -129.98
N ASP D 99 -73.48 -14.83 -129.37
CA ASP D 99 -73.68 -16.08 -130.08
C ASP D 99 -75.02 -16.05 -130.81
N HIS D 100 -75.13 -16.90 -131.83
CA HIS D 100 -76.38 -17.03 -132.57
C HIS D 100 -77.37 -17.87 -131.76
N VAL D 101 -78.52 -18.14 -132.39
CA VAL D 101 -79.57 -18.94 -131.77
C VAL D 101 -80.15 -19.86 -132.84
N CYS D 102 -80.63 -21.02 -132.38
CA CYS D 102 -81.18 -22.04 -133.27
C CYS D 102 -82.48 -22.58 -132.69
N LEU D 103 -83.45 -22.82 -133.56
CA LEU D 103 -84.75 -23.32 -133.12
C LEU D 103 -84.77 -24.84 -133.06
N VAL D 104 -85.30 -25.37 -131.96
CA VAL D 104 -85.44 -26.81 -131.78
C VAL D 104 -86.79 -27.11 -131.15
N PRO D 105 -87.47 -28.17 -131.57
CA PRO D 105 -88.72 -28.54 -130.92
C PRO D 105 -88.48 -28.87 -129.47
N PRO D 106 -89.48 -28.68 -128.62
CA PRO D 106 -89.28 -28.89 -127.18
C PRO D 106 -89.12 -30.37 -126.87
N LEU D 107 -88.83 -30.65 -125.61
CA LEU D 107 -88.70 -32.01 -125.11
C LEU D 107 -89.71 -32.26 -124.00
N LEU D 108 -89.84 -33.53 -123.61
CA LEU D 108 -90.67 -33.95 -122.49
C LEU D 108 -92.15 -33.72 -122.73
N GLY D 109 -92.50 -33.11 -123.85
CA GLY D 109 -93.86 -32.64 -123.97
C GLY D 109 -94.19 -31.62 -122.89
N ASP D 110 -95.48 -31.45 -122.66
CA ASP D 110 -96.03 -30.62 -121.59
C ASP D 110 -95.86 -29.12 -121.87
N GLU D 111 -95.11 -28.77 -122.90
CA GLU D 111 -95.02 -27.39 -123.33
C GLU D 111 -95.96 -27.16 -124.51
N CYS D 112 -97.25 -27.28 -124.20
CA CYS D 112 -98.31 -27.13 -125.19
C CYS D 112 -99.35 -26.17 -124.64
N LEU D 113 -99.62 -25.10 -125.38
CA LEU D 113 -100.53 -24.05 -124.94
C LEU D 113 -101.93 -24.44 -125.43
N ARG D 114 -102.66 -25.16 -124.61
CA ARG D 114 -103.98 -25.62 -124.98
C ARG D 114 -105.01 -24.51 -124.81
N LEU D 115 -105.78 -24.25 -125.86
CA LEU D 115 -106.91 -23.32 -125.80
C LEU D 115 -108.16 -24.15 -126.03
N THR D 116 -108.91 -24.36 -124.96
CA THR D 116 -110.15 -25.13 -125.05
C THR D 116 -111.26 -24.36 -125.75
N SER D 117 -111.12 -23.04 -125.87
CA SER D 117 -112.13 -22.24 -126.53
C SER D 117 -112.29 -22.59 -127.99
N ALA D 118 -111.29 -23.24 -128.60
CA ALA D 118 -111.42 -23.72 -129.97
C ALA D 118 -110.83 -25.10 -130.18
N ASN D 119 -110.45 -25.81 -129.11
CA ASN D 119 -109.97 -27.20 -129.20
C ASN D 119 -108.66 -27.29 -129.98
N LEU D 120 -107.82 -26.26 -129.86
CA LEU D 120 -106.54 -26.24 -130.54
C LEU D 120 -105.44 -26.00 -129.52
N GLU D 121 -104.19 -26.17 -129.96
CA GLU D 121 -103.04 -25.92 -129.10
C GLU D 121 -101.80 -25.74 -129.98
N LEU D 122 -100.81 -25.07 -129.42
CA LEU D 122 -99.58 -24.75 -130.12
C LEU D 122 -98.41 -25.40 -129.41
N ARG D 123 -97.29 -25.48 -130.12
CA ARG D 123 -96.04 -25.97 -129.55
C ARG D 123 -94.93 -25.00 -129.97
N PHE D 124 -94.66 -24.03 -129.12
CA PHE D 124 -93.60 -23.07 -129.41
C PHE D 124 -92.25 -23.74 -129.22
N PRO D 125 -91.35 -23.63 -130.18
CA PRO D 125 -90.03 -24.24 -130.03
C PRO D 125 -89.15 -23.43 -129.10
N MET D 126 -88.26 -24.14 -128.40
CA MET D 126 -87.32 -23.43 -127.55
C MET D 126 -86.14 -22.91 -128.37
N THR D 127 -85.37 -22.03 -127.77
CA THR D 127 -84.27 -21.36 -128.43
C THR D 127 -82.97 -21.72 -127.72
N LEU D 128 -82.07 -22.40 -128.44
CA LEU D 128 -80.81 -22.74 -127.81
C LEU D 128 -79.64 -22.05 -128.50
N PRO D 129 -78.59 -21.73 -127.76
CA PRO D 129 -77.33 -21.32 -128.41
C PRO D 129 -76.76 -22.46 -129.23
N LEU D 130 -75.91 -22.09 -130.19
CA LEU D 130 -75.44 -23.05 -131.17
C LEU D 130 -74.59 -24.13 -130.53
N ALA D 131 -73.66 -23.73 -129.66
CA ALA D 131 -72.71 -24.65 -129.05
C ALA D 131 -73.40 -25.73 -128.25
N GLN D 132 -74.71 -25.64 -128.11
CA GLN D 132 -75.49 -26.65 -127.44
C GLN D 132 -76.54 -27.30 -128.33
N ALA D 133 -77.12 -26.54 -129.27
CA ALA D 133 -78.02 -27.17 -130.23
C ALA D 133 -77.29 -28.21 -131.05
N ARG D 134 -76.01 -27.94 -131.35
CA ARG D 134 -75.20 -28.93 -132.07
C ARG D 134 -75.09 -30.21 -131.28
N GLU D 135 -74.76 -30.12 -129.99
CA GLU D 135 -74.63 -31.31 -129.17
C GLU D 135 -75.96 -32.04 -129.05
N LEU D 136 -77.07 -31.30 -128.91
CA LEU D 136 -78.37 -31.94 -128.78
C LEU D 136 -78.70 -32.75 -130.03
N THR D 137 -78.62 -32.11 -131.20
CA THR D 137 -78.93 -32.84 -132.42
C THR D 137 -77.97 -34.01 -132.62
N ALA D 138 -76.70 -33.85 -132.23
CA ALA D 138 -75.76 -34.95 -132.35
C ALA D 138 -76.21 -36.13 -131.50
N ARG D 139 -76.51 -35.87 -130.23
CA ARG D 139 -76.94 -36.94 -129.34
C ARG D 139 -78.18 -37.63 -129.89
N VAL D 140 -79.12 -36.86 -130.41
CA VAL D 140 -80.39 -37.45 -130.84
C VAL D 140 -80.19 -38.30 -132.08
N VAL D 141 -79.46 -37.79 -133.07
CA VAL D 141 -79.26 -38.58 -134.28
C VAL D 141 -78.41 -39.82 -133.98
N ALA D 142 -77.42 -39.68 -133.11
CA ALA D 142 -76.61 -40.85 -132.75
C ALA D 142 -77.43 -41.91 -132.05
N ARG D 143 -78.29 -41.50 -131.12
CA ARG D 143 -79.13 -42.48 -130.42
C ARG D 143 -80.10 -43.15 -131.39
N ALA D 144 -80.80 -42.35 -132.21
CA ALA D 144 -81.74 -42.92 -133.16
C ALA D 144 -81.07 -43.76 -134.23
N ALA D 145 -79.77 -43.58 -134.46
CA ALA D 145 -79.07 -44.45 -135.38
C ALA D 145 -78.81 -45.83 -134.78
N GLU D 146 -78.97 -45.99 -133.47
CA GLU D 146 -78.70 -47.28 -132.85
C GLU D 146 -79.80 -48.29 -133.20
N THR D 147 -81.05 -47.87 -133.17
CA THR D 147 -82.17 -48.72 -133.58
C THR D 147 -82.15 -48.81 -135.11
N LEU D 148 -81.33 -49.73 -135.60
CA LEU D 148 -81.06 -49.89 -137.04
C LEU D 148 -82.32 -49.90 -137.89
N GLN D 168 -84.64 -37.37 -118.99
CA GLN D 168 -85.19 -36.62 -120.11
C GLN D 168 -84.86 -37.31 -121.44
N LEU D 169 -85.61 -38.36 -121.77
CA LEU D 169 -85.28 -39.15 -122.94
C LEU D 169 -86.51 -39.78 -123.58
N PRO D 170 -86.98 -39.26 -124.71
CA PRO D 170 -88.10 -39.88 -125.42
C PRO D 170 -87.60 -40.85 -126.49
N PRO D 171 -88.42 -41.82 -126.86
CA PRO D 171 -87.98 -42.85 -127.83
C PRO D 171 -88.34 -42.45 -129.26
N PRO D 172 -87.69 -43.05 -130.26
CA PRO D 172 -88.00 -42.73 -131.65
C PRO D 172 -89.21 -43.50 -132.17
N HIS D 173 -89.49 -43.38 -133.47
CA HIS D 173 -90.64 -44.03 -134.07
C HIS D 173 -90.30 -44.95 -135.24
N ARG D 174 -89.04 -44.98 -135.68
CA ARG D 174 -88.53 -45.96 -136.65
C ARG D 174 -89.11 -45.76 -138.06
N ASP D 175 -90.06 -44.86 -138.21
CA ASP D 175 -90.56 -44.58 -139.56
C ASP D 175 -89.82 -43.44 -140.23
N ASN D 176 -89.16 -42.58 -139.45
CA ASN D 176 -88.35 -41.52 -140.01
C ASN D 176 -86.90 -41.58 -139.55
N ALA D 177 -86.56 -42.46 -138.61
CA ALA D 177 -85.17 -42.61 -138.20
C ALA D 177 -84.29 -43.00 -139.39
N GLU D 178 -84.77 -43.95 -140.20
CA GLU D 178 -83.98 -44.40 -141.35
C GLU D 178 -83.66 -43.26 -142.30
N ALA D 179 -84.57 -42.30 -142.45
CA ALA D 179 -84.28 -41.15 -143.31
C ALA D 179 -83.12 -40.33 -142.77
N ALA D 180 -83.10 -40.10 -141.45
CA ALA D 180 -82.00 -39.37 -140.85
C ALA D 180 -80.70 -40.16 -140.96
N THR D 181 -80.76 -41.48 -140.74
CA THR D 181 -79.55 -42.29 -140.89
C THR D 181 -79.04 -42.21 -142.32
N ARG D 182 -79.94 -42.20 -143.30
CA ARG D 182 -79.52 -42.05 -144.69
C ARG D 182 -78.84 -40.69 -144.90
N SER D 183 -79.48 -39.62 -144.42
CA SER D 183 -78.90 -38.29 -144.56
C SER D 183 -77.51 -38.23 -143.95
N LEU D 184 -77.29 -38.95 -142.86
CA LEU D 184 -75.98 -38.94 -142.21
C LEU D 184 -74.97 -39.79 -143.00
N VAL D 185 -75.30 -41.07 -143.19
CA VAL D 185 -74.38 -41.99 -143.85
C VAL D 185 -74.03 -41.53 -145.25
N LEU D 186 -74.89 -40.73 -145.87
CA LEU D 186 -74.59 -40.26 -147.21
C LEU D 186 -73.43 -39.27 -147.21
N ASN D 187 -73.53 -38.24 -146.36
CA ASN D 187 -72.42 -37.33 -146.18
C ASN D 187 -71.17 -38.04 -145.72
N MET D 188 -71.32 -39.10 -144.90
CA MET D 188 -70.14 -39.82 -144.47
C MET D 188 -69.48 -40.57 -145.62
N ILE D 189 -70.25 -41.28 -146.43
CA ILE D 189 -69.65 -42.13 -147.46
C ILE D 189 -69.02 -41.29 -148.54
N PHE D 190 -69.63 -40.14 -148.86
CA PHE D 190 -69.02 -39.38 -149.94
C PHE D 190 -67.71 -38.71 -149.53
N LEU D 191 -67.33 -38.80 -148.27
CA LEU D 191 -66.06 -38.22 -147.85
C LEU D 191 -64.88 -39.07 -148.31
N LEU D 192 -65.06 -40.38 -148.39
CA LEU D 192 -63.96 -41.26 -148.75
C LEU D 192 -63.63 -41.11 -150.24
N ASN D 193 -62.37 -40.76 -150.51
CA ASN D 193 -61.89 -40.66 -151.89
C ASN D 193 -60.46 -41.16 -151.92
N GLU D 194 -59.86 -41.13 -153.12
CA GLU D 194 -58.48 -41.59 -153.28
C GLU D 194 -57.55 -40.85 -152.32
N GLY D 195 -57.79 -39.55 -152.14
CA GLY D 195 -56.98 -38.81 -151.18
C GLY D 195 -57.16 -39.31 -149.76
N ALA D 196 -58.36 -39.74 -149.41
CA ALA D 196 -58.65 -40.13 -148.04
C ALA D 196 -57.72 -41.23 -147.56
N VAL D 197 -57.36 -42.18 -148.42
CA VAL D 197 -56.51 -43.27 -147.96
C VAL D 197 -55.10 -42.79 -147.69
N ILE D 198 -54.62 -41.78 -148.42
CA ILE D 198 -53.31 -41.19 -148.12
C ILE D 198 -53.30 -40.65 -146.70
N LEU D 199 -54.30 -39.82 -146.37
CA LEU D 199 -54.41 -39.29 -145.03
C LEU D 199 -54.56 -40.40 -144.00
N LEU D 200 -55.28 -41.47 -144.35
CA LEU D 200 -55.41 -42.59 -143.44
C LEU D 200 -54.10 -43.35 -143.27
N SER D 201 -53.15 -43.17 -144.19
CA SER D 201 -51.92 -43.94 -144.15
C SER D 201 -50.94 -43.45 -143.09
N LEU D 202 -51.26 -42.40 -142.35
CA LEU D 202 -50.31 -41.80 -141.41
C LEU D 202 -50.82 -41.82 -139.97
N ILE D 203 -51.92 -42.54 -139.70
CA ILE D 203 -52.43 -42.62 -138.33
C ILE D 203 -51.33 -43.03 -137.34
N PRO D 204 -50.50 -44.05 -137.61
CA PRO D 204 -49.35 -44.27 -136.74
C PRO D 204 -48.38 -43.11 -136.74
N ASN D 205 -48.12 -42.50 -137.91
CA ASN D 205 -47.23 -41.36 -137.97
C ASN D 205 -47.80 -40.14 -137.26
N LEU D 206 -49.11 -40.12 -137.05
CA LEU D 206 -49.73 -39.07 -136.24
C LEU D 206 -49.63 -39.39 -134.76
N LEU D 207 -49.98 -40.62 -134.38
CA LEU D 207 -49.93 -40.98 -132.96
C LEU D 207 -48.52 -40.89 -132.40
N THR D 208 -47.50 -41.23 -133.20
CA THR D 208 -46.14 -41.06 -132.72
C THR D 208 -45.80 -39.60 -132.51
N LEU D 209 -46.50 -38.69 -133.18
CA LEU D 209 -46.33 -37.26 -132.95
C LEU D 209 -47.12 -36.79 -131.73
N GLY D 210 -48.29 -37.36 -131.50
CA GLY D 210 -49.13 -36.93 -130.40
C GLY D 210 -48.63 -37.40 -129.06
N ALA D 211 -47.37 -37.83 -129.01
CA ALA D 211 -46.74 -38.21 -127.75
C ALA D 211 -45.43 -37.47 -127.52
N GLN D 212 -45.07 -36.54 -128.40
CA GLN D 212 -43.84 -35.79 -128.25
C GLN D 212 -44.06 -34.32 -127.89
N ASP D 213 -45.31 -33.85 -127.88
CA ASP D 213 -45.62 -32.51 -127.43
C ASP D 213 -46.99 -32.53 -126.76
N GLY D 214 -47.30 -31.43 -126.07
CA GLY D 214 -48.52 -31.39 -125.29
C GLY D 214 -49.78 -31.16 -126.11
N TYR D 215 -49.79 -30.09 -126.89
CA TYR D 215 -51.00 -29.72 -127.61
C TYR D 215 -51.44 -30.80 -128.58
N ALA D 216 -50.48 -31.53 -129.15
CA ALA D 216 -50.84 -32.62 -130.05
C ALA D 216 -51.57 -33.72 -129.31
N ASN D 217 -51.11 -34.06 -128.11
CA ASN D 217 -51.85 -35.01 -127.31
C ASN D 217 -53.21 -34.46 -126.91
N ALA D 218 -53.32 -33.14 -126.77
CA ALA D 218 -54.59 -32.56 -126.35
C ALA D 218 -55.62 -32.61 -127.48
N VAL D 219 -55.21 -32.29 -128.71
CA VAL D 219 -56.16 -32.19 -129.81
C VAL D 219 -56.80 -33.53 -130.13
N ILE D 220 -56.15 -34.64 -129.77
CA ILE D 220 -56.73 -35.96 -129.91
C ILE D 220 -57.54 -36.27 -128.67
N GLN D 221 -58.83 -36.55 -128.84
CA GLN D 221 -59.65 -36.91 -127.70
C GLN D 221 -59.23 -38.28 -127.16
N LEU D 222 -59.85 -38.68 -126.07
CA LEU D 222 -59.45 -39.90 -125.37
C LEU D 222 -60.05 -41.13 -126.04
N GLY D 223 -61.37 -41.20 -126.10
CA GLY D 223 -62.03 -42.29 -126.80
C GLY D 223 -62.21 -41.97 -128.27
N SER D 224 -61.14 -41.55 -128.92
CA SER D 224 -61.18 -41.05 -130.29
C SER D 224 -61.36 -42.14 -131.32
N ALA D 225 -61.57 -43.39 -130.93
CA ALA D 225 -61.85 -44.48 -131.86
C ALA D 225 -60.78 -44.66 -132.92
N THR D 226 -59.68 -43.91 -132.84
CA THR D 226 -58.54 -44.07 -133.71
C THR D 226 -57.27 -44.41 -132.95
N ARG D 227 -57.21 -44.09 -131.66
CA ARG D 227 -56.19 -44.69 -130.80
C ARG D 227 -56.43 -46.18 -130.64
N GLU D 228 -57.65 -46.64 -130.86
CA GLU D 228 -57.94 -48.07 -130.89
C GLU D 228 -57.85 -48.65 -132.29
N LEU D 229 -57.24 -47.93 -133.23
CA LEU D 229 -56.94 -48.48 -134.55
C LEU D 229 -55.45 -48.57 -134.82
N GLY D 230 -54.69 -47.51 -134.55
CA GLY D 230 -53.25 -47.57 -134.67
C GLY D 230 -52.60 -48.59 -133.75
N GLN D 231 -53.35 -49.12 -132.79
CA GLN D 231 -52.84 -50.12 -131.87
C GLN D 231 -53.33 -51.52 -132.18
N LEU D 232 -54.13 -51.69 -133.23
CA LEU D 232 -54.64 -52.99 -133.62
C LEU D 232 -54.30 -53.39 -135.05
N VAL D 233 -54.06 -52.44 -135.94
CA VAL D 233 -53.98 -52.74 -137.37
C VAL D 233 -52.81 -51.97 -137.96
N ARG D 234 -52.04 -52.66 -138.82
CA ARG D 234 -50.95 -52.06 -139.57
C ARG D 234 -51.31 -52.01 -141.04
N GLN D 235 -50.86 -50.96 -141.72
CA GLN D 235 -51.17 -50.81 -143.13
C GLN D 235 -49.92 -50.52 -143.93
N PRO D 236 -49.85 -50.99 -145.17
CA PRO D 236 -48.64 -50.83 -145.97
C PRO D 236 -48.53 -49.44 -146.52
N PRO D 237 -47.43 -49.11 -147.21
CA PRO D 237 -47.36 -47.85 -147.94
C PRO D 237 -48.52 -47.71 -148.91
N PRO D 238 -49.06 -46.51 -149.09
CA PRO D 238 -50.26 -46.36 -149.89
C PRO D 238 -49.96 -46.61 -151.36
N PRO D 239 -50.91 -47.17 -152.11
CA PRO D 239 -50.69 -47.39 -153.54
C PRO D 239 -50.75 -46.07 -154.28
N LEU D 240 -49.84 -45.87 -155.22
CA LEU D 240 -49.82 -44.64 -155.96
C LEU D 240 -51.04 -44.55 -156.88
N PRO D 241 -51.68 -43.39 -156.97
CA PRO D 241 -52.86 -43.27 -157.82
C PRO D 241 -52.51 -43.26 -159.30
N GLN D 242 -53.54 -43.22 -160.14
CA GLN D 242 -53.33 -43.09 -161.58
C GLN D 242 -52.95 -41.64 -161.87
N ASP D 243 -51.93 -41.46 -162.71
CA ASP D 243 -51.45 -40.14 -163.09
C ASP D 243 -51.07 -39.31 -161.86
N HIS D 244 -50.10 -39.82 -161.12
CA HIS D 244 -49.60 -39.13 -159.95
C HIS D 244 -48.49 -38.14 -160.26
N ALA D 245 -48.17 -37.96 -161.54
CA ALA D 245 -47.19 -36.96 -161.95
C ALA D 245 -47.81 -35.62 -162.28
N ARG D 246 -49.14 -35.54 -162.40
CA ARG D 246 -49.83 -34.34 -162.82
C ARG D 246 -50.76 -33.77 -161.76
N ARG D 247 -51.62 -34.59 -161.17
CA ARG D 247 -52.56 -34.15 -160.16
C ARG D 247 -52.10 -34.63 -158.78
N PHE D 248 -52.86 -34.25 -157.76
CA PHE D 248 -52.54 -34.61 -156.39
C PHE D 248 -53.84 -34.64 -155.59
N CYS D 249 -54.07 -35.77 -154.93
CA CYS D 249 -55.39 -36.11 -154.41
C CYS D 249 -55.67 -35.44 -153.07
N VAL D 250 -54.64 -35.30 -152.23
CA VAL D 250 -54.86 -34.87 -150.86
C VAL D 250 -55.53 -33.50 -150.80
N PHE D 251 -55.11 -32.58 -151.66
CA PHE D 251 -55.67 -31.24 -151.60
C PHE D 251 -57.13 -31.23 -152.01
N GLU D 252 -57.48 -32.00 -153.04
CA GLU D 252 -58.88 -32.13 -153.42
C GLU D 252 -59.70 -32.77 -152.30
N ALA D 253 -59.14 -33.79 -151.65
CA ALA D 253 -59.83 -34.42 -150.54
C ALA D 253 -60.11 -33.43 -149.42
N LEU D 254 -59.13 -32.59 -149.11
CA LEU D 254 -59.30 -31.66 -147.99
C LEU D 254 -60.27 -30.55 -148.37
N GLU D 255 -60.25 -30.10 -149.62
CA GLU D 255 -61.25 -29.16 -150.10
C GLU D 255 -62.65 -29.76 -149.96
N ALA D 256 -62.81 -31.02 -150.36
CA ALA D 256 -64.09 -31.69 -150.20
C ALA D 256 -64.50 -31.76 -148.75
N TRP D 257 -63.57 -32.12 -147.87
CA TRP D 257 -63.89 -32.24 -146.46
C TRP D 257 -64.34 -30.92 -145.88
N ILE D 258 -63.67 -29.83 -146.25
CA ILE D 258 -64.08 -28.52 -145.75
C ILE D 258 -65.46 -28.17 -146.25
N ALA D 259 -65.70 -28.36 -147.55
CA ALA D 259 -67.00 -28.03 -148.13
C ALA D 259 -68.12 -28.84 -147.49
N SER D 260 -67.85 -30.09 -147.11
CA SER D 260 -68.91 -30.93 -146.57
C SER D 260 -69.11 -30.69 -145.08
N ALA D 261 -68.05 -30.39 -144.34
CA ALA D 261 -68.19 -30.13 -142.91
C ALA D 261 -68.78 -28.75 -142.65
N SER D 262 -68.59 -27.81 -143.58
CA SER D 262 -69.16 -26.49 -143.39
C SER D 262 -70.68 -26.46 -143.48
N ARG D 263 -71.31 -27.56 -143.90
CA ARG D 263 -72.77 -27.61 -144.01
C ARG D 263 -73.29 -28.95 -143.49
N LEU D 264 -72.76 -29.41 -142.36
CA LEU D 264 -73.27 -30.63 -141.76
C LEU D 264 -74.43 -30.36 -140.80
N GLY D 265 -74.31 -29.32 -139.97
CA GLY D 265 -75.39 -29.00 -139.06
C GLY D 265 -76.68 -28.63 -139.76
N ASP D 266 -76.56 -28.13 -140.99
CA ASP D 266 -77.75 -27.78 -141.77
C ASP D 266 -78.59 -29.02 -142.04
N THR D 267 -77.98 -30.05 -142.63
CA THR D 267 -78.72 -31.23 -143.05
C THR D 267 -79.21 -32.06 -141.86
N LEU D 268 -78.71 -31.81 -140.65
CA LEU D 268 -79.14 -32.56 -139.48
C LEU D 268 -79.97 -31.72 -138.53
N GLY D 269 -79.43 -30.61 -138.03
CA GLY D 269 -80.19 -29.72 -137.18
C GLY D 269 -80.90 -28.69 -138.01
N THR D 270 -80.63 -27.42 -137.75
CA THR D 270 -81.15 -26.34 -138.57
C THR D 270 -80.14 -25.20 -138.53
N ARG D 271 -80.15 -24.37 -139.56
CA ARG D 271 -79.23 -23.24 -139.59
C ARG D 271 -79.67 -22.18 -138.60
N PRO D 272 -78.76 -21.54 -137.89
CA PRO D 272 -79.14 -20.44 -137.00
C PRO D 272 -79.76 -19.31 -137.79
N VAL D 273 -80.51 -18.47 -137.09
CA VAL D 273 -81.28 -17.43 -137.77
C VAL D 273 -80.95 -16.04 -137.22
N ALA D 274 -80.48 -15.97 -135.99
CA ALA D 274 -80.25 -14.68 -135.38
C ALA D 274 -79.15 -14.80 -134.33
N ARG D 275 -78.44 -13.69 -134.11
CA ARG D 275 -77.46 -13.59 -133.05
C ARG D 275 -77.85 -12.44 -132.13
N VAL D 276 -77.69 -12.65 -130.84
CA VAL D 276 -78.18 -11.68 -129.87
C VAL D 276 -77.23 -10.49 -129.81
N CYS D 277 -77.80 -9.29 -129.69
CA CYS D 277 -77.03 -8.07 -129.51
C CYS D 277 -77.69 -7.25 -128.41
N ILE D 278 -76.88 -6.74 -127.48
CA ILE D 278 -77.39 -5.98 -126.34
C ILE D 278 -76.50 -4.76 -126.14
N PHE D 279 -77.08 -3.58 -126.18
CA PHE D 279 -76.31 -2.34 -126.04
C PHE D 279 -76.26 -1.85 -124.60
N ASP D 280 -77.32 -2.07 -123.82
CA ASP D 280 -77.47 -1.45 -122.51
C ASP D 280 -77.47 -2.45 -121.37
N GLY D 281 -78.39 -3.41 -121.38
CA GLY D 281 -78.60 -4.28 -120.25
C GLY D 281 -77.42 -5.19 -120.01
N PRO D 282 -77.49 -5.95 -118.92
CA PRO D 282 -76.44 -6.93 -118.66
C PRO D 282 -76.37 -7.94 -119.79
N PRO D 283 -75.20 -8.55 -120.00
CA PRO D 283 -75.09 -9.49 -121.13
C PRO D 283 -76.01 -10.69 -121.00
N THR D 284 -75.97 -11.38 -119.88
CA THR D 284 -76.76 -12.60 -119.72
C THR D 284 -78.24 -12.27 -119.63
N VAL D 285 -79.05 -13.05 -120.35
CA VAL D 285 -80.51 -12.94 -120.27
C VAL D 285 -81.07 -14.27 -119.80
N PRO D 286 -81.51 -14.35 -118.54
CA PRO D 286 -81.88 -15.65 -117.97
C PRO D 286 -83.09 -16.24 -118.68
N PRO D 287 -83.35 -17.53 -118.49
CA PRO D 287 -84.48 -18.16 -119.20
C PRO D 287 -85.80 -17.49 -118.88
N GLY D 288 -86.69 -17.49 -119.86
CA GLY D 288 -88.04 -16.99 -119.67
C GLY D 288 -88.14 -15.49 -119.54
N GLU D 289 -87.27 -14.76 -120.23
CA GLU D 289 -87.32 -13.29 -120.21
C GLU D 289 -87.00 -12.81 -121.62
N LYS D 290 -87.64 -11.72 -122.02
CA LYS D 290 -87.42 -11.18 -123.35
C LYS D 290 -85.98 -10.71 -123.50
N ALA D 291 -85.53 -10.62 -124.75
CA ALA D 291 -84.18 -10.16 -125.04
C ALA D 291 -84.12 -9.71 -126.49
N ALA D 292 -83.47 -8.57 -126.72
CA ALA D 292 -83.34 -8.05 -128.07
C ALA D 292 -82.43 -8.95 -128.89
N VAL D 293 -82.47 -8.75 -130.21
CA VAL D 293 -81.71 -9.59 -131.14
C VAL D 293 -81.68 -8.88 -132.48
N VAL D 294 -80.68 -9.22 -133.29
CA VAL D 294 -80.62 -8.85 -134.69
C VAL D 294 -80.49 -10.14 -135.50
N GLU D 295 -81.25 -10.24 -136.57
CA GLU D 295 -81.32 -11.45 -137.36
C GLU D 295 -80.17 -11.50 -138.35
N VAL D 296 -79.66 -12.71 -138.60
CA VAL D 296 -78.66 -12.93 -139.62
C VAL D 296 -79.22 -13.87 -140.66
N MET E 1 -49.79 20.99 -148.25
CA MET E 1 -49.96 19.65 -147.72
C MET E 1 -50.80 19.66 -146.43
N GLU E 2 -50.55 20.64 -145.58
CA GLU E 2 -51.18 20.72 -144.27
C GLU E 2 -52.51 21.46 -144.33
N ARG E 3 -53.01 21.88 -143.17
CA ARG E 3 -54.22 22.68 -143.11
C ARG E 3 -54.18 23.79 -144.16
N PRO E 4 -55.27 24.00 -144.91
CA PRO E 4 -55.22 24.96 -146.01
C PRO E 4 -55.03 26.38 -145.52
N ALA E 5 -54.68 27.25 -146.47
CA ALA E 5 -54.55 28.66 -146.17
C ALA E 5 -55.91 29.26 -145.87
N ILE E 6 -56.08 29.79 -144.66
CA ILE E 6 -57.36 30.38 -144.28
C ILE E 6 -57.73 31.54 -145.19
N LEU E 7 -56.75 32.30 -145.64
CA LEU E 7 -57.00 33.42 -146.53
C LEU E 7 -55.76 33.70 -147.38
N PRO E 8 -55.85 33.55 -148.70
CA PRO E 8 -54.68 33.78 -149.55
C PRO E 8 -54.27 35.24 -149.57
N SER E 9 -52.96 35.45 -149.69
CA SER E 9 -52.37 36.78 -149.71
C SER E 9 -52.26 37.36 -151.12
N GLY E 10 -52.09 36.50 -152.13
CA GLY E 10 -52.00 36.96 -153.51
C GLY E 10 -52.50 35.87 -154.43
N GLN E 11 -52.54 36.20 -155.72
CA GLN E 11 -53.09 35.31 -156.74
C GLN E 11 -52.11 35.12 -157.87
N ILE E 12 -52.10 33.91 -158.45
CA ILE E 12 -51.28 33.58 -159.60
C ILE E 12 -51.96 34.07 -160.87
N LEU E 13 -51.15 34.62 -161.79
CA LEU E 13 -51.66 35.18 -163.03
C LEU E 13 -51.74 34.16 -164.15
N SER E 14 -50.65 33.44 -164.40
CA SER E 14 -50.59 32.47 -165.50
C SER E 14 -51.02 31.10 -165.01
N ASN E 15 -51.97 30.49 -165.73
CA ASN E 15 -52.41 29.13 -165.44
C ASN E 15 -51.62 28.16 -166.29
N ILE E 16 -50.74 27.40 -165.66
CA ILE E 16 -49.86 26.46 -166.34
C ILE E 16 -50.10 25.08 -165.77
N GLU E 17 -49.91 24.05 -166.59
CA GLU E 17 -50.08 22.67 -166.14
C GLU E 17 -49.08 22.36 -165.04
N VAL E 18 -49.57 22.11 -163.82
CA VAL E 18 -48.71 22.05 -162.65
C VAL E 18 -47.99 20.72 -162.47
N HIS E 19 -48.58 19.61 -162.91
CA HIS E 19 -47.94 18.31 -162.69
C HIS E 19 -46.65 18.17 -163.49
N SER E 20 -46.62 18.71 -164.71
CA SER E 20 -45.39 18.67 -165.51
C SER E 20 -44.27 19.44 -164.82
N HIS E 21 -44.59 20.56 -164.18
CA HIS E 21 -43.61 21.35 -163.44
C HIS E 21 -43.49 20.89 -161.99
N ARG E 22 -43.27 19.58 -161.79
CA ARG E 22 -43.16 19.06 -160.43
C ARG E 22 -41.79 19.33 -159.83
N ALA E 23 -40.74 19.34 -160.65
CA ALA E 23 -39.39 19.52 -160.12
C ALA E 23 -39.18 20.93 -159.57
N LEU E 24 -39.80 21.92 -160.20
CA LEU E 24 -39.67 23.29 -159.72
C LEU E 24 -40.23 23.45 -158.32
N PHE E 25 -41.34 22.77 -158.03
CA PHE E 25 -41.94 22.84 -156.70
C PHE E 25 -41.26 21.88 -155.74
N ASP E 26 -41.58 22.03 -154.47
CA ASP E 26 -41.23 21.06 -153.44
C ASP E 26 -42.39 20.07 -153.31
N ILE E 27 -42.44 19.32 -152.20
CA ILE E 27 -43.50 18.37 -151.93
C ILE E 27 -44.86 19.01 -152.23
N PHE E 28 -45.72 18.26 -152.94
CA PHE E 28 -47.02 18.76 -153.35
C PHE E 28 -47.96 17.58 -153.51
N LYS E 29 -49.25 17.85 -153.32
CA LYS E 29 -50.27 16.82 -153.29
C LYS E 29 -51.14 16.89 -154.54
N ARG E 30 -51.44 15.72 -155.11
CA ARG E 30 -52.46 15.64 -156.15
C ARG E 30 -53.81 16.09 -155.60
N PHE E 31 -54.24 15.48 -154.49
CA PHE E 31 -55.44 15.92 -153.77
C PHE E 31 -56.66 15.89 -154.69
N ARG E 32 -57.02 14.66 -155.08
CA ARG E 32 -58.27 14.42 -155.80
C ARG E 32 -59.42 15.07 -155.04
N SER E 33 -60.45 15.50 -155.77
CA SER E 33 -61.44 16.45 -155.29
C SER E 33 -61.94 16.14 -153.88
N ASP E 34 -61.89 17.16 -153.01
CA ASP E 34 -62.53 17.20 -151.70
C ASP E 34 -62.24 15.94 -150.87
N ASP E 35 -60.96 15.80 -150.51
CA ASP E 35 -60.61 14.76 -149.56
C ASP E 35 -61.24 15.05 -148.19
N ASN E 36 -61.26 14.04 -147.33
CA ASN E 36 -61.79 14.22 -146.00
C ASN E 36 -60.76 14.77 -145.03
N ASN E 37 -59.47 14.66 -145.37
CA ASN E 37 -58.42 15.09 -144.44
C ASN E 37 -58.33 16.60 -144.34
N LEU E 38 -58.83 17.33 -145.34
CA LEU E 38 -58.84 18.79 -145.27
C LEU E 38 -59.60 19.25 -144.03
N TYR E 39 -60.84 18.82 -143.88
CA TYR E 39 -61.62 19.15 -142.71
C TYR E 39 -61.12 18.36 -141.50
N GLY E 40 -61.57 18.79 -140.32
CA GLY E 40 -61.11 18.20 -139.07
C GLY E 40 -60.03 19.04 -138.43
N ALA E 41 -60.37 19.77 -137.37
CA ALA E 41 -59.43 20.66 -136.71
C ALA E 41 -59.19 20.13 -135.31
N GLU E 42 -58.06 19.47 -135.11
CA GLU E 42 -57.68 18.91 -133.82
C GLU E 42 -56.45 19.65 -133.28
N PHE E 43 -56.59 20.25 -132.11
CA PHE E 43 -55.54 21.09 -131.56
C PHE E 43 -55.13 20.60 -130.17
N ASP E 44 -53.87 20.89 -129.83
CA ASP E 44 -53.34 20.68 -128.51
C ASP E 44 -53.66 21.88 -127.61
N ALA E 45 -53.48 21.70 -126.31
CA ALA E 45 -53.78 22.75 -125.35
C ALA E 45 -52.85 22.66 -124.17
N LEU E 46 -52.47 23.83 -123.65
CA LEU E 46 -51.75 23.96 -122.39
C LEU E 46 -52.78 24.46 -121.38
N LEU E 47 -53.31 23.52 -120.57
CA LEU E 47 -54.45 23.85 -119.73
C LEU E 47 -54.09 24.77 -118.56
N GLY E 48 -52.82 24.87 -118.22
CA GLY E 48 -52.41 25.76 -117.15
C GLY E 48 -50.93 25.67 -116.91
N THR E 49 -50.44 26.56 -116.04
CA THR E 49 -49.04 26.60 -115.66
C THR E 49 -48.92 27.17 -114.26
N TYR E 50 -47.95 26.68 -113.50
CA TYR E 50 -47.78 27.06 -112.10
C TYR E 50 -46.31 27.10 -111.75
N CYS E 51 -45.86 28.27 -111.28
CA CYS E 51 -44.48 28.48 -110.87
C CYS E 51 -44.46 28.73 -109.38
N SER E 52 -43.65 27.96 -108.65
CA SER E 52 -43.57 28.14 -107.22
C SER E 52 -42.88 29.45 -106.87
N THR E 53 -42.81 29.73 -105.58
CA THR E 53 -42.06 30.87 -105.06
C THR E 53 -41.19 30.40 -103.91
N LEU E 54 -40.17 31.20 -103.61
CA LEU E 54 -39.30 30.92 -102.48
C LEU E 54 -39.99 31.32 -101.17
N SER E 55 -39.54 30.72 -100.07
CA SER E 55 -39.99 31.08 -98.73
C SER E 55 -38.74 31.54 -97.98
N LEU E 56 -38.53 32.85 -97.96
CA LEU E 56 -37.35 33.39 -97.30
C LEU E 56 -37.49 33.26 -95.79
N VAL E 57 -36.40 32.86 -95.14
CA VAL E 57 -36.32 32.81 -93.68
C VAL E 57 -35.19 33.71 -93.23
N ARG E 58 -35.43 34.52 -92.22
CA ARG E 58 -34.42 35.33 -91.58
C ARG E 58 -33.99 34.64 -90.30
N PHE E 59 -32.69 34.62 -90.03
CA PHE E 59 -32.19 33.94 -88.85
C PHE E 59 -32.70 34.59 -87.57
N LEU E 60 -33.02 35.89 -87.61
CA LEU E 60 -33.41 36.58 -86.39
C LEU E 60 -34.83 36.26 -85.96
N GLU E 61 -35.77 36.18 -86.91
CA GLU E 61 -37.13 35.79 -86.52
C GLU E 61 -37.17 34.38 -85.95
N LEU E 62 -36.23 33.53 -86.32
CA LEU E 62 -36.09 32.24 -85.67
C LEU E 62 -35.75 32.44 -84.19
N GLY E 63 -36.47 31.70 -83.33
CA GLY E 63 -36.23 31.79 -81.91
C GLY E 63 -34.84 31.34 -81.48
N LEU E 64 -34.19 30.52 -82.30
CA LEU E 64 -32.86 30.01 -81.96
C LEU E 64 -31.82 31.13 -81.81
N SER E 65 -32.03 32.28 -82.46
CA SER E 65 -31.05 33.35 -82.44
C SER E 65 -30.70 33.80 -81.02
N VAL E 66 -31.56 33.51 -80.04
CA VAL E 66 -31.24 33.81 -78.65
C VAL E 66 -29.93 33.15 -78.22
N ALA E 67 -29.58 32.01 -78.81
CA ALA E 67 -28.41 31.26 -78.37
C ALA E 67 -27.11 32.02 -78.59
N CYS E 68 -27.00 32.78 -79.68
CA CYS E 68 -25.75 33.37 -80.10
C CYS E 68 -25.90 34.88 -80.28
N VAL E 69 -24.84 35.61 -79.95
CA VAL E 69 -24.79 37.05 -80.17
C VAL E 69 -24.01 37.34 -81.44
N CYS E 70 -24.72 37.41 -82.57
CA CYS E 70 -24.07 37.76 -83.83
C CYS E 70 -23.75 39.25 -83.85
N THR E 71 -22.51 39.58 -84.21
CA THR E 71 -22.10 40.96 -84.43
C THR E 71 -21.26 40.99 -85.70
N LYS E 72 -21.59 41.92 -86.61
CA LYS E 72 -20.80 42.04 -87.83
C LYS E 72 -19.44 42.66 -87.51
N PHE E 73 -18.45 42.28 -88.30
CA PHE E 73 -17.06 42.69 -88.08
C PHE E 73 -16.40 42.79 -89.44
N PRO E 74 -16.58 43.92 -90.12
CA PRO E 74 -16.16 44.02 -91.53
C PRO E 74 -14.75 43.66 -91.99
N GLU E 75 -13.72 44.01 -91.21
CA GLU E 75 -12.36 43.59 -91.55
C GLU E 75 -11.94 42.38 -90.60
N LEU E 76 -12.56 41.25 -90.94
CA LEU E 76 -12.44 40.07 -90.09
C LEU E 76 -11.26 39.35 -90.72
N SER E 77 -11.11 39.43 -92.05
CA SER E 77 -10.06 38.65 -92.71
C SER E 77 -8.68 39.24 -92.43
N TYR E 78 -8.60 40.47 -91.93
CA TYR E 78 -7.31 41.02 -91.53
C TYR E 78 -6.87 40.51 -90.17
N VAL E 79 -7.67 39.66 -89.54
CA VAL E 79 -7.41 39.26 -88.16
C VAL E 79 -6.85 37.84 -88.14
N ALA E 80 -5.74 37.66 -87.43
CA ALA E 80 -5.18 36.35 -87.15
C ALA E 80 -5.83 35.78 -85.89
N GLU E 81 -5.22 34.75 -85.32
CA GLU E 81 -5.82 34.07 -84.17
C GLU E 81 -5.91 35.00 -82.97
N GLY E 82 -7.12 35.49 -82.71
CA GLY E 82 -7.35 36.34 -81.56
C GLY E 82 -7.90 35.55 -80.40
N THR E 83 -7.96 36.20 -79.24
CA THR E 83 -8.36 35.55 -78.01
C THR E 83 -9.39 36.42 -77.28
N ILE E 84 -9.85 35.90 -76.14
CA ILE E 84 -10.68 36.65 -75.20
C ILE E 84 -10.21 36.30 -73.79
N GLN E 85 -10.23 37.27 -72.91
CA GLN E 85 -9.65 37.11 -71.58
C GLN E 85 -10.71 36.67 -70.57
N PHE E 86 -10.24 36.26 -69.39
CA PHE E 86 -11.12 35.82 -68.31
C PHE E 86 -10.43 36.07 -66.97
N GLU E 87 -11.24 36.31 -65.95
CA GLU E 87 -10.77 36.37 -64.58
C GLU E 87 -11.92 35.98 -63.66
N VAL E 88 -11.63 35.16 -62.66
CA VAL E 88 -12.65 34.59 -61.79
C VAL E 88 -12.11 34.53 -60.37
N GLN E 89 -12.91 34.97 -59.40
CA GLN E 89 -12.63 34.77 -58.00
C GLN E 89 -13.34 33.52 -57.51
N GLN E 90 -12.99 33.09 -56.30
CA GLN E 90 -13.69 31.99 -55.67
C GLN E 90 -14.00 32.35 -54.23
N PRO E 91 -15.28 32.38 -53.84
CA PRO E 91 -15.61 32.63 -52.44
C PRO E 91 -14.99 31.58 -51.54
N MET E 92 -14.51 32.01 -50.39
CA MET E 92 -13.74 31.16 -49.48
C MET E 92 -14.41 31.14 -48.12
N ILE E 93 -14.40 29.98 -47.48
CA ILE E 93 -14.89 29.82 -46.13
C ILE E 93 -13.71 29.92 -45.18
N ALA E 94 -13.97 30.37 -43.95
CA ALA E 94 -12.96 30.43 -42.91
C ALA E 94 -13.03 29.14 -42.11
N ARG E 95 -12.04 28.28 -42.27
CA ARG E 95 -12.00 27.03 -41.53
C ARG E 95 -11.72 27.32 -40.06
N ASP E 96 -11.67 26.26 -39.26
CA ASP E 96 -11.54 26.41 -37.82
C ASP E 96 -10.74 25.26 -37.23
N GLY E 97 -10.13 25.53 -36.06
CA GLY E 97 -9.50 24.53 -35.26
C GLY E 97 -8.63 23.54 -36.02
N PRO E 98 -9.03 22.26 -36.01
CA PRO E 98 -8.28 21.19 -36.67
C PRO E 98 -8.36 21.24 -38.19
N HIS E 99 -8.06 22.40 -38.77
CA HIS E 99 -8.10 22.59 -40.22
C HIS E 99 -7.22 23.78 -40.55
N PRO E 100 -6.41 23.71 -41.60
CA PRO E 100 -5.58 24.86 -41.97
C PRO E 100 -6.41 25.97 -42.58
N ALA E 101 -5.94 27.20 -42.38
CA ALA E 101 -6.58 28.35 -43.00
C ALA E 101 -6.42 28.26 -44.52
N ASP E 102 -7.08 29.17 -45.22
CA ASP E 102 -7.02 29.20 -46.67
C ASP E 102 -6.90 30.62 -47.17
N GLN E 103 -6.33 30.77 -48.36
CA GLN E 103 -6.14 31.96 -49.18
C GLN E 103 -7.21 32.02 -50.26
N PRO E 104 -7.71 33.20 -50.59
CA PRO E 104 -8.53 33.32 -51.79
C PRO E 104 -7.67 33.09 -53.03
N VAL E 105 -8.30 32.56 -54.07
CA VAL E 105 -7.56 32.10 -55.25
C VAL E 105 -8.15 32.74 -56.50
N HIS E 106 -7.27 33.20 -57.39
CA HIS E 106 -7.65 33.76 -58.68
C HIS E 106 -7.31 32.77 -59.77
N ASN E 107 -7.58 33.17 -61.02
CA ASN E 107 -7.18 32.40 -62.19
C ASN E 107 -7.46 33.25 -63.43
N TYR E 108 -6.72 32.97 -64.49
CA TYR E 108 -6.86 33.68 -65.75
C TYR E 108 -6.89 32.68 -66.90
N MET E 109 -7.88 32.84 -67.77
CA MET E 109 -8.11 31.91 -68.87
C MET E 109 -8.10 32.66 -70.19
N ILE E 110 -7.70 31.95 -71.25
CA ILE E 110 -7.57 32.53 -72.59
C ILE E 110 -8.12 31.54 -73.61
N LYS E 111 -9.17 31.93 -74.31
CA LYS E 111 -9.83 31.08 -75.30
C LYS E 111 -9.52 31.61 -76.70
N ARG E 112 -8.93 30.76 -77.54
CA ARG E 112 -8.56 31.17 -78.89
C ARG E 112 -9.75 31.12 -79.83
N LEU E 113 -9.79 32.05 -80.78
CA LEU E 113 -10.87 32.09 -81.75
C LEU E 113 -10.77 30.91 -82.73
N ASP E 114 -11.80 30.79 -83.55
CA ASP E 114 -11.85 29.78 -84.60
C ASP E 114 -12.23 30.47 -85.91
N ARG E 115 -11.81 29.86 -87.02
CA ARG E 115 -12.11 30.36 -88.36
C ARG E 115 -12.81 29.29 -89.16
N ARG E 116 -13.89 29.67 -89.85
CA ARG E 116 -14.62 28.77 -90.72
C ARG E 116 -15.50 29.62 -91.63
N SER E 117 -15.58 29.23 -92.90
CA SER E 117 -16.21 30.06 -93.91
C SER E 117 -17.14 29.21 -94.77
N LEU E 118 -18.41 29.60 -94.81
CA LEU E 118 -19.42 28.94 -95.61
C LEU E 118 -19.61 29.72 -96.91
N ASN E 119 -19.80 29.00 -98.01
CA ASN E 119 -19.77 29.62 -99.32
C ASN E 119 -20.74 28.93 -100.26
N ALA E 120 -21.20 29.66 -101.28
CA ALA E 120 -22.06 29.15 -102.33
C ALA E 120 -21.60 29.72 -103.67
N ALA E 121 -22.13 29.17 -104.76
CA ALA E 121 -21.73 29.60 -106.09
C ALA E 121 -22.85 29.30 -107.08
N PHE E 122 -22.98 30.19 -108.06
CA PHE E 122 -23.96 30.00 -109.13
C PHE E 122 -23.36 30.54 -110.42
N SER E 123 -23.94 30.11 -111.54
CA SER E 123 -23.40 30.37 -112.86
C SER E 123 -24.34 31.26 -113.66
N ILE E 124 -23.91 31.61 -114.87
CA ILE E 124 -24.70 32.37 -115.82
C ILE E 124 -24.52 31.73 -117.19
N ALA E 125 -25.62 31.51 -117.90
CA ALA E 125 -25.56 30.83 -119.18
C ALA E 125 -24.80 31.68 -120.20
N VAL E 126 -23.91 31.03 -120.96
CA VAL E 126 -23.10 31.74 -121.93
C VAL E 126 -23.95 32.24 -123.10
N GLU E 127 -25.03 31.53 -123.41
CA GLU E 127 -25.96 32.02 -124.42
C GLU E 127 -26.82 33.17 -123.91
N ALA E 128 -26.72 33.51 -122.63
CA ALA E 128 -27.55 34.55 -122.02
C ALA E 128 -26.80 35.80 -121.63
N LEU E 129 -25.48 35.72 -121.40
CA LEU E 129 -24.75 36.87 -120.90
C LEU E 129 -24.80 38.04 -121.87
N GLY E 130 -24.73 37.77 -123.18
CA GLY E 130 -24.77 38.85 -124.15
C GLY E 130 -26.04 39.67 -124.09
N LEU E 131 -27.17 39.02 -123.77
CA LEU E 131 -28.43 39.75 -123.67
C LEU E 131 -28.39 40.77 -122.55
N ILE E 132 -27.71 40.47 -121.45
CA ILE E 132 -27.62 41.43 -120.35
C ILE E 132 -26.55 42.47 -120.63
N SER E 133 -25.37 42.02 -121.07
CA SER E 133 -24.26 42.94 -121.32
C SER E 133 -24.51 43.83 -122.54
N GLY E 134 -25.26 43.36 -123.52
CA GLY E 134 -25.48 44.10 -124.75
C GLY E 134 -24.61 43.69 -125.91
N GLU E 135 -23.78 42.64 -125.75
CA GLU E 135 -22.88 42.22 -126.81
C GLU E 135 -23.61 41.63 -128.01
N ASN E 136 -24.83 41.12 -127.82
CA ASN E 136 -25.59 40.53 -128.92
C ASN E 136 -27.00 41.09 -129.04
N LEU E 137 -27.33 42.18 -128.36
CA LEU E 137 -28.65 42.78 -128.55
C LEU E 137 -28.79 43.34 -129.96
N ASP E 138 -30.02 43.31 -130.45
CA ASP E 138 -30.39 43.88 -131.73
C ASP E 138 -31.44 44.96 -131.52
N GLY E 139 -31.48 45.92 -132.44
CA GLY E 139 -32.51 46.94 -132.41
C GLY E 139 -33.91 46.44 -132.71
N THR E 140 -34.09 45.12 -132.86
CA THR E 140 -35.39 44.54 -133.11
C THR E 140 -36.27 44.64 -131.86
N HIS E 141 -37.50 44.13 -131.97
CA HIS E 141 -38.43 44.18 -130.86
C HIS E 141 -38.44 42.89 -130.04
N ILE E 142 -38.07 41.76 -130.65
CA ILE E 142 -38.11 40.49 -129.94
C ILE E 142 -36.91 40.30 -128.99
N SER E 143 -35.77 40.93 -129.29
CA SER E 143 -34.60 40.74 -128.45
C SER E 143 -34.81 41.33 -127.06
N SER E 144 -35.60 42.41 -126.96
CA SER E 144 -35.87 42.99 -125.66
C SER E 144 -36.71 42.06 -124.79
N ALA E 145 -37.79 41.51 -125.36
CA ALA E 145 -38.60 40.55 -124.63
C ALA E 145 -37.80 39.30 -124.26
N MET E 146 -36.85 38.90 -125.12
CA MET E 146 -36.01 37.76 -124.78
C MET E 146 -35.04 38.10 -123.64
N ARG E 147 -34.48 39.31 -123.66
CA ARG E 147 -33.59 39.77 -122.60
C ARG E 147 -34.30 39.87 -121.25
N LEU E 148 -35.60 40.19 -121.28
CA LEU E 148 -36.37 40.18 -120.05
C LEU E 148 -36.32 38.82 -119.36
N ARG E 149 -36.31 37.74 -120.13
CA ARG E 149 -36.23 36.40 -119.55
C ARG E 149 -34.89 36.18 -118.86
N ALA E 150 -33.80 36.63 -119.47
CA ALA E 150 -32.49 36.49 -118.82
C ALA E 150 -32.42 37.32 -117.55
N ILE E 151 -33.01 38.51 -117.57
CA ILE E 151 -33.08 39.33 -116.35
C ILE E 151 -33.84 38.58 -115.26
N GLN E 152 -34.98 37.98 -115.62
CA GLN E 152 -35.76 37.19 -114.68
C GLN E 152 -34.94 36.04 -114.10
N GLN E 153 -34.21 35.34 -114.97
CA GLN E 153 -33.42 34.19 -114.51
C GLN E 153 -32.33 34.63 -113.55
N LEU E 154 -31.59 35.68 -113.88
CA LEU E 154 -30.55 36.17 -112.98
C LEU E 154 -31.15 36.64 -111.66
N ALA E 155 -32.32 37.29 -111.71
CA ALA E 155 -32.96 37.74 -110.48
C ALA E 155 -33.33 36.57 -109.59
N ARG E 156 -33.96 35.54 -110.18
CA ARG E 156 -34.32 34.37 -109.39
C ARG E 156 -33.08 33.68 -108.82
N ASN E 157 -32.00 33.62 -109.60
CA ASN E 157 -30.78 32.97 -109.12
C ASN E 157 -30.17 33.73 -107.96
N VAL E 158 -30.07 35.06 -108.07
CA VAL E 158 -29.47 35.84 -106.99
C VAL E 158 -30.36 35.80 -105.75
N GLN E 159 -31.68 35.74 -105.95
CA GLN E 159 -32.59 35.60 -104.82
C GLN E 159 -32.42 34.26 -104.13
N ALA E 160 -32.21 33.19 -104.91
CA ALA E 160 -32.07 31.86 -104.34
C ALA E 160 -30.68 31.58 -103.78
N VAL E 161 -29.67 32.38 -104.11
CA VAL E 161 -28.36 32.16 -103.54
C VAL E 161 -28.13 33.09 -102.34
N LEU E 162 -28.63 34.33 -102.43
CA LEU E 162 -28.36 35.29 -101.36
C LEU E 162 -29.05 34.92 -100.06
N ASP E 163 -30.26 34.36 -100.14
CA ASP E 163 -30.96 33.92 -98.93
C ASP E 163 -30.25 32.75 -98.28
N SER E 164 -29.58 31.92 -99.08
CA SER E 164 -28.97 30.68 -98.59
C SER E 164 -28.03 30.91 -97.41
N PHE E 165 -27.51 32.12 -97.25
CA PHE E 165 -26.63 32.39 -96.11
C PHE E 165 -27.40 32.42 -94.80
N GLU E 166 -28.69 32.73 -94.84
CA GLU E 166 -29.48 32.69 -93.61
C GLU E 166 -29.68 31.25 -93.16
N ARG E 167 -30.08 30.37 -94.08
CA ARG E 167 -30.11 28.94 -93.77
C ARG E 167 -28.73 28.44 -93.37
N GLY E 168 -27.67 28.99 -93.96
CA GLY E 168 -26.33 28.56 -93.61
C GLY E 168 -25.96 28.89 -92.18
N THR E 169 -26.26 30.11 -91.75
CA THR E 169 -26.05 30.48 -90.35
C THR E 169 -26.91 29.63 -89.43
N ALA E 170 -28.16 29.37 -89.84
CA ALA E 170 -29.03 28.51 -89.05
C ALA E 170 -28.43 27.12 -88.88
N ASP E 171 -27.84 26.58 -89.93
CA ASP E 171 -27.21 25.26 -89.85
C ASP E 171 -25.94 25.30 -89.02
N GLN E 172 -25.12 26.34 -89.20
CA GLN E 172 -23.85 26.43 -88.49
C GLN E 172 -24.07 26.55 -86.98
N MET E 173 -25.15 27.24 -86.58
CA MET E 173 -25.46 27.33 -85.16
C MET E 173 -25.64 25.94 -84.55
N LEU E 174 -26.47 25.10 -85.16
CA LEU E 174 -26.67 23.76 -84.64
C LEU E 174 -25.39 22.94 -84.74
N ARG E 175 -24.66 23.08 -85.85
CA ARG E 175 -23.46 22.29 -86.06
C ARG E 175 -22.37 22.59 -85.05
N VAL E 176 -22.29 23.83 -84.55
CA VAL E 176 -21.33 24.14 -83.50
C VAL E 176 -21.88 23.84 -82.10
N LEU E 177 -23.15 24.15 -81.83
CA LEU E 177 -23.74 23.85 -80.54
C LEU E 177 -23.77 22.35 -80.24
N MET E 178 -23.79 21.51 -81.27
CA MET E 178 -23.81 20.07 -81.04
C MET E 178 -22.46 19.54 -80.54
N GLU E 179 -21.37 19.89 -81.22
CA GLU E 179 -20.06 19.32 -80.93
C GLU E 179 -19.47 19.80 -79.61
N LYS E 180 -20.19 20.61 -78.84
CA LYS E 180 -19.70 21.10 -77.55
C LYS E 180 -20.56 20.67 -76.38
N ALA E 181 -21.68 19.99 -76.63
CA ALA E 181 -22.62 19.65 -75.57
C ALA E 181 -22.44 18.20 -75.17
N PRO E 182 -22.02 17.91 -73.94
CA PRO E 182 -21.95 16.53 -73.49
C PRO E 182 -23.34 16.03 -73.14
N PRO E 183 -23.53 14.71 -73.13
CA PRO E 183 -24.87 14.17 -72.82
C PRO E 183 -25.21 14.33 -71.35
N LEU E 184 -26.50 14.61 -71.10
CA LEU E 184 -26.96 14.87 -69.74
C LEU E 184 -26.60 13.74 -68.79
N SER E 185 -26.56 12.50 -69.30
CA SER E 185 -26.22 11.36 -68.45
C SER E 185 -24.83 11.51 -67.83
N LEU E 186 -23.83 11.80 -68.66
CA LEU E 186 -22.48 11.92 -68.14
C LEU E 186 -22.23 13.24 -67.42
N LEU E 187 -23.24 14.08 -67.28
CA LEU E 187 -23.09 15.38 -66.63
C LEU E 187 -23.98 15.53 -65.39
N ALA E 188 -25.05 14.75 -65.28
CA ALA E 188 -25.92 14.85 -64.10
C ALA E 188 -25.18 14.57 -62.79
N PRO E 189 -24.36 13.52 -62.67
CA PRO E 189 -23.65 13.32 -61.40
C PRO E 189 -22.38 14.16 -61.26
N PHE E 190 -21.77 14.56 -62.37
CA PHE E 190 -20.52 15.32 -62.32
C PHE E 190 -20.66 16.61 -61.53
N THR E 191 -21.84 17.21 -61.49
CA THR E 191 -22.05 18.42 -60.71
C THR E 191 -22.33 18.12 -59.24
N LEU E 192 -22.93 16.95 -58.95
CA LEU E 192 -23.24 16.61 -57.57
C LEU E 192 -21.98 16.15 -56.83
N TYR E 193 -21.11 15.42 -57.50
CA TYR E 193 -19.84 15.02 -56.92
C TYR E 193 -18.75 16.07 -57.12
N GLU E 194 -19.10 17.25 -57.65
CA GLU E 194 -18.12 18.31 -57.85
C GLU E 194 -17.64 18.85 -56.51
N GLY E 195 -16.44 19.40 -56.51
CA GLY E 195 -15.85 19.93 -55.30
C GLY E 195 -14.98 18.92 -54.57
N ARG E 196 -15.61 17.88 -54.03
CA ARG E 196 -14.88 16.84 -53.30
C ARG E 196 -14.06 15.94 -54.20
N LEU E 197 -13.99 16.24 -55.50
CA LEU E 197 -13.26 15.42 -56.45
C LEU E 197 -11.76 15.46 -56.14
N ALA E 198 -11.03 14.52 -56.76
CA ALA E 198 -9.57 14.49 -56.82
C ALA E 198 -8.90 13.98 -55.54
N ASP E 199 -9.67 13.38 -54.62
CA ASP E 199 -9.01 12.71 -53.50
C ASP E 199 -8.71 11.25 -53.82
N ARG E 200 -8.96 10.85 -55.07
CA ARG E 200 -8.63 9.54 -55.64
C ARG E 200 -9.57 8.44 -55.12
N VAL E 201 -10.43 8.76 -54.16
CA VAL E 201 -11.48 7.81 -53.76
C VAL E 201 -12.83 8.29 -54.27
N ALA E 202 -13.11 9.58 -54.08
CA ALA E 202 -14.36 10.15 -54.60
C ALA E 202 -14.42 10.05 -56.11
N CYS E 203 -13.28 10.08 -56.79
CA CYS E 203 -13.31 9.95 -58.25
C CYS E 203 -13.75 8.55 -58.66
N ALA E 204 -13.28 7.52 -57.95
CA ALA E 204 -13.72 6.16 -58.26
C ALA E 204 -15.19 5.98 -57.92
N ALA E 205 -15.64 6.56 -56.81
CA ALA E 205 -17.08 6.54 -56.52
C ALA E 205 -17.88 7.20 -57.64
N LEU E 206 -17.40 8.36 -58.11
CA LEU E 206 -18.07 9.08 -59.20
C LEU E 206 -18.13 8.22 -60.45
N VAL E 207 -17.01 7.58 -60.81
CA VAL E 207 -16.95 6.85 -62.07
C VAL E 207 -17.84 5.61 -61.99
N SER E 208 -17.90 4.97 -60.81
CA SER E 208 -18.81 3.85 -60.63
C SER E 208 -20.28 4.28 -60.73
N GLU E 209 -20.62 5.43 -60.12
CA GLU E 209 -21.98 5.95 -60.24
C GLU E 209 -22.32 6.27 -61.68
N LEU E 210 -21.35 6.83 -62.41
CA LEU E 210 -21.56 7.24 -63.79
C LEU E 210 -21.82 6.03 -64.69
N LYS E 211 -21.12 4.92 -64.41
CA LYS E 211 -21.31 3.71 -65.19
C LYS E 211 -22.76 3.23 -65.16
N ARG E 212 -23.43 3.36 -64.00
CA ARG E 212 -24.82 2.95 -63.88
C ARG E 212 -25.79 4.01 -64.42
N ARG E 213 -25.49 5.28 -64.14
CA ARG E 213 -26.37 6.34 -64.62
C ARG E 213 -26.39 6.43 -66.14
N VAL E 214 -25.34 5.98 -66.82
CA VAL E 214 -25.39 5.95 -68.28
C VAL E 214 -26.20 4.77 -68.79
N ARG E 215 -26.25 3.66 -68.05
CA ARG E 215 -27.02 2.50 -68.48
C ARG E 215 -28.51 2.68 -68.24
N ASP E 216 -28.89 3.27 -67.11
CA ASP E 216 -30.31 3.40 -66.82
C ASP E 216 -30.95 4.56 -67.56
N ASP E 217 -30.33 5.74 -67.52
CA ASP E 217 -30.96 6.98 -67.94
C ASP E 217 -30.43 7.49 -69.28
N THR E 218 -30.12 6.57 -70.19
CA THR E 218 -29.71 7.03 -71.52
C THR E 218 -30.91 7.42 -72.37
N PHE E 219 -32.05 6.77 -72.18
CA PHE E 219 -33.26 7.02 -72.96
C PHE E 219 -34.40 7.34 -72.00
N PHE E 220 -35.26 8.26 -72.40
CA PHE E 220 -36.52 8.53 -71.72
C PHE E 220 -37.62 8.76 -72.75
N LEU E 221 -38.84 8.92 -72.25
CA LEU E 221 -40.07 9.07 -73.05
C LEU E 221 -40.23 7.95 -74.09
N THR E 222 -39.44 6.91 -73.99
CA THR E 222 -39.57 5.69 -74.77
C THR E 222 -39.54 4.45 -73.91
N LYS E 223 -38.71 4.44 -72.86
CA LYS E 223 -38.71 3.37 -71.87
C LYS E 223 -39.71 3.63 -70.76
N HIS E 224 -39.71 4.85 -70.21
CA HIS E 224 -40.65 5.28 -69.18
C HIS E 224 -41.49 6.40 -69.80
N GLU E 225 -42.65 6.03 -70.35
CA GLU E 225 -43.47 6.98 -71.08
C GLU E 225 -44.93 7.01 -70.63
N ARG E 226 -45.31 6.22 -69.63
CA ARG E 226 -46.69 6.23 -69.18
C ARG E 226 -46.95 7.34 -68.16
N ASN E 227 -46.01 7.55 -67.25
CA ASN E 227 -46.17 8.57 -66.21
C ASN E 227 -45.61 9.90 -66.71
N LYS E 228 -46.39 10.97 -66.55
CA LYS E 228 -45.94 12.29 -66.97
C LYS E 228 -44.94 12.88 -65.98
N ASP E 229 -45.05 12.52 -64.70
CA ASP E 229 -44.23 13.16 -63.68
C ASP E 229 -42.75 12.84 -63.83
N ALA E 230 -42.43 11.61 -64.26
CA ALA E 230 -41.03 11.24 -64.46
C ALA E 230 -40.38 12.02 -65.59
N VAL E 231 -41.15 12.42 -66.60
CA VAL E 231 -40.58 13.19 -67.71
C VAL E 231 -40.32 14.63 -67.28
N LEU E 232 -41.29 15.25 -66.60
CA LEU E 232 -41.12 16.62 -66.12
C LEU E 232 -39.86 16.74 -65.26
N ASP E 233 -39.54 15.70 -64.48
CA ASP E 233 -38.32 15.73 -63.69
C ASP E 233 -37.09 15.78 -64.57
N ARG E 234 -37.07 14.97 -65.64
CA ARG E 234 -35.90 14.93 -66.51
C ARG E 234 -35.67 16.26 -67.21
N LEU E 235 -36.74 16.88 -67.73
CA LEU E 235 -36.59 18.18 -68.38
C LEU E 235 -36.23 19.26 -67.37
N SER E 236 -36.83 19.22 -66.18
CA SER E 236 -36.50 20.19 -65.14
C SER E 236 -35.05 20.04 -64.68
N ASP E 237 -34.47 18.85 -64.79
CA ASP E 237 -33.06 18.68 -64.45
C ASP E 237 -32.16 19.11 -65.61
N LEU E 238 -32.55 18.81 -66.84
CA LEU E 238 -31.76 19.22 -67.99
C LEU E 238 -31.68 20.74 -68.09
N VAL E 239 -32.77 21.45 -67.78
CA VAL E 239 -32.76 22.91 -67.90
C VAL E 239 -31.99 23.60 -66.79
N ASN E 240 -31.61 22.88 -65.74
CA ASN E 240 -30.91 23.48 -64.61
C ASN E 240 -29.46 23.09 -64.48
N CYS E 241 -29.05 21.95 -65.01
CA CYS E 241 -27.74 21.39 -64.72
C CYS E 241 -26.62 22.07 -65.51
N THR E 242 -26.90 23.20 -66.14
CA THR E 242 -25.91 24.06 -66.77
C THR E 242 -25.79 25.36 -65.99
N ALA E 243 -24.91 26.24 -66.46
CA ALA E 243 -24.71 27.53 -65.81
C ALA E 243 -24.90 28.67 -66.81
N PRO E 244 -25.54 29.75 -66.42
CA PRO E 244 -25.73 30.87 -67.34
C PRO E 244 -24.41 31.56 -67.66
N SER E 245 -24.29 32.01 -68.90
CA SER E 245 -23.09 32.65 -69.41
C SER E 245 -23.06 34.12 -68.99
N VAL E 246 -22.15 34.88 -69.60
CA VAL E 246 -22.07 36.31 -69.33
C VAL E 246 -23.38 36.98 -69.78
N ALA E 247 -23.82 37.95 -69.00
CA ALA E 247 -25.02 38.71 -69.33
C ALA E 247 -24.64 39.91 -70.17
N VAL E 248 -25.24 40.01 -71.36
CA VAL E 248 -25.04 41.15 -72.25
C VAL E 248 -26.31 41.99 -72.26
N ALA E 249 -26.12 43.31 -72.35
CA ALA E 249 -27.21 44.26 -72.25
C ALA E 249 -27.87 44.57 -73.59
N ARG E 250 -27.80 43.64 -74.54
CA ARG E 250 -28.37 43.87 -75.87
C ARG E 250 -29.24 42.71 -76.35
N MET E 251 -29.61 41.78 -75.47
CA MET E 251 -30.47 40.68 -75.89
C MET E 251 -31.93 41.11 -75.93
N THR E 252 -32.49 41.50 -74.79
CA THR E 252 -33.88 41.91 -74.64
C THR E 252 -34.86 40.87 -75.17
N HIS E 253 -34.43 39.63 -75.35
CA HIS E 253 -35.35 38.56 -75.71
C HIS E 253 -36.42 38.40 -74.64
N ALA E 254 -37.65 38.72 -74.97
CA ALA E 254 -38.72 38.72 -73.99
C ALA E 254 -40.04 38.39 -74.67
N ASP E 255 -40.98 37.93 -73.87
CA ASP E 255 -42.32 37.60 -74.36
C ASP E 255 -43.14 38.88 -74.47
N THR E 256 -44.46 38.74 -74.65
CA THR E 256 -45.33 39.89 -74.76
C THR E 256 -45.79 40.45 -73.41
N GLN E 257 -45.27 39.93 -72.30
CA GLN E 257 -45.64 40.43 -70.98
C GLN E 257 -44.49 41.04 -70.20
N GLY E 258 -43.24 40.83 -70.61
CA GLY E 258 -42.10 41.45 -69.98
C GLY E 258 -41.18 40.51 -69.24
N ARG E 259 -41.43 39.20 -69.29
CA ARG E 259 -40.53 38.25 -68.65
C ARG E 259 -39.38 37.91 -69.58
N PRO E 260 -38.13 37.93 -69.09
CA PRO E 260 -37.00 37.65 -69.97
C PRO E 260 -36.83 36.17 -70.25
N VAL E 261 -36.81 35.83 -71.55
CA VAL E 261 -36.53 34.45 -71.96
C VAL E 261 -35.13 34.04 -71.49
N ASP E 262 -34.97 32.75 -71.22
CA ASP E 262 -33.72 32.22 -70.71
C ASP E 262 -32.97 31.36 -71.71
N GLY E 263 -33.60 30.32 -72.25
CA GLY E 263 -32.90 29.40 -73.12
C GLY E 263 -33.74 28.89 -74.27
N VAL E 264 -33.22 27.87 -74.98
CA VAL E 264 -33.90 27.33 -76.15
C VAL E 264 -33.85 25.81 -76.11
N LEU E 265 -34.97 25.18 -76.47
CA LEU E 265 -35.08 23.72 -76.56
C LEU E 265 -35.37 23.36 -78.01
N VAL E 266 -34.31 23.07 -78.77
CA VAL E 266 -34.47 22.64 -80.15
C VAL E 266 -34.52 21.12 -80.20
N THR E 267 -35.40 20.58 -81.05
CA THR E 267 -35.64 19.14 -81.09
C THR E 267 -36.26 18.78 -82.43
N THR E 268 -36.33 17.48 -82.69
CA THR E 268 -37.01 16.98 -83.86
C THR E 268 -38.51 17.17 -83.73
N ALA E 269 -39.19 17.31 -84.87
CA ALA E 269 -40.62 17.58 -84.88
C ALA E 269 -41.41 16.48 -84.17
N GLY E 270 -40.93 15.25 -84.24
CA GLY E 270 -41.64 14.15 -83.60
C GLY E 270 -41.67 14.28 -82.09
N VAL E 271 -40.50 14.48 -81.47
CA VAL E 271 -40.46 14.68 -80.02
C VAL E 271 -41.29 15.91 -79.64
N ARG E 272 -41.28 16.94 -80.48
CA ARG E 272 -42.08 18.12 -80.20
C ARG E 272 -43.57 17.81 -80.15
N GLN E 273 -44.10 17.26 -81.24
CA GLN E 273 -45.53 16.93 -81.27
C GLN E 273 -45.89 15.91 -80.19
N ARG E 274 -44.91 15.13 -79.72
CA ARG E 274 -45.16 14.28 -78.56
C ARG E 274 -45.23 15.09 -77.28
N LEU E 275 -44.42 16.14 -77.15
CA LEU E 275 -44.36 16.91 -75.92
C LEU E 275 -45.55 17.84 -75.75
N LEU E 276 -45.86 18.62 -76.79
CA LEU E 276 -46.90 19.64 -76.75
C LEU E 276 -48.31 19.06 -76.68
N HIS E 277 -48.45 17.75 -76.53
CA HIS E 277 -49.74 17.09 -76.41
C HIS E 277 -50.11 16.77 -74.96
N HIS E 278 -49.27 16.02 -74.26
CA HIS E 278 -49.59 15.53 -72.93
C HIS E 278 -48.74 16.13 -71.82
N VAL E 279 -47.42 16.04 -71.94
CA VAL E 279 -46.55 16.39 -70.81
C VAL E 279 -46.34 17.89 -70.65
N LEU E 280 -46.37 18.66 -71.73
CA LEU E 280 -45.95 20.05 -71.68
C LEU E 280 -47.04 20.96 -72.24
N THR E 281 -47.16 22.14 -71.63
CA THR E 281 -48.20 23.10 -71.96
C THR E 281 -47.57 24.39 -72.47
N LEU E 282 -48.28 25.07 -73.36
CA LEU E 282 -47.81 26.33 -73.91
C LEU E 282 -48.13 27.48 -72.97
N ALA E 283 -47.13 28.31 -72.68
CA ALA E 283 -47.35 29.51 -71.86
C ALA E 283 -47.86 30.67 -72.70
N ASP E 284 -47.06 31.10 -73.68
CA ASP E 284 -47.41 32.20 -74.56
C ASP E 284 -47.23 31.76 -76.01
N THR E 285 -47.43 32.70 -76.94
CA THR E 285 -47.36 32.41 -78.36
C THR E 285 -46.55 33.42 -79.17
N HIS E 286 -46.18 34.56 -78.60
CA HIS E 286 -45.40 35.56 -79.32
C HIS E 286 -44.33 36.13 -78.40
N ALA E 287 -43.23 36.59 -79.00
CA ALA E 287 -42.09 37.11 -78.27
C ALA E 287 -41.72 38.50 -78.77
N ASP E 288 -40.67 39.07 -78.17
CA ASP E 288 -40.11 40.35 -78.57
C ASP E 288 -38.62 40.16 -78.82
N VAL E 289 -38.22 40.20 -80.09
CA VAL E 289 -36.85 39.90 -80.49
C VAL E 289 -36.23 41.15 -81.10
N PRO E 290 -34.96 41.46 -80.78
CA PRO E 290 -34.27 42.54 -81.48
C PRO E 290 -34.16 42.24 -82.96
N VAL E 291 -33.86 43.28 -83.73
CA VAL E 291 -33.95 43.20 -85.18
C VAL E 291 -32.60 43.32 -85.88
N THR E 292 -31.63 44.04 -85.33
CA THR E 292 -30.40 44.31 -86.04
C THR E 292 -29.20 43.80 -85.24
N TYR E 293 -28.09 43.57 -85.94
CA TYR E 293 -26.87 43.14 -85.30
C TYR E 293 -26.15 44.31 -84.66
N GLY E 294 -24.98 44.03 -84.09
CA GLY E 294 -24.09 45.04 -83.55
C GLY E 294 -22.84 45.15 -84.40
N GLU E 295 -22.44 46.39 -84.66
CA GLU E 295 -21.20 46.62 -85.39
C GLU E 295 -20.06 46.92 -84.43
N MET E 296 -18.86 46.46 -84.80
CA MET E 296 -17.66 46.77 -84.04
C MET E 296 -16.53 46.95 -85.07
N VAL E 297 -16.18 48.20 -85.34
CA VAL E 297 -15.24 48.57 -86.37
C VAL E 297 -14.01 49.18 -85.72
N ILE E 298 -12.84 49.00 -86.34
CA ILE E 298 -11.64 49.65 -85.84
C ILE E 298 -11.80 51.16 -86.00
N ALA E 299 -11.23 51.91 -85.05
CA ALA E 299 -11.54 53.33 -84.96
C ALA E 299 -10.32 54.08 -84.44
N ASN E 300 -10.59 55.30 -83.97
CA ASN E 300 -9.58 56.33 -83.73
C ASN E 300 -8.28 55.84 -83.12
N THR E 301 -8.33 55.22 -81.95
CA THR E 301 -7.10 54.73 -81.32
C THR E 301 -6.82 53.29 -81.75
N ASN E 302 -7.86 52.51 -81.98
CA ASN E 302 -7.69 51.14 -82.47
C ASN E 302 -6.93 51.14 -83.80
N LEU E 303 -7.26 52.09 -84.68
CA LEU E 303 -6.66 52.12 -86.01
C LEU E 303 -5.15 52.36 -85.94
N VAL E 304 -4.72 53.35 -85.16
CA VAL E 304 -3.32 53.73 -85.17
C VAL E 304 -2.46 52.58 -84.66
N THR E 305 -2.91 51.91 -83.59
CA THR E 305 -2.12 50.80 -83.04
C THR E 305 -2.17 49.59 -83.96
N ALA E 306 -3.36 49.24 -84.49
CA ALA E 306 -3.45 48.12 -85.42
C ALA E 306 -2.59 48.35 -86.66
N LEU E 307 -2.37 49.62 -87.02
CA LEU E 307 -1.54 49.91 -88.19
C LEU E 307 -0.05 49.92 -87.87
N VAL E 308 0.38 50.51 -86.75
CA VAL E 308 1.82 50.64 -86.54
C VAL E 308 2.36 49.46 -85.73
N MET E 309 1.76 49.17 -84.58
CA MET E 309 2.33 48.17 -83.69
C MET E 309 1.98 46.76 -84.13
N GLY E 310 0.75 46.54 -84.55
CA GLY E 310 0.31 45.22 -84.96
C GLY E 310 -0.55 44.53 -83.91
N LYS E 311 -1.42 45.29 -83.25
CA LYS E 311 -2.32 44.75 -82.25
C LYS E 311 -3.51 45.68 -82.10
N ALA E 312 -4.56 45.16 -81.48
CA ALA E 312 -5.79 45.93 -81.32
C ALA E 312 -6.56 45.41 -80.12
N VAL E 313 -7.56 46.18 -79.68
CA VAL E 313 -8.37 45.84 -78.53
C VAL E 313 -9.83 46.16 -78.85
N SER E 314 -10.74 45.40 -78.24
CA SER E 314 -12.16 45.61 -78.47
C SER E 314 -12.60 46.99 -78.00
N ASN E 315 -12.26 47.35 -76.76
CA ASN E 315 -12.72 48.61 -76.20
C ASN E 315 -11.54 49.53 -75.87
N MET E 316 -10.60 49.64 -76.81
CA MET E 316 -9.42 50.46 -76.59
C MET E 316 -9.78 51.90 -76.24
N ASP E 317 -10.83 52.45 -76.85
CA ASP E 317 -11.27 53.80 -76.52
C ASP E 317 -11.66 53.90 -75.05
N ASP E 318 -12.33 52.88 -74.53
CA ASP E 318 -12.76 52.90 -73.13
C ASP E 318 -11.56 52.96 -72.19
N VAL E 319 -10.59 52.07 -72.36
CA VAL E 319 -9.45 52.04 -71.46
C VAL E 319 -8.58 53.28 -71.64
N ALA E 320 -8.53 53.82 -72.85
CA ALA E 320 -7.79 55.06 -73.08
C ALA E 320 -8.43 56.22 -72.32
N ARG E 321 -9.74 56.39 -72.46
CA ARG E 321 -10.45 57.41 -71.69
C ARG E 321 -10.38 57.15 -70.19
N TYR E 322 -10.17 55.89 -69.79
CA TYR E 322 -10.03 55.59 -68.37
C TYR E 322 -8.68 56.03 -67.83
N LEU E 323 -7.59 55.73 -68.53
CA LEU E 323 -6.26 56.03 -68.00
C LEU E 323 -5.93 57.51 -68.01
N LEU E 324 -6.34 58.23 -69.06
CA LEU E 324 -5.93 59.63 -69.25
C LEU E 324 -6.96 60.63 -68.79
N GLY E 325 -8.25 60.36 -69.02
CA GLY E 325 -9.30 61.29 -68.64
C GLY E 325 -10.09 60.84 -67.45
N GLY E 326 -9.57 59.88 -66.70
CA GLY E 326 -10.23 59.37 -65.51
C GLY E 326 -11.56 58.71 -65.80
N VAL E 336 -32.06 50.71 -80.44
CA VAL E 336 -32.43 49.31 -80.62
C VAL E 336 -33.91 49.20 -80.95
N GLY E 337 -34.25 48.26 -81.83
CA GLY E 337 -35.62 48.06 -82.26
C GLY E 337 -36.12 46.67 -81.89
N SER E 338 -37.39 46.59 -81.54
CA SER E 338 -38.03 45.33 -81.17
C SER E 338 -39.11 45.01 -82.19
N ALA E 339 -39.42 43.72 -82.31
CA ALA E 339 -40.36 43.26 -83.33
C ALA E 339 -41.10 42.02 -82.84
N ARG E 340 -42.43 42.09 -82.85
CA ARG E 340 -43.24 40.92 -82.54
C ARG E 340 -43.01 39.82 -83.57
N VAL E 341 -43.03 38.57 -83.11
CA VAL E 341 -42.82 37.43 -83.97
C VAL E 341 -43.57 36.23 -83.40
N ARG E 342 -43.86 35.27 -84.26
CA ARG E 342 -44.56 34.05 -83.86
C ARG E 342 -43.56 33.03 -83.36
N ALA E 343 -43.78 32.52 -82.15
CA ALA E 343 -42.88 31.55 -81.53
C ALA E 343 -43.69 30.70 -80.56
N ASP E 344 -43.00 29.84 -79.81
CA ASP E 344 -43.65 28.93 -78.87
C ASP E 344 -42.84 28.92 -77.57
N LEU E 345 -43.22 29.77 -76.64
CA LEU E 345 -42.55 29.87 -75.34
C LEU E 345 -43.21 28.91 -74.35
N VAL E 346 -42.41 28.44 -73.39
CA VAL E 346 -42.87 27.47 -72.40
C VAL E 346 -42.07 27.67 -71.12
N VAL E 347 -42.72 27.42 -69.99
CA VAL E 347 -42.06 27.47 -68.68
C VAL E 347 -41.77 26.04 -68.24
N VAL E 348 -40.48 25.72 -68.08
CA VAL E 348 -40.04 24.42 -67.63
C VAL E 348 -39.12 24.62 -66.44
N GLY E 349 -39.22 23.73 -65.46
CA GLY E 349 -38.56 23.95 -64.19
C GLY E 349 -39.07 25.23 -63.57
N ASP E 350 -38.25 26.28 -63.58
CA ASP E 350 -38.71 27.60 -63.21
C ASP E 350 -38.31 28.68 -64.22
N ARG E 351 -37.63 28.31 -65.29
CA ARG E 351 -37.26 29.25 -66.34
C ARG E 351 -38.30 29.24 -67.46
N LEU E 352 -38.16 30.19 -68.37
CA LEU E 352 -39.07 30.36 -69.50
C LEU E 352 -38.22 30.31 -70.76
N VAL E 353 -38.32 29.21 -71.51
CA VAL E 353 -37.40 28.91 -72.59
C VAL E 353 -38.16 28.77 -73.90
N PHE E 354 -37.43 28.86 -75.01
CA PHE E 354 -38.00 28.63 -76.33
C PHE E 354 -38.15 27.13 -76.58
N LEU E 355 -38.96 26.81 -77.58
CA LEU E 355 -39.21 25.41 -77.96
C LEU E 355 -39.47 25.39 -79.46
N GLU E 356 -38.42 25.10 -80.24
CA GLU E 356 -38.46 25.23 -81.68
C GLU E 356 -37.95 23.96 -82.34
N ALA E 357 -38.70 23.50 -83.34
CA ALA E 357 -38.26 22.40 -84.22
C ALA E 357 -38.00 23.00 -85.59
N LEU E 358 -36.81 22.72 -86.14
CA LEU E 358 -36.33 23.38 -87.34
C LEU E 358 -36.22 22.42 -88.52
N GLU E 359 -37.21 21.53 -88.67
CA GLU E 359 -37.27 20.62 -89.80
C GLU E 359 -38.13 21.14 -90.94
N LYS E 360 -39.14 21.96 -90.66
CA LYS E 360 -40.06 22.46 -91.67
C LYS E 360 -39.55 23.73 -92.33
N ARG E 361 -39.18 24.74 -91.54
CA ARG E 361 -38.75 26.02 -92.10
C ARG E 361 -37.39 25.91 -92.77
N VAL E 362 -36.44 25.19 -92.17
CA VAL E 362 -35.13 24.97 -92.76
C VAL E 362 -34.90 23.47 -92.86
N TYR E 363 -33.89 23.10 -93.65
CA TYR E 363 -33.51 21.71 -93.90
C TYR E 363 -34.56 20.98 -94.73
N GLN E 364 -35.67 21.64 -95.04
CA GLN E 364 -36.76 21.00 -95.75
C GLN E 364 -36.61 21.17 -97.25
N ALA E 365 -36.90 20.09 -97.99
CA ALA E 365 -36.84 20.07 -99.45
C ALA E 365 -35.45 20.40 -99.98
N THR E 366 -34.43 20.04 -99.21
CA THR E 366 -33.04 20.20 -99.62
C THR E 366 -32.25 18.98 -99.19
N GLN E 367 -31.12 18.75 -99.87
CA GLN E 367 -30.43 17.47 -99.77
C GLN E 367 -29.52 17.35 -98.56
N VAL E 368 -29.65 18.21 -97.55
CA VAL E 368 -28.83 18.10 -96.35
C VAL E 368 -29.60 17.32 -95.29
N PRO E 369 -28.93 16.51 -94.47
CA PRO E 369 -29.62 15.80 -93.40
C PRO E 369 -29.73 16.63 -92.13
N TYR E 370 -30.77 16.33 -91.35
CA TYR E 370 -30.98 17.03 -90.10
C TYR E 370 -29.83 16.73 -89.14
N PRO E 371 -29.29 17.74 -88.46
CA PRO E 371 -28.13 17.53 -87.58
C PRO E 371 -28.44 16.93 -86.23
N LEU E 372 -29.70 16.96 -85.79
CA LEU E 372 -30.03 16.45 -84.47
C LEU E 372 -30.22 14.93 -84.45
N VAL E 373 -30.48 14.30 -85.60
CA VAL E 373 -30.59 12.86 -85.63
C VAL E 373 -29.18 12.30 -85.47
N GLY E 374 -28.84 11.94 -84.25
CA GLY E 374 -27.48 11.59 -83.89
C GLY E 374 -27.15 10.13 -84.16
N ASN E 375 -26.05 9.69 -83.57
CA ASN E 375 -25.61 8.31 -83.69
C ASN E 375 -25.02 7.86 -82.36
N LEU E 376 -25.22 6.59 -82.04
CA LEU E 376 -24.78 6.03 -80.77
C LEU E 376 -24.09 4.70 -81.03
N ASP E 377 -23.03 4.43 -80.27
CA ASP E 377 -22.21 3.24 -80.47
C ASP E 377 -22.23 2.37 -79.23
N VAL E 378 -22.48 1.07 -79.45
CA VAL E 378 -22.39 0.06 -78.40
C VAL E 378 -21.60 -1.12 -78.96
N THR E 379 -20.70 -1.67 -78.15
CA THR E 379 -19.88 -2.80 -78.54
C THR E 379 -20.35 -4.02 -77.74
N PHE E 380 -20.90 -5.01 -78.44
CA PHE E 380 -21.44 -6.20 -77.80
C PHE E 380 -20.36 -7.27 -77.65
N VAL E 381 -20.49 -8.08 -76.61
CA VAL E 381 -19.51 -9.10 -76.28
C VAL E 381 -20.24 -10.34 -75.77
N MET E 382 -19.77 -11.52 -76.19
CA MET E 382 -20.42 -12.76 -75.82
C MET E 382 -19.45 -13.93 -75.86
N PRO E 383 -19.41 -14.76 -74.82
CA PRO E 383 -18.54 -15.94 -74.85
C PRO E 383 -19.07 -17.00 -75.81
N LEU E 384 -18.13 -17.75 -76.39
CA LEU E 384 -18.48 -18.75 -77.38
C LEU E 384 -18.50 -20.18 -76.81
N GLY E 385 -17.38 -20.64 -76.27
CA GLY E 385 -17.28 -22.03 -75.89
C GLY E 385 -16.81 -22.27 -74.47
N VAL E 386 -17.22 -21.40 -73.55
CA VAL E 386 -16.83 -21.58 -72.15
C VAL E 386 -17.52 -22.81 -71.57
N PHE E 387 -16.78 -23.56 -70.76
CA PHE E 387 -17.29 -24.77 -70.12
C PHE E 387 -17.37 -24.51 -68.63
N LYS E 388 -18.59 -24.54 -68.10
CA LYS E 388 -18.80 -24.26 -66.69
C LYS E 388 -18.16 -25.35 -65.83
N PRO E 389 -17.67 -25.02 -64.63
CA PRO E 389 -17.08 -26.04 -63.77
C PRO E 389 -18.08 -27.10 -63.33
N ALA E 390 -17.60 -28.15 -62.67
CA ALA E 390 -18.44 -29.30 -62.36
C ALA E 390 -19.51 -28.95 -61.35
N ALA E 391 -19.18 -28.11 -60.37
CA ALA E 391 -20.13 -27.78 -59.30
C ALA E 391 -21.28 -26.91 -59.77
N ASP E 392 -21.28 -26.47 -61.03
CA ASP E 392 -22.32 -25.58 -61.53
C ASP E 392 -23.12 -26.16 -62.69
N ARG E 393 -22.79 -27.37 -63.14
CA ARG E 393 -23.58 -28.03 -64.18
C ARG E 393 -24.77 -28.71 -63.51
N TYR E 394 -25.89 -27.99 -63.47
CA TYR E 394 -27.09 -28.49 -62.81
C TYR E 394 -28.33 -28.23 -63.65
N ALA E 395 -29.51 -28.45 -63.07
CA ALA E 395 -30.77 -28.18 -63.75
C ALA E 395 -31.77 -27.70 -62.72
N ARG E 396 -32.63 -26.74 -63.12
CA ARG E 396 -33.58 -26.15 -62.18
C ARG E 396 -34.64 -27.13 -61.73
N HIS E 397 -35.04 -28.07 -62.58
CA HIS E 397 -36.05 -29.05 -62.23
C HIS E 397 -35.64 -30.40 -62.82
N ALA E 398 -36.28 -31.46 -62.33
CA ALA E 398 -35.87 -32.83 -62.67
C ALA E 398 -35.91 -33.06 -64.17
N GLY E 399 -37.09 -32.94 -64.78
CA GLY E 399 -37.23 -33.17 -66.20
C GLY E 399 -37.58 -31.91 -66.97
N SER E 400 -36.90 -30.80 -66.66
CA SER E 400 -37.14 -29.55 -67.36
C SER E 400 -37.13 -29.76 -68.87
N PHE E 401 -36.05 -30.32 -69.39
CA PHE E 401 -36.00 -30.79 -70.76
C PHE E 401 -35.83 -32.31 -70.77
N ALA E 402 -36.01 -32.90 -71.93
CA ALA E 402 -35.90 -34.33 -72.06
C ALA E 402 -35.59 -34.64 -73.52
N PRO E 403 -34.57 -35.45 -73.80
CA PRO E 403 -34.29 -35.84 -75.17
C PRO E 403 -35.32 -36.85 -75.66
N THR E 404 -35.30 -37.09 -76.96
CA THR E 404 -36.10 -38.17 -77.53
C THR E 404 -35.72 -39.47 -76.85
N PRO E 405 -36.62 -40.09 -76.10
CA PRO E 405 -36.25 -41.27 -75.30
C PRO E 405 -35.67 -42.37 -76.18
N GLY E 406 -34.58 -42.97 -75.70
CA GLY E 406 -33.81 -43.90 -76.49
C GLY E 406 -32.57 -43.30 -77.12
N LEU E 407 -32.21 -42.07 -76.76
CA LEU E 407 -31.10 -41.34 -77.31
C LEU E 407 -30.38 -40.55 -76.21
N PRO E 408 -29.05 -40.44 -76.28
CA PRO E 408 -28.34 -39.58 -75.33
C PRO E 408 -28.69 -38.12 -75.57
N ASP E 409 -28.92 -37.39 -74.48
CA ASP E 409 -29.22 -35.98 -74.61
C ASP E 409 -27.97 -35.20 -75.02
N PRO E 410 -28.05 -34.32 -76.00
CA PRO E 410 -26.89 -33.52 -76.37
C PRO E 410 -26.72 -32.29 -75.49
N ARG E 411 -27.50 -32.22 -74.41
CA ARG E 411 -27.48 -31.05 -73.53
C ARG E 411 -26.24 -31.04 -72.64
N THR E 412 -25.78 -32.20 -72.18
CA THR E 412 -24.64 -32.24 -71.28
C THR E 412 -23.32 -31.98 -71.97
N HIS E 413 -23.27 -32.05 -73.31
CA HIS E 413 -22.01 -31.88 -74.00
C HIS E 413 -21.56 -30.42 -73.94
N PRO E 414 -20.26 -30.18 -74.00
CA PRO E 414 -19.75 -28.81 -74.01
C PRO E 414 -20.20 -28.06 -75.25
N PRO E 415 -20.77 -26.87 -75.08
CA PRO E 415 -21.30 -26.15 -76.22
C PRO E 415 -20.21 -25.64 -77.16
N ARG E 416 -20.56 -25.52 -78.43
CA ARG E 416 -19.63 -25.05 -79.45
C ARG E 416 -20.30 -24.07 -80.40
N ALA E 417 -21.29 -23.34 -79.93
CA ALA E 417 -22.02 -22.35 -80.72
C ALA E 417 -22.85 -21.49 -79.78
N VAL E 418 -23.17 -20.29 -80.24
CA VAL E 418 -24.00 -19.35 -79.49
C VAL E 418 -25.06 -18.80 -80.42
N HIS E 419 -26.27 -18.64 -79.87
CA HIS E 419 -27.40 -18.12 -80.60
C HIS E 419 -27.80 -16.76 -80.02
N PHE E 420 -28.26 -15.87 -80.89
CA PHE E 420 -28.70 -14.55 -80.46
C PHE E 420 -29.64 -13.99 -81.53
N PHE E 421 -30.28 -12.88 -81.21
CA PHE E 421 -31.31 -12.28 -82.05
C PHE E 421 -30.72 -11.19 -82.93
N ASN E 422 -31.35 -10.98 -84.07
CA ASN E 422 -30.89 -10.02 -85.07
C ASN E 422 -31.56 -8.67 -84.84
N LYS E 423 -31.42 -7.76 -85.81
CA LYS E 423 -32.00 -6.43 -85.69
C LYS E 423 -33.53 -6.48 -85.64
N ASP E 424 -34.15 -7.39 -86.38
CA ASP E 424 -35.59 -7.55 -86.38
C ASP E 424 -36.01 -8.90 -85.79
N GLY E 425 -35.26 -9.36 -84.80
CA GLY E 425 -35.64 -10.53 -84.02
C GLY E 425 -35.52 -11.87 -84.71
N VAL E 426 -35.04 -11.92 -85.94
CA VAL E 426 -34.84 -13.23 -86.58
C VAL E 426 -33.61 -13.91 -85.98
N PRO E 427 -33.70 -15.18 -85.61
CA PRO E 427 -32.53 -15.85 -84.99
C PRO E 427 -31.39 -16.02 -85.97
N CYS E 428 -30.18 -15.83 -85.46
CA CYS E 428 -28.96 -15.81 -86.28
C CYS E 428 -27.79 -16.23 -85.40
N HIS E 429 -27.25 -17.42 -85.66
CA HIS E 429 -26.22 -17.99 -84.81
C HIS E 429 -24.83 -17.78 -85.40
N VAL E 430 -23.82 -17.94 -84.54
CA VAL E 430 -22.42 -17.92 -84.93
C VAL E 430 -21.70 -19.02 -84.15
N THR E 431 -20.72 -19.67 -84.79
CA THR E 431 -20.05 -20.81 -84.20
C THR E 431 -18.60 -20.85 -84.66
N PHE E 432 -17.90 -21.92 -84.29
CA PHE E 432 -16.48 -22.07 -84.59
C PHE E 432 -16.19 -21.94 -86.07
N GLU E 433 -17.04 -22.53 -86.92
CA GLU E 433 -16.78 -22.58 -88.37
C GLU E 433 -16.43 -21.21 -88.94
N HIS E 434 -17.01 -20.15 -88.40
CA HIS E 434 -16.70 -18.80 -88.90
C HIS E 434 -15.29 -18.36 -88.52
N ALA E 435 -14.79 -18.81 -87.37
CA ALA E 435 -13.50 -18.36 -86.87
C ALA E 435 -12.32 -18.92 -87.68
N MET E 436 -12.58 -19.63 -88.78
CA MET E 436 -11.49 -20.10 -89.63
C MET E 436 -10.64 -18.95 -90.14
N GLY E 437 -11.29 -17.88 -90.60
CA GLY E 437 -10.57 -16.73 -91.12
C GLY E 437 -9.68 -16.03 -90.13
N THR E 438 -9.75 -16.40 -88.85
CA THR E 438 -8.86 -15.88 -87.82
C THR E 438 -7.89 -16.92 -87.30
N LEU E 439 -8.31 -18.17 -87.13
CA LEU E 439 -7.45 -19.21 -86.58
C LEU E 439 -6.74 -20.03 -87.66
N CYS E 440 -6.98 -19.75 -88.93
CA CYS E 440 -6.28 -20.41 -90.04
C CYS E 440 -5.59 -19.33 -90.85
N HIS E 441 -4.38 -18.97 -90.43
CA HIS E 441 -3.62 -17.89 -91.06
C HIS E 441 -2.18 -17.94 -90.56
N PRO E 442 -1.20 -17.57 -91.39
CA PRO E 442 0.20 -17.55 -90.92
C PRO E 442 0.42 -16.70 -89.68
N SER E 443 -0.41 -15.68 -89.46
CA SER E 443 -0.25 -14.84 -88.28
C SER E 443 -0.44 -15.62 -86.99
N PHE E 444 -0.96 -16.84 -87.06
CA PHE E 444 -1.09 -17.70 -85.89
C PHE E 444 0.27 -18.20 -85.39
N LEU E 445 1.33 -18.04 -86.18
CA LEU E 445 2.67 -18.52 -85.83
C LEU E 445 3.69 -17.40 -85.95
N ASP E 446 3.37 -16.23 -85.40
CA ASP E 446 4.25 -15.07 -85.41
C ASP E 446 4.82 -14.90 -84.01
N VAL E 447 6.05 -15.36 -83.80
CA VAL E 447 6.69 -15.35 -82.50
C VAL E 447 8.01 -14.59 -82.59
N ASP E 448 8.47 -14.36 -83.83
CA ASP E 448 9.78 -13.75 -84.04
C ASP E 448 9.94 -12.45 -83.26
N ALA E 449 8.94 -11.57 -83.29
CA ALA E 449 8.99 -10.33 -82.54
C ALA E 449 8.87 -10.56 -81.04
N THR E 450 7.89 -11.36 -80.62
CA THR E 450 7.66 -11.57 -79.19
C THR E 450 8.86 -12.22 -78.52
N LEU E 451 9.51 -13.16 -79.20
CA LEU E 451 10.74 -13.73 -78.67
C LEU E 451 11.83 -12.66 -78.52
N ALA E 452 11.95 -11.77 -79.50
CA ALA E 452 12.89 -10.66 -79.40
C ALA E 452 12.48 -9.63 -78.36
N ALA E 453 11.21 -9.65 -77.92
CA ALA E 453 10.73 -8.72 -76.91
C ALA E 453 10.96 -9.21 -75.49
N LEU E 454 11.56 -10.38 -75.32
CA LEU E 454 11.88 -10.92 -74.01
C LEU E 454 13.38 -11.06 -73.76
N ARG E 455 14.18 -11.19 -74.80
CA ARG E 455 15.62 -11.38 -74.66
C ARG E 455 16.36 -10.10 -74.29
N GLN E 456 15.70 -8.94 -74.32
CA GLN E 456 16.39 -7.70 -73.96
C GLN E 456 16.81 -7.69 -72.49
N GLU E 457 15.92 -8.08 -71.58
CA GLU E 457 16.38 -8.19 -70.21
C GLU E 457 17.16 -9.49 -70.03
N PRO E 458 18.27 -9.46 -69.28
CA PRO E 458 18.96 -10.71 -68.97
C PRO E 458 18.12 -11.59 -68.04
N ALA E 459 18.33 -12.89 -68.12
CA ALA E 459 17.62 -13.85 -67.29
C ALA E 459 18.58 -14.96 -66.88
N GLU E 460 18.56 -15.29 -65.59
CA GLU E 460 19.40 -16.36 -65.06
C GLU E 460 18.58 -17.63 -64.90
N VAL E 461 19.10 -18.73 -65.43
CA VAL E 461 18.42 -20.02 -65.35
C VAL E 461 18.50 -20.52 -63.91
N GLN E 462 17.43 -21.15 -63.44
CA GLN E 462 17.42 -21.78 -62.13
C GLN E 462 17.47 -23.30 -62.23
N CYS E 463 16.55 -23.90 -62.99
CA CYS E 463 16.50 -25.34 -63.18
C CYS E 463 16.72 -25.66 -64.66
N ALA E 464 17.63 -26.59 -64.92
CA ALA E 464 17.99 -26.95 -66.29
C ALA E 464 17.79 -28.44 -66.52
N PHE E 465 16.79 -29.02 -65.86
CA PHE E 465 16.54 -30.45 -66.01
C PHE E 465 15.76 -30.80 -67.27
N GLY E 466 14.71 -30.05 -67.57
CA GLY E 466 13.87 -30.39 -68.69
C GLY E 466 13.92 -29.37 -69.81
N ALA E 467 15.06 -28.70 -69.95
CA ALA E 467 15.28 -27.76 -71.04
C ALA E 467 16.66 -27.98 -71.66
N TYR E 468 17.21 -29.17 -71.49
CA TYR E 468 18.52 -29.50 -72.02
C TYR E 468 18.51 -30.96 -72.46
N VAL E 469 19.22 -31.23 -73.56
CA VAL E 469 19.39 -32.58 -74.05
C VAL E 469 20.82 -32.72 -74.54
N ALA E 470 21.38 -33.92 -74.34
CA ALA E 470 22.74 -34.19 -74.78
C ALA E 470 22.77 -35.56 -75.45
N ASP E 471 23.64 -35.69 -76.44
CA ASP E 471 23.88 -36.97 -77.08
C ASP E 471 24.91 -37.72 -76.23
N ALA E 472 24.60 -38.96 -75.89
CA ALA E 472 25.52 -39.77 -75.13
C ALA E 472 26.46 -40.50 -76.08
N ARG E 473 27.74 -40.57 -75.71
CA ARG E 473 28.67 -41.37 -76.48
C ARG E 473 28.25 -42.83 -76.42
N PRO E 474 28.71 -43.66 -77.36
CA PRO E 474 28.28 -45.06 -77.36
C PRO E 474 28.89 -45.81 -76.19
N ASP E 475 28.23 -45.77 -75.04
CA ASP E 475 28.79 -46.24 -73.79
C ASP E 475 27.84 -47.17 -73.04
N ALA E 476 27.29 -48.17 -73.73
CA ALA E 476 26.71 -49.35 -73.07
C ALA E 476 25.57 -48.96 -72.11
N LEU E 477 24.45 -48.59 -72.73
CA LEU E 477 23.29 -47.96 -72.07
C LEU E 477 23.05 -48.37 -70.63
N VAL E 478 23.16 -49.66 -70.31
CA VAL E 478 22.91 -50.15 -68.96
C VAL E 478 23.75 -49.37 -67.94
N GLY E 479 24.95 -48.95 -68.34
CA GLY E 479 25.77 -48.10 -67.48
C GLY E 479 25.48 -46.63 -67.63
N LEU E 480 24.73 -46.24 -68.67
CA LEU E 480 24.42 -44.83 -68.87
C LEU E 480 23.48 -44.31 -67.78
N MET E 481 22.52 -45.11 -67.35
CA MET E 481 21.68 -44.69 -66.23
C MET E 481 22.49 -44.57 -64.95
N GLN E 482 23.49 -45.45 -64.77
CA GLN E 482 24.43 -45.29 -63.68
C GLN E 482 25.13 -43.93 -63.75
N ARG E 483 25.76 -43.63 -64.87
CA ARG E 483 26.48 -42.37 -65.04
C ARG E 483 25.56 -41.15 -65.03
N PHE E 484 24.26 -41.33 -65.24
CA PHE E 484 23.31 -40.23 -65.25
C PHE E 484 22.76 -39.94 -63.86
N LEU E 485 22.43 -41.00 -63.10
CA LEU E 485 21.71 -40.83 -61.85
C LEU E 485 22.56 -40.17 -60.77
N GLU E 486 23.87 -40.09 -60.94
CA GLU E 486 24.72 -39.34 -60.03
C GLU E 486 24.72 -37.86 -60.34
N GLU E 487 24.30 -37.48 -61.54
CA GLU E 487 24.25 -36.10 -61.98
C GLU E 487 22.84 -35.51 -61.95
N TRP E 488 21.83 -36.28 -61.52
CA TRP E 488 20.47 -35.76 -61.55
C TRP E 488 20.24 -34.68 -60.49
N PRO E 489 20.56 -34.90 -59.21
CA PRO E 489 20.41 -33.79 -58.25
C PRO E 489 21.34 -32.62 -58.54
N GLY E 490 22.45 -32.85 -59.24
CA GLY E 490 23.31 -31.77 -59.68
C GLY E 490 22.72 -30.91 -60.78
N MET E 491 21.59 -31.31 -61.35
CA MET E 491 20.90 -30.54 -62.38
C MET E 491 19.60 -29.93 -61.90
N MET E 492 19.27 -30.11 -60.62
CA MET E 492 18.02 -29.61 -60.05
C MET E 492 18.31 -28.88 -58.74
N PRO E 493 18.78 -27.63 -58.82
CA PRO E 493 18.95 -26.85 -57.58
C PRO E 493 17.64 -26.49 -56.94
N VAL E 494 16.67 -26.03 -57.73
CA VAL E 494 15.29 -25.83 -57.29
C VAL E 494 14.41 -26.71 -58.15
N ARG E 495 13.22 -26.99 -57.63
CA ARG E 495 12.29 -27.88 -58.30
C ARG E 495 11.86 -27.28 -59.64
N PRO E 496 11.73 -28.08 -60.70
CA PRO E 496 11.33 -27.53 -61.99
C PRO E 496 9.90 -27.01 -61.97
N ARG E 497 9.54 -26.26 -63.00
CA ARG E 497 8.23 -25.61 -63.07
C ARG E 497 7.24 -26.38 -63.94
N TRP E 498 7.32 -27.72 -63.92
CA TRP E 498 6.29 -28.53 -64.54
C TRP E 498 5.92 -29.74 -63.69
N ALA E 499 6.38 -29.81 -62.44
CA ALA E 499 5.99 -30.92 -61.57
C ALA E 499 4.55 -30.73 -61.08
N ALA E 500 4.23 -29.54 -60.62
CA ALA E 500 2.88 -29.15 -60.21
C ALA E 500 2.81 -27.64 -60.20
N PRO E 501 2.63 -27.00 -61.37
CA PRO E 501 2.79 -25.53 -61.46
C PRO E 501 1.89 -24.75 -60.52
N ALA E 502 0.58 -24.93 -60.67
CA ALA E 502 -0.42 -24.24 -59.85
C ALA E 502 -1.79 -24.84 -60.11
N ALA E 503 -2.57 -25.08 -59.05
CA ALA E 503 -3.79 -25.86 -59.18
C ALA E 503 -4.83 -25.21 -60.07
N ALA E 504 -5.44 -24.10 -59.60
CA ALA E 504 -6.50 -23.46 -60.36
C ALA E 504 -6.19 -21.99 -60.69
N ASP E 505 -5.88 -21.17 -59.67
CA ASP E 505 -5.80 -19.74 -59.86
C ASP E 505 -4.53 -19.12 -59.31
N GLN E 506 -3.74 -19.86 -58.52
CA GLN E 506 -2.45 -19.36 -58.09
C GLN E 506 -1.56 -18.97 -59.26
N LEU E 507 -1.82 -19.54 -60.44
CA LEU E 507 -1.17 -19.06 -61.66
C LEU E 507 -1.61 -17.63 -61.99
N LEU E 508 -2.93 -17.39 -61.96
CA LEU E 508 -3.48 -16.08 -62.26
C LEU E 508 -3.34 -15.10 -61.11
N ALA E 509 -2.63 -15.46 -60.05
CA ALA E 509 -2.38 -14.54 -58.97
C ALA E 509 -1.45 -13.41 -59.43
N PRO E 510 -1.53 -12.24 -58.80
CA PRO E 510 -0.72 -11.11 -59.27
C PRO E 510 0.76 -11.25 -58.98
N GLY E 511 1.18 -12.23 -58.19
CA GLY E 511 2.58 -12.31 -57.79
C GLY E 511 3.41 -13.31 -58.56
N ASN E 512 2.78 -14.37 -59.06
CA ASN E 512 3.51 -15.49 -59.65
C ASN E 512 4.29 -15.02 -60.90
N ALA E 513 5.30 -15.82 -61.26
CA ALA E 513 6.18 -15.51 -62.37
C ALA E 513 5.95 -16.37 -63.60
N ASP E 514 5.32 -17.54 -63.45
CA ASP E 514 5.04 -18.37 -64.63
C ASP E 514 4.09 -17.66 -65.60
N LEU E 515 3.06 -17.00 -65.06
CA LEU E 515 2.15 -16.23 -65.89
C LEU E 515 2.88 -15.18 -66.71
N ARG E 516 3.97 -14.63 -66.19
CA ARG E 516 4.77 -13.66 -66.92
C ARG E 516 5.44 -14.26 -68.14
N LEU E 517 5.42 -15.59 -68.31
CA LEU E 517 6.10 -16.25 -69.42
C LEU E 517 5.17 -17.00 -70.36
N GLU E 518 3.90 -17.20 -70.02
CA GLU E 518 3.00 -17.98 -70.86
C GLU E 518 2.00 -17.05 -71.52
N LEU E 519 2.36 -16.57 -72.73
CA LEU E 519 1.48 -15.70 -73.51
C LEU E 519 1.37 -16.21 -74.94
N HIS E 520 0.56 -17.27 -75.13
CA HIS E 520 0.14 -17.79 -76.42
C HIS E 520 -0.73 -19.02 -76.20
N PRO E 521 -1.66 -19.35 -77.11
CA PRO E 521 -2.40 -20.61 -76.99
C PRO E 521 -1.73 -21.80 -77.64
N ALA E 522 -0.76 -21.60 -78.53
CA ALA E 522 -0.14 -22.71 -79.24
C ALA E 522 1.38 -22.64 -79.21
N PHE E 523 1.95 -21.97 -78.21
CA PHE E 523 3.40 -21.86 -78.08
C PHE E 523 3.77 -21.91 -76.61
N ASP E 524 4.92 -22.51 -76.32
CA ASP E 524 5.46 -22.59 -74.96
C ASP E 524 6.70 -21.72 -74.86
N PHE E 525 6.90 -21.10 -73.70
CA PHE E 525 8.05 -20.25 -73.45
C PHE E 525 8.72 -20.64 -72.15
N PHE E 526 10.04 -20.78 -72.18
CA PHE E 526 10.82 -21.22 -71.04
C PHE E 526 12.21 -20.59 -71.14
N VAL E 527 13.02 -20.81 -70.11
CA VAL E 527 14.41 -20.38 -70.11
C VAL E 527 15.30 -21.62 -70.11
N ALA E 528 16.39 -21.58 -70.86
CA ALA E 528 17.25 -22.73 -71.04
C ALA E 528 18.66 -22.25 -71.32
N PRO E 529 19.69 -23.00 -70.90
CA PRO E 529 21.06 -22.60 -71.22
C PRO E 529 21.29 -22.57 -72.72
N GLU E 530 22.06 -21.58 -73.17
CA GLU E 530 22.35 -21.41 -74.59
C GLU E 530 23.45 -22.38 -74.97
N VAL E 531 23.05 -23.47 -75.63
CA VAL E 531 23.96 -24.48 -76.15
C VAL E 531 23.45 -24.94 -77.51
N ASP E 532 24.18 -25.90 -78.09
CA ASP E 532 23.85 -26.36 -79.44
C ASP E 532 22.55 -27.17 -79.48
N VAL E 533 22.20 -27.86 -78.39
CA VAL E 533 20.95 -28.62 -78.30
C VAL E 533 20.84 -29.58 -79.49
N PRO E 534 21.55 -30.71 -79.49
CA PRO E 534 22.22 -31.28 -78.31
C PRO E 534 23.66 -30.81 -78.10
N GLY E 535 24.23 -31.17 -76.95
CA GLY E 535 25.59 -30.80 -76.62
C GLY E 535 26.28 -31.88 -75.82
N PRO E 536 27.23 -31.47 -74.96
CA PRO E 536 27.98 -32.46 -74.17
C PRO E 536 27.14 -33.02 -73.02
N PHE E 537 27.54 -34.20 -72.56
CA PHE E 537 26.81 -34.88 -71.50
C PHE E 537 26.79 -34.04 -70.23
N ALA E 538 27.90 -33.39 -69.90
CA ALA E 538 27.96 -32.53 -68.73
C ALA E 538 27.24 -31.22 -69.05
N VAL E 539 26.37 -30.78 -68.13
CA VAL E 539 25.68 -29.51 -68.36
C VAL E 539 26.66 -28.37 -68.12
N PRO E 540 26.79 -27.43 -69.05
CA PRO E 540 27.71 -26.30 -68.82
C PRO E 540 27.13 -25.31 -67.81
N GLN E 541 27.94 -24.36 -67.38
CA GLN E 541 27.51 -23.41 -66.36
C GLN E 541 27.41 -22.01 -66.94
N VAL E 542 26.87 -21.90 -68.15
CA VAL E 542 26.74 -20.63 -68.84
C VAL E 542 25.32 -20.10 -68.62
N MET E 543 25.16 -18.81 -68.88
CA MET E 543 23.85 -18.17 -68.79
C MET E 543 22.96 -18.63 -69.95
N GLY E 544 21.65 -18.57 -69.73
CA GLY E 544 20.69 -19.00 -70.72
C GLY E 544 19.56 -17.99 -70.90
N GLN E 545 19.05 -17.93 -72.13
CA GLN E 545 18.02 -16.99 -72.49
C GLN E 545 16.72 -17.73 -72.81
N VAL E 546 15.66 -16.97 -73.04
CA VAL E 546 14.34 -17.52 -73.29
C VAL E 546 14.26 -18.03 -74.73
N ARG E 547 13.66 -19.20 -74.90
CA ARG E 547 13.42 -19.79 -76.22
C ARG E 547 12.05 -20.46 -76.21
N ALA E 548 11.53 -20.70 -77.42
CA ALA E 548 10.16 -21.16 -77.58
C ALA E 548 10.12 -22.48 -78.34
N MET E 549 9.03 -23.21 -78.16
CA MET E 549 8.77 -24.48 -78.82
C MET E 549 7.27 -24.68 -78.94
N PRO E 550 6.77 -25.05 -80.11
CA PRO E 550 5.31 -25.09 -80.30
C PRO E 550 4.66 -26.29 -79.64
N ARG E 551 3.53 -26.05 -78.99
CA ARG E 551 2.70 -27.12 -78.47
C ARG E 551 2.04 -27.83 -79.64
N ILE E 552 2.62 -28.96 -80.07
CA ILE E 552 2.12 -29.64 -81.26
C ILE E 552 0.77 -30.27 -80.99
N ILE E 553 0.56 -30.80 -79.81
CA ILE E 553 -0.66 -31.55 -79.50
C ILE E 553 -1.64 -30.65 -78.77
N ASN E 554 -2.94 -30.85 -79.05
CA ASN E 554 -4.01 -30.12 -78.37
C ASN E 554 -4.03 -30.37 -76.88
N GLY E 555 -3.41 -31.44 -76.40
CA GLY E 555 -3.38 -31.74 -75.00
C GLY E 555 -2.21 -31.15 -74.23
N ASN E 556 -1.38 -30.32 -74.87
CA ASN E 556 -0.20 -29.77 -74.23
C ASN E 556 -0.46 -28.44 -73.53
N ILE E 557 -1.68 -27.94 -73.56
CA ILE E 557 -2.02 -26.73 -72.81
C ILE E 557 -2.02 -27.11 -71.34
N PRO E 558 -1.32 -26.35 -70.48
CA PRO E 558 -1.23 -26.75 -69.06
C PRO E 558 -2.61 -26.88 -68.41
N LEU E 559 -2.67 -27.73 -67.39
CA LEU E 559 -3.94 -28.07 -66.75
C LEU E 559 -4.68 -26.84 -66.24
N ALA E 560 -3.96 -25.88 -65.65
CA ALA E 560 -4.61 -24.72 -65.07
C ALA E 560 -5.36 -23.88 -66.09
N LEU E 561 -5.18 -24.14 -67.38
CA LEU E 561 -5.87 -23.41 -68.43
C LEU E 561 -6.90 -24.26 -69.16
N CYS E 562 -6.83 -25.58 -69.02
CA CYS E 562 -7.86 -26.50 -69.49
C CYS E 562 -7.99 -27.63 -68.49
N PRO E 563 -8.86 -27.48 -67.48
CA PRO E 563 -8.94 -28.48 -66.41
C PRO E 563 -9.34 -29.85 -66.94
N VAL E 564 -9.10 -30.86 -66.11
CA VAL E 564 -9.33 -32.24 -66.51
C VAL E 564 -10.81 -32.51 -66.74
N ASP E 565 -11.68 -31.73 -66.10
CA ASP E 565 -13.12 -31.96 -66.22
C ASP E 565 -13.62 -31.73 -67.64
N PHE E 566 -13.15 -30.64 -68.28
CA PHE E 566 -13.53 -30.39 -69.66
C PHE E 566 -13.04 -31.51 -70.58
N ARG E 567 -11.83 -32.00 -70.36
CA ARG E 567 -11.31 -33.08 -71.19
C ARG E 567 -12.15 -34.33 -71.03
N ASP E 568 -12.52 -34.66 -69.79
CA ASP E 568 -13.40 -35.79 -69.54
C ASP E 568 -14.75 -35.61 -70.22
N ALA E 569 -15.25 -34.38 -70.23
CA ALA E 569 -16.56 -34.11 -70.85
C ALA E 569 -16.48 -34.25 -72.37
N ARG E 570 -15.41 -33.73 -72.98
CA ARG E 570 -15.23 -33.90 -74.42
C ARG E 570 -15.10 -35.37 -74.78
N GLY E 571 -14.38 -36.14 -73.95
CA GLY E 571 -14.30 -37.56 -74.17
C GLY E 571 -15.66 -38.24 -74.13
N PHE E 572 -16.44 -37.94 -73.10
CA PHE E 572 -17.77 -38.54 -72.99
C PHE E 572 -18.68 -38.08 -74.12
N GLU E 573 -18.41 -36.91 -74.70
CA GLU E 573 -19.13 -36.48 -75.89
C GLU E 573 -18.78 -37.36 -77.08
N LEU E 574 -17.49 -37.47 -77.39
CA LEU E 574 -17.07 -38.27 -78.54
C LEU E 574 -17.33 -39.76 -78.32
N SER E 575 -17.14 -40.25 -77.09
CA SER E 575 -17.20 -41.68 -76.83
C SER E 575 -18.63 -42.21 -76.73
N VAL E 576 -19.63 -41.46 -77.18
CA VAL E 576 -21.01 -41.95 -77.13
C VAL E 576 -21.16 -43.08 -78.14
N ASP E 577 -21.47 -44.28 -77.63
CA ASP E 577 -21.84 -45.47 -78.41
C ASP E 577 -20.91 -45.73 -79.60
N ARG E 578 -19.67 -45.24 -79.54
CA ARG E 578 -18.74 -45.49 -80.64
C ARG E 578 -18.32 -46.96 -80.65
N HIS E 579 -17.57 -47.37 -79.63
CA HIS E 579 -17.32 -48.78 -79.36
C HIS E 579 -16.94 -48.96 -77.90
N ARG E 580 -17.79 -49.61 -77.13
CA ARG E 580 -17.61 -49.73 -75.69
C ARG E 580 -16.93 -51.06 -75.36
N LEU E 581 -15.99 -51.01 -74.41
CA LEU E 581 -15.39 -52.22 -73.89
C LEU E 581 -16.38 -52.93 -72.97
N ALA E 582 -16.64 -54.20 -73.24
CA ALA E 582 -17.50 -54.98 -72.37
C ALA E 582 -16.93 -54.99 -70.95
N PRO E 583 -17.78 -54.98 -69.92
CA PRO E 583 -17.24 -54.90 -68.55
C PRO E 583 -16.33 -56.05 -68.17
N ALA E 584 -16.56 -57.24 -68.73
CA ALA E 584 -15.67 -58.37 -68.44
C ALA E 584 -14.25 -58.12 -68.94
N THR E 585 -14.12 -57.56 -70.14
CA THR E 585 -12.80 -57.30 -70.70
C THR E 585 -12.02 -56.33 -69.83
N VAL E 586 -12.67 -55.25 -69.39
CA VAL E 586 -11.96 -54.28 -68.56
C VAL E 586 -11.68 -54.85 -67.17
N ALA E 587 -12.62 -55.63 -66.62
CA ALA E 587 -12.37 -56.30 -65.35
C ALA E 587 -11.13 -57.17 -65.40
N ALA E 588 -10.95 -57.92 -66.50
CA ALA E 588 -9.75 -58.72 -66.65
C ALA E 588 -8.50 -57.87 -66.87
N VAL E 589 -8.56 -56.91 -67.78
CA VAL E 589 -7.37 -56.17 -68.18
C VAL E 589 -6.86 -55.29 -67.04
N ARG E 590 -7.73 -54.42 -66.51
CA ARG E 590 -7.31 -53.54 -65.43
C ARG E 590 -6.90 -54.33 -64.20
N GLY E 591 -7.55 -55.47 -63.97
CA GLY E 591 -7.10 -56.38 -62.91
C GLY E 591 -5.72 -56.95 -63.14
N ALA E 592 -5.35 -57.22 -64.39
CA ALA E 592 -4.01 -57.66 -64.73
C ALA E 592 -2.96 -56.57 -64.55
N PHE E 593 -3.25 -55.35 -65.04
CA PHE E 593 -2.29 -54.26 -64.94
C PHE E 593 -1.95 -53.95 -63.48
N ARG E 594 -2.97 -53.78 -62.64
CA ARG E 594 -2.80 -53.37 -61.26
C ARG E 594 -2.52 -54.53 -60.32
N ASP E 595 -2.23 -55.72 -60.86
CA ASP E 595 -1.87 -56.89 -60.06
C ASP E 595 -0.34 -56.92 -59.93
N ALA E 596 0.16 -56.51 -58.77
CA ALA E 596 1.60 -56.46 -58.55
C ALA E 596 2.23 -57.83 -58.34
N ASN E 597 1.48 -58.91 -58.48
CA ASN E 597 2.01 -60.26 -58.33
C ASN E 597 2.17 -60.94 -59.68
N TYR E 598 2.61 -60.18 -60.68
CA TYR E 598 2.76 -60.70 -62.03
C TYR E 598 3.74 -61.86 -62.05
N PRO E 599 3.51 -62.90 -62.84
CA PRO E 599 4.47 -64.01 -62.89
C PRO E 599 5.70 -63.62 -63.69
N MET E 600 6.87 -63.80 -63.06
CA MET E 600 8.11 -63.29 -63.63
C MET E 600 8.45 -63.96 -64.96
N VAL E 601 8.08 -65.24 -65.13
CA VAL E 601 8.47 -65.98 -66.32
C VAL E 601 7.85 -65.40 -67.59
N PHE E 602 6.72 -64.68 -67.47
CA PHE E 602 6.10 -64.08 -68.65
C PHE E 602 7.03 -63.04 -69.27
N TYR E 603 7.69 -62.24 -68.44
CA TYR E 603 8.68 -61.30 -68.96
C TYR E 603 9.83 -62.02 -69.65
N ILE E 604 10.22 -63.19 -69.15
CA ILE E 604 11.28 -63.97 -69.79
C ILE E 604 10.85 -64.41 -71.17
N ILE E 605 9.65 -64.97 -71.28
CA ILE E 605 9.15 -65.42 -72.58
C ILE E 605 9.03 -64.24 -73.53
N GLU E 606 8.57 -63.10 -73.03
CA GLU E 606 8.47 -61.91 -73.87
C GLU E 606 9.84 -61.48 -74.37
N ALA E 607 10.83 -61.42 -73.47
CA ALA E 607 12.17 -61.01 -73.86
C ALA E 607 12.75 -61.93 -74.92
N VAL E 608 12.60 -63.24 -74.75
CA VAL E 608 13.10 -64.16 -75.77
C VAL E 608 12.29 -64.06 -77.06
N ILE E 609 11.05 -63.58 -76.99
CA ILE E 609 10.28 -63.36 -78.21
C ILE E 609 10.77 -62.09 -78.93
N HIS E 610 10.84 -60.98 -78.20
CA HIS E 610 11.15 -59.65 -78.74
C HIS E 610 10.47 -59.42 -80.09
N GLY E 611 9.16 -59.67 -80.11
CA GLY E 611 8.36 -59.40 -81.29
C GLY E 611 8.76 -60.18 -82.53
N SER E 612 9.20 -61.42 -82.36
CA SER E 612 9.64 -62.25 -83.48
C SER E 612 8.47 -63.05 -84.04
N GLU E 613 8.29 -63.00 -85.35
CA GLU E 613 7.27 -63.82 -86.00
C GLU E 613 7.62 -65.30 -85.90
N ARG E 614 8.82 -65.67 -86.32
CA ARG E 614 9.23 -67.07 -86.32
C ARG E 614 9.23 -67.64 -84.91
N THR E 615 9.87 -66.93 -83.97
CA THR E 615 9.98 -67.44 -82.60
C THR E 615 8.60 -67.64 -81.97
N PHE E 616 7.66 -66.75 -82.26
CA PHE E 616 6.34 -66.90 -81.65
C PHE E 616 5.55 -68.02 -82.31
N CYS E 617 5.51 -68.05 -83.63
CA CYS E 617 4.86 -69.16 -84.31
C CYS E 617 5.48 -70.50 -83.96
N ALA E 618 6.72 -70.51 -83.47
CA ALA E 618 7.35 -71.73 -82.98
C ALA E 618 6.98 -72.01 -81.53
N LEU E 619 6.99 -70.99 -80.67
CA LEU E 619 6.66 -71.15 -79.26
C LEU E 619 5.16 -71.05 -78.98
N ALA E 620 4.32 -71.33 -79.97
CA ALA E 620 2.88 -71.16 -79.80
C ALA E 620 2.34 -72.06 -78.69
N ARG E 621 2.82 -73.29 -78.61
CA ARG E 621 2.31 -74.21 -77.59
C ARG E 621 2.58 -73.68 -76.18
N LEU E 622 3.77 -73.11 -75.97
CA LEU E 622 4.13 -72.61 -74.64
C LEU E 622 3.21 -71.49 -74.19
N VAL E 623 3.07 -70.46 -75.03
CA VAL E 623 2.22 -69.33 -74.66
C VAL E 623 0.77 -69.76 -74.54
N ALA E 624 0.35 -70.72 -75.38
CA ALA E 624 -0.99 -71.28 -75.24
C ALA E 624 -1.20 -71.91 -73.86
N GLN E 625 -0.20 -72.67 -73.39
CA GLN E 625 -0.30 -73.23 -72.04
C GLN E 625 -0.31 -72.13 -70.99
N CYS E 626 0.53 -71.11 -71.16
CA CYS E 626 0.69 -70.07 -70.15
C CYS E 626 -0.58 -69.26 -69.97
N ILE E 627 -1.27 -68.93 -71.09
CA ILE E 627 -2.48 -68.13 -70.99
C ILE E 627 -3.55 -68.90 -70.22
N GLN E 628 -3.72 -70.18 -70.54
CA GLN E 628 -4.68 -71.01 -69.81
C GLN E 628 -4.31 -71.08 -68.32
N SER E 629 -3.02 -71.27 -68.02
CA SER E 629 -2.59 -71.36 -66.63
C SER E 629 -2.91 -70.09 -65.87
N TYR E 630 -2.71 -68.93 -66.49
CA TYR E 630 -2.96 -67.67 -65.80
C TYR E 630 -4.45 -67.38 -65.71
N TRP E 631 -5.22 -67.78 -66.72
CA TRP E 631 -6.65 -67.48 -66.71
C TRP E 631 -7.39 -68.35 -65.70
N ARG E 632 -6.95 -69.60 -65.53
CA ARG E 632 -7.59 -70.46 -64.54
C ARG E 632 -7.26 -70.05 -63.12
N ASN E 633 -6.30 -69.14 -62.93
CA ASN E 633 -5.80 -68.83 -61.60
C ASN E 633 -5.90 -67.35 -61.24
N THR E 634 -6.27 -66.48 -62.18
CA THR E 634 -6.50 -65.09 -61.83
C THR E 634 -7.71 -64.45 -62.50
N HIS E 635 -8.28 -65.09 -63.53
CA HIS E 635 -9.31 -64.50 -64.38
C HIS E 635 -8.83 -63.23 -65.09
N ASN E 636 -7.53 -63.01 -65.18
CA ASN E 636 -6.98 -61.89 -65.93
C ASN E 636 -6.48 -62.35 -67.29
N ALA E 637 -5.81 -61.43 -67.99
CA ALA E 637 -5.24 -61.68 -69.30
C ALA E 637 -3.74 -61.38 -69.23
N ALA E 638 -2.93 -62.36 -69.60
CA ALA E 638 -1.49 -62.18 -69.61
C ALA E 638 -1.02 -61.67 -70.97
N PHE E 639 0.25 -61.27 -71.01
CA PHE E 639 0.92 -60.85 -72.25
C PHE E 639 0.22 -59.65 -72.88
N VAL E 640 -0.28 -58.74 -72.04
CA VAL E 640 -0.82 -57.47 -72.52
C VAL E 640 0.12 -56.30 -72.27
N ASN E 641 1.32 -56.55 -71.74
CA ASN E 641 2.34 -55.51 -71.66
C ASN E 641 2.90 -55.13 -73.02
N ASN E 642 2.90 -56.07 -73.97
CA ASN E 642 3.35 -55.84 -75.32
C ASN E 642 2.15 -55.70 -76.25
N PHE E 643 2.37 -55.06 -77.39
CA PHE E 643 1.32 -54.92 -78.40
C PHE E 643 1.41 -56.00 -79.47
N TYR E 644 2.62 -56.24 -79.99
CA TYR E 644 2.81 -57.28 -81.00
C TYR E 644 2.33 -58.63 -80.48
N MET E 645 2.48 -58.88 -79.18
CA MET E 645 2.01 -60.13 -78.62
C MET E 645 0.48 -60.20 -78.62
N VAL E 646 -0.19 -59.13 -78.17
CA VAL E 646 -1.64 -59.10 -78.21
C VAL E 646 -2.18 -59.26 -79.62
N MET E 647 -1.46 -58.77 -80.62
CA MET E 647 -1.84 -58.96 -82.01
C MET E 647 -1.65 -60.42 -82.45
N TYR E 648 -0.48 -60.99 -82.17
CA TYR E 648 -0.19 -62.36 -82.60
C TYR E 648 -1.12 -63.37 -81.93
N ILE E 649 -1.52 -63.10 -80.68
CA ILE E 649 -2.42 -64.01 -79.98
C ILE E 649 -3.70 -64.23 -80.77
N ASN E 650 -4.44 -63.16 -81.05
CA ASN E 650 -5.72 -63.29 -81.72
C ASN E 650 -5.60 -63.33 -83.23
N THR E 651 -4.38 -63.26 -83.78
CA THR E 651 -4.22 -63.57 -85.20
C THR E 651 -3.80 -65.01 -85.45
N TYR E 652 -3.24 -65.72 -84.48
CA TYR E 652 -2.82 -67.10 -84.69
C TYR E 652 -3.55 -68.11 -83.83
N LEU E 653 -3.52 -67.96 -82.50
CA LEU E 653 -4.06 -68.97 -81.60
C LEU E 653 -5.35 -68.52 -80.93
N GLY E 654 -6.17 -67.76 -81.65
CA GLY E 654 -7.46 -67.35 -81.14
C GLY E 654 -8.60 -68.12 -81.74
N ASN E 655 -8.29 -69.00 -82.70
CA ASN E 655 -9.33 -69.78 -83.37
C ASN E 655 -9.95 -70.79 -82.43
N GLY E 656 -9.16 -71.73 -81.91
CA GLY E 656 -9.71 -72.75 -81.03
C GLY E 656 -8.82 -73.08 -79.84
N GLU E 657 -7.65 -72.46 -79.78
CA GLU E 657 -6.68 -72.79 -78.74
C GLU E 657 -7.15 -72.31 -77.37
N LEU E 658 -7.36 -71.00 -77.24
CA LEU E 658 -7.89 -70.46 -75.99
C LEU E 658 -9.35 -70.86 -75.82
N PRO E 659 -9.84 -70.89 -74.59
CA PRO E 659 -11.26 -71.22 -74.38
C PRO E 659 -12.17 -70.16 -74.95
N GLU E 660 -13.46 -70.52 -75.09
CA GLU E 660 -14.47 -69.63 -75.64
C GLU E 660 -14.47 -68.26 -74.98
N ASP E 661 -14.17 -68.19 -73.68
CA ASP E 661 -14.31 -66.96 -72.93
C ASP E 661 -13.05 -66.11 -72.94
N CYS E 662 -11.88 -66.75 -73.09
CA CYS E 662 -10.63 -66.01 -73.09
C CYS E 662 -10.39 -65.28 -74.40
N ALA E 663 -10.98 -65.74 -75.51
CA ALA E 663 -10.82 -65.06 -76.78
C ALA E 663 -11.52 -63.71 -76.81
N ALA E 664 -12.58 -63.53 -76.00
CA ALA E 664 -13.30 -62.27 -75.99
C ALA E 664 -12.39 -61.11 -75.63
N VAL E 665 -11.54 -61.29 -74.62
CA VAL E 665 -10.64 -60.21 -74.19
C VAL E 665 -9.63 -59.89 -75.28
N TYR E 666 -8.90 -60.90 -75.74
CA TYR E 666 -7.86 -60.67 -76.73
C TYR E 666 -8.41 -60.31 -78.10
N LYS E 667 -9.72 -60.35 -78.27
CA LYS E 667 -10.33 -59.77 -79.46
C LYS E 667 -10.78 -58.32 -79.22
N ASP E 668 -11.46 -58.06 -78.10
CA ASP E 668 -11.92 -56.71 -77.81
C ASP E 668 -10.76 -55.73 -77.69
N LEU E 669 -9.65 -56.16 -77.08
CA LEU E 669 -8.46 -55.31 -76.95
C LEU E 669 -7.87 -54.82 -78.26
N LEU E 670 -8.34 -55.33 -79.39
CA LEU E 670 -7.86 -54.94 -80.71
C LEU E 670 -8.88 -54.18 -81.55
N GLU E 671 -10.13 -54.64 -81.60
CA GLU E 671 -11.13 -53.96 -82.42
C GLU E 671 -11.44 -52.59 -81.81
N HIS E 672 -11.20 -52.41 -80.50
CA HIS E 672 -11.30 -51.08 -79.92
C HIS E 672 -10.22 -50.16 -80.49
N VAL E 673 -9.00 -50.68 -80.62
CA VAL E 673 -7.94 -49.93 -81.28
C VAL E 673 -8.32 -49.63 -82.73
N HIS E 674 -9.07 -50.55 -83.35
CA HIS E 674 -9.56 -50.29 -84.71
C HIS E 674 -10.58 -49.17 -84.72
N ALA E 675 -11.45 -49.11 -83.72
CA ALA E 675 -12.39 -48.00 -83.63
C ALA E 675 -11.65 -46.68 -83.43
N LEU E 676 -10.61 -46.69 -82.60
CA LEU E 676 -9.80 -45.49 -82.43
C LEU E 676 -9.11 -45.10 -83.74
N ARG E 677 -8.61 -46.08 -84.49
CA ARG E 677 -8.02 -45.80 -85.80
C ARG E 677 -9.05 -45.20 -86.74
N ARG E 678 -10.29 -45.70 -86.70
CA ARG E 678 -11.34 -45.11 -87.52
C ARG E 678 -11.65 -43.68 -87.07
N LEU E 679 -11.43 -43.37 -85.79
CA LEU E 679 -11.88 -42.08 -85.26
C LEU E 679 -11.15 -40.91 -85.90
N ILE E 680 -9.90 -41.10 -86.31
CA ILE E 680 -9.21 -39.99 -86.98
C ILE E 680 -9.82 -39.75 -88.36
N GLY E 681 -10.52 -40.74 -88.91
CA GLY E 681 -11.06 -40.60 -90.25
C GLY E 681 -12.17 -39.56 -90.34
N GLU E 682 -13.23 -39.72 -89.54
CA GLU E 682 -14.40 -38.86 -89.69
C GLU E 682 -14.14 -37.42 -89.31
N PHE E 683 -12.97 -37.09 -88.78
CA PHE E 683 -12.63 -35.73 -88.38
C PHE E 683 -11.57 -35.15 -89.32
N THR E 684 -11.60 -35.57 -90.58
CA THR E 684 -10.63 -35.11 -91.57
C THR E 684 -11.37 -34.71 -92.85
N LEU E 685 -11.24 -33.44 -93.24
CA LEU E 685 -11.75 -33.19 -94.58
C LEU E 685 -10.84 -33.83 -95.62
N PRO E 686 -11.40 -34.48 -96.62
CA PRO E 686 -10.56 -35.14 -97.62
C PRO E 686 -9.84 -34.13 -98.51
N GLY E 687 -8.58 -34.42 -98.77
CA GLY E 687 -7.79 -33.53 -99.58
C GLY E 687 -6.56 -34.23 -100.13
N ASP E 688 -5.67 -33.42 -100.70
CA ASP E 688 -4.45 -33.90 -101.34
C ASP E 688 -3.25 -33.72 -100.42
N PRO E 689 -2.15 -34.43 -100.68
CA PRO E 689 -0.97 -34.26 -99.82
C PRO E 689 -0.39 -32.86 -99.94
N LEU E 690 -0.09 -32.27 -98.79
CA LEU E 690 0.55 -30.95 -98.72
C LEU E 690 2.06 -31.07 -98.62
N GLY E 691 2.56 -31.72 -97.58
CA GLY E 691 3.98 -31.93 -97.43
C GLY E 691 4.43 -33.28 -97.95
N ASN E 692 3.99 -33.63 -99.16
CA ASN E 692 4.23 -34.96 -99.74
C ASN E 692 3.78 -36.06 -98.79
N GLN E 693 2.66 -35.82 -98.11
CA GLN E 693 2.12 -36.76 -97.14
C GLN E 693 0.63 -36.49 -96.98
N PRO E 694 -0.19 -37.52 -96.79
CA PRO E 694 -1.64 -37.32 -96.67
C PRO E 694 -2.00 -36.35 -95.55
N GLN E 695 -3.22 -35.79 -95.67
CA GLN E 695 -3.73 -34.88 -94.66
C GLN E 695 -4.12 -35.62 -93.38
N GLU E 696 -4.32 -36.93 -93.46
CA GLU E 696 -4.75 -37.73 -92.31
C GLU E 696 -3.75 -37.69 -91.16
N GLU E 697 -2.48 -37.39 -91.44
CA GLU E 697 -1.49 -37.19 -90.38
C GLU E 697 -1.08 -35.74 -90.21
N LEU E 698 -1.41 -34.87 -91.16
CA LEU E 698 -1.34 -33.44 -90.88
C LEU E 698 -2.33 -33.02 -89.81
N ASN E 699 -3.53 -33.61 -89.84
CA ASN E 699 -4.57 -33.27 -88.86
C ASN E 699 -4.23 -33.84 -87.49
N HIS E 700 -4.00 -35.15 -87.42
CA HIS E 700 -3.76 -35.83 -86.16
C HIS E 700 -2.27 -35.89 -85.86
N ALA E 701 -1.92 -36.34 -84.65
CA ALA E 701 -0.53 -36.48 -84.25
C ALA E 701 -0.05 -37.91 -84.14
N LEU E 702 -0.93 -38.89 -84.26
CA LEU E 702 -0.57 -40.30 -84.11
C LEU E 702 -0.68 -41.06 -85.42
N ALA E 703 -0.39 -40.42 -86.54
CA ALA E 703 -0.52 -41.07 -87.84
C ALA E 703 0.69 -40.80 -88.73
N ASP E 704 1.53 -39.85 -88.34
CA ASP E 704 2.70 -39.54 -89.16
C ASP E 704 3.78 -40.59 -88.97
N ALA E 705 4.59 -40.78 -90.01
CA ALA E 705 5.71 -41.72 -89.97
C ALA E 705 6.97 -41.11 -89.37
N THR E 706 6.91 -39.88 -88.86
CA THR E 706 8.07 -39.21 -88.31
C THR E 706 8.21 -39.41 -86.80
N LEU E 707 7.10 -39.49 -86.06
CA LEU E 707 7.13 -39.74 -84.63
C LEU E 707 7.19 -41.25 -84.41
N LEU E 708 8.26 -41.70 -83.78
CA LEU E 708 8.44 -43.12 -83.57
C LEU E 708 7.62 -43.59 -82.37
N PRO E 709 7.13 -44.82 -82.42
CA PRO E 709 6.49 -45.41 -81.24
C PRO E 709 7.46 -45.46 -80.08
N PRO E 710 6.96 -45.48 -78.84
CA PRO E 710 7.89 -45.48 -77.70
C PRO E 710 8.71 -46.75 -77.60
N LEU E 711 8.14 -47.88 -78.01
CA LEU E 711 8.83 -49.17 -77.98
C LEU E 711 8.77 -49.77 -79.37
N ILE E 712 9.91 -49.77 -80.07
CA ILE E 712 10.02 -50.42 -81.36
C ILE E 712 10.71 -51.76 -81.16
N TRP E 713 10.60 -52.61 -82.18
CA TRP E 713 11.18 -53.95 -82.13
C TRP E 713 11.97 -54.33 -83.37
N ASP E 714 11.81 -53.60 -84.46
CA ASP E 714 12.52 -53.88 -85.70
C ASP E 714 12.66 -52.57 -86.46
N CYS E 715 13.31 -52.62 -87.61
CA CYS E 715 13.54 -51.43 -88.40
C CYS E 715 12.36 -51.09 -89.31
N ASP E 716 11.20 -51.71 -89.08
CA ASP E 716 9.99 -51.34 -89.83
C ASP E 716 9.62 -49.87 -89.65
N PRO E 717 9.42 -49.36 -88.43
CA PRO E 717 9.03 -47.95 -88.29
C PRO E 717 10.08 -46.96 -88.76
N ILE E 718 11.36 -47.30 -88.67
CA ILE E 718 12.40 -46.35 -89.06
C ILE E 718 12.64 -46.36 -90.56
N LEU E 719 12.40 -47.48 -91.23
CA LEU E 719 12.62 -47.53 -92.67
C LEU E 719 11.56 -46.71 -93.42
N TYR E 720 10.36 -46.56 -92.85
CA TYR E 720 9.36 -45.69 -93.44
C TYR E 720 9.64 -44.21 -93.18
N ARG E 721 10.61 -43.90 -92.32
CA ARG E 721 10.86 -42.52 -91.93
C ARG E 721 11.77 -41.80 -92.92
N ASP E 722 12.99 -42.33 -93.10
CA ASP E 722 14.01 -41.62 -93.87
C ASP E 722 13.61 -41.43 -95.33
N GLY E 723 12.79 -42.31 -95.88
CA GLY E 723 12.42 -42.22 -97.28
C GLY E 723 11.24 -41.31 -97.54
N LEU E 724 10.24 -41.36 -96.66
CA LEU E 724 9.01 -40.62 -96.90
C LEU E 724 9.18 -39.14 -96.55
N ALA E 725 9.64 -38.85 -95.34
CA ALA E 725 9.79 -37.48 -94.90
C ALA E 725 11.01 -36.82 -95.54
N GLU E 726 10.86 -35.57 -95.94
CA GLU E 726 11.95 -34.78 -96.50
C GLU E 726 12.32 -33.58 -95.64
N ARG E 727 11.60 -33.34 -94.54
CA ARG E 727 11.81 -32.14 -93.72
C ARG E 727 12.82 -32.43 -92.61
N LEU E 728 14.00 -32.90 -93.04
CA LEU E 728 15.13 -33.17 -92.15
C LEU E 728 14.76 -34.10 -91.02
N PRO E 729 14.49 -35.39 -91.29
CA PRO E 729 14.09 -36.31 -90.23
C PRO E 729 15.27 -36.99 -89.54
N GLU E 730 16.47 -36.40 -89.68
CA GLU E 730 17.70 -37.04 -89.21
C GLU E 730 17.59 -37.50 -87.76
N LEU E 731 18.06 -38.71 -87.50
CA LEU E 731 18.11 -39.28 -86.16
C LEU E 731 19.48 -39.88 -85.92
N ARG E 732 19.77 -40.17 -84.66
CA ARG E 732 21.00 -40.85 -84.28
C ARG E 732 20.67 -41.93 -83.27
N VAL E 733 21.09 -43.16 -83.57
CA VAL E 733 20.96 -44.30 -82.67
C VAL E 733 22.25 -44.42 -81.86
N ASN E 734 22.18 -44.05 -80.59
CA ASN E 734 23.33 -44.11 -79.67
C ASN E 734 24.55 -43.42 -80.27
N GLY E 735 24.33 -42.26 -80.89
CA GLY E 735 25.36 -41.46 -81.53
C GLY E 735 26.10 -42.27 -82.60
N ALA E 736 25.33 -42.65 -83.62
CA ALA E 736 25.86 -43.41 -84.73
C ALA E 736 25.09 -43.02 -86.00
N HIS E 737 25.26 -43.82 -87.05
CA HIS E 737 24.63 -43.57 -88.34
C HIS E 737 23.67 -44.69 -88.75
N PHE E 738 23.26 -45.54 -87.81
CA PHE E 738 22.25 -46.57 -88.04
C PHE E 738 22.68 -47.53 -89.15
N GLN E 739 23.71 -48.31 -88.83
CA GLN E 739 24.10 -49.41 -89.71
C GLN E 739 23.14 -50.58 -89.56
N HIS E 740 22.73 -51.13 -90.70
CA HIS E 740 21.77 -52.23 -90.75
C HIS E 740 22.46 -53.55 -90.42
N ILE E 741 21.70 -54.45 -89.79
CA ILE E 741 22.09 -55.84 -89.65
C ILE E 741 20.81 -56.67 -89.73
N LEU E 742 20.93 -57.89 -90.25
CA LEU E 742 19.76 -58.68 -90.62
C LEU E 742 19.39 -59.70 -89.54
N TRP E 743 20.34 -60.49 -89.07
CA TRP E 743 20.09 -61.33 -87.91
C TRP E 743 21.42 -61.78 -87.31
N VAL E 744 21.34 -62.43 -86.15
CA VAL E 744 22.49 -62.94 -85.43
C VAL E 744 22.18 -64.39 -85.02
N GLU E 745 22.94 -65.34 -85.54
CA GLU E 745 22.53 -66.74 -85.42
C GLU E 745 22.94 -67.36 -84.09
N MET E 746 24.22 -67.64 -83.90
CA MET E 746 24.63 -68.36 -82.69
C MET E 746 25.86 -67.77 -82.02
N ALA E 747 26.85 -67.36 -82.81
CA ALA E 747 28.14 -66.94 -82.27
C ALA E 747 28.53 -65.52 -82.66
N GLN E 748 27.95 -64.98 -83.73
CA GLN E 748 28.15 -63.58 -84.09
C GLN E 748 27.21 -62.74 -83.27
N VAL E 749 27.22 -62.93 -81.94
CA VAL E 749 26.23 -62.32 -81.07
C VAL E 749 26.84 -61.09 -80.41
N ASN E 750 27.95 -61.27 -79.69
CA ASN E 750 28.71 -60.17 -79.11
C ASN E 750 27.83 -59.35 -78.16
N PHE E 751 27.49 -59.98 -77.03
CA PHE E 751 26.69 -59.32 -75.99
C PHE E 751 27.20 -57.93 -75.65
N ARG E 752 28.50 -57.68 -75.79
CA ARG E 752 29.08 -56.37 -75.50
C ARG E 752 29.18 -55.49 -76.75
N ASN E 753 28.34 -55.73 -77.74
CA ASN E 753 28.23 -54.81 -78.86
C ASN E 753 27.72 -53.47 -78.36
N VAL E 754 28.34 -52.39 -78.85
CA VAL E 754 28.01 -51.06 -78.35
C VAL E 754 27.65 -50.13 -79.50
N GLY E 755 28.15 -50.43 -80.69
CA GLY E 755 28.02 -49.53 -81.81
C GLY E 755 26.59 -49.38 -82.31
N GLY E 756 26.47 -48.75 -83.47
CA GLY E 756 25.17 -48.50 -84.06
C GLY E 756 24.74 -49.59 -85.02
N GLY E 757 23.91 -50.51 -84.52
CA GLY E 757 23.38 -51.59 -85.33
C GLY E 757 22.11 -52.16 -84.73
N LEU E 758 21.07 -52.33 -85.55
CA LEU E 758 19.77 -52.78 -85.08
C LEU E 758 19.41 -54.08 -85.77
N VAL E 759 19.03 -55.08 -84.97
CA VAL E 759 18.80 -56.42 -85.49
C VAL E 759 17.36 -56.57 -85.94
N HIS E 760 17.18 -57.37 -86.99
CA HIS E 760 15.87 -57.79 -87.45
C HIS E 760 15.60 -59.22 -87.00
N ASN E 761 14.33 -59.52 -86.80
CA ASN E 761 13.93 -60.91 -86.70
C ASN E 761 14.11 -61.56 -88.06
N ARG E 762 14.44 -62.85 -88.05
CA ARG E 762 14.56 -63.58 -89.31
C ARG E 762 13.25 -63.47 -90.08
N PRO E 763 13.24 -62.83 -91.26
CA PRO E 763 11.98 -62.62 -91.97
C PRO E 763 11.34 -63.94 -92.39
N VAL E 764 10.17 -63.88 -93.01
CA VAL E 764 9.40 -65.09 -93.27
C VAL E 764 9.51 -65.49 -94.74
N ARG E 765 9.31 -64.52 -95.64
CA ARG E 765 9.11 -64.85 -97.04
C ARG E 765 10.41 -65.19 -97.75
N ASN E 766 11.34 -64.23 -97.84
CA ASN E 766 12.52 -64.36 -98.69
C ASN E 766 13.75 -63.95 -97.90
N GLU E 767 14.65 -64.91 -97.68
CA GLU E 767 15.86 -64.65 -96.89
C GLU E 767 16.98 -64.02 -97.71
N ASN E 768 16.74 -63.68 -98.97
CA ASN E 768 17.77 -63.11 -99.83
C ASN E 768 17.47 -61.71 -100.32
N GLN E 769 16.21 -61.27 -100.25
CA GLN E 769 15.84 -59.94 -100.71
C GLN E 769 16.38 -58.89 -99.74
N PRO E 770 16.80 -57.73 -100.26
CA PRO E 770 17.36 -56.69 -99.39
C PRO E 770 16.32 -55.93 -98.57
N LEU E 771 16.28 -56.24 -97.27
CA LEU E 771 15.59 -55.46 -96.24
C LEU E 771 14.20 -54.99 -96.68
N HIS E 772 13.40 -55.92 -97.16
CA HIS E 772 11.99 -55.60 -97.39
C HIS E 772 11.28 -55.45 -96.06
N PRO E 773 10.71 -54.27 -95.77
CA PRO E 773 10.02 -54.10 -94.48
C PRO E 773 8.82 -55.04 -94.40
N HIS E 774 8.80 -55.87 -93.35
CA HIS E 774 7.89 -57.00 -93.29
C HIS E 774 6.60 -56.69 -92.54
N HIS E 775 6.16 -55.42 -92.59
CA HIS E 775 4.85 -55.04 -92.04
C HIS E 775 4.45 -53.71 -92.67
N ASP E 776 3.14 -53.45 -92.70
CA ASP E 776 2.65 -52.22 -93.32
C ASP E 776 2.78 -51.05 -92.36
N ALA E 777 2.40 -49.86 -92.86
CA ALA E 777 2.42 -48.66 -92.04
C ALA E 777 1.32 -48.66 -91.00
N GLU E 778 0.14 -49.19 -91.35
CA GLU E 778 -0.97 -49.23 -90.41
C GLU E 778 -0.61 -50.03 -89.17
N TRP E 779 0.27 -51.02 -89.31
CA TRP E 779 0.79 -51.72 -88.14
C TRP E 779 1.47 -50.76 -87.18
N SER E 780 2.35 -49.90 -87.69
CA SER E 780 3.00 -48.90 -86.85
C SER E 780 2.01 -47.91 -86.28
N VAL E 781 1.02 -47.49 -87.07
CA VAL E 781 0.01 -46.56 -86.58
C VAL E 781 -0.74 -47.16 -85.40
N LEU E 782 -1.19 -48.40 -85.54
CA LEU E 782 -1.92 -49.05 -84.47
C LEU E 782 -1.02 -49.29 -83.25
N SER E 783 0.25 -49.62 -83.48
CA SER E 783 1.21 -49.74 -82.38
C SER E 783 1.32 -48.46 -81.58
N LYS E 784 1.47 -47.32 -82.26
CA LYS E 784 1.46 -46.03 -81.59
C LYS E 784 0.16 -45.77 -80.84
N ILE E 785 -0.97 -46.05 -81.50
CA ILE E 785 -2.28 -45.79 -80.91
C ILE E 785 -2.43 -46.55 -79.61
N TYR E 786 -2.06 -47.83 -79.60
CA TYR E 786 -2.18 -48.63 -78.38
C TYR E 786 -1.41 -47.97 -77.23
N TYR E 787 -0.08 -47.90 -77.37
CA TYR E 787 0.80 -47.44 -76.32
C TYR E 787 0.55 -46.00 -75.89
N TYR E 788 -0.07 -45.18 -76.74
CA TYR E 788 -0.33 -43.81 -76.35
C TYR E 788 -1.76 -43.56 -75.91
N ALA E 789 -2.69 -44.50 -76.14
CA ALA E 789 -4.10 -44.21 -75.91
C ALA E 789 -4.85 -45.20 -75.03
N VAL E 790 -4.38 -46.44 -74.86
CA VAL E 790 -5.11 -47.43 -74.06
C VAL E 790 -4.31 -47.85 -72.84
N VAL E 791 -3.01 -48.07 -72.99
CA VAL E 791 -2.19 -48.44 -71.83
C VAL E 791 -2.07 -47.28 -70.84
N PRO E 792 -2.12 -45.99 -71.25
CA PRO E 792 -2.25 -44.95 -70.23
C PRO E 792 -3.61 -44.95 -69.55
N ALA E 793 -4.66 -45.39 -70.24
CA ALA E 793 -5.98 -45.41 -69.63
C ALA E 793 -6.05 -46.42 -68.49
N PHE E 794 -5.42 -47.57 -68.65
CA PHE E 794 -5.44 -48.61 -67.63
C PHE E 794 -4.34 -48.43 -66.59
N SER E 795 -3.10 -48.24 -67.03
CA SER E 795 -1.97 -48.14 -66.11
C SER E 795 -2.12 -46.99 -65.13
N ARG E 796 -2.87 -45.94 -65.49
CA ARG E 796 -3.11 -44.79 -64.62
C ARG E 796 -1.80 -44.14 -64.19
N GLY E 797 -0.80 -44.23 -65.05
CA GLY E 797 0.50 -43.68 -64.72
C GLY E 797 1.26 -44.51 -63.70
N ASN E 798 1.20 -45.83 -63.80
CA ASN E 798 1.90 -46.74 -62.92
C ASN E 798 2.67 -47.78 -63.75
N CYS E 799 3.38 -47.30 -64.77
CA CYS E 799 4.21 -48.16 -65.60
C CYS E 799 5.45 -47.39 -66.02
N CYS E 800 6.49 -48.13 -66.37
CA CYS E 800 7.72 -47.54 -66.90
C CYS E 800 8.33 -48.50 -67.92
N THR E 801 9.11 -47.94 -68.82
CA THR E 801 9.83 -48.77 -69.80
C THR E 801 11.12 -49.27 -69.17
N MET E 802 11.37 -50.57 -69.32
CA MET E 802 12.56 -51.22 -68.79
C MET E 802 13.38 -51.81 -69.93
N GLY E 803 14.69 -51.76 -69.77
CA GLY E 803 15.62 -52.39 -70.69
C GLY E 803 16.14 -53.68 -70.09
N VAL E 804 15.92 -54.78 -70.80
CA VAL E 804 16.28 -56.10 -70.29
C VAL E 804 17.79 -56.27 -70.32
N ARG E 805 18.29 -57.12 -69.43
CA ARG E 805 19.69 -57.54 -69.43
C ARG E 805 19.74 -58.90 -70.12
N TYR E 806 19.86 -58.87 -71.45
CA TYR E 806 19.85 -60.09 -72.24
C TYR E 806 21.02 -61.01 -71.94
N ASP E 807 22.04 -60.52 -71.22
CA ASP E 807 23.21 -61.34 -70.92
C ASP E 807 22.83 -62.60 -70.15
N ARG E 808 21.85 -62.48 -69.25
CA ARG E 808 21.54 -63.56 -68.32
C ARG E 808 20.32 -64.37 -68.71
N VAL E 809 19.36 -63.78 -69.43
CA VAL E 809 18.12 -64.50 -69.73
C VAL E 809 18.41 -65.69 -70.65
N TYR E 810 19.34 -65.51 -71.60
CA TYR E 810 19.68 -66.61 -72.51
C TYR E 810 20.35 -67.74 -71.76
N GLN E 811 21.36 -67.44 -70.96
CA GLN E 811 22.04 -68.46 -70.17
C GLN E 811 21.07 -69.16 -69.22
N LEU E 812 20.12 -68.41 -68.65
CA LEU E 812 19.17 -69.01 -67.71
C LEU E 812 18.20 -69.95 -68.42
N VAL E 813 17.57 -69.46 -69.50
CA VAL E 813 16.53 -70.20 -70.18
C VAL E 813 17.03 -71.50 -70.80
N GLN E 814 18.34 -71.65 -70.94
CA GLN E 814 18.91 -72.87 -71.49
C GLN E 814 19.15 -73.94 -70.43
N THR E 815 19.17 -73.57 -69.15
CA THR E 815 19.38 -74.52 -68.06
C THR E 815 18.04 -75.12 -67.67
N MET E 816 17.68 -76.23 -68.32
CA MET E 816 16.43 -76.93 -68.07
C MET E 816 16.73 -78.34 -67.60
N VAL E 817 15.71 -78.97 -67.02
CA VAL E 817 15.80 -80.36 -66.58
C VAL E 817 14.69 -81.13 -67.30
N VAL E 818 15.07 -82.11 -68.13
CA VAL E 818 14.11 -82.91 -68.87
C VAL E 818 14.51 -84.38 -68.84
N PRO E 819 13.78 -85.23 -68.11
CA PRO E 819 14.00 -86.68 -68.23
C PRO E 819 13.58 -87.18 -69.61
N GLU E 820 13.99 -88.40 -69.91
CA GLU E 820 13.73 -89.03 -71.20
C GLU E 820 12.64 -90.07 -71.03
N THR E 821 11.46 -89.77 -71.57
CA THR E 821 10.33 -90.70 -71.54
C THR E 821 9.44 -90.41 -72.74
N ASP E 822 9.13 -91.45 -73.51
CA ASP E 822 8.42 -91.30 -74.77
C ASP E 822 6.95 -91.68 -74.70
N GLU E 823 6.57 -92.62 -73.83
CA GLU E 823 5.20 -93.13 -73.83
C GLU E 823 4.20 -92.01 -73.49
N GLU E 824 4.28 -91.46 -72.28
CA GLU E 824 3.30 -90.50 -71.78
C GLU E 824 3.79 -90.00 -70.43
N VAL E 825 3.57 -88.71 -70.18
CA VAL E 825 3.99 -88.07 -68.94
C VAL E 825 2.77 -87.54 -68.21
N GLY E 826 2.75 -87.72 -66.90
CA GLY E 826 1.67 -87.24 -66.08
C GLY E 826 2.20 -86.37 -64.95
N THR E 827 1.32 -85.51 -64.44
CA THR E 827 1.71 -84.55 -63.41
C THR E 827 2.27 -85.21 -62.16
N ASP E 828 1.98 -86.50 -61.95
CA ASP E 828 2.39 -87.17 -60.72
C ASP E 828 3.48 -88.21 -60.92
N ASP E 829 3.96 -88.42 -62.15
CA ASP E 829 5.04 -89.36 -62.36
C ASP E 829 6.36 -88.74 -61.86
N PRO E 830 7.22 -89.52 -61.20
CA PRO E 830 8.50 -88.98 -60.73
C PRO E 830 9.42 -88.50 -61.84
N ARG E 831 9.08 -88.78 -63.09
CA ARG E 831 9.86 -88.30 -64.23
C ARG E 831 9.25 -87.07 -64.87
N HIS E 832 8.16 -86.54 -64.32
CA HIS E 832 7.60 -85.29 -64.80
C HIS E 832 8.60 -84.15 -64.58
N PRO E 833 8.73 -83.23 -65.53
CA PRO E 833 9.71 -82.13 -65.37
C PRO E 833 9.37 -81.17 -64.24
N LEU E 834 8.19 -81.28 -63.64
CA LEU E 834 7.77 -80.40 -62.55
C LEU E 834 7.59 -81.14 -61.23
N HIS E 835 7.84 -82.44 -61.20
CA HIS E 835 7.80 -83.17 -59.95
C HIS E 835 8.90 -82.66 -59.02
N PRO E 836 8.63 -82.60 -57.70
CA PRO E 836 9.61 -82.05 -56.76
C PRO E 836 10.97 -82.75 -56.73
N ARG E 837 11.13 -83.83 -57.52
CA ARG E 837 12.41 -84.51 -57.61
C ARG E 837 13.26 -84.01 -58.78
N ASN E 838 12.92 -82.86 -59.36
CA ASN E 838 13.73 -82.28 -60.43
C ASN E 838 13.93 -80.78 -60.28
N LEU E 839 13.50 -80.19 -59.17
CA LEU E 839 13.70 -78.77 -58.91
C LEU E 839 15.12 -78.53 -58.39
N VAL E 840 16.06 -78.53 -59.32
CA VAL E 840 17.47 -78.28 -59.04
C VAL E 840 17.63 -76.78 -58.80
N PRO E 841 18.63 -76.33 -58.04
CA PRO E 841 18.65 -74.93 -57.62
C PRO E 841 18.93 -73.98 -58.78
N ASN E 842 18.22 -72.85 -58.76
CA ASN E 842 18.48 -71.72 -59.65
C ASN E 842 18.36 -72.13 -61.11
N SER E 843 17.46 -73.06 -61.39
CA SER E 843 17.23 -73.58 -62.72
C SER E 843 16.12 -72.79 -63.41
N LEU E 844 15.65 -73.33 -64.53
CA LEU E 844 14.46 -72.76 -65.17
C LEU E 844 13.19 -73.36 -64.58
N ASN E 845 13.16 -74.68 -64.40
CA ASN E 845 11.96 -75.37 -63.95
C ASN E 845 11.50 -74.90 -62.57
N VAL E 846 12.35 -74.25 -61.79
CA VAL E 846 11.90 -73.67 -60.54
C VAL E 846 11.01 -72.46 -60.81
N LEU E 847 11.28 -71.71 -61.88
CA LEU E 847 10.49 -70.51 -62.17
C LEU E 847 9.06 -70.86 -62.57
N PHE E 848 8.90 -71.74 -63.56
CA PHE E 848 7.56 -72.19 -63.95
C PHE E 848 6.80 -72.74 -62.76
N HIS E 849 7.48 -73.35 -61.79
CA HIS E 849 6.81 -73.86 -60.60
C HIS E 849 6.45 -72.72 -59.65
N ASN E 850 7.24 -71.64 -59.65
CA ASN E 850 6.92 -70.50 -58.81
C ASN E 850 5.57 -69.91 -59.17
N ALA E 851 5.31 -69.72 -60.46
CA ALA E 851 4.04 -69.17 -60.92
C ALA E 851 2.93 -70.20 -60.98
N CYS E 852 3.21 -71.44 -60.59
CA CYS E 852 2.24 -72.54 -60.58
C CYS E 852 1.52 -72.65 -61.92
N VAL E 853 2.32 -72.82 -62.97
CA VAL E 853 1.83 -72.96 -64.33
C VAL E 853 2.00 -74.41 -64.75
N ALA E 854 0.99 -74.92 -65.46
CA ALA E 854 0.98 -76.32 -65.91
C ALA E 854 1.54 -76.37 -67.32
N VAL E 855 2.70 -77.01 -67.49
CA VAL E 855 3.34 -77.18 -68.79
C VAL E 855 3.69 -78.64 -68.95
N ASP E 856 3.72 -79.10 -70.20
CA ASP E 856 4.14 -80.46 -70.48
C ASP E 856 5.66 -80.51 -70.62
N ALA E 857 6.20 -81.68 -70.93
CA ALA E 857 7.64 -81.79 -71.12
C ALA E 857 8.10 -81.13 -72.41
N ASP E 858 7.34 -81.32 -73.50
CA ASP E 858 7.74 -80.78 -74.79
C ASP E 858 7.78 -79.26 -74.80
N ALA E 859 7.07 -78.61 -73.86
CA ALA E 859 7.06 -77.16 -73.82
C ALA E 859 8.47 -76.59 -73.71
N MET E 860 9.18 -76.93 -72.63
CA MET E 860 10.56 -76.47 -72.47
C MET E 860 11.44 -76.95 -73.61
N LEU E 861 11.11 -78.11 -74.20
CA LEU E 861 11.86 -78.58 -75.35
C LEU E 861 11.78 -77.60 -76.52
N ILE E 862 10.62 -76.98 -76.74
CA ILE E 862 10.46 -76.04 -77.84
C ILE E 862 11.35 -74.81 -77.68
N LEU E 863 11.83 -74.53 -76.48
CA LEU E 863 12.62 -73.32 -76.25
C LEU E 863 14.02 -73.41 -76.84
N GLN E 864 14.39 -74.54 -77.46
CA GLN E 864 15.68 -74.63 -78.13
C GLN E 864 15.76 -73.70 -79.33
N GLU E 865 14.62 -73.36 -79.92
CA GLU E 865 14.60 -72.60 -81.17
C GLU E 865 15.05 -71.15 -81.01
N THR E 866 14.83 -70.53 -79.85
CA THR E 866 15.23 -69.14 -79.65
C THR E 866 16.70 -68.90 -79.94
N VAL E 867 17.55 -69.93 -79.82
CA VAL E 867 18.96 -69.81 -80.11
C VAL E 867 19.23 -69.41 -81.55
N THR E 868 18.45 -69.92 -82.50
CA THR E 868 18.67 -69.61 -83.92
C THR E 868 18.40 -68.14 -84.25
N ASN E 869 17.72 -67.41 -83.36
CA ASN E 869 17.40 -66.00 -83.62
C ASN E 869 17.38 -65.29 -82.26
N MET E 870 18.47 -64.63 -81.92
CA MET E 870 18.62 -63.96 -80.64
C MET E 870 18.48 -62.45 -80.79
N ALA E 871 18.38 -61.78 -79.64
CA ALA E 871 18.45 -60.33 -79.55
C ALA E 871 19.50 -59.98 -78.52
N GLU E 872 20.45 -59.12 -78.89
CA GLU E 872 21.63 -58.93 -78.05
C GLU E 872 21.44 -57.89 -76.96
N ARG E 873 20.93 -56.71 -77.29
CA ARG E 873 20.90 -55.62 -76.31
C ARG E 873 19.70 -54.72 -76.58
N THR E 874 19.49 -53.79 -75.66
CA THR E 874 18.47 -52.76 -75.76
C THR E 874 19.15 -51.41 -75.95
N THR E 875 18.91 -50.79 -77.10
CA THR E 875 19.65 -49.59 -77.48
C THR E 875 18.70 -48.40 -77.59
N PRO E 876 19.05 -47.26 -77.01
CA PRO E 876 18.19 -46.08 -77.10
C PRO E 876 18.35 -45.36 -78.43
N LEU E 877 17.30 -44.62 -78.80
CA LEU E 877 17.26 -43.84 -80.02
C LEU E 877 17.10 -42.36 -79.68
N LEU E 878 17.02 -41.54 -80.73
CA LEU E 878 16.70 -40.13 -80.58
C LEU E 878 16.18 -39.62 -81.93
N ALA E 879 14.90 -39.29 -81.98
CA ALA E 879 14.32 -38.78 -83.21
C ALA E 879 14.37 -37.25 -83.22
N SER E 880 14.37 -36.69 -84.43
CA SER E 880 14.36 -35.24 -84.59
C SER E 880 13.79 -34.85 -85.94
N VAL E 881 12.77 -33.99 -85.93
CA VAL E 881 12.10 -33.56 -87.14
C VAL E 881 11.84 -32.07 -87.07
N ALA E 882 11.87 -31.42 -88.22
CA ALA E 882 11.31 -30.09 -88.29
C ALA E 882 9.79 -30.19 -88.17
N PRO E 883 9.13 -29.14 -87.66
CA PRO E 883 7.67 -29.15 -87.63
C PRO E 883 7.09 -29.34 -89.03
N ASP E 884 5.85 -29.82 -89.08
CA ASP E 884 5.26 -30.22 -90.34
C ASP E 884 5.01 -29.00 -91.23
N ALA E 885 4.44 -29.25 -92.41
CA ALA E 885 4.13 -28.18 -93.34
C ALA E 885 3.15 -27.17 -92.75
N GLY E 886 2.44 -27.53 -91.69
CA GLY E 886 1.58 -26.60 -91.00
C GLY E 886 2.36 -25.53 -90.25
N MET E 887 3.19 -25.95 -89.29
CA MET E 887 4.07 -25.04 -88.58
C MET E 887 5.35 -24.78 -89.36
N ALA E 888 5.20 -24.33 -90.61
CA ALA E 888 6.30 -24.18 -91.54
C ALA E 888 6.50 -22.72 -91.92
N THR E 889 6.49 -21.83 -90.94
CA THR E 889 6.81 -20.43 -91.19
C THR E 889 8.33 -20.23 -91.12
N VAL E 890 8.77 -19.01 -91.43
CA VAL E 890 10.19 -18.69 -91.33
C VAL E 890 10.64 -18.71 -89.88
N ALA E 891 9.73 -18.47 -88.94
CA ALA E 891 10.06 -18.43 -87.52
C ALA E 891 9.86 -19.77 -86.83
N THR E 892 9.79 -20.86 -87.60
CA THR E 892 9.63 -22.19 -87.03
C THR E 892 10.62 -23.21 -87.58
N ARG E 893 11.24 -22.97 -88.74
CA ARG E 893 12.20 -23.92 -89.28
C ARG E 893 13.38 -24.15 -88.35
N ASP E 894 13.65 -23.24 -87.44
CA ASP E 894 14.69 -23.42 -86.42
C ASP E 894 14.23 -24.30 -85.27
N MET E 895 12.92 -24.42 -85.05
CA MET E 895 12.42 -25.29 -84.00
C MET E 895 12.73 -26.75 -84.34
N ARG E 896 12.79 -27.57 -83.28
CA ARG E 896 13.10 -28.98 -83.43
C ARG E 896 12.42 -29.75 -82.31
N THR E 897 12.28 -31.05 -82.50
CA THR E 897 11.68 -31.95 -81.52
C THR E 897 12.63 -33.12 -81.29
N HIS E 898 12.70 -33.58 -80.03
CA HIS E 898 13.56 -34.70 -79.69
C HIS E 898 12.81 -35.63 -78.74
N ASP E 899 12.83 -36.93 -79.05
CA ASP E 899 12.15 -37.91 -78.21
C ASP E 899 12.74 -39.27 -78.52
N GLY E 900 13.36 -39.89 -77.51
CA GLY E 900 13.99 -41.19 -77.68
C GLY E 900 12.99 -42.31 -77.73
N SER E 901 13.51 -43.53 -77.77
CA SER E 901 12.73 -44.76 -77.75
C SER E 901 13.71 -45.90 -77.50
N LEU E 902 13.16 -47.07 -77.17
CA LEU E 902 13.96 -48.23 -76.78
C LEU E 902 13.82 -49.32 -77.83
N HIS E 903 14.94 -49.74 -78.39
CA HIS E 903 14.99 -50.83 -79.35
C HIS E 903 15.08 -52.15 -78.59
N HIS E 904 14.13 -53.05 -78.86
CA HIS E 904 14.03 -54.34 -78.16
C HIS E 904 13.90 -54.12 -76.65
N GLY E 905 13.24 -53.04 -76.28
CA GLY E 905 13.00 -52.70 -74.89
C GLY E 905 11.96 -53.61 -74.26
N LEU E 906 11.27 -53.08 -73.26
CA LEU E 906 10.22 -53.83 -72.59
C LEU E 906 9.39 -52.88 -71.75
N LEU E 907 8.15 -53.27 -71.49
CA LEU E 907 7.23 -52.50 -70.66
C LEU E 907 6.84 -53.37 -69.47
N MET E 908 7.29 -52.99 -68.30
CA MET E 908 6.91 -53.71 -67.08
C MET E 908 5.66 -53.07 -66.50
N MET E 909 4.86 -53.89 -65.81
CA MET E 909 3.51 -53.48 -65.45
C MET E 909 3.45 -52.78 -64.08
N ALA E 910 3.80 -53.50 -63.02
CA ALA E 910 3.70 -52.98 -61.66
C ALA E 910 4.78 -53.64 -60.83
N TYR E 911 5.57 -52.82 -60.15
CA TYR E 911 6.74 -53.35 -59.44
C TYR E 911 6.32 -54.22 -58.28
N GLN E 912 7.08 -55.29 -58.06
CA GLN E 912 6.96 -56.12 -56.88
C GLN E 912 8.19 -55.88 -56.02
N PRO E 913 8.23 -54.76 -55.29
CA PRO E 913 9.48 -54.37 -54.62
C PRO E 913 9.79 -55.22 -53.39
N ASN E 914 8.77 -55.87 -52.85
CA ASN E 914 8.90 -56.50 -51.55
C ASN E 914 9.22 -57.99 -51.61
N ASP E 915 9.37 -58.57 -52.80
CA ASP E 915 9.63 -59.99 -52.87
C ASP E 915 11.12 -60.27 -52.66
N ALA E 916 11.40 -61.45 -52.13
CA ALA E 916 12.75 -61.87 -51.80
C ALA E 916 13.27 -63.04 -52.62
N THR E 917 12.40 -63.75 -53.35
CA THR E 917 12.80 -64.94 -54.10
C THR E 917 13.75 -64.63 -55.25
N LEU E 918 14.08 -63.37 -55.51
CA LEU E 918 14.87 -63.04 -56.68
C LEU E 918 15.56 -61.70 -56.48
N LEU E 919 16.78 -61.57 -56.99
CA LEU E 919 17.49 -60.30 -57.00
C LEU E 919 16.63 -59.21 -57.65
N GLU E 920 16.72 -57.99 -57.12
CA GLU E 920 15.90 -56.91 -57.65
C GLU E 920 16.38 -56.48 -59.03
N GLY E 921 17.68 -56.33 -59.20
CA GLY E 921 18.22 -55.98 -60.50
C GLY E 921 18.58 -57.20 -61.32
N ALA E 922 17.69 -58.20 -61.31
CA ALA E 922 18.00 -59.49 -61.92
C ALA E 922 18.09 -59.39 -63.44
N PHE E 923 17.00 -59.01 -64.09
CA PHE E 923 16.95 -58.99 -65.55
C PHE E 923 16.51 -57.66 -66.13
N PHE E 924 16.08 -56.70 -65.32
CA PHE E 924 15.46 -55.50 -65.87
C PHE E 924 15.91 -54.27 -65.10
N TYR E 925 16.60 -53.37 -65.79
CA TYR E 925 16.93 -52.06 -65.27
C TYR E 925 15.99 -51.02 -65.87
N PRO E 926 15.54 -50.04 -65.10
CA PRO E 926 14.57 -49.08 -65.62
C PRO E 926 15.21 -48.17 -66.67
N ALA E 927 14.37 -47.66 -67.57
CA ALA E 927 14.81 -46.67 -68.57
C ALA E 927 13.58 -45.99 -69.13
N PRO E 928 13.01 -45.03 -68.38
CA PRO E 928 11.82 -44.33 -68.89
C PRO E 928 12.15 -43.52 -70.13
N VAL E 929 11.15 -43.41 -71.01
CA VAL E 929 11.31 -42.72 -72.28
C VAL E 929 10.48 -41.46 -72.26
N ASN E 930 9.30 -41.53 -71.64
CA ASN E 930 8.33 -40.45 -71.66
C ASN E 930 7.66 -40.37 -70.30
N ALA E 931 7.18 -39.17 -69.97
CA ALA E 931 6.52 -38.97 -68.69
C ALA E 931 5.33 -39.90 -68.51
N LEU E 932 4.74 -40.38 -69.61
CA LEU E 932 3.66 -41.35 -69.51
C LEU E 932 4.13 -42.66 -68.88
N PHE E 933 5.42 -42.98 -69.01
CA PHE E 933 5.98 -44.22 -68.47
C PHE E 933 7.12 -43.84 -67.52
N ALA E 934 6.76 -43.59 -66.26
CA ALA E 934 7.74 -43.21 -65.26
C ALA E 934 7.11 -43.32 -63.88
N CYS E 935 7.72 -44.10 -63.00
CA CYS E 935 7.27 -44.24 -61.62
C CYS E 935 8.48 -44.41 -60.72
N ALA E 936 8.43 -43.80 -59.54
CA ALA E 936 9.56 -43.84 -58.63
C ALA E 936 9.84 -45.24 -58.10
N ASP E 937 8.83 -46.11 -58.13
CA ASP E 937 9.01 -47.47 -57.59
C ASP E 937 10.00 -48.26 -58.45
N HIS E 938 9.87 -48.16 -59.77
CA HIS E 938 10.74 -48.91 -60.67
C HIS E 938 12.21 -48.55 -60.53
N LEU E 939 12.53 -47.44 -59.86
CA LEU E 939 13.92 -47.12 -59.57
C LEU E 939 14.57 -48.14 -58.65
N GLY E 940 13.77 -48.85 -57.85
CA GLY E 940 14.29 -49.85 -56.93
C GLY E 940 15.03 -51.00 -57.59
N ALA E 941 14.79 -51.25 -58.87
CA ALA E 941 15.50 -52.31 -59.58
C ALA E 941 16.98 -51.99 -59.78
N MET E 942 17.37 -50.73 -59.63
CA MET E 942 18.77 -50.36 -59.83
C MET E 942 19.64 -50.88 -58.70
N ARG E 943 20.92 -51.10 -59.00
CA ARG E 943 21.88 -51.52 -58.00
C ARG E 943 22.32 -50.33 -57.16
N ASP E 944 22.32 -50.53 -55.84
CA ASP E 944 22.74 -49.56 -54.81
C ASP E 944 22.37 -48.12 -55.16
N VAL E 945 21.15 -47.90 -55.58
CA VAL E 945 20.65 -46.57 -55.89
C VAL E 945 20.48 -45.78 -54.60
N GLY E 946 20.87 -44.51 -54.63
CA GLY E 946 20.84 -43.70 -53.42
C GLY E 946 19.43 -43.34 -53.01
N ALA E 947 19.22 -43.29 -51.69
CA ALA E 947 17.93 -42.94 -51.13
C ALA E 947 17.56 -41.48 -51.32
N GLU E 948 18.54 -40.59 -51.45
CA GLU E 948 18.27 -39.16 -51.64
C GLU E 948 17.59 -38.87 -52.97
N VAL E 949 17.75 -39.74 -53.97
CA VAL E 949 17.20 -39.50 -55.30
C VAL E 949 15.86 -40.19 -55.42
N ARG E 950 15.72 -41.33 -54.75
CA ARG E 950 14.41 -42.00 -54.68
C ARG E 950 13.36 -41.12 -54.01
N ALA E 951 13.78 -40.23 -53.12
CA ALA E 951 12.87 -39.28 -52.51
C ALA E 951 12.50 -38.13 -53.43
N ALA E 952 13.41 -37.74 -54.34
CA ALA E 952 13.12 -36.69 -55.30
C ALA E 952 12.34 -37.18 -56.51
N ALA E 953 12.41 -38.48 -56.81
CA ALA E 953 11.74 -39.03 -57.99
C ALA E 953 10.25 -39.24 -57.77
N GLN E 954 9.69 -38.80 -56.64
CA GLN E 954 8.26 -38.91 -56.42
C GLN E 954 7.48 -37.69 -56.93
N HIS E 955 8.12 -36.53 -56.98
CA HIS E 955 7.45 -35.30 -57.38
C HIS E 955 7.66 -34.99 -58.85
N VAL E 956 8.85 -35.27 -59.37
CA VAL E 956 9.19 -35.02 -60.77
C VAL E 956 9.37 -36.35 -61.48
N PRO E 957 8.99 -36.47 -62.75
CA PRO E 957 9.31 -37.69 -63.50
C PRO E 957 10.80 -37.80 -63.73
N CYS E 958 11.29 -39.04 -63.82
CA CYS E 958 12.71 -39.34 -63.89
C CYS E 958 13.18 -39.58 -65.32
N VAL E 959 12.61 -38.89 -66.29
CA VAL E 959 13.01 -39.04 -67.70
C VAL E 959 14.43 -38.52 -67.85
N PRO E 960 15.35 -39.34 -68.34
CA PRO E 960 16.75 -38.91 -68.46
C PRO E 960 16.93 -37.82 -69.50
N HIS E 961 18.11 -37.20 -69.49
CA HIS E 961 18.42 -36.07 -70.34
C HIS E 961 19.17 -36.46 -71.60
N PHE E 962 19.20 -37.75 -71.94
CA PHE E 962 19.74 -38.20 -73.22
C PHE E 962 18.69 -38.90 -74.05
N LEU E 963 17.43 -38.90 -73.62
CA LEU E 963 16.32 -39.43 -74.39
C LEU E 963 15.30 -38.37 -74.78
N GLY E 964 15.51 -37.12 -74.36
CA GLY E 964 14.62 -36.03 -74.74
C GLY E 964 13.91 -35.40 -73.57
N ALA E 965 14.23 -34.15 -73.28
CA ALA E 965 13.55 -33.42 -72.22
C ALA E 965 12.08 -33.20 -72.60
N ASN E 966 11.27 -32.80 -71.61
CA ASN E 966 9.84 -32.67 -71.85
C ASN E 966 9.53 -31.56 -72.86
N TYR E 967 10.10 -30.37 -72.64
CA TYR E 967 9.77 -29.22 -73.48
C TYR E 967 10.10 -29.49 -74.95
N TYR E 968 11.17 -30.22 -75.21
CA TYR E 968 11.55 -30.54 -76.58
C TYR E 968 10.86 -31.78 -77.13
N ALA E 969 10.26 -32.60 -76.27
CA ALA E 969 9.57 -33.79 -76.72
C ALA E 969 8.17 -33.43 -77.21
N THR E 970 7.63 -34.29 -78.07
CA THR E 970 6.31 -34.04 -78.64
C THR E 970 5.19 -34.29 -77.65
N VAL E 971 5.38 -35.16 -76.67
CA VAL E 971 4.36 -35.51 -75.69
C VAL E 971 4.81 -34.90 -74.37
N ARG E 972 4.17 -33.80 -73.98
CA ARG E 972 4.61 -33.01 -72.84
C ARG E 972 4.06 -33.58 -71.53
N GLN E 973 4.43 -32.90 -70.44
CA GLN E 973 4.00 -33.33 -69.10
C GLN E 973 2.50 -33.25 -68.88
N PRO E 974 1.78 -32.20 -69.27
CA PRO E 974 0.37 -32.08 -68.85
C PRO E 974 -0.51 -33.26 -69.23
N VAL E 975 -0.27 -33.92 -70.37
CA VAL E 975 -1.11 -35.05 -70.74
C VAL E 975 -0.85 -36.23 -69.80
N ALA E 976 0.40 -36.43 -69.40
CA ALA E 976 0.69 -37.45 -68.39
C ALA E 976 0.11 -37.08 -67.04
N GLN E 977 0.15 -35.81 -66.66
CA GLN E 977 -0.56 -35.35 -65.47
C GLN E 977 -2.05 -35.70 -65.55
N HIS E 978 -2.63 -35.54 -66.74
CA HIS E 978 -4.03 -35.88 -66.96
C HIS E 978 -4.27 -37.38 -66.77
N ALA E 979 -3.40 -38.20 -67.35
CA ALA E 979 -3.61 -39.66 -67.37
C ALA E 979 -3.55 -40.29 -65.98
N ALA E 980 -3.30 -39.52 -64.92
CA ALA E 980 -3.30 -40.05 -63.56
C ALA E 980 -4.20 -39.30 -62.61
N GLN E 981 -4.79 -38.18 -63.03
CA GLN E 981 -5.64 -37.37 -62.17
C GLN E 981 -7.11 -37.47 -62.55
N SER E 982 -7.48 -38.45 -63.36
CA SER E 982 -8.86 -38.63 -63.81
C SER E 982 -9.48 -39.87 -63.17
N ARG E 983 -10.75 -39.77 -62.83
CA ARG E 983 -11.54 -40.90 -62.36
C ARG E 983 -12.73 -40.98 -63.32
N ALA E 984 -12.54 -41.68 -64.44
CA ALA E 984 -13.42 -41.40 -65.58
C ALA E 984 -13.77 -42.64 -66.39
N ASP E 985 -13.86 -43.81 -65.78
CA ASP E 985 -14.43 -44.99 -66.44
C ASP E 985 -13.67 -45.30 -67.74
N GLU E 986 -12.46 -45.83 -67.55
CA GLU E 986 -11.38 -45.86 -68.55
C GLU E 986 -11.87 -46.14 -69.97
N ASN E 987 -12.99 -46.85 -70.12
CA ASN E 987 -13.69 -46.89 -71.40
C ASN E 987 -13.87 -45.50 -72.00
N THR E 988 -14.18 -44.50 -71.17
CA THR E 988 -14.29 -43.14 -71.65
C THR E 988 -12.93 -42.44 -71.69
N LEU E 989 -12.08 -42.70 -70.70
CA LEU E 989 -10.77 -42.07 -70.64
C LEU E 989 -9.95 -42.33 -71.89
N SER E 990 -10.10 -43.51 -72.49
CA SER E 990 -9.39 -43.79 -73.73
C SER E 990 -9.71 -42.76 -74.80
N TYR E 991 -11.00 -42.54 -75.06
CA TYR E 991 -11.42 -41.54 -76.04
C TYR E 991 -11.00 -40.14 -75.60
N ALA E 992 -11.21 -39.81 -74.32
CA ALA E 992 -10.88 -38.48 -73.83
C ALA E 992 -9.40 -38.16 -74.04
N LEU E 993 -8.56 -39.16 -73.89
CA LEU E 993 -7.12 -38.99 -74.07
C LEU E 993 -6.71 -38.99 -75.54
N MET E 994 -7.35 -39.81 -76.38
CA MET E 994 -6.93 -39.87 -77.78
C MET E 994 -7.43 -38.65 -78.56
N ALA E 995 -8.63 -38.17 -78.27
CA ALA E 995 -9.11 -36.93 -78.86
C ALA E 995 -8.24 -35.75 -78.47
N GLY E 996 -7.50 -35.85 -77.37
CA GLY E 996 -6.53 -34.85 -76.99
C GLY E 996 -5.20 -35.04 -77.70
N TYR E 997 -5.23 -35.46 -78.96
CA TYR E 997 -4.03 -35.65 -79.75
C TYR E 997 -4.10 -35.02 -81.12
N PHE E 998 -5.09 -34.19 -81.39
CA PHE E 998 -5.14 -33.46 -82.65
C PHE E 998 -4.15 -32.31 -82.62
N LYS E 999 -3.47 -32.08 -83.75
CA LYS E 999 -2.54 -30.97 -83.84
C LYS E 999 -3.25 -29.64 -83.66
N MET E 1000 -2.48 -28.61 -83.35
CA MET E 1000 -2.96 -27.23 -83.27
C MET E 1000 -2.14 -26.43 -84.28
N SER E 1001 -2.60 -26.41 -85.52
CA SER E 1001 -1.88 -25.78 -86.63
C SER E 1001 -2.91 -25.11 -87.52
N PRO E 1002 -2.53 -24.04 -88.23
CA PRO E 1002 -3.48 -23.41 -89.16
C PRO E 1002 -4.06 -24.35 -90.20
N VAL E 1003 -3.50 -25.55 -90.37
CA VAL E 1003 -4.04 -26.54 -91.28
C VAL E 1003 -4.96 -27.53 -90.57
N ALA E 1004 -4.57 -27.96 -89.36
CA ALA E 1004 -5.43 -28.86 -88.59
C ALA E 1004 -6.75 -28.19 -88.22
N PHE E 1005 -6.74 -26.88 -88.03
CA PHE E 1005 -7.97 -26.15 -87.74
C PHE E 1005 -8.93 -26.18 -88.93
N THR E 1006 -8.40 -26.18 -90.15
CA THR E 1006 -9.24 -26.29 -91.33
C THR E 1006 -10.12 -27.54 -91.26
N HIS E 1007 -9.60 -28.62 -90.68
CA HIS E 1007 -10.37 -29.84 -90.51
C HIS E 1007 -11.24 -29.81 -89.26
N GLN E 1008 -10.63 -29.60 -88.09
CA GLN E 1008 -11.32 -29.78 -86.81
C GLN E 1008 -12.52 -28.85 -86.70
N LEU E 1009 -12.29 -27.55 -86.88
CA LEU E 1009 -13.30 -26.53 -86.62
C LEU E 1009 -14.48 -26.62 -87.59
N ARG E 1010 -14.42 -27.56 -88.53
CA ARG E 1010 -15.45 -27.74 -89.53
C ARG E 1010 -16.23 -29.04 -89.37
N ARG E 1011 -15.75 -29.97 -88.55
CA ARG E 1011 -16.41 -31.27 -88.36
C ARG E 1011 -16.94 -31.43 -86.94
N GLN E 1012 -17.36 -30.32 -86.33
CA GLN E 1012 -18.08 -30.33 -85.05
C GLN E 1012 -17.25 -30.96 -83.94
N LEU E 1013 -16.01 -30.48 -83.80
CA LEU E 1013 -15.15 -30.82 -82.68
C LEU E 1013 -14.73 -29.53 -81.98
N HIS E 1014 -14.73 -29.56 -80.65
CA HIS E 1014 -14.38 -28.39 -79.86
C HIS E 1014 -12.94 -28.51 -79.39
N PRO E 1015 -12.00 -27.73 -79.95
CA PRO E 1015 -10.62 -27.79 -79.46
C PRO E 1015 -10.48 -27.17 -78.08
N GLY E 1016 -9.26 -27.13 -77.55
CA GLY E 1016 -9.06 -26.66 -76.20
C GLY E 1016 -9.07 -25.15 -76.05
N PHE E 1017 -9.65 -24.45 -77.03
CA PHE E 1017 -9.74 -23.00 -77.00
C PHE E 1017 -11.02 -22.56 -76.31
N ALA E 1018 -11.28 -21.26 -76.36
CA ALA E 1018 -12.56 -20.66 -76.02
C ALA E 1018 -12.55 -19.24 -76.57
N LEU E 1019 -13.60 -18.84 -77.26
CA LEU E 1019 -13.57 -17.60 -78.02
C LEU E 1019 -14.52 -16.57 -77.43
N THR E 1020 -14.16 -15.30 -77.64
CA THR E 1020 -14.95 -14.17 -77.16
C THR E 1020 -15.22 -13.25 -78.34
N VAL E 1021 -16.48 -13.11 -78.70
CA VAL E 1021 -16.88 -12.33 -79.87
C VAL E 1021 -17.08 -10.88 -79.46
N VAL E 1022 -16.57 -9.97 -80.27
CA VAL E 1022 -16.73 -8.54 -80.06
C VAL E 1022 -17.26 -7.94 -81.36
N ARG E 1023 -18.22 -7.02 -81.23
CA ARG E 1023 -18.85 -6.41 -82.39
C ARG E 1023 -19.50 -5.10 -81.96
N GLN E 1024 -19.30 -4.05 -82.77
CA GLN E 1024 -19.76 -2.71 -82.47
C GLN E 1024 -20.91 -2.35 -83.40
N ASP E 1025 -21.98 -1.79 -82.83
CA ASP E 1025 -23.18 -1.44 -83.58
C ASP E 1025 -23.47 0.05 -83.46
N ARG E 1026 -24.34 0.53 -84.34
CA ARG E 1026 -24.77 1.92 -84.38
C ARG E 1026 -26.28 1.97 -84.54
N PHE E 1027 -26.88 3.06 -84.04
CA PHE E 1027 -28.29 3.34 -84.28
C PHE E 1027 -28.59 4.79 -83.95
N ALA E 1028 -29.35 5.44 -84.82
CA ALA E 1028 -29.65 6.86 -84.68
C ALA E 1028 -30.66 7.09 -83.57
N THR E 1029 -30.60 8.26 -82.95
CA THR E 1029 -31.46 8.63 -81.84
C THR E 1029 -31.99 10.04 -82.03
N GLU E 1030 -33.01 10.37 -81.25
CA GLU E 1030 -33.65 11.69 -81.26
C GLU E 1030 -33.30 12.40 -79.96
N ASN E 1031 -32.60 13.52 -80.07
CA ASN E 1031 -32.11 14.24 -78.91
C ASN E 1031 -32.73 15.63 -78.85
N VAL E 1032 -32.83 16.14 -77.62
CA VAL E 1032 -33.30 17.49 -77.35
C VAL E 1032 -32.09 18.30 -76.90
N LEU E 1033 -31.76 19.34 -77.65
CA LEU E 1033 -30.60 20.17 -77.36
C LEU E 1033 -31.03 21.40 -76.57
N PHE E 1034 -30.10 21.93 -75.78
CA PHE E 1034 -30.38 23.05 -74.89
C PHE E 1034 -29.18 23.96 -74.82
N ALA E 1035 -29.43 25.26 -74.94
CA ALA E 1035 -28.39 26.27 -74.85
C ALA E 1035 -28.86 27.36 -73.90
N GLU E 1036 -28.02 28.37 -73.68
CA GLU E 1036 -28.24 29.38 -72.66
C GLU E 1036 -28.48 30.75 -73.30
N LYS E 1037 -28.70 31.76 -72.45
CA LYS E 1037 -29.09 33.09 -72.90
C LYS E 1037 -28.14 33.64 -73.97
N ALA E 1038 -26.85 33.35 -73.85
CA ALA E 1038 -25.88 33.70 -74.88
C ALA E 1038 -24.78 32.65 -74.83
N SER E 1039 -24.93 31.62 -75.66
CA SER E 1039 -24.00 30.49 -75.61
C SER E 1039 -22.60 30.89 -76.09
N GLU E 1040 -22.53 31.65 -77.17
CA GLU E 1040 -21.25 31.91 -77.82
C GLU E 1040 -21.32 33.20 -78.62
N SER E 1041 -20.17 33.85 -78.76
CA SER E 1041 -20.06 34.99 -79.64
C SER E 1041 -20.09 34.53 -81.09
N TYR E 1042 -20.21 35.49 -82.01
CA TYR E 1042 -20.32 35.17 -83.42
C TYR E 1042 -19.99 36.40 -84.24
N PHE E 1043 -19.04 36.26 -85.15
CA PHE E 1043 -18.55 37.36 -85.96
C PHE E 1043 -18.76 37.05 -87.43
N MET E 1044 -19.44 37.95 -88.14
CA MET E 1044 -19.61 37.84 -89.58
C MET E 1044 -18.60 38.72 -90.30
N GLY E 1045 -18.27 38.32 -91.52
CA GLY E 1045 -17.37 39.08 -92.37
C GLY E 1045 -18.06 39.53 -93.64
N GLN E 1046 -17.37 40.38 -94.38
CA GLN E 1046 -17.90 40.90 -95.63
C GLN E 1046 -17.88 39.82 -96.69
N MET E 1047 -18.88 39.82 -97.56
CA MET E 1047 -18.97 38.83 -98.62
C MET E 1047 -18.00 39.15 -99.74
N GLN E 1048 -17.34 38.11 -100.24
CA GLN E 1048 -16.41 38.24 -101.35
C GLN E 1048 -17.04 37.64 -102.60
N VAL E 1049 -16.69 38.20 -103.76
CA VAL E 1049 -17.19 37.72 -105.05
C VAL E 1049 -15.99 37.40 -105.93
N ALA E 1050 -15.78 36.12 -106.20
CA ALA E 1050 -14.74 35.66 -107.10
C ALA E 1050 -15.35 35.40 -108.46
N ARG E 1051 -14.59 35.67 -109.51
CA ARG E 1051 -15.05 35.47 -110.88
C ARG E 1051 -14.11 34.51 -111.59
N THR E 1052 -14.64 33.81 -112.60
CA THR E 1052 -13.85 32.93 -113.45
C THR E 1052 -14.65 32.62 -114.71
N GLU E 1053 -13.92 32.42 -115.81
CA GLU E 1053 -14.53 32.19 -117.11
C GLU E 1053 -14.52 30.69 -117.39
N SER E 1054 -15.70 30.12 -117.61
CA SER E 1054 -15.86 28.69 -117.89
C SER E 1054 -16.58 28.55 -119.22
N GLY E 1055 -15.82 28.34 -120.29
CA GLY E 1055 -16.39 28.22 -121.63
C GLY E 1055 -17.11 29.48 -122.05
N GLY E 1056 -16.47 30.63 -121.83
CA GLY E 1056 -17.06 31.92 -122.10
C GLY E 1056 -18.21 32.31 -121.19
N GLY E 1057 -18.74 31.37 -120.40
CA GLY E 1057 -19.85 31.66 -119.52
C GLY E 1057 -19.36 32.04 -118.14
N LEU E 1058 -19.85 33.19 -117.65
CA LEU E 1058 -19.44 33.67 -116.34
C LEU E 1058 -19.85 32.68 -115.25
N HIS E 1059 -19.03 32.62 -114.20
CA HIS E 1059 -19.31 31.75 -113.05
C HIS E 1059 -18.87 32.49 -111.80
N LEU E 1060 -19.84 32.90 -110.98
CA LEU E 1060 -19.56 33.56 -109.72
C LEU E 1060 -19.39 32.52 -108.62
N GLN E 1061 -18.78 32.95 -107.52
CA GLN E 1061 -18.52 32.09 -106.37
C GLN E 1061 -18.51 32.96 -105.12
N LEU E 1062 -19.59 32.90 -104.35
CA LEU E 1062 -19.70 33.67 -103.13
C LEU E 1062 -18.94 32.98 -102.00
N THR E 1063 -18.63 33.75 -100.96
CA THR E 1063 -17.88 33.29 -99.80
C THR E 1063 -17.98 34.35 -98.72
N GLN E 1064 -18.08 33.90 -97.46
CA GLN E 1064 -18.17 34.82 -96.34
C GLN E 1064 -17.41 34.28 -95.14
N PRO E 1065 -16.54 35.08 -94.52
CA PRO E 1065 -15.80 34.62 -93.35
C PRO E 1065 -16.59 34.80 -92.06
N ARG E 1066 -16.33 33.90 -91.12
CA ARG E 1066 -16.98 33.92 -89.81
C ARG E 1066 -15.98 33.56 -88.74
N ALA E 1067 -16.43 33.58 -87.49
CA ALA E 1067 -15.62 33.25 -86.32
C ALA E 1067 -16.53 33.08 -85.12
N ASN E 1068 -16.24 32.09 -84.29
CA ASN E 1068 -17.06 31.82 -83.12
C ASN E 1068 -16.19 31.38 -81.95
N VAL E 1069 -16.64 31.69 -80.75
CA VAL E 1069 -16.03 31.20 -79.52
C VAL E 1069 -17.13 31.03 -78.48
N ASP E 1070 -17.12 29.89 -77.80
CA ASP E 1070 -18.04 29.68 -76.68
C ASP E 1070 -17.81 30.75 -75.62
N LEU E 1071 -18.89 31.46 -75.28
CA LEU E 1071 -18.77 32.64 -74.44
C LEU E 1071 -18.74 32.34 -72.95
N GLY E 1072 -19.48 31.34 -72.49
CA GLY E 1072 -19.62 31.06 -71.07
C GLY E 1072 -18.51 30.17 -70.56
N VAL E 1073 -18.19 30.32 -69.28
CA VAL E 1073 -17.30 29.40 -68.59
C VAL E 1073 -18.14 28.31 -67.96
N GLY E 1074 -17.61 27.09 -67.95
CA GLY E 1074 -18.41 25.94 -67.60
C GLY E 1074 -19.35 25.54 -68.73
N PHE E 1075 -19.67 24.25 -68.76
CA PHE E 1075 -20.50 23.70 -69.82
C PHE E 1075 -21.84 24.43 -69.90
N THR E 1076 -22.15 24.94 -71.10
CA THR E 1076 -23.33 25.77 -71.31
C THR E 1076 -24.22 25.19 -72.41
N ALA E 1077 -24.25 23.87 -72.54
CA ALA E 1077 -25.08 23.23 -73.55
C ALA E 1077 -25.30 21.78 -73.16
N ALA E 1078 -26.56 21.37 -73.04
CA ALA E 1078 -26.93 20.03 -72.64
C ALA E 1078 -27.18 19.17 -73.87
N TYR E 1079 -27.59 17.92 -73.64
CA TYR E 1079 -27.77 16.95 -74.71
C TYR E 1079 -28.57 15.79 -74.16
N ALA E 1080 -29.65 15.43 -74.84
CA ALA E 1080 -30.68 14.56 -74.27
C ALA E 1080 -30.61 13.13 -74.75
N ALA E 1081 -30.63 12.89 -76.06
CA ALA E 1081 -30.80 11.56 -76.64
C ALA E 1081 -32.11 10.95 -76.15
N ALA E 1082 -33.20 11.70 -76.35
CA ALA E 1082 -34.50 11.36 -75.79
C ALA E 1082 -35.07 10.05 -76.31
N ALA E 1083 -35.35 9.99 -77.61
CA ALA E 1083 -36.06 8.86 -78.20
C ALA E 1083 -35.09 7.89 -78.86
N LEU E 1084 -35.64 6.78 -79.33
CA LEU E 1084 -34.88 5.74 -80.02
C LEU E 1084 -35.50 5.51 -81.39
N ARG E 1085 -34.68 5.52 -82.43
CA ARG E 1085 -35.14 5.21 -83.78
C ARG E 1085 -34.76 3.78 -84.12
N ALA E 1086 -35.01 3.37 -85.36
CA ALA E 1086 -34.60 2.05 -85.79
C ALA E 1086 -33.08 2.00 -85.93
N PRO E 1087 -32.45 0.88 -85.58
CA PRO E 1087 -31.01 0.75 -85.80
C PRO E 1087 -30.63 1.00 -87.24
N VAL E 1088 -29.53 1.72 -87.44
CA VAL E 1088 -29.07 2.05 -88.78
C VAL E 1088 -28.28 0.90 -89.41
N THR E 1089 -27.54 0.13 -88.62
CA THR E 1089 -26.75 -0.96 -89.12
C THR E 1089 -27.32 -2.30 -88.67
N ASP E 1090 -26.94 -3.36 -89.36
CA ASP E 1090 -27.38 -4.70 -89.04
C ASP E 1090 -26.74 -5.17 -87.74
N MET E 1091 -27.46 -6.06 -87.05
CA MET E 1091 -26.96 -6.69 -85.83
C MET E 1091 -26.49 -8.12 -86.07
N GLY E 1092 -26.28 -8.49 -87.33
CA GLY E 1092 -25.92 -9.85 -87.68
C GLY E 1092 -24.46 -10.16 -87.47
N ASN E 1093 -24.00 -11.21 -88.15
CA ASN E 1093 -22.63 -11.68 -88.03
C ASN E 1093 -21.94 -11.66 -89.39
N LEU E 1094 -20.66 -11.31 -89.36
CA LEU E 1094 -19.79 -11.30 -90.53
C LEU E 1094 -18.37 -11.57 -90.06
N PRO E 1095 -17.93 -12.82 -90.10
CA PRO E 1095 -16.63 -13.16 -89.52
C PRO E 1095 -15.49 -12.40 -90.20
N GLN E 1096 -14.60 -11.87 -89.37
CA GLN E 1096 -13.46 -11.12 -89.87
C GLN E 1096 -12.52 -12.03 -90.65
N ASN E 1097 -12.23 -11.64 -91.88
CA ASN E 1097 -11.30 -12.37 -92.74
C ASN E 1097 -9.93 -11.69 -92.62
N LEU E 1098 -9.02 -12.32 -91.88
CA LEU E 1098 -7.68 -11.77 -91.75
C LEU E 1098 -6.92 -11.70 -93.07
N PHE E 1099 -7.29 -12.52 -94.05
CA PHE E 1099 -6.50 -12.60 -95.28
C PHE E 1099 -6.58 -11.33 -96.12
N ALA E 1100 -7.34 -10.33 -95.70
CA ALA E 1100 -7.38 -9.06 -96.41
C ALA E 1100 -6.31 -8.08 -95.93
N THR E 1101 -5.53 -8.44 -94.92
CA THR E 1101 -4.49 -7.56 -94.42
C THR E 1101 -3.15 -7.88 -95.08
N ARG E 1102 -2.13 -7.08 -94.75
CA ARG E 1102 -0.78 -7.30 -95.21
C ARG E 1102 0.17 -7.10 -94.04
N GLY E 1103 1.20 -7.94 -93.97
CA GLY E 1103 2.20 -7.81 -92.93
C GLY E 1103 2.48 -9.08 -92.15
N ALA E 1104 1.92 -10.19 -92.59
CA ALA E 1104 2.20 -11.46 -91.94
C ALA E 1104 3.16 -12.26 -92.81
N PRO E 1105 4.26 -12.78 -92.26
CA PRO E 1105 5.20 -13.54 -93.07
C PRO E 1105 4.57 -14.83 -93.57
N PRO E 1106 4.42 -14.98 -94.88
CA PRO E 1106 3.77 -16.17 -95.42
C PRO E 1106 4.54 -17.44 -95.09
N MET E 1107 3.82 -18.56 -95.13
CA MET E 1107 4.41 -19.84 -94.81
C MET E 1107 5.41 -20.25 -95.89
N LEU E 1108 6.27 -21.20 -95.56
CA LEU E 1108 7.39 -21.54 -96.44
C LEU E 1108 6.97 -22.46 -97.58
N ASP E 1109 5.89 -23.22 -97.41
CA ASP E 1109 5.39 -24.09 -98.45
C ASP E 1109 4.33 -23.34 -99.25
N ALA E 1110 4.64 -23.05 -100.52
CA ALA E 1110 3.72 -22.31 -101.36
C ALA E 1110 2.40 -23.04 -101.54
N ASP E 1111 2.45 -24.37 -101.71
CA ASP E 1111 1.24 -25.15 -101.88
C ASP E 1111 0.32 -25.02 -100.68
N ALA E 1112 0.88 -25.03 -99.46
CA ALA E 1112 0.06 -24.88 -98.27
C ALA E 1112 -0.59 -23.50 -98.21
N ASP E 1113 0.16 -22.46 -98.61
CA ASP E 1113 -0.42 -21.12 -98.64
C ASP E 1113 -1.59 -21.06 -99.61
N ASP E 1114 -1.41 -21.59 -100.83
CA ASP E 1114 -2.50 -21.57 -101.80
C ASP E 1114 -3.66 -22.42 -101.32
N TYR E 1115 -3.39 -23.50 -100.60
CA TYR E 1115 -4.47 -24.35 -100.10
C TYR E 1115 -5.29 -23.62 -99.04
N LEU E 1116 -4.63 -22.95 -98.11
CA LEU E 1116 -5.35 -22.15 -97.12
C LEU E 1116 -6.18 -21.07 -97.80
N ARG E 1117 -5.56 -20.33 -98.72
CA ARG E 1117 -6.29 -19.30 -99.47
C ARG E 1117 -7.52 -19.88 -100.15
N ARG E 1118 -7.39 -21.07 -100.73
CA ARG E 1118 -8.52 -21.67 -101.45
C ARG E 1118 -9.62 -22.10 -100.49
N THR E 1119 -9.25 -22.71 -99.36
CA THR E 1119 -10.25 -23.30 -98.48
C THR E 1119 -10.96 -22.29 -97.61
N VAL E 1120 -10.37 -21.12 -97.35
CA VAL E 1120 -10.98 -20.14 -96.47
C VAL E 1120 -11.86 -19.16 -97.24
N ASN E 1121 -11.38 -18.64 -98.37
CA ASN E 1121 -12.14 -17.62 -99.09
C ASN E 1121 -13.37 -18.19 -99.80
N ALA E 1122 -13.45 -19.51 -99.97
CA ALA E 1122 -14.58 -20.11 -100.67
C ALA E 1122 -15.82 -20.08 -99.79
N GLY E 1123 -16.62 -19.01 -99.91
CA GLY E 1123 -17.80 -18.82 -99.10
C GLY E 1123 -17.74 -17.62 -98.19
N ASN E 1124 -16.67 -16.85 -98.22
CA ASN E 1124 -16.53 -15.68 -97.36
C ASN E 1124 -16.92 -14.44 -98.15
N ARG E 1125 -17.86 -13.65 -97.61
CA ARG E 1125 -18.23 -12.39 -98.24
C ARG E 1125 -17.06 -11.42 -98.32
N LEU E 1126 -16.07 -11.58 -97.44
CA LEU E 1126 -14.87 -10.74 -97.45
C LEU E 1126 -13.76 -11.31 -98.33
N ALA E 1127 -14.12 -12.11 -99.32
CA ALA E 1127 -13.12 -12.64 -100.24
C ALA E 1127 -12.55 -11.51 -101.09
N PRO E 1128 -11.25 -11.25 -101.00
CA PRO E 1128 -10.67 -10.14 -101.77
C PRO E 1128 -10.70 -10.41 -103.26
N VAL E 1129 -10.48 -9.34 -104.02
CA VAL E 1129 -10.42 -9.41 -105.48
C VAL E 1129 -8.97 -9.36 -105.93
N PRO E 1130 -8.64 -9.93 -107.09
CA PRO E 1130 -7.25 -9.89 -107.56
C PRO E 1130 -6.89 -8.58 -108.23
N VAL E 1131 -7.71 -7.54 -108.02
CA VAL E 1131 -7.42 -6.23 -108.59
C VAL E 1131 -6.13 -5.68 -107.98
N PHE E 1132 -5.39 -4.92 -108.79
CA PHE E 1132 -4.02 -4.52 -108.47
C PHE E 1132 -3.94 -3.78 -107.14
N GLY E 1133 -4.54 -2.59 -107.09
CA GLY E 1133 -4.32 -1.64 -106.02
C GLY E 1133 -4.54 -2.13 -104.61
N GLN E 1134 -5.75 -2.60 -104.31
CA GLN E 1134 -6.12 -2.92 -102.95
C GLN E 1134 -7.09 -4.09 -102.89
N MET E 1135 -7.66 -4.36 -101.72
CA MET E 1135 -8.47 -5.56 -101.49
C MET E 1135 -9.88 -5.14 -101.04
N LEU E 1136 -10.78 -4.96 -102.01
CA LEU E 1136 -12.20 -4.83 -101.66
C LEU E 1136 -12.91 -6.15 -101.94
N PRO E 1137 -13.85 -6.57 -101.10
CA PRO E 1137 -14.52 -7.85 -101.33
C PRO E 1137 -15.25 -7.89 -102.66
N GLN E 1138 -16.28 -7.05 -102.81
CA GLN E 1138 -16.94 -6.68 -104.05
C GLN E 1138 -18.11 -5.78 -103.67
N VAL E 1139 -18.79 -5.27 -104.70
CA VAL E 1139 -20.03 -4.52 -104.51
C VAL E 1139 -21.19 -5.51 -104.56
N PRO E 1140 -21.79 -5.87 -103.43
CA PRO E 1140 -22.92 -6.80 -103.44
C PRO E 1140 -24.21 -6.11 -103.87
N ALA E 1141 -25.14 -6.94 -104.34
CA ALA E 1141 -26.49 -6.47 -104.66
C ALA E 1141 -27.45 -6.60 -103.49
N GLY E 1142 -26.99 -7.10 -102.35
CA GLY E 1142 -27.87 -7.45 -101.25
C GLY E 1142 -28.52 -6.28 -100.53
N LEU E 1143 -27.72 -5.51 -99.79
CA LEU E 1143 -28.22 -4.50 -98.87
C LEU E 1143 -29.39 -5.05 -98.06
N ALA E 1144 -29.12 -6.07 -97.24
CA ALA E 1144 -30.17 -6.80 -96.55
C ALA E 1144 -30.96 -5.96 -95.56
N ARG E 1145 -30.36 -5.69 -94.39
CA ARG E 1145 -30.86 -4.77 -93.40
C ARG E 1145 -29.93 -3.73 -92.72
N GLY E 1146 -29.83 -2.56 -93.34
CA GLY E 1146 -28.79 -1.64 -92.96
C GLY E 1146 -27.44 -2.25 -93.28
N GLN E 1147 -26.36 -1.52 -93.04
CA GLN E 1147 -25.04 -2.07 -93.30
C GLN E 1147 -24.71 -3.15 -92.27
N GLN E 1148 -23.92 -4.12 -92.70
CA GLN E 1148 -23.60 -5.27 -91.87
C GLN E 1148 -22.30 -5.05 -91.12
N SER E 1149 -22.33 -5.33 -89.82
CA SER E 1149 -21.18 -5.13 -88.96
C SER E 1149 -20.16 -6.25 -89.19
N VAL E 1150 -19.13 -6.30 -88.35
CA VAL E 1150 -18.10 -7.32 -88.44
C VAL E 1150 -17.81 -7.84 -87.04
N CYS E 1151 -17.70 -9.15 -86.92
CA CYS E 1151 -17.40 -9.81 -85.65
C CYS E 1151 -15.94 -10.23 -85.63
N GLU E 1152 -15.32 -10.12 -84.46
CA GLU E 1152 -13.92 -10.49 -84.28
C GLU E 1152 -13.82 -11.79 -83.49
N PHE E 1153 -12.60 -12.21 -83.17
CA PHE E 1153 -12.38 -13.43 -82.42
C PHE E 1153 -11.11 -13.29 -81.61
N ILE E 1154 -11.21 -13.54 -80.30
CA ILE E 1154 -10.08 -13.49 -79.38
C ILE E 1154 -9.98 -14.85 -78.71
N ALA E 1155 -8.75 -15.35 -78.57
CA ALA E 1155 -8.55 -16.58 -77.81
C ALA E 1155 -8.77 -16.32 -76.32
N THR E 1156 -9.07 -17.40 -75.59
CA THR E 1156 -9.39 -17.31 -74.18
C THR E 1156 -9.35 -18.71 -73.59
N PRO E 1157 -8.78 -18.88 -72.39
CA PRO E 1157 -8.83 -20.20 -71.75
C PRO E 1157 -10.26 -20.62 -71.45
N VAL E 1158 -10.56 -21.88 -71.75
CA VAL E 1158 -11.92 -22.39 -71.59
C VAL E 1158 -12.40 -22.28 -70.14
N SER E 1159 -11.48 -22.42 -69.19
CA SER E 1159 -11.83 -22.37 -67.78
C SER E 1159 -12.09 -20.97 -67.26
N VAL E 1160 -12.22 -19.97 -68.15
CA VAL E 1160 -12.52 -18.61 -67.73
C VAL E 1160 -13.83 -18.59 -66.96
N ASP E 1161 -13.86 -17.83 -65.88
CA ASP E 1161 -15.07 -17.72 -65.08
C ASP E 1161 -16.20 -17.14 -65.93
N LEU E 1162 -17.24 -17.94 -66.15
CA LEU E 1162 -18.35 -17.49 -66.99
C LEU E 1162 -19.02 -16.25 -66.40
N ALA E 1163 -19.00 -16.12 -65.08
CA ALA E 1163 -19.61 -14.96 -64.42
C ALA E 1163 -18.98 -13.63 -64.86
N TYR E 1164 -17.76 -13.66 -65.40
CA TYR E 1164 -17.11 -12.42 -65.80
C TYR E 1164 -17.81 -11.75 -66.97
N PHE E 1165 -18.57 -12.48 -67.77
CA PHE E 1165 -19.26 -11.93 -68.92
C PHE E 1165 -20.70 -11.53 -68.64
N ARG E 1166 -21.26 -11.94 -67.51
CA ARG E 1166 -22.69 -11.73 -67.27
C ARG E 1166 -22.99 -10.24 -67.07
N ARG E 1167 -22.17 -9.55 -66.29
CA ARG E 1167 -22.31 -8.11 -66.17
C ARG E 1167 -21.43 -7.40 -67.20
N ALA E 1168 -21.36 -6.08 -67.08
CA ALA E 1168 -20.44 -5.31 -67.90
C ALA E 1168 -19.00 -5.72 -67.62
N CYS E 1169 -18.17 -5.71 -68.65
CA CYS E 1169 -16.79 -6.15 -68.52
C CYS E 1169 -15.97 -5.59 -69.67
N ASN E 1170 -14.73 -6.06 -69.78
CA ASN E 1170 -13.81 -5.68 -70.84
C ASN E 1170 -13.25 -6.95 -71.45
N PRO E 1171 -13.20 -7.05 -72.78
CA PRO E 1171 -12.71 -8.30 -73.40
C PRO E 1171 -11.25 -8.56 -73.12
N ARG E 1172 -10.45 -7.53 -72.84
CA ARG E 1172 -9.03 -7.75 -72.60
C ARG E 1172 -8.78 -8.40 -71.25
N GLY E 1173 -9.75 -8.35 -70.35
CA GLY E 1173 -9.60 -8.97 -69.04
C GLY E 1173 -9.22 -7.97 -67.96
N ARG E 1174 -8.30 -7.06 -68.29
CA ARG E 1174 -7.92 -5.97 -67.41
C ARG E 1174 -8.57 -4.69 -67.88
N ALA E 1175 -9.24 -3.99 -66.96
CA ALA E 1175 -10.09 -2.86 -67.29
C ALA E 1175 -9.32 -1.55 -67.42
N ALA E 1176 -8.03 -1.63 -67.70
CA ALA E 1176 -7.16 -0.46 -67.70
C ALA E 1176 -7.54 0.52 -68.83
N GLY E 1177 -7.05 1.75 -68.69
CA GLY E 1177 -7.20 2.76 -69.73
C GLY E 1177 -7.75 4.07 -69.23
N GLU E 1178 -8.52 4.02 -68.14
CA GLU E 1178 -9.26 5.17 -67.64
C GLU E 1178 -8.41 5.93 -66.63
N VAL E 1179 -9.03 6.84 -65.88
CA VAL E 1179 -8.36 7.53 -64.78
C VAL E 1179 -8.27 6.55 -63.61
N HIS E 1180 -8.69 5.30 -63.85
CA HIS E 1180 -8.48 4.22 -62.91
C HIS E 1180 -7.06 4.26 -62.33
N GLY E 1181 -6.07 4.05 -63.20
CA GLY E 1181 -4.67 4.05 -62.79
C GLY E 1181 -3.79 4.79 -63.78
N GLU E 1182 -2.90 5.63 -63.27
CA GLU E 1182 -2.18 6.57 -64.12
C GLU E 1182 -0.77 6.09 -64.48
N GLU E 1183 -0.05 5.48 -63.53
CA GLU E 1183 1.34 5.06 -63.77
C GLU E 1183 1.47 4.02 -64.86
N GLY E 1184 0.36 3.47 -65.35
CA GLY E 1184 0.40 2.44 -66.36
C GLY E 1184 0.12 1.07 -65.77
N LEU E 1185 -1.13 0.63 -65.88
CA LEU E 1185 -1.53 -0.71 -65.49
C LEU E 1185 -2.00 -1.52 -66.68
N MET E 1186 -1.88 -0.98 -67.89
CA MET E 1186 -2.33 -1.70 -69.09
C MET E 1186 -1.49 -2.94 -69.36
N PHE E 1187 -0.22 -2.92 -68.94
CA PHE E 1187 0.67 -4.03 -69.29
C PHE E 1187 1.55 -4.46 -68.11
N ASP E 1188 1.13 -4.18 -66.87
CA ASP E 1188 1.84 -4.65 -65.69
C ASP E 1188 1.00 -5.71 -64.99
N HIS E 1189 1.68 -6.58 -64.25
CA HIS E 1189 1.00 -7.60 -63.48
C HIS E 1189 1.47 -7.68 -62.03
N SER E 1190 2.45 -6.87 -61.63
CA SER E 1190 2.85 -6.84 -60.22
C SER E 1190 1.71 -6.34 -59.33
N HIS E 1191 0.85 -5.47 -59.86
CA HIS E 1191 -0.33 -5.04 -59.14
C HIS E 1191 -1.49 -5.99 -59.43
N ALA E 1192 -2.69 -5.59 -59.02
CA ALA E 1192 -3.88 -6.41 -59.20
C ALA E 1192 -4.86 -5.69 -60.12
N ASP E 1193 -5.72 -6.49 -60.74
CA ASP E 1193 -6.79 -5.95 -61.58
C ASP E 1193 -7.72 -5.11 -60.71
N PRO E 1194 -7.89 -3.81 -61.00
CA PRO E 1194 -8.83 -3.00 -60.21
C PRO E 1194 -10.25 -3.52 -60.24
N ALA E 1195 -10.74 -4.01 -61.38
CA ALA E 1195 -12.12 -4.45 -61.51
C ALA E 1195 -12.42 -5.68 -60.68
N HIS E 1196 -11.50 -6.66 -60.68
CA HIS E 1196 -11.64 -7.90 -59.92
C HIS E 1196 -10.37 -8.13 -59.12
N PRO E 1197 -10.27 -7.57 -57.92
CA PRO E 1197 -9.03 -7.68 -57.15
C PRO E 1197 -8.70 -9.08 -56.67
N HIS E 1198 -9.57 -10.07 -56.93
CA HIS E 1198 -9.22 -11.45 -56.63
C HIS E 1198 -7.96 -11.87 -57.37
N ARG E 1199 -7.90 -11.60 -58.67
CA ARG E 1199 -6.84 -12.08 -59.53
C ARG E 1199 -6.17 -10.93 -60.24
N ALA E 1200 -5.28 -11.22 -61.18
CA ALA E 1200 -4.61 -10.18 -61.95
C ALA E 1200 -5.10 -10.06 -63.37
N THR E 1201 -5.61 -11.14 -63.96
CA THR E 1201 -6.08 -11.11 -65.34
C THR E 1201 -6.95 -12.33 -65.57
N ALA E 1202 -8.15 -12.10 -66.12
CA ALA E 1202 -9.07 -13.18 -66.43
C ALA E 1202 -8.77 -13.87 -67.75
N ASN E 1203 -7.76 -13.40 -68.48
CA ASN E 1203 -7.37 -13.98 -69.76
C ASN E 1203 -5.90 -13.69 -69.99
N PRO E 1204 -4.99 -14.55 -69.52
CA PRO E 1204 -3.56 -14.27 -69.67
C PRO E 1204 -3.06 -14.27 -71.11
N TRP E 1205 -3.89 -14.67 -72.07
CA TRP E 1205 -3.48 -14.69 -73.47
C TRP E 1205 -3.71 -13.36 -74.18
N ALA E 1206 -4.46 -12.44 -73.59
CA ALA E 1206 -4.90 -11.26 -74.32
C ALA E 1206 -4.60 -9.95 -73.60
N SER E 1207 -3.87 -9.97 -72.48
CA SER E 1207 -3.68 -8.77 -71.69
C SER E 1207 -2.25 -8.26 -71.70
N GLN E 1208 -1.28 -9.09 -71.31
CA GLN E 1208 0.08 -8.60 -71.16
C GLN E 1208 0.72 -8.31 -72.51
N ARG E 1209 1.68 -7.39 -72.49
CA ARG E 1209 2.28 -6.90 -73.73
C ARG E 1209 2.87 -8.05 -74.55
N HIS E 1210 2.73 -7.93 -75.86
CA HIS E 1210 3.27 -8.91 -76.82
C HIS E 1210 2.66 -10.29 -76.62
N SER E 1211 1.46 -10.35 -76.06
CA SER E 1211 0.72 -11.61 -76.03
C SER E 1211 0.19 -11.88 -77.43
N TYR E 1212 -0.39 -13.07 -77.65
CA TYR E 1212 -0.87 -13.42 -78.97
C TYR E 1212 -1.94 -12.45 -79.45
N ALA E 1213 -3.00 -12.28 -78.65
CA ALA E 1213 -4.08 -11.39 -79.03
C ALA E 1213 -3.65 -9.93 -79.15
N ASP E 1214 -2.48 -9.57 -78.60
CA ASP E 1214 -2.00 -8.21 -78.74
C ASP E 1214 -1.39 -7.96 -80.11
N ARG E 1215 -0.69 -8.96 -80.66
CA ARG E 1215 -0.11 -8.84 -81.99
C ARG E 1215 -1.15 -8.74 -83.09
N LEU E 1216 -2.42 -8.97 -82.78
CA LEU E 1216 -3.48 -8.94 -83.78
C LEU E 1216 -4.31 -7.67 -83.76
N TYR E 1217 -4.41 -7.00 -82.61
CA TYR E 1217 -5.35 -5.90 -82.45
C TYR E 1217 -4.72 -4.71 -81.74
N ASN E 1218 -3.51 -4.32 -82.14
CA ASN E 1218 -2.86 -3.17 -81.54
C ASN E 1218 -2.53 -2.15 -82.62
N GLY E 1219 -2.21 -0.93 -82.20
CA GLY E 1219 -2.00 0.16 -83.12
C GLY E 1219 -0.59 0.32 -83.61
N GLN E 1220 0.39 0.00 -82.77
CA GLN E 1220 1.80 0.20 -83.10
C GLN E 1220 2.47 -1.06 -83.64
N TYR E 1221 1.69 -2.02 -84.12
CA TYR E 1221 2.25 -3.24 -84.68
C TYR E 1221 1.80 -3.52 -86.11
N ASN E 1222 0.93 -2.69 -86.68
CA ASN E 1222 0.72 -2.59 -88.13
C ASN E 1222 0.27 -3.91 -88.74
N MET E 1223 -0.91 -4.34 -88.33
CA MET E 1223 -1.65 -5.40 -89.00
C MET E 1223 -2.82 -4.81 -89.78
N SER E 1224 -2.63 -3.60 -90.30
CA SER E 1224 -3.72 -2.83 -90.89
C SER E 1224 -4.39 -3.58 -92.03
N GLY E 1225 -5.70 -3.35 -92.17
CA GLY E 1225 -6.48 -3.94 -93.24
C GLY E 1225 -7.65 -3.05 -93.62
N PRO E 1226 -8.31 -3.38 -94.73
CA PRO E 1226 -9.46 -2.55 -95.15
C PRO E 1226 -10.68 -2.73 -94.26
N ALA E 1227 -10.97 -3.96 -93.85
CA ALA E 1227 -12.11 -4.21 -92.98
C ALA E 1227 -11.86 -3.58 -91.60
N TYR E 1228 -12.90 -2.96 -91.05
CA TYR E 1228 -12.79 -2.34 -89.74
C TYR E 1228 -12.50 -3.39 -88.67
N SER E 1229 -12.03 -2.90 -87.52
CA SER E 1229 -11.76 -3.75 -86.35
C SER E 1229 -12.44 -3.12 -85.14
N PRO E 1230 -13.51 -3.72 -84.64
CA PRO E 1230 -14.18 -3.15 -83.44
C PRO E 1230 -13.27 -3.00 -82.23
N CYS E 1231 -12.53 -4.05 -81.86
CA CYS E 1231 -11.73 -4.04 -80.64
C CYS E 1231 -10.42 -3.27 -80.80
N PHE E 1232 -10.26 -2.52 -81.88
CA PHE E 1232 -9.06 -1.69 -82.03
C PHE E 1232 -8.90 -0.72 -80.88
N LYS E 1233 -10.00 -0.10 -80.44
CA LYS E 1233 -9.95 0.89 -79.37
C LYS E 1233 -9.94 0.26 -77.98
N PHE E 1234 -9.75 -1.06 -77.89
CA PHE E 1234 -9.65 -1.72 -76.60
C PHE E 1234 -8.23 -2.10 -76.21
N PHE E 1235 -7.30 -2.12 -77.16
CA PHE E 1235 -5.95 -2.60 -76.90
C PHE E 1235 -4.86 -1.54 -77.05
N THR E 1236 -5.09 -0.50 -77.84
CA THR E 1236 -4.09 0.55 -77.97
C THR E 1236 -4.01 1.34 -76.67
N PRO E 1237 -2.82 1.67 -76.18
CA PRO E 1237 -2.70 2.34 -74.89
C PRO E 1237 -2.78 3.86 -74.99
N ALA E 1238 -3.27 4.37 -76.13
CA ALA E 1238 -3.34 5.80 -76.39
C ALA E 1238 -4.04 6.57 -75.27
N ARG E 1245 -4.25 16.38 -66.51
CA ARG E 1245 -5.12 16.15 -67.66
C ARG E 1245 -6.48 16.83 -67.45
N GLY E 1246 -7.35 16.19 -66.66
CA GLY E 1246 -8.67 16.72 -66.40
C GLY E 1246 -9.78 15.85 -66.93
N LEU E 1247 -10.55 15.24 -66.02
CA LEU E 1247 -11.69 14.40 -66.36
C LEU E 1247 -12.71 15.10 -67.24
N ALA E 1248 -12.87 16.42 -67.08
CA ALA E 1248 -13.84 17.16 -67.87
C ALA E 1248 -13.58 17.05 -69.36
N ARG E 1249 -12.31 17.00 -69.77
CA ARG E 1249 -12.02 16.81 -71.19
C ARG E 1249 -12.48 15.44 -71.67
N LEU E 1250 -12.30 14.40 -70.84
CA LEU E 1250 -12.82 13.08 -71.19
C LEU E 1250 -14.33 13.13 -71.36
N ILE E 1251 -15.02 13.77 -70.42
CA ILE E 1251 -16.48 13.85 -70.51
C ILE E 1251 -16.89 14.63 -71.76
N ALA E 1252 -16.14 15.68 -72.11
CA ALA E 1252 -16.48 16.48 -73.27
C ALA E 1252 -16.22 15.73 -74.58
N ASP E 1253 -15.17 14.90 -74.61
CA ASP E 1253 -14.82 14.23 -75.86
C ASP E 1253 -15.92 13.28 -76.32
N THR E 1254 -16.43 12.45 -75.41
CA THR E 1254 -17.58 11.59 -75.73
C THR E 1254 -18.75 12.44 -76.19
N GLY E 1255 -19.25 12.17 -77.40
CA GLY E 1255 -20.19 13.04 -78.06
C GLY E 1255 -19.54 13.94 -79.09
N ALA E 1256 -18.22 13.89 -79.21
CA ALA E 1256 -17.47 14.69 -80.18
C ALA E 1256 -16.40 13.82 -80.84
N ALA E 1257 -16.69 12.53 -81.00
CA ALA E 1257 -15.75 11.57 -81.57
C ALA E 1257 -16.05 11.40 -83.05
N ALA E 1258 -15.00 11.31 -83.86
CA ALA E 1258 -15.14 11.11 -85.30
C ALA E 1258 -15.36 9.61 -85.56
N SER E 1259 -16.49 9.29 -86.18
CA SER E 1259 -16.87 7.91 -86.40
C SER E 1259 -15.88 7.20 -87.32
N PRO E 1260 -15.28 6.10 -86.88
CA PRO E 1260 -14.33 5.35 -87.74
C PRO E 1260 -15.02 4.32 -88.64
N THR E 1261 -16.10 4.76 -89.30
CA THR E 1261 -16.90 3.83 -90.10
C THR E 1261 -17.52 4.52 -91.31
N SER E 1262 -17.42 3.89 -92.47
CA SER E 1262 -17.99 4.42 -93.70
C SER E 1262 -19.47 4.06 -93.80
N ASN E 1263 -20.10 4.43 -94.91
CA ASN E 1263 -21.47 4.00 -95.22
C ASN E 1263 -21.49 3.21 -96.52
N GLY E 1264 -20.39 2.51 -96.84
CA GLY E 1264 -20.32 1.73 -98.04
C GLY E 1264 -20.90 0.33 -97.85
N GLU E 1265 -22.11 0.27 -97.31
CA GLU E 1265 -22.89 -0.95 -97.02
C GLU E 1265 -22.07 -2.05 -96.39
N TYR E 1266 -20.95 -1.72 -95.76
CA TYR E 1266 -20.03 -2.67 -95.15
C TYR E 1266 -19.12 -1.90 -94.21
N GLN E 1267 -18.88 -2.41 -93.00
CA GLN E 1267 -18.05 -1.68 -92.05
C GLN E 1267 -16.62 -1.61 -92.52
N PHE E 1268 -16.20 -0.45 -93.01
CA PHE E 1268 -14.86 -0.25 -93.53
C PHE E 1268 -14.16 0.85 -92.74
N LYS E 1269 -12.86 0.95 -92.94
CA LYS E 1269 -12.06 1.99 -92.29
C LYS E 1269 -12.59 3.36 -92.70
N ARG E 1270 -12.59 4.29 -91.74
CA ARG E 1270 -13.09 5.63 -91.94
C ARG E 1270 -12.45 6.28 -93.16
N PRO E 1271 -13.22 6.87 -94.05
CA PRO E 1271 -12.62 7.56 -95.20
C PRO E 1271 -11.84 8.78 -94.74
N VAL E 1272 -10.81 9.13 -95.51
CA VAL E 1272 -10.07 10.34 -95.23
C VAL E 1272 -10.90 11.57 -95.58
N GLY E 1273 -12.01 11.40 -96.27
CA GLY E 1273 -12.84 12.50 -96.70
C GLY E 1273 -13.49 13.26 -95.55
N ALA E 1274 -14.38 12.61 -94.81
CA ALA E 1274 -15.04 13.21 -93.66
C ALA E 1274 -15.83 12.12 -92.94
N GLY E 1275 -16.26 12.43 -91.72
CA GLY E 1275 -17.10 11.54 -90.96
C GLY E 1275 -18.05 12.31 -90.07
N GLU E 1276 -19.28 11.81 -90.00
CA GLU E 1276 -20.28 12.41 -89.13
C GLU E 1276 -19.87 12.25 -87.66
N LEU E 1277 -20.54 12.99 -86.79
CA LEU E 1277 -20.21 12.99 -85.37
C LEU E 1277 -21.03 11.90 -84.68
N VAL E 1278 -20.35 11.08 -83.88
CA VAL E 1278 -20.99 9.99 -83.16
C VAL E 1278 -20.65 10.12 -81.69
N GLU E 1279 -21.57 9.66 -80.84
CA GLU E 1279 -21.38 9.63 -79.40
C GLU E 1279 -21.26 8.19 -78.95
N ASP E 1280 -20.25 7.91 -78.10
CA ASP E 1280 -20.01 6.57 -77.64
C ASP E 1280 -19.50 6.56 -76.21
N PRO E 1281 -20.26 5.99 -75.27
CA PRO E 1281 -19.79 5.91 -73.88
C PRO E 1281 -18.70 4.87 -73.71
N CYS E 1282 -18.78 3.78 -74.47
CA CYS E 1282 -17.80 2.70 -74.38
C CYS E 1282 -16.37 3.16 -74.62
N ALA E 1283 -16.17 4.24 -75.38
CA ALA E 1283 -14.85 4.80 -75.58
C ALA E 1283 -14.33 5.57 -74.36
N LEU E 1284 -15.14 5.67 -73.31
CA LEU E 1284 -14.75 6.31 -72.06
C LEU E 1284 -14.36 5.32 -70.97
N PHE E 1285 -15.09 4.22 -70.84
CA PHE E 1285 -14.81 3.21 -69.84
C PHE E 1285 -13.98 2.05 -70.36
N GLN E 1286 -13.83 1.93 -71.69
CA GLN E 1286 -13.24 0.75 -72.31
C GLN E 1286 -13.95 -0.51 -71.82
N GLU E 1287 -15.25 -0.55 -72.10
CA GLU E 1287 -16.14 -1.60 -71.64
C GLU E 1287 -17.02 -2.05 -72.79
N ALA E 1288 -17.50 -3.28 -72.71
CA ALA E 1288 -18.44 -3.83 -73.68
C ALA E 1288 -19.61 -4.45 -72.96
N TYR E 1289 -20.83 -4.07 -73.37
CA TYR E 1289 -22.04 -4.58 -72.72
C TYR E 1289 -22.43 -5.90 -73.34
N PRO E 1290 -22.93 -6.85 -72.56
CA PRO E 1290 -23.32 -8.14 -73.12
C PRO E 1290 -24.76 -8.12 -73.60
N PRO E 1291 -25.02 -8.65 -74.80
CA PRO E 1291 -26.39 -8.65 -75.32
C PRO E 1291 -27.13 -9.93 -74.95
N LEU E 1292 -28.42 -10.00 -75.29
CA LEU E 1292 -29.24 -11.16 -75.01
C LEU E 1292 -28.79 -12.31 -75.91
N CYS E 1293 -28.06 -13.26 -75.35
CA CYS E 1293 -27.57 -14.40 -76.10
C CYS E 1293 -27.58 -15.63 -75.21
N ALA E 1294 -27.60 -16.80 -75.85
CA ALA E 1294 -27.61 -18.07 -75.15
C ALA E 1294 -26.93 -19.10 -76.03
N SER E 1295 -26.56 -20.23 -75.43
CA SER E 1295 -25.78 -21.25 -76.09
C SER E 1295 -26.62 -22.44 -76.57
N ASP E 1296 -27.93 -22.24 -76.72
CA ASP E 1296 -28.79 -23.22 -77.37
C ASP E 1296 -30.11 -22.53 -77.71
N SER E 1297 -30.56 -22.72 -78.95
CA SER E 1297 -31.77 -22.07 -79.44
C SER E 1297 -32.98 -22.35 -78.57
N ALA E 1298 -33.03 -23.50 -77.88
CA ALA E 1298 -34.18 -23.83 -77.05
C ALA E 1298 -34.33 -22.84 -75.90
N LEU E 1299 -33.21 -22.37 -75.33
CA LEU E 1299 -33.28 -21.47 -74.19
C LEU E 1299 -33.77 -20.08 -74.56
N LEU E 1300 -33.85 -19.78 -75.86
CA LEU E 1300 -34.26 -18.44 -76.26
C LEU E 1300 -35.76 -18.33 -76.51
N ARG E 1301 -36.38 -19.38 -77.04
CA ARG E 1301 -37.81 -19.32 -77.36
C ARG E 1301 -38.64 -19.12 -76.10
N THR E 1302 -39.74 -18.39 -76.24
CA THR E 1302 -40.57 -18.06 -75.09
C THR E 1302 -41.18 -19.34 -74.51
N PRO E 1303 -41.36 -19.42 -73.18
CA PRO E 1303 -40.98 -18.41 -72.19
C PRO E 1303 -39.48 -18.41 -71.91
N LEU E 1304 -38.96 -17.30 -71.38
CA LEU E 1304 -37.56 -17.24 -71.04
C LEU E 1304 -37.32 -18.07 -69.79
N GLY E 1305 -36.77 -19.26 -69.97
CA GLY E 1305 -36.51 -20.13 -68.85
C GLY E 1305 -35.29 -19.72 -68.06
N ALA E 1306 -35.16 -20.29 -66.87
CA ALA E 1306 -34.00 -20.02 -66.04
C ALA E 1306 -32.72 -20.42 -66.78
N GLU E 1307 -31.68 -19.64 -66.59
CA GLU E 1307 -30.43 -19.83 -67.31
C GLU E 1307 -29.68 -21.04 -66.76
N GLU E 1308 -28.47 -21.25 -67.29
CA GLU E 1308 -27.52 -22.28 -66.87
C GLU E 1308 -28.20 -23.64 -66.65
N HIS E 1309 -28.67 -24.18 -67.76
CA HIS E 1309 -29.10 -25.58 -67.79
C HIS E 1309 -27.86 -26.47 -67.69
N PHE E 1310 -28.05 -27.78 -67.88
CA PHE E 1310 -27.01 -28.79 -67.62
C PHE E 1310 -25.63 -28.33 -68.04
N ALA E 1311 -25.46 -27.96 -69.30
CA ALA E 1311 -24.22 -27.38 -69.78
C ALA E 1311 -24.39 -26.07 -70.51
N GLN E 1312 -25.53 -25.84 -71.16
CA GLN E 1312 -25.77 -24.59 -71.84
C GLN E 1312 -26.01 -23.47 -70.82
N TYR E 1313 -26.08 -22.24 -71.33
CA TYR E 1313 -26.18 -21.07 -70.46
C TYR E 1313 -26.81 -19.93 -71.24
N LEU E 1314 -27.62 -19.12 -70.55
CA LEU E 1314 -28.29 -17.97 -71.13
C LEU E 1314 -27.82 -16.71 -70.41
N ILE E 1315 -27.54 -15.67 -71.18
CA ILE E 1315 -27.10 -14.38 -70.64
C ILE E 1315 -28.19 -13.37 -70.98
N ARG E 1316 -28.99 -13.00 -69.99
CA ARG E 1316 -29.90 -11.88 -70.18
C ARG E 1316 -29.12 -10.59 -70.31
N ASP E 1317 -29.50 -9.77 -71.29
CA ASP E 1317 -28.72 -8.59 -71.60
C ASP E 1317 -28.78 -7.58 -70.47
N GLU E 1318 -27.69 -6.83 -70.31
CA GLU E 1318 -27.61 -5.68 -69.42
C GLU E 1318 -26.91 -4.60 -70.24
N SER E 1319 -27.69 -3.85 -71.00
CA SER E 1319 -27.17 -2.87 -71.95
C SER E 1319 -28.01 -1.61 -71.88
N PRO E 1320 -27.59 -0.50 -72.49
CA PRO E 1320 -28.44 0.70 -72.49
C PRO E 1320 -29.70 0.56 -73.32
N LEU E 1321 -29.98 -0.66 -73.80
CA LEU E 1321 -31.09 -0.89 -74.71
C LEU E 1321 -32.04 -1.97 -74.19
N LYS E 1322 -32.47 -1.84 -72.93
CA LYS E 1322 -33.28 -2.88 -72.32
C LYS E 1322 -34.67 -3.01 -72.96
N GLY E 1323 -34.99 -2.22 -73.97
CA GLY E 1323 -36.28 -2.33 -74.64
C GLY E 1323 -36.26 -1.83 -76.06
N MET F 1 117.65 30.47 -33.88
CA MET F 1 118.64 30.36 -32.81
C MET F 1 118.12 30.96 -31.52
N ASP F 2 117.12 31.84 -31.63
CA ASP F 2 116.50 32.36 -30.43
C ASP F 2 115.84 31.26 -29.61
N ALA F 3 115.43 30.18 -30.25
CA ALA F 3 114.82 29.07 -29.53
C ALA F 3 115.80 28.45 -28.55
N HIS F 4 117.03 28.21 -29.01
CA HIS F 4 118.02 27.59 -28.13
C HIS F 4 118.33 28.48 -26.94
N ILE F 5 118.48 29.78 -27.16
CA ILE F 5 118.78 30.68 -26.04
C ILE F 5 117.62 30.70 -25.06
N ALA F 6 116.39 30.78 -25.58
CA ALA F 6 115.24 30.79 -24.70
C ALA F 6 115.17 29.52 -23.87
N ASN F 7 115.46 28.38 -24.49
CA ASN F 7 115.37 27.12 -23.75
C ASN F 7 116.48 27.01 -22.72
N GLU F 8 117.68 27.49 -23.05
CA GLU F 8 118.77 27.45 -22.09
C GLU F 8 118.44 28.28 -20.85
N THR F 9 117.90 29.48 -21.06
CA THR F 9 117.56 30.31 -19.91
C THR F 9 116.43 29.69 -19.11
N LYS F 10 115.38 29.21 -19.78
CA LYS F 10 114.27 28.58 -19.05
C LYS F 10 114.74 27.36 -18.28
N GLN F 11 115.75 26.66 -18.77
CA GLN F 11 116.25 25.50 -18.04
C GLN F 11 117.08 25.91 -16.85
N GLN F 12 118.05 26.79 -17.07
CA GLN F 12 118.96 27.17 -15.98
C GLN F 12 118.20 27.83 -14.84
N MET F 13 117.25 28.71 -15.16
CA MET F 13 116.59 29.45 -14.09
C MET F 13 115.69 28.56 -13.23
N THR F 14 115.07 27.55 -13.84
CA THR F 14 114.05 26.76 -13.16
C THR F 14 114.49 25.34 -12.83
N ARG F 15 115.42 24.78 -13.60
CA ARG F 15 115.91 23.42 -13.39
C ARG F 15 114.80 22.40 -13.54
N PHE F 16 114.20 22.38 -14.74
CA PHE F 16 113.21 21.35 -15.06
C PHE F 16 113.86 20.08 -15.58
N ALA F 17 115.17 19.99 -15.57
CA ALA F 17 115.91 18.82 -16.01
C ALA F 17 117.38 19.01 -15.65
N PRO F 18 118.14 17.93 -15.51
CA PRO F 18 119.57 18.08 -15.20
C PRO F 18 120.34 18.89 -16.24
N ALA F 19 120.31 18.49 -17.50
CA ALA F 19 121.06 19.19 -18.55
C ALA F 19 120.17 19.28 -19.78
N LEU F 20 120.77 19.73 -20.89
CA LEU F 20 120.01 20.07 -22.09
C LEU F 20 120.82 19.63 -23.31
N VAL F 21 120.28 19.85 -24.50
CA VAL F 21 120.99 19.55 -25.74
C VAL F 21 120.30 20.27 -26.88
N HIS F 22 121.09 20.80 -27.80
CA HIS F 22 120.57 21.60 -28.90
C HIS F 22 120.53 20.77 -30.18
N VAL F 23 119.43 20.88 -30.93
CA VAL F 23 119.19 20.02 -32.08
C VAL F 23 118.50 20.84 -33.16
N ILE F 24 118.82 20.53 -34.42
CA ILE F 24 118.23 21.19 -35.58
C ILE F 24 117.65 20.10 -36.48
N VAL F 25 116.38 19.77 -36.30
CA VAL F 25 115.77 18.73 -37.13
C VAL F 25 115.42 19.33 -38.48
N PRO F 26 116.01 18.86 -39.56
CA PRO F 26 115.80 19.50 -40.87
C PRO F 26 114.46 19.18 -41.49
N ASP F 27 114.29 19.60 -42.75
CA ASP F 27 113.00 19.42 -43.43
C ASP F 27 112.68 17.94 -43.68
N PRO F 28 113.49 17.17 -44.42
CA PRO F 28 113.05 15.84 -44.82
C PRO F 28 112.77 14.91 -43.65
N LEU F 29 113.45 15.09 -42.52
CA LEU F 29 113.12 14.30 -41.35
C LEU F 29 111.66 14.53 -40.95
N LEU F 30 111.31 15.79 -40.70
CA LEU F 30 109.92 16.11 -40.35
C LEU F 30 108.97 15.58 -41.41
N ALA F 31 109.35 15.70 -42.69
CA ALA F 31 108.46 15.25 -43.74
C ALA F 31 108.19 13.75 -43.66
N ARG F 32 109.23 12.95 -43.45
CA ARG F 32 109.05 11.51 -43.36
C ARG F 32 108.47 11.07 -42.03
N ALA F 33 108.51 11.93 -41.02
CA ALA F 33 107.91 11.59 -39.73
C ALA F 33 106.40 11.71 -39.73
N GLY F 34 105.80 12.16 -40.83
CA GLY F 34 104.37 12.35 -40.91
C GLY F 34 103.88 13.71 -40.48
N VAL F 35 104.76 14.55 -39.94
CA VAL F 35 104.39 15.88 -39.49
C VAL F 35 104.71 16.88 -40.59
N ASP F 36 103.97 17.98 -40.60
CA ASP F 36 104.14 19.01 -41.61
C ASP F 36 104.63 20.30 -40.98
N PRO F 37 105.54 20.99 -41.63
CA PRO F 37 105.92 22.33 -41.15
C PRO F 37 104.94 23.36 -41.66
N LEU F 38 105.25 24.64 -41.46
CA LEU F 38 104.44 25.74 -41.96
C LEU F 38 103.05 25.76 -41.32
N ALA F 39 102.85 24.94 -40.31
CA ALA F 39 101.60 24.84 -39.58
C ALA F 39 101.85 25.30 -38.15
N PRO F 40 100.79 25.54 -37.38
CA PRO F 40 100.99 25.92 -35.99
C PRO F 40 101.70 24.83 -35.20
N PHE F 41 102.70 25.24 -34.42
CA PHE F 41 103.49 24.33 -33.63
C PHE F 41 103.10 24.45 -32.16
N ALA F 42 103.32 23.36 -31.42
CA ALA F 42 103.22 23.38 -29.97
C ALA F 42 104.11 22.24 -29.48
N ALA F 43 105.29 22.58 -28.99
CA ALA F 43 106.31 21.59 -28.69
C ALA F 43 106.21 21.13 -27.25
N HIS F 44 106.46 19.83 -27.04
CA HIS F 44 106.56 19.23 -25.72
C HIS F 44 107.63 18.16 -25.77
N ALA F 45 107.99 17.62 -24.61
CA ALA F 45 108.99 16.56 -24.56
C ALA F 45 108.93 15.89 -23.20
N GLN F 46 109.35 14.62 -23.18
CA GLN F 46 109.45 13.86 -21.95
C GLN F 46 110.57 12.84 -22.09
N THR F 47 111.13 12.42 -20.97
CA THR F 47 112.23 11.47 -20.93
C THR F 47 111.75 10.18 -20.30
N ARG F 48 111.89 9.09 -21.04
CA ARG F 48 111.37 7.79 -20.65
C ARG F 48 112.53 6.83 -20.45
N TYR F 49 112.78 6.44 -19.20
CA TYR F 49 113.84 5.47 -18.92
C TYR F 49 113.48 4.12 -19.54
N HIS F 50 114.48 3.26 -19.67
CA HIS F 50 114.27 2.01 -20.35
C HIS F 50 114.17 0.88 -19.35
N GLY F 51 113.43 -0.17 -19.73
CA GLY F 51 113.29 -1.35 -18.92
C GLY F 51 112.40 -1.20 -17.71
N SER F 52 111.96 0.01 -17.39
CA SER F 52 111.06 0.23 -16.26
C SER F 52 109.71 0.77 -16.70
N GLY F 53 109.69 1.85 -17.47
CA GLY F 53 108.44 2.44 -17.90
C GLY F 53 108.00 3.55 -16.98
N VAL F 54 108.93 4.38 -16.55
CA VAL F 54 108.63 5.53 -15.71
C VAL F 54 108.96 6.77 -16.52
N CYS F 55 107.95 7.59 -16.77
CA CYS F 55 108.07 8.74 -17.65
C CYS F 55 107.88 10.02 -16.85
N GLU F 56 108.88 10.88 -16.87
CA GLU F 56 108.74 12.18 -16.24
C GLU F 56 107.63 12.97 -16.95
N PRO F 57 106.85 13.76 -16.22
CA PRO F 57 105.77 14.51 -16.87
C PRO F 57 106.31 15.45 -17.92
N TRP F 58 105.47 15.72 -18.93
CA TRP F 58 105.90 16.49 -20.09
C TRP F 58 106.31 17.90 -19.70
N VAL F 59 107.17 18.49 -20.51
CA VAL F 59 107.66 19.85 -20.31
C VAL F 59 107.64 20.59 -21.64
N SER F 60 107.06 21.78 -21.64
CA SER F 60 106.93 22.56 -22.86
C SER F 60 108.23 23.29 -23.16
N VAL F 61 108.64 23.22 -24.43
CA VAL F 61 109.89 23.84 -24.87
C VAL F 61 109.58 24.81 -26.00
N PHE F 62 110.43 25.82 -26.14
CA PHE F 62 110.28 26.82 -27.18
C PHE F 62 110.93 26.33 -28.48
N ALA F 63 110.13 26.22 -29.53
CA ALA F 63 110.64 25.82 -30.84
C ALA F 63 110.33 26.90 -31.86
N GLY F 64 111.28 27.14 -32.75
CA GLY F 64 111.07 28.11 -33.81
C GLY F 64 111.50 27.56 -35.15
N HIS F 65 110.56 27.44 -36.08
CA HIS F 65 110.79 26.76 -37.35
C HIS F 65 111.20 27.78 -38.41
N VAL F 66 112.45 27.71 -38.85
CA VAL F 66 112.88 28.53 -39.98
C VAL F 66 112.31 27.96 -41.26
N GLN F 67 112.42 28.73 -42.35
CA GLN F 67 111.84 28.34 -43.62
C GLN F 67 112.91 28.07 -44.68
N THR F 68 113.78 29.05 -44.93
CA THR F 68 114.86 28.88 -45.88
C THR F 68 116.00 28.17 -45.15
N GLY F 69 117.19 28.14 -45.75
CA GLY F 69 118.35 27.51 -45.16
C GLY F 69 118.47 27.69 -43.66
N ALA F 70 118.62 26.60 -42.93
CA ALA F 70 118.71 26.62 -41.48
C ALA F 70 120.15 26.65 -40.98
N VAL F 71 121.00 25.77 -41.50
CA VAL F 71 122.35 25.63 -40.96
C VAL F 71 123.12 26.93 -41.11
N GLU F 72 122.95 27.62 -42.23
CA GLU F 72 123.63 28.89 -42.41
C GLU F 72 123.11 29.98 -41.49
N SER F 73 121.89 29.86 -40.97
CA SER F 73 121.38 30.89 -40.08
C SER F 73 122.13 30.89 -38.75
N VAL F 74 122.81 29.79 -38.44
CA VAL F 74 123.67 29.73 -37.26
C VAL F 74 125.05 30.30 -37.56
N LEU F 75 125.44 30.36 -38.83
CA LEU F 75 126.82 30.69 -39.18
C LEU F 75 127.02 32.12 -39.68
N THR F 76 126.01 32.77 -40.24
CA THR F 76 126.20 34.04 -40.91
C THR F 76 125.47 35.15 -40.21
N LEU F 77 125.89 36.39 -40.47
CA LEU F 77 125.23 37.56 -39.93
C LEU F 77 124.28 38.15 -40.97
N PRO F 78 123.20 38.80 -40.53
CA PRO F 78 122.16 39.24 -41.46
C PRO F 78 122.68 40.14 -42.57
N PRO F 79 123.29 41.29 -42.26
CA PRO F 79 123.47 42.29 -43.32
C PRO F 79 124.51 41.91 -44.35
N LEU F 80 125.29 40.87 -44.10
CA LEU F 80 126.45 40.59 -44.95
C LEU F 80 126.14 39.54 -46.01
N GLN F 81 125.21 38.63 -45.73
CA GLN F 81 124.94 37.55 -46.65
C GLN F 81 123.57 36.96 -46.34
N ARG F 82 123.05 36.18 -47.29
CA ARG F 82 121.80 35.51 -47.01
C ARG F 82 122.01 33.99 -46.98
N PRO F 83 121.38 33.29 -46.04
CA PRO F 83 121.52 31.83 -45.96
C PRO F 83 120.95 31.14 -47.18
N ARG F 84 121.13 29.82 -47.22
CA ARG F 84 120.63 29.02 -48.32
C ARG F 84 120.62 27.55 -47.92
N GLY F 85 119.62 26.81 -48.38
CA GLY F 85 119.53 25.39 -48.13
C GLY F 85 118.19 24.99 -47.53
N PRO F 86 118.11 23.76 -47.01
CA PRO F 86 116.89 23.33 -46.35
C PRO F 86 116.74 23.97 -44.98
N GLY F 87 115.54 23.84 -44.42
CA GLY F 87 115.28 24.44 -43.13
C GLY F 87 114.29 23.67 -42.28
N GLY F 88 114.64 23.44 -41.02
CA GLY F 88 113.75 22.76 -40.11
C GLY F 88 113.73 23.47 -38.76
N LEU F 89 112.88 22.96 -37.87
CA LEU F 89 112.62 23.67 -36.62
C LEU F 89 113.74 23.44 -35.61
N PHE F 90 114.16 24.52 -34.97
CA PHE F 90 115.11 24.44 -33.87
C PHE F 90 114.39 24.00 -32.62
N VAL F 91 115.05 23.17 -31.81
CA VAL F 91 114.45 22.65 -30.58
C VAL F 91 115.57 22.22 -29.66
N SER F 92 115.25 22.06 -28.37
CA SER F 92 116.20 21.61 -27.39
C SER F 92 115.53 20.62 -26.45
N LEU F 93 116.11 19.43 -26.31
CA LEU F 93 115.48 18.39 -25.52
C LEU F 93 116.09 18.33 -24.12
N PRO F 94 115.32 17.88 -23.13
CA PRO F 94 115.89 17.67 -21.81
C PRO F 94 116.57 16.30 -21.73
N LEU F 95 117.43 16.17 -20.73
CA LEU F 95 118.21 14.94 -20.56
C LEU F 95 118.06 14.43 -19.14
N ALA F 96 118.66 13.28 -18.89
CA ALA F 96 118.75 12.69 -17.54
C ALA F 96 120.10 12.01 -17.45
N LEU F 97 121.06 12.64 -16.77
CA LEU F 97 122.43 12.15 -16.75
C LEU F 97 123.16 12.73 -15.54
N GLY F 98 124.48 12.64 -15.55
CA GLY F 98 125.32 13.31 -14.58
C GLY F 98 126.54 12.55 -14.11
N ALA F 99 126.47 11.22 -14.05
CA ALA F 99 127.62 10.41 -13.68
C ALA F 99 128.04 9.44 -14.77
N HIS F 100 127.09 8.64 -15.24
CA HIS F 100 127.29 7.75 -16.39
C HIS F 100 125.97 7.79 -17.15
N PHE F 101 125.90 8.61 -18.19
CA PHE F 101 124.63 8.74 -18.91
C PHE F 101 124.26 7.39 -19.50
N ASP F 102 123.12 6.88 -19.08
CA ASP F 102 122.68 5.56 -19.50
C ASP F 102 122.34 5.56 -20.98
N GLY F 103 122.59 4.43 -21.62
CA GLY F 103 122.22 4.27 -23.01
C GLY F 103 120.84 3.69 -23.16
N PHE F 104 120.34 3.74 -24.40
CA PHE F 104 119.07 3.13 -24.76
C PHE F 104 117.87 3.76 -24.06
N THR F 105 118.10 4.82 -23.29
CA THR F 105 117.02 5.57 -22.69
C THR F 105 116.74 6.79 -23.57
N THR F 106 115.56 6.82 -24.17
CA THR F 106 115.25 7.79 -25.21
C THR F 106 114.87 9.12 -24.62
N ALA F 107 114.71 10.11 -25.50
CA ALA F 107 114.16 11.42 -25.17
C ALA F 107 113.05 11.67 -26.19
N ALA F 108 111.81 11.58 -25.73
CA ALA F 108 110.67 11.63 -26.64
C ALA F 108 110.27 13.07 -26.89
N LEU F 109 110.15 13.42 -28.16
CA LEU F 109 109.69 14.73 -28.59
C LEU F 109 108.25 14.63 -29.04
N ARG F 110 107.50 15.72 -28.86
CA ARG F 110 106.11 15.79 -29.28
C ARG F 110 105.89 17.06 -30.06
N VAL F 111 105.38 16.92 -31.28
CA VAL F 111 104.97 18.04 -32.11
C VAL F 111 103.47 17.86 -32.30
N GLY F 112 102.82 18.75 -33.04
CA GLY F 112 101.37 18.85 -33.07
C GLY F 112 100.57 17.58 -32.93
N ALA F 113 100.95 16.54 -33.63
CA ALA F 113 100.24 15.27 -33.45
C ALA F 113 101.17 14.10 -33.20
N ARG F 114 102.32 14.05 -33.84
CA ARG F 114 103.18 12.88 -33.85
C ARG F 114 104.34 13.04 -32.86
N GLU F 115 104.86 11.90 -32.41
CA GLU F 115 105.96 11.88 -31.45
C GLU F 115 107.18 11.25 -32.07
N LEU F 116 108.34 11.86 -31.83
CA LEU F 116 109.62 11.35 -32.29
C LEU F 116 110.46 10.92 -31.09
N VAL F 117 111.23 9.86 -31.27
CA VAL F 117 112.09 9.35 -30.21
C VAL F 117 113.54 9.52 -30.65
N PHE F 118 114.40 9.82 -29.68
CA PHE F 118 115.81 10.08 -29.93
C PHE F 118 116.62 9.37 -28.85
N THR F 119 117.10 8.17 -29.14
CA THR F 119 117.89 7.44 -28.17
C THR F 119 119.13 8.24 -27.78
N TYR F 120 119.43 8.25 -26.47
CA TYR F 120 120.63 8.93 -25.98
C TYR F 120 121.84 8.54 -26.80
N ASP F 121 122.09 7.24 -26.93
CA ASP F 121 123.23 6.73 -27.66
C ASP F 121 123.35 7.34 -29.05
N GLU F 122 122.27 7.92 -29.56
CA GLU F 122 122.26 8.58 -30.86
C GLU F 122 122.41 10.09 -30.73
N LEU F 123 121.88 10.67 -29.66
CA LEU F 123 121.85 12.12 -29.55
C LEU F 123 123.21 12.72 -29.21
N LEU F 124 123.96 12.10 -28.31
CA LEU F 124 125.11 12.74 -27.70
C LEU F 124 126.42 12.22 -28.28
N PRO F 125 127.10 12.98 -29.13
CA PRO F 125 128.36 12.50 -29.69
C PRO F 125 129.54 12.77 -28.78
N ALA F 126 130.52 11.86 -28.84
CA ALA F 126 131.69 11.97 -27.98
C ALA F 126 132.46 13.25 -28.24
N ARG F 127 133.01 13.40 -29.45
CA ARG F 127 133.90 14.49 -29.80
C ARG F 127 133.18 15.56 -30.58
N THR F 128 133.57 16.81 -30.38
CA THR F 128 133.00 17.94 -31.09
C THR F 128 133.92 18.39 -32.22
N ARG F 129 133.57 19.49 -32.88
CA ARG F 129 134.20 19.89 -34.13
C ARG F 129 134.55 21.38 -34.13
N TYR F 130 135.16 21.84 -33.05
CA TYR F 130 135.39 23.27 -32.89
C TYR F 130 136.56 23.81 -33.69
N ASN F 131 137.36 22.96 -34.32
CA ASN F 131 138.57 23.45 -34.98
C ASN F 131 138.27 24.11 -36.32
N VAL F 132 137.16 23.75 -36.97
CA VAL F 132 136.83 24.33 -38.27
C VAL F 132 136.22 25.72 -38.15
N ASP F 133 135.71 26.07 -36.97
CA ASP F 133 135.07 27.37 -36.84
C ASP F 133 136.06 28.52 -36.87
N GLY F 134 137.33 28.29 -36.57
CA GLY F 134 138.32 29.33 -36.82
C GLY F 134 138.43 29.65 -38.31
N GLU F 135 138.49 28.60 -39.12
CA GLU F 135 138.51 28.77 -40.57
C GLU F 135 137.26 29.50 -41.05
N ARG F 136 136.12 29.22 -40.42
CA ARG F 136 134.89 29.93 -40.79
C ARG F 136 134.95 31.40 -40.38
N LEU F 137 135.42 31.67 -39.16
CA LEU F 137 135.39 33.02 -38.63
C LEU F 137 136.34 33.95 -39.37
N GLU F 138 137.52 33.46 -39.74
CA GLU F 138 138.43 34.34 -40.48
C GLU F 138 137.80 34.78 -41.79
N ARG F 139 137.15 33.84 -42.50
CA ARG F 139 136.44 34.20 -43.72
C ARG F 139 135.33 35.19 -43.43
N LEU F 140 134.63 35.02 -42.31
CA LEU F 140 133.56 35.95 -41.97
C LEU F 140 134.08 37.37 -41.77
N CYS F 141 135.19 37.50 -41.05
CA CYS F 141 135.76 38.82 -40.82
C CYS F 141 136.28 39.44 -42.11
N ARG F 142 136.92 38.65 -42.97
CA ARG F 142 137.33 39.16 -44.27
C ARG F 142 136.12 39.61 -45.08
N GLN F 143 135.01 38.89 -44.96
CA GLN F 143 133.76 39.28 -45.61
C GLN F 143 133.31 40.65 -45.15
N PHE F 144 133.25 40.85 -43.83
CA PHE F 144 132.86 42.15 -43.32
C PHE F 144 133.81 43.23 -43.78
N ALA F 145 135.10 42.92 -43.90
CA ALA F 145 136.06 43.90 -44.38
C ALA F 145 135.73 44.34 -45.80
N ASN F 146 135.52 43.38 -46.70
CA ASN F 146 135.23 43.75 -48.07
C ASN F 146 133.88 44.43 -48.21
N TYR F 147 132.97 44.21 -47.26
CA TYR F 147 131.71 44.95 -47.26
C TYR F 147 131.93 46.41 -46.87
N ALA F 148 132.60 46.62 -45.73
CA ALA F 148 132.82 47.98 -45.24
C ALA F 148 133.65 48.79 -46.21
N ARG F 149 134.56 48.14 -46.95
CA ARG F 149 135.41 48.89 -47.87
C ARG F 149 134.61 49.42 -49.05
N ALA F 150 133.58 48.67 -49.48
CA ALA F 150 132.94 48.96 -50.76
C ALA F 150 131.63 49.72 -50.60
N ARG F 151 130.89 49.44 -49.52
CA ARG F 151 129.54 50.02 -49.45
C ARG F 151 129.56 51.47 -49.01
N ARG F 152 130.62 51.91 -48.33
CA ARG F 152 130.80 53.32 -47.98
C ARG F 152 129.62 53.85 -47.17
N VAL F 153 129.47 53.34 -45.94
CA VAL F 153 128.27 53.65 -45.15
C VAL F 153 128.59 54.67 -44.05
N ALA F 154 129.54 54.38 -43.17
CA ALA F 154 129.74 55.20 -41.99
C ALA F 154 131.23 55.19 -41.66
N PRO F 155 131.72 56.22 -40.96
CA PRO F 155 133.16 56.26 -40.67
C PRO F 155 133.60 55.31 -39.57
N ALA F 156 132.79 55.16 -38.52
CA ALA F 156 133.18 54.30 -37.41
C ALA F 156 133.40 52.86 -37.88
N VAL F 157 132.59 52.40 -38.83
CA VAL F 157 132.79 51.06 -39.37
C VAL F 157 133.93 51.07 -40.38
N ALA F 158 134.18 52.22 -41.02
CA ALA F 158 135.29 52.30 -41.97
C ALA F 158 136.63 52.12 -41.27
N ALA F 159 136.76 52.68 -40.06
CA ALA F 159 137.99 52.49 -39.31
C ALA F 159 138.22 51.02 -38.98
N ALA F 160 137.16 50.34 -38.53
CA ALA F 160 137.28 48.91 -38.24
C ALA F 160 137.63 48.12 -39.48
N GLY F 161 137.04 48.49 -40.62
CA GLY F 161 137.40 47.82 -41.86
C GLY F 161 138.86 48.02 -42.20
N GLY F 162 139.38 49.23 -42.02
CA GLY F 162 140.78 49.47 -42.27
C GLY F 162 141.68 48.65 -41.36
N HIS F 163 141.30 48.54 -40.08
CA HIS F 163 142.08 47.73 -39.16
C HIS F 163 142.10 46.27 -39.57
N ILE F 164 140.93 45.71 -39.87
CA ILE F 164 140.86 44.33 -40.32
C ILE F 164 141.69 44.14 -41.59
N ASP F 165 141.64 45.11 -42.50
CA ASP F 165 142.45 45.06 -43.71
C ASP F 165 143.92 44.93 -43.34
N ALA F 166 144.42 45.84 -42.50
CA ALA F 166 145.81 45.82 -42.10
C ALA F 166 146.16 44.66 -41.17
N LEU F 167 145.17 43.84 -40.78
CA LEU F 167 145.47 42.71 -39.91
C LEU F 167 145.64 41.39 -40.66
N LEU F 168 144.83 41.17 -41.69
CA LEU F 168 144.82 39.91 -42.41
C LEU F 168 144.44 40.19 -43.86
N PRO F 169 144.69 39.24 -44.77
CA PRO F 169 144.60 39.57 -46.19
C PRO F 169 143.18 39.90 -46.59
N PRO F 170 143.00 40.76 -47.59
CA PRO F 170 141.66 41.14 -48.03
C PRO F 170 141.11 40.31 -49.17
N ALA F 171 141.74 39.16 -49.44
CA ALA F 171 141.57 38.44 -50.70
C ALA F 171 140.13 38.31 -51.18
N ALA F 172 139.30 37.56 -50.46
CA ALA F 172 137.93 37.28 -50.87
C ALA F 172 137.30 36.44 -49.77
N ALA F 173 136.00 36.18 -49.91
CA ALA F 173 135.30 35.44 -48.86
C ALA F 173 134.01 34.87 -49.41
N THR F 174 133.55 33.82 -48.73
CA THR F 174 132.20 33.28 -48.86
C THR F 174 132.02 32.24 -47.76
N ILE F 175 130.82 32.15 -47.22
CA ILE F 175 130.49 31.19 -46.16
C ILE F 175 129.54 30.16 -46.72
N ASP F 176 129.85 28.88 -46.48
CA ASP F 176 129.04 27.78 -46.97
C ASP F 176 128.78 26.83 -45.82
N GLY F 177 127.51 26.64 -45.47
CA GLY F 177 127.18 25.79 -44.35
C GLY F 177 127.28 24.32 -44.69
N GLU F 178 126.78 23.94 -45.86
CA GLU F 178 126.83 22.54 -46.25
C GLU F 178 128.26 21.99 -46.22
N ALA F 179 129.24 22.81 -46.60
CA ALA F 179 130.62 22.34 -46.61
C ALA F 179 131.11 22.02 -45.21
N GLN F 180 130.41 22.48 -44.18
CA GLN F 180 130.87 22.25 -42.82
C GLN F 180 130.72 20.79 -42.42
N LEU F 181 129.61 20.17 -42.81
CA LEU F 181 129.36 18.79 -42.39
C LEU F 181 130.24 17.82 -43.17
N THR F 182 130.69 18.21 -44.35
CA THR F 182 131.50 17.30 -45.16
C THR F 182 132.97 17.37 -44.78
N ARG F 183 133.60 18.54 -44.95
CA ARG F 183 135.05 18.61 -44.99
C ARG F 183 135.69 18.20 -43.68
N GLY F 184 135.04 18.50 -42.56
CA GLY F 184 135.70 18.51 -41.27
C GLY F 184 136.07 17.13 -40.76
N GLY F 185 136.92 17.15 -39.73
CA GLY F 185 137.19 15.96 -38.95
C GLY F 185 137.00 16.28 -37.48
N PHE F 186 136.84 15.23 -36.69
CA PHE F 186 136.50 15.40 -35.29
C PHE F 186 137.72 15.89 -34.50
N ASP F 187 137.50 16.89 -33.65
CA ASP F 187 138.57 17.46 -32.85
C ASP F 187 138.73 16.66 -31.56
N ASP F 188 139.98 16.35 -31.21
CA ASP F 188 140.28 15.68 -29.96
C ASP F 188 141.10 16.58 -29.05
N PRO F 189 141.05 16.39 -27.74
CA PRO F 189 141.72 17.29 -26.81
C PRO F 189 143.20 17.07 -26.62
N ALA F 190 143.87 16.36 -27.53
CA ALA F 190 145.29 16.07 -27.40
C ALA F 190 146.17 16.86 -28.36
N ALA F 191 145.79 16.96 -29.64
CA ALA F 191 146.68 17.43 -30.69
C ALA F 191 147.45 18.71 -30.37
N PRO F 192 146.89 19.71 -29.67
CA PRO F 192 147.74 20.83 -29.23
C PRO F 192 148.93 20.38 -28.40
N HIS F 193 148.74 19.37 -27.55
CA HIS F 193 149.85 18.84 -26.78
C HIS F 193 150.85 18.09 -27.66
N ALA F 194 150.38 17.46 -28.72
CA ALA F 194 151.31 16.85 -29.68
C ALA F 194 152.20 17.92 -30.31
N ARG F 195 151.58 19.01 -30.79
CA ARG F 195 152.36 20.10 -31.37
C ARG F 195 153.31 20.69 -30.34
N ASP F 196 152.85 20.89 -29.10
CA ASP F 196 153.68 21.47 -28.07
C ASP F 196 154.87 20.58 -27.72
N ALA F 197 154.61 19.29 -27.49
CA ALA F 197 155.69 18.36 -27.20
C ALA F 197 156.66 18.23 -28.37
N ASP F 198 156.18 18.45 -29.60
CA ASP F 198 157.09 18.45 -30.73
C ASP F 198 157.90 19.74 -30.80
N ARG F 199 157.36 20.83 -30.24
CA ARG F 199 158.07 22.11 -30.23
C ARG F 199 159.41 21.99 -29.52
N GLU F 200 159.39 21.50 -28.28
CA GLU F 200 160.62 21.44 -27.49
C GLU F 200 161.66 20.58 -28.19
N ILE F 201 161.25 19.45 -28.76
CA ILE F 201 162.21 18.57 -29.37
C ILE F 201 162.77 19.12 -30.67
N LEU F 202 161.95 19.77 -31.52
CA LEU F 202 162.53 20.40 -32.70
C LEU F 202 163.49 21.50 -32.29
N SER F 203 163.07 22.38 -31.39
CA SER F 203 163.95 23.45 -30.92
C SER F 203 165.21 22.91 -30.26
N LEU F 204 165.19 21.65 -29.81
CA LEU F 204 166.37 21.09 -29.18
C LEU F 204 167.35 20.48 -30.18
N VAL F 205 166.87 19.70 -31.15
CA VAL F 205 167.79 18.93 -32.01
C VAL F 205 168.83 19.82 -32.67
N ARG F 206 168.60 21.13 -32.72
CA ARG F 206 169.58 22.07 -33.27
C ARG F 206 170.86 22.10 -32.42
N LEU F 280 143.60 46.73 -29.72
CA LEU F 280 142.68 45.65 -29.43
C LEU F 280 143.20 44.31 -29.91
N THR F 281 142.33 43.32 -29.94
CA THR F 281 142.66 41.97 -30.36
C THR F 281 142.38 41.79 -31.85
N ALA F 282 142.38 40.53 -32.30
CA ALA F 282 142.30 40.24 -33.72
C ALA F 282 140.87 40.18 -34.24
N LEU F 283 139.90 39.90 -33.38
CA LEU F 283 138.53 39.71 -33.83
C LEU F 283 137.54 40.67 -33.21
N ASP F 284 137.83 41.24 -32.04
CA ASP F 284 136.91 42.17 -31.42
C ASP F 284 136.72 43.43 -32.25
N TRP F 285 137.57 43.66 -33.25
CA TRP F 285 137.29 44.70 -34.23
C TRP F 285 135.98 44.43 -34.94
N LEU F 286 135.76 43.20 -35.38
CA LEU F 286 134.48 42.81 -35.94
C LEU F 286 133.34 43.14 -34.99
N ASP F 287 133.51 42.84 -33.71
CA ASP F 287 132.45 43.10 -32.75
C ASP F 287 132.14 44.59 -32.67
N ALA F 288 133.15 45.40 -32.36
CA ALA F 288 132.94 46.82 -32.18
C ALA F 288 132.38 47.48 -33.44
N GLY F 289 132.80 47.00 -34.61
CA GLY F 289 132.28 47.53 -35.85
C GLY F 289 130.87 47.09 -36.12
N TYR F 290 130.67 45.80 -36.33
CA TYR F 290 129.35 45.26 -36.65
C TYR F 290 128.28 45.72 -35.66
N ALA F 291 128.66 46.09 -34.45
CA ALA F 291 127.63 46.66 -33.57
C ALA F 291 127.15 48.03 -34.05
N ALA F 292 127.61 48.50 -35.21
CA ALA F 292 127.17 49.79 -35.75
C ALA F 292 126.31 49.66 -36.99
N LEU F 293 126.51 48.63 -37.82
CA LEU F 293 125.68 48.45 -39.00
C LEU F 293 124.23 48.21 -38.61
N ALA F 294 123.98 47.12 -37.89
CA ALA F 294 122.62 46.84 -37.43
C ALA F 294 122.16 47.82 -36.37
N GLY F 295 123.08 48.55 -35.76
CA GLY F 295 122.73 49.47 -34.70
C GLY F 295 122.30 48.82 -33.41
N GLY F 296 122.27 47.50 -33.36
CA GLY F 296 121.81 46.80 -32.16
C GLY F 296 122.74 45.68 -31.79
N ASP F 297 123.03 45.60 -30.49
CA ASP F 297 123.86 44.51 -29.98
C ASP F 297 123.25 43.15 -30.30
N ALA F 298 121.95 42.98 -30.04
CA ALA F 298 121.18 41.78 -30.37
C ALA F 298 121.86 40.55 -29.80
N PRO F 299 121.74 40.30 -28.48
CA PRO F 299 122.48 39.21 -27.84
C PRO F 299 122.43 37.88 -28.56
N ALA F 300 121.35 37.65 -29.33
CA ALA F 300 121.27 36.43 -30.13
C ALA F 300 122.43 36.34 -31.12
N HIS F 301 122.94 37.49 -31.57
CA HIS F 301 124.03 37.47 -32.55
C HIS F 301 125.33 37.00 -31.92
N VAL F 302 125.59 37.40 -30.67
CA VAL F 302 126.93 37.28 -30.09
C VAL F 302 127.44 35.86 -30.18
N TRP F 303 126.56 34.88 -30.05
CA TRP F 303 127.01 33.49 -30.15
C TRP F 303 127.39 33.10 -31.57
N ARG F 304 127.03 33.91 -32.57
CA ARG F 304 127.41 33.58 -33.94
C ARG F 304 128.85 33.96 -34.21
N ARG F 305 129.44 34.80 -33.38
CA ARG F 305 130.86 35.10 -33.51
C ARG F 305 131.72 34.17 -32.67
N ARG F 306 131.18 33.64 -31.59
CA ARG F 306 131.88 32.62 -30.83
C ARG F 306 131.80 31.29 -31.58
N PRO F 307 132.86 30.49 -31.54
CA PRO F 307 132.90 29.28 -32.37
C PRO F 307 131.79 28.32 -32.01
N VAL F 308 131.20 27.71 -33.04
CA VAL F 308 130.15 26.72 -32.87
C VAL F 308 130.70 25.38 -33.37
N SER F 309 129.88 24.34 -33.23
CA SER F 309 130.27 23.02 -33.72
C SER F 309 129.01 22.20 -33.92
N LEU F 310 128.73 21.82 -35.16
CA LEU F 310 127.56 21.04 -35.50
C LEU F 310 127.98 19.69 -36.07
N VAL F 311 127.47 18.63 -35.48
CA VAL F 311 127.91 17.26 -35.74
C VAL F 311 126.76 16.53 -36.41
N ALA F 312 126.85 16.31 -37.71
CA ALA F 312 125.78 15.65 -38.43
C ALA F 312 125.62 14.21 -37.95
N ARG F 313 124.41 13.85 -37.54
CA ARG F 313 124.13 12.53 -37.04
C ARG F 313 122.94 11.96 -37.78
N ARG F 314 122.68 10.68 -37.54
CA ARG F 314 121.57 9.98 -38.18
C ARG F 314 120.42 9.81 -37.18
N HIS F 315 119.42 9.05 -37.57
CA HIS F 315 118.22 8.83 -36.77
C HIS F 315 117.87 7.35 -36.79
N TYR F 316 117.47 6.82 -35.63
CA TYR F 316 117.15 5.40 -35.53
C TYR F 316 115.72 5.10 -35.91
N GLN F 317 114.78 6.01 -35.66
CA GLN F 317 113.38 5.70 -35.83
C GLN F 317 112.97 5.65 -37.30
N THR F 318 113.48 6.58 -38.10
CA THR F 318 113.12 6.65 -39.51
C THR F 318 114.28 6.53 -40.47
N GLY F 319 115.50 6.84 -40.03
CA GLY F 319 116.66 6.67 -40.89
C GLY F 319 116.92 7.84 -41.79
N GLU F 320 117.05 9.04 -41.22
CA GLU F 320 117.39 10.24 -41.96
C GLU F 320 118.39 11.03 -41.11
N THR F 321 118.72 12.23 -41.54
CA THR F 321 119.74 13.04 -40.90
C THR F 321 119.12 14.08 -39.97
N PHE F 322 119.95 14.59 -39.07
CA PHE F 322 119.63 15.71 -38.19
C PHE F 322 120.89 16.08 -37.44
N VAL F 323 120.94 17.32 -36.98
CA VAL F 323 122.18 17.94 -36.51
C VAL F 323 122.06 18.30 -35.04
N VAL F 324 123.19 18.22 -34.33
CA VAL F 324 123.24 18.48 -32.90
C VAL F 324 124.31 19.54 -32.66
N VAL F 325 123.89 20.79 -32.60
CA VAL F 325 124.81 21.92 -32.50
C VAL F 325 125.19 22.13 -31.04
N ALA F 326 126.32 22.81 -30.82
CA ALA F 326 126.75 23.18 -29.48
C ALA F 326 127.57 24.44 -29.57
N TYR F 327 127.17 25.47 -28.84
CA TYR F 327 127.87 26.75 -28.84
C TYR F 327 128.89 26.77 -27.71
N GLU F 328 129.96 27.54 -27.91
CA GLU F 328 131.05 27.57 -26.94
C GLU F 328 130.56 28.01 -25.57
N HIS F 329 130.03 29.23 -25.48
CA HIS F 329 129.59 29.76 -24.20
C HIS F 329 128.39 29.03 -23.63
N SER F 330 127.75 28.17 -24.41
CA SER F 330 126.50 27.55 -23.97
C SER F 330 126.74 26.58 -22.85
N THR F 331 125.75 26.45 -21.97
CA THR F 331 125.77 25.45 -20.91
C THR F 331 124.92 24.23 -21.26
N ALA F 332 124.80 23.94 -22.56
CA ALA F 332 124.10 22.77 -23.04
C ALA F 332 125.08 21.60 -23.11
N TRP F 333 124.70 20.52 -23.78
CA TRP F 333 125.60 19.39 -23.90
C TRP F 333 126.59 19.65 -25.03
N GLY F 334 127.85 19.82 -24.65
CA GLY F 334 128.88 20.21 -25.57
C GLY F 334 129.44 21.57 -25.23
N GLY F 335 130.42 21.99 -26.01
CA GLY F 335 131.01 23.29 -25.79
C GLY F 335 131.89 23.30 -24.56
N ARG F 336 131.91 24.44 -23.89
CA ARG F 336 132.57 24.57 -22.60
C ARG F 336 131.50 24.70 -21.53
N ARG F 337 131.93 24.61 -20.27
CA ARG F 337 131.07 24.63 -19.10
C ARG F 337 129.74 23.92 -19.37
N GLY F 338 129.86 22.70 -19.87
CA GLY F 338 128.73 21.81 -20.00
C GLY F 338 129.10 20.46 -19.42
N PRO F 339 128.16 19.84 -18.71
CA PRO F 339 128.50 18.63 -17.97
C PRO F 339 128.82 17.50 -18.93
N ARG F 340 129.67 16.58 -18.46
CA ARG F 340 130.08 15.44 -19.28
C ARG F 340 130.00 14.17 -18.45
N GLY F 341 129.37 13.15 -19.01
CA GLY F 341 129.22 11.87 -18.35
C GLY F 341 129.70 10.75 -19.24
N GLU F 342 130.41 9.80 -18.66
CA GLU F 342 130.99 8.72 -19.43
C GLU F 342 129.87 7.85 -20.03
N PRO F 343 130.00 7.43 -21.29
CA PRO F 343 128.99 6.56 -21.88
C PRO F 343 128.92 5.23 -21.13
N LEU F 344 127.75 4.96 -20.56
CA LEU F 344 127.58 3.78 -19.71
C LEU F 344 127.94 2.49 -20.43
N ALA F 345 127.97 2.50 -21.77
CA ALA F 345 128.34 1.30 -22.51
C ALA F 345 129.77 0.86 -22.21
N ARG F 346 130.57 1.67 -21.52
CA ARG F 346 131.97 1.33 -21.30
C ARG F 346 132.10 0.16 -20.34
N VAL F 347 131.60 0.34 -19.11
CA VAL F 347 131.67 -0.76 -18.15
C VAL F 347 130.89 -1.96 -18.65
N LEU F 348 129.81 -1.72 -19.39
CA LEU F 348 129.05 -2.83 -19.95
C LEU F 348 129.90 -3.64 -20.92
N ALA F 349 130.63 -2.97 -21.82
CA ALA F 349 131.47 -3.70 -22.75
C ALA F 349 132.61 -4.41 -22.03
N GLU F 350 133.20 -3.74 -21.04
CA GLU F 350 134.31 -4.35 -20.31
C GLU F 350 133.87 -5.62 -19.60
N GLU F 351 132.72 -5.59 -18.92
CA GLU F 351 132.28 -6.77 -18.19
C GLU F 351 131.68 -7.81 -19.12
N CYS F 352 131.15 -7.39 -20.27
CA CYS F 352 130.72 -8.35 -21.28
C CYS F 352 131.91 -9.15 -21.80
N GLU F 353 133.05 -8.49 -22.00
CA GLU F 353 134.23 -9.22 -22.46
C GLU F 353 134.87 -10.02 -21.34
N ARG F 354 134.90 -9.45 -20.13
CA ARG F 354 135.65 -10.06 -19.03
C ARG F 354 135.13 -11.46 -18.71
N HIS F 355 133.89 -11.54 -18.24
CA HIS F 355 133.35 -12.85 -17.87
C HIS F 355 133.12 -13.72 -19.09
N GLY F 356 133.16 -13.13 -20.30
CA GLY F 356 133.29 -13.89 -21.53
C GLY F 356 132.01 -14.20 -22.27
N VAL F 357 130.94 -13.45 -22.05
CA VAL F 357 129.68 -13.75 -22.74
C VAL F 357 129.45 -12.75 -23.86
N GLU F 358 128.46 -13.04 -24.71
CA GLU F 358 128.24 -12.23 -25.91
C GLU F 358 127.21 -11.14 -25.67
N HIS F 359 126.52 -11.20 -24.54
CA HIS F 359 125.37 -10.33 -24.32
C HIS F 359 125.31 -9.84 -22.87
N PRO F 360 124.82 -8.62 -22.63
CA PRO F 360 124.76 -8.13 -21.26
C PRO F 360 123.62 -8.72 -20.46
N ARG F 361 122.54 -9.12 -21.11
CA ARG F 361 121.41 -9.69 -20.36
C ARG F 361 121.71 -11.11 -19.91
N ALA F 362 122.54 -11.83 -20.68
CA ALA F 362 122.87 -13.20 -20.32
C ALA F 362 124.07 -13.28 -19.40
N LEU F 363 124.31 -12.24 -18.62
CA LEU F 363 125.47 -12.20 -17.75
C LEU F 363 125.19 -12.98 -16.46
N PRO F 364 126.18 -13.67 -15.89
CA PRO F 364 125.94 -14.43 -14.67
C PRO F 364 125.60 -13.51 -13.50
N ALA F 365 124.50 -13.85 -12.80
CA ALA F 365 123.94 -12.96 -11.81
C ALA F 365 124.95 -12.56 -10.75
N GLU F 366 125.81 -13.50 -10.36
CA GLU F 366 126.86 -13.17 -9.40
C GLU F 366 127.77 -12.07 -9.94
N ALA F 367 127.90 -11.97 -11.26
CA ALA F 367 128.66 -10.86 -11.83
C ALA F 367 127.82 -9.59 -11.86
N ARG F 368 126.53 -9.71 -12.21
CA ARG F 368 125.68 -8.53 -12.30
C ARG F 368 125.50 -7.87 -10.95
N ARG F 369 125.73 -8.62 -9.87
CA ARG F 369 125.63 -8.04 -8.53
C ARG F 369 126.59 -6.88 -8.37
N GLU F 370 127.81 -7.00 -8.91
CA GLU F 370 128.78 -5.93 -8.79
C GLU F 370 128.39 -4.72 -9.62
N LEU F 371 127.85 -4.95 -10.81
CA LEU F 371 127.37 -3.84 -11.63
C LEU F 371 126.28 -3.07 -10.90
N VAL F 372 125.24 -3.78 -10.45
CA VAL F 372 124.17 -3.13 -9.69
C VAL F 372 124.73 -2.44 -8.45
N ARG F 373 125.78 -3.02 -7.85
CA ARG F 373 126.42 -2.40 -6.71
C ARG F 373 127.05 -1.07 -7.08
N ARG F 374 127.61 -0.98 -8.29
CA ARG F 374 128.29 0.26 -8.68
C ARG F 374 127.29 1.37 -8.98
N HIS F 375 126.45 1.18 -10.00
CA HIS F 375 125.63 2.24 -10.55
C HIS F 375 124.15 1.91 -10.41
N ALA F 376 123.43 2.73 -9.66
CA ALA F 376 122.03 2.49 -9.33
C ALA F 376 121.10 2.54 -10.53
N GLU F 377 121.61 2.78 -11.74
CA GLU F 377 120.78 2.92 -12.92
C GLU F 377 120.62 1.61 -13.68
N LEU F 378 121.68 0.83 -13.76
CA LEU F 378 121.64 -0.42 -14.50
C LEU F 378 120.95 -1.53 -13.73
N ALA F 379 120.21 -1.20 -12.67
CA ALA F 379 119.66 -2.24 -11.81
C ALA F 379 118.51 -2.97 -12.47
N VAL F 380 117.42 -2.25 -12.78
CA VAL F 380 116.19 -2.92 -13.22
C VAL F 380 116.32 -3.61 -14.57
N PRO F 381 117.20 -3.21 -15.49
CA PRO F 381 117.39 -4.03 -16.69
C PRO F 381 118.15 -5.33 -16.44
N LEU F 382 118.53 -5.62 -15.20
CA LEU F 382 119.34 -6.81 -14.92
C LEU F 382 118.88 -7.64 -13.75
N GLY F 383 118.07 -7.11 -12.84
CA GLY F 383 117.70 -7.86 -11.65
C GLY F 383 116.43 -8.66 -11.73
N ASP F 384 115.33 -8.02 -12.12
CA ASP F 384 114.06 -8.71 -12.26
C ASP F 384 114.19 -9.86 -13.25
N GLU F 385 113.32 -10.85 -13.10
CA GLU F 385 113.25 -11.95 -14.06
C GLU F 385 112.87 -11.43 -15.45
N GLU F 386 111.65 -10.90 -15.56
CA GLU F 386 111.16 -10.33 -16.82
C GLU F 386 110.88 -8.86 -16.61
N PRO F 387 111.59 -7.97 -17.30
CA PRO F 387 111.30 -6.54 -17.16
C PRO F 387 110.00 -6.19 -17.85
N PRO F 388 109.35 -5.10 -17.44
CA PRO F 388 108.08 -4.73 -18.08
C PRO F 388 108.19 -4.45 -19.57
N LEU F 389 109.33 -3.93 -20.03
CA LEU F 389 109.55 -3.60 -21.42
C LEU F 389 110.84 -4.25 -21.90
N PRO F 390 110.89 -4.67 -23.16
CA PRO F 390 112.12 -5.28 -23.67
C PRO F 390 113.30 -4.33 -23.57
N VAL F 391 114.45 -4.88 -23.19
CA VAL F 391 115.63 -4.10 -22.85
C VAL F 391 116.71 -4.32 -23.90
N PHE F 392 117.54 -3.29 -24.09
CA PHE F 392 118.68 -3.35 -25.00
C PHE F 392 118.23 -3.56 -26.43
N ASP F 393 117.26 -2.74 -26.86
CA ASP F 393 116.80 -2.70 -28.24
C ASP F 393 116.28 -1.30 -28.51
N ALA F 394 116.69 -0.72 -29.64
CA ALA F 394 116.32 0.64 -29.97
C ALA F 394 114.84 0.79 -30.31
N THR F 395 114.06 -0.29 -30.23
CA THR F 395 112.67 -0.30 -30.66
C THR F 395 111.73 -0.69 -29.52
N ALA F 396 111.90 -0.07 -28.36
CA ALA F 396 111.03 -0.39 -27.23
C ALA F 396 109.63 0.20 -27.44
N GLU F 397 109.57 1.51 -27.69
CA GLU F 397 108.28 2.17 -27.83
C GLU F 397 107.49 1.61 -29.01
N LEU F 398 108.18 1.24 -30.09
CA LEU F 398 107.48 0.63 -31.22
C LEU F 398 106.79 -0.64 -30.80
N VAL F 399 107.51 -1.52 -30.11
CA VAL F 399 106.91 -2.77 -29.66
C VAL F 399 105.74 -2.48 -28.73
N LEU F 400 105.87 -1.48 -27.86
CA LEU F 400 104.79 -1.18 -26.93
C LEU F 400 103.53 -0.74 -27.68
N LEU F 401 103.68 0.17 -28.64
CA LEU F 401 102.51 0.64 -29.38
C LEU F 401 101.91 -0.48 -30.21
N GLU F 402 102.75 -1.32 -30.83
CA GLU F 402 102.21 -2.41 -31.63
C GLU F 402 101.44 -3.39 -30.78
N ARG F 403 101.94 -3.71 -29.60
CA ARG F 403 101.23 -4.64 -28.72
C ARG F 403 99.91 -4.03 -28.25
N PHE F 404 99.92 -2.74 -27.88
CA PHE F 404 98.69 -2.10 -27.44
C PHE F 404 97.65 -2.12 -28.55
N ARG F 405 98.06 -1.79 -29.77
CA ARG F 405 97.11 -1.79 -30.88
C ARG F 405 96.59 -3.19 -31.16
N ASN F 406 97.46 -4.20 -31.08
CA ASN F 406 97.01 -5.57 -31.27
C ASN F 406 95.95 -5.91 -30.23
N ALA F 407 96.14 -5.49 -28.99
CA ALA F 407 95.15 -5.78 -27.97
C ALA F 407 93.82 -5.10 -28.26
N CYS F 408 93.85 -3.81 -28.64
CA CYS F 408 92.61 -3.10 -28.91
C CYS F 408 91.86 -3.73 -30.08
N VAL F 409 92.58 -4.08 -31.14
CA VAL F 409 91.93 -4.65 -32.32
C VAL F 409 91.39 -6.03 -32.01
N ARG F 410 92.14 -6.83 -31.23
CA ARG F 410 91.62 -8.12 -30.82
C ARG F 410 90.31 -7.95 -30.07
N ALA F 411 90.26 -6.96 -29.18
CA ALA F 411 89.02 -6.68 -28.45
C ALA F 411 87.87 -6.39 -29.41
N LEU F 412 88.04 -5.39 -30.26
CA LEU F 412 86.92 -4.97 -31.13
C LEU F 412 86.49 -6.10 -32.05
N LEU F 413 87.44 -6.78 -32.66
CA LEU F 413 87.11 -7.84 -33.60
C LEU F 413 86.42 -9.00 -32.88
N ALA F 414 86.87 -9.34 -31.68
CA ALA F 414 86.20 -10.39 -30.92
C ALA F 414 84.78 -9.97 -30.57
N GLY F 415 84.58 -8.68 -30.31
CA GLY F 415 83.24 -8.22 -29.96
C GLY F 415 82.27 -8.36 -31.12
N VAL F 416 82.63 -7.81 -32.28
CA VAL F 416 81.76 -7.96 -33.45
C VAL F 416 81.61 -9.43 -33.82
N ARG F 417 82.68 -10.21 -33.62
CA ARG F 417 82.65 -11.65 -33.87
C ARG F 417 81.59 -12.33 -33.03
N GLU F 418 81.57 -12.06 -31.72
CA GLU F 418 80.59 -12.69 -30.86
C GLU F 418 79.19 -12.20 -31.17
N SER F 419 79.05 -10.93 -31.54
CA SER F 419 77.71 -10.42 -31.81
C SER F 419 77.13 -10.95 -33.11
N VAL F 420 77.97 -11.37 -34.05
CA VAL F 420 77.50 -11.93 -35.31
C VAL F 420 77.50 -13.45 -35.33
N ARG F 421 78.23 -14.11 -34.41
CA ARG F 421 78.38 -15.56 -34.42
C ARG F 421 77.03 -16.26 -34.58
N ARG F 422 76.12 -16.06 -33.63
CA ARG F 422 74.78 -16.58 -33.79
C ARG F 422 74.18 -16.06 -35.08
N GLU F 423 73.55 -16.95 -35.86
CA GLU F 423 73.12 -16.65 -37.22
C GLU F 423 72.05 -15.57 -37.18
N PRO F 424 72.40 -14.33 -37.51
CA PRO F 424 71.53 -13.21 -37.17
C PRO F 424 70.62 -12.73 -38.29
N ARG F 425 69.72 -11.82 -37.92
CA ARG F 425 69.00 -10.95 -38.83
C ARG F 425 69.02 -9.57 -38.18
N MET F 426 69.70 -8.62 -38.79
CA MET F 426 69.99 -7.35 -38.15
C MET F 426 68.92 -6.31 -38.48
N ARG F 427 68.47 -5.62 -37.44
CA ARG F 427 67.40 -4.64 -37.56
C ARG F 427 68.01 -3.25 -37.64
N GLN F 428 67.51 -2.43 -38.56
CA GLN F 428 68.14 -1.12 -38.77
C GLN F 428 67.90 -0.26 -37.54
N ILE F 429 68.96 -0.05 -36.75
CA ILE F 429 68.83 0.60 -35.47
C ILE F 429 68.76 2.12 -35.55
N ILE F 430 68.77 2.68 -36.75
CA ILE F 430 68.70 4.12 -36.94
C ILE F 430 67.62 4.45 -37.96
N GLU F 431 66.90 5.53 -37.72
CA GLU F 431 65.74 5.88 -38.53
C GLU F 431 66.21 6.54 -39.82
N PHE F 432 65.79 5.99 -40.95
CA PHE F 432 66.16 6.50 -42.27
C PHE F 432 65.09 6.07 -43.27
N ALA F 433 64.34 7.04 -43.77
CA ALA F 433 63.32 6.74 -44.77
C ALA F 433 64.00 6.45 -46.12
N ILE F 434 63.71 5.30 -46.69
CA ILE F 434 64.37 4.85 -47.91
C ILE F 434 63.38 4.95 -49.06
N ARG F 435 63.77 5.64 -50.13
CA ARG F 435 62.91 5.85 -51.27
C ARG F 435 62.51 4.50 -51.88
N PRO F 436 61.40 4.46 -52.62
CA PRO F 436 60.87 3.17 -53.07
C PRO F 436 61.59 2.56 -54.25
N ARG F 437 62.45 3.32 -54.94
CA ARG F 437 63.24 2.73 -56.01
C ARG F 437 64.55 2.14 -55.49
N ASP F 438 64.87 2.33 -54.21
CA ASP F 438 66.15 1.91 -53.67
C ASP F 438 66.09 0.55 -52.98
N ARG F 439 65.03 -0.22 -53.18
CA ARG F 439 65.04 -1.58 -52.65
C ARG F 439 66.17 -2.39 -53.26
N GLU F 440 66.53 -2.09 -54.51
CA GLU F 440 67.68 -2.75 -55.12
C GLU F 440 68.95 -2.45 -54.35
N ALA F 441 69.14 -1.21 -53.93
CA ALA F 441 70.39 -0.85 -53.26
C ALA F 441 70.51 -1.52 -51.89
N VAL F 442 69.40 -1.58 -51.15
CA VAL F 442 69.49 -2.24 -49.85
C VAL F 442 69.65 -3.75 -50.03
N LEU F 443 69.09 -4.31 -51.11
CA LEU F 443 69.33 -5.71 -51.41
C LEU F 443 70.80 -5.94 -51.74
N ASP F 444 71.43 -4.97 -52.41
CA ASP F 444 72.85 -5.09 -52.69
C ASP F 444 73.67 -5.03 -51.41
N VAL F 445 73.31 -4.12 -50.50
CA VAL F 445 73.99 -4.10 -49.20
C VAL F 445 73.85 -5.45 -48.53
N ALA F 446 72.66 -6.04 -48.59
CA ALA F 446 72.46 -7.38 -48.05
C ALA F 446 73.40 -8.38 -48.69
N GLY F 447 73.60 -8.27 -50.01
CA GLY F 447 74.46 -9.21 -50.68
C GLY F 447 75.92 -9.07 -50.30
N ARG F 448 76.38 -7.84 -50.08
CA ARG F 448 77.81 -7.63 -49.87
C ARG F 448 78.18 -7.47 -48.40
N ALA F 449 77.24 -7.57 -47.47
CA ALA F 449 77.59 -7.52 -46.05
C ALA F 449 78.68 -8.49 -45.63
N PRO F 450 78.64 -9.79 -46.00
CA PRO F 450 79.69 -10.70 -45.49
C PRO F 450 81.09 -10.34 -45.98
N ALA F 451 81.27 -10.21 -47.28
CA ALA F 451 82.58 -9.85 -47.80
C ALA F 451 83.01 -8.49 -47.29
N LEU F 452 82.07 -7.58 -47.08
CA LEU F 452 82.41 -6.27 -46.53
C LEU F 452 82.98 -6.41 -45.13
N LEU F 453 82.33 -7.20 -44.28
CA LEU F 453 82.85 -7.39 -42.93
C LEU F 453 84.20 -8.08 -42.94
N ASP F 454 84.38 -9.06 -43.83
CA ASP F 454 85.67 -9.76 -43.90
C ASP F 454 86.78 -8.80 -44.30
N ALA F 455 86.55 -8.03 -45.37
CA ALA F 455 87.57 -7.07 -45.79
C ALA F 455 87.83 -6.04 -44.70
N PHE F 456 86.79 -5.66 -43.95
CA PHE F 456 87.00 -4.71 -42.86
C PHE F 456 87.91 -5.29 -41.80
N ALA F 457 87.71 -6.56 -41.45
CA ALA F 457 88.59 -7.19 -40.48
C ALA F 457 90.03 -7.22 -40.98
N ARG F 458 90.22 -7.70 -42.23
CA ARG F 458 91.56 -7.74 -42.81
C ARG F 458 92.22 -6.37 -42.73
N ARG F 459 91.52 -5.33 -43.18
CA ARG F 459 92.09 -3.99 -43.20
C ARG F 459 92.46 -3.54 -41.80
N LEU F 460 91.48 -3.49 -40.90
CA LEU F 460 91.74 -3.06 -39.53
C LEU F 460 92.89 -3.84 -38.90
N GLU F 461 93.15 -5.05 -39.36
CA GLU F 461 94.28 -5.80 -38.82
C GLU F 461 95.60 -5.31 -39.41
N HIS F 462 95.71 -5.32 -40.74
CA HIS F 462 97.01 -5.13 -41.40
C HIS F 462 97.59 -3.73 -41.21
N THR F 463 96.78 -2.74 -40.89
CA THR F 463 97.26 -1.37 -40.86
C THR F 463 98.38 -1.22 -39.82
N PRO F 464 99.31 -0.27 -40.05
CA PRO F 464 100.37 -0.03 -39.07
C PRO F 464 99.84 0.64 -37.81
N ALA F 465 100.73 0.99 -36.89
CA ALA F 465 100.32 1.57 -35.61
C ALA F 465 100.40 3.09 -35.58
N ARG F 466 101.34 3.69 -36.31
CA ARG F 466 101.45 5.14 -36.31
C ARG F 466 100.18 5.81 -36.82
N GLU F 467 99.51 5.18 -37.78
CA GLU F 467 98.31 5.76 -38.36
C GLU F 467 97.07 5.53 -37.51
N MET F 468 97.14 4.63 -36.52
CA MET F 468 95.95 4.27 -35.77
C MET F 468 95.79 5.10 -34.50
N VAL F 469 96.89 5.58 -33.93
CA VAL F 469 96.84 6.17 -32.60
C VAL F 469 95.93 7.39 -32.55
N ASP F 470 95.88 8.16 -33.63
CA ASP F 470 95.00 9.34 -33.63
C ASP F 470 93.54 8.96 -33.82
N SER F 471 93.25 7.73 -34.23
CA SER F 471 91.88 7.33 -34.51
C SER F 471 91.08 7.21 -33.22
N GLY F 472 89.80 6.86 -33.38
CA GLY F 472 88.91 6.76 -32.24
C GLY F 472 89.02 5.46 -31.49
N LEU F 473 89.48 4.40 -32.14
CA LEU F 473 89.61 3.11 -31.47
C LEU F 473 90.54 3.22 -30.27
N MET F 474 91.81 3.56 -30.52
CA MET F 474 92.74 3.71 -29.41
C MET F 474 92.36 4.87 -28.51
N THR F 475 91.65 5.86 -29.03
CA THR F 475 91.16 6.94 -28.17
C THR F 475 90.26 6.39 -27.08
N ALA F 476 89.23 5.65 -27.47
CA ALA F 476 88.32 5.12 -26.46
C ALA F 476 88.96 4.02 -25.65
N ALA F 477 89.93 3.30 -26.21
CA ALA F 477 90.66 2.33 -25.40
C ALA F 477 91.44 3.02 -24.29
N ALA F 478 92.09 4.15 -24.59
CA ALA F 478 92.76 4.92 -23.56
C ALA F 478 91.77 5.50 -22.57
N ALA F 479 90.61 5.94 -23.06
CA ALA F 479 89.60 6.46 -22.15
C ALA F 479 89.11 5.37 -21.21
N HIS F 480 89.05 4.13 -21.68
CA HIS F 480 88.69 3.01 -20.83
C HIS F 480 89.76 2.72 -19.79
N LEU F 481 91.02 2.65 -20.24
CA LEU F 481 92.13 2.39 -19.33
C LEU F 481 92.30 3.51 -18.32
N ALA F 482 91.80 4.71 -18.63
CA ALA F 482 92.01 5.85 -17.74
C ALA F 482 91.36 5.66 -16.38
N ALA F 483 90.30 4.86 -16.30
CA ALA F 483 89.63 4.68 -15.02
C ALA F 483 90.39 3.70 -14.13
N ARG F 484 90.64 2.48 -14.63
CA ARG F 484 91.26 1.45 -13.83
C ARG F 484 92.70 1.77 -13.43
N ALA F 485 93.29 2.83 -13.96
CA ALA F 485 94.69 3.10 -13.72
C ALA F 485 94.96 3.63 -12.31
N THR F 486 93.93 4.03 -11.57
CA THR F 486 94.06 4.52 -10.20
C THR F 486 94.85 5.83 -10.11
N ALA F 487 94.94 6.58 -11.20
CA ALA F 487 95.64 7.85 -11.22
C ALA F 487 95.02 8.77 -12.25
N GLY F 488 95.04 10.07 -11.97
CA GLY F 488 94.41 11.01 -12.87
C GLY F 488 95.14 11.13 -14.19
N TYR F 489 94.38 11.49 -15.24
CA TYR F 489 94.94 11.62 -16.57
C TYR F 489 94.07 12.58 -17.38
N VAL F 490 94.73 13.43 -18.16
CA VAL F 490 94.06 14.43 -18.98
C VAL F 490 94.55 14.28 -20.42
N THR F 491 93.63 14.43 -21.37
CA THR F 491 93.99 14.36 -22.78
C THR F 491 94.83 15.57 -23.17
N PHE F 492 95.37 15.55 -24.39
CA PHE F 492 96.10 16.70 -24.91
C PHE F 492 95.17 17.78 -25.47
N GLU F 493 94.45 17.45 -26.54
CA GLU F 493 93.75 18.46 -27.32
C GLU F 493 92.24 18.30 -27.36
N SER F 494 91.68 17.36 -26.61
CA SER F 494 90.25 17.11 -26.62
C SER F 494 89.72 17.04 -25.20
N GLY F 495 88.60 17.71 -24.97
CA GLY F 495 87.90 17.60 -23.72
C GLY F 495 87.52 16.16 -23.47
N PRO F 496 87.36 15.78 -22.20
CA PRO F 496 87.03 14.39 -21.88
C PRO F 496 85.81 13.90 -22.65
N LEU F 497 85.72 12.59 -22.80
CA LEU F 497 84.76 12.01 -23.73
C LEU F 497 83.33 12.10 -23.21
N LEU F 498 83.13 12.07 -21.89
CA LEU F 498 81.81 12.23 -21.27
C LEU F 498 80.85 11.14 -21.78
N GLY F 499 81.15 9.91 -21.36
CA GLY F 499 80.55 8.69 -21.86
C GLY F 499 79.09 8.76 -22.26
N GLY F 500 78.78 8.17 -23.40
CA GLY F 500 77.49 8.33 -24.04
C GLY F 500 77.71 8.75 -25.48
N VAL F 501 78.89 9.27 -25.73
CA VAL F 501 79.31 9.71 -27.06
C VAL F 501 80.15 8.62 -27.69
N PHE F 502 79.77 8.19 -28.89
CA PHE F 502 80.49 7.17 -29.62
C PHE F 502 81.39 7.86 -30.64
N LEU F 503 82.68 7.57 -30.60
CA LEU F 503 83.61 8.15 -31.56
C LEU F 503 83.71 7.24 -32.78
N PHE F 504 83.34 7.78 -33.94
CA PHE F 504 83.23 6.98 -35.15
C PHE F 504 84.51 7.02 -35.98
N ASP F 505 84.80 5.91 -36.63
CA ASP F 505 85.81 5.82 -37.68
C ASP F 505 85.16 5.18 -38.89
N TYR F 506 85.07 5.91 -39.99
CA TYR F 506 84.40 5.36 -41.16
C TYR F 506 85.34 4.45 -41.94
N TYR F 507 84.77 3.79 -42.95
CA TYR F 507 85.54 3.00 -43.88
C TYR F 507 84.75 2.92 -45.17
N SER F 508 85.45 3.01 -46.30
CA SER F 508 84.78 2.93 -47.58
C SER F 508 84.10 1.58 -47.74
N ALA F 509 83.06 1.55 -48.56
CA ALA F 509 82.28 0.33 -48.76
C ALA F 509 82.35 -0.21 -50.17
N GLY F 510 83.14 0.40 -51.05
CA GLY F 510 83.22 -0.02 -52.43
C GLY F 510 84.61 -0.50 -52.79
N GLY F 511 84.67 -1.73 -53.31
CA GLY F 511 85.93 -2.27 -53.78
C GLY F 511 86.99 -2.25 -52.70
N GLU F 512 87.98 -1.40 -52.89
CA GLU F 512 89.04 -1.26 -51.90
C GLU F 512 88.49 -0.58 -50.66
N VAL F 513 88.94 -1.02 -49.49
CA VAL F 513 88.42 -0.54 -48.22
C VAL F 513 89.52 0.26 -47.53
N ILE F 514 89.32 1.56 -47.40
CA ILE F 514 90.29 2.45 -46.75
C ILE F 514 89.52 3.41 -45.84
N ARG F 515 90.13 3.77 -44.72
CA ARG F 515 89.56 4.80 -43.87
C ARG F 515 89.48 6.12 -44.63
N VAL F 516 88.45 6.91 -44.32
CA VAL F 516 88.24 8.18 -45.02
C VAL F 516 88.39 9.35 -44.07
N THR F 517 88.01 9.17 -42.81
CA THR F 517 88.01 10.27 -41.87
C THR F 517 89.41 10.50 -41.31
N ARG F 518 89.83 11.77 -41.31
CA ARG F 518 91.10 12.12 -40.68
C ARG F 518 90.96 12.22 -39.17
N ALA F 519 89.99 13.00 -38.69
CA ALA F 519 89.70 13.08 -37.27
C ALA F 519 88.41 12.33 -36.96
N PRO F 520 88.30 11.74 -35.77
CA PRO F 520 87.09 11.00 -35.43
C PRO F 520 85.89 11.93 -35.35
N LEU F 521 84.70 11.32 -35.44
CA LEU F 521 83.45 12.05 -35.40
C LEU F 521 82.74 11.75 -34.09
N ALA F 522 82.32 12.78 -33.39
CA ALA F 522 81.75 12.64 -32.05
C ALA F 522 80.24 12.63 -32.16
N VAL F 523 79.66 11.45 -32.33
CA VAL F 523 78.21 11.29 -32.41
C VAL F 523 77.70 10.86 -31.05
N ALA F 524 76.43 11.13 -30.80
CA ALA F 524 75.80 10.81 -29.51
C ALA F 524 74.53 10.03 -29.78
N VAL F 525 74.44 8.83 -29.24
CA VAL F 525 73.27 8.00 -29.41
C VAL F 525 72.26 8.35 -28.33
N GLU F 526 70.98 8.11 -28.61
CA GLU F 526 69.91 8.43 -27.70
C GLU F 526 68.75 7.48 -28.00
N PRO F 527 68.27 6.73 -27.01
CA PRO F 527 67.20 5.76 -27.28
C PRO F 527 65.93 6.46 -27.74
N ALA F 528 65.38 6.00 -28.86
CA ALA F 528 64.18 6.59 -29.45
C ALA F 528 63.14 5.51 -29.73
N THR F 529 62.14 5.85 -30.54
CA THR F 529 60.95 5.02 -30.76
C THR F 529 61.29 3.55 -30.99
N ARG F 530 60.74 2.69 -30.13
CA ARG F 530 60.73 1.24 -30.33
C ARG F 530 62.13 0.63 -30.42
N GLY F 531 63.08 1.15 -29.65
CA GLY F 531 64.42 0.62 -29.70
C GLY F 531 65.13 0.96 -30.99
N GLN F 532 65.18 2.24 -31.33
CA GLN F 532 65.90 2.73 -32.51
C GLN F 532 66.59 4.01 -32.09
N PHE F 533 67.85 3.89 -31.69
CA PHE F 533 68.54 5.02 -31.09
C PHE F 533 68.71 6.14 -32.12
N ALA F 534 68.58 7.36 -31.63
CA ALA F 534 68.65 8.54 -32.48
C ALA F 534 70.08 9.10 -32.47
N CYS F 535 70.56 9.46 -33.65
CA CYS F 535 71.91 9.99 -33.82
C CYS F 535 71.87 11.51 -33.81
N ARG F 536 72.94 12.11 -33.31
CA ARG F 536 73.18 13.54 -33.26
C ARG F 536 74.60 13.73 -32.79
N PHE F 537 75.29 14.74 -33.32
CA PHE F 537 76.73 14.82 -33.08
C PHE F 537 77.17 16.25 -32.88
N ARG F 538 77.88 16.50 -31.78
CA ARG F 538 78.48 17.79 -31.51
C ARG F 538 79.98 17.63 -31.31
N GLY F 539 80.73 18.63 -31.74
CA GLY F 539 82.17 18.58 -31.77
C GLY F 539 82.75 18.47 -33.15
N ALA F 540 82.18 17.61 -34.00
CA ALA F 540 82.56 17.50 -35.39
C ALA F 540 81.38 17.89 -36.26
N SER F 541 81.66 18.15 -37.53
CA SER F 541 80.61 18.54 -38.48
C SER F 541 80.95 17.86 -39.81
N HIS F 542 80.41 16.66 -39.99
CA HIS F 542 80.68 15.85 -41.17
C HIS F 542 79.40 15.14 -41.57
N ARG F 543 78.88 15.49 -42.73
CA ARG F 543 77.56 15.02 -43.15
C ARG F 543 77.56 13.51 -43.33
N CYS F 544 76.36 12.96 -43.53
CA CYS F 544 76.18 11.52 -43.72
C CYS F 544 76.71 10.77 -42.51
N LEU F 545 76.03 10.98 -41.38
CA LEU F 545 76.63 10.74 -40.07
C LEU F 545 76.91 9.27 -39.72
N PRO F 546 75.97 8.43 -39.24
CA PRO F 546 76.10 7.01 -39.57
C PRO F 546 75.13 6.53 -40.63
N GLY F 547 75.54 5.56 -41.43
CA GLY F 547 74.64 4.83 -42.32
C GLY F 547 73.68 5.65 -43.16
N GLU F 548 73.93 6.95 -43.30
CA GLU F 548 73.04 7.78 -44.10
C GLU F 548 73.25 7.50 -45.58
N SER F 549 74.46 7.68 -46.07
CA SER F 549 74.78 7.48 -47.47
C SER F 549 75.51 6.16 -47.65
N TYR F 550 75.45 5.64 -48.87
CA TYR F 550 76.23 4.47 -49.21
C TYR F 550 77.71 4.80 -49.11
N ALA F 551 78.54 3.80 -49.32
CA ALA F 551 79.99 3.97 -49.31
C ALA F 551 80.46 4.58 -48.00
N TYR F 552 79.90 4.09 -46.89
CA TYR F 552 80.40 4.48 -45.57
C TYR F 552 80.00 3.39 -44.59
N LEU F 553 80.96 2.54 -44.24
CA LEU F 553 80.78 1.65 -43.10
C LEU F 553 81.17 2.42 -41.84
N CYS F 554 80.32 2.40 -40.82
CA CYS F 554 80.50 3.22 -39.64
C CYS F 554 80.71 2.33 -38.43
N VAL F 555 81.82 2.55 -37.72
CA VAL F 555 82.10 1.85 -36.47
C VAL F 555 82.40 2.88 -35.41
N GLY F 556 82.03 2.57 -34.17
CA GLY F 556 82.33 3.46 -33.07
C GLY F 556 82.22 2.82 -31.71
N VAL F 557 83.14 3.17 -30.82
CA VAL F 557 83.21 2.57 -29.50
C VAL F 557 83.13 3.66 -28.44
N SER F 558 82.31 3.41 -27.42
CA SER F 558 82.07 4.37 -26.37
C SER F 558 83.16 4.28 -25.31
N ARG F 559 83.17 5.28 -24.42
CA ARG F 559 84.12 5.24 -23.32
C ARG F 559 83.98 3.96 -22.52
N ASP F 560 82.75 3.51 -22.31
CA ASP F 560 82.48 2.24 -21.67
C ASP F 560 82.84 1.05 -22.54
N LEU F 561 83.36 1.30 -23.73
CA LEU F 561 83.75 0.27 -24.69
C LEU F 561 82.55 -0.62 -25.04
N ARG F 562 81.56 0.01 -25.66
CA ARG F 562 80.42 -0.68 -26.26
C ARG F 562 80.34 -0.23 -27.70
N ALA F 563 80.54 -1.15 -28.63
CA ALA F 563 80.67 -0.81 -30.04
C ALA F 563 79.36 -1.06 -30.78
N LEU F 564 79.16 -0.30 -31.85
CA LEU F 564 78.08 -0.57 -32.80
C LEU F 564 78.64 -0.51 -34.20
N VAL F 565 77.95 -1.16 -35.13
CA VAL F 565 78.36 -1.21 -36.52
C VAL F 565 77.14 -0.86 -37.35
N VAL F 566 77.28 0.13 -38.23
CA VAL F 566 76.17 0.64 -39.00
C VAL F 566 76.53 0.52 -40.48
N LEU F 567 75.96 -0.48 -41.14
CA LEU F 567 76.07 -0.59 -42.58
C LEU F 567 75.29 0.53 -43.25
N PRO F 568 75.45 0.75 -44.55
CA PRO F 568 74.63 1.76 -45.22
C PRO F 568 73.16 1.42 -45.12
N GLY F 569 72.33 2.45 -45.16
CA GLY F 569 70.91 2.30 -45.00
C GLY F 569 70.43 2.31 -43.57
N GLY F 570 71.34 2.12 -42.61
CA GLY F 570 70.99 2.14 -41.20
C GLY F 570 71.03 0.79 -40.53
N PHE F 571 71.27 -0.28 -41.27
CA PHE F 571 71.24 -1.62 -40.69
C PHE F 571 72.49 -1.89 -39.88
N GLY F 572 72.32 -2.61 -38.78
CA GLY F 572 73.44 -2.95 -37.94
C GLY F 572 73.08 -3.65 -36.65
N PHE F 573 73.89 -3.43 -35.62
CA PHE F 573 73.72 -4.09 -34.33
C PHE F 573 74.64 -3.47 -33.30
N PHE F 574 74.27 -3.56 -32.03
CA PHE F 574 75.23 -3.21 -31.00
C PHE F 574 76.19 -4.38 -30.78
N ALA F 575 77.18 -4.17 -29.92
CA ALA F 575 78.13 -5.21 -29.56
C ALA F 575 78.92 -4.80 -28.34
N THR F 576 79.09 -5.71 -27.38
CA THR F 576 79.89 -5.41 -26.21
C THR F 576 81.36 -5.60 -26.53
N LEU F 577 82.22 -5.18 -25.60
CA LEU F 577 83.66 -5.29 -25.79
C LEU F 577 84.33 -5.61 -24.46
N ARG F 578 85.20 -6.62 -24.46
CA ARG F 578 85.98 -6.99 -23.30
C ARG F 578 87.45 -6.80 -23.62
N LEU F 579 88.08 -5.83 -22.97
CA LEU F 579 89.48 -5.53 -23.17
C LEU F 579 90.32 -6.40 -22.23
N GLU F 580 91.23 -7.18 -22.80
CA GLU F 580 92.09 -8.08 -22.04
C GLU F 580 93.50 -7.55 -22.11
N TRP F 581 94.00 -6.99 -21.00
CA TRP F 581 95.31 -6.41 -21.02
C TRP F 581 95.88 -6.40 -19.62
N PRO F 582 97.17 -6.68 -19.44
CA PRO F 582 97.74 -6.74 -18.10
C PRO F 582 97.57 -5.42 -17.35
N ALA F 583 97.85 -5.48 -16.05
CA ALA F 583 97.77 -4.30 -15.21
C ALA F 583 99.13 -3.70 -14.90
N ALA F 584 100.20 -4.49 -15.02
CA ALA F 584 101.53 -3.98 -14.67
C ALA F 584 102.06 -2.98 -15.68
N LEU F 585 101.34 -2.73 -16.78
CA LEU F 585 101.82 -1.84 -17.82
C LEU F 585 100.85 -0.71 -18.12
N VAL F 586 99.81 -0.53 -17.31
CA VAL F 586 98.78 0.45 -17.63
C VAL F 586 99.32 1.87 -17.51
N ASP F 587 100.03 2.16 -16.44
CA ASP F 587 100.53 3.51 -16.20
C ASP F 587 101.58 3.93 -17.24
N PRO F 588 102.45 3.05 -17.73
CA PRO F 588 103.29 3.44 -18.87
C PRO F 588 102.49 3.95 -20.06
N VAL F 589 101.56 3.13 -20.54
CA VAL F 589 100.81 3.49 -21.74
C VAL F 589 100.03 4.77 -21.50
N LEU F 590 99.46 4.93 -20.30
CA LEU F 590 98.71 6.15 -20.05
C LEU F 590 99.60 7.36 -19.82
N GLU F 591 100.87 7.16 -19.47
CA GLU F 591 101.78 8.28 -19.48
C GLU F 591 102.14 8.69 -20.89
N ARG F 592 102.14 7.73 -21.81
CA ARG F 592 102.46 8.02 -23.19
C ARG F 592 101.27 8.50 -24.02
N LEU F 593 100.04 8.34 -23.53
CA LEU F 593 98.86 8.76 -24.28
C LEU F 593 98.01 9.79 -23.53
N CYS F 594 98.51 10.36 -22.45
CA CYS F 594 97.78 11.35 -21.66
C CYS F 594 98.81 12.30 -21.05
N ARG F 595 98.42 13.04 -20.02
CA ARG F 595 99.33 13.99 -19.40
C ARG F 595 99.62 13.72 -17.93
N ARG F 596 98.72 13.10 -17.19
CA ARG F 596 98.92 12.76 -15.78
C ARG F 596 99.16 14.01 -14.94
N VAL F 597 98.16 14.89 -14.93
CA VAL F 597 98.16 16.05 -14.06
C VAL F 597 96.86 16.11 -13.27
N SER G 2 -40.86 -111.69 -108.27
CA SER G 2 -42.19 -112.28 -108.18
C SER G 2 -42.99 -111.98 -109.44
N PHE G 3 -42.53 -111.00 -110.20
CA PHE G 3 -43.18 -110.59 -111.44
C PHE G 3 -42.23 -109.63 -112.15
N ASP G 4 -42.64 -109.17 -113.33
CA ASP G 4 -41.85 -108.18 -114.02
C ASP G 4 -42.55 -106.84 -113.99
N PRO G 5 -41.83 -105.74 -113.77
CA PRO G 5 -42.50 -104.44 -113.65
C PRO G 5 -43.03 -103.92 -114.98
N ASN G 6 -42.35 -104.22 -116.09
CA ASN G 6 -42.74 -103.63 -117.38
C ASN G 6 -44.09 -104.13 -117.86
N ASN G 7 -44.65 -105.14 -117.20
CA ASN G 7 -45.99 -105.61 -117.53
C ASN G 7 -46.87 -105.57 -116.28
N PRO G 8 -47.86 -104.68 -116.22
CA PRO G 8 -48.78 -104.68 -115.07
C PRO G 8 -49.76 -105.85 -115.08
N ARG G 9 -50.02 -106.46 -116.24
CA ARG G 9 -51.03 -107.50 -116.33
C ARG G 9 -50.61 -108.80 -115.63
N THR G 10 -49.38 -108.86 -115.11
CA THR G 10 -48.86 -110.10 -114.56
C THR G 10 -48.96 -110.17 -113.04
N ILE G 11 -49.43 -109.12 -112.37
CA ILE G 11 -49.56 -109.19 -110.92
C ILE G 11 -50.95 -109.67 -110.54
N THR G 12 -51.01 -110.49 -109.49
CA THR G 12 -52.26 -111.09 -109.01
C THR G 12 -51.99 -111.77 -107.68
N ALA G 13 -53.08 -112.25 -107.07
CA ALA G 13 -52.97 -112.93 -105.77
C ALA G 13 -52.02 -114.12 -105.80
N GLN G 14 -51.89 -114.77 -106.95
CA GLN G 14 -51.00 -115.93 -107.04
C GLN G 14 -49.55 -115.52 -106.84
N THR G 15 -49.11 -114.45 -107.47
CA THR G 15 -47.72 -114.01 -107.39
C THR G 15 -47.46 -113.12 -106.19
N LEU G 16 -48.47 -112.39 -105.68
CA LEU G 16 -48.24 -111.50 -104.55
C LEU G 16 -48.22 -112.25 -103.22
N GLU G 17 -48.70 -113.49 -103.17
CA GLU G 17 -48.61 -114.26 -101.94
C GLU G 17 -47.19 -114.55 -101.52
N GLY G 18 -46.21 -114.30 -102.39
CA GLY G 18 -44.82 -114.67 -102.19
C GLY G 18 -44.22 -114.40 -100.83
N ALA G 19 -44.13 -113.14 -100.43
CA ALA G 19 -43.36 -112.81 -99.24
C ALA G 19 -43.79 -111.44 -98.73
N LEU G 20 -43.01 -110.89 -97.80
CA LEU G 20 -43.21 -109.61 -97.12
C LEU G 20 -43.23 -108.45 -98.10
N PRO G 21 -43.68 -107.26 -97.67
CA PRO G 21 -43.71 -106.11 -98.60
C PRO G 21 -42.36 -105.71 -99.16
N VAL G 22 -41.25 -106.16 -98.56
CA VAL G 22 -39.94 -105.86 -99.11
C VAL G 22 -39.83 -106.39 -100.54
N ASP G 23 -40.38 -107.58 -100.80
CA ASP G 23 -40.31 -108.14 -102.14
C ASP G 23 -41.12 -107.29 -103.12
N ILE G 24 -42.32 -106.88 -102.72
CA ILE G 24 -43.13 -106.00 -103.57
C ILE G 24 -42.35 -104.73 -103.89
N LEU G 25 -41.79 -104.07 -102.88
CA LEU G 25 -41.17 -102.78 -103.10
C LEU G 25 -39.88 -102.90 -103.91
N LEU G 26 -39.10 -103.94 -103.64
CA LEU G 26 -37.87 -104.14 -104.40
C LEU G 26 -38.16 -104.53 -105.85
N ARG G 27 -39.21 -105.31 -106.07
CA ARG G 27 -39.64 -105.59 -107.45
C ARG G 27 -40.02 -104.29 -108.16
N LEU G 28 -40.82 -103.45 -107.51
CA LEU G 28 -41.20 -102.18 -108.12
C LEU G 28 -40.02 -101.23 -108.26
N ASN G 29 -38.94 -101.50 -107.52
CA ASN G 29 -37.79 -100.61 -107.54
C ASN G 29 -36.92 -100.77 -108.77
N ARG G 30 -36.91 -101.96 -109.39
CA ARG G 30 -36.04 -102.26 -110.52
C ARG G 30 -36.77 -102.17 -111.85
N ALA G 31 -37.77 -101.31 -111.95
CA ALA G 31 -38.45 -101.10 -113.21
C ALA G 31 -37.55 -100.38 -114.20
N THR G 32 -37.89 -100.47 -115.48
CA THR G 32 -37.13 -99.79 -116.53
C THR G 32 -37.92 -99.76 -117.84
N ALA G 41 -56.07 -99.36 -121.24
CA ALA G 41 -55.10 -98.34 -120.84
C ALA G 41 -55.16 -98.09 -119.35
N HIS G 42 -55.86 -97.02 -118.94
CA HIS G 42 -55.89 -96.66 -117.53
C HIS G 42 -56.57 -97.73 -116.69
N ALA G 43 -57.51 -98.49 -117.27
CA ALA G 43 -58.16 -99.55 -116.49
C ALA G 43 -57.17 -100.63 -116.10
N ILE G 44 -56.22 -100.94 -116.99
CA ILE G 44 -55.23 -101.97 -116.67
C ILE G 44 -54.44 -101.58 -115.44
N VAL G 45 -53.82 -100.40 -115.48
CA VAL G 45 -53.00 -99.97 -114.36
C VAL G 45 -53.81 -99.76 -113.08
N GLU G 46 -55.08 -99.39 -113.19
CA GLU G 46 -55.88 -99.19 -111.99
C GLU G 46 -56.23 -100.51 -111.30
N ASP G 47 -56.70 -101.49 -112.10
CA ASP G 47 -56.97 -102.81 -111.56
C ASP G 47 -55.68 -103.36 -110.94
N ALA G 48 -54.54 -103.16 -111.62
CA ALA G 48 -53.28 -103.62 -111.06
C ALA G 48 -52.97 -102.95 -109.74
N ARG G 49 -53.22 -101.64 -109.65
CA ARG G 49 -53.04 -100.93 -108.39
C ARG G 49 -53.93 -101.52 -107.31
N ARG G 50 -55.18 -101.87 -107.66
CA ARG G 50 -56.09 -102.42 -106.66
C ARG G 50 -55.53 -103.79 -106.28
N THR G 51 -55.20 -104.61 -107.27
CA THR G 51 -54.65 -105.92 -106.93
C THR G 51 -53.42 -105.83 -106.01
N LEU G 52 -52.51 -104.92 -106.35
CA LEU G 52 -51.37 -104.66 -105.49
C LEU G 52 -51.62 -104.15 -104.08
N PHE G 53 -52.59 -103.26 -103.90
CA PHE G 53 -52.95 -102.79 -102.57
C PHE G 53 -53.38 -103.97 -101.70
N ILE G 54 -54.29 -104.80 -102.21
CA ILE G 54 -54.75 -105.93 -101.41
C ILE G 54 -53.58 -106.86 -101.08
N GLY G 55 -52.70 -107.10 -102.06
CA GLY G 55 -51.57 -107.97 -101.82
C GLY G 55 -50.64 -107.45 -100.75
N THR G 56 -50.36 -106.14 -100.77
CA THR G 56 -49.46 -105.59 -99.76
C THR G 56 -50.11 -105.58 -98.39
N SER G 57 -51.43 -105.41 -98.32
CA SER G 57 -52.11 -105.55 -97.04
C SER G 57 -51.98 -106.97 -96.50
N LEU G 58 -52.14 -107.98 -97.37
CA LEU G 58 -51.99 -109.35 -96.90
C LEU G 58 -50.56 -109.61 -96.45
N ALA G 59 -49.59 -109.10 -97.20
CA ALA G 59 -48.19 -109.19 -96.82
C ALA G 59 -47.94 -108.56 -95.45
N LEU G 60 -48.56 -107.40 -95.20
CA LEU G 60 -48.32 -106.71 -93.95
C LEU G 60 -48.95 -107.47 -92.79
N VAL G 61 -50.12 -108.06 -92.99
CA VAL G 61 -50.72 -108.79 -91.87
C VAL G 61 -49.92 -110.06 -91.62
N ASN G 62 -49.32 -110.65 -92.66
CA ASN G 62 -48.48 -111.81 -92.45
C ASN G 62 -47.23 -111.44 -91.67
N LEU G 63 -46.59 -110.33 -92.03
CA LEU G 63 -45.46 -109.84 -91.26
C LEU G 63 -45.83 -109.63 -89.79
N ARG G 64 -47.00 -109.04 -89.55
CA ARG G 64 -47.40 -108.80 -88.17
C ARG G 64 -47.63 -110.11 -87.43
N ARG G 65 -48.21 -111.11 -88.10
CA ARG G 65 -48.32 -112.43 -87.48
C ARG G 65 -46.95 -112.94 -87.06
N ALA G 66 -45.99 -112.92 -87.99
CA ALA G 66 -44.65 -113.46 -87.71
C ALA G 66 -44.00 -112.75 -86.54
N HIS G 67 -44.15 -111.42 -86.46
CA HIS G 67 -43.53 -110.69 -85.37
C HIS G 67 -44.34 -110.76 -84.08
N ASP G 68 -45.64 -110.98 -84.16
CA ASP G 68 -46.52 -111.02 -83.00
C ASP G 68 -46.51 -112.38 -82.33
N LYS G 69 -45.97 -113.41 -83.00
CA LYS G 69 -45.75 -114.67 -82.31
C LYS G 69 -44.83 -114.52 -81.09
N HIS G 70 -44.22 -113.36 -80.89
CA HIS G 70 -43.28 -113.15 -79.79
C HIS G 70 -43.69 -111.99 -78.89
N LEU G 71 -44.95 -111.57 -78.93
CA LEU G 71 -45.39 -110.40 -78.20
C LEU G 71 -46.48 -110.67 -77.17
N VAL G 72 -46.85 -109.61 -76.47
CA VAL G 72 -47.83 -109.63 -75.40
C VAL G 72 -49.24 -109.81 -75.93
N GLU G 73 -50.13 -110.38 -75.12
CA GLU G 73 -51.52 -110.55 -75.52
C GLU G 73 -52.15 -109.17 -75.54
N ARG G 74 -53.09 -108.97 -76.45
CA ARG G 74 -53.67 -107.64 -76.71
C ARG G 74 -55.01 -107.56 -76.00
N GLN G 75 -55.09 -106.66 -75.01
CA GLN G 75 -56.30 -106.51 -74.24
C GLN G 75 -57.30 -105.64 -74.99
N PRO G 76 -58.57 -105.64 -74.58
CA PRO G 76 -59.53 -104.67 -75.13
C PRO G 76 -59.25 -103.29 -74.56
N MET G 77 -59.14 -102.30 -75.43
CA MET G 77 -58.71 -100.97 -75.00
C MET G 77 -59.81 -100.19 -74.30
N PHE G 78 -61.07 -100.40 -74.65
CA PHE G 78 -62.16 -99.57 -74.16
C PHE G 78 -63.06 -100.34 -73.23
N ALA G 79 -63.51 -99.65 -72.18
CA ALA G 79 -64.43 -100.21 -71.21
C ALA G 79 -65.84 -100.18 -71.78
N THR G 80 -66.83 -100.38 -70.91
CA THR G 80 -68.26 -100.21 -71.17
C THR G 80 -68.98 -101.22 -72.06
N SER G 81 -68.24 -102.08 -72.74
CA SER G 81 -68.86 -103.23 -73.43
C SER G 81 -68.91 -104.34 -72.37
N ASP G 82 -70.12 -104.70 -71.95
CA ASP G 82 -70.32 -105.36 -70.67
C ASP G 82 -71.34 -106.45 -70.99
N TYR G 83 -71.03 -107.69 -70.60
CA TYR G 83 -71.99 -108.77 -70.61
C TYR G 83 -72.20 -109.32 -69.18
N SER G 84 -71.12 -109.64 -68.49
CA SER G 84 -71.18 -109.96 -67.06
C SER G 84 -70.82 -108.71 -66.25
N SER G 85 -71.66 -107.69 -66.43
CA SER G 85 -71.42 -106.41 -65.78
C SER G 85 -71.83 -106.45 -64.32
N TRP G 86 -72.90 -107.17 -64.00
CA TRP G 86 -73.43 -107.18 -62.65
C TRP G 86 -72.40 -107.62 -61.61
N ALA G 87 -71.36 -108.34 -62.01
CA ALA G 87 -70.35 -108.77 -61.06
C ALA G 87 -69.19 -107.77 -60.98
N ARG G 88 -68.55 -107.50 -62.10
CA ARG G 88 -67.38 -106.65 -62.13
C ARG G 88 -67.67 -105.37 -62.90
N PRO G 89 -67.08 -104.24 -62.50
CA PRO G 89 -67.21 -103.03 -63.32
C PRO G 89 -66.18 -102.96 -64.43
N THR G 90 -66.66 -102.73 -65.65
CA THR G 90 -65.78 -102.76 -66.81
C THR G 90 -64.78 -101.62 -66.81
N VAL G 91 -63.51 -101.95 -67.04
CA VAL G 91 -62.44 -100.96 -67.04
C VAL G 91 -61.50 -101.20 -68.22
N GLY G 92 -61.36 -100.21 -69.09
CA GLY G 92 -60.48 -100.33 -70.23
C GLY G 92 -59.02 -100.27 -69.85
N LEU G 93 -58.17 -100.30 -70.88
CA LEU G 93 -56.72 -100.24 -70.70
C LEU G 93 -56.13 -99.28 -71.71
N LYS G 94 -55.35 -98.31 -71.22
CA LYS G 94 -54.63 -97.43 -72.13
C LYS G 94 -53.38 -98.13 -72.63
N ARG G 95 -53.27 -98.26 -73.95
CA ARG G 95 -52.13 -98.94 -74.57
C ARG G 95 -50.95 -97.98 -74.68
N THR G 96 -50.56 -97.42 -73.54
CA THR G 96 -49.44 -96.49 -73.48
C THR G 96 -48.12 -97.13 -73.84
N PHE G 97 -47.81 -98.29 -73.26
CA PHE G 97 -46.66 -99.08 -73.70
C PHE G 97 -46.82 -100.51 -73.19
N CYS G 98 -46.83 -101.45 -74.14
CA CYS G 98 -46.75 -102.88 -73.84
C CYS G 98 -45.73 -103.53 -74.78
N PRO G 99 -44.45 -103.11 -74.67
CA PRO G 99 -43.44 -103.61 -75.61
C PRO G 99 -42.67 -104.81 -75.07
N ARG G 100 -42.36 -105.72 -75.98
CA ARG G 100 -41.56 -106.91 -75.66
C ARG G 100 -40.78 -107.38 -76.89
N SER H 2 -64.13 -122.68 -62.40
CA SER H 2 -64.69 -123.01 -61.09
C SER H 2 -66.21 -123.05 -61.16
N PHE H 3 -66.75 -122.47 -62.23
CA PHE H 3 -68.20 -122.42 -62.45
C PHE H 3 -68.41 -121.92 -63.87
N ASP H 4 -69.68 -121.85 -64.27
CA ASP H 4 -69.99 -121.28 -65.57
C ASP H 4 -70.65 -119.93 -65.42
N PRO H 5 -70.28 -118.94 -66.23
CA PRO H 5 -70.84 -117.59 -66.04
C PRO H 5 -72.30 -117.49 -66.44
N ASN H 6 -72.74 -118.26 -67.44
CA ASN H 6 -74.11 -118.09 -67.95
C ASN H 6 -75.15 -118.54 -66.94
N ASN H 7 -74.74 -119.14 -65.84
CA ASN H 7 -75.67 -119.50 -64.77
C ASN H 7 -75.19 -118.91 -63.46
N PRO H 8 -75.89 -117.92 -62.89
CA PRO H 8 -75.49 -117.39 -61.58
C PRO H 8 -75.82 -118.32 -60.43
N ARG H 9 -76.76 -119.25 -60.61
CA ARG H 9 -77.19 -120.10 -59.51
C ARG H 9 -76.13 -121.12 -59.09
N THR H 10 -75.00 -121.19 -59.82
CA THR H 10 -74.01 -122.21 -59.56
C THR H 10 -72.85 -121.75 -58.71
N ILE H 11 -72.80 -120.47 -58.33
CA ILE H 11 -71.70 -120.01 -57.48
C ILE H 11 -72.09 -120.12 -56.01
N THR H 12 -71.12 -120.50 -55.18
CA THR H 12 -71.33 -120.70 -53.75
C THR H 12 -69.98 -120.92 -53.08
N ALA H 13 -70.01 -120.99 -51.75
CA ALA H 13 -68.79 -121.18 -50.98
C ALA H 13 -68.02 -122.44 -51.39
N GLN H 14 -68.72 -123.46 -51.87
CA GLN H 14 -68.04 -124.70 -52.26
C GLN H 14 -67.14 -124.47 -53.46
N THR H 15 -67.62 -123.76 -54.48
CA THR H 15 -66.85 -123.52 -55.68
C THR H 15 -65.93 -122.31 -55.58
N LEU H 16 -66.26 -121.32 -54.75
CA LEU H 16 -65.40 -120.14 -54.65
C LEU H 16 -64.18 -120.37 -53.78
N GLU H 17 -64.16 -121.43 -52.97
CA GLU H 17 -62.97 -121.74 -52.18
C GLU H 17 -61.76 -122.07 -53.03
N GLY H 18 -61.95 -122.28 -54.33
CA GLY H 18 -60.93 -122.77 -55.23
C GLY H 18 -59.56 -122.13 -55.13
N ALA H 19 -59.45 -120.84 -55.40
CA ALA H 19 -58.13 -120.22 -55.54
C ALA H 19 -58.26 -118.72 -55.37
N LEU H 20 -57.19 -118.00 -55.72
CA LEU H 20 -57.02 -116.56 -55.61
C LEU H 20 -58.05 -115.81 -56.46
N PRO H 21 -58.22 -114.50 -56.25
CA PRO H 21 -59.21 -113.75 -57.04
C PRO H 21 -58.96 -113.77 -58.55
N VAL H 22 -57.76 -114.15 -58.99
CA VAL H 22 -57.52 -114.26 -60.43
C VAL H 22 -58.47 -115.26 -61.06
N ASP H 23 -58.75 -116.37 -60.37
CA ASP H 23 -59.67 -117.36 -60.91
C ASP H 23 -61.08 -116.80 -61.01
N ILE H 24 -61.54 -116.09 -59.98
CA ILE H 24 -62.85 -115.45 -60.03
C ILE H 24 -62.93 -114.51 -61.23
N LEU H 25 -61.94 -113.63 -61.37
CA LEU H 25 -62.02 -112.59 -62.39
C LEU H 25 -61.92 -113.18 -63.79
N LEU H 26 -61.04 -114.17 -63.97
CA LEU H 26 -60.90 -114.80 -65.27
C LEU H 26 -62.14 -115.62 -65.64
N ARG H 27 -62.76 -116.27 -64.65
CA ARG H 27 -64.04 -116.93 -64.89
C ARG H 27 -65.08 -115.92 -65.36
N LEU H 28 -65.20 -114.80 -64.66
CA LEU H 28 -66.17 -113.79 -65.05
C LEU H 28 -65.79 -113.13 -66.36
N ASN H 29 -64.54 -113.27 -66.80
CA ASN H 29 -64.09 -112.63 -68.01
C ASN H 29 -64.54 -113.34 -69.28
N ARG H 30 -64.78 -114.65 -69.21
CA ARG H 30 -65.12 -115.45 -70.39
C ARG H 30 -66.60 -115.72 -70.49
N ALA H 31 -67.43 -114.81 -70.01
CA ALA H 31 -68.87 -114.94 -70.13
C ALA H 31 -69.29 -114.75 -71.59
N THR H 32 -70.49 -115.23 -71.92
CA THR H 32 -71.03 -115.09 -73.27
C THR H 32 -72.52 -115.38 -73.29
N ALA H 41 -85.65 -113.53 -60.44
CA ALA H 41 -85.00 -112.58 -61.33
C ALA H 41 -83.89 -111.81 -60.63
N HIS H 42 -84.19 -110.58 -60.20
CA HIS H 42 -83.15 -109.76 -59.58
C HIS H 42 -82.66 -110.35 -58.28
N ALA H 43 -83.49 -111.12 -57.57
CA ALA H 43 -83.03 -111.74 -56.33
C ALA H 43 -81.93 -112.75 -56.59
N ILE H 44 -82.02 -113.50 -57.69
CA ILE H 44 -81.00 -114.48 -58.02
C ILE H 44 -79.64 -113.80 -58.17
N VAL H 45 -79.57 -112.82 -59.07
CA VAL H 45 -78.31 -112.14 -59.30
C VAL H 45 -77.65 -111.40 -58.15
N GLU H 46 -78.43 -110.82 -57.24
CA GLU H 46 -77.82 -110.17 -56.08
C GLU H 46 -77.37 -111.10 -54.93
N ASP H 47 -78.15 -112.17 -54.72
CA ASP H 47 -77.75 -113.23 -53.81
C ASP H 47 -76.42 -113.71 -54.37
N ALA H 48 -76.34 -113.92 -55.69
CA ALA H 48 -75.09 -114.35 -56.30
C ALA H 48 -74.00 -113.31 -56.09
N ARG H 49 -74.33 -112.04 -56.26
CA ARG H 49 -73.38 -110.98 -56.00
C ARG H 49 -72.91 -111.02 -54.55
N ARG H 50 -73.83 -111.27 -53.61
CA ARG H 50 -73.44 -111.29 -52.21
C ARG H 50 -72.40 -112.37 -51.89
N THR H 51 -72.69 -113.62 -52.25
CA THR H 51 -71.73 -114.68 -51.95
C THR H 51 -70.45 -114.53 -52.75
N LEU H 52 -70.54 -113.91 -53.94
CA LEU H 52 -69.35 -113.67 -54.74
C LEU H 52 -68.48 -112.67 -53.99
N PHE H 53 -69.08 -111.64 -53.40
CA PHE H 53 -68.32 -110.70 -52.60
C PHE H 53 -67.63 -111.41 -51.44
N ILE H 54 -68.37 -112.23 -50.69
CA ILE H 54 -67.77 -112.93 -49.58
C ILE H 54 -66.65 -113.85 -50.07
N GLY H 55 -66.88 -114.54 -51.18
CA GLY H 55 -65.86 -115.43 -51.71
C GLY H 55 -64.59 -114.71 -52.10
N THR H 56 -64.71 -113.56 -52.74
CA THR H 56 -63.51 -112.82 -53.14
C THR H 56 -62.79 -112.24 -51.93
N SER H 57 -63.53 -111.87 -50.89
CA SER H 57 -62.86 -111.45 -49.65
C SER H 57 -62.07 -112.61 -49.05
N LEU H 58 -62.65 -113.81 -49.02
CA LEU H 58 -61.91 -114.94 -48.49
C LEU H 58 -60.67 -115.25 -49.34
N ALA H 59 -60.83 -115.17 -50.66
CA ALA H 59 -59.70 -115.32 -51.57
C ALA H 59 -58.61 -114.31 -51.29
N LEU H 60 -59.00 -113.06 -51.03
CA LEU H 60 -58.00 -112.02 -50.82
C LEU H 60 -57.28 -112.22 -49.49
N VAL H 61 -58.00 -112.67 -48.46
CA VAL H 61 -57.30 -112.88 -47.20
C VAL H 61 -56.38 -114.08 -47.31
N ASN H 62 -56.75 -115.07 -48.14
CA ASN H 62 -55.86 -116.20 -48.34
C ASN H 62 -54.59 -115.78 -49.08
N LEU H 63 -54.75 -114.96 -50.12
CA LEU H 63 -53.59 -114.41 -50.81
C LEU H 63 -52.68 -113.65 -49.85
N ARG H 64 -53.27 -112.84 -48.96
CA ARG H 64 -52.45 -112.09 -48.03
C ARG H 64 -51.73 -113.02 -47.07
N ARG H 65 -52.38 -114.09 -46.61
CA ARG H 65 -51.68 -115.08 -45.80
C ARG H 65 -50.45 -115.61 -46.54
N ALA H 66 -50.65 -116.06 -47.79
CA ALA H 66 -49.57 -116.66 -48.56
C ALA H 66 -48.40 -115.69 -48.73
N HIS H 67 -48.70 -114.41 -48.99
CA HIS H 67 -47.63 -113.44 -49.17
C HIS H 67 -47.05 -112.94 -47.86
N ASP H 68 -47.82 -112.98 -46.77
CA ASP H 68 -47.38 -112.49 -45.47
C ASP H 68 -46.56 -113.52 -44.72
N LYS H 69 -46.57 -114.78 -45.15
CA LYS H 69 -45.64 -115.74 -44.60
C LYS H 69 -44.18 -115.32 -44.79
N HIS H 70 -43.91 -114.27 -45.55
CA HIS H 70 -42.55 -113.83 -45.82
C HIS H 70 -42.31 -112.39 -45.41
N LEU H 71 -43.13 -111.82 -44.54
CA LEU H 71 -43.05 -110.42 -44.19
C LEU H 71 -42.76 -110.27 -42.70
N VAL H 72 -42.53 -109.02 -42.32
CA VAL H 72 -42.17 -108.63 -40.95
C VAL H 72 -43.43 -108.64 -40.09
N GLU H 73 -43.26 -108.76 -38.78
CA GLU H 73 -44.38 -108.73 -37.85
C GLU H 73 -45.03 -107.36 -37.79
N ARG H 74 -46.34 -107.35 -37.55
CA ARG H 74 -47.14 -106.13 -37.62
C ARG H 74 -47.37 -105.60 -36.22
N GLN H 75 -46.81 -104.42 -35.94
CA GLN H 75 -46.91 -103.83 -34.62
C GLN H 75 -48.26 -103.14 -34.46
N PRO H 76 -48.66 -102.81 -33.23
CA PRO H 76 -49.85 -101.97 -33.04
C PRO H 76 -49.51 -100.53 -33.41
N MET H 77 -50.35 -99.92 -34.24
CA MET H 77 -50.05 -98.61 -34.80
C MET H 77 -50.27 -97.48 -33.81
N PHE H 78 -51.22 -97.61 -32.90
CA PHE H 78 -51.63 -96.52 -32.03
C PHE H 78 -51.23 -96.77 -30.60
N ALA H 79 -50.81 -95.70 -29.94
CA ALA H 79 -50.45 -95.75 -28.53
C ALA H 79 -51.71 -95.71 -27.68
N THR H 80 -51.53 -95.45 -26.39
CA THR H 80 -52.59 -95.17 -25.41
C THR H 80 -53.49 -96.30 -24.95
N SER H 81 -53.44 -97.45 -25.62
CA SER H 81 -54.09 -98.66 -25.10
C SER H 81 -53.06 -99.32 -24.18
N ASP H 82 -53.34 -99.33 -22.89
CA ASP H 82 -52.30 -99.46 -21.87
C ASP H 82 -52.90 -100.43 -20.87
N TYR H 83 -52.17 -101.49 -20.54
CA TYR H 83 -52.49 -102.36 -19.43
C TYR H 83 -51.37 -102.34 -18.38
N SER H 84 -50.13 -102.55 -18.80
CA SER H 84 -48.97 -102.35 -17.94
C SER H 84 -48.39 -100.96 -18.22
N SER H 85 -49.22 -99.96 -17.95
CA SER H 85 -48.82 -98.57 -18.22
C SER H 85 -47.88 -98.05 -17.16
N TRP H 86 -48.09 -98.45 -15.91
CA TRP H 86 -47.32 -97.91 -14.80
C TRP H 86 -45.81 -98.11 -14.97
N ALA H 87 -45.40 -99.07 -15.80
CA ALA H 87 -43.97 -99.29 -16.01
C ALA H 87 -43.46 -98.51 -17.21
N ARG H 88 -44.04 -98.74 -18.38
CA ARG H 88 -43.56 -98.14 -19.60
C ARG H 88 -44.60 -97.18 -20.15
N PRO H 89 -44.19 -96.08 -20.79
CA PRO H 89 -45.16 -95.22 -21.47
C PRO H 89 -45.46 -95.70 -22.88
N THR H 90 -46.75 -95.87 -23.18
CA THR H 90 -47.14 -96.44 -24.45
C THR H 90 -46.82 -95.52 -25.61
N VAL H 91 -46.21 -96.07 -26.66
CA VAL H 91 -45.83 -95.29 -27.84
C VAL H 91 -46.18 -96.06 -29.10
N GLY H 92 -47.00 -95.47 -29.96
CA GLY H 92 -47.39 -96.10 -31.19
C GLY H 92 -46.27 -96.14 -32.22
N LEU H 93 -46.59 -96.63 -33.40
CA LEU H 93 -45.63 -96.74 -34.49
C LEU H 93 -46.30 -96.28 -35.79
N LYS H 94 -45.68 -95.34 -36.48
CA LYS H 94 -46.16 -94.93 -37.78
C LYS H 94 -45.71 -95.94 -38.83
N ARG H 95 -46.66 -96.54 -39.53
CA ARG H 95 -46.37 -97.55 -40.54
C ARG H 95 -45.99 -96.87 -41.86
N THR H 96 -44.97 -96.02 -41.78
CA THR H 96 -44.49 -95.29 -42.95
C THR H 96 -43.88 -96.20 -44.00
N PHE H 97 -43.01 -97.13 -43.59
CA PHE H 97 -42.54 -98.18 -44.49
C PHE H 97 -41.92 -99.31 -43.66
N CYS H 98 -42.48 -100.51 -43.83
CA CYS H 98 -41.90 -101.75 -43.29
C CYS H 98 -41.94 -102.82 -44.39
N PRO H 99 -41.21 -102.58 -45.48
CA PRO H 99 -41.27 -103.52 -46.62
C PRO H 99 -40.16 -104.56 -46.60
N ARG H 100 -40.53 -105.77 -47.01
CA ARG H 100 -39.57 -106.87 -47.13
C ARG H 100 -40.00 -107.85 -48.22
N SER I 2 -38.54 -113.46 -17.31
CA SER I 2 -37.77 -113.22 -16.10
C SER I 2 -38.70 -113.05 -14.90
N PHE I 3 -39.97 -112.80 -15.19
CA PHE I 3 -40.99 -112.62 -14.16
C PHE I 3 -42.34 -112.61 -14.87
N ASP I 4 -43.41 -112.49 -14.07
CA ASP I 4 -44.72 -112.38 -14.66
C ASP I 4 -45.26 -110.97 -14.50
N PRO I 5 -45.88 -110.40 -15.52
CA PRO I 5 -46.34 -109.00 -15.41
C PRO I 5 -47.52 -108.83 -14.46
N ASN I 6 -48.42 -109.82 -14.37
CA ASN I 6 -49.63 -109.64 -13.58
C ASN I 6 -49.35 -109.53 -12.10
N ASN I 7 -48.12 -109.78 -11.67
CA ASN I 7 -47.73 -109.59 -10.28
C ASN I 7 -46.54 -108.65 -10.20
N PRO I 8 -46.71 -107.44 -9.67
CA PRO I 8 -45.55 -106.54 -9.49
C PRO I 8 -44.64 -106.96 -8.36
N ARG I 9 -45.13 -107.74 -7.39
CA ARG I 9 -44.33 -108.07 -6.21
C ARG I 9 -43.19 -109.03 -6.53
N THR I 10 -43.09 -109.51 -7.77
CA THR I 10 -42.10 -110.52 -8.11
C THR I 10 -40.85 -109.97 -8.77
N ILE I 11 -40.78 -108.66 -9.03
CA ILE I 11 -39.58 -108.10 -9.63
C ILE I 11 -38.63 -107.64 -8.55
N THR I 12 -37.32 -107.85 -8.78
CA THR I 12 -36.27 -107.50 -7.83
C THR I 12 -34.93 -107.66 -8.51
N ALA I 13 -33.87 -107.27 -7.80
CA ALA I 13 -32.51 -107.36 -8.33
C ALA I 13 -32.14 -108.77 -8.74
N GLN I 14 -32.70 -109.79 -8.08
CA GLN I 14 -32.39 -111.17 -8.43
C GLN I 14 -32.86 -111.51 -9.83
N THR I 15 -34.08 -111.13 -10.18
CA THR I 15 -34.64 -111.46 -11.48
C THR I 15 -34.28 -110.45 -12.56
N LEU I 16 -34.00 -109.20 -12.20
CA LEU I 16 -33.68 -108.20 -13.22
C LEU I 16 -32.23 -108.28 -13.68
N GLU I 17 -31.37 -108.99 -12.96
CA GLU I 17 -30.00 -109.17 -13.41
C GLU I 17 -29.90 -109.96 -14.70
N GLY I 18 -30.99 -110.59 -15.14
CA GLY I 18 -31.02 -111.51 -16.25
C GLY I 18 -30.27 -111.09 -17.51
N ALA I 19 -30.70 -110.01 -18.15
CA ALA I 19 -30.16 -109.70 -19.47
C ALA I 19 -30.41 -108.22 -19.77
N LEU I 20 -30.21 -107.85 -21.04
CA LEU I 20 -30.33 -106.50 -21.58
C LEU I 20 -31.74 -105.95 -21.42
N PRO I 21 -31.95 -104.65 -21.60
CA PRO I 21 -33.30 -104.08 -21.45
C PRO I 21 -34.34 -104.66 -22.39
N VAL I 22 -33.93 -105.34 -23.46
CA VAL I 22 -34.89 -105.98 -24.34
C VAL I 22 -35.74 -106.99 -23.56
N ASP I 23 -35.13 -107.72 -22.64
CA ASP I 23 -35.88 -108.70 -21.87
C ASP I 23 -36.90 -107.99 -20.96
N ILE I 24 -36.48 -106.91 -20.31
CA ILE I 24 -37.41 -106.14 -19.49
C ILE I 24 -38.60 -105.68 -20.32
N LEU I 25 -38.32 -105.06 -21.48
CA LEU I 25 -39.39 -104.45 -22.25
C LEU I 25 -40.32 -105.50 -22.85
N LEU I 26 -39.75 -106.61 -23.33
CA LEU I 26 -40.57 -107.67 -23.89
C LEU I 26 -41.40 -108.36 -22.82
N ARG I 27 -40.85 -108.52 -21.61
CA ARG I 27 -41.65 -109.03 -20.50
C ARG I 27 -42.81 -108.10 -20.22
N LEU I 28 -42.56 -106.80 -20.13
CA LEU I 28 -43.64 -105.85 -19.89
C LEU I 28 -44.60 -105.77 -21.06
N ASN I 29 -44.18 -106.24 -22.23
CA ASN I 29 -45.02 -106.14 -23.42
C ASN I 29 -46.13 -107.16 -23.46
N ARG I 30 -45.95 -108.32 -22.81
CA ARG I 30 -46.92 -109.42 -22.88
C ARG I 30 -47.80 -109.48 -21.64
N ALA I 31 -48.08 -108.34 -21.03
CA ALA I 31 -48.98 -108.29 -19.89
C ALA I 31 -50.41 -108.56 -20.36
N THR I 32 -51.27 -108.94 -19.40
CA THR I 32 -52.68 -109.19 -19.70
C THR I 32 -53.50 -109.25 -18.41
N ALA I 41 -51.30 -101.02 -2.03
CA ALA I 41 -51.83 -100.56 -3.29
C ALA I 41 -50.78 -99.78 -4.08
N HIS I 42 -50.87 -98.44 -4.03
CA HIS I 42 -49.95 -97.62 -4.80
C HIS I 42 -48.51 -97.80 -4.36
N ALA I 43 -48.27 -98.14 -3.10
CA ALA I 43 -46.90 -98.33 -2.63
C ALA I 43 -46.27 -99.53 -3.33
N ILE I 44 -47.04 -100.58 -3.56
CA ILE I 44 -46.50 -101.77 -4.23
C ILE I 44 -45.98 -101.40 -5.60
N VAL I 45 -46.85 -100.82 -6.44
CA VAL I 45 -46.44 -100.47 -7.79
C VAL I 45 -45.29 -99.48 -7.98
N GLU I 46 -45.16 -98.51 -7.08
CA GLU I 46 -44.01 -97.59 -7.20
C GLU I 46 -42.65 -98.12 -6.68
N ASP I 47 -42.73 -98.91 -5.60
CA ASP I 47 -41.55 -99.64 -5.12
C ASP I 47 -41.13 -100.48 -6.32
N ALA I 48 -42.09 -101.15 -6.98
CA ALA I 48 -41.75 -101.95 -8.15
C ALA I 48 -41.17 -101.09 -9.25
N ARG I 49 -41.77 -99.92 -9.49
CA ARG I 49 -41.23 -98.98 -10.46
C ARG I 49 -39.79 -98.59 -10.10
N ARG I 50 -39.54 -98.36 -8.81
CA ARG I 50 -38.19 -97.95 -8.41
C ARG I 50 -37.12 -98.99 -8.72
N THR I 51 -37.32 -100.23 -8.27
CA THR I 51 -36.32 -101.25 -8.55
C THR I 51 -36.24 -101.57 -10.03
N LEU I 52 -37.36 -101.40 -10.75
CA LEU I 52 -37.36 -101.65 -12.19
C LEU I 52 -36.46 -100.60 -12.83
N PHE I 53 -36.55 -99.34 -12.39
CA PHE I 53 -35.67 -98.31 -12.89
C PHE I 53 -34.21 -98.66 -12.64
N ILE I 54 -33.89 -99.05 -11.40
CA ILE I 54 -32.50 -99.40 -11.10
C ILE I 54 -32.06 -100.59 -11.95
N GLY I 55 -32.94 -101.58 -12.10
CA GLY I 55 -32.58 -102.75 -12.90
C GLY I 55 -32.30 -102.42 -14.34
N THR I 56 -33.12 -101.55 -14.95
CA THR I 56 -32.89 -101.20 -16.34
C THR I 56 -31.64 -100.34 -16.50
N SER I 57 -31.32 -99.52 -15.50
CA SER I 57 -30.04 -98.80 -15.55
C SER I 57 -28.87 -99.78 -15.51
N LEU I 58 -28.93 -100.79 -14.64
CA LEU I 58 -27.84 -101.76 -14.60
C LEU I 58 -27.75 -102.53 -15.93
N ALA I 59 -28.90 -102.90 -16.49
CA ALA I 59 -28.94 -103.54 -17.80
C ALA I 59 -28.29 -102.66 -18.86
N LEU I 60 -28.57 -101.36 -18.82
CA LEU I 60 -28.04 -100.48 -19.85
C LEU I 60 -26.53 -100.31 -19.70
N VAL I 61 -26.04 -100.25 -18.46
CA VAL I 61 -24.59 -100.11 -18.32
C VAL I 61 -23.91 -101.40 -18.73
N ASN I 62 -24.57 -102.54 -18.52
CA ASN I 62 -23.98 -103.80 -18.98
C ASN I 62 -23.93 -103.86 -20.50
N LEU I 63 -25.01 -103.44 -21.16
CA LEU I 63 -25.00 -103.35 -22.62
C LEU I 63 -23.87 -102.46 -23.10
N ARG I 64 -23.67 -101.31 -22.45
CA ARG I 64 -22.62 -100.42 -22.88
C ARG I 64 -21.24 -101.04 -22.67
N ARG I 65 -21.04 -101.78 -21.58
CA ARG I 65 -19.80 -102.51 -21.41
C ARG I 65 -19.56 -103.45 -22.60
N ALA I 66 -20.57 -104.26 -22.92
CA ALA I 66 -20.42 -105.25 -23.98
C ALA I 66 -20.09 -104.59 -25.32
N HIS I 67 -20.73 -103.46 -25.62
CA HIS I 67 -20.45 -102.79 -26.88
C HIS I 67 -19.18 -101.96 -26.86
N ASP I 68 -18.76 -101.49 -25.68
CA ASP I 68 -17.58 -100.66 -25.53
C ASP I 68 -16.30 -101.47 -25.49
N LYS I 69 -16.40 -102.78 -25.28
CA LYS I 69 -15.22 -103.62 -25.45
C LYS I 69 -14.62 -103.52 -26.85
N HIS I 70 -15.28 -102.86 -27.78
CA HIS I 70 -14.80 -102.76 -29.15
C HIS I 70 -14.63 -101.32 -29.61
N LEU I 71 -14.53 -100.37 -28.69
CA LEU I 71 -14.50 -98.95 -29.02
C LEU I 71 -13.17 -98.35 -28.56
N VAL I 72 -12.98 -97.10 -28.96
CA VAL I 72 -11.78 -96.33 -28.68
C VAL I 72 -11.82 -95.83 -27.24
N GLU I 73 -10.66 -95.50 -26.67
CA GLU I 73 -10.59 -94.97 -25.33
C GLU I 73 -11.21 -93.58 -25.21
N ARG I 74 -11.77 -93.29 -24.04
CA ARG I 74 -12.54 -92.06 -23.83
C ARG I 74 -11.67 -91.05 -23.11
N GLN I 75 -11.37 -89.94 -23.81
CA GLN I 75 -10.51 -88.92 -23.25
C GLN I 75 -11.31 -88.01 -22.31
N PRO I 76 -10.63 -87.24 -21.48
CA PRO I 76 -11.33 -86.20 -20.71
C PRO I 76 -11.72 -85.05 -21.62
N MET I 77 -12.99 -84.65 -21.56
CA MET I 77 -13.52 -83.69 -22.51
C MET I 77 -13.10 -82.26 -22.20
N PHE I 78 -12.91 -81.92 -20.93
CA PHE I 78 -12.69 -80.55 -20.53
C PHE I 78 -11.26 -80.32 -20.05
N ALA I 79 -10.71 -79.18 -20.40
CA ALA I 79 -9.39 -78.78 -19.96
C ALA I 79 -9.45 -78.25 -18.53
N THR I 80 -8.37 -77.58 -18.11
CA THR I 80 -8.28 -76.83 -16.87
C THR I 80 -8.20 -77.57 -15.54
N SER I 81 -8.47 -78.87 -15.55
CA SER I 81 -8.18 -79.71 -14.37
C SER I 81 -6.73 -80.16 -14.53
N ASP I 82 -5.86 -79.66 -13.65
CA ASP I 82 -4.43 -79.60 -13.93
C ASP I 82 -3.79 -80.04 -12.63
N TYR I 83 -2.89 -81.03 -12.71
CA TYR I 83 -2.01 -81.39 -11.61
C TYR I 83 -0.54 -81.17 -12.00
N SER I 84 -0.13 -81.71 -13.13
CA SER I 84 1.18 -81.39 -13.70
C SER I 84 1.02 -80.30 -14.75
N SER I 85 0.54 -79.15 -14.28
CA SER I 85 0.27 -78.04 -15.18
C SER I 85 1.56 -77.32 -15.57
N TRP I 86 2.50 -77.21 -14.64
CA TRP I 86 3.72 -76.45 -14.89
C TRP I 86 4.49 -76.92 -16.10
N ALA I 87 4.27 -78.15 -16.55
CA ALA I 87 4.98 -78.65 -17.72
C ALA I 87 4.16 -78.43 -19.00
N ARG I 88 2.96 -78.96 -19.03
CA ARG I 88 2.13 -78.90 -20.23
C ARG I 88 0.91 -78.06 -19.98
N PRO I 89 0.41 -77.33 -20.98
CA PRO I 89 -0.87 -76.62 -20.83
C PRO I 89 -2.04 -77.51 -21.14
N THR I 90 -2.99 -77.58 -20.21
CA THR I 90 -4.11 -78.50 -20.34
C THR I 90 -5.03 -78.09 -21.48
N VAL I 91 -5.39 -79.06 -22.32
CA VAL I 91 -6.26 -78.83 -23.47
C VAL I 91 -7.32 -79.93 -23.57
N GLY I 92 -8.58 -79.54 -23.54
CA GLY I 92 -9.66 -80.50 -23.64
C GLY I 92 -9.80 -81.06 -25.04
N LEU I 93 -10.83 -81.89 -25.22
CA LEU I 93 -11.12 -82.52 -26.51
C LEU I 93 -12.61 -82.44 -26.76
N LYS I 94 -12.99 -81.91 -27.92
CA LYS I 94 -14.39 -81.92 -28.32
C LYS I 94 -14.74 -83.29 -28.87
N ARG I 95 -15.73 -83.95 -28.27
CA ARG I 95 -16.15 -85.27 -28.69
C ARG I 95 -17.12 -85.17 -29.88
N THR I 96 -16.64 -84.51 -30.93
CA THR I 96 -17.43 -84.32 -32.13
C THR I 96 -17.72 -85.62 -32.85
N PHE I 97 -16.71 -86.46 -33.06
CA PHE I 97 -16.94 -87.83 -33.54
C PHE I 97 -15.70 -88.67 -33.26
N CYS I 98 -15.91 -89.75 -32.50
CA CYS I 98 -14.90 -90.79 -32.30
C CYS I 98 -15.56 -92.17 -32.48
N PRO I 99 -16.06 -92.44 -33.68
CA PRO I 99 -16.80 -93.70 -33.90
C PRO I 99 -15.93 -94.82 -34.45
N ARG I 100 -16.22 -96.03 -33.98
CA ARG I 100 -15.53 -97.23 -34.44
C ARG I 100 -16.46 -98.45 -34.33
N SER J 2 9.84 -93.07 -18.12
CA SER J 2 11.20 -92.54 -18.19
C SER J 2 11.57 -91.83 -16.90
N PHE J 3 10.55 -91.50 -16.11
CA PHE J 3 10.73 -90.82 -14.83
C PHE J 3 9.38 -90.86 -14.11
N ASP J 4 9.36 -90.30 -12.90
CA ASP J 4 8.11 -90.21 -12.18
C ASP J 4 7.65 -88.77 -12.13
N PRO J 5 6.36 -88.50 -12.33
CA PRO J 5 5.91 -87.10 -12.35
C PRO J 5 5.93 -86.44 -10.99
N ASN J 6 5.68 -87.18 -9.91
CA ASN J 6 5.54 -86.56 -8.59
C ASN J 6 6.86 -85.98 -8.09
N ASN J 7 7.96 -86.24 -8.79
CA ASN J 7 9.25 -85.65 -8.45
C ASN J 7 9.81 -84.93 -9.67
N PRO J 8 9.88 -83.60 -9.65
CA PRO J 8 10.51 -82.89 -10.77
C PRO J 8 12.03 -83.01 -10.79
N ARG J 9 12.67 -83.31 -9.66
CA ARG J 9 14.12 -83.33 -9.59
C ARG J 9 14.73 -84.51 -10.36
N THR J 10 13.91 -85.40 -10.91
CA THR J 10 14.41 -86.61 -11.54
C THR J 10 14.52 -86.51 -13.05
N ILE J 11 14.09 -85.40 -13.66
CA ILE J 11 14.21 -85.28 -15.11
C ILE J 11 15.52 -84.62 -15.47
N THR J 12 16.13 -85.08 -16.56
CA THR J 12 17.43 -84.60 -17.03
C THR J 12 17.71 -85.19 -18.40
N ALA J 13 18.81 -84.73 -19.00
CA ALA J 13 19.19 -85.20 -20.32
C ALA J 13 19.38 -86.71 -20.38
N GLN J 14 19.76 -87.33 -19.26
CA GLN J 14 19.97 -88.78 -19.26
C GLN J 14 18.66 -89.52 -19.48
N THR J 15 17.60 -89.10 -18.80
CA THR J 15 16.30 -89.77 -18.92
C THR J 15 15.46 -89.27 -20.08
N LEU J 16 15.65 -88.03 -20.52
CA LEU J 16 14.84 -87.50 -21.61
C LEU J 16 15.34 -87.96 -22.98
N GLU J 17 16.55 -88.49 -23.07
CA GLU J 17 17.03 -89.03 -24.33
C GLU J 17 16.22 -90.22 -24.82
N GLY J 18 15.38 -90.80 -23.96
CA GLY J 18 14.67 -92.03 -24.22
C GLY J 18 14.03 -92.20 -25.58
N ALA J 19 13.07 -91.34 -25.93
CA ALA J 19 12.27 -91.60 -27.12
C ALA J 19 11.59 -90.31 -27.55
N LEU J 20 10.64 -90.43 -28.47
CA LEU J 20 9.87 -89.36 -29.09
C LEU J 20 9.06 -88.57 -28.06
N PRO J 21 8.54 -87.40 -28.41
CA PRO J 21 7.75 -86.62 -27.44
C PRO J 21 6.52 -87.33 -26.90
N VAL J 22 6.06 -88.40 -27.55
CA VAL J 22 4.92 -89.16 -27.01
C VAL J 22 5.24 -89.69 -25.63
N ASP J 23 6.48 -90.13 -25.40
CA ASP J 23 6.85 -90.64 -24.08
C ASP J 23 6.83 -89.53 -23.05
N ILE J 24 7.37 -88.36 -23.39
CA ILE J 24 7.31 -87.22 -22.48
C ILE J 24 5.88 -86.91 -22.11
N LEU J 25 5.01 -86.78 -23.12
CA LEU J 25 3.64 -86.33 -22.86
C LEU J 25 2.84 -87.37 -22.09
N LEU J 26 3.02 -88.64 -22.42
CA LEU J 26 2.31 -89.70 -21.71
C LEU J 26 2.81 -89.83 -20.28
N ARG J 27 4.12 -89.66 -20.06
CA ARG J 27 4.62 -89.60 -18.69
C ARG J 27 3.99 -88.48 -17.91
N LEU J 28 3.95 -87.28 -18.49
CA LEU J 28 3.31 -86.15 -17.81
C LEU J 28 1.82 -86.34 -17.67
N ASN J 29 1.23 -87.25 -18.44
CA ASN J 29 -0.21 -87.44 -18.42
C ASN J 29 -0.69 -88.24 -17.21
N ARG J 30 0.16 -89.11 -16.66
CA ARG J 30 -0.23 -90.00 -15.57
C ARG J 30 0.24 -89.50 -14.22
N ALA J 31 0.33 -88.19 -14.04
CA ALA J 31 0.69 -87.61 -12.76
C ALA J 31 -0.45 -87.80 -11.77
N THR J 32 -0.13 -87.69 -10.48
CA THR J 32 -1.13 -87.81 -9.41
C THR J 32 -0.59 -87.30 -8.09
N ALA J 41 11.94 -74.31 -4.16
CA ALA J 41 10.53 -74.25 -4.53
C ALA J 41 10.36 -73.95 -6.02
N HIS J 42 10.09 -72.69 -6.35
CA HIS J 42 9.84 -72.34 -7.75
C HIS J 42 11.07 -72.56 -8.61
N ALA J 43 12.28 -72.46 -8.05
CA ALA J 43 13.47 -72.69 -8.85
C ALA J 43 13.55 -74.14 -9.33
N ILE J 44 13.12 -75.08 -8.48
CA ILE J 44 13.14 -76.49 -8.87
C ILE J 44 12.30 -76.71 -10.11
N VAL J 45 11.02 -76.33 -10.02
CA VAL J 45 10.12 -76.54 -11.15
C VAL J 45 10.44 -75.87 -12.48
N GLU J 46 11.02 -74.67 -12.45
CA GLU J 46 11.41 -74.03 -13.71
C GLU J 46 12.73 -74.55 -14.36
N ASP J 47 13.68 -74.90 -13.50
CA ASP J 47 14.90 -75.57 -13.97
C ASP J 47 14.37 -76.84 -14.64
N ALA J 48 13.43 -77.54 -13.99
CA ALA J 48 12.87 -78.74 -14.60
C ALA J 48 12.15 -78.41 -15.90
N ARG J 49 11.40 -77.32 -15.92
CA ARG J 49 10.76 -76.88 -17.16
C ARG J 49 11.79 -76.60 -18.24
N ARG J 50 12.92 -75.98 -17.86
CA ARG J 50 13.93 -75.66 -18.86
C ARG J 50 14.51 -76.84 -19.63
N THR J 51 15.06 -77.83 -18.93
CA THR J 51 15.60 -78.98 -19.64
C THR J 51 14.53 -79.91 -20.24
N LEU J 52 13.31 -79.78 -19.72
CA LEU J 52 12.18 -80.52 -20.26
C LEU J 52 11.98 -79.92 -21.64
N PHE J 53 12.04 -78.59 -21.74
CA PHE J 53 11.94 -77.94 -23.05
C PHE J 53 13.06 -78.41 -23.96
N ILE J 54 14.30 -78.38 -23.46
CA ILE J 54 15.42 -78.80 -24.31
C ILE J 54 15.25 -80.27 -24.71
N GLY J 55 14.81 -81.11 -23.77
CA GLY J 55 14.64 -82.52 -24.08
C GLY J 55 13.59 -82.76 -25.15
N THR J 56 12.47 -82.04 -25.08
CA THR J 56 11.43 -82.23 -26.09
C THR J 56 11.86 -81.69 -27.44
N SER J 57 12.67 -80.63 -27.46
CA SER J 57 13.23 -80.18 -28.73
C SER J 57 14.14 -81.24 -29.34
N LEU J 58 14.99 -81.87 -28.51
CA LEU J 58 15.85 -82.92 -29.04
C LEU J 58 15.02 -84.10 -29.54
N ALA J 59 13.98 -84.46 -28.80
CA ALA J 59 13.06 -85.50 -29.23
C ALA J 59 12.42 -85.16 -30.57
N LEU J 60 12.03 -83.90 -30.75
CA LEU J 60 11.35 -83.52 -31.98
C LEU J 60 12.31 -83.55 -33.15
N VAL J 61 13.56 -83.13 -32.94
CA VAL J 61 14.49 -83.16 -34.08
C VAL J 61 14.84 -84.61 -34.41
N ASN J 62 14.83 -85.50 -33.41
CA ASN J 62 15.07 -86.91 -33.70
C ASN J 62 13.92 -87.50 -34.50
N LEU J 63 12.69 -87.18 -34.10
CA LEU J 63 11.53 -87.61 -34.89
C LEU J 63 11.62 -87.12 -36.33
N ARG J 64 12.02 -85.86 -36.51
CA ARG J 64 12.11 -85.34 -37.88
C ARG J 64 13.20 -86.06 -38.66
N ARG J 65 14.32 -86.39 -38.02
CA ARG J 65 15.33 -87.20 -38.70
C ARG J 65 14.73 -88.50 -39.19
N ALA J 66 14.05 -89.22 -38.29
CA ALA J 66 13.49 -90.53 -38.62
C ALA J 66 12.51 -90.43 -39.78
N HIS J 67 11.67 -89.40 -39.79
CA HIS J 67 10.70 -89.26 -40.86
C HIS J 67 11.29 -88.67 -42.13
N ASP J 68 12.38 -87.90 -42.02
CA ASP J 68 13.01 -87.24 -43.16
C ASP J 68 13.96 -88.17 -43.90
N LYS J 69 14.32 -89.30 -43.29
CA LYS J 69 15.05 -90.31 -44.04
C LYS J 69 14.28 -90.80 -45.27
N HIS J 70 13.02 -90.42 -45.43
CA HIS J 70 12.21 -90.87 -46.55
C HIS J 70 11.66 -89.72 -47.38
N LEU J 71 12.25 -88.54 -47.30
CA LEU J 71 11.71 -87.35 -47.95
C LEU J 71 12.65 -86.71 -48.96
N VAL J 72 12.14 -85.66 -49.59
CA VAL J 72 12.82 -84.90 -50.63
C VAL J 72 13.97 -84.07 -50.07
N GLU J 73 14.97 -83.80 -50.89
CA GLU J 73 16.09 -82.97 -50.47
C GLU J 73 15.54 -81.55 -50.36
N ARG J 74 16.08 -80.78 -49.41
CA ARG J 74 15.55 -79.46 -49.08
C ARG J 74 16.41 -78.40 -49.74
N GLN J 75 15.83 -77.68 -50.69
CA GLN J 75 16.56 -76.66 -51.42
C GLN J 75 16.65 -75.38 -50.60
N PRO J 76 17.55 -74.46 -50.97
CA PRO J 76 17.53 -73.13 -50.35
C PRO J 76 16.35 -72.34 -50.87
N MET J 77 15.58 -71.75 -49.96
CA MET J 77 14.33 -71.10 -50.33
C MET J 77 14.53 -69.74 -50.97
N PHE J 78 15.57 -69.02 -50.58
CA PHE J 78 15.74 -67.63 -51.00
C PHE J 78 16.91 -67.48 -51.95
N ALA J 79 16.72 -66.62 -52.95
CA ALA J 79 17.76 -66.30 -53.91
C ALA J 79 18.73 -65.31 -53.30
N THR J 80 19.56 -64.71 -54.16
CA THR J 80 20.44 -63.58 -53.84
C THR J 80 21.69 -63.77 -52.99
N SER J 81 21.81 -64.92 -52.33
CA SER J 81 23.09 -65.28 -51.70
C SER J 81 23.90 -66.04 -52.78
N ASP J 82 25.01 -65.44 -53.21
CA ASP J 82 25.56 -65.71 -54.53
C ASP J 82 27.04 -65.76 -54.24
N TYR J 83 27.70 -66.83 -54.69
CA TYR J 83 29.15 -66.92 -54.71
C TYR J 83 29.67 -67.07 -56.15
N SER J 84 29.12 -68.03 -56.89
CA SER J 84 29.38 -68.13 -58.33
C SER J 84 28.22 -67.47 -59.08
N SER J 85 28.09 -66.16 -58.83
CA SER J 85 27.00 -65.40 -59.43
C SER J 85 27.29 -65.07 -60.88
N TRP J 86 28.56 -64.79 -61.20
CA TRP J 86 28.93 -64.35 -62.54
C TRP J 86 28.49 -65.33 -63.63
N ALA J 87 28.28 -66.59 -63.28
CA ALA J 87 27.86 -67.57 -64.29
C ALA J 87 26.35 -67.68 -64.35
N ARG J 88 25.72 -68.01 -63.23
CA ARG J 88 24.29 -68.25 -63.20
C ARG J 88 23.59 -67.19 -62.37
N PRO J 89 22.37 -66.79 -62.72
CA PRO J 89 21.61 -65.89 -61.85
C PRO J 89 20.86 -66.72 -60.81
N THR J 90 21.10 -66.40 -59.55
CA THR J 90 20.53 -67.21 -58.48
C THR J 90 19.03 -66.99 -58.40
N VAL J 91 18.29 -68.08 -58.24
CA VAL J 91 16.82 -68.04 -58.17
C VAL J 91 16.36 -68.93 -57.03
N GLY J 92 15.56 -68.38 -56.13
CA GLY J 92 15.05 -69.14 -55.02
C GLY J 92 13.97 -70.12 -55.43
N LEU J 93 13.41 -70.80 -54.43
CA LEU J 93 12.35 -71.78 -54.66
C LEU J 93 11.26 -71.58 -53.61
N LYS J 94 10.02 -71.43 -54.08
CA LYS J 94 8.89 -71.37 -53.15
C LYS J 94 8.53 -72.78 -52.71
N ARG J 95 8.57 -73.01 -51.41
CA ARG J 95 8.25 -74.33 -50.86
C ARG J 95 6.73 -74.50 -50.72
N THR J 96 6.05 -74.33 -51.85
CA THR J 96 4.60 -74.46 -51.90
C THR J 96 4.13 -75.87 -51.61
N PHE J 97 4.73 -76.88 -52.25
CA PHE J 97 4.50 -78.27 -51.88
C PHE J 97 5.61 -79.14 -52.45
N CYS J 98 6.30 -79.85 -51.55
CA CYS J 98 7.26 -80.88 -51.92
C CYS J 98 7.01 -82.11 -51.04
N PRO J 99 5.82 -82.72 -51.16
CA PRO J 99 5.48 -83.84 -50.28
C PRO J 99 5.77 -85.21 -50.89
N ARG J 100 6.22 -86.12 -50.04
CA ARG J 100 6.50 -87.50 -50.43
C ARG J 100 6.29 -88.44 -49.25
N SER K 2 133.60 -6.83 77.38
CA SER K 2 134.33 -6.85 76.12
C SER K 2 135.27 -5.66 76.03
N PHE K 3 135.04 -4.68 76.88
CA PHE K 3 135.85 -3.48 76.95
C PHE K 3 135.46 -2.71 78.19
N ASP K 4 136.12 -1.59 78.43
CA ASP K 4 135.74 -0.75 79.55
C ASP K 4 135.09 0.53 79.05
N PRO K 5 134.00 0.98 79.68
CA PRO K 5 133.31 2.16 79.16
C PRO K 5 134.08 3.46 79.37
N ASN K 6 134.85 3.57 80.45
CA ASN K 6 135.50 4.83 80.77
C ASN K 6 136.59 5.20 79.77
N ASN K 7 136.92 4.29 78.86
CA ASN K 7 137.87 4.58 77.79
C ASN K 7 137.24 4.28 76.45
N PRO K 8 136.95 5.29 75.62
CA PRO K 8 136.42 5.02 74.29
C PRO K 8 137.46 4.49 73.32
N ARG K 9 138.75 4.72 73.58
CA ARG K 9 139.79 4.33 72.63
C ARG K 9 139.98 2.82 72.55
N THR K 10 139.28 2.06 73.39
CA THR K 10 139.51 0.62 73.46
C THR K 10 138.51 -0.20 72.65
N ILE K 11 137.52 0.42 72.03
CA ILE K 11 136.58 -0.35 71.23
C ILE K 11 137.04 -0.41 69.78
N THR K 12 136.84 -1.57 69.15
CA THR K 12 137.26 -1.82 67.78
C THR K 12 136.68 -3.15 67.33
N ALA K 13 136.89 -3.46 66.04
CA ALA K 13 136.36 -4.68 65.46
C ALA K 13 136.85 -5.92 66.19
N GLN K 14 138.04 -5.88 66.79
CA GLN K 14 138.56 -7.04 67.50
C GLN K 14 137.70 -7.37 68.72
N THR K 15 137.34 -6.36 69.51
CA THR K 15 136.57 -6.58 70.72
C THR K 15 135.06 -6.63 70.47
N LEU K 16 134.56 -5.97 69.42
CA LEU K 16 133.13 -5.97 69.18
C LEU K 16 132.65 -7.25 68.50
N GLU K 17 133.55 -8.05 67.95
CA GLU K 17 133.15 -9.32 67.36
C GLU K 17 132.58 -10.29 68.40
N GLY K 18 132.75 -9.99 69.68
CA GLY K 18 132.41 -10.90 70.77
C GLY K 18 131.08 -11.63 70.68
N ALA K 19 129.98 -10.90 70.69
CA ALA K 19 128.68 -11.55 70.84
C ALA K 19 127.58 -10.62 70.36
N LEU K 20 126.34 -10.96 70.66
CA LEU K 20 125.12 -10.28 70.28
C LEU K 20 125.07 -8.86 70.84
N PRO K 21 124.15 -8.01 70.35
CA PRO K 21 124.10 -6.62 70.87
C PRO K 21 123.82 -6.52 72.35
N VAL K 22 123.33 -7.58 73.00
CA VAL K 22 123.12 -7.54 74.45
C VAL K 22 124.44 -7.24 75.16
N ASP K 23 125.55 -7.80 74.69
CA ASP K 23 126.83 -7.56 75.32
C ASP K 23 127.24 -6.10 75.16
N ILE K 24 127.06 -5.55 73.95
CA ILE K 24 127.35 -4.13 73.73
C ILE K 24 126.55 -3.27 74.69
N LEU K 25 125.23 -3.51 74.76
CA LEU K 25 124.36 -2.62 75.53
C LEU K 25 124.62 -2.75 77.02
N LEU K 26 124.86 -3.98 77.50
CA LEU K 26 125.13 -4.18 78.90
C LEU K 26 126.50 -3.61 79.29
N ARG K 27 127.49 -3.71 78.40
CA ARG K 27 128.76 -3.04 78.65
C ARG K 27 128.56 -1.54 78.78
N LEU K 28 127.81 -0.94 77.84
CA LEU K 28 127.56 0.50 77.92
C LEU K 28 126.68 0.87 79.11
N ASN K 29 126.00 -0.12 79.69
CA ASN K 29 125.09 0.15 80.79
C ASN K 29 125.81 0.36 82.11
N ARG K 30 126.99 -0.22 82.30
CA ARG K 30 127.70 -0.18 83.57
C ARG K 30 128.82 0.85 83.56
N ALA K 31 128.66 1.93 82.81
CA ALA K 31 129.63 3.02 82.81
C ALA K 31 129.58 3.76 84.14
N THR K 32 130.66 4.49 84.44
CA THR K 32 130.74 5.28 85.66
C THR K 32 131.88 6.29 85.59
N ALA K 41 139.67 15.01 71.29
CA ALA K 41 138.43 15.24 72.03
C ALA K 41 137.23 14.66 71.31
N HIS K 42 136.48 15.52 70.61
CA HIS K 42 135.27 15.06 69.96
C HIS K 42 135.57 14.05 68.85
N ALA K 43 136.75 14.10 68.24
CA ALA K 43 137.06 13.12 67.20
C ALA K 43 137.17 11.72 67.78
N ILE K 44 137.70 11.60 68.99
CA ILE K 44 137.82 10.29 69.63
C ILE K 44 136.45 9.65 69.77
N VAL K 45 135.55 10.34 70.46
CA VAL K 45 134.22 9.80 70.69
C VAL K 45 133.35 9.46 69.49
N GLU K 46 133.45 10.23 68.39
CA GLU K 46 132.68 9.89 67.20
C GLU K 46 133.26 8.75 66.32
N ASP K 47 134.60 8.71 66.26
CA ASP K 47 135.28 7.58 65.63
C ASP K 47 134.79 6.36 66.42
N ALA K 48 134.78 6.47 67.75
CA ALA K 48 134.30 5.35 68.56
C ALA K 48 132.83 5.06 68.27
N ARG K 49 132.02 6.10 68.14
CA ARG K 49 130.63 5.92 67.76
C ARG K 49 130.51 5.21 66.41
N ARG K 50 131.37 5.60 65.45
CA ARG K 50 131.29 4.98 64.13
C ARG K 50 131.45 3.46 64.07
N THR K 51 132.59 2.95 64.60
CA THR K 51 132.75 1.50 64.58
C THR K 51 131.86 0.74 65.58
N LEU K 52 131.37 1.49 66.57
CA LEU K 52 130.42 0.92 67.52
C LEU K 52 129.17 0.66 66.68
N PHE K 53 128.79 1.61 65.83
CA PHE K 53 127.66 1.38 64.94
C PHE K 53 127.91 0.18 64.04
N ILE K 54 129.09 0.14 63.40
CA ILE K 54 129.39 -0.98 62.52
C ILE K 54 129.38 -2.29 63.30
N GLY K 55 129.95 -2.28 64.51
CA GLY K 55 129.99 -3.49 65.32
C GLY K 55 128.61 -3.99 65.67
N THR K 56 127.70 -3.09 66.05
CA THR K 56 126.36 -3.52 66.42
C THR K 56 125.58 -3.99 65.21
N SER K 57 125.84 -3.42 64.03
CA SER K 57 125.23 -3.96 62.81
C SER K 57 125.72 -5.39 62.55
N LEU K 58 127.01 -5.63 62.70
CA LEU K 58 127.51 -7.00 62.49
C LEU K 58 126.92 -7.95 63.52
N ALA K 59 126.82 -7.50 64.77
CA ALA K 59 126.17 -8.30 65.81
C ALA K 59 124.72 -8.62 65.44
N LEU K 60 124.00 -7.64 64.90
CA LEU K 60 122.60 -7.87 64.59
C LEU K 60 122.46 -8.83 63.42
N VAL K 61 123.34 -8.75 62.43
CA VAL K 61 123.20 -9.68 61.31
C VAL K 61 123.59 -11.08 61.77
N ASN K 62 124.51 -11.19 62.73
CA ASN K 62 124.84 -12.51 63.26
C ASN K 62 123.66 -13.10 64.03
N LEU K 63 123.01 -12.27 64.86
CA LEU K 63 121.80 -12.73 65.54
C LEU K 63 120.75 -13.20 64.55
N ARG K 64 120.56 -12.45 63.46
CA ARG K 64 119.56 -12.86 62.48
C ARG K 64 119.94 -14.17 61.82
N ARG K 65 121.23 -14.37 61.53
CA ARG K 65 121.66 -15.67 61.02
C ARG K 65 121.26 -16.79 61.97
N ALA K 66 121.61 -16.63 63.25
CA ALA K 66 121.34 -17.67 64.24
C ALA K 66 119.85 -17.98 64.33
N HIS K 67 119.01 -16.96 64.29
CA HIS K 67 117.58 -17.20 64.39
C HIS K 67 116.95 -17.63 63.08
N ASP K 68 117.56 -17.28 61.94
CA ASP K 68 117.04 -17.61 60.62
C ASP K 68 117.42 -19.01 60.19
N LYS K 69 118.38 -19.63 60.87
CA LYS K 69 118.62 -21.05 60.62
C LYS K 69 117.39 -21.91 60.88
N HIS K 70 116.31 -21.36 61.44
CA HIS K 70 115.12 -22.11 61.77
C HIS K 70 113.87 -21.55 61.10
N LEU K 71 114.02 -20.76 60.04
CA LEU K 71 112.90 -20.07 59.42
C LEU K 71 112.81 -20.62 58.00
N VAL K 72 111.71 -20.28 57.35
CA VAL K 72 111.44 -20.71 55.97
C VAL K 72 112.16 -19.79 55.01
N GLU K 73 112.33 -20.21 53.76
CA GLU K 73 112.99 -19.38 52.76
C GLU K 73 112.32 -18.07 52.36
N ARG K 74 113.14 -17.09 51.97
CA ARG K 74 112.66 -15.73 51.72
C ARG K 74 112.52 -15.54 50.21
N GLN K 75 111.27 -15.36 49.77
CA GLN K 75 111.00 -15.21 48.34
C GLN K 75 111.28 -13.77 47.91
N PRO K 76 111.40 -13.53 46.60
CA PRO K 76 111.46 -12.15 46.11
C PRO K 76 110.09 -11.51 46.21
N MET K 77 110.05 -10.31 46.81
CA MET K 77 108.77 -9.68 47.11
C MET K 77 108.11 -9.05 45.90
N PHE K 78 108.90 -8.56 44.94
CA PHE K 78 108.36 -7.79 43.83
C PHE K 78 108.46 -8.54 42.52
N ALA K 79 107.43 -8.40 41.71
CA ALA K 79 107.38 -9.00 40.39
C ALA K 79 108.20 -8.16 39.42
N THR K 80 108.01 -8.42 38.12
CA THR K 80 108.54 -7.63 37.02
C THR K 80 110.02 -7.63 36.66
N SER K 81 110.85 -8.18 37.54
CA SER K 81 112.26 -8.45 37.16
C SER K 81 112.25 -9.88 36.57
N ASP K 82 112.55 -9.98 35.28
CA ASP K 82 112.09 -11.10 34.47
C ASP K 82 113.32 -11.39 33.63
N TYR K 83 113.74 -12.66 33.60
CA TYR K 83 114.72 -13.14 32.66
C TYR K 83 114.13 -14.23 31.75
N SER K 84 113.50 -15.24 32.34
CA SER K 84 112.72 -16.21 31.59
C SER K 84 111.25 -15.80 31.65
N SER K 85 110.99 -14.63 31.08
CA SER K 85 109.63 -14.08 31.11
C SER K 85 108.74 -14.73 30.07
N TRP K 86 109.31 -15.06 28.92
CA TRP K 86 108.52 -15.60 27.81
C TRP K 86 107.75 -16.85 28.18
N ALA K 87 108.17 -17.57 29.22
CA ALA K 87 107.46 -18.77 29.61
C ALA K 87 106.42 -18.47 30.69
N ARG K 88 106.84 -17.90 31.80
CA ARG K 88 105.95 -17.67 32.93
C ARG K 88 105.77 -16.18 33.15
N PRO K 89 104.60 -15.73 33.59
CA PRO K 89 104.44 -14.32 33.97
C PRO K 89 104.86 -14.10 35.42
N THR K 90 105.78 -13.16 35.62
CA THR K 90 106.35 -12.96 36.95
C THR K 90 105.30 -12.38 37.90
N VAL K 91 105.24 -12.95 39.11
CA VAL K 91 104.28 -12.51 40.12
C VAL K 91 104.98 -12.42 41.47
N GLY K 92 104.92 -11.25 42.09
CA GLY K 92 105.53 -11.05 43.38
C GLY K 92 104.78 -11.74 44.50
N LEU K 93 105.25 -11.54 45.72
CA LEU K 93 104.65 -12.12 46.91
C LEU K 93 104.56 -11.05 48.00
N LYS K 94 103.37 -10.85 48.54
CA LYS K 94 103.22 -9.96 49.69
C LYS K 94 103.64 -10.69 50.96
N ARG K 95 104.62 -10.14 51.66
CA ARG K 95 105.13 -10.74 52.89
C ARG K 95 104.24 -10.38 54.07
N THR K 96 102.96 -10.70 53.92
CA THR K 96 101.98 -10.41 54.96
C THR K 96 102.23 -11.20 56.24
N PHE K 97 102.46 -12.50 56.13
CA PHE K 97 102.92 -13.31 57.27
C PHE K 97 103.51 -14.62 56.75
N CYS K 98 104.79 -14.84 57.10
CA CYS K 98 105.45 -16.11 56.90
C CYS K 98 106.21 -16.48 58.18
N PRO K 99 105.48 -16.69 59.27
CA PRO K 99 106.14 -16.96 60.55
C PRO K 99 106.28 -18.43 60.88
N ARG K 100 107.42 -18.77 61.49
CA ARG K 100 107.69 -20.13 61.93
C ARG K 100 108.62 -20.12 63.15
N SER L 2 114.97 -31.21 34.80
CA SER L 2 114.42 -31.93 33.65
C SER L 2 115.00 -31.38 32.35
N PHE L 3 115.57 -30.19 32.43
CA PHE L 3 116.17 -29.52 31.29
C PHE L 3 116.94 -28.31 31.82
N ASP L 4 117.58 -27.59 30.91
CA ASP L 4 118.26 -26.38 31.31
C ASP L 4 117.52 -25.16 30.77
N PRO L 5 117.36 -24.11 31.58
CA PRO L 5 116.57 -22.96 31.10
C PRO L 5 117.27 -22.16 30.03
N ASN L 6 118.61 -22.06 30.05
CA ASN L 6 119.30 -21.19 29.12
C ASN L 6 119.21 -21.68 27.68
N ASN L 7 118.67 -22.87 27.47
CA ASN L 7 118.43 -23.37 26.11
C ASN L 7 116.97 -23.75 25.97
N PRO L 8 116.18 -23.01 25.17
CA PRO L 8 114.79 -23.42 24.93
C PRO L 8 114.65 -24.62 24.02
N ARG L 9 115.66 -24.93 23.19
CA ARG L 9 115.55 -26.00 22.21
C ARG L 9 115.54 -27.38 22.86
N THR L 10 115.73 -27.46 24.18
CA THR L 10 115.87 -28.75 24.84
C THR L 10 114.58 -29.25 25.49
N ILE L 11 113.50 -28.47 25.47
CA ILE L 11 112.25 -28.94 26.06
C ILE L 11 111.41 -29.65 25.01
N THR L 12 110.74 -30.71 25.43
CA THR L 12 109.92 -31.53 24.55
C THR L 12 109.13 -32.53 25.40
N ALA L 13 108.24 -33.27 24.72
CA ALA L 13 107.41 -34.25 25.41
C ALA L 13 108.23 -35.29 26.16
N GLN L 14 109.44 -35.59 25.69
CA GLN L 14 110.27 -36.59 26.36
C GLN L 14 110.68 -36.12 27.75
N THR L 15 111.12 -34.87 27.86
CA THR L 15 111.58 -34.34 29.14
C THR L 15 110.47 -33.78 30.00
N LEU L 16 109.36 -33.33 29.41
CA LEU L 16 108.28 -32.77 30.21
C LEU L 16 107.39 -33.83 30.84
N GLU L 17 107.48 -35.08 30.39
CA GLU L 17 106.72 -36.15 31.01
C GLU L 17 107.13 -36.40 32.45
N GLY L 18 108.26 -35.84 32.89
CA GLY L 18 108.87 -36.11 34.18
C GLY L 18 107.96 -36.16 35.38
N ALA L 19 107.30 -35.05 35.71
CA ALA L 19 106.60 -34.99 36.98
C ALA L 19 105.57 -33.85 36.94
N LEU L 20 105.03 -33.51 38.09
CA LEU L 20 104.01 -32.49 38.32
C LEU L 20 104.47 -31.11 37.89
N PRO L 21 103.57 -30.14 37.76
CA PRO L 21 104.00 -28.79 37.34
C PRO L 21 104.99 -28.11 38.26
N VAL L 22 105.15 -28.60 39.49
CA VAL L 22 106.17 -28.04 40.38
C VAL L 22 107.55 -28.15 39.75
N ASP L 23 107.85 -29.26 39.08
CA ASP L 23 109.15 -29.43 38.45
C ASP L 23 109.32 -28.44 37.32
N ILE L 24 108.30 -28.26 36.49
CA ILE L 24 108.36 -27.26 35.43
C ILE L 24 108.65 -25.89 36.01
N LEU L 25 107.89 -25.47 37.01
CA LEU L 25 107.99 -24.11 37.52
C LEU L 25 109.32 -23.89 38.23
N LEU L 26 109.78 -24.88 38.99
CA LEU L 26 111.06 -24.74 39.68
C LEU L 26 112.22 -24.75 38.70
N ARG L 27 112.13 -25.55 37.63
CA ARG L 27 113.13 -25.47 36.58
C ARG L 27 113.17 -24.07 35.97
N LEU L 28 112.01 -23.53 35.63
CA LEU L 28 111.98 -22.18 35.06
C LEU L 28 112.39 -21.13 36.07
N ASN L 29 112.38 -21.47 37.36
CA ASN L 29 112.70 -20.50 38.40
C ASN L 29 114.18 -20.24 38.54
N ARG L 30 115.03 -21.21 38.19
CA ARG L 30 116.47 -21.10 38.38
C ARG L 30 117.20 -20.73 37.10
N ALA L 31 116.56 -19.97 36.22
CA ALA L 31 117.21 -19.50 35.01
C ALA L 31 118.26 -18.45 35.36
N THR L 32 119.19 -18.22 34.43
CA THR L 32 120.23 -17.21 34.60
C THR L 32 120.92 -16.90 33.29
N ALA L 41 114.87 -17.36 15.84
CA ALA L 41 114.72 -16.39 16.92
C ALA L 41 113.37 -16.56 17.62
N HIS L 42 112.40 -15.72 17.27
CA HIS L 42 111.12 -15.76 17.94
C HIS L 42 110.39 -17.08 17.71
N ALA L 43 110.63 -17.75 16.58
CA ALA L 43 109.98 -19.03 16.33
C ALA L 43 110.43 -20.08 17.34
N ILE L 44 111.72 -20.05 17.70
CA ILE L 44 112.23 -21.01 18.67
C ILE L 44 111.48 -20.90 19.98
N VAL L 45 111.48 -19.71 20.57
CA VAL L 45 110.82 -19.51 21.84
C VAL L 45 109.32 -19.73 21.72
N GLU L 46 108.74 -19.46 20.54
CA GLU L 46 107.31 -19.65 20.38
C GLU L 46 106.95 -21.13 20.42
N ASP L 47 107.62 -21.94 19.59
CA ASP L 47 107.39 -23.39 19.62
C ASP L 47 107.67 -23.95 21.02
N ALA L 48 108.71 -23.45 21.69
CA ALA L 48 109.00 -23.94 23.04
C ALA L 48 107.85 -23.62 23.98
N ARG L 49 107.29 -22.41 23.88
CA ARG L 49 106.13 -22.07 24.68
C ARG L 49 104.97 -23.02 24.40
N ARG L 50 104.76 -23.37 23.14
CA ARG L 50 103.65 -24.25 22.80
C ARG L 50 103.83 -25.63 23.45
N THR L 51 105.00 -26.25 23.24
CA THR L 51 105.19 -27.57 23.82
C THR L 51 105.16 -27.50 25.34
N LEU L 52 105.64 -26.40 25.93
CA LEU L 52 105.60 -26.25 27.37
C LEU L 52 104.17 -26.18 27.87
N PHE L 53 103.30 -25.47 27.15
CA PHE L 53 101.88 -25.42 27.51
C PHE L 53 101.28 -26.82 27.51
N ILE L 54 101.51 -27.57 26.43
CA ILE L 54 100.95 -28.93 26.36
C ILE L 54 101.51 -29.78 27.50
N GLY L 55 102.80 -29.66 27.76
CA GLY L 55 103.41 -30.45 28.82
C GLY L 55 102.82 -30.15 30.19
N THR L 56 102.59 -28.87 30.49
CA THR L 56 102.03 -28.52 31.79
C THR L 56 100.58 -28.95 31.91
N SER L 57 99.84 -28.93 30.79
CA SER L 57 98.49 -29.48 30.82
C SER L 57 98.51 -30.99 31.12
N LEU L 58 99.44 -31.73 30.50
CA LEU L 58 99.51 -33.16 30.80
C LEU L 58 99.91 -33.39 32.25
N ALA L 59 100.85 -32.59 32.75
CA ALA L 59 101.24 -32.65 34.16
C ALA L 59 100.04 -32.40 35.06
N LEU L 60 99.20 -31.41 34.72
CA LEU L 60 98.09 -31.07 35.57
C LEU L 60 97.03 -32.17 35.56
N VAL L 61 96.82 -32.80 34.40
CA VAL L 61 95.80 -33.86 34.40
C VAL L 61 96.34 -35.07 35.14
N ASN L 62 97.67 -35.28 35.12
CA ASN L 62 98.23 -36.38 35.90
C ASN L 62 98.07 -36.12 37.40
N LEU L 63 98.36 -34.89 37.83
CA LEU L 63 98.13 -34.52 39.22
C LEU L 63 96.68 -34.75 39.62
N ARG L 64 95.75 -34.37 38.76
CA ARG L 64 94.34 -34.56 39.10
C ARG L 64 94.00 -36.03 39.18
N ARG L 65 94.55 -36.87 38.31
CA ARG L 65 94.37 -38.30 38.44
C ARG L 65 94.82 -38.79 39.82
N ALA L 66 96.05 -38.41 40.20
CA ALA L 66 96.61 -38.87 41.46
C ALA L 66 95.75 -38.45 42.65
N HIS L 67 95.24 -37.22 42.62
CA HIS L 67 94.42 -36.76 43.74
C HIS L 67 92.99 -37.25 43.66
N ASP L 68 92.49 -37.56 42.48
CA ASP L 68 91.11 -38.01 42.28
C ASP L 68 90.95 -39.49 42.55
N LYS L 69 92.05 -40.23 42.63
CA LYS L 69 91.95 -41.61 43.10
C LYS L 69 91.35 -41.71 44.50
N HIS L 70 91.15 -40.59 45.20
CA HIS L 70 90.63 -40.60 46.55
C HIS L 70 89.35 -39.78 46.70
N LEU L 71 88.66 -39.49 45.61
CA LEU L 71 87.50 -38.61 45.63
C LEU L 71 86.19 -39.21 45.17
N VAL L 72 85.15 -38.39 45.24
CA VAL L 72 83.78 -38.76 44.88
C VAL L 72 83.60 -38.99 43.39
N GLU L 73 82.65 -39.83 43.02
CA GLU L 73 82.37 -40.09 41.61
C GLU L 73 81.69 -38.81 41.11
N ARG L 74 81.94 -38.46 39.86
CA ARG L 74 81.49 -37.19 39.31
C ARG L 74 80.24 -37.41 38.48
N GLN L 75 79.12 -36.84 38.94
CA GLN L 75 77.85 -37.03 38.28
C GLN L 75 77.74 -36.08 37.08
N PRO L 76 76.79 -36.32 36.17
CA PRO L 76 76.52 -35.33 35.13
C PRO L 76 75.78 -34.15 35.73
N MET L 77 76.26 -32.94 35.43
CA MET L 77 75.74 -31.74 36.08
C MET L 77 74.41 -31.29 35.52
N PHE L 78 74.16 -31.53 34.24
CA PHE L 78 73.00 -30.97 33.57
C PHE L 78 71.99 -32.06 33.21
N ALA L 79 70.72 -31.72 33.36
CA ALA L 79 69.64 -32.60 32.99
C ALA L 79 69.41 -32.56 31.49
N THR L 80 68.28 -33.09 31.05
CA THR L 80 67.76 -32.99 29.69
C THR L 80 68.42 -33.79 28.58
N SER L 81 69.59 -34.36 28.85
CA SER L 81 70.19 -35.33 27.92
C SER L 81 69.61 -36.69 28.33
N ASP L 82 68.77 -37.26 27.45
CA ASP L 82 67.80 -38.26 27.87
C ASP L 82 67.88 -39.31 26.79
N TYR L 83 68.07 -40.57 27.18
CA TYR L 83 67.92 -41.71 26.28
C TYR L 83 66.80 -42.64 26.77
N SER L 84 66.84 -43.02 28.04
CA SER L 84 65.71 -43.73 28.66
C SER L 84 64.86 -42.72 29.43
N SER L 85 64.31 -41.77 28.67
CA SER L 85 63.52 -40.70 29.26
C SER L 85 62.13 -41.17 29.62
N TRP L 86 61.56 -42.06 28.81
CA TRP L 86 60.18 -42.49 29.00
C TRP L 86 59.94 -43.09 30.38
N ALA L 87 60.98 -43.56 31.06
CA ALA L 87 60.80 -44.14 32.38
C ALA L 87 61.01 -43.09 33.48
N ARG L 88 62.18 -42.47 33.49
CA ARG L 88 62.52 -41.54 34.55
C ARG L 88 62.65 -40.13 33.99
N PRO L 89 62.29 -39.09 34.76
CA PRO L 89 62.55 -37.72 34.30
C PRO L 89 63.95 -37.32 34.71
N THR L 90 64.76 -36.90 33.73
CA THR L 90 66.15 -36.61 33.99
C THR L 90 66.28 -35.34 34.83
N VAL L 91 67.15 -35.40 35.84
CA VAL L 91 67.35 -34.27 36.75
C VAL L 91 68.85 -34.09 36.98
N GLY L 92 69.35 -32.88 36.72
CA GLY L 92 70.76 -32.60 36.91
C GLY L 92 71.14 -32.51 38.37
N LEU L 93 72.40 -32.17 38.61
CA LEU L 93 72.93 -32.03 39.96
C LEU L 93 73.79 -30.77 40.03
N LYS L 94 73.48 -29.91 40.99
CA LYS L 94 74.32 -28.74 41.24
C LYS L 94 75.55 -29.15 42.03
N ARG L 95 76.73 -28.91 41.48
CA ARG L 95 77.98 -29.28 42.13
C ARG L 95 78.38 -28.21 43.15
N THR L 96 77.46 -27.96 44.08
CA THR L 96 77.68 -26.97 45.12
C THR L 96 78.79 -27.35 46.07
N PHE L 97 78.81 -28.59 46.56
CA PHE L 97 79.94 -29.13 47.31
C PHE L 97 79.85 -30.64 47.35
N CYS L 98 80.91 -31.29 46.84
CA CYS L 98 81.10 -32.74 46.97
C CYS L 98 82.56 -32.99 47.37
N PRO L 99 82.96 -32.51 48.55
CA PRO L 99 84.37 -32.63 48.96
C PRO L 99 84.64 -33.84 49.83
N ARG L 100 85.80 -34.44 49.60
CA ARG L 100 86.26 -35.58 50.39
C ARG L 100 87.79 -35.62 50.44
N SER M 2 68.96 -56.61 36.97
CA SER M 2 67.69 -57.33 37.11
C SER M 2 67.03 -57.51 35.75
N PHE M 3 67.48 -56.72 34.78
CA PHE M 3 66.95 -56.76 33.42
C PHE M 3 67.86 -55.90 32.56
N ASP M 4 67.56 -55.85 31.27
CA ASP M 4 68.32 -54.98 30.39
C ASP M 4 67.48 -53.80 29.97
N PRO M 5 68.05 -52.59 29.93
CA PRO M 5 67.23 -51.41 29.60
C PRO M 5 66.82 -51.36 28.15
N ASN M 6 67.65 -51.85 27.23
CA ASN M 6 67.36 -51.69 25.80
C ASN M 6 66.14 -52.50 25.36
N ASN M 7 65.61 -53.34 26.24
CA ASN M 7 64.38 -54.08 25.95
C ASN M 7 63.35 -53.81 27.05
N PRO M 8 62.27 -53.09 26.76
CA PRO M 8 61.22 -52.90 27.78
C PRO M 8 60.39 -54.14 28.02
N ARG M 9 60.34 -55.08 27.07
CA ARG M 9 59.47 -56.24 27.20
C ARG M 9 59.93 -57.22 28.27
N THR M 10 61.09 -56.97 28.89
CA THR M 10 61.66 -57.92 29.83
C THR M 10 61.39 -57.59 31.28
N ILE M 11 60.73 -56.47 31.58
CA ILE M 11 60.44 -56.15 32.97
C ILE M 11 59.07 -56.70 33.35
N THR M 12 58.97 -57.19 34.59
CA THR M 12 57.75 -57.80 35.10
C THR M 12 57.91 -58.05 36.59
N ALA M 13 56.82 -58.50 37.22
CA ALA M 13 56.84 -58.76 38.66
C ALA M 13 57.90 -59.78 39.06
N GLN M 14 58.25 -60.69 38.16
CA GLN M 14 59.26 -61.70 38.48
C GLN M 14 60.63 -61.07 38.69
N THR M 15 61.02 -60.15 37.81
CA THR M 15 62.32 -59.52 37.89
C THR M 15 62.35 -58.30 38.80
N LEU M 16 61.22 -57.61 38.98
CA LEU M 16 61.22 -56.43 39.82
C LEU M 16 61.15 -56.76 41.31
N GLU M 17 60.81 -57.99 41.67
CA GLU M 17 60.81 -58.38 43.07
C GLU M 17 62.21 -58.34 43.69
N GLY M 18 63.25 -58.22 42.87
CA GLY M 18 64.63 -58.33 43.29
C GLY M 18 65.03 -57.61 44.57
N ALA M 19 64.94 -56.29 44.59
CA ALA M 19 65.52 -55.54 45.69
C ALA M 19 64.89 -54.14 45.74
N LEU M 20 65.49 -53.26 46.53
CA LEU M 20 65.07 -51.90 46.80
C LEU M 20 65.05 -51.05 45.53
N PRO M 21 64.42 -49.87 45.56
CA PRO M 21 64.38 -49.04 44.34
C PRO M 21 65.74 -48.62 43.81
N VAL M 22 66.80 -48.73 44.61
CA VAL M 22 68.14 -48.42 44.11
C VAL M 22 68.47 -49.31 42.91
N ASP M 23 68.09 -50.58 42.95
CA ASP M 23 68.38 -51.48 41.84
C ASP M 23 67.61 -51.05 40.59
N ILE M 24 66.34 -50.70 40.75
CA ILE M 24 65.56 -50.20 39.62
C ILE M 24 66.23 -48.99 39.00
N LEU M 25 66.57 -48.01 39.83
CA LEU M 25 67.08 -46.75 39.31
C LEU M 25 68.45 -46.92 38.68
N LEU M 26 69.31 -47.72 39.30
CA LEU M 26 70.63 -47.96 38.74
C LEU M 26 70.57 -48.76 37.45
N ARG M 27 69.64 -49.72 37.37
CA ARG M 27 69.41 -50.41 36.11
C ARG M 27 68.99 -49.43 35.02
N LEU M 28 68.03 -48.56 35.33
CA LEU M 28 67.60 -47.57 34.34
C LEU M 28 68.68 -46.55 34.05
N ASN M 29 69.69 -46.44 34.91
CA ASN M 29 70.72 -45.44 34.74
C ASN M 29 71.75 -45.82 33.68
N ARG M 30 71.96 -47.12 33.44
CA ARG M 30 72.99 -47.60 32.53
C ARG M 30 72.43 -47.98 31.17
N ALA M 31 71.36 -47.32 30.73
CA ALA M 31 70.81 -47.56 29.42
C ALA M 31 71.74 -47.03 28.35
N THR M 32 71.58 -47.51 27.11
CA THR M 32 72.38 -47.05 25.99
C THR M 32 71.76 -47.49 24.67
N ALA M 41 54.23 -50.54 19.73
CA ALA M 41 55.01 -49.32 19.89
C ALA M 41 54.74 -48.67 21.25
N HIS M 42 53.90 -47.64 21.27
CA HIS M 42 53.65 -46.91 22.51
C HIS M 42 52.99 -47.79 23.56
N ALA M 43 52.23 -48.81 23.15
CA ALA M 43 51.60 -49.69 24.14
C ALA M 43 52.64 -50.48 24.91
N ILE M 44 53.72 -50.90 24.23
CA ILE M 44 54.77 -51.64 24.92
C ILE M 44 55.36 -50.82 26.05
N VAL M 45 55.86 -49.63 25.72
CA VAL M 45 56.47 -48.79 26.74
C VAL M 45 55.45 -48.37 27.78
N GLU M 46 54.18 -48.25 27.40
CA GLU M 46 53.17 -47.83 28.37
C GLU M 46 52.94 -48.92 29.42
N ASP M 47 52.67 -50.16 28.96
CA ASP M 47 52.53 -51.28 29.88
C ASP M 47 53.77 -51.45 30.74
N ALA M 48 54.96 -51.28 30.14
CA ALA M 48 56.19 -51.40 30.91
C ALA M 48 56.26 -50.35 32.00
N ARG M 49 55.87 -49.12 31.69
CA ARG M 49 55.81 -48.09 32.70
C ARG M 49 54.86 -48.47 33.83
N ARG M 50 53.71 -49.06 33.48
CA ARG M 50 52.75 -49.43 34.52
C ARG M 50 53.33 -50.49 35.46
N THR M 51 53.86 -51.58 34.90
CA THR M 51 54.41 -52.61 35.78
C THR M 51 55.60 -52.08 36.56
N LEU M 52 56.38 -51.18 35.98
CA LEU M 52 57.51 -50.60 36.68
C LEU M 52 57.03 -49.76 37.87
N PHE M 53 55.95 -49.00 37.68
CA PHE M 53 55.39 -48.24 38.80
C PHE M 53 54.98 -49.17 39.93
N ILE M 54 54.24 -50.24 39.61
CA ILE M 54 53.82 -51.15 40.65
C ILE M 54 55.02 -51.78 41.33
N GLY M 55 56.04 -52.15 40.55
CA GLY M 55 57.22 -52.77 41.12
C GLY M 55 57.95 -51.85 42.07
N THR M 56 58.08 -50.58 41.71
CA THR M 56 58.79 -49.64 42.58
C THR M 56 58.08 -49.31 43.89
N SER M 57 56.75 -49.27 43.88
CA SER M 57 56.02 -49.14 45.14
C SER M 57 56.13 -50.39 46.02
N LEU M 58 56.17 -51.57 45.39
CA LEU M 58 56.35 -52.79 46.18
C LEU M 58 57.73 -52.72 46.80
N ALA M 59 58.73 -52.30 46.02
CA ALA M 59 60.07 -52.09 46.54
C ALA M 59 60.08 -51.08 47.68
N LEU M 60 59.32 -50.00 47.53
CA LEU M 60 59.33 -48.96 48.56
C LEU M 60 58.64 -49.45 49.83
N VAL M 61 57.57 -50.23 49.69
CA VAL M 61 56.93 -50.69 50.92
C VAL M 61 57.82 -51.73 51.60
N ASN M 62 58.59 -52.48 50.81
CA ASN M 62 59.54 -53.42 51.43
C ASN M 62 60.63 -52.69 52.18
N LEU M 63 61.18 -51.63 51.57
CA LEU M 63 62.16 -50.81 52.27
C LEU M 63 61.60 -50.25 53.57
N ARG M 64 60.34 -49.78 53.53
CA ARG M 64 59.76 -49.24 54.74
C ARG M 64 59.57 -50.31 55.81
N ARG M 65 59.20 -51.52 55.41
CA ARG M 65 59.16 -52.62 56.36
C ARG M 65 60.51 -52.80 57.03
N ALA M 66 61.56 -52.91 56.22
CA ALA M 66 62.90 -53.17 56.76
C ALA M 66 63.33 -52.07 57.74
N HIS M 67 63.03 -50.82 57.41
CA HIS M 67 63.43 -49.73 58.30
C HIS M 67 62.49 -49.55 59.48
N ASP M 68 61.23 -49.96 59.35
CA ASP M 68 60.23 -49.81 60.39
C ASP M 68 60.30 -50.91 61.42
N LYS M 69 61.02 -52.00 61.12
CA LYS M 69 61.29 -52.98 62.17
C LYS M 69 62.04 -52.39 63.36
N HIS M 70 62.50 -51.13 63.27
CA HIS M 70 63.26 -50.51 64.34
C HIS M 70 62.63 -49.21 64.83
N LEU M 71 61.34 -49.00 64.57
CA LEU M 71 60.69 -47.74 64.88
C LEU M 71 59.50 -47.81 65.83
N VAL M 72 58.95 -46.64 66.11
CA VAL M 72 57.82 -46.47 67.01
C VAL M 72 56.52 -47.03 66.49
N GLU M 73 55.62 -47.46 67.37
CA GLU M 73 54.33 -47.99 66.96
C GLU M 73 53.57 -46.76 66.48
N ARG M 74 52.73 -46.95 65.47
CA ARG M 74 52.05 -45.85 64.80
C ARG M 74 50.62 -45.74 65.32
N GLN M 75 50.33 -44.64 66.01
CA GLN M 75 49.03 -44.45 66.60
C GLN M 75 48.04 -43.95 65.54
N PRO M 76 46.73 -44.02 65.83
CA PRO M 76 45.76 -43.38 64.94
C PRO M 76 45.82 -41.88 65.12
N MET M 77 45.92 -41.15 64.00
CA MET M 77 46.14 -39.72 64.07
C MET M 77 44.90 -38.92 64.42
N PHE M 78 43.73 -39.40 64.03
CA PHE M 78 42.50 -38.62 64.15
C PHE M 78 41.57 -39.22 65.20
N ALA M 79 40.93 -38.34 65.96
CA ALA M 79 39.95 -38.74 66.96
C ALA M 79 38.64 -39.05 66.29
N THR M 80 37.58 -39.13 67.10
CA THR M 80 36.18 -39.24 66.68
C THR M 80 35.69 -40.54 66.06
N SER M 81 36.59 -41.45 65.72
CA SER M 81 36.19 -42.82 65.34
C SER M 81 36.13 -43.60 66.66
N ASP M 82 34.92 -43.98 67.06
CA ASP M 82 34.64 -44.29 68.47
C ASP M 82 33.78 -45.55 68.39
N TYR M 83 34.18 -46.59 69.13
CA TYR M 83 33.35 -47.75 69.36
C TYR M 83 33.02 -47.90 70.86
N SER M 84 34.05 -47.86 71.70
CA SER M 84 33.84 -47.79 73.15
C SER M 84 33.96 -46.33 73.59
N SER M 85 33.04 -45.52 73.05
CA SER M 85 33.07 -44.09 73.32
C SER M 85 32.50 -43.78 74.70
N TRP M 86 31.47 -44.52 75.11
CA TRP M 86 30.79 -44.25 76.37
C TRP M 86 31.72 -44.23 77.57
N ALA M 87 32.88 -44.88 77.47
CA ALA M 87 33.80 -44.90 78.60
C ALA M 87 34.83 -43.77 78.49
N ARG M 88 35.57 -43.73 77.39
CA ARG M 88 36.63 -42.76 77.23
C ARG M 88 36.31 -41.79 76.10
N PRO M 89 36.72 -40.54 76.20
CA PRO M 89 36.56 -39.62 75.07
C PRO M 89 37.71 -39.73 74.09
N THR M 90 37.38 -39.94 72.82
CA THR M 90 38.41 -40.18 71.81
C THR M 90 39.25 -38.94 71.55
N VAL M 91 40.57 -39.13 71.55
CA VAL M 91 41.52 -38.02 71.33
C VAL M 91 42.60 -38.44 70.36
N GLY M 92 42.73 -37.72 69.26
CA GLY M 92 43.75 -38.03 68.28
C GLY M 92 45.14 -37.67 68.74
N LEU M 93 46.12 -37.85 67.85
CA LEU M 93 47.51 -37.57 68.14
C LEU M 93 48.11 -36.84 66.94
N LYS M 94 48.73 -35.68 67.19
CA LYS M 94 49.46 -34.99 66.14
C LYS M 94 50.82 -35.62 65.97
N ARG M 95 51.11 -36.11 64.76
CA ARG M 95 52.37 -36.76 64.47
C ARG M 95 53.45 -35.71 64.18
N THR M 96 53.64 -34.82 65.14
CA THR M 96 54.63 -33.76 65.02
C THR M 96 56.04 -34.28 64.98
N PHE M 97 56.41 -35.18 65.89
CA PHE M 97 57.67 -35.90 65.80
C PHE M 97 57.62 -37.14 66.69
N CYS M 98 57.82 -38.30 66.06
CA CYS M 98 58.01 -39.58 66.76
C CYS M 98 59.22 -40.30 66.14
N PRO M 99 60.41 -39.70 66.24
CA PRO M 99 61.58 -40.30 65.57
C PRO M 99 62.40 -41.18 66.49
N ARG M 100 62.91 -42.26 65.91
CA ARG M 100 63.79 -43.19 66.63
C ARG M 100 64.76 -43.87 65.66
N SER N 2 60.16 -33.09 124.71
CA SER N 2 60.74 -32.41 125.87
C SER N 2 59.64 -32.03 126.86
N PHE N 3 58.41 -32.05 126.38
CA PHE N 3 57.25 -31.71 127.20
C PHE N 3 56.01 -32.08 126.40
N ASP N 4 54.84 -31.87 127.01
CA ASP N 4 53.61 -32.11 126.28
C ASP N 4 52.93 -30.79 125.97
N PRO N 5 52.39 -30.62 124.77
CA PRO N 5 51.79 -29.33 124.41
C PRO N 5 50.49 -29.04 125.14
N ASN N 6 49.69 -30.07 125.43
CA ASN N 6 48.36 -29.84 126.00
C ASN N 6 48.43 -29.28 127.41
N ASN N 7 49.62 -29.22 128.01
CA ASN N 7 49.79 -28.61 129.31
C ASN N 7 50.87 -27.53 129.22
N PRO N 8 50.52 -26.26 129.34
CA PRO N 8 51.55 -25.20 129.36
C PRO N 8 52.34 -25.15 130.65
N ARG N 9 51.80 -25.68 131.76
CA ARG N 9 52.46 -25.55 133.05
C ARG N 9 53.73 -26.41 133.15
N THR N 10 54.03 -27.21 132.13
CA THR N 10 55.15 -28.13 132.21
C THR N 10 56.42 -27.63 131.54
N ILE N 11 56.39 -26.46 130.91
CA ILE N 11 57.61 -25.95 130.29
C ILE N 11 58.37 -25.06 131.28
N THR N 12 59.69 -25.16 131.25
CA THR N 12 60.57 -24.43 132.15
C THR N 12 62.01 -24.60 131.69
N ALA N 13 62.91 -23.88 132.36
CA ALA N 13 64.33 -23.94 132.01
C ALA N 13 64.89 -25.35 132.09
N GLN N 14 64.34 -26.21 132.95
CA GLN N 14 64.84 -27.57 133.07
C GLN N 14 64.59 -28.37 131.80
N THR N 15 63.39 -28.27 131.23
CA THR N 15 63.05 -29.02 130.04
C THR N 15 63.46 -28.32 128.75
N LEU N 16 63.56 -26.99 128.74
CA LEU N 16 63.92 -26.29 127.51
C LEU N 16 65.42 -26.32 127.24
N GLU N 17 66.24 -26.66 128.23
CA GLU N 17 67.67 -26.80 127.99
C GLU N 17 68.01 -27.89 127.00
N GLY N 18 67.04 -28.75 126.67
CA GLY N 18 67.26 -29.95 125.87
C GLY N 18 68.12 -29.82 124.65
N ALA N 19 67.70 -29.02 123.67
CA ALA N 19 68.36 -29.03 122.37
C ALA N 19 68.02 -27.76 121.62
N LEU N 20 68.35 -27.74 120.33
CA LEU N 20 68.18 -26.63 119.40
C LEU N 20 66.71 -26.24 119.25
N PRO N 21 66.41 -25.08 118.66
CA PRO N 21 65.00 -24.67 118.50
C PRO N 21 64.15 -25.63 117.67
N VAL N 22 64.77 -26.53 116.90
CA VAL N 22 63.99 -27.52 116.17
C VAL N 22 63.15 -28.36 117.11
N ASP N 23 63.70 -28.72 118.28
CA ASP N 23 62.94 -29.52 119.23
C ASP N 23 61.75 -28.73 119.78
N ILE N 24 61.97 -27.46 120.12
CA ILE N 24 60.88 -26.60 120.57
C ILE N 24 59.77 -26.56 119.52
N LEU N 25 60.15 -26.27 118.27
CA LEU N 25 59.13 -26.04 117.24
C LEU N 25 58.41 -27.34 116.89
N LEU N 26 59.13 -28.45 116.83
CA LEU N 26 58.49 -29.72 116.53
C LEU N 26 57.60 -30.19 117.67
N ARG N 27 58.00 -29.93 118.92
CA ARG N 27 57.11 -30.19 120.04
C ARG N 27 55.83 -29.38 119.92
N LEU N 28 55.95 -28.08 119.65
CA LEU N 28 54.76 -27.25 119.49
C LEU N 28 53.96 -27.63 118.25
N ASN N 29 54.57 -28.36 117.32
CA ASN N 29 53.90 -28.72 116.08
C ASN N 29 52.90 -29.85 116.24
N ARG N 30 53.11 -30.74 117.21
CA ARG N 30 52.27 -31.92 117.38
C ARG N 30 51.24 -31.74 118.48
N ALA N 31 50.77 -30.53 118.70
CA ALA N 31 49.72 -30.27 119.68
C ALA N 31 48.39 -30.84 119.17
N THR N 32 47.46 -31.04 120.10
CA THR N 32 46.14 -31.56 119.76
C THR N 32 45.16 -31.35 120.91
N ALA N 41 44.36 -18.58 134.23
CA ALA N 41 43.97 -18.57 132.83
C ALA N 41 45.03 -17.91 131.96
N HIS N 42 44.81 -16.64 131.61
CA HIS N 42 45.73 -15.97 130.70
C HIS N 42 47.12 -15.82 131.33
N ALA N 43 47.22 -15.74 132.66
CA ALA N 43 48.52 -15.62 133.28
C ALA N 43 49.35 -16.87 133.06
N ILE N 44 48.72 -18.04 133.07
CA ILE N 44 49.46 -19.29 132.84
C ILE N 44 50.12 -19.26 131.47
N VAL N 45 49.32 -19.06 130.43
CA VAL N 45 49.87 -19.07 129.08
C VAL N 45 50.84 -17.91 128.89
N GLU N 46 50.63 -16.79 129.60
CA GLU N 46 51.55 -15.66 129.44
C GLU N 46 52.93 -15.99 130.01
N ASP N 47 52.98 -16.45 131.26
CA ASP N 47 54.25 -16.88 131.84
C ASP N 47 54.91 -17.97 131.00
N ALA N 48 54.11 -18.91 130.48
CA ALA N 48 54.69 -19.95 129.65
C ALA N 48 55.31 -19.37 128.40
N ARG N 49 54.64 -18.40 127.77
CA ARG N 49 55.23 -17.72 126.62
C ARG N 49 56.55 -17.06 126.98
N ARG N 50 56.61 -16.45 128.17
CA ARG N 50 57.85 -15.77 128.56
C ARG N 50 59.00 -16.76 128.71
N THR N 51 58.79 -17.83 129.49
CA THR N 51 59.87 -18.79 129.66
C THR N 51 60.23 -19.45 128.34
N LEU N 52 59.25 -19.67 127.46
CA LEU N 52 59.53 -20.25 126.16
C LEU N 52 60.40 -19.32 125.32
N PHE N 53 60.12 -18.02 125.36
CA PHE N 53 60.97 -17.06 124.66
C PHE N 53 62.41 -17.14 125.15
N ILE N 54 62.60 -17.11 126.48
CA ILE N 54 63.96 -17.18 127.01
C ILE N 54 64.62 -18.49 126.60
N GLY N 55 63.87 -19.59 126.66
CA GLY N 55 64.44 -20.88 126.30
C GLY N 55 64.88 -20.94 124.86
N THR N 56 64.06 -20.39 123.94
CA THR N 56 64.44 -20.42 122.53
C THR N 56 65.62 -19.50 122.24
N SER N 57 65.74 -18.39 122.98
CA SER N 57 66.93 -17.57 122.85
C SER N 57 68.17 -18.32 123.30
N LEU N 58 68.08 -19.04 124.41
CA LEU N 58 69.25 -19.82 124.85
C LEU N 58 69.58 -20.91 123.84
N ALA N 59 68.56 -21.56 123.30
CA ALA N 59 68.76 -22.55 122.24
C ALA N 59 69.45 -21.93 121.03
N LEU N 60 69.06 -20.72 120.66
CA LEU N 60 69.64 -20.12 119.47
C LEU N 60 71.09 -19.72 119.71
N VAL N 61 71.40 -19.24 120.92
CA VAL N 61 72.80 -18.88 121.15
C VAL N 61 73.65 -20.13 121.22
N ASN N 62 73.08 -21.25 121.69
CA ASN N 62 73.83 -22.49 121.70
C ASN N 62 74.10 -22.98 120.28
N LEU N 63 73.08 -22.90 119.42
CA LEU N 63 73.28 -23.24 118.01
C LEU N 63 74.37 -22.38 117.39
N ARG N 64 74.36 -21.08 117.69
CA ARG N 64 75.38 -20.21 117.11
C ARG N 64 76.77 -20.57 117.63
N ARG N 65 76.88 -20.93 118.91
CA ARG N 65 78.16 -21.42 119.41
C ARG N 65 78.64 -22.61 118.59
N ALA N 66 77.76 -23.61 118.43
CA ALA N 66 78.14 -24.83 117.73
C ALA N 66 78.60 -24.54 116.31
N HIS N 67 77.89 -23.64 115.62
CA HIS N 67 78.28 -23.33 114.25
C HIS N 67 79.45 -22.36 114.15
N ASP N 68 79.66 -21.53 115.17
CA ASP N 68 80.73 -20.54 115.17
C ASP N 68 82.06 -21.13 115.59
N LYS N 69 82.06 -22.33 116.16
CA LYS N 69 83.32 -23.02 116.38
C LYS N 69 84.09 -23.26 115.08
N HIS N 70 83.50 -22.97 113.93
CA HIS N 70 84.15 -23.20 112.65
C HIS N 70 84.25 -21.95 111.80
N LEU N 71 84.13 -20.77 112.39
CA LEU N 71 84.07 -19.52 111.65
C LEU N 71 85.30 -18.72 112.09
N VAL N 72 85.55 -17.65 111.35
CA VAL N 72 86.68 -16.75 111.59
C VAL N 72 86.32 -15.79 112.70
N GLU N 73 87.31 -15.15 113.31
CA GLU N 73 87.05 -14.17 114.36
C GLU N 73 86.29 -12.91 113.99
N ARG N 74 85.55 -12.36 114.96
CA ARG N 74 84.65 -11.25 114.72
C ARG N 74 85.31 -9.96 115.19
N GLN N 75 85.60 -9.07 114.23
CA GLN N 75 86.27 -7.83 114.54
C GLN N 75 85.28 -6.81 115.08
N PRO N 76 85.76 -5.73 115.70
CA PRO N 76 84.87 -4.63 116.06
C PRO N 76 84.50 -3.85 114.80
N MET N 77 83.20 -3.62 114.62
CA MET N 77 82.71 -3.03 113.38
C MET N 77 82.95 -1.53 113.28
N PHE N 78 82.94 -0.83 114.40
CA PHE N 78 82.97 0.62 114.40
C PHE N 78 84.29 1.15 114.94
N ALA N 79 84.78 2.21 114.31
CA ALA N 79 85.98 2.88 114.75
C ALA N 79 85.77 3.81 115.93
N THR N 80 86.75 4.65 116.21
CA THR N 80 86.71 5.74 117.18
C THR N 80 86.54 5.49 118.68
N SER N 81 86.39 4.23 119.05
CA SER N 81 86.49 3.85 120.48
C SER N 81 87.99 3.52 120.61
N ASP N 82 88.71 4.33 121.38
CA ASP N 82 90.14 4.47 121.20
C ASP N 82 90.64 4.51 122.63
N TYR N 83 91.64 3.67 122.93
CA TYR N 83 92.39 3.74 124.18
C TYR N 83 93.87 4.04 123.89
N SER N 84 94.48 3.26 123.02
CA SER N 84 95.82 3.57 122.53
C SER N 84 95.69 4.28 121.17
N SER N 85 95.06 5.46 121.24
CA SER N 85 94.80 6.21 120.02
C SER N 85 96.04 6.95 119.56
N TRP N 86 96.85 7.44 120.50
CA TRP N 86 98.01 8.26 120.17
C TRP N 86 98.97 7.56 119.23
N ALA N 87 98.94 6.23 119.16
CA ALA N 87 99.84 5.52 118.26
C ALA N 87 99.19 5.26 116.91
N ARG N 88 98.04 4.59 116.91
CA ARG N 88 97.39 4.19 115.68
C ARG N 88 96.06 4.91 115.54
N PRO N 89 95.64 5.25 114.31
CA PRO N 89 94.30 5.81 114.12
C PRO N 89 93.39 4.60 113.94
N THR N 90 92.42 4.47 114.85
CA THR N 90 91.56 3.29 114.80
C THR N 90 90.61 3.39 113.61
N VAL N 91 90.37 2.27 112.94
CA VAL N 91 89.53 2.25 111.74
C VAL N 91 88.62 1.05 111.86
N GLY N 92 87.32 1.25 111.65
CA GLY N 92 86.37 0.16 111.73
C GLY N 92 86.46 -0.78 110.56
N LEU N 93 85.56 -1.75 110.53
CA LEU N 93 85.51 -2.76 109.47
C LEU N 93 84.06 -2.96 109.06
N LYS N 94 83.78 -2.82 107.77
CA LYS N 94 82.46 -3.13 107.25
C LYS N 94 82.32 -4.64 107.10
N ARG N 95 81.33 -5.21 107.77
CA ARG N 95 81.09 -6.65 107.72
C ARG N 95 80.29 -7.01 106.46
N THR N 96 80.84 -6.63 105.32
CA THR N 96 80.20 -6.90 104.04
C THR N 96 80.13 -8.38 103.71
N PHE N 97 81.23 -9.10 103.87
CA PHE N 97 81.22 -10.56 103.80
C PHE N 97 82.47 -11.12 104.45
N CYS N 98 82.27 -11.96 105.46
CA CYS N 98 83.34 -12.76 106.07
C CYS N 98 82.84 -14.20 106.24
N PRO N 99 82.53 -14.87 105.13
CA PRO N 99 81.95 -16.21 105.23
C PRO N 99 82.98 -17.33 105.13
N ARG N 100 82.76 -18.38 105.90
CA ARG N 100 83.61 -19.57 105.90
C ARG N 100 82.81 -20.81 106.28
N SER O 2 41.76 -57.58 81.94
CA SER O 2 41.06 -57.60 83.22
C SER O 2 39.58 -57.86 83.01
N PHE O 3 39.13 -57.68 81.78
CA PHE O 3 37.74 -57.89 81.40
C PHE O 3 37.66 -57.83 79.88
N ASP O 4 36.46 -58.03 79.35
CA ASP O 4 36.28 -57.91 77.92
C ASP O 4 35.48 -56.66 77.61
N PRO O 5 35.86 -55.90 76.58
CA PRO O 5 35.14 -54.65 76.31
C PRO O 5 33.74 -54.85 75.75
N ASN O 6 33.52 -55.92 74.98
CA ASN O 6 32.24 -56.08 74.30
C ASN O 6 31.10 -56.36 75.29
N ASN O 7 31.42 -56.59 76.55
CA ASN O 7 30.40 -56.74 77.59
C ASN O 7 30.63 -55.74 78.70
N PRO O 8 29.76 -54.74 78.88
CA PRO O 8 29.93 -53.83 80.02
C PRO O 8 29.54 -54.43 81.34
N ARG O 9 28.73 -55.50 81.36
CA ARG O 9 28.24 -56.05 82.61
C ARG O 9 29.33 -56.76 83.41
N THR O 10 30.54 -56.88 82.86
CA THR O 10 31.59 -57.65 83.50
C THR O 10 32.58 -56.81 84.29
N ILE O 11 32.45 -55.48 84.29
CA ILE O 11 33.37 -54.67 85.06
C ILE O 11 32.80 -54.42 86.46
N THR O 12 33.68 -54.41 87.46
CA THR O 12 33.30 -54.24 88.85
C THR O 12 34.56 -54.07 89.69
N ALA O 13 34.36 -53.78 90.97
CA ALA O 13 35.48 -53.59 91.89
C ALA O 13 36.41 -54.79 91.95
N GLN O 14 35.89 -55.99 91.72
CA GLN O 14 36.73 -57.19 91.77
C GLN O 14 37.76 -57.18 90.66
N THR O 15 37.35 -56.85 89.44
CA THR O 15 38.25 -56.86 88.30
C THR O 15 39.03 -55.56 88.13
N LEU O 16 38.49 -54.43 88.60
CA LEU O 16 39.21 -53.17 88.44
C LEU O 16 40.31 -52.97 89.46
N GLU O 17 40.33 -53.76 90.53
CA GLU O 17 41.42 -53.67 91.50
C GLU O 17 42.76 -54.06 90.90
N GLY O 18 42.78 -54.66 89.72
CA GLY O 18 43.96 -55.24 89.11
C GLY O 18 45.23 -54.41 89.15
N ALA O 19 45.25 -53.24 88.53
CA ALA O 19 46.51 -52.53 88.36
C ALA O 19 46.22 -51.07 88.06
N LEU O 20 47.24 -50.34 87.63
CA LEU O 20 47.25 -48.92 87.33
C LEU O 20 46.28 -48.57 86.20
N PRO O 21 45.96 -47.30 86.00
CA PRO O 21 45.01 -46.94 84.92
C PRO O 21 45.46 -47.34 83.53
N VAL O 22 46.73 -47.66 83.32
CA VAL O 22 47.18 -48.14 82.02
C VAL O 22 46.42 -49.39 81.62
N ASP O 23 46.16 -50.29 82.57
CA ASP O 23 45.44 -51.51 82.24
C ASP O 23 44.00 -51.19 81.84
N ILE O 24 43.35 -50.29 82.57
CA ILE O 24 42.00 -49.87 82.20
C ILE O 24 41.98 -49.32 80.78
N LEU O 25 42.89 -48.39 80.49
CA LEU O 25 42.85 -47.70 79.20
C LEU O 25 43.20 -48.63 78.06
N LEU O 26 44.19 -49.50 78.27
CA LEU O 26 44.56 -50.44 77.22
C LEU O 26 43.47 -51.49 77.00
N ARG O 27 42.79 -51.92 78.06
CA ARG O 27 41.63 -52.79 77.89
C ARG O 27 40.56 -52.10 77.05
N LEU O 28 40.23 -50.85 77.38
CA LEU O 28 39.24 -50.12 76.61
C LEU O 28 39.73 -49.82 75.19
N ASN O 29 41.03 -49.90 74.96
CA ASN O 29 41.58 -49.57 73.66
C ASN O 29 41.37 -50.66 72.63
N ARG O 30 41.26 -51.92 73.04
CA ARG O 30 41.16 -53.05 72.12
C ARG O 30 39.74 -53.54 71.96
N ALA O 31 38.76 -52.64 72.07
CA ALA O 31 37.38 -53.00 71.84
C ALA O 31 37.14 -53.28 70.35
N THR O 32 36.05 -53.99 70.06
CA THR O 32 35.69 -54.30 68.68
C THR O 32 34.25 -54.79 68.59
N ALA O 41 19.38 -51.18 78.94
CA ALA O 41 20.04 -50.45 77.88
C ALA O 41 20.97 -49.37 78.44
N HIS O 42 20.50 -48.12 78.46
CA HIS O 42 21.35 -47.03 78.90
C HIS O 42 21.73 -47.16 80.38
N ALA O 43 20.89 -47.81 81.19
CA ALA O 43 21.23 -47.98 82.59
C ALA O 43 22.45 -48.88 82.75
N ILE O 44 22.58 -49.90 81.90
CA ILE O 44 23.72 -50.79 81.98
C ILE O 44 25.02 -50.02 81.79
N VAL O 45 25.12 -49.32 80.65
CA VAL O 45 26.33 -48.58 80.36
C VAL O 45 26.53 -47.45 81.37
N GLU O 46 25.45 -46.90 81.93
CA GLU O 46 25.61 -45.82 82.89
C GLU O 46 26.24 -46.34 84.19
N ASP O 47 25.65 -47.39 84.77
CA ASP O 47 26.25 -48.00 85.96
C ASP O 47 27.68 -48.43 85.70
N ALA O 48 27.95 -48.99 84.51
CA ALA O 48 29.32 -49.41 84.19
C ALA O 48 30.26 -48.21 84.19
N ARG O 49 29.82 -47.10 83.62
CA ARG O 49 30.63 -45.88 83.66
C ARG O 49 30.90 -45.45 85.09
N ARG O 50 29.89 -45.56 85.97
CA ARG O 50 30.09 -45.14 87.35
C ARG O 50 31.14 -46.00 88.04
N THR O 51 30.99 -47.33 87.98
CA THR O 51 31.98 -48.18 88.65
C THR O 51 33.35 -48.01 88.02
N LEU O 52 33.41 -47.77 86.71
CA LEU O 52 34.69 -47.55 86.05
C LEU O 52 35.35 -46.29 86.56
N PHE O 53 34.58 -45.22 86.76
CA PHE O 53 35.13 -44.00 87.33
C PHE O 53 35.73 -44.27 88.71
N ILE O 54 34.96 -44.93 89.58
CA ILE O 54 35.48 -45.21 90.92
C ILE O 54 36.75 -46.07 90.82
N GLY O 55 36.74 -47.07 89.94
CA GLY O 55 37.90 -47.93 89.80
C GLY O 55 39.13 -47.19 89.35
N THR O 56 38.99 -46.28 88.39
CA THR O 56 40.15 -45.53 87.92
C THR O 56 40.64 -44.55 88.96
N SER O 57 39.73 -44.00 89.78
CA SER O 57 40.18 -43.18 90.89
C SER O 57 41.00 -44.00 91.90
N LEU O 58 40.53 -45.21 92.21
CA LEU O 58 41.31 -46.04 93.13
C LEU O 58 42.67 -46.40 92.53
N ALA O 59 42.68 -46.72 91.23
CA ALA O 59 43.93 -46.97 90.53
C ALA O 59 44.88 -45.77 90.61
N LEU O 60 44.34 -44.57 90.45
CA LEU O 60 45.19 -43.39 90.45
C LEU O 60 45.73 -43.12 91.84
N VAL O 61 44.94 -43.35 92.88
CA VAL O 61 45.47 -43.10 94.22
C VAL O 61 46.52 -44.16 94.55
N ASN O 62 46.36 -45.37 94.03
CA ASN O 62 47.38 -46.39 94.25
C ASN O 62 48.69 -46.03 93.55
N LEU O 63 48.59 -45.55 92.30
CA LEU O 63 49.77 -45.07 91.61
C LEU O 63 50.46 -43.97 92.38
N ARG O 64 49.68 -43.03 92.93
CA ARG O 64 50.29 -41.95 93.68
C ARG O 64 50.97 -42.45 94.95
N ARG O 65 50.36 -43.44 95.62
CA ARG O 65 51.04 -44.06 96.75
C ARG O 65 52.41 -44.60 96.33
N ALA O 66 52.42 -45.41 95.26
CA ALA O 66 53.66 -46.04 94.81
C ALA O 66 54.72 -45.01 94.49
N HIS O 67 54.34 -43.91 93.84
CA HIS O 67 55.33 -42.90 93.48
C HIS O 67 55.68 -41.97 94.65
N ASP O 68 54.78 -41.81 95.61
CA ASP O 68 54.98 -40.93 96.75
C ASP O 68 55.79 -41.59 97.85
N LYS O 69 55.96 -42.91 97.80
CA LYS O 69 56.90 -43.55 98.71
C LYS O 69 58.32 -43.01 98.54
N HIS O 70 58.59 -42.19 97.54
CA HIS O 70 59.92 -41.66 97.29
C HIS O 70 59.97 -40.14 97.28
N LEU O 71 58.98 -39.48 97.87
CA LEU O 71 58.88 -38.03 97.80
C LEU O 71 58.92 -37.40 99.18
N VAL O 72 58.95 -36.07 99.17
CA VAL O 72 59.06 -35.23 100.37
C VAL O 72 57.71 -35.25 101.07
N GLU O 73 57.71 -35.02 102.38
CA GLU O 73 56.48 -34.94 103.14
C GLU O 73 55.72 -33.67 102.76
N ARG O 74 54.39 -33.74 102.86
CA ARG O 74 53.53 -32.66 102.37
C ARG O 74 53.05 -31.79 103.53
N GLN O 75 53.46 -30.52 103.50
CA GLN O 75 53.12 -29.61 104.57
C GLN O 75 51.70 -29.08 104.38
N PRO O 76 51.11 -28.49 105.42
CA PRO O 76 49.84 -27.78 105.24
C PRO O 76 50.08 -26.47 104.50
N MET O 77 49.30 -26.24 103.44
CA MET O 77 49.55 -25.10 102.56
C MET O 77 49.09 -23.79 103.15
N PHE O 78 48.03 -23.79 103.95
CA PHE O 78 47.40 -22.56 104.41
C PHE O 78 47.62 -22.35 105.89
N ALA O 79 47.86 -21.09 106.25
CA ALA O 79 48.02 -20.70 107.65
C ALA O 79 46.65 -20.58 108.31
N THR O 80 46.63 -19.96 109.49
CA THR O 80 45.43 -19.56 110.21
C THR O 80 44.74 -20.76 110.86
N SER O 81 45.19 -21.96 110.54
CA SER O 81 44.74 -23.16 111.24
C SER O 81 45.53 -23.28 112.53
N ASP O 82 44.92 -22.90 113.65
CA ASP O 82 45.66 -22.62 114.87
C ASP O 82 45.02 -23.33 116.05
N TYR O 83 45.80 -24.16 116.74
CA TYR O 83 45.43 -24.72 118.03
C TYR O 83 46.39 -24.25 119.13
N SER O 84 47.68 -24.41 118.91
CA SER O 84 48.69 -23.82 119.79
C SER O 84 49.17 -22.50 119.18
N SER O 85 48.22 -21.57 119.05
CA SER O 85 48.51 -20.30 118.43
C SER O 85 49.24 -19.36 119.38
N TRP O 86 48.90 -19.43 120.67
CA TRP O 86 49.47 -18.51 121.64
C TRP O 86 50.99 -18.54 121.68
N ALA O 87 51.61 -19.63 121.23
CA ALA O 87 53.06 -19.70 121.24
C ALA O 87 53.66 -19.23 119.92
N ARG O 88 53.25 -19.86 118.82
CA ARG O 88 53.83 -19.56 117.52
C ARG O 88 52.79 -18.93 116.61
N PRO O 89 53.17 -18.02 115.73
CA PRO O 89 52.23 -17.52 114.73
C PRO O 89 52.20 -18.42 113.51
N THR O 90 51.00 -18.88 113.16
CA THR O 90 50.87 -19.86 112.08
C THR O 90 51.21 -19.22 110.74
N VAL O 91 52.02 -19.93 109.94
CA VAL O 91 52.44 -19.45 108.63
C VAL O 91 52.34 -20.58 107.62
N GLY O 92 51.59 -20.36 106.55
CA GLY O 92 51.43 -21.36 105.51
C GLY O 92 52.68 -21.52 104.68
N LEU O 93 52.57 -22.38 103.66
CA LEU O 93 53.67 -22.66 102.75
C LEU O 93 53.15 -22.67 101.32
N LYS O 94 53.76 -21.87 100.44
CA LYS O 94 53.42 -21.93 99.04
C LYS O 94 54.11 -23.12 98.38
N ARG O 95 53.31 -24.01 97.80
CA ARG O 95 53.85 -25.21 97.15
C ARG O 95 54.33 -24.88 95.75
N THR O 96 55.24 -23.92 95.68
CA THR O 96 55.81 -23.48 94.41
C THR O 96 56.63 -24.57 93.74
N PHE O 97 57.54 -25.21 94.47
CA PHE O 97 58.22 -26.41 93.98
C PHE O 97 58.83 -27.17 95.16
N CYS O 98 58.41 -28.43 95.30
CA CYS O 98 59.03 -29.37 96.23
C CYS O 98 59.26 -30.70 95.50
N PRO O 99 60.09 -30.69 94.46
CA PRO O 99 60.28 -31.90 93.65
C PRO O 99 61.47 -32.74 94.08
N ARG O 100 61.29 -34.05 94.00
CA ARG O 100 62.35 -35.01 94.31
C ARG O 100 62.16 -36.30 93.52
N SER P 2 -29.22 -92.90 82.90
CA SER P 2 -29.80 -93.60 81.77
C SER P 2 -29.14 -93.16 80.47
N PHE P 3 -28.45 -92.03 80.52
CA PHE P 3 -27.77 -91.46 79.37
C PHE P 3 -26.90 -90.32 79.88
N ASP P 4 -26.17 -89.70 78.96
CA ASP P 4 -25.39 -88.54 79.35
C ASP P 4 -25.99 -87.28 78.74
N PRO P 5 -26.07 -86.18 79.50
CA PRO P 5 -26.73 -84.98 78.96
C PRO P 5 -25.92 -84.30 77.87
N ASN P 6 -24.60 -84.33 77.94
CA ASN P 6 -23.78 -83.57 77.00
C ASN P 6 -23.89 -84.10 75.58
N ASN P 7 -24.54 -85.24 75.39
CA ASN P 7 -24.78 -85.77 74.05
C ASN P 7 -26.27 -86.02 73.87
N PRO P 8 -26.95 -85.25 73.01
CA PRO P 8 -28.37 -85.53 72.75
C PRO P 8 -28.59 -86.74 71.88
N ARG P 9 -27.59 -87.17 71.10
CA ARG P 9 -27.78 -88.27 70.16
C ARG P 9 -27.94 -89.62 70.86
N THR P 10 -27.80 -89.66 72.18
CA THR P 10 -27.81 -90.93 72.89
C THR P 10 -29.14 -91.28 73.52
N ILE P 11 -30.15 -90.41 73.43
CA ILE P 11 -31.45 -90.74 74.01
C ILE P 11 -32.33 -91.40 72.95
N THR P 12 -33.11 -92.38 73.39
CA THR P 12 -33.98 -93.16 72.52
C THR P 12 -34.88 -94.03 73.37
N ALA P 13 -35.81 -94.71 72.70
CA ALA P 13 -36.75 -95.58 73.39
C ALA P 13 -36.06 -96.67 74.21
N GLN P 14 -34.87 -97.10 73.79
CA GLN P 14 -34.16 -98.15 74.52
C GLN P 14 -33.75 -97.66 75.91
N THR P 15 -33.20 -96.45 75.99
CA THR P 15 -32.72 -95.92 77.25
C THR P 15 -33.81 -95.22 78.06
N LEU P 16 -34.84 -94.69 77.42
CA LEU P 16 -35.89 -93.99 78.17
C LEU P 16 -37.01 -94.71 78.90
N GLU P 17 -37.28 -95.97 78.59
CA GLU P 17 -38.23 -96.74 79.40
C GLU P 17 -37.70 -97.35 80.80
N GLY P 18 -36.53 -96.81 81.12
CA GLY P 18 -35.74 -97.22 82.26
C GLY P 18 -36.69 -97.14 83.44
N ALA P 19 -37.23 -95.96 83.72
CA ALA P 19 -37.97 -95.77 84.95
C ALA P 19 -38.87 -94.55 84.83
N LEU P 20 -39.41 -94.11 85.96
CA LEU P 20 -40.35 -92.99 86.11
C LEU P 20 -39.74 -91.67 85.64
N PRO P 21 -40.54 -90.63 85.45
CA PRO P 21 -39.98 -89.34 84.99
C PRO P 21 -38.93 -88.65 85.84
N VAL P 22 -38.81 -89.01 87.13
CA VAL P 22 -37.74 -88.44 87.95
C VAL P 22 -36.36 -88.82 87.44
N ASP P 23 -36.24 -90.00 86.84
CA ASP P 23 -34.95 -90.42 86.30
C ASP P 23 -34.64 -89.50 85.13
N ILE P 24 -35.63 -89.25 84.27
CA ILE P 24 -35.44 -88.32 83.17
C ILE P 24 -35.03 -86.95 83.70
N LEU P 25 -35.79 -86.44 84.67
CA LEU P 25 -35.56 -85.07 85.13
C LEU P 25 -34.24 -84.94 85.88
N LEU P 26 -33.90 -85.94 86.69
CA LEU P 26 -32.64 -85.89 87.41
C LEU P 26 -31.44 -86.05 86.47
N ARG P 27 -31.59 -86.87 85.42
CA ARG P 27 -30.55 -86.94 84.41
C ARG P 27 -30.35 -85.58 83.74
N LEU P 28 -31.46 -84.94 83.35
CA LEU P 28 -31.35 -83.62 82.73
C LEU P 28 -30.86 -82.56 83.71
N ASN P 29 -30.94 -82.86 85.01
CA ASN P 29 -30.57 -81.88 86.02
C ASN P 29 -29.07 -81.75 86.20
N ARG P 30 -28.31 -82.81 85.92
CA ARG P 30 -26.86 -82.83 86.15
C ARG P 30 -26.07 -82.59 84.88
N ALA P 31 -26.61 -81.80 83.95
CA ALA P 31 -25.88 -81.44 82.75
C ALA P 31 -24.75 -80.48 83.10
N THR P 32 -23.78 -80.38 82.19
CA THR P 32 -22.65 -79.46 82.36
C THR P 32 -21.90 -79.27 81.05
N ALA P 41 -27.44 -79.87 63.44
CA ALA P 41 -27.54 -78.84 64.48
C ALA P 41 -28.91 -78.87 65.15
N HIS P 42 -29.79 -77.95 64.72
CA HIS P 42 -31.10 -77.84 65.37
C HIS P 42 -31.94 -79.10 65.16
N ALA P 43 -31.73 -79.82 64.06
CA ALA P 43 -32.48 -81.05 63.84
C ALA P 43 -32.16 -82.09 64.90
N ILE P 44 -30.90 -82.18 65.31
CA ILE P 44 -30.51 -83.15 66.33
C ILE P 44 -31.29 -82.91 67.61
N VAL P 45 -31.18 -81.69 68.14
CA VAL P 45 -31.86 -81.38 69.39
C VAL P 45 -33.38 -81.48 69.29
N GLU P 46 -33.95 -81.20 68.12
CA GLU P 46 -35.40 -81.28 67.98
C GLU P 46 -35.88 -82.73 67.99
N ASP P 47 -35.23 -83.59 67.19
CA ASP P 47 -35.56 -85.01 67.21
C ASP P 47 -35.39 -85.54 68.62
N ALA P 48 -34.33 -85.12 69.32
CA ALA P 48 -34.13 -85.57 70.68
C ALA P 48 -35.27 -85.11 71.59
N ARG P 49 -35.70 -83.86 71.42
CA ARG P 49 -36.85 -83.37 72.17
C ARG P 49 -38.08 -84.22 71.88
N ARG P 50 -38.29 -84.60 70.63
CA ARG P 50 -39.47 -85.39 70.29
C ARG P 50 -39.53 -86.74 71.01
N THR P 51 -38.48 -87.55 70.88
CA THR P 51 -38.51 -88.85 71.55
C THR P 51 -38.46 -88.72 73.06
N LEU P 52 -37.88 -87.62 73.56
CA LEU P 52 -37.86 -87.39 74.99
C LEU P 52 -39.29 -87.15 75.44
N PHE P 53 -40.06 -86.39 74.67
CA PHE P 53 -41.48 -86.20 74.98
C PHE P 53 -42.21 -87.54 75.01
N ILE P 54 -42.02 -88.35 73.97
CA ILE P 54 -42.70 -89.65 73.93
C ILE P 54 -42.26 -90.51 75.11
N GLY P 55 -40.97 -90.49 75.43
CA GLY P 55 -40.48 -91.29 76.52
C GLY P 55 -41.07 -90.89 77.86
N THR P 56 -41.18 -89.57 78.10
CA THR P 56 -41.74 -89.13 79.38
C THR P 56 -43.24 -89.41 79.45
N SER P 57 -43.93 -89.37 78.32
CA SER P 57 -45.34 -89.79 78.33
C SER P 57 -45.46 -91.27 78.69
N LEU P 58 -44.60 -92.12 78.12
CA LEU P 58 -44.67 -93.53 78.47
C LEU P 58 -44.33 -93.75 79.94
N ALA P 59 -43.33 -93.02 80.45
CA ALA P 59 -43.01 -93.06 81.86
C ALA P 59 -44.20 -92.65 82.73
N LEU P 60 -44.92 -91.62 82.31
CA LEU P 60 -46.03 -91.14 83.12
C LEU P 60 -47.18 -92.13 83.11
N VAL P 61 -47.42 -92.79 81.97
CA VAL P 61 -48.52 -93.75 81.97
C VAL P 61 -48.13 -94.97 82.79
N ASN P 62 -46.84 -95.30 82.81
CA ASN P 62 -46.40 -96.41 83.65
C ASN P 62 -46.57 -96.08 85.13
N LEU P 63 -46.18 -94.86 85.53
CA LEU P 63 -46.41 -94.42 86.89
C LEU P 63 -47.89 -94.50 87.26
N ARG P 64 -48.76 -94.07 86.34
CA ARG P 64 -50.19 -94.11 86.64
C ARG P 64 -50.68 -95.54 86.78
N ARG P 65 -50.17 -96.46 85.96
CA ARG P 65 -50.50 -97.87 86.15
C ARG P 65 -50.14 -98.33 87.54
N ALA P 66 -48.89 -98.06 87.95
CA ALA P 66 -48.41 -98.53 89.26
C ALA P 66 -49.26 -97.97 90.39
N HIS P 67 -49.65 -96.70 90.30
CA HIS P 67 -50.45 -96.11 91.37
C HIS P 67 -51.93 -96.47 91.27
N ASP P 68 -52.42 -96.78 90.08
CA ASP P 68 -53.82 -97.11 89.85
C ASP P 68 -54.14 -98.56 90.17
N LYS P 69 -53.11 -99.40 90.31
CA LYS P 69 -53.36 -100.74 90.84
C LYS P 69 -54.00 -100.73 92.22
N HIS P 70 -54.11 -99.57 92.86
CA HIS P 70 -54.67 -99.48 94.19
C HIS P 70 -55.86 -98.53 94.27
N LEU P 71 -56.49 -98.22 93.15
CA LEU P 71 -57.56 -97.23 93.11
C LEU P 71 -58.90 -97.80 92.64
N VAL P 72 -59.89 -96.92 92.65
CA VAL P 72 -61.27 -97.23 92.30
C VAL P 72 -61.43 -97.42 90.80
N GLU P 73 -62.42 -98.19 90.39
CA GLU P 73 -62.70 -98.38 88.97
C GLU P 73 -63.23 -97.06 88.42
N ARG P 74 -62.93 -96.80 87.15
CA ARG P 74 -63.23 -95.50 86.53
C ARG P 74 -64.48 -95.65 85.67
N GLN P 75 -65.55 -94.96 86.08
CA GLN P 75 -66.80 -95.05 85.39
C GLN P 75 -66.79 -94.14 84.15
N PRO P 76 -67.72 -94.33 83.22
CA PRO P 76 -67.88 -93.37 82.13
C PRO P 76 -68.52 -92.09 82.66
N MET P 77 -67.92 -90.96 82.34
CA MET P 77 -68.34 -89.70 82.93
C MET P 77 -69.61 -89.14 82.30
N PHE P 78 -69.84 -89.40 81.01
CA PHE P 78 -70.92 -88.76 80.29
C PHE P 78 -72.01 -89.75 79.94
N ALA P 79 -73.25 -89.30 80.04
CA ALA P 79 -74.41 -90.10 79.67
C ALA P 79 -74.58 -90.09 78.16
N THR P 80 -75.76 -90.52 77.71
CA THR P 80 -76.22 -90.43 76.33
C THR P 80 -75.60 -91.35 75.27
N SER P 81 -74.49 -92.00 75.62
CA SER P 81 -73.96 -93.06 74.76
C SER P 81 -74.69 -94.34 75.19
N ASP P 82 -75.54 -94.86 74.31
CA ASP P 82 -76.61 -95.76 74.72
C ASP P 82 -76.63 -96.83 73.64
N TYR P 83 -76.61 -98.10 74.06
CA TYR P 83 -76.88 -99.23 73.19
C TYR P 83 -78.08 -100.05 73.70
N SER P 84 -78.07 -100.37 74.99
CA SER P 84 -79.24 -100.97 75.63
C SER P 84 -80.02 -99.84 76.31
N SER P 85 -80.45 -98.89 75.49
CA SER P 85 -81.15 -97.71 76.01
C SER P 85 -82.59 -98.05 76.36
N TRP P 86 -83.23 -98.90 75.56
CA TRP P 86 -84.64 -99.20 75.75
C TRP P 86 -84.98 -99.72 77.14
N ALA P 87 -84.00 -100.26 77.86
CA ALA P 87 -84.28 -100.76 79.21
C ALA P 87 -84.00 -99.70 80.27
N ARG P 88 -82.78 -99.18 80.30
CA ARG P 88 -82.39 -98.24 81.33
C ARG P 88 -82.10 -96.88 80.72
N PRO P 89 -82.39 -95.79 81.43
CA PRO P 89 -81.98 -94.47 80.94
C PRO P 89 -80.56 -94.13 81.34
N THR P 90 -79.75 -93.76 80.34
CA THR P 90 -78.33 -93.54 80.59
C THR P 90 -78.09 -92.30 81.46
N VAL P 91 -77.26 -92.46 82.47
CA VAL P 91 -76.95 -91.38 83.41
C VAL P 91 -75.44 -91.33 83.68
N GLY P 92 -74.82 -90.19 83.39
CA GLY P 92 -73.41 -90.04 83.62
C GLY P 92 -73.06 -89.92 85.09
N LEU P 93 -71.78 -89.69 85.37
CA LEU P 93 -71.27 -89.55 86.72
C LEU P 93 -70.31 -88.38 86.77
N LYS P 94 -70.56 -87.45 87.68
CA LYS P 94 -69.61 -86.36 87.91
C LYS P 94 -68.45 -86.85 88.76
N ARG P 95 -67.25 -86.74 88.24
CA ARG P 95 -66.05 -87.20 88.95
C ARG P 95 -65.59 -86.13 89.93
N THR P 96 -66.51 -85.76 90.83
CA THR P 96 -66.22 -84.75 91.84
C THR P 96 -65.17 -85.20 92.84
N PHE P 97 -65.29 -86.41 93.37
CA PHE P 97 -64.23 -87.02 94.18
C PHE P 97 -64.47 -88.52 94.27
N CYS P 98 -63.47 -89.29 93.82
CA CYS P 98 -63.41 -90.74 94.01
C CYS P 98 -62.01 -91.10 94.47
N PRO P 99 -61.60 -90.61 95.64
CA PRO P 99 -60.21 -90.86 96.09
C PRO P 99 -60.08 -92.05 97.02
N ARG P 100 -58.98 -92.76 96.86
CA ARG P 100 -58.65 -93.91 97.71
C ARG P 100 -57.14 -94.09 97.81
N SER Q 2 106.30 -7.73 122.27
CA SER Q 2 107.61 -7.09 122.17
C SER Q 2 107.76 -6.01 123.22
N PHE Q 3 106.64 -5.60 123.80
CA PHE Q 3 106.62 -4.58 124.85
C PHE Q 3 105.22 -4.57 125.43
N ASP Q 4 105.02 -3.71 126.44
CA ASP Q 4 103.69 -3.57 126.99
C ASP Q 4 103.10 -2.23 126.60
N PRO Q 5 101.82 -2.17 126.23
CA PRO Q 5 101.26 -0.90 125.77
C PRO Q 5 101.07 0.11 126.88
N ASN Q 6 100.77 -0.32 128.10
CA ASN Q 6 100.44 0.61 129.17
C ASN Q 6 101.64 1.45 129.59
N ASN Q 7 102.83 1.13 129.10
CA ASN Q 7 104.02 1.95 129.36
C ASN Q 7 104.65 2.36 128.03
N PRO Q 8 104.61 3.64 127.68
CA PRO Q 8 105.29 4.08 126.46
C PRO Q 8 106.80 4.14 126.59
N ARG Q 9 107.33 4.22 127.81
CA ARG Q 9 108.76 4.39 128.01
C ARG Q 9 109.55 3.14 127.65
N THR Q 10 108.87 2.03 127.31
CA THR Q 10 109.56 0.77 127.09
C THR Q 10 109.81 0.45 125.62
N ILE Q 11 109.36 1.30 124.69
CA ILE Q 11 109.62 1.03 123.28
C ILE Q 11 110.91 1.71 122.86
N THR Q 12 111.67 1.03 122.00
CA THR Q 12 112.97 1.52 121.52
C THR Q 12 113.45 0.61 120.40
N ALA Q 13 114.56 1.00 119.78
CA ALA Q 13 115.13 0.23 118.69
C ALA Q 13 115.45 -1.20 119.08
N GLN Q 14 115.76 -1.45 120.35
CA GLN Q 14 116.08 -2.81 120.78
C GLN Q 14 114.87 -3.72 120.67
N THR Q 15 113.71 -3.25 121.12
CA THR Q 15 112.50 -4.07 121.10
C THR Q 15 111.75 -4.01 119.78
N LEU Q 16 111.87 -2.92 119.02
CA LEU Q 16 111.16 -2.82 117.76
C LEU Q 16 111.83 -3.57 116.63
N GLU Q 17 113.09 -3.96 116.79
CA GLU Q 17 113.75 -4.77 115.77
C GLU Q 17 113.10 -6.14 115.59
N GLY Q 18 112.22 -6.54 116.49
CA GLY Q 18 111.65 -7.87 116.54
C GLY Q 18 111.18 -8.48 115.23
N ALA Q 19 110.19 -7.88 114.60
CA ALA Q 19 109.56 -8.53 113.46
C ALA Q 19 108.82 -7.49 112.63
N LEU Q 20 107.99 -7.97 111.70
CA LEU Q 20 107.20 -7.21 110.75
C LEU Q 20 106.22 -6.27 111.45
N PRO Q 21 105.64 -5.30 110.72
CA PRO Q 21 104.68 -4.37 111.38
C PRO Q 21 103.47 -5.05 112.00
N VAL Q 22 103.18 -6.29 111.63
CA VAL Q 22 102.06 -7.00 112.27
C VAL Q 22 102.27 -7.09 113.78
N ASP Q 23 103.51 -7.32 114.22
CA ASP Q 23 103.78 -7.41 115.64
C ASP Q 23 103.55 -6.05 116.32
N ILE Q 24 104.02 -4.97 115.70
CA ILE Q 24 103.77 -3.64 116.23
C ILE Q 24 102.28 -3.40 116.39
N LEU Q 25 101.52 -3.65 115.32
CA LEU Q 25 100.10 -3.30 115.33
C LEU Q 25 99.31 -4.17 116.29
N LEU Q 26 99.64 -5.46 116.35
CA LEU Q 26 98.95 -6.35 117.28
C LEU Q 26 99.30 -6.03 118.73
N ARG Q 27 100.55 -5.66 118.99
CA ARG Q 27 100.90 -5.17 120.32
C ARG Q 27 100.08 -3.95 120.70
N LEU Q 28 100.00 -2.98 119.80
CA LEU Q 28 99.20 -1.78 120.08
C LEU Q 28 97.72 -2.09 120.15
N ASN Q 29 97.30 -3.24 119.63
CA ASN Q 29 95.89 -3.58 119.59
C ASN Q 29 95.36 -4.07 120.92
N ARG Q 30 96.21 -4.65 121.77
CA ARG Q 30 95.78 -5.25 123.03
C ARG Q 30 96.06 -4.34 124.22
N ALA Q 31 96.01 -3.03 124.01
CA ALA Q 31 96.18 -2.08 125.10
C ALA Q 31 94.96 -2.13 126.02
N THR Q 32 95.12 -1.63 127.25
CA THR Q 32 94.03 -1.56 128.21
C THR Q 32 94.39 -0.65 129.37
N ALA Q 41 105.23 14.25 130.44
CA ALA Q 41 103.88 14.05 129.95
C ALA Q 41 103.86 13.91 128.43
N HIS Q 42 103.51 14.99 127.73
CA HIS Q 42 103.38 14.91 126.29
C HIS Q 42 104.71 14.61 125.61
N ALA Q 43 105.84 14.99 126.23
CA ALA Q 43 107.13 14.69 125.62
C ALA Q 43 107.38 13.18 125.59
N ILE Q 44 106.95 12.47 126.63
CA ILE Q 44 107.13 11.01 126.66
C ILE Q 44 106.45 10.37 125.47
N VAL Q 45 105.14 10.60 125.34
CA VAL Q 45 104.39 9.99 124.26
C VAL Q 45 104.88 10.50 122.90
N GLU Q 46 105.39 11.74 122.85
CA GLU Q 46 105.87 12.26 121.56
C GLU Q 46 107.13 11.52 121.12
N ASP Q 47 108.14 11.45 121.99
CA ASP Q 47 109.34 10.68 121.67
C ASP Q 47 109.01 9.23 121.35
N ALA Q 48 108.06 8.64 122.08
CA ALA Q 48 107.68 7.26 121.81
C ALA Q 48 107.09 7.14 120.40
N ARG Q 49 106.24 8.08 120.02
CA ARG Q 49 105.71 8.09 118.66
C ARG Q 49 106.83 8.18 117.63
N ARG Q 50 107.84 9.01 117.91
CA ARG Q 50 108.93 9.15 116.94
C ARG Q 50 109.69 7.83 116.76
N THR Q 51 110.12 7.22 117.87
CA THR Q 51 110.86 5.96 117.72
C THR Q 51 109.98 4.89 117.12
N LEU Q 52 108.68 4.90 117.43
CA LEU Q 52 107.78 3.91 116.84
C LEU Q 52 107.68 4.10 115.33
N PHE Q 53 107.63 5.35 114.87
CA PHE Q 53 107.62 5.59 113.43
C PHE Q 53 108.86 5.02 112.77
N ILE Q 54 110.03 5.33 113.34
CA ILE Q 54 111.27 4.81 112.75
C ILE Q 54 111.27 3.29 112.77
N GLY Q 55 110.81 2.70 113.88
CA GLY Q 55 110.78 1.25 113.97
C GLY Q 55 109.90 0.60 112.93
N THR Q 56 108.71 1.19 112.70
CA THR Q 56 107.80 0.61 111.71
C THR Q 56 108.33 0.80 110.30
N SER Q 57 109.04 1.89 110.05
CA SER Q 57 109.70 2.03 108.75
C SER Q 57 110.76 0.97 108.54
N LEU Q 58 111.57 0.69 109.57
CA LEU Q 58 112.57 -0.37 109.44
C LEU Q 58 111.90 -1.72 109.22
N ALA Q 59 110.82 -1.98 109.96
CA ALA Q 59 110.04 -3.20 109.77
C ALA Q 59 109.53 -3.31 108.34
N LEU Q 60 109.05 -2.21 107.78
CA LEU Q 60 108.48 -2.26 106.45
C LEU Q 60 109.57 -2.50 105.40
N VAL Q 61 110.74 -1.91 105.59
CA VAL Q 61 111.79 -2.14 104.59
C VAL Q 61 112.29 -3.58 104.71
N ASN Q 62 112.26 -4.14 105.92
CA ASN Q 62 112.64 -5.54 106.06
C ASN Q 62 111.64 -6.46 105.37
N LEU Q 63 110.34 -6.19 105.56
CA LEU Q 63 109.33 -6.95 104.84
C LEU Q 63 109.53 -6.86 103.34
N ARG Q 64 109.85 -5.66 102.83
CA ARG Q 64 110.04 -5.53 101.39
C ARG Q 64 111.26 -6.31 100.93
N ARG Q 65 112.33 -6.32 101.73
CA ARG Q 65 113.48 -7.17 101.39
C ARG Q 65 113.03 -8.62 101.25
N ALA Q 66 112.33 -9.13 102.26
CA ALA Q 66 111.93 -10.54 102.26
C ALA Q 66 111.08 -10.87 101.05
N HIS Q 67 110.16 -9.98 100.68
CA HIS Q 67 109.30 -10.26 99.53
C HIS Q 67 109.98 -9.97 98.20
N ASP Q 68 110.97 -9.09 98.17
CA ASP Q 68 111.67 -8.70 96.95
C ASP Q 68 112.77 -9.69 96.59
N LYS Q 69 113.16 -10.55 97.52
CA LYS Q 69 114.05 -11.65 97.15
C LYS Q 69 113.47 -12.54 96.06
N HIS Q 70 112.20 -12.36 95.69
CA HIS Q 70 111.55 -13.18 94.69
C HIS Q 70 110.99 -12.38 93.51
N LEU Q 71 111.46 -11.16 93.31
CA LEU Q 71 110.91 -10.27 92.31
C LEU Q 71 111.95 -9.89 91.26
N VAL Q 72 111.47 -9.17 90.25
CA VAL Q 72 112.25 -8.74 89.10
C VAL Q 72 113.15 -7.58 89.50
N GLU Q 73 114.24 -7.39 88.75
CA GLU Q 73 115.14 -6.28 89.00
C GLU Q 73 114.47 -4.96 88.66
N ARG Q 74 114.84 -3.90 89.39
CA ARG Q 74 114.15 -2.62 89.29
C ARG Q 74 114.99 -1.68 88.43
N GLN Q 75 114.45 -1.31 87.27
CA GLN Q 75 115.17 -0.47 86.34
C GLN Q 75 115.06 0.99 86.76
N PRO Q 76 115.91 1.87 86.22
CA PRO Q 76 115.71 3.31 86.44
C PRO Q 76 114.53 3.79 85.61
N MET Q 77 113.62 4.51 86.25
CA MET Q 77 112.37 4.89 85.61
C MET Q 77 112.52 6.04 84.64
N PHE Q 78 113.45 6.95 84.88
CA PHE Q 78 113.54 8.18 84.11
C PHE Q 78 114.79 8.19 83.24
N ALA Q 79 114.63 8.71 82.04
CA ALA Q 79 115.74 8.87 81.11
C ALA Q 79 116.55 10.10 81.48
N THR Q 80 117.42 10.53 80.56
CA THR Q 80 118.15 11.79 80.61
C THR Q 80 119.30 11.73 81.61
N SER Q 81 119.36 10.67 82.41
CA SER Q 81 120.50 10.43 83.28
C SER Q 81 121.58 9.77 82.45
N ASP Q 82 122.58 10.54 82.06
CA ASP Q 82 123.47 10.15 80.97
C ASP Q 82 124.92 10.35 81.38
N TYR Q 83 125.71 9.27 81.31
CA TYR Q 83 127.16 9.35 81.43
C TYR Q 83 127.84 8.87 80.14
N SER Q 84 127.46 7.70 79.67
CA SER Q 84 127.89 7.23 78.35
C SER Q 84 126.77 7.53 77.34
N SER Q 85 126.49 8.82 77.19
CA SER Q 85 125.42 9.26 76.31
C SER Q 85 125.84 9.22 74.85
N TRP Q 86 127.10 9.53 74.58
CA TRP Q 86 127.57 9.62 73.20
C TRP Q 86 127.35 8.35 72.41
N ALA Q 87 127.21 7.21 73.09
CA ALA Q 87 126.98 5.95 72.37
C ALA Q 87 125.50 5.65 72.21
N ARG Q 88 124.78 5.58 73.33
CA ARG Q 88 123.38 5.19 73.31
C ARG Q 88 122.52 6.36 73.74
N PRO Q 89 121.30 6.50 73.19
CA PRO Q 89 120.38 7.52 73.71
C PRO Q 89 119.62 6.85 74.85
N THR Q 90 119.76 7.41 76.04
CA THR Q 90 119.14 6.76 77.20
C THR Q 90 117.64 6.95 77.16
N VAL Q 91 116.88 5.92 77.53
CA VAL Q 91 115.42 5.95 77.45
C VAL Q 91 114.92 5.35 78.76
N GLY Q 92 113.98 6.03 79.40
CA GLY Q 92 113.42 5.55 80.65
C GLY Q 92 112.48 4.38 80.44
N LEU Q 93 111.86 3.94 81.54
CA LEU Q 93 110.94 2.83 81.52
C LEU Q 93 109.73 3.18 82.37
N LYS Q 94 108.54 3.06 81.79
CA LYS Q 94 107.31 3.23 82.56
C LYS Q 94 107.03 1.98 83.35
N ARG Q 95 106.93 2.11 84.67
CA ARG Q 95 106.68 0.96 85.54
C ARG Q 95 105.18 0.68 85.59
N THR Q 96 104.61 0.45 84.41
CA THR Q 96 103.19 0.14 84.29
C THR Q 96 102.81 -1.17 84.92
N PHE Q 97 103.56 -2.23 84.66
CA PHE Q 97 103.41 -3.50 85.38
C PHE Q 97 104.66 -4.36 85.18
N CYS Q 98 105.30 -4.70 86.30
CA CYS Q 98 106.38 -5.69 86.32
C CYS Q 98 106.14 -6.65 87.48
N PRO Q 99 105.03 -7.40 87.44
CA PRO Q 99 104.69 -8.27 88.58
C PRO Q 99 105.17 -9.69 88.41
N ARG Q 100 105.59 -10.28 89.52
CA ARG Q 100 106.02 -11.68 89.56
C ARG Q 100 105.79 -12.28 90.93
N SER R 2 -9.43 -68.80 125.14
CA SER R 2 -8.68 -68.95 123.90
C SER R 2 -7.60 -67.88 123.80
N PHE R 3 -7.75 -66.83 124.61
CA PHE R 3 -6.81 -65.72 124.64
C PHE R 3 -7.16 -64.86 125.85
N ASP R 4 -6.38 -63.81 126.06
CA ASP R 4 -6.70 -62.89 127.13
C ASP R 4 -7.20 -61.58 126.56
N PRO R 5 -8.24 -60.98 127.13
CA PRO R 5 -8.79 -59.75 126.55
C PRO R 5 -7.89 -58.54 126.73
N ASN R 6 -7.14 -58.47 127.83
CA ASN R 6 -6.37 -57.26 128.12
C ASN R 6 -5.22 -57.07 127.13
N ASN R 7 -4.97 -58.05 126.28
CA ASN R 7 -3.96 -57.90 125.23
C ASN R 7 -4.59 -58.19 123.88
N PRO R 8 -4.74 -57.20 123.01
CA PRO R 8 -5.26 -57.47 121.66
C PRO R 8 -4.25 -58.15 120.75
N ARG R 9 -2.95 -58.04 121.05
CA ARG R 9 -1.93 -58.58 120.15
C ARG R 9 -1.90 -60.10 120.14
N THR R 10 -2.71 -60.75 120.98
CA THR R 10 -2.63 -62.20 121.11
C THR R 10 -3.69 -62.94 120.31
N ILE R 11 -4.60 -62.25 119.63
CA ILE R 11 -5.60 -62.94 118.83
C ILE R 11 -5.10 -63.12 117.41
N THR R 12 -5.41 -64.28 116.82
CA THR R 12 -4.98 -64.64 115.48
C THR R 12 -5.70 -65.91 115.05
N ALA R 13 -5.48 -66.29 113.79
CA ALA R 13 -6.12 -67.48 113.24
C ALA R 13 -5.79 -68.73 114.04
N GLN R 14 -4.61 -68.79 114.67
CA GLN R 14 -4.25 -69.97 115.44
C GLN R 14 -5.16 -70.15 116.66
N THR R 15 -5.44 -69.08 117.38
CA THR R 15 -6.26 -69.16 118.57
C THR R 15 -7.75 -69.05 118.29
N LEU R 16 -8.15 -68.38 117.20
CA LEU R 16 -9.58 -68.26 116.90
C LEU R 16 -10.35 -69.39 116.28
N GLU R 17 -9.67 -70.36 115.66
CA GLU R 17 -10.39 -71.55 115.16
C GLU R 17 -10.84 -72.58 116.24
N GLY R 18 -10.64 -72.18 117.49
CA GLY R 18 -10.86 -73.00 118.67
C GLY R 18 -12.25 -73.59 118.56
N ALA R 19 -13.29 -72.74 118.51
CA ALA R 19 -14.64 -73.25 118.64
C ALA R 19 -15.62 -72.22 118.09
N LEU R 20 -16.90 -72.42 118.37
CA LEU R 20 -18.03 -71.62 117.93
C LEU R 20 -17.94 -70.18 118.42
N PRO R 21 -18.75 -69.27 117.87
CA PRO R 21 -18.67 -67.87 118.33
C PRO R 21 -18.95 -67.53 119.78
N VAL R 22 -19.60 -68.42 120.53
CA VAL R 22 -19.79 -68.18 121.95
C VAL R 22 -18.47 -68.15 122.73
N ASP R 23 -17.47 -68.89 122.25
CA ASP R 23 -16.17 -68.88 122.91
C ASP R 23 -15.61 -67.49 122.68
N ILE R 24 -15.69 -66.96 121.46
CA ILE R 24 -15.24 -65.60 121.18
C ILE R 24 -15.98 -64.62 122.09
N LEU R 25 -17.31 -64.71 122.12
CA LEU R 25 -18.10 -63.70 122.83
C LEU R 25 -17.90 -63.80 124.33
N LEU R 26 -17.82 -65.03 124.86
CA LEU R 26 -17.60 -65.19 126.29
C LEU R 26 -16.19 -64.76 126.70
N ARG R 27 -15.19 -64.99 125.84
CA ARG R 27 -13.87 -64.46 126.09
C ARG R 27 -13.90 -62.93 126.16
N LEU R 28 -14.55 -62.30 125.18
CA LEU R 28 -14.66 -60.85 125.18
C LEU R 28 -15.51 -60.35 126.33
N ASN R 29 -16.32 -61.21 126.93
CA ASN R 29 -17.22 -60.80 127.99
C ASN R 29 -16.52 -60.61 129.33
N ARG R 30 -15.42 -61.31 129.57
CA ARG R 30 -14.74 -61.29 130.86
C ARG R 30 -13.51 -60.38 130.85
N ALA R 31 -13.54 -59.32 130.05
CA ALA R 31 -12.46 -58.35 130.04
C ALA R 31 -12.46 -57.56 131.34
N THR R 32 -11.33 -56.93 131.64
CA THR R 32 -11.19 -56.09 132.83
C THR R 32 -9.95 -55.22 132.75
N ALA R 41 -0.86 -48.02 118.37
CA ALA R 41 -2.09 -47.62 119.07
C ALA R 41 -3.33 -48.11 118.33
N HIS R 42 -3.95 -47.20 117.58
CA HIS R 42 -5.19 -47.56 116.89
C HIS R 42 -4.99 -48.65 115.85
N ALA R 43 -3.78 -48.74 115.27
CA ALA R 43 -3.54 -49.79 114.29
C ALA R 43 -3.60 -51.17 114.93
N ILE R 44 -3.12 -51.29 116.16
CA ILE R 44 -3.16 -52.58 116.85
C ILE R 44 -4.60 -53.06 116.97
N VAL R 45 -5.44 -52.24 117.61
CA VAL R 45 -6.83 -52.64 117.81
C VAL R 45 -7.58 -52.82 116.50
N GLU R 46 -7.22 -52.09 115.45
CA GLU R 46 -7.92 -52.24 114.18
C GLU R 46 -7.59 -53.56 113.51
N ASP R 47 -6.28 -53.88 113.42
CA ASP R 47 -5.87 -55.18 112.88
C ASP R 47 -6.50 -56.29 113.69
N ALA R 48 -6.55 -56.13 115.02
CA ALA R 48 -7.16 -57.15 115.87
C ALA R 48 -8.64 -57.30 115.53
N ARG R 49 -9.34 -56.18 115.34
CA ARG R 49 -10.74 -56.25 114.93
C ARG R 49 -10.88 -56.98 113.60
N ARG R 50 -9.97 -56.73 112.66
CA ARG R 50 -10.07 -57.40 111.36
C ARG R 50 -10.06 -58.93 111.39
N THR R 51 -9.00 -59.51 111.97
CA THR R 51 -8.97 -60.97 112.02
C THR R 51 -9.98 -61.58 113.01
N LEU R 52 -10.43 -60.75 113.96
CA LEU R 52 -11.47 -61.19 114.89
C LEU R 52 -12.72 -61.36 114.02
N PHE R 53 -12.96 -60.41 113.11
CA PHE R 53 -14.09 -60.54 112.19
C PHE R 53 -13.95 -61.80 111.35
N ILE R 54 -12.76 -62.00 110.76
CA ILE R 54 -12.56 -63.19 109.93
C ILE R 54 -12.74 -64.45 110.76
N GLY R 55 -12.20 -64.44 111.98
CA GLY R 55 -12.32 -65.62 112.84
C GLY R 55 -13.75 -65.95 113.18
N THR R 56 -14.56 -64.94 113.48
CA THR R 56 -15.96 -65.21 113.83
C THR R 56 -16.75 -65.66 112.61
N SER R 57 -16.40 -65.17 111.42
CA SER R 57 -17.03 -65.69 110.21
C SER R 57 -16.69 -67.16 110.01
N LEU R 58 -15.43 -67.54 110.23
CA LEU R 58 -15.08 -68.95 110.08
C LEU R 58 -15.80 -69.80 111.13
N ALA R 59 -15.89 -69.29 112.36
CA ALA R 59 -16.65 -69.97 113.40
C ALA R 59 -18.10 -70.15 113.01
N LEU R 60 -18.70 -69.12 112.40
CA LEU R 60 -20.11 -69.21 112.05
C LEU R 60 -20.33 -70.20 110.92
N VAL R 61 -19.41 -70.25 109.95
CA VAL R 61 -19.62 -71.21 108.87
C VAL R 61 -19.40 -72.63 109.39
N ASN R 62 -18.53 -72.79 110.40
CA ASN R 62 -18.36 -74.11 110.99
C ASN R 62 -19.61 -74.53 111.74
N LEU R 63 -20.19 -73.61 112.51
CA LEU R 63 -21.46 -73.91 113.17
C LEU R 63 -22.53 -74.30 112.17
N ARG R 64 -22.60 -73.59 111.05
CA ARG R 64 -23.62 -73.93 110.06
C ARG R 64 -23.37 -75.30 109.45
N ARG R 65 -22.09 -75.65 109.22
CA ARG R 65 -21.79 -77.01 108.77
C ARG R 65 -22.34 -78.03 109.76
N ALA R 66 -22.01 -77.86 111.04
CA ALA R 66 -22.41 -78.82 112.06
C ALA R 66 -23.92 -78.97 112.11
N HIS R 67 -24.66 -77.86 112.01
CA HIS R 67 -26.11 -77.94 112.07
C HIS R 67 -26.74 -78.37 110.75
N ASP R 68 -26.07 -78.13 109.62
CA ASP R 68 -26.58 -78.46 108.30
C ASP R 68 -26.35 -79.92 107.94
N LYS R 69 -25.48 -80.61 108.68
CA LYS R 69 -25.39 -82.05 108.50
C LYS R 69 -26.71 -82.76 108.75
N HIS R 70 -27.73 -82.06 109.25
CA HIS R 70 -29.01 -82.68 109.56
C HIS R 70 -30.18 -82.01 108.83
N LEU R 71 -29.91 -81.29 107.76
CA LEU R 71 -30.94 -80.52 107.07
C LEU R 71 -31.19 -80.84 105.60
N VAL R 72 -32.15 -80.10 105.04
CA VAL R 72 -32.56 -80.27 103.64
C VAL R 72 -31.51 -79.86 102.62
N GLU R 73 -31.52 -80.48 101.45
CA GLU R 73 -30.58 -80.13 100.39
C GLU R 73 -31.09 -78.78 99.92
N ARG R 74 -30.16 -77.90 99.52
CA ARG R 74 -30.49 -76.52 99.20
C ARG R 74 -30.57 -76.37 97.68
N GLN R 75 -31.77 -76.08 97.18
CA GLN R 75 -31.99 -75.96 95.76
C GLN R 75 -31.53 -74.59 95.26
N PRO R 76 -31.36 -74.42 93.96
CA PRO R 76 -31.13 -73.07 93.42
C PRO R 76 -32.42 -72.28 93.45
N MET R 77 -32.36 -71.06 93.99
CA MET R 77 -33.56 -70.28 94.22
C MET R 77 -34.12 -69.64 92.96
N PHE R 78 -33.26 -69.29 92.01
CA PHE R 78 -33.67 -68.50 90.86
C PHE R 78 -33.62 -69.33 89.59
N ALA R 79 -34.62 -69.11 88.74
CA ALA R 79 -34.68 -69.76 87.44
C ALA R 79 -33.75 -69.06 86.47
N THR R 80 -33.93 -69.35 85.17
CA THR R 80 -33.29 -68.67 84.05
C THR R 80 -31.82 -68.89 83.78
N SER R 81 -31.10 -69.50 84.72
CA SER R 81 -29.73 -69.96 84.45
C SER R 81 -29.88 -71.37 83.85
N ASP R 82 -29.55 -71.50 82.58
CA ASP R 82 -30.07 -72.60 81.77
C ASP R 82 -28.86 -73.07 80.97
N TYR R 83 -28.58 -74.37 81.02
CA TYR R 83 -27.62 -75.00 80.13
C TYR R 83 -28.31 -76.06 79.24
N SER R 84 -29.06 -76.96 79.86
CA SER R 84 -29.92 -77.88 79.11
C SER R 84 -31.34 -77.31 79.11
N SER R 85 -31.46 -76.14 78.49
CA SER R 85 -32.75 -75.45 78.46
C SER R 85 -33.67 -76.05 77.41
N TRP R 86 -33.10 -76.49 76.29
CA TRP R 86 -33.91 -76.98 75.18
C TRP R 86 -34.82 -78.13 75.58
N ALA R 87 -34.51 -78.84 76.65
CA ALA R 87 -35.37 -79.94 77.08
C ALA R 87 -36.40 -79.48 78.10
N ARG R 88 -35.95 -78.91 79.21
CA ARG R 88 -36.84 -78.54 80.29
C ARG R 88 -36.86 -77.03 80.45
N PRO R 89 -37.99 -76.44 80.84
CA PRO R 89 -38.00 -75.01 81.16
C PRO R 89 -37.63 -74.91 82.62
N THR R 90 -36.53 -74.22 82.90
CA THR R 90 -36.05 -74.17 84.28
C THR R 90 -36.95 -73.27 85.10
N VAL R 91 -37.22 -73.67 86.34
CA VAL R 91 -38.14 -72.93 87.21
C VAL R 91 -37.47 -72.85 88.58
N GLY R 92 -37.42 -71.65 89.15
CA GLY R 92 -36.83 -71.47 90.45
C GLY R 92 -37.68 -72.02 91.57
N LEU R 93 -37.23 -71.81 92.80
CA LEU R 93 -37.93 -72.28 93.99
C LEU R 93 -37.92 -71.17 95.03
N LYS R 94 -39.10 -70.82 95.53
CA LYS R 94 -39.19 -69.87 96.64
C LYS R 94 -38.88 -70.58 97.94
N ARG R 95 -37.86 -70.11 98.65
CA ARG R 95 -37.45 -70.71 99.91
C ARG R 95 -38.34 -70.20 101.06
N THR R 96 -39.64 -70.38 100.88
CA THR R 96 -40.61 -69.96 101.87
C THR R 96 -40.48 -70.70 103.18
N PHE R 97 -40.39 -72.03 103.14
CA PHE R 97 -40.06 -72.82 104.32
C PHE R 97 -39.59 -74.21 103.88
N CYS R 98 -38.37 -74.55 104.29
CA CYS R 98 -37.83 -75.90 104.15
C CYS R 98 -37.16 -76.29 105.47
N PRO R 99 -37.94 -76.37 106.55
CA PRO R 99 -37.34 -76.65 107.86
C PRO R 99 -37.37 -78.12 108.24
N ARG R 100 -36.30 -78.54 108.91
CA ARG R 100 -36.18 -79.91 109.41
C ARG R 100 -35.29 -79.95 110.65
N SER S 2 -77.47 -113.77 84.07
CA SER S 2 -78.80 -114.36 84.17
C SER S 2 -79.43 -114.49 82.80
N PHE S 3 -78.88 -113.78 81.83
CA PHE S 3 -79.37 -113.80 80.46
C PHE S 3 -78.34 -113.06 79.61
N ASP S 4 -78.61 -113.01 78.31
CA ASP S 4 -77.73 -112.24 77.44
C ASP S 4 -78.44 -110.99 76.95
N PRO S 5 -77.75 -109.85 76.92
CA PRO S 5 -78.43 -108.60 76.54
C PRO S 5 -78.79 -108.54 75.06
N ASN S 6 -77.98 -109.14 74.19
CA ASN S 6 -78.21 -108.98 72.75
C ASN S 6 -79.49 -109.67 72.29
N ASN S 7 -80.12 -110.44 73.16
CA ASN S 7 -81.42 -111.06 72.85
C ASN S 7 -82.44 -110.66 73.90
N PRO S 8 -83.43 -109.85 73.56
CA PRO S 8 -84.49 -109.53 74.53
C PRO S 8 -85.46 -110.68 74.77
N ARG S 9 -85.56 -111.63 73.85
CA ARG S 9 -86.55 -112.69 73.97
C ARG S 9 -86.22 -113.69 75.07
N THR S 10 -85.06 -113.54 75.72
CA THR S 10 -84.63 -114.53 76.70
C THR S 10 -84.91 -114.14 78.14
N ILE S 11 -85.45 -112.94 78.39
CA ILE S 11 -85.77 -112.57 79.77
C ILE S 11 -87.19 -112.97 80.11
N THR S 12 -87.38 -113.42 81.35
CA THR S 12 -88.68 -113.90 81.83
C THR S 12 -88.59 -114.12 83.34
N ALA S 13 -89.73 -114.44 83.93
CA ALA S 13 -89.79 -114.67 85.37
C ALA S 13 -88.85 -115.77 85.83
N GLN S 14 -88.56 -116.75 84.97
CA GLN S 14 -87.67 -117.84 85.35
C GLN S 14 -86.25 -117.33 85.58
N THR S 15 -85.74 -116.48 84.70
CA THR S 15 -84.38 -115.99 84.81
C THR S 15 -84.26 -114.75 85.70
N LEU S 16 -85.33 -113.96 85.83
CA LEU S 16 -85.25 -112.75 86.65
C LEU S 16 -85.36 -112.84 88.16
N GLU S 17 -85.89 -113.94 88.70
CA GLU S 17 -85.89 -114.10 90.15
C GLU S 17 -84.51 -114.48 90.80
N GLY S 18 -83.50 -114.47 89.93
CA GLY S 18 -82.15 -114.89 90.26
C GLY S 18 -81.73 -114.19 91.53
N ALA S 19 -81.69 -112.86 91.53
CA ALA S 19 -81.08 -112.14 92.64
C ALA S 19 -81.56 -110.70 92.64
N LEU S 20 -80.91 -109.87 93.43
CA LEU S 20 -81.20 -108.45 93.66
C LEU S 20 -81.09 -107.65 92.37
N PRO S 21 -81.60 -106.41 92.35
CA PRO S 21 -81.52 -105.60 91.12
C PRO S 21 -80.15 -105.28 90.53
N VAL S 22 -79.08 -105.42 91.32
CA VAL S 22 -77.73 -105.21 90.76
C VAL S 22 -77.40 -106.25 89.68
N ASP S 23 -77.95 -107.46 89.81
CA ASP S 23 -77.70 -108.48 88.81
C ASP S 23 -78.37 -108.01 87.53
N ILE S 24 -79.62 -107.54 87.63
CA ILE S 24 -80.32 -106.99 86.47
C ILE S 24 -79.50 -105.87 85.85
N LEU S 25 -79.08 -104.90 86.67
CA LEU S 25 -78.44 -103.71 86.14
C LEU S 25 -77.07 -104.02 85.56
N LEU S 26 -76.32 -104.90 86.22
CA LEU S 26 -75.01 -105.28 85.72
C LEU S 26 -75.11 -106.10 84.44
N ARG S 27 -76.12 -106.96 84.35
CA ARG S 27 -76.38 -107.66 83.09
C ARG S 27 -76.66 -106.67 81.97
N LEU S 28 -77.54 -105.70 82.23
CA LEU S 28 -77.84 -104.70 81.21
C LEU S 28 -76.66 -103.80 80.93
N ASN S 29 -75.67 -103.77 81.83
CA ASN S 29 -74.53 -102.88 81.67
C ASN S 29 -73.52 -103.39 80.66
N ARG S 30 -73.44 -104.70 80.45
CA ARG S 30 -72.43 -105.30 79.58
C ARG S 30 -72.98 -105.66 78.21
N ALA S 31 -73.96 -104.91 77.73
CA ALA S 31 -74.49 -105.12 76.40
C ALA S 31 -73.46 -104.70 75.35
N THR S 32 -73.64 -105.20 74.13
CA THR S 32 -72.76 -104.86 73.01
C THR S 32 -73.38 -105.25 71.68
N ALA S 41 -90.96 -106.69 66.20
CA ALA S 41 -90.06 -105.55 66.37
C ALA S 41 -90.30 -104.84 67.70
N HIS S 42 -91.05 -103.73 67.67
CA HIS S 42 -91.26 -102.96 68.89
C HIS S 42 -92.04 -103.74 69.93
N ALA S 43 -92.89 -104.69 69.51
CA ALA S 43 -93.63 -105.47 70.50
C ALA S 43 -92.70 -106.34 71.32
N ILE S 44 -91.65 -106.89 70.69
CA ILE S 44 -90.70 -107.72 71.42
C ILE S 44 -90.07 -106.93 72.56
N VAL S 45 -89.45 -105.80 72.23
CA VAL S 45 -88.79 -105.00 73.25
C VAL S 45 -89.68 -104.44 74.33
N GLU S 46 -90.94 -104.13 74.01
CA GLU S 46 -91.84 -103.62 75.05
C GLU S 46 -92.34 -104.70 76.02
N ASP S 47 -92.69 -105.87 75.47
CA ASP S 47 -93.06 -107.01 76.30
C ASP S 47 -91.85 -107.29 77.20
N ALA S 48 -90.64 -107.25 76.64
CA ALA S 48 -89.46 -107.48 77.46
C ALA S 48 -89.32 -106.42 78.54
N ARG S 49 -89.57 -105.15 78.18
CA ARG S 49 -89.57 -104.09 79.17
C ARG S 49 -90.58 -104.35 80.27
N ARG S 50 -91.77 -104.84 79.90
CA ARG S 50 -92.79 -105.09 80.90
C ARG S 50 -92.36 -106.18 81.88
N THR S 51 -91.91 -107.33 81.35
CA THR S 51 -91.49 -108.39 82.24
C THR S 51 -90.30 -107.96 83.08
N LEU S 52 -89.40 -107.16 82.51
CA LEU S 52 -88.25 -106.66 83.26
C LEU S 52 -88.68 -105.76 84.40
N PHE S 53 -89.68 -104.90 84.17
CA PHE S 53 -90.20 -104.06 85.25
C PHE S 53 -90.73 -104.92 86.39
N ILE S 54 -91.57 -105.91 86.05
CA ILE S 54 -92.12 -106.76 87.11
C ILE S 54 -90.99 -107.49 87.84
N GLY S 55 -90.00 -107.98 87.09
CA GLY S 55 -88.90 -108.69 87.72
C GLY S 55 -88.11 -107.82 88.68
N THR S 56 -87.83 -106.58 88.29
CA THR S 56 -87.07 -105.69 89.18
C THR S 56 -87.89 -105.29 90.40
N SER S 57 -89.21 -105.17 90.25
CA SER S 57 -90.04 -104.94 91.43
C SER S 57 -89.97 -106.12 92.39
N LEU S 58 -90.03 -107.34 91.86
CA LEU S 58 -89.94 -108.50 92.74
C LEU S 58 -88.57 -108.55 93.42
N ALA S 59 -87.52 -108.25 92.66
CA ALA S 59 -86.18 -108.17 93.23
C ALA S 59 -86.10 -107.13 94.34
N LEU S 60 -86.75 -105.98 94.15
CA LEU S 60 -86.66 -104.93 95.15
C LEU S 60 -87.43 -105.32 96.40
N VAL S 61 -88.57 -105.99 96.25
CA VAL S 61 -89.30 -106.36 97.47
C VAL S 61 -88.54 -107.47 98.20
N ASN S 62 -87.82 -108.31 97.46
CA ASN S 62 -87.00 -109.32 98.12
C ASN S 62 -85.86 -108.68 98.90
N LEU S 63 -85.18 -107.70 98.28
CA LEU S 63 -84.16 -106.96 98.99
C LEU S 63 -84.71 -106.32 100.26
N ARG S 64 -85.90 -105.73 100.18
CA ARG S 64 -86.47 -105.10 101.36
C ARG S 64 -86.79 -106.12 102.42
N ARG S 65 -87.27 -107.31 102.04
CA ARG S 65 -87.45 -108.37 103.02
C ARG S 65 -86.14 -108.67 103.74
N ALA S 66 -85.08 -108.90 102.97
CA ALA S 66 -83.80 -109.26 103.56
C ALA S 66 -83.30 -108.20 104.52
N HIS S 67 -83.46 -106.93 104.16
CA HIS S 67 -82.98 -105.87 105.04
C HIS S 67 -83.94 -105.57 106.19
N ASP S 68 -85.22 -105.85 106.02
CA ASP S 68 -86.24 -105.58 107.02
C ASP S 68 -86.31 -106.66 108.09
N LYS S 69 -85.70 -107.82 107.83
CA LYS S 69 -85.55 -108.80 108.90
C LYS S 69 -84.79 -108.25 110.10
N HIS S 70 -84.21 -107.06 110.01
CA HIS S 70 -83.42 -106.48 111.09
C HIS S 70 -83.94 -105.12 111.53
N LEU S 71 -85.18 -104.79 111.22
CA LEU S 71 -85.73 -103.46 111.49
C LEU S 71 -86.95 -103.36 112.39
N VAL S 72 -87.38 -102.12 112.58
CA VAL S 72 -88.54 -101.80 113.42
C VAL S 72 -89.87 -102.28 112.89
N GLU S 73 -90.82 -102.59 113.77
CA GLU S 73 -92.14 -103.04 113.34
C GLU S 73 -92.76 -101.75 112.81
N ARG S 74 -93.59 -101.88 111.78
CA ARG S 74 -94.13 -100.72 111.07
C ARG S 74 -95.55 -100.47 111.54
N GLN S 75 -95.75 -99.33 112.18
CA GLN S 75 -97.05 -99.00 112.73
C GLN S 75 -97.95 -98.43 111.63
N PRO S 76 -99.26 -98.38 111.87
CA PRO S 76 -100.15 -97.66 110.93
C PRO S 76 -99.94 -96.16 111.08
N MET S 77 -99.74 -95.48 109.96
CA MET S 77 -99.37 -94.06 110.00
C MET S 77 -100.55 -93.15 110.29
N PHE S 78 -101.75 -93.52 109.87
CA PHE S 78 -102.89 -92.62 109.94
C PHE S 78 -103.90 -93.10 110.97
N ALA S 79 -104.48 -92.14 111.69
CA ALA S 79 -105.52 -92.42 112.66
C ALA S 79 -106.84 -92.61 111.95
N THR S 80 -107.93 -92.58 112.72
CA THR S 80 -109.31 -92.56 112.24
C THR S 80 -109.92 -93.82 111.64
N SER S 81 -109.09 -94.82 111.36
CA SER S 81 -109.62 -96.14 111.00
C SER S 81 -109.80 -96.89 112.33
N ASP S 82 -111.05 -97.14 112.69
CA ASP S 82 -111.41 -97.38 114.09
C ASP S 82 -112.38 -98.55 114.01
N TYR S 83 -112.11 -99.61 114.79
CA TYR S 83 -113.06 -100.68 115.00
C TYR S 83 -113.45 -100.77 116.50
N SER S 84 -112.46 -100.81 117.37
CA SER S 84 -112.70 -100.67 118.81
C SER S 84 -112.46 -99.23 119.22
N SER S 85 -113.27 -98.34 118.65
CA SER S 85 -113.11 -96.92 118.89
C SER S 85 -113.69 -96.52 120.23
N TRP S 86 -114.79 -97.16 120.63
CA TRP S 86 -115.49 -96.77 121.85
C TRP S 86 -114.60 -96.82 123.08
N ALA S 87 -113.51 -97.59 123.04
CA ALA S 87 -112.63 -97.65 124.20
C ALA S 87 -111.51 -96.64 124.10
N ARG S 88 -110.72 -96.71 123.03
CA ARG S 88 -109.56 -95.85 122.89
C ARG S 88 -109.75 -94.89 121.73
N PRO S 89 -109.22 -93.67 121.82
CA PRO S 89 -109.26 -92.77 120.66
C PRO S 89 -108.01 -93.10 119.85
N THR S 90 -108.22 -93.53 118.61
CA THR S 90 -107.07 -93.95 117.80
C THR S 90 -106.26 -92.75 117.38
N VAL S 91 -104.94 -92.87 117.39
CA VAL S 91 -104.04 -91.76 117.06
C VAL S 91 -102.98 -92.30 116.14
N GLY S 92 -102.73 -91.63 115.03
CA GLY S 92 -101.73 -92.06 114.09
C GLY S 92 -100.32 -91.83 114.60
N LEU S 93 -99.34 -92.13 113.75
CA LEU S 93 -97.93 -91.96 114.06
C LEU S 93 -97.22 -91.34 112.88
N LYS S 94 -96.51 -90.23 113.12
CA LYS S 94 -95.67 -89.63 112.09
C LYS S 94 -94.37 -90.41 111.98
N ARG S 95 -94.11 -90.94 110.79
CA ARG S 95 -92.89 -91.73 110.56
C ARG S 95 -91.71 -90.80 110.28
N THR S 96 -91.47 -89.91 111.23
CA THR S 96 -90.38 -88.95 111.13
C THR S 96 -89.01 -89.61 111.15
N PHE S 97 -88.78 -90.53 112.09
CA PHE S 97 -87.58 -91.37 112.06
C PHE S 97 -87.79 -92.57 112.96
N CYS S 98 -87.68 -93.76 112.36
CA CYS S 98 -87.64 -95.03 113.10
C CYS S 98 -86.50 -95.88 112.53
N PRO S 99 -85.25 -95.41 112.66
CA PRO S 99 -84.13 -96.13 112.05
C PRO S 99 -83.43 -97.07 113.02
N ARG S 100 -83.00 -98.21 112.49
CA ARG S 100 -82.24 -99.20 113.24
C ARG S 100 -81.32 -99.99 112.33
N SER T 2 33.03 -81.98 -64.06
CA SER T 2 33.63 -81.73 -65.36
C SER T 2 34.72 -80.68 -65.25
N PHE T 3 34.71 -79.95 -64.15
CA PHE T 3 35.68 -78.90 -63.89
C PHE T 3 35.50 -78.47 -62.43
N ASP T 4 36.35 -77.54 -62.00
CA ASP T 4 36.18 -77.01 -60.66
C ASP T 4 35.67 -75.58 -60.73
N PRO T 5 34.72 -75.20 -59.87
CA PRO T 5 34.16 -73.85 -59.96
C PRO T 5 35.12 -72.76 -59.53
N ASN T 6 35.99 -73.03 -58.55
CA ASN T 6 36.83 -71.98 -58.00
C ASN T 6 37.86 -71.48 -59.00
N ASN T 7 37.99 -72.13 -60.15
CA ASN T 7 38.86 -71.67 -61.21
C ASN T 7 38.08 -71.51 -62.50
N PRO T 8 37.85 -70.29 -62.98
CA PRO T 8 37.17 -70.12 -64.28
C PRO T 8 38.04 -70.47 -65.47
N ARG T 9 39.37 -70.47 -65.32
CA ARG T 9 40.26 -70.69 -66.45
C ARG T 9 40.23 -72.13 -66.95
N THR T 10 39.50 -73.01 -66.27
CA THR T 10 39.54 -74.43 -66.61
C THR T 10 38.37 -74.89 -67.47
N ILE T 11 37.42 -74.01 -67.77
CA ILE T 11 36.30 -74.42 -68.62
C ILE T 11 36.63 -74.14 -70.08
N THR T 12 36.20 -75.05 -70.96
CA THR T 12 36.46 -74.96 -72.39
C THR T 12 35.65 -76.03 -73.11
N ALA T 13 35.71 -75.98 -74.44
CA ALA T 13 34.97 -76.94 -75.25
C ALA T 13 35.34 -78.39 -74.94
N GLN T 14 36.57 -78.64 -74.50
CA GLN T 14 36.99 -80.00 -74.19
C GLN T 14 36.21 -80.56 -73.00
N THR T 15 36.06 -79.77 -71.94
CA THR T 15 35.38 -80.23 -70.74
C THR T 15 33.88 -80.04 -70.80
N LEU T 16 33.37 -79.07 -71.57
CA LEU T 16 31.94 -78.85 -71.62
C LEU T 16 31.22 -79.83 -72.54
N GLU T 17 31.95 -80.54 -73.40
CA GLU T 17 31.32 -81.55 -74.24
C GLU T 17 30.73 -82.69 -73.44
N GLY T 18 31.05 -82.79 -72.15
CA GLY T 18 30.69 -83.91 -71.30
C GLY T 18 29.27 -84.44 -71.41
N ALA T 19 28.28 -83.63 -71.07
CA ALA T 19 26.93 -84.16 -70.94
C ALA T 19 25.93 -83.00 -71.02
N LEU T 20 24.68 -83.29 -70.66
CA LEU T 20 23.53 -82.39 -70.69
C LEU T 20 23.74 -81.19 -69.78
N PRO T 21 22.91 -80.14 -69.90
CA PRO T 21 23.09 -78.96 -69.04
C PRO T 21 22.98 -79.14 -67.54
N VAL T 22 22.41 -80.24 -67.07
CA VAL T 22 22.37 -80.49 -65.63
C VAL T 22 23.77 -80.67 -65.05
N ASP T 23 24.71 -81.20 -65.85
CA ASP T 23 26.07 -81.36 -65.36
C ASP T 23 26.65 -79.97 -65.19
N ILE T 24 26.45 -79.09 -66.18
CA ILE T 24 26.90 -77.71 -66.06
C ILE T 24 26.32 -77.07 -64.82
N LEU T 25 25.00 -77.17 -64.65
CA LEU T 25 24.34 -76.45 -63.57
C LEU T 25 24.72 -77.01 -62.21
N LEU T 26 24.81 -78.34 -62.10
CA LEU T 26 25.19 -78.95 -60.85
C LEU T 26 26.65 -78.66 -60.49
N ARG T 27 27.52 -78.62 -61.49
CA ARG T 27 28.90 -78.18 -61.25
C ARG T 27 28.92 -76.76 -60.71
N LEU T 28 28.19 -75.85 -61.35
CA LEU T 28 28.14 -74.47 -60.87
C LEU T 28 27.44 -74.36 -59.53
N ASN T 29 26.68 -75.37 -59.13
CA ASN T 29 25.92 -75.32 -57.90
C ASN T 29 26.78 -75.57 -56.66
N ARG T 30 27.87 -76.31 -56.79
CA ARG T 30 28.70 -76.69 -55.65
C ARG T 30 29.95 -75.82 -55.53
N ALA T 31 29.87 -74.57 -55.95
CA ALA T 31 30.98 -73.65 -55.78
C ALA T 31 31.16 -73.30 -54.31
N THR T 32 32.35 -72.80 -53.97
CA THR T 32 32.65 -72.39 -52.61
C THR T 32 33.90 -71.53 -52.55
N ALA T 41 41.49 -60.11 -64.93
CA ALA T 41 40.38 -59.96 -64.00
C ALA T 41 39.04 -60.19 -64.70
N HIS T 42 38.37 -59.09 -65.05
CA HIS T 42 37.03 -59.21 -65.64
C HIS T 42 37.09 -59.91 -66.99
N ALA T 43 38.20 -59.82 -67.72
CA ALA T 43 38.29 -60.49 -69.01
C ALA T 43 38.26 -62.01 -68.83
N ILE T 44 38.88 -62.52 -67.76
CA ILE T 44 38.87 -63.95 -67.52
C ILE T 44 37.41 -64.30 -67.25
N VAL T 45 36.80 -63.57 -66.32
CA VAL T 45 35.39 -63.85 -66.01
C VAL T 45 34.46 -63.84 -67.26
N GLU T 46 34.67 -62.81 -68.09
CA GLU T 46 33.92 -62.74 -69.33
C GLU T 46 34.09 -63.81 -70.42
N ASP T 47 35.35 -64.10 -70.79
CA ASP T 47 35.61 -65.16 -71.75
C ASP T 47 35.04 -66.49 -71.25
N ALA T 48 35.16 -66.76 -69.94
CA ALA T 48 34.60 -67.99 -69.40
C ALA T 48 33.10 -68.03 -69.57
N ARG T 49 32.42 -66.91 -69.32
CA ARG T 49 30.99 -66.83 -69.55
C ARG T 49 30.67 -67.11 -71.01
N ARG T 50 31.49 -66.57 -71.93
CA ARG T 50 31.22 -66.79 -73.35
C ARG T 50 31.16 -68.24 -73.81
N THR T 51 32.23 -69.00 -73.60
CA THR T 51 32.19 -70.39 -74.02
C THR T 51 31.29 -71.30 -73.14
N LEU T 52 30.99 -70.81 -71.94
CA LEU T 52 30.07 -71.51 -71.06
C LEU T 52 28.73 -71.40 -71.78
N PHE T 53 28.41 -70.22 -72.29
CA PHE T 53 27.18 -70.06 -73.07
C PHE T 53 27.19 -70.98 -74.28
N ILE T 54 28.28 -70.98 -75.05
CA ILE T 54 28.33 -71.85 -76.22
C ILE T 54 28.22 -73.31 -75.81
N GLY T 55 28.89 -73.69 -74.73
CA GLY T 55 28.84 -75.07 -74.28
C GLY T 55 27.44 -75.50 -73.89
N THR T 56 26.70 -74.64 -73.17
CA THR T 56 25.35 -75.00 -72.77
C THR T 56 24.40 -75.04 -73.96
N SER T 57 24.63 -74.20 -74.96
CA SER T 57 23.84 -74.32 -76.19
C SER T 57 24.10 -75.65 -76.88
N LEU T 58 25.36 -76.07 -76.95
CA LEU T 58 25.65 -77.37 -77.58
C LEU T 58 25.02 -78.50 -76.77
N ALA T 59 25.10 -78.41 -75.45
CA ALA T 59 24.44 -79.38 -74.58
C ALA T 59 22.94 -79.43 -74.84
N LEU T 60 22.32 -78.27 -75.01
CA LEU T 60 20.88 -78.24 -75.19
C LEU T 60 20.49 -78.82 -76.55
N VAL T 61 21.29 -78.57 -77.58
CA VAL T 61 20.92 -79.14 -78.87
C VAL T 61 21.14 -80.64 -78.86
N ASN T 62 22.12 -81.11 -78.08
CA ASN T 62 22.31 -82.55 -77.96
C ASN T 62 21.14 -83.20 -77.22
N LEU T 63 20.69 -82.57 -76.14
CA LEU T 63 19.49 -83.06 -75.45
C LEU T 63 18.30 -83.12 -76.39
N ARG T 64 18.12 -82.09 -77.21
CA ARG T 64 16.98 -82.10 -78.13
C ARG T 64 17.12 -83.21 -79.16
N ARG T 65 18.33 -83.46 -79.65
CA ARG T 65 18.53 -84.60 -80.53
C ARG T 65 18.07 -85.89 -79.86
N ALA T 66 18.56 -86.13 -78.64
CA ALA T 66 18.23 -87.36 -77.93
C ALA T 66 16.74 -87.53 -77.74
N HIS T 67 16.04 -86.45 -77.41
CA HIS T 67 14.60 -86.54 -77.20
C HIS T 67 13.81 -86.53 -78.50
N ASP T 68 14.34 -85.95 -79.56
CA ASP T 68 13.67 -85.85 -80.85
C ASP T 68 13.81 -87.11 -81.68
N LYS T 69 14.73 -87.99 -81.31
CA LYS T 69 14.76 -89.31 -81.94
C LYS T 69 13.44 -90.07 -81.76
N HIS T 70 12.51 -89.57 -80.95
CA HIS T 70 11.25 -90.25 -80.69
C HIS T 70 10.05 -89.40 -81.03
N LEU T 71 10.20 -88.36 -81.84
CA LEU T 71 9.13 -87.41 -82.11
C LEU T 71 8.85 -87.54 -83.61
N VAL T 72 7.74 -86.91 -84.00
CA VAL T 72 7.29 -86.91 -85.40
C VAL T 72 8.04 -85.85 -86.17
N GLU T 73 8.04 -85.93 -87.50
CA GLU T 73 8.71 -84.93 -88.32
C GLU T 73 8.20 -83.49 -88.28
N ARG T 74 9.11 -82.54 -88.49
CA ARG T 74 8.79 -81.12 -88.32
C ARG T 74 8.55 -80.50 -89.69
N GLN T 75 7.30 -80.07 -89.92
CA GLN T 75 6.93 -79.51 -91.19
C GLN T 75 7.37 -78.04 -91.28
N PRO T 76 7.40 -77.47 -92.49
CA PRO T 76 7.61 -76.02 -92.60
C PRO T 76 6.35 -75.28 -92.15
N MET T 77 6.54 -74.30 -91.27
CA MET T 77 5.39 -73.65 -90.65
C MET T 77 4.72 -72.64 -91.57
N PHE T 78 5.46 -72.00 -92.46
CA PHE T 78 4.95 -70.89 -93.24
C PHE T 78 4.82 -71.27 -94.71
N ALA T 79 3.74 -70.79 -95.32
CA ALA T 79 3.49 -70.99 -96.74
C ALA T 79 4.34 -70.01 -97.55
N THR T 80 4.00 -69.89 -98.83
CA THR T 80 4.52 -68.87 -99.75
C THR T 80 5.95 -68.95 -100.27
N SER T 81 6.77 -69.80 -99.67
CA SER T 81 8.08 -70.10 -100.28
C SER T 81 7.83 -71.30 -101.23
N ASP T 82 7.99 -71.07 -102.53
CA ASP T 82 7.31 -71.88 -103.54
C ASP T 82 8.40 -72.06 -104.59
N TYR T 83 8.63 -73.31 -104.98
CA TYR T 83 9.46 -73.61 -106.13
C TYR T 83 8.63 -74.34 -107.22
N SER T 84 7.93 -75.40 -106.83
CA SER T 84 6.95 -76.03 -107.71
C SER T 84 5.56 -75.50 -107.37
N SER T 85 5.41 -74.19 -107.56
CA SER T 85 4.16 -73.53 -107.22
C SER T 85 3.11 -73.77 -108.28
N TRP T 86 3.51 -73.83 -109.55
CA TRP T 86 2.56 -73.94 -110.64
C TRP T 86 1.65 -75.17 -110.52
N ALA T 87 2.06 -76.17 -109.76
CA ALA T 87 1.23 -77.36 -109.61
C ALA T 87 0.34 -77.26 -108.38
N ARG T 88 0.95 -77.06 -107.21
CA ARG T 88 0.20 -77.05 -105.97
C ARG T 88 0.25 -75.67 -105.33
N PRO T 89 -0.81 -75.24 -104.64
CA PRO T 89 -0.73 -73.98 -103.90
C PRO T 89 -0.15 -74.23 -102.51
N THR T 90 0.91 -73.50 -102.19
CA THR T 90 1.62 -73.75 -100.93
C THR T 90 0.76 -73.33 -99.74
N VAL T 91 0.72 -74.18 -98.72
CA VAL T 91 -0.07 -73.94 -97.53
C VAL T 91 0.75 -74.29 -96.29
N GLY T 92 0.91 -73.33 -95.38
CA GLY T 92 1.66 -73.57 -94.17
C GLY T 92 0.93 -74.46 -93.19
N LEU T 93 1.54 -74.65 -92.02
CA LEU T 93 0.96 -75.47 -90.96
C LEU T 93 1.14 -74.74 -89.64
N LYS T 94 0.03 -74.58 -88.92
CA LYS T 94 0.10 -74.02 -87.56
C LYS T 94 0.54 -75.12 -86.60
N ARG T 95 1.65 -74.88 -85.91
CA ARG T 95 2.18 -75.86 -84.96
C ARG T 95 1.46 -75.73 -83.61
N THR T 96 0.13 -75.86 -83.67
CA THR T 96 -0.69 -75.78 -82.49
C THR T 96 -0.44 -76.90 -81.50
N PHE T 97 -0.40 -78.14 -81.97
CA PHE T 97 0.04 -79.27 -81.16
C PHE T 97 0.39 -80.45 -82.06
N CYS T 98 1.65 -80.89 -81.94
CA CYS T 98 2.11 -82.13 -82.56
C CYS T 98 2.92 -82.91 -81.53
N PRO T 99 2.28 -83.34 -80.44
CA PRO T 99 3.02 -84.01 -79.36
C PRO T 99 2.97 -85.53 -79.46
N ARG T 100 4.10 -86.15 -79.11
CA ARG T 100 4.22 -87.60 -79.08
C ARG T 100 5.24 -88.03 -78.03
N ARG U 3 45.59 64.47 -37.93
CA ARG U 3 44.55 63.61 -38.47
C ARG U 3 43.23 64.36 -38.74
N PRO U 4 42.70 65.11 -37.74
CA PRO U 4 41.46 65.86 -38.00
C PRO U 4 41.63 66.94 -39.06
N ALA U 5 42.59 67.85 -38.85
CA ALA U 5 42.82 68.98 -39.75
C ALA U 5 41.53 69.79 -39.93
N ILE U 6 41.09 70.37 -38.81
CA ILE U 6 39.74 70.92 -38.71
C ILE U 6 39.45 71.90 -39.84
N LEU U 7 40.36 72.84 -40.08
CA LEU U 7 40.11 73.87 -41.09
C LEU U 7 41.40 74.18 -41.84
N PRO U 8 41.44 73.93 -43.16
CA PRO U 8 42.67 74.14 -43.92
C PRO U 8 43.03 75.62 -44.02
N SER U 9 44.21 75.86 -44.60
CA SER U 9 44.76 77.21 -44.74
C SER U 9 45.35 77.40 -46.13
N GLY U 10 44.65 76.94 -47.14
CA GLY U 10 45.09 77.10 -48.51
C GLY U 10 44.60 75.97 -49.39
N GLN U 11 44.68 76.19 -50.70
CA GLN U 11 44.26 75.20 -51.68
C GLN U 11 45.48 74.48 -52.27
N ILE U 12 45.21 73.29 -52.80
CA ILE U 12 46.24 72.46 -53.42
C ILE U 12 45.96 72.50 -54.93
N LEU U 13 46.78 73.25 -55.66
CA LEU U 13 46.51 73.56 -57.05
C LEU U 13 47.07 72.55 -58.05
N SER U 14 47.40 71.33 -57.61
CA SER U 14 47.96 70.33 -58.50
C SER U 14 47.17 69.03 -58.41
N ASN U 15 47.01 68.38 -59.56
CA ASN U 15 46.31 67.10 -59.66
C ASN U 15 47.35 66.03 -60.00
N ILE U 16 47.97 65.49 -58.96
CA ILE U 16 49.04 64.51 -59.11
C ILE U 16 48.62 63.24 -58.37
N GLU U 17 48.96 62.09 -58.94
CA GLU U 17 48.78 60.83 -58.21
C GLU U 17 49.72 60.85 -57.00
N VAL U 18 49.17 60.58 -55.82
CA VAL U 18 49.89 60.80 -54.57
C VAL U 18 50.67 59.55 -54.15
N HIS U 19 50.31 58.39 -54.69
CA HIS U 19 50.91 57.12 -54.26
C HIS U 19 52.27 56.86 -54.91
N SER U 20 52.40 57.16 -56.20
CA SER U 20 53.69 56.98 -56.86
C SER U 20 54.74 57.94 -56.31
N HIS U 21 54.31 59.09 -55.80
CA HIS U 21 55.22 60.07 -55.19
C HIS U 21 55.26 59.96 -53.67
N ARG U 22 55.01 58.76 -53.13
CA ARG U 22 55.01 58.60 -51.68
C ARG U 22 56.38 58.70 -51.06
N ALA U 23 57.45 58.79 -51.85
CA ALA U 23 58.79 58.97 -51.33
C ALA U 23 59.07 60.39 -50.87
N LEU U 24 58.32 61.37 -51.40
CA LEU U 24 58.61 62.76 -51.10
C LEU U 24 58.33 63.10 -49.64
N PHE U 25 57.27 62.56 -49.07
CA PHE U 25 56.92 62.80 -47.67
C PHE U 25 57.58 61.74 -46.80
N ASP U 26 57.24 61.77 -45.50
CA ASP U 26 57.77 60.80 -44.55
C ASP U 26 56.68 59.90 -43.98
N ILE U 27 55.59 60.47 -43.49
CA ILE U 27 54.45 59.72 -43.00
C ILE U 27 53.32 59.86 -44.02
N PHE U 28 52.74 58.73 -44.42
CA PHE U 28 51.82 58.74 -45.55
C PHE U 28 50.86 57.57 -45.40
N LYS U 29 49.60 57.87 -45.09
CA LYS U 29 48.55 56.87 -44.96
C LYS U 29 47.41 57.20 -45.92
N ARG U 30 46.55 56.19 -46.14
CA ARG U 30 45.40 56.34 -47.00
C ARG U 30 44.28 55.47 -46.47
N PHE U 31 43.09 55.63 -47.04
CA PHE U 31 41.98 54.74 -46.75
C PHE U 31 40.94 54.86 -47.85
N ARG U 32 40.12 53.81 -47.96
CA ARG U 32 39.15 53.72 -49.05
C ARG U 32 38.09 54.80 -48.93
N SER U 33 37.38 54.83 -47.80
CA SER U 33 36.29 55.77 -47.58
C SER U 33 36.25 56.08 -46.09
N ASP U 34 35.11 56.60 -45.62
CA ASP U 34 34.94 56.94 -44.22
C ASP U 34 35.39 55.81 -43.32
N ASP U 35 36.06 56.17 -42.22
CA ASP U 35 36.52 55.20 -41.24
C ASP U 35 36.03 55.60 -39.85
N ASN U 36 35.99 54.61 -38.96
CA ASN U 36 35.43 54.80 -37.62
C ASN U 36 36.42 55.45 -36.67
N ASN U 37 37.71 55.16 -36.79
CA ASN U 37 38.72 55.72 -35.90
C ASN U 37 38.98 57.20 -36.14
N LEU U 38 38.19 57.84 -37.00
CA LEU U 38 38.33 59.26 -37.30
C LEU U 38 37.34 60.13 -36.55
N TYR U 39 36.36 59.54 -35.86
CA TYR U 39 35.32 60.31 -35.19
C TYR U 39 35.41 60.25 -33.68
N GLY U 40 36.10 59.27 -33.10
CA GLY U 40 36.35 59.27 -31.68
C GLY U 40 37.44 60.27 -31.32
N ALA U 41 37.14 61.11 -30.33
CA ALA U 41 38.06 62.16 -29.91
C ALA U 41 38.28 62.04 -28.41
N GLU U 42 39.53 61.80 -28.01
CA GLU U 42 39.90 61.68 -26.62
C GLU U 42 40.99 62.70 -26.29
N PHE U 43 41.07 63.08 -25.02
CA PHE U 43 42.03 64.07 -24.56
C PHE U 43 42.39 63.77 -23.11
N ASP U 44 43.20 64.65 -22.52
CA ASP U 44 43.55 64.56 -21.11
C ASP U 44 43.71 65.97 -20.59
N ALA U 45 43.59 66.11 -19.26
CA ALA U 45 43.50 67.44 -18.69
C ALA U 45 43.99 67.42 -17.26
N LEU U 46 44.56 68.53 -16.82
CA LEU U 46 44.86 68.74 -15.41
C LEU U 46 43.69 69.46 -14.77
N LEU U 47 43.11 68.85 -13.75
CA LEU U 47 41.84 69.31 -13.19
C LEU U 47 42.04 70.25 -12.00
N GLY U 48 42.78 71.32 -12.21
CA GLY U 48 42.92 72.34 -11.19
C GLY U 48 44.29 72.29 -10.51
N THR U 49 44.87 73.46 -10.30
CA THR U 49 46.13 73.61 -9.59
C THR U 49 45.87 74.19 -8.21
N TYR U 50 46.86 74.04 -7.33
CA TYR U 50 46.73 74.43 -5.93
C TYR U 50 48.06 74.95 -5.43
N CYS U 51 48.16 76.27 -5.28
CA CYS U 51 49.35 76.90 -4.73
C CYS U 51 49.27 76.89 -3.20
N SER U 52 50.18 77.61 -2.55
CA SER U 52 50.16 77.75 -1.11
C SER U 52 50.74 79.11 -0.74
N THR U 53 50.10 79.79 0.20
CA THR U 53 50.55 81.09 0.65
C THR U 53 51.68 80.92 1.66
N LEU U 54 52.17 82.04 2.17
CA LEU U 54 53.21 82.06 3.20
C LEU U 54 52.68 82.95 4.33
N SER U 55 51.98 82.34 5.27
CA SER U 55 51.39 83.09 6.38
C SER U 55 52.53 83.68 7.22
N LEU U 56 52.76 84.98 7.07
CA LEU U 56 53.83 85.62 7.82
C LEU U 56 53.42 85.75 9.28
N VAL U 57 54.43 85.91 10.14
CA VAL U 57 54.22 86.08 11.57
C VAL U 57 55.06 87.25 12.05
N ARG U 58 54.44 88.14 12.81
CA ARG U 58 55.14 89.25 13.44
C ARG U 58 55.68 88.81 14.78
N PHE U 59 56.85 89.34 15.14
CA PHE U 59 57.41 89.07 16.46
C PHE U 59 56.75 89.88 17.56
N LEU U 60 56.54 91.18 17.33
CA LEU U 60 55.88 92.01 18.34
C LEU U 60 54.48 91.53 18.67
N GLU U 61 53.80 90.88 17.73
CA GLU U 61 52.46 90.36 17.96
C GLU U 61 52.46 88.96 18.56
N LEU U 62 53.64 88.42 18.88
CA LEU U 62 53.73 87.18 19.62
C LEU U 62 53.55 87.46 21.11
N GLY U 63 53.84 86.48 21.95
CA GLY U 63 53.78 86.67 23.38
C GLY U 63 55.16 86.87 24.00
N LEU U 64 56.15 86.15 23.47
CA LEU U 64 57.51 86.23 23.97
C LEU U 64 58.03 87.66 24.09
N SER U 65 57.49 88.59 23.31
CA SER U 65 57.97 89.96 23.29
C SER U 65 57.98 90.60 24.67
N VAL U 66 57.19 90.09 25.62
CA VAL U 66 57.20 90.65 26.97
C VAL U 66 58.58 90.54 27.60
N ALA U 67 59.30 89.46 27.29
CA ALA U 67 60.56 89.18 27.97
C ALA U 67 61.63 90.21 27.65
N CYS U 68 61.73 90.65 26.39
CA CYS U 68 62.82 91.49 25.95
C CYS U 68 62.29 92.83 25.46
N VAL U 69 63.08 93.87 25.66
CA VAL U 69 62.81 95.19 25.08
C VAL U 69 63.61 95.27 23.80
N CYS U 70 62.91 95.37 22.68
CA CYS U 70 63.56 95.49 21.39
C CYS U 70 63.66 96.95 20.97
N THR U 71 64.86 97.35 20.57
CA THR U 71 65.09 98.71 20.10
C THR U 71 66.17 98.68 19.02
N LYS U 72 65.90 99.38 17.93
CA LYS U 72 66.83 99.36 16.80
C LYS U 72 67.96 100.34 17.02
N PHE U 73 69.18 99.87 16.78
CA PHE U 73 70.39 100.67 16.94
C PHE U 73 71.12 100.64 15.61
N PRO U 74 70.96 101.66 14.77
CA PRO U 74 71.41 101.55 13.37
C PRO U 74 72.91 101.40 13.22
N GLU U 75 73.71 102.18 13.95
CA GLU U 75 75.16 102.25 13.76
C GLU U 75 75.91 101.24 14.62
N LEU U 76 75.22 100.28 15.23
CA LEU U 76 75.85 99.39 16.21
C LEU U 76 77.08 98.69 15.65
N SER U 77 76.95 98.09 14.46
CA SER U 77 78.06 97.32 13.91
C SER U 77 79.34 98.13 13.79
N TYR U 78 79.22 99.44 13.56
CA TYR U 78 80.38 100.32 13.59
C TYR U 78 80.88 100.51 15.02
N VAL U 79 79.99 100.91 15.94
CA VAL U 79 80.40 101.17 17.31
C VAL U 79 80.68 99.89 18.09
N ALA U 80 80.33 98.72 17.54
CA ALA U 80 80.59 97.45 18.20
C ALA U 80 82.06 97.08 18.23
N GLU U 81 82.94 97.93 17.72
CA GLU U 81 84.37 97.65 17.78
C GLU U 81 84.92 97.75 19.20
N GLY U 82 84.25 98.49 20.09
CA GLY U 82 84.67 98.61 21.46
C GLY U 82 83.62 98.07 22.41
N THR U 83 83.97 98.06 23.69
CA THR U 83 83.05 97.61 24.72
C THR U 83 82.15 98.76 25.16
N ILE U 84 81.00 98.41 25.74
CA ILE U 84 80.02 99.38 26.18
C ILE U 84 80.02 99.50 27.71
N GLN U 85 79.97 98.36 28.41
CA GLN U 85 80.49 98.23 29.77
C GLN U 85 79.82 99.21 30.74
N PHE U 86 78.53 98.98 30.98
CA PHE U 86 77.81 99.69 32.02
C PHE U 86 77.45 98.73 33.15
N GLU U 87 77.83 99.10 34.37
CA GLU U 87 77.38 98.41 35.57
C GLU U 87 75.92 98.77 35.85
N VAL U 88 75.36 98.16 36.90
CA VAL U 88 73.94 98.40 37.16
C VAL U 88 73.68 99.00 38.54
N GLN U 89 73.90 98.24 39.61
CA GLN U 89 73.58 98.66 40.98
C GLN U 89 73.89 97.47 41.89
N GLN U 90 73.81 97.72 43.20
CA GLN U 90 73.60 96.67 44.19
C GLN U 90 73.14 97.30 45.49
N PRO U 91 72.01 96.88 46.03
CA PRO U 91 71.52 97.48 47.28
C PRO U 91 72.38 97.03 48.46
N MET U 92 72.15 97.69 49.59
CA MET U 92 72.94 97.43 50.78
C MET U 92 72.17 97.87 52.02
N ILE U 93 72.15 97.02 53.03
CA ILE U 93 71.50 97.30 54.31
C ILE U 93 72.41 98.21 55.12
N ALA U 94 71.81 98.98 56.03
CA ALA U 94 72.57 99.84 56.93
C ALA U 94 72.76 99.07 58.23
N ARG U 95 73.83 98.30 58.31
CA ARG U 95 74.13 97.57 59.52
C ARG U 95 74.62 98.54 60.61
N ASP U 96 74.32 98.20 61.85
CA ASP U 96 74.85 98.94 62.98
C ASP U 96 76.35 98.68 63.11
N GLY U 97 77.00 99.49 63.93
CA GLY U 97 78.44 99.43 64.05
C GLY U 97 79.11 100.13 62.88
N PRO U 98 80.19 100.85 63.16
CA PRO U 98 80.83 101.67 62.11
C PRO U 98 81.49 100.79 61.06
N HIS U 99 81.22 101.08 59.80
CA HIS U 99 81.88 100.37 58.72
C HIS U 99 83.32 100.86 58.62
N PRO U 100 84.31 99.96 58.52
CA PRO U 100 85.71 100.38 58.49
C PRO U 100 86.01 101.32 57.33
N ALA U 101 87.09 102.07 57.47
CA ALA U 101 87.57 102.97 56.42
C ALA U 101 88.55 102.19 55.55
N ASP U 102 87.97 101.35 54.68
CA ASP U 102 88.78 100.49 53.83
C ASP U 102 88.35 100.61 52.36
N GLN U 103 88.87 99.73 51.51
CA GLN U 103 88.53 99.70 50.10
C GLN U 103 87.19 99.03 49.79
N PRO U 104 86.88 97.82 50.34
CA PRO U 104 85.74 97.06 49.82
C PRO U 104 84.38 97.70 50.10
N VAL U 105 84.03 98.70 49.31
CA VAL U 105 82.71 99.31 49.36
C VAL U 105 81.93 99.06 48.06
N HIS U 106 82.38 98.11 47.26
CA HIS U 106 81.85 97.95 45.91
C HIS U 106 80.45 97.37 45.92
N ASN U 107 79.55 98.01 45.17
CA ASN U 107 78.19 97.54 44.98
C ASN U 107 77.75 97.78 43.54
N TYR U 108 78.68 97.72 42.61
CA TYR U 108 78.45 98.16 41.23
C TYR U 108 79.04 97.19 40.21
N MET U 109 78.74 95.89 40.36
CA MET U 109 79.25 94.89 39.42
C MET U 109 78.91 95.29 37.98
N ILE U 110 79.82 94.95 37.05
CA ILE U 110 79.79 95.46 35.69
C ILE U 110 79.06 94.46 34.78
N LYS U 111 78.39 94.99 33.77
CA LYS U 111 77.70 94.20 32.76
C LYS U 111 78.19 94.62 31.37
N ARG U 112 78.60 93.65 30.57
CA ARG U 112 79.26 93.90 29.30
C ARG U 112 78.44 93.32 28.16
N LEU U 113 78.40 94.05 27.03
CA LEU U 113 77.60 93.64 25.89
C LEU U 113 78.25 92.50 25.13
N ASP U 114 77.41 91.65 24.54
CA ASP U 114 77.86 90.58 23.65
C ASP U 114 77.20 90.76 22.29
N ARG U 115 77.94 90.43 21.25
CA ARG U 115 77.50 90.62 19.87
C ARG U 115 76.99 89.31 19.29
N ARG U 116 75.85 89.40 18.61
CA ARG U 116 75.26 88.25 17.94
C ARG U 116 74.80 88.70 16.57
N SER U 117 74.53 87.74 15.68
CA SER U 117 74.19 88.06 14.31
C SER U 117 73.06 87.15 13.83
N LEU U 118 72.81 87.20 12.53
CA LEU U 118 71.85 86.36 11.82
C LEU U 118 72.26 86.29 10.36
N ASN U 119 71.91 85.18 9.70
CA ASN U 119 72.31 84.97 8.32
C ASN U 119 71.13 84.46 7.51
N ALA U 120 71.32 84.38 6.20
CA ALA U 120 70.33 83.84 5.28
C ALA U 120 70.98 83.69 3.91
N ALA U 121 70.38 82.84 3.08
CA ALA U 121 70.86 82.58 1.73
C ALA U 121 69.72 82.78 0.74
N PHE U 122 70.01 83.51 -0.34
CA PHE U 122 68.99 84.05 -1.23
C PHE U 122 69.43 83.87 -2.69
N SER U 123 69.85 82.66 -3.04
CA SER U 123 70.39 82.39 -4.37
C SER U 123 69.38 82.71 -5.46
N ILE U 124 69.89 83.15 -6.61
CA ILE U 124 69.09 83.43 -7.79
C ILE U 124 69.80 82.83 -9.00
N ALA U 125 69.02 82.31 -9.94
CA ALA U 125 69.58 81.57 -11.07
C ALA U 125 70.15 82.52 -12.11
N VAL U 126 70.91 81.95 -13.05
CA VAL U 126 71.59 82.75 -14.06
C VAL U 126 70.63 83.19 -15.16
N GLU U 127 69.68 82.33 -15.53
CA GLU U 127 68.70 82.71 -16.54
C GLU U 127 67.70 83.74 -16.02
N ALA U 128 67.63 83.94 -14.72
CA ALA U 128 66.68 84.89 -14.16
C ALA U 128 67.15 86.32 -14.38
N LEU U 129 68.34 86.66 -13.87
CA LEU U 129 68.81 88.04 -13.98
C LEU U 129 69.08 88.44 -15.42
N GLY U 130 69.27 87.48 -16.33
CA GLY U 130 69.38 87.80 -17.74
C GLY U 130 68.13 88.48 -18.27
N LEU U 131 66.98 87.88 -18.01
CA LEU U 131 65.71 88.50 -18.38
C LEU U 131 65.41 89.71 -17.51
N ILE U 132 65.82 89.68 -16.24
CA ILE U 132 65.53 90.77 -15.32
C ILE U 132 66.19 92.06 -15.80
N SER U 133 67.49 92.01 -16.06
CA SER U 133 68.22 93.16 -16.57
C SER U 133 67.96 93.40 -18.04
N GLY U 134 67.09 92.63 -18.68
CA GLY U 134 66.80 92.81 -20.08
C GLY U 134 67.94 92.53 -21.03
N GLU U 135 68.97 91.81 -20.57
CA GLU U 135 70.14 91.55 -21.39
C GLU U 135 69.82 90.52 -22.47
N ASN U 136 69.38 89.33 -22.06
CA ASN U 136 69.03 88.27 -23.01
C ASN U 136 67.53 88.30 -23.32
N LEU U 137 67.10 89.42 -23.91
CA LEU U 137 65.69 89.65 -24.16
C LEU U 137 65.50 90.15 -25.59
N ASP U 138 64.36 89.79 -26.17
CA ASP U 138 63.96 90.24 -27.49
C ASP U 138 62.48 90.61 -27.46
N GLY U 139 62.02 91.28 -28.52
CA GLY U 139 60.70 91.88 -28.55
C GLY U 139 59.53 90.93 -28.64
N THR U 140 59.77 89.63 -28.73
CA THR U 140 58.67 88.69 -28.88
C THR U 140 57.84 88.61 -27.61
N HIS U 141 56.54 88.31 -27.79
CA HIS U 141 55.62 88.15 -26.67
C HIS U 141 56.07 87.08 -25.69
N ILE U 142 56.84 86.09 -26.14
CA ILE U 142 57.25 84.99 -25.28
C ILE U 142 58.21 85.50 -24.20
N SER U 143 59.33 86.08 -24.61
CA SER U 143 60.32 86.56 -23.65
C SER U 143 59.78 87.63 -22.72
N SER U 144 58.72 88.35 -23.11
CA SER U 144 58.06 89.29 -22.22
C SER U 144 57.03 88.61 -21.32
N ALA U 145 56.84 87.30 -21.46
CA ALA U 145 56.02 86.52 -20.55
C ALA U 145 56.87 85.80 -19.51
N MET U 146 57.97 85.18 -19.95
CA MET U 146 58.90 84.55 -19.01
C MET U 146 59.48 85.56 -18.04
N ARG U 147 59.67 86.81 -18.48
CA ARG U 147 60.16 87.85 -17.59
C ARG U 147 59.24 88.03 -16.39
N LEU U 148 57.92 88.01 -16.64
CA LEU U 148 56.97 88.11 -15.53
C LEU U 148 57.10 86.93 -14.58
N ARG U 149 57.30 85.72 -15.11
CA ARG U 149 57.44 84.56 -14.24
C ARG U 149 58.69 84.65 -13.39
N ALA U 150 59.80 85.13 -13.98
CA ALA U 150 61.04 85.25 -13.21
C ALA U 150 60.93 86.34 -12.14
N ILE U 151 60.36 87.49 -12.50
CA ILE U 151 60.21 88.55 -11.52
C ILE U 151 59.19 88.20 -10.45
N GLN U 152 58.25 87.29 -10.75
CA GLN U 152 57.34 86.77 -9.74
C GLN U 152 58.05 85.78 -8.83
N GLN U 153 58.93 84.95 -9.39
CA GLN U 153 59.73 84.04 -8.58
C GLN U 153 60.63 84.80 -7.62
N LEU U 154 61.21 85.91 -8.07
CA LEU U 154 62.07 86.70 -7.18
C LEU U 154 61.30 87.17 -5.96
N ALA U 155 60.08 87.66 -6.15
CA ALA U 155 59.32 88.21 -5.03
C ALA U 155 58.93 87.13 -4.03
N ARG U 156 58.77 85.88 -4.47
CA ARG U 156 58.44 84.82 -3.54
C ARG U 156 59.59 84.55 -2.58
N ASN U 157 60.82 84.61 -3.07
CA ASN U 157 61.98 84.38 -2.21
C ASN U 157 62.24 85.57 -1.31
N VAL U 158 62.15 86.80 -1.86
CA VAL U 158 62.28 88.00 -1.04
C VAL U 158 61.34 87.96 0.14
N GLN U 159 60.08 87.59 -0.12
CA GLN U 159 59.09 87.48 0.95
C GLN U 159 59.54 86.46 2.00
N ALA U 160 60.00 85.29 1.56
CA ALA U 160 60.39 84.24 2.48
C ALA U 160 61.62 84.65 3.31
N VAL U 161 62.65 85.18 2.64
CA VAL U 161 63.88 85.53 3.34
C VAL U 161 63.63 86.68 4.32
N LEU U 162 62.80 87.66 3.91
CA LEU U 162 62.47 88.75 4.81
C LEU U 162 61.67 88.25 6.01
N ASP U 163 60.67 87.40 5.78
CA ASP U 163 59.88 86.82 6.87
C ASP U 163 60.76 85.99 7.81
N SER U 164 61.82 85.39 7.29
CA SER U 164 62.71 84.56 8.10
C SER U 164 63.27 85.27 9.33
N PHE U 165 63.40 86.59 9.30
CA PHE U 165 64.00 87.32 10.41
C PHE U 165 63.04 87.56 11.56
N GLU U 166 61.76 87.81 11.29
CA GLU U 166 60.78 87.89 12.36
C GLU U 166 60.54 86.54 13.03
N ARG U 167 61.16 85.47 12.54
CA ARG U 167 61.19 84.17 13.19
C ARG U 167 62.53 83.91 13.88
N GLY U 168 63.64 84.19 13.18
CA GLY U 168 64.95 84.06 13.80
C GLY U 168 65.08 84.90 15.05
N THR U 169 64.39 86.04 15.11
CA THR U 169 64.32 86.82 16.35
C THR U 169 63.76 85.97 17.49
N ALA U 170 62.63 85.31 17.24
CA ALA U 170 62.01 84.47 18.25
C ALA U 170 62.86 83.27 18.62
N ASP U 171 63.59 82.69 17.67
CA ASP U 171 64.47 81.57 17.99
C ASP U 171 65.67 82.00 18.81
N GLN U 172 66.31 83.12 18.43
CA GLN U 172 67.44 83.61 19.18
C GLN U 172 67.04 84.03 20.59
N MET U 173 65.86 84.65 20.73
CA MET U 173 65.39 85.07 22.05
C MET U 173 65.11 83.89 22.98
N LEU U 174 64.74 82.73 22.45
CA LEU U 174 64.60 81.54 23.26
C LEU U 174 65.93 80.88 23.56
N ARG U 175 66.82 80.80 22.57
CA ARG U 175 68.15 80.25 22.81
C ARG U 175 68.87 81.01 23.91
N VAL U 176 68.94 82.33 23.80
CA VAL U 176 69.69 83.13 24.76
C VAL U 176 69.13 82.98 26.16
N LEU U 177 67.80 82.93 26.29
CA LEU U 177 67.20 82.75 27.60
C LEU U 177 67.53 81.38 28.17
N MET U 178 67.37 80.32 27.37
CA MET U 178 67.67 78.98 27.85
C MET U 178 69.13 78.83 28.26
N GLU U 179 70.07 79.43 27.54
CA GLU U 179 71.48 79.33 27.89
C GLU U 179 71.88 80.29 29.01
N LYS U 180 70.91 80.87 29.70
CA LYS U 180 71.16 81.73 30.85
C LYS U 180 70.35 81.34 32.07
N ALA U 181 69.29 80.56 31.90
CA ALA U 181 68.42 80.20 33.01
C ALA U 181 69.03 79.03 33.77
N PRO U 182 69.13 79.11 35.10
CA PRO U 182 69.48 77.94 35.89
C PRO U 182 68.25 77.10 36.17
N PRO U 183 68.39 75.79 36.24
CA PRO U 183 67.22 74.94 36.50
C PRO U 183 66.58 75.26 37.84
N LEU U 184 65.24 75.23 37.86
CA LEU U 184 64.51 75.53 39.09
C LEU U 184 64.94 74.62 40.24
N SER U 185 65.31 73.38 39.94
CA SER U 185 65.75 72.45 40.95
C SER U 185 67.05 72.87 41.63
N LEU U 186 67.65 73.99 41.21
CA LEU U 186 68.88 74.48 41.81
C LEU U 186 68.80 75.94 42.24
N LEU U 187 67.69 76.63 41.98
CA LEU U 187 67.56 78.03 42.33
C LEU U 187 66.74 78.24 43.60
N ALA U 188 65.52 77.71 43.64
CA ALA U 188 64.66 77.88 44.83
C ALA U 188 65.37 77.55 46.13
N PRO U 189 66.16 76.46 46.25
CA PRO U 189 66.93 76.28 47.49
C PRO U 189 68.05 77.29 47.66
N PHE U 190 68.74 77.66 46.58
CA PHE U 190 69.90 78.54 46.71
C PHE U 190 69.50 79.94 47.15
N THR U 191 68.32 80.42 46.76
CA THR U 191 67.87 81.73 47.22
C THR U 191 67.45 81.67 48.69
N LEU U 192 66.89 80.53 49.11
CA LEU U 192 66.48 80.40 50.50
C LEU U 192 67.65 80.57 51.47
N TYR U 193 68.83 80.13 51.08
CA TYR U 193 70.01 80.29 51.92
C TYR U 193 70.78 81.56 51.56
N GLU U 194 70.07 82.68 51.53
CA GLU U 194 70.68 83.98 51.30
C GLU U 194 71.32 84.48 52.59
N GLY U 195 72.33 85.34 52.45
CA GLY U 195 72.99 85.89 53.62
C GLY U 195 73.65 84.89 54.52
N ARG U 196 74.02 83.71 54.01
CA ARG U 196 74.67 82.68 54.80
C ARG U 196 75.84 82.00 54.12
N LEU U 197 76.15 82.33 52.87
CA LEU U 197 77.14 81.57 52.13
C LEU U 197 78.56 82.09 52.36
N ALA U 198 78.93 82.27 53.63
CA ALA U 198 80.27 82.75 53.99
C ALA U 198 81.07 81.67 54.70
N ASP U 199 80.47 80.98 55.66
CA ASP U 199 81.12 79.91 56.40
C ASP U 199 81.11 78.62 55.59
N ARG U 200 81.44 77.51 56.24
CA ARG U 200 81.36 76.20 55.61
C ARG U 200 80.17 75.38 56.05
N VAL U 201 79.64 75.61 57.26
CA VAL U 201 78.50 74.85 57.74
C VAL U 201 77.22 75.14 56.95
N ALA U 202 77.05 76.35 56.45
CA ALA U 202 75.91 76.70 55.61
C ALA U 202 76.13 76.33 54.16
N CYS U 203 77.34 76.56 53.64
CA CYS U 203 77.68 76.16 52.28
C CYS U 203 77.73 74.65 52.12
N ALA U 204 77.74 73.90 53.22
CA ALA U 204 77.60 72.45 53.17
C ALA U 204 76.14 72.00 53.23
N ALA U 205 75.31 72.63 54.07
CA ALA U 205 73.90 72.30 54.13
C ALA U 205 73.17 72.67 52.86
N LEU U 206 73.59 73.75 52.18
CA LEU U 206 73.01 74.07 50.89
C LEU U 206 73.20 72.92 49.91
N VAL U 207 74.35 72.25 49.95
CA VAL U 207 74.60 71.12 49.07
C VAL U 207 73.67 69.95 49.40
N SER U 208 73.53 69.64 50.68
CA SER U 208 72.64 68.56 51.09
C SER U 208 71.21 68.83 50.67
N GLU U 209 70.76 70.09 50.75
CA GLU U 209 69.41 70.38 50.27
C GLU U 209 69.32 70.32 48.74
N LEU U 210 70.38 70.76 48.06
CA LEU U 210 70.41 70.69 46.60
C LEU U 210 70.25 69.26 46.10
N LYS U 211 70.90 68.31 46.77
CA LYS U 211 70.83 66.92 46.32
C LYS U 211 69.40 66.41 46.32
N ARG U 212 68.67 66.60 47.43
CA ARG U 212 67.30 66.11 47.49
C ARG U 212 66.36 66.93 46.62
N ARG U 213 66.65 68.23 46.46
CA ARG U 213 65.87 69.04 45.52
C ARG U 213 65.97 68.47 44.11
N VAL U 214 67.18 68.10 43.70
CA VAL U 214 67.36 67.48 42.39
C VAL U 214 66.65 66.13 42.35
N ARG U 215 66.71 65.38 43.44
CA ARG U 215 66.17 64.02 43.43
C ARG U 215 64.65 64.00 43.32
N ASP U 216 63.95 64.89 44.01
CA ASP U 216 62.49 64.76 44.15
C ASP U 216 61.72 65.87 43.44
N ASP U 217 62.36 66.71 42.62
CA ASP U 217 61.65 67.81 41.99
C ASP U 217 61.95 67.90 40.50
N THR U 218 62.36 66.79 39.87
CA THR U 218 62.83 66.85 38.49
C THR U 218 61.81 66.36 37.47
N PHE U 219 60.69 65.80 37.90
CA PHE U 219 59.61 65.46 36.96
C PHE U 219 58.30 65.65 37.73
N PHE U 220 57.72 66.85 37.60
CA PHE U 220 56.55 67.24 38.37
C PHE U 220 55.26 67.20 37.55
N LEU U 221 55.28 66.52 36.40
CA LEU U 221 54.07 66.35 35.61
C LEU U 221 53.80 64.91 35.23
N THR U 222 54.74 63.99 35.47
CA THR U 222 54.50 62.57 35.26
C THR U 222 54.55 61.75 36.54
N LYS U 223 55.26 62.22 37.57
CA LYS U 223 55.30 61.51 38.85
C LYS U 223 53.93 61.53 39.51
N HIS U 224 53.43 62.72 39.84
CA HIS U 224 52.15 62.89 40.52
C HIS U 224 51.35 63.92 39.73
N GLU U 225 50.63 63.45 38.71
CA GLU U 225 49.78 64.30 37.89
C GLU U 225 48.36 64.38 38.40
N ARG U 226 47.96 63.48 39.31
CA ARG U 226 46.57 63.38 39.72
C ARG U 226 46.14 64.57 40.57
N ASN U 227 46.75 64.70 41.75
CA ASN U 227 46.37 65.77 42.67
C ASN U 227 46.95 67.09 42.13
N LYS U 228 46.06 67.97 41.69
CA LYS U 228 46.50 69.25 41.13
C LYS U 228 47.25 70.10 42.14
N ASP U 229 47.04 69.87 43.44
CA ASP U 229 47.63 70.73 44.46
C ASP U 229 49.15 70.79 44.35
N ALA U 230 49.79 69.64 44.18
CA ALA U 230 51.25 69.60 44.15
C ALA U 230 51.81 70.33 42.94
N VAL U 231 51.20 70.13 41.77
CA VAL U 231 51.70 70.78 40.56
C VAL U 231 51.44 72.29 40.62
N LEU U 232 50.26 72.70 41.12
CA LEU U 232 50.02 74.12 41.31
C LEU U 232 51.04 74.74 42.25
N ASP U 233 51.37 74.03 43.34
CA ASP U 233 52.35 74.56 44.28
C ASP U 233 53.73 74.67 43.66
N ARG U 234 54.12 73.68 42.86
CA ARG U 234 55.42 73.74 42.20
C ARG U 234 55.48 74.89 41.20
N LEU U 235 54.43 75.08 40.41
CA LEU U 235 54.39 76.20 39.47
C LEU U 235 54.45 77.54 40.21
N SER U 236 53.68 77.67 41.29
CA SER U 236 53.77 78.87 42.12
C SER U 236 55.17 79.09 42.66
N ASP U 237 55.86 78.01 43.03
CA ASP U 237 57.26 78.09 43.40
C ASP U 237 58.09 78.67 42.27
N LEU U 238 57.81 78.26 41.03
CA LEU U 238 58.65 78.68 39.91
C LEU U 238 58.54 80.18 39.65
N VAL U 239 57.34 80.74 39.70
CA VAL U 239 57.15 82.11 39.24
C VAL U 239 57.72 83.12 40.22
N ASN U 240 57.89 82.74 41.49
CA ASN U 240 58.24 83.70 42.53
C ASN U 240 59.74 83.80 42.79
N CYS U 241 60.53 82.81 42.38
CA CYS U 241 61.93 82.74 42.74
C CYS U 241 62.83 83.62 41.87
N THR U 242 62.28 84.58 41.13
CA THR U 242 63.05 85.44 40.25
C THR U 242 62.86 86.90 40.64
N ALA U 243 63.97 87.58 40.92
CA ALA U 243 63.91 88.98 41.32
C ALA U 243 63.37 89.84 40.17
N PRO U 244 62.65 90.91 40.48
CA PRO U 244 62.06 91.73 39.42
C PRO U 244 63.08 92.67 38.81
N SER U 245 62.93 92.91 37.51
CA SER U 245 63.82 93.80 36.78
C SER U 245 63.34 95.25 36.93
N VAL U 246 64.20 96.19 36.53
CA VAL U 246 63.86 97.59 36.60
C VAL U 246 62.64 97.89 35.73
N ALA U 247 61.75 98.72 36.25
CA ALA U 247 60.57 99.11 35.50
C ALA U 247 60.97 99.99 34.32
N VAL U 248 60.32 99.78 33.18
CA VAL U 248 60.57 100.54 31.97
C VAL U 248 59.27 101.18 31.52
N ALA U 249 59.35 102.40 31.00
CA ALA U 249 58.15 103.13 30.61
C ALA U 249 57.51 102.54 29.36
N ARG U 250 58.33 101.96 28.48
CA ARG U 250 57.81 101.50 27.18
C ARG U 250 56.87 100.32 27.34
N MET U 251 57.28 99.29 28.09
CA MET U 251 56.51 98.06 28.16
C MET U 251 55.17 98.26 28.83
N THR U 252 54.09 98.19 28.04
CA THR U 252 52.74 98.31 28.56
C THR U 252 51.91 97.08 28.21
N HIS U 253 52.53 95.90 28.18
CA HIS U 253 51.77 94.66 28.02
C HIS U 253 50.83 94.52 29.20
N ALA U 254 49.53 94.64 28.96
CA ALA U 254 48.55 94.59 30.03
C ALA U 254 47.33 93.81 29.57
N ASP U 255 46.49 93.45 30.53
CA ASP U 255 45.28 92.69 30.22
C ASP U 255 44.29 93.56 29.44
N THR U 256 43.18 92.93 29.03
CA THR U 256 42.20 93.64 28.23
C THR U 256 41.61 94.84 28.98
N GLN U 257 41.35 94.68 30.27
CA GLN U 257 40.97 95.81 31.10
C GLN U 257 41.56 95.73 32.50
N GLY U 258 42.45 94.78 32.75
CA GLY U 258 42.98 94.58 34.09
C GLY U 258 44.42 94.97 34.26
N ARG U 259 45.06 94.42 35.28
CA ARG U 259 46.42 94.76 35.66
C ARG U 259 47.42 94.32 34.60
N PRO U 260 48.61 94.89 34.60
CA PRO U 260 49.62 94.49 33.61
C PRO U 260 50.17 93.09 33.89
N VAL U 261 50.63 92.44 32.83
CA VAL U 261 51.20 91.10 32.91
C VAL U 261 52.63 91.22 33.41
N ASP U 262 53.23 90.08 33.77
CA ASP U 262 54.53 90.09 34.41
C ASP U 262 55.56 89.22 33.71
N GLY U 263 55.15 88.17 33.03
CA GLY U 263 56.10 87.28 32.40
C GLY U 263 55.44 86.37 31.39
N VAL U 264 56.23 85.43 30.88
CA VAL U 264 55.78 84.48 29.87
C VAL U 264 56.27 83.09 30.26
N LEU U 265 55.46 82.09 29.96
CA LEU U 265 55.81 80.67 30.18
C LEU U 265 55.78 79.98 28.83
N VAL U 266 56.92 80.00 28.14
CA VAL U 266 57.03 79.23 26.90
C VAL U 266 57.21 77.76 27.24
N THR U 267 56.38 76.92 26.66
CA THR U 267 56.32 75.50 26.99
C THR U 267 56.24 74.71 25.69
N THR U 268 55.94 73.43 25.81
CA THR U 268 55.63 72.59 24.67
C THR U 268 54.13 72.36 24.61
N ALA U 269 53.61 72.13 23.40
CA ALA U 269 52.18 72.03 23.17
C ALA U 269 51.53 70.91 23.99
N GLY U 270 52.28 69.87 24.35
CA GLY U 270 51.73 68.80 25.17
C GLY U 270 51.49 69.24 26.59
N VAL U 271 52.53 69.77 27.24
CA VAL U 271 52.37 70.23 28.61
C VAL U 271 51.46 71.46 28.64
N ARG U 272 51.42 72.24 27.56
CA ARG U 272 50.48 73.36 27.50
C ARG U 272 49.05 72.87 27.58
N GLN U 273 48.72 71.84 26.80
CA GLN U 273 47.38 71.28 26.84
C GLN U 273 47.10 70.66 28.20
N ARG U 274 48.08 69.94 28.77
CA ARG U 274 47.86 69.31 30.06
C ARG U 274 47.72 70.33 31.18
N LEU U 275 48.29 71.52 31.01
CA LEU U 275 48.11 72.60 31.99
C LEU U 275 46.75 73.26 31.84
N LEU U 276 46.37 73.64 30.62
CA LEU U 276 45.11 74.31 30.41
C LEU U 276 43.91 73.38 30.61
N HIS U 277 44.12 72.07 30.55
CA HIS U 277 43.02 71.12 30.69
C HIS U 277 42.42 71.19 32.09
N HIS U 278 43.20 70.80 33.12
CA HIS U 278 42.66 70.73 34.47
C HIS U 278 43.63 71.27 35.52
N VAL U 279 44.46 72.25 35.18
CA VAL U 279 45.40 72.85 36.11
C VAL U 279 45.20 74.36 36.22
N LEU U 280 45.24 75.06 35.09
CA LEU U 280 45.14 76.51 35.06
C LEU U 280 43.86 76.94 34.37
N THR U 281 43.24 78.01 34.89
CA THR U 281 42.12 78.65 34.24
C THR U 281 42.66 79.68 33.25
N LEU U 282 41.77 80.45 32.63
CA LEU U 282 42.18 81.51 31.73
C LEU U 282 41.62 82.84 32.20
N ALA U 283 42.50 83.84 32.25
CA ALA U 283 42.06 85.20 32.57
C ALA U 283 41.24 85.80 31.44
N ASP U 284 41.76 85.77 30.22
CA ASP U 284 41.06 86.24 29.04
C ASP U 284 41.82 85.71 27.82
N THR U 285 41.42 86.16 26.63
CA THR U 285 42.07 85.75 25.39
C THR U 285 42.49 86.95 24.56
N HIS U 286 42.68 88.11 25.19
CA HIS U 286 43.09 89.31 24.48
C HIS U 286 43.94 90.16 25.40
N ALA U 287 44.89 90.89 24.80
CA ALA U 287 45.83 91.68 25.57
C ALA U 287 46.14 92.96 24.79
N ASP U 288 46.88 93.86 25.43
CA ASP U 288 47.25 95.15 24.86
C ASP U 288 48.77 95.20 24.78
N VAL U 289 49.30 94.90 23.59
CA VAL U 289 50.74 94.84 23.35
C VAL U 289 51.15 96.12 22.62
N PRO U 290 52.34 96.66 22.85
CA PRO U 290 52.83 97.77 22.02
C PRO U 290 52.92 97.37 20.56
N VAL U 291 53.13 98.37 19.71
CA VAL U 291 53.08 98.17 18.27
C VAL U 291 54.41 98.47 17.58
N THR U 292 55.26 99.34 18.12
CA THR U 292 56.45 99.78 17.42
C THR U 292 57.69 99.51 18.27
N TYR U 293 58.84 99.51 17.60
CA TYR U 293 60.12 99.45 18.27
C TYR U 293 60.46 100.80 18.89
N GLY U 294 61.50 100.82 19.73
CA GLY U 294 62.09 102.04 20.21
C GLY U 294 63.35 102.38 19.43
N GLU U 295 63.84 103.59 19.64
CA GLU U 295 65.02 104.05 18.92
C GLU U 295 65.91 104.82 19.87
N MET U 296 67.18 104.42 19.93
CA MET U 296 68.15 105.08 20.78
C MET U 296 68.40 106.50 20.29
N VAL U 297 68.71 107.39 21.22
CA VAL U 297 68.97 108.80 20.92
C VAL U 297 70.44 109.06 21.22
N ILE U 298 71.21 109.37 20.18
CA ILE U 298 72.65 109.61 20.34
C ILE U 298 72.86 111.08 20.66
N ALA U 299 73.39 111.35 21.84
CA ALA U 299 73.72 112.70 22.27
C ALA U 299 75.22 112.81 22.48
N ASN U 300 75.75 114.01 22.29
CA ASN U 300 77.14 114.29 22.60
C ASN U 300 77.25 114.51 24.11
N THR U 301 78.39 115.02 24.56
CA THR U 301 78.57 115.26 25.99
C THR U 301 77.83 116.49 26.49
N ASN U 302 77.00 117.12 25.64
CA ASN U 302 76.16 118.21 26.11
C ASN U 302 75.24 117.70 27.22
N LEU U 303 75.11 118.50 28.28
CA LEU U 303 74.52 118.02 29.51
C LEU U 303 73.63 119.09 30.12
N VAL U 304 72.72 118.65 30.99
CA VAL U 304 71.87 119.53 31.78
C VAL U 304 72.13 119.21 33.25
N THR U 305 72.35 120.25 34.04
CA THR U 305 72.59 120.10 35.47
C THR U 305 71.81 121.14 36.27
N SER U 338 49.82 100.72 20.47
CA SER U 338 49.11 99.65 21.16
C SER U 338 48.06 99.03 20.24
N ALA U 339 47.75 97.76 20.48
CA ALA U 339 46.81 97.04 19.64
C ALA U 339 46.09 96.01 20.51
N ARG U 340 45.40 95.06 19.86
CA ARG U 340 44.61 94.05 20.57
C ARG U 340 44.86 92.71 19.89
N VAL U 341 45.79 91.95 20.45
CA VAL U 341 46.17 90.65 19.91
C VAL U 341 45.44 89.55 20.69
N ARG U 342 45.43 88.37 20.10
CA ARG U 342 44.86 87.18 20.74
C ARG U 342 45.98 86.41 21.42
N ALA U 343 45.96 86.38 22.75
CA ALA U 343 46.95 85.66 23.53
C ALA U 343 46.27 85.09 24.77
N ASP U 344 46.96 84.20 25.45
CA ASP U 344 46.42 83.50 26.62
C ASP U 344 47.11 84.00 27.88
N LEU U 345 46.30 84.38 28.88
CA LEU U 345 46.80 84.86 30.16
C LEU U 345 46.17 84.03 31.27
N VAL U 346 46.99 83.60 32.23
CA VAL U 346 46.53 82.85 33.39
C VAL U 346 47.03 83.56 34.65
N VAL U 347 46.69 83.03 35.80
CA VAL U 347 47.15 83.59 37.07
C VAL U 347 47.79 82.47 37.90
N VAL U 348 48.99 82.72 38.40
CA VAL U 348 49.70 81.80 39.27
C VAL U 348 50.26 82.59 40.44
N GLY U 349 49.96 82.13 41.65
CA GLY U 349 50.26 82.93 42.82
C GLY U 349 49.42 84.20 42.78
N ASP U 350 50.06 85.33 42.48
CA ASP U 350 49.31 86.54 42.20
C ASP U 350 49.67 87.16 40.85
N ARG U 351 50.50 86.50 40.04
CA ARG U 351 51.09 87.12 38.87
C ARG U 351 50.29 86.81 37.61
N LEU U 352 50.21 87.81 36.73
CA LEU U 352 49.68 87.60 35.38
C LEU U 352 50.83 87.25 34.45
N VAL U 353 50.69 86.12 33.76
CA VAL U 353 51.73 85.61 32.88
C VAL U 353 51.12 85.19 31.56
N PHE U 354 51.92 85.28 30.50
CA PHE U 354 51.54 84.68 29.24
C PHE U 354 51.81 83.18 29.28
N LEU U 355 51.12 82.44 28.41
CA LEU U 355 51.24 80.98 28.35
C LEU U 355 51.06 80.55 26.90
N GLU U 356 52.17 80.37 26.19
CA GLU U 356 52.14 80.03 24.77
C GLU U 356 53.19 78.96 24.45
N ALA U 357 52.81 78.07 23.54
CA ALA U 357 53.75 77.17 22.88
C ALA U 357 53.96 77.70 21.47
N LEU U 358 55.21 77.63 21.00
CA LEU U 358 55.57 78.26 19.73
C LEU U 358 55.80 77.27 18.60
N GLU U 359 55.70 75.97 18.88
CA GLU U 359 55.98 74.97 17.85
C GLU U 359 55.03 75.11 16.66
N LYS U 360 53.72 75.16 16.93
CA LYS U 360 52.74 75.09 15.86
C LYS U 360 52.84 76.26 14.89
N ARG U 361 53.36 77.40 15.34
CA ARG U 361 53.37 78.61 14.53
C ARG U 361 54.74 78.93 13.94
N VAL U 362 55.79 78.94 14.77
CA VAL U 362 57.08 79.43 14.32
C VAL U 362 58.12 78.31 14.26
N TYR U 363 57.69 77.07 14.35
CA TYR U 363 58.63 75.96 14.23
C TYR U 363 58.12 74.79 13.41
N GLN U 364 56.91 74.85 12.86
CA GLN U 364 56.43 73.81 11.96
C GLN U 364 56.99 74.03 10.57
N ALA U 365 57.12 72.94 9.83
CA ALA U 365 57.54 72.89 8.43
C ALA U 365 59.01 73.26 8.23
N THR U 366 59.75 73.58 9.29
CA THR U 366 61.17 73.84 9.20
C THR U 366 61.94 72.66 9.77
N GLN U 367 63.27 72.78 9.77
CA GLN U 367 64.14 71.68 10.17
C GLN U 367 64.83 71.94 11.50
N VAL U 368 64.78 73.16 12.01
CA VAL U 368 65.43 73.50 13.29
C VAL U 368 64.69 72.79 14.41
N PRO U 369 65.37 72.01 15.25
CA PRO U 369 64.68 71.36 16.36
C PRO U 369 64.24 72.39 17.40
N TYR U 370 63.09 72.14 18.00
CA TYR U 370 62.56 73.03 19.02
C TYR U 370 63.56 73.14 20.16
N PRO U 371 63.91 74.35 20.61
CA PRO U 371 64.94 74.52 21.64
C PRO U 371 64.48 74.22 23.05
N LEU U 372 63.25 73.75 23.26
CA LEU U 372 62.77 73.42 24.59
C LEU U 372 62.81 71.94 24.91
N VAL U 373 62.75 71.06 23.92
CA VAL U 373 62.89 69.64 24.18
C VAL U 373 64.35 69.40 24.59
N GLY U 374 64.55 69.16 25.88
CA GLY U 374 65.88 69.11 26.45
C GLY U 374 66.30 67.69 26.78
N ASN U 375 67.59 67.55 27.07
CA ASN U 375 68.17 66.27 27.46
C ASN U 375 68.62 66.35 28.91
N LEU U 376 68.65 65.19 29.57
CA LEU U 376 69.14 65.09 30.94
C LEU U 376 69.96 63.82 31.05
N ASP U 377 71.13 63.91 31.68
CA ASP U 377 72.02 62.78 31.83
C ASP U 377 71.96 62.25 33.25
N VAL U 378 72.06 60.93 33.38
CA VAL U 378 72.21 60.26 34.66
C VAL U 378 73.23 59.15 34.47
N THR U 379 73.99 58.87 35.52
CA THR U 379 74.94 57.75 35.53
C THR U 379 74.49 56.80 36.64
N PHE U 380 74.12 55.59 36.26
CA PHE U 380 73.68 54.60 37.23
C PHE U 380 74.86 53.79 37.73
N VAL U 381 74.67 53.12 38.87
CA VAL U 381 75.72 52.32 39.50
C VAL U 381 75.05 51.25 40.35
N MET U 382 75.61 50.04 40.31
CA MET U 382 75.11 48.93 41.10
C MET U 382 76.23 47.94 41.36
N PRO U 383 76.24 47.30 42.53
CA PRO U 383 77.26 46.28 42.80
C PRO U 383 76.93 44.97 42.09
N LEU U 384 77.96 44.14 41.96
CA LEU U 384 77.84 42.88 41.22
C LEU U 384 77.99 41.65 42.12
N GLY U 385 79.11 41.53 42.83
CA GLY U 385 79.39 40.30 43.54
C GLY U 385 79.75 40.46 45.00
N VAL U 386 79.09 41.41 45.68
CA VAL U 386 79.36 41.66 47.09
C VAL U 386 78.77 40.54 47.92
N PHE U 387 79.21 40.45 49.17
CA PHE U 387 78.74 39.44 50.11
C PHE U 387 78.43 40.12 51.43
N LYS U 388 77.65 39.46 52.27
CA LYS U 388 77.28 40.27 53.42
C LYS U 388 77.88 39.69 54.70
N PRO U 389 78.11 40.54 55.71
CA PRO U 389 78.54 40.01 57.01
C PRO U 389 77.53 39.02 57.56
N ALA U 390 78.04 38.00 58.24
CA ALA U 390 77.20 36.90 58.71
C ALA U 390 76.08 37.39 59.63
N ALA U 391 76.28 38.51 60.31
CA ALA U 391 75.24 39.07 61.17
C ALA U 391 74.12 39.74 60.39
N ASP U 392 74.18 39.74 59.06
CA ASP U 392 73.19 40.40 58.22
C ASP U 392 72.44 39.43 57.31
N ARG U 393 72.82 38.17 57.28
CA ARG U 393 72.21 37.18 56.38
C ARG U 393 71.08 36.50 57.13
N TYR U 394 69.86 36.91 56.83
CA TYR U 394 68.65 36.41 57.48
C TYR U 394 67.56 36.16 56.45
N ALA U 395 66.35 35.90 56.96
CA ALA U 395 65.17 35.76 56.12
C ALA U 395 64.02 36.50 56.79
N ARG U 396 63.29 37.29 56.01
CA ARG U 396 62.19 38.07 56.58
C ARG U 396 61.05 37.17 57.05
N HIS U 397 60.95 35.95 56.51
CA HIS U 397 59.88 35.04 56.85
C HIS U 397 60.41 33.60 56.79
N ALA U 398 59.59 32.67 57.29
CA ALA U 398 60.03 31.30 57.51
C ALA U 398 60.42 30.58 56.22
N GLY U 399 59.45 30.36 55.34
CA GLY U 399 59.70 29.63 54.10
C GLY U 399 59.42 30.47 52.88
N SER U 400 59.87 31.73 52.91
CA SER U 400 59.53 32.71 51.87
C SER U 400 59.80 32.17 50.48
N PHE U 401 60.98 31.61 50.24
CA PHE U 401 61.31 30.99 48.95
C PHE U 401 61.87 29.60 49.24
N ALA U 402 60.98 28.63 49.36
CA ALA U 402 61.44 27.27 49.59
C ALA U 402 61.87 26.64 48.27
N PRO U 403 63.02 25.98 48.22
CA PRO U 403 63.46 25.33 47.00
C PRO U 403 62.58 24.12 46.69
N THR U 404 62.80 23.55 45.52
CA THR U 404 62.13 22.30 45.20
C THR U 404 62.58 21.23 46.18
N PRO U 405 61.66 20.45 46.74
CA PRO U 405 62.04 19.45 47.75
C PRO U 405 63.05 18.47 47.21
N GLY U 406 64.18 18.34 47.92
CA GLY U 406 65.21 17.39 47.57
C GLY U 406 66.48 17.95 46.96
N LEU U 407 66.58 19.27 46.82
CA LEU U 407 67.75 19.91 46.24
C LEU U 407 68.33 20.90 47.23
N PRO U 408 69.66 21.08 47.23
CA PRO U 408 70.26 22.08 48.11
C PRO U 408 69.81 23.49 47.75
N ASP U 409 69.59 24.29 48.77
CA ASP U 409 69.04 25.63 48.61
C ASP U 409 69.97 26.52 47.80
N PRO U 410 69.62 26.92 46.58
CA PRO U 410 70.49 27.79 45.78
C PRO U 410 70.35 29.27 46.08
N ARG U 411 69.69 29.65 47.17
CA ARG U 411 69.60 31.03 47.58
C ARG U 411 70.71 31.43 48.55
N THR U 412 71.25 30.49 49.31
CA THR U 412 72.26 30.78 50.31
C THR U 412 73.68 30.76 49.75
N HIS U 413 73.83 30.91 48.45
CA HIS U 413 75.17 30.91 47.91
C HIS U 413 75.58 32.32 47.47
N PRO U 414 76.87 32.62 47.48
CA PRO U 414 77.32 33.97 47.11
C PRO U 414 76.88 34.32 45.70
N PRO U 415 76.35 35.52 45.51
CA PRO U 415 75.81 35.90 44.20
C PRO U 415 76.91 36.06 43.16
N ARG U 416 76.49 36.03 41.90
CA ARG U 416 77.43 36.12 40.79
C ARG U 416 76.92 37.03 39.67
N ALA U 417 75.83 37.76 39.89
CA ALA U 417 75.25 38.58 38.85
C ALA U 417 74.26 39.55 39.48
N VAL U 418 73.72 40.44 38.66
CA VAL U 418 72.68 41.37 39.07
C VAL U 418 71.75 41.60 37.89
N HIS U 419 70.46 41.66 38.17
CA HIS U 419 69.44 41.87 37.16
C HIS U 419 68.79 43.24 37.35
N PHE U 420 68.33 43.81 36.24
CA PHE U 420 67.60 45.07 36.26
C PHE U 420 66.60 45.05 35.13
N PHE U 421 66.03 46.21 34.82
CA PHE U 421 65.03 46.35 33.78
C PHE U 421 65.59 47.17 32.62
N ASN U 422 65.20 46.81 31.40
CA ASN U 422 65.61 47.55 30.22
C ASN U 422 64.77 48.82 30.10
N LYS U 423 65.00 49.57 29.02
CA LYS U 423 64.19 50.76 28.77
C LYS U 423 62.71 50.40 28.64
N ASP U 424 62.40 49.38 27.84
CA ASP U 424 61.03 48.92 27.68
C ASP U 424 60.71 47.78 28.65
N GLY U 425 61.06 47.97 29.92
CA GLY U 425 60.74 47.03 30.97
C GLY U 425 61.17 45.59 30.77
N VAL U 426 62.07 45.33 29.83
CA VAL U 426 62.52 43.98 29.54
C VAL U 426 63.58 43.57 30.58
N PRO U 427 63.48 42.38 31.16
CA PRO U 427 64.53 41.93 32.08
C PRO U 427 65.84 41.68 31.36
N CYS U 428 66.92 42.23 31.89
CA CYS U 428 68.23 42.14 31.26
C CYS U 428 69.29 42.10 32.36
N HIS U 429 70.09 41.04 32.38
CA HIS U 429 71.04 40.80 33.44
C HIS U 429 72.47 41.00 32.94
N VAL U 430 73.38 41.20 33.90
CA VAL U 430 74.81 41.21 33.65
C VAL U 430 75.46 40.27 34.66
N THR U 431 76.55 39.63 34.25
CA THR U 431 77.23 38.68 35.11
C THR U 431 78.73 38.81 34.90
N PHE U 432 79.49 37.92 35.55
CA PHE U 432 80.95 38.02 35.55
C PHE U 432 81.54 37.90 34.15
N GLU U 433 81.06 36.93 33.37
CA GLU U 433 81.66 36.61 32.08
C GLU U 433 81.62 37.80 31.11
N HIS U 434 80.85 38.83 31.46
CA HIS U 434 80.89 40.08 30.71
C HIS U 434 82.12 40.91 31.04
N ALA U 435 82.65 40.78 32.26
CA ALA U 435 83.78 41.59 32.71
C ALA U 435 85.11 41.18 32.09
N MET U 436 85.11 40.17 31.21
CA MET U 436 86.34 39.76 30.56
C MET U 436 86.96 40.89 29.75
N GLY U 437 86.15 41.79 29.21
CA GLY U 437 86.67 42.88 28.41
C GLY U 437 87.60 43.81 29.18
N THR U 438 87.54 43.77 30.52
CA THR U 438 88.38 44.60 31.35
C THR U 438 89.26 43.82 32.31
N LEU U 439 88.95 42.55 32.58
CA LEU U 439 89.81 41.73 33.43
C LEU U 439 90.91 41.04 32.65
N CYS U 440 90.57 40.40 31.53
CA CYS U 440 91.56 39.64 30.76
C CYS U 440 92.54 40.51 30.00
N HIS U 441 92.44 41.83 30.10
CA HIS U 441 93.36 42.69 29.37
C HIS U 441 94.76 42.61 29.98
N PRO U 442 95.80 42.72 29.15
CA PRO U 442 97.17 42.69 29.69
C PRO U 442 97.55 43.90 30.52
N SER U 443 96.76 44.98 30.52
CA SER U 443 97.04 46.07 31.45
C SER U 443 96.81 45.67 32.90
N PHE U 444 96.21 44.50 33.15
CA PHE U 444 96.00 44.00 34.50
C PHE U 444 97.29 43.77 35.26
N LEU U 445 98.45 43.88 34.59
CA LEU U 445 99.75 43.61 35.20
C LEU U 445 100.69 44.79 34.98
N ASP U 446 100.13 46.00 34.97
CA ASP U 446 100.90 47.22 34.76
C ASP U 446 101.13 47.84 36.13
N VAL U 447 102.32 47.60 36.69
CA VAL U 447 102.68 48.11 38.00
C VAL U 447 103.93 48.97 37.99
N ASP U 448 104.74 48.91 36.93
CA ASP U 448 106.01 49.64 36.91
C ASP U 448 105.80 51.14 37.12
N ALA U 449 104.72 51.70 36.56
CA ALA U 449 104.45 53.13 36.77
C ALA U 449 104.13 53.42 38.23
N THR U 450 103.25 52.60 38.84
CA THR U 450 102.98 52.74 40.26
C THR U 450 104.25 52.59 41.07
N LEU U 451 105.14 51.68 40.66
CA LEU U 451 106.40 51.49 41.37
C LEU U 451 107.25 52.74 41.32
N ALA U 452 107.58 53.22 40.12
CA ALA U 452 108.44 54.38 39.98
C ALA U 452 107.79 55.64 40.56
N ALA U 453 106.46 55.65 40.68
CA ALA U 453 105.78 56.77 41.31
C ALA U 453 105.83 56.71 42.83
N LEU U 454 105.80 55.51 43.40
CA LEU U 454 105.90 55.38 44.86
C LEU U 454 107.32 55.61 45.35
N ARG U 455 108.32 55.13 44.61
CA ARG U 455 109.71 55.27 45.04
C ARG U 455 110.25 56.68 44.73
N GLN U 456 109.54 57.69 45.22
CA GLN U 456 110.01 59.06 45.14
C GLN U 456 110.57 59.56 46.47
N GLU U 457 110.11 59.00 47.58
CA GLU U 457 110.72 59.22 48.89
C GLU U 457 111.27 57.88 49.38
N PRO U 458 112.56 57.78 49.66
CA PRO U 458 113.10 56.50 50.17
C PRO U 458 112.57 56.21 51.56
N ALA U 459 111.70 55.22 51.69
CA ALA U 459 111.14 54.85 52.97
C ALA U 459 112.11 53.98 53.74
N GLU U 460 112.29 54.29 55.02
CA GLU U 460 113.16 53.48 55.86
C GLU U 460 112.56 52.09 56.05
N VAL U 461 113.31 51.23 56.72
CA VAL U 461 112.99 49.82 56.81
C VAL U 461 112.45 49.52 58.21
N GLN U 462 111.28 48.88 58.25
CA GLN U 462 110.73 48.34 59.49
C GLN U 462 111.40 46.99 59.75
N CYS U 463 110.81 46.17 60.61
CA CYS U 463 111.31 44.81 60.75
C CYS U 463 111.35 44.12 59.40
N ALA U 464 112.56 43.83 58.92
CA ALA U 464 112.76 43.34 57.56
C ALA U 464 112.92 41.83 57.61
N PHE U 465 111.85 41.16 58.04
CA PHE U 465 111.89 39.72 58.27
C PHE U 465 111.29 38.93 57.12
N GLY U 466 110.04 39.18 56.78
CA GLY U 466 109.35 38.47 55.72
C GLY U 466 109.64 38.94 54.32
N ALA U 467 110.40 40.02 54.16
CA ALA U 467 110.77 40.54 52.85
C ALA U 467 112.24 40.29 52.53
N TYR U 468 112.86 39.31 53.20
CA TYR U 468 114.26 38.98 52.95
C TYR U 468 114.42 37.48 53.03
N VAL U 469 115.20 36.92 52.10
CA VAL U 469 115.57 35.51 52.11
C VAL U 469 117.07 35.43 51.82
N ALA U 470 117.75 34.51 52.50
CA ALA U 470 119.20 34.39 52.40
C ALA U 470 119.57 32.97 52.01
N ASP U 471 120.74 32.83 51.39
CA ASP U 471 121.27 31.53 51.03
C ASP U 471 121.85 30.87 52.27
N ALA U 472 122.54 29.75 52.08
CA ALA U 472 123.14 29.04 53.20
C ALA U 472 124.45 28.39 52.75
N ARG U 473 125.42 28.43 53.63
CA ARG U 473 126.59 27.62 53.34
C ARG U 473 126.32 26.18 53.73
N PRO U 474 127.01 25.21 53.11
CA PRO U 474 126.75 23.80 53.42
C PRO U 474 126.98 23.50 54.90
N ASP U 475 125.91 23.10 55.57
CA ASP U 475 125.96 22.74 56.99
C ASP U 475 124.96 21.62 57.23
N ALA U 476 124.74 21.27 58.50
CA ALA U 476 123.94 20.11 58.88
C ALA U 476 122.51 20.46 59.26
N LEU U 477 122.05 21.68 58.96
CA LEU U 477 120.65 22.08 59.12
C LEU U 477 120.25 22.16 60.60
N VAL U 478 121.14 21.79 61.51
CA VAL U 478 120.91 21.92 62.94
C VAL U 478 121.70 23.08 63.53
N GLY U 479 123.01 23.11 63.29
CA GLY U 479 123.77 24.32 63.51
C GLY U 479 123.35 25.44 62.58
N LEU U 480 122.74 25.11 61.44
CA LEU U 480 122.12 26.09 60.58
C LEU U 480 120.80 26.58 61.16
N MET U 481 120.17 25.79 62.04
CA MET U 481 119.06 26.31 62.83
C MET U 481 119.56 27.05 64.06
N GLN U 482 120.66 26.59 64.65
CA GLN U 482 121.19 27.22 65.85
C GLN U 482 121.63 28.66 65.58
N ARG U 483 122.16 28.92 64.37
CA ARG U 483 122.55 30.28 64.03
C ARG U 483 121.33 31.20 63.89
N PHE U 484 120.26 30.70 63.27
CA PHE U 484 119.10 31.54 63.00
C PHE U 484 118.43 32.03 64.28
N LEU U 485 118.25 31.14 65.24
CA LEU U 485 117.54 31.49 66.47
C LEU U 485 118.34 32.44 67.37
N GLU U 486 119.49 32.95 66.93
CA GLU U 486 120.21 34.01 67.62
C GLU U 486 120.04 35.37 66.97
N GLU U 487 120.04 35.43 65.64
CA GLU U 487 119.71 36.64 64.89
C GLU U 487 118.20 36.82 64.75
N TRP U 488 117.40 36.00 65.43
CA TRP U 488 115.95 36.14 65.34
C TRP U 488 115.46 37.49 65.83
N PRO U 489 115.77 37.94 67.06
CA PRO U 489 115.22 39.22 67.52
C PRO U 489 115.86 40.43 66.86
N GLY U 490 117.10 40.32 66.39
CA GLY U 490 117.80 41.44 65.79
C GLY U 490 117.09 42.00 64.58
N MET U 491 116.65 41.12 63.68
CA MET U 491 115.88 41.55 62.51
C MET U 491 114.38 41.53 62.79
N MET U 492 114.02 42.07 63.95
CA MET U 492 112.62 42.16 64.38
C MET U 492 112.48 43.11 65.56
N PRO U 493 112.77 44.41 65.41
CA PRO U 493 112.57 45.31 66.55
C PRO U 493 111.11 45.53 66.86
N VAL U 494 110.25 45.56 65.84
CA VAL U 494 108.82 45.72 66.00
C VAL U 494 108.13 44.50 65.40
N ARG U 495 106.95 44.17 65.90
CA ARG U 495 106.24 43.00 65.39
C ARG U 495 105.73 43.28 63.98
N PRO U 496 105.97 42.37 63.04
CA PRO U 496 105.60 42.63 61.65
C PRO U 496 104.10 42.86 61.46
N ARG U 497 103.78 43.58 60.39
CA ARG U 497 102.41 43.99 60.11
C ARG U 497 101.58 42.92 59.40
N TRP U 498 102.22 41.88 58.85
CA TRP U 498 101.48 40.75 58.29
C TRP U 498 101.25 39.63 59.31
N ALA U 499 102.11 39.53 60.33
CA ALA U 499 101.89 38.57 61.40
C ALA U 499 100.51 38.76 62.02
N ALA U 500 100.23 39.97 62.48
CA ALA U 500 98.90 40.38 62.90
C ALA U 500 98.42 41.48 61.94
N PRO U 501 97.68 41.13 60.89
CA PRO U 501 97.28 42.15 59.91
C PRO U 501 96.31 43.17 60.45
N ALA U 502 95.71 42.94 61.62
CA ALA U 502 94.70 43.83 62.19
C ALA U 502 93.59 44.10 61.18
N ALA U 503 92.91 43.01 60.80
CA ALA U 503 92.00 43.02 59.66
C ALA U 503 90.58 43.29 60.16
N ALA U 504 90.12 44.52 59.97
CA ALA U 504 88.76 44.93 60.26
C ALA U 504 88.54 46.29 59.60
N ASP U 505 87.42 46.94 59.93
CA ASP U 505 87.23 48.33 59.54
C ASP U 505 88.37 49.22 60.02
N GLN U 506 89.01 48.86 61.13
CA GLN U 506 90.11 49.63 61.68
C GLN U 506 91.28 49.77 60.70
N LEU U 507 91.31 48.96 59.64
CA LEU U 507 92.28 49.18 58.57
C LEU U 507 91.99 50.48 57.84
N LEU U 508 90.73 50.70 57.48
CA LEU U 508 90.34 51.85 56.67
C LEU U 508 90.25 53.15 57.47
N ALA U 509 90.76 53.19 58.70
CA ALA U 509 90.92 54.47 59.37
C ALA U 509 92.10 55.22 58.75
N PRO U 510 91.99 56.54 58.57
CA PRO U 510 93.02 57.26 57.80
C PRO U 510 94.29 57.53 58.60
N GLY U 511 94.81 56.52 59.30
CA GLY U 511 96.03 56.70 60.06
C GLY U 511 97.12 55.69 59.82
N ASN U 512 96.75 54.52 59.28
CA ASN U 512 97.68 53.40 59.19
C ASN U 512 98.34 53.32 57.82
N ALA U 513 99.57 52.80 57.82
CA ALA U 513 100.36 52.71 56.58
C ALA U 513 99.85 51.60 55.67
N ASP U 514 99.33 50.51 56.24
CA ASP U 514 98.84 49.38 55.44
C ASP U 514 97.80 49.79 54.42
N LEU U 515 97.06 50.87 54.67
CA LEU U 515 96.15 51.41 53.67
C LEU U 515 96.90 52.17 52.58
N ARG U 516 97.95 52.90 52.96
CA ARG U 516 98.77 53.59 51.97
C ARG U 516 99.47 52.60 51.05
N LEU U 517 99.77 51.40 51.55
CA LEU U 517 100.51 50.40 50.78
C LEU U 517 99.61 49.26 50.30
N GLU U 518 98.37 49.60 49.91
CA GLU U 518 97.44 48.65 49.31
C GLU U 518 96.83 49.35 48.10
N LEU U 519 97.33 49.05 46.91
CA LEU U 519 96.97 49.79 45.71
C LEU U 519 96.59 48.91 44.52
N HIS U 520 96.53 47.58 44.69
CA HIS U 520 96.23 46.71 43.56
C HIS U 520 95.76 45.36 44.07
N PRO U 521 94.67 44.81 43.54
CA PRO U 521 94.14 43.55 44.04
C PRO U 521 94.89 42.30 43.56
N ALA U 522 96.02 42.46 42.87
CA ALA U 522 96.78 41.30 42.41
C ALA U 522 98.27 41.42 42.74
N PHE U 523 98.68 42.42 43.51
CA PHE U 523 100.08 42.63 43.82
C PHE U 523 100.23 42.92 45.31
N ASP U 524 101.45 42.70 45.81
CA ASP U 524 101.83 43.00 47.18
C ASP U 524 102.97 44.02 47.15
N PHE U 525 102.69 45.24 47.58
CA PHE U 525 103.70 46.28 47.68
C PHE U 525 104.24 46.29 49.10
N PHE U 526 105.56 46.14 49.25
CA PHE U 526 106.19 46.10 50.56
C PHE U 526 107.52 46.85 50.53
N VAL U 527 107.85 47.45 51.66
CA VAL U 527 109.18 47.97 51.90
C VAL U 527 110.08 46.78 52.24
N ALA U 528 111.38 46.92 51.98
CA ALA U 528 112.31 45.81 52.14
C ALA U 528 113.73 46.36 52.05
N PRO U 529 114.73 45.62 52.52
CA PRO U 529 116.11 46.10 52.39
C PRO U 529 116.60 46.05 50.95
N GLU U 530 117.50 46.98 50.61
CA GLU U 530 118.02 47.10 49.26
C GLU U 530 119.27 46.21 49.14
N VAL U 531 119.02 44.92 48.89
CA VAL U 531 120.05 43.92 48.68
C VAL U 531 119.51 42.92 47.66
N ASP U 532 120.41 42.33 46.87
CA ASP U 532 120.02 41.31 45.90
C ASP U 532 119.18 40.22 46.58
N VAL U 533 118.33 39.56 45.77
CA VAL U 533 117.25 38.76 46.34
C VAL U 533 117.76 37.68 47.30
N PRO U 534 118.65 36.76 46.90
CA PRO U 534 119.31 35.94 47.92
C PRO U 534 120.61 36.59 48.37
N GLY U 535 120.80 36.65 49.68
CA GLY U 535 121.89 37.43 50.23
C GLY U 535 122.63 36.75 51.37
N PRO U 536 123.63 37.44 51.90
CA PRO U 536 124.44 36.87 52.99
C PRO U 536 123.59 36.54 54.21
N PHE U 537 124.04 35.54 54.96
CA PHE U 537 123.26 34.98 56.06
C PHE U 537 122.97 35.98 57.17
N ALA U 538 123.70 37.08 57.25
CA ALA U 538 123.44 38.13 58.22
C ALA U 538 122.71 39.26 57.51
N VAL U 539 121.59 39.69 58.08
CA VAL U 539 120.79 40.76 57.49
C VAL U 539 121.53 42.09 57.66
N PRO U 540 121.86 42.79 56.57
CA PRO U 540 122.53 44.09 56.69
C PRO U 540 121.51 45.20 56.87
N GLN U 541 121.69 45.99 57.93
CA GLN U 541 120.78 47.10 58.20
C GLN U 541 121.04 48.26 57.25
N VAL U 542 120.34 48.27 56.11
CA VAL U 542 120.44 49.32 55.12
C VAL U 542 119.02 49.75 54.76
N MET U 543 118.88 51.03 54.41
CA MET U 543 117.58 51.54 53.97
C MET U 543 117.30 51.04 52.55
N GLY U 544 116.06 50.67 52.28
CA GLY U 544 115.71 50.11 51.00
C GLY U 544 114.41 50.63 50.42
N GLN U 545 114.25 50.53 49.10
CA GLN U 545 113.05 50.97 48.43
C GLN U 545 111.96 49.89 48.58
N VAL U 546 110.82 50.10 47.92
CA VAL U 546 109.74 49.13 47.92
C VAL U 546 109.85 48.26 46.68
N ARG U 547 109.38 47.04 46.78
CA ARG U 547 109.39 46.09 45.67
C ARG U 547 107.96 45.74 45.29
N ALA U 548 107.82 44.84 44.31
CA ALA U 548 106.53 44.39 43.83
C ALA U 548 106.52 42.88 43.75
N MET U 549 105.42 42.29 44.19
CA MET U 549 105.29 40.84 44.21
C MET U 549 103.85 40.43 43.91
N PRO U 550 103.63 39.55 42.94
CA PRO U 550 102.26 39.26 42.51
C PRO U 550 101.60 38.21 43.40
N ARG U 551 100.30 38.39 43.65
CA ARG U 551 99.54 37.38 44.35
C ARG U 551 99.24 36.22 43.41
N ILE U 552 99.90 35.09 43.64
CA ILE U 552 99.75 33.96 42.74
C ILE U 552 98.35 33.38 42.83
N ILE U 553 97.79 33.31 44.03
CA ILE U 553 96.50 32.66 44.24
C ILE U 553 95.49 33.64 44.80
N ASN U 554 94.23 33.23 44.84
CA ASN U 554 93.18 34.03 45.50
C ASN U 554 93.45 34.15 46.99
N GLY U 555 93.92 33.07 47.62
CA GLY U 555 94.05 33.05 49.07
C GLY U 555 94.98 34.11 49.62
N ASN U 556 95.95 34.55 48.81
CA ASN U 556 96.92 35.53 49.29
C ASN U 556 96.35 36.93 49.40
N ILE U 557 95.05 37.09 49.21
CA ILE U 557 94.39 38.37 49.52
C ILE U 557 94.28 38.51 51.03
N PRO U 558 94.63 39.67 51.60
CA PRO U 558 94.55 39.82 53.06
C PRO U 558 93.13 39.64 53.58
N LEU U 559 93.05 39.24 54.85
CA LEU U 559 91.78 38.92 55.49
C LEU U 559 90.84 40.11 55.64
N ALA U 560 91.35 41.34 55.52
CA ALA U 560 90.49 42.50 55.61
C ALA U 560 89.69 42.74 54.34
N LEU U 561 90.10 42.14 53.22
CA LEU U 561 89.41 42.28 51.95
C LEU U 561 88.89 40.94 51.44
N CYS U 562 88.89 39.92 52.27
CA CYS U 562 88.41 38.59 51.93
C CYS U 562 88.06 37.86 53.22
N PRO U 563 86.96 38.21 53.88
CA PRO U 563 86.67 37.67 55.21
C PRO U 563 86.49 36.15 55.17
N VAL U 564 86.75 35.54 56.33
CA VAL U 564 86.82 34.07 56.40
C VAL U 564 85.45 33.46 56.14
N ASP U 565 84.37 34.15 56.52
CA ASP U 565 83.04 33.60 56.31
C ASP U 565 82.72 33.48 54.82
N PHE U 566 83.22 34.40 54.00
CA PHE U 566 82.98 34.31 52.56
C PHE U 566 83.69 33.09 51.96
N ARG U 567 84.92 32.83 52.40
CA ARG U 567 85.62 31.64 51.92
C ARG U 567 84.90 30.37 52.37
N ASP U 568 84.45 30.35 53.63
CA ASP U 568 83.61 29.26 54.10
C ASP U 568 82.40 29.06 53.19
N ALA U 569 81.71 30.15 52.85
CA ALA U 569 80.48 30.05 52.07
C ALA U 569 80.77 29.54 50.67
N ARG U 570 81.84 30.04 50.05
CA ARG U 570 82.19 29.57 48.71
C ARG U 570 82.58 28.09 48.71
N GLY U 571 83.31 27.65 49.74
CA GLY U 571 83.67 26.25 49.83
C GLY U 571 82.45 25.36 50.02
N PHE U 572 81.57 25.76 50.94
CA PHE U 572 80.33 25.03 51.16
C PHE U 572 79.49 24.97 49.90
N GLU U 573 79.49 26.07 49.14
CA GLU U 573 78.78 26.06 47.87
C GLU U 573 79.39 25.05 46.91
N LEU U 574 80.72 24.95 46.91
CA LEU U 574 81.37 23.97 46.05
C LEU U 574 81.14 22.55 46.55
N SER U 575 81.06 22.35 47.87
CA SER U 575 80.93 21.02 48.45
C SER U 575 79.46 20.68 48.62
N VAL U 576 78.85 20.23 47.52
CA VAL U 576 77.50 19.68 47.54
C VAL U 576 77.50 18.39 46.74
N ASP U 577 77.57 17.27 47.43
CA ASP U 577 77.36 15.93 46.85
C ASP U 577 78.50 15.56 45.91
N ARG U 578 79.44 16.47 45.67
CA ARG U 578 80.70 16.11 45.03
C ARG U 578 81.37 14.98 45.81
N HIS U 579 81.62 15.22 47.09
CA HIS U 579 82.10 14.21 48.02
C HIS U 579 82.00 14.75 49.44
N ARG U 580 81.78 13.86 50.41
CA ARG U 580 81.71 14.27 51.81
C ARG U 580 82.30 13.17 52.67
N LEU U 581 83.23 13.55 53.55
CA LEU U 581 83.82 12.58 54.45
C LEU U 581 82.82 12.15 55.51
N ALA U 582 82.69 10.83 55.68
CA ALA U 582 81.75 10.27 56.64
C ALA U 582 82.11 10.73 58.06
N PRO U 583 81.13 10.73 58.96
CA PRO U 583 81.45 11.12 60.36
C PRO U 583 82.45 10.19 61.03
N ALA U 584 82.42 8.90 60.71
CA ALA U 584 83.34 7.95 61.34
C ALA U 584 84.78 8.24 60.97
N THR U 585 85.06 8.39 59.67
CA THR U 585 86.43 8.59 59.23
C THR U 585 87.00 9.91 59.74
N VAL U 586 86.16 10.96 59.80
CA VAL U 586 86.66 12.23 60.28
C VAL U 586 86.86 12.19 61.79
N ALA U 587 85.99 11.48 62.52
CA ALA U 587 86.23 11.28 63.93
C ALA U 587 87.58 10.60 64.16
N ALA U 588 87.85 9.54 63.40
CA ALA U 588 89.12 8.82 63.55
C ALA U 588 90.31 9.72 63.24
N VAL U 589 90.28 10.40 62.09
CA VAL U 589 91.42 11.18 61.65
C VAL U 589 91.65 12.36 62.59
N ARG U 590 90.58 13.04 63.00
CA ARG U 590 90.70 14.15 63.93
C ARG U 590 91.27 13.69 65.27
N GLY U 591 90.73 12.61 65.84
CA GLY U 591 91.32 12.05 67.04
C GLY U 591 92.77 11.68 66.90
N ALA U 592 93.18 11.24 65.71
CA ALA U 592 94.60 11.00 65.44
C ALA U 592 95.40 12.29 65.53
N PHE U 593 94.95 13.33 64.81
CA PHE U 593 95.67 14.60 64.80
C PHE U 593 95.66 15.28 66.17
N ARG U 594 94.56 15.17 66.90
CA ARG U 594 94.38 15.91 68.15
C ARG U 594 94.95 15.19 69.35
N ASP U 595 95.59 14.05 69.16
CA ASP U 595 96.16 13.28 70.25
C ASP U 595 97.54 13.84 70.60
N ALA U 596 97.93 13.65 71.87
CA ALA U 596 99.23 14.09 72.36
C ALA U 596 100.21 12.92 72.48
N ASN U 597 99.80 11.83 73.12
CA ASN U 597 100.66 10.66 73.29
C ASN U 597 100.66 9.77 72.06
N TYR U 598 100.90 10.36 70.91
CA TYR U 598 101.13 9.59 69.69
C TYR U 598 102.41 8.77 69.88
N PRO U 599 102.36 7.45 69.85
CA PRO U 599 103.55 6.65 70.16
C PRO U 599 104.70 6.96 69.22
N MET U 600 105.80 7.44 69.79
CA MET U 600 106.92 7.95 69.01
C MET U 600 107.65 6.87 68.22
N VAL U 601 107.34 5.59 68.46
CA VAL U 601 107.88 4.53 67.61
C VAL U 601 107.34 4.62 66.19
N PHE U 602 106.11 5.14 66.03
CA PHE U 602 105.54 5.28 64.70
C PHE U 602 106.33 6.29 63.88
N TYR U 603 106.82 7.36 64.50
CA TYR U 603 107.69 8.30 63.80
C TYR U 603 108.99 7.61 63.37
N ILE U 604 109.46 6.66 64.18
CA ILE U 604 110.69 5.94 63.83
C ILE U 604 110.46 5.05 62.61
N ILE U 605 109.35 4.31 62.61
CA ILE U 605 109.01 3.49 61.45
C ILE U 605 108.83 4.37 60.22
N GLU U 606 108.21 5.54 60.42
CA GLU U 606 108.04 6.48 59.33
C GLU U 606 109.38 6.90 58.75
N ALA U 607 110.30 7.37 59.60
CA ALA U 607 111.61 7.79 59.14
C ALA U 607 112.37 6.67 58.44
N VAL U 608 112.30 5.45 58.98
CA VAL U 608 113.06 4.35 58.40
C VAL U 608 112.47 3.91 57.05
N ILE U 609 111.16 4.01 56.86
CA ILE U 609 110.60 3.74 55.54
C ILE U 609 110.97 4.84 54.55
N HIS U 610 110.77 6.09 54.95
CA HIS U 610 111.03 7.29 54.14
C HIS U 610 110.60 7.13 52.68
N GLY U 611 109.48 6.45 52.45
CA GLY U 611 108.90 6.37 51.12
C GLY U 611 109.66 5.54 50.12
N SER U 612 109.70 4.22 50.33
CA SER U 612 110.26 3.31 49.33
C SER U 612 109.56 1.97 49.47
N GLU U 613 108.76 1.61 48.46
CA GLU U 613 108.07 0.32 48.44
C GLU U 613 109.03 -0.81 48.73
N ARG U 614 110.26 -0.71 48.19
CA ARG U 614 111.29 -1.71 48.43
C ARG U 614 111.43 -2.04 49.91
N THR U 615 111.37 -1.02 50.77
CA THR U 615 111.43 -1.24 52.21
C THR U 615 110.05 -1.39 52.83
N PHE U 616 109.02 -0.77 52.24
CA PHE U 616 107.68 -0.88 52.79
C PHE U 616 107.18 -2.31 52.76
N CYS U 617 107.08 -2.90 51.56
CA CYS U 617 106.61 -4.27 51.44
C CYS U 617 107.42 -5.23 52.29
N ALA U 618 108.70 -4.93 52.53
CA ALA U 618 109.52 -5.74 53.43
C ALA U 618 108.99 -5.70 54.86
N LEU U 619 108.58 -4.53 55.34
CA LEU U 619 108.06 -4.38 56.69
C LEU U 619 106.54 -4.32 56.75
N ALA U 620 105.86 -4.99 55.81
CA ALA U 620 104.40 -5.01 55.82
C ALA U 620 103.86 -5.66 57.09
N ARG U 621 104.44 -6.80 57.49
CA ARG U 621 103.93 -7.52 58.65
C ARG U 621 104.05 -6.70 59.94
N LEU U 622 105.05 -5.84 60.02
CA LEU U 622 105.19 -4.99 61.20
C LEU U 622 104.12 -3.90 61.21
N VAL U 623 104.00 -3.17 60.09
CA VAL U 623 103.08 -2.04 60.02
C VAL U 623 101.65 -2.50 60.23
N ALA U 624 101.28 -3.65 59.66
CA ALA U 624 99.93 -4.17 59.86
C ALA U 624 99.63 -4.37 61.34
N GLN U 625 100.53 -5.04 62.06
CA GLN U 625 100.32 -5.27 63.48
C GLN U 625 100.24 -3.96 64.26
N CYS U 626 101.15 -3.03 63.96
CA CYS U 626 101.16 -1.76 64.68
C CYS U 626 99.85 -1.00 64.50
N ILE U 627 99.38 -0.90 63.25
CA ILE U 627 98.16 -0.13 63.02
C ILE U 627 96.95 -0.85 63.59
N GLN U 628 96.90 -2.18 63.51
CA GLN U 628 95.77 -2.90 64.10
C GLN U 628 95.75 -2.72 65.62
N SER U 629 96.92 -2.75 66.25
CA SER U 629 96.99 -2.52 67.69
C SER U 629 96.55 -1.11 68.04
N TYR U 630 97.01 -0.11 67.29
CA TYR U 630 96.62 1.27 67.58
C TYR U 630 95.12 1.46 67.42
N TRP U 631 94.52 0.83 66.40
CA TRP U 631 93.07 0.93 66.23
C TRP U 631 92.33 0.27 67.40
N ARG U 632 92.67 -0.97 67.72
CA ARG U 632 92.02 -1.65 68.83
C ARG U 632 92.31 -0.98 70.17
N ASN U 633 93.29 -0.09 70.23
CA ASN U 633 93.64 0.55 71.49
C ASN U 633 92.95 1.90 71.65
N THR U 634 92.81 2.65 70.56
CA THR U 634 92.32 4.03 70.65
C THR U 634 91.21 4.38 69.67
N HIS U 635 90.91 3.53 68.69
CA HIS U 635 89.91 3.79 67.66
C HIS U 635 90.25 5.08 66.89
N ASN U 636 91.50 5.17 66.46
CA ASN U 636 91.95 6.26 65.60
C ASN U 636 92.63 5.69 64.36
N ALA U 637 93.14 6.56 63.50
CA ALA U 637 93.96 6.14 62.37
C ALA U 637 95.42 6.08 62.79
N ALA U 638 96.27 5.72 61.83
CA ALA U 638 97.71 5.65 62.09
C ALA U 638 98.45 5.99 60.81
N PHE U 639 99.67 6.51 60.98
CA PHE U 639 100.55 6.90 59.88
C PHE U 639 99.91 7.88 58.91
N VAL U 640 98.86 8.59 59.34
CA VAL U 640 98.16 9.52 58.46
C VAL U 640 98.97 10.77 58.17
N ASN U 641 100.04 11.01 58.92
CA ASN U 641 100.83 12.22 58.71
C ASN U 641 101.56 12.19 57.37
N ASN U 642 102.09 11.03 56.99
CA ASN U 642 102.84 10.88 55.74
C ASN U 642 101.87 10.51 54.62
N PHE U 643 102.05 11.14 53.45
CA PHE U 643 101.18 10.85 52.32
C PHE U 643 101.60 9.57 51.60
N TYR U 644 102.88 9.45 51.28
CA TYR U 644 103.38 8.21 50.67
C TYR U 644 102.99 6.99 51.51
N MET U 645 103.04 7.14 52.83
CA MET U 645 102.74 6.02 53.71
C MET U 645 101.28 5.59 53.59
N VAL U 646 100.35 6.53 53.67
CA VAL U 646 98.94 6.17 53.55
C VAL U 646 98.64 5.63 52.17
N MET U 647 99.31 6.15 51.14
CA MET U 647 99.14 5.59 49.80
C MET U 647 99.56 4.13 49.77
N TYR U 648 100.72 3.82 50.37
CA TYR U 648 101.18 2.44 50.39
C TYR U 648 100.24 1.54 51.19
N ILE U 649 99.72 2.04 52.32
CA ILE U 649 98.74 1.27 53.09
C ILE U 649 97.54 0.94 52.23
N ASN U 650 97.04 1.93 51.48
CA ASN U 650 95.91 1.67 50.61
C ASN U 650 96.26 0.67 49.51
N THR U 651 97.50 0.69 49.02
CA THR U 651 97.86 -0.16 47.89
C THR U 651 98.09 -1.61 48.30
N TYR U 652 99.06 -1.85 49.18
CA TYR U 652 99.50 -3.21 49.44
C TYR U 652 98.84 -3.88 50.64
N LEU U 653 98.15 -3.12 51.50
CA LEU U 653 97.65 -3.69 52.74
C LEU U 653 96.15 -3.76 52.83
N GLY U 654 95.41 -2.98 52.04
CA GLY U 654 93.98 -2.90 52.22
C GLY U 654 93.14 -3.88 51.43
N ASN U 655 93.32 -5.18 51.67
CA ASN U 655 92.43 -6.18 51.10
C ASN U 655 91.64 -6.93 52.16
N GLY U 656 92.30 -7.66 53.04
CA GLY U 656 91.65 -8.29 54.17
C GLY U 656 92.55 -8.43 55.39
N GLU U 657 93.74 -7.85 55.30
CA GLU U 657 94.79 -8.13 56.27
C GLU U 657 94.62 -7.33 57.55
N LEU U 658 93.97 -6.17 57.48
CA LEU U 658 93.62 -5.35 58.61
C LEU U 658 92.10 -5.29 58.73
N PRO U 659 91.57 -5.03 59.92
CA PRO U 659 90.11 -4.98 60.08
C PRO U 659 89.49 -3.98 59.14
N GLU U 660 88.31 -4.34 58.61
CA GLU U 660 87.69 -3.56 57.55
C GLU U 660 87.26 -2.19 58.02
N ASP U 661 86.95 -2.04 59.31
CA ASP U 661 86.59 -0.72 59.84
C ASP U 661 87.76 0.24 59.74
N CYS U 662 88.95 -0.19 60.17
CA CYS U 662 90.14 0.64 60.05
C CYS U 662 90.60 0.80 58.61
N ALA U 663 90.41 -0.23 57.78
CA ALA U 663 90.70 -0.09 56.36
C ALA U 663 89.76 0.88 55.67
N ALA U 664 88.62 1.19 56.30
CA ALA U 664 87.62 2.04 55.66
C ALA U 664 88.02 3.51 55.68
N VAL U 665 88.95 3.90 56.56
CA VAL U 665 89.30 5.31 56.69
C VAL U 665 90.33 5.71 55.64
N TYR U 666 91.20 4.77 55.25
CA TYR U 666 92.26 5.12 54.32
C TYR U 666 91.74 5.21 52.88
N LYS U 667 90.92 4.24 52.46
CA LYS U 667 90.32 4.31 51.13
C LYS U 667 89.47 5.56 50.98
N ASP U 668 88.75 5.93 52.03
CA ASP U 668 87.95 7.16 52.00
C ASP U 668 88.84 8.39 51.93
N LEU U 669 89.89 8.42 52.76
CA LEU U 669 90.81 9.55 52.77
C LEU U 669 91.54 9.70 51.44
N LEU U 670 91.61 8.64 50.63
CA LEU U 670 92.19 8.78 49.31
C LEU U 670 91.16 9.14 48.24
N GLU U 671 89.96 8.56 48.32
CA GLU U 671 88.94 8.90 47.32
C GLU U 671 88.51 10.35 47.46
N HIS U 672 88.58 10.92 48.67
CA HIS U 672 88.35 12.36 48.80
C HIS U 672 89.42 13.16 48.07
N VAL U 673 90.69 12.74 48.17
CA VAL U 673 91.76 13.42 47.46
C VAL U 673 91.53 13.32 45.96
N HIS U 674 91.07 12.17 45.49
CA HIS U 674 90.74 12.02 44.07
C HIS U 674 89.64 12.98 43.65
N ALA U 675 88.57 13.05 44.43
CA ALA U 675 87.48 13.97 44.11
C ALA U 675 87.95 15.42 44.10
N LEU U 676 88.86 15.76 45.01
CA LEU U 676 89.41 17.11 45.03
C LEU U 676 90.25 17.38 43.79
N ARG U 677 91.03 16.39 43.35
CA ARG U 677 91.75 16.52 42.09
C ARG U 677 90.80 16.77 40.93
N ARG U 678 89.62 16.15 40.98
CA ARG U 678 88.65 16.31 39.90
C ARG U 678 88.19 17.75 39.72
N LEU U 679 88.22 18.56 40.77
CA LEU U 679 87.71 19.93 40.68
C LEU U 679 88.48 20.72 39.64
N ILE U 680 89.79 20.52 39.55
CA ILE U 680 90.60 21.21 38.55
C ILE U 680 90.08 20.94 37.16
N GLY U 681 89.92 19.67 36.81
CA GLY U 681 89.36 19.31 35.52
C GLY U 681 87.96 19.86 35.30
N GLU U 682 87.20 20.03 36.38
CA GLU U 682 85.85 20.59 36.22
C GLU U 682 85.89 22.03 35.72
N PHE U 683 86.65 22.91 36.37
CA PHE U 683 86.57 24.35 36.16
C PHE U 683 87.53 24.84 35.09
N THR U 684 88.02 23.95 34.24
CA THR U 684 89.00 24.33 33.22
C THR U 684 88.37 24.24 31.84
N LEU U 685 88.46 25.31 31.07
CA LEU U 685 88.07 25.27 29.67
C LEU U 685 89.10 24.44 28.89
N PRO U 686 88.66 23.62 27.95
CA PRO U 686 89.62 22.85 27.14
C PRO U 686 90.40 23.77 26.21
N GLY U 687 91.71 23.88 26.47
CA GLY U 687 92.57 24.71 25.67
C GLY U 687 93.79 23.94 25.21
N ASP U 688 94.72 24.66 24.59
CA ASP U 688 95.94 24.08 24.05
C ASP U 688 97.14 24.52 24.87
N PRO U 689 98.12 23.62 25.06
CA PRO U 689 99.33 24.00 25.81
C PRO U 689 100.00 25.24 25.22
N LEU U 690 100.17 26.25 26.06
CA LEU U 690 100.65 27.57 25.65
C LEU U 690 102.13 27.77 25.90
N GLY U 691 102.62 27.46 27.09
CA GLY U 691 104.02 27.66 27.42
C GLY U 691 104.73 26.36 27.70
N ASN U 692 104.46 25.34 26.87
CA ASN U 692 104.86 23.95 27.11
C ASN U 692 104.12 23.35 28.30
N GLN U 693 103.05 24.00 28.74
CA GLN U 693 102.28 23.58 29.89
C GLN U 693 100.83 23.32 29.48
N PRO U 694 100.25 22.22 29.94
CA PRO U 694 98.82 21.98 29.68
C PRO U 694 97.98 23.11 30.24
N GLN U 695 96.80 23.29 29.64
CA GLN U 695 95.93 24.41 29.94
C GLN U 695 95.50 24.46 31.41
N GLU U 696 95.65 23.38 32.15
CA GLU U 696 95.29 23.36 33.56
C GLU U 696 96.37 23.97 34.45
N GLU U 697 97.64 23.75 34.11
CA GLU U 697 98.74 24.27 34.91
C GLU U 697 98.89 25.78 34.82
N LEU U 698 98.07 26.45 34.00
CA LEU U 698 97.95 27.90 34.02
C LEU U 698 96.78 28.39 34.86
N ASN U 699 95.86 27.50 35.20
CA ASN U 699 94.67 27.86 35.98
C ASN U 699 94.95 27.73 37.48
N HIS U 700 95.42 26.56 37.90
CA HIS U 700 95.54 26.23 39.32
C HIS U 700 97.00 26.13 39.73
N ALA U 701 97.29 26.62 40.93
CA ALA U 701 98.66 26.71 41.42
C ALA U 701 99.15 25.44 42.07
N LEU U 702 98.31 24.41 42.19
CA LEU U 702 98.70 23.14 42.76
C LEU U 702 99.03 22.11 41.67
N ALA U 703 98.26 22.12 40.59
CA ALA U 703 98.52 21.23 39.47
C ALA U 703 99.82 21.58 38.77
N ASP U 704 100.35 22.77 38.99
CA ASP U 704 101.61 23.17 38.38
C ASP U 704 102.75 22.30 38.92
N ALA U 705 103.70 22.00 38.05
CA ALA U 705 104.86 21.21 38.45
C ALA U 705 106.01 22.08 38.93
N THR U 706 105.98 23.38 38.66
CA THR U 706 107.03 24.30 39.10
C THR U 706 106.86 24.76 40.54
N LEU U 707 106.04 24.06 41.32
CA LEU U 707 105.90 24.29 42.75
C LEU U 707 106.20 22.97 43.44
N LEU U 708 107.26 22.93 44.24
CA LEU U 708 107.62 21.70 44.90
C LEU U 708 106.67 21.39 46.05
N PRO U 709 106.47 20.12 46.38
CA PRO U 709 105.70 19.77 47.58
C PRO U 709 106.41 20.26 48.82
N PRO U 710 105.70 20.37 49.95
CA PRO U 710 106.35 20.89 51.17
C PRO U 710 107.57 20.08 51.60
N LEU U 711 107.54 18.76 51.44
CA LEU U 711 108.69 17.93 51.76
C LEU U 711 108.73 16.76 50.78
N ILE U 712 109.93 16.47 50.27
CA ILE U 712 110.11 15.47 49.23
C ILE U 712 110.76 14.23 49.81
N TRP U 713 110.44 13.07 49.23
CA TRP U 713 111.01 11.79 49.61
C TRP U 713 111.83 11.14 48.51
N ASP U 714 111.86 11.71 47.32
CA ASP U 714 112.51 11.11 46.16
C ASP U 714 113.14 12.24 45.34
N CYS U 715 113.47 11.95 44.08
CA CYS U 715 113.84 12.99 43.14
C CYS U 715 112.87 13.05 41.95
N ASP U 716 111.62 12.60 42.16
CA ASP U 716 110.65 12.62 41.07
C ASP U 716 110.24 14.02 40.65
N PRO U 717 109.70 14.88 41.53
CA PRO U 717 109.29 16.21 41.09
C PRO U 717 110.45 17.15 40.78
N ILE U 718 111.68 16.80 41.14
CA ILE U 718 112.84 17.56 40.68
C ILE U 718 113.09 17.29 39.20
N LEU U 719 113.08 16.02 38.81
CA LEU U 719 113.21 15.68 37.40
C LEU U 719 112.04 16.24 36.60
N TYR U 720 110.81 15.98 37.06
CA TYR U 720 109.64 16.42 36.30
C TYR U 720 109.53 17.94 36.20
N ARG U 721 110.20 18.68 37.09
CA ARG U 721 110.18 20.14 37.05
C ARG U 721 111.32 20.71 36.22
N ASP U 722 112.55 20.22 36.43
CA ASP U 722 113.67 20.66 35.61
C ASP U 722 113.49 20.26 34.16
N GLY U 723 112.69 19.23 33.88
CA GLY U 723 112.38 18.84 32.52
C GLY U 723 111.89 19.99 31.67
N LEU U 724 110.81 20.64 32.12
CA LEU U 724 110.36 21.86 31.47
C LEU U 724 111.14 23.05 32.00
N ALA U 725 110.82 24.23 31.48
CA ALA U 725 111.47 25.46 31.93
C ALA U 725 110.49 26.61 31.82
N GLU U 726 110.39 27.41 32.88
CA GLU U 726 109.66 28.68 32.84
C GLU U 726 110.61 29.86 32.77
N ARG U 727 111.68 29.68 31.99
CA ARG U 727 112.70 30.68 31.66
C ARG U 727 113.66 30.93 32.81
N LEU U 728 113.34 30.42 34.01
CA LEU U 728 114.32 30.40 35.10
C LEU U 728 113.87 29.43 36.19
N PRO U 729 113.85 28.11 35.91
CA PRO U 729 113.46 27.14 36.96
C PRO U 729 114.64 26.68 37.80
N GLU U 730 115.23 27.62 38.53
CA GLU U 730 116.45 27.36 39.29
C GLU U 730 116.15 26.57 40.56
N LEU U 731 117.12 25.75 40.97
CA LEU U 731 117.05 24.99 42.19
C LEU U 731 118.39 25.08 42.91
N ARG U 732 118.38 24.90 44.23
CA ARG U 732 119.57 25.01 45.06
C ARG U 732 119.46 24.04 46.22
N VAL U 733 120.25 22.97 46.20
CA VAL U 733 120.23 21.97 47.29
C VAL U 733 121.30 22.40 48.29
N ASN U 734 120.92 23.34 49.15
CA ASN U 734 121.57 23.65 50.41
C ASN U 734 122.93 24.33 50.25
N GLY U 735 123.63 24.13 49.13
CA GLY U 735 124.63 25.12 48.77
C GLY U 735 124.81 25.44 47.30
N ALA U 736 124.79 24.41 46.45
CA ALA U 736 125.24 24.60 45.08
C ALA U 736 124.29 24.13 43.99
N HIS U 737 123.91 22.85 44.02
CA HIS U 737 123.38 22.18 42.85
C HIS U 737 122.76 20.86 43.30
N PHE U 738 122.38 20.04 42.31
CA PHE U 738 121.73 18.76 42.55
C PHE U 738 122.67 17.61 42.19
N GLN U 739 122.87 16.69 43.12
CA GLN U 739 123.67 15.49 42.91
C GLN U 739 123.03 14.31 43.62
N HIS U 740 122.92 13.18 42.93
CA HIS U 740 122.27 11.98 43.45
C HIS U 740 123.28 10.85 43.58
N ILE U 741 122.94 9.86 44.40
CA ILE U 741 123.82 8.71 44.62
C ILE U 741 123.07 7.39 44.46
N LEU U 742 121.74 7.47 44.37
CA LEU U 742 120.82 6.46 43.88
C LEU U 742 120.59 5.29 44.84
N TRP U 743 121.42 5.09 45.86
CA TRP U 743 121.10 4.25 47.03
C TRP U 743 122.34 4.25 47.92
N VAL U 744 122.19 3.63 49.10
CA VAL U 744 123.22 3.63 50.12
C VAL U 744 123.32 2.23 50.73
N GLU U 745 124.37 2.04 51.52
CA GLU U 745 124.62 0.79 52.24
C GLU U 745 125.32 1.13 53.54
N MET U 746 125.38 0.14 54.43
CA MET U 746 126.00 0.35 55.75
C MET U 746 127.45 0.79 55.63
N ALA U 747 128.16 0.27 54.62
CA ALA U 747 129.59 0.53 54.49
C ALA U 747 129.91 1.98 54.16
N GLN U 748 129.00 2.72 53.53
CA GLN U 748 129.30 4.06 53.02
C GLN U 748 128.18 5.02 53.40
N VAL U 749 127.81 5.04 54.68
CA VAL U 749 126.73 5.88 55.14
C VAL U 749 127.10 7.37 55.05
N ASN U 750 128.14 7.77 55.77
CA ASN U 750 128.56 9.18 55.85
C ASN U 750 127.41 10.05 56.35
N PHE U 751 127.06 9.83 57.62
CA PHE U 751 125.90 10.43 58.25
C PHE U 751 125.89 11.95 58.19
N ARG U 752 127.03 12.58 57.91
CA ARG U 752 127.08 14.03 57.75
C ARG U 752 127.93 14.39 56.53
N ASN U 753 127.28 14.46 55.37
CA ASN U 753 127.83 15.15 54.21
C ASN U 753 126.96 16.36 53.93
N VAL U 754 127.58 17.44 53.49
CA VAL U 754 126.91 18.73 53.42
C VAL U 754 126.59 19.18 52.00
N GLY U 755 127.18 18.57 50.98
CA GLY U 755 126.92 18.96 49.61
C GLY U 755 125.50 18.70 49.14
N GLY U 756 125.21 19.02 47.88
CA GLY U 756 123.89 18.77 47.34
C GLY U 756 123.65 17.32 47.02
N GLY U 757 123.74 16.46 48.03
CA GLY U 757 123.58 15.03 47.86
C GLY U 757 122.20 14.57 48.27
N LEU U 758 121.55 13.84 47.35
CA LEU U 758 120.23 13.26 47.59
C LEU U 758 120.25 11.82 47.11
N VAL U 759 119.16 11.10 47.38
CA VAL U 759 119.12 9.66 47.16
C VAL U 759 117.86 9.28 46.38
N HIS U 760 118.03 8.30 45.48
CA HIS U 760 116.93 7.63 44.80
C HIS U 760 116.73 6.29 45.49
N ASN U 761 116.02 6.30 46.62
CA ASN U 761 116.16 5.28 47.65
C ASN U 761 116.44 3.88 47.10
N ARG U 762 115.55 3.37 46.25
CA ARG U 762 115.80 2.15 45.49
C ARG U 762 114.72 1.97 44.44
N PRO U 763 115.07 1.58 43.22
CA PRO U 763 114.03 1.19 42.25
C PRO U 763 113.31 -0.06 42.72
N VAL U 764 112.19 -0.35 42.05
CA VAL U 764 111.34 -1.48 42.40
C VAL U 764 111.55 -2.65 41.46
N ARG U 765 111.75 -2.40 40.17
CA ARG U 765 111.91 -3.46 39.19
C ARG U 765 113.27 -3.45 38.52
N ASN U 766 113.68 -2.33 37.94
CA ASN U 766 114.85 -2.27 37.07
C ASN U 766 116.01 -1.59 37.77
N GLU U 767 117.08 -2.33 38.01
CA GLU U 767 118.37 -1.77 38.33
C GLU U 767 119.24 -1.78 37.08
N ASN U 768 120.43 -1.19 37.21
CA ASN U 768 121.37 -1.07 36.10
C ASN U 768 120.70 -0.43 34.88
N GLN U 769 120.11 0.74 35.11
CA GLN U 769 119.48 1.55 34.09
C GLN U 769 119.71 3.02 34.41
N PRO U 770 119.98 3.85 33.40
CA PRO U 770 120.17 5.29 33.66
C PRO U 770 119.04 5.88 34.47
N LEU U 771 119.36 6.90 35.28
CA LEU U 771 118.41 7.41 36.27
C LEU U 771 117.09 7.80 35.62
N HIS U 772 115.99 7.51 36.32
CA HIS U 772 114.65 7.77 35.82
C HIS U 772 113.69 7.75 37.00
N PRO U 773 112.63 8.55 36.97
CA PRO U 773 111.63 8.49 38.03
C PRO U 773 110.90 7.15 38.01
N HIS U 774 110.24 6.84 39.13
CA HIS U 774 109.54 5.57 39.29
C HIS U 774 108.12 5.80 39.76
N HIS U 775 107.46 6.82 39.21
CA HIS U 775 106.07 7.12 39.48
C HIS U 775 105.53 8.01 38.37
N ASP U 776 104.20 8.07 38.25
CA ASP U 776 103.57 8.89 37.23
C ASP U 776 103.77 10.38 37.54
N ALA U 777 103.26 11.22 36.64
CA ALA U 777 103.32 12.66 36.84
C ALA U 777 102.34 13.10 37.92
N GLU U 778 101.10 12.62 37.84
CA GLU U 778 100.08 12.96 38.84
C GLU U 778 100.43 12.44 40.22
N TRP U 779 101.46 11.60 40.36
CA TRP U 779 101.88 11.15 41.68
C TRP U 779 102.40 12.28 42.56
N SER U 780 102.89 13.37 41.96
CA SER U 780 103.38 14.51 42.72
C SER U 780 102.30 15.52 43.06
N VAL U 781 101.33 15.74 42.18
CA VAL U 781 100.28 16.72 42.46
C VAL U 781 99.39 16.25 43.61
N LEU U 782 99.20 14.94 43.76
CA LEU U 782 98.41 14.44 44.88
C LEU U 782 99.03 14.81 46.21
N SER U 783 100.36 14.83 46.28
CA SER U 783 101.04 15.24 47.50
C SER U 783 100.75 16.70 47.82
N LYS U 784 100.80 17.57 46.81
CA LYS U 784 100.45 18.97 47.01
C LYS U 784 99.02 19.11 47.51
N ILE U 785 98.08 18.45 46.82
CA ILE U 785 96.68 18.51 47.21
C ILE U 785 96.52 18.10 48.67
N TYR U 786 97.08 16.95 49.03
CA TYR U 786 96.99 16.45 50.40
C TYR U 786 97.55 17.47 51.38
N TYR U 787 98.85 17.72 51.31
CA TYR U 787 99.51 18.53 52.33
C TYR U 787 99.11 19.99 52.30
N TYR U 788 98.34 20.45 51.31
CA TYR U 788 97.91 21.84 51.29
C TYR U 788 96.42 22.04 51.49
N ALA U 789 95.59 21.00 51.34
CA ALA U 789 94.16 21.19 51.52
C ALA U 789 93.47 20.06 52.26
N VAL U 790 94.19 19.16 52.93
CA VAL U 790 93.55 18.17 53.77
C VAL U 790 94.13 18.26 55.16
N VAL U 791 95.46 18.17 55.26
CA VAL U 791 96.16 18.27 56.54
C VAL U 791 95.84 19.59 57.23
N PRO U 792 96.05 20.75 56.60
CA PRO U 792 95.77 22.01 57.30
C PRO U 792 94.31 22.16 57.71
N ALA U 793 93.38 21.50 57.03
CA ALA U 793 91.98 21.53 57.43
C ALA U 793 91.69 20.62 58.62
N PHE U 794 92.61 19.74 58.97
CA PHE U 794 92.45 18.84 60.11
C PHE U 794 93.29 19.23 61.32
N SER U 795 94.47 19.81 61.10
CA SER U 795 95.39 20.14 62.18
C SER U 795 95.22 21.55 62.70
N ARG U 796 94.63 22.45 61.92
CA ARG U 796 94.43 23.85 62.31
C ARG U 796 95.74 24.50 62.75
N GLY U 797 96.83 24.16 62.09
CA GLY U 797 98.13 24.72 62.42
C GLY U 797 98.84 24.12 63.60
N ASN U 798 98.36 22.98 64.10
CA ASN U 798 99.01 22.28 65.21
C ASN U 798 100.24 21.52 64.76
N CYS U 799 100.33 21.13 63.50
CA CYS U 799 101.43 20.30 63.02
C CYS U 799 102.62 21.14 62.56
N CYS U 800 103.78 20.49 62.50
CA CYS U 800 105.01 21.17 62.13
C CYS U 800 106.01 20.19 61.52
N THR U 801 106.53 20.54 60.34
CA THR U 801 107.58 19.73 59.72
C THR U 801 108.87 19.82 60.51
N MET U 802 109.52 18.67 60.71
CA MET U 802 110.75 18.61 61.49
C MET U 802 111.71 17.62 60.85
N GLY U 803 113.00 17.85 61.06
CA GLY U 803 114.02 16.98 60.50
C GLY U 803 114.50 15.93 61.48
N VAL U 804 114.93 14.79 60.94
CA VAL U 804 115.35 13.66 61.75
C VAL U 804 116.87 13.62 61.83
N ARG U 805 117.38 13.31 63.01
CA ARG U 805 118.80 13.07 63.23
C ARG U 805 119.01 11.56 63.09
N TYR U 806 119.37 11.13 61.89
CA TYR U 806 119.41 9.70 61.58
C TYR U 806 120.48 8.96 62.37
N ASP U 807 121.57 9.64 62.74
CA ASP U 807 122.64 9.00 63.49
C ASP U 807 122.13 8.35 64.77
N ARG U 808 121.29 9.07 65.51
CA ARG U 808 120.85 8.58 66.82
C ARG U 808 119.75 7.54 66.74
N VAL U 809 118.96 7.52 65.66
CA VAL U 809 117.88 6.56 65.51
C VAL U 809 118.38 5.24 64.92
N TYR U 810 119.36 5.31 64.01
CA TYR U 810 119.87 4.09 63.40
C TYR U 810 120.62 3.22 64.40
N GLN U 811 121.07 3.78 65.53
CA GLN U 811 121.67 2.95 66.56
C GLN U 811 120.60 2.28 67.42
N LEU U 812 119.53 3.01 67.73
CA LEU U 812 118.49 2.46 68.60
C LEU U 812 117.69 1.38 67.89
N VAL U 813 117.41 1.57 66.59
CA VAL U 813 116.61 0.61 65.86
C VAL U 813 117.22 -0.79 65.87
N GLN U 814 118.53 -0.90 66.06
CA GLN U 814 119.22 -2.18 66.06
C GLN U 814 119.57 -2.66 67.46
N THR U 815 119.06 -2.01 68.50
CA THR U 815 119.24 -2.48 69.87
C THR U 815 118.04 -3.30 70.30
N MET U 816 117.89 -4.45 69.63
CA MET U 816 116.77 -5.35 69.86
C MET U 816 117.26 -6.56 70.65
N VAL U 817 116.40 -7.05 71.55
CA VAL U 817 116.72 -8.19 72.40
C VAL U 817 115.67 -9.26 72.08
N VAL U 818 116.05 -10.26 71.29
CA VAL U 818 115.14 -11.32 70.89
C VAL U 818 115.77 -12.68 71.19
N PRO U 819 115.20 -13.46 72.11
CA PRO U 819 115.71 -14.82 72.34
C PRO U 819 115.17 -15.79 71.30
N GLU U 820 115.88 -16.89 71.15
CA GLU U 820 115.56 -17.89 70.13
C GLU U 820 114.38 -18.74 70.57
N THR U 821 113.41 -18.90 69.68
CA THR U 821 112.22 -19.71 69.90
C THR U 821 112.31 -20.97 69.02
N ASP U 822 112.90 -22.03 69.59
CA ASP U 822 113.05 -23.27 68.86
C ASP U 822 111.72 -23.90 68.46
N GLU U 823 110.66 -23.63 69.21
CA GLU U 823 109.34 -24.18 68.91
C GLU U 823 108.38 -23.01 68.70
N GLU U 824 107.09 -23.31 68.67
CA GLU U 824 106.05 -22.30 68.42
C GLU U 824 106.18 -21.14 69.41
N VAL U 825 105.73 -19.97 68.98
CA VAL U 825 105.94 -18.73 69.71
C VAL U 825 104.84 -18.56 70.76
N GLY U 826 105.16 -17.83 71.82
CA GLY U 826 104.19 -17.45 72.83
C GLY U 826 104.14 -15.95 72.99
N THR U 827 103.26 -15.52 73.90
CA THR U 827 103.10 -14.09 74.16
C THR U 827 103.18 -13.78 75.65
N ASP U 828 102.93 -14.79 76.50
CA ASP U 828 103.05 -14.65 77.95
C ASP U 828 103.95 -15.77 78.45
N ASP U 829 105.26 -15.55 78.36
CA ASP U 829 106.30 -16.47 78.80
C ASP U 829 107.64 -15.75 78.73
N PRO U 830 108.62 -16.15 79.54
CA PRO U 830 109.93 -15.46 79.51
C PRO U 830 110.59 -15.50 78.14
N ARG U 831 110.11 -16.37 77.26
CA ARG U 831 110.69 -16.49 75.92
C ARG U 831 110.23 -15.35 75.01
N HIS U 832 109.04 -14.80 75.25
CA HIS U 832 108.53 -13.75 74.37
C HIS U 832 109.38 -12.50 74.48
N PRO U 833 109.57 -11.75 73.39
CA PRO U 833 110.39 -10.54 73.44
C PRO U 833 109.81 -9.42 74.31
N LEU U 834 108.58 -9.56 74.81
CA LEU U 834 107.94 -8.49 75.57
C LEU U 834 107.67 -8.86 77.03
N HIS U 835 107.97 -10.07 77.46
CA HIS U 835 107.82 -10.42 78.86
C HIS U 835 108.73 -9.55 79.71
N PRO U 836 108.27 -9.06 80.87
CA PRO U 836 109.09 -8.16 81.70
C PRO U 836 110.50 -8.63 81.97
N ARG U 837 110.75 -9.95 81.91
CA ARG U 837 112.08 -10.47 82.21
C ARG U 837 113.13 -10.06 81.19
N ASN U 838 112.72 -9.57 80.01
CA ASN U 838 113.66 -9.24 78.95
C ASN U 838 113.81 -7.75 78.71
N LEU U 839 113.10 -6.90 79.46
CA LEU U 839 113.06 -5.46 79.18
C LEU U 839 114.30 -4.77 79.75
N VAL U 840 115.42 -5.01 79.09
CA VAL U 840 116.69 -4.35 79.43
C VAL U 840 116.56 -2.87 79.07
N PRO U 841 117.30 -1.98 79.71
CA PRO U 841 117.07 -0.54 79.51
C PRO U 841 117.64 -0.05 78.19
N ASN U 842 117.18 1.13 77.80
CA ASN U 842 117.70 1.87 76.65
C ASN U 842 117.60 1.10 75.34
N SER U 843 116.83 0.01 75.33
CA SER U 843 116.69 -0.82 74.15
C SER U 843 115.51 -0.33 73.31
N LEU U 844 115.17 -1.09 72.28
CA LEU U 844 114.07 -0.74 71.39
C LEU U 844 112.78 -1.47 71.72
N ASN U 845 112.85 -2.74 72.12
CA ASN U 845 111.66 -3.46 72.55
C ASN U 845 111.00 -2.83 73.77
N VAL U 846 111.65 -1.83 74.39
CA VAL U 846 111.01 -1.11 75.49
C VAL U 846 110.04 -0.07 74.96
N LEU U 847 110.39 0.62 73.88
CA LEU U 847 109.46 1.59 73.31
C LEU U 847 108.17 0.91 72.87
N PHE U 848 108.26 -0.32 72.38
CA PHE U 848 107.07 -1.11 72.08
C PHE U 848 106.28 -1.48 73.33
N HIS U 849 106.84 -1.25 74.52
CA HIS U 849 106.11 -1.45 75.76
C HIS U 849 105.62 -0.15 76.38
N ASN U 850 106.23 0.98 76.01
CA ASN U 850 105.71 2.28 76.43
C ASN U 850 104.51 2.73 75.61
N ALA U 851 104.05 1.90 74.67
CA ALA U 851 102.89 2.20 73.86
C ALA U 851 101.79 1.15 73.96
N CYS U 852 102.03 0.06 74.70
CA CYS U 852 101.09 -1.05 74.82
C CYS U 852 100.69 -1.61 73.46
N VAL U 853 101.64 -1.70 72.55
CA VAL U 853 101.42 -2.33 71.24
C VAL U 853 101.95 -3.74 71.29
N ALA U 854 101.27 -4.64 70.58
CA ALA U 854 101.73 -6.02 70.46
C ALA U 854 102.62 -6.16 69.24
N VAL U 855 103.42 -7.22 69.23
CA VAL U 855 104.34 -7.48 68.12
C VAL U 855 104.81 -8.93 68.24
N ASP U 856 105.18 -9.52 67.11
CA ASP U 856 105.70 -10.87 67.06
C ASP U 856 107.17 -10.84 66.70
N ALA U 857 107.96 -11.71 67.35
CA ALA U 857 109.40 -11.74 67.11
C ALA U 857 109.70 -12.15 65.68
N ASP U 858 108.93 -13.08 65.13
CA ASP U 858 109.08 -13.45 63.72
C ASP U 858 108.82 -12.29 62.79
N ALA U 859 108.19 -11.21 63.28
CA ALA U 859 108.13 -9.94 62.58
C ALA U 859 108.98 -8.86 63.22
N MET U 860 109.24 -8.95 64.53
CA MET U 860 110.10 -7.98 65.20
C MET U 860 111.54 -8.08 64.72
N LEU U 861 111.91 -9.19 64.09
CA LEU U 861 113.26 -9.37 63.59
C LEU U 861 113.47 -8.76 62.22
N ILE U 862 112.40 -8.55 61.44
CA ILE U 862 112.53 -8.15 60.04
C ILE U 862 113.02 -6.72 59.92
N LEU U 863 113.27 -6.06 61.06
CA LEU U 863 113.86 -4.73 61.07
C LEU U 863 115.29 -4.78 60.55
N GLN U 864 115.78 -5.97 60.20
CA GLN U 864 117.09 -6.07 59.56
C GLN U 864 117.10 -5.39 58.20
N GLU U 865 116.02 -5.56 57.42
CA GLU U 865 116.01 -5.22 56.00
C GLU U 865 116.20 -3.74 55.73
N THR U 866 116.32 -2.91 56.77
CA THR U 866 116.55 -1.48 56.57
C THR U 866 117.99 -1.21 56.12
N VAL U 867 118.94 -1.98 56.63
CA VAL U 867 120.37 -1.66 56.46
C VAL U 867 120.74 -1.78 55.00
N THR U 868 119.99 -2.55 54.23
CA THR U 868 120.19 -2.64 52.79
C THR U 868 119.79 -1.36 52.06
N ASN U 869 119.07 -0.45 52.71
CA ASN U 869 118.70 0.82 52.10
C ASN U 869 118.54 1.84 53.22
N MET U 870 119.58 2.64 53.45
CA MET U 870 119.62 3.61 54.53
C MET U 870 119.05 4.95 54.08
N ALA U 871 119.14 5.94 54.96
CA ALA U 871 118.92 7.34 54.64
C ALA U 871 119.88 8.16 55.47
N GLU U 872 120.40 9.24 54.90
CA GLU U 872 121.49 9.98 55.52
C GLU U 872 120.99 11.11 56.42
N ARG U 873 120.22 12.05 55.88
CA ARG U 873 119.92 13.26 56.62
C ARG U 873 118.67 13.91 56.04
N THR U 874 118.32 15.06 56.59
CA THR U 874 117.30 15.93 56.04
C THR U 874 117.97 17.21 55.54
N THR U 875 117.62 17.61 54.33
CA THR U 875 118.31 18.73 53.70
C THR U 875 117.30 19.74 53.16
N PRO U 876 117.62 21.03 53.22
CA PRO U 876 116.69 22.04 52.73
C PRO U 876 116.81 22.24 51.22
N LEU U 877 115.80 22.89 50.67
CA LEU U 877 115.70 23.11 49.24
C LEU U 877 115.13 24.50 48.97
N LEU U 878 115.79 25.23 48.09
CA LEU U 878 115.28 26.50 47.55
C LEU U 878 114.82 26.27 46.12
N ALA U 879 113.92 27.14 45.66
CA ALA U 879 113.36 26.98 44.32
C ALA U 879 112.93 28.32 43.74
N SER U 880 113.61 28.76 42.68
CA SER U 880 113.27 29.99 41.99
C SER U 880 112.60 29.65 40.66
N VAL U 881 111.43 30.26 40.42
CA VAL U 881 110.67 30.04 39.20
C VAL U 881 110.10 31.37 38.76
N ALA U 882 110.35 31.76 37.51
CA ALA U 882 109.76 32.97 36.98
C ALA U 882 108.24 32.81 36.90
N PRO U 883 107.49 33.92 36.91
CA PRO U 883 106.04 33.81 36.75
C PRO U 883 105.70 33.21 35.39
N ASP U 884 104.59 32.47 35.34
CA ASP U 884 104.26 31.66 34.17
C ASP U 884 104.01 32.53 32.94
N ALA U 885 103.82 31.88 31.78
CA ALA U 885 103.57 32.61 30.55
C ALA U 885 102.26 33.40 30.60
N GLY U 886 101.40 33.12 31.59
CA GLY U 886 100.13 33.83 31.67
C GLY U 886 100.26 35.19 32.32
N MET U 887 101.04 35.29 33.39
CA MET U 887 101.17 36.56 34.09
C MET U 887 102.58 37.10 34.00
N ALA U 888 103.17 37.06 32.81
CA ALA U 888 104.54 37.53 32.59
C ALA U 888 104.51 38.64 31.53
N THR U 889 104.43 39.88 31.99
CA THR U 889 104.64 41.04 31.14
C THR U 889 106.03 41.60 31.38
N VAL U 890 106.51 42.39 30.42
CA VAL U 890 107.88 42.89 30.46
C VAL U 890 108.15 43.64 31.76
N ALA U 891 107.12 44.25 32.35
CA ALA U 891 107.30 44.92 33.63
C ALA U 891 107.46 43.94 34.79
N THR U 892 106.92 42.72 34.67
CA THR U 892 106.88 41.79 35.79
C THR U 892 107.55 40.46 35.42
N ARG U 893 108.59 40.53 34.60
CA ARG U 893 109.32 39.32 34.20
C ARG U 893 110.55 39.06 35.06
N ASP U 894 110.77 39.86 36.10
CA ASP U 894 111.96 39.71 36.93
C ASP U 894 111.66 39.20 38.34
N MET U 895 110.46 39.44 38.86
CA MET U 895 110.10 38.98 40.19
C MET U 895 109.93 37.47 40.16
N ARG U 896 110.77 36.76 40.91
CA ARG U 896 110.73 35.31 40.98
C ARG U 896 110.42 34.88 42.40
N THR U 897 109.58 33.84 42.52
CA THR U 897 109.21 33.30 43.82
C THR U 897 110.31 32.35 44.30
N HIS U 898 110.55 32.36 45.61
CA HIS U 898 111.54 31.50 46.24
C HIS U 898 110.83 30.69 47.32
N ASP U 899 110.25 29.57 46.92
CA ASP U 899 109.61 28.66 47.86
C ASP U 899 110.69 27.80 48.51
N GLY U 900 110.26 26.91 49.42
CA GLY U 900 111.19 26.04 50.11
C GLY U 900 110.59 24.66 50.30
N SER U 901 111.44 23.72 50.69
CA SER U 901 111.02 22.34 50.89
C SER U 901 112.07 21.61 51.70
N LEU U 902 111.67 20.46 52.23
CA LEU U 902 112.57 19.55 52.93
C LEU U 902 112.68 18.24 52.16
N HIS U 903 113.77 17.53 52.39
CA HIS U 903 113.98 16.23 51.77
C HIS U 903 114.19 15.20 52.87
N HIS U 904 113.44 14.11 52.81
CA HIS U 904 113.45 13.05 53.81
C HIS U 904 113.10 13.59 55.20
N GLY U 905 112.35 14.68 55.27
CA GLY U 905 111.89 15.22 56.54
C GLY U 905 110.68 14.49 57.06
N LEU U 906 109.91 15.18 57.92
CA LEU U 906 108.68 14.63 58.47
C LEU U 906 107.94 15.71 59.25
N LEU U 907 106.62 15.66 59.27
CA LEU U 907 105.81 16.57 60.05
C LEU U 907 105.24 15.85 61.27
N MET U 908 105.25 16.53 62.41
CA MET U 908 104.71 15.97 63.64
C MET U 908 103.30 16.49 63.84
N MET U 909 102.45 15.65 64.44
CA MET U 909 101.05 16.01 64.60
C MET U 909 100.87 17.07 65.69
N ALA U 910 101.24 16.74 66.92
CA ALA U 910 101.11 17.67 68.04
C ALA U 910 102.24 17.35 69.02
N TYR U 911 102.78 18.38 69.64
CA TYR U 911 103.89 18.17 70.56
C TYR U 911 103.39 17.69 71.91
N GLN U 912 104.26 16.95 72.60
CA GLN U 912 103.96 16.42 73.93
C GLN U 912 105.20 16.60 74.79
N PRO U 913 105.38 17.79 75.37
CA PRO U 913 106.55 18.01 76.23
C PRO U 913 106.42 17.45 77.62
N ASN U 914 105.22 17.08 78.07
CA ASN U 914 105.06 16.63 79.45
C ASN U 914 105.50 15.19 79.65
N ASP U 915 106.16 14.58 78.68
CA ASP U 915 106.76 13.27 78.84
C ASP U 915 108.19 13.42 79.32
N ALA U 916 108.65 12.44 80.11
CA ALA U 916 110.04 12.37 80.54
C ALA U 916 110.71 11.07 80.15
N THR U 917 109.98 10.16 79.49
CA THR U 917 110.60 8.91 79.04
C THR U 917 111.50 9.12 77.84
N LEU U 918 111.59 10.34 77.33
CA LEU U 918 112.51 10.70 76.26
C LEU U 918 113.08 12.09 76.47
N LEU U 919 114.20 12.36 75.81
CA LEU U 919 114.84 13.67 75.86
C LEU U 919 113.93 14.71 75.22
N GLU U 920 114.22 15.99 75.50
CA GLU U 920 113.48 17.08 74.89
C GLU U 920 113.62 17.03 73.38
N GLY U 921 114.84 17.23 72.89
CA GLY U 921 115.16 17.02 71.49
C GLY U 921 115.72 15.63 71.23
N ALA U 922 114.91 14.60 71.48
CA ALA U 922 115.38 13.22 71.47
C ALA U 922 115.95 12.81 70.11
N PHE U 923 115.12 12.81 69.07
CA PHE U 923 115.54 12.33 67.76
C PHE U 923 115.42 13.37 66.66
N PHE U 924 114.45 14.29 66.74
CA PHE U 924 114.18 15.21 65.65
C PHE U 924 114.57 16.63 66.07
N TYR U 925 114.49 17.54 65.10
CA TYR U 925 114.70 18.96 65.34
C TYR U 925 113.79 19.75 64.39
N PRO U 926 113.23 20.86 64.85
CA PRO U 926 112.23 21.58 64.04
C PRO U 926 112.88 22.28 62.85
N ALA U 927 112.13 22.31 61.74
CA ALA U 927 112.53 23.05 60.54
C ALA U 927 111.28 23.34 59.73
N PRO U 928 110.51 24.37 60.11
CA PRO U 928 109.26 24.67 59.40
C PRO U 928 109.55 25.20 58.01
N VAL U 929 108.66 24.90 57.06
CA VAL U 929 108.90 25.26 55.67
C VAL U 929 108.12 26.51 55.29
N ASN U 930 106.88 26.62 55.76
CA ASN U 930 106.05 27.77 55.44
C ASN U 930 105.08 28.02 56.57
N ALA U 931 104.27 29.08 56.43
CA ALA U 931 103.38 29.50 57.51
C ALA U 931 102.23 28.53 57.74
N LEU U 932 102.10 27.49 56.92
CA LEU U 932 101.01 26.54 57.11
C LEU U 932 101.38 25.47 58.13
N PHE U 933 102.66 25.34 58.45
CA PHE U 933 103.14 24.31 59.37
C PHE U 933 104.06 24.88 60.44
N ALA U 934 104.23 26.20 60.49
CA ALA U 934 105.13 26.82 61.45
C ALA U 934 104.47 26.92 62.82
N CYS U 935 104.13 25.75 63.38
CA CYS U 935 103.55 25.71 64.71
C CYS U 935 104.57 26.14 65.77
N ALA U 936 104.05 26.62 66.89
CA ALA U 936 104.88 27.17 67.95
C ALA U 936 105.18 26.18 69.07
N ASP U 937 104.23 25.33 69.44
CA ASP U 937 104.46 24.39 70.54
C ASP U 937 105.66 23.49 70.30
N HIS U 938 105.98 23.22 69.04
CA HIS U 938 107.10 22.34 68.71
C HIS U 938 108.45 23.00 68.89
N LEU U 939 108.50 24.32 69.09
CA LEU U 939 109.78 25.00 69.26
C LEU U 939 110.49 24.63 70.55
N GLY U 940 109.90 23.79 71.38
CA GLY U 940 110.56 23.32 72.59
C GLY U 940 111.46 22.13 72.40
N ALA U 941 111.53 21.59 71.19
CA ALA U 941 112.30 20.38 70.90
C ALA U 941 113.78 20.64 70.66
N MET U 942 114.28 21.82 70.99
CA MET U 942 115.69 22.13 70.79
C MET U 942 116.40 22.30 72.13
N ARG U 943 117.69 21.98 72.13
CA ARG U 943 118.50 22.28 73.30
C ARG U 943 118.82 23.78 73.35
N ASP U 944 118.74 24.34 74.55
CA ASP U 944 119.05 25.76 74.78
C ASP U 944 118.22 26.67 73.88
N VAL U 945 116.89 26.51 73.94
CA VAL U 945 116.01 27.46 73.28
C VAL U 945 116.03 28.76 74.08
N GLY U 946 116.01 29.89 73.38
CA GLY U 946 116.05 31.18 74.03
C GLY U 946 114.89 31.37 75.00
N ALA U 947 115.08 32.33 75.90
CA ALA U 947 114.05 32.66 76.88
C ALA U 947 113.00 33.62 76.32
N GLU U 948 113.31 34.32 75.24
CA GLU U 948 112.40 35.29 74.63
C GLU U 948 111.69 34.75 73.39
N VAL U 949 112.35 33.88 72.62
CA VAL U 949 111.73 33.36 71.42
C VAL U 949 110.47 32.57 71.74
N ARG U 950 110.41 31.97 72.94
CA ARG U 950 109.17 31.32 73.38
C ARG U 950 107.99 32.28 73.30
N ALA U 951 108.15 33.49 73.83
CA ALA U 951 107.09 34.48 73.82
C ALA U 951 106.97 35.22 72.50
N ALA U 952 108.02 35.25 71.68
CA ALA U 952 107.98 35.93 70.41
C ALA U 952 107.29 35.13 69.32
N ALA U 953 107.57 33.83 69.24
CA ALA U 953 107.00 32.98 68.20
C ALA U 953 105.56 32.55 68.49
N GLN U 954 105.05 32.85 69.68
CA GLN U 954 103.65 32.54 69.99
C GLN U 954 102.68 33.27 69.06
N HIS U 955 103.12 34.34 68.42
CA HIS U 955 102.28 35.13 67.51
C HIS U 955 102.85 35.17 66.10
N VAL U 956 104.17 35.15 65.96
CA VAL U 956 104.84 35.25 64.66
C VAL U 956 105.25 33.85 64.22
N PRO U 957 105.01 33.47 62.97
CA PRO U 957 105.55 32.19 62.48
C PRO U 957 107.07 32.24 62.44
N CYS U 958 107.69 31.13 62.82
CA CYS U 958 109.14 31.06 63.00
C CYS U 958 109.83 30.43 61.81
N VAL U 959 109.31 30.66 60.61
CA VAL U 959 109.98 30.15 59.40
C VAL U 959 111.30 30.89 59.22
N PRO U 960 112.41 30.19 59.00
CA PRO U 960 113.70 30.87 58.89
C PRO U 960 113.91 31.45 57.50
N HIS U 961 114.78 32.45 57.42
CA HIS U 961 115.04 33.19 56.20
C HIS U 961 116.01 32.48 55.27
N PHE U 962 116.24 31.18 55.48
CA PHE U 962 116.98 30.37 54.51
C PHE U 962 116.14 29.21 54.00
N LEU U 963 114.82 29.26 54.22
CA LEU U 963 113.88 28.36 53.59
C LEU U 963 112.75 29.11 52.89
N GLY U 964 112.87 30.42 52.77
CA GLY U 964 111.84 31.24 52.16
C GLY U 964 111.15 32.10 53.19
N ALA U 965 110.89 33.35 52.84
CA ALA U 965 110.15 34.26 53.69
C ALA U 965 108.71 34.34 53.21
N ASN U 966 107.93 35.26 53.80
CA ASN U 966 106.52 35.36 53.45
C ASN U 966 106.34 36.00 52.08
N TYR U 967 106.79 37.25 51.93
CA TYR U 967 106.51 38.02 50.72
C TYR U 967 107.15 37.42 49.47
N TYR U 968 107.91 36.33 49.58
CA TYR U 968 108.54 35.72 48.42
C TYR U 968 108.07 34.30 48.16
N ALA U 969 107.25 33.73 49.03
CA ALA U 969 106.72 32.40 48.81
C ALA U 969 105.49 32.48 47.91
N THR U 970 104.80 31.35 47.73
CA THR U 970 103.55 31.30 46.98
C THR U 970 102.34 31.10 47.87
N VAL U 971 102.49 30.33 48.94
CA VAL U 971 101.44 30.18 49.95
C VAL U 971 101.80 31.07 51.14
N ARG U 972 101.22 32.27 51.16
CA ARG U 972 101.61 33.29 52.13
C ARG U 972 100.83 33.13 53.42
N GLN U 973 100.93 34.12 54.31
CA GLN U 973 100.33 34.01 55.63
C GLN U 973 98.80 34.03 55.62
N PRO U 974 98.13 34.95 54.91
CA PRO U 974 96.66 35.06 55.06
C PRO U 974 95.90 33.74 54.88
N VAL U 975 96.32 32.88 53.95
CA VAL U 975 95.62 31.61 53.79
C VAL U 975 95.85 30.71 55.00
N ALA U 976 97.03 30.79 55.62
CA ALA U 976 97.25 30.03 56.85
C ALA U 976 96.39 30.57 57.99
N GLN U 977 96.30 31.90 58.10
CA GLN U 977 95.44 32.50 59.12
C GLN U 977 93.99 32.08 58.93
N HIS U 978 93.54 31.96 57.67
CA HIS U 978 92.21 31.42 57.41
C HIS U 978 92.12 29.97 57.85
N ALA U 979 93.19 29.20 57.60
CA ALA U 979 93.22 27.81 58.04
C ALA U 979 93.17 27.69 59.56
N ALA U 980 93.57 28.73 60.29
CA ALA U 980 93.58 28.68 61.76
C ALA U 980 92.31 29.25 62.39
N GLN U 981 91.76 30.33 61.85
CA GLN U 981 90.68 31.05 62.50
C GLN U 981 89.30 30.63 61.99
N SER U 982 89.22 29.83 60.93
CA SER U 982 87.94 29.37 60.43
C SER U 982 87.35 28.36 61.40
N ARG U 983 86.26 28.72 62.06
CA ARG U 983 85.53 27.82 62.94
C ARG U 983 84.50 26.98 62.20
N ALA U 984 84.67 26.79 60.90
CA ALA U 984 83.57 26.30 60.07
C ALA U 984 83.33 24.80 60.22
N ASP U 985 84.26 24.00 59.74
CA ASP U 985 84.10 22.54 59.61
C ASP U 985 85.48 21.96 59.32
N GLU U 986 85.49 20.68 58.94
CA GLU U 986 86.69 20.03 58.43
C GLU U 986 86.56 19.67 56.96
N ASN U 987 85.34 19.40 56.49
CA ASN U 987 85.06 19.10 55.09
C ASN U 987 84.93 20.38 54.26
N THR U 988 83.98 21.23 54.65
CA THR U 988 83.81 22.52 53.99
C THR U 988 85.10 23.33 54.02
N LEU U 989 85.89 23.21 55.09
CA LEU U 989 87.16 23.92 55.16
C LEU U 989 88.15 23.38 54.14
N SER U 990 88.18 22.05 53.95
CA SER U 990 89.05 21.48 52.93
C SER U 990 88.66 21.97 51.54
N TYR U 991 87.36 21.94 51.23
CA TYR U 991 86.90 22.42 49.93
C TYR U 991 87.20 23.92 49.76
N ALA U 992 87.06 24.69 50.83
CA ALA U 992 87.31 26.13 50.74
C ALA U 992 88.80 26.41 50.53
N LEU U 993 89.67 25.68 51.23
CA LEU U 993 91.10 25.82 50.99
C LEU U 993 91.46 25.50 49.55
N MET U 994 90.94 24.38 49.03
CA MET U 994 91.18 24.04 47.63
C MET U 994 90.66 25.14 46.70
N ALA U 995 89.52 25.74 47.03
CA ALA U 995 88.96 26.81 46.22
C ALA U 995 89.82 28.06 46.23
N GLY U 996 90.40 28.40 47.38
CA GLY U 996 91.23 29.59 47.48
C GLY U 996 92.60 29.42 46.85
N TYR U 997 92.73 28.48 45.91
CA TYR U 997 94.01 28.17 45.30
C TYR U 997 94.04 28.42 43.80
N PHE U 998 92.97 28.93 43.19
CA PHE U 998 93.02 29.30 41.79
C PHE U 998 93.93 30.52 41.61
N LYS U 999 94.35 30.75 40.37
CA LYS U 999 95.28 31.84 40.08
C LYS U 999 94.52 33.10 39.67
N MET U 1000 95.26 34.20 39.61
CA MET U 1000 94.71 35.51 39.25
C MET U 1000 95.58 36.05 38.11
N SER U 1001 95.23 35.68 36.89
CA SER U 1001 95.99 36.04 35.70
C SER U 1001 95.02 36.17 34.54
N PRO U 1002 95.28 37.08 33.59
CA PRO U 1002 94.35 37.28 32.48
C PRO U 1002 94.01 36.01 31.69
N VAL U 1003 94.80 34.95 31.86
CA VAL U 1003 94.50 33.67 31.26
C VAL U 1003 93.75 32.74 32.22
N ALA U 1004 93.87 32.95 33.53
CA ALA U 1004 93.11 32.16 34.48
C ALA U 1004 91.67 32.61 34.61
N PHE U 1005 91.40 33.91 34.50
CA PHE U 1005 90.04 34.41 34.64
C PHE U 1005 89.14 33.89 33.53
N THR U 1006 89.65 33.85 32.29
CA THR U 1006 88.85 33.33 31.18
C THR U 1006 88.50 31.86 31.38
N HIS U 1007 89.18 31.18 32.31
CA HIS U 1007 88.80 29.82 32.64
C HIS U 1007 87.77 29.78 33.77
N GLN U 1008 87.94 30.65 34.78
CA GLN U 1008 87.05 30.62 35.94
C GLN U 1008 85.72 31.31 35.64
N LEU U 1009 85.77 32.58 35.23
CA LEU U 1009 84.56 33.39 35.03
C LEU U 1009 83.55 32.66 34.15
N ARG U 1010 84.01 32.08 33.05
CA ARG U 1010 83.14 31.36 32.13
C ARG U 1010 82.48 30.13 32.77
N ARG U 1011 82.94 29.69 33.94
CA ARG U 1011 82.49 28.44 34.52
C ARG U 1011 81.82 28.65 35.88
N GLN U 1012 81.20 29.82 36.07
CA GLN U 1012 80.35 30.09 37.23
C GLN U 1012 81.12 29.90 38.54
N LEU U 1013 82.15 30.71 38.72
CA LEU U 1013 82.94 30.70 39.94
C LEU U 1013 83.15 32.14 40.41
N HIS U 1014 83.11 32.33 41.72
CA HIS U 1014 83.24 33.65 42.33
C HIS U 1014 84.69 33.90 42.74
N PRO U 1015 85.43 34.71 42.01
CA PRO U 1015 86.77 35.09 42.45
C PRO U 1015 86.71 36.04 43.63
N GLY U 1016 87.88 36.49 44.07
CA GLY U 1016 87.95 37.42 45.17
C GLY U 1016 87.78 38.87 44.75
N PHE U 1017 86.64 39.18 44.12
CA PHE U 1017 86.38 40.51 43.59
C PHE U 1017 84.92 40.87 43.84
N ALA U 1018 84.60 42.13 43.55
CA ALA U 1018 83.21 42.58 43.54
C ALA U 1018 83.16 43.77 42.57
N LEU U 1019 82.71 43.50 41.35
CA LEU U 1019 82.64 44.55 40.35
C LEU U 1019 81.55 45.54 40.71
N THR U 1020 81.79 46.82 40.37
CA THR U 1020 80.81 47.89 40.56
C THR U 1020 80.60 48.53 39.20
N VAL U 1021 79.55 48.10 38.50
CA VAL U 1021 79.32 48.59 37.15
C VAL U 1021 78.80 50.03 37.20
N VAL U 1022 79.10 50.77 36.13
CA VAL U 1022 78.69 52.16 35.99
C VAL U 1022 78.35 52.38 34.51
N ARG U 1023 77.20 52.99 34.26
CA ARG U 1023 76.81 53.32 32.89
C ARG U 1023 76.02 54.63 32.90
N GLN U 1024 76.10 55.35 31.80
CA GLN U 1024 75.48 56.66 31.65
C GLN U 1024 74.30 56.56 30.69
N ASP U 1025 73.20 57.22 31.05
CA ASP U 1025 71.99 57.26 30.25
C ASP U 1025 71.84 58.64 29.63
N ARG U 1026 70.71 58.85 28.96
CA ARG U 1026 70.36 60.16 28.43
C ARG U 1026 68.84 60.22 28.30
N PHE U 1027 68.24 61.25 28.90
CA PHE U 1027 66.79 61.38 28.98
C PHE U 1027 66.37 62.67 28.30
N ALA U 1028 65.59 62.54 27.22
CA ALA U 1028 65.03 63.72 26.57
C ALA U 1028 63.75 64.15 27.28
N THR U 1029 63.65 65.44 27.58
CA THR U 1029 62.54 65.96 28.36
C THR U 1029 61.90 67.14 27.64
N GLU U 1030 60.82 67.66 28.22
CA GLU U 1030 60.12 68.83 27.72
C GLU U 1030 60.17 69.88 28.83
N ASN U 1031 60.96 70.93 28.62
CA ASN U 1031 61.18 71.93 29.65
C ASN U 1031 60.07 72.98 29.61
N VAL U 1032 60.03 73.81 30.66
CA VAL U 1032 59.06 74.91 30.78
C VAL U 1032 59.84 76.12 31.26
N LEU U 1033 60.05 77.09 30.38
CA LEU U 1033 60.84 78.28 30.69
C LEU U 1033 59.95 79.39 31.25
N PHE U 1034 60.57 80.26 32.04
CA PHE U 1034 59.90 81.43 32.60
C PHE U 1034 60.80 82.64 32.49
N ALA U 1035 60.22 83.77 32.12
CA ALA U 1035 60.95 85.03 31.98
C ALA U 1035 60.29 86.09 32.87
N GLU U 1036 60.74 87.33 32.73
CA GLU U 1036 60.30 88.45 33.56
C GLU U 1036 59.70 89.54 32.66
N LYS U 1037 59.22 90.61 33.30
CA LYS U 1037 58.62 91.74 32.59
C LYS U 1037 59.61 92.41 31.65
N ALA U 1038 60.88 92.50 32.06
CA ALA U 1038 61.94 92.98 31.16
C ALA U 1038 63.18 92.16 31.48
N SER U 1039 63.35 91.05 30.77
CA SER U 1039 64.42 90.13 31.14
C SER U 1039 65.72 90.47 30.43
N GLU U 1040 65.64 90.98 29.20
CA GLU U 1040 66.83 91.27 28.40
C GLU U 1040 66.60 92.53 27.59
N SER U 1041 67.56 93.44 27.64
CA SER U 1041 67.65 94.49 26.63
C SER U 1041 68.15 93.86 25.34
N TYR U 1042 67.59 94.30 24.21
CA TYR U 1042 67.88 93.69 22.92
C TYR U 1042 68.10 94.78 21.89
N PHE U 1043 69.23 94.71 21.18
CA PHE U 1043 69.60 95.70 20.18
C PHE U 1043 69.63 95.04 18.81
N MET U 1044 68.91 95.63 17.86
CA MET U 1044 68.80 95.13 16.49
C MET U 1044 69.65 96.02 15.59
N GLY U 1045 70.61 95.41 14.89
CA GLY U 1045 71.49 96.14 14.00
C GLY U 1045 70.84 96.48 12.68
N GLN U 1046 71.67 96.76 11.67
CA GLN U 1046 71.20 97.19 10.36
C GLN U 1046 71.59 96.12 9.34
N MET U 1047 70.66 95.82 8.43
CA MET U 1047 70.87 94.74 7.47
C MET U 1047 72.06 95.04 6.55
N GLN U 1048 72.72 93.97 6.11
CA GLN U 1048 73.83 94.08 5.17
C GLN U 1048 73.64 93.05 4.07
N VAL U 1049 74.09 93.40 2.87
CA VAL U 1049 74.03 92.49 1.73
C VAL U 1049 75.45 92.21 1.26
N ALA U 1050 75.65 91.04 0.67
CA ALA U 1050 76.97 90.59 0.22
C ALA U 1050 76.76 89.78 -1.06
N ARG U 1051 76.90 90.44 -2.20
CA ARG U 1051 76.80 89.75 -3.48
C ARG U 1051 78.10 88.98 -3.75
N THR U 1052 77.97 87.94 -4.58
CA THR U 1052 79.13 87.12 -4.93
C THR U 1052 78.84 86.49 -6.29
N GLU U 1053 79.45 87.04 -7.35
CA GLU U 1053 79.28 86.47 -8.67
C GLU U 1053 79.69 85.00 -8.68
N SER U 1054 78.87 84.17 -9.30
CA SER U 1054 79.08 82.73 -9.32
C SER U 1054 78.66 82.20 -10.69
N GLY U 1055 78.77 80.89 -10.87
CA GLY U 1055 78.45 80.30 -12.15
C GLY U 1055 76.98 80.11 -12.40
N GLY U 1056 76.30 79.35 -11.54
CA GLY U 1056 74.90 79.04 -11.73
C GLY U 1056 73.97 80.16 -11.30
N GLY U 1057 74.45 81.40 -11.36
CA GLY U 1057 73.65 82.53 -10.95
C GLY U 1057 74.37 83.47 -10.02
N LEU U 1058 73.88 83.59 -8.80
CA LEU U 1058 74.39 84.56 -7.84
C LEU U 1058 74.04 84.09 -6.44
N HIS U 1059 74.74 84.62 -5.43
CA HIS U 1059 74.48 84.29 -4.05
C HIS U 1059 74.36 85.59 -3.26
N LEU U 1060 73.43 85.60 -2.31
CA LEU U 1060 73.03 86.83 -1.61
C LEU U 1060 73.04 86.62 -0.10
N GLN U 1061 74.17 86.17 0.44
CA GLN U 1061 74.32 86.09 1.90
C GLN U 1061 73.87 87.38 2.55
N LEU U 1062 72.80 87.30 3.34
CA LEU U 1062 72.11 88.47 3.87
C LEU U 1062 72.14 88.36 5.39
N THR U 1063 72.98 89.17 6.02
CA THR U 1063 73.24 89.08 7.45
C THR U 1063 72.78 90.34 8.17
N GLN U 1064 72.65 90.22 9.49
CA GLN U 1064 72.19 91.28 10.37
C GLN U 1064 72.75 91.09 11.77
N PRO U 1065 73.50 92.05 12.30
CA PRO U 1065 74.09 91.89 13.63
C PRO U 1065 73.13 92.34 14.74
N ARG U 1066 73.31 91.75 15.93
CA ARG U 1066 72.46 92.05 17.07
C ARG U 1066 73.29 92.03 18.34
N ALA U 1067 72.64 92.40 19.45
CA ALA U 1067 73.30 92.42 20.75
C ALA U 1067 72.23 92.42 21.83
N ASN U 1068 72.63 92.02 23.04
CA ASN U 1068 71.72 91.98 24.17
C ASN U 1068 72.54 91.99 25.46
N VAL U 1069 71.84 92.15 26.58
CA VAL U 1069 72.46 92.13 27.90
C VAL U 1069 71.38 91.97 28.96
N ASP U 1070 71.72 91.32 30.06
CA ASP U 1070 70.84 91.30 31.22
C ASP U 1070 71.16 92.48 32.13
N LEU U 1071 70.11 93.02 32.77
CA LEU U 1071 70.23 94.22 33.57
C LEU U 1071 70.00 93.99 35.05
N GLY U 1072 68.86 93.39 35.40
CA GLY U 1072 68.51 93.29 36.81
C GLY U 1072 69.48 92.42 37.58
N VAL U 1073 69.52 92.65 38.89
CA VAL U 1073 70.39 91.84 39.74
C VAL U 1073 69.78 90.46 39.95
N GLY U 1074 70.66 89.48 40.12
CA GLY U 1074 70.21 88.11 40.24
C GLY U 1074 69.76 87.54 38.90
N PHE U 1075 69.10 86.40 38.98
CA PHE U 1075 68.62 85.71 37.80
C PHE U 1075 67.21 86.15 37.45
N THR U 1076 66.82 85.91 36.20
CA THR U 1076 65.51 86.33 35.70
C THR U 1076 64.90 85.26 34.83
N ALA U 1077 65.27 84.00 35.07
CA ALA U 1077 64.77 82.89 34.26
C ALA U 1077 65.14 81.59 34.97
N ALA U 1078 64.46 80.51 34.56
CA ALA U 1078 64.69 79.23 35.19
C ALA U 1078 64.13 78.12 34.30
N TYR U 1079 64.62 76.90 34.51
CA TYR U 1079 64.05 75.74 33.85
C TYR U 1079 62.82 75.26 34.61
N ALA U 1080 62.14 74.27 34.03
CA ALA U 1080 61.16 73.46 34.76
C ALA U 1080 61.07 72.13 34.04
N ALA U 1081 61.73 71.11 34.57
CA ALA U 1081 61.74 69.80 33.93
C ALA U 1081 60.38 69.16 34.18
N ALA U 1082 59.42 69.51 33.33
CA ALA U 1082 58.02 69.17 33.59
C ALA U 1082 57.74 67.70 33.36
N ALA U 1083 57.92 67.23 32.13
CA ALA U 1083 57.56 65.88 31.76
C ALA U 1083 58.79 65.16 31.19
N LEU U 1084 58.57 63.95 30.69
CA LEU U 1084 59.66 63.08 30.24
C LEU U 1084 59.30 62.48 28.90
N ARG U 1085 59.95 62.96 27.84
CA ARG U 1085 59.90 62.26 26.56
C ARG U 1085 60.71 60.97 26.69
N ALA U 1086 60.58 60.11 25.67
CA ALA U 1086 61.15 58.78 25.76
C ALA U 1086 62.65 58.84 26.05
N PRO U 1087 63.15 58.04 26.98
CA PRO U 1087 64.61 57.95 27.17
C PRO U 1087 65.28 57.49 25.90
N VAL U 1088 66.21 58.30 25.42
CA VAL U 1088 66.74 58.11 24.06
C VAL U 1088 67.63 56.88 23.97
N THR U 1089 68.30 56.51 25.06
CA THR U 1089 69.20 55.36 25.05
C THR U 1089 68.63 54.27 25.95
N ASP U 1090 68.66 53.03 25.47
CA ASP U 1090 68.29 51.91 26.32
C ASP U 1090 69.36 51.66 27.38
N MET U 1091 68.93 51.24 28.56
CA MET U 1091 69.86 50.91 29.63
C MET U 1091 70.37 49.47 29.46
N GLY U 1092 70.82 49.18 28.25
CA GLY U 1092 71.34 47.86 27.92
C GLY U 1092 72.70 47.62 28.53
N ASN U 1093 73.29 46.47 28.21
CA ASN U 1093 74.57 46.09 28.76
C ASN U 1093 75.57 45.84 27.63
N LEU U 1094 76.25 46.91 27.23
CA LEU U 1094 77.35 46.79 26.28
C LEU U 1094 78.66 46.73 27.07
N PRO U 1095 79.24 45.55 27.26
CA PRO U 1095 80.46 45.45 28.06
C PRO U 1095 81.66 45.95 27.29
N GLN U 1096 82.26 47.03 27.79
CA GLN U 1096 83.42 47.60 27.12
C GLN U 1096 84.62 46.65 27.25
N ASN U 1097 85.27 46.40 26.13
CA ASN U 1097 86.51 45.63 26.11
C ASN U 1097 87.66 46.59 25.90
N LEU U 1098 88.73 46.38 26.67
CA LEU U 1098 89.87 47.27 26.63
C LEU U 1098 90.79 47.01 25.44
N PHE U 1099 90.60 45.91 24.72
CA PHE U 1099 91.43 45.66 23.54
C PHE U 1099 91.25 46.72 22.47
N ALA U 1100 90.13 47.45 22.48
CA ALA U 1100 89.93 48.56 21.57
C ALA U 1100 90.81 49.75 21.91
N THR U 1101 91.38 49.79 23.11
CA THR U 1101 92.23 50.90 23.52
C THR U 1101 93.64 50.68 22.98
N ARG U 1102 94.59 51.50 23.44
CA ARG U 1102 95.96 51.42 22.96
C ARG U 1102 96.87 52.11 23.97
N GLY U 1103 98.00 51.49 24.25
CA GLY U 1103 98.98 52.09 25.14
C GLY U 1103 99.45 51.19 26.25
N ALA U 1104 99.13 49.90 26.15
CA ALA U 1104 99.51 48.95 27.17
C ALA U 1104 100.65 48.06 26.68
N PRO U 1105 101.63 47.76 27.53
CA PRO U 1105 102.71 46.86 27.13
C PRO U 1105 102.21 45.45 26.96
N PRO U 1106 102.25 44.90 25.75
CA PRO U 1106 101.87 43.50 25.57
C PRO U 1106 102.91 42.59 26.19
N MET U 1107 102.45 41.42 26.64
CA MET U 1107 103.31 40.54 27.42
C MET U 1107 104.41 39.94 26.55
N LEU U 1108 105.24 39.10 27.18
CA LEU U 1108 106.43 38.59 26.52
C LEU U 1108 106.07 37.57 25.45
N ASP U 1109 105.40 36.48 25.83
CA ASP U 1109 105.06 35.41 24.90
C ASP U 1109 103.86 35.83 24.07
N ALA U 1110 104.05 35.92 22.75
CA ALA U 1110 102.99 36.40 21.88
C ALA U 1110 101.84 35.42 21.77
N ASP U 1111 102.09 34.13 22.01
CA ASP U 1111 101.03 33.13 21.95
C ASP U 1111 99.92 33.46 22.93
N ALA U 1112 100.28 33.89 24.14
CA ALA U 1112 99.26 34.28 25.12
C ALA U 1112 98.49 35.50 24.65
N ASP U 1113 99.19 36.46 24.01
CA ASP U 1113 98.50 37.63 23.47
C ASP U 1113 97.43 37.22 22.47
N ASP U 1114 97.80 36.38 21.51
CA ASP U 1114 96.84 35.93 20.51
C ASP U 1114 95.71 35.13 21.16
N TYR U 1115 96.04 34.33 22.18
CA TYR U 1115 95.02 33.56 22.88
C TYR U 1115 93.98 34.48 23.50
N LEU U 1116 94.44 35.51 24.23
CA LEU U 1116 93.51 36.47 24.83
C LEU U 1116 92.67 37.18 23.76
N ARG U 1117 93.34 37.66 22.70
CA ARG U 1117 92.62 38.38 21.65
C ARG U 1117 91.53 37.52 21.03
N ARG U 1118 91.86 36.28 20.68
CA ARG U 1118 90.87 35.39 20.06
C ARG U 1118 89.81 34.94 21.05
N THR U 1119 90.13 34.90 22.34
CA THR U 1119 89.16 34.47 23.34
C THR U 1119 88.11 35.55 23.59
N VAL U 1120 88.55 36.76 23.95
CA VAL U 1120 87.60 37.80 24.32
C VAL U 1120 86.85 38.33 23.11
N ASN U 1121 87.46 38.31 21.92
CA ASN U 1121 86.76 38.72 20.70
C ASN U 1121 85.95 37.56 20.12
N ALA U 1122 85.14 36.93 20.96
CA ALA U 1122 84.26 35.85 20.52
C ALA U 1122 82.84 36.39 20.38
N GLY U 1123 82.63 37.10 19.28
CA GLY U 1123 81.36 37.74 19.03
C GLY U 1123 81.06 38.85 20.03
N ASN U 1124 82.05 39.70 20.27
CA ASN U 1124 81.88 40.87 21.12
C ASN U 1124 81.39 42.01 20.25
N ARG U 1125 80.22 42.55 20.58
CA ARG U 1125 79.60 43.56 19.73
C ARG U 1125 80.39 44.88 19.76
N LEU U 1126 81.51 44.88 20.48
CA LEU U 1126 82.47 45.98 20.41
C LEU U 1126 83.79 45.49 19.84
N ALA U 1127 83.79 44.28 19.22
CA ALA U 1127 85.00 43.74 18.62
C ALA U 1127 85.57 44.71 17.60
N PRO U 1128 86.85 45.04 17.70
CA PRO U 1128 87.42 46.10 16.85
C PRO U 1128 87.93 45.58 15.52
N VAL U 1129 87.78 46.43 14.51
CA VAL U 1129 88.31 46.17 13.18
C VAL U 1129 89.22 47.33 12.83
N PRO U 1130 90.48 47.07 12.46
CA PRO U 1130 91.34 48.18 12.05
C PRO U 1130 90.88 48.76 10.72
N VAL U 1131 90.25 49.93 10.79
CA VAL U 1131 89.77 50.66 9.63
C VAL U 1131 90.85 51.68 9.37
N PHE U 1132 90.78 52.41 8.24
CA PHE U 1132 91.91 53.28 7.93
C PHE U 1132 92.08 54.34 9.00
N GLY U 1133 93.10 54.16 9.83
CA GLY U 1133 93.25 54.98 11.01
C GLY U 1133 92.09 54.75 11.96
N GLN U 1134 92.24 55.18 13.21
CA GLN U 1134 91.15 55.24 14.19
C GLN U 1134 90.28 53.99 14.13
N MET U 1135 90.91 52.86 14.46
CA MET U 1135 90.19 51.60 14.65
C MET U 1135 88.97 51.82 15.53
N LEU U 1136 87.87 51.15 15.18
CA LEU U 1136 86.61 51.29 15.91
C LEU U 1136 85.69 50.14 15.50
N PRO U 1137 84.65 49.87 16.28
CA PRO U 1137 83.79 48.71 15.99
C PRO U 1137 83.05 48.86 14.67
N GLN U 1138 82.46 47.74 14.24
CA GLN U 1138 81.72 47.67 12.99
C GLN U 1138 80.27 48.11 13.19
N VAL U 1139 79.75 48.85 12.21
CA VAL U 1139 78.41 49.44 12.31
C VAL U 1139 77.38 48.33 12.45
N PRO U 1140 76.54 48.36 13.48
CA PRO U 1140 75.58 47.26 13.68
C PRO U 1140 74.55 47.17 12.56
N ALA U 1141 74.07 45.94 12.37
CA ALA U 1141 73.03 45.66 11.39
C ALA U 1141 71.68 45.88 12.07
N GLY U 1142 71.18 47.11 11.99
CA GLY U 1142 69.88 47.44 12.54
C GLY U 1142 69.88 47.75 14.02
N LEU U 1143 69.20 48.83 14.40
CA LEU U 1143 69.02 49.18 15.81
C LEU U 1143 67.66 48.74 16.31
N ALA U 1144 67.57 48.47 17.61
CA ALA U 1144 66.32 48.03 18.20
C ALA U 1144 65.54 49.17 18.84
N ARG U 1145 66.13 49.82 19.84
CA ARG U 1145 65.41 50.78 20.66
C ARG U 1145 66.15 52.09 20.91
N GLY U 1146 67.40 52.21 20.44
CA GLY U 1146 68.17 53.41 20.69
C GLY U 1146 69.65 53.11 20.88
N GLN U 1147 70.46 54.15 20.98
CA GLN U 1147 71.90 53.94 21.14
C GLN U 1147 72.19 53.20 22.44
N GLN U 1148 73.03 52.18 22.34
CA GLN U 1148 73.31 51.31 23.48
C GLN U 1148 74.43 51.91 24.32
N SER U 1149 74.10 52.31 25.54
CA SER U 1149 75.10 52.81 26.47
C SER U 1149 76.09 51.71 26.79
N VAL U 1150 77.30 52.11 27.17
CA VAL U 1150 78.38 51.18 27.44
C VAL U 1150 78.50 51.01 28.94
N CYS U 1151 78.90 49.81 29.38
CA CYS U 1151 79.05 49.54 30.79
C CYS U 1151 80.52 49.58 31.19
N GLU U 1152 80.74 49.89 32.45
CA GLU U 1152 82.06 49.94 33.06
C GLU U 1152 82.21 48.79 34.04
N PHE U 1153 83.41 48.68 34.61
CA PHE U 1153 83.69 47.67 35.62
C PHE U 1153 84.79 48.22 36.53
N ILE U 1154 84.59 48.09 37.83
CA ILE U 1154 85.55 48.55 38.83
C ILE U 1154 85.72 47.46 39.87
N ALA U 1155 86.96 47.04 40.11
CA ALA U 1155 87.23 46.03 41.11
C ALA U 1155 87.08 46.62 42.51
N THR U 1156 86.58 45.80 43.42
CA THR U 1156 86.26 46.23 44.79
C THR U 1156 86.26 45.02 45.71
N PRO U 1157 86.85 45.10 46.89
CA PRO U 1157 86.85 43.95 47.80
C PRO U 1157 85.45 43.49 48.15
N VAL U 1158 85.33 42.19 48.42
CA VAL U 1158 84.02 41.59 48.69
C VAL U 1158 83.46 41.99 50.04
N SER U 1159 84.28 42.59 50.91
CA SER U 1159 83.82 42.95 52.24
C SER U 1159 83.19 44.34 52.31
N VAL U 1160 83.12 45.06 51.19
CA VAL U 1160 82.44 46.35 51.20
C VAL U 1160 80.95 46.13 51.43
N ASP U 1161 80.32 47.06 52.15
CA ASP U 1161 78.95 46.91 52.60
C ASP U 1161 78.00 47.49 51.56
N LEU U 1162 76.81 46.89 51.46
CA LEU U 1162 75.78 47.41 50.58
C LEU U 1162 75.26 48.76 51.03
N ALA U 1163 75.31 49.04 52.34
CA ALA U 1163 74.82 50.30 52.87
C ALA U 1163 75.38 51.50 52.13
N TYR U 1164 76.61 51.41 51.62
CA TYR U 1164 77.14 52.50 50.81
C TYR U 1164 76.49 52.56 49.44
N PHE U 1165 75.97 51.45 48.93
CA PHE U 1165 75.39 51.41 47.59
C PHE U 1165 73.89 51.66 47.59
N ARG U 1166 73.21 51.49 48.74
CA ARG U 1166 71.78 51.68 48.77
C ARG U 1166 71.39 53.13 48.49
N ARG U 1167 72.13 54.07 49.07
CA ARG U 1167 71.85 55.48 48.86
C ARG U 1167 72.77 56.05 47.79
N ALA U 1168 72.49 57.28 47.36
CA ALA U 1168 73.30 57.94 46.34
C ALA U 1168 74.75 58.01 46.80
N CYS U 1169 75.67 57.52 45.95
CA CYS U 1169 77.06 57.36 46.34
C CYS U 1169 77.94 57.70 45.15
N ASN U 1170 79.25 57.62 45.37
CA ASN U 1170 80.26 57.84 44.35
C ASN U 1170 81.00 56.54 44.10
N PRO U 1171 81.20 56.15 42.84
CA PRO U 1171 81.82 54.84 42.57
C PRO U 1171 83.27 54.74 43.00
N ARG U 1172 84.00 55.86 43.00
CA ARG U 1172 85.40 55.83 43.42
C ARG U 1172 85.54 55.35 44.86
N GLY U 1173 84.53 55.56 45.68
CA GLY U 1173 84.61 55.28 47.10
C GLY U 1173 85.06 56.44 47.94
N ARG U 1174 85.13 57.64 47.37
CA ARG U 1174 85.57 58.84 48.10
C ARG U 1174 85.10 60.05 47.32
N ALA U 1175 84.36 60.94 47.99
CA ALA U 1175 83.79 62.09 47.30
C ALA U 1175 84.88 63.04 46.83
N ALA U 1176 84.54 63.82 45.81
CA ALA U 1176 85.44 64.81 45.23
C ALA U 1176 84.61 65.90 44.55
N GLY U 1177 85.28 66.73 43.78
CA GLY U 1177 84.61 67.85 43.15
C GLY U 1177 84.72 69.11 43.98
N GLU U 1178 84.74 70.25 43.31
CA GLU U 1178 84.94 71.53 43.98
C GLU U 1178 83.85 71.83 45.00
N VAL U 1179 82.68 71.23 44.83
CA VAL U 1179 81.55 71.47 45.73
C VAL U 1179 81.85 71.10 47.17
N HIS U 1180 82.82 70.22 47.40
CA HIS U 1180 83.06 69.66 48.72
C HIS U 1180 84.21 70.31 49.47
N GLY U 1181 85.41 70.37 48.89
CA GLY U 1181 86.51 70.92 49.66
C GLY U 1181 87.66 71.39 48.81
N GLU U 1182 88.66 71.96 49.50
CA GLU U 1182 89.88 72.40 48.84
C GLU U 1182 90.60 71.22 48.19
N GLU U 1183 91.32 71.52 47.10
CA GLU U 1183 91.81 70.50 46.18
C GLU U 1183 92.54 69.34 46.85
N GLY U 1184 93.07 69.54 48.04
CA GLY U 1184 93.81 68.50 48.71
C GLY U 1184 92.95 67.48 49.46
N LEU U 1185 91.83 67.04 48.86
CA LEU U 1185 91.01 66.02 49.50
C LEU U 1185 90.71 64.83 48.62
N MET U 1186 91.10 64.85 47.34
CA MET U 1186 90.80 63.73 46.46
C MET U 1186 91.75 62.56 46.67
N PHE U 1187 93.01 62.84 46.97
CA PHE U 1187 94.01 61.79 47.15
C PHE U 1187 94.65 61.79 48.53
N ASP U 1188 94.67 62.95 49.21
CA ASP U 1188 95.25 63.03 50.53
C ASP U 1188 94.47 62.14 51.50
N HIS U 1189 95.09 61.05 51.95
CA HIS U 1189 94.44 60.11 52.83
C HIS U 1189 94.74 60.37 54.30
N SER U 1190 95.18 61.59 54.64
CA SER U 1190 95.25 61.99 56.03
C SER U 1190 93.88 62.39 56.57
N HIS U 1191 93.04 62.98 55.74
CA HIS U 1191 91.70 63.41 56.13
C HIS U 1191 90.68 62.35 55.71
N ALA U 1192 89.62 62.25 56.49
CA ALA U 1192 88.60 61.25 56.25
C ALA U 1192 87.76 61.61 55.03
N ASP U 1193 86.92 60.67 54.62
CA ASP U 1193 85.95 60.92 53.56
C ASP U 1193 84.86 61.84 54.08
N PRO U 1194 84.49 62.89 53.35
CA PRO U 1194 83.46 63.81 53.84
C PRO U 1194 82.10 63.16 54.04
N ALA U 1195 81.79 62.13 53.23
CA ALA U 1195 80.49 61.49 53.27
C ALA U 1195 80.37 60.41 54.34
N HIS U 1196 81.48 59.81 54.78
CA HIS U 1196 81.47 58.84 55.87
C HIS U 1196 82.70 59.10 56.72
N PRO U 1197 82.57 59.93 57.75
CA PRO U 1197 83.76 60.40 58.47
C PRO U 1197 84.54 59.32 59.20
N HIS U 1198 83.90 58.27 59.70
CA HIS U 1198 84.64 57.26 60.45
C HIS U 1198 85.54 56.45 59.52
N ARG U 1199 85.06 56.11 58.33
CA ARG U 1199 85.93 55.52 57.32
C ARG U 1199 86.73 56.61 56.62
N ALA U 1200 87.73 56.18 55.85
CA ALA U 1200 88.49 57.09 55.00
C ALA U 1200 88.15 56.94 53.53
N THR U 1201 87.97 55.72 53.05
CA THR U 1201 87.53 55.45 51.68
C THR U 1201 86.45 54.38 51.74
N ALA U 1202 86.08 53.84 50.59
CA ALA U 1202 85.19 52.69 50.53
C ALA U 1202 85.84 51.45 49.97
N ASN U 1203 86.82 51.59 49.08
CA ASN U 1203 87.65 50.48 48.63
C ASN U 1203 89.02 51.04 48.30
N PRO U 1204 90.09 50.37 48.73
CA PRO U 1204 91.43 50.95 48.55
C PRO U 1204 91.92 50.93 47.11
N TRP U 1205 91.66 49.87 46.37
CA TRP U 1205 92.19 49.72 45.00
C TRP U 1205 91.66 50.78 44.04
N ALA U 1206 90.76 51.68 44.43
CA ALA U 1206 90.17 52.61 43.46
C ALA U 1206 90.39 54.07 43.80
N SER U 1207 90.53 54.45 45.06
CA SER U 1207 90.54 55.86 45.44
C SER U 1207 91.94 56.46 45.55
N GLN U 1208 92.92 55.70 46.03
CA GLN U 1208 94.27 56.23 46.19
C GLN U 1208 94.86 56.56 44.83
N ARG U 1209 95.76 57.54 44.81
CA ARG U 1209 96.45 57.88 43.58
C ARG U 1209 97.31 56.72 43.10
N HIS U 1210 97.42 56.58 41.78
CA HIS U 1210 98.17 55.48 41.15
C HIS U 1210 97.61 54.12 41.54
N SER U 1211 96.33 54.06 41.90
CA SER U 1211 95.70 52.78 42.16
C SER U 1211 95.35 52.11 40.84
N TYR U 1212 94.85 50.88 40.89
CA TYR U 1212 94.54 50.12 39.68
C TYR U 1212 93.51 50.83 38.82
N ALA U 1213 92.31 51.05 39.36
CA ALA U 1213 91.26 51.72 38.60
C ALA U 1213 91.68 53.11 38.15
N ASP U 1214 92.49 53.80 38.95
CA ASP U 1214 93.01 55.11 38.55
C ASP U 1214 93.86 54.98 37.29
N ARG U 1215 94.84 54.07 37.30
CA ARG U 1215 95.64 53.84 36.11
C ARG U 1215 94.80 53.38 34.92
N LEU U 1216 93.63 52.79 35.18
CA LEU U 1216 92.74 52.43 34.08
C LEU U 1216 92.00 53.65 33.56
N TYR U 1217 91.28 54.35 34.44
CA TYR U 1217 90.40 55.45 34.05
C TYR U 1217 90.94 56.75 34.66
N ASN U 1218 91.52 57.60 33.81
CA ASN U 1218 91.98 58.92 34.22
C ASN U 1218 92.34 59.70 32.97
N GLY U 1219 92.10 61.00 33.00
CA GLY U 1219 92.34 61.87 31.86
C GLY U 1219 93.77 62.35 31.68
N GLN U 1220 94.70 61.86 32.50
CA GLN U 1220 96.08 62.33 32.43
C GLN U 1220 97.06 61.26 31.97
N TYR U 1221 96.63 60.00 31.85
CA TYR U 1221 97.53 58.92 31.45
C TYR U 1221 97.30 58.48 30.01
N ASN U 1222 96.44 59.18 29.29
CA ASN U 1222 96.17 58.94 27.87
C ASN U 1222 95.93 57.46 27.58
N MET U 1223 95.14 56.80 28.43
CA MET U 1223 94.93 55.37 28.27
C MET U 1223 93.78 55.07 27.30
N SER U 1224 92.71 55.85 27.37
CA SER U 1224 91.50 55.56 26.60
C SER U 1224 91.62 56.07 25.16
N GLY U 1225 91.08 55.28 24.25
CA GLY U 1225 91.00 55.62 22.85
C GLY U 1225 89.56 55.82 22.42
N PRO U 1226 88.96 54.75 21.92
CA PRO U 1226 87.58 54.79 21.39
C PRO U 1226 86.52 55.03 22.46
N ALA U 1227 85.28 54.67 22.10
CA ALA U 1227 84.01 55.19 22.62
C ALA U 1227 83.95 55.54 24.10
N TYR U 1228 83.11 56.54 24.40
CA TYR U 1228 82.98 57.19 25.70
C TYR U 1228 82.99 56.21 26.85
N SER U 1229 83.57 56.65 27.96
CA SER U 1229 83.63 55.88 29.21
C SER U 1229 82.90 56.65 30.30
N PRO U 1230 81.74 56.18 30.76
CA PRO U 1230 80.95 56.97 31.72
C PRO U 1230 81.67 57.30 33.01
N CYS U 1231 82.58 56.46 33.48
CA CYS U 1231 83.26 56.67 34.75
C CYS U 1231 84.44 57.63 34.62
N PHE U 1232 84.57 58.33 33.50
CA PHE U 1232 85.70 59.23 33.29
C PHE U 1232 85.58 60.48 34.17
N LYS U 1233 84.35 60.99 34.32
CA LYS U 1233 84.14 62.26 35.00
C LYS U 1233 84.24 62.14 36.52
N PHE U 1234 84.53 60.94 37.03
CA PHE U 1234 84.70 60.76 38.46
C PHE U 1234 86.16 60.61 38.86
N PHE U 1235 86.97 60.01 37.99
CA PHE U 1235 88.34 59.65 38.33
C PHE U 1235 89.36 60.69 37.89
N THR U 1236 88.96 61.72 37.13
CA THR U 1236 89.99 62.69 36.77
C THR U 1236 89.63 64.08 37.30
N PRO U 1237 90.56 64.74 37.99
CA PRO U 1237 90.36 66.15 38.34
C PRO U 1237 90.84 67.13 37.28
N ALA U 1238 91.19 66.65 36.08
CA ALA U 1238 91.77 67.50 35.05
C ALA U 1238 90.91 68.70 34.72
N GLU U 1239 89.64 68.68 35.11
CA GLU U 1239 88.76 69.84 34.95
C GLU U 1239 88.97 70.87 36.05
N ALA U 1240 89.69 70.54 37.11
CA ALA U 1240 89.84 71.39 38.28
C ALA U 1240 91.11 72.22 38.25
N VAL U 1241 91.50 72.68 37.06
CA VAL U 1241 92.69 73.50 36.90
C VAL U 1241 92.35 74.98 36.71
N ALA U 1242 91.19 75.28 36.11
CA ALA U 1242 90.86 76.64 35.72
C ALA U 1242 89.54 77.16 36.28
N LYS U 1243 88.69 76.31 36.85
CA LYS U 1243 87.42 76.78 37.39
C LYS U 1243 87.62 77.50 38.72
N SER U 1244 86.97 78.64 38.88
CA SER U 1244 87.12 79.48 40.06
C SER U 1244 86.02 79.14 41.07
N ARG U 1245 85.94 79.91 42.16
CA ARG U 1245 85.08 79.61 43.29
C ARG U 1245 83.66 80.18 43.13
N GLY U 1246 83.23 80.43 41.90
CA GLY U 1246 81.88 80.96 41.69
C GLY U 1246 80.83 79.99 42.18
N LEU U 1247 79.66 80.51 42.55
CA LEU U 1247 78.51 79.70 42.94
C LEU U 1247 77.34 79.87 41.97
N ALA U 1248 76.94 81.13 41.73
CA ALA U 1248 75.97 81.40 40.68
C ALA U 1248 76.48 80.89 39.35
N ARG U 1249 77.80 80.94 39.13
CA ARG U 1249 78.38 80.34 37.93
C ARG U 1249 78.30 78.82 37.99
N LEU U 1250 78.53 78.23 39.17
CA LEU U 1250 78.36 76.78 39.31
C LEU U 1250 76.97 76.33 38.91
N ILE U 1251 75.94 77.06 39.30
CA ILE U 1251 74.57 76.64 39.01
C ILE U 1251 74.07 77.09 37.64
N ALA U 1252 74.67 78.14 37.05
CA ALA U 1252 74.14 78.68 35.81
C ALA U 1252 74.61 77.87 34.60
N ASP U 1253 75.93 77.72 34.45
CA ASP U 1253 76.47 77.02 33.28
C ASP U 1253 76.41 75.50 33.42
N THR U 1254 75.69 74.97 34.41
CA THR U 1254 75.55 73.51 34.51
C THR U 1254 74.81 72.94 33.31
N GLY U 1255 73.87 73.69 32.75
CA GLY U 1255 73.15 73.27 31.57
C GLY U 1255 73.89 73.69 30.31
N ALA U 1256 74.81 74.63 30.44
CA ALA U 1256 75.58 75.14 29.32
C ALA U 1256 76.71 74.21 28.90
N ALA U 1257 76.87 73.07 29.56
CA ALA U 1257 77.92 72.13 29.17
C ALA U 1257 77.58 71.46 27.85
N ALA U 1258 78.60 70.90 27.21
CA ALA U 1258 78.45 70.15 25.97
C ALA U 1258 78.90 68.72 26.25
N SER U 1259 77.96 67.79 26.11
CA SER U 1259 78.21 66.41 26.53
C SER U 1259 79.22 65.73 25.61
N PRO U 1260 80.27 65.12 26.15
CA PRO U 1260 81.21 64.37 25.29
C PRO U 1260 80.57 63.21 24.54
N THR U 1261 79.32 62.85 24.87
CA THR U 1261 78.59 61.88 24.08
C THR U 1261 78.11 62.51 22.78
N SER U 1262 77.59 61.65 21.89
CA SER U 1262 77.09 62.08 20.60
C SER U 1262 75.84 61.27 20.29
N ASN U 1263 75.39 61.33 19.04
CA ASN U 1263 74.28 60.53 18.56
C ASN U 1263 74.74 59.71 17.37
N GLY U 1264 74.79 58.39 17.55
CA GLY U 1264 75.24 57.48 16.53
C GLY U 1264 74.64 56.09 16.71
N GLU U 1265 75.42 55.04 16.46
CA GLU U 1265 74.89 53.69 16.62
C GLU U 1265 74.96 53.23 18.07
N TYR U 1266 76.17 53.08 18.61
CA TYR U 1266 76.25 52.70 20.02
C TYR U 1266 76.48 53.90 20.93
N GLN U 1267 77.69 54.47 20.84
CA GLN U 1267 78.13 55.62 21.64
C GLN U 1267 79.56 55.93 21.21
N PHE U 1268 80.01 57.17 21.35
CA PHE U 1268 81.38 57.51 20.99
C PHE U 1268 81.77 58.82 21.67
N LYS U 1269 83.07 59.00 21.83
CA LYS U 1269 83.60 60.31 22.19
C LYS U 1269 83.36 61.28 21.04
N ARG U 1270 82.55 62.31 21.29
CA ARG U 1270 82.19 63.26 20.25
C ARG U 1270 83.42 63.86 19.59
N PRO U 1271 83.33 64.19 18.31
CA PRO U 1271 84.39 64.99 17.68
C PRO U 1271 84.37 66.42 18.19
N VAL U 1272 85.21 67.27 17.61
CA VAL U 1272 85.41 68.62 18.12
C VAL U 1272 84.48 69.59 17.40
N GLY U 1273 83.48 69.06 16.70
CA GLY U 1273 82.58 69.90 15.95
C GLY U 1273 81.10 69.82 16.31
N ALA U 1274 80.76 69.48 17.55
CA ALA U 1274 79.37 69.39 17.98
C ALA U 1274 79.16 70.26 19.23
N GLY U 1275 78.24 71.23 19.10
CA GLY U 1275 77.95 72.06 20.24
C GLY U 1275 76.47 72.32 20.41
N GLU U 1276 75.94 72.00 21.58
CA GLU U 1276 74.50 72.11 21.87
C GLU U 1276 74.32 72.04 23.38
N LEU U 1277 73.08 72.19 23.80
CA LEU U 1277 72.73 72.17 25.22
C LEU U 1277 72.59 70.73 25.71
N VAL U 1278 72.95 70.52 26.99
CA VAL U 1278 72.69 69.26 27.66
C VAL U 1278 72.77 69.50 29.17
N GLU U 1279 71.88 68.86 29.93
CA GLU U 1279 71.80 69.04 31.37
C GLU U 1279 72.50 67.89 32.07
N ASP U 1280 73.21 68.20 33.15
CA ASP U 1280 73.84 67.13 33.92
C ASP U 1280 73.99 67.53 35.38
N PRO U 1281 73.14 66.98 36.26
CA PRO U 1281 73.34 67.18 37.70
C PRO U 1281 74.45 66.31 38.27
N CYS U 1282 74.79 65.21 37.60
CA CYS U 1282 75.85 64.32 38.07
C CYS U 1282 77.22 64.97 38.05
N ALA U 1283 77.54 65.74 37.00
CA ALA U 1283 78.83 66.39 36.90
C ALA U 1283 79.02 67.50 37.93
N LEU U 1284 78.01 67.78 38.74
CA LEU U 1284 78.12 68.75 39.82
C LEU U 1284 78.35 68.11 41.18
N PHE U 1285 77.68 67.00 41.47
CA PHE U 1285 77.86 66.30 42.74
C PHE U 1285 78.77 65.09 42.64
N GLN U 1286 79.01 64.59 41.43
CA GLN U 1286 79.85 63.42 41.20
C GLN U 1286 79.32 62.21 41.96
N GLU U 1287 77.99 62.14 42.05
CA GLU U 1287 77.31 61.07 42.74
C GLU U 1287 76.41 60.33 41.76
N ALA U 1288 76.67 59.04 41.59
CA ALA U 1288 75.87 58.20 40.70
C ALA U 1288 74.75 57.57 41.51
N TYR U 1289 73.53 57.62 40.99
CA TYR U 1289 72.40 57.03 41.69
C TYR U 1289 72.26 55.55 41.32
N PRO U 1290 71.84 54.72 42.27
CA PRO U 1290 71.60 53.31 41.97
C PRO U 1290 70.20 53.11 41.46
N PRO U 1291 70.03 52.38 40.35
CA PRO U 1291 68.69 52.11 39.83
C PRO U 1291 68.07 50.89 40.51
N LEU U 1292 66.88 50.48 40.06
CA LEU U 1292 66.26 49.29 40.59
C LEU U 1292 67.00 48.05 40.13
N CYS U 1293 67.83 47.48 41.00
CA CYS U 1293 68.61 46.30 40.68
C CYS U 1293 68.32 45.20 41.70
N ALA U 1294 68.66 43.98 41.31
CA ALA U 1294 68.38 42.83 42.18
C ALA U 1294 69.34 41.70 41.81
N SER U 1295 69.72 40.93 42.83
CA SER U 1295 70.65 39.81 42.63
C SER U 1295 69.97 38.58 42.06
N ASP U 1296 68.65 38.45 42.24
CA ASP U 1296 67.90 37.31 41.72
C ASP U 1296 66.70 37.82 40.94
N SER U 1297 66.41 37.18 39.81
CA SER U 1297 65.15 37.43 39.13
C SER U 1297 63.95 37.07 39.99
N ALA U 1298 64.13 36.15 40.96
CA ALA U 1298 63.03 35.71 41.80
C ALA U 1298 62.54 36.80 42.74
N LEU U 1299 63.35 37.83 43.01
CA LEU U 1299 62.94 38.91 43.90
C LEU U 1299 62.21 40.04 43.19
N LEU U 1300 62.18 40.03 41.85
CA LEU U 1300 61.57 41.10 41.08
C LEU U 1300 60.18 40.73 40.57
N ARG U 1301 59.43 39.96 41.35
CA ARG U 1301 58.04 39.69 41.01
C ARG U 1301 57.19 40.93 41.28
N THR U 1302 55.89 40.81 40.99
CA THR U 1302 54.99 41.94 41.20
C THR U 1302 54.93 42.41 42.65
N PRO U 1303 54.89 41.55 43.68
CA PRO U 1303 54.93 42.13 45.04
C PRO U 1303 56.37 42.47 45.48
N LEU U 1304 56.80 43.68 45.12
CA LEU U 1304 58.15 44.12 45.46
C LEU U 1304 58.25 44.43 46.94
N GLY U 1305 58.12 43.42 47.79
CA GLY U 1305 58.12 43.63 49.22
C GLY U 1305 59.42 43.28 49.89
N ALA U 1306 60.01 42.13 49.51
CA ALA U 1306 61.24 41.67 50.14
C ALA U 1306 62.39 42.60 49.80
N GLU U 1307 63.18 42.96 50.82
CA GLU U 1307 64.36 43.79 50.61
C GLU U 1307 65.65 43.03 50.77
N GLU U 1308 65.61 41.84 51.36
CA GLU U 1308 66.80 41.02 51.53
C GLU U 1308 66.43 39.57 51.82
N HIS U 1309 66.89 38.65 50.98
CA HIS U 1309 66.78 37.24 51.28
C HIS U 1309 68.13 36.78 51.86
N PHE U 1310 68.30 35.47 52.06
CA PHE U 1310 69.42 34.93 52.83
C PHE U 1310 70.75 35.62 52.53
N ALA U 1311 71.21 35.52 51.28
CA ALA U 1311 72.48 36.12 50.89
C ALA U 1311 72.35 37.00 49.65
N GLN U 1312 71.13 37.23 49.17
CA GLN U 1312 70.88 38.11 48.04
C GLN U 1312 70.07 39.32 48.49
N TYR U 1313 70.05 40.34 47.66
CA TYR U 1313 69.54 41.65 48.05
C TYR U 1313 68.70 42.25 46.93
N LEU U 1314 67.99 43.33 47.26
CA LEU U 1314 67.17 44.07 46.31
C LEU U 1314 67.40 45.55 46.56
N ILE U 1315 68.13 46.20 45.66
CA ILE U 1315 68.42 47.62 45.76
C ILE U 1315 67.30 48.39 45.06
N ARG U 1316 66.46 49.06 45.85
CA ARG U 1316 65.41 49.87 45.25
C ARG U 1316 66.01 51.07 44.52
N ASP U 1317 65.15 51.80 43.83
CA ASP U 1317 65.59 52.89 42.95
C ASP U 1317 65.57 54.20 43.70
N GLU U 1318 66.64 54.98 43.54
CA GLU U 1318 66.74 56.33 44.11
C GLU U 1318 67.05 57.35 43.03
N SER U 1319 66.98 56.94 41.76
CA SER U 1319 67.28 57.83 40.65
C SER U 1319 66.35 59.03 40.66
N PRO U 1320 66.70 60.10 39.94
CA PRO U 1320 65.78 61.24 39.81
C PRO U 1320 64.41 60.85 39.27
N LEU U 1321 64.26 59.66 38.69
CA LEU U 1321 62.94 59.16 38.30
C LEU U 1321 62.55 58.03 39.26
N LYS U 1322 61.39 58.17 39.88
CA LYS U 1322 60.84 57.18 40.80
C LYS U 1322 59.34 57.07 40.48
N GLY U 1323 59.00 56.15 39.60
CA GLY U 1323 57.63 56.02 39.13
C GLY U 1323 56.84 54.93 39.85
N ARG V 24 21.72 43.77 -35.06
CA ARG V 24 22.78 43.87 -34.06
C ARG V 24 23.26 42.49 -33.64
N ALA V 25 24.31 42.46 -32.83
CA ALA V 25 24.90 41.21 -32.38
C ALA V 25 24.64 41.03 -30.90
N ARG V 26 24.76 39.80 -30.43
CA ARG V 26 24.49 39.47 -29.03
C ARG V 26 25.75 38.96 -28.37
N LEU V 27 25.90 39.29 -27.08
CA LEU V 27 27.16 39.12 -26.38
C LEU V 27 27.04 38.11 -25.26
N ILE V 28 28.21 37.78 -24.69
CA ILE V 28 28.32 36.90 -23.54
C ILE V 28 29.21 37.59 -22.52
N ARG V 29 28.84 37.51 -21.25
CA ARG V 29 29.69 38.01 -20.18
C ARG V 29 29.97 36.86 -19.22
N GLN V 30 31.25 36.67 -18.89
CA GLN V 30 31.67 35.59 -17.99
C GLN V 30 32.73 36.12 -17.05
N VAL V 31 32.36 36.35 -15.79
CA VAL V 31 33.33 36.71 -14.77
C VAL V 31 34.27 35.53 -14.53
N THR V 32 35.55 35.84 -14.30
CA THR V 32 36.55 34.79 -14.21
C THR V 32 37.84 35.37 -13.63
N LEU V 33 38.86 34.52 -13.59
CA LEU V 33 40.16 34.89 -13.06
C LEU V 33 41.09 35.37 -14.17
N ALA V 34 41.96 36.32 -13.84
CA ALA V 34 42.94 36.85 -14.79
C ALA V 34 44.14 35.92 -14.89
N ASP V 35 43.86 34.66 -15.22
CA ASP V 35 44.90 33.65 -15.36
C ASP V 35 45.50 33.57 -16.76
N PHE V 36 44.66 33.31 -17.76
CA PHE V 36 45.12 33.01 -19.10
C PHE V 36 44.79 34.09 -20.12
N CYS V 37 43.66 34.78 -19.98
CA CYS V 37 43.30 35.87 -20.90
C CYS V 37 43.35 37.14 -20.06
N GLU V 38 44.07 38.13 -20.53
CA GLU V 38 44.31 39.23 -19.60
C GLU V 38 43.89 40.54 -20.26
N PRO V 39 42.59 40.88 -20.16
CA PRO V 39 41.96 41.82 -21.10
C PRO V 39 42.50 43.25 -21.04
N GLN V 40 43.28 43.60 -20.03
CA GLN V 40 43.97 44.88 -20.09
C GLN V 40 45.28 44.78 -20.87
N ALA V 41 45.97 43.63 -20.82
CA ALA V 41 47.22 43.48 -21.57
C ALA V 41 47.03 43.54 -23.09
N GLU V 42 46.00 42.91 -23.64
CA GLU V 42 45.76 42.95 -25.08
C GLU V 42 44.68 43.98 -25.36
N ARG V 43 44.66 44.52 -26.56
CA ARG V 43 43.53 45.37 -26.89
C ARG V 43 42.39 44.50 -27.44
N PRO V 44 41.16 45.04 -27.57
CA PRO V 44 40.06 44.17 -28.00
C PRO V 44 40.32 43.55 -29.37
N GLY V 45 39.44 42.62 -29.72
CA GLY V 45 39.51 41.99 -31.03
C GLY V 45 40.45 40.81 -31.15
N LEU V 46 40.23 39.78 -30.34
CA LEU V 46 40.96 38.53 -30.46
C LEU V 46 40.14 37.43 -29.81
N VAL V 47 40.13 36.25 -30.43
CA VAL V 47 39.19 35.21 -30.02
C VAL V 47 39.60 34.67 -28.65
N VAL V 48 38.60 34.31 -27.86
CA VAL V 48 38.79 33.75 -26.53
C VAL V 48 38.13 32.38 -26.50
N LEU V 49 38.64 31.52 -25.62
CA LEU V 49 38.16 30.15 -25.52
C LEU V 49 37.66 29.89 -24.11
N ALA V 50 36.71 28.97 -24.00
CA ALA V 50 36.20 28.56 -22.70
C ALA V 50 36.81 27.22 -22.32
N LEU V 51 37.37 27.15 -21.12
CA LEU V 51 38.02 25.93 -20.64
C LEU V 51 37.09 25.16 -19.72
N ARG V 52 36.90 23.88 -20.05
CA ARG V 52 36.15 22.93 -19.26
C ARG V 52 36.64 22.89 -17.82
N HIS V 53 35.76 22.45 -16.92
CA HIS V 53 36.18 22.15 -15.56
C HIS V 53 37.14 20.97 -15.59
N PRO V 54 38.31 21.07 -14.97
CA PRO V 54 39.30 20.01 -15.12
C PRO V 54 38.98 18.74 -14.36
N ALA V 55 38.06 18.79 -13.40
CA ALA V 55 37.76 17.61 -12.62
C ALA V 55 37.27 16.46 -13.51
N ASP V 56 36.33 16.74 -14.41
CA ASP V 56 35.82 15.67 -15.24
C ASP V 56 36.83 15.19 -16.27
N LEU V 57 37.73 16.06 -16.71
CA LEU V 57 38.83 15.59 -17.55
C LEU V 57 39.70 14.59 -16.80
N ALA V 58 40.14 14.96 -15.60
CA ALA V 58 40.96 14.06 -14.80
C ALA V 58 40.23 12.75 -14.54
N GLY V 59 38.91 12.82 -14.33
CA GLY V 59 38.15 11.60 -14.12
C GLY V 59 38.07 10.73 -15.36
N ALA V 60 37.61 11.31 -16.47
CA ALA V 60 37.46 10.56 -17.71
C ALA V 60 38.76 9.98 -18.20
N ALA V 61 39.89 10.59 -17.84
CA ALA V 61 41.18 9.95 -18.12
C ALA V 61 41.22 8.53 -17.59
N TYR V 62 40.87 8.35 -16.32
CA TYR V 62 40.97 7.05 -15.64
C TYR V 62 40.43 5.92 -16.51
N ALA V 63 39.42 6.20 -17.32
CA ALA V 63 38.89 5.19 -18.23
C ALA V 63 39.31 5.40 -19.68
N ALA V 64 39.96 6.52 -20.00
CA ALA V 64 40.22 6.85 -21.39
C ALA V 64 41.66 6.60 -21.85
N THR V 65 42.64 6.68 -20.97
CA THR V 65 44.01 6.46 -21.41
C THR V 65 44.16 5.02 -21.92
N PRO V 66 44.87 4.81 -23.02
CA PRO V 66 44.90 3.49 -23.65
C PRO V 66 45.66 2.49 -22.82
N PRO V 67 45.70 1.22 -23.23
CA PRO V 67 46.49 0.24 -22.48
C PRO V 67 47.98 0.51 -22.61
N GLY V 68 48.71 0.09 -21.60
CA GLY V 68 50.16 0.26 -21.58
C GLY V 68 50.66 1.59 -21.05
N LYS V 69 49.97 2.67 -21.40
CA LYS V 69 50.42 3.99 -20.99
C LYS V 69 50.09 4.24 -19.52
N ASN V 70 50.51 5.40 -19.03
CA ASN V 70 50.14 5.82 -17.68
C ASN V 70 48.67 6.20 -17.63
N HIS V 71 48.08 6.04 -16.44
CA HIS V 71 46.66 6.30 -16.25
C HIS V 71 46.40 7.30 -15.14
N ARG V 72 47.45 7.95 -14.62
CA ARG V 72 47.27 9.02 -13.66
C ARG V 72 48.17 10.21 -13.91
N ASP V 73 48.84 10.27 -15.06
CA ASP V 73 49.79 11.33 -15.31
C ASP V 73 49.12 12.66 -15.59
N LEU V 74 47.89 12.65 -16.11
CA LEU V 74 47.16 13.90 -16.28
C LEU V 74 46.73 14.48 -14.93
N GLU V 75 46.30 13.61 -14.01
CA GLU V 75 46.11 14.03 -12.62
C GLU V 75 47.28 14.85 -12.12
N GLU V 76 48.49 14.31 -12.25
CA GLU V 76 49.68 14.99 -11.75
C GLU V 76 49.95 16.28 -12.52
N ALA V 77 49.85 16.22 -13.85
CA ALA V 77 50.11 17.40 -14.67
C ALA V 77 49.17 18.54 -14.28
N TRP V 78 47.90 18.23 -14.01
CA TRP V 78 46.99 19.27 -13.55
C TRP V 78 47.37 19.75 -12.16
N LEU V 79 47.58 18.83 -11.21
CA LEU V 79 47.93 19.23 -9.85
C LEU V 79 49.17 20.11 -9.82
N ALA V 80 50.04 19.99 -10.82
CA ALA V 80 51.22 20.83 -10.91
C ALA V 80 50.92 22.25 -11.35
N LEU V 81 49.67 22.66 -11.47
CA LEU V 81 49.31 24.00 -11.92
C LEU V 81 48.39 24.67 -10.91
N ASP V 82 48.77 24.60 -9.64
CA ASP V 82 47.94 25.11 -8.55
C ASP V 82 48.74 25.82 -7.47
N ARG V 94 36.56 30.35 -10.47
CA ARG V 94 37.60 29.52 -11.07
C ARG V 94 38.19 30.21 -12.30
N ALA V 95 39.34 29.73 -12.76
CA ALA V 95 39.93 30.21 -14.00
C ALA V 95 39.34 29.45 -15.18
N SER V 96 38.70 30.20 -16.09
CA SER V 96 37.86 29.56 -17.09
C SER V 96 38.22 29.90 -18.53
N VAL V 97 38.62 31.13 -18.82
CA VAL V 97 38.86 31.54 -20.19
C VAL V 97 40.35 31.46 -20.48
N VAL V 98 40.68 31.39 -21.77
CA VAL V 98 42.06 31.42 -22.23
C VAL V 98 42.06 32.09 -23.59
N SER V 99 42.84 33.16 -23.72
CA SER V 99 42.94 33.83 -25.00
C SER V 99 43.76 32.98 -25.96
N LEU V 100 43.35 32.96 -27.23
CA LEU V 100 44.15 32.27 -28.23
C LEU V 100 45.55 32.83 -28.29
N ASN V 101 45.70 34.15 -28.12
CA ASN V 101 47.02 34.75 -28.09
C ASN V 101 47.91 34.07 -27.05
N PHE V 102 47.32 33.61 -25.95
CA PHE V 102 48.10 32.90 -24.94
C PHE V 102 48.32 31.45 -25.31
N LEU V 103 47.30 30.78 -25.84
CA LEU V 103 47.41 29.35 -26.12
C LEU V 103 48.40 29.07 -27.24
N VAL V 104 48.40 29.89 -28.29
CA VAL V 104 49.30 29.66 -29.42
C VAL V 104 50.74 29.66 -28.97
N ALA V 105 51.06 30.42 -27.92
CA ALA V 105 52.43 30.46 -27.43
C ALA V 105 52.84 29.13 -26.83
N ALA V 106 51.94 28.50 -26.08
CA ALA V 106 52.24 27.22 -25.45
C ALA V 106 51.97 26.04 -26.40
N ALA V 107 52.57 26.09 -27.58
CA ALA V 107 52.55 24.97 -28.49
C ALA V 107 53.90 24.86 -29.17
N GLU V 108 54.06 23.82 -29.98
CA GLU V 108 55.26 23.73 -30.82
C GLU V 108 55.36 24.97 -31.70
N ASN V 109 54.43 25.12 -32.63
CA ASN V 109 54.53 26.20 -33.60
C ASN V 109 54.19 27.54 -32.97
N ALA V 110 55.06 28.52 -33.21
CA ALA V 110 55.08 29.85 -32.61
C ALA V 110 56.31 30.56 -33.13
N ASP V 111 56.21 31.86 -33.31
CA ASP V 111 57.41 32.63 -33.62
C ASP V 111 57.84 33.36 -32.36
N ASP V 112 59.11 33.23 -31.97
CA ASP V 112 59.55 33.62 -30.64
C ASP V 112 59.24 35.08 -30.31
N ALA V 113 58.97 35.90 -31.32
CA ALA V 113 58.54 37.26 -31.04
C ALA V 113 57.29 37.27 -30.18
N LEU V 114 56.34 36.37 -30.48
CA LEU V 114 55.10 36.33 -29.72
C LEU V 114 55.32 35.77 -28.32
N ARG V 115 56.23 34.81 -28.17
CA ARG V 115 56.62 34.41 -26.82
C ARG V 115 57.14 35.59 -26.02
N ALA V 116 58.06 36.36 -26.61
CA ALA V 116 58.61 37.52 -25.91
C ALA V 116 57.51 38.51 -25.55
N HIS V 117 56.57 38.74 -26.47
CA HIS V 117 55.46 39.64 -26.20
C HIS V 117 54.62 39.15 -25.01
N VAL V 118 54.18 37.90 -25.07
CA VAL V 118 53.36 37.35 -23.99
C VAL V 118 54.11 37.41 -22.66
N THR V 119 55.42 37.13 -22.68
CA THR V 119 56.17 37.10 -21.43
C THR V 119 56.36 38.49 -20.84
N THR V 120 56.84 39.45 -21.64
CA THR V 120 57.24 40.75 -21.12
C THR V 120 56.12 41.77 -21.11
N ASN V 121 54.98 41.44 -21.70
CA ASN V 121 53.87 42.38 -21.88
C ASN V 121 52.69 42.06 -21.00
N TYR V 122 52.52 40.79 -20.64
CA TYR V 122 51.61 40.41 -19.56
C TYR V 122 52.13 40.96 -18.24
N ARG V 123 51.26 41.64 -17.49
CA ARG V 123 51.66 42.15 -16.18
C ARG V 123 51.99 41.03 -15.19
N ASP V 124 51.43 39.85 -15.42
CA ASP V 124 51.18 38.99 -14.28
C ASP V 124 52.47 38.34 -13.79
N ARG V 125 52.52 38.13 -12.47
CA ARG V 125 53.53 37.30 -11.81
C ARG V 125 53.63 35.92 -12.45
N ARG V 126 54.79 35.30 -12.28
CA ARG V 126 55.02 33.86 -12.44
C ARG V 126 54.51 33.33 -13.78
N THR V 127 54.36 34.23 -14.75
CA THR V 127 53.64 33.91 -15.98
C THR V 127 54.36 32.89 -16.85
N ALA V 128 55.66 33.06 -17.08
CA ALA V 128 56.39 32.12 -17.93
C ALA V 128 56.33 30.71 -17.36
N ALA V 129 56.47 30.58 -16.04
CA ALA V 129 56.32 29.27 -15.42
C ALA V 129 54.96 28.67 -15.72
N ARG V 130 53.90 29.47 -15.58
CA ARG V 130 52.56 28.97 -15.90
C ARG V 130 52.45 28.53 -17.35
N LEU V 131 53.04 29.28 -18.27
CA LEU V 131 53.02 28.89 -19.68
C LEU V 131 53.68 27.53 -19.86
N GLU V 132 54.80 27.31 -19.17
CA GLU V 132 55.48 26.02 -19.23
C GLU V 132 54.57 24.90 -18.72
N ARG V 133 53.94 25.12 -17.57
CA ARG V 133 53.07 24.10 -17.01
C ARG V 133 51.90 23.79 -17.94
N PHE V 134 51.31 24.83 -18.55
CA PHE V 134 50.22 24.63 -19.49
C PHE V 134 50.66 23.79 -20.69
N ALA V 135 51.87 24.05 -21.18
CA ALA V 135 52.43 23.21 -22.23
C ALA V 135 52.46 21.76 -21.80
N THR V 136 52.96 21.51 -20.58
CA THR V 136 53.01 20.14 -20.09
C THR V 136 51.61 19.55 -19.96
N VAL V 137 50.63 20.38 -19.61
CA VAL V 137 49.25 19.91 -19.49
C VAL V 137 48.73 19.42 -20.83
N LEU V 138 48.87 20.24 -21.87
CA LEU V 138 48.35 19.84 -23.17
C LEU V 138 49.07 18.62 -23.72
N ARG V 139 50.39 18.57 -23.54
CA ARG V 139 51.12 17.37 -23.96
C ARG V 139 50.69 16.14 -23.19
N ALA V 140 50.27 16.30 -21.93
CA ALA V 140 49.71 15.15 -21.23
C ALA V 140 48.33 14.78 -21.77
N MET V 141 47.55 15.79 -22.15
CA MET V 141 46.19 15.55 -22.63
C MET V 141 46.19 14.66 -23.86
N ILE V 142 47.08 14.93 -24.82
CA ILE V 142 47.13 14.10 -26.02
C ILE V 142 47.66 12.72 -25.70
N ARG V 143 48.59 12.62 -24.76
CA ARG V 143 49.12 11.31 -24.37
C ARG V 143 48.04 10.44 -23.76
N SER V 144 47.10 11.04 -23.02
CA SER V 144 46.08 10.27 -22.33
C SER V 144 44.81 10.08 -23.16
N HIS V 145 44.88 10.39 -24.46
CA HIS V 145 43.76 10.21 -25.39
C HIS V 145 42.49 10.91 -24.93
N VAL V 146 42.62 11.98 -24.16
CA VAL V 146 41.53 12.92 -23.96
C VAL V 146 41.97 14.22 -24.63
N PHE V 147 41.52 14.43 -25.86
CA PHE V 147 42.11 15.44 -26.70
C PHE V 147 41.60 16.82 -26.32
N PRO V 148 42.46 17.84 -26.45
CA PRO V 148 42.07 19.19 -25.98
C PRO V 148 40.87 19.76 -26.72
N HIS V 149 40.60 19.30 -27.94
CA HIS V 149 39.39 19.78 -28.62
C HIS V 149 38.14 19.38 -27.88
N ARG V 150 38.21 18.35 -27.05
CA ARG V 150 37.14 18.01 -26.11
C ARG V 150 37.32 18.71 -24.77
N ALA V 151 38.09 19.81 -24.74
CA ALA V 151 38.28 20.55 -23.50
C ALA V 151 38.27 22.05 -23.69
N LEU V 152 38.03 22.55 -24.90
CA LEU V 152 38.09 23.99 -25.18
C LEU V 152 37.00 24.35 -26.20
N HIS V 153 35.85 24.76 -25.70
CA HIS V 153 34.86 25.40 -26.55
C HIS V 153 35.29 26.83 -26.84
N VAL V 154 34.86 27.36 -27.98
CA VAL V 154 35.34 28.65 -28.47
C VAL V 154 34.23 29.67 -28.32
N LEU V 155 34.56 30.82 -27.73
CA LEU V 155 33.66 31.96 -27.69
C LEU V 155 34.10 32.97 -28.75
N GLY V 156 33.44 34.12 -28.79
CA GLY V 156 33.76 35.14 -29.76
C GLY V 156 34.95 35.98 -29.34
N GLY V 157 35.10 37.11 -30.02
CA GLY V 157 36.19 38.02 -29.72
C GLY V 157 35.80 38.99 -28.63
N LEU V 158 36.67 39.13 -27.63
CA LEU V 158 36.39 40.00 -26.50
C LEU V 158 36.38 41.45 -26.94
N LEU V 159 35.60 42.25 -26.23
CA LEU V 159 35.61 43.68 -26.48
C LEU V 159 35.75 44.53 -25.23
N GLY V 160 35.25 44.06 -24.09
CA GLY V 160 35.23 44.85 -22.89
C GLY V 160 35.58 44.04 -21.66
N HIS V 161 35.88 44.75 -20.58
CA HIS V 161 36.28 44.13 -19.34
C HIS V 161 36.36 45.16 -18.22
N VAL V 162 35.99 44.75 -17.03
CA VAL V 162 36.27 45.49 -15.80
C VAL V 162 37.01 44.55 -14.87
N THR V 163 38.09 45.05 -14.28
CA THR V 163 38.99 44.17 -13.52
C THR V 163 39.11 44.67 -12.09
N GLN V 164 38.94 43.76 -11.13
CA GLN V 164 39.40 44.00 -9.77
C GLN V 164 40.86 43.56 -9.70
N ASP V 165 41.38 43.35 -8.50
CA ASP V 165 42.72 42.79 -8.35
C ASP V 165 42.68 41.29 -8.60
N ARG V 166 43.17 40.88 -9.78
CA ARG V 166 43.20 39.47 -10.18
C ARG V 166 41.79 38.86 -10.20
N LEU V 167 40.85 39.59 -10.82
CA LEU V 167 39.53 39.04 -11.13
C LEU V 167 38.88 39.92 -12.19
N ALA V 168 38.52 39.31 -13.32
CA ALA V 168 38.06 40.05 -14.49
C ALA V 168 36.67 39.59 -14.89
N SER V 169 36.04 40.36 -15.78
CA SER V 169 34.76 39.99 -16.38
C SER V 169 34.84 40.38 -17.85
N VAL V 170 35.30 39.45 -18.68
CA VAL V 170 35.43 39.69 -20.11
C VAL V 170 34.06 39.62 -20.77
N THR V 171 33.96 40.23 -21.94
CA THR V 171 32.72 40.26 -22.72
C THR V 171 33.08 40.08 -24.18
N CYS V 172 32.49 39.07 -24.82
CA CYS V 172 32.79 38.75 -26.21
C CYS V 172 31.50 38.64 -27.00
N VAL V 173 31.59 38.91 -28.31
CA VAL V 173 30.48 38.67 -29.20
C VAL V 173 30.24 37.16 -29.34
N ALA V 174 29.05 36.81 -29.81
CA ALA V 174 28.70 35.42 -30.05
C ALA V 174 28.07 35.15 -31.40
N ARG V 175 27.34 36.10 -31.96
CA ARG V 175 26.80 35.99 -33.30
C ARG V 175 26.93 37.35 -33.96
N GLY V 176 26.47 37.44 -35.20
CA GLY V 176 26.55 38.70 -35.90
C GLY V 176 27.99 39.09 -36.19
N ASP V 177 28.14 40.26 -36.79
CA ASP V 177 29.46 40.71 -37.18
C ASP V 177 30.06 41.49 -36.02
N GLN V 178 31.40 41.47 -35.96
CA GLN V 178 32.12 42.00 -34.82
C GLN V 178 31.79 43.47 -34.56
N GLU V 179 31.86 44.30 -35.59
CA GLU V 179 31.78 45.73 -35.42
C GLU V 179 30.35 46.24 -35.24
N ALA V 180 29.40 45.36 -34.95
CA ALA V 180 28.11 45.82 -34.47
C ALA V 180 28.15 46.18 -32.99
N ALA V 181 29.27 45.88 -32.32
CA ALA V 181 29.40 46.10 -30.89
C ALA V 181 29.73 47.57 -30.60
N ARG V 182 30.10 47.86 -29.35
CA ARG V 182 30.42 49.23 -28.95
C ARG V 182 31.37 49.15 -27.76
N THR V 183 32.65 49.36 -28.01
CA THR V 183 33.67 49.27 -26.97
C THR V 183 33.77 50.59 -26.22
N ASN V 184 34.15 50.54 -24.95
CA ASN V 184 34.26 51.74 -24.12
C ASN V 184 35.67 52.31 -24.13
N ASP V 185 36.36 52.15 -25.25
CA ASP V 185 37.67 52.74 -25.43
C ASP V 185 37.57 54.25 -25.68
N MET V 186 36.63 54.68 -26.51
CA MET V 186 36.41 56.05 -26.98
C MET V 186 37.51 56.56 -27.92
N ALA V 187 38.55 55.77 -28.16
CA ALA V 187 39.46 56.06 -29.27
C ALA V 187 39.08 55.32 -30.53
N ALA V 188 38.69 54.05 -30.39
CA ALA V 188 38.14 53.25 -31.48
C ALA V 188 36.93 52.51 -30.92
N ARG V 189 35.76 53.11 -31.08
CA ARG V 189 34.53 52.50 -30.59
C ARG V 189 34.38 51.08 -31.13
N ARG V 190 34.39 50.92 -32.43
CA ARG V 190 34.32 49.60 -33.03
C ARG V 190 35.70 48.94 -32.94
N SER V 191 35.81 47.72 -33.45
CA SER V 191 37.05 46.96 -33.37
C SER V 191 37.22 46.17 -34.65
N GLN V 192 38.12 45.20 -34.62
CA GLN V 192 38.26 44.20 -35.66
C GLN V 192 38.61 42.89 -34.98
N VAL V 193 39.11 41.93 -35.75
CA VAL V 193 39.55 40.64 -35.20
C VAL V 193 41.02 40.47 -35.53
N HIS V 194 41.82 40.23 -34.50
CA HIS V 194 43.27 40.11 -34.64
C HIS V 194 43.69 38.67 -34.38
N VAL V 195 44.49 38.11 -35.28
CA VAL V 195 44.99 36.75 -35.15
C VAL V 195 46.49 36.78 -35.33
N PRO V 196 47.27 36.11 -34.48
CA PRO V 196 48.72 36.08 -34.66
C PRO V 196 49.09 35.49 -36.02
N ALA V 197 49.70 36.32 -36.87
CA ALA V 197 50.00 35.93 -38.24
C ALA V 197 50.93 34.74 -38.32
N CYS V 198 51.66 34.44 -37.24
CA CYS V 198 52.52 33.27 -37.23
C CYS V 198 51.75 31.97 -37.43
N ALA V 199 50.49 31.91 -36.99
CA ALA V 199 49.69 30.71 -37.03
C ALA V 199 48.69 30.67 -38.18
N LEU V 200 48.37 31.81 -38.78
CA LEU V 200 47.37 31.86 -39.83
C LEU V 200 47.89 31.14 -41.08
N MET V 201 47.31 29.98 -41.38
CA MET V 201 47.69 29.20 -42.55
C MET V 201 46.56 29.31 -43.57
N ASP V 202 46.82 30.00 -44.67
CA ASP V 202 45.87 30.03 -45.76
C ASP V 202 45.90 28.69 -46.49
N VAL V 203 44.78 28.37 -47.14
CA VAL V 203 44.59 27.07 -47.79
C VAL V 203 44.52 27.20 -49.31
N ASP V 204 43.66 28.09 -49.84
CA ASP V 204 43.41 28.07 -51.29
C ASP V 204 44.68 28.41 -52.07
N ARG V 205 45.24 29.57 -51.80
CA ARG V 205 46.52 29.98 -52.35
C ARG V 205 47.60 28.97 -52.01
N GLU V 206 47.43 28.24 -50.92
CA GLU V 206 48.30 27.11 -50.59
C GLU V 206 48.02 25.92 -51.50
N LEU V 207 46.78 25.45 -51.57
CA LEU V 207 46.48 24.30 -52.42
C LEU V 207 46.49 24.64 -53.91
N ARG V 208 46.56 25.93 -54.26
CA ARG V 208 46.51 26.39 -55.64
C ARG V 208 45.24 25.86 -56.34
N LEU V 209 44.10 26.30 -55.82
CA LEU V 209 42.83 26.02 -56.48
C LEU V 209 42.60 26.88 -57.72
N GLY V 210 43.48 27.83 -58.00
CA GLY V 210 43.24 28.77 -59.07
C GLY V 210 42.03 29.65 -58.87
N GLY V 211 41.47 29.67 -57.66
CA GLY V 211 40.25 30.40 -57.39
C GLY V 211 40.48 31.89 -57.27
N ASP V 212 39.38 32.60 -57.05
CA ASP V 212 39.40 34.05 -56.92
C ASP V 212 38.75 34.45 -55.61
N ASP V 213 39.49 35.23 -54.82
CA ASP V 213 39.09 35.49 -53.44
C ASP V 213 37.76 36.23 -53.40
N GLY V 214 36.75 35.58 -52.84
CA GLY V 214 35.51 36.26 -52.56
C GLY V 214 35.21 36.25 -51.08
N LEU V 215 34.13 35.60 -50.69
CA LEU V 215 33.81 35.36 -49.29
C LEU V 215 34.36 33.99 -48.92
N ARG V 216 35.20 33.95 -47.89
CA ARG V 216 35.83 32.71 -47.46
C ARG V 216 35.46 32.38 -46.03
N PHE V 217 35.40 31.09 -45.73
CA PHE V 217 35.13 30.63 -44.38
C PHE V 217 36.36 30.82 -43.51
N ALA V 218 36.21 30.49 -42.23
CA ALA V 218 37.32 30.60 -41.28
C ALA V 218 37.24 29.41 -40.33
N TYR V 219 38.34 28.67 -40.25
CA TYR V 219 38.39 27.47 -39.41
C TYR V 219 39.58 27.52 -38.48
N LEU V 220 39.33 27.25 -37.20
CA LEU V 220 40.37 27.03 -36.21
C LEU V 220 40.63 25.52 -36.13
N VAL V 221 41.86 25.11 -36.41
CA VAL V 221 42.20 23.70 -36.51
C VAL V 221 43.28 23.37 -35.48
N PHE V 222 43.22 22.16 -34.95
CA PHE V 222 44.25 21.60 -34.09
C PHE V 222 44.97 20.49 -34.82
N VAL V 223 46.26 20.32 -34.50
CA VAL V 223 47.07 19.27 -35.10
C VAL V 223 47.71 18.48 -33.97
N TYR V 224 47.31 17.22 -33.83
CA TYR V 224 47.90 16.33 -32.84
C TYR V 224 49.06 15.56 -33.47
N THR V 225 49.95 15.06 -32.62
CA THR V 225 50.97 14.11 -33.03
C THR V 225 51.25 13.22 -31.83
N GLN V 226 51.35 11.91 -32.06
CA GLN V 226 51.36 10.94 -30.98
C GLN V 226 52.61 10.04 -31.10
N ARG V 227 53.58 10.29 -30.23
CA ARG V 227 54.73 9.42 -30.05
C ARG V 227 55.08 9.52 -28.57
N HIS V 228 55.06 8.37 -27.88
CA HIS V 228 55.03 8.38 -26.42
C HIS V 228 56.25 9.08 -25.84
N ARG V 229 55.99 10.03 -24.94
CA ARG V 229 56.98 10.92 -24.32
C ARG V 229 57.69 11.84 -25.31
N ARG V 230 57.35 11.76 -26.58
CA ARG V 230 57.88 12.70 -27.58
C ARG V 230 56.73 13.10 -28.50
N GLU V 231 55.96 14.10 -28.07
CA GLU V 231 54.76 14.51 -28.79
C GLU V 231 54.51 15.98 -28.54
N ALA V 232 53.66 16.57 -29.38
CA ALA V 232 53.38 18.00 -29.29
C ALA V 232 52.05 18.29 -29.96
N LEU V 233 51.67 19.56 -29.95
CA LEU V 233 50.42 20.03 -30.53
C LEU V 233 50.72 21.27 -31.37
N ARG V 234 50.14 21.34 -32.56
CA ARG V 234 50.28 22.49 -33.45
C ARG V 234 48.93 23.13 -33.67
N VAL V 235 48.88 24.45 -33.60
CA VAL V 235 47.65 25.20 -33.79
C VAL V 235 47.74 25.96 -35.10
N HIS V 236 46.59 26.24 -35.70
CA HIS V 236 46.50 27.03 -36.91
C HIS V 236 45.15 27.71 -36.96
N VAL V 237 45.05 28.74 -37.80
CA VAL V 237 43.76 29.36 -38.11
C VAL V 237 43.66 29.39 -39.63
N ALA V 238 42.72 28.63 -40.17
CA ALA V 238 42.64 28.38 -41.60
C ALA V 238 41.44 29.09 -42.19
N VAL V 239 41.63 29.74 -43.33
CA VAL V 239 40.56 30.35 -44.09
C VAL V 239 40.58 29.78 -45.49
N SER V 240 39.41 29.64 -46.09
CA SER V 240 39.27 29.11 -47.45
C SER V 240 37.80 29.20 -47.83
N ARG V 241 37.51 28.86 -49.08
CA ARG V 241 36.15 28.71 -49.55
C ARG V 241 35.62 27.29 -49.36
N LEU V 242 36.46 26.38 -48.90
CA LEU V 242 36.08 24.98 -48.79
C LEU V 242 35.09 24.78 -47.65
N PRO V 243 33.84 24.42 -47.92
CA PRO V 243 32.89 24.17 -46.82
C PRO V 243 33.19 22.89 -46.05
N GLU V 244 33.88 21.94 -46.66
CA GLU V 244 34.13 20.65 -46.02
C GLU V 244 35.63 20.40 -46.08
N LEU V 245 36.30 20.48 -44.94
CA LEU V 245 37.75 20.34 -44.92
C LEU V 245 38.16 18.94 -45.34
N GLY V 246 37.92 17.95 -44.49
CA GLY V 246 38.10 16.56 -44.85
C GLY V 246 39.36 16.23 -45.61
N ASP V 247 39.17 15.85 -46.87
CA ASP V 247 40.29 15.46 -47.73
C ASP V 247 41.34 16.56 -47.80
N ALA V 248 40.93 17.81 -47.65
CA ALA V 248 41.88 18.91 -47.75
C ALA V 248 42.93 18.84 -46.64
N LEU V 249 42.49 18.62 -45.39
CA LEU V 249 43.47 18.42 -44.32
C LEU V 249 44.13 17.06 -44.43
N SER V 250 43.39 16.04 -44.83
CA SER V 250 43.98 14.71 -44.96
C SER V 250 45.21 14.75 -45.87
N PHE V 251 45.19 15.59 -46.90
CA PHE V 251 46.35 15.78 -47.74
C PHE V 251 47.32 16.81 -47.17
N LEU V 252 46.79 17.90 -46.58
CA LEU V 252 47.66 18.92 -46.00
C LEU V 252 48.58 18.36 -44.93
N LEU V 253 48.06 17.50 -44.07
CA LEU V 253 48.80 16.96 -42.94
C LEU V 253 49.27 15.53 -43.19
N ALA V 254 49.67 15.24 -44.43
CA ALA V 254 49.96 13.86 -44.81
C ALA V 254 51.05 13.25 -43.96
N GLY V 255 52.14 13.98 -43.73
CA GLY V 255 53.22 13.45 -42.94
C GLY V 255 52.80 13.11 -41.52
N THR V 256 51.95 13.96 -40.93
CA THR V 256 51.48 13.73 -39.58
C THR V 256 50.65 12.45 -39.50
N ARG V 257 49.68 12.28 -40.40
CA ARG V 257 48.89 11.06 -40.40
C ARG V 257 49.76 9.84 -40.64
N VAL V 258 50.71 9.94 -41.57
CA VAL V 258 51.60 8.82 -41.85
C VAL V 258 52.35 8.40 -40.60
N ASP V 259 53.12 9.32 -40.01
CA ASP V 259 53.96 8.92 -38.89
C ASP V 259 53.17 8.75 -37.60
N ASN V 260 51.88 9.08 -37.62
CA ASN V 260 51.02 8.88 -36.46
C ASN V 260 50.32 7.54 -36.47
N ALA V 261 50.03 6.99 -37.66
CA ALA V 261 49.34 5.71 -37.70
C ALA V 261 50.24 4.56 -37.31
N ILE V 262 51.56 4.70 -37.46
CA ILE V 262 52.48 3.59 -37.26
C ILE V 262 53.09 3.60 -35.86
N HIS V 263 53.45 4.79 -35.36
CA HIS V 263 54.00 4.90 -34.01
C HIS V 263 52.92 5.09 -32.96
N GLY V 264 51.65 4.96 -33.33
CA GLY V 264 50.57 5.25 -32.40
C GLY V 264 50.15 4.07 -31.56
N THR V 265 50.28 2.85 -32.09
CA THR V 265 49.89 1.63 -31.39
C THR V 265 50.95 1.18 -30.40
N ASP V 266 52.06 1.91 -30.32
CA ASP V 266 53.18 1.52 -29.49
C ASP V 266 52.77 1.37 -28.03
N GLU V 267 53.53 0.54 -27.32
CA GLU V 267 53.35 0.20 -25.91
C GLU V 267 52.16 -0.72 -25.68
N ALA V 268 51.48 -1.15 -26.73
CA ALA V 268 50.39 -2.10 -26.65
C ALA V 268 50.92 -3.48 -27.02
N ASP V 269 50.85 -4.42 -26.07
CA ASP V 269 51.27 -5.79 -26.33
C ASP V 269 50.37 -6.41 -27.39
N ALA V 270 50.89 -6.56 -28.59
CA ALA V 270 50.21 -7.38 -29.57
C ALA V 270 50.63 -8.83 -29.41
N PRO V 271 49.74 -9.79 -29.63
CA PRO V 271 50.13 -11.20 -29.53
C PRO V 271 51.07 -11.61 -30.65
N ALA V 272 51.37 -12.91 -30.72
CA ALA V 272 52.26 -13.43 -31.75
C ALA V 272 51.52 -13.45 -33.08
N ALA V 273 52.10 -14.11 -34.08
CA ALA V 273 51.52 -14.17 -35.40
C ALA V 273 50.06 -14.61 -35.32
N PRO V 274 49.15 -13.94 -36.03
CA PRO V 274 47.73 -14.27 -35.90
C PRO V 274 47.42 -15.68 -36.40
N ALA V 275 46.57 -16.37 -35.66
CA ALA V 275 46.22 -17.73 -36.01
C ALA V 275 45.48 -17.78 -37.34
N ALA V 276 45.62 -18.90 -38.06
CA ALA V 276 44.93 -19.05 -39.33
C ALA V 276 43.43 -19.11 -39.14
N ALA V 277 42.97 -19.46 -37.93
CA ALA V 277 41.54 -19.45 -37.65
C ALA V 277 40.97 -18.04 -37.68
N ALA V 278 41.81 -17.01 -37.61
CA ALA V 278 41.33 -15.64 -37.70
C ALA V 278 40.80 -15.30 -39.08
N ALA V 279 41.24 -16.01 -40.11
CA ALA V 279 40.75 -15.75 -41.47
C ALA V 279 39.26 -16.08 -41.52
N PHE V 280 38.44 -15.03 -41.59
CA PHE V 280 37.00 -15.21 -41.61
C PHE V 280 36.58 -15.96 -42.86
N PRO V 281 36.01 -17.16 -42.74
CA PRO V 281 35.70 -17.97 -43.93
C PRO V 281 34.57 -17.35 -44.74
N ALA V 282 34.84 -17.11 -46.03
CA ALA V 282 33.83 -16.60 -46.94
C ALA V 282 33.32 -17.64 -47.91
N TYR V 283 34.02 -18.76 -48.09
CA TYR V 283 33.65 -19.74 -49.11
C TYR V 283 32.38 -20.48 -48.74
N LEU V 284 31.88 -20.25 -47.53
CA LEU V 284 30.84 -21.08 -46.94
C LEU V 284 29.46 -20.43 -46.96
N PHE V 285 29.32 -19.26 -47.56
CA PHE V 285 28.04 -18.56 -47.55
C PHE V 285 27.04 -19.21 -48.49
N ASN V 286 27.39 -19.32 -49.77
CA ASN V 286 26.52 -19.90 -50.77
C ASN V 286 26.88 -21.34 -51.12
N ASP V 287 27.43 -22.07 -50.17
CA ASP V 287 27.61 -23.52 -50.26
C ASP V 287 26.25 -24.20 -50.09
N PRO V 288 25.73 -24.89 -51.12
CA PRO V 288 24.47 -25.61 -50.91
C PRO V 288 24.60 -26.73 -49.89
N ARG V 289 25.66 -27.52 -50.00
CA ARG V 289 25.97 -28.57 -49.03
C ARG V 289 27.00 -28.07 -48.03
N SER V 290 26.56 -27.83 -46.79
CA SER V 290 27.46 -27.45 -45.72
C SER V 290 26.78 -27.73 -44.39
N ALA V 291 27.60 -27.81 -43.34
CA ALA V 291 27.05 -28.02 -42.01
C ALA V 291 26.21 -26.83 -41.61
N ARG V 292 25.05 -27.11 -41.01
CA ARG V 292 24.10 -26.05 -40.73
C ARG V 292 23.49 -26.31 -39.36
N CYS V 293 22.93 -25.25 -38.77
CA CYS V 293 22.38 -25.37 -37.43
C CYS V 293 21.24 -24.37 -37.25
N PRO V 294 20.00 -24.82 -37.12
CA PRO V 294 18.90 -23.89 -36.85
C PRO V 294 19.01 -23.31 -35.44
N THR V 295 18.38 -22.15 -35.28
CA THR V 295 18.36 -21.50 -33.96
C THR V 295 17.58 -22.36 -32.97
N GLY V 296 17.79 -22.08 -31.68
CA GLY V 296 17.10 -22.81 -30.65
C GLY V 296 17.78 -24.09 -30.23
N ARG V 297 18.87 -24.47 -30.88
CA ARG V 297 19.71 -25.56 -30.44
C ARG V 297 21.16 -25.10 -30.40
N LEU V 298 21.41 -23.96 -29.76
CA LEU V 298 22.76 -23.45 -29.55
C LEU V 298 23.04 -23.26 -28.06
N ASN V 299 23.34 -24.36 -27.36
CA ASN V 299 24.13 -24.26 -26.13
C ASN V 299 25.40 -25.08 -26.21
N THR V 300 25.26 -26.43 -26.23
CA THR V 300 26.29 -27.46 -26.36
C THR V 300 25.62 -28.73 -26.88
N PRO V 301 24.96 -28.68 -28.03
CA PRO V 301 24.39 -29.90 -28.59
C PRO V 301 25.40 -30.65 -29.42
N ALA V 302 24.95 -31.65 -30.17
CA ALA V 302 25.78 -32.24 -31.22
C ALA V 302 25.87 -31.27 -32.39
N ALA V 303 26.41 -30.08 -32.12
CA ALA V 303 26.63 -29.06 -33.14
C ALA V 303 28.11 -28.74 -33.17
N GLU V 304 28.95 -29.65 -32.71
CA GLU V 304 30.38 -29.40 -32.61
C GLU V 304 31.07 -29.18 -33.96
N ALA V 305 30.41 -29.66 -35.02
CA ALA V 305 30.90 -29.59 -36.38
C ALA V 305 30.98 -28.23 -37.07
N LEU V 306 30.59 -27.15 -36.39
CA LEU V 306 30.70 -25.86 -37.04
C LEU V 306 32.15 -25.38 -37.00
N PRO V 307 32.61 -24.71 -38.05
CA PRO V 307 33.98 -24.21 -38.05
C PRO V 307 34.16 -23.13 -36.99
N VAL V 308 35.36 -23.06 -36.44
CA VAL V 308 35.68 -22.05 -35.44
C VAL V 308 36.32 -20.85 -36.14
N TRP V 309 35.97 -19.66 -35.67
CA TRP V 309 36.58 -18.42 -36.17
C TRP V 309 36.70 -17.47 -35.01
N ALA V 310 37.94 -17.05 -34.71
CA ALA V 310 38.23 -16.19 -33.58
C ALA V 310 38.74 -14.86 -34.09
N PRO V 311 37.85 -13.91 -34.38
CA PRO V 311 38.32 -12.55 -34.70
C PRO V 311 38.97 -11.97 -33.46
N ASP V 312 40.28 -11.72 -33.55
CA ASP V 312 41.10 -11.41 -32.39
C ASP V 312 41.86 -10.13 -32.75
N MET V 313 41.46 -9.02 -32.12
CA MET V 313 42.00 -7.71 -32.47
C MET V 313 42.47 -7.11 -31.14
N ARG V 314 43.79 -7.14 -30.95
CA ARG V 314 44.41 -6.76 -29.68
C ARG V 314 45.73 -6.06 -29.97
N GLY V 315 45.70 -4.74 -30.05
CA GLY V 315 46.89 -3.95 -30.27
C GLY V 315 46.96 -3.27 -31.62
N ARG V 316 45.98 -3.49 -32.49
CA ARG V 316 45.99 -2.84 -33.80
C ARG V 316 45.57 -1.38 -33.66
N ALA V 317 45.64 -0.65 -34.78
CA ALA V 317 45.39 0.78 -34.78
C ALA V 317 43.90 1.04 -34.67
N THR V 318 43.46 1.59 -33.54
CA THR V 318 42.08 2.02 -33.38
C THR V 318 41.92 3.42 -33.96
N ARG V 319 40.70 3.93 -33.94
CA ARG V 319 40.49 5.26 -34.51
C ARG V 319 41.19 6.34 -33.70
N ASN V 320 41.04 6.31 -32.38
CA ASN V 320 41.72 7.28 -31.51
C ASN V 320 43.23 7.21 -31.67
N SER V 321 43.74 6.09 -32.20
CA SER V 321 45.17 5.95 -32.47
C SER V 321 45.59 6.71 -33.71
N CYS V 322 44.66 6.90 -34.64
CA CYS V 322 44.98 7.55 -35.90
C CYS V 322 44.46 8.98 -35.96
N MET V 323 43.91 9.46 -34.85
CA MET V 323 43.53 10.86 -34.75
C MET V 323 44.75 11.75 -34.92
N TYR V 324 44.65 12.72 -35.83
CA TYR V 324 45.76 13.63 -36.07
C TYR V 324 45.36 15.10 -36.09
N ALA V 325 44.10 15.42 -36.37
CA ALA V 325 43.67 16.80 -36.44
C ALA V 325 42.22 16.90 -36.04
N ALA V 326 41.81 18.12 -35.67
CA ALA V 326 40.41 18.42 -35.37
C ALA V 326 40.17 19.89 -35.70
N TYR V 327 39.00 20.19 -36.26
CA TYR V 327 38.71 21.56 -36.65
C TYR V 327 37.27 21.92 -36.29
N VAL V 328 36.99 23.22 -36.34
CA VAL V 328 35.68 23.76 -36.01
C VAL V 328 35.49 25.06 -36.77
N ARG V 329 34.31 25.24 -37.33
CA ARG V 329 34.05 26.42 -38.14
C ARG V 329 33.88 27.65 -37.26
N LEU V 330 34.41 28.79 -37.71
CA LEU V 330 34.37 30.02 -36.93
C LEU V 330 33.43 31.06 -37.50
N GLY V 331 33.39 31.24 -38.81
CA GLY V 331 32.57 32.26 -39.42
C GLY V 331 33.03 32.53 -40.84
N THR V 332 32.66 33.70 -41.34
CA THR V 332 32.94 34.10 -42.72
C THR V 332 33.78 35.36 -42.73
N VAL V 333 34.60 35.50 -43.77
CA VAL V 333 35.60 36.55 -43.85
C VAL V 333 35.67 37.08 -45.28
N GLU V 334 35.84 38.39 -45.39
CA GLU V 334 36.20 39.07 -46.63
C GLU V 334 37.69 39.03 -46.93
N ARG V 335 38.53 39.56 -46.05
CA ARG V 335 39.89 39.91 -46.42
C ARG V 335 40.82 39.67 -45.24
N VAL V 336 42.08 39.45 -45.55
CA VAL V 336 43.13 39.34 -44.54
C VAL V 336 44.32 40.18 -44.99
N VAL V 337 44.72 41.12 -44.14
CA VAL V 337 45.88 41.97 -44.40
C VAL V 337 46.85 41.82 -43.23
N ARG V 338 48.13 41.95 -43.52
CA ARG V 338 49.19 41.71 -42.54
C ARG V 338 49.98 42.99 -42.33
N ARG V 339 50.20 43.32 -41.06
CA ARG V 339 50.52 44.68 -40.66
C ARG V 339 50.65 44.73 -39.15
N ALA V 340 51.53 45.59 -38.66
CA ALA V 340 51.88 45.62 -37.24
C ALA V 340 51.29 46.85 -36.54
N LEU V 348 55.82 43.27 -33.60
CA LEU V 348 55.00 42.07 -33.55
C LEU V 348 54.08 41.96 -34.76
N PRO V 349 54.19 40.85 -35.50
CA PRO V 349 53.34 40.67 -36.68
C PRO V 349 51.94 40.24 -36.30
N LEU V 350 50.95 40.73 -37.05
CA LEU V 350 49.55 40.40 -36.78
C LEU V 350 48.83 40.18 -38.11
N ALA V 351 47.50 39.97 -38.03
CA ALA V 351 46.68 39.70 -39.20
C ALA V 351 45.26 40.20 -38.91
N HIS V 352 44.94 41.38 -39.44
CA HIS V 352 43.64 41.98 -39.21
C HIS V 352 42.61 41.33 -40.12
N MET V 353 41.50 40.87 -39.56
CA MET V 353 40.39 40.34 -40.34
C MET V 353 39.65 41.47 -41.03
N GLU V 354 38.57 41.12 -41.72
CA GLU V 354 37.80 42.11 -42.46
C GLU V 354 36.36 41.65 -42.51
N ARG V 355 35.48 42.33 -41.77
CA ARG V 355 34.05 42.03 -41.75
C ARG V 355 33.80 40.59 -41.28
N PHE V 356 34.39 40.25 -40.14
CA PHE V 356 34.20 38.91 -39.60
C PHE V 356 32.77 38.78 -39.08
N THR V 357 32.09 37.71 -39.48
CA THR V 357 30.74 37.42 -38.99
C THR V 357 30.83 36.17 -38.13
N TRP V 358 30.58 36.33 -36.84
CA TRP V 358 30.72 35.23 -35.91
C TRP V 358 29.59 34.23 -36.09
N ASP V 359 29.95 32.98 -36.42
CA ASP V 359 29.04 31.85 -36.55
C ASP V 359 29.83 30.62 -36.12
N VAL V 360 29.67 30.25 -34.87
CA VAL V 360 30.46 29.14 -34.33
C VAL V 360 29.73 27.83 -34.61
N GLY V 361 30.49 26.81 -34.99
CA GLY V 361 29.93 25.51 -35.27
C GLY V 361 30.39 24.46 -34.28
N ALA V 362 30.09 23.21 -34.58
CA ALA V 362 30.46 22.11 -33.71
C ALA V 362 31.84 21.57 -34.09
N TRP V 363 32.42 20.79 -33.18
CA TRP V 363 33.74 20.24 -33.42
C TRP V 363 33.64 19.12 -34.45
N GLU V 364 34.79 18.67 -34.92
CA GLU V 364 34.87 17.68 -35.98
C GLU V 364 36.15 16.88 -35.78
N GLU V 365 36.07 15.60 -36.05
CA GLU V 365 37.24 14.74 -36.02
C GLU V 365 37.87 14.63 -37.40
N CYS V 366 39.17 14.37 -37.43
CA CYS V 366 39.90 14.14 -38.67
C CYS V 366 40.90 13.02 -38.40
N PHE V 367 40.51 11.79 -38.71
CA PHE V 367 41.32 10.61 -38.43
C PHE V 367 41.63 9.79 -39.65
N PHE V 368 40.68 9.67 -40.58
CA PHE V 368 40.88 8.84 -41.76
C PHE V 368 41.84 9.51 -42.73
N ARG W 3 -89.27 1.24 5.19
CA ARG W 3 -89.11 2.63 5.59
C ARG W 3 -88.72 3.51 4.40
N PRO W 4 -89.56 3.53 3.36
CA PRO W 4 -89.20 4.25 2.13
C PRO W 4 -88.93 5.72 2.38
N ALA W 5 -87.84 6.25 1.84
CA ALA W 5 -87.54 7.66 1.94
C ALA W 5 -88.75 8.48 1.55
N ILE W 6 -89.13 9.42 2.43
CA ILE W 6 -90.41 10.11 2.29
C ILE W 6 -90.50 10.84 0.95
N LEU W 7 -89.59 11.76 0.70
CA LEU W 7 -89.64 12.55 -0.52
C LEU W 7 -88.47 12.19 -1.42
N PRO W 8 -88.73 11.87 -2.69
CA PRO W 8 -87.62 11.65 -3.62
C PRO W 8 -86.84 12.92 -3.86
N SER W 9 -85.52 12.78 -3.97
CA SER W 9 -84.66 13.95 -4.15
C SER W 9 -84.45 14.26 -5.62
N GLY W 10 -84.03 13.27 -6.40
CA GLY W 10 -83.77 13.49 -7.81
C GLY W 10 -84.45 12.48 -8.72
N GLN W 11 -84.35 12.71 -10.02
CA GLN W 11 -84.96 11.85 -11.02
C GLN W 11 -83.89 11.03 -11.74
N ILE W 12 -84.32 9.90 -12.28
CA ILE W 12 -83.46 9.03 -13.07
C ILE W 12 -83.75 9.26 -14.54
N LEU W 13 -82.72 9.07 -15.37
CA LEU W 13 -82.87 9.14 -16.82
C LEU W 13 -82.80 7.78 -17.49
N SER W 14 -82.42 6.73 -16.76
CA SER W 14 -82.28 5.41 -17.33
C SER W 14 -83.59 4.64 -17.25
N ASN W 15 -83.66 3.56 -18.02
CA ASN W 15 -84.79 2.63 -18.02
C ASN W 15 -84.21 1.26 -18.33
N ILE W 16 -83.92 0.49 -17.28
CA ILE W 16 -83.18 -0.76 -17.42
C ILE W 16 -83.68 -1.76 -16.40
N GLU W 17 -83.77 -3.03 -16.80
CA GLU W 17 -84.03 -4.11 -15.85
C GLU W 17 -82.89 -4.17 -14.84
N VAL W 18 -83.24 -4.49 -13.60
CA VAL W 18 -82.30 -4.35 -12.49
C VAL W 18 -81.91 -5.70 -11.90
N HIS W 19 -82.80 -6.68 -12.01
CA HIS W 19 -82.57 -7.96 -11.33
C HIS W 19 -81.31 -8.65 -11.83
N SER W 20 -80.87 -8.33 -13.04
CA SER W 20 -79.61 -8.85 -13.54
C SER W 20 -78.42 -8.02 -13.08
N HIS W 21 -78.60 -7.09 -12.15
CA HIS W 21 -77.54 -6.25 -11.63
C HIS W 21 -77.46 -6.30 -10.10
N ARG W 22 -77.68 -7.49 -9.52
CA ARG W 22 -77.93 -7.55 -8.09
C ARG W 22 -76.66 -7.35 -7.27
N ALA W 23 -75.49 -7.42 -7.89
CA ALA W 23 -74.25 -7.24 -7.15
C ALA W 23 -73.75 -5.81 -7.16
N LEU W 24 -74.16 -5.02 -8.17
CA LEU W 24 -73.77 -3.62 -8.22
C LEU W 24 -74.32 -2.84 -7.03
N PHE W 25 -75.35 -3.36 -6.37
CA PHE W 25 -75.94 -2.73 -5.20
C PHE W 25 -75.58 -3.53 -3.95
N ASP W 26 -75.80 -2.91 -2.78
CA ASP W 26 -75.47 -3.55 -1.50
C ASP W 26 -76.53 -4.55 -1.07
N ILE W 27 -77.75 -4.06 -0.83
CA ILE W 27 -78.88 -4.88 -0.45
C ILE W 27 -80.12 -4.34 -1.15
N PHE W 28 -81.02 -5.24 -1.53
CA PHE W 28 -82.28 -4.81 -2.13
C PHE W 28 -83.22 -6.01 -2.22
N LYS W 29 -84.51 -5.73 -2.23
CA LYS W 29 -85.55 -6.76 -2.20
C LYS W 29 -86.70 -6.30 -3.09
N ARG W 30 -86.88 -6.97 -4.22
CA ARG W 30 -87.97 -6.66 -5.14
C ARG W 30 -89.22 -7.40 -4.67
N PHE W 31 -90.16 -6.66 -4.06
CA PHE W 31 -91.46 -7.26 -3.79
C PHE W 31 -92.32 -7.14 -5.04
N ARG W 32 -93.44 -7.86 -5.06
CA ARG W 32 -94.23 -8.00 -6.27
C ARG W 32 -95.34 -6.97 -6.37
N SER W 33 -96.27 -6.95 -5.42
CA SER W 33 -97.48 -6.15 -5.52
C SER W 33 -97.73 -5.38 -4.23
N ASP W 34 -96.72 -4.65 -3.77
CA ASP W 34 -96.81 -3.79 -2.59
C ASP W 34 -97.06 -4.62 -1.33
N ASP W 35 -96.01 -5.34 -0.94
CA ASP W 35 -95.94 -6.14 0.28
C ASP W 35 -96.51 -5.39 1.47
N ASN W 36 -97.03 -6.13 2.46
CA ASN W 36 -97.70 -5.55 3.61
C ASN W 36 -96.77 -5.37 4.81
N ASN W 37 -95.61 -4.72 4.63
CA ASN W 37 -94.78 -4.38 5.77
C ASN W 37 -94.16 -2.98 5.72
N LEU W 38 -94.36 -2.23 4.63
CA LEU W 38 -93.82 -0.87 4.57
C LEU W 38 -94.82 0.15 5.11
N TYR W 39 -95.84 -0.30 5.83
CA TYR W 39 -96.71 0.57 6.61
C TYR W 39 -96.53 0.36 8.09
N GLY W 40 -95.35 -0.09 8.52
CA GLY W 40 -95.06 -0.29 9.92
C GLY W 40 -94.11 0.76 10.44
N ALA W 41 -94.60 1.57 11.37
CA ALA W 41 -93.82 2.64 11.98
C ALA W 41 -93.63 2.31 13.46
N GLU W 42 -92.38 2.32 13.91
CA GLU W 42 -92.06 2.10 15.31
C GLU W 42 -90.83 2.89 15.67
N PHE W 43 -90.68 3.19 16.96
CA PHE W 43 -89.67 4.12 17.42
C PHE W 43 -89.58 4.05 18.93
N ASP W 44 -88.35 4.05 19.46
CA ASP W 44 -88.13 4.11 20.90
C ASP W 44 -87.78 5.56 21.24
N ALA W 45 -88.25 6.04 22.39
CA ALA W 45 -88.18 7.45 22.72
C ALA W 45 -87.96 7.65 24.21
N LEU W 46 -87.14 8.65 24.53
CA LEU W 46 -86.93 9.04 25.92
C LEU W 46 -87.94 10.10 26.32
N LEU W 47 -88.34 10.06 27.59
CA LEU W 47 -89.53 10.80 28.03
C LEU W 47 -89.19 11.83 29.11
N GLY W 48 -88.12 12.58 28.90
CA GLY W 48 -87.79 13.66 29.82
C GLY W 48 -86.46 13.46 30.52
N THR W 49 -85.72 14.55 30.72
CA THR W 49 -84.44 14.51 31.41
C THR W 49 -84.48 15.47 32.59
N TYR W 50 -83.84 15.04 33.68
CA TYR W 50 -83.87 15.80 34.93
C TYR W 50 -82.44 16.04 35.40
N CYS W 51 -82.00 17.29 35.35
CA CYS W 51 -80.70 17.66 35.87
C CYS W 51 -80.81 17.99 37.35
N SER W 52 -79.66 18.17 37.99
CA SER W 52 -79.65 18.55 39.40
C SER W 52 -79.35 20.04 39.54
N THR W 53 -79.67 20.57 40.70
CA THR W 53 -79.43 21.97 41.04
C THR W 53 -78.68 22.02 42.36
N LEU W 54 -77.49 22.59 42.33
CA LEU W 54 -76.61 22.60 43.50
C LEU W 54 -77.07 23.69 44.45
N SER W 55 -77.34 23.31 45.70
CA SER W 55 -77.79 24.25 46.73
C SER W 55 -76.57 24.81 47.43
N LEU W 56 -76.33 26.11 47.25
CA LEU W 56 -75.19 26.75 47.87
C LEU W 56 -75.48 27.02 49.35
N VAL W 57 -74.47 27.54 50.05
CA VAL W 57 -74.61 27.86 51.46
C VAL W 57 -73.67 29.02 51.79
N ARG W 58 -74.16 29.96 52.60
CA ARG W 58 -73.38 31.08 53.08
C ARG W 58 -73.13 30.92 54.57
N PHE W 59 -71.92 31.25 55.01
CA PHE W 59 -71.54 30.99 56.39
C PHE W 59 -72.26 31.91 57.36
N LEU W 60 -72.18 33.22 57.14
CA LEU W 60 -72.70 34.20 58.09
C LEU W 60 -74.22 34.16 58.19
N GLU W 61 -74.85 33.26 57.43
CA GLU W 61 -76.29 33.02 57.57
C GLU W 61 -76.61 31.89 58.54
N LEU W 62 -75.67 30.98 58.78
CA LEU W 62 -75.90 29.89 59.72
C LEU W 62 -75.97 30.44 61.14
N GLY W 63 -76.21 29.54 62.09
CA GLY W 63 -76.27 29.92 63.48
C GLY W 63 -74.92 29.92 64.17
N LEU W 64 -74.00 29.09 63.65
CA LEU W 64 -72.69 28.90 64.26
C LEU W 64 -71.81 30.14 64.22
N SER W 65 -72.14 31.13 63.38
CA SER W 65 -71.27 32.28 63.19
C SER W 65 -71.00 33.03 64.49
N VAL W 66 -71.97 33.05 65.40
CA VAL W 66 -71.81 33.74 66.68
C VAL W 66 -70.70 33.14 67.53
N ALA W 67 -70.18 31.97 67.18
CA ALA W 67 -69.16 31.34 68.01
C ALA W 67 -67.75 31.86 67.75
N CYS W 68 -67.53 32.53 66.62
CA CYS W 68 -66.20 32.98 66.26
C CYS W 68 -66.27 34.34 65.59
N VAL W 69 -65.31 35.21 65.92
CA VAL W 69 -65.24 36.54 65.33
C VAL W 69 -64.26 36.48 64.16
N CYS W 70 -64.79 36.35 62.96
CA CYS W 70 -63.98 36.25 61.75
C CYS W 70 -63.58 37.64 61.26
N THR W 71 -62.49 37.68 60.50
CA THR W 71 -61.96 38.94 59.99
C THR W 71 -61.03 38.65 58.82
N LYS W 72 -61.02 39.56 57.85
CA LYS W 72 -60.11 39.45 56.72
C LYS W 72 -58.68 39.74 57.15
N PHE W 73 -57.74 39.16 56.40
CA PHE W 73 -56.32 39.42 56.62
C PHE W 73 -55.56 39.01 55.36
N PRO W 74 -55.53 39.86 54.33
CA PRO W 74 -55.00 39.43 53.03
C PRO W 74 -53.52 39.10 53.00
N GLU W 75 -52.80 39.15 54.12
CA GLU W 75 -51.37 38.88 54.11
C GLU W 75 -50.97 37.87 55.18
N LEU W 76 -51.79 36.83 55.37
CA LEU W 76 -51.45 35.82 56.38
C LEU W 76 -50.22 35.02 55.98
N SER W 77 -50.02 34.80 54.68
CA SER W 77 -48.89 34.00 54.22
C SER W 77 -47.55 34.59 54.64
N TYR W 78 -47.46 35.92 54.71
CA TYR W 78 -46.25 36.58 55.16
C TYR W 78 -46.10 36.57 56.68
N VAL W 79 -47.10 36.09 57.40
CA VAL W 79 -47.16 36.21 58.85
C VAL W 79 -46.61 34.94 59.45
N ALA W 80 -45.44 35.05 60.09
CA ALA W 80 -44.89 33.97 60.91
C ALA W 80 -45.62 33.98 62.25
N GLU W 81 -45.04 33.34 63.27
CA GLU W 81 -45.67 33.26 64.59
C GLU W 81 -46.27 34.58 65.02
N GLY W 82 -47.50 34.51 65.55
CA GLY W 82 -48.20 35.70 66.00
C GLY W 82 -48.94 35.43 67.29
N THR W 83 -48.95 36.40 68.20
CA THR W 83 -49.48 36.20 69.54
C THR W 83 -50.40 37.35 69.92
N ILE W 84 -51.10 37.14 71.04
CA ILE W 84 -51.94 38.17 71.67
C ILE W 84 -51.73 38.08 73.16
N GLN W 85 -51.77 39.24 73.83
CA GLN W 85 -51.52 39.32 75.26
C GLN W 85 -52.81 39.56 76.02
N PHE W 86 -52.86 39.08 77.27
CA PHE W 86 -53.95 39.36 78.18
C PHE W 86 -53.40 40.04 79.43
N GLU W 87 -53.78 41.29 79.65
CA GLU W 87 -53.64 41.90 80.95
C GLU W 87 -54.80 41.46 81.83
N VAL W 88 -54.51 41.25 83.11
CA VAL W 88 -55.53 40.86 84.08
C VAL W 88 -54.98 41.09 85.47
N GLN W 89 -55.83 41.59 86.36
CA GLN W 89 -55.44 41.95 87.71
C GLN W 89 -56.52 41.46 88.66
N GLN W 90 -56.10 40.79 89.74
CA GLN W 90 -57.01 40.12 90.64
C GLN W 90 -57.45 41.05 91.76
N PRO W 91 -58.54 40.72 92.46
CA PRO W 91 -58.90 41.48 93.66
C PRO W 91 -58.20 40.95 94.90
N MET W 92 -58.50 41.52 96.06
CA MET W 92 -57.90 41.09 97.31
C MET W 92 -58.72 41.63 98.46
N ILE W 93 -58.58 40.98 99.62
CA ILE W 93 -59.23 41.40 100.86
C ILE W 93 -58.20 41.39 101.97
N ALA W 94 -58.34 42.31 102.92
CA ALA W 94 -57.41 42.44 104.04
C ALA W 94 -57.99 41.71 105.24
N ARG W 95 -57.45 40.53 105.53
CA ARG W 95 -57.87 39.74 106.68
C ARG W 95 -57.25 40.33 107.94
N ASP W 96 -57.45 39.67 109.07
CA ASP W 96 -56.92 40.13 110.35
C ASP W 96 -56.48 38.92 111.15
N GLY W 97 -56.15 39.15 112.42
CA GLY W 97 -55.75 38.09 113.32
C GLY W 97 -54.46 37.41 112.92
N PRO W 98 -54.41 36.09 113.07
CA PRO W 98 -53.15 35.36 112.83
C PRO W 98 -52.70 35.39 111.37
N HIS W 99 -53.61 35.58 110.43
CA HIS W 99 -53.22 35.56 109.03
C HIS W 99 -52.48 36.84 108.66
N PRO W 100 -51.56 36.77 107.69
CA PRO W 100 -50.92 37.98 107.19
C PRO W 100 -51.69 38.59 106.03
N ALA W 101 -51.51 39.90 105.86
CA ALA W 101 -52.08 40.57 104.70
C ALA W 101 -51.39 40.08 103.43
N ASP W 102 -52.01 40.38 102.29
CA ASP W 102 -51.49 39.96 101.00
C ASP W 102 -51.60 41.11 100.02
N GLN W 103 -50.53 41.34 99.27
CA GLN W 103 -50.54 42.37 98.25
C GLN W 103 -51.45 41.95 97.10
N PRO W 104 -52.03 42.91 96.39
CA PRO W 104 -52.72 42.57 95.14
C PRO W 104 -51.71 41.99 94.15
N VAL W 105 -52.17 41.08 93.31
CA VAL W 105 -51.29 40.32 92.43
C VAL W 105 -51.61 40.65 90.98
N HIS W 106 -50.56 40.80 90.19
CA HIS W 106 -50.66 41.00 88.75
C HIS W 106 -50.07 39.82 88.01
N ASN W 107 -50.41 39.71 86.74
CA ASN W 107 -49.91 38.65 85.89
C ASN W 107 -50.21 38.90 84.42
N TYR W 108 -49.19 38.75 83.57
CA TYR W 108 -49.32 38.84 82.13
C TYR W 108 -49.32 37.44 81.54
N MET W 109 -49.57 37.37 80.23
CA MET W 109 -49.72 36.08 79.56
C MET W 109 -49.80 36.32 78.06
N ILE W 110 -49.48 35.28 77.30
CA ILE W 110 -49.50 35.34 75.84
C ILE W 110 -49.99 34.02 75.30
N LYS W 111 -50.72 34.07 74.18
CA LYS W 111 -51.17 32.90 73.46
C LYS W 111 -50.66 32.98 72.02
N ARG W 112 -50.18 31.86 71.51
CA ARG W 112 -49.66 31.79 70.15
C ARG W 112 -50.74 31.26 69.22
N LEU W 113 -50.74 31.76 67.98
CA LEU W 113 -51.75 31.38 67.01
C LEU W 113 -51.63 29.89 66.67
N ASP W 114 -52.67 29.39 66.00
CA ASP W 114 -52.65 28.06 65.39
C ASP W 114 -53.08 28.23 63.94
N ARG W 115 -52.35 27.59 63.03
CA ARG W 115 -52.47 27.86 61.61
C ARG W 115 -52.70 26.56 60.84
N ARG W 116 -53.61 26.62 59.87
CA ARG W 116 -54.00 25.45 59.08
C ARG W 116 -54.12 25.90 57.63
N SER W 117 -54.72 25.04 56.80
CA SER W 117 -54.89 25.35 55.38
C SER W 117 -55.94 24.43 54.79
N LEU W 118 -56.49 24.85 53.65
CA LEU W 118 -57.48 24.07 52.92
C LEU W 118 -56.98 23.83 51.50
N ASN W 119 -57.74 23.02 50.76
CA ASN W 119 -57.41 22.68 49.38
C ASN W 119 -58.60 21.98 48.74
N ALA W 120 -58.75 22.18 47.42
CA ALA W 120 -59.78 21.52 46.65
C ALA W 120 -59.42 21.62 45.17
N ALA W 121 -59.32 20.47 44.50
CA ALA W 121 -58.90 20.45 43.11
C ALA W 121 -60.07 20.73 42.18
N PHE W 122 -59.73 21.08 40.92
CA PHE W 122 -60.69 21.64 39.98
C PHE W 122 -60.47 21.11 38.55
N SER W 123 -59.82 19.95 38.39
CA SER W 123 -59.32 19.48 37.11
C SER W 123 -60.33 19.63 35.98
N ILE W 124 -59.83 20.04 34.80
CA ILE W 124 -60.62 20.16 33.59
C ILE W 124 -59.90 19.43 32.47
N ALA W 125 -60.63 19.19 31.38
CA ALA W 125 -60.16 18.32 30.30
C ALA W 125 -59.42 19.10 29.22
N VAL W 126 -58.73 18.35 28.35
CA VAL W 126 -57.94 18.95 27.29
C VAL W 126 -58.83 19.36 26.12
N GLU W 127 -59.89 18.59 25.85
CA GLU W 127 -60.80 18.93 24.77
C GLU W 127 -61.47 20.27 25.03
N ALA W 128 -61.97 20.47 26.24
CA ALA W 128 -62.53 21.76 26.61
C ALA W 128 -61.48 22.86 26.55
N LEU W 129 -60.25 22.56 26.97
CA LEU W 129 -59.19 23.57 26.90
C LEU W 129 -58.94 24.01 25.46
N GLY W 130 -58.97 23.07 24.52
CA GLY W 130 -58.77 23.41 23.13
C GLY W 130 -59.96 24.09 22.48
N LEU W 131 -61.17 23.79 22.95
CA LEU W 131 -62.37 24.37 22.37
C LEU W 131 -62.71 25.74 22.92
N ILE W 132 -62.39 26.01 24.19
CA ILE W 132 -62.71 27.31 24.79
C ILE W 132 -61.94 28.43 24.10
N SER W 133 -60.60 28.32 24.12
CA SER W 133 -59.77 29.37 23.51
C SER W 133 -59.99 29.45 22.01
N GLY W 134 -60.01 28.31 21.34
CA GLY W 134 -60.10 28.26 19.88
C GLY W 134 -58.95 27.54 19.22
N GLU W 135 -58.02 26.97 19.99
CA GLU W 135 -56.89 26.24 19.40
C GLU W 135 -57.36 25.01 18.64
N ASN W 136 -58.51 24.45 19.02
CA ASN W 136 -59.09 23.29 18.34
C ASN W 136 -60.44 23.62 17.72
N LEU W 137 -60.63 24.87 17.34
CA LEU W 137 -61.91 25.32 16.79
C LEU W 137 -62.12 24.73 15.39
N ASP W 138 -63.31 24.97 14.86
CA ASP W 138 -63.66 24.61 13.49
C ASP W 138 -64.67 25.62 12.96
N GLY W 139 -64.61 25.87 11.66
CA GLY W 139 -65.60 26.76 11.07
C GLY W 139 -66.78 25.98 10.54
N THR W 140 -67.82 25.85 11.36
CA THR W 140 -69.02 25.09 11.05
C THR W 140 -70.18 25.73 11.80
N HIS W 141 -71.30 25.01 11.89
CA HIS W 141 -72.33 25.29 12.87
C HIS W 141 -72.36 24.29 14.01
N ILE W 142 -71.59 23.20 13.90
CA ILE W 142 -71.53 22.19 14.95
C ILE W 142 -70.51 22.52 16.02
N SER W 143 -69.50 23.34 15.72
CA SER W 143 -68.44 23.62 16.68
C SER W 143 -68.97 24.42 17.86
N SER W 144 -69.56 25.59 17.59
CA SER W 144 -70.11 26.42 18.67
C SER W 144 -71.13 25.64 19.51
N ALA W 145 -71.87 24.74 18.86
CA ALA W 145 -72.81 23.89 19.60
C ALA W 145 -72.12 23.11 20.70
N MET W 146 -70.84 22.77 20.51
CA MET W 146 -70.07 22.09 21.54
C MET W 146 -69.28 23.04 22.42
N ARG W 147 -68.90 24.21 21.91
CA ARG W 147 -68.19 25.18 22.73
C ARG W 147 -69.08 25.69 23.86
N LEU W 148 -70.36 25.90 23.56
CA LEU W 148 -71.29 26.29 24.62
C LEU W 148 -71.37 25.22 25.70
N ARG W 149 -71.35 23.95 25.29
CA ARG W 149 -71.34 22.86 26.27
C ARG W 149 -70.07 22.88 27.11
N ALA W 150 -68.92 23.08 26.46
CA ALA W 150 -67.67 23.13 27.20
C ALA W 150 -67.68 24.23 28.25
N ILE W 151 -68.09 25.44 27.85
CA ILE W 151 -68.07 26.56 28.77
C ILE W 151 -69.12 26.38 29.87
N GLN W 152 -70.28 25.80 29.54
CA GLN W 152 -71.29 25.60 30.59
C GLN W 152 -70.79 24.57 31.60
N GLN W 153 -70.08 23.55 31.15
CA GLN W 153 -69.53 22.57 32.09
C GLN W 153 -68.46 23.20 32.96
N LEU W 154 -67.61 24.06 32.38
CA LEU W 154 -66.60 24.74 33.17
C LEU W 154 -67.24 25.62 34.25
N ALA W 155 -68.31 26.33 33.88
CA ALA W 155 -69.01 27.15 34.86
C ALA W 155 -69.63 26.29 35.96
N ARG W 156 -70.31 25.20 35.58
CA ARG W 156 -70.91 24.30 36.55
C ARG W 156 -69.87 23.60 37.42
N ASN W 157 -68.61 23.58 37.00
CA ASN W 157 -67.54 23.01 37.80
C ASN W 157 -66.93 24.03 38.77
N VAL W 158 -66.70 25.25 38.29
CA VAL W 158 -66.17 26.29 39.18
C VAL W 158 -67.21 26.66 40.23
N GLN W 159 -68.50 26.53 39.90
CA GLN W 159 -69.54 26.82 40.88
C GLN W 159 -69.46 25.88 42.07
N ALA W 160 -69.10 24.61 41.84
CA ALA W 160 -68.98 23.65 42.93
C ALA W 160 -67.63 23.71 43.62
N VAL W 161 -66.57 24.04 42.91
CA VAL W 161 -65.26 24.15 43.56
C VAL W 161 -65.21 25.36 44.47
N LEU W 162 -65.59 26.53 43.94
CA LEU W 162 -65.59 27.75 44.76
C LEU W 162 -66.57 27.65 45.92
N ASP W 163 -67.63 26.86 45.77
CA ASP W 163 -68.60 26.68 46.84
C ASP W 163 -67.96 26.06 48.08
N SER W 164 -67.13 25.03 47.87
CA SER W 164 -66.68 24.18 48.97
C SER W 164 -65.94 24.93 50.05
N PHE W 165 -65.50 26.16 49.80
CA PHE W 165 -64.79 26.97 50.79
C PHE W 165 -65.72 27.62 51.81
N GLU W 166 -67.03 27.37 51.72
CA GLU W 166 -67.98 27.80 52.75
C GLU W 166 -68.29 26.68 53.73
N ARG W 167 -68.75 25.54 53.21
CA ARG W 167 -68.84 24.35 54.03
C ARG W 167 -67.49 24.00 54.65
N GLY W 168 -66.40 24.37 53.98
CA GLY W 168 -65.08 24.09 54.51
C GLY W 168 -64.81 24.79 55.83
N THR W 169 -65.07 26.10 55.88
CA THR W 169 -64.89 26.81 57.13
C THR W 169 -65.95 26.40 58.15
N ALA W 170 -67.16 26.08 57.67
CA ALA W 170 -68.18 25.56 58.58
C ALA W 170 -67.71 24.27 59.26
N ASP W 171 -66.93 23.45 58.56
CA ASP W 171 -66.42 22.21 59.13
C ASP W 171 -65.21 22.46 60.02
N GLN W 172 -64.29 23.32 59.58
CA GLN W 172 -63.12 23.64 60.38
C GLN W 172 -63.52 24.26 61.72
N MET W 173 -64.63 24.99 61.76
CA MET W 173 -65.08 25.57 63.02
C MET W 173 -65.38 24.48 64.05
N LEU W 174 -66.15 23.46 63.65
CA LEU W 174 -66.40 22.34 64.54
C LEU W 174 -65.11 21.61 64.87
N ARG W 175 -64.23 21.42 63.87
CA ARG W 175 -62.99 20.70 64.09
C ARG W 175 -62.12 21.37 65.16
N VAL W 176 -62.15 22.70 65.22
CA VAL W 176 -61.34 23.38 66.23
C VAL W 176 -62.08 23.52 67.55
N LEU W 177 -63.39 23.74 67.53
CA LEU W 177 -64.13 23.84 68.78
C LEU W 177 -64.20 22.52 69.53
N MET W 178 -64.09 21.39 68.82
CA MET W 178 -64.22 20.10 69.50
C MET W 178 -63.02 19.82 70.40
N GLU W 179 -61.83 20.29 70.04
CA GLU W 179 -60.62 19.96 70.79
C GLU W 179 -60.41 20.85 72.01
N LYS W 180 -61.04 22.03 72.05
CA LYS W 180 -60.93 22.87 73.23
C LYS W 180 -61.72 22.30 74.40
N ALA W 181 -62.91 21.79 74.12
CA ALA W 181 -63.88 21.49 75.16
C ALA W 181 -63.43 20.30 75.99
N PRO W 182 -63.19 20.47 77.29
CA PRO W 182 -63.09 19.33 78.17
C PRO W 182 -64.47 18.81 78.50
N PRO W 183 -64.63 17.50 78.69
CA PRO W 183 -65.96 16.96 79.01
C PRO W 183 -66.49 17.56 80.30
N LEU W 184 -67.78 17.94 80.27
CA LEU W 184 -68.37 18.62 81.41
C LEU W 184 -68.30 17.77 82.67
N SER W 185 -68.39 16.45 82.53
CA SER W 185 -68.24 15.57 83.68
C SER W 185 -66.91 15.82 84.40
N LEU W 186 -65.85 16.03 83.64
CA LEU W 186 -64.52 16.31 84.18
C LEU W 186 -64.31 17.79 84.48
N LEU W 187 -65.36 18.60 84.44
CA LEU W 187 -65.18 20.03 84.67
C LEU W 187 -66.09 20.59 85.75
N ALA W 188 -67.31 20.09 85.86
CA ALA W 188 -68.26 20.60 86.86
C ALA W 188 -67.72 20.56 88.28
N PRO W 189 -67.15 19.45 88.79
CA PRO W 189 -66.63 19.48 90.16
C PRO W 189 -65.29 20.19 90.31
N PHE W 190 -64.52 20.31 89.23
CA PHE W 190 -63.21 20.95 89.33
C PHE W 190 -63.34 22.43 89.68
N THR W 191 -64.34 23.11 89.14
CA THR W 191 -64.53 24.53 89.37
C THR W 191 -65.20 24.82 90.71
N LEU W 192 -65.26 23.84 91.61
CA LEU W 192 -65.77 24.03 92.96
C LEU W 192 -64.69 23.88 94.02
N TYR W 193 -63.44 23.63 93.61
CA TYR W 193 -62.30 23.62 94.51
C TYR W 193 -61.30 24.72 94.18
N GLU W 194 -61.65 25.60 93.24
CA GLU W 194 -60.74 26.64 92.78
C GLU W 194 -60.21 27.48 93.93
N GLY W 195 -58.96 27.94 93.80
CA GLY W 195 -58.34 28.73 94.84
C GLY W 195 -57.84 27.91 96.01
N ARG W 196 -58.40 26.72 96.19
CA ARG W 196 -58.08 25.86 97.33
C ARG W 196 -57.07 24.76 96.99
N LEU W 197 -56.73 24.58 95.71
CA LEU W 197 -55.90 23.45 95.32
C LEU W 197 -54.41 23.73 95.55
N ALA W 198 -54.07 24.18 96.76
CA ALA W 198 -52.69 24.45 97.14
C ALA W 198 -52.07 23.28 97.90
N ASP W 199 -52.68 22.88 99.01
CA ASP W 199 -52.17 21.75 99.76
C ASP W 199 -52.50 20.44 99.06
N ARG W 200 -51.75 19.40 99.43
CA ARG W 200 -51.96 18.09 98.81
C ARG W 200 -53.30 17.48 99.20
N VAL W 201 -53.85 17.88 100.35
CA VAL W 201 -55.08 17.26 100.86
C VAL W 201 -56.26 17.58 99.96
N ALA W 202 -56.43 18.86 99.61
CA ALA W 202 -57.55 19.25 98.75
C ALA W 202 -57.35 18.75 97.33
N CYS W 203 -56.13 18.87 96.80
CA CYS W 203 -55.83 18.37 95.47
C CYS W 203 -56.01 16.86 95.37
N ALA W 204 -55.94 16.15 96.50
CA ALA W 204 -56.20 14.73 96.53
C ALA W 204 -57.68 14.41 96.71
N ALA W 205 -58.40 15.20 97.51
CA ALA W 205 -59.83 15.03 97.63
C ALA W 205 -60.57 15.36 96.34
N LEU W 206 -59.96 16.14 95.45
CA LEU W 206 -60.62 16.49 94.20
C LEU W 206 -60.75 15.29 93.27
N VAL W 207 -59.75 14.41 93.23
CA VAL W 207 -59.80 13.31 92.28
C VAL W 207 -60.78 12.23 92.71
N SER W 208 -60.97 12.05 94.02
CA SER W 208 -61.98 11.12 94.50
C SER W 208 -63.40 11.58 94.16
N GLU W 209 -63.59 12.86 93.87
CA GLU W 209 -64.84 13.37 93.34
C GLU W 209 -64.90 13.29 91.82
N LEU W 210 -63.79 13.57 91.14
CA LEU W 210 -63.74 13.40 89.70
C LEU W 210 -64.09 11.97 89.29
N LYS W 211 -63.54 10.99 90.01
CA LYS W 211 -63.82 9.59 89.70
C LYS W 211 -65.31 9.29 89.80
N ARG W 212 -65.90 9.55 90.97
CA ARG W 212 -67.32 9.29 91.17
C ARG W 212 -68.20 10.13 90.26
N ARG W 213 -67.68 11.21 89.70
CA ARG W 213 -68.42 11.95 88.69
C ARG W 213 -68.37 11.25 87.34
N VAL W 214 -67.22 10.64 87.01
CA VAL W 214 -67.06 9.98 85.72
C VAL W 214 -68.11 8.88 85.55
N ARG W 215 -68.12 7.91 86.46
CA ARG W 215 -69.00 6.75 86.32
C ARG W 215 -70.40 6.98 86.86
N ASP W 216 -70.82 8.22 87.03
CA ASP W 216 -72.21 8.46 87.38
C ASP W 216 -72.92 9.41 86.42
N ASP W 217 -72.27 10.50 86.04
CA ASP W 217 -72.90 11.57 85.27
C ASP W 217 -72.28 11.74 83.90
N THR W 218 -71.89 10.64 83.27
CA THR W 218 -71.29 10.69 81.95
C THR W 218 -72.29 10.46 80.83
N PHE W 219 -73.57 10.28 81.17
CA PHE W 219 -74.61 10.07 80.17
C PHE W 219 -75.93 10.52 80.77
N PHE W 220 -76.46 11.64 80.29
CA PHE W 220 -77.83 12.03 80.63
C PHE W 220 -78.75 11.68 79.47
N LEU W 221 -80.06 11.77 79.74
CA LEU W 221 -81.13 11.31 78.85
C LEU W 221 -80.96 9.86 78.42
N THR W 222 -80.06 9.11 79.07
CA THR W 222 -79.94 7.68 78.83
C THR W 222 -79.92 6.92 80.15
N LYS W 223 -79.33 7.52 81.18
CA LYS W 223 -79.31 6.91 82.50
C LYS W 223 -80.55 7.24 83.30
N HIS W 224 -81.25 8.31 82.95
CA HIS W 224 -82.60 8.60 83.44
C HIS W 224 -83.43 8.88 82.18
N GLU W 225 -83.91 7.82 81.56
CA GLU W 225 -84.60 7.92 80.28
C GLU W 225 -86.09 8.15 80.42
N ARG W 226 -86.54 8.57 81.60
CA ARG W 226 -87.94 8.90 81.84
C ARG W 226 -88.14 10.32 82.35
N ASN W 227 -87.27 10.79 83.25
CA ASN W 227 -87.48 12.06 83.90
C ASN W 227 -87.30 13.22 82.92
N LYS W 228 -87.67 14.42 83.38
CA LYS W 228 -87.54 15.64 82.61
C LYS W 228 -86.70 16.69 83.31
N ASP W 229 -86.82 16.80 84.64
CA ASP W 229 -86.08 17.83 85.37
C ASP W 229 -84.58 17.65 85.25
N ALA W 230 -84.09 16.41 85.39
CA ALA W 230 -82.65 16.16 85.41
C ALA W 230 -81.99 16.63 84.12
N VAL W 231 -82.66 16.47 82.98
CA VAL W 231 -82.10 16.91 81.72
C VAL W 231 -81.97 18.43 81.69
N LEU W 232 -82.99 19.13 82.18
CA LEU W 232 -82.93 20.59 82.19
C LEU W 232 -81.86 21.10 83.17
N ASP W 233 -81.71 20.42 84.31
CA ASP W 233 -80.66 20.80 85.24
C ASP W 233 -79.28 20.58 84.63
N ARG W 234 -79.10 19.45 83.95
CA ARG W 234 -77.84 19.19 83.27
C ARG W 234 -77.55 20.26 82.23
N LEU W 235 -78.57 20.65 81.47
CA LEU W 235 -78.36 21.67 80.44
C LEU W 235 -78.03 23.03 81.06
N SER W 236 -78.71 23.40 82.14
CA SER W 236 -78.38 24.65 82.82
C SER W 236 -76.95 24.64 83.34
N ASP W 237 -76.53 23.51 83.92
CA ASP W 237 -75.16 23.41 84.41
C ASP W 237 -74.16 23.50 83.26
N LEU W 238 -74.46 22.84 82.14
CA LEU W 238 -73.56 22.90 80.98
C LEU W 238 -73.42 24.32 80.46
N VAL W 239 -74.54 25.05 80.35
CA VAL W 239 -74.49 26.42 79.83
C VAL W 239 -73.96 27.41 80.85
N ASN W 240 -73.92 27.04 82.13
CA ASN W 240 -73.38 27.94 83.15
C ASN W 240 -71.92 27.69 83.49
N CYS W 241 -71.41 26.48 83.24
CA CYS W 241 -70.07 26.13 83.72
C CYS W 241 -68.97 26.89 83.00
N THR W 242 -69.24 27.42 81.81
CA THR W 242 -68.22 28.16 81.07
C THR W 242 -68.16 29.61 81.57
N ALA W 243 -67.18 30.34 81.06
CA ALA W 243 -66.95 31.72 81.46
C ALA W 243 -67.02 32.63 80.23
N PRO W 244 -67.74 33.75 80.30
CA PRO W 244 -67.87 34.61 79.13
C PRO W 244 -66.52 35.13 78.66
N SER W 245 -66.44 35.43 77.37
CA SER W 245 -65.19 35.83 76.74
C SER W 245 -65.11 37.35 76.65
N VAL W 246 -64.13 37.85 75.88
CA VAL W 246 -63.88 39.28 75.82
C VAL W 246 -65.11 40.02 75.28
N ALA W 247 -65.15 41.32 75.54
CA ALA W 247 -66.26 42.17 75.14
C ALA W 247 -65.89 42.87 73.83
N VAL W 248 -66.43 42.36 72.72
CA VAL W 248 -66.36 43.02 71.42
C VAL W 248 -67.73 43.55 71.08
N ALA W 249 -67.79 44.77 70.56
CA ALA W 249 -69.04 45.47 70.31
C ALA W 249 -69.43 45.45 68.83
N ARG W 250 -69.08 44.39 68.11
CA ARG W 250 -69.34 44.31 66.68
C ARG W 250 -70.27 43.17 66.29
N MET W 251 -70.56 42.24 67.19
CA MET W 251 -71.37 41.07 66.83
C MET W 251 -72.86 41.41 66.79
N THR W 252 -73.42 41.80 67.93
CA THR W 252 -74.83 42.18 68.04
C THR W 252 -75.75 41.11 67.47
N HIS W 253 -75.37 39.84 67.61
CA HIS W 253 -76.26 38.75 67.22
C HIS W 253 -77.45 38.77 68.16
N ALA W 254 -78.59 39.25 67.66
CA ALA W 254 -79.73 39.51 68.50
C ALA W 254 -81.00 39.00 67.83
N ASP W 255 -81.99 38.69 68.66
CA ASP W 255 -83.30 38.31 68.15
C ASP W 255 -83.94 39.48 67.40
N THR W 256 -84.93 39.14 66.56
CA THR W 256 -85.68 40.16 65.84
C THR W 256 -86.37 41.15 66.76
N GLN W 257 -86.45 40.88 68.06
CA GLN W 257 -87.16 41.75 68.99
C GLN W 257 -86.27 42.32 70.08
N GLY W 258 -85.48 41.49 70.77
CA GLY W 258 -84.86 41.94 72.00
C GLY W 258 -83.39 41.64 72.23
N ARG W 259 -83.09 41.02 73.37
CA ARG W 259 -81.74 40.94 73.89
C ARG W 259 -80.85 40.07 73.02
N PRO W 260 -79.53 40.18 73.18
CA PRO W 260 -78.60 39.43 72.33
C PRO W 260 -78.33 38.03 72.84
N VAL W 261 -78.01 37.15 71.89
CA VAL W 261 -77.72 35.75 72.20
C VAL W 261 -76.32 35.64 72.78
N ASP W 262 -76.08 34.58 73.54
CA ASP W 262 -74.80 34.34 74.19
C ASP W 262 -73.96 33.27 73.51
N GLY W 263 -74.54 32.11 73.21
CA GLY W 263 -73.77 31.03 72.62
C GLY W 263 -74.48 30.25 71.54
N VAL W 264 -74.09 29.00 71.36
CA VAL W 264 -74.68 28.11 70.36
C VAL W 264 -74.69 26.68 70.92
N LEU W 265 -75.75 25.95 70.62
CA LEU W 265 -75.90 24.56 71.05
C LEU W 265 -75.88 23.69 69.79
N VAL W 266 -74.69 23.29 69.38
CA VAL W 266 -74.53 22.45 68.19
C VAL W 266 -74.57 20.99 68.61
N THR W 267 -75.27 20.18 67.83
CA THR W 267 -75.45 18.77 68.14
C THR W 267 -75.92 18.04 66.89
N THR W 268 -76.01 16.72 67.00
CA THR W 268 -76.59 15.92 65.94
C THR W 268 -78.10 16.11 65.89
N ALA W 269 -78.70 15.64 64.81
CA ALA W 269 -80.14 15.82 64.64
C ALA W 269 -80.95 14.89 65.55
N GLY W 270 -80.43 13.71 65.85
CA GLY W 270 -81.15 12.78 66.70
C GLY W 270 -81.41 13.32 68.09
N VAL W 271 -80.45 14.03 68.65
CA VAL W 271 -80.63 14.63 69.98
C VAL W 271 -81.57 15.83 69.89
N ARG W 272 -81.39 16.65 68.86
CA ARG W 272 -82.28 17.80 68.65
C ARG W 272 -83.74 17.36 68.53
N GLN W 273 -83.97 16.17 67.96
CA GLN W 273 -85.34 15.68 67.83
C GLN W 273 -85.99 15.50 69.20
N ARG W 274 -85.24 14.99 70.17
CA ARG W 274 -85.78 14.88 71.53
C ARG W 274 -85.87 16.25 72.19
N LEU W 275 -84.85 17.09 72.01
CA LEU W 275 -84.79 18.36 72.73
C LEU W 275 -85.96 19.26 72.33
N LEU W 276 -86.23 19.38 71.04
CA LEU W 276 -87.30 20.25 70.56
C LEU W 276 -88.68 19.63 70.70
N HIS W 277 -88.82 18.53 71.44
CA HIS W 277 -90.12 17.87 71.52
C HIS W 277 -90.57 17.64 72.96
N HIS W 278 -89.62 17.50 73.90
CA HIS W 278 -90.01 17.13 75.25
C HIS W 278 -89.38 17.94 76.37
N VAL W 279 -88.29 18.67 76.15
CA VAL W 279 -87.64 19.34 77.27
C VAL W 279 -87.48 20.84 77.00
N LEU W 280 -87.38 21.21 75.73
CA LEU W 280 -87.12 22.59 75.35
C LEU W 280 -88.37 23.22 74.73
N THR W 281 -88.36 24.55 74.71
CA THR W 281 -89.43 25.34 74.09
C THR W 281 -88.80 26.39 73.20
N LEU W 282 -89.08 26.31 71.90
CA LEU W 282 -88.55 27.26 70.95
C LEU W 282 -89.08 28.65 71.26
N ALA W 283 -88.19 29.62 71.39
CA ALA W 283 -88.59 30.99 71.69
C ALA W 283 -88.97 31.75 70.42
N ASP W 284 -88.05 31.87 69.49
CA ASP W 284 -88.24 32.67 68.28
C ASP W 284 -87.75 31.89 67.07
N THR W 285 -88.14 32.38 65.88
CA THR W 285 -87.86 31.68 64.64
C THR W 285 -86.99 32.50 63.69
N HIS W 286 -86.44 33.61 64.13
CA HIS W 286 -85.59 34.44 63.27
C HIS W 286 -84.57 35.17 64.10
N ALA W 287 -83.39 35.37 63.52
CA ALA W 287 -82.30 36.10 64.16
C ALA W 287 -81.98 37.33 63.31
N ASP W 288 -81.00 38.10 63.79
CA ASP W 288 -80.55 39.32 63.11
C ASP W 288 -79.03 39.37 63.25
N VAL W 289 -78.34 38.83 62.26
CA VAL W 289 -76.89 38.61 62.35
C VAL W 289 -76.16 39.63 61.48
N PRO W 290 -74.89 39.93 61.78
CA PRO W 290 -74.11 40.80 60.90
C PRO W 290 -73.88 40.16 59.54
N VAL W 291 -73.52 40.99 58.58
CA VAL W 291 -73.44 40.55 57.18
C VAL W 291 -72.11 40.92 56.57
N THR W 292 -71.09 41.14 57.39
CA THR W 292 -69.79 41.57 56.90
C THR W 292 -68.67 40.83 57.63
N TYR W 293 -67.50 40.86 57.02
CA TYR W 293 -66.27 40.44 57.67
C TYR W 293 -65.60 41.67 58.29
N GLY W 294 -64.51 41.44 59.01
CA GLY W 294 -63.69 42.51 59.55
C GLY W 294 -62.43 42.64 58.72
N GLU W 295 -62.01 43.88 58.47
CA GLU W 295 -60.84 44.16 57.65
C GLU W 295 -59.69 44.63 58.51
N MET W 296 -58.54 43.99 58.35
CA MET W 296 -57.31 44.40 59.02
C MET W 296 -56.17 44.30 58.04
N VAL W 297 -55.48 45.41 57.79
CA VAL W 297 -54.36 45.46 56.86
C VAL W 297 -53.19 46.16 57.53
N ILE W 298 -52.05 46.14 56.84
CA ILE W 298 -50.83 46.79 57.31
C ILE W 298 -50.48 47.89 56.31
N ALA W 299 -50.50 49.13 56.76
CA ALA W 299 -50.28 50.26 55.85
C ALA W 299 -49.94 51.52 56.64
N ASN W 300 -48.87 52.18 56.19
CA ASN W 300 -48.52 53.58 56.46
C ASN W 300 -48.09 53.84 57.90
N THR W 301 -48.31 52.90 58.79
CA THR W 301 -47.51 52.85 60.01
C THR W 301 -47.01 51.46 60.30
N ASN W 302 -47.83 50.43 60.04
CA ASN W 302 -47.36 49.05 60.15
C ASN W 302 -46.53 48.66 58.94
N LEU W 303 -46.62 49.42 57.86
CA LEU W 303 -45.91 49.07 56.63
C LEU W 303 -44.40 49.19 56.81
N VAL W 304 -43.94 50.41 57.09
CA VAL W 304 -42.51 50.62 57.36
C VAL W 304 -42.05 49.73 58.51
N THR W 305 -42.94 49.52 59.47
CA THR W 305 -42.62 48.69 60.63
C THR W 305 -42.27 47.27 60.20
N ALA W 306 -43.20 46.60 59.52
CA ALA W 306 -42.96 45.22 59.08
C ALA W 306 -41.83 45.15 58.07
N LEU W 307 -41.59 46.23 57.33
CA LEU W 307 -40.55 46.16 56.31
C LEU W 307 -39.14 46.26 56.89
N VAL W 308 -38.87 47.25 57.74
CA VAL W 308 -37.50 47.40 58.24
C VAL W 308 -37.30 46.59 59.51
N MET W 309 -38.29 46.57 60.40
CA MET W 309 -38.10 45.94 61.71
C MET W 309 -38.25 44.44 61.63
N GLY W 310 -39.44 43.96 61.26
CA GLY W 310 -39.71 42.54 61.23
C GLY W 310 -40.97 42.15 61.97
N LYS W 311 -41.51 43.06 62.78
CA LYS W 311 -42.75 42.84 63.50
C LYS W 311 -43.72 43.97 63.21
N ALA W 312 -44.98 43.74 63.55
CA ALA W 312 -46.03 44.73 63.35
C ALA W 312 -47.16 44.47 64.33
N VAL W 313 -47.58 45.50 65.05
CA VAL W 313 -48.63 45.38 66.05
C VAL W 313 -49.96 45.74 65.39
N SER W 314 -51.05 45.24 65.97
CA SER W 314 -52.36 45.34 65.33
C SER W 314 -52.88 46.77 65.33
N ASN W 315 -53.10 47.34 66.52
CA ASN W 315 -53.69 48.67 66.65
C ASN W 315 -52.59 49.72 66.81
N MET W 316 -51.79 49.85 65.76
CA MET W 316 -50.64 50.75 65.82
C MET W 316 -51.04 52.22 65.76
N ASP W 317 -52.08 52.54 64.98
CA ASP W 317 -52.48 53.95 64.86
C ASP W 317 -52.91 54.51 66.21
N ASP W 318 -53.60 53.72 67.02
CA ASP W 318 -54.08 54.22 68.31
C ASP W 318 -52.92 54.49 69.26
N VAL W 319 -52.01 53.54 69.40
CA VAL W 319 -50.87 53.74 70.30
C VAL W 319 -49.98 54.87 69.80
N ALA W 320 -49.91 55.06 68.49
CA ALA W 320 -49.12 56.17 67.95
C ALA W 320 -49.77 57.51 68.28
N ARG W 321 -51.05 57.66 67.98
CA ARG W 321 -51.76 58.89 68.30
C ARG W 321 -51.80 59.15 69.80
N TYR W 322 -51.65 58.10 70.61
CA TYR W 322 -51.69 58.30 72.06
C TYR W 322 -50.33 58.70 72.62
N LEU W 323 -49.26 58.01 72.23
CA LEU W 323 -47.94 58.32 72.76
C LEU W 323 -47.57 59.78 72.48
N LEU W 324 -47.45 60.13 71.20
CA LEU W 324 -47.33 61.51 70.77
C LEU W 324 -48.72 62.01 70.40
N GLY W 325 -49.10 63.16 70.97
CA GLY W 325 -50.47 63.65 70.83
C GLY W 325 -50.91 63.92 69.41
N GLY W 326 -49.98 63.90 68.45
CA GLY W 326 -50.31 64.11 67.05
C GLY W 326 -50.90 65.48 66.76
N GLY W 337 -75.52 48.26 60.08
CA GLY W 337 -76.65 47.52 59.53
C GLY W 337 -76.41 46.03 59.44
N SER W 338 -77.47 45.25 59.58
CA SER W 338 -77.40 43.80 59.53
C SER W 338 -78.56 43.28 58.69
N ALA W 339 -78.76 41.97 58.71
CA ALA W 339 -79.87 41.35 57.99
C ALA W 339 -80.46 40.24 58.85
N ARG W 340 -81.66 39.81 58.47
CA ARG W 340 -82.45 38.88 59.26
C ARG W 340 -82.50 37.53 58.57
N VAL W 341 -82.25 36.47 59.34
CA VAL W 341 -82.35 35.09 58.86
C VAL W 341 -83.02 34.27 59.95
N ARG W 342 -83.58 33.14 59.55
CA ARG W 342 -84.26 32.27 60.49
C ARG W 342 -83.25 31.42 61.26
N ALA W 343 -83.62 31.09 62.49
CA ALA W 343 -82.81 30.23 63.35
C ALA W 343 -83.72 29.71 64.45
N ASP W 344 -83.13 29.01 65.42
CA ASP W 344 -83.88 28.34 66.49
C ASP W 344 -83.36 28.86 67.83
N LEU W 345 -83.97 29.94 68.31
CA LEU W 345 -83.56 30.55 69.56
C LEU W 345 -84.24 29.85 70.72
N VAL W 346 -83.44 29.35 71.67
CA VAL W 346 -83.94 28.64 72.83
C VAL W 346 -83.44 29.34 74.09
N VAL W 347 -84.17 29.17 75.18
CA VAL W 347 -83.82 29.74 76.46
C VAL W 347 -83.45 28.60 77.41
N VAL W 348 -82.25 28.66 77.96
CA VAL W 348 -81.75 27.63 78.86
C VAL W 348 -81.23 28.30 80.13
N GLY W 349 -81.52 27.68 81.27
CA GLY W 349 -81.15 28.25 82.55
C GLY W 349 -81.77 29.61 82.74
N ASP W 350 -80.95 30.66 82.65
CA ASP W 350 -81.45 32.02 82.55
C ASP W 350 -80.91 32.71 81.30
N ARG W 351 -80.38 31.93 80.36
CA ARG W 351 -79.62 32.44 79.23
C ARG W 351 -80.34 32.12 77.93
N LEU W 352 -80.03 32.90 76.91
CA LEU W 352 -80.56 32.69 75.56
C LEU W 352 -79.42 32.17 74.69
N VAL W 353 -79.72 31.20 73.82
CA VAL W 353 -78.71 30.48 73.09
C VAL W 353 -79.30 29.99 71.77
N PHE W 354 -78.47 29.96 70.73
CA PHE W 354 -78.86 29.36 69.46
C PHE W 354 -79.04 27.86 69.62
N LEU W 355 -79.53 27.19 68.57
CA LEU W 355 -79.61 25.73 68.55
C LEU W 355 -79.67 25.30 67.10
N GLU W 356 -78.68 24.55 66.65
CA GLU W 356 -78.61 24.17 65.25
C GLU W 356 -77.89 22.83 65.10
N ALA W 357 -78.42 21.98 64.23
CA ALA W 357 -77.79 20.73 63.85
C ALA W 357 -77.33 20.84 62.40
N LEU W 358 -76.03 20.66 62.19
CA LEU W 358 -75.43 20.90 60.88
C LEU W 358 -75.27 19.61 60.08
N GLU W 359 -76.24 18.70 60.20
CA GLU W 359 -76.26 17.47 59.41
C GLU W 359 -77.06 17.59 58.13
N LYS W 360 -77.84 18.66 57.96
CA LYS W 360 -78.68 18.84 56.79
C LYS W 360 -78.11 19.88 55.82
N ARG W 361 -77.85 21.09 56.31
CA ARG W 361 -77.29 22.13 55.44
C ARG W 361 -75.90 21.75 54.95
N VAL W 362 -75.07 21.21 55.85
CA VAL W 362 -73.72 20.78 55.50
C VAL W 362 -73.63 19.29 55.75
N TYR W 363 -72.61 18.66 55.14
CA TYR W 363 -72.28 17.25 55.25
C TYR W 363 -73.29 16.34 54.57
N GLN W 364 -74.38 16.88 54.04
CA GLN W 364 -75.43 16.04 53.47
C GLN W 364 -74.98 15.48 52.14
N ALA W 365 -75.05 14.15 52.01
CA ALA W 365 -74.74 13.45 50.76
C ALA W 365 -73.30 13.66 50.32
N THR W 366 -72.39 13.87 51.27
CA THR W 366 -70.97 13.90 50.98
C THR W 366 -70.27 12.88 51.87
N GLN W 367 -69.03 12.55 51.49
CA GLN W 367 -68.36 11.38 52.05
C GLN W 367 -67.67 11.67 53.38
N VAL W 368 -67.42 12.93 53.71
CA VAL W 368 -66.75 13.24 54.98
C VAL W 368 -67.70 12.97 56.13
N PRO W 369 -67.27 12.27 57.17
CA PRO W 369 -68.16 11.95 58.29
C PRO W 369 -68.50 13.17 59.12
N TYR W 370 -69.41 12.98 60.06
CA TYR W 370 -69.73 14.06 60.98
C TYR W 370 -68.71 14.09 62.11
N PRO W 371 -68.28 15.29 62.53
CA PRO W 371 -67.21 15.35 63.54
C PRO W 371 -67.72 15.27 64.98
N LEU W 372 -68.99 15.61 65.19
CA LEU W 372 -69.50 15.70 66.55
C LEU W 372 -69.71 14.34 67.20
N VAL W 373 -69.77 13.27 66.42
CA VAL W 373 -69.95 11.92 66.97
C VAL W 373 -68.56 11.45 67.38
N GLY W 374 -68.15 11.84 68.58
CA GLY W 374 -66.84 11.52 69.09
C GLY W 374 -66.69 10.06 69.46
N ASN W 375 -65.64 9.72 70.21
CA ASN W 375 -65.37 8.35 70.58
C ASN W 375 -64.96 8.29 72.04
N LEU W 376 -65.76 7.61 72.85
CA LEU W 376 -65.37 7.31 74.22
C LEU W 376 -64.25 6.26 74.22
N ASP W 377 -63.76 5.92 75.40
CA ASP W 377 -62.71 4.93 75.52
C ASP W 377 -62.70 4.41 76.95
N VAL W 378 -62.82 3.09 77.11
CA VAL W 378 -62.72 2.43 78.40
C VAL W 378 -61.90 1.17 78.21
N THR W 379 -61.08 0.85 79.22
CA THR W 379 -60.25 -0.35 79.20
C THR W 379 -60.65 -1.23 80.38
N PHE W 380 -61.30 -2.35 80.08
CA PHE W 380 -61.81 -3.25 81.11
C PHE W 380 -60.66 -4.05 81.74
N VAL W 381 -60.99 -4.85 82.74
CA VAL W 381 -60.02 -5.70 83.44
C VAL W 381 -60.79 -6.74 84.23
N MET W 382 -60.24 -7.95 84.30
CA MET W 382 -60.89 -9.02 85.08
C MET W 382 -59.87 -10.06 85.47
N PRO W 383 -60.00 -10.67 86.64
CA PRO W 383 -59.07 -11.73 87.04
C PRO W 383 -59.50 -13.08 86.51
N LEU W 384 -58.50 -13.91 86.20
CA LEU W 384 -58.75 -15.19 85.56
C LEU W 384 -58.86 -16.34 86.55
N GLY W 385 -57.80 -16.63 87.31
CA GLY W 385 -57.79 -17.82 88.12
C GLY W 385 -57.48 -17.59 89.58
N VAL W 386 -57.93 -16.46 90.12
CA VAL W 386 -57.68 -16.17 91.53
C VAL W 386 -58.42 -17.19 92.40
N PHE W 387 -57.96 -17.31 93.64
CA PHE W 387 -58.52 -18.28 94.57
C PHE W 387 -58.71 -17.61 95.92
N LYS W 388 -59.95 -17.57 96.39
CA LYS W 388 -60.27 -16.98 97.68
C LYS W 388 -59.69 -17.83 98.81
N PRO W 389 -59.54 -17.25 100.00
CA PRO W 389 -59.09 -18.04 101.15
C PRO W 389 -60.18 -18.97 101.66
N ALA W 390 -59.90 -19.69 102.75
CA ALA W 390 -60.88 -20.61 103.32
C ALA W 390 -61.92 -19.91 104.17
N ALA W 391 -61.87 -18.58 104.27
CA ALA W 391 -62.82 -17.85 105.10
C ALA W 391 -64.06 -17.39 104.36
N ASP W 392 -64.07 -17.46 103.03
CA ASP W 392 -65.16 -16.92 102.23
C ASP W 392 -65.74 -17.92 101.26
N ARG W 393 -65.50 -19.22 101.47
CA ARG W 393 -66.12 -20.26 100.66
C ARG W 393 -67.45 -20.64 101.31
N TYR W 394 -68.45 -19.80 101.05
CA TYR W 394 -69.76 -19.92 101.71
C TYR W 394 -70.86 -19.66 100.68
N ALA W 395 -71.92 -20.44 100.78
CA ALA W 395 -73.14 -20.22 100.00
C ALA W 395 -74.19 -19.61 100.92
N ARG W 396 -74.67 -18.42 100.58
CA ARG W 396 -75.52 -17.68 101.51
C ARG W 396 -76.87 -18.35 101.73
N HIS W 397 -77.34 -19.15 100.78
CA HIS W 397 -78.48 -20.03 101.00
C HIS W 397 -78.00 -21.47 101.08
N ALA W 398 -78.49 -22.20 102.08
CA ALA W 398 -78.20 -23.62 102.15
C ALA W 398 -78.63 -24.33 100.87
N GLY W 399 -79.68 -23.83 100.22
CA GLY W 399 -80.01 -24.27 98.89
C GLY W 399 -78.96 -23.78 97.91
N SER W 400 -78.11 -24.71 97.46
CA SER W 400 -76.98 -24.38 96.63
C SER W 400 -77.30 -24.73 95.18
N PHE W 401 -76.28 -24.63 94.32
CA PHE W 401 -76.35 -25.22 92.97
C PHE W 401 -76.06 -26.72 93.12
N ALA W 402 -77.02 -27.42 93.70
CA ALA W 402 -76.82 -28.80 94.12
C ALA W 402 -76.33 -29.64 92.95
N PRO W 403 -75.27 -30.42 93.14
CA PRO W 403 -74.74 -31.24 92.04
C PRO W 403 -75.70 -32.36 91.69
N THR W 404 -75.41 -33.02 90.58
CA THR W 404 -76.15 -34.22 90.23
C THR W 404 -75.85 -35.30 91.26
N PRO W 405 -76.86 -35.80 91.99
CA PRO W 405 -76.58 -36.81 93.02
C PRO W 405 -75.89 -38.03 92.43
N GLY W 406 -74.92 -38.54 93.17
CA GLY W 406 -74.07 -39.60 92.69
C GLY W 406 -72.78 -39.17 92.04
N LEU W 407 -72.37 -37.92 92.22
CA LEU W 407 -71.16 -37.38 91.62
C LEU W 407 -70.66 -36.24 92.49
N PRO W 408 -69.35 -35.97 92.50
CA PRO W 408 -68.85 -34.83 93.27
C PRO W 408 -69.24 -33.51 92.62
N ASP W 409 -69.11 -32.45 93.40
CA ASP W 409 -69.52 -31.15 92.87
C ASP W 409 -68.36 -30.44 92.20
N PRO W 410 -68.58 -29.84 91.05
CA PRO W 410 -67.51 -29.11 90.35
C PRO W 410 -67.28 -27.72 90.91
N ARG W 411 -67.79 -27.45 92.11
CA ARG W 411 -67.75 -26.11 92.67
C ARG W 411 -66.66 -25.91 93.71
N THR W 412 -66.33 -26.94 94.49
CA THR W 412 -65.26 -26.80 95.47
C THR W 412 -63.92 -26.55 94.81
N HIS W 413 -63.84 -26.71 93.51
CA HIS W 413 -62.58 -26.68 92.81
C HIS W 413 -62.13 -25.25 92.51
N PRO W 414 -60.83 -25.04 92.36
CA PRO W 414 -60.34 -23.74 91.95
C PRO W 414 -60.77 -23.48 90.52
N PRO W 415 -61.43 -22.36 90.27
CA PRO W 415 -61.96 -22.10 88.93
C PRO W 415 -60.85 -21.93 87.92
N ARG W 416 -61.13 -22.34 86.68
CA ARG W 416 -60.13 -22.28 85.63
C ARG W 416 -60.64 -21.59 84.38
N ALA W 417 -61.56 -20.64 84.54
CA ALA W 417 -62.04 -19.87 83.40
C ALA W 417 -62.71 -18.61 83.92
N VAL W 418 -63.21 -17.81 82.99
CA VAL W 418 -64.11 -16.69 83.27
C VAL W 418 -65.25 -16.76 82.28
N HIS W 419 -66.23 -15.89 82.50
CA HIS W 419 -67.38 -15.77 81.60
C HIS W 419 -67.88 -14.34 81.67
N PHE W 420 -68.20 -13.78 80.52
CA PHE W 420 -68.71 -12.42 80.44
C PHE W 420 -69.63 -12.34 79.22
N PHE W 421 -70.05 -11.13 78.89
CA PHE W 421 -70.98 -10.90 77.79
C PHE W 421 -70.30 -10.12 76.68
N ASN W 422 -70.57 -10.52 75.44
CA ASN W 422 -70.01 -9.87 74.27
C ASN W 422 -70.82 -8.61 73.96
N LYS W 423 -70.57 -8.00 72.80
CA LYS W 423 -71.30 -6.79 72.42
C LYS W 423 -72.78 -7.08 72.23
N ASP W 424 -73.11 -8.00 71.31
CA ASP W 424 -74.50 -8.39 71.10
C ASP W 424 -75.12 -9.00 72.35
N GLY W 425 -74.29 -9.56 73.23
CA GLY W 425 -74.78 -10.22 74.43
C GLY W 425 -74.48 -11.70 74.49
N VAL W 426 -73.84 -12.27 73.47
CA VAL W 426 -73.59 -13.72 73.45
C VAL W 426 -72.58 -14.07 74.53
N PRO W 427 -72.78 -15.16 75.26
CA PRO W 427 -71.79 -15.58 76.27
C PRO W 427 -70.50 -16.05 75.62
N CYS W 428 -69.44 -15.28 75.80
CA CYS W 428 -68.15 -15.49 75.15
C CYS W 428 -67.05 -15.49 76.20
N HIS W 429 -66.41 -16.64 76.38
CA HIS W 429 -65.55 -16.85 77.55
C HIS W 429 -64.08 -16.93 77.17
N VAL W 430 -63.23 -16.56 78.13
CA VAL W 430 -61.78 -16.66 78.01
C VAL W 430 -61.30 -17.68 79.03
N THR W 431 -60.27 -18.43 78.67
CA THR W 431 -59.71 -19.44 79.56
C THR W 431 -58.20 -19.49 79.37
N PHE W 432 -57.56 -20.36 80.16
CA PHE W 432 -56.09 -20.40 80.19
C PHE W 432 -55.48 -20.63 78.82
N GLU W 433 -56.07 -21.55 78.05
CA GLU W 433 -55.45 -21.97 76.79
C GLU W 433 -55.14 -20.78 75.88
N HIS W 434 -55.88 -19.68 76.01
CA HIS W 434 -55.58 -18.49 75.25
C HIS W 434 -54.33 -17.77 75.76
N ALA W 435 -53.81 -18.15 76.93
CA ALA W 435 -52.61 -17.49 77.44
C ALA W 435 -51.32 -18.07 76.86
N MET W 436 -51.41 -19.24 76.20
CA MET W 436 -50.23 -19.84 75.59
C MET W 436 -49.53 -18.87 74.66
N GLY W 437 -50.29 -18.04 73.95
CA GLY W 437 -49.71 -17.03 73.08
C GLY W 437 -48.82 -16.03 73.79
N THR W 438 -48.82 -16.03 75.13
CA THR W 438 -47.95 -15.17 75.91
C THR W 438 -46.98 -15.95 76.78
N LEU W 439 -47.47 -16.87 77.60
CA LEU W 439 -46.63 -17.59 78.55
C LEU W 439 -45.81 -18.70 77.92
N CYS W 440 -45.89 -18.88 76.59
CA CYS W 440 -45.06 -19.83 75.88
C CYS W 440 -44.29 -19.05 74.82
N HIS W 441 -43.19 -18.45 75.23
CA HIS W 441 -42.35 -17.63 74.35
C HIS W 441 -41.03 -17.38 75.06
N PRO W 442 -39.89 -17.59 74.38
CA PRO W 442 -38.59 -17.39 75.03
C PRO W 442 -38.42 -16.07 75.77
N SER W 443 -39.28 -15.08 75.48
CA SER W 443 -39.34 -13.87 76.29
C SER W 443 -39.63 -14.20 77.74
N PHE W 444 -40.35 -15.30 77.99
CA PHE W 444 -40.59 -15.79 79.35
C PHE W 444 -39.30 -16.15 80.08
N LEU W 445 -38.18 -16.25 79.37
CA LEU W 445 -36.88 -16.58 79.94
C LEU W 445 -35.89 -15.45 79.71
N ASP W 446 -36.33 -14.20 79.91
CA ASP W 446 -35.50 -13.02 79.69
C ASP W 446 -35.11 -12.44 81.03
N VAL W 447 -33.88 -12.72 81.47
CA VAL W 447 -33.39 -12.21 82.75
C VAL W 447 -32.06 -11.50 82.53
N ASP W 448 -31.82 -11.05 81.31
CA ASP W 448 -30.64 -10.25 81.03
C ASP W 448 -30.66 -8.95 81.82
N ALA W 449 -31.67 -8.12 81.58
CA ALA W 449 -31.72 -6.80 82.19
C ALA W 449 -31.84 -6.87 83.70
N THR W 450 -32.56 -7.87 84.21
CA THR W 450 -32.70 -8.02 85.66
C THR W 450 -31.34 -8.20 86.31
N LEU W 451 -30.57 -9.18 85.84
CA LEU W 451 -29.24 -9.40 86.39
C LEU W 451 -28.34 -8.19 86.15
N ALA W 452 -28.43 -7.58 84.97
CA ALA W 452 -27.55 -6.46 84.65
C ALA W 452 -27.77 -5.29 85.59
N ALA W 453 -29.03 -4.95 85.86
CA ALA W 453 -29.35 -3.80 86.69
C ALA W 453 -29.24 -4.10 88.18
N LEU W 454 -29.54 -5.34 88.61
CA LEU W 454 -29.50 -5.66 90.02
C LEU W 454 -28.10 -5.83 90.57
N ARG W 455 -27.06 -5.55 89.78
CA ARG W 455 -25.68 -5.63 90.25
C ARG W 455 -25.07 -4.25 90.53
N GLN W 456 -25.88 -3.20 90.56
CA GLN W 456 -25.34 -1.86 90.75
C GLN W 456 -24.96 -1.63 92.21
N GLU W 457 -25.93 -1.75 93.11
CA GLU W 457 -25.60 -1.81 94.53
C GLU W 457 -24.75 -3.05 94.75
N PRO W 458 -23.52 -2.92 95.26
CA PRO W 458 -22.55 -4.03 95.13
C PRO W 458 -23.00 -5.35 95.73
N ALA W 459 -23.18 -5.40 97.05
CA ALA W 459 -23.64 -6.60 97.73
C ALA W 459 -23.72 -6.31 99.23
N GLU W 460 -24.44 -7.18 99.94
CA GLU W 460 -24.39 -7.27 101.40
C GLU W 460 -24.63 -8.73 101.74
N VAL W 461 -23.55 -9.49 101.92
CA VAL W 461 -23.67 -10.93 102.09
C VAL W 461 -24.07 -11.25 103.53
N GLN W 462 -25.38 -11.36 103.75
CA GLN W 462 -25.93 -11.62 105.08
C GLN W 462 -25.47 -12.98 105.61
N CYS W 463 -25.88 -14.05 104.94
CA CYS W 463 -25.49 -15.41 105.30
C CYS W 463 -25.22 -16.18 104.01
N ALA W 464 -24.10 -16.88 103.97
CA ALA W 464 -23.63 -17.54 102.76
C ALA W 464 -24.06 -19.01 102.67
N PHE W 465 -24.96 -19.45 103.55
CA PHE W 465 -25.24 -20.88 103.66
C PHE W 465 -26.06 -21.40 102.49
N GLY W 466 -27.27 -20.86 102.32
CA GLY W 466 -28.23 -21.43 101.40
C GLY W 466 -27.88 -21.38 99.93
N ALA W 467 -26.73 -20.79 99.58
CA ALA W 467 -26.35 -20.64 98.19
C ALA W 467 -24.87 -20.93 98.00
N TYR W 468 -24.37 -22.00 98.62
CA TYR W 468 -22.97 -22.34 98.52
C TYR W 468 -22.81 -23.86 98.57
N VAL W 469 -22.30 -24.44 97.50
CA VAL W 469 -21.91 -25.83 97.47
C VAL W 469 -20.39 -25.92 97.54
N ALA W 470 -19.89 -27.12 97.80
CA ALA W 470 -18.46 -27.34 97.89
C ALA W 470 -18.18 -28.83 97.74
N ASP W 471 -17.06 -29.16 97.11
CA ASP W 471 -16.65 -30.55 96.94
C ASP W 471 -15.67 -30.91 98.04
N ALA W 472 -16.15 -31.63 99.06
CA ALA W 472 -15.30 -32.09 100.14
C ALA W 472 -14.45 -33.26 99.67
N ARG W 473 -13.29 -33.41 100.31
CA ARG W 473 -12.31 -34.40 99.89
C ARG W 473 -12.73 -35.79 100.35
N PRO W 474 -11.99 -36.84 99.94
CA PRO W 474 -12.30 -38.20 100.42
C PRO W 474 -12.02 -38.37 101.90
N ASP W 475 -12.13 -39.62 102.39
CA ASP W 475 -12.19 -39.92 103.82
C ASP W 475 -13.44 -39.29 104.38
N ALA W 476 -14.60 -39.71 103.88
CA ALA W 476 -15.81 -38.93 103.92
C ALA W 476 -16.92 -39.63 104.72
N LEU W 477 -18.00 -38.88 104.92
CA LEU W 477 -19.32 -39.29 105.39
C LEU W 477 -19.35 -39.72 106.85
N VAL W 478 -18.23 -39.68 107.56
CA VAL W 478 -18.27 -39.84 109.01
C VAL W 478 -17.55 -38.66 109.64
N GLY W 479 -16.29 -38.46 109.25
CA GLY W 479 -15.57 -37.28 109.70
C GLY W 479 -16.00 -36.02 108.99
N LEU W 480 -16.56 -36.15 107.79
CA LEU W 480 -17.08 -34.98 107.08
C LEU W 480 -18.22 -34.34 107.86
N MET W 481 -19.09 -35.16 108.46
CA MET W 481 -20.15 -34.62 109.29
C MET W 481 -19.59 -33.81 110.45
N GLN W 482 -18.50 -34.28 111.04
CA GLN W 482 -17.82 -33.52 112.09
C GLN W 482 -17.29 -32.20 111.54
N ARG W 483 -16.42 -32.27 110.53
CA ARG W 483 -15.82 -31.06 109.96
C ARG W 483 -16.85 -30.08 109.44
N PHE W 484 -18.08 -30.53 109.17
CA PHE W 484 -19.15 -29.61 108.82
C PHE W 484 -19.80 -29.02 110.06
N LEU W 485 -20.35 -29.88 110.93
CA LEU W 485 -21.08 -29.40 112.10
C LEU W 485 -20.18 -28.63 113.05
N GLU W 486 -18.89 -28.96 113.12
CA GLU W 486 -17.96 -28.24 113.97
C GLU W 486 -17.82 -26.78 113.58
N GLU W 487 -18.28 -26.39 112.38
CA GLU W 487 -18.13 -25.02 111.90
C GLU W 487 -19.41 -24.43 111.32
N TRP W 488 -20.49 -25.20 111.20
CA TRP W 488 -21.74 -24.68 110.65
C TRP W 488 -22.22 -23.41 111.34
N PRO W 489 -22.22 -23.30 112.67
CA PRO W 489 -22.53 -22.01 113.29
C PRO W 489 -21.57 -20.90 112.88
N GLY W 490 -20.34 -21.23 112.54
CA GLY W 490 -19.38 -20.25 112.07
C GLY W 490 -19.60 -19.83 110.64
N MET W 491 -20.81 -20.03 110.13
CA MET W 491 -21.17 -19.63 108.77
C MET W 491 -22.50 -18.91 108.67
N MET W 492 -23.29 -18.83 109.75
CA MET W 492 -24.61 -18.21 109.73
C MET W 492 -24.65 -17.06 110.73
N PRO W 493 -24.05 -15.92 110.40
CA PRO W 493 -24.13 -14.76 111.31
C PRO W 493 -25.53 -14.24 111.53
N VAL W 494 -26.52 -14.72 110.78
CA VAL W 494 -27.91 -14.33 110.91
C VAL W 494 -28.78 -15.56 110.71
N ARG W 495 -30.08 -15.38 110.83
CA ARG W 495 -31.02 -16.41 110.40
C ARG W 495 -31.18 -16.33 108.88
N PRO W 496 -31.08 -17.43 108.15
CA PRO W 496 -31.24 -17.37 106.69
C PRO W 496 -32.67 -17.09 106.30
N ARG W 497 -32.82 -16.26 105.26
CA ARG W 497 -34.15 -15.81 104.85
C ARG W 497 -34.95 -16.90 104.14
N TRP W 498 -34.28 -17.81 103.44
CA TRP W 498 -35.00 -18.84 102.69
C TRP W 498 -35.58 -19.90 103.60
N ALA W 499 -34.85 -20.27 104.66
CA ALA W 499 -35.32 -21.36 105.53
C ALA W 499 -36.43 -20.89 106.45
N ALA W 500 -36.15 -19.92 107.29
CA ALA W 500 -37.19 -19.28 108.07
C ALA W 500 -38.08 -18.50 107.12
N PRO W 501 -39.32 -18.94 106.89
CA PRO W 501 -40.16 -18.25 105.90
C PRO W 501 -40.40 -16.80 106.31
N ALA W 502 -40.66 -15.96 105.31
CA ALA W 502 -40.76 -14.53 105.57
C ALA W 502 -42.01 -14.21 106.37
N ALA W 503 -43.18 -14.43 105.78
CA ALA W 503 -44.45 -14.13 106.44
C ALA W 503 -45.62 -14.62 105.61
N ALA W 504 -46.84 -14.31 106.05
CA ALA W 504 -48.03 -14.48 105.22
C ALA W 504 -48.36 -13.17 104.50
N ASP W 505 -48.56 -12.10 105.25
CA ASP W 505 -48.83 -10.78 104.69
C ASP W 505 -47.63 -9.84 104.83
N GLN W 506 -46.91 -9.92 105.94
CA GLN W 506 -45.85 -8.97 106.26
C GLN W 506 -44.74 -8.94 105.21
N LEU W 507 -44.78 -9.86 104.24
CA LEU W 507 -43.90 -9.75 103.07
C LEU W 507 -44.23 -8.50 102.28
N LEU W 508 -45.50 -8.30 101.94
CA LEU W 508 -45.97 -7.14 101.19
C LEU W 508 -45.93 -5.85 102.01
N ALA W 509 -45.39 -5.88 103.23
CA ALA W 509 -45.23 -4.66 104.00
C ALA W 509 -44.30 -3.70 103.25
N PRO W 510 -44.47 -2.39 103.44
CA PRO W 510 -43.76 -1.42 102.61
C PRO W 510 -42.29 -1.20 102.95
N GLY W 511 -41.67 -2.03 103.79
CA GLY W 511 -40.34 -1.70 104.23
C GLY W 511 -39.29 -2.80 104.27
N ASN W 512 -39.66 -4.04 103.99
CA ASN W 512 -38.68 -5.13 104.14
C ASN W 512 -37.68 -5.11 102.99
N ALA W 513 -36.79 -6.10 103.00
CA ALA W 513 -35.74 -6.23 102.00
C ALA W 513 -35.89 -7.55 101.24
N ASP W 514 -37.13 -7.92 100.92
CA ASP W 514 -37.43 -9.12 100.14
C ASP W 514 -38.02 -8.83 98.78
N LEU W 515 -38.94 -7.86 98.70
CA LEU W 515 -39.51 -7.47 97.40
C LEU W 515 -38.42 -7.11 96.41
N ARG W 516 -37.38 -6.42 96.88
CA ARG W 516 -36.24 -6.06 96.04
C ARG W 516 -35.57 -7.27 95.39
N LEU W 517 -35.84 -8.48 95.88
CA LEU W 517 -35.23 -9.69 95.33
C LEU W 517 -36.28 -10.68 94.83
N GLU W 518 -37.53 -10.23 94.66
CA GLU W 518 -38.63 -11.09 94.20
C GLU W 518 -39.36 -10.35 93.09
N LEU W 519 -38.94 -10.58 91.84
CA LEU W 519 -39.47 -9.81 90.73
C LEU W 519 -39.68 -10.66 89.47
N HIS W 520 -39.91 -11.96 89.62
CA HIS W 520 -40.20 -12.80 88.47
C HIS W 520 -40.89 -14.08 88.90
N PRO W 521 -41.90 -14.55 88.14
CA PRO W 521 -42.68 -15.70 88.62
C PRO W 521 -41.98 -17.03 88.51
N ALA W 522 -40.99 -17.19 87.64
CA ALA W 522 -40.33 -18.48 87.43
C ALA W 522 -38.84 -18.35 87.61
N PHE W 523 -38.41 -17.59 88.62
CA PHE W 523 -36.99 -17.41 88.89
C PHE W 523 -36.81 -17.00 90.34
N ASP W 524 -35.66 -17.37 90.90
CA ASP W 524 -35.25 -16.96 92.22
C ASP W 524 -34.05 -16.03 92.12
N PHE W 525 -33.88 -15.18 93.11
CA PHE W 525 -32.75 -14.27 93.19
C PHE W 525 -32.22 -14.24 94.61
N PHE W 526 -30.90 -14.25 94.75
CA PHE W 526 -30.30 -14.28 96.07
C PHE W 526 -28.85 -13.84 95.98
N VAL W 527 -28.38 -13.21 97.06
CA VAL W 527 -26.95 -12.93 97.19
C VAL W 527 -26.22 -14.23 97.49
N ALA W 528 -24.98 -14.32 97.03
CA ALA W 528 -24.21 -15.54 97.17
C ALA W 528 -22.74 -15.20 97.02
N PRO W 529 -21.85 -15.93 97.69
CA PRO W 529 -20.42 -15.62 97.61
C PRO W 529 -19.92 -15.70 96.16
N GLU W 530 -19.12 -14.71 95.77
CA GLU W 530 -18.62 -14.61 94.40
C GLU W 530 -17.42 -15.54 94.26
N VAL W 531 -17.73 -16.84 94.18
CA VAL W 531 -16.79 -17.89 93.82
C VAL W 531 -17.51 -18.88 92.93
N ASP W 532 -16.78 -19.89 92.45
CA ASP W 532 -17.36 -20.86 91.55
C ASP W 532 -17.93 -22.05 92.32
N VAL W 533 -18.73 -22.84 91.62
CA VAL W 533 -19.41 -24.00 92.19
C VAL W 533 -18.88 -25.25 91.50
N PRO W 534 -18.38 -26.25 92.24
CA PRO W 534 -18.24 -26.20 93.70
C PRO W 534 -17.04 -25.36 94.12
N GLY W 535 -16.78 -25.28 95.42
CA GLY W 535 -15.65 -24.54 95.92
C GLY W 535 -14.92 -25.29 97.00
N PRO W 536 -13.92 -24.65 97.61
CA PRO W 536 -13.24 -25.27 98.76
C PRO W 536 -14.21 -25.42 99.94
N PHE W 537 -13.78 -26.21 100.92
CA PHE W 537 -14.67 -26.51 102.04
C PHE W 537 -14.96 -25.26 102.87
N ALA W 538 -13.93 -24.65 103.44
CA ALA W 538 -14.11 -23.43 104.20
C ALA W 538 -14.55 -22.31 103.27
N VAL W 539 -15.76 -21.79 103.50
CA VAL W 539 -16.29 -20.75 102.61
C VAL W 539 -15.41 -19.52 102.67
N PRO W 540 -14.97 -18.97 101.54
CA PRO W 540 -14.17 -17.74 101.57
C PRO W 540 -15.01 -16.55 101.99
N GLN W 541 -14.35 -15.39 102.04
CA GLN W 541 -14.94 -14.17 102.54
C GLN W 541 -14.86 -13.05 101.50
N VAL W 542 -15.19 -13.37 100.26
CA VAL W 542 -15.20 -12.37 99.20
C VAL W 542 -16.59 -11.73 99.15
N MET W 543 -16.65 -10.53 98.58
CA MET W 543 -17.92 -9.82 98.47
C MET W 543 -18.74 -10.44 97.34
N GLY W 544 -19.86 -11.04 97.68
CA GLY W 544 -20.61 -11.83 96.75
C GLY W 544 -21.34 -11.01 95.69
N GLN W 545 -22.17 -11.71 94.93
CA GLN W 545 -22.94 -11.10 93.84
C GLN W 545 -24.42 -11.43 93.97
N VAL W 546 -25.19 -11.10 92.95
CA VAL W 546 -26.61 -11.47 92.90
C VAL W 546 -26.82 -12.48 91.79
N ARG W 547 -26.79 -13.77 92.13
CA ARG W 547 -27.02 -14.80 91.14
C ARG W 547 -28.52 -15.02 90.93
N ALA W 548 -28.84 -15.90 90.00
CA ALA W 548 -30.22 -16.28 89.72
C ALA W 548 -30.29 -17.75 89.38
N MET W 549 -31.47 -18.32 89.59
CA MET W 549 -31.68 -19.76 89.44
C MET W 549 -33.14 -19.98 89.15
N PRO W 550 -33.49 -20.86 88.21
CA PRO W 550 -34.89 -20.99 87.80
C PRO W 550 -35.65 -21.89 88.75
N ARG W 551 -36.88 -21.48 89.06
CA ARG W 551 -37.81 -22.35 89.77
C ARG W 551 -38.23 -23.44 88.80
N ILE W 552 -37.55 -24.59 88.89
CA ILE W 552 -37.82 -25.68 87.96
C ILE W 552 -39.25 -26.15 88.08
N ILE W 553 -39.82 -26.09 89.28
CA ILE W 553 -41.11 -26.68 89.58
C ILE W 553 -42.05 -25.60 90.09
N ASN W 554 -43.34 -25.76 89.77
CA ASN W 554 -44.35 -24.86 90.32
C ASN W 554 -44.47 -24.95 91.84
N GLY W 555 -43.88 -25.98 92.45
CA GLY W 555 -43.87 -26.05 93.90
C GLY W 555 -42.96 -25.04 94.55
N ASN W 556 -41.82 -24.74 93.91
CA ASN W 556 -40.84 -23.83 94.46
C ASN W 556 -41.35 -22.39 94.60
N ILE W 557 -42.57 -22.11 94.14
CA ILE W 557 -43.18 -20.81 94.43
C ILE W 557 -43.23 -20.61 95.94
N PRO W 558 -42.80 -19.47 96.46
CA PRO W 558 -42.83 -19.28 97.92
C PRO W 558 -44.24 -19.39 98.47
N LEU W 559 -44.33 -19.86 99.72
CA LEU W 559 -45.63 -20.18 100.31
C LEU W 559 -46.52 -18.95 100.42
N ALA W 560 -45.93 -17.80 100.74
CA ALA W 560 -46.72 -16.58 100.92
C ALA W 560 -47.48 -16.17 99.67
N LEU W 561 -47.09 -16.68 98.50
CA LEU W 561 -47.75 -16.36 97.26
C LEU W 561 -48.47 -17.55 96.62
N CYS W 562 -48.29 -18.76 97.15
CA CYS W 562 -49.08 -19.92 96.74
C CYS W 562 -49.36 -20.71 98.02
N PRO W 563 -50.41 -20.33 98.75
CA PRO W 563 -50.58 -20.80 100.12
C PRO W 563 -50.89 -22.29 100.18
N VAL W 564 -50.78 -22.82 101.41
CA VAL W 564 -51.02 -24.25 101.64
C VAL W 564 -52.46 -24.61 101.27
N ASP W 565 -53.41 -23.70 101.51
CA ASP W 565 -54.80 -23.99 101.21
C ASP W 565 -55.01 -24.27 99.72
N PHE W 566 -54.34 -23.50 98.86
CA PHE W 566 -54.51 -23.68 97.42
C PHE W 566 -53.97 -25.02 96.96
N ARG W 567 -52.76 -25.39 97.41
CA ARG W 567 -52.20 -26.67 97.05
C ARG W 567 -53.09 -27.81 97.53
N ASP W 568 -53.61 -27.68 98.75
CA ASP W 568 -54.49 -28.72 99.28
C ASP W 568 -55.78 -28.81 98.45
N ALA W 569 -56.29 -27.68 97.99
CA ALA W 569 -57.50 -27.67 97.18
C ALA W 569 -57.26 -28.36 95.84
N ARG W 570 -56.12 -28.05 95.20
CA ARG W 570 -55.79 -28.70 93.94
C ARG W 570 -55.55 -30.20 94.13
N GLY W 571 -54.99 -30.58 95.26
CA GLY W 571 -54.83 -31.98 95.58
C GLY W 571 -56.15 -32.70 95.68
N PHE W 572 -57.02 -32.22 96.58
CA PHE W 572 -58.39 -32.72 96.67
C PHE W 572 -59.07 -32.71 95.30
N GLU W 573 -58.67 -31.79 94.42
CA GLU W 573 -59.18 -31.78 93.06
C GLU W 573 -58.79 -33.05 92.32
N LEU W 574 -57.50 -33.30 92.19
CA LEU W 574 -57.06 -34.46 91.43
C LEU W 574 -57.51 -35.78 92.06
N SER W 575 -57.75 -35.76 93.38
CA SER W 575 -57.97 -36.99 94.14
C SER W 575 -59.37 -37.56 93.99
N VAL W 576 -60.23 -36.97 93.16
CA VAL W 576 -61.56 -37.53 92.96
C VAL W 576 -61.46 -38.76 92.07
N ASP W 577 -62.00 -39.88 92.55
CA ASP W 577 -62.27 -41.12 91.82
C ASP W 577 -61.16 -41.54 90.86
N ARG W 578 -59.91 -41.20 91.16
CA ARG W 578 -58.77 -41.74 90.45
C ARG W 578 -58.19 -42.96 91.17
N HIS W 579 -57.88 -42.82 92.45
CA HIS W 579 -57.55 -43.95 93.30
C HIS W 579 -57.83 -43.54 94.74
N ARG W 580 -57.82 -44.52 95.63
CA ARG W 580 -58.00 -44.27 97.05
C ARG W 580 -57.06 -45.19 97.81
N LEU W 581 -56.90 -44.94 99.09
CA LEU W 581 -56.20 -45.83 100.01
C LEU W 581 -57.20 -46.31 101.04
N ALA W 582 -57.44 -47.60 101.08
CA ALA W 582 -58.36 -48.18 102.05
C ALA W 582 -57.98 -47.70 103.45
N PRO W 583 -58.90 -47.10 104.20
CA PRO W 583 -58.51 -46.40 105.44
C PRO W 583 -57.74 -47.26 106.43
N ALA W 584 -58.00 -48.57 106.48
CA ALA W 584 -57.21 -49.43 107.35
C ALA W 584 -55.74 -49.42 106.94
N THR W 585 -55.48 -49.49 105.63
CA THR W 585 -54.10 -49.48 105.13
C THR W 585 -53.36 -48.23 105.56
N VAL W 586 -53.94 -47.06 105.28
CA VAL W 586 -53.26 -45.81 105.60
C VAL W 586 -53.14 -45.64 107.12
N ALA W 587 -54.13 -46.13 107.87
CA ALA W 587 -53.99 -46.12 109.33
C ALA W 587 -52.78 -46.92 109.78
N ALA W 588 -52.62 -48.14 109.25
CA ALA W 588 -51.49 -48.98 109.61
C ALA W 588 -50.17 -48.31 109.25
N VAL W 589 -50.08 -47.73 108.05
CA VAL W 589 -48.81 -47.17 107.60
C VAL W 589 -48.48 -45.91 108.39
N ARG W 590 -49.49 -45.09 108.71
CA ARG W 590 -49.25 -43.92 109.54
C ARG W 590 -48.81 -44.32 110.94
N GLY W 591 -49.45 -45.34 111.52
CA GLY W 591 -49.00 -45.85 112.79
C GLY W 591 -47.56 -46.33 112.75
N ALA W 592 -47.17 -46.94 111.63
CA ALA W 592 -45.78 -47.35 111.47
C ALA W 592 -44.86 -46.14 111.48
N PHE W 593 -45.16 -45.13 110.66
CA PHE W 593 -44.29 -43.96 110.56
C PHE W 593 -44.31 -43.10 111.82
N ARG W 594 -45.29 -43.27 112.70
CA ARG W 594 -45.33 -42.54 113.96
C ARG W 594 -44.87 -43.38 115.14
N ASP W 595 -44.38 -44.59 114.88
CA ASP W 595 -43.97 -45.49 115.95
C ASP W 595 -42.84 -44.88 116.77
N ALA W 596 -42.73 -45.34 118.01
CA ALA W 596 -41.68 -44.92 118.93
C ALA W 596 -40.65 -46.00 119.21
N ASN W 597 -41.05 -47.26 119.22
CA ASN W 597 -40.15 -48.35 119.56
C ASN W 597 -39.94 -49.29 118.38
N TYR W 598 -39.70 -48.72 117.20
CA TYR W 598 -39.39 -49.51 116.03
C TYR W 598 -38.20 -50.44 116.33
N PRO W 599 -38.32 -51.73 116.04
CA PRO W 599 -37.21 -52.67 116.36
C PRO W 599 -36.01 -52.41 115.45
N MET W 600 -34.87 -52.13 116.07
CA MET W 600 -33.66 -51.82 115.31
C MET W 600 -33.17 -53.00 114.49
N VAL W 601 -33.57 -54.23 114.85
CA VAL W 601 -33.20 -55.39 114.07
C VAL W 601 -33.79 -55.30 112.67
N PHE W 602 -34.93 -54.61 112.52
CA PHE W 602 -35.46 -54.37 111.19
C PHE W 602 -34.55 -53.47 110.37
N TYR W 603 -33.99 -52.43 111.01
CA TYR W 603 -33.01 -51.60 110.32
C TYR W 603 -31.76 -52.41 109.96
N ILE W 604 -31.35 -53.33 110.85
CA ILE W 604 -30.21 -54.19 110.55
C ILE W 604 -30.51 -55.07 109.33
N ILE W 605 -31.72 -55.63 109.27
CA ILE W 605 -32.10 -56.47 108.15
C ILE W 605 -32.11 -55.67 106.86
N GLU W 606 -32.71 -54.48 106.90
CA GLU W 606 -32.74 -53.62 105.72
C GLU W 606 -31.34 -53.26 105.27
N ALA W 607 -30.44 -53.01 106.21
CA ALA W 607 -29.05 -52.68 105.86
C ALA W 607 -28.37 -53.86 105.19
N VAL W 608 -28.43 -55.04 105.81
CA VAL W 608 -27.71 -56.18 105.26
C VAL W 608 -28.30 -56.62 103.92
N ILE W 609 -29.60 -56.36 103.69
CA ILE W 609 -30.19 -56.67 102.40
C ILE W 609 -29.75 -55.65 101.35
N HIS W 610 -29.83 -54.36 101.72
CA HIS W 610 -29.43 -53.22 100.89
C HIS W 610 -29.83 -53.33 99.43
N GLY W 611 -31.03 -53.83 99.16
CA GLY W 611 -31.61 -53.74 97.84
C GLY W 611 -31.05 -54.68 96.79
N SER W 612 -30.38 -55.75 97.18
CA SER W 612 -30.00 -56.76 96.21
C SER W 612 -31.17 -57.71 95.95
N GLU W 613 -31.09 -58.44 94.84
CA GLU W 613 -32.13 -59.40 94.51
C GLU W 613 -31.89 -60.75 95.17
N ARG W 614 -30.67 -61.27 95.07
CA ARG W 614 -30.39 -62.62 95.54
C ARG W 614 -30.50 -62.72 97.05
N THR W 615 -29.89 -61.76 97.77
CA THR W 615 -29.88 -61.82 99.23
C THR W 615 -31.29 -61.82 99.80
N PHE W 616 -32.20 -61.05 99.18
CA PHE W 616 -33.58 -61.05 99.65
C PHE W 616 -34.26 -62.39 99.41
N CYS W 617 -34.08 -62.96 98.21
CA CYS W 617 -34.67 -64.27 97.95
C CYS W 617 -34.02 -65.37 98.79
N ALA W 618 -32.89 -65.09 99.43
CA ALA W 618 -32.30 -66.03 100.38
C ALA W 618 -32.84 -65.84 101.78
N LEU W 619 -33.04 -64.59 102.21
CA LEU W 619 -33.51 -64.29 103.57
C LEU W 619 -35.03 -64.13 103.65
N ALA W 620 -35.75 -64.47 102.58
CA ALA W 620 -37.21 -64.39 102.55
C ALA W 620 -37.88 -64.98 103.78
N ARG W 621 -37.41 -66.14 104.27
CA ARG W 621 -38.08 -66.77 105.40
C ARG W 621 -37.94 -65.94 106.67
N LEU W 622 -36.73 -65.42 106.93
CA LEU W 622 -36.55 -64.55 108.09
C LEU W 622 -37.40 -63.30 107.96
N VAL W 623 -37.42 -62.69 106.77
CA VAL W 623 -38.25 -61.50 106.55
C VAL W 623 -39.70 -61.81 106.85
N ALA W 624 -40.19 -62.98 106.40
CA ALA W 624 -41.58 -63.34 106.61
C ALA W 624 -41.89 -63.55 108.08
N GLN W 625 -41.00 -64.24 108.81
CA GLN W 625 -41.19 -64.40 110.24
C GLN W 625 -41.28 -63.04 110.94
N CYS W 626 -40.37 -62.13 110.59
CA CYS W 626 -40.38 -60.80 111.18
C CYS W 626 -41.70 -60.08 110.91
N ILE W 627 -42.16 -60.15 109.65
CA ILE W 627 -43.41 -59.48 109.28
C ILE W 627 -44.57 -60.05 110.09
N GLN W 628 -44.69 -61.38 110.13
CA GLN W 628 -45.77 -62.01 110.88
C GLN W 628 -45.77 -61.54 112.33
N SER W 629 -44.61 -61.60 112.98
CA SER W 629 -44.55 -61.29 114.41
C SER W 629 -44.90 -59.84 114.67
N TYR W 630 -44.29 -58.92 113.91
CA TYR W 630 -44.55 -57.49 114.14
C TYR W 630 -46.01 -57.15 113.86
N TRP W 631 -46.58 -57.74 112.80
CA TRP W 631 -47.98 -57.47 112.47
C TRP W 631 -48.89 -57.93 113.60
N ARG W 632 -48.76 -59.19 114.03
CA ARG W 632 -49.62 -59.64 115.12
C ARG W 632 -49.30 -58.94 116.44
N ASN W 633 -48.16 -58.26 116.53
CA ASN W 633 -47.84 -57.53 117.75
C ASN W 633 -48.56 -56.18 117.79
N THR W 634 -48.50 -55.40 116.70
CA THR W 634 -49.03 -54.05 116.76
C THR W 634 -49.86 -53.66 115.54
N HIS W 635 -50.13 -54.59 114.62
CA HIS W 635 -51.00 -54.37 113.46
C HIS W 635 -50.41 -53.35 112.49
N ASN W 636 -49.22 -52.84 112.75
CA ASN W 636 -48.57 -51.91 111.85
C ASN W 636 -47.73 -52.67 110.84
N ALA W 637 -47.48 -52.02 109.70
CA ALA W 637 -46.65 -52.60 108.67
C ALA W 637 -45.17 -52.46 109.04
N ALA W 638 -44.33 -53.12 108.26
CA ALA W 638 -42.89 -53.05 108.47
C ALA W 638 -42.18 -52.90 107.14
N PHE W 639 -40.93 -52.44 107.20
CA PHE W 639 -40.03 -52.25 106.07
C PHE W 639 -40.46 -51.15 105.12
N VAL W 640 -41.54 -50.44 105.39
CA VAL W 640 -42.05 -49.43 104.47
C VAL W 640 -41.10 -48.26 104.31
N ASN W 641 -40.03 -48.19 105.11
CA ASN W 641 -39.03 -47.15 104.91
C ASN W 641 -38.33 -47.32 103.57
N ASN W 642 -37.94 -48.54 103.24
CA ASN W 642 -37.29 -48.83 101.97
C ASN W 642 -38.33 -49.20 100.92
N PHE W 643 -38.04 -48.84 99.66
CA PHE W 643 -38.96 -49.06 98.55
C PHE W 643 -38.68 -50.37 97.82
N TYR W 644 -37.40 -50.64 97.53
CA TYR W 644 -37.04 -51.92 96.92
C TYR W 644 -37.59 -53.08 97.72
N MET W 645 -37.59 -52.95 99.04
CA MET W 645 -38.12 -54.01 99.90
C MET W 645 -39.64 -54.14 99.75
N VAL W 646 -40.35 -53.01 99.73
CA VAL W 646 -41.80 -53.09 99.62
C VAL W 646 -42.22 -53.60 98.25
N MET W 647 -41.33 -53.51 97.26
CA MET W 647 -41.60 -54.17 95.98
C MET W 647 -41.31 -55.67 96.05
N TYR W 648 -40.14 -56.03 96.55
CA TYR W 648 -39.76 -57.44 96.66
C TYR W 648 -40.78 -58.24 97.46
N ILE W 649 -41.35 -57.62 98.50
CA ILE W 649 -42.32 -58.32 99.34
C ILE W 649 -43.47 -58.85 98.49
N ASN W 650 -44.18 -57.94 97.82
CA ASN W 650 -45.32 -58.35 97.00
C ASN W 650 -44.87 -59.22 95.83
N THR W 651 -43.65 -59.02 95.33
CA THR W 651 -43.25 -59.76 94.13
C THR W 651 -42.97 -61.23 94.45
N TYR W 652 -42.15 -61.50 95.46
CA TYR W 652 -41.75 -62.87 95.77
C TYR W 652 -42.52 -63.46 96.95
N LEU W 653 -42.63 -62.73 98.06
CA LEU W 653 -43.33 -63.27 99.22
C LEU W 653 -44.84 -63.22 99.01
N GLY W 654 -45.39 -62.02 98.88
CA GLY W 654 -46.71 -61.79 98.33
C GLY W 654 -47.84 -62.70 98.77
N ASN W 655 -48.36 -63.47 97.81
CA ASN W 655 -49.52 -64.35 97.91
C ASN W 655 -49.30 -65.56 98.81
N GLY W 656 -48.18 -65.68 99.52
CA GLY W 656 -47.90 -66.89 100.27
C GLY W 656 -48.14 -66.80 101.76
N GLU W 657 -47.06 -66.64 102.53
CA GLU W 657 -47.14 -66.76 103.97
C GLU W 657 -47.92 -65.61 104.61
N LEU W 658 -47.94 -64.44 103.98
CA LEU W 658 -48.57 -63.27 104.59
C LEU W 658 -50.07 -63.52 104.77
N PRO W 659 -50.63 -63.14 105.91
CA PRO W 659 -52.08 -63.19 106.06
C PRO W 659 -52.75 -62.22 105.11
N GLU W 660 -53.97 -62.56 104.68
CA GLU W 660 -54.67 -61.73 103.71
C GLU W 660 -54.83 -60.30 104.19
N ASP W 661 -54.94 -60.09 105.51
CA ASP W 661 -55.03 -58.74 106.04
C ASP W 661 -53.68 -58.02 106.02
N CYS W 662 -52.57 -58.78 105.94
CA CYS W 662 -51.25 -58.18 105.92
C CYS W 662 -50.75 -57.86 104.51
N ALA W 663 -51.22 -58.61 103.51
CA ALA W 663 -50.86 -58.29 102.13
C ALA W 663 -51.55 -57.04 101.63
N ALA W 664 -52.60 -56.59 102.33
CA ALA W 664 -53.38 -55.43 101.89
C ALA W 664 -52.50 -54.19 101.84
N VAL W 665 -51.74 -53.93 102.90
CA VAL W 665 -50.93 -52.72 102.94
C VAL W 665 -49.86 -52.75 101.85
N TYR W 666 -49.21 -53.89 101.67
CA TYR W 666 -48.10 -54.01 100.73
C TYR W 666 -48.56 -54.06 99.28
N LYS W 667 -49.84 -54.34 99.02
CA LYS W 667 -50.36 -54.18 97.67
C LYS W 667 -50.92 -52.78 97.42
N ASP W 668 -51.52 -52.17 98.45
CA ASP W 668 -52.03 -50.81 98.31
C ASP W 668 -50.91 -49.81 98.07
N LEU W 669 -49.84 -49.89 98.88
CA LEU W 669 -48.73 -48.96 98.71
C LEU W 669 -48.03 -49.10 97.36
N LEU W 670 -48.27 -50.21 96.63
CA LEU W 670 -47.73 -50.38 95.29
C LEU W 670 -48.70 -49.87 94.23
N GLU W 671 -49.98 -50.24 94.33
CA GLU W 671 -50.92 -49.80 93.30
C GLU W 671 -51.16 -48.30 93.36
N HIS W 672 -51.00 -47.68 94.54
CA HIS W 672 -51.07 -46.22 94.61
C HIS W 672 -49.92 -45.58 93.84
N VAL W 673 -48.72 -46.15 93.96
CA VAL W 673 -47.57 -45.66 93.19
C VAL W 673 -47.85 -45.80 91.70
N HIS W 674 -48.41 -46.95 91.31
CA HIS W 674 -48.74 -47.16 89.91
C HIS W 674 -49.75 -46.13 89.41
N ALA W 675 -50.75 -45.81 90.24
CA ALA W 675 -51.75 -44.81 89.85
C ALA W 675 -51.11 -43.44 89.69
N LEU W 676 -50.27 -43.04 90.65
CA LEU W 676 -49.58 -41.76 90.53
C LEU W 676 -48.69 -41.72 89.29
N ARG W 677 -48.09 -42.85 88.92
CA ARG W 677 -47.30 -42.91 87.70
C ARG W 677 -48.20 -42.74 86.47
N ARG W 678 -49.40 -43.33 86.51
CA ARG W 678 -50.37 -43.12 85.43
C ARG W 678 -50.76 -41.66 85.32
N LEU W 679 -50.83 -40.95 86.44
CA LEU W 679 -51.37 -39.59 86.46
C LEU W 679 -50.63 -38.66 85.51
N ILE W 680 -49.30 -38.72 85.49
CA ILE W 680 -48.53 -37.77 84.69
C ILE W 680 -48.75 -38.02 83.20
N GLY W 681 -48.85 -39.29 82.80
CA GLY W 681 -49.04 -39.58 81.39
C GLY W 681 -50.33 -39.04 80.83
N GLU W 682 -51.41 -39.09 81.60
CA GLU W 682 -52.71 -38.61 81.16
C GLU W 682 -52.86 -37.10 81.27
N PHE W 683 -51.78 -36.36 81.54
CA PHE W 683 -51.79 -34.90 81.58
C PHE W 683 -50.89 -34.30 80.50
N THR W 684 -50.74 -34.99 79.37
CA THR W 684 -49.91 -34.47 78.29
C THR W 684 -50.35 -35.07 76.96
N LEU W 685 -50.40 -34.23 75.95
CA LEU W 685 -50.62 -34.71 74.59
C LEU W 685 -49.35 -35.37 74.08
N PRO W 686 -49.43 -36.59 73.55
CA PRO W 686 -48.21 -37.29 73.13
C PRO W 686 -47.46 -36.52 72.05
N GLY W 687 -46.18 -36.82 71.91
CA GLY W 687 -45.33 -36.14 70.95
C GLY W 687 -44.14 -36.97 70.51
N ASP W 688 -43.08 -36.29 70.06
CA ASP W 688 -41.89 -36.97 69.57
C ASP W 688 -40.67 -36.48 70.32
N PRO W 689 -39.68 -37.36 70.55
CA PRO W 689 -38.47 -36.96 71.28
C PRO W 689 -37.80 -35.72 70.70
N LEU W 690 -37.75 -34.65 71.49
CA LEU W 690 -37.24 -33.36 71.03
C LEU W 690 -35.79 -33.14 71.43
N GLY W 691 -35.50 -33.19 72.73
CA GLY W 691 -34.14 -32.97 73.21
C GLY W 691 -33.42 -34.25 73.52
N ASN W 692 -33.55 -35.25 72.64
CA ASN W 692 -33.08 -36.61 72.91
C ASN W 692 -33.70 -37.14 74.19
N GLN W 693 -34.96 -36.78 74.42
CA GLN W 693 -35.71 -37.11 75.61
C GLN W 693 -37.16 -37.33 75.19
N PRO W 694 -37.80 -38.38 75.70
CA PRO W 694 -39.26 -38.49 75.54
C PRO W 694 -39.95 -37.20 75.99
N GLN W 695 -41.04 -36.87 75.29
CA GLN W 695 -41.74 -35.63 75.59
C GLN W 695 -42.31 -35.63 77.01
N GLU W 696 -42.46 -36.81 77.62
CA GLU W 696 -43.18 -36.88 78.89
C GLU W 696 -42.44 -36.15 80.00
N GLU W 697 -41.12 -36.36 80.13
CA GLU W 697 -40.38 -35.76 81.23
C GLU W 697 -40.04 -34.30 80.99
N LEU W 698 -40.45 -33.72 79.86
CA LEU W 698 -40.41 -32.27 79.71
C LEU W 698 -41.54 -31.60 80.47
N ASN W 699 -42.65 -32.31 80.66
CA ASN W 699 -43.79 -31.77 81.39
C ASN W 699 -43.59 -31.90 82.90
N HIS W 700 -43.46 -33.13 83.39
CA HIS W 700 -43.23 -33.36 84.80
C HIS W 700 -41.76 -33.14 85.13
N ALA W 701 -41.37 -33.46 86.36
CA ALA W 701 -39.98 -33.38 86.78
C ALA W 701 -39.51 -34.62 87.51
N LEU W 702 -40.37 -35.62 87.70
CA LEU W 702 -39.98 -36.85 88.38
C LEU W 702 -39.83 -38.04 87.43
N ALA W 703 -40.28 -37.92 86.19
CA ALA W 703 -39.95 -38.91 85.17
C ALA W 703 -38.62 -38.63 84.50
N ASP W 704 -38.06 -37.44 84.73
CA ASP W 704 -36.76 -37.09 84.16
C ASP W 704 -35.69 -38.07 84.61
N ALA W 705 -35.00 -38.67 83.65
CA ALA W 705 -33.94 -39.61 83.96
C ALA W 705 -32.70 -38.93 84.52
N THR W 706 -32.60 -37.61 84.40
CA THR W 706 -31.44 -36.87 84.88
C THR W 706 -31.62 -36.33 86.30
N LEU W 707 -32.73 -36.66 86.97
CA LEU W 707 -32.94 -36.31 88.36
C LEU W 707 -32.72 -37.57 89.18
N LEU W 708 -31.64 -37.60 89.95
CA LEU W 708 -31.30 -38.80 90.69
C LEU W 708 -32.20 -38.93 91.93
N PRO W 709 -32.60 -40.14 92.29
CA PRO W 709 -33.38 -40.34 93.51
C PRO W 709 -32.57 -39.95 94.73
N PRO W 710 -33.21 -39.72 95.88
CA PRO W 710 -32.45 -39.39 97.09
C PRO W 710 -31.60 -40.53 97.58
N LEU W 711 -31.91 -41.78 97.23
CA LEU W 711 -31.13 -42.93 97.65
C LEU W 711 -31.06 -43.92 96.51
N ILE W 712 -29.87 -44.38 96.18
CA ILE W 712 -29.67 -45.42 95.18
C ILE W 712 -28.95 -46.58 95.83
N TRP W 713 -29.22 -47.79 95.32
CA TRP W 713 -28.65 -49.01 95.86
C TRP W 713 -27.90 -49.80 94.81
N ASP W 714 -27.66 -49.21 93.64
CA ASP W 714 -26.87 -49.78 92.56
C ASP W 714 -26.37 -48.62 91.70
N CYS W 715 -25.96 -48.94 90.47
CA CYS W 715 -25.58 -47.91 89.52
C CYS W 715 -26.66 -47.69 88.45
N ASP W 716 -27.80 -48.37 88.56
CA ASP W 716 -28.78 -48.38 87.48
C ASP W 716 -29.25 -46.99 87.07
N PRO W 717 -29.66 -46.10 87.98
CA PRO W 717 -30.01 -44.74 87.54
C PRO W 717 -28.84 -44.02 86.90
N ILE W 718 -27.62 -44.23 87.38
CA ILE W 718 -26.47 -43.55 86.81
C ILE W 718 -26.18 -44.07 85.41
N LEU W 719 -26.35 -45.38 85.18
CA LEU W 719 -26.13 -45.94 83.85
C LEU W 719 -27.03 -45.31 82.81
N TYR W 720 -28.31 -45.12 83.13
CA TYR W 720 -29.20 -44.46 82.18
C TYR W 720 -28.97 -42.96 82.10
N ARG W 721 -28.23 -42.39 83.04
CA ARG W 721 -28.05 -40.94 83.10
C ARG W 721 -27.07 -40.45 82.04
N ASP W 722 -25.85 -40.99 82.03
CA ASP W 722 -24.82 -40.49 81.13
C ASP W 722 -25.18 -40.67 79.66
N GLY W 723 -26.15 -41.53 79.36
CA GLY W 723 -26.64 -41.65 78.00
C GLY W 723 -27.23 -40.38 77.45
N LEU W 724 -27.55 -39.42 78.32
CA LEU W 724 -28.05 -38.11 77.91
C LEU W 724 -26.87 -37.14 77.95
N ALA W 725 -26.44 -36.70 76.77
CA ALA W 725 -25.25 -35.87 76.65
C ALA W 725 -25.49 -34.53 75.98
N GLU W 726 -26.71 -34.22 75.57
CA GLU W 726 -27.00 -32.90 75.01
C GLU W 726 -26.87 -31.82 76.08
N ARG W 727 -27.49 -32.05 77.23
CA ARG W 727 -27.26 -31.22 78.42
C ARG W 727 -26.32 -32.01 79.33
N LEU W 728 -25.04 -31.85 79.08
CA LEU W 728 -24.02 -32.71 79.68
C LEU W 728 -24.09 -32.66 81.20
N PRO W 729 -24.35 -33.77 81.87
CA PRO W 729 -24.22 -33.82 83.33
C PRO W 729 -22.81 -34.19 83.74
N GLU W 730 -22.50 -33.94 85.00
CA GLU W 730 -21.18 -34.26 85.56
C GLU W 730 -21.37 -34.80 86.97
N LEU W 731 -21.49 -36.12 87.07
CA LEU W 731 -21.52 -36.77 88.37
C LEU W 731 -20.12 -36.80 88.97
N ARG W 732 -20.03 -36.53 90.26
CA ARG W 732 -18.76 -36.59 90.99
C ARG W 732 -19.01 -37.18 92.35
N VAL W 733 -18.30 -38.26 92.66
CA VAL W 733 -18.42 -38.94 93.95
C VAL W 733 -17.15 -38.64 94.74
N ASN W 734 -17.24 -37.72 95.68
CA ASN W 734 -16.15 -37.30 96.56
C ASN W 734 -14.97 -36.71 95.79
N GLY W 735 -15.16 -36.36 94.52
CA GLY W 735 -14.10 -35.87 93.67
C GLY W 735 -13.68 -36.84 92.59
N ALA W 736 -13.78 -38.14 92.85
CA ALA W 736 -13.50 -39.17 91.87
C ALA W 736 -14.77 -39.48 91.09
N HIS W 737 -14.63 -39.72 89.79
CA HIS W 737 -15.79 -39.89 88.93
C HIS W 737 -16.61 -41.10 89.35
N PHE W 738 -16.08 -42.30 89.09
CA PHE W 738 -16.35 -43.52 89.84
C PHE W 738 -15.61 -44.66 89.13
N GLN W 739 -15.39 -45.74 89.88
CA GLN W 739 -14.87 -46.99 89.34
C GLN W 739 -15.88 -48.09 89.66
N HIS W 740 -16.37 -48.72 88.61
CA HIS W 740 -17.43 -49.72 88.73
C HIS W 740 -16.82 -51.03 89.23
N ILE W 741 -16.83 -51.19 90.54
CA ILE W 741 -16.40 -52.43 91.20
C ILE W 741 -17.63 -53.31 91.37
N LEU W 742 -17.49 -54.60 91.07
CA LEU W 742 -18.61 -55.54 91.17
C LEU W 742 -18.73 -56.05 92.60
N TRP W 743 -19.53 -57.11 92.79
CA TRP W 743 -19.67 -57.79 94.07
C TRP W 743 -18.31 -58.06 94.70
N VAL W 744 -18.23 -57.83 96.00
CA VAL W 744 -17.01 -58.06 96.77
C VAL W 744 -17.32 -59.07 97.87
N GLU W 745 -16.56 -60.15 97.91
CA GLU W 745 -16.74 -61.18 98.93
C GLU W 745 -15.86 -60.84 100.12
N MET W 746 -15.77 -61.76 101.08
CA MET W 746 -14.97 -61.53 102.28
C MET W 746 -13.47 -61.52 102.01
N ALA W 747 -13.05 -61.67 100.75
CA ALA W 747 -11.63 -61.60 100.43
C ALA W 747 -11.13 -60.16 100.47
N GLN W 748 -11.71 -59.31 99.64
CA GLN W 748 -11.33 -57.89 99.56
C GLN W 748 -12.48 -57.05 100.11
N VAL W 749 -12.48 -56.86 101.43
CA VAL W 749 -13.53 -56.07 102.06
C VAL W 749 -13.10 -54.62 102.15
N ASN W 750 -11.92 -54.36 102.71
CA ASN W 750 -11.25 -53.05 102.67
C ASN W 750 -12.19 -51.92 103.08
N PHE W 751 -12.62 -51.98 104.35
CA PHE W 751 -13.61 -51.02 104.86
C PHE W 751 -13.13 -49.58 104.85
N ARG W 752 -11.85 -49.33 104.55
CA ARG W 752 -11.29 -48.00 104.65
C ARG W 752 -11.27 -47.22 103.35
N ASN W 753 -11.56 -47.86 102.21
CA ASN W 753 -11.38 -47.20 100.92
C ASN W 753 -12.28 -45.96 100.80
N VAL W 754 -11.83 -45.01 99.98
CA VAL W 754 -12.47 -43.71 99.89
C VAL W 754 -12.63 -43.28 98.44
N GLY W 755 -12.05 -44.04 97.52
CA GLY W 755 -12.11 -43.69 96.11
C GLY W 755 -13.52 -43.77 95.57
N GLY W 756 -13.63 -43.51 94.27
CA GLY W 756 -14.92 -43.58 93.63
C GLY W 756 -15.24 -45.00 93.20
N GLY W 757 -16.02 -45.70 94.02
CA GLY W 757 -16.37 -47.07 93.73
C GLY W 757 -17.78 -47.43 94.16
N LEU W 758 -18.57 -47.90 93.20
CA LEU W 758 -19.94 -48.32 93.44
C LEU W 758 -20.07 -49.79 93.06
N VAL W 759 -20.93 -50.51 93.78
CA VAL W 759 -21.02 -51.97 93.70
C VAL W 759 -22.39 -52.37 93.16
N HIS W 760 -22.39 -53.18 92.10
CA HIS W 760 -23.56 -53.95 91.71
C HIS W 760 -23.62 -55.20 92.59
N ASN W 761 -24.56 -55.22 93.52
CA ASN W 761 -24.66 -56.32 94.46
C ASN W 761 -24.96 -57.62 93.71
N ARG W 762 -24.05 -58.60 93.84
CA ARG W 762 -24.27 -59.96 93.34
C ARG W 762 -24.80 -59.92 91.91
N PRO W 763 -23.91 -59.68 90.92
CA PRO W 763 -24.23 -58.77 89.81
C PRO W 763 -25.69 -58.74 89.41
N VAL W 764 -26.24 -59.92 89.17
CA VAL W 764 -27.68 -60.09 88.97
C VAL W 764 -27.99 -61.52 89.38
N ARG W 765 -29.29 -61.83 89.43
CA ARG W 765 -29.73 -63.17 89.75
C ARG W 765 -29.07 -64.22 88.85
N ASN W 766 -28.87 -63.90 87.57
CA ASN W 766 -28.58 -64.98 86.63
C ASN W 766 -27.34 -64.80 85.76
N GLU W 767 -27.10 -63.60 85.22
CA GLU W 767 -26.33 -63.47 83.99
C GLU W 767 -24.83 -63.58 84.22
N ASN W 768 -24.26 -62.69 85.03
CA ASN W 768 -22.81 -62.53 85.16
C ASN W 768 -22.21 -62.14 83.79
N GLN W 769 -22.63 -60.99 83.31
CA GLN W 769 -22.19 -60.40 82.06
C GLN W 769 -21.68 -58.99 82.31
N PRO W 770 -20.94 -58.40 81.36
CA PRO W 770 -20.33 -57.08 81.61
C PRO W 770 -21.33 -55.94 81.54
N LEU W 771 -21.67 -55.39 82.70
CA LEU W 771 -22.30 -54.08 82.84
C LEU W 771 -23.62 -53.98 82.06
N HIS W 772 -24.58 -54.79 82.51
CA HIS W 772 -25.93 -54.71 81.96
C HIS W 772 -26.87 -54.26 83.07
N PRO W 773 -27.61 -53.17 82.89
CA PRO W 773 -28.54 -52.73 83.93
C PRO W 773 -29.67 -53.72 84.12
N HIS W 774 -29.90 -54.12 85.37
CA HIS W 774 -30.86 -55.18 85.69
C HIS W 774 -32.18 -54.63 86.23
N HIS W 775 -32.55 -53.41 85.84
CA HIS W 775 -33.84 -52.84 86.21
C HIS W 775 -34.21 -51.79 85.18
N ASP W 776 -35.39 -51.94 84.59
CA ASP W 776 -35.79 -51.08 83.48
C ASP W 776 -35.94 -49.63 83.92
N ALA W 777 -36.20 -48.76 82.94
CA ALA W 777 -36.20 -47.32 83.16
C ALA W 777 -37.24 -46.91 84.21
N GLU W 778 -38.51 -47.26 83.96
CA GLU W 778 -39.61 -46.85 84.84
C GLU W 778 -39.42 -47.27 86.29
N TRP W 779 -38.49 -48.18 86.57
CA TRP W 779 -38.23 -48.58 87.95
C TRP W 779 -37.70 -47.41 88.77
N SER W 780 -36.71 -46.68 88.24
CA SER W 780 -36.22 -45.50 88.93
C SER W 780 -37.30 -44.44 89.06
N VAL W 781 -38.20 -44.35 88.07
CA VAL W 781 -39.34 -43.44 88.17
C VAL W 781 -40.19 -43.80 89.38
N LEU W 782 -40.53 -45.09 89.51
CA LEU W 782 -41.32 -45.55 90.65
C LEU W 782 -40.60 -45.24 91.97
N SER W 783 -39.28 -45.42 91.99
CA SER W 783 -38.52 -45.13 93.21
C SER W 783 -38.61 -43.66 93.58
N LYS W 784 -38.35 -42.77 92.62
CA LYS W 784 -38.44 -41.34 92.88
C LYS W 784 -39.84 -40.95 93.32
N ILE W 785 -40.87 -41.57 92.73
CA ILE W 785 -42.24 -41.27 93.13
C ILE W 785 -42.47 -41.65 94.58
N TYR W 786 -42.13 -42.89 94.94
CA TYR W 786 -42.35 -43.35 96.31
C TYR W 786 -41.58 -42.51 97.32
N TYR W 787 -40.43 -41.96 96.93
CA TYR W 787 -39.65 -41.21 97.89
C TYR W 787 -40.04 -39.73 97.98
N TYR W 788 -40.43 -39.10 96.88
CA TYR W 788 -40.77 -37.69 96.88
C TYR W 788 -42.27 -37.42 97.00
N ALA W 789 -43.10 -38.46 97.04
CA ALA W 789 -44.54 -38.22 97.00
C ALA W 789 -45.28 -38.81 98.20
N VAL W 790 -44.88 -39.99 98.65
CA VAL W 790 -45.63 -40.74 99.63
C VAL W 790 -45.01 -40.66 101.02
N VAL W 791 -43.68 -40.73 101.11
CA VAL W 791 -42.98 -40.73 102.40
C VAL W 791 -43.32 -39.49 103.22
N PRO W 792 -43.11 -38.27 102.73
CA PRO W 792 -43.51 -37.09 103.52
C PRO W 792 -45.00 -36.96 103.68
N ALA W 793 -45.79 -37.49 102.73
CA ALA W 793 -47.24 -37.45 102.86
C ALA W 793 -47.74 -38.23 104.07
N PHE W 794 -46.88 -39.04 104.69
CA PHE W 794 -47.23 -39.78 105.89
C PHE W 794 -46.41 -39.38 107.09
N SER W 795 -45.12 -39.13 106.93
CA SER W 795 -44.27 -38.77 108.07
C SER W 795 -44.22 -37.27 108.31
N ARG W 796 -44.58 -36.46 107.32
CA ARG W 796 -44.69 -35.00 107.48
C ARG W 796 -43.39 -34.39 107.97
N GLY W 797 -42.26 -34.94 107.51
CA GLY W 797 -40.96 -34.41 107.87
C GLY W 797 -40.43 -34.96 109.18
N ASN W 798 -40.31 -36.29 109.26
CA ASN W 798 -39.75 -36.93 110.45
C ASN W 798 -38.58 -37.81 110.06
N CYS W 799 -38.68 -38.43 108.88
CA CYS W 799 -37.63 -39.30 108.39
C CYS W 799 -36.33 -38.53 108.20
N CYS W 800 -35.22 -39.27 108.16
CA CYS W 800 -33.89 -38.69 108.03
C CYS W 800 -32.98 -39.70 107.38
N THR W 801 -32.46 -39.38 106.19
CA THR W 801 -31.48 -40.24 105.53
C THR W 801 -30.21 -40.32 106.38
N MET W 802 -29.77 -41.54 106.67
CA MET W 802 -28.61 -41.76 107.52
C MET W 802 -27.63 -42.71 106.86
N GLY W 803 -26.35 -42.37 106.99
CA GLY W 803 -25.31 -43.31 106.72
C GLY W 803 -25.23 -44.34 107.82
N VAL W 804 -24.77 -45.52 107.46
CA VAL W 804 -24.80 -46.69 108.33
C VAL W 804 -23.42 -47.26 108.52
N ARG W 805 -23.15 -47.73 109.74
CA ARG W 805 -21.84 -48.25 110.13
C ARG W 805 -21.73 -49.71 109.72
N TYR W 806 -21.31 -49.93 108.47
CA TYR W 806 -21.20 -51.28 107.92
C TYR W 806 -20.19 -52.16 108.65
N ASP W 807 -19.35 -51.57 109.51
CA ASP W 807 -18.38 -52.35 110.26
C ASP W 807 -19.05 -53.11 111.39
N ARG W 808 -19.69 -52.36 112.31
CA ARG W 808 -20.25 -52.99 113.52
C ARG W 808 -21.38 -53.94 113.19
N VAL W 809 -22.19 -53.63 112.17
CA VAL W 809 -23.32 -54.50 111.83
C VAL W 809 -22.82 -55.87 111.38
N TYR W 810 -21.82 -55.89 110.49
CA TYR W 810 -21.30 -57.17 110.04
C TYR W 810 -20.53 -57.88 111.14
N GLN W 811 -19.82 -57.14 111.99
CA GLN W 811 -19.12 -57.78 113.10
C GLN W 811 -20.10 -58.38 114.10
N LEU W 812 -21.29 -57.82 114.20
CA LEU W 812 -22.29 -58.33 115.15
C LEU W 812 -23.06 -59.51 114.56
N VAL W 813 -23.66 -59.32 113.38
CA VAL W 813 -24.68 -60.24 112.86
C VAL W 813 -24.19 -61.68 112.80
N GLN W 814 -22.90 -61.88 112.57
CA GLN W 814 -22.38 -63.25 112.53
C GLN W 814 -22.41 -63.91 113.90
N THR W 815 -22.32 -63.12 114.96
CA THR W 815 -22.26 -63.66 116.31
C THR W 815 -23.62 -64.13 116.78
N MET W 816 -24.19 -65.12 116.10
CA MET W 816 -25.41 -65.78 116.54
C MET W 816 -25.04 -66.99 117.38
N VAL W 817 -25.90 -67.32 118.33
CA VAL W 817 -25.70 -68.51 119.16
C VAL W 817 -26.89 -69.44 118.94
N VAL W 818 -26.62 -70.61 118.35
CA VAL W 818 -27.67 -71.57 118.07
C VAL W 818 -27.22 -72.96 118.50
N PRO W 819 -27.85 -73.54 119.52
CA PRO W 819 -27.51 -74.92 119.90
C PRO W 819 -27.96 -75.90 118.83
N GLU W 820 -27.06 -76.82 118.49
CA GLU W 820 -27.35 -77.81 117.46
C GLU W 820 -28.44 -78.76 117.92
N THR W 821 -29.35 -79.10 117.01
CA THR W 821 -30.40 -80.05 117.28
C THR W 821 -30.85 -80.65 115.96
N ASP W 822 -31.14 -81.95 115.97
CA ASP W 822 -31.46 -82.66 114.73
C ASP W 822 -32.71 -82.08 114.07
N GLU W 823 -33.80 -81.98 114.82
CA GLU W 823 -35.05 -81.42 114.31
C GLU W 823 -35.58 -80.37 115.27
N GLU W 824 -36.62 -79.67 114.83
CA GLU W 824 -37.14 -78.52 115.55
C GLU W 824 -37.77 -78.92 116.87
N VAL W 825 -37.64 -78.05 117.87
CA VAL W 825 -38.13 -78.30 119.22
C VAL W 825 -39.23 -77.34 119.62
N GLY W 826 -39.17 -76.09 119.18
CA GLY W 826 -40.14 -75.10 119.59
C GLY W 826 -39.60 -74.09 120.58
N THR W 827 -40.35 -73.82 121.65
CA THR W 827 -39.97 -72.81 122.63
C THR W 827 -39.75 -73.36 124.03
N ASP W 828 -40.39 -74.47 124.39
CA ASP W 828 -40.28 -74.98 125.76
C ASP W 828 -38.91 -75.59 126.01
N ASP W 829 -38.25 -76.10 124.98
CA ASP W 829 -36.97 -76.75 125.15
C ASP W 829 -35.86 -75.71 125.37
N PRO W 830 -34.85 -76.03 126.17
CA PRO W 830 -33.71 -75.11 126.30
C PRO W 830 -32.95 -74.89 125.00
N ARG W 831 -32.89 -75.90 124.13
CA ARG W 831 -32.21 -75.74 122.85
C ARG W 831 -32.95 -74.81 121.90
N HIS W 832 -34.09 -74.26 122.31
CA HIS W 832 -34.70 -73.16 121.58
C HIS W 832 -33.69 -72.03 121.43
N PRO W 833 -33.44 -71.53 120.22
CA PRO W 833 -32.37 -70.54 120.03
C PRO W 833 -32.55 -69.27 120.84
N LEU W 834 -33.73 -69.00 121.36
CA LEU W 834 -34.00 -67.79 122.12
C LEU W 834 -34.43 -68.07 123.55
N HIS W 835 -34.36 -69.31 124.00
CA HIS W 835 -34.68 -69.62 125.38
C HIS W 835 -33.69 -68.89 126.31
N PRO W 836 -34.14 -68.45 127.48
CA PRO W 836 -33.23 -67.78 128.42
C PRO W 836 -32.02 -68.62 128.82
N ARG W 837 -31.94 -69.87 128.39
CA ARG W 837 -30.83 -70.73 128.81
C ARG W 837 -29.51 -70.22 128.25
N ASN W 838 -29.48 -69.80 126.99
CA ASN W 838 -28.25 -69.38 126.34
C ASN W 838 -28.43 -68.04 125.63
N LEU W 839 -29.08 -67.10 126.30
CA LEU W 839 -29.09 -65.72 125.84
C LEU W 839 -27.80 -65.07 126.35
N VAL W 840 -26.73 -65.21 125.58
CA VAL W 840 -25.44 -64.66 125.93
C VAL W 840 -25.43 -63.19 125.49
N PRO W 841 -25.19 -62.24 126.39
CA PRO W 841 -25.26 -60.82 126.02
C PRO W 841 -24.24 -60.46 124.94
N ASN W 842 -24.46 -59.28 124.36
CA ASN W 842 -23.63 -58.73 123.29
C ASN W 842 -23.64 -59.59 122.03
N SER W 843 -24.65 -60.45 121.89
CA SER W 843 -24.84 -61.25 120.69
C SER W 843 -26.09 -60.75 119.96
N LEU W 844 -26.45 -61.45 118.88
CA LEU W 844 -27.61 -61.04 118.10
C LEU W 844 -28.92 -61.34 118.80
N ASN W 845 -29.00 -62.46 119.54
CA ASN W 845 -30.29 -62.88 120.08
C ASN W 845 -30.87 -61.89 121.08
N VAL W 846 -30.03 -61.07 121.71
CA VAL W 846 -30.59 -60.08 122.64
C VAL W 846 -31.41 -59.04 121.88
N LEU W 847 -31.04 -58.74 120.64
CA LEU W 847 -31.80 -57.79 119.84
C LEU W 847 -33.15 -58.37 119.44
N PHE W 848 -33.16 -59.61 118.92
CA PHE W 848 -34.41 -60.28 118.60
C PHE W 848 -35.31 -60.37 119.83
N HIS W 849 -34.75 -60.77 120.97
CA HIS W 849 -35.53 -60.86 122.20
C HIS W 849 -36.12 -59.50 122.58
N ASN W 850 -35.33 -58.42 122.44
CA ASN W 850 -35.87 -57.10 122.73
C ASN W 850 -36.87 -56.63 121.68
N ALA W 851 -37.02 -57.36 120.59
CA ALA W 851 -38.09 -57.10 119.64
C ALA W 851 -39.31 -57.98 119.90
N CYS W 852 -39.21 -58.91 120.86
CA CYS W 852 -40.30 -59.82 121.24
C CYS W 852 -40.81 -60.64 120.06
N VAL W 853 -40.04 -60.70 118.97
CA VAL W 853 -40.43 -61.46 117.79
C VAL W 853 -40.10 -62.93 118.00
N ALA W 854 -40.62 -63.79 117.13
CA ALA W 854 -40.33 -65.21 117.15
C ALA W 854 -39.66 -65.60 115.85
N VAL W 855 -38.47 -66.19 115.96
CA VAL W 855 -37.71 -66.68 114.81
C VAL W 855 -37.23 -68.08 115.13
N ASP W 856 -37.23 -68.95 114.13
CA ASP W 856 -36.72 -70.30 114.29
C ASP W 856 -35.24 -70.35 113.93
N ALA W 857 -34.53 -71.30 114.55
CA ALA W 857 -33.08 -71.35 114.45
C ALA W 857 -32.62 -71.57 113.01
N ASP W 858 -33.20 -72.56 112.34
CA ASP W 858 -32.79 -72.86 110.97
C ASP W 858 -32.97 -71.65 110.06
N ALA W 859 -33.93 -70.78 110.37
CA ALA W 859 -34.03 -69.51 109.67
C ALA W 859 -32.84 -68.61 109.99
N MET W 860 -32.50 -68.51 111.28
CA MET W 860 -31.36 -67.69 111.68
C MET W 860 -30.08 -68.11 110.97
N LEU W 861 -29.92 -69.40 110.67
CA LEU W 861 -28.69 -69.87 110.05
C LEU W 861 -28.47 -69.28 108.66
N ILE W 862 -29.53 -68.81 107.98
CA ILE W 862 -29.38 -68.27 106.63
C ILE W 862 -28.80 -66.86 106.62
N LEU W 863 -28.60 -66.24 107.78
CA LEU W 863 -28.06 -64.89 107.84
C LEU W 863 -26.67 -64.78 107.23
N GLN W 864 -25.96 -65.89 107.08
CA GLN W 864 -24.59 -65.86 106.55
C GLN W 864 -24.54 -65.86 105.02
N GLU W 865 -25.67 -66.05 104.34
CA GLU W 865 -25.66 -66.04 102.88
C GLU W 865 -25.10 -64.73 102.35
N THR W 866 -25.24 -63.64 103.11
CA THR W 866 -24.78 -62.34 102.67
C THR W 866 -23.25 -62.27 102.53
N VAL W 867 -22.51 -63.21 103.13
CA VAL W 867 -21.06 -63.16 103.04
C VAL W 867 -20.59 -63.29 101.60
N THR W 868 -21.43 -63.83 100.72
CA THR W 868 -21.10 -63.87 99.30
C THR W 868 -21.40 -62.57 98.59
N ASN W 869 -22.21 -61.70 99.20
CA ASN W 869 -22.55 -60.39 98.63
C ASN W 869 -22.43 -59.36 99.75
N MET W 870 -21.22 -58.81 99.93
CA MET W 870 -20.98 -57.85 100.99
C MET W 870 -21.41 -56.45 100.55
N ALA W 871 -21.43 -55.54 101.52
CA ALA W 871 -21.71 -54.12 101.28
C ALA W 871 -20.62 -53.32 101.96
N GLU W 872 -19.88 -52.55 101.16
CA GLU W 872 -18.62 -51.98 101.64
C GLU W 872 -18.84 -50.71 102.45
N ARG W 873 -19.30 -49.65 101.81
CA ARG W 873 -19.52 -48.38 102.50
C ARG W 873 -20.58 -47.56 101.79
N THR W 874 -21.39 -46.86 102.58
CA THR W 874 -22.31 -45.87 102.05
C THR W 874 -21.50 -44.63 101.74
N THR W 875 -21.85 -43.94 100.66
CA THR W 875 -21.03 -42.87 100.15
C THR W 875 -21.90 -41.76 99.59
N PRO W 876 -21.47 -40.51 99.70
CA PRO W 876 -22.25 -39.40 99.16
C PRO W 876 -21.92 -39.11 97.70
N LEU W 877 -22.96 -38.76 96.95
CA LEU W 877 -22.83 -38.33 95.56
C LEU W 877 -23.12 -36.84 95.46
N LEU W 878 -22.98 -36.31 94.25
CA LEU W 878 -23.41 -34.94 93.97
C LEU W 878 -23.71 -34.85 92.46
N ALA W 879 -24.99 -34.92 92.11
CA ALA W 879 -25.37 -34.78 90.73
C ALA W 879 -25.28 -33.32 90.29
N SER W 880 -25.35 -33.11 88.97
CA SER W 880 -25.34 -31.78 88.40
C SER W 880 -25.73 -31.89 86.93
N VAL W 881 -26.55 -30.95 86.47
CA VAL W 881 -26.98 -30.94 85.09
C VAL W 881 -27.53 -29.56 84.76
N ALA W 882 -27.24 -29.09 83.55
CA ALA W 882 -27.87 -27.89 83.05
C ALA W 882 -29.35 -28.17 82.79
N PRO W 883 -30.20 -27.14 82.85
CA PRO W 883 -31.63 -27.35 82.60
C PRO W 883 -31.87 -27.96 81.22
N ASP W 884 -33.01 -28.64 81.10
CA ASP W 884 -33.32 -29.38 79.88
C ASP W 884 -33.64 -28.44 78.73
N ALA W 885 -34.03 -29.03 77.60
CA ALA W 885 -34.38 -28.24 76.42
C ALA W 885 -35.54 -27.30 76.66
N GLY W 886 -36.30 -27.49 77.75
CA GLY W 886 -37.33 -26.52 78.11
C GLY W 886 -36.76 -25.18 78.52
N MET W 887 -35.59 -25.18 79.15
CA MET W 887 -34.87 -23.95 79.51
C MET W 887 -33.46 -24.06 78.95
N ALA W 888 -33.25 -23.56 77.73
CA ALA W 888 -31.93 -23.54 77.12
C ALA W 888 -31.70 -22.22 76.41
N THR W 889 -32.21 -21.13 76.95
CA THR W 889 -31.95 -19.83 76.36
C THR W 889 -30.53 -19.38 76.73
N VAL W 890 -30.03 -18.40 75.97
CA VAL W 890 -28.62 -18.04 76.05
C VAL W 890 -28.25 -17.58 77.45
N ALA W 891 -29.20 -17.02 78.20
CA ALA W 891 -28.95 -16.60 79.57
C ALA W 891 -29.07 -17.74 80.57
N THR W 892 -29.06 -18.99 80.10
CA THR W 892 -29.22 -20.16 80.97
C THR W 892 -28.22 -21.23 80.59
N ARG W 893 -26.97 -20.84 80.35
CA ARG W 893 -25.91 -21.81 80.07
C ARG W 893 -24.99 -22.06 81.26
N ASP W 894 -24.87 -21.10 82.17
CA ASP W 894 -24.14 -21.30 83.42
C ASP W 894 -25.10 -21.51 84.59
N MET W 895 -26.38 -21.66 84.30
CA MET W 895 -27.42 -21.76 85.33
C MET W 895 -27.73 -23.22 85.65
N ARG W 896 -26.71 -23.99 86.00
CA ARG W 896 -26.88 -25.40 86.31
C ARG W 896 -27.38 -25.58 87.74
N THR W 897 -27.75 -26.81 88.05
CA THR W 897 -28.30 -27.16 89.36
C THR W 897 -27.49 -28.30 89.97
N HIS W 898 -27.38 -28.28 91.29
CA HIS W 898 -26.69 -29.32 92.06
C HIS W 898 -27.66 -29.88 93.09
N ASP W 899 -27.64 -31.20 93.26
CA ASP W 899 -28.48 -31.86 94.25
C ASP W 899 -27.82 -33.16 94.66
N GLY W 900 -28.03 -33.56 95.91
CA GLY W 900 -27.34 -34.70 96.47
C GLY W 900 -28.10 -36.00 96.27
N SER W 901 -27.44 -37.08 96.68
CA SER W 901 -27.98 -38.43 96.66
C SER W 901 -27.01 -39.32 97.42
N LEU W 902 -27.55 -40.36 98.05
CA LEU W 902 -26.76 -41.28 98.88
C LEU W 902 -26.78 -42.66 98.26
N HIS W 903 -25.61 -43.27 98.15
CA HIS W 903 -25.47 -44.64 97.68
C HIS W 903 -25.35 -45.57 98.88
N HIS W 904 -26.16 -46.64 98.89
CA HIS W 904 -26.15 -47.63 99.96
C HIS W 904 -26.46 -47.01 101.32
N GLY W 905 -27.15 -45.87 101.33
CA GLY W 905 -27.58 -45.26 102.56
C GLY W 905 -28.74 -46.01 103.19
N LEU W 906 -29.44 -45.33 104.09
CA LEU W 906 -30.60 -45.92 104.75
C LEU W 906 -31.45 -44.85 105.42
N LEU W 907 -32.75 -44.87 105.17
CA LEU W 907 -33.68 -43.95 105.79
C LEU W 907 -34.32 -44.60 107.00
N MET W 908 -34.47 -43.85 108.09
CA MET W 908 -35.21 -44.30 109.24
C MET W 908 -36.35 -43.32 109.54
N MET W 909 -37.18 -43.69 110.52
CA MET W 909 -38.47 -43.03 110.72
C MET W 909 -38.44 -42.01 111.85
N ALA W 910 -38.09 -42.42 113.06
CA ALA W 910 -38.17 -41.54 114.22
C ALA W 910 -37.12 -41.96 115.25
N TYR W 911 -36.20 -41.05 115.54
CA TYR W 911 -35.16 -41.31 116.54
C TYR W 911 -35.78 -41.56 117.90
N GLN W 912 -35.20 -42.51 118.64
CA GLN W 912 -35.70 -42.93 119.95
C GLN W 912 -34.69 -42.52 121.02
N PRO W 913 -34.85 -41.33 121.62
CA PRO W 913 -33.82 -40.86 122.57
C PRO W 913 -33.85 -41.57 123.92
N ASN W 914 -35.03 -41.81 124.48
CA ASN W 914 -35.14 -42.30 125.85
C ASN W 914 -34.90 -43.80 125.98
N ASP W 915 -34.31 -44.44 124.97
CA ASP W 915 -33.87 -45.81 125.05
C ASP W 915 -32.52 -45.87 125.75
N ALA W 916 -32.26 -46.99 126.42
CA ALA W 916 -31.05 -47.12 127.23
C ALA W 916 -30.26 -48.40 127.02
N THR W 917 -30.73 -49.31 126.16
CA THR W 917 -30.05 -50.57 125.92
C THR W 917 -29.12 -50.53 124.71
N LEU W 918 -28.78 -49.33 124.24
CA LEU W 918 -27.82 -49.15 123.16
C LEU W 918 -26.95 -47.96 123.49
N LEU W 919 -26.19 -47.50 122.50
CA LEU W 919 -25.68 -46.16 122.49
C LEU W 919 -26.43 -45.37 121.43
N GLU W 920 -26.36 -44.06 121.54
CA GLU W 920 -27.06 -43.16 120.63
C GLU W 920 -26.67 -43.38 119.17
N GLY W 921 -25.38 -43.27 118.83
CA GLY W 921 -24.92 -43.53 117.48
C GLY W 921 -24.44 -44.95 117.36
N ALA W 922 -25.26 -45.89 117.84
CA ALA W 922 -24.85 -47.28 117.91
C ALA W 922 -24.53 -47.85 116.52
N PHE W 923 -25.32 -47.50 115.52
CA PHE W 923 -25.12 -48.04 114.19
C PHE W 923 -25.21 -47.03 113.06
N PHE W 924 -25.71 -45.82 113.30
CA PHE W 924 -25.88 -44.84 112.25
C PHE W 924 -25.47 -43.47 112.78
N TYR W 925 -25.83 -42.44 112.00
CA TYR W 925 -25.50 -41.05 112.25
C TYR W 925 -26.32 -40.25 111.26
N PRO W 926 -26.73 -39.04 111.60
CA PRO W 926 -27.49 -38.22 110.65
C PRO W 926 -26.64 -37.82 109.46
N ALA W 927 -27.28 -37.77 108.30
CA ALA W 927 -26.65 -37.33 107.07
C ALA W 927 -27.73 -36.92 106.08
N PRO W 928 -28.35 -35.76 106.27
CA PRO W 928 -29.43 -35.36 105.37
C PRO W 928 -28.93 -35.13 103.95
N VAL W 929 -29.87 -35.23 103.01
CA VAL W 929 -29.50 -35.15 101.60
C VAL W 929 -30.34 -34.08 100.92
N ASN W 930 -31.49 -33.74 101.50
CA ASN W 930 -32.36 -32.73 100.93
C ASN W 930 -33.17 -32.10 102.05
N ALA W 931 -34.02 -31.13 101.68
CA ALA W 931 -34.76 -30.37 102.68
C ALA W 931 -35.77 -31.25 103.42
N LEU W 932 -36.49 -32.10 102.70
CA LEU W 932 -37.50 -32.95 103.33
C LEU W 932 -36.87 -33.89 104.35
N PHE W 933 -35.95 -34.74 103.89
CA PHE W 933 -35.39 -35.81 104.71
C PHE W 933 -34.35 -35.28 105.69
N ALA W 934 -34.79 -34.36 106.54
CA ALA W 934 -33.91 -33.79 107.56
C ALA W 934 -34.77 -33.28 108.71
N CYS W 935 -34.86 -34.07 109.77
CA CYS W 935 -35.44 -33.60 111.02
C CYS W 935 -34.31 -33.11 111.92
N ALA W 936 -34.62 -32.80 113.17
CA ALA W 936 -33.62 -32.32 114.12
C ALA W 936 -33.32 -33.29 115.24
N ASP W 937 -34.32 -34.07 115.69
CA ASP W 937 -34.11 -35.01 116.79
C ASP W 937 -33.05 -36.07 116.49
N HIS W 938 -32.65 -36.22 115.22
CA HIS W 938 -31.67 -37.24 114.87
C HIS W 938 -30.24 -36.82 115.17
N LEU W 939 -29.98 -35.52 115.31
CA LEU W 939 -28.62 -35.06 115.56
C LEU W 939 -28.04 -35.61 116.86
N GLY W 940 -28.90 -35.98 117.82
CA GLY W 940 -28.43 -36.66 119.01
C GLY W 940 -27.71 -37.97 118.72
N ALA W 941 -28.14 -38.66 117.66
CA ALA W 941 -27.44 -39.88 117.24
C ALA W 941 -25.98 -39.57 116.90
N MET W 942 -25.74 -38.44 116.26
CA MET W 942 -24.37 -38.02 116.00
C MET W 942 -23.65 -37.77 117.31
N ARG W 943 -22.43 -38.27 117.40
CA ARG W 943 -21.65 -38.16 118.63
C ARG W 943 -21.10 -36.76 118.80
N ASP W 944 -21.05 -36.29 120.05
CA ASP W 944 -20.39 -35.04 120.42
C ASP W 944 -20.96 -33.85 119.65
N VAL W 945 -22.24 -33.59 119.88
CA VAL W 945 -22.93 -32.44 119.31
C VAL W 945 -23.11 -31.38 120.39
N GLY W 946 -22.95 -30.11 120.00
CA GLY W 946 -23.06 -29.02 120.94
C GLY W 946 -24.50 -28.67 121.26
N ALA W 947 -24.65 -27.82 122.28
CA ALA W 947 -25.98 -27.36 122.66
C ALA W 947 -26.43 -26.17 121.83
N GLU W 948 -25.51 -25.32 121.39
CA GLU W 948 -25.87 -24.16 120.59
C GLU W 948 -26.30 -24.54 119.18
N VAL W 949 -25.80 -25.64 118.64
CA VAL W 949 -26.12 -26.02 117.27
C VAL W 949 -27.52 -26.62 117.17
N ARG W 950 -27.91 -27.44 118.15
CA ARG W 950 -29.24 -28.03 118.13
C ARG W 950 -30.34 -27.01 118.34
N ALA W 951 -30.03 -25.89 118.99
CA ALA W 951 -31.03 -24.82 119.14
C ALA W 951 -31.46 -24.30 117.77
N ALA W 952 -30.52 -24.19 116.84
CA ALA W 952 -30.82 -23.75 115.48
C ALA W 952 -31.15 -24.91 114.56
N ALA W 953 -31.45 -26.09 115.10
CA ALA W 953 -31.80 -27.25 114.30
C ALA W 953 -33.30 -27.34 114.04
N GLN W 954 -34.12 -26.59 114.76
CA GLN W 954 -35.56 -26.58 114.54
C GLN W 954 -36.02 -25.49 113.60
N HIS W 955 -35.16 -24.51 113.29
CA HIS W 955 -35.50 -23.48 112.32
C HIS W 955 -35.03 -23.85 110.91
N VAL W 956 -33.73 -24.05 110.74
CA VAL W 956 -33.14 -24.25 109.43
C VAL W 956 -32.89 -25.73 109.22
N PRO W 957 -33.01 -26.25 107.99
CA PRO W 957 -32.70 -27.65 107.75
C PRO W 957 -31.20 -27.89 107.79
N CYS W 958 -30.81 -29.05 108.31
CA CYS W 958 -29.42 -29.35 108.62
C CYS W 958 -28.67 -29.95 107.43
N VAL W 959 -29.12 -29.68 106.21
CA VAL W 959 -28.42 -30.20 105.02
C VAL W 959 -27.00 -29.65 104.98
N PRO W 960 -26.00 -30.46 104.67
CA PRO W 960 -24.63 -29.94 104.57
C PRO W 960 -24.37 -29.34 103.19
N HIS W 961 -23.30 -28.54 103.12
CA HIS W 961 -22.95 -27.84 101.90
C HIS W 961 -21.98 -28.61 101.02
N PHE W 962 -21.98 -29.94 101.12
CA PHE W 962 -21.36 -30.78 100.11
C PHE W 962 -22.36 -31.74 99.48
N LEU W 963 -23.62 -31.71 99.92
CA LEU W 963 -24.70 -32.47 99.31
C LEU W 963 -25.77 -31.57 98.70
N GLY W 964 -25.53 -30.26 98.66
CA GLY W 964 -26.47 -29.34 98.04
C GLY W 964 -27.16 -28.41 99.01
N ALA W 965 -27.14 -27.11 98.71
CA ALA W 965 -27.84 -26.13 99.52
C ALA W 965 -29.29 -26.05 99.07
N ASN W 966 -30.04 -25.06 99.56
CA ASN W 966 -31.47 -24.96 99.30
C ASN W 966 -31.81 -23.84 98.31
N TYR W 967 -30.85 -23.46 97.50
CA TYR W 967 -31.11 -22.64 96.33
C TYR W 967 -30.73 -23.36 95.04
N TYR W 968 -29.52 -23.94 94.99
CA TYR W 968 -29.08 -24.67 93.82
C TYR W 968 -29.84 -25.98 93.61
N ALA W 969 -30.39 -26.55 94.67
CA ALA W 969 -31.11 -27.81 94.55
C ALA W 969 -32.36 -27.63 93.71
N THR W 970 -32.92 -28.76 93.28
CA THR W 970 -34.16 -28.77 92.51
C THR W 970 -35.37 -29.08 93.37
N VAL W 971 -35.16 -29.25 94.67
CA VAL W 971 -36.24 -29.43 95.64
C VAL W 971 -35.96 -28.44 96.76
N ARG W 972 -36.57 -27.26 96.69
CA ARG W 972 -36.22 -26.16 97.57
C ARG W 972 -36.90 -26.35 98.93
N GLN W 973 -36.84 -25.30 99.76
CA GLN W 973 -37.46 -25.39 101.10
C GLN W 973 -38.98 -25.42 101.05
N PRO W 974 -39.66 -24.51 100.34
CA PRO W 974 -41.13 -24.43 100.52
C PRO W 974 -41.87 -25.70 100.18
N VAL W 975 -41.38 -26.51 99.24
CA VAL W 975 -42.06 -27.77 98.94
C VAL W 975 -41.94 -28.74 100.12
N ALA W 976 -40.86 -28.62 100.90
CA ALA W 976 -40.75 -29.41 102.13
C ALA W 976 -41.58 -28.83 103.25
N GLN W 977 -41.77 -27.51 103.28
CA GLN W 977 -42.58 -26.89 104.31
C GLN W 977 -44.07 -27.14 104.09
N HIS W 978 -44.50 -27.26 102.84
CA HIS W 978 -45.91 -27.55 102.57
C HIS W 978 -46.32 -28.90 103.10
N ALA W 979 -45.41 -29.86 103.14
CA ALA W 979 -45.65 -31.17 103.74
C ALA W 979 -45.45 -31.16 105.24
N ALA W 980 -45.20 -30.00 105.84
CA ALA W 980 -44.96 -29.87 107.27
C ALA W 980 -46.10 -29.20 108.02
N GLN W 981 -46.83 -28.29 107.39
CA GLN W 981 -47.87 -27.51 108.04
C GLN W 981 -49.20 -27.63 107.31
N SER W 982 -49.58 -28.87 106.98
CA SER W 982 -50.85 -29.13 106.28
C SER W 982 -51.50 -30.35 106.91
N ARG W 983 -52.33 -30.12 107.92
CA ARG W 983 -53.15 -31.18 108.53
C ARG W 983 -54.30 -31.46 107.57
N ALA W 984 -54.01 -32.26 106.54
CA ALA W 984 -54.84 -32.26 105.34
C ALA W 984 -55.11 -33.66 104.81
N ASP W 985 -55.57 -34.57 105.68
CA ASP W 985 -56.20 -35.81 105.21
C ASP W 985 -55.23 -36.60 104.31
N GLU W 986 -54.23 -37.20 104.95
CA GLU W 986 -52.96 -37.59 104.36
C GLU W 986 -53.04 -38.23 102.98
N ASN W 987 -54.22 -38.69 102.56
CA ASN W 987 -54.37 -39.19 101.19
C ASN W 987 -54.21 -38.07 100.17
N THR W 988 -55.07 -37.05 100.25
CA THR W 988 -55.07 -35.99 99.24
C THR W 988 -53.76 -35.21 99.23
N LEU W 989 -53.03 -35.22 100.35
CA LEU W 989 -51.72 -34.60 100.41
C LEU W 989 -50.78 -35.20 99.37
N SER W 990 -50.90 -36.51 99.14
CA SER W 990 -50.04 -37.17 98.15
C SER W 990 -50.31 -36.63 96.76
N TYR W 991 -51.58 -36.52 96.38
CA TYR W 991 -51.91 -35.98 95.07
C TYR W 991 -51.48 -34.53 94.95
N ALA W 992 -51.62 -33.75 96.03
CA ALA W 992 -51.19 -32.36 95.99
C ALA W 992 -49.69 -32.26 95.76
N LEU W 993 -48.90 -33.05 96.50
CA LEU W 993 -47.46 -33.05 96.30
C LEU W 993 -47.10 -33.53 94.90
N MET W 994 -47.84 -34.51 94.37
CA MET W 994 -47.55 -35.01 93.04
C MET W 994 -47.81 -33.93 91.99
N ALA W 995 -48.90 -33.17 92.14
CA ALA W 995 -49.15 -32.05 91.25
C ALA W 995 -48.13 -30.94 91.44
N GLY W 996 -47.51 -30.86 92.61
CA GLY W 996 -46.44 -29.92 92.82
C GLY W 996 -45.11 -30.39 92.28
N TYR W 997 -45.12 -31.17 91.20
CA TYR W 997 -43.90 -31.66 90.58
C TYR W 997 -43.98 -31.56 89.06
N PHE W 998 -44.64 -30.52 88.56
CA PHE W 998 -44.68 -30.20 87.15
C PHE W 998 -43.71 -29.06 86.87
N LYS W 999 -43.02 -29.13 85.74
CA LYS W 999 -42.08 -28.08 85.39
C LYS W 999 -42.82 -26.83 84.90
N MET W 1000 -42.16 -25.69 85.05
CA MET W 1000 -42.68 -24.41 84.56
C MET W 1000 -41.79 -23.97 83.41
N SER W 1001 -42.29 -24.12 82.19
CA SER W 1001 -41.54 -23.83 80.98
C SER W 1001 -42.51 -23.72 79.81
N PRO W 1002 -42.20 -22.91 78.80
CA PRO W 1002 -43.09 -22.80 77.63
C PRO W 1002 -43.53 -24.13 77.07
N VAL W 1003 -42.56 -25.02 76.80
CA VAL W 1003 -42.88 -26.33 76.25
C VAL W 1003 -43.72 -27.14 77.23
N ALA W 1004 -43.51 -26.96 78.53
CA ALA W 1004 -44.33 -27.64 79.52
C ALA W 1004 -45.71 -27.00 79.65
N PHE W 1005 -45.78 -25.67 79.48
CA PHE W 1005 -47.08 -25.01 79.53
C PHE W 1005 -47.96 -25.43 78.36
N THR W 1006 -47.36 -25.64 77.18
CA THR W 1006 -48.14 -26.10 76.03
C THR W 1006 -48.81 -27.44 76.27
N HIS W 1007 -48.47 -28.14 77.34
CA HIS W 1007 -49.17 -29.34 77.78
C HIS W 1007 -50.10 -29.04 78.95
N GLN W 1008 -49.57 -28.42 80.00
CA GLN W 1008 -50.34 -28.18 81.21
C GLN W 1008 -51.54 -27.28 80.94
N LEU W 1009 -51.29 -26.07 80.42
CA LEU W 1009 -52.35 -25.08 80.25
C LEU W 1009 -53.42 -25.55 79.26
N ARG W 1010 -53.20 -26.67 78.58
CA ARG W 1010 -54.16 -27.20 77.62
C ARG W 1010 -54.79 -28.51 78.09
N ARG W 1011 -54.23 -29.16 79.11
CA ARG W 1011 -54.81 -30.37 79.66
C ARG W 1011 -55.71 -30.10 80.87
N GLN W 1012 -56.23 -28.87 80.99
CA GLN W 1012 -57.13 -28.49 82.08
C GLN W 1012 -56.48 -28.70 83.45
N LEU W 1013 -55.38 -27.99 83.66
CA LEU W 1013 -54.68 -27.97 84.95
C LEU W 1013 -54.41 -26.52 85.32
N HIS W 1014 -54.27 -26.28 86.62
CA HIS W 1014 -54.07 -24.93 87.12
C HIS W 1014 -52.71 -24.80 87.80
N PRO W 1015 -51.74 -24.17 87.15
CA PRO W 1015 -50.45 -23.91 87.80
C PRO W 1015 -50.57 -22.72 88.76
N GLY W 1016 -49.44 -22.32 89.31
CA GLY W 1016 -49.42 -21.26 90.29
C GLY W 1016 -49.45 -19.87 89.69
N PHE W 1017 -50.60 -19.47 89.17
CA PHE W 1017 -50.77 -18.13 88.62
C PHE W 1017 -52.19 -17.64 88.92
N ALA W 1018 -52.43 -16.39 88.57
CA ALA W 1018 -53.79 -15.87 88.43
C ALA W 1018 -53.68 -14.72 87.42
N LEU W 1019 -53.92 -15.03 86.15
CA LEU W 1019 -53.70 -14.05 85.10
C LEU W 1019 -54.72 -12.93 85.20
N THR W 1020 -54.32 -11.74 84.73
CA THR W 1020 -55.16 -10.56 84.77
C THR W 1020 -55.40 -10.08 83.34
N VAL W 1021 -56.63 -10.22 82.87
CA VAL W 1021 -56.99 -9.88 81.50
C VAL W 1021 -57.23 -8.38 81.41
N VAL W 1022 -56.68 -7.77 80.36
CA VAL W 1022 -56.88 -6.36 80.07
C VAL W 1022 -57.19 -6.20 78.60
N ARG W 1023 -58.15 -5.33 78.28
CA ARG W 1023 -58.50 -5.06 76.89
C ARG W 1023 -59.09 -3.65 76.80
N GLN W 1024 -59.05 -3.10 75.59
CA GLN W 1024 -59.52 -1.75 75.33
C GLN W 1024 -60.83 -1.78 74.56
N ASP W 1025 -61.64 -0.74 74.76
CA ASP W 1025 -62.91 -0.60 74.08
C ASP W 1025 -63.07 0.83 73.58
N ARG W 1026 -63.97 0.99 72.61
CA ARG W 1026 -64.31 2.28 72.04
C ARG W 1026 -65.81 2.34 71.82
N PHE W 1027 -66.41 3.52 72.06
CA PHE W 1027 -67.84 3.68 71.97
C PHE W 1027 -68.15 5.00 71.27
N ALA W 1028 -68.78 4.91 70.11
CA ALA W 1028 -69.28 6.12 69.45
C ALA W 1028 -70.34 6.78 70.31
N THR W 1029 -70.47 8.09 70.17
CA THR W 1029 -71.35 8.84 71.07
C THR W 1029 -72.14 9.92 70.34
N GLU W 1030 -72.83 10.75 71.09
CA GLU W 1030 -73.64 11.85 70.54
C GLU W 1030 -73.48 13.02 71.50
N ASN W 1031 -72.65 13.99 71.11
CA ASN W 1031 -72.26 15.07 72.00
C ASN W 1031 -73.10 16.32 71.77
N VAL W 1032 -73.14 17.17 72.79
CA VAL W 1032 -73.83 18.45 72.74
C VAL W 1032 -72.79 19.51 73.11
N LEU W 1033 -72.11 20.05 72.10
CA LEU W 1033 -71.07 21.04 72.33
C LEU W 1033 -71.70 22.40 72.65
N PHE W 1034 -70.88 23.30 73.20
CA PHE W 1034 -71.33 24.63 73.53
C PHE W 1034 -70.17 25.61 73.39
N ALA W 1035 -70.51 26.87 73.14
CA ALA W 1035 -69.53 27.93 73.00
C ALA W 1035 -70.19 29.24 73.42
N GLU W 1036 -69.48 30.36 73.28
CA GLU W 1036 -70.00 31.64 73.76
C GLU W 1036 -69.93 32.74 72.70
N LYS W 1037 -70.13 33.98 73.14
CA LYS W 1037 -70.32 35.10 72.22
C LYS W 1037 -69.13 35.29 71.29
N ALA W 1038 -67.91 35.02 71.78
CA ALA W 1038 -66.73 35.14 70.92
C ALA W 1038 -65.66 34.23 71.51
N SER W 1039 -65.52 33.04 70.94
CA SER W 1039 -64.53 32.09 71.44
C SER W 1039 -63.26 32.03 70.61
N GLU W 1040 -63.34 32.38 69.33
CA GLU W 1040 -62.22 32.24 68.42
C GLU W 1040 -62.03 33.53 67.64
N SER W 1041 -60.82 34.10 67.71
CA SER W 1041 -60.39 35.07 66.74
C SER W 1041 -59.95 34.30 65.50
N TYR W 1042 -60.56 34.60 64.36
CA TYR W 1042 -60.42 33.79 63.16
C TYR W 1042 -59.97 34.68 62.00
N PHE W 1043 -58.84 34.32 61.39
CA PHE W 1043 -58.26 35.08 60.30
C PHE W 1043 -58.31 34.26 59.01
N MET W 1044 -58.69 34.92 57.92
CA MET W 1044 -58.72 34.31 56.60
C MET W 1044 -57.71 34.99 55.70
N GLY W 1045 -56.94 34.20 54.95
CA GLY W 1045 -55.94 34.75 54.06
C GLY W 1045 -56.48 35.15 52.72
N GLN W 1046 -55.79 34.77 51.65
CA GLN W 1046 -56.20 35.07 50.29
C GLN W 1046 -56.19 33.78 49.49
N MET W 1047 -57.26 33.53 48.74
CA MET W 1047 -57.35 32.31 47.95
C MET W 1047 -56.19 32.22 46.97
N GLN W 1048 -55.39 31.16 47.09
CA GLN W 1048 -54.13 31.03 46.37
C GLN W 1048 -54.22 29.81 45.46
N VAL W 1049 -54.01 30.02 44.17
CA VAL W 1049 -54.16 28.97 43.16
C VAL W 1049 -52.79 28.61 42.61
N ALA W 1050 -52.64 27.34 42.23
CA ALA W 1050 -51.43 26.84 41.59
C ALA W 1050 -51.88 26.04 40.37
N ARG W 1051 -52.00 26.72 39.23
CA ARG W 1051 -52.52 26.12 38.00
C ARG W 1051 -51.40 25.35 37.32
N THR W 1052 -51.07 24.19 37.87
CA THR W 1052 -50.07 23.32 37.27
C THR W 1052 -50.64 22.63 36.04
N GLU W 1053 -49.96 22.81 34.89
CA GLU W 1053 -50.27 22.00 33.73
C GLU W 1053 -49.83 20.58 34.02
N SER W 1054 -50.69 19.61 33.71
CA SER W 1054 -50.37 18.22 34.01
C SER W 1054 -51.13 17.34 33.02
N GLY W 1055 -50.43 16.85 32.01
CA GLY W 1055 -50.97 15.84 31.11
C GLY W 1055 -52.19 16.26 30.30
N GLY W 1056 -52.00 17.19 29.37
CA GLY W 1056 -53.09 17.61 28.51
C GLY W 1056 -54.00 18.64 29.13
N GLY W 1057 -54.85 18.22 30.06
CA GLY W 1057 -55.76 19.12 30.73
C GLY W 1057 -55.13 19.78 31.95
N LEU W 1058 -55.57 21.01 32.23
CA LEU W 1058 -55.17 21.67 33.46
C LEU W 1058 -55.73 20.94 34.67
N HIS W 1059 -54.96 20.92 35.74
CA HIS W 1059 -55.37 20.31 37.01
C HIS W 1059 -55.15 21.37 38.08
N LEU W 1060 -56.15 22.23 38.28
CA LEU W 1060 -56.01 23.34 39.21
C LEU W 1060 -56.02 22.83 40.64
N GLN W 1061 -55.22 23.50 41.48
CA GLN W 1061 -55.06 23.13 42.88
C GLN W 1061 -55.33 24.37 43.73
N LEU W 1062 -56.56 24.52 44.19
CA LEU W 1062 -56.93 25.65 45.02
C LEU W 1062 -56.36 25.47 46.43
N THR W 1063 -56.16 26.59 47.11
CA THR W 1063 -55.59 26.59 48.45
C THR W 1063 -55.81 27.97 49.06
N GLN W 1064 -56.18 27.98 50.35
CA GLN W 1064 -56.32 29.22 51.10
C GLN W 1064 -55.88 28.97 52.53
N PRO W 1065 -55.05 29.85 53.09
CA PRO W 1065 -54.64 29.68 54.49
C PRO W 1065 -55.59 30.38 55.45
N ARG W 1066 -55.57 29.92 56.69
CA ARG W 1066 -56.38 30.52 57.75
C ARG W 1066 -55.81 30.11 59.10
N ALA W 1067 -56.02 30.96 60.09
CA ALA W 1067 -55.46 30.76 61.43
C ALA W 1067 -56.54 31.02 62.47
N ASN W 1068 -56.46 30.27 63.57
CA ASN W 1068 -57.41 30.38 64.67
C ASN W 1068 -56.67 30.48 65.98
N VAL W 1069 -57.33 31.08 66.97
CA VAL W 1069 -56.74 31.24 68.31
C VAL W 1069 -57.86 31.45 69.31
N ASP W 1070 -57.66 30.92 70.51
CA ASP W 1070 -58.58 31.15 71.62
C ASP W 1070 -58.36 32.54 72.19
N LEU W 1071 -59.41 33.09 72.79
CA LEU W 1071 -59.27 34.37 73.46
C LEU W 1071 -60.05 34.41 74.77
N GLY W 1072 -60.18 33.27 75.43
CA GLY W 1072 -60.92 33.23 76.68
C GLY W 1072 -60.11 32.68 77.84
N VAL W 1073 -59.93 33.51 78.87
CA VAL W 1073 -59.31 33.04 80.11
C VAL W 1073 -60.24 32.03 80.76
N GLY W 1074 -59.71 30.87 81.11
CA GLY W 1074 -60.53 29.77 81.53
C GLY W 1074 -61.22 29.10 80.36
N PHE W 1075 -61.68 27.87 80.59
CA PHE W 1075 -62.31 27.07 79.55
C PHE W 1075 -63.48 27.82 78.93
N THR W 1076 -63.68 27.59 77.63
CA THR W 1076 -64.73 28.28 76.89
C THR W 1076 -65.52 27.32 76.00
N ALA W 1077 -65.61 26.06 76.40
CA ALA W 1077 -66.38 25.07 75.66
C ALA W 1077 -66.46 23.80 76.48
N ALA W 1078 -67.56 23.07 76.32
CA ALA W 1078 -67.74 21.80 77.04
C ALA W 1078 -68.84 21.00 76.37
N TYR W 1079 -68.51 19.79 75.93
CA TYR W 1079 -69.50 18.85 75.41
C TYR W 1079 -69.98 17.94 76.54
N ALA W 1080 -71.02 17.18 76.24
CA ALA W 1080 -71.75 16.47 77.29
C ALA W 1080 -71.94 14.98 77.07
N ALA W 1081 -71.84 14.47 75.85
CA ALA W 1081 -71.98 13.05 75.55
C ALA W 1081 -73.35 12.54 76.02
N ALA W 1082 -74.39 13.03 75.34
CA ALA W 1082 -75.76 12.75 75.76
C ALA W 1082 -76.13 11.29 75.54
N ALA W 1083 -76.14 10.86 74.29
CA ALA W 1083 -76.62 9.52 73.95
C ALA W 1083 -75.45 8.53 73.92
N LEU W 1084 -75.71 7.33 73.41
CA LEU W 1084 -74.68 6.32 73.26
C LEU W 1084 -75.04 5.45 72.06
N ARG W 1085 -74.25 5.56 70.98
CA ARG W 1085 -74.49 4.78 69.77
C ARG W 1085 -73.99 3.37 69.99
N ALA W 1086 -73.92 2.59 68.91
CA ALA W 1086 -73.39 1.24 69.01
C ALA W 1086 -71.91 1.28 69.37
N PRO W 1087 -71.43 0.28 70.11
CA PRO W 1087 -69.99 0.19 70.35
C PRO W 1087 -69.25 -0.11 69.05
N VAL W 1088 -68.47 0.86 68.56
CA VAL W 1088 -67.81 0.69 67.28
C VAL W 1088 -66.83 -0.48 67.32
N THR W 1089 -66.32 -0.79 68.50
CA THR W 1089 -65.43 -1.93 68.66
C THR W 1089 -66.22 -3.17 69.04
N ASP W 1090 -65.56 -4.32 68.92
CA ASP W 1090 -66.07 -5.53 69.52
C ASP W 1090 -65.54 -5.67 70.93
N MET W 1091 -66.33 -6.33 71.78
CA MET W 1091 -65.92 -6.62 73.14
C MET W 1091 -65.63 -8.11 73.32
N GLY W 1092 -65.31 -8.81 72.24
CA GLY W 1092 -65.02 -10.23 72.29
C GLY W 1092 -63.68 -10.56 72.91
N ASN W 1093 -63.11 -11.69 72.52
CA ASN W 1093 -61.85 -12.16 73.09
C ASN W 1093 -60.85 -12.42 71.98
N LEU W 1094 -59.61 -12.01 72.21
CA LEU W 1094 -58.52 -12.26 71.28
C LEU W 1094 -57.20 -12.21 72.02
N PRO W 1095 -56.48 -13.32 72.11
CA PRO W 1095 -55.20 -13.32 72.81
C PRO W 1095 -54.09 -12.72 71.96
N GLN W 1096 -53.17 -12.03 72.63
CA GLN W 1096 -52.04 -11.45 71.94
C GLN W 1096 -51.00 -12.52 71.64
N ASN W 1097 -50.39 -12.44 70.46
CA ASN W 1097 -49.43 -13.42 69.98
C ASN W 1097 -48.05 -12.77 70.04
N LEU W 1098 -47.31 -13.06 71.11
CA LEU W 1098 -45.97 -12.48 71.26
C LEU W 1098 -45.00 -12.94 70.18
N PHE W 1099 -45.30 -14.05 69.50
CA PHE W 1099 -44.38 -14.58 68.49
C PHE W 1099 -44.30 -13.70 67.25
N ALA W 1100 -45.24 -12.78 67.07
CA ALA W 1100 -45.19 -11.83 65.96
C ALA W 1100 -44.40 -10.59 66.30
N THR W 1101 -43.52 -10.66 67.30
CA THR W 1101 -42.75 -9.53 67.80
C THR W 1101 -41.25 -9.82 67.66
N ARG W 1102 -40.44 -8.92 68.20
CA ARG W 1102 -38.99 -9.03 68.10
C ARG W 1102 -38.34 -8.87 69.47
N GLY W 1103 -37.02 -8.73 69.48
CA GLY W 1103 -36.29 -8.60 70.73
C GLY W 1103 -36.30 -9.84 71.60
N ALA W 1104 -36.71 -10.97 71.05
CA ALA W 1104 -36.78 -12.22 71.81
C ALA W 1104 -35.50 -13.00 71.59
N PRO W 1105 -34.62 -13.13 72.59
CA PRO W 1105 -33.46 -14.01 72.46
C PRO W 1105 -33.91 -15.44 72.31
N PRO W 1106 -33.69 -16.05 71.15
CA PRO W 1106 -34.25 -17.38 70.89
C PRO W 1106 -33.53 -18.47 71.69
N MET W 1107 -34.19 -19.61 71.77
CA MET W 1107 -33.64 -20.74 72.51
C MET W 1107 -32.54 -21.42 71.69
N LEU W 1108 -31.45 -21.78 72.37
CA LEU W 1108 -30.28 -22.36 71.72
C LEU W 1108 -30.54 -23.73 71.12
N ASP W 1109 -31.74 -24.28 71.24
CA ASP W 1109 -32.08 -25.57 70.67
C ASP W 1109 -32.90 -25.32 69.40
N ALA W 1110 -32.33 -25.68 68.25
CA ALA W 1110 -32.92 -25.36 66.95
C ALA W 1110 -34.22 -26.12 66.68
N ASP W 1111 -34.72 -26.92 67.62
CA ASP W 1111 -35.94 -27.70 67.43
C ASP W 1111 -37.08 -27.28 68.35
N ALA W 1112 -36.77 -26.88 69.58
CA ALA W 1112 -37.81 -26.48 70.51
C ALA W 1112 -38.57 -25.26 70.00
N ASP W 1113 -37.87 -24.32 69.36
CA ASP W 1113 -38.53 -23.12 68.86
C ASP W 1113 -39.42 -23.44 67.67
N ASP W 1114 -38.95 -24.29 66.76
CA ASP W 1114 -39.81 -24.70 65.66
C ASP W 1114 -40.98 -25.55 66.13
N TYR W 1115 -40.86 -26.19 67.29
CA TYR W 1115 -42.02 -26.86 67.87
C TYR W 1115 -42.99 -25.86 68.47
N LEU W 1116 -42.48 -24.85 69.18
CA LEU W 1116 -43.34 -23.87 69.82
C LEU W 1116 -44.11 -23.05 68.78
N ARG W 1117 -43.41 -22.55 67.77
CA ARG W 1117 -44.09 -21.77 66.73
C ARG W 1117 -45.13 -22.58 65.97
N ARG W 1118 -45.05 -23.90 66.01
CA ARG W 1118 -46.02 -24.74 65.32
C ARG W 1118 -47.16 -25.20 66.21
N THR W 1119 -46.93 -25.33 67.52
CA THR W 1119 -48.01 -25.71 68.43
C THR W 1119 -48.79 -24.51 68.94
N VAL W 1120 -48.21 -23.31 68.91
CA VAL W 1120 -48.93 -22.12 69.36
C VAL W 1120 -49.65 -21.44 68.20
N ASN W 1121 -48.98 -21.29 67.06
CA ASN W 1121 -49.64 -20.74 65.88
C ASN W 1121 -50.65 -21.70 65.27
N ALA W 1122 -50.83 -22.88 65.86
CA ALA W 1122 -51.84 -23.81 65.38
C ALA W 1122 -53.23 -23.26 65.64
N GLY W 1123 -53.93 -22.90 64.57
CA GLY W 1123 -55.28 -22.37 64.67
C GLY W 1123 -55.38 -21.16 65.55
N ASN W 1124 -54.45 -20.23 65.42
CA ASN W 1124 -54.40 -19.01 66.21
C ASN W 1124 -54.60 -17.82 65.27
N ARG W 1125 -55.62 -17.02 65.55
CA ARG W 1125 -55.81 -15.79 64.78
C ARG W 1125 -54.60 -14.88 64.92
N LEU W 1126 -54.41 -14.04 63.92
CA LEU W 1126 -53.25 -13.15 63.80
C LEU W 1126 -51.93 -13.86 64.06
N ALA W 1127 -51.87 -15.15 63.74
CA ALA W 1127 -50.60 -15.83 63.66
C ALA W 1127 -49.80 -15.27 62.48
N PRO W 1128 -48.54 -14.93 62.68
CA PRO W 1128 -47.81 -14.18 61.66
C PRO W 1128 -47.52 -15.00 60.41
N VAL W 1129 -47.75 -14.38 59.26
CA VAL W 1129 -47.46 -14.97 57.96
C VAL W 1129 -46.32 -14.19 57.35
N PRO W 1130 -45.24 -14.83 56.91
CA PRO W 1130 -44.02 -14.07 56.54
C PRO W 1130 -44.08 -13.46 55.15
N VAL W 1131 -44.98 -12.49 54.99
CA VAL W 1131 -44.83 -11.57 53.87
C VAL W 1131 -43.55 -10.79 54.10
N PHE W 1132 -42.68 -10.77 53.08
CA PHE W 1132 -41.29 -10.34 53.27
C PHE W 1132 -41.24 -8.99 53.99
N GLY W 1133 -40.38 -8.91 55.00
CA GLY W 1133 -40.10 -7.67 55.73
C GLY W 1133 -41.38 -7.04 56.29
N GLN W 1134 -42.41 -7.85 56.52
CA GLN W 1134 -43.67 -7.34 57.05
C GLN W 1134 -44.04 -7.97 58.38
N MET W 1135 -44.09 -9.31 58.44
CA MET W 1135 -44.52 -10.04 59.63
C MET W 1135 -45.93 -9.61 60.06
N LEU W 1136 -46.88 -9.89 59.16
CA LEU W 1136 -48.26 -9.49 59.31
C LEU W 1136 -49.16 -10.72 59.39
N PRO W 1137 -50.35 -10.58 59.95
CA PRO W 1137 -51.36 -11.63 59.85
C PRO W 1137 -52.21 -11.50 58.60
N GLN W 1138 -52.73 -12.64 58.15
CA GLN W 1138 -53.52 -12.66 56.94
C GLN W 1138 -54.87 -11.97 57.16
N VAL W 1139 -55.46 -11.52 56.06
CA VAL W 1139 -56.79 -10.90 56.11
C VAL W 1139 -57.80 -11.93 56.60
N PRO W 1140 -58.72 -11.56 57.50
CA PRO W 1140 -59.81 -12.47 57.85
C PRO W 1140 -60.94 -12.40 56.82
N ALA W 1141 -61.54 -13.57 56.58
CA ALA W 1141 -62.64 -13.68 55.62
C ALA W 1141 -63.90 -13.09 56.27
N GLY W 1142 -64.05 -11.78 56.13
CA GLY W 1142 -65.17 -11.07 56.70
C GLY W 1142 -65.17 -11.04 58.22
N LEU W 1143 -66.12 -10.33 58.79
CA LEU W 1143 -66.30 -10.22 60.24
C LEU W 1143 -67.71 -9.72 60.52
N ALA W 1144 -68.34 -10.30 61.53
CA ALA W 1144 -69.76 -10.05 61.75
C ALA W 1144 -70.01 -8.85 62.66
N ARG W 1145 -68.99 -8.41 63.39
CA ARG W 1145 -69.16 -7.34 64.36
C ARG W 1145 -68.04 -6.31 64.10
N GLY W 1146 -67.90 -5.34 65.01
CA GLY W 1146 -66.86 -4.34 64.87
C GLY W 1146 -65.47 -4.93 64.91
N GLN W 1147 -64.44 -4.09 64.84
CA GLN W 1147 -63.07 -4.59 64.82
C GLN W 1147 -62.77 -5.28 66.14
N GLN W 1148 -62.37 -6.55 66.06
CA GLN W 1148 -62.12 -7.33 67.26
C GLN W 1148 -60.96 -6.73 68.05
N SER W 1149 -61.14 -6.60 69.35
CA SER W 1149 -60.14 -5.96 70.21
C SER W 1149 -59.04 -6.97 70.53
N VAL W 1150 -58.12 -6.58 71.42
CA VAL W 1150 -56.98 -7.40 71.79
C VAL W 1150 -56.92 -7.47 73.31
N CYS W 1151 -56.59 -8.65 73.82
CA CYS W 1151 -56.39 -8.86 75.25
C CYS W 1151 -54.96 -9.31 75.52
N GLU W 1152 -54.52 -9.10 76.76
CA GLU W 1152 -53.22 -9.59 77.19
C GLU W 1152 -53.36 -10.42 78.45
N PHE W 1153 -52.24 -10.80 79.05
CA PHE W 1153 -52.26 -11.56 80.29
C PHE W 1153 -51.07 -11.14 81.15
N ILE W 1154 -51.32 -10.94 82.44
CA ILE W 1154 -50.33 -10.45 83.38
C ILE W 1154 -50.15 -11.48 84.47
N ALA W 1155 -48.89 -11.82 84.78
CA ALA W 1155 -48.63 -12.72 85.88
C ALA W 1155 -48.99 -12.06 87.21
N THR W 1156 -49.47 -12.87 88.14
CA THR W 1156 -50.00 -12.40 89.41
C THR W 1156 -50.12 -13.56 90.38
N PRO W 1157 -49.71 -13.40 91.63
CA PRO W 1157 -49.82 -14.51 92.59
C PRO W 1157 -51.27 -14.88 92.87
N VAL W 1158 -51.47 -16.14 93.21
CA VAL W 1158 -52.81 -16.68 93.41
C VAL W 1158 -53.54 -15.91 94.51
N SER W 1159 -52.85 -15.60 95.61
CA SER W 1159 -53.47 -14.99 96.76
C SER W 1159 -53.60 -13.48 96.65
N VAL W 1160 -53.58 -12.92 95.44
CA VAL W 1160 -53.96 -11.54 95.28
C VAL W 1160 -55.39 -11.38 95.79
N ASP W 1161 -55.63 -10.29 96.51
CA ASP W 1161 -56.97 -10.04 97.06
C ASP W 1161 -58.00 -10.01 95.93
N LEU W 1162 -59.18 -10.56 96.20
CA LEU W 1162 -60.27 -10.47 95.23
C LEU W 1162 -60.99 -9.14 95.36
N ALA W 1163 -61.15 -8.64 96.58
CA ALA W 1163 -61.81 -7.35 96.79
C ALA W 1163 -61.11 -6.21 96.08
N TYR W 1164 -59.85 -6.38 95.68
CA TYR W 1164 -59.13 -5.34 94.95
C TYR W 1164 -59.68 -5.15 93.54
N PHE W 1165 -60.45 -6.10 93.02
CA PHE W 1165 -60.91 -6.05 91.64
C PHE W 1165 -62.35 -5.60 91.48
N ARG W 1166 -63.17 -5.69 92.52
CA ARG W 1166 -64.56 -5.29 92.40
C ARG W 1166 -64.69 -3.80 92.11
N ARG W 1167 -63.82 -2.99 92.69
CA ARG W 1167 -63.81 -1.56 92.45
C ARG W 1167 -62.92 -1.24 91.26
N ALA W 1168 -62.88 0.03 90.87
CA ALA W 1168 -61.94 0.46 89.85
C ALA W 1168 -60.52 0.28 90.39
N CYS W 1169 -59.69 -0.43 89.63
CA CYS W 1169 -58.38 -0.83 90.11
C CYS W 1169 -57.34 -0.52 89.04
N ASN W 1170 -56.08 -0.76 89.40
CA ASN W 1170 -54.95 -0.58 88.52
C ASN W 1170 -54.27 -1.93 88.33
N PRO W 1171 -54.06 -2.39 87.10
CA PRO W 1171 -53.44 -3.71 86.89
C PRO W 1171 -51.99 -3.78 87.34
N ARG W 1172 -51.29 -2.64 87.41
CA ARG W 1172 -49.88 -2.65 87.81
C ARG W 1172 -49.68 -3.12 89.23
N GLY W 1173 -50.73 -3.13 90.05
CA GLY W 1173 -50.59 -3.49 91.45
C GLY W 1173 -50.48 -2.25 92.31
N ARG W 1174 -49.73 -1.27 91.84
CA ARG W 1174 -49.64 0.04 92.47
C ARG W 1174 -50.67 0.98 91.88
N ALA W 1175 -50.66 2.22 92.34
CA ALA W 1175 -51.51 3.28 91.84
C ALA W 1175 -50.67 4.46 91.35
N ALA W 1176 -49.67 4.15 90.51
CA ALA W 1176 -48.65 5.12 90.14
C ALA W 1176 -49.23 6.41 89.59
N GLY W 1177 -49.88 6.34 88.44
CA GLY W 1177 -50.54 7.50 87.85
C GLY W 1177 -49.66 8.73 87.78
N GLU W 1178 -50.30 9.89 87.66
CA GLU W 1178 -49.61 11.17 87.85
C GLU W 1178 -50.41 12.03 88.82
N VAL W 1179 -51.73 11.92 88.76
CA VAL W 1179 -52.61 12.90 89.39
C VAL W 1179 -52.48 12.85 90.91
N HIS W 1180 -52.26 11.67 91.49
CA HIS W 1180 -52.02 11.53 92.92
C HIS W 1180 -50.62 10.95 93.11
N GLY W 1181 -49.67 11.83 93.40
CA GLY W 1181 -48.30 11.42 93.60
C GLY W 1181 -47.32 12.24 92.79
N GLU W 1182 -46.27 12.73 93.44
CA GLU W 1182 -45.20 13.43 92.75
C GLU W 1182 -44.26 12.40 92.12
N GLU W 1183 -43.10 12.84 91.67
CA GLU W 1183 -42.10 11.92 91.15
C GLU W 1183 -41.52 11.09 92.31
N GLY W 1184 -41.42 9.79 92.09
CA GLY W 1184 -40.90 8.87 93.09
C GLY W 1184 -41.95 8.03 93.78
N LEU W 1185 -43.24 8.40 93.66
CA LEU W 1185 -44.33 7.64 94.23
C LEU W 1185 -44.85 6.57 93.27
N MET W 1186 -44.00 6.10 92.36
CA MET W 1186 -44.39 5.14 91.34
C MET W 1186 -43.57 3.85 91.39
N PHE W 1187 -42.26 3.95 91.63
CA PHE W 1187 -41.39 2.79 91.53
C PHE W 1187 -40.62 2.45 92.81
N ASP W 1188 -40.48 3.38 93.74
CA ASP W 1188 -39.89 3.02 95.02
C ASP W 1188 -40.84 2.09 95.77
N HIS W 1189 -40.28 1.35 96.74
CA HIS W 1189 -41.07 0.42 97.53
C HIS W 1189 -40.82 0.65 99.01
N SER W 1190 -40.69 1.92 99.40
CA SER W 1190 -40.68 2.31 100.80
C SER W 1190 -41.88 3.16 101.17
N HIS W 1191 -42.61 3.68 100.19
CA HIS W 1191 -43.86 4.41 100.41
C HIS W 1191 -45.01 3.55 99.92
N ALA W 1192 -45.89 3.16 100.85
CA ALA W 1192 -46.99 2.29 100.51
C ALA W 1192 -47.90 2.94 99.46
N ASP W 1193 -48.72 2.11 98.83
CA ASP W 1193 -49.63 2.56 97.79
C ASP W 1193 -50.56 3.63 98.35
N PRO W 1194 -50.63 4.81 97.73
CA PRO W 1194 -51.63 5.81 98.15
C PRO W 1194 -53.07 5.40 97.90
N ALA W 1195 -53.30 4.19 97.38
CA ALA W 1195 -54.65 3.64 97.25
C ALA W 1195 -55.00 2.67 98.37
N HIS W 1196 -54.04 1.85 98.80
CA HIS W 1196 -54.22 0.97 99.96
C HIS W 1196 -52.94 1.03 100.78
N PRO W 1197 -52.83 2.00 101.69
CA PRO W 1197 -51.60 2.13 102.49
C PRO W 1197 -51.37 0.97 103.45
N HIS W 1198 -52.26 -0.04 103.47
CA HIS W 1198 -51.99 -1.24 104.24
C HIS W 1198 -50.68 -1.89 103.78
N ARG W 1199 -50.59 -2.20 102.51
CA ARG W 1199 -49.47 -2.91 101.91
C ARG W 1199 -48.77 -2.03 100.88
N ALA W 1200 -47.57 -2.45 100.50
CA ALA W 1200 -46.82 -1.68 99.50
C ALA W 1200 -47.44 -1.83 98.12
N THR W 1201 -47.44 -3.05 97.59
CA THR W 1201 -48.09 -3.38 96.34
C THR W 1201 -49.06 -4.52 96.55
N ALA W 1202 -49.65 -4.99 95.46
CA ALA W 1202 -50.50 -6.18 95.48
C ALA W 1202 -50.08 -7.19 94.43
N ASN W 1203 -48.98 -6.94 93.73
CA ASN W 1203 -48.50 -7.76 92.64
C ASN W 1203 -46.99 -7.61 92.53
N PRO W 1204 -46.21 -8.34 93.34
CA PRO W 1204 -44.76 -8.15 93.32
C PRO W 1204 -44.10 -8.59 92.03
N TRP W 1205 -44.87 -9.00 91.03
CA TRP W 1205 -44.31 -9.37 89.74
C TRP W 1205 -44.57 -8.33 88.66
N ALA W 1206 -45.23 -7.21 88.98
CA ALA W 1206 -45.56 -6.23 87.97
C ALA W 1206 -45.37 -4.81 88.47
N SER W 1207 -44.51 -4.59 89.46
CA SER W 1207 -44.31 -3.23 89.94
C SER W 1207 -42.84 -2.85 90.04
N GLN W 1208 -41.97 -3.83 90.30
CA GLN W 1208 -40.55 -3.54 90.46
C GLN W 1208 -39.94 -3.13 89.13
N ARG W 1209 -39.00 -2.19 89.20
CA ARG W 1209 -38.21 -1.83 88.03
C ARG W 1209 -37.52 -3.08 87.47
N HIS W 1210 -37.75 -3.34 86.19
CA HIS W 1210 -37.24 -4.53 85.50
C HIS W 1210 -37.84 -5.81 86.08
N SER W 1211 -39.12 -5.76 86.44
CA SER W 1211 -39.83 -6.99 86.77
C SER W 1211 -40.23 -7.70 85.48
N TYR W 1212 -40.85 -8.88 85.61
CA TYR W 1212 -41.24 -9.64 84.43
C TYR W 1212 -42.24 -8.87 83.58
N ALA W 1213 -43.36 -8.46 84.20
CA ALA W 1213 -44.39 -7.74 83.45
C ALA W 1213 -43.85 -6.42 82.91
N ASP W 1214 -43.04 -5.72 83.70
CA ASP W 1214 -42.48 -4.46 83.23
C ASP W 1214 -41.57 -4.67 82.03
N ARG W 1215 -40.73 -5.71 82.07
CA ARG W 1215 -39.84 -6.00 80.95
C ARG W 1215 -40.58 -6.31 79.66
N LEU W 1216 -41.90 -6.51 79.71
CA LEU W 1216 -42.70 -6.80 78.53
C LEU W 1216 -43.49 -5.60 78.03
N TYR W 1217 -44.17 -4.88 78.91
CA TYR W 1217 -45.10 -3.85 78.47
C TYR W 1217 -44.67 -2.45 78.89
N ASN W 1218 -43.39 -2.14 78.78
CA ASN W 1218 -42.88 -0.80 79.04
C ASN W 1218 -42.46 -0.17 77.72
N GLY W 1219 -42.31 1.15 77.72
CA GLY W 1219 -42.17 1.90 76.50
C GLY W 1219 -40.76 2.18 76.02
N GLN W 1220 -39.74 1.54 76.60
CA GLN W 1220 -38.38 1.79 76.13
C GLN W 1220 -37.54 0.51 76.11
N TYR W 1221 -38.16 -0.67 76.12
CA TYR W 1221 -37.43 -1.93 76.19
C TYR W 1221 -37.50 -2.72 74.89
N ASN W 1222 -37.79 -2.03 73.77
CA ASN W 1222 -37.57 -2.53 72.42
C ASN W 1222 -38.31 -3.83 72.14
N MET W 1223 -39.45 -4.07 72.78
CA MET W 1223 -40.28 -5.23 72.52
C MET W 1223 -41.49 -4.84 71.70
N SER W 1224 -41.29 -3.92 70.75
CA SER W 1224 -42.38 -3.40 69.94
C SER W 1224 -42.94 -4.48 69.01
N GLY W 1225 -44.25 -4.66 69.06
CA GLY W 1225 -44.94 -5.55 68.16
C GLY W 1225 -45.98 -4.81 67.35
N PRO W 1226 -46.32 -5.34 66.18
CA PRO W 1226 -47.31 -4.65 65.32
C PRO W 1226 -48.71 -4.66 65.91
N ALA W 1227 -49.03 -5.63 66.76
CA ALA W 1227 -50.35 -5.67 67.39
C ALA W 1227 -50.39 -4.71 68.57
N TYR W 1228 -51.45 -3.90 68.62
CA TYR W 1228 -51.63 -2.98 69.73
C TYR W 1228 -51.75 -3.75 71.04
N SER W 1229 -51.33 -3.11 72.13
CA SER W 1229 -51.38 -3.71 73.46
C SER W 1229 -52.05 -2.73 74.42
N PRO W 1230 -53.26 -3.03 74.88
CA PRO W 1230 -53.92 -2.14 75.86
C PRO W 1230 -53.08 -1.72 77.05
N CYS W 1231 -52.26 -2.61 77.62
CA CYS W 1231 -51.56 -2.29 78.85
C CYS W 1231 -50.34 -1.38 78.65
N PHE W 1232 -50.22 -0.75 77.48
CA PHE W 1232 -49.09 0.14 77.23
C PHE W 1232 -49.14 1.37 78.13
N LYS W 1233 -50.26 2.07 78.13
CA LYS W 1233 -50.37 3.37 78.79
C LYS W 1233 -50.31 3.30 80.30
N PHE W 1234 -50.30 2.12 80.90
CA PHE W 1234 -50.16 2.00 82.34
C PHE W 1234 -48.70 2.00 82.79
N PHE W 1235 -47.88 1.19 82.13
CA PHE W 1235 -46.52 0.92 82.61
C PHE W 1235 -45.50 1.94 82.15
N THR W 1236 -45.86 2.84 81.24
CA THR W 1236 -44.92 3.82 80.73
C THR W 1236 -44.94 5.06 81.60
N PRO W 1237 -43.83 5.44 82.22
CA PRO W 1237 -43.80 6.67 83.03
C PRO W 1237 -43.30 7.91 82.31
N ALA W 1238 -43.12 7.86 80.98
CA ALA W 1238 -42.56 9.00 80.26
C ALA W 1238 -43.40 10.26 80.39
N GLU W 1239 -44.70 10.12 80.71
CA GLU W 1239 -45.52 11.29 80.93
C GLU W 1239 -45.08 12.08 82.16
N ALA W 1240 -44.38 11.42 83.10
CA ALA W 1240 -43.82 12.15 84.23
C ALA W 1240 -42.64 13.01 83.82
N VAL W 1241 -41.85 12.53 82.84
CA VAL W 1241 -40.82 13.37 82.24
C VAL W 1241 -41.46 14.57 81.56
N ALA W 1242 -42.63 14.36 80.93
CA ALA W 1242 -43.47 15.46 80.45
C ALA W 1242 -44.20 16.06 81.65
N LYS W 1243 -43.42 16.72 82.50
CA LYS W 1243 -43.85 17.09 83.84
C LYS W 1243 -45.14 17.92 83.80
N SER W 1244 -45.84 17.91 84.93
CA SER W 1244 -47.17 18.50 85.04
C SER W 1244 -47.11 19.72 85.95
N ARG W 1245 -47.30 20.89 85.36
CA ARG W 1245 -47.44 22.12 86.12
C ARG W 1245 -48.86 22.68 86.10
N GLY W 1246 -49.85 21.84 85.82
CA GLY W 1246 -51.23 22.27 85.86
C GLY W 1246 -52.21 21.12 85.73
N LEU W 1247 -53.19 21.07 86.63
CA LEU W 1247 -54.25 20.07 86.51
C LEU W 1247 -55.13 20.36 85.31
N ALA W 1248 -55.33 21.65 84.99
CA ALA W 1248 -56.17 22.03 83.87
C ALA W 1248 -55.63 21.48 82.56
N ARG W 1249 -54.31 21.31 82.44
CA ARG W 1249 -53.75 20.66 81.25
C ARG W 1249 -54.21 19.21 81.17
N LEU W 1250 -54.15 18.49 82.29
CA LEU W 1250 -54.61 17.11 82.33
C LEU W 1250 -56.09 17.03 81.97
N ILE W 1251 -56.89 18.00 82.43
CA ILE W 1251 -58.32 17.99 82.10
C ILE W 1251 -58.54 18.24 80.62
N ALA W 1252 -58.06 19.40 80.14
CA ALA W 1252 -58.31 19.80 78.75
C ALA W 1252 -57.66 18.86 77.74
N ASP W 1253 -56.66 18.08 78.14
CA ASP W 1253 -56.09 17.12 77.22
C ASP W 1253 -56.85 15.80 77.24
N THR W 1254 -57.40 15.42 78.39
CA THR W 1254 -58.32 14.28 78.45
C THR W 1254 -59.62 14.72 77.79
N GLY W 1255 -59.75 14.45 76.50
CA GLY W 1255 -60.81 14.99 75.69
C GLY W 1255 -60.29 15.36 74.32
N ALA W 1256 -58.96 15.40 74.19
CA ALA W 1256 -58.33 15.68 72.91
C ALA W 1256 -57.11 14.79 72.66
N ALA W 1257 -57.03 13.63 73.31
CA ALA W 1257 -55.90 12.75 73.11
C ALA W 1257 -55.90 12.18 71.69
N ALA W 1258 -54.73 11.71 71.26
CA ALA W 1258 -54.56 11.20 69.91
C ALA W 1258 -54.91 9.72 69.86
N SER W 1259 -55.67 9.33 68.85
CA SER W 1259 -56.08 7.94 68.69
C SER W 1259 -54.86 7.08 68.39
N PRO W 1260 -54.51 6.12 69.25
CA PRO W 1260 -53.32 5.29 69.02
C PRO W 1260 -53.58 3.99 68.28
N THR W 1261 -54.79 3.75 67.78
CA THR W 1261 -55.13 2.53 67.06
C THR W 1261 -55.61 2.89 65.66
N SER W 1262 -55.90 1.86 64.87
CA SER W 1262 -56.28 2.01 63.48
C SER W 1262 -57.73 1.59 63.28
N ASN W 1263 -58.17 1.63 62.03
CA ASN W 1263 -59.53 1.27 61.65
C ASN W 1263 -59.55 0.05 60.74
N GLY W 1264 -58.63 -0.90 60.99
CA GLY W 1264 -58.58 -2.12 60.22
C GLY W 1264 -59.38 -3.23 60.87
N GLU W 1265 -59.39 -4.39 60.19
CA GLU W 1265 -60.14 -5.54 60.67
C GLU W 1265 -59.61 -6.08 61.99
N TYR W 1266 -58.43 -5.65 62.42
CA TYR W 1266 -57.92 -5.93 63.76
C TYR W 1266 -57.39 -4.63 64.34
N GLN W 1267 -57.15 -4.63 65.65
CA GLN W 1267 -56.63 -3.46 66.34
C GLN W 1267 -55.12 -3.40 66.14
N PHE W 1268 -54.66 -2.48 65.29
CA PHE W 1268 -53.25 -2.32 64.98
C PHE W 1268 -52.77 -0.95 65.42
N LYS W 1269 -51.45 -0.85 65.62
CA LYS W 1269 -50.84 0.44 65.93
C LYS W 1269 -51.02 1.39 64.74
N ARG W 1270 -51.24 2.66 65.06
CA ARG W 1270 -51.51 3.69 64.08
C ARG W 1270 -50.27 4.55 63.85
N PRO W 1271 -50.03 4.98 62.61
CA PRO W 1271 -48.98 5.98 62.38
C PRO W 1271 -49.27 7.25 63.16
N VAL W 1272 -48.34 7.60 64.06
CA VAL W 1272 -48.57 8.70 64.99
C VAL W 1272 -48.66 10.03 64.26
N GLY W 1273 -48.24 10.07 62.99
CA GLY W 1273 -48.22 11.32 62.26
C GLY W 1273 -49.59 11.89 61.96
N ALA W 1274 -50.52 11.06 61.49
CA ALA W 1274 -51.84 11.53 61.09
C ALA W 1274 -52.58 12.16 62.28
N GLY W 1275 -52.88 11.35 63.29
CA GLY W 1275 -53.53 11.86 64.49
C GLY W 1275 -55.04 11.93 64.36
N GLU W 1276 -55.75 11.37 65.34
CA GLU W 1276 -57.20 11.38 65.36
C GLU W 1276 -57.66 11.61 66.80
N LEU W 1277 -58.67 12.45 66.95
CA LEU W 1277 -59.10 12.90 68.28
C LEU W 1277 -59.93 11.81 68.96
N VAL W 1278 -59.52 11.43 70.17
CA VAL W 1278 -60.20 10.43 70.97
C VAL W 1278 -60.10 10.83 72.44
N GLU W 1279 -61.20 10.68 73.17
CA GLU W 1279 -61.25 11.02 74.59
C GLU W 1279 -61.25 9.76 75.43
N ASP W 1280 -60.47 9.76 76.51
CA ASP W 1280 -60.36 8.61 77.39
C ASP W 1280 -60.19 9.05 78.84
N PRO W 1281 -61.16 8.76 79.72
CA PRO W 1281 -61.03 9.14 81.12
C PRO W 1281 -60.08 8.24 81.89
N CYS W 1282 -60.04 6.96 81.53
CA CYS W 1282 -59.22 5.99 82.28
C CYS W 1282 -57.74 6.35 82.23
N ALA W 1283 -57.29 7.00 81.15
CA ALA W 1283 -55.89 7.42 81.08
C ALA W 1283 -55.57 8.51 82.08
N LEU W 1284 -56.55 9.35 82.44
CA LEU W 1284 -56.29 10.44 83.38
C LEU W 1284 -55.91 9.91 84.75
N PHE W 1285 -56.57 8.86 85.21
CA PHE W 1285 -56.29 8.26 86.51
C PHE W 1285 -55.39 7.03 86.41
N GLN W 1286 -55.07 6.58 85.20
CA GLN W 1286 -54.36 5.32 84.97
C GLN W 1286 -55.05 4.18 85.72
N GLU W 1287 -56.31 3.97 85.37
CA GLU W 1287 -57.16 3.01 86.07
C GLU W 1287 -57.98 2.24 85.04
N ALA W 1288 -58.50 1.10 85.48
CA ALA W 1288 -59.32 0.24 84.64
C ALA W 1288 -60.56 -0.17 85.40
N TYR W 1289 -61.63 -0.44 84.68
CA TYR W 1289 -62.88 -0.80 85.32
C TYR W 1289 -63.18 -2.29 85.12
N PRO W 1290 -63.83 -2.92 86.08
CA PRO W 1290 -64.22 -4.31 85.90
C PRO W 1290 -65.59 -4.39 85.24
N PRO W 1291 -65.70 -5.14 84.14
CA PRO W 1291 -67.00 -5.31 83.50
C PRO W 1291 -67.79 -6.45 84.14
N LEU W 1292 -68.97 -6.74 83.60
CA LEU W 1292 -69.77 -7.82 84.16
C LEU W 1292 -69.14 -9.16 83.80
N CYS W 1293 -68.32 -9.69 84.70
CA CYS W 1293 -67.63 -10.94 84.48
C CYS W 1293 -67.96 -11.89 85.63
N ALA W 1294 -67.70 -13.17 85.39
CA ALA W 1294 -68.02 -14.20 86.38
C ALA W 1294 -67.07 -15.37 86.21
N SER W 1295 -67.17 -16.32 87.13
CA SER W 1295 -66.30 -17.47 87.15
C SER W 1295 -66.98 -18.75 86.69
N ASP W 1296 -68.24 -18.67 86.26
CA ASP W 1296 -68.96 -19.82 85.72
C ASP W 1296 -70.22 -19.29 85.04
N SER W 1297 -70.57 -19.93 83.92
CA SER W 1297 -71.74 -19.49 83.16
C SER W 1297 -73.02 -19.59 83.99
N ALA W 1298 -73.08 -20.54 84.91
CA ALA W 1298 -74.30 -20.77 85.69
C ALA W 1298 -74.64 -19.59 86.59
N LEU W 1299 -73.68 -18.69 86.84
CA LEU W 1299 -73.97 -17.51 87.65
C LEU W 1299 -74.58 -16.38 86.81
N LEU W 1300 -74.22 -16.29 85.53
CA LEU W 1300 -74.69 -15.21 84.67
C LEU W 1300 -76.05 -15.60 84.10
N ARG W 1301 -77.08 -15.49 84.94
CA ARG W 1301 -78.45 -15.81 84.53
C ARG W 1301 -79.33 -14.57 84.69
N THR W 1302 -80.65 -14.72 84.48
CA THR W 1302 -81.53 -13.57 84.60
C THR W 1302 -81.61 -13.03 86.02
N PRO W 1303 -81.89 -13.84 87.07
CA PRO W 1303 -81.88 -13.27 88.43
C PRO W 1303 -80.51 -13.37 89.09
N LEU W 1304 -79.63 -12.41 88.75
CA LEU W 1304 -78.24 -12.46 89.19
C LEU W 1304 -78.15 -12.68 90.70
N GLY W 1305 -78.67 -11.75 91.48
CA GLY W 1305 -78.84 -11.97 92.90
C GLY W 1305 -77.58 -12.31 93.67
N ALA W 1306 -77.47 -13.59 94.08
CA ALA W 1306 -76.36 -14.05 94.89
C ALA W 1306 -75.02 -13.70 94.25
N GLU W 1307 -74.13 -13.13 95.07
CA GLU W 1307 -72.86 -12.60 94.60
C GLU W 1307 -71.74 -13.61 94.61
N GLU W 1308 -71.72 -14.52 95.58
CA GLU W 1308 -70.68 -15.54 95.68
C GLU W 1308 -71.34 -16.84 96.13
N HIS W 1309 -70.87 -17.96 95.60
CA HIS W 1309 -71.45 -19.26 95.91
C HIS W 1309 -70.49 -20.14 96.68
N PHE W 1310 -69.31 -20.42 96.10
CA PHE W 1310 -68.29 -21.35 96.60
C PHE W 1310 -66.96 -20.77 96.16
N ALA W 1311 -65.93 -21.60 95.99
CA ALA W 1311 -64.69 -21.17 95.36
C ALA W 1311 -64.94 -20.23 94.17
N GLN W 1312 -66.00 -20.49 93.39
CA GLN W 1312 -66.39 -19.62 92.28
C GLN W 1312 -66.73 -18.21 92.76
N TYR W 1313 -66.94 -17.27 91.83
CA TYR W 1313 -67.17 -15.89 92.22
C TYR W 1313 -67.72 -15.12 91.04
N LEU W 1314 -68.64 -14.20 91.32
CA LEU W 1314 -69.12 -13.24 90.35
C LEU W 1314 -68.60 -11.85 90.71
N ILE W 1315 -68.47 -10.99 89.71
CA ILE W 1315 -67.97 -9.64 89.89
C ILE W 1315 -69.01 -8.69 89.33
N ARG W 1316 -69.54 -7.82 90.18
CA ARG W 1316 -70.51 -6.83 89.73
C ARG W 1316 -69.86 -5.88 88.71
N ASP W 1317 -70.70 -5.19 87.96
CA ASP W 1317 -70.26 -4.33 86.87
C ASP W 1317 -70.19 -2.90 87.39
N GLU W 1318 -68.98 -2.36 87.45
CA GLU W 1318 -68.76 -0.97 87.86
C GLU W 1318 -67.92 -0.28 86.78
N SER W 1319 -68.57 0.62 86.06
CA SER W 1319 -67.98 1.32 84.92
C SER W 1319 -68.94 2.41 84.49
N PRO W 1320 -68.49 3.39 83.69
CA PRO W 1320 -69.40 4.44 83.24
C PRO W 1320 -70.51 3.93 82.34
N LEU W 1321 -70.54 2.62 82.11
CA LEU W 1321 -71.50 2.01 81.19
C LEU W 1321 -72.39 1.01 81.91
N LYS W 1322 -72.94 1.39 83.06
CA LYS W 1322 -73.85 0.53 83.79
C LYS W 1322 -75.17 0.28 83.06
N GLY W 1323 -75.33 0.78 81.85
CA GLY W 1323 -76.52 0.54 81.05
C GLY W 1323 -76.23 0.58 79.56
N SER X 2 7.59 -91.27 -109.10
CA SER X 2 6.86 -91.57 -110.34
C SER X 2 7.36 -90.71 -111.48
N PHE X 3 8.08 -89.65 -111.15
CA PHE X 3 8.64 -88.73 -112.13
C PHE X 3 9.60 -87.81 -111.38
N ASP X 4 10.24 -86.91 -112.13
CA ASP X 4 11.10 -85.93 -111.49
C ASP X 4 10.46 -84.56 -111.56
N PRO X 5 10.53 -83.78 -110.48
CA PRO X 5 9.84 -82.48 -110.49
C PRO X 5 10.52 -81.45 -111.38
N ASN X 6 11.85 -81.50 -111.50
CA ASN X 6 12.56 -80.45 -112.23
C ASN X 6 12.26 -80.49 -113.72
N ASN X 7 11.57 -81.50 -114.20
CA ASN X 7 11.13 -81.56 -115.60
C ASN X 7 9.63 -81.74 -115.66
N PRO X 8 8.87 -80.74 -116.11
CA PRO X 8 7.42 -80.93 -116.27
C PRO X 8 7.05 -81.79 -117.46
N ARG X 9 7.93 -81.93 -118.45
CA ARG X 9 7.58 -82.65 -119.67
C ARG X 9 7.47 -84.15 -119.45
N THR X 10 7.77 -84.64 -118.24
CA THR X 10 7.81 -86.07 -117.99
C THR X 10 6.55 -86.62 -117.35
N ILE X 11 5.57 -85.78 -117.01
CA ILE X 11 4.35 -86.28 -116.42
C ILE X 11 3.32 -86.56 -117.51
N THR X 12 2.56 -87.65 -117.32
CA THR X 12 1.56 -88.10 -118.29
C THR X 12 0.74 -89.22 -117.66
N ALA X 13 -0.29 -89.64 -118.39
CA ALA X 13 -1.17 -90.70 -117.90
C ALA X 13 -0.41 -91.99 -117.60
N GLN X 14 0.69 -92.25 -118.29
CA GLN X 14 1.46 -93.47 -118.04
C GLN X 14 2.07 -93.47 -116.64
N THR X 15 2.66 -92.35 -116.23
CA THR X 15 3.31 -92.27 -114.94
C THR X 15 2.36 -91.89 -113.80
N LEU X 16 1.27 -91.18 -114.10
CA LEU X 16 0.35 -90.79 -113.04
C LEU X 16 -0.60 -91.91 -112.63
N GLU X 17 -0.71 -92.97 -113.42
CA GLU X 17 -1.53 -94.10 -113.02
C GLU X 17 -1.01 -94.80 -111.78
N GLY X 18 0.21 -94.49 -111.36
CA GLY X 18 0.90 -95.20 -110.30
C GLY X 18 0.11 -95.52 -109.04
N ALA X 19 -0.36 -94.50 -108.33
CA ALA X 19 -0.93 -94.74 -107.00
C ALA X 19 -1.80 -93.56 -106.60
N LEU X 20 -2.18 -93.53 -105.33
CA LEU X 20 -3.04 -92.54 -104.70
C LEU X 20 -2.45 -91.13 -104.79
N PRO X 21 -3.23 -90.09 -104.51
CA PRO X 21 -2.70 -88.71 -104.59
C PRO X 21 -1.53 -88.44 -103.65
N VAL X 22 -1.31 -89.28 -102.63
CA VAL X 22 -0.16 -89.10 -101.76
C VAL X 22 1.13 -89.14 -102.57
N ASP X 23 1.22 -90.04 -103.57
CA ASP X 23 2.42 -90.13 -104.37
C ASP X 23 2.62 -88.86 -105.20
N ILE X 24 1.54 -88.36 -105.80
CA ILE X 24 1.62 -87.10 -106.54
C ILE X 24 2.14 -85.99 -105.64
N LEU X 25 1.53 -85.83 -104.46
CA LEU X 25 1.86 -84.69 -103.61
C LEU X 25 3.26 -84.80 -103.05
N LEU X 26 3.67 -86.01 -102.66
CA LEU X 26 5.01 -86.21 -102.13
C LEU X 26 6.07 -86.03 -103.22
N ARG X 27 5.77 -86.46 -104.44
CA ARG X 27 6.67 -86.17 -105.56
C ARG X 27 6.83 -84.66 -105.75
N LEU X 28 5.71 -83.94 -105.77
CA LEU X 28 5.79 -82.49 -105.91
C LEU X 28 6.43 -81.82 -104.71
N ASN X 29 6.50 -82.53 -103.58
CA ASN X 29 7.03 -81.93 -102.36
C ASN X 29 8.55 -81.87 -102.35
N ARG X 30 9.23 -82.76 -103.07
CA ARG X 30 10.68 -82.84 -103.04
C ARG X 30 11.32 -82.18 -104.25
N ALA X 31 10.70 -81.14 -104.79
CA ALA X 31 11.28 -80.38 -105.89
C ALA X 31 12.48 -79.59 -105.39
N THR X 32 13.33 -79.18 -106.33
CA THR X 32 14.50 -78.37 -106.01
C THR X 32 15.09 -77.75 -107.27
N ALA X 41 7.36 -72.49 -123.20
CA ALA X 41 7.43 -71.87 -121.88
C ALA X 41 6.15 -72.12 -121.09
N HIS X 42 5.26 -71.12 -121.07
CA HIS X 42 4.06 -71.25 -120.26
C HIS X 42 3.15 -72.38 -120.77
N ALA X 43 3.20 -72.70 -122.07
CA ALA X 43 2.37 -73.78 -122.56
C ALA X 43 2.79 -75.12 -121.97
N ILE X 44 4.10 -75.31 -121.78
CA ILE X 44 4.58 -76.57 -121.20
C ILE X 44 3.98 -76.77 -119.82
N VAL X 45 4.18 -75.81 -118.93
CA VAL X 45 3.68 -75.94 -117.57
C VAL X 45 2.17 -76.04 -117.44
N GLU X 46 1.41 -75.40 -118.33
CA GLU X 46 -0.05 -75.49 -118.25
C GLU X 46 -0.60 -76.84 -118.74
N ASP X 47 -0.04 -77.33 -119.86
CA ASP X 47 -0.39 -78.66 -120.34
C ASP X 47 -0.06 -79.63 -119.21
N ALA X 48 1.09 -79.46 -118.56
CA ALA X 48 1.46 -80.34 -117.46
C ALA X 48 0.46 -80.22 -116.32
N ARG X 49 0.04 -78.98 -116.00
CA ARG X 49 -0.99 -78.79 -114.99
C ARG X 49 -2.28 -79.51 -115.38
N ARG X 50 -2.65 -79.44 -116.66
CA ARG X 50 -3.89 -80.09 -117.07
C ARG X 50 -4.00 -81.59 -116.82
N THR X 51 -3.05 -82.37 -117.35
CA THR X 51 -3.12 -83.81 -117.10
C THR X 51 -2.75 -84.22 -115.65
N LEU X 52 -2.07 -83.30 -114.96
CA LEU X 52 -1.77 -83.52 -113.55
C LEU X 52 -3.13 -83.47 -112.87
N PHE X 53 -3.97 -82.49 -113.24
CA PHE X 53 -5.32 -82.43 -112.70
C PHE X 53 -6.09 -83.71 -113.02
N ILE X 54 -6.06 -84.12 -114.30
CA ILE X 54 -6.79 -85.34 -114.66
C ILE X 54 -6.24 -86.53 -113.90
N GLY X 55 -4.91 -86.62 -113.77
CA GLY X 55 -4.31 -87.73 -113.07
C GLY X 55 -4.73 -87.80 -111.62
N THR X 56 -4.76 -86.65 -110.94
CA THR X 56 -5.14 -86.65 -109.53
C THR X 56 -6.61 -86.97 -109.35
N SER X 57 -7.45 -86.55 -110.31
CA SER X 57 -8.85 -86.96 -110.26
C SER X 57 -8.98 -88.48 -110.40
N LEU X 58 -8.22 -89.08 -111.32
CA LEU X 58 -8.30 -90.54 -111.45
C LEU X 58 -7.79 -91.22 -110.20
N ALA X 59 -6.72 -90.69 -109.61
CA ALA X 59 -6.21 -91.20 -108.34
C ALA X 59 -7.26 -91.12 -107.25
N LEU X 60 -7.99 -90.01 -107.20
CA LEU X 60 -8.98 -89.84 -106.14
C LEU X 60 -10.16 -90.78 -106.34
N VAL X 61 -10.57 -91.03 -107.58
CA VAL X 61 -11.70 -91.94 -107.75
C VAL X 61 -11.24 -93.36 -107.45
N ASN X 62 -9.97 -93.67 -107.71
CA ASN X 62 -9.47 -95.00 -107.34
C ASN X 62 -9.43 -95.18 -105.83
N LEU X 63 -8.97 -94.16 -105.11
CA LEU X 63 -9.00 -94.20 -103.66
C LEU X 63 -10.42 -94.41 -103.15
N ARG X 64 -11.39 -93.70 -103.74
CA ARG X 64 -12.77 -93.86 -103.29
C ARG X 64 -13.29 -95.26 -103.58
N ARG X 65 -12.92 -95.84 -104.72
CA ARG X 65 -13.27 -97.23 -104.97
C ARG X 65 -12.75 -98.13 -103.85
N ALA X 66 -11.45 -98.01 -103.55
CA ALA X 66 -10.83 -98.86 -102.55
C ALA X 66 -11.51 -98.74 -101.19
N HIS X 67 -11.86 -97.52 -100.80
CA HIS X 67 -12.50 -97.32 -99.51
C HIS X 67 -14.00 -97.64 -99.53
N ASP X 68 -14.64 -97.54 -100.69
CA ASP X 68 -16.07 -97.79 -100.83
C ASP X 68 -16.39 -99.26 -100.97
N LYS X 69 -15.39 -100.10 -101.24
CA LYS X 69 -15.61 -101.53 -101.17
C LYS X 69 -16.08 -101.98 -99.79
N HIS X 70 -16.07 -101.11 -98.79
CA HIS X 70 -16.45 -101.47 -97.43
C HIS X 70 -17.59 -100.61 -96.89
N LEU X 71 -18.36 -99.96 -97.76
CA LEU X 71 -19.38 -99.02 -97.33
C LEU X 71 -20.80 -99.36 -97.77
N VAL X 72 -21.73 -98.52 -97.34
CA VAL X 72 -23.15 -98.66 -97.61
C VAL X 72 -23.50 -98.40 -99.06
N GLU X 73 -24.58 -99.00 -99.55
CA GLU X 73 -25.03 -98.77 -100.92
C GLU X 73 -25.59 -97.35 -100.92
N ARG X 74 -25.42 -96.68 -102.05
CA ARG X 74 -25.76 -95.25 -102.17
C ARG X 74 -27.12 -95.12 -102.85
N GLN X 75 -28.10 -94.60 -102.10
CA GLN X 75 -29.44 -94.47 -102.63
C GLN X 75 -29.54 -93.21 -103.48
N PRO X 76 -30.60 -93.09 -104.29
CA PRO X 76 -30.85 -91.82 -104.97
C PRO X 76 -31.37 -90.79 -103.97
N MET X 77 -30.78 -89.61 -103.97
CA MET X 77 -31.08 -88.61 -102.95
C MET X 77 -32.40 -87.90 -103.18
N PHE X 78 -32.79 -87.72 -104.43
CA PHE X 78 -33.93 -86.88 -104.77
C PHE X 78 -35.10 -87.71 -105.28
N ALA X 79 -36.30 -87.33 -104.88
CA ALA X 79 -37.52 -87.97 -105.33
C ALA X 79 -37.88 -87.46 -106.72
N THR X 80 -39.11 -87.73 -107.14
CA THR X 80 -39.74 -87.18 -108.34
C THR X 80 -39.30 -87.68 -109.71
N SER X 81 -38.18 -88.40 -109.76
CA SER X 81 -37.81 -89.10 -111.00
C SER X 81 -38.51 -90.47 -110.92
N ASP X 82 -39.49 -90.68 -111.80
CA ASP X 82 -40.53 -91.67 -111.56
C ASP X 82 -40.69 -92.36 -112.91
N TYR X 83 -40.62 -93.69 -112.91
CA TYR X 83 -41.00 -94.50 -114.06
C TYR X 83 -42.17 -95.42 -113.71
N SER X 84 -42.06 -96.16 -112.62
CA SER X 84 -43.20 -96.91 -112.09
C SER X 84 -43.84 -96.10 -110.95
N SER X 85 -44.34 -94.92 -111.35
CA SER X 85 -44.92 -94.02 -110.37
C SER X 85 -46.32 -94.44 -109.98
N TRP X 86 -47.08 -94.99 -110.93
CA TRP X 86 -48.47 -95.35 -110.69
C TRP X 86 -48.65 -96.29 -109.52
N ALA X 87 -47.61 -97.03 -109.15
CA ALA X 87 -47.73 -97.96 -108.03
C ALA X 87 -47.28 -97.31 -106.72
N ARG X 88 -46.05 -96.83 -106.67
CA ARG X 88 -45.50 -96.27 -105.45
C ARG X 88 -45.25 -94.79 -105.61
N PRO X 89 -45.41 -94.00 -104.55
CA PRO X 89 -45.02 -92.58 -104.62
C PRO X 89 -43.54 -92.42 -104.31
N THR X 90 -42.81 -91.79 -105.22
CA THR X 90 -41.37 -91.70 -105.08
C THR X 90 -41.01 -90.77 -103.92
N VAL X 91 -40.05 -91.22 -103.10
CA VAL X 91 -39.61 -90.45 -101.95
C VAL X 91 -38.09 -90.48 -101.86
N GLY X 92 -37.46 -89.31 -101.84
CA GLY X 92 -36.03 -89.23 -101.76
C GLY X 92 -35.50 -89.60 -100.39
N LEU X 93 -34.18 -89.46 -100.23
CA LEU X 93 -33.51 -89.78 -98.97
C LEU X 93 -32.50 -88.68 -98.66
N LYS X 94 -32.60 -88.10 -97.47
CA LYS X 94 -31.59 -87.15 -97.02
C LYS X 94 -30.37 -87.89 -96.53
N ARG X 95 -29.22 -87.60 -97.15
CA ARG X 95 -27.97 -88.26 -96.79
C ARG X 95 -27.35 -87.58 -95.58
N THR X 96 -28.13 -87.53 -94.50
CA THR X 96 -27.69 -86.91 -93.26
C THR X 96 -26.54 -87.66 -92.60
N PHE X 97 -26.63 -88.98 -92.49
CA PHE X 97 -25.51 -89.81 -92.08
C PHE X 97 -25.78 -91.27 -92.46
N CYS X 98 -24.87 -91.82 -93.27
CA CYS X 98 -24.84 -93.25 -93.57
C CYS X 98 -23.40 -93.75 -93.45
N PRO X 99 -22.83 -93.67 -92.25
CA PRO X 99 -21.41 -94.03 -92.09
C PRO X 99 -21.21 -95.46 -91.63
N ARG X 100 -20.16 -96.08 -92.16
CA ARG X 100 -19.77 -97.43 -91.80
C ARG X 100 -18.27 -97.62 -91.95
N ILE Y 13 57.65 9.38 -45.11
CA ILE Y 13 57.10 10.52 -45.84
C ILE Y 13 57.24 11.82 -45.03
N PRO Y 14 56.64 11.89 -43.83
CA PRO Y 14 56.55 13.18 -43.15
C PRO Y 14 57.68 13.42 -42.18
N GLY Y 15 57.66 14.59 -41.54
CA GLY Y 15 58.51 14.87 -40.40
C GLY Y 15 59.83 15.56 -40.70
N SER Y 16 60.05 15.97 -41.94
CA SER Y 16 61.35 16.51 -42.35
C SER Y 16 62.48 15.55 -41.97
N ALA Y 17 62.23 14.27 -42.17
CA ALA Y 17 63.15 13.23 -41.74
C ALA Y 17 64.22 12.99 -42.79
N ARG Y 18 65.26 12.26 -42.39
CA ARG Y 18 66.41 12.03 -43.26
C ARG Y 18 66.12 10.91 -44.25
N HIS Y 19 66.77 11.00 -45.40
CA HIS Y 19 66.61 10.03 -46.48
C HIS Y 19 67.90 9.27 -46.71
N PHE Y 20 67.76 8.02 -47.15
CA PHE Y 20 68.92 7.18 -47.44
C PHE Y 20 69.42 7.50 -48.85
N ILE Y 21 70.59 8.11 -48.94
CA ILE Y 21 71.14 8.53 -50.22
C ILE Y 21 71.64 7.30 -50.97
N ALA Y 22 71.03 7.02 -52.12
CA ALA Y 22 71.33 5.86 -52.93
C ALA Y 22 72.45 6.16 -53.91
N PRO Y 23 73.11 5.12 -54.43
CA PRO Y 23 74.14 5.33 -55.44
C PRO Y 23 73.58 6.05 -56.66
N PRO Y 24 74.23 7.13 -57.09
CA PRO Y 24 73.68 7.89 -58.23
C PRO Y 24 73.60 7.08 -59.51
N PHE Y 25 74.72 6.50 -59.94
CA PHE Y 25 74.76 5.61 -61.08
C PHE Y 25 73.93 4.36 -60.78
N PRO Y 26 73.58 3.55 -61.77
CA PRO Y 26 72.83 2.32 -61.48
C PRO Y 26 73.61 1.42 -60.54
N VAL Y 27 72.88 0.46 -59.96
CA VAL Y 27 73.45 -0.38 -58.91
C VAL Y 27 74.61 -1.21 -59.44
N GLY Y 28 74.57 -1.58 -60.71
CA GLY Y 28 75.59 -2.46 -61.25
C GLY Y 28 76.98 -1.87 -61.33
N PHE Y 29 77.17 -0.59 -61.03
CA PHE Y 29 78.42 0.08 -61.31
C PHE Y 29 79.17 0.51 -60.05
N TRP Y 30 79.00 -0.18 -58.93
CA TRP Y 30 79.81 0.10 -57.75
C TRP Y 30 80.26 -1.23 -57.18
N ALA Y 31 81.58 -1.40 -57.10
CA ALA Y 31 82.17 -2.72 -57.04
C ALA Y 31 81.88 -3.45 -55.73
N ARG Y 32 81.83 -4.77 -55.80
CA ARG Y 32 81.83 -5.58 -54.61
C ARG Y 32 83.14 -5.35 -53.86
N PRO Y 33 83.09 -5.16 -52.55
CA PRO Y 33 84.30 -4.79 -51.82
C PRO Y 33 85.32 -5.92 -51.79
N GLY Y 34 86.56 -5.54 -51.53
CA GLY Y 34 87.63 -6.51 -51.45
C GLY Y 34 88.81 -5.88 -50.75
N PHE Y 35 89.93 -6.59 -50.82
CA PHE Y 35 91.15 -6.12 -50.17
C PHE Y 35 92.32 -6.82 -50.85
N GLY Y 36 93.11 -6.07 -51.60
CA GLY Y 36 94.25 -6.65 -52.28
C GLY Y 36 95.57 -6.15 -51.76
N GLU Y 37 96.30 -7.02 -51.08
CA GLU Y 37 97.63 -6.68 -50.55
C GLU Y 37 98.50 -7.94 -50.65
N GLY Y 38 99.30 -8.02 -51.71
CA GLY Y 38 100.18 -9.16 -51.92
C GLY Y 38 101.27 -9.29 -50.88
N LEU Y 39 101.44 -8.28 -50.04
CA LEU Y 39 102.43 -8.35 -48.97
C LEU Y 39 101.95 -9.37 -47.95
N ASP Y 40 102.55 -10.55 -47.97
CA ASP Y 40 102.19 -11.59 -47.02
C ASP Y 40 103.01 -11.44 -45.75
N ALA Y 41 102.34 -11.62 -44.61
CA ALA Y 41 102.98 -11.35 -43.33
C ALA Y 41 103.96 -12.45 -42.94
N ARG Y 42 103.60 -13.72 -43.21
CA ARG Y 42 104.43 -14.82 -42.74
C ARG Y 42 105.76 -14.88 -43.50
N LEU Y 43 105.71 -15.04 -44.82
CA LEU Y 43 106.93 -15.20 -45.59
C LEU Y 43 107.86 -14.00 -45.46
N ALA Y 44 107.30 -12.83 -45.12
CA ALA Y 44 108.14 -11.67 -44.84
C ALA Y 44 109.10 -11.95 -43.68
N LEU Y 45 108.59 -12.57 -42.61
CA LEU Y 45 109.45 -13.00 -41.52
C LEU Y 45 110.53 -13.95 -41.99
N ALA Y 46 110.16 -14.91 -42.86
CA ALA Y 46 111.12 -15.89 -43.34
C ALA Y 46 112.24 -15.24 -44.14
N HIS Y 47 111.94 -14.19 -44.91
CA HIS Y 47 112.97 -13.53 -45.69
C HIS Y 47 113.84 -12.62 -44.81
N ALA Y 48 113.20 -11.90 -43.88
CA ALA Y 48 113.96 -11.06 -42.96
C ALA Y 48 114.88 -11.88 -42.08
N ASN Y 49 114.48 -13.10 -41.73
CA ASN Y 49 115.33 -13.97 -40.92
C ASN Y 49 116.67 -14.20 -41.60
N ALA Y 50 116.65 -14.56 -42.87
CA ALA Y 50 117.89 -14.80 -43.59
C ALA Y 50 118.68 -13.51 -43.78
N ARG Y 51 117.99 -12.43 -44.18
CA ARG Y 51 118.72 -11.18 -44.41
C ARG Y 51 119.33 -10.64 -43.13
N ARG Y 52 118.79 -11.02 -41.98
CA ARG Y 52 119.41 -10.67 -40.70
C ARG Y 52 120.61 -11.57 -40.42
N ARG Y 53 120.36 -12.88 -40.40
CA ARG Y 53 121.37 -13.85 -40.00
C ARG Y 53 122.62 -13.73 -40.86
N ALA Y 54 122.48 -13.32 -42.12
CA ALA Y 54 123.67 -13.07 -42.94
C ALA Y 54 124.53 -11.96 -42.33
N ALA Y 55 123.94 -10.77 -42.20
CA ALA Y 55 124.70 -9.60 -41.76
C ALA Y 55 125.25 -9.78 -40.36
N ALA Y 56 124.55 -10.53 -39.50
CA ALA Y 56 125.04 -10.73 -38.14
C ALA Y 56 126.46 -11.30 -38.15
N ALA Y 57 126.65 -12.43 -38.84
CA ALA Y 57 127.97 -13.03 -38.91
C ALA Y 57 128.91 -12.24 -39.80
N ALA Y 58 128.39 -11.62 -40.88
CA ALA Y 58 129.27 -10.82 -41.71
C ALA Y 58 129.78 -9.57 -41.01
N LEU Y 59 129.17 -9.21 -39.88
CA LEU Y 59 129.67 -8.14 -39.01
C LEU Y 59 130.55 -8.67 -37.89
N ASP Y 60 130.19 -9.81 -37.32
CA ASP Y 60 131.08 -10.47 -36.38
C ASP Y 60 132.46 -10.68 -36.99
N ASN Y 61 132.50 -11.13 -38.24
CA ASN Y 61 133.79 -11.36 -38.91
C ASN Y 61 134.52 -10.05 -39.16
N ALA Y 62 133.80 -9.01 -39.58
CA ALA Y 62 134.42 -7.73 -39.87
C ALA Y 62 134.96 -7.04 -38.62
N MET Y 63 134.37 -7.28 -37.45
CA MET Y 63 134.88 -6.71 -36.21
C MET Y 63 135.95 -7.57 -35.55
N ALA Y 64 135.89 -8.90 -35.73
CA ALA Y 64 136.85 -9.78 -35.08
C ALA Y 64 138.30 -9.35 -35.31
N ALA Y 65 138.55 -8.55 -36.35
CA ALA Y 65 139.85 -7.94 -36.56
C ALA Y 65 140.00 -6.63 -35.80
N GLY Y 66 139.07 -6.33 -34.89
CA GLY Y 66 139.24 -5.16 -34.05
C GLY Y 66 140.14 -5.40 -32.86
N ALA Y 67 140.03 -6.59 -32.25
CA ALA Y 67 140.96 -6.95 -31.18
C ALA Y 67 142.39 -7.07 -31.69
N ARG Y 68 142.57 -7.61 -32.90
CA ARG Y 68 143.90 -7.69 -33.49
C ARG Y 68 144.47 -6.29 -33.71
N LEU Y 69 143.66 -5.37 -34.25
CA LEU Y 69 144.14 -4.01 -34.42
C LEU Y 69 144.39 -3.34 -33.08
N GLU Y 70 143.69 -3.77 -32.03
CA GLU Y 70 143.99 -3.27 -30.70
C GLU Y 70 145.32 -3.82 -30.18
N ALA Y 71 145.67 -5.03 -30.59
CA ALA Y 71 146.98 -5.58 -30.24
C ALA Y 71 148.11 -4.96 -31.04
N GLU Y 72 147.83 -4.40 -32.22
CA GLU Y 72 148.88 -3.78 -33.02
C GLU Y 72 149.45 -2.54 -32.32
N VAL Y 73 148.59 -1.74 -31.68
CA VAL Y 73 149.09 -0.55 -31.01
C VAL Y 73 149.98 -0.92 -29.83
N ASP Y 74 149.80 -2.10 -29.27
CA ASP Y 74 150.71 -2.62 -28.27
C ASP Y 74 152.01 -3.13 -28.90
N GLU Y 75 151.91 -3.93 -29.96
CA GLU Y 75 153.10 -4.54 -30.53
C GLU Y 75 154.00 -3.49 -31.17
N GLN Y 76 153.47 -2.31 -31.45
CA GLN Y 76 154.29 -1.29 -32.10
C GLN Y 76 155.30 -0.65 -31.14
N LEU Y 77 155.10 -0.73 -29.84
CA LEU Y 77 155.95 0.01 -28.91
C LEU Y 77 156.95 -0.86 -28.15
N ARG Y 78 156.69 -2.15 -27.98
CA ARG Y 78 157.64 -2.98 -27.25
C ARG Y 78 158.95 -3.10 -28.04
N PRO Y 79 158.92 -3.40 -29.35
CA PRO Y 79 160.16 -3.27 -30.13
C PRO Y 79 160.56 -1.84 -30.40
N LEU Y 80 159.87 -0.86 -29.83
CA LEU Y 80 160.24 0.53 -29.95
C LEU Y 80 160.75 1.09 -28.63
N GLU Y 81 161.14 0.21 -27.71
CA GLU Y 81 162.00 0.54 -26.58
C GLU Y 81 163.42 0.02 -26.79
N ARG Y 82 163.57 -1.09 -27.49
CA ARG Y 82 164.89 -1.58 -27.92
C ARG Y 82 165.60 -0.57 -28.82
N GLN Y 83 164.84 0.22 -29.56
CA GLN Y 83 165.44 1.08 -30.58
C GLN Y 83 165.98 2.39 -30.01
N VAL Y 84 165.36 2.92 -28.96
CA VAL Y 84 165.64 4.29 -28.54
C VAL Y 84 167.12 4.51 -28.26
N GLU Y 85 167.81 3.47 -27.79
CA GLU Y 85 169.25 3.56 -27.54
C GLU Y 85 170.00 2.57 -28.41
N THR Z 17 184.92 19.55 -24.82
CA THR Z 17 184.34 19.17 -26.11
C THR Z 17 183.16 18.23 -25.92
N GLY Z 18 183.42 17.06 -25.32
CA GLY Z 18 182.36 16.07 -25.14
C GLY Z 18 181.25 16.57 -24.25
N LEU Z 19 181.59 17.31 -23.19
CA LEU Z 19 180.60 17.86 -22.26
C LEU Z 19 179.99 19.16 -22.76
N GLY Z 20 180.10 19.45 -24.05
CA GLY Z 20 179.47 20.61 -24.64
C GLY Z 20 178.35 20.33 -25.61
N ALA Z 21 178.08 19.06 -25.93
CA ALA Z 21 177.01 18.73 -26.87
C ALA Z 21 176.20 17.50 -26.44
N LEU Z 22 176.10 17.23 -25.14
CA LEU Z 22 175.48 16.00 -24.69
C LEU Z 22 174.10 16.18 -24.08
N ALA Z 23 173.96 17.09 -23.12
CA ALA Z 23 172.72 17.18 -22.34
C ALA Z 23 171.49 17.32 -23.24
N LEU Z 24 171.65 18.06 -24.34
CA LEU Z 24 170.53 18.26 -25.26
C LEU Z 24 170.09 16.95 -25.90
N LEU Z 25 171.05 16.17 -26.40
CA LEU Z 25 170.67 14.97 -27.16
C LEU Z 25 170.08 13.89 -26.26
N ILE Z 26 170.59 13.75 -25.04
CA ILE Z 26 169.97 12.81 -24.11
C ILE Z 26 168.60 13.32 -23.68
N ALA Z 27 168.46 14.62 -23.47
CA ALA Z 27 167.14 15.18 -23.20
C ALA Z 27 166.15 14.81 -24.30
N ALA Z 28 166.60 14.87 -25.56
CA ALA Z 28 165.80 14.45 -26.69
C ALA Z 28 165.42 12.99 -26.57
N CYS Z 29 166.44 12.12 -26.51
CA CYS Z 29 166.22 10.69 -26.47
C CYS Z 29 165.25 10.29 -25.36
N ARG Z 30 165.16 11.09 -24.30
CA ARG Z 30 164.21 10.80 -23.24
C ARG Z 30 162.82 11.37 -23.55
N LEU Z 31 162.77 12.63 -23.99
CA LEU Z 31 161.49 13.31 -24.16
C LEU Z 31 160.67 12.71 -25.30
N ILE Z 32 161.31 12.50 -26.45
CA ILE Z 32 160.59 11.88 -27.57
C ILE Z 32 160.20 10.45 -27.22
N ALA Z 33 161.04 9.75 -26.43
CA ALA Z 33 160.68 8.41 -26.00
C ALA Z 33 159.39 8.39 -25.20
N ARG Z 34 159.24 9.33 -24.26
CA ARG Z 34 158.01 9.37 -23.48
C ARG Z 34 156.80 9.87 -24.29
N ARG Z 35 157.01 10.86 -25.16
CA ARG Z 35 155.95 11.30 -26.06
C ARG Z 35 155.44 10.14 -26.92
N LEU Z 36 156.32 9.21 -27.27
CA LEU Z 36 155.90 8.00 -27.96
C LEU Z 36 154.95 7.16 -27.12
N ARG Z 37 155.23 7.04 -25.81
CA ARG Z 37 154.34 6.30 -24.93
C ARG Z 37 152.96 6.95 -24.89
N GLU Z 38 152.95 8.28 -24.81
CA GLU Z 38 151.67 8.97 -24.86
C GLU Z 38 150.94 8.77 -26.18
N THR Z 39 151.67 8.71 -27.29
CA THR Z 39 151.06 8.44 -28.58
C THR Z 39 150.39 7.07 -28.60
N ARG Z 40 151.09 6.06 -28.10
CA ARG Z 40 150.48 4.72 -28.01
C ARG Z 40 149.23 4.77 -27.13
N THR Z 41 149.30 5.50 -26.01
CA THR Z 41 148.14 5.61 -25.13
C THR Z 41 146.93 6.15 -25.88
N THR Z 42 147.09 7.26 -26.59
CA THR Z 42 145.94 7.87 -27.27
C THR Z 42 145.46 7.00 -28.44
N LEU Z 43 146.36 6.27 -29.09
CA LEU Z 43 145.95 5.41 -30.19
C LEU Z 43 145.09 4.26 -29.69
N LYS Z 44 145.50 3.65 -28.57
CA LYS Z 44 144.67 2.61 -27.97
C LYS Z 44 143.28 3.15 -27.65
N GLY Z 45 143.19 4.39 -27.19
CA GLY Z 45 141.89 4.95 -26.88
C GLY Z 45 141.01 5.07 -28.10
N SER Z 46 141.55 5.61 -29.19
CA SER Z 46 140.79 5.67 -30.44
C SER Z 46 140.28 4.29 -30.84
N ALA Z 47 141.18 3.30 -30.82
CA ALA Z 47 140.81 1.96 -31.28
C ALA Z 47 139.72 1.36 -30.39
N ARG Z 48 139.86 1.49 -29.07
CA ARG Z 48 138.89 0.88 -28.17
C ARG Z 48 137.54 1.60 -28.25
N ARG Z 49 137.52 2.91 -28.48
CA ARG Z 49 136.25 3.59 -28.67
C ARG Z 49 135.54 3.09 -29.92
N PHE Z 50 136.28 2.95 -31.02
CA PHE Z 50 135.67 2.42 -32.24
C PHE Z 50 135.13 1.01 -32.01
N ASN Z 51 135.90 0.16 -31.30
CA ASN Z 51 135.43 -1.18 -31.04
C ASN Z 51 134.24 -1.20 -30.10
N VAL Z 52 134.18 -0.29 -29.12
CA VAL Z 52 133.02 -0.25 -28.22
C VAL Z 52 131.76 0.12 -28.99
N ASP Z 53 131.85 1.09 -29.91
CA ASP Z 53 130.66 1.44 -30.66
C ASP Z 53 130.26 0.31 -31.62
N LEU Z 54 131.23 -0.38 -32.20
CA LEU Z 54 130.88 -1.54 -33.03
C LEU Z 54 130.20 -2.61 -32.19
N PHE Z 55 130.62 -2.74 -30.93
CA PHE Z 55 129.93 -3.66 -30.03
C PHE Z 55 128.49 -3.23 -29.80
N GLN Z 56 128.27 -1.92 -29.62
CA GLN Z 56 126.90 -1.43 -29.48
C GLN Z 56 126.06 -1.85 -30.68
N VAL Z 57 126.61 -1.69 -31.88
CA VAL Z 57 125.89 -2.08 -33.08
C VAL Z 57 125.57 -3.57 -33.05
N ARG Z 58 126.55 -4.39 -32.65
CA ARG Z 58 126.33 -5.84 -32.71
C ARG Z 58 125.34 -6.35 -31.69
N LEU Z 59 124.70 -5.46 -30.92
CA LEU Z 59 123.59 -5.86 -30.08
C LEU Z 59 122.31 -5.09 -30.38
N ILE Z 60 122.41 -3.90 -30.96
CA ILE Z 60 121.21 -3.23 -31.46
C ILE Z 60 120.46 -4.16 -32.42
N LEU Z 61 121.17 -4.70 -33.40
CA LEU Z 61 120.58 -5.61 -34.37
C LEU Z 61 120.26 -6.96 -33.74
N ALA AA 27 175.20 3.30 -36.52
CA ALA AA 27 174.47 3.70 -37.72
C ALA AA 27 173.06 3.11 -37.73
N ALA AA 28 172.78 2.27 -36.73
CA ALA AA 28 171.49 1.60 -36.59
C ALA AA 28 170.33 2.59 -36.64
N CYS AA 29 170.42 3.63 -35.82
CA CYS AA 29 169.31 4.54 -35.56
C CYS AA 29 168.91 5.39 -36.76
N ARG AA 30 169.49 5.12 -37.92
CA ARG AA 30 169.02 5.75 -39.15
C ARG AA 30 168.17 4.77 -39.97
N LEU AA 31 168.75 3.61 -40.31
CA LEU AA 31 168.01 2.58 -41.02
C LEU AA 31 166.78 2.15 -40.23
N ILE AA 32 166.91 2.04 -38.90
CA ILE AA 32 165.76 1.63 -38.09
C ILE AA 32 164.81 2.80 -37.86
N ALA AA 33 165.32 4.04 -37.85
CA ALA AA 33 164.43 5.18 -37.82
C ALA AA 33 163.48 5.19 -39.01
N ARG AA 34 164.00 4.91 -40.20
CA ARG AA 34 163.13 4.75 -41.36
C ARG AA 34 162.31 3.46 -41.31
N ARG AA 35 162.85 2.40 -40.71
CA ARG AA 35 162.09 1.16 -40.53
C ARG AA 35 160.80 1.43 -39.77
N LEU AA 36 160.85 2.35 -38.80
CA LEU AA 36 159.65 2.75 -38.09
C LEU AA 36 158.58 3.31 -39.02
N ARG AA 37 158.95 4.24 -39.90
CA ARG AA 37 157.99 4.80 -40.86
C ARG AA 37 157.44 3.70 -41.76
N GLU AA 38 158.30 2.78 -42.18
CA GLU AA 38 157.81 1.68 -43.03
C GLU AA 38 156.76 0.83 -42.31
N THR AA 39 157.02 0.48 -41.05
CA THR AA 39 156.06 -0.32 -40.29
C THR AA 39 154.74 0.44 -40.12
N ARG AA 40 154.83 1.73 -39.79
CA ARG AA 40 153.62 2.54 -39.67
C ARG AA 40 152.84 2.55 -40.97
N THR AA 41 153.54 2.68 -42.10
CA THR AA 41 152.89 2.76 -43.40
C THR AA 41 152.16 1.45 -43.73
N THR AA 42 152.79 0.31 -43.47
CA THR AA 42 152.09 -0.94 -43.77
C THR AA 42 150.93 -1.20 -42.81
N LEU AA 43 151.09 -0.81 -41.53
CA LEU AA 43 149.97 -0.90 -40.60
C LEU AA 43 148.80 -0.03 -41.07
N LYS AA 44 149.11 1.09 -41.72
CA LYS AA 44 148.06 1.93 -42.29
C LYS AA 44 147.23 1.18 -43.32
N GLY AA 45 147.88 0.48 -44.25
CA GLY AA 45 147.13 -0.30 -45.23
C GLY AA 45 146.35 -1.42 -44.59
N SER AA 46 146.93 -2.07 -43.58
CA SER AA 46 146.19 -3.06 -42.80
C SER AA 46 144.88 -2.47 -42.28
N ALA AA 47 144.98 -1.33 -41.59
CA ALA AA 47 143.79 -0.72 -40.99
C ALA AA 47 142.79 -0.28 -42.05
N ARG AA 48 143.29 0.18 -43.20
CA ARG AA 48 142.39 0.64 -44.25
C ARG AA 48 141.61 -0.53 -44.84
N ARG AA 49 142.25 -1.70 -44.97
CA ARG AA 49 141.49 -2.85 -45.45
C ARG AA 49 140.54 -3.39 -44.38
N PHE AA 50 140.90 -3.27 -43.10
CA PHE AA 50 139.93 -3.52 -42.04
C PHE AA 50 138.69 -2.65 -42.23
N ASN AA 51 138.89 -1.35 -42.46
CA ASN AA 51 137.78 -0.44 -42.63
C ASN AA 51 136.96 -0.77 -43.87
N VAL AA 52 137.61 -1.22 -44.95
CA VAL AA 52 136.84 -1.63 -46.13
C VAL AA 52 135.98 -2.84 -45.84
N ASP AA 53 136.54 -3.83 -45.13
CA ASP AA 53 135.76 -5.01 -44.80
C ASP AA 53 134.65 -4.70 -43.80
N LEU AA 54 134.77 -3.58 -43.09
CA LEU AA 54 133.66 -3.10 -42.27
C LEU AA 54 132.57 -2.46 -43.16
N PHE AA 55 132.97 -1.56 -44.04
CA PHE AA 55 132.04 -0.99 -45.01
C PHE AA 55 131.26 -2.07 -45.73
N GLN AA 56 131.88 -3.23 -45.94
CA GLN AA 56 131.18 -4.34 -46.58
C GLN AA 56 129.92 -4.70 -45.82
N VAL AA 57 130.05 -5.07 -44.55
CA VAL AA 57 128.88 -5.49 -43.80
C VAL AA 57 127.92 -4.32 -43.63
N ARG AA 58 128.44 -3.09 -43.66
CA ARG AA 58 127.52 -1.97 -43.71
C ARG AA 58 126.62 -2.05 -44.94
N LEU AA 59 127.19 -2.35 -46.11
CA LEU AA 59 126.40 -2.30 -47.33
C LEU AA 59 125.52 -3.52 -47.53
N ILE AA 60 125.89 -4.68 -46.98
CA ILE AA 60 125.19 -5.91 -47.33
C ILE AA 60 123.77 -5.91 -46.77
N LEU AA 61 123.55 -5.22 -45.65
CA LEU AA 61 122.23 -5.21 -45.05
C LEU AA 61 121.47 -3.97 -45.48
N ILE BA 16 94.30 98.38 16.86
CA ILE BA 16 94.88 99.67 17.22
C ILE BA 16 94.52 100.02 18.67
N GLU BA 17 94.64 99.05 19.57
CA GLU BA 17 94.39 99.23 21.00
C GLU BA 17 92.95 99.70 21.22
N VAL BA 18 92.00 98.81 20.92
CA VAL BA 18 90.59 99.14 21.01
C VAL BA 18 90.24 99.64 22.40
N HIS BA 19 89.21 100.48 22.48
CA HIS BA 19 88.84 101.19 23.70
C HIS BA 19 87.41 100.87 24.10
N SER BA 20 86.93 101.59 25.11
CA SER BA 20 85.53 101.52 25.52
C SER BA 20 84.74 102.64 24.84
N HIS BA 21 83.49 102.79 25.24
CA HIS BA 21 82.61 103.82 24.69
C HIS BA 21 81.61 104.23 25.75
N ARG BA 22 80.93 105.35 25.50
CA ARG BA 22 79.96 105.88 26.45
C ARG BA 22 78.79 104.92 26.60
N ALA BA 23 78.48 104.55 27.84
CA ALA BA 23 77.44 103.59 28.09
C ALA BA 23 76.07 104.22 27.95
N LEU BA 24 75.09 103.41 27.52
CA LEU BA 24 73.72 103.88 27.42
C LEU BA 24 73.19 104.28 28.79
N PHE BA 25 72.39 105.33 28.81
CA PHE BA 25 71.73 105.81 30.02
C PHE BA 25 70.22 105.68 29.85
N ASP BA 26 69.55 105.26 30.91
CA ASP BA 26 68.10 105.11 30.88
C ASP BA 26 67.45 106.45 30.57
N ILE BA 27 66.40 106.42 29.75
CA ILE BA 27 65.69 107.65 29.39
C ILE BA 27 65.17 108.36 30.64
N PHE BA 28 64.65 107.61 31.60
CA PHE BA 28 64.00 108.18 32.77
C PHE BA 28 64.98 108.59 33.87
N LYS BA 29 66.29 108.53 33.61
CA LYS BA 29 67.26 108.96 34.60
C LYS BA 29 67.03 110.43 34.93
N ARG BA 30 66.71 110.71 36.18
CA ARG BA 30 66.33 112.04 36.62
C ARG BA 30 67.17 112.48 37.81
N PHE BA 31 68.50 112.39 37.69
CA PHE BA 31 69.36 112.84 38.77
C PHE BA 31 68.97 114.26 39.17
N ARG BA 32 69.18 115.21 38.26
CA ARG BA 32 68.67 116.57 38.32
C ARG BA 32 68.57 117.09 39.74
N SER BA 33 69.60 116.83 40.54
CA SER BA 33 69.64 117.26 41.93
C SER BA 33 70.61 118.42 42.13
N ASP BA 34 71.34 118.80 41.08
CA ASP BA 34 72.26 119.92 41.19
C ASP BA 34 71.53 121.23 41.41
N ASP BA 35 70.24 121.31 41.09
CA ASP BA 35 69.44 122.47 41.46
C ASP BA 35 69.62 122.81 42.94
N ASN BA 36 69.65 121.80 43.79
CA ASN BA 36 70.04 121.96 45.19
C ASN BA 36 71.54 122.19 45.35
N ASN BA 37 72.35 121.46 44.60
CA ASN BA 37 73.78 121.38 44.82
C ASN BA 37 74.59 122.32 43.92
N LEU BA 38 73.94 123.14 43.09
CA LEU BA 38 74.67 123.98 42.15
C LEU BA 38 75.55 125.00 42.86
N TYR BA 39 74.94 125.99 43.49
CA TYR BA 39 75.65 126.96 44.32
C TYR BA 39 75.10 127.00 45.74
N GLY BA 40 73.81 127.21 45.89
CA GLY BA 40 73.18 127.23 47.20
C GLY BA 40 71.88 126.48 47.18
N ALA BA 41 71.65 125.68 48.22
CA ALA BA 41 70.50 124.81 48.30
C ALA BA 41 69.35 125.54 48.98
N GLU BA 42 68.15 125.41 48.41
CA GLU BA 42 66.93 125.99 48.97
C GLU BA 42 66.01 124.82 49.32
N PHE BA 43 66.15 124.32 50.56
CA PHE BA 43 65.43 123.13 50.99
C PHE BA 43 63.93 123.37 51.22
N ASP BA 44 63.47 124.61 51.12
CA ASP BA 44 62.13 124.93 51.60
C ASP BA 44 61.06 124.15 50.86
N ALA BA 45 61.10 124.15 49.52
CA ALA BA 45 60.15 123.41 48.73
C ALA BA 45 60.77 122.63 47.58
N LEU BA 46 62.05 122.84 47.27
CA LEU BA 46 62.68 122.12 46.17
C LEU BA 46 62.79 120.63 46.44
N LEU BA 47 62.94 120.24 47.71
CA LEU BA 47 63.00 118.85 48.07
C LEU BA 47 61.69 118.14 47.72
N GLY BA 48 61.72 116.81 47.76
CA GLY BA 48 60.54 116.03 47.45
C GLY BA 48 60.50 115.60 45.99
N THR BA 49 60.87 116.49 45.08
CA THR BA 49 60.96 116.11 43.68
C THR BA 49 62.07 115.08 43.46
N TYR BA 50 63.17 115.22 44.22
CA TYR BA 50 64.20 114.19 44.21
C TYR BA 50 63.66 112.89 44.80
N CYS BA 51 62.86 112.99 45.86
CA CYS BA 51 62.19 111.82 46.42
C CYS BA 51 61.10 111.29 45.50
N SER BA 52 60.49 112.15 44.68
CA SER BA 52 59.47 111.71 43.75
C SER BA 52 60.05 110.84 42.63
N THR BA 53 61.20 111.22 42.09
CA THR BA 53 61.82 110.46 41.01
C THR BA 53 62.45 109.16 41.48
N LEU BA 54 62.95 109.12 42.72
CA LEU BA 54 63.60 107.91 43.22
C LEU BA 54 62.59 106.78 43.39
N SER BA 55 63.10 105.60 43.72
CA SER BA 55 62.30 104.40 43.93
C SER BA 55 62.72 103.81 45.27
N LEU BA 56 62.03 104.23 46.33
CA LEU BA 56 62.40 103.91 47.70
C LEU BA 56 61.38 102.96 48.32
N VAL BA 57 61.88 102.12 49.23
CA VAL BA 57 61.03 101.30 50.08
C VAL BA 57 60.81 102.12 51.34
N ARG BA 58 59.83 103.02 51.30
CA ARG BA 58 59.48 103.81 52.47
C ARG BA 58 59.11 102.88 53.62
N PHE BA 59 59.63 103.17 54.81
CA PHE BA 59 59.33 102.33 55.96
C PHE BA 59 57.85 102.32 56.29
N LEU BA 60 57.21 103.50 56.26
CA LEU BA 60 55.81 103.61 56.64
C LEU BA 60 54.88 103.30 55.47
N GLU BA 61 55.14 102.18 54.78
CA GLU BA 61 54.21 101.68 53.78
C GLU BA 61 54.00 100.18 53.88
N LEU BA 62 54.82 99.47 54.64
CA LEU BA 62 54.64 98.05 54.87
C LEU BA 62 53.67 97.79 56.01
N GLY BA 63 53.33 96.52 56.21
CA GLY BA 63 52.52 96.16 57.36
C GLY BA 63 53.27 96.25 58.66
N LEU BA 64 54.60 96.22 58.62
CA LEU BA 64 55.41 96.24 59.84
C LEU BA 64 55.33 97.57 60.57
N SER BA 65 54.99 98.66 59.88
CA SER BA 65 54.89 99.96 60.52
C SER BA 65 53.85 100.01 61.63
N VAL BA 66 52.83 99.14 61.59
CA VAL BA 66 51.74 99.22 62.57
C VAL BA 66 52.13 98.66 63.91
N ALA BA 67 53.38 98.24 64.09
CA ALA BA 67 53.84 97.65 65.35
C ALA BA 67 54.53 98.65 66.26
N CYS BA 68 55.04 99.76 65.74
CA CYS BA 68 55.80 100.70 66.53
C CYS BA 68 55.26 102.11 66.34
N VAL BA 69 55.34 102.92 67.38
CA VAL BA 69 54.93 104.31 67.34
C VAL BA 69 56.22 105.13 67.20
N CYS BA 70 56.61 105.40 65.95
CA CYS BA 70 57.79 106.21 65.70
C CYS BA 70 57.57 107.63 66.20
N THR BA 71 58.66 108.26 66.63
CA THR BA 71 58.62 109.65 67.06
C THR BA 71 59.98 110.27 66.82
N LYS BA 72 60.02 111.31 65.97
CA LYS BA 72 61.26 112.06 65.80
C LYS BA 72 61.59 112.82 67.07
N PHE BA 73 62.87 112.82 67.45
CA PHE BA 73 63.31 113.39 68.72
C PHE BA 73 64.72 113.92 68.50
N PRO BA 74 64.85 115.15 67.99
CA PRO BA 74 66.17 115.67 67.59
C PRO BA 74 67.20 115.65 68.70
N GLU BA 75 66.85 116.17 69.88
CA GLU BA 75 67.80 116.28 70.99
C GLU BA 75 67.87 114.97 71.77
N LEU BA 76 68.14 113.89 71.03
CA LEU BA 76 68.25 112.57 71.64
C LEU BA 76 69.65 112.30 72.19
N SER BA 77 70.69 112.73 71.48
CA SER BA 77 72.04 112.50 71.97
C SER BA 77 72.30 113.23 73.27
N TYR BA 78 71.53 114.28 73.54
CA TYR BA 78 71.64 115.00 74.81
C TYR BA 78 70.70 114.40 75.84
N VAL BA 79 70.74 113.08 76.02
CA VAL BA 79 69.85 112.40 76.95
C VAL BA 79 70.64 111.34 77.70
N ALA BA 80 70.64 111.42 79.03
CA ALA BA 80 71.19 110.39 79.89
C ALA BA 80 70.19 109.26 80.03
N GLU BA 81 70.38 108.40 81.03
CA GLU BA 81 69.46 107.30 81.30
C GLU BA 81 68.01 107.79 81.25
N GLY BA 82 67.27 107.29 80.25
CA GLY BA 82 65.89 107.66 80.07
C GLY BA 82 64.95 106.56 80.51
N THR BA 83 63.73 106.91 80.90
CA THR BA 83 62.86 105.96 81.56
C THR BA 83 61.40 106.17 81.16
N ILE BA 84 60.53 105.44 81.83
CA ILE BA 84 59.09 105.45 81.56
C ILE BA 84 58.43 104.80 82.77
N GLN BA 85 57.18 105.17 83.04
CA GLN BA 85 56.49 104.71 84.24
C GLN BA 85 55.12 104.13 83.93
N PHE BA 86 54.61 103.37 84.90
CA PHE BA 86 53.28 102.78 84.84
C PHE BA 86 52.67 102.79 86.23
N GLU BA 87 51.35 102.56 86.26
CA GLU BA 87 50.64 102.27 87.50
C GLU BA 87 49.38 101.48 87.15
N VAL BA 88 49.10 100.44 87.93
CA VAL BA 88 48.00 99.53 87.64
C VAL BA 88 47.17 99.36 88.90
N GLN BA 89 45.85 99.30 88.73
CA GLN BA 89 44.91 99.02 89.80
C GLN BA 89 44.14 97.77 89.43
N GLN BA 90 44.29 96.73 90.23
CA GLN BA 90 43.68 95.47 89.84
C GLN BA 90 42.27 95.37 90.39
N PRO BA 91 41.31 94.90 89.60
CA PRO BA 91 39.95 94.77 90.11
C PRO BA 91 39.86 93.67 91.15
N MET BA 92 39.04 93.91 92.17
CA MET BA 92 38.85 92.96 93.26
C MET BA 92 37.39 92.55 93.33
N ILE BA 93 37.17 91.34 93.82
CA ILE BA 93 35.83 90.83 94.03
C ILE BA 93 35.67 90.57 95.53
N ALA BA 94 34.42 90.60 95.98
CA ALA BA 94 34.09 90.49 97.39
C ALA BA 94 33.97 89.02 97.78
N ARG BA 95 34.65 88.64 98.85
CA ARG BA 95 34.55 87.29 99.38
C ARG BA 95 33.26 87.15 100.20
N ASP BA 96 33.19 86.06 100.98
CA ASP BA 96 32.04 85.87 101.85
C ASP BA 96 32.39 86.12 103.31
N GLY BA 97 33.40 85.42 103.83
CA GLY BA 97 33.82 85.59 105.20
C GLY BA 97 34.68 86.81 105.38
N PRO BA 98 34.35 87.65 106.37
CA PRO BA 98 35.10 88.89 106.58
C PRO BA 98 36.55 88.65 107.00
N HIS BA 99 37.49 88.97 106.12
CA HIS BA 99 38.92 88.98 106.46
C HIS BA 99 39.51 90.26 105.91
N PRO BA 100 40.04 91.15 106.76
CA PRO BA 100 40.48 92.49 106.32
C PRO BA 100 41.91 92.51 105.80
N ALA BA 101 42.11 92.02 104.57
CA ALA BA 101 43.41 92.13 103.92
C ALA BA 101 43.31 92.43 102.44
N ASP BA 102 42.11 92.62 101.89
CA ASP BA 102 41.98 92.77 100.44
C ASP BA 102 42.48 94.13 99.97
N GLN BA 103 41.81 95.21 100.40
CA GLN BA 103 42.34 96.57 100.35
C GLN BA 103 42.97 96.90 99.00
N PRO BA 104 42.14 97.20 97.96
CA PRO BA 104 42.62 97.17 96.57
C PRO BA 104 44.04 97.68 96.34
N VAL BA 105 44.83 96.85 95.67
CA VAL BA 105 46.28 97.02 95.59
C VAL BA 105 46.64 98.15 94.65
N HIS BA 106 47.90 98.57 94.70
CA HIS BA 106 48.44 99.57 93.79
C HIS BA 106 49.85 99.16 93.41
N ASN BA 107 50.26 99.58 92.22
CA ASN BA 107 51.57 99.23 91.69
C ASN BA 107 52.15 100.42 90.96
N TYR BA 108 53.48 100.46 90.90
CA TYR BA 108 54.18 101.51 90.15
C TYR BA 108 55.40 100.86 89.49
N MET BA 109 55.21 100.38 88.26
CA MET BA 109 56.28 99.79 87.49
C MET BA 109 57.06 100.87 86.76
N ILE BA 110 58.34 100.60 86.52
CA ILE BA 110 59.22 101.51 85.82
C ILE BA 110 60.06 100.71 84.84
N LYS BA 111 60.39 101.32 83.72
CA LYS BA 111 61.26 100.71 82.72
C LYS BA 111 62.37 101.69 82.35
N ARG BA 112 63.22 101.26 81.42
CA ARG BA 112 64.37 102.03 81.00
C ARG BA 112 64.48 102.01 79.48
N LEU BA 113 65.10 103.04 78.92
CA LEU BA 113 65.41 103.01 77.50
C LEU BA 113 66.58 102.07 77.24
N ASP BA 114 66.81 101.80 75.95
CA ASP BA 114 67.93 100.98 75.51
C ASP BA 114 68.55 101.65 74.29
N ARG BA 115 69.80 102.09 74.42
CA ARG BA 115 70.44 102.81 73.34
C ARG BA 115 70.84 101.85 72.21
N ARG BA 116 70.93 102.40 71.01
CA ARG BA 116 71.27 101.65 69.81
C ARG BA 116 71.59 102.65 68.71
N SER BA 117 72.39 102.21 67.75
CA SER BA 117 72.82 103.07 66.65
C SER BA 117 72.56 102.35 65.33
N LEU BA 118 72.57 103.11 64.24
CA LEU BA 118 72.30 102.56 62.91
C LEU BA 118 73.18 103.35 61.93
N ASN BA 119 74.23 102.70 61.43
CA ASN BA 119 75.23 103.42 60.67
C ASN BA 119 75.15 103.04 59.19
N ALA BA 120 75.86 103.84 58.38
CA ALA BA 120 75.90 103.65 56.93
C ALA BA 120 77.27 104.12 56.43
N ALA BA 121 77.60 103.69 55.21
CA ALA BA 121 78.91 103.96 54.65
C ALA BA 121 78.76 104.58 53.27
N PHE BA 122 79.75 105.39 52.88
CA PHE BA 122 79.73 106.22 51.69
C PHE BA 122 81.12 106.79 51.48
N SER BA 123 81.55 106.86 50.21
CA SER BA 123 82.87 107.39 49.93
C SER BA 123 82.98 107.88 48.49
N ILE BA 124 83.83 108.88 48.29
CA ILE BA 124 84.15 109.44 46.99
C ILE BA 124 85.65 109.73 46.95
N ALA BA 125 86.16 110.07 45.78
CA ALA BA 125 87.55 110.49 45.61
C ALA BA 125 87.63 112.01 45.70
N VAL BA 126 88.84 112.49 46.01
CA VAL BA 126 89.02 113.91 46.30
C VAL BA 126 88.95 114.74 45.02
N GLU BA 127 89.87 114.50 44.08
CA GLU BA 127 89.83 115.19 42.80
C GLU BA 127 88.49 115.01 42.09
N ALA BA 128 87.82 113.88 42.32
CA ALA BA 128 86.49 113.67 41.76
C ALA BA 128 85.54 114.80 42.15
N LEU BA 129 85.43 115.07 43.46
CA LEU BA 129 84.56 116.14 43.93
C LEU BA 129 84.97 117.51 43.40
N GLY BA 130 86.26 117.71 43.12
CA GLY BA 130 86.70 119.02 42.66
C GLY BA 130 86.15 119.41 41.31
N LEU BA 131 85.88 118.42 40.45
CA LEU BA 131 85.45 118.71 39.09
C LEU BA 131 84.08 119.36 39.03
N ILE BA 132 83.22 119.15 40.03
CA ILE BA 132 81.84 119.64 39.94
C ILE BA 132 81.75 121.09 40.40
N SER BA 133 82.70 121.55 41.21
CA SER BA 133 82.67 122.90 41.74
C SER BA 133 82.74 123.95 40.63
N GLY BA 134 83.73 123.82 39.76
CA GLY BA 134 83.93 124.80 38.70
C GLY BA 134 82.81 124.84 37.69
N GLU BA 135 82.20 126.02 37.52
CA GLU BA 135 81.14 126.23 36.55
C GLU BA 135 81.77 126.61 35.21
N ASN BA 136 81.56 125.79 34.20
CA ASN BA 136 82.13 126.02 32.88
C ASN BA 136 81.13 125.61 31.81
N LEU BA 137 81.02 126.42 30.77
CA LEU BA 137 80.14 126.12 29.65
C LEU BA 137 80.80 125.16 28.67
N HIS BA 141 84.25 123.38 24.06
CA HIS BA 141 84.20 122.95 25.45
C HIS BA 141 85.55 123.24 26.13
N ILE BA 142 85.70 122.80 27.37
CA ILE BA 142 86.93 122.98 28.13
C ILE BA 142 87.69 121.64 28.30
N SER BA 143 87.52 120.73 27.34
CA SER BA 143 88.31 119.50 27.25
C SER BA 143 88.20 118.61 28.48
N SER BA 144 87.14 118.75 29.27
CA SER BA 144 87.02 117.95 30.49
C SER BA 144 85.60 117.44 30.75
N ALA BA 145 84.73 117.40 29.74
CA ALA BA 145 83.34 117.01 29.95
C ALA BA 145 83.24 115.54 30.35
N MET BA 146 83.86 114.66 29.56
CA MET BA 146 83.76 113.22 29.82
C MET BA 146 84.19 112.88 31.24
N ARG BA 147 85.40 113.31 31.62
CA ARG BA 147 85.86 113.12 33.00
C ARG BA 147 84.94 113.78 34.02
N LEU BA 148 84.29 114.90 33.67
CA LEU BA 148 83.36 115.57 34.56
C LEU BA 148 82.07 114.75 34.74
N ARG BA 149 81.45 114.35 33.64
CA ARG BA 149 80.24 113.53 33.73
C ARG BA 149 80.51 112.19 34.38
N ALA BA 150 81.70 111.63 34.18
CA ALA BA 150 82.05 110.35 34.78
C ALA BA 150 82.08 110.40 36.30
N ILE BA 151 82.03 111.58 36.91
CA ILE BA 151 82.10 111.73 38.35
C ILE BA 151 80.73 112.15 38.88
N GLN BA 152 79.90 112.72 38.02
CA GLN BA 152 78.55 113.09 38.41
C GLN BA 152 77.73 111.86 38.79
N GLN BA 153 78.33 110.68 38.65
CA GLN BA 153 77.71 109.41 39.06
C GLN BA 153 77.93 109.12 40.53
N LEU BA 154 78.29 110.13 41.33
CA LEU BA 154 78.14 110.01 42.78
C LEU BA 154 76.68 109.97 43.19
N ALA BA 155 75.79 110.46 42.32
CA ALA BA 155 74.35 110.33 42.56
C ALA BA 155 73.95 108.88 42.74
N ARG BA 156 74.51 107.97 41.93
CA ARG BA 156 74.23 106.55 42.09
C ARG BA 156 74.63 106.03 43.46
N ASN BA 157 75.47 106.77 44.19
CA ASN BA 157 75.89 106.39 45.52
C ASN BA 157 75.07 107.09 46.60
N VAL BA 158 74.72 108.36 46.40
CA VAL BA 158 73.92 109.09 47.38
C VAL BA 158 72.49 108.55 47.40
N GLN BA 159 71.98 108.09 46.26
CA GLN BA 159 70.66 107.49 46.24
C GLN BA 159 70.66 106.12 46.89
N ALA BA 160 71.82 105.53 47.12
CA ALA BA 160 71.93 104.25 47.80
C ALA BA 160 72.13 104.42 49.30
N VAL BA 161 73.01 105.33 49.70
CA VAL BA 161 73.20 105.58 51.14
C VAL BA 161 71.92 106.17 51.73
N LEU BA 162 71.18 106.96 50.96
CA LEU BA 162 69.88 107.43 51.39
C LEU BA 162 68.82 106.34 51.34
N ASP BA 163 69.05 105.28 50.56
CA ASP BA 163 68.16 104.13 50.50
C ASP BA 163 68.37 103.16 51.64
N SER BA 164 69.59 103.08 52.17
CA SER BA 164 69.95 102.01 53.09
C SER BA 164 69.27 102.17 54.44
N PHE BA 165 68.96 103.40 54.85
CA PHE BA 165 68.39 103.62 56.17
C PHE BA 165 66.96 103.07 56.28
N GLU BA 166 66.19 103.18 55.20
CA GLU BA 166 64.82 102.68 55.23
C GLU BA 166 64.80 101.16 55.42
N ARG BA 167 65.58 100.43 54.63
CA ARG BA 167 65.72 98.99 54.84
C ARG BA 167 66.25 98.68 56.23
N GLY BA 168 67.23 99.46 56.70
CA GLY BA 168 67.84 99.21 57.99
C GLY BA 168 66.87 99.36 59.14
N THR BA 169 65.94 100.31 59.04
CA THR BA 169 64.93 100.46 60.08
C THR BA 169 64.06 99.21 60.19
N ALA BA 170 63.61 98.69 59.05
CA ALA BA 170 62.83 97.45 59.07
C ALA BA 170 63.65 96.29 59.63
N ASP BA 171 64.92 96.20 59.24
CA ASP BA 171 65.78 95.14 59.75
C ASP BA 171 65.90 95.21 61.28
N GLN BA 172 66.25 96.38 61.80
CA GLN BA 172 66.42 96.53 63.24
C GLN BA 172 65.11 96.29 63.97
N MET BA 173 63.99 96.72 63.40
CA MET BA 173 62.70 96.50 64.04
C MET BA 173 62.38 95.02 64.12
N LEU BA 174 62.61 94.28 63.04
CA LEU BA 174 62.40 92.84 63.06
C LEU BA 174 63.31 92.18 64.09
N ARG BA 175 64.59 92.58 64.13
CA ARG BA 175 65.50 92.02 65.12
C ARG BA 175 65.02 92.26 66.54
N VAL BA 176 64.55 93.47 66.83
CA VAL BA 176 64.08 93.78 68.19
C VAL BA 176 62.83 92.96 68.52
N LEU BA 177 61.89 92.88 67.58
CA LEU BA 177 60.66 92.14 67.85
C LEU BA 177 60.93 90.65 68.06
N MET BA 178 61.98 90.12 67.43
CA MET BA 178 62.31 88.70 67.58
C MET BA 178 62.91 88.38 68.94
N GLU BA 179 63.43 89.37 69.65
CA GLU BA 179 64.11 89.13 70.92
C GLU BA 179 63.13 88.91 72.07
N LYS BA 180 62.27 89.90 72.33
CA LYS BA 180 61.40 89.88 73.50
C LYS BA 180 60.17 89.02 73.31
N ALA BA 181 60.15 88.17 72.29
CA ALA BA 181 58.96 87.37 71.99
C ALA BA 181 59.16 85.95 72.51
N PRO BA 182 58.44 85.54 73.56
CA PRO BA 182 58.50 84.16 73.99
C PRO BA 182 57.84 83.24 72.99
N PRO BA 183 58.15 81.96 73.00
CA PRO BA 183 57.47 81.02 72.11
C PRO BA 183 56.06 80.73 72.58
N LEU BA 184 55.14 80.70 71.62
CA LEU BA 184 53.74 80.45 71.95
C LEU BA 184 53.55 79.14 72.68
N SER BA 185 54.35 78.13 72.32
CA SER BA 185 54.22 76.81 72.94
C SER BA 185 54.31 76.89 74.45
N LEU BA 186 55.25 77.69 74.97
CA LEU BA 186 55.45 77.84 76.40
C LEU BA 186 54.63 78.99 76.99
N LEU BA 187 53.61 79.48 76.29
CA LEU BA 187 52.88 80.66 76.72
C LEU BA 187 51.42 80.38 77.04
N ALA BA 188 50.68 79.76 76.12
CA ALA BA 188 49.25 79.55 76.33
C ALA BA 188 48.94 78.74 77.58
N PRO BA 189 49.53 77.55 77.80
CA PRO BA 189 49.23 76.81 79.04
C PRO BA 189 49.65 77.52 80.31
N PHE BA 190 50.62 78.44 80.24
CA PHE BA 190 50.97 79.24 81.41
C PHE BA 190 49.91 80.28 81.73
N THR BA 191 49.36 80.95 80.71
CA THR BA 191 48.25 81.87 80.91
C THR BA 191 46.97 81.16 81.30
N LEU BA 192 46.83 79.88 80.96
CA LEU BA 192 45.66 79.13 81.39
C LEU BA 192 45.65 78.95 82.91
N TYR BA 193 46.77 78.46 83.47
CA TYR BA 193 46.86 78.14 84.89
C TYR BA 193 47.25 79.34 85.75
N GLU BA 194 47.10 80.56 85.25
CA GLU BA 194 47.46 81.75 86.00
C GLU BA 194 46.56 81.92 87.22
N GLY BA 195 47.13 82.48 88.29
CA GLY BA 195 46.42 82.76 89.51
C GLY BA 195 46.56 81.71 90.57
N ARG BA 196 46.59 80.43 90.19
CA ARG BA 196 46.68 79.33 91.14
C ARG BA 196 48.12 78.87 91.35
N LEU BA 197 49.10 79.70 90.98
CA LEU BA 197 50.50 79.36 91.19
C LEU BA 197 50.91 79.62 92.63
N ALA BA 198 50.20 79.01 93.58
CA ALA BA 198 50.46 79.18 94.99
C ALA BA 198 50.94 77.90 95.66
N ASP BA 199 50.23 76.80 95.47
CA ASP BA 199 50.67 75.51 95.99
C ASP BA 199 51.42 74.74 94.92
N ARG BA 200 51.95 73.58 95.32
CA ARG BA 200 52.86 72.85 94.44
C ARG BA 200 52.08 71.99 93.44
N VAL BA 201 50.87 71.56 93.80
CA VAL BA 201 50.07 70.72 92.93
C VAL BA 201 49.78 71.39 91.58
N ALA BA 202 49.55 72.70 91.59
CA ALA BA 202 49.21 73.40 90.36
C ALA BA 202 50.40 73.41 89.39
N CYS BA 203 51.56 73.88 89.85
CA CYS BA 203 52.75 73.86 89.02
C CYS BA 203 53.11 72.44 88.61
N ALA BA 204 52.84 71.47 89.49
CA ALA BA 204 53.08 70.07 89.15
C ALA BA 204 52.31 69.62 87.92
N ALA BA 205 51.14 70.22 87.66
CA ALA BA 205 50.38 69.96 86.45
C ALA BA 205 50.77 70.85 85.28
N LEU BA 206 51.09 72.12 85.55
CA LEU BA 206 51.54 73.00 84.49
C LEU BA 206 52.81 72.47 83.82
N VAL BA 207 53.69 71.84 84.60
CA VAL BA 207 54.92 71.29 84.04
C VAL BA 207 54.59 70.13 83.10
N SER BA 208 53.72 69.21 83.54
CA SER BA 208 53.34 68.08 82.70
C SER BA 208 52.66 68.56 81.43
N GLU BA 209 51.93 69.67 81.49
CA GLU BA 209 51.27 70.16 80.29
C GLU BA 209 52.26 70.85 79.35
N LEU BA 210 53.21 71.62 79.90
CA LEU BA 210 54.24 72.23 79.05
C LEU BA 210 55.05 71.17 78.33
N LYS BA 211 55.40 70.08 79.02
CA LYS BA 211 56.21 69.03 78.41
C LYS BA 211 55.50 68.39 77.22
N ARG BA 212 54.18 68.33 77.22
CA ARG BA 212 53.43 67.80 76.08
C ARG BA 212 53.24 68.84 74.98
N ARG BA 213 52.97 70.09 75.38
CA ARG BA 213 52.74 71.14 74.39
C ARG BA 213 54.00 71.40 73.56
N VAL BA 214 55.17 71.42 74.20
CA VAL BA 214 56.39 71.67 73.44
C VAL BA 214 56.70 70.51 72.50
N ARG BA 215 56.17 69.33 72.82
CA ARG BA 215 56.45 68.15 72.00
C ARG BA 215 55.53 68.04 70.80
N ASP BA 216 54.23 68.23 71.02
CA ASP BA 216 53.24 67.92 69.99
C ASP BA 216 52.64 69.15 69.33
N ASP BA 217 53.14 70.36 69.64
CA ASP BA 217 52.62 71.57 69.01
C ASP BA 217 53.72 72.46 68.47
N THR BA 218 54.92 71.94 68.26
CA THR BA 218 56.05 72.75 67.84
C THR BA 218 56.18 72.86 66.32
N PHE BA 219 55.24 72.29 65.57
CA PHE BA 219 55.28 72.34 64.11
C PHE BA 219 53.84 72.31 63.61
N PHE BA 220 53.31 73.47 63.21
CA PHE BA 220 51.90 73.55 62.83
C PHE BA 220 51.56 72.67 61.63
N LEU BA 221 52.16 72.96 60.48
CA LEU BA 221 51.65 72.44 59.22
C LEU BA 221 52.63 71.55 58.46
N THR BA 222 53.83 71.31 58.98
CA THR BA 222 54.67 70.29 58.37
C THR BA 222 54.13 68.90 58.67
N LYS BA 223 53.42 68.75 59.80
CA LYS BA 223 52.76 67.51 60.15
C LYS BA 223 51.24 67.56 60.01
N HIS BA 224 50.61 68.70 60.31
CA HIS BA 224 49.16 68.79 60.39
C HIS BA 224 48.57 69.62 59.24
N GLU BA 225 49.23 69.64 58.08
CA GLU BA 225 48.66 70.31 56.92
C GLU BA 225 47.49 69.56 56.32
N ARG BA 226 47.24 68.32 56.76
CA ARG BA 226 46.18 67.51 56.18
C ARG BA 226 44.81 68.16 56.38
N ASN BA 227 44.44 68.41 57.62
CA ASN BA 227 43.15 69.04 57.89
C ASN BA 227 43.28 70.56 57.84
N LYS BA 228 42.18 71.24 58.10
CA LYS BA 228 42.14 72.71 58.11
C LYS BA 228 41.90 73.29 59.50
N ASP BA 229 41.31 72.52 60.42
CA ASP BA 229 40.97 73.01 61.74
C ASP BA 229 42.18 73.19 62.64
N ALA BA 230 43.15 72.27 62.57
CA ALA BA 230 44.31 72.33 63.43
C ALA BA 230 45.08 73.64 63.24
N VAL BA 231 45.45 73.94 62.00
CA VAL BA 231 46.26 75.14 61.74
C VAL BA 231 45.44 76.40 62.01
N LEU BA 232 44.17 76.40 61.62
CA LEU BA 232 43.32 77.55 61.88
C LEU BA 232 43.23 77.84 63.37
N ASP BA 233 43.08 76.81 64.19
CA ASP BA 233 43.03 77.02 65.63
C ASP BA 233 44.38 77.50 66.16
N ARG BA 234 45.46 76.80 65.78
CA ARG BA 234 46.79 77.19 66.22
C ARG BA 234 47.08 78.65 65.96
N LEU BA 235 46.64 79.17 64.80
CA LEU BA 235 46.77 80.60 64.53
C LEU BA 235 45.80 81.40 65.40
N SER BA 236 44.55 80.94 65.49
CA SER BA 236 43.56 81.60 66.33
C SER BA 236 43.93 81.58 67.81
N ASP BA 237 44.75 80.63 68.25
CA ASP BA 237 45.27 80.69 69.61
C ASP BA 237 46.48 81.60 69.73
N LEU BA 238 47.25 81.77 68.65
CA LEU BA 238 48.38 82.71 68.70
C LEU BA 238 47.90 84.12 68.99
N VAL BA 239 46.96 84.63 68.20
CA VAL BA 239 46.49 85.98 68.48
C VAL BA 239 45.30 85.90 69.43
N ASN BA 240 45.57 85.43 70.64
CA ASN BA 240 44.69 85.69 71.78
C ASN BA 240 45.45 85.68 73.10
N CYS BA 241 46.76 85.46 73.08
CA CYS BA 241 47.57 85.38 74.28
C CYS BA 241 48.33 86.67 74.54
N THR BA 242 48.17 87.66 73.67
CA THR BA 242 48.84 88.94 73.79
C THR BA 242 47.82 89.98 74.23
N ALA BA 243 48.18 90.78 75.22
CA ALA BA 243 47.29 91.84 75.68
C ALA BA 243 47.55 93.11 74.90
N PRO BA 244 46.51 93.74 74.34
CA PRO BA 244 46.71 95.03 73.67
C PRO BA 244 47.28 96.07 74.62
N SER BA 245 48.23 96.84 74.11
CA SER BA 245 48.98 97.80 74.90
C SER BA 245 48.26 99.14 74.90
N VAL BA 246 48.95 100.20 75.33
CA VAL BA 246 48.31 101.51 75.45
C VAL BA 246 47.68 101.94 74.14
N ALA BA 247 46.67 102.79 74.23
CA ALA BA 247 45.93 103.28 73.08
C ALA BA 247 46.36 104.71 72.79
N VAL BA 248 47.06 104.90 71.68
CA VAL BA 248 47.43 106.22 71.18
C VAL BA 248 46.58 106.50 69.96
N ALA BA 249 46.06 107.73 69.88
CA ALA BA 249 45.09 108.12 68.86
C ALA BA 249 45.77 108.65 67.60
N ARG BA 250 47.00 108.20 67.33
CA ARG BA 250 47.75 108.68 66.18
C ARG BA 250 47.96 107.62 65.11
N MET BA 251 47.69 106.35 65.38
CA MET BA 251 47.93 105.31 64.38
C MET BA 251 46.87 105.32 63.29
N THR BA 252 45.61 105.12 63.67
CA THR BA 252 44.47 105.12 62.75
C THR BA 252 44.65 104.12 61.61
N HIS BA 253 45.44 103.07 61.84
CA HIS BA 253 45.60 102.02 60.83
C HIS BA 253 44.30 101.25 60.67
N ALA BA 254 43.69 101.35 59.50
CA ALA BA 254 42.40 100.72 59.27
C ALA BA 254 42.32 100.25 57.83
N ASP BA 255 41.22 99.57 57.50
CA ASP BA 255 40.95 99.17 56.13
C ASP BA 255 40.18 100.27 55.41
N THR BA 256 39.89 100.04 54.12
CA THR BA 256 39.09 100.96 53.33
C THR BA 256 37.73 101.26 53.96
N GLN BA 257 37.23 100.38 54.81
CA GLN BA 257 35.95 100.56 55.48
C GLN BA 257 36.10 101.29 56.81
N GLY BA 258 37.33 101.42 57.30
CA GLY BA 258 37.59 102.09 58.54
C GLY BA 258 37.67 101.19 59.76
N ARG BA 259 37.52 99.87 59.59
CA ARG BA 259 37.71 98.94 60.69
C ARG BA 259 39.18 98.95 61.08
N PRO BA 260 39.52 99.43 62.28
CA PRO BA 260 40.93 99.57 62.64
C PRO BA 260 41.60 98.21 62.78
N VAL BA 261 42.73 98.04 62.09
CA VAL BA 261 43.50 96.82 62.22
C VAL BA 261 44.01 96.71 63.66
N ASP BA 262 44.44 95.50 64.03
CA ASP BA 262 44.83 95.24 65.40
C ASP BA 262 46.30 94.91 65.55
N GLY BA 263 46.80 93.89 64.85
CA GLY BA 263 48.17 93.45 65.00
C GLY BA 263 48.88 93.37 63.65
N VAL BA 264 49.82 92.44 63.57
CA VAL BA 264 50.60 92.23 62.36
C VAL BA 264 51.22 90.84 62.42
N LEU BA 265 51.18 90.13 61.31
CA LEU BA 265 51.77 88.79 61.20
C LEU BA 265 52.89 88.86 60.16
N VAL BA 266 54.12 88.72 60.62
CA VAL BA 266 55.29 88.70 59.73
C VAL BA 266 55.79 87.27 59.64
N THR BA 267 56.10 86.83 58.42
CA THR BA 267 56.41 85.44 58.15
C THR BA 267 57.11 85.35 56.79
N THR BA 268 58.03 84.39 56.69
CA THR BA 268 58.70 84.13 55.43
C THR BA 268 57.69 83.71 54.37
N ALA BA 269 58.05 83.93 53.09
CA ALA BA 269 57.15 83.61 52.00
C ALA BA 269 56.82 82.12 51.94
N GLY BA 270 57.77 81.26 52.31
CA GLY BA 270 57.56 79.83 52.25
C GLY BA 270 56.42 79.33 53.13
N VAL BA 271 55.93 80.16 54.04
CA VAL BA 271 54.79 79.80 54.87
C VAL BA 271 53.60 80.67 54.46
N ARG BA 272 53.89 81.86 53.93
CA ARG BA 272 52.81 82.72 53.43
C ARG BA 272 52.06 82.04 52.29
N GLN BA 273 52.79 81.42 51.36
CA GLN BA 273 52.13 80.79 50.22
C GLN BA 273 51.27 79.60 50.65
N ARG BA 274 51.71 78.84 51.65
CA ARG BA 274 50.94 77.72 52.16
C ARG BA 274 49.77 78.18 53.03
N LEU BA 275 49.87 79.33 53.67
CA LEU BA 275 48.76 79.87 54.45
C LEU BA 275 47.67 80.41 53.55
N LEU BA 276 48.03 81.19 52.52
CA LEU BA 276 47.02 81.76 51.64
C LEU BA 276 46.39 80.72 50.71
N HIS BA 277 46.78 79.45 50.79
CA HIS BA 277 46.29 78.40 49.90
C HIS BA 277 45.02 77.73 50.40
N HIS BA 278 45.08 77.11 51.58
CA HIS BA 278 43.97 76.30 52.07
C HIS BA 278 43.66 76.56 53.54
N VAL BA 279 44.09 77.70 54.08
CA VAL BA 279 43.86 78.00 55.49
C VAL BA 279 43.06 79.29 55.61
N LEU BA 280 43.56 80.35 55.00
CA LEU BA 280 43.03 81.70 55.17
C LEU BA 280 42.54 82.23 53.81
N THR BA 281 42.18 83.51 53.81
CA THR BA 281 41.80 84.20 52.58
C THR BA 281 41.99 85.69 52.80
N LEU BA 282 42.46 86.38 51.76
CA LEU BA 282 42.61 87.83 51.83
C LEU BA 282 41.24 88.48 51.98
N ALA BA 283 41.04 89.23 53.06
CA ALA BA 283 39.78 89.91 53.26
C ALA BA 283 39.77 91.30 52.64
N ASP BA 284 40.95 91.87 52.38
CA ASP BA 284 41.04 93.19 51.79
C ASP BA 284 42.38 93.31 51.08
N THR BA 285 42.54 94.39 50.31
CA THR BA 285 43.76 94.59 49.56
C THR BA 285 44.36 95.98 49.72
N HIS BA 286 43.74 96.87 50.49
CA HIS BA 286 44.23 98.23 50.63
C HIS BA 286 43.92 98.74 52.03
N ALA BA 287 44.87 99.46 52.61
CA ALA BA 287 44.71 100.01 53.96
C ALA BA 287 45.07 101.49 53.92
N ASP BA 288 44.64 102.22 54.95
CA ASP BA 288 45.05 103.60 55.16
C ASP BA 288 46.07 103.63 56.28
N VAL BA 289 47.09 104.46 56.12
CA VAL BA 289 48.19 104.54 57.08
C VAL BA 289 48.51 106.01 57.34
N PRO BA 290 49.19 106.34 58.44
CA PRO BA 290 49.70 107.70 58.59
C PRO BA 290 50.83 107.96 57.60
N VAL BA 291 51.08 109.24 57.35
CA VAL BA 291 52.02 109.65 56.32
C VAL BA 291 53.35 110.16 56.89
N THR BA 292 53.45 110.35 58.20
CA THR BA 292 54.66 110.91 58.78
C THR BA 292 54.80 110.43 60.22
N TYR BA 293 55.90 110.81 60.84
CA TYR BA 293 56.18 110.46 62.22
C TYR BA 293 55.43 111.37 63.17
N GLY BA 294 55.76 111.29 64.45
CA GLY BA 294 55.38 112.29 65.43
C GLY BA 294 56.63 113.00 65.89
N GLU BA 295 56.48 114.24 66.34
CA GLU BA 295 57.60 115.05 66.77
C GLU BA 295 57.48 115.32 68.26
N MET BA 296 58.61 115.29 68.97
CA MET BA 296 58.68 115.62 70.39
C MET BA 296 59.92 116.47 70.61
N VAL BA 297 59.70 117.72 71.02
CA VAL BA 297 60.77 118.68 71.18
C VAL BA 297 60.61 119.38 72.53
N ILE BA 298 61.74 119.77 73.12
CA ILE BA 298 61.75 120.50 74.37
C ILE BA 298 61.77 121.98 74.06
N ALA BA 299 60.77 122.71 74.55
CA ALA BA 299 60.66 124.12 74.20
C ALA BA 299 59.73 124.83 75.17
N ASN BA 300 60.15 126.02 75.61
CA ASN BA 300 59.37 127.09 76.23
C ASN BA 300 58.87 126.76 77.63
N THR BA 301 58.96 125.50 78.03
CA THR BA 301 58.83 125.14 79.45
C THR BA 301 59.81 124.06 79.88
N ASN BA 302 60.30 123.22 78.98
CA ASN BA 302 61.27 122.19 79.30
C ASN BA 302 62.71 122.67 79.18
N LEU BA 303 62.94 123.72 78.37
CA LEU BA 303 64.28 124.25 78.19
C LEU BA 303 64.89 124.66 79.53
N VAL BA 304 64.12 125.38 80.33
CA VAL BA 304 64.60 125.84 81.65
C VAL BA 304 64.92 124.63 82.51
N THR BA 305 63.93 123.76 82.76
CA THR BA 305 64.13 122.62 83.64
C THR BA 305 65.26 121.71 83.19
N ALA BA 306 65.58 121.69 81.89
CA ALA BA 306 66.68 120.89 81.39
C ALA BA 306 68.03 121.61 81.52
N LEU BA 307 68.06 122.93 81.41
CA LEU BA 307 69.33 123.64 81.49
C LEU BA 307 69.75 123.95 82.92
N VAL BA 308 68.82 124.29 83.82
CA VAL BA 308 69.17 124.61 85.19
C VAL BA 308 69.07 123.41 86.12
N MET BA 309 68.11 122.51 85.92
CA MET BA 309 67.90 121.41 86.85
C MET BA 309 68.42 120.07 86.35
N GLY BA 310 68.43 119.84 85.05
CA GLY BA 310 68.91 118.57 84.52
C GLY BA 310 67.86 117.49 84.43
N LYS BA 311 66.58 117.87 84.40
CA LYS BA 311 65.49 116.92 84.25
C LYS BA 311 64.50 117.45 83.23
N ALA BA 312 63.77 116.54 82.61
CA ALA BA 312 62.79 116.89 81.58
C ALA BA 312 61.67 115.86 81.58
N VAL BA 313 60.50 116.28 81.12
CA VAL BA 313 59.33 115.42 80.99
C VAL BA 313 58.61 115.78 79.69
N SER BA 314 57.91 114.80 79.12
CA SER BA 314 57.21 115.01 77.85
C SER BA 314 56.09 116.04 77.98
N ASN BA 315 55.08 115.76 78.80
CA ASN BA 315 53.88 116.58 78.85
C ASN BA 315 53.98 117.67 79.91
N MET BA 316 55.07 118.44 79.86
CA MET BA 316 55.29 119.50 80.83
C MET BA 316 54.34 120.66 80.61
N ASP BA 317 54.02 120.99 79.35
CA ASP BA 317 53.01 122.01 79.08
C ASP BA 317 51.66 121.59 79.66
N ASP BA 318 51.32 120.30 79.54
CA ASP BA 318 50.03 119.83 80.04
C ASP BA 318 49.97 119.87 81.56
N VAL BA 319 51.02 119.37 82.22
CA VAL BA 319 51.01 119.42 83.68
C VAL BA 319 51.07 120.86 84.18
N ALA BA 320 51.66 121.75 83.38
CA ALA BA 320 51.65 123.17 83.71
C ALA BA 320 50.23 123.72 83.68
N ARG BA 321 49.51 123.50 82.58
CA ARG BA 321 48.11 123.91 82.50
C ARG BA 321 47.28 123.24 83.59
N TYR BA 322 47.72 122.08 84.09
CA TYR BA 322 47.04 121.44 85.20
C TYR BA 322 47.26 122.22 86.50
N LEU BA 323 48.52 122.42 86.89
CA LEU BA 323 48.81 122.99 88.19
C LEU BA 323 48.44 124.47 88.31
N LEU BA 324 48.44 125.21 87.21
CA LEU BA 324 48.20 126.65 87.26
C LEU BA 324 46.90 127.04 86.58
N GLY BA 325 46.65 126.60 85.36
CA GLY BA 325 45.43 126.92 84.65
C GLY BA 325 45.61 127.94 83.55
N VAL BA 336 45.44 114.84 60.81
CA VAL BA 336 46.48 114.01 60.22
C VAL BA 336 46.02 113.46 58.88
N GLY BA 337 46.94 113.30 57.95
CA GLY BA 337 46.61 112.80 56.64
C GLY BA 337 46.51 111.28 56.60
N SER BA 338 46.51 110.76 55.38
CA SER BA 338 46.45 109.32 55.14
C SER BA 338 46.98 109.04 53.74
N ALA BA 339 47.02 107.75 53.39
CA ALA BA 339 47.45 107.32 52.07
C ALA BA 339 47.01 105.90 51.84
N ARG BA 340 46.30 105.66 50.75
CA ARG BA 340 45.96 104.29 50.37
C ARG BA 340 47.21 103.55 49.91
N VAL BA 341 47.35 102.30 50.36
CA VAL BA 341 48.54 101.51 50.09
C VAL BA 341 48.11 100.07 49.81
N ARG BA 342 48.90 99.37 49.00
CA ARG BA 342 48.61 97.99 48.63
C ARG BA 342 49.19 97.07 49.71
N ALA BA 343 48.32 96.54 50.56
CA ALA BA 343 48.72 95.65 51.64
C ALA BA 343 47.71 94.50 51.72
N ASP BA 344 47.92 93.61 52.70
CA ASP BA 344 47.12 92.41 52.85
C ASP BA 344 46.52 92.40 54.26
N LEU BA 345 45.24 92.07 54.36
CA LEU BA 345 44.51 92.08 55.64
C LEU BA 345 43.70 90.78 55.75
N VAL BA 346 44.15 89.89 56.62
CA VAL BA 346 43.40 88.68 56.92
C VAL BA 346 42.67 88.85 58.25
N VAL BA 347 41.65 88.03 58.46
CA VAL BA 347 40.82 88.13 59.66
C VAL BA 347 40.98 86.85 60.47
N VAL BA 348 42.21 86.33 60.53
CA VAL BA 348 42.48 85.15 61.34
C VAL BA 348 42.07 85.43 62.79
N GLY BA 349 41.63 84.38 63.48
CA GLY BA 349 41.07 84.58 64.80
C GLY BA 349 39.74 85.30 64.70
N ASP BA 350 39.63 86.41 65.41
CA ASP BA 350 38.44 87.25 65.39
C ASP BA 350 38.71 88.71 65.10
N ARG BA 351 39.95 89.09 64.82
CA ARG BA 351 40.32 90.47 64.58
C ARG BA 351 40.92 90.63 63.18
N LEU BA 352 41.14 91.87 62.78
CA LEU BA 352 41.83 92.17 61.54
C LEU BA 352 43.31 92.37 61.82
N VAL BA 353 44.14 91.66 61.04
CA VAL BA 353 45.58 91.65 61.26
C VAL BA 353 46.28 91.79 59.91
N PHE BA 354 47.41 92.48 59.92
CA PHE BA 354 48.27 92.56 58.74
C PHE BA 354 49.02 91.25 58.57
N LEU BA 355 49.12 90.79 57.32
CA LEU BA 355 49.86 89.57 56.98
C LEU BA 355 50.88 89.91 55.91
N GLU BA 356 52.15 89.87 56.26
CA GLU BA 356 53.22 90.33 55.40
C GLU BA 356 54.34 89.29 55.27
N ALA BA 357 55.22 89.55 54.31
CA ALA BA 357 56.43 88.77 54.09
C ALA BA 357 57.48 89.74 53.58
N LEU BA 358 58.66 89.74 54.19
CA LEU BA 358 59.66 90.76 53.91
C LEU BA 358 60.93 90.22 53.29
N GLU BA 359 60.85 89.08 52.60
CA GLU BA 359 62.02 88.62 51.86
C GLU BA 359 62.11 89.23 50.47
N LYS BA 360 61.02 89.78 49.93
CA LYS BA 360 61.03 90.34 48.58
C LYS BA 360 61.41 91.80 48.55
N ARG BA 361 60.64 92.68 49.17
CA ARG BA 361 60.93 94.10 49.19
C ARG BA 361 62.13 94.44 50.05
N VAL BA 362 62.49 93.58 51.00
CA VAL BA 362 63.63 93.79 51.87
C VAL BA 362 64.48 92.53 51.84
N TYR BA 363 65.78 92.70 52.10
CA TYR BA 363 66.75 91.62 52.20
C TYR BA 363 67.08 90.98 50.86
N GLN BA 364 66.40 91.39 49.80
CA GLN BA 364 66.63 90.78 48.50
C GLN BA 364 67.88 91.34 47.86
N ALA BA 365 68.71 90.44 47.31
CA ALA BA 365 69.96 90.74 46.61
C ALA BA 365 71.03 91.29 47.55
N THR BA 366 70.73 91.46 48.83
CA THR BA 366 71.73 91.85 49.82
C THR BA 366 72.29 90.58 50.45
N GLN BA 367 73.25 90.75 51.37
CA GLN BA 367 73.97 89.62 51.94
C GLN BA 367 73.74 89.55 53.44
N VAL BA 368 72.48 89.71 53.87
CA VAL BA 368 72.10 89.65 55.27
C VAL BA 368 71.01 88.59 55.40
N PRO BA 369 71.09 87.70 56.39
CA PRO BA 369 70.10 86.64 56.51
C PRO BA 369 68.77 87.16 57.03
N TYR BA 370 67.70 86.54 56.56
CA TYR BA 370 66.37 86.88 57.03
C TYR BA 370 66.27 86.55 58.52
N PRO BA 371 65.95 87.51 59.37
CA PRO BA 371 66.06 87.26 60.82
C PRO BA 371 64.91 86.44 61.39
N LEU BA 372 64.09 85.84 60.53
CA LEU BA 372 62.96 85.04 60.96
C LEU BA 372 63.23 83.55 60.77
N VAL BA 373 64.49 83.16 60.90
CA VAL BA 373 64.86 81.75 60.96
C VAL BA 373 65.34 81.46 62.39
N GLY BA 374 64.48 80.81 63.17
CA GLY BA 374 64.80 80.44 64.53
C GLY BA 374 65.72 79.23 64.56
N ASN BA 375 65.99 78.78 65.78
CA ASN BA 375 66.85 77.62 65.98
C ASN BA 375 66.34 76.82 67.16
N LEU BA 376 66.13 75.52 66.96
CA LEU BA 376 65.77 74.62 68.03
C LEU BA 376 67.00 73.86 68.52
N ASP BA 377 66.91 73.34 69.75
CA ASP BA 377 68.03 72.63 70.37
C ASP BA 377 67.44 71.43 71.10
N VAL BA 378 67.44 70.27 70.44
CA VAL BA 378 66.99 69.03 71.05
C VAL BA 378 68.21 68.17 71.33
N THR BA 379 68.11 67.33 72.36
CA THR BA 379 69.20 66.46 72.80
C THR BA 379 68.66 65.03 72.83
N PHE BA 380 69.28 64.17 72.03
CA PHE BA 380 68.86 62.78 71.97
C PHE BA 380 69.67 61.93 72.94
N VAL BA 381 69.11 60.78 73.33
CA VAL BA 381 69.81 59.80 74.14
C VAL BA 381 69.55 58.43 73.54
N MET BA 382 70.54 57.54 73.66
CA MET BA 382 70.40 56.21 73.11
C MET BA 382 71.07 55.22 74.04
N PRO BA 383 70.36 54.20 74.51
CA PRO BA 383 70.99 53.17 75.33
C PRO BA 383 71.80 52.22 74.45
N LEU BA 384 73.09 52.08 74.79
CA LEU BA 384 74.01 51.40 73.89
C LEU BA 384 73.92 49.88 74.04
N GLY BA 385 74.25 49.36 75.21
CA GLY BA 385 74.36 47.92 75.38
C GLY BA 385 73.47 47.33 76.46
N VAL BA 386 72.26 47.86 76.58
CA VAL BA 386 71.35 47.35 77.59
C VAL BA 386 70.91 45.93 77.23
N PHE BA 387 70.73 45.10 78.26
CA PHE BA 387 70.29 43.73 78.09
C PHE BA 387 68.96 43.55 78.82
N LYS BA 388 67.96 43.03 78.12
CA LYS BA 388 66.64 42.92 78.69
C LYS BA 388 66.55 41.70 79.60
N PRO BA 389 65.65 41.71 80.59
CA PRO BA 389 65.51 40.53 81.46
C PRO BA 389 64.98 39.34 80.68
N ALA BA 390 65.18 38.16 81.26
CA ALA BA 390 64.77 36.91 80.60
C ALA BA 390 63.28 36.87 80.35
N ALA BA 391 62.48 37.51 81.20
CA ALA BA 391 61.03 37.48 81.05
C ALA BA 391 60.53 38.24 79.83
N ASP BA 392 61.29 39.22 79.34
CA ASP BA 392 60.84 40.09 78.26
C ASP BA 392 61.61 39.84 76.96
N ARG BA 393 62.13 38.62 76.79
CA ARG BA 393 62.85 38.22 75.59
C ARG BA 393 61.97 37.23 74.83
N TYR BA 394 61.28 37.71 73.80
CA TYR BA 394 60.36 36.90 73.02
C TYR BA 394 60.42 37.30 71.55
N ALA BA 395 59.44 36.83 70.78
CA ALA BA 395 59.26 37.22 69.40
C ALA BA 395 57.76 37.23 69.09
N ARG BA 396 57.34 38.23 68.32
CA ARG BA 396 55.91 38.37 68.02
C ARG BA 396 55.38 37.18 67.24
N HIS BA 397 56.07 36.78 66.18
CA HIS BA 397 55.59 35.74 65.29
C HIS BA 397 56.51 34.52 65.35
N ALA BA 398 56.06 33.44 64.72
CA ALA BA 398 56.70 32.14 64.87
C ALA BA 398 58.16 32.15 64.44
N GLY BA 399 58.41 32.37 63.15
CA GLY BA 399 59.76 32.58 62.66
C GLY BA 399 59.80 33.78 61.76
N SER BA 400 60.49 34.83 62.18
CA SER BA 400 60.48 36.10 61.46
C SER BA 400 61.86 36.57 61.04
N PHE BA 401 62.91 36.21 61.79
CA PHE BA 401 64.26 36.50 61.37
C PHE BA 401 65.10 35.23 61.44
N ALA BA 402 64.56 34.14 60.94
CA ALA BA 402 65.25 32.85 60.93
C ALA BA 402 66.58 32.98 60.21
N PRO BA 403 67.64 32.42 60.76
CA PRO BA 403 68.96 32.52 60.12
C PRO BA 403 69.13 31.47 59.04
N THR BA 404 70.26 31.56 58.34
CA THR BA 404 70.64 30.53 57.40
C THR BA 404 70.66 29.17 58.12
N PRO BA 405 70.03 28.15 57.56
CA PRO BA 405 69.88 26.88 58.31
C PRO BA 405 71.21 26.29 58.74
N GLY BA 406 71.19 25.54 59.83
CA GLY BA 406 72.38 24.94 60.37
C GLY BA 406 73.30 25.88 61.10
N LEU BA 407 72.90 27.13 61.31
CA LEU BA 407 73.73 28.11 61.99
C LEU BA 407 73.08 28.52 63.31
N PRO BA 408 73.86 29.01 64.28
CA PRO BA 408 73.26 29.53 65.50
C PRO BA 408 72.72 30.94 65.30
N ASP BA 409 71.55 31.19 65.86
CA ASP BA 409 70.87 32.46 65.69
C ASP BA 409 71.67 33.59 66.32
N PRO BA 410 72.16 34.56 65.55
CA PRO BA 410 72.92 35.67 66.13
C PRO BA 410 72.07 36.74 66.80
N ARG BA 411 70.79 36.47 67.04
CA ARG BA 411 69.90 37.44 67.68
C ARG BA 411 69.60 37.08 69.13
N THR BA 412 70.19 36.00 69.64
CA THR BA 412 70.02 35.64 71.05
C THR BA 412 71.18 36.14 71.90
N HIS BA 413 72.10 36.89 71.31
CA HIS BA 413 73.28 37.36 72.02
C HIS BA 413 73.09 38.79 72.49
N PRO BA 414 73.81 39.20 73.52
CA PRO BA 414 73.70 40.58 73.99
C PRO BA 414 74.10 41.56 72.91
N PRO BA 415 73.24 42.51 72.56
CA PRO BA 415 73.59 43.50 71.55
C PRO BA 415 74.65 44.46 72.05
N ARG BA 416 75.53 44.87 71.13
CA ARG BA 416 76.66 45.72 71.47
C ARG BA 416 76.82 46.83 70.43
N ALA BA 417 75.70 47.31 69.90
CA ALA BA 417 75.71 48.38 68.91
C ALA BA 417 74.31 48.93 68.77
N VAL BA 418 74.22 50.10 68.15
CA VAL BA 418 72.95 50.74 67.84
C VAL BA 418 73.03 51.28 66.41
N HIS BA 419 71.88 51.38 65.76
CA HIS BA 419 71.80 51.88 64.39
C HIS BA 419 70.65 52.87 64.30
N PHE BA 420 70.91 54.03 63.71
CA PHE BA 420 69.94 55.11 63.58
C PHE BA 420 70.08 55.68 62.18
N PHE BA 421 69.51 56.87 61.98
CA PHE BA 421 69.52 57.51 60.67
C PHE BA 421 70.22 58.85 60.73
N ASN BA 422 70.92 59.18 59.66
CA ASN BA 422 71.65 60.43 59.54
C ASN BA 422 70.67 61.58 59.33
N LYS BA 423 71.19 62.79 59.12
CA LYS BA 423 70.34 63.91 58.77
C LYS BA 423 69.58 63.64 57.47
N ASP BA 424 70.31 63.21 56.43
CA ASP BA 424 69.67 62.95 55.15
C ASP BA 424 68.85 61.66 55.18
N GLY BA 425 69.36 60.62 55.82
CA GLY BA 425 68.67 59.35 55.87
C GLY BA 425 69.55 58.13 55.76
N VAL BA 426 70.82 58.33 55.41
CA VAL BA 426 71.74 57.19 55.32
C VAL BA 426 71.94 56.60 56.71
N PRO BA 427 72.01 55.28 56.87
CA PRO BA 427 72.23 54.70 58.21
C PRO BA 427 73.64 54.94 58.70
N CYS BA 428 73.76 55.53 59.89
CA CYS BA 428 75.04 55.72 60.55
C CYS BA 428 75.31 54.53 61.46
N HIS BA 429 76.32 54.64 62.31
CA HIS BA 429 76.79 53.47 63.04
C HIS BA 429 77.40 53.90 64.37
N VAL BA 430 77.04 53.20 65.44
CA VAL BA 430 77.63 53.40 66.76
C VAL BA 430 77.80 52.04 67.43
N THR BA 431 79.05 51.71 67.77
CA THR BA 431 79.33 50.52 68.56
C THR BA 431 80.06 50.93 69.82
N PHE BA 432 80.39 49.93 70.65
CA PHE BA 432 81.30 50.15 71.78
C PHE BA 432 82.61 50.79 71.34
N GLU BA 433 83.04 50.52 70.11
CA GLU BA 433 84.40 50.87 69.68
C GLU BA 433 84.70 52.36 69.89
N HIS BA 434 83.73 53.23 69.60
CA HIS BA 434 83.96 54.66 69.76
C HIS BA 434 84.16 55.07 71.21
N ALA BA 435 83.81 54.21 72.16
CA ALA BA 435 83.95 54.56 73.57
C ALA BA 435 85.39 54.55 74.05
N MET BA 436 86.34 54.08 73.22
CA MET BA 436 87.74 54.12 73.61
C MET BA 436 88.22 55.53 73.91
N GLY BA 437 87.54 56.54 73.34
CA GLY BA 437 87.89 57.92 73.63
C GLY BA 437 87.56 58.35 75.04
N THR BA 438 86.76 57.58 75.75
CA THR BA 438 86.39 57.90 77.13
C THR BA 438 86.83 56.84 78.13
N LEU BA 439 86.51 55.57 77.87
CA LEU BA 439 86.83 54.49 78.80
C LEU BA 439 88.30 54.11 78.80
N CYS BA 440 89.14 54.78 78.00
CA CYS BA 440 90.58 54.54 78.04
C CYS BA 440 91.38 55.75 78.45
N HIS BA 441 90.76 56.89 78.72
CA HIS BA 441 91.48 58.00 79.30
C HIS BA 441 91.86 57.65 80.75
N PRO BA 442 93.07 58.02 81.18
CA PRO BA 442 93.52 57.66 82.52
C PRO BA 442 92.68 58.23 83.66
N SER BA 443 91.68 59.06 83.38
CA SER BA 443 90.78 59.52 84.44
C SER BA 443 89.76 58.47 84.84
N PHE BA 444 89.64 57.38 84.06
CA PHE BA 444 88.82 56.25 84.47
C PHE BA 444 89.27 55.66 85.80
N LEU BA 445 90.50 55.94 86.22
CA LEU BA 445 91.07 55.42 87.46
C LEU BA 445 91.60 56.55 88.32
N ASP BA 446 90.79 57.60 88.49
CA ASP BA 446 91.10 58.69 89.40
C ASP BA 446 90.04 58.72 90.50
N VAL BA 447 90.23 57.88 91.51
CA VAL BA 447 89.47 58.01 92.74
C VAL BA 447 90.35 58.74 93.75
N ASP BA 448 90.33 60.08 93.72
CA ASP BA 448 91.12 60.86 94.67
C ASP BA 448 90.30 61.86 95.47
N ALA BA 449 89.61 62.77 94.79
CA ALA BA 449 88.74 63.71 95.49
C ALA BA 449 87.46 63.06 95.95
N THR BA 450 86.99 62.06 95.20
CA THR BA 450 85.81 61.29 95.59
C THR BA 450 86.00 60.56 96.91
N LEU BA 451 87.24 60.18 97.24
CA LEU BA 451 87.59 59.54 98.50
C LEU BA 451 87.79 60.55 99.61
N ALA BA 452 88.52 61.64 99.34
CA ALA BA 452 88.74 62.66 100.36
C ALA BA 452 87.45 63.34 100.77
N ALA BA 453 86.48 63.45 99.85
CA ALA BA 453 85.20 64.05 100.20
C ALA BA 453 84.34 63.08 101.01
N LEU BA 454 84.37 61.79 100.66
CA LEU BA 454 83.64 60.80 101.44
C LEU BA 454 84.19 60.68 102.85
N ARG BA 455 85.52 60.78 103.02
CA ARG BA 455 86.11 60.69 104.35
C ARG BA 455 85.77 61.87 105.24
N GLN BA 456 84.97 62.82 104.77
CA GLN BA 456 84.58 63.95 105.59
C GLN BA 456 83.65 63.50 106.72
N GLU BA 457 82.50 62.93 106.35
CA GLU BA 457 81.56 62.45 107.36
C GLU BA 457 82.04 61.13 107.94
N PRO BA 458 82.05 60.99 109.27
CA PRO BA 458 82.46 59.72 109.87
C PRO BA 458 81.50 58.60 109.49
N ALA BA 459 82.06 57.46 109.10
CA ALA BA 459 81.29 56.36 108.57
C ALA BA 459 80.99 55.31 109.63
N GLU BA 460 79.96 54.52 109.38
CA GLU BA 460 79.56 53.46 110.31
C GLU BA 460 80.50 52.28 110.16
N VAL BA 461 80.93 51.73 111.30
CA VAL BA 461 81.99 50.74 111.34
C VAL BA 461 81.41 49.43 111.88
N GLN BA 462 80.16 49.14 111.52
CA GLN BA 462 79.42 48.03 112.10
C GLN BA 462 80.17 46.71 111.92
N CYS BA 463 80.34 46.26 110.68
CA CYS BA 463 80.90 44.94 110.40
C CYS BA 463 82.39 45.07 110.10
N ALA BA 464 83.20 44.28 110.79
CA ALA BA 464 84.66 44.31 110.67
C ALA BA 464 85.20 42.94 110.32
N PHE BA 465 84.56 42.25 109.37
CA PHE BA 465 84.99 40.91 108.99
C PHE BA 465 85.57 40.83 107.60
N GLY BA 466 84.99 41.53 106.62
CA GLY BA 466 85.42 41.42 105.24
C GLY BA 466 86.52 42.38 104.83
N ALA BA 467 87.05 43.18 105.75
CA ALA BA 467 88.04 44.20 105.42
C ALA BA 467 89.18 44.21 106.42
N TYR BA 468 89.72 43.03 106.72
CA TYR BA 468 90.89 42.95 107.58
C TYR BA 468 91.65 41.67 107.30
N VAL BA 469 92.98 41.79 107.30
CA VAL BA 469 93.88 40.65 107.13
C VAL BA 469 94.93 40.73 108.23
N ALA BA 470 95.37 39.57 108.69
CA ALA BA 470 96.25 39.47 109.85
C ALA BA 470 97.63 38.95 109.44
N ASP BA 471 98.61 39.24 110.27
CA ASP BA 471 99.96 38.71 110.13
C ASP BA 471 100.12 37.68 111.24
N ALA BA 472 99.93 36.41 110.90
CA ALA BA 472 99.95 35.34 111.88
C ALA BA 472 101.34 35.21 112.51
N ARG BA 473 101.36 34.60 113.69
CA ARG BA 473 102.59 34.20 114.34
C ARG BA 473 102.87 32.75 113.98
N PRO BA 474 104.07 32.45 113.46
CA PRO BA 474 104.32 31.11 112.90
C PRO BA 474 104.03 29.95 113.85
N ASP BA 475 103.08 29.10 113.49
CA ASP BA 475 102.77 27.91 114.27
C ASP BA 475 101.99 26.93 113.40
N ALA BA 476 101.71 25.75 113.96
CA ALA BA 476 101.07 24.68 113.22
C ALA BA 476 99.67 25.07 112.77
N LEU BA 477 99.31 24.60 111.56
CA LEU BA 477 98.11 25.10 110.90
C LEU BA 477 96.84 24.76 111.67
N VAL BA 478 96.71 23.50 112.10
CA VAL BA 478 95.52 23.08 112.84
C VAL BA 478 95.32 23.94 114.08
N GLY BA 479 96.42 24.31 114.73
CA GLY BA 479 96.37 25.11 115.94
C GLY BA 479 95.77 26.49 115.77
N LEU BA 480 96.43 27.35 114.99
CA LEU BA 480 95.95 28.72 114.87
C LEU BA 480 94.66 28.80 114.06
N MET BA 481 94.30 27.72 113.36
CA MET BA 481 92.97 27.64 112.79
C MET BA 481 91.92 27.53 113.89
N GLN BA 482 92.22 26.77 114.95
CA GLN BA 482 91.32 26.68 116.08
C GLN BA 482 91.11 28.02 116.77
N ARG BA 483 92.15 28.87 116.79
CA ARG BA 483 92.04 30.18 117.43
C ARG BA 483 91.21 31.16 116.62
N PHE BA 484 91.07 30.95 115.31
CA PHE BA 484 90.21 31.80 114.50
C PHE BA 484 88.74 31.50 114.73
N LEU BA 485 88.36 30.23 114.71
CA LEU BA 485 86.95 29.85 114.83
C LEU BA 485 86.37 30.30 116.16
N GLU BA 486 87.15 30.19 117.24
CA GLU BA 486 86.67 30.57 118.57
C GLU BA 486 86.53 32.07 118.74
N GLU BA 487 87.04 32.87 117.81
CA GLU BA 487 86.91 34.32 117.87
C GLU BA 487 86.00 34.88 116.79
N TRP BA 488 85.73 34.13 115.72
CA TRP BA 488 84.94 34.60 114.59
C TRP BA 488 83.63 35.28 114.98
N PRO BA 489 82.76 34.70 115.83
CA PRO BA 489 81.53 35.41 116.18
C PRO BA 489 81.78 36.74 116.86
N GLY BA 490 82.87 36.87 117.62
CA GLY BA 490 83.22 38.13 118.24
C GLY BA 490 83.84 39.12 117.27
N MET BA 491 83.59 38.93 115.98
CA MET BA 491 84.13 39.81 114.95
C MET BA 491 83.01 40.41 114.12
N MET BA 492 81.94 39.64 113.89
CA MET BA 492 80.80 40.07 113.10
C MET BA 492 79.64 40.40 114.04
N PRO BA 493 79.46 41.67 114.44
CA PRO BA 493 78.39 41.97 115.38
C PRO BA 493 76.99 41.96 114.77
N VAL BA 494 76.83 42.50 113.56
CA VAL BA 494 75.48 42.65 113.03
C VAL BA 494 75.29 41.86 111.73
N ARG BA 495 75.98 42.27 110.66
CA ARG BA 495 75.75 41.71 109.34
C ARG BA 495 76.91 42.02 108.40
N PRO BA 496 77.49 41.01 107.75
CA PRO BA 496 78.43 41.29 106.66
C PRO BA 496 77.64 41.60 105.39
N ARG BA 497 77.71 42.86 104.96
CA ARG BA 497 76.87 43.32 103.86
C ARG BA 497 77.18 42.59 102.55
N TRP BA 498 78.46 42.51 102.19
CA TRP BA 498 78.86 41.83 100.96
C TRP BA 498 78.45 40.37 100.92
N ALA BA 499 78.22 39.75 102.09
CA ALA BA 499 77.91 38.33 102.13
C ALA BA 499 76.60 38.01 101.40
N ALA BA 500 75.66 38.94 101.40
CA ALA BA 500 74.39 38.72 100.73
C ALA BA 500 73.71 40.06 100.40
N PRO BA 501 74.01 40.65 99.25
CA PRO BA 501 73.27 41.83 98.82
C PRO BA 501 71.80 41.52 98.65
N ALA BA 502 71.00 42.59 98.59
CA ALA BA 502 69.55 42.41 98.69
C ALA BA 502 68.93 41.99 97.36
N ALA BA 503 68.94 42.88 96.37
CA ALA BA 503 68.25 42.64 95.10
C ALA BA 503 68.47 43.80 94.13
N ALA BA 504 67.87 43.70 92.94
CA ALA BA 504 67.76 44.84 92.05
C ALA BA 504 67.13 46.02 92.78
N ASP BA 505 65.91 45.84 93.27
CA ASP BA 505 65.34 46.79 94.21
C ASP BA 505 65.97 46.57 95.60
N GLN BA 506 65.61 47.43 96.54
CA GLN BA 506 66.22 47.51 97.87
C GLN BA 506 67.66 47.99 97.76
N LEU BA 507 68.13 48.18 96.53
CA LEU BA 507 69.35 48.91 96.25
C LEU BA 507 69.10 50.18 95.46
N LEU BA 508 67.97 50.25 94.74
CA LEU BA 508 67.49 51.48 94.12
C LEU BA 508 66.33 52.09 94.90
N ALA BA 509 66.00 51.52 96.05
CA ALA BA 509 65.02 52.04 96.99
C ALA BA 509 65.66 53.09 97.88
N PRO BA 510 65.01 54.23 98.07
CA PRO BA 510 65.68 55.36 98.73
C PRO BA 510 65.98 55.07 100.19
N GLY BA 511 67.01 55.74 100.71
CA GLY BA 511 67.33 55.73 102.11
C GLY BA 511 68.32 54.66 102.54
N ASN BA 512 68.38 53.52 101.84
CA ASN BA 512 69.21 52.42 102.32
C ASN BA 512 70.69 52.82 102.34
N ALA BA 513 71.44 52.10 103.16
CA ALA BA 513 72.84 52.42 103.42
C ALA BA 513 73.78 51.88 102.33
N ASP BA 514 73.29 51.03 101.43
CA ASP BA 514 74.12 50.46 100.39
C ASP BA 514 74.31 51.40 99.20
N LEU BA 515 73.23 52.03 98.74
CA LEU BA 515 73.31 52.86 97.54
C LEU BA 515 74.36 53.96 97.64
N ARG BA 516 74.59 54.50 98.83
CA ARG BA 516 75.53 55.59 99.02
C ARG BA 516 76.99 55.14 98.99
N LEU BA 517 77.27 53.88 98.66
CA LEU BA 517 78.66 53.42 98.60
C LEU BA 517 79.06 52.87 97.23
N GLU BA 518 78.16 52.85 96.25
CA GLU BA 518 78.49 52.34 94.92
C GLU BA 518 78.40 53.51 93.94
N LEU BA 519 79.54 54.12 93.64
CA LEU BA 519 79.55 55.33 92.83
C LEU BA 519 80.71 55.34 91.83
N HIS BA 520 81.22 54.16 91.48
CA HIS BA 520 82.17 54.01 90.38
C HIS BA 520 82.14 52.56 89.90
N PRO BA 521 82.02 52.32 88.60
CA PRO BA 521 81.83 50.94 88.12
C PRO BA 521 83.07 50.07 88.20
N ALA BA 522 84.24 50.64 88.48
CA ALA BA 522 85.48 49.86 88.51
C ALA BA 522 86.18 49.96 89.86
N PHE BA 523 85.44 50.31 90.92
CA PHE BA 523 86.02 50.41 92.24
C PHE BA 523 85.02 49.87 93.26
N ASP BA 524 85.48 49.73 94.49
CA ASP BA 524 84.65 49.22 95.59
C ASP BA 524 84.93 50.05 96.82
N PHE BA 525 83.89 50.65 97.38
CA PHE BA 525 84.01 51.57 98.50
C PHE BA 525 83.44 50.89 99.75
N PHE BA 526 84.32 50.32 100.55
CA PHE BA 526 83.93 49.66 101.80
C PHE BA 526 84.49 50.43 102.99
N VAL BA 527 83.94 50.12 104.16
CA VAL BA 527 84.45 50.67 105.41
C VAL BA 527 85.39 49.63 106.01
N ALA BA 528 86.38 50.10 106.75
CA ALA BA 528 87.41 49.23 107.30
C ALA BA 528 88.02 49.92 108.51
N PRO BA 529 88.59 49.14 109.44
CA PRO BA 529 89.29 49.75 110.57
C PRO BA 529 90.47 50.59 110.10
N GLU BA 530 90.67 51.73 110.77
CA GLU BA 530 91.76 52.65 110.43
C GLU BA 530 93.07 52.10 111.00
N VAL BA 531 93.60 51.08 110.32
CA VAL BA 531 94.87 50.47 110.70
C VAL BA 531 95.63 50.11 109.43
N ASP BA 532 96.95 50.11 109.53
CA ASP BA 532 97.76 49.59 108.43
C ASP BA 532 97.57 48.09 108.31
N VAL BA 533 97.81 47.57 107.10
CA VAL BA 533 97.57 46.15 106.83
C VAL BA 533 98.84 45.50 106.29
N PRO BA 534 99.13 44.24 106.65
CA PRO BA 534 98.40 43.50 107.68
C PRO BA 534 98.90 43.84 109.07
N GLY BA 535 98.20 43.37 110.12
CA GLY BA 535 98.55 43.76 111.46
C GLY BA 535 98.40 42.63 112.47
N PRO BA 536 98.08 42.98 113.71
CA PRO BA 536 97.98 41.98 114.77
C PRO BA 536 96.84 41.00 114.52
N PHE BA 537 96.88 39.90 115.26
CA PHE BA 537 95.89 38.83 115.08
C PHE BA 537 94.50 39.29 115.47
N ALA BA 538 94.34 39.77 116.71
CA ALA BA 538 93.06 40.28 117.15
C ALA BA 538 92.89 41.72 116.68
N VAL BA 539 91.75 42.01 116.08
CA VAL BA 539 91.56 43.33 115.44
C VAL BA 539 91.55 44.41 116.51
N PRO BA 540 92.25 45.52 116.30
CA PRO BA 540 92.14 46.67 117.21
C PRO BA 540 90.89 47.47 116.89
N GLN BA 541 89.92 47.43 117.81
CA GLN BA 541 88.64 48.10 117.59
C GLN BA 541 88.85 49.60 117.59
N VAL BA 542 88.80 50.20 116.40
CA VAL BA 542 89.04 51.63 116.20
C VAL BA 542 87.93 52.17 115.29
N MET BA 543 87.89 53.50 115.16
CA MET BA 543 86.85 54.15 114.37
C MET BA 543 86.94 53.73 112.91
N GLY BA 544 85.86 54.01 112.18
CA GLY BA 544 85.75 53.59 110.79
C GLY BA 544 86.65 54.38 109.87
N GLN BA 545 86.73 53.89 108.63
CA GLN BA 545 87.55 54.48 107.58
C GLN BA 545 87.19 53.80 106.26
N VAL BA 546 87.11 54.57 105.19
CA VAL BA 546 86.77 54.06 103.88
C VAL BA 546 88.02 54.04 103.02
N ARG BA 547 88.29 52.90 102.39
CA ARG BA 547 89.45 52.71 101.52
C ARG BA 547 89.00 51.98 100.27
N ALA BA 548 89.28 52.56 99.11
CA ALA BA 548 88.86 51.97 97.86
C ALA BA 548 89.92 50.99 97.36
N MET BA 549 89.44 49.91 96.73
CA MET BA 549 90.30 48.91 96.12
C MET BA 549 89.65 48.56 94.78
N PRO BA 550 90.35 48.78 93.67
CA PRO BA 550 89.71 48.64 92.35
C PRO BA 550 89.34 47.19 92.06
N ARG BA 551 88.13 46.99 91.55
CA ARG BA 551 87.73 45.70 91.02
C ARG BA 551 88.60 45.37 89.82
N ILE BA 552 89.37 44.30 89.93
CA ILE BA 552 90.35 43.99 88.89
C ILE BA 552 89.71 43.18 87.76
N ILE BA 553 88.81 42.27 88.08
CA ILE BA 553 88.19 41.42 87.08
C ILE BA 553 86.80 41.96 86.75
N ASN BA 554 86.20 41.43 85.68
CA ASN BA 554 84.86 41.84 85.28
C ASN BA 554 83.82 41.38 86.30
N GLY BA 555 83.81 40.07 86.58
CA GLY BA 555 82.75 39.46 87.37
C GLY BA 555 82.53 40.06 88.74
N ASN BA 556 83.50 40.82 89.27
CA ASN BA 556 83.39 41.32 90.62
C ASN BA 556 82.36 42.43 90.79
N ILE BA 557 81.67 42.82 89.72
CA ILE BA 557 80.58 43.78 89.91
C ILE BA 557 79.43 43.08 90.62
N PRO BA 558 78.82 43.70 91.65
CA PRO BA 558 77.76 43.02 92.39
C PRO BA 558 76.63 42.56 91.48
N LEU BA 559 75.99 41.47 91.89
CA LEU BA 559 75.00 40.80 91.04
C LEU BA 559 73.81 41.71 90.73
N ALA BA 560 73.46 42.61 91.66
CA ALA BA 560 72.29 43.45 91.46
C ALA BA 560 72.43 44.37 90.26
N LEU BA 561 73.67 44.73 89.90
CA LEU BA 561 73.92 45.60 88.76
C LEU BA 561 74.41 44.84 87.53
N CYS BA 562 74.80 43.57 87.69
CA CYS BA 562 75.16 42.72 86.57
C CYS BA 562 74.54 41.36 86.84
N PRO BA 563 73.30 41.16 86.44
CA PRO BA 563 72.58 39.95 86.84
C PRO BA 563 73.19 38.69 86.26
N VAL BA 564 72.91 37.57 86.94
CA VAL BA 564 73.44 36.27 86.55
C VAL BA 564 73.06 35.91 85.12
N ASP BA 565 71.85 36.29 84.69
CA ASP BA 565 71.39 35.90 83.36
C ASP BA 565 72.23 36.52 82.27
N PHE BA 566 72.70 37.76 82.47
CA PHE BA 566 73.60 38.38 81.50
C PHE BA 566 74.89 37.58 81.38
N ARG BA 567 75.43 37.12 82.51
CA ARG BA 567 76.64 36.30 82.48
C ARG BA 567 76.41 35.02 81.70
N ASP BA 568 75.29 34.35 81.97
CA ASP BA 568 75.00 33.09 81.26
C ASP BA 568 74.80 33.34 79.76
N ALA BA 569 74.18 34.47 79.41
CA ALA BA 569 73.98 34.78 78.00
C ALA BA 569 75.31 35.04 77.30
N ARG BA 570 76.20 35.79 77.94
CA ARG BA 570 77.52 36.00 77.35
C ARG BA 570 78.28 34.68 77.22
N GLY BA 571 78.15 33.81 78.22
CA GLY BA 571 78.76 32.50 78.14
C GLY BA 571 78.26 31.70 76.95
N PHE BA 572 76.94 31.72 76.73
CA PHE BA 572 76.37 31.07 75.56
C PHE BA 572 76.92 31.69 74.27
N GLU BA 573 77.07 33.02 74.26
CA GLU BA 573 77.65 33.68 73.09
C GLU BA 573 79.03 33.13 72.76
N LEU BA 574 79.90 33.05 73.76
CA LEU BA 574 81.24 32.54 73.51
C LEU BA 574 81.28 31.04 73.30
N SER BA 575 80.20 30.33 73.66
CA SER BA 575 80.22 28.87 73.73
C SER BA 575 80.02 28.19 72.39
N VAL BA 576 79.56 28.90 71.35
CA VAL BA 576 79.32 28.25 70.07
C VAL BA 576 80.65 27.91 69.42
N ASP BA 577 80.68 26.78 68.72
CA ASP BA 577 81.73 26.36 67.79
C ASP BA 577 83.15 26.68 68.28
N ARG BA 578 83.39 26.45 69.57
CA ARG BA 578 84.75 26.46 70.10
C ARG BA 578 85.17 25.08 70.59
N HIS BA 579 84.48 24.54 71.61
CA HIS BA 579 84.68 23.16 72.04
C HIS BA 579 83.48 22.78 72.88
N ARG BA 580 82.64 21.89 72.38
CA ARG BA 580 81.50 21.38 73.13
C ARG BA 580 81.99 20.24 74.02
N LEU BA 581 81.79 20.36 75.32
CA LEU BA 581 82.11 19.27 76.23
C LEU BA 581 81.21 18.08 75.93
N ALA BA 582 81.82 16.92 75.78
CA ALA BA 582 81.07 15.72 75.42
C ALA BA 582 79.96 15.48 76.45
N PRO BA 583 78.74 15.18 76.01
CA PRO BA 583 77.65 14.95 76.97
C PRO BA 583 77.83 13.69 77.81
N ALA BA 584 78.89 12.92 77.59
CA ALA BA 584 79.15 11.70 78.34
C ALA BA 584 80.21 11.89 79.42
N THR BA 585 81.29 12.63 79.13
CA THR BA 585 82.33 12.84 80.13
C THR BA 585 81.78 13.61 81.32
N VAL BA 586 80.83 14.52 81.08
CA VAL BA 586 80.25 15.26 82.19
C VAL BA 586 79.33 14.37 83.02
N ALA BA 587 78.64 13.43 82.36
CA ALA BA 587 77.79 12.50 83.10
C ALA BA 587 78.58 11.72 84.14
N ALA BA 588 79.89 11.58 83.94
CA ALA BA 588 80.78 10.97 84.92
C ALA BA 588 81.37 11.99 85.88
N VAL BA 589 81.84 13.12 85.35
CA VAL BA 589 82.50 14.12 86.18
C VAL BA 589 81.55 14.67 87.24
N ARG BA 590 80.38 15.15 86.81
CA ARG BA 590 79.41 15.66 87.78
C ARG BA 590 78.95 14.58 88.74
N GLY BA 591 78.83 13.33 88.26
CA GLY BA 591 78.53 12.24 89.16
C GLY BA 591 79.60 12.01 90.20
N ALA BA 592 80.84 12.41 89.89
CA ALA BA 592 81.90 12.32 90.88
C ALA BA 592 81.77 13.42 91.94
N PHE BA 593 81.60 14.67 91.50
CA PHE BA 593 81.51 15.78 92.44
C PHE BA 593 80.27 15.67 93.32
N ARG BA 594 79.18 15.09 92.78
CA ARG BA 594 77.94 15.00 93.54
C ARG BA 594 77.95 13.84 94.53
N ASP BA 595 78.80 12.84 94.33
CA ASP BA 595 78.81 11.67 95.20
C ASP BA 595 79.36 12.00 96.58
N ALA BA 596 78.78 11.37 97.60
CA ALA BA 596 79.22 11.54 98.97
C ALA BA 596 80.04 10.38 99.49
N ASN BA 597 80.07 9.26 98.77
CA ASN BA 597 80.82 8.07 99.18
C ASN BA 597 82.11 7.91 98.40
N TYR BA 598 82.73 9.02 98.03
CA TYR BA 598 84.03 8.99 97.37
C TYR BA 598 85.03 8.23 98.23
N PRO BA 599 85.66 7.19 97.73
CA PRO BA 599 86.58 6.39 98.57
C PRO BA 599 87.75 7.24 99.06
N MET BA 600 87.79 7.44 100.38
CA MET BA 600 88.85 8.24 101.00
C MET BA 600 90.24 7.66 100.75
N VAL BA 601 90.34 6.38 100.41
CA VAL BA 601 91.61 5.80 99.99
C VAL BA 601 92.16 6.56 98.79
N PHE BA 602 91.28 7.06 97.91
CA PHE BA 602 91.74 7.90 96.82
C PHE BA 602 92.35 9.19 97.34
N TYR BA 603 91.75 9.79 98.38
CA TYR BA 603 92.34 10.98 98.99
C TYR BA 603 93.70 10.67 99.60
N ILE BA 604 93.84 9.50 100.22
CA ILE BA 604 95.14 9.13 100.81
C ILE BA 604 96.18 8.95 99.72
N ILE BA 605 95.80 8.32 98.60
CA ILE BA 605 96.71 8.18 97.48
C ILE BA 605 97.10 9.56 96.93
N GLU BA 606 96.11 10.46 96.82
CA GLU BA 606 96.38 11.82 96.39
C GLU BA 606 97.40 12.50 97.30
N ALA BA 607 97.22 12.39 98.62
CA ALA BA 607 98.11 13.03 99.56
C ALA BA 607 99.51 12.44 99.51
N VAL BA 608 99.62 11.11 99.40
CA VAL BA 608 100.94 10.49 99.39
C VAL BA 608 101.67 10.80 98.09
N ILE BA 609 100.95 10.98 96.99
CA ILE BA 609 101.60 11.36 95.74
C ILE BA 609 101.92 12.85 95.74
N HIS BA 610 101.00 13.66 96.27
CA HIS BA 610 101.16 15.11 96.43
C HIS BA 610 101.78 15.80 95.22
N GLY BA 611 101.48 15.30 94.03
CA GLY BA 611 101.92 15.95 92.80
C GLY BA 611 103.42 15.89 92.56
N SER BA 612 103.99 14.70 92.45
CA SER BA 612 105.40 14.51 92.14
C SER BA 612 105.53 13.37 91.15
N GLU BA 613 106.03 13.68 89.96
CA GLU BA 613 106.14 12.68 88.89
C GLU BA 613 107.03 11.52 89.33
N ARG BA 614 108.03 11.79 90.17
CA ARG BA 614 108.90 10.73 90.66
C ARG BA 614 108.11 9.68 91.44
N THR BA 615 107.20 10.12 92.31
CA THR BA 615 106.35 9.19 93.04
C THR BA 615 105.25 8.63 92.15
N PHE BA 616 104.72 9.44 91.23
CA PHE BA 616 103.62 9.00 90.38
C PHE BA 616 104.04 7.83 89.49
N CYS BA 617 105.16 7.98 88.79
CA CYS BA 617 105.59 6.92 87.89
C CYS BA 617 105.93 5.63 88.62
N ALA BA 618 106.21 5.71 89.92
CA ALA BA 618 106.41 4.51 90.73
C ALA BA 618 105.08 3.84 91.08
N LEU BA 619 104.07 4.62 91.46
CA LEU BA 619 102.77 4.09 91.86
C LEU BA 619 101.79 4.01 90.69
N ALA BA 620 102.28 3.86 89.46
CA ALA BA 620 101.40 3.82 88.30
C ALA BA 620 100.40 2.66 88.39
N ARG BA 621 100.88 1.47 88.74
CA ARG BA 621 100.02 0.29 88.79
C ARG BA 621 98.89 0.48 89.79
N LEU BA 622 99.20 1.04 90.96
CA LEU BA 622 98.19 1.23 92.00
C LEU BA 622 97.06 2.14 91.52
N VAL BA 623 97.40 3.33 91.03
CA VAL BA 623 96.38 4.28 90.59
C VAL BA 623 95.65 3.75 89.36
N ALA BA 624 96.32 2.97 88.52
CA ALA BA 624 95.65 2.36 87.37
C ALA BA 624 94.56 1.40 87.82
N GLN BA 625 94.89 0.50 88.74
CA GLN BA 625 93.90 -0.43 89.25
C GLN BA 625 92.78 0.32 89.98
N CYS BA 626 93.14 1.38 90.72
CA CYS BA 626 92.14 2.20 91.38
C CYS BA 626 91.13 2.75 90.38
N ILE BA 627 91.63 3.35 89.30
CA ILE BA 627 90.74 3.95 88.30
C ILE BA 627 89.87 2.88 87.66
N GLN BA 628 90.47 1.76 87.26
CA GLN BA 628 89.70 0.67 86.65
C GLN BA 628 88.59 0.21 87.56
N SER BA 629 88.90 -0.03 88.84
CA SER BA 629 87.92 -0.58 89.76
C SER BA 629 86.80 0.43 90.03
N TYR BA 630 87.17 1.69 90.27
CA TYR BA 630 86.15 2.69 90.56
C TYR BA 630 85.24 2.93 89.35
N TRP BA 631 85.80 2.85 88.14
CA TRP BA 631 84.98 3.00 86.95
C TRP BA 631 84.04 1.81 86.80
N ARG BA 632 84.54 0.61 87.09
CA ARG BA 632 83.71 -0.58 86.98
C ARG BA 632 82.58 -0.58 88.01
N ASN BA 633 82.81 0.03 89.18
CA ASN BA 633 81.84 -0.07 90.26
C ASN BA 633 80.98 1.18 90.44
N THR BA 634 81.31 2.29 89.76
CA THR BA 634 80.51 3.51 89.87
C THR BA 634 80.24 4.21 88.55
N HIS BA 635 80.99 3.93 87.49
CA HIS BA 635 80.93 4.62 86.20
C HIS BA 635 81.30 6.09 86.30
N ASN BA 636 81.87 6.51 87.43
CA ASN BA 636 82.33 7.89 87.61
C ASN BA 636 83.79 7.99 87.18
N ALA BA 637 84.41 9.11 87.50
CA ALA BA 637 85.85 9.30 87.36
C ALA BA 637 86.45 9.56 88.74
N ALA BA 638 87.77 9.42 88.82
CA ALA BA 638 88.47 9.55 90.10
C ALA BA 638 89.58 10.57 89.98
N PHE BA 639 90.03 11.04 91.15
CA PHE BA 639 91.13 12.00 91.27
C PHE BA 639 90.87 13.29 90.49
N VAL BA 640 89.60 13.60 90.21
CA VAL BA 640 89.28 14.80 89.45
C VAL BA 640 89.56 16.06 90.26
N ASN BA 641 89.75 15.92 91.57
CA ASN BA 641 90.04 17.10 92.40
C ASN BA 641 91.41 17.69 92.09
N ASN BA 642 92.40 16.86 91.81
CA ASN BA 642 93.78 17.29 91.63
C ASN BA 642 94.10 17.38 90.15
N PHE BA 643 94.54 18.57 89.72
CA PHE BA 643 94.85 18.81 88.31
C PHE BA 643 96.10 18.06 87.88
N TYR BA 644 97.19 18.21 88.65
CA TYR BA 644 98.45 17.53 88.32
C TYR BA 644 98.23 16.05 88.07
N MET BA 645 97.37 15.41 88.87
CA MET BA 645 97.11 13.99 88.68
C MET BA 645 96.35 13.73 87.39
N VAL BA 646 95.44 14.63 87.02
CA VAL BA 646 94.74 14.47 85.75
C VAL BA 646 95.71 14.52 84.58
N MET BA 647 96.64 15.49 84.63
CA MET BA 647 97.63 15.59 83.57
C MET BA 647 98.55 14.37 83.54
N TYR BA 648 98.92 13.87 84.72
CA TYR BA 648 99.78 12.69 84.78
C TYR BA 648 99.06 11.46 84.23
N ILE BA 649 97.79 11.28 84.60
CA ILE BA 649 97.00 10.16 84.09
C ILE BA 649 96.89 10.22 82.58
N ASN BA 650 96.70 11.43 82.03
CA ASN BA 650 96.63 11.55 80.57
C ASN BA 650 97.98 11.23 79.93
N THR BA 651 99.08 11.73 80.48
CA THR BA 651 100.37 11.60 79.83
C THR BA 651 100.95 10.19 79.93
N TYR BA 652 100.79 9.53 81.08
CA TYR BA 652 101.47 8.27 81.31
C TYR BA 652 100.54 7.06 81.30
N LEU BA 653 99.23 7.27 81.15
CA LEU BA 653 98.30 6.14 81.03
C LEU BA 653 97.30 6.33 79.89
N GLY BA 654 97.52 7.31 79.01
CA GLY BA 654 96.58 7.58 77.93
C GLY BA 654 96.39 6.42 76.96
N ASN BA 655 97.27 5.42 77.01
CA ASN BA 655 97.04 4.20 76.24
C ASN BA 655 97.36 2.96 77.06
N GLY BA 656 97.49 3.09 78.36
CA GLY BA 656 97.91 2.04 79.26
C GLY BA 656 96.76 1.16 79.72
N GLU BA 657 96.94 0.57 80.90
CA GLU BA 657 96.00 -0.42 81.43
C GLU BA 657 94.77 0.27 82.03
N LEU BA 658 93.89 0.71 81.12
CA LEU BA 658 92.57 1.19 81.47
C LEU BA 658 91.74 1.22 80.20
N PRO BA 659 90.41 1.07 80.29
CA PRO BA 659 89.61 0.91 79.07
C PRO BA 659 89.66 2.15 78.18
N GLU BA 660 89.27 1.96 76.93
CA GLU BA 660 89.33 3.03 75.93
C GLU BA 660 88.42 4.21 76.26
N ASP BA 661 87.17 3.97 76.65
CA ASP BA 661 86.22 5.04 76.90
C ASP BA 661 86.51 5.83 78.18
N CYS BA 662 87.11 5.19 79.18
CA CYS BA 662 87.45 5.91 80.41
C CYS BA 662 88.51 6.97 80.16
N ALA BA 663 89.54 6.64 79.39
CA ALA BA 663 90.58 7.61 79.05
C ALA BA 663 90.00 8.81 78.33
N ALA BA 664 88.86 8.66 77.67
CA ALA BA 664 88.28 9.75 76.90
C ALA BA 664 87.94 10.94 77.78
N VAL BA 665 87.44 10.68 79.00
CA VAL BA 665 87.04 11.79 79.88
C VAL BA 665 88.26 12.57 80.35
N TYR BA 666 89.36 11.87 80.60
CA TYR BA 666 90.57 12.55 81.06
C TYR BA 666 91.25 13.30 79.92
N LYS BA 667 91.25 12.74 78.72
CA LYS BA 667 91.73 13.50 77.56
C LYS BA 667 90.82 14.70 77.31
N ASP BA 668 89.53 14.54 77.56
CA ASP BA 668 88.55 15.58 77.29
C ASP BA 668 88.74 16.77 78.23
N LEU BA 669 89.01 16.50 79.50
CA LEU BA 669 89.21 17.59 80.45
C LEU BA 669 90.40 18.46 80.03
N LEU BA 670 91.52 17.82 79.68
CA LEU BA 670 92.69 18.60 79.27
C LEU BA 670 92.46 19.32 77.95
N GLU BA 671 91.78 18.67 77.00
CA GLU BA 671 91.45 19.34 75.74
C GLU BA 671 90.60 20.58 75.99
N HIS BA 672 89.59 20.45 76.86
CA HIS BA 672 88.75 21.60 77.20
C HIS BA 672 89.57 22.70 77.84
N VAL BA 673 90.48 22.34 78.75
CA VAL BA 673 91.32 23.34 79.39
C VAL BA 673 92.18 24.07 78.37
N HIS BA 674 92.71 23.33 77.39
CA HIS BA 674 93.57 23.97 76.38
C HIS BA 674 92.75 24.88 75.45
N ALA BA 675 91.52 24.48 75.13
CA ALA BA 675 90.65 25.35 74.35
C ALA BA 675 90.35 26.64 75.11
N LEU BA 676 90.00 26.50 76.39
CA LEU BA 676 89.85 27.66 77.26
C LEU BA 676 91.10 28.54 77.21
N ARG BA 677 92.28 27.92 77.25
CA ARG BA 677 93.54 28.67 77.20
C ARG BA 677 93.66 29.46 75.90
N ARG BA 678 93.32 28.83 74.77
CA ARG BA 678 93.39 29.53 73.50
C ARG BA 678 92.40 30.68 73.43
N LEU BA 679 91.29 30.58 74.16
CA LEU BA 679 90.29 31.65 74.16
C LEU BA 679 90.91 32.99 74.54
N ILE BA 680 91.81 33.02 75.52
CA ILE BA 680 92.45 34.28 75.93
C ILE BA 680 93.26 34.85 74.77
N GLY BA 681 94.23 34.08 74.29
CA GLY BA 681 95.07 34.52 73.20
C GLY BA 681 94.30 34.91 71.95
N GLU BA 682 93.03 34.49 71.85
CA GLU BA 682 92.22 34.92 70.72
C GLU BA 682 91.74 36.36 70.87
N PHE BA 683 91.33 36.77 72.07
CA PHE BA 683 90.69 38.06 72.28
C PHE BA 683 91.66 39.15 72.68
N THR BA 684 92.92 39.05 72.25
CA THR BA 684 93.96 40.01 72.63
C THR BA 684 94.75 40.42 71.39
N LEU BA 685 94.80 41.71 71.13
CA LEU BA 685 95.66 42.21 70.07
C LEU BA 685 97.12 42.14 70.51
N PRO BA 686 98.02 41.63 69.66
CA PRO BA 686 99.44 41.59 70.03
C PRO BA 686 100.04 42.99 70.03
N GLY BA 687 100.40 43.47 71.21
CA GLY BA 687 100.98 44.79 71.34
C GLY BA 687 102.46 44.73 71.64
N ASP BA 688 102.85 45.13 72.85
CA ASP BA 688 104.26 45.16 73.24
C ASP BA 688 104.37 44.74 74.69
N PRO BA 689 105.55 44.29 75.14
CA PRO BA 689 105.72 44.00 76.57
C PRO BA 689 105.78 45.29 77.38
N LEU BA 690 104.61 45.85 77.67
CA LEU BA 690 104.53 47.19 78.25
C LEU BA 690 105.18 47.22 79.65
N GLY BA 691 104.61 46.47 80.59
CA GLY BA 691 105.09 46.50 81.95
C GLY BA 691 105.99 45.32 82.28
N ASN BA 692 106.88 44.98 81.34
CA ASN BA 692 107.70 43.77 81.42
C ASN BA 692 106.84 42.52 81.59
N GLN BA 693 105.60 42.59 81.12
CA GLN BA 693 104.65 41.50 81.10
C GLN BA 693 104.07 41.37 79.70
N PRO BA 694 104.01 40.16 79.14
CA PRO BA 694 103.37 40.00 77.83
C PRO BA 694 101.93 40.49 77.85
N GLN BA 695 101.44 40.87 76.67
CA GLN BA 695 100.18 41.61 76.58
C GLN BA 695 99.01 40.83 77.15
N GLU BA 696 98.99 39.51 76.99
CA GLU BA 696 97.84 38.72 77.42
C GLU BA 696 97.65 38.80 78.93
N GLU BA 697 98.72 38.60 79.70
CA GLU BA 697 98.62 38.62 81.15
C GLU BA 697 98.38 40.03 81.70
N LEU BA 698 98.50 41.05 80.87
CA LEU BA 698 98.03 42.39 81.22
C LEU BA 698 96.53 42.53 80.97
N ASN BA 699 95.94 41.63 80.21
CA ASN BA 699 94.52 41.67 79.85
C ASN BA 699 93.67 40.74 80.71
N HIS BA 700 94.01 39.46 80.77
CA HIS BA 700 93.21 38.45 81.46
C HIS BA 700 93.86 38.10 82.78
N ALA BA 701 93.20 38.45 83.88
CA ALA BA 701 93.77 38.29 85.23
C ALA BA 701 94.13 36.85 85.57
N LEU BA 702 93.57 35.87 84.87
CA LEU BA 702 93.82 34.46 85.17
C LEU BA 702 95.07 33.92 84.51
N ALA BA 703 95.35 34.29 83.26
CA ALA BA 703 96.60 33.88 82.64
C ALA BA 703 97.70 34.87 83.00
N ASP BA 704 97.84 35.15 84.30
CA ASP BA 704 98.80 36.12 84.81
C ASP BA 704 99.86 35.40 85.65
N ALA BA 705 101.07 35.96 85.65
CA ALA BA 705 102.17 35.37 86.39
C ALA BA 705 102.14 35.74 87.87
N THR BA 706 101.86 37.01 88.19
CA THR BA 706 101.99 37.48 89.56
C THR BA 706 101.03 36.80 90.52
N LEU BA 707 99.88 36.34 90.06
CA LEU BA 707 98.90 35.69 90.91
C LEU BA 707 99.23 34.20 91.03
N LEU BA 708 99.13 33.65 92.25
CA LEU BA 708 99.32 32.22 92.37
C LEU BA 708 97.99 31.49 92.26
N PRO BA 709 98.01 30.23 91.86
CA PRO BA 709 96.80 29.41 91.94
C PRO BA 709 96.38 29.20 93.37
N PRO BA 710 95.14 28.79 93.62
CA PRO BA 710 94.72 28.54 95.02
C PRO BA 710 95.52 27.43 95.68
N LEU BA 711 95.69 26.30 95.00
CA LEU BA 711 96.45 25.18 95.53
C LEU BA 711 97.76 25.04 94.77
N ILE BA 712 98.86 24.94 95.52
CA ILE BA 712 100.20 24.79 94.96
C ILE BA 712 100.76 23.47 95.48
N TRP BA 713 101.58 22.81 94.66
CA TRP BA 713 102.11 21.51 95.03
C TRP BA 713 103.63 21.41 94.97
N ASP BA 714 104.31 22.44 94.49
CA ASP BA 714 105.76 22.51 94.54
C ASP BA 714 106.14 23.98 94.52
N CYS BA 715 107.43 24.27 94.32
CA CYS BA 715 107.91 25.65 94.42
C CYS BA 715 108.06 26.34 93.07
N ASP BA 716 107.47 25.81 92.00
CA ASP BA 716 107.77 26.39 90.69
C ASP BA 716 107.17 27.78 90.48
N PRO BA 717 105.88 28.02 90.77
CA PRO BA 717 105.33 29.35 90.45
C PRO BA 717 105.77 30.44 91.41
N ILE BA 718 106.21 30.08 92.62
CA ILE BA 718 106.92 31.02 93.47
C ILE BA 718 108.11 31.60 92.73
N LEU BA 719 108.87 30.76 92.02
CA LEU BA 719 110.06 31.18 91.31
C LEU BA 719 109.76 31.97 90.04
N TYR BA 720 108.51 32.07 89.63
CA TYR BA 720 108.13 32.94 88.52
C TYR BA 720 107.43 34.21 88.97
N ARG BA 721 106.74 34.16 90.12
CA ARG BA 721 106.13 35.37 90.67
C ARG BA 721 107.18 36.42 90.99
N ASP BA 722 108.35 35.99 91.47
CA ASP BA 722 109.45 36.91 91.74
C ASP BA 722 110.16 37.24 90.44
N GLY BA 723 111.32 37.88 90.55
CA GLY BA 723 112.02 38.33 89.36
C GLY BA 723 111.28 39.38 88.56
N LEU BA 724 110.23 39.96 89.15
CA LEU BA 724 109.42 41.01 88.53
C LEU BA 724 109.45 42.19 89.49
N ALA BA 725 110.48 43.03 89.37
CA ALA BA 725 110.71 44.12 90.31
C ALA BA 725 110.04 45.42 89.88
N GLU BA 726 108.75 45.35 89.56
CA GLU BA 726 107.97 46.54 89.25
C GLU BA 726 106.74 46.59 90.14
N ARG BA 727 106.11 45.45 90.33
CA ARG BA 727 104.97 45.30 91.23
C ARG BA 727 105.44 44.46 92.42
N LEU BA 728 105.65 45.13 93.55
CA LEU BA 728 106.35 44.55 94.69
C LEU BA 728 105.71 43.24 95.11
N PRO BA 729 106.35 42.08 94.87
CA PRO BA 729 105.70 40.79 95.13
C PRO BA 729 105.36 40.57 96.59
N GLU BA 730 106.36 40.71 97.46
CA GLU BA 730 106.18 40.65 98.91
C GLU BA 730 105.33 39.45 99.33
N LEU BA 731 105.84 38.26 99.06
CA LEU BA 731 105.23 37.04 99.56
C LEU BA 731 105.79 36.73 100.92
N ARG BA 732 104.94 36.25 101.82
CA ARG BA 732 105.38 35.77 103.12
C ARG BA 732 104.64 34.49 103.46
N VAL BA 733 105.38 33.49 103.92
CA VAL BA 733 104.85 32.18 104.23
C VAL BA 733 104.82 32.01 105.74
N ASN BA 734 103.62 31.83 106.29
CA ASN BA 734 103.42 31.51 107.70
C ASN BA 734 104.21 32.43 108.62
N GLY BA 735 104.31 33.71 108.27
CA GLY BA 735 105.15 34.61 109.04
C GLY BA 735 106.36 35.09 108.26
N ALA BA 736 107.53 34.56 108.61
CA ALA BA 736 108.79 35.00 108.02
C ALA BA 736 108.85 34.66 106.54
N HIS BA 737 109.97 35.01 105.91
CA HIS BA 737 110.12 34.91 104.47
C HIS BA 737 110.17 33.44 104.02
N PHE BA 738 110.39 33.26 102.71
CA PHE BA 738 110.43 31.96 102.06
C PHE BA 738 111.85 31.39 102.18
N GLN BA 739 111.99 30.26 102.89
CA GLN BA 739 113.24 29.53 102.95
C GLN BA 739 113.08 28.20 102.25
N HIS BA 740 113.97 27.91 101.31
CA HIS BA 740 113.83 26.77 100.42
C HIS BA 740 114.49 25.53 101.01
N ILE BA 741 113.88 24.37 100.75
CA ILE BA 741 114.43 23.08 101.12
C ILE BA 741 114.32 22.14 99.93
N LEU BA 742 115.23 21.19 99.82
CA LEU BA 742 115.32 20.38 98.61
C LEU BA 742 114.32 19.23 98.61
N TRP BA 743 114.48 18.28 99.54
CA TRP BA 743 113.60 17.12 99.63
C TRP BA 743 113.96 16.34 100.90
N VAL BA 744 112.95 15.80 101.56
CA VAL BA 744 113.15 15.08 102.80
C VAL BA 744 113.29 13.59 102.51
N GLU BA 745 113.95 12.88 103.44
CA GLU BA 745 114.23 11.46 103.26
C GLU BA 745 114.00 10.68 104.55
N MET BA 746 113.00 11.08 105.35
CA MET BA 746 112.60 10.40 106.58
C MET BA 746 113.63 10.61 107.69
N ALA BA 747 114.78 11.20 107.34
CA ALA BA 747 115.82 11.43 108.34
C ALA BA 747 115.51 12.66 109.18
N GLN BA 748 115.19 13.78 108.54
CA GLN BA 748 114.73 14.98 109.21
C GLN BA 748 113.27 15.18 108.79
N VAL BA 749 112.36 14.88 109.71
CA VAL BA 749 110.93 14.89 109.38
C VAL BA 749 110.25 16.13 109.97
N ASN BA 750 110.35 16.32 111.28
CA ASN BA 750 109.88 17.52 111.98
C ASN BA 750 108.43 17.84 111.60
N PHE BA 751 107.54 16.92 111.98
CA PHE BA 751 106.13 17.08 111.62
C PHE BA 751 105.52 18.33 112.24
N ARG BA 752 106.03 18.75 113.40
CA ARG BA 752 105.56 19.96 114.06
C ARG BA 752 106.54 21.12 113.78
N ASN BA 753 106.60 21.52 112.52
CA ASN BA 753 107.47 22.60 112.09
C ASN BA 753 106.72 23.92 112.10
N VAL BA 754 107.49 25.02 112.19
CA VAL BA 754 106.91 26.35 112.32
C VAL BA 754 107.43 27.29 111.24
N GLY BA 755 108.75 27.33 111.07
CA GLY BA 755 109.34 28.30 110.15
C GLY BA 755 109.01 28.01 108.71
N GLY BA 756 109.34 28.98 107.85
CA GLY BA 756 109.11 28.83 106.44
C GLY BA 756 109.98 27.75 105.84
N GLY BA 757 109.36 26.61 105.55
CA GLY BA 757 110.03 25.51 104.88
C GLY BA 757 109.11 24.86 103.87
N LEU BA 758 109.47 24.93 102.60
CA LEU BA 758 108.60 24.50 101.50
C LEU BA 758 109.27 23.32 100.81
N VAL BA 759 108.65 22.13 100.94
CA VAL BA 759 109.28 20.90 100.46
C VAL BA 759 109.11 20.78 98.96
N HIS BA 760 110.10 21.25 98.20
CA HIS BA 760 110.13 20.97 96.77
C HIS BA 760 110.13 19.47 96.55
N ASN BA 761 109.34 19.01 95.58
CA ASN BA 761 109.30 17.59 95.32
C ASN BA 761 110.61 17.13 94.71
N ARG BA 762 110.98 15.89 95.01
CA ARG BA 762 112.26 15.36 94.57
C ARG BA 762 112.39 15.50 93.06
N PRO BA 763 113.42 16.18 92.55
CA PRO BA 763 113.50 16.45 91.12
C PRO BA 763 113.68 15.17 90.32
N VAL BA 764 113.40 15.27 89.03
CA VAL BA 764 113.56 14.19 88.09
C VAL BA 764 114.46 14.66 86.96
N ARG BA 765 115.27 13.75 86.42
CA ARG BA 765 116.08 13.91 85.22
C ARG BA 765 117.31 14.80 85.47
N ASN BA 766 117.41 15.48 86.62
CA ASN BA 766 118.55 16.34 86.89
C ASN BA 766 118.59 16.60 88.38
N GLU BA 767 119.55 15.98 89.07
CA GLU BA 767 119.57 16.02 90.53
C GLU BA 767 120.49 17.11 91.09
N ASN BA 768 121.78 17.04 90.79
CA ASN BA 768 122.78 17.89 91.45
C ASN BA 768 122.86 19.22 90.71
N GLN BA 769 121.90 20.09 91.00
CA GLN BA 769 121.80 21.40 90.36
C GLN BA 769 121.21 22.36 91.37
N PRO BA 770 121.29 23.67 91.11
CA PRO BA 770 120.56 24.63 91.96
C PRO BA 770 119.06 24.46 91.84
N LEU BA 771 118.30 25.28 92.57
CA LEU BA 771 116.84 25.18 92.52
C LEU BA 771 116.35 25.42 91.09
N HIS BA 772 115.65 24.42 90.55
CA HIS BA 772 115.25 24.41 89.15
C HIS BA 772 113.78 24.04 89.07
N PRO BA 773 112.93 24.89 88.49
CA PRO BA 773 111.50 24.55 88.40
C PRO BA 773 111.27 23.39 87.44
N HIS BA 774 110.19 22.65 87.69
CA HIS BA 774 109.92 21.43 86.91
C HIS BA 774 109.26 21.76 85.57
N HIS BA 775 108.08 22.35 85.61
CA HIS BA 775 107.27 22.59 84.43
C HIS BA 775 107.25 24.07 84.11
N ASP BA 776 107.51 24.41 82.85
CA ASP BA 776 108.10 25.71 82.53
C ASP BA 776 107.23 26.92 82.91
N ALA BA 777 106.18 27.19 82.15
CA ALA BA 777 105.34 28.33 82.51
C ALA BA 777 103.85 28.11 82.33
N GLU BA 778 103.41 27.21 81.44
CA GLU BA 778 101.99 27.08 81.15
C GLU BA 778 101.26 26.27 82.20
N TRP BA 779 101.98 25.48 83.01
CA TRP BA 779 101.31 24.64 84.00
C TRP BA 779 100.62 25.49 85.07
N SER BA 780 101.27 26.59 85.49
CA SER BA 780 100.61 27.51 86.42
C SER BA 780 99.32 28.04 85.83
N VAL BA 781 99.34 28.44 84.56
CA VAL BA 781 98.16 28.99 83.90
C VAL BA 781 97.06 27.95 83.83
N LEU BA 782 97.39 26.74 83.38
CA LEU BA 782 96.37 25.70 83.23
C LEU BA 782 95.81 25.28 84.58
N SER BA 783 96.65 25.23 85.62
CA SER BA 783 96.15 24.93 86.95
C SER BA 783 95.20 26.02 87.45
N LYS BA 784 95.57 27.28 87.25
CA LYS BA 784 94.69 28.38 87.64
C LYS BA 784 93.36 28.29 86.91
N ILE BA 785 93.39 28.02 85.61
CA ILE BA 785 92.15 27.93 84.83
C ILE BA 785 91.31 26.76 85.33
N TYR BA 786 91.92 25.59 85.51
CA TYR BA 786 91.19 24.43 85.98
C TYR BA 786 90.59 24.65 87.37
N TYR BA 787 91.24 25.45 88.19
CA TYR BA 787 90.77 25.63 89.56
C TYR BA 787 89.89 26.86 89.75
N TYR BA 788 89.77 27.72 88.74
CA TYR BA 788 88.88 28.87 88.84
C TYR BA 788 87.73 28.86 87.85
N ALA BA 789 87.74 27.99 86.84
CA ALA BA 789 86.64 27.93 85.88
C ALA BA 789 85.95 26.58 85.87
N VAL BA 790 86.69 25.48 85.76
CA VAL BA 790 86.07 24.18 85.54
C VAL BA 790 85.51 23.61 86.83
N VAL BA 791 86.32 23.50 87.88
CA VAL BA 791 85.90 22.87 89.12
C VAL BA 791 84.74 23.63 89.78
N PRO BA 792 84.66 24.96 89.77
CA PRO BA 792 83.45 25.59 90.34
C PRO BA 792 82.23 25.38 89.48
N ALA BA 793 82.40 25.22 88.16
CA ALA BA 793 81.27 24.96 87.28
C ALA BA 793 80.64 23.60 87.55
N PHE BA 794 81.43 22.63 88.02
CA PHE BA 794 80.91 21.30 88.34
C PHE BA 794 80.56 21.13 89.80
N SER BA 795 81.17 21.92 90.70
CA SER BA 795 80.93 21.74 92.13
C SER BA 795 79.76 22.57 92.63
N ARG BA 796 79.73 23.86 92.28
CA ARG BA 796 78.72 24.80 92.74
C ARG BA 796 78.70 24.89 94.27
N GLY BA 797 79.84 25.28 94.83
CA GLY BA 797 79.96 25.50 96.26
C GLY BA 797 80.10 24.26 97.11
N ASN BA 798 80.10 23.07 96.51
CA ASN BA 798 80.31 21.86 97.30
C ASN BA 798 81.79 21.65 97.59
N CYS BA 799 82.65 22.07 96.66
CA CYS BA 799 84.08 21.92 96.84
C CYS BA 799 84.57 22.76 98.02
N CYS BA 800 85.70 22.34 98.57
CA CYS BA 800 86.36 23.01 99.68
C CYS BA 800 87.74 22.41 99.84
N THR BA 801 88.71 23.25 100.16
CA THR BA 801 90.09 22.79 100.32
C THR BA 801 90.37 22.49 101.79
N MET BA 802 91.13 21.42 102.02
CA MET BA 802 91.43 20.95 103.36
C MET BA 802 92.90 20.62 103.46
N GLY BA 803 93.44 20.81 104.67
CA GLY BA 803 94.83 20.50 104.95
C GLY BA 803 94.98 19.05 105.39
N VAL BA 804 96.13 18.47 105.07
CA VAL BA 804 96.43 17.08 105.40
C VAL BA 804 97.06 17.05 106.78
N ARG BA 805 96.71 16.02 107.57
CA ARG BA 805 97.35 15.76 108.85
C ARG BA 805 98.38 14.66 108.63
N TYR BA 806 99.60 15.08 108.29
CA TYR BA 806 100.64 14.16 107.84
C TYR BA 806 101.21 13.28 108.94
N ASP BA 807 100.85 13.52 110.21
CA ASP BA 807 101.31 12.64 111.27
C ASP BA 807 100.68 11.25 111.17
N ARG BA 808 99.46 11.17 110.65
CA ARG BA 808 98.71 9.93 110.62
C ARG BA 808 98.70 9.24 109.26
N VAL BA 809 98.69 10.00 108.16
CA VAL BA 809 98.55 9.38 106.85
C VAL BA 809 99.79 8.57 106.50
N TYR BA 810 100.98 9.06 106.88
CA TYR BA 810 102.19 8.28 106.68
C TYR BA 810 102.30 7.14 107.67
N GLN BA 811 101.60 7.21 108.80
CA GLN BA 811 101.48 6.05 109.66
C GLN BA 811 100.66 4.95 108.99
N LEU BA 812 99.59 5.34 108.31
CA LEU BA 812 98.70 4.38 107.64
C LEU BA 812 99.10 4.14 106.20
N VAL BA 813 100.38 3.83 106.00
CA VAL BA 813 100.86 3.31 104.72
C VAL BA 813 101.79 2.14 105.06
N GLN BA 814 102.18 2.07 106.33
CA GLN BA 814 103.10 1.05 106.81
C GLN BA 814 102.40 -0.07 107.57
N THR BA 815 101.11 0.07 107.83
CA THR BA 815 100.34 -0.94 108.54
C THR BA 815 99.65 -1.90 107.59
N MET BA 816 100.42 -2.48 106.68
CA MET BA 816 99.89 -3.44 105.73
C MET BA 816 99.79 -4.82 106.36
N VAL BA 817 99.17 -5.73 105.64
CA VAL BA 817 99.27 -7.17 105.91
C VAL BA 817 99.28 -7.93 104.58
N VAL BA 818 100.42 -8.54 104.26
CA VAL BA 818 100.56 -9.33 103.04
C VAL BA 818 101.25 -10.64 103.41
N PRO BA 819 100.63 -11.78 103.14
CA PRO BA 819 101.29 -13.07 103.39
C PRO BA 819 102.32 -13.39 102.31
N GLU BA 820 103.26 -14.26 102.68
CA GLU BA 820 104.36 -14.62 101.80
C GLU BA 820 104.00 -15.84 100.98
N THR BA 821 103.76 -15.64 99.68
CA THR BA 821 103.34 -16.71 98.79
C THR BA 821 104.00 -16.48 97.44
N ASP BA 822 103.97 -17.49 96.58
CA ASP BA 822 104.59 -17.40 95.26
C ASP BA 822 103.65 -16.75 94.25
N ASP BA 829 91.74 -18.22 96.95
CA ASP BA 829 93.10 -18.10 97.48
C ASP BA 829 93.10 -17.51 98.88
N PRO BA 830 93.46 -18.31 99.87
CA PRO BA 830 93.58 -17.77 101.24
C PRO BA 830 94.79 -16.87 101.42
N ARG BA 831 95.60 -16.68 100.37
CA ARG BA 831 96.75 -15.79 100.42
C ARG BA 831 96.49 -14.46 99.73
N HIS BA 832 95.26 -14.22 99.28
CA HIS BA 832 94.91 -12.93 98.71
C HIS BA 832 94.99 -11.86 99.79
N PRO BA 833 95.67 -10.74 99.53
CA PRO BA 833 95.79 -9.69 100.56
C PRO BA 833 94.46 -9.06 100.97
N LEU BA 834 93.36 -9.53 100.37
CA LEU BA 834 92.03 -9.08 100.74
C LEU BA 834 91.16 -10.16 101.36
N HIS BA 835 91.61 -11.41 101.39
CA HIS BA 835 90.82 -12.48 101.95
C HIS BA 835 90.60 -12.23 103.45
N PRO BA 836 89.42 -12.57 103.98
CA PRO BA 836 89.13 -12.29 105.40
C PRO BA 836 90.16 -12.86 106.37
N ARG BA 837 90.93 -13.87 105.99
CA ARG BA 837 91.96 -14.40 106.87
C ARG BA 837 93.08 -13.39 107.11
N ASN BA 838 93.18 -12.36 106.28
CA ASN BA 838 94.27 -11.38 106.33
C ASN BA 838 93.71 -9.98 106.47
N LEU BA 839 92.79 -9.79 107.41
CA LEU BA 839 92.15 -8.49 107.60
C LEU BA 839 92.30 -7.97 109.02
N VAL BA 840 93.51 -8.03 109.56
CA VAL BA 840 93.85 -7.48 110.87
C VAL BA 840 93.23 -6.09 111.05
N PRO BA 841 92.59 -5.80 112.17
CA PRO BA 841 91.83 -4.54 112.28
C PRO BA 841 92.75 -3.33 112.34
N ASN BA 842 92.15 -2.18 112.02
CA ASN BA 842 92.83 -0.89 112.07
C ASN BA 842 94.11 -0.90 111.23
N SER BA 843 94.03 -1.56 110.08
CA SER BA 843 95.15 -1.68 109.14
C SER BA 843 94.83 -0.88 107.87
N LEU BA 844 95.72 -0.98 106.88
CA LEU BA 844 95.53 -0.23 105.64
C LEU BA 844 94.56 -0.95 104.69
N ASN BA 845 94.86 -2.19 104.33
CA ASN BA 845 94.04 -2.92 103.37
C ASN BA 845 92.58 -3.02 103.80
N VAL BA 846 92.31 -2.87 105.11
CA VAL BA 846 90.94 -2.76 105.58
C VAL BA 846 90.22 -1.61 104.87
N LEU BA 847 90.95 -0.56 104.51
CA LEU BA 847 90.36 0.53 103.75
C LEU BA 847 90.05 0.10 102.32
N PHE BA 848 91.01 -0.55 101.66
CA PHE BA 848 90.81 -0.98 100.28
C PHE BA 848 89.61 -1.92 100.17
N HIS BA 849 89.41 -2.80 101.16
CA HIS BA 849 88.18 -3.58 101.19
C HIS BA 849 86.97 -2.75 101.63
N ASN BA 850 87.19 -1.69 102.39
CA ASN BA 850 86.12 -0.78 102.79
C ASN BA 850 85.64 0.10 101.63
N ALA BA 851 86.23 -0.07 100.45
CA ALA BA 851 85.78 0.65 99.26
C ALA BA 851 85.63 -0.25 98.05
N CYS BA 852 85.77 -1.56 98.21
CA CYS BA 852 85.58 -2.54 97.14
C CYS BA 852 86.49 -2.23 95.95
N VAL BA 853 87.79 -2.18 96.23
CA VAL BA 853 88.80 -1.83 95.25
C VAL BA 853 89.72 -3.04 95.09
N ALA BA 854 89.49 -3.82 94.04
CA ALA BA 854 90.33 -4.97 93.74
C ALA BA 854 91.75 -4.50 93.44
N VAL BA 855 92.69 -4.83 94.32
CA VAL BA 855 94.09 -4.45 94.18
C VAL BA 855 94.93 -5.72 94.11
N ASP BA 856 95.90 -5.72 93.20
CA ASP BA 856 96.79 -6.86 93.06
C ASP BA 856 97.67 -7.01 94.30
N ALA BA 857 98.15 -8.23 94.50
CA ALA BA 857 98.95 -8.53 95.70
C ALA BA 857 100.23 -7.71 95.71
N ASP BA 858 101.11 -7.93 94.74
CA ASP BA 858 102.36 -7.19 94.71
C ASP BA 858 102.19 -5.74 94.27
N ALA BA 859 100.97 -5.30 94.00
CA ALA BA 859 100.71 -3.89 93.75
C ALA BA 859 100.74 -3.06 95.02
N MET BA 860 100.49 -3.68 96.17
CA MET BA 860 100.56 -2.97 97.44
C MET BA 860 102.00 -2.58 97.76
N LEU BA 861 102.92 -3.55 97.71
CA LEU BA 861 104.31 -3.34 98.13
C LEU BA 861 105.00 -2.23 97.36
N ILE BA 862 104.43 -1.75 96.26
CA ILE BA 862 105.01 -0.64 95.49
C ILE BA 862 104.94 0.64 96.31
N LEU BA 863 104.23 0.58 97.43
CA LEU BA 863 104.05 1.73 98.29
C LEU BA 863 105.33 2.20 98.97
N GLN BA 864 106.45 1.48 98.79
CA GLN BA 864 107.66 1.83 99.50
C GLN BA 864 108.39 3.03 98.92
N GLU BA 865 108.11 3.39 97.67
CA GLU BA 865 108.84 4.49 97.09
C GLU BA 865 108.39 5.86 97.59
N THR BA 866 107.51 5.95 98.58
CA THR BA 866 107.12 7.24 99.15
C THR BA 866 108.01 7.69 100.29
N VAL BA 867 108.55 6.75 101.08
CA VAL BA 867 109.39 7.13 102.21
C VAL BA 867 110.68 7.79 101.74
N THR BA 868 111.09 7.55 100.50
CA THR BA 868 112.29 8.17 99.95
C THR BA 868 112.09 9.64 99.62
N ASN BA 869 110.84 10.11 99.52
CA ASN BA 869 110.56 11.52 99.28
C ASN BA 869 109.21 11.82 99.93
N MET BA 870 109.26 12.43 101.12
CA MET BA 870 108.08 12.58 101.96
C MET BA 870 107.54 14.00 101.90
N ALA BA 871 106.46 14.24 102.64
CA ALA BA 871 105.82 15.54 102.75
C ALA BA 871 105.69 15.91 104.22
N GLU BA 872 106.16 17.11 104.56
CA GLU BA 872 106.23 17.53 105.96
C GLU BA 872 104.88 17.98 106.50
N ARG BA 873 104.31 19.05 105.94
CA ARG BA 873 103.10 19.65 106.48
C ARG BA 873 102.53 20.63 105.46
N THR BA 874 101.29 21.01 105.69
CA THR BA 874 100.64 22.04 104.89
C THR BA 874 100.95 23.42 105.46
N THR BA 875 101.12 24.40 104.56
CA THR BA 875 101.50 25.75 104.98
C THR BA 875 100.61 26.77 104.28
N PRO BA 876 100.10 27.77 105.01
CA PRO BA 876 99.38 28.86 104.35
C PRO BA 876 100.34 29.82 103.66
N LEU BA 877 99.80 30.72 102.84
CA LEU BA 877 100.61 31.69 102.12
C LEU BA 877 99.86 33.02 102.06
N LEU BA 878 100.58 34.08 101.71
CA LEU BA 878 99.98 35.41 101.60
C LEU BA 878 100.79 36.21 100.59
N ALA BA 879 100.18 36.54 99.46
CA ALA BA 879 100.80 37.30 98.40
C ALA BA 879 100.14 38.66 98.27
N SER BA 880 100.95 39.71 98.11
CA SER BA 880 100.47 41.07 98.03
C SER BA 880 101.10 41.77 96.84
N VAL BA 881 100.32 42.02 95.79
CA VAL BA 881 100.82 42.60 94.56
C VAL BA 881 100.08 43.93 94.33
N ALA BA 882 100.83 44.95 93.92
CA ALA BA 882 100.25 46.21 93.52
C ALA BA 882 99.46 46.02 92.23
N PRO BA 883 98.64 46.99 91.84
CA PRO BA 883 97.97 46.91 90.54
C PRO BA 883 98.98 46.85 89.40
N ASP BA 884 98.51 46.36 88.25
CA ASP BA 884 99.39 46.20 87.11
C ASP BA 884 99.86 47.54 86.57
N ALA BA 885 100.77 47.51 85.59
CA ALA BA 885 101.25 48.74 84.98
C ALA BA 885 100.17 49.47 84.19
N GLY BA 886 99.05 48.82 83.91
CA GLY BA 886 97.96 49.42 83.19
C GLY BA 886 96.90 50.09 84.05
N MET BA 887 97.02 49.97 85.37
CA MET BA 887 96.18 50.72 86.30
C MET BA 887 96.99 51.63 87.21
N ALA BA 888 98.30 51.66 87.08
CA ALA BA 888 99.17 52.35 88.03
C ALA BA 888 98.99 53.85 87.91
N THR BA 889 98.48 54.46 88.97
CA THR BA 889 98.50 55.90 89.13
C THR BA 889 99.19 56.23 90.45
N VAL BA 890 99.60 57.48 90.61
CA VAL BA 890 100.29 57.92 91.82
C VAL BA 890 99.38 57.71 93.02
N ALA BA 891 98.08 57.57 92.76
CA ALA BA 891 97.08 57.42 93.80
C ALA BA 891 96.66 55.97 94.03
N THR BA 892 96.64 55.16 92.97
CA THR BA 892 96.33 53.75 93.08
C THR BA 892 97.56 52.91 93.37
N ARG BA 893 98.73 53.54 93.53
CA ARG BA 893 99.97 52.82 93.74
C ARG BA 893 99.98 52.08 95.07
N ASP BA 894 99.28 52.61 96.08
CA ASP BA 894 99.45 52.16 97.45
C ASP BA 894 98.28 51.32 97.97
N MET BA 895 97.58 50.61 97.10
CA MET BA 895 96.53 49.68 97.52
C MET BA 895 96.82 48.33 96.86
N ARG BA 896 97.66 47.54 97.51
CA ARG BA 896 98.02 46.23 96.99
C ARG BA 896 97.06 45.18 97.54
N THR BA 897 96.85 44.14 96.74
CA THR BA 897 95.91 43.09 97.10
C THR BA 897 96.50 42.21 98.21
N HIS BA 898 95.66 41.28 98.69
CA HIS BA 898 96.09 40.31 99.70
C HIS BA 898 95.36 39.00 99.39
N ASP BA 899 96.07 38.08 98.77
CA ASP BA 899 95.54 36.78 98.43
C ASP BA 899 96.21 35.70 99.26
N GLY BA 900 95.47 34.63 99.55
CA GLY BA 900 95.99 33.49 100.24
C GLY BA 900 96.06 32.27 99.33
N SER BA 901 96.74 31.24 99.82
CA SER BA 901 96.83 29.96 99.14
C SER BA 901 97.27 28.93 100.18
N LEU BA 902 97.60 27.73 99.72
CA LEU BA 902 98.01 26.64 100.60
C LEU BA 902 99.31 26.06 100.05
N HIS BA 903 99.73 24.92 100.58
CA HIS BA 903 100.79 24.14 99.97
C HIS BA 903 100.66 22.69 100.40
N HIS BA 904 100.73 21.78 99.43
CA HIS BA 904 100.56 20.36 99.66
C HIS BA 904 99.22 20.08 100.35
N GLY BA 905 98.23 20.92 100.11
CA GLY BA 905 96.93 20.76 100.71
C GLY BA 905 96.10 19.69 100.02
N LEU BA 906 94.81 19.96 99.85
CA LEU BA 906 93.91 19.01 99.21
C LEU BA 906 92.59 19.71 98.92
N LEU BA 907 91.86 19.19 97.94
CA LEU BA 907 90.55 19.71 97.57
C LEU BA 907 89.53 18.60 97.76
N MET BA 908 88.96 18.52 98.97
CA MET BA 908 87.89 17.57 99.23
C MET BA 908 86.64 18.01 98.50
N MET BA 909 86.12 17.14 97.63
CA MET BA 909 85.05 17.53 96.73
C MET BA 909 83.70 17.59 97.47
N ALA BA 910 83.27 16.46 98.03
CA ALA BA 910 82.01 16.40 98.75
C ALA BA 910 82.24 15.73 100.09
N TYR BA 911 81.68 16.31 101.15
CA TYR BA 911 81.90 15.84 102.51
C TYR BA 911 80.73 14.97 102.96
N GLN BA 912 81.06 13.94 103.74
CA GLN BA 912 80.06 13.03 104.28
C GLN BA 912 80.23 12.91 105.79
N PRO BA 913 79.38 13.57 106.59
CA PRO BA 913 79.41 13.40 108.05
C PRO BA 913 78.63 12.17 108.50
N ASN BA 914 78.93 11.02 107.90
CA ASN BA 914 78.23 9.79 108.25
C ASN BA 914 79.11 8.56 108.40
N ASP BA 915 80.36 8.59 107.96
CA ASP BA 915 81.18 7.38 107.94
C ASP BA 915 81.54 6.95 109.36
N ALA BA 916 80.83 5.93 109.87
CA ALA BA 916 81.18 5.35 111.16
C ALA BA 916 82.45 4.51 111.08
N THR BA 917 82.86 4.11 109.88
CA THR BA 917 84.13 3.40 109.71
C THR BA 917 85.31 4.27 110.07
N LEU BA 918 85.10 5.58 110.23
CA LEU BA 918 86.15 6.53 110.56
C LEU BA 918 85.61 7.55 111.55
N LEU BA 919 86.51 8.38 112.08
CA LEU BA 919 86.08 9.51 112.89
C LEU BA 919 85.69 10.67 111.98
N GLU BA 920 84.83 11.55 112.52
CA GLU BA 920 84.38 12.72 111.76
C GLU BA 920 85.56 13.47 111.17
N GLY BA 921 86.50 13.89 112.00
CA GLY BA 921 87.75 14.41 111.51
C GLY BA 921 88.92 13.55 111.97
N ALA BA 922 89.51 12.81 111.05
CA ALA BA 922 90.60 11.91 111.41
C ALA BA 922 91.80 11.98 110.48
N PHE BA 923 91.67 12.57 109.28
CA PHE BA 923 92.81 12.74 108.38
C PHE BA 923 92.90 14.12 107.76
N PHE BA 924 91.87 14.95 107.83
CA PHE BA 924 91.86 16.25 107.19
C PHE BA 924 91.15 17.24 108.10
N TYR BA 925 91.26 18.52 107.75
CA TYR BA 925 90.67 19.60 108.54
C TYR BA 925 90.37 20.75 107.60
N PRO BA 926 89.26 21.46 107.78
CA PRO BA 926 88.90 22.52 106.84
C PRO BA 926 89.86 23.69 106.91
N ALA BA 927 90.12 24.28 105.75
CA ALA BA 927 90.99 25.45 105.65
C ALA BA 927 90.72 26.16 104.33
N PRO BA 928 89.55 26.78 104.16
CA PRO BA 928 89.21 27.39 102.88
C PRO BA 928 90.13 28.57 102.57
N VAL BA 929 90.45 28.71 101.27
CA VAL BA 929 91.37 29.73 100.82
C VAL BA 929 90.58 30.92 100.27
N ASN BA 930 89.41 30.65 99.72
CA ASN BA 930 88.61 31.69 99.11
C ASN BA 930 87.13 31.31 99.19
N ALA BA 931 86.27 32.29 98.92
CA ALA BA 931 84.84 32.06 98.94
C ALA BA 931 84.40 30.94 98.00
N LEU BA 932 85.11 30.74 96.90
CA LEU BA 932 84.76 29.68 95.96
C LEU BA 932 84.83 28.29 96.57
N PHE BA 933 85.62 28.10 97.63
CA PHE BA 933 85.91 26.77 98.17
C PHE BA 933 85.59 26.70 99.65
N ALA BA 934 84.39 27.17 100.04
CA ALA BA 934 83.99 27.20 101.45
C ALA BA 934 82.53 26.76 101.56
N CYS BA 935 82.32 25.48 101.81
CA CYS BA 935 81.00 24.95 102.12
C CYS BA 935 80.90 24.70 103.63
N ALA BA 936 79.77 25.09 104.21
CA ALA BA 936 79.61 24.97 105.66
C ALA BA 936 79.55 23.53 106.11
N ASP BA 937 79.16 22.61 105.23
CA ASP BA 937 79.10 21.20 105.60
C ASP BA 937 80.47 20.57 105.79
N HIS BA 938 81.55 21.31 105.57
CA HIS BA 938 82.90 20.83 105.82
C HIS BA 938 83.41 21.15 107.22
N LEU BA 939 82.91 22.22 107.84
CA LEU BA 939 83.41 22.66 109.14
C LEU BA 939 83.06 21.70 110.26
N GLY BA 940 82.26 20.66 110.00
CA GLY BA 940 82.09 19.59 110.97
C GLY BA 940 83.27 18.67 111.08
N ALA BA 941 84.07 18.55 110.01
CA ALA BA 941 85.27 17.71 110.06
C ALA BA 941 86.24 18.21 111.10
N MET BA 942 86.22 19.49 111.41
CA MET BA 942 87.04 20.01 112.50
C MET BA 942 86.41 19.62 113.83
N ARG BA 943 87.19 19.02 114.72
CA ARG BA 943 86.65 18.53 115.97
C ARG BA 943 86.57 19.65 117.00
N ASP BA 944 85.73 19.43 118.02
CA ASP BA 944 85.57 20.36 119.14
C ASP BA 944 85.10 21.72 118.66
N VAL BA 945 83.96 21.74 117.97
CA VAL BA 945 83.37 22.95 117.41
C VAL BA 945 81.99 23.13 118.01
N GLY BA 946 81.68 24.35 118.44
CA GLY BA 946 80.35 24.64 118.95
C GLY BA 946 79.36 24.89 117.82
N ALA BA 947 78.13 24.41 118.02
CA ALA BA 947 77.08 24.57 117.01
C ALA BA 947 76.59 26.00 116.89
N GLU BA 948 77.03 26.91 117.76
CA GLU BA 948 76.64 28.31 117.64
C GLU BA 948 77.22 28.93 116.38
N VAL BA 949 78.42 28.53 115.99
CA VAL BA 949 79.07 29.08 114.80
C VAL BA 949 78.77 28.26 113.56
N ARG BA 950 78.53 26.95 113.72
CA ARG BA 950 78.13 26.14 112.58
C ARG BA 950 76.80 26.60 112.03
N ALA BA 951 75.93 27.12 112.89
CA ALA BA 951 74.68 27.74 112.45
C ALA BA 951 74.88 29.16 111.92
N ALA BA 952 76.10 29.69 112.00
CA ALA BA 952 76.43 30.96 111.40
C ALA BA 952 77.13 30.84 110.06
N ALA BA 953 77.84 29.73 109.84
CA ALA BA 953 78.60 29.52 108.61
C ALA BA 953 77.71 29.28 107.39
N GLN BA 954 76.39 29.28 107.55
CA GLN BA 954 75.50 28.99 106.43
C GLN BA 954 75.60 30.04 105.34
N HIS BA 955 75.33 31.31 105.69
CA HIS BA 955 75.22 32.36 104.68
C HIS BA 955 76.56 33.04 104.39
N VAL BA 956 77.51 32.98 105.32
CA VAL BA 956 78.76 33.71 105.17
C VAL BA 956 79.90 32.73 104.91
N PRO BA 957 80.76 32.99 103.92
CA PRO BA 957 81.95 32.15 103.75
C PRO BA 957 82.89 32.27 104.93
N CYS BA 958 83.60 31.17 105.21
CA CYS BA 958 84.40 31.05 106.42
C CYS BA 958 85.89 31.24 106.15
N VAL BA 959 86.24 32.06 105.17
CA VAL BA 959 87.65 32.28 104.85
C VAL BA 959 88.32 32.96 106.04
N PRO BA 960 89.30 32.31 106.67
CA PRO BA 960 89.97 32.94 107.80
C PRO BA 960 90.78 34.14 107.35
N HIS BA 961 90.98 35.08 108.27
CA HIS BA 961 91.75 36.27 107.94
C HIS BA 961 93.25 36.02 107.95
N PHE BA 962 93.67 34.74 107.92
CA PHE BA 962 95.05 34.41 107.58
C PHE BA 962 95.29 34.41 106.09
N LEU BA 963 94.26 34.22 105.28
CA LEU BA 963 94.39 34.06 103.83
C LEU BA 963 93.68 35.16 103.08
N GLY BA 964 93.69 36.37 103.64
CA GLY BA 964 93.04 37.50 103.02
C GLY BA 964 91.53 37.46 103.14
N ALA BA 965 90.90 38.64 103.12
CA ALA BA 965 89.46 38.76 103.26
C ALA BA 965 88.85 39.05 101.89
N ASN BA 966 87.54 39.30 101.89
CA ASN BA 966 86.82 39.53 100.64
C ASN BA 966 87.35 40.75 99.91
N TYR BA 967 87.38 41.89 100.58
CA TYR BA 967 87.66 43.16 99.91
C TYR BA 967 89.15 43.36 99.59
N TYR BA 968 89.98 42.33 99.71
CA TYR BA 968 91.39 42.45 99.36
C TYR BA 968 91.89 41.34 98.46
N ALA BA 969 91.06 40.36 98.13
CA ALA BA 969 91.44 39.30 97.21
C ALA BA 969 91.11 39.72 95.78
N THR BA 970 91.61 38.92 94.83
CA THR BA 970 91.34 39.21 93.42
C THR BA 970 89.96 38.73 93.00
N VAL BA 971 89.51 37.61 93.54
CA VAL BA 971 88.22 37.02 93.21
C VAL BA 971 87.28 37.28 94.38
N ARG BA 972 86.49 38.35 94.28
CA ARG BA 972 85.63 38.77 95.37
C ARG BA 972 84.43 37.83 95.48
N GLN BA 973 83.45 38.19 96.32
CA GLN BA 973 82.33 37.29 96.59
C GLN BA 973 81.41 37.09 95.39
N PRO BA 974 81.06 38.12 94.60
CA PRO BA 974 80.05 37.92 93.54
C PRO BA 974 80.35 36.79 92.56
N VAL BA 975 81.61 36.47 92.28
CA VAL BA 975 81.89 35.38 91.36
C VAL BA 975 81.48 34.04 91.97
N ALA BA 976 81.80 33.84 93.25
CA ALA BA 976 81.35 32.65 93.95
C ALA BA 976 79.84 32.61 94.08
N GLN BA 977 79.22 33.78 94.25
CA GLN BA 977 77.76 33.84 94.30
C GLN BA 977 77.16 33.38 92.97
N HIS BA 978 77.72 33.86 91.86
CA HIS BA 978 77.25 33.44 90.54
C HIS BA 978 77.47 31.97 90.28
N ALA BA 979 78.56 31.41 90.81
CA ALA BA 979 78.89 30.01 90.51
C ALA BA 979 77.80 29.05 90.97
N ALA BA 980 77.17 29.32 92.11
CA ALA BA 980 76.17 28.42 92.67
C ALA BA 980 74.75 28.99 92.60
N GLN BA 981 74.54 30.00 91.75
CA GLN BA 981 73.22 30.63 91.61
C GLN BA 981 72.52 30.23 90.32
N SER BA 982 73.23 30.25 89.20
CA SER BA 982 72.61 29.92 87.93
C SER BA 982 72.42 28.41 87.82
N ARG BA 983 71.34 28.02 87.15
CA ARG BA 983 71.08 26.63 86.83
C ARG BA 983 71.27 26.36 85.34
N ALA BA 984 72.23 27.05 84.72
CA ALA BA 984 72.49 26.89 83.31
C ALA BA 984 73.17 25.55 83.07
N ASP BA 985 73.51 25.30 81.82
CA ASP BA 985 74.21 24.08 81.46
C ASP BA 985 75.63 24.11 82.02
N GLU BA 986 76.11 22.95 82.47
CA GLU BA 986 77.42 22.85 83.08
C GLU BA 986 78.56 23.20 82.14
N ASN BA 987 78.34 23.14 80.83
CA ASN BA 987 79.35 23.52 79.85
C ASN BA 987 79.35 25.01 79.55
N THR BA 988 78.17 25.61 79.41
CA THR BA 988 78.07 27.05 79.22
C THR BA 988 78.55 27.83 80.43
N LEU BA 989 78.33 27.31 81.64
CA LEU BA 989 78.79 28.00 82.84
C LEU BA 989 80.30 28.13 82.86
N SER BA 990 81.02 27.13 82.34
CA SER BA 990 82.47 27.21 82.28
C SER BA 990 82.91 28.42 81.46
N TYR BA 991 82.39 28.55 80.24
CA TYR BA 991 82.74 29.68 79.40
C TYR BA 991 82.28 30.99 80.00
N ALA BA 992 81.15 30.99 80.71
CA ALA BA 992 80.69 32.22 81.36
C ALA BA 992 81.68 32.66 82.43
N LEU BA 993 82.04 31.76 83.33
CA LEU BA 993 83.02 32.07 84.37
C LEU BA 993 84.34 32.51 83.75
N MET BA 994 84.75 31.89 82.65
CA MET BA 994 86.00 32.30 82.02
C MET BA 994 85.90 33.71 81.47
N ALA BA 995 84.79 34.03 80.78
CA ALA BA 995 84.61 35.36 80.22
C ALA BA 995 84.52 36.43 81.29
N GLY BA 996 84.02 36.07 82.48
CA GLY BA 996 83.91 37.06 83.53
C GLY BA 996 85.21 37.35 84.25
N TYR BA 997 86.34 37.12 83.58
CA TYR BA 997 87.65 37.24 84.21
C TYR BA 997 88.58 38.23 83.53
N PHE BA 998 88.12 38.97 82.53
CA PHE BA 998 88.97 39.99 81.92
C PHE BA 998 89.07 41.20 82.83
N LYS BA 999 90.16 41.94 82.68
CA LYS BA 999 90.43 43.08 83.55
C LYS BA 999 89.73 44.33 83.05
N MET BA 1000 89.30 45.17 84.00
CA MET BA 1000 88.64 46.44 83.71
C MET BA 1000 89.67 47.55 83.90
N SER BA 1001 90.51 47.72 82.88
CA SER BA 1001 91.60 48.68 82.91
C SER BA 1001 91.65 49.41 81.58
N PRO BA 1002 92.00 50.70 81.59
CA PRO BA 1002 92.04 51.48 80.35
C PRO BA 1002 92.99 50.91 79.30
N VAL BA 1003 93.84 49.98 79.70
CA VAL BA 1003 94.69 49.24 78.77
C VAL BA 1003 94.01 47.96 78.28
N ALA BA 1004 93.36 47.23 79.19
CA ALA BA 1004 92.58 46.06 78.80
C ALA BA 1004 91.42 46.43 77.87
N PHE BA 1005 90.84 47.61 78.05
CA PHE BA 1005 89.73 48.07 77.21
C PHE BA 1005 90.18 48.39 75.79
N THR BA 1006 91.48 48.55 75.55
CA THR BA 1006 91.96 48.67 74.18
C THR BA 1006 91.77 47.37 73.39
N HIS BA 1007 91.79 46.22 74.07
CA HIS BA 1007 91.58 44.93 73.43
C HIS BA 1007 90.14 44.44 73.53
N GLN BA 1008 89.55 44.54 74.73
CA GLN BA 1008 88.19 44.04 74.92
C GLN BA 1008 87.21 44.68 73.96
N LEU BA 1009 87.42 45.93 73.59
CA LEU BA 1009 86.44 46.66 72.80
C LEU BA 1009 86.64 46.52 71.30
N ARG BA 1010 87.77 45.98 70.86
CA ARG BA 1010 88.08 45.85 69.44
C ARG BA 1010 87.93 44.42 68.94
N ARG BA 1011 87.50 43.49 69.79
CA ARG BA 1011 87.31 42.09 69.40
C ARG BA 1011 85.90 41.63 69.74
N GLN BA 1012 84.96 42.58 69.82
CA GLN BA 1012 83.53 42.29 69.96
C GLN BA 1012 83.22 41.55 71.27
N LEU BA 1013 83.83 42.00 72.36
CA LEU BA 1013 83.50 41.51 73.70
C LEU BA 1013 82.60 42.50 74.40
N HIS BA 1014 81.71 41.98 75.25
CA HIS BA 1014 80.77 42.83 75.96
C HIS BA 1014 81.13 42.85 77.44
N PRO BA 1015 81.69 43.95 77.95
CA PRO BA 1015 81.93 44.05 79.40
C PRO BA 1015 80.62 44.20 80.17
N GLY BA 1016 80.72 44.36 81.48
CA GLY BA 1016 79.52 44.49 82.30
C GLY BA 1016 78.93 45.89 82.30
N PHE BA 1017 79.19 46.65 81.24
CA PHE BA 1017 78.72 48.01 81.12
C PHE BA 1017 77.39 48.08 80.38
N ALA BA 1018 76.81 49.28 80.37
CA ALA BA 1018 75.68 49.59 79.51
C ALA BA 1018 75.73 51.10 79.28
N LEU BA 1019 76.27 51.51 78.14
CA LEU BA 1019 76.49 52.93 77.92
C LEU BA 1019 75.22 53.61 77.43
N THR BA 1020 75.16 54.93 77.64
CA THR BA 1020 74.12 55.77 77.09
C THR BA 1020 74.76 56.94 76.36
N VAL BA 1021 74.39 57.12 75.11
CA VAL BA 1021 74.97 58.15 74.25
C VAL BA 1021 74.08 59.38 74.28
N VAL BA 1022 74.70 60.54 74.36
CA VAL BA 1022 73.98 61.81 74.33
C VAL BA 1022 74.60 62.68 73.24
N ARG BA 1023 73.77 63.38 72.49
CA ARG BA 1023 74.24 64.35 71.51
C ARG BA 1023 73.16 65.39 71.28
N GLN BA 1024 73.59 66.62 71.00
CA GLN BA 1024 72.70 67.74 70.77
C GLN BA 1024 72.94 68.31 69.38
N ASP BA 1025 71.86 68.52 68.64
CA ASP BA 1025 71.92 69.12 67.32
C ASP BA 1025 71.05 70.37 67.29
N ARG BA 1026 71.00 71.01 66.14
CA ARG BA 1026 70.25 72.25 65.98
C ARG BA 1026 69.44 72.19 64.69
N PHE BA 1027 68.23 72.74 64.74
CA PHE BA 1027 67.33 72.79 63.59
C PHE BA 1027 67.01 74.22 63.23
N ALA BA 1028 66.93 74.50 61.93
CA ALA BA 1028 66.54 75.80 61.42
C ALA BA 1028 65.03 75.76 61.18
N THR BA 1029 64.30 76.67 61.82
CA THR BA 1029 62.85 76.69 61.72
C THR BA 1029 62.35 78.00 61.13
N GLU BA 1030 61.22 77.90 60.44
CA GLU BA 1030 60.52 79.05 59.87
C GLU BA 1030 59.48 79.50 60.89
N ASN BA 1031 59.70 80.66 61.49
CA ASN BA 1031 58.86 81.16 62.56
C ASN BA 1031 57.68 81.95 62.03
N VAL BA 1032 56.60 81.94 62.80
CA VAL BA 1032 55.47 82.85 62.61
C VAL BA 1032 55.39 83.72 63.84
N LEU BA 1033 55.60 85.02 63.66
CA LEU BA 1033 55.65 85.98 64.76
C LEU BA 1033 54.45 86.91 64.68
N PHE BA 1034 53.90 87.24 65.84
CA PHE BA 1034 52.82 88.21 65.95
C PHE BA 1034 53.26 89.36 66.84
N ALA BA 1035 52.74 90.55 66.55
CA ALA BA 1035 53.03 91.74 67.33
C ALA BA 1035 51.74 92.55 67.47
N GLU BA 1036 51.63 93.25 68.59
CA GLU BA 1036 50.44 94.01 68.92
C GLU BA 1036 50.52 95.39 68.26
N LYS BA 1037 49.42 96.14 68.31
CA LYS BA 1037 49.35 97.50 67.77
C LYS BA 1037 50.50 98.36 68.24
N ALA BA 1038 50.60 98.59 69.54
CA ALA BA 1038 51.66 99.40 70.11
C ALA BA 1038 52.63 98.46 70.83
N SER BA 1039 53.56 97.90 70.06
CA SER BA 1039 54.53 96.97 70.64
C SER BA 1039 55.57 97.71 71.48
N GLU BA 1040 56.10 98.80 70.96
CA GLU BA 1040 57.20 99.49 71.62
C GLU BA 1040 57.33 100.90 71.05
N SER BA 1041 57.76 101.82 71.89
CA SER BA 1041 58.13 103.14 71.41
C SER BA 1041 59.45 103.05 70.65
N TYR BA 1042 59.67 104.02 69.78
CA TYR BA 1042 60.85 103.99 68.90
C TYR BA 1042 61.26 105.43 68.64
N PHE BA 1043 62.38 105.85 69.24
CA PHE BA 1043 62.85 107.23 69.14
C PHE BA 1043 63.99 107.31 68.15
N MET BA 1044 63.79 108.10 67.10
CA MET BA 1044 64.75 108.26 66.01
C MET BA 1044 65.39 109.64 66.13
N GLY BA 1045 66.71 109.68 66.25
CA GLY BA 1045 67.40 110.93 66.46
C GLY BA 1045 67.75 111.63 65.16
N GLN BA 1046 68.80 112.45 65.24
CA GLN BA 1046 69.32 113.17 64.09
C GLN BA 1046 70.62 112.52 63.61
N MET BA 1047 70.98 112.82 62.37
CA MET BA 1047 72.11 112.20 61.70
C MET BA 1047 73.36 113.06 61.88
N GLN BA 1048 74.50 112.41 62.04
CA GLN BA 1048 75.79 113.07 62.06
C GLN BA 1048 76.74 112.36 61.09
N VAL BA 1049 77.75 113.10 60.64
CA VAL BA 1049 78.74 112.59 59.70
C VAL BA 1049 80.09 112.55 60.39
N ALA BA 1050 81.03 111.84 59.75
CA ALA BA 1050 82.43 111.79 60.19
C ALA BA 1050 83.32 112.05 58.98
N ARG BA 1051 83.56 113.33 58.69
CA ARG BA 1051 84.40 113.69 57.56
C ARG BA 1051 85.84 113.29 57.84
N THR BA 1052 86.28 112.19 57.20
CA THR BA 1052 87.65 111.70 57.36
C THR BA 1052 88.17 111.27 55.99
N GLU BA 1053 89.32 111.81 55.60
CA GLU BA 1053 89.97 111.37 54.37
C GLU BA 1053 90.99 110.29 54.69
N SER BA 1054 91.04 109.27 53.84
CA SER BA 1054 91.97 108.16 54.05
C SER BA 1054 92.39 107.60 52.70
N GLY BA 1055 93.66 107.75 52.36
CA GLY BA 1055 94.18 107.18 51.14
C GLY BA 1055 93.74 107.89 49.88
N GLY BA 1056 93.81 109.22 49.84
CA GLY BA 1056 93.38 109.97 48.68
C GLY BA 1056 91.91 109.89 48.36
N GLY BA 1057 91.10 109.38 49.28
CA GLY BA 1057 89.66 109.28 49.06
C GLY BA 1057 88.89 109.70 50.28
N LEU BA 1058 87.93 110.61 50.08
CA LEU BA 1058 87.08 111.05 51.17
C LEU BA 1058 86.18 109.93 51.64
N HIS BA 1059 86.27 109.59 52.93
CA HIS BA 1059 85.49 108.50 53.52
C HIS BA 1059 84.75 109.06 54.73
N LEU BA 1060 83.48 109.44 54.52
CA LEU BA 1060 82.62 109.88 55.60
C LEU BA 1060 81.47 108.91 55.75
N GLN BA 1061 81.14 108.58 57.00
CA GLN BA 1061 80.09 107.62 57.31
C GLN BA 1061 78.92 108.34 57.95
N LEU BA 1062 77.76 107.69 57.91
CA LEU BA 1062 76.55 108.25 58.49
C LEU BA 1062 76.14 107.47 59.73
N THR BA 1063 75.61 108.19 60.71
CA THR BA 1063 75.21 107.60 61.99
C THR BA 1063 73.92 108.26 62.44
N GLN BA 1064 73.01 107.46 62.98
CA GLN BA 1064 71.75 107.99 63.50
C GLN BA 1064 71.35 107.20 64.74
N PRO BA 1065 71.51 107.77 65.94
CA PRO BA 1065 71.23 107.01 67.16
C PRO BA 1065 69.76 106.70 67.31
N ARG BA 1066 69.48 105.55 67.91
CA ARG BA 1066 68.13 105.04 68.07
C ARG BA 1066 67.93 104.57 69.50
N ALA BA 1067 66.66 104.38 69.86
CA ALA BA 1067 66.32 103.88 71.19
C ALA BA 1067 64.91 103.33 71.18
N ASN BA 1068 64.69 102.26 71.93
CA ASN BA 1068 63.38 101.64 72.03
C ASN BA 1068 63.06 101.30 73.47
N VAL BA 1069 61.77 101.12 73.73
CA VAL BA 1069 61.26 100.66 75.01
C VAL BA 1069 59.90 100.03 74.77
N ASP BA 1070 59.66 98.89 75.41
CA ASP BA 1070 58.46 98.11 75.14
C ASP BA 1070 57.34 98.62 76.05
N LEU BA 1071 56.51 99.49 75.51
CA LEU BA 1071 55.46 100.14 76.29
C LEU BA 1071 54.25 99.24 76.50
N GLY BA 1072 54.49 98.02 76.96
CA GLY BA 1072 53.41 97.11 77.22
C GLY BA 1072 53.62 96.29 78.48
N VAL BA 1073 52.69 96.42 79.42
CA VAL BA 1073 52.73 95.60 80.62
C VAL BA 1073 52.29 94.19 80.24
N GLY BA 1074 52.95 93.19 80.82
CA GLY BA 1074 52.81 91.83 80.34
C GLY BA 1074 53.44 91.69 78.97
N PHE BA 1075 53.39 90.46 78.46
CA PHE BA 1075 53.96 90.20 77.14
C PHE BA 1075 53.20 90.94 76.06
N THR BA 1076 53.91 91.34 75.01
CA THR BA 1076 53.29 92.10 73.92
C THR BA 1076 53.65 91.57 72.55
N ALA BA 1077 54.36 90.44 72.46
CA ALA BA 1077 54.66 89.83 71.17
C ALA BA 1077 54.96 88.36 71.41
N ALA BA 1078 54.36 87.49 70.59
CA ALA BA 1078 54.57 86.06 70.69
C ALA BA 1078 54.85 85.50 69.31
N TYR BA 1079 55.78 84.56 69.24
CA TYR BA 1079 56.11 83.85 68.01
C TYR BA 1079 55.95 82.36 68.24
N ALA BA 1080 56.05 81.59 67.16
CA ALA BA 1080 55.94 80.14 67.25
C ALA BA 1080 56.48 79.51 65.97
N ALA BA 1081 57.14 78.37 66.13
CA ALA BA 1081 57.76 77.67 64.99
C ALA BA 1081 56.69 77.06 64.11
N ALA BA 1082 56.67 77.45 62.84
CA ALA BA 1082 55.63 76.96 61.93
C ALA BA 1082 56.04 75.66 61.24
N ALA BA 1083 57.10 75.70 60.44
CA ALA BA 1083 57.53 74.56 59.65
C ALA BA 1083 58.95 74.17 60.05
N LEU BA 1084 59.53 73.23 59.30
CA LEU BA 1084 60.86 72.71 59.58
C LEU BA 1084 61.71 72.79 58.32
N ARG BA 1085 62.74 73.63 58.37
CA ARG BA 1085 63.77 73.63 57.34
C ARG BA 1085 64.77 72.52 57.64
N ALA BA 1086 65.72 72.31 56.72
CA ALA BA 1086 66.71 71.27 56.91
C ALA BA 1086 67.54 71.59 58.15
N PRO BA 1087 67.90 70.58 58.94
CA PRO BA 1087 68.77 70.82 60.10
C PRO BA 1087 70.11 71.37 59.67
N VAL BA 1088 70.74 72.11 60.59
CA VAL BA 1088 72.02 72.75 60.30
C VAL BA 1088 73.15 71.79 60.62
N THR BA 1089 72.94 70.90 61.60
CA THR BA 1089 73.94 69.93 62.01
C THR BA 1089 73.40 68.53 61.77
N ASP BA 1090 74.29 67.63 61.33
CA ASP BA 1090 73.93 66.24 61.12
C ASP BA 1090 73.82 65.53 62.47
N MET BA 1091 73.61 64.22 62.41
CA MET BA 1091 73.51 63.41 63.61
C MET BA 1091 74.47 62.22 63.54
N GLY BA 1092 75.63 62.44 62.95
CA GLY BA 1092 76.59 61.37 62.76
C GLY BA 1092 77.31 60.98 64.04
N ASN BA 1093 78.25 60.05 63.89
CA ASN BA 1093 79.04 59.54 65.00
C ASN BA 1093 80.32 60.38 65.11
N LEU BA 1094 80.58 60.88 66.31
CA LEU BA 1094 81.81 61.61 66.60
C LEU BA 1094 82.08 61.50 68.09
N PRO BA 1095 82.87 60.51 68.51
CA PRO BA 1095 83.14 60.34 69.94
C PRO BA 1095 83.99 61.46 70.49
N GLN BA 1096 83.76 61.79 71.75
CA GLN BA 1096 84.56 62.80 72.42
C GLN BA 1096 85.89 62.21 72.87
N ASN BA 1097 86.97 62.70 72.29
CA ASN BA 1097 88.32 62.27 72.68
C ASN BA 1097 88.67 63.01 73.96
N LEU BA 1098 88.61 62.30 75.09
CA LEU BA 1098 88.92 62.91 76.38
C LEU BA 1098 90.39 63.25 76.55
N PHE BA 1099 91.24 62.92 75.58
CA PHE BA 1099 92.67 63.19 75.67
C PHE BA 1099 93.01 64.63 75.34
N ALA BA 1100 92.03 65.52 75.35
CA ALA BA 1100 92.27 66.94 75.15
C ALA BA 1100 92.44 67.71 76.46
N THR BA 1101 91.58 67.48 77.44
CA THR BA 1101 91.63 68.22 78.70
C THR BA 1101 92.95 67.96 79.41
N ARG BA 1102 93.37 68.92 80.24
CA ARG BA 1102 94.64 68.81 80.95
C ARG BA 1102 94.46 68.43 82.40
N GLY BA 1103 93.29 68.71 82.98
CA GLY BA 1103 93.06 68.48 84.39
C GLY BA 1103 92.80 67.03 84.74
N ALA BA 1104 93.85 66.20 84.68
CA ALA BA 1104 93.75 64.79 85.00
C ALA BA 1104 95.12 64.29 85.38
N PRO BA 1105 95.24 63.40 86.36
CA PRO BA 1105 96.54 62.84 86.69
C PRO BA 1105 97.03 61.90 85.60
N PRO BA 1106 98.32 61.94 85.28
CA PRO BA 1106 98.86 60.99 84.30
C PRO BA 1106 99.10 59.63 84.93
N MET BA 1107 99.12 58.61 84.08
CA MET BA 1107 99.45 57.28 84.55
C MET BA 1107 100.86 57.26 85.13
N LEU BA 1108 101.10 56.31 86.04
CA LEU BA 1108 102.41 56.21 86.69
C LEU BA 1108 103.52 56.02 85.67
N ASP BA 1109 103.48 54.92 84.92
CA ASP BA 1109 104.52 54.59 83.95
C ASP BA 1109 104.25 55.38 82.67
N ALA BA 1110 105.21 56.21 82.28
CA ALA BA 1110 105.11 56.94 81.02
C ALA BA 1110 105.18 56.01 79.81
N ASP BA 1111 105.97 54.95 79.88
CA ASP BA 1111 106.01 53.97 78.79
C ASP BA 1111 104.68 53.26 78.62
N ALA BA 1112 103.74 53.44 79.54
CA ALA BA 1112 102.39 52.91 79.42
C ALA BA 1112 101.38 53.98 79.03
N ASP BA 1113 101.74 55.25 79.15
CA ASP BA 1113 100.87 56.35 78.79
C ASP BA 1113 100.86 56.63 77.29
N ASP BA 1114 102.04 56.77 76.69
CA ASP BA 1114 102.11 56.97 75.24
C ASP BA 1114 101.53 55.80 74.46
N TYR BA 1115 101.50 54.60 75.03
CA TYR BA 1115 100.85 53.47 74.38
C TYR BA 1115 99.36 53.73 74.20
N LEU BA 1116 98.68 54.20 75.26
CA LEU BA 1116 97.28 54.56 75.15
C LEU BA 1116 97.07 55.61 74.06
N ARG BA 1117 97.85 56.70 74.11
CA ARG BA 1117 97.74 57.75 73.10
C ARG BA 1117 97.92 57.18 71.69
N ARG BA 1118 98.87 56.25 71.52
CA ARG BA 1118 99.14 55.71 70.21
C ARG BA 1118 97.97 54.86 69.71
N THR BA 1119 97.33 54.11 70.62
CA THR BA 1119 96.25 53.23 70.21
C THR BA 1119 94.87 53.86 70.32
N VAL BA 1120 94.78 55.15 70.67
CA VAL BA 1120 93.51 55.86 70.67
C VAL BA 1120 93.47 56.93 69.57
N ASN BA 1121 94.58 57.61 69.32
CA ASN BA 1121 94.65 58.69 68.34
C ASN BA 1121 95.01 58.21 66.95
N ALA BA 1122 94.71 56.95 66.63
CA ALA BA 1122 95.01 56.42 65.31
C ALA BA 1122 94.19 57.10 64.23
N GLY BA 1123 92.89 57.29 64.49
CA GLY BA 1123 92.03 57.87 63.48
C GLY BA 1123 90.99 58.85 63.96
N ASN BA 1124 90.95 59.12 65.26
CA ASN BA 1124 89.96 60.04 65.81
C ASN BA 1124 90.25 61.47 65.32
N ARG BA 1125 89.30 62.04 64.58
CA ARG BA 1125 89.46 63.39 64.05
C ARG BA 1125 89.42 64.45 65.15
N LEU BA 1126 89.27 64.06 66.41
CA LEU BA 1126 89.47 64.94 67.54
C LEU BA 1126 90.87 64.86 68.12
N ALA BA 1127 91.75 64.07 67.49
CA ALA BA 1127 93.13 64.02 67.96
C ALA BA 1127 93.83 65.34 67.66
N PRO BA 1128 94.60 65.86 68.60
CA PRO BA 1128 95.23 67.17 68.41
C PRO BA 1128 96.58 67.09 67.73
N VAL BA 1129 96.85 68.08 66.88
CA VAL BA 1129 98.21 68.27 66.35
C VAL BA 1129 99.03 69.01 67.39
N PRO BA 1130 100.21 68.48 67.76
CA PRO BA 1130 100.94 69.09 68.88
C PRO BA 1130 101.55 70.45 68.56
N VAL BA 1131 101.93 70.70 67.30
CA VAL BA 1131 102.59 71.95 66.96
C VAL BA 1131 101.62 73.13 67.03
N PHE BA 1132 102.05 74.20 67.70
CA PHE BA 1132 101.34 75.47 67.87
C PHE BA 1132 99.98 75.30 68.53
N GLY BA 1133 99.63 74.07 68.93
CA GLY BA 1133 98.34 73.82 69.51
C GLY BA 1133 98.33 72.63 70.44
N GLN BA 1134 97.67 72.78 71.60
CA GLN BA 1134 97.60 71.68 72.55
C GLN BA 1134 96.31 70.89 72.42
N MET BA 1135 95.24 71.53 71.94
CA MET BA 1135 93.93 70.89 71.91
C MET BA 1135 93.20 71.14 70.59
N LEU BA 1136 93.91 71.53 69.54
CA LEU BA 1136 93.27 71.93 68.29
C LEU BA 1136 93.34 70.78 67.30
N PRO BA 1137 92.24 70.09 67.02
CA PRO BA 1137 92.27 69.06 65.96
C PRO BA 1137 92.49 69.70 64.60
N GLN BA 1138 93.21 68.97 63.75
CA GLN BA 1138 93.54 69.49 62.42
C GLN BA 1138 92.28 69.90 61.68
N VAL BA 1139 92.35 71.04 61.00
CA VAL BA 1139 91.22 71.50 60.19
C VAL BA 1139 90.98 70.48 59.08
N PRO BA 1140 89.88 69.75 59.12
CA PRO BA 1140 89.65 68.70 58.12
C PRO BA 1140 89.44 69.31 56.74
N ALA BA 1141 89.46 68.42 55.75
CA ALA BA 1141 89.15 68.81 54.39
C ALA BA 1141 87.65 69.04 54.28
N GLY BA 1142 87.15 69.19 53.06
CA GLY BA 1142 85.74 69.42 52.83
C GLY BA 1142 84.82 68.50 53.63
N LEU BA 1143 83.80 69.08 54.25
CA LEU BA 1143 82.80 68.33 54.99
C LEU BA 1143 81.47 68.37 54.26
N ALA BA 1144 80.63 67.38 54.53
CA ALA BA 1144 79.49 67.09 53.67
C ALA BA 1144 78.20 67.78 54.12
N ARG BA 1145 77.72 67.51 55.33
CA ARG BA 1145 76.34 67.78 55.68
C ARG BA 1145 76.17 68.78 56.82
N GLY BA 1146 77.24 69.39 57.31
CA GLY BA 1146 77.14 70.42 58.31
C GLY BA 1146 78.05 70.10 59.48
N GLN BA 1147 77.88 70.86 60.56
CA GLN BA 1147 78.66 70.64 61.78
C GLN BA 1147 78.41 69.25 62.33
N GLN BA 1148 79.40 68.37 62.27
CA GLN BA 1148 79.29 67.07 62.89
C GLN BA 1148 79.12 67.23 64.40
N SER BA 1149 78.20 66.46 64.96
CA SER BA 1149 77.83 66.61 66.37
C SER BA 1149 78.68 65.69 67.23
N VAL BA 1150 79.01 66.19 68.42
CA VAL BA 1150 79.83 65.44 69.37
C VAL BA 1150 78.91 64.66 70.30
N CYS BA 1151 79.16 63.37 70.43
CA CYS BA 1151 78.41 62.53 71.35
C CYS BA 1151 79.23 62.26 72.60
N GLU BA 1152 78.56 61.77 73.64
CA GLU BA 1152 79.20 61.46 74.90
C GLU BA 1152 78.91 60.01 75.27
N PHE BA 1153 79.41 59.59 76.42
CA PHE BA 1153 79.23 58.23 76.89
C PHE BA 1153 79.16 58.22 78.40
N ILE BA 1154 78.18 57.49 78.94
CA ILE BA 1154 77.94 57.42 80.37
C ILE BA 1154 77.75 55.96 80.74
N ALA BA 1155 78.62 55.44 81.59
CA ALA BA 1155 78.56 54.03 81.96
C ALA BA 1155 77.41 53.80 82.94
N THR BA 1156 76.53 52.86 82.57
CA THR BA 1156 75.37 52.50 83.37
C THR BA 1156 75.35 51.00 83.59
N PRO BA 1157 74.69 50.53 84.64
CA PRO BA 1157 74.57 49.08 84.84
C PRO BA 1157 73.73 48.44 83.75
N VAL BA 1158 74.01 47.16 83.50
CA VAL BA 1158 73.31 46.44 82.44
C VAL BA 1158 71.83 46.30 82.77
N SER BA 1159 71.51 46.06 84.03
CA SER BA 1159 70.15 45.76 84.48
C SER BA 1159 69.21 46.95 84.43
N VAL BA 1160 69.60 48.13 83.92
CA VAL BA 1160 68.63 49.19 83.73
C VAL BA 1160 67.55 48.71 82.78
N ASP BA 1161 66.30 49.04 83.09
CA ASP BA 1161 65.17 48.60 82.27
C ASP BA 1161 64.98 49.53 81.09
N LEU BA 1162 64.54 48.96 79.97
CA LEU BA 1162 64.30 49.75 78.77
C LEU BA 1162 63.14 50.72 78.92
N ALA BA 1163 62.20 50.44 79.83
CA ALA BA 1163 61.05 51.33 80.03
C ALA BA 1163 61.46 52.73 80.45
N TYR BA 1164 62.73 52.96 80.78
CA TYR BA 1164 63.20 54.29 81.10
C TYR BA 1164 63.60 55.10 79.87
N PHE BA 1165 63.91 54.43 78.76
CA PHE BA 1165 64.31 55.13 77.54
C PHE BA 1165 63.23 55.09 76.46
N ARG BA 1166 62.11 54.42 76.69
CA ARG BA 1166 61.01 54.45 75.74
C ARG BA 1166 60.35 55.83 75.68
N ARG BA 1167 60.21 56.49 76.83
CA ARG BA 1167 59.70 57.85 76.91
C ARG BA 1167 60.87 58.81 77.09
N ALA BA 1168 60.55 60.10 77.10
CA ALA BA 1168 61.56 61.10 77.40
C ALA BA 1168 62.17 60.85 78.76
N CYS BA 1169 63.49 61.03 78.87
CA CYS BA 1169 64.19 60.68 80.09
C CYS BA 1169 65.25 61.73 80.39
N ASN BA 1170 66.02 61.48 81.45
CA ASN BA 1170 67.12 62.31 81.87
C ASN BA 1170 68.33 61.39 81.90
N PRO BA 1171 69.43 61.75 81.23
CA PRO BA 1171 70.60 60.85 81.22
C PRO BA 1171 71.19 60.60 82.59
N ARG BA 1172 70.94 61.50 83.56
CA ARG BA 1172 71.45 61.29 84.90
C ARG BA 1172 70.69 60.20 85.66
N GLY BA 1173 69.64 59.66 85.07
CA GLY BA 1173 68.83 58.66 85.74
C GLY BA 1173 68.04 59.17 86.92
N ARG BA 1174 67.98 60.48 87.13
CA ARG BA 1174 67.24 61.06 88.24
C ARG BA 1174 66.89 62.50 87.86
N ALA BA 1175 65.60 62.77 87.67
CA ALA BA 1175 65.16 64.07 87.21
C ALA BA 1175 65.58 65.16 88.20
N ALA BA 1176 65.72 66.38 87.68
CA ALA BA 1176 66.22 67.48 88.48
C ALA BA 1176 65.87 68.80 87.81
N GLY BA 1177 66.21 69.90 88.48
CA GLY BA 1177 66.09 71.22 87.94
C GLY BA 1177 65.34 72.13 88.89
N GLU BA 1178 65.22 73.40 88.49
CA GLU BA 1178 64.40 74.35 89.23
C GLU BA 1178 62.92 74.04 89.11
N VAL BA 1179 62.55 73.23 88.12
CA VAL BA 1179 61.14 72.91 87.89
C VAL BA 1179 60.59 72.05 89.01
N HIS BA 1180 61.28 70.98 89.36
CA HIS BA 1180 60.87 70.13 90.45
C HIS BA 1180 61.19 70.74 91.82
N GLY BA 1181 61.88 71.88 91.83
CA GLY BA 1181 62.01 72.74 92.99
C GLY BA 1181 62.66 72.11 94.22
N GLU BA 1182 62.60 72.87 95.31
CA GLU BA 1182 62.99 72.45 96.65
C GLU BA 1182 64.51 72.42 96.83
N GLU BA 1183 65.26 72.56 95.73
CA GLU BA 1183 66.68 72.94 95.77
C GLU BA 1183 67.56 71.89 96.46
N GLY BA 1184 67.07 70.67 96.66
CA GLY BA 1184 67.88 69.67 97.32
C GLY BA 1184 67.79 68.26 96.76
N LEU BA 1185 66.95 68.07 95.74
CA LEU BA 1185 66.74 66.74 95.19
C LEU BA 1185 67.80 66.34 94.18
N MET BA 1186 68.66 67.27 93.75
CA MET BA 1186 69.62 66.95 92.70
C MET BA 1186 70.64 65.91 93.15
N PHE BA 1187 70.96 65.87 94.45
CA PHE BA 1187 72.03 65.01 94.94
C PHE BA 1187 71.68 64.24 96.20
N ASP BA 1188 70.49 64.42 96.76
CA ASP BA 1188 70.10 63.63 97.92
C ASP BA 1188 69.63 62.24 97.48
N HIS BA 1189 69.68 61.29 98.42
CA HIS BA 1189 69.22 59.95 98.13
C HIS BA 1189 68.39 59.37 99.28
N SER BA 1190 68.01 60.18 100.26
CA SER BA 1190 67.04 59.80 101.27
C SER BA 1190 65.62 60.11 100.83
N HIS BA 1191 65.43 60.56 99.59
CA HIS BA 1191 64.14 60.99 99.07
C HIS BA 1191 63.90 60.34 97.71
N ALA BA 1192 62.63 60.05 97.43
CA ALA BA 1192 62.29 59.39 96.18
C ALA BA 1192 62.54 60.30 94.98
N ASP BA 1193 62.90 59.68 93.87
CA ASP BA 1193 63.05 60.39 92.61
C ASP BA 1193 61.68 60.83 92.11
N PRO BA 1194 61.44 62.13 91.92
CA PRO BA 1194 60.11 62.59 91.51
C PRO BA 1194 59.62 61.95 90.22
N ALA BA 1195 60.49 61.71 89.24
CA ALA BA 1195 60.05 61.17 87.96
C ALA BA 1195 59.53 59.75 88.09
N HIS BA 1196 60.18 58.94 88.92
CA HIS BA 1196 59.82 57.53 89.12
C HIS BA 1196 59.89 57.22 90.61
N PRO BA 1197 58.82 57.51 91.34
CA PRO BA 1197 58.84 57.32 92.79
C PRO BA 1197 58.91 55.86 93.23
N HIS BA 1198 58.86 54.93 92.28
CA HIS BA 1198 59.06 53.53 92.61
C HIS BA 1198 60.44 53.26 93.19
N ARG BA 1199 61.41 54.11 92.87
CA ARG BA 1199 62.80 53.86 93.22
C ARG BA 1199 63.44 55.20 93.58
N ALA BA 1200 64.77 55.20 93.72
CA ALA BA 1200 65.51 56.41 94.04
C ALA BA 1200 66.31 56.95 92.86
N THR BA 1201 66.86 56.07 92.03
CA THR BA 1201 67.61 56.48 90.86
C THR BA 1201 67.54 55.38 89.82
N ALA BA 1202 68.05 55.66 88.63
CA ALA BA 1202 68.21 54.67 87.58
C ALA BA 1202 69.66 54.33 87.32
N ASN BA 1203 70.58 55.23 87.66
CA ASN BA 1203 72.01 55.01 87.53
C ASN BA 1203 72.71 55.44 88.80
N PRO BA 1204 73.08 54.51 89.68
CA PRO BA 1204 73.86 54.89 90.87
C PRO BA 1204 75.25 55.41 90.54
N TRP BA 1205 75.78 55.11 89.37
CA TRP BA 1205 77.13 55.52 88.99
C TRP BA 1205 77.16 56.93 88.41
N ALA BA 1206 76.02 57.62 88.30
CA ALA BA 1206 76.01 58.97 87.76
C ALA BA 1206 75.07 59.93 88.47
N SER BA 1207 74.40 59.52 89.55
CA SER BA 1207 73.39 60.35 90.19
C SER BA 1207 73.76 60.74 91.61
N GLN BA 1208 74.95 60.38 92.09
CA GLN BA 1208 75.39 60.74 93.43
C GLN BA 1208 76.59 61.66 93.34
N ARG BA 1209 76.72 62.53 94.34
CA ARG BA 1209 77.84 63.46 94.38
C ARG BA 1209 79.16 62.71 94.37
N HIS BA 1210 80.12 63.22 93.59
CA HIS BA 1210 81.45 62.61 93.46
C HIS BA 1210 81.36 61.18 92.92
N SER BA 1211 80.44 60.94 92.01
CA SER BA 1211 80.40 59.66 91.32
C SER BA 1211 81.42 59.67 90.18
N TYR BA 1212 81.48 58.58 89.42
CA TYR BA 1212 82.42 58.52 88.31
C TYR BA 1212 82.01 59.48 87.20
N ALA BA 1213 80.79 59.33 86.69
CA ALA BA 1213 80.32 60.17 85.60
C ALA BA 1213 80.18 61.63 86.03
N ASP BA 1214 80.08 61.90 87.33
CA ASP BA 1214 79.93 63.27 87.79
C ASP BA 1214 81.25 64.03 87.73
N ARG BA 1215 82.33 63.43 88.24
CA ARG BA 1215 83.64 64.08 88.24
C ARG BA 1215 84.16 64.38 86.84
N LEU BA 1216 83.55 63.84 85.80
CA LEU BA 1216 83.96 64.09 84.43
C LEU BA 1216 83.17 65.21 83.76
N TYR BA 1217 81.87 65.28 84.03
CA TYR BA 1217 81.00 66.16 83.29
C TYR BA 1217 80.46 67.34 84.10
N ASN BA 1218 80.55 67.30 85.43
CA ASN BA 1218 80.16 68.45 86.22
C ASN BA 1218 81.07 69.64 85.91
N GLY BA 1219 80.51 70.85 86.03
CA GLY BA 1219 81.22 72.04 85.63
C GLY BA 1219 82.10 72.65 86.70
N GLN BA 1220 81.71 72.53 87.97
CA GLN BA 1220 82.47 73.16 89.04
C GLN BA 1220 83.88 72.58 89.15
N TYR BA 1221 84.05 71.31 88.77
CA TYR BA 1221 85.30 70.61 88.98
C TYR BA 1221 86.34 70.90 87.90
N ASN BA 1222 85.95 71.55 86.81
CA ASN BA 1222 86.86 72.13 85.82
C ASN BA 1222 87.78 71.08 85.21
N MET BA 1223 87.16 70.16 84.47
CA MET BA 1223 87.87 69.25 83.57
C MET BA 1223 87.53 69.58 82.13
N SER BA 1224 87.51 70.87 81.80
CA SER BA 1224 87.03 71.36 80.52
C SER BA 1224 88.05 71.10 79.42
N GLY BA 1225 87.56 71.11 78.18
CA GLY BA 1225 88.38 70.98 77.00
C GLY BA 1225 87.80 71.77 75.86
N PRO BA 1226 88.34 71.59 74.66
CA PRO BA 1226 87.82 72.34 73.51
C PRO BA 1226 86.49 71.80 73.02
N ALA BA 1227 86.33 70.48 73.05
CA ALA BA 1227 85.11 69.86 72.53
C ALA BA 1227 83.93 70.19 73.43
N TYR BA 1228 82.82 70.52 72.79
CA TYR BA 1228 81.57 70.79 73.50
C TYR BA 1228 81.09 69.53 74.20
N SER BA 1229 80.53 69.71 75.39
CA SER BA 1229 80.00 68.60 76.17
C SER BA 1229 78.48 68.73 76.22
N PRO BA 1230 77.75 68.00 75.37
CA PRO BA 1230 76.29 68.15 75.37
C PRO BA 1230 75.63 67.71 76.66
N CYS BA 1231 76.31 66.91 77.48
CA CYS BA 1231 75.79 66.50 78.78
C CYS BA 1231 76.19 67.47 79.90
N PHE BA 1232 76.51 68.71 79.55
CA PHE BA 1232 76.92 69.69 80.56
C PHE BA 1232 75.74 70.15 81.40
N LYS BA 1233 74.71 70.70 80.77
CA LYS BA 1233 73.57 71.27 81.48
C LYS BA 1233 72.81 70.24 82.32
N PHE BA 1234 73.04 68.95 82.12
CA PHE BA 1234 72.30 67.92 82.82
C PHE BA 1234 72.90 67.57 84.19
N PHE BA 1235 74.12 68.02 84.47
CA PHE BA 1235 74.79 67.66 85.71
C PHE BA 1235 75.15 68.86 86.57
N THR BA 1236 75.59 69.96 85.97
CA THR BA 1236 75.93 71.15 86.74
C THR BA 1236 74.69 71.67 87.47
N PRO BA 1237 74.60 71.54 88.78
CA PRO BA 1237 73.35 71.89 89.48
C PRO BA 1237 73.17 73.38 89.68
N ALA BA 1238 74.25 74.08 90.04
CA ALA BA 1238 74.17 75.47 90.48
C ALA BA 1238 73.59 76.41 89.43
N GLU BA 1239 73.56 76.01 88.17
CA GLU BA 1239 73.00 76.87 87.13
C GLU BA 1239 71.48 76.98 87.20
N ALA BA 1240 70.83 76.29 88.15
CA ALA BA 1240 69.38 76.25 88.20
C ALA BA 1240 68.80 77.29 89.18
N VAL BA 1241 69.22 77.24 90.44
CA VAL BA 1241 68.59 77.98 91.51
C VAL BA 1241 68.59 79.49 91.31
N ALA BA 1242 69.46 80.02 90.43
CA ALA BA 1242 69.62 81.46 90.31
C ALA BA 1242 68.33 82.17 89.93
N LYS BA 1243 67.40 81.45 89.30
CA LYS BA 1243 66.16 82.03 88.79
C LYS BA 1243 64.94 81.59 89.58
N SER BA 1244 65.05 81.55 90.91
CA SER BA 1244 63.97 81.12 91.79
C SER BA 1244 62.69 81.93 91.63
N ARG BA 1245 62.76 83.06 90.94
CA ARG BA 1245 61.59 83.90 90.72
C ARG BA 1245 60.57 83.24 89.81
N GLY BA 1246 59.46 83.93 89.56
CA GLY BA 1246 58.34 83.38 88.81
C GLY BA 1246 58.69 82.82 87.45
N LEU BA 1247 57.95 81.79 87.03
CA LEU BA 1247 58.19 81.14 85.74
C LEU BA 1247 58.21 82.14 84.59
N ALA BA 1248 57.53 83.27 84.72
CA ALA BA 1248 57.61 84.32 83.71
C ALA BA 1248 59.06 84.71 83.45
N ARG BA 1249 59.84 84.86 84.51
CA ARG BA 1249 61.27 85.11 84.35
C ARG BA 1249 61.98 83.92 83.73
N LEU BA 1250 61.56 82.70 84.07
CA LEU BA 1250 62.14 81.50 83.47
C LEU BA 1250 61.65 81.26 82.06
N ILE BA 1251 60.39 81.60 81.77
CA ILE BA 1251 59.85 81.41 80.42
C ILE BA 1251 60.53 82.34 79.43
N ALA BA 1252 60.66 83.62 79.81
CA ALA BA 1252 61.15 84.64 78.88
C ALA BA 1252 62.55 84.33 78.36
N ASP BA 1253 63.38 83.68 79.18
CA ASP BA 1253 64.75 83.41 78.75
C ASP BA 1253 64.86 82.18 77.86
N THR BA 1254 63.92 81.24 77.97
CA THR BA 1254 63.97 80.04 77.14
C THR BA 1254 63.91 80.35 75.66
N GLY BA 1255 63.25 81.44 75.27
CA GLY BA 1255 63.19 81.80 73.86
C GLY BA 1255 64.54 82.21 73.29
N ALA BA 1256 65.25 83.08 74.02
CA ALA BA 1256 66.46 83.70 73.51
C ALA BA 1256 67.58 83.68 74.54
N ALA BA 1257 67.81 82.51 75.14
CA ALA BA 1257 68.78 82.40 76.23
C ALA BA 1257 70.20 82.75 75.82
N ALA BA 1258 70.81 81.90 74.97
CA ALA BA 1258 72.21 82.05 74.59
C ALA BA 1258 72.54 80.95 73.59
N SER BA 1259 73.65 81.14 72.88
CA SER BA 1259 74.14 80.16 71.93
C SER BA 1259 75.41 79.51 72.48
N PRO BA 1260 75.32 78.36 73.15
CA PRO BA 1260 76.50 77.72 73.75
C PRO BA 1260 77.29 76.85 72.78
N THR BA 1261 77.55 77.39 71.59
CA THR BA 1261 78.29 76.64 70.58
C THR BA 1261 78.91 77.62 69.60
N SER BA 1262 80.00 77.19 68.99
CA SER BA 1262 80.68 77.98 67.97
C SER BA 1262 80.08 77.68 66.59
N ASN BA 1263 80.21 78.65 65.69
CA ASN BA 1263 79.75 78.49 64.32
C ASN BA 1263 80.98 78.19 63.46
N GLY BA 1264 81.42 76.94 63.51
CA GLY BA 1264 82.58 76.51 62.75
C GLY BA 1264 82.34 75.20 62.04
N GLU BA 1265 83.39 74.39 61.91
CA GLU BA 1265 83.27 73.09 61.27
C GLU BA 1265 82.87 71.98 62.24
N TYR BA 1266 83.33 72.05 63.49
CA TYR BA 1266 82.94 71.12 64.54
C TYR BA 1266 82.18 71.89 65.62
N GLN BA 1267 81.83 71.19 66.69
CA GLN BA 1267 81.11 71.79 67.82
C GLN BA 1267 82.11 72.01 68.95
N PHE BA 1268 82.52 73.27 69.12
CA PHE BA 1268 83.27 73.71 70.28
C PHE BA 1268 82.36 74.61 71.11
N LYS BA 1269 82.91 75.17 72.19
CA LYS BA 1269 82.25 76.23 72.92
C LYS BA 1269 82.67 77.56 72.31
N ARG BA 1270 81.72 78.34 71.86
CA ARG BA 1270 82.03 79.68 71.40
C ARG BA 1270 82.60 80.45 72.58
N PRO BA 1271 83.89 80.77 72.60
CA PRO BA 1271 84.54 81.23 73.83
C PRO BA 1271 83.92 82.51 74.40
N VAL BA 1272 83.99 83.60 73.64
CA VAL BA 1272 83.47 84.90 74.05
C VAL BA 1272 82.96 85.62 72.81
N GLY BA 1273 82.42 86.81 73.01
CA GLY BA 1273 82.10 87.69 71.91
C GLY BA 1273 80.61 87.78 71.58
N ALA BA 1274 80.29 87.87 70.30
CA ALA BA 1274 78.90 87.96 69.88
C ALA BA 1274 78.16 86.68 70.22
N GLY BA 1275 76.85 86.81 70.39
CA GLY BA 1275 76.02 85.67 70.76
C GLY BA 1275 74.79 85.57 69.89
N GLU BA 1276 74.38 84.34 69.58
CA GLU BA 1276 73.22 84.09 68.75
C GLU BA 1276 71.99 83.84 69.61
N LEU BA 1277 70.87 83.58 68.94
CA LEU BA 1277 69.61 83.31 69.62
C LEU BA 1277 69.14 81.91 69.24
N VAL BA 1278 68.74 81.13 70.24
CA VAL BA 1278 68.26 79.77 70.04
C VAL BA 1278 67.38 79.40 71.23
N GLU BA 1279 66.22 78.82 70.95
CA GLU BA 1279 65.32 78.41 72.02
C GLU BA 1279 65.67 77.00 72.48
N ASP BA 1280 65.88 76.84 73.79
CA ASP BA 1280 66.33 75.59 74.39
C ASP BA 1280 65.24 75.10 75.34
N PRO BA 1281 64.32 74.27 74.86
CA PRO BA 1281 63.32 73.69 75.76
C PRO BA 1281 63.92 72.71 76.75
N CYS BA 1282 65.13 72.21 76.50
CA CYS BA 1282 65.76 71.25 77.39
C CYS BA 1282 66.31 71.89 78.65
N ALA BA 1283 66.73 73.16 78.60
CA ALA BA 1283 67.17 73.84 79.80
C ALA BA 1283 66.05 73.96 80.82
N LEU BA 1284 64.80 74.03 80.36
CA LEU BA 1284 63.66 74.11 81.26
C LEU BA 1284 63.28 72.76 81.86
N PHE BA 1285 63.34 71.68 81.08
CA PHE BA 1285 62.94 70.37 81.56
C PHE BA 1285 64.10 69.48 81.98
N GLN BA 1286 65.34 69.84 81.64
CA GLN BA 1286 66.52 69.02 81.88
C GLN BA 1286 66.32 67.61 81.34
N GLU BA 1287 65.49 67.49 80.30
CA GLU BA 1287 65.05 66.21 79.79
C GLU BA 1287 65.48 66.06 78.33
N ALA BA 1288 65.67 64.82 77.92
CA ALA BA 1288 66.06 64.48 76.55
C ALA BA 1288 64.98 63.60 75.93
N TYR BA 1289 65.16 63.32 74.64
CA TYR BA 1289 64.18 62.56 73.88
C TYR BA 1289 64.87 61.46 73.09
N PRO BA 1290 64.32 60.25 73.05
CA PRO BA 1290 64.95 59.18 72.29
C PRO BA 1290 64.50 59.21 70.83
N PRO BA 1291 65.44 59.20 69.89
CA PRO BA 1291 65.10 59.17 68.48
C PRO BA 1291 65.00 57.74 67.96
N LEU BA 1292 64.63 57.63 66.68
CA LEU BA 1292 64.50 56.32 66.06
C LEU BA 1292 65.83 55.59 66.07
N CYS BA 1293 65.89 54.51 66.85
CA CYS BA 1293 67.12 53.76 67.02
C CYS BA 1293 66.77 52.30 67.27
N ALA BA 1294 67.73 51.42 66.99
CA ALA BA 1294 67.54 49.99 67.16
C ALA BA 1294 68.90 49.33 67.28
N SER BA 1295 68.90 48.09 67.75
CA SER BA 1295 70.11 47.35 68.02
C SER BA 1295 70.60 46.53 66.84
N ASP BA 1296 69.95 46.65 65.69
CA ASP BA 1296 70.32 45.87 64.52
C ASP BA 1296 69.75 46.57 63.28
N SER BA 1297 70.61 46.75 62.29
CA SER BA 1297 70.19 47.36 61.03
C SER BA 1297 68.99 46.63 60.43
N ALA BA 1298 68.92 45.31 60.60
CA ALA BA 1298 67.85 44.51 60.01
C ALA BA 1298 66.48 44.82 60.59
N LEU BA 1299 66.38 45.67 61.62
CA LEU BA 1299 65.11 45.96 62.27
C LEU BA 1299 64.57 47.34 61.89
N LEU BA 1300 65.15 47.98 60.88
CA LEU BA 1300 64.76 49.33 60.50
C LEU BA 1300 64.32 49.48 59.06
N ARG BA 1301 64.14 48.39 58.32
CA ARG BA 1301 63.64 48.49 56.97
C ARG BA 1301 62.22 49.05 56.96
N THR BA 1302 61.74 49.40 55.76
CA THR BA 1302 60.50 50.16 55.65
C THR BA 1302 59.25 49.45 56.21
N PRO BA 1303 59.12 48.06 56.22
CA PRO BA 1303 57.95 47.45 56.86
C PRO BA 1303 58.15 47.22 58.35
N LEU BA 1304 58.62 48.25 59.05
CA LEU BA 1304 58.88 48.12 60.48
C LEU BA 1304 57.56 47.97 61.23
N GLY BA 1305 57.36 46.80 61.83
CA GLY BA 1305 56.15 46.55 62.58
C GLY BA 1305 56.41 45.74 63.84
N ALA BA 1306 57.68 45.40 64.06
CA ALA BA 1306 58.09 44.65 65.24
C ALA BA 1306 58.77 45.60 66.20
N GLU BA 1307 58.25 45.69 67.43
CA GLU BA 1307 58.81 46.64 68.38
C GLU BA 1307 60.03 46.05 69.08
N GLU BA 1308 60.05 44.74 69.31
CA GLU BA 1308 61.21 44.09 69.91
C GLU BA 1308 61.35 42.69 69.33
N HIS BA 1309 62.41 42.02 69.73
CA HIS BA 1309 62.77 40.71 69.21
C HIS BA 1309 63.43 39.92 70.33
N PHE BA 1310 64.13 38.84 69.99
CA PHE BA 1310 64.70 37.95 70.99
C PHE BA 1310 65.57 38.71 71.98
N ALA BA 1311 66.56 39.46 71.50
CA ALA BA 1311 67.41 40.23 72.37
C ALA BA 1311 67.65 41.66 71.89
N GLN BA 1312 67.14 42.03 70.72
CA GLN BA 1312 67.29 43.39 70.21
C GLN BA 1312 66.14 44.24 70.72
N TYR BA 1313 66.09 45.50 70.31
CA TYR BA 1313 65.03 46.40 70.74
C TYR BA 1313 64.94 47.56 69.76
N LEU BA 1314 63.82 48.29 69.82
CA LEU BA 1314 63.55 49.36 68.86
C LEU BA 1314 62.79 50.46 69.60
N ILE BA 1315 63.52 51.50 69.98
CA ILE BA 1315 62.89 52.74 70.45
C ILE BA 1315 62.37 53.48 69.23
N ARG BA 1316 61.05 53.65 69.14
CA ARG BA 1316 60.46 54.04 67.85
C ARG BA 1316 60.69 55.51 67.55
N ASP BA 1317 60.04 56.41 68.30
CA ASP BA 1317 60.20 57.86 68.20
C ASP BA 1317 59.45 58.57 69.32
N GLU BA 1318 60.07 59.60 69.91
CA GLU BA 1318 59.35 60.48 70.84
C GLU BA 1318 59.83 61.93 70.82
N SER BA 1319 60.77 62.27 69.96
CA SER BA 1319 61.27 63.64 69.86
C SER BA 1319 60.14 64.54 69.32
N PRO BA 1320 60.29 65.87 69.35
CA PRO BA 1320 59.25 66.71 68.73
C PRO BA 1320 59.38 66.71 67.22
N LEU BA 1321 59.58 65.52 66.64
CA LEU BA 1321 59.76 65.34 65.21
C LEU BA 1321 59.05 64.09 64.72
N LYS BA 1322 58.01 63.65 65.42
CA LYS BA 1322 57.30 62.43 65.04
C LYS BA 1322 56.43 62.68 63.79
N GLY BA 1323 57.13 62.95 62.70
CA GLY BA 1323 56.51 63.32 61.45
C GLY BA 1323 57.29 64.41 60.75
N ALA CA 10 57.29 12.69 -53.36
CA ALA CA 10 58.26 12.50 -52.29
C ALA CA 10 57.84 11.34 -51.40
N ALA CA 11 56.88 10.56 -51.87
CA ALA CA 11 56.38 9.42 -51.11
C ALA CA 11 57.46 8.35 -51.02
N ALA CA 12 57.91 8.07 -49.80
CA ALA CA 12 58.97 7.11 -49.56
C ALA CA 12 58.64 6.24 -48.35
N ILE CA 13 59.33 5.11 -48.26
CA ILE CA 13 59.06 4.13 -47.20
C ILE CA 13 59.55 4.68 -45.88
N PRO CA 14 58.76 4.62 -44.81
CA PRO CA 14 59.23 5.05 -43.50
C PRO CA 14 60.10 4.00 -42.84
N GLY CA 15 60.88 4.44 -41.85
CA GLY CA 15 61.85 3.61 -41.19
C GLY CA 15 61.38 3.17 -39.82
N SER CA 16 61.30 1.85 -39.62
CA SER CA 16 60.89 1.27 -38.36
C SER CA 16 61.70 0.02 -38.09
N ALA CA 17 61.86 -0.31 -36.81
CA ALA CA 17 62.75 -1.39 -36.43
C ALA CA 17 62.28 -2.75 -36.92
N ARG CA 18 61.06 -2.84 -37.43
CA ARG CA 18 60.60 -4.11 -38.00
C ARG CA 18 61.26 -4.42 -39.33
N HIS CA 19 62.10 -3.51 -39.84
CA HIS CA 19 62.87 -3.78 -41.04
C HIS CA 19 64.11 -4.58 -40.64
N PHE CA 20 64.40 -5.62 -41.41
CA PHE CA 20 65.63 -6.38 -41.19
C PHE CA 20 66.29 -6.67 -42.52
N ILE CA 21 67.54 -7.12 -42.44
CA ILE CA 21 68.35 -7.39 -43.61
C ILE CA 21 69.16 -8.65 -43.30
N ALA CA 22 68.89 -9.73 -44.03
CA ALA CA 22 69.47 -11.01 -43.68
C ALA CA 22 70.52 -11.38 -44.71
N PRO CA 23 71.81 -11.16 -44.42
CA PRO CA 23 72.83 -11.44 -45.42
C PRO CA 23 73.13 -12.93 -45.48
N PRO CA 24 73.43 -13.45 -46.65
CA PRO CA 24 73.77 -14.88 -46.76
C PRO CA 24 75.18 -15.12 -46.27
N PHE CA 25 75.30 -15.72 -45.09
CA PHE CA 25 76.62 -15.97 -44.56
C PHE CA 25 77.04 -17.40 -44.84
N PRO CA 26 78.31 -17.61 -45.21
CA PRO CA 26 78.83 -18.98 -45.33
C PRO CA 26 79.13 -19.55 -43.95
N VAL CA 27 78.47 -20.65 -43.60
CA VAL CA 27 78.47 -21.17 -42.25
C VAL CA 27 79.85 -21.45 -41.69
N GLY CA 28 80.89 -21.40 -42.53
CA GLY CA 28 82.25 -21.51 -42.04
C GLY CA 28 82.88 -20.15 -41.79
N PHE CA 29 82.04 -19.12 -41.68
CA PHE CA 29 82.54 -17.77 -41.50
C PHE CA 29 83.27 -17.56 -40.19
N TRP CA 30 83.10 -18.47 -39.22
CA TRP CA 30 83.66 -18.19 -37.90
C TRP CA 30 85.15 -18.47 -37.85
N ALA CA 31 85.53 -19.73 -38.07
CA ALA CA 31 86.89 -20.19 -37.73
C ALA CA 31 87.89 -19.74 -38.78
N ARG CA 32 87.92 -18.43 -39.01
CA ARG CA 32 88.96 -17.85 -39.84
C ARG CA 32 90.30 -18.04 -39.14
N PRO CA 33 91.28 -18.65 -39.80
CA PRO CA 33 92.50 -19.08 -39.11
C PRO CA 33 93.23 -17.97 -38.38
N GLY CA 34 93.65 -16.93 -39.11
CA GLY CA 34 94.38 -15.84 -38.49
C GLY CA 34 93.53 -14.89 -37.66
N PHE CA 35 92.24 -15.20 -37.49
CA PHE CA 35 91.33 -14.30 -36.82
C PHE CA 35 91.21 -14.68 -35.35
N GLY CA 36 91.15 -13.67 -34.50
CA GLY CA 36 91.04 -13.84 -33.05
C GLY CA 36 92.36 -14.09 -32.39
N GLU CA 37 93.23 -14.85 -33.05
CA GLU CA 37 94.55 -15.15 -32.50
C GLU CA 37 95.35 -13.87 -32.34
N GLY CA 38 96.15 -13.82 -31.27
CA GLY CA 38 97.05 -12.71 -31.07
C GLY CA 38 98.01 -12.58 -32.24
N LEU CA 39 97.90 -11.48 -32.99
CA LEU CA 39 98.62 -11.35 -34.25
C LEU CA 39 100.13 -11.42 -34.04
N ASP CA 40 100.76 -12.41 -34.66
CA ASP CA 40 102.19 -12.64 -34.51
C ASP CA 40 102.99 -11.96 -35.61
N ALA CA 41 102.72 -12.30 -36.87
CA ALA CA 41 103.61 -11.92 -37.95
C ALA CA 41 103.75 -10.42 -38.09
N ARG CA 42 102.73 -9.66 -37.72
CA ARG CA 42 102.79 -8.21 -37.90
C ARG CA 42 103.74 -7.58 -36.89
N LEU CA 43 103.52 -7.85 -35.60
CA LEU CA 43 104.43 -7.35 -34.58
C LEU CA 43 105.85 -7.82 -34.82
N ALA CA 44 106.00 -9.09 -35.20
CA ALA CA 44 107.33 -9.64 -35.45
C ALA CA 44 108.02 -8.94 -36.61
N LEU CA 45 107.32 -8.80 -37.74
CA LEU CA 45 107.91 -8.14 -38.90
C LEU CA 45 108.26 -6.70 -38.59
N ALA CA 46 107.40 -6.01 -37.83
CA ALA CA 46 107.69 -4.63 -37.46
C ALA CA 46 108.97 -4.56 -36.63
N HIS CA 47 109.09 -5.45 -35.64
CA HIS CA 47 110.30 -5.47 -34.82
C HIS CA 47 111.53 -5.75 -35.67
N ALA CA 48 111.41 -6.70 -36.59
CA ALA CA 48 112.54 -7.05 -37.46
C ALA CA 48 113.00 -5.86 -38.27
N ASN CA 49 112.07 -5.22 -38.99
CA ASN CA 49 112.45 -4.09 -39.84
C ASN CA 49 112.98 -2.93 -39.01
N ALA CA 50 112.39 -2.68 -37.83
CA ALA CA 50 112.86 -1.58 -37.00
C ALA CA 50 114.30 -1.81 -36.57
N ARG CA 51 114.60 -3.03 -36.11
CA ARG CA 51 115.97 -3.34 -35.73
C ARG CA 51 116.90 -3.22 -36.91
N ARG CA 52 116.50 -3.72 -38.08
CA ARG CA 52 117.38 -3.71 -39.24
C ARG CA 52 117.67 -2.28 -39.70
N ARG CA 53 116.70 -1.37 -39.53
CA ARG CA 53 116.95 0.01 -39.92
C ARG CA 53 117.81 0.73 -38.89
N ALA CA 54 117.53 0.53 -37.61
CA ALA CA 54 118.31 1.19 -36.57
C ALA CA 54 119.75 0.70 -36.57
N ALA CA 55 119.98 -0.57 -36.89
CA ALA CA 55 121.34 -1.08 -36.95
C ALA CA 55 122.13 -0.44 -38.07
N ALA CA 56 121.52 -0.29 -39.24
CA ALA CA 56 122.19 0.40 -40.33
C ALA CA 56 122.49 1.83 -39.96
N ALA CA 57 121.53 2.51 -39.32
CA ALA CA 57 121.75 3.89 -38.92
C ALA CA 57 122.93 4.00 -37.96
N ALA CA 58 122.95 3.15 -36.93
CA ALA CA 58 124.03 3.22 -35.94
C ALA CA 58 125.37 2.83 -36.54
N LEU CA 59 125.38 1.87 -37.46
CA LEU CA 59 126.63 1.49 -38.12
C LEU CA 59 127.17 2.65 -38.95
N ASP CA 60 126.30 3.33 -39.69
CA ASP CA 60 126.73 4.50 -40.44
C ASP CA 60 127.25 5.58 -39.51
N ASN CA 61 126.59 5.77 -38.36
CA ASN CA 61 127.06 6.75 -37.40
C ASN CA 61 128.46 6.43 -36.90
N ALA CA 62 128.69 5.19 -36.46
CA ALA CA 62 130.01 4.82 -35.95
C ALA CA 62 131.07 4.94 -37.03
N MET CA 63 130.76 4.48 -38.24
CA MET CA 63 131.72 4.61 -39.34
C MET CA 63 132.04 6.06 -39.62
N ALA CA 64 131.06 6.96 -39.45
CA ALA CA 64 131.31 8.38 -39.71
C ALA CA 64 132.42 8.93 -38.83
N ALA CA 65 132.54 8.43 -37.60
CA ALA CA 65 133.66 8.82 -36.74
C ALA CA 65 134.92 8.03 -37.09
N GLY CA 66 134.76 6.74 -37.37
CA GLY CA 66 135.91 5.89 -37.67
C GLY CA 66 136.60 6.22 -38.97
N ALA CA 67 136.01 7.10 -39.79
CA ALA CA 67 136.62 7.44 -41.08
C ALA CA 67 137.93 8.22 -40.96
N ARG CA 68 138.52 8.36 -39.77
CA ARG CA 68 139.76 9.09 -39.59
C ARG CA 68 140.88 8.23 -38.99
N LEU CA 69 140.70 6.91 -38.93
CA LEU CA 69 141.62 6.07 -38.17
C LEU CA 69 143.01 6.05 -38.79
N GLU CA 70 143.11 5.61 -40.05
CA GLU CA 70 144.42 5.53 -40.70
C GLU CA 70 145.06 6.90 -40.79
N ALA CA 71 144.27 7.95 -41.02
CA ALA CA 71 144.82 9.29 -41.09
C ALA CA 71 145.45 9.71 -39.77
N GLU CA 72 144.76 9.44 -38.66
CA GLU CA 72 145.34 9.77 -37.35
C GLU CA 72 146.60 8.96 -37.10
N VAL CA 73 146.56 7.66 -37.40
CA VAL CA 73 147.72 6.81 -37.16
C VAL CA 73 148.93 7.29 -37.96
N ASP CA 74 148.70 7.75 -39.19
CA ASP CA 74 149.80 8.24 -40.01
C ASP CA 74 150.31 9.58 -39.50
N GLU CA 75 149.40 10.47 -39.11
CA GLU CA 75 149.80 11.78 -38.62
C GLU CA 75 150.61 11.68 -37.33
N GLN CA 76 150.29 10.72 -36.46
CA GLN CA 76 150.88 10.72 -35.12
C GLN CA 76 152.40 10.58 -35.13
N LEU CA 77 152.96 9.95 -36.16
CA LEU CA 77 154.37 9.58 -36.15
C LEU CA 77 155.26 10.48 -36.99
N ARG CA 78 154.73 11.60 -37.49
CA ARG CA 78 155.57 12.56 -38.19
C ARG CA 78 156.73 13.11 -37.37
N PRO CA 79 156.67 13.20 -36.03
CA PRO CA 79 157.89 13.61 -35.30
C PRO CA 79 159.05 12.67 -35.50
N LEU CA 80 158.81 11.36 -35.54
CA LEU CA 80 159.91 10.42 -35.55
C LEU CA 80 160.71 10.49 -36.84
N GLU CA 81 160.17 11.12 -37.87
CA GLU CA 81 161.01 11.54 -39.00
C GLU CA 81 161.81 12.77 -38.63
N ARG CA 82 161.18 13.72 -37.93
CA ARG CA 82 161.88 14.92 -37.49
C ARG CA 82 162.86 14.64 -36.36
N GLN CA 83 162.72 13.50 -35.69
CA GLN CA 83 163.50 13.17 -34.51
C GLN CA 83 164.65 12.23 -34.83
N VAL CA 84 165.28 12.44 -35.97
CA VAL CA 84 166.49 11.69 -36.33
C VAL CA 84 167.43 12.59 -37.12
N ASP DA 44 89.11 103.72 30.46
CA ASP DA 44 90.27 104.27 31.14
C ASP DA 44 90.17 105.78 31.31
N ALA DA 45 91.19 106.51 30.87
CA ALA DA 45 91.34 107.93 31.20
C ALA DA 45 91.78 108.74 29.98
N LEU DA 46 91.17 108.48 28.82
CA LEU DA 46 91.48 109.28 27.64
C LEU DA 46 90.99 110.71 27.80
N LEU DA 47 91.68 111.63 27.16
CA LEU DA 47 91.24 113.03 27.10
C LEU DA 47 90.62 113.38 25.76
N GLY DA 48 91.09 112.76 24.68
CA GLY DA 48 90.58 113.07 23.36
C GLY DA 48 91.51 112.51 22.30
N THR DA 49 91.34 113.02 21.08
CA THR DA 49 92.14 112.59 19.95
C THR DA 49 92.80 113.80 19.31
N TYR DA 50 93.92 113.55 18.64
CA TYR DA 50 94.66 114.58 17.93
C TYR DA 50 95.11 113.98 16.60
N CYS DA 51 94.53 114.44 15.50
CA CYS DA 51 94.81 113.89 14.18
C CYS DA 51 95.66 114.89 13.41
N SER DA 52 96.94 114.58 13.28
CA SER DA 52 97.89 115.46 12.60
C SER DA 52 97.63 115.45 11.10
N THR DA 53 97.54 116.64 10.52
CA THR DA 53 97.41 116.74 9.08
C THR DA 53 98.69 116.25 8.40
N LEU DA 54 98.55 115.86 7.14
CA LEU DA 54 99.69 115.44 6.34
C LEU DA 54 100.26 116.65 5.61
N SER DA 55 101.27 116.40 4.77
CA SER DA 55 101.99 117.46 4.06
C SER DA 55 101.84 117.22 2.56
N LEU DA 56 100.79 117.79 1.98
CA LEU DA 56 100.57 117.65 0.55
C LEU DA 56 101.72 118.28 -0.23
N VAL DA 57 102.00 117.71 -1.39
CA VAL DA 57 103.06 118.20 -2.27
C VAL DA 57 102.48 118.36 -3.67
N ARG DA 58 102.70 119.53 -4.25
CA ARG DA 58 102.38 119.73 -5.66
C ARG DA 58 103.60 119.36 -6.50
N PHE DA 59 103.34 119.04 -7.77
CA PHE DA 59 104.47 118.74 -8.65
C PHE DA 59 105.03 119.99 -9.31
N LEU DA 60 104.18 120.93 -9.67
CA LEU DA 60 104.65 122.14 -10.32
C LEU DA 60 105.36 123.08 -9.38
N GLU DA 61 105.56 122.70 -8.12
CA GLU DA 61 106.32 123.52 -7.18
C GLU DA 61 107.76 123.06 -7.02
N LEU DA 62 108.05 121.78 -7.28
CA LEU DA 62 109.42 121.30 -7.21
C LEU DA 62 110.25 121.87 -8.34
N GLY DA 63 111.54 122.09 -8.05
CA GLY DA 63 112.45 122.54 -9.08
C GLY DA 63 112.71 121.52 -10.16
N LEU DA 64 112.37 120.26 -9.91
CA LEU DA 64 112.48 119.23 -10.93
C LEU DA 64 111.51 119.44 -12.08
N SER DA 65 110.43 120.21 -11.85
CA SER DA 65 109.42 120.40 -12.87
C SER DA 65 109.97 121.03 -14.14
N VAL DA 66 111.13 121.71 -14.06
CA VAL DA 66 111.71 122.33 -15.24
C VAL DA 66 111.92 121.29 -16.34
N ALA DA 67 112.55 120.16 -15.98
CA ALA DA 67 112.94 119.17 -16.97
C ALA DA 67 111.75 118.48 -17.62
N CYS DA 68 110.53 118.93 -17.31
CA CYS DA 68 109.32 118.32 -17.80
C CYS DA 68 108.41 119.37 -18.43
N VAL DA 69 107.57 118.91 -19.36
CA VAL DA 69 106.55 119.75 -19.98
C VAL DA 69 105.23 118.99 -19.84
N CYS DA 70 104.50 119.27 -18.77
CA CYS DA 70 103.25 118.56 -18.53
C CYS DA 70 102.14 119.14 -19.40
N THR DA 71 101.42 118.25 -20.10
CA THR DA 71 100.28 118.65 -20.91
C THR DA 71 99.18 117.60 -20.74
N LYS DA 72 97.93 118.07 -20.78
CA LYS DA 72 96.78 117.18 -20.66
C LYS DA 72 96.42 116.63 -22.03
N PHE DA 73 96.30 115.31 -22.11
CA PHE DA 73 95.96 114.60 -23.34
C PHE DA 73 94.76 113.71 -22.99
N PRO DA 74 93.55 114.25 -23.01
CA PRO DA 74 92.41 113.54 -22.40
C PRO DA 74 92.16 112.16 -22.96
N GLU DA 75 92.49 111.92 -24.23
CA GLU DA 75 92.32 110.60 -24.83
C GLU DA 75 93.71 110.05 -25.16
N LEU DA 76 94.34 109.45 -24.16
CA LEU DA 76 95.61 108.77 -24.32
C LEU DA 76 95.49 107.27 -24.21
N SER DA 77 94.60 106.78 -23.35
CA SER DA 77 94.38 105.35 -23.20
C SER DA 77 93.82 104.75 -24.48
N TYR DA 78 93.61 105.59 -25.48
CA TYR DA 78 93.12 105.16 -26.78
C TYR DA 78 94.16 105.26 -27.88
N VAL DA 79 95.03 106.26 -27.85
CA VAL DA 79 96.09 106.38 -28.83
C VAL DA 79 97.14 105.33 -28.49
N ALA DA 80 97.09 104.19 -29.19
CA ALA DA 80 98.00 103.10 -28.88
C ALA DA 80 99.39 103.32 -29.45
N GLU DA 81 99.49 104.11 -30.52
CA GLU DA 81 100.78 104.39 -31.14
C GLU DA 81 100.85 105.85 -31.55
N GLY DA 82 101.83 106.57 -31.04
CA GLY DA 82 102.01 107.96 -31.39
C GLY DA 82 103.45 108.29 -31.71
N THR DA 83 103.66 109.07 -32.77
CA THR DA 83 105.00 109.45 -33.19
C THR DA 83 104.96 110.91 -33.62
N ILE DA 84 105.77 111.74 -32.97
CA ILE DA 84 105.83 113.16 -33.29
C ILE DA 84 106.94 113.38 -34.31
N GLN DA 85 106.77 114.42 -35.13
CA GLN DA 85 107.74 114.80 -36.16
C GLN DA 85 108.40 116.09 -35.74
N PHE DA 86 109.71 116.04 -35.50
CA PHE DA 86 110.47 117.22 -35.12
C PHE DA 86 111.22 117.77 -36.32
N GLU DA 87 111.28 119.10 -36.39
CA GLU DA 87 111.83 119.81 -37.54
C GLU DA 87 112.68 120.96 -37.02
N VAL DA 88 114.00 120.77 -37.06
CA VAL DA 88 114.94 121.70 -36.44
C VAL DA 88 115.67 122.48 -37.53
N GLN DA 89 115.63 123.81 -37.43
CA GLN DA 89 116.46 124.65 -38.28
C GLN DA 89 117.93 124.42 -37.95
N GLN DA 90 118.79 124.75 -38.91
CA GLN DA 90 120.23 124.69 -38.67
C GLN DA 90 120.78 126.08 -38.97
N PRO DA 91 121.61 126.62 -38.09
CA PRO DA 91 122.18 127.95 -38.32
C PRO DA 91 123.32 127.90 -39.33
N MET DA 92 123.68 129.08 -39.83
CA MET DA 92 124.75 129.19 -40.81
C MET DA 92 125.49 130.51 -40.62
N ILE DA 93 126.60 130.64 -41.32
CA ILE DA 93 127.42 131.85 -41.28
C ILE DA 93 127.72 132.25 -42.71
N ALA DA 94 127.43 133.51 -43.05
CA ALA DA 94 127.71 134.03 -44.38
C ALA DA 94 129.21 134.19 -44.55
N ARG DA 95 129.83 133.29 -45.32
CA ARG DA 95 131.27 133.29 -45.50
C ARG DA 95 131.68 134.24 -46.61
N ASP DA 96 132.83 134.88 -46.43
CA ASP DA 96 133.32 135.92 -47.32
C ASP DA 96 134.25 135.38 -48.40
N GLY DA 97 133.77 134.37 -49.14
CA GLY DA 97 134.61 133.69 -50.09
C GLY DA 97 134.07 133.73 -51.50
N PRO DA 98 134.95 133.94 -52.47
CA PRO DA 98 134.53 133.87 -53.88
C PRO DA 98 133.97 132.52 -54.28
N HIS DA 99 134.26 131.47 -53.49
CA HIS DA 99 133.68 130.17 -53.72
C HIS DA 99 132.16 130.26 -53.64
N PRO DA 100 131.45 129.27 -54.21
CA PRO DA 100 129.98 129.32 -54.20
C PRO DA 100 129.41 129.42 -52.79
N ALA DA 101 128.17 129.85 -52.74
CA ALA DA 101 127.49 129.98 -51.45
C ALA DA 101 127.03 128.62 -50.94
N ASP DA 102 126.54 128.61 -49.72
CA ASP DA 102 126.08 127.40 -49.06
C ASP DA 102 124.58 127.49 -48.77
N GLN DA 103 123.90 126.37 -48.89
CA GLN DA 103 122.47 126.40 -48.64
C GLN DA 103 122.17 126.11 -47.18
N PRO DA 104 121.15 126.75 -46.61
CA PRO DA 104 120.81 126.50 -45.20
C PRO DA 104 120.13 125.15 -45.03
N VAL DA 105 120.86 124.20 -44.47
CA VAL DA 105 120.30 122.87 -44.24
C VAL DA 105 119.41 122.90 -43.00
N HIS DA 106 118.61 121.85 -42.85
CA HIS DA 106 117.85 121.63 -41.63
C HIS DA 106 117.57 120.15 -41.48
N ASN DA 107 117.26 119.73 -40.26
CA ASN DA 107 117.21 118.33 -39.89
C ASN DA 107 115.77 117.85 -39.78
N TYR DA 108 115.62 116.57 -39.45
CA TYR DA 108 114.32 115.93 -39.28
C TYR DA 108 114.49 114.74 -38.36
N MET DA 109 113.51 114.53 -37.49
CA MET DA 109 113.53 113.42 -36.55
C MET DA 109 112.12 112.91 -36.31
N ILE DA 110 112.03 111.65 -35.89
CA ILE DA 110 110.77 111.02 -35.53
C ILE DA 110 110.93 110.36 -34.18
N LYS DA 111 110.24 110.89 -33.17
CA LYS DA 111 110.30 110.35 -31.83
C LYS DA 111 109.00 109.61 -31.53
N ARG DA 112 109.09 108.56 -30.72
CA ARG DA 112 107.95 107.72 -30.41
C ARG DA 112 107.51 107.91 -28.96
N LEU DA 113 106.20 107.92 -28.76
CA LEU DA 113 105.65 107.95 -27.41
C LEU DA 113 105.86 106.59 -26.76
N ASP DA 114 106.59 106.58 -25.65
CA ASP DA 114 106.71 105.38 -24.83
C ASP DA 114 105.68 105.45 -23.71
N ARG DA 115 104.84 104.43 -23.62
CA ARG DA 115 103.65 104.46 -22.78
C ARG DA 115 103.89 103.72 -21.47
N ARG DA 116 103.37 104.29 -20.38
CA ARG DA 116 103.42 103.70 -19.06
C ARG DA 116 102.09 104.00 -18.37
N SER DA 117 101.98 103.62 -17.11
CA SER DA 117 100.82 103.95 -16.28
C SER DA 117 101.15 103.61 -14.84
N LEU DA 118 100.66 104.42 -13.92
CA LEU DA 118 100.78 104.17 -12.51
C LEU DA 118 99.40 104.16 -11.88
N ASN DA 119 99.25 103.38 -10.81
CA ASN DA 119 97.96 103.21 -10.18
C ASN DA 119 98.12 102.96 -8.69
N ALA DA 120 97.13 103.44 -7.93
CA ALA DA 120 97.05 103.24 -6.48
C ALA DA 120 95.60 102.92 -6.12
N ALA DA 121 95.37 102.60 -4.85
CA ALA DA 121 94.03 102.21 -4.46
C ALA DA 121 93.88 102.27 -2.94
N PHE DA 122 92.65 102.33 -2.49
CA PHE DA 122 92.31 102.27 -1.08
C PHE DA 122 91.11 101.35 -0.92
N SER DA 123 90.53 101.31 0.29
CA SER DA 123 89.45 100.39 0.57
C SER DA 123 88.55 100.99 1.65
N ILE DA 124 87.27 100.64 1.59
CA ILE DA 124 86.30 101.07 2.59
C ILE DA 124 85.78 99.85 3.32
N ALA DA 125 85.44 100.03 4.59
CA ALA DA 125 84.93 98.95 5.42
C ALA DA 125 83.42 98.81 5.23
N VAL DA 126 82.93 97.59 5.45
CA VAL DA 126 81.50 97.36 5.34
C VAL DA 126 80.76 97.95 6.54
N GLU DA 127 81.42 98.02 7.69
CA GLU DA 127 80.77 98.58 8.88
C GLU DA 127 80.51 100.07 8.69
N ALA DA 128 81.52 100.83 8.28
CA ALA DA 128 81.38 102.26 8.06
C ALA DA 128 80.79 102.59 6.70
N LEU DA 129 80.18 101.63 6.03
CA LEU DA 129 79.62 101.89 4.71
C LEU DA 129 78.25 102.54 4.83
N GLY DA 130 77.30 101.87 5.49
CA GLY DA 130 75.94 102.36 5.58
C GLY DA 130 75.78 103.65 6.35
N LEU DA 131 76.80 104.08 7.09
CA LEU DA 131 76.70 105.31 7.86
C LEU DA 131 76.76 106.56 7.00
N ILE DA 132 77.27 106.45 5.78
CA ILE DA 132 77.54 107.63 4.97
C ILE DA 132 76.41 107.85 3.97
N SER DA 133 76.20 106.87 3.10
CA SER DA 133 75.25 107.04 2.00
C SER DA 133 73.81 107.00 2.50
N GLY DA 134 73.40 105.87 3.09
CA GLY DA 134 72.03 105.58 3.43
C GLY DA 134 71.24 106.70 4.08
N GLU DA 135 70.11 107.04 3.48
CA GLU DA 135 69.23 108.10 3.96
C GLU DA 135 68.22 107.60 5.00
N ASN DA 136 68.50 106.46 5.65
CA ASN DA 136 67.58 105.96 6.65
C ASN DA 136 67.69 106.75 7.95
N LEU DA 137 68.89 107.24 8.27
CA LEU DA 137 69.12 107.98 9.50
C LEU DA 137 68.31 109.27 9.47
N ASP DA 138 67.29 109.35 10.31
CA ASP DA 138 66.30 110.44 10.16
C ASP DA 138 66.71 111.73 10.85
N GLY DA 139 66.78 111.72 12.18
CA GLY DA 139 66.82 112.98 12.91
C GLY DA 139 68.09 113.33 13.66
N THR DA 140 68.71 112.34 14.31
CA THR DA 140 69.88 112.59 15.13
C THR DA 140 71.14 111.91 14.61
N HIS DA 141 71.00 110.94 13.72
CA HIS DA 141 72.14 110.21 13.20
C HIS DA 141 72.70 110.81 11.91
N ILE DA 142 72.21 111.99 11.51
CA ILE DA 142 72.79 112.68 10.37
C ILE DA 142 73.91 113.62 10.80
N SER DA 143 73.87 114.12 12.04
CA SER DA 143 74.85 115.06 12.54
C SER DA 143 75.59 114.52 13.77
N SER DA 144 75.65 113.20 13.93
CA SER DA 144 76.25 112.62 15.11
C SER DA 144 77.77 112.64 15.02
N ALA DA 145 78.42 112.04 16.02
CA ALA DA 145 79.89 111.97 16.02
C ALA DA 145 80.39 110.82 15.17
N MET DA 146 79.69 109.69 15.17
CA MET DA 146 80.15 108.54 14.40
C MET DA 146 80.16 108.84 12.90
N ARG DA 147 79.12 109.50 12.40
CA ARG DA 147 79.08 109.80 10.98
C ARG DA 147 80.18 110.79 10.60
N LEU DA 148 80.45 111.77 11.47
CA LEU DA 148 81.55 112.69 11.20
C LEU DA 148 82.88 111.95 11.16
N ARG DA 149 83.08 111.01 12.09
CA ARG DA 149 84.28 110.19 12.06
C ARG DA 149 84.42 109.45 10.74
N ALA DA 150 83.34 108.81 10.30
CA ALA DA 150 83.39 108.03 9.07
C ALA DA 150 83.72 108.91 7.86
N ILE DA 151 83.01 110.04 7.74
CA ILE DA 151 83.22 110.89 6.57
C ILE DA 151 84.62 111.49 6.58
N GLN DA 152 85.13 111.85 7.76
CA GLN DA 152 86.49 112.37 7.84
C GLN DA 152 87.51 111.32 7.41
N GLN DA 153 87.33 110.07 7.85
CA GLN DA 153 88.25 109.02 7.45
C GLN DA 153 88.25 108.83 5.93
N LEU DA 154 87.05 108.79 5.34
CA LEU DA 154 86.96 108.61 3.89
C LEU DA 154 87.65 109.76 3.16
N ALA DA 155 87.35 110.99 3.56
CA ALA DA 155 87.93 112.13 2.87
C ALA DA 155 89.44 112.15 2.99
N ARG DA 156 89.97 111.81 4.17
CA ARG DA 156 91.41 111.82 4.35
C ARG DA 156 92.08 110.73 3.50
N ASN DA 157 91.46 109.55 3.41
CA ASN DA 157 92.03 108.52 2.56
C ASN DA 157 92.07 108.98 1.10
N VAL DA 158 90.98 109.58 0.63
CA VAL DA 158 90.96 110.05 -0.76
C VAL DA 158 92.03 111.11 -0.99
N GLN DA 159 92.22 112.00 -0.02
CA GLN DA 159 93.27 113.00 -0.13
C GLN DA 159 94.65 112.36 -0.20
N ALA DA 160 94.88 111.34 0.62
CA ALA DA 160 96.18 110.66 0.59
C ALA DA 160 96.43 110.01 -0.76
N VAL DA 161 95.39 109.47 -1.39
CA VAL DA 161 95.57 108.85 -2.70
C VAL DA 161 95.90 109.91 -3.75
N LEU DA 162 95.15 111.02 -3.75
CA LEU DA 162 95.40 112.06 -4.72
C LEU DA 162 96.78 112.69 -4.53
N ASP DA 163 97.32 112.61 -3.30
CA ASP DA 163 98.70 113.02 -3.07
C ASP DA 163 99.68 111.98 -3.62
N SER DA 164 99.38 110.70 -3.41
CA SER DA 164 100.22 109.64 -3.91
C SER DA 164 100.45 109.76 -5.41
N PHE DA 165 99.43 110.23 -6.13
CA PHE DA 165 99.64 110.44 -7.56
C PHE DA 165 100.69 111.52 -7.83
N GLU DA 166 100.60 112.64 -7.11
CA GLU DA 166 101.59 113.71 -7.27
C GLU DA 166 103.00 113.21 -6.95
N ARG DA 167 103.12 112.29 -6.01
CA ARG DA 167 104.44 111.79 -5.66
C ARG DA 167 104.95 110.79 -6.68
N GLY DA 168 104.07 109.92 -7.17
CA GLY DA 168 104.45 109.02 -8.24
C GLY DA 168 104.93 109.74 -9.47
N THR DA 169 104.37 110.93 -9.74
CA THR DA 169 104.85 111.72 -10.87
C THR DA 169 106.34 112.01 -10.74
N ALA DA 170 106.76 112.52 -9.58
CA ALA DA 170 108.17 112.85 -9.39
C ALA DA 170 109.05 111.61 -9.43
N ASP DA 171 108.60 110.52 -8.82
CA ASP DA 171 109.40 109.30 -8.86
C ASP DA 171 109.60 108.82 -10.29
N GLN DA 172 108.53 108.86 -11.09
CA GLN DA 172 108.64 108.44 -12.48
C GLN DA 172 109.52 109.37 -13.29
N MET DA 173 109.51 110.67 -12.96
CA MET DA 173 110.42 111.59 -13.64
C MET DA 173 111.87 111.24 -13.35
N LEU DA 174 112.21 110.98 -12.09
CA LEU DA 174 113.55 110.53 -11.76
C LEU DA 174 113.91 109.26 -12.54
N ARG DA 175 113.00 108.29 -12.57
CA ARG DA 175 113.27 107.04 -13.26
C ARG DA 175 113.54 107.25 -14.74
N VAL DA 176 112.71 108.05 -15.40
CA VAL DA 176 112.84 108.21 -16.85
C VAL DA 176 114.08 109.03 -17.18
N LEU DA 177 114.45 110.00 -16.33
CA LEU DA 177 115.70 110.70 -16.57
C LEU DA 177 116.89 109.78 -16.39
N MET DA 178 116.83 108.88 -15.39
CA MET DA 178 117.98 108.04 -15.10
C MET DA 178 118.18 106.92 -16.10
N GLU DA 179 117.09 106.36 -16.65
CA GLU DA 179 117.25 105.27 -17.59
C GLU DA 179 117.57 105.73 -19.00
N LYS DA 180 117.93 107.00 -19.18
CA LYS DA 180 118.36 107.51 -20.47
C LYS DA 180 119.62 108.36 -20.39
N ALA DA 181 120.25 108.47 -19.22
CA ALA DA 181 121.41 109.34 -19.04
C ALA DA 181 122.69 108.53 -19.16
N PRO DA 182 123.64 108.96 -19.98
CA PRO DA 182 124.94 108.30 -20.01
C PRO DA 182 125.90 108.95 -19.02
N PRO DA 183 126.90 108.22 -18.56
CA PRO DA 183 127.85 108.79 -17.59
C PRO DA 183 128.68 109.90 -18.19
N LEU DA 184 129.15 110.80 -17.32
CA LEU DA 184 129.93 111.94 -17.76
C LEU DA 184 131.28 111.52 -18.31
N SER DA 185 131.89 110.50 -17.71
CA SER DA 185 133.14 109.96 -18.23
C SER DA 185 133.00 109.45 -19.66
N LEU DA 186 131.78 109.16 -20.09
CA LEU DA 186 131.53 108.68 -21.45
C LEU DA 186 131.31 109.82 -22.43
N LEU DA 187 130.83 110.97 -21.96
CA LEU DA 187 130.53 112.10 -22.83
C LEU DA 187 131.69 113.09 -22.96
N ALA DA 188 132.41 113.35 -21.88
CA ALA DA 188 133.51 114.32 -21.93
C ALA DA 188 134.54 114.04 -23.01
N PRO DA 189 134.98 112.80 -23.26
CA PRO DA 189 135.91 112.57 -24.37
C PRO DA 189 135.26 112.54 -25.74
N PHE DA 190 133.94 112.48 -25.83
CA PHE DA 190 133.28 112.43 -27.12
C PHE DA 190 133.01 113.80 -27.71
N THR DA 191 133.14 114.87 -26.93
CA THR DA 191 132.92 116.21 -27.43
C THR DA 191 134.21 116.81 -28.00
N ASP DA 199 142.38 107.38 -37.08
CA ASP DA 199 143.33 106.28 -37.15
C ASP DA 199 143.02 105.24 -36.09
N ARG DA 200 143.95 104.31 -35.89
CA ARG DA 200 143.88 103.40 -34.75
C ARG DA 200 144.52 104.01 -33.51
N VAL DA 201 145.52 104.87 -33.69
CA VAL DA 201 145.99 105.67 -32.57
C VAL DA 201 144.87 106.59 -32.07
N ALA DA 202 143.89 106.89 -32.93
CA ALA DA 202 142.75 107.69 -32.49
C ALA DA 202 141.94 106.96 -31.43
N CYS DA 203 141.52 105.72 -31.72
CA CYS DA 203 140.79 104.96 -30.71
C CYS DA 203 141.66 104.60 -29.52
N ALA DA 204 142.98 104.43 -29.75
CA ALA DA 204 143.88 104.25 -28.62
C ALA DA 204 143.81 105.43 -27.67
N ALA DA 205 143.91 106.65 -28.22
CA ALA DA 205 143.79 107.85 -27.39
C ALA DA 205 142.42 107.92 -26.74
N LEU DA 206 141.38 107.49 -27.45
CA LEU DA 206 140.02 107.54 -26.89
C LEU DA 206 139.90 106.66 -25.66
N VAL DA 207 140.35 105.41 -25.76
CA VAL DA 207 140.26 104.52 -24.60
C VAL DA 207 141.20 104.99 -23.50
N SER DA 208 142.34 105.59 -23.86
CA SER DA 208 143.22 106.16 -22.85
C SER DA 208 142.52 107.25 -22.06
N GLU DA 209 141.81 108.14 -22.76
CA GLU DA 209 141.11 109.22 -22.06
C GLU DA 209 139.92 108.70 -21.27
N LEU DA 210 139.25 107.66 -21.76
CA LEU DA 210 138.19 107.04 -20.97
C LEU DA 210 138.73 106.55 -19.63
N LYS DA 211 139.81 105.76 -19.68
CA LYS DA 211 140.38 105.23 -18.44
C LYS DA 211 140.92 106.36 -17.56
N ARG DA 212 141.49 107.40 -18.17
CA ARG DA 212 141.99 108.53 -17.40
C ARG DA 212 140.85 109.20 -16.64
N ARG DA 213 139.77 109.55 -17.34
CA ARG DA 213 138.64 110.20 -16.70
C ARG DA 213 138.06 109.35 -15.58
N VAL DA 214 137.88 108.04 -15.85
CA VAL DA 214 137.30 107.16 -14.85
C VAL DA 214 138.18 107.10 -13.61
N ARG DA 215 139.48 106.89 -13.79
CA ARG DA 215 140.38 106.77 -12.65
C ARG DA 215 140.46 108.08 -11.86
N ASP DA 216 140.46 109.21 -12.55
CA ASP DA 216 140.77 110.46 -11.87
C ASP DA 216 139.56 111.11 -11.23
N ASP DA 217 138.39 111.08 -11.86
CA ASP DA 217 137.26 111.88 -11.38
C ASP DA 217 136.03 111.02 -11.12
N THR DA 218 136.21 109.92 -10.41
CA THR DA 218 135.09 109.05 -10.09
C THR DA 218 134.44 109.37 -8.75
N PHE DA 219 135.14 110.08 -7.87
CA PHE DA 219 134.55 110.63 -6.65
C PHE DA 219 135.17 112.00 -6.44
N PHE DA 220 134.58 113.03 -7.04
CA PHE DA 220 135.18 114.36 -7.03
C PHE DA 220 134.61 115.23 -5.92
N LEU DA 221 134.04 114.63 -4.87
CA LEU DA 221 133.55 115.41 -3.76
C LEU DA 221 134.02 114.90 -2.41
N THR DA 222 134.82 113.85 -2.36
CA THR DA 222 135.54 113.46 -1.16
C THR DA 222 137.04 113.47 -1.33
N LYS DA 223 137.54 113.40 -2.57
CA LYS DA 223 138.97 113.59 -2.80
C LYS DA 223 139.34 115.05 -2.71
N HIS DA 224 138.43 115.94 -3.10
CA HIS DA 224 138.72 117.36 -3.17
C HIS DA 224 137.73 118.17 -2.34
N GLU DA 225 137.47 117.72 -1.11
CA GLU DA 225 136.56 118.46 -0.25
C GLU DA 225 137.16 119.80 0.18
N ARG DA 226 138.49 119.89 0.21
CA ARG DA 226 139.15 121.16 0.49
C ARG DA 226 139.65 121.86 -0.77
N ASN DA 227 139.90 121.11 -1.84
CA ASN DA 227 140.27 121.70 -3.12
C ASN DA 227 139.00 122.12 -3.85
N LYS DA 228 138.83 123.43 -4.04
CA LYS DA 228 137.61 123.96 -4.64
C LYS DA 228 137.64 123.94 -6.16
N ASP DA 229 138.81 124.18 -6.75
CA ASP DA 229 138.87 124.38 -8.19
C ASP DA 229 138.55 123.09 -8.95
N ALA DA 230 139.02 121.95 -8.46
CA ALA DA 230 138.69 120.68 -9.11
C ALA DA 230 137.20 120.41 -9.05
N VAL DA 231 136.59 120.62 -7.89
CA VAL DA 231 135.14 120.42 -7.75
C VAL DA 231 134.39 121.29 -8.74
N LEU DA 232 134.75 122.57 -8.82
CA LEU DA 232 133.98 123.48 -9.64
C LEU DA 232 134.24 123.26 -11.13
N ASP DA 233 135.48 122.87 -11.48
CA ASP DA 233 135.74 122.50 -12.86
C ASP DA 233 134.93 121.29 -13.27
N ARG DA 234 134.77 120.31 -12.37
CA ARG DA 234 133.99 119.13 -12.73
C ARG DA 234 132.51 119.44 -12.82
N LEU DA 235 132.00 120.32 -11.95
CA LEU DA 235 130.61 120.71 -12.08
C LEU DA 235 130.36 121.45 -13.40
N SER DA 236 131.23 122.40 -13.73
CA SER DA 236 131.07 123.14 -14.97
C SER DA 236 131.30 122.27 -16.20
N ASP DA 237 132.09 121.21 -16.08
CA ASP DA 237 132.20 120.23 -17.16
C ASP DA 237 130.98 119.34 -17.25
N LEU DA 238 130.29 119.10 -16.14
CA LEU DA 238 129.05 118.35 -16.17
C LEU DA 238 127.96 119.13 -16.89
N VAL DA 239 127.74 120.39 -16.48
CA VAL DA 239 126.63 121.16 -17.03
C VAL DA 239 126.87 121.63 -18.45
N ASN DA 240 128.06 121.43 -19.00
CA ASN DA 240 128.41 121.94 -20.33
C ASN DA 240 128.68 120.83 -21.32
N CYS DA 241 127.92 119.75 -21.26
CA CYS DA 241 128.16 118.62 -22.15
C CYS DA 241 126.90 118.21 -22.90
N THR DA 242 125.74 118.43 -22.30
CA THR DA 242 124.49 118.00 -22.90
C THR DA 242 124.17 118.83 -24.14
N ALA DA 243 123.24 118.32 -24.94
CA ALA DA 243 122.79 118.93 -26.18
C ALA DA 243 121.49 119.70 -25.96
N PRO DA 244 121.39 120.91 -26.50
CA PRO DA 244 120.26 121.78 -26.18
C PRO DA 244 118.94 121.19 -26.62
N SER DA 245 117.96 121.23 -25.72
CA SER DA 245 116.63 120.69 -26.00
C SER DA 245 115.97 121.47 -27.14
N VAL DA 246 114.96 120.84 -27.73
CA VAL DA 246 114.36 121.37 -28.95
C VAL DA 246 113.63 122.68 -28.67
N ALA DA 247 112.61 122.63 -27.82
CA ALA DA 247 111.68 123.74 -27.67
C ALA DA 247 111.99 124.50 -26.38
N VAL DA 248 112.54 125.69 -26.52
CA VAL DA 248 112.60 126.65 -25.40
C VAL DA 248 111.30 127.43 -25.46
N ALA DA 249 110.26 126.82 -24.89
CA ALA DA 249 108.90 127.31 -25.06
C ALA DA 249 108.71 128.59 -24.24
N ARG DA 250 107.48 129.11 -24.25
CA ARG DA 250 107.16 130.31 -23.48
C ARG DA 250 107.00 130.02 -21.99
N MET DA 251 107.42 128.84 -21.52
CA MET DA 251 107.38 128.55 -20.09
C MET DA 251 108.19 129.57 -19.31
N THR DA 252 109.48 129.72 -19.65
CA THR DA 252 110.37 130.72 -19.06
C THR DA 252 110.35 130.67 -17.53
N HIS DA 253 110.78 129.53 -16.99
CA HIS DA 253 111.06 129.46 -15.56
C HIS DA 253 112.16 130.45 -15.22
N ALA DA 254 111.84 131.45 -14.41
CA ALA DA 254 112.79 132.51 -14.11
C ALA DA 254 112.67 132.85 -12.62
N ASP DA 255 113.31 133.94 -12.22
CA ASP DA 255 113.30 134.38 -10.84
C ASP DA 255 112.77 135.81 -10.76
N THR DA 256 112.62 136.29 -9.53
CA THR DA 256 112.11 137.64 -9.29
C THR DA 256 112.99 138.72 -9.88
N GLN DA 257 114.19 138.38 -10.33
CA GLN DA 257 115.13 139.37 -10.84
C GLN DA 257 115.02 139.57 -12.36
N GLY DA 258 114.81 138.50 -13.11
CA GLY DA 258 114.69 138.64 -14.55
C GLY DA 258 115.73 137.91 -15.36
N ARG DA 259 116.21 136.76 -14.88
CA ARG DA 259 117.10 135.91 -15.64
C ARG DA 259 116.52 134.51 -15.72
N PRO DA 260 116.47 133.89 -16.90
CA PRO DA 260 115.83 132.57 -17.02
C PRO DA 260 116.78 131.42 -16.73
N VAL DA 261 116.24 130.42 -16.02
CA VAL DA 261 117.02 129.25 -15.60
C VAL DA 261 117.31 128.38 -16.81
N ASP DA 262 118.21 127.40 -16.66
CA ASP DA 262 118.61 126.55 -17.76
C ASP DA 262 118.40 125.07 -17.52
N GLY DA 263 118.50 124.59 -16.30
CA GLY DA 263 118.37 123.17 -16.04
C GLY DA 263 118.00 122.87 -14.61
N VAL DA 264 118.46 121.71 -14.13
CA VAL DA 264 118.18 121.27 -12.77
C VAL DA 264 119.27 120.29 -12.37
N LEU DA 265 119.60 120.27 -11.09
CA LEU DA 265 120.66 119.40 -10.57
C LEU DA 265 120.07 118.60 -9.42
N VAL DA 266 119.78 117.33 -9.66
CA VAL DA 266 119.13 116.47 -8.68
C VAL DA 266 120.19 115.65 -7.98
N THR DA 267 120.49 115.99 -6.74
CA THR DA 267 121.45 115.30 -5.91
C THR DA 267 120.71 114.61 -4.77
N THR DA 268 121.47 114.01 -3.86
CA THR DA 268 120.90 113.58 -2.59
C THR DA 268 121.14 114.68 -1.56
N ALA DA 269 120.83 114.40 -0.29
CA ALA DA 269 121.04 115.41 0.74
C ALA DA 269 122.50 115.49 1.15
N GLY DA 270 123.18 114.35 1.21
CA GLY DA 270 124.57 114.35 1.64
C GLY DA 270 125.45 115.18 0.73
N VAL DA 271 125.27 115.03 -0.58
CA VAL DA 271 126.06 115.80 -1.53
C VAL DA 271 125.71 117.29 -1.43
N ARG DA 272 124.40 117.59 -1.53
CA ARG DA 272 123.96 118.98 -1.63
C ARG DA 272 124.35 119.78 -0.40
N GLN DA 273 124.28 119.16 0.78
CA GLN DA 273 124.63 119.88 1.99
C GLN DA 273 126.03 120.47 1.89
N ARG DA 274 127.04 119.62 1.70
CA ARG DA 274 128.42 120.10 1.64
C ARG DA 274 128.64 121.01 0.45
N LEU DA 275 128.02 120.68 -0.70
CA LEU DA 275 128.18 121.51 -1.88
C LEU DA 275 127.71 122.94 -1.63
N LEU DA 276 126.42 123.10 -1.34
CA LEU DA 276 125.87 124.41 -1.05
C LEU DA 276 126.55 125.05 0.16
N HIS DA 277 127.12 124.24 1.04
CA HIS DA 277 127.75 124.78 2.24
C HIS DA 277 129.02 125.53 1.91
N HIS DA 278 129.98 124.88 1.26
CA HIS DA 278 131.27 125.52 1.07
C HIS DA 278 131.67 125.74 -0.37
N VAL DA 279 131.18 124.95 -1.32
CA VAL DA 279 131.61 125.12 -2.71
C VAL DA 279 130.86 126.26 -3.38
N LEU DA 280 129.54 126.20 -3.37
CA LEU DA 280 128.70 127.08 -4.16
C LEU DA 280 127.94 128.08 -3.29
N THR DA 281 127.55 129.18 -3.92
CA THR DA 281 126.66 130.17 -3.32
C THR DA 281 125.41 130.28 -4.18
N LEU DA 282 124.29 130.58 -3.53
CA LEU DA 282 123.00 130.63 -4.19
C LEU DA 282 122.69 132.06 -4.63
N ALA DA 283 122.32 132.22 -5.90
CA ALA DA 283 122.07 133.53 -6.47
C ALA DA 283 120.67 134.04 -6.21
N ASP DA 284 119.80 133.24 -5.61
CA ASP DA 284 118.45 133.67 -5.27
C ASP DA 284 117.85 132.68 -4.29
N THR DA 285 116.73 133.08 -3.69
CA THR DA 285 115.98 132.21 -2.80
C THR DA 285 114.53 132.05 -3.22
N HIS DA 286 114.14 132.57 -4.38
CA HIS DA 286 112.78 132.39 -4.89
C HIS DA 286 112.84 132.34 -6.41
N ALA DA 287 111.75 131.86 -7.00
CA ALA DA 287 111.62 131.78 -8.45
C ALA DA 287 110.15 131.65 -8.80
N ASP DA 288 109.78 132.16 -9.97
CA ASP DA 288 108.39 132.12 -10.43
C ASP DA 288 108.27 131.14 -11.58
N VAL DA 289 107.32 130.22 -11.47
CA VAL DA 289 107.19 129.11 -12.42
C VAL DA 289 105.73 128.98 -12.83
N PRO DA 290 105.42 128.28 -13.93
CA PRO DA 290 104.03 128.03 -14.27
C PRO DA 290 103.37 127.06 -13.29
N VAL DA 291 102.07 127.24 -13.10
CA VAL DA 291 101.31 126.39 -12.19
C VAL DA 291 100.11 125.81 -12.91
N THR DA 292 100.20 125.67 -14.23
CA THR DA 292 99.09 125.14 -15.02
C THR DA 292 99.62 124.19 -16.07
N TYR DA 293 98.79 123.21 -16.40
CA TYR DA 293 99.08 122.30 -17.50
C TYR DA 293 98.72 122.95 -18.83
N GLY DA 294 99.02 122.25 -19.92
CA GLY DA 294 98.72 122.73 -21.25
C GLY DA 294 98.07 121.65 -22.09
N GLU DA 295 97.81 122.00 -23.35
CA GLU DA 295 97.29 121.06 -24.34
C GLU DA 295 98.02 121.28 -25.65
N MET DA 296 98.35 120.19 -26.33
CA MET DA 296 98.93 120.28 -27.66
C MET DA 296 97.82 120.44 -28.69
N VAL DA 297 97.83 121.56 -29.41
CA VAL DA 297 96.72 121.93 -30.28
C VAL DA 297 97.26 122.20 -31.67
N ILE DA 298 96.48 121.83 -32.69
CA ILE DA 298 96.86 121.95 -34.09
C ILE DA 298 96.36 123.29 -34.61
N ALA DA 299 96.01 124.20 -33.70
CA ALA DA 299 94.95 125.18 -33.90
C ALA DA 299 94.89 125.78 -35.30
N ASN DA 300 95.91 126.51 -35.72
CA ASN DA 300 95.81 127.26 -36.98
C ASN DA 300 97.17 127.67 -37.51
N SER DA 338 100.98 131.27 -14.04
CA SER DA 338 102.23 131.14 -13.28
C SER DA 338 102.12 131.81 -11.92
N ALA DA 339 102.94 131.34 -10.98
CA ALA DA 339 102.95 131.87 -9.62
C ALA DA 339 104.41 131.95 -9.18
N ARG DA 340 104.61 132.18 -7.88
CA ARG DA 340 105.94 132.25 -7.30
C ARG DA 340 106.01 131.36 -6.07
N VAL DA 341 107.20 130.81 -5.80
CA VAL DA 341 107.38 129.79 -4.79
C VAL DA 341 108.82 129.87 -4.29
N ARG DA 342 109.07 129.26 -3.13
CA ARG DA 342 110.41 129.17 -2.57
C ARG DA 342 111.25 128.17 -3.35
N ALA DA 343 112.53 128.48 -3.51
CA ALA DA 343 113.47 127.62 -4.23
C ALA DA 343 114.88 128.14 -3.95
N ASP DA 344 115.86 127.57 -4.65
CA ASP DA 344 117.25 128.00 -4.49
C ASP DA 344 117.93 127.89 -5.84
N LEU DA 345 118.35 129.03 -6.38
CA LEU DA 345 119.02 129.07 -7.68
C LEU DA 345 120.52 129.11 -7.48
N VAL DA 346 121.24 128.43 -8.37
CA VAL DA 346 122.69 128.27 -8.27
C VAL DA 346 123.28 128.51 -9.66
N VAL DA 347 124.38 129.25 -9.71
CA VAL DA 347 125.01 129.60 -10.98
C VAL DA 347 126.28 128.76 -11.12
N VAL DA 348 126.23 127.79 -12.01
CA VAL DA 348 127.36 126.93 -12.34
C VAL DA 348 127.62 127.03 -13.84
N GLY DA 349 128.87 127.19 -14.22
CA GLY DA 349 129.23 127.28 -15.63
C GLY DA 349 128.50 128.38 -16.36
N ASP DA 350 128.13 129.44 -15.64
CA ASP DA 350 127.41 130.58 -16.19
C ASP DA 350 126.06 130.18 -16.77
N ARG DA 351 125.22 129.63 -15.89
CA ARG DA 351 123.81 129.36 -16.21
C ARG DA 351 123.06 129.11 -14.92
N LEU DA 352 121.94 129.80 -14.75
CA LEU DA 352 121.12 129.56 -13.56
C LEU DA 352 120.61 128.13 -13.55
N VAL DA 353 120.65 127.51 -12.37
CA VAL DA 353 120.34 126.09 -12.22
C VAL DA 353 119.56 125.90 -10.93
N PHE DA 354 118.57 125.02 -10.97
CA PHE DA 354 117.88 124.56 -9.77
C PHE DA 354 118.70 123.45 -9.12
N LEU DA 355 118.94 123.56 -7.82
CA LEU DA 355 119.69 122.56 -7.07
C LEU DA 355 118.75 121.99 -6.01
N GLU DA 356 118.26 120.78 -6.23
CA GLU DA 356 117.28 120.16 -5.36
C GLU DA 356 117.77 118.81 -4.84
N ALA DA 357 117.03 118.29 -3.88
CA ALA DA 357 117.24 116.95 -3.35
C ALA DA 357 115.95 116.51 -2.70
N LEU DA 358 115.34 115.45 -3.22
CA LEU DA 358 113.95 115.13 -2.93
C LEU DA 358 113.77 114.07 -1.85
N GLU DA 359 114.84 113.61 -1.20
CA GLU DA 359 114.69 112.57 -0.19
C GLU DA 359 113.83 113.06 0.97
N LYS DA 360 113.98 114.33 1.35
CA LYS DA 360 113.28 114.83 2.52
C LYS DA 360 111.82 115.14 2.24
N ARG DA 361 111.51 115.67 1.05
CA ARG DA 361 110.15 116.09 0.74
C ARG DA 361 109.28 114.97 0.21
N VAL DA 362 109.82 114.08 -0.61
CA VAL DA 362 109.03 113.11 -1.35
C VAL DA 362 109.25 111.70 -0.84
N TYR DA 363 110.50 111.28 -0.68
CA TYR DA 363 110.82 109.90 -0.35
C TYR DA 363 110.91 109.62 1.14
N GLN DA 364 110.62 110.60 1.99
CA GLN DA 364 110.75 110.41 3.43
C GLN DA 364 109.59 109.59 3.97
N ALA DA 365 109.92 108.64 4.85
CA ALA DA 365 108.92 107.81 5.52
C ALA DA 365 108.14 106.96 4.53
N THR DA 366 108.87 106.25 3.68
CA THR DA 366 108.26 105.32 2.74
C THR DA 366 109.26 104.22 2.42
N GLN DA 367 108.74 103.04 2.07
CA GLN DA 367 109.62 101.92 1.77
C GLN DA 367 110.36 102.11 0.46
N VAL DA 368 109.78 102.84 -0.48
CA VAL DA 368 110.37 103.05 -1.81
C VAL DA 368 111.73 103.69 -1.66
N PRO DA 369 112.81 102.99 -1.99
CA PRO DA 369 114.15 103.56 -1.81
C PRO DA 369 114.48 104.60 -2.87
N TYR DA 370 115.50 105.39 -2.57
CA TYR DA 370 115.94 106.45 -3.47
C TYR DA 370 116.58 105.86 -4.72
N PRO DA 371 116.35 106.45 -5.89
CA PRO DA 371 116.91 105.91 -7.12
C PRO DA 371 118.35 106.35 -7.39
N LEU DA 372 118.76 107.49 -6.84
CA LEU DA 372 120.10 108.02 -7.13
C LEU DA 372 121.18 107.20 -6.43
N VAL DA 373 120.93 106.76 -5.21
CA VAL DA 373 121.96 106.02 -4.47
C VAL DA 373 122.27 104.72 -5.18
N GLY DA 374 123.54 104.51 -5.49
CA GLY DA 374 123.99 103.30 -6.16
C GLY DA 374 125.32 102.81 -5.64
N ASN DA 375 125.87 101.78 -6.26
CA ASN DA 375 127.13 101.19 -5.82
C ASN DA 375 128.06 100.99 -7.00
N LEU DA 376 129.26 100.49 -6.73
CA LEU DA 376 130.24 100.22 -7.76
C LEU DA 376 131.23 99.18 -7.24
N ASP DA 377 131.94 98.55 -8.16
CA ASP DA 377 132.88 97.48 -7.83
C ASP DA 377 134.29 97.88 -8.23
N VAL DA 378 135.26 97.36 -7.49
CA VAL DA 378 136.68 97.60 -7.74
C VAL DA 378 137.45 96.34 -7.39
N THR DA 379 138.33 95.91 -8.29
CA THR DA 379 139.19 94.76 -8.06
C THR DA 379 140.61 95.23 -7.81
N PHE DA 380 141.21 94.77 -6.72
CA PHE DA 380 142.57 95.12 -6.37
C PHE DA 380 143.53 94.02 -6.79
N VAL DA 381 144.82 94.30 -6.66
CA VAL DA 381 145.87 93.34 -6.96
C VAL DA 381 147.16 93.83 -6.32
N MET DA 382 148.01 92.87 -5.94
CA MET DA 382 149.27 93.21 -5.29
C MET DA 382 150.18 92.00 -5.30
N PRO DA 383 151.47 92.16 -5.60
CA PRO DA 383 152.37 91.01 -5.64
C PRO DA 383 152.79 90.58 -4.25
N LEU DA 384 153.04 89.28 -4.09
CA LEU DA 384 153.33 88.76 -2.76
C LEU DA 384 154.83 88.68 -2.47
N GLY DA 385 155.55 87.87 -3.23
CA GLY DA 385 156.93 87.59 -2.85
C GLY DA 385 157.96 87.81 -3.93
N VAL DA 386 157.76 88.83 -4.77
CA VAL DA 386 158.70 89.09 -5.84
C VAL DA 386 160.01 89.60 -5.28
N PHE DA 387 161.08 89.41 -6.05
CA PHE DA 387 162.43 89.80 -5.66
C PHE DA 387 163.00 90.67 -6.76
N LYS DA 388 163.20 91.95 -6.46
CA LYS DA 388 163.67 92.90 -7.45
C LYS DA 388 165.10 92.55 -7.87
N PRO DA 389 165.47 92.88 -9.11
CA PRO DA 389 166.84 92.62 -9.56
C PRO DA 389 167.85 93.45 -8.79
N ALA DA 390 169.10 92.99 -8.81
CA ALA DA 390 170.15 93.62 -7.99
C ALA DA 390 170.34 95.08 -8.33
N ALA DA 391 170.04 95.48 -9.58
CA ALA DA 391 170.20 96.87 -9.97
C ALA DA 391 169.13 97.79 -9.39
N ASP DA 392 168.17 97.26 -8.64
CA ASP DA 392 167.09 98.05 -8.09
C ASP DA 392 166.98 97.98 -6.57
N ARG DA 393 167.83 97.18 -5.91
CA ARG DA 393 167.74 97.00 -4.47
C ARG DA 393 168.60 98.07 -3.80
N TYR DA 394 168.07 99.29 -3.79
CA TYR DA 394 168.75 100.45 -3.23
C TYR DA 394 167.86 101.13 -2.21
N ALA DA 395 168.46 101.64 -1.15
CA ALA DA 395 167.72 102.41 -0.16
C ALA DA 395 167.57 103.85 -0.63
N ARG DA 396 166.34 104.38 -0.56
CA ARG DA 396 166.14 105.77 -0.93
C ARG DA 396 166.88 106.70 0.03
N HIS DA 397 166.94 106.34 1.30
CA HIS DA 397 167.78 107.01 2.28
C HIS DA 397 168.71 105.98 2.90
N ALA DA 398 169.99 106.34 3.04
CA ALA DA 398 170.99 105.36 3.44
C ALA DA 398 170.72 104.82 4.83
N GLY DA 399 170.26 105.67 5.74
CA GLY DA 399 170.20 105.29 7.13
C GLY DA 399 168.90 104.66 7.59
N SER DA 400 167.79 105.10 7.02
CA SER DA 400 166.47 104.75 7.54
C SER DA 400 166.33 103.25 7.73
N PHE DA 401 165.66 102.87 8.82
CA PHE DA 401 165.42 101.48 9.19
C PHE DA 401 166.74 100.75 9.44
N ALA DA 402 167.73 101.45 9.96
CA ALA DA 402 168.97 100.81 10.36
C ALA DA 402 168.66 99.73 11.41
N PRO DA 403 169.19 98.53 11.27
CA PRO DA 403 168.78 97.44 12.16
C PRO DA 403 169.15 97.67 13.61
N THR DA 404 170.44 97.80 13.89
CA THR DA 404 170.98 97.86 15.23
C THR DA 404 172.50 97.98 15.10
N PRO DA 405 173.23 98.26 16.19
CA PRO DA 405 174.69 98.17 16.09
C PRO DA 405 175.21 96.80 15.68
N GLY DA 406 174.75 95.73 16.33
CA GLY DA 406 175.43 94.46 16.18
C GLY DA 406 174.63 93.24 15.73
N LEU DA 407 173.70 93.40 14.80
CA LEU DA 407 172.97 92.29 14.23
C LEU DA 407 172.83 92.49 12.73
N PRO DA 408 172.68 91.41 11.97
CA PRO DA 408 172.44 91.55 10.52
C PRO DA 408 170.98 91.89 10.25
N ASP DA 409 170.76 92.86 9.37
CA ASP DA 409 169.41 93.39 9.17
C ASP DA 409 168.51 92.35 8.49
N PRO DA 410 167.32 92.11 9.02
CA PRO DA 410 166.31 91.31 8.32
C PRO DA 410 165.50 92.13 7.32
N ARG DA 411 166.18 92.98 6.56
CA ARG DA 411 165.58 93.77 5.51
C ARG DA 411 166.19 93.48 4.15
N THR DA 412 167.22 92.65 4.09
CA THR DA 412 167.86 92.30 2.84
C THR DA 412 167.45 90.91 2.35
N HIS DA 413 166.71 90.17 3.15
CA HIS DA 413 166.23 88.85 2.78
C HIS DA 413 165.00 88.96 1.89
N PRO DA 414 164.75 87.97 1.03
CA PRO DA 414 163.57 88.00 0.17
C PRO DA 414 162.30 88.00 1.01
N PRO DA 415 161.42 88.99 0.80
CA PRO DA 415 160.20 89.06 1.60
C PRO DA 415 159.17 88.03 1.15
N ARG DA 416 158.32 87.64 2.10
CA ARG DA 416 157.31 86.63 1.82
C ARG DA 416 155.96 87.00 2.43
N ALA DA 417 155.73 88.29 2.66
CA ALA DA 417 154.48 88.76 3.25
C ALA DA 417 153.99 89.98 2.49
N VAL DA 418 152.76 90.38 2.77
CA VAL DA 418 152.14 91.55 2.17
C VAL DA 418 151.24 92.21 3.20
N HIS DA 419 151.43 93.50 3.41
CA HIS DA 419 150.69 94.25 4.42
C HIS DA 419 149.87 95.34 3.76
N PHE DA 420 148.60 95.42 4.12
CA PHE DA 420 147.71 96.46 3.62
C PHE DA 420 146.77 96.89 4.74
N PHE DA 421 145.96 97.89 4.45
CA PHE DA 421 145.03 98.45 5.43
C PHE DA 421 143.65 97.83 5.25
N ASN DA 422 142.94 97.68 6.36
CA ASN DA 422 141.65 97.02 6.39
C ASN DA 422 140.56 97.96 5.88
N LYS DA 423 139.32 97.47 5.86
CA LYS DA 423 138.18 98.34 5.62
C LYS DA 423 138.12 99.46 6.65
N ASP DA 424 138.57 99.19 7.87
CA ASP DA 424 138.49 100.14 8.97
C ASP DA 424 139.75 100.95 9.16
N GLY DA 425 140.93 100.31 9.15
CA GLY DA 425 142.17 101.01 9.36
C GLY DA 425 143.19 100.22 10.15
N VAL DA 426 142.74 99.16 10.82
CA VAL DA 426 143.69 98.28 11.50
C VAL DA 426 144.50 97.50 10.46
N PRO DA 427 145.82 97.43 10.60
CA PRO DA 427 146.61 96.67 9.63
C PRO DA 427 146.19 95.21 9.58
N CYS DA 428 146.42 94.59 8.44
CA CYS DA 428 145.96 93.21 8.19
C CYS DA 428 146.81 92.64 7.07
N HIS DA 429 147.55 91.57 7.35
CA HIS DA 429 148.56 91.06 6.43
C HIS DA 429 148.13 89.72 5.83
N VAL DA 430 148.93 89.27 4.87
CA VAL DA 430 148.68 88.04 4.13
C VAL DA 430 150.01 87.31 3.94
N THR DA 431 149.99 85.99 4.10
CA THR DA 431 151.21 85.19 4.03
C THR DA 431 150.90 83.88 3.30
N PHE DA 432 151.98 83.26 2.78
CA PHE DA 432 151.86 81.99 2.05
C PHE DA 432 150.93 81.00 2.73
N GLU DA 433 150.90 81.00 4.07
CA GLU DA 433 149.99 80.13 4.81
C GLU DA 433 148.56 80.26 4.32
N HIS DA 434 148.19 81.42 3.79
CA HIS DA 434 146.85 81.58 3.23
C HIS DA 434 146.75 80.95 1.86
N ALA DA 435 147.78 81.10 1.03
CA ALA DA 435 147.81 80.44 -0.27
C ALA DA 435 147.86 78.93 -0.16
N MET DA 436 148.15 78.41 1.02
CA MET DA 436 148.13 76.97 1.25
C MET DA 436 146.84 76.32 0.75
N GLY DA 437 145.71 77.04 0.84
CA GLY DA 437 144.46 76.47 0.37
C GLY DA 437 144.38 76.34 -1.14
N THR DA 438 145.14 77.15 -1.87
CA THR DA 438 145.14 77.10 -3.32
C THR DA 438 146.23 76.18 -3.87
N LEU DA 439 147.40 76.19 -3.23
CA LEU DA 439 148.52 75.40 -3.72
C LEU DA 439 148.34 73.92 -3.40
N CYS DA 440 148.15 73.59 -2.12
CA CYS DA 440 148.05 72.20 -1.70
C CYS DA 440 146.79 71.50 -2.19
N HIS DA 441 145.97 72.16 -2.99
CA HIS DA 441 144.81 71.52 -3.56
C HIS DA 441 145.23 70.65 -4.75
N PRO DA 442 144.66 69.46 -4.89
CA PRO DA 442 145.22 68.48 -5.83
C PRO DA 442 144.93 68.74 -7.30
N SER DA 443 144.47 69.93 -7.66
CA SER DA 443 144.47 70.33 -9.08
C SER DA 443 145.77 70.99 -9.48
N PHE DA 444 146.78 70.95 -8.63
CA PHE DA 444 148.13 71.40 -8.91
C PHE DA 444 148.87 70.45 -9.82
N LEU DA 445 148.20 69.41 -10.34
CA LEU DA 445 148.92 68.33 -11.00
C LEU DA 445 148.34 67.97 -12.38
N ASP DA 446 147.06 68.23 -12.61
CA ASP DA 446 146.42 67.75 -13.82
C ASP DA 446 147.07 68.36 -15.06
N VAL DA 447 147.37 67.49 -16.03
CA VAL DA 447 148.11 67.89 -17.23
C VAL DA 447 147.40 67.37 -18.46
N ASP DA 448 146.44 66.47 -18.25
CA ASP DA 448 145.79 65.76 -19.37
C ASP DA 448 145.26 66.74 -20.41
N ALA DA 449 144.60 67.81 -19.96
CA ALA DA 449 144.04 68.76 -20.90
C ALA DA 449 145.14 69.51 -21.65
N THR DA 450 146.16 69.97 -20.92
CA THR DA 450 147.26 70.67 -21.58
C THR DA 450 148.04 69.73 -22.49
N LEU DA 451 148.24 68.49 -22.05
CA LEU DA 451 148.89 67.48 -22.89
C LEU DA 451 148.12 67.31 -24.21
N ALA DA 452 146.84 66.97 -24.11
CA ALA DA 452 146.03 66.77 -25.31
C ALA DA 452 145.97 68.02 -26.18
N ALA DA 453 146.00 69.20 -25.56
CA ALA DA 453 146.02 70.43 -26.35
C ALA DA 453 147.32 70.54 -27.14
N LEU DA 454 148.45 70.22 -26.51
CA LEU DA 454 149.72 70.31 -27.20
C LEU DA 454 149.89 69.20 -28.23
N ARG DA 455 149.16 68.10 -28.11
CA ARG DA 455 149.29 67.01 -29.08
C ARG DA 455 148.90 67.45 -30.48
N GLN DA 456 147.79 68.19 -30.59
CA GLN DA 456 147.21 68.50 -31.90
C GLN DA 456 148.22 69.17 -32.83
N GLU DA 457 148.86 70.23 -32.35
CA GLU DA 457 149.88 70.90 -33.13
C GLU DA 457 151.02 69.93 -33.44
N PRO DA 458 151.61 69.99 -34.64
CA PRO DA 458 152.68 69.04 -34.99
C PRO DA 458 153.90 69.15 -34.08
N ALA DA 459 154.89 68.28 -34.31
CA ALA DA 459 156.07 68.26 -33.45
C ALA DA 459 157.28 67.90 -34.31
N GLU DA 460 157.97 68.91 -34.81
CA GLU DA 460 159.21 68.68 -35.53
C GLU DA 460 160.26 68.12 -34.59
N VAL DA 461 161.26 67.44 -35.17
CA VAL DA 461 162.30 66.78 -34.40
C VAL DA 461 163.51 67.72 -34.36
N GLN DA 462 163.75 68.31 -33.19
CA GLN DA 462 165.01 68.99 -32.92
C GLN DA 462 166.02 67.95 -32.46
N CYS DA 463 167.13 68.40 -31.90
CA CYS DA 463 168.10 67.47 -31.31
C CYS DA 463 167.42 66.59 -30.28
N ALA DA 464 167.78 65.31 -30.28
CA ALA DA 464 167.20 64.33 -29.36
C ALA DA 464 168.24 63.83 -28.37
N PHE DA 465 169.10 64.72 -27.89
CA PHE DA 465 170.15 64.32 -26.96
C PHE DA 465 169.61 64.17 -25.54
N GLY DA 466 169.12 65.26 -24.96
CA GLY DA 466 168.72 65.24 -23.56
C GLY DA 466 167.43 64.51 -23.26
N ALA DA 467 166.73 64.02 -24.28
CA ALA DA 467 165.41 63.42 -24.08
C ALA DA 467 165.37 61.91 -24.24
N TYR DA 468 166.32 61.32 -24.95
CA TYR DA 468 166.35 59.88 -25.16
C TYR DA 468 167.13 59.20 -24.03
N VAL DA 469 166.65 58.04 -23.62
CA VAL DA 469 167.33 57.23 -22.61
C VAL DA 469 167.70 55.90 -23.24
N ALA DA 470 168.87 55.39 -22.86
CA ALA DA 470 169.38 54.15 -23.40
C ALA DA 470 169.72 53.18 -22.28
N ASP DA 471 169.71 51.90 -22.63
CA ASP DA 471 170.11 50.83 -21.71
C ASP DA 471 171.28 50.08 -22.30
N ALA DA 472 172.00 49.37 -21.43
CA ALA DA 472 173.15 48.58 -21.85
C ALA DA 472 172.64 47.33 -22.55
N ARG DA 473 172.31 47.49 -23.84
CA ARG DA 473 171.98 46.33 -24.65
C ARG DA 473 173.18 45.41 -24.83
N PRO DA 474 174.41 45.91 -25.00
CA PRO DA 474 175.57 45.03 -24.80
C PRO DA 474 175.81 44.80 -23.31
N ASP DA 475 176.89 44.10 -22.98
CA ASP DA 475 177.27 43.93 -21.59
C ASP DA 475 178.67 44.41 -21.25
N ALA DA 476 179.50 44.68 -22.26
CA ALA DA 476 180.80 45.29 -22.00
C ALA DA 476 180.62 46.70 -21.46
N LEU DA 477 181.69 47.25 -20.89
CA LEU DA 477 181.59 48.46 -20.08
C LEU DA 477 182.31 49.65 -20.69
N VAL DA 478 183.62 49.54 -20.96
CA VAL DA 478 184.34 50.67 -21.53
C VAL DA 478 183.90 50.89 -22.97
N GLY DA 479 183.58 49.81 -23.69
CA GLY DA 479 183.08 49.95 -25.05
C GLY DA 479 181.85 50.82 -25.14
N LEU DA 480 181.06 50.89 -24.07
CA LEU DA 480 179.91 51.78 -24.05
C LEU DA 480 180.34 53.22 -24.31
N MET DA 481 181.25 53.74 -23.48
CA MET DA 481 181.73 55.10 -23.69
C MET DA 481 182.48 55.22 -25.01
N GLN DA 482 183.26 54.20 -25.37
CA GLN DA 482 184.05 54.26 -26.59
C GLN DA 482 183.17 54.43 -27.82
N ARG DA 483 182.00 53.79 -27.83
CA ARG DA 483 181.10 53.90 -28.96
C ARG DA 483 180.20 55.14 -28.85
N PHE DA 484 179.86 55.54 -27.62
CA PHE DA 484 179.13 56.78 -27.44
C PHE DA 484 179.92 57.96 -27.98
N LEU DA 485 181.25 57.92 -27.85
CA LEU DA 485 182.10 58.98 -28.37
C LEU DA 485 181.77 59.29 -29.83
N GLU DA 486 181.59 58.26 -30.65
CA GLU DA 486 181.31 58.46 -32.06
C GLU DA 486 179.82 58.58 -32.35
N GLU DA 487 178.96 57.99 -31.52
CA GLU DA 487 177.53 58.12 -31.75
C GLU DA 487 177.03 59.52 -31.44
N TRP DA 488 177.73 60.24 -30.55
CA TRP DA 488 177.22 61.53 -30.08
C TRP DA 488 177.19 62.60 -31.15
N PRO DA 489 178.26 62.85 -31.94
CA PRO DA 489 178.27 64.03 -32.83
C PRO DA 489 177.17 64.04 -33.89
N GLY DA 490 176.37 62.98 -33.96
CA GLY DA 490 175.22 62.97 -34.83
C GLY DA 490 173.92 62.97 -34.06
N MET DA 491 173.92 62.29 -32.91
CA MET DA 491 172.72 62.21 -32.09
C MET DA 491 172.23 63.59 -31.71
N MET DA 492 173.15 64.50 -31.35
CA MET DA 492 172.85 65.91 -31.23
C MET DA 492 173.34 66.59 -32.50
N PRO DA 493 172.49 66.85 -33.48
CA PRO DA 493 172.95 67.44 -34.74
C PRO DA 493 173.47 68.85 -34.56
N VAL DA 494 172.64 69.73 -34.03
CA VAL DA 494 172.96 71.15 -33.88
C VAL DA 494 172.87 71.51 -32.41
N ARG DA 495 173.09 72.78 -32.08
CA ARG DA 495 173.03 73.21 -30.69
C ARG DA 495 171.62 73.05 -30.16
N PRO DA 496 171.40 72.16 -29.19
CA PRO DA 496 170.05 71.95 -28.67
C PRO DA 496 169.63 73.09 -27.77
N ARG DA 497 168.37 73.03 -27.36
CA ARG DA 497 167.89 73.90 -26.28
C ARG DA 497 168.39 73.31 -24.96
N TRP DA 498 167.99 73.92 -23.84
CA TRP DA 498 168.33 73.45 -22.51
C TRP DA 498 169.83 73.59 -22.25
N ALA DA 499 170.58 74.01 -23.26
CA ALA DA 499 172.03 74.12 -23.12
C ALA DA 499 172.41 75.41 -22.41
N ALA DA 500 172.07 76.57 -22.99
CA ALA DA 500 172.36 77.86 -22.39
C ALA DA 500 171.32 78.88 -22.83
N PRO DA 501 170.10 78.79 -22.30
CA PRO DA 501 169.12 79.88 -22.50
C PRO DA 501 169.30 81.02 -21.53
N ALA DA 502 170.28 80.96 -20.64
CA ALA DA 502 170.55 82.08 -19.74
C ALA DA 502 171.02 83.30 -20.52
N ALA DA 503 171.88 83.09 -21.52
CA ALA DA 503 172.23 84.18 -22.42
C ALA DA 503 171.00 84.71 -23.15
N ALA DA 504 170.01 83.86 -23.39
CA ALA DA 504 168.70 84.28 -23.88
C ALA DA 504 167.79 84.64 -22.71
N ASP DA 505 168.22 85.66 -21.96
CA ASP DA 505 167.49 86.06 -20.76
C ASP DA 505 166.12 86.62 -21.09
N GLN DA 506 165.95 87.15 -22.30
CA GLN DA 506 164.64 87.65 -22.75
C GLN DA 506 163.83 86.49 -23.30
N LEU DA 507 163.47 85.57 -22.40
CA LEU DA 507 162.63 84.44 -22.76
C LEU DA 507 161.25 84.90 -23.20
N LEU DA 508 160.83 86.08 -22.78
CA LEU DA 508 159.50 86.60 -23.09
C LEU DA 508 159.50 87.46 -24.35
N ALA DA 509 160.44 87.23 -25.27
CA ALA DA 509 160.43 87.94 -26.54
C ALA DA 509 159.18 87.59 -27.33
N PRO DA 510 158.72 88.48 -28.20
CA PRO DA 510 157.47 88.25 -28.93
C PRO DA 510 157.56 87.25 -30.06
N GLY DA 511 158.69 86.58 -30.27
CA GLY DA 511 158.79 85.67 -31.40
C GLY DA 511 159.22 84.25 -31.10
N ASN DA 512 159.94 84.03 -30.01
CA ASN DA 512 160.66 82.78 -29.82
C ASN DA 512 159.70 81.62 -29.59
N ALA DA 513 160.28 80.42 -29.45
CA ALA DA 513 159.51 79.19 -29.34
C ALA DA 513 159.48 78.61 -27.94
N ASP DA 514 160.53 78.82 -27.14
CA ASP DA 514 160.57 78.25 -25.79
C ASP DA 514 159.42 78.77 -24.95
N LEU DA 515 159.03 80.03 -25.15
CA LEU DA 515 157.92 80.61 -24.40
C LEU DA 515 156.65 79.78 -24.53
N ARG DA 516 156.43 79.22 -25.73
CA ARG DA 516 155.26 78.38 -25.94
C ARG DA 516 155.30 77.10 -25.11
N LEU DA 517 156.46 76.72 -24.59
CA LEU DA 517 156.60 75.46 -23.88
C LEU DA 517 156.40 75.59 -22.38
N GLU DA 518 156.86 76.68 -21.79
CA GLU DA 518 156.72 76.90 -20.35
C GLU DA 518 155.26 77.21 -20.03
N LEU DA 519 154.57 76.29 -19.36
CA LEU DA 519 153.16 76.43 -19.10
C LEU DA 519 152.74 76.08 -17.69
N HIS DA 520 153.66 75.67 -16.83
CA HIS DA 520 153.29 75.24 -15.49
C HIS DA 520 154.51 75.27 -14.57
N PRO DA 521 154.40 75.82 -13.36
CA PRO DA 521 155.56 75.97 -12.49
C PRO DA 521 156.03 74.69 -11.82
N ALA DA 522 155.52 73.52 -12.21
CA ALA DA 522 156.00 72.27 -11.63
C ALA DA 522 156.14 71.15 -12.65
N PHE DA 523 155.90 71.41 -13.92
CA PHE DA 523 155.94 70.36 -14.95
C PHE DA 523 156.79 70.83 -16.11
N ASP DA 524 157.64 69.95 -16.60
CA ASP DA 524 158.51 70.24 -17.74
C ASP DA 524 157.86 69.74 -19.02
N PHE DA 525 157.57 70.65 -19.94
CA PHE DA 525 157.04 70.31 -21.25
C PHE DA 525 158.15 70.43 -22.28
N PHE DA 526 158.30 69.42 -23.13
CA PHE DA 526 159.45 69.34 -24.02
C PHE DA 526 159.14 68.41 -25.17
N VAL DA 527 159.96 68.49 -26.21
CA VAL DA 527 159.88 67.62 -27.38
C VAL DA 527 160.79 66.42 -27.15
N ALA DA 528 160.37 65.26 -27.64
CA ALA DA 528 161.13 64.03 -27.44
C ALA DA 528 160.61 62.97 -28.40
N PRO DA 529 161.43 62.01 -28.77
CA PRO DA 529 160.90 60.81 -29.44
C PRO DA 529 160.11 59.98 -28.47
N GLU DA 530 159.17 59.20 -29.00
CA GLU DA 530 158.15 58.53 -28.19
C GLU DA 530 158.22 57.02 -28.32
N VAL DA 531 159.39 56.45 -28.56
CA VAL DA 531 159.44 55.05 -28.95
C VAL DA 531 159.36 54.13 -27.73
N ASP DA 532 160.42 54.12 -26.90
CA ASP DA 532 160.47 53.16 -25.80
C ASP DA 532 160.61 53.81 -24.43
N VAL DA 533 161.64 54.63 -24.21
CA VAL DA 533 161.89 55.27 -22.92
C VAL DA 533 161.89 54.24 -21.79
N PRO DA 534 162.97 53.47 -21.61
CA PRO DA 534 164.24 53.58 -22.33
C PRO DA 534 164.43 52.51 -23.42
N GLY DA 535 165.25 52.82 -24.42
CA GLY DA 535 165.43 51.93 -25.54
C GLY DA 535 166.87 51.51 -25.75
N PRO DA 536 167.14 50.83 -26.85
CA PRO DA 536 168.49 50.30 -27.09
C PRO DA 536 169.49 51.40 -27.39
N PHE DA 537 170.76 51.01 -27.37
CA PHE DA 537 171.89 51.94 -27.46
C PHE DA 537 172.10 52.41 -28.90
N ALA DA 538 171.05 53.03 -29.45
CA ALA DA 538 171.09 53.68 -30.75
C ALA DA 538 169.78 54.44 -30.94
N VAL DA 539 169.87 55.61 -31.54
CA VAL DA 539 168.71 56.47 -31.77
C VAL DA 539 168.31 56.35 -33.23
N PRO DA 540 167.03 56.17 -33.54
CA PRO DA 540 166.60 56.10 -34.94
C PRO DA 540 166.34 57.49 -35.52
N GLN DA 541 166.12 57.50 -36.83
CA GLN DA 541 165.78 58.73 -37.55
C GLN DA 541 164.26 58.82 -37.72
N VAL DA 542 163.58 58.91 -36.59
CA VAL DA 542 162.12 58.86 -36.56
C VAL DA 542 161.56 60.15 -35.95
N MET DA 543 160.24 60.21 -35.81
CA MET DA 543 159.55 61.44 -35.45
C MET DA 543 159.71 61.75 -33.96
N GLY DA 544 158.93 62.73 -33.50
CA GLY DA 544 158.95 63.12 -32.10
C GLY DA 544 157.66 63.84 -31.75
N GLN DA 545 157.39 63.93 -30.46
CA GLN DA 545 156.13 64.50 -29.98
C GLN DA 545 156.43 65.35 -28.74
N VAL DA 546 155.38 65.73 -28.02
CA VAL DA 546 155.47 66.56 -26.84
C VAL DA 546 155.04 65.73 -25.63
N ARG DA 547 155.85 65.74 -24.58
CA ARG DA 547 155.58 64.97 -23.38
C ARG DA 547 155.86 65.83 -22.16
N ALA DA 548 155.70 65.25 -20.97
CA ALA DA 548 155.80 66.00 -19.74
C ALA DA 548 156.49 65.17 -18.67
N MET DA 549 157.09 65.87 -17.70
CA MET DA 549 157.76 65.28 -16.55
C MET DA 549 157.58 66.24 -15.38
N PRO DA 550 157.52 65.73 -14.15
CA PRO DA 550 157.34 66.62 -13.00
C PRO DA 550 158.66 67.16 -12.50
N ARG DA 551 158.74 68.49 -12.37
CA ARG DA 551 159.87 69.11 -11.71
C ARG DA 551 159.83 68.74 -10.23
N ILE DA 552 160.72 67.83 -9.81
CA ILE DA 552 160.61 67.27 -8.47
C ILE DA 552 160.98 68.30 -7.41
N ILE DA 553 161.90 69.21 -7.73
CA ILE DA 553 162.50 70.08 -6.73
C ILE DA 553 162.44 71.54 -7.19
N ASN DA 554 162.56 72.45 -6.22
CA ASN DA 554 162.53 73.87 -6.51
C ASN DA 554 163.66 74.27 -7.45
N GLY DA 555 164.81 73.62 -7.35
CA GLY DA 555 165.97 74.04 -8.12
C GLY DA 555 165.75 73.94 -9.63
N ASN DA 556 164.94 72.96 -10.05
CA ASN DA 556 164.79 72.68 -11.48
C ASN DA 556 164.10 73.80 -12.24
N ILE DA 557 163.54 74.79 -11.56
CA ILE DA 557 162.99 75.95 -12.29
C ILE DA 557 164.14 76.69 -12.98
N PRO DA 558 164.05 76.95 -14.28
CA PRO DA 558 165.19 77.53 -14.99
C PRO DA 558 165.56 78.90 -14.46
N LEU DA 559 166.80 79.30 -14.73
CA LEU DA 559 167.32 80.57 -14.25
C LEU DA 559 166.59 81.75 -14.87
N ALA DA 560 166.01 81.58 -16.05
CA ALA DA 560 165.25 82.66 -16.67
C ALA DA 560 163.96 82.99 -15.93
N LEU DA 561 163.59 82.19 -14.93
CA LEU DA 561 162.38 82.43 -14.16
C LEU DA 561 162.58 82.32 -12.66
N CYS DA 562 163.81 82.14 -12.20
CA CYS DA 562 164.16 82.09 -10.78
C CYS DA 562 165.65 82.33 -10.66
N PRO DA 563 166.12 83.56 -10.86
CA PRO DA 563 167.55 83.80 -11.10
C PRO DA 563 168.45 83.44 -9.93
N VAL DA 564 169.76 83.53 -10.16
CA VAL DA 564 170.75 83.06 -9.19
C VAL DA 564 170.81 83.97 -7.98
N ASP DA 565 170.61 85.27 -8.18
CA ASP DA 565 170.67 86.22 -7.07
C ASP DA 565 169.66 85.86 -6.00
N PHE DA 566 168.44 85.49 -6.39
CA PHE DA 566 167.43 85.13 -5.41
C PHE DA 566 167.81 83.88 -4.64
N ARG DA 567 168.36 82.87 -5.33
CA ARG DA 567 168.75 81.64 -4.65
C ARG DA 567 169.85 81.91 -3.63
N ASP DA 568 170.89 82.65 -4.03
CA ASP DA 568 171.95 82.96 -3.09
C ASP DA 568 171.46 83.85 -1.96
N ALA DA 569 170.46 84.71 -2.23
CA ALA DA 569 169.91 85.55 -1.19
C ALA DA 569 169.19 84.73 -0.13
N ARG DA 570 168.33 83.82 -0.58
CA ARG DA 570 167.65 82.95 0.39
C ARG DA 570 168.62 82.00 1.09
N GLY DA 571 169.71 81.64 0.44
CA GLY DA 571 170.76 80.88 1.11
C GLY DA 571 171.36 81.69 2.25
N PHE DA 572 171.80 82.91 1.95
CA PHE DA 572 172.35 83.78 2.99
C PHE DA 572 171.33 84.06 4.09
N GLU DA 573 170.04 84.04 3.78
CA GLU DA 573 169.04 84.18 4.83
C GLU DA 573 168.97 82.94 5.71
N LEU DA 574 169.05 81.75 5.09
CA LEU DA 574 169.02 80.52 5.87
C LEU DA 574 170.33 80.26 6.61
N SER DA 575 171.42 80.91 6.18
CA SER DA 575 172.74 80.58 6.69
C SER DA 575 173.06 81.23 8.03
N VAL DA 576 172.20 82.10 8.54
CA VAL DA 576 172.47 82.75 9.82
C VAL DA 576 172.06 81.81 10.95
N ASP DA 577 172.85 81.85 12.03
CA ASP DA 577 172.55 81.18 13.30
C ASP DA 577 172.59 79.67 13.32
N ARG DA 578 173.27 79.03 12.37
CA ARG DA 578 173.34 77.58 12.34
C ARG DA 578 174.77 77.01 12.41
N HIS DA 579 175.65 77.45 11.50
CA HIS DA 579 177.02 76.97 11.46
C HIS DA 579 177.87 77.70 10.42
N ARG DA 580 179.16 77.86 10.70
CA ARG DA 580 180.07 78.55 9.80
C ARG DA 580 181.29 77.69 9.55
N LEU DA 581 181.76 77.69 8.30
CA LEU DA 581 183.05 77.13 7.95
C LEU DA 581 184.08 78.23 8.11
N ALA DA 582 184.79 78.21 9.24
CA ALA DA 582 185.82 79.21 9.54
C ALA DA 582 186.78 79.32 8.37
N PRO DA 583 187.31 80.52 8.08
CA PRO DA 583 188.12 80.72 6.88
C PRO DA 583 189.24 79.70 6.69
N ALA DA 584 189.71 79.10 7.79
CA ALA DA 584 190.77 78.10 7.68
C ALA DA 584 190.27 76.85 6.97
N THR DA 585 189.14 76.31 7.40
CA THR DA 585 188.60 75.08 6.81
C THR DA 585 188.30 75.29 5.33
N VAL DA 586 187.55 76.34 5.01
CA VAL DA 586 187.20 76.60 3.61
C VAL DA 586 188.44 76.91 2.79
N ALA DA 587 189.45 77.55 3.38
CA ALA DA 587 190.67 77.84 2.65
C ALA DA 587 191.39 76.57 2.28
N ALA DA 588 191.61 75.69 3.26
CA ALA DA 588 192.23 74.40 2.98
C ALA DA 588 191.46 73.62 1.93
N VAL DA 589 190.12 73.57 2.08
CA VAL DA 589 189.31 72.77 1.16
C VAL DA 589 189.35 73.34 -0.25
N ARG DA 590 189.27 74.67 -0.37
CA ARG DA 590 189.35 75.31 -1.68
C ARG DA 590 190.68 75.05 -2.34
N GLY DA 591 191.79 75.20 -1.59
CA GLY DA 591 193.09 74.90 -2.13
C GLY DA 591 193.22 73.45 -2.56
N ALA DA 592 192.55 72.54 -1.86
CA ALA DA 592 192.56 71.14 -2.26
C ALA DA 592 191.82 70.93 -3.56
N PHE DA 593 190.65 71.56 -3.70
CA PHE DA 593 189.82 71.32 -4.87
C PHE DA 593 190.24 72.13 -6.10
N ARG DA 594 191.12 73.11 -5.96
CA ARG DA 594 191.43 73.98 -7.09
C ARG DA 594 192.67 73.54 -7.87
N ASP DA 595 193.78 73.30 -7.18
CA ASP DA 595 195.06 73.09 -7.84
C ASP DA 595 195.04 71.83 -8.70
N ALA DA 596 196.01 71.74 -9.61
CA ALA DA 596 196.15 70.61 -10.52
C ALA DA 596 197.28 69.67 -10.16
N ASN DA 597 198.08 70.01 -9.14
CA ASN DA 597 199.19 69.17 -8.73
C ASN DA 597 198.81 68.17 -7.64
N TYR DA 598 197.55 67.76 -7.60
CA TYR DA 598 197.15 66.71 -6.68
C TYR DA 598 197.81 65.40 -7.10
N PRO DA 599 198.50 64.71 -6.18
CA PRO DA 599 199.28 63.52 -6.56
C PRO DA 599 198.36 62.32 -6.78
N MET DA 600 198.45 61.72 -7.96
CA MET DA 600 197.61 60.57 -8.29
C MET DA 600 197.74 59.44 -7.28
N VAL DA 601 198.80 59.45 -6.46
CA VAL DA 601 198.97 58.41 -5.45
C VAL DA 601 197.81 58.42 -4.48
N PHE DA 602 197.23 59.59 -4.21
CA PHE DA 602 196.06 59.65 -3.34
C PHE DA 602 194.86 58.99 -4.01
N TYR DA 603 194.64 59.29 -5.28
CA TYR DA 603 193.61 58.63 -6.07
C TYR DA 603 193.75 57.11 -5.98
N ILE DA 604 194.96 56.60 -6.19
CA ILE DA 604 195.14 55.16 -6.23
C ILE DA 604 195.03 54.55 -4.83
N ILE DA 605 195.48 55.26 -3.80
CA ILE DA 605 195.32 54.76 -2.44
C ILE DA 605 193.84 54.61 -2.12
N GLU DA 606 193.03 55.60 -2.49
CA GLU DA 606 191.59 55.49 -2.34
C GLU DA 606 191.06 54.28 -3.11
N ALA DA 607 191.39 54.18 -4.40
CA ALA DA 607 190.93 53.06 -5.20
C ALA DA 607 191.41 51.71 -4.66
N VAL DA 608 192.44 51.71 -3.83
CA VAL DA 608 192.87 50.49 -3.16
C VAL DA 608 191.98 50.19 -1.97
N ILE DA 609 191.74 51.20 -1.13
CA ILE DA 609 190.89 51.00 0.03
C ILE DA 609 189.43 50.83 -0.39
N HIS DA 610 188.96 51.71 -1.28
CA HIS DA 610 187.59 51.74 -1.78
C HIS DA 610 186.53 51.51 -0.70
N GLY DA 611 186.76 52.04 0.49
CA GLY DA 611 185.70 52.18 1.48
C GLY DA 611 185.53 51.04 2.46
N SER DA 612 186.44 50.08 2.50
CA SER DA 612 186.32 48.93 3.40
C SER DA 612 186.99 49.26 4.72
N GLU DA 613 186.24 49.11 5.82
CA GLU DA 613 186.81 49.33 7.15
C GLU DA 613 188.04 48.45 7.37
N ARG DA 614 187.97 47.20 6.92
CA ARG DA 614 189.08 46.27 7.08
C ARG DA 614 190.35 46.83 6.45
N THR DA 615 190.31 47.07 5.14
CA THR DA 615 191.50 47.54 4.44
C THR DA 615 191.97 48.89 4.97
N PHE DA 616 191.02 49.75 5.35
CA PHE DA 616 191.39 51.07 5.85
C PHE DA 616 192.15 50.96 7.18
N CYS DA 617 191.53 50.35 8.19
CA CYS DA 617 192.20 50.16 9.47
C CYS DA 617 193.51 49.41 9.30
N ALA DA 618 193.60 48.55 8.28
CA ALA DA 618 194.87 47.88 7.99
C ALA DA 618 195.87 48.82 7.33
N LEU DA 619 195.39 49.77 6.52
CA LEU DA 619 196.25 50.74 5.84
C LEU DA 619 196.26 52.09 6.55
N ALA DA 620 196.10 52.09 7.88
CA ALA DA 620 195.97 53.35 8.60
C ALA DA 620 197.27 54.15 8.58
N ARG DA 621 198.40 53.47 8.79
CA ARG DA 621 199.67 54.18 8.90
C ARG DA 621 200.01 54.91 7.61
N LEU DA 622 199.75 54.29 6.46
CA LEU DA 622 200.08 54.92 5.19
C LEU DA 622 199.21 56.16 4.96
N VAL DA 623 197.91 56.06 5.22
CA VAL DA 623 197.04 57.21 4.96
C VAL DA 623 197.37 58.35 5.93
N ALA DA 624 197.70 58.02 7.18
CA ALA DA 624 198.10 59.07 8.12
C ALA DA 624 199.40 59.73 7.68
N GLN DA 625 200.37 58.92 7.25
CA GLN DA 625 201.66 59.44 6.79
C GLN DA 625 201.47 60.41 5.63
N CYS DA 626 200.64 60.03 4.65
CA CYS DA 626 200.49 60.90 3.50
C CYS DA 626 199.66 62.14 3.83
N ILE DA 627 198.68 62.03 4.73
CA ILE DA 627 198.00 63.21 5.23
C ILE DA 627 199.01 64.20 5.79
N GLN DA 628 199.85 63.73 6.70
CA GLN DA 628 200.82 64.60 7.35
C GLN DA 628 201.81 65.17 6.35
N SER DA 629 202.20 64.39 5.36
CA SER DA 629 203.15 64.88 4.36
C SER DA 629 202.54 65.97 3.51
N TYR DA 630 201.32 65.76 3.01
CA TYR DA 630 200.66 66.78 2.21
C TYR DA 630 200.42 68.05 3.02
N TRP DA 631 200.11 67.90 4.31
CA TRP DA 631 199.90 69.09 5.13
C TRP DA 631 201.21 69.83 5.37
N ARG DA 632 202.30 69.10 5.62
CA ARG DA 632 203.60 69.75 5.80
C ARG DA 632 204.04 70.45 4.53
N ASN DA 633 203.67 69.92 3.37
CA ASN DA 633 204.09 70.55 2.12
C ASN DA 633 203.23 71.77 1.78
N THR DA 634 201.90 71.65 1.89
CA THR DA 634 201.00 72.66 1.33
C THR DA 634 199.92 73.17 2.28
N HIS DA 635 199.77 72.60 3.48
CA HIS DA 635 198.71 72.99 4.41
C HIS DA 635 197.33 72.73 3.84
N ASN DA 636 197.19 71.70 3.02
CA ASN DA 636 195.92 71.33 2.41
C ASN DA 636 195.50 69.95 2.90
N ALA DA 637 194.23 69.79 3.25
CA ALA DA 637 193.70 68.47 3.57
C ALA DA 637 193.69 67.60 2.32
N ALA DA 638 193.42 66.32 2.52
CA ALA DA 638 193.43 65.37 1.42
C ALA DA 638 192.25 64.41 1.55
N PHE DA 639 192.01 63.66 0.49
CA PHE DA 639 190.95 62.63 0.43
C PHE DA 639 189.57 63.22 0.64
N VAL DA 640 189.40 64.53 0.46
CA VAL DA 640 188.10 65.16 0.61
C VAL DA 640 187.10 64.63 -0.40
N ASN DA 641 187.58 64.06 -1.50
CA ASN DA 641 186.68 63.51 -2.52
C ASN DA 641 186.07 62.20 -2.13
N ASN DA 642 186.17 61.79 -0.87
CA ASN DA 642 185.54 60.56 -0.42
C ASN DA 642 184.90 60.81 0.94
N PHE DA 643 183.57 60.69 1.00
CA PHE DA 643 182.89 60.78 2.29
C PHE DA 643 183.36 59.68 3.23
N TYR DA 644 183.57 58.47 2.68
CA TYR DA 644 184.04 57.36 3.50
C TYR DA 644 185.36 57.70 4.17
N MET DA 645 186.29 58.30 3.43
CA MET DA 645 187.60 58.59 3.98
C MET DA 645 187.52 59.59 5.12
N VAL DA 646 186.80 60.69 4.93
CA VAL DA 646 186.73 61.69 5.98
C VAL DA 646 186.00 61.14 7.20
N MET DA 647 184.97 60.31 6.97
CA MET DA 647 184.27 59.72 8.12
C MET DA 647 185.20 58.80 8.90
N TYR DA 648 185.89 57.89 8.21
CA TYR DA 648 186.82 56.98 8.86
C TYR DA 648 187.89 57.74 9.62
N ILE DA 649 188.47 58.77 8.99
CA ILE DA 649 189.52 59.57 9.61
C ILE DA 649 189.02 60.21 10.89
N ASN DA 650 187.85 60.87 10.81
CA ASN DA 650 187.32 61.54 11.98
C ASN DA 650 186.96 60.56 13.08
N THR DA 651 186.61 59.32 12.72
CA THR DA 651 186.17 58.36 13.72
C THR DA 651 187.31 57.52 14.32
N TYR DA 652 188.43 57.39 13.64
CA TYR DA 652 189.51 56.51 14.09
C TYR DA 652 190.79 57.26 14.43
N LEU DA 653 191.23 58.17 13.56
CA LEU DA 653 192.49 58.87 13.78
C LEU DA 653 192.27 60.04 14.74
N GLY DA 654 191.71 59.76 15.91
CA GLY DA 654 191.47 60.78 16.90
C GLY DA 654 192.44 60.69 18.06
N ASN DA 655 193.30 59.67 18.03
CA ASN DA 655 194.34 59.53 19.04
C ASN DA 655 195.28 60.73 19.06
N GLY DA 656 195.36 61.48 17.97
CA GLY DA 656 196.26 62.60 17.86
C GLY DA 656 197.45 62.39 16.95
N GLU DA 657 197.44 61.35 16.11
CA GLU DA 657 198.55 61.05 15.23
C GLU DA 657 198.79 62.20 14.27
N LEU DA 658 197.83 62.46 13.40
CA LEU DA 658 197.90 63.62 12.54
C LEU DA 658 197.77 64.88 13.39
N PRO DA 659 198.24 66.03 12.90
CA PRO DA 659 198.20 67.25 13.71
C PRO DA 659 196.81 67.59 14.21
N GLU DA 660 196.74 68.39 15.27
CA GLU DA 660 195.46 68.79 15.84
C GLU DA 660 194.66 69.63 14.85
N ASP DA 661 195.33 70.48 14.06
CA ASP DA 661 194.63 71.26 13.06
C ASP DA 661 194.09 70.39 11.94
N CYS DA 662 194.86 69.37 11.55
CA CYS DA 662 194.38 68.42 10.54
C CYS DA 662 193.14 67.70 11.02
N ALA DA 663 193.04 67.42 12.32
CA ALA DA 663 191.84 66.81 12.85
C ALA DA 663 190.70 67.82 12.90
N ALA DA 664 191.00 69.07 13.27
CA ALA DA 664 189.98 70.10 13.34
C ALA DA 664 189.32 70.33 11.98
N VAL DA 665 190.11 70.26 10.91
CA VAL DA 665 189.58 70.47 9.57
C VAL DA 665 188.47 69.46 9.27
N TYR DA 666 188.82 68.17 9.36
CA TYR DA 666 187.85 67.13 9.04
C TYR DA 666 186.69 67.12 10.00
N LYS DA 667 186.94 67.42 11.28
CA LYS DA 667 185.85 67.47 12.25
C LYS DA 667 184.87 68.57 11.91
N ASP DA 668 185.37 69.75 11.54
CA ASP DA 668 184.49 70.85 11.16
C ASP DA 668 183.70 70.50 9.89
N LEU DA 669 184.35 69.85 8.93
CA LEU DA 669 183.64 69.44 7.72
C LEU DA 669 182.48 68.50 8.06
N LEU DA 670 182.74 67.50 8.90
CA LEU DA 670 181.67 66.57 9.25
C LEU DA 670 180.59 67.26 10.08
N GLU DA 671 180.98 68.19 10.94
CA GLU DA 671 179.98 68.92 11.73
C GLU DA 671 179.09 69.75 10.82
N HIS DA 672 179.65 70.34 9.76
CA HIS DA 672 178.81 71.08 8.83
C HIS DA 672 177.87 70.15 8.08
N VAL DA 673 178.36 68.98 7.67
CA VAL DA 673 177.46 68.02 7.03
C VAL DA 673 176.31 67.65 7.97
N HIS DA 674 176.62 67.42 9.24
CA HIS DA 674 175.59 67.04 10.19
C HIS DA 674 174.62 68.19 10.47
N ALA DA 675 175.12 69.42 10.48
CA ALA DA 675 174.22 70.56 10.66
C ALA DA 675 173.28 70.69 9.46
N LEU DA 676 173.79 70.44 8.26
CA LEU DA 676 172.93 70.41 7.08
C LEU DA 676 171.85 69.34 7.24
N ARG DA 677 172.25 68.14 7.69
CA ARG DA 677 171.26 67.09 7.90
C ARG DA 677 170.21 67.50 8.92
N ARG DA 678 170.64 68.23 9.97
CA ARG DA 678 169.70 68.69 10.98
C ARG DA 678 168.78 69.79 10.46
N LEU DA 679 169.20 70.53 9.45
CA LEU DA 679 168.37 71.62 8.93
C LEU DA 679 166.98 71.13 8.52
N ILE DA 680 166.91 70.00 7.83
CA ILE DA 680 165.64 69.53 7.27
C ILE DA 680 164.58 69.38 8.36
N GLY DA 681 165.00 68.90 9.52
CA GLY DA 681 164.04 68.63 10.59
C GLY DA 681 163.30 69.87 11.05
N GLU DA 682 163.96 71.03 11.01
CA GLU DA 682 163.31 72.26 11.47
C GLU DA 682 162.21 72.73 10.52
N PHE DA 683 162.27 72.33 9.26
CA PHE DA 683 161.30 72.77 8.27
C PHE DA 683 160.34 71.63 7.89
N THR DA 684 160.01 70.79 8.87
CA THR DA 684 159.09 69.68 8.66
C THR DA 684 158.17 69.56 9.86
N LEU DA 685 156.87 69.50 9.60
CA LEU DA 685 155.93 69.26 10.68
C LEU DA 685 155.86 67.76 10.97
N PRO DA 686 155.75 67.37 12.25
CA PRO DA 686 155.60 65.96 12.56
C PRO DA 686 154.26 65.43 12.07
N GLY DA 687 154.20 64.11 11.91
CA GLY DA 687 152.98 63.49 11.43
C GLY DA 687 153.12 61.99 11.36
N ASP DA 688 152.20 61.38 10.62
CA ASP DA 688 152.13 59.94 10.44
C ASP DA 688 152.61 59.56 9.03
N PRO DA 689 153.19 58.37 8.88
CA PRO DA 689 153.72 57.97 7.56
C PRO DA 689 152.59 57.75 6.56
N LEU DA 690 152.61 58.53 5.47
CA LEU DA 690 151.56 58.44 4.45
C LEU DA 690 151.85 57.31 3.46
N GLY DA 691 152.93 57.43 2.71
CA GLY DA 691 153.23 56.46 1.68
C GLY DA 691 154.15 55.37 2.18
N ASN DA 692 153.94 54.94 3.42
CA ASN DA 692 154.82 53.99 4.09
C ASN DA 692 156.26 54.49 4.05
N GLN DA 693 156.39 55.80 4.26
CA GLN DA 693 157.63 56.56 4.34
C GLN DA 693 157.43 57.63 5.40
N PRO DA 694 158.49 58.02 6.09
CA PRO DA 694 158.34 59.08 7.10
C PRO DA 694 157.92 60.38 6.47
N GLN DA 695 157.21 61.20 7.24
CA GLN DA 695 156.76 62.51 6.76
C GLN DA 695 157.95 63.35 6.31
N GLU DA 696 159.10 63.19 6.97
CA GLU DA 696 160.29 63.94 6.61
C GLU DA 696 160.75 63.62 5.20
N GLU DA 697 160.46 62.41 4.72
CA GLU DA 697 160.96 61.96 3.43
C GLU DA 697 160.19 62.53 2.25
N LEU DA 698 158.98 63.04 2.48
CA LEU DA 698 158.17 63.63 1.41
C LEU DA 698 158.37 65.13 1.29
N ASN DA 699 159.47 65.66 1.83
CA ASN DA 699 159.72 67.08 1.79
C ASN DA 699 161.04 67.46 1.12
N HIS DA 700 162.10 66.68 1.35
CA HIS DA 700 163.42 66.99 0.81
C HIS DA 700 163.89 65.82 -0.03
N ALA DA 701 164.28 66.10 -1.28
CA ALA DA 701 164.70 65.04 -2.19
C ALA DA 701 165.94 64.31 -1.68
N LEU DA 702 166.81 65.01 -0.95
CA LEU DA 702 168.02 64.37 -0.47
C LEU DA 702 167.72 63.35 0.63
N ALA DA 703 166.82 63.71 1.55
CA ALA DA 703 166.41 62.76 2.59
C ALA DA 703 165.59 61.61 2.06
N ASP DA 704 165.27 61.61 0.77
CA ASP DA 704 164.48 60.53 0.18
C ASP DA 704 165.40 59.34 -0.11
N ALA DA 705 165.06 58.19 0.47
CA ALA DA 705 165.82 56.96 0.22
C ALA DA 705 165.52 56.36 -1.14
N THR DA 706 164.77 57.05 -1.99
CA THR DA 706 164.54 56.58 -3.35
C THR DA 706 165.60 57.06 -4.33
N LEU DA 707 166.51 57.92 -3.88
CA LEU DA 707 167.60 58.43 -4.70
C LEU DA 707 168.89 57.78 -4.21
N LEU DA 708 169.42 56.86 -5.01
CA LEU DA 708 170.70 56.27 -4.67
C LEU DA 708 171.80 57.32 -4.79
N PRO DA 709 172.71 57.42 -3.83
CA PRO DA 709 173.82 58.38 -3.94
C PRO DA 709 174.59 58.17 -5.22
N PRO DA 710 175.28 59.21 -5.71
CA PRO DA 710 176.01 59.07 -6.98
C PRO DA 710 177.20 58.13 -6.92
N LEU DA 711 177.58 57.63 -5.74
CA LEU DA 711 178.71 56.73 -5.61
C LEU DA 711 178.43 55.76 -4.47
N ILE DA 712 178.10 54.52 -4.79
CA ILE DA 712 177.87 53.47 -3.80
C ILE DA 712 179.04 52.51 -3.81
N TRP DA 713 179.37 51.96 -2.64
CA TRP DA 713 180.54 51.10 -2.49
C TRP DA 713 180.19 49.79 -1.80
N ASP DA 714 178.93 49.39 -1.84
CA ASP DA 714 178.43 48.26 -1.06
C ASP DA 714 177.03 47.94 -1.58
N CYS DA 715 176.31 47.09 -0.85
CA CYS DA 715 174.94 46.74 -1.20
C CYS DA 715 173.96 47.20 -0.13
N ASP DA 716 174.35 48.20 0.68
CA ASP DA 716 173.43 48.74 1.68
C ASP DA 716 172.29 49.50 1.03
N PRO DA 717 172.53 50.58 0.27
CA PRO DA 717 171.40 51.38 -0.22
C PRO DA 717 170.62 50.69 -1.32
N ILE DA 718 171.30 49.98 -2.22
CA ILE DA 718 170.62 49.35 -3.35
C ILE DA 718 169.64 48.29 -2.90
N LEU DA 719 169.82 47.73 -1.71
CA LEU DA 719 168.84 46.80 -1.16
C LEU DA 719 167.90 47.46 -0.18
N TYR DA 720 168.36 48.42 0.62
CA TYR DA 720 167.46 49.13 1.53
C TYR DA 720 166.37 49.87 0.76
N ARG DA 721 166.66 50.29 -0.47
CA ARG DA 721 165.65 50.98 -1.26
C ARG DA 721 164.48 50.06 -1.57
N ASP DA 722 164.78 48.86 -2.08
CA ASP DA 722 163.72 47.89 -2.31
C ASP DA 722 163.08 47.44 -1.00
N GLY DA 723 163.83 47.47 0.10
CA GLY DA 723 163.28 47.04 1.36
C GLY DA 723 162.32 48.05 1.98
N LEU DA 724 162.48 49.33 1.68
CA LEU DA 724 161.66 50.37 2.28
C LEU DA 724 160.60 50.95 1.35
N ALA DA 725 160.93 51.23 0.09
CA ALA DA 725 159.91 51.74 -0.82
C ALA DA 725 158.86 50.67 -1.10
N GLU DA 726 159.25 49.40 -1.12
CA GLU DA 726 158.33 48.26 -1.08
C GLU DA 726 157.32 48.30 -2.23
N ARG DA 727 157.81 48.60 -3.43
CA ARG DA 727 157.09 48.37 -4.68
C ARG DA 727 155.93 49.35 -4.87
N LEU DA 728 155.62 50.14 -3.83
CA LEU DA 728 154.50 51.08 -3.94
C LEU DA 728 154.74 52.10 -5.05
N PRO DA 729 155.93 52.66 -5.24
CA PRO DA 729 156.29 53.16 -6.58
C PRO DA 729 156.99 52.06 -7.36
N GLU DA 730 156.71 51.95 -8.65
CA GLU DA 730 157.24 50.84 -9.45
C GLU DA 730 158.74 51.09 -9.67
N LEU DA 731 159.54 50.48 -8.82
CA LEU DA 731 160.99 50.67 -8.79
C LEU DA 731 161.70 49.47 -9.41
N ARG DA 732 162.89 49.73 -9.96
CA ARG DA 732 163.71 48.69 -10.54
C ARG DA 732 165.13 49.24 -10.70
N VAL DA 733 166.11 48.34 -10.69
CA VAL DA 733 167.51 48.70 -10.81
C VAL DA 733 168.06 48.04 -12.06
N ASN DA 734 168.30 48.85 -13.08
CA ASN DA 734 168.79 48.36 -14.37
C ASN DA 734 170.32 48.30 -14.34
N GLY DA 735 170.94 48.17 -15.52
CA GLY DA 735 172.37 47.94 -15.62
C GLY DA 735 172.61 46.59 -16.26
N ALA DA 736 173.09 45.63 -15.48
CA ALA DA 736 173.00 44.23 -15.82
C ALA DA 736 172.02 43.56 -14.87
N HIS DA 737 171.25 42.60 -15.39
CA HIS DA 737 170.20 41.97 -14.59
C HIS DA 737 170.79 41.38 -13.31
N PHE DA 738 170.15 41.70 -12.19
CA PHE DA 738 170.83 41.68 -10.90
C PHE DA 738 171.21 40.27 -10.46
N GLN DA 739 172.37 40.18 -9.80
CA GLN DA 739 172.77 39.00 -9.05
C GLN DA 739 173.48 39.48 -7.78
N HIS DA 740 173.39 38.70 -6.72
CA HIS DA 740 173.92 39.07 -5.42
C HIS DA 740 174.95 38.06 -4.94
N ILE DA 741 175.98 38.58 -4.27
CA ILE DA 741 177.02 37.77 -3.65
C ILE DA 741 177.18 38.26 -2.21
N LEU DA 742 178.09 37.66 -1.46
CA LEU DA 742 178.41 38.16 -0.13
C LEU DA 742 179.71 38.96 -0.15
N VAL DA 754 181.81 41.24 -16.18
CA VAL DA 754 181.17 42.10 -17.17
C VAL DA 754 179.66 42.02 -17.03
N GLY DA 755 179.20 41.26 -16.05
CA GLY DA 755 177.80 41.13 -15.76
C GLY DA 755 177.37 41.97 -14.58
N GLY DA 756 176.30 41.53 -13.92
CA GLY DA 756 175.79 42.24 -12.76
C GLY DA 756 176.38 41.73 -11.46
N GLY DA 757 177.69 41.49 -11.45
CA GLY DA 757 178.36 41.01 -10.25
C GLY DA 757 178.67 42.11 -9.26
N LEU DA 758 178.12 42.01 -8.06
CA LEU DA 758 178.29 43.02 -7.03
C LEU DA 758 178.98 42.46 -5.81
N VAL DA 759 179.83 43.28 -5.21
CA VAL DA 759 180.56 42.95 -3.99
C VAL DA 759 179.70 43.34 -2.79
N HIS DA 760 180.01 42.79 -1.61
CA HIS DA 760 179.47 43.26 -0.34
C HIS DA 760 180.63 43.22 0.65
N ASN DA 761 181.35 44.33 0.74
CA ASN DA 761 182.57 44.36 1.54
C ASN DA 761 182.25 44.27 3.03
N ARG DA 762 183.18 43.68 3.78
CA ARG DA 762 183.00 43.45 5.21
C ARG DA 762 184.31 43.07 5.88
N PRO DA 763 184.57 43.56 7.10
CA PRO DA 763 185.72 43.13 7.91
C PRO DA 763 185.38 41.96 8.83
N HIS DA 772 171.11 41.83 6.42
CA HIS DA 772 171.79 42.39 7.58
C HIS DA 772 173.09 43.07 7.18
N PRO DA 773 173.00 44.33 6.75
CA PRO DA 773 174.19 45.04 6.27
C PRO DA 773 175.06 45.55 7.42
N HIS DA 774 176.11 46.30 7.08
CA HIS DA 774 177.10 46.75 8.06
C HIS DA 774 176.88 48.18 8.55
N HIS DA 775 176.35 49.06 7.71
CA HIS DA 775 176.12 50.44 8.09
C HIS DA 775 174.63 50.68 8.34
N ASP DA 776 174.33 51.76 9.05
CA ASP DA 776 172.95 52.13 9.35
C ASP DA 776 172.34 52.85 8.14
N ALA DA 777 171.19 53.48 8.35
CA ALA DA 777 170.48 54.16 7.26
C ALA DA 777 170.91 55.61 7.11
N GLU DA 778 171.17 56.32 8.22
CA GLU DA 778 171.59 57.70 8.15
C GLU DA 778 172.85 57.89 7.31
N TRP DA 779 173.64 56.83 7.15
CA TRP DA 779 174.83 56.89 6.31
C TRP DA 779 174.47 57.32 4.89
N SER DA 780 173.40 56.75 4.33
CA SER DA 780 173.03 57.06 2.96
C SER DA 780 172.66 58.53 2.80
N VAL DA 781 171.81 59.05 3.70
CA VAL DA 781 171.39 60.43 3.56
C VAL DA 781 172.54 61.38 3.82
N LEU DA 782 173.45 61.04 4.74
CA LEU DA 782 174.63 61.87 4.94
C LEU DA 782 175.48 61.92 3.67
N SER DA 783 175.63 60.77 3.00
CA SER DA 783 176.42 60.73 1.77
C SER DA 783 175.77 61.57 0.68
N LYS DA 784 174.44 61.43 0.52
CA LYS DA 784 173.74 62.24 -0.47
C LYS DA 784 173.91 63.72 -0.18
N ILE DA 785 173.72 64.11 1.08
CA ILE DA 785 173.85 65.52 1.47
C ILE DA 785 175.24 66.02 1.14
N TYR DA 786 176.27 65.25 1.50
CA TYR DA 786 177.64 65.63 1.18
C TYR DA 786 177.80 65.85 -0.32
N TYR DA 787 177.59 64.80 -1.10
CA TYR DA 787 177.90 64.83 -2.53
C TYR DA 787 177.01 65.76 -3.34
N TYR DA 788 175.88 66.22 -2.78
CA TYR DA 788 175.03 67.13 -3.53
C TYR DA 788 174.99 68.54 -2.94
N ALA DA 789 175.59 68.78 -1.78
CA ALA DA 789 175.61 70.10 -1.20
C ALA DA 789 177.02 70.66 -1.05
N VAL DA 790 177.93 69.92 -0.44
CA VAL DA 790 179.22 70.51 -0.12
C VAL DA 790 180.22 70.36 -1.26
N VAL DA 791 180.15 69.27 -2.03
CA VAL DA 791 181.07 69.09 -3.15
C VAL DA 791 180.80 70.13 -4.22
N PRO DA 792 179.57 70.27 -4.74
CA PRO DA 792 179.34 71.31 -5.77
C PRO DA 792 179.56 72.72 -5.25
N ALA DA 793 179.62 72.91 -3.93
CA ALA DA 793 179.91 74.24 -3.42
C ALA DA 793 181.35 74.65 -3.72
N PHE DA 794 182.29 73.74 -3.54
CA PHE DA 794 183.69 74.03 -3.78
C PHE DA 794 184.15 73.67 -5.19
N SER DA 795 183.39 72.85 -5.91
CA SER DA 795 183.81 72.45 -7.24
C SER DA 795 183.58 73.55 -8.26
N ARG DA 796 182.42 74.21 -8.19
CA ARG DA 796 182.05 75.25 -9.14
C ARG DA 796 182.08 74.72 -10.57
N GLY DA 797 181.72 73.46 -10.76
CA GLY DA 797 181.70 72.87 -12.08
C GLY DA 797 183.02 72.29 -12.55
N ASN DA 798 183.86 71.83 -11.63
CA ASN DA 798 185.17 71.31 -11.98
C ASN DA 798 185.31 69.81 -11.76
N CYS DA 799 184.73 69.27 -10.69
CA CYS DA 799 184.86 67.86 -10.39
C CYS DA 799 184.17 67.01 -11.46
N CYS DA 800 184.53 65.73 -11.49
CA CYS DA 800 183.95 64.80 -12.45
C CYS DA 800 184.15 63.38 -11.94
N THR DA 801 183.07 62.62 -11.85
CA THR DA 801 183.18 61.21 -11.51
C THR DA 801 183.93 60.48 -12.62
N MET DA 802 184.84 59.60 -12.22
CA MET DA 802 185.71 58.91 -13.17
C MET DA 802 185.60 57.41 -12.97
N GLY DA 803 185.52 56.68 -14.08
CA GLY DA 803 185.56 55.23 -14.03
C GLY DA 803 186.99 54.76 -13.96
N VAL DA 804 187.29 53.92 -12.97
CA VAL DA 804 188.63 53.42 -12.75
C VAL DA 804 188.77 52.04 -13.37
N ARG DA 805 189.96 51.74 -13.89
CA ARG DA 805 190.29 50.44 -14.44
C ARG DA 805 191.31 49.80 -13.50
N TYR DA 806 190.85 48.83 -12.71
CA TYR DA 806 191.63 48.35 -11.57
C TYR DA 806 192.88 47.57 -11.97
N ASP DA 807 192.94 47.05 -13.20
CA ASP DA 807 194.07 46.19 -13.56
C ASP DA 807 195.38 46.97 -13.60
N ARG DA 808 195.35 48.20 -14.10
CA ARG DA 808 196.54 49.03 -14.07
C ARG DA 808 196.92 49.47 -12.66
N VAL DA 809 196.07 49.19 -11.68
CA VAL DA 809 196.41 49.40 -10.27
C VAL DA 809 196.99 48.15 -9.65
N TYR DA 810 196.35 47.01 -9.90
CA TYR DA 810 196.84 45.73 -9.40
C TYR DA 810 198.10 45.27 -10.12
N GLN DA 811 198.53 45.97 -11.17
CA GLN DA 811 199.87 45.73 -11.70
C GLN DA 811 200.91 46.53 -10.94
N LEU DA 812 200.60 47.76 -10.55
CA LEU DA 812 201.53 48.57 -9.78
C LEU DA 812 201.60 48.14 -8.32
N VAL DA 813 200.60 47.41 -7.83
CA VAL DA 813 200.54 47.01 -6.42
C VAL DA 813 201.83 46.32 -5.99
N GLN DA 814 202.41 45.49 -6.85
CA GLN DA 814 203.54 44.64 -6.49
C GLN DA 814 204.89 45.32 -6.68
N THR DA 815 204.94 46.65 -6.62
CA THR DA 815 206.16 47.43 -6.86
C THR DA 815 206.83 47.04 -8.17
N PRO DA 841 210.30 49.97 -13.40
CA PRO DA 841 209.53 50.50 -14.52
C PRO DA 841 208.21 51.14 -14.07
N ASN DA 842 208.15 52.47 -14.07
CA ASN DA 842 207.00 53.20 -13.56
C ASN DA 842 206.61 52.69 -12.17
N SER DA 843 207.62 52.58 -11.30
CA SER DA 843 207.44 51.97 -10.00
C SER DA 843 206.51 52.81 -9.14
N LEU DA 844 206.10 52.22 -8.01
CA LEU DA 844 205.27 52.96 -7.06
C LEU DA 844 206.13 53.87 -6.19
N ASN DA 845 207.37 53.46 -5.90
CA ASN DA 845 208.23 54.27 -5.06
C ASN DA 845 208.62 55.57 -5.73
N VAL DA 846 208.78 55.57 -7.06
CA VAL DA 846 209.03 56.83 -7.75
C VAL DA 846 207.78 57.71 -7.74
N LEU DA 847 206.60 57.12 -7.66
CA LEU DA 847 205.39 57.91 -7.48
C LEU DA 847 205.35 58.57 -6.10
N PHE DA 848 205.65 57.79 -5.06
CA PHE DA 848 205.73 58.33 -3.71
C PHE DA 848 206.76 59.46 -3.64
N HIS DA 849 207.95 59.21 -4.20
CA HIS DA 849 209.00 60.23 -4.23
C HIS DA 849 208.57 61.45 -5.04
N ASN DA 850 207.76 61.24 -6.08
CA ASN DA 850 207.20 62.35 -6.83
C ASN DA 850 206.12 63.07 -6.03
N ALA DA 851 205.35 62.32 -5.23
CA ALA DA 851 204.35 62.92 -4.36
C ALA DA 851 204.97 63.62 -3.15
N CYS DA 852 206.29 63.59 -3.01
CA CYS DA 852 206.99 64.22 -1.90
C CYS DA 852 206.45 63.72 -0.56
N VAL DA 853 206.21 62.42 -0.49
CA VAL DA 853 205.69 61.76 0.70
C VAL DA 853 206.70 60.73 1.17
N ALA DA 854 206.88 60.65 2.48
CA ALA DA 854 207.82 59.68 3.05
C ALA DA 854 207.25 58.27 2.96
N VAL DA 855 208.05 57.35 2.45
CA VAL DA 855 207.62 55.98 2.24
C VAL DA 855 208.13 55.12 3.38
N ASP DA 856 207.36 54.08 3.71
CA ASP DA 856 207.76 53.08 4.70
C ASP DA 856 207.57 51.72 4.07
N ALA DA 857 208.64 50.92 4.02
CA ALA DA 857 208.56 49.60 3.41
C ALA DA 857 207.49 48.74 4.08
N ASP DA 858 207.33 48.89 5.40
CA ASP DA 858 206.29 48.16 6.11
C ASP DA 858 204.92 48.49 5.56
N ALA DA 859 204.67 49.77 5.23
CA ALA DA 859 203.35 50.16 4.76
C ALA DA 859 203.01 49.53 3.41
N MET DA 860 203.96 49.51 2.48
CA MET DA 860 203.71 48.87 1.20
C MET DA 860 203.63 47.35 1.33
N LEU DA 861 204.36 46.78 2.30
CA LEU DA 861 204.19 45.37 2.59
C LEU DA 861 202.76 45.08 3.08
N ILE DA 862 202.24 45.96 3.94
CA ILE DA 862 200.84 45.80 4.36
C ILE DA 862 199.91 46.01 3.17
N LEU DA 863 200.28 46.86 2.22
CA LEU DA 863 199.46 47.02 1.02
C LEU DA 863 199.37 45.71 0.24
N GLN DA 864 200.53 45.10 -0.05
CA GLN DA 864 200.53 43.84 -0.77
C GLN DA 864 199.98 42.69 0.06
N GLU DA 865 199.89 42.86 1.38
CA GLU DA 865 199.23 41.85 2.20
C GLU DA 865 197.71 42.01 2.15
N THR DA 866 197.24 43.25 2.20
CA THR DA 866 195.82 43.55 2.27
C THR DA 866 195.15 43.59 0.89
N VAL DA 867 195.92 43.42 -0.19
CA VAL DA 867 195.34 43.30 -1.51
C VAL DA 867 194.33 42.15 -1.62
N THR DA 868 194.27 41.29 -0.60
CA THR DA 868 193.39 40.11 -0.63
C THR DA 868 191.95 40.48 -0.99
N ASN DA 869 191.50 41.66 -0.58
CA ASN DA 869 190.19 42.15 -0.97
C ASN DA 869 190.31 42.79 -2.36
N MET DA 870 189.51 42.31 -3.31
CA MET DA 870 189.59 42.77 -4.68
C MET DA 870 188.19 42.99 -5.24
N ALA DA 871 188.12 43.85 -6.25
CA ALA DA 871 186.89 44.13 -6.97
C ALA DA 871 187.18 44.13 -8.46
N GLU DA 872 186.26 43.58 -9.24
CA GLU DA 872 186.50 43.37 -10.66
C GLU DA 872 186.57 44.69 -11.42
N ARG DA 873 185.45 45.42 -11.45
CA ARG DA 873 185.35 46.62 -12.29
C ARG DA 873 184.32 47.56 -11.68
N THR DA 874 184.45 48.83 -12.02
CA THR DA 874 183.35 49.75 -11.81
C THR DA 874 182.20 49.38 -12.74
N THR DA 875 180.99 49.81 -12.37
CA THR DA 875 179.84 49.47 -13.20
C THR DA 875 178.77 50.53 -13.04
N PRO DA 876 178.04 50.85 -14.11
CA PRO DA 876 176.97 51.83 -14.02
C PRO DA 876 175.63 51.16 -13.71
N LEU DA 877 174.68 51.99 -13.27
CA LEU DA 877 173.32 51.57 -13.01
C LEU DA 877 172.37 52.58 -13.65
N LEU DA 878 171.07 52.27 -13.58
CA LEU DA 878 170.04 53.25 -13.97
C LEU DA 878 168.86 52.99 -13.04
N ALA DA 879 168.82 53.72 -11.93
CA ALA DA 879 167.74 53.58 -10.97
C ALA DA 879 166.51 54.31 -11.46
N SER DA 880 165.36 53.66 -11.35
CA SER DA 880 164.09 54.24 -11.77
C SER DA 880 163.06 54.06 -10.66
N VAL DA 881 162.12 55.00 -10.60
CA VAL DA 881 161.11 55.00 -9.55
C VAL DA 881 159.99 55.94 -9.98
N ALA DA 882 158.78 55.66 -9.51
CA ALA DA 882 157.60 56.46 -9.83
C ALA DA 882 157.54 57.69 -8.94
N PRO DA 883 156.76 58.69 -9.33
CA PRO DA 883 156.59 59.86 -8.45
C PRO DA 883 156.01 59.46 -7.10
N ASP DA 884 156.23 60.33 -6.12
CA ASP DA 884 155.93 60.05 -4.74
C ASP DA 884 154.41 59.93 -4.52
N ALA DA 885 154.05 59.45 -3.32
CA ALA DA 885 152.66 59.44 -2.92
C ALA DA 885 152.09 60.84 -2.74
N GLY DA 886 152.93 61.86 -2.77
CA GLY DA 886 152.49 63.22 -2.58
C GLY DA 886 152.13 63.94 -3.85
N MET DA 887 152.55 63.38 -5.00
CA MET DA 887 152.18 63.93 -6.30
C MET DA 887 151.66 62.84 -7.24
N ALA DA 888 151.22 61.71 -6.69
CA ALA DA 888 150.76 60.61 -7.50
C ALA DA 888 149.35 60.86 -8.01
N THR DA 889 149.11 60.47 -9.27
CA THR DA 889 147.82 60.58 -9.93
C THR DA 889 147.90 59.76 -11.20
N VAL DA 890 146.78 59.15 -11.58
CA VAL DA 890 146.69 58.33 -12.79
C VAL DA 890 147.23 59.11 -13.99
N ALA DA 891 147.11 60.44 -13.93
CA ALA DA 891 147.72 61.26 -14.96
C ALA DA 891 149.24 61.20 -14.88
N THR DA 892 149.80 61.21 -13.67
CA THR DA 892 151.23 61.24 -13.46
C THR DA 892 151.82 59.88 -13.13
N ARG DA 893 151.08 58.79 -13.36
CA ARG DA 893 151.55 57.48 -12.93
C ARG DA 893 152.47 56.81 -13.94
N ASP DA 894 152.35 57.14 -15.22
CA ASP DA 894 153.12 56.42 -16.23
C ASP DA 894 154.59 56.83 -16.20
N MET DA 895 154.88 58.12 -16.26
CA MET DA 895 156.27 58.58 -16.34
C MET DA 895 156.99 58.31 -15.02
N ARG DA 896 158.27 57.95 -15.14
CA ARG DA 896 159.13 57.73 -13.99
C ARG DA 896 160.45 58.44 -14.22
N THR DA 897 161.29 58.45 -13.20
CA THR DA 897 162.59 59.10 -13.26
C THR DA 897 163.66 58.10 -13.67
N HIS DA 898 164.82 58.63 -14.05
CA HIS DA 898 165.95 57.82 -14.50
C HIS DA 898 167.23 58.47 -13.98
N ASP DA 899 167.81 57.89 -12.96
CA ASP DA 899 169.05 58.37 -12.36
C ASP DA 899 170.13 57.32 -12.45
N GLY DA 900 171.32 57.73 -12.91
CA GLY DA 900 172.46 56.85 -12.93
C GLY DA 900 173.26 56.92 -11.65
N SER DA 901 174.33 56.14 -11.62
CA SER DA 901 175.21 56.07 -10.45
C SER DA 901 176.46 55.30 -10.87
N LEU DA 902 177.33 55.03 -9.89
CA LEU DA 902 178.56 54.29 -10.12
C LEU DA 902 178.84 53.40 -8.92
N HIS DA 903 179.16 52.14 -9.19
CA HIS DA 903 179.51 51.17 -8.17
C HIS DA 903 181.01 50.92 -8.27
N HIS DA 904 181.74 51.26 -7.21
CA HIS DA 904 183.20 51.19 -7.17
C HIS DA 904 183.83 52.09 -8.24
N GLY DA 905 183.49 53.37 -8.17
CA GLY DA 905 184.06 54.36 -9.08
C GLY DA 905 184.48 55.59 -8.31
N LEU DA 906 185.43 56.33 -8.88
CA LEU DA 906 186.09 57.41 -8.18
C LEU DA 906 185.78 58.76 -8.81
N LEU DA 907 186.10 59.82 -8.08
CA LEU DA 907 185.73 61.18 -8.42
C LEU DA 907 186.98 62.05 -8.52
N MET DA 908 187.21 62.63 -9.69
CA MET DA 908 188.37 63.47 -9.94
C MET DA 908 188.12 64.87 -9.38
N MET DA 909 189.02 65.81 -9.66
CA MET DA 909 188.81 67.19 -9.24
C MET DA 909 188.97 68.16 -10.41
N ALA DA 910 189.92 67.89 -11.29
CA ALA DA 910 190.18 68.78 -12.43
C ALA DA 910 191.05 68.05 -13.44
N TYR DA 911 190.75 68.26 -14.72
CA TYR DA 911 191.59 67.72 -15.79
C TYR DA 911 193.02 68.23 -15.65
N GLN DA 912 193.96 67.30 -15.50
CA GLN DA 912 195.37 67.64 -15.45
C GLN DA 912 195.92 67.65 -16.87
N PRO DA 913 196.15 68.81 -17.47
CA PRO DA 913 196.53 68.82 -18.89
C PRO DA 913 197.94 68.32 -19.14
N ASN DA 914 198.89 68.70 -18.29
CA ASN DA 914 200.29 68.38 -18.54
C ASN DA 914 200.68 66.98 -18.07
N ASP DA 915 199.88 66.37 -17.20
CA ASP DA 915 200.15 65.01 -16.76
C ASP DA 915 199.89 64.02 -17.90
N PHE DA 923 194.49 55.44 -17.50
CA PHE DA 923 194.63 54.91 -16.15
C PHE DA 923 193.36 55.22 -15.35
N PHE DA 924 192.66 56.26 -15.76
CA PHE DA 924 191.29 56.53 -15.32
C PHE DA 924 190.47 56.85 -16.55
N TYR DA 925 189.37 56.14 -16.75
CA TYR DA 925 188.60 56.53 -17.92
C TYR DA 925 187.30 57.19 -17.49
N PRO DA 926 186.93 58.31 -18.10
CA PRO DA 926 185.84 59.13 -17.55
C PRO DA 926 184.50 58.43 -17.61
N ALA DA 927 183.62 58.85 -16.70
CA ALA DA 927 182.26 58.33 -16.62
C ALA DA 927 181.37 59.35 -15.93
N PRO DA 928 180.96 60.41 -16.62
CA PRO DA 928 180.08 61.41 -16.01
C PRO DA 928 178.73 60.81 -15.67
N VAL DA 929 178.17 61.23 -14.54
CA VAL DA 929 176.89 60.72 -14.05
C VAL DA 929 175.82 61.80 -14.04
N ASN DA 930 176.16 63.02 -13.64
CA ASN DA 930 175.22 64.11 -13.55
C ASN DA 930 175.80 65.33 -14.23
N ALA DA 931 174.91 66.27 -14.59
CA ALA DA 931 175.38 67.52 -15.15
C ALA DA 931 176.21 68.31 -14.16
N LEU DA 932 176.14 67.97 -12.88
CA LEU DA 932 177.01 68.58 -11.88
C LEU DA 932 178.46 68.15 -12.03
N PHE DA 933 178.72 67.06 -12.76
CA PHE DA 933 180.04 66.47 -12.82
C PHE DA 933 180.65 66.44 -14.21
N ALA DA 934 179.86 66.46 -15.27
CA ALA DA 934 180.41 66.39 -16.61
C ALA DA 934 181.11 67.69 -16.98
N CYS DA 935 182.42 67.76 -16.73
CA CYS DA 935 183.19 68.96 -17.03
C CYS DA 935 183.28 69.19 -18.53
N ALA DA 951 185.81 74.58 -26.89
CA ALA DA 951 184.74 74.31 -27.84
C ALA DA 951 184.16 72.91 -27.63
N ALA DA 952 184.84 72.12 -26.80
CA ALA DA 952 184.45 70.73 -26.56
C ALA DA 952 183.07 70.62 -25.92
N ALA DA 953 182.92 71.12 -24.70
CA ALA DA 953 181.68 70.96 -23.95
C ALA DA 953 181.22 72.25 -23.27
N GLN DA 954 181.78 73.40 -23.65
CA GLN DA 954 181.33 74.66 -23.06
C GLN DA 954 179.89 74.95 -23.41
N HIS DA 955 179.38 74.35 -24.49
CA HIS DA 955 177.98 74.52 -24.87
C HIS DA 955 177.09 73.56 -24.07
N VAL DA 956 177.31 72.26 -24.23
CA VAL DA 956 176.49 71.26 -23.57
C VAL DA 956 177.38 70.35 -22.73
N PRO DA 957 176.90 69.78 -21.64
CA PRO DA 957 177.69 68.84 -20.85
C PRO DA 957 177.79 67.49 -21.57
N CYS DA 958 178.52 66.57 -20.95
CA CYS DA 958 178.81 65.30 -21.60
C CYS DA 958 178.31 64.10 -20.79
N VAL DA 959 177.10 64.20 -20.27
CA VAL DA 959 176.50 63.02 -19.64
C VAL DA 959 176.21 61.97 -20.72
N PRO DA 960 176.54 60.70 -20.50
CA PRO DA 960 176.39 59.70 -21.57
C PRO DA 960 174.94 59.50 -21.97
N HIS DA 961 174.78 58.95 -23.17
CA HIS DA 961 173.47 58.68 -23.75
C HIS DA 961 172.73 57.55 -23.04
N PHE DA 962 173.42 56.74 -22.25
CA PHE DA 962 172.82 55.56 -21.62
C PHE DA 962 172.71 55.67 -20.12
N LEU DA 963 173.70 56.27 -19.44
CA LEU DA 963 173.72 56.24 -17.98
C LEU DA 963 172.62 57.10 -17.38
N GLY DA 964 172.29 58.22 -18.03
CA GLY DA 964 171.23 59.07 -17.54
C GLY DA 964 170.91 60.23 -18.47
N ALA DA 965 169.63 60.45 -18.73
CA ALA DA 965 169.19 61.55 -19.57
C ALA DA 965 168.72 62.71 -18.70
N ASN DA 966 168.81 63.91 -19.25
CA ASN DA 966 168.52 65.11 -18.47
C ASN DA 966 167.07 65.17 -17.99
N TYR DA 967 166.13 65.24 -18.94
CA TYR DA 967 164.75 65.51 -18.58
C TYR DA 967 164.13 64.44 -17.71
N TYR DA 968 164.71 63.24 -17.68
CA TYR DA 968 164.19 62.17 -16.83
C TYR DA 968 164.86 62.09 -15.48
N ALA DA 969 166.01 62.73 -15.30
CA ALA DA 969 166.73 62.69 -14.04
C ALA DA 969 166.17 63.72 -13.07
N THR DA 970 166.22 63.40 -11.78
CA THR DA 970 165.63 64.23 -10.75
C THR DA 970 166.52 65.39 -10.32
N VAL DA 971 167.62 65.64 -11.03
CA VAL DA 971 168.42 66.83 -10.81
C VAL DA 971 168.71 67.45 -12.17
N ARG DA 972 167.89 68.42 -12.57
CA ARG DA 972 168.01 69.01 -13.89
C ARG DA 972 169.26 69.88 -13.99
N GLN DA 973 169.44 70.49 -15.15
CA GLN DA 973 170.60 71.34 -15.43
C GLN DA 973 170.62 72.62 -14.59
N PRO DA 974 169.49 73.33 -14.39
CA PRO DA 974 169.56 74.59 -13.64
C PRO DA 974 170.25 74.51 -12.30
N VAL DA 975 170.24 73.37 -11.62
CA VAL DA 975 170.95 73.27 -10.34
C VAL DA 975 172.45 73.41 -10.55
N ALA DA 976 173.00 72.65 -11.50
CA ALA DA 976 174.42 72.77 -11.81
C ALA DA 976 174.75 74.14 -12.39
N GLN DA 977 173.85 74.71 -13.19
CA GLN DA 977 174.08 76.04 -13.72
C GLN DA 977 174.16 77.08 -12.61
N HIS DA 978 173.32 76.91 -11.57
CA HIS DA 978 173.42 77.78 -10.42
C HIS DA 978 174.74 77.59 -9.69
N ALA DA 979 175.11 76.35 -9.42
CA ALA DA 979 176.35 76.09 -8.71
C ALA DA 979 177.58 76.56 -9.49
N ALA DA 980 177.45 76.71 -10.81
CA ALA DA 980 178.58 77.16 -11.63
C ALA DA 980 178.57 78.66 -11.91
N GLN DA 981 177.41 79.30 -11.89
CA GLN DA 981 177.30 80.72 -12.18
C GLN DA 981 177.26 81.59 -10.93
N SER DA 982 177.28 80.99 -9.74
CA SER DA 982 177.20 81.76 -8.51
C SER DA 982 178.55 82.40 -8.18
N ARG DA 983 178.48 83.51 -7.46
CA ARG DA 983 179.67 84.26 -7.08
C ARG DA 983 179.65 84.66 -5.61
N ALA DA 984 178.78 84.04 -4.80
CA ALA DA 984 178.56 84.55 -3.45
C ALA DA 984 179.67 84.14 -2.50
N ASP DA 985 179.78 82.85 -2.22
CA ASP DA 985 180.73 82.35 -1.23
C ASP DA 985 180.73 80.84 -1.27
N GLU DA 986 181.46 80.22 -0.34
CA GLU DA 986 181.46 78.78 -0.17
C GLU DA 986 180.69 78.32 1.07
N ASN DA 987 180.48 79.21 2.04
CA ASN DA 987 179.71 78.85 3.23
C ASN DA 987 178.21 79.00 3.01
N THR DA 988 177.80 79.92 2.14
CA THR DA 988 176.38 80.14 1.88
C THR DA 988 175.88 79.44 0.62
N LEU DA 989 176.78 79.09 -0.31
CA LEU DA 989 176.35 78.36 -1.49
C LEU DA 989 175.80 76.99 -1.12
N SER DA 990 176.41 76.33 -0.14
CA SER DA 990 175.91 75.03 0.30
C SER DA 990 174.50 75.16 0.86
N TYR DA 991 174.26 76.19 1.67
CA TYR DA 991 172.92 76.39 2.20
C TYR DA 991 171.91 76.71 1.10
N ALA DA 992 172.33 77.53 0.12
CA ALA DA 992 171.43 77.85 -0.99
C ALA DA 992 171.04 76.60 -1.76
N LEU DA 993 172.02 75.73 -2.05
CA LEU DA 993 171.71 74.49 -2.76
C LEU DA 993 170.79 73.60 -1.91
N MET DA 994 171.14 73.42 -0.64
CA MET DA 994 170.35 72.57 0.23
C MET DA 994 168.90 73.03 0.30
N ALA DA 995 168.69 74.35 0.34
CA ALA DA 995 167.33 74.87 0.28
C ALA DA 995 166.70 74.60 -1.08
N GLY DA 996 167.49 74.71 -2.15
CA GLY DA 996 166.98 74.43 -3.47
C GLY DA 996 166.67 72.98 -3.75
N TYR DA 997 167.01 72.08 -2.84
CA TYR DA 997 166.72 70.66 -3.03
C TYR DA 997 165.39 70.22 -2.38
N PHE DA 998 164.58 71.15 -1.91
CA PHE DA 998 163.28 70.79 -1.34
C PHE DA 998 162.35 70.30 -2.44
N LYS DA 999 161.22 69.74 -2.03
CA LYS DA 999 160.25 69.17 -2.98
C LYS DA 999 159.15 70.19 -3.27
N MET DA 1000 158.71 70.21 -4.52
CA MET DA 1000 157.66 71.12 -4.99
C MET DA 1000 156.41 70.28 -5.25
N SER DA 1001 155.61 70.09 -4.20
CA SER DA 1001 154.46 69.20 -4.27
C SER DA 1001 153.47 69.63 -3.20
N PRO DA 1002 152.16 69.39 -3.40
CA PRO DA 1002 151.17 69.79 -2.39
C PRO DA 1002 151.50 69.32 -0.99
N VAL DA 1003 151.73 68.01 -0.83
CA VAL DA 1003 152.08 67.47 0.48
C VAL DA 1003 153.38 68.07 0.98
N ALA DA 1004 154.26 68.50 0.08
CA ALA DA 1004 155.46 69.21 0.50
C ALA DA 1004 155.17 70.68 0.77
N PHE DA 1005 154.24 71.26 0.00
CA PHE DA 1005 153.86 72.65 0.22
C PHE DA 1005 153.28 72.85 1.61
N THR DA 1006 152.56 71.85 2.13
CA THR DA 1006 152.09 71.92 3.50
C THR DA 1006 153.22 72.28 4.44
N HIS DA 1007 154.25 71.42 4.50
CA HIS DA 1007 155.36 71.63 5.40
C HIS DA 1007 156.09 72.93 5.10
N GLN DA 1008 156.40 73.18 3.83
CA GLN DA 1008 157.19 74.36 3.49
C GLN DA 1008 156.45 75.64 3.85
N LEU DA 1009 155.30 75.88 3.22
CA LEU DA 1009 154.58 77.13 3.45
C LEU DA 1009 154.17 77.28 4.91
N ARG DA 1010 154.03 76.18 5.65
CA ARG DA 1010 153.72 76.31 7.07
C ARG DA 1010 154.88 76.92 7.85
N ARG DA 1011 156.12 76.58 7.48
CA ARG DA 1011 157.28 76.82 8.33
C ARG DA 1011 158.13 78.01 7.87
N GLN DA 1012 157.51 78.99 7.22
CA GLN DA 1012 158.18 80.24 6.84
C GLN DA 1012 159.44 79.96 6.01
N LEU DA 1013 159.22 79.36 4.85
CA LEU DA 1013 160.25 79.18 3.83
C LEU DA 1013 159.68 79.65 2.50
N HIS DA 1014 160.51 80.32 1.72
CA HIS DA 1014 160.08 80.96 0.49
C HIS DA 1014 160.23 80.03 -0.70
N PRO DA 1015 159.16 79.42 -1.19
CA PRO DA 1015 159.28 78.55 -2.37
C PRO DA 1015 159.60 79.36 -3.62
N GLY DA 1016 160.00 78.65 -4.66
CA GLY DA 1016 160.61 79.29 -5.81
C GLY DA 1016 159.71 80.10 -6.72
N PHE DA 1017 158.59 80.58 -6.21
CA PHE DA 1017 157.70 81.40 -7.03
C PHE DA 1017 157.00 82.43 -6.15
N ALA DA 1018 156.31 83.35 -6.80
CA ALA DA 1018 155.59 84.42 -6.12
C ALA DA 1018 154.10 84.33 -6.45
N LEU DA 1019 153.28 84.84 -5.54
CA LEU DA 1019 151.85 84.89 -5.72
C LEU DA 1019 151.41 86.31 -6.08
N THR DA 1020 150.21 86.43 -6.62
CA THR DA 1020 149.62 87.72 -6.99
C THR DA 1020 148.16 87.68 -6.59
N VAL DA 1021 147.85 88.18 -5.40
CA VAL DA 1021 146.49 88.04 -4.87
C VAL DA 1021 145.56 89.03 -5.54
N VAL DA 1022 144.29 88.68 -5.60
CA VAL DA 1022 143.24 89.51 -6.19
C VAL DA 1022 142.02 89.45 -5.29
N ARG DA 1023 141.40 90.60 -5.04
CA ARG DA 1023 140.17 90.62 -4.26
C ARG DA 1023 139.30 91.78 -4.73
N GLN DA 1024 138.01 91.50 -4.86
CA GLN DA 1024 137.04 92.46 -5.40
C GLN DA 1024 136.12 92.96 -4.29
N ASP DA 1025 135.93 94.27 -4.24
CA ASP DA 1025 135.21 94.92 -3.15
C ASP DA 1025 134.05 95.74 -3.72
N ARG DA 1026 133.27 96.35 -2.83
CA ARG DA 1026 132.12 97.15 -3.23
C ARG DA 1026 132.03 98.39 -2.35
N PHE DA 1027 131.46 99.45 -2.91
CA PHE DA 1027 131.30 100.72 -2.20
C PHE DA 1027 129.98 101.35 -2.61
N ALA DA 1028 129.38 102.10 -1.69
CA ALA DA 1028 128.18 102.86 -1.99
C ALA DA 1028 128.54 104.21 -2.59
N THR DA 1029 127.61 104.76 -3.37
CA THR DA 1029 127.82 106.05 -4.02
C THR DA 1029 126.64 106.97 -3.73
N GLU DA 1030 126.78 108.22 -4.18
CA GLU DA 1030 125.69 109.18 -4.16
C GLU DA 1030 125.78 109.94 -5.49
N ASN DA 1031 125.03 109.47 -6.49
CA ASN DA 1031 125.12 110.03 -7.84
C ASN DA 1031 124.60 111.46 -7.86
N VAL DA 1032 124.75 112.10 -9.01
CA VAL DA 1032 124.29 113.46 -9.24
C VAL DA 1032 123.78 113.55 -10.67
N LEU DA 1033 122.54 114.01 -10.83
CA LEU DA 1033 121.89 114.06 -12.14
C LEU DA 1033 121.79 115.49 -12.63
N PHE DA 1034 121.81 115.65 -13.95
CA PHE DA 1034 121.64 116.95 -14.59
C PHE DA 1034 120.63 116.82 -15.72
N ALA DA 1035 119.86 117.89 -15.93
CA ALA DA 1035 118.91 117.95 -17.04
C ALA DA 1035 119.05 119.26 -17.77
N GLU DA 1036 118.13 119.57 -18.67
CA GLU DA 1036 118.14 120.85 -19.36
C GLU DA 1036 116.79 121.55 -19.17
N LYS DA 1037 116.57 122.60 -19.95
CA LYS DA 1037 115.37 123.42 -19.84
C LYS DA 1037 114.10 122.60 -20.02
N ALA DA 1038 113.94 121.97 -21.17
CA ALA DA 1038 112.72 121.23 -21.52
C ALA DA 1038 113.09 119.87 -22.08
N SER DA 1039 113.94 119.14 -21.33
CA SER DA 1039 114.47 117.87 -21.82
C SER DA 1039 113.38 116.91 -22.28
N GLU DA 1040 112.23 116.88 -21.61
CA GLU DA 1040 111.24 115.85 -21.90
C GLU DA 1040 109.83 116.40 -21.78
N SER DA 1041 108.93 115.83 -22.58
CA SER DA 1041 107.51 116.08 -22.46
C SER DA 1041 106.85 114.98 -21.64
N TYR DA 1042 105.58 115.20 -21.30
CA TYR DA 1042 104.88 114.30 -20.41
C TYR DA 1042 103.39 114.52 -20.57
N PHE DA 1043 102.65 113.47 -20.88
CA PHE DA 1043 101.23 113.55 -21.19
C PHE DA 1043 100.42 112.87 -20.10
N MET DA 1044 99.47 113.60 -19.53
CA MET DA 1044 98.56 113.05 -18.54
C MET DA 1044 97.22 112.72 -19.18
N GLY DA 1045 96.67 111.56 -18.84
CA GLY DA 1045 95.38 111.13 -19.32
C GLY DA 1045 94.33 111.11 -18.22
N GLN DA 1046 93.10 110.82 -18.64
CA GLN DA 1046 92.01 110.73 -17.69
C GLN DA 1046 92.24 109.58 -16.72
N MET DA 1047 92.05 109.85 -15.43
CA MET DA 1047 92.15 108.80 -14.43
C MET DA 1047 90.87 107.98 -14.43
N GLN DA 1048 91.03 106.66 -14.34
CA GLN DA 1048 89.91 105.73 -14.35
C GLN DA 1048 89.68 105.19 -12.95
N VAL DA 1049 88.42 105.17 -12.52
CA VAL DA 1049 88.01 104.59 -11.26
C VAL DA 1049 87.39 103.24 -11.54
N ALA DA 1050 87.88 102.20 -10.87
CA ALA DA 1050 87.40 100.84 -11.08
C ALA DA 1050 87.15 100.19 -9.73
N ARG DA 1051 85.91 99.80 -9.48
CA ARG DA 1051 85.51 99.27 -8.18
C ARG DA 1051 85.33 97.76 -8.25
N THR DA 1052 85.45 97.13 -7.08
CA THR DA 1052 85.19 95.72 -6.92
C THR DA 1052 84.72 95.49 -5.48
N GLU DA 1053 83.94 94.44 -5.28
CA GLU DA 1053 83.34 94.16 -4.00
C GLU DA 1053 83.90 92.88 -3.40
N SER DA 1054 84.14 92.92 -2.10
CA SER DA 1054 84.52 91.74 -1.32
C SER DA 1054 83.80 91.80 0.01
N GLY DA 1055 83.93 90.72 0.79
CA GLY DA 1055 83.38 90.72 2.14
C GLY DA 1055 83.89 91.87 2.98
N GLY DA 1056 85.14 92.29 2.75
CA GLY DA 1056 85.71 93.40 3.48
C GLY DA 1056 85.15 94.75 3.11
N GLY DA 1057 84.24 94.82 2.14
CA GLY DA 1057 83.59 96.06 1.75
C GLY DA 1057 83.89 96.40 0.30
N LEU DA 1058 84.12 97.69 0.06
CA LEU DA 1058 84.41 98.20 -1.28
C LEU DA 1058 85.92 98.37 -1.43
N HIS DA 1059 86.43 97.96 -2.59
CA HIS DA 1059 87.86 98.02 -2.89
C HIS DA 1059 88.03 98.77 -4.20
N LEU DA 1060 88.07 100.10 -4.11
CA LEU DA 1060 88.31 100.92 -5.29
C LEU DA 1060 89.75 100.77 -5.75
N GLN DA 1061 90.00 101.05 -7.02
CA GLN DA 1061 91.34 101.04 -7.58
C GLN DA 1061 91.44 102.16 -8.61
N LEU DA 1062 92.16 103.22 -8.28
CA LEU DA 1062 92.40 104.28 -9.24
C LEU DA 1062 93.54 103.89 -10.17
N THR DA 1063 93.57 104.53 -11.34
CA THR DA 1063 94.62 104.29 -12.31
C THR DA 1063 94.71 105.51 -13.22
N GLN DA 1064 95.83 105.60 -13.93
CA GLN DA 1064 96.07 106.74 -14.81
C GLN DA 1064 97.13 106.38 -15.85
N PRO DA 1065 96.83 106.51 -17.13
CA PRO DA 1065 97.86 106.28 -18.16
C PRO DA 1065 98.60 107.56 -18.50
N ARG DA 1066 99.90 107.42 -18.74
CA ARG DA 1066 100.73 108.57 -19.07
C ARG DA 1066 101.93 108.11 -19.90
N ALA DA 1067 102.43 109.01 -20.73
CA ALA DA 1067 103.52 108.69 -21.64
C ALA DA 1067 104.39 109.93 -21.82
N ASN DA 1068 105.57 109.72 -22.41
CA ASN DA 1068 106.57 110.77 -22.54
C ASN DA 1068 107.34 110.61 -23.83
N VAL DA 1069 107.86 111.73 -24.35
CA VAL DA 1069 108.69 111.75 -25.55
C VAL DA 1069 109.98 112.48 -25.26
N ASP DA 1070 111.05 112.02 -25.90
CA ASP DA 1070 112.39 112.58 -25.69
C ASP DA 1070 112.59 113.73 -26.67
N LEU DA 1071 112.55 114.96 -26.16
CA LEU DA 1071 112.56 116.13 -27.04
C LEU DA 1071 113.93 116.37 -27.66
N GLY DA 1072 114.93 116.63 -26.83
CA GLY DA 1072 116.17 117.17 -27.33
C GLY DA 1072 116.85 116.24 -28.31
N VAL DA 1073 117.49 116.84 -29.32
CA VAL DA 1073 118.30 116.10 -30.27
C VAL DA 1073 119.66 115.85 -29.62
N GLY DA 1074 119.98 114.58 -29.40
CA GLY DA 1074 121.15 114.22 -28.62
C GLY DA 1074 120.83 114.06 -27.16
N PHE DA 1075 121.88 113.81 -26.37
CA PHE DA 1075 121.70 113.49 -24.97
C PHE DA 1075 121.45 114.74 -24.14
N THR DA 1076 120.73 114.56 -23.03
CA THR DA 1076 120.29 115.69 -22.23
C THR DA 1076 120.41 115.42 -20.74
N ALA DA 1077 121.27 114.48 -20.33
CA ALA DA 1077 121.44 114.15 -18.92
C ALA DA 1077 122.74 113.40 -18.75
N ALA DA 1078 123.36 113.53 -17.58
CA ALA DA 1078 124.68 112.96 -17.37
C ALA DA 1078 124.85 112.51 -15.93
N TYR DA 1079 125.46 111.33 -15.76
CA TYR DA 1079 125.76 110.82 -14.44
C TYR DA 1079 126.92 111.57 -13.81
N ALA DA 1080 127.03 111.44 -12.49
CA ALA DA 1080 128.24 111.83 -11.77
C ALA DA 1080 128.24 111.13 -10.43
N ALA DA 1081 129.10 110.14 -10.26
CA ALA DA 1081 129.29 109.51 -8.96
C ALA DA 1081 130.07 110.49 -8.10
N ALA DA 1082 129.38 111.22 -7.23
CA ALA DA 1082 129.99 112.35 -6.55
C ALA DA 1082 130.74 111.92 -5.29
N ALA DA 1083 130.03 111.35 -4.32
CA ALA DA 1083 130.61 111.04 -3.02
C ALA DA 1083 130.28 109.61 -2.63
N LEU DA 1084 131.12 109.03 -1.80
CA LEU DA 1084 130.94 107.67 -1.33
C LEU DA 1084 130.47 107.65 0.12
N ARG DA 1085 129.70 106.64 0.46
CA ARG DA 1085 129.37 106.33 1.84
C ARG DA 1085 130.40 105.33 2.36
N ALA DA 1086 130.13 104.72 3.51
CA ALA DA 1086 131.06 103.76 4.07
C ALA DA 1086 131.19 102.55 3.14
N PRO DA 1087 132.38 101.97 3.02
CA PRO DA 1087 132.53 100.75 2.22
C PRO DA 1087 131.65 99.64 2.75
N VAL DA 1088 131.01 98.91 1.83
CA VAL DA 1088 130.00 97.93 2.21
C VAL DA 1088 130.65 96.63 2.68
N THR DA 1089 131.40 95.98 1.79
CA THR DA 1089 132.02 94.69 2.08
C THR DA 1089 133.42 94.92 2.61
N ASP DA 1090 133.76 94.21 3.69
CA ASP DA 1090 135.06 94.39 4.33
C ASP DA 1090 136.20 94.06 3.37
N MET DA 1091 137.33 94.71 3.58
CA MET DA 1091 138.52 94.54 2.74
C MET DA 1091 139.57 93.83 3.59
N GLY DA 1092 139.47 92.50 3.65
CA GLY DA 1092 140.29 91.71 4.53
C GLY DA 1092 140.98 90.58 3.79
N ASN DA 1093 141.28 89.53 4.55
CA ASN DA 1093 142.05 88.39 4.05
C ASN DA 1093 141.27 87.11 4.33
N LEU DA 1094 140.38 86.75 3.41
CA LEU DA 1094 139.75 85.44 3.44
C LEU DA 1094 140.18 84.68 2.20
N PRO DA 1095 140.95 83.61 2.32
CA PRO DA 1095 141.50 82.94 1.15
C PRO DA 1095 140.44 82.16 0.40
N GLN DA 1096 140.77 81.80 -0.84
CA GLN DA 1096 139.89 81.03 -1.70
C GLN DA 1096 140.20 79.55 -1.52
N ASN DA 1097 139.40 78.87 -0.71
CA ASN DA 1097 139.51 77.43 -0.58
C ASN DA 1097 139.06 76.77 -1.88
N LEU DA 1098 139.95 76.03 -2.51
CA LEU DA 1098 139.62 75.32 -3.74
C LEU DA 1098 139.07 73.92 -3.47
N PHE DA 1099 138.54 73.68 -2.28
CA PHE DA 1099 137.81 72.45 -1.99
C PHE DA 1099 136.30 72.64 -1.99
N ALA DA 1100 135.83 73.82 -1.59
CA ALA DA 1100 134.41 74.11 -1.74
C ALA DA 1100 133.99 74.17 -3.19
N THR DA 1101 134.94 74.40 -4.10
CA THR DA 1101 134.70 74.36 -5.54
C THR DA 1101 135.51 73.23 -6.14
N ARG DA 1102 134.86 72.44 -6.99
CA ARG DA 1102 135.41 71.18 -7.47
C ARG DA 1102 136.39 71.35 -8.61
N GLY DA 1103 136.72 70.25 -9.27
CA GLY DA 1103 137.61 70.26 -10.43
C GLY DA 1103 138.84 69.40 -10.29
N ALA DA 1104 138.97 68.61 -9.23
CA ALA DA 1104 140.23 67.93 -8.93
C ALA DA 1104 140.12 66.44 -9.20
N PRO DA 1105 140.81 65.89 -10.20
CA PRO DA 1105 141.03 64.45 -10.24
C PRO DA 1105 141.73 63.99 -8.98
N PRO DA 1106 141.26 62.92 -8.36
CA PRO DA 1106 141.72 62.59 -7.00
C PRO DA 1106 143.18 62.20 -6.97
N MET DA 1107 143.82 62.48 -5.83
CA MET DA 1107 145.14 61.94 -5.57
C MET DA 1107 145.07 60.42 -5.59
N LEU DA 1108 146.16 59.79 -6.03
CA LEU DA 1108 146.14 58.35 -6.25
C LEU DA 1108 145.82 57.59 -4.96
N ASP DA 1109 146.51 57.92 -3.88
CA ASP DA 1109 146.32 57.24 -2.61
C ASP DA 1109 145.33 58.00 -1.74
N ALA DA 1110 144.47 57.25 -1.05
CA ALA DA 1110 143.42 57.87 -0.24
C ALA DA 1110 143.98 58.41 1.07
N ASP DA 1111 144.88 57.65 1.71
CA ASP DA 1111 145.45 58.09 2.98
C ASP DA 1111 146.21 59.41 2.85
N ALA DA 1112 146.54 59.83 1.63
CA ALA DA 1112 147.18 61.12 1.41
C ALA DA 1112 146.18 62.20 1.02
N ASP DA 1113 145.19 61.86 0.19
CA ASP DA 1113 144.17 62.83 -0.19
C ASP DA 1113 143.37 63.27 1.03
N ASP DA 1114 142.95 62.31 1.85
CA ASP DA 1114 142.22 62.65 3.05
C ASP DA 1114 143.07 63.49 3.99
N TYR DA 1115 144.38 63.25 4.02
CA TYR DA 1115 145.25 64.07 4.86
C TYR DA 1115 145.35 65.50 4.35
N LEU DA 1116 145.53 65.66 3.04
CA LEU DA 1116 145.51 66.98 2.42
C LEU DA 1116 144.25 67.74 2.82
N ARG DA 1117 143.09 67.12 2.59
CA ARG DA 1117 141.83 67.78 2.89
C ARG DA 1117 141.69 68.05 4.39
N ARG DA 1118 142.14 67.12 5.22
CA ARG DA 1118 142.02 67.26 6.66
C ARG DA 1118 142.82 68.45 7.18
N THR DA 1119 144.03 68.62 6.65
CA THR DA 1119 144.85 69.75 7.10
C THR DA 1119 144.36 71.06 6.52
N VAL DA 1120 143.93 71.07 5.27
CA VAL DA 1120 143.57 72.32 4.63
C VAL DA 1120 142.24 72.86 5.17
N ASN DA 1121 141.28 71.96 5.40
CA ASN DA 1121 139.92 72.42 5.70
C ASN DA 1121 139.81 73.05 7.08
N ALA DA 1122 140.54 72.53 8.06
CA ALA DA 1122 140.46 73.06 9.41
C ALA DA 1122 141.09 74.45 9.49
N GLN DA 1148 132.07 88.87 2.05
CA GLN DA 1148 133.29 88.91 2.82
C GLN DA 1148 134.52 89.11 1.92
N SER DA 1149 134.28 89.11 0.61
CA SER DA 1149 135.29 89.43 -0.40
C SER DA 1149 136.48 88.47 -0.32
N VAL DA 1150 136.19 87.21 -0.63
CA VAL DA 1150 137.23 86.19 -0.72
C VAL DA 1150 138.28 86.62 -1.75
N CYS DA 1151 139.54 86.32 -1.46
CA CYS DA 1151 140.65 86.66 -2.33
C CYS DA 1151 141.27 85.39 -2.93
N GLU DA 1152 141.84 85.54 -4.13
CA GLU DA 1152 142.37 84.42 -4.89
C GLU DA 1152 143.81 84.69 -5.30
N PHE DA 1153 144.49 83.61 -5.67
CA PHE DA 1153 145.94 83.62 -5.83
C PHE DA 1153 146.32 83.15 -7.23
N ILE DA 1154 147.37 83.75 -7.77
CA ILE DA 1154 147.90 83.42 -9.09
C ILE DA 1154 149.41 83.28 -8.98
N ALA DA 1155 149.98 82.31 -9.70
CA ALA DA 1155 151.40 82.04 -9.63
C ALA DA 1155 152.13 82.79 -10.74
N THR DA 1156 153.19 83.51 -10.36
CA THR DA 1156 154.06 84.21 -11.30
C THR DA 1156 155.51 83.98 -10.88
N PRO DA 1157 156.44 83.95 -11.83
CA PRO DA 1157 157.83 83.73 -11.48
C PRO DA 1157 158.38 84.84 -10.59
N VAL DA 1158 159.38 84.48 -9.79
CA VAL DA 1158 159.95 85.43 -8.84
C VAL DA 1158 160.49 86.65 -9.56
N SER DA 1159 161.07 86.46 -10.75
CA SER DA 1159 161.73 87.52 -11.47
C SER DA 1159 160.78 88.42 -12.23
N VAL DA 1160 159.48 88.40 -11.92
CA VAL DA 1160 158.53 89.24 -12.63
C VAL DA 1160 158.85 90.70 -12.34
N ASP DA 1161 158.66 91.57 -13.32
CA ASP DA 1161 159.01 92.97 -13.18
C ASP DA 1161 158.07 93.64 -12.19
N LEU DA 1162 158.64 94.21 -11.12
CA LEU DA 1162 157.80 94.82 -10.09
C LEU DA 1162 157.06 96.04 -10.61
N ALA DA 1163 157.71 96.84 -11.46
CA ALA DA 1163 157.07 98.03 -12.01
C ALA DA 1163 155.77 97.72 -12.74
N TYR DA 1164 155.52 96.45 -13.05
CA TYR DA 1164 154.27 96.06 -13.70
C TYR DA 1164 153.07 96.31 -12.81
N PHE DA 1165 153.27 96.29 -11.48
CA PHE DA 1165 152.18 96.37 -10.53
C PHE DA 1165 152.00 97.75 -9.92
N ARG DA 1166 152.62 98.78 -10.49
CA ARG DA 1166 152.47 100.12 -9.94
C ARG DA 1166 151.46 100.98 -10.70
N ARG DA 1167 151.13 100.62 -11.93
CA ARG DA 1167 150.02 101.22 -12.66
C ARG DA 1167 148.94 100.16 -12.87
N ALA DA 1168 147.84 100.59 -13.48
CA ALA DA 1168 146.78 99.64 -13.82
C ALA DA 1168 147.33 98.56 -14.74
N CYS DA 1169 146.83 97.34 -14.56
CA CYS DA 1169 147.38 96.19 -15.28
C CYS DA 1169 146.32 95.11 -15.32
N ASN DA 1170 146.63 94.05 -16.07
CA ASN DA 1170 145.79 92.87 -16.14
C ASN DA 1170 146.52 91.73 -15.43
N PRO DA 1171 145.98 91.20 -14.33
CA PRO DA 1171 146.70 90.16 -13.58
C PRO DA 1171 147.11 88.97 -14.43
N ARG DA 1172 146.40 88.77 -15.54
CA ARG DA 1172 146.74 87.71 -16.48
C ARG DA 1172 148.16 87.86 -17.02
N GLY DA 1173 148.75 89.05 -16.92
CA GLY DA 1173 150.06 89.29 -17.48
C GLY DA 1173 150.05 89.65 -18.94
N ARG DA 1174 148.88 89.73 -19.58
CA ARG DA 1174 148.79 90.15 -20.98
C ARG DA 1174 147.37 90.64 -21.21
N ALA DA 1175 147.23 91.92 -21.50
CA ALA DA 1175 145.91 92.51 -21.71
C ALA DA 1175 145.23 91.89 -22.93
N ALA DA 1176 143.90 91.93 -22.92
CA ALA DA 1176 143.11 91.40 -24.02
C ALA DA 1176 142.95 92.45 -25.10
N GLY DA 1177 142.97 92.00 -26.36
CA GLY DA 1177 142.93 92.92 -27.48
C GLY DA 1177 141.54 93.19 -28.01
N GLU DA 1178 141.10 94.44 -27.91
CA GLU DA 1178 139.79 94.86 -28.45
C GLU DA 1178 139.98 96.23 -29.11
N VAL DA 1179 140.33 96.19 -30.40
CA VAL DA 1179 140.52 97.41 -31.19
C VAL DA 1179 139.95 97.15 -32.58
N HIS DA 1180 140.10 98.13 -33.48
CA HIS DA 1180 139.70 97.94 -34.88
C HIS DA 1180 140.81 97.29 -35.70
N GLY DA 1181 141.30 96.16 -35.21
CA GLY DA 1181 142.30 95.38 -35.91
C GLY DA 1181 141.90 93.92 -35.99
N GLU DA 1182 142.79 93.03 -35.55
CA GLU DA 1182 142.45 91.63 -35.40
C GLU DA 1182 141.91 91.38 -34.00
N GLU DA 1183 140.97 90.43 -33.90
CA GLU DA 1183 140.41 90.05 -32.61
C GLU DA 1183 140.82 88.64 -32.19
N GLY DA 1184 141.74 88.00 -32.92
CA GLY DA 1184 142.29 86.73 -32.51
C GLY DA 1184 143.50 86.91 -31.62
N LEU DA 1185 143.58 88.05 -30.96
CA LEU DA 1185 144.65 88.35 -30.01
C LEU DA 1185 144.37 87.68 -28.68
N MET DA 1186 145.12 88.06 -27.64
CA MET DA 1186 144.97 87.66 -26.25
C MET DA 1186 145.27 86.19 -26.02
N PHE DA 1187 145.55 85.42 -27.07
CA PHE DA 1187 146.11 84.10 -26.93
C PHE DA 1187 147.27 83.83 -27.88
N ASP DA 1188 147.39 84.55 -28.99
CA ASP DA 1188 148.54 84.49 -29.85
C ASP DA 1188 149.75 85.11 -29.14
N HIS DA 1189 150.94 84.83 -29.67
CA HIS DA 1189 152.15 85.38 -29.09
C HIS DA 1189 153.13 85.94 -30.10
N SER DA 1190 152.97 85.66 -31.39
CA SER DA 1190 153.87 86.27 -32.37
C SER DA 1190 153.71 87.78 -32.42
N HIS DA 1191 152.60 88.31 -31.92
CA HIS DA 1191 152.43 89.73 -31.70
C HIS DA 1191 152.66 90.04 -30.24
N ALA DA 1192 153.18 91.24 -29.96
CA ALA DA 1192 153.47 91.63 -28.60
C ALA DA 1192 152.18 92.02 -27.88
N ASP DA 1193 152.31 92.60 -26.71
CA ASP DA 1193 151.17 93.03 -25.90
C ASP DA 1193 150.80 94.46 -26.23
N PRO DA 1194 149.51 94.74 -26.44
CA PRO DA 1194 149.09 96.12 -26.69
C PRO DA 1194 149.41 97.09 -25.55
N ALA DA 1195 149.66 96.58 -24.34
CA ALA DA 1195 149.98 97.44 -23.20
C ALA DA 1195 151.44 97.34 -22.80
N HIS DA 1196 152.25 96.62 -23.57
CA HIS DA 1196 153.68 96.50 -23.32
C HIS DA 1196 154.37 96.15 -24.64
N PRO DA 1197 154.55 97.12 -25.52
CA PRO DA 1197 155.06 96.81 -26.87
C PRO DA 1197 156.51 96.33 -26.87
N HIS DA 1198 157.12 96.20 -25.69
CA HIS DA 1198 158.50 95.74 -25.60
C HIS DA 1198 158.57 94.22 -25.43
N ARG DA 1199 157.98 93.70 -24.37
CA ARG DA 1199 157.91 92.27 -24.16
C ARG DA 1199 156.68 91.70 -24.84
N ALA DA 1200 156.39 90.43 -24.58
CA ALA DA 1200 155.16 89.79 -25.05
C ALA DA 1200 154.18 89.59 -23.90
N THR DA 1201 154.62 88.93 -22.83
CA THR DA 1201 153.78 88.65 -21.68
C THR DA 1201 154.53 89.00 -20.40
N ALA DA 1202 153.78 89.21 -19.33
CA ALA DA 1202 154.39 89.49 -18.04
C ALA DA 1202 154.79 88.23 -17.30
N ASN DA 1203 154.10 87.11 -17.54
CA ASN DA 1203 154.52 85.82 -17.01
C ASN DA 1203 153.94 84.72 -17.85
N PRO DA 1204 154.69 83.66 -18.13
CA PRO DA 1204 154.17 82.60 -19.00
C PRO DA 1204 153.05 81.80 -18.36
N TRP DA 1205 153.18 81.49 -17.08
CA TRP DA 1205 152.26 80.55 -16.42
C TRP DA 1205 150.81 81.04 -16.39
N ALA DA 1206 150.57 82.27 -16.86
CA ALA DA 1206 149.21 82.81 -16.84
C ALA DA 1206 148.68 83.15 -18.22
N SER DA 1207 149.43 83.91 -19.01
CA SER DA 1207 148.87 84.50 -20.22
C SER DA 1207 148.57 83.47 -21.30
N GLN DA 1208 149.34 82.39 -21.37
CA GLN DA 1208 149.26 81.50 -22.51
C GLN DA 1208 148.01 80.63 -22.44
N ARG DA 1209 147.77 79.90 -23.54
CA ARG DA 1209 146.63 79.00 -23.64
C ARG DA 1209 146.93 77.71 -22.89
N HIS DA 1210 145.93 77.21 -22.14
CA HIS DA 1210 146.01 75.99 -21.36
C HIS DA 1210 147.05 76.05 -20.25
N SER DA 1211 147.58 77.22 -19.95
CA SER DA 1211 148.54 77.31 -18.85
C SER DA 1211 147.85 77.08 -17.51
N TYR DA 1212 148.65 77.03 -16.46
CA TYR DA 1212 148.15 76.74 -15.13
C TYR DA 1212 146.99 77.66 -14.74
N ALA DA 1213 147.18 78.97 -14.93
CA ALA DA 1213 146.11 79.92 -14.65
C ALA DA 1213 144.92 79.69 -15.57
N ASP DA 1214 145.19 79.44 -16.85
CA ASP DA 1214 144.12 79.13 -17.79
C ASP DA 1214 143.31 77.93 -17.30
N ARG DA 1215 143.99 76.89 -16.83
CA ARG DA 1215 143.28 75.69 -16.40
C ARG DA 1215 142.53 75.90 -15.09
N LEU DA 1216 143.00 76.79 -14.23
CA LEU DA 1216 142.27 77.00 -12.98
C LEU DA 1216 141.09 77.94 -13.15
N TYR DA 1217 141.37 79.19 -13.50
CA TYR DA 1217 140.37 80.26 -13.43
C TYR DA 1217 139.71 80.51 -14.77
N ASN DA 1218 139.12 79.48 -15.38
CA ASN DA 1218 138.44 79.62 -16.65
C ASN DA 1218 137.09 78.91 -16.57
N GLY DA 1219 136.03 79.62 -16.95
CA GLY DA 1219 134.70 79.01 -16.91
C GLY DA 1219 134.51 77.94 -17.95
N GLN DA 1220 135.22 78.04 -19.07
CA GLN DA 1220 135.04 77.08 -20.16
C GLN DA 1220 135.46 75.68 -19.73
N TYR DA 1221 136.70 75.53 -19.27
CA TYR DA 1221 137.20 74.24 -18.84
C TYR DA 1221 136.43 73.71 -17.64
N ALA DA 1227 130.69 78.72 -6.23
CA ALA DA 1227 131.13 79.89 -5.49
C ALA DA 1227 131.76 80.91 -6.42
N TYR DA 1228 131.56 82.19 -6.13
CA TYR DA 1228 132.00 83.25 -7.03
C TYR DA 1228 133.52 83.33 -7.09
N SER DA 1229 134.02 84.14 -8.02
CA SER DA 1229 135.44 84.27 -8.25
C SER DA 1229 135.78 85.63 -8.86
N PRO DA 1230 136.61 86.45 -8.20
CA PRO DA 1230 137.01 87.73 -8.79
C PRO DA 1230 137.69 87.60 -10.15
N CYS DA 1231 138.68 86.72 -10.30
CA CYS DA 1231 139.41 86.67 -11.55
C CYS DA 1231 138.69 85.90 -12.64
N PHE DA 1232 137.38 85.68 -12.47
CA PHE DA 1232 136.58 85.07 -13.54
C PHE DA 1232 136.46 85.98 -14.75
N LYS DA 1233 136.67 87.28 -14.58
CA LYS DA 1233 136.44 88.24 -15.64
C LYS DA 1233 137.69 88.53 -16.47
N PHE DA 1234 138.86 88.11 -16.01
CA PHE DA 1234 140.09 88.34 -16.75
C PHE DA 1234 140.53 87.16 -17.59
N PHE DA 1235 140.25 85.94 -17.15
CA PHE DA 1235 140.66 84.73 -17.86
C PHE DA 1235 139.52 84.13 -18.67
N THR DA 1236 138.64 84.96 -19.22
CA THR DA 1236 137.58 84.47 -20.09
C THR DA 1236 137.26 85.51 -21.15
N PRO DA 1237 137.36 85.17 -22.43
CA PRO DA 1237 137.28 86.20 -23.48
C PRO DA 1237 135.86 86.68 -23.74
N ALA DA 1238 134.87 85.84 -23.44
CA ALA DA 1238 133.48 86.14 -23.81
C ALA DA 1238 133.02 87.47 -23.24
N GLU DA 1239 133.42 87.77 -22.00
CA GLU DA 1239 133.03 89.02 -21.37
C GLU DA 1239 133.76 90.23 -21.96
N ALA DA 1240 134.69 90.02 -22.88
CA ALA DA 1240 135.41 91.12 -23.52
C ALA DA 1240 134.92 91.35 -24.95
N GLY DA 1246 132.36 93.25 -25.43
CA GLY DA 1246 132.39 94.19 -24.33
C GLY DA 1246 132.50 95.64 -24.77
N LEU DA 1247 133.73 96.09 -24.95
CA LEU DA 1247 133.99 97.45 -25.41
C LEU DA 1247 133.82 97.49 -26.94
N ALA DA 1248 134.24 98.58 -27.57
CA ALA DA 1248 134.12 98.80 -29.01
C ALA DA 1248 132.66 98.84 -29.46
N ARG DA 1249 131.74 99.01 -28.53
CA ARG DA 1249 130.33 99.22 -28.84
C ARG DA 1249 129.83 100.56 -28.33
N LEU DA 1250 130.09 100.87 -27.06
CA LEU DA 1250 129.75 102.18 -26.51
C LEU DA 1250 130.33 103.28 -27.38
N ILE DA 1251 131.53 103.06 -27.92
CA ILE DA 1251 132.16 104.02 -28.83
C ILE DA 1251 131.78 103.79 -30.28
N ALA DA 1252 131.23 102.61 -30.61
CA ALA DA 1252 130.82 102.36 -31.98
C ALA DA 1252 129.51 103.06 -32.30
N ASP DA 1253 128.56 103.03 -31.38
CA ASP DA 1253 127.22 103.56 -31.68
C ASP DA 1253 127.19 105.09 -31.62
N THR DA 1254 127.74 105.67 -30.55
CA THR DA 1254 127.70 107.11 -30.34
C THR DA 1254 128.24 107.89 -31.53
N GLY DA 1264 120.29 106.06 -38.62
CA GLY DA 1264 119.09 106.85 -38.43
C GLY DA 1264 119.26 107.97 -37.42
N GLU DA 1265 118.25 108.82 -37.30
CA GLU DA 1265 118.25 109.94 -36.37
C GLU DA 1265 117.11 109.82 -35.36
N TYR DA 1266 116.86 108.60 -34.90
CA TYR DA 1266 115.78 108.33 -33.97
C TYR DA 1266 116.31 108.37 -32.53
N GLN DA 1267 115.50 107.87 -31.59
CA GLN DA 1267 115.70 108.04 -30.15
C GLN DA 1267 117.07 107.58 -29.67
N PHE DA 1268 117.54 108.17 -28.57
CA PHE DA 1268 118.84 107.89 -27.97
C PHE DA 1268 118.63 107.55 -26.49
N LYS DA 1269 118.65 106.27 -26.15
CA LYS DA 1269 118.70 105.85 -24.75
C LYS DA 1269 120.15 105.95 -24.27
N ARG DA 1270 120.45 105.32 -23.13
CA ARG DA 1270 121.84 105.05 -22.84
C ARG DA 1270 122.40 104.35 -24.05
N PRO DA 1271 123.35 104.97 -24.77
CA PRO DA 1271 123.65 104.57 -26.16
C PRO DA 1271 123.73 103.08 -26.41
N VAL DA 1272 124.05 102.29 -25.40
CA VAL DA 1272 124.13 100.85 -25.52
C VAL DA 1272 123.62 100.22 -24.24
N GLY DA 1273 123.17 98.97 -24.36
CA GLY DA 1273 122.91 98.16 -23.19
C GLY DA 1273 124.21 97.82 -22.48
N ALA DA 1274 124.15 97.78 -21.15
CA ALA DA 1274 125.32 97.52 -20.30
C ALA DA 1274 126.41 98.57 -20.49
N GLY DA 1275 126.00 99.79 -20.86
CA GLY DA 1275 126.95 100.88 -20.97
C GLY DA 1275 127.00 101.70 -19.70
N GLU DA 1276 127.37 101.07 -18.58
CA GLU DA 1276 127.35 101.78 -17.31
C GLU DA 1276 128.67 102.52 -17.07
N LEU DA 1277 129.80 101.84 -17.26
CA LEU DA 1277 131.14 102.40 -17.14
C LEU DA 1277 131.41 103.04 -15.77
N VAL DA 1278 130.49 102.88 -14.83
CA VAL DA 1278 130.67 103.45 -13.50
C VAL DA 1278 130.51 102.35 -12.46
N GLU DA 1279 129.47 101.53 -12.62
CA GLU DA 1279 129.22 100.45 -11.67
C GLU DA 1279 130.35 99.43 -11.68
N ASP DA 1280 131.01 99.23 -12.82
CA ASP DA 1280 132.11 98.28 -12.92
C ASP DA 1280 132.99 98.65 -14.10
N PRO DA 1281 133.99 99.51 -13.91
CA PRO DA 1281 134.96 99.75 -15.00
C PRO DA 1281 135.90 98.58 -15.22
N CYS DA 1282 136.02 97.67 -14.25
CA CYS DA 1282 136.97 96.57 -14.38
C CYS DA 1282 136.56 95.63 -15.50
N ALA DA 1283 135.31 95.18 -15.49
CA ALA DA 1283 134.83 94.28 -16.54
C ALA DA 1283 134.86 94.94 -17.91
N LEU DA 1284 134.94 96.26 -17.97
CA LEU DA 1284 135.02 96.95 -19.26
C LEU DA 1284 136.46 97.03 -19.75
N PHE DA 1285 137.39 97.41 -18.88
CA PHE DA 1285 138.77 97.64 -19.28
C PHE DA 1285 139.71 96.49 -18.94
N GLN DA 1286 139.26 95.50 -18.18
CA GLN DA 1286 140.09 94.37 -17.77
C GLN DA 1286 141.34 94.87 -17.03
N GLU DA 1287 141.09 95.50 -15.90
CA GLU DA 1287 142.14 96.17 -15.14
C GLU DA 1287 142.09 95.71 -13.69
N ALA DA 1288 143.08 96.16 -12.92
CA ALA DA 1288 143.13 95.86 -11.48
C ALA DA 1288 143.99 96.94 -10.83
N TYR DA 1289 143.37 97.85 -10.12
CA TYR DA 1289 144.11 98.94 -9.51
C TYR DA 1289 144.85 98.44 -8.26
N PRO DA 1290 146.05 98.96 -8.01
CA PRO DA 1290 146.80 98.54 -6.83
C PRO DA 1290 146.47 99.43 -5.65
N PRO DA 1291 146.22 98.85 -4.47
CA PRO DA 1291 145.99 99.65 -3.27
C PRO DA 1291 147.28 99.88 -2.50
N LEU DA 1292 147.22 100.67 -1.43
CA LEU DA 1292 148.41 100.94 -0.63
C LEU DA 1292 148.97 99.64 -0.09
N CYS DA 1293 150.12 99.22 -0.60
CA CYS DA 1293 150.69 97.92 -0.32
C CYS DA 1293 152.13 98.05 0.12
N ALA DA 1294 152.58 97.10 0.93
CA ALA DA 1294 153.95 97.11 1.43
C ALA DA 1294 154.32 95.69 1.88
N SER DA 1295 155.58 95.35 1.69
CA SER DA 1295 156.12 94.06 2.09
C SER DA 1295 156.64 94.06 3.52
N ASP DA 1296 156.50 95.17 4.24
CA ASP DA 1296 156.96 95.28 5.61
C ASP DA 1296 155.98 96.16 6.36
N SER DA 1297 155.45 95.62 7.47
CA SER DA 1297 154.54 96.40 8.30
C SER DA 1297 155.15 97.72 8.72
N ALA DA 1298 156.44 97.70 9.04
CA ALA DA 1298 157.14 98.88 9.53
C ALA DA 1298 157.41 99.91 8.43
N LEU DA 1299 156.96 99.69 7.22
CA LEU DA 1299 157.28 100.55 6.09
C LEU DA 1299 156.22 101.61 5.81
N LEU DA 1300 155.13 101.65 6.59
CA LEU DA 1300 154.02 102.52 6.26
C LEU DA 1300 153.41 103.21 7.47
N ARG DA 1301 154.15 103.40 8.57
CA ARG DA 1301 153.46 103.85 9.76
C ARG DA 1301 153.18 105.35 9.76
N THR DA 1302 154.18 106.19 9.98
CA THR DA 1302 153.89 107.62 9.90
C THR DA 1302 154.13 108.20 8.49
N PRO DA 1303 155.31 108.07 7.91
CA PRO DA 1303 155.61 108.81 6.67
C PRO DA 1303 155.47 108.00 5.37
N LEU DA 1304 155.07 106.73 5.46
CA LEU DA 1304 155.04 105.79 4.35
C LEU DA 1304 156.46 105.43 3.91
N GLY DA 1305 157.46 106.08 4.49
CA GLY DA 1305 158.84 105.65 4.35
C GLY DA 1305 159.51 106.04 3.05
N ALA DA 1306 159.23 105.28 2.00
CA ALA DA 1306 159.84 105.48 0.69
C ALA DA 1306 159.14 104.55 -0.30
N GLU DA 1307 159.63 104.50 -1.54
CA GLU DA 1307 159.09 103.59 -2.53
C GLU DA 1307 159.78 102.24 -2.51
N GLU DA 1308 161.07 102.18 -2.15
CA GLU DA 1308 161.72 100.88 -1.96
C GLU DA 1308 162.88 101.02 -0.98
N HIS DA 1309 162.84 100.20 0.07
CA HIS DA 1309 164.01 99.94 0.90
C HIS DA 1309 164.83 98.87 0.20
N PHE DA 1310 165.76 98.22 0.91
CA PHE DA 1310 166.72 97.33 0.28
C PHE DA 1310 166.04 96.28 -0.60
N ALA DA 1311 165.29 95.37 0.00
CA ALA DA 1311 164.59 94.35 -0.76
C ALA DA 1311 163.09 94.42 -0.60
N GLN DA 1312 162.59 95.22 0.34
CA GLN DA 1312 161.16 95.43 0.50
C GLN DA 1312 160.72 96.47 -0.52
N TYR DA 1313 159.44 96.85 -0.46
CA TYR DA 1313 158.92 97.85 -1.38
C TYR DA 1313 157.56 98.30 -0.88
N LEU DA 1314 157.26 99.58 -1.07
CA LEU DA 1314 155.94 100.12 -0.82
C LEU DA 1314 155.32 100.49 -2.15
N ILE DA 1315 154.23 99.81 -2.50
CA ILE DA 1315 153.50 100.09 -3.72
C ILE DA 1315 152.46 101.16 -3.38
N ARG DA 1316 152.74 102.40 -3.77
CA ARG DA 1316 151.74 103.44 -3.63
C ARG DA 1316 150.57 103.15 -4.56
N ASP DA 1317 149.39 103.60 -4.17
CA ASP DA 1317 148.16 103.27 -4.86
C ASP DA 1317 147.85 104.29 -5.95
N GLU DA 1318 147.40 103.79 -7.10
CA GLU DA 1318 146.78 104.62 -8.14
C GLU DA 1318 145.47 103.93 -8.47
N SER DA 1319 144.44 104.24 -7.68
CA SER DA 1319 143.13 103.62 -7.76
C SER DA 1319 142.08 104.71 -7.74
N PRO DA 1320 140.85 104.41 -8.12
CA PRO DA 1320 139.79 105.43 -8.09
C PRO DA 1320 139.46 105.94 -6.69
N LEU DA 1321 140.21 105.48 -5.68
CA LEU DA 1321 139.95 105.88 -4.31
C LEU DA 1321 141.21 106.45 -3.65
N LYS DA 1322 141.87 107.39 -4.31
CA LYS DA 1322 143.09 107.97 -3.75
C LYS DA 1322 142.87 108.77 -2.48
N GLY DA 1323 141.64 108.84 -1.96
CA GLY DA 1323 141.38 109.53 -0.71
C GLY DA 1323 140.10 109.05 -0.03
N ARG EA 3 -178.29 -2.53 117.38
CA ARG EA 3 -178.95 -1.41 116.71
C ARG EA 3 -180.46 -1.48 116.94
N PRO EA 4 -180.93 -0.87 118.03
CA PRO EA 4 -182.36 -0.89 118.35
C PRO EA 4 -183.12 0.15 117.53
N ALA EA 5 -184.42 0.25 117.83
CA ALA EA 5 -185.32 1.06 117.02
C ALA EA 5 -185.19 2.54 117.34
N ILE EA 6 -185.48 3.37 116.35
CA ILE EA 6 -185.44 4.82 116.49
C ILE EA 6 -186.85 5.42 116.45
N LEU EA 7 -187.56 5.25 115.33
CA LEU EA 7 -188.93 5.69 115.20
C LEU EA 7 -189.79 4.50 114.80
N PRO EA 8 -190.71 4.07 115.64
CA PRO EA 8 -191.45 2.83 115.37
C PRO EA 8 -192.38 2.97 114.18
N SER EA 9 -192.95 1.83 113.77
CA SER EA 9 -193.85 1.76 112.63
C SER EA 9 -195.21 1.17 112.97
N GLY EA 10 -195.28 0.25 113.93
CA GLY EA 10 -196.53 -0.37 114.31
C GLY EA 10 -196.80 -0.21 115.80
N GLN EA 11 -197.93 -0.77 116.22
CA GLN EA 11 -198.35 -0.74 117.61
C GLN EA 11 -198.89 -2.10 118.00
N ILE EA 12 -198.43 -2.60 119.15
CA ILE EA 12 -198.88 -3.90 119.64
C ILE EA 12 -200.21 -3.72 120.37
N LEU EA 13 -200.98 -4.81 120.45
CA LEU EA 13 -202.26 -4.81 121.13
C LEU EA 13 -202.37 -5.82 122.26
N SER EA 14 -201.61 -6.91 122.24
CA SER EA 14 -201.71 -7.95 123.25
C SER EA 14 -200.84 -7.58 124.45
N ASN EA 15 -201.46 -7.49 125.63
CA ASN EA 15 -200.76 -7.14 126.85
C ASN EA 15 -200.16 -8.35 127.55
N ILE EA 16 -200.04 -9.48 126.87
CA ILE EA 16 -199.54 -10.69 127.52
C ILE EA 16 -198.03 -10.60 127.69
N GLU EA 17 -197.52 -11.21 128.75
CA GLU EA 17 -196.09 -11.14 129.05
C GLU EA 17 -195.32 -12.09 128.15
N VAL EA 18 -194.21 -11.60 127.62
CA VAL EA 18 -193.54 -12.28 126.51
C VAL EA 18 -192.74 -13.49 126.96
N HIS EA 19 -192.26 -13.51 128.21
CA HIS EA 19 -191.35 -14.56 128.64
C HIS EA 19 -191.97 -15.95 128.53
N SER EA 20 -193.29 -16.06 128.74
CA SER EA 20 -193.94 -17.35 128.62
C SER EA 20 -193.87 -17.87 127.18
N HIS EA 21 -194.04 -16.98 126.20
CA HIS EA 21 -194.03 -17.34 124.79
C HIS EA 21 -192.67 -17.10 124.14
N ARG EA 22 -191.59 -17.29 124.89
CA ARG EA 22 -190.24 -17.06 124.36
C ARG EA 22 -189.92 -18.01 123.21
N ALA EA 23 -190.80 -18.96 122.94
CA ALA EA 23 -190.57 -19.93 121.87
C ALA EA 23 -190.86 -19.34 120.50
N LEU EA 24 -191.97 -18.61 120.35
CA LEU EA 24 -192.41 -18.14 119.05
C LEU EA 24 -191.32 -17.32 118.34
N PHE EA 25 -190.74 -16.35 119.04
CA PHE EA 25 -189.71 -15.53 118.45
C PHE EA 25 -188.43 -16.34 118.21
N ASP EA 26 -187.53 -15.77 117.42
CA ASP EA 26 -186.25 -16.41 117.13
C ASP EA 26 -185.16 -15.95 118.10
N ILE EA 27 -184.88 -14.64 118.12
CA ILE EA 27 -183.91 -14.05 119.02
C ILE EA 27 -184.67 -13.31 120.13
N PHE EA 28 -184.26 -13.54 121.37
CA PHE EA 28 -184.93 -12.96 122.54
C PHE EA 28 -183.92 -12.18 123.35
N LYS EA 29 -184.30 -10.98 123.78
CA LYS EA 29 -183.43 -10.08 124.53
C LYS EA 29 -184.27 -9.42 125.61
N ARG EA 30 -184.05 -9.82 126.86
CA ARG EA 30 -184.86 -9.38 127.98
C ARG EA 30 -183.97 -8.73 129.02
N PHE EA 31 -184.16 -7.42 129.23
CA PHE EA 31 -183.41 -6.68 130.23
C PHE EA 31 -184.21 -6.57 131.52
N ARG EA 32 -183.54 -6.11 132.57
CA ARG EA 32 -184.20 -5.50 133.70
C ARG EA 32 -184.26 -4.00 133.41
N SER EA 33 -184.60 -3.19 134.41
CA SER EA 33 -184.79 -1.77 134.18
C SER EA 33 -183.52 -1.07 133.69
N ASP EA 34 -183.52 -0.65 132.43
CA ASP EA 34 -182.52 0.25 131.86
C ASP EA 34 -181.11 -0.32 131.96
N ASP EA 35 -180.87 -1.36 131.16
CA ASP EA 35 -179.51 -1.87 130.97
C ASP EA 35 -178.62 -0.81 130.33
N ASN EA 36 -177.33 -1.09 130.20
CA ASN EA 36 -176.34 -0.08 129.80
C ASN EA 36 -175.88 -0.19 128.36
N ASN EA 37 -175.73 -1.41 127.83
CA ASN EA 37 -175.03 -1.60 126.57
C ASN EA 37 -175.76 -0.99 125.38
N LEU EA 38 -177.06 -0.73 125.48
CA LEU EA 38 -177.79 -0.23 124.33
C LEU EA 38 -177.49 1.23 123.99
N TYR EA 39 -176.53 1.87 124.66
CA TYR EA 39 -176.21 3.27 124.39
C TYR EA 39 -174.93 3.44 123.58
N GLY EA 40 -173.92 2.60 123.82
CA GLY EA 40 -172.71 2.67 123.03
C GLY EA 40 -172.95 2.25 121.60
N ALA EA 41 -172.93 3.21 120.67
CA ALA EA 41 -173.20 2.95 119.27
C ALA EA 41 -171.86 2.87 118.52
N GLU EA 42 -171.51 1.67 118.08
CA GLU EA 42 -170.28 1.45 117.34
C GLU EA 42 -170.61 0.96 115.93
N PHE EA 43 -169.75 1.32 114.98
CA PHE EA 43 -169.99 1.04 113.58
C PHE EA 43 -168.65 1.02 112.87
N ASP EA 44 -168.25 -0.14 112.35
CA ASP EA 44 -166.99 -0.26 111.61
C ASP EA 44 -167.26 0.14 110.17
N ALA EA 45 -166.80 1.32 109.79
CA ALA EA 45 -167.06 1.88 108.47
C ALA EA 45 -165.76 2.05 107.72
N LEU EA 46 -165.76 1.66 106.44
CA LEU EA 46 -164.61 1.87 105.60
C LEU EA 46 -164.38 3.36 105.38
N LEU EA 47 -163.12 3.71 105.09
CA LEU EA 47 -162.71 5.11 105.02
C LEU EA 47 -162.29 5.55 103.63
N GLY EA 48 -162.37 4.69 102.62
CA GLY EA 48 -162.06 5.09 101.26
C GLY EA 48 -161.65 3.96 100.36
N THR EA 49 -161.94 4.11 99.07
CA THR EA 49 -161.55 3.12 98.06
C THR EA 49 -160.68 3.78 97.01
N TYR EA 50 -159.93 2.95 96.29
CA TYR EA 50 -159.04 3.42 95.24
C TYR EA 50 -159.08 2.45 94.07
N CYS EA 51 -159.30 2.98 92.87
CA CYS EA 51 -159.41 2.18 91.65
C CYS EA 51 -158.20 2.41 90.79
N SER EA 52 -157.58 1.32 90.34
CA SER EA 52 -156.40 1.41 89.49
C SER EA 52 -156.80 1.80 88.07
N THR EA 53 -155.93 2.57 87.43
CA THR EA 53 -156.11 2.95 86.04
C THR EA 53 -154.86 2.58 85.25
N LEU EA 54 -155.05 2.07 84.05
CA LEU EA 54 -153.95 1.63 83.22
C LEU EA 54 -153.48 2.76 82.31
N SER EA 55 -152.23 2.67 81.87
CA SER EA 55 -151.65 3.64 80.96
C SER EA 55 -151.59 3.05 79.56
N LEU EA 56 -151.98 3.83 78.56
CA LEU EA 56 -151.95 3.36 77.19
C LEU EA 56 -150.56 3.54 76.59
N VAL EA 57 -150.27 2.72 75.58
CA VAL EA 57 -149.01 2.81 74.83
C VAL EA 57 -149.33 2.65 73.35
N ARG EA 58 -149.02 3.67 72.56
CA ARG EA 58 -149.17 3.62 71.12
C ARG EA 58 -147.82 3.27 70.50
N PHE EA 59 -147.82 2.31 69.57
CA PHE EA 59 -146.57 1.77 69.03
C PHE EA 59 -145.72 2.86 68.39
N LEU EA 60 -146.32 3.64 67.49
CA LEU EA 60 -145.58 4.70 66.81
C LEU EA 60 -144.94 5.68 67.79
N GLU EA 61 -145.55 5.88 68.96
CA GLU EA 61 -144.95 6.73 69.98
C GLU EA 61 -143.66 6.15 70.56
N LEU EA 62 -143.30 4.93 70.19
CA LEU EA 62 -142.13 4.27 70.73
C LEU EA 62 -140.96 4.37 69.74
N GLY EA 63 -139.75 4.39 70.29
CA GLY EA 63 -138.56 4.45 69.46
C GLY EA 63 -138.36 3.21 68.60
N LEU EA 64 -138.74 2.04 69.12
CA LEU EA 64 -138.58 0.79 68.41
C LEU EA 64 -139.32 0.76 67.07
N SER EA 65 -140.20 1.74 66.81
CA SER EA 65 -140.93 1.76 65.56
C SER EA 65 -140.00 1.83 64.35
N VAL EA 66 -138.85 2.49 64.50
CA VAL EA 66 -137.97 2.72 63.36
C VAL EA 66 -137.42 1.43 62.78
N ALA EA 67 -137.45 0.33 63.54
CA ALA EA 67 -136.85 -0.91 63.07
C ALA EA 67 -137.63 -1.55 61.93
N CYS EA 68 -138.92 -1.26 61.80
CA CYS EA 68 -139.75 -1.90 60.80
C CYS EA 68 -140.61 -0.86 60.10
N VAL EA 69 -141.08 -1.23 58.91
CA VAL EA 69 -142.02 -0.43 58.14
C VAL EA 69 -143.40 -1.06 58.25
N CYS EA 70 -144.38 -0.26 58.68
CA CYS EA 70 -145.74 -0.75 58.94
C CYS EA 70 -146.67 -0.33 57.81
N THR EA 71 -147.43 -1.29 57.30
CA THR EA 71 -148.41 -1.04 56.26
C THR EA 71 -149.66 -1.86 56.53
N LYS EA 72 -150.81 -1.25 56.32
CA LYS EA 72 -152.09 -1.95 56.44
C LYS EA 72 -152.43 -2.60 55.11
N PHE EA 73 -152.74 -3.90 55.15
CA PHE EA 73 -153.00 -4.71 53.97
C PHE EA 73 -154.29 -5.47 54.21
N PRO EA 74 -155.45 -4.83 53.96
CA PRO EA 74 -156.73 -5.43 54.34
C PRO EA 74 -157.08 -6.72 53.61
N GLU EA 75 -156.20 -7.26 52.76
CA GLU EA 75 -156.52 -8.46 51.98
C GLU EA 75 -155.58 -9.62 52.30
N LEU EA 76 -154.69 -9.47 53.28
CA LEU EA 76 -153.67 -10.49 53.55
C LEU EA 76 -154.25 -11.87 53.80
N SER EA 77 -155.50 -11.96 54.26
CA SER EA 77 -156.11 -13.26 54.53
C SER EA 77 -156.23 -14.12 53.27
N TYR EA 78 -156.22 -13.51 52.09
CA TYR EA 78 -156.39 -14.26 50.85
C TYR EA 78 -155.08 -14.66 50.20
N VAL EA 79 -154.02 -13.88 50.42
CA VAL EA 79 -152.81 -14.03 49.61
C VAL EA 79 -152.21 -15.41 49.83
N ALA EA 80 -151.62 -15.96 48.78
CA ALA EA 80 -150.80 -17.15 48.88
C ALA EA 80 -149.37 -16.72 49.18
N GLU EA 81 -148.40 -17.59 48.99
CA GLU EA 81 -147.01 -17.28 49.30
C GLU EA 81 -146.58 -15.98 48.61
N GLY EA 82 -146.28 -14.97 49.42
CA GLY EA 82 -145.89 -13.66 48.93
C GLY EA 82 -144.38 -13.54 48.91
N THR EA 83 -143.88 -12.80 47.93
CA THR EA 83 -142.44 -12.70 47.70
C THR EA 83 -142.03 -11.25 47.48
N ILE EA 84 -140.73 -11.03 47.56
CA ILE EA 84 -140.09 -9.81 47.11
C ILE EA 84 -138.84 -10.21 46.34
N GLN EA 85 -138.53 -9.45 45.29
CA GLN EA 85 -137.40 -9.78 44.44
C GLN EA 85 -136.25 -8.82 44.68
N PHE EA 86 -135.04 -9.37 44.67
CA PHE EA 86 -133.81 -8.61 44.78
C PHE EA 86 -133.00 -8.75 43.50
N GLU EA 87 -132.49 -7.64 43.00
CA GLU EA 87 -131.47 -7.63 41.97
C GLU EA 87 -130.25 -6.92 42.51
N VAL EA 88 -129.06 -7.40 42.15
CA VAL EA 88 -127.82 -6.84 42.67
C VAL EA 88 -126.71 -7.21 41.69
N GLN EA 89 -125.77 -6.28 41.52
CA GLN EA 89 -124.73 -6.44 40.51
C GLN EA 89 -123.40 -6.07 41.13
N GLN EA 90 -122.54 -7.06 41.33
CA GLN EA 90 -121.26 -6.82 41.97
C GLN EA 90 -120.36 -5.98 41.08
N PRO EA 91 -119.43 -5.22 41.67
CA PRO EA 91 -118.39 -4.57 40.88
C PRO EA 91 -117.23 -5.52 40.62
N MET EA 92 -116.45 -5.18 39.59
CA MET EA 92 -115.30 -5.98 39.21
C MET EA 92 -114.14 -5.04 38.84
N ILE EA 93 -112.93 -5.57 38.98
CA ILE EA 93 -111.72 -4.83 38.66
C ILE EA 93 -110.95 -5.60 37.60
N ALA EA 94 -110.27 -4.88 36.72
CA ALA EA 94 -109.61 -5.46 35.55
C ALA EA 94 -108.21 -5.92 35.95
N ARG EA 95 -108.17 -7.04 36.66
CA ARG EA 95 -106.90 -7.64 37.06
C ARG EA 95 -106.10 -8.01 35.81
N ASP EA 96 -104.78 -7.91 35.92
CA ASP EA 96 -103.90 -8.01 34.76
C ASP EA 96 -103.07 -9.29 34.85
N GLY EA 97 -102.99 -10.03 33.74
CA GLY EA 97 -102.20 -11.23 33.67
C GLY EA 97 -102.53 -12.06 32.44
N PRO EA 98 -101.76 -13.13 32.21
CA PRO EA 98 -102.06 -14.00 31.07
C PRO EA 98 -103.29 -14.85 31.28
N HIS EA 99 -103.77 -14.97 32.52
CA HIS EA 99 -104.99 -15.70 32.79
C HIS EA 99 -106.16 -15.05 32.04
N PRO EA 100 -107.20 -15.83 31.73
CA PRO EA 100 -108.30 -15.29 30.92
C PRO EA 100 -109.01 -14.14 31.63
N ALA EA 101 -109.77 -13.39 30.82
CA ALA EA 101 -110.47 -12.22 31.33
C ALA EA 101 -111.63 -12.63 32.23
N ASP EA 102 -112.20 -11.64 32.91
CA ASP EA 102 -113.31 -11.86 33.83
C ASP EA 102 -114.43 -10.89 33.48
N GLN EA 103 -115.64 -11.42 33.33
CA GLN EA 103 -116.82 -10.68 32.95
C GLN EA 103 -117.62 -10.28 34.17
N PRO EA 104 -118.51 -9.29 34.05
CA PRO EA 104 -119.34 -8.91 35.20
C PRO EA 104 -120.43 -9.93 35.44
N VAL EA 105 -120.86 -10.01 36.69
CA VAL EA 105 -121.82 -11.02 37.13
C VAL EA 105 -123.16 -10.35 37.41
N HIS EA 106 -124.20 -11.16 37.39
CA HIS EA 106 -125.53 -10.76 37.80
C HIS EA 106 -126.16 -11.92 38.56
N ASN EA 107 -127.05 -11.58 39.50
CA ASN EA 107 -127.70 -12.61 40.30
C ASN EA 107 -128.96 -12.01 40.90
N TYR EA 108 -129.97 -12.87 41.08
CA TYR EA 108 -131.27 -12.47 41.61
C TYR EA 108 -131.59 -13.30 42.84
N MET EA 109 -132.22 -12.66 43.81
CA MET EA 109 -132.60 -13.31 45.05
C MET EA 109 -134.06 -13.04 45.34
N ILE EA 110 -134.76 -14.07 45.83
CA ILE EA 110 -136.17 -13.96 46.19
C ILE EA 110 -136.33 -14.38 47.64
N LYS EA 111 -137.08 -13.59 48.40
CA LYS EA 111 -137.44 -13.91 49.77
C LYS EA 111 -138.94 -14.14 49.84
N ARG EA 112 -139.35 -15.10 50.66
CA ARG EA 112 -140.75 -15.44 50.81
C ARG EA 112 -141.27 -14.98 52.16
N LEU EA 113 -142.51 -14.49 52.18
CA LEU EA 113 -143.15 -14.10 53.43
C LEU EA 113 -143.25 -15.30 54.37
N ASP EA 114 -143.28 -15.01 55.67
CA ASP EA 114 -143.65 -15.98 56.68
C ASP EA 114 -144.78 -15.39 57.52
N ARG EA 115 -145.76 -16.22 57.84
CA ARG EA 115 -147.00 -15.75 58.41
C ARG EA 115 -146.98 -15.87 59.93
N ARG EA 116 -147.69 -14.95 60.58
CA ARG EA 116 -147.78 -14.90 62.03
C ARG EA 116 -149.23 -14.66 62.44
N SER EA 117 -149.46 -14.38 63.72
CA SER EA 117 -150.81 -14.10 64.19
C SER EA 117 -150.73 -13.42 65.55
N LEU EA 118 -151.87 -12.90 65.98
CA LEU EA 118 -152.04 -12.35 67.32
C LEU EA 118 -153.46 -12.67 67.78
N ASN EA 119 -153.66 -12.67 69.09
CA ASN EA 119 -154.95 -13.06 69.65
C ASN EA 119 -155.06 -12.56 71.08
N ALA EA 120 -156.29 -12.54 71.58
CA ALA EA 120 -156.59 -12.04 72.92
C ALA EA 120 -157.82 -12.79 73.44
N ALA EA 121 -158.42 -12.29 74.51
CA ALA EA 121 -159.59 -12.91 75.12
C ALA EA 121 -160.46 -11.84 75.76
N PHE EA 122 -161.78 -12.06 75.72
CA PHE EA 122 -162.74 -11.02 76.06
C PHE EA 122 -163.93 -11.57 76.83
N SER EA 123 -163.73 -12.60 77.66
CA SER EA 123 -164.84 -13.32 78.26
C SER EA 123 -165.74 -12.40 79.09
N ILE EA 124 -167.05 -12.67 79.02
CA ILE EA 124 -168.05 -11.98 79.82
C ILE EA 124 -169.07 -13.01 80.32
N ALA EA 125 -169.62 -12.75 81.50
CA ALA EA 125 -170.42 -13.74 82.22
C ALA EA 125 -171.89 -13.68 81.81
N VAL EA 126 -172.64 -14.69 82.26
CA VAL EA 126 -174.01 -14.89 81.80
C VAL EA 126 -174.93 -13.79 82.30
N GLU EA 127 -174.81 -13.41 83.57
CA GLU EA 127 -175.65 -12.33 84.08
C GLU EA 127 -175.35 -11.03 83.37
N ALA EA 128 -174.09 -10.82 82.95
CA ALA EA 128 -173.77 -9.65 82.15
C ALA EA 128 -174.53 -9.65 80.84
N LEU EA 129 -174.62 -10.81 80.18
CA LEU EA 129 -175.44 -10.91 78.98
C LEU EA 129 -176.89 -10.60 79.27
N GLY EA 130 -177.44 -11.23 80.31
CA GLY EA 130 -178.85 -11.03 80.63
C GLY EA 130 -179.19 -9.59 80.97
N LEU EA 131 -178.21 -8.83 81.47
CA LEU EA 131 -178.45 -7.44 81.83
C LEU EA 131 -178.13 -6.45 80.72
N ILE EA 132 -177.16 -6.75 79.86
CA ILE EA 132 -176.80 -5.83 78.79
C ILE EA 132 -177.87 -5.83 77.71
N SER EA 133 -178.26 -7.02 77.26
CA SER EA 133 -179.23 -7.16 76.18
C SER EA 133 -180.60 -6.65 76.58
N GLY EA 134 -180.77 -6.26 77.84
CA GLY EA 134 -182.02 -5.73 78.33
C GLY EA 134 -183.18 -6.70 78.37
N GLU EA 135 -183.01 -7.92 77.88
CA GLU EA 135 -184.09 -8.90 77.92
C GLU EA 135 -184.51 -9.20 79.36
N ASN EA 136 -183.54 -9.53 80.21
CA ASN EA 136 -183.79 -9.81 81.62
C ASN EA 136 -183.77 -8.56 82.47
N LEU EA 137 -183.92 -7.39 81.87
CA LEU EA 137 -183.93 -6.14 82.63
C LEU EA 137 -185.25 -6.04 83.39
N ASP EA 138 -185.23 -6.47 84.65
CA ASP EA 138 -186.39 -6.27 85.51
C ASP EA 138 -186.59 -4.78 85.72
N GLY EA 139 -187.80 -4.30 85.50
CA GLY EA 139 -188.02 -2.87 85.58
C GLY EA 139 -188.17 -2.44 87.03
N THR EA 140 -187.09 -1.92 87.59
CA THR EA 140 -187.02 -1.54 89.00
C THR EA 140 -186.21 -0.25 89.07
N HIS EA 141 -185.77 0.10 90.28
CA HIS EA 141 -184.80 1.16 90.48
C HIS EA 141 -183.48 0.64 91.04
N ILE EA 142 -183.34 -0.67 91.17
CA ILE EA 142 -182.10 -1.28 91.61
C ILE EA 142 -181.43 -2.07 90.50
N SER EA 143 -182.20 -2.82 89.71
CA SER EA 143 -181.63 -3.60 88.63
C SER EA 143 -181.00 -2.72 87.57
N SER EA 144 -181.56 -1.53 87.34
CA SER EA 144 -180.96 -0.57 86.42
C SER EA 144 -179.56 -0.17 86.87
N ALA EA 145 -179.35 -0.04 88.19
CA ALA EA 145 -178.01 0.26 88.68
C ALA EA 145 -177.04 -0.88 88.39
N MET EA 146 -177.49 -2.13 88.55
CA MET EA 146 -176.63 -3.25 88.21
C MET EA 146 -176.35 -3.31 86.71
N ARG EA 147 -177.30 -2.89 85.88
CA ARG EA 147 -177.03 -2.82 84.45
C ARG EA 147 -175.98 -1.75 84.14
N LEU EA 148 -176.10 -0.59 84.79
CA LEU EA 148 -175.06 0.43 84.66
C LEU EA 148 -173.69 -0.13 85.05
N ARG EA 149 -173.63 -0.85 86.17
CA ARG EA 149 -172.37 -1.43 86.61
C ARG EA 149 -171.81 -2.42 85.59
N ALA EA 150 -172.68 -3.28 85.05
CA ALA EA 150 -172.22 -4.30 84.12
C ALA EA 150 -171.75 -3.68 82.80
N ILE EA 151 -172.42 -2.62 82.35
CA ILE EA 151 -171.98 -1.97 81.12
C ILE EA 151 -170.66 -1.22 81.35
N GLN EA 152 -170.48 -0.64 82.54
CA GLN EA 152 -169.19 -0.06 82.88
C GLN EA 152 -168.10 -1.13 82.90
N GLN EA 153 -168.44 -2.33 83.38
CA GLN EA 153 -167.47 -3.43 83.39
C GLN EA 153 -167.11 -3.84 81.97
N LEU EA 154 -168.10 -3.95 81.09
CA LEU EA 154 -167.82 -4.27 79.69
C LEU EA 154 -166.90 -3.22 79.07
N ALA EA 155 -167.16 -1.94 79.35
CA ALA EA 155 -166.31 -0.88 78.81
C ALA EA 155 -164.88 -1.01 79.34
N ARG EA 156 -164.73 -1.20 80.65
CA ARG EA 156 -163.40 -1.30 81.24
C ARG EA 156 -162.64 -2.54 80.77
N ASN EA 157 -163.36 -3.59 80.36
CA ASN EA 157 -162.69 -4.78 79.86
C ASN EA 157 -162.28 -4.61 78.40
N VAL EA 158 -163.17 -4.06 77.57
CA VAL EA 158 -162.82 -3.88 76.16
C VAL EA 158 -161.69 -2.86 76.02
N GLN EA 159 -161.69 -1.83 76.88
CA GLN EA 159 -160.64 -0.81 76.80
C GLN EA 159 -159.26 -1.40 77.07
N ALA EA 160 -159.18 -2.47 77.85
CA ALA EA 160 -157.90 -3.11 78.14
C ALA EA 160 -157.56 -4.21 77.15
N VAL EA 161 -158.55 -4.91 76.59
CA VAL EA 161 -158.22 -5.97 75.64
C VAL EA 161 -157.82 -5.37 74.29
N LEU EA 162 -158.52 -4.31 73.85
CA LEU EA 162 -158.15 -3.67 72.60
C LEU EA 162 -156.76 -3.04 72.67
N ASP EA 163 -156.25 -2.79 73.88
CA ASP EA 163 -154.94 -2.19 74.04
C ASP EA 163 -153.82 -3.20 73.82
N SER EA 164 -154.07 -4.49 74.11
CA SER EA 164 -153.03 -5.50 74.01
C SER EA 164 -152.50 -5.67 72.60
N PHE EA 165 -153.18 -5.13 71.58
CA PHE EA 165 -152.73 -5.21 70.21
C PHE EA 165 -151.72 -4.11 69.84
N GLU EA 166 -151.11 -3.48 70.83
CA GLU EA 166 -149.95 -2.63 70.64
C GLU EA 166 -148.72 -3.18 71.36
N ARG EA 167 -148.86 -3.52 72.64
CA ARG EA 167 -147.84 -4.32 73.30
C ARG EA 167 -147.57 -5.62 72.55
N GLY EA 168 -148.60 -6.17 71.90
CA GLY EA 168 -148.40 -7.37 71.11
C GLY EA 168 -147.43 -7.16 69.96
N THR EA 169 -147.61 -6.05 69.23
CA THR EA 169 -146.68 -5.73 68.15
C THR EA 169 -145.29 -5.41 68.71
N ALA EA 170 -145.25 -4.69 69.83
CA ALA EA 170 -143.95 -4.41 70.46
C ALA EA 170 -143.23 -5.69 70.84
N ASP EA 171 -143.97 -6.73 71.21
CA ASP EA 171 -143.36 -8.02 71.53
C ASP EA 171 -142.97 -8.79 70.28
N GLN EA 172 -143.82 -8.75 69.26
CA GLN EA 172 -143.54 -9.46 68.01
C GLN EA 172 -142.26 -8.93 67.37
N MET EA 173 -142.04 -7.62 67.45
CA MET EA 173 -140.84 -7.04 66.86
C MET EA 173 -139.58 -7.65 67.46
N LEU EA 174 -139.50 -7.70 68.79
CA LEU EA 174 -138.33 -8.28 69.43
C LEU EA 174 -138.25 -9.78 69.20
N ARG EA 175 -139.39 -10.48 69.26
CA ARG EA 175 -139.38 -11.92 69.08
C ARG EA 175 -138.98 -12.33 67.68
N VAL EA 176 -139.15 -11.46 66.69
CA VAL EA 176 -138.68 -11.79 65.34
C VAL EA 176 -137.25 -11.29 65.11
N LEU EA 177 -136.87 -10.16 65.70
CA LEU EA 177 -135.49 -9.71 65.58
C LEU EA 177 -134.52 -10.66 66.25
N MET EA 178 -134.95 -11.34 67.32
CA MET EA 178 -134.08 -12.26 68.02
C MET EA 178 -133.74 -13.50 67.19
N GLU EA 179 -134.45 -13.73 66.07
CA GLU EA 179 -134.14 -14.86 65.21
C GLU EA 179 -133.16 -14.51 64.10
N LYS EA 180 -133.15 -13.26 63.65
CA LYS EA 180 -132.26 -12.86 62.55
C LYS EA 180 -130.88 -12.52 63.05
N ALA EA 181 -130.78 -11.81 64.16
CA ALA EA 181 -129.52 -11.23 64.61
C ALA EA 181 -128.55 -12.30 65.06
N PRO EA 182 -127.43 -12.50 64.37
CA PRO EA 182 -126.41 -13.41 64.86
C PRO EA 182 -125.60 -12.74 65.96
N PRO EA 183 -125.01 -13.52 66.86
CA PRO EA 183 -124.22 -12.92 67.93
C PRO EA 183 -123.02 -12.17 67.38
N LEU EA 184 -122.69 -11.05 68.05
CA LEU EA 184 -121.61 -10.19 67.56
C LEU EA 184 -120.28 -10.92 67.55
N SER EA 185 -120.02 -11.75 68.58
CA SER EA 185 -118.76 -12.48 68.66
C SER EA 185 -118.47 -13.25 67.38
N LEU EA 186 -119.47 -14.02 66.91
CA LEU EA 186 -119.33 -14.78 65.67
C LEU EA 186 -119.48 -13.92 64.41
N LEU EA 187 -119.55 -12.60 64.54
CA LEU EA 187 -119.78 -11.73 63.39
C LEU EA 187 -118.65 -10.76 63.11
N ALA EA 188 -117.86 -10.37 64.12
CA ALA EA 188 -116.75 -9.46 63.89
C ALA EA 188 -115.75 -10.00 62.87
N PRO EA 189 -115.18 -11.21 63.03
CA PRO EA 189 -114.20 -11.69 62.05
C PRO EA 189 -114.80 -12.03 60.70
N PHE EA 190 -116.07 -12.42 60.63
CA PHE EA 190 -116.72 -12.71 59.35
C PHE EA 190 -116.70 -11.51 58.41
N THR EA 191 -116.46 -10.31 58.92
CA THR EA 191 -116.24 -9.14 58.08
C THR EA 191 -114.81 -9.04 57.59
N LEU EA 192 -113.84 -9.45 58.43
CA LEU EA 192 -112.44 -9.34 58.05
C LEU EA 192 -112.10 -10.27 56.90
N TYR EA 193 -112.60 -11.50 56.93
CA TYR EA 193 -112.27 -12.52 55.94
C TYR EA 193 -113.31 -12.57 54.81
N GLU EA 194 -113.96 -11.45 54.50
CA GLU EA 194 -114.99 -11.43 53.48
C GLU EA 194 -114.41 -11.73 52.10
N GLY EA 195 -115.20 -12.41 51.27
CA GLY EA 195 -114.79 -12.71 49.90
C GLY EA 195 -113.52 -13.51 49.80
N ARG EA 196 -113.10 -14.10 50.93
CA ARG EA 196 -111.82 -14.78 51.04
C ARG EA 196 -111.93 -16.28 51.24
N LEU EA 197 -113.06 -16.77 51.75
CA LEU EA 197 -113.16 -18.20 52.05
C LEU EA 197 -113.51 -19.01 50.81
N ALA EA 198 -112.79 -18.77 49.72
CA ALA EA 198 -112.90 -19.59 48.52
C ALA EA 198 -112.07 -20.87 48.66
N ASP EA 199 -110.88 -20.76 49.24
CA ASP EA 199 -110.05 -21.91 49.57
C ASP EA 199 -110.48 -22.50 50.92
N ARG EA 200 -109.65 -23.36 51.49
CA ARG EA 200 -109.95 -23.99 52.77
C ARG EA 200 -109.10 -23.48 53.93
N VAL EA 201 -107.88 -23.01 53.66
CA VAL EA 201 -106.97 -22.65 54.74
C VAL EA 201 -107.48 -21.42 55.50
N ALA EA 202 -108.01 -20.43 54.79
CA ALA EA 202 -108.61 -19.29 55.47
C ALA EA 202 -109.94 -19.68 56.12
N CYS EA 203 -110.66 -20.62 55.51
CA CYS EA 203 -111.88 -21.15 56.12
C CYS EA 203 -111.59 -21.88 57.42
N ALA EA 204 -110.35 -22.33 57.62
CA ALA EA 204 -109.97 -22.93 58.90
C ALA EA 204 -109.43 -21.89 59.89
N ALA EA 205 -108.62 -20.95 59.39
CA ALA EA 205 -108.15 -19.86 60.26
C ALA EA 205 -109.31 -19.07 60.83
N LEU EA 206 -110.41 -18.95 60.08
CA LEU EA 206 -111.57 -18.22 60.57
C LEU EA 206 -112.14 -18.86 61.82
N VAL EA 207 -112.26 -20.19 61.85
CA VAL EA 207 -112.81 -20.83 63.03
C VAL EA 207 -111.78 -20.84 64.15
N SER EA 208 -110.48 -20.94 63.81
CA SER EA 208 -109.45 -20.82 64.83
C SER EA 208 -109.43 -19.44 65.46
N GLU EA 209 -109.99 -18.44 64.79
CA GLU EA 209 -110.15 -17.10 65.37
C GLU EA 209 -111.49 -16.97 66.11
N LEU EA 210 -112.54 -17.60 65.59
CA LEU EA 210 -113.84 -17.60 66.26
C LEU EA 210 -113.75 -18.20 67.65
N LYS EA 211 -113.01 -19.31 67.77
CA LYS EA 211 -112.85 -19.95 69.08
C LYS EA 211 -112.23 -18.98 70.09
N ARG EA 212 -111.25 -18.18 69.66
CA ARG EA 212 -110.62 -17.23 70.58
C ARG EA 212 -111.53 -16.06 70.87
N ARG EA 213 -112.32 -15.62 69.89
CA ARG EA 213 -113.24 -14.51 70.12
C ARG EA 213 -114.31 -14.87 71.13
N VAL EA 214 -114.90 -16.06 71.00
CA VAL EA 214 -116.07 -16.37 71.83
C VAL EA 214 -115.67 -16.69 73.27
N ARG EA 215 -114.47 -17.23 73.49
CA ARG EA 215 -114.07 -17.67 74.82
C ARG EA 215 -113.23 -16.63 75.56
N ASP EA 216 -113.03 -15.46 74.97
CA ASP EA 216 -112.28 -14.38 75.60
C ASP EA 216 -112.97 -13.03 75.46
N ASP EA 217 -113.96 -12.88 74.59
CA ASP EA 217 -114.54 -11.59 74.23
C ASP EA 217 -116.06 -11.69 74.16
N THR EA 218 -116.66 -12.35 75.15
CA THR EA 218 -118.11 -12.58 75.15
C THR EA 218 -118.87 -11.75 76.14
N PHE EA 219 -118.29 -11.40 77.28
CA PHE EA 219 -119.05 -10.76 78.36
C PHE EA 219 -118.49 -9.40 78.72
N PHE EA 220 -118.27 -8.54 77.73
CA PHE EA 220 -117.84 -7.17 77.99
C PHE EA 220 -118.82 -6.46 78.92
N LEU EA 221 -118.35 -5.38 79.56
CA LEU EA 221 -119.16 -4.54 80.44
C LEU EA 221 -119.43 -5.26 81.78
N THR EA 222 -119.03 -6.52 81.87
CA THR EA 222 -119.11 -7.27 83.12
C THR EA 222 -117.75 -7.37 83.82
N LYS EA 223 -116.70 -7.66 83.07
CA LYS EA 223 -115.35 -7.73 83.63
C LYS EA 223 -114.42 -6.64 83.12
N HIS EA 224 -114.62 -6.15 81.90
CA HIS EA 224 -113.73 -5.17 81.30
C HIS EA 224 -114.31 -3.76 81.29
N GLU EA 225 -115.32 -3.50 82.11
CA GLU EA 225 -115.86 -2.13 82.22
C GLU EA 225 -114.90 -1.19 82.93
N ARG EA 226 -113.74 -1.68 83.38
CA ARG EA 226 -112.74 -0.81 83.99
C ARG EA 226 -112.21 0.21 82.98
N ASN EA 227 -111.87 -0.25 81.79
CA ASN EA 227 -111.32 0.60 80.74
C ASN EA 227 -112.45 0.95 79.78
N LYS EA 228 -112.99 2.16 79.93
CA LYS EA 228 -114.11 2.60 79.11
C LYS EA 228 -113.79 2.57 77.62
N ASP EA 229 -112.52 2.67 77.25
CA ASP EA 229 -112.15 2.54 75.84
C ASP EA 229 -112.52 1.17 75.29
N ALA EA 230 -112.38 0.13 76.12
CA ALA EA 230 -112.75 -1.21 75.69
C ALA EA 230 -114.22 -1.30 75.33
N VAL EA 231 -115.10 -0.88 76.24
CA VAL EA 231 -116.54 -0.96 75.98
C VAL EA 231 -116.95 -0.02 74.86
N LEU EA 232 -116.31 1.14 74.75
CA LEU EA 232 -116.67 2.08 73.70
C LEU EA 232 -116.31 1.54 72.32
N ASP EA 233 -115.10 0.98 72.18
CA ASP EA 233 -114.73 0.37 70.91
C ASP EA 233 -115.56 -0.86 70.62
N ARG EA 234 -115.93 -1.62 71.65
CA ARG EA 234 -116.80 -2.76 71.46
C ARG EA 234 -118.15 -2.33 70.89
N LEU EA 235 -118.75 -1.31 71.50
CA LEU EA 235 -120.05 -0.82 71.05
C LEU EA 235 -119.97 -0.23 69.65
N SER EA 236 -118.89 0.47 69.34
CA SER EA 236 -118.72 0.99 67.98
C SER EA 236 -118.62 -0.14 66.97
N ASP EA 237 -117.88 -1.20 67.31
CA ASP EA 237 -117.78 -2.35 66.41
C ASP EA 237 -119.13 -3.00 66.20
N LEU EA 238 -119.90 -3.15 67.27
CA LEU EA 238 -121.25 -3.73 67.14
C LEU EA 238 -122.13 -2.85 66.25
N VAL EA 239 -122.11 -1.53 66.48
CA VAL EA 239 -122.99 -0.64 65.74
C VAL EA 239 -122.56 -0.46 64.29
N ASN EA 240 -121.32 -0.80 63.96
CA ASN EA 240 -120.86 -0.66 62.58
C ASN EA 240 -120.78 -1.99 61.82
N CYS EA 241 -120.85 -3.13 62.51
CA CYS EA 241 -120.68 -4.40 61.81
C CYS EA 241 -121.82 -4.67 60.85
N THR EA 242 -123.06 -4.45 61.30
CA THR EA 242 -124.23 -4.67 60.45
C THR EA 242 -124.21 -3.74 59.24
N ALA EA 243 -124.90 -4.17 58.17
CA ALA EA 243 -124.89 -3.50 56.88
C ALA EA 243 -126.23 -2.85 56.57
N PRO EA 244 -126.22 -1.61 56.07
CA PRO EA 244 -127.47 -0.89 55.87
C PRO EA 244 -128.39 -1.58 54.88
N SER EA 245 -129.69 -1.40 55.08
CA SER EA 245 -130.73 -2.03 54.28
C SER EA 245 -131.20 -1.08 53.19
N VAL EA 246 -132.31 -1.44 52.53
CA VAL EA 246 -132.87 -0.61 51.48
C VAL EA 246 -133.27 0.76 52.03
N ALA EA 247 -133.03 1.79 51.23
CA ALA EA 247 -133.38 3.16 51.58
C ALA EA 247 -134.84 3.43 51.20
N VAL EA 248 -135.67 3.70 52.21
CA VAL EA 248 -137.05 4.09 51.99
C VAL EA 248 -137.18 5.56 52.38
N ALA EA 249 -138.19 6.22 51.81
CA ALA EA 249 -138.34 7.67 51.91
C ALA EA 249 -139.59 8.07 52.69
N ARG EA 250 -139.96 7.30 53.71
CA ARG EA 250 -141.12 7.62 54.54
C ARG EA 250 -140.76 7.87 56.01
N MET EA 251 -139.80 7.12 56.56
CA MET EA 251 -139.51 7.17 57.99
C MET EA 251 -139.14 8.57 58.45
N THR EA 252 -138.02 9.09 57.93
CA THR EA 252 -137.54 10.43 58.29
C THR EA 252 -137.47 10.63 59.80
N HIS EA 253 -137.17 9.56 60.53
CA HIS EA 253 -137.03 9.67 61.98
C HIS EA 253 -135.80 10.51 62.26
N ALA EA 254 -136.01 11.76 62.64
CA ALA EA 254 -134.92 12.72 62.78
C ALA EA 254 -134.99 13.39 64.13
N ASP EA 255 -133.84 13.93 64.56
CA ASP EA 255 -133.80 14.72 65.78
C ASP EA 255 -134.55 16.03 65.56
N THR EA 256 -134.59 16.85 66.62
CA THR EA 256 -135.23 18.15 66.51
C THR EA 256 -134.61 18.98 65.40
N GLN EA 257 -133.29 18.92 65.27
CA GLN EA 257 -132.58 19.64 64.22
C GLN EA 257 -131.75 18.72 63.32
N GLY EA 258 -131.01 17.79 63.90
CA GLY EA 258 -129.93 17.10 63.22
C GLY EA 258 -130.37 16.06 62.21
N ARG EA 259 -129.41 15.19 61.87
CA ARG EA 259 -129.59 14.23 60.79
C ARG EA 259 -130.57 13.14 61.20
N PRO EA 260 -131.11 12.40 60.22
CA PRO EA 260 -131.98 11.27 60.56
C PRO EA 260 -131.23 10.20 61.33
N VAL EA 261 -131.96 9.48 62.18
CA VAL EA 261 -131.39 8.47 63.07
C VAL EA 261 -131.18 7.17 62.31
N ASP EA 262 -130.48 6.23 62.93
CA ASP EA 262 -130.13 4.97 62.27
C ASP EA 262 -130.80 3.75 62.89
N GLY EA 263 -130.65 3.53 64.20
CA GLY EA 263 -131.13 2.29 64.77
C GLY EA 263 -131.69 2.35 66.17
N VAL EA 264 -131.60 1.24 66.90
CA VAL EA 264 -132.14 1.13 68.25
C VAL EA 264 -131.19 0.27 69.08
N LEU EA 265 -130.71 0.81 70.20
CA LEU EA 265 -129.92 0.04 71.16
C LEU EA 265 -130.81 -0.41 72.32
N VAL EA 266 -131.77 -1.27 71.98
CA VAL EA 266 -132.68 -1.81 72.99
C VAL EA 266 -131.90 -2.72 73.92
N THR EA 267 -132.22 -2.64 75.21
CA THR EA 267 -131.51 -3.42 76.21
C THR EA 267 -132.32 -3.40 77.50
N THR EA 268 -131.83 -4.11 78.51
CA THR EA 268 -132.51 -4.22 79.78
C THR EA 268 -132.39 -2.93 80.58
N ALA EA 269 -133.22 -2.83 81.62
CA ALA EA 269 -133.21 -1.65 82.47
C ALA EA 269 -131.93 -1.50 83.29
N GLY EA 270 -131.11 -2.55 83.37
CA GLY EA 270 -129.90 -2.49 84.16
C GLY EA 270 -128.67 -2.11 83.37
N VAL EA 271 -128.52 -2.70 82.18
CA VAL EA 271 -127.37 -2.39 81.34
C VAL EA 271 -127.43 -0.94 80.88
N ARG EA 272 -128.60 -0.48 80.45
CA ARG EA 272 -128.75 0.93 80.10
C ARG EA 272 -128.42 1.84 81.29
N GLN EA 273 -128.92 1.48 82.47
CA GLN EA 273 -128.64 2.27 83.66
C GLN EA 273 -127.15 2.37 83.93
N ARG EA 274 -126.42 1.27 83.79
CA ARG EA 274 -124.98 1.31 84.00
C ARG EA 274 -124.27 2.07 82.90
N LEU EA 275 -124.82 2.05 81.68
CA LEU EA 275 -124.14 2.73 80.57
C LEU EA 275 -124.28 4.25 80.67
N LEU EA 276 -125.46 4.74 81.07
CA LEU EA 276 -125.75 6.16 80.96
C LEU EA 276 -124.83 7.01 81.84
N HIS EA 277 -124.51 6.53 83.04
CA HIS EA 277 -123.78 7.37 83.98
C HIS EA 277 -122.29 7.46 83.66
N HIS EA 278 -121.74 6.45 82.98
CA HIS EA 278 -120.30 6.30 82.88
C HIS EA 278 -119.75 6.63 81.50
N VAL EA 279 -120.22 5.94 80.45
CA VAL EA 279 -119.51 5.92 79.18
C VAL EA 279 -120.22 6.69 78.07
N LEU EA 280 -121.55 6.76 78.08
CA LEU EA 280 -122.28 7.43 77.03
C LEU EA 280 -122.90 8.72 77.57
N THR EA 281 -123.64 9.40 76.70
CA THR EA 281 -124.30 10.65 77.07
C THR EA 281 -125.42 10.91 76.08
N LEU EA 282 -126.46 11.58 76.55
CA LEU EA 282 -127.61 11.88 75.71
C LEU EA 282 -127.27 12.98 74.71
N ALA EA 283 -127.68 12.78 73.46
CA ALA EA 283 -127.56 13.83 72.46
C ALA EA 283 -128.82 14.67 72.36
N ASP EA 284 -129.95 14.14 72.80
CA ASP EA 284 -131.20 14.87 72.84
C ASP EA 284 -132.22 14.04 73.60
N THR EA 285 -133.27 14.71 74.08
CA THR EA 285 -134.37 14.04 74.77
C THR EA 285 -135.70 14.25 74.04
N HIS EA 286 -135.65 14.55 72.74
CA HIS EA 286 -136.84 14.71 71.93
C HIS EA 286 -136.52 14.28 70.51
N ALA EA 287 -137.56 13.95 69.75
CA ALA EA 287 -137.39 13.37 68.43
C ALA EA 287 -138.46 13.92 67.49
N ASP EA 288 -138.59 13.28 66.33
CA ASP EA 288 -139.57 13.70 65.33
C ASP EA 288 -139.90 12.47 64.49
N VAL EA 289 -141.12 11.97 64.61
CA VAL EA 289 -141.52 10.71 63.98
C VAL EA 289 -142.81 10.93 63.21
N PRO EA 290 -143.15 10.03 62.27
CA PRO EA 290 -144.45 10.11 61.59
C PRO EA 290 -145.60 9.77 62.53
N VAL EA 291 -146.84 9.79 62.02
CA VAL EA 291 -148.01 9.64 62.88
C VAL EA 291 -148.94 8.54 62.37
N THR EA 292 -148.76 8.12 61.13
CA THR EA 292 -149.70 7.19 60.51
C THR EA 292 -148.95 6.10 59.75
N TYR EA 293 -149.59 4.93 59.65
CA TYR EA 293 -149.03 3.83 58.89
C TYR EA 293 -149.03 4.12 57.40
N GLY EA 294 -148.21 3.37 56.67
CA GLY EA 294 -148.28 3.38 55.23
C GLY EA 294 -149.41 2.49 54.75
N GLU EA 295 -149.73 2.61 53.47
CA GLU EA 295 -150.84 1.89 52.89
C GLU EA 295 -150.40 1.03 51.72
N MET EA 296 -151.17 -0.02 51.47
CA MET EA 296 -150.94 -0.91 50.34
C MET EA 296 -152.26 -1.63 50.08
N VAL EA 297 -152.89 -1.32 48.94
CA VAL EA 297 -154.23 -1.82 48.66
C VAL EA 297 -154.37 -2.08 47.17
N ILE EA 298 -155.01 -3.20 46.84
CA ILE EA 298 -155.34 -3.50 45.45
C ILE EA 298 -156.44 -2.56 45.00
N ALA EA 299 -156.29 -1.96 43.81
CA ALA EA 299 -157.22 -0.93 43.39
C ALA EA 299 -157.22 -0.82 41.87
N ASN EA 300 -158.30 -1.30 41.24
CA ASN EA 300 -158.78 -0.88 39.93
C ASN EA 300 -157.86 -1.26 38.76
N THR EA 301 -156.68 -1.77 39.04
CA THR EA 301 -155.92 -2.43 38.00
C THR EA 301 -155.38 -3.78 38.47
N ASN EA 302 -154.95 -3.88 39.72
CA ASN EA 302 -154.59 -5.16 40.31
C ASN EA 302 -155.80 -6.08 40.44
N LEU EA 303 -157.01 -5.52 40.45
CA LEU EA 303 -158.20 -6.31 40.70
C LEU EA 303 -158.42 -7.34 39.60
N VAL EA 304 -158.43 -6.89 38.34
CA VAL EA 304 -158.68 -7.81 37.24
C VAL EA 304 -157.55 -8.82 37.11
N THR EA 305 -156.31 -8.40 37.40
CA THR EA 305 -155.20 -9.32 37.34
C THR EA 305 -155.34 -10.43 38.38
N ALA EA 306 -155.61 -10.04 39.62
CA ALA EA 306 -155.79 -11.04 40.68
C ALA EA 306 -156.97 -11.95 40.39
N LEU EA 307 -158.03 -11.40 39.80
CA LEU EA 307 -159.22 -12.22 39.56
C LEU EA 307 -159.00 -13.21 38.43
N VAL EA 308 -158.61 -12.74 37.24
CA VAL EA 308 -158.55 -13.64 36.08
C VAL EA 308 -157.18 -14.28 35.93
N MET EA 309 -156.09 -13.50 36.02
CA MET EA 309 -154.76 -14.09 35.85
C MET EA 309 -154.34 -14.87 37.09
N GLY EA 310 -154.55 -14.29 38.26
CA GLY EA 310 -154.21 -14.92 39.51
C GLY EA 310 -152.99 -14.37 40.22
N LYS EA 311 -152.57 -13.14 39.92
CA LYS EA 311 -151.39 -12.57 40.55
C LYS EA 311 -151.60 -11.07 40.72
N ALA EA 312 -150.66 -10.43 41.42
CA ALA EA 312 -150.75 -9.00 41.68
C ALA EA 312 -149.35 -8.44 41.92
N VAL EA 313 -149.21 -7.14 41.69
CA VAL EA 313 -147.96 -6.42 41.84
C VAL EA 313 -148.25 -5.13 42.61
N SER EA 314 -147.25 -4.68 43.38
CA SER EA 314 -147.45 -3.51 44.23
C SER EA 314 -147.50 -2.23 43.40
N ASN EA 315 -146.42 -1.91 42.70
CA ASN EA 315 -146.33 -0.68 41.91
C ASN EA 315 -146.99 -0.81 40.54
N MET EA 316 -147.88 -1.78 40.36
CA MET EA 316 -148.54 -2.00 39.08
C MET EA 316 -149.16 -0.72 38.54
N ASP EA 317 -149.67 0.14 39.42
CA ASP EA 317 -150.24 1.42 38.99
C ASP EA 317 -149.21 2.32 38.32
N ASP EA 318 -147.94 1.96 38.32
CA ASP EA 318 -146.90 2.70 37.62
C ASP EA 318 -146.18 1.88 36.56
N VAL EA 319 -146.10 0.55 36.72
CA VAL EA 319 -145.66 -0.29 35.63
C VAL EA 319 -146.61 -0.14 34.44
N ALA EA 320 -147.91 0.02 34.73
CA ALA EA 320 -148.88 0.22 33.66
C ALA EA 320 -148.64 1.53 32.93
N ARG EA 321 -148.22 2.58 33.66
CA ARG EA 321 -148.01 3.89 33.05
C ARG EA 321 -146.62 4.07 32.48
N TYR EA 322 -145.68 3.17 32.78
CA TYR EA 322 -144.35 3.23 32.19
C TYR EA 322 -144.18 2.29 31.01
N LEU EA 323 -144.73 1.06 31.10
CA LEU EA 323 -144.64 0.13 29.98
C LEU EA 323 -145.19 0.75 28.70
N LEU EA 324 -146.27 1.52 28.82
CA LEU EA 324 -146.72 2.40 27.75
C LEU EA 324 -146.37 3.84 28.13
N GLY EA 325 -146.61 4.76 27.20
CA GLY EA 325 -146.26 6.15 27.44
C GLY EA 325 -147.07 6.81 28.52
N GLY EA 326 -148.36 7.01 28.27
CA GLY EA 326 -149.24 7.65 29.22
C GLY EA 326 -150.10 8.73 28.59
N GLY EA 337 -146.90 14.65 57.34
CA GLY EA 337 -147.19 14.68 58.77
C GLY EA 337 -145.98 14.34 59.63
N SER EA 338 -146.05 14.71 60.91
CA SER EA 338 -144.97 14.46 61.84
C SER EA 338 -145.49 14.70 63.26
N ALA EA 339 -144.64 14.41 64.24
CA ALA EA 339 -144.98 14.60 65.64
C ALA EA 339 -143.70 14.90 66.41
N ARG EA 340 -143.82 14.97 67.74
CA ARG EA 340 -142.66 15.22 68.59
C ARG EA 340 -142.87 14.40 69.86
N VAL EA 341 -142.01 13.39 70.07
CA VAL EA 341 -142.12 12.52 71.23
C VAL EA 341 -140.83 12.63 72.04
N ARG EA 342 -140.78 11.94 73.17
CA ARG EA 342 -139.63 11.97 74.08
C ARG EA 342 -138.95 10.61 74.02
N ALA EA 343 -137.77 10.56 73.40
CA ALA EA 343 -136.95 9.36 73.40
C ALA EA 343 -135.55 9.71 73.87
N ASP EA 344 -134.63 8.75 73.82
CA ASP EA 344 -133.26 8.94 74.27
C ASP EA 344 -132.34 8.64 73.09
N LEU EA 345 -131.82 9.69 72.47
CA LEU EA 345 -131.01 9.57 71.27
C LEU EA 345 -129.55 9.89 71.60
N VAL EA 346 -128.67 8.92 71.38
CA VAL EA 346 -127.26 9.06 71.68
C VAL EA 346 -126.48 9.06 70.37
N VAL EA 347 -125.18 9.29 70.48
CA VAL EA 347 -124.26 9.24 69.35
C VAL EA 347 -123.10 8.34 69.73
N VAL EA 348 -122.95 7.23 68.99
CA VAL EA 348 -121.92 6.24 69.26
C VAL EA 348 -121.20 5.94 67.96
N GLY EA 349 -119.89 5.69 68.05
CA GLY EA 349 -119.08 5.57 66.86
C GLY EA 349 -119.16 6.87 66.06
N ASP EA 350 -119.91 6.84 64.97
CA ASP EA 350 -120.32 8.05 64.28
C ASP EA 350 -121.82 8.17 64.13
N ARG EA 351 -122.55 7.07 64.15
CA ARG EA 351 -123.99 7.07 63.86
C ARG EA 351 -124.76 7.76 64.98
N LEU EA 352 -126.08 7.82 64.80
CA LEU EA 352 -126.98 8.48 65.75
C LEU EA 352 -128.18 7.56 65.94
N VAL EA 353 -128.17 6.81 67.04
CA VAL EA 353 -129.11 5.72 67.23
C VAL EA 353 -130.09 6.05 68.35
N PHE EA 354 -131.20 5.32 68.38
CA PHE EA 354 -132.10 5.34 69.51
C PHE EA 354 -131.53 4.51 70.65
N LEU EA 355 -132.08 4.72 71.85
CA LEU EA 355 -131.64 3.97 73.03
C LEU EA 355 -132.86 3.83 73.94
N GLU EA 356 -133.52 2.67 73.85
CA GLU EA 356 -134.79 2.44 74.52
C GLU EA 356 -134.74 1.16 75.33
N ALA EA 357 -135.06 1.25 76.61
CA ALA EA 357 -135.32 0.09 77.45
C ALA EA 357 -136.82 -0.10 77.55
N LEU EA 358 -137.27 -1.35 77.47
CA LEU EA 358 -138.69 -1.66 77.34
C LEU EA 358 -139.17 -2.51 78.52
N GLU EA 359 -138.80 -2.13 79.73
CA GLU EA 359 -139.30 -2.80 80.92
C GLU EA 359 -140.38 -2.03 81.64
N LYS EA 360 -140.41 -0.71 81.50
CA LYS EA 360 -141.41 0.14 82.15
C LYS EA 360 -142.60 0.45 81.26
N ARG EA 361 -142.36 0.82 80.00
CA ARG EA 361 -143.46 1.06 79.07
C ARG EA 361 -144.24 -0.22 78.82
N VAL EA 362 -143.57 -1.25 78.30
CA VAL EA 362 -144.19 -2.54 78.06
C VAL EA 362 -143.64 -3.52 79.10
N TYR EA 363 -144.39 -4.61 79.30
CA TYR EA 363 -144.01 -5.74 80.14
C TYR EA 363 -144.01 -5.44 81.63
N GLN EA 364 -144.29 -4.20 82.03
CA GLN EA 364 -144.24 -3.84 83.44
C GLN EA 364 -145.40 -4.47 84.19
N ALA EA 365 -145.10 -5.46 85.04
CA ALA EA 365 -146.08 -6.10 85.91
C ALA EA 365 -147.19 -6.80 85.13
N THR EA 366 -146.87 -7.29 83.94
CA THR EA 366 -147.75 -8.22 83.24
C THR EA 366 -147.26 -9.65 83.51
N GLN EA 367 -147.83 -10.62 82.80
CA GLN EA 367 -147.55 -12.02 83.05
C GLN EA 367 -146.73 -12.66 81.95
N VAL EA 368 -145.81 -11.92 81.34
CA VAL EA 368 -144.94 -12.49 80.30
C VAL EA 368 -143.49 -12.16 80.61
N PRO EA 369 -142.55 -13.08 80.39
CA PRO EA 369 -141.13 -12.76 80.58
C PRO EA 369 -140.64 -11.80 79.49
N TYR EA 370 -139.41 -11.33 79.69
CA TYR EA 370 -138.76 -10.41 78.76
C TYR EA 370 -138.00 -11.19 77.70
N PRO EA 371 -138.00 -10.72 76.45
CA PRO EA 371 -137.31 -11.46 75.38
C PRO EA 371 -135.85 -11.08 75.17
N LEU EA 372 -135.26 -10.24 76.03
CA LEU EA 372 -133.85 -9.91 75.91
C LEU EA 372 -132.99 -10.59 76.96
N VAL EA 373 -133.59 -11.32 77.89
CA VAL EA 373 -132.83 -12.13 78.86
C VAL EA 373 -132.60 -13.48 78.20
N GLY EA 374 -131.55 -13.54 77.39
CA GLY EA 374 -131.21 -14.74 76.67
C GLY EA 374 -130.73 -15.84 77.59
N ASN EA 375 -130.25 -16.91 76.98
CA ASN EA 375 -129.76 -18.08 77.71
C ASN EA 375 -128.48 -18.57 77.06
N LEU EA 376 -127.38 -18.48 77.78
CA LEU EA 376 -126.16 -19.16 77.35
C LEU EA 376 -126.28 -20.65 77.63
N ASP EA 377 -125.50 -21.44 76.89
CA ASP EA 377 -125.58 -22.89 77.03
C ASP EA 377 -124.21 -23.46 76.68
N VAL EA 378 -123.42 -23.77 77.70
CA VAL EA 378 -122.11 -24.37 77.53
C VAL EA 378 -122.16 -25.80 78.05
N THR EA 379 -121.12 -26.56 77.73
CA THR EA 379 -120.98 -27.94 78.17
C THR EA 379 -119.59 -28.13 78.75
N PHE EA 380 -119.51 -28.72 79.93
CA PHE EA 380 -118.25 -28.96 80.60
C PHE EA 380 -117.83 -30.42 80.45
N VAL EA 381 -116.60 -30.72 80.88
CA VAL EA 381 -116.06 -32.06 80.80
C VAL EA 381 -114.88 -32.15 81.75
N MET EA 382 -114.77 -33.30 82.43
CA MET EA 382 -113.67 -33.49 83.37
C MET EA 382 -113.31 -34.97 83.47
N PRO EA 383 -112.05 -35.33 83.22
CA PRO EA 383 -111.67 -36.74 83.29
C PRO EA 383 -111.68 -37.25 84.72
N LEU EA 384 -112.22 -38.45 84.91
CA LEU EA 384 -112.43 -38.97 86.26
C LEU EA 384 -111.18 -39.65 86.81
N GLY EA 385 -110.72 -40.71 86.16
CA GLY EA 385 -109.65 -41.51 86.74
C GLY EA 385 -108.41 -41.68 85.88
N VAL EA 386 -108.08 -40.66 85.08
CA VAL EA 386 -106.87 -40.73 84.27
C VAL EA 386 -105.65 -40.82 85.18
N PHE EA 387 -104.65 -41.56 84.73
CA PHE EA 387 -103.43 -41.80 85.49
C PHE EA 387 -102.24 -41.34 84.66
N LYS EA 388 -101.63 -40.23 85.05
CA LYS EA 388 -100.55 -39.64 84.29
C LYS EA 388 -99.41 -40.65 84.11
N PRO EA 389 -98.69 -40.57 82.98
CA PRO EA 389 -97.64 -41.56 82.72
C PRO EA 389 -96.45 -41.44 83.66
N ALA EA 390 -95.41 -42.25 83.42
CA ALA EA 390 -94.31 -42.41 84.36
C ALA EA 390 -93.65 -41.08 84.70
N ALA EA 391 -93.17 -40.37 83.69
CA ALA EA 391 -92.29 -39.23 83.90
C ALA EA 391 -93.03 -37.93 84.24
N ASP EA 392 -94.28 -38.01 84.69
CA ASP EA 392 -95.06 -36.80 84.97
C ASP EA 392 -95.62 -36.81 86.39
N ARG EA 393 -94.90 -37.42 87.33
CA ARG EA 393 -95.27 -37.39 88.74
C ARG EA 393 -94.13 -36.72 89.50
N TYR EA 394 -94.30 -35.43 89.79
CA TYR EA 394 -93.21 -34.63 90.34
C TYR EA 394 -93.80 -33.52 91.18
N ALA EA 395 -93.18 -33.25 92.32
CA ALA EA 395 -93.58 -32.15 93.19
C ALA EA 395 -92.79 -30.91 92.84
N ARG EA 396 -93.47 -29.75 92.81
CA ARG EA 396 -92.80 -28.50 92.51
C ARG EA 396 -91.75 -28.14 93.55
N HIS EA 397 -91.82 -28.72 94.75
CA HIS EA 397 -90.86 -28.44 95.80
C HIS EA 397 -90.67 -29.67 96.66
N ALA EA 398 -89.56 -29.68 97.42
CA ALA EA 398 -89.37 -30.72 98.43
C ALA EA 398 -90.37 -30.58 99.55
N GLY EA 399 -90.69 -29.36 99.94
CA GLY EA 399 -91.71 -29.14 100.95
C GLY EA 399 -93.07 -29.17 100.30
N SER EA 400 -93.73 -30.30 100.43
CA SER EA 400 -94.94 -30.62 99.69
C SER EA 400 -96.08 -30.88 100.66
N PHE EA 401 -97.19 -31.38 100.12
CA PHE EA 401 -98.34 -31.75 100.94
C PHE EA 401 -97.99 -33.04 101.67
N ALA EA 402 -97.15 -32.89 102.70
CA ALA EA 402 -96.58 -34.04 103.37
C ALA EA 402 -97.66 -34.79 104.17
N PRO EA 403 -97.56 -36.10 104.25
CA PRO EA 403 -98.55 -36.87 105.01
C PRO EA 403 -98.19 -36.96 106.48
N THR EA 404 -99.04 -37.61 107.27
CA THR EA 404 -98.75 -37.82 108.67
C THR EA 404 -97.47 -38.64 108.82
N PRO EA 405 -96.52 -38.21 109.65
CA PRO EA 405 -95.32 -39.03 109.87
C PRO EA 405 -95.65 -40.33 110.57
N GLY EA 406 -95.51 -41.44 109.86
CA GLY EA 406 -95.84 -42.74 110.41
C GLY EA 406 -96.94 -43.44 109.63
N LEU EA 407 -97.28 -42.90 108.47
CA LEU EA 407 -98.28 -43.47 107.59
C LEU EA 407 -97.76 -43.42 106.17
N PRO EA 408 -98.31 -44.22 105.26
CA PRO EA 408 -97.86 -44.16 103.87
C PRO EA 408 -98.38 -42.90 103.19
N ASP EA 409 -97.62 -42.44 102.20
CA ASP EA 409 -98.01 -41.26 101.43
C ASP EA 409 -99.11 -41.66 100.45
N PRO EA 410 -100.35 -41.20 100.66
CA PRO EA 410 -101.45 -41.63 99.79
C PRO EA 410 -101.42 -41.00 98.41
N ARG EA 411 -100.81 -39.84 98.25
CA ARG EA 411 -100.89 -39.10 96.99
C ARG EA 411 -100.24 -39.84 95.83
N THR EA 412 -99.42 -40.86 96.08
CA THR EA 412 -98.85 -41.65 95.00
C THR EA 412 -99.91 -42.47 94.29
N HIS EA 413 -101.00 -42.82 94.96
CA HIS EA 413 -101.98 -43.74 94.40
C HIS EA 413 -102.72 -43.07 93.24
N PRO EA 414 -103.18 -43.86 92.27
CA PRO EA 414 -103.97 -43.30 91.17
C PRO EA 414 -105.26 -42.69 91.69
N PRO EA 415 -105.58 -41.48 91.26
CA PRO EA 415 -106.75 -40.80 91.80
C PRO EA 415 -108.03 -41.54 91.42
N ARG EA 416 -109.05 -41.37 92.26
CA ARG EA 416 -110.31 -42.09 92.08
C ARG EA 416 -111.50 -41.19 92.33
N ALA EA 417 -111.36 -39.89 92.06
CA ALA EA 417 -112.49 -38.99 92.07
C ALA EA 417 -112.03 -37.66 91.50
N VAL EA 418 -112.99 -36.74 91.35
CA VAL EA 418 -112.71 -35.35 91.04
C VAL EA 418 -113.44 -34.50 92.07
N HIS EA 419 -113.13 -33.20 92.04
CA HIS EA 419 -113.78 -32.23 92.91
C HIS EA 419 -113.91 -30.92 92.15
N PHE EA 420 -115.06 -30.27 92.29
CA PHE EA 420 -115.33 -29.03 91.58
C PHE EA 420 -116.32 -28.22 92.42
N PHE EA 421 -116.79 -27.12 91.85
CA PHE EA 421 -117.53 -26.11 92.60
C PHE EA 421 -118.98 -26.03 92.13
N ASN EA 422 -119.89 -25.87 93.08
CA ASN EA 422 -121.31 -25.76 92.82
C ASN EA 422 -121.62 -24.39 92.23
N LYS EA 423 -122.91 -24.10 92.05
CA LYS EA 423 -123.32 -22.76 91.59
C LYS EA 423 -122.89 -21.70 92.59
N ASP EA 424 -122.79 -22.05 93.87
CA ASP EA 424 -122.39 -21.13 94.93
C ASP EA 424 -120.90 -21.21 95.25
N GLY EA 425 -120.40 -22.41 95.49
CA GLY EA 425 -119.02 -22.58 95.90
C GLY EA 425 -118.85 -23.71 96.89
N VAL EA 426 -119.96 -24.23 97.39
CA VAL EA 426 -119.94 -25.42 98.24
C VAL EA 426 -119.38 -26.57 97.42
N PRO EA 427 -118.20 -27.08 97.75
CA PRO EA 427 -117.56 -28.09 96.89
C PRO EA 427 -118.31 -29.41 96.93
N CYS EA 428 -118.75 -29.86 95.76
CA CYS EA 428 -119.47 -31.12 95.60
C CYS EA 428 -118.62 -32.05 94.76
N HIS EA 429 -118.46 -33.29 95.21
CA HIS EA 429 -117.54 -34.23 94.59
C HIS EA 429 -118.28 -35.24 93.74
N VAL EA 430 -117.51 -35.94 92.90
CA VAL EA 430 -118.04 -36.99 92.03
C VAL EA 430 -117.03 -38.13 92.01
N THR EA 431 -117.40 -39.27 92.57
CA THR EA 431 -116.54 -40.45 92.61
C THR EA 431 -117.04 -41.50 91.63
N PHE EA 432 -116.40 -42.67 91.64
CA PHE EA 432 -116.76 -43.72 90.69
C PHE EA 432 -118.18 -44.24 90.92
N GLU EA 433 -118.58 -44.37 92.20
CA GLU EA 433 -119.84 -45.02 92.54
C GLU EA 433 -121.02 -44.46 91.75
N HIS EA 434 -120.94 -43.18 91.35
CA HIS EA 434 -121.98 -42.60 90.53
C HIS EA 434 -122.08 -43.26 89.17
N ALA EA 435 -121.01 -43.90 88.70
CA ALA EA 435 -121.02 -44.51 87.37
C ALA EA 435 -121.79 -45.82 87.33
N MET EA 436 -122.17 -46.38 88.48
CA MET EA 436 -122.87 -47.66 88.48
C MET EA 436 -124.21 -47.57 87.74
N GLY EA 437 -124.77 -46.37 87.60
CA GLY EA 437 -125.95 -46.21 86.77
C GLY EA 437 -125.71 -46.40 85.30
N THR EA 438 -124.45 -46.50 84.88
CA THR EA 438 -124.10 -46.70 83.48
C THR EA 438 -123.34 -48.01 83.24
N LEU EA 439 -122.32 -48.30 84.04
CA LEU EA 439 -121.49 -49.48 83.82
C LEU EA 439 -122.10 -50.75 84.41
N CYS EA 440 -123.20 -50.66 85.13
CA CYS EA 440 -123.92 -51.84 85.62
C CYS EA 440 -125.29 -51.85 84.94
N HIS EA 441 -125.32 -52.41 83.73
CA HIS EA 441 -126.51 -52.44 82.90
C HIS EA 441 -126.27 -53.41 81.74
N PRO EA 442 -127.24 -54.25 81.39
CA PRO EA 442 -127.05 -55.17 80.25
C PRO EA 442 -126.69 -54.47 78.93
N SER EA 443 -126.79 -53.14 78.86
CA SER EA 443 -126.27 -52.43 77.70
C SER EA 443 -124.75 -52.52 77.60
N PHE EA 444 -124.08 -52.98 78.67
CA PHE EA 444 -122.65 -53.19 78.62
C PHE EA 444 -122.26 -54.29 77.64
N LEU EA 445 -123.17 -55.22 77.39
CA LEU EA 445 -122.91 -56.38 76.53
C LEU EA 445 -123.87 -56.41 75.34
N ASP EA 446 -124.08 -55.25 74.73
CA ASP EA 446 -124.92 -55.12 73.53
C ASP EA 446 -123.99 -55.11 72.33
N VAL EA 447 -123.68 -56.29 71.81
CA VAL EA 447 -122.73 -56.42 70.71
C VAL EA 447 -123.32 -57.22 69.57
N ASP EA 448 -124.65 -57.23 69.45
CA ASP EA 448 -125.26 -57.90 68.30
C ASP EA 448 -125.17 -57.02 67.06
N ALA EA 449 -125.51 -55.74 67.20
CA ALA EA 449 -125.45 -54.83 66.06
C ALA EA 449 -124.03 -54.71 65.53
N THR EA 450 -123.04 -54.61 66.42
CA THR EA 450 -121.65 -54.48 65.98
C THR EA 450 -121.21 -55.70 65.19
N LEU EA 451 -121.53 -56.90 65.70
CA LEU EA 451 -121.17 -58.12 64.99
C LEU EA 451 -121.85 -58.20 63.63
N ALA EA 452 -123.18 -58.03 63.61
CA ALA EA 452 -123.92 -58.14 62.36
C ALA EA 452 -123.62 -57.00 61.40
N ALA EA 453 -122.97 -55.92 61.84
CA ALA EA 453 -122.64 -54.82 60.96
C ALA EA 453 -121.15 -54.73 60.64
N LEU EA 454 -120.33 -55.59 61.24
CA LEU EA 454 -118.90 -55.60 60.89
C LEU EA 454 -118.56 -56.64 59.83
N ARG EA 455 -119.39 -57.68 59.69
CA ARG EA 455 -119.10 -58.79 58.77
C ARG EA 455 -119.21 -58.40 57.31
N GLN EA 456 -119.40 -57.11 56.99
CA GLN EA 456 -119.48 -56.69 55.60
C GLN EA 456 -118.14 -56.85 54.90
N GLU EA 457 -117.04 -56.71 55.62
CA GLU EA 457 -115.73 -57.01 55.06
C GLU EA 457 -115.60 -58.53 54.85
N PRO EA 458 -114.99 -58.96 53.75
CA PRO EA 458 -114.88 -60.42 53.51
C PRO EA 458 -114.05 -61.14 54.57
N ALA EA 459 -112.79 -60.76 54.72
CA ALA EA 459 -111.88 -61.34 55.71
C ALA EA 459 -110.54 -60.62 55.61
N GLU EA 460 -109.76 -60.74 56.68
CA GLU EA 460 -108.40 -60.21 56.76
C GLU EA 460 -107.45 -61.29 57.25
N VAL EA 461 -107.74 -62.54 56.93
CA VAL EA 461 -107.03 -63.68 57.52
C VAL EA 461 -105.55 -63.59 57.16
N GLN EA 462 -104.72 -63.59 58.19
CA GLN EA 462 -103.27 -63.62 58.04
C GLN EA 462 -102.61 -64.71 58.88
N CYS EA 463 -103.31 -65.22 59.89
CA CYS EA 463 -102.79 -66.25 60.77
C CYS EA 463 -103.94 -66.83 61.57
N ALA EA 464 -104.03 -68.16 61.59
CA ALA EA 464 -105.07 -68.87 62.32
C ALA EA 464 -104.54 -69.52 63.59
N PHE EA 465 -103.29 -69.26 63.97
CA PHE EA 465 -102.69 -69.93 65.11
C PHE EA 465 -103.36 -69.49 66.41
N GLY EA 466 -103.69 -68.22 66.54
CA GLY EA 466 -104.24 -67.71 67.78
C GLY EA 466 -105.75 -67.80 67.93
N ALA EA 467 -106.47 -68.23 66.89
CA ALA EA 467 -107.92 -68.23 66.90
C ALA EA 467 -108.46 -69.57 66.43
N TYR EA 468 -107.92 -70.66 66.96
CA TYR EA 468 -108.35 -71.99 66.52
C TYR EA 468 -107.92 -73.02 67.56
N VAL EA 469 -108.87 -73.75 68.10
CA VAL EA 469 -108.60 -74.94 68.89
C VAL EA 469 -109.08 -76.14 68.10
N ALA EA 470 -108.69 -77.34 68.56
CA ALA EA 470 -108.93 -78.54 67.78
C ALA EA 470 -109.35 -79.67 68.72
N ASP EA 471 -109.40 -80.88 68.17
CA ASP EA 471 -109.79 -82.08 68.90
C ASP EA 471 -108.70 -83.12 68.71
N ALA EA 472 -108.07 -83.53 69.80
CA ALA EA 472 -106.95 -84.46 69.76
C ALA EA 472 -107.42 -85.88 70.06
N ARG EA 473 -106.87 -86.84 69.33
CA ARG EA 473 -107.20 -88.25 69.44
C ARG EA 473 -106.28 -88.95 70.45
N PRO EA 474 -106.43 -90.26 70.67
CA PRO EA 474 -105.50 -90.96 71.59
C PRO EA 474 -104.07 -90.99 71.09
N ASP EA 475 -103.21 -91.73 71.80
CA ASP EA 475 -101.74 -91.65 71.66
C ASP EA 475 -101.26 -90.27 72.10
N ALA EA 476 -101.48 -90.00 73.40
CA ALA EA 476 -101.46 -88.65 73.92
C ALA EA 476 -100.05 -88.11 74.16
N LEU EA 477 -99.89 -86.81 73.93
CA LEU EA 477 -98.88 -85.90 74.46
C LEU EA 477 -97.46 -86.17 73.97
N VAL EA 478 -97.23 -87.17 73.14
CA VAL EA 478 -95.90 -87.35 72.56
C VAL EA 478 -95.99 -87.24 71.05
N GLY EA 479 -96.74 -88.16 70.43
CA GLY EA 479 -97.03 -88.03 69.02
C GLY EA 479 -97.79 -86.76 68.68
N LEU EA 480 -98.58 -86.26 69.64
CA LEU EA 480 -99.34 -85.04 69.41
C LEU EA 480 -98.43 -83.84 69.20
N MET EA 481 -97.53 -83.59 70.15
CA MET EA 481 -96.59 -82.47 70.00
C MET EA 481 -95.72 -82.65 68.76
N GLN EA 482 -95.24 -83.87 68.53
CA GLN EA 482 -94.43 -84.17 67.34
C GLN EA 482 -95.15 -83.76 66.07
N ARG EA 483 -96.41 -84.16 65.93
CA ARG EA 483 -97.18 -83.78 64.75
C ARG EA 483 -97.49 -82.30 64.73
N PHE EA 484 -97.63 -81.67 65.91
CA PHE EA 484 -97.98 -80.26 65.95
C PHE EA 484 -96.84 -79.38 65.47
N LEU EA 485 -95.61 -79.72 65.84
CA LEU EA 485 -94.47 -78.90 65.44
C LEU EA 485 -94.22 -78.95 63.94
N GLU EA 486 -95.04 -79.71 63.21
CA GLU EA 486 -94.94 -79.82 61.75
C GLU EA 486 -95.95 -78.95 61.02
N GLU EA 487 -97.19 -78.87 61.49
CA GLU EA 487 -98.18 -78.00 60.87
C GLU EA 487 -97.95 -76.53 61.21
N TRP EA 488 -97.28 -76.24 62.33
CA TRP EA 488 -97.09 -74.85 62.75
C TRP EA 488 -96.24 -74.04 61.76
N PRO EA 489 -95.00 -74.43 61.43
CA PRO EA 489 -94.16 -73.54 60.60
C PRO EA 489 -94.82 -73.09 59.30
N GLY EA 490 -95.79 -73.85 58.80
CA GLY EA 490 -96.53 -73.44 57.62
C GLY EA 490 -97.89 -72.87 57.96
N MET EA 491 -98.35 -73.07 59.20
CA MET EA 491 -99.66 -72.59 59.59
C MET EA 491 -99.74 -71.08 59.55
N MET EA 492 -98.82 -70.40 60.23
CA MET EA 492 -98.80 -68.94 60.23
C MET EA 492 -97.92 -68.46 59.08
N PRO EA 493 -98.49 -67.85 58.04
CA PRO EA 493 -97.65 -67.29 56.97
C PRO EA 493 -96.76 -66.18 57.49
N VAL EA 494 -97.38 -65.20 58.14
CA VAL EA 494 -96.65 -64.13 58.83
C VAL EA 494 -96.94 -64.27 60.31
N ARG EA 495 -96.29 -63.43 61.12
CA ARG EA 495 -96.50 -63.50 62.55
C ARG EA 495 -97.92 -63.05 62.91
N PRO EA 496 -98.49 -63.56 64.00
CA PRO EA 496 -99.82 -63.11 64.41
C PRO EA 496 -99.80 -61.67 64.88
N ARG EA 497 -100.97 -61.15 65.28
CA ARG EA 497 -101.07 -59.80 65.80
C ARG EA 497 -101.00 -59.75 67.32
N TRP EA 498 -101.63 -60.70 68.01
CA TRP EA 498 -101.63 -60.70 69.46
C TRP EA 498 -100.25 -61.00 70.04
N ALA EA 499 -99.36 -61.61 69.26
CA ALA EA 499 -98.05 -62.00 69.78
C ALA EA 499 -97.24 -60.78 70.21
N ALA EA 500 -96.91 -59.91 69.25
CA ALA EA 500 -96.21 -58.69 69.56
C ALA EA 500 -97.19 -57.53 69.55
N PRO EA 501 -97.28 -56.74 70.62
CA PRO EA 501 -98.18 -55.58 70.59
C PRO EA 501 -97.77 -54.61 69.49
N ALA EA 502 -98.73 -53.79 69.09
CA ALA EA 502 -98.49 -52.82 68.01
C ALA EA 502 -97.36 -51.88 68.40
N ALA EA 503 -97.60 -51.07 69.43
CA ALA EA 503 -96.58 -50.20 70.01
C ALA EA 503 -97.21 -49.57 71.26
N ALA EA 504 -96.46 -48.64 71.87
CA ALA EA 504 -97.03 -47.84 72.94
C ALA EA 504 -98.17 -46.97 72.40
N ASP EA 505 -97.92 -46.24 71.33
CA ASP EA 505 -98.92 -45.36 70.73
C ASP EA 505 -99.29 -45.71 69.30
N GLN EA 506 -98.41 -46.34 68.53
CA GLN EA 506 -98.63 -46.52 67.10
C GLN EA 506 -99.84 -47.40 66.80
N LEU EA 507 -100.49 -47.91 67.84
CA LEU EA 507 -101.83 -48.46 67.67
C LEU EA 507 -102.78 -47.40 67.12
N LEU EA 508 -102.60 -46.15 67.56
CA LEU EA 508 -103.45 -45.04 67.15
C LEU EA 508 -102.99 -44.37 65.86
N ALA EA 509 -102.11 -45.00 65.10
CA ALA EA 509 -101.75 -44.47 63.80
C ALA EA 509 -102.95 -44.57 62.85
N PRO EA 510 -103.06 -43.65 61.90
CA PRO EA 510 -104.28 -43.59 61.09
C PRO EA 510 -104.39 -44.69 60.03
N GLY EA 511 -103.53 -45.69 60.06
CA GLY EA 511 -103.56 -46.70 59.03
C GLY EA 511 -103.34 -48.12 59.46
N ASN EA 512 -103.16 -48.36 60.75
CA ASN EA 512 -102.86 -49.71 61.21
C ASN EA 512 -104.08 -50.62 61.05
N ALA EA 513 -103.87 -51.91 61.26
CA ALA EA 513 -104.89 -52.93 61.09
C ALA EA 513 -105.43 -53.42 62.44
N ASP EA 514 -105.55 -52.51 63.40
CA ASP EA 514 -106.03 -52.86 64.73
C ASP EA 514 -107.21 -52.02 65.20
N LEU EA 515 -107.29 -50.74 64.84
CA LEU EA 515 -108.45 -49.95 65.20
C LEU EA 515 -109.74 -50.54 64.64
N ARG EA 516 -109.65 -51.25 63.51
CA ARG EA 516 -110.79 -51.98 62.98
C ARG EA 516 -111.20 -53.16 63.85
N LEU EA 517 -110.37 -53.54 64.82
CA LEU EA 517 -110.62 -54.72 65.64
C LEU EA 517 -110.81 -54.42 67.12
N GLU EA 518 -110.67 -53.16 67.54
CA GLU EA 518 -110.80 -52.78 68.95
C GLU EA 518 -111.77 -51.61 69.03
N LEU EA 519 -113.00 -51.88 69.47
CA LEU EA 519 -113.97 -50.82 69.68
C LEU EA 519 -114.85 -51.07 70.90
N HIS EA 520 -114.34 -51.82 71.89
CA HIS EA 520 -115.11 -52.08 73.10
C HIS EA 520 -114.17 -52.54 74.19
N PRO EA 521 -114.35 -52.10 75.43
CA PRO EA 521 -113.40 -52.46 76.50
C PRO EA 521 -113.45 -53.92 76.91
N ALA EA 522 -114.65 -54.48 77.05
CA ALA EA 522 -114.82 -55.82 77.62
C ALA EA 522 -115.02 -56.89 76.56
N PHE EA 523 -114.36 -56.77 75.41
CA PHE EA 523 -114.57 -57.74 74.34
C PHE EA 523 -113.29 -57.87 73.53
N ASP EA 524 -113.27 -58.92 72.69
CA ASP EA 524 -112.16 -59.19 71.78
C ASP EA 524 -112.74 -59.51 70.41
N PHE EA 525 -112.25 -58.80 69.39
CA PHE EA 525 -112.72 -58.95 68.02
C PHE EA 525 -111.53 -59.39 67.17
N PHE EA 526 -111.64 -60.57 66.55
CA PHE EA 526 -110.54 -61.11 65.76
C PHE EA 526 -111.13 -61.79 64.53
N VAL EA 527 -110.27 -62.49 63.79
CA VAL EA 527 -110.66 -63.26 62.61
C VAL EA 527 -110.34 -64.73 62.87
N ALA EA 528 -111.18 -65.61 62.38
CA ALA EA 528 -111.06 -67.03 62.64
C ALA EA 528 -111.67 -67.81 61.48
N PRO EA 529 -111.23 -69.04 61.25
CA PRO EA 529 -111.79 -69.83 60.15
C PRO EA 529 -113.22 -70.25 60.44
N GLU EA 530 -114.01 -70.36 59.36
CA GLU EA 530 -115.44 -70.65 59.47
C GLU EA 530 -115.63 -72.14 59.80
N VAL EA 531 -115.25 -72.48 61.02
CA VAL EA 531 -115.45 -73.82 61.58
C VAL EA 531 -115.79 -73.67 63.05
N ASP EA 532 -116.72 -74.48 63.54
CA ASP EA 532 -117.01 -74.51 64.96
C ASP EA 532 -115.85 -75.13 65.73
N VAL EA 533 -115.74 -74.78 67.00
CA VAL EA 533 -114.66 -75.29 67.84
C VAL EA 533 -115.24 -76.23 68.90
N PRO EA 534 -114.54 -77.31 69.26
CA PRO EA 534 -113.26 -77.76 68.69
C PRO EA 534 -113.40 -78.33 67.28
N GLY EA 535 -112.29 -78.74 66.67
CA GLY EA 535 -112.31 -79.22 65.31
C GLY EA 535 -111.20 -80.19 65.00
N PRO EA 536 -110.97 -80.46 63.72
CA PRO EA 536 -109.94 -81.42 63.33
C PRO EA 536 -108.54 -80.86 63.57
N PHE EA 537 -107.56 -81.75 63.43
CA PHE EA 537 -106.17 -81.34 63.66
C PHE EA 537 -105.59 -80.62 62.45
N ALA EA 538 -105.88 -81.10 61.24
CA ALA EA 538 -105.44 -80.41 60.05
C ALA EA 538 -106.22 -79.11 59.88
N VAL EA 539 -105.51 -77.99 59.84
CA VAL EA 539 -106.17 -76.68 59.80
C VAL EA 539 -106.94 -76.54 58.49
N PRO EA 540 -108.18 -76.07 58.52
CA PRO EA 540 -108.93 -75.85 57.28
C PRO EA 540 -108.57 -74.51 56.64
N GLN EA 541 -108.70 -74.47 55.32
CA GLN EA 541 -108.39 -73.29 54.52
C GLN EA 541 -109.65 -72.58 54.04
N VAL EA 542 -110.69 -72.58 54.87
CA VAL EA 542 -111.95 -71.92 54.53
C VAL EA 542 -111.84 -70.46 54.93
N MET EA 543 -112.58 -69.60 54.21
CA MET EA 543 -112.52 -68.17 54.44
C MET EA 543 -112.95 -67.83 55.87
N GLY EA 544 -112.39 -66.74 56.40
CA GLY EA 544 -112.57 -66.42 57.79
C GLY EA 544 -113.81 -65.59 58.07
N GLN EA 545 -114.09 -65.44 59.37
CA GLN EA 545 -115.16 -64.59 59.86
C GLN EA 545 -114.59 -63.59 60.85
N VAL EA 546 -115.46 -62.86 61.54
CA VAL EA 546 -115.06 -61.96 62.63
C VAL EA 546 -115.93 -62.31 63.83
N ARG EA 547 -115.41 -63.19 64.69
CA ARG EA 547 -116.12 -63.55 65.90
C ARG EA 547 -115.90 -62.49 66.98
N ALA EA 548 -116.50 -62.73 68.14
CA ALA EA 548 -116.30 -61.87 69.30
C ALA EA 548 -116.05 -62.75 70.51
N MET EA 549 -115.37 -62.20 71.51
CA MET EA 549 -115.09 -62.92 72.73
C MET EA 549 -114.92 -61.92 73.86
N PRO EA 550 -115.55 -62.15 75.01
CA PRO EA 550 -115.47 -61.18 76.10
C PRO EA 550 -114.19 -61.34 76.92
N ARG EA 551 -113.57 -60.20 77.22
CA ARG EA 551 -112.40 -60.16 78.09
C ARG EA 551 -112.87 -60.42 79.51
N ILE EA 552 -112.84 -61.69 79.93
CA ILE EA 552 -113.38 -62.08 81.23
C ILE EA 552 -112.68 -61.38 82.38
N ILE EA 553 -111.42 -60.99 82.19
CA ILE EA 553 -110.57 -60.48 83.25
C ILE EA 553 -109.99 -59.15 82.81
N ASN EA 554 -110.05 -58.14 83.69
CA ASN EA 554 -109.53 -56.82 83.37
C ASN EA 554 -108.06 -56.85 82.96
N GLY EA 555 -107.31 -57.86 83.38
CA GLY EA 555 -105.93 -57.97 82.95
C GLY EA 555 -105.77 -58.20 81.46
N ASN EA 556 -106.84 -58.60 80.77
CA ASN EA 556 -106.77 -58.88 79.34
C ASN EA 556 -106.77 -57.62 78.49
N ILE EA 557 -107.01 -56.45 79.08
CA ILE EA 557 -106.92 -55.20 78.31
C ILE EA 557 -105.51 -55.07 77.75
N PRO EA 558 -105.34 -54.79 76.46
CA PRO EA 558 -104.00 -54.84 75.86
C PRO EA 558 -103.05 -53.82 76.46
N LEU EA 559 -101.76 -54.11 76.33
CA LEU EA 559 -100.71 -53.27 76.88
C LEU EA 559 -100.58 -51.93 76.18
N ALA EA 560 -101.31 -51.70 75.10
CA ALA EA 560 -101.28 -50.43 74.41
C ALA EA 560 -102.26 -49.42 74.99
N LEU EA 561 -103.22 -49.86 75.80
CA LEU EA 561 -104.20 -48.99 76.42
C LEU EA 561 -104.21 -49.07 77.94
N CYS EA 562 -103.30 -49.83 78.53
CA CYS EA 562 -103.19 -49.96 79.98
C CYS EA 562 -101.73 -50.24 80.32
N PRO EA 563 -100.92 -49.20 80.44
CA PRO EA 563 -99.47 -49.38 80.53
C PRO EA 563 -99.04 -50.12 81.79
N VAL EA 564 -97.76 -50.54 81.78
CA VAL EA 564 -97.21 -51.38 82.85
C VAL EA 564 -97.20 -50.63 84.18
N ASP EA 565 -96.68 -49.40 84.15
CA ASP EA 565 -96.50 -48.62 85.37
C ASP EA 565 -97.80 -48.48 86.16
N PHE EA 566 -98.92 -48.29 85.47
CA PHE EA 566 -100.20 -48.12 86.15
C PHE EA 566 -100.58 -49.38 86.94
N ARG EA 567 -100.45 -50.55 86.30
CA ARG EA 567 -100.77 -51.79 87.00
C ARG EA 567 -99.85 -51.98 88.20
N ASP EA 568 -98.56 -51.66 88.05
CA ASP EA 568 -97.67 -51.84 89.19
C ASP EA 568 -97.96 -50.83 90.30
N ALA EA 569 -98.42 -49.63 89.95
CA ALA EA 569 -98.79 -48.67 90.98
C ALA EA 569 -100.04 -49.10 91.73
N ARG EA 570 -101.02 -49.66 91.01
CA ARG EA 570 -102.18 -50.23 91.66
C ARG EA 570 -101.78 -51.35 92.61
N GLY EA 571 -100.86 -52.22 92.17
CA GLY EA 571 -100.35 -53.24 93.06
C GLY EA 571 -99.70 -52.66 94.30
N PHE EA 572 -98.86 -51.63 94.11
CA PHE EA 572 -98.18 -51.02 95.24
C PHE EA 572 -99.17 -50.42 96.24
N GLU EA 573 -100.24 -49.79 95.75
CA GLU EA 573 -101.20 -49.20 96.67
C GLU EA 573 -101.99 -50.29 97.38
N LEU EA 574 -102.25 -51.42 96.70
CA LEU EA 574 -102.88 -52.54 97.39
C LEU EA 574 -101.95 -53.20 98.40
N SER EA 575 -100.64 -53.01 98.29
CA SER EA 575 -99.67 -53.80 99.02
C SER EA 575 -99.15 -53.12 100.29
N VAL EA 576 -99.76 -52.02 100.71
CA VAL EA 576 -99.32 -51.37 101.93
C VAL EA 576 -99.92 -52.09 103.13
N ASP EA 577 -99.08 -52.29 104.15
CA ASP EA 577 -99.50 -52.73 105.49
C ASP EA 577 -100.35 -54.00 105.50
N ARG EA 578 -100.36 -54.77 104.41
CA ARG EA 578 -101.14 -56.01 104.37
C ARG EA 578 -100.29 -57.23 104.71
N HIS EA 579 -99.27 -57.52 103.89
CA HIS EA 579 -98.37 -58.65 104.11
C HIS EA 579 -97.24 -58.53 103.10
N ARG EA 580 -96.06 -58.99 103.50
CA ARG EA 580 -94.88 -58.91 102.66
C ARG EA 580 -94.06 -60.18 102.82
N LEU EA 581 -92.84 -60.15 102.29
CA LEU EA 581 -91.89 -61.24 102.43
C LEU EA 581 -90.56 -60.65 102.88
N ALA EA 582 -89.96 -61.26 103.90
CA ALA EA 582 -88.66 -60.81 104.35
C ALA EA 582 -87.64 -60.94 103.22
N PRO EA 583 -86.65 -60.05 103.17
CA PRO EA 583 -85.66 -60.11 102.08
C PRO EA 583 -84.96 -61.47 101.97
N ALA EA 584 -84.73 -62.14 103.09
CA ALA EA 584 -84.10 -63.46 103.04
C ALA EA 584 -84.99 -64.47 102.33
N THR EA 585 -86.28 -64.47 102.66
CA THR EA 585 -87.21 -65.42 102.05
C THR EA 585 -87.27 -65.23 100.54
N VAL EA 586 -87.48 -63.98 100.09
CA VAL EA 586 -87.61 -63.72 98.66
C VAL EA 586 -86.28 -63.97 97.96
N ALA EA 587 -85.16 -63.66 98.62
CA ALA EA 587 -83.86 -63.92 98.02
C ALA EA 587 -83.61 -65.41 97.82
N ALA EA 588 -83.87 -66.24 98.82
CA ALA EA 588 -83.70 -67.68 98.66
C ALA EA 588 -84.65 -68.24 97.61
N VAL EA 589 -85.90 -67.80 97.62
CA VAL EA 589 -86.87 -68.30 96.64
C VAL EA 589 -86.43 -67.94 95.22
N ARG EA 590 -86.05 -66.69 94.99
CA ARG EA 590 -85.64 -66.29 93.66
C ARG EA 590 -84.35 -66.98 93.25
N GLY EA 591 -83.41 -67.16 94.19
CA GLY EA 591 -82.21 -67.90 93.88
C GLY EA 591 -82.51 -69.33 93.45
N ALA EA 592 -83.55 -69.93 94.03
CA ALA EA 592 -84.01 -71.22 93.53
C ALA EA 592 -84.56 -71.10 92.11
N PHE EA 593 -85.42 -70.10 91.88
CA PHE EA 593 -86.05 -69.93 90.57
C PHE EA 593 -85.08 -69.46 89.49
N ARG EA 594 -83.84 -69.12 89.83
CA ARG EA 594 -82.87 -68.69 88.84
C ARG EA 594 -81.71 -69.66 88.69
N ASP EA 595 -81.63 -70.68 89.53
CA ASP EA 595 -80.52 -71.63 89.47
C ASP EA 595 -80.60 -72.46 88.19
N ALA EA 596 -79.44 -72.69 87.58
CA ALA EA 596 -79.38 -73.44 86.33
C ALA EA 596 -79.09 -74.92 86.54
N ASN EA 597 -78.33 -75.27 87.58
CA ASN EA 597 -77.98 -76.66 87.86
C ASN EA 597 -78.84 -77.24 88.97
N TYR EA 598 -80.12 -76.91 88.97
CA TYR EA 598 -81.08 -77.52 89.87
C TYR EA 598 -80.94 -79.04 89.81
N PRO EA 599 -80.84 -79.72 90.95
CA PRO EA 599 -80.59 -81.18 90.93
C PRO EA 599 -81.75 -81.93 90.32
N MET EA 600 -81.49 -82.58 89.18
CA MET EA 600 -82.52 -83.33 88.46
C MET EA 600 -83.16 -84.40 89.35
N VAL EA 601 -82.41 -84.93 90.32
CA VAL EA 601 -82.97 -85.93 91.23
C VAL EA 601 -84.15 -85.35 92.01
N PHE EA 602 -84.15 -84.04 92.24
CA PHE EA 602 -85.30 -83.41 92.88
C PHE EA 602 -86.53 -83.49 91.98
N TYR EA 603 -86.35 -83.21 90.68
CA TYR EA 603 -87.44 -83.38 89.74
C TYR EA 603 -87.93 -84.83 89.73
N ILE EA 604 -86.99 -85.78 89.83
CA ILE EA 604 -87.35 -87.20 89.81
C ILE EA 604 -88.21 -87.54 91.02
N ILE EA 605 -87.80 -87.10 92.20
CA ILE EA 605 -88.55 -87.37 93.42
C ILE EA 605 -89.92 -86.71 93.36
N GLU EA 606 -89.97 -85.45 92.91
CA GLU EA 606 -91.24 -84.76 92.79
C GLU EA 606 -92.18 -85.48 91.83
N ALA EA 607 -91.63 -86.04 90.76
CA ALA EA 607 -92.47 -86.79 89.81
C ALA EA 607 -93.00 -88.06 90.45
N VAL EA 608 -92.13 -88.82 91.12
CA VAL EA 608 -92.56 -90.10 91.69
C VAL EA 608 -93.60 -89.87 92.79
N ILE EA 609 -93.42 -88.84 93.60
CA ILE EA 609 -94.43 -88.54 94.61
C ILE EA 609 -95.75 -88.12 93.96
N HIS EA 610 -95.68 -87.47 92.80
CA HIS EA 610 -96.83 -87.04 92.01
C HIS EA 610 -97.99 -86.48 92.84
N GLY EA 611 -97.67 -85.69 93.86
CA GLY EA 611 -98.70 -85.07 94.67
C GLY EA 611 -99.57 -86.05 95.42
N SER EA 612 -99.02 -87.18 95.85
CA SER EA 612 -99.74 -88.14 96.68
C SER EA 612 -99.78 -87.62 98.11
N GLU EA 613 -100.30 -88.42 99.01
CA GLU EA 613 -100.22 -88.06 100.43
C GLU EA 613 -99.61 -89.16 101.28
N ARG EA 614 -99.88 -90.43 100.96
CA ARG EA 614 -99.26 -91.51 101.71
C ARG EA 614 -97.79 -91.67 101.34
N THR EA 615 -97.49 -91.65 100.03
CA THR EA 615 -96.11 -91.74 99.58
C THR EA 615 -95.26 -90.61 100.16
N PHE EA 616 -95.85 -89.44 100.39
CA PHE EA 616 -95.10 -88.36 101.03
C PHE EA 616 -94.77 -88.69 102.48
N CYS EA 617 -95.76 -89.22 103.22
CA CYS EA 617 -95.49 -89.64 104.58
C CYS EA 617 -94.60 -90.88 104.64
N ALA EA 618 -94.30 -91.50 103.50
CA ALA EA 618 -93.35 -92.60 103.44
C ALA EA 618 -91.95 -92.15 103.04
N LEU EA 619 -91.84 -91.09 102.23
CA LEU EA 619 -90.56 -90.55 101.80
C LEU EA 619 -90.20 -89.26 102.55
N ALA EA 620 -90.88 -89.00 103.67
CA ALA EA 620 -90.56 -87.87 104.51
C ALA EA 620 -89.07 -87.79 104.84
N ARG EA 621 -88.47 -88.91 105.25
CA ARG EA 621 -87.06 -88.88 105.64
C ARG EA 621 -86.17 -88.48 104.47
N LEU EA 622 -86.39 -89.10 103.31
CA LEU EA 622 -85.59 -88.79 102.13
C LEU EA 622 -85.73 -87.31 101.76
N VAL EA 623 -86.97 -86.83 101.68
CA VAL EA 623 -87.18 -85.45 101.24
C VAL EA 623 -86.62 -84.47 102.26
N ALA EA 624 -86.65 -84.80 103.54
CA ALA EA 624 -86.12 -83.91 104.57
C ALA EA 624 -84.61 -83.85 104.49
N GLN EA 625 -83.95 -85.00 104.34
CA GLN EA 625 -82.49 -84.99 104.20
C GLN EA 625 -82.07 -84.26 102.94
N CYS EA 626 -82.81 -84.43 101.85
CA CYS EA 626 -82.49 -83.72 100.61
C CYS EA 626 -82.64 -82.22 100.79
N ILE EA 627 -83.72 -81.77 101.42
CA ILE EA 627 -83.91 -80.34 101.65
C ILE EA 627 -82.78 -79.80 102.53
N GLN EA 628 -82.41 -80.53 103.58
CA GLN EA 628 -81.33 -80.08 104.46
C GLN EA 628 -80.04 -79.94 103.68
N SER EA 629 -79.69 -80.94 102.87
CA SER EA 629 -78.45 -80.88 102.09
C SER EA 629 -78.47 -79.70 101.13
N TYR EA 630 -79.55 -79.55 100.37
CA TYR EA 630 -79.58 -78.48 99.37
C TYR EA 630 -79.55 -77.10 100.02
N TRP EA 631 -80.27 -76.93 101.13
CA TRP EA 631 -80.27 -75.63 101.81
C TRP EA 631 -78.92 -75.34 102.43
N ARG EA 632 -78.23 -76.37 102.93
CA ARG EA 632 -76.88 -76.16 103.47
C ARG EA 632 -75.88 -75.92 102.35
N ASN EA 633 -76.22 -76.29 101.12
CA ASN EA 633 -75.25 -76.18 100.04
C ASN EA 633 -75.44 -74.91 99.21
N THR EA 634 -76.64 -74.31 99.23
CA THR EA 634 -76.87 -73.12 98.42
C THR EA 634 -77.72 -72.03 99.07
N HIS EA 635 -78.08 -72.17 100.34
CA HIS EA 635 -78.94 -71.22 101.05
C HIS EA 635 -80.31 -71.07 100.41
N ASN EA 636 -80.72 -72.00 99.54
CA ASN EA 636 -82.00 -71.91 98.86
C ASN EA 636 -82.93 -73.02 99.33
N ALA EA 637 -84.21 -72.87 98.99
CA ALA EA 637 -85.22 -73.87 99.29
C ALA EA 637 -85.63 -74.57 98.01
N ALA EA 638 -85.83 -75.87 98.08
CA ALA EA 638 -86.16 -76.68 96.92
C ALA EA 638 -87.65 -76.99 96.90
N PHE EA 639 -88.07 -77.62 95.80
CA PHE EA 639 -89.43 -78.10 95.58
C PHE EA 639 -90.46 -76.98 95.57
N VAL EA 640 -90.02 -75.73 95.54
CA VAL EA 640 -90.94 -74.60 95.47
C VAL EA 640 -91.68 -74.59 94.14
N ASN EA 641 -91.18 -75.34 93.15
CA ASN EA 641 -91.86 -75.43 91.86
C ASN EA 641 -93.26 -75.99 92.00
N ASN EA 642 -93.45 -76.97 92.87
CA ASN EA 642 -94.74 -77.61 93.08
C ASN EA 642 -95.45 -76.99 94.27
N PHE EA 643 -96.78 -77.09 94.26
CA PHE EA 643 -97.62 -76.54 95.32
C PHE EA 643 -98.00 -77.58 96.37
N TYR EA 644 -98.44 -78.76 95.94
CA TYR EA 644 -98.76 -79.82 96.90
C TYR EA 644 -97.55 -80.17 97.75
N MET EA 645 -96.36 -80.17 97.14
CA MET EA 645 -95.14 -80.41 97.89
C MET EA 645 -94.94 -79.35 98.96
N VAL EA 646 -95.05 -78.07 98.58
CA VAL EA 646 -94.78 -77.00 99.54
C VAL EA 646 -95.85 -76.95 100.63
N MET EA 647 -97.05 -77.46 100.35
CA MET EA 647 -98.05 -77.54 101.41
C MET EA 647 -97.74 -78.67 102.37
N TYR EA 648 -97.53 -79.88 101.85
CA TYR EA 648 -97.24 -81.01 102.72
C TYR EA 648 -95.97 -80.79 103.52
N ILE EA 649 -95.01 -80.03 102.98
CA ILE EA 649 -93.75 -79.79 103.69
C ILE EA 649 -94.02 -79.15 105.03
N ASN EA 650 -94.66 -77.97 105.02
CA ASN EA 650 -94.91 -77.29 106.29
C ASN EA 650 -96.10 -77.85 107.04
N THR EA 651 -96.88 -78.75 106.44
CA THR EA 651 -97.93 -79.40 107.20
C THR EA 651 -97.43 -80.59 108.00
N TYR EA 652 -96.40 -81.28 107.51
CA TYR EA 652 -95.92 -82.49 108.16
C TYR EA 652 -94.52 -82.33 108.75
N LEU EA 653 -93.55 -81.90 107.95
CA LEU EA 653 -92.21 -81.70 108.48
C LEU EA 653 -92.24 -80.61 109.56
N GLY EA 654 -92.55 -79.39 109.15
CA GLY EA 654 -92.86 -78.31 110.08
C GLY EA 654 -91.82 -78.05 111.15
N ASN EA 655 -92.16 -78.39 112.39
CA ASN EA 655 -91.36 -78.09 113.56
C ASN EA 655 -90.28 -79.12 113.84
N GLY EA 656 -90.01 -80.03 112.91
CA GLY EA 656 -89.13 -81.15 113.19
C GLY EA 656 -87.78 -81.10 112.48
N GLU EA 657 -87.66 -81.85 111.39
CA GLU EA 657 -86.42 -82.08 110.66
C GLU EA 657 -85.83 -80.85 110.03
N LEU EA 658 -86.35 -79.65 110.19
CA LEU EA 658 -85.75 -78.60 109.41
C LEU EA 658 -85.12 -77.54 110.30
N PRO EA 659 -84.03 -76.92 109.87
CA PRO EA 659 -83.38 -75.90 110.70
C PRO EA 659 -84.32 -74.72 110.95
N GLU EA 660 -84.02 -74.00 112.03
CA GLU EA 660 -84.84 -72.84 112.40
C GLU EA 660 -84.89 -71.81 111.28
N ASP EA 661 -83.86 -71.75 110.45
CA ASP EA 661 -83.80 -70.77 109.37
C ASP EA 661 -84.32 -71.31 108.03
N CYS EA 662 -84.88 -72.52 108.01
CA CYS EA 662 -85.38 -73.10 106.77
C CYS EA 662 -86.91 -73.18 106.72
N ALA EA 663 -87.55 -73.55 107.83
CA ALA EA 663 -89.01 -73.65 107.84
C ALA EA 663 -89.68 -72.30 107.64
N ALA EA 664 -88.99 -71.21 107.99
CA ALA EA 664 -89.56 -69.88 107.80
C ALA EA 664 -89.91 -69.61 106.35
N VAL EA 665 -89.06 -70.07 105.43
CA VAL EA 665 -89.30 -69.86 104.00
C VAL EA 665 -90.62 -70.48 103.59
N TYR EA 666 -90.81 -71.77 103.91
CA TYR EA 666 -92.02 -72.47 103.50
C TYR EA 666 -93.24 -71.99 104.26
N LYS EA 667 -93.07 -71.46 105.48
CA LYS EA 667 -94.22 -70.93 106.19
C LYS EA 667 -94.66 -69.58 105.60
N ASP EA 668 -93.70 -68.75 105.18
CA ASP EA 668 -94.05 -67.48 104.54
C ASP EA 668 -94.65 -67.71 103.17
N LEU EA 669 -94.11 -68.65 102.39
CA LEU EA 669 -94.68 -68.96 101.08
C LEU EA 669 -96.07 -69.56 101.16
N LEU EA 670 -96.59 -69.78 102.36
CA LEU EA 670 -97.99 -70.18 102.54
C LEU EA 670 -98.82 -69.08 103.19
N GLU EA 671 -98.24 -68.35 104.14
CA GLU EA 671 -98.97 -67.23 104.74
C GLU EA 671 -99.26 -66.14 103.70
N HIS EA 672 -98.32 -65.92 102.77
CA HIS EA 672 -98.58 -64.99 101.67
C HIS EA 672 -99.81 -65.40 100.88
N VAL EA 673 -99.91 -66.68 100.53
CA VAL EA 673 -101.05 -67.18 99.77
C VAL EA 673 -102.33 -67.04 100.59
N HIS EA 674 -102.25 -67.30 101.90
CA HIS EA 674 -103.45 -67.20 102.72
C HIS EA 674 -103.94 -65.76 102.83
N ALA EA 675 -103.01 -64.80 102.96
CA ALA EA 675 -103.42 -63.40 102.98
C ALA EA 675 -103.99 -62.98 101.63
N LEU EA 676 -103.38 -63.45 100.53
CA LEU EA 676 -103.93 -63.18 99.22
C LEU EA 676 -105.36 -63.70 99.08
N ARG EA 677 -105.62 -64.90 99.61
CA ARG EA 677 -106.97 -65.44 99.59
C ARG EA 677 -107.91 -64.57 100.44
N ARG EA 678 -107.45 -64.12 101.60
CA ARG EA 678 -108.24 -63.22 102.42
C ARG EA 678 -108.57 -61.94 101.68
N LEU EA 679 -107.70 -61.51 100.77
CA LEU EA 679 -107.85 -60.21 100.12
C LEU EA 679 -109.19 -60.08 99.41
N ILE EA 680 -109.55 -61.09 98.59
CA ILE EA 680 -110.81 -61.02 97.86
C ILE EA 680 -112.01 -60.97 98.79
N GLY EA 681 -111.85 -61.40 100.04
CA GLY EA 681 -112.94 -61.31 100.99
C GLY EA 681 -113.30 -59.89 101.35
N GLU EA 682 -112.33 -58.98 101.29
CA GLU EA 682 -112.55 -57.58 101.64
C GLU EA 682 -112.58 -56.67 100.42
N PHE EA 683 -112.88 -57.23 99.24
CA PHE EA 683 -113.09 -56.44 98.03
C PHE EA 683 -114.41 -56.80 97.35
N THR EA 684 -115.38 -57.28 98.12
CA THR EA 684 -116.69 -57.67 97.60
C THR EA 684 -117.73 -57.50 98.70
N LEU EA 685 -118.92 -57.05 98.31
CA LEU EA 685 -120.00 -56.87 99.27
C LEU EA 685 -120.53 -58.23 99.71
N PRO EA 686 -121.17 -58.30 100.87
CA PRO EA 686 -121.85 -59.53 101.26
C PRO EA 686 -123.09 -59.74 100.40
N GLY EA 687 -123.39 -61.00 100.13
CA GLY EA 687 -124.48 -61.30 99.24
C GLY EA 687 -125.08 -62.66 99.47
N ASP EA 688 -125.74 -63.16 98.42
CA ASP EA 688 -126.46 -64.43 98.43
C ASP EA 688 -126.30 -65.08 97.07
N PRO EA 689 -126.43 -66.42 97.00
CA PRO EA 689 -126.23 -67.11 95.71
C PRO EA 689 -127.06 -66.53 94.57
N LEU EA 690 -126.39 -66.10 93.51
CA LEU EA 690 -127.05 -65.58 92.32
C LEU EA 690 -127.21 -66.64 91.23
N GLY EA 691 -126.17 -67.42 90.97
CA GLY EA 691 -126.21 -68.48 90.00
C GLY EA 691 -125.86 -69.81 90.62
N ASN EA 692 -126.38 -70.07 91.82
CA ASN EA 692 -125.94 -71.17 92.67
C ASN EA 692 -124.44 -71.09 92.95
N GLN EA 693 -123.89 -69.87 92.86
CA GLN EA 693 -122.52 -69.58 93.22
C GLN EA 693 -122.56 -68.44 94.23
N PRO EA 694 -121.78 -68.50 95.30
CA PRO EA 694 -121.69 -67.35 96.21
C PRO EA 694 -121.12 -66.15 95.48
N GLN EA 695 -121.42 -64.95 96.00
CA GLN EA 695 -120.97 -63.72 95.37
C GLN EA 695 -119.45 -63.69 95.23
N GLU EA 696 -118.74 -64.19 96.24
CA GLU EA 696 -117.28 -64.16 96.24
C GLU EA 696 -116.65 -64.92 95.07
N GLU EA 697 -117.43 -65.69 94.32
CA GLU EA 697 -116.95 -66.31 93.09
C GLU EA 697 -117.31 -65.53 91.84
N LEU EA 698 -118.22 -64.56 91.94
CA LEU EA 698 -118.59 -63.75 90.79
C LEU EA 698 -117.70 -62.52 90.63
N ASN EA 699 -117.26 -61.90 91.73
CA ASN EA 699 -116.43 -60.72 91.65
C ASN EA 699 -115.06 -61.06 91.07
N HIS EA 700 -114.32 -61.93 91.75
CA HIS EA 700 -113.01 -62.35 91.26
C HIS EA 700 -113.19 -63.43 90.19
N ALA EA 701 -112.09 -64.03 89.76
CA ALA EA 701 -112.17 -65.07 88.74
C ALA EA 701 -111.42 -66.32 89.18
N LEU EA 702 -110.45 -66.16 90.07
CA LEU EA 702 -109.69 -67.31 90.56
C LEU EA 702 -110.43 -68.09 91.62
N ALA EA 703 -111.22 -67.42 92.46
CA ALA EA 703 -112.05 -68.12 93.44
C ALA EA 703 -113.21 -68.86 92.78
N ASP EA 704 -113.35 -68.77 91.47
CA ASP EA 704 -114.39 -69.49 90.75
C ASP EA 704 -114.18 -70.99 90.88
N ALA EA 705 -115.26 -71.74 90.69
CA ALA EA 705 -115.22 -73.19 90.79
C ALA EA 705 -115.09 -73.89 89.45
N THR EA 706 -115.24 -73.16 88.33
CA THR EA 706 -115.13 -73.77 87.01
C THR EA 706 -113.73 -73.68 86.43
N LEU EA 707 -113.01 -72.60 86.71
CA LEU EA 707 -111.69 -72.43 86.14
C LEU EA 707 -110.73 -73.48 86.69
N LEU EA 708 -110.20 -74.31 85.81
CA LEU EA 708 -109.29 -75.36 86.22
C LEU EA 708 -107.89 -74.81 86.44
N PRO EA 709 -107.16 -75.35 87.42
CA PRO EA 709 -105.76 -74.98 87.59
C PRO EA 709 -104.93 -75.48 86.42
N PRO EA 710 -103.72 -74.94 86.23
CA PRO EA 710 -102.89 -75.47 85.14
C PRO EA 710 -102.41 -76.89 85.38
N LEU EA 711 -102.02 -77.21 86.61
CA LEU EA 711 -101.47 -78.53 86.94
C LEU EA 711 -102.28 -79.14 88.08
N ILE EA 712 -103.26 -79.98 87.73
CA ILE EA 712 -104.00 -80.75 88.72
C ILE EA 712 -103.27 -82.07 88.95
N TRP EA 713 -103.55 -82.69 90.09
CA TRP EA 713 -102.86 -83.92 90.46
C TRP EA 713 -103.80 -85.06 90.84
N ASP EA 714 -105.10 -84.82 90.87
CA ASP EA 714 -106.07 -85.87 91.15
C ASP EA 714 -107.39 -85.46 90.49
N CYS EA 715 -108.47 -86.16 90.84
CA CYS EA 715 -109.79 -85.85 90.33
C CYS EA 715 -110.62 -85.03 91.31
N ASP EA 716 -109.96 -84.17 92.10
CA ASP EA 716 -110.70 -83.32 93.01
C ASP EA 716 -111.36 -82.15 92.26
N PRO EA 717 -110.60 -81.33 91.51
CA PRO EA 717 -111.26 -80.24 90.76
C PRO EA 717 -112.15 -80.73 89.64
N ILE EA 718 -112.11 -82.01 89.30
CA ILE EA 718 -112.99 -82.55 88.26
C ILE EA 718 -114.35 -82.94 88.82
N LEU EA 719 -114.45 -83.15 90.13
CA LEU EA 719 -115.71 -83.53 90.77
C LEU EA 719 -116.40 -82.38 91.48
N TYR EA 720 -115.65 -81.38 91.96
CA TYR EA 720 -116.27 -80.18 92.47
C TYR EA 720 -116.86 -79.32 91.36
N ARG EA 721 -116.45 -79.55 90.11
CA ARG EA 721 -116.80 -78.68 88.99
C ARG EA 721 -118.11 -79.07 88.32
N ASP EA 722 -118.37 -80.37 88.15
CA ASP EA 722 -119.56 -80.81 87.43
C ASP EA 722 -120.86 -80.53 88.16
N GLY EA 723 -120.81 -80.05 89.41
CA GLY EA 723 -122.02 -79.78 90.16
C GLY EA 723 -122.77 -78.55 89.75
N LEU EA 724 -122.24 -77.78 88.79
CA LEU EA 724 -122.85 -76.51 88.37
C LEU EA 724 -123.31 -76.67 86.92
N ALA EA 725 -124.57 -77.04 86.75
CA ALA EA 725 -125.15 -77.22 85.42
C ALA EA 725 -125.75 -75.93 84.86
N GLU EA 726 -125.63 -74.81 85.58
CA GLU EA 726 -126.19 -73.56 85.09
C GLU EA 726 -125.48 -73.08 83.84
N ARG EA 727 -124.15 -73.12 83.85
CA ARG EA 727 -123.35 -72.95 82.65
C ARG EA 727 -122.74 -74.31 82.34
N LEU EA 728 -123.34 -75.03 81.39
CA LEU EA 728 -123.01 -76.42 81.12
C LEU EA 728 -121.54 -76.58 80.72
N PRO EA 729 -120.74 -77.26 81.54
CA PRO EA 729 -119.38 -77.59 81.14
C PRO EA 729 -119.31 -78.98 80.54
N GLU EA 730 -118.20 -79.25 79.86
CA GLU EA 730 -117.91 -80.60 79.38
C GLU EA 730 -116.40 -80.75 79.22
N LEU EA 731 -115.79 -81.51 80.13
CA LEU EA 731 -114.37 -81.80 80.05
C LEU EA 731 -114.14 -82.94 79.08
N ARG EA 732 -113.16 -82.79 78.20
CA ARG EA 732 -112.80 -83.83 77.24
C ARG EA 732 -111.34 -84.17 77.41
N VAL EA 733 -111.04 -85.46 77.47
CA VAL EA 733 -109.68 -85.96 77.62
C VAL EA 733 -109.41 -86.86 76.42
N ASN EA 734 -108.82 -86.27 75.38
CA ASN EA 734 -108.47 -86.94 74.13
C ASN EA 734 -109.69 -87.47 73.36
N GLY EA 735 -110.90 -87.12 73.79
CA GLY EA 735 -112.09 -87.51 73.04
C GLY EA 735 -113.16 -88.18 73.87
N ALA EA 736 -112.75 -89.06 74.79
CA ALA EA 736 -113.72 -89.69 75.68
C ALA EA 736 -114.19 -88.68 76.73
N HIS EA 737 -115.28 -89.03 77.42
CA HIS EA 737 -115.76 -88.14 78.48
C HIS EA 737 -114.69 -88.03 79.56
N PHE EA 738 -114.51 -89.11 80.30
CA PHE EA 738 -113.34 -89.42 81.11
C PHE EA 738 -113.66 -90.73 81.81
N GLN EA 739 -112.63 -91.35 82.40
CA GLN EA 739 -112.79 -92.59 83.14
C GLN EA 739 -112.15 -92.44 84.51
N HIS EA 740 -112.70 -93.14 85.50
CA HIS EA 740 -112.25 -93.05 86.88
C HIS EA 740 -111.75 -94.42 87.31
N ILE EA 741 -110.47 -94.68 87.10
CA ILE EA 741 -109.81 -95.87 87.59
C ILE EA 741 -108.97 -95.49 88.79
N LEU EA 742 -108.88 -96.40 89.76
CA LEU EA 742 -108.24 -96.13 91.03
C LEU EA 742 -106.76 -96.53 90.97
N TRP EA 743 -106.12 -96.64 92.14
CA TRP EA 743 -104.71 -96.97 92.24
C TRP EA 743 -104.35 -98.18 91.36
N VAL EA 744 -103.13 -98.15 90.84
CA VAL EA 744 -102.60 -99.25 90.04
C VAL EA 744 -101.22 -99.62 90.59
N GLU EA 745 -100.90 -100.90 90.50
CA GLU EA 745 -99.66 -101.43 91.08
C GLU EA 745 -98.84 -102.13 90.01
N MET EA 746 -97.74 -102.75 90.45
CA MET EA 746 -96.82 -103.42 89.53
C MET EA 746 -97.47 -104.59 88.82
N ALA EA 747 -98.58 -105.12 89.34
CA ALA EA 747 -99.28 -106.21 88.67
C ALA EA 747 -99.66 -105.83 87.25
N GLN EA 748 -100.12 -104.60 87.05
CA GLN EA 748 -100.38 -104.07 85.72
C GLN EA 748 -100.30 -102.55 85.77
N VAL EA 749 -99.56 -101.97 84.83
CA VAL EA 749 -99.34 -100.53 84.77
C VAL EA 749 -99.79 -99.94 83.45
N ASN EA 750 -99.48 -100.59 82.33
CA ASN EA 750 -99.85 -100.12 81.00
C ASN EA 750 -99.35 -98.69 80.77
N PHE EA 751 -98.02 -98.55 80.71
CA PHE EA 751 -97.43 -97.27 80.34
C PHE EA 751 -97.92 -96.77 78.99
N ARG EA 752 -98.49 -97.66 78.17
CA ARG EA 752 -98.92 -97.33 76.82
C ARG EA 752 -100.42 -97.11 76.69
N ASN EA 753 -101.16 -97.06 77.80
CA ASN EA 753 -102.61 -96.90 77.71
C ASN EA 753 -102.93 -95.55 77.09
N VAL EA 754 -103.77 -95.58 76.05
CA VAL EA 754 -103.95 -94.43 75.17
C VAL EA 754 -105.16 -93.60 75.58
N GLY EA 755 -106.18 -94.25 76.13
CA GLY EA 755 -107.45 -93.59 76.39
C GLY EA 755 -107.34 -92.52 77.46
N GLY EA 756 -108.49 -91.87 77.70
CA GLY EA 756 -108.56 -90.86 78.72
C GLY EA 756 -108.96 -91.44 80.07
N GLY EA 757 -107.98 -91.73 80.90
CA GLY EA 757 -108.25 -92.28 82.21
C GLY EA 757 -107.35 -91.69 83.28
N LEU EA 758 -107.96 -91.09 84.29
CA LEU EA 758 -107.21 -90.50 85.40
C LEU EA 758 -107.17 -91.47 86.57
N VAL EA 759 -106.33 -91.15 87.55
CA VAL EA 759 -106.13 -92.01 88.71
C VAL EA 759 -106.08 -91.15 89.96
N HIS EA 760 -106.98 -91.42 90.90
CA HIS EA 760 -106.79 -90.93 92.27
C HIS EA 760 -105.54 -91.57 92.85
N ASN EA 761 -104.53 -90.76 93.14
CA ASN EA 761 -103.24 -91.27 93.58
C ASN EA 761 -103.42 -91.92 94.96
N ARG EA 762 -103.49 -93.25 94.98
CA ARG EA 762 -103.77 -94.01 96.20
C ARG EA 762 -105.00 -93.41 96.86
N PRO EA 763 -106.20 -93.72 96.34
CA PRO EA 763 -107.37 -92.85 96.50
C PRO EA 763 -107.51 -92.14 97.83
N VAL EA 764 -107.31 -92.85 98.93
CA VAL EA 764 -107.72 -92.33 100.23
C VAL EA 764 -106.51 -92.26 101.15
N ARG EA 765 -106.64 -91.40 102.16
CA ARG EA 765 -105.73 -91.47 103.30
C ARG EA 765 -106.17 -92.54 104.29
N ASN EA 766 -107.47 -92.59 104.59
CA ASN EA 766 -107.99 -93.57 105.54
C ASN EA 766 -109.21 -94.33 105.04
N GLU EA 767 -110.10 -93.65 104.29
CA GLU EA 767 -111.48 -94.11 104.16
C GLU EA 767 -111.59 -95.39 103.33
N ASN EA 768 -111.18 -95.34 102.07
CA ASN EA 768 -111.40 -96.42 101.09
C ASN EA 768 -112.89 -96.64 100.86
N GLN EA 769 -113.62 -95.54 100.68
CA GLN EA 769 -115.01 -95.16 100.41
C GLN EA 769 -115.22 -94.95 98.92
N PRO EA 770 -116.38 -95.31 98.37
CA PRO EA 770 -116.60 -95.18 96.92
C PRO EA 770 -116.67 -93.74 96.41
N LEU EA 771 -115.65 -93.33 95.67
CA LEU EA 771 -115.71 -92.23 94.71
C LEU EA 771 -116.10 -90.91 95.39
N HIS EA 772 -115.20 -90.43 96.24
CA HIS EA 772 -115.35 -89.17 96.94
C HIS EA 772 -114.08 -88.35 96.78
N PRO EA 773 -114.16 -87.03 96.93
CA PRO EA 773 -112.95 -86.22 96.98
C PRO EA 773 -112.32 -86.26 98.36
N HIS EA 774 -110.99 -86.31 98.39
CA HIS EA 774 -110.24 -86.41 99.64
C HIS EA 774 -109.48 -85.13 99.97
N HIS EA 775 -110.08 -83.98 99.65
CA HIS EA 775 -109.54 -82.68 100.02
C HIS EA 775 -110.67 -81.66 99.93
N ASP EA 776 -110.61 -80.63 100.76
CA ASP EA 776 -111.68 -79.64 100.81
C ASP EA 776 -111.64 -78.76 99.56
N ALA EA 777 -112.55 -77.77 99.54
CA ALA EA 777 -112.76 -76.98 98.33
C ALA EA 777 -111.64 -75.96 98.13
N GLU EA 778 -111.42 -75.09 99.11
CA GLU EA 778 -110.48 -73.98 98.96
C GLU EA 778 -109.05 -74.44 98.67
N TRP EA 779 -108.78 -75.74 98.77
CA TRP EA 779 -107.49 -76.28 98.35
C TRP EA 779 -107.17 -75.88 96.91
N SER EA 780 -108.14 -76.10 96.00
CA SER EA 780 -107.94 -75.75 94.60
C SER EA 780 -107.79 -74.24 94.42
N VAL EA 781 -108.50 -73.45 95.23
CA VAL EA 781 -108.37 -72.00 95.16
C VAL EA 781 -106.95 -71.58 95.52
N LEU EA 782 -106.40 -72.16 96.59
CA LEU EA 782 -105.03 -71.85 96.98
C LEU EA 782 -104.04 -72.29 95.92
N SER EA 783 -104.27 -73.45 95.30
CA SER EA 783 -103.40 -73.90 94.22
C SER EA 783 -103.42 -72.92 93.06
N LYS EA 784 -104.62 -72.49 92.64
CA LYS EA 784 -104.73 -71.54 91.54
C LYS EA 784 -104.05 -70.22 91.89
N ILE EA 785 -104.18 -69.78 93.14
CA ILE EA 785 -103.51 -68.56 93.57
C ILE EA 785 -102.00 -68.70 93.42
N TYR EA 786 -101.44 -69.76 94.02
CA TYR EA 786 -99.99 -69.94 94.01
C TYR EA 786 -99.44 -70.14 92.60
N TYR EA 787 -100.27 -70.61 91.66
CA TYR EA 787 -99.76 -70.83 90.32
C TYR EA 787 -100.04 -69.69 89.34
N TYR EA 788 -101.00 -68.81 89.64
CA TYR EA 788 -101.30 -67.70 88.74
C TYR EA 788 -100.88 -66.34 89.28
N ALA EA 789 -100.43 -66.25 90.54
CA ALA EA 789 -100.07 -64.93 91.07
C ALA EA 789 -98.78 -64.94 91.88
N VAL EA 790 -98.04 -66.04 91.94
CA VAL EA 790 -96.78 -66.07 92.68
C VAL EA 790 -95.66 -66.56 91.78
N VAL EA 791 -95.86 -67.72 91.15
CA VAL EA 791 -94.87 -68.25 90.21
C VAL EA 791 -94.56 -67.27 89.09
N PRO EA 792 -95.55 -66.65 88.44
CA PRO EA 792 -95.21 -65.62 87.43
C PRO EA 792 -94.53 -64.39 88.01
N ALA EA 793 -94.56 -64.19 89.33
CA ALA EA 793 -93.89 -63.05 89.92
C ALA EA 793 -92.40 -63.33 90.12
N PHE EA 794 -92.05 -64.53 90.58
CA PHE EA 794 -90.64 -64.86 90.80
C PHE EA 794 -89.96 -65.28 89.50
N SER EA 795 -90.65 -66.05 88.65
CA SER EA 795 -90.03 -66.50 87.41
C SER EA 795 -89.83 -65.35 86.43
N ARG EA 796 -90.85 -64.49 86.30
CA ARG EA 796 -90.87 -63.44 85.28
C ARG EA 796 -90.66 -64.03 83.88
N GLY EA 797 -91.37 -65.11 83.60
CA GLY EA 797 -91.35 -65.72 82.28
C GLY EA 797 -90.20 -66.68 82.04
N ASN EA 798 -90.10 -67.72 82.86
CA ASN EA 798 -89.09 -68.75 82.66
C ASN EA 798 -89.71 -70.14 82.73
N CYS EA 799 -90.81 -70.27 83.47
CA CYS EA 799 -91.41 -71.57 83.70
C CYS EA 799 -92.09 -72.10 82.45
N CYS EA 800 -92.19 -73.43 82.39
CA CYS EA 800 -92.85 -74.10 81.27
C CYS EA 800 -93.24 -75.50 81.75
N THR EA 801 -94.55 -75.77 81.78
CA THR EA 801 -95.04 -77.07 82.21
C THR EA 801 -94.54 -78.17 81.28
N MET EA 802 -94.07 -79.27 81.85
CA MET EA 802 -93.43 -80.33 81.10
C MET EA 802 -94.23 -81.63 81.20
N GLY EA 803 -94.04 -82.49 80.20
CA GLY EA 803 -94.66 -83.79 80.15
C GLY EA 803 -93.62 -84.86 80.42
N VAL EA 804 -93.92 -85.71 81.38
CA VAL EA 804 -92.98 -86.71 81.84
C VAL EA 804 -93.02 -87.97 80.99
N ARG EA 805 -92.02 -88.83 81.18
CA ARG EA 805 -91.98 -90.19 80.63
C ARG EA 805 -91.87 -91.14 81.82
N TYR EA 806 -93.02 -91.53 82.38
CA TYR EA 806 -93.06 -92.32 83.60
C TYR EA 806 -92.34 -93.67 83.47
N ASP EA 807 -92.27 -94.25 82.28
CA ASP EA 807 -91.60 -95.54 82.12
C ASP EA 807 -90.13 -95.46 82.52
N ARG EA 808 -89.42 -94.47 81.99
CA ARG EA 808 -87.98 -94.37 82.23
C ARG EA 808 -87.68 -94.11 83.71
N VAL EA 809 -88.43 -93.19 84.34
CA VAL EA 809 -88.15 -92.86 85.73
C VAL EA 809 -88.49 -94.01 86.66
N TYR EA 810 -89.61 -94.70 86.40
CA TYR EA 810 -89.94 -95.87 87.20
C TYR EA 810 -88.93 -96.99 86.99
N GLN EA 811 -88.35 -97.08 85.78
CA GLN EA 811 -87.27 -98.03 85.56
C GLN EA 811 -86.03 -97.65 86.36
N LEU EA 812 -85.69 -96.36 86.38
CA LEU EA 812 -84.45 -95.92 87.02
C LEU EA 812 -84.55 -96.03 88.53
N VAL EA 813 -85.72 -95.75 89.11
CA VAL EA 813 -85.85 -95.76 90.57
C VAL EA 813 -85.63 -97.14 91.16
N GLN EA 814 -85.62 -98.18 90.32
CA GLN EA 814 -85.41 -99.54 90.80
C GLN EA 814 -83.94 -99.97 90.75
N THR EA 815 -83.08 -99.23 90.06
CA THR EA 815 -81.70 -99.63 89.86
C THR EA 815 -80.84 -99.01 90.96
N MET EA 816 -80.92 -99.60 92.15
CA MET EA 816 -80.15 -99.15 93.31
C MET EA 816 -79.31 -100.29 93.84
N VAL EA 817 -78.12 -99.96 94.35
CA VAL EA 817 -77.20 -100.94 94.90
C VAL EA 817 -76.99 -100.62 96.38
N VAL EA 818 -77.19 -101.61 97.23
CA VAL EA 818 -77.03 -101.48 98.67
C VAL EA 818 -76.46 -102.77 99.23
N PRO EA 819 -75.26 -102.75 99.81
CA PRO EA 819 -74.76 -103.96 100.48
C PRO EA 819 -75.35 -104.10 101.88
N GLU EA 820 -75.53 -105.36 102.28
CA GLU EA 820 -76.19 -105.67 103.54
C GLU EA 820 -75.35 -105.18 104.73
N THR EA 821 -76.03 -104.58 105.71
CA THR EA 821 -75.37 -104.01 106.87
C THR EA 821 -76.01 -104.50 108.15
N ASP EA 822 -75.38 -104.14 109.27
CA ASP EA 822 -75.90 -104.41 110.59
C ASP EA 822 -76.31 -103.14 111.33
N GLU EA 823 -75.93 -101.97 110.82
CA GLU EA 823 -76.17 -100.71 111.50
C GLU EA 823 -76.08 -99.58 110.49
N GLU EA 824 -76.20 -98.35 110.98
CA GLU EA 824 -76.05 -97.15 110.17
C GLU EA 824 -74.70 -96.51 110.49
N VAL EA 825 -73.83 -96.44 109.50
CA VAL EA 825 -72.43 -96.10 109.73
C VAL EA 825 -72.05 -94.70 109.26
N GLY EA 826 -72.66 -94.20 108.21
CA GLY EA 826 -72.26 -92.92 107.64
C GLY EA 826 -71.46 -93.09 106.35
N THR EA 827 -71.05 -91.95 105.81
CA THR EA 827 -70.44 -91.90 104.48
C THR EA 827 -68.99 -92.38 104.45
N ASP EA 828 -68.39 -92.68 105.59
CA ASP EA 828 -66.97 -93.05 105.60
C ASP EA 828 -66.75 -94.47 105.11
N ASP EA 829 -67.49 -95.44 105.67
CA ASP EA 829 -67.25 -96.84 105.35
C ASP EA 829 -67.45 -97.12 103.86
N PRO EA 830 -66.72 -98.09 103.31
CA PRO EA 830 -66.85 -98.40 101.88
C PRO EA 830 -68.19 -99.02 101.52
N ARG EA 831 -68.95 -99.51 102.49
CA ARG EA 831 -70.26 -100.10 102.21
C ARG EA 831 -71.35 -99.05 102.09
N HIS EA 832 -71.08 -97.81 102.49
CA HIS EA 832 -72.08 -96.76 102.36
C HIS EA 832 -72.42 -96.54 100.89
N PRO EA 833 -73.67 -96.22 100.57
CA PRO EA 833 -74.06 -96.13 99.14
C PRO EA 833 -73.23 -95.15 98.32
N LEU EA 834 -72.89 -93.99 98.87
CA LEU EA 834 -72.14 -93.00 98.12
C LEU EA 834 -70.65 -93.28 98.08
N HIS EA 835 -70.21 -94.47 98.46
CA HIS EA 835 -68.79 -94.81 98.38
C HIS EA 835 -68.41 -95.09 96.93
N PRO EA 836 -67.20 -94.70 96.50
CA PRO EA 836 -66.84 -94.82 95.08
C PRO EA 836 -66.80 -96.24 94.54
N ARG EA 837 -66.54 -97.26 95.39
CA ARG EA 837 -66.37 -98.61 94.88
C ARG EA 837 -67.66 -99.17 94.30
N ASN EA 838 -68.71 -99.25 95.13
CA ASN EA 838 -69.96 -99.85 94.70
C ASN EA 838 -70.73 -98.98 93.71
N LEU EA 839 -70.24 -97.78 93.41
CA LEU EA 839 -70.96 -96.86 92.52
C LEU EA 839 -70.85 -97.36 91.08
N VAL EA 840 -71.55 -98.46 90.82
CA VAL EA 840 -71.64 -98.98 89.46
C VAL EA 840 -72.20 -97.90 88.55
N PRO EA 841 -71.63 -97.67 87.37
CA PRO EA 841 -72.14 -96.61 86.50
C PRO EA 841 -73.61 -96.83 86.17
N ASN EA 842 -74.26 -95.75 85.76
CA ASN EA 842 -75.62 -95.79 85.21
C ASN EA 842 -76.66 -96.27 86.22
N SER EA 843 -76.32 -96.26 87.51
CA SER EA 843 -77.24 -96.60 88.57
C SER EA 843 -78.12 -95.41 88.92
N LEU EA 844 -78.81 -95.48 90.05
CA LEU EA 844 -79.50 -94.31 90.58
C LEU EA 844 -78.59 -93.51 91.52
N ASN EA 845 -77.78 -94.20 92.32
CA ASN EA 845 -76.89 -93.53 93.27
C ASN EA 845 -75.96 -92.54 92.57
N VAL EA 846 -75.65 -92.80 91.29
CA VAL EA 846 -74.84 -91.84 90.53
C VAL EA 846 -75.55 -90.49 90.45
N LEU EA 847 -76.87 -90.48 90.50
CA LEU EA 847 -77.60 -89.21 90.49
C LEU EA 847 -77.46 -88.49 91.82
N PHE EA 848 -77.67 -89.21 92.92
CA PHE EA 848 -77.47 -88.63 94.25
C PHE EA 848 -76.04 -88.13 94.44
N HIS EA 849 -75.07 -88.74 93.76
CA HIS EA 849 -73.68 -88.29 93.86
C HIS EA 849 -73.40 -87.10 92.95
N ASN EA 850 -73.96 -87.09 91.75
CA ASN EA 850 -73.70 -86.01 90.81
C ASN EA 850 -74.19 -84.67 91.35
N ALA EA 851 -75.36 -84.67 92.00
CA ALA EA 851 -75.88 -83.46 92.62
C ALA EA 851 -75.19 -83.12 93.93
N CYS EA 852 -74.29 -83.99 94.40
CA CYS EA 852 -73.55 -83.80 95.65
C CYS EA 852 -74.52 -83.51 96.82
N VAL EA 853 -75.41 -84.47 97.05
CA VAL EA 853 -76.33 -84.41 98.18
C VAL EA 853 -76.02 -85.56 99.12
N ALA EA 854 -76.18 -85.32 100.41
CA ALA EA 854 -75.83 -86.28 101.45
C ALA EA 854 -77.08 -87.00 101.91
N VAL EA 855 -77.10 -88.32 101.72
CA VAL EA 855 -78.20 -89.17 102.17
C VAL EA 855 -77.61 -90.44 102.76
N ASP EA 856 -78.49 -91.31 103.24
CA ASP EA 856 -78.12 -92.61 103.78
C ASP EA 856 -78.84 -93.70 103.00
N ALA EA 857 -78.28 -94.91 103.06
CA ALA EA 857 -78.97 -96.07 102.51
C ALA EA 857 -80.21 -96.39 103.33
N ASP EA 858 -80.10 -96.32 104.65
CA ASP EA 858 -81.22 -96.60 105.54
C ASP EA 858 -82.43 -95.74 105.20
N ALA EA 859 -82.23 -94.64 104.49
CA ALA EA 859 -83.34 -93.85 103.96
C ALA EA 859 -83.63 -94.16 102.50
N MET EA 860 -82.60 -94.45 101.71
CA MET EA 860 -82.80 -94.67 100.28
C MET EA 860 -83.55 -95.96 99.99
N LEU EA 861 -83.48 -96.94 100.91
CA LEU EA 861 -84.21 -98.19 100.72
C LEU EA 861 -85.71 -97.98 100.68
N ILE EA 862 -86.21 -96.93 101.34
CA ILE EA 862 -87.65 -96.67 101.42
C ILE EA 862 -88.28 -96.40 100.06
N LEU EA 863 -87.47 -96.24 99.01
CA LEU EA 863 -88.00 -95.92 97.69
C LEU EA 863 -88.92 -97.00 97.15
N GLN EA 864 -88.86 -98.22 97.69
CA GLN EA 864 -89.74 -99.29 97.21
C GLN EA 864 -91.20 -99.04 97.54
N GLU EA 865 -91.52 -98.00 98.30
CA GLU EA 865 -92.92 -97.70 98.62
C GLU EA 865 -93.72 -97.32 97.37
N THR EA 866 -93.06 -96.73 96.36
CA THR EA 866 -93.78 -96.25 95.19
C THR EA 866 -94.34 -97.37 94.33
N VAL EA 867 -94.01 -98.63 94.63
CA VAL EA 867 -94.61 -99.73 93.90
C VAL EA 867 -96.05 -99.99 94.36
N THR EA 868 -96.41 -99.55 95.57
CA THR EA 868 -97.76 -99.75 96.05
C THR EA 868 -98.74 -98.79 95.37
N ASN EA 869 -98.28 -97.58 95.06
CA ASN EA 869 -99.11 -96.56 94.41
C ASN EA 869 -98.31 -96.01 93.24
N MET EA 870 -98.64 -96.46 92.03
CA MET EA 870 -97.88 -96.11 90.84
C MET EA 870 -98.50 -94.89 90.15
N ALA EA 871 -97.94 -94.53 89.00
CA ALA EA 871 -98.47 -93.46 88.17
C ALA EA 871 -98.35 -93.89 86.72
N GLU EA 872 -99.47 -93.90 86.00
CA GLU EA 872 -99.49 -94.47 84.66
C GLU EA 872 -98.85 -93.55 83.63
N ARG EA 873 -99.43 -92.36 83.44
CA ARG EA 873 -98.98 -91.48 82.38
C ARG EA 873 -99.46 -90.07 82.69
N THR EA 874 -98.86 -89.11 81.98
CA THR EA 874 -99.39 -87.76 81.95
C THR EA 874 -100.39 -87.64 80.81
N THR EA 875 -101.27 -86.64 80.91
CA THR EA 875 -102.34 -86.51 79.94
C THR EA 875 -102.82 -85.07 79.89
N PRO EA 876 -103.27 -84.59 78.74
CA PRO EA 876 -103.85 -83.26 78.65
C PRO EA 876 -105.32 -83.26 78.99
N LEU EA 877 -105.82 -82.06 79.31
CA LEU EA 877 -107.23 -81.83 79.57
C LEU EA 877 -107.71 -80.65 78.73
N LEU EA 878 -109.02 -80.48 78.67
CA LEU EA 878 -109.59 -79.35 77.93
C LEU EA 878 -110.93 -79.00 78.58
N ALA EA 879 -110.91 -77.97 79.43
CA ALA EA 879 -112.14 -77.48 80.03
C ALA EA 879 -112.91 -76.63 79.02
N SER EA 880 -114.23 -76.60 79.18
CA SER EA 880 -115.08 -75.85 78.26
C SER EA 880 -116.29 -75.35 79.05
N VAL EA 881 -116.23 -74.10 79.49
CA VAL EA 881 -117.26 -73.50 80.32
C VAL EA 881 -117.89 -72.35 79.57
N ALA EA 882 -119.20 -72.21 79.69
CA ALA EA 882 -119.90 -71.06 79.18
C ALA EA 882 -119.68 -69.87 80.12
N PRO EA 883 -119.87 -68.64 79.64
CA PRO EA 883 -119.69 -67.49 80.53
C PRO EA 883 -120.69 -67.51 81.67
N ASP EA 884 -120.30 -66.87 82.78
CA ASP EA 884 -121.06 -66.95 84.02
C ASP EA 884 -122.38 -66.21 83.89
N ALA EA 885 -123.13 -66.20 84.98
CA ALA EA 885 -124.39 -65.46 85.07
C ALA EA 885 -124.18 -63.96 85.12
N GLY EA 886 -122.95 -63.49 84.94
CA GLY EA 886 -122.68 -62.07 84.80
C GLY EA 886 -122.64 -61.63 83.35
N MET EA 887 -121.85 -62.31 82.54
CA MET EA 887 -121.86 -62.10 81.08
C MET EA 887 -122.73 -63.17 80.42
N ALA EA 888 -124.04 -62.99 80.54
CA ALA EA 888 -125.01 -63.97 80.09
C ALA EA 888 -126.17 -63.31 79.36
N THR EA 889 -125.87 -62.33 78.50
CA THR EA 889 -126.92 -61.74 77.69
C THR EA 889 -127.31 -62.70 76.57
N VAL EA 890 -128.33 -62.32 75.80
CA VAL EA 890 -128.82 -63.16 74.72
C VAL EA 890 -127.76 -63.38 73.65
N ALA EA 891 -126.76 -62.50 73.56
CA ALA EA 891 -125.68 -62.61 72.59
C ALA EA 891 -124.43 -63.25 73.18
N THR EA 892 -124.56 -63.99 74.28
CA THR EA 892 -123.43 -64.63 74.94
C THR EA 892 -123.66 -66.10 75.24
N ARG EA 893 -124.79 -66.66 74.80
CA ARG EA 893 -125.08 -68.07 75.08
C ARG EA 893 -124.06 -69.01 74.47
N ASP EA 894 -123.33 -68.58 73.44
CA ASP EA 894 -122.43 -69.45 72.71
C ASP EA 894 -120.95 -69.15 72.92
N MET EA 895 -120.59 -67.93 73.29
CA MET EA 895 -119.19 -67.52 73.34
C MET EA 895 -118.50 -68.16 74.55
N ARG EA 896 -118.37 -69.48 74.47
CA ARG EA 896 -117.78 -70.27 75.54
C ARG EA 896 -116.27 -70.35 75.38
N THR EA 897 -115.56 -70.29 76.50
CA THR EA 897 -114.11 -70.31 76.49
C THR EA 897 -113.60 -71.74 76.66
N HIS EA 898 -112.30 -71.92 76.39
CA HIS EA 898 -111.64 -73.20 76.57
C HIS EA 898 -110.23 -72.96 77.07
N ASP EA 899 -109.70 -73.96 77.77
CA ASP EA 899 -108.37 -73.85 78.33
C ASP EA 899 -107.90 -75.23 78.75
N GLY EA 900 -106.66 -75.56 78.43
CA GLY EA 900 -106.10 -76.85 78.74
C GLY EA 900 -105.54 -76.92 80.16
N SER EA 901 -104.98 -78.07 80.46
CA SER EA 901 -104.31 -78.35 81.72
C SER EA 901 -103.65 -79.72 81.60
N LEU EA 902 -102.75 -80.01 82.53
CA LEU EA 902 -102.02 -81.26 82.53
C LEU EA 902 -102.28 -82.00 83.83
N HIS EA 903 -102.53 -83.31 83.73
CA HIS EA 903 -102.71 -84.18 84.87
C HIS EA 903 -101.45 -85.02 85.06
N HIS EA 904 -100.98 -85.13 86.30
CA HIS EA 904 -99.71 -85.76 86.63
C HIS EA 904 -98.56 -85.18 85.81
N GLY EA 905 -98.69 -83.91 85.41
CA GLY EA 905 -97.65 -83.25 84.64
C GLY EA 905 -96.51 -82.79 85.52
N LEU EA 906 -95.91 -81.65 85.19
CA LEU EA 906 -94.77 -81.16 85.95
C LEU EA 906 -94.48 -79.73 85.54
N LEU EA 907 -94.00 -78.94 86.49
CA LEU EA 907 -93.55 -77.57 86.21
C LEU EA 907 -92.07 -77.48 86.57
N MET EA 908 -91.21 -77.51 85.56
CA MET EA 908 -89.79 -77.30 85.79
C MET EA 908 -89.47 -75.81 85.74
N MET EA 909 -88.37 -75.45 86.39
CA MET EA 909 -88.10 -74.07 86.79
C MET EA 909 -87.22 -73.33 85.78
N ALA EA 910 -86.01 -73.82 85.55
CA ALA EA 910 -85.06 -73.18 84.64
C ALA EA 910 -84.27 -74.26 83.93
N TYR EA 911 -84.32 -74.25 82.59
CA TYR EA 911 -83.69 -75.30 81.82
C TYR EA 911 -82.17 -75.20 81.88
N GLN EA 912 -81.51 -76.36 81.76
CA GLN EA 912 -80.06 -76.46 81.71
C GLN EA 912 -79.72 -77.19 80.41
N PRO EA 913 -79.73 -76.48 79.28
CA PRO EA 913 -79.44 -77.13 78.00
C PRO EA 913 -77.95 -77.41 77.81
N ASN EA 914 -77.12 -76.51 78.32
CA ASN EA 914 -75.68 -76.59 78.08
C ASN EA 914 -75.01 -77.72 78.84
N ASP EA 915 -75.71 -78.37 79.76
CA ASP EA 915 -75.18 -79.58 80.38
C ASP EA 915 -75.02 -80.67 79.33
N ALA EA 916 -74.11 -81.60 79.61
CA ALA EA 916 -73.83 -82.70 78.69
C ALA EA 916 -73.92 -84.08 79.32
N THR EA 917 -73.94 -84.19 80.65
CA THR EA 917 -74.01 -85.50 81.30
C THR EA 917 -75.40 -86.11 81.25
N LEU EA 918 -76.34 -85.52 80.51
CA LEU EA 918 -77.64 -86.10 80.26
C LEU EA 918 -78.09 -85.74 78.85
N LEU EA 919 -79.04 -86.51 78.34
CA LEU EA 919 -79.67 -86.20 77.06
C LEU EA 919 -80.57 -84.97 77.22
N GLU EA 920 -81.19 -84.56 76.12
CA GLU EA 920 -82.10 -83.43 76.19
C GLU EA 920 -83.44 -83.84 76.79
N GLY EA 921 -84.15 -84.75 76.11
CA GLY EA 921 -85.41 -85.27 76.61
C GLY EA 921 -85.25 -86.57 77.38
N ALA EA 922 -84.34 -86.58 78.36
CA ALA EA 922 -84.08 -87.81 79.10
C ALA EA 922 -85.31 -88.31 79.83
N PHE EA 923 -86.00 -87.41 80.52
CA PHE EA 923 -87.20 -87.81 81.27
C PHE EA 923 -88.41 -86.96 80.93
N PHE EA 924 -88.24 -85.67 80.67
CA PHE EA 924 -89.34 -84.75 80.50
C PHE EA 924 -89.36 -84.19 79.07
N TYR EA 925 -90.56 -83.95 78.56
CA TYR EA 925 -90.74 -83.26 77.30
C TYR EA 925 -91.67 -82.07 77.50
N PRO EA 926 -91.41 -80.94 76.84
CA PRO EA 926 -92.21 -79.74 77.08
C PRO EA 926 -93.56 -79.80 76.40
N ALA EA 927 -94.56 -79.28 77.09
CA ALA EA 927 -95.93 -79.14 76.60
C ALA EA 927 -96.61 -78.03 77.38
N PRO EA 928 -96.58 -76.80 76.88
CA PRO EA 928 -97.12 -75.66 77.65
C PRO EA 928 -98.65 -75.70 77.71
N VAL EA 929 -99.18 -74.90 78.63
CA VAL EA 929 -100.61 -74.80 78.83
C VAL EA 929 -101.13 -73.40 78.56
N ASN EA 930 -100.46 -72.38 79.09
CA ASN EA 930 -100.85 -71.00 78.88
C ASN EA 930 -99.60 -70.19 78.58
N ALA EA 931 -99.81 -69.01 77.98
CA ALA EA 931 -98.70 -68.16 77.55
C ALA EA 931 -97.72 -67.87 78.70
N LEU EA 932 -98.20 -67.90 79.94
CA LEU EA 932 -97.30 -67.74 81.08
C LEU EA 932 -96.24 -68.84 81.10
N PHE EA 933 -96.68 -70.09 81.07
CA PHE EA 933 -95.75 -71.23 81.14
C PHE EA 933 -95.33 -71.71 79.75
N ALA EA 934 -94.87 -70.80 78.90
CA ALA EA 934 -94.37 -71.14 77.57
C ALA EA 934 -93.04 -70.43 77.36
N CYS EA 935 -91.96 -71.05 77.82
CA CYS EA 935 -90.62 -70.55 77.56
C CYS EA 935 -90.12 -71.10 76.23
N ALA EA 936 -89.02 -70.51 75.73
CA ALA EA 936 -88.47 -70.88 74.43
C ALA EA 936 -87.36 -71.92 74.54
N ASP EA 937 -86.32 -71.63 75.32
CA ASP EA 937 -85.19 -72.54 75.44
C ASP EA 937 -85.57 -73.90 76.02
N HIS EA 938 -86.74 -74.02 76.66
CA HIS EA 938 -87.18 -75.31 77.15
C HIS EA 938 -87.59 -76.26 76.02
N LEU EA 939 -87.85 -75.73 74.82
CA LEU EA 939 -88.18 -76.57 73.67
C LEU EA 939 -87.03 -77.46 73.23
N GLY EA 940 -85.82 -77.26 73.77
CA GLY EA 940 -84.70 -78.10 73.42
C GLY EA 940 -84.84 -79.55 73.85
N ALA EA 941 -85.76 -79.83 74.77
CA ALA EA 941 -85.92 -81.20 75.26
C ALA EA 941 -86.50 -82.14 74.20
N MET EA 942 -87.21 -81.60 73.21
CA MET EA 942 -87.71 -82.44 72.13
C MET EA 942 -86.57 -82.96 71.27
N ARG EA 943 -86.83 -84.07 70.58
CA ARG EA 943 -85.85 -84.68 69.70
C ARG EA 943 -86.00 -84.17 68.28
N ASP EA 944 -84.86 -83.96 67.61
CA ASP EA 944 -84.80 -83.67 66.18
C ASP EA 944 -85.72 -82.50 65.81
N VAL EA 945 -85.42 -81.34 66.38
CA VAL EA 945 -86.18 -80.12 66.14
C VAL EA 945 -85.21 -79.07 65.63
N GLY EA 946 -85.25 -78.80 64.33
CA GLY EA 946 -84.38 -77.81 63.75
C GLY EA 946 -84.82 -76.39 64.06
N ALA EA 947 -83.88 -75.46 63.92
CA ALA EA 947 -84.13 -74.06 64.24
C ALA EA 947 -85.20 -73.42 63.37
N GLU EA 948 -85.62 -74.07 62.28
CA GLU EA 948 -86.68 -73.53 61.44
C GLU EA 948 -87.96 -73.26 62.22
N VAL EA 949 -88.14 -73.90 63.37
CA VAL EA 949 -89.22 -73.57 64.27
C VAL EA 949 -88.72 -72.95 65.57
N ARG EA 950 -87.48 -73.23 65.98
CA ARG EA 950 -86.93 -72.61 67.19
C ARG EA 950 -86.82 -71.10 67.03
N ALA EA 951 -86.63 -70.62 65.80
CA ALA EA 951 -86.64 -69.18 65.57
C ALA EA 951 -88.04 -68.60 65.67
N ALA EA 952 -89.08 -69.43 65.51
CA ALA EA 952 -90.46 -69.01 65.67
C ALA EA 952 -90.98 -69.21 67.09
N ALA EA 953 -90.09 -69.17 68.09
CA ALA EA 953 -90.49 -69.34 69.47
C ALA EA 953 -89.90 -68.30 70.42
N GLN EA 954 -88.87 -67.56 70.00
CA GLN EA 954 -88.33 -66.51 70.83
C GLN EA 954 -89.25 -65.30 70.92
N HIS EA 955 -90.32 -65.26 70.16
CA HIS EA 955 -91.27 -64.15 70.16
C HIS EA 955 -92.67 -64.56 70.57
N VAL EA 956 -93.19 -65.66 70.04
CA VAL EA 956 -94.58 -66.05 70.27
C VAL EA 956 -94.62 -67.17 71.31
N PRO EA 957 -95.71 -67.32 72.05
CA PRO EA 957 -95.86 -68.49 72.92
C PRO EA 957 -96.15 -69.74 72.11
N CYS EA 958 -95.92 -70.89 72.74
CA CYS EA 958 -95.87 -72.17 72.04
C CYS EA 958 -97.00 -73.12 72.47
N VAL EA 959 -98.13 -72.58 72.90
CA VAL EA 959 -99.25 -73.45 73.27
C VAL EA 959 -99.76 -74.17 72.03
N PRO EA 960 -99.87 -75.50 72.04
CA PRO EA 960 -100.38 -76.20 70.86
C PRO EA 960 -101.87 -75.94 70.68
N HIS EA 961 -102.35 -76.19 69.47
CA HIS EA 961 -103.71 -75.83 69.10
C HIS EA 961 -104.73 -76.90 69.49
N PHE EA 962 -104.39 -77.75 70.46
CA PHE EA 962 -105.36 -78.61 71.12
C PHE EA 962 -105.41 -78.36 72.62
N LEU EA 963 -104.69 -77.34 73.10
CA LEU EA 963 -104.70 -76.96 74.51
C LEU EA 963 -105.22 -75.54 74.71
N GLY EA 964 -105.83 -74.96 73.69
CA GLY EA 964 -106.39 -73.62 73.79
C GLY EA 964 -105.45 -72.54 73.30
N ALA EA 965 -105.86 -71.82 72.26
CA ALA EA 965 -105.06 -70.71 71.75
C ALA EA 965 -105.27 -69.50 72.67
N ASN EA 966 -104.77 -68.34 72.25
CA ASN EA 966 -104.74 -67.16 73.10
C ASN EA 966 -105.90 -66.20 72.80
N TYR EA 967 -106.99 -66.73 72.28
CA TYR EA 967 -108.22 -65.96 72.11
C TYR EA 967 -109.35 -66.62 72.88
N TYR EA 968 -109.38 -67.95 72.88
CA TYR EA 968 -110.39 -68.71 73.61
C TYR EA 968 -109.96 -69.02 75.03
N ALA EA 969 -108.74 -68.66 75.42
CA ALA EA 969 -108.27 -68.89 76.77
C ALA EA 969 -108.79 -67.81 77.71
N THR EA 970 -108.73 -68.10 79.01
CA THR EA 970 -109.23 -67.18 80.03
C THR EA 970 -108.14 -66.28 80.60
N VAL EA 971 -106.89 -66.50 80.26
CA VAL EA 971 -105.77 -65.65 80.67
C VAL EA 971 -104.99 -65.34 79.41
N ARG EA 972 -105.27 -64.20 78.79
CA ARG EA 972 -104.72 -63.88 77.49
C ARG EA 972 -103.25 -63.48 77.60
N GLN EA 973 -102.66 -63.16 76.46
CA GLN EA 973 -101.25 -62.76 76.41
C GLN EA 973 -100.92 -61.56 77.29
N PRO EA 974 -101.65 -60.42 77.23
CA PRO EA 974 -101.20 -59.22 77.96
C PRO EA 974 -100.81 -59.44 79.42
N VAL EA 975 -101.48 -60.35 80.12
CA VAL EA 975 -101.10 -60.59 81.52
C VAL EA 975 -99.72 -61.23 81.60
N ALA EA 976 -99.47 -62.24 80.75
CA ALA EA 976 -98.17 -62.90 80.75
C ALA EA 976 -97.06 -61.92 80.38
N GLN EA 977 -97.22 -61.21 79.27
CA GLN EA 977 -96.21 -60.24 78.85
C GLN EA 977 -95.98 -59.19 79.91
N HIS EA 978 -97.07 -58.66 80.48
CA HIS EA 978 -96.96 -57.68 81.55
C HIS EA 978 -96.12 -58.20 82.70
N ALA EA 979 -96.52 -59.34 83.26
CA ALA EA 979 -95.74 -59.95 84.34
C ALA EA 979 -94.34 -60.34 83.92
N ALA EA 980 -94.03 -60.34 82.61
CA ALA EA 980 -92.70 -60.69 82.14
C ALA EA 980 -91.78 -59.51 81.93
N GLN EA 981 -92.29 -58.28 81.93
CA GLN EA 981 -91.46 -57.11 81.67
C GLN EA 981 -91.77 -55.98 82.65
N SER EA 982 -91.92 -56.32 83.93
CA SER EA 982 -92.26 -55.36 84.97
C SER EA 982 -91.17 -55.37 86.05
N ARG EA 983 -90.15 -54.53 85.89
CA ARG EA 983 -89.06 -54.44 86.85
C ARG EA 983 -89.58 -53.66 88.06
N ALA EA 984 -90.35 -54.36 88.89
CA ALA EA 984 -91.22 -53.68 89.86
C ALA EA 984 -91.23 -54.38 91.22
N ASP EA 985 -90.06 -54.70 91.76
CA ASP EA 985 -89.94 -55.05 93.19
C ASP EA 985 -90.82 -56.27 93.53
N GLU EA 986 -90.32 -57.44 93.13
CA GLU EA 986 -91.10 -58.66 92.96
C GLU EA 986 -92.07 -58.97 94.09
N ASN EA 987 -91.95 -58.28 95.22
CA ASN EA 987 -92.98 -58.37 96.25
C ASN EA 987 -94.32 -57.85 95.74
N THR EA 988 -94.33 -56.62 95.23
CA THR EA 988 -95.58 -55.96 94.86
C THR EA 988 -96.18 -56.50 93.57
N LEU EA 989 -95.37 -57.17 92.74
CA LEU EA 989 -95.88 -57.73 91.50
C LEU EA 989 -96.94 -58.79 91.76
N SER EA 990 -96.82 -59.52 92.87
CA SER EA 990 -97.84 -60.50 93.22
C SER EA 990 -99.19 -59.84 93.44
N TYR EA 991 -99.21 -58.75 94.21
CA TYR EA 991 -100.44 -58.02 94.44
C TYR EA 991 -100.98 -57.41 93.15
N ALA EA 992 -100.07 -56.92 92.30
CA ALA EA 992 -100.51 -56.38 91.00
C ALA EA 992 -101.24 -57.43 90.19
N LEU EA 993 -100.63 -58.61 90.03
CA LEU EA 993 -101.28 -59.68 89.28
C LEU EA 993 -102.57 -60.14 89.95
N MET EA 994 -102.58 -60.22 91.28
CA MET EA 994 -103.79 -60.68 91.98
C MET EA 994 -104.93 -59.71 91.79
N ALA EA 995 -104.65 -58.41 91.80
CA ALA EA 995 -105.68 -57.42 91.52
C ALA EA 995 -106.12 -57.46 90.07
N GLY EA 996 -105.19 -57.74 89.16
CA GLY EA 996 -105.54 -57.76 87.74
C GLY EA 996 -106.24 -59.03 87.33
N TYR EA 997 -107.07 -59.57 88.23
CA TYR EA 997 -107.83 -60.79 87.97
C TYR EA 997 -109.29 -60.66 88.37
N PHE EA 998 -109.79 -59.44 88.49
CA PHE EA 998 -111.18 -59.19 88.87
C PHE EA 998 -112.05 -59.23 87.62
N LYS EA 999 -113.13 -60.00 87.67
CA LYS EA 999 -114.01 -60.16 86.53
C LYS EA 999 -114.55 -58.81 86.07
N MET EA 1000 -114.76 -58.70 84.76
CA MET EA 1000 -115.29 -57.47 84.15
C MET EA 1000 -116.74 -57.73 83.80
N SER EA 1001 -117.65 -57.25 84.65
CA SER EA 1001 -119.06 -57.56 84.53
C SER EA 1001 -119.86 -56.51 85.28
N PRO EA 1002 -121.13 -56.35 84.96
CA PRO EA 1002 -121.99 -55.50 85.81
C PRO EA 1002 -122.09 -56.02 87.24
N VAL EA 1003 -122.34 -57.32 87.41
CA VAL EA 1003 -122.51 -57.92 88.72
C VAL EA 1003 -121.22 -57.95 89.53
N ALA EA 1004 -120.07 -57.69 88.90
CA ALA EA 1004 -118.83 -57.46 89.64
C ALA EA 1004 -118.50 -55.99 89.78
N PHE EA 1005 -118.87 -55.16 88.80
CA PHE EA 1005 -118.71 -53.72 88.95
C PHE EA 1005 -119.52 -53.20 90.14
N THR EA 1006 -120.67 -53.81 90.42
CA THR EA 1006 -121.46 -53.42 91.58
C THR EA 1006 -120.77 -53.76 92.90
N HIS EA 1007 -119.58 -54.34 92.86
CA HIS EA 1007 -118.71 -54.48 94.02
C HIS EA 1007 -117.44 -53.64 93.89
N GLN EA 1008 -116.82 -53.67 92.71
CA GLN EA 1008 -115.60 -52.91 92.45
C GLN EA 1008 -115.85 -51.41 92.65
N LEU EA 1009 -116.79 -50.85 91.87
CA LEU EA 1009 -117.06 -49.42 91.94
C LEU EA 1009 -117.47 -48.98 93.33
N ARG EA 1010 -117.90 -49.91 94.18
CA ARG EA 1010 -118.31 -49.56 95.54
C ARG EA 1010 -117.13 -49.56 96.50
N ARG EA 1011 -116.32 -50.62 96.49
CA ARG EA 1011 -115.34 -50.86 97.54
C ARG EA 1011 -113.99 -50.19 97.30
N GLN EA 1012 -113.97 -49.08 96.57
CA GLN EA 1012 -112.77 -48.26 96.37
C GLN EA 1012 -111.65 -49.06 95.69
N LEU EA 1013 -111.95 -49.52 94.49
CA LEU EA 1013 -110.97 -50.10 93.59
C LEU EA 1013 -111.11 -49.43 92.23
N HIS EA 1014 -109.98 -49.13 91.60
CA HIS EA 1014 -110.00 -48.43 90.33
C HIS EA 1014 -109.82 -49.42 89.19
N PRO EA 1015 -110.85 -49.68 88.39
CA PRO EA 1015 -110.69 -50.60 87.26
C PRO EA 1015 -109.83 -49.98 86.16
N GLY EA 1016 -109.65 -50.71 85.06
CA GLY EA 1016 -108.74 -50.26 84.02
C GLY EA 1016 -109.32 -49.30 83.02
N PHE EA 1017 -110.18 -48.39 83.48
CA PHE EA 1017 -110.78 -47.37 82.63
C PHE EA 1017 -110.39 -45.99 83.12
N ALA EA 1018 -110.94 -44.98 82.46
CA ALA EA 1018 -110.87 -43.59 82.94
C ALA EA 1018 -112.10 -42.88 82.39
N LEU EA 1019 -113.14 -42.79 83.21
CA LEU EA 1019 -114.41 -42.27 82.72
C LEU EA 1019 -114.31 -40.78 82.41
N THR EA 1020 -115.19 -40.34 81.49
CA THR EA 1020 -115.20 -38.96 81.01
C THR EA 1020 -116.56 -38.36 81.35
N VAL EA 1021 -116.58 -37.49 82.36
CA VAL EA 1021 -117.82 -36.87 82.80
C VAL EA 1021 -118.17 -35.73 81.85
N VAL EA 1022 -119.45 -35.62 81.52
CA VAL EA 1022 -119.94 -34.58 80.61
C VAL EA 1022 -121.28 -34.09 81.14
N ARG EA 1023 -121.49 -32.78 81.07
CA ARG EA 1023 -122.74 -32.17 81.51
C ARG EA 1023 -122.87 -30.82 80.82
N GLN EA 1024 -124.06 -30.22 80.94
CA GLN EA 1024 -124.40 -29.00 80.21
C GLN EA 1024 -125.22 -28.10 81.11
N ASP EA 1025 -124.82 -26.82 81.18
CA ASP EA 1025 -125.47 -25.85 82.04
C ASP EA 1025 -125.97 -24.68 81.21
N ARG EA 1026 -126.89 -23.91 81.80
CA ARG EA 1026 -127.51 -22.77 81.15
C ARG EA 1026 -127.39 -21.54 82.04
N PHE EA 1027 -126.99 -20.41 81.46
CA PHE EA 1027 -126.78 -19.17 82.18
C PHE EA 1027 -127.67 -18.09 81.59
N ALA EA 1028 -128.49 -17.47 82.42
CA ALA EA 1028 -129.36 -16.38 81.98
C ALA EA 1028 -128.53 -15.10 81.89
N THR EA 1029 -128.56 -14.47 80.72
CA THR EA 1029 -127.72 -13.31 80.46
C THR EA 1029 -128.52 -12.22 79.78
N GLU EA 1030 -128.00 -11.00 79.87
CA GLU EA 1030 -128.60 -9.84 79.23
C GLU EA 1030 -128.02 -9.63 77.85
N ASN EA 1031 -128.79 -8.97 76.99
CA ASN EA 1031 -128.39 -8.75 75.61
C ASN EA 1031 -128.61 -7.29 75.24
N VAL EA 1032 -127.80 -6.81 74.30
CA VAL EA 1032 -127.91 -5.47 73.75
C VAL EA 1032 -128.11 -5.63 72.26
N LEU EA 1033 -129.36 -5.54 71.81
CA LEU EA 1033 -129.70 -5.75 70.41
C LEU EA 1033 -129.59 -4.43 69.63
N PHE EA 1034 -129.37 -4.56 68.33
CA PHE EA 1034 -129.28 -3.42 67.44
C PHE EA 1034 -129.92 -3.78 66.11
N ALA EA 1035 -130.50 -2.77 65.46
CA ALA EA 1035 -131.13 -2.94 64.16
C ALA EA 1035 -130.85 -1.70 63.33
N GLU EA 1036 -131.06 -1.83 62.02
CA GLU EA 1036 -130.77 -0.74 61.09
C GLU EA 1036 -131.99 0.17 60.93
N LYS EA 1037 -131.95 1.05 59.93
CA LYS EA 1037 -133.03 2.00 59.70
C LYS EA 1037 -134.32 1.30 59.26
N ALA EA 1038 -134.20 0.16 58.59
CA ALA EA 1038 -135.39 -0.58 58.17
C ALA EA 1038 -134.98 -2.05 57.99
N SER EA 1039 -135.32 -2.87 58.97
CA SER EA 1039 -134.91 -4.28 58.96
C SER EA 1039 -136.08 -5.23 58.77
N GLU EA 1040 -137.32 -4.74 58.75
CA GLU EA 1040 -138.47 -5.61 58.61
C GLU EA 1040 -139.53 -4.94 57.75
N SER EA 1041 -140.02 -5.67 56.75
CA SER EA 1041 -141.21 -5.27 56.00
C SER EA 1041 -142.41 -5.90 56.71
N TYR EA 1042 -143.09 -5.11 57.54
CA TYR EA 1042 -144.14 -5.61 58.42
C TYR EA 1042 -145.50 -5.35 57.77
N PHE EA 1043 -146.26 -6.42 57.56
CA PHE EA 1043 -147.56 -6.35 56.90
C PHE EA 1043 -148.63 -6.77 57.89
N MET EA 1044 -149.54 -5.85 58.20
CA MET EA 1044 -150.66 -6.12 59.11
C MET EA 1044 -151.91 -6.47 58.31
N GLY EA 1045 -152.93 -6.93 59.02
CA GLY EA 1045 -154.15 -7.35 58.37
C GLY EA 1045 -155.40 -6.73 58.96
N GLN EA 1046 -156.56 -7.32 58.70
CA GLN EA 1046 -157.83 -6.85 59.20
C GLN EA 1046 -158.27 -7.72 60.36
N MET EA 1047 -158.67 -7.08 61.46
CA MET EA 1047 -159.03 -7.82 62.66
C MET EA 1047 -160.31 -8.61 62.43
N GLN EA 1048 -160.42 -9.74 63.15
CA GLN EA 1048 -161.58 -10.60 63.05
C GLN EA 1048 -162.04 -11.00 64.44
N VAL EA 1049 -163.34 -11.25 64.58
CA VAL EA 1049 -163.95 -11.62 65.86
C VAL EA 1049 -164.59 -12.99 65.71
N ALA EA 1050 -164.57 -13.76 66.78
CA ALA EA 1050 -165.15 -15.10 66.79
C ALA EA 1050 -165.90 -15.31 68.09
N ARG EA 1051 -167.19 -15.65 67.98
CA ARG EA 1051 -168.04 -15.88 69.13
C ARG EA 1051 -168.12 -17.37 69.43
N THR EA 1052 -168.11 -17.71 70.71
CA THR EA 1052 -168.26 -19.10 71.16
C THR EA 1052 -168.60 -19.08 72.64
N GLU EA 1053 -169.62 -19.83 73.03
CA GLU EA 1053 -170.10 -19.85 74.40
C GLU EA 1053 -169.51 -21.03 75.16
N SER EA 1054 -168.93 -20.75 76.32
CA SER EA 1054 -168.43 -21.76 77.25
C SER EA 1054 -167.95 -21.07 78.52
N GLY EA 1055 -167.99 -21.77 79.65
CA GLY EA 1055 -167.59 -21.17 80.91
C GLY EA 1055 -168.38 -19.93 81.23
N GLY EA 1056 -169.67 -20.09 81.50
CA GLY EA 1056 -170.54 -18.93 81.65
C GLY EA 1056 -170.95 -18.37 80.30
N GLY EA 1057 -171.12 -17.05 80.26
CA GLY EA 1057 -171.49 -16.38 79.03
C GLY EA 1057 -170.46 -16.57 77.93
N LEU EA 1058 -170.87 -16.20 76.72
CA LEU EA 1058 -170.00 -16.34 75.56
C LEU EA 1058 -168.74 -15.49 75.73
N HIS EA 1059 -167.63 -15.98 75.18
CA HIS EA 1059 -166.34 -15.30 75.30
C HIS EA 1059 -165.76 -15.07 73.91
N LEU EA 1060 -165.58 -13.79 73.57
CA LEU EA 1060 -165.00 -13.43 72.29
C LEU EA 1060 -163.53 -13.83 72.24
N GLN EA 1061 -163.02 -14.03 71.04
CA GLN EA 1061 -161.61 -14.38 70.81
C GLN EA 1061 -161.16 -13.56 69.60
N LEU EA 1062 -160.60 -12.38 69.84
CA LEU EA 1062 -160.13 -11.55 68.76
C LEU EA 1062 -158.92 -12.19 68.09
N THR EA 1063 -158.68 -11.79 66.84
CA THR EA 1063 -157.58 -12.33 66.06
C THR EA 1063 -157.23 -11.35 64.96
N GLN EA 1064 -155.98 -11.39 64.52
CA GLN EA 1064 -155.51 -10.50 63.47
C GLN EA 1064 -154.36 -11.15 62.71
N PRO EA 1065 -154.57 -11.55 61.46
CA PRO EA 1065 -153.48 -12.16 60.69
C PRO EA 1065 -152.50 -11.10 60.23
N ARG EA 1066 -151.21 -11.34 60.47
CA ARG EA 1066 -150.17 -10.41 60.08
C ARG EA 1066 -148.90 -11.20 59.79
N ALA EA 1067 -148.07 -10.63 58.92
CA ALA EA 1067 -146.87 -11.32 58.45
C ALA EA 1067 -145.81 -10.30 58.11
N ASN EA 1068 -144.56 -10.76 58.06
CA ASN EA 1068 -143.42 -9.87 57.85
C ASN EA 1068 -142.38 -10.55 56.97
N VAL EA 1069 -141.29 -9.84 56.71
CA VAL EA 1069 -140.16 -10.39 55.96
C VAL EA 1069 -138.97 -9.45 56.15
N ASP EA 1070 -137.78 -10.03 56.21
CA ASP EA 1070 -136.56 -9.25 56.12
C ASP EA 1070 -136.47 -8.59 54.74
N LEU EA 1071 -135.85 -7.41 54.71
CA LEU EA 1071 -135.70 -6.71 53.43
C LEU EA 1071 -134.32 -6.08 53.29
N GLY EA 1072 -133.30 -6.70 53.90
CA GLY EA 1072 -131.95 -6.24 53.76
C GLY EA 1072 -130.98 -7.35 53.43
N VAL EA 1073 -130.28 -7.23 52.29
CA VAL EA 1073 -129.33 -8.26 51.88
C VAL EA 1073 -128.21 -8.35 52.91
N GLY EA 1074 -127.88 -9.57 53.31
CA GLY EA 1074 -126.93 -9.75 54.39
C GLY EA 1074 -127.59 -9.58 55.74
N PHE EA 1075 -126.75 -9.37 56.75
CA PHE EA 1075 -127.23 -9.23 58.12
C PHE EA 1075 -127.60 -7.80 58.42
N THR EA 1076 -128.72 -7.61 59.13
CA THR EA 1076 -129.23 -6.29 59.46
C THR EA 1076 -129.54 -6.15 60.95
N ALA EA 1077 -128.92 -6.97 61.80
CA ALA EA 1077 -129.17 -6.92 63.25
C ALA EA 1077 -128.10 -7.75 63.94
N ALA EA 1078 -127.84 -7.41 65.20
CA ALA EA 1078 -126.86 -8.13 66.00
C ALA EA 1078 -127.05 -7.79 67.46
N TYR EA 1079 -126.74 -8.75 68.33
CA TYR EA 1079 -126.76 -8.54 69.77
C TYR EA 1079 -125.38 -8.87 70.35
N ALA EA 1080 -125.20 -8.54 71.63
CA ALA EA 1080 -123.86 -8.56 72.20
C ALA EA 1080 -123.74 -9.48 73.41
N ALA EA 1081 -124.81 -9.61 74.20
CA ALA EA 1081 -124.82 -10.44 75.41
C ALA EA 1081 -123.75 -9.96 76.40
N ALA EA 1082 -123.96 -8.74 76.89
CA ALA EA 1082 -122.95 -8.08 77.71
C ALA EA 1082 -122.90 -8.63 79.13
N ALA EA 1083 -123.99 -8.53 79.88
CA ALA EA 1083 -123.97 -8.80 81.31
C ALA EA 1083 -124.07 -10.31 81.56
N LEU EA 1084 -124.23 -10.69 82.83
CA LEU EA 1084 -124.44 -12.07 83.22
C LEU EA 1084 -125.16 -12.11 84.54
N ARG EA 1085 -126.28 -12.84 84.59
CA ARG EA 1085 -127.03 -13.06 85.80
C ARG EA 1085 -126.76 -14.46 86.33
N ALA EA 1086 -127.53 -14.87 87.35
CA ALA EA 1086 -127.27 -16.12 88.03
C ALA EA 1086 -127.39 -17.31 87.07
N PRO EA 1087 -126.57 -18.34 87.25
CA PRO EA 1087 -126.76 -19.58 86.49
C PRO EA 1087 -128.10 -20.22 86.82
N VAL EA 1088 -129.00 -20.28 85.84
CA VAL EA 1088 -130.37 -20.70 86.14
C VAL EA 1088 -130.41 -22.14 86.63
N THR EA 1089 -129.48 -22.97 86.19
CA THR EA 1089 -129.42 -24.37 86.59
C THR EA 1089 -128.28 -24.57 87.59
N ASP EA 1090 -128.37 -25.68 88.33
CA ASP EA 1090 -127.28 -26.09 89.18
C ASP EA 1090 -126.09 -26.52 88.33
N MET EA 1091 -124.91 -26.52 88.95
CA MET EA 1091 -123.71 -27.10 88.38
C MET EA 1091 -123.27 -28.33 89.17
N GLY EA 1092 -124.21 -29.05 89.74
CA GLY EA 1092 -123.94 -30.15 90.63
C GLY EA 1092 -123.76 -31.48 89.92
N ASN EA 1093 -124.14 -32.56 90.61
CA ASN EA 1093 -123.94 -33.91 90.14
C ASN EA 1093 -125.24 -34.69 90.19
N LEU EA 1094 -125.51 -35.44 89.12
CA LEU EA 1094 -126.67 -36.32 89.05
C LEU EA 1094 -126.42 -37.36 87.97
N PRO EA 1095 -125.76 -38.47 88.30
CA PRO EA 1095 -125.41 -39.46 87.28
C PRO EA 1095 -126.65 -40.04 86.61
N GLN EA 1096 -126.63 -40.09 85.28
CA GLN EA 1096 -127.77 -40.60 84.54
C GLN EA 1096 -127.91 -42.09 84.78
N ASN EA 1097 -129.14 -42.53 85.02
CA ASN EA 1097 -129.45 -43.93 85.30
C ASN EA 1097 -130.16 -44.50 84.08
N LEU EA 1098 -129.47 -45.37 83.34
CA LEU EA 1098 -129.97 -45.91 82.10
C LEU EA 1098 -131.00 -47.01 82.28
N PHE EA 1099 -131.40 -47.30 83.52
CA PHE EA 1099 -132.45 -48.30 83.73
C PHE EA 1099 -133.83 -47.81 83.34
N ALA EA 1100 -133.96 -46.55 82.90
CA ALA EA 1100 -135.22 -45.98 82.47
C ALA EA 1100 -135.37 -45.95 80.96
N THR EA 1101 -134.67 -46.83 80.25
CA THR EA 1101 -134.72 -46.86 78.79
C THR EA 1101 -134.69 -48.30 78.30
N ARG EA 1102 -135.15 -48.48 77.08
CA ARG EA 1102 -135.22 -49.78 76.43
C ARG EA 1102 -134.16 -49.87 75.33
N GLY EA 1103 -134.22 -50.96 74.57
CA GLY EA 1103 -133.25 -51.21 73.53
C GLY EA 1103 -132.06 -52.04 73.95
N ALA EA 1104 -131.96 -52.40 75.22
CA ALA EA 1104 -130.89 -53.26 75.70
C ALA EA 1104 -131.46 -54.62 76.08
N PRO EA 1105 -131.09 -55.68 75.37
CA PRO EA 1105 -131.58 -57.01 75.74
C PRO EA 1105 -131.10 -57.38 77.14
N PRO EA 1106 -132.01 -57.52 78.08
CA PRO EA 1106 -131.61 -57.70 79.48
C PRO EA 1106 -130.95 -59.07 79.70
N MET EA 1107 -130.28 -59.18 80.85
CA MET EA 1107 -129.67 -60.44 81.22
C MET EA 1107 -130.74 -61.49 81.46
N LEU EA 1108 -130.50 -62.70 80.95
CA LEU EA 1108 -131.59 -63.67 80.81
C LEU EA 1108 -132.11 -64.14 82.17
N ASP EA 1109 -131.25 -64.15 83.18
CA ASP EA 1109 -131.63 -64.65 84.50
C ASP EA 1109 -132.33 -63.53 85.27
N ALA EA 1110 -133.62 -63.74 85.58
CA ALA EA 1110 -134.39 -62.71 86.28
C ALA EA 1110 -133.78 -62.37 87.63
N ASP EA 1111 -133.16 -63.34 88.30
CA ASP EA 1111 -132.52 -63.05 89.58
C ASP EA 1111 -131.37 -62.05 89.40
N ALA EA 1112 -130.61 -62.21 88.32
CA ALA EA 1112 -129.46 -61.33 88.06
C ALA EA 1112 -129.91 -59.87 87.93
N ASP EA 1113 -130.78 -59.58 86.98
CA ASP EA 1113 -131.18 -58.19 86.79
C ASP EA 1113 -132.08 -57.70 87.93
N ASP EA 1114 -132.76 -58.60 88.64
CA ASP EA 1114 -133.44 -58.19 89.86
C ASP EA 1114 -132.47 -57.63 90.89
N TYR EA 1115 -131.37 -58.36 91.14
CA TYR EA 1115 -130.34 -57.84 92.04
C TYR EA 1115 -129.73 -56.55 91.50
N LEU EA 1116 -129.54 -56.48 90.18
CA LEU EA 1116 -128.99 -55.28 89.57
C LEU EA 1116 -129.88 -54.06 89.86
N ARG EA 1117 -131.18 -54.20 89.61
CA ARG EA 1117 -132.11 -53.12 89.91
C ARG EA 1117 -132.11 -52.79 91.40
N ARG EA 1118 -132.11 -53.83 92.25
CA ARG EA 1118 -132.22 -53.60 93.69
C ARG EA 1118 -131.00 -52.87 94.23
N THR EA 1119 -129.83 -53.05 93.62
CA THR EA 1119 -128.65 -52.36 94.10
C THR EA 1119 -128.47 -50.99 93.44
N VAL EA 1120 -128.61 -50.91 92.12
CA VAL EA 1120 -128.40 -49.64 91.43
C VAL EA 1120 -129.42 -48.60 91.87
N ASN EA 1121 -130.69 -48.98 91.93
CA ASN EA 1121 -131.76 -48.05 92.30
C ASN EA 1121 -131.88 -47.85 93.81
N ALA EA 1122 -130.99 -48.44 94.59
CA ALA EA 1122 -131.04 -48.27 96.05
C ALA EA 1122 -130.60 -46.86 96.40
N GLY EA 1123 -131.57 -45.99 96.69
CA GLY EA 1123 -131.27 -44.62 97.05
C GLY EA 1123 -130.58 -43.83 95.95
N ASN EA 1124 -130.95 -44.08 94.70
CA ASN EA 1124 -130.46 -43.31 93.57
C ASN EA 1124 -131.59 -42.44 93.06
N ARG EA 1125 -131.29 -41.17 92.80
CA ARG EA 1125 -132.32 -40.24 92.34
C ARG EA 1125 -132.88 -40.70 91.00
N LEU EA 1126 -134.18 -40.44 90.82
CA LEU EA 1126 -134.92 -40.43 89.56
C LEU EA 1126 -135.00 -41.75 88.82
N ALA EA 1127 -134.38 -42.82 89.32
CA ALA EA 1127 -134.08 -43.87 88.34
C ALA EA 1127 -135.32 -44.64 87.86
N PRO EA 1128 -135.96 -45.59 88.62
CA PRO EA 1128 -137.34 -45.95 88.27
C PRO EA 1128 -138.38 -45.40 89.23
N VAL EA 1129 -139.55 -45.01 88.73
CA VAL EA 1129 -140.76 -44.98 89.55
C VAL EA 1129 -141.89 -45.53 88.70
N PRO EA 1130 -142.37 -46.75 88.96
CA PRO EA 1130 -143.49 -47.28 88.17
C PRO EA 1130 -144.80 -46.58 88.48
N VAL EA 1131 -144.90 -45.32 88.08
CA VAL EA 1131 -146.11 -44.54 88.24
C VAL EA 1131 -147.10 -44.95 87.15
N PHE EA 1132 -148.39 -44.90 87.47
CA PHE EA 1132 -149.44 -45.23 86.51
C PHE EA 1132 -149.24 -44.49 85.20
N GLY EA 1133 -149.24 -45.24 84.10
CA GLY EA 1133 -149.28 -44.77 82.73
C GLY EA 1133 -148.08 -43.92 82.31
N GLN EA 1134 -147.09 -43.72 83.17
CA GLN EA 1134 -146.01 -42.84 82.74
C GLN EA 1134 -144.63 -43.44 82.88
N MET EA 1135 -144.37 -44.20 83.94
CA MET EA 1135 -143.02 -44.70 84.25
C MET EA 1135 -142.03 -43.54 84.31
N LEU EA 1136 -142.30 -42.58 85.19
CA LEU EA 1136 -141.57 -41.34 85.29
C LEU EA 1136 -141.01 -41.16 86.70
N PRO EA 1137 -139.83 -40.56 86.84
CA PRO EA 1137 -139.26 -40.37 88.19
C PRO EA 1137 -140.18 -39.56 89.09
N GLN EA 1138 -139.99 -39.74 90.40
CA GLN EA 1138 -140.88 -39.13 91.37
C GLN EA 1138 -140.43 -37.71 91.68
N VAL EA 1139 -141.40 -36.81 91.78
CA VAL EA 1139 -141.11 -35.38 91.95
C VAL EA 1139 -140.33 -35.17 93.24
N PRO EA 1140 -139.25 -34.38 93.23
CA PRO EA 1140 -138.47 -34.19 94.46
C PRO EA 1140 -139.20 -33.33 95.47
N ALA EA 1141 -139.03 -33.68 96.75
CA ALA EA 1141 -139.70 -32.99 97.85
C ALA EA 1141 -138.99 -31.66 98.10
N GLY EA 1142 -139.33 -30.67 97.28
CA GLY EA 1142 -138.74 -29.34 97.41
C GLY EA 1142 -137.33 -29.27 96.85
N LEU EA 1143 -136.98 -28.14 96.24
CA LEU EA 1143 -135.66 -27.95 95.66
C LEU EA 1143 -134.78 -27.10 96.55
N ALA EA 1144 -133.48 -27.19 96.33
CA ALA EA 1144 -132.48 -26.42 97.06
C ALA EA 1144 -131.93 -25.26 96.23
N ARG EA 1145 -131.58 -25.52 94.98
CA ARG EA 1145 -131.05 -24.51 94.07
C ARG EA 1145 -131.73 -24.70 92.72
N GLY EA 1146 -131.17 -24.07 91.69
CA GLY EA 1146 -131.72 -24.20 90.35
C GLY EA 1146 -131.83 -25.64 89.88
N GLN EA 1147 -132.55 -25.87 88.80
CA GLN EA 1147 -132.84 -27.24 88.36
C GLN EA 1147 -131.55 -28.03 88.21
N GLN EA 1148 -131.56 -29.24 88.73
CA GLN EA 1148 -130.35 -30.07 88.74
C GLN EA 1148 -130.05 -30.60 87.35
N SER EA 1149 -128.78 -30.57 86.98
CA SER EA 1149 -128.35 -31.03 85.67
C SER EA 1149 -128.04 -32.52 85.70
N VAL EA 1150 -127.71 -33.07 84.54
CA VAL EA 1150 -127.46 -34.49 84.38
C VAL EA 1150 -126.03 -34.69 83.88
N CYS EA 1151 -125.41 -35.78 84.32
CA CYS EA 1151 -124.05 -36.12 83.94
C CYS EA 1151 -124.01 -37.55 83.44
N GLU EA 1152 -123.17 -37.79 82.41
CA GLU EA 1152 -122.98 -39.12 81.85
C GLU EA 1152 -121.53 -39.55 82.03
N PHE EA 1153 -121.18 -40.69 81.43
CA PHE EA 1153 -119.85 -41.25 81.54
C PHE EA 1153 -119.52 -42.00 80.25
N ILE EA 1154 -118.26 -41.95 79.86
CA ILE EA 1154 -117.75 -42.66 78.69
C ILE EA 1154 -116.49 -43.42 79.09
N ALA EA 1155 -116.34 -44.63 78.59
CA ALA EA 1155 -115.10 -45.36 78.81
C ALA EA 1155 -113.97 -44.67 78.03
N THR EA 1156 -112.75 -44.84 78.54
CA THR EA 1156 -111.57 -44.21 77.96
C THR EA 1156 -110.34 -44.94 78.49
N PRO EA 1157 -109.37 -45.26 77.64
CA PRO EA 1157 -108.14 -45.90 78.14
C PRO EA 1157 -107.44 -45.03 79.17
N VAL EA 1158 -106.83 -45.70 80.15
CA VAL EA 1158 -106.18 -44.99 81.26
C VAL EA 1158 -105.05 -44.12 80.76
N SER EA 1159 -104.40 -44.52 79.66
CA SER EA 1159 -103.25 -43.79 79.13
C SER EA 1159 -103.64 -42.64 78.22
N VAL EA 1160 -104.88 -42.14 78.32
CA VAL EA 1160 -105.25 -40.96 77.57
C VAL EA 1160 -104.40 -39.78 78.03
N ASP EA 1161 -103.90 -39.00 77.08
CA ASP EA 1161 -103.01 -37.90 77.39
C ASP EA 1161 -103.77 -36.83 78.18
N LEU EA 1162 -103.35 -36.62 79.44
CA LEU EA 1162 -104.03 -35.65 80.28
C LEU EA 1162 -103.99 -34.25 79.68
N ALA EA 1163 -102.87 -33.89 79.07
CA ALA EA 1163 -102.74 -32.55 78.47
C ALA EA 1163 -103.74 -32.33 77.33
N TYR EA 1164 -104.42 -33.37 76.87
CA TYR EA 1164 -105.48 -33.20 75.90
C TYR EA 1164 -106.73 -32.58 76.51
N PHE EA 1165 -106.90 -32.70 77.82
CA PHE EA 1165 -108.08 -32.19 78.50
C PHE EA 1165 -107.85 -30.83 79.16
N ARG EA 1166 -106.73 -30.19 78.87
CA ARG EA 1166 -106.47 -28.85 79.40
C ARG EA 1166 -107.18 -27.79 78.55
N ARG EA 1167 -106.82 -27.71 77.27
CA ARG EA 1167 -107.49 -26.81 76.35
C ARG EA 1167 -108.89 -27.33 76.03
N ALA EA 1168 -109.67 -26.48 75.37
CA ALA EA 1168 -111.01 -26.91 74.94
C ALA EA 1168 -110.89 -28.12 74.02
N CYS EA 1169 -111.62 -29.17 74.35
CA CYS EA 1169 -111.49 -30.45 73.66
C CYS EA 1169 -112.86 -30.96 73.26
N ASN EA 1170 -112.86 -32.10 72.59
CA ASN EA 1170 -114.04 -32.85 72.20
C ASN EA 1170 -114.07 -34.17 72.96
N PRO EA 1171 -115.22 -34.56 73.52
CA PRO EA 1171 -115.27 -35.81 74.28
C PRO EA 1171 -114.99 -37.04 73.45
N ARG EA 1172 -115.46 -37.04 72.19
CA ARG EA 1172 -115.29 -38.21 71.34
C ARG EA 1172 -113.82 -38.47 71.02
N GLY EA 1173 -113.09 -37.42 70.65
CA GLY EA 1173 -111.69 -37.55 70.28
C GLY EA 1173 -111.45 -37.07 68.87
N ARG EA 1174 -112.39 -37.38 67.98
CA ARG EA 1174 -112.41 -36.85 66.63
C ARG EA 1174 -113.36 -35.65 66.61
N ALA EA 1175 -112.82 -34.48 66.28
CA ALA EA 1175 -113.55 -33.23 66.39
C ALA EA 1175 -114.40 -32.93 65.15
N ALA EA 1176 -114.80 -33.96 64.41
CA ALA EA 1176 -115.35 -33.82 63.07
C ALA EA 1176 -116.34 -32.66 62.93
N GLY EA 1177 -117.46 -32.75 63.63
CA GLY EA 1177 -118.51 -31.75 63.45
C GLY EA 1177 -118.85 -31.57 62.00
N GLU EA 1178 -119.09 -30.32 61.60
CA GLU EA 1178 -119.28 -30.00 60.19
C GLU EA 1178 -118.44 -28.79 59.78
N VAL EA 1179 -118.14 -27.93 60.75
CA VAL EA 1179 -117.52 -26.65 60.43
C VAL EA 1179 -116.13 -26.83 59.85
N HIS EA 1180 -115.34 -27.76 60.39
CA HIS EA 1180 -114.04 -28.09 59.84
C HIS EA 1180 -114.01 -29.57 59.54
N GLY EA 1181 -113.91 -29.91 58.25
CA GLY EA 1181 -114.01 -31.28 57.81
C GLY EA 1181 -115.16 -31.46 56.86
N GLU EA 1182 -115.02 -32.38 55.91
CA GLU EA 1182 -116.05 -32.64 54.92
C GLU EA 1182 -116.83 -33.88 55.32
N GLU EA 1183 -117.71 -34.34 54.43
CA GLU EA 1183 -118.53 -35.51 54.70
C GLU EA 1183 -117.66 -36.75 54.87
N GLY EA 1184 -118.22 -37.75 55.57
CA GLY EA 1184 -117.51 -38.99 55.79
C GLY EA 1184 -116.27 -38.89 56.65
N LEU EA 1185 -116.18 -37.86 57.49
CA LEU EA 1185 -115.01 -37.66 58.33
C LEU EA 1185 -115.20 -38.15 59.76
N MET EA 1186 -116.44 -38.16 60.26
CA MET EA 1186 -116.65 -38.44 61.68
C MET EA 1186 -116.29 -39.87 62.04
N PHE EA 1187 -116.43 -40.81 61.10
CA PHE EA 1187 -116.23 -42.22 61.39
C PHE EA 1187 -115.13 -42.87 60.57
N ASP EA 1188 -114.59 -42.18 59.56
CA ASP EA 1188 -113.43 -42.71 58.86
C ASP EA 1188 -112.24 -42.76 59.80
N HIS EA 1189 -111.36 -43.74 59.57
CA HIS EA 1189 -110.16 -43.84 60.38
C HIS EA 1189 -108.93 -44.20 59.54
N SER EA 1190 -108.92 -43.76 58.29
CA SER EA 1190 -107.71 -43.74 57.49
C SER EA 1190 -107.12 -42.35 57.37
N HIS EA 1191 -107.84 -41.32 57.83
CA HIS EA 1191 -107.40 -39.94 57.74
C HIS EA 1191 -107.14 -39.38 59.13
N ALA EA 1192 -106.20 -38.44 59.19
CA ALA EA 1192 -105.73 -37.93 60.47
C ALA EA 1192 -106.79 -37.08 61.17
N ASP EA 1193 -106.80 -37.16 62.48
CA ASP EA 1193 -107.59 -36.27 63.31
C ASP EA 1193 -107.21 -34.83 62.99
N PRO EA 1194 -108.16 -33.95 62.65
CA PRO EA 1194 -107.83 -32.54 62.48
C PRO EA 1194 -107.19 -31.89 63.70
N ALA EA 1195 -107.74 -32.07 64.90
CA ALA EA 1195 -107.28 -31.38 66.10
C ALA EA 1195 -105.85 -31.76 66.48
N HIS EA 1196 -105.58 -33.04 66.76
CA HIS EA 1196 -104.24 -33.53 67.10
C HIS EA 1196 -103.80 -34.51 66.03
N PRO EA 1197 -103.20 -34.00 64.95
CA PRO EA 1197 -102.99 -34.86 63.78
C PRO EA 1197 -101.92 -35.91 64.00
N HIS EA 1198 -101.17 -35.85 65.09
CA HIS EA 1198 -100.21 -36.91 65.36
C HIS EA 1198 -100.90 -38.28 65.33
N ARG EA 1199 -101.87 -38.46 66.21
CA ARG EA 1199 -102.62 -39.69 66.31
C ARG EA 1199 -103.65 -39.75 65.18
N ALA EA 1200 -104.52 -40.75 65.24
CA ALA EA 1200 -105.74 -40.76 64.48
C ALA EA 1200 -106.96 -40.40 65.31
N THR EA 1201 -106.93 -40.74 66.60
CA THR EA 1201 -107.98 -40.40 67.54
C THR EA 1201 -107.35 -40.26 68.92
N ALA EA 1202 -108.20 -40.18 69.95
CA ALA EA 1202 -107.70 -40.17 71.32
C ALA EA 1202 -108.54 -41.05 72.23
N ASN EA 1203 -109.45 -41.85 71.67
CA ASN EA 1203 -110.38 -42.67 72.43
C ASN EA 1203 -110.93 -43.77 71.53
N PRO EA 1204 -110.20 -44.87 71.35
CA PRO EA 1204 -110.67 -45.91 70.43
C PRO EA 1204 -112.02 -46.50 70.80
N TRP EA 1205 -112.41 -46.43 72.07
CA TRP EA 1205 -113.67 -47.01 72.51
C TRP EA 1205 -114.87 -46.12 72.23
N ALA EA 1206 -114.67 -44.94 71.61
CA ALA EA 1206 -115.79 -44.02 71.42
C ALA EA 1206 -115.79 -43.35 70.05
N SER EA 1207 -115.08 -43.88 69.06
CA SER EA 1207 -114.94 -43.17 67.79
C SER EA 1207 -115.56 -43.90 66.61
N GLN EA 1208 -115.21 -45.17 66.41
CA GLN EA 1208 -115.67 -45.89 65.22
C GLN EA 1208 -117.19 -46.04 65.23
N ARG EA 1209 -117.74 -46.31 64.06
CA ARG EA 1209 -119.15 -46.66 63.96
C ARG EA 1209 -119.40 -47.99 64.68
N HIS EA 1210 -120.52 -48.06 65.40
CA HIS EA 1210 -120.90 -49.23 66.18
C HIS EA 1210 -119.90 -49.51 67.31
N SER EA 1211 -119.17 -48.49 67.74
CA SER EA 1211 -118.32 -48.62 68.92
C SER EA 1211 -119.21 -48.77 70.15
N TYR EA 1212 -118.57 -48.98 71.31
CA TYR EA 1212 -119.32 -49.11 72.55
C TYR EA 1212 -120.08 -47.83 72.86
N ALA EA 1213 -119.37 -46.71 72.98
CA ALA EA 1213 -119.99 -45.44 73.32
C ALA EA 1213 -120.96 -44.96 72.25
N ASP EA 1214 -120.80 -45.40 71.01
CA ASP EA 1214 -121.70 -44.95 69.95
C ASP EA 1214 -123.09 -45.54 70.12
N ARG EA 1215 -123.18 -46.82 70.50
CA ARG EA 1215 -124.48 -47.45 70.69
C ARG EA 1215 -125.28 -46.81 71.81
N LEU EA 1216 -124.62 -46.21 72.79
CA LEU EA 1216 -125.31 -45.68 73.95
C LEU EA 1216 -125.74 -44.23 73.80
N TYR EA 1217 -125.19 -43.49 72.83
CA TYR EA 1217 -125.48 -42.06 72.78
C TYR EA 1217 -125.69 -41.55 71.35
N ASN EA 1218 -126.11 -42.42 70.44
CA ASN EA 1218 -126.38 -42.00 69.07
C ASN EA 1218 -127.87 -41.70 68.89
N GLY EA 1219 -128.21 -41.15 67.73
CA GLY EA 1219 -129.54 -40.65 67.50
C GLY EA 1219 -130.40 -41.45 66.55
N GLN EA 1220 -129.92 -42.63 66.14
CA GLN EA 1220 -130.71 -43.50 65.28
C GLN EA 1220 -130.61 -44.96 65.70
N TYR EA 1221 -130.27 -45.21 66.96
CA TYR EA 1221 -130.21 -46.56 67.49
C TYR EA 1221 -131.28 -46.84 68.54
N ASN EA 1222 -132.20 -45.89 68.76
CA ASN EA 1222 -133.30 -46.04 69.70
C ASN EA 1222 -132.80 -46.43 71.10
N MET EA 1223 -131.78 -45.71 71.56
CA MET EA 1223 -131.26 -45.88 72.91
C MET EA 1223 -131.53 -44.65 73.77
N SER EA 1224 -132.63 -43.95 73.50
CA SER EA 1224 -132.99 -42.75 74.21
C SER EA 1224 -133.84 -43.07 75.44
N GLY EA 1225 -133.71 -42.24 76.47
CA GLY EA 1225 -134.50 -42.38 77.66
C GLY EA 1225 -135.43 -41.21 77.85
N PRO EA 1226 -135.98 -41.06 79.06
CA PRO EA 1226 -136.80 -39.89 79.37
C PRO EA 1226 -136.01 -38.73 79.95
N ALA EA 1227 -134.72 -38.91 80.19
CA ALA EA 1227 -133.86 -37.87 80.74
C ALA EA 1227 -132.93 -37.35 79.66
N TYR EA 1228 -132.60 -36.06 79.75
CA TYR EA 1228 -131.73 -35.42 78.79
C TYR EA 1228 -130.35 -36.09 78.80
N SER EA 1229 -129.66 -35.99 77.67
CA SER EA 1229 -128.32 -36.54 77.50
C SER EA 1229 -127.42 -35.46 76.91
N PRO EA 1230 -126.66 -34.74 77.75
CA PRO EA 1230 -125.68 -33.76 77.26
C PRO EA 1230 -124.86 -34.19 76.06
N CYS EA 1231 -124.47 -35.46 75.99
CA CYS EA 1231 -123.60 -35.93 74.92
C CYS EA 1231 -124.36 -36.45 73.70
N PHE EA 1232 -125.57 -35.94 73.47
CA PHE EA 1232 -126.30 -36.26 72.24
C PHE EA 1232 -125.85 -35.40 71.06
N LYS EA 1233 -125.35 -34.19 71.32
CA LYS EA 1233 -124.92 -33.30 70.25
C LYS EA 1233 -123.62 -33.76 69.61
N PHE EA 1234 -122.85 -34.62 70.27
CA PHE EA 1234 -121.54 -35.02 69.77
C PHE EA 1234 -121.60 -36.33 68.99
N PHE EA 1235 -122.40 -37.29 69.45
CA PHE EA 1235 -122.44 -38.63 68.89
C PHE EA 1235 -123.53 -38.80 67.84
N THR EA 1236 -123.92 -37.74 67.16
CA THR EA 1236 -125.01 -37.83 66.20
C THR EA 1236 -124.62 -37.16 64.90
N PRO EA 1237 -124.80 -37.85 63.77
CA PRO EA 1237 -124.45 -37.28 62.46
C PRO EA 1237 -125.58 -36.54 61.75
N ALA EA 1238 -126.64 -36.15 62.46
CA ALA EA 1238 -127.76 -35.46 61.82
C ALA EA 1238 -127.31 -34.27 60.98
N GLU EA 1239 -126.20 -33.63 61.36
CA GLU EA 1239 -125.64 -32.57 60.54
C GLU EA 1239 -125.20 -33.09 59.18
N ALA EA 1240 -124.77 -34.35 59.10
CA ALA EA 1240 -124.48 -34.95 57.79
C ALA EA 1240 -125.77 -35.25 57.04
N VAL EA 1241 -126.82 -35.66 57.76
CA VAL EA 1241 -128.13 -35.78 57.15
C VAL EA 1241 -128.69 -34.41 56.81
N ALA EA 1242 -128.53 -33.45 57.71
CA ALA EA 1242 -128.93 -32.06 57.46
C ALA EA 1242 -127.73 -31.23 57.01
N LYS EA 1243 -127.17 -31.61 55.87
CA LYS EA 1243 -126.08 -30.86 55.29
C LYS EA 1243 -126.55 -29.46 54.89
N SER EA 1244 -125.65 -28.50 54.97
CA SER EA 1244 -125.97 -27.11 54.70
C SER EA 1244 -125.18 -26.61 53.49
N ARG EA 1245 -125.67 -25.51 52.92
CA ARG EA 1245 -125.07 -24.91 51.74
C ARG EA 1245 -124.64 -23.47 52.01
N GLY EA 1246 -124.13 -23.20 53.20
CA GLY EA 1246 -123.64 -21.89 53.55
C GLY EA 1246 -123.08 -21.80 54.95
N LEU EA 1247 -121.97 -21.08 55.11
CA LEU EA 1247 -121.44 -20.82 56.44
C LEU EA 1247 -122.29 -19.82 57.20
N ALA EA 1248 -122.77 -18.79 56.51
CA ALA EA 1248 -123.66 -17.82 57.14
C ALA EA 1248 -124.91 -18.49 57.67
N ARG EA 1249 -125.36 -19.57 57.04
CA ARG EA 1249 -126.49 -20.33 57.57
C ARG EA 1249 -126.14 -20.91 58.94
N LEU EA 1250 -124.94 -21.47 59.08
CA LEU EA 1250 -124.53 -22.00 60.38
C LEU EA 1250 -124.37 -20.88 61.41
N ILE EA 1251 -123.87 -19.72 60.99
CA ILE EA 1251 -123.68 -18.61 61.92
C ILE EA 1251 -125.02 -18.08 62.41
N ALA EA 1252 -126.00 -17.97 61.51
CA ALA EA 1252 -127.34 -17.53 61.89
C ALA EA 1252 -128.11 -18.59 62.65
N ASP EA 1253 -127.79 -19.88 62.45
CA ASP EA 1253 -128.45 -20.94 63.19
C ASP EA 1253 -127.99 -20.96 64.64
N THR EA 1254 -126.68 -20.93 64.86
CA THR EA 1254 -126.15 -20.80 66.21
C THR EA 1254 -126.53 -19.44 66.76
N GLY EA 1255 -127.27 -19.43 67.86
CA GLY EA 1255 -127.92 -18.24 68.36
C GLY EA 1255 -129.41 -18.22 68.14
N ALA EA 1256 -129.96 -19.22 67.45
CA ALA EA 1256 -131.40 -19.34 67.24
C ALA EA 1256 -131.88 -20.77 67.42
N ALA EA 1257 -131.12 -21.61 68.11
CA ALA EA 1257 -131.50 -23.01 68.28
C ALA EA 1257 -132.70 -23.12 69.22
N ALA EA 1258 -133.49 -24.18 69.00
CA ALA EA 1258 -134.63 -24.46 69.86
C ALA EA 1258 -134.16 -25.17 71.13
N SER EA 1259 -134.74 -24.79 72.25
CA SER EA 1259 -134.36 -25.35 73.55
C SER EA 1259 -134.67 -26.85 73.59
N PRO EA 1260 -133.66 -27.72 73.66
CA PRO EA 1260 -133.94 -29.16 73.68
C PRO EA 1260 -134.27 -29.70 75.06
N THR EA 1261 -134.00 -28.94 76.12
CA THR EA 1261 -134.21 -29.39 77.49
C THR EA 1261 -135.56 -28.91 78.01
N SER EA 1262 -135.96 -29.46 79.15
CA SER EA 1262 -137.21 -29.08 79.80
C SER EA 1262 -136.98 -27.83 80.65
N ASN EA 1263 -137.98 -27.45 81.44
CA ASN EA 1263 -137.83 -26.36 82.39
C ASN EA 1263 -138.49 -26.68 83.72
N GLY EA 1264 -138.54 -27.97 84.08
CA GLY EA 1264 -139.13 -28.38 85.34
C GLY EA 1264 -138.10 -28.51 86.43
N GLU EA 1265 -138.18 -29.59 87.21
CA GLU EA 1265 -137.23 -29.85 88.29
C GLU EA 1265 -136.14 -30.82 87.86
N TYR EA 1266 -136.07 -31.17 86.58
CA TYR EA 1266 -135.06 -32.06 86.05
C TYR EA 1266 -134.81 -31.70 84.59
N GLN EA 1267 -133.83 -32.36 83.99
CA GLN EA 1267 -133.49 -32.13 82.58
C GLN EA 1267 -134.17 -33.23 81.76
N PHE EA 1268 -135.39 -32.96 81.32
CA PHE EA 1268 -136.15 -33.88 80.49
C PHE EA 1268 -136.23 -33.36 79.07
N LYS EA 1269 -136.58 -34.25 78.15
CA LYS EA 1269 -136.84 -33.85 76.78
C LYS EA 1269 -138.21 -33.18 76.69
N ARG EA 1270 -138.43 -32.44 75.60
CA ARG EA 1270 -139.67 -31.72 75.42
C ARG EA 1270 -139.98 -31.64 73.93
N PRO EA 1271 -141.24 -31.76 73.54
CA PRO EA 1271 -141.60 -31.60 72.13
C PRO EA 1271 -141.22 -30.23 71.59
N VAL EA 1272 -141.11 -30.14 70.26
CA VAL EA 1272 -140.64 -28.93 69.62
C VAL EA 1272 -141.70 -27.83 69.61
N GLY EA 1273 -142.95 -28.16 69.89
CA GLY EA 1273 -144.04 -27.20 69.73
C GLY EA 1273 -143.86 -25.94 70.54
N ALA EA 1274 -143.23 -26.01 71.71
CA ALA EA 1274 -143.04 -24.84 72.54
C ALA EA 1274 -142.07 -23.85 71.90
N GLY EA 1275 -140.82 -24.28 71.72
CA GLY EA 1275 -139.82 -23.43 71.09
C GLY EA 1275 -139.24 -22.39 72.03
N GLU EA 1276 -137.92 -22.24 72.01
CA GLU EA 1276 -137.25 -21.24 72.82
C GLU EA 1276 -135.83 -21.06 72.29
N LEU EA 1277 -135.42 -19.81 72.13
CA LEU EA 1277 -134.13 -19.48 71.56
C LEU EA 1277 -133.08 -19.53 72.66
N VAL EA 1278 -132.15 -20.49 72.55
CA VAL EA 1278 -131.01 -20.59 73.46
C VAL EA 1278 -129.75 -20.68 72.62
N GLU EA 1279 -128.83 -19.75 72.84
CA GLU EA 1279 -127.61 -19.68 72.04
C GLU EA 1279 -126.60 -20.69 72.56
N ASP EA 1280 -125.87 -21.32 71.66
CA ASP EA 1280 -124.89 -22.31 72.06
C ASP EA 1280 -123.69 -22.32 71.12
N PRO EA 1281 -122.55 -21.81 71.57
CA PRO EA 1281 -121.34 -21.90 70.74
C PRO EA 1281 -120.85 -23.33 70.58
N CYS EA 1282 -121.14 -24.20 71.53
CA CYS EA 1282 -120.73 -25.59 71.45
C CYS EA 1282 -121.41 -26.33 70.30
N ALA EA 1283 -122.64 -25.94 69.94
CA ALA EA 1283 -123.33 -26.57 68.82
C ALA EA 1283 -122.83 -26.10 67.46
N LEU EA 1284 -121.81 -25.25 67.43
CA LEU EA 1284 -121.14 -24.87 66.19
C LEU EA 1284 -119.73 -25.43 66.09
N PHE EA 1285 -118.97 -25.43 67.19
CA PHE EA 1285 -117.62 -25.98 67.20
C PHE EA 1285 -117.58 -27.43 67.62
N GLN EA 1286 -118.69 -27.96 68.17
CA GLN EA 1286 -118.76 -29.31 68.73
C GLN EA 1286 -117.60 -29.56 69.69
N GLU EA 1287 -117.59 -28.77 70.76
CA GLU EA 1287 -116.50 -28.76 71.72
C GLU EA 1287 -117.06 -28.53 73.11
N ALA EA 1288 -116.19 -28.65 74.11
CA ALA EA 1288 -116.53 -28.40 75.51
C ALA EA 1288 -115.45 -27.54 76.14
N TYR EA 1289 -115.64 -27.23 77.42
CA TYR EA 1289 -114.69 -26.42 78.17
C TYR EA 1289 -114.51 -27.05 79.55
N PRO EA 1290 -113.27 -27.33 79.96
CA PRO EA 1290 -113.05 -27.89 81.29
C PRO EA 1290 -113.21 -26.83 82.36
N PRO EA 1291 -113.97 -27.12 83.41
CA PRO EA 1291 -114.13 -26.15 84.50
C PRO EA 1291 -113.03 -26.27 85.53
N LEU EA 1292 -113.05 -25.43 86.56
CA LEU EA 1292 -112.04 -25.50 87.60
C LEU EA 1292 -112.27 -26.74 88.45
N CYS EA 1293 -111.60 -27.83 88.11
CA CYS EA 1293 -111.70 -29.08 88.83
C CYS EA 1293 -110.32 -29.50 89.32
N ALA EA 1294 -110.27 -30.64 89.99
CA ALA EA 1294 -109.03 -31.15 90.54
C ALA EA 1294 -109.21 -32.63 90.85
N SER EA 1295 -108.13 -33.27 91.29
CA SER EA 1295 -108.15 -34.69 91.62
C SER EA 1295 -108.15 -34.96 93.12
N ASP EA 1296 -108.16 -33.90 93.93
CA ASP EA 1296 -108.21 -34.03 95.38
C ASP EA 1296 -108.48 -32.65 95.96
N SER EA 1297 -109.13 -32.65 97.13
CA SER EA 1297 -109.51 -31.38 97.76
C SER EA 1297 -108.29 -30.51 98.03
N ALA EA 1298 -107.17 -31.11 98.42
CA ALA EA 1298 -105.99 -30.35 98.82
C ALA EA 1298 -105.48 -29.43 97.72
N LEU EA 1299 -105.84 -29.68 96.46
CA LEU EA 1299 -105.41 -28.82 95.36
C LEU EA 1299 -106.30 -27.61 95.18
N LEU EA 1300 -107.43 -27.53 95.88
CA LEU EA 1300 -108.37 -26.43 95.74
C LEU EA 1300 -108.41 -25.64 97.04
N ARG EA 1301 -107.51 -24.66 97.15
CA ARG EA 1301 -107.43 -23.78 98.31
C ARG EA 1301 -107.24 -22.34 97.84
N THR EA 1302 -106.90 -21.43 98.75
CA THR EA 1302 -106.69 -20.05 98.36
C THR EA 1302 -105.37 -19.86 97.61
N PRO EA 1303 -104.23 -20.48 98.04
CA PRO EA 1303 -103.03 -20.37 97.20
C PRO EA 1303 -102.98 -21.48 96.15
N LEU EA 1304 -103.71 -21.26 95.04
CA LEU EA 1304 -103.87 -22.31 94.04
C LEU EA 1304 -102.53 -22.84 93.56
N GLY EA 1305 -101.74 -21.99 92.89
CA GLY EA 1305 -100.36 -22.29 92.61
C GLY EA 1305 -100.11 -23.56 91.82
N ALA EA 1306 -99.62 -24.59 92.52
CA ALA EA 1306 -99.21 -25.83 91.87
C ALA EA 1306 -100.35 -26.44 91.06
N GLU EA 1307 -100.13 -26.55 89.75
CA GLU EA 1307 -101.09 -27.13 88.83
C GLU EA 1307 -100.97 -28.65 88.71
N GLU EA 1308 -99.94 -29.25 89.32
CA GLU EA 1308 -99.70 -30.68 89.26
C GLU EA 1308 -98.77 -31.08 90.39
N HIS EA 1309 -99.10 -32.14 91.12
CA HIS EA 1309 -98.41 -32.42 92.38
C HIS EA 1309 -97.79 -33.81 92.40
N PHE EA 1310 -98.59 -34.84 92.12
CA PHE EA 1310 -98.17 -36.24 92.03
C PHE EA 1310 -99.14 -36.92 91.06
N ALA EA 1311 -99.39 -38.21 91.27
CA ALA EA 1311 -100.48 -38.89 90.57
C ALA EA 1311 -101.72 -38.02 90.47
N GLN EA 1312 -101.99 -37.18 91.48
CA GLN EA 1312 -103.11 -36.24 91.41
C GLN EA 1312 -102.82 -35.16 90.36
N TYR EA 1313 -103.81 -34.30 90.12
CA TYR EA 1313 -103.62 -33.26 89.12
C TYR EA 1313 -104.74 -32.23 89.27
N LEU EA 1314 -104.44 -31.00 88.85
CA LEU EA 1314 -105.42 -29.92 88.78
C LEU EA 1314 -105.60 -29.53 87.32
N ILE EA 1315 -106.77 -28.97 87.02
CA ILE EA 1315 -107.11 -28.51 85.67
C ILE EA 1315 -107.70 -27.13 85.80
N ARG EA 1316 -106.95 -26.11 85.37
CA ARG EA 1316 -107.42 -24.75 85.44
C ARG EA 1316 -108.66 -24.57 84.56
N ASP EA 1317 -109.36 -23.46 84.78
CA ASP EA 1317 -110.63 -23.20 84.10
C ASP EA 1317 -110.38 -22.35 82.86
N GLU EA 1318 -110.67 -22.92 81.69
CA GLU EA 1318 -110.58 -22.23 80.41
C GLU EA 1318 -111.97 -22.29 79.78
N SER EA 1319 -112.81 -21.33 80.12
CA SER EA 1319 -114.18 -21.28 79.64
C SER EA 1319 -114.56 -19.82 79.47
N PRO EA 1320 -115.64 -19.53 78.75
CA PRO EA 1320 -116.10 -18.14 78.63
C PRO EA 1320 -116.51 -17.53 79.97
N LEU EA 1321 -116.41 -18.31 81.04
CA LEU EA 1321 -116.78 -17.88 82.39
C LEU EA 1321 -115.56 -17.64 83.26
N LYS EA 1322 -114.50 -17.06 82.70
CA LYS EA 1322 -113.34 -16.69 83.50
C LYS EA 1322 -113.64 -15.58 84.49
N GLY EA 1323 -114.88 -15.10 84.56
CA GLY EA 1323 -115.28 -14.08 85.52
C GLY EA 1323 -116.78 -13.84 85.48
N ARG FA 3 -43.21 43.02 79.47
CA ARG FA 3 -43.16 43.93 78.35
C ARG FA 3 -44.57 44.22 77.85
N PRO FA 4 -45.34 44.96 78.64
CA PRO FA 4 -46.76 45.14 78.32
C PRO FA 4 -46.97 46.15 77.20
N ALA FA 5 -48.19 46.15 76.68
CA ALA FA 5 -48.63 47.21 75.80
C ALA FA 5 -49.05 48.41 76.63
N ILE FA 6 -49.44 49.48 75.94
CA ILE FA 6 -49.82 50.70 76.64
C ILE FA 6 -51.33 50.86 76.61
N LEU FA 7 -51.90 50.97 75.41
CA LEU FA 7 -53.33 51.10 75.26
C LEU FA 7 -53.91 49.76 74.77
N PRO FA 8 -54.90 49.21 75.46
CA PRO FA 8 -55.38 47.87 75.12
C PRO FA 8 -56.35 47.89 73.96
N SER FA 9 -56.79 46.68 73.59
CA SER FA 9 -57.75 46.50 72.49
C SER FA 9 -59.10 46.01 73.01
N GLY FA 10 -59.10 44.93 73.78
CA GLY FA 10 -60.34 44.37 74.29
C GLY FA 10 -60.38 44.22 75.80
N GLN FA 11 -61.41 44.77 76.42
CA GLN FA 11 -61.58 44.66 77.86
C GLN FA 11 -62.16 43.31 78.21
N ILE FA 12 -61.33 42.41 78.75
CA ILE FA 12 -61.81 41.09 79.17
C ILE FA 12 -62.70 41.27 80.39
N LEU FA 13 -63.85 40.61 80.39
CA LEU FA 13 -64.88 40.87 81.38
C LEU FA 13 -65.06 39.78 82.41
N SER FA 14 -64.78 38.52 82.07
CA SER FA 14 -65.01 37.41 82.98
C SER FA 14 -64.10 37.51 84.19
N ASN FA 15 -64.68 37.83 85.34
CA ASN FA 15 -63.93 37.82 86.59
C ASN FA 15 -63.66 36.38 86.99
N ILE FA 16 -62.47 35.87 86.65
CA ILE FA 16 -62.14 34.46 86.82
C ILE FA 16 -60.73 34.36 87.39
N GLU FA 17 -60.48 33.28 88.12
CA GLU FA 17 -59.14 33.00 88.62
C GLU FA 17 -58.24 32.62 87.45
N VAL FA 18 -56.99 33.09 87.50
CA VAL FA 18 -56.07 32.89 86.39
C VAL FA 18 -55.11 31.75 86.68
N HIS FA 19 -54.38 31.84 87.80
CA HIS FA 19 -53.26 30.95 88.04
C HIS FA 19 -53.71 29.49 88.13
N SER FA 20 -54.91 29.24 88.65
CA SER FA 20 -55.39 27.87 88.71
C SER FA 20 -55.47 27.23 87.33
N HIS FA 21 -55.71 28.04 86.30
CA HIS FA 21 -55.63 27.58 84.91
C HIS FA 21 -54.25 27.92 84.33
N ARG FA 22 -53.22 27.38 84.97
CA ARG FA 22 -51.84 27.67 84.58
C ARG FA 22 -51.56 27.31 83.12
N ALA FA 23 -51.62 26.02 82.80
CA ALA FA 23 -51.13 25.52 81.52
C ALA FA 23 -52.07 25.82 80.36
N LEU FA 24 -53.11 26.63 80.54
CA LEU FA 24 -54.04 26.88 79.44
C LEU FA 24 -53.39 27.69 78.33
N PHE FA 25 -52.29 28.38 78.61
CA PHE FA 25 -51.62 29.19 77.59
C PHE FA 25 -50.12 29.16 77.83
N ASP FA 26 -49.37 29.59 76.81
CA ASP FA 26 -47.96 29.29 76.68
C ASP FA 26 -47.07 29.92 77.76
N ILE FA 27 -46.96 31.25 77.80
CA ILE FA 27 -46.05 31.94 78.71
C ILE FA 27 -46.84 32.90 79.58
N PHE FA 28 -46.57 32.89 80.88
CA PHE FA 28 -47.16 33.85 81.80
C PHE FA 28 -46.32 33.91 83.06
N LYS FA 29 -46.06 35.12 83.54
CA LYS FA 29 -45.34 35.35 84.78
C LYS FA 29 -46.18 36.20 85.70
N ARG FA 30 -46.16 35.86 86.99
CA ARG FA 30 -46.93 36.59 87.99
C ARG FA 30 -46.01 37.13 89.07
N PHE FA 31 -46.40 38.26 89.65
CA PHE FA 31 -45.66 38.88 90.73
C PHE FA 31 -46.65 39.59 91.64
N ARG FA 32 -46.13 40.27 92.66
CA ARG FA 32 -46.99 40.97 93.60
C ARG FA 32 -47.13 42.45 93.25
N SER FA 33 -46.03 43.18 93.21
CA SER FA 33 -46.01 44.58 92.78
C SER FA 33 -44.56 45.03 92.72
N ASP FA 34 -44.32 46.11 91.98
CA ASP FA 34 -43.02 46.79 91.92
C ASP FA 34 -41.89 45.79 91.64
N ASP FA 35 -41.99 45.13 90.49
CA ASP FA 35 -40.97 44.15 90.11
C ASP FA 35 -39.65 44.81 89.74
N ASN FA 36 -39.67 46.11 89.43
CA ASN FA 36 -38.53 46.95 89.06
C ASN FA 36 -37.89 46.51 87.75
N ASN FA 37 -38.40 45.44 87.15
CA ASN FA 37 -38.04 45.06 85.79
C ASN FA 37 -39.01 45.69 84.79
N LEU FA 38 -40.31 45.58 85.07
CA LEU FA 38 -41.33 46.23 84.24
C LEU FA 38 -41.05 47.72 84.06
N TYR FA 39 -40.59 48.38 85.12
CA TYR FA 39 -40.21 49.78 85.03
C TYR FA 39 -38.77 49.95 84.53
N GLY FA 40 -38.45 49.28 83.43
CA GLY FA 40 -37.13 49.41 82.85
C GLY FA 40 -37.17 49.54 81.34
N ALA FA 41 -36.71 50.67 80.82
CA ALA FA 41 -36.64 50.87 79.38
C ALA FA 41 -35.41 50.15 78.82
N GLU FA 42 -35.61 49.46 77.71
CA GLU FA 42 -34.53 48.70 77.10
C GLU FA 42 -34.92 48.37 75.66
N PHE FA 43 -33.95 48.43 74.76
CA PHE FA 43 -34.18 48.15 73.35
C PHE FA 43 -32.83 47.95 72.68
N ASP FA 44 -32.88 47.46 71.43
CA ASP FA 44 -31.69 47.20 70.65
C ASP FA 44 -31.80 47.95 69.33
N ALA FA 45 -30.96 48.94 69.13
CA ALA FA 45 -31.01 49.80 67.97
C ALA FA 45 -29.83 49.51 67.05
N LEU FA 46 -30.05 49.76 65.76
CA LEU FA 46 -28.96 49.76 64.79
C LEU FA 46 -28.67 51.21 64.41
N LEU FA 47 -27.40 51.58 64.44
CA LEU FA 47 -27.03 52.99 64.43
C LEU FA 47 -26.79 53.55 63.04
N GLY FA 48 -26.36 52.70 62.10
CA GLY FA 48 -26.09 53.20 60.76
C GLY FA 48 -26.18 52.11 59.71
N THR FA 49 -26.60 52.53 58.51
CA THR FA 49 -26.57 51.69 57.33
C THR FA 49 -25.61 52.31 56.32
N TYR FA 50 -24.88 51.46 55.59
CA TYR FA 50 -23.84 51.97 54.71
C TYR FA 50 -23.82 51.14 53.44
N CYS FA 51 -23.84 51.84 52.31
CA CYS FA 51 -23.90 51.27 50.97
C CYS FA 51 -22.55 51.43 50.27
N SER FA 52 -22.52 51.09 48.99
CA SER FA 52 -21.31 51.22 48.18
C SER FA 52 -21.69 51.63 46.77
N THR FA 53 -20.85 52.47 46.17
CA THR FA 53 -21.03 52.87 44.78
C THR FA 53 -20.49 51.78 43.87
N LEU FA 54 -20.39 52.08 42.59
CA LEU FA 54 -19.83 51.15 41.60
C LEU FA 54 -18.95 51.95 40.67
N SER FA 55 -17.63 51.81 40.83
CA SER FA 55 -16.68 52.63 40.09
C SER FA 55 -16.76 52.26 38.61
N LEU FA 56 -17.40 53.13 37.84
CA LEU FA 56 -17.49 52.93 36.40
C LEU FA 56 -16.20 53.41 35.72
N VAL FA 57 -15.88 52.77 34.61
CA VAL FA 57 -14.66 53.07 33.86
C VAL FA 57 -14.94 52.86 32.39
N ARG FA 58 -14.50 53.80 31.56
CA ARG FA 58 -14.63 53.72 30.12
C ARG FA 58 -13.25 53.45 29.51
N PHE FA 59 -13.21 52.56 28.52
CA PHE FA 59 -11.93 52.09 28.00
C PHE FA 59 -11.18 53.16 27.24
N LEU FA 60 -11.89 54.10 26.61
CA LEU FA 60 -11.22 55.11 25.79
C LEU FA 60 -10.50 56.15 26.63
N GLU FA 61 -10.89 56.33 27.89
CA GLU FA 61 -10.17 57.26 28.76
C GLU FA 61 -8.77 56.77 29.08
N LEU FA 62 -8.61 55.45 29.25
CA LEU FA 62 -7.32 54.90 29.62
C LEU FA 62 -6.31 55.07 28.50
N GLY FA 63 -5.05 55.27 28.89
CA GLY FA 63 -3.99 55.45 27.92
C GLY FA 63 -3.67 54.22 27.09
N LEU FA 64 -4.13 53.05 27.51
CA LEU FA 64 -3.90 51.82 26.76
C LEU FA 64 -4.60 51.85 25.40
N SER FA 65 -5.54 52.76 25.20
CA SER FA 65 -6.27 52.81 23.92
C SER FA 65 -5.35 53.16 22.77
N VAL FA 66 -4.31 53.96 23.02
CA VAL FA 66 -3.44 54.46 21.96
C VAL FA 66 -2.52 53.34 21.47
N ALA FA 67 -2.69 52.15 22.03
CA ALA FA 67 -1.92 50.99 21.58
C ALA FA 67 -2.66 50.16 20.54
N CYS FA 68 -3.83 50.62 20.09
CA CYS FA 68 -4.63 49.86 19.14
C CYS FA 68 -5.71 50.75 18.58
N VAL FA 69 -6.17 50.43 17.36
CA VAL FA 69 -7.31 51.09 16.75
C VAL FA 69 -8.53 50.21 16.96
N CYS FA 70 -9.62 50.81 17.46
CA CYS FA 70 -10.84 50.08 17.76
C CYS FA 70 -11.96 50.57 16.84
N THR FA 71 -12.59 49.63 16.14
CA THR FA 71 -13.69 49.94 15.23
C THR FA 71 -14.76 48.88 15.37
N LYS FA 72 -16.00 49.31 15.57
CA LYS FA 72 -17.12 48.38 15.55
C LYS FA 72 -17.33 47.86 14.14
N PHE FA 73 -17.66 46.57 14.05
CA PHE FA 73 -17.89 45.89 12.77
C PHE FA 73 -19.10 44.99 12.95
N PRO FA 74 -20.31 45.57 12.93
CA PRO FA 74 -21.49 44.86 13.44
C PRO FA 74 -21.81 43.57 12.71
N GLU FA 75 -21.13 43.24 11.63
CA GLU FA 75 -21.38 42.01 10.88
C GLU FA 75 -20.22 41.02 11.00
N LEU FA 76 -19.42 41.12 12.05
CA LEU FA 76 -18.31 40.19 12.25
C LEU FA 76 -18.80 38.76 12.40
N SER FA 77 -20.00 38.57 12.93
CA SER FA 77 -20.55 37.24 13.18
C SER FA 77 -20.74 36.45 11.88
N TYR FA 78 -20.63 37.13 10.74
CA TYR FA 78 -20.83 36.48 9.45
C TYR FA 78 -19.55 36.19 8.70
N VAL FA 79 -18.49 36.95 8.91
CA VAL FA 79 -17.31 36.88 8.06
C VAL FA 79 -16.54 35.60 8.37
N ALA FA 80 -16.05 34.96 7.33
CA ALA FA 80 -15.08 33.87 7.50
C ALA FA 80 -13.72 34.52 7.78
N GLU FA 81 -12.65 33.74 7.67
CA GLU FA 81 -11.34 34.26 8.03
C GLU FA 81 -10.91 35.39 7.10
N GLY FA 82 -10.85 36.61 7.64
CA GLY FA 82 -10.44 37.77 6.89
C GLY FA 82 -8.94 37.94 6.88
N THR FA 83 -8.47 38.75 5.94
CA THR FA 83 -7.04 38.94 5.72
C THR FA 83 -6.74 40.42 5.52
N ILE FA 84 -5.45 40.74 5.44
CA ILE FA 84 -4.97 42.07 5.11
C ILE FA 84 -3.70 41.91 4.29
N GLN FA 85 -3.59 42.68 3.21
CA GLN FA 85 -2.50 42.54 2.26
C GLN FA 85 -1.49 43.67 2.43
N PHE FA 86 -0.23 43.29 2.60
CA PHE FA 86 0.88 44.24 2.59
C PHE FA 86 1.65 44.11 1.29
N GLU FA 87 2.24 45.20 0.85
CA GLU FA 87 3.32 45.19 -0.12
C GLU FA 87 4.41 46.10 0.39
N VAL FA 88 5.67 45.70 0.22
CA VAL FA 88 6.79 46.50 0.69
C VAL FA 88 7.93 46.33 -0.30
N GLN FA 89 8.75 47.37 -0.42
CA GLN FA 89 9.72 47.50 -1.50
C GLN FA 89 11.04 47.90 -0.88
N GLN FA 90 11.92 46.92 -0.68
CA GLN FA 90 13.18 47.19 0.00
C GLN FA 90 14.08 48.03 -0.90
N PRO FA 91 14.68 49.10 -0.37
CA PRO FA 91 15.63 49.87 -1.19
C PRO FA 91 16.87 49.07 -1.55
N MET FA 92 17.72 49.62 -2.40
CA MET FA 92 18.94 48.93 -2.80
C MET FA 92 20.00 49.97 -3.14
N ILE FA 93 21.25 49.60 -2.89
CA ILE FA 93 22.39 50.48 -3.16
C ILE FA 93 23.22 49.85 -4.27
N ALA FA 94 23.76 50.69 -5.14
CA ALA FA 94 24.47 50.24 -6.32
C ALA FA 94 25.90 49.87 -5.95
N ARG FA 95 26.24 48.58 -6.11
CA ARG FA 95 27.61 48.14 -5.99
C ARG FA 95 28.33 48.42 -7.31
N ASP FA 96 29.54 47.89 -7.46
CA ASP FA 96 30.28 48.01 -8.71
C ASP FA 96 31.35 46.94 -8.75
N GLY FA 97 32.07 46.90 -9.86
CA GLY FA 97 33.18 45.98 -10.01
C GLY FA 97 32.84 44.77 -10.84
N PRO FA 98 33.37 43.62 -10.44
CA PRO FA 98 33.21 42.42 -11.28
C PRO FA 98 31.81 41.85 -11.27
N HIS FA 99 31.27 41.62 -10.09
CA HIS FA 99 30.02 40.88 -9.93
C HIS FA 99 28.84 41.72 -10.42
N PRO FA 100 27.93 41.11 -11.16
CA PRO FA 100 26.81 41.89 -11.73
C PRO FA 100 25.91 42.45 -10.64
N ALA FA 101 25.22 43.53 -10.97
CA ALA FA 101 24.33 44.18 -10.04
C ALA FA 101 23.05 43.35 -9.89
N ASP FA 102 22.09 43.88 -9.15
CA ASP FA 102 20.85 43.18 -8.90
C ASP FA 102 19.67 44.13 -9.12
N GLN FA 103 18.53 43.55 -9.32
CA GLN FA 103 17.30 44.29 -9.53
C GLN FA 103 16.62 44.56 -8.20
N PRO FA 104 15.91 45.69 -8.09
CA PRO FA 104 15.21 45.98 -6.83
C PRO FA 104 14.08 44.98 -6.61
N VAL FA 105 14.02 44.49 -5.37
CA VAL FA 105 13.15 43.37 -5.03
C VAL FA 105 11.79 43.87 -4.59
N HIS FA 106 10.78 43.02 -4.74
CA HIS FA 106 9.43 43.27 -4.31
C HIS FA 106 8.89 42.04 -3.61
N ASN FA 107 7.89 42.23 -2.75
CA ASN FA 107 7.25 41.11 -2.07
C ASN FA 107 5.95 41.55 -1.44
N TYR FA 108 5.00 40.63 -1.40
CA TYR FA 108 3.71 40.82 -0.77
C TYR FA 108 3.59 39.88 0.42
N MET FA 109 2.47 39.98 1.13
CA MET FA 109 2.23 39.16 2.32
C MET FA 109 0.83 39.44 2.82
N ILE FA 110 0.29 38.48 3.58
CA ILE FA 110 -0.98 38.66 4.26
C ILE FA 110 -0.91 38.05 5.65
N LYS FA 111 -1.67 38.64 6.56
CA LYS FA 111 -1.81 38.14 7.92
C LYS FA 111 -3.30 37.89 8.19
N ARG FA 112 -3.63 36.69 8.64
CA ARG FA 112 -5.02 36.35 8.88
C ARG FA 112 -5.42 36.75 10.30
N LEU FA 113 -6.74 36.80 10.52
CA LEU FA 113 -7.29 37.19 11.80
C LEU FA 113 -7.31 36.01 12.76
N ASP FA 114 -7.91 36.24 13.93
CA ASP FA 114 -8.14 35.19 14.92
C ASP FA 114 -9.35 35.59 15.75
N ARG FA 115 -10.07 34.59 16.24
CA ARG FA 115 -11.37 34.81 16.87
C ARG FA 115 -11.27 34.62 18.38
N ARG FA 116 -11.70 35.63 19.12
CA ARG FA 116 -11.86 35.58 20.56
C ARG FA 116 -13.26 36.07 20.92
N SER FA 117 -13.59 36.01 22.20
CA SER FA 117 -14.95 36.30 22.62
C SER FA 117 -14.96 36.63 24.10
N LEU FA 118 -15.98 37.37 24.52
CA LEU FA 118 -16.24 37.63 25.93
C LEU FA 118 -17.61 37.11 26.30
N ASN FA 119 -17.84 36.95 27.60
CA ASN FA 119 -19.10 36.45 28.10
C ASN FA 119 -19.16 36.63 29.61
N ALA FA 120 -20.37 36.72 30.15
CA ALA FA 120 -20.58 36.91 31.57
C ALA FA 120 -21.99 36.47 31.93
N ALA FA 121 -22.10 35.74 33.04
CA ALA FA 121 -23.40 35.24 33.48
C ALA FA 121 -24.13 36.32 34.29
N PHE FA 122 -25.47 36.21 34.28
CA PHE FA 122 -26.31 37.29 34.80
C PHE FA 122 -27.51 36.74 35.57
N SER FA 123 -27.34 35.61 36.26
CA SER FA 123 -28.48 34.84 36.76
C SER FA 123 -29.38 35.67 37.68
N ILE FA 124 -30.69 35.50 37.50
CA ILE FA 124 -31.70 35.98 38.44
C ILE FA 124 -32.55 34.77 38.84
N ALA FA 125 -33.21 34.91 39.98
CA ALA FA 125 -33.87 33.78 40.63
C ALA FA 125 -35.38 33.79 40.38
N VAL FA 126 -36.01 32.67 40.73
CA VAL FA 126 -37.44 32.48 40.47
C VAL FA 126 -38.28 33.35 41.41
N GLU FA 127 -37.88 33.42 42.68
CA GLU FA 127 -38.64 34.17 43.67
C GLU FA 127 -38.85 35.63 43.25
N ALA FA 128 -37.86 36.21 42.58
CA ALA FA 128 -37.97 37.58 42.07
C ALA FA 128 -38.51 37.65 40.65
N LEU FA 129 -38.27 36.61 39.85
CA LEU FA 129 -38.86 36.56 38.52
C LEU FA 129 -40.37 36.55 38.57
N GLY FA 130 -40.95 35.89 39.56
CA GLY FA 130 -42.39 35.96 39.75
C GLY FA 130 -42.87 37.34 40.12
N LEU FA 131 -41.98 38.18 40.68
CA LEU FA 131 -42.35 39.52 41.10
C LEU FA 131 -42.18 40.55 40.00
N ILE FA 132 -41.19 40.38 39.13
CA ILE FA 132 -40.99 41.31 38.01
C ILE FA 132 -42.17 41.26 37.06
N SER FA 133 -42.45 40.06 36.52
CA SER FA 133 -43.49 39.91 35.50
C SER FA 133 -44.90 40.11 36.03
N GLY FA 134 -45.08 40.25 37.34
CA GLY FA 134 -46.39 40.48 37.90
C GLY FA 134 -47.26 39.26 38.06
N GLU FA 135 -46.80 38.09 37.63
CA GLU FA 135 -47.56 36.86 37.84
C GLU FA 135 -47.80 36.61 39.32
N ASN FA 136 -46.72 36.54 40.10
CA ASN FA 136 -46.80 36.34 41.54
C ASN FA 136 -47.23 37.60 42.28
N LEU FA 137 -47.47 38.70 41.58
CA LEU FA 137 -47.82 39.94 42.24
C LEU FA 137 -49.18 39.81 42.93
N ASP FA 138 -49.24 40.31 44.16
CA ASP FA 138 -50.45 40.31 44.97
C ASP FA 138 -50.96 41.75 45.12
N GLY FA 139 -52.26 41.87 45.38
CA GLY FA 139 -52.81 43.18 45.63
C GLY FA 139 -52.70 43.52 47.10
N THR FA 140 -51.62 44.21 47.47
CA THR FA 140 -51.34 44.55 48.86
C THR FA 140 -50.68 45.93 48.87
N HIS FA 141 -50.20 46.32 50.06
CA HIS FA 141 -49.25 47.42 50.19
C HIS FA 141 -47.87 46.92 50.58
N ILE FA 142 -47.67 45.61 50.65
CA ILE FA 142 -46.40 45.01 51.03
C ILE FA 142 -45.70 44.36 49.84
N SER FA 143 -46.47 43.76 48.93
CA SER FA 143 -45.85 43.17 47.74
C SER FA 143 -45.27 44.23 46.83
N SER FA 144 -45.86 45.44 46.83
CA SER FA 144 -45.32 46.53 46.04
C SER FA 144 -43.88 46.84 46.44
N ALA FA 145 -43.59 46.86 47.74
CA ALA FA 145 -42.24 47.18 48.19
C ALA FA 145 -41.25 46.08 47.80
N MET FA 146 -41.65 44.82 47.93
CA MET FA 146 -40.79 43.73 47.49
C MET FA 146 -40.53 43.81 45.99
N ARG FA 147 -41.54 44.23 45.21
CA ARG FA 147 -41.31 44.40 43.77
C ARG FA 147 -40.33 45.52 43.49
N LEU FA 148 -40.47 46.65 44.21
CA LEU FA 148 -39.50 47.73 44.08
C LEU FA 148 -38.09 47.24 44.38
N ARG FA 149 -37.94 46.47 45.46
CA ARG FA 149 -36.63 45.93 45.81
C ARG FA 149 -36.09 45.03 44.72
N ALA FA 150 -36.95 44.17 44.16
CA ALA FA 150 -36.51 43.23 43.12
C ALA FA 150 -36.04 43.95 41.87
N ILE FA 151 -36.80 44.96 41.43
CA ILE FA 151 -36.41 45.65 40.21
C ILE FA 151 -35.17 46.50 40.45
N GLN FA 152 -35.02 47.09 41.64
CA GLN FA 152 -33.79 47.81 41.95
C GLN FA 152 -32.59 46.86 41.95
N GLN FA 153 -32.78 45.64 42.47
CA GLN FA 153 -31.72 44.65 42.44
C GLN FA 153 -31.33 44.30 41.01
N LEU FA 154 -32.32 44.07 40.15
CA LEU FA 154 -32.01 43.75 38.77
C LEU FA 154 -31.27 44.89 38.07
N ALA FA 155 -31.65 46.13 38.38
CA ALA FA 155 -30.96 47.27 37.79
C ALA FA 155 -29.52 47.36 38.27
N ARG FA 156 -29.30 47.23 39.58
CA ARG FA 156 -27.96 47.26 40.13
C ARG FA 156 -27.12 46.07 39.68
N ASN FA 157 -27.74 45.01 39.18
CA ASN FA 157 -27.05 43.86 38.64
C ASN FA 157 -26.64 44.07 37.18
N VAL FA 158 -27.59 44.53 36.36
CA VAL FA 158 -27.28 44.80 34.95
C VAL FA 158 -26.27 45.93 34.85
N GLN FA 159 -26.27 46.86 35.81
CA GLN FA 159 -25.25 47.90 35.83
C GLN FA 159 -23.86 47.31 35.93
N ALA FA 160 -23.69 46.28 36.77
CA ALA FA 160 -22.38 45.65 36.89
C ALA FA 160 -22.04 44.82 35.66
N VAL FA 161 -23.02 44.10 35.10
CA VAL FA 161 -22.68 43.22 33.98
C VAL FA 161 -22.35 44.04 32.73
N LEU FA 162 -22.98 45.20 32.54
CA LEU FA 162 -22.64 46.02 31.39
C LEU FA 162 -21.25 46.64 31.52
N ASP FA 163 -20.83 46.96 32.74
CA ASP FA 163 -19.49 47.50 32.97
C ASP FA 163 -18.42 46.52 32.47
N SER FA 164 -18.63 45.23 32.73
CA SER FA 164 -17.59 44.22 32.50
C SER FA 164 -17.09 44.21 31.05
N PHE FA 165 -17.86 44.73 30.11
CA PHE FA 165 -17.44 44.73 28.71
C PHE FA 165 -16.47 45.85 28.36
N GLU FA 166 -16.02 46.62 29.36
CA GLU FA 166 -14.96 47.61 29.17
C GLU FA 166 -13.64 47.14 29.77
N ARG FA 167 -13.66 46.74 31.04
CA ARG FA 167 -12.52 46.04 31.61
C ARG FA 167 -12.22 44.76 30.86
N GLY FA 168 -13.21 44.19 30.16
CA GLY FA 168 -12.94 43.05 29.29
C GLY FA 168 -11.92 43.38 28.22
N THR FA 169 -12.14 44.47 27.49
CA THR FA 169 -11.16 44.91 26.50
C THR FA 169 -9.86 45.34 27.17
N ALA FA 170 -9.97 46.00 28.33
CA ALA FA 170 -8.78 46.39 29.07
C ALA FA 170 -7.89 45.19 29.39
N ASP FA 171 -8.49 44.04 29.68
CA ASP FA 171 -7.73 42.83 29.97
C ASP FA 171 -7.29 42.13 28.69
N GLN FA 172 -8.16 42.11 27.68
CA GLN FA 172 -7.85 41.39 26.44
C GLN FA 172 -6.70 42.04 25.69
N MET FA 173 -6.61 43.36 25.72
CA MET FA 173 -5.51 44.04 25.04
C MET FA 173 -4.17 43.64 25.66
N LEU FA 174 -4.11 43.58 26.99
CA LEU FA 174 -2.88 43.17 27.65
C LEU FA 174 -2.58 41.70 27.38
N ARG FA 175 -3.61 40.84 27.42
CA ARG FA 175 -3.41 39.44 27.10
C ARG FA 175 -2.84 39.26 25.70
N VAL FA 176 -3.31 40.06 24.74
CA VAL FA 176 -2.84 39.96 23.37
C VAL FA 176 -1.41 40.47 23.26
N LEU FA 177 -1.18 41.71 23.68
CA LEU FA 177 0.15 42.32 23.52
C LEU FA 177 1.23 41.54 24.27
N MET FA 178 0.88 40.93 25.41
CA MET FA 178 1.86 40.21 26.21
C MET FA 178 2.38 38.96 25.50
N GLU FA 179 1.67 38.46 24.49
CA GLU FA 179 2.07 37.22 23.83
C GLU FA 179 2.84 37.42 22.54
N LYS FA 180 2.86 38.64 22.00
CA LYS FA 180 3.57 38.93 20.76
C LYS FA 180 4.85 39.72 20.96
N ALA FA 181 5.11 40.17 22.20
CA ALA FA 181 6.29 40.97 22.47
C ALA FA 181 7.41 40.06 22.95
N PRO FA 182 8.43 39.80 22.14
CA PRO FA 182 9.56 39.01 22.61
C PRO FA 182 10.32 39.76 23.68
N PRO FA 183 11.05 39.06 24.56
CA PRO FA 183 11.81 39.76 25.60
C PRO FA 183 12.86 40.68 24.99
N LEU FA 184 13.15 41.77 25.69
CA LEU FA 184 14.13 42.72 25.20
C LEU FA 184 15.51 42.10 25.08
N SER FA 185 15.87 41.23 26.04
CA SER FA 185 17.15 40.55 26.02
C SER FA 185 17.41 39.87 24.68
N LEU FA 186 16.50 38.99 24.27
CA LEU FA 186 16.61 38.31 22.97
C LEU FA 186 16.35 39.21 21.78
N LEU FA 187 16.14 40.51 21.96
CA LEU FA 187 15.69 41.38 20.88
C LEU FA 187 16.71 42.40 20.44
N ALA FA 188 17.53 42.91 21.36
CA ALA FA 188 18.52 43.94 20.99
C ALA FA 188 19.59 43.40 20.06
N PRO FA 189 20.34 42.35 20.41
CA PRO FA 189 21.44 41.94 19.53
C PRO FA 189 20.98 41.42 18.18
N PHE FA 190 19.80 40.78 18.10
CA PHE FA 190 19.29 40.35 16.81
C PHE FA 190 19.08 41.53 15.87
N THR FA 191 18.61 42.66 16.41
CA THR FA 191 18.52 43.88 15.62
C THR FA 191 19.88 44.48 15.33
N LEU FA 192 20.91 44.12 16.11
CA LEU FA 192 22.26 44.58 15.85
C LEU FA 192 22.93 43.80 14.73
N TYR FA 193 22.43 42.62 14.38
CA TYR FA 193 23.06 41.73 13.42
C TYR FA 193 22.25 41.57 12.13
N GLU FA 194 21.38 42.53 11.82
CA GLU FA 194 20.58 42.44 10.60
C GLU FA 194 21.47 42.42 9.36
N GLY FA 195 21.11 41.59 8.39
CA GLY FA 195 21.79 41.56 7.10
C GLY FA 195 22.95 40.59 7.01
N ARG FA 196 23.47 40.12 8.13
CA ARG FA 196 24.61 39.21 8.13
C ARG FA 196 24.25 37.78 8.53
N LEU FA 197 22.97 37.49 8.74
CA LEU FA 197 22.57 36.15 9.17
C LEU FA 197 22.33 35.24 7.96
N ALA FA 198 23.36 35.14 7.13
CA ALA FA 198 23.35 34.26 5.96
C ALA FA 198 24.33 33.10 6.12
N ASP FA 199 25.60 33.38 6.38
CA ASP FA 199 26.54 32.31 6.67
C ASP FA 199 26.37 31.84 8.11
N ARG FA 200 27.01 30.71 8.43
CA ARG FA 200 26.84 30.11 9.74
C ARG FA 200 27.62 30.85 10.82
N VAL FA 201 28.82 31.31 10.49
CA VAL FA 201 29.71 31.89 11.50
C VAL FA 201 29.10 33.13 12.15
N ALA FA 202 28.36 33.93 11.38
CA ALA FA 202 27.69 35.08 11.97
C ALA FA 202 26.55 34.65 12.88
N CYS FA 203 25.81 33.61 12.49
CA CYS FA 203 24.79 33.07 13.38
C CYS FA 203 25.38 32.55 14.67
N ALA FA 204 26.58 31.97 14.62
CA ALA FA 204 27.25 31.52 15.82
C ALA FA 204 27.69 32.70 16.69
N ALA FA 205 28.24 33.73 16.06
CA ALA FA 205 28.58 34.95 16.80
C ALA FA 205 27.34 35.61 17.41
N LEU FA 206 26.16 35.36 16.83
CA LEU FA 206 24.93 35.91 17.39
C LEU FA 206 24.41 35.08 18.55
N VAL FA 207 24.46 33.75 18.43
CA VAL FA 207 23.95 32.91 19.52
C VAL FA 207 24.89 32.99 20.72
N SER FA 208 26.20 33.14 20.49
CA SER FA 208 27.13 33.29 21.60
C SER FA 208 26.90 34.57 22.38
N GLU FA 209 26.24 35.56 21.77
CA GLU FA 209 25.91 36.81 22.46
C GLU FA 209 24.51 36.76 23.08
N LEU FA 210 23.58 36.05 22.44
CA LEU FA 210 22.29 35.79 23.08
C LEU FA 210 22.49 35.05 24.40
N LYS FA 211 23.36 34.04 24.39
CA LYS FA 211 23.61 33.25 25.60
C LYS FA 211 24.16 34.10 26.75
N ARG FA 212 24.75 35.26 26.47
CA ARG FA 212 25.17 36.16 27.53
C ARG FA 212 24.08 37.16 27.89
N ARG FA 213 23.46 37.78 26.88
CA ARG FA 213 22.42 38.76 27.13
C ARG FA 213 21.30 38.20 27.99
N VAL FA 214 20.96 36.92 27.81
CA VAL FA 214 19.92 36.31 28.65
C VAL FA 214 20.33 36.34 30.11
N ARG FA 215 21.58 35.97 30.41
CA ARG FA 215 22.00 35.74 31.78
C ARG FA 215 22.70 36.95 32.42
N ASP FA 216 22.67 38.12 31.79
CA ASP FA 216 23.28 39.29 32.40
C ASP FA 216 22.43 40.56 32.37
N ASP FA 217 21.51 40.71 31.42
CA ASP FA 217 20.70 41.92 31.28
C ASP FA 217 19.22 41.63 31.55
N THR FA 218 18.95 40.74 32.50
CA THR FA 218 17.60 40.25 32.72
C THR FA 218 16.93 40.81 33.96
N PHE FA 219 17.66 41.52 34.82
CA PHE FA 219 17.04 42.10 36.02
C PHE FA 219 17.76 43.40 36.36
N PHE FA 220 17.19 44.51 35.91
CA PHE FA 220 17.63 45.83 36.35
C PHE FA 220 16.69 46.35 37.44
N LEU FA 221 17.08 47.48 38.03
CA LEU FA 221 16.38 48.13 39.14
C LEU FA 221 16.09 47.19 40.32
N THR FA 222 16.75 46.03 40.34
CA THR FA 222 16.72 45.16 41.51
C THR FA 222 18.14 44.71 41.84
N LYS FA 223 18.99 44.65 40.81
CA LYS FA 223 20.41 44.43 40.98
C LYS FA 223 21.25 45.64 40.58
N HIS FA 224 20.59 46.76 40.27
CA HIS FA 224 21.26 48.05 40.04
C HIS FA 224 20.41 49.11 40.73
N GLU FA 225 20.68 49.36 42.01
CA GLU FA 225 19.96 50.37 42.78
C GLU FA 225 20.86 51.50 43.24
N ARG FA 226 22.11 51.54 42.79
CA ARG FA 226 23.00 52.66 43.04
C ARG FA 226 23.12 53.60 41.86
N ASN FA 227 23.02 53.09 40.64
CA ASN FA 227 23.13 53.87 39.42
C ASN FA 227 21.76 54.33 38.95
N LYS FA 228 21.76 55.41 38.18
CA LYS FA 228 20.53 55.98 37.65
C LYS FA 228 20.46 55.95 36.13
N ASP FA 229 21.49 56.44 35.44
CA ASP FA 229 21.39 56.55 33.98
C ASP FA 229 21.44 55.19 33.28
N ALA FA 230 21.91 54.14 33.96
CA ALA FA 230 21.84 52.81 33.37
C ALA FA 230 20.39 52.38 33.17
N VAL FA 231 19.53 52.67 34.16
CA VAL FA 231 18.11 52.34 34.06
C VAL FA 231 17.47 53.09 32.90
N LEU FA 232 17.67 54.41 32.87
CA LEU FA 232 17.07 55.22 31.82
C LEU FA 232 17.58 54.81 30.44
N ASP FA 233 18.85 54.40 30.36
CA ASP FA 233 19.41 53.99 29.08
C ASP FA 233 18.82 52.66 28.63
N ARG FA 234 18.61 51.73 29.57
CA ARG FA 234 17.92 50.48 29.22
C ARG FA 234 16.50 50.77 28.74
N LEU FA 235 15.80 51.67 29.42
CA LEU FA 235 14.47 52.06 28.95
C LEU FA 235 14.53 52.68 27.55
N SER FA 236 15.56 53.47 27.28
CA SER FA 236 15.71 54.05 25.94
C SER FA 236 15.92 52.98 24.90
N ASP FA 237 16.77 51.99 25.19
CA ASP FA 237 16.94 50.87 24.27
C ASP FA 237 15.62 50.16 24.03
N LEU FA 238 14.85 49.95 25.09
CA LEU FA 238 13.54 49.30 24.97
C LEU FA 238 12.62 50.09 24.05
N VAL FA 239 12.56 51.41 24.25
CA VAL FA 239 11.63 52.23 23.46
C VAL FA 239 12.09 52.34 22.01
N ASN FA 240 13.40 52.29 21.75
CA ASN FA 240 13.91 52.54 20.41
C ASN FA 240 14.19 51.25 19.64
N CYS FA 241 14.05 50.08 20.24
CA CYS FA 241 14.37 48.86 19.50
C CYS FA 241 13.23 48.41 18.59
N THR FA 242 12.00 48.83 18.86
CA THR FA 242 10.87 48.46 18.00
C THR FA 242 10.83 49.34 16.76
N ALA FA 243 9.73 49.28 16.00
CA ALA FA 243 9.62 50.04 14.77
C ALA FA 243 8.19 50.57 14.64
N PRO FA 244 8.02 51.79 14.14
CA PRO FA 244 6.67 52.35 14.00
C PRO FA 244 5.85 51.59 12.99
N SER FA 245 4.56 51.46 13.28
CA SER FA 245 3.62 50.76 12.43
C SER FA 245 2.90 51.75 11.52
N VAL FA 246 1.85 51.26 10.84
CA VAL FA 246 1.14 52.08 9.87
C VAL FA 246 0.60 53.35 10.52
N ALA FA 247 0.59 54.43 9.76
CA ALA FA 247 0.00 55.70 10.20
C ALA FA 247 -1.47 55.74 9.81
N VAL FA 248 -2.29 56.24 10.73
CA VAL FA 248 -3.71 56.44 10.48
C VAL FA 248 -4.12 57.76 11.10
N ALA FA 249 -5.09 58.43 10.48
CA ALA FA 249 -5.52 59.76 10.89
C ALA FA 249 -6.54 59.72 12.03
N ARG FA 250 -6.94 58.54 12.47
CA ARG FA 250 -8.01 58.41 13.45
C ARG FA 250 -7.51 58.41 14.89
N MET FA 251 -6.20 58.36 15.11
CA MET FA 251 -5.68 58.31 16.47
C MET FA 251 -5.68 59.69 17.11
N THR FA 252 -4.89 60.62 16.55
CA THR FA 252 -4.83 62.00 17.02
C THR FA 252 -4.59 62.11 18.52
N HIS FA 253 -4.02 61.07 19.14
CA HIS FA 253 -3.75 61.12 20.57
C HIS FA 253 -2.67 62.16 20.82
N ALA FA 254 -3.06 63.32 21.33
CA ALA FA 254 -2.18 64.48 21.36
C ALA FA 254 -1.90 64.90 22.79
N ASP FA 255 -0.78 65.62 22.95
CA ASP FA 255 -0.47 66.28 24.20
C ASP FA 255 -1.37 67.51 24.37
N THR FA 256 -1.41 68.01 25.61
CA THR FA 256 -2.18 69.22 25.87
C THR FA 256 -1.75 70.37 24.97
N GLN FA 257 -0.45 70.47 24.68
CA GLN FA 257 0.08 71.56 23.88
C GLN FA 257 0.39 71.15 22.44
N GLY FA 258 1.24 70.14 22.25
CA GLY FA 258 1.83 69.93 20.94
C GLY FA 258 1.82 68.54 20.35
N ARG FA 259 3.01 68.04 19.98
CA ARG FA 259 3.15 66.90 19.10
C ARG FA 259 2.48 65.65 19.67
N PRO FA 260 2.07 64.72 18.82
CA PRO FA 260 1.28 63.56 19.27
C PRO FA 260 2.12 62.59 20.10
N VAL FA 261 1.42 61.64 20.70
CA VAL FA 261 2.01 60.61 21.54
C VAL FA 261 2.46 59.45 20.65
N ASP FA 262 3.28 58.55 21.18
CA ASP FA 262 3.83 57.47 20.36
C ASP FA 262 3.53 56.08 20.91
N GLY FA 263 3.47 55.93 22.23
CA GLY FA 263 3.27 54.61 22.77
C GLY FA 263 2.82 54.63 24.22
N VAL FA 264 2.79 53.45 24.82
CA VAL FA 264 2.39 53.26 26.21
C VAL FA 264 3.51 52.58 26.96
N LEU FA 265 3.44 52.66 28.29
CA LEU FA 265 4.36 51.95 29.16
C LEU FA 265 3.55 51.46 30.36
N VAL FA 266 3.11 50.21 30.31
CA VAL FA 266 2.33 49.61 31.39
C VAL FA 266 3.25 48.86 32.32
N THR FA 267 3.00 49.00 33.62
CA THR FA 267 3.86 48.41 34.64
C THR FA 267 2.98 47.98 35.80
N THR FA 268 3.62 47.36 36.80
CA THR FA 268 2.98 47.13 38.08
C THR FA 268 3.27 48.31 39.00
N ALA FA 269 2.35 48.56 39.93
CA ALA FA 269 2.41 49.76 40.77
C ALA FA 269 3.76 49.95 41.45
N GLY FA 270 4.40 48.86 41.88
CA GLY FA 270 5.69 48.96 42.55
C GLY FA 270 6.79 49.52 41.66
N VAL FA 271 6.91 48.98 40.45
CA VAL FA 271 7.93 49.47 39.53
C VAL FA 271 7.63 50.91 39.10
N ARG FA 272 6.36 51.22 38.87
CA ARG FA 272 6.00 52.60 38.54
C ARG FA 272 6.40 53.54 39.67
N GLN FA 273 6.16 53.14 40.92
CA GLN FA 273 6.55 53.96 42.06
C GLN FA 273 8.05 54.13 42.12
N ARG FA 274 8.80 53.04 41.91
CA ARG FA 274 10.26 53.14 41.92
C ARG FA 274 10.79 53.98 40.78
N LEU FA 275 10.04 54.10 39.69
CA LEU FA 275 10.52 54.88 38.54
C LEU FA 275 10.16 56.36 38.64
N LEU FA 276 8.98 56.69 39.16
CA LEU FA 276 8.52 58.08 39.15
C LEU FA 276 9.07 58.92 40.29
N HIS FA 277 10.13 58.49 40.97
CA HIS FA 277 10.71 59.31 42.02
C HIS FA 277 12.23 59.35 42.01
N HIS FA 278 12.89 58.64 41.10
CA HIS FA 278 14.34 58.69 40.98
C HIS FA 278 14.81 59.02 39.57
N VAL FA 279 14.17 58.45 38.53
CA VAL FA 279 14.75 58.46 37.19
C VAL FA 279 13.90 59.21 36.17
N LEU FA 280 12.58 59.28 36.34
CA LEU FA 280 11.71 59.86 35.33
C LEU FA 280 10.96 61.07 35.90
N THR FA 281 10.92 62.13 35.13
CA THR FA 281 10.21 63.35 35.51
C THR FA 281 8.88 63.42 34.77
N LEU FA 282 7.81 63.66 35.52
CA LEU FA 282 6.48 63.74 34.93
C LEU FA 282 6.42 64.85 33.89
N ALA FA 283 5.88 64.53 32.71
CA ALA FA 283 5.79 65.51 31.64
C ALA FA 283 4.65 66.49 31.87
N ASP FA 284 3.42 65.97 31.94
CA ASP FA 284 2.24 66.80 32.18
C ASP FA 284 1.21 65.94 32.89
N THR FA 285 -0.03 66.44 32.93
CA THR FA 285 -1.09 65.77 33.69
C THR FA 285 -2.39 65.64 32.92
N HIS FA 286 -2.37 65.83 31.60
CA HIS FA 286 -3.57 65.69 30.78
C HIS FA 286 -3.15 65.32 29.37
N ALA FA 287 -4.14 64.94 28.57
CA ALA FA 287 -3.93 64.62 27.16
C ALA FA 287 -5.28 64.54 26.47
N ASP FA 288 -5.37 65.19 25.31
CA ASP FA 288 -6.60 65.18 24.53
C ASP FA 288 -6.64 63.94 23.65
N VAL FA 289 -7.72 63.18 23.75
CA VAL FA 289 -7.82 61.87 23.08
C VAL FA 289 -9.11 61.84 22.29
N PRO FA 290 -9.22 60.92 21.33
CA PRO FA 290 -10.52 60.69 20.69
C PRO FA 290 -11.49 60.03 21.65
N VAL FA 291 -12.77 60.25 21.41
CA VAL FA 291 -13.80 59.78 22.34
C VAL FA 291 -14.84 59.00 21.55
N THR FA 292 -14.53 58.69 20.29
CA THR FA 292 -15.42 57.90 19.45
C THR FA 292 -14.61 56.82 18.75
N TYR FA 293 -15.30 55.77 18.34
CA TYR FA 293 -14.68 54.67 17.61
C TYR FA 293 -14.63 55.01 16.12
N GLY FA 294 -14.22 54.04 15.30
CA GLY FA 294 -14.42 54.08 13.88
C GLY FA 294 -15.58 53.21 13.45
N GLU FA 295 -15.71 53.05 12.14
CA GLU FA 295 -16.80 52.25 11.60
C GLU FA 295 -16.36 51.61 10.29
N MET FA 296 -16.69 50.33 10.14
CA MET FA 296 -16.60 49.64 8.86
C MET FA 296 -17.91 48.92 8.66
N VAL FA 297 -18.70 49.36 7.69
CA VAL FA 297 -20.02 48.80 7.45
C VAL FA 297 -20.12 48.35 5.99
N ILE FA 298 -21.08 47.47 5.74
CA ILE FA 298 -21.33 46.94 4.41
C ILE FA 298 -22.60 47.61 3.87
N ALA FA 299 -22.47 48.31 2.75
CA ALA FA 299 -23.61 49.06 2.23
C ALA FA 299 -23.42 49.36 0.76
N ASN FA 300 -24.34 48.84 -0.07
CA ASN FA 300 -24.68 49.37 -1.38
C ASN FA 300 -23.61 49.18 -2.45
N THR FA 301 -22.42 48.79 -2.06
CA THR FA 301 -21.48 48.24 -3.02
C THR FA 301 -20.81 46.97 -2.50
N ASN FA 302 -20.51 46.92 -1.19
CA ASN FA 302 -20.02 45.69 -0.59
C ASN FA 302 -21.11 44.63 -0.54
N LEU FA 303 -22.38 45.06 -0.53
CA LEU FA 303 -23.48 44.12 -0.36
C LEU FA 303 -23.63 43.21 -1.57
N VAL FA 304 -23.68 43.79 -2.77
CA VAL FA 304 -23.85 42.97 -3.97
C VAL FA 304 -22.73 41.95 -4.09
N THR FA 305 -21.49 42.38 -3.79
CA THR FA 305 -20.35 41.49 -3.95
C THR FA 305 -20.35 40.41 -2.87
N ALA FA 306 -20.69 40.78 -1.63
CA ALA FA 306 -20.72 39.79 -0.55
C ALA FA 306 -21.83 38.78 -0.78
N LEU FA 307 -22.92 39.19 -1.41
CA LEU FA 307 -24.05 38.28 -1.57
C LEU FA 307 -23.91 37.38 -2.80
N VAL FA 308 -23.38 37.90 -3.90
CA VAL FA 308 -23.28 37.06 -5.10
C VAL FA 308 -21.90 36.44 -5.27
N MET FA 309 -20.83 37.19 -5.01
CA MET FA 309 -19.48 36.67 -5.22
C MET FA 309 -18.99 35.87 -4.02
N GLY FA 310 -18.87 36.53 -2.87
CA GLY FA 310 -18.39 35.88 -1.66
C GLY FA 310 -17.27 36.61 -0.95
N LYS FA 311 -17.00 37.85 -1.36
CA LYS FA 311 -16.04 38.70 -0.68
C LYS FA 311 -16.58 40.12 -0.65
N ALA FA 312 -15.99 40.95 0.20
CA ALA FA 312 -16.38 42.36 0.29
C ALA FA 312 -15.23 43.13 0.93
N VAL FA 313 -14.56 43.95 0.14
CA VAL FA 313 -13.42 44.75 0.61
C VAL FA 313 -13.96 45.97 1.33
N SER FA 314 -13.20 46.44 2.33
CA SER FA 314 -13.66 47.53 3.18
C SER FA 314 -13.79 48.84 2.38
N ASN FA 315 -12.68 49.30 1.82
CA ASN FA 315 -12.72 50.55 1.06
C ASN FA 315 -13.23 50.30 -0.35
N MET FA 316 -14.37 49.61 -0.46
CA MET FA 316 -14.92 49.29 -1.78
C MET FA 316 -15.40 50.54 -2.49
N ASP FA 317 -15.99 51.49 -1.76
CA ASP FA 317 -16.47 52.72 -2.37
C ASP FA 317 -15.32 53.52 -2.99
N ASP FA 318 -14.18 53.56 -2.32
CA ASP FA 318 -13.03 54.29 -2.86
C ASP FA 318 -12.53 53.62 -4.15
N VAL FA 319 -12.38 52.29 -4.11
CA VAL FA 319 -11.95 51.56 -5.30
C VAL FA 319 -12.90 51.80 -6.45
N ALA FA 320 -14.21 51.80 -6.18
CA ALA FA 320 -15.21 52.06 -7.20
C ALA FA 320 -15.08 53.47 -7.78
N ARG FA 321 -15.22 54.48 -6.93
CA ARG FA 321 -15.20 55.86 -7.40
C ARG FA 321 -13.86 56.27 -8.00
N TYR FA 322 -12.80 55.50 -7.77
CA TYR FA 322 -11.55 55.76 -8.48
C TYR FA 322 -11.48 55.01 -9.80
N LEU FA 323 -11.89 53.75 -9.82
CA LEU FA 323 -11.79 52.93 -11.02
C LEU FA 323 -12.64 53.51 -12.14
N LEU FA 324 -13.94 53.57 -11.95
CA LEU FA 324 -14.77 54.41 -12.80
C LEU FA 324 -14.62 55.86 -12.36
N GLY FA 325 -14.82 56.78 -13.30
CA GLY FA 325 -14.49 58.17 -13.06
C GLY FA 325 -15.16 58.76 -11.83
N GLY FA 326 -16.39 58.36 -11.57
CA GLY FA 326 -17.13 58.90 -10.44
C GLY FA 326 -17.80 60.21 -10.76
N GLY FA 337 -14.52 65.98 17.81
CA GLY FA 337 -14.89 65.99 19.20
C GLY FA 337 -13.85 65.35 20.10
N SER FA 338 -12.75 66.06 20.33
CA SER FA 338 -11.69 65.56 21.18
C SER FA 338 -11.98 65.89 22.64
N ALA FA 339 -11.90 64.86 23.49
CA ALA FA 339 -12.21 65.02 24.90
C ALA FA 339 -10.96 65.49 25.64
N ARG FA 340 -11.02 65.50 26.97
CA ARG FA 340 -9.87 65.85 27.82
C ARG FA 340 -9.91 64.90 29.01
N VAL FA 341 -8.87 64.08 29.15
CA VAL FA 341 -8.79 63.07 30.19
C VAL FA 341 -7.47 63.23 30.93
N ARG FA 342 -7.51 63.02 32.25
CA ARG FA 342 -6.32 63.20 33.08
C ARG FA 342 -5.48 61.93 33.00
N ALA FA 343 -4.59 61.88 32.03
CA ALA FA 343 -3.58 60.83 31.93
C ALA FA 343 -2.23 61.41 32.29
N ASP FA 344 -1.28 60.52 32.58
CA ASP FA 344 0.02 60.92 33.13
C ASP FA 344 1.11 60.53 32.14
N LEU FA 345 1.76 61.53 31.55
CA LEU FA 345 2.73 61.32 30.49
C LEU FA 345 4.16 61.32 31.03
N VAL FA 346 5.09 60.98 30.15
CA VAL FA 346 6.51 60.94 30.49
C VAL FA 346 7.30 60.97 29.19
N VAL FA 347 8.43 61.67 29.21
CA VAL FA 347 9.33 61.75 28.06
C VAL FA 347 10.55 60.90 28.34
N VAL FA 348 10.91 60.05 27.37
CA VAL FA 348 12.04 59.14 27.48
C VAL FA 348 12.78 59.13 26.15
N GLY FA 349 14.11 59.23 26.21
CA GLY FA 349 14.91 59.29 25.00
C GLY FA 349 14.58 60.53 24.21
N ASP FA 350 13.88 60.37 23.09
CA ASP FA 350 13.36 61.49 22.33
C ASP FA 350 11.87 61.35 22.02
N ARG FA 351 11.18 60.42 22.68
CA ARG FA 351 9.79 60.12 22.40
C ARG FA 351 8.92 60.52 23.59
N LEU FA 352 7.62 60.24 23.47
CA LEU FA 352 6.64 60.66 24.47
C LEU FA 352 5.59 59.55 24.57
N VAL FA 353 5.48 58.92 25.74
CA VAL FA 353 4.65 57.74 25.91
C VAL FA 353 3.79 57.89 27.17
N PHE FA 354 2.64 57.21 27.15
CA PHE FA 354 1.82 57.11 28.35
C PHE FA 354 2.48 56.20 29.37
N LEU FA 355 2.35 56.56 30.64
CA LEU FA 355 2.93 55.78 31.74
C LEU FA 355 1.80 55.42 32.71
N GLU FA 356 1.46 54.13 32.76
CA GLU FA 356 0.35 53.66 33.56
C GLU FA 356 0.75 52.45 34.38
N ALA FA 357 -0.06 52.17 35.40
CA ALA FA 357 -0.02 50.90 36.15
C ALA FA 357 -1.48 50.62 36.53
N LEU FA 358 -2.15 49.84 35.68
CA LEU FA 358 -3.61 49.70 35.75
C LEU FA 358 -4.08 48.81 36.90
N GLU FA 359 -3.20 48.46 37.84
CA GLU FA 359 -3.59 47.56 38.92
C GLU FA 359 -4.72 48.09 39.78
N LYS FA 360 -4.97 49.41 39.77
CA LYS FA 360 -5.96 50.02 40.63
C LYS FA 360 -7.23 50.44 39.89
N ARG FA 361 -7.09 51.22 38.81
CA ARG FA 361 -8.27 51.66 38.05
C ARG FA 361 -9.06 50.48 37.54
N VAL FA 362 -8.36 49.41 37.15
CA VAL FA 362 -8.97 48.16 36.73
C VAL FA 362 -8.25 47.05 37.49
N TYR FA 363 -8.81 45.83 37.42
CA TYR FA 363 -8.22 44.63 37.99
C TYR FA 363 -8.26 44.62 39.51
N GLN FA 364 -8.69 45.73 40.12
CA GLN FA 364 -8.65 45.86 41.57
C GLN FA 364 -9.91 45.28 42.20
N ALA FA 365 -9.71 44.58 43.32
CA ALA FA 365 -10.81 44.00 44.09
C ALA FA 365 -11.65 43.05 43.23
N THR FA 366 -10.97 42.08 42.61
CA THR FA 366 -11.63 41.03 41.87
C THR FA 366 -10.78 39.77 41.97
N GLN FA 367 -11.11 38.79 41.14
CA GLN FA 367 -10.57 37.44 41.30
C GLN FA 367 -9.63 37.02 40.19
N VAL FA 368 -9.14 37.96 39.38
CA VAL FA 368 -8.25 37.66 38.27
C VAL FA 368 -6.82 38.08 38.62
N PRO FA 369 -5.81 37.29 38.27
CA PRO FA 369 -4.44 37.74 38.46
C PRO FA 369 -4.01 38.77 37.42
N TYR FA 370 -3.14 39.66 37.84
CA TYR FA 370 -2.61 40.68 36.94
C TYR FA 370 -1.72 40.03 35.89
N PRO FA 371 -1.94 40.26 34.61
CA PRO FA 371 -1.14 39.60 33.57
C PRO FA 371 0.25 40.19 33.35
N LEU FA 372 0.70 41.08 34.22
CA LEU FA 372 2.05 41.65 34.10
C LEU FA 372 3.04 41.01 35.05
N VAL FA 373 2.58 40.13 35.95
CA VAL FA 373 3.49 39.31 36.73
C VAL FA 373 3.69 37.99 35.97
N GLY FA 374 4.69 37.97 35.09
CA GLY FA 374 4.92 36.82 34.25
C GLY FA 374 5.54 35.66 35.01
N ASN FA 375 6.31 34.82 34.31
CA ASN FA 375 6.92 33.66 34.95
C ASN FA 375 8.20 33.32 34.21
N LEU FA 376 9.34 33.60 34.84
CA LEU FA 376 10.60 33.10 34.35
C LEU FA 376 10.74 31.62 34.74
N ASP FA 377 11.55 30.90 33.98
CA ASP FA 377 11.72 29.47 34.20
C ASP FA 377 13.16 29.09 33.92
N VAL FA 378 13.84 28.53 34.92
CA VAL FA 378 15.23 28.11 34.82
C VAL FA 378 15.32 26.66 35.22
N THR FA 379 16.31 25.96 34.66
CA THR FA 379 16.58 24.56 34.96
C THR FA 379 17.99 24.44 35.47
N PHE FA 380 18.14 24.14 36.77
CA PHE FA 380 19.46 24.01 37.36
C PHE FA 380 20.03 22.61 37.11
N VAL FA 381 21.34 22.51 37.28
CA VAL FA 381 22.05 21.23 37.09
C VAL FA 381 23.26 21.21 38.01
N MET FA 382 23.43 20.11 38.73
CA MET FA 382 24.54 19.96 39.67
C MET FA 382 25.10 18.55 39.59
N PRO FA 383 26.43 18.41 39.60
CA PRO FA 383 27.03 17.07 39.57
C PRO FA 383 27.13 16.48 40.97
N LEU FA 384 26.83 15.18 41.05
CA LEU FA 384 26.63 14.55 42.35
C LEU FA 384 27.91 13.94 42.92
N GLY FA 385 28.48 12.96 42.22
CA GLY FA 385 29.59 12.20 42.79
C GLY FA 385 30.82 12.11 41.92
N VAL FA 386 31.07 13.15 41.13
CA VAL FA 386 32.25 13.15 40.27
C VAL FA 386 33.52 13.17 41.13
N PHE FA 387 34.60 12.63 40.56
CA PHE FA 387 35.89 12.56 41.23
C PHE FA 387 36.92 13.21 40.32
N LYS FA 388 37.48 14.33 40.78
CA LYS FA 388 38.44 15.07 39.97
C LYS FA 388 39.67 14.21 39.68
N PRO FA 389 40.36 14.46 38.56
CA PRO FA 389 41.58 13.69 38.28
C PRO FA 389 42.65 13.91 39.33
N ALA FA 390 43.74 13.15 39.25
CA ALA FA 390 44.78 13.21 40.27
C ALA FA 390 45.48 14.55 40.29
N ALA FA 391 45.77 15.11 39.11
CA ALA FA 391 46.57 16.31 38.99
C ALA FA 391 45.79 17.59 39.26
N ASP FA 392 44.60 17.50 39.86
CA ASP FA 392 43.83 18.70 40.16
C ASP FA 392 43.42 18.77 41.63
N ARG FA 393 43.73 17.76 42.43
CA ARG FA 393 43.49 17.82 43.87
C ARG FA 393 44.66 18.52 44.54
N TYR FA 394 44.35 19.59 45.27
CA TYR FA 394 45.40 20.39 45.91
C TYR FA 394 44.74 21.34 46.89
N ALA FA 395 45.38 21.51 48.05
CA ALA FA 395 44.93 22.50 49.02
C ALA FA 395 45.54 23.84 48.64
N ARG FA 396 44.70 24.89 48.64
CA ARG FA 396 45.20 26.21 48.26
C ARG FA 396 46.19 26.74 49.28
N HIS FA 397 46.05 26.36 50.54
CA HIS FA 397 46.96 26.74 51.61
C HIS FA 397 47.30 25.52 52.44
N ALA FA 398 48.57 25.40 52.83
CA ALA FA 398 49.00 24.28 53.64
C ALA FA 398 48.27 24.25 54.97
N GLY FA 399 47.82 25.40 55.45
CA GLY FA 399 46.93 25.38 56.60
C GLY FA 399 45.54 25.17 56.07
N SER FA 400 45.14 23.91 56.02
CA SER FA 400 43.91 23.50 55.37
C SER FA 400 42.79 23.42 56.41
N PHE FA 401 41.66 22.83 56.04
CA PHE FA 401 40.64 22.46 57.01
C PHE FA 401 41.13 21.22 57.76
N ALA FA 402 42.19 21.42 58.52
CA ALA FA 402 42.83 20.31 59.21
C ALA FA 402 41.84 19.66 60.18
N PRO FA 403 41.60 18.37 60.07
CA PRO FA 403 40.64 17.70 60.96
C PRO FA 403 41.21 17.60 62.37
N THR FA 404 40.44 16.95 63.24
CA THR FA 404 40.87 16.81 64.62
C THR FA 404 42.11 15.91 64.70
N PRO FA 405 43.10 16.29 65.50
CA PRO FA 405 44.31 15.46 65.60
C PRO FA 405 44.01 14.12 66.25
N GLY FA 406 44.68 13.08 65.76
CA GLY FA 406 44.48 11.74 66.24
C GLY FA 406 43.55 10.90 65.39
N LEU FA 407 42.75 11.52 64.53
CA LEU FA 407 41.81 10.82 63.66
C LEU FA 407 42.09 11.21 62.21
N PRO FA 408 41.84 10.29 61.27
CA PRO FA 408 42.21 10.55 59.88
C PRO FA 408 41.25 11.51 59.20
N ASP FA 409 41.68 12.01 58.04
CA ASP FA 409 41.03 13.11 57.36
C ASP FA 409 40.05 12.58 56.34
N PRO FA 410 38.75 12.80 56.49
CA PRO FA 410 37.78 12.39 55.47
C PRO FA 410 37.65 13.33 54.29
N ARG FA 411 38.53 14.31 54.16
CA ARG FA 411 38.51 15.21 53.01
C ARG FA 411 39.23 14.65 51.80
N THR FA 412 39.76 13.42 51.89
CA THR FA 412 40.44 12.80 50.77
C THR FA 412 39.55 11.84 50.00
N HIS FA 413 38.64 11.15 50.69
CA HIS FA 413 37.76 10.19 50.06
C HIS FA 413 36.94 10.86 48.96
N PRO FA 414 36.47 10.07 47.99
CA PRO FA 414 35.55 10.61 46.99
C PRO FA 414 34.27 11.08 47.64
N PRO FA 415 33.84 12.32 47.37
CA PRO FA 415 32.62 12.83 47.98
C PRO FA 415 31.39 12.09 47.46
N ARG FA 416 30.33 12.08 48.28
CA ARG FA 416 29.13 11.33 47.93
C ARG FA 416 27.86 12.11 48.27
N ALA FA 417 27.91 13.44 48.22
CA ALA FA 417 26.72 14.26 48.41
C ALA FA 417 27.03 15.67 47.94
N VAL FA 418 25.97 16.44 47.69
CA VAL FA 418 26.08 17.84 47.33
C VAL FA 418 25.25 18.65 48.32
N HIS FA 419 25.72 19.85 48.64
CA HIS FA 419 25.03 20.75 49.53
C HIS FA 419 24.71 22.03 48.78
N PHE FA 420 23.45 22.47 48.87
CA PHE FA 420 22.99 23.65 48.17
C PHE FA 420 21.97 24.36 49.04
N PHE FA 421 21.89 25.68 48.85
CA PHE FA 421 20.98 26.50 49.64
C PHE FA 421 19.57 26.41 49.06
N ASN FA 422 18.58 26.34 49.96
CA ASN FA 422 17.18 26.24 49.56
C ASN FA 422 16.65 27.61 49.17
N LYS FA 423 15.32 27.73 49.04
CA LYS FA 423 14.73 29.01 48.64
C LYS FA 423 15.08 30.11 49.63
N ASP FA 424 14.86 29.86 50.92
CA ASP FA 424 15.11 30.89 51.93
C ASP FA 424 16.57 30.91 52.36
N GLY FA 425 17.23 29.76 52.41
CA GLY FA 425 18.64 29.74 52.74
C GLY FA 425 19.09 28.58 53.60
N VAL FA 426 18.18 27.92 54.29
CA VAL FA 426 18.57 26.75 55.08
C VAL FA 426 19.05 25.65 54.14
N PRO FA 427 20.20 25.03 54.39
CA PRO FA 427 20.72 24.03 53.45
C PRO FA 427 19.95 22.73 53.52
N CYS FA 428 19.73 22.14 52.34
CA CYS FA 428 19.14 20.81 52.21
C CYS FA 428 19.94 20.05 51.16
N HIS FA 429 20.48 18.91 51.55
CA HIS FA 429 21.44 18.20 50.72
C HIS FA 429 20.82 16.95 50.11
N VAL FA 430 21.29 16.60 48.92
CA VAL FA 430 20.84 15.41 48.20
C VAL FA 430 21.97 14.39 48.22
N THR FA 431 21.64 13.16 48.62
CA THR FA 431 22.61 12.08 48.69
C THR FA 431 22.18 10.94 47.78
N PHE FA 432 23.12 10.03 47.53
CA PHE FA 432 22.87 8.88 46.66
C PHE FA 432 21.55 8.18 46.94
N GLU FA 433 21.32 7.80 48.20
CA GLU FA 433 20.15 7.00 48.55
C GLU FA 433 18.84 7.61 48.04
N HIS FA 434 18.81 8.91 47.77
CA HIS FA 434 17.64 9.50 47.13
C HIS FA 434 17.46 9.00 45.70
N ALA FA 435 18.55 8.59 45.05
CA ALA FA 435 18.44 8.05 43.69
C ALA FA 435 17.86 6.65 43.64
N MET FA 436 17.55 6.05 44.80
CA MET FA 436 16.92 4.73 44.81
C MET FA 436 15.62 4.73 44.01
N GLY FA 437 14.91 5.86 43.96
CA GLY FA 437 13.72 5.96 43.14
C GLY FA 437 13.97 5.76 41.67
N THR FA 438 15.23 5.87 41.23
CA THR FA 438 15.60 5.69 39.84
C THR FA 438 16.44 4.45 39.61
N LEU FA 439 17.57 4.32 40.31
CA LEU FA 439 18.51 3.24 40.05
C LEU FA 439 18.10 1.92 40.69
N CYS FA 440 16.88 1.82 41.22
CA CYS FA 440 16.31 0.55 41.69
C CYS FA 440 14.94 0.42 41.03
N HIS FA 441 14.92 -0.14 39.82
CA HIS FA 441 13.68 -0.32 39.07
C HIS FA 441 13.96 -1.23 37.90
N PRO FA 442 13.03 -2.12 37.54
CA PRO FA 442 13.27 -3.02 36.39
C PRO FA 442 13.63 -2.29 35.10
N SER FA 443 13.20 -1.04 34.94
CA SER FA 443 13.58 -0.25 33.77
C SER FA 443 15.10 -0.18 33.59
N PHE FA 444 15.87 -0.37 34.66
CA PHE FA 444 17.32 -0.37 34.57
C PHE FA 444 17.84 -1.55 33.76
N LEU FA 445 17.02 -2.58 33.56
CA LEU FA 445 17.43 -3.79 32.84
C LEU FA 445 16.54 -4.01 31.62
N ASP FA 446 16.22 -2.94 30.91
CA ASP FA 446 15.42 -2.99 29.69
C ASP FA 446 16.35 -2.66 28.52
N VAL FA 447 16.69 -3.67 27.73
CA VAL FA 447 17.67 -3.49 26.65
C VAL FA 447 17.12 -4.03 25.33
N ASP FA 448 16.03 -4.80 25.40
CA ASP FA 448 15.50 -5.48 24.22
C ASP FA 448 15.30 -4.51 23.05
N ALA FA 449 14.74 -3.34 23.34
CA ALA FA 449 14.58 -2.33 22.29
C ALA FA 449 15.93 -1.92 21.72
N THR FA 450 16.90 -1.65 22.58
CA THR FA 450 18.22 -1.25 22.12
C THR FA 450 18.88 -2.36 21.30
N LEU FA 451 18.77 -3.60 21.78
CA LEU FA 451 19.34 -4.73 21.05
C LEU FA 451 18.73 -4.86 19.66
N ALA FA 452 17.40 -4.90 19.59
CA ALA FA 452 16.73 -5.03 18.29
C ALA FA 452 17.05 -3.86 17.38
N ALA FA 453 17.16 -2.65 17.92
CA ALA FA 453 17.46 -1.49 17.09
C ALA FA 453 18.88 -1.54 16.55
N LEU FA 454 19.83 -2.00 17.36
CA LEU FA 454 21.22 -2.03 16.93
C LEU FA 454 21.49 -3.04 15.82
N ARG FA 455 20.62 -4.05 15.68
CA ARG FA 455 20.83 -5.11 14.69
C ARG FA 455 20.44 -4.69 13.28
N GLN FA 456 20.26 -3.40 13.00
CA GLN FA 456 19.85 -2.98 11.67
C GLN FA 456 21.03 -2.94 10.71
N GLU FA 457 22.19 -2.44 11.16
CA GLU FA 457 23.41 -2.61 10.38
C GLU FA 457 23.69 -4.11 10.32
N PRO FA 458 23.54 -4.73 9.15
CA PRO FA 458 23.36 -6.19 9.10
C PRO FA 458 24.47 -7.03 9.71
N ALA FA 459 25.70 -6.91 9.20
CA ALA FA 459 26.75 -7.83 9.62
C ALA FA 459 28.12 -7.31 9.19
N GLU FA 460 29.11 -7.62 10.01
CA GLU FA 460 30.52 -7.32 9.74
C GLU FA 460 31.35 -8.10 10.74
N VAL FA 461 32.62 -8.32 10.39
CA VAL FA 461 33.51 -9.14 11.19
C VAL FA 461 34.83 -8.40 11.39
N GLN FA 462 35.26 -8.28 12.66
CA GLN FA 462 36.58 -7.75 12.99
C GLN FA 462 37.45 -8.82 13.63
N CYS FA 463 37.00 -9.43 14.73
CA CYS FA 463 37.69 -10.54 15.37
C CYS FA 463 36.64 -11.38 16.08
N ALA FA 464 37.04 -12.59 16.48
CA ALA FA 464 36.09 -13.52 17.07
C ALA FA 464 36.68 -14.30 18.23
N PHE FA 465 37.63 -13.72 18.95
CA PHE FA 465 38.31 -14.46 20.02
C PHE FA 465 37.51 -14.44 21.32
N GLY FA 466 37.31 -13.25 21.89
CA GLY FA 466 36.74 -13.15 23.23
C GLY FA 466 35.24 -13.17 23.28
N ALA FA 467 34.60 -13.85 22.32
CA ALA FA 467 33.15 -13.86 22.23
C ALA FA 467 32.61 -15.23 21.83
N TYR FA 468 33.37 -16.30 22.09
CA TYR FA 468 32.97 -17.61 21.60
C TYR FA 468 33.60 -18.67 22.48
N VAL FA 469 32.76 -19.52 23.09
CA VAL FA 469 33.22 -20.64 23.89
C VAL FA 469 32.86 -21.93 23.14
N ALA FA 470 33.41 -23.05 23.63
CA ALA FA 470 33.18 -24.32 22.98
C ALA FA 470 33.35 -25.44 23.99
N ASP FA 471 32.52 -26.47 23.85
CA ASP FA 471 32.69 -27.70 24.61
C ASP FA 471 33.82 -28.53 24.00
N ALA FA 472 34.50 -29.29 24.86
CA ALA FA 472 35.66 -30.06 24.45
C ALA FA 472 35.38 -31.54 24.55
N ARG FA 473 35.93 -32.30 23.60
CA ARG FA 473 35.89 -33.75 23.65
C ARG FA 473 36.88 -34.26 24.70
N PRO FA 474 36.77 -35.53 25.08
CA PRO FA 474 37.73 -36.08 26.05
C PRO FA 474 39.15 -36.18 25.49
N ASP FA 475 40.06 -36.80 26.25
CA ASP FA 475 41.50 -36.71 26.02
C ASP FA 475 41.96 -35.25 26.19
N ALA FA 476 41.76 -34.76 27.40
CA ALA FA 476 41.75 -33.33 27.67
C ALA FA 476 43.04 -32.84 28.32
N LEU FA 477 43.29 -31.55 28.14
CA LEU FA 477 44.22 -30.69 28.87
C LEU FA 477 45.69 -30.80 28.50
N VAL FA 478 46.09 -31.68 27.59
CA VAL FA 478 47.49 -31.70 27.18
C VAL FA 478 47.54 -31.49 25.67
N GLY FA 479 46.83 -32.34 24.94
CA GLY FA 479 46.73 -32.16 23.51
C GLY FA 479 45.75 -31.08 23.11
N LEU FA 480 44.75 -30.82 23.96
CA LEU FA 480 43.82 -29.73 23.68
C LEU FA 480 44.54 -28.40 23.60
N MET FA 481 45.52 -28.16 24.48
CA MET FA 481 46.26 -26.91 24.43
C MET FA 481 47.07 -26.81 23.14
N GLN FA 482 47.61 -27.93 22.66
CA GLN FA 482 48.30 -27.93 21.38
C GLN FA 482 47.35 -27.59 20.24
N ARG FA 483 46.18 -28.23 20.22
CA ARG FA 483 45.19 -27.94 19.17
C ARG FA 483 44.77 -26.47 19.20
N PHE FA 484 44.45 -25.96 20.38
CA PHE FA 484 44.02 -24.57 20.52
C PHE FA 484 45.14 -23.62 20.09
N LEU FA 485 46.39 -23.94 20.41
CA LEU FA 485 47.51 -23.10 20.01
C LEU FA 485 47.89 -23.30 18.56
N GLU FA 486 47.50 -24.41 17.94
CA GLU FA 486 47.67 -24.58 16.50
C GLU FA 486 46.61 -23.85 15.70
N GLU FA 487 45.63 -23.24 16.37
CA GLU FA 487 44.57 -22.51 15.70
C GLU FA 487 44.36 -21.10 16.24
N TRP FA 488 45.03 -20.72 17.33
CA TRP FA 488 44.88 -19.37 17.87
C TRP FA 488 45.12 -18.27 16.85
N PRO FA 489 46.11 -18.36 15.95
CA PRO FA 489 46.18 -17.35 14.88
C PRO FA 489 44.99 -17.40 13.93
N GLY FA 490 44.29 -18.52 13.88
CA GLY FA 490 43.09 -18.63 13.05
C GLY FA 490 41.87 -18.03 13.71
N MET FA 491 42.09 -17.17 14.71
CA MET FA 491 41.01 -16.47 15.39
C MET FA 491 41.25 -14.97 15.52
N MET FA 492 42.48 -14.49 15.36
CA MET FA 492 42.82 -13.08 15.49
C MET FA 492 43.45 -12.57 14.20
N PRO FA 493 42.65 -12.21 13.20
CA PRO FA 493 43.23 -11.48 12.07
C PRO FA 493 43.71 -10.09 12.45
N VAL FA 494 42.97 -9.42 13.34
CA VAL FA 494 43.38 -8.15 13.93
C VAL FA 494 43.18 -8.25 15.43
N ARG FA 495 43.98 -7.49 16.17
CA ARG FA 495 43.96 -7.59 17.63
C ARG FA 495 42.57 -7.24 18.17
N PRO FA 496 42.11 -7.94 19.20
CA PRO FA 496 40.81 -7.58 19.80
C PRO FA 496 40.89 -6.26 20.54
N ARG FA 497 39.73 -5.61 20.65
CA ARG FA 497 39.70 -4.28 21.24
C ARG FA 497 39.73 -4.33 22.76
N TRP FA 498 38.97 -5.26 23.35
CA TRP FA 498 38.90 -5.35 24.81
C TRP FA 498 40.27 -5.66 25.41
N ALA FA 499 41.05 -6.50 24.75
CA ALA FA 499 42.31 -7.00 25.29
C ALA FA 499 43.28 -5.86 25.54
N ALA FA 500 43.71 -5.19 24.47
CA ALA FA 500 44.53 -4.01 24.61
C ALA FA 500 43.72 -2.92 25.31
N PRO FA 501 44.39 -1.96 25.95
CA PRO FA 501 43.66 -0.79 26.46
C PRO FA 501 42.90 -0.10 25.35
N ALA FA 502 41.57 -0.07 25.47
CA ALA FA 502 40.74 0.52 24.43
C ALA FA 502 41.17 1.95 24.13
N ALA FA 503 41.14 2.82 25.14
CA ALA FA 503 41.63 4.20 24.99
C ALA FA 503 41.70 4.84 26.37
N ALA FA 504 42.10 6.10 26.39
CA ALA FA 504 41.92 7.00 27.52
C ALA FA 504 41.11 8.23 27.13
N ASP FA 505 41.53 8.94 26.09
CA ASP FA 505 40.80 10.07 25.52
C ASP FA 505 40.06 9.70 24.24
N GLN FA 506 40.74 9.02 23.32
CA GLN FA 506 40.16 8.73 22.01
C GLN FA 506 38.98 7.77 22.06
N LEU FA 507 38.61 7.27 23.24
CA LEU FA 507 37.34 6.56 23.35
C LEU FA 507 36.16 7.52 23.19
N LEU FA 508 36.39 8.82 23.37
CA LEU FA 508 35.39 9.84 23.06
C LEU FA 508 35.84 10.70 21.88
N ALA FA 509 36.70 10.16 21.02
CA ALA FA 509 37.11 10.85 19.82
C ALA FA 509 35.93 10.97 18.85
N PRO FA 510 35.96 11.95 17.94
CA PRO FA 510 34.79 12.20 17.09
C PRO FA 510 34.49 11.12 16.07
N GLY FA 511 35.27 10.04 16.00
CA GLY FA 511 35.01 9.05 14.97
C GLY FA 511 35.29 7.60 15.33
N ASN FA 512 35.52 7.30 16.61
CA ASN FA 512 35.94 5.96 16.98
C ASN FA 512 34.84 4.94 16.69
N ALA FA 513 35.26 3.71 16.40
CA ALA FA 513 34.34 2.63 16.08
C ALA FA 513 34.07 1.73 17.28
N ASP FA 514 34.07 2.30 18.49
CA ASP FA 514 33.73 1.54 19.69
C ASP FA 514 32.62 2.24 20.47
N LEU FA 515 32.48 3.55 20.27
CA LEU FA 515 31.42 4.30 20.93
C LEU FA 515 30.05 3.80 20.53
N ARG FA 516 29.90 3.30 19.30
CA ARG FA 516 28.61 2.82 18.83
C ARG FA 516 28.09 1.65 19.64
N LEU FA 517 28.95 0.99 20.42
CA LEU FA 517 28.55 -0.20 21.15
C LEU FA 517 28.60 -0.05 22.67
N GLU FA 518 29.08 1.09 23.19
CA GLU FA 518 29.11 1.35 24.62
C GLU FA 518 28.02 2.39 24.91
N LEU FA 519 26.84 1.91 25.29
CA LEU FA 519 25.71 2.80 25.53
C LEU FA 519 24.86 2.35 26.72
N HIS FA 520 25.46 1.68 27.70
CA HIS FA 520 24.73 1.25 28.88
C HIS FA 520 25.71 1.06 30.02
N PRO FA 521 25.31 1.38 31.26
CA PRO FA 521 26.22 1.25 32.40
C PRO FA 521 26.53 -0.19 32.78
N ALA FA 522 25.52 -1.05 32.83
CA ALA FA 522 25.65 -2.40 33.35
C ALA FA 522 25.51 -3.46 32.26
N PHE FA 523 26.00 -3.16 31.06
CA PHE FA 523 25.92 -4.11 29.96
C PHE FA 523 27.14 -3.95 29.06
N ASP FA 524 27.35 -4.95 28.22
CA ASP FA 524 28.40 -4.94 27.20
C ASP FA 524 27.81 -5.44 25.90
N PHE FA 525 28.04 -4.69 24.82
CA PHE FA 525 27.47 -4.99 23.52
C PHE FA 525 28.63 -5.32 22.58
N PHE FA 526 28.85 -6.60 22.34
CA PHE FA 526 29.96 -7.06 21.51
C PHE FA 526 29.44 -7.68 20.22
N VAL FA 527 30.36 -7.92 19.29
CA VAL FA 527 30.07 -8.69 18.09
C VAL FA 527 30.34 -10.16 18.40
N ALA FA 528 29.41 -11.03 17.97
CA ALA FA 528 29.52 -12.43 18.29
C ALA FA 528 29.22 -13.26 17.04
N PRO FA 529 30.05 -14.25 16.73
CA PRO FA 529 29.74 -15.16 15.62
C PRO FA 529 28.44 -15.89 15.89
N GLU FA 530 27.52 -15.84 14.92
CA GLU FA 530 26.16 -16.33 15.13
C GLU FA 530 26.16 -17.85 15.10
N VAL FA 531 26.47 -18.43 16.26
CA VAL FA 531 26.35 -19.86 16.51
C VAL FA 531 25.85 -20.02 17.94
N ASP FA 532 25.16 -21.12 18.20
CA ASP FA 532 24.76 -21.45 19.56
C ASP FA 532 25.99 -21.52 20.46
N VAL FA 533 25.78 -21.21 21.73
CA VAL FA 533 26.85 -21.22 22.73
C VAL FA 533 26.56 -22.36 23.72
N PRO FA 534 27.52 -23.27 23.96
CA PRO FA 534 28.82 -23.31 23.29
C PRO FA 534 28.70 -23.91 21.89
N GLY FA 535 29.83 -24.14 21.22
CA GLY FA 535 29.81 -24.71 19.90
C GLY FA 535 30.90 -25.73 19.70
N PRO FA 536 31.12 -26.16 18.46
CA PRO FA 536 32.23 -27.07 18.18
C PRO FA 536 33.57 -26.38 18.39
N PHE FA 537 34.61 -27.21 18.52
CA PHE FA 537 35.95 -26.69 18.73
C PHE FA 537 36.43 -25.87 17.55
N ALA FA 538 35.95 -26.15 16.35
CA ALA FA 538 36.33 -25.40 15.16
C ALA FA 538 35.41 -24.19 15.00
N VAL FA 539 35.99 -23.08 14.57
CA VAL FA 539 35.23 -21.84 14.38
C VAL FA 539 34.80 -21.73 12.92
N PRO FA 540 33.53 -21.39 12.66
CA PRO FA 540 33.12 -21.13 11.28
C PRO FA 540 33.41 -19.69 10.87
N GLN FA 541 33.01 -19.32 9.66
CA GLN FA 541 33.15 -17.96 9.16
C GLN FA 541 31.78 -17.29 8.97
N VAL FA 542 30.80 -17.68 9.79
CA VAL FA 542 29.44 -17.18 9.65
C VAL FA 542 29.38 -15.71 10.03
N MET FA 543 28.28 -15.04 9.68
CA MET FA 543 28.12 -13.63 9.98
C MET FA 543 27.77 -13.43 11.45
N GLY FA 544 28.06 -12.24 11.96
CA GLY FA 544 27.98 -11.96 13.38
C GLY FA 544 26.80 -11.07 13.73
N GLN FA 545 25.97 -11.56 14.64
CA GLN FA 545 24.95 -10.75 15.29
C GLN FA 545 25.60 -9.97 16.43
N VAL FA 546 24.78 -9.36 17.28
CA VAL FA 546 25.26 -8.61 18.44
C VAL FA 546 24.50 -9.07 19.66
N ARG FA 547 25.23 -9.49 20.69
CA ARG FA 547 24.64 -10.01 21.91
C ARG FA 547 24.85 -9.02 23.05
N ALA FA 548 24.45 -9.42 24.25
CA ALA FA 548 24.63 -8.61 25.44
C ALA FA 548 24.90 -9.52 26.62
N MET FA 549 25.88 -9.16 27.44
CA MET FA 549 26.20 -9.89 28.65
C MET FA 549 26.39 -8.88 29.78
N PRO FA 550 25.54 -8.92 30.81
CA PRO FA 550 25.53 -7.82 31.78
C PRO FA 550 26.76 -7.86 32.69
N ARG FA 551 27.34 -6.69 32.92
CA ARG FA 551 28.47 -6.58 33.84
C ARG FA 551 27.96 -6.80 35.25
N ILE FA 552 28.15 -8.02 35.76
CA ILE FA 552 27.64 -8.37 37.09
C ILE FA 552 28.37 -7.62 38.18
N ILE FA 553 29.61 -7.21 37.93
CA ILE FA 553 30.48 -6.65 38.94
C ILE FA 553 30.85 -5.23 38.53
N ASN FA 554 30.67 -4.28 39.44
CA ASN FA 554 30.94 -2.87 39.17
C ASN FA 554 32.42 -2.63 38.87
N GLY FA 555 33.26 -3.65 39.09
CA GLY FA 555 34.64 -3.58 38.64
C GLY FA 555 34.83 -3.82 37.17
N ASN FA 556 33.82 -4.39 36.49
CA ASN FA 556 33.93 -4.68 35.07
C ASN FA 556 33.78 -3.44 34.19
N ILE FA 557 33.56 -2.26 34.77
CA ILE FA 557 33.45 -1.05 33.96
C ILE FA 557 34.75 -0.85 33.19
N PRO FA 558 34.71 -0.61 31.89
CA PRO FA 558 35.96 -0.41 31.14
C PRO FA 558 36.75 0.77 31.70
N LEU FA 559 38.08 0.62 31.70
CA LEU FA 559 38.96 1.51 32.44
C LEU FA 559 38.86 2.96 31.99
N ALA FA 560 38.51 3.22 30.73
CA ALA FA 560 38.50 4.58 30.22
C ALA FA 560 37.42 5.46 30.85
N LEU FA 561 36.56 4.90 31.70
CA LEU FA 561 35.53 5.66 32.38
C LEU FA 561 35.60 5.58 33.89
N CYS FA 562 36.18 4.52 34.45
CA CYS FA 562 36.40 4.38 35.88
C CYS FA 562 37.89 4.20 36.08
N PRO FA 563 38.66 5.28 36.09
CA PRO FA 563 40.11 5.16 36.08
C PRO FA 563 40.65 4.52 37.36
N VAL FA 564 41.92 4.11 37.28
CA VAL FA 564 42.56 3.38 38.36
C VAL FA 564 42.68 4.23 39.62
N ASP FA 565 42.84 5.54 39.45
CA ASP FA 565 42.99 6.42 40.61
C ASP FA 565 41.74 6.37 41.50
N PHE FA 566 40.56 6.29 40.90
CA PHE FA 566 39.34 6.21 41.69
C PHE FA 566 39.26 4.90 42.46
N ARG FA 567 39.64 3.79 41.83
CA ARG FA 567 39.65 2.51 42.53
C ARG FA 567 40.60 2.56 43.72
N ASP FA 568 41.80 3.11 43.51
CA ASP FA 568 42.75 3.26 44.61
C ASP FA 568 42.19 4.14 45.72
N ALA FA 569 41.49 5.21 45.35
CA ALA FA 569 40.92 6.11 46.35
C ALA FA 569 39.86 5.42 47.17
N ARG FA 570 38.94 4.69 46.51
CA ARG FA 570 37.90 3.97 47.25
C ARG FA 570 38.51 2.91 48.14
N GLY FA 571 39.54 2.23 47.66
CA GLY FA 571 40.26 1.26 48.47
C GLY FA 571 40.83 1.87 49.73
N PHE FA 572 41.61 2.94 49.58
CA PHE FA 572 42.16 3.63 50.75
C PHE FA 572 41.06 4.16 51.66
N GLU FA 573 39.89 4.48 51.10
CA GLU FA 573 38.75 4.82 51.94
C GLU FA 573 38.40 3.64 52.84
N LEU FA 574 38.08 2.50 52.23
CA LEU FA 574 37.72 1.33 53.03
C LEU FA 574 38.87 0.79 53.86
N SER FA 575 40.10 1.23 53.60
CA SER FA 575 41.27 0.69 54.29
C SER FA 575 41.56 1.38 55.61
N VAL FA 576 40.81 2.41 55.97
CA VAL FA 576 41.07 3.15 57.20
C VAL FA 576 40.61 2.31 58.40
N ASP FA 577 41.48 2.21 59.40
CA ASP FA 577 41.24 1.53 60.68
C ASP FA 577 40.41 0.26 60.57
N ARG FA 578 40.64 -0.55 59.53
CA ARG FA 578 40.02 -1.86 59.44
C ARG FA 578 40.98 -2.97 59.84
N HIS FA 579 42.08 -3.12 59.10
CA HIS FA 579 43.13 -4.08 59.41
C HIS FA 579 44.29 -3.86 58.44
N ARG FA 580 45.50 -4.15 58.89
CA ARG FA 580 46.68 -3.93 58.06
C ARG FA 580 47.61 -5.12 58.17
N LEU FA 581 48.47 -5.25 57.17
CA LEU FA 581 49.49 -6.29 57.14
C LEU FA 581 50.81 -5.65 57.52
N ALA FA 582 51.31 -5.99 58.71
CA ALA FA 582 52.55 -5.42 59.19
C ALA FA 582 53.66 -5.62 58.15
N PRO FA 583 54.58 -4.65 57.99
CA PRO FA 583 55.55 -4.72 56.88
C PRO FA 583 56.34 -6.02 56.81
N ALA FA 584 56.44 -6.76 57.91
CA ALA FA 584 57.06 -8.08 57.86
C ALA FA 584 56.29 -9.01 56.94
N THR FA 585 54.96 -9.05 57.11
CA THR FA 585 54.11 -9.90 56.28
C THR FA 585 54.31 -9.61 54.79
N VAL FA 586 54.26 -8.34 54.41
CA VAL FA 586 54.37 -8.00 52.99
C VAL FA 586 55.78 -8.22 52.49
N ALA FA 587 56.80 -7.85 53.29
CA ALA FA 587 58.18 -8.03 52.85
C ALA FA 587 58.57 -9.49 52.75
N ALA FA 588 57.82 -10.39 53.38
CA ALA FA 588 58.03 -11.81 53.17
C ALA FA 588 57.24 -12.34 51.98
N VAL FA 589 55.94 -12.04 51.94
CA VAL FA 589 55.08 -12.63 50.92
C VAL FA 589 55.44 -12.11 49.53
N ARG FA 590 55.62 -10.80 49.37
CA ARG FA 590 56.01 -10.27 48.07
C ARG FA 590 57.39 -10.77 47.66
N GLY FA 591 58.33 -10.79 48.61
CA GLY FA 591 59.65 -11.34 48.32
C GLY FA 591 59.60 -12.78 47.84
N ALA FA 592 58.62 -13.54 48.32
CA ALA FA 592 58.41 -14.89 47.80
C ALA FA 592 57.80 -14.84 46.40
N PHE FA 593 56.74 -14.06 46.23
CA PHE FA 593 56.02 -14.00 44.96
C PHE FA 593 56.85 -13.42 43.83
N ARG FA 594 57.96 -12.77 44.15
CA ARG FA 594 58.87 -12.25 43.14
C ARG FA 594 60.14 -13.09 43.03
N ASP FA 595 60.18 -14.24 43.70
CA ASP FA 595 61.39 -15.05 43.72
C ASP FA 595 61.63 -15.69 42.35
N ALA FA 596 62.92 -15.81 41.99
CA ALA FA 596 63.26 -16.37 40.69
C ALA FA 596 63.35 -17.89 40.73
N ASN FA 597 63.80 -18.45 41.84
CA ASN FA 597 64.04 -19.88 41.96
C ASN FA 597 63.27 -20.48 43.12
N TYR FA 598 61.96 -20.17 43.19
CA TYR FA 598 61.05 -20.82 44.12
C TYR FA 598 61.21 -22.33 43.94
N PRO FA 599 61.76 -23.03 44.92
CA PRO FA 599 62.24 -24.39 44.67
C PRO FA 599 61.14 -25.33 44.20
N MET FA 600 61.45 -26.08 43.14
CA MET FA 600 60.47 -26.97 42.52
C MET FA 600 60.02 -28.07 43.47
N VAL FA 601 60.83 -28.38 44.49
CA VAL FA 601 60.44 -29.41 45.46
C VAL FA 601 59.12 -29.05 46.13
N PHE FA 602 58.87 -27.75 46.33
CA PHE FA 602 57.63 -27.34 46.95
C PHE FA 602 56.44 -27.53 46.01
N TYR FA 603 56.63 -27.21 44.73
CA TYR FA 603 55.61 -27.55 43.74
C TYR FA 603 55.34 -29.04 43.74
N ILE FA 604 56.39 -29.85 43.88
CA ILE FA 604 56.22 -31.31 43.87
C ILE FA 604 55.40 -31.77 45.07
N ILE FA 605 55.72 -31.23 46.26
CA ILE FA 605 55.01 -31.64 47.47
C ILE FA 605 53.55 -31.19 47.40
N GLU FA 606 53.30 -29.99 46.88
CA GLU FA 606 51.93 -29.52 46.74
C GLU FA 606 51.17 -30.37 45.74
N ALA FA 607 51.83 -30.80 44.66
CA ALA FA 607 51.19 -31.70 43.70
C ALA FA 607 50.80 -33.02 44.35
N VAL FA 608 51.75 -33.67 45.03
CA VAL FA 608 51.47 -35.00 45.57
C VAL FA 608 50.45 -34.93 46.70
N ILE FA 609 50.46 -33.87 47.50
CA ILE FA 609 49.48 -33.77 48.57
C ILE FA 609 48.09 -33.48 48.00
N HIS FA 610 48.03 -32.77 46.88
CA HIS FA 610 46.81 -32.41 46.16
C HIS FA 610 45.63 -32.05 47.08
N GLY FA 611 45.91 -31.33 48.16
CA GLY FA 611 44.86 -30.75 48.97
C GLY FA 611 43.96 -31.72 49.70
N SER FA 612 44.47 -32.89 50.09
CA SER FA 612 43.70 -33.80 50.92
C SER FA 612 43.80 -33.34 52.38
N GLU FA 613 43.33 -34.17 53.31
CA GLU FA 613 43.47 -33.87 54.73
C GLU FA 613 44.39 -34.86 55.45
N ARG FA 614 44.13 -36.16 55.34
CA ARG FA 614 45.02 -37.13 55.98
C ARG FA 614 46.43 -37.04 55.43
N THR FA 615 46.57 -36.73 54.14
CA THR FA 615 47.90 -36.58 53.55
C THR FA 615 48.72 -35.53 54.29
N PHE FA 616 48.12 -34.37 54.56
CA PHE FA 616 48.85 -33.32 55.28
C PHE FA 616 49.10 -33.73 56.72
N CYS FA 617 48.08 -34.26 57.40
CA CYS FA 617 48.26 -34.72 58.77
C CYS FA 617 49.31 -35.81 58.87
N ALA FA 618 49.70 -36.42 57.76
CA ALA FA 618 50.83 -37.35 57.74
C ALA FA 618 52.15 -36.63 57.46
N LEU FA 619 52.21 -35.89 56.35
CA LEU FA 619 53.46 -35.28 55.90
C LEU FA 619 53.85 -34.02 56.68
N ALA FA 620 53.09 -33.67 57.72
CA ALA FA 620 53.37 -32.52 58.57
C ALA FA 620 54.85 -32.34 58.92
N ARG FA 621 55.55 -33.44 59.25
CA ARG FA 621 56.95 -33.30 59.68
C ARG FA 621 57.82 -32.80 58.53
N LEU FA 622 57.67 -33.40 57.34
CA LEU FA 622 58.45 -32.93 56.19
C LEU FA 622 58.08 -31.50 55.84
N VAL FA 623 56.79 -31.16 55.92
CA VAL FA 623 56.36 -29.78 55.67
C VAL FA 623 57.08 -28.83 56.62
N ALA FA 624 57.11 -29.15 57.91
CA ALA FA 624 57.73 -28.26 58.89
C ALA FA 624 59.23 -28.15 58.67
N GLN FA 625 59.90 -29.27 58.38
CA GLN FA 625 61.32 -29.24 58.10
C GLN FA 625 61.62 -28.33 56.90
N CYS FA 626 60.84 -28.48 55.83
CA CYS FA 626 61.04 -27.66 54.64
C CYS FA 626 60.83 -26.19 54.93
N ILE FA 627 59.76 -25.86 55.65
CA ILE FA 627 59.47 -24.45 55.95
C ILE FA 627 60.57 -23.84 56.79
N GLN FA 628 61.01 -24.56 57.83
CA GLN FA 628 62.07 -24.05 58.70
C GLN FA 628 63.36 -23.84 57.93
N SER FA 629 63.76 -24.83 57.13
CA SER FA 629 64.99 -24.69 56.35
C SER FA 629 64.91 -23.51 55.40
N TYR FA 630 63.79 -23.36 54.69
CA TYR FA 630 63.66 -22.26 53.74
C TYR FA 630 63.67 -20.92 54.45
N TRP FA 631 63.02 -20.82 55.61
CA TRP FA 631 62.99 -19.56 56.34
C TRP FA 631 64.39 -19.19 56.83
N ARG FA 632 65.16 -20.17 57.29
CA ARG FA 632 66.54 -19.88 57.65
C ARG FA 632 67.36 -19.50 56.41
N ASN FA 633 67.01 -20.06 55.25
CA ASN FA 633 67.82 -19.85 54.06
C ASN FA 633 67.64 -18.44 53.51
N THR FA 634 66.40 -17.97 53.37
CA THR FA 634 66.19 -16.68 52.74
C THR FA 634 65.14 -15.80 53.43
N HIS FA 635 64.66 -16.17 54.61
CA HIS FA 635 63.75 -15.35 55.41
C HIS FA 635 62.45 -15.01 54.67
N ASN FA 636 62.08 -15.80 53.66
CA ASN FA 636 60.86 -15.57 52.89
C ASN FA 636 59.92 -16.75 53.08
N ALA FA 637 58.65 -16.45 53.31
CA ALA FA 637 57.67 -17.50 53.54
C ALA FA 637 57.48 -18.34 52.27
N ALA FA 638 56.77 -19.45 52.41
CA ALA FA 638 56.59 -20.39 51.32
C ALA FA 638 55.18 -20.96 51.36
N PHE FA 639 54.88 -21.79 50.36
CA PHE FA 639 53.62 -22.51 50.24
C PHE FA 639 52.40 -21.60 50.10
N VAL FA 640 52.61 -20.32 49.82
CA VAL FA 640 51.52 -19.35 49.75
C VAL FA 640 50.75 -19.50 48.45
N ASN FA 641 51.23 -20.38 47.57
CA ASN FA 641 50.58 -20.56 46.26
C ASN FA 641 49.21 -21.21 46.43
N ASN FA 642 49.15 -22.36 47.07
CA ASN FA 642 47.91 -23.10 47.25
C ASN FA 642 47.26 -22.72 48.57
N PHE FA 643 45.93 -22.53 48.54
CA PHE FA 643 45.24 -21.98 49.72
C PHE FA 643 45.01 -23.04 50.79
N TYR FA 644 44.52 -24.22 50.40
CA TYR FA 644 44.27 -25.28 51.37
C TYR FA 644 45.51 -25.57 52.20
N MET FA 645 46.68 -25.59 51.56
CA MET FA 645 47.92 -25.76 52.28
C MET FA 645 48.12 -24.67 53.33
N VAL FA 646 47.88 -23.41 52.94
CA VAL FA 646 48.08 -22.29 53.85
C VAL FA 646 47.16 -22.42 55.05
N MET FA 647 45.89 -22.78 54.82
CA MET FA 647 44.96 -22.96 55.92
C MET FA 647 45.40 -24.09 56.85
N TYR FA 648 45.78 -25.23 56.27
CA TYR FA 648 46.22 -26.36 57.08
C TYR FA 648 47.47 -26.02 57.88
N ILE FA 649 48.30 -25.10 57.36
CA ILE FA 649 49.54 -24.72 58.06
C ILE FA 649 49.24 -24.26 59.48
N ASN FA 650 48.46 -23.18 59.60
CA ASN FA 650 48.14 -22.71 60.95
C ASN FA 650 47.00 -23.50 61.58
N THR FA 651 46.33 -24.38 60.84
CA THR FA 651 45.33 -25.23 61.48
C THR FA 651 45.99 -26.34 62.29
N TYR FA 652 47.07 -26.93 61.76
CA TYR FA 652 47.74 -28.06 62.40
C TYR FA 652 49.10 -27.70 62.97
N LEU FA 653 50.01 -27.16 62.15
CA LEU FA 653 51.31 -26.76 62.65
C LEU FA 653 51.12 -25.64 63.68
N GLY FA 654 50.67 -24.48 63.22
CA GLY FA 654 50.24 -23.42 64.11
C GLY FA 654 51.21 -23.09 65.23
N ASN FA 655 50.82 -23.43 66.45
CA ASN FA 655 51.64 -23.27 67.64
C ASN FA 655 52.75 -24.31 67.75
N GLY FA 656 53.06 -25.02 66.67
CA GLY FA 656 53.97 -26.15 66.76
C GLY FA 656 55.43 -25.86 66.52
N GLU FA 657 55.97 -26.42 65.43
CA GLU FA 657 57.41 -26.39 65.21
C GLU FA 657 57.91 -25.02 64.77
N LEU FA 658 57.15 -24.32 63.94
CA LEU FA 658 57.62 -23.06 63.36
C LEU FA 658 57.99 -22.07 64.46
N PRO FA 659 58.97 -21.20 64.21
CA PRO FA 659 59.40 -20.25 65.24
C PRO FA 659 58.33 -19.22 65.54
N GLU FA 660 58.66 -18.33 66.48
CA GLU FA 660 57.70 -17.31 66.91
C GLU FA 660 57.29 -16.39 65.78
N ASP FA 661 58.24 -15.97 64.96
CA ASP FA 661 57.96 -14.99 63.91
C ASP FA 661 57.36 -15.59 62.66
N CYS FA 662 57.89 -16.72 62.20
CA CYS FA 662 57.45 -17.29 60.92
C CYS FA 662 55.98 -17.72 60.97
N ALA FA 663 55.47 -18.08 62.16
CA ALA FA 663 54.06 -18.39 62.29
C ALA FA 663 53.18 -17.16 62.15
N ALA FA 664 53.66 -15.99 62.58
CA ALA FA 664 52.87 -14.77 62.46
C ALA FA 664 52.52 -14.47 61.00
N VAL FA 665 53.38 -14.85 60.06
CA VAL FA 665 53.06 -14.67 58.65
C VAL FA 665 51.85 -15.51 58.26
N TYR FA 666 51.89 -16.80 58.59
CA TYR FA 666 50.79 -17.70 58.28
C TYR FA 666 49.59 -17.49 59.18
N LYS FA 667 49.66 -16.56 60.13
CA LYS FA 667 48.49 -16.11 60.86
C LYS FA 667 47.88 -14.83 60.29
N ASP FA 668 48.73 -13.91 59.84
CA ASP FA 668 48.23 -12.71 59.17
C ASP FA 668 47.58 -13.06 57.84
N LEU FA 669 48.17 -13.99 57.10
CA LEU FA 669 47.63 -14.39 55.79
C LEU FA 669 46.28 -15.09 55.93
N LEU FA 670 45.80 -15.26 57.16
CA LEU FA 670 44.47 -15.77 57.45
C LEU FA 670 43.58 -14.75 58.11
N GLU FA 671 44.10 -14.00 59.08
CA GLU FA 671 43.32 -12.93 59.70
C GLU FA 671 42.91 -11.87 58.70
N HIS FA 672 43.74 -11.61 57.68
CA HIS FA 672 43.35 -10.70 56.63
C HIS FA 672 42.10 -11.20 55.89
N VAL FA 673 42.09 -12.49 55.56
CA VAL FA 673 40.95 -13.06 54.86
C VAL FA 673 39.71 -13.04 55.76
N HIS FA 674 39.89 -13.30 57.05
CA HIS FA 674 38.78 -13.19 57.99
C HIS FA 674 38.19 -11.78 57.99
N ALA FA 675 39.06 -10.76 58.09
CA ALA FA 675 38.58 -9.38 58.06
C ALA FA 675 37.87 -9.07 56.75
N LEU FA 676 38.38 -9.58 55.64
CA LEU FA 676 37.77 -9.29 54.35
C LEU FA 676 36.39 -9.93 54.24
N ARG FA 677 36.25 -11.17 54.72
CA ARG FA 677 34.92 -11.77 54.80
C ARG FA 677 34.00 -10.96 55.71
N ARG FA 678 34.55 -10.41 56.80
CA ARG FA 678 33.76 -9.58 57.68
C ARG FA 678 33.31 -8.30 57.00
N LEU FA 679 34.06 -7.83 56.02
CA LEU FA 679 33.75 -6.55 55.36
C LEU FA 679 32.33 -6.55 54.80
N ILE FA 680 32.00 -7.55 53.97
CA ILE FA 680 30.66 -7.57 53.36
C ILE FA 680 29.57 -7.68 54.40
N GLY FA 681 29.89 -8.16 55.60
CA GLY FA 681 28.89 -8.26 56.65
C GLY FA 681 28.31 -6.92 57.06
N GLU FA 682 29.08 -5.85 56.92
CA GLU FA 682 28.64 -4.52 57.33
C GLU FA 682 28.32 -3.63 56.14
N PHE FA 683 28.08 -4.21 54.97
CA PHE FA 683 27.61 -3.47 53.80
C PHE FA 683 26.32 -4.06 53.26
N THR FA 684 25.55 -4.70 54.13
CA THR FA 684 24.30 -5.37 53.76
C THR FA 684 23.20 -4.96 54.72
N LEU FA 685 22.01 -4.70 54.18
CA LEU FA 685 20.82 -4.54 55.00
C LEU FA 685 20.19 -5.91 55.22
N PRO FA 686 20.16 -6.42 56.46
CA PRO FA 686 19.59 -7.75 56.68
C PRO FA 686 18.09 -7.74 56.39
N GLY FA 687 17.65 -8.75 55.64
CA GLY FA 687 16.25 -8.85 55.26
C GLY FA 687 15.75 -10.27 55.23
N ASP FA 688 15.09 -10.65 54.14
CA ASP FA 688 14.57 -11.98 53.94
C ASP FA 688 15.33 -12.71 52.83
N PRO FA 689 15.44 -14.03 52.91
CA PRO FA 689 15.97 -14.78 51.77
C PRO FA 689 15.04 -14.63 50.56
N LEU FA 690 15.64 -14.36 49.40
CA LEU FA 690 14.88 -14.05 48.20
C LEU FA 690 14.99 -15.13 47.14
N GLY FA 691 16.20 -15.47 46.72
CA GLY FA 691 16.39 -16.51 45.73
C GLY FA 691 16.84 -17.82 46.35
N ASN FA 692 16.23 -18.15 47.49
CA ASN FA 692 16.69 -19.27 48.33
C ASN FA 692 18.14 -19.09 48.74
N GLN FA 693 18.59 -17.83 48.78
CA GLN FA 693 19.91 -17.43 49.22
C GLN FA 693 19.74 -16.23 50.13
N PRO FA 694 20.47 -16.17 51.24
CA PRO FA 694 20.47 -14.94 52.06
C PRO FA 694 20.85 -13.72 51.24
N GLN FA 695 20.61 -12.55 51.85
CA GLN FA 695 20.81 -11.28 51.13
C GLN FA 695 22.25 -11.12 50.65
N GLU FA 696 23.22 -11.59 51.44
CA GLU FA 696 24.63 -11.31 51.16
C GLU FA 696 25.04 -11.79 49.78
N GLU FA 697 24.53 -12.95 49.34
CA GLU FA 697 24.94 -13.49 48.05
C GLU FA 697 24.38 -12.66 46.90
N LEU FA 698 23.19 -12.07 47.08
CA LEU FA 698 22.69 -11.15 46.08
C LEU FA 698 23.46 -9.84 46.10
N ASN FA 699 23.83 -9.37 47.30
CA ASN FA 699 24.50 -8.08 47.42
C ASN FA 699 25.90 -8.13 46.81
N HIS FA 700 26.77 -8.97 47.36
CA HIS FA 700 28.11 -9.10 46.81
C HIS FA 700 28.10 -10.10 45.67
N ALA FA 701 29.27 -10.28 45.04
CA ALA FA 701 29.41 -11.25 43.97
C ALA FA 701 30.22 -12.48 44.36
N LEU FA 702 31.01 -12.39 45.43
CA LEU FA 702 31.85 -13.50 45.88
C LEU FA 702 31.23 -14.27 47.03
N ALA FA 703 30.02 -13.91 47.46
CA ALA FA 703 29.31 -14.71 48.45
C ALA FA 703 28.49 -15.82 47.82
N ASP FA 704 28.27 -15.77 46.51
CA ASP FA 704 27.48 -16.79 45.84
C ASP FA 704 28.10 -18.17 46.01
N ALA FA 705 27.25 -19.14 46.33
CA ALA FA 705 27.66 -20.54 46.30
C ALA FA 705 27.65 -21.12 44.90
N THR FA 706 27.31 -20.31 43.88
CA THR FA 706 27.20 -20.78 42.51
C THR FA 706 28.41 -20.41 41.65
N LEU FA 707 29.23 -19.47 42.09
CA LEU FA 707 30.43 -19.08 41.36
C LEU FA 707 31.58 -19.95 41.85
N LEU FA 708 31.95 -20.94 41.06
CA LEU FA 708 33.00 -21.86 41.45
C LEU FA 708 34.35 -21.14 41.53
N PRO FA 709 35.21 -21.54 42.46
CA PRO FA 709 36.55 -20.95 42.53
C PRO FA 709 37.38 -21.39 41.34
N PRO FA 710 38.46 -20.66 41.04
CA PRO FA 710 39.31 -21.04 39.90
C PRO FA 710 40.18 -22.26 40.16
N LEU FA 711 40.33 -22.69 41.40
CA LEU FA 711 41.07 -23.90 41.72
C LEU FA 711 40.34 -24.67 42.80
N ILE FA 712 40.07 -25.94 42.55
CA ILE FA 712 39.35 -26.80 43.49
C ILE FA 712 40.09 -28.12 43.61
N TRP FA 713 40.09 -28.68 44.82
CA TRP FA 713 40.82 -29.91 45.12
C TRP FA 713 39.89 -31.05 45.52
N ASP FA 714 38.59 -30.83 45.50
CA ASP FA 714 37.63 -31.80 46.01
C ASP FA 714 36.27 -31.51 45.36
N CYS FA 715 35.20 -32.07 45.93
CA CYS FA 715 33.86 -31.83 45.45
C CYS FA 715 33.00 -31.02 46.40
N ASP FA 716 33.55 -30.52 47.51
CA ASP FA 716 32.73 -29.78 48.47
C ASP FA 716 32.02 -28.59 47.85
N PRO FA 717 32.68 -27.72 47.05
CA PRO FA 717 31.92 -26.64 46.41
C PRO FA 717 30.89 -27.13 45.41
N ILE FA 718 31.23 -28.17 44.64
CA ILE FA 718 30.33 -28.63 43.58
C ILE FA 718 29.09 -29.28 44.17
N LEU FA 719 29.24 -30.06 45.24
CA LEU FA 719 28.08 -30.65 45.90
C LEU FA 719 27.11 -29.59 46.38
N TYR FA 720 27.63 -28.42 46.76
CA TYR FA 720 26.78 -27.31 47.16
C TYR FA 720 26.14 -26.58 45.98
N ARG FA 721 26.67 -26.78 44.76
CA ARG FA 721 26.24 -25.96 43.63
C ARG FA 721 24.83 -26.34 43.16
N ASP FA 722 24.62 -27.61 42.85
CA ASP FA 722 23.37 -28.04 42.22
C ASP FA 722 22.13 -27.76 43.07
N GLY FA 723 22.31 -27.58 44.38
CA GLY FA 723 21.17 -27.40 45.27
C GLY FA 723 20.34 -26.16 44.99
N LEU FA 724 20.87 -25.22 44.21
CA LEU FA 724 20.17 -23.97 43.91
C LEU FA 724 19.61 -24.09 42.49
N ALA FA 725 18.43 -24.67 42.37
CA ALA FA 725 17.77 -24.83 41.09
C ALA FA 725 16.92 -23.63 40.72
N GLU FA 726 16.80 -22.64 41.61
CA GLU FA 726 16.06 -21.42 41.28
C GLU FA 726 16.60 -20.73 40.04
N ARG FA 727 17.82 -21.08 39.64
CA ARG FA 727 18.38 -20.75 38.33
C ARG FA 727 19.10 -22.01 37.86
N LEU FA 728 18.55 -22.64 36.83
CA LEU FA 728 19.02 -23.93 36.38
C LEU FA 728 20.53 -23.89 36.13
N PRO FA 729 21.32 -24.46 37.04
CA PRO FA 729 22.77 -24.43 36.85
C PRO FA 729 23.25 -25.70 36.17
N GLU FA 730 24.43 -25.65 35.57
CA GLU FA 730 24.99 -26.84 34.95
C GLU FA 730 26.48 -26.63 34.76
N LEU FA 731 27.25 -27.66 35.08
CA LEU FA 731 28.68 -27.66 34.89
C LEU FA 731 29.06 -28.83 34.00
N ARG FA 732 29.91 -28.56 33.02
CA ARG FA 732 30.29 -29.56 32.03
C ARG FA 732 31.76 -29.91 32.25
N VAL FA 733 32.01 -31.18 32.57
CA VAL FA 733 33.36 -31.68 32.80
C VAL FA 733 33.66 -32.67 31.67
N ASN FA 734 34.34 -32.20 30.64
CA ASN FA 734 34.78 -33.03 29.52
C ASN FA 734 33.61 -33.63 28.74
N GLY FA 735 32.39 -33.23 29.09
CA GLY FA 735 31.19 -33.79 28.49
C GLY FA 735 30.29 -34.52 29.47
N ALA FA 736 30.82 -35.07 30.55
CA ALA FA 736 30.02 -35.71 31.58
C ALA FA 736 29.76 -34.72 32.71
N HIS FA 737 28.65 -34.92 33.42
CA HIS FA 737 28.29 -34.02 34.51
C HIS FA 737 29.35 -34.07 35.59
N PHE FA 738 29.42 -35.19 36.30
CA PHE FA 738 30.56 -35.62 37.10
C PHE FA 738 30.27 -37.01 37.64
N GLN FA 739 31.28 -37.87 37.66
CA GLN FA 739 31.13 -39.25 38.11
C GLN FA 739 31.73 -39.33 39.51
N HIS FA 740 30.86 -39.26 40.51
CA HIS FA 740 31.30 -39.12 41.89
C HIS FA 740 31.91 -40.43 42.40
N ILE FA 741 33.18 -40.65 42.11
CA ILE FA 741 33.90 -41.79 42.63
C ILE FA 741 34.67 -41.35 43.88
N LEU FA 742 34.92 -42.30 44.75
CA LEU FA 742 35.62 -42.01 46.01
C LEU FA 742 37.12 -42.25 45.80
N TRP FA 743 37.86 -42.31 46.91
CA TRP FA 743 39.32 -42.42 46.85
C TRP FA 743 39.75 -43.68 46.10
N VAL FA 744 41.01 -43.69 45.69
CA VAL FA 744 41.62 -44.80 44.97
C VAL FA 744 42.92 -45.19 45.65
N GLU FA 745 43.57 -46.20 45.10
CA GLU FA 745 44.84 -46.71 45.63
C GLU FA 745 45.78 -46.97 44.45
N MET FA 746 46.88 -47.68 44.74
CA MET FA 746 47.88 -47.95 43.72
C MET FA 746 47.38 -48.94 42.67
N ALA FA 747 46.39 -49.77 43.01
CA ALA FA 747 45.94 -50.79 42.08
C ALA FA 747 45.24 -50.19 40.87
N GLN FA 748 44.15 -49.47 41.09
CA GLN FA 748 43.34 -48.91 40.01
C GLN FA 748 43.62 -47.42 39.89
N VAL FA 749 44.21 -47.02 38.77
CA VAL FA 749 44.53 -45.61 38.55
C VAL FA 749 43.96 -45.13 37.22
N ASN FA 750 44.32 -45.81 36.13
CA ASN FA 750 44.00 -45.37 34.77
C ASN FA 750 44.40 -43.90 34.57
N PHE FA 751 45.71 -43.67 34.65
CA PHE FA 751 46.27 -42.33 34.54
C PHE FA 751 45.70 -41.55 33.37
N ARG FA 752 45.33 -42.24 32.29
CA ARG FA 752 44.88 -41.61 31.06
C ARG FA 752 43.37 -41.70 30.88
N ASN FA 753 42.62 -41.98 31.94
CA ASN FA 753 41.17 -42.04 31.84
C ASN FA 753 40.60 -40.67 31.50
N VAL FA 754 39.50 -40.66 30.76
CA VAL FA 754 38.97 -39.42 30.21
C VAL FA 754 37.49 -39.25 30.54
N GLY FA 755 37.00 -40.01 31.51
CA GLY FA 755 35.64 -39.80 31.99
C GLY FA 755 35.56 -38.56 32.86
N GLY FA 756 34.48 -38.43 33.62
CA GLY FA 756 34.46 -37.36 34.61
C GLY FA 756 35.07 -37.86 35.91
N GLY FA 757 36.36 -37.59 36.10
CA GLY FA 757 37.06 -38.11 37.25
C GLY FA 757 37.15 -37.13 38.38
N LEU FA 758 36.26 -37.26 39.36
CA LEU FA 758 36.25 -36.41 40.55
C LEU FA 758 36.42 -37.31 41.76
N VAL FA 759 37.39 -36.98 42.61
CA VAL FA 759 37.78 -37.84 43.72
C VAL FA 759 37.79 -37.03 45.00
N HIS FA 760 37.04 -37.50 45.99
CA HIS FA 760 37.23 -37.04 47.35
C HIS FA 760 38.50 -37.68 47.91
N ASN FA 761 39.64 -37.05 47.65
CA ASN FA 761 40.93 -37.57 48.10
C ASN FA 761 40.91 -37.83 49.61
N ARG FA 762 40.95 -39.13 49.99
CA ARG FA 762 40.66 -39.56 51.35
C ARG FA 762 39.33 -38.93 51.78
N PRO FA 763 38.21 -39.49 51.31
CA PRO FA 763 36.92 -38.77 51.34
C PRO FA 763 36.59 -38.06 52.64
N VAL FA 764 36.50 -38.80 53.73
CA VAL FA 764 36.09 -38.24 55.00
C VAL FA 764 37.22 -38.41 56.00
N ARG FA 765 37.36 -37.43 56.89
CA ARG FA 765 38.35 -37.55 57.96
C ARG FA 765 38.07 -38.79 58.82
N ASN FA 766 36.82 -39.03 59.20
CA ASN FA 766 36.51 -40.11 60.13
C ASN FA 766 35.50 -41.13 59.63
N GLU FA 767 34.36 -40.68 59.14
CA GLU FA 767 33.16 -41.52 59.11
C GLU FA 767 33.14 -42.48 57.93
N ASN FA 768 33.42 -41.98 56.73
CA ASN FA 768 33.26 -42.74 55.49
C ASN FA 768 31.80 -43.17 55.31
N GLN FA 769 30.93 -42.18 55.20
CA GLN FA 769 29.50 -42.31 54.99
C GLN FA 769 29.11 -41.82 53.59
N PRO FA 770 27.87 -42.10 53.14
CA PRO FA 770 27.54 -41.88 51.72
C PRO FA 770 27.63 -40.44 51.22
N LEU FA 771 28.59 -40.21 50.32
CA LEU FA 771 28.65 -39.07 49.40
C LEU FA 771 28.24 -37.74 50.04
N HIS FA 772 29.03 -37.31 51.02
CA HIS FA 772 28.77 -36.03 51.64
C HIS FA 772 30.03 -35.18 51.65
N PRO FA 773 29.88 -33.85 51.66
CA PRO FA 773 31.06 -32.97 51.70
C PRO FA 773 31.83 -33.15 53.01
N HIS FA 774 33.04 -32.59 53.03
CA HIS FA 774 33.90 -32.68 54.21
C HIS FA 774 34.46 -31.31 54.58
N HIS FA 775 33.59 -30.30 54.51
CA HIS FA 775 33.87 -28.96 55.02
C HIS FA 775 32.53 -28.24 55.17
N ASP FA 776 32.59 -26.95 55.44
CA ASP FA 776 31.37 -26.15 55.54
C ASP FA 776 31.23 -25.23 54.33
N ALA FA 777 30.17 -24.42 54.33
CA ALA FA 777 29.87 -23.58 53.18
C ALA FA 777 30.88 -22.45 53.03
N GLU FA 778 31.13 -21.71 54.12
CA GLU FA 778 32.00 -20.54 54.10
C GLU FA 778 33.43 -20.87 53.65
N TRP FA 779 33.79 -22.14 53.56
CA TRP FA 779 35.11 -22.51 53.06
C TRP FA 779 35.29 -22.08 51.62
N SER FA 780 34.29 -22.36 50.77
CA SER FA 780 34.34 -21.90 49.39
C SER FA 780 34.43 -20.38 49.31
N VAL FA 781 33.73 -19.70 50.21
CA VAL FA 781 33.78 -18.24 50.24
C VAL FA 781 35.20 -17.76 50.52
N LEU FA 782 35.82 -18.33 51.56
CA LEU FA 782 37.18 -17.92 51.92
C LEU FA 782 38.17 -18.24 50.81
N SER FA 783 38.01 -19.38 50.14
CA SER FA 783 38.90 -19.72 49.04
C SER FA 783 38.75 -18.73 47.89
N LYS FA 784 37.51 -18.42 47.51
CA LYS FA 784 37.26 -17.41 46.49
C LYS FA 784 37.91 -16.09 46.86
N ILE FA 785 37.76 -15.68 48.11
CA ILE FA 785 38.33 -14.42 48.57
C ILE FA 785 39.84 -14.44 48.42
N TYR FA 786 40.49 -15.49 48.94
CA TYR FA 786 41.94 -15.59 48.86
C TYR FA 786 42.43 -15.52 47.43
N TYR FA 787 41.77 -16.24 46.52
CA TYR FA 787 42.32 -16.37 45.18
C TYR FA 787 42.00 -15.16 44.30
N TYR FA 788 40.88 -14.49 44.52
CA TYR FA 788 40.52 -13.37 43.66
C TYR FA 788 40.98 -12.01 44.21
N ALA FA 789 40.97 -11.83 45.54
CA ALA FA 789 41.14 -10.51 46.13
C ALA FA 789 42.45 -10.33 46.88
N VAL FA 790 43.30 -11.36 46.97
CA VAL FA 790 44.58 -11.27 47.66
C VAL FA 790 45.74 -11.64 46.74
N VAL FA 791 45.61 -12.74 46.00
CA VAL FA 791 46.71 -13.21 45.15
C VAL FA 791 47.14 -12.15 44.12
N PRO FA 792 46.23 -11.50 43.37
CA PRO FA 792 46.71 -10.47 42.43
C PRO FA 792 47.37 -9.29 43.11
N ALA FA 793 46.95 -8.94 44.33
CA ALA FA 793 47.55 -7.79 45.02
C ALA FA 793 49.04 -7.99 45.25
N PHE FA 794 49.48 -9.23 45.41
CA PHE FA 794 50.91 -9.52 45.61
C PHE FA 794 51.61 -10.00 44.34
N SER FA 795 50.88 -10.62 43.41
CA SER FA 795 51.50 -11.13 42.19
C SER FA 795 51.54 -10.09 41.08
N ARG FA 796 50.47 -9.31 40.93
CA ARG FA 796 50.38 -8.25 39.93
C ARG FA 796 50.56 -8.80 38.51
N GLY FA 797 49.87 -9.91 38.24
CA GLY FA 797 49.84 -10.46 36.90
C GLY FA 797 50.99 -11.36 36.53
N ASN FA 798 51.60 -12.04 37.50
CA ASN FA 798 52.65 -13.00 37.24
C ASN FA 798 52.23 -14.44 37.43
N CYS FA 799 51.31 -14.70 38.35
CA CYS FA 799 50.84 -16.04 38.61
C CYS FA 799 50.14 -16.62 37.38
N CYS FA 800 50.14 -17.95 37.28
CA CYS FA 800 49.52 -18.64 36.15
C CYS FA 800 49.22 -20.07 36.59
N THR FA 801 47.94 -20.44 36.60
CA THR FA 801 47.56 -21.80 36.93
C THR FA 801 48.18 -22.77 35.93
N MET FA 802 48.44 -24.00 36.38
CA MET FA 802 49.22 -24.94 35.59
C MET FA 802 48.57 -26.31 35.58
N GLY FA 803 48.92 -27.08 34.57
CA GLY FA 803 48.54 -28.48 34.52
C GLY FA 803 49.72 -29.36 34.86
N VAL FA 804 49.63 -30.01 36.01
CA VAL FA 804 50.70 -30.87 36.45
C VAL FA 804 50.73 -32.16 35.63
N ARG FA 805 51.91 -32.77 35.57
CA ARG FA 805 52.14 -34.03 34.86
C ARG FA 805 52.17 -35.15 35.91
N TYR FA 806 50.99 -35.69 36.22
CA TYR FA 806 50.87 -36.75 37.21
C TYR FA 806 51.63 -38.00 36.82
N ASP FA 807 51.78 -38.26 35.52
CA ASP FA 807 52.40 -39.49 35.07
C ASP FA 807 53.84 -39.62 35.57
N ARG FA 808 54.56 -38.51 35.67
CA ARG FA 808 55.99 -38.55 35.97
C ARG FA 808 56.31 -38.20 37.42
N VAL FA 809 55.42 -37.50 38.12
CA VAL FA 809 55.70 -37.14 39.51
C VAL FA 809 55.67 -38.36 40.42
N TYR FA 810 54.69 -39.25 40.22
CA TYR FA 810 54.64 -40.47 41.02
C TYR FA 810 55.78 -41.41 40.64
N GLN FA 811 56.12 -41.44 39.34
CA GLN FA 811 57.29 -42.19 38.90
C GLN FA 811 58.54 -41.73 39.65
N LEU FA 812 58.70 -40.41 39.79
CA LEU FA 812 59.90 -39.87 40.43
C LEU FA 812 59.90 -40.15 41.93
N VAL FA 813 58.82 -39.78 42.63
CA VAL FA 813 58.83 -39.74 44.09
C VAL FA 813 59.25 -41.08 44.68
N GLN FA 814 58.93 -42.18 44.00
CA GLN FA 814 59.34 -43.49 44.50
C GLN FA 814 60.85 -43.69 44.43
N THR FA 815 61.51 -43.07 43.45
CA THR FA 815 62.95 -43.26 43.25
C THR FA 815 63.71 -42.49 44.33
N MET FA 816 63.74 -43.10 45.52
CA MET FA 816 64.40 -42.51 46.68
C MET FA 816 65.37 -43.51 47.29
N VAL FA 817 66.47 -43.00 47.82
CA VAL FA 817 67.48 -43.81 48.48
C VAL FA 817 67.47 -43.49 49.97
N VAL FA 818 67.41 -44.53 50.80
CA VAL FA 818 67.50 -44.40 52.25
C VAL FA 818 68.40 -45.49 52.79
N PRO FA 819 69.52 -45.15 53.43
CA PRO FA 819 70.36 -46.18 54.04
C PRO FA 819 69.79 -46.65 55.37
N GLU FA 820 70.06 -47.91 55.69
CA GLU FA 820 69.54 -48.50 56.92
C GLU FA 820 70.40 -48.08 58.11
N THR FA 821 69.77 -47.52 59.13
CA THR FA 821 70.39 -47.19 60.40
C THR FA 821 69.45 -47.60 61.51
N ASP FA 822 69.84 -47.34 62.75
CA ASP FA 822 68.94 -47.45 63.89
C ASP FA 822 68.45 -46.08 64.36
N GLU FA 823 69.37 -45.20 64.71
CA GLU FA 823 69.05 -43.87 65.19
C GLU FA 823 69.37 -42.83 64.12
N GLU FA 824 69.04 -41.57 64.43
CA GLU FA 824 69.30 -40.48 63.50
C GLU FA 824 70.78 -40.40 63.15
N VAL FA 825 71.07 -39.84 61.99
CA VAL FA 825 72.40 -39.93 61.41
C VAL FA 825 73.09 -38.56 61.30
N GLY FA 826 72.37 -37.47 61.18
CA GLY FA 826 73.00 -36.17 61.10
C GLY FA 826 73.47 -35.80 59.70
N THR FA 827 74.49 -34.95 59.60
CA THR FA 827 74.97 -34.45 58.32
C THR FA 827 76.41 -34.84 58.00
N ASP FA 828 77.22 -35.18 58.98
CA ASP FA 828 78.60 -35.58 58.73
C ASP FA 828 78.79 -37.09 58.68
N ASP FA 829 77.89 -37.85 59.30
CA ASP FA 829 78.01 -39.31 59.26
C ASP FA 829 77.75 -39.79 57.84
N PRO FA 830 78.66 -40.58 57.25
CA PRO FA 830 78.48 -41.01 55.85
C PRO FA 830 77.22 -41.81 55.59
N ARG FA 831 76.52 -42.28 56.63
CA ARG FA 831 75.23 -42.91 56.44
C ARG FA 831 74.10 -41.89 56.31
N HIS FA 832 74.43 -40.64 56.05
CA HIS FA 832 73.42 -39.62 55.81
C HIS FA 832 72.68 -39.92 54.52
N PRO FA 833 71.35 -39.89 54.51
CA PRO FA 833 70.62 -40.01 53.24
C PRO FA 833 71.00 -38.94 52.23
N LEU FA 834 71.69 -37.88 52.64
CA LEU FA 834 72.12 -36.81 51.75
C LEU FA 834 73.63 -36.70 51.63
N HIS FA 835 74.38 -37.67 52.14
CA HIS FA 835 75.83 -37.63 52.01
C HIS FA 835 76.22 -37.88 50.55
N PRO FA 836 77.17 -37.11 50.00
CA PRO FA 836 77.41 -37.14 48.55
C PRO FA 836 77.69 -38.52 47.97
N ARG FA 837 77.87 -39.55 48.80
CA ARG FA 837 78.02 -40.90 48.27
C ARG FA 837 76.70 -41.41 47.69
N ASN FA 838 75.66 -41.45 48.52
CA ASN FA 838 74.39 -42.06 48.15
C ASN FA 838 73.46 -41.12 47.38
N LEU FA 839 73.98 -40.01 46.85
CA LEU FA 839 73.17 -39.17 45.98
C LEU FA 839 72.99 -39.87 44.64
N VAL FA 840 72.17 -40.92 44.63
CA VAL FA 840 72.02 -41.80 43.46
C VAL FA 840 71.52 -40.97 42.30
N PRO FA 841 71.89 -41.31 41.06
CA PRO FA 841 71.60 -40.43 39.92
C PRO FA 841 70.11 -40.22 39.69
N ASN FA 842 69.77 -38.98 39.30
CA ASN FA 842 68.44 -38.62 38.79
C ASN FA 842 67.31 -39.13 39.69
N SER FA 843 67.50 -39.00 41.00
CA SER FA 843 66.52 -39.44 41.98
C SER FA 843 65.95 -38.23 42.71
N LEU FA 844 65.05 -38.50 43.67
CA LEU FA 844 64.39 -37.43 44.41
C LEU FA 844 65.39 -36.63 45.23
N ASN FA 845 66.27 -37.32 45.96
CA ASN FA 845 67.22 -36.64 46.83
C ASN FA 845 68.07 -35.63 46.07
N VAL FA 846 68.21 -35.79 44.75
CA VAL FA 846 68.88 -34.76 43.95
C VAL FA 846 68.10 -33.45 44.03
N LEU FA 847 66.77 -33.53 43.97
CA LEU FA 847 65.96 -32.33 44.15
C LEU FA 847 66.13 -31.75 45.55
N PHE FA 848 66.06 -32.59 46.58
CA PHE FA 848 66.26 -32.13 47.94
C PHE FA 848 67.64 -31.51 48.13
N HIS FA 849 68.61 -31.89 47.30
CA HIS FA 849 69.91 -31.24 47.30
C HIS FA 849 69.93 -29.98 46.44
N ASN FA 850 68.98 -29.83 45.52
CA ASN FA 850 68.95 -28.63 44.68
C ASN FA 850 68.53 -27.41 45.49
N ALA FA 851 67.66 -27.57 46.47
CA ALA FA 851 67.15 -26.47 47.27
C ALA FA 851 67.79 -26.40 48.65
N CYS FA 852 68.81 -27.22 48.90
CA CYS FA 852 69.53 -27.25 50.18
C CYS FA 852 68.55 -27.33 51.35
N VAL FA 853 67.61 -28.28 51.27
CA VAL FA 853 66.64 -28.49 52.34
C VAL FA 853 67.19 -29.55 53.29
N ALA FA 854 67.27 -29.19 54.56
CA ALA FA 854 67.81 -30.08 55.59
C ALA FA 854 66.71 -31.04 56.02
N VAL FA 855 66.82 -32.30 55.62
CA VAL FA 855 65.82 -33.31 55.93
C VAL FA 855 66.52 -34.55 56.48
N ASP FA 856 65.78 -35.30 57.30
CA ASP FA 856 66.25 -36.56 57.85
C ASP FA 856 65.45 -37.72 57.27
N ALA FA 857 66.05 -38.90 57.29
CA ALA FA 857 65.42 -40.06 56.67
C ALA FA 857 64.14 -40.47 57.39
N ASP FA 858 64.05 -40.23 58.70
CA ASP FA 858 62.86 -40.61 59.45
C ASP FA 858 61.61 -39.96 58.90
N ALA FA 859 61.73 -38.77 58.32
CA ALA FA 859 60.62 -38.12 57.63
C ALA FA 859 60.75 -38.16 56.12
N MET FA 860 61.98 -38.28 55.60
CA MET FA 860 62.16 -38.43 54.16
C MET FA 860 61.51 -39.70 53.65
N LEU FA 861 61.39 -40.72 54.49
CA LEU FA 861 60.79 -41.99 54.08
C LEU FA 861 59.27 -41.99 54.19
N ILE FA 862 58.67 -41.05 54.92
CA ILE FA 862 57.23 -41.03 55.11
C ILE FA 862 56.46 -40.84 53.82
N LEU FA 863 57.14 -40.47 52.73
CA LEU FA 863 56.45 -40.11 51.48
C LEU FA 863 55.54 -41.22 50.98
N GLN FA 864 55.84 -42.49 51.31
CA GLN FA 864 55.08 -43.60 50.79
C GLN FA 864 53.63 -43.61 51.27
N GLU FA 865 53.28 -42.81 52.27
CA GLU FA 865 51.91 -42.82 52.77
C GLU FA 865 50.92 -42.36 51.70
N THR FA 866 51.37 -41.56 50.75
CA THR FA 866 50.47 -41.05 49.71
C THR FA 866 49.90 -42.14 48.82
N VAL FA 867 50.51 -43.34 48.84
CA VAL FA 867 50.06 -44.41 47.96
C VAL FA 867 48.65 -44.86 48.30
N THR FA 868 48.17 -44.56 49.52
CA THR FA 868 46.81 -44.90 49.89
C THR FA 868 45.79 -43.88 49.39
N ASN FA 869 46.24 -42.70 48.95
CA ASN FA 869 45.35 -41.65 48.45
C ASN FA 869 46.06 -40.95 47.29
N MET FA 870 45.76 -41.39 46.07
CA MET FA 870 46.47 -40.93 44.88
C MET FA 870 45.73 -39.75 44.25
N ALA FA 871 46.13 -39.35 43.04
CA ALA FA 871 45.47 -38.28 42.29
C ALA FA 871 45.59 -38.60 40.81
N GLU FA 872 44.45 -38.82 40.16
CA GLU FA 872 44.44 -39.41 38.82
C GLU FA 872 44.90 -38.44 37.74
N ARG FA 873 44.14 -37.37 37.53
CA ARG FA 873 44.45 -36.44 36.46
C ARG FA 873 43.80 -35.09 36.78
N THR FA 874 44.42 -34.03 36.27
CA THR FA 874 43.81 -32.71 36.33
C THR FA 874 42.80 -32.59 35.19
N THR FA 875 41.62 -32.06 35.51
CA THR FA 875 40.54 -31.98 34.54
C THR FA 875 39.93 -30.60 34.55
N PRO FA 876 39.51 -30.10 33.40
CA PRO FA 876 38.91 -28.77 33.33
C PRO FA 876 37.42 -28.82 33.61
N LEU FA 877 36.90 -27.70 34.08
CA LEU FA 877 35.48 -27.54 34.33
C LEU FA 877 34.93 -26.43 33.45
N LEU FA 878 33.60 -26.28 33.48
CA LEU FA 878 32.94 -25.20 32.76
C LEU FA 878 31.63 -24.91 33.49
N ALA FA 879 31.62 -23.86 34.31
CA ALA FA 879 30.42 -23.48 35.01
C ALA FA 879 29.54 -22.60 34.12
N SER FA 880 28.26 -22.55 34.44
CA SER FA 880 27.29 -21.78 33.68
C SER FA 880 26.03 -21.64 34.51
N VAL FA 881 25.58 -20.39 34.71
CA VAL FA 881 24.42 -20.14 35.54
C VAL FA 881 23.74 -18.86 35.06
N ALA FA 882 22.40 -18.87 35.03
CA ALA FA 882 21.64 -17.70 34.63
C ALA FA 882 21.72 -16.61 35.69
N PRO FA 883 21.55 -15.35 35.31
CA PRO FA 883 21.60 -14.25 36.29
C PRO FA 883 20.52 -14.40 37.36
N ASP FA 884 20.83 -13.95 38.57
CA ASP FA 884 20.04 -14.31 39.75
C ASP FA 884 18.76 -13.48 39.83
N ALA FA 885 18.07 -13.60 40.96
CA ALA FA 885 16.86 -12.81 41.20
C ALA FA 885 17.12 -11.32 41.11
N GLY FA 886 18.38 -10.89 41.01
CA GLY FA 886 18.73 -9.52 40.69
C GLY FA 886 18.38 -9.13 39.27
N MET FA 887 19.04 -9.73 38.29
CA MET FA 887 18.83 -9.39 36.88
C MET FA 887 17.89 -10.40 36.22
N ALA FA 888 16.66 -10.44 36.73
CA ALA FA 888 15.65 -11.40 36.29
C ALA FA 888 14.64 -10.78 35.34
N THR FA 889 15.09 -9.91 34.44
CA THR FA 889 14.20 -9.32 33.45
C THR FA 889 14.00 -10.27 32.29
N VAL FA 890 12.77 -10.30 31.75
CA VAL FA 890 12.41 -11.26 30.71
C VAL FA 890 13.31 -11.14 29.48
N ALA FA 891 13.99 -10.01 29.30
CA ALA FA 891 14.96 -9.84 28.23
C ALA FA 891 16.36 -10.28 28.65
N THR FA 892 16.48 -11.08 29.71
CA THR FA 892 17.78 -11.51 30.21
C THR FA 892 17.82 -12.98 30.62
N ARG FA 893 16.76 -13.75 30.36
CA ARG FA 893 16.73 -15.14 30.78
C ARG FA 893 17.84 -15.95 30.13
N ASP FA 894 17.83 -16.03 28.80
CA ASP FA 894 18.84 -16.79 28.07
C ASP FA 894 20.26 -16.26 28.28
N MET FA 895 20.39 -15.08 28.87
CA MET FA 895 21.68 -14.42 29.03
C MET FA 895 22.52 -15.10 30.10
N ARG FA 896 22.89 -16.36 29.86
CA ARG FA 896 23.58 -17.14 30.86
C ARG FA 896 25.09 -16.98 30.74
N THR FA 897 25.76 -17.02 31.90
CA THR FA 897 27.20 -16.78 31.96
C THR FA 897 27.96 -18.04 31.58
N HIS FA 898 29.29 -17.94 31.57
CA HIS FA 898 30.16 -19.06 31.24
C HIS FA 898 31.55 -18.74 31.77
N ASP FA 899 32.04 -19.58 32.69
CA ASP FA 899 33.39 -19.41 33.20
C ASP FA 899 33.97 -20.78 33.54
N GLY FA 900 35.30 -20.86 33.52
CA GLY FA 900 35.99 -22.11 33.72
C GLY FA 900 36.58 -22.24 35.12
N SER FA 901 37.16 -23.41 35.36
CA SER FA 901 37.81 -23.76 36.60
C SER FA 901 38.66 -24.99 36.36
N LEU FA 902 39.68 -25.17 37.20
CA LEU FA 902 40.58 -26.32 37.11
C LEU FA 902 40.41 -27.20 38.33
N HIS FA 903 40.49 -28.51 38.11
CA HIS FA 903 40.41 -29.50 39.19
C HIS FA 903 41.76 -30.16 39.34
N HIS FA 904 42.23 -30.27 40.60
CA HIS FA 904 43.53 -30.83 40.91
C HIS FA 904 44.65 -30.15 40.13
N GLY FA 905 44.51 -28.85 39.90
CA GLY FA 905 45.52 -28.10 39.18
C GLY FA 905 46.69 -27.71 40.05
N LEU FA 906 47.29 -26.55 39.79
CA LEU FA 906 48.32 -26.00 40.64
C LEU FA 906 48.59 -24.57 40.19
N LEU FA 907 48.76 -23.67 41.16
CA LEU FA 907 49.06 -22.26 40.88
C LEU FA 907 50.56 -22.06 41.10
N MET FA 908 51.34 -22.22 40.03
CA MET FA 908 52.74 -21.87 40.14
C MET FA 908 52.88 -20.35 40.11
N MET FA 909 53.94 -19.86 40.76
CA MET FA 909 54.06 -18.45 41.12
C MET FA 909 54.84 -17.64 40.08
N ALA FA 910 56.09 -18.01 39.84
CA ALA FA 910 56.94 -17.30 38.89
C ALA FA 910 57.80 -18.32 38.16
N TYR FA 911 57.54 -18.51 36.87
CA TYR FA 911 58.23 -19.52 36.09
C TYR FA 911 59.68 -19.12 35.88
N GLN FA 912 60.61 -19.95 36.37
CA GLN FA 912 62.03 -19.75 36.12
C GLN FA 912 62.35 -20.16 34.69
N PRO FA 913 62.67 -19.20 33.82
CA PRO FA 913 62.89 -19.54 32.40
C PRO FA 913 64.25 -20.15 32.13
N ASN FA 914 65.27 -19.69 32.85
CA ASN FA 914 66.66 -19.99 32.49
C ASN FA 914 67.31 -21.02 33.40
N ASP FA 915 66.57 -22.05 33.80
CA ASP FA 915 67.17 -23.14 34.55
C ASP FA 915 68.06 -23.99 33.63
N ALA FA 916 68.89 -24.84 34.24
CA ALA FA 916 69.68 -25.79 33.48
C ALA FA 916 69.71 -27.19 34.05
N THR FA 917 69.29 -27.40 35.31
CA THR FA 917 69.29 -28.72 35.90
C THR FA 917 67.97 -29.45 35.71
N LEU FA 918 66.95 -28.77 35.20
CA LEU FA 918 65.67 -29.38 34.86
C LEU FA 918 65.22 -28.88 33.50
N LEU FA 919 64.30 -29.63 32.88
CA LEU FA 919 63.66 -29.18 31.67
C LEU FA 919 62.75 -27.99 31.95
N GLU FA 920 62.19 -27.42 30.88
CA GLU FA 920 61.22 -26.34 31.04
C GLU FA 920 59.83 -26.91 31.33
N GLY FA 921 59.30 -27.69 30.39
CA GLY FA 921 58.03 -28.35 30.60
C GLY FA 921 58.20 -29.77 31.09
N ALA FA 922 59.03 -29.96 32.11
CA ALA FA 922 59.31 -31.31 32.59
C ALA FA 922 58.10 -31.93 33.28
N PHE FA 923 57.39 -31.15 34.08
CA PHE FA 923 56.25 -31.66 34.84
C PHE FA 923 55.03 -30.77 34.79
N PHE FA 924 55.06 -29.67 34.04
CA PHE FA 924 53.96 -28.72 34.06
C PHE FA 924 53.74 -28.13 32.67
N TYR FA 925 52.47 -27.89 32.36
CA TYR FA 925 52.01 -27.18 31.18
C TYR FA 925 51.05 -26.09 31.61
N PRO FA 926 50.94 -25.00 30.85
CA PRO FA 926 50.05 -23.91 31.25
C PRO FA 926 48.59 -24.24 30.97
N ALA FA 927 47.72 -23.56 31.72
CA ALA FA 927 46.28 -23.69 31.57
C ALA FA 927 45.60 -22.46 32.19
N PRO FA 928 45.75 -21.28 31.59
CA PRO FA 928 45.16 -20.08 32.18
C PRO FA 928 43.64 -20.19 32.23
N VAL FA 929 43.08 -19.95 33.42
CA VAL FA 929 41.66 -20.14 33.64
C VAL FA 929 40.89 -18.83 33.67
N ASN FA 930 41.53 -17.70 33.97
CA ASN FA 930 40.88 -16.42 33.94
C ASN FA 930 41.87 -15.39 33.44
N ALA FA 931 41.35 -14.23 33.03
CA ALA FA 931 42.19 -13.17 32.48
C ALA FA 931 43.24 -12.70 33.50
N LEU FA 932 43.06 -13.01 34.77
CA LEU FA 932 44.04 -12.63 35.80
C LEU FA 932 45.25 -13.54 35.78
N PHE FA 933 45.04 -14.84 36.01
CA PHE FA 933 46.13 -15.78 36.17
C PHE FA 933 46.65 -16.26 34.83
N ALA FA 934 46.99 -15.33 33.94
CA ALA FA 934 47.46 -15.65 32.60
C ALA FA 934 48.70 -14.81 32.31
N CYS FA 935 49.88 -15.35 32.65
CA CYS FA 935 51.14 -14.68 32.40
C CYS FA 935 51.81 -15.35 31.21
N ALA FA 936 52.26 -14.53 30.25
CA ALA FA 936 52.70 -15.06 28.96
C ALA FA 936 53.97 -15.89 29.07
N ASP FA 937 54.87 -15.57 30.00
CA ASP FA 937 56.16 -16.26 30.06
C ASP FA 937 56.03 -17.74 30.36
N HIS FA 938 54.86 -18.20 30.82
CA HIS FA 938 54.62 -19.63 30.99
C HIS FA 938 54.32 -20.34 29.68
N LEU FA 939 54.13 -19.61 28.59
CA LEU FA 939 53.83 -20.25 27.31
C LEU FA 939 55.09 -20.81 26.67
N GLY FA 940 56.13 -19.98 26.51
CA GLY FA 940 57.43 -20.48 26.11
C GLY FA 940 57.98 -21.54 27.07
N ALA FA 941 57.51 -21.54 28.31
CA ALA FA 941 57.83 -22.62 29.24
C ALA FA 941 57.40 -23.96 28.66
N MET FA 942 56.15 -24.05 28.20
CA MET FA 942 55.67 -25.27 27.58
C MET FA 942 56.55 -25.63 26.38
N ARG FA 943 57.20 -26.78 26.48
CA ARG FA 943 58.10 -27.24 25.42
C ARG FA 943 57.35 -27.32 24.10
N ASP FA 944 58.06 -27.05 23.00
CA ASP FA 944 57.53 -27.12 21.64
C ASP FA 944 56.37 -26.14 21.44
N VAL FA 945 56.69 -24.85 21.57
CA VAL FA 945 55.80 -23.78 21.12
C VAL FA 945 56.56 -22.95 20.09
N GLY FA 946 55.83 -22.46 19.10
CA GLY FA 946 56.42 -21.63 18.07
C GLY FA 946 56.51 -20.18 18.50
N ALA FA 947 57.57 -19.51 18.03
CA ALA FA 947 57.75 -18.10 18.35
C ALA FA 947 56.64 -17.24 17.75
N GLU FA 948 55.92 -17.74 16.75
CA GLU FA 948 54.86 -16.97 16.11
C GLU FA 948 53.78 -16.57 17.11
N VAL FA 949 53.12 -17.57 17.70
CA VAL FA 949 52.08 -17.31 18.69
C VAL FA 949 52.66 -16.57 19.88
N ARG FA 950 53.80 -17.04 20.39
CA ARG FA 950 54.43 -16.40 21.53
C ARG FA 950 54.75 -14.93 21.27
N ALA FA 951 55.05 -14.58 20.01
CA ALA FA 951 55.28 -13.18 19.68
C ALA FA 951 54.02 -12.35 19.85
N ALA FA 952 52.87 -12.92 19.53
CA ALA FA 952 51.57 -12.25 19.67
C ALA FA 952 50.86 -12.67 20.94
N ALA FA 953 51.60 -12.92 22.02
CA ALA FA 953 51.05 -13.44 23.25
C ALA FA 953 51.13 -12.48 24.43
N GLN FA 954 52.17 -11.65 24.50
CA GLN FA 954 52.37 -10.82 25.69
C GLN FA 954 51.27 -9.77 25.85
N HIS FA 955 50.78 -9.20 24.74
CA HIS FA 955 49.79 -8.15 24.82
C HIS FA 955 48.39 -8.65 25.11
N VAL FA 956 48.09 -9.91 24.78
CA VAL FA 956 46.73 -10.42 24.82
C VAL FA 956 46.65 -11.61 25.78
N PRO FA 957 45.65 -11.70 26.63
CA PRO FA 957 45.49 -12.90 27.45
C PRO FA 957 45.18 -14.11 26.58
N CYS FA 958 45.70 -15.27 26.99
CA CYS FA 958 45.62 -16.49 26.19
C CYS FA 958 44.76 -17.55 26.87
N VAL FA 959 43.63 -17.13 27.43
CA VAL FA 959 42.66 -18.07 27.98
C VAL FA 959 42.11 -18.92 26.83
N PRO FA 960 42.10 -20.23 26.95
CA PRO FA 960 41.58 -21.05 25.85
C PRO FA 960 40.06 -20.99 25.79
N HIS FA 961 39.53 -21.12 24.57
CA HIS FA 961 38.11 -20.96 24.33
C HIS FA 961 37.31 -22.23 24.59
N PHE FA 962 37.86 -23.17 25.36
CA PHE FA 962 37.06 -24.22 25.99
C PHE FA 962 37.02 -24.04 27.51
N LEU FA 963 37.34 -22.83 27.99
CA LEU FA 963 37.31 -22.54 29.42
C LEU FA 963 36.68 -21.18 29.72
N GLY FA 964 36.14 -20.48 28.72
CA GLY FA 964 35.48 -19.22 28.97
C GLY FA 964 36.15 -18.04 28.27
N ALA FA 965 35.36 -17.25 27.55
CA ALA FA 965 35.87 -16.06 26.89
C ALA FA 965 36.00 -14.94 27.91
N ASN FA 966 36.27 -13.72 27.44
CA ASN FA 966 36.34 -12.55 28.30
C ASN FA 966 35.09 -11.68 28.21
N TYR FA 967 34.05 -12.18 27.54
CA TYR FA 967 32.74 -11.54 27.54
C TYR FA 967 31.64 -12.41 28.12
N TYR FA 968 31.86 -13.72 28.21
CA TYR FA 968 30.94 -14.60 28.92
C TYR FA 968 31.40 -14.91 30.33
N ALA FA 969 32.64 -14.58 30.68
CA ALA FA 969 33.12 -14.77 32.03
C ALA FA 969 32.56 -13.69 32.95
N THR FA 970 32.57 -13.98 34.24
CA THR FA 970 32.04 -13.06 35.24
C THR FA 970 33.07 -12.04 35.71
N VAL FA 971 34.34 -12.21 35.37
CA VAL FA 971 35.41 -11.30 35.77
C VAL FA 971 36.19 -10.97 34.50
N ARG FA 972 35.84 -9.85 33.87
CA ARG FA 972 36.34 -9.52 32.54
C ARG FA 972 37.78 -9.01 32.61
N GLN FA 973 38.28 -8.55 31.46
CA GLN FA 973 39.67 -8.08 31.37
C GLN FA 973 39.97 -6.87 32.24
N PRO FA 974 39.22 -5.75 32.17
CA PRO FA 974 39.70 -4.51 32.81
C PRO FA 974 40.04 -4.65 34.28
N VAL FA 975 39.23 -5.37 35.06
CA VAL FA 975 39.53 -5.54 36.47
C VAL FA 975 40.83 -6.29 36.67
N ALA FA 976 41.16 -7.20 35.74
CA ALA FA 976 42.46 -7.88 35.81
C ALA FA 976 43.59 -6.91 35.47
N GLN FA 977 43.49 -6.21 34.34
CA GLN FA 977 44.49 -5.22 33.97
C GLN FA 977 44.72 -4.21 35.08
N HIS FA 978 43.70 -3.94 35.89
CA HIS FA 978 43.86 -3.02 37.02
C HIS FA 978 44.96 -3.46 37.97
N ALA FA 979 45.15 -4.78 38.14
CA ALA FA 979 46.12 -5.28 39.10
C ALA FA 979 47.53 -4.80 38.80
N ALA FA 980 47.97 -4.95 37.55
CA ALA FA 980 49.30 -4.48 37.14
C ALA FA 980 49.33 -2.98 36.86
N GLN FA 981 48.19 -2.30 36.98
CA GLN FA 981 48.12 -0.87 36.71
C GLN FA 981 48.13 -0.01 37.96
N SER FA 982 47.68 -0.55 39.10
CA SER FA 982 47.57 0.23 40.32
C SER FA 982 48.94 0.73 40.76
N ARG FA 983 48.92 1.73 41.65
CA ARG FA 983 50.14 2.43 42.03
C ARG FA 983 50.99 1.59 42.97
N ALA FA 984 50.49 1.33 44.17
CA ALA FA 984 51.26 0.72 45.24
C ALA FA 984 50.33 0.27 46.36
N ASP FA 985 50.89 -0.04 47.53
CA ASP FA 985 50.13 -0.32 48.74
C ASP FA 985 49.22 -1.54 48.54
N GLU FA 986 49.90 -2.68 48.44
CA GLU FA 986 49.28 -4.00 48.34
C GLU FA 986 48.06 -4.14 49.24
N ASN FA 987 48.12 -3.59 50.46
CA ASN FA 987 46.97 -3.59 51.37
C ASN FA 987 45.77 -2.90 50.74
N THR FA 988 45.94 -1.63 50.34
CA THR FA 988 44.83 -0.91 49.74
C THR FA 988 44.43 -1.51 48.40
N LEU FA 989 45.34 -2.20 47.71
CA LEU FA 989 44.95 -2.89 46.49
C LEU FA 989 44.03 -4.06 46.80
N SER FA 990 44.34 -4.82 47.86
CA SER FA 990 43.43 -5.88 48.30
C SER FA 990 42.06 -5.30 48.61
N TYR FA 991 42.02 -4.22 49.39
CA TYR FA 991 40.73 -3.66 49.78
C TYR FA 991 39.97 -3.10 48.57
N ALA FA 992 40.67 -2.41 47.67
CA ALA FA 992 40.03 -1.86 46.48
C ALA FA 992 39.49 -2.95 45.58
N LEU FA 993 40.29 -3.99 45.35
CA LEU FA 993 39.80 -5.15 44.61
C LEU FA 993 38.52 -5.69 45.24
N MET FA 994 38.55 -5.96 46.54
CA MET FA 994 37.37 -6.52 47.19
C MET FA 994 36.16 -5.62 47.02
N ALA FA 995 36.34 -4.32 47.19
CA ALA FA 995 35.21 -3.40 47.00
C ALA FA 995 34.74 -3.40 45.54
N GLY FA 996 35.64 -3.72 44.62
CA GLY FA 996 35.27 -3.87 43.23
C GLY FA 996 34.72 -5.25 42.92
N TYR FA 997 33.89 -5.79 43.82
CA TYR FA 997 33.21 -7.06 43.57
C TYR FA 997 31.78 -7.04 44.09
N PHE FA 998 31.16 -5.87 44.12
CA PHE FA 998 29.77 -5.75 44.55
C PHE FA 998 28.85 -5.83 43.33
N LYS FA 999 27.75 -6.55 43.47
CA LYS FA 999 26.86 -6.78 42.35
C LYS FA 999 26.28 -5.47 41.83
N MET FA 1000 26.12 -5.38 40.51
CA MET FA 1000 25.54 -4.22 39.86
C MET FA 1000 24.09 -4.58 39.53
N SER FA 1001 23.20 -4.31 40.47
CA SER FA 1001 21.80 -4.71 40.36
C SER FA 1001 20.97 -3.77 41.21
N PRO FA 1002 19.68 -3.59 40.87
CA PRO FA 1002 18.80 -2.79 41.74
C PRO FA 1002 18.73 -3.32 43.16
N VAL FA 1003 18.44 -4.62 43.28
CA VAL FA 1003 18.33 -5.27 44.58
C VAL FA 1003 19.65 -5.28 45.35
N ALA FA 1004 20.76 -4.96 44.68
CA ALA FA 1004 22.04 -4.76 45.35
C ALA FA 1004 22.33 -3.30 45.62
N PHE FA 1005 21.88 -2.40 44.73
CA PHE FA 1005 21.96 -0.98 45.00
C PHE FA 1005 21.22 -0.62 46.29
N THR FA 1006 20.06 -1.25 46.51
CA THR FA 1006 19.23 -0.98 47.68
C THR FA 1006 19.99 -1.20 48.99
N HIS FA 1007 21.16 -1.83 48.91
CA HIS FA 1007 22.05 -1.99 50.05
C HIS FA 1007 23.31 -1.14 49.92
N GLN FA 1008 23.97 -1.20 48.75
CA GLN FA 1008 25.21 -0.46 48.55
C GLN FA 1008 25.01 1.03 48.78
N LEU FA 1009 24.03 1.63 48.10
CA LEU FA 1009 23.74 3.04 48.32
C LEU FA 1009 23.21 3.30 49.72
N ARG FA 1010 22.67 2.27 50.38
CA ARG FA 1010 22.08 2.46 51.70
C ARG FA 1010 23.14 2.59 52.79
N ARG FA 1011 24.27 1.88 52.65
CA ARG FA 1011 25.31 1.92 53.68
C ARG FA 1011 26.54 2.71 53.23
N GLN FA 1012 26.33 3.81 52.51
CA GLN FA 1012 27.38 4.80 52.25
C GLN FA 1012 28.55 4.20 51.48
N LEU FA 1013 28.26 3.31 50.55
CA LEU FA 1013 29.26 2.83 49.60
C LEU FA 1013 29.10 3.59 48.30
N HIS FA 1014 30.22 3.86 47.63
CA HIS FA 1014 30.21 4.67 46.42
C HIS FA 1014 30.37 3.79 45.20
N PRO FA 1015 29.31 3.57 44.42
CA PRO FA 1015 29.46 2.85 43.15
C PRO FA 1015 30.14 3.72 42.11
N GLY FA 1016 30.48 3.09 40.99
CA GLY FA 1016 31.29 3.74 39.98
C GLY FA 1016 30.54 4.67 39.05
N PHE FA 1017 29.62 5.46 39.58
CA PHE FA 1017 28.86 6.42 38.80
C PHE FA 1017 29.04 7.82 39.36
N ALA FA 1018 28.39 8.78 38.69
CA ALA FA 1018 28.31 10.15 39.17
C ALA FA 1018 27.11 10.79 38.47
N LEU FA 1019 26.03 11.01 39.21
CA LEU FA 1019 24.81 11.47 38.58
C LEU FA 1019 24.80 12.98 38.42
N THR FA 1020 23.95 13.46 37.52
CA THR FA 1020 23.81 14.88 37.21
C THR FA 1020 22.38 15.29 37.56
N VAL FA 1021 22.18 15.75 38.79
CA VAL FA 1021 20.85 16.14 39.24
C VAL FA 1021 20.35 17.32 38.44
N VAL FA 1022 19.08 17.28 38.05
CA VAL FA 1022 18.45 18.33 37.26
C VAL FA 1022 17.09 18.63 37.85
N ARG FA 1023 16.78 19.91 38.02
CA ARG FA 1023 15.49 20.35 38.53
C ARG FA 1023 15.04 21.57 37.74
N GLN FA 1024 13.79 21.98 37.96
CA GLN FA 1024 13.20 23.08 37.22
C GLN FA 1024 12.36 23.92 38.17
N ASP FA 1025 12.61 25.23 38.18
CA ASP FA 1025 11.93 26.16 39.08
C ASP FA 1025 11.16 27.20 38.25
N ARG FA 1026 10.49 28.10 38.97
CA ARG FA 1026 9.68 29.14 38.34
C ARG FA 1026 9.73 30.38 39.24
N PHE FA 1027 10.13 31.51 38.66
CA PHE FA 1027 10.26 32.76 39.38
C PHE FA 1027 9.23 33.75 38.86
N ALA FA 1028 8.46 34.33 39.77
CA ALA FA 1028 7.45 35.33 39.42
C ALA FA 1028 8.10 36.71 39.42
N THR FA 1029 8.11 37.35 38.26
CA THR FA 1029 8.83 38.59 38.04
C THR FA 1029 7.85 39.71 37.72
N GLU FA 1030 8.42 40.92 37.56
CA GLU FA 1030 7.66 42.12 37.22
C GLU FA 1030 8.17 42.63 35.88
N ASN FA 1031 7.28 42.71 34.90
CA ASN FA 1031 7.62 43.10 33.55
C ASN FA 1031 7.30 44.56 33.31
N VAL FA 1032 7.87 45.10 32.22
CA VAL FA 1032 7.60 46.46 31.77
C VAL FA 1032 7.35 46.38 30.28
N LEU FA 1033 6.08 46.44 29.88
CA LEU FA 1033 5.70 46.24 28.49
C LEU FA 1033 5.65 47.58 27.76
N PHE FA 1034 5.97 47.52 26.47
CA PHE FA 1034 5.94 48.67 25.58
C PHE FA 1034 5.04 48.35 24.39
N ALA FA 1035 4.62 49.38 23.67
CA ALA FA 1035 3.78 49.22 22.49
C ALA FA 1035 4.05 50.41 21.56
N GLU FA 1036 3.18 50.60 20.57
CA GLU FA 1036 3.39 51.64 19.57
C GLU FA 1036 2.05 52.26 19.18
N LYS FA 1037 2.13 53.45 18.58
CA LYS FA 1037 1.02 54.33 18.20
C LYS FA 1037 -0.19 53.58 17.66
N ALA FA 1038 0.03 52.61 16.77
CA ALA FA 1038 -1.06 51.74 16.33
C ALA FA 1038 -0.45 50.37 16.08
N SER FA 1039 -0.49 49.52 17.10
CA SER FA 1039 0.10 48.19 17.03
C SER FA 1039 -0.92 47.10 16.79
N GLU FA 1040 -2.21 47.41 16.87
CA GLU FA 1040 -3.23 46.39 16.74
C GLU FA 1040 -4.50 46.99 16.14
N SER FA 1041 -5.07 46.30 15.17
CA SER FA 1041 -6.44 46.55 14.76
C SER FA 1041 -7.37 45.71 15.62
N TYR FA 1042 -8.51 46.28 15.99
CA TYR FA 1042 -9.41 45.64 16.95
C TYR FA 1042 -10.84 45.81 16.48
N PHE FA 1043 -11.47 44.71 16.09
CA PHE FA 1043 -12.85 44.71 15.62
C PHE FA 1043 -13.75 44.05 16.65
N MET FA 1044 -14.77 44.77 17.10
CA MET FA 1044 -15.75 44.25 18.04
C MET FA 1044 -17.07 44.03 17.30
N GLY FA 1045 -17.63 42.84 17.46
CA GLY FA 1045 -18.85 42.49 16.76
C GLY FA 1045 -20.10 43.06 17.41
N GLN FA 1046 -21.19 42.29 17.38
CA GLN FA 1046 -22.47 42.72 17.93
C GLN FA 1046 -22.86 41.81 19.08
N MET FA 1047 -23.26 42.42 20.20
CA MET FA 1047 -23.64 41.66 21.37
C MET FA 1047 -24.91 40.84 21.12
N GLN FA 1048 -25.06 39.77 21.90
CA GLN FA 1048 -26.23 38.92 21.81
C GLN FA 1048 -26.47 38.29 23.17
N VAL FA 1049 -27.75 38.07 23.49
CA VAL FA 1049 -28.15 37.63 24.83
C VAL FA 1049 -28.84 36.29 24.68
N ALA FA 1050 -28.15 35.22 25.10
CA ALA FA 1050 -28.70 33.87 25.06
C ALA FA 1050 -29.28 33.52 26.42
N ARG FA 1051 -30.47 32.92 26.41
CA ARG FA 1051 -31.17 32.52 27.63
C ARG FA 1051 -31.11 31.02 27.82
N THR FA 1052 -31.32 30.59 29.06
CA THR FA 1052 -31.48 29.18 29.41
C THR FA 1052 -32.11 29.13 30.79
N GLU FA 1053 -32.43 27.91 31.22
CA GLU FA 1053 -32.95 27.67 32.56
C GLU FA 1053 -31.95 26.79 33.31
N SER FA 1054 -31.73 27.11 34.58
CA SER FA 1054 -30.83 26.32 35.41
C SER FA 1054 -31.44 26.06 36.78
N GLY FA 1056 -32.61 26.04 39.67
CA GLY FA 1056 -33.55 27.10 39.95
C GLY FA 1056 -33.02 28.47 39.59
N GLY FA 1057 -33.83 29.23 38.84
CA GLY FA 1057 -33.48 30.58 38.45
C GLY FA 1057 -33.65 30.79 36.95
N LEU FA 1058 -32.82 31.66 36.39
CA LEU FA 1058 -32.83 31.98 34.97
C LEU FA 1058 -31.48 32.57 34.61
N HIS FA 1059 -30.75 31.91 33.72
CA HIS FA 1059 -29.39 32.29 33.38
C HIS FA 1059 -29.38 33.04 32.06
N LEU FA 1060 -29.27 34.37 32.14
CA LEU FA 1060 -28.97 35.18 30.97
C LEU FA 1060 -27.45 35.26 30.84
N GLN FA 1061 -26.94 34.89 29.66
CA GLN FA 1061 -25.51 34.74 29.44
C GLN FA 1061 -25.12 35.56 28.21
N LEU FA 1062 -24.65 36.78 28.45
CA LEU FA 1062 -24.23 37.65 27.36
C LEU FA 1062 -23.03 37.06 26.63
N THR FA 1063 -22.76 37.59 25.44
CA THR FA 1063 -21.63 37.17 24.62
C THR FA 1063 -21.42 38.21 23.52
N GLN FA 1064 -20.16 38.52 23.26
CA GLN FA 1064 -19.82 39.45 22.18
C GLN FA 1064 -18.59 38.95 21.43
N PRO FA 1065 -18.70 38.74 20.12
CA PRO FA 1065 -17.55 38.27 19.36
C PRO FA 1065 -16.67 39.42 18.88
N ARG FA 1066 -15.36 39.19 18.91
CA ARG FA 1066 -14.41 40.22 18.52
C ARG FA 1066 -13.13 39.57 18.03
N ALA FA 1067 -12.41 40.31 17.21
CA ALA FA 1067 -11.20 39.80 16.57
C ALA FA 1067 -10.19 40.93 16.46
N ASN FA 1068 -8.92 40.54 16.37
CA ASN FA 1068 -7.83 41.49 16.19
C ASN FA 1068 -6.83 40.91 15.20
N VAL FA 1069 -5.88 41.75 14.78
CA VAL FA 1069 -4.83 41.32 13.86
C VAL FA 1069 -3.65 42.27 13.94
N ASP FA 1070 -2.45 41.72 13.99
CA ASP FA 1070 -1.24 42.54 13.95
C ASP FA 1070 -1.15 43.21 12.58
N LEU FA 1071 -0.69 44.46 12.58
CA LEU FA 1071 -0.64 45.21 11.34
C LEU FA 1071 0.68 45.96 11.18
N GLY FA 1072 1.73 45.54 11.89
CA GLY FA 1072 3.03 46.14 11.73
C GLY FA 1072 4.06 45.13 11.27
N VAL FA 1073 4.65 45.38 10.09
CA VAL FA 1073 5.77 44.55 9.65
C VAL FA 1073 6.88 44.63 10.67
N GLY FA 1074 7.37 43.48 11.10
CA GLY FA 1074 8.34 43.44 12.18
C GLY FA 1074 7.66 43.65 13.53
N PHE FA 1075 8.50 43.65 14.57
CA PHE FA 1075 7.99 43.72 15.93
C PHE FA 1075 7.41 45.09 16.24
N THR FA 1076 6.47 45.12 17.19
CA THR FA 1076 5.80 46.35 17.60
C THR FA 1076 5.67 46.47 19.11
N ALA FA 1077 6.27 45.57 19.88
CA ALA FA 1077 6.14 45.59 21.33
C ALA FA 1077 7.26 44.78 21.94
N ALA FA 1078 7.59 45.11 23.20
CA ALA FA 1078 8.65 44.41 23.90
C ALA FA 1078 8.53 44.67 25.39
N TYR FA 1079 9.04 43.73 26.19
CA TYR FA 1079 9.09 43.88 27.64
C TYR FA 1079 10.44 43.39 28.15
N ALA FA 1080 10.78 43.82 29.37
CA ALA FA 1080 12.15 43.71 29.86
C ALA FA 1080 12.32 42.85 31.12
N ALA FA 1081 11.26 42.57 31.88
CA ALA FA 1081 11.35 41.80 33.12
C ALA FA 1081 12.30 42.48 34.12
N ALA FA 1082 11.89 43.67 34.55
CA ALA FA 1082 12.73 44.52 35.37
C ALA FA 1082 12.96 43.97 36.77
N ALA FA 1083 11.90 43.86 37.57
CA ALA FA 1083 12.05 43.53 38.98
C ALA FA 1083 11.97 42.02 39.19
N LEU FA 1084 11.97 41.59 40.45
CA LEU FA 1084 11.94 40.17 40.78
C LEU FA 1084 11.28 39.99 42.14
N ARG FA 1085 10.25 39.16 42.20
CA ARG FA 1085 9.59 38.80 43.44
C ARG FA 1085 10.09 37.42 43.89
N ALA FA 1086 9.52 36.90 44.96
CA ALA FA 1086 9.96 35.63 45.51
C ALA FA 1086 9.71 34.52 44.50
N PRO FA 1087 10.60 33.53 44.42
CA PRO FA 1087 10.35 32.36 43.55
C PRO FA 1087 9.05 31.68 43.92
N VAL FA 1088 8.15 31.57 42.95
CA VAL FA 1088 6.82 31.05 43.23
C VAL FA 1088 6.86 29.58 43.64
N THR FA 1089 7.88 28.84 43.22
CA THR FA 1089 8.05 27.45 43.61
C THR FA 1089 9.28 27.31 44.49
N ASP FA 1090 9.26 26.30 45.35
CA ASP FA 1090 10.44 25.97 46.14
C ASP FA 1090 11.56 25.52 45.21
N MET FA 1091 12.80 25.75 45.64
CA MET FA 1091 13.98 25.29 44.92
C MET FA 1091 14.69 24.18 45.69
N GLY FA 1092 13.92 23.33 46.37
CA GLY FA 1092 14.48 22.27 47.19
C GLY FA 1092 14.79 20.99 46.43
N ASN FA 1093 14.46 19.85 47.03
CA ASN FA 1093 14.76 18.55 46.47
C ASN FA 1093 13.55 17.64 46.55
N LEU FA 1094 13.39 16.80 45.54
CA LEU FA 1094 12.39 15.75 45.59
C LEU FA 1094 12.77 14.62 44.63
N PRO FA 1095 13.31 13.51 45.14
CA PRO FA 1095 13.73 12.41 44.26
C PRO FA 1095 12.54 11.80 43.54
N GLN FA 1096 12.58 11.87 42.21
CA GLN FA 1096 11.50 11.34 41.39
C GLN FA 1096 11.37 9.82 41.58
N ASN FA 1097 10.13 9.36 41.64
CA ASN FA 1097 9.83 7.94 41.81
C ASN FA 1097 9.31 7.39 40.49
N LEU FA 1098 9.93 6.32 40.00
CA LEU FA 1098 9.53 5.74 38.73
C LEU FA 1098 8.28 4.87 38.87
N PHE FA 1099 8.01 4.34 40.06
CA PHE FA 1099 7.01 3.30 40.24
C PHE FA 1099 5.60 3.74 39.86
N ALA FA 1100 5.42 5.01 39.52
CA ALA FA 1100 4.18 5.48 38.94
C ALA FA 1100 4.11 5.27 37.43
N THR FA 1101 5.21 4.86 36.81
CA THR FA 1101 5.29 4.68 35.37
C THR FA 1101 5.22 3.20 35.02
N ARG FA 1102 4.60 2.93 33.88
CA ARG FA 1102 4.46 1.55 33.39
C ARG FA 1102 5.21 1.40 32.08
N GLY FA 1103 5.08 0.23 31.44
CA GLY FA 1103 5.79 -0.05 30.22
C GLY FA 1103 7.13 -0.71 30.40
N ALA FA 1104 7.68 -0.72 31.62
CA ALA FA 1104 8.92 -1.42 31.89
C ALA FA 1104 8.60 -2.85 32.29
N PRO FA 1105 9.13 -3.85 31.59
CA PRO FA 1105 8.83 -5.25 31.93
C PRO FA 1105 9.37 -5.60 33.31
N PRO FA 1106 8.54 -6.17 34.18
CA PRO FA 1106 8.96 -6.44 35.55
C PRO FA 1106 9.91 -7.64 35.62
N MET FA 1107 10.40 -7.88 36.83
CA MET FA 1107 11.34 -8.95 37.09
C MET FA 1107 10.57 -10.23 37.44
N LEU FA 1108 11.11 -11.37 36.97
CA LEU FA 1108 10.36 -12.63 37.02
C LEU FA 1108 9.94 -12.99 38.44
N ASP FA 1109 10.90 -13.04 39.36
CA ASP FA 1109 10.59 -13.44 40.73
C ASP FA 1109 9.77 -12.36 41.41
N ALA FA 1110 8.43 -12.52 41.41
CA ALA FA 1110 7.54 -11.49 41.91
C ALA FA 1110 7.89 -11.06 43.34
N ASP FA 1111 8.50 -11.96 44.12
CA ASP FA 1111 8.97 -11.57 45.44
C ASP FA 1111 10.03 -10.49 45.35
N ALA FA 1112 10.85 -10.51 44.30
CA ALA FA 1112 11.93 -9.52 44.17
C ALA FA 1112 11.37 -8.12 44.03
N ASP FA 1113 10.53 -7.89 43.02
CA ASP FA 1113 9.99 -6.54 42.87
C ASP FA 1113 8.96 -6.22 43.94
N ASP FA 1114 8.36 -7.22 44.58
CA ASP FA 1114 7.56 -6.95 45.76
C ASP FA 1114 8.43 -6.35 46.87
N TYR FA 1115 9.63 -6.90 47.07
CA TYR FA 1115 10.57 -6.34 48.03
C TYR FA 1115 11.00 -4.93 47.60
N LEU FA 1116 11.26 -4.75 46.31
CA LEU FA 1116 11.61 -3.43 45.80
C LEU FA 1116 10.55 -2.40 46.15
N ARG FA 1117 9.29 -2.71 45.86
CA ARG FA 1117 8.19 -1.82 46.24
C ARG FA 1117 8.16 -1.58 47.74
N ARG FA 1118 8.24 -2.66 48.53
CA ARG FA 1118 8.11 -2.55 49.97
C ARG FA 1118 9.24 -1.75 50.62
N THR FA 1119 10.40 -1.64 49.97
CA THR FA 1119 11.50 -0.90 50.57
C THR FA 1119 11.73 0.49 49.98
N VAL FA 1120 11.54 0.69 48.67
CA VAL FA 1120 11.84 1.99 48.09
C VAL FA 1120 10.68 2.96 48.28
N ASN FA 1121 9.44 2.47 48.20
CA ASN FA 1121 8.29 3.33 48.48
C ASN FA 1121 8.27 3.78 49.93
N ALA FA 1122 9.05 3.15 50.80
CA ALA FA 1122 9.06 3.52 52.20
C ALA FA 1122 9.69 4.89 52.41
N GLY FA 1123 9.04 5.72 53.21
CA GLY FA 1123 9.56 7.03 53.56
C GLY FA 1123 9.80 7.95 52.38
N ASN FA 1124 9.02 7.77 51.32
CA ASN FA 1124 9.16 8.56 50.10
C ASN FA 1124 7.80 9.11 49.73
N ARG FA 1125 7.66 10.43 49.76
CA ARG FA 1125 6.41 11.03 49.33
C ARG FA 1125 6.20 10.82 47.84
N LEU FA 1126 5.05 11.27 47.35
CA LEU FA 1126 4.56 11.00 46.00
C LEU FA 1126 4.64 9.51 45.67
N ALA FA 1127 4.70 8.67 46.71
CA ALA FA 1127 4.58 7.24 46.51
C ALA FA 1127 3.18 6.92 46.01
N PRO FA 1128 3.05 6.03 45.05
CA PRO FA 1128 1.72 5.75 44.48
C PRO FA 1128 0.83 5.00 45.46
N VAL FA 1129 0.28 5.72 46.43
CA VAL FA 1129 -0.64 5.08 47.38
C VAL FA 1129 -1.87 4.59 46.61
N PRO FA 1130 -2.27 3.33 46.78
CA PRO FA 1130 -3.38 2.76 45.99
C PRO FA 1130 -4.76 3.11 46.54
N VAL FA 1131 -4.95 4.40 46.89
CA VAL FA 1131 -6.30 4.87 47.23
C VAL FA 1131 -7.17 4.80 45.98
N PHE FA 1132 -8.46 4.58 46.20
CA PHE FA 1132 -9.42 4.17 45.18
C PHE FA 1132 -9.28 4.93 43.86
N GLY FA 1133 -9.36 4.20 42.76
CA GLY FA 1133 -9.59 4.67 41.39
C GLY FA 1133 -8.37 5.31 40.73
N GLN FA 1134 -7.34 5.69 41.47
CA GLN FA 1134 -6.28 6.38 40.74
C GLN FA 1134 -4.90 5.81 40.96
N MET FA 1135 -4.58 5.36 42.17
CA MET FA 1135 -3.23 4.96 42.54
C MET FA 1135 -2.25 6.11 42.25
N LEU FA 1136 -2.51 7.23 42.92
CA LEU FA 1136 -1.80 8.48 42.71
C LEU FA 1136 -1.22 8.94 44.04
N PRO FA 1137 -0.27 9.88 44.01
CA PRO FA 1137 0.26 10.41 45.28
C PRO FA 1137 -0.83 11.06 46.11
N GLN FA 1138 -0.86 10.71 47.40
CA GLN FA 1138 -1.86 11.23 48.31
C GLN FA 1138 -1.66 12.73 48.50
N VAL FA 1139 -2.75 13.41 48.83
CA VAL FA 1139 -2.75 14.86 49.03
C VAL FA 1139 -1.92 15.18 50.26
N PRO FA 1140 -0.77 15.82 50.12
CA PRO FA 1140 0.07 16.12 51.29
C PRO FA 1140 -0.54 17.21 52.15
N ALA FA 1141 -0.07 17.27 53.38
CA ALA FA 1141 -0.57 18.20 54.39
C ALA FA 1141 0.51 19.22 54.70
N GLY FA 1142 0.19 20.51 54.52
CA GLY FA 1142 1.10 21.57 54.90
C GLY FA 1142 2.21 21.79 53.90
N LEU FA 1143 2.51 23.06 53.60
CA LEU FA 1143 3.53 23.41 52.63
C LEU FA 1143 4.51 24.39 53.27
N ALA FA 1144 5.79 24.03 53.29
CA ALA FA 1144 6.82 24.97 53.71
C ALA FA 1144 6.81 26.22 52.85
N ARG FA 1145 7.00 26.04 51.55
CA ARG FA 1145 7.14 27.14 50.61
C ARG FA 1145 6.36 26.75 49.36
N GLY FA 1146 6.65 27.37 48.23
CA GLY FA 1146 5.99 27.04 46.99
C GLY FA 1146 6.07 25.57 46.62
N GLN FA 1147 5.32 25.16 45.60
CA GLN FA 1147 5.25 23.76 45.21
C GLN FA 1147 6.65 23.18 45.03
N GLN FA 1148 6.85 21.98 45.58
CA GLN FA 1148 8.15 21.35 45.54
C GLN FA 1148 8.46 20.84 44.14
N SER FA 1149 9.69 21.05 43.70
CA SER FA 1149 10.12 20.67 42.37
C SER FA 1149 10.41 19.17 42.34
N VAL FA 1150 11.00 18.69 41.25
CA VAL FA 1150 11.35 17.29 41.10
C VAL FA 1150 12.79 17.21 40.60
N CYS FA 1151 13.48 16.16 41.01
CA CYS FA 1151 14.87 15.93 40.64
C CYS FA 1151 14.99 14.66 39.79
N GLU FA 1152 15.98 14.65 38.90
CA GLU FA 1152 16.32 13.47 38.13
C GLU FA 1152 17.77 13.09 38.39
N PHE FA 1153 18.15 11.92 37.85
CA PHE FA 1153 19.51 11.41 38.02
C PHE FA 1153 19.90 10.69 36.73
N ILE FA 1154 21.03 11.10 36.15
CA ILE FA 1154 21.49 10.59 34.87
C ILE FA 1154 22.89 10.01 35.07
N ALA FA 1155 23.06 8.74 34.72
CA ALA FA 1155 24.35 8.09 34.87
C ALA FA 1155 25.42 8.82 34.05
N THR FA 1156 26.64 8.80 34.55
CA THR FA 1156 27.75 9.52 33.95
C THR FA 1156 29.05 8.96 34.50
N PRO FA 1157 30.04 8.70 33.65
CA PRO FA 1157 31.31 8.16 34.15
C PRO FA 1157 31.98 9.10 35.13
N VAL FA 1158 32.72 8.51 36.07
CA VAL FA 1158 33.36 9.30 37.12
C VAL FA 1158 34.45 10.19 36.54
N SER FA 1159 35.01 9.80 35.38
CA SER FA 1159 36.09 10.56 34.75
C SER FA 1159 35.58 11.64 33.81
N VAL FA 1160 34.33 12.08 33.97
CA VAL FA 1160 33.88 13.27 33.28
C VAL FA 1160 34.60 14.48 33.85
N ASP FA 1161 35.13 15.33 32.96
CA ASP FA 1161 35.86 16.49 33.43
C ASP FA 1161 34.94 17.42 34.21
N LEU FA 1162 35.47 18.01 35.28
CA LEU FA 1162 34.63 18.80 36.16
C LEU FA 1162 34.30 20.16 35.56
N ALA FA 1163 35.25 20.74 34.80
CA ALA FA 1163 35.06 22.07 34.26
C ALA FA 1163 33.86 22.19 33.32
N TYR FA 1164 33.25 21.08 32.92
CA TYR FA 1164 32.07 21.13 32.08
C TYR FA 1164 30.83 21.59 32.84
N PHE FA 1165 30.89 21.69 34.17
CA PHE FA 1165 29.76 22.12 34.96
C PHE FA 1165 29.91 23.53 35.50
N ARG FA 1166 31.08 24.15 35.39
CA ARG FA 1166 31.25 25.55 35.78
C ARG FA 1166 30.38 26.45 34.92
N ARG FA 1167 30.64 26.47 33.62
CA ARG FA 1167 29.80 27.23 32.69
C ARG FA 1167 28.47 26.51 32.49
N ALA FA 1168 27.58 27.16 31.75
CA ALA FA 1168 26.31 26.54 31.40
C ALA FA 1168 26.54 25.32 30.54
N CYS FA 1169 25.88 24.22 30.88
CA CYS FA 1169 26.12 22.95 30.22
C CYS FA 1169 24.80 22.29 29.85
N ASN FA 1170 24.92 21.22 29.08
CA ASN FA 1170 23.79 20.39 28.68
C ASN FA 1170 23.91 19.04 29.35
N PRO FA 1171 22.87 18.57 30.04
CA PRO FA 1171 22.97 17.29 30.77
C PRO FA 1171 23.40 16.11 29.90
N ARG FA 1172 23.31 16.21 28.58
CA ARG FA 1172 23.75 15.11 27.72
C ARG FA 1172 25.26 15.14 27.50
N GLY FA 1173 25.79 16.28 27.07
CA GLY FA 1173 27.17 16.37 26.66
C GLY FA 1173 27.24 16.73 25.18
N ARG FA 1174 26.37 16.10 24.39
CA ARG FA 1174 26.08 16.61 23.06
C ARG FA 1174 25.15 17.81 23.23
N ALA FA 1175 25.66 18.99 22.90
CA ALA FA 1175 24.96 20.23 23.22
C ALA FA 1175 24.05 20.63 22.06
N ALA FA 1176 23.53 19.63 21.34
CA ALA FA 1176 22.89 19.84 20.05
C ALA FA 1176 21.79 20.89 20.10
N GLY FA 1177 20.72 20.63 20.85
CA GLY FA 1177 19.60 21.55 20.77
C GLY FA 1177 19.15 21.73 19.34
N GLU FA 1178 18.74 22.93 19.00
CA GLU FA 1178 18.48 23.23 17.60
C GLU FA 1178 19.16 24.49 17.10
N VAL FA 1179 19.25 25.53 17.94
CA VAL FA 1179 19.59 26.86 17.45
C VAL FA 1179 20.94 26.87 16.75
N HIS FA 1180 21.92 26.17 17.28
CA HIS FA 1180 23.25 26.10 16.68
C HIS FA 1180 23.46 24.67 16.18
N GLY FA 1181 23.04 24.42 14.94
CA GLY FA 1181 23.23 23.11 14.34
C GLY FA 1181 22.04 22.67 13.50
N GLU FA 1182 22.33 22.19 12.29
CA GLU FA 1182 21.27 21.71 11.41
C GLU FA 1182 20.82 20.32 11.85
N GLU FA 1183 19.75 19.84 11.19
CA GLU FA 1183 19.19 18.55 11.55
C GLU FA 1183 20.20 17.43 11.29
N GLY FA 1184 20.17 16.42 12.15
CA GLY FA 1184 21.11 15.32 12.10
C GLY FA 1184 22.23 15.43 13.12
N LEU FA 1185 22.30 16.53 13.86
CA LEU FA 1185 23.35 16.75 14.84
C LEU FA 1185 23.02 16.19 16.22
N MET FA 1186 21.74 15.91 16.48
CA MET FA 1186 21.30 15.50 17.82
C MET FA 1186 21.75 14.10 18.22
N PHE FA 1187 21.95 13.20 17.27
CA PHE FA 1187 22.38 11.85 17.59
C PHE FA 1187 23.58 11.34 16.79
N ASP FA 1188 24.06 12.11 15.81
CA ASP FA 1188 25.25 11.68 15.08
C ASP FA 1188 26.45 11.59 16.02
N HIS FA 1189 27.42 10.76 15.64
CA HIS FA 1189 28.65 10.65 16.40
C HIS FA 1189 29.89 10.63 15.52
N SER FA 1190 29.73 10.69 14.20
CA SER FA 1190 30.83 10.92 13.28
C SER FA 1190 31.11 12.40 13.08
N HIS FA 1191 30.40 13.27 13.80
CA HIS FA 1191 30.61 14.71 13.76
C HIS FA 1191 30.82 15.21 15.18
N ALA FA 1192 31.75 16.14 15.34
CA ALA FA 1192 32.16 16.58 16.66
C ALA FA 1192 31.01 17.28 17.39
N ASP FA 1193 31.14 17.34 18.71
CA ASP FA 1193 30.23 18.15 19.51
C ASP FA 1193 30.54 19.61 19.25
N PRO FA 1194 29.59 20.41 18.76
CA PRO FA 1194 29.90 21.81 18.43
C PRO FA 1194 30.41 22.62 19.60
N ALA FA 1195 29.88 22.41 20.81
CA ALA FA 1195 30.26 23.21 21.96
C ALA FA 1195 31.55 22.76 22.63
N HIS FA 1196 32.15 21.67 22.17
CA HIS FA 1196 33.40 21.16 22.75
C HIS FA 1196 34.14 20.39 21.66
N PRO FA 1197 34.83 21.10 20.77
CA PRO FA 1197 35.50 20.44 19.64
C PRO FA 1197 36.54 19.40 20.06
N HIS FA 1198 36.96 19.46 21.32
CA HIS FA 1198 37.95 18.50 21.83
C HIS FA 1198 37.48 17.07 21.64
N ARG FA 1199 36.37 16.72 22.27
CA ARG FA 1199 35.85 15.36 22.27
C ARG FA 1199 34.68 15.26 21.30
N ALA FA 1200 34.03 14.09 21.30
CA ALA FA 1200 32.78 13.91 20.59
C ALA FA 1200 31.58 14.12 21.49
N THR FA 1201 31.65 13.62 22.72
CA THR FA 1201 30.58 13.77 23.70
C THR FA 1201 31.24 14.03 25.05
N ALA FA 1202 30.44 13.95 26.11
CA ALA FA 1202 30.97 13.95 27.47
C ALA FA 1202 30.28 12.93 28.35
N ASN FA 1203 29.41 12.09 27.79
CA ASN FA 1203 28.61 11.15 28.56
C ASN FA 1203 28.07 10.05 27.64
N PRO FA 1204 28.87 9.01 27.38
CA PRO FA 1204 28.42 7.94 26.46
C PRO FA 1204 27.10 7.32 26.84
N TRP FA 1205 26.83 7.12 28.13
CA TRP FA 1205 25.57 6.52 28.53
C TRP FA 1205 24.39 7.47 28.43
N ALA FA 1206 24.54 8.68 27.87
CA ALA FA 1206 23.42 9.63 27.88
C ALA FA 1206 23.26 10.39 26.57
N SER FA 1207 23.91 9.98 25.49
CA SER FA 1207 23.83 10.71 24.23
C SER FA 1207 23.43 9.85 23.05
N GLN FA 1208 23.94 8.63 22.95
CA GLN FA 1208 23.74 7.81 21.76
C GLN FA 1208 22.24 7.57 21.53
N ARG FA 1209 21.90 7.33 20.26
CA ARG FA 1209 20.55 6.88 19.94
C ARG FA 1209 20.32 5.54 20.62
N HIS FA 1210 19.15 5.40 21.25
CA HIS FA 1210 18.77 4.19 21.99
C HIS FA 1210 19.66 3.94 23.19
N SER FA 1211 20.45 4.93 23.61
CA SER FA 1211 21.26 4.77 24.80
C SER FA 1211 20.36 4.68 26.04
N TYR FA 1212 20.96 4.33 27.17
CA TYR FA 1212 20.19 4.09 28.39
C TYR FA 1212 19.41 5.33 28.80
N ALA FA 1213 20.12 6.43 29.06
CA ALA FA 1213 19.46 7.66 29.50
C ALA FA 1213 18.41 8.13 28.50
N ASP FA 1214 18.59 7.80 27.22
CA ASP FA 1214 17.57 8.11 26.23
C ASP FA 1214 16.28 7.34 26.51
N ARG FA 1215 16.40 6.04 26.78
CA ARG FA 1215 15.22 5.19 26.93
C ARG FA 1215 14.39 5.50 28.17
N LEU FA 1216 14.75 6.52 28.95
CA LEU FA 1216 13.96 6.93 30.09
C LEU FA 1216 13.33 8.31 29.94
N TYR FA 1217 13.98 9.24 29.26
CA TYR FA 1217 13.47 10.61 29.18
C TYR FA 1217 13.29 11.07 27.75
N ASN FA 1218 12.73 10.23 26.88
CA ASN FA 1218 12.51 10.58 25.49
C ASN FA 1218 11.02 10.81 25.24
N GLY FA 1219 10.71 11.37 24.08
CA GLY FA 1219 9.35 11.70 23.73
C GLY FA 1219 8.52 10.53 23.27
N GLN FA 1220 9.10 9.65 22.45
CA GLN FA 1220 8.37 8.57 21.79
C GLN FA 1220 8.84 7.20 22.23
N TYR FA 1221 9.09 7.02 23.53
CA TYR FA 1221 9.46 5.72 24.09
C TYR FA 1221 8.50 5.27 25.18
N ASN FA 1222 7.32 5.90 25.29
CA ASN FA 1222 6.22 5.49 26.15
C ASN FA 1222 6.68 5.05 27.54
N MET FA 1223 7.59 5.82 28.14
CA MET FA 1223 8.05 5.57 29.49
C MET FA 1223 7.99 6.86 30.31
N SER FA 1224 6.85 7.55 30.21
CA SER FA 1224 6.57 8.73 30.99
C SER FA 1224 5.58 8.39 32.09
N GLY FA 1225 5.56 9.21 33.14
CA GLY FA 1225 4.66 9.02 34.24
C GLY FA 1225 3.88 10.29 34.56
N PRO FA 1226 3.02 10.23 35.58
CA PRO FA 1226 2.26 11.43 35.96
C PRO FA 1226 3.13 12.54 36.49
N ALA FA 1227 4.30 12.24 37.05
CA ALA FA 1227 5.18 13.27 37.57
C ALA FA 1227 5.90 13.98 36.43
N TYR FA 1228 6.06 15.28 36.58
CA TYR FA 1228 6.75 16.07 35.57
C TYR FA 1228 8.23 15.69 35.52
N SER FA 1229 8.79 15.69 34.32
CA SER FA 1229 10.19 15.36 34.11
C SER FA 1229 10.96 16.60 33.71
N PRO FA 1230 11.63 17.28 34.64
CA PRO FA 1230 12.37 18.51 34.30
C PRO FA 1230 13.40 18.38 33.18
N CYS FA 1231 13.66 17.17 32.68
CA CYS FA 1231 14.57 16.97 31.56
C CYS FA 1231 13.86 16.37 30.35
N PHE FA 1232 12.55 16.57 30.25
CA PHE FA 1232 11.80 16.03 29.12
C PHE FA 1232 12.17 16.69 27.81
N LYS FA 1233 12.55 17.98 27.84
CA LYS FA 1233 12.81 18.73 26.63
C LYS FA 1233 14.27 18.65 26.18
N PHE FA 1234 15.10 17.85 26.86
CA PHE FA 1234 16.50 17.74 26.51
C PHE FA 1234 16.83 16.49 25.70
N PHE FA 1235 15.98 15.48 25.74
CA PHE FA 1235 16.19 14.26 24.98
C PHE FA 1235 15.03 14.01 24.02
N THR FA 1236 14.59 15.05 23.31
CA THR FA 1236 13.42 14.91 22.45
C THR FA 1236 13.67 15.56 21.10
N PRO FA 1237 13.72 14.78 20.01
CA PRO FA 1237 13.78 15.35 18.66
C PRO FA 1237 12.44 15.49 17.96
N ALA FA 1238 11.33 15.10 18.59
CA ALA FA 1238 10.02 15.04 17.96
C ALA FA 1238 9.62 16.37 17.32
N GLU FA 1239 10.29 17.45 17.72
CA GLU FA 1239 10.15 18.72 17.02
C GLU FA 1239 10.78 18.71 15.64
N ALA FA 1240 11.30 17.55 15.19
CA ALA FA 1240 11.74 17.42 13.81
C ALA FA 1240 10.60 17.73 12.84
N VAL FA 1241 9.37 17.40 13.23
CA VAL FA 1241 8.21 17.81 12.45
C VAL FA 1241 8.08 19.32 12.43
N ALA FA 1242 8.54 19.99 13.49
CA ALA FA 1242 8.48 21.45 13.58
C ALA FA 1242 9.86 22.01 13.23
N LYS FA 1243 10.17 21.99 11.93
CA LYS FA 1243 11.42 22.56 11.48
C LYS FA 1243 11.35 24.09 11.51
N SER FA 1244 12.45 24.71 11.87
CA SER FA 1244 12.51 26.13 12.19
C SER FA 1244 12.99 26.91 10.96
N ARG FA 1245 12.13 27.79 10.45
CA ARG FA 1245 12.42 28.54 9.23
C ARG FA 1245 12.79 29.99 9.51
N GLY FA 1246 13.19 30.32 10.73
CA GLY FA 1246 13.65 31.65 11.05
C GLY FA 1246 13.96 31.81 12.52
N LEU FA 1247 15.09 32.44 12.83
CA LEU FA 1247 15.42 32.70 14.23
C LEU FA 1247 14.34 33.53 14.91
N ALA FA 1248 13.69 34.43 14.17
CA ALA FA 1248 12.61 35.23 14.72
C ALA FA 1248 11.45 34.35 15.19
N ARG FA 1249 11.22 33.23 14.51
CA ARG FA 1249 10.15 32.32 14.93
C ARG FA 1249 10.40 31.79 16.33
N LEU FA 1250 11.60 31.25 16.57
CA LEU FA 1250 11.96 30.79 17.91
C LEU FA 1250 11.93 31.94 18.91
N ILE FA 1251 12.45 33.10 18.51
CA ILE FA 1251 12.51 34.26 19.40
C ILE FA 1251 11.11 34.60 19.91
N ALA FA 1252 10.18 34.83 18.99
CA ALA FA 1252 8.81 35.17 19.37
C ALA FA 1252 8.16 34.00 20.12
N ASP FA 1253 8.48 32.77 19.75
CA ASP FA 1253 7.88 31.62 20.40
C ASP FA 1253 8.27 31.56 21.87
N THR FA 1254 9.54 31.80 22.18
CA THR FA 1254 9.95 31.94 23.56
C THR FA 1254 9.36 33.22 24.16
N GLY FA 1255 9.20 33.22 25.47
CA GLY FA 1255 8.55 34.31 26.16
C GLY FA 1255 7.04 34.18 26.25
N ALA FA 1256 6.43 33.32 25.43
CA ALA FA 1256 4.99 33.12 25.48
C ALA FA 1256 4.60 31.65 25.34
N ALA FA 1257 5.54 30.72 25.41
CA ALA FA 1257 5.20 29.31 25.33
C ALA FA 1257 4.36 28.91 26.52
N ALA FA 1258 3.26 28.20 26.26
CA ALA FA 1258 2.32 27.85 27.32
C ALA FA 1258 2.99 26.93 28.34
N SER FA 1259 2.50 27.00 29.57
CA SER FA 1259 3.15 26.29 30.66
C SER FA 1259 2.94 24.78 30.54
N PRO FA 1260 3.96 23.97 30.85
CA PRO FA 1260 3.79 22.52 30.81
C PRO FA 1260 3.41 21.87 32.13
N THR FA 1261 3.48 22.59 33.23
CA THR FA 1261 3.34 22.02 34.57
C THR FA 1261 2.01 22.41 35.20
N SER FA 1262 1.75 21.84 36.37
CA SER FA 1262 0.50 22.03 37.08
C SER FA 1262 0.62 23.21 38.05
N ASN FA 1263 -0.39 23.36 38.91
CA ASN FA 1263 -0.37 24.40 39.93
C ASN FA 1263 -0.82 23.88 41.29
N GLY FA 1264 -1.00 22.57 41.45
CA GLY FA 1264 -1.37 22.01 42.73
C GLY FA 1264 -0.21 21.96 43.70
N GLU FA 1265 -0.30 21.11 44.72
CA GLU FA 1265 0.74 21.04 45.74
C GLU FA 1265 2.01 20.36 45.24
N TYR FA 1266 2.05 19.90 43.99
CA TYR FA 1266 3.24 19.29 43.42
C TYR FA 1266 3.38 19.74 41.97
N GLN FA 1267 4.43 19.25 41.31
CA GLN FA 1267 4.63 19.50 39.89
C GLN FA 1267 4.10 18.32 39.08
N PHE FA 1268 2.77 18.26 39.00
CA PHE FA 1268 2.13 17.22 38.22
C PHE FA 1268 2.10 17.60 36.74
N LYS FA 1269 1.97 16.58 35.89
CA LYS FA 1269 1.80 16.83 34.48
C LYS FA 1269 0.42 17.41 34.21
N ARG FA 1270 0.35 18.34 33.27
CA ARG FA 1270 -0.89 19.05 33.00
C ARG FA 1270 -1.31 18.84 31.56
N PRO FA 1271 -2.62 18.74 31.29
CA PRO FA 1271 -3.09 18.70 29.90
C PRO FA 1271 -2.58 19.91 29.13
N VAL FA 1272 -2.12 19.65 27.90
CA VAL FA 1272 -1.48 20.69 27.10
C VAL FA 1272 -2.48 21.75 26.65
N GLY FA 1273 -3.77 21.43 26.62
CA GLY FA 1273 -4.75 22.36 26.09
C GLY FA 1273 -4.88 23.62 26.92
N ALA FA 1274 -5.04 23.47 28.23
CA ALA FA 1274 -5.27 24.62 29.11
C ALA FA 1274 -4.08 25.58 29.11
N GLY FA 1275 -2.94 25.12 29.62
CA GLY FA 1275 -1.73 25.92 29.65
C GLY FA 1275 -1.83 27.26 30.34
N GLU FA 1276 -0.73 28.02 30.30
CA GLU FA 1276 -0.67 29.39 30.82
C GLU FA 1276 0.65 30.00 30.36
N LEU FA 1277 0.66 31.32 30.22
CA LEU FA 1277 1.82 32.01 29.66
C LEU FA 1277 2.99 31.96 30.64
N VAL FA 1278 4.17 31.65 30.12
CA VAL FA 1278 5.38 31.53 30.93
C VAL FA 1278 6.58 31.75 30.03
N GLU FA 1279 7.65 32.30 30.59
CA GLU FA 1279 8.87 32.62 29.87
C GLU FA 1279 9.96 31.63 30.23
N ASP FA 1280 10.64 31.09 29.21
CA ASP FA 1280 11.77 30.21 29.45
C ASP FA 1280 12.76 30.25 28.29
N PRO FA 1281 13.93 30.83 28.48
CA PRO FA 1281 14.98 30.79 27.44
C PRO FA 1281 15.71 29.46 27.33
N CYS FA 1282 15.31 28.45 28.13
CA CYS FA 1282 15.97 27.16 28.04
C CYS FA 1282 15.69 26.48 26.71
N ALA FA 1283 14.41 26.37 26.33
CA ALA FA 1283 14.04 25.69 25.10
C ALA FA 1283 14.62 26.37 23.86
N LEU FA 1284 15.15 27.58 23.98
CA LEU FA 1284 15.85 28.21 22.88
C LEU FA 1284 17.33 27.84 22.84
N PHE FA 1285 17.92 27.55 23.99
CA PHE FA 1285 19.32 27.14 24.06
C PHE FA 1285 19.51 25.68 24.45
N GLN FA 1286 18.49 25.05 25.04
CA GLN FA 1286 18.59 23.68 25.55
C GLN FA 1286 19.73 23.54 26.56
N GLU FA 1287 20.04 24.63 27.25
CA GLU FA 1287 21.17 24.67 28.18
C GLU FA 1287 20.67 24.97 29.59
N ALA FA 1288 21.45 24.54 30.57
CA ALA FA 1288 21.09 24.68 31.97
C ALA FA 1288 22.20 25.41 32.72
N TYR FA 1289 21.83 25.98 33.87
CA TYR FA 1289 22.77 26.74 34.67
C TYR FA 1289 23.10 25.99 35.95
N PRO FA 1290 24.33 26.09 36.44
CA PRO FA 1290 24.68 25.45 37.69
C PRO FA 1290 24.37 26.35 38.88
N PRO FA 1291 23.73 25.82 39.90
CA PRO FA 1291 23.48 26.61 41.11
C PRO FA 1291 24.67 26.54 42.07
N LEU FA 1292 24.65 27.46 43.03
CA LEU FA 1292 25.68 27.47 44.07
C LEU FA 1292 25.60 26.18 44.86
N CYS FA 1293 26.60 25.32 44.70
CA CYS FA 1293 26.60 24.03 45.38
C CYS FA 1293 28.03 23.56 45.55
N ALA FA 1294 28.25 22.75 46.58
CA ALA FA 1294 29.58 22.24 46.89
C ALA FA 1294 29.43 20.91 47.60
N SER FA 1295 30.50 20.12 47.58
CA SER FA 1295 30.47 18.77 48.11
C SER FA 1295 30.71 18.71 49.61
N ASP FA 1296 30.57 19.84 50.31
CA ASP FA 1296 30.64 19.86 51.76
C ASP FA 1296 30.09 21.18 52.28
N SER FA 1297 29.21 21.10 53.28
CA SER FA 1297 28.68 22.31 53.90
C SER FA 1297 29.80 23.19 54.46
N ALA FA 1298 30.89 22.57 54.92
CA ALA FA 1298 32.02 23.32 55.48
C ALA FA 1298 32.72 24.21 54.47
N LEU FA 1299 32.36 24.12 53.19
CA LEU FA 1299 32.87 25.04 52.18
C LEU FA 1299 31.96 26.23 51.97
N LEU FA 1300 30.65 26.05 52.12
CA LEU FA 1300 29.68 27.13 51.94
C LEU FA 1300 29.50 27.85 53.27
N ARG FA 1301 30.50 28.66 53.62
CA ARG FA 1301 30.46 29.50 54.80
C ARG FA 1301 30.81 30.93 54.41
N THR FA 1302 30.43 31.87 55.28
CA THR FA 1302 30.55 33.30 54.98
C THR FA 1302 31.96 33.71 54.58
N PRO FA 1303 33.04 33.10 55.12
CA PRO FA 1303 34.34 33.31 54.46
C PRO FA 1303 34.58 32.25 53.36
N LEU FA 1304 33.96 32.49 52.20
CA LEU FA 1304 33.94 31.50 51.13
C LEU FA 1304 35.36 31.03 50.79
N GLY FA 1305 36.21 31.96 50.36
CA GLY FA 1305 37.59 31.63 50.08
C GLY FA 1305 37.79 30.66 48.93
N ALA FA 1306 38.54 29.59 49.19
CA ALA FA 1306 38.92 28.67 48.13
C ALA FA 1306 37.70 27.99 47.51
N GLU FA 1307 37.83 27.66 46.22
CA GLU FA 1307 36.77 27.01 45.48
C GLU FA 1307 37.07 25.56 45.14
N GLU FA 1308 38.33 25.14 45.24
CA GLU FA 1308 38.71 23.73 45.15
C GLU FA 1308 39.68 23.44 46.28
N HIS FA 1309 39.33 22.47 47.11
CA HIS FA 1309 40.10 22.17 48.30
C HIS FA 1309 40.83 20.84 48.19
N PHE FA 1310 40.10 19.76 47.96
CA PHE FA 1310 40.54 18.37 47.88
C PHE FA 1310 39.60 17.69 46.89
N ALA FA 1311 39.46 16.37 46.97
CA ALA FA 1311 38.40 15.68 46.25
C ALA FA 1311 37.07 16.44 46.32
N GLN FA 1312 36.80 17.11 47.45
CA GLN FA 1312 35.64 17.97 47.55
C GLN FA 1312 35.85 19.25 46.72
N TYR FA 1313 34.81 19.66 46.00
CA TYR FA 1313 34.89 20.77 45.08
C TYR FA 1313 33.77 21.77 45.39
N LEU FA 1314 33.86 22.95 44.77
CA LEU FA 1314 32.83 23.96 44.85
C LEU FA 1314 32.54 24.49 43.45
N ILE FA 1315 31.29 24.84 43.21
CA ILE FA 1315 30.84 25.37 41.92
C ILE FA 1315 30.21 26.72 42.18
N ARG FA 1316 30.84 27.78 41.68
CA ARG FA 1316 30.31 29.12 41.84
C ARG FA 1316 28.98 29.26 41.10
N ASP FA 1317 28.23 30.29 41.45
CA ASP FA 1317 26.89 30.50 40.93
C ASP FA 1317 26.98 31.35 39.66
N GLU FA 1318 26.78 30.70 38.51
CA GLU FA 1318 26.74 31.38 37.21
C GLU FA 1318 25.37 31.12 36.61
N SER FA 1319 24.43 32.00 36.95
CA SER FA 1319 23.03 31.84 36.55
C SER FA 1319 22.46 33.23 36.34
N PRO FA 1320 21.26 33.32 35.75
CA PRO FA 1320 20.63 34.64 35.60
C PRO FA 1320 20.17 35.27 36.90
N LEU FA 1321 20.45 34.66 38.05
CA LEU FA 1321 19.97 35.15 39.33
C LEU FA 1321 21.12 35.49 40.28
N LYS FA 1322 22.09 36.27 39.81
CA LYS FA 1322 23.27 36.62 40.58
C LYS FA 1322 22.94 37.34 41.89
N GLY FA 1323 21.69 37.74 42.08
CA GLY FA 1323 21.28 38.39 43.30
C GLY FA 1323 19.85 38.07 43.71
N ARG GA 24 -46.16 18.31 24.75
CA ARG GA 24 -46.80 17.32 23.90
C ARG GA 24 -45.98 16.03 23.87
N ALA GA 25 -46.53 15.00 23.22
CA ALA GA 25 -45.88 13.71 23.16
C ALA GA 25 -45.31 13.32 21.80
N ARG GA 26 -44.37 12.38 21.81
CA ARG GA 26 -43.79 11.88 20.56
C ARG GA 26 -44.16 10.52 20.02
N LEU GA 27 -44.35 10.42 18.72
CA LEU GA 27 -45.04 9.29 18.13
C LEU GA 27 -44.07 8.51 17.26
N ILE GA 28 -44.47 7.29 16.93
CA ILE GA 28 -43.74 6.39 16.04
C ILE GA 28 -44.72 5.87 15.01
N ARG GA 29 -44.30 5.80 13.76
CA ARG GA 29 -45.10 5.19 12.71
C ARG GA 29 -44.29 4.06 12.09
N GLN GA 30 -44.91 2.88 11.98
CA GLN GA 30 -44.23 1.72 11.41
C GLN GA 30 -45.21 0.97 10.51
N VAL GA 31 -45.02 1.09 9.20
CA VAL GA 31 -45.80 0.31 8.26
C VAL GA 31 -45.44 -1.16 8.40
N THR GA 32 -46.45 -2.03 8.27
CA THR GA 32 -46.26 -3.44 8.55
C THR GA 32 -47.44 -4.24 8.02
N LEU GA 33 -47.42 -5.54 8.30
CA LEU GA 33 -48.46 -6.45 7.87
C LEU GA 33 -49.52 -6.63 8.95
N ALA GA 34 -50.76 -6.81 8.52
CA ALA GA 34 -51.89 -7.03 9.44
C ALA GA 34 -52.13 -8.48 9.84
N ASP GA 35 -51.13 -9.09 10.47
CA ASP GA 35 -51.24 -10.43 11.03
C ASP GA 35 -51.44 -10.63 12.53
N PHE GA 36 -50.72 -9.82 13.31
CA PHE GA 36 -50.72 -9.93 14.76
C PHE GA 36 -51.46 -8.80 15.45
N CYS GA 37 -51.26 -7.56 15.02
CA CYS GA 37 -51.98 -6.43 15.61
C CYS GA 37 -52.91 -5.91 14.52
N GLU GA 38 -54.19 -5.78 14.83
CA GLU GA 38 -55.08 -5.54 13.72
C GLU GA 38 -55.90 -4.28 14.00
N PRO GA 39 -55.36 -3.11 13.66
CA PRO GA 39 -55.79 -1.85 14.27
C PRO GA 39 -57.22 -1.43 13.95
N GLN GA 40 -57.88 -2.07 13.00
CA GLN GA 40 -59.30 -1.85 12.85
C GLN GA 40 -60.13 -2.72 13.78
N ALA GA 41 -59.67 -3.94 14.09
CA ALA GA 41 -60.40 -4.82 15.00
C ALA GA 41 -60.48 -4.28 16.43
N GLU GA 42 -59.40 -3.72 16.98
CA GLU GA 42 -59.43 -3.15 18.33
C GLU GA 42 -59.59 -1.64 18.23
N ARG GA 43 -60.14 -1.03 19.26
CA ARG GA 43 -60.12 0.43 19.24
C ARG GA 43 -58.80 0.94 19.82
N PRO GA 44 -58.45 2.21 19.68
CA PRO GA 44 -57.15 2.67 20.15
C PRO GA 44 -56.96 2.44 21.64
N GLY GA 45 -55.74 2.65 22.09
CA GLY GA 45 -55.43 2.55 23.50
C GLY GA 45 -55.12 1.15 24.01
N LEU GA 46 -54.09 0.52 23.44
CA LEU GA 46 -53.59 -0.75 23.94
C LEU GA 46 -52.16 -0.92 23.47
N VAL GA 47 -51.30 -1.45 24.33
CA VAL GA 47 -49.86 -1.44 24.04
C VAL GA 47 -49.54 -2.40 22.90
N VAL GA 48 -48.56 -2.02 22.09
CA VAL GA 48 -48.11 -2.83 20.96
C VAL GA 48 -46.64 -3.13 21.17
N LEU GA 49 -46.20 -4.24 20.58
CA LEU GA 49 -44.82 -4.69 20.74
C LEU GA 49 -44.17 -4.81 19.37
N ALA GA 50 -42.85 -4.64 19.35
CA ALA GA 50 -42.07 -4.78 18.14
C ALA GA 50 -41.37 -6.13 18.16
N LEU GA 51 -41.55 -6.91 17.08
CA LEU GA 51 -40.96 -8.24 16.98
C LEU GA 51 -39.68 -8.19 16.16
N ARG GA 52 -38.62 -8.71 16.74
CA ARG GA 52 -37.32 -8.88 16.10
C ARG GA 52 -37.44 -9.63 14.78
N HIS GA 53 -36.46 -9.43 13.91
CA HIS GA 53 -36.35 -10.25 12.71
C HIS GA 53 -36.03 -11.67 13.14
N PRO GA 54 -36.77 -12.67 12.66
CA PRO GA 54 -36.59 -14.03 13.17
C PRO GA 54 -35.32 -14.71 12.69
N ALA GA 55 -34.69 -14.19 11.64
CA ALA GA 55 -33.49 -14.86 11.11
C ALA GA 55 -32.40 -14.94 12.17
N ASP GA 56 -32.14 -13.82 12.86
CA ASP GA 56 -31.06 -13.85 13.84
C ASP GA 56 -31.43 -14.67 15.07
N LEU GA 57 -32.71 -14.76 15.42
CA LEU GA 57 -33.11 -15.68 16.48
C LEU GA 57 -32.80 -17.11 16.10
N ALA GA 58 -33.25 -17.52 14.90
CA ALA GA 58 -32.96 -18.88 14.44
C ALA GA 58 -31.47 -19.14 14.39
N GLY GA 59 -30.68 -18.14 14.02
CA GLY GA 59 -29.24 -18.31 13.99
C GLY GA 59 -28.65 -18.47 15.38
N ALA GA 60 -28.92 -17.50 16.26
CA ALA GA 60 -28.37 -17.52 17.61
C ALA GA 60 -28.78 -18.76 18.38
N ALA GA 61 -29.92 -19.37 18.04
CA ALA GA 61 -30.26 -20.66 18.62
C ALA GA 61 -29.13 -21.66 18.43
N TYR GA 62 -28.64 -21.80 17.19
CA TYR GA 62 -27.62 -22.80 16.86
C TYR GA 62 -26.50 -22.85 17.89
N ALA GA 63 -26.18 -21.70 18.49
CA ALA GA 63 -25.15 -21.66 19.52
C ALA GA 63 -25.72 -21.52 20.92
N ALA GA 64 -27.02 -21.28 21.06
CA ALA GA 64 -27.59 -20.96 22.36
C ALA GA 64 -28.33 -22.12 23.02
N THR GA 65 -28.89 -23.05 22.27
CA THR GA 65 -29.60 -24.15 22.90
C THR GA 65 -28.65 -24.97 23.76
N PRO GA 66 -29.05 -25.38 24.95
CA PRO GA 66 -28.13 -25.99 25.90
C PRO GA 66 -27.74 -27.38 25.42
N PRO GA 67 -26.82 -28.06 26.12
CA PRO GA 67 -26.48 -29.43 25.72
C PRO GA 67 -27.62 -30.39 25.97
N GLY GA 68 -27.65 -31.44 25.18
CA GLY GA 68 -28.68 -32.46 25.31
C GLY GA 68 -29.96 -32.20 24.55
N LYS GA 69 -30.42 -30.96 24.56
CA LYS GA 69 -31.67 -30.61 23.92
C LYS GA 69 -31.51 -30.57 22.40
N ASN GA 70 -32.62 -30.33 21.71
CA ASN GA 70 -32.58 -30.13 20.28
C ASN GA 70 -31.95 -28.78 19.94
N HIS GA 71 -31.34 -28.70 18.76
CA HIS GA 71 -30.64 -27.49 18.33
C HIS GA 71 -31.15 -26.97 17.00
N ARG GA 72 -32.24 -27.52 16.49
CA ARG GA 72 -32.87 -26.99 15.29
C ARG GA 72 -34.37 -26.92 15.38
N ASP GA 73 -34.95 -27.13 16.55
CA ASP GA 73 -36.40 -27.20 16.67
C ASP GA 73 -37.04 -25.82 16.55
N LEU GA 74 -36.31 -24.76 16.90
CA LEU GA 74 -36.85 -23.41 16.68
C LEU GA 74 -36.90 -23.07 15.20
N GLU GA 75 -35.86 -23.47 14.46
CA GLU GA 75 -35.92 -23.40 12.99
C GLU GA 75 -37.23 -23.95 12.47
N GLU GA 76 -37.58 -25.17 12.87
CA GLU GA 76 -38.79 -25.81 12.39
C GLU GA 76 -40.03 -25.08 12.87
N ALA GA 77 -40.06 -24.71 14.14
CA ALA GA 77 -41.23 -24.02 14.68
C ALA GA 77 -41.49 -22.72 13.94
N TRP GA 78 -40.44 -21.99 13.60
CA TRP GA 78 -40.63 -20.79 12.79
C TRP GA 78 -41.10 -21.13 11.39
N LEU GA 79 -40.41 -22.06 10.72
CA LEU GA 79 -40.80 -22.43 9.35
C LEU GA 79 -42.26 -22.87 9.28
N ALA GA 80 -42.80 -23.37 10.37
CA ALA GA 80 -44.20 -23.77 10.42
C ALA GA 80 -45.16 -22.60 10.48
N LEU GA 81 -44.71 -21.35 10.34
CA LEU GA 81 -45.58 -20.19 10.43
C LEU GA 81 -45.43 -19.33 9.18
N ASP GA 82 -45.47 -19.98 8.02
CA ASP GA 82 -45.23 -19.29 6.75
C ASP GA 82 -46.16 -19.75 5.63
N ARG GA 94 -42.41 -6.95 5.97
CA ARG GA 94 -42.49 -8.10 6.87
C ARG GA 94 -43.52 -7.85 7.97
N ALA GA 95 -43.91 -8.93 8.66
CA ALA GA 95 -44.78 -8.80 9.83
C ALA GA 95 -43.96 -8.49 11.07
N SER GA 96 -44.22 -7.35 11.70
CA SER GA 96 -43.31 -6.84 12.71
C SER GA 96 -43.94 -6.56 14.06
N VAL GA 97 -45.18 -6.08 14.10
CA VAL GA 97 -45.78 -5.70 15.37
C VAL GA 97 -46.68 -6.82 15.85
N VAL GA 98 -46.96 -6.81 17.15
CA VAL GA 98 -47.89 -7.75 17.76
C VAL GA 98 -48.56 -7.04 18.92
N SER GA 99 -49.89 -6.98 18.91
CA SER GA 99 -50.61 -6.35 20.00
C SER GA 99 -50.56 -7.26 21.22
N LEU GA 100 -50.41 -6.65 22.39
CA LEU GA 100 -50.47 -7.42 23.62
C LEU GA 100 -51.79 -8.17 23.73
N ASN GA 101 -52.88 -7.55 23.28
CA ASN GA 101 -54.17 -8.23 23.28
C ASN GA 101 -54.10 -9.55 22.54
N PHE GA 102 -53.26 -9.64 21.52
CA PHE GA 102 -53.08 -10.90 20.79
C PHE GA 102 -52.13 -11.84 21.52
N LEU GA 103 -51.03 -11.31 22.06
CA LEU GA 103 -50.02 -12.17 22.67
C LEU GA 103 -50.53 -12.84 23.93
N VAL GA 104 -51.27 -12.10 24.76
CA VAL GA 104 -51.76 -12.64 26.02
C VAL GA 104 -52.63 -13.88 25.76
N ALA GA 105 -53.32 -13.91 24.62
CA ALA GA 105 -54.14 -15.08 24.31
C ALA GA 105 -53.30 -16.32 24.09
N ALA GA 106 -52.17 -16.18 23.39
CA ALA GA 106 -51.29 -17.32 23.12
C ALA GA 106 -50.32 -17.56 24.26
N ALA GA 107 -50.85 -17.71 25.47
CA ALA GA 107 -50.05 -18.14 26.60
C ALA GA 107 -50.89 -19.08 27.45
N GLU GA 108 -50.27 -19.62 28.49
CA GLU GA 108 -51.03 -20.40 29.48
C GLU GA 108 -52.14 -19.53 30.05
N ASN GA 109 -51.78 -18.50 30.80
CA ASN GA 109 -52.77 -17.73 31.50
C ASN GA 109 -53.54 -16.81 30.54
N ALA GA 110 -54.87 -16.86 30.66
CA ALA GA 110 -55.85 -16.24 29.78
C ALA GA 110 -57.22 -16.66 30.27
N ASP GA 111 -58.19 -15.76 30.13
CA ASP GA 111 -59.56 -16.17 30.41
C ASP GA 111 -60.26 -16.37 29.08
N ASP GA 112 -60.91 -17.53 28.90
CA ASP GA 112 -61.35 -17.96 27.57
C ASP GA 112 -62.26 -16.94 26.88
N ALA GA 113 -62.82 -16.00 27.63
CA ALA GA 113 -63.60 -14.94 27.00
C ALA GA 113 -62.73 -14.17 26.01
N LEU GA 114 -61.47 -13.90 26.38
CA LEU GA 114 -60.60 -13.15 25.50
C LEU GA 114 -60.15 -13.98 24.31
N ARG GA 115 -59.96 -15.29 24.49
CA ARG GA 115 -59.74 -16.15 23.34
C ARG GA 115 -60.90 -16.05 22.36
N ALA GA 116 -62.13 -16.17 22.86
CA ALA GA 116 -63.30 -16.08 21.99
C ALA GA 116 -63.35 -14.73 21.28
N HIS GA 117 -63.04 -13.66 22.00
CA HIS GA 117 -63.02 -12.33 21.38
C HIS GA 117 -62.00 -12.25 20.26
N VAL GA 118 -60.76 -12.63 20.54
CA VAL GA 118 -59.71 -12.58 19.52
C VAL GA 118 -60.08 -13.45 18.32
N THR GA 119 -60.68 -14.62 18.57
CA THR GA 119 -60.99 -15.51 17.46
C THR GA 119 -62.13 -14.98 16.60
N THR GA 120 -63.26 -14.59 17.20
CA THR GA 120 -64.46 -14.28 16.45
C THR GA 120 -64.55 -12.80 16.07
N ASN GA 121 -63.65 -11.97 16.58
CA ASN GA 121 -63.71 -10.53 16.40
C ASN GA 121 -62.63 -10.02 15.46
N TYR GA 122 -61.50 -10.72 15.40
CA TYR GA 122 -60.54 -10.49 14.33
C TYR GA 122 -61.15 -10.89 12.99
N ARG GA 123 -61.07 -10.00 12.01
CA ARG GA 123 -61.56 -10.33 10.66
C ARG GA 123 -60.80 -11.47 10.01
N ASP GA 124 -59.57 -11.68 10.43
CA ASP GA 124 -58.61 -12.26 9.49
C ASP GA 124 -58.86 -13.76 9.33
N ARG GA 125 -58.60 -14.24 8.12
CA ARG GA 125 -58.52 -15.67 7.80
C ARG GA 125 -57.57 -16.40 8.74
N ARG GA 126 -57.80 -17.71 8.87
CA ARG GA 126 -56.84 -18.69 9.37
C ARG GA 126 -56.24 -18.29 10.73
N THR GA 127 -56.95 -17.42 11.45
CA THR GA 127 -56.39 -16.74 12.61
C THR GA 127 -56.13 -17.69 13.78
N ALA GA 128 -57.09 -18.54 14.12
CA ALA GA 128 -56.91 -19.46 15.25
C ALA GA 128 -55.72 -20.37 15.03
N ALA GA 129 -55.56 -20.87 13.80
CA ALA GA 129 -54.39 -21.67 13.47
C ALA GA 129 -53.10 -20.91 13.73
N ARG GA 130 -53.04 -19.65 13.28
CA ARG GA 130 -51.87 -18.83 13.54
C ARG GA 130 -51.61 -18.65 15.02
N LEU GA 131 -52.66 -18.45 15.81
CA LEU GA 131 -52.48 -18.33 17.26
C LEU GA 131 -51.85 -19.59 17.82
N GLU GA 132 -52.31 -20.75 17.35
CA GLU GA 132 -51.73 -22.01 17.80
C GLU GA 132 -50.25 -22.10 17.45
N ARG GA 133 -49.91 -21.75 16.21
CA ARG GA 133 -48.51 -21.81 15.79
C ARG GA 133 -47.65 -20.86 16.60
N PHE GA 134 -48.15 -19.66 16.89
CA PHE GA 134 -47.41 -18.70 17.70
C PHE GA 134 -47.17 -19.25 19.10
N ALA GA 135 -48.17 -19.91 19.68
CA ALA GA 135 -47.97 -20.58 20.96
C ALA GA 135 -46.82 -21.56 20.86
N THR GA 136 -46.81 -22.39 19.82
CA THR GA 136 -45.73 -23.35 19.67
C THR GA 136 -44.38 -22.65 19.50
N VAL GA 137 -44.39 -21.48 18.85
CA VAL GA 137 -43.15 -20.73 18.66
C VAL GA 137 -42.59 -20.30 20.00
N LEU GA 138 -43.41 -19.66 20.83
CA LEU GA 138 -42.92 -19.18 22.12
C LEU GA 138 -42.48 -20.32 23.02
N ARG GA 139 -43.24 -21.43 23.03
CA ARG GA 139 -42.80 -22.58 23.80
C ARG GA 139 -41.50 -23.17 23.28
N ALA GA 140 -41.23 -23.05 21.99
CA ALA GA 140 -39.92 -23.46 21.50
C ALA GA 140 -38.84 -22.48 21.93
N MET GA 141 -39.17 -21.19 21.96
CA MET GA 141 -38.19 -20.16 22.31
C MET GA 141 -37.62 -20.40 23.70
N ILE GA 142 -38.48 -20.69 24.67
CA ILE GA 142 -38.00 -20.93 26.03
C ILE GA 142 -37.22 -22.23 26.11
N ARG GA 143 -37.64 -23.24 25.34
CA ARG GA 143 -36.90 -24.49 25.34
C ARG GA 143 -35.49 -24.32 24.80
N SER GA 144 -35.28 -23.42 23.84
CA SER GA 144 -33.99 -23.25 23.21
C SER GA 144 -33.15 -22.19 23.91
N HIS GA 145 -33.56 -21.75 25.09
CA HIS GA 145 -32.82 -20.77 25.89
C HIS GA 145 -32.52 -19.48 25.14
N VAL GA 146 -33.36 -19.14 24.15
CA VAL GA 146 -33.39 -17.78 23.63
C VAL GA 146 -34.73 -17.20 24.01
N PHE GA 147 -34.75 -16.44 25.10
CA PHE GA 147 -35.99 -16.10 25.76
C PHE GA 147 -36.71 -14.99 25.00
N PRO GA 148 -38.04 -15.01 25.00
CA PRO GA 148 -38.80 -14.04 24.20
C PRO GA 148 -38.57 -12.60 24.62
N HIS GA 149 -38.17 -12.36 25.87
CA HIS GA 149 -37.87 -10.99 26.27
C HIS GA 149 -36.70 -10.43 25.48
N ARG GA 150 -35.85 -11.30 24.93
CA ARG GA 150 -34.83 -10.89 23.97
C ARG GA 150 -35.35 -10.94 22.53
N ALA GA 151 -36.68 -10.89 22.35
CA ALA GA 151 -37.24 -10.91 21.01
C ALA GA 151 -38.42 -9.97 20.84
N LEU GA 152 -38.78 -9.20 21.87
CA LEU GA 152 -39.97 -8.34 21.82
C LEU GA 152 -39.67 -7.04 22.58
N HIS GA 153 -39.23 -6.02 21.85
CA HIS GA 153 -39.19 -4.68 22.41
C HIS GA 153 -40.60 -4.10 22.41
N VAL GA 154 -40.87 -3.19 23.34
CA VAL GA 154 -42.22 -2.69 23.58
C VAL GA 154 -42.30 -1.26 23.05
N LEU GA 155 -43.34 -0.99 22.27
CA LEU GA 155 -43.66 0.36 21.84
C LEU GA 155 -44.82 0.88 22.70
N GLY GA 156 -45.30 2.06 22.39
CA GLY GA 156 -46.40 2.66 23.13
C GLY GA 156 -47.75 2.13 22.68
N GLY GA 157 -48.79 2.83 23.09
CA GLY GA 157 -50.14 2.46 22.74
C GLY GA 157 -50.54 3.07 21.41
N LEU GA 158 -51.09 2.23 20.53
CA LEU GA 158 -51.46 2.69 19.20
C LEU GA 158 -52.63 3.66 19.29
N LEU GA 159 -52.71 4.56 18.32
CA LEU GA 159 -53.84 5.46 18.24
C LEU GA 159 -54.46 5.55 16.85
N GLY GA 160 -53.66 5.38 15.80
CA GLY GA 160 -54.15 5.58 14.45
C GLY GA 160 -53.60 4.53 13.51
N HIS GA 161 -54.23 4.47 12.33
CA HIS GA 161 -53.86 3.48 11.33
C HIS GA 161 -54.60 3.76 10.02
N VAL GA 162 -53.93 3.52 8.91
CA VAL GA 162 -54.55 3.44 7.59
C VAL GA 162 -54.19 2.09 7.00
N THR GA 163 -55.19 1.40 6.46
CA THR GA 163 -54.98 0.01 6.04
C THR GA 163 -55.29 -0.12 4.56
N GLN GA 164 -54.39 -0.77 3.83
CA GLN GA 164 -54.72 -1.30 2.52
C GLN GA 164 -55.27 -2.70 2.73
N ASP GA 165 -55.31 -3.52 1.68
CA ASP GA 165 -55.70 -4.92 1.85
C ASP GA 165 -54.53 -5.71 2.42
N ARG GA 166 -54.64 -6.06 3.71
CA ARG GA 166 -53.60 -6.81 4.43
C ARG GA 166 -52.27 -6.06 4.41
N LEU GA 167 -52.31 -4.77 4.73
CA LEU GA 167 -51.08 -3.99 4.97
C LEU GA 167 -51.48 -2.72 5.71
N ALA GA 168 -50.90 -2.53 6.90
CA ALA GA 168 -51.31 -1.46 7.81
C ALA GA 168 -50.12 -0.56 8.13
N SER GA 169 -50.43 0.59 8.73
CA SER GA 169 -49.41 1.51 9.23
C SER GA 169 -49.90 2.04 10.57
N VAL GA 170 -49.55 1.33 11.65
CA VAL GA 170 -49.97 1.72 12.98
C VAL GA 170 -49.14 2.89 13.47
N THR GA 171 -49.67 3.63 14.44
CA THR GA 171 -49.00 4.78 15.03
C THR GA 171 -49.24 4.75 16.53
N CYS GA 172 -48.16 4.76 17.31
CA CYS GA 172 -48.23 4.68 18.75
C CYS GA 172 -47.42 5.80 19.38
N VAL GA 173 -47.82 6.20 20.59
CA VAL GA 173 -47.03 7.14 21.36
C VAL GA 173 -45.74 6.47 21.82
N ALA GA 174 -44.77 7.29 22.22
CA ALA GA 174 -43.50 6.79 22.71
C ALA GA 174 -43.04 7.45 23.99
N ARG GA 175 -43.38 8.71 24.23
CA ARG GA 175 -43.10 9.39 25.47
C ARG GA 175 -44.30 10.25 25.82
N GLY GA 176 -44.21 10.95 26.94
CA GLY GA 176 -45.32 11.80 27.34
C GLY GA 176 -46.54 10.99 27.70
N ASP GA 177 -47.60 11.71 28.04
CA ASP GA 177 -48.82 11.04 28.47
C ASP GA 177 -49.68 10.75 27.25
N GLN GA 178 -50.48 9.69 27.36
CA GLN GA 178 -51.24 9.17 26.23
C GLN GA 178 -52.13 10.23 25.60
N GLU GA 179 -52.93 10.90 26.41
CA GLU GA 179 -53.98 11.78 25.91
C GLU GA 179 -53.47 13.13 25.43
N ALA GA 180 -52.16 13.28 25.25
CA ALA GA 180 -51.66 14.43 24.51
C ALA GA 180 -51.81 14.25 23.00
N ALA GA 181 -52.21 13.05 22.57
CA ALA GA 181 -52.31 12.73 21.16
C ALA GA 181 -53.63 13.27 20.58
N ARG GA 182 -53.95 12.87 19.35
CA ARG GA 182 -55.17 13.32 18.70
C ARG GA 182 -55.58 12.25 17.69
N THR GA 183 -56.57 11.44 18.05
CA THR GA 183 -57.02 10.35 17.18
C THR GA 183 -58.03 10.88 16.16
N ASN GA 184 -58.09 10.24 14.99
CA ASN GA 184 -59.01 10.66 13.93
C ASN GA 184 -60.33 9.92 14.00
N ASP GA 185 -60.75 9.56 15.20
CA ASP GA 185 -62.05 8.93 15.40
C ASP GA 185 -63.19 9.94 15.29
N MET GA 186 -63.02 11.13 15.87
CA MET GA 186 -64.00 12.21 15.99
C MET GA 186 -65.16 11.89 16.91
N ALA GA 187 -65.23 10.69 17.45
CA ALA GA 187 -66.13 10.43 18.56
C ALA GA 187 -65.45 10.58 19.91
N ALA GA 188 -64.21 10.11 20.01
CA ALA GA 188 -63.36 10.31 21.18
C ALA GA 188 -61.98 10.68 20.66
N ARG GA 189 -61.73 11.98 20.53
CA ARG GA 189 -60.44 12.46 20.04
C ARG GA 189 -59.31 11.86 20.87
N ARG GA 190 -59.32 12.08 22.17
CA ARG GA 190 -58.30 11.49 23.03
C ARG GA 190 -58.65 10.03 23.29
N SER GA 191 -57.82 9.35 24.06
CA SER GA 191 -58.00 7.92 24.30
C SER GA 191 -57.62 7.64 25.75
N GLN GA 192 -57.42 6.36 26.05
CA GLN GA 192 -56.84 5.92 27.31
C GLN GA 192 -55.97 4.72 27.01
N VAL GA 193 -55.62 3.95 28.02
CA VAL GA 193 -54.85 2.73 27.85
C VAL GA 193 -55.66 1.57 28.39
N HIS GA 194 -55.86 0.55 27.55
CA HIS GA 194 -56.68 -0.60 27.89
C HIS GA 194 -55.79 -1.83 28.03
N VAL GA 195 -55.95 -2.56 29.12
CA VAL GA 195 -55.19 -3.78 29.37
C VAL GA 195 -56.18 -4.89 29.74
N PRO GA 196 -56.04 -6.08 29.16
CA PRO GA 196 -56.95 -7.18 29.53
C PRO GA 196 -56.85 -7.48 31.02
N ALA GA 197 -57.97 -7.26 31.72
CA ALA GA 197 -57.99 -7.39 33.17
C ALA GA 197 -57.66 -8.79 33.64
N CYS GA 198 -57.75 -9.79 32.77
CA CYS GA 198 -57.39 -11.15 33.14
C CYS GA 198 -55.92 -11.26 33.53
N ALA GA 199 -55.05 -10.43 32.95
CA ALA GA 199 -53.62 -10.51 33.17
C ALA GA 199 -53.09 -9.48 34.16
N LEU GA 200 -53.84 -8.42 34.43
CA LEU GA 200 -53.36 -7.37 35.32
C LEU GA 200 -53.25 -7.89 36.74
N MET GA 201 -52.03 -8.05 37.24
CA MET GA 201 -51.78 -8.53 38.59
C MET GA 201 -51.27 -7.33 39.40
N ASP GA 202 -52.08 -6.87 40.34
CA ASP GA 202 -51.62 -5.85 41.26
C ASP GA 202 -50.67 -6.49 42.28
N VAL GA 203 -49.80 -5.66 42.85
CA VAL GA 203 -48.75 -6.12 43.75
C VAL GA 203 -48.95 -5.62 45.18
N ASP GA 204 -49.16 -4.31 45.38
CA ASP GA 204 -49.14 -3.78 46.74
C ASP GA 204 -50.27 -4.37 47.59
N ARG GA 205 -51.51 -4.19 47.12
CA ARG GA 205 -52.67 -4.81 47.72
C ARG GA 205 -52.52 -6.31 47.77
N GLU GA 206 -51.74 -6.88 46.85
CA GLU GA 206 -51.36 -8.29 46.91
C GLU GA 206 -50.37 -8.56 48.02
N LEU GA 207 -49.24 -7.84 48.05
CA LEU GA 207 -48.25 -8.08 49.09
C LEU GA 207 -48.67 -7.53 50.45
N ARG GA 208 -49.75 -6.76 50.49
CA ARG GA 208 -50.21 -6.11 51.73
C ARG GA 208 -49.10 -5.28 52.35
N LEU GA 209 -48.67 -4.25 51.61
CA LEU GA 209 -47.73 -3.28 52.16
C LEU GA 209 -48.38 -2.31 53.13
N GLY GA 210 -49.70 -2.36 53.28
CA GLY GA 210 -50.39 -1.37 54.07
C GLY GA 210 -50.30 0.03 53.52
N GLY GA 211 -49.85 0.18 52.29
CA GLY GA 211 -49.62 1.50 51.71
C GLY GA 211 -50.91 2.17 51.27
N ASP GA 212 -50.75 3.38 50.76
CA ASP GA 212 -51.88 4.19 50.31
C ASP GA 212 -51.65 4.60 48.86
N ASP GA 213 -52.62 4.30 48.01
CA ASP GA 213 -52.44 4.44 46.58
C ASP GA 213 -52.19 5.89 46.19
N GLY GA 214 -51.00 6.15 45.67
CA GLY GA 214 -50.72 7.45 45.10
C GLY GA 214 -50.38 7.31 43.63
N LEU GA 215 -49.16 7.69 43.27
CA LEU GA 215 -48.62 7.44 41.94
C LEU GA 215 -47.87 6.12 41.97
N ARG GA 216 -48.24 5.21 41.08
CA ARG GA 216 -47.64 3.89 41.04
C ARG GA 216 -47.01 3.64 39.68
N PHE GA 217 -45.93 2.85 39.69
CA PHE GA 217 -45.27 2.47 38.45
C PHE GA 217 -46.09 1.41 37.72
N ALA GA 218 -45.62 1.03 36.54
CA ALA GA 218 -46.28 0.01 35.74
C ALA GA 218 -45.22 -0.86 35.09
N TYR GA 219 -45.31 -2.16 35.31
CA TYR GA 219 -44.33 -3.10 34.80
C TYR GA 219 -45.02 -4.22 34.02
N LEU GA 220 -44.51 -4.49 32.82
CA LEU GA 220 -44.88 -5.67 32.06
C LEU GA 220 -43.88 -6.76 32.35
N VAL GA 221 -44.35 -7.89 32.86
CA VAL GA 221 -43.47 -8.97 33.32
C VAL GA 221 -43.78 -10.23 32.55
N PHE GA 222 -42.74 -11.03 32.31
CA PHE GA 222 -42.86 -12.36 31.73
C PHE GA 222 -42.52 -13.40 32.79
N VAL GA 223 -43.16 -14.55 32.68
CA VAL GA 223 -42.92 -15.67 33.60
C VAL GA 223 -42.57 -16.90 32.77
N TYR GA 224 -41.34 -17.36 32.88
CA TYR GA 224 -40.92 -18.57 32.20
C TYR GA 224 -41.11 -19.77 33.13
N THR GA 225 -41.18 -20.96 32.53
CA THR GA 225 -41.12 -22.21 33.29
C THR GA 225 -40.47 -23.23 32.37
N GLN GA 226 -39.55 -24.03 32.90
CA GLN GA 226 -38.69 -24.87 32.07
C GLN GA 226 -38.79 -26.32 32.55
N ARG GA 227 -39.49 -27.14 31.78
CA ARG GA 227 -39.51 -28.58 31.95
C ARG GA 227 -39.65 -29.15 30.54
N HIS GA 228 -38.68 -29.97 30.14
CA HIS GA 228 -38.51 -30.29 28.73
C HIS GA 228 -39.75 -30.96 28.16
N ARG GA 229 -40.24 -30.42 27.04
CA ARG GA 229 -41.48 -30.82 26.36
C ARG GA 229 -42.72 -30.59 27.19
N ARG GA 230 -42.60 -30.07 28.40
CA ARG GA 230 -43.76 -29.69 29.21
C ARG GA 230 -43.45 -28.34 29.86
N GLU GA 231 -43.70 -27.26 29.12
CA GLU GA 231 -43.34 -25.92 29.57
C GLU GA 231 -44.31 -24.93 28.96
N ALA GA 232 -44.33 -23.72 29.53
CA ALA GA 232 -45.25 -22.69 29.08
C ALA GA 232 -44.72 -21.33 29.50
N LEU GA 233 -45.47 -20.29 29.14
CA LEU GA 233 -45.12 -18.91 29.44
C LEU GA 233 -46.35 -18.21 30.00
N ARG GA 234 -46.16 -17.43 31.06
CA ARG GA 234 -47.24 -16.65 31.68
C ARG GA 234 -46.90 -15.18 31.57
N VAL GA 235 -47.90 -14.38 31.20
CA VAL GA 235 -47.74 -12.95 31.04
C VAL GA 235 -48.53 -12.25 32.15
N HIS GA 236 -48.08 -11.05 32.52
CA HIS GA 236 -48.77 -10.23 33.49
C HIS GA 236 -48.46 -8.77 33.22
N VAL GA 237 -49.28 -7.89 33.78
CA VAL GA 237 -49.00 -6.47 33.78
C VAL GA 237 -49.12 -6.00 35.22
N ALA GA 238 -48.00 -5.58 35.80
CA ALA GA 238 -47.91 -5.32 37.22
C ALA GA 238 -47.76 -3.84 37.49
N VAL GA 239 -48.51 -3.34 38.45
CA VAL GA 239 -48.39 -1.96 38.91
C VAL GA 239 -48.12 -1.98 40.41
N SER GA 240 -47.34 -1.01 40.87
CA SER GA 240 -46.98 -0.89 42.28
C SER GA 240 -46.18 0.39 42.44
N ARG GA 241 -45.87 0.71 43.70
CA ARG GA 241 -44.94 1.79 44.01
C ARG GA 241 -43.50 1.32 44.08
N LEU GA 242 -43.27 0.03 43.96
CA LEU GA 242 -41.93 -0.53 44.12
C LEU GA 242 -41.04 -0.15 42.93
N PRO GA 243 -40.01 0.67 43.13
CA PRO GA 243 -39.12 0.99 42.01
C PRO GA 243 -38.24 -0.18 41.59
N GLU GA 244 -37.97 -1.12 42.49
CA GLU GA 244 -37.07 -2.22 42.20
C GLU GA 244 -37.81 -3.52 42.51
N LEU GA 245 -38.17 -4.26 41.47
CA LEU GA 245 -38.96 -5.47 41.65
C LEU GA 245 -38.18 -6.51 42.45
N GLY GA 246 -37.17 -7.11 41.82
CA GLY GA 246 -36.24 -7.97 42.51
C GLY GA 246 -36.85 -8.96 43.47
N ASP GA 247 -36.57 -8.74 44.76
CA ASP GA 247 -37.05 -9.62 45.82
C ASP GA 247 -38.57 -9.78 45.76
N ALA GA 248 -39.26 -8.76 45.28
CA ALA GA 248 -40.72 -8.82 45.23
C ALA GA 248 -41.19 -9.94 44.33
N LEU GA 249 -40.63 -10.03 43.11
CA LEU GA 249 -40.97 -11.16 42.25
C LEU GA 249 -40.34 -12.45 42.75
N SER GA 250 -39.12 -12.37 43.27
CA SER GA 250 -38.48 -13.58 43.78
C SER GA 250 -39.35 -14.28 44.80
N PHE GA 251 -40.11 -13.52 45.59
CA PHE GA 251 -41.07 -14.13 46.52
C PHE GA 251 -42.41 -14.40 45.85
N LEU GA 252 -42.86 -13.50 44.96
CA LEU GA 252 -44.14 -13.70 44.29
C LEU GA 252 -44.17 -15.00 43.50
N LEU GA 253 -43.08 -15.31 42.78
CA LEU GA 253 -43.02 -16.47 41.91
C LEU GA 253 -42.23 -17.61 42.54
N ALA GA 254 -42.37 -17.80 43.86
CA ALA GA 254 -41.52 -18.74 44.58
C ALA GA 254 -41.63 -20.15 44.03
N GLY GA 255 -42.86 -20.61 43.79
CA GLY GA 255 -43.03 -21.96 43.28
C GLY GA 255 -42.36 -22.17 41.93
N THR GA 256 -42.44 -21.16 41.06
CA THR GA 256 -41.82 -21.24 39.75
C THR GA 256 -40.30 -21.38 39.86
N ARG GA 257 -39.66 -20.52 40.65
CA ARG GA 257 -38.22 -20.61 40.83
C ARG GA 257 -37.84 -21.95 41.45
N VAL GA 258 -38.61 -22.40 42.45
CA VAL GA 258 -38.32 -23.69 43.09
C VAL GA 258 -38.34 -24.81 42.07
N ASP GA 259 -39.46 -25.00 41.39
CA ASP GA 259 -39.55 -26.16 40.50
C ASP GA 259 -38.80 -25.95 39.21
N ASN GA 260 -38.25 -24.75 38.98
CA ASN GA 260 -37.45 -24.49 37.80
C ASN GA 260 -35.97 -24.73 38.04
N ALA GA 261 -35.49 -24.54 39.26
CA ALA GA 261 -34.07 -24.75 39.51
C ALA GA 261 -33.70 -26.23 39.51
N ILE GA 262 -34.65 -27.12 39.78
CA ILE GA 262 -34.33 -28.53 39.98
C ILE GA 262 -34.58 -29.33 38.70
N HIS GA 263 -35.67 -29.04 37.98
CA HIS GA 263 -35.96 -29.72 36.73
C HIS GA 263 -35.32 -29.03 35.53
N GLY GA 264 -34.47 -28.03 35.75
CA GLY GA 264 -33.92 -27.25 34.66
C GLY GA 264 -32.66 -27.83 34.06
N THR GA 265 -31.85 -28.51 34.87
CA THR GA 265 -30.59 -29.09 34.42
C THR GA 265 -30.79 -30.42 33.71
N ASP GA 266 -32.04 -30.87 33.61
CA ASP GA 266 -32.36 -32.16 33.03
C ASP GA 266 -31.83 -32.28 31.61
N GLU GA 267 -31.59 -33.53 31.21
CA GLU GA 267 -31.07 -33.93 29.90
C GLU GA 267 -29.59 -33.61 29.74
N ALA GA 268 -28.94 -33.08 30.77
CA ALA GA 268 -27.51 -32.81 30.77
C ALA GA 268 -26.80 -33.94 31.51
N ASP GA 269 -25.94 -34.67 30.80
CA ASP GA 269 -25.16 -35.73 31.43
C ASP GA 269 -24.23 -35.15 32.47
N ALA GA 270 -24.56 -35.36 33.73
CA ALA GA 270 -23.61 -35.07 34.77
C ALA GA 270 -22.73 -36.29 35.01
N PRO GA 271 -21.46 -36.10 35.34
CA PRO GA 271 -20.59 -37.26 35.60
C PRO GA 271 -20.97 -37.95 36.90
N ALA GA 272 -20.16 -38.93 37.30
CA ALA GA 272 -20.41 -39.68 38.52
C ALA GA 272 -20.07 -38.80 39.73
N ALA GA 273 -20.03 -39.40 40.91
CA ALA GA 273 -19.75 -38.67 42.14
C ALA GA 273 -18.50 -37.81 41.97
N PRO GA 274 -18.52 -36.56 42.39
CA PRO GA 274 -17.37 -35.67 42.16
C PRO GA 274 -16.15 -36.15 42.92
N ALA GA 275 -15.00 -36.07 42.26
CA ALA GA 275 -13.76 -36.51 42.87
C ALA GA 275 -13.40 -35.65 44.07
N ALA GA 276 -12.70 -36.25 45.04
CA ALA GA 276 -12.27 -35.50 46.22
C ALA GA 276 -11.28 -34.41 45.85
N ALA GA 277 -10.59 -34.56 44.72
CA ALA GA 277 -9.69 -33.51 44.25
C ALA GA 277 -10.43 -32.23 43.90
N ALA GA 278 -11.74 -32.30 43.70
CA ALA GA 278 -12.52 -31.10 43.40
C ALA GA 278 -12.60 -30.16 44.60
N ALA GA 279 -12.42 -30.67 45.81
CA ALA GA 279 -12.47 -29.82 47.00
C ALA GA 279 -11.29 -28.84 46.93
N PHE GA 280 -11.60 -27.57 46.66
CA PHE GA 280 -10.56 -26.57 46.53
C PHE GA 280 -9.85 -26.38 47.87
N PRO GA 281 -8.55 -26.67 47.95
CA PRO GA 281 -7.86 -26.61 49.25
C PRO GA 281 -7.72 -25.19 49.75
N ALA GA 282 -8.21 -24.94 50.97
CA ALA GA 282 -8.06 -23.64 51.61
C ALA GA 282 -7.03 -23.63 52.72
N TYR GA 283 -6.62 -24.79 53.23
CA TYR GA 283 -5.74 -24.83 54.39
C TYR GA 283 -4.34 -24.37 54.05
N LEU GA 284 -4.07 -24.14 52.76
CA LEU GA 284 -2.72 -23.96 52.24
C LEU GA 284 -2.37 -22.52 51.95
N PHE GA 285 -3.26 -21.57 52.24
CA PHE GA 285 -3.00 -20.18 51.91
C PHE GA 285 -1.97 -19.56 52.85
N ASN GA 286 -2.25 -19.58 54.14
CA ASN GA 286 -1.35 -19.01 55.13
C ASN GA 286 -0.50 -20.05 55.85
N ASP GA 287 -0.16 -21.13 55.17
CA ASP GA 287 0.83 -22.09 55.61
C ASP GA 287 2.22 -21.49 55.44
N PRO GA 288 2.98 -21.24 56.51
CA PRO GA 288 4.35 -20.74 56.32
C PRO GA 288 5.23 -21.74 55.62
N ARG GA 289 5.18 -23.00 56.03
CA ARG GA 289 5.90 -24.10 55.38
C ARG GA 289 4.97 -24.83 54.42
N SER GA 290 5.19 -24.65 53.13
CA SER GA 290 4.44 -25.38 52.12
C SER GA 290 5.22 -25.34 50.81
N ALA GA 291 4.89 -26.27 49.91
CA ALA GA 291 5.53 -26.30 48.61
C ALA GA 291 5.17 -25.04 47.84
N ARG GA 292 6.17 -24.45 47.19
CA ARG GA 292 5.97 -23.16 46.55
C ARG GA 292 6.69 -23.18 45.21
N CYS GA 293 6.24 -22.31 44.31
CA CYS GA 293 6.81 -22.26 42.98
C CYS GA 293 7.37 -20.90 42.61
N PRO GA 294 8.58 -20.88 42.04
CA PRO GA 294 9.17 -19.61 41.61
C PRO GA 294 8.29 -19.06 40.49
N THR GA 295 8.08 -17.75 40.50
CA THR GA 295 7.24 -17.13 39.49
C THR GA 295 7.84 -17.31 38.10
N GLY GA 296 6.97 -17.54 37.12
CA GLY GA 296 7.40 -17.71 35.75
C GLY GA 296 7.88 -19.09 35.35
N ARG GA 297 7.72 -20.07 36.24
CA ARG GA 297 8.16 -21.43 35.89
C ARG GA 297 7.10 -22.51 36.16
N LEU GA 298 6.08 -22.52 35.32
CA LEU GA 298 5.00 -23.49 35.39
C LEU GA 298 5.21 -24.62 34.38
N ASN GA 299 6.43 -24.67 33.83
CA ASN GA 299 6.83 -25.63 32.82
C ASN GA 299 7.33 -26.95 33.42
N THR GA 300 8.16 -27.64 32.64
CA THR GA 300 8.69 -28.96 33.01
C THR GA 300 9.49 -28.99 34.31
N PRO GA 301 10.26 -27.92 34.61
CA PRO GA 301 11.04 -27.96 35.85
C PRO GA 301 10.15 -28.14 37.09
N ALA GA 302 10.65 -28.96 38.01
CA ALA GA 302 10.01 -29.37 39.28
C ALA GA 302 8.74 -28.67 39.78
N ALA GA 303 7.64 -28.80 39.04
CA ALA GA 303 6.36 -28.23 39.45
C ALA GA 303 5.40 -29.34 39.90
N GLU GA 304 5.89 -30.58 39.88
CA GLU GA 304 5.09 -31.74 40.23
C GLU GA 304 4.57 -31.82 41.66
N ALA GA 305 5.38 -31.47 42.64
CA ALA GA 305 4.93 -31.54 44.03
C ALA GA 305 3.77 -30.64 44.39
N LEU GA 306 3.23 -29.89 43.44
CA LEU GA 306 2.10 -29.05 43.78
C LEU GA 306 0.82 -29.89 43.81
N PRO GA 307 -0.09 -29.61 44.74
CA PRO GA 307 -1.34 -30.37 44.79
C PRO GA 307 -2.17 -30.13 43.54
N VAL GA 308 -2.92 -31.15 43.14
CA VAL GA 308 -3.80 -31.04 41.98
C VAL GA 308 -5.19 -30.67 42.47
N TRP GA 309 -5.86 -29.80 41.71
CA TRP GA 309 -7.24 -29.42 41.98
C TRP GA 309 -7.94 -29.25 40.65
N ALA GA 310 -9.00 -30.03 40.42
CA ALA GA 310 -9.73 -30.02 39.16
C ALA GA 310 -11.14 -29.51 39.41
N PRO GA 311 -11.36 -28.19 39.36
CA PRO GA 311 -12.73 -27.69 39.42
C PRO GA 311 -13.40 -28.09 38.12
N ASP GA 312 -14.40 -28.96 38.23
CA ASP GA 312 -15.03 -29.58 37.09
C ASP GA 312 -16.54 -29.44 37.29
N MET GA 313 -17.16 -28.65 36.41
CA MET GA 313 -18.54 -28.22 36.61
C MET GA 313 -19.16 -28.56 35.26
N ARG GA 314 -19.94 -29.64 35.24
CA ARG GA 314 -20.49 -30.19 34.01
C ARG GA 314 -21.88 -30.73 34.31
N GLY GA 315 -22.90 -29.91 34.07
CA GLY GA 315 -24.27 -30.31 34.25
C GLY GA 315 -24.99 -29.65 35.41
N ARG GA 316 -24.31 -28.81 36.18
CA ARG GA 316 -24.94 -28.12 37.29
C ARG GA 316 -25.80 -26.98 36.77
N ALA GA 317 -26.52 -26.33 37.69
CA ALA GA 317 -27.49 -25.30 37.33
C ALA GA 317 -26.74 -24.01 36.97
N THR GA 318 -26.78 -23.63 35.71
CA THR GA 318 -26.24 -22.35 35.28
C THR GA 318 -27.30 -21.26 35.49
N ARG GA 319 -26.92 -20.02 35.20
CA ARG GA 319 -27.88 -18.95 35.42
C ARG GA 319 -29.07 -19.05 34.48
N ASN GA 320 -28.83 -19.27 33.19
CA ASN GA 320 -29.90 -19.43 32.23
C ASN GA 320 -30.80 -20.61 32.57
N SER GA 321 -30.31 -21.53 33.40
CA SER GA 321 -31.12 -22.65 33.88
C SER GA 321 -32.11 -22.23 34.96
N CYS GA 322 -31.77 -21.17 35.70
CA CYS GA 322 -32.60 -20.74 36.81
C CYS GA 322 -33.38 -19.48 36.46
N MET GA 323 -33.31 -19.03 35.21
CA MET GA 323 -34.15 -17.95 34.75
C MET GA 323 -35.61 -18.33 34.86
N TYR GA 324 -36.40 -17.48 35.51
CA TYR GA 324 -37.83 -17.73 35.67
C TYR GA 324 -38.71 -16.55 35.31
N ALA GA 325 -38.20 -15.33 35.34
CA ALA GA 325 -39.03 -14.16 35.04
C ALA GA 325 -38.15 -13.07 34.44
N ALA GA 326 -38.80 -12.13 33.76
CA ALA GA 326 -38.15 -10.96 33.23
C ALA GA 326 -39.16 -9.82 33.16
N TYR GA 327 -38.73 -8.61 33.49
CA TYR GA 327 -39.64 -7.48 33.51
C TYR GA 327 -39.00 -6.26 32.91
N VAL GA 328 -39.84 -5.26 32.63
CA VAL GA 328 -39.40 -4.01 32.02
C VAL GA 328 -40.38 -2.92 32.42
N ARG GA 329 -39.84 -1.75 32.78
CA ARG GA 329 -40.70 -0.67 33.27
C ARG GA 329 -41.44 -0.03 32.11
N LEU GA 330 -42.70 0.33 32.35
CA LEU GA 330 -43.54 0.90 31.31
C LEU GA 330 -43.83 2.38 31.50
N GLY GA 331 -44.09 2.83 32.72
CA GLY GA 331 -44.43 4.21 32.97
C GLY GA 331 -45.06 4.36 34.33
N THR GA 332 -45.80 5.45 34.49
CA THR GA 332 -46.42 5.81 35.77
C THR GA 332 -47.92 5.89 35.60
N VAL GA 333 -48.65 5.59 36.68
CA VAL GA 333 -50.10 5.46 36.63
C VAL GA 333 -50.71 6.05 37.90
N GLU GA 334 -51.84 6.72 37.73
CA GLU GA 334 -52.71 7.13 38.81
C GLU GA 334 -53.63 6.03 39.31
N ARG GA 335 -54.49 5.50 38.44
CA ARG GA 335 -55.64 4.74 38.88
C ARG GA 335 -55.91 3.60 37.92
N VAL GA 336 -56.56 2.55 38.42
CA VAL GA 336 -57.02 1.44 37.61
C VAL GA 336 -58.46 1.11 38.00
N VAL GA 337 -59.35 1.16 37.02
CA VAL GA 337 -60.76 0.82 37.22
C VAL GA 337 -61.12 -0.30 36.25
N ARG GA 338 -62.06 -1.14 36.65
CA ARG GA 338 -62.42 -2.33 35.90
C ARG GA 338 -63.88 -2.25 35.50
N ARG GA 339 -64.15 -2.53 34.23
CA ARG GA 339 -65.36 -2.07 33.57
C ARG GA 339 -65.32 -2.51 32.11
N ALA GA 340 -66.49 -2.80 31.56
CA ALA GA 340 -66.58 -3.39 30.22
C ALA GA 340 -67.10 -2.39 29.19
N LEU GA 348 -66.83 -8.69 27.75
CA LEU GA 348 -65.38 -8.78 27.87
C LEU GA 348 -64.85 -7.84 28.95
N PRO GA 349 -64.14 -8.40 29.92
CA PRO GA 349 -63.59 -7.56 31.00
C PRO GA 349 -62.33 -6.83 30.56
N LEU GA 350 -62.19 -5.59 31.04
CA LEU GA 350 -61.03 -4.77 30.69
C LEU GA 350 -60.54 -4.02 31.93
N ALA GA 351 -59.56 -3.15 31.73
CA ALA GA 351 -58.96 -2.38 32.82
C ALA GA 351 -58.43 -1.06 32.25
N HIS GA 352 -59.20 0.01 32.44
CA HIS GA 352 -58.83 1.31 31.93
C HIS GA 352 -57.78 1.95 32.83
N MET GA 353 -56.67 2.40 32.24
CA MET GA 353 -55.65 3.12 32.98
C MET GA 353 -56.12 4.54 33.32
N GLU GA 354 -55.25 5.31 33.94
CA GLU GA 354 -55.61 6.66 34.35
C GLU GA 354 -54.36 7.53 34.29
N ARG GA 355 -54.29 8.42 33.30
CA ARG GA 355 -53.17 9.36 33.17
C ARG GA 355 -51.86 8.60 33.01
N PHE GA 356 -51.83 7.66 32.05
CA PHE GA 356 -50.62 6.90 31.81
C PHE GA 356 -49.57 7.80 31.17
N THR GA 357 -48.36 7.80 31.71
CA THR GA 357 -47.25 8.55 31.14
C THR GA 357 -46.25 7.54 30.61
N TRP GA 358 -46.08 7.52 29.29
CA TRP GA 358 -45.21 6.54 28.66
C TRP GA 358 -43.74 6.87 28.93
N ASP GA 359 -43.06 5.94 29.58
CA ASP GA 359 -41.62 6.01 29.85
C ASP GA 359 -41.10 4.58 29.81
N VAL GA 360 -40.59 4.17 28.67
CA VAL GA 360 -40.16 2.79 28.51
C VAL GA 360 -38.72 2.65 28.98
N GLY GA 361 -38.45 1.56 29.68
CA GLY GA 361 -37.11 1.28 30.18
C GLY GA 361 -36.48 0.08 29.51
N ALA GA 362 -35.36 -0.36 30.07
CA ALA GA 362 -34.65 -1.50 29.52
C ALA GA 362 -35.12 -2.78 30.19
N TRP GA 363 -34.78 -3.90 29.55
CA TRP GA 363 -35.20 -5.19 30.08
C TRP GA 363 -34.38 -5.52 31.33
N GLU GA 364 -34.79 -6.57 32.02
CA GLU GA 364 -34.18 -6.96 33.28
C GLU GA 364 -34.35 -8.46 33.44
N GLU GA 365 -33.32 -9.10 33.98
CA GLU GA 365 -33.38 -10.51 34.29
C GLU GA 365 -33.82 -10.73 35.73
N CYS GA 366 -34.44 -11.88 35.98
CA CYS GA 366 -34.84 -12.28 37.33
C CYS GA 366 -34.56 -13.77 37.44
N PHE GA 367 -33.40 -14.11 37.97
CA PHE GA 367 -32.97 -15.50 38.07
C PHE GA 367 -32.64 -15.93 39.50
N PHE GA 368 -32.05 -15.05 40.30
CA PHE GA 368 -31.66 -15.40 41.65
C PHE GA 368 -32.88 -15.52 42.55
N ARG HA 24 84.54 83.84 -17.37
CA ARG HA 24 83.96 82.84 -18.24
C ARG HA 24 84.88 81.64 -18.39
N ALA HA 25 84.40 80.60 -19.05
CA ALA HA 25 85.16 79.38 -19.23
C ALA HA 25 85.52 79.27 -20.70
N ARG HA 26 86.53 78.45 -20.99
CA ARG HA 26 87.01 78.28 -22.36
C ARG HA 26 86.85 76.83 -22.76
N LEU HA 27 86.59 76.62 -24.05
CA LEU HA 27 86.13 75.33 -24.54
C LEU HA 27 87.12 74.69 -25.49
N ILE HA 28 86.81 73.45 -25.87
CA ILE HA 28 87.57 72.68 -26.84
C ILE HA 28 86.58 72.13 -27.85
N ARG HA 29 86.94 72.16 -29.12
CA ARG HA 29 86.15 71.52 -30.17
C ARG HA 29 87.03 70.51 -30.88
N GLN HA 30 86.53 69.29 -31.04
CA GLN HA 30 87.27 68.22 -31.71
C GLN HA 30 86.32 67.44 -32.59
N VAL HA 31 86.42 67.64 -33.91
CA VAL HA 31 85.66 66.84 -34.85
C VAL HA 31 86.16 65.40 -34.80
N THR HA 32 85.24 64.45 -34.93
CA THR HA 32 85.57 63.05 -34.74
C THR HA 32 84.44 62.18 -35.26
N LEU HA 33 84.60 60.87 -35.05
CA LEU HA 33 83.62 59.88 -35.48
C LEU HA 33 82.64 59.56 -34.36
N ALA HA 34 81.41 59.27 -34.75
CA ALA HA 34 80.36 58.90 -33.78
C ALA HA 34 80.49 57.44 -33.39
N ASP HA 35 81.67 57.06 -32.90
CA ASP HA 35 81.94 55.69 -32.50
C ASP HA 35 81.58 55.41 -31.05
N PHE HA 36 82.17 56.16 -30.12
CA PHE HA 36 82.07 55.85 -28.70
C PHE HA 36 81.27 56.87 -27.91
N CYS HA 37 81.32 58.14 -28.27
CA CYS HA 37 80.54 59.17 -27.60
C CYS HA 37 79.51 59.66 -28.61
N GLU HA 38 78.24 59.65 -28.23
CA GLU HA 38 77.27 59.86 -29.29
C GLU HA 38 76.36 61.02 -28.90
N PRO HA 39 76.77 62.26 -29.19
CA PRO HA 39 76.25 63.44 -28.48
C PRO HA 39 74.78 63.73 -28.71
N GLN HA 40 74.13 63.08 -29.67
CA GLN HA 40 72.68 63.18 -29.73
C GLN HA 40 72.00 62.18 -28.81
N ALA HA 41 72.59 61.00 -28.59
CA ALA HA 41 71.99 60.00 -27.69
C ALA HA 41 71.93 60.46 -26.24
N GLU HA 42 72.98 61.10 -25.71
CA GLU HA 42 72.97 61.58 -24.33
C GLU HA 42 72.67 63.07 -24.34
N ARG HA 43 72.13 63.58 -23.25
CA ARG HA 43 72.01 65.03 -23.19
C ARG HA 43 73.31 65.62 -22.65
N PRO HA 44 73.52 66.94 -22.73
CA PRO HA 44 74.81 67.50 -22.30
C PRO HA 44 75.09 67.20 -20.83
N GLY HA 45 76.32 67.50 -20.43
CA GLY HA 45 76.71 67.36 -19.05
C GLY HA 45 77.18 65.98 -18.63
N LEU HA 46 78.22 65.49 -19.29
CA LEU HA 46 78.86 64.24 -18.89
C LEU HA 46 80.28 64.22 -19.44
N VAL HA 47 81.23 63.74 -18.66
CA VAL HA 47 82.64 63.90 -19.00
C VAL HA 47 82.98 63.04 -20.22
N VAL HA 48 83.88 63.54 -21.05
CA VAL HA 48 84.34 62.84 -22.24
C VAL HA 48 85.85 62.67 -22.13
N LEU HA 49 86.36 61.64 -22.79
CA LEU HA 49 87.77 61.31 -22.73
C LEU HA 49 88.36 61.34 -24.13
N ALA HA 50 89.65 61.63 -24.21
CA ALA HA 50 90.38 61.62 -25.47
C ALA HA 50 91.20 60.34 -25.56
N LEU HA 51 91.04 59.62 -26.66
CA LEU HA 51 91.74 58.36 -26.87
C LEU HA 51 92.96 58.57 -27.76
N ARG HA 52 94.10 58.11 -27.26
CA ARG HA 52 95.37 58.11 -27.96
C ARG HA 52 95.24 57.41 -29.31
N HIS HA 53 96.15 57.76 -30.22
CA HIS HA 53 96.28 57.00 -31.47
C HIS HA 53 96.74 55.60 -31.14
N PRO HA 54 96.08 54.56 -31.64
CA PRO HA 54 96.41 53.21 -31.21
C PRO HA 54 97.71 52.68 -31.79
N ALA HA 55 98.23 53.30 -32.84
CA ALA HA 55 99.45 52.79 -33.46
C ALA HA 55 100.60 52.75 -32.47
N ASP HA 56 100.81 53.85 -31.72
CA ASP HA 56 101.93 53.88 -30.80
C ASP HA 56 101.71 52.96 -29.61
N LEU HA 57 100.46 52.74 -29.20
CA LEU HA 57 100.19 51.73 -28.18
C LEU HA 57 100.62 50.35 -28.65
N ALA HA 58 100.16 49.96 -29.84
CA ALA HA 58 100.54 48.67 -30.39
C ALA HA 58 102.05 48.54 -30.53
N GLY HA 59 102.71 49.64 -30.88
CA GLY HA 59 104.16 49.60 -30.99
C GLY HA 59 104.85 49.43 -29.64
N ALA HA 60 104.52 50.32 -28.69
CA ALA HA 60 105.15 50.29 -27.37
C ALA HA 60 104.89 48.97 -26.66
N ALA HA 61 103.80 48.28 -26.99
CA ALA HA 61 103.61 46.94 -26.47
C ALA HA 61 104.82 46.05 -26.76
N TYR HA 62 105.25 46.03 -28.03
CA TYR HA 62 106.34 45.15 -28.47
C TYR HA 62 107.51 45.16 -27.50
N ALA HA 63 107.76 46.30 -26.85
CA ALA HA 63 108.83 46.39 -25.87
C ALA HA 63 108.33 46.39 -24.43
N ALA HA 64 107.01 46.49 -24.21
CA ALA HA 64 106.50 46.69 -22.87
C ALA HA 64 105.89 45.45 -22.23
N THR HA 65 105.36 44.52 -22.99
CA THR HA 65 104.77 43.34 -22.37
C THR HA 65 105.86 42.56 -21.64
N PRO HA 66 105.57 42.05 -20.45
CA PRO HA 66 106.61 41.45 -19.60
C PRO HA 66 107.10 40.14 -20.18
N PRO HA 67 108.12 39.52 -19.58
CA PRO HA 67 108.57 38.22 -20.06
C PRO HA 67 107.53 37.14 -19.81
N GLY HA 68 107.55 36.12 -20.65
CA GLY HA 68 106.63 35.00 -20.54
C GLY HA 68 105.30 35.19 -21.21
N LYS HA 69 104.73 36.38 -21.11
CA LYS HA 69 103.41 36.63 -21.67
C LYS HA 69 103.49 36.76 -23.20
N ASN HA 70 102.33 36.94 -23.81
CA ASN HA 70 102.27 37.22 -25.23
C ASN HA 70 102.75 38.64 -25.52
N HIS HA 71 103.29 38.83 -26.72
CA HIS HA 71 103.85 40.12 -27.11
C HIS HA 71 103.23 40.66 -28.39
N ARG HA 72 102.16 40.03 -28.88
CA ARG HA 72 101.43 40.56 -30.02
C ARG HA 72 99.92 40.48 -29.85
N ASP HA 73 99.44 40.16 -28.66
CA ASP HA 73 98.01 39.95 -28.47
C ASP HA 73 97.23 41.26 -28.48
N LEU HA 74 97.88 42.37 -28.12
CA LEU HA 74 97.21 43.67 -28.22
C LEU HA 74 97.04 44.08 -29.68
N GLU HA 75 98.08 43.83 -30.50
CA GLU HA 75 97.93 43.97 -31.95
C GLU HA 75 96.64 43.32 -32.44
N GLU HA 76 96.43 42.05 -32.09
CA GLU HA 76 95.26 41.32 -32.56
C GLU HA 76 93.98 41.92 -31.97
N ALA HA 77 94.00 42.21 -30.67
CA ALA HA 77 92.81 42.75 -30.04
C ALA HA 77 92.38 44.06 -30.69
N TRP HA 78 93.35 44.91 -31.05
CA TRP HA 78 92.99 46.12 -31.77
C TRP HA 78 92.49 45.81 -33.17
N LEU HA 79 93.21 44.99 -33.92
CA LEU HA 79 92.79 44.66 -35.28
C LEU HA 79 91.39 44.08 -35.32
N ALA HA 80 90.95 43.47 -34.22
CA ALA HA 80 89.59 42.93 -34.13
C ALA HA 80 88.54 44.01 -33.96
N LEU HA 81 88.85 45.30 -34.05
CA LEU HA 81 87.89 46.37 -33.85
C LEU HA 81 87.89 47.30 -35.05
N ASP HA 82 87.86 46.72 -36.24
CA ASP HA 82 87.95 47.49 -37.48
C ASP HA 82 87.01 46.99 -38.58
N ARG HA 94 89.57 60.06 -37.71
CA ARG HA 94 89.66 58.86 -36.87
C ARG HA 94 88.67 58.96 -35.70
N ALA HA 95 88.41 57.82 -35.06
CA ALA HA 95 87.61 57.80 -33.84
C ALA HA 95 88.47 58.11 -32.63
N SER HA 96 88.13 59.19 -31.93
CA SER HA 96 89.05 59.74 -30.94
C SER HA 96 88.46 59.89 -29.54
N VAL HA 97 87.20 60.24 -29.41
CA VAL HA 97 86.63 60.50 -28.10
C VAL HA 97 85.86 59.28 -27.64
N VAL HA 98 85.65 59.19 -26.32
CA VAL HA 98 84.85 58.14 -25.72
C VAL HA 98 84.18 58.72 -24.50
N SER HA 99 82.86 58.65 -24.44
CA SER HA 99 82.14 59.16 -23.28
C SER HA 99 82.33 58.20 -22.12
N LEU HA 100 82.49 58.75 -20.92
CA LEU HA 100 82.57 57.92 -19.74
C LEU HA 100 81.33 57.05 -19.60
N ASN HA 101 80.16 57.58 -19.97
CA ASN HA 101 78.95 56.78 -19.95
C ASN HA 101 79.10 55.50 -20.75
N PHE HA 102 79.89 55.55 -21.82
CA PHE HA 102 80.14 54.36 -22.62
C PHE HA 102 81.20 53.48 -22.00
N LEU HA 103 82.29 54.07 -21.49
CA LEU HA 103 83.41 53.28 -20.98
C LEU HA 103 83.02 52.51 -19.72
N VAL HA 104 82.26 53.13 -18.83
CA VAL HA 104 81.88 52.47 -17.58
C VAL HA 104 81.14 51.18 -17.86
N ALA HA 105 80.40 51.14 -18.97
CA ALA HA 105 79.66 49.92 -19.30
C ALA HA 105 80.61 48.77 -19.64
N ALA HA 106 81.67 49.06 -20.37
CA ALA HA 106 82.63 48.03 -20.75
C ALA HA 106 83.69 47.81 -19.67
N ALA HA 107 83.24 47.55 -18.45
CA ALA HA 107 84.13 47.14 -17.38
C ALA HA 107 83.43 46.09 -16.55
N GLU HA 108 84.15 45.54 -15.57
CA GLU HA 108 83.53 44.67 -14.60
C GLU HA 108 82.37 45.38 -13.92
N ASN HA 109 82.68 46.41 -13.14
CA ASN HA 109 81.65 47.05 -12.34
C ASN HA 109 80.75 47.93 -13.21
N ALA HA 110 79.45 47.75 -13.03
CA ALA HA 110 78.37 48.32 -13.83
C ALA HA 110 77.06 47.75 -13.30
N ASP HA 111 76.01 48.55 -13.34
CA ASP HA 111 74.71 48.00 -13.01
C ASP HA 111 73.95 47.80 -14.32
N ASP HA 112 73.41 46.61 -14.54
CA ASP HA 112 72.93 46.21 -15.86
C ASP HA 112 71.90 47.16 -16.45
N ALA HA 113 71.29 48.01 -15.61
CA ALA HA 113 70.39 49.01 -16.16
C ALA HA 113 71.13 49.92 -17.13
N LEU HA 114 72.37 50.28 -16.82
CA LEU HA 114 73.14 51.17 -17.69
C LEU HA 114 73.58 50.45 -18.95
N ARG HA 115 73.91 49.15 -18.84
CA ARG HA 115 74.14 48.37 -20.06
C ARG HA 115 72.92 48.41 -20.97
N ALA HA 116 71.73 48.15 -20.41
CA ALA HA 116 70.52 48.18 -21.22
C ALA HA 116 70.31 49.55 -21.85
N HIS HA 117 70.56 50.61 -21.10
CA HIS HA 117 70.42 51.96 -21.63
C HIS HA 117 71.37 52.19 -22.80
N VAL HA 118 72.66 51.92 -22.60
CA VAL HA 118 73.63 52.12 -23.66
C VAL HA 118 73.28 51.28 -24.89
N THR HA 119 72.80 50.06 -24.68
CA THR HA 119 72.52 49.19 -25.82
C THR HA 119 71.29 49.66 -26.59
N THR HA 120 70.17 49.89 -25.91
CA THR HA 120 68.90 50.14 -26.58
C THR HA 120 68.65 51.62 -26.88
N ASN HA 121 69.51 52.50 -26.37
CA ASN HA 121 69.30 53.94 -26.47
C ASN HA 121 70.28 54.60 -27.41
N TYR HA 122 71.46 54.01 -27.59
CA TYR HA 122 72.34 54.38 -28.68
C TYR HA 122 71.69 54.00 -30.01
N ARG HA 123 71.64 54.95 -30.95
CA ARG HA 123 71.11 54.64 -32.28
C ARG HA 123 71.93 53.62 -33.02
N ASP HA 124 73.21 53.50 -32.69
CA ASP HA 124 74.16 53.06 -33.69
C ASP HA 124 74.03 51.55 -33.93
N ARG HA 125 74.28 51.15 -35.18
CA ARG HA 125 74.47 49.77 -35.59
C ARG HA 125 75.53 49.08 -34.73
N ARG HA 126 75.44 47.75 -34.66
CA ARG HA 126 76.51 46.85 -34.26
C ARG HA 126 77.13 47.23 -32.93
N THR HA 127 76.39 47.99 -32.13
CA THR HA 127 76.95 48.66 -30.95
C THR HA 127 77.36 47.68 -29.85
N ALA HA 128 76.50 46.72 -29.51
CA ALA HA 128 76.82 45.78 -28.45
C ALA HA 128 78.08 44.99 -28.78
N ALA HA 129 78.22 44.57 -30.05
CA ALA HA 129 79.43 43.90 -30.47
C ALA HA 129 80.65 44.78 -30.22
N ARG HA 130 80.57 46.05 -30.61
CA ARG HA 130 81.69 46.97 -30.37
C ARG HA 130 82.01 47.09 -28.88
N LEU HA 131 80.98 47.15 -28.03
CA LEU HA 131 81.23 47.21 -26.60
C LEU HA 131 82.00 45.99 -26.13
N GLU HA 132 81.63 44.81 -26.65
CA GLU HA 132 82.34 43.59 -26.31
C GLU HA 132 83.81 43.66 -26.73
N ARG HA 133 84.04 44.11 -27.97
CA ARG HA 133 85.41 44.20 -28.46
C ARG HA 133 86.23 45.18 -27.63
N PHE HA 134 85.64 46.32 -27.26
CA PHE HA 134 86.33 47.29 -26.42
C PHE HA 134 86.70 46.70 -25.07
N ALA HA 135 85.79 45.92 -24.49
CA ALA HA 135 86.12 45.21 -23.26
C ALA HA 135 87.35 44.34 -23.45
N THR HA 136 87.38 43.58 -24.55
CA THR HA 136 88.54 42.74 -24.81
C THR HA 136 89.80 43.57 -25.00
N VAL HA 137 89.66 44.76 -25.59
CA VAL HA 137 90.81 45.64 -25.79
C VAL HA 137 91.39 46.05 -24.46
N LEU HA 138 90.57 46.56 -23.55
CA LEU HA 138 91.08 47.02 -22.26
C LEU HA 138 91.67 45.87 -21.46
N ARG HA 139 91.02 44.72 -21.48
CA ARG HA 139 91.59 43.56 -20.79
C ARG HA 139 92.92 43.13 -21.39
N ALA HA 140 93.11 43.34 -22.70
CA ALA HA 140 94.42 43.08 -23.28
C ALA HA 140 95.43 44.14 -22.85
N MET HA 141 94.99 45.38 -22.72
CA MET HA 141 95.88 46.49 -22.36
C MET HA 141 96.55 46.24 -21.02
N ILE HA 142 95.76 45.81 -20.02
CA ILE HA 142 96.34 45.55 -18.71
C ILE HA 142 97.24 44.33 -18.74
N ARG HA 143 96.88 43.33 -19.55
CA ARG HA 143 97.72 42.15 -19.65
C ARG HA 143 99.09 42.48 -20.25
N SER HA 144 99.15 43.44 -21.16
CA SER HA 144 100.39 43.77 -21.85
C SER HA 144 101.17 44.86 -21.13
N HIS HA 145 100.78 45.21 -19.91
CA HIS HA 145 101.47 46.21 -19.09
C HIS HA 145 101.60 47.55 -19.79
N VAL HA 146 100.69 47.86 -20.70
CA VAL HA 146 100.51 49.24 -21.16
C VAL HA 146 99.14 49.67 -20.66
N PHE HA 147 99.12 50.36 -19.54
CA PHE HA 147 97.88 50.56 -18.81
C PHE HA 147 97.03 51.64 -19.46
N PRO HA 148 95.70 51.48 -19.39
CA PRO HA 148 94.82 52.42 -20.11
C PRO HA 148 94.94 53.85 -19.61
N HIS HA 149 95.37 54.06 -18.37
CA HIS HA 149 95.58 55.42 -17.91
C HIS HA 149 96.65 56.14 -18.72
N ARG HA 150 97.53 55.39 -19.37
CA ARG HA 150 98.45 55.94 -20.35
C ARG HA 150 97.86 55.90 -21.76
N ALA HA 151 96.53 55.84 -21.88
CA ALA HA 151 95.90 55.84 -23.18
C ALA HA 151 94.63 56.68 -23.24
N LEU HA 152 94.25 57.35 -22.15
CA LEU HA 152 92.99 58.10 -22.10
C LEU HA 152 93.21 59.37 -21.29
N HIS HA 153 93.52 60.47 -21.97
CA HIS HA 153 93.46 61.78 -21.34
C HIS HA 153 92.00 62.21 -21.24
N VAL HA 154 91.71 63.05 -20.25
CA VAL HA 154 90.34 63.41 -19.92
C VAL HA 154 90.09 64.85 -20.35
N LEU HA 155 88.99 65.06 -21.07
CA LEU HA 155 88.53 66.39 -21.40
C LEU HA 155 87.37 66.75 -20.47
N GLY HA 156 86.76 67.90 -20.68
CA GLY HA 156 85.66 68.35 -19.86
C GLY HA 156 84.35 67.72 -20.26
N GLY HA 157 83.26 68.30 -19.76
CA GLY HA 157 81.93 67.81 -20.07
C GLY HA 157 81.40 68.45 -21.35
N LEU HA 158 80.89 67.61 -22.24
CA LEU HA 158 80.41 68.11 -23.52
C LEU HA 158 79.16 68.95 -23.32
N LEU HA 159 78.95 69.89 -24.23
CA LEU HA 159 77.73 70.67 -24.20
C LEU HA 159 77.04 70.78 -25.56
N GLY HA 160 77.79 70.74 -26.66
CA GLY HA 160 77.22 70.96 -27.97
C GLY HA 160 77.80 70.02 -28.99
N HIS HA 161 77.12 69.96 -30.14
CA HIS HA 161 77.52 69.07 -31.22
C HIS HA 161 76.69 69.34 -32.47
N VAL HA 162 77.33 69.23 -33.61
CA VAL HA 162 76.64 69.16 -34.90
C VAL HA 162 77.09 67.88 -35.59
N THR HA 163 76.15 67.12 -36.12
CA THR HA 163 76.44 65.80 -36.62
C THR HA 163 76.06 65.70 -38.09
N GLN HA 164 76.98 65.18 -38.91
CA GLN HA 164 76.63 64.68 -40.23
C GLN HA 164 76.22 63.22 -40.06
N ASP HA 165 76.21 62.46 -41.16
CA ASP HA 165 75.96 61.04 -41.05
C ASP HA 165 77.22 60.33 -40.57
N ARG HA 166 77.22 59.91 -39.31
CA ARG HA 166 78.36 59.22 -38.68
C ARG HA 166 79.62 60.09 -38.73
N LEU HA 167 79.47 61.36 -38.33
CA LEU HA 167 80.63 62.24 -38.10
C LEU HA 167 80.17 63.42 -37.28
N ALA HA 168 80.79 63.60 -36.11
CA ALA HA 168 80.33 64.58 -35.12
C ALA HA 168 81.44 65.57 -34.82
N SER HA 169 81.07 66.66 -34.14
CA SER HA 169 82.03 67.64 -33.63
C SER HA 169 81.55 68.05 -32.24
N VAL HA 170 82.03 67.33 -31.23
CA VAL HA 170 81.64 67.60 -29.85
C VAL HA 170 82.39 68.82 -29.34
N THR HA 171 81.85 69.44 -28.30
CA THR HA 171 82.44 70.63 -27.69
C THR HA 171 82.29 70.50 -26.18
N CYS HA 172 83.40 70.57 -25.46
CA CYS HA 172 83.41 70.41 -24.02
C CYS HA 172 84.15 71.56 -23.36
N VAL HA 173 83.78 71.86 -22.12
CA VAL HA 173 84.52 72.83 -21.33
C VAL HA 173 85.89 72.27 -20.98
N ALA HA 174 86.80 73.16 -20.58
CA ALA HA 174 88.13 72.75 -20.18
C ALA HA 174 88.61 73.39 -18.89
N ARG HA 175 88.15 74.60 -18.57
CA ARG HA 175 88.45 75.23 -17.30
C ARG HA 175 87.19 75.96 -16.84
N GLY HA 176 87.27 76.61 -15.70
CA GLY HA 176 86.12 77.32 -15.19
C GLY HA 176 85.00 76.38 -14.81
N ASP HA 177 83.89 76.97 -14.38
CA ASP HA 177 82.76 76.18 -13.93
C ASP HA 177 81.87 75.87 -15.13
N GLN HA 178 81.18 74.73 -15.04
CA GLN HA 178 80.41 74.20 -16.16
C GLN HA 178 79.39 75.20 -16.69
N GLU HA 179 78.58 75.75 -15.80
CA GLU HA 179 77.42 76.55 -16.19
C GLU HA 179 77.78 77.97 -16.61
N ALA HA 180 79.06 78.25 -16.86
CA ALA HA 180 79.41 79.49 -17.55
C ALA HA 180 79.20 79.36 -19.05
N ALA HA 181 78.89 78.16 -19.54
CA ALA HA 181 78.73 77.90 -20.97
C ALA HA 181 77.35 78.34 -21.44
N ARG HA 182 77.00 77.97 -22.67
CA ARG HA 182 75.71 78.34 -23.24
C ARG HA 182 75.35 77.29 -24.29
N THR HA 183 74.46 76.37 -23.94
CA THR HA 183 74.07 75.29 -24.83
C THR HA 183 72.96 75.78 -25.77
N ASN HA 184 72.88 75.20 -26.97
CA ASN HA 184 71.89 75.58 -27.95
C ASN HA 184 70.64 74.70 -27.87
N ASP HA 185 70.32 74.25 -26.67
CA ASP HA 185 69.10 73.50 -26.44
C ASP HA 185 67.86 74.41 -26.44
N MET HA 186 67.96 75.57 -25.80
CA MET HA 186 66.89 76.55 -25.58
C MET HA 186 65.81 76.07 -24.62
N ALA HA 187 65.88 74.83 -24.14
CA ALA HA 187 65.08 74.43 -23.00
C ALA HA 187 65.81 74.58 -21.68
N ALA HA 188 67.09 74.23 -21.68
CA ALA HA 188 67.98 74.44 -20.53
C ALA HA 188 69.29 74.97 -21.10
N ARG HA 189 69.41 76.30 -21.17
CA ARG HA 189 70.63 76.92 -21.69
C ARG HA 189 71.86 76.39 -20.96
N ARG HA 190 71.89 76.54 -19.64
CA ARG HA 190 73.00 76.01 -18.86
C ARG HA 190 72.80 74.50 -18.68
N SER HA 191 73.73 73.87 -17.98
CA SER HA 191 73.71 72.43 -17.81
C SER HA 191 74.18 72.10 -16.40
N GLN HA 192 74.51 70.83 -16.19
CA GLN HA 192 75.21 70.38 -14.98
C GLN HA 192 76.17 69.28 -15.40
N VAL HA 193 76.64 68.50 -14.45
CA VAL HA 193 77.51 67.37 -14.73
C VAL HA 193 76.84 66.11 -14.22
N HIS HA 194 76.69 65.12 -15.10
CA HIS HA 194 76.00 63.88 -14.78
C HIS HA 194 76.99 62.74 -14.77
N VAL HA 195 76.96 61.95 -13.71
CA VAL HA 195 77.84 60.79 -13.57
C VAL HA 195 76.99 59.58 -13.22
N PRO HA 196 77.20 58.43 -13.86
CA PRO HA 196 76.43 57.23 -13.50
C PRO HA 196 76.62 56.87 -12.04
N ALA HA 197 75.53 56.94 -11.28
CA ALA HA 197 75.60 56.75 -9.84
C ALA HA 197 76.09 55.35 -9.46
N CYS HA 198 76.03 54.40 -10.38
CA CYS HA 198 76.55 53.07 -10.12
C CYS HA 198 78.04 53.07 -9.80
N ALA HA 199 78.79 54.01 -10.37
CA ALA HA 199 80.24 54.05 -10.23
C ALA HA 199 80.72 55.08 -9.21
N LEU HA 200 79.90 56.05 -8.84
CA LEU HA 200 80.32 57.09 -7.92
C LEU HA 200 80.56 56.51 -6.53
N MET HA 201 81.81 56.43 -6.11
CA MET HA 201 82.17 55.93 -4.80
C MET HA 201 82.62 57.12 -3.95
N ASP HA 202 81.82 57.44 -2.94
CA ASP HA 202 82.24 58.46 -1.99
C ASP HA 202 83.29 57.86 -1.07
N VAL HA 203 84.11 58.74 -0.50
CA VAL HA 203 85.25 58.34 0.32
C VAL HA 203 85.08 58.73 1.80
N ASP HA 204 84.76 60.01 2.07
CA ASP HA 204 84.80 60.47 3.47
C ASP HA 204 83.77 59.73 4.32
N ARG HA 205 82.51 59.82 3.94
CA ARG HA 205 81.44 59.06 4.55
C ARG HA 205 81.73 57.58 4.51
N GLU HA 206 82.51 57.13 3.53
CA GLU HA 206 83.02 55.77 3.48
C GLU HA 206 84.09 55.54 4.53
N LEU HA 207 85.15 56.35 4.54
CA LEU HA 207 86.22 56.16 5.52
C LEU HA 207 85.82 56.59 6.92
N ARG HA 208 84.68 57.25 7.07
CA ARG HA 208 84.22 57.79 8.35
C ARG HA 208 85.29 58.70 8.97
N LEU HA 209 85.57 59.79 8.27
CA LEU HA 209 86.46 60.81 8.83
C LEU HA 209 85.77 61.67 9.87
N GLY HA 210 84.47 61.49 10.10
CA GLY HA 210 83.74 62.37 10.97
C GLY HA 210 83.67 63.80 10.50
N GLY HA 211 84.04 64.06 9.24
CA GLY HA 211 84.11 65.41 8.74
C GLY HA 211 82.74 65.98 8.40
N ASP HA 212 82.76 67.23 7.96
CA ASP HA 212 81.55 67.94 7.60
C ASP HA 212 81.66 68.46 6.18
N ASP HA 213 80.68 68.09 5.35
CA ASP HA 213 80.78 68.32 3.92
C ASP HA 213 80.86 69.80 3.61
N GLY HA 214 81.99 70.22 3.04
CA GLY HA 214 82.10 71.56 2.54
C GLY HA 214 82.38 71.54 1.05
N LEU HA 215 83.54 72.05 0.64
CA LEU HA 215 84.02 71.92 -0.72
C LEU HA 215 84.90 70.68 -0.80
N ARG HA 216 84.55 69.78 -1.72
CA ARG HA 216 85.28 68.53 -1.87
C ARG HA 216 85.85 68.40 -3.27
N PHE HA 217 86.99 67.73 -3.36
CA PHE HA 217 87.63 67.48 -4.64
C PHE HA 217 86.86 66.39 -5.39
N ALA HA 218 87.31 66.11 -6.61
CA ALA HA 218 86.70 65.08 -7.43
C ALA HA 218 87.80 64.35 -8.18
N TYR HA 219 87.85 63.03 -8.04
CA TYR HA 219 88.88 62.21 -8.65
C TYR HA 219 88.27 61.08 -9.45
N LEU HA 220 88.72 60.92 -10.69
CA LEU HA 220 88.42 59.75 -11.50
C LEU HA 220 89.54 58.75 -11.32
N VAL HA 221 89.20 57.56 -10.84
CA VAL HA 221 90.19 56.55 -10.49
C VAL HA 221 89.97 55.29 -11.32
N PHE HA 222 91.06 54.62 -11.65
CA PHE HA 222 91.03 53.31 -12.30
C PHE HA 222 91.52 52.26 -11.32
N VAL HA 223 90.98 51.05 -11.46
CA VAL HA 223 91.38 49.92 -10.62
C VAL HA 223 91.79 48.77 -11.53
N TYR HA 224 93.06 48.43 -11.51
CA TYR HA 224 93.56 47.30 -12.28
C TYR HA 224 93.53 46.04 -11.41
N THR HA 225 93.53 44.88 -12.07
CA THR HA 225 93.76 43.61 -11.39
C THR HA 225 94.44 42.69 -12.41
N GLN HA 226 95.46 41.97 -11.97
CA GLN HA 226 96.35 41.25 -12.87
C GLN HA 226 96.41 39.78 -12.47
N ARG HA 227 95.74 38.93 -13.24
CA ARG HA 227 95.87 37.49 -13.17
C ARG HA 227 95.70 36.98 -14.59
N HIS HA 228 96.73 36.28 -15.08
CA HIS HA 228 96.84 36.05 -16.52
C HIS HA 228 95.63 35.30 -17.07
N ARG HA 229 95.05 35.84 -18.13
CA ARG HA 229 93.81 35.37 -18.76
C ARG HA 229 92.60 35.43 -17.86
N ARG HA 230 92.74 35.91 -16.63
CA ARG HA 230 91.60 36.13 -15.75
C ARG HA 230 91.81 37.46 -15.04
N GLU HA 231 91.43 38.56 -15.70
CA GLU HA 231 91.68 39.90 -15.20
C GLU HA 231 90.60 40.83 -15.70
N ALA HA 232 90.50 41.99 -15.08
CA ALA HA 232 89.46 42.95 -15.41
C ALA HA 232 89.88 44.34 -14.94
N LEU HA 233 89.03 45.32 -15.20
CA LEU HA 233 89.26 46.70 -14.84
C LEU HA 233 88.01 47.25 -14.19
N ARG HA 234 88.18 47.99 -13.09
CA ARG HA 234 87.07 48.63 -12.38
C ARG HA 234 87.26 50.13 -12.42
N VAL HA 235 86.17 50.85 -12.69
CA VAL HA 235 86.19 52.30 -12.78
C VAL HA 235 85.41 52.86 -11.60
N HIS HA 236 85.76 54.07 -11.19
CA HIS HA 236 85.05 54.78 -10.12
C HIS HA 236 85.20 56.27 -10.34
N VAL HA 237 84.34 57.04 -9.68
CA VAL HA 237 84.49 58.47 -9.62
C VAL HA 237 84.41 58.86 -8.16
N ALA HA 238 85.51 59.35 -7.61
CA ALA HA 238 85.65 59.54 -6.17
C ALA HA 238 85.68 61.02 -5.85
N VAL HA 239 84.94 61.40 -4.81
CA VAL HA 239 84.95 62.75 -4.28
C VAL HA 239 85.31 62.68 -2.81
N SER HA 240 86.02 63.69 -2.33
CA SER HA 240 86.44 63.77 -0.94
C SER HA 240 87.13 65.12 -0.73
N ARG HA 241 87.48 65.40 0.51
CA ARG HA 241 88.31 66.55 0.85
C ARG HA 241 89.79 66.22 0.82
N LEU HA 242 90.15 64.96 0.62
CA LEU HA 242 91.54 64.52 0.67
C LEU HA 242 92.31 65.04 -0.52
N PRO HA 243 93.27 65.94 -0.33
CA PRO HA 243 94.07 66.40 -1.48
C PRO HA 243 95.03 65.35 -2.00
N GLU HA 244 95.43 64.40 -1.17
CA GLU HA 244 96.41 63.39 -1.57
C GLU HA 244 95.81 62.02 -1.30
N LEU HA 245 95.47 61.31 -2.36
CA LEU HA 245 94.80 60.02 -2.21
C LEU HA 245 95.72 59.01 -1.51
N GLY HA 246 96.74 58.55 -2.23
CA GLY HA 246 97.79 57.74 -1.62
C GLY HA 246 97.32 56.65 -0.69
N ASP HA 247 97.66 56.83 0.60
CA ASP HA 247 97.32 55.86 1.61
C ASP HA 247 95.82 55.56 1.63
N ALA HA 248 95.00 56.53 1.24
CA ALA HA 248 93.56 56.34 1.26
C ALA HA 248 93.14 55.22 0.31
N LEU HA 249 93.64 55.25 -0.93
CA LEU HA 249 93.36 54.14 -1.83
C LEU HA 249 94.13 52.90 -1.44
N SER HA 250 95.37 53.06 -0.98
CA SER HA 250 96.15 51.89 -0.57
C SER HA 250 95.39 51.05 0.46
N PHE HA 251 94.62 51.69 1.32
CA PHE HA 251 93.77 50.96 2.26
C PHE HA 251 92.42 50.60 1.64
N LEU HA 252 91.84 51.49 0.84
CA LEU HA 252 90.56 51.20 0.20
C LEU HA 252 90.61 49.96 -0.66
N LEU HA 253 91.68 49.78 -1.43
CA LEU HA 253 91.80 48.68 -2.37
C LEU HA 253 92.72 47.59 -1.85
N ALA HA 254 92.68 47.33 -0.54
CA ALA HA 254 93.65 46.44 0.09
C ALA HA 254 93.63 45.05 -0.53
N GLY HA 255 92.44 44.49 -0.74
CA GLY HA 255 92.36 43.15 -1.32
C GLY HA 255 92.98 43.08 -2.71
N THR HA 256 92.77 44.13 -3.51
CA THR HA 256 93.32 44.16 -4.86
C THR HA 256 94.85 44.17 -4.83
N ARG HA 257 95.44 45.05 -4.03
CA ARG HA 257 96.90 45.07 -3.92
C ARG HA 257 97.42 43.75 -3.40
N VAL HA 258 96.76 43.18 -2.39
CA VAL HA 258 97.20 41.90 -1.84
C VAL HA 258 97.24 40.83 -2.92
N ASP HA 259 96.09 40.57 -3.55
CA ASP HA 259 96.06 39.45 -4.49
C ASP HA 259 96.72 39.79 -5.82
N ASN HA 260 97.14 41.05 -5.99
CA ASN HA 260 97.86 41.45 -7.20
C ASN HA 260 99.36 41.34 -7.05
N ALA HA 261 99.89 41.51 -5.84
CA ALA HA 261 101.33 41.43 -5.66
C ALA HA 261 101.84 39.99 -5.77
N ILE HA 262 100.99 39.00 -5.50
CA ILE HA 262 101.44 37.62 -5.41
C ILE HA 262 101.21 36.86 -6.72
N HIS HA 263 100.06 37.08 -7.36
CA HIS HA 263 99.76 36.45 -8.64
C HIS HA 263 100.26 37.26 -9.83
N GLY HA 264 101.04 38.32 -9.58
CA GLY HA 264 101.45 39.20 -10.65
C GLY HA 264 102.72 38.78 -11.35
N THR HA 265 103.63 38.14 -10.62
CA THR HA 265 104.92 37.71 -11.17
C THR HA 265 104.80 36.40 -11.94
N ASP HA 266 103.59 35.85 -12.01
CA ASP HA 266 103.37 34.56 -12.64
C ASP HA 266 103.82 34.56 -14.09
N GLU HA 267 104.17 33.37 -14.57
CA GLU HA 267 104.64 33.09 -15.92
C GLU HA 267 106.08 33.55 -16.13
N ALA HA 268 106.72 34.09 -15.10
CA ALA HA 268 108.13 34.49 -15.17
C ALA HA 268 108.97 33.40 -14.52
N ASP HA 269 109.86 32.79 -15.32
CA ASP HA 269 110.77 31.77 -14.79
C ASP HA 269 111.69 32.39 -13.76
N ALA HA 270 111.45 32.09 -12.50
CA ALA HA 270 112.43 32.41 -11.48
C ALA HA 270 113.43 31.27 -11.36
N PRO HA 271 114.69 31.55 -11.10
CA PRO HA 271 115.68 30.48 -10.93
C PRO HA 271 115.43 29.68 -9.66
N ALA HA 272 116.35 28.76 -9.36
CA ALA HA 272 116.23 27.93 -8.17
C ALA HA 272 116.55 28.77 -6.94
N ALA HA 273 116.73 28.12 -5.80
CA ALA HA 273 116.99 28.82 -4.55
C ALA HA 273 118.15 29.80 -4.72
N PRO HA 274 118.03 31.02 -4.23
CA PRO HA 274 119.09 32.02 -4.46
C PRO HA 274 120.39 31.63 -3.79
N ALA HA 275 121.49 31.85 -4.50
CA ALA HA 275 122.80 31.49 -3.98
C ALA HA 275 123.14 32.32 -2.76
N ALA HA 276 123.94 31.74 -1.86
CA ALA HA 276 124.35 32.46 -0.66
C ALA HA 276 125.23 33.66 -1.01
N ALA HA 277 125.86 33.64 -2.18
CA ALA HA 277 126.64 34.78 -2.63
C ALA HA 277 125.77 36.01 -2.88
N ALA HA 278 124.46 35.83 -3.02
CA ALA HA 278 123.56 36.96 -3.20
C ALA HA 278 123.45 37.83 -1.96
N ALA HA 279 123.75 37.28 -0.79
CA ALA HA 279 123.69 38.06 0.44
C ALA HA 279 124.76 39.15 0.38
N PHE HA 280 124.33 40.39 0.19
CA PHE HA 280 125.26 41.50 0.08
C PHE HA 280 126.01 41.68 1.38
N PRO HA 281 127.33 41.51 1.39
CA PRO HA 281 128.09 41.56 2.65
C PRO HA 281 128.12 42.97 3.22
N ALA HA 282 127.68 43.11 4.47
CA ALA HA 282 127.74 44.37 5.17
C ALA HA 282 128.83 44.44 6.23
N TYR HA 283 129.36 43.29 6.67
CA TYR HA 283 130.31 43.27 7.78
C TYR HA 283 131.64 43.88 7.39
N LEU HA 284 131.82 44.20 6.11
CA LEU HA 284 133.11 44.53 5.54
C LEU HA 284 133.32 46.02 5.31
N PHE HA 285 132.36 46.86 5.70
CA PHE HA 285 132.47 48.28 5.43
C PHE HA 285 133.49 48.95 6.35
N ASN HA 286 133.29 48.83 7.65
CA ASN HA 286 134.18 49.44 8.63
C ASN HA 286 135.16 48.44 9.24
N ASP HA 287 135.54 47.44 8.49
CA ASP HA 287 136.66 46.55 8.82
C ASP HA 287 137.97 47.29 8.62
N PRO HA 288 138.76 47.56 9.67
CA PRO HA 288 140.06 48.20 9.44
C PRO HA 288 141.00 47.32 8.63
N ARG HA 289 141.09 46.04 8.98
CA ARG HA 289 141.87 45.06 8.23
C ARG HA 289 140.96 44.29 7.28
N SER HA 290 141.10 44.55 5.98
CA SER HA 290 140.36 43.81 4.98
C SER HA 290 141.06 43.98 3.64
N ALA HA 291 140.78 43.08 2.71
CA ALA HA 291 141.34 43.18 1.37
C ALA HA 291 140.83 44.44 0.69
N ARG HA 292 141.73 45.15 0.04
CA ARG HA 292 141.37 46.45 -0.52
C ARG HA 292 142.02 46.58 -1.89
N CYS HA 293 141.48 47.48 -2.70
CA CYS HA 293 141.97 47.65 -4.06
C CYS HA 293 141.76 49.08 -4.52
N PRO HA 294 142.82 49.85 -4.72
CA PRO HA 294 142.66 51.21 -5.26
C PRO HA 294 142.21 51.17 -6.71
N THR HA 295 141.59 52.27 -7.13
CA THR HA 295 141.16 52.40 -8.52
C THR HA 295 142.36 52.41 -9.44
N GLY HA 296 142.10 52.16 -10.72
CA GLY HA 296 143.18 52.17 -11.70
C GLY HA 296 143.91 50.86 -11.84
N ARG HA 297 143.59 49.87 -11.02
CA ARG HA 297 144.08 48.51 -11.19
C ARG HA 297 142.92 47.53 -11.14
N LEU HA 298 141.88 47.82 -11.92
CA LEU HA 298 140.73 46.92 -12.05
C LEU HA 298 140.54 46.52 -13.51
N ASN HA 299 141.33 45.56 -13.99
CA ASN HA 299 140.92 44.74 -15.13
C ASN HA 299 140.93 43.25 -14.78
N THR HA 300 142.11 42.68 -14.55
CA THR HA 300 142.41 41.31 -14.15
C THR HA 300 143.80 41.30 -13.52
N PRO HA 301 144.04 42.08 -12.47
CA PRO HA 301 145.34 42.01 -11.79
C PRO HA 301 145.35 40.92 -10.75
N ALA HA 302 146.38 40.92 -9.90
CA ALA HA 302 146.34 40.10 -8.69
C ALA HA 302 145.40 40.75 -7.69
N ALA HA 303 144.13 40.87 -8.07
CA ALA HA 303 143.08 41.41 -7.21
C ALA HA 303 141.97 40.38 -7.06
N GLU HA 304 142.27 39.11 -7.28
CA GLU HA 304 141.26 38.07 -7.27
C GLU HA 304 140.67 37.82 -5.88
N ALA HA 305 141.36 38.32 -4.85
CA ALA HA 305 140.98 38.15 -3.47
C ALA HA 305 139.76 38.92 -2.99
N LEU HA 306 139.11 39.67 -3.87
CA LEU HA 306 137.92 40.37 -3.43
C LEU HA 306 136.73 39.42 -3.39
N PRO HA 307 135.84 39.56 -2.40
CA PRO HA 307 134.67 38.68 -2.33
C PRO HA 307 133.76 38.90 -3.53
N VAL HA 308 133.09 37.84 -3.94
CA VAL HA 308 132.15 37.92 -5.04
C VAL HA 308 130.75 38.14 -4.47
N TRP HA 309 129.97 38.97 -5.15
CA TRP HA 309 128.57 39.20 -4.79
C TRP HA 309 127.78 39.38 -6.08
N ALA HA 310 126.79 38.52 -6.29
CA ALA HA 310 125.99 38.52 -7.52
C ALA HA 310 124.56 38.88 -7.17
N PRO HA 311 124.22 40.17 -7.13
CA PRO HA 311 122.82 40.54 -6.98
C PRO HA 311 122.12 40.13 -8.26
N ASP HA 312 121.21 39.18 -8.14
CA ASP HA 312 120.58 38.55 -9.29
C ASP HA 312 119.07 38.55 -9.01
N MET HA 313 118.34 39.31 -9.81
CA MET HA 313 116.93 39.61 -9.52
C MET HA 313 116.27 39.28 -10.85
N ARG HA 314 115.60 38.13 -10.89
CA ARG HA 314 115.04 37.59 -12.12
C ARG HA 314 113.72 36.90 -11.80
N GLY HA 315 112.62 37.64 -11.94
CA GLY HA 315 111.30 37.10 -11.71
C GLY HA 315 110.59 37.63 -10.49
N ARG HA 316 111.23 38.50 -9.70
CA ARG HA 316 110.59 39.06 -8.52
C ARG HA 316 109.60 40.14 -8.94
N ALA HA 317 108.88 40.67 -7.95
CA ALA HA 317 107.82 41.62 -8.21
C ALA HA 317 108.41 42.98 -8.51
N THR HA 318 108.27 43.43 -9.76
CA THR HA 318 108.66 44.78 -10.15
C THR HA 318 107.53 45.74 -9.81
N ARG HA 319 107.77 47.03 -10.06
CA ARG HA 319 106.73 48.00 -9.72
C ARG HA 319 105.50 47.83 -10.61
N ASN HA 320 105.70 47.71 -11.92
CA ASN HA 320 104.58 47.49 -12.84
C ASN HA 320 103.82 46.21 -12.51
N SER HA 321 104.44 45.31 -11.76
CA SER HA 321 103.77 44.09 -11.31
C SER HA 321 102.82 44.36 -10.17
N CYS HA 322 103.08 45.39 -9.38
CA CYS HA 322 102.27 45.69 -8.21
C CYS HA 322 101.36 46.88 -8.45
N MET HA 323 101.32 47.40 -9.67
CA MET HA 323 100.36 48.43 -10.03
C MET HA 323 98.95 47.90 -9.87
N TYR HA 324 98.13 48.65 -9.14
CA TYR HA 324 96.75 48.24 -8.92
C TYR HA 324 95.74 49.35 -9.18
N ALA HA 325 96.12 50.62 -9.09
CA ALA HA 325 95.19 51.71 -9.29
C ALA HA 325 95.92 52.91 -9.87
N ALA HA 326 95.14 53.82 -10.46
CA ALA HA 326 95.68 55.09 -10.96
C ALA HA 326 94.56 56.11 -10.91
N TYR HA 327 94.88 57.34 -10.54
CA TYR HA 327 93.87 58.38 -10.40
C TYR HA 327 94.37 59.69 -10.97
N VAL HA 328 93.43 60.61 -11.15
CA VAL HA 328 93.71 61.93 -11.71
C VAL HA 328 92.66 62.90 -11.20
N ARG HA 329 93.10 64.08 -10.80
CA ARG HA 329 92.19 65.06 -10.21
C ARG HA 329 91.32 65.68 -11.30
N LEU HA 330 90.05 65.91 -10.98
CA LEU HA 330 89.10 66.45 -11.94
C LEU HA 330 88.68 67.88 -11.65
N GLY HA 331 88.46 68.24 -10.40
CA GLY HA 331 88.01 69.57 -10.05
C GLY HA 331 87.43 69.59 -8.65
N THR HA 332 86.61 70.60 -8.39
CA THR HA 332 86.04 70.82 -7.07
C THR HA 332 84.51 70.77 -7.16
N VAL HA 333 83.88 70.35 -6.06
CA VAL HA 333 82.45 70.09 -6.04
C VAL HA 333 81.87 70.55 -4.72
N GLU HA 334 80.66 71.12 -4.80
CA GLU HA 334 79.81 71.39 -3.65
C GLU HA 334 79.02 70.19 -3.17
N ARG HA 335 78.18 69.61 -4.03
CA ARG HA 335 77.13 68.72 -3.57
C ARG HA 335 76.91 67.61 -4.59
N VAL HA 336 76.39 66.48 -4.11
CA VAL HA 336 75.99 65.38 -4.97
C VAL HA 336 74.62 64.90 -4.52
N VAL HA 337 73.67 64.90 -5.46
CA VAL HA 337 72.32 64.42 -5.21
C VAL HA 337 72.00 63.33 -6.22
N ARG HA 338 71.17 62.38 -5.81
CA ARG HA 338 70.88 61.20 -6.62
C ARG HA 338 69.40 61.17 -6.94
N ARG HA 339 69.09 60.93 -8.22
CA ARG HA 339 67.80 61.30 -8.79
C ARG HA 339 67.82 60.96 -10.27
N ALA HA 340 66.64 60.58 -10.77
CA ALA HA 340 66.54 60.05 -12.13
C ALA HA 340 65.88 61.05 -13.08
N LEU HA 348 66.64 54.88 -14.89
CA LEU HA 348 68.10 54.93 -14.84
C LEU HA 348 68.60 55.86 -13.74
N PRO HA 349 69.42 55.32 -12.84
CA PRO HA 349 69.94 56.15 -11.74
C PRO HA 349 71.09 57.02 -12.20
N LEU HA 350 71.14 58.24 -11.66
CA LEU HA 350 72.20 59.19 -12.02
C LEU HA 350 72.68 59.91 -10.76
N ALA HA 351 73.58 60.88 -10.97
CA ALA HA 351 74.16 61.64 -9.86
C ALA HA 351 74.53 63.04 -10.39
N HIS HA 352 73.67 64.01 -10.09
CA HIS HA 352 73.90 65.38 -10.54
C HIS HA 352 74.93 66.06 -9.67
N MET HA 353 75.96 66.64 -10.28
CA MET HA 353 76.94 67.42 -9.55
C MET HA 353 76.34 68.77 -9.14
N GLU HA 354 77.16 69.61 -8.53
CA GLU HA 354 76.68 70.90 -8.05
C GLU HA 354 77.85 71.87 -8.10
N ARG HA 355 77.81 72.81 -9.03
CA ARG HA 355 78.85 73.84 -9.13
C ARG HA 355 80.22 73.22 -9.41
N PHE HA 356 80.28 72.35 -10.41
CA PHE HA 356 81.54 71.71 -10.75
C PHE HA 356 82.45 72.74 -11.39
N THR HA 357 83.70 72.83 -10.91
CA THR HA 357 84.70 73.71 -11.50
C THR HA 357 85.76 72.83 -12.13
N TRP HA 358 85.86 72.90 -13.45
CA TRP HA 358 86.78 72.04 -14.18
C TRP HA 358 88.22 72.49 -13.96
N ASP HA 359 89.03 71.59 -13.40
CA ASP HA 359 90.47 71.79 -13.20
C ASP HA 359 91.11 70.41 -13.34
N VAL HA 360 91.59 70.12 -14.53
CA VAL HA 360 92.14 68.80 -14.79
C VAL HA 360 93.61 68.78 -14.39
N GLY HA 361 94.03 67.67 -13.76
CA GLY HA 361 95.40 67.50 -13.36
C GLY HA 361 96.10 66.39 -14.11
N ALA HA 362 97.29 66.04 -13.65
CA ALA HA 362 98.07 65.01 -14.29
C ALA HA 362 97.75 63.65 -13.68
N TRP HA 363 98.16 62.59 -14.38
CA TRP HA 363 97.90 61.25 -13.92
C TRP HA 363 98.80 60.93 -12.72
N GLU HA 364 98.50 59.81 -12.08
CA GLU HA 364 99.20 59.42 -10.87
C GLU HA 364 99.21 57.90 -10.79
N GLU HA 365 100.31 57.35 -10.33
CA GLU HA 365 100.42 55.91 -10.10
C GLU HA 365 100.08 55.59 -8.66
N CYS HA 366 99.58 54.37 -8.45
CA CYS HA 366 99.30 53.87 -7.11
C CYS HA 366 99.71 52.40 -7.09
N PHE HA 367 100.93 52.14 -6.64
CA PHE HA 367 101.50 50.80 -6.63
C PHE HA 367 101.94 50.33 -5.26
N PHE HA 368 102.49 51.22 -4.44
CA PHE HA 368 102.98 50.84 -3.13
C PHE HA 368 101.82 50.56 -2.18
N MET IA 1 99.14 91.21 -17.36
CA MET IA 1 100.51 91.67 -17.25
C MET IA 1 101.26 91.38 -18.55
N GLU IA 2 102.01 92.38 -19.04
CA GLU IA 2 102.71 92.24 -20.30
C GLU IA 2 104.03 92.99 -20.24
N VAL IA 3 105.04 92.40 -20.88
CA VAL IA 3 106.41 92.92 -20.85
C VAL IA 3 106.88 93.18 -22.27
N ASP IA 4 107.44 94.37 -22.49
CA ASP IA 4 108.06 94.73 -23.76
C ASP IA 4 109.57 94.65 -23.60
N ILE IA 5 110.25 94.34 -24.71
CA ILE IA 5 111.69 94.08 -24.68
C ILE IA 5 112.36 94.98 -25.71
N ALA IA 6 113.39 95.69 -25.28
CA ALA IA 6 114.12 96.62 -26.15
C ALA IA 6 114.90 95.81 -27.17
N LEU IA 7 114.37 95.75 -28.39
CA LEU IA 7 115.07 95.13 -29.51
C LEU IA 7 116.02 96.15 -30.12
N PRO IA 8 117.33 95.99 -30.02
CA PRO IA 8 118.23 96.82 -30.84
C PRO IA 8 118.01 96.58 -32.33
N THR IA 9 118.46 97.54 -33.13
CA THR IA 9 118.29 97.48 -34.57
C THR IA 9 119.27 96.49 -35.16
N LEU IA 10 118.78 95.30 -35.53
CA LEU IA 10 119.71 94.23 -35.91
C LEU IA 10 120.13 94.31 -37.37
N SER IA 11 119.23 94.02 -38.30
CA SER IA 11 119.56 93.89 -39.71
C SER IA 11 118.31 93.53 -40.52
N PRO IA 12 118.36 93.65 -41.85
CA PRO IA 12 117.27 93.12 -42.67
C PRO IA 12 117.41 91.62 -42.87
N GLY IA 13 116.25 90.96 -43.00
CA GLY IA 13 116.23 89.52 -43.29
C GLY IA 13 116.44 88.58 -42.14
N ASP IA 14 117.47 88.83 -41.32
CA ASP IA 14 117.67 88.03 -40.11
C ASP IA 14 116.70 88.46 -39.02
N LEU IA 15 116.38 89.75 -38.95
CA LEU IA 15 115.22 90.17 -38.17
C LEU IA 15 113.97 89.52 -38.71
N SER IA 16 113.81 89.49 -40.03
CA SER IA 16 112.69 88.77 -40.62
C SER IA 16 112.75 87.28 -40.32
N ALA IA 17 113.95 86.77 -40.01
CA ALA IA 17 114.07 85.38 -39.59
C ALA IA 17 113.60 85.19 -38.16
N LEU IA 18 113.94 86.14 -37.27
CA LEU IA 18 113.38 86.13 -35.93
C LEU IA 18 111.87 86.29 -35.97
N GLN IA 19 111.36 86.97 -36.99
CA GLN IA 19 109.93 87.19 -37.23
C GLN IA 19 109.20 85.92 -37.60
N ARG IA 20 109.88 84.78 -37.60
CA ARG IA 20 109.24 83.49 -37.77
C ARG IA 20 109.00 82.76 -36.46
N CYS IA 21 109.75 83.10 -35.42
CA CYS IA 21 109.59 82.50 -34.10
C CYS IA 21 108.74 83.41 -33.22
N GLU IA 22 107.47 83.54 -33.61
CA GLU IA 22 106.52 84.38 -32.90
C GLU IA 22 105.66 83.59 -31.92
N GLY IA 23 106.10 82.40 -31.54
CA GLY IA 23 105.36 81.61 -30.57
C GLY IA 23 106.26 80.92 -29.57
N ARG IA 24 107.56 81.13 -29.70
CA ARG IA 24 108.52 80.48 -28.80
C ARG IA 24 108.35 81.01 -27.38
N VAL IA 25 108.99 80.32 -26.44
CA VAL IA 25 108.99 80.71 -25.05
C VAL IA 25 110.40 81.12 -24.66
N VAL IA 26 110.50 82.15 -23.83
CA VAL IA 26 111.77 82.70 -23.38
C VAL IA 26 111.64 83.03 -21.91
N PHE IA 27 112.70 82.76 -21.15
CA PHE IA 27 112.70 82.94 -19.72
C PHE IA 27 113.20 84.34 -19.37
N LEU IA 28 112.32 85.14 -18.78
CA LEU IA 28 112.71 86.43 -18.23
C LEU IA 28 113.45 86.19 -16.91
N GLU IA 29 113.95 87.26 -16.31
CA GLU IA 29 114.53 87.15 -14.98
C GLU IA 29 113.65 87.75 -13.89
N THR IA 30 112.95 88.86 -14.17
CA THR IA 30 112.05 89.48 -13.22
C THR IA 30 110.85 90.03 -13.97
N LEU IA 31 109.66 89.79 -13.40
CA LEU IA 31 108.47 90.46 -13.90
C LEU IA 31 108.65 91.98 -13.79
N ARG IA 32 108.56 92.66 -14.93
CA ARG IA 32 108.77 94.10 -15.01
C ARG IA 32 108.06 94.61 -16.26
N ARG IA 33 108.43 95.79 -16.72
CA ARG IA 33 107.83 96.37 -17.92
C ARG IA 33 108.85 96.74 -18.98
N HIS IA 34 110.14 96.44 -18.75
CA HIS IA 34 111.19 96.84 -19.69
C HIS IA 34 112.28 95.77 -19.67
N ALA IA 35 112.71 95.35 -20.85
CA ALA IA 35 113.72 94.30 -20.96
C ALA IA 35 114.52 94.49 -22.24
N THR IA 36 115.54 93.66 -22.40
CA THR IA 36 116.53 93.80 -23.47
C THR IA 36 116.95 92.43 -23.96
N LEU IA 37 117.37 92.35 -25.22
CA LEU IA 37 117.77 91.11 -25.87
C LEU IA 37 118.96 90.42 -25.22
N ARG IA 38 119.71 91.11 -24.39
CA ARG IA 38 120.92 90.51 -23.86
C ARG IA 38 120.64 89.56 -22.71
N GLU IA 39 119.80 89.98 -21.77
CA GLU IA 39 119.53 89.16 -20.60
C GLU IA 39 118.72 87.92 -20.95
N VAL IA 40 117.82 88.02 -21.92
CA VAL IA 40 117.00 86.87 -22.34
C VAL IA 40 117.76 86.18 -23.45
N ALA IA 41 118.75 85.38 -23.05
CA ALA IA 41 119.62 84.66 -23.97
C ALA IA 41 120.48 83.70 -23.17
N LEU IA 42 120.72 82.52 -23.72
CA LEU IA 42 121.59 81.51 -23.13
C LEU IA 42 122.63 81.10 -24.17
N PRO IA 43 123.80 80.61 -23.72
CA PRO IA 43 124.80 80.11 -24.70
C PRO IA 43 124.17 79.01 -25.54
N CYS IA 44 124.67 78.77 -26.77
CA CYS IA 44 123.84 77.96 -27.66
C CYS IA 44 123.94 76.49 -27.26
N GLY IA 45 125.12 76.06 -26.77
CA GLY IA 45 125.30 74.68 -26.29
C GLY IA 45 125.97 74.52 -24.93
N GLY IA 46 125.23 73.98 -23.95
CA GLY IA 46 125.75 73.74 -22.61
C GLY IA 46 125.06 72.55 -21.99
N ASP IA 47 125.49 72.22 -20.77
CA ASP IA 47 124.92 71.08 -20.07
C ASP IA 47 123.43 71.27 -19.83
N VAL IA 48 122.67 70.20 -20.04
CA VAL IA 48 121.22 70.28 -19.91
C VAL IA 48 120.83 70.58 -18.46
N LEU IA 49 121.71 70.26 -17.51
CA LEU IA 49 121.36 70.44 -16.10
C LEU IA 49 121.36 71.90 -15.67
N ALA IA 50 122.30 72.70 -16.16
CA ALA IA 50 122.29 74.12 -15.79
C ALA IA 50 121.12 74.84 -16.43
N ALA IA 51 120.78 74.48 -17.67
CA ALA IA 51 119.58 75.03 -18.29
C ALA IA 51 118.34 74.63 -17.50
N MET IA 52 118.30 73.38 -17.00
CA MET IA 52 117.17 72.93 -16.21
C MET IA 52 117.09 73.68 -14.88
N ALA IA 53 118.22 73.87 -14.21
CA ALA IA 53 118.24 74.60 -12.96
C ALA IA 53 118.02 76.09 -13.18
N ALA IA 54 118.18 76.56 -14.42
CA ALA IA 54 117.87 77.94 -14.74
C ALA IA 54 116.38 78.13 -15.00
N TYR IA 55 115.75 77.13 -15.64
CA TYR IA 55 114.32 77.20 -15.92
C TYR IA 55 113.46 77.19 -14.67
N ARG IA 56 114.02 76.85 -13.51
CA ARG IA 56 113.27 76.83 -12.26
C ARG IA 56 113.43 78.11 -11.45
N ARG IA 57 114.45 78.91 -11.74
CA ARG IA 57 114.71 80.16 -11.03
C ARG IA 57 114.25 81.38 -11.79
N ARG IA 58 113.71 81.20 -12.99
CA ARG IA 58 113.29 82.30 -13.84
C ARG IA 58 111.78 82.29 -14.00
N PHE IA 59 111.28 83.21 -14.82
CA PHE IA 59 109.87 83.31 -15.12
C PHE IA 59 109.66 83.10 -16.61
N ALA IA 60 108.72 82.22 -16.96
CA ALA IA 60 108.45 81.93 -18.35
C ALA IA 60 107.74 83.11 -19.00
N ALA IA 61 107.76 83.14 -20.33
CA ALA IA 61 107.12 84.18 -21.12
C ALA IA 61 107.04 83.72 -22.57
N VAL IA 62 105.91 83.99 -23.22
CA VAL IA 62 105.67 83.59 -24.60
C VAL IA 62 105.82 84.80 -25.50
N ILE IA 63 106.43 84.59 -26.66
CA ILE IA 63 106.60 85.67 -27.63
C ILE IA 63 105.29 85.90 -28.37
N THR IA 64 104.76 87.11 -28.26
CA THR IA 64 103.62 87.52 -29.07
C THR IA 64 104.14 88.18 -30.35
N ARG IA 65 103.26 88.87 -31.07
CA ARG IA 65 103.67 89.56 -32.29
C ARG IA 65 104.84 90.49 -32.01
N VAL IA 66 105.73 90.60 -33.00
CA VAL IA 66 106.99 91.32 -32.86
C VAL IA 66 107.04 92.42 -33.91
N THR IA 67 106.98 93.67 -33.46
CA THR IA 67 107.26 94.79 -34.35
C THR IA 67 108.76 95.07 -34.37
N PRO IA 68 109.33 95.42 -35.53
CA PRO IA 68 110.78 95.64 -35.61
C PRO IA 68 111.36 96.60 -34.58
N HIS IA 69 110.52 97.32 -33.83
CA HIS IA 69 111.04 98.17 -32.77
C HIS IA 69 111.19 97.40 -31.47
N ARG IA 70 110.16 96.66 -31.07
CA ARG IA 70 110.18 95.96 -29.81
C ARG IA 70 109.18 94.81 -29.86
N MET IA 71 109.42 93.80 -29.01
CA MET IA 71 108.61 92.60 -28.98
C MET IA 71 107.93 92.41 -27.63
N LEU IA 72 106.69 91.94 -27.69
CA LEU IA 72 105.83 91.80 -26.52
C LEU IA 72 105.86 90.36 -26.01
N ALA IA 73 105.56 90.20 -24.71
CA ALA IA 73 105.60 88.87 -24.11
C ALA IA 73 104.70 88.86 -22.88
N THR IA 74 104.23 87.67 -22.53
CA THR IA 74 103.37 87.48 -21.37
C THR IA 74 103.79 86.23 -20.62
N PRO IA 75 103.96 86.32 -19.30
CA PRO IA 75 104.31 85.14 -18.52
C PRO IA 75 103.15 84.18 -18.38
N LEU IA 76 103.49 82.98 -17.89
CA LEU IA 76 102.55 81.86 -17.87
C LEU IA 76 101.98 81.61 -16.47
N GLY IA 77 102.85 81.52 -15.46
CA GLY IA 77 102.40 81.14 -14.13
C GLY IA 77 101.31 82.06 -13.58
N VAL IA 78 101.39 83.34 -13.91
CA VAL IA 78 100.41 84.31 -13.44
C VAL IA 78 99.58 84.76 -14.64
N GLY IA 79 98.30 85.00 -14.40
CA GLY IA 79 97.40 85.42 -15.45
C GLY IA 79 96.07 85.87 -14.90
N GLY IA 80 95.28 86.49 -15.77
CA GLY IA 80 93.95 86.93 -15.40
C GLY IA 80 92.89 85.95 -15.85
N ARG IA 81 92.40 85.15 -14.90
CA ARG IA 81 91.37 84.14 -15.16
C ARG IA 81 91.77 83.14 -16.24
N GLY IA 82 93.08 82.98 -16.47
CA GLY IA 82 93.54 81.97 -17.41
C GLY IA 82 93.15 82.21 -18.84
N GLN IA 83 93.71 83.25 -19.46
CA GLN IA 83 93.28 83.65 -20.79
C GLN IA 83 93.92 82.74 -21.85
N SER IA 84 93.66 83.05 -23.11
CA SER IA 84 94.12 82.25 -24.24
C SER IA 84 95.38 82.87 -24.85
N LEU IA 85 96.26 82.00 -25.34
CA LEU IA 85 97.46 82.45 -26.03
C LEU IA 85 97.94 81.32 -26.93
N VAL IA 86 98.51 81.69 -28.05
CA VAL IA 86 99.01 80.70 -28.98
C VAL IA 86 100.46 80.37 -28.62
N LEU IA 87 100.85 79.12 -28.89
CA LEU IA 87 102.17 78.63 -28.49
C LEU IA 87 102.71 77.76 -29.61
N GLN IA 88 103.76 78.23 -30.28
CA GLN IA 88 104.31 77.49 -31.41
C GLN IA 88 104.96 76.20 -30.94
N ASN IA 89 104.65 75.11 -31.61
CA ASN IA 89 105.27 73.82 -31.29
C ASN IA 89 106.68 73.76 -31.86
N THR IA 90 107.59 73.21 -31.06
CA THR IA 90 108.97 73.00 -31.48
C THR IA 90 109.47 71.58 -31.29
N GLY IA 91 108.63 70.67 -30.77
CA GLY IA 91 109.08 69.35 -30.43
C GLY IA 91 109.43 68.52 -31.66
N PRO IA 92 109.81 67.27 -31.43
CA PRO IA 92 110.13 66.38 -32.55
C PRO IA 92 108.87 65.73 -33.10
N PHE IA 93 107.90 65.52 -32.22
CA PHE IA 93 106.65 64.86 -32.54
C PHE IA 93 105.50 65.77 -32.14
N ASP IA 94 104.31 65.44 -32.63
CA ASP IA 94 103.15 66.30 -32.48
C ASP IA 94 102.54 66.15 -31.09
N LEU IA 95 101.67 67.10 -30.76
CA LEU IA 95 100.83 67.03 -29.56
C LEU IA 95 99.39 67.17 -29.99
N THR IA 96 98.51 66.35 -29.39
CA THR IA 96 97.11 66.33 -29.76
C THR IA 96 96.30 67.19 -28.80
N ASN IA 97 95.06 67.48 -29.19
CA ASN IA 97 94.18 68.27 -28.36
C ASN IA 97 93.89 67.53 -27.06
N GLY IA 98 94.12 68.21 -25.93
CA GLY IA 98 93.86 67.59 -24.65
C GLY IA 98 95.09 66.95 -24.04
N ASP IA 99 96.20 67.64 -24.10
CA ASP IA 99 97.46 67.16 -23.56
C ASP IA 99 98.00 68.17 -22.56
N HIS IA 100 99.01 67.74 -21.81
CA HIS IA 100 99.74 68.59 -20.88
C HIS IA 100 101.12 68.84 -21.44
N VAL IA 101 101.49 70.11 -21.56
CA VAL IA 101 102.73 70.51 -22.21
C VAL IA 101 103.76 70.82 -21.14
N CYS IA 102 104.99 70.39 -21.39
CA CYS IA 102 106.13 70.69 -20.52
C CYS IA 102 107.17 71.46 -21.32
N LEU IA 103 108.24 71.85 -20.64
CA LEU IA 103 109.34 72.59 -21.25
C LEU IA 103 110.65 71.97 -20.77
N VAL IA 104 111.34 71.27 -21.66
CA VAL IA 104 112.63 70.67 -21.35
C VAL IA 104 113.68 71.27 -22.28
N PRO IA 105 114.92 71.44 -21.85
CA PRO IA 105 115.98 71.86 -22.76
C PRO IA 105 116.13 70.90 -23.93
N PRO IA 106 116.77 71.33 -25.02
CA PRO IA 106 116.85 70.47 -26.22
C PRO IA 106 117.80 69.29 -26.04
N LEU IA 107 117.31 68.20 -25.44
CA LEU IA 107 118.16 67.03 -25.23
C LEU IA 107 118.72 66.49 -26.54
N LEU IA 108 117.99 66.66 -27.64
CA LEU IA 108 118.43 66.22 -28.96
C LEU IA 108 119.42 67.26 -29.50
N GLY IA 109 119.78 67.13 -30.78
CA GLY IA 109 120.50 68.17 -31.48
C GLY IA 109 119.80 69.49 -31.31
N ASP IA 110 120.49 70.42 -30.64
CA ASP IA 110 119.88 71.67 -30.23
C ASP IA 110 119.61 72.58 -31.42
N GLU IA 111 118.94 73.69 -31.13
CA GLU IA 111 118.71 74.74 -32.09
C GLU IA 111 119.13 76.05 -31.42
N CYS IA 112 119.98 76.82 -32.09
CA CYS IA 112 120.60 77.99 -31.48
C CYS IA 112 120.42 79.06 -32.53
N LEU IA 113 119.70 80.12 -32.21
CA LEU IA 113 119.48 81.20 -33.17
C LEU IA 113 120.75 82.02 -33.22
N ARG IA 114 121.48 81.88 -34.32
CA ARG IA 114 122.76 82.57 -34.42
C ARG IA 114 122.60 83.99 -34.97
N LEU IA 115 122.50 84.98 -34.10
CA LEU IA 115 122.45 86.39 -34.49
C LEU IA 115 123.86 86.85 -34.75
N THR IA 116 124.36 86.56 -35.95
CA THR IA 116 125.68 87.05 -36.35
C THR IA 116 125.68 88.56 -36.57
N SER IA 117 124.52 89.17 -36.76
CA SER IA 117 124.45 90.62 -36.92
C SER IA 117 124.75 91.33 -35.61
N ALA IA 118 124.00 91.00 -34.55
CA ALA IA 118 124.12 91.70 -33.27
C ALA IA 118 125.01 90.99 -32.27
N ASN IA 119 125.62 89.86 -32.65
CA ASN IA 119 126.56 89.14 -31.78
C ASN IA 119 125.89 88.71 -30.48
N LEU IA 120 124.68 88.17 -30.60
CA LEU IA 120 124.02 87.47 -29.51
C LEU IA 120 123.69 86.06 -29.98
N GLU IA 121 123.14 85.25 -29.07
CA GLU IA 121 122.68 83.92 -29.43
C GLU IA 121 121.45 83.61 -28.60
N LEU IA 122 120.46 82.99 -29.24
CA LEU IA 122 119.23 82.60 -28.57
C LEU IA 122 119.07 81.10 -28.59
N ARG IA 123 118.50 80.57 -27.51
CA ARG IA 123 118.29 79.13 -27.36
C ARG IA 123 116.93 78.92 -26.72
N PHE IA 124 116.06 78.19 -27.41
CA PHE IA 124 114.71 77.99 -26.93
C PHE IA 124 114.50 76.55 -26.47
N PRO IA 125 113.71 76.35 -25.43
CA PRO IA 125 113.44 74.97 -24.98
C PRO IA 125 112.45 74.28 -25.90
N MET IA 126 112.09 73.04 -25.57
CA MET IA 126 111.23 72.25 -26.42
C MET IA 126 109.90 72.00 -25.73
N THR IA 127 108.89 71.72 -26.54
CA THR IA 127 107.54 71.46 -26.06
C THR IA 127 107.23 69.98 -26.24
N LEU IA 128 106.81 69.32 -25.17
CA LEU IA 128 106.50 67.91 -25.22
C LEU IA 128 105.28 67.61 -24.36
N PRO IA 129 104.48 66.62 -24.76
CA PRO IA 129 103.48 66.07 -23.84
C PRO IA 129 104.13 65.29 -22.70
N LEU IA 130 103.48 65.34 -21.55
CA LEU IA 130 104.06 64.81 -20.32
C LEU IA 130 104.42 63.33 -20.46
N ALA IA 131 103.51 62.54 -21.04
CA ALA IA 131 103.76 61.11 -21.21
C ALA IA 131 105.07 60.87 -21.93
N GLN IA 132 105.24 61.45 -23.11
CA GLN IA 132 106.45 61.21 -23.90
C GLN IA 132 107.64 62.01 -23.39
N ALA IA 133 107.39 63.11 -22.66
CA ALA IA 133 108.50 63.85 -22.09
C ALA IA 133 109.16 63.06 -20.97
N ARG IA 134 108.37 62.37 -20.16
CA ARG IA 134 108.97 61.56 -19.11
C ARG IA 134 109.74 60.36 -19.65
N GLU IA 135 109.59 60.04 -20.93
CA GLU IA 135 110.24 58.88 -21.53
C GLU IA 135 111.38 59.22 -22.48
N LEU IA 136 111.35 60.38 -23.13
CA LEU IA 136 112.44 60.74 -24.04
C LEU IA 136 113.75 60.91 -23.29
N THR IA 137 113.70 61.59 -22.12
CA THR IA 137 114.86 61.69 -21.26
C THR IA 137 115.41 60.31 -20.92
N ALA IA 138 114.52 59.37 -20.60
CA ALA IA 138 114.96 58.03 -20.20
C ALA IA 138 115.58 57.29 -21.39
N ARG IA 139 115.02 57.44 -22.59
CA ARG IA 139 115.66 56.89 -23.77
C ARG IA 139 117.06 57.44 -23.95
N VAL IA 140 117.20 58.76 -23.76
CA VAL IA 140 118.50 59.40 -23.96
C VAL IA 140 119.53 58.86 -22.98
N VAL IA 141 119.15 58.75 -21.70
CA VAL IA 141 120.12 58.28 -20.71
C VAL IA 141 120.37 56.78 -20.87
N ALA IA 142 119.37 56.05 -21.38
CA ALA IA 142 119.55 54.62 -21.59
C ALA IA 142 120.53 54.34 -22.73
N ARG IA 143 120.53 55.20 -23.74
CA ARG IA 143 121.50 55.03 -24.82
C ARG IA 143 122.92 55.21 -24.31
N ALA IA 144 123.13 56.15 -23.40
CA ALA IA 144 124.46 56.37 -22.84
C ALA IA 144 124.83 55.33 -21.79
N ALA IA 145 123.83 54.73 -21.13
CA ALA IA 145 124.11 53.71 -20.12
C ALA IA 145 124.91 52.55 -20.72
N GLU IA 146 124.50 52.07 -21.89
CA GLU IA 146 125.22 50.94 -22.50
C GLU IA 146 126.60 51.36 -22.97
N THR IA 147 126.74 52.58 -23.51
CA THR IA 147 128.05 52.99 -23.99
C THR IA 147 129.02 53.26 -22.85
N LEU IA 148 128.50 53.44 -21.63
CA LEU IA 148 129.39 53.49 -20.48
C LEU IA 148 130.17 52.20 -20.31
N ARG IA 149 129.68 51.08 -20.86
CA ARG IA 149 130.36 49.79 -20.75
C ARG IA 149 130.73 49.20 -22.10
N ALA IA 157 115.04 49.07 -30.70
CA ALA IA 157 116.16 49.61 -29.94
C ALA IA 157 115.83 50.98 -29.36
N ASP IA 158 116.02 52.03 -30.18
CA ASP IA 158 115.71 53.40 -29.78
C ASP IA 158 114.63 53.94 -30.71
N VAL IA 159 113.38 53.59 -30.42
CA VAL IA 159 112.25 54.03 -31.25
C VAL IA 159 111.17 54.58 -30.33
N VAL IA 160 110.69 55.78 -30.66
CA VAL IA 160 109.52 56.35 -30.01
C VAL IA 160 108.42 56.39 -31.04
N PHE IA 161 107.20 56.11 -30.60
CA PHE IA 161 106.04 56.13 -31.47
C PHE IA 161 105.11 57.24 -30.99
N SER IA 162 104.51 57.95 -31.93
CA SER IA 162 103.68 59.10 -31.58
C SER IA 162 102.75 59.39 -32.74
N ASN IA 163 101.44 59.21 -32.51
CA ASN IA 163 100.41 59.56 -33.48
C ASN IA 163 100.67 58.88 -34.83
N GLY IA 164 100.86 57.57 -34.77
CA GLY IA 164 101.07 56.75 -35.96
C GLY IA 164 102.50 56.63 -36.42
N ARG IA 165 103.26 57.72 -36.42
CA ARG IA 165 104.59 57.75 -37.01
C ARG IA 165 105.66 57.53 -35.95
N ARG IA 166 106.87 57.24 -36.43
CA ARG IA 166 107.91 56.68 -35.61
C ARG IA 166 109.23 57.40 -35.83
N TYR IA 167 109.94 57.66 -34.74
CA TYR IA 167 111.17 58.42 -34.77
C TYR IA 167 112.35 57.58 -34.31
N GLN IA 168 113.54 57.99 -34.73
CA GLN IA 168 114.73 57.17 -34.66
C GLN IA 168 115.82 57.75 -33.78
N LEU IA 169 115.54 58.82 -33.02
CA LEU IA 169 116.43 59.33 -31.98
C LEU IA 169 117.84 59.54 -32.51
N PRO IA 170 118.05 60.61 -33.29
CA PRO IA 170 119.33 60.82 -34.01
C PRO IA 170 120.54 60.46 -33.18
N PRO IA 171 121.55 59.88 -33.80
CA PRO IA 171 122.66 59.25 -33.07
C PRO IA 171 123.48 60.27 -32.30
N PRO IA 172 124.29 59.83 -31.35
CA PRO IA 172 125.02 60.78 -30.50
C PRO IA 172 125.96 61.68 -31.29
N HIS IA 173 126.26 62.83 -30.68
CA HIS IA 173 127.10 63.90 -31.23
C HIS IA 173 126.79 64.21 -32.70
N ARG IA 174 125.52 64.04 -33.10
CA ARG IA 174 125.05 64.61 -34.35
C ARG IA 174 125.07 66.13 -34.30
N ASP IA 175 125.17 66.68 -33.11
CA ASP IA 175 125.28 68.10 -32.80
C ASP IA 175 126.68 68.30 -32.21
N ASN IA 176 126.90 69.48 -31.61
CA ASN IA 176 128.21 69.81 -31.05
C ASN IA 176 128.90 68.63 -30.38
N ALA IA 177 128.21 67.99 -29.44
CA ALA IA 177 128.72 66.79 -28.77
C ALA IA 177 127.62 66.22 -27.89
N GLU IA 178 127.88 65.02 -27.36
CA GLU IA 178 127.04 64.47 -26.31
C GLU IA 178 127.51 64.91 -24.93
N ALA IA 179 128.54 65.75 -24.86
CA ALA IA 179 129.01 66.26 -23.56
C ALA IA 179 127.95 67.11 -22.88
N ALA IA 180 127.07 67.73 -23.66
CA ALA IA 180 126.00 68.54 -23.08
C ALA IA 180 125.00 67.72 -22.27
N THR IA 181 125.02 66.40 -22.39
CA THR IA 181 124.07 65.56 -21.66
C THR IA 181 124.81 64.46 -20.89
N ARG IA 182 126.00 64.78 -20.38
CA ARG IA 182 126.76 63.83 -19.58
C ARG IA 182 126.38 63.87 -18.10
N SER IA 183 126.47 65.05 -17.49
CA SER IA 183 126.19 65.19 -16.06
C SER IA 183 124.85 64.60 -15.67
N LEU IA 184 123.83 64.79 -16.51
CA LEU IA 184 122.53 64.17 -16.25
C LEU IA 184 122.65 62.67 -16.16
N VAL IA 185 123.30 62.05 -17.15
CA VAL IA 185 123.51 60.61 -17.12
C VAL IA 185 124.17 60.19 -15.82
N LEU IA 186 125.25 60.88 -15.45
CA LEU IA 186 126.06 60.46 -14.31
C LEU IA 186 125.28 60.56 -13.01
N ASN IA 187 124.60 61.68 -12.79
CA ASN IA 187 123.80 61.82 -11.58
C ASN IA 187 122.67 60.81 -11.55
N MET IA 188 121.91 60.69 -12.65
CA MET IA 188 120.75 59.82 -12.66
C MET IA 188 121.11 58.36 -12.46
N ILE IA 189 122.34 57.95 -12.81
CA ILE IA 189 122.73 56.58 -12.52
C ILE IA 189 123.27 56.44 -11.11
N PHE IA 190 124.06 57.41 -10.65
CA PHE IA 190 124.72 57.27 -9.35
C PHE IA 190 123.70 57.30 -8.22
N LEU IA 191 122.72 58.20 -8.29
CA LEU IA 191 121.74 58.29 -7.21
C LEU IA 191 120.90 57.01 -7.12
N LEU IA 192 120.57 56.42 -8.27
CA LEU IA 192 119.79 55.18 -8.27
C LEU IA 192 120.59 54.03 -7.69
N ASN IA 193 121.86 53.92 -8.08
CA ASN IA 193 122.72 52.90 -7.48
C ASN IA 193 122.83 53.10 -5.97
N GLU IA 194 122.89 54.36 -5.53
CA GLU IA 194 122.93 54.66 -4.10
C GLU IA 194 121.68 54.16 -3.40
N GLY IA 195 120.51 54.52 -3.92
CA GLY IA 195 119.28 54.02 -3.33
C GLY IA 195 119.25 52.51 -3.24
N ALA IA 196 119.68 51.84 -4.30
CA ALA IA 196 119.72 50.38 -4.30
C ALA IA 196 120.61 49.86 -3.16
N VAL IA 197 121.85 50.33 -3.10
CA VAL IA 197 122.77 49.77 -2.11
C VAL IA 197 122.32 50.08 -0.69
N ILE IA 198 121.86 51.30 -0.44
CA ILE IA 198 121.45 51.64 0.92
C ILE IA 198 120.28 50.75 1.33
N LEU IA 199 119.31 50.57 0.43
CA LEU IA 199 118.19 49.71 0.76
C LEU IA 199 118.64 48.30 1.08
N LEU IA 200 119.53 47.75 0.26
CA LEU IA 200 119.98 46.39 0.52
C LEU IA 200 120.74 46.28 1.83
N SER IA 201 121.50 47.31 2.19
CA SER IA 201 122.21 47.30 3.47
C SER IA 201 121.25 47.36 4.64
N LEU IA 202 120.12 48.08 4.48
CA LEU IA 202 119.22 48.29 5.61
C LEU IA 202 118.52 47.00 6.03
N ILE IA 203 117.96 46.26 5.07
CA ILE IA 203 117.50 44.90 5.35
C ILE IA 203 118.36 43.96 4.52
N PRO IA 204 119.38 43.34 5.11
CA PRO IA 204 120.33 42.58 4.29
C PRO IA 204 119.74 41.35 3.64
N ASN IA 205 118.92 40.58 4.36
CA ASN IA 205 118.41 39.31 3.86
C ASN IA 205 117.28 39.47 2.85
N LEU IA 206 117.06 40.68 2.31
CA LEU IA 206 115.97 40.89 1.37
C LEU IA 206 116.08 40.03 0.11
N LEU IA 207 117.30 39.69 -0.29
CA LEU IA 207 117.49 38.98 -1.55
C LEU IA 207 117.62 37.47 -1.38
N THR IA 208 117.37 36.97 -0.18
CA THR IA 208 117.38 35.53 0.08
C THR IA 208 115.97 34.94 0.19
N LEU IA 209 114.96 35.77 0.43
CA LEU IA 209 113.59 35.28 0.51
C LEU IA 209 113.19 34.58 -0.79
N GLY IA 210 112.17 33.72 -0.67
CA GLY IA 210 111.61 33.04 -1.81
C GLY IA 210 111.09 34.02 -2.84
N ALA IA 211 111.66 33.98 -4.05
CA ALA IA 211 111.35 34.96 -5.08
C ALA IA 211 109.86 34.98 -5.40
N GLN IA 212 109.19 33.84 -5.30
CA GLN IA 212 107.77 33.77 -5.61
C GLN IA 212 106.89 34.07 -4.42
N ASP IA 213 107.29 33.65 -3.22
CA ASP IA 213 106.41 33.72 -2.05
C ASP IA 213 106.95 34.61 -0.94
N GLY IA 214 108.19 34.38 -0.49
CA GLY IA 214 108.68 35.11 0.67
C GLY IA 214 108.82 36.60 0.42
N TYR IA 215 109.47 36.96 -0.69
CA TYR IA 215 109.61 38.36 -1.04
C TYR IA 215 108.25 39.05 -1.14
N ALA IA 216 107.28 38.39 -1.77
CA ALA IA 216 105.96 38.98 -1.92
C ALA IA 216 105.28 39.17 -0.56
N ASN IA 217 105.39 38.17 0.31
CA ASN IA 217 104.78 38.31 1.63
C ASN IA 217 105.42 39.45 2.40
N ALA IA 218 106.73 39.64 2.23
CA ALA IA 218 107.40 40.78 2.89
C ALA IA 218 106.88 42.10 2.33
N VAL IA 219 106.87 42.25 1.00
CA VAL IA 219 106.45 43.50 0.39
C VAL IA 219 104.99 43.80 0.68
N ILE IA 220 104.18 42.79 1.01
CA ILE IA 220 102.77 43.04 1.28
C ILE IA 220 102.53 43.33 2.76
N GLN IA 221 103.07 42.50 3.65
CA GLN IA 221 102.95 42.81 5.07
C GLN IA 221 103.69 44.08 5.45
N LEU IA 222 104.53 44.61 4.56
CA LEU IA 222 105.12 45.92 4.79
C LEU IA 222 104.20 47.03 4.31
N GLY IA 223 103.32 46.75 3.34
CA GLY IA 223 102.37 47.75 2.90
C GLY IA 223 101.28 48.03 3.92
N SER IA 224 100.98 47.05 4.76
CA SER IA 224 100.01 47.19 5.83
C SER IA 224 100.72 47.03 7.18
N ALA IA 225 99.94 47.10 8.26
CA ALA IA 225 100.50 46.93 9.60
C ALA IA 225 101.03 45.51 9.79
N PHE IA 248 131.92 56.02 8.51
CA PHE IA 248 130.87 55.67 7.57
C PHE IA 248 129.63 55.19 8.31
N CYS IA 249 128.64 56.07 8.43
CA CYS IA 249 127.37 55.73 9.08
C CYS IA 249 126.28 55.68 8.01
N VAL IA 250 125.53 54.59 8.01
CA VAL IA 250 124.50 54.39 6.99
C VAL IA 250 123.46 55.49 7.04
N PHE IA 251 123.21 56.06 8.22
CA PHE IA 251 122.12 57.01 8.37
C PHE IA 251 122.48 58.39 7.83
N GLU IA 252 123.75 58.79 7.95
CA GLU IA 252 124.19 60.01 7.28
C GLU IA 252 124.08 59.85 5.77
N ALA IA 253 124.48 58.69 5.26
CA ALA IA 253 124.29 58.41 3.84
C ALA IA 253 122.81 58.47 3.47
N LEU IA 254 121.94 58.01 4.36
CA LEU IA 254 120.51 58.05 4.09
C LEU IA 254 120.03 59.49 3.94
N GLU IA 255 120.38 60.34 4.91
CA GLU IA 255 119.99 61.75 4.84
C GLU IA 255 120.52 62.39 3.56
N ALA IA 256 121.78 62.13 3.22
CA ALA IA 256 122.35 62.70 2.00
C ALA IA 256 121.59 62.24 0.76
N TRP IA 257 121.27 60.95 0.69
CA TRP IA 257 120.55 60.43 -0.47
C TRP IA 257 119.18 61.07 -0.59
N ILE IA 258 118.45 61.17 0.52
CA ILE IA 258 117.13 61.80 0.48
C ILE IA 258 117.25 63.21 -0.08
N ALA IA 259 118.20 63.98 0.46
CA ALA IA 259 118.37 65.35 0.00
C ALA IA 259 118.64 65.41 -1.49
N SER IA 260 119.57 64.59 -1.97
CA SER IA 260 119.96 64.66 -3.38
C SER IA 260 118.84 64.20 -4.30
N ALA IA 261 118.14 63.12 -3.92
CA ALA IA 261 117.05 62.63 -4.75
C ALA IA 261 115.91 63.64 -4.83
N SER IA 262 115.60 64.30 -3.71
CA SER IA 262 114.58 65.34 -3.76
C SER IA 262 115.01 66.50 -4.65
N ARG IA 263 116.26 66.94 -4.50
CA ARG IA 263 116.74 68.05 -5.32
C ARG IA 263 116.74 67.71 -6.80
N LEU IA 264 117.03 66.46 -7.15
CA LEU IA 264 117.10 66.10 -8.57
C LEU IA 264 115.71 65.86 -9.13
N GLY IA 265 114.86 65.13 -8.42
CA GLY IA 265 113.48 64.96 -8.84
C GLY IA 265 112.73 66.26 -9.01
N ASP IA 266 113.03 67.26 -8.18
CA ASP IA 266 112.34 68.54 -8.33
C ASP IA 266 112.69 69.19 -9.66
N THR IA 267 113.96 69.18 -10.04
CA THR IA 267 114.41 69.84 -11.25
C THR IA 267 114.48 68.84 -12.42
N LEU IA 268 113.31 68.34 -12.80
CA LEU IA 268 113.23 67.45 -13.95
C LEU IA 268 112.03 67.78 -14.84
N GLY IA 269 111.55 69.01 -14.78
CA GLY IA 269 110.33 69.34 -15.49
C GLY IA 269 109.17 68.58 -14.86
N THR IA 270 108.51 67.76 -15.67
CA THR IA 270 107.41 66.90 -15.22
C THR IA 270 106.38 67.67 -14.40
N ARG IA 271 106.26 68.97 -14.64
CA ARG IA 271 105.23 69.81 -14.03
C ARG IA 271 104.64 70.64 -15.16
N PRO IA 272 103.51 70.24 -15.71
CA PRO IA 272 102.95 70.97 -16.86
C PRO IA 272 102.59 72.39 -16.50
N VAL IA 273 102.73 73.27 -17.48
CA VAL IA 273 102.49 74.70 -17.29
C VAL IA 273 101.46 75.16 -18.31
N ALA IA 274 100.97 74.22 -19.12
CA ALA IA 274 100.03 74.53 -20.18
C ALA IA 274 99.10 73.33 -20.38
N ARG IA 275 98.02 73.57 -21.12
CA ARG IA 275 97.10 72.50 -21.49
C ARG IA 275 96.42 72.91 -22.78
N VAL IA 276 96.62 72.13 -23.84
CA VAL IA 276 96.22 72.58 -25.16
C VAL IA 276 94.71 72.44 -25.32
N CYS IA 277 94.11 73.46 -25.93
CA CYS IA 277 92.67 73.69 -25.91
C CYS IA 277 92.19 74.18 -27.28
N ILE IA 278 92.76 73.62 -28.35
CA ILE IA 278 92.56 74.18 -29.68
C ILE IA 278 91.09 74.09 -30.08
N PHE IA 279 90.47 75.24 -30.21
CA PHE IA 279 89.07 75.39 -30.58
C PHE IA 279 89.00 75.92 -32.00
N ASP IA 280 88.15 75.29 -32.82
CA ASP IA 280 88.06 75.61 -34.25
C ASP IA 280 89.40 75.42 -34.96
N GLY IA 281 89.84 74.16 -34.99
CA GLY IA 281 91.07 73.79 -35.65
C GLY IA 281 91.28 72.30 -35.67
N PRO IA 282 92.19 71.83 -36.53
CA PRO IA 282 92.44 70.38 -36.63
C PRO IA 282 92.93 69.82 -35.31
N PRO IA 283 92.47 68.62 -34.94
CA PRO IA 283 92.74 68.12 -33.58
C PRO IA 283 94.21 67.82 -33.30
N THR IA 284 95.07 67.84 -34.30
CA THR IA 284 96.49 67.57 -34.09
C THR IA 284 97.31 68.69 -34.72
N VAL IA 285 98.38 69.08 -34.04
CA VAL IA 285 99.27 70.12 -34.53
C VAL IA 285 100.64 69.47 -34.76
N PRO IA 286 101.08 69.31 -36.01
CA PRO IA 286 102.40 68.73 -36.29
C PRO IA 286 103.51 69.64 -35.79
N PRO IA 287 104.75 69.15 -35.76
CA PRO IA 287 105.85 70.00 -35.30
C PRO IA 287 106.12 71.15 -36.25
N GLY IA 288 106.17 72.36 -35.71
CA GLY IA 288 106.50 73.52 -36.50
C GLY IA 288 105.48 74.63 -36.48
N GLU IA 289 104.21 74.28 -36.49
CA GLU IA 289 103.12 75.24 -36.55
C GLU IA 289 102.51 75.48 -35.17
N LYS IA 290 101.79 76.59 -35.06
CA LYS IA 290 101.32 77.08 -33.78
C LYS IA 290 100.09 76.29 -33.31
N ALA IA 291 99.58 76.67 -32.15
CA ALA IA 291 98.39 76.04 -31.56
C ALA IA 291 97.91 76.88 -30.38
N ALA IA 292 96.60 76.89 -30.18
CA ALA IA 292 95.97 77.67 -29.11
C ALA IA 292 96.00 76.87 -27.82
N VAL IA 293 96.73 77.35 -26.82
CA VAL IA 293 96.87 76.66 -25.55
C VAL IA 293 96.39 77.57 -24.44
N VAL IA 294 95.81 76.99 -23.40
CA VAL IA 294 95.38 77.73 -22.21
C VAL IA 294 96.35 77.41 -21.08
N GLU IA 295 96.72 78.45 -20.34
CA GLU IA 295 97.59 78.24 -19.18
C GLU IA 295 96.84 77.52 -18.08
N VAL IA 296 97.54 76.64 -17.38
CA VAL IA 296 96.96 75.89 -16.27
C VAL IA 296 96.59 76.85 -15.15
N MET JA 1 85.56 83.77 -3.20
CA MET JA 1 85.59 82.77 -2.14
C MET JA 1 86.49 83.18 -0.98
N GLU JA 2 85.92 83.82 0.02
CA GLU JA 2 86.65 84.23 1.21
C GLU JA 2 85.96 83.66 2.44
N VAL JA 3 86.68 82.82 3.18
CA VAL JA 3 86.11 82.19 4.36
C VAL JA 3 86.02 83.17 5.51
N ASP JA 4 85.08 82.93 6.41
CA ASP JA 4 84.79 83.82 7.53
C ASP JA 4 85.04 83.07 8.83
N ILE JA 5 85.90 83.63 9.68
CA ILE JA 5 86.22 83.04 10.97
C ILE JA 5 85.77 84.00 12.06
N ALA JA 6 84.75 83.59 12.81
CA ALA JA 6 84.27 84.41 13.91
C ALA JA 6 85.13 84.19 15.15
N LEU JA 7 85.03 85.13 16.08
CA LEU JA 7 85.79 85.11 17.31
C LEU JA 7 84.87 85.25 18.51
N PRO JA 8 85.28 84.75 19.68
CA PRO JA 8 84.61 85.10 20.92
C PRO JA 8 85.17 86.42 21.45
N THR JA 9 84.66 86.82 22.62
CA THR JA 9 85.17 88.04 23.26
C THR JA 9 86.53 87.76 23.87
N LEU JA 10 87.55 88.48 23.41
CA LEU JA 10 88.92 88.30 23.84
C LEU JA 10 89.37 89.50 24.67
N SER JA 11 90.62 89.46 25.11
CA SER JA 11 91.05 90.63 25.87
C SER JA 11 91.56 91.72 24.93
N PRO JA 12 91.20 92.97 25.20
CA PRO JA 12 91.76 94.08 24.42
C PRO JA 12 93.28 94.09 24.36
N GLY JA 13 93.96 93.43 25.30
CA GLY JA 13 95.40 93.31 25.22
C GLY JA 13 95.91 92.21 24.33
N ASP JA 14 95.00 91.39 23.78
CA ASP JA 14 95.39 90.29 22.90
C ASP JA 14 94.99 90.49 21.45
N LEU JA 15 93.90 91.23 21.19
CA LEU JA 15 93.59 91.56 19.80
C LEU JA 15 94.67 92.44 19.19
N SER JA 16 95.35 93.25 20.02
CA SER JA 16 96.45 94.07 19.54
C SER JA 16 97.63 93.23 19.07
N ALA JA 17 97.77 92.02 19.58
CA ALA JA 17 98.82 91.10 19.17
C ALA JA 17 98.39 90.17 18.05
N LEU JA 18 97.16 89.65 18.11
CA LEU JA 18 96.64 88.81 17.04
C LEU JA 18 96.46 89.58 15.75
N GLN JA 19 96.13 90.88 15.85
CA GLN JA 19 96.05 91.72 14.67
C GLN JA 19 97.38 91.78 13.93
N ARG JA 20 98.49 91.64 14.66
CA ARG JA 20 99.80 91.60 14.03
C ARG JA 20 100.04 90.32 13.25
N CYS JA 21 99.07 89.40 13.24
CA CYS JA 21 99.15 88.18 12.44
C CYS JA 21 98.28 88.40 11.21
N GLU JA 22 98.94 88.74 10.10
CA GLU JA 22 98.25 89.00 8.84
C GLU JA 22 98.84 88.25 7.65
N GLY JA 23 99.85 87.42 7.86
CA GLY JA 23 100.49 86.71 6.77
C GLY JA 23 100.78 85.26 7.06
N ARG JA 24 100.44 84.81 8.27
CA ARG JA 24 100.62 83.42 8.65
C ARG JA 24 99.40 82.61 8.22
N VAL JA 25 99.65 81.37 7.84
CA VAL JA 25 98.62 80.54 7.26
C VAL JA 25 97.97 79.69 8.34
N VAL JA 26 96.67 79.42 8.18
CA VAL JA 26 95.94 78.53 9.06
C VAL JA 26 95.54 77.29 8.28
N PHE JA 27 95.16 76.25 9.01
CA PHE JA 27 94.89 74.94 8.42
C PHE JA 27 93.48 74.49 8.82
N LEU JA 28 92.54 74.67 7.91
CA LEU JA 28 91.15 74.30 8.15
C LEU JA 28 90.90 72.88 7.66
N GLU JA 29 89.86 72.27 8.23
CA GLU JA 29 89.54 70.87 7.92
C GLU JA 29 88.54 70.80 6.77
N THR JA 30 87.63 71.76 6.72
CA THR JA 30 86.68 71.90 5.62
C THR JA 30 86.67 73.35 5.15
N LEU JA 31 85.98 73.60 4.04
CA LEU JA 31 85.96 74.89 3.36
C LEU JA 31 84.52 75.39 3.21
N ARG JA 32 83.79 75.39 4.33
CA ARG JA 32 82.56 76.17 4.29
C ARG JA 32 82.89 77.65 4.46
N ARG JA 33 82.03 78.49 3.91
CA ARG JA 33 82.27 79.94 3.92
C ARG JA 33 82.37 80.47 5.35
N HIS JA 34 81.31 80.33 6.12
CA HIS JA 34 81.35 80.70 7.53
C HIS JA 34 81.99 79.59 8.33
N ALA JA 35 82.74 79.98 9.36
CA ALA JA 35 83.52 79.02 10.14
C ALA JA 35 83.85 79.67 11.47
N THR JA 36 84.30 78.84 12.41
CA THR JA 36 84.68 79.30 13.73
C THR JA 36 86.20 79.25 13.88
N LEU JA 37 86.67 79.84 14.99
CA LEU JA 37 88.09 79.79 15.32
C LEU JA 37 88.44 78.59 16.19
N ARG JA 38 87.51 78.16 17.05
CA ARG JA 38 87.73 77.00 17.89
C ARG JA 38 88.10 75.77 17.07
N GLU JA 39 87.57 75.65 15.86
CA GLU JA 39 87.85 74.47 15.04
C GLU JA 39 89.32 74.42 14.65
N VAL JA 40 89.87 75.51 14.13
CA VAL JA 40 91.27 75.57 13.79
C VAL JA 40 92.06 75.84 15.07
N ALA JA 41 92.68 74.79 15.61
CA ALA JA 41 93.44 74.88 16.85
C ALA JA 41 94.46 73.77 16.85
N LEU JA 42 95.60 74.03 17.49
CA LEU JA 42 96.69 73.08 17.54
C LEU JA 42 97.32 73.13 18.92
N PRO JA 43 97.70 72.00 19.48
CA PRO JA 43 98.44 72.03 20.74
C PRO JA 43 99.84 72.58 20.57
N CYS JA 44 100.62 72.60 21.64
CA CYS JA 44 101.98 73.12 21.58
C CYS JA 44 102.86 72.11 20.85
N GLY JA 45 104.17 72.34 20.87
CA GLY JA 45 105.11 71.53 20.12
C GLY JA 45 105.04 70.04 20.41
N GLY JA 46 105.64 69.24 19.53
CA GLY JA 46 105.70 67.80 19.74
C GLY JA 46 105.36 66.99 18.51
N ASP JA 47 106.22 66.04 18.16
CA ASP JA 47 106.03 65.14 17.03
C ASP JA 47 105.87 65.94 15.73
N VAL JA 48 106.97 66.57 15.33
CA VAL JA 48 107.02 67.33 14.09
C VAL JA 48 106.55 66.48 12.90
N LEU JA 49 106.75 65.16 12.98
CA LEU JA 49 106.31 64.29 11.91
C LEU JA 49 104.79 64.21 11.83
N ALA JA 50 104.12 64.11 12.99
CA ALA JA 50 102.67 64.08 12.99
C ALA JA 50 102.09 65.31 12.31
N ALA JA 51 102.58 66.50 12.68
CA ALA JA 51 102.07 67.72 12.08
C ALA JA 51 102.41 67.80 10.59
N MET JA 52 103.63 67.37 10.23
CA MET JA 52 103.99 67.35 8.82
C MET JA 52 103.04 66.49 8.01
N ALA JA 53 102.62 65.34 8.56
CA ALA JA 53 101.64 64.52 7.87
C ALA JA 53 100.28 65.18 7.86
N ALA JA 54 99.91 65.86 8.95
CA ALA JA 54 98.64 66.58 9.00
C ALA JA 54 98.60 67.74 8.02
N TYR JA 55 99.76 68.22 7.57
CA TYR JA 55 99.84 69.32 6.61
C TYR JA 55 99.53 68.87 5.20
N ARG JA 56 99.26 67.59 4.98
CA ARG JA 56 98.83 67.09 3.69
C ARG JA 56 97.34 66.81 3.62
N ARG JA 57 96.73 66.41 4.75
CA ARG JA 57 95.30 66.13 4.74
C ARG JA 57 94.48 67.41 4.77
N ARG JA 58 94.92 68.39 5.54
CA ARG JA 58 94.26 69.68 5.62
C ARG JA 58 94.88 70.66 4.63
N PHE JA 59 94.05 71.56 4.10
CA PHE JA 59 94.50 72.53 3.12
C PHE JA 59 94.63 73.91 3.76
N ALA JA 60 95.56 74.69 3.24
CA ALA JA 60 95.96 75.94 3.87
C ALA JA 60 94.96 77.06 3.56
N ALA JA 61 95.16 78.20 4.22
CA ALA JA 61 94.34 79.38 3.98
C ALA JA 61 95.06 80.59 4.57
N VAL JA 62 95.31 81.60 3.74
CA VAL JA 62 96.01 82.80 4.18
C VAL JA 62 94.99 83.84 4.64
N ILE JA 63 95.29 84.50 5.76
CA ILE JA 63 94.44 85.54 6.30
C ILE JA 63 94.93 86.91 5.83
N THR JA 64 94.00 87.82 5.61
CA THR JA 64 94.37 89.14 5.11
C THR JA 64 93.76 90.30 5.89
N ARG JA 65 92.59 90.10 6.49
CA ARG JA 65 91.92 91.17 7.24
C ARG JA 65 91.42 90.63 8.56
N VAL JA 66 91.78 91.32 9.65
CA VAL JA 66 91.34 90.97 10.99
C VAL JA 66 90.40 92.07 11.49
N THR JA 67 89.39 91.66 12.25
CA THR JA 67 88.47 92.57 12.93
C THR JA 67 88.12 91.94 14.27
N PRO JA 68 87.99 92.73 15.33
CA PRO JA 68 87.63 92.17 16.64
C PRO JA 68 86.35 91.35 16.62
N HIS JA 69 85.58 91.43 15.54
CA HIS JA 69 84.40 90.60 15.34
C HIS JA 69 84.73 89.30 14.63
N ARG JA 70 85.25 89.37 13.40
CA ARG JA 70 85.45 88.20 12.57
C ARG JA 70 86.84 88.28 11.92
N MET JA 71 87.17 87.26 11.14
CA MET JA 71 88.47 87.17 10.47
C MET JA 71 88.24 86.68 9.06
N LEU JA 72 88.68 87.46 8.09
CA LEU JA 72 88.55 87.10 6.68
C LEU JA 72 89.84 86.40 6.25
N ALA JA 73 89.69 85.19 5.69
CA ALA JA 73 90.83 84.41 5.24
C ALA JA 73 90.63 83.96 3.81
N THR JA 74 91.73 83.64 3.15
CA THR JA 74 91.72 83.25 1.74
C THR JA 74 92.02 81.77 1.60
N PRO JA 75 91.12 80.96 1.05
CA PRO JA 75 91.48 79.57 0.74
C PRO JA 75 92.67 79.58 -0.20
N LEU JA 76 93.82 79.08 0.27
CA LEU JA 76 95.06 79.28 -0.47
C LEU JA 76 94.98 78.59 -1.83
N GLY JA 77 95.00 77.27 -1.86
CA GLY JA 77 94.92 76.58 -3.12
C GLY JA 77 93.90 75.48 -3.20
N VAL JA 78 92.82 75.70 -3.95
CA VAL JA 78 91.97 74.58 -4.33
C VAL JA 78 91.63 74.66 -5.81
N GLY JA 79 91.57 75.88 -6.34
CA GLY JA 79 91.14 76.07 -7.71
C GLY JA 79 91.76 77.25 -8.41
N GLY JA 80 92.76 77.86 -7.80
CA GLY JA 80 93.32 79.10 -8.32
C GLY JA 80 94.83 79.06 -8.40
N ARG JA 81 95.36 79.59 -9.52
CA ARG JA 81 96.78 79.60 -9.78
C ARG JA 81 97.32 80.98 -10.11
N GLY JA 82 96.56 82.04 -9.79
CA GLY JA 82 97.03 83.38 -10.07
C GLY JA 82 96.65 84.40 -9.01
N GLN JA 83 96.17 83.93 -7.86
CA GLN JA 83 95.66 84.79 -6.81
C GLN JA 83 96.86 85.43 -6.12
N SER JA 84 97.40 86.46 -6.76
CA SER JA 84 98.55 87.16 -6.20
C SER JA 84 98.17 87.76 -4.86
N LEU JA 85 98.85 87.31 -3.80
CA LEU JA 85 98.55 87.77 -2.46
C LEU JA 85 99.87 87.91 -1.69
N VAL JA 86 99.76 88.32 -0.44
CA VAL JA 86 100.92 88.59 0.40
C VAL JA 86 100.83 87.74 1.66
N LEU JA 87 101.96 87.18 2.05
CA LEU JA 87 102.08 86.47 3.32
C LEU JA 87 103.43 86.82 3.92
N GLN JA 88 103.46 86.99 5.24
CA GLN JA 88 104.68 87.43 5.89
C GLN JA 88 105.67 86.29 6.03
N ASN JA 89 106.95 86.64 6.10
CA ASN JA 89 108.03 85.66 6.13
C ASN JA 89 108.40 85.37 7.58
N THR JA 90 107.77 84.36 8.16
CA THR JA 90 108.05 83.90 9.52
C THR JA 90 109.05 82.74 9.52
N GLY JA 91 109.97 82.72 8.56
CA GLY JA 91 110.96 81.68 8.49
C GLY JA 91 112.31 82.15 8.98
N PRO JA 92 113.19 81.21 9.31
CA PRO JA 92 114.55 81.58 9.74
C PRO JA 92 115.40 82.09 8.59
N PHE JA 93 115.28 81.47 7.42
CA PHE JA 93 116.14 81.83 6.30
C PHE JA 93 115.56 83.00 5.52
N ASP JA 94 116.31 83.46 4.51
CA ASP JA 94 115.97 84.62 3.71
C ASP JA 94 115.69 84.21 2.28
N LEU JA 95 114.54 84.63 1.76
CA LEU JA 95 114.01 84.12 0.51
C LEU JA 95 114.12 85.17 -0.60
N THR JA 96 114.84 84.84 -1.66
CA THR JA 96 115.06 85.77 -2.77
C THR JA 96 113.91 85.63 -3.78
N ASN JA 97 114.06 86.28 -4.93
CA ASN JA 97 113.01 86.28 -5.93
C ASN JA 97 113.03 84.99 -6.74
N GLY JA 98 111.84 84.55 -7.17
CA GLY JA 98 111.72 83.31 -7.90
C GLY JA 98 112.06 82.09 -7.08
N ASP JA 99 111.46 81.99 -5.88
CA ASP JA 99 111.70 80.88 -4.97
C ASP JA 99 110.37 80.23 -4.64
N HIS JA 100 110.26 78.93 -4.90
CA HIS JA 100 109.07 78.19 -4.47
C HIS JA 100 109.15 77.98 -2.97
N VAL JA 101 108.08 78.31 -2.28
CA VAL JA 101 108.07 78.31 -0.83
C VAL JA 101 107.43 77.03 -0.33
N CYS JA 102 107.65 76.72 0.94
CA CYS JA 102 107.08 75.51 1.53
C CYS JA 102 106.78 75.74 3.00
N LEU JA 103 105.64 75.23 3.45
CA LEU JA 103 105.25 75.35 4.85
C LEU JA 103 105.79 74.17 5.64
N VAL JA 104 106.51 74.48 6.72
CA VAL JA 104 107.09 73.45 7.59
C VAL JA 104 106.68 73.76 9.02
N PRO JA 105 106.32 72.76 9.82
CA PRO JA 105 105.96 73.03 11.22
C PRO JA 105 107.11 73.68 11.96
N PRO JA 106 106.82 74.46 13.01
CA PRO JA 106 107.89 75.12 13.74
C PRO JA 106 108.67 74.15 14.60
N LEU JA 107 109.90 74.56 14.92
CA LEU JA 107 110.86 73.70 15.59
C LEU JA 107 110.94 74.06 17.08
N LEU JA 108 111.21 73.04 17.89
CA LEU JA 108 111.48 73.18 19.33
C LEU JA 108 110.23 73.51 20.13
N GLY JA 109 109.11 73.76 19.45
CA GLY JA 109 107.92 74.21 20.16
C GLY JA 109 108.09 75.51 20.91
N ASP JA 110 109.03 76.36 20.48
CA ASP JA 110 109.32 77.58 21.22
C ASP JA 110 108.36 78.70 20.86
N GLU JA 111 107.98 78.80 19.60
CA GLU JA 111 107.21 79.93 19.09
C GLU JA 111 105.77 79.48 18.82
N CYS JA 112 104.87 79.84 19.73
CA CYS JA 112 103.44 79.63 19.53
C CYS JA 112 102.70 80.88 19.97
N LEU JA 113 101.38 80.81 20.06
CA LEU JA 113 100.56 81.96 20.49
C LEU JA 113 99.58 81.48 21.55
N ARG JA 114 100.00 81.51 22.80
CA ARG JA 114 99.14 81.12 23.90
C ARG JA 114 98.07 82.19 24.11
N LEU JA 115 96.86 81.91 23.63
CA LEU JA 115 95.74 82.83 23.75
C LEU JA 115 94.98 82.47 25.02
N THR JA 116 95.17 83.27 26.07
CA THR JA 116 94.54 83.02 27.36
C THR JA 116 93.10 83.49 27.42
N SER JA 117 92.69 84.40 26.55
CA SER JA 117 91.31 84.88 26.57
C SER JA 117 90.31 83.74 26.41
N ALA JA 118 90.70 82.70 25.67
CA ALA JA 118 89.83 81.54 25.47
C ALA JA 118 90.54 80.22 25.71
N ASN JA 119 91.78 80.21 26.19
CA ASN JA 119 92.51 78.99 26.49
C ASN JA 119 92.61 78.10 25.25
N LEU JA 120 93.36 78.60 24.27
CA LEU JA 120 93.70 77.83 23.09
C LEU JA 120 94.86 78.50 22.38
N GLU JA 121 95.74 77.70 21.80
CA GLU JA 121 96.93 78.22 21.14
C GLU JA 121 96.93 77.79 19.68
N LEU JA 122 97.45 78.68 18.83
CA LEU JA 122 97.55 78.43 17.40
C LEU JA 122 99.02 78.44 17.03
N ARG JA 123 99.48 77.34 16.42
CA ARG JA 123 100.89 77.17 16.07
C ARG JA 123 101.03 77.41 14.57
N PHE JA 124 101.19 78.66 14.19
CA PHE JA 124 101.37 78.99 12.79
C PHE JA 124 102.73 78.50 12.31
N PRO JA 125 102.77 77.74 11.22
CA PRO JA 125 104.05 77.19 10.74
C PRO JA 125 104.91 78.28 10.12
N MET JA 126 106.13 77.88 9.75
CA MET JA 126 107.11 78.78 9.17
C MET JA 126 107.29 78.48 7.68
N THR JA 127 107.69 79.51 6.93
CA THR JA 127 107.86 79.40 5.49
C THR JA 127 109.34 79.42 5.13
N LEU JA 128 109.81 78.35 4.49
CA LEU JA 128 111.19 78.19 4.09
C LEU JA 128 111.28 78.01 2.59
N PRO JA 129 112.43 78.35 1.99
CA PRO JA 129 112.65 77.99 0.59
C PRO JA 129 112.64 76.48 0.42
N LEU JA 130 112.31 76.04 -0.80
CA LEU JA 130 112.26 74.61 -1.07
C LEU JA 130 113.58 73.95 -0.77
N ALA JA 131 114.69 74.59 -1.16
CA ALA JA 131 115.99 73.95 -1.07
C ALA JA 131 116.34 73.57 0.36
N GLN JA 132 115.93 74.36 1.34
CA GLN JA 132 116.23 74.06 2.73
C GLN JA 132 115.15 73.23 3.40
N ALA JA 133 113.89 73.37 2.97
CA ALA JA 133 112.86 72.47 3.46
C ALA JA 133 113.18 71.03 3.08
N ARG JA 134 113.76 70.82 1.90
CA ARG JA 134 114.12 69.46 1.50
C ARG JA 134 115.18 68.88 2.43
N GLU JA 135 116.21 69.66 2.75
CA GLU JA 135 117.24 69.13 3.64
C GLU JA 135 116.68 68.90 5.05
N LEU JA 136 115.79 69.78 5.51
CA LEU JA 136 115.19 69.57 6.82
C LEU JA 136 114.39 68.28 6.87
N THR JA 137 113.50 68.09 5.89
CA THR JA 137 112.73 66.86 5.82
C THR JA 137 113.63 65.64 5.76
N ALA JA 138 114.71 65.74 4.98
CA ALA JA 138 115.64 64.62 4.85
C ALA JA 138 116.27 64.29 6.20
N ARG JA 139 116.74 65.31 6.92
CA ARG JA 139 117.39 65.07 8.21
C ARG JA 139 116.42 64.44 9.19
N VAL JA 140 115.17 64.93 9.23
CA VAL JA 140 114.22 64.41 10.19
C VAL JA 140 113.85 62.96 9.85
N VAL JA 141 113.65 62.66 8.57
CA VAL JA 141 113.28 61.29 8.24
C VAL JA 141 114.45 60.34 8.47
N ALA JA 142 115.68 60.81 8.27
CA ALA JA 142 116.85 59.97 8.58
C ALA JA 142 116.91 59.68 10.07
N ARG JA 143 116.73 60.71 10.90
CA ARG JA 143 116.78 60.50 12.34
C ARG JA 143 115.65 59.59 12.81
N ALA JA 144 114.47 59.71 12.20
CA ALA JA 144 113.36 58.83 12.56
C ALA JA 144 113.64 57.39 12.17
N ALA JA 145 114.16 57.17 10.97
CA ALA JA 145 114.53 55.83 10.55
C ALA JA 145 115.63 55.24 11.42
N GLU JA 146 116.49 56.08 11.99
CA GLU JA 146 117.60 55.58 12.80
C GLU JA 146 117.10 54.80 14.01
N THR JA 147 116.06 55.28 14.66
CA THR JA 147 115.56 54.67 15.89
C THR JA 147 114.63 53.51 15.54
N LEU JA 148 115.17 52.53 14.81
CA LEU JA 148 114.47 51.29 14.48
C LEU JA 148 113.02 51.46 14.06
N GLN JA 168 119.20 73.70 17.61
CA GLN JA 168 117.79 73.33 17.56
C GLN JA 168 117.63 71.82 17.35
N LEU JA 169 117.37 71.10 18.43
CA LEU JA 169 117.29 69.64 18.40
C LEU JA 169 116.05 69.19 19.16
N PRO JA 170 115.01 68.75 18.47
CA PRO JA 170 113.82 68.25 19.15
C PRO JA 170 113.90 66.75 19.36
N PRO JA 171 113.05 66.19 20.21
CA PRO JA 171 113.04 64.73 20.40
C PRO JA 171 112.03 64.07 19.48
N PRO JA 172 112.18 62.76 19.21
CA PRO JA 172 111.18 62.06 18.39
C PRO JA 172 109.98 61.61 19.19
N HIS JA 173 109.08 60.89 18.55
CA HIS JA 173 107.89 60.35 19.20
C HIS JA 173 107.85 58.84 19.24
N ARG JA 174 108.29 58.18 18.17
CA ARG JA 174 108.36 56.72 18.05
C ARG JA 174 106.98 56.06 18.10
N ASP JA 175 105.91 56.82 17.98
CA ASP JA 175 104.58 56.25 17.77
C ASP JA 175 104.19 56.27 16.30
N ASN JA 176 104.52 57.36 15.60
CA ASN JA 176 104.30 57.45 14.16
C ASN JA 176 105.61 57.48 13.37
N ALA JA 177 106.72 57.15 14.02
CA ALA JA 177 107.95 56.91 13.27
C ALA JA 177 107.80 55.69 12.35
N GLU JA 178 107.02 54.71 12.80
CA GLU JA 178 106.71 53.55 11.97
C GLU JA 178 106.18 54.00 10.61
N ALA JA 179 105.31 55.00 10.57
CA ALA JA 179 104.72 55.43 9.31
C ALA JA 179 105.78 56.05 8.40
N ALA JA 180 106.64 56.91 8.94
CA ALA JA 180 107.63 57.59 8.11
C ALA JA 180 108.62 56.59 7.55
N THR JA 181 109.22 55.76 8.42
CA THR JA 181 110.11 54.73 7.93
C THR JA 181 109.41 53.79 6.97
N ARG JA 182 108.11 53.53 7.19
CA ARG JA 182 107.36 52.68 6.29
C ARG JA 182 107.31 53.28 4.89
N SER JA 183 106.80 54.50 4.77
CA SER JA 183 106.72 55.15 3.47
C SER JA 183 108.09 55.19 2.80
N LEU JA 184 109.14 55.45 3.58
CA LEU JA 184 110.47 55.48 3.01
C LEU JA 184 110.86 54.13 2.43
N VAL JA 185 110.73 53.06 3.21
CA VAL JA 185 111.19 51.77 2.74
C VAL JA 185 110.29 51.24 1.63
N LEU JA 186 109.03 51.68 1.56
CA LEU JA 186 108.19 51.28 0.43
C LEU JA 186 108.66 51.97 -0.85
N ASN JA 187 108.77 53.30 -0.81
CA ASN JA 187 109.27 54.05 -1.96
C ASN JA 187 110.65 53.56 -2.37
N MET JA 188 111.36 52.91 -1.45
CA MET JA 188 112.68 52.39 -1.79
C MET JA 188 112.61 50.97 -2.36
N ILE JA 189 111.85 50.09 -1.71
CA ILE JA 189 111.78 48.71 -2.15
C ILE JA 189 111.20 48.61 -3.55
N PHE JA 190 110.31 49.53 -3.91
CA PHE JA 190 109.81 49.47 -5.27
C PHE JA 190 110.69 50.23 -6.24
N LEU JA 191 111.94 50.52 -5.84
CA LEU JA 191 112.95 51.01 -6.75
C LEU JA 191 113.88 49.91 -7.22
N LEU JA 192 113.84 48.73 -6.60
CA LEU JA 192 114.59 47.60 -7.10
C LEU JA 192 113.83 46.93 -8.24
N ASN JA 193 114.58 46.52 -9.26
CA ASN JA 193 113.98 46.08 -10.50
C ASN JA 193 114.99 45.21 -11.23
N GLU JA 194 114.48 44.40 -12.16
CA GLU JA 194 115.34 43.51 -12.92
C GLU JA 194 116.44 44.29 -13.64
N GLY JA 195 116.21 45.57 -13.94
CA GLY JA 195 117.25 46.39 -14.52
C GLY JA 195 118.15 47.09 -13.53
N ALA JA 196 117.75 47.12 -12.25
CA ALA JA 196 118.61 47.69 -11.23
C ALA JA 196 119.90 46.89 -11.07
N VAL JA 197 119.84 45.58 -11.29
CA VAL JA 197 121.06 44.78 -11.19
C VAL JA 197 122.00 45.07 -12.35
N ILE JA 198 121.45 45.29 -13.55
CA ILE JA 198 122.30 45.69 -14.67
C ILE JA 198 122.93 47.04 -14.40
N LEU JA 199 122.17 47.97 -13.82
CA LEU JA 199 122.77 49.27 -13.52
C LEU JA 199 123.78 49.18 -12.39
N LEU JA 200 123.62 48.20 -11.49
CA LEU JA 200 124.56 48.00 -10.39
C LEU JA 200 125.85 47.35 -10.85
N SER JA 201 125.79 46.45 -11.84
CA SER JA 201 126.97 45.75 -12.30
C SER JA 201 127.94 46.67 -13.04
N LEU JA 202 127.69 47.98 -13.00
CA LEU JA 202 128.56 48.97 -13.63
C LEU JA 202 129.23 49.87 -12.60
N ILE JA 203 129.03 49.60 -11.30
CA ILE JA 203 129.63 50.43 -10.27
C ILE JA 203 131.15 50.48 -10.37
N PRO JA 204 131.86 49.38 -10.61
CA PRO JA 204 133.31 49.51 -10.84
C PRO JA 204 133.62 50.32 -12.08
N ASN JA 205 132.85 50.16 -13.16
CA ASN JA 205 133.07 50.95 -14.36
C ASN JA 205 132.84 52.43 -14.12
N LEU JA 206 132.02 52.79 -13.13
CA LEU JA 206 131.85 54.19 -12.77
C LEU JA 206 132.98 54.68 -11.89
N LEU JA 207 133.39 53.86 -10.92
CA LEU JA 207 134.47 54.24 -10.02
C LEU JA 207 135.78 54.45 -10.78
N THR JA 208 136.07 53.59 -11.76
CA THR JA 208 137.24 53.82 -12.61
C THR JA 208 137.17 55.15 -13.35
N LEU JA 209 135.95 55.62 -13.67
CA LEU JA 209 135.84 56.95 -14.24
C LEU JA 209 136.00 58.02 -13.19
N GLY JA 210 135.73 57.69 -11.92
CA GLY JA 210 135.91 58.63 -10.84
C GLY JA 210 137.34 59.03 -10.56
N ALA JA 211 138.31 58.42 -11.23
CA ALA JA 211 139.71 58.79 -11.10
C ALA JA 211 140.29 59.47 -12.34
N GLN JA 212 139.75 59.16 -13.53
CA GLN JA 212 140.24 59.80 -14.75
C GLN JA 212 139.80 61.25 -14.84
N ASP JA 213 138.57 61.53 -14.46
CA ASP JA 213 137.99 62.87 -14.55
C ASP JA 213 137.71 63.43 -13.16
N GLY JA 214 137.79 64.76 -13.04
CA GLY JA 214 137.56 65.44 -11.79
C GLY JA 214 136.09 65.61 -11.46
N TYR JA 215 135.28 65.96 -12.45
CA TYR JA 215 133.84 66.04 -12.23
C TYR JA 215 133.24 64.68 -11.92
N ALA JA 216 133.84 63.61 -12.46
CA ALA JA 216 133.37 62.28 -12.13
C ALA JA 216 133.56 61.97 -10.65
N ASN JA 217 134.70 62.38 -10.09
CA ASN JA 217 134.87 62.29 -8.64
C ASN JA 217 133.97 63.26 -7.91
N ALA JA 218 133.61 64.38 -8.57
CA ALA JA 218 132.78 65.38 -7.92
C ALA JA 218 131.35 64.87 -7.71
N VAL JA 219 130.77 64.25 -8.73
CA VAL JA 219 129.36 63.86 -8.66
C VAL JA 219 129.13 62.82 -7.58
N ILE JA 220 130.15 62.05 -7.22
CA ILE JA 220 130.06 61.05 -6.17
C ILE JA 220 130.56 61.68 -4.88
N GLN JA 221 129.74 61.61 -3.83
CA GLN JA 221 130.09 62.25 -2.57
C GLN JA 221 131.21 61.48 -1.86
N LEU JA 222 131.57 61.95 -0.67
CA LEU JA 222 132.70 61.38 0.06
C LEU JA 222 132.32 60.07 0.73
N GLY JA 223 131.30 60.09 1.58
CA GLY JA 223 130.90 58.90 2.31
C GLY JA 223 129.73 58.20 1.66
N SER JA 224 129.78 58.07 0.33
CA SER JA 224 128.60 57.68 -0.43
C SER JA 224 128.21 56.22 -0.29
N ALA JA 225 128.89 55.42 0.53
CA ALA JA 225 128.48 54.04 0.77
C ALA JA 225 128.40 53.19 -0.49
N THR JA 226 128.89 53.71 -1.62
CA THR JA 226 129.11 52.93 -2.83
C THR JA 226 130.57 52.86 -3.22
N ARG JA 227 131.29 53.99 -3.13
CA ARG JA 227 132.73 53.98 -3.32
C ARG JA 227 133.43 53.14 -2.25
N GLU JA 228 132.77 52.91 -1.10
CA GLU JA 228 133.25 51.89 -0.18
C GLU JA 228 132.95 50.50 -0.71
N LEU JA 229 131.71 50.26 -1.15
CA LEU JA 229 131.34 48.98 -1.73
C LEU JA 229 132.22 48.63 -2.92
N GLY JA 230 132.58 49.63 -3.73
CA GLY JA 230 133.24 49.41 -5.00
C GLY JA 230 134.50 48.58 -4.98
N GLN JA 231 135.15 48.49 -3.81
CA GLN JA 231 136.38 47.74 -3.68
C GLN JA 231 136.26 46.49 -2.82
N LEU JA 232 135.15 46.32 -2.11
CA LEU JA 232 135.04 45.26 -1.11
C LEU JA 232 134.28 44.04 -1.62
N VAL JA 233 133.70 44.09 -2.82
CA VAL JA 233 133.13 42.91 -3.44
C VAL JA 233 133.46 42.88 -4.91
N ARG JA 234 133.10 41.76 -5.54
CA ARG JA 234 133.14 41.61 -6.98
C ARG JA 234 131.81 41.02 -7.43
N GLN JA 235 131.47 41.25 -8.69
CA GLN JA 235 130.21 40.81 -9.23
C GLN JA 235 130.42 40.31 -10.64
N PRO JA 236 129.74 39.25 -11.04
CA PRO JA 236 129.88 38.74 -12.40
C PRO JA 236 128.98 39.51 -13.35
N PRO JA 237 129.20 39.38 -14.66
CA PRO JA 237 128.25 39.95 -15.62
C PRO JA 237 126.85 39.42 -15.37
N PRO JA 238 125.83 40.27 -15.51
CA PRO JA 238 124.48 39.90 -15.09
C PRO JA 238 123.90 38.82 -15.97
N PRO JA 239 123.23 37.83 -15.39
CA PRO JA 239 122.65 36.75 -16.19
C PRO JA 239 121.54 37.26 -17.08
N LEU JA 240 121.45 36.69 -18.27
CA LEU JA 240 120.48 37.13 -19.27
C LEU JA 240 119.06 36.83 -18.79
N PRO JA 241 118.21 37.83 -18.66
CA PRO JA 241 116.83 37.61 -18.18
C PRO JA 241 115.98 36.95 -19.26
N GLN JA 242 114.70 36.79 -18.94
CA GLN JA 242 113.75 36.20 -19.88
C GLN JA 242 113.32 37.23 -20.92
N ASP JA 243 113.14 36.78 -22.16
CA ASP JA 243 112.61 37.57 -23.27
C ASP JA 243 113.42 38.83 -23.56
N HIS JA 244 114.66 38.92 -23.06
CA HIS JA 244 115.48 40.11 -23.24
C HIS JA 244 115.88 40.34 -24.70
N ALA JA 245 115.69 39.35 -25.58
CA ALA JA 245 115.89 39.63 -27.00
C ALA JA 245 114.81 40.54 -27.56
N ARG JA 246 113.69 40.69 -26.84
CA ARG JA 246 112.58 41.52 -27.27
C ARG JA 246 112.48 42.80 -26.45
N ARG JA 247 112.41 42.69 -25.13
CA ARG JA 247 112.28 43.84 -24.26
C ARG JA 247 113.63 44.24 -23.68
N PHE JA 248 113.78 45.53 -23.43
CA PHE JA 248 114.93 46.09 -22.74
C PHE JA 248 114.49 46.57 -21.37
N CYS JA 249 115.36 46.40 -20.38
CA CYS JA 249 115.00 46.59 -18.98
C CYS JA 249 115.58 47.85 -18.37
N VAL JA 250 116.77 48.28 -18.79
CA VAL JA 250 117.39 49.44 -18.17
C VAL JA 250 116.55 50.69 -18.42
N PHE JA 251 115.88 50.76 -19.57
CA PHE JA 251 115.02 51.90 -19.84
C PHE JA 251 113.80 51.89 -18.92
N GLU JA 252 113.19 50.72 -18.72
CA GLU JA 252 112.08 50.62 -17.78
C GLU JA 252 112.51 51.04 -16.38
N ALA JA 253 113.68 50.57 -15.96
CA ALA JA 253 114.20 50.94 -14.64
C ALA JA 253 114.41 52.44 -14.53
N LEU JA 254 115.03 53.05 -15.54
CA LEU JA 254 115.28 54.48 -15.49
C LEU JA 254 113.97 55.27 -15.46
N GLU JA 255 113.00 54.88 -16.30
CA GLU JA 255 111.71 55.55 -16.31
C GLU JA 255 111.02 55.44 -14.95
N ALA JA 256 111.06 54.24 -14.37
CA ALA JA 256 110.48 54.05 -13.05
C ALA JA 256 111.14 54.96 -12.02
N TRP JA 257 112.47 55.08 -12.09
CA TRP JA 257 113.17 55.92 -11.13
C TRP JA 257 112.82 57.39 -11.31
N ILE JA 258 112.69 57.85 -12.56
CA ILE JA 258 112.26 59.23 -12.78
C ILE JA 258 110.89 59.46 -12.18
N ALA JA 259 109.95 58.56 -12.49
CA ALA JA 259 108.58 58.72 -12.00
C ALA JA 259 108.54 58.73 -10.48
N SER JA 260 109.34 57.88 -9.83
CA SER JA 260 109.35 57.84 -8.38
C SER JA 260 109.99 59.10 -7.79
N ALA JA 261 111.25 59.36 -8.14
CA ALA JA 261 111.98 60.47 -7.55
C ALA JA 261 111.33 61.82 -7.84
N SER JA 262 110.59 61.94 -8.94
CA SER JA 262 109.83 63.16 -9.18
C SER JA 262 108.82 63.43 -8.08
N ARG JA 263 108.45 62.41 -7.30
CA ARG JA 263 107.41 62.51 -6.28
C ARG JA 263 107.92 62.09 -4.91
N LEU JA 264 109.23 62.01 -4.73
CA LEU JA 264 109.78 61.68 -3.42
C LEU JA 264 109.54 62.80 -2.41
N GLY JA 265 110.06 64.00 -2.71
CA GLY JA 265 110.01 65.11 -1.78
C GLY JA 265 108.63 65.46 -1.27
N ASP JA 266 107.57 65.02 -1.95
CA ASP JA 266 106.22 65.30 -1.48
C ASP JA 266 105.81 64.35 -0.35
N THR JA 267 105.77 63.05 -0.64
CA THR JA 267 105.23 62.05 0.29
C THR JA 267 105.96 62.01 1.63
N LEU JA 268 107.09 62.71 1.77
CA LEU JA 268 107.77 62.82 3.05
C LEU JA 268 107.68 64.22 3.65
N GLY JA 269 107.57 65.26 2.84
CA GLY JA 269 107.45 66.61 3.34
C GLY JA 269 106.18 67.30 2.88
N THR JA 270 106.32 68.47 2.27
CA THR JA 270 105.20 69.24 1.79
C THR JA 270 105.49 69.71 0.38
N ARG JA 271 104.45 69.78 -0.45
CA ARG JA 271 104.61 70.25 -1.80
C ARG JA 271 104.81 71.75 -1.83
N PRO JA 272 105.50 72.28 -2.83
CA PRO JA 272 105.65 73.74 -2.94
C PRO JA 272 104.30 74.40 -3.14
N VAL JA 273 103.94 75.28 -2.21
CA VAL JA 273 102.58 75.81 -2.20
C VAL JA 273 102.43 77.02 -3.12
N ALA JA 274 103.49 77.81 -3.31
CA ALA JA 274 103.43 79.00 -4.16
C ALA JA 274 104.86 79.49 -4.34
N ARG JA 275 105.01 80.59 -5.08
CA ARG JA 275 106.31 81.17 -5.37
C ARG JA 275 106.23 82.69 -5.33
N VAL JA 276 107.37 83.32 -5.12
CA VAL JA 276 107.45 84.76 -4.92
C VAL JA 276 107.78 85.43 -6.24
N CYS JA 277 107.43 86.72 -6.34
CA CYS JA 277 107.79 87.53 -7.49
C CYS JA 277 107.69 89.00 -7.12
N ILE JA 278 108.71 89.76 -7.50
CA ILE JA 278 108.80 91.19 -7.20
C ILE JA 278 109.06 91.93 -8.53
N PHE JA 279 108.97 93.26 -8.47
CA PHE JA 279 109.25 94.10 -9.63
C PHE JA 279 110.57 94.84 -9.49
N ASP JA 280 110.74 95.66 -8.45
CA ASP JA 280 111.78 96.67 -8.42
C ASP JA 280 112.73 96.56 -7.23
N GLY JA 281 112.20 96.34 -6.03
CA GLY JA 281 112.95 96.57 -4.81
C GLY JA 281 114.06 95.58 -4.54
N PRO JA 282 114.45 95.48 -3.27
CA PRO JA 282 115.54 94.57 -2.89
C PRO JA 282 115.17 93.12 -3.16
N PRO JA 283 116.11 92.31 -3.64
CA PRO JA 283 115.78 90.93 -3.98
C PRO JA 283 115.23 90.12 -2.82
N THR JA 284 115.97 90.10 -1.71
CA THR JA 284 115.60 89.30 -0.56
C THR JA 284 114.58 90.02 0.30
N VAL JA 285 113.78 89.25 1.03
CA VAL JA 285 112.86 89.76 2.03
C VAL JA 285 113.22 89.14 3.38
N PRO JA 286 113.99 89.83 4.21
CA PRO JA 286 114.36 89.31 5.52
C PRO JA 286 113.12 88.98 6.35
N PRO JA 287 113.27 88.14 7.38
CA PRO JA 287 112.09 87.62 8.08
C PRO JA 287 111.24 88.72 8.71
N GLY JA 288 110.00 88.36 9.01
CA GLY JA 288 109.04 89.27 9.62
C GLY JA 288 108.64 90.39 8.69
N GLU JA 289 108.42 90.07 7.42
CA GLU JA 289 108.14 91.08 6.41
C GLU JA 289 107.11 90.52 5.44
N LYS JA 290 106.37 91.43 4.79
CA LYS JA 290 105.35 91.03 3.84
C LYS JA 290 105.96 90.86 2.46
N ALA JA 291 105.62 89.74 1.81
CA ALA JA 291 106.12 89.45 0.46
C ALA JA 291 104.95 89.05 -0.42
N ALA JA 292 104.84 89.71 -1.58
CA ALA JA 292 103.77 89.40 -2.53
C ALA JA 292 104.16 88.20 -3.38
N VAL JA 293 103.30 87.19 -3.40
CA VAL JA 293 103.59 85.94 -4.09
C VAL JA 293 102.45 85.62 -5.05
N VAL JA 294 102.81 85.01 -6.18
CA VAL JA 294 101.83 84.35 -7.03
C VAL JA 294 101.63 82.96 -6.45
N GLU JA 295 100.59 82.26 -6.89
CA GLU JA 295 100.27 80.93 -6.38
C GLU JA 295 100.42 79.90 -7.49
N VAL JA 296 101.22 78.88 -7.23
CA VAL JA 296 101.44 77.80 -8.20
C VAL JA 296 101.39 76.45 -7.49
N ARG KA 3 -72.99 11.33 24.91
CA ARG KA 3 -74.03 12.14 24.28
C ARG KA 3 -75.15 12.46 25.28
N PRO KA 4 -74.85 13.33 26.23
CA PRO KA 4 -75.81 13.59 27.31
C PRO KA 4 -77.00 14.43 26.87
N ALA KA 5 -77.92 14.67 27.80
CA ALA KA 5 -79.05 15.55 27.52
C ALA KA 5 -78.57 16.97 27.25
N ILE KA 6 -79.34 17.68 26.43
CA ILE KA 6 -78.95 19.04 26.06
C ILE KA 6 -79.65 20.05 26.96
N LEU KA 7 -80.98 19.99 27.05
CA LEU KA 7 -81.72 20.82 28.00
C LEU KA 7 -82.56 19.93 28.90
N PRO KA 8 -82.51 20.15 30.21
CA PRO KA 8 -83.37 19.39 31.12
C PRO KA 8 -84.81 19.87 31.06
N SER KA 9 -85.72 18.99 31.46
CA SER KA 9 -87.13 19.35 31.52
C SER KA 9 -87.50 19.90 32.88
N GLY KA 10 -87.29 19.13 33.92
CA GLY KA 10 -87.59 19.56 35.28
C GLY KA 10 -86.41 19.32 36.20
N GLN KA 11 -86.24 20.21 37.17
CA GLN KA 11 -85.16 20.10 38.13
C GLN KA 11 -85.41 18.92 39.06
N ILE KA 12 -84.44 18.64 39.92
CA ILE KA 12 -84.53 17.57 40.91
C ILE KA 12 -84.44 18.21 42.29
N LEU KA 13 -85.12 17.61 43.26
CA LEU KA 13 -85.18 18.19 44.59
C LEU KA 13 -84.39 17.40 45.63
N SER KA 14 -84.41 16.07 45.57
CA SER KA 14 -83.71 15.29 46.58
C SER KA 14 -82.20 15.48 46.45
N ASN KA 15 -81.56 15.63 47.60
CA ASN KA 15 -80.10 15.70 47.69
C ASN KA 15 -79.65 14.48 48.47
N ILE KA 16 -79.10 13.49 47.75
CA ILE KA 16 -78.74 12.22 48.37
C ILE KA 16 -77.52 11.67 47.64
N GLU KA 17 -76.67 10.97 48.39
CA GLU KA 17 -75.55 10.26 47.78
C GLU KA 17 -76.07 9.21 46.81
N VAL KA 18 -75.60 9.28 45.56
CA VAL KA 18 -76.13 8.42 44.51
C VAL KA 18 -75.33 7.15 44.29
N HIS KA 19 -74.02 7.16 44.59
CA HIS KA 19 -73.21 5.96 44.35
C HIS KA 19 -73.67 4.80 45.24
N SER KA 20 -74.15 5.10 46.44
CA SER KA 20 -74.67 4.05 47.31
C SER KA 20 -76.00 3.49 46.83
N HIS KA 21 -76.66 4.17 45.89
CA HIS KA 21 -77.97 3.77 45.40
C HIS KA 21 -77.94 3.33 43.94
N ARG KA 22 -76.85 2.68 43.51
CA ARG KA 22 -76.75 2.27 42.12
C ARG KA 22 -77.67 1.11 41.77
N ALA KA 23 -78.36 0.53 42.76
CA ALA KA 23 -79.24 -0.61 42.50
C ALA KA 23 -80.43 -0.21 41.64
N LEU KA 24 -81.06 0.92 41.94
CA LEU KA 24 -82.29 1.30 41.26
C LEU KA 24 -82.10 1.58 39.78
N PHE KA 25 -80.89 1.95 39.35
CA PHE KA 25 -80.64 2.39 38.00
C PHE KA 25 -80.24 1.23 37.10
N ASP KA 26 -80.32 1.46 35.79
CA ASP KA 26 -80.03 0.43 34.80
C ASP KA 26 -78.56 0.47 34.38
N ILE KA 27 -78.12 1.58 33.82
CA ILE KA 27 -76.71 1.86 33.60
C ILE KA 27 -76.37 3.10 34.41
N PHE KA 28 -75.15 3.15 34.94
CA PHE KA 28 -74.77 4.21 35.87
C PHE KA 28 -73.28 4.48 35.68
N LYS KA 29 -72.96 5.65 35.13
CA LYS KA 29 -71.58 6.00 34.82
C LYS KA 29 -71.23 7.30 35.53
N ARG KA 30 -70.16 7.27 36.32
CA ARG KA 30 -69.69 8.45 37.04
C ARG KA 30 -68.26 8.76 36.63
N PHE KA 31 -68.07 9.87 35.93
CA PHE KA 31 -66.75 10.39 35.63
C PHE KA 31 -66.36 11.38 36.71
N ARG KA 32 -65.06 11.64 36.80
CA ARG KA 32 -64.58 12.46 37.92
C ARG KA 32 -64.92 13.92 37.71
N SER KA 33 -64.30 14.56 36.72
CA SER KA 33 -64.51 16.00 36.52
C SER KA 33 -64.12 16.33 35.10
N ASP KA 34 -65.10 16.69 34.27
CA ASP KA 34 -64.87 17.11 32.89
C ASP KA 34 -64.09 16.04 32.12
N ASP KA 35 -64.76 14.91 31.92
CA ASP KA 35 -64.23 13.89 31.04
C ASP KA 35 -64.21 14.41 29.61
N ASN KA 36 -63.12 14.14 28.90
CA ASN KA 36 -62.97 14.63 27.53
C ASN KA 36 -63.72 13.79 26.50
N ASN KA 37 -64.62 12.91 26.95
CA ASN KA 37 -65.33 12.01 26.06
C ASN KA 37 -66.72 12.51 25.69
N LEU KA 38 -67.37 13.27 26.57
CA LEU KA 38 -68.74 13.70 26.33
C LEU KA 38 -68.85 14.82 25.29
N TYR KA 39 -67.76 15.13 24.60
CA TYR KA 39 -67.72 16.25 23.67
C TYR KA 39 -67.88 15.83 22.22
N GLY KA 40 -67.01 14.96 21.72
CA GLY KA 40 -67.04 14.60 20.30
C GLY KA 40 -68.38 13.99 19.92
N ALA KA 41 -68.92 14.45 18.79
CA ALA KA 41 -70.22 14.01 18.31
C ALA KA 41 -70.08 13.52 16.88
N GLU KA 42 -70.33 12.24 16.67
CA GLU KA 42 -70.38 11.64 15.34
C GLU KA 42 -71.83 11.34 15.00
N PHE KA 43 -72.14 11.30 13.71
CA PHE KA 43 -73.50 11.04 13.27
C PHE KA 43 -73.47 10.27 11.96
N ASP KA 44 -74.58 9.60 11.67
CA ASP KA 44 -74.79 8.91 10.41
C ASP KA 44 -75.64 9.80 9.51
N ALA KA 45 -75.55 9.57 8.20
CA ALA KA 45 -76.20 10.47 7.26
C ALA KA 45 -76.63 9.71 6.02
N LEU KA 46 -77.74 10.17 5.44
CA LEU KA 46 -78.22 9.70 4.14
C LEU KA 46 -78.19 10.87 3.17
N LEU KA 47 -77.57 10.66 2.01
CA LEU KA 47 -77.19 11.75 1.11
C LEU KA 47 -77.93 11.60 -0.21
N GLY KA 48 -79.14 12.13 -0.27
CA GLY KA 48 -79.89 12.14 -1.51
C GLY KA 48 -80.55 10.81 -1.85
N THR KA 49 -81.74 10.88 -2.44
CA THR KA 49 -82.52 9.70 -2.79
C THR KA 49 -83.05 9.84 -4.21
N TYR KA 50 -82.80 8.82 -5.03
CA TYR KA 50 -83.09 8.88 -6.46
C TYR KA 50 -84.21 7.92 -6.80
N CYS KA 51 -85.34 8.47 -7.24
CA CYS KA 51 -86.52 7.70 -7.61
C CYS KA 51 -86.70 7.76 -9.12
N SER KA 52 -87.32 6.74 -9.69
CA SER KA 52 -87.54 6.69 -11.12
C SER KA 52 -88.97 7.11 -11.45
N THR KA 53 -89.19 7.45 -12.72
CA THR KA 53 -90.51 7.84 -13.19
C THR KA 53 -90.84 7.01 -14.42
N LEU KA 54 -92.12 6.67 -14.58
CA LEU KA 54 -92.54 5.84 -15.70
C LEU KA 54 -92.63 6.67 -16.97
N SER KA 55 -92.35 6.01 -18.09
CA SER KA 55 -92.40 6.63 -19.41
C SER KA 55 -93.71 6.25 -20.08
N LEU KA 56 -94.60 7.23 -20.23
CA LEU KA 56 -95.89 6.99 -20.87
C LEU KA 56 -95.70 6.91 -22.38
N VAL KA 57 -96.38 5.96 -23.00
CA VAL KA 57 -96.42 5.83 -24.45
C VAL KA 57 -97.88 5.75 -24.89
N ARG KA 58 -98.21 6.48 -25.95
CA ARG KA 58 -99.51 6.37 -26.60
C ARG KA 58 -99.38 5.46 -27.80
N PHE KA 59 -100.50 4.85 -28.21
CA PHE KA 59 -100.43 3.97 -29.36
C PHE KA 59 -100.53 4.74 -30.68
N LEU KA 60 -101.44 5.71 -30.76
CA LEU KA 60 -101.56 6.51 -31.97
C LEU KA 60 -100.29 7.29 -32.27
N GLU KA 61 -99.60 7.75 -31.23
CA GLU KA 61 -98.35 8.47 -31.41
C GLU KA 61 -97.27 7.60 -32.04
N LEU KA 62 -97.38 6.28 -31.94
CA LEU KA 62 -96.40 5.40 -32.56
C LEU KA 62 -96.55 5.42 -34.08
N GLY KA 63 -95.55 4.87 -34.76
CA GLY KA 63 -95.58 4.78 -36.20
C GLY KA 63 -96.36 3.60 -36.72
N LEU KA 64 -96.61 2.63 -35.84
CA LEU KA 64 -97.35 1.43 -36.20
C LEU KA 64 -98.82 1.70 -36.48
N SER KA 65 -99.36 2.84 -36.02
CA SER KA 65 -100.80 3.09 -36.08
C SER KA 65 -101.38 2.99 -37.47
N VAL KA 66 -100.62 3.37 -38.51
CA VAL KA 66 -101.16 3.37 -39.87
C VAL KA 66 -101.38 1.96 -40.41
N ALA KA 67 -101.02 0.93 -39.64
CA ALA KA 67 -101.25 -0.43 -40.09
C ALA KA 67 -102.70 -0.88 -39.91
N CYS KA 68 -103.36 -0.43 -38.84
CA CYS KA 68 -104.68 -0.90 -38.47
C CYS KA 68 -105.61 0.26 -38.17
N VAL KA 69 -106.90 0.05 -38.45
CA VAL KA 69 -107.95 1.02 -38.15
C VAL KA 69 -108.56 0.63 -36.81
N CYS KA 70 -108.06 1.23 -35.74
CA CYS KA 70 -108.59 0.99 -34.41
C CYS KA 70 -109.91 1.74 -34.24
N THR KA 71 -110.98 1.03 -33.90
CA THR KA 71 -112.28 1.63 -33.66
C THR KA 71 -112.89 1.05 -32.39
N LYS KA 72 -113.54 1.90 -31.61
CA LYS KA 72 -114.21 1.44 -30.40
C LYS KA 72 -115.49 0.71 -30.76
N PHE KA 73 -115.74 -0.38 -30.03
CA PHE KA 73 -116.92 -1.21 -30.24
C PHE KA 73 -117.39 -1.74 -28.90
N PRO KA 74 -118.21 -0.98 -28.17
CA PRO KA 74 -118.52 -1.32 -26.78
C PRO KA 74 -119.41 -2.55 -26.62
N GLU KA 75 -119.68 -3.26 -27.72
CA GLU KA 75 -120.56 -4.43 -27.67
C GLU KA 75 -119.87 -5.72 -28.08
N LEU KA 76 -118.55 -5.74 -28.25
CA LEU KA 76 -117.85 -6.94 -28.68
C LEU KA 76 -118.01 -8.11 -27.72
N SER KA 77 -118.42 -7.86 -26.47
CA SER KA 77 -118.58 -8.95 -25.52
C SER KA 77 -119.78 -9.84 -25.84
N TYR KA 78 -120.67 -9.41 -26.74
CA TYR KA 78 -121.85 -10.21 -27.07
C TYR KA 78 -121.78 -10.84 -28.45
N VAL KA 79 -120.84 -10.41 -29.29
CA VAL KA 79 -120.91 -10.78 -30.71
C VAL KA 79 -120.41 -12.20 -30.89
N ALA KA 80 -121.19 -13.01 -31.60
CA ALA KA 80 -120.79 -14.34 -32.03
C ALA KA 80 -119.94 -14.21 -33.30
N GLU KA 81 -119.75 -15.30 -34.03
CA GLU KA 81 -118.89 -15.29 -35.20
C GLU KA 81 -119.28 -14.17 -36.17
N GLY KA 82 -118.40 -13.19 -36.29
CA GLY KA 82 -118.65 -12.01 -37.10
C GLY KA 82 -117.91 -12.09 -38.41
N THR KA 83 -118.42 -11.39 -39.42
CA THR KA 83 -117.93 -11.54 -40.78
C THR KA 83 -117.83 -10.19 -41.48
N ILE KA 84 -117.18 -10.22 -42.64
CA ILE KA 84 -117.21 -9.13 -43.61
C ILE KA 84 -117.31 -9.77 -44.99
N GLN KA 85 -117.77 -9.00 -45.96
CA GLN KA 85 -118.06 -9.53 -47.29
C GLN KA 85 -117.37 -8.71 -48.37
N PHE KA 86 -116.76 -9.39 -49.33
CA PHE KA 86 -116.16 -8.78 -50.50
C PHE KA 86 -116.91 -9.22 -51.75
N GLU KA 87 -116.81 -8.42 -52.80
CA GLU KA 87 -117.31 -8.80 -54.12
C GLU KA 87 -116.46 -8.07 -55.16
N VAL KA 88 -115.66 -8.83 -55.91
CA VAL KA 88 -114.74 -8.29 -56.89
C VAL KA 88 -115.09 -8.86 -58.25
N GLN KA 89 -114.91 -8.05 -59.29
CA GLN KA 89 -115.24 -8.44 -60.66
C GLN KA 89 -114.00 -8.30 -61.52
N GLN KA 90 -113.50 -9.42 -62.02
CA GLN KA 90 -112.29 -9.40 -62.83
C GLN KA 90 -112.60 -8.87 -64.24
N PRO KA 91 -111.63 -8.23 -64.87
CA PRO KA 91 -111.82 -7.82 -66.28
C PRO KA 91 -111.71 -9.01 -67.21
N MET KA 92 -111.90 -8.77 -68.51
CA MET KA 92 -111.78 -9.81 -69.51
C MET KA 92 -111.48 -9.16 -70.84
N ILE KA 93 -110.65 -9.81 -71.65
CA ILE KA 93 -110.32 -9.31 -72.98
C ILE KA 93 -110.95 -10.24 -74.01
N ALA KA 94 -111.68 -9.66 -74.95
CA ALA KA 94 -112.17 -10.44 -76.07
C ALA KA 94 -111.00 -10.78 -76.99
N ARG KA 95 -111.10 -11.95 -77.63
CA ARG KA 95 -110.04 -12.42 -78.51
C ARG KA 95 -110.65 -13.35 -79.56
N ASP KA 96 -109.90 -13.54 -80.64
CA ASP KA 96 -110.30 -14.43 -81.70
C ASP KA 96 -109.34 -15.61 -81.78
N GLY KA 97 -109.84 -16.73 -82.29
CA GLY KA 97 -109.05 -17.92 -82.43
C GLY KA 97 -109.85 -19.17 -82.14
N PRO KA 98 -109.16 -20.30 -81.97
CA PRO KA 98 -109.87 -21.55 -81.66
C PRO KA 98 -110.55 -21.53 -80.30
N HIS KA 99 -109.84 -21.07 -79.27
CA HIS KA 99 -110.38 -21.09 -77.93
C HIS KA 99 -111.53 -20.09 -77.82
N PRO KA 100 -112.66 -20.49 -77.23
CA PRO KA 100 -113.89 -19.70 -77.34
C PRO KA 100 -113.82 -18.43 -76.50
N ALA KA 101 -114.70 -17.50 -76.86
CA ALA KA 101 -114.86 -16.28 -76.08
C ALA KA 101 -115.26 -16.60 -74.65
N ASP KA 102 -114.77 -15.80 -73.72
CA ASP KA 102 -115.01 -16.01 -72.30
C ASP KA 102 -116.01 -14.99 -71.78
N GLN KA 103 -116.90 -15.45 -70.93
CA GLN KA 103 -117.85 -14.60 -70.24
C GLN KA 103 -117.19 -13.95 -69.03
N PRO KA 104 -117.66 -12.77 -68.62
CA PRO KA 104 -117.11 -12.16 -67.41
C PRO KA 104 -117.37 -13.04 -66.20
N VAL KA 105 -116.50 -12.91 -65.20
CA VAL KA 105 -116.51 -13.77 -64.01
C VAL KA 105 -116.74 -12.90 -62.78
N HIS KA 106 -117.61 -13.34 -61.90
CA HIS KA 106 -117.83 -12.73 -60.60
C HIS KA 106 -117.56 -13.75 -59.51
N ASN KA 107 -117.31 -13.27 -58.31
CA ASN KA 107 -117.05 -14.17 -57.19
C ASN KA 107 -117.22 -13.41 -55.89
N TYR KA 108 -117.87 -14.05 -54.93
CA TYR KA 108 -118.06 -13.52 -53.58
C TYR KA 108 -117.13 -14.24 -52.62
N MET KA 109 -116.73 -13.53 -51.57
CA MET KA 109 -115.81 -14.09 -50.59
C MET KA 109 -116.03 -13.38 -49.27
N ILE KA 110 -116.02 -14.15 -48.18
CA ILE KA 110 -116.21 -13.62 -46.84
C ILE KA 110 -115.14 -14.19 -45.93
N LYS KA 111 -114.84 -13.43 -44.87
CA LYS KA 111 -113.92 -13.87 -43.83
C LYS KA 111 -114.63 -13.75 -42.48
N ARG KA 112 -114.00 -14.32 -41.45
CA ARG KA 112 -114.57 -14.33 -40.12
C ARG KA 112 -113.64 -13.62 -39.14
N LEU KA 113 -114.20 -13.10 -38.06
CA LEU KA 113 -113.41 -12.42 -37.06
C LEU KA 113 -112.59 -13.42 -36.24
N ASP KA 114 -111.47 -12.95 -35.70
CA ASP KA 114 -110.65 -13.71 -34.77
C ASP KA 114 -110.67 -12.98 -33.44
N ARG KA 115 -110.79 -13.74 -32.35
CA ARG KA 115 -111.06 -13.18 -31.04
C ARG KA 115 -109.92 -13.46 -30.08
N ARG KA 116 -109.36 -12.39 -29.50
CA ARG KA 116 -108.34 -12.47 -28.48
C ARG KA 116 -108.75 -11.56 -27.33
N SER KA 117 -108.05 -11.69 -26.20
CA SER KA 117 -108.47 -10.99 -24.99
C SER KA 117 -107.25 -10.53 -24.19
N LEU KA 118 -107.18 -9.22 -23.94
CA LEU KA 118 -106.20 -8.63 -23.05
C LEU KA 118 -106.49 -9.02 -21.62
N ASN KA 119 -105.44 -8.98 -20.79
CA ASN KA 119 -105.61 -9.16 -19.35
C ASN KA 119 -104.32 -8.77 -18.65
N ALA KA 120 -104.48 -8.09 -17.51
CA ALA KA 120 -103.36 -7.80 -16.63
C ALA KA 120 -103.72 -8.22 -15.21
N ALA KA 121 -102.85 -7.96 -14.24
CA ALA KA 121 -103.12 -8.31 -12.86
C ALA KA 121 -102.64 -7.18 -11.97
N PHE KA 122 -103.38 -6.95 -10.89
CA PHE KA 122 -103.15 -5.77 -10.05
C PHE KA 122 -103.71 -6.05 -8.67
N SER KA 123 -102.84 -6.14 -7.68
CA SER KA 123 -103.23 -6.41 -6.30
C SER KA 123 -103.09 -5.16 -5.44
N ILE KA 124 -103.68 -5.24 -4.24
CA ILE KA 124 -103.60 -4.16 -3.27
C ILE KA 124 -103.62 -4.77 -1.87
N ALA KA 125 -102.61 -4.43 -1.06
CA ALA KA 125 -102.37 -5.09 0.22
C ALA KA 125 -103.53 -4.88 1.18
N VAL KA 126 -103.56 -5.68 2.24
CA VAL KA 126 -104.74 -5.73 3.10
C VAL KA 126 -104.76 -4.55 4.06
N GLU KA 127 -103.65 -4.28 4.76
CA GLU KA 127 -103.65 -3.21 5.75
C GLU KA 127 -103.50 -1.84 5.10
N ALA KA 128 -103.26 -1.77 3.79
CA ALA KA 128 -103.39 -0.54 3.05
C ALA KA 128 -104.84 -0.24 2.69
N LEU KA 129 -105.63 -1.26 2.36
CA LEU KA 129 -107.05 -1.07 2.13
C LEU KA 129 -107.74 -0.49 3.36
N GLY KA 130 -107.32 -0.94 4.55
CA GLY KA 130 -107.87 -0.37 5.78
C GLY KA 130 -107.49 1.09 5.94
N LEU KA 131 -106.21 1.41 5.75
CA LEU KA 131 -105.77 2.80 5.86
C LEU KA 131 -106.44 3.68 4.82
N ILE KA 132 -106.91 3.10 3.71
CA ILE KA 132 -107.67 3.89 2.75
C ILE KA 132 -109.13 3.97 3.17
N SER KA 133 -109.69 2.86 3.64
CA SER KA 133 -111.10 2.83 4.01
C SER KA 133 -111.37 3.62 5.28
N GLY KA 134 -110.44 3.56 6.24
CA GLY KA 134 -110.60 4.23 7.52
C GLY KA 134 -110.95 3.32 8.67
N GLU KA 135 -111.34 2.07 8.41
CA GLU KA 135 -111.69 1.12 9.45
C GLU KA 135 -110.49 0.68 10.28
N ASN KA 136 -109.28 1.08 9.91
CA ASN KA 136 -108.08 0.84 10.70
C ASN KA 136 -107.45 2.12 11.22
N LEU KA 137 -107.84 3.27 10.69
CA LEU KA 137 -107.32 4.56 11.13
C LEU KA 137 -107.68 4.81 12.59
N ASP KA 138 -106.97 5.77 13.19
CA ASP KA 138 -107.26 6.22 14.55
C ASP KA 138 -106.89 7.69 14.67
N GLY KA 139 -107.23 8.27 15.81
CA GLY KA 139 -107.02 9.69 16.04
C GLY KA 139 -105.59 10.05 16.39
N THR KA 140 -104.67 9.88 15.43
CA THR KA 140 -103.28 10.25 15.64
C THR KA 140 -102.67 10.69 14.32
N HIS KA 141 -101.69 11.59 14.42
CA HIS KA 141 -101.04 12.13 13.23
C HIS KA 141 -100.19 11.08 12.53
N ILE KA 142 -99.56 10.20 13.30
CA ILE KA 142 -98.60 9.24 12.77
C ILE KA 142 -99.27 8.15 11.93
N SER KA 143 -100.59 8.20 11.79
CA SER KA 143 -101.30 7.30 10.89
C SER KA 143 -101.76 7.98 9.60
N SER KA 144 -102.07 9.27 9.66
CA SER KA 144 -102.45 10.00 8.46
C SER KA 144 -101.32 10.03 7.44
N ALA KA 145 -100.06 10.10 7.90
CA ALA KA 145 -98.93 10.03 6.99
C ALA KA 145 -98.90 8.67 6.29
N MET KA 146 -99.16 7.59 7.03
CA MET KA 146 -99.23 6.28 6.41
C MET KA 146 -100.38 6.19 5.41
N ARG KA 147 -101.49 6.86 5.68
CA ARG KA 147 -102.59 6.89 4.72
C ARG KA 147 -102.17 7.62 3.44
N LEU KA 148 -101.47 8.75 3.60
CA LEU KA 148 -100.94 9.45 2.43
C LEU KA 148 -100.03 8.55 1.62
N ARG KA 149 -99.15 7.81 2.30
CA ARG KA 149 -98.27 6.87 1.60
C ARG KA 149 -99.08 5.81 0.86
N ALA KA 150 -100.13 5.29 1.49
CA ALA KA 150 -100.92 4.22 0.89
C ALA KA 150 -101.65 4.72 -0.35
N ILE KA 151 -102.24 5.91 -0.29
CA ILE KA 151 -102.96 6.42 -1.45
C ILE KA 151 -101.99 6.74 -2.59
N GLN KA 152 -100.83 7.31 -2.26
CA GLN KA 152 -99.82 7.53 -3.30
C GLN KA 152 -99.39 6.20 -3.92
N GLN KA 153 -99.32 5.14 -3.11
CA GLN KA 153 -98.93 3.83 -3.62
C GLN KA 153 -99.98 3.29 -4.58
N LEU KA 154 -101.25 3.35 -4.20
CA LEU KA 154 -102.30 2.86 -5.07
C LEU KA 154 -102.31 3.63 -6.39
N ALA KA 155 -102.11 4.95 -6.35
CA ALA KA 155 -102.08 5.72 -7.59
C ALA KA 155 -100.87 5.33 -8.44
N ARG KA 156 -99.70 5.19 -7.82
CA ARG KA 156 -98.50 4.82 -8.55
C ARG KA 156 -98.65 3.47 -9.23
N ASN KA 157 -99.40 2.55 -8.61
CA ASN KA 157 -99.60 1.25 -9.23
C ASN KA 157 -100.63 1.31 -10.35
N VAL KA 158 -101.75 1.99 -10.12
CA VAL KA 158 -102.82 1.99 -11.10
C VAL KA 158 -102.40 2.74 -12.36
N GLN KA 159 -101.52 3.74 -12.23
CA GLN KA 159 -101.02 4.42 -13.42
C GLN KA 159 -100.24 3.48 -14.31
N ALA KA 160 -99.39 2.63 -13.73
CA ALA KA 160 -98.63 1.67 -14.50
C ALA KA 160 -99.47 0.51 -15.01
N VAL KA 161 -100.58 0.21 -14.34
CA VAL KA 161 -101.44 -0.87 -14.83
C VAL KA 161 -102.30 -0.40 -16.00
N LEU KA 162 -102.89 0.80 -15.91
CA LEU KA 162 -103.68 1.31 -17.02
C LEU KA 162 -102.82 1.60 -18.24
N ASP KA 163 -101.54 1.89 -18.03
CA ASP KA 163 -100.63 2.13 -19.15
C ASP KA 163 -100.32 0.85 -19.90
N SER KA 164 -100.33 -0.29 -19.23
CA SER KA 164 -99.94 -1.56 -19.84
C SER KA 164 -100.80 -1.91 -21.06
N PHE KA 165 -102.06 -1.47 -21.08
CA PHE KA 165 -102.94 -1.81 -22.20
C PHE KA 165 -102.57 -1.11 -23.50
N GLU KA 166 -101.63 -0.16 -23.47
CA GLU KA 166 -101.10 0.44 -24.68
C GLU KA 166 -100.02 -0.40 -25.32
N ARG KA 167 -98.97 -0.71 -24.55
CA ARG KA 167 -97.96 -1.66 -25.02
C ARG KA 167 -98.59 -3.01 -25.34
N GLY KA 168 -99.72 -3.33 -24.72
CA GLY KA 168 -100.43 -4.55 -25.07
C GLY KA 168 -100.83 -4.60 -26.53
N THR KA 169 -101.52 -3.55 -26.99
CA THR KA 169 -101.89 -3.48 -28.40
C THR KA 169 -100.65 -3.32 -29.27
N ALA KA 170 -99.65 -2.57 -28.80
CA ALA KA 170 -98.41 -2.41 -29.55
C ALA KA 170 -97.75 -3.75 -29.82
N ASP KA 171 -97.86 -4.69 -28.88
CA ASP KA 171 -97.31 -6.02 -29.06
C ASP KA 171 -98.25 -6.91 -29.88
N GLN KA 172 -99.55 -6.78 -29.65
CA GLN KA 172 -100.52 -7.61 -30.35
C GLN KA 172 -100.51 -7.34 -31.85
N MET KA 173 -100.30 -6.09 -32.25
CA MET KA 173 -100.25 -5.76 -33.67
C MET KA 173 -99.10 -6.49 -34.36
N LEU KA 174 -97.93 -6.50 -33.74
CA LEU KA 174 -96.80 -7.23 -34.31
C LEU KA 174 -97.07 -8.74 -34.30
N ARG KA 175 -97.60 -9.25 -33.18
CA ARG KA 175 -97.90 -10.68 -33.08
C ARG KA 175 -98.86 -11.12 -34.18
N VAL KA 176 -99.84 -10.29 -34.52
CA VAL KA 176 -100.84 -10.67 -35.49
C VAL KA 176 -100.42 -10.41 -36.93
N LEU KA 177 -99.60 -9.38 -37.17
CA LEU KA 177 -99.02 -9.19 -38.49
C LEU KA 177 -98.00 -10.26 -38.84
N MET KA 178 -97.29 -10.80 -37.86
CA MET KA 178 -96.25 -11.78 -38.13
C MET KA 178 -96.78 -13.14 -38.55
N GLU KA 179 -98.08 -13.42 -38.36
CA GLU KA 179 -98.61 -14.73 -38.71
C GLU KA 179 -99.27 -14.77 -40.08
N LYS KA 180 -99.56 -13.61 -40.68
CA LYS KA 180 -100.19 -13.57 -41.99
C LYS KA 180 -99.23 -13.20 -43.10
N ALA KA 181 -97.98 -12.89 -42.79
CA ALA KA 181 -97.02 -12.44 -43.79
C ALA KA 181 -96.19 -13.62 -44.26
N PRO KA 182 -96.32 -14.06 -45.52
CA PRO KA 182 -95.42 -15.09 -46.03
C PRO KA 182 -94.07 -14.48 -46.36
N PRO KA 183 -93.01 -15.26 -46.33
CA PRO KA 183 -91.68 -14.71 -46.57
C PRO KA 183 -91.53 -14.25 -48.01
N LEU KA 184 -90.89 -13.09 -48.19
CA LEU KA 184 -90.71 -12.51 -49.52
C LEU KA 184 -89.97 -13.47 -50.45
N SER KA 185 -89.07 -14.28 -49.90
CA SER KA 185 -88.35 -15.27 -50.71
C SER KA 185 -89.32 -16.18 -51.46
N LEU KA 186 -90.47 -16.47 -50.85
CA LEU KA 186 -91.48 -17.32 -51.48
C LEU KA 186 -92.57 -16.52 -52.20
N LEU KA 187 -92.52 -15.20 -52.17
CA LEU KA 187 -93.60 -14.41 -52.75
C LEU KA 187 -93.27 -13.89 -54.15
N ALA KA 188 -92.06 -13.35 -54.33
CA ALA KA 188 -91.70 -12.72 -55.59
C ALA KA 188 -91.95 -13.59 -56.82
N PRO KA 189 -91.46 -14.84 -56.91
CA PRO KA 189 -91.74 -15.63 -58.11
C PRO KA 189 -93.19 -16.06 -58.23
N PHE KA 190 -93.90 -16.25 -57.12
CA PHE KA 190 -95.33 -16.53 -57.18
C PHE KA 190 -96.12 -15.36 -57.75
N THR KA 191 -95.62 -14.14 -57.60
CA THR KA 191 -96.22 -12.98 -58.24
C THR KA 191 -95.81 -12.84 -59.70
N LEU KA 192 -94.95 -13.73 -60.20
CA LEU KA 192 -94.55 -13.68 -61.61
C LEU KA 192 -95.46 -14.54 -62.47
N TYR KA 193 -95.72 -15.77 -62.06
CA TYR KA 193 -96.51 -16.72 -62.84
C TYR KA 193 -98.00 -16.53 -62.66
N GLU KA 194 -98.44 -15.38 -62.15
CA GLU KA 194 -99.85 -15.16 -61.87
C GLU KA 194 -100.71 -15.40 -63.11
N GLY KA 195 -101.87 -16.02 -62.90
CA GLY KA 195 -102.78 -16.34 -63.97
C GLY KA 195 -102.38 -17.50 -64.85
N ARG KA 196 -101.10 -17.88 -64.87
CA ARG KA 196 -100.62 -18.99 -65.67
C ARG KA 196 -100.74 -20.33 -64.96
N LEU KA 197 -101.22 -20.34 -63.72
CA LEU KA 197 -101.32 -21.57 -62.95
C LEU KA 197 -102.58 -22.36 -63.32
N ALA KA 198 -102.76 -22.63 -64.62
CA ALA KA 198 -103.88 -23.43 -65.10
C ALA KA 198 -103.43 -24.84 -65.48
N ASP KA 199 -102.29 -24.95 -66.16
CA ASP KA 199 -101.75 -26.23 -66.57
C ASP KA 199 -101.03 -26.89 -65.39
N ARG KA 200 -100.29 -27.95 -65.68
CA ARG KA 200 -99.43 -28.59 -64.69
C ARG KA 200 -97.95 -28.30 -64.89
N VAL KA 201 -97.52 -28.04 -66.13
CA VAL KA 201 -96.10 -27.83 -66.39
C VAL KA 201 -95.65 -26.48 -65.83
N ALA KA 202 -96.52 -25.47 -65.85
CA ALA KA 202 -96.19 -24.19 -65.25
C ALA KA 202 -96.08 -24.31 -63.74
N CYS KA 203 -97.04 -24.98 -63.10
CA CYS KA 203 -96.99 -25.28 -61.68
C CYS KA 203 -95.80 -26.13 -61.30
N ALA KA 204 -95.24 -26.90 -62.25
CA ALA KA 204 -94.04 -27.68 -62.02
C ALA KA 204 -92.78 -26.81 -62.09
N ALA KA 205 -92.68 -25.96 -63.12
CA ALA KA 205 -91.52 -25.08 -63.22
C ALA KA 205 -91.48 -24.05 -62.09
N LEU KA 206 -92.65 -23.68 -61.57
CA LEU KA 206 -92.70 -22.69 -60.50
C LEU KA 206 -92.01 -23.20 -59.24
N VAL KA 207 -92.19 -24.48 -58.92
CA VAL KA 207 -91.57 -24.99 -57.70
C VAL KA 207 -90.06 -25.09 -57.87
N SER KA 208 -89.57 -25.34 -59.08
CA SER KA 208 -88.13 -25.30 -59.30
C SER KA 208 -87.58 -23.90 -59.16
N GLU KA 209 -88.28 -22.91 -59.70
CA GLU KA 209 -87.87 -21.51 -59.50
C GLU KA 209 -87.85 -21.16 -58.02
N LEU KA 210 -88.87 -21.60 -57.28
CA LEU KA 210 -88.91 -21.36 -55.83
C LEU KA 210 -87.72 -22.01 -55.13
N LYS KA 211 -87.48 -23.30 -55.41
CA LYS KA 211 -86.39 -24.02 -54.77
C LYS KA 211 -85.05 -23.34 -55.04
N ARG KA 212 -84.86 -22.82 -56.26
CA ARG KA 212 -83.63 -22.10 -56.55
C ARG KA 212 -83.58 -20.76 -55.83
N ARG KA 213 -84.72 -20.08 -55.68
CA ARG KA 213 -84.72 -18.74 -55.09
C ARG KA 213 -84.45 -18.79 -53.59
N VAL KA 214 -85.04 -19.75 -52.88
CA VAL KA 214 -84.91 -19.77 -51.42
C VAL KA 214 -83.45 -19.94 -51.02
N ARG KA 215 -82.79 -20.97 -51.53
CA ARG KA 215 -81.41 -21.20 -51.11
C ARG KA 215 -80.43 -20.20 -51.70
N ASP KA 216 -80.87 -19.15 -52.39
CA ASP KA 216 -79.98 -18.21 -53.05
C ASP KA 216 -79.90 -16.87 -52.34
N ASP KA 217 -81.03 -16.24 -52.04
CA ASP KA 217 -81.04 -14.92 -51.43
C ASP KA 217 -82.01 -14.86 -50.25
N THR KA 218 -82.07 -15.95 -49.48
CA THR KA 218 -82.85 -15.91 -48.25
C THR KA 218 -82.19 -15.08 -47.16
N PHE KA 219 -80.97 -14.59 -47.38
CA PHE KA 219 -80.26 -13.75 -46.42
C PHE KA 219 -79.58 -12.62 -47.18
N PHE KA 220 -80.29 -11.52 -47.35
CA PHE KA 220 -79.66 -10.30 -47.85
C PHE KA 220 -79.11 -9.49 -46.69
N LEU KA 221 -78.33 -8.47 -47.01
CA LEU KA 221 -77.76 -7.51 -46.07
C LEU KA 221 -76.70 -8.13 -45.17
N THR KA 222 -76.50 -9.43 -45.21
CA THR KA 222 -75.41 -10.08 -44.49
C THR KA 222 -74.54 -10.93 -45.40
N LYS KA 223 -75.10 -11.51 -46.46
CA LYS KA 223 -74.32 -12.11 -47.53
C LYS KA 223 -73.82 -11.07 -48.52
N HIS KA 224 -74.22 -9.81 -48.35
CA HIS KA 224 -73.74 -8.69 -49.16
C HIS KA 224 -73.25 -7.63 -48.19
N GLU KA 225 -72.01 -7.76 -47.75
CA GLU KA 225 -71.34 -6.73 -46.96
C GLU KA 225 -70.71 -5.67 -47.85
N ARG KA 226 -70.86 -5.79 -49.16
CA ARG KA 226 -70.12 -4.99 -50.13
C ARG KA 226 -70.99 -4.00 -50.89
N ASN KA 227 -72.09 -4.46 -51.48
CA ASN KA 227 -72.82 -3.70 -52.48
C ASN KA 227 -73.98 -2.94 -51.85
N LYS KA 228 -74.44 -1.91 -52.58
CA LYS KA 228 -75.57 -1.08 -52.19
C LYS KA 228 -76.77 -1.24 -53.12
N ASP KA 229 -76.54 -1.53 -54.41
CA ASP KA 229 -77.66 -1.71 -55.34
C ASP KA 229 -78.55 -2.88 -54.92
N ALA KA 230 -77.94 -3.95 -54.39
CA ALA KA 230 -78.69 -5.16 -54.10
C ALA KA 230 -79.77 -4.91 -53.04
N VAL KA 231 -79.40 -4.25 -51.94
CA VAL KA 231 -80.36 -4.04 -50.86
C VAL KA 231 -81.46 -3.08 -51.30
N LEU KA 232 -81.12 -2.10 -52.14
CA LEU KA 232 -82.14 -1.21 -52.68
C LEU KA 232 -83.12 -1.96 -53.57
N ASP KA 233 -82.62 -2.86 -54.40
CA ASP KA 233 -83.50 -3.68 -55.23
C ASP KA 233 -84.41 -4.53 -54.36
N ARG KA 234 -83.84 -5.17 -53.34
CA ARG KA 234 -84.62 -6.03 -52.47
C ARG KA 234 -85.71 -5.23 -51.74
N LEU KA 235 -85.38 -4.05 -51.24
CA LEU KA 235 -86.36 -3.25 -50.52
C LEU KA 235 -87.44 -2.72 -51.45
N SER KA 236 -87.05 -2.29 -52.65
CA SER KA 236 -88.04 -1.85 -53.63
C SER KA 236 -89.01 -2.98 -53.98
N ASP KA 237 -88.49 -4.19 -54.17
CA ASP KA 237 -89.35 -5.32 -54.48
C ASP KA 237 -90.26 -5.66 -53.31
N LEU KA 238 -89.72 -5.62 -52.08
CA LEU KA 238 -90.55 -5.88 -50.91
C LEU KA 238 -91.69 -4.86 -50.80
N VAL KA 239 -91.40 -3.60 -51.11
CA VAL KA 239 -92.43 -2.57 -51.01
C VAL KA 239 -93.41 -2.62 -52.17
N ASN KA 240 -93.01 -3.14 -53.32
CA ASN KA 240 -93.86 -3.14 -54.51
C ASN KA 240 -94.46 -4.51 -54.81
N CYS KA 241 -94.24 -5.51 -53.96
CA CYS KA 241 -94.78 -6.84 -54.19
C CYS KA 241 -96.18 -7.02 -53.63
N THR KA 242 -96.53 -6.28 -52.59
CA THR KA 242 -97.85 -6.38 -51.99
C THR KA 242 -98.88 -5.68 -52.87
N ALA KA 243 -100.12 -5.63 -52.39
CA ALA KA 243 -101.21 -4.99 -53.09
C ALA KA 243 -101.94 -4.05 -52.15
N PRO KA 244 -102.45 -2.92 -52.64
CA PRO KA 244 -103.17 -2.01 -51.75
C PRO KA 244 -104.49 -2.63 -51.29
N SER KA 245 -104.86 -2.33 -50.05
CA SER KA 245 -106.10 -2.81 -49.47
C SER KA 245 -107.23 -1.82 -49.76
N VAL KA 246 -108.36 -1.98 -49.07
CA VAL KA 246 -109.47 -1.07 -49.25
C VAL KA 246 -109.07 0.33 -48.78
N ALA KA 247 -109.74 1.34 -49.34
CA ALA KA 247 -109.44 2.73 -49.08
C ALA KA 247 -110.52 3.35 -48.20
N VAL KA 248 -110.11 4.08 -47.17
CA VAL KA 248 -111.01 4.78 -46.27
C VAL KA 248 -110.48 6.19 -46.09
N ALA KA 249 -111.40 7.16 -45.97
CA ALA KA 249 -111.03 8.57 -45.88
C ALA KA 249 -110.89 9.07 -44.46
N ARG KA 250 -110.53 8.20 -43.52
CA ARG KA 250 -110.34 8.60 -42.12
C ARG KA 250 -108.91 8.37 -41.64
N MET KA 251 -108.00 7.99 -42.52
CA MET KA 251 -106.61 7.82 -42.12
C MET KA 251 -105.87 9.15 -42.12
N THR KA 252 -105.78 9.79 -43.28
CA THR KA 252 -105.14 11.10 -43.45
C THR KA 252 -103.74 11.15 -42.85
N HIS KA 253 -103.11 9.98 -42.66
CA HIS KA 253 -101.69 9.94 -42.38
C HIS KA 253 -100.94 10.65 -43.49
N ALA KA 254 -99.94 11.45 -43.13
CA ALA KA 254 -99.28 12.24 -44.16
C ALA KA 254 -97.92 12.71 -43.67
N ASP KA 255 -97.13 13.20 -44.63
CA ASP KA 255 -95.95 13.98 -44.31
C ASP KA 255 -96.37 15.35 -43.79
N THR KA 256 -95.46 16.03 -43.09
CA THR KA 256 -95.78 17.37 -42.62
C THR KA 256 -95.93 18.37 -43.76
N GLN KA 257 -95.58 18.00 -44.98
CA GLN KA 257 -95.71 18.88 -46.14
C GLN KA 257 -96.64 18.32 -47.19
N GLY KA 258 -96.43 17.06 -47.62
CA GLY KA 258 -97.10 16.59 -48.82
C GLY KA 258 -97.90 15.31 -48.73
N ARG KA 259 -97.56 14.37 -49.61
CA ARG KA 259 -98.43 13.24 -49.91
C ARG KA 259 -98.64 12.34 -48.69
N PRO KA 260 -99.69 11.51 -48.69
CA PRO KA 260 -99.91 10.60 -47.57
C PRO KA 260 -98.92 9.44 -47.58
N VAL KA 261 -98.65 8.92 -46.38
CA VAL KA 261 -97.70 7.83 -46.21
C VAL KA 261 -98.39 6.53 -46.62
N ASP KA 262 -97.60 5.50 -46.92
CA ASP KA 262 -98.15 4.30 -47.54
C ASP KA 262 -97.68 3.00 -46.89
N GLY KA 263 -97.36 3.00 -45.61
CA GLY KA 263 -97.06 1.76 -44.92
C GLY KA 263 -95.98 1.95 -43.87
N VAL KA 264 -95.59 0.82 -43.28
CA VAL KA 264 -94.59 0.78 -42.23
C VAL KA 264 -93.50 -0.20 -42.60
N LEU KA 265 -92.29 0.07 -42.11
CA LEU KA 265 -91.15 -0.85 -42.22
C LEU KA 265 -90.62 -1.06 -40.80
N VAL KA 266 -91.22 -2.02 -40.09
CA VAL KA 266 -90.83 -2.28 -38.71
C VAL KA 266 -89.66 -3.27 -38.70
N THR KA 267 -88.66 -2.99 -37.85
CA THR KA 267 -87.44 -3.78 -37.82
C THR KA 267 -86.70 -3.42 -36.52
N THR KA 268 -85.73 -4.26 -36.14
CA THR KA 268 -84.97 -4.06 -34.91
C THR KA 268 -84.14 -2.78 -34.99
N ALA KA 269 -83.40 -2.52 -33.91
CA ALA KA 269 -82.57 -1.33 -33.83
C ALA KA 269 -81.28 -1.48 -34.63
N GLY KA 270 -80.70 -2.69 -34.62
CA GLY KA 270 -79.43 -2.89 -35.30
C GLY KA 270 -79.53 -2.77 -36.81
N VAL KA 271 -80.47 -3.50 -37.42
CA VAL KA 271 -80.68 -3.38 -38.86
C VAL KA 271 -81.09 -1.95 -39.21
N ARG KA 272 -81.81 -1.28 -38.30
CA ARG KA 272 -82.18 0.11 -38.53
C ARG KA 272 -80.95 1.01 -38.57
N GLN KA 273 -80.01 0.83 -37.63
CA GLN KA 273 -78.78 1.60 -37.67
C GLN KA 273 -77.94 1.28 -38.89
N ARG KA 274 -78.01 0.04 -39.39
CA ARG KA 274 -77.35 -0.27 -40.65
C ARG KA 274 -77.98 0.47 -41.82
N LEU KA 275 -79.31 0.49 -41.88
CA LEU KA 275 -80.01 1.09 -43.02
C LEU KA 275 -79.87 2.61 -43.02
N LEU KA 276 -80.01 3.24 -41.86
CA LEU KA 276 -80.04 4.70 -41.80
C LEU KA 276 -78.68 5.35 -42.03
N HIS KA 277 -77.64 4.57 -42.37
CA HIS KA 277 -76.30 5.12 -42.49
C HIS KA 277 -75.67 4.95 -43.86
N HIS KA 278 -76.07 3.94 -44.63
CA HIS KA 278 -75.38 3.65 -45.88
C HIS KA 278 -76.30 3.65 -47.10
N VAL KA 279 -77.57 3.29 -46.92
CA VAL KA 279 -78.43 3.01 -48.07
C VAL KA 279 -79.66 3.90 -48.08
N LEU KA 280 -79.98 4.54 -46.96
CA LEU KA 280 -81.23 5.29 -46.86
C LEU KA 280 -80.96 6.65 -46.25
N THR KA 281 -81.98 7.50 -46.32
CA THR KA 281 -81.91 8.87 -45.82
C THR KA 281 -83.28 9.26 -45.28
N LEU KA 282 -83.28 10.06 -44.21
CA LEU KA 282 -84.53 10.51 -43.61
C LEU KA 282 -85.23 11.50 -44.53
N ALA KA 283 -86.33 11.06 -45.14
CA ALA KA 283 -87.10 11.96 -46.00
C ALA KA 283 -87.73 13.08 -45.20
N ASP KA 284 -88.07 12.83 -43.94
CA ASP KA 284 -88.56 13.87 -43.03
C ASP KA 284 -88.53 13.30 -41.61
N THR KA 285 -88.89 14.16 -40.65
CA THR KA 285 -88.83 13.83 -39.24
C THR KA 285 -90.06 14.30 -38.47
N HIS KA 286 -91.19 14.49 -39.17
CA HIS KA 286 -92.40 14.96 -38.52
C HIS KA 286 -93.61 14.56 -39.35
N ALA KA 287 -94.57 13.90 -38.71
CA ALA KA 287 -95.80 13.45 -39.37
C ALA KA 287 -97.01 14.02 -38.66
N ASP KA 288 -98.15 13.97 -39.35
CA ASP KA 288 -99.44 14.42 -38.81
C ASP KA 288 -100.40 13.24 -38.83
N VAL KA 289 -100.62 12.65 -37.66
CA VAL KA 289 -101.44 11.44 -37.53
C VAL KA 289 -102.82 11.82 -36.99
N PRO KA 290 -103.83 10.95 -37.15
CA PRO KA 290 -105.12 11.20 -36.50
C PRO KA 290 -105.00 11.09 -34.98
N VAL KA 291 -106.03 11.57 -34.30
CA VAL KA 291 -105.98 11.70 -32.85
C VAL KA 291 -107.13 10.94 -32.18
N THR KA 292 -108.10 10.50 -32.97
CA THR KA 292 -109.29 9.88 -32.43
C THR KA 292 -109.40 8.44 -32.93
N TYR KA 293 -110.17 7.64 -32.19
CA TYR KA 293 -110.52 6.31 -32.62
C TYR KA 293 -111.69 6.37 -33.60
N GLY KA 294 -112.03 5.22 -34.17
CA GLY KA 294 -113.25 5.09 -34.95
C GLY KA 294 -114.47 5.12 -34.05
N GLU KA 295 -115.58 4.60 -34.58
CA GLU KA 295 -116.79 4.50 -33.79
C GLU KA 295 -117.77 3.57 -34.49
N MET KA 296 -118.40 2.70 -33.71
CA MET KA 296 -119.45 1.82 -34.23
C MET KA 296 -120.36 1.45 -33.07
N VAL KA 297 -121.56 2.04 -33.05
CA VAL KA 297 -122.57 1.76 -32.04
C VAL KA 297 -123.83 1.28 -32.74
N ILE KA 298 -124.54 0.36 -32.11
CA ILE KA 298 -125.80 -0.15 -32.65
C ILE KA 298 -126.94 0.63 -32.02
N ALA KA 299 -127.87 1.10 -32.85
CA ALA KA 299 -128.96 1.93 -32.36
C ALA KA 299 -130.02 2.12 -33.44
N ASN KA 300 -131.27 2.13 -32.99
CA ASN KA 300 -132.45 2.72 -33.61
C ASN KA 300 -132.91 2.02 -34.88
N THR KA 301 -132.08 1.18 -35.47
CA THR KA 301 -132.57 0.13 -36.35
C THR KA 301 -131.83 -1.19 -36.14
N ASN KA 302 -130.55 -1.13 -35.78
CA ASN KA 302 -129.81 -2.35 -35.48
C ASN KA 302 -130.20 -2.91 -34.13
N LEU KA 303 -130.63 -2.05 -33.21
CA LEU KA 303 -131.11 -2.53 -31.91
C LEU KA 303 -132.28 -3.49 -32.07
N VAL KA 304 -133.27 -3.10 -32.88
CA VAL KA 304 -134.48 -3.90 -33.05
C VAL KA 304 -134.14 -5.28 -33.61
N THR KA 305 -133.35 -5.31 -34.69
CA THR KA 305 -133.03 -6.59 -35.31
C THR KA 305 -132.13 -7.43 -34.42
N ALA KA 306 -131.14 -6.80 -33.78
CA ALA KA 306 -130.24 -7.56 -32.91
C ALA KA 306 -130.98 -8.14 -31.71
N LEU KA 307 -132.05 -7.48 -31.26
CA LEU KA 307 -132.79 -8.02 -30.12
C LEU KA 307 -133.83 -9.05 -30.53
N VAL KA 308 -134.62 -8.79 -31.57
CA VAL KA 308 -135.68 -9.69 -31.98
C VAL KA 308 -135.17 -10.76 -32.93
N MET KA 309 -134.64 -10.37 -34.09
CA MET KA 309 -134.19 -11.35 -35.07
C MET KA 309 -132.97 -12.12 -34.58
N GLY KA 310 -131.90 -11.39 -34.26
CA GLY KA 310 -130.67 -12.01 -33.78
C GLY KA 310 -129.48 -11.69 -34.65
N LYS KA 311 -129.63 -10.75 -35.57
CA LYS KA 311 -128.55 -10.35 -36.46
C LYS KA 311 -128.43 -8.84 -36.49
N ALA KA 312 -127.36 -8.35 -37.11
CA ALA KA 312 -127.10 -6.93 -37.19
C ALA KA 312 -126.17 -6.66 -38.37
N VAL KA 313 -126.08 -5.40 -38.77
CA VAL KA 313 -125.28 -4.99 -39.90
C VAL KA 313 -124.49 -3.75 -39.52
N SER KA 314 -123.46 -3.46 -40.32
CA SER KA 314 -122.62 -2.29 -40.07
C SER KA 314 -123.40 -1.00 -40.29
N ASN KA 315 -123.98 -0.84 -41.49
CA ASN KA 315 -124.67 0.39 -41.89
C ASN KA 315 -126.12 0.03 -42.21
N MET KA 316 -126.97 0.02 -41.19
CA MET KA 316 -128.39 -0.16 -41.43
C MET KA 316 -129.08 1.13 -41.84
N ASP KA 317 -128.53 2.29 -41.46
CA ASP KA 317 -129.10 3.56 -41.85
C ASP KA 317 -129.09 3.72 -43.37
N ASP KA 318 -127.97 3.39 -44.01
CA ASP KA 318 -127.86 3.59 -45.45
C ASP KA 318 -128.79 2.64 -46.21
N VAL KA 319 -128.76 1.35 -45.89
CA VAL KA 319 -129.61 0.40 -46.59
C VAL KA 319 -131.08 0.71 -46.30
N ALA KA 320 -131.37 1.21 -45.10
CA ALA KA 320 -132.73 1.62 -44.77
C ALA KA 320 -133.19 2.76 -45.68
N ARG KA 321 -132.46 3.88 -45.65
CA ARG KA 321 -132.80 5.01 -46.51
C ARG KA 321 -132.81 4.65 -47.98
N TYR KA 322 -132.06 3.62 -48.39
CA TYR KA 322 -132.00 3.26 -49.79
C TYR KA 322 -133.19 2.38 -50.22
N LEU KA 323 -133.56 1.41 -49.38
CA LEU KA 323 -134.67 0.52 -49.73
C LEU KA 323 -136.01 1.22 -49.58
N LEU KA 324 -136.08 2.30 -48.82
CA LEU KA 324 -137.25 3.15 -48.71
C LEU KA 324 -136.95 4.51 -49.34
N GLY KA 325 -137.88 5.44 -49.17
CA GLY KA 325 -137.71 6.78 -49.71
C GLY KA 325 -136.45 7.46 -49.21
N GLY KA 326 -136.38 7.74 -47.91
CA GLY KA 326 -135.21 8.36 -47.31
C GLY KA 326 -135.05 9.82 -47.68
N GLY KA 337 -109.86 15.37 -36.85
CA GLY KA 337 -108.75 16.16 -36.35
C GLY KA 337 -107.39 15.69 -36.84
N SER KA 338 -106.34 16.25 -36.27
CA SER KA 338 -104.98 15.89 -36.64
C SER KA 338 -104.04 16.29 -35.51
N ALA KA 339 -102.76 15.96 -35.68
CA ALA KA 339 -101.74 16.21 -34.67
C ALA KA 339 -100.41 16.46 -35.38
N ARG KA 340 -99.33 16.37 -34.62
CA ARG KA 340 -97.98 16.48 -35.18
C ARG KA 340 -97.05 15.70 -34.26
N VAL KA 341 -96.35 14.71 -34.83
CA VAL KA 341 -95.59 13.72 -34.07
C VAL KA 341 -94.17 13.66 -34.63
N ARG KA 342 -93.24 13.23 -33.78
CA ARG KA 342 -91.87 12.94 -34.19
C ARG KA 342 -91.82 11.52 -34.72
N ALA KA 343 -91.47 11.38 -35.99
CA ALA KA 343 -91.28 10.08 -36.63
C ALA KA 343 -90.17 10.22 -37.66
N ASP KA 344 -90.04 9.21 -38.51
CA ASP KA 344 -88.98 9.17 -39.52
C ASP KA 344 -89.52 8.48 -40.78
N LEU KA 345 -89.91 9.28 -41.76
CA LEU KA 345 -90.42 8.78 -43.02
C LEU KA 345 -89.28 8.65 -44.02
N VAL KA 346 -89.29 7.57 -44.80
CA VAL KA 346 -88.26 7.29 -45.78
C VAL KA 346 -88.92 6.98 -47.12
N VAL KA 347 -88.20 7.31 -48.20
CA VAL KA 347 -88.70 7.12 -49.56
C VAL KA 347 -87.87 6.01 -50.20
N VAL KA 348 -88.48 4.83 -50.35
CA VAL KA 348 -87.85 3.71 -51.01
C VAL KA 348 -88.70 3.32 -52.21
N GLY KA 349 -88.03 2.97 -53.30
CA GLY KA 349 -88.75 2.64 -54.52
C GLY KA 349 -89.52 3.85 -55.02
N ASP KA 350 -90.83 3.82 -54.84
CA ASP KA 350 -91.69 4.96 -55.16
C ASP KA 350 -92.45 5.50 -53.98
N ARG KA 351 -92.85 4.66 -53.03
CA ARG KA 351 -93.73 5.08 -51.95
C ARG KA 351 -92.93 5.76 -50.83
N LEU KA 352 -93.68 6.35 -49.90
CA LEU KA 352 -93.13 7.04 -48.74
C LEU KA 352 -93.64 6.28 -47.51
N VAL KA 353 -92.73 5.62 -46.80
CA VAL KA 353 -93.11 4.68 -45.76
C VAL KA 353 -92.53 5.09 -44.43
N PHE KA 354 -93.19 4.66 -43.35
CA PHE KA 354 -92.66 4.82 -42.01
C PHE KA 354 -91.44 3.92 -41.80
N LEU KA 355 -90.74 4.15 -40.70
CA LEU KA 355 -89.57 3.32 -40.35
C LEU KA 355 -89.48 3.30 -38.82
N GLU KA 356 -90.02 2.25 -38.21
CA GLU KA 356 -90.23 2.20 -36.77
C GLU KA 356 -89.46 1.02 -36.18
N ALA KA 357 -88.68 1.29 -35.14
CA ALA KA 357 -88.00 0.27 -34.36
C ALA KA 357 -88.54 0.30 -32.94
N LEU KA 358 -89.23 -0.76 -32.53
CA LEU KA 358 -89.96 -0.80 -31.27
C LEU KA 358 -89.16 -1.48 -30.17
N GLU KA 359 -87.85 -1.30 -30.15
CA GLU KA 359 -87.01 -1.84 -29.09
C GLU KA 359 -86.85 -0.90 -27.91
N LYS KA 360 -87.03 0.40 -28.11
CA LYS KA 360 -86.83 1.39 -27.05
C LYS KA 360 -88.15 1.93 -26.51
N ARG KA 361 -89.03 2.44 -27.37
CA ARG KA 361 -90.33 2.92 -26.92
C ARG KA 361 -91.10 1.83 -26.19
N VAL KA 362 -91.06 0.60 -26.71
CA VAL KA 362 -91.72 -0.54 -26.10
C VAL KA 362 -90.67 -1.64 -25.92
N TYR KA 363 -91.00 -2.61 -25.08
CA TYR KA 363 -90.25 -3.84 -24.83
C TYR KA 363 -88.97 -3.63 -24.04
N GLN KA 364 -88.61 -2.40 -23.70
CA GLN KA 364 -87.39 -2.16 -22.94
C GLN KA 364 -87.62 -2.47 -21.47
N ALA KA 365 -86.69 -3.22 -20.88
CA ALA KA 365 -86.71 -3.55 -19.45
C ALA KA 365 -87.98 -4.28 -19.04
N THR KA 366 -88.55 -5.08 -19.94
CA THR KA 366 -89.66 -5.96 -19.62
C THR KA 366 -89.35 -7.35 -20.17
N GLN KA 367 -89.75 -8.38 -19.42
CA GLN KA 367 -89.26 -9.73 -19.67
C GLN KA 367 -89.70 -10.28 -21.02
N VAL KA 368 -90.78 -9.79 -21.59
CA VAL KA 368 -91.28 -10.31 -22.87
C VAL KA 368 -90.21 -10.06 -23.95
N PRO KA 369 -89.98 -10.98 -24.86
CA PRO KA 369 -88.97 -10.77 -25.90
C PRO KA 369 -89.53 -10.04 -27.12
N TYR KA 370 -88.61 -9.61 -27.97
CA TYR KA 370 -88.99 -8.96 -29.21
C TYR KA 370 -89.66 -9.98 -30.15
N PRO KA 371 -90.75 -9.60 -30.80
CA PRO KA 371 -91.47 -10.56 -31.67
C PRO KA 371 -91.00 -10.58 -33.12
N LEU KA 372 -89.91 -9.89 -33.45
CA LEU KA 372 -89.40 -9.88 -34.81
C LEU KA 372 -88.20 -10.79 -35.00
N VAL KA 373 -87.64 -11.33 -33.92
CA VAL KA 373 -86.47 -12.23 -34.02
C VAL KA 373 -87.03 -13.63 -34.27
N GLY KA 374 -87.30 -13.90 -35.54
CA GLY KA 374 -87.90 -15.18 -35.91
C GLY KA 374 -86.95 -16.35 -35.79
N ASN KA 375 -87.38 -17.51 -36.26
CA ASN KA 375 -86.57 -18.72 -36.18
C ASN KA 375 -86.65 -19.46 -37.50
N LEU KA 376 -85.49 -19.71 -38.11
CA LEU KA 376 -85.41 -20.54 -39.29
C LEU KA 376 -85.25 -22.00 -38.89
N ASP KA 377 -85.55 -22.90 -39.82
CA ASP KA 377 -85.49 -24.33 -39.55
C ASP KA 377 -84.95 -25.03 -40.78
N VAL KA 378 -83.78 -25.66 -40.66
CA VAL KA 378 -83.14 -26.37 -41.75
C VAL KA 378 -82.75 -27.75 -41.26
N THR KA 379 -82.92 -28.75 -42.13
CA THR KA 379 -82.62 -30.14 -41.83
C THR KA 379 -81.50 -30.62 -42.73
N PHE KA 380 -80.34 -30.90 -42.14
CA PHE KA 380 -79.20 -31.41 -42.88
C PHE KA 380 -79.30 -32.93 -43.04
N VAL KA 381 -78.62 -33.44 -44.07
CA VAL KA 381 -78.52 -34.88 -44.32
C VAL KA 381 -77.14 -35.17 -44.89
N MET KA 382 -76.54 -36.27 -44.45
CA MET KA 382 -75.23 -36.65 -44.95
C MET KA 382 -75.14 -38.16 -45.06
N PRO KA 383 -74.58 -38.68 -46.16
CA PRO KA 383 -74.41 -40.13 -46.29
C PRO KA 383 -73.25 -40.62 -45.45
N LEU KA 384 -73.42 -41.80 -44.87
CA LEU KA 384 -72.47 -42.30 -43.86
C LEU KA 384 -71.44 -43.26 -44.44
N GLY KA 385 -71.88 -44.36 -45.04
CA GLY KA 385 -70.95 -45.40 -45.44
C GLY KA 385 -71.08 -45.88 -46.87
N VAL KA 386 -71.42 -44.96 -47.78
CA VAL KA 386 -71.58 -45.32 -49.19
C VAL KA 386 -70.23 -45.70 -49.78
N PHE KA 387 -70.26 -46.38 -50.93
CA PHE KA 387 -69.05 -46.86 -51.59
C PHE KA 387 -69.22 -46.62 -53.09
N LYS KA 388 -68.43 -45.71 -53.62
CA LYS KA 388 -68.57 -45.32 -55.03
C LYS KA 388 -68.26 -46.51 -55.93
N PRO KA 389 -68.85 -46.55 -57.13
CA PRO KA 389 -68.58 -47.68 -58.05
C PRO KA 389 -67.12 -47.70 -58.50
N ALA KA 390 -66.77 -48.79 -59.19
CA ALA KA 390 -65.39 -49.05 -59.58
C ALA KA 390 -64.86 -48.08 -60.63
N ALA KA 391 -65.71 -47.28 -61.26
CA ALA KA 391 -65.26 -46.37 -62.31
C ALA KA 391 -65.02 -44.95 -61.80
N ASP KA 392 -65.25 -44.68 -60.52
CA ASP KA 392 -65.10 -43.33 -59.98
C ASP KA 392 -64.14 -43.27 -58.80
N ARG KA 393 -63.36 -44.32 -58.57
CA ARG KA 393 -62.30 -44.30 -57.55
C ARG KA 393 -61.00 -43.99 -58.28
N TYR KA 394 -60.68 -42.71 -58.38
CA TYR KA 394 -59.53 -42.26 -59.16
C TYR KA 394 -58.82 -41.14 -58.41
N ALA KA 395 -57.50 -41.17 -58.41
CA ALA KA 395 -56.72 -40.10 -57.81
C ALA KA 395 -56.68 -38.91 -58.76
N ARG KA 396 -57.00 -37.71 -58.22
CA ARG KA 396 -57.01 -36.52 -59.05
C ARG KA 396 -55.63 -36.24 -59.65
N HIS KA 397 -54.58 -36.36 -58.86
CA HIS KA 397 -53.21 -36.20 -59.35
C HIS KA 397 -52.41 -37.44 -58.97
N ALA KA 398 -51.32 -37.66 -59.69
CA ALA KA 398 -50.42 -38.77 -59.36
C ALA KA 398 -49.87 -38.62 -57.96
N GLY KA 399 -49.61 -37.40 -57.51
CA GLY KA 399 -49.19 -37.18 -56.15
C GLY KA 399 -50.39 -37.04 -55.24
N SER KA 400 -50.79 -38.15 -54.63
CA SER KA 400 -51.94 -38.19 -53.74
C SER KA 400 -51.52 -37.81 -52.32
N PHE KA 401 -52.41 -38.05 -51.36
CA PHE KA 401 -52.03 -38.00 -49.95
C PHE KA 401 -51.29 -39.30 -49.64
N ALA KA 402 -50.08 -39.39 -50.17
CA ALA KA 402 -49.32 -40.63 -50.08
C ALA KA 402 -49.08 -41.00 -48.62
N PRO KA 403 -49.13 -42.27 -48.28
CA PRO KA 403 -48.98 -42.67 -46.88
C PRO KA 403 -47.53 -42.83 -46.49
N THR KA 404 -47.28 -43.15 -45.23
CA THR KA 404 -45.92 -43.42 -44.78
C THR KA 404 -45.32 -44.57 -45.58
N PRO KA 405 -44.10 -44.45 -46.07
CA PRO KA 405 -43.54 -45.50 -46.94
C PRO KA 405 -43.34 -46.81 -46.18
N GLY KA 406 -44.05 -47.84 -46.63
CA GLY KA 406 -43.96 -49.15 -46.01
C GLY KA 406 -45.25 -49.57 -45.33
N LEU KA 407 -46.33 -48.88 -45.65
CA LEU KA 407 -47.64 -49.18 -45.09
C LEU KA 407 -48.66 -49.09 -46.22
N PRO KA 408 -49.50 -50.10 -46.39
CA PRO KA 408 -50.50 -50.07 -47.45
C PRO KA 408 -51.44 -48.89 -47.29
N ASP KA 409 -51.85 -48.33 -48.41
CA ASP KA 409 -52.56 -47.07 -48.48
C ASP KA 409 -53.91 -47.16 -47.78
N PRO KA 410 -54.11 -46.49 -46.65
CA PRO KA 410 -55.41 -46.53 -45.96
C PRO KA 410 -56.49 -45.64 -46.55
N ARG KA 411 -56.30 -45.10 -47.76
CA ARG KA 411 -57.32 -44.29 -48.41
C ARG KA 411 -58.18 -45.09 -49.38
N THR KA 412 -57.81 -46.33 -49.69
CA THR KA 412 -58.55 -47.15 -50.62
C THR KA 412 -59.73 -47.88 -50.00
N HIS KA 413 -59.71 -48.06 -48.69
CA HIS KA 413 -60.71 -48.89 -48.04
C HIS KA 413 -62.07 -48.20 -48.01
N PRO KA 414 -63.15 -48.97 -47.91
CA PRO KA 414 -64.47 -48.38 -47.74
C PRO KA 414 -64.54 -47.55 -46.48
N PRO KA 415 -65.03 -46.31 -46.58
CA PRO KA 415 -65.06 -45.44 -45.41
C PRO KA 415 -66.19 -45.82 -44.47
N ARG KA 416 -65.98 -45.50 -43.18
CA ARG KA 416 -66.93 -45.87 -42.15
C ARG KA 416 -67.19 -44.71 -41.19
N ALA KA 417 -66.82 -43.49 -41.58
CA ALA KA 417 -67.00 -42.33 -40.72
C ALA KA 417 -67.08 -41.09 -41.60
N VAL KA 418 -67.77 -40.07 -41.07
CA VAL KA 418 -67.90 -38.79 -41.73
C VAL KA 418 -67.48 -37.70 -40.76
N HIS KA 419 -67.00 -36.60 -41.31
CA HIS KA 419 -66.60 -35.43 -40.53
C HIS KA 419 -67.35 -34.21 -41.03
N PHE KA 420 -67.74 -33.35 -40.09
CA PHE KA 420 -68.40 -32.10 -40.41
C PHE KA 420 -68.07 -31.11 -39.30
N PHE KA 421 -68.59 -29.89 -39.43
CA PHE KA 421 -68.21 -28.80 -38.56
C PHE KA 421 -69.33 -28.47 -37.57
N ASN KA 422 -68.92 -28.01 -36.39
CA ASN KA 422 -69.82 -27.68 -35.31
C ASN KA 422 -70.38 -26.27 -35.51
N LYS KA 423 -71.06 -25.74 -34.49
CA LYS KA 423 -71.55 -24.38 -34.54
C LYS KA 423 -70.43 -23.35 -34.59
N ASP KA 424 -69.24 -23.70 -34.09
CA ASP KA 424 -68.08 -22.82 -34.09
C ASP KA 424 -67.02 -23.21 -35.09
N GLY KA 425 -66.79 -24.51 -35.28
CA GLY KA 425 -65.75 -24.98 -36.17
C GLY KA 425 -64.99 -26.16 -35.63
N VAL KA 426 -65.19 -26.45 -34.34
CA VAL KA 426 -64.56 -27.60 -33.70
C VAL KA 426 -65.08 -28.88 -34.36
N PRO KA 427 -64.22 -29.63 -35.04
CA PRO KA 427 -64.71 -30.79 -35.80
C PRO KA 427 -65.22 -31.89 -34.88
N CYS KA 428 -66.47 -32.32 -35.13
CA CYS KA 428 -67.07 -33.43 -34.42
C CYS KA 428 -67.53 -34.46 -35.45
N HIS KA 429 -67.11 -35.71 -35.27
CA HIS KA 429 -67.34 -36.75 -36.25
C HIS KA 429 -68.43 -37.69 -35.77
N VAL KA 430 -69.05 -38.38 -36.73
CA VAL KA 430 -70.07 -39.39 -36.47
C VAL KA 430 -69.63 -40.67 -37.17
N THR KA 431 -69.62 -41.77 -36.43
CA THR KA 431 -69.21 -43.06 -36.97
C THR KA 431 -70.30 -44.10 -36.70
N PHE KA 432 -70.07 -45.30 -37.25
CA PHE KA 432 -71.04 -46.38 -37.16
C PHE KA 432 -71.49 -46.65 -35.73
N GLU KA 433 -70.53 -46.87 -34.83
CA GLU KA 433 -70.84 -47.33 -33.48
C GLU KA 433 -71.81 -46.40 -32.75
N HIS KA 434 -72.00 -45.17 -33.22
CA HIS KA 434 -73.03 -44.32 -32.65
C HIS KA 434 -74.43 -44.77 -33.06
N ALA KA 435 -74.55 -45.53 -34.14
CA ALA KA 435 -75.85 -46.05 -34.59
C ALA KA 435 -76.34 -47.22 -33.77
N MET KA 436 -75.56 -47.66 -32.76
CA MET KA 436 -76.01 -48.74 -31.88
C MET KA 436 -77.35 -48.44 -31.23
N GLY KA 437 -77.66 -47.15 -31.06
CA GLY KA 437 -78.95 -46.77 -30.52
C GLY KA 437 -80.14 -47.11 -31.40
N THR KA 438 -79.92 -47.50 -32.64
CA THR KA 438 -81.00 -47.88 -33.54
C THR KA 438 -80.90 -49.33 -34.01
N LEU KA 439 -79.75 -49.76 -34.50
CA LEU KA 439 -79.60 -51.11 -35.03
C LEU KA 439 -79.42 -52.16 -33.93
N CYS KA 440 -79.62 -51.78 -32.67
CA CYS KA 440 -79.67 -52.74 -31.56
C CYS KA 440 -80.93 -52.40 -30.75
N HIS KA 441 -82.05 -52.97 -31.18
CA HIS KA 441 -83.35 -52.79 -30.54
C HIS KA 441 -84.34 -53.75 -31.19
N PRO KA 442 -85.24 -54.38 -30.41
CA PRO KA 442 -86.16 -55.36 -31.00
C PRO KA 442 -86.99 -54.85 -32.17
N SER KA 443 -87.09 -53.53 -32.38
CA SER KA 443 -87.80 -53.01 -33.55
C SER KA 443 -87.12 -53.43 -34.84
N PHE KA 444 -85.82 -53.72 -34.79
CA PHE KA 444 -85.12 -54.23 -35.97
C PHE KA 444 -85.64 -55.59 -36.41
N LEU KA 445 -86.47 -56.24 -35.60
CA LEU KA 445 -86.99 -57.58 -35.87
C LEU KA 445 -88.49 -57.63 -35.63
N ASP KA 446 -89.22 -56.66 -36.18
CA ASP KA 446 -90.68 -56.60 -36.08
C ASP KA 446 -91.26 -56.68 -37.49
N VAL KA 447 -91.84 -57.82 -37.82
CA VAL KA 447 -92.43 -58.05 -39.14
C VAL KA 447 -93.85 -58.55 -39.07
N ASP KA 448 -94.42 -58.76 -37.87
CA ASP KA 448 -95.75 -59.32 -37.72
C ASP KA 448 -96.81 -58.53 -38.47
N ALA KA 449 -96.68 -57.20 -38.56
CA ALA KA 449 -97.65 -56.37 -39.26
C ALA KA 449 -97.37 -56.25 -40.74
N THR KA 450 -96.10 -56.31 -41.14
CA THR KA 450 -95.77 -56.33 -42.56
C THR KA 450 -96.40 -57.53 -43.25
N LEU KA 451 -96.38 -58.69 -42.58
CA LEU KA 451 -97.04 -59.88 -43.11
C LEU KA 451 -98.54 -59.65 -43.21
N ALA KA 452 -99.18 -59.25 -42.11
CA ALA KA 452 -100.63 -59.03 -42.10
C ALA KA 452 -101.07 -58.01 -43.13
N ALA KA 453 -100.18 -57.09 -43.51
CA ALA KA 453 -100.49 -56.14 -44.58
C ALA KA 453 -100.25 -56.73 -45.96
N LEU KA 454 -99.23 -57.58 -46.12
CA LEU KA 454 -98.95 -58.19 -47.40
C LEU KA 454 -99.86 -59.36 -47.74
N ARG KA 455 -100.70 -59.81 -46.79
CA ARG KA 455 -101.61 -60.93 -47.02
C ARG KA 455 -102.98 -60.48 -47.48
N GLN KA 456 -103.11 -59.27 -48.03
CA GLN KA 456 -104.39 -58.80 -48.56
C GLN KA 456 -104.58 -59.21 -50.01
N GLU KA 457 -103.58 -58.97 -50.85
CA GLU KA 457 -103.55 -59.60 -52.16
C GLU KA 457 -103.62 -61.12 -51.98
N PRO KA 458 -104.54 -61.82 -52.66
CA PRO KA 458 -104.86 -63.20 -52.26
C PRO KA 458 -103.65 -64.13 -52.28
N ALA KA 459 -103.06 -64.35 -53.45
CA ALA KA 459 -101.84 -65.13 -53.62
C ALA KA 459 -101.50 -65.19 -55.09
N GLU KA 460 -100.28 -65.63 -55.39
CA GLU KA 460 -99.90 -66.03 -56.74
C GLU KA 460 -98.68 -66.93 -56.70
N VAL KA 461 -98.78 -68.13 -57.27
CA VAL KA 461 -97.67 -69.07 -57.25
C VAL KA 461 -97.03 -69.09 -58.64
N GLN KA 462 -96.02 -68.24 -58.84
CA GLN KA 462 -95.30 -68.24 -60.10
C GLN KA 462 -94.35 -69.43 -60.20
N CYS KA 463 -93.40 -69.51 -59.27
CA CYS KA 463 -92.50 -70.64 -59.18
C CYS KA 463 -92.65 -71.27 -57.80
N ALA KA 464 -92.12 -72.49 -57.66
CA ALA KA 464 -92.17 -73.21 -56.40
C ALA KA 464 -90.89 -73.96 -56.10
N PHE KA 465 -89.84 -73.79 -56.90
CA PHE KA 465 -88.64 -74.60 -56.77
C PHE KA 465 -87.91 -74.30 -55.46
N GLY KA 466 -87.47 -73.07 -55.28
CA GLY KA 466 -86.63 -72.73 -54.14
C GLY KA 466 -87.39 -72.45 -52.86
N ALA KA 467 -88.64 -72.86 -52.77
CA ALA KA 467 -89.47 -72.57 -51.60
C ALA KA 467 -90.29 -73.78 -51.19
N TYR KA 468 -89.67 -74.96 -51.17
CA TYR KA 468 -90.39 -76.16 -50.75
C TYR KA 468 -89.40 -77.21 -50.29
N VAL KA 469 -89.76 -77.94 -49.23
CA VAL KA 469 -88.95 -79.02 -48.70
C VAL KA 469 -89.90 -80.16 -48.30
N ALA KA 470 -89.38 -81.38 -48.36
CA ALA KA 470 -90.19 -82.56 -48.07
C ALA KA 470 -89.34 -83.58 -47.34
N ASP KA 471 -89.96 -84.32 -46.41
CA ASP KA 471 -89.29 -85.38 -45.70
C ASP KA 471 -89.25 -86.63 -46.58
N ALA KA 472 -88.06 -87.04 -46.97
CA ALA KA 472 -87.89 -88.20 -47.82
C ALA KA 472 -88.05 -89.48 -47.02
N ARG KA 473 -88.72 -90.45 -47.61
CA ARG KA 473 -88.82 -91.78 -47.04
C ARG KA 473 -87.51 -92.52 -47.26
N PRO KA 474 -87.38 -93.76 -46.79
CA PRO KA 474 -86.21 -94.56 -47.14
C PRO KA 474 -86.14 -94.87 -48.63
N ASP KA 475 -85.20 -95.75 -49.02
CA ASP KA 475 -84.69 -95.87 -50.38
C ASP KA 475 -83.92 -94.61 -50.71
N ALA KA 476 -82.81 -94.40 -49.99
CA ALA KA 476 -82.08 -93.15 -50.03
C ALA KA 476 -81.13 -93.04 -51.22
N LEU KA 477 -81.10 -91.84 -51.80
CA LEU KA 477 -80.01 -91.21 -52.54
C LEU KA 477 -79.84 -91.75 -53.97
N VAL KA 478 -80.51 -92.83 -54.37
CA VAL KA 478 -80.41 -93.30 -55.74
C VAL KA 478 -81.79 -93.23 -56.39
N GLY KA 479 -82.74 -93.95 -55.82
CA GLY KA 479 -84.12 -93.81 -56.27
C GLY KA 479 -84.65 -92.41 -56.03
N LEU KA 480 -84.22 -91.78 -54.94
CA LEU KA 480 -84.65 -90.41 -54.66
C LEU KA 480 -84.13 -89.44 -55.70
N MET KA 481 -82.86 -89.57 -56.08
CA MET KA 481 -82.29 -88.69 -57.10
C MET KA 481 -83.01 -88.88 -58.43
N GLN KA 482 -83.25 -90.12 -58.82
CA GLN KA 482 -83.96 -90.40 -60.07
C GLN KA 482 -85.37 -89.80 -60.03
N ARG KA 483 -86.09 -90.00 -58.93
CA ARG KA 483 -87.43 -89.43 -58.81
C ARG KA 483 -87.40 -87.91 -58.89
N PHE KA 484 -86.40 -87.29 -58.25
CA PHE KA 484 -86.31 -85.83 -58.28
C PHE KA 484 -86.07 -85.32 -59.69
N LEU KA 485 -85.05 -85.86 -60.37
CA LEU KA 485 -84.77 -85.43 -61.73
C LEU KA 485 -85.98 -85.62 -62.65
N GLU KA 486 -86.76 -86.66 -62.42
CA GLU KA 486 -87.88 -86.97 -63.31
C GLU KA 486 -88.99 -85.94 -63.27
N GLU KA 487 -89.30 -85.39 -62.09
CA GLU KA 487 -90.37 -84.43 -61.92
C GLU KA 487 -89.88 -82.99 -61.87
N TRP KA 488 -88.57 -82.77 -61.89
CA TRP KA 488 -88.01 -81.43 -61.76
C TRP KA 488 -88.52 -80.44 -62.82
N PRO KA 489 -88.51 -80.75 -64.12
CA PRO KA 489 -89.03 -79.77 -65.08
C PRO KA 489 -90.49 -79.44 -64.88
N GLY KA 490 -91.28 -80.36 -64.33
CA GLY KA 490 -92.67 -80.09 -64.01
C GLY KA 490 -92.88 -79.22 -62.80
N MET KA 491 -91.81 -78.76 -62.15
CA MET KA 491 -91.92 -77.91 -60.97
C MET KA 491 -91.59 -76.45 -61.23
N MET KA 492 -90.88 -76.15 -62.32
CA MET KA 492 -90.53 -74.78 -62.70
C MET KA 492 -91.25 -74.43 -64.00
N PRO KA 493 -92.52 -74.03 -63.93
CA PRO KA 493 -93.19 -73.56 -65.15
C PRO KA 493 -92.55 -72.32 -65.72
N VAL KA 494 -92.03 -71.44 -64.88
CA VAL KA 494 -91.24 -70.29 -65.29
C VAL KA 494 -89.92 -70.32 -64.51
N ARG KA 495 -88.93 -69.63 -65.04
CA ARG KA 495 -87.64 -69.56 -64.36
C ARG KA 495 -87.79 -68.79 -63.06
N PRO KA 496 -87.21 -69.27 -61.96
CA PRO KA 496 -87.38 -68.58 -60.68
C PRO KA 496 -86.54 -67.32 -60.63
N ARG KA 497 -87.10 -66.28 -60.00
CA ARG KA 497 -86.45 -64.97 -59.97
C ARG KA 497 -85.20 -65.00 -59.11
N TRP KA 498 -85.12 -65.92 -58.14
CA TRP KA 498 -83.98 -65.93 -57.23
C TRP KA 498 -82.73 -66.55 -57.84
N ALA KA 499 -82.88 -67.57 -58.70
CA ALA KA 499 -81.71 -68.27 -59.24
C ALA KA 499 -80.94 -67.39 -60.20
N ALA KA 500 -81.56 -67.03 -61.31
CA ALA KA 500 -80.99 -66.01 -62.17
C ALA KA 500 -81.02 -64.68 -61.42
N PRO KA 501 -80.01 -63.82 -61.59
CA PRO KA 501 -80.03 -62.53 -60.90
C PRO KA 501 -81.16 -61.66 -61.44
N ALA KA 502 -81.76 -60.87 -60.53
CA ALA KA 502 -82.80 -59.94 -60.95
C ALA KA 502 -82.25 -58.94 -61.95
N ALA KA 503 -81.33 -58.08 -61.50
CA ALA KA 503 -80.64 -57.13 -62.36
C ALA KA 503 -79.54 -56.42 -61.58
N ALA KA 504 -78.88 -55.45 -62.23
CA ALA KA 504 -78.02 -54.51 -61.53
C ALA KA 504 -78.73 -53.20 -61.24
N ASP KA 505 -79.34 -52.61 -62.25
CA ASP KA 505 -80.18 -51.42 -62.09
C ASP KA 505 -81.64 -51.69 -62.37
N GLN KA 506 -81.97 -52.47 -63.40
CA GLN KA 506 -83.35 -52.73 -63.79
C GLN KA 506 -84.20 -53.29 -62.67
N LEU KA 507 -83.60 -53.76 -61.58
CA LEU KA 507 -84.37 -54.04 -60.37
C LEU KA 507 -85.11 -52.79 -59.90
N LEU KA 508 -84.43 -51.64 -59.95
CA LEU KA 508 -85.02 -50.36 -59.59
C LEU KA 508 -85.82 -49.73 -60.72
N ALA KA 509 -86.15 -50.50 -61.77
CA ALA KA 509 -87.01 -49.98 -62.82
C ALA KA 509 -88.38 -49.63 -62.25
N PRO KA 510 -89.11 -48.72 -62.88
CA PRO KA 510 -90.38 -48.25 -62.28
C PRO KA 510 -91.54 -49.24 -62.40
N GLY KA 511 -91.29 -50.45 -62.89
CA GLY KA 511 -92.38 -51.38 -63.07
C GLY KA 511 -92.12 -52.83 -62.70
N ASN KA 512 -90.89 -53.16 -62.32
CA ASN KA 512 -90.55 -54.55 -62.06
C ASN KA 512 -91.29 -55.06 -60.82
N ALA KA 513 -91.47 -56.38 -60.76
CA ALA KA 513 -92.21 -57.03 -59.69
C ALA KA 513 -91.31 -57.50 -58.55
N ASP KA 514 -90.11 -56.95 -58.45
CA ASP KA 514 -89.18 -57.28 -57.37
C ASP KA 514 -89.21 -56.27 -56.23
N LEU KA 515 -89.41 -55.00 -56.54
CA LEU KA 515 -89.48 -53.98 -55.49
C LEU KA 515 -90.63 -54.21 -54.54
N ARG KA 516 -91.70 -54.86 -55.00
CA ARG KA 516 -92.86 -55.15 -54.15
C ARG KA 516 -92.54 -56.16 -53.05
N LEU KA 517 -91.32 -56.68 -52.98
CA LEU KA 517 -90.98 -57.65 -51.95
C LEU KA 517 -89.63 -57.40 -51.30
N GLU KA 518 -88.96 -56.27 -51.59
CA GLU KA 518 -87.68 -55.93 -51.00
C GLU KA 518 -87.89 -54.69 -50.14
N LEU KA 519 -88.26 -54.92 -48.88
CA LEU KA 519 -88.63 -53.83 -47.98
C LEU KA 519 -88.07 -54.05 -46.58
N HIS KA 520 -86.94 -54.75 -46.49
CA HIS KA 520 -86.22 -54.91 -45.24
C HIS KA 520 -84.80 -55.37 -45.51
N PRO KA 521 -83.81 -54.88 -44.76
CA PRO KA 521 -82.41 -55.26 -45.03
C PRO KA 521 -81.97 -56.57 -44.41
N ALA KA 522 -82.74 -57.15 -43.49
CA ALA KA 522 -82.30 -58.36 -42.80
C ALA KA 522 -83.28 -59.52 -42.96
N PHE KA 523 -84.33 -59.36 -43.75
CA PHE KA 523 -85.30 -60.42 -43.97
C PHE KA 523 -85.42 -60.71 -45.46
N ASP KA 524 -85.99 -61.88 -45.77
CA ASP KA 524 -86.29 -62.29 -47.13
C ASP KA 524 -87.76 -62.65 -47.22
N PHE KA 525 -88.48 -62.02 -48.15
CA PHE KA 525 -89.89 -62.29 -48.37
C PHE KA 525 -90.05 -63.01 -49.69
N PHE KA 526 -90.86 -64.07 -49.69
CA PHE KA 526 -91.09 -64.85 -50.90
C PHE KA 526 -92.54 -65.35 -50.89
N VAL KA 527 -92.88 -66.16 -51.88
CA VAL KA 527 -94.20 -66.77 -51.99
C VAL KA 527 -94.01 -68.28 -52.06
N ALA KA 528 -94.63 -69.00 -51.14
CA ALA KA 528 -94.47 -70.43 -51.02
C ALA KA 528 -95.84 -71.10 -51.03
N PRO KA 529 -95.92 -72.32 -51.54
CA PRO KA 529 -97.19 -73.07 -51.47
C PRO KA 529 -97.59 -73.29 -50.02
N GLU KA 530 -98.86 -73.00 -49.74
CA GLU KA 530 -99.33 -72.94 -48.35
C GLU KA 530 -99.46 -74.34 -47.75
N VAL KA 531 -98.35 -74.85 -47.23
CA VAL KA 531 -98.26 -76.18 -46.64
C VAL KA 531 -97.21 -76.14 -45.53
N ASP KA 532 -97.39 -76.97 -44.51
CA ASP KA 532 -96.41 -77.13 -43.45
C ASP KA 532 -95.14 -77.74 -44.03
N VAL KA 533 -93.99 -77.26 -43.57
CA VAL KA 533 -92.69 -77.74 -44.04
C VAL KA 533 -92.01 -78.49 -42.90
N PRO KA 534 -91.40 -79.66 -43.17
CA PRO KA 534 -91.44 -80.32 -44.47
C PRO KA 534 -92.79 -80.99 -44.74
N GLY KA 535 -93.04 -81.37 -45.99
CA GLY KA 535 -94.31 -81.95 -46.35
C GLY KA 535 -94.16 -83.17 -47.24
N PRO KA 536 -95.20 -83.49 -47.99
CA PRO KA 536 -95.13 -84.64 -48.91
C PRO KA 536 -94.15 -84.40 -50.04
N PHE KA 537 -93.67 -85.49 -50.61
CA PHE KA 537 -92.65 -85.43 -51.67
C PHE KA 537 -93.20 -84.88 -52.97
N ALA KA 538 -94.48 -85.10 -53.27
CA ALA KA 538 -95.10 -84.57 -54.46
C ALA KA 538 -95.64 -83.18 -54.18
N VAL KA 539 -95.24 -82.21 -54.99
CA VAL KA 539 -95.62 -80.82 -54.81
C VAL KA 539 -97.15 -80.69 -54.90
N PRO KA 540 -97.78 -79.94 -54.01
CA PRO KA 540 -99.22 -79.71 -54.13
C PRO KA 540 -99.52 -78.54 -55.05
N GLN KA 541 -100.80 -78.28 -55.30
CA GLN KA 541 -101.24 -77.18 -56.14
C GLN KA 541 -101.94 -76.13 -55.30
N VAL KA 542 -101.74 -76.18 -53.99
CA VAL KA 542 -102.41 -75.26 -53.07
C VAL KA 542 -102.04 -73.82 -53.40
N MET KA 543 -102.96 -72.91 -53.10
CA MET KA 543 -102.71 -71.50 -53.33
C MET KA 543 -101.74 -70.97 -52.29
N GLY KA 544 -100.78 -70.17 -52.76
CA GLY KA 544 -99.63 -69.81 -51.96
C GLY KA 544 -99.92 -68.78 -50.89
N GLN KA 545 -98.84 -68.33 -50.25
CA GLN KA 545 -98.88 -67.30 -49.22
C GLN KA 545 -97.60 -66.49 -49.32
N VAL KA 546 -97.37 -65.61 -48.35
CA VAL KA 546 -96.14 -64.82 -48.28
C VAL KA 546 -95.51 -65.08 -46.91
N ARG KA 547 -94.46 -65.89 -46.87
CA ARG KA 547 -93.74 -66.17 -45.65
C ARG KA 547 -92.55 -65.21 -45.52
N ALA KA 548 -91.92 -65.23 -44.35
CA ALA KA 548 -90.77 -64.38 -44.08
C ALA KA 548 -89.64 -65.23 -43.56
N MET KA 549 -88.44 -65.01 -44.10
CA MET KA 549 -87.26 -65.73 -43.66
C MET KA 549 -86.14 -64.72 -43.37
N PRO KA 550 -85.51 -64.80 -42.22
CA PRO KA 550 -84.44 -63.85 -41.92
C PRO KA 550 -83.12 -64.27 -42.56
N ARG KA 551 -82.50 -63.32 -43.25
CA ARG KA 551 -81.15 -63.54 -43.77
C ARG KA 551 -80.20 -63.60 -42.58
N ILE KA 552 -79.80 -64.82 -42.20
CA ILE KA 552 -78.94 -64.97 -41.04
C ILE KA 552 -77.55 -64.41 -41.30
N ILE KA 553 -77.07 -64.53 -42.52
CA ILE KA 553 -75.72 -64.12 -42.88
C ILE KA 553 -75.79 -62.87 -43.74
N ASN KA 554 -75.03 -61.84 -43.36
CA ASN KA 554 -75.06 -60.56 -44.05
C ASN KA 554 -74.73 -60.66 -45.53
N GLY KA 555 -74.03 -61.71 -45.96
CA GLY KA 555 -73.74 -61.89 -47.37
C GLY KA 555 -74.96 -62.25 -48.20
N ASN KA 556 -76.10 -62.50 -47.56
CA ASN KA 556 -77.31 -62.87 -48.27
C ASN KA 556 -78.02 -61.69 -48.92
N ILE KA 557 -77.49 -60.47 -48.78
CA ILE KA 557 -78.06 -59.34 -49.50
C ILE KA 557 -77.91 -59.59 -50.99
N PRO KA 558 -78.96 -59.44 -51.79
CA PRO KA 558 -78.83 -59.66 -53.24
C PRO KA 558 -77.77 -58.75 -53.84
N LEU KA 559 -77.17 -59.23 -54.93
CA LEU KA 559 -76.00 -58.55 -55.51
C LEU KA 559 -76.32 -57.13 -55.92
N ALA KA 560 -77.58 -56.85 -56.27
CA ALA KA 560 -77.94 -55.51 -56.74
C ALA KA 560 -77.86 -54.45 -55.65
N LEU KA 561 -77.93 -54.86 -54.38
CA LEU KA 561 -77.87 -53.92 -53.27
C LEU KA 561 -76.61 -54.08 -52.43
N CYS KA 562 -75.66 -54.87 -52.90
CA CYS KA 562 -74.33 -55.01 -52.30
C CYS KA 562 -73.41 -55.60 -53.36
N PRO KA 563 -72.98 -54.77 -54.32
CA PRO KA 563 -72.26 -55.32 -55.49
C PRO KA 563 -70.97 -56.03 -55.12
N VAL KA 564 -70.54 -56.90 -56.03
CA VAL KA 564 -69.39 -57.76 -55.77
C VAL KA 564 -68.12 -56.93 -55.56
N ASP KA 565 -68.07 -55.76 -56.19
CA ASP KA 565 -66.93 -54.86 -56.02
C ASP KA 565 -66.72 -54.51 -54.55
N PHE KA 566 -67.81 -54.16 -53.86
CA PHE KA 566 -67.74 -53.80 -52.46
C PHE KA 566 -67.27 -54.97 -51.61
N ARG KA 567 -67.73 -56.19 -51.94
CA ARG KA 567 -67.33 -57.36 -51.16
C ARG KA 567 -65.85 -57.64 -51.32
N ASP KA 568 -65.34 -57.62 -52.56
CA ASP KA 568 -63.91 -57.83 -52.73
C ASP KA 568 -63.10 -56.69 -52.12
N ALA KA 569 -63.68 -55.49 -52.06
CA ALA KA 569 -63.02 -54.37 -51.40
C ALA KA 569 -62.83 -54.64 -49.91
N ARG KA 570 -63.91 -54.96 -49.21
CA ARG KA 570 -63.78 -55.26 -47.78
C ARG KA 570 -62.90 -56.48 -47.55
N GLY KA 571 -62.93 -57.44 -48.48
CA GLY KA 571 -62.03 -58.58 -48.37
C GLY KA 571 -60.57 -58.18 -48.40
N PHE KA 572 -60.18 -57.42 -49.42
CA PHE KA 572 -58.81 -56.89 -49.46
C PHE KA 572 -58.52 -56.03 -48.25
N GLU KA 573 -59.54 -55.40 -47.67
CA GLU KA 573 -59.34 -54.62 -46.44
C GLU KA 573 -58.86 -55.52 -45.31
N LEU KA 574 -59.55 -56.64 -45.08
CA LEU KA 574 -59.12 -57.52 -43.98
C LEU KA 574 -57.85 -58.30 -44.30
N SER KA 575 -57.26 -58.14 -45.48
CA SER KA 575 -56.21 -59.05 -45.92
C SER KA 575 -54.82 -58.54 -45.55
N VAL KA 576 -54.73 -57.29 -45.10
CA VAL KA 576 -53.42 -56.66 -44.93
C VAL KA 576 -52.67 -57.25 -43.75
N ASP KA 577 -51.51 -57.85 -44.03
CA ASP KA 577 -50.55 -58.27 -43.03
C ASP KA 577 -51.16 -59.25 -42.04
N ARG KA 578 -52.23 -59.93 -42.46
CA ARG KA 578 -52.84 -60.99 -41.68
C ARG KA 578 -52.20 -62.34 -42.00
N HIS KA 579 -52.32 -62.77 -43.25
CA HIS KA 579 -51.67 -63.97 -43.74
C HIS KA 579 -51.84 -64.05 -45.25
N ARG KA 580 -50.84 -64.59 -45.95
CA ARG KA 580 -50.89 -64.70 -47.39
C ARG KA 580 -50.51 -66.12 -47.78
N LEU KA 581 -50.94 -66.52 -48.97
CA LEU KA 581 -50.58 -67.82 -49.54
C LEU KA 581 -49.51 -67.58 -50.58
N ALA KA 582 -48.28 -67.98 -50.27
CA ALA KA 582 -47.19 -67.79 -51.20
C ALA KA 582 -47.55 -68.40 -52.55
N PRO KA 583 -47.22 -67.73 -53.66
CA PRO KA 583 -47.72 -68.18 -54.97
C PRO KA 583 -47.37 -69.62 -55.30
N ALA KA 584 -46.28 -70.15 -54.72
CA ALA KA 584 -45.94 -71.55 -54.92
C ALA KA 584 -47.02 -72.50 -54.41
N THR KA 585 -47.87 -72.07 -53.50
CA THR KA 585 -48.95 -72.89 -52.97
C THR KA 585 -50.24 -72.74 -53.77
N VAL KA 586 -50.59 -71.51 -54.14
CA VAL KA 586 -51.82 -71.30 -54.89
C VAL KA 586 -51.68 -71.82 -56.32
N ALA KA 587 -50.48 -71.71 -56.91
CA ALA KA 587 -50.27 -72.24 -58.24
C ALA KA 587 -50.41 -73.75 -58.29
N ALA KA 588 -50.21 -74.42 -57.16
CA ALA KA 588 -50.41 -75.86 -57.06
C ALA KA 588 -51.86 -76.22 -56.74
N VAL KA 589 -52.47 -75.50 -55.80
CA VAL KA 589 -53.84 -75.80 -55.41
C VAL KA 589 -54.81 -75.54 -56.55
N ARG KA 590 -54.73 -74.36 -57.18
CA ARG KA 590 -55.59 -74.08 -58.32
C ARG KA 590 -55.29 -75.01 -59.48
N GLY KA 591 -54.02 -75.32 -59.72
CA GLY KA 591 -53.68 -76.27 -60.76
C GLY KA 591 -54.28 -77.64 -60.53
N ALA KA 592 -54.38 -78.06 -59.26
CA ALA KA 592 -55.05 -79.31 -58.95
C ALA KA 592 -56.55 -79.21 -59.20
N PHE KA 593 -57.17 -78.14 -58.70
CA PHE KA 593 -58.63 -78.01 -58.80
C PHE KA 593 -59.08 -77.89 -60.26
N ARG KA 594 -58.29 -77.22 -61.10
CA ARG KA 594 -58.66 -76.99 -62.49
C ARG KA 594 -58.29 -78.14 -63.41
N ASP KA 595 -57.50 -79.11 -62.94
CA ASP KA 595 -57.09 -80.21 -63.78
C ASP KA 595 -58.29 -81.07 -64.16
N ALA KA 596 -58.22 -81.66 -65.34
CA ALA KA 596 -59.30 -82.49 -65.87
C ALA KA 596 -59.02 -83.98 -65.77
N ASN KA 597 -57.77 -84.39 -65.67
CA ASN KA 597 -57.39 -85.80 -65.60
C ASN KA 597 -56.91 -86.19 -64.21
N TYR KA 598 -57.55 -85.66 -63.17
CA TYR KA 598 -57.28 -86.08 -61.81
C TYR KA 598 -57.44 -87.60 -61.71
N PRO KA 599 -56.42 -88.31 -61.24
CA PRO KA 599 -56.52 -89.78 -61.20
C PRO KA 599 -57.63 -90.25 -60.27
N MET KA 600 -58.57 -91.03 -60.83
CA MET KA 600 -59.68 -91.54 -60.05
C MET KA 600 -59.21 -92.45 -58.92
N VAL KA 601 -58.01 -93.03 -59.04
CA VAL KA 601 -57.45 -93.85 -57.97
C VAL KA 601 -57.46 -93.08 -56.66
N PHE KA 602 -57.23 -91.78 -56.70
CA PHE KA 602 -57.26 -90.97 -55.48
C PHE KA 602 -58.66 -90.91 -54.90
N TYR KA 603 -59.66 -90.72 -55.75
CA TYR KA 603 -61.04 -90.74 -55.29
C TYR KA 603 -61.38 -92.07 -54.64
N ILE KA 604 -60.93 -93.17 -55.26
CA ILE KA 604 -61.15 -94.50 -54.68
C ILE KA 604 -60.51 -94.57 -53.29
N ILE KA 605 -59.25 -94.14 -53.18
CA ILE KA 605 -58.53 -94.25 -51.93
C ILE KA 605 -59.21 -93.45 -50.83
N GLU KA 606 -59.60 -92.21 -51.14
CA GLU KA 606 -60.21 -91.38 -50.11
C GLU KA 606 -61.61 -91.87 -49.74
N ALA KA 607 -62.36 -92.38 -50.72
CA ALA KA 607 -63.66 -92.96 -50.40
C ALA KA 607 -63.51 -94.21 -49.53
N VAL KA 608 -62.42 -94.94 -49.68
CA VAL KA 608 -62.16 -96.09 -48.82
C VAL KA 608 -61.78 -95.63 -47.41
N ILE KA 609 -60.94 -94.60 -47.32
CA ILE KA 609 -60.56 -94.09 -46.00
C ILE KA 609 -61.76 -93.47 -45.29
N HIS KA 610 -62.46 -92.58 -45.99
CA HIS KA 610 -63.65 -91.87 -45.48
C HIS KA 610 -63.43 -91.33 -44.06
N GLY KA 611 -62.37 -90.53 -43.91
CA GLY KA 611 -62.17 -89.80 -42.68
C GLY KA 611 -61.74 -90.62 -41.49
N SER KA 612 -61.30 -91.86 -41.71
CA SER KA 612 -60.89 -92.70 -40.60
C SER KA 612 -59.55 -92.24 -40.04
N GLU KA 613 -59.33 -92.53 -38.76
CA GLU KA 613 -58.02 -92.36 -38.17
C GLU KA 613 -57.16 -93.61 -38.32
N ARG KA 614 -57.75 -94.79 -38.21
CA ARG KA 614 -56.99 -96.04 -38.26
C ARG KA 614 -56.53 -96.37 -39.67
N THR KA 615 -57.47 -96.45 -40.61
CA THR KA 615 -57.13 -96.91 -41.95
C THR KA 615 -56.13 -95.98 -42.63
N PHE KA 616 -56.15 -94.69 -42.29
CA PHE KA 616 -55.18 -93.79 -42.89
C PHE KA 616 -53.77 -94.05 -42.37
N CYS KA 617 -53.62 -94.25 -41.06
CA CYS KA 617 -52.30 -94.57 -40.54
C CYS KA 617 -51.84 -95.92 -41.05
N ALA KA 618 -52.77 -96.80 -41.39
CA ALA KA 618 -52.40 -98.07 -42.01
C ALA KA 618 -51.98 -97.89 -43.48
N LEU KA 619 -52.61 -96.98 -44.20
CA LEU KA 619 -52.36 -96.77 -45.62
C LEU KA 619 -51.32 -95.68 -45.89
N ALA KA 620 -50.75 -95.09 -44.85
CA ALA KA 620 -49.78 -94.01 -44.99
C ALA KA 620 -48.74 -94.26 -46.08
N ARG KA 621 -48.25 -95.50 -46.20
CA ARG KA 621 -47.24 -95.80 -47.21
C ARG KA 621 -47.79 -95.62 -48.62
N LEU KA 622 -48.94 -96.23 -48.90
CA LEU KA 622 -49.57 -96.08 -50.20
C LEU KA 622 -49.89 -94.62 -50.50
N VAL KA 623 -50.41 -93.90 -49.50
CA VAL KA 623 -50.77 -92.51 -49.70
C VAL KA 623 -49.54 -91.68 -50.04
N ALA KA 624 -48.45 -91.88 -49.31
CA ALA KA 624 -47.23 -91.12 -49.58
C ALA KA 624 -46.65 -91.46 -50.94
N GLN KA 625 -46.73 -92.74 -51.35
CA GLN KA 625 -46.27 -93.10 -52.68
C GLN KA 625 -47.08 -92.38 -53.75
N CYS KA 626 -48.41 -92.35 -53.57
CA CYS KA 626 -49.27 -91.63 -54.51
C CYS KA 626 -48.89 -90.15 -54.57
N ILE KA 627 -48.68 -89.53 -53.41
CA ILE KA 627 -48.32 -88.11 -53.37
C ILE KA 627 -47.00 -87.89 -54.11
N GLN KA 628 -45.99 -88.69 -53.80
CA GLN KA 628 -44.69 -88.58 -54.45
C GLN KA 628 -44.82 -88.67 -55.97
N SER KA 629 -45.52 -89.70 -56.44
CA SER KA 629 -45.63 -89.90 -57.89
C SER KA 629 -46.35 -88.74 -58.55
N TYR KA 630 -47.50 -88.32 -57.99
CA TYR KA 630 -48.27 -87.25 -58.61
C TYR KA 630 -47.48 -85.94 -58.62
N TRP KA 631 -46.75 -85.66 -57.54
CA TRP KA 631 -45.94 -84.44 -57.52
C TRP KA 631 -44.85 -84.51 -58.58
N ARG KA 632 -44.00 -85.53 -58.54
CA ARG KA 632 -42.95 -85.65 -59.54
C ARG KA 632 -43.49 -85.76 -60.96
N ASN KA 633 -44.79 -85.97 -61.11
CA ASN KA 633 -45.38 -86.06 -62.44
C ASN KA 633 -45.98 -84.74 -62.94
N THR KA 634 -46.62 -83.95 -62.07
CA THR KA 634 -47.28 -82.74 -62.55
C THR KA 634 -47.04 -81.48 -61.75
N HIS KA 635 -46.41 -81.54 -60.57
CA HIS KA 635 -46.29 -80.39 -59.67
C HIS KA 635 -47.66 -79.86 -59.26
N ASN KA 636 -48.43 -80.75 -58.64
CA ASN KA 636 -49.75 -80.39 -58.09
C ASN KA 636 -49.86 -80.88 -56.66
N ALA KA 637 -51.06 -80.80 -56.09
CA ALA KA 637 -51.33 -81.36 -54.78
C ALA KA 637 -52.48 -82.35 -54.89
N ALA KA 638 -52.45 -83.37 -54.05
CA ALA KA 638 -53.46 -84.42 -54.08
C ALA KA 638 -54.24 -84.43 -52.77
N PHE KA 639 -55.45 -84.99 -52.83
CA PHE KA 639 -56.33 -85.10 -51.66
C PHE KA 639 -56.61 -83.74 -51.04
N VAL KA 640 -56.66 -82.70 -51.88
CA VAL KA 640 -57.04 -81.37 -51.42
C VAL KA 640 -58.55 -81.25 -51.22
N ASN KA 641 -59.35 -82.06 -51.90
CA ASN KA 641 -60.80 -82.00 -51.75
C ASN KA 641 -61.22 -82.38 -50.33
N ASN KA 642 -60.58 -83.39 -49.76
CA ASN KA 642 -60.98 -83.88 -48.44
C ASN KA 642 -60.23 -83.12 -47.35
N PHE KA 643 -60.98 -82.71 -46.32
CA PHE KA 643 -60.40 -81.94 -45.21
C PHE KA 643 -59.66 -82.86 -44.24
N TYR KA 644 -60.32 -83.92 -43.78
CA TYR KA 644 -59.66 -84.87 -42.88
C TYR KA 644 -58.39 -85.43 -43.51
N MET KA 645 -58.41 -85.65 -44.82
CA MET KA 645 -57.22 -86.15 -45.50
C MET KA 645 -56.07 -85.16 -45.43
N VAL KA 646 -56.30 -83.90 -45.84
CA VAL KA 646 -55.25 -82.90 -45.82
C VAL KA 646 -54.80 -82.56 -44.41
N MET KA 647 -55.63 -82.84 -43.41
CA MET KA 647 -55.19 -82.67 -42.02
C MET KA 647 -54.28 -83.82 -41.59
N TYR KA 648 -54.73 -85.06 -41.77
CA TYR KA 648 -53.89 -86.21 -41.45
C TYR KA 648 -52.56 -86.15 -42.18
N ILE KA 649 -52.54 -85.57 -43.38
CA ILE KA 649 -51.31 -85.48 -44.16
C ILE KA 649 -50.22 -84.80 -43.34
N ASN KA 650 -50.43 -83.54 -42.97
CA ASN KA 650 -49.41 -82.81 -42.23
C ASN KA 650 -49.38 -83.19 -40.75
N THR KA 651 -50.36 -83.94 -40.25
CA THR KA 651 -50.26 -84.42 -38.88
C THR KA 651 -49.29 -85.59 -38.78
N TYR KA 652 -49.52 -86.65 -39.55
CA TYR KA 652 -48.70 -87.85 -39.47
C TYR KA 652 -47.54 -87.83 -40.46
N LEU KA 653 -47.85 -87.66 -41.75
CA LEU KA 653 -46.81 -87.73 -42.78
C LEU KA 653 -45.82 -86.59 -42.59
N GLY KA 654 -46.28 -85.35 -42.76
CA GLY KA 654 -45.55 -84.17 -42.35
C GLY KA 654 -44.05 -84.16 -42.61
N ASN KA 655 -43.27 -84.15 -41.53
CA ASN KA 655 -41.81 -84.15 -41.60
C ASN KA 655 -41.24 -85.41 -42.26
N GLY KA 656 -42.07 -86.40 -42.57
CA GLY KA 656 -41.57 -87.70 -42.97
C GLY KA 656 -41.36 -87.90 -44.45
N GLU KA 657 -42.16 -88.80 -45.05
CA GLU KA 657 -41.89 -89.27 -46.40
C GLU KA 657 -42.02 -88.16 -47.45
N LEU KA 658 -42.75 -87.10 -47.14
CA LEU KA 658 -42.89 -86.03 -48.11
C LEU KA 658 -41.54 -85.40 -48.41
N PRO KA 659 -41.33 -84.96 -49.66
CA PRO KA 659 -40.12 -84.21 -49.98
C PRO KA 659 -40.07 -82.91 -49.21
N GLU KA 660 -38.90 -82.29 -49.20
CA GLU KA 660 -38.67 -81.05 -48.46
C GLU KA 660 -39.57 -79.92 -48.91
N ASP KA 661 -40.19 -80.03 -50.08
CA ASP KA 661 -40.96 -78.94 -50.68
C ASP KA 661 -42.45 -79.21 -50.68
N CYS KA 662 -42.86 -80.45 -50.98
CA CYS KA 662 -44.27 -80.76 -51.16
C CYS KA 662 -45.10 -80.50 -49.91
N ALA KA 663 -44.54 -80.77 -48.74
CA ALA KA 663 -45.28 -80.61 -47.49
C ALA KA 663 -45.61 -79.16 -47.19
N ALA KA 664 -44.84 -78.22 -47.73
CA ALA KA 664 -45.13 -76.80 -47.50
C ALA KA 664 -46.53 -76.43 -48.00
N VAL KA 665 -46.98 -77.05 -49.10
CA VAL KA 665 -48.32 -76.79 -49.62
C VAL KA 665 -49.37 -77.08 -48.56
N TYR KA 666 -49.36 -78.29 -48.02
CA TYR KA 666 -50.35 -78.69 -47.02
C TYR KA 666 -50.16 -77.94 -45.71
N LYS KA 667 -48.94 -77.58 -45.35
CA LYS KA 667 -48.73 -76.79 -44.15
C LYS KA 667 -49.35 -75.40 -44.28
N ASP KA 668 -49.17 -74.77 -45.45
CA ASP KA 668 -49.76 -73.46 -45.69
C ASP KA 668 -51.28 -73.55 -45.75
N LEU KA 669 -51.81 -74.60 -46.40
CA LEU KA 669 -53.25 -74.76 -46.50
C LEU KA 669 -53.93 -74.94 -45.14
N LEU KA 670 -53.19 -75.35 -44.12
CA LEU KA 670 -53.73 -75.46 -42.77
C LEU KA 670 -53.49 -74.20 -41.93
N GLU KA 671 -52.30 -73.59 -42.07
CA GLU KA 671 -52.05 -72.33 -41.38
C GLU KA 671 -53.01 -71.24 -41.83
N HIS KA 672 -53.43 -71.27 -43.09
CA HIS KA 672 -54.40 -70.29 -43.57
C HIS KA 672 -55.74 -70.46 -42.87
N VAL KA 673 -56.21 -71.70 -42.74
CA VAL KA 673 -57.46 -71.95 -42.02
C VAL KA 673 -57.32 -71.54 -40.56
N HIS KA 674 -56.14 -71.77 -39.97
CA HIS KA 674 -55.94 -71.35 -38.59
C HIS KA 674 -56.01 -69.83 -38.45
N ALA KA 675 -55.41 -69.11 -39.40
CA ALA KA 675 -55.49 -67.65 -39.36
C ALA KA 675 -56.91 -67.15 -39.53
N LEU KA 676 -57.66 -67.75 -40.46
CA LEU KA 676 -59.05 -67.38 -40.63
C LEU KA 676 -59.87 -67.67 -39.38
N ARG KA 677 -59.54 -68.76 -38.67
CA ARG KA 677 -60.22 -69.04 -37.41
C ARG KA 677 -59.88 -67.98 -36.37
N ARG KA 678 -58.61 -67.59 -36.28
CA ARG KA 678 -58.22 -66.56 -35.33
C ARG KA 678 -58.81 -65.19 -35.68
N LEU KA 679 -59.20 -64.99 -36.94
CA LEU KA 679 -59.82 -63.73 -37.34
C LEU KA 679 -61.01 -63.37 -36.46
N ILE KA 680 -62.00 -64.26 -36.39
CA ILE KA 680 -63.23 -63.98 -35.64
C ILE KA 680 -62.93 -63.88 -34.15
N GLY KA 681 -61.77 -64.39 -33.74
CA GLY KA 681 -61.35 -64.28 -32.35
C GLY KA 681 -61.06 -62.88 -31.87
N GLU KA 682 -61.00 -61.90 -32.78
CA GLU KA 682 -60.73 -60.53 -32.39
C GLU KA 682 -61.84 -59.57 -32.79
N PHE KA 683 -62.89 -60.06 -33.46
CA PHE KA 683 -64.01 -59.21 -33.86
C PHE KA 683 -65.21 -59.35 -32.94
N THR KA 684 -65.06 -60.06 -31.82
CA THR KA 684 -66.12 -60.22 -30.84
C THR KA 684 -65.62 -59.70 -29.50
N LEU KA 685 -66.23 -58.63 -29.02
CA LEU KA 685 -65.91 -58.14 -27.69
C LEU KA 685 -66.24 -59.22 -26.68
N PRO KA 686 -65.30 -59.62 -25.82
CA PRO KA 686 -65.54 -60.75 -24.91
C PRO KA 686 -66.66 -60.44 -23.93
N GLY KA 687 -67.60 -61.37 -23.83
CA GLY KA 687 -68.74 -61.24 -22.94
C GLY KA 687 -69.12 -62.60 -22.35
N ASP KA 688 -70.29 -62.62 -21.73
CA ASP KA 688 -70.76 -63.82 -21.06
C ASP KA 688 -71.71 -64.60 -21.96
N PRO KA 689 -71.63 -65.94 -21.95
CA PRO KA 689 -72.55 -66.73 -22.77
C PRO KA 689 -74.01 -66.44 -22.45
N LEU KA 690 -74.78 -66.12 -23.48
CA LEU KA 690 -76.18 -65.74 -23.32
C LEU KA 690 -77.12 -66.92 -23.50
N GLY KA 691 -77.12 -67.54 -24.68
CA GLY KA 691 -77.99 -68.67 -24.93
C GLY KA 691 -77.32 -69.97 -24.58
N ASN KA 692 -76.61 -69.99 -23.45
CA ASN KA 692 -75.74 -71.11 -23.06
C ASN KA 692 -74.71 -71.42 -24.15
N GLN KA 693 -74.49 -70.47 -25.05
CA GLN KA 693 -73.43 -70.49 -26.03
C GLN KA 693 -72.55 -69.28 -25.81
N PRO KA 694 -71.22 -69.42 -25.93
CA PRO KA 694 -70.35 -68.25 -25.79
C PRO KA 694 -70.66 -67.21 -26.85
N GLN KA 695 -70.15 -65.99 -26.61
CA GLN KA 695 -70.38 -64.90 -27.55
C GLN KA 695 -69.82 -65.19 -28.93
N GLU KA 696 -68.72 -65.94 -29.00
CA GLU KA 696 -68.06 -66.22 -30.28
C GLU KA 696 -68.96 -66.95 -31.28
N GLU KA 697 -70.12 -67.45 -30.84
CA GLU KA 697 -71.08 -68.10 -31.72
C GLU KA 697 -72.24 -67.21 -32.12
N LEU KA 698 -72.78 -66.42 -31.19
CA LEU KA 698 -73.84 -65.49 -31.53
C LEU KA 698 -73.40 -64.44 -32.56
N ASN KA 699 -72.10 -64.16 -32.64
CA ASN KA 699 -71.61 -63.18 -33.60
C ASN KA 699 -71.46 -63.78 -34.99
N HIS KA 700 -70.60 -64.78 -35.12
CA HIS KA 700 -70.33 -65.38 -36.42
C HIS KA 700 -71.41 -66.41 -36.75
N ALA KA 701 -71.25 -67.09 -37.89
CA ALA KA 701 -72.13 -68.19 -38.25
C ALA KA 701 -71.39 -69.51 -38.44
N LEU KA 702 -70.10 -69.48 -38.80
CA LEU KA 702 -69.30 -70.68 -38.92
C LEU KA 702 -68.66 -71.08 -37.60
N ALA KA 703 -68.61 -70.18 -36.62
CA ALA KA 703 -68.18 -70.53 -35.28
C ALA KA 703 -69.29 -71.18 -34.47
N ASP KA 704 -70.54 -71.07 -34.91
CA ASP KA 704 -71.66 -71.70 -34.24
C ASP KA 704 -71.53 -73.23 -34.33
N ALA KA 705 -72.16 -73.91 -33.37
CA ALA KA 705 -72.11 -75.38 -33.35
C ALA KA 705 -73.34 -76.01 -33.98
N THR KA 706 -74.48 -75.34 -33.98
CA THR KA 706 -75.74 -75.91 -34.45
C THR KA 706 -75.91 -75.83 -35.96
N LEU KA 707 -74.84 -75.61 -36.71
CA LEU KA 707 -74.88 -75.58 -38.17
C LEU KA 707 -73.98 -76.70 -38.70
N LEU KA 708 -74.60 -77.74 -39.24
CA LEU KA 708 -73.83 -78.90 -39.68
C LEU KA 708 -72.94 -78.54 -40.86
N PRO KA 709 -71.71 -79.04 -40.90
CA PRO KA 709 -70.86 -78.86 -42.08
C PRO KA 709 -71.48 -79.54 -43.29
N PRO KA 710 -70.97 -79.28 -44.49
CA PRO KA 710 -71.52 -79.95 -45.68
C PRO KA 710 -71.21 -81.43 -45.72
N LEU KA 711 -69.99 -81.84 -45.34
CA LEU KA 711 -69.58 -83.24 -45.43
C LEU KA 711 -69.06 -83.70 -44.09
N ILE KA 712 -69.90 -84.42 -43.34
CA ILE KA 712 -69.47 -85.07 -42.11
C ILE KA 712 -68.90 -86.43 -42.46
N TRP KA 713 -68.18 -87.01 -41.50
CA TRP KA 713 -67.57 -88.33 -41.70
C TRP KA 713 -67.79 -89.25 -40.52
N ASP KA 714 -68.38 -88.75 -39.44
CA ASP KA 714 -68.82 -89.54 -38.30
C ASP KA 714 -69.79 -88.67 -37.53
N CYS KA 715 -70.27 -89.18 -36.39
CA CYS KA 715 -71.31 -88.51 -35.64
C CYS KA 715 -70.76 -87.51 -34.63
N ASP KA 716 -69.52 -87.02 -34.85
CA ASP KA 716 -68.95 -86.00 -33.95
C ASP KA 716 -69.80 -84.75 -33.86
N PRO KA 717 -70.18 -84.07 -34.95
CA PRO KA 717 -70.93 -82.82 -34.78
C PRO KA 717 -72.33 -83.06 -34.23
N ILE KA 718 -72.97 -84.18 -34.58
CA ILE KA 718 -74.29 -84.47 -34.07
C ILE KA 718 -74.26 -84.66 -32.56
N LEU KA 719 -73.22 -85.34 -32.05
CA LEU KA 719 -73.05 -85.43 -30.61
C LEU KA 719 -72.73 -84.06 -30.00
N TYR KA 720 -72.10 -83.18 -30.77
CA TYR KA 720 -71.89 -81.80 -30.31
C TYR KA 720 -73.10 -80.92 -30.57
N ARG KA 721 -74.06 -81.38 -31.37
CA ARG KA 721 -75.26 -80.62 -31.71
C ARG KA 721 -76.35 -80.68 -30.65
N ASP KA 722 -76.56 -81.84 -30.03
CA ASP KA 722 -77.69 -82.02 -29.13
C ASP KA 722 -77.50 -81.35 -27.78
N GLY KA 723 -76.29 -80.91 -27.45
CA GLY KA 723 -76.07 -80.28 -26.15
C GLY KA 723 -76.79 -78.95 -26.04
N LEU KA 724 -76.78 -78.16 -27.11
CA LEU KA 724 -77.43 -76.85 -27.12
C LEU KA 724 -78.91 -76.98 -27.43
N ALA KA 725 -79.69 -77.38 -26.42
CA ALA KA 725 -81.10 -77.71 -26.61
C ALA KA 725 -82.04 -76.59 -26.22
N GLU KA 726 -81.59 -75.33 -26.28
CA GLU KA 726 -82.49 -74.21 -25.98
C GLU KA 726 -83.40 -73.92 -27.16
N ARG KA 727 -82.82 -73.51 -28.29
CA ARG KA 727 -83.58 -73.38 -29.53
C ARG KA 727 -83.71 -74.78 -30.10
N LEU KA 728 -84.83 -75.43 -29.80
CA LEU KA 728 -85.03 -76.87 -29.99
C LEU KA 728 -84.57 -77.32 -31.38
N PRO KA 729 -83.45 -78.05 -31.45
CA PRO KA 729 -82.98 -78.54 -32.75
C PRO KA 729 -83.49 -79.93 -33.06
N GLU KA 730 -83.64 -80.24 -34.34
CA GLU KA 730 -84.14 -81.53 -34.76
C GLU KA 730 -83.22 -82.10 -35.82
N LEU KA 731 -83.31 -83.40 -36.03
CA LEU KA 731 -82.53 -84.08 -37.06
C LEU KA 731 -83.34 -85.24 -37.62
N ARG KA 732 -83.37 -85.34 -38.94
CA ARG KA 732 -84.08 -86.41 -39.64
C ARG KA 732 -83.16 -86.98 -40.70
N VAL KA 733 -82.59 -88.16 -40.42
CA VAL KA 733 -81.83 -88.91 -41.40
C VAL KA 733 -82.85 -89.83 -42.08
N ASN KA 734 -83.48 -89.32 -43.14
CA ASN KA 734 -84.50 -89.99 -43.93
C ASN KA 734 -85.78 -90.28 -43.15
N GLY KA 735 -85.88 -89.81 -41.91
CA GLY KA 735 -87.11 -89.97 -41.16
C GLY KA 735 -86.89 -90.61 -39.80
N ALA KA 736 -86.01 -91.60 -39.74
CA ALA KA 736 -85.61 -92.16 -38.47
C ALA KA 736 -84.80 -91.13 -37.69
N HIS KA 737 -84.87 -91.20 -36.36
CA HIS KA 737 -84.20 -90.20 -35.54
C HIS KA 737 -82.69 -90.25 -35.80
N PHE KA 738 -82.04 -91.32 -35.34
CA PHE KA 738 -80.82 -91.91 -35.90
C PHE KA 738 -80.41 -93.03 -34.96
N GLN KA 739 -79.59 -93.94 -35.48
CA GLN KA 739 -79.13 -95.09 -34.70
C GLN KA 739 -77.61 -95.12 -34.72
N HIS KA 740 -77.00 -94.69 -33.61
CA HIS KA 740 -75.54 -94.69 -33.50
C HIS KA 740 -75.05 -96.12 -33.38
N ILE KA 741 -74.70 -96.73 -34.51
CA ILE KA 741 -74.11 -98.06 -34.52
C ILE KA 741 -72.59 -97.90 -34.56
N LEU KA 742 -71.90 -98.91 -34.05
CA LEU KA 742 -70.46 -98.85 -33.96
C LEU KA 742 -69.86 -99.44 -35.24
N TRP KA 743 -68.54 -99.71 -35.22
CA TRP KA 743 -67.84 -100.20 -36.40
C TRP KA 743 -68.51 -101.46 -36.93
N VAL KA 744 -68.42 -101.64 -38.25
CA VAL KA 744 -68.91 -102.83 -38.92
C VAL KA 744 -67.74 -103.53 -39.58
N GLU KA 745 -67.90 -104.82 -39.82
CA GLU KA 745 -66.86 -105.64 -40.44
C GLU KA 745 -67.44 -106.36 -41.65
N MET KA 746 -66.63 -107.26 -42.21
CA MET KA 746 -66.98 -107.96 -43.43
C MET KA 746 -68.23 -108.83 -43.30
N ALA KA 747 -68.51 -109.36 -42.10
CA ALA KA 747 -69.57 -110.35 -41.95
C ALA KA 747 -70.94 -109.74 -42.27
N GLN KA 748 -71.34 -108.70 -41.55
CA GLN KA 748 -72.60 -108.02 -41.81
C GLN KA 748 -72.28 -106.66 -42.44
N VAL KA 749 -72.48 -106.56 -43.75
CA VAL KA 749 -72.20 -105.34 -44.50
C VAL KA 749 -73.50 -104.61 -44.88
N ASN KA 750 -74.44 -105.33 -45.50
CA ASN KA 750 -75.80 -104.84 -45.73
C ASN KA 750 -75.78 -103.53 -46.54
N PHE KA 751 -75.33 -103.66 -47.79
CA PHE KA 751 -75.27 -102.53 -48.70
C PHE KA 751 -76.64 -101.96 -49.02
N ARG KA 752 -77.70 -102.62 -48.54
CA ARG KA 752 -79.06 -102.29 -48.92
C ARG KA 752 -79.89 -101.68 -47.81
N ASN KA 753 -79.37 -101.60 -46.59
CA ASN KA 753 -80.14 -101.03 -45.49
C ASN KA 753 -80.51 -99.58 -45.79
N VAL KA 754 -81.62 -99.13 -45.19
CA VAL KA 754 -82.18 -97.82 -45.53
C VAL KA 754 -82.45 -97.01 -44.27
N GLY KA 755 -82.43 -97.67 -43.12
CA GLY KA 755 -82.79 -97.02 -41.86
C GLY KA 755 -81.86 -95.89 -41.48
N GLY KA 756 -82.24 -95.10 -40.48
CA GLY KA 756 -81.41 -94.01 -40.05
C GLY KA 756 -80.37 -94.44 -39.04
N GLY KA 757 -79.15 -94.69 -39.52
CA GLY KA 757 -78.06 -95.14 -38.66
C GLY KA 757 -76.72 -94.89 -39.31
N LEU KA 758 -75.78 -94.32 -38.57
CA LEU KA 758 -74.49 -93.92 -39.10
C LEU KA 758 -73.39 -94.74 -38.41
N VAL KA 759 -72.20 -94.70 -39.00
CA VAL KA 759 -71.08 -95.52 -38.52
C VAL KA 759 -69.90 -94.62 -38.16
N HIS KA 760 -69.23 -94.98 -37.08
CA HIS KA 760 -67.94 -94.39 -36.69
C HIS KA 760 -66.87 -95.36 -37.19
N ASN KA 761 -66.17 -94.97 -38.25
CA ASN KA 761 -65.16 -95.85 -38.82
C ASN KA 761 -64.06 -96.14 -37.80
N ARG KA 762 -64.04 -97.36 -37.28
CA ARG KA 762 -63.24 -97.74 -36.13
C ARG KA 762 -63.43 -96.68 -35.05
N PRO KA 763 -64.55 -96.72 -34.32
CA PRO KA 763 -65.00 -95.56 -33.54
C PRO KA 763 -63.95 -94.97 -32.61
N VAL KA 764 -62.90 -95.73 -32.35
CA VAL KA 764 -61.81 -95.29 -31.49
C VAL KA 764 -60.49 -95.65 -32.15
N ARG KA 765 -59.50 -94.79 -31.94
CA ARG KA 765 -58.13 -95.19 -32.21
C ARG KA 765 -57.56 -95.97 -31.02
N ASN KA 766 -57.94 -95.57 -29.81
CA ASN KA 766 -57.39 -96.12 -28.58
C ASN KA 766 -58.44 -96.65 -27.62
N GLU KA 767 -59.50 -95.88 -27.37
CA GLU KA 767 -60.24 -96.00 -26.11
C GLU KA 767 -61.13 -97.23 -26.07
N ASN KA 768 -62.03 -97.38 -27.04
CA ASN KA 768 -63.02 -98.45 -27.07
C ASN KA 768 -63.97 -98.38 -25.87
N GLN KA 769 -64.70 -97.26 -25.77
CA GLN KA 769 -65.69 -97.01 -24.74
C GLN KA 769 -66.99 -96.55 -25.40
N PRO KA 770 -68.11 -96.54 -24.67
CA PRO KA 770 -69.38 -96.20 -25.30
C PRO KA 770 -69.64 -94.70 -25.38
N LEU KA 771 -70.17 -94.29 -26.54
CA LEU KA 771 -70.83 -92.99 -26.72
C LEU KA 771 -69.90 -91.83 -26.32
N HIS KA 772 -68.82 -91.67 -27.08
CA HIS KA 772 -67.96 -90.53 -26.83
C HIS KA 772 -67.31 -90.09 -28.14
N PRO KA 773 -67.24 -88.79 -28.39
CA PRO KA 773 -66.60 -88.30 -29.61
C PRO KA 773 -65.10 -88.53 -29.57
N HIS KA 774 -64.51 -88.70 -30.76
CA HIS KA 774 -63.08 -88.92 -30.85
C HIS KA 774 -62.40 -87.74 -31.54
N HIS KA 775 -62.87 -86.53 -31.25
CA HIS KA 775 -62.26 -85.31 -31.75
C HIS KA 775 -62.76 -84.15 -30.90
N ASP KA 776 -61.92 -83.11 -30.83
CA ASP KA 776 -62.27 -81.90 -30.09
C ASP KA 776 -63.37 -81.14 -30.83
N ALA KA 777 -63.81 -80.03 -30.25
CA ALA KA 777 -64.93 -79.28 -30.81
C ALA KA 777 -64.50 -78.37 -31.96
N GLU KA 778 -63.28 -77.85 -31.90
CA GLU KA 778 -62.81 -76.90 -32.91
C GLU KA 778 -62.63 -77.57 -34.26
N TRP KA 779 -62.71 -78.90 -34.28
CA TRP KA 779 -62.58 -79.66 -35.51
C TRP KA 779 -63.68 -79.32 -36.51
N SER KA 780 -64.93 -79.37 -36.04
CA SER KA 780 -66.06 -79.02 -36.91
C SER KA 780 -65.95 -77.58 -37.39
N VAL KA 781 -65.45 -76.67 -36.56
CA VAL KA 781 -65.28 -75.28 -36.96
C VAL KA 781 -64.26 -75.18 -38.09
N LEU KA 782 -63.11 -75.84 -37.93
CA LEU KA 782 -62.11 -75.84 -38.99
C LEU KA 782 -62.66 -76.41 -40.29
N SER KA 783 -63.46 -77.48 -40.20
CA SER KA 783 -64.03 -78.08 -41.42
C SER KA 783 -64.99 -77.11 -42.10
N LYS KA 784 -65.90 -76.51 -41.33
CA LYS KA 784 -66.83 -75.54 -41.89
C LYS KA 784 -66.08 -74.39 -42.54
N ILE KA 785 -65.03 -73.88 -41.89
CA ILE KA 785 -64.22 -72.82 -42.47
C ILE KA 785 -63.66 -73.25 -43.81
N TYR KA 786 -62.99 -74.41 -43.83
CA TYR KA 786 -62.30 -74.86 -45.02
C TYR KA 786 -63.26 -75.09 -46.18
N TYR KA 787 -64.49 -75.52 -45.87
CA TYR KA 787 -65.38 -75.88 -46.97
C TYR KA 787 -66.30 -74.73 -47.40
N TYR KA 788 -66.57 -73.75 -46.54
CA TYR KA 788 -67.39 -72.63 -46.94
C TYR KA 788 -66.59 -71.36 -47.26
N ALA KA 789 -65.28 -71.36 -47.03
CA ALA KA 789 -64.51 -70.12 -47.16
C ALA KA 789 -63.23 -70.23 -47.96
N VAL KA 790 -62.74 -71.44 -48.26
CA VAL KA 790 -61.47 -71.62 -48.94
C VAL KA 790 -61.62 -72.39 -50.25
N VAL KA 791 -62.32 -73.53 -50.23
CA VAL KA 791 -62.55 -74.28 -51.45
C VAL KA 791 -63.24 -73.44 -52.53
N PRO KA 792 -64.34 -72.72 -52.25
CA PRO KA 792 -64.94 -71.89 -53.29
C PRO KA 792 -64.02 -70.80 -53.84
N ALA KA 793 -63.04 -70.35 -53.06
CA ALA KA 793 -62.12 -69.33 -53.55
C ALA KA 793 -61.27 -69.86 -54.69
N PHE KA 794 -60.98 -71.16 -54.69
CA PHE KA 794 -60.18 -71.75 -55.75
C PHE KA 794 -61.05 -72.35 -56.85
N SER KA 795 -62.06 -73.13 -56.47
CA SER KA 795 -62.93 -73.78 -57.46
C SER KA 795 -63.72 -72.75 -58.27
N ARG KA 796 -64.21 -71.71 -57.61
CA ARG KA 796 -65.06 -70.69 -58.22
C ARG KA 796 -66.29 -71.35 -58.87
N GLY KA 797 -67.08 -72.01 -58.02
CA GLY KA 797 -68.29 -72.67 -58.46
C GLY KA 797 -68.06 -73.73 -59.51
N ASN KA 798 -67.17 -74.68 -59.22
CA ASN KA 798 -66.86 -75.76 -60.14
C ASN KA 798 -67.02 -77.14 -59.52
N CYS KA 799 -66.69 -77.28 -58.23
CA CYS KA 799 -66.80 -78.57 -57.57
C CYS KA 799 -68.27 -78.95 -57.38
N CYS KA 800 -68.50 -80.20 -56.99
CA CYS KA 800 -69.84 -80.70 -56.74
C CYS KA 800 -69.76 -81.93 -55.84
N THR KA 801 -70.46 -81.89 -54.72
CA THR KA 801 -70.52 -83.04 -53.83
C THR KA 801 -71.17 -84.22 -54.54
N MET KA 802 -70.74 -85.44 -54.21
CA MET KA 802 -71.26 -86.62 -54.87
C MET KA 802 -71.43 -87.77 -53.90
N GLY KA 803 -72.33 -88.68 -54.28
CA GLY KA 803 -72.60 -89.90 -53.53
C GLY KA 803 -71.96 -91.03 -54.34
N VAL KA 804 -71.29 -91.90 -53.64
CA VAL KA 804 -70.51 -92.97 -54.24
C VAL KA 804 -71.20 -94.30 -54.04
N ARG KA 805 -70.76 -95.33 -54.76
CA ARG KA 805 -71.37 -96.67 -54.71
C ARG KA 805 -70.49 -97.66 -53.96
N TYR KA 806 -70.78 -97.82 -52.67
CA TYR KA 806 -69.90 -98.56 -51.77
C TYR KA 806 -69.74 -100.03 -52.15
N ASP KA 807 -70.79 -100.65 -52.70
CA ASP KA 807 -70.66 -102.05 -53.08
C ASP KA 807 -69.65 -102.23 -54.21
N ARG KA 808 -69.79 -101.44 -55.28
CA ARG KA 808 -69.00 -101.63 -56.49
C ARG KA 808 -67.56 -101.15 -56.36
N VAL KA 809 -67.22 -100.36 -55.36
CA VAL KA 809 -65.84 -99.95 -55.11
C VAL KA 809 -65.11 -100.95 -54.23
N TYR KA 810 -65.76 -101.39 -53.14
CA TYR KA 810 -65.22 -102.49 -52.35
C TYR KA 810 -65.08 -103.76 -53.19
N GLN KA 811 -65.94 -103.92 -54.20
CA GLN KA 811 -65.82 -105.09 -55.07
C GLN KA 811 -64.55 -105.03 -55.90
N LEU KA 812 -64.09 -103.83 -56.25
CA LEU KA 812 -62.89 -103.69 -57.06
C LEU KA 812 -61.62 -103.67 -56.22
N VAL KA 813 -61.65 -103.05 -55.04
CA VAL KA 813 -60.44 -102.93 -54.23
C VAL KA 813 -59.83 -104.28 -53.89
N GLN KA 814 -60.62 -105.36 -53.98
CA GLN KA 814 -60.15 -106.69 -53.65
C GLN KA 814 -59.45 -107.38 -54.81
N THR KA 815 -59.91 -107.17 -56.04
CA THR KA 815 -59.38 -107.89 -57.19
C THR KA 815 -58.01 -107.36 -57.61
N MET KA 816 -57.02 -107.54 -56.74
CA MET KA 816 -55.64 -107.18 -57.04
C MET KA 816 -54.88 -108.42 -57.49
N VAL KA 817 -53.92 -108.24 -58.39
CA VAL KA 817 -53.06 -109.32 -58.85
C VAL KA 817 -51.65 -109.03 -58.38
N VAL KA 818 -50.99 -110.03 -57.82
CA VAL KA 818 -49.60 -109.89 -57.39
C VAL KA 818 -48.98 -111.27 -57.19
N PRO KA 819 -47.79 -111.52 -57.71
CA PRO KA 819 -47.06 -112.74 -57.35
C PRO KA 819 -46.25 -112.52 -56.09
N GLU KA 820 -45.69 -113.60 -55.53
CA GLU KA 820 -44.89 -113.52 -54.32
C GLU KA 820 -43.41 -113.58 -54.65
N THR KA 821 -42.61 -112.93 -53.81
CA THR KA 821 -41.16 -112.89 -53.96
C THR KA 821 -40.57 -112.45 -52.63
N ASP KA 822 -39.48 -113.11 -52.24
CA ASP KA 822 -38.90 -112.94 -50.91
C ASP KA 822 -37.93 -111.76 -50.83
N GLU KA 823 -37.80 -110.96 -51.88
CA GLU KA 823 -36.87 -109.83 -51.86
C GLU KA 823 -37.42 -108.68 -52.68
N GLU KA 824 -36.75 -107.54 -52.55
CA GLU KA 824 -37.15 -106.33 -53.26
C GLU KA 824 -37.02 -106.53 -54.77
N VAL KA 825 -38.15 -106.49 -55.46
CA VAL KA 825 -38.22 -106.99 -56.83
C VAL KA 825 -37.65 -106.02 -57.88
N GLY KA 826 -37.96 -104.74 -57.78
CA GLY KA 826 -37.61 -103.80 -58.82
C GLY KA 826 -38.63 -103.81 -59.95
N THR KA 827 -38.64 -102.70 -60.71
CA THR KA 827 -39.67 -102.53 -61.74
C THR KA 827 -39.39 -103.33 -63.00
N ASP KA 828 -38.12 -103.56 -63.33
CA ASP KA 828 -37.80 -104.30 -64.54
C ASP KA 828 -38.14 -105.78 -64.40
N ASP KA 829 -38.14 -106.30 -63.18
CA ASP KA 829 -38.50 -107.69 -62.95
C ASP KA 829 -39.92 -107.95 -63.44
N PRO KA 830 -40.18 -109.06 -64.14
CA PRO KA 830 -41.53 -109.35 -64.63
C PRO KA 830 -42.49 -109.74 -63.51
N ARG KA 831 -42.00 -109.85 -62.27
CA ARG KA 831 -42.86 -110.09 -61.12
C ARG KA 831 -43.34 -108.79 -60.49
N HIS KA 832 -42.93 -107.64 -61.03
CA HIS KA 832 -43.43 -106.37 -60.53
C HIS KA 832 -44.93 -106.27 -60.84
N PRO KA 833 -45.75 -105.92 -59.84
CA PRO KA 833 -47.21 -105.95 -60.05
C PRO KA 833 -47.71 -104.99 -61.11
N LEU KA 834 -46.83 -104.20 -61.73
CA LEU KA 834 -47.20 -103.33 -62.84
C LEU KA 834 -46.46 -103.69 -64.13
N HIS KA 835 -45.73 -104.80 -64.14
CA HIS KA 835 -45.06 -105.24 -65.35
C HIS KA 835 -46.08 -105.60 -66.43
N PRO KA 836 -45.84 -105.24 -67.69
CA PRO KA 836 -46.85 -105.45 -68.74
C PRO KA 836 -47.27 -106.90 -68.91
N ARG KA 837 -46.60 -107.86 -68.28
CA ARG KA 837 -46.97 -109.27 -68.44
C ARG KA 837 -48.25 -109.59 -67.69
N ASN KA 838 -48.33 -109.22 -66.42
CA ASN KA 838 -49.44 -109.62 -65.56
C ASN KA 838 -50.40 -108.46 -65.25
N LEU KA 839 -50.63 -107.58 -66.21
CA LEU KA 839 -51.70 -106.58 -66.10
C LEU KA 839 -53.03 -107.21 -66.53
N VAL KA 840 -53.60 -107.98 -65.62
CA VAL KA 840 -54.80 -108.75 -65.95
C VAL KA 840 -55.95 -107.81 -66.26
N PRO KA 841 -56.96 -108.21 -67.03
CA PRO KA 841 -58.06 -107.31 -67.36
C PRO KA 841 -58.82 -106.84 -66.12
N ASN KA 842 -59.34 -105.61 -66.21
CA ASN KA 842 -60.37 -105.09 -65.31
C ASN KA 842 -60.03 -105.25 -63.82
N SER KA 843 -58.74 -105.36 -63.49
CA SER KA 843 -58.33 -105.52 -62.10
C SER KA 843 -58.02 -104.19 -61.43
N LEU KA 844 -57.53 -104.27 -60.20
CA LEU KA 844 -57.09 -103.08 -59.49
C LEU KA 844 -55.85 -102.45 -60.14
N ASN KA 845 -54.99 -103.29 -60.72
CA ASN KA 845 -53.74 -102.78 -61.27
C ASN KA 845 -53.89 -101.90 -62.51
N VAL KA 846 -54.91 -102.15 -63.33
CA VAL KA 846 -55.09 -101.34 -64.53
C VAL KA 846 -55.48 -99.92 -64.16
N LEU KA 847 -56.25 -99.77 -63.08
CA LEU KA 847 -56.64 -98.43 -62.63
C LEU KA 847 -55.42 -97.67 -62.10
N PHE KA 848 -54.63 -98.32 -61.25
CA PHE KA 848 -53.42 -97.70 -60.76
C PHE KA 848 -52.44 -97.38 -61.89
N HIS KA 849 -52.44 -98.17 -62.97
CA HIS KA 849 -51.58 -97.88 -64.12
C HIS KA 849 -52.13 -96.77 -65.00
N ASN KA 850 -53.45 -96.53 -64.97
CA ASN KA 850 -53.99 -95.40 -65.72
C ASN KA 850 -53.52 -94.06 -65.18
N ALA KA 851 -52.95 -94.02 -63.98
CA ALA KA 851 -52.42 -92.79 -63.40
C ALA KA 851 -50.90 -92.73 -63.47
N CYS KA 852 -50.25 -93.79 -63.98
CA CYS KA 852 -48.79 -93.84 -64.13
C CYS KA 852 -48.08 -93.60 -62.80
N VAL KA 853 -48.67 -94.11 -61.72
CA VAL KA 853 -48.06 -94.05 -60.40
C VAL KA 853 -47.23 -95.32 -60.19
N ALA KA 854 -46.14 -95.18 -59.45
CA ALA KA 854 -45.18 -96.25 -59.23
C ALA KA 854 -45.25 -96.67 -57.76
N VAL KA 855 -46.13 -97.63 -57.47
CA VAL KA 855 -46.36 -98.11 -56.11
C VAL KA 855 -45.82 -99.53 -56.01
N ASP KA 856 -45.32 -99.87 -54.83
CA ASP KA 856 -44.65 -101.15 -54.62
C ASP KA 856 -45.67 -102.24 -54.26
N ALA KA 857 -45.25 -103.50 -54.50
CA ALA KA 857 -46.10 -104.64 -54.16
C ALA KA 857 -46.36 -104.69 -52.65
N ASP KA 858 -45.31 -104.50 -51.85
CA ASP KA 858 -45.48 -104.38 -50.41
C ASP KA 858 -46.56 -103.35 -50.07
N ALA KA 859 -46.50 -102.19 -50.73
CA ALA KA 859 -47.53 -101.17 -50.53
C ALA KA 859 -48.89 -101.64 -51.03
N MET KA 860 -48.92 -102.50 -52.05
CA MET KA 860 -50.18 -102.96 -52.60
C MET KA 860 -50.84 -103.97 -51.66
N LEU KA 861 -50.06 -104.63 -50.81
CA LEU KA 861 -50.59 -105.73 -50.00
C LEU KA 861 -51.34 -105.24 -48.77
N ILE KA 862 -51.15 -103.99 -48.35
CA ILE KA 862 -51.81 -103.49 -47.14
C ILE KA 862 -53.25 -103.10 -47.36
N LEU KA 863 -53.69 -102.97 -48.61
CA LEU KA 863 -55.05 -102.53 -48.92
C LEU KA 863 -56.12 -103.41 -48.28
N GLN KA 864 -55.82 -104.67 -48.00
CA GLN KA 864 -56.80 -105.56 -47.39
C GLN KA 864 -57.18 -105.17 -45.98
N GLU KA 865 -56.40 -104.30 -45.33
CA GLU KA 865 -56.70 -103.88 -43.96
C GLU KA 865 -58.03 -103.16 -43.86
N THR KA 866 -58.51 -102.57 -44.96
CA THR KA 866 -59.80 -101.89 -44.95
C THR KA 866 -60.95 -102.83 -44.59
N VAL KA 867 -60.88 -104.09 -45.01
CA VAL KA 867 -61.94 -105.07 -44.75
C VAL KA 867 -62.35 -105.09 -43.29
N THR KA 868 -61.43 -104.81 -42.37
CA THR KA 868 -61.76 -104.79 -40.96
C THR KA 868 -62.72 -103.65 -40.60
N ASN KA 869 -62.82 -102.62 -41.43
CA ASN KA 869 -63.61 -101.42 -41.14
C ASN KA 869 -64.25 -100.93 -42.44
N MET KA 870 -65.54 -101.24 -42.62
CA MET KA 870 -66.24 -100.99 -43.87
C MET KA 870 -67.07 -99.71 -43.80
N ALA KA 871 -67.88 -99.49 -44.83
CA ALA KA 871 -68.80 -98.36 -44.89
C ALA KA 871 -69.97 -98.75 -45.78
N GLU KA 872 -71.19 -98.69 -45.24
CA GLU KA 872 -72.35 -99.30 -45.88
C GLU KA 872 -72.93 -98.43 -46.99
N ARG KA 873 -73.40 -97.23 -46.64
CA ARG KA 873 -74.04 -96.35 -47.61
C ARG KA 873 -73.88 -94.91 -47.14
N THR KA 874 -73.82 -94.01 -48.11
CA THR KA 874 -73.79 -92.58 -47.85
C THR KA 874 -75.21 -92.04 -47.86
N THR KA 875 -75.57 -91.28 -46.83
CA THR KA 875 -76.96 -90.92 -46.65
C THR KA 875 -77.13 -89.40 -46.61
N PRO KA 876 -78.27 -88.89 -47.06
CA PRO KA 876 -78.55 -87.47 -46.93
C PRO KA 876 -79.27 -87.15 -45.62
N LEU KA 877 -78.85 -86.05 -45.00
CA LEU KA 877 -79.42 -85.60 -43.73
C LEU KA 877 -80.33 -84.39 -43.95
N LEU KA 878 -80.93 -83.93 -42.86
CA LEU KA 878 -81.75 -82.72 -42.88
C LEU KA 878 -81.73 -82.13 -41.48
N ALA KA 879 -81.02 -81.02 -41.32
CA ALA KA 879 -80.93 -80.35 -40.04
C ALA KA 879 -82.09 -79.37 -39.88
N SER KA 880 -82.29 -78.92 -38.64
CA SER KA 880 -83.35 -77.97 -38.33
C SER KA 880 -83.09 -77.29 -37.00
N VAL KA 881 -82.94 -75.97 -37.02
CA VAL KA 881 -82.75 -75.20 -35.79
C VAL KA 881 -83.61 -73.95 -35.87
N ALA KA 882 -84.22 -73.59 -34.75
CA ALA KA 882 -84.86 -72.29 -34.65
C ALA KA 882 -83.80 -71.20 -34.69
N PRO KA 883 -84.16 -69.99 -35.11
CA PRO KA 883 -83.20 -68.88 -35.05
C PRO KA 883 -82.70 -68.66 -33.63
N ASP KA 884 -81.47 -68.19 -33.51
CA ASP KA 884 -80.78 -68.19 -32.23
C ASP KA 884 -81.39 -67.15 -31.30
N ALA KA 885 -80.78 -67.01 -30.12
CA ALA KA 885 -81.20 -65.98 -29.17
C ALA KA 885 -80.96 -64.57 -29.70
N GLY KA 886 -80.44 -64.43 -30.90
CA GLY KA 886 -80.32 -63.12 -31.54
C GLY KA 886 -81.62 -62.65 -32.13
N MET KA 887 -82.15 -63.39 -33.08
CA MET KA 887 -83.47 -63.12 -33.66
C MET KA 887 -84.56 -63.94 -32.98
N ALA KA 888 -84.61 -63.86 -31.65
CA ALA KA 888 -85.50 -64.70 -30.84
C ALA KA 888 -86.78 -63.98 -30.44
N THR KA 889 -87.27 -63.06 -31.27
CA THR KA 889 -88.51 -62.38 -30.95
C THR KA 889 -89.69 -63.35 -31.06
N VAL KA 890 -90.82 -62.92 -30.48
CA VAL KA 890 -92.00 -63.77 -30.48
C VAL KA 890 -92.60 -63.93 -31.87
N ALA KA 891 -92.25 -63.04 -32.80
CA ALA KA 891 -92.79 -63.09 -34.15
C ALA KA 891 -91.92 -63.86 -35.11
N THR KA 892 -90.81 -64.44 -34.65
CA THR KA 892 -89.96 -65.29 -35.48
C THR KA 892 -89.63 -66.60 -34.77
N ARG KA 893 -90.54 -67.08 -33.92
CA ARG KA 893 -90.29 -68.32 -33.19
C ARG KA 893 -90.28 -69.53 -34.11
N ASP KA 894 -90.86 -69.42 -35.31
CA ASP KA 894 -91.10 -70.58 -36.16
C ASP KA 894 -90.28 -70.59 -37.44
N MET KA 895 -89.61 -69.49 -37.79
CA MET KA 895 -88.84 -69.42 -39.03
C MET KA 895 -87.55 -70.23 -38.88
N ARG KA 896 -87.72 -71.54 -38.96
CA ARG KA 896 -86.62 -72.48 -38.79
C ARG KA 896 -85.96 -72.78 -40.13
N THR KA 897 -84.66 -73.02 -40.08
CA THR KA 897 -83.90 -73.31 -41.29
C THR KA 897 -83.91 -74.80 -41.58
N HIS KA 898 -83.63 -75.14 -42.84
CA HIS KA 898 -83.59 -76.51 -43.31
C HIS KA 898 -82.33 -76.70 -44.15
N ASP KA 899 -81.29 -77.26 -43.54
CA ASP KA 899 -80.02 -77.49 -44.21
C ASP KA 899 -79.69 -78.98 -44.18
N GLY KA 900 -79.35 -79.52 -45.34
CA GLY KA 900 -78.92 -80.89 -45.47
C GLY KA 900 -77.41 -81.01 -45.49
N SER KA 901 -76.95 -82.26 -45.43
CA SER KA 901 -75.54 -82.59 -45.48
C SER KA 901 -75.40 -84.05 -45.88
N LEU KA 902 -74.26 -84.37 -46.49
CA LEU KA 902 -73.96 -85.73 -46.90
C LEU KA 902 -73.07 -86.39 -45.85
N HIS KA 903 -73.44 -87.60 -45.45
CA HIS KA 903 -72.62 -88.39 -44.52
C HIS KA 903 -71.91 -89.48 -45.32
N HIS KA 904 -70.61 -89.63 -45.07
CA HIS KA 904 -69.76 -90.53 -45.84
C HIS KA 904 -69.85 -90.26 -47.34
N GLY KA 905 -70.18 -89.02 -47.72
CA GLY KA 905 -70.18 -88.64 -49.11
C GLY KA 905 -68.77 -88.43 -49.61
N LEU KA 906 -68.62 -87.68 -50.70
CA LEU KA 906 -67.30 -87.40 -51.23
C LEU KA 906 -67.41 -86.23 -52.20
N LEU KA 907 -66.44 -85.33 -52.13
CA LEU KA 907 -66.42 -84.13 -52.97
C LEU KA 907 -65.43 -84.35 -54.11
N MET KA 908 -65.91 -84.25 -55.33
CA MET KA 908 -65.04 -84.27 -56.50
C MET KA 908 -64.97 -82.87 -57.10
N MET KA 909 -63.90 -82.61 -57.85
CA MET KA 909 -63.52 -81.25 -58.19
C MET KA 909 -63.97 -80.86 -59.60
N ALA KA 910 -63.52 -81.59 -60.62
CA ALA KA 910 -63.79 -81.21 -61.99
C ALA KA 910 -64.14 -82.46 -62.78
N TYR KA 911 -65.34 -82.48 -63.36
CA TYR KA 911 -65.83 -83.65 -64.06
C TYR KA 911 -64.98 -83.96 -65.28
N GLN KA 912 -64.96 -85.24 -65.66
CA GLN KA 912 -64.24 -85.72 -66.83
C GLN KA 912 -65.24 -86.38 -67.76
N PRO KA 913 -65.94 -85.60 -68.58
CA PRO KA 913 -67.01 -86.17 -69.41
C PRO KA 913 -66.50 -86.90 -70.64
N ASN KA 914 -65.42 -86.42 -71.26
CA ASN KA 914 -64.98 -87.00 -72.52
C ASN KA 914 -64.00 -88.15 -72.33
N ASP KA 915 -63.99 -88.78 -71.17
CA ASP KA 915 -63.18 -89.97 -70.97
C ASP KA 915 -63.85 -91.18 -71.63
N ALA KA 916 -63.03 -92.12 -72.06
CA ALA KA 916 -63.55 -93.37 -72.60
C ALA KA 916 -62.95 -94.61 -71.95
N THR KA 917 -62.07 -94.46 -70.96
CA THR KA 917 -61.50 -95.63 -70.29
C THR KA 917 -62.38 -96.16 -69.17
N LEU KA 918 -63.57 -95.61 -68.97
CA LEU KA 918 -64.40 -95.98 -67.83
C LEU KA 918 -65.82 -95.46 -68.04
N LEU KA 919 -66.77 -96.12 -67.39
CA LEU KA 919 -68.16 -95.65 -67.36
C LEU KA 919 -68.24 -94.25 -66.76
N GLU KA 920 -69.30 -93.52 -67.13
CA GLU KA 920 -69.60 -92.27 -66.45
C GLU KA 920 -70.13 -92.53 -65.04
N GLY KA 921 -71.23 -93.26 -64.94
CA GLY KA 921 -71.80 -93.64 -63.66
C GLY KA 921 -71.14 -94.90 -63.11
N ALA KA 922 -69.81 -94.98 -63.23
CA ALA KA 922 -69.08 -96.16 -62.78
C ALA KA 922 -69.22 -96.35 -61.27
N PHE KA 923 -68.73 -95.38 -60.49
CA PHE KA 923 -68.75 -95.47 -59.04
C PHE KA 923 -69.40 -94.28 -58.36
N PHE KA 924 -69.46 -93.13 -59.02
CA PHE KA 924 -69.93 -91.89 -58.41
C PHE KA 924 -71.20 -91.43 -59.09
N TYR KA 925 -72.16 -90.98 -58.30
CA TYR KA 925 -73.36 -90.34 -58.81
C TYR KA 925 -73.53 -88.98 -58.14
N PRO KA 926 -74.00 -87.97 -58.86
CA PRO KA 926 -74.07 -86.63 -58.30
C PRO KA 926 -75.19 -86.49 -57.28
N ALA KA 927 -74.94 -85.63 -56.29
CA ALA KA 927 -75.90 -85.34 -55.23
C ALA KA 927 -75.54 -84.01 -54.58
N PRO KA 928 -75.86 -82.89 -55.21
CA PRO KA 928 -75.54 -81.60 -54.60
C PRO KA 928 -76.34 -81.37 -53.34
N VAL KA 929 -75.73 -80.64 -52.39
CA VAL KA 929 -76.33 -80.37 -51.10
C VAL KA 929 -76.58 -78.88 -50.89
N ASN KA 930 -75.68 -78.03 -51.36
CA ASN KA 930 -75.80 -76.60 -51.17
C ASN KA 930 -75.69 -75.89 -52.50
N ALA KA 931 -76.16 -74.64 -52.53
CA ALA KA 931 -76.09 -73.83 -53.74
C ALA KA 931 -74.65 -73.62 -54.22
N LEU KA 932 -73.68 -73.68 -53.30
CA LEU KA 932 -72.29 -73.48 -53.69
C LEU KA 932 -71.72 -74.70 -54.37
N PHE KA 933 -72.00 -75.89 -53.85
CA PHE KA 933 -71.50 -77.14 -54.43
C PHE KA 933 -72.54 -77.78 -55.34
N ALA KA 934 -72.84 -77.09 -56.45
CA ALA KA 934 -73.71 -77.65 -57.47
C ALA KA 934 -73.26 -77.08 -58.82
N CYS KA 935 -72.38 -77.79 -59.49
CA CYS KA 935 -72.00 -77.44 -60.85
C CYS KA 935 -73.06 -77.96 -61.81
N ALA KA 936 -72.91 -77.65 -63.09
CA ALA KA 936 -73.86 -78.09 -64.11
C ALA KA 936 -73.43 -79.40 -64.78
N ASP KA 937 -72.23 -79.44 -65.34
CA ASP KA 937 -71.76 -80.56 -66.13
C ASP KA 937 -71.44 -81.80 -65.29
N HIS KA 938 -71.72 -81.77 -63.99
CA HIS KA 938 -71.59 -82.99 -63.19
C HIS KA 938 -72.81 -83.89 -63.32
N LEU KA 939 -73.92 -83.36 -63.84
CA LEU KA 939 -75.12 -84.16 -64.01
C LEU KA 939 -75.03 -85.13 -65.18
N GLY KA 940 -73.96 -85.06 -65.98
CA GLY KA 940 -73.72 -86.09 -66.97
C GLY KA 940 -73.45 -87.47 -66.41
N ALA KA 941 -73.24 -87.57 -65.09
CA ALA KA 941 -73.00 -88.85 -64.45
C ALA KA 941 -74.26 -89.67 -64.26
N MET KA 942 -75.44 -89.08 -64.49
CA MET KA 942 -76.68 -89.82 -64.37
C MET KA 942 -76.94 -90.67 -65.62
N ARG KA 943 -77.88 -91.59 -65.51
CA ARG KA 943 -78.27 -92.48 -66.59
C ARG KA 943 -79.61 -92.03 -67.15
N ASP KA 944 -79.63 -91.69 -68.45
CA ASP KA 944 -80.81 -91.15 -69.11
C ASP KA 944 -81.30 -89.91 -68.39
N VAL KA 945 -80.45 -88.88 -68.40
CA VAL KA 945 -80.80 -87.61 -67.78
C VAL KA 945 -81.84 -86.89 -68.63
N GLY KA 946 -81.79 -87.08 -69.95
CA GLY KA 946 -82.69 -86.41 -70.85
C GLY KA 946 -82.13 -85.10 -71.35
N ALA KA 947 -82.68 -84.61 -72.47
CA ALA KA 947 -82.23 -83.37 -73.07
C ALA KA 947 -82.75 -82.14 -72.34
N GLU KA 948 -83.90 -82.23 -71.68
CA GLU KA 948 -84.50 -81.06 -71.06
C GLU KA 948 -83.75 -80.65 -69.79
N VAL KA 949 -83.25 -81.62 -69.03
CA VAL KA 949 -82.64 -81.31 -67.75
C VAL KA 949 -81.27 -80.65 -67.93
N ARG KA 950 -80.51 -81.08 -68.93
CA ARG KA 950 -79.16 -80.53 -69.13
C ARG KA 950 -79.21 -79.02 -69.37
N ALA KA 951 -80.29 -78.53 -69.97
CA ALA KA 951 -80.37 -77.12 -70.32
C ALA KA 951 -80.73 -76.26 -69.11
N ALA KA 952 -81.79 -76.64 -68.39
CA ALA KA 952 -82.20 -75.87 -67.22
C ALA KA 952 -81.15 -75.94 -66.11
N ALA KA 953 -80.34 -77.00 -66.09
CA ALA KA 953 -79.32 -77.16 -65.05
C ALA KA 953 -78.16 -76.18 -65.19
N GLN KA 954 -77.99 -75.55 -66.36
CA GLN KA 954 -76.88 -74.62 -66.54
C GLN KA 954 -77.02 -73.39 -65.67
N HIS KA 955 -78.25 -72.89 -65.49
CA HIS KA 955 -78.48 -71.59 -64.88
C HIS KA 955 -79.10 -71.65 -63.50
N VAL KA 956 -79.88 -72.68 -63.21
CA VAL KA 956 -80.51 -72.85 -61.89
C VAL KA 956 -79.73 -73.91 -61.13
N PRO KA 957 -79.37 -73.67 -59.86
CA PRO KA 957 -78.74 -74.73 -59.07
C PRO KA 957 -79.68 -75.91 -58.93
N CYS KA 958 -79.08 -77.10 -58.84
CA CYS KA 958 -79.82 -78.36 -58.91
C CYS KA 958 -79.91 -79.06 -57.56
N VAL KA 959 -80.02 -78.30 -56.48
CA VAL KA 959 -80.23 -78.88 -55.16
C VAL KA 959 -81.59 -79.57 -55.15
N PRO KA 960 -81.67 -80.82 -54.73
CA PRO KA 960 -82.98 -81.48 -54.64
C PRO KA 960 -83.80 -80.92 -53.50
N HIS KA 961 -85.12 -81.01 -53.64
CA HIS KA 961 -86.03 -80.41 -52.68
C HIS KA 961 -86.27 -81.30 -51.46
N PHE KA 962 -85.47 -82.36 -51.27
CA PHE KA 962 -85.42 -83.07 -50.01
C PHE KA 962 -84.15 -82.77 -49.24
N LEU KA 963 -83.41 -81.73 -49.65
CA LEU KA 963 -82.14 -81.36 -49.03
C LEU KA 963 -82.09 -79.87 -48.72
N GLY KA 964 -83.24 -79.25 -48.51
CA GLY KA 964 -83.27 -77.82 -48.22
C GLY KA 964 -83.19 -76.98 -49.47
N ALA KA 965 -84.01 -75.94 -49.55
CA ALA KA 965 -84.07 -75.07 -50.72
C ALA KA 965 -83.35 -73.76 -50.44
N ASN KA 966 -83.15 -72.98 -51.50
CA ASN KA 966 -82.33 -71.78 -51.43
C ASN KA 966 -83.09 -70.59 -50.83
N TYR KA 967 -84.21 -70.84 -50.17
CA TYR KA 967 -84.85 -69.86 -49.30
C TYR KA 967 -84.81 -70.22 -47.83
N TYR KA 968 -84.96 -71.49 -47.47
CA TYR KA 968 -84.93 -71.93 -46.09
C TYR KA 968 -83.53 -72.25 -45.61
N ALA KA 969 -82.53 -72.20 -46.48
CA ALA KA 969 -81.17 -72.50 -46.09
C ALA KA 969 -80.60 -71.38 -45.22
N THR KA 970 -79.40 -71.63 -44.70
CA THR KA 970 -78.63 -70.60 -44.03
C THR KA 970 -77.56 -70.00 -44.94
N VAL KA 971 -77.16 -70.73 -45.99
CA VAL KA 971 -76.23 -70.23 -46.99
C VAL KA 971 -77.04 -70.12 -48.28
N ARG KA 972 -77.53 -68.93 -48.58
CA ARG KA 972 -78.46 -68.71 -49.68
C ARG KA 972 -77.70 -68.65 -51.00
N GLN KA 973 -78.40 -68.23 -52.06
CA GLN KA 973 -77.80 -68.23 -53.40
C GLN KA 973 -76.78 -67.12 -53.59
N PRO KA 974 -77.07 -65.85 -53.26
CA PRO KA 974 -76.17 -64.76 -53.69
C PRO KA 974 -74.72 -64.95 -53.28
N VAL KA 975 -74.45 -65.54 -52.12
CA VAL KA 975 -73.07 -65.76 -51.71
C VAL KA 975 -72.35 -66.75 -52.63
N ALA KA 976 -73.07 -67.76 -53.13
CA ALA KA 976 -72.47 -68.67 -54.10
C ALA KA 976 -72.26 -68.00 -55.46
N GLN KA 977 -73.21 -67.17 -55.90
CA GLN KA 977 -73.05 -66.39 -57.11
C GLN KA 977 -71.87 -65.45 -57.05
N HIS KA 978 -71.61 -64.85 -55.88
CA HIS KA 978 -70.46 -63.96 -55.72
C HIS KA 978 -69.15 -64.69 -56.04
N ALA KA 979 -68.92 -65.83 -55.42
CA ALA KA 979 -67.71 -66.61 -55.65
C ALA KA 979 -67.63 -67.17 -57.06
N ALA KA 980 -68.64 -66.94 -57.90
CA ALA KA 980 -68.65 -67.43 -59.26
C ALA KA 980 -68.28 -66.37 -60.31
N GLN KA 981 -68.46 -65.09 -60.00
CA GLN KA 981 -68.20 -64.02 -60.96
C GLN KA 981 -67.40 -62.89 -60.35
N SER KA 982 -66.38 -63.21 -59.57
CA SER KA 982 -65.46 -62.22 -59.02
C SER KA 982 -64.07 -62.70 -59.38
N ARG KA 983 -63.30 -61.82 -60.04
CA ARG KA 983 -61.91 -62.13 -60.40
C ARG KA 983 -61.06 -61.19 -59.51
N ALA KA 984 -60.75 -61.69 -58.32
CA ALA KA 984 -60.32 -60.83 -57.23
C ALA KA 984 -59.22 -61.56 -56.46
N ASP KA 985 -58.24 -62.12 -57.18
CA ASP KA 985 -57.00 -62.55 -56.53
C ASP KA 985 -57.27 -63.59 -55.45
N GLU KA 986 -57.54 -64.83 -55.86
CA GLU KA 986 -58.20 -65.85 -55.04
C GLU KA 986 -57.67 -65.97 -53.62
N ASN KA 987 -56.51 -65.37 -53.33
CA ASN KA 987 -56.12 -65.18 -51.94
C ASN KA 987 -57.09 -64.24 -51.23
N THR KA 988 -57.35 -63.07 -51.82
CA THR KA 988 -58.21 -62.07 -51.19
C THR KA 988 -59.66 -62.51 -51.12
N LEU KA 989 -60.12 -63.28 -52.13
CA LEU KA 989 -61.48 -63.77 -52.12
C LEU KA 989 -61.77 -64.62 -50.89
N SER KA 990 -60.76 -65.30 -50.36
CA SER KA 990 -60.92 -66.05 -49.13
C SER KA 990 -61.38 -65.14 -47.99
N TYR KA 991 -60.65 -64.04 -47.77
CA TYR KA 991 -61.02 -63.11 -46.72
C TYR KA 991 -62.35 -62.43 -47.02
N ALA KA 992 -62.62 -62.13 -48.29
CA ALA KA 992 -63.91 -61.56 -48.64
C ALA KA 992 -65.06 -62.47 -48.22
N LEU KA 993 -64.99 -63.74 -48.64
CA LEU KA 993 -66.03 -64.70 -48.27
C LEU KA 993 -66.12 -64.87 -46.76
N MET KA 994 -64.96 -64.95 -46.08
CA MET KA 994 -64.97 -65.19 -44.64
C MET KA 994 -65.61 -64.03 -43.89
N ALA KA 995 -65.31 -62.80 -44.30
CA ALA KA 995 -65.96 -61.64 -43.71
C ALA KA 995 -67.44 -61.59 -44.08
N GLY KA 996 -67.80 -62.15 -45.23
CA GLY KA 996 -69.19 -62.20 -45.61
C GLY KA 996 -69.97 -63.31 -44.92
N TYR KA 997 -69.59 -63.64 -43.69
CA TYR KA 997 -70.20 -64.73 -42.94
C TYR KA 997 -70.53 -64.30 -41.52
N PHE KA 998 -70.88 -63.02 -41.35
CA PHE KA 998 -71.21 -62.47 -40.05
C PHE KA 998 -72.72 -62.33 -39.91
N LYS KA 999 -73.25 -62.68 -38.74
CA LYS KA 999 -74.68 -62.63 -38.51
C LYS KA 999 -75.19 -61.20 -38.51
N MET KA 1000 -76.50 -61.05 -38.62
CA MET KA 1000 -77.16 -59.74 -38.61
C MET KA 1000 -78.23 -59.76 -37.53
N SER KA 1001 -77.94 -59.13 -36.41
CA SER KA 1001 -78.81 -59.11 -35.24
C SER KA 1001 -78.28 -58.06 -34.26
N PRO KA 1002 -79.15 -57.46 -33.44
CA PRO KA 1002 -78.65 -56.52 -32.42
C PRO KA 1002 -77.50 -57.08 -31.61
N VAL KA 1003 -77.62 -58.31 -31.12
CA VAL KA 1003 -76.58 -58.94 -30.32
C VAL KA 1003 -75.31 -59.20 -31.13
N ALA KA 1004 -75.39 -59.14 -32.45
CA ALA KA 1004 -74.22 -59.25 -33.31
C ALA KA 1004 -73.68 -57.90 -33.76
N PHE KA 1005 -74.56 -56.93 -33.98
CA PHE KA 1005 -74.12 -55.57 -34.29
C PHE KA 1005 -73.37 -54.97 -33.11
N THR KA 1006 -73.81 -55.28 -31.89
CA THR KA 1006 -73.17 -54.84 -30.66
C THR KA 1006 -71.67 -55.12 -30.65
N HIS KA 1007 -71.24 -56.12 -31.44
CA HIS KA 1007 -69.83 -56.45 -31.57
C HIS KA 1007 -69.24 -55.94 -32.88
N GLN KA 1008 -69.94 -56.19 -33.99
CA GLN KA 1008 -69.41 -55.83 -35.31
C GLN KA 1008 -69.18 -54.33 -35.42
N LEU KA 1009 -70.18 -53.53 -35.04
CA LEU KA 1009 -70.09 -52.09 -35.22
C LEU KA 1009 -68.99 -51.49 -34.36
N ARG KA 1010 -68.80 -52.02 -33.15
CA ARG KA 1010 -67.81 -51.43 -32.25
C ARG KA 1010 -66.40 -51.90 -32.56
N ARG KA 1011 -66.22 -53.12 -33.07
CA ARG KA 1011 -64.89 -53.58 -33.44
C ARG KA 1011 -64.42 -53.04 -34.80
N GLN KA 1012 -65.13 -52.03 -35.33
CA GLN KA 1012 -64.74 -51.33 -36.55
C GLN KA 1012 -64.71 -52.27 -37.76
N LEU KA 1013 -65.83 -52.93 -37.99
CA LEU KA 1013 -66.08 -53.65 -39.23
C LEU KA 1013 -67.25 -52.98 -39.93
N HIS KA 1014 -67.24 -53.05 -41.26
CA HIS KA 1014 -68.26 -52.37 -42.06
C HIS KA 1014 -69.28 -53.39 -42.55
N PRO KA 1015 -70.51 -53.40 -42.02
CA PRO KA 1015 -71.54 -54.31 -42.53
C PRO KA 1015 -72.07 -53.86 -43.88
N GLY KA 1016 -73.10 -54.53 -44.38
CA GLY KA 1016 -73.59 -54.26 -45.72
C GLY KA 1016 -74.67 -53.21 -45.80
N PHE KA 1017 -74.62 -52.20 -44.94
CA PHE KA 1017 -75.57 -51.10 -44.99
C PHE KA 1017 -74.88 -49.81 -45.41
N ALA KA 1018 -75.67 -48.74 -45.45
CA ALA KA 1018 -75.13 -47.40 -45.63
C ALA KA 1018 -76.15 -46.44 -44.99
N LEU KA 1019 -75.85 -45.99 -43.77
CA LEU KA 1019 -76.82 -45.19 -43.04
C LEU KA 1019 -76.86 -43.77 -43.60
N THR KA 1020 -77.94 -43.07 -43.29
CA THR KA 1020 -78.19 -41.72 -43.82
C THR KA 1020 -78.61 -40.82 -42.67
N VAL KA 1021 -77.64 -40.08 -42.12
CA VAL KA 1021 -77.89 -39.28 -40.93
C VAL KA 1021 -78.78 -38.09 -41.27
N VAL KA 1022 -79.74 -37.81 -40.38
CA VAL KA 1022 -80.65 -36.68 -40.53
C VAL KA 1022 -80.75 -35.97 -39.18
N ARG KA 1023 -80.82 -34.64 -39.23
CA ARG KA 1023 -81.00 -33.84 -38.03
C ARG KA 1023 -81.58 -32.49 -38.43
N GLN KA 1024 -82.08 -31.77 -37.43
CA GLN KA 1024 -82.78 -30.51 -37.64
C GLN KA 1024 -82.16 -29.43 -36.76
N ASP KA 1025 -81.97 -28.24 -37.32
CA ASP KA 1025 -81.36 -27.12 -36.63
C ASP KA 1025 -82.28 -25.91 -36.69
N ARG KA 1026 -81.91 -24.88 -35.92
CA ARG KA 1026 -82.69 -23.65 -35.81
C ARG KA 1026 -81.76 -22.46 -35.75
N PHE KA 1027 -82.00 -21.47 -36.61
CA PHE KA 1027 -81.23 -20.24 -36.64
C PHE KA 1027 -82.11 -19.08 -36.22
N ALA KA 1028 -81.62 -18.28 -35.28
CA ALA KA 1028 -82.28 -17.02 -34.92
C ALA KA 1028 -81.87 -15.97 -35.94
N THR KA 1029 -82.84 -15.43 -36.65
CA THR KA 1029 -82.61 -14.46 -37.70
C THR KA 1029 -83.12 -13.10 -37.27
N GLU KA 1030 -82.97 -12.11 -38.14
CA GLU KA 1030 -83.53 -10.78 -37.92
C GLU KA 1030 -84.38 -10.41 -39.13
N ASN KA 1031 -85.66 -10.13 -38.88
CA ASN KA 1031 -86.63 -9.96 -39.94
C ASN KA 1031 -86.85 -8.49 -40.24
N VAL KA 1032 -87.44 -8.23 -41.41
CA VAL KA 1032 -87.84 -6.90 -41.82
C VAL KA 1032 -89.27 -6.98 -42.31
N LEU KA 1033 -90.21 -6.57 -41.48
CA LEU KA 1033 -91.63 -6.69 -41.79
C LEU KA 1033 -92.15 -5.41 -42.42
N PHE KA 1034 -93.13 -5.57 -43.32
CA PHE KA 1034 -93.74 -4.44 -44.01
C PHE KA 1034 -95.25 -4.64 -44.01
N ALA KA 1035 -95.97 -3.52 -43.92
CA ALA KA 1035 -97.43 -3.56 -43.93
C ALA KA 1035 -97.92 -2.41 -44.80
N GLU KA 1036 -99.18 -2.50 -45.22
CA GLU KA 1036 -99.73 -1.53 -46.16
C GLU KA 1036 -100.51 -0.45 -45.42
N LYS KA 1037 -101.20 0.41 -46.19
CA LYS KA 1037 -101.86 1.58 -45.62
C LYS KA 1037 -103.00 1.19 -44.68
N ALA KA 1038 -103.68 0.07 -44.94
CA ALA KA 1038 -104.71 -0.41 -44.03
C ALA KA 1038 -104.73 -1.93 -44.14
N SER KA 1039 -103.98 -2.61 -43.27
CA SER KA 1039 -103.83 -4.04 -43.37
C SER KA 1039 -104.72 -4.82 -42.41
N GLU KA 1040 -105.37 -4.16 -41.46
CA GLU KA 1040 -106.16 -4.87 -40.47
C GLU KA 1040 -107.28 -4.01 -39.94
N SER KA 1041 -108.51 -4.50 -40.07
CA SER KA 1041 -109.63 -4.01 -39.28
C SER KA 1041 -109.42 -4.50 -37.85
N TYR KA 1042 -109.64 -3.61 -36.88
CA TYR KA 1042 -109.24 -3.87 -35.50
C TYR KA 1042 -110.29 -3.28 -34.58
N PHE KA 1043 -110.96 -4.13 -33.81
CA PHE KA 1043 -112.07 -3.73 -32.95
C PHE KA 1043 -111.68 -3.94 -31.49
N MET KA 1044 -111.80 -2.88 -30.70
CA MET KA 1044 -111.48 -2.91 -29.29
C MET KA 1044 -112.76 -3.12 -28.47
N GLY KA 1045 -112.69 -3.98 -27.47
CA GLY KA 1045 -113.82 -4.22 -26.60
C GLY KA 1045 -113.96 -3.16 -25.53
N GLN KA 1046 -114.28 -3.58 -24.32
CA GLN KA 1046 -114.42 -2.66 -23.20
C GLN KA 1046 -113.89 -3.35 -21.94
N MET KA 1047 -113.08 -2.62 -21.17
CA MET KA 1047 -112.37 -3.20 -20.05
C MET KA 1047 -113.35 -3.77 -19.02
N GLN KA 1048 -112.96 -4.88 -18.41
CA GLN KA 1048 -113.83 -5.60 -17.48
C GLN KA 1048 -113.00 -6.01 -16.27
N VAL KA 1049 -113.29 -5.40 -15.13
CA VAL KA 1049 -112.60 -5.73 -13.88
C VAL KA 1049 -113.21 -6.99 -13.28
N ALA KA 1050 -112.40 -7.73 -12.52
CA ALA KA 1050 -112.86 -8.92 -11.81
C ALA KA 1050 -112.29 -8.86 -10.40
N ARG KA 1051 -113.05 -8.26 -9.48
CA ARG KA 1051 -112.59 -8.09 -8.11
C ARG KA 1051 -112.79 -9.36 -7.31
N THR KA 1052 -111.75 -9.79 -6.61
CA THR KA 1052 -111.82 -10.98 -5.77
C THR KA 1052 -111.04 -10.74 -4.48
N GLU KA 1053 -111.28 -11.60 -3.51
CA GLU KA 1053 -110.58 -11.55 -2.23
C GLU KA 1053 -109.54 -12.66 -2.16
N SER KA 1054 -108.38 -12.33 -1.61
CA SER KA 1054 -107.31 -13.31 -1.44
C SER KA 1054 -106.45 -12.89 -0.26
N GLY KA 1055 -106.51 -13.66 0.82
CA GLY KA 1055 -105.75 -13.32 2.01
C GLY KA 1055 -106.11 -11.97 2.59
N GLY KA 1056 -107.40 -11.63 2.56
CA GLY KA 1056 -107.87 -10.33 3.00
C GLY KA 1056 -107.77 -9.23 1.96
N GLY KA 1057 -106.82 -9.32 1.03
CA GLY KA 1057 -106.55 -8.26 0.08
C GLY KA 1057 -107.23 -8.52 -1.26
N LEU KA 1058 -107.73 -7.45 -1.86
CA LEU KA 1058 -108.31 -7.54 -3.20
C LEU KA 1058 -107.24 -7.94 -4.20
N HIS KA 1059 -107.66 -8.70 -5.22
CA HIS KA 1059 -106.80 -9.08 -6.33
C HIS KA 1059 -107.54 -8.68 -7.60
N LEU KA 1060 -107.40 -7.41 -7.98
CA LEU KA 1060 -108.12 -6.89 -9.13
C LEU KA 1060 -107.52 -7.47 -10.41
N GLN KA 1061 -108.37 -8.07 -11.23
CA GLN KA 1061 -107.94 -8.68 -12.50
C GLN KA 1061 -108.63 -7.91 -13.62
N LEU KA 1062 -107.82 -7.35 -14.51
CA LEU KA 1062 -108.35 -6.62 -15.66
C LEU KA 1062 -108.43 -7.52 -16.88
N THR KA 1063 -109.27 -7.13 -17.83
CA THR KA 1063 -109.49 -7.92 -19.03
C THR KA 1063 -110.17 -7.04 -20.08
N GLN KA 1064 -109.69 -7.13 -21.33
CA GLN KA 1064 -110.30 -6.43 -22.44
C GLN KA 1064 -110.24 -7.29 -23.70
N PRO KA 1065 -111.38 -7.78 -24.16
CA PRO KA 1065 -111.36 -8.55 -25.42
C PRO KA 1065 -111.22 -7.64 -26.62
N ARG KA 1066 -110.81 -8.24 -27.74
CA ARG KA 1066 -110.58 -7.49 -28.97
C ARG KA 1066 -110.58 -8.45 -30.14
N ALA KA 1067 -111.13 -7.97 -31.26
CA ALA KA 1067 -111.25 -8.79 -32.46
C ALA KA 1067 -110.63 -8.05 -33.64
N ASN KA 1068 -109.87 -8.80 -34.43
CA ASN KA 1068 -109.22 -8.25 -35.61
C ASN KA 1068 -109.50 -9.17 -36.80
N VAL KA 1069 -109.24 -8.65 -38.00
CA VAL KA 1069 -109.49 -9.39 -39.22
C VAL KA 1069 -108.74 -8.72 -40.36
N ASP KA 1070 -108.24 -9.53 -41.28
CA ASP KA 1070 -107.70 -9.00 -42.53
C ASP KA 1070 -108.83 -8.44 -43.38
N LEU KA 1071 -108.53 -7.38 -44.13
CA LEU KA 1071 -109.55 -6.71 -44.94
C LEU KA 1071 -109.02 -6.40 -46.33
N GLY KA 1072 -107.97 -7.11 -46.75
CA GLY KA 1072 -107.41 -6.90 -48.07
C GLY KA 1072 -107.20 -8.19 -48.82
N VAL KA 1073 -107.84 -8.31 -49.99
CA VAL KA 1073 -107.62 -9.48 -50.83
C VAL KA 1073 -106.17 -9.52 -51.26
N GLY KA 1074 -105.58 -10.72 -51.29
CA GLY KA 1074 -104.16 -10.84 -51.53
C GLY KA 1074 -103.34 -10.41 -50.32
N PHE KA 1075 -102.10 -10.87 -50.24
CA PHE KA 1075 -101.26 -10.56 -49.10
C PHE KA 1075 -100.92 -9.07 -49.08
N THR KA 1076 -101.08 -8.46 -47.91
CA THR KA 1076 -100.75 -7.04 -47.72
C THR KA 1076 -99.59 -6.86 -46.75
N ALA KA 1077 -98.84 -7.92 -46.47
CA ALA KA 1077 -97.72 -7.85 -45.55
C ALA KA 1077 -96.74 -8.97 -45.87
N ALA KA 1078 -95.46 -8.64 -45.90
CA ALA KA 1078 -94.42 -9.62 -46.20
C ALA KA 1078 -93.13 -9.20 -45.50
N TYR KA 1079 -92.33 -10.19 -45.09
CA TYR KA 1079 -91.07 -9.92 -44.43
C TYR KA 1079 -89.91 -10.60 -45.18
N ALA KA 1080 -88.69 -10.32 -44.74
CA ALA KA 1080 -87.52 -10.63 -45.55
C ALA KA 1080 -86.45 -11.46 -44.83
N ALA KA 1081 -86.34 -11.33 -43.51
CA ALA KA 1081 -85.35 -12.05 -42.71
C ALA KA 1081 -83.92 -11.70 -43.15
N ALA KA 1082 -83.56 -10.43 -42.93
CA ALA KA 1082 -82.31 -9.88 -43.44
C ALA KA 1082 -81.06 -10.41 -42.73
N ALA KA 1083 -80.91 -10.11 -41.45
CA ALA KA 1083 -79.66 -10.38 -40.75
C ALA KA 1083 -79.60 -11.84 -40.31
N LEU KA 1084 -78.62 -12.16 -39.46
CA LEU KA 1084 -78.44 -13.53 -39.02
C LEU KA 1084 -77.76 -13.52 -37.66
N ARG KA 1085 -78.52 -13.82 -36.60
CA ARG KA 1085 -77.96 -13.96 -35.27
C ARG KA 1085 -77.26 -15.31 -35.15
N ALA KA 1086 -76.80 -15.63 -33.93
CA ALA KA 1086 -76.14 -16.89 -33.70
C ALA KA 1086 -77.14 -18.03 -33.71
N PRO KA 1087 -76.73 -19.22 -34.19
CA PRO KA 1087 -77.65 -20.37 -34.18
C PRO KA 1087 -78.07 -20.71 -32.76
N VAL KA 1088 -79.38 -20.69 -32.53
CA VAL KA 1088 -79.90 -20.91 -31.19
C VAL KA 1088 -79.59 -22.32 -30.71
N THR KA 1089 -79.62 -23.29 -31.62
CA THR KA 1089 -79.27 -24.66 -31.28
C THR KA 1089 -77.86 -24.98 -31.73
N ASP KA 1090 -77.29 -26.00 -31.13
CA ASP KA 1090 -76.01 -26.52 -31.57
C ASP KA 1090 -76.20 -27.32 -32.86
N MET KA 1091 -75.14 -27.40 -33.66
CA MET KA 1091 -75.12 -28.23 -34.85
C MET KA 1091 -74.39 -29.55 -34.61
N GLY KA 1092 -74.19 -29.93 -33.36
CA GLY KA 1092 -73.46 -31.14 -33.04
C GLY KA 1092 -74.23 -32.40 -33.34
N ASN KA 1093 -73.78 -33.52 -32.77
CA ASN KA 1093 -74.41 -34.81 -32.99
C ASN KA 1093 -74.91 -35.38 -31.68
N LEU KA 1094 -76.00 -36.14 -31.78
CA LEU KA 1094 -76.56 -36.81 -30.61
C LEU KA 1094 -77.37 -38.01 -31.09
N PRO KA 1095 -76.79 -39.20 -31.10
CA PRO KA 1095 -77.48 -40.37 -31.67
C PRO KA 1095 -78.72 -40.71 -30.87
N GLN KA 1096 -79.87 -40.79 -31.55
CA GLN KA 1096 -81.11 -41.12 -30.86
C GLN KA 1096 -81.03 -42.52 -30.28
N ASN KA 1097 -81.90 -42.79 -29.31
CA ASN KA 1097 -81.91 -44.05 -28.59
C ASN KA 1097 -83.34 -44.57 -28.50
N LEU KA 1098 -83.64 -45.59 -29.31
CA LEU KA 1098 -84.99 -46.15 -29.38
C LEU KA 1098 -85.42 -46.87 -28.11
N PHE KA 1099 -84.54 -47.08 -27.14
CA PHE KA 1099 -84.89 -47.78 -25.91
C PHE KA 1099 -85.74 -46.93 -24.97
N ALA KA 1100 -86.19 -45.75 -25.40
CA ALA KA 1100 -87.09 -44.92 -24.63
C ALA KA 1100 -88.51 -44.94 -25.18
N THR KA 1101 -88.86 -45.98 -25.92
CA THR KA 1101 -90.14 -46.08 -26.61
C THR KA 1101 -90.90 -47.31 -26.10
N ARG KA 1102 -92.01 -47.59 -26.76
CA ARG KA 1102 -92.88 -48.73 -26.46
C ARG KA 1102 -93.26 -49.39 -27.78
N GLY KA 1103 -94.25 -50.29 -27.71
CA GLY KA 1103 -94.76 -50.95 -28.89
C GLY KA 1103 -93.83 -51.93 -29.55
N ALA KA 1104 -92.61 -52.09 -29.04
CA ALA KA 1104 -91.69 -53.07 -29.57
C ALA KA 1104 -91.85 -54.38 -28.81
N PRO KA 1105 -92.29 -55.46 -29.47
CA PRO KA 1105 -92.39 -56.74 -28.79
C PRO KA 1105 -91.03 -57.16 -28.25
N PRO KA 1106 -90.90 -57.34 -26.94
CA PRO KA 1106 -89.60 -57.65 -26.36
C PRO KA 1106 -89.09 -59.00 -26.84
N MET KA 1107 -87.76 -59.11 -26.93
CA MET KA 1107 -87.16 -60.39 -27.27
C MET KA 1107 -87.49 -61.42 -26.19
N LEU KA 1108 -87.64 -62.68 -26.63
CA LEU KA 1108 -88.12 -63.73 -25.74
C LEU KA 1108 -87.21 -63.91 -24.52
N ASP KA 1109 -85.95 -64.26 -24.76
CA ASP KA 1109 -85.04 -64.58 -23.67
C ASP KA 1109 -84.76 -63.35 -22.83
N ALA KA 1110 -85.08 -63.42 -21.54
CA ALA KA 1110 -84.97 -62.26 -20.67
C ALA KA 1110 -83.54 -61.79 -20.47
N ASP KA 1111 -82.56 -62.65 -20.74
CA ASP KA 1111 -81.17 -62.24 -20.56
C ASP KA 1111 -80.70 -61.32 -21.68
N ALA KA 1112 -81.21 -61.54 -22.90
CA ALA KA 1112 -80.76 -60.74 -24.04
C ALA KA 1112 -81.17 -59.28 -23.91
N ASP KA 1113 -82.41 -59.03 -23.47
CA ASP KA 1113 -82.85 -57.66 -23.29
C ASP KA 1113 -82.06 -56.96 -22.22
N ASP KA 1114 -81.76 -57.65 -21.12
CA ASP KA 1114 -80.91 -57.07 -20.09
C ASP KA 1114 -79.52 -56.75 -20.62
N TYR KA 1115 -78.94 -57.66 -21.41
CA TYR KA 1115 -77.62 -57.40 -21.99
C TYR KA 1115 -77.64 -56.19 -22.90
N LEU KA 1116 -78.67 -56.08 -23.75
CA LEU KA 1116 -78.75 -54.96 -24.68
C LEU KA 1116 -78.97 -53.65 -23.95
N ARG KA 1117 -79.82 -53.65 -22.91
CA ARG KA 1117 -79.99 -52.45 -22.09
C ARG KA 1117 -78.70 -52.04 -21.39
N ARG KA 1118 -77.96 -53.01 -20.84
CA ARG KA 1118 -76.68 -52.67 -20.21
C ARG KA 1118 -75.66 -52.14 -21.20
N THR KA 1119 -75.69 -52.63 -22.44
CA THR KA 1119 -74.68 -52.20 -23.40
C THR KA 1119 -75.02 -50.85 -24.03
N VAL KA 1120 -76.19 -50.73 -24.66
CA VAL KA 1120 -76.51 -49.51 -25.38
C VAL KA 1120 -76.51 -48.30 -24.45
N ASN KA 1121 -76.99 -48.49 -23.23
CA ASN KA 1121 -77.02 -47.41 -22.25
C ASN KA 1121 -75.70 -47.25 -21.50
N ALA KA 1122 -74.62 -47.87 -21.96
CA ALA KA 1122 -73.32 -47.73 -21.32
C ALA KA 1122 -72.72 -46.39 -21.73
N GLY KA 1123 -72.94 -45.37 -20.91
CA GLY KA 1123 -72.37 -44.06 -21.17
C GLY KA 1123 -73.05 -43.28 -22.28
N ASN KA 1124 -73.98 -43.89 -23.00
CA ASN KA 1124 -74.72 -43.17 -24.03
C ASN KA 1124 -75.71 -42.24 -23.34
N ARG KA 1125 -75.77 -41.00 -23.83
CA ARG KA 1125 -76.59 -39.99 -23.17
C ARG KA 1125 -78.07 -40.33 -23.28
N LEU KA 1126 -78.84 -39.72 -22.39
CA LEU KA 1126 -80.29 -39.52 -22.52
C LEU KA 1126 -81.14 -40.78 -22.51
N ALA KA 1127 -80.52 -41.96 -22.51
CA ALA KA 1127 -81.39 -43.08 -22.84
C ALA KA 1127 -82.33 -43.50 -21.69
N PRO KA 1128 -81.87 -44.13 -20.58
CA PRO KA 1128 -82.81 -44.45 -19.51
C PRO KA 1128 -82.73 -43.56 -18.28
N VAL KA 1129 -83.86 -43.33 -17.62
CA VAL KA 1129 -83.94 -43.03 -16.18
C VAL KA 1129 -85.27 -43.61 -15.70
N PRO KA 1130 -85.27 -44.58 -14.80
CA PRO KA 1130 -86.52 -45.21 -14.35
C PRO KA 1130 -87.21 -44.44 -13.22
N VAL KA 1131 -87.57 -43.19 -13.49
CA VAL KA 1131 -88.44 -42.46 -12.58
C VAL KA 1131 -89.88 -42.87 -12.85
N PHE KA 1132 -90.72 -42.78 -11.81
CA PHE KA 1132 -92.03 -43.41 -11.87
C PHE KA 1132 -92.89 -42.84 -12.99
N GLY KA 1133 -93.34 -43.72 -13.87
CA GLY KA 1133 -94.35 -43.47 -14.92
C GLY KA 1133 -93.93 -42.43 -15.94
N GLN KA 1134 -92.66 -42.08 -16.05
CA GLN KA 1134 -92.27 -41.08 -17.03
C GLN KA 1134 -91.29 -41.60 -18.08
N MET KA 1135 -90.21 -42.27 -17.67
CA MET KA 1135 -89.17 -42.77 -18.57
C MET KA 1135 -88.58 -41.63 -19.41
N LEU KA 1136 -87.92 -40.69 -18.73
CA LEU KA 1136 -87.28 -39.58 -19.40
C LEU KA 1136 -85.82 -39.51 -18.97
N PRO KA 1137 -84.96 -38.97 -19.82
CA PRO KA 1137 -83.56 -38.80 -19.42
C PRO KA 1137 -83.41 -37.84 -18.25
N GLN KA 1138 -82.23 -37.88 -17.62
CA GLN KA 1138 -81.92 -37.01 -16.52
C GLN KA 1138 -81.31 -35.71 -17.02
N VAL KA 1139 -81.44 -34.67 -16.21
CA VAL KA 1139 -80.82 -33.38 -16.52
C VAL KA 1139 -79.31 -33.56 -16.62
N PRO KA 1140 -78.66 -33.05 -17.66
CA PRO KA 1140 -77.20 -33.04 -17.70
C PRO KA 1140 -76.65 -31.86 -16.91
N ALA KA 1141 -75.33 -31.87 -16.73
CA ALA KA 1141 -74.64 -30.82 -15.98
C ALA KA 1141 -73.93 -29.94 -17.01
N GLY KA 1142 -74.51 -28.77 -17.27
CA GLY KA 1142 -73.85 -27.75 -18.05
C GLY KA 1142 -73.96 -27.92 -19.55
N LEU KA 1143 -74.36 -26.86 -20.25
CA LEU KA 1143 -74.36 -26.82 -21.70
C LEU KA 1143 -73.20 -25.96 -22.18
N ALA KA 1144 -72.53 -26.45 -23.23
CA ALA KA 1144 -71.47 -25.66 -23.84
C ALA KA 1144 -71.98 -24.73 -24.93
N ARG KA 1145 -73.00 -25.18 -25.66
CA ARG KA 1145 -73.58 -24.40 -26.75
C ARG KA 1145 -75.09 -24.51 -26.60
N GLY KA 1146 -75.83 -24.11 -27.64
CA GLY KA 1146 -77.28 -24.19 -27.59
C GLY KA 1146 -77.81 -25.59 -27.37
N GLN KA 1147 -79.12 -25.72 -27.21
CA GLN KA 1147 -79.73 -27.04 -27.00
C GLN KA 1147 -79.28 -28.00 -28.10
N GLN KA 1148 -78.73 -29.14 -27.70
CA GLN KA 1148 -78.15 -30.06 -28.67
C GLN KA 1148 -79.25 -30.76 -29.45
N SER KA 1149 -79.02 -30.94 -30.75
CA SER KA 1149 -80.01 -31.54 -31.64
C SER KA 1149 -80.02 -33.06 -31.44
N VAL KA 1150 -80.69 -33.77 -32.33
CA VAL KA 1150 -80.79 -35.22 -32.27
C VAL KA 1150 -80.67 -35.77 -33.69
N CYS KA 1151 -79.91 -36.85 -33.83
CA CYS KA 1151 -79.67 -37.45 -35.14
C CYS KA 1151 -80.54 -38.68 -35.34
N GLU KA 1152 -80.65 -39.08 -36.59
CA GLU KA 1152 -81.38 -40.28 -36.95
C GLU KA 1152 -80.43 -41.21 -37.72
N PHE KA 1153 -80.98 -42.32 -38.19
CA PHE KA 1153 -80.25 -43.24 -39.04
C PHE KA 1153 -81.26 -44.00 -39.89
N ILE KA 1154 -80.95 -44.13 -41.18
CA ILE KA 1154 -81.87 -44.75 -42.14
C ILE KA 1154 -81.07 -45.75 -42.97
N ALA KA 1155 -81.48 -47.02 -42.93
CA ALA KA 1155 -80.81 -48.03 -43.72
C ALA KA 1155 -80.96 -47.72 -45.20
N THR KA 1156 -79.94 -48.11 -45.97
CA THR KA 1156 -79.85 -47.78 -47.38
C THR KA 1156 -78.82 -48.68 -48.04
N PRO KA 1157 -79.11 -49.22 -49.22
CA PRO KA 1157 -78.13 -50.08 -49.90
C PRO KA 1157 -76.85 -49.33 -50.20
N VAL KA 1158 -75.72 -50.03 -50.04
CA VAL KA 1158 -74.40 -49.42 -50.24
C VAL KA 1158 -74.25 -48.86 -51.65
N SER KA 1159 -74.94 -49.45 -52.61
CA SER KA 1159 -74.81 -49.08 -54.02
C SER KA 1159 -75.54 -47.80 -54.37
N VAL KA 1160 -76.01 -47.03 -53.38
CA VAL KA 1160 -76.73 -45.80 -53.68
C VAL KA 1160 -75.81 -44.82 -54.40
N ASP KA 1161 -76.35 -44.16 -55.42
CA ASP KA 1161 -75.58 -43.19 -56.19
C ASP KA 1161 -75.22 -42.01 -55.29
N LEU KA 1162 -73.93 -41.70 -55.19
CA LEU KA 1162 -73.50 -40.58 -54.35
C LEU KA 1162 -73.98 -39.24 -54.89
N ALA KA 1163 -74.15 -39.12 -56.21
CA ALA KA 1163 -74.65 -37.89 -56.81
C ALA KA 1163 -76.06 -37.54 -56.36
N TYR KA 1164 -76.72 -38.41 -55.60
CA TYR KA 1164 -78.04 -38.13 -55.06
C TYR KA 1164 -77.99 -37.15 -53.89
N PHE KA 1165 -76.86 -37.05 -53.19
CA PHE KA 1165 -76.74 -36.15 -52.05
C PHE KA 1165 -76.03 -34.84 -52.37
N ARG KA 1166 -75.43 -34.73 -53.56
CA ARG KA 1166 -74.73 -33.49 -53.91
C ARG KA 1166 -75.69 -32.32 -53.99
N ARG KA 1167 -76.96 -32.58 -54.32
CA ARG KA 1167 -77.97 -31.54 -54.41
C ARG KA 1167 -78.93 -31.68 -53.23
N ALA KA 1168 -79.91 -30.78 -53.16
CA ALA KA 1168 -80.95 -30.88 -52.14
C ALA KA 1168 -81.88 -32.02 -52.47
N CYS KA 1169 -81.94 -33.02 -51.59
CA CYS KA 1169 -82.64 -34.26 -51.86
C CYS KA 1169 -83.58 -34.61 -50.72
N ASN KA 1170 -84.19 -35.78 -50.82
CA ASN KA 1170 -85.13 -36.31 -49.84
C ASN KA 1170 -84.54 -37.54 -49.19
N PRO KA 1171 -84.55 -37.63 -47.86
CA PRO KA 1171 -84.01 -38.83 -47.20
C PRO KA 1171 -84.77 -40.10 -47.54
N ARG KA 1172 -86.08 -39.99 -47.79
CA ARG KA 1172 -86.86 -41.15 -48.19
C ARG KA 1172 -86.31 -41.78 -49.46
N GLY KA 1173 -86.19 -40.98 -50.52
CA GLY KA 1173 -85.73 -41.47 -51.80
C GLY KA 1173 -86.72 -41.14 -52.89
N ARG KA 1174 -88.01 -41.23 -52.54
CA ARG KA 1174 -89.07 -40.79 -53.42
C ARG KA 1174 -89.52 -39.41 -52.99
N ALA KA 1175 -89.70 -38.52 -53.97
CA ALA KA 1175 -89.80 -37.08 -53.73
C ALA KA 1175 -91.19 -36.61 -53.34
N ALA KA 1176 -92.04 -37.48 -52.79
CA ALA KA 1176 -93.49 -37.28 -52.78
C ALA KA 1176 -93.95 -35.85 -52.47
N GLY KA 1177 -93.67 -35.36 -51.26
CA GLY KA 1177 -94.14 -34.06 -50.84
C GLY KA 1177 -95.61 -33.86 -51.14
N GLU KA 1178 -96.00 -32.59 -51.32
CA GLU KA 1178 -97.34 -32.28 -51.82
C GLU KA 1178 -97.29 -31.22 -52.90
N VAL KA 1179 -96.27 -30.37 -52.88
CA VAL KA 1179 -96.23 -29.23 -53.80
C VAL KA 1179 -96.17 -29.71 -55.25
N HIS KA 1180 -95.49 -30.82 -55.51
CA HIS KA 1180 -95.46 -31.41 -56.86
C HIS KA 1180 -95.96 -32.83 -56.77
N GLY KA 1181 -97.01 -33.13 -57.50
CA GLY KA 1181 -97.53 -34.47 -57.54
C GLY KA 1181 -98.91 -34.58 -56.91
N GLU KA 1182 -99.74 -35.45 -57.49
CA GLU KA 1182 -101.04 -35.76 -56.92
C GLU KA 1182 -100.88 -36.83 -55.83
N GLU KA 1183 -101.85 -36.89 -54.92
CA GLU KA 1183 -101.81 -37.92 -53.88
C GLU KA 1183 -101.95 -39.30 -54.52
N GLY KA 1184 -101.25 -40.28 -53.95
CA GLY KA 1184 -101.04 -41.56 -54.57
C GLY KA 1184 -99.66 -41.72 -55.13
N LEU KA 1185 -98.92 -40.62 -55.28
CA LEU KA 1185 -97.52 -40.67 -55.70
C LEU KA 1185 -96.59 -41.04 -54.55
N MET KA 1186 -97.03 -40.86 -53.31
CA MET KA 1186 -96.15 -41.07 -52.17
C MET KA 1186 -95.70 -42.52 -52.07
N PHE KA 1187 -96.63 -43.47 -52.17
CA PHE KA 1187 -96.34 -44.86 -51.86
C PHE KA 1187 -96.43 -45.79 -53.07
N ASP KA 1188 -97.02 -45.37 -54.17
CA ASP KA 1188 -97.08 -46.21 -55.35
C ASP KA 1188 -95.70 -46.36 -55.96
N HIS KA 1189 -95.50 -47.43 -56.75
CA HIS KA 1189 -94.21 -47.70 -57.36
C HIS KA 1189 -94.35 -48.17 -58.80
N SER KA 1190 -95.47 -47.87 -59.45
CA SER KA 1190 -95.62 -48.11 -60.87
C SER KA 1190 -95.48 -46.84 -61.69
N HIS KA 1191 -95.23 -45.70 -61.03
CA HIS KA 1191 -94.96 -44.44 -61.68
C HIS KA 1191 -93.52 -44.04 -61.36
N ALA KA 1192 -92.88 -43.36 -62.30
CA ALA KA 1192 -91.49 -42.96 -62.09
C ALA KA 1192 -91.39 -41.92 -60.99
N ASP KA 1193 -90.26 -41.93 -60.30
CA ASP KA 1193 -89.94 -40.90 -59.34
C ASP KA 1193 -89.89 -39.56 -60.06
N PRO KA 1194 -90.75 -38.59 -59.73
CA PRO KA 1194 -90.77 -37.33 -60.47
C PRO KA 1194 -89.43 -36.62 -60.54
N ALA KA 1195 -88.59 -36.72 -59.50
CA ALA KA 1195 -87.30 -36.04 -59.50
C ALA KA 1195 -86.31 -36.69 -60.45
N HIS KA 1196 -86.11 -38.00 -60.34
CA HIS KA 1196 -85.19 -38.75 -61.20
C HIS KA 1196 -86.01 -39.78 -61.97
N PRO KA 1197 -86.60 -39.39 -63.10
CA PRO KA 1197 -87.58 -40.25 -63.77
C PRO KA 1197 -87.08 -41.62 -64.19
N HIS KA 1198 -85.77 -41.88 -64.14
CA HIS KA 1198 -85.27 -43.19 -64.51
C HIS KA 1198 -85.65 -44.23 -63.46
N ARG KA 1199 -85.17 -44.05 -62.24
CA ARG KA 1199 -85.46 -45.00 -61.17
C ARG KA 1199 -86.83 -44.71 -60.57
N ALA KA 1200 -87.41 -45.74 -59.96
CA ALA KA 1200 -88.62 -45.58 -59.17
C ALA KA 1200 -88.32 -45.28 -57.71
N THR KA 1201 -87.06 -45.29 -57.32
CA THR KA 1201 -86.63 -45.08 -55.94
C THR KA 1201 -85.13 -44.83 -55.96
N ALA KA 1202 -84.56 -44.52 -54.80
CA ALA KA 1202 -83.13 -44.60 -54.60
C ALA KA 1202 -82.78 -45.38 -53.35
N ASN KA 1203 -83.77 -45.90 -52.62
CA ASN KA 1203 -83.60 -46.61 -51.37
C ASN KA 1203 -84.86 -47.42 -51.12
N PRO KA 1204 -84.98 -48.61 -51.71
CA PRO KA 1204 -86.20 -49.41 -51.51
C PRO KA 1204 -86.49 -49.72 -50.05
N TRP KA 1205 -85.47 -49.84 -49.22
CA TRP KA 1205 -85.67 -50.11 -47.80
C TRP KA 1205 -86.28 -48.93 -47.05
N ALA KA 1206 -86.65 -47.85 -47.73
CA ALA KA 1206 -87.25 -46.70 -47.05
C ALA KA 1206 -88.40 -46.07 -47.81
N SER KA 1207 -88.94 -46.72 -48.84
CA SER KA 1207 -89.92 -46.06 -49.69
C SER KA 1207 -91.26 -46.77 -49.76
N GLN KA 1208 -91.26 -48.09 -49.94
CA GLN KA 1208 -92.53 -48.82 -49.98
C GLN KA 1208 -93.25 -48.72 -48.65
N ARG KA 1209 -94.58 -48.78 -48.70
CA ARG KA 1209 -95.36 -48.82 -47.48
C ARG KA 1209 -94.97 -50.05 -46.67
N HIS KA 1210 -94.96 -49.89 -45.35
CA HIS KA 1210 -94.60 -50.96 -44.41
C HIS KA 1210 -93.15 -51.40 -44.59
N SER KA 1211 -92.30 -50.51 -45.13
CA SER KA 1211 -90.88 -50.80 -45.22
C SER KA 1211 -90.24 -50.72 -43.83
N TYR KA 1212 -88.99 -51.15 -43.75
CA TYR KA 1212 -88.29 -51.11 -42.47
C TYR KA 1212 -88.24 -49.70 -41.91
N ALA KA 1213 -87.82 -48.73 -42.73
CA ALA KA 1213 -87.77 -47.35 -42.29
C ALA KA 1213 -89.16 -46.83 -41.94
N ASP KA 1214 -90.17 -47.16 -42.76
CA ASP KA 1214 -91.51 -46.65 -42.54
C ASP KA 1214 -92.06 -47.09 -41.19
N ARG KA 1215 -91.79 -48.34 -40.79
CA ARG KA 1215 -92.27 -48.85 -39.52
C ARG KA 1215 -91.69 -48.12 -38.32
N LEU KA 1216 -90.62 -47.34 -38.52
CA LEU KA 1216 -89.94 -46.64 -37.43
C LEU KA 1216 -90.32 -45.17 -37.34
N TYR KA 1217 -90.29 -44.45 -38.46
CA TYR KA 1217 -90.39 -43.00 -38.46
C TYR KA 1217 -91.68 -42.51 -39.11
N ASN KA 1218 -92.78 -43.21 -38.90
CA ASN KA 1218 -94.09 -42.77 -39.37
C ASN KA 1218 -94.94 -42.34 -38.19
N GLY KA 1219 -95.85 -41.41 -38.46
CA GLY KA 1219 -96.69 -40.89 -37.38
C GLY KA 1219 -97.86 -41.78 -37.06
N GLN KA 1220 -98.42 -42.44 -38.09
CA GLN KA 1220 -99.65 -43.21 -37.93
C GLN KA 1220 -99.41 -44.65 -37.48
N TYR KA 1221 -98.22 -44.99 -36.99
CA TYR KA 1221 -97.94 -46.35 -36.55
C TYR KA 1221 -97.61 -46.45 -35.06
N ASN KA 1222 -97.41 -45.33 -34.38
CA ASN KA 1222 -97.36 -45.25 -32.92
C ASN KA 1222 -96.24 -46.13 -32.35
N MET KA 1223 -95.02 -45.77 -32.72
CA MET KA 1223 -93.81 -46.28 -32.09
C MET KA 1223 -93.00 -45.13 -31.51
N SER KA 1224 -93.68 -44.15 -30.92
CA SER KA 1224 -93.09 -42.89 -30.52
C SER KA 1224 -92.59 -42.93 -29.08
N GLY KA 1225 -91.87 -41.88 -28.70
CA GLY KA 1225 -91.35 -41.74 -27.37
C GLY KA 1225 -91.26 -40.28 -26.96
N PRO KA 1226 -90.43 -39.98 -25.96
CA PRO KA 1226 -90.30 -38.60 -25.47
C PRO KA 1226 -89.33 -37.73 -26.25
N ALA KA 1227 -88.61 -38.29 -27.23
CA ALA KA 1227 -87.61 -37.55 -27.98
C ALA KA 1227 -88.16 -37.16 -29.35
N TYR KA 1228 -87.81 -35.95 -29.78
CA TYR KA 1228 -88.15 -35.48 -31.11
C TYR KA 1228 -87.52 -36.38 -32.16
N SER KA 1229 -88.08 -36.31 -33.38
CA SER KA 1229 -87.57 -37.07 -34.52
C SER KA 1229 -87.59 -36.17 -35.74
N PRO KA 1230 -86.43 -35.63 -36.14
CA PRO KA 1230 -86.40 -34.73 -37.31
C PRO KA 1230 -87.00 -35.33 -38.57
N CYS KA 1231 -86.80 -36.63 -38.80
CA CYS KA 1231 -87.32 -37.31 -39.99
C CYS KA 1231 -88.79 -37.69 -39.85
N PHE KA 1232 -89.51 -37.11 -38.90
CA PHE KA 1232 -90.94 -37.36 -38.78
C PHE KA 1232 -91.70 -36.82 -39.97
N LYS KA 1233 -91.51 -35.55 -40.30
CA LYS KA 1233 -92.29 -34.85 -41.31
C LYS KA 1233 -92.04 -35.35 -42.72
N PHE KA 1234 -91.24 -36.40 -42.90
CA PHE KA 1234 -90.93 -36.94 -44.21
C PHE KA 1234 -91.67 -38.24 -44.51
N PHE KA 1235 -91.84 -39.10 -43.51
CA PHE KA 1235 -92.59 -40.34 -43.67
C PHE KA 1235 -93.98 -40.26 -43.08
N THR KA 1236 -94.51 -39.06 -42.83
CA THR KA 1236 -95.82 -38.89 -42.22
C THR KA 1236 -96.78 -38.28 -43.22
N PRO KA 1237 -97.58 -39.08 -43.93
CA PRO KA 1237 -98.65 -38.51 -44.75
C PRO KA 1237 -99.87 -38.10 -43.93
N ALA KA 1238 -99.88 -38.37 -42.62
CA ALA KA 1238 -101.00 -37.95 -41.79
C ALA KA 1238 -101.18 -36.44 -41.83
N GLU KA 1239 -100.09 -35.69 -41.97
CA GLU KA 1239 -100.18 -34.26 -42.23
C GLU KA 1239 -100.46 -33.97 -43.70
N ALA KA 1240 -99.98 -34.81 -44.61
CA ALA KA 1240 -100.35 -34.73 -46.01
C ALA KA 1240 -101.78 -35.18 -46.27
N VAL KA 1241 -102.43 -35.77 -45.28
CA VAL KA 1241 -103.86 -36.08 -45.40
C VAL KA 1241 -104.66 -34.79 -45.51
N ALA KA 1242 -104.37 -33.83 -44.61
CA ALA KA 1242 -104.98 -32.51 -44.68
C ALA KA 1242 -104.24 -31.70 -45.73
N LYS KA 1243 -104.75 -31.71 -46.96
CA LYS KA 1243 -104.15 -30.98 -48.07
C LYS KA 1243 -104.76 -29.60 -48.18
N SER KA 1244 -104.04 -28.71 -48.85
CA SER KA 1244 -104.51 -27.34 -49.08
C SER KA 1244 -104.95 -27.18 -50.52
N ARG KA 1245 -105.96 -26.34 -50.72
CA ARG KA 1245 -106.58 -26.20 -52.04
C ARG KA 1245 -105.66 -25.45 -53.01
N GLY KA 1246 -105.34 -24.21 -52.69
CA GLY KA 1246 -104.44 -23.44 -53.53
C GLY KA 1246 -103.02 -23.43 -53.00
N LEU KA 1247 -102.07 -23.38 -53.94
CA LEU KA 1247 -100.66 -23.26 -53.56
C LEU KA 1247 -100.44 -22.12 -52.58
N ALA KA 1248 -101.21 -21.05 -52.70
CA ALA KA 1248 -101.08 -19.91 -51.80
C ALA KA 1248 -101.31 -20.31 -50.35
N ARG KA 1249 -102.14 -21.33 -50.09
CA ARG KA 1249 -102.33 -21.78 -48.72
C ARG KA 1249 -101.05 -22.40 -48.17
N LEU KA 1250 -100.36 -23.19 -48.98
CA LEU KA 1250 -99.07 -23.73 -48.56
C LEU KA 1250 -98.05 -22.62 -48.37
N ILE KA 1251 -98.07 -21.61 -49.25
CA ILE KA 1251 -97.13 -20.50 -49.12
C ILE KA 1251 -97.38 -19.74 -47.82
N ALA KA 1252 -98.65 -19.50 -47.49
CA ALA KA 1252 -98.97 -18.71 -46.31
C ALA KA 1252 -98.82 -19.51 -45.02
N ASP KA 1253 -98.93 -20.84 -45.10
CA ASP KA 1253 -98.79 -21.65 -43.90
C ASP KA 1253 -97.34 -21.63 -43.41
N THR KA 1254 -96.39 -21.77 -44.34
CA THR KA 1254 -94.99 -21.59 -44.00
C THR KA 1254 -94.76 -20.17 -43.48
N GLY KA 1255 -93.96 -20.06 -42.43
CA GLY KA 1255 -93.83 -18.82 -41.70
C GLY KA 1255 -94.81 -18.65 -40.57
N ALA KA 1256 -95.77 -19.58 -40.43
CA ALA KA 1256 -96.72 -19.54 -39.32
C ALA KA 1256 -96.84 -20.90 -38.63
N ALA KA 1257 -96.14 -21.92 -39.11
CA ALA KA 1257 -96.23 -23.24 -38.51
C ALA KA 1257 -95.72 -23.22 -37.07
N ALA KA 1258 -96.46 -23.87 -36.18
CA ALA KA 1258 -96.04 -23.95 -34.79
C ALA KA 1258 -94.80 -24.84 -34.67
N SER KA 1259 -94.01 -24.58 -33.63
CA SER KA 1259 -92.76 -25.29 -33.43
C SER KA 1259 -93.02 -26.65 -32.80
N PRO KA 1260 -92.56 -27.74 -33.41
CA PRO KA 1260 -92.70 -29.07 -32.80
C PRO KA 1260 -91.58 -29.46 -31.86
N THR KA 1261 -90.72 -28.52 -31.45
CA THR KA 1261 -89.60 -28.81 -30.56
C THR KA 1261 -89.73 -27.99 -29.29
N SER KA 1262 -89.09 -28.47 -28.23
CA SER KA 1262 -89.19 -27.85 -26.91
C SER KA 1262 -88.04 -26.85 -26.73
N ASN KA 1263 -87.91 -26.33 -25.51
CA ASN KA 1263 -86.87 -25.36 -25.19
C ASN KA 1263 -85.86 -25.86 -24.17
N GLY KA 1264 -86.05 -27.07 -23.64
CA GLY KA 1264 -85.14 -27.61 -22.64
C GLY KA 1264 -83.75 -27.87 -23.17
N GLU KA 1265 -82.85 -28.33 -22.30
CA GLU KA 1265 -81.48 -28.64 -22.68
C GLU KA 1265 -81.38 -29.66 -23.80
N TYR KA 1266 -82.43 -30.42 -24.07
CA TYR KA 1266 -82.46 -31.35 -25.18
C TYR KA 1266 -83.54 -30.97 -26.17
N GLN KA 1267 -83.71 -31.74 -27.23
CA GLN KA 1267 -84.71 -31.47 -28.26
C GLN KA 1267 -85.83 -32.50 -28.12
N PHE KA 1268 -86.83 -32.17 -27.32
CA PHE KA 1268 -87.99 -33.01 -27.11
C PHE KA 1268 -89.20 -32.43 -27.81
N LYS KA 1269 -90.13 -33.29 -28.19
CA LYS KA 1269 -91.41 -32.86 -28.73
C LYS KA 1269 -92.24 -32.28 -27.59
N ARG KA 1270 -92.76 -31.08 -27.81
CA ARG KA 1270 -93.54 -30.41 -26.79
C ARG KA 1270 -95.03 -30.61 -27.03
N PRO KA 1271 -95.86 -30.37 -26.02
CA PRO KA 1271 -97.31 -30.31 -26.27
C PRO KA 1271 -97.62 -29.21 -27.28
N VAL KA 1272 -98.39 -29.58 -28.31
CA VAL KA 1272 -98.64 -28.67 -29.43
C VAL KA 1272 -99.40 -27.43 -29.00
N GLY KA 1273 -100.16 -27.51 -27.91
CA GLY KA 1273 -100.97 -26.39 -27.47
C GLY KA 1273 -100.19 -25.29 -26.77
N ALA KA 1274 -98.89 -25.22 -27.03
CA ALA KA 1274 -98.04 -24.22 -26.38
C ALA KA 1274 -98.04 -22.91 -27.17
N GLY KA 1275 -97.74 -22.98 -28.46
CA GLY KA 1275 -97.68 -21.79 -29.29
C GLY KA 1275 -96.28 -21.28 -29.50
N GLU KA 1276 -95.86 -21.23 -30.76
CA GLU KA 1276 -94.53 -20.75 -31.15
C GLU KA 1276 -94.55 -20.48 -32.64
N LEU KA 1277 -93.60 -19.67 -33.11
CA LEU KA 1277 -93.54 -19.31 -34.51
C LEU KA 1277 -92.19 -19.70 -35.09
N VAL KA 1278 -92.22 -20.60 -36.07
CA VAL KA 1278 -91.02 -21.01 -36.80
C VAL KA 1278 -91.38 -21.09 -38.27
N GLU KA 1279 -90.45 -20.69 -39.12
CA GLU KA 1279 -90.61 -20.76 -40.57
C GLU KA 1279 -89.63 -21.78 -41.11
N ASP KA 1280 -90.03 -22.47 -42.18
CA ASP KA 1280 -89.17 -23.47 -42.79
C ASP KA 1280 -89.65 -23.84 -44.18
N PRO KA 1281 -88.73 -23.97 -45.14
CA PRO KA 1281 -89.12 -24.51 -46.44
C PRO KA 1281 -89.16 -26.03 -46.44
N CYS KA 1282 -88.52 -26.68 -45.46
CA CYS KA 1282 -88.39 -28.13 -45.47
C CYS KA 1282 -89.72 -28.84 -45.26
N ALA KA 1283 -90.69 -28.20 -44.60
CA ALA KA 1283 -92.01 -28.81 -44.48
C ALA KA 1283 -92.91 -28.51 -45.68
N LEU KA 1284 -92.47 -27.65 -46.60
CA LEU KA 1284 -93.21 -27.39 -47.83
C LEU KA 1284 -92.66 -28.19 -49.00
N PHE KA 1285 -91.35 -28.09 -49.27
CA PHE KA 1285 -90.75 -28.90 -50.32
C PHE KA 1285 -90.53 -30.34 -49.88
N GLN KA 1286 -90.42 -30.60 -48.58
CA GLN KA 1286 -90.14 -31.92 -48.02
C GLN KA 1286 -88.81 -32.47 -48.54
N GLU KA 1287 -87.82 -31.58 -48.58
CA GLU KA 1287 -86.47 -31.92 -49.00
C GLU KA 1287 -85.48 -31.43 -47.95
N ALA KA 1288 -84.26 -31.94 -48.02
CA ALA KA 1288 -83.20 -31.58 -47.08
C ALA KA 1288 -81.96 -31.13 -47.84
N TYR KA 1289 -81.12 -30.34 -47.17
CA TYR KA 1289 -79.90 -29.85 -47.78
C TYR KA 1289 -78.67 -30.51 -47.16
N PRO KA 1290 -77.63 -30.74 -47.93
CA PRO KA 1290 -76.43 -31.36 -47.38
C PRO KA 1290 -75.50 -30.31 -46.80
N PRO KA 1291 -74.91 -30.57 -45.63
CA PRO KA 1291 -73.96 -29.64 -45.03
C PRO KA 1291 -72.54 -29.92 -45.53
N LEU KA 1292 -71.60 -29.08 -45.08
CA LEU KA 1292 -70.21 -29.27 -45.45
C LEU KA 1292 -69.66 -30.49 -44.72
N CYS KA 1293 -69.70 -31.64 -45.39
CA CYS KA 1293 -69.29 -32.90 -44.80
C CYS KA 1293 -68.31 -33.60 -45.73
N ALA KA 1294 -67.47 -34.44 -45.14
CA ALA KA 1294 -66.49 -35.20 -45.90
C ALA KA 1294 -66.15 -36.47 -45.13
N SER KA 1295 -65.71 -37.48 -45.86
CA SER KA 1295 -65.40 -38.77 -45.28
C SER KA 1295 -63.97 -38.86 -44.76
N ASP KA 1296 -63.29 -37.73 -44.58
CA ASP KA 1296 -61.90 -37.72 -44.11
C ASP KA 1296 -61.52 -36.33 -43.63
N SER KA 1297 -60.93 -36.26 -42.44
CA SER KA 1297 -60.45 -34.98 -41.92
C SER KA 1297 -59.41 -34.36 -42.85
N ALA KA 1298 -58.56 -35.20 -43.46
CA ALA KA 1298 -57.50 -34.72 -44.33
C ALA KA 1298 -58.02 -33.92 -45.51
N LEU KA 1299 -59.29 -34.07 -45.89
CA LEU KA 1299 -59.87 -33.29 -46.97
C LEU KA 1299 -60.48 -31.98 -46.49
N LEU KA 1300 -60.67 -31.81 -45.18
CA LEU KA 1300 -61.22 -30.58 -44.62
C LEU KA 1300 -60.08 -29.72 -44.07
N ARG KA 1301 -59.37 -29.07 -44.98
CA ARG KA 1301 -58.33 -28.11 -44.63
C ARG KA 1301 -58.58 -26.80 -45.36
N THR KA 1302 -57.62 -25.89 -45.29
CA THR KA 1302 -57.72 -24.65 -46.05
C THR KA 1302 -57.68 -24.88 -47.57
N PRO KA 1303 -56.81 -25.75 -48.13
CA PRO KA 1303 -56.92 -26.04 -49.57
C PRO KA 1303 -57.92 -27.15 -49.90
N LEU KA 1304 -59.20 -26.77 -49.96
CA LEU KA 1304 -60.27 -27.72 -50.23
C LEU KA 1304 -60.03 -28.46 -51.55
N GLY KA 1305 -60.02 -27.72 -52.66
CA GLY KA 1305 -59.62 -28.28 -53.94
C GLY KA 1305 -60.43 -29.47 -54.41
N ALA KA 1306 -59.82 -30.65 -54.34
CA ALA KA 1306 -60.44 -31.86 -54.88
C ALA KA 1306 -61.73 -32.19 -54.15
N GLU KA 1307 -62.73 -32.65 -54.90
CA GLU KA 1307 -64.01 -33.06 -54.35
C GLU KA 1307 -64.09 -34.56 -54.10
N GLU KA 1308 -63.18 -35.34 -54.68
CA GLU KA 1308 -63.12 -36.78 -54.48
C GLU KA 1308 -61.72 -37.26 -54.79
N HIS KA 1309 -61.21 -38.17 -53.96
CA HIS KA 1309 -59.83 -38.61 -54.04
C HIS KA 1309 -59.71 -40.10 -54.32
N PHE KA 1310 -60.41 -40.93 -53.55
CA PHE KA 1310 -60.39 -42.38 -53.65
C PHE KA 1310 -61.75 -42.85 -53.18
N ALA KA 1311 -61.84 -44.08 -52.66
CA ALA KA 1311 -63.07 -44.52 -52.00
C ALA KA 1311 -63.68 -43.45 -51.10
N GLN KA 1312 -62.84 -42.56 -50.56
CA GLN KA 1312 -63.30 -41.40 -49.79
C GLN KA 1312 -64.11 -40.44 -50.65
N TYR KA 1313 -64.65 -39.39 -50.04
CA TYR KA 1313 -65.40 -38.39 -50.79
C TYR KA 1313 -65.58 -37.14 -49.93
N LEU KA 1314 -65.80 -36.02 -50.61
CA LEU KA 1314 -66.12 -34.76 -49.96
C LEU KA 1314 -67.41 -34.21 -50.58
N ILE KA 1315 -68.20 -33.52 -49.76
CA ILE KA 1315 -69.48 -32.96 -50.17
C ILE KA 1315 -69.47 -31.48 -49.79
N ARG KA 1316 -69.42 -30.61 -50.80
CA ARG KA 1316 -69.47 -29.19 -50.53
C ARG KA 1316 -70.87 -28.79 -50.06
N ASP KA 1317 -70.93 -27.68 -49.34
CA ASP KA 1317 -72.19 -27.19 -48.82
C ASP KA 1317 -73.07 -26.69 -49.96
N GLU KA 1318 -74.34 -27.12 -49.93
CA GLU KA 1318 -75.39 -26.58 -50.80
C GLU KA 1318 -76.61 -26.42 -49.89
N SER KA 1319 -76.72 -25.24 -49.28
CA SER KA 1319 -77.74 -24.97 -48.29
C SER KA 1319 -77.89 -23.47 -48.17
N PRO KA 1320 -79.03 -22.99 -47.68
CA PRO KA 1320 -79.27 -21.53 -47.63
C PRO KA 1320 -78.31 -20.78 -46.72
N LEU KA 1321 -77.35 -21.49 -46.10
CA LEU KA 1321 -76.45 -20.88 -45.13
C LEU KA 1321 -75.01 -20.88 -45.61
N LYS KA 1322 -74.79 -20.47 -46.86
CA LYS KA 1322 -73.45 -20.48 -47.43
C LYS KA 1322 -72.53 -19.43 -46.82
N GLY KA 1323 -73.00 -18.66 -45.85
CA GLY KA 1323 -72.16 -17.65 -45.23
C GLY KA 1323 -72.58 -17.24 -43.83
N ARG LA 3 -2.80 39.12 -7.79
CA ARG LA 3 -3.92 39.83 -7.21
C ARG LA 3 -3.44 40.92 -6.24
N PRO LA 4 -2.81 41.97 -6.77
CA PRO LA 4 -2.35 43.06 -5.91
C PRO LA 4 -3.50 44.01 -5.58
N ALA LA 5 -3.27 44.84 -4.57
CA ALA LA 5 -4.25 45.85 -4.20
C ALA LA 5 -4.25 46.97 -5.24
N ILE LA 6 -5.41 47.61 -5.39
CA ILE LA 6 -5.53 48.72 -6.33
C ILE LA 6 -5.38 50.06 -5.63
N LEU LA 7 -6.06 50.22 -4.49
CA LEU LA 7 -5.94 51.44 -3.68
C LEU LA 7 -5.55 51.04 -2.27
N PRO LA 8 -4.34 51.38 -1.81
CA PRO LA 8 -3.98 51.12 -0.42
C PRO LA 8 -4.75 52.05 0.52
N SER LA 9 -5.19 51.48 1.65
CA SER LA 9 -5.90 52.28 2.64
C SER LA 9 -4.98 53.32 3.26
N GLY LA 10 -3.83 52.88 3.76
CA GLY LA 10 -2.85 53.78 4.35
C GLY LA 10 -1.43 53.37 4.05
N GLN LA 11 -0.50 54.31 4.10
CA GLN LA 11 0.90 53.98 3.88
C GLN LA 11 1.54 53.45 5.15
N ILE LA 12 2.56 52.60 4.97
CA ILE LA 12 3.38 52.13 6.08
C ILE LA 12 4.36 53.24 6.45
N LEU LA 13 4.49 53.49 7.75
CA LEU LA 13 5.39 54.55 8.21
C LEU LA 13 6.86 54.15 8.06
N SER LA 14 7.24 53.03 8.68
CA SER LA 14 8.65 52.66 8.78
C SER LA 14 8.97 51.48 7.87
N ASN LA 15 10.20 51.49 7.35
CA ASN LA 15 10.71 50.38 6.57
C ASN LA 15 11.53 49.46 7.48
N ILE LA 16 11.75 48.24 7.01
CA ILE LA 16 12.52 47.25 7.75
C ILE LA 16 12.89 46.12 6.80
N GLU LA 17 14.03 45.48 7.07
CA GLU LA 17 14.37 44.23 6.38
C GLU LA 17 13.29 43.22 6.72
N VAL LA 18 12.50 42.83 5.71
CA VAL LA 18 11.31 42.05 5.97
C VAL LA 18 11.56 40.55 5.83
N HIS LA 19 12.55 40.15 5.03
CA HIS LA 19 12.83 38.73 4.87
C HIS LA 19 13.24 38.08 6.18
N SER LA 20 13.97 38.81 7.03
CA SER LA 20 14.39 38.25 8.32
C SER LA 20 13.19 38.03 9.23
N HIS LA 21 12.23 38.97 9.23
CA HIS LA 21 11.04 38.90 10.07
C HIS LA 21 9.91 38.13 9.39
N ARG LA 22 10.25 37.25 8.43
CA ARG LA 22 9.22 36.53 7.67
C ARG LA 22 8.35 35.64 8.55
N ALA LA 23 8.83 35.24 9.72
CA ALA LA 23 8.09 34.31 10.57
C ALA LA 23 6.80 34.90 11.11
N LEU LA 24 6.68 36.23 11.14
CA LEU LA 24 5.47 36.85 11.65
C LEU LA 24 4.29 36.65 10.70
N PHE LA 25 4.57 36.48 9.41
CA PHE LA 25 3.54 36.46 8.39
C PHE LA 25 3.14 35.02 8.07
N ASP LA 26 1.93 34.88 7.53
CA ASP LA 26 1.36 33.56 7.27
C ASP LA 26 1.82 33.01 5.93
N ILE LA 27 1.52 33.71 4.85
CA ILE LA 27 1.99 33.37 3.51
C ILE LA 27 2.52 34.63 2.85
N PHE LA 28 3.54 34.47 2.02
CA PHE LA 28 4.13 35.61 1.31
C PHE LA 28 5.00 35.06 0.19
N LYS LA 29 5.45 35.97 -0.68
CA LYS LA 29 6.32 35.60 -1.78
C LYS LA 29 7.11 36.82 -2.22
N ARG LA 30 8.40 36.62 -2.49
CA ARG LA 30 9.25 37.65 -3.06
C ARG LA 30 9.62 37.24 -4.48
N PHE LA 31 9.89 38.22 -5.32
CA PHE LA 31 10.36 37.97 -6.67
C PHE LA 31 11.37 39.05 -7.03
N ARG LA 32 12.13 38.80 -8.09
CA ARG LA 32 13.23 39.67 -8.46
C ARG LA 32 12.75 41.09 -8.74
N SER LA 33 12.02 41.24 -9.84
CA SER LA 33 11.43 42.52 -10.20
C SER LA 33 10.46 42.29 -11.35
N ASP LA 34 9.25 42.85 -11.23
CA ASP LA 34 8.34 42.91 -12.36
C ASP LA 34 7.96 41.50 -12.86
N ASP LA 35 7.28 40.76 -11.99
CA ASP LA 35 6.80 39.43 -12.36
C ASP LA 35 5.71 39.53 -13.40
N ASN LA 36 5.70 38.57 -14.33
CA ASN LA 36 4.72 38.55 -15.41
C ASN LA 36 3.33 38.11 -14.95
N ASN LA 37 3.25 37.36 -13.85
CA ASN LA 37 1.97 36.79 -13.42
C ASN LA 37 0.96 37.87 -13.07
N LEU LA 38 1.37 38.87 -12.30
CA LEU LA 38 0.44 39.87 -11.77
C LEU LA 38 -0.02 40.87 -12.84
N TYR LA 39 0.17 40.57 -14.12
CA TYR LA 39 -0.26 41.47 -15.20
C TYR LA 39 -1.54 41.03 -15.88
N GLY LA 40 -1.58 39.82 -16.42
CA GLY LA 40 -2.82 39.30 -16.94
C GLY LA 40 -3.72 38.88 -15.79
N ALA LA 41 -4.91 39.47 -15.76
CA ALA LA 41 -5.93 39.12 -14.77
C ALA LA 41 -7.22 38.84 -15.53
N GLU LA 42 -7.64 37.59 -15.53
CA GLU LA 42 -8.81 37.16 -16.26
C GLU LA 42 -9.86 36.66 -15.27
N PHE LA 43 -11.12 36.95 -15.58
CA PHE LA 43 -12.23 36.66 -14.69
C PHE LA 43 -12.99 35.45 -15.20
N ASP LA 44 -13.98 35.05 -14.42
CA ASP LA 44 -14.90 33.98 -14.81
C ASP LA 44 -16.31 34.46 -14.53
N ALA LA 45 -17.14 34.48 -15.55
CA ALA LA 45 -18.47 35.07 -15.46
C ALA LA 45 -19.53 34.07 -15.87
N LEU LA 46 -20.59 34.00 -15.06
CA LEU LA 46 -21.80 33.30 -15.48
C LEU LA 46 -22.61 34.21 -16.40
N LEU LA 47 -23.03 33.67 -17.53
CA LEU LA 47 -23.58 34.47 -18.63
C LEU LA 47 -25.07 34.27 -18.81
N GLY LA 48 -25.80 34.15 -17.71
CA GLY LA 48 -27.25 34.05 -17.78
C GLY LA 48 -27.82 32.98 -16.88
N THR LA 49 -28.79 33.35 -16.04
CA THR LA 49 -29.46 32.41 -15.16
C THR LA 49 -30.89 32.19 -15.65
N TYR LA 50 -31.45 31.04 -15.31
CA TYR LA 50 -32.75 30.66 -15.84
C TYR LA 50 -33.54 29.90 -14.79
N CYS LA 51 -34.61 30.51 -14.31
CA CYS LA 51 -35.55 29.91 -13.37
C CYS LA 51 -36.83 29.53 -14.09
N SER LA 52 -37.41 28.40 -13.70
CA SER LA 52 -38.60 27.87 -14.34
C SER LA 52 -39.85 28.27 -13.57
N THR LA 53 -40.95 28.35 -14.30
CA THR LA 53 -42.26 28.61 -13.72
C THR LA 53 -43.01 27.29 -13.55
N LEU LA 54 -44.22 27.36 -13.00
CA LEU LA 54 -45.02 26.17 -12.71
C LEU LA 54 -46.40 26.36 -13.31
N SER LA 55 -46.70 25.56 -14.33
CA SER LA 55 -48.01 25.64 -14.96
C SER LA 55 -49.08 25.09 -14.02
N LEU LA 56 -50.00 25.95 -13.61
CA LEU LA 56 -51.12 25.54 -12.78
C LEU LA 56 -52.19 24.88 -13.64
N VAL LA 57 -52.95 23.98 -13.01
CA VAL LA 57 -54.07 23.32 -13.66
C VAL LA 57 -55.26 23.36 -12.71
N ARG LA 58 -56.39 23.85 -13.20
CA ARG LA 58 -57.64 23.89 -12.44
C ARG LA 58 -58.50 22.72 -12.89
N PHE LA 59 -58.96 21.92 -11.91
CA PHE LA 59 -59.68 20.69 -12.24
C PHE LA 59 -60.91 20.98 -13.09
N LEU LA 60 -61.77 21.88 -12.63
CA LEU LA 60 -63.01 22.16 -13.35
C LEU LA 60 -62.78 22.80 -14.71
N GLU LA 61 -61.57 23.33 -14.97
CA GLU LA 61 -61.27 23.83 -16.31
C GLU LA 61 -61.08 22.70 -17.30
N LEU LA 62 -60.64 21.53 -16.84
CA LEU LA 62 -60.46 20.38 -17.70
C LEU LA 62 -61.80 19.91 -18.24
N GLY LA 63 -61.74 18.96 -19.18
CA GLY LA 63 -62.94 18.39 -19.75
C GLY LA 63 -63.46 17.21 -18.94
N LEU LA 64 -62.61 16.67 -18.06
CA LEU LA 64 -62.96 15.50 -17.28
C LEU LA 64 -64.01 15.79 -16.22
N SER LA 65 -64.19 17.06 -15.83
CA SER LA 65 -65.07 17.40 -14.73
C SER LA 65 -66.51 16.95 -14.93
N VAL LA 66 -66.96 16.79 -16.18
CA VAL LA 66 -68.32 16.35 -16.45
C VAL LA 66 -68.55 14.90 -16.03
N ALA LA 67 -67.50 14.19 -15.63
CA ALA LA 67 -67.68 12.80 -15.21
C ALA LA 67 -68.35 12.71 -13.84
N CYS LA 68 -68.00 13.59 -12.92
CA CYS LA 68 -68.47 13.49 -11.54
C CYS LA 68 -69.02 14.82 -11.06
N VAL LA 69 -70.10 14.75 -10.30
CA VAL LA 69 -70.64 15.92 -9.61
C VAL LA 69 -69.94 15.99 -8.26
N CYS LA 70 -69.43 17.17 -7.93
CA CYS LA 70 -68.63 17.37 -6.71
C CYS LA 70 -69.30 18.42 -5.83
N THR LA 71 -69.41 18.12 -4.54
CA THR LA 71 -69.97 19.08 -3.60
C THR LA 71 -69.02 19.22 -2.42
N LYS LA 72 -68.80 20.45 -1.98
CA LYS LA 72 -68.08 20.68 -0.74
C LYS LA 72 -68.92 20.18 0.43
N PHE LA 73 -68.23 19.62 1.41
CA PHE LA 73 -68.92 18.99 2.54
C PHE LA 73 -68.01 19.06 3.76
N PRO LA 74 -67.89 20.24 4.39
CA PRO LA 74 -66.88 20.41 5.45
C PRO LA 74 -67.11 19.59 6.70
N GLU LA 75 -68.12 18.72 6.76
CA GLU LA 75 -68.35 17.89 7.94
C GLU LA 75 -68.10 16.40 7.67
N LEU LA 76 -67.46 16.06 6.55
CA LEU LA 76 -67.32 14.65 6.18
C LEU LA 76 -66.58 13.84 7.24
N SER LA 77 -65.59 14.45 7.91
CA SER LA 77 -64.85 13.73 8.93
C SER LA 77 -65.74 13.22 10.04
N TYR LA 78 -66.86 13.90 10.32
CA TYR LA 78 -67.80 13.47 11.34
C TYR LA 78 -68.62 12.26 10.91
N VAL LA 79 -68.82 12.07 9.61
CA VAL LA 79 -69.82 11.14 9.11
C VAL LA 79 -69.29 9.72 9.19
N ALA LA 80 -70.06 8.84 9.83
CA ALA LA 80 -69.82 7.39 9.76
C ALA LA 80 -70.35 6.88 8.44
N GLU LA 81 -70.52 5.57 8.31
CA GLU LA 81 -71.03 4.98 7.08
C GLU LA 81 -72.27 5.71 6.58
N GLY LA 82 -72.14 6.38 5.44
CA GLY LA 82 -73.24 7.09 4.82
C GLY LA 82 -73.76 6.31 3.62
N THR LA 83 -75.03 6.51 3.32
CA THR LA 83 -75.70 5.70 2.30
C THR LA 83 -76.59 6.59 1.44
N ILE LA 84 -76.82 6.13 0.21
CA ILE LA 84 -77.74 6.76 -0.72
C ILE LA 84 -78.73 5.70 -1.20
N GLN LA 85 -79.94 6.14 -1.51
CA GLN LA 85 -81.05 5.23 -1.78
C GLN LA 85 -81.37 5.19 -3.27
N PHE LA 86 -82.26 4.26 -3.62
CA PHE LA 86 -82.76 4.11 -4.98
C PHE LA 86 -84.11 3.42 -4.92
N GLU LA 87 -85.02 3.85 -5.79
CA GLU LA 87 -86.27 3.14 -6.04
C GLU LA 87 -86.61 3.30 -7.51
N VAL LA 88 -87.05 2.20 -8.13
CA VAL LA 88 -87.31 2.18 -9.56
C VAL LA 88 -88.55 1.35 -9.80
N GLN LA 89 -89.33 1.72 -10.81
CA GLN LA 89 -90.54 1.00 -11.17
C GLN LA 89 -90.43 0.55 -12.61
N GLN LA 90 -90.34 -0.76 -12.83
CA GLN LA 90 -90.26 -1.25 -14.19
C GLN LA 90 -91.63 -1.23 -14.84
N PRO LA 91 -91.70 -1.09 -16.18
CA PRO LA 91 -93.00 -1.17 -16.85
C PRO LA 91 -93.44 -2.62 -17.03
N MET LA 92 -94.58 -2.81 -17.71
CA MET LA 92 -95.11 -4.13 -17.98
C MET LA 92 -96.12 -4.02 -19.11
N ILE LA 93 -96.26 -5.10 -19.87
CA ILE LA 93 -97.20 -5.15 -20.97
C ILE LA 93 -98.18 -6.30 -20.70
N ALA LA 94 -99.46 -6.05 -20.98
CA ALA LA 94 -100.50 -7.03 -20.71
C ALA LA 94 -100.51 -8.07 -21.81
N ARG LA 95 -99.72 -9.13 -21.63
CA ARG LA 95 -99.56 -10.18 -22.64
C ARG LA 95 -100.78 -11.08 -22.60
N ASP LA 96 -101.41 -11.27 -23.76
CA ASP LA 96 -102.62 -12.08 -23.87
C ASP LA 96 -102.22 -13.55 -23.95
N GLY LA 97 -102.84 -14.38 -23.10
CA GLY LA 97 -102.63 -15.81 -23.20
C GLY LA 97 -102.61 -16.52 -21.87
N PRO LA 98 -102.27 -17.81 -21.90
CA PRO LA 98 -102.30 -18.62 -20.67
C PRO LA 98 -101.21 -18.26 -19.68
N HIS LA 99 -100.15 -17.57 -20.09
CA HIS LA 99 -99.11 -17.18 -19.16
C HIS LA 99 -99.68 -16.26 -18.09
N PRO LA 100 -99.36 -16.50 -16.82
CA PRO LA 100 -99.85 -15.62 -15.75
C PRO LA 100 -99.41 -14.18 -15.98
N ALA LA 101 -100.39 -13.31 -16.16
CA ALA LA 101 -100.11 -11.89 -16.34
C ALA LA 101 -99.41 -11.35 -15.10
N ASP LA 102 -98.17 -10.91 -15.27
CA ASP LA 102 -97.37 -10.46 -14.15
C ASP LA 102 -97.77 -9.06 -13.73
N GLN LA 103 -97.82 -8.85 -12.44
CA GLN LA 103 -98.17 -7.59 -11.79
C GLN LA 103 -96.99 -6.63 -11.81
N PRO LA 104 -97.23 -5.32 -11.74
CA PRO LA 104 -96.11 -4.37 -11.78
C PRO LA 104 -95.19 -4.53 -10.59
N VAL LA 105 -93.91 -4.76 -10.86
CA VAL LA 105 -92.93 -5.10 -9.85
C VAL LA 105 -92.37 -3.80 -9.26
N HIS LA 106 -92.04 -3.83 -7.98
CA HIS LA 106 -91.37 -2.73 -7.29
C HIS LA 106 -90.18 -3.26 -6.51
N ASN LA 107 -89.18 -2.41 -6.34
CA ASN LA 107 -87.98 -2.80 -5.64
C ASN LA 107 -87.39 -1.60 -4.92
N TYR LA 108 -86.46 -1.86 -4.01
CA TYR LA 108 -85.91 -0.85 -3.13
C TYR LA 108 -84.43 -1.13 -2.90
N MET LA 109 -83.57 -0.24 -3.40
CA MET LA 109 -82.14 -0.49 -3.45
C MET LA 109 -81.40 0.70 -2.85
N ILE LA 110 -80.34 0.42 -2.10
CA ILE LA 110 -79.50 1.46 -1.51
C ILE LA 110 -78.05 1.23 -1.94
N LYS LA 111 -77.18 2.16 -1.56
CA LYS LA 111 -75.77 2.09 -1.89
C LYS LA 111 -74.93 2.67 -0.76
N ARG LA 112 -73.78 2.07 -0.52
CA ARG LA 112 -72.91 2.41 0.60
C ARG LA 112 -71.73 3.25 0.12
N LEU LA 113 -71.44 4.31 0.86
CA LEU LA 113 -70.31 5.17 0.55
C LEU LA 113 -69.00 4.44 0.76
N ASP LA 114 -67.97 4.89 0.05
CA ASP LA 114 -66.60 4.48 0.30
C ASP LA 114 -65.75 5.72 0.51
N ARG LA 115 -64.81 5.63 1.45
CA ARG LA 115 -64.02 6.78 1.88
C ARG LA 115 -62.57 6.59 1.45
N ARG LA 116 -62.00 7.63 0.86
CA ARG LA 116 -60.58 7.66 0.54
C ARG LA 116 -59.95 8.93 1.13
N SER LA 117 -58.70 9.20 0.78
CA SER LA 117 -58.05 10.41 1.25
C SER LA 117 -56.97 10.80 0.25
N LEU LA 118 -56.34 11.94 0.51
CA LEU LA 118 -55.20 12.42 -0.25
C LEU LA 118 -54.28 13.13 0.71
N ASN LA 119 -52.97 12.93 0.56
CA ASN LA 119 -52.04 13.61 1.44
C ASN LA 119 -50.73 13.88 0.70
N ALA LA 120 -50.21 15.10 0.86
CA ALA LA 120 -48.89 15.47 0.40
C ALA LA 120 -48.20 16.21 1.52
N ALA LA 121 -46.89 16.09 1.61
CA ALA LA 121 -46.12 16.66 2.71
C ALA LA 121 -44.95 17.46 2.16
N PHE LA 122 -44.62 18.54 2.87
CA PHE LA 122 -43.47 19.37 2.54
C PHE LA 122 -42.81 19.82 3.82
N SER LA 123 -41.48 19.78 3.84
CA SER LA 123 -40.70 20.12 5.02
C SER LA 123 -40.34 21.60 5.01
N ILE LA 124 -39.46 21.96 5.95
CA ILE LA 124 -38.89 23.31 6.02
C ILE LA 124 -37.58 23.20 6.77
N ALA LA 125 -36.63 24.07 6.43
CA ALA LA 125 -35.28 23.96 6.96
C ALA LA 125 -35.20 24.52 8.37
N VAL LA 126 -34.28 23.97 9.16
CA VAL LA 126 -34.19 24.33 10.57
C VAL LA 126 -33.65 25.74 10.75
N GLU LA 127 -32.59 26.10 10.01
CA GLU LA 127 -32.07 27.45 10.09
C GLU LA 127 -32.91 28.42 9.28
N ALA LA 128 -33.76 27.92 8.39
CA ALA LA 128 -34.78 28.75 7.78
C ALA LA 128 -35.86 29.12 8.77
N LEU LA 129 -36.12 28.24 9.75
CA LEU LA 129 -37.12 28.54 10.77
C LEU LA 129 -36.71 29.73 11.61
N GLY LA 130 -35.44 29.81 12.00
CA GLY LA 130 -34.96 30.96 12.73
C GLY LA 130 -35.04 32.26 11.95
N LEU LA 131 -35.09 32.18 10.63
CA LEU LA 131 -35.20 33.38 9.79
C LEU LA 131 -36.65 33.77 9.50
N ILE LA 132 -37.54 32.80 9.32
CA ILE LA 132 -38.96 33.13 9.17
C ILE LA 132 -39.49 33.73 10.47
N SER LA 133 -39.19 33.09 11.61
CA SER LA 133 -39.73 33.54 12.88
C SER LA 133 -39.07 34.83 13.35
N GLY LA 134 -37.76 34.95 13.14
CA GLY LA 134 -37.01 36.10 13.62
C GLY LA 134 -36.16 35.83 14.84
N GLU LA 135 -36.26 34.64 15.44
CA GLU LA 135 -35.45 34.32 16.61
C GLU LA 135 -33.96 34.33 16.25
N ASN LA 136 -33.61 33.99 15.02
CA ASN LA 136 -32.24 34.07 14.55
C ASN LA 136 -31.98 35.31 13.71
N LEU LA 137 -32.95 36.20 13.59
CA LEU LA 137 -32.77 37.41 12.80
C LEU LA 137 -31.89 38.41 13.54
N ASP LA 138 -30.99 39.05 12.79
CA ASP LA 138 -30.15 40.10 13.30
C ASP LA 138 -30.65 41.44 12.77
N GLY LA 139 -30.51 42.48 13.59
CA GLY LA 139 -30.90 43.81 13.18
C GLY LA 139 -29.91 44.44 12.22
N THR LA 140 -29.61 43.73 11.14
CA THR LA 140 -28.57 44.10 10.19
C THR LA 140 -29.18 44.32 8.81
N HIS LA 141 -28.30 44.48 7.82
CA HIS LA 141 -28.71 44.70 6.45
C HIS LA 141 -28.57 43.44 5.59
N ILE LA 142 -27.77 42.46 6.02
CA ILE LA 142 -27.71 41.20 5.31
C ILE LA 142 -28.95 40.36 5.60
N SER LA 143 -29.26 40.15 6.88
CA SER LA 143 -30.25 39.16 7.27
C SER LA 143 -31.61 39.40 6.61
N SER LA 144 -31.91 40.64 6.25
CA SER LA 144 -33.13 40.91 5.50
C SER LA 144 -33.14 40.18 4.16
N ALA LA 145 -31.99 40.11 3.49
CA ALA LA 145 -31.92 39.39 2.23
C ALA LA 145 -32.17 37.90 2.41
N MET LA 146 -31.57 37.31 3.46
CA MET LA 146 -31.81 35.90 3.73
C MET LA 146 -33.27 35.66 4.09
N ARG LA 147 -33.89 36.60 4.82
CA ARG LA 147 -35.31 36.46 5.13
C ARG LA 147 -36.15 36.48 3.87
N LEU LA 148 -35.87 37.42 2.96
CA LEU LA 148 -36.57 37.45 1.67
C LEU LA 148 -36.39 36.14 0.93
N ARG LA 149 -35.17 35.61 0.88
CA ARG LA 149 -34.93 34.36 0.17
C ARG LA 149 -35.71 33.20 0.79
N ALA LA 150 -35.71 33.11 2.13
CA ALA LA 150 -36.40 32.01 2.79
C ALA LA 150 -37.91 32.12 2.61
N ILE LA 151 -38.45 33.34 2.68
CA ILE LA 151 -39.88 33.54 2.44
C ILE LA 151 -40.23 33.13 1.01
N GLN LA 152 -39.40 33.53 0.04
CA GLN LA 152 -39.65 33.14 -1.34
C GLN LA 152 -39.64 31.63 -1.50
N GLN LA 153 -38.68 30.96 -0.85
CA GLN LA 153 -38.61 29.51 -0.96
C GLN LA 153 -39.84 28.83 -0.38
N LEU LA 154 -40.24 29.25 0.83
CA LEU LA 154 -41.44 28.68 1.43
C LEU LA 154 -42.67 28.94 0.57
N ALA LA 155 -42.74 30.12 -0.05
CA ALA LA 155 -43.90 30.46 -0.87
C ALA LA 155 -43.96 29.59 -2.11
N ARG LA 156 -42.84 29.47 -2.83
CA ARG LA 156 -42.79 28.59 -3.98
C ARG LA 156 -43.16 27.16 -3.62
N ASN LA 157 -42.61 26.66 -2.50
CA ASN LA 157 -42.86 25.29 -2.07
C ASN LA 157 -44.32 25.06 -1.74
N VAL LA 158 -44.94 26.00 -1.02
CA VAL LA 158 -46.32 25.81 -0.60
C VAL LA 158 -47.26 26.00 -1.78
N GLN LA 159 -46.91 26.86 -2.75
CA GLN LA 159 -47.70 26.93 -3.97
C GLN LA 159 -47.60 25.62 -4.75
N ALA LA 160 -46.43 24.99 -4.75
CA ALA LA 160 -46.28 23.70 -5.41
C ALA LA 160 -47.17 22.65 -4.76
N VAL LA 161 -47.11 22.52 -3.43
CA VAL LA 161 -47.86 21.45 -2.77
C VAL LA 161 -49.37 21.72 -2.81
N LEU LA 162 -49.79 22.97 -2.56
CA LEU LA 162 -51.21 23.30 -2.58
C LEU LA 162 -51.82 23.14 -3.96
N ASP LA 163 -50.99 23.13 -5.00
CA ASP LA 163 -51.46 22.83 -6.35
C ASP LA 163 -51.56 21.33 -6.61
N SER LA 164 -50.77 20.52 -5.91
CA SER LA 164 -50.74 19.09 -6.14
C SER LA 164 -52.11 18.43 -5.93
N PHE LA 165 -52.95 19.01 -5.07
CA PHE LA 165 -54.26 18.45 -4.80
C PHE LA 165 -55.22 18.55 -5.98
N GLU LA 166 -54.87 19.28 -7.03
CA GLU LA 166 -55.69 19.34 -8.24
C GLU LA 166 -55.41 18.15 -9.14
N ARG LA 167 -54.14 17.96 -9.52
CA ARG LA 167 -53.75 16.75 -10.22
C ARG LA 167 -54.10 15.50 -9.42
N GLY LA 168 -54.08 15.60 -8.09
CA GLY LA 168 -54.48 14.47 -7.26
C GLY LA 168 -55.91 14.02 -7.55
N THR LA 169 -56.85 14.96 -7.54
CA THR LA 169 -58.23 14.60 -7.85
C THR LA 169 -58.39 14.20 -9.31
N ALA LA 170 -57.70 14.89 -10.22
CA ALA LA 170 -57.78 14.51 -11.64
C ALA LA 170 -57.25 13.11 -11.88
N ASP LA 171 -56.37 12.62 -11.00
CA ASP LA 171 -55.88 11.24 -11.10
C ASP LA 171 -56.83 10.28 -10.41
N GLN LA 172 -57.35 10.66 -9.24
CA GLN LA 172 -58.29 9.83 -8.51
C GLN LA 172 -59.52 9.52 -9.35
N MET LA 173 -60.00 10.50 -10.12
CA MET LA 173 -61.17 10.29 -10.94
C MET LA 173 -60.92 9.19 -11.97
N LEU LA 174 -59.76 9.22 -12.63
CA LEU LA 174 -59.44 8.16 -13.57
C LEU LA 174 -59.24 6.84 -12.85
N ARG LA 175 -58.65 6.88 -11.65
CA ARG LA 175 -58.43 5.65 -10.90
C ARG LA 175 -59.74 4.94 -10.58
N VAL LA 176 -60.76 5.67 -10.15
CA VAL LA 176 -62.04 5.04 -9.85
C VAL LA 176 -62.82 4.71 -11.11
N LEU LA 177 -62.85 5.61 -12.10
CA LEU LA 177 -63.54 5.34 -13.36
C LEU LA 177 -62.96 4.14 -14.10
N MET LA 178 -61.69 3.80 -13.88
CA MET LA 178 -61.11 2.62 -14.51
C MET LA 178 -61.41 1.33 -13.75
N GLU LA 179 -61.85 1.43 -12.48
CA GLU LA 179 -62.06 0.25 -11.66
C GLU LA 179 -63.42 -0.38 -11.84
N LYS LA 180 -64.41 0.35 -12.35
CA LYS LA 180 -65.74 -0.19 -12.55
C LYS LA 180 -66.00 -0.62 -13.99
N ALA LA 181 -65.52 0.15 -14.95
CA ALA LA 181 -65.85 -0.03 -16.35
C ALA LA 181 -65.48 -1.42 -16.83
N PRO LA 182 -66.45 -2.27 -17.17
CA PRO LA 182 -66.11 -3.57 -17.75
C PRO LA 182 -65.63 -3.39 -19.18
N PRO LA 183 -64.90 -4.37 -19.71
CA PRO LA 183 -64.44 -4.25 -21.10
C PRO LA 183 -65.60 -4.28 -22.08
N LEU LA 184 -65.49 -3.45 -23.12
CA LEU LA 184 -66.55 -3.36 -24.12
C LEU LA 184 -66.80 -4.70 -24.80
N SER LA 185 -65.75 -5.48 -25.03
CA SER LA 185 -65.91 -6.80 -25.65
C SER LA 185 -66.95 -7.64 -24.91
N LEU LA 186 -66.97 -7.54 -23.58
CA LEU LA 186 -67.90 -8.29 -22.76
C LEU LA 186 -69.14 -7.49 -22.37
N LEU LA 187 -69.45 -6.41 -23.09
CA LEU LA 187 -70.64 -5.65 -22.76
C LEU LA 187 -71.54 -5.47 -23.97
N ALA LA 188 -70.94 -5.28 -25.14
CA ALA LA 188 -71.75 -5.09 -26.35
C ALA LA 188 -72.75 -6.21 -26.62
N PRO LA 189 -72.39 -7.50 -26.50
CA PRO LA 189 -73.40 -8.55 -26.63
C PRO LA 189 -74.23 -8.82 -25.39
N PHE LA 190 -73.73 -8.45 -24.20
CA PHE LA 190 -74.49 -8.71 -22.98
C PHE LA 190 -75.78 -7.91 -22.94
N THR LA 191 -75.72 -6.62 -23.30
CA THR LA 191 -76.93 -5.81 -23.36
C THR LA 191 -77.84 -6.22 -24.51
N LEU LA 192 -77.43 -7.20 -25.32
CA LEU LA 192 -78.24 -7.71 -26.41
C LEU LA 192 -79.05 -8.93 -26.01
N TYR LA 193 -78.73 -9.58 -24.90
CA TYR LA 193 -79.46 -10.76 -24.42
C TYR LA 193 -80.24 -10.46 -23.14
N GLU LA 194 -80.61 -9.20 -22.94
CA GLU LA 194 -81.30 -8.79 -21.72
C GLU LA 194 -82.65 -9.51 -21.59
N GLY LA 195 -83.07 -9.71 -20.35
CA GLY LA 195 -84.37 -10.28 -20.06
C GLY LA 195 -84.55 -11.73 -20.47
N ARG LA 196 -83.47 -12.37 -20.93
CA ARG LA 196 -83.52 -13.77 -21.35
C ARG LA 196 -82.66 -14.67 -20.49
N LEU LA 197 -81.89 -14.12 -19.55
CA LEU LA 197 -80.98 -14.92 -18.73
C LEU LA 197 -81.74 -15.58 -17.57
N ALA LA 198 -82.61 -16.51 -17.92
CA ALA LA 198 -83.30 -17.34 -16.94
C ALA LA 198 -83.25 -18.82 -17.28
N ASP LA 199 -83.16 -19.15 -18.56
CA ASP LA 199 -83.06 -20.53 -19.01
C ASP LA 199 -81.64 -20.84 -19.47
N ARG LA 200 -81.18 -22.04 -19.15
CA ARG LA 200 -79.80 -22.42 -19.43
C ARG LA 200 -79.46 -22.38 -20.92
N VAL LA 201 -80.45 -22.51 -21.80
CA VAL LA 201 -80.17 -22.57 -23.23
C VAL LA 201 -79.69 -21.24 -23.78
N ALA LA 202 -80.26 -20.11 -23.33
CA ALA LA 202 -79.83 -18.79 -23.77
C ALA LA 202 -78.50 -18.38 -23.15
N CYS LA 203 -78.31 -18.64 -21.85
CA CYS LA 203 -77.01 -18.44 -21.22
C CYS LA 203 -75.94 -19.30 -21.87
N ALA LA 204 -76.30 -20.46 -22.41
CA ALA LA 204 -75.31 -21.31 -23.06
C ALA LA 204 -74.83 -20.74 -24.38
N ALA LA 205 -75.68 -19.99 -25.09
CA ALA LA 205 -75.28 -19.35 -26.32
C ALA LA 205 -74.58 -18.02 -26.06
N LEU LA 206 -74.94 -17.33 -24.99
CA LEU LA 206 -74.28 -16.07 -24.65
C LEU LA 206 -72.79 -16.27 -24.45
N VAL LA 207 -72.40 -17.35 -23.76
CA VAL LA 207 -70.98 -17.58 -23.50
C VAL LA 207 -70.24 -17.94 -24.78
N SER LA 208 -70.88 -18.69 -25.68
CA SER LA 208 -70.26 -19.00 -26.96
C SER LA 208 -70.08 -17.76 -27.82
N GLU LA 209 -70.99 -16.79 -27.71
CA GLU LA 209 -70.81 -15.53 -28.43
C GLU LA 209 -69.76 -14.64 -27.79
N LEU LA 210 -69.64 -14.67 -26.46
CA LEU LA 210 -68.54 -13.97 -25.81
C LEU LA 210 -67.19 -14.52 -26.25
N LYS LA 211 -67.09 -15.85 -26.33
CA LYS LA 211 -65.86 -16.48 -26.81
C LYS LA 211 -65.48 -15.99 -28.20
N ARG LA 212 -66.47 -15.70 -29.04
CA ARG LA 212 -66.19 -15.21 -30.38
C ARG LA 212 -65.83 -13.74 -30.37
N ARG LA 213 -66.50 -12.94 -29.53
CA ARG LA 213 -66.25 -11.51 -29.50
C ARG LA 213 -64.85 -11.21 -28.96
N VAL LA 214 -64.38 -11.97 -27.97
CA VAL LA 214 -63.10 -11.66 -27.33
C VAL LA 214 -61.95 -11.75 -28.33
N ARG LA 215 -61.77 -12.92 -28.94
CA ARG LA 215 -60.58 -13.21 -29.73
C ARG LA 215 -60.62 -12.60 -31.12
N ASP LA 216 -61.56 -11.71 -31.41
CA ASP LA 216 -61.62 -11.05 -32.71
C ASP LA 216 -61.69 -9.53 -32.63
N ASP LA 217 -62.23 -8.96 -31.55
CA ASP LA 217 -62.48 -7.53 -31.47
C ASP LA 217 -61.94 -6.96 -30.17
N THR LA 218 -60.72 -7.34 -29.81
CA THR LA 218 -60.05 -6.76 -28.65
C THR LA 218 -58.91 -5.85 -29.04
N PHE LA 219 -58.61 -5.71 -30.33
CA PHE LA 219 -57.65 -4.72 -30.80
C PHE LA 219 -58.18 -4.19 -32.13
N PHE LA 220 -58.96 -3.11 -32.06
CA PHE LA 220 -59.40 -2.42 -33.26
C PHE LA 220 -58.51 -1.22 -33.52
N LEU LA 221 -58.72 -0.58 -34.67
CA LEU LA 221 -57.84 0.45 -35.22
C LEU LA 221 -56.37 0.02 -35.24
N THR LA 222 -56.12 -1.27 -35.13
CA THR LA 222 -54.83 -1.92 -35.33
C THR LA 222 -54.94 -3.08 -36.28
N LYS LA 223 -56.03 -3.84 -36.25
CA LYS LA 223 -56.34 -4.84 -37.25
C LYS LA 223 -57.24 -4.29 -38.36
N HIS LA 224 -57.80 -3.10 -38.18
CA HIS LA 224 -58.66 -2.47 -39.17
C HIS LA 224 -58.34 -0.98 -39.33
N GLU LA 225 -57.08 -0.61 -39.08
CA GLU LA 225 -56.68 0.79 -39.22
C GLU LA 225 -56.87 1.31 -40.64
N ARG LA 226 -56.94 0.42 -41.63
CA ARG LA 226 -57.21 0.84 -43.00
C ARG LA 226 -58.63 1.36 -43.13
N ASN LA 227 -59.61 0.52 -42.85
CA ASN LA 227 -61.01 0.89 -43.04
C ASN LA 227 -61.47 1.88 -41.99
N LYS LA 228 -62.26 2.85 -42.41
CA LYS LA 228 -62.83 3.86 -41.51
C LYS LA 228 -64.16 3.43 -40.91
N ASP LA 229 -64.92 2.58 -41.61
CA ASP LA 229 -66.26 2.23 -41.14
C ASP LA 229 -66.20 1.39 -39.87
N ALA LA 230 -65.26 0.45 -39.79
CA ALA LA 230 -65.14 -0.38 -38.59
C ALA LA 230 -64.85 0.49 -37.36
N VAL LA 231 -63.97 1.48 -37.52
CA VAL LA 231 -63.59 2.32 -36.38
C VAL LA 231 -64.79 3.12 -35.87
N LEU LA 232 -65.45 3.85 -36.75
CA LEU LA 232 -66.59 4.67 -36.35
C LEU LA 232 -67.73 3.79 -35.83
N ASP LA 233 -67.91 2.60 -36.41
CA ASP LA 233 -68.91 1.67 -35.93
C ASP LA 233 -68.61 1.26 -34.49
N ARG LA 234 -67.37 0.88 -34.21
CA ARG LA 234 -66.98 0.48 -32.87
C ARG LA 234 -67.16 1.62 -31.89
N LEU LA 235 -66.82 2.84 -32.29
CA LEU LA 235 -66.93 3.98 -31.37
C LEU LA 235 -68.38 4.31 -31.09
N SER LA 236 -69.24 4.28 -32.12
CA SER LA 236 -70.66 4.48 -31.89
C SER LA 236 -71.22 3.42 -30.94
N ASP LA 237 -70.80 2.16 -31.12
CA ASP LA 237 -71.19 1.10 -30.20
C ASP LA 237 -70.76 1.43 -28.78
N LEU LA 238 -69.50 1.83 -28.61
CA LEU LA 238 -68.98 2.11 -27.27
C LEU LA 238 -69.75 3.24 -26.60
N VAL LA 239 -70.11 4.28 -27.36
CA VAL LA 239 -70.80 5.40 -26.76
C VAL LA 239 -72.27 5.08 -26.49
N ASN LA 240 -72.90 4.24 -27.31
CA ASN LA 240 -74.32 3.93 -27.16
C ASN LA 240 -74.59 2.68 -26.35
N CYS LA 241 -73.56 2.02 -25.82
CA CYS LA 241 -73.80 0.80 -25.07
C CYS LA 241 -74.24 1.07 -23.63
N THR LA 242 -73.62 2.05 -22.97
CA THR LA 242 -73.95 2.33 -21.58
C THR LA 242 -75.24 3.13 -21.47
N ALA LA 243 -75.63 3.41 -20.23
CA ALA LA 243 -76.88 4.10 -19.96
C ALA LA 243 -76.63 5.40 -19.20
N PRO LA 244 -77.45 6.42 -19.42
CA PRO LA 244 -77.29 7.66 -18.67
C PRO LA 244 -77.73 7.51 -17.22
N SER LA 245 -77.05 8.24 -16.35
CA SER LA 245 -77.32 8.20 -14.93
C SER LA 245 -78.38 9.24 -14.57
N VAL LA 246 -78.52 9.53 -13.27
CA VAL LA 246 -79.54 10.47 -12.83
C VAL LA 246 -79.27 11.85 -13.43
N ALA LA 247 -80.33 12.67 -13.46
CA ALA LA 247 -80.28 13.99 -14.09
C ALA LA 247 -80.18 15.04 -12.99
N VAL LA 248 -79.07 15.77 -12.98
CA VAL LA 248 -78.91 16.93 -12.13
C VAL LA 248 -79.12 18.18 -12.97
N ALA LA 249 -79.57 19.24 -12.31
CA ALA LA 249 -79.82 20.52 -12.96
C ALA LA 249 -78.73 21.55 -12.64
N ARG LA 250 -77.57 21.09 -12.20
CA ARG LA 250 -76.46 21.97 -11.86
C ARG LA 250 -75.32 21.94 -12.86
N MET LA 251 -75.08 20.79 -13.50
CA MET LA 251 -73.92 20.67 -14.37
C MET LA 251 -74.03 21.59 -15.58
N THR LA 252 -75.04 21.37 -16.42
CA THR LA 252 -75.27 22.16 -17.63
C THR LA 252 -73.99 22.36 -18.45
N HIS LA 253 -73.12 21.34 -18.46
CA HIS LA 253 -71.96 21.35 -19.33
C HIS LA 253 -72.43 21.39 -20.77
N ALA LA 254 -72.23 22.50 -21.46
CA ALA LA 254 -72.81 22.71 -22.77
C ALA LA 254 -71.84 23.42 -23.70
N ASP LA 255 -72.07 23.26 -24.99
CA ASP LA 255 -71.26 23.93 -26.01
C ASP LA 255 -71.58 25.43 -26.02
N THR LA 256 -70.63 26.21 -26.54
CA THR LA 256 -70.77 27.66 -26.60
C THR LA 256 -71.97 28.11 -27.41
N GLN LA 257 -72.58 27.22 -28.21
CA GLN LA 257 -73.70 27.60 -29.05
C GLN LA 257 -74.98 26.85 -28.72
N GLY LA 258 -74.92 25.52 -28.63
CA GLY LA 258 -76.16 24.75 -28.56
C GLY LA 258 -76.30 23.74 -27.45
N ARG LA 259 -76.57 22.49 -27.83
CA ARG LA 259 -76.97 21.43 -26.91
C ARG LA 259 -75.90 21.16 -25.86
N PRO LA 260 -76.26 20.49 -24.77
CA PRO LA 260 -75.27 20.11 -23.76
C PRO LA 260 -74.51 18.85 -24.13
N VAL LA 261 -73.32 18.72 -23.54
CA VAL LA 261 -72.44 17.58 -23.80
C VAL LA 261 -73.03 16.37 -23.10
N ASP LA 262 -72.47 15.18 -23.39
CA ASP LA 262 -73.01 13.97 -22.78
C ASP LA 262 -71.95 13.15 -22.07
N GLY LA 263 -70.72 13.15 -22.57
CA GLY LA 263 -69.69 12.35 -21.96
C GLY LA 263 -68.28 12.79 -22.30
N VAL LA 264 -67.32 11.98 -21.85
CA VAL LA 264 -65.91 12.16 -22.19
C VAL LA 264 -65.40 10.87 -22.81
N LEU LA 265 -64.50 11.00 -23.77
CA LEU LA 265 -63.79 9.86 -24.35
C LEU LA 265 -62.31 10.09 -24.06
N VAL LA 266 -61.87 9.66 -22.89
CA VAL LA 266 -60.51 9.89 -22.44
C VAL LA 266 -59.63 8.77 -22.96
N THR LA 267 -58.41 9.11 -23.36
CA THR LA 267 -57.49 8.16 -23.96
C THR LA 267 -56.08 8.73 -23.92
N THR LA 268 -55.13 7.93 -24.40
CA THR LA 268 -53.74 8.34 -24.42
C THR LA 268 -53.44 9.17 -25.66
N ALA LA 269 -52.42 10.03 -25.55
CA ALA LA 269 -52.06 10.92 -26.65
C ALA LA 269 -51.58 10.17 -27.89
N GLY LA 270 -51.28 8.87 -27.78
CA GLY LA 270 -50.93 8.08 -28.94
C GLY LA 270 -52.09 7.67 -29.81
N VAL LA 271 -53.32 7.83 -29.33
CA VAL LA 271 -54.51 7.50 -30.09
C VAL LA 271 -55.30 8.72 -30.50
N ARG LA 272 -55.19 9.83 -29.75
CA ARG LA 272 -55.85 11.07 -30.15
C ARG LA 272 -55.39 11.52 -31.52
N GLN LA 273 -54.09 11.32 -31.83
CA GLN LA 273 -53.58 11.71 -33.13
C GLN LA 273 -54.12 10.81 -34.23
N ARG LA 274 -54.22 9.51 -33.96
CA ARG LA 274 -54.79 8.58 -34.93
C ARG LA 274 -56.26 8.87 -35.20
N LEU LA 275 -56.99 9.35 -34.20
CA LEU LA 275 -58.43 9.59 -34.37
C LEU LA 275 -58.72 10.96 -34.98
N LEU LA 276 -58.17 12.02 -34.39
CA LEU LA 276 -58.57 13.37 -34.81
C LEU LA 276 -58.01 13.78 -36.15
N HIS LA 277 -57.25 12.97 -36.90
CA HIS LA 277 -56.68 13.43 -38.15
C HIS LA 277 -57.19 12.69 -39.37
N HIS LA 278 -57.81 11.52 -39.21
CA HIS LA 278 -58.25 10.76 -40.37
C HIS LA 278 -59.64 10.15 -40.27
N VAL LA 279 -60.25 10.09 -39.09
CA VAL LA 279 -61.53 9.38 -38.97
C VAL LA 279 -62.60 10.25 -38.34
N LEU LA 280 -62.21 11.34 -37.69
CA LEU LA 280 -63.14 12.21 -36.99
C LEU LA 280 -62.85 13.67 -37.31
N THR LA 281 -63.74 14.55 -36.82
CA THR LA 281 -63.60 15.99 -36.98
C THR LA 281 -63.93 16.66 -35.67
N LEU LA 282 -63.38 17.86 -35.48
CA LEU LA 282 -63.64 18.66 -34.30
C LEU LA 282 -64.94 19.43 -34.49
N ALA LA 283 -65.98 19.04 -33.75
CA ALA LA 283 -67.28 19.70 -33.87
C ALA LA 283 -67.25 21.11 -33.30
N ASP LA 284 -66.37 21.37 -32.34
CA ASP LA 284 -66.16 22.70 -31.79
C ASP LA 284 -64.88 22.66 -30.97
N THR LA 285 -64.44 23.84 -30.51
CA THR LA 285 -63.20 23.97 -29.76
C THR LA 285 -63.35 24.83 -28.53
N HIS LA 286 -64.58 25.12 -28.10
CA HIS LA 286 -64.80 25.98 -26.94
C HIS LA 286 -66.12 25.62 -26.29
N ALA LA 287 -66.09 25.32 -25.01
CA ALA LA 287 -67.24 24.82 -24.27
C ALA LA 287 -67.62 25.78 -23.15
N ASP LA 288 -68.67 25.43 -22.41
CA ASP LA 288 -69.13 26.16 -21.24
C ASP LA 288 -69.22 25.20 -20.08
N VAL LA 289 -68.62 25.59 -18.95
CA VAL LA 289 -68.61 24.75 -17.74
C VAL LA 289 -68.96 25.62 -16.55
N PRO LA 290 -69.46 25.03 -15.47
CA PRO LA 290 -69.65 25.79 -14.24
C PRO LA 290 -68.32 26.11 -13.58
N VAL LA 291 -68.34 27.13 -12.73
CA VAL LA 291 -67.10 27.69 -12.19
C VAL LA 291 -66.85 27.20 -10.77
N THR LA 292 -67.91 27.05 -9.98
CA THR LA 292 -67.78 26.67 -8.58
C THR LA 292 -68.50 25.34 -8.33
N TYR LA 293 -68.13 24.70 -7.22
CA TYR LA 293 -68.80 23.47 -6.84
C TYR LA 293 -70.14 23.79 -6.17
N GLY LA 294 -70.75 22.76 -5.60
CA GLY LA 294 -71.90 22.92 -4.74
C GLY LA 294 -71.51 22.79 -3.28
N GLU LA 295 -72.41 23.24 -2.42
CA GLU LA 295 -72.20 23.18 -0.99
C GLU LA 295 -73.36 22.46 -0.32
N MET LA 296 -73.03 21.69 0.71
CA MET LA 296 -74.05 20.99 1.49
C MET LA 296 -73.57 20.99 2.95
N VAL LA 297 -74.24 21.75 3.79
CA VAL LA 297 -73.87 21.88 5.19
C VAL LA 297 -75.07 21.55 6.06
N ILE LA 298 -74.83 20.87 7.17
CA ILE LA 298 -75.87 20.59 8.15
C ILE LA 298 -76.30 21.93 8.75
N ALA LA 299 -77.57 22.25 8.62
CA ALA LA 299 -78.07 23.59 8.95
C ALA LA 299 -79.49 23.54 9.46
N ASN LA 300 -79.65 23.77 10.76
CA ASN LA 300 -80.86 24.25 11.42
C ASN LA 300 -82.04 23.28 11.38
N THR LA 301 -81.90 22.17 10.69
CA THR LA 301 -82.83 21.08 10.94
C THR LA 301 -82.12 19.75 11.10
N ASN LA 302 -81.06 19.51 10.33
CA ASN LA 302 -80.21 18.35 10.55
C ASN LA 302 -79.30 18.56 11.74
N LEU LA 303 -79.16 19.79 12.23
CA LEU LA 303 -78.29 20.07 13.37
C LEU LA 303 -78.81 19.39 14.62
N VAL LA 304 -80.06 19.67 14.99
CA VAL LA 304 -80.64 19.10 16.21
C VAL LA 304 -80.62 17.58 16.14
N THR LA 305 -80.96 17.01 14.99
CA THR LA 305 -81.02 15.55 14.86
C THR LA 305 -79.63 14.93 14.92
N ALA LA 306 -78.67 15.50 14.17
CA ALA LA 306 -77.31 15.01 14.25
C ALA LA 306 -76.73 15.11 15.65
N LEU LA 307 -77.16 16.11 16.43
CA LEU LA 307 -76.64 16.23 17.78
C LEU LA 307 -77.30 15.25 18.77
N VAL LA 308 -78.61 15.32 18.94
CA VAL LA 308 -79.28 14.52 19.97
C VAL LA 308 -79.57 13.10 19.50
N MET LA 309 -79.99 12.93 18.25
CA MET LA 309 -80.42 11.65 17.73
C MET LA 309 -79.28 10.76 17.25
N GLY LA 310 -78.52 11.20 16.25
CA GLY LA 310 -77.43 10.44 15.69
C GLY LA 310 -77.48 10.30 14.19
N LYS LA 311 -78.58 10.67 13.55
CA LYS LA 311 -78.75 10.56 12.11
C LYS LA 311 -78.90 11.93 11.49
N ALA LA 312 -78.82 11.97 10.15
CA ALA LA 312 -78.95 13.21 9.41
C ALA LA 312 -79.39 12.89 7.99
N VAL LA 313 -80.19 13.78 7.40
CA VAL LA 313 -80.71 13.60 6.05
C VAL LA 313 -80.21 14.77 5.20
N SER LA 314 -79.96 14.49 3.92
CA SER LA 314 -79.43 15.50 3.02
C SER LA 314 -80.41 16.65 2.82
N ASN LA 315 -81.63 16.33 2.42
CA ASN LA 315 -82.66 17.33 2.13
C ASN LA 315 -83.79 17.27 3.15
N MET LA 316 -83.44 17.09 4.43
CA MET LA 316 -84.44 16.96 5.48
C MET LA 316 -85.38 18.16 5.55
N ASP LA 317 -84.89 19.35 5.18
CA ASP LA 317 -85.71 20.56 5.25
C ASP LA 317 -86.99 20.40 4.45
N ASP LA 318 -86.87 19.94 3.20
CA ASP LA 318 -88.04 19.77 2.36
C ASP LA 318 -88.95 18.66 2.87
N VAL LA 319 -88.37 17.62 3.47
CA VAL LA 319 -89.18 16.55 4.05
C VAL LA 319 -90.05 17.09 5.18
N ALA LA 320 -89.45 17.92 6.04
CA ALA LA 320 -90.21 18.56 7.10
C ALA LA 320 -91.28 19.49 6.53
N ARG LA 321 -90.92 20.25 5.49
CA ARG LA 321 -91.89 21.11 4.82
C ARG LA 321 -93.05 20.31 4.26
N TYR LA 322 -92.80 19.08 3.83
CA TYR LA 322 -93.83 18.27 3.18
C TYR LA 322 -94.72 17.57 4.19
N LEU LA 323 -94.14 17.01 5.27
CA LEU LA 323 -94.94 16.30 6.26
C LEU LA 323 -95.93 17.23 6.96
N LEU LA 324 -95.70 18.55 6.91
CA LEU LA 324 -96.52 19.49 7.66
C LEU LA 324 -97.30 20.45 6.78
N GLY LA 325 -96.88 20.67 5.54
CA GLY LA 325 -97.65 21.49 4.62
C GLY LA 325 -96.88 22.63 3.99
N GLY LA 326 -95.99 23.26 4.76
CA GLY LA 326 -95.21 24.38 4.24
C GLY LA 326 -96.07 25.58 3.87
N GLY LA 337 -73.07 30.62 -12.34
CA GLY LA 337 -71.80 31.09 -12.87
C GLY LA 337 -71.12 30.08 -13.76
N SER LA 338 -70.83 30.49 -15.00
CA SER LA 338 -70.20 29.63 -15.99
C SER LA 338 -68.97 30.32 -16.57
N ALA LA 339 -68.23 29.59 -17.39
CA ALA LA 339 -67.00 30.08 -17.98
C ALA LA 339 -66.92 29.60 -19.42
N ARG LA 340 -65.73 29.75 -20.02
CA ARG LA 340 -65.53 29.38 -21.41
C ARG LA 340 -64.07 28.95 -21.56
N VAL LA 341 -63.86 27.67 -21.86
CA VAL LA 341 -62.53 27.08 -21.88
C VAL LA 341 -62.24 26.52 -23.26
N ARG LA 342 -61.02 25.99 -23.41
CA ARG LA 342 -60.59 25.36 -24.66
C ARG LA 342 -60.54 23.85 -24.43
N ALA LA 343 -61.53 23.15 -24.95
CA ALA LA 343 -61.54 21.70 -24.97
C ALA LA 343 -61.92 21.21 -26.36
N ASP LA 344 -61.97 19.90 -26.56
CA ASP LA 344 -62.28 19.32 -27.85
C ASP LA 344 -63.59 18.55 -27.77
N LEU LA 345 -64.55 18.93 -28.62
CA LEU LA 345 -65.85 18.28 -28.67
C LEU LA 345 -66.04 17.63 -30.04
N VAL LA 346 -66.45 16.38 -30.05
CA VAL LA 346 -66.71 15.65 -31.28
C VAL LA 346 -68.18 15.23 -31.29
N VAL LA 347 -68.59 14.64 -32.41
CA VAL LA 347 -69.91 14.04 -32.52
C VAL LA 347 -69.74 12.58 -32.94
N VAL LA 348 -70.20 11.67 -32.09
CA VAL LA 348 -70.14 10.23 -32.35
C VAL LA 348 -71.53 9.66 -32.09
N GLY LA 349 -71.98 8.77 -32.97
CA GLY LA 349 -73.36 8.36 -32.96
C GLY LA 349 -74.25 9.57 -33.12
N ASP LA 350 -75.11 9.83 -32.13
CA ASP LA 350 -75.90 11.06 -32.12
C ASP LA 350 -75.61 11.87 -30.86
N ARG LA 351 -74.45 11.67 -30.25
CA ARG LA 351 -74.06 12.38 -29.04
C ARG LA 351 -72.91 13.33 -29.33
N LEU LA 352 -72.74 14.31 -28.44
CA LEU LA 352 -71.61 15.23 -28.48
C LEU LA 352 -70.86 15.12 -27.17
N VAL LA 353 -69.62 14.63 -27.24
CA VAL LA 353 -68.84 14.31 -26.05
C VAL LA 353 -67.51 15.05 -26.11
N PHE LA 354 -66.85 15.12 -24.95
CA PHE LA 354 -65.48 15.59 -24.92
C PHE LA 354 -64.55 14.51 -25.48
N LEU LA 355 -63.31 14.89 -25.75
CA LEU LA 355 -62.30 13.93 -26.21
C LEU LA 355 -60.95 14.43 -25.67
N GLU LA 356 -60.54 13.88 -24.54
CA GLU LA 356 -59.44 14.42 -23.75
C GLU LA 356 -58.30 13.43 -23.65
N ALA LA 357 -57.09 13.94 -23.81
CA ALA LA 357 -55.86 13.21 -23.56
C ALA LA 357 -55.11 13.92 -22.44
N LEU LA 358 -54.79 13.19 -21.38
CA LEU LA 358 -54.27 13.76 -20.15
C LEU LA 358 -52.78 13.50 -19.96
N GLU LA 359 -52.01 13.57 -21.06
CA GLU LA 359 -50.57 13.32 -20.96
C GLU LA 359 -49.81 14.59 -20.57
N LYS LA 360 -50.13 15.72 -21.18
CA LYS LA 360 -49.31 16.91 -21.08
C LYS LA 360 -49.81 17.91 -20.04
N ARG LA 361 -51.11 17.95 -19.77
CA ARG LA 361 -51.62 18.81 -18.71
C ARG LA 361 -51.34 18.22 -17.34
N VAL LA 362 -51.66 16.94 -17.16
CA VAL LA 362 -51.38 16.22 -15.93
C VAL LA 362 -50.48 15.05 -16.27
N TYR LA 363 -49.75 14.56 -15.27
CA TYR LA 363 -48.86 13.39 -15.32
C TYR LA 363 -47.53 13.67 -16.02
N GLN LA 364 -47.33 14.84 -16.62
CA GLN LA 364 -46.12 15.09 -17.38
C GLN LA 364 -44.95 15.36 -16.46
N ALA LA 365 -43.85 14.65 -16.71
CA ALA LA 365 -42.55 14.85 -16.06
C ALA LA 365 -42.60 14.55 -14.56
N THR LA 366 -43.70 13.97 -14.07
CA THR LA 366 -43.76 13.47 -12.71
C THR LA 366 -43.60 11.96 -12.76
N GLN LA 367 -43.20 11.37 -11.64
CA GLN LA 367 -42.82 9.95 -11.70
C GLN LA 367 -43.99 9.01 -11.55
N VAL LA 368 -45.20 9.46 -11.85
CA VAL LA 368 -46.38 8.61 -11.79
C VAL LA 368 -46.72 8.11 -13.19
N PRO LA 369 -46.97 6.82 -13.36
CA PRO LA 369 -47.33 6.31 -14.69
C PRO LA 369 -48.77 6.67 -15.06
N TYR LA 370 -49.02 6.71 -16.36
CA TYR LA 370 -50.35 7.03 -16.84
C TYR LA 370 -51.31 5.89 -16.52
N PRO LA 371 -52.51 6.17 -16.03
CA PRO LA 371 -53.43 5.10 -15.61
C PRO LA 371 -54.26 4.46 -16.71
N LEU LA 372 -54.09 4.88 -17.96
CA LEU LA 372 -54.87 4.32 -19.07
C LEU LA 372 -54.06 3.40 -19.97
N VAL LA 373 -52.88 2.97 -19.54
CA VAL LA 373 -52.10 1.97 -20.26
C VAL LA 373 -52.38 0.63 -19.57
N GLY LA 374 -53.34 -0.10 -20.11
CA GLY LA 374 -53.76 -1.35 -19.52
C GLY LA 374 -52.74 -2.45 -19.75
N ASN LA 375 -53.10 -3.64 -19.27
CA ASN LA 375 -52.26 -4.83 -19.41
C ASN LA 375 -53.17 -6.01 -19.74
N LEU LA 376 -53.11 -6.48 -20.97
CA LEU LA 376 -53.84 -7.69 -21.32
C LEU LA 376 -53.16 -8.89 -20.69
N ASP LA 377 -53.83 -10.04 -20.74
CA ASP LA 377 -53.32 -11.24 -20.09
C ASP LA 377 -53.96 -12.44 -20.76
N VAL LA 378 -53.15 -13.27 -21.41
CA VAL LA 378 -53.61 -14.51 -22.02
C VAL LA 378 -52.69 -15.62 -21.57
N THR LA 379 -53.15 -16.86 -21.75
CA THR LA 379 -52.37 -18.04 -21.42
C THR LA 379 -52.30 -18.94 -22.65
N PHE LA 380 -51.08 -19.32 -23.02
CA PHE LA 380 -50.84 -20.15 -24.20
C PHE LA 380 -50.60 -21.59 -23.79
N VAL LA 381 -50.94 -22.51 -24.70
CA VAL LA 381 -50.84 -23.94 -24.46
C VAL LA 381 -50.44 -24.62 -25.76
N MET LA 382 -49.59 -25.64 -25.67
CA MET LA 382 -49.14 -26.36 -26.85
C MET LA 382 -48.74 -27.78 -26.48
N PRO LA 383 -49.08 -28.77 -27.31
CA PRO LA 383 -48.71 -30.15 -26.99
C PRO LA 383 -47.26 -30.41 -27.35
N LEU LA 384 -46.63 -31.32 -26.60
CA LEU LA 384 -45.21 -31.58 -26.75
C LEU LA 384 -44.94 -32.82 -27.61
N GLY LA 385 -45.51 -33.96 -27.24
CA GLY LA 385 -45.15 -35.20 -27.88
C GLY LA 385 -46.30 -36.12 -28.24
N VAL LA 386 -47.46 -35.56 -28.60
CA VAL LA 386 -48.55 -36.41 -29.06
C VAL LA 386 -48.13 -37.11 -30.35
N PHE LA 387 -48.63 -38.34 -30.50
CA PHE LA 387 -48.40 -39.11 -31.72
C PHE LA 387 -49.75 -39.35 -32.38
N LYS LA 388 -49.93 -38.79 -33.57
CA LYS LA 388 -51.19 -38.88 -34.29
C LYS LA 388 -51.49 -40.33 -34.67
N PRO LA 389 -52.78 -40.70 -34.76
CA PRO LA 389 -53.13 -42.07 -35.15
C PRO LA 389 -52.62 -42.45 -36.54
N ALA LA 390 -52.72 -43.74 -36.88
CA ALA LA 390 -52.17 -44.23 -38.14
C ALA LA 390 -52.88 -43.68 -39.36
N ALA LA 391 -54.12 -43.22 -39.21
CA ALA LA 391 -54.90 -42.72 -40.33
C ALA LA 391 -54.49 -41.33 -40.78
N ASP LA 392 -53.79 -40.57 -39.94
CA ASP LA 392 -53.56 -39.16 -40.19
C ASP LA 392 -52.10 -38.82 -40.53
N ARG LA 393 -51.24 -39.82 -40.67
CA ARG LA 393 -49.83 -39.59 -41.01
C ARG LA 393 -49.68 -39.70 -42.52
N TYR LA 394 -49.91 -38.58 -43.21
CA TYR LA 394 -49.89 -38.52 -44.66
C TYR LA 394 -49.14 -37.29 -45.12
N ALA LA 395 -48.40 -37.41 -46.22
CA ALA LA 395 -47.79 -36.26 -46.86
C ALA LA 395 -48.80 -35.63 -47.81
N ARG LA 396 -48.93 -34.30 -47.75
CA ARG LA 396 -49.92 -33.62 -48.59
C ARG LA 396 -49.58 -33.75 -50.07
N HIS LA 397 -48.29 -33.70 -50.42
CA HIS LA 397 -47.85 -33.77 -51.79
C HIS LA 397 -46.88 -34.93 -51.97
N ALA LA 398 -46.66 -35.31 -53.24
CA ALA LA 398 -45.79 -36.43 -53.55
C ALA LA 398 -44.36 -36.15 -53.11
N GLY LA 399 -43.71 -35.17 -53.73
CA GLY LA 399 -42.38 -34.81 -53.30
C GLY LA 399 -42.37 -33.67 -52.32
N SER LA 400 -42.40 -34.03 -51.04
CA SER LA 400 -42.24 -33.10 -49.94
C SER LA 400 -40.79 -33.13 -49.48
N PHE LA 401 -40.52 -32.74 -48.24
CA PHE LA 401 -39.17 -32.50 -47.74
C PHE LA 401 -38.45 -33.84 -47.67
N ALA LA 402 -38.05 -34.33 -48.85
CA ALA LA 402 -37.35 -35.59 -48.94
C ALA LA 402 -36.01 -35.52 -48.21
N PRO LA 403 -35.58 -36.62 -47.60
CA PRO LA 403 -34.30 -36.63 -46.89
C PRO LA 403 -33.13 -36.77 -47.87
N THR LA 404 -31.94 -36.63 -47.31
CA THR LA 404 -30.72 -36.81 -48.10
C THR LA 404 -30.70 -38.21 -48.69
N PRO LA 405 -30.49 -38.36 -49.99
CA PRO LA 405 -30.44 -39.71 -50.59
C PRO LA 405 -29.36 -40.56 -49.97
N GLY LA 406 -29.78 -41.61 -49.26
CA GLY LA 406 -28.87 -42.53 -48.60
C GLY LA 406 -28.97 -42.59 -47.10
N LEU LA 407 -29.92 -41.87 -46.50
CA LEU LA 407 -30.11 -41.82 -45.06
C LEU LA 407 -31.55 -42.17 -44.71
N PRO LA 408 -31.83 -42.53 -43.47
CA PRO LA 408 -33.22 -42.77 -43.07
C PRO LA 408 -34.00 -41.48 -42.94
N ASP LA 409 -35.26 -41.53 -43.34
CA ASP LA 409 -36.14 -40.38 -43.22
C ASP LA 409 -36.38 -40.07 -41.75
N PRO LA 410 -36.02 -38.89 -41.27
CA PRO LA 410 -36.21 -38.59 -39.84
C PRO LA 410 -37.59 -38.01 -39.53
N ARG LA 411 -38.50 -38.07 -40.50
CA ARG LA 411 -39.83 -37.49 -40.34
C ARG LA 411 -40.85 -38.47 -39.77
N THR LA 412 -40.85 -39.72 -40.22
CA THR LA 412 -41.81 -40.70 -39.74
C THR LA 412 -41.67 -40.99 -38.26
N HIS LA 413 -40.61 -40.49 -37.62
CA HIS LA 413 -40.38 -40.74 -36.21
C HIS LA 413 -41.35 -39.92 -35.36
N PRO LA 414 -41.75 -40.46 -34.21
CA PRO LA 414 -42.59 -39.70 -33.29
C PRO LA 414 -41.85 -38.48 -32.78
N PRO LA 415 -42.45 -37.30 -32.87
CA PRO LA 415 -41.74 -36.06 -32.52
C PRO LA 415 -41.43 -36.00 -31.03
N ARG LA 416 -40.39 -35.21 -30.71
CA ARG LA 416 -39.98 -35.05 -29.32
C ARG LA 416 -39.61 -33.60 -29.01
N ALA LA 417 -40.13 -32.64 -29.79
CA ALA LA 417 -39.84 -31.24 -29.55
C ALA LA 417 -40.87 -30.40 -30.27
N VAL LA 418 -41.02 -29.15 -29.80
CA VAL LA 418 -41.87 -28.16 -30.44
C VAL LA 418 -41.06 -26.91 -30.69
N HIS LA 419 -41.46 -26.15 -31.70
CA HIS LA 419 -40.82 -24.90 -32.06
C HIS LA 419 -41.88 -23.82 -32.16
N PHE LA 420 -41.58 -22.65 -31.58
CA PHE LA 420 -42.47 -21.50 -31.67
C PHE LA 420 -41.60 -20.27 -31.87
N PHE LA 421 -42.25 -19.11 -31.90
CA PHE LA 421 -41.56 -17.84 -32.14
C PHE LA 421 -41.54 -17.02 -30.86
N ASN LA 422 -40.46 -16.26 -30.69
CA ASN LA 422 -40.26 -15.46 -29.49
C ASN LA 422 -41.10 -14.19 -29.60
N LYS LA 423 -40.88 -13.23 -28.70
CA LYS LA 423 -41.57 -11.95 -28.80
C LYS LA 423 -41.17 -11.22 -30.08
N ASP LA 424 -39.88 -11.14 -30.36
CA ASP LA 424 -39.42 -10.49 -31.58
C ASP LA 424 -39.58 -11.36 -32.80
N GLY LA 425 -39.26 -12.65 -32.69
CA GLY LA 425 -39.38 -13.55 -33.82
C GLY LA 425 -38.30 -14.60 -33.93
N VAL LA 426 -37.26 -14.51 -33.11
CA VAL LA 426 -36.20 -15.53 -33.16
C VAL LA 426 -36.80 -16.89 -32.80
N PRO LA 427 -36.39 -17.97 -33.45
CA PRO LA 427 -36.95 -19.28 -33.11
C PRO LA 427 -36.53 -19.74 -31.73
N CYS LA 428 -37.48 -20.22 -30.95
CA CYS LA 428 -37.24 -20.67 -29.59
C CYS LA 428 -37.92 -22.02 -29.41
N HIS LA 429 -37.14 -23.02 -29.02
CA HIS LA 429 -37.62 -24.40 -28.99
C HIS LA 429 -37.68 -24.92 -27.57
N VAL LA 430 -38.57 -25.89 -27.36
CA VAL LA 430 -38.71 -26.61 -26.09
C VAL LA 430 -38.72 -28.10 -26.41
N THR LA 431 -37.97 -28.88 -25.64
CA THR LA 431 -37.92 -30.32 -25.78
C THR LA 431 -38.37 -30.97 -24.47
N PHE LA 432 -38.21 -32.29 -24.40
CA PHE LA 432 -38.52 -33.01 -23.16
C PHE LA 432 -37.59 -32.60 -22.03
N GLU LA 433 -36.32 -32.31 -22.36
CA GLU LA 433 -35.30 -32.01 -21.37
C GLU LA 433 -35.79 -31.04 -20.31
N HIS LA 434 -36.40 -29.94 -20.74
CA HIS LA 434 -36.83 -28.89 -19.82
C HIS LA 434 -37.94 -29.34 -18.89
N ALA LA 435 -38.39 -30.58 -18.99
CA ALA LA 435 -39.38 -31.12 -18.08
C ALA LA 435 -38.77 -31.85 -16.90
N MET LA 436 -37.46 -32.14 -16.93
CA MET LA 436 -36.82 -32.80 -15.81
C MET LA 436 -37.13 -32.11 -14.49
N GLY LA 437 -37.11 -30.78 -14.48
CA GLY LA 437 -37.46 -30.04 -13.28
C GLY LA 437 -38.84 -30.33 -12.75
N THR LA 438 -39.66 -31.05 -13.51
CA THR LA 438 -40.99 -31.46 -13.07
C THR LA 438 -41.14 -32.97 -12.92
N LEU LA 439 -40.66 -33.74 -13.90
CA LEU LA 439 -40.79 -35.19 -13.87
C LEU LA 439 -39.61 -35.87 -13.18
N CYS LA 440 -38.79 -35.12 -12.44
CA CYS LA 440 -37.76 -35.69 -11.57
C CYS LA 440 -37.89 -35.00 -10.22
N HIS LA 441 -38.74 -35.55 -9.37
CA HIS LA 441 -38.94 -35.05 -8.01
C HIS LA 441 -39.75 -36.07 -7.22
N PRO LA 442 -39.45 -36.25 -5.94
CA PRO LA 442 -40.24 -37.19 -5.13
C PRO LA 442 -41.72 -36.88 -5.10
N SER LA 443 -42.14 -35.67 -5.46
CA SER LA 443 -43.56 -35.40 -5.63
C SER LA 443 -44.18 -36.26 -6.72
N PHE LA 444 -43.38 -36.71 -7.68
CA PHE LA 444 -43.84 -37.66 -8.69
C PHE LA 444 -44.13 -39.02 -8.08
N LEU LA 445 -43.66 -39.28 -6.87
CA LEU LA 445 -43.88 -40.54 -6.17
C LEU LA 445 -44.62 -40.31 -4.85
N ASP LA 446 -45.65 -39.47 -4.89
CA ASP LA 446 -46.46 -39.16 -3.72
C ASP LA 446 -47.88 -39.65 -3.99
N VAL LA 447 -48.19 -40.84 -3.49
CA VAL LA 447 -49.54 -41.41 -3.58
C VAL LA 447 -50.11 -41.68 -2.19
N ASP LA 448 -49.48 -41.15 -1.15
CA ASP LA 448 -49.97 -41.36 0.21
C ASP LA 448 -51.33 -40.73 0.43
N ALA LA 449 -51.57 -39.54 -0.12
CA ALA LA 449 -52.86 -38.88 0.05
C ALA LA 449 -53.94 -39.50 -0.82
N THR LA 450 -53.57 -40.05 -1.98
CA THR LA 450 -54.58 -40.62 -2.88
C THR LA 450 -55.24 -41.83 -2.27
N LEU LA 451 -54.47 -42.71 -1.63
CA LEU LA 451 -55.04 -43.88 -0.97
C LEU LA 451 -55.95 -43.46 0.18
N ALA LA 452 -55.50 -42.51 1.00
CA ALA LA 452 -56.33 -42.04 2.11
C ALA LA 452 -57.60 -41.38 1.61
N ALA LA 453 -57.57 -40.78 0.42
CA ALA LA 453 -58.75 -40.14 -0.15
C ALA LA 453 -59.64 -41.09 -0.91
N LEU LA 454 -59.15 -42.27 -1.28
CA LEU LA 454 -59.94 -43.25 -2.02
C LEU LA 454 -60.68 -44.24 -1.12
N ARG LA 455 -60.10 -44.62 0.02
CA ARG LA 455 -60.70 -45.63 0.89
C ARG LA 455 -61.96 -45.14 1.59
N GLN LA 456 -62.31 -43.85 1.45
CA GLN LA 456 -63.52 -43.36 2.11
C GLN LA 456 -64.76 -44.05 1.59
N GLU LA 457 -64.78 -44.45 0.31
CA GLU LA 457 -65.87 -45.25 -0.20
C GLU LA 457 -65.83 -46.63 0.45
N PRO LA 458 -66.99 -47.26 0.70
CA PRO LA 458 -67.01 -48.54 1.44
C PRO LA 458 -66.24 -49.66 0.77
N ALA LA 459 -66.65 -50.04 -0.44
CA ALA LA 459 -66.04 -51.14 -1.17
C ALA LA 459 -66.70 -51.25 -2.55
N GLU LA 460 -65.96 -51.81 -3.50
CA GLU LA 460 -66.47 -52.08 -4.84
C GLU LA 460 -66.00 -53.45 -5.30
N VAL LA 461 -66.17 -54.45 -4.43
CA VAL LA 461 -65.61 -55.78 -4.67
C VAL LA 461 -66.29 -56.44 -5.87
N GLN LA 462 -65.54 -56.60 -6.95
CA GLN LA 462 -66.05 -57.22 -8.18
C GLN LA 462 -65.48 -58.61 -8.43
N CYS LA 463 -64.20 -58.83 -8.11
CA CYS LA 463 -63.57 -60.14 -8.23
C CYS LA 463 -62.36 -60.17 -7.31
N ALA LA 464 -61.61 -61.26 -7.39
CA ALA LA 464 -60.41 -61.38 -6.57
C ALA LA 464 -59.24 -62.06 -7.26
N PHE LA 465 -59.34 -62.38 -8.55
CA PHE LA 465 -58.32 -63.22 -9.19
C PHE LA 465 -57.01 -62.47 -9.37
N GLY LA 466 -57.02 -61.40 -10.16
CA GLY LA 466 -55.80 -60.75 -10.58
C GLY LA 466 -55.04 -60.00 -9.52
N ALA LA 467 -55.55 -59.93 -8.29
CA ALA LA 467 -54.89 -59.16 -7.24
C ALA LA 467 -54.80 -59.94 -5.93
N TYR LA 468 -54.37 -61.21 -6.01
CA TYR LA 468 -54.18 -62.00 -4.80
C TYR LA 468 -53.20 -63.13 -5.11
N VAL LA 469 -52.12 -63.19 -4.33
CA VAL LA 469 -51.12 -64.24 -4.46
C VAL LA 469 -51.08 -65.02 -3.16
N ALA LA 470 -50.99 -66.34 -3.27
CA ALA LA 470 -51.00 -67.23 -2.12
C ALA LA 470 -49.77 -68.13 -2.15
N ASP LA 471 -49.15 -68.30 -0.99
CA ASP LA 471 -48.05 -69.24 -0.84
C ASP LA 471 -48.60 -70.65 -0.73
N ALA LA 472 -47.82 -71.62 -1.18
CA ALA LA 472 -48.23 -73.01 -1.22
C ALA LA 472 -47.27 -73.85 -0.40
N ARG LA 473 -47.83 -74.71 0.45
CA ARG LA 473 -47.02 -75.66 1.19
C ARG LA 473 -46.37 -76.64 0.21
N PRO LA 474 -45.16 -77.10 0.50
CA PRO LA 474 -44.42 -77.90 -0.49
C PRO LA 474 -45.02 -79.28 -0.68
N ASP LA 475 -46.26 -79.35 -1.18
CA ASP LA 475 -46.99 -80.61 -1.18
C ASP LA 475 -46.69 -81.48 -2.39
N ALA LA 476 -47.04 -81.01 -3.58
CA ALA LA 476 -47.01 -81.95 -4.70
C ALA LA 476 -46.35 -81.40 -5.96
N LEU LA 477 -46.42 -80.09 -6.19
CA LEU LA 477 -45.73 -79.37 -7.27
C LEU LA 477 -46.13 -79.86 -8.66
N VAL LA 478 -46.99 -80.88 -8.73
CA VAL LA 478 -47.57 -81.30 -10.00
C VAL LA 478 -49.08 -81.33 -9.81
N GLY LA 479 -49.51 -81.57 -8.58
CA GLY LA 479 -50.91 -81.56 -8.21
C GLY LA 479 -51.42 -80.24 -7.73
N LEU LA 480 -50.52 -79.26 -7.57
CA LEU LA 480 -50.96 -77.90 -7.26
C LEU LA 480 -51.79 -77.33 -8.41
N MET LA 481 -51.41 -77.66 -9.66
CA MET LA 481 -52.25 -77.28 -10.79
C MET LA 481 -53.59 -77.98 -10.73
N GLN LA 482 -53.62 -79.22 -10.24
CA GLN LA 482 -54.89 -79.92 -10.05
C GLN LA 482 -55.76 -79.21 -9.04
N ARG LA 483 -55.18 -78.83 -7.90
CA ARG LA 483 -55.94 -78.14 -6.86
C ARG LA 483 -56.33 -76.73 -7.27
N PHE LA 484 -55.60 -76.14 -8.22
CA PHE LA 484 -55.89 -74.78 -8.66
C PHE LA 484 -56.99 -74.75 -9.73
N LEU LA 485 -56.80 -75.53 -10.79
CA LEU LA 485 -57.81 -75.62 -11.85
C LEU LA 485 -59.20 -75.95 -11.32
N GLU LA 486 -59.30 -76.81 -10.32
CA GLU LA 486 -60.59 -77.14 -9.71
C GLU LA 486 -61.20 -75.95 -8.97
N GLU LA 487 -60.37 -75.12 -8.35
CA GLU LA 487 -60.85 -73.96 -7.62
C GLU LA 487 -61.04 -72.73 -8.50
N TRP LA 488 -60.38 -72.69 -9.66
CA TRP LA 488 -60.33 -71.49 -10.48
C TRP LA 488 -61.69 -70.88 -10.80
N PRO LA 489 -62.68 -71.62 -11.31
CA PRO LA 489 -63.99 -71.00 -11.58
C PRO LA 489 -64.65 -70.41 -10.35
N GLY LA 490 -64.25 -70.82 -9.16
CA GLY LA 490 -64.74 -70.21 -7.94
C GLY LA 490 -64.13 -68.87 -7.59
N MET LA 491 -63.05 -68.49 -8.27
CA MET LA 491 -62.39 -67.21 -8.04
C MET LA 491 -62.83 -66.13 -9.01
N MET LA 492 -63.56 -66.46 -10.07
CA MET LA 492 -63.99 -65.50 -11.09
C MET LA 492 -65.50 -65.53 -11.21
N PRO LA 493 -66.21 -64.87 -10.29
CA PRO LA 493 -67.66 -64.71 -10.48
C PRO LA 493 -68.01 -63.95 -11.74
N VAL LA 494 -67.41 -62.77 -11.94
CA VAL LA 494 -67.54 -62.01 -13.17
C VAL LA 494 -66.16 -61.90 -13.80
N ARG LA 495 -66.12 -61.27 -14.97
CA ARG LA 495 -64.89 -61.25 -15.75
C ARG LA 495 -63.86 -60.34 -15.10
N PRO LA 496 -62.60 -60.76 -15.03
CA PRO LA 496 -61.55 -59.87 -14.49
C PRO LA 496 -61.25 -58.73 -15.44
N ARG LA 497 -61.13 -57.53 -14.88
CA ARG LA 497 -61.00 -56.33 -15.70
C ARG LA 497 -59.67 -56.30 -16.44
N TRP LA 498 -58.57 -56.45 -15.72
CA TRP LA 498 -57.24 -56.35 -16.32
C TRP LA 498 -57.08 -57.32 -17.48
N ALA LA 499 -57.80 -58.45 -17.48
CA ALA LA 499 -57.66 -59.42 -18.54
C ALA LA 499 -58.06 -58.85 -19.89
N ALA LA 500 -59.32 -58.43 -20.02
CA ALA LA 500 -59.79 -57.81 -21.25
C ALA LA 500 -59.93 -56.31 -21.02
N PRO LA 501 -58.97 -55.51 -21.49
CA PRO LA 501 -59.10 -54.05 -21.30
C PRO LA 501 -60.35 -53.51 -21.97
N ALA LA 502 -60.78 -52.34 -21.50
CA ALA LA 502 -62.11 -51.85 -21.84
C ALA LA 502 -62.30 -51.65 -23.34
N ALA LA 503 -61.59 -50.68 -23.90
CA ALA LA 503 -61.65 -50.40 -25.34
C ALA LA 503 -60.61 -49.32 -25.64
N ALA LA 504 -60.60 -48.86 -26.89
CA ALA LA 504 -59.75 -47.73 -27.26
C ALA LA 504 -60.35 -46.41 -26.76
N ASP LA 505 -61.64 -46.22 -26.96
CA ASP LA 505 -62.31 -44.97 -26.57
C ASP LA 505 -63.30 -45.15 -25.43
N GLN LA 506 -63.95 -46.31 -25.32
CA GLN LA 506 -64.99 -46.53 -24.33
C GLN LA 506 -64.45 -46.41 -22.91
N LEU LA 507 -63.13 -46.39 -22.75
CA LEU LA 507 -62.56 -46.02 -21.47
C LEU LA 507 -62.93 -44.60 -21.09
N LEU LA 508 -63.14 -43.73 -22.07
CA LEU LA 508 -63.49 -42.33 -21.83
C LEU LA 508 -65.00 -42.10 -21.91
N ALA LA 509 -65.80 -43.16 -21.78
CA ALA LA 509 -67.23 -42.99 -21.69
C ALA LA 509 -67.60 -42.35 -20.35
N PRO LA 510 -68.66 -41.54 -20.32
CA PRO LA 510 -68.98 -40.78 -19.11
C PRO LA 510 -69.53 -41.62 -17.95
N GLY LA 511 -69.58 -42.94 -18.04
CA GLY LA 511 -70.17 -43.70 -16.97
C GLY LA 511 -69.47 -44.99 -16.56
N ASN LA 512 -68.42 -45.40 -17.27
CA ASN LA 512 -67.83 -46.70 -16.96
C ASN LA 512 -67.11 -46.67 -15.61
N ALA LA 513 -66.71 -47.85 -15.16
CA ALA LA 513 -66.14 -48.04 -13.82
C ALA LA 513 -64.63 -48.26 -13.87
N ASP LA 514 -63.95 -47.62 -14.80
CA ASP LA 514 -62.50 -47.71 -14.90
C ASP LA 514 -61.79 -46.37 -14.79
N LEU LA 515 -62.41 -45.29 -15.26
CA LEU LA 515 -61.85 -43.95 -15.05
C LEU LA 515 -61.68 -43.64 -13.57
N ARG LA 516 -62.56 -44.20 -12.74
CA ARG LA 516 -62.47 -44.02 -11.29
C ARG LA 516 -61.16 -44.52 -10.69
N LEU LA 517 -60.40 -45.33 -11.42
CA LEU LA 517 -59.20 -45.94 -10.85
C LEU LA 517 -57.98 -45.84 -11.76
N GLU LA 518 -57.97 -44.93 -12.73
CA GLU LA 518 -56.80 -44.66 -13.56
C GLU LA 518 -56.53 -43.16 -13.48
N LEU LA 519 -55.74 -42.76 -12.48
CA LEU LA 519 -55.57 -41.34 -12.17
C LEU LA 519 -54.12 -41.03 -11.82
N HIS LA 520 -53.19 -41.83 -12.35
CA HIS LA 520 -51.77 -41.53 -12.19
C HIS LA 520 -50.96 -42.29 -13.24
N PRO LA 521 -50.01 -41.63 -13.90
CA PRO LA 521 -49.27 -42.30 -14.98
C PRO LA 521 -48.22 -43.28 -14.51
N ALA LA 522 -47.91 -43.34 -13.21
CA ALA LA 522 -46.81 -44.16 -12.72
C ALA LA 522 -47.27 -45.15 -11.65
N PHE LA 523 -48.56 -45.46 -11.62
CA PHE LA 523 -49.08 -46.33 -10.57
C PHE LA 523 -50.26 -47.12 -11.10
N ASP LA 524 -50.67 -48.12 -10.33
CA ASP LA 524 -51.85 -48.93 -10.62
C ASP LA 524 -52.72 -48.97 -9.37
N PHE LA 525 -54.03 -48.77 -9.55
CA PHE LA 525 -54.98 -48.77 -8.46
C PHE LA 525 -56.08 -49.79 -8.74
N PHE LA 526 -56.23 -50.77 -7.87
CA PHE LA 526 -57.19 -51.85 -8.05
C PHE LA 526 -57.87 -52.13 -6.72
N VAL LA 527 -58.62 -53.23 -6.67
CA VAL LA 527 -59.27 -53.69 -5.45
C VAL LA 527 -58.83 -55.11 -5.18
N ALA LA 528 -58.53 -55.41 -3.92
CA ALA LA 528 -58.00 -56.70 -3.51
C ALA LA 528 -58.51 -57.01 -2.11
N PRO LA 529 -58.60 -58.28 -1.74
CA PRO LA 529 -59.12 -58.63 -0.42
C PRO LA 529 -58.27 -58.06 0.71
N GLU LA 530 -58.91 -57.89 1.87
CA GLU LA 530 -58.25 -57.31 3.04
C GLU LA 530 -57.51 -58.43 3.77
N VAL LA 531 -56.36 -58.79 3.22
CA VAL LA 531 -55.42 -59.73 3.82
C VAL LA 531 -54.01 -59.22 3.55
N ASP LA 532 -53.03 -59.83 4.20
CA ASP LA 532 -51.62 -59.58 3.94
C ASP LA 532 -51.07 -60.69 3.06
N VAL LA 533 -50.40 -60.31 1.98
CA VAL LA 533 -49.94 -61.27 0.98
C VAL LA 533 -48.52 -61.71 1.31
N PRO LA 534 -48.14 -62.97 1.05
CA PRO LA 534 -49.02 -64.03 0.52
C PRO LA 534 -50.02 -64.52 1.55
N GLY LA 535 -51.03 -65.28 1.11
CA GLY LA 535 -52.05 -65.76 2.00
C GLY LA 535 -52.31 -67.24 1.83
N PRO LA 536 -53.32 -67.76 2.52
CA PRO LA 536 -53.64 -69.19 2.40
C PRO LA 536 -54.06 -69.54 0.98
N PHE LA 537 -53.91 -70.82 0.64
CA PHE LA 537 -54.22 -71.24 -0.72
C PHE LA 537 -55.72 -71.15 -1.01
N ALA LA 538 -56.54 -71.29 0.01
CA ALA LA 538 -57.97 -71.03 -0.11
C ALA LA 538 -58.19 -69.52 0.03
N VAL LA 539 -58.90 -68.95 -0.94
CA VAL LA 539 -59.10 -67.49 -0.94
C VAL LA 539 -60.13 -67.12 0.12
N PRO LA 540 -59.89 -66.09 0.92
CA PRO LA 540 -60.88 -65.69 1.93
C PRO LA 540 -62.03 -64.90 1.36
N GLN LA 541 -62.98 -64.53 2.22
CA GLN LA 541 -64.20 -63.84 1.82
C GLN LA 541 -64.32 -62.49 2.50
N VAL LA 542 -63.20 -61.84 2.76
CA VAL LA 542 -63.20 -60.59 3.50
C VAL LA 542 -63.51 -59.42 2.58
N MET LA 543 -64.22 -58.43 3.12
CA MET LA 543 -64.50 -57.19 2.39
C MET LA 543 -63.20 -56.58 1.85
N GLY LA 544 -63.28 -56.08 0.61
CA GLY LA 544 -62.10 -55.67 -0.10
C GLY LA 544 -61.51 -54.36 0.38
N GLN LA 545 -60.43 -53.97 -0.30
CA GLN LA 545 -59.74 -52.72 -0.05
C GLN LA 545 -59.18 -52.22 -1.38
N VAL LA 546 -58.61 -51.02 -1.38
CA VAL LA 546 -58.04 -50.43 -2.59
C VAL LA 546 -56.54 -50.28 -2.35
N ARG LA 547 -55.74 -51.06 -3.06
CA ARG LA 547 -54.30 -51.02 -2.91
C ARG LA 547 -53.68 -50.25 -4.08
N ALA LA 548 -52.35 -50.15 -4.08
CA ALA LA 548 -51.64 -49.42 -5.12
C ALA LA 548 -50.32 -50.12 -5.35
N MET LA 549 -49.80 -49.98 -6.57
CA MET LA 549 -48.55 -50.59 -6.92
C MET LA 549 -47.99 -49.89 -8.15
N PRO LA 550 -46.76 -49.40 -8.10
CA PRO LA 550 -46.22 -48.63 -9.22
C PRO LA 550 -45.92 -49.50 -10.43
N ARG LA 551 -46.27 -48.99 -11.60
CA ARG LA 551 -45.80 -49.59 -12.85
C ARG LA 551 -44.29 -49.45 -12.91
N ILE LA 552 -43.57 -50.57 -12.75
CA ILE LA 552 -42.12 -50.52 -12.80
C ILE LA 552 -41.64 -50.25 -14.23
N ILE LA 553 -42.48 -50.54 -15.22
CA ILE LA 553 -42.11 -50.41 -16.63
C ILE LA 553 -43.12 -49.51 -17.32
N ASN LA 554 -42.64 -48.72 -18.28
CA ASN LA 554 -43.54 -47.91 -19.10
C ASN LA 554 -44.44 -48.76 -19.98
N GLY LA 555 -44.02 -49.99 -20.30
CA GLY LA 555 -44.86 -50.88 -21.09
C GLY LA 555 -46.16 -51.26 -20.41
N ASN LA 556 -46.24 -51.09 -19.09
CA ASN LA 556 -47.45 -51.43 -18.35
C ASN LA 556 -48.51 -50.35 -18.42
N ILE LA 557 -48.30 -49.29 -19.19
CA ILE LA 557 -49.41 -48.36 -19.45
C ILE LA 557 -50.46 -49.09 -20.28
N PRO LA 558 -51.72 -49.14 -19.86
CA PRO LA 558 -52.72 -49.88 -20.62
C PRO LA 558 -52.83 -49.40 -22.05
N LEU LA 559 -53.25 -50.30 -22.94
CA LEU LA 559 -53.22 -50.02 -24.37
C LEU LA 559 -54.12 -48.86 -24.76
N ALA LA 560 -55.18 -48.60 -24.00
CA ALA LA 560 -56.07 -47.48 -24.30
C ALA LA 560 -55.34 -46.14 -24.24
N LEU LA 561 -54.24 -46.05 -23.50
CA LEU LA 561 -53.52 -44.79 -23.33
C LEU LA 561 -52.11 -44.85 -23.91
N CYS LA 562 -51.81 -45.87 -24.72
CA CYS LA 562 -50.54 -45.97 -25.43
C CYS LA 562 -50.74 -46.95 -26.58
N PRO LA 563 -51.31 -46.50 -27.69
CA PRO LA 563 -51.73 -47.43 -28.75
C PRO LA 563 -50.56 -48.21 -29.31
N VAL LA 564 -50.88 -49.42 -29.81
CA VAL LA 564 -49.85 -50.32 -30.34
C VAL LA 564 -49.13 -49.68 -31.52
N ASP LA 565 -49.81 -48.80 -32.25
CA ASP LA 565 -49.18 -48.10 -33.37
C ASP LA 565 -47.99 -47.27 -32.90
N PHE LA 566 -48.16 -46.50 -31.83
CA PHE LA 566 -47.06 -45.67 -31.33
C PHE LA 566 -45.90 -46.52 -30.84
N ARG LA 567 -46.19 -47.65 -30.19
CA ARG LA 567 -45.13 -48.52 -29.72
C ARG LA 567 -44.34 -49.10 -30.89
N ASP LA 568 -45.04 -49.61 -31.91
CA ASP LA 568 -44.36 -50.12 -33.09
C ASP LA 568 -43.56 -49.02 -33.78
N ALA LA 569 -44.09 -47.79 -33.80
CA ALA LA 569 -43.38 -46.70 -34.44
C ALA LA 569 -42.11 -46.34 -33.69
N ARG LA 570 -42.17 -46.32 -32.36
CA ARG LA 570 -40.97 -46.08 -31.56
C ARG LA 570 -39.93 -47.17 -31.79
N GLY LA 571 -40.38 -48.43 -31.81
CA GLY LA 571 -39.47 -49.52 -32.09
C GLY LA 571 -38.79 -49.36 -33.44
N PHE LA 572 -39.59 -49.10 -34.48
CA PHE LA 572 -39.04 -48.91 -35.82
C PHE LA 572 -38.10 -47.71 -35.87
N GLU LA 573 -38.36 -46.69 -35.05
CA GLU LA 573 -37.40 -45.60 -34.89
C GLU LA 573 -36.07 -46.12 -34.38
N LEU LA 574 -36.10 -46.82 -33.25
CA LEU LA 574 -34.86 -47.36 -32.67
C LEU LA 574 -34.21 -48.41 -33.56
N SER LA 575 -34.95 -49.02 -34.47
CA SER LA 575 -34.45 -50.17 -35.24
C SER LA 575 -33.57 -49.78 -36.41
N VAL LA 576 -33.49 -48.49 -36.76
CA VAL LA 576 -32.79 -48.09 -37.96
C VAL LA 576 -31.29 -48.14 -37.71
N ASP LA 577 -30.55 -48.72 -38.66
CA ASP LA 577 -29.09 -48.82 -38.68
C ASP LA 577 -28.46 -49.23 -37.35
N ARG LA 578 -29.13 -50.07 -36.58
CA ARG LA 578 -28.54 -50.62 -35.35
C ARG LA 578 -28.01 -52.03 -35.57
N HIS LA 579 -28.91 -52.96 -35.92
CA HIS LA 579 -28.59 -54.32 -36.31
C HIS LA 579 -29.89 -54.98 -36.72
N ARG LA 580 -29.84 -55.96 -37.61
CA ARG LA 580 -31.05 -56.57 -38.13
C ARG LA 580 -30.89 -58.08 -38.18
N LEU LA 581 -31.91 -58.74 -38.73
CA LEU LA 581 -31.90 -60.18 -38.94
C LEU LA 581 -32.18 -60.43 -40.41
N ALA LA 582 -31.19 -60.99 -41.10
CA ALA LA 582 -31.36 -61.28 -42.52
C ALA LA 582 -32.60 -62.14 -42.71
N PRO LA 583 -33.35 -61.93 -43.81
CA PRO LA 583 -34.63 -62.64 -43.95
C PRO LA 583 -34.49 -64.16 -43.91
N ALA LA 584 -33.35 -64.70 -44.33
CA ALA LA 584 -33.14 -66.15 -44.25
C ALA LA 584 -33.18 -66.65 -42.81
N THR LA 585 -32.55 -65.92 -41.90
CA THR LA 585 -32.54 -66.32 -40.48
C THR LA 585 -33.93 -66.32 -39.89
N VAL LA 586 -34.69 -65.24 -40.12
CA VAL LA 586 -35.98 -65.10 -39.47
C VAL LA 586 -37.00 -66.03 -40.11
N ALA LA 587 -36.89 -66.29 -41.42
CA ALA LA 587 -37.77 -67.26 -42.06
C ALA LA 587 -37.59 -68.65 -41.45
N ALA LA 588 -36.36 -69.01 -41.08
CA ALA LA 588 -36.10 -70.27 -40.40
C ALA LA 588 -36.63 -70.28 -38.98
N VAL LA 589 -36.36 -69.23 -38.21
CA VAL LA 589 -36.73 -69.24 -36.80
C VAL LA 589 -38.26 -69.18 -36.63
N ARG LA 590 -38.95 -68.42 -37.50
CA ARG LA 590 -40.40 -68.38 -37.41
C ARG LA 590 -41.01 -69.69 -37.87
N GLY LA 591 -40.47 -70.27 -38.94
CA GLY LA 591 -40.91 -71.60 -39.36
C GLY LA 591 -40.79 -72.61 -38.24
N ALA LA 592 -39.68 -72.57 -37.50
CA ALA LA 592 -39.53 -73.44 -36.34
C ALA LA 592 -40.59 -73.16 -35.29
N PHE LA 593 -40.71 -71.90 -34.85
CA PHE LA 593 -41.64 -71.56 -33.78
C PHE LA 593 -43.09 -71.84 -34.16
N ARG LA 594 -43.40 -71.82 -35.46
CA ARG LA 594 -44.78 -72.00 -35.92
C ARG LA 594 -45.09 -73.44 -36.31
N ASP LA 595 -44.11 -74.33 -36.24
CA ASP LA 595 -44.34 -75.74 -36.55
C ASP LA 595 -45.30 -76.35 -35.55
N ALA LA 596 -46.10 -77.31 -36.02
CA ALA LA 596 -47.07 -77.98 -35.15
C ALA LA 596 -46.79 -79.46 -34.97
N ASN LA 597 -45.78 -80.01 -35.64
CA ASN LA 597 -45.40 -81.40 -35.45
C ASN LA 597 -43.93 -81.48 -35.07
N TYR LA 598 -43.49 -80.59 -34.18
CA TYR LA 598 -42.12 -80.58 -33.71
C TYR LA 598 -41.76 -81.95 -33.11
N PRO LA 599 -40.67 -82.57 -33.53
CA PRO LA 599 -40.32 -83.90 -33.00
C PRO LA 599 -40.08 -83.88 -31.51
N MET LA 600 -40.86 -84.69 -30.78
CA MET LA 600 -40.81 -84.72 -29.33
C MET LA 600 -39.44 -85.15 -28.79
N VAL LA 601 -38.68 -85.90 -29.58
CA VAL LA 601 -37.37 -86.36 -29.12
C VAL LA 601 -36.47 -85.18 -28.78
N PHE LA 602 -36.66 -84.04 -29.45
CA PHE LA 602 -35.89 -82.85 -29.10
C PHE LA 602 -36.26 -82.35 -27.72
N TYR LA 603 -37.55 -82.37 -27.38
CA TYR LA 603 -37.97 -81.99 -26.02
C TYR LA 603 -37.41 -82.96 -25.00
N ILE LA 604 -37.37 -84.25 -25.34
CA ILE LA 604 -36.80 -85.24 -24.43
C ILE LA 604 -35.31 -84.94 -24.19
N ILE LA 605 -34.58 -84.65 -25.27
CA ILE LA 605 -33.15 -84.35 -25.14
C ILE LA 605 -32.95 -83.08 -24.33
N GLU LA 606 -33.83 -82.10 -24.51
CA GLU LA 606 -33.76 -80.88 -23.71
C GLU LA 606 -33.95 -81.18 -22.23
N ALA LA 607 -34.99 -81.94 -21.90
CA ALA LA 607 -35.29 -82.23 -20.50
C ALA LA 607 -34.18 -83.06 -19.86
N VAL LA 608 -33.51 -83.91 -20.65
CA VAL LA 608 -32.47 -84.74 -20.06
C VAL LA 608 -31.16 -83.97 -19.91
N ILE LA 609 -30.88 -83.06 -20.85
CA ILE LA 609 -29.67 -82.24 -20.73
C ILE LA 609 -29.84 -81.20 -19.63
N HIS LA 610 -31.04 -80.61 -19.54
CA HIS LA 610 -31.39 -79.56 -18.59
C HIS LA 610 -30.31 -78.49 -18.43
N GLY LA 611 -29.65 -78.16 -19.54
CA GLY LA 611 -28.73 -77.03 -19.56
C GLY LA 611 -27.52 -77.17 -18.65
N SER LA 612 -26.93 -78.36 -18.58
CA SER LA 612 -25.67 -78.54 -17.88
C SER LA 612 -24.53 -78.13 -18.81
N GLU LA 613 -23.31 -78.47 -18.42
CA GLU LA 613 -22.16 -78.32 -19.30
C GLU LA 613 -21.52 -79.65 -19.68
N ARG LA 614 -21.32 -80.54 -18.71
CA ARG LA 614 -20.72 -81.84 -19.02
C ARG LA 614 -21.58 -82.63 -19.99
N THR LA 615 -22.89 -82.62 -19.77
CA THR LA 615 -23.77 -83.47 -20.58
C THR LA 615 -23.82 -82.99 -22.03
N PHE LA 616 -23.66 -81.70 -22.27
CA PHE LA 616 -23.72 -81.23 -23.65
C PHE LA 616 -22.46 -81.60 -24.42
N CYS LA 617 -21.28 -81.42 -23.82
CA CYS LA 617 -20.08 -81.88 -24.50
C CYS LA 617 -19.99 -83.41 -24.51
N ALA LA 618 -20.84 -84.10 -23.76
CA ALA LA 618 -20.98 -85.54 -23.90
C ALA LA 618 -21.87 -85.92 -25.07
N LEU LA 619 -23.02 -85.26 -25.21
CA LEU LA 619 -24.03 -85.59 -26.22
C LEU LA 619 -23.87 -84.81 -27.52
N ALA LA 620 -22.78 -84.03 -27.65
CA ALA LA 620 -22.56 -83.21 -28.83
C ALA LA 620 -22.79 -83.98 -30.13
N ARG LA 621 -22.36 -85.24 -30.19
CA ARG LA 621 -22.51 -85.99 -31.43
C ARG LA 621 -23.98 -86.20 -31.78
N LEU LA 622 -24.76 -86.66 -30.81
CA LEU LA 622 -26.19 -86.87 -31.03
C LEU LA 622 -26.90 -85.57 -31.35
N VAL LA 623 -26.55 -84.50 -30.65
CA VAL LA 623 -27.20 -83.21 -30.89
C VAL LA 623 -26.88 -82.71 -32.29
N ALA LA 624 -25.63 -82.87 -32.75
CA ALA LA 624 -25.26 -82.47 -34.09
C ALA LA 624 -26.02 -83.28 -35.13
N GLN LA 625 -26.11 -84.61 -34.92
CA GLN LA 625 -26.85 -85.44 -35.86
C GLN LA 625 -28.31 -85.02 -35.93
N CYS LA 626 -28.92 -84.72 -34.79
CA CYS LA 626 -30.31 -84.28 -34.76
C CYS LA 626 -30.49 -82.98 -35.53
N ILE LA 627 -29.62 -81.99 -35.26
CA ILE LA 627 -29.73 -80.70 -35.94
C ILE LA 627 -29.57 -80.88 -37.44
N GLN LA 628 -28.58 -81.67 -37.86
CA GLN LA 628 -28.34 -81.88 -39.29
C GLN LA 628 -29.53 -82.55 -39.95
N SER LA 629 -30.06 -83.61 -39.33
CA SER LA 629 -31.22 -84.30 -39.87
C SER LA 629 -32.40 -83.34 -40.04
N TYR LA 630 -32.72 -82.58 -38.98
CA TYR LA 630 -33.87 -81.71 -39.05
C TYR LA 630 -33.69 -80.61 -40.10
N TRP LA 631 -32.47 -80.07 -40.21
CA TRP LA 631 -32.22 -79.04 -41.21
C TRP LA 631 -32.39 -79.58 -42.62
N ARG LA 632 -31.75 -80.70 -42.93
CA ARG LA 632 -31.94 -81.29 -44.26
C ARG LA 632 -33.33 -81.86 -44.44
N ASN LA 633 -34.15 -81.91 -43.39
CA ASN LA 633 -35.52 -82.38 -43.51
C ASN LA 633 -36.48 -81.26 -43.88
N THR LA 634 -36.51 -80.16 -43.09
CA THR LA 634 -37.55 -79.16 -43.27
C THR LA 634 -37.01 -77.74 -43.32
N HIS LA 635 -35.69 -77.56 -43.37
CA HIS LA 635 -35.07 -76.24 -43.51
C HIS LA 635 -35.52 -75.28 -42.41
N ASN LA 636 -35.49 -75.75 -41.16
CA ASN LA 636 -35.79 -74.95 -39.99
C ASN LA 636 -34.63 -75.03 -39.02
N ALA LA 637 -34.84 -74.48 -37.82
CA ALA LA 637 -33.87 -74.55 -36.75
C ALA LA 637 -34.31 -75.62 -35.75
N ALA LA 638 -33.53 -75.79 -34.68
CA ALA LA 638 -33.87 -76.72 -33.62
C ALA LA 638 -33.31 -76.18 -32.31
N PHE LA 639 -33.87 -76.67 -31.21
CA PHE LA 639 -33.48 -76.30 -29.85
C PHE LA 639 -33.60 -74.80 -29.59
N VAL LA 640 -34.33 -74.08 -30.45
CA VAL LA 640 -34.44 -72.63 -30.29
C VAL LA 640 -35.30 -72.28 -29.09
N ASN LA 641 -36.05 -73.25 -28.55
CA ASN LA 641 -36.88 -72.97 -27.38
C ASN LA 641 -36.03 -72.67 -26.15
N ASN LA 642 -34.95 -73.42 -25.98
CA ASN LA 642 -34.03 -73.19 -24.87
C ASN LA 642 -32.97 -72.17 -25.27
N PHE LA 643 -32.46 -71.45 -24.26
CA PHE LA 643 -31.41 -70.45 -24.50
C PHE LA 643 -30.01 -70.99 -24.25
N TYR LA 644 -29.80 -71.69 -23.13
CA TYR LA 644 -28.49 -72.27 -22.86
C TYR LA 644 -28.06 -73.19 -24.00
N MET LA 645 -29.02 -73.89 -24.62
CA MET LA 645 -28.69 -74.76 -25.75
C MET LA 645 -28.25 -73.95 -26.97
N VAL LA 646 -28.97 -72.88 -27.30
CA VAL LA 646 -28.58 -72.06 -28.44
C VAL LA 646 -27.25 -71.36 -28.20
N MET LA 647 -26.88 -71.16 -26.95
CA MET LA 647 -25.53 -70.67 -26.64
C MET LA 647 -24.49 -71.76 -26.87
N TYR LA 648 -24.72 -72.95 -26.30
CA TYR LA 648 -23.77 -74.05 -26.42
C TYR LA 648 -23.55 -74.43 -27.88
N ILE LA 649 -24.60 -74.38 -28.70
CA ILE LA 649 -24.48 -74.74 -30.11
C ILE LA 649 -23.36 -73.94 -30.76
N ASN LA 650 -23.45 -72.62 -30.70
CA ASN LA 650 -22.51 -71.76 -31.39
C ASN LA 650 -21.19 -71.60 -30.64
N THR LA 651 -21.12 -71.90 -29.35
CA THR LA 651 -19.83 -71.81 -28.67
C THR LA 651 -19.04 -73.10 -28.74
N TYR LA 652 -19.67 -74.23 -29.04
CA TYR LA 652 -18.94 -75.50 -29.14
C TYR LA 652 -18.89 -76.04 -30.56
N LEU LA 653 -20.04 -76.24 -31.21
CA LEU LA 653 -20.01 -76.81 -32.54
C LEU LA 653 -19.53 -75.78 -33.55
N GLY LA 654 -20.30 -74.71 -33.74
CA GLY LA 654 -19.85 -73.55 -34.48
C GLY LA 654 -19.18 -73.83 -35.80
N ASN LA 655 -17.87 -73.57 -35.83
CA ASN LA 655 -17.07 -73.74 -37.05
C ASN LA 655 -16.95 -75.21 -37.48
N GLY LA 656 -17.51 -76.14 -36.72
CA GLY LA 656 -17.21 -77.53 -36.96
C GLY LA 656 -18.26 -78.33 -37.72
N GLU LA 657 -19.02 -79.15 -37.00
CA GLU LA 657 -19.86 -80.17 -37.61
C GLU LA 657 -21.19 -79.63 -38.14
N LEU LA 658 -21.41 -78.32 -38.15
CA LEU LA 658 -22.67 -77.85 -38.71
C LEU LA 658 -22.42 -77.19 -40.07
N PRO LA 659 -23.41 -77.17 -40.96
CA PRO LA 659 -23.19 -76.61 -42.29
C PRO LA 659 -23.03 -75.10 -42.24
N GLU LA 660 -22.42 -74.56 -43.29
CA GLU LA 660 -22.13 -73.14 -43.41
C GLU LA 660 -23.37 -72.29 -43.66
N ASP LA 661 -24.52 -72.91 -43.95
CA ASP LA 661 -25.78 -72.19 -44.04
C ASP LA 661 -26.76 -72.59 -42.95
N CYS LA 662 -26.32 -73.37 -41.97
CA CYS LA 662 -27.10 -73.66 -40.78
C CYS LA 662 -26.55 -73.00 -39.53
N ALA LA 663 -25.22 -72.89 -39.42
CA ALA LA 663 -24.63 -72.17 -38.29
C ALA LA 663 -24.89 -70.67 -38.35
N ALA LA 664 -25.16 -70.13 -39.54
CA ALA LA 664 -25.47 -68.71 -39.67
C ALA LA 664 -26.67 -68.33 -38.81
N VAL LA 665 -27.67 -69.20 -38.75
CA VAL LA 665 -28.86 -68.92 -37.94
C VAL LA 665 -28.48 -68.82 -36.46
N TYR LA 666 -27.71 -69.79 -35.96
CA TYR LA 666 -27.35 -69.82 -34.56
C TYR LA 666 -26.35 -68.73 -34.17
N LYS LA 667 -25.60 -68.19 -35.15
CA LYS LA 667 -24.78 -67.02 -34.87
C LYS LA 667 -25.58 -65.73 -34.93
N ASP LA 668 -26.55 -65.63 -35.85
CA ASP LA 668 -27.40 -64.46 -35.92
C ASP LA 668 -28.23 -64.31 -34.65
N LEU LA 669 -28.84 -65.40 -34.18
CA LEU LA 669 -29.66 -65.35 -32.98
C LEU LA 669 -28.88 -64.92 -31.75
N LEU LA 670 -27.55 -65.09 -31.75
CA LEU LA 670 -26.75 -64.62 -30.63
C LEU LA 670 -26.25 -63.20 -30.82
N GLU LA 671 -25.83 -62.84 -32.03
CA GLU LA 671 -25.37 -61.47 -32.27
C GLU LA 671 -26.51 -60.47 -32.10
N HIS LA 672 -27.75 -60.90 -32.38
CA HIS LA 672 -28.89 -60.01 -32.17
C HIS LA 672 -29.12 -59.74 -30.69
N VAL LA 673 -29.07 -60.79 -29.86
CA VAL LA 673 -29.19 -60.60 -28.42
C VAL LA 673 -28.03 -59.76 -27.89
N HIS LA 674 -26.84 -59.92 -28.49
CA HIS LA 674 -25.72 -59.08 -28.09
C HIS LA 674 -25.96 -57.61 -28.41
N ALA LA 675 -26.50 -57.32 -29.59
CA ALA LA 675 -26.85 -55.94 -29.92
C ALA LA 675 -27.92 -55.41 -28.98
N LEU LA 676 -28.90 -56.25 -28.63
CA LEU LA 676 -29.92 -55.84 -27.66
C LEU LA 676 -29.30 -55.51 -26.32
N ARG LA 677 -28.35 -56.33 -25.85
CA ARG LA 677 -27.65 -56.03 -24.61
C ARG LA 677 -26.90 -54.70 -24.71
N ARG LA 678 -26.20 -54.47 -25.83
CA ARG LA 678 -25.48 -53.22 -26.01
C ARG LA 678 -26.40 -52.02 -26.07
N LEU LA 679 -27.66 -52.21 -26.49
CA LEU LA 679 -28.58 -51.09 -26.67
C LEU LA 679 -28.68 -50.23 -25.42
N ILE LA 680 -29.04 -50.83 -24.29
CA ILE LA 680 -29.22 -50.08 -23.05
C ILE LA 680 -27.94 -49.41 -22.57
N GLY LA 681 -26.78 -49.85 -23.07
CA GLY LA 681 -25.52 -49.27 -22.67
C GLY LA 681 -25.28 -47.84 -23.14
N GLU LA 682 -25.95 -47.40 -24.21
CA GLU LA 682 -25.79 -46.04 -24.70
C GLU LA 682 -27.01 -45.18 -24.39
N PHE LA 683 -27.91 -45.66 -23.54
CA PHE LA 683 -29.06 -44.89 -23.10
C PHE LA 683 -28.98 -44.63 -21.60
N THR LA 684 -27.76 -44.65 -21.06
CA THR LA 684 -27.51 -44.40 -19.65
C THR LA 684 -26.33 -43.46 -19.54
N LEU LA 685 -26.55 -42.30 -18.93
CA LEU LA 685 -25.43 -41.44 -18.58
C LEU LA 685 -24.50 -42.17 -17.62
N PRO LA 686 -23.20 -41.96 -17.72
CA PRO LA 686 -22.29 -42.55 -16.72
C PRO LA 686 -22.52 -41.90 -15.36
N GLY LA 687 -23.09 -42.68 -14.44
CA GLY LA 687 -23.39 -42.18 -13.12
C GLY LA 687 -22.70 -42.99 -12.04
N ASP LA 688 -23.10 -42.80 -10.79
CA ASP LA 688 -22.47 -43.46 -9.66
C ASP LA 688 -23.41 -44.53 -9.11
N PRO LA 689 -22.89 -45.68 -8.69
CA PRO LA 689 -23.73 -46.68 -8.00
C PRO LA 689 -24.51 -46.05 -6.86
N LEU LA 690 -25.83 -46.07 -6.96
CA LEU LA 690 -26.68 -45.31 -6.06
C LEU LA 690 -27.13 -46.14 -4.86
N GLY LA 691 -27.86 -47.23 -5.10
CA GLY LA 691 -28.32 -48.10 -4.03
C GLY LA 691 -27.51 -49.36 -3.97
N ASN LA 692 -26.18 -49.23 -4.11
CA ASN LA 692 -25.29 -50.37 -4.31
C ASN LA 692 -25.72 -51.20 -5.52
N GLN LA 693 -26.29 -50.52 -6.51
CA GLN LA 693 -26.65 -51.11 -7.79
C GLN LA 693 -26.07 -50.22 -8.87
N PRO LA 694 -25.31 -50.77 -9.83
CA PRO LA 694 -24.82 -49.94 -10.94
C PRO LA 694 -25.97 -49.29 -11.68
N GLN LA 695 -25.74 -48.04 -12.08
CA GLN LA 695 -26.78 -47.22 -12.73
C GLN LA 695 -27.48 -47.96 -13.86
N GLU LA 696 -26.77 -48.84 -14.57
CA GLU LA 696 -27.35 -49.59 -15.67
C GLU LA 696 -28.52 -50.46 -15.25
N GLU LA 697 -28.65 -50.77 -13.96
CA GLU LA 697 -29.83 -51.46 -13.46
C GLU LA 697 -30.93 -50.51 -13.00
N LEU LA 698 -30.62 -49.23 -12.78
CA LEU LA 698 -31.66 -48.28 -12.39
C LEU LA 698 -32.43 -47.75 -13.58
N ASN LA 699 -31.78 -47.58 -14.74
CA ASN LA 699 -32.48 -47.08 -15.91
C ASN LA 699 -33.38 -48.17 -16.50
N HIS LA 700 -32.78 -49.26 -16.95
CA HIS LA 700 -33.55 -50.34 -17.55
C HIS LA 700 -34.23 -51.18 -16.47
N ALA LA 701 -34.92 -52.22 -16.90
CA ALA LA 701 -35.54 -53.18 -15.99
C ALA LA 701 -34.94 -54.57 -16.12
N LEU LA 702 -34.57 -54.99 -17.33
CA LEU LA 702 -34.00 -56.31 -17.51
C LEU LA 702 -32.56 -56.37 -17.02
N ALA LA 703 -31.81 -55.30 -17.20
CA ALA LA 703 -30.42 -55.25 -16.72
C ALA LA 703 -30.31 -55.44 -15.22
N ASP LA 704 -31.39 -55.24 -14.48
CA ASP LA 704 -31.41 -55.50 -13.04
C ASP LA 704 -31.13 -56.98 -12.76
N ALA LA 705 -30.64 -57.24 -11.56
CA ALA LA 705 -30.32 -58.61 -11.13
C ALA LA 705 -31.41 -59.21 -10.26
N THR LA 706 -32.06 -58.42 -9.42
CA THR LA 706 -33.10 -58.92 -8.52
C THR LA 706 -34.32 -59.45 -9.24
N LEU LA 707 -34.38 -59.36 -10.57
CA LEU LA 707 -35.49 -59.90 -11.33
C LEU LA 707 -35.07 -61.25 -11.91
N LEU LA 708 -35.62 -62.32 -11.35
CA LEU LA 708 -35.28 -63.65 -11.81
C LEU LA 708 -35.83 -63.87 -13.23
N PRO LA 709 -35.08 -64.55 -14.08
CA PRO LA 709 -35.60 -64.92 -15.40
C PRO LA 709 -36.81 -65.82 -15.27
N PRO LA 710 -37.54 -66.08 -16.36
CA PRO LA 710 -38.68 -67.00 -16.27
C PRO LA 710 -38.25 -68.46 -16.15
N LEU LA 711 -37.12 -68.84 -16.72
CA LEU LA 711 -36.60 -70.19 -16.59
C LEU LA 711 -35.18 -70.13 -16.06
N ILE LA 712 -34.92 -70.87 -14.98
CA ILE LA 712 -33.57 -71.04 -14.48
C ILE LA 712 -33.20 -72.51 -14.58
N TRP LA 713 -31.91 -72.79 -14.40
CA TRP LA 713 -31.42 -74.16 -14.49
C TRP LA 713 -30.42 -74.47 -13.39
N ASP LA 714 -30.17 -73.54 -12.48
CA ASP LA 714 -29.19 -73.68 -11.41
C ASP LA 714 -29.41 -72.55 -10.42
N CYS LA 715 -28.50 -72.40 -9.46
CA CYS LA 715 -28.56 -71.31 -8.50
C CYS LA 715 -27.70 -70.11 -8.91
N ASP LA 716 -27.16 -70.12 -10.13
CA ASP LA 716 -26.35 -68.99 -10.58
C ASP LA 716 -27.04 -67.65 -10.41
N PRO LA 717 -28.32 -67.47 -10.79
CA PRO LA 717 -28.95 -66.18 -10.53
C PRO LA 717 -29.23 -65.95 -9.06
N ILE LA 718 -29.59 -67.00 -8.31
CA ILE LA 718 -29.94 -66.84 -6.91
C ILE LA 718 -28.76 -66.34 -6.08
N LEU LA 719 -27.56 -66.86 -6.30
CA LEU LA 719 -26.39 -66.41 -5.56
C LEU LA 719 -26.15 -64.91 -5.76
N TYR LA 720 -26.16 -64.46 -7.03
CA TYR LA 720 -26.01 -63.03 -7.31
C TYR LA 720 -27.15 -62.22 -6.70
N ARG LA 721 -28.40 -62.71 -6.84
CA ARG LA 721 -29.56 -61.95 -6.42
C ARG LA 721 -29.49 -61.60 -4.93
N ASP LA 722 -29.26 -62.59 -4.09
CA ASP LA 722 -29.22 -62.37 -2.65
C ASP LA 722 -27.96 -61.65 -2.18
N GLY LA 723 -27.11 -61.15 -3.08
CA GLY LA 723 -25.95 -60.40 -2.67
C GLY LA 723 -26.25 -59.00 -2.16
N LEU LA 724 -27.36 -58.41 -2.57
CA LEU LA 724 -27.75 -57.08 -2.13
C LEU LA 724 -28.62 -57.16 -0.88
N ALA LA 725 -28.67 -56.04 -0.15
CA ALA LA 725 -29.43 -56.00 1.09
C ALA LA 725 -30.27 -54.74 1.28
N GLU LA 726 -30.07 -53.68 0.49
CA GLU LA 726 -30.78 -52.43 0.74
C GLU LA 726 -32.28 -52.60 0.60
N ARG LA 727 -32.74 -53.19 -0.51
CA ARG LA 727 -34.14 -53.55 -0.69
C ARG LA 727 -34.21 -55.06 -0.40
N LEU LA 728 -34.39 -55.39 0.88
CA LEU LA 728 -34.32 -56.75 1.39
C LEU LA 728 -35.17 -57.71 0.56
N PRO LA 729 -34.53 -58.62 -0.18
CA PRO LA 729 -35.29 -59.62 -0.94
C PRO LA 729 -35.46 -60.91 -0.15
N GLU LA 730 -36.47 -61.67 -0.54
CA GLU LA 730 -36.72 -62.97 0.08
C GLU LA 730 -37.26 -63.90 -0.98
N LEU LA 731 -36.65 -65.09 -1.06
CA LEU LA 731 -37.03 -66.11 -2.03
C LEU LA 731 -37.60 -67.31 -1.27
N ARG LA 732 -38.71 -67.84 -1.77
CA ARG LA 732 -39.37 -68.99 -1.16
C ARG LA 732 -39.53 -70.07 -2.21
N VAL LA 733 -38.95 -71.24 -1.96
CA VAL LA 733 -39.09 -72.39 -2.84
C VAL LA 733 -40.08 -73.33 -2.15
N ASN LA 734 -41.35 -73.15 -2.48
CA ASN LA 734 -42.47 -73.88 -1.86
C ASN LA 734 -42.50 -73.73 -0.35
N GLY LA 735 -41.90 -72.68 0.20
CA GLY LA 735 -41.95 -72.42 1.62
C GLY LA 735 -40.59 -72.51 2.30
N ALA LA 736 -39.82 -73.55 1.96
CA ALA LA 736 -38.44 -73.61 2.43
C ALA LA 736 -37.62 -72.51 1.77
N HIS LA 737 -36.63 -72.01 2.49
CA HIS LA 737 -35.81 -70.94 1.93
C HIS LA 737 -35.10 -71.44 0.68
N PHE LA 738 -34.11 -72.32 0.87
CA PHE LA 738 -33.69 -73.38 -0.04
C PHE LA 738 -32.45 -74.00 0.58
N GLN LA 739 -32.05 -75.16 0.04
CA GLN LA 739 -30.82 -75.82 0.46
C GLN LA 739 -30.01 -76.19 -0.77
N HIS LA 740 -28.82 -75.62 -0.87
CA HIS LA 740 -27.96 -75.80 -2.04
C HIS LA 740 -27.37 -77.19 -1.99
N ILE LA 741 -27.82 -78.05 -2.90
CA ILE LA 741 -27.33 -79.43 -2.99
C ILE LA 741 -26.58 -79.59 -4.30
N LEU LA 742 -25.61 -80.50 -4.30
CA LEU LA 742 -24.73 -80.70 -5.44
C LEU LA 742 -25.29 -81.82 -6.33
N TRP LA 743 -24.45 -82.32 -7.24
CA TRP LA 743 -24.86 -83.33 -8.21
C TRP LA 743 -25.42 -84.57 -7.52
N VAL LA 744 -26.31 -85.27 -8.22
CA VAL LA 744 -26.95 -86.48 -7.74
C VAL LA 744 -26.81 -87.56 -8.80
N GLU LA 745 -26.77 -88.81 -8.34
CA GLU LA 745 -26.61 -89.96 -9.21
C GLU LA 745 -27.80 -90.89 -9.06
N MET LA 746 -27.77 -91.98 -9.83
CA MET LA 746 -28.79 -93.02 -9.71
C MET LA 746 -28.85 -93.63 -8.32
N ALA LA 747 -27.78 -93.46 -7.53
CA ALA LA 747 -27.75 -93.99 -6.18
C ALA LA 747 -28.89 -93.43 -5.35
N GLN LA 748 -28.89 -92.13 -5.12
CA GLN LA 748 -29.96 -91.42 -4.40
C GLN LA 748 -30.56 -90.40 -5.35
N VAL LA 749 -31.71 -90.71 -5.93
CA VAL LA 749 -32.40 -89.77 -6.81
C VAL LA 749 -33.60 -89.19 -6.09
N ASN LA 750 -34.53 -90.04 -5.65
CA ASN LA 750 -35.69 -89.64 -4.85
C ASN LA 750 -36.51 -88.56 -5.56
N PHE LA 751 -37.11 -88.96 -6.69
CA PHE LA 751 -37.97 -88.05 -7.43
C PHE LA 751 -39.06 -87.43 -6.56
N ARG LA 752 -39.55 -88.18 -5.57
CA ARG LA 752 -40.71 -87.77 -4.78
C ARG LA 752 -40.38 -86.72 -3.73
N ASN LA 753 -39.12 -86.32 -3.61
CA ASN LA 753 -38.73 -85.28 -2.67
C ASN LA 753 -39.51 -84.00 -2.96
N VAL LA 754 -40.06 -83.40 -1.90
CA VAL LA 754 -40.88 -82.20 -2.05
C VAL LA 754 -40.29 -81.06 -1.24
N GLY LA 755 -39.12 -81.28 -0.66
CA GLY LA 755 -38.48 -80.26 0.15
C GLY LA 755 -37.94 -79.13 -0.69
N GLY LA 756 -37.37 -78.14 -0.01
CA GLY LA 756 -36.75 -77.02 -0.68
C GLY LA 756 -35.28 -77.25 -0.94
N GLY LA 757 -34.95 -77.69 -2.16
CA GLY LA 757 -33.57 -77.93 -2.54
C GLY LA 757 -33.39 -77.98 -4.04
N LEU LA 758 -32.39 -77.26 -4.54
CA LEU LA 758 -32.12 -77.16 -5.96
C LEU LA 758 -30.74 -77.70 -6.27
N VAL LA 759 -30.57 -78.19 -7.50
CA VAL LA 759 -29.41 -79.00 -7.87
C VAL LA 759 -28.45 -78.15 -8.69
N HIS LA 760 -27.15 -78.37 -8.48
CA HIS LA 760 -26.11 -77.89 -9.37
C HIS LA 760 -25.61 -79.07 -10.18
N ASN LA 761 -25.96 -79.10 -11.46
CA ASN LA 761 -25.71 -80.26 -12.31
C ASN LA 761 -24.21 -80.39 -12.59
N ARG LA 762 -23.56 -81.29 -11.84
CA ARG LA 762 -22.11 -81.45 -11.87
C ARG LA 762 -21.45 -80.08 -11.73
N PRO LA 763 -21.42 -79.52 -10.50
CA PRO LA 763 -21.38 -78.05 -10.32
C PRO LA 763 -20.61 -77.29 -11.37
N VAL LA 764 -19.41 -77.77 -11.70
CA VAL LA 764 -18.50 -77.09 -12.61
C VAL LA 764 -17.93 -78.10 -13.59
N ARG LA 765 -17.00 -77.62 -14.41
CA ARG LA 765 -16.21 -78.47 -15.29
C ARG LA 765 -15.01 -79.09 -14.57
N ASN LA 766 -14.32 -78.31 -13.73
CA ASN LA 766 -13.03 -78.69 -13.18
C ASN LA 766 -13.00 -78.71 -11.65
N GLU LA 767 -13.52 -77.68 -11.00
CA GLU LA 767 -13.13 -77.34 -9.64
C GLU LA 767 -13.72 -78.30 -8.60
N ASN LA 768 -15.04 -78.35 -8.49
CA ASN LA 768 -15.73 -79.13 -7.46
C ASN LA 768 -15.35 -78.67 -6.06
N GLN LA 769 -15.41 -77.36 -5.85
CA GLN LA 769 -15.14 -76.71 -4.57
C GLN LA 769 -16.45 -76.11 -4.04
N PRO LA 770 -16.50 -75.72 -2.76
CA PRO LA 770 -17.79 -75.36 -2.16
C PRO LA 770 -18.31 -74.02 -2.64
N LEU LA 771 -19.57 -74.02 -3.10
CA LEU LA 771 -20.44 -72.84 -3.14
C LEU LA 771 -19.85 -71.70 -3.98
N HIS LA 772 -19.74 -71.94 -5.28
CA HIS LA 772 -19.43 -70.83 -6.17
C HIS LA 772 -20.20 -70.96 -7.49
N PRO LA 773 -20.75 -69.87 -7.99
CA PRO LA 773 -21.45 -69.93 -9.29
C PRO LA 773 -20.46 -70.16 -10.42
N HIS LA 774 -20.95 -70.76 -11.50
CA HIS LA 774 -20.09 -71.19 -12.61
C HIS LA 774 -20.46 -70.51 -13.91
N HIS LA 775 -20.90 -69.25 -13.84
CA HIS LA 775 -21.12 -68.41 -15.00
C HIS LA 775 -21.04 -66.96 -14.58
N ASP LA 776 -20.68 -66.09 -15.52
CA ASP LA 776 -20.57 -64.67 -15.23
C ASP LA 776 -21.97 -64.07 -15.06
N ALA LA 777 -22.01 -62.87 -14.46
CA ALA LA 777 -23.28 -62.25 -14.13
C ALA LA 777 -24.11 -61.96 -15.38
N GLU LA 778 -23.49 -61.40 -16.42
CA GLU LA 778 -24.22 -60.99 -17.63
C GLU LA 778 -24.91 -62.15 -18.34
N TRP LA 779 -24.55 -63.39 -17.97
CA TRP LA 779 -25.20 -64.56 -18.56
C TRP LA 779 -26.71 -64.54 -18.32
N SER LA 780 -27.12 -64.34 -17.07
CA SER LA 780 -28.53 -64.27 -16.75
C SER LA 780 -29.21 -63.07 -17.42
N VAL LA 781 -28.49 -61.97 -17.58
CA VAL LA 781 -29.06 -60.82 -18.28
C VAL LA 781 -29.36 -61.16 -19.73
N LEU LA 782 -28.41 -61.81 -20.42
CA LEU LA 782 -28.67 -62.26 -21.78
C LEU LA 782 -29.83 -63.24 -21.84
N SER LA 783 -29.94 -64.14 -20.85
CA SER LA 783 -31.06 -65.07 -20.82
C SER LA 783 -32.39 -64.32 -20.71
N LYS LA 784 -32.45 -63.36 -19.79
CA LYS LA 784 -33.66 -62.55 -19.62
C LYS LA 784 -34.00 -61.81 -20.91
N ILE LA 785 -32.98 -61.25 -21.58
CA ILE LA 785 -33.20 -60.54 -22.84
C ILE LA 785 -33.84 -61.49 -23.85
N TYR LA 786 -33.24 -62.67 -24.03
CA TYR LA 786 -33.75 -63.64 -24.99
C TYR LA 786 -35.20 -63.99 -24.67
N TYR LA 787 -35.51 -64.26 -23.41
CA TYR LA 787 -36.83 -64.78 -23.09
C TYR LA 787 -37.90 -63.71 -22.98
N TYR LA 788 -37.54 -62.44 -22.81
CA TYR LA 788 -38.54 -61.38 -22.71
C TYR LA 788 -38.64 -60.52 -23.95
N ALA LA 789 -37.70 -60.61 -24.89
CA ALA LA 789 -37.68 -59.68 -26.01
C ALA LA 789 -37.67 -60.34 -27.39
N VAL LA 790 -37.21 -61.59 -27.53
CA VAL LA 790 -37.11 -62.24 -28.82
C VAL LA 790 -38.10 -63.39 -28.96
N VAL LA 791 -38.35 -64.12 -27.89
CA VAL LA 791 -39.32 -65.22 -27.92
C VAL LA 791 -40.71 -64.69 -28.24
N PRO LA 792 -41.27 -63.74 -27.47
CA PRO LA 792 -42.60 -63.21 -27.83
C PRO LA 792 -42.62 -62.46 -29.14
N ALA LA 793 -41.46 -62.17 -29.75
CA ALA LA 793 -41.44 -61.55 -31.07
C ALA LA 793 -41.86 -62.55 -32.15
N PHE LA 794 -41.36 -63.79 -32.07
CA PHE LA 794 -41.68 -64.80 -33.06
C PHE LA 794 -42.90 -65.63 -32.67
N SER LA 795 -43.08 -65.92 -31.39
CA SER LA 795 -44.17 -66.80 -30.97
C SER LA 795 -45.51 -66.09 -31.03
N ARG LA 796 -45.53 -64.80 -30.66
CA ARG LA 796 -46.75 -64.00 -30.62
C ARG LA 796 -47.83 -64.67 -29.77
N GLY LA 797 -47.45 -64.99 -28.54
CA GLY LA 797 -48.37 -65.58 -27.58
C GLY LA 797 -48.80 -66.99 -27.89
N ASN LA 798 -47.82 -67.86 -28.17
CA ASN LA 798 -48.07 -69.27 -28.40
C ASN LA 798 -47.33 -70.19 -27.45
N CYS LA 799 -46.13 -69.82 -27.01
CA CYS LA 799 -45.33 -70.67 -26.15
C CYS LA 799 -45.99 -70.82 -24.78
N CYS LA 800 -45.47 -71.77 -24.00
CA CYS LA 800 -45.96 -72.00 -22.65
C CYS LA 800 -44.90 -72.74 -21.85
N THR LA 801 -44.60 -72.22 -20.66
CA THR LA 801 -43.66 -72.88 -19.75
C THR LA 801 -44.29 -74.17 -19.24
N MET LA 802 -43.59 -75.29 -19.40
CA MET LA 802 -44.17 -76.59 -19.11
C MET LA 802 -43.45 -77.26 -17.95
N GLY LA 803 -44.24 -77.84 -17.04
CA GLY LA 803 -43.71 -78.67 -15.99
C GLY LA 803 -43.56 -80.10 -16.49
N VAL LA 804 -42.41 -80.68 -16.20
CA VAL LA 804 -42.00 -81.94 -16.81
C VAL LA 804 -41.98 -83.04 -15.76
N ARG LA 805 -42.13 -84.28 -16.23
CA ARG LA 805 -42.17 -85.47 -15.39
C ARG LA 805 -40.82 -86.18 -15.51
N TYR LA 806 -39.89 -85.81 -14.62
CA TYR LA 806 -38.52 -86.31 -14.71
C TYR LA 806 -38.41 -87.81 -14.45
N ASP LA 807 -39.43 -88.43 -13.88
CA ASP LA 807 -39.38 -89.88 -13.66
C ASP LA 807 -39.47 -90.63 -14.99
N ARG LA 808 -40.50 -90.33 -15.79
CA ARG LA 808 -40.78 -91.09 -17.00
C ARG LA 808 -39.81 -90.80 -18.13
N VAL LA 809 -39.30 -89.58 -18.25
CA VAL LA 809 -38.29 -89.31 -19.29
C VAL LA 809 -37.05 -90.17 -19.07
N TYR LA 810 -36.63 -90.31 -17.81
CA TYR LA 810 -35.52 -91.20 -17.50
C TYR LA 810 -35.92 -92.66 -17.71
N GLN LA 811 -37.13 -93.02 -17.29
CA GLN LA 811 -37.63 -94.37 -17.54
C GLN LA 811 -37.65 -94.73 -19.02
N LEU LA 812 -37.68 -93.73 -19.90
CA LEU LA 812 -37.66 -93.98 -21.35
C LEU LA 812 -36.27 -93.91 -21.95
N VAL LA 813 -35.40 -93.03 -21.47
CA VAL LA 813 -34.07 -92.94 -22.07
C VAL LA 813 -33.26 -94.21 -21.82
N GLN LA 814 -33.63 -95.00 -20.81
CA GLN LA 814 -32.84 -96.19 -20.48
C GLN LA 814 -33.07 -97.32 -21.47
N THR LA 815 -34.32 -97.57 -21.85
CA THR LA 815 -34.64 -98.74 -22.66
C THR LA 815 -34.28 -98.52 -24.12
N MET LA 816 -33.04 -98.82 -24.49
CA MET LA 816 -32.58 -98.71 -25.86
C MET LA 816 -32.32 -100.10 -26.41
N VAL LA 817 -32.36 -100.24 -27.73
CA VAL LA 817 -32.17 -101.52 -28.40
C VAL LA 817 -31.04 -101.36 -29.41
N VAL LA 818 -29.91 -102.02 -29.13
CA VAL LA 818 -28.74 -101.99 -29.99
C VAL LA 818 -28.10 -103.38 -29.98
N PRO LA 819 -27.75 -103.94 -31.13
CA PRO LA 819 -27.11 -105.25 -31.16
C PRO LA 819 -25.60 -105.12 -30.97
N GLU LA 820 -24.91 -106.25 -30.97
CA GLU LA 820 -23.47 -106.32 -30.78
C GLU LA 820 -22.79 -106.41 -32.14
N THR LA 821 -22.20 -105.30 -32.58
CA THR LA 821 -21.42 -105.28 -33.80
C THR LA 821 -20.12 -104.55 -33.53
N ASP LA 822 -19.02 -105.08 -34.09
CA ASP LA 822 -17.72 -104.42 -33.96
C ASP LA 822 -17.74 -103.06 -34.64
N GLU LA 823 -17.95 -103.04 -35.95
CA GLU LA 823 -17.89 -101.82 -36.74
C GLU LA 823 -19.29 -101.38 -37.15
N GLU LA 824 -19.44 -100.08 -37.35
CA GLU LA 824 -20.71 -99.52 -37.82
C GLU LA 824 -20.84 -99.75 -39.32
N VAL LA 825 -22.03 -100.13 -39.76
CA VAL LA 825 -22.24 -100.62 -41.10
C VAL LA 825 -23.18 -99.71 -41.90
N GLY LA 826 -24.08 -99.03 -41.21
CA GLY LA 826 -25.02 -98.16 -41.89
C GLY LA 826 -26.46 -98.60 -41.74
N THR LA 827 -27.41 -97.69 -42.02
CA THR LA 827 -28.82 -97.99 -41.80
C THR LA 827 -29.34 -99.07 -42.75
N ASP LA 828 -28.63 -99.36 -43.83
CA ASP LA 828 -29.11 -100.37 -44.79
C ASP LA 828 -29.09 -101.77 -44.18
N ASP LA 829 -28.14 -102.05 -43.29
CA ASP LA 829 -27.97 -103.39 -42.76
C ASP LA 829 -29.05 -103.69 -41.71
N PRO LA 830 -29.54 -104.93 -41.65
CA PRO LA 830 -30.55 -105.27 -40.64
C PRO LA 830 -30.03 -105.27 -39.20
N ARG LA 831 -28.74 -105.03 -39.02
CA ARG LA 831 -28.19 -104.87 -37.67
C ARG LA 831 -28.27 -103.44 -37.16
N HIS LA 832 -28.37 -102.47 -38.05
CA HIS LA 832 -28.45 -101.08 -37.63
C HIS LA 832 -29.63 -100.87 -36.68
N PRO LA 833 -29.48 -100.05 -35.64
CA PRO LA 833 -30.57 -99.92 -34.66
C PRO LA 833 -31.82 -99.26 -35.21
N LEU LA 834 -31.78 -98.73 -36.43
CA LEU LA 834 -32.95 -98.08 -37.02
C LEU LA 834 -33.70 -98.98 -37.99
N HIS LA 835 -33.16 -100.16 -38.33
CA HIS LA 835 -33.87 -101.06 -39.22
C HIS LA 835 -35.12 -101.61 -38.53
N PRO LA 836 -36.21 -101.82 -39.26
CA PRO LA 836 -37.48 -102.22 -38.61
C PRO LA 836 -37.40 -103.52 -37.81
N ARG LA 837 -36.52 -104.45 -38.16
CA ARG LA 837 -36.51 -105.75 -37.49
C ARG LA 837 -36.28 -105.59 -35.99
N ASN LA 838 -35.18 -104.93 -35.61
CA ASN LA 838 -34.83 -104.76 -34.20
C ASN LA 838 -35.50 -103.54 -33.58
N LEU LA 839 -36.62 -103.09 -34.14
CA LEU LA 839 -37.40 -101.98 -33.60
C LEU LA 839 -38.58 -102.57 -32.83
N VAL LA 840 -38.39 -102.76 -31.53
CA VAL LA 840 -39.40 -103.36 -30.67
C VAL LA 840 -40.42 -102.29 -30.30
N PRO LA 841 -41.61 -102.64 -29.84
CA PRO LA 841 -42.61 -101.62 -29.51
C PRO LA 841 -42.28 -100.90 -28.21
N ASN LA 842 -42.65 -99.62 -28.18
CA ASN LA 842 -42.58 -98.78 -26.98
C ASN LA 842 -41.15 -98.70 -26.45
N SER LA 843 -40.17 -98.75 -27.35
CA SER LA 843 -38.78 -98.52 -27.01
C SER LA 843 -38.51 -97.02 -27.13
N LEU LA 844 -37.22 -96.64 -27.13
CA LEU LA 844 -36.86 -95.26 -27.42
C LEU LA 844 -36.50 -95.06 -28.88
N ASN LA 845 -35.96 -96.11 -29.52
CA ASN LA 845 -35.63 -96.04 -30.95
C ASN LA 845 -36.86 -95.77 -31.80
N VAL LA 846 -38.03 -96.27 -31.40
CA VAL LA 846 -39.24 -96.00 -32.15
C VAL LA 846 -39.52 -94.51 -32.20
N LEU LA 847 -39.16 -93.77 -31.14
CA LEU LA 847 -39.33 -92.32 -31.15
C LEU LA 847 -38.41 -91.66 -32.16
N PHE LA 848 -37.13 -92.06 -32.17
CA PHE LA 848 -36.21 -91.55 -33.17
C PHE LA 848 -36.66 -91.87 -34.59
N HIS LA 849 -37.38 -92.97 -34.78
CA HIS LA 849 -37.97 -93.23 -36.09
C HIS LA 849 -39.22 -92.42 -36.34
N ASN LA 850 -39.94 -92.02 -35.29
CA ASN LA 850 -41.11 -91.16 -35.47
C ASN LA 850 -40.73 -89.80 -36.04
N ALA LA 851 -39.52 -89.33 -35.76
CA ALA LA 851 -39.05 -88.05 -36.28
C ALA LA 851 -38.31 -88.19 -37.61
N CYS LA 852 -38.19 -89.41 -38.13
CA CYS LA 852 -37.50 -89.68 -39.39
C CYS LA 852 -36.06 -89.14 -39.38
N VAL LA 853 -35.49 -88.97 -38.20
CA VAL LA 853 -34.11 -88.55 -38.08
C VAL LA 853 -33.20 -89.75 -38.35
N ALA LA 854 -31.92 -89.46 -38.58
CA ALA LA 854 -30.92 -90.48 -38.85
C ALA LA 854 -29.80 -90.33 -37.83
N VAL LA 855 -29.52 -91.42 -37.11
CA VAL LA 855 -28.50 -91.43 -36.06
C VAL LA 855 -27.73 -92.75 -36.15
N ASP LA 856 -26.56 -92.77 -35.53
CA ASP LA 856 -25.77 -93.98 -35.42
C ASP LA 856 -25.94 -94.60 -34.05
N ALA LA 857 -25.68 -95.91 -33.98
CA ALA LA 857 -25.80 -96.62 -32.71
C ALA LA 857 -24.83 -96.09 -31.67
N ASP LA 858 -23.70 -95.52 -32.09
CA ASP LA 858 -22.74 -94.98 -31.13
C ASP LA 858 -23.32 -93.78 -30.41
N ALA LA 859 -23.77 -92.78 -31.18
CA ALA LA 859 -24.43 -91.63 -30.58
C ALA LA 859 -25.67 -92.06 -29.81
N MET LA 860 -26.34 -93.13 -30.25
CA MET LA 860 -27.47 -93.63 -29.48
C MET LA 860 -27.02 -94.10 -28.10
N LEU LA 861 -25.92 -94.87 -28.05
CA LEU LA 861 -25.40 -95.39 -26.79
C LEU LA 861 -24.84 -94.28 -25.91
N ILE LA 862 -24.36 -93.18 -26.51
CA ILE LA 862 -23.81 -92.06 -25.76
C ILE LA 862 -24.75 -91.60 -24.66
N LEU LA 863 -26.06 -91.81 -24.85
CA LEU LA 863 -27.07 -91.38 -23.89
C LEU LA 863 -26.89 -91.99 -22.51
N GLN LA 864 -26.05 -93.02 -22.39
CA GLN LA 864 -25.84 -93.67 -21.10
C GLN LA 864 -25.16 -92.75 -20.09
N GLU LA 865 -24.50 -91.69 -20.53
CA GLU LA 865 -23.82 -90.74 -19.66
C GLU LA 865 -24.77 -89.96 -18.76
N THR LA 866 -26.05 -89.83 -19.13
CA THR LA 866 -26.93 -88.91 -18.42
C THR LA 866 -27.24 -89.33 -16.99
N VAL LA 867 -27.18 -90.63 -16.69
CA VAL LA 867 -27.54 -91.08 -15.35
C VAL LA 867 -26.52 -90.63 -14.30
N THR LA 868 -25.42 -90.00 -14.71
CA THR LA 868 -24.40 -89.61 -13.77
C THR LA 868 -24.67 -88.23 -13.16
N ASN LA 869 -25.62 -87.48 -13.71
CA ASN LA 869 -26.09 -86.23 -13.11
C ASN LA 869 -27.59 -86.12 -13.41
N MET LA 870 -28.40 -86.40 -12.40
CA MET LA 870 -29.84 -86.46 -12.59
C MET LA 870 -30.46 -85.07 -12.55
N ALA LA 871 -31.78 -85.05 -12.59
CA ALA LA 871 -32.58 -83.85 -12.39
C ALA LA 871 -33.87 -84.29 -11.71
N GLU LA 872 -33.99 -83.97 -10.42
CA GLU LA 872 -35.09 -84.52 -9.61
C GLU LA 872 -36.45 -84.13 -10.15
N ARG LA 873 -36.74 -82.84 -10.16
CA ARG LA 873 -38.09 -82.36 -10.39
C ARG LA 873 -38.02 -80.92 -10.88
N THR LA 874 -39.17 -80.40 -11.29
CA THR LA 874 -39.31 -78.99 -11.59
C THR LA 874 -40.15 -78.33 -10.50
N THR LA 875 -39.68 -77.20 -10.00
CA THR LA 875 -40.30 -76.58 -8.84
C THR LA 875 -40.58 -75.11 -9.10
N PRO LA 876 -41.67 -74.58 -8.55
CA PRO LA 876 -41.92 -73.15 -8.66
C PRO LA 876 -41.14 -72.37 -7.62
N LEU LA 877 -40.79 -71.14 -7.99
CA LEU LA 877 -40.15 -70.19 -7.10
C LEU LA 877 -41.07 -68.98 -6.95
N LEU LA 878 -40.73 -68.10 -6.01
CA LEU LA 878 -41.54 -66.91 -5.77
C LEU LA 878 -40.63 -65.84 -5.20
N ALA LA 879 -40.21 -64.90 -6.05
CA ALA LA 879 -39.38 -63.80 -5.59
C ALA LA 879 -40.23 -62.76 -4.87
N SER LA 880 -39.57 -61.94 -4.06
CA SER LA 880 -40.24 -60.87 -3.36
C SER LA 880 -39.22 -59.76 -3.12
N VAL LA 881 -39.26 -58.73 -3.96
CA VAL LA 881 -38.32 -57.62 -3.88
C VAL LA 881 -39.09 -56.34 -3.61
N ALA LA 882 -38.41 -55.39 -3.00
CA ALA LA 882 -38.93 -54.06 -2.73
C ALA LA 882 -38.49 -53.10 -3.83
N PRO LA 883 -39.20 -51.99 -4.02
CA PRO LA 883 -38.76 -51.00 -5.00
C PRO LA 883 -37.40 -50.42 -4.62
N ASP LA 884 -36.57 -50.21 -5.64
CA ASP LA 884 -35.18 -49.86 -5.44
C ASP LA 884 -35.04 -48.38 -5.08
N ALA LA 885 -33.82 -47.87 -5.14
CA ALA LA 885 -33.54 -46.48 -4.75
C ALA LA 885 -34.31 -45.46 -5.59
N GLY LA 886 -34.88 -45.87 -6.72
CA GLY LA 886 -35.72 -44.99 -7.50
C GLY LA 886 -37.04 -44.68 -6.85
N MET LA 887 -37.89 -45.70 -6.71
CA MET LA 887 -39.20 -45.54 -6.06
C MET LA 887 -39.10 -45.84 -4.57
N ALA LA 888 -38.18 -45.14 -3.90
CA ALA LA 888 -37.85 -45.39 -2.50
C ALA LA 888 -38.45 -44.34 -1.57
N THR LA 889 -39.69 -43.93 -1.83
CA THR LA 889 -40.39 -43.00 -0.97
C THR LA 889 -40.92 -43.72 0.27
N VAL LA 890 -41.06 -42.96 1.37
CA VAL LA 890 -41.65 -43.49 2.60
C VAL LA 890 -42.96 -44.21 2.35
N ALA LA 891 -43.79 -43.71 1.43
CA ALA LA 891 -45.08 -44.30 1.12
C ALA LA 891 -44.97 -45.48 0.17
N THR LA 892 -43.76 -45.88 -0.20
CA THR LA 892 -43.54 -47.05 -1.05
C THR LA 892 -42.63 -48.07 -0.39
N ARG LA 893 -42.46 -47.98 0.93
CA ARG LA 893 -41.52 -48.86 1.64
C ARG LA 893 -41.98 -50.31 1.57
N ASP LA 894 -43.29 -50.55 1.56
CA ASP LA 894 -43.82 -51.90 1.64
C ASP LA 894 -44.49 -52.37 0.35
N MET LA 895 -44.60 -51.51 -0.66
CA MET LA 895 -45.25 -51.91 -1.91
C MET LA 895 -44.29 -52.79 -2.71
N ARG LA 896 -44.00 -53.96 -2.15
CA ARG LA 896 -43.07 -54.89 -2.77
C ARG LA 896 -43.77 -55.69 -3.86
N THR LA 897 -42.95 -56.36 -4.68
CA THR LA 897 -43.47 -57.11 -5.81
C THR LA 897 -43.51 -58.60 -5.50
N HIS LA 898 -44.04 -59.35 -6.45
CA HIS LA 898 -44.14 -60.80 -6.31
C HIS LA 898 -44.10 -61.40 -7.70
N ASP LA 899 -43.06 -62.18 -7.98
CA ASP LA 899 -42.94 -62.85 -9.26
C ASP LA 899 -42.24 -64.18 -9.05
N GLY LA 900 -42.64 -65.17 -9.84
CA GLY LA 900 -42.05 -66.49 -9.70
C GLY LA 900 -41.36 -66.96 -10.96
N SER LA 901 -40.87 -68.19 -10.93
CA SER LA 901 -40.21 -68.82 -12.06
C SER LA 901 -40.11 -70.31 -11.77
N LEU LA 902 -39.83 -71.07 -12.81
CA LEU LA 902 -39.64 -72.51 -12.69
C LEU LA 902 -38.15 -72.83 -12.64
N HIS LA 903 -37.80 -73.84 -11.85
CA HIS LA 903 -36.46 -74.40 -11.86
C HIS LA 903 -36.50 -75.75 -12.56
N HIS LA 904 -35.56 -75.96 -13.47
CA HIS LA 904 -35.51 -77.17 -14.30
C HIS LA 904 -36.84 -77.42 -15.00
N GLY LA 905 -37.47 -76.35 -15.48
CA GLY LA 905 -38.66 -76.46 -16.29
C GLY LA 905 -38.32 -76.67 -17.75
N LEU LA 906 -39.27 -76.32 -18.61
CA LEU LA 906 -39.06 -76.42 -20.05
C LEU LA 906 -40.15 -75.63 -20.75
N LEU LA 907 -39.78 -74.91 -21.80
CA LEU LA 907 -40.71 -74.11 -22.58
C LEU LA 907 -40.91 -74.81 -23.92
N MET LA 908 -42.12 -75.29 -24.17
CA MET LA 908 -42.47 -75.85 -25.46
C MET LA 908 -43.12 -74.78 -26.32
N MET LA 909 -43.08 -74.98 -27.63
CA MET LA 909 -43.39 -73.91 -28.56
C MET LA 909 -44.86 -73.92 -29.00
N ALA LA 910 -45.30 -75.02 -29.62
CA ALA LA 910 -46.66 -75.12 -30.13
C ALA LA 910 -47.20 -76.49 -29.80
N TYR LA 911 -48.41 -76.52 -29.24
CA TYR LA 911 -48.99 -77.78 -28.82
C TYR LA 911 -49.55 -78.55 -30.00
N GLN LA 912 -49.29 -79.86 -30.02
CA GLN LA 912 -49.79 -80.78 -31.04
C GLN LA 912 -50.85 -81.66 -30.38
N PRO LA 913 -52.11 -81.25 -30.40
CA PRO LA 913 -53.15 -82.05 -29.75
C PRO LA 913 -53.62 -83.23 -30.59
N ASN LA 914 -53.47 -83.12 -31.90
CA ASN LA 914 -54.14 -84.04 -32.82
C ASN LA 914 -53.34 -85.33 -33.09
N ASP LA 915 -52.30 -85.63 -32.31
CA ASP LA 915 -51.56 -86.86 -32.47
C ASP LA 915 -51.92 -87.84 -31.35
N ALA LA 916 -51.89 -89.13 -31.71
CA ALA LA 916 -52.05 -90.19 -30.72
C ALA LA 916 -50.86 -91.12 -30.69
N THR LA 917 -49.75 -90.74 -31.32
CA THR LA 917 -48.53 -91.54 -31.24
C THR LA 917 -47.99 -91.58 -29.81
N LEU LA 918 -48.47 -90.67 -28.96
CA LEU LA 918 -48.15 -90.65 -27.55
C LEU LA 918 -49.35 -90.16 -26.76
N LEU LA 919 -49.35 -90.45 -25.46
CA LEU LA 919 -50.40 -89.93 -24.59
C LEU LA 919 -50.30 -88.40 -24.52
N GLU LA 920 -51.46 -87.77 -24.25
CA GLU LA 920 -51.52 -86.31 -24.31
C GLU LA 920 -50.65 -85.67 -23.24
N GLY LA 921 -50.91 -85.95 -21.97
CA GLY LA 921 -50.10 -85.42 -20.90
C GLY LA 921 -49.01 -86.37 -20.44
N ALA LA 922 -48.24 -86.89 -21.40
CA ALA LA 922 -47.27 -87.94 -21.09
C ALA LA 922 -46.11 -87.41 -20.26
N PHE LA 923 -45.36 -86.45 -20.79
CA PHE LA 923 -44.13 -85.99 -20.16
C PHE LA 923 -44.18 -84.57 -19.65
N PHE LA 924 -45.13 -83.75 -20.10
CA PHE LA 924 -45.15 -82.34 -19.77
C PHE LA 924 -46.54 -81.91 -19.36
N TYR LA 925 -46.63 -81.33 -18.16
CA TYR LA 925 -47.85 -80.75 -17.64
C TYR LA 925 -47.72 -79.24 -17.65
N PRO LA 926 -48.79 -78.52 -18.00
CA PRO LA 926 -48.68 -77.07 -18.15
C PRO LA 926 -48.45 -76.39 -16.81
N ALA LA 927 -47.50 -75.44 -16.81
CA ALA LA 927 -47.19 -74.64 -15.63
C ALA LA 927 -46.83 -73.24 -16.09
N PRO LA 928 -47.83 -72.40 -16.36
CA PRO LA 928 -47.55 -71.05 -16.85
C PRO LA 928 -47.06 -70.16 -15.72
N VAL LA 929 -45.95 -69.46 -15.97
CA VAL LA 929 -45.32 -68.64 -14.93
C VAL LA 929 -45.65 -67.17 -15.14
N ASN LA 930 -45.71 -66.74 -16.40
CA ASN LA 930 -45.96 -65.34 -16.70
C ASN LA 930 -47.03 -65.25 -17.79
N ALA LA 931 -47.68 -64.09 -17.85
CA ALA LA 931 -48.75 -63.87 -18.80
C ALA LA 931 -48.31 -64.06 -20.25
N LEU LA 932 -47.03 -63.88 -20.55
CA LEU LA 932 -46.57 -64.07 -21.93
C LEU LA 932 -46.58 -65.55 -22.31
N PHE LA 933 -46.01 -66.40 -21.46
CA PHE LA 933 -45.84 -67.82 -21.77
C PHE LA 933 -47.02 -68.63 -21.24
N ALA LA 934 -48.22 -68.26 -21.68
CA ALA LA 934 -49.42 -68.95 -21.22
C ALA LA 934 -50.43 -68.93 -22.38
N CYS LA 935 -50.42 -70.02 -23.16
CA CYS LA 935 -51.42 -70.24 -24.18
C CYS LA 935 -52.66 -70.87 -23.53
N ALA LA 936 -53.58 -71.35 -24.34
CA ALA LA 936 -54.76 -72.05 -23.84
C ALA LA 936 -54.86 -73.49 -24.33
N ASP LA 937 -54.24 -73.83 -25.45
CA ASP LA 937 -54.32 -75.19 -25.95
C ASP LA 937 -53.48 -76.15 -25.11
N HIS LA 938 -52.52 -75.62 -24.35
CA HIS LA 938 -51.68 -76.47 -23.51
C HIS LA 938 -52.42 -76.98 -22.28
N LEU LA 939 -53.44 -76.25 -21.82
CA LEU LA 939 -54.24 -76.74 -20.69
C LEU LA 939 -54.92 -78.06 -21.03
N GLY LA 940 -55.28 -78.27 -22.29
CA GLY LA 940 -55.81 -79.55 -22.70
C GLY LA 940 -54.86 -80.70 -22.50
N ALA LA 941 -53.55 -80.42 -22.50
CA ALA LA 941 -52.58 -81.47 -22.24
C ALA LA 941 -52.68 -81.99 -20.81
N MET LA 942 -53.17 -81.18 -19.89
CA MET LA 942 -53.30 -81.60 -18.51
C MET LA 942 -54.40 -82.64 -18.37
N ARG LA 943 -54.08 -83.76 -17.72
CA ARG LA 943 -55.06 -84.80 -17.48
C ARG LA 943 -56.17 -84.29 -16.58
N ASP LA 944 -57.38 -84.77 -16.81
CA ASP LA 944 -58.57 -84.37 -16.05
C ASP LA 944 -58.77 -82.85 -16.11
N VAL LA 945 -59.06 -82.39 -17.32
CA VAL LA 945 -59.40 -80.99 -17.55
C VAL LA 945 -60.91 -80.83 -17.42
N GLY LA 946 -61.34 -79.68 -16.92
CA GLY LA 946 -62.76 -79.48 -16.69
C GLY LA 946 -63.52 -79.21 -17.97
N ALA LA 947 -64.84 -79.36 -17.89
CA ALA LA 947 -65.72 -79.06 -19.02
C ALA LA 947 -65.94 -77.58 -19.22
N GLU LA 948 -65.73 -76.76 -18.19
CA GLU LA 948 -65.98 -75.33 -18.27
C GLU LA 948 -64.73 -74.47 -18.20
N VAL LA 949 -63.66 -74.96 -17.58
CA VAL LA 949 -62.44 -74.15 -17.44
C VAL LA 949 -61.83 -73.87 -18.81
N ARG LA 950 -61.84 -74.87 -19.69
CA ARG LA 950 -61.25 -74.68 -21.01
C ARG LA 950 -62.06 -73.71 -21.85
N ALA LA 951 -63.37 -73.67 -21.64
CA ALA LA 951 -64.21 -72.69 -22.35
C ALA LA 951 -63.88 -71.27 -21.89
N ALA LA 952 -63.60 -71.10 -20.60
CA ALA LA 952 -63.24 -69.80 -20.03
C ALA LA 952 -61.74 -69.65 -19.85
N ALA LA 953 -60.94 -70.24 -20.74
CA ALA LA 953 -59.50 -70.16 -20.67
C ALA LA 953 -58.85 -69.36 -21.79
N GLN LA 954 -59.62 -68.96 -22.81
CA GLN LA 954 -59.04 -68.24 -23.93
C GLN LA 954 -58.90 -66.75 -23.64
N HIS LA 955 -59.90 -66.15 -23.01
CA HIS LA 955 -59.92 -64.71 -22.80
C HIS LA 955 -59.22 -64.29 -21.51
N VAL LA 956 -58.71 -65.22 -20.71
CA VAL LA 956 -57.97 -64.89 -19.51
C VAL LA 956 -56.68 -65.71 -19.48
N PRO LA 957 -55.55 -65.11 -19.13
CA PRO LA 957 -54.33 -65.91 -18.93
C PRO LA 957 -54.46 -66.77 -17.69
N CYS LA 958 -54.05 -68.03 -17.82
CA CYS LA 958 -54.28 -69.05 -16.79
C CYS LA 958 -53.14 -69.18 -15.80
N VAL LA 959 -52.41 -68.10 -15.54
CA VAL LA 959 -51.32 -68.17 -14.55
C VAL LA 959 -51.92 -68.51 -13.18
N PRO LA 960 -51.37 -69.49 -12.46
CA PRO LA 960 -51.92 -69.86 -11.16
C PRO LA 960 -51.66 -68.77 -10.12
N HIS LA 961 -52.39 -68.87 -9.01
CA HIS LA 961 -52.31 -67.88 -7.94
C HIS LA 961 -51.30 -68.26 -6.86
N PHE LA 962 -50.43 -69.23 -7.14
CA PHE LA 962 -49.24 -69.44 -6.32
C PHE LA 962 -47.96 -69.16 -7.12
N LEU LA 963 -48.10 -68.45 -8.24
CA LEU LA 963 -46.94 -68.01 -9.03
C LEU LA 963 -47.02 -66.53 -9.36
N GLY LA 964 -47.64 -65.73 -8.51
CA GLY LA 964 -47.77 -64.31 -8.76
C GLY LA 964 -48.91 -63.98 -9.69
N ALA LA 965 -49.68 -62.96 -9.36
CA ALA LA 965 -50.83 -62.54 -10.16
C ALA LA 965 -50.40 -61.41 -11.08
N ASN LA 966 -51.39 -60.87 -11.81
CA ASN LA 966 -51.13 -59.88 -12.85
C ASN LA 966 -50.84 -58.50 -12.28
N TYR LA 967 -51.17 -58.25 -11.01
CA TYR LA 967 -50.96 -56.95 -10.42
C TYR LA 967 -49.70 -56.86 -9.56
N TYR LA 968 -49.23 -57.96 -8.97
CA TYR LA 968 -48.03 -57.95 -8.16
C TYR LA 968 -46.78 -58.35 -8.93
N ALA LA 969 -46.89 -58.55 -10.24
CA ALA LA 969 -45.76 -58.95 -11.05
C ALA LA 969 -45.14 -57.76 -11.76
N THR LA 970 -43.88 -57.91 -12.14
CA THR LA 970 -43.14 -56.86 -12.83
C THR LA 970 -43.44 -56.80 -14.32
N VAL LA 971 -44.22 -57.74 -14.84
CA VAL LA 971 -44.55 -57.80 -16.25
C VAL LA 971 -46.06 -57.98 -16.33
N ARG LA 972 -46.79 -56.88 -16.45
CA ARG LA 972 -48.24 -56.91 -16.41
C ARG LA 972 -48.79 -57.42 -17.75
N GLN LA 973 -50.11 -57.40 -17.88
CA GLN LA 973 -50.73 -57.93 -19.10
C GLN LA 973 -50.47 -57.08 -20.33
N PRO LA 974 -50.62 -55.75 -20.31
CA PRO LA 974 -50.56 -54.98 -21.58
C PRO LA 974 -49.35 -55.29 -22.45
N VAL LA 975 -48.19 -55.58 -21.87
CA VAL LA 975 -47.04 -55.92 -22.69
C VAL LA 975 -47.25 -57.28 -23.38
N ALA LA 976 -47.91 -58.21 -22.69
CA ALA LA 976 -48.21 -59.49 -23.33
C ALA LA 976 -49.26 -59.34 -24.42
N GLN LA 977 -50.28 -58.51 -24.18
CA GLN LA 977 -51.27 -58.22 -25.21
C GLN LA 977 -50.64 -57.54 -26.43
N HIS LA 978 -49.66 -56.66 -26.20
CA HIS LA 978 -48.98 -55.97 -27.29
C HIS LA 978 -48.37 -56.96 -28.29
N ALA LA 979 -47.52 -57.86 -27.80
CA ALA LA 979 -46.85 -58.83 -28.66
C ALA LA 979 -47.80 -59.81 -29.33
N ALA LA 980 -49.07 -59.83 -28.93
CA ALA LA 980 -50.01 -60.80 -29.45
C ALA LA 980 -51.00 -60.27 -30.47
N GLN LA 981 -51.21 -58.95 -30.54
CA GLN LA 981 -52.20 -58.39 -31.45
C GLN LA 981 -51.61 -57.34 -32.39
N SER LA 982 -50.29 -57.25 -32.49
CA SER LA 982 -49.64 -56.37 -33.43
C SER LA 982 -49.04 -57.18 -34.57
N ARG LA 983 -48.62 -56.49 -35.63
CA ARG LA 983 -48.04 -57.13 -36.82
C ARG LA 983 -46.93 -56.20 -37.32
N ALA LA 984 -45.68 -56.49 -36.94
CA ALA LA 984 -44.61 -55.53 -37.15
C ALA LA 984 -43.33 -56.16 -37.71
N ASP LA 985 -43.46 -57.13 -38.61
CA ASP LA 985 -42.33 -57.70 -39.36
C ASP LA 985 -41.33 -58.40 -38.44
N GLU LA 986 -41.74 -58.76 -37.21
CA GLU LA 986 -41.05 -59.70 -36.34
C GLU LA 986 -39.59 -59.33 -36.11
N ASN LA 987 -39.18 -58.16 -36.60
CA ASN LA 987 -37.87 -57.60 -36.37
C ASN LA 987 -37.93 -56.24 -35.67
N THR LA 988 -38.76 -55.33 -36.14
CA THR LA 988 -39.02 -54.10 -35.42
C THR LA 988 -39.77 -54.37 -34.11
N LEU LA 989 -40.55 -55.45 -34.07
CA LEU LA 989 -41.25 -55.82 -32.85
C LEU LA 989 -40.26 -56.16 -31.73
N SER LA 990 -39.12 -56.75 -32.07
CA SER LA 990 -38.11 -57.04 -31.06
C SER LA 990 -37.61 -55.76 -30.40
N TYR LA 991 -37.20 -54.78 -31.20
CA TYR LA 991 -36.73 -53.52 -30.65
C TYR LA 991 -37.85 -52.78 -29.93
N ALA LA 992 -39.09 -52.88 -30.41
CA ALA LA 992 -40.20 -52.25 -29.71
C ALA LA 992 -40.41 -52.84 -28.33
N LEU LA 993 -40.41 -54.17 -28.24
CA LEU LA 993 -40.55 -54.83 -26.96
C LEU LA 993 -39.38 -54.50 -26.04
N MET LA 994 -38.17 -54.39 -26.59
CA MET LA 994 -37.03 -54.01 -25.76
C MET LA 994 -37.17 -52.59 -25.22
N ALA LA 995 -37.54 -51.65 -26.09
CA ALA LA 995 -37.71 -50.27 -25.66
C ALA LA 995 -38.88 -50.10 -24.71
N GLY LA 996 -39.83 -51.02 -24.75
CA GLY LA 996 -40.91 -51.01 -23.78
C GLY LA 996 -40.52 -51.64 -22.47
N TYR LA 997 -39.25 -51.50 -22.09
CA TYR LA 997 -38.75 -52.08 -20.85
C TYR LA 997 -37.90 -51.09 -20.07
N PHE LA 998 -38.15 -49.79 -20.26
CA PHE LA 998 -37.42 -48.74 -19.56
C PHE LA 998 -38.23 -48.29 -18.35
N LYS LA 999 -37.59 -48.31 -17.18
CA LYS LA 999 -38.27 -47.98 -15.94
C LYS LA 999 -38.86 -46.57 -15.99
N MET LA 1000 -39.83 -46.32 -15.12
CA MET LA 1000 -40.45 -45.00 -14.97
C MET LA 1000 -40.13 -44.51 -13.55
N SER LA 1001 -38.96 -43.91 -13.40
CA SER LA 1001 -38.50 -43.40 -12.12
C SER LA 1001 -37.77 -42.10 -12.41
N PRO LA 1002 -37.83 -41.13 -11.49
CA PRO LA 1002 -37.00 -39.92 -11.65
C PRO LA 1002 -35.54 -40.23 -11.97
N VAL LA 1003 -34.94 -41.13 -11.18
CA VAL LA 1003 -33.54 -41.49 -11.38
C VAL LA 1003 -33.28 -42.17 -12.72
N ALA LA 1004 -34.31 -42.69 -13.37
CA ALA LA 1004 -34.20 -43.20 -14.73
C ALA LA 1004 -34.67 -42.20 -15.79
N PHE LA 1005 -35.56 -41.28 -15.42
CA PHE LA 1005 -35.96 -40.24 -16.35
C PHE LA 1005 -34.80 -39.31 -16.64
N THR LA 1006 -33.99 -38.98 -15.62
CA THR LA 1006 -32.80 -38.17 -15.84
C THR LA 1006 -31.84 -38.77 -16.85
N HIS LA 1007 -32.00 -40.05 -17.19
CA HIS LA 1007 -31.24 -40.69 -18.26
C HIS LA 1007 -32.03 -40.75 -19.57
N GLN LA 1008 -33.25 -41.28 -19.49
CA GLN LA 1008 -34.06 -41.48 -20.70
C GLN LA 1008 -34.32 -40.17 -21.42
N LEU LA 1009 -34.80 -39.15 -20.70
CA LEU LA 1009 -35.12 -37.88 -21.34
C LEU LA 1009 -33.87 -37.25 -21.92
N ARG LA 1010 -32.72 -37.44 -21.27
CA ARG LA 1010 -31.50 -36.78 -21.68
C ARG LA 1010 -30.84 -37.43 -22.89
N ARG LA 1011 -31.00 -38.75 -23.06
CA ARG LA 1011 -30.44 -39.44 -24.22
C ARG LA 1011 -31.38 -39.37 -25.43
N GLN LA 1012 -32.38 -38.49 -25.38
CA GLN LA 1012 -33.34 -38.31 -26.46
C GLN LA 1012 -34.14 -39.58 -26.73
N LEU LA 1013 -34.74 -40.12 -25.68
CA LEU LA 1013 -35.72 -41.19 -25.79
C LEU LA 1013 -37.10 -40.60 -25.51
N HIS LA 1014 -38.11 -41.12 -26.21
CA HIS LA 1014 -39.48 -40.66 -26.07
C HIS LA 1014 -40.24 -41.60 -25.14
N PRO LA 1015 -40.45 -41.24 -23.87
CA PRO LA 1015 -41.23 -42.11 -22.98
C PRO LA 1015 -42.72 -42.11 -23.32
N GLY LA 1016 -43.52 -42.80 -22.53
CA GLY LA 1016 -44.92 -42.99 -22.87
C GLY LA 1016 -45.84 -41.89 -22.39
N PHE LA 1017 -45.39 -40.64 -22.45
CA PHE LA 1017 -46.21 -39.49 -22.12
C PHE LA 1017 -46.29 -38.53 -23.30
N ALA LA 1018 -47.02 -37.45 -23.10
CA ALA LA 1018 -47.05 -36.33 -24.04
C ALA LA 1018 -47.40 -35.10 -23.22
N LEU LA 1019 -46.39 -34.34 -22.82
CA LEU LA 1019 -46.58 -33.23 -21.91
C LEU LA 1019 -47.36 -32.10 -22.57
N THR LA 1020 -47.87 -31.19 -21.75
CA THR LA 1020 -48.70 -30.09 -22.19
C THR LA 1020 -48.16 -28.80 -21.58
N VAL LA 1021 -47.54 -27.96 -22.40
CA VAL LA 1021 -46.90 -26.75 -21.91
C VAL LA 1021 -47.94 -25.67 -21.71
N VAL LA 1022 -47.79 -24.91 -20.62
CA VAL LA 1022 -48.65 -23.76 -20.34
C VAL LA 1022 -47.75 -22.61 -19.88
N ARG LA 1023 -48.10 -21.40 -20.30
CA ARG LA 1023 -47.42 -20.20 -19.85
C ARG LA 1023 -48.39 -19.03 -19.97
N GLN LA 1024 -48.04 -17.93 -19.32
CA GLN LA 1024 -48.93 -16.78 -19.21
C GLN LA 1024 -48.17 -15.51 -19.54
N ASP LA 1025 -48.73 -14.68 -20.41
CA ASP LA 1025 -48.08 -13.47 -20.89
C ASP LA 1025 -48.93 -12.25 -20.54
N ARG LA 1026 -48.30 -11.09 -20.64
CA ARG LA 1026 -48.94 -9.80 -20.39
C ARG LA 1026 -48.50 -8.82 -21.46
N PHE LA 1027 -49.47 -8.10 -22.02
CA PHE LA 1027 -49.21 -7.15 -23.11
C PHE LA 1027 -49.69 -5.77 -22.69
N ALA LA 1028 -48.81 -4.78 -22.80
CA ALA LA 1028 -49.18 -3.40 -22.51
C ALA LA 1028 -50.05 -2.88 -23.64
N THR LA 1029 -51.24 -2.37 -23.30
CA THR LA 1029 -52.17 -1.87 -24.28
C THR LA 1029 -52.61 -0.46 -23.89
N GLU LA 1030 -53.07 0.28 -24.90
CA GLU LA 1030 -53.68 1.58 -24.73
C GLU LA 1030 -55.19 1.41 -24.76
N ASN LA 1031 -55.88 2.05 -23.83
CA ASN LA 1031 -57.32 1.93 -23.74
C ASN LA 1031 -57.99 3.22 -24.20
N VAL LA 1032 -59.32 3.14 -24.33
CA VAL LA 1032 -60.15 4.30 -24.65
C VAL LA 1032 -61.35 4.22 -23.71
N LEU LA 1033 -61.35 5.04 -22.66
CA LEU LA 1033 -62.38 5.00 -21.64
C LEU LA 1033 -63.48 6.01 -21.97
N PHE LA 1034 -64.68 5.71 -21.53
CA PHE LA 1034 -65.84 6.55 -21.75
C PHE LA 1034 -66.64 6.65 -20.46
N ALA LA 1035 -67.11 7.86 -20.17
CA ALA LA 1035 -67.90 8.12 -18.96
C ALA LA 1035 -69.21 8.77 -19.35
N GLU LA 1036 -70.00 9.12 -18.36
CA GLU LA 1036 -71.36 9.59 -18.58
C GLU LA 1036 -71.57 10.96 -17.94
N LYS LA 1037 -72.76 11.52 -18.18
CA LYS LA 1037 -73.08 12.89 -17.80
C LYS LA 1037 -72.81 13.14 -16.32
N ALA LA 1038 -73.09 12.16 -15.46
CA ALA LA 1038 -72.74 12.26 -14.05
C ALA LA 1038 -72.66 10.82 -13.52
N SER LA 1039 -71.43 10.31 -13.43
CA SER LA 1039 -71.24 8.90 -13.08
C SER LA 1039 -70.79 8.69 -11.65
N GLU LA 1040 -70.40 9.74 -10.94
CA GLU LA 1040 -69.94 9.59 -9.56
C GLU LA 1040 -70.42 10.75 -8.72
N SER LA 1041 -71.07 10.43 -7.61
CA SER LA 1041 -71.21 11.39 -6.53
C SER LA 1041 -69.88 11.46 -5.80
N TYR LA 1042 -69.41 12.69 -5.55
CA TYR LA 1042 -68.06 12.90 -5.03
C TYR LA 1042 -68.11 14.00 -3.99
N PHE LA 1043 -67.71 13.68 -2.78
CA PHE LA 1043 -67.77 14.61 -1.66
C PHE LA 1043 -66.37 14.95 -1.20
N MET LA 1044 -66.06 16.24 -1.20
CA MET LA 1044 -64.74 16.76 -0.83
C MET LA 1044 -64.82 17.36 0.57
N GLY LA 1045 -63.94 16.90 1.45
CA GLY LA 1045 -63.96 17.32 2.84
C GLY LA 1045 -63.14 18.56 3.11
N GLN LA 1046 -62.77 18.74 4.36
CA GLN LA 1046 -62.02 19.91 4.81
C GLN LA 1046 -60.56 19.53 5.02
N MET LA 1047 -59.66 20.36 4.51
CA MET LA 1047 -58.23 20.11 4.62
C MET LA 1047 -57.80 20.09 6.09
N GLN LA 1048 -56.89 19.19 6.41
CA GLN LA 1048 -56.36 19.06 7.76
C GLN LA 1048 -54.84 19.02 7.70
N VAL LA 1049 -54.19 19.81 8.55
CA VAL LA 1049 -52.74 19.95 8.58
C VAL LA 1049 -52.22 19.37 9.88
N ALA LA 1050 -51.17 18.56 9.78
CA ALA LA 1050 -50.58 17.90 10.94
C ALA LA 1050 -49.07 18.15 10.94
N ARG LA 1051 -48.56 18.63 12.07
CA ARG LA 1051 -47.17 19.00 12.20
C ARG LA 1051 -46.39 17.90 12.90
N THR LA 1052 -45.06 18.01 12.87
CA THR LA 1052 -44.17 17.21 13.69
C THR LA 1052 -42.80 17.89 13.72
N GLU LA 1053 -42.32 18.19 14.91
CA GLU LA 1053 -41.03 18.88 15.07
C GLU LA 1053 -39.93 17.83 15.13
N SER LA 1054 -39.31 17.57 13.98
CA SER LA 1054 -38.26 16.58 13.86
C SER LA 1054 -36.99 17.26 13.36
N GLY LA 1055 -35.95 17.26 14.19
CA GLY LA 1055 -34.69 17.89 13.84
C GLY LA 1055 -34.68 19.39 13.93
N GLY LA 1056 -35.77 20.01 14.41
CA GLY LA 1056 -35.87 21.44 14.52
C GLY LA 1056 -36.65 22.11 13.41
N GLY LA 1057 -36.84 21.44 12.28
CA GLY LA 1057 -37.59 22.00 11.16
C GLY LA 1057 -38.94 21.33 11.06
N LEU LA 1058 -39.99 22.15 10.91
CA LEU LA 1058 -41.33 21.63 10.82
C LEU LA 1058 -41.48 20.63 9.68
N HIS LA 1059 -42.39 19.69 9.85
CA HIS LA 1059 -42.70 18.69 8.82
C HIS LA 1059 -44.21 18.70 8.64
N LEU LA 1060 -44.69 19.59 7.76
CA LEU LA 1060 -46.11 19.71 7.50
C LEU LA 1060 -46.57 18.60 6.57
N GLN LA 1061 -47.66 17.93 6.95
CA GLN LA 1061 -48.24 16.85 6.16
C GLN LA 1061 -49.71 17.16 5.97
N LEU LA 1062 -50.06 17.68 4.79
CA LEU LA 1062 -51.46 18.00 4.50
C LEU LA 1062 -52.24 16.71 4.26
N THR LA 1063 -53.56 16.81 4.40
CA THR LA 1063 -54.44 15.67 4.20
C THR LA 1063 -55.85 16.19 3.92
N GLN LA 1064 -56.55 15.52 3.01
CA GLN LA 1064 -57.89 15.94 2.61
C GLN LA 1064 -58.80 14.73 2.50
N PRO LA 1065 -59.73 14.54 3.43
CA PRO LA 1065 -60.65 13.40 3.34
C PRO LA 1065 -61.69 13.63 2.26
N ARG LA 1066 -62.01 12.55 1.54
CA ARG LA 1066 -63.04 12.61 0.51
C ARG LA 1066 -63.62 11.23 0.31
N ALA LA 1067 -64.90 11.20 -0.05
CA ALA LA 1067 -65.65 9.97 -0.23
C ALA LA 1067 -66.37 10.02 -1.57
N ASN LA 1068 -66.77 8.84 -2.06
CA ASN LA 1068 -67.41 8.77 -3.37
C ASN LA 1068 -68.41 7.63 -3.37
N VAL LA 1069 -69.26 7.62 -4.39
CA VAL LA 1069 -70.22 6.53 -4.60
C VAL LA 1069 -70.72 6.64 -6.03
N ASP LA 1070 -70.87 5.49 -6.69
CA ASP LA 1070 -71.54 5.45 -7.98
C ASP LA 1070 -73.01 5.81 -7.78
N LEU LA 1071 -73.56 6.58 -8.73
CA LEU LA 1071 -74.94 7.01 -8.62
C LEU LA 1071 -75.75 6.66 -9.86
N GLY LA 1072 -75.35 5.61 -10.57
CA GLY LA 1072 -76.11 5.15 -11.72
C GLY LA 1072 -76.45 3.67 -11.65
N VAL LA 1073 -77.73 3.34 -11.74
CA VAL LA 1073 -78.15 1.95 -11.87
C VAL LA 1073 -77.73 1.43 -13.23
N GLY LA 1074 -77.07 0.28 -13.23
CA GLY LA 1074 -76.46 -0.21 -14.45
C GLY LA 1074 -75.07 0.36 -14.67
N PHE LA 1075 -74.45 -0.09 -15.74
CA PHE LA 1075 -73.08 0.32 -16.04
C PHE LA 1075 -73.05 1.73 -16.59
N THR LA 1076 -72.06 2.51 -16.15
CA THR LA 1076 -71.95 3.91 -16.55
C THR LA 1076 -70.57 4.22 -17.13
N ALA LA 1077 -69.86 3.19 -17.58
CA ALA LA 1077 -68.52 3.37 -18.12
C ALA LA 1077 -68.07 2.08 -18.78
N ALA LA 1078 -67.20 2.21 -19.78
CA ALA LA 1078 -66.66 1.05 -20.49
C ALA LA 1078 -65.46 1.48 -21.30
N TYR LA 1079 -64.40 0.68 -21.28
CA TYR LA 1079 -63.21 0.93 -22.08
C TYR LA 1079 -63.13 -0.09 -23.21
N ALA LA 1080 -62.18 0.12 -24.12
CA ALA LA 1080 -62.13 -0.64 -25.37
C ALA LA 1080 -60.83 -1.37 -25.62
N ALA LA 1081 -59.70 -0.92 -25.07
CA ALA LA 1081 -58.39 -1.55 -25.29
C ALA LA 1081 -58.05 -1.59 -26.78
N ALA LA 1082 -57.88 -0.39 -27.34
CA ALA LA 1082 -57.86 -0.24 -28.79
C ALA LA 1082 -56.54 -0.69 -29.40
N ALA LA 1083 -55.45 -0.02 -29.04
CA ALA LA 1083 -54.17 -0.24 -29.70
C ALA LA 1083 -53.35 -1.27 -28.92
N LEU LA 1084 -52.06 -1.41 -29.27
CA LEU LA 1084 -51.22 -2.43 -28.66
C LEU LA 1084 -49.78 -1.95 -28.64
N ARG LA 1085 -49.15 -2.00 -27.45
CA ARG LA 1085 -47.72 -1.78 -27.31
C ARG LA 1085 -46.98 -3.11 -27.39
N ALA LA 1086 -45.65 -3.03 -27.44
CA ALA LA 1086 -44.84 -4.23 -27.43
C ALA LA 1086 -45.08 -5.03 -26.16
N PRO LA 1087 -45.08 -6.36 -26.25
CA PRO LA 1087 -45.34 -7.19 -25.06
C PRO LA 1087 -44.38 -6.87 -23.94
N VAL LA 1088 -44.95 -6.47 -22.79
CA VAL LA 1088 -44.11 -6.15 -21.64
C VAL LA 1088 -43.38 -7.38 -21.13
N THR LA 1089 -43.91 -8.58 -21.35
CA THR LA 1089 -43.25 -9.81 -20.97
C THR LA 1089 -42.57 -10.43 -22.18
N ASP LA 1090 -41.56 -11.24 -21.91
CA ASP LA 1090 -41.03 -12.12 -22.93
C ASP LA 1090 -42.04 -13.24 -23.20
N MET LA 1091 -41.91 -13.86 -24.37
CA MET LA 1091 -42.76 -14.98 -24.75
C MET LA 1091 -41.95 -16.26 -24.96
N GLY LA 1092 -40.70 -16.27 -24.53
CA GLY LA 1092 -39.83 -17.42 -24.71
C GLY LA 1092 -40.14 -18.54 -23.74
N ASN LA 1093 -39.10 -19.30 -23.39
CA ASN LA 1093 -39.26 -20.46 -22.53
C ASN LA 1093 -38.46 -20.29 -21.25
N LEU LA 1094 -39.00 -20.82 -20.16
CA LEU LA 1094 -38.29 -20.94 -18.90
C LEU LA 1094 -38.95 -22.07 -18.11
N PRO LA 1095 -38.40 -23.27 -18.17
CA PRO LA 1095 -39.00 -24.40 -17.45
C PRO LA 1095 -38.95 -24.20 -15.95
N GLN LA 1096 -40.07 -24.51 -15.29
CA GLN LA 1096 -40.10 -24.44 -13.84
C GLN LA 1096 -39.25 -25.55 -13.23
N ASN LA 1097 -38.87 -25.36 -11.98
CA ASN LA 1097 -38.08 -26.33 -11.23
C ASN LA 1097 -38.77 -26.50 -9.88
N LEU LA 1098 -39.27 -27.71 -9.61
CA LEU LA 1098 -40.06 -27.94 -8.40
C LEU LA 1098 -39.21 -28.05 -7.14
N PHE LA 1099 -37.88 -28.12 -7.25
CA PHE LA 1099 -37.03 -28.24 -6.08
C PHE LA 1099 -36.95 -26.95 -5.26
N ALA LA 1100 -37.71 -25.92 -5.65
CA ALA LA 1100 -37.83 -24.70 -4.86
C ALA LA 1100 -39.10 -24.70 -4.02
N THR LA 1101 -39.67 -25.86 -3.75
CA THR LA 1101 -40.94 -25.98 -3.04
C THR LA 1101 -40.76 -26.82 -1.79
N ARG LA 1102 -41.89 -27.06 -1.11
CA ARG LA 1102 -41.94 -27.87 0.10
C ARG LA 1102 -43.17 -28.77 0.03
N GLY LA 1103 -43.33 -29.60 1.07
CA GLY LA 1103 -44.49 -30.44 1.18
C GLY LA 1103 -44.35 -31.84 0.62
N ALA LA 1104 -43.19 -32.18 0.06
CA ALA LA 1104 -42.98 -33.50 -0.52
C ALA LA 1104 -42.07 -34.32 0.39
N PRO LA 1105 -42.43 -35.55 0.71
CA PRO LA 1105 -41.54 -36.40 1.51
C PRO LA 1105 -40.33 -36.80 0.70
N PRO LA 1106 -39.12 -36.49 1.18
CA PRO LA 1106 -37.92 -36.88 0.46
C PRO LA 1106 -37.74 -38.39 0.45
N MET LA 1107 -37.10 -38.88 -0.60
CA MET LA 1107 -36.86 -40.31 -0.73
C MET LA 1107 -35.90 -40.78 0.36
N LEU LA 1108 -35.91 -42.10 0.59
CA LEU LA 1108 -35.19 -42.66 1.73
C LEU LA 1108 -33.68 -42.47 1.61
N ASP LA 1109 -33.10 -42.98 0.54
CA ASP LA 1109 -31.65 -42.87 0.36
C ASP LA 1109 -31.29 -41.40 0.15
N ALA LA 1110 -30.57 -40.82 1.11
CA ALA LA 1110 -30.18 -39.42 1.01
C ALA LA 1110 -29.24 -39.18 -0.17
N ASP LA 1111 -28.40 -40.17 -0.50
CA ASP LA 1111 -27.51 -40.03 -1.65
C ASP LA 1111 -28.30 -39.89 -2.93
N ALA LA 1112 -29.42 -40.61 -3.06
CA ALA LA 1112 -30.26 -40.49 -4.25
C ALA LA 1112 -30.83 -39.08 -4.38
N ASP LA 1113 -31.30 -38.51 -3.27
CA ASP LA 1113 -31.87 -37.17 -3.32
C ASP LA 1113 -30.80 -36.13 -3.64
N ASP LA 1114 -29.62 -36.26 -3.04
CA ASP LA 1114 -28.54 -35.32 -3.34
C ASP LA 1114 -28.09 -35.44 -4.79
N TYR LA 1115 -28.10 -36.65 -5.33
CA TYR LA 1115 -27.73 -36.84 -6.73
C TYR LA 1115 -28.78 -36.22 -7.65
N LEU LA 1116 -30.06 -36.40 -7.34
CA LEU LA 1116 -31.12 -35.78 -8.13
C LEU LA 1116 -31.00 -34.27 -8.10
N ARG LA 1117 -30.74 -33.69 -6.92
CA ARG LA 1117 -30.62 -32.23 -6.83
C ARG LA 1117 -29.37 -31.73 -7.54
N ARG LA 1118 -28.26 -32.48 -7.47
CA ARG LA 1118 -27.03 -32.05 -8.11
C ARG LA 1118 -27.06 -32.23 -9.61
N THR LA 1119 -27.90 -33.11 -10.13
CA THR LA 1119 -28.03 -33.29 -11.57
C THR LA 1119 -29.11 -32.39 -12.18
N VAL LA 1120 -30.18 -32.11 -11.43
CA VAL LA 1120 -31.20 -31.20 -11.95
C VAL LA 1120 -30.71 -29.75 -11.92
N ASN LA 1121 -29.88 -29.40 -10.93
CA ASN LA 1121 -29.32 -28.05 -10.83
C ASN LA 1121 -28.07 -27.88 -11.67
N ALA LA 1122 -27.88 -28.71 -12.69
CA ALA LA 1122 -26.70 -28.62 -13.56
C ALA LA 1122 -26.87 -27.43 -14.50
N GLY LA 1123 -26.59 -26.25 -13.96
CA GLY LA 1123 -26.72 -25.02 -14.73
C GLY LA 1123 -28.15 -24.61 -15.01
N ASN LA 1124 -29.13 -25.36 -14.52
CA ASN LA 1124 -30.51 -24.94 -14.65
C ASN LA 1124 -30.73 -23.66 -13.85
N ARG LA 1125 -31.58 -22.79 -14.37
CA ARG LA 1125 -31.73 -21.47 -13.77
C ARG LA 1125 -32.58 -21.53 -12.51
N LEU LA 1126 -32.35 -20.56 -11.64
CA LEU LA 1126 -33.30 -20.05 -10.65
C LEU LA 1126 -33.66 -21.02 -9.53
N ALA LA 1127 -33.22 -22.26 -9.56
CA ALA LA 1127 -33.80 -23.14 -8.55
C ALA LA 1127 -33.22 -22.89 -7.16
N PRO LA 1128 -31.92 -23.19 -6.89
CA PRO LA 1128 -31.42 -22.96 -5.53
C PRO LA 1128 -30.63 -21.67 -5.37
N VAL LA 1129 -30.55 -21.20 -4.13
CA VAL LA 1129 -29.48 -20.32 -3.64
C VAL LA 1129 -29.29 -20.69 -2.18
N PRO LA 1130 -28.16 -21.28 -1.79
CA PRO LA 1130 -28.05 -21.86 -0.45
C PRO LA 1130 -28.02 -20.83 0.66
N VAL LA 1131 -29.11 -20.07 0.81
CA VAL LA 1131 -29.30 -19.17 1.93
C VAL LA 1131 -30.63 -19.49 2.58
N PHE LA 1132 -30.63 -19.61 3.90
CA PHE LA 1132 -31.77 -20.13 4.63
C PHE LA 1132 -32.96 -19.18 4.57
N GLY LA 1133 -34.17 -19.77 4.59
CA GLY LA 1133 -35.46 -19.12 4.78
C GLY LA 1133 -35.96 -18.35 3.56
N GLN LA 1134 -35.19 -18.26 2.47
CA GLN LA 1134 -35.66 -17.55 1.29
C GLN LA 1134 -35.92 -18.49 0.11
N MET LA 1135 -34.92 -19.27 -0.29
CA MET LA 1135 -35.00 -20.12 -1.50
C MET LA 1135 -35.43 -19.29 -2.71
N LEU LA 1136 -34.74 -18.18 -2.91
CA LEU LA 1136 -34.97 -17.34 -4.08
C LEU LA 1136 -33.78 -17.44 -5.03
N PRO LA 1137 -34.01 -17.31 -6.33
CA PRO LA 1137 -32.91 -17.41 -7.29
C PRO LA 1137 -31.88 -16.32 -7.10
N GLN LA 1138 -30.74 -16.49 -7.77
CA GLN LA 1138 -29.75 -15.43 -7.82
C GLN LA 1138 -30.17 -14.38 -8.84
N VAL LA 1139 -29.86 -13.13 -8.52
CA VAL LA 1139 -30.26 -12.03 -9.41
C VAL LA 1139 -29.58 -12.19 -10.76
N PRO LA 1140 -30.34 -12.36 -11.84
CA PRO LA 1140 -29.71 -12.59 -13.14
C PRO LA 1140 -28.99 -11.37 -13.64
N ALA LA 1141 -27.87 -11.60 -14.31
CA ALA LA 1141 -27.04 -10.56 -14.89
C ALA LA 1141 -27.56 -10.32 -16.31
N GLY LA 1142 -28.22 -9.18 -16.51
CA GLY LA 1142 -28.58 -8.75 -17.85
C GLY LA 1142 -29.87 -9.31 -18.38
N LEU LA 1143 -30.79 -8.43 -18.78
CA LEU LA 1143 -32.05 -8.82 -19.40
C LEU LA 1143 -32.04 -8.44 -20.87
N ALA LA 1144 -32.45 -9.37 -21.72
CA ALA LA 1144 -32.55 -9.08 -23.15
C ALA LA 1144 -33.90 -8.45 -23.47
N ARG LA 1145 -34.98 -9.01 -22.94
CA ARG LA 1145 -36.32 -8.55 -23.22
C ARG LA 1145 -37.07 -8.52 -21.88
N GLY LA 1146 -38.39 -8.39 -21.94
CA GLY LA 1146 -39.20 -8.37 -20.73
C GLY LA 1146 -39.02 -9.56 -19.84
N GLN LA 1147 -39.59 -9.53 -18.63
CA GLN LA 1147 -39.41 -10.62 -17.69
C GLN LA 1147 -39.78 -11.95 -18.32
N GLN LA 1148 -38.85 -12.89 -18.28
CA GLN LA 1148 -39.07 -14.19 -18.89
C GLN LA 1148 -40.21 -14.91 -18.15
N SER LA 1149 -41.05 -15.58 -18.92
CA SER LA 1149 -42.23 -16.23 -18.38
C SER LA 1149 -41.82 -17.49 -17.62
N VAL LA 1150 -42.80 -18.26 -17.17
CA VAL LA 1150 -42.59 -19.54 -16.51
C VAL LA 1150 -43.48 -20.57 -17.19
N CYS LA 1151 -42.91 -21.66 -17.65
CA CYS LA 1151 -43.64 -22.68 -18.37
C CYS LA 1151 -44.07 -23.79 -17.41
N GLU LA 1152 -44.87 -24.71 -17.93
CA GLU LA 1152 -45.37 -25.82 -17.14
C GLU LA 1152 -45.28 -27.11 -17.94
N PHE LA 1153 -45.65 -28.21 -17.28
CA PHE LA 1153 -45.61 -29.53 -17.90
C PHE LA 1153 -46.67 -30.39 -17.22
N ILE LA 1154 -47.73 -30.73 -17.96
CA ILE LA 1154 -48.82 -31.56 -17.46
C ILE LA 1154 -48.78 -32.88 -18.21
N ALA LA 1155 -48.77 -33.98 -17.47
CA ALA LA 1155 -48.75 -35.29 -18.11
C ALA LA 1155 -50.08 -35.55 -18.83
N THR LA 1156 -49.99 -36.26 -19.96
CA THR LA 1156 -51.14 -36.47 -20.82
C THR LA 1156 -50.87 -37.69 -21.68
N PRO LA 1157 -51.82 -38.62 -21.80
CA PRO LA 1157 -51.58 -39.81 -22.62
C PRO LA 1157 -51.27 -39.44 -24.07
N VAL LA 1158 -50.46 -40.30 -24.70
CA VAL LA 1158 -49.97 -40.01 -26.04
C VAL LA 1158 -51.11 -40.01 -27.05
N SER LA 1159 -52.08 -40.90 -26.88
CA SER LA 1159 -53.14 -41.10 -27.86
C SER LA 1159 -54.17 -39.98 -27.86
N VAL LA 1160 -53.97 -38.91 -27.08
CA VAL LA 1160 -54.95 -37.83 -27.03
C VAL LA 1160 -55.06 -37.20 -28.41
N ASP LA 1161 -56.28 -36.80 -28.78
CA ASP LA 1161 -56.52 -36.26 -30.11
C ASP LA 1161 -55.82 -34.91 -30.25
N LEU LA 1162 -55.13 -34.72 -31.37
CA LEU LA 1162 -54.47 -33.45 -31.63
C LEU LA 1162 -55.49 -32.35 -31.93
N ALA LA 1163 -56.63 -32.70 -32.51
CA ALA LA 1163 -57.67 -31.74 -32.82
C ALA LA 1163 -58.20 -31.02 -31.59
N TYR LA 1164 -57.99 -31.58 -30.39
CA TYR LA 1164 -58.46 -30.92 -29.18
C TYR LA 1164 -57.70 -29.64 -28.89
N PHE LA 1165 -56.45 -29.54 -29.34
CA PHE LA 1165 -55.63 -28.35 -29.12
C PHE LA 1165 -55.70 -27.37 -30.28
N ARG LA 1166 -56.47 -27.66 -31.32
CA ARG LA 1166 -56.50 -26.79 -32.49
C ARG LA 1166 -57.28 -25.51 -32.23
N ARG LA 1167 -58.33 -25.59 -31.42
CA ARG LA 1167 -59.10 -24.42 -31.03
C ARG LA 1167 -58.85 -24.11 -29.56
N ALA LA 1168 -59.56 -23.11 -29.04
CA ALA LA 1168 -59.48 -22.80 -27.62
C ALA LA 1168 -59.93 -24.01 -26.80
N CYS LA 1169 -59.13 -24.36 -25.80
CA CYS LA 1169 -59.42 -25.55 -25.00
C CYS LA 1169 -59.07 -25.26 -23.54
N ASN LA 1170 -59.07 -26.32 -22.74
CA ASN LA 1170 -58.73 -26.24 -21.32
C ASN LA 1170 -57.61 -27.24 -21.09
N PRO LA 1171 -56.47 -26.84 -20.55
CA PRO LA 1171 -55.36 -27.80 -20.37
C PRO LA 1171 -55.70 -28.93 -19.43
N ARG LA 1172 -56.64 -28.71 -18.50
CA ARG LA 1172 -57.02 -29.75 -17.55
C ARG LA 1172 -57.67 -30.94 -18.25
N GLY LA 1173 -58.49 -30.67 -19.27
CA GLY LA 1173 -59.15 -31.73 -20.00
C GLY LA 1173 -60.66 -31.67 -19.87
N ARG LA 1174 -61.14 -31.43 -18.66
CA ARG LA 1174 -62.54 -31.12 -18.44
C ARG LA 1174 -62.71 -29.61 -18.54
N ALA LA 1175 -63.78 -29.17 -19.19
CA ALA LA 1175 -63.97 -27.77 -19.54
C ALA LA 1175 -64.73 -27.00 -18.46
N ALA LA 1176 -64.54 -27.37 -17.19
CA ALA LA 1176 -65.47 -26.96 -16.13
C ALA LA 1176 -65.65 -25.45 -16.02
N GLY LA 1177 -64.62 -24.72 -15.62
CA GLY LA 1177 -64.84 -23.34 -15.28
C GLY LA 1177 -65.99 -23.20 -14.29
N GLU LA 1178 -66.71 -22.08 -14.39
CA GLU LA 1178 -67.94 -21.92 -13.63
C GLU LA 1178 -69.09 -21.44 -14.52
N VAL LA 1179 -68.77 -20.58 -15.49
CA VAL LA 1179 -69.79 -19.78 -16.16
C VAL LA 1179 -70.83 -20.65 -16.87
N HIS LA 1180 -70.43 -21.82 -17.36
CA HIS LA 1180 -71.35 -22.73 -18.03
C HIS LA 1180 -71.36 -24.05 -17.25
N GLY LA 1181 -72.22 -24.13 -16.24
CA GLY LA 1181 -72.35 -25.34 -15.47
C GLY LA 1181 -72.58 -25.13 -13.99
N GLU LA 1182 -73.56 -25.84 -13.45
CA GLU LA 1182 -73.84 -25.80 -12.02
C GLU LA 1182 -72.72 -26.47 -11.25
N GLU LA 1183 -72.74 -26.27 -9.92
CA GLU LA 1183 -71.76 -26.91 -9.04
C GLU LA 1183 -71.83 -28.43 -9.21
N GLY LA 1184 -70.68 -29.08 -9.06
CA GLY LA 1184 -70.56 -30.52 -9.25
C GLY LA 1184 -70.18 -30.93 -10.64
N LEU LA 1185 -70.22 -30.01 -11.60
CA LEU LA 1185 -69.80 -30.26 -12.98
C LEU LA 1185 -68.30 -30.43 -13.10
N MET LA 1186 -67.54 -30.08 -12.07
CA MET LA 1186 -66.09 -30.02 -12.15
C MET LA 1186 -65.42 -31.37 -11.96
N PHE LA 1187 -65.71 -32.07 -10.87
CA PHE LA 1187 -64.96 -33.28 -10.51
C PHE LA 1187 -65.70 -34.58 -10.77
N ASP LA 1188 -67.03 -34.58 -10.75
CA ASP LA 1188 -67.78 -35.78 -11.03
C ASP LA 1188 -67.55 -36.25 -12.47
N HIS LA 1189 -67.62 -37.56 -12.66
CA HIS LA 1189 -67.48 -38.16 -13.98
C HIS LA 1189 -68.65 -39.07 -14.29
N SER LA 1190 -69.85 -38.59 -14.01
CA SER LA 1190 -71.08 -39.20 -14.50
C SER LA 1190 -71.74 -38.37 -15.59
N HIS LA 1191 -71.39 -37.09 -15.68
CA HIS LA 1191 -71.93 -36.17 -16.69
C HIS LA 1191 -70.82 -35.79 -17.65
N ALA LA 1192 -71.11 -35.90 -18.94
CA ALA LA 1192 -70.11 -35.67 -19.96
C ALA LA 1192 -69.58 -34.24 -19.93
N ASP LA 1193 -68.34 -34.09 -20.35
CA ASP LA 1193 -67.74 -32.77 -20.52
C ASP LA 1193 -68.58 -31.96 -21.50
N PRO LA 1194 -69.10 -30.79 -21.10
CA PRO LA 1194 -70.00 -30.04 -22.00
C PRO LA 1194 -69.34 -29.65 -23.32
N ALA LA 1195 -68.07 -29.28 -23.32
CA ALA LA 1195 -67.43 -28.82 -24.55
C ALA LA 1195 -67.36 -29.92 -25.61
N HIS LA 1196 -67.24 -31.17 -25.19
CA HIS LA 1196 -67.18 -32.32 -26.10
C HIS LA 1196 -68.00 -33.44 -25.49
N PRO LA 1197 -69.33 -33.30 -25.50
CA PRO LA 1197 -70.18 -34.25 -24.74
C PRO LA 1197 -70.07 -35.70 -25.20
N HIS LA 1198 -69.50 -35.96 -26.38
CA HIS LA 1198 -69.28 -37.35 -26.78
C HIS LA 1198 -68.41 -38.07 -25.76
N ARG LA 1199 -67.24 -37.52 -25.46
CA ARG LA 1199 -66.34 -38.10 -24.47
C ARG LA 1199 -66.80 -37.70 -23.07
N ALA LA 1200 -65.97 -38.02 -22.08
CA ALA LA 1200 -66.14 -37.53 -20.72
C ALA LA 1200 -65.03 -36.61 -20.28
N THR LA 1201 -63.79 -36.87 -20.71
CA THR LA 1201 -62.64 -36.00 -20.44
C THR LA 1201 -61.82 -35.95 -21.72
N ALA LA 1202 -60.59 -35.45 -21.58
CA ALA LA 1202 -59.59 -35.60 -22.61
C ALA LA 1202 -58.22 -35.94 -22.04
N ASN LA 1203 -58.09 -36.09 -20.73
CA ASN LA 1203 -56.82 -36.26 -20.06
C ASN LA 1203 -57.09 -36.85 -18.67
N PRO LA 1204 -57.29 -38.16 -18.57
CA PRO LA 1204 -57.68 -38.75 -17.28
C PRO LA 1204 -56.73 -38.42 -16.14
N TRP LA 1205 -55.43 -38.36 -16.40
CA TRP LA 1205 -54.45 -38.08 -15.36
C TRP LA 1205 -54.48 -36.64 -14.86
N ALA LA 1206 -55.41 -35.81 -15.34
CA ALA LA 1206 -55.42 -34.41 -14.92
C ALA LA 1206 -56.82 -33.87 -14.64
N SER LA 1207 -57.81 -34.72 -14.42
CA SER LA 1207 -59.17 -34.23 -14.20
C SER LA 1207 -59.80 -34.73 -12.90
N GLN LA 1208 -59.64 -36.01 -12.57
CA GLN LA 1208 -60.31 -36.55 -11.40
C GLN LA 1208 -59.73 -35.95 -10.13
N ARG LA 1209 -60.54 -35.96 -9.07
CA ARG LA 1209 -60.07 -35.52 -7.77
C ARG LA 1209 -58.90 -36.38 -7.32
N HIS LA 1210 -57.91 -35.73 -6.69
CA HIS LA 1210 -56.71 -36.40 -6.21
C HIS LA 1210 -55.93 -37.09 -7.32
N SER LA 1211 -56.07 -36.60 -8.55
CA SER LA 1211 -55.26 -37.11 -9.65
C SER LA 1211 -53.83 -36.59 -9.54
N TYR LA 1212 -52.95 -37.11 -10.39
CA TYR LA 1212 -51.55 -36.73 -10.35
C TYR LA 1212 -51.36 -35.23 -10.56
N ALA LA 1213 -51.78 -34.72 -11.73
CA ALA LA 1213 -51.63 -33.31 -12.02
C ALA LA 1213 -52.36 -32.45 -11.00
N ASP LA 1214 -53.39 -33.00 -10.34
CA ASP LA 1214 -54.12 -32.23 -9.35
C ASP LA 1214 -53.30 -32.07 -8.06
N ARG LA 1215 -52.57 -33.11 -7.67
CA ARG LA 1215 -51.80 -33.05 -6.44
C ARG LA 1215 -50.57 -32.17 -6.59
N LEU LA 1216 -50.46 -31.47 -7.72
CA LEU LA 1216 -49.40 -30.50 -7.96
C LEU LA 1216 -49.91 -29.07 -7.99
N TYR LA 1217 -50.93 -28.78 -8.78
CA TYR LA 1217 -51.36 -27.41 -9.03
C TYR LA 1217 -52.78 -27.16 -8.53
N ASN LA 1218 -53.14 -27.74 -7.41
CA ASN LA 1218 -54.36 -27.40 -6.69
C ASN LA 1218 -54.03 -26.42 -5.58
N GLY LA 1219 -55.00 -25.59 -5.24
CA GLY LA 1219 -54.79 -24.54 -4.25
C GLY LA 1219 -54.64 -25.06 -2.84
N GLN LA 1220 -55.52 -25.96 -2.44
CA GLN LA 1220 -55.66 -26.37 -1.04
C GLN LA 1220 -54.90 -27.64 -0.70
N TYR LA 1221 -53.80 -27.93 -1.40
CA TYR LA 1221 -53.00 -29.12 -1.12
C TYR LA 1221 -51.58 -28.78 -0.67
N ASN LA 1222 -51.32 -27.52 -0.31
CA ASN LA 1222 -50.04 -27.09 0.29
C ASN LA 1222 -48.86 -27.51 -0.58
N MET LA 1223 -48.81 -26.96 -1.78
CA MET LA 1223 -47.73 -27.21 -2.74
C MET LA 1223 -47.23 -25.89 -3.31
N SER LA 1224 -46.96 -24.93 -2.43
CA SER LA 1224 -46.62 -23.57 -2.83
C SER LA 1224 -45.10 -23.39 -2.88
N GLY LA 1225 -44.66 -22.53 -3.82
CA GLY LA 1225 -43.28 -22.15 -3.91
C GLY LA 1225 -43.14 -20.65 -4.09
N PRO LA 1226 -41.94 -20.20 -4.47
CA PRO LA 1226 -41.74 -18.76 -4.68
C PRO LA 1226 -42.15 -18.31 -6.08
N ALA LA 1227 -42.09 -19.21 -7.05
CA ALA LA 1227 -42.32 -18.84 -8.43
C ALA LA 1227 -43.79 -18.91 -8.79
N TYR LA 1228 -44.15 -18.20 -9.86
CA TYR LA 1228 -45.51 -18.29 -10.38
C TYR LA 1228 -45.77 -19.67 -10.98
N SER LA 1229 -47.05 -20.00 -11.08
CA SER LA 1229 -47.49 -21.26 -11.69
C SER LA 1229 -48.67 -20.95 -12.57
N PRO LA 1230 -48.48 -20.87 -13.89
CA PRO LA 1230 -49.55 -20.39 -14.76
C PRO LA 1230 -50.80 -21.24 -14.74
N CYS LA 1231 -50.67 -22.55 -14.54
CA CYS LA 1231 -51.82 -23.44 -14.47
C CYS LA 1231 -52.37 -23.56 -13.05
N PHE LA 1232 -52.15 -22.56 -12.20
CA PHE LA 1232 -52.75 -22.55 -10.88
C PHE LA 1232 -54.24 -22.22 -10.94
N LYS LA 1233 -54.62 -21.30 -11.82
CA LYS LA 1233 -56.01 -20.85 -11.90
C LYS LA 1233 -56.86 -21.71 -12.82
N PHE LA 1234 -56.44 -22.95 -13.08
CA PHE LA 1234 -57.25 -23.90 -13.84
C PHE LA 1234 -57.66 -25.12 -13.03
N PHE LA 1235 -56.92 -25.46 -11.97
CA PHE LA 1235 -57.25 -26.59 -11.13
C PHE LA 1235 -57.78 -26.19 -9.76
N THR LA 1236 -57.83 -24.90 -9.44
CA THR LA 1236 -58.25 -24.44 -8.13
C THR LA 1236 -59.70 -23.97 -8.18
N PRO LA 1237 -60.64 -24.69 -7.58
CA PRO LA 1237 -62.05 -24.25 -7.61
C PRO LA 1237 -62.48 -23.41 -6.42
N ALA LA 1238 -61.60 -23.18 -5.44
CA ALA LA 1238 -61.96 -22.35 -4.29
C ALA LA 1238 -62.42 -20.97 -4.75
N GLU LA 1239 -61.87 -20.47 -5.85
CA GLU LA 1239 -62.39 -19.25 -6.45
C GLU LA 1239 -63.77 -19.49 -7.07
N ALA LA 1240 -63.97 -20.65 -7.69
CA ALA LA 1240 -65.28 -20.99 -8.22
C ALA LA 1240 -66.27 -21.29 -7.10
N VAL LA 1241 -65.78 -21.63 -5.91
CA VAL LA 1241 -66.66 -21.80 -4.76
C VAL LA 1241 -67.39 -20.50 -4.46
N ALA LA 1242 -66.72 -19.38 -4.63
CA ALA LA 1242 -67.37 -18.08 -4.50
C ALA LA 1242 -68.53 -17.97 -5.49
N LYS LA 1243 -69.73 -17.89 -4.94
CA LYS LA 1243 -70.93 -17.85 -5.78
C LYS LA 1243 -70.96 -16.58 -6.62
N SER LA 1244 -71.68 -16.66 -7.73
CA SER LA 1244 -71.85 -15.53 -8.64
C SER LA 1244 -73.21 -14.91 -8.39
N ARG LA 1245 -73.22 -13.67 -7.90
CA ARG LA 1245 -74.48 -12.95 -7.72
C ARG LA 1245 -75.22 -12.80 -9.04
N GLY LA 1246 -74.50 -12.90 -10.14
CA GLY LA 1246 -75.08 -12.73 -11.45
C GLY LA 1246 -73.97 -12.54 -12.45
N LEU LA 1247 -74.28 -12.92 -13.70
CA LEU LA 1247 -73.28 -12.84 -14.77
C LEU LA 1247 -72.66 -11.45 -14.85
N ALA LA 1248 -73.41 -10.41 -14.49
CA ALA LA 1248 -72.87 -9.06 -14.47
C ALA LA 1248 -71.74 -8.91 -13.47
N ARG LA 1249 -71.83 -9.61 -12.33
CA ARG LA 1249 -70.76 -9.55 -11.34
C ARG LA 1249 -69.47 -10.14 -11.89
N LEU LA 1250 -69.54 -11.31 -12.51
CA LEU LA 1250 -68.35 -11.91 -13.12
C LEU LA 1250 -67.83 -11.04 -14.25
N ILE LA 1251 -68.73 -10.38 -14.99
CA ILE LA 1251 -68.30 -9.43 -16.01
C ILE LA 1251 -67.46 -8.32 -15.37
N ALA LA 1252 -68.01 -7.65 -14.36
CA ALA LA 1252 -67.30 -6.57 -13.69
C ALA LA 1252 -66.01 -7.04 -13.02
N ASP LA 1253 -65.94 -8.31 -12.63
CA ASP LA 1253 -64.73 -8.82 -11.99
C ASP LA 1253 -63.57 -8.83 -12.98
N THR LA 1254 -63.83 -9.24 -14.22
CA THR LA 1254 -62.85 -9.06 -15.28
C THR LA 1254 -62.62 -7.57 -15.53
N GLY LA 1255 -61.48 -7.23 -16.10
CA GLY LA 1255 -61.12 -5.85 -16.36
C GLY LA 1255 -60.74 -5.05 -15.13
N ALA LA 1256 -60.84 -5.62 -13.94
CA ALA LA 1256 -60.45 -4.92 -12.72
C ALA LA 1256 -59.71 -5.83 -11.75
N ALA LA 1257 -59.32 -7.03 -12.17
CA ALA LA 1257 -58.68 -7.98 -11.27
C ALA LA 1257 -57.33 -7.46 -10.81
N ALA LA 1258 -56.81 -8.11 -9.77
CA ALA LA 1258 -55.50 -7.78 -9.22
C ALA LA 1258 -54.45 -8.69 -9.83
N SER LA 1259 -53.26 -8.14 -10.01
CA SER LA 1259 -52.19 -8.90 -10.67
C SER LA 1259 -51.58 -9.90 -9.69
N PRO LA 1260 -51.50 -11.18 -10.04
CA PRO LA 1260 -50.91 -12.16 -9.12
C PRO LA 1260 -49.40 -12.26 -9.28
N THR LA 1261 -48.88 -11.74 -10.39
CA THR LA 1261 -47.46 -11.85 -10.71
C THR LA 1261 -46.72 -10.58 -10.29
N SER LA 1262 -45.41 -10.74 -10.09
CA SER LA 1262 -44.57 -9.62 -9.67
C SER LA 1262 -44.17 -8.80 -10.89
N ASN LA 1263 -43.28 -7.83 -10.69
CA ASN LA 1263 -42.81 -6.96 -11.76
C ASN LA 1263 -41.29 -7.00 -11.87
N GLY LA 1264 -40.68 -8.08 -11.38
CA GLY LA 1264 -39.24 -8.22 -11.38
C GLY LA 1264 -38.73 -8.89 -12.64
N GLU LA 1265 -37.42 -9.17 -12.63
CA GLU LA 1265 -36.76 -9.79 -13.77
C GLU LA 1265 -37.35 -11.14 -14.13
N TYR LA 1266 -37.90 -11.87 -13.16
CA TYR LA 1266 -38.60 -13.12 -13.39
C TYR LA 1266 -40.07 -12.92 -13.01
N GLN LA 1267 -40.88 -13.95 -13.26
CA GLN LA 1267 -42.31 -13.94 -12.90
C GLN LA 1267 -42.47 -14.68 -11.57
N PHE LA 1268 -42.43 -13.92 -10.48
CA PHE LA 1268 -42.56 -14.45 -9.14
C PHE LA 1268 -43.95 -14.17 -8.58
N LYS LA 1269 -44.34 -14.99 -7.60
CA LYS LA 1269 -45.56 -14.72 -6.85
C LYS LA 1269 -45.49 -13.31 -6.28
N ARG LA 1270 -46.60 -12.60 -6.34
CA ARG LA 1270 -46.28 -11.22 -5.99
C ARG LA 1270 -46.65 -10.93 -4.54
N PRO LA 1271 -45.79 -10.20 -3.82
CA PRO LA 1271 -46.20 -9.68 -2.52
C PRO LA 1271 -47.52 -8.94 -2.62
N VAL LA 1272 -48.53 -9.47 -1.92
CA VAL LA 1272 -49.91 -9.03 -2.04
C VAL LA 1272 -50.14 -7.59 -1.58
N GLY LA 1273 -49.11 -6.93 -1.04
CA GLY LA 1273 -49.29 -5.59 -0.53
C GLY LA 1273 -49.65 -4.57 -1.60
N ALA LA 1274 -48.76 -4.39 -2.57
CA ALA LA 1274 -48.90 -3.28 -3.53
C ALA LA 1274 -50.10 -3.47 -4.45
N GLY LA 1275 -50.07 -4.50 -5.29
CA GLY LA 1275 -51.17 -4.80 -6.18
C GLY LA 1275 -51.30 -3.82 -7.34
N GLU LA 1276 -52.03 -4.23 -8.37
CA GLU LA 1276 -52.28 -3.39 -9.54
C GLU LA 1276 -53.40 -4.02 -10.36
N LEU LA 1277 -53.86 -3.28 -11.36
CA LEU LA 1277 -54.99 -3.72 -12.16
C LEU LA 1277 -54.54 -4.42 -13.43
N VAL LA 1278 -55.29 -5.44 -13.83
CA VAL LA 1278 -54.98 -6.23 -15.02
C VAL LA 1278 -56.23 -6.97 -15.48
N GLU LA 1279 -56.44 -7.04 -16.79
CA GLU LA 1279 -57.55 -7.77 -17.37
C GLU LA 1279 -57.08 -9.10 -17.92
N ASP LA 1280 -57.91 -10.13 -17.77
CA ASP LA 1280 -57.64 -11.44 -18.36
C ASP LA 1280 -58.97 -12.11 -18.70
N PRO LA 1281 -59.27 -12.24 -20.00
CA PRO LA 1281 -60.50 -12.95 -20.38
C PRO LA 1281 -60.45 -14.44 -20.10
N CYS LA 1282 -59.27 -14.99 -19.87
CA CYS LA 1282 -59.16 -16.42 -19.59
C CYS LA 1282 -59.84 -16.78 -18.27
N ALA LA 1283 -59.55 -16.03 -17.22
CA ALA LA 1283 -60.08 -16.34 -15.89
C ALA LA 1283 -61.60 -16.51 -15.88
N LEU LA 1284 -62.32 -15.69 -16.64
CA LEU LA 1284 -63.77 -15.83 -16.72
C LEU LA 1284 -64.18 -17.09 -17.47
N PHE LA 1285 -63.40 -17.48 -18.50
CA PHE LA 1285 -63.72 -18.66 -19.29
C PHE LA 1285 -62.90 -19.89 -18.91
N GLN LA 1286 -61.78 -19.71 -18.22
CA GLN LA 1286 -60.91 -20.82 -17.78
C GLN LA 1286 -60.41 -21.62 -18.99
N GLU LA 1287 -59.93 -20.89 -20.00
CA GLU LA 1287 -59.44 -21.50 -21.23
C GLU LA 1287 -58.05 -20.99 -21.56
N ALA LA 1288 -57.51 -21.47 -22.68
CA ALA LA 1288 -56.23 -21.03 -23.22
C ALA LA 1288 -56.31 -20.99 -24.73
N TYR LA 1289 -55.38 -20.27 -25.34
CA TYR LA 1289 -55.34 -20.12 -26.77
C TYR LA 1289 -54.03 -20.67 -27.33
N PRO LA 1290 -54.07 -21.63 -28.24
CA PRO LA 1290 -52.84 -22.18 -28.79
C PRO LA 1290 -52.16 -21.19 -29.71
N PRO LA 1291 -50.95 -20.77 -29.39
CA PRO LA 1291 -50.24 -19.82 -30.25
C PRO LA 1291 -49.63 -20.51 -31.45
N LEU LA 1292 -49.04 -19.76 -32.37
CA LEU LA 1292 -48.40 -20.34 -33.54
C LEU LA 1292 -47.26 -21.24 -33.08
N CYS LA 1293 -47.42 -22.55 -33.25
CA CYS LA 1293 -46.41 -23.52 -32.89
C CYS LA 1293 -46.39 -24.63 -33.93
N ALA LA 1294 -45.31 -25.39 -33.94
CA ALA LA 1294 -45.16 -26.52 -34.84
C ALA LA 1294 -44.21 -27.51 -34.18
N SER LA 1295 -44.02 -28.65 -34.84
CA SER LA 1295 -43.23 -29.74 -34.29
C SER LA 1295 -41.86 -29.86 -34.95
N ASP LA 1296 -41.50 -28.94 -35.83
CA ASP LA 1296 -40.19 -28.97 -36.46
C ASP LA 1296 -39.93 -27.61 -37.08
N SER LA 1297 -38.67 -27.17 -37.01
CA SER LA 1297 -38.31 -25.84 -37.49
C SER LA 1297 -38.61 -25.67 -38.98
N ALA LA 1298 -38.35 -26.70 -39.78
CA ALA LA 1298 -38.54 -26.63 -41.22
C ALA LA 1298 -39.98 -26.34 -41.63
N LEU LA 1299 -40.95 -26.51 -40.74
CA LEU LA 1299 -42.34 -26.22 -41.03
C LEU LA 1299 -42.70 -24.77 -40.75
N LEU LA 1300 -41.73 -23.91 -40.47
CA LEU LA 1300 -41.97 -22.50 -40.20
C LEU LA 1300 -41.11 -21.67 -41.15
N ARG LA 1301 -41.61 -21.47 -42.37
CA ARG LA 1301 -40.97 -20.61 -43.36
C ARG LA 1301 -42.02 -19.68 -43.95
N THR LA 1302 -41.66 -18.91 -44.98
CA THR LA 1302 -42.64 -18.05 -45.62
C THR LA 1302 -43.72 -18.85 -46.34
N PRO LA 1303 -43.38 -19.96 -47.05
CA PRO LA 1303 -44.47 -20.85 -47.50
C PRO LA 1303 -44.87 -21.83 -46.39
N LEU LA 1304 -45.75 -21.37 -45.50
CA LEU LA 1304 -46.16 -22.18 -44.36
C LEU LA 1304 -46.64 -23.56 -44.80
N GLY LA 1305 -47.39 -23.61 -45.90
CA GLY LA 1305 -47.73 -24.90 -46.49
C GLY LA 1305 -48.71 -25.70 -45.66
N ALA LA 1306 -48.63 -27.01 -45.80
CA ALA LA 1306 -49.59 -27.90 -45.18
C ALA LA 1306 -49.52 -27.81 -43.66
N GLU LA 1307 -50.67 -27.98 -43.02
CA GLU LA 1307 -50.74 -27.95 -41.56
C GLU LA 1307 -50.15 -29.20 -40.93
N GLU LA 1308 -50.11 -30.29 -41.68
CA GLU LA 1308 -49.55 -31.55 -41.21
C GLU LA 1308 -48.89 -32.24 -42.39
N HIS LA 1309 -47.74 -32.88 -42.15
CA HIS LA 1309 -46.97 -33.50 -43.22
C HIS LA 1309 -46.66 -34.96 -42.97
N PHE LA 1310 -46.35 -35.32 -41.73
CA PHE LA 1310 -46.07 -36.70 -41.34
C PHE LA 1310 -46.42 -36.83 -39.87
N ALA LA 1311 -45.78 -37.76 -39.16
CA ALA LA 1311 -45.82 -37.72 -37.69
C ALA LA 1311 -45.71 -36.30 -37.15
N GLN LA 1312 -44.97 -35.41 -37.82
CA GLN LA 1312 -44.88 -34.01 -37.43
C GLN LA 1312 -46.24 -33.33 -37.57
N TYR LA 1313 -46.36 -32.12 -37.03
CA TYR LA 1313 -47.62 -31.40 -37.11
C TYR LA 1313 -47.40 -29.93 -36.80
N LEU LA 1314 -48.24 -29.09 -37.39
CA LEU LA 1314 -48.24 -27.65 -37.16
C LEU LA 1314 -49.60 -27.25 -36.61
N ILE LA 1315 -49.63 -26.17 -35.85
CA ILE LA 1315 -50.87 -25.62 -35.29
C ILE LA 1315 -50.99 -24.19 -35.76
N ARG LA 1316 -52.04 -23.89 -36.53
CA ARG LA 1316 -52.36 -22.52 -36.85
C ARG LA 1316 -52.62 -21.74 -35.57
N ASP LA 1317 -52.15 -20.50 -35.53
CA ASP LA 1317 -52.38 -19.66 -34.37
C ASP LA 1317 -53.84 -19.24 -34.32
N GLU LA 1318 -54.38 -19.14 -33.11
CA GLU LA 1318 -55.74 -18.67 -32.91
C GLU LA 1318 -55.77 -18.02 -31.54
N SER LA 1319 -55.79 -16.70 -31.52
CA SER LA 1319 -55.58 -15.92 -30.31
C SER LA 1319 -56.04 -14.49 -30.57
N PRO LA 1320 -56.23 -13.69 -29.52
CA PRO LA 1320 -56.61 -12.28 -29.73
C PRO LA 1320 -55.55 -11.49 -30.50
N LEU LA 1321 -54.38 -12.09 -30.70
CA LEU LA 1321 -53.29 -11.49 -31.46
C LEU LA 1321 -53.12 -12.17 -32.81
N LYS LA 1322 -54.24 -12.52 -33.45
CA LYS LA 1322 -54.20 -13.22 -34.74
C LYS LA 1322 -53.42 -12.45 -35.80
N GLY LA 1323 -53.27 -11.13 -35.64
CA GLY LA 1323 -52.47 -10.34 -36.56
C GLY LA 1323 -51.29 -9.69 -35.87
N ARG MA 3 5.22 46.52 -92.87
CA ARG MA 3 4.91 47.59 -91.94
C ARG MA 3 6.00 48.68 -91.97
N PRO MA 4 5.95 49.53 -93.00
CA PRO MA 4 6.95 50.59 -93.12
C PRO MA 4 6.58 51.81 -92.30
N ALA MA 5 7.47 52.80 -92.33
CA ALA MA 5 7.23 54.05 -91.64
C ALA MA 5 5.98 54.73 -92.19
N ILE MA 6 5.19 55.32 -91.30
CA ILE MA 6 3.95 55.98 -91.68
C ILE MA 6 4.22 57.45 -91.96
N LEU MA 7 4.75 58.16 -90.96
CA LEU MA 7 5.16 59.54 -91.12
C LEU MA 7 6.62 59.63 -90.68
N PRO MA 8 7.52 60.06 -91.57
CA PRO MA 8 8.94 60.11 -91.19
C PRO MA 8 9.22 61.20 -90.17
N SER MA 9 10.06 60.86 -89.20
CA SER MA 9 10.35 61.79 -88.10
C SER MA 9 11.39 62.83 -88.50
N GLY MA 10 12.60 62.37 -88.83
CA GLY MA 10 13.70 63.26 -89.13
C GLY MA 10 14.08 63.26 -90.59
N GLN MA 11 15.16 63.98 -90.89
CA GLN MA 11 15.71 64.05 -92.24
C GLN MA 11 17.11 63.47 -92.22
N ILE MA 12 17.53 62.92 -93.36
CA ILE MA 12 18.85 62.31 -93.50
C ILE MA 12 19.69 63.22 -94.38
N LEU MA 13 20.79 63.73 -93.81
CA LEU MA 13 21.58 64.75 -94.48
C LEU MA 13 22.74 64.20 -95.30
N SER MA 14 23.23 63.01 -94.98
CA SER MA 14 24.32 62.39 -95.73
C SER MA 14 23.75 61.57 -96.87
N ASN MA 15 24.30 61.74 -98.06
CA ASN MA 15 23.84 61.07 -99.26
C ASN MA 15 24.91 60.12 -99.76
N ILE MA 16 24.58 58.83 -99.84
CA ILE MA 16 25.52 57.81 -100.25
C ILE MA 16 24.73 56.56 -100.60
N GLU MA 17 25.27 55.77 -101.55
CA GLU MA 17 24.71 54.47 -101.84
C GLU MA 17 24.65 53.62 -100.56
N VAL MA 18 23.69 52.70 -100.53
CA VAL MA 18 23.35 51.99 -99.31
C VAL MA 18 23.70 50.50 -99.39
N HIS MA 19 23.73 49.94 -100.60
CA HIS MA 19 24.05 48.52 -100.72
C HIS MA 19 25.53 48.25 -100.47
N SER MA 20 26.39 49.25 -100.71
CA SER MA 20 27.83 49.06 -100.53
C SER MA 20 28.21 48.87 -99.07
N HIS MA 21 27.41 49.36 -98.14
CA HIS MA 21 27.71 49.30 -96.71
C HIS MA 21 26.71 48.40 -95.98
N ARG MA 22 26.27 47.33 -96.64
CA ARG MA 22 25.21 46.47 -96.11
C ARG MA 22 25.57 45.81 -94.78
N ALA MA 23 26.84 45.79 -94.38
CA ALA MA 23 27.24 45.17 -93.13
C ALA MA 23 26.98 46.05 -91.92
N LEU MA 24 27.14 47.37 -92.08
CA LEU MA 24 26.94 48.28 -90.94
C LEU MA 24 25.51 48.25 -90.44
N PHE MA 25 24.55 47.88 -91.29
CA PHE MA 25 23.16 47.78 -90.86
C PHE MA 25 22.97 46.51 -90.04
N ASP MA 26 21.72 46.26 -89.63
CA ASP MA 26 21.34 45.02 -88.97
C ASP MA 26 20.41 44.19 -89.85
N ILE MA 27 19.30 44.76 -90.29
CA ILE MA 27 18.38 44.13 -91.23
C ILE MA 27 17.95 45.19 -92.22
N PHE MA 28 17.87 44.81 -93.51
CA PHE MA 28 17.43 45.74 -94.53
C PHE MA 28 17.05 44.96 -95.78
N LYS MA 29 16.05 45.46 -96.49
CA LYS MA 29 15.59 44.88 -97.74
C LYS MA 29 15.34 46.00 -98.73
N ARG MA 30 15.88 45.87 -99.93
CA ARG MA 30 15.75 46.91 -100.96
C ARG MA 30 15.02 46.30 -102.15
N PHE MA 31 13.70 46.37 -102.14
CA PHE MA 31 12.92 46.12 -103.34
C PHE MA 31 13.27 47.17 -104.38
N ARG MA 32 13.02 46.86 -105.65
CA ARG MA 32 13.51 47.73 -106.71
C ARG MA 32 12.52 48.85 -107.02
N SER MA 33 11.27 48.51 -107.35
CA SER MA 33 10.35 49.43 -108.00
C SER MA 33 8.98 49.41 -107.32
N ASP MA 34 8.98 49.62 -106.01
CA ASP MA 34 7.75 49.66 -105.20
C ASP MA 34 7.01 48.32 -105.29
N ASP MA 35 7.64 47.31 -104.68
CA ASP MA 35 7.07 45.96 -104.66
C ASP MA 35 5.67 45.98 -104.08
N ASN MA 36 4.91 44.92 -104.38
CA ASN MA 36 3.48 44.88 -104.11
C ASN MA 36 3.12 44.16 -102.81
N ASN MA 37 4.10 43.87 -101.95
CA ASN MA 37 3.83 43.11 -100.74
C ASN MA 37 3.85 43.98 -99.48
N LEU MA 38 4.01 45.29 -99.63
CA LEU MA 38 3.98 46.20 -98.50
C LEU MA 38 2.63 46.90 -98.35
N TYR MA 39 1.63 46.49 -99.12
CA TYR MA 39 0.29 47.04 -99.03
C TYR MA 39 -0.65 46.13 -98.24
N GLY MA 40 -0.10 45.18 -97.50
CA GLY MA 40 -0.90 44.28 -96.70
C GLY MA 40 -0.63 44.50 -95.22
N ALA MA 41 -1.68 44.39 -94.42
CA ALA MA 41 -1.57 44.66 -93.00
C ALA MA 41 -2.49 43.72 -92.24
N GLU MA 42 -1.91 42.95 -91.33
CA GLU MA 42 -2.68 42.07 -90.45
C GLU MA 42 -2.39 42.42 -89.00
N PHE MA 43 -3.44 42.39 -88.19
CA PHE MA 43 -3.30 42.65 -86.76
C PHE MA 43 -4.01 41.54 -86.01
N ASP MA 44 -3.44 41.14 -84.88
CA ASP MA 44 -4.03 40.13 -84.01
C ASP MA 44 -4.51 40.84 -82.74
N ALA MA 45 -5.76 40.60 -82.37
CA ALA MA 45 -6.42 41.37 -81.34
C ALA MA 45 -7.27 40.48 -80.44
N LEU MA 46 -7.41 40.91 -79.20
CA LEU MA 46 -8.39 40.32 -78.29
C LEU MA 46 -9.75 40.96 -78.54
N LEU MA 47 -10.80 40.22 -78.19
CA LEU MA 47 -12.17 40.61 -78.50
C LEU MA 47 -12.99 40.82 -77.23
N GLY MA 48 -12.44 41.54 -76.27
CA GLY MA 48 -13.19 41.90 -75.07
C GLY MA 48 -12.87 41.05 -73.86
N THR MA 49 -12.75 41.68 -72.70
CA THR MA 49 -12.48 41.00 -71.45
C THR MA 49 -13.79 40.55 -70.81
N TYR MA 50 -13.65 39.79 -69.72
CA TYR MA 50 -14.82 39.31 -68.98
C TYR MA 50 -14.45 39.23 -67.51
N CYS MA 51 -14.98 40.18 -66.73
CA CYS MA 51 -14.75 40.25 -65.30
C CYS MA 51 -15.83 39.48 -64.56
N SER MA 52 -15.51 39.10 -63.32
CA SER MA 52 -16.45 38.45 -62.43
C SER MA 52 -16.58 39.25 -61.14
N THR MA 53 -17.81 39.38 -60.66
CA THR MA 53 -18.10 40.00 -59.39
C THR MA 53 -18.15 38.94 -58.30
N LEU MA 54 -18.57 39.35 -57.11
CA LEU MA 54 -18.66 38.43 -55.98
C LEU MA 54 -19.95 38.74 -55.23
N SER MA 55 -20.82 37.72 -55.11
CA SER MA 55 -22.10 37.91 -54.45
C SER MA 55 -21.92 37.84 -52.94
N LEU MA 56 -21.95 39.00 -52.29
CA LEU MA 56 -21.87 39.04 -50.84
C LEU MA 56 -23.09 38.37 -50.22
N VAL MA 57 -22.91 37.89 -48.99
CA VAL MA 57 -23.95 37.20 -48.24
C VAL MA 57 -23.88 37.65 -46.78
N ARG MA 58 -25.03 37.85 -46.16
CA ARG MA 58 -25.12 38.24 -44.76
C ARG MA 58 -25.78 37.12 -43.96
N PHE MA 59 -25.36 36.98 -42.70
CA PHE MA 59 -25.81 35.85 -41.90
C PHE MA 59 -27.26 36.01 -41.47
N LEU MA 60 -27.62 37.18 -40.95
CA LEU MA 60 -28.97 37.39 -40.45
C LEU MA 60 -30.00 37.28 -41.57
N GLU MA 61 -29.64 37.70 -42.79
CA GLU MA 61 -30.57 37.63 -43.91
C GLU MA 61 -30.84 36.21 -44.37
N LEU MA 62 -30.15 35.21 -43.83
CA LEU MA 62 -30.43 33.82 -44.17
C LEU MA 62 -31.62 33.33 -43.35
N GLY MA 63 -31.91 32.04 -43.44
CA GLY MA 63 -32.98 31.46 -42.63
C GLY MA 63 -32.41 30.79 -41.40
N LEU MA 64 -31.12 30.49 -41.42
CA LEU MA 64 -30.44 29.78 -40.35
C LEU MA 64 -30.25 30.62 -39.09
N SER MA 65 -30.41 31.94 -39.18
CA SER MA 65 -30.14 32.80 -38.03
C SER MA 65 -31.01 32.45 -36.84
N VAL MA 66 -32.28 32.11 -37.07
CA VAL MA 66 -33.22 31.88 -35.98
C VAL MA 66 -32.84 30.66 -35.14
N ALA MA 67 -31.86 29.88 -35.58
CA ALA MA 67 -31.44 28.73 -34.81
C ALA MA 67 -30.71 29.11 -33.52
N CYS MA 68 -30.13 30.31 -33.47
CA CYS MA 68 -29.32 30.72 -32.33
C CYS MA 68 -29.50 32.21 -32.07
N VAL MA 69 -29.25 32.60 -30.83
CA VAL MA 69 -29.12 34.01 -30.46
C VAL MA 69 -27.66 34.40 -30.63
N CYS MA 70 -27.40 35.69 -30.83
CA CYS MA 70 -26.05 36.17 -31.03
C CYS MA 70 -25.84 37.44 -30.23
N THR MA 71 -24.70 37.54 -29.54
CA THR MA 71 -24.38 38.69 -28.71
C THR MA 71 -22.88 38.92 -28.78
N LYS MA 72 -22.47 40.03 -29.39
CA LYS MA 72 -21.07 40.38 -29.43
C LYS MA 72 -20.54 40.60 -28.01
N PHE MA 73 -19.37 40.05 -27.74
CA PHE MA 73 -18.76 40.08 -26.41
C PHE MA 73 -17.29 40.38 -26.60
N PRO MA 74 -16.93 41.65 -26.76
CA PRO MA 74 -15.56 42.00 -27.19
C PRO MA 74 -14.48 41.65 -26.19
N GLU MA 75 -14.83 40.99 -25.08
CA GLU MA 75 -13.86 40.60 -24.07
C GLU MA 75 -13.70 39.09 -23.95
N LEU MA 76 -14.19 38.33 -24.94
CA LEU MA 76 -14.13 36.88 -24.88
C LEU MA 76 -12.71 36.36 -24.73
N SER MA 77 -11.70 37.11 -25.15
CA SER MA 77 -10.33 36.66 -24.99
C SER MA 77 -9.84 36.75 -23.55
N TYR MA 78 -10.68 37.17 -22.62
CA TYR MA 78 -10.29 37.33 -21.22
C TYR MA 78 -11.11 36.51 -20.24
N VAL MA 79 -11.87 35.52 -20.69
CA VAL MA 79 -12.76 34.80 -19.78
C VAL MA 79 -12.22 33.39 -19.54
N ALA MA 80 -12.26 32.98 -18.27
CA ALA MA 80 -12.03 31.59 -17.89
C ALA MA 80 -13.31 30.80 -18.14
N GLU MA 81 -13.42 29.61 -17.58
CA GLU MA 81 -14.51 28.71 -17.95
C GLU MA 81 -15.88 29.30 -17.60
N GLY MA 82 -16.55 29.87 -18.60
CA GLY MA 82 -17.83 30.51 -18.39
C GLY MA 82 -18.95 29.50 -18.25
N THR MA 83 -19.99 29.85 -17.50
CA THR MA 83 -21.06 28.91 -17.21
C THR MA 83 -22.40 29.62 -17.29
N ILE MA 84 -23.46 28.82 -17.36
CA ILE MA 84 -24.82 29.29 -17.17
C ILE MA 84 -25.52 28.28 -16.26
N GLN MA 85 -26.46 28.78 -15.47
CA GLN MA 85 -27.15 27.95 -14.48
C GLN MA 85 -28.63 27.85 -14.83
N PHE MA 86 -29.21 26.69 -14.56
CA PHE MA 86 -30.64 26.48 -14.67
C PHE MA 86 -31.24 26.26 -13.28
N GLU MA 87 -32.54 26.52 -13.18
CA GLU MA 87 -33.26 26.36 -11.91
C GLU MA 87 -34.68 25.94 -12.27
N VAL MA 88 -34.94 24.64 -12.28
CA VAL MA 88 -36.23 24.10 -12.66
C VAL MA 88 -36.86 23.47 -11.43
N GLN MA 89 -38.15 23.18 -11.52
CA GLN MA 89 -38.89 22.58 -10.41
C GLN MA 89 -40.02 21.74 -10.99
N GLN MA 90 -39.94 20.43 -10.80
CA GLN MA 90 -40.96 19.54 -11.33
C GLN MA 90 -42.25 19.66 -10.52
N PRO MA 91 -43.40 19.34 -11.12
CA PRO MA 91 -44.63 19.24 -10.34
C PRO MA 91 -44.68 17.95 -9.55
N MET MA 92 -45.80 17.71 -8.88
CA MET MA 92 -45.99 16.47 -8.13
C MET MA 92 -47.49 16.30 -7.88
N ILE MA 93 -47.93 15.05 -7.85
CA ILE MA 93 -49.33 14.73 -7.61
C ILE MA 93 -49.42 13.99 -6.28
N ALA MA 94 -50.46 14.30 -5.52
CA ALA MA 94 -50.62 13.78 -4.16
C ALA MA 94 -51.20 12.37 -4.22
N ARG MA 95 -50.41 11.40 -3.80
CA ARG MA 95 -50.85 10.01 -3.75
C ARG MA 95 -51.70 9.80 -2.49
N ASP MA 96 -52.23 8.59 -2.32
CA ASP MA 96 -52.93 8.19 -1.12
C ASP MA 96 -52.39 6.84 -0.67
N GLY MA 97 -52.95 6.33 0.41
CA GLY MA 97 -52.57 5.02 0.88
C GLY MA 97 -51.54 5.05 1.99
N PRO MA 98 -51.04 3.87 2.36
CA PRO MA 98 -50.14 3.77 3.52
C PRO MA 98 -48.76 4.36 3.29
N HIS MA 99 -48.32 4.51 2.03
CA HIS MA 99 -46.97 4.98 1.81
C HIS MA 99 -46.84 6.47 2.12
N PRO MA 100 -45.69 6.90 2.64
CA PRO MA 100 -45.55 8.30 3.04
C PRO MA 100 -45.64 9.24 1.86
N ALA MA 101 -45.96 10.51 2.17
CA ALA MA 101 -46.07 11.52 1.14
C ALA MA 101 -44.69 11.88 0.59
N ASP MA 102 -44.69 12.56 -0.55
CA ASP MA 102 -43.47 12.93 -1.25
C ASP MA 102 -43.46 14.42 -1.51
N GLN MA 103 -42.44 15.11 -1.00
CA GLN MA 103 -42.30 16.54 -1.17
C GLN MA 103 -42.02 16.86 -2.64
N PRO MA 104 -42.13 18.13 -3.03
CA PRO MA 104 -41.61 18.53 -4.34
C PRO MA 104 -40.10 18.37 -4.37
N VAL MA 105 -39.52 18.59 -5.55
CA VAL MA 105 -38.09 18.43 -5.75
C VAL MA 105 -37.53 19.65 -6.48
N HIS MA 106 -36.71 20.42 -5.79
CA HIS MA 106 -35.92 21.48 -6.40
C HIS MA 106 -34.54 20.93 -6.77
N ASN MA 107 -33.94 21.49 -7.81
CA ASN MA 107 -32.69 20.95 -8.31
C ASN MA 107 -31.94 22.02 -9.08
N TYR MA 108 -30.61 21.97 -8.99
CA TYR MA 108 -29.76 22.93 -9.68
C TYR MA 108 -28.80 22.19 -10.62
N MET MA 109 -28.39 22.90 -11.66
CA MET MA 109 -27.54 22.34 -12.70
C MET MA 109 -26.97 23.49 -13.51
N ILE MA 110 -25.69 23.37 -13.89
CA ILE MA 110 -25.02 24.40 -14.66
C ILE MA 110 -24.31 23.74 -15.84
N LYS MA 111 -24.24 24.45 -16.95
CA LYS MA 111 -23.51 24.02 -18.13
C LYS MA 111 -22.25 24.86 -18.27
N ARG MA 112 -21.23 24.30 -18.92
CA ARG MA 112 -19.98 25.01 -19.13
C ARG MA 112 -19.86 25.45 -20.58
N LEU MA 113 -19.03 26.46 -20.80
CA LEU MA 113 -18.88 27.06 -22.12
C LEU MA 113 -17.86 26.31 -22.95
N ASP MA 114 -18.20 26.04 -24.21
CA ASP MA 114 -17.25 25.51 -25.17
C ASP MA 114 -16.74 26.64 -26.04
N ARG MA 115 -15.49 26.52 -26.49
CA ARG MA 115 -14.79 27.60 -27.17
C ARG MA 115 -14.21 27.12 -28.49
N ARG MA 116 -14.35 27.96 -29.51
CA ARG MA 116 -13.80 27.70 -30.84
C ARG MA 116 -13.20 28.99 -31.37
N SER MA 117 -12.81 28.98 -32.64
CA SER MA 117 -12.21 30.15 -33.26
C SER MA 117 -12.18 29.96 -34.78
N LEU MA 118 -12.07 31.08 -35.49
CA LEU MA 118 -11.94 31.08 -36.93
C LEU MA 118 -10.66 31.80 -37.34
N ASN MA 119 -10.32 31.71 -38.62
CA ASN MA 119 -9.12 32.35 -39.16
C ASN MA 119 -9.18 32.31 -40.67
N ALA MA 120 -8.30 33.08 -41.31
CA ALA MA 120 -8.24 33.17 -42.76
C ALA MA 120 -6.84 33.63 -43.15
N ALA MA 121 -6.57 33.63 -44.45
CA ALA MA 121 -5.26 33.99 -44.99
C ALA MA 121 -5.42 35.13 -45.99
N PHE MA 122 -4.39 35.99 -46.03
CA PHE MA 122 -4.48 37.26 -46.73
C PHE MA 122 -3.18 37.62 -47.46
N SER MA 123 -2.40 36.62 -47.87
CA SER MA 123 -1.03 36.86 -48.32
C SER MA 123 -0.98 37.77 -49.53
N ILE MA 124 -0.06 38.74 -49.48
CA ILE MA 124 0.22 39.64 -50.59
C ILE MA 124 1.70 39.52 -50.94
N ALA MA 125 2.01 39.80 -52.21
CA ALA MA 125 3.32 39.49 -52.75
C ALA MA 125 4.35 40.55 -52.36
N VAL MA 126 5.58 40.34 -52.85
CA VAL MA 126 6.68 41.25 -52.54
C VAL MA 126 6.77 42.37 -53.56
N GLU MA 127 6.60 42.05 -54.85
CA GLU MA 127 6.68 43.07 -55.89
C GLU MA 127 5.66 44.18 -55.70
N ALA MA 128 4.51 43.89 -55.09
CA ALA MA 128 3.50 44.91 -54.85
C ALA MA 128 3.73 45.67 -53.56
N LEU MA 129 4.41 45.07 -52.58
CA LEU MA 129 4.71 45.78 -51.35
C LEU MA 129 5.65 46.96 -51.60
N GLY MA 130 6.61 46.78 -52.51
CA GLY MA 130 7.47 47.89 -52.90
C GLY MA 130 6.75 49.00 -53.63
N LEU MA 131 5.51 48.75 -54.07
CA LEU MA 131 4.72 49.76 -54.76
C LEU MA 131 3.66 50.38 -53.87
N ILE MA 132 3.17 49.67 -52.85
CA ILE MA 132 2.17 50.22 -51.94
C ILE MA 132 2.80 51.28 -51.04
N SER MA 133 3.80 50.86 -50.25
CA SER MA 133 4.35 51.71 -49.20
C SER MA 133 5.03 52.97 -49.72
N GLY MA 134 5.55 52.93 -50.94
CA GLY MA 134 6.27 54.08 -51.49
C GLY MA 134 7.76 53.90 -51.59
N GLU MA 135 8.28 52.69 -51.37
CA GLU MA 135 9.71 52.49 -51.36
C GLU MA 135 10.29 52.34 -52.76
N ASN MA 136 9.75 51.44 -53.57
CA ASN MA 136 10.28 51.16 -54.90
C ASN MA 136 9.62 52.00 -55.99
N LEU MA 137 8.98 53.10 -55.62
CA LEU MA 137 8.27 53.92 -56.58
C LEU MA 137 9.23 54.77 -57.40
N ASP MA 138 8.80 55.12 -58.61
CA ASP MA 138 9.52 56.03 -59.48
C ASP MA 138 8.57 57.16 -59.89
N GLY MA 139 9.16 58.32 -60.20
CA GLY MA 139 8.33 59.40 -60.70
C GLY MA 139 8.17 59.29 -62.20
N THR MA 140 7.11 58.62 -62.63
CA THR MA 140 6.81 58.39 -64.04
C THR MA 140 5.30 58.48 -64.23
N HIS MA 141 4.85 58.20 -65.45
CA HIS MA 141 3.45 58.03 -65.74
C HIS MA 141 3.10 56.56 -66.00
N ILE MA 142 4.02 55.65 -65.70
CA ILE MA 142 3.74 54.23 -65.75
C ILE MA 142 3.77 53.58 -64.37
N SER MA 143 4.63 54.04 -63.46
CA SER MA 143 4.69 53.46 -62.12
C SER MA 143 3.38 53.68 -61.37
N SER MA 144 2.81 54.88 -61.51
CA SER MA 144 1.52 55.15 -60.88
C SER MA 144 0.44 54.23 -61.41
N ALA MA 145 0.49 53.90 -62.71
CA ALA MA 145 -0.46 52.96 -63.29
C ALA MA 145 -0.40 51.59 -62.62
N MET MA 146 0.80 51.06 -62.39
CA MET MA 146 0.92 49.78 -61.71
C MET MA 146 0.58 49.87 -60.23
N ARG MA 147 0.88 50.99 -59.59
CA ARG MA 147 0.49 51.17 -58.20
C ARG MA 147 -1.02 51.15 -58.05
N LEU MA 148 -1.73 51.77 -58.99
CA LEU MA 148 -3.20 51.70 -58.99
C LEU MA 148 -3.68 50.26 -59.05
N ARG MA 149 -3.07 49.45 -59.94
CA ARG MA 149 -3.44 48.05 -60.06
C ARG MA 149 -3.16 47.28 -58.78
N ALA MA 150 -2.04 47.59 -58.12
CA ALA MA 150 -1.70 46.91 -56.88
C ALA MA 150 -2.70 47.24 -55.77
N ILE MA 151 -3.07 48.51 -55.64
CA ILE MA 151 -4.07 48.89 -54.65
C ILE MA 151 -5.41 48.23 -54.97
N GLN MA 152 -5.77 48.17 -56.25
CA GLN MA 152 -6.98 47.48 -56.67
C GLN MA 152 -6.95 46.01 -56.25
N GLN MA 153 -5.82 45.36 -56.46
CA GLN MA 153 -5.67 43.96 -56.06
C GLN MA 153 -5.86 43.81 -54.56
N LEU MA 154 -5.22 44.66 -53.77
CA LEU MA 154 -5.35 44.55 -52.31
C LEU MA 154 -6.79 44.77 -51.87
N ALA MA 155 -7.49 45.72 -52.49
CA ALA MA 155 -8.89 45.96 -52.13
C ALA MA 155 -9.76 44.78 -52.49
N ARG MA 156 -9.59 44.24 -53.71
CA ARG MA 156 -10.38 43.09 -54.13
C ARG MA 156 -10.02 41.83 -53.37
N ASN MA 157 -8.88 41.85 -52.66
CA ASN MA 157 -8.51 40.73 -51.81
C ASN MA 157 -9.14 40.85 -50.43
N VAL MA 158 -9.03 42.02 -49.81
CA VAL MA 158 -9.60 42.22 -48.48
C VAL MA 158 -11.13 42.13 -48.53
N GLN MA 159 -11.73 42.57 -49.64
CA GLN MA 159 -13.17 42.45 -49.78
C GLN MA 159 -13.61 40.99 -49.74
N ALA MA 160 -12.81 40.11 -50.34
CA ALA MA 160 -13.15 38.69 -50.34
C ALA MA 160 -12.86 38.03 -48.99
N VAL MA 161 -11.80 38.46 -48.30
CA VAL MA 161 -11.47 37.82 -47.04
C VAL MA 161 -12.45 38.24 -45.95
N LEU MA 162 -12.92 39.50 -45.98
CA LEU MA 162 -13.91 39.92 -45.00
C LEU MA 162 -15.26 39.28 -45.25
N ASP MA 163 -15.54 38.88 -46.50
CA ASP MA 163 -16.71 38.06 -46.79
C ASP MA 163 -16.69 36.76 -45.99
N SER MA 164 -15.51 36.14 -45.86
CA SER MA 164 -15.43 34.77 -45.38
C SER MA 164 -15.90 34.62 -43.94
N PHE MA 165 -15.83 35.68 -43.14
CA PHE MA 165 -16.23 35.60 -41.74
C PHE MA 165 -17.75 35.57 -41.55
N GLU MA 166 -18.53 35.58 -42.63
CA GLU MA 166 -19.97 35.33 -42.56
C GLU MA 166 -20.29 33.88 -42.90
N ARG MA 167 -19.82 33.40 -44.06
CA ARG MA 167 -19.95 32.00 -44.39
C ARG MA 167 -19.33 31.12 -43.31
N GLY MA 168 -18.31 31.63 -42.62
CA GLY MA 168 -17.73 30.87 -41.52
C GLY MA 168 -18.72 30.60 -40.41
N THR MA 169 -19.45 31.64 -39.99
CA THR MA 169 -20.47 31.44 -38.96
C THR MA 169 -21.62 30.60 -39.48
N ALA MA 170 -22.01 30.80 -40.75
CA ALA MA 170 -23.06 29.98 -41.34
C ALA MA 170 -22.67 28.50 -41.35
N ASP MA 171 -21.37 28.21 -41.48
CA ASP MA 171 -20.90 26.84 -41.40
C ASP MA 171 -20.81 26.35 -39.96
N GLN MA 172 -20.39 27.24 -39.06
CA GLN MA 172 -20.21 26.86 -37.66
C GLN MA 172 -21.53 26.52 -37.00
N MET MA 173 -22.61 27.19 -37.39
CA MET MA 173 -23.90 26.87 -36.81
C MET MA 173 -24.31 25.43 -37.15
N LEU MA 174 -24.12 25.04 -38.41
CA LEU MA 174 -24.42 23.66 -38.79
C LEU MA 174 -23.43 22.68 -38.18
N ARG MA 175 -22.19 23.12 -37.94
CA ARG MA 175 -21.22 22.25 -37.30
C ARG MA 175 -21.62 21.95 -35.85
N VAL MA 176 -22.09 22.96 -35.13
CA VAL MA 176 -22.45 22.78 -33.73
C VAL MA 176 -23.85 22.20 -33.55
N LEU MA 177 -24.75 22.39 -34.52
CA LEU MA 177 -26.06 21.78 -34.46
C LEU MA 177 -26.08 20.36 -35.01
N MET MA 178 -24.93 19.84 -35.42
CA MET MA 178 -24.83 18.45 -35.85
C MET MA 178 -24.16 17.57 -34.81
N GLU MA 179 -23.38 18.15 -33.90
CA GLU MA 179 -22.79 17.42 -32.79
C GLU MA 179 -23.69 17.37 -31.57
N LYS MA 180 -24.91 17.89 -31.66
CA LYS MA 180 -25.89 17.83 -30.58
C LYS MA 180 -27.08 16.94 -30.89
N ALA MA 181 -27.39 16.74 -32.17
CA ALA MA 181 -28.63 16.11 -32.54
C ALA MA 181 -28.52 14.59 -32.48
N PRO MA 182 -29.26 13.92 -31.61
CA PRO MA 182 -29.40 12.48 -31.70
C PRO MA 182 -30.34 12.12 -32.84
N PRO MA 183 -30.19 10.94 -33.43
CA PRO MA 183 -31.09 10.56 -34.53
C PRO MA 183 -32.53 10.52 -34.09
N LEU MA 184 -33.45 10.68 -35.05
CA LEU MA 184 -34.86 10.60 -34.73
C LEU MA 184 -35.26 9.19 -34.33
N SER MA 185 -34.69 8.18 -34.99
CA SER MA 185 -35.07 6.80 -34.74
C SER MA 185 -34.80 6.39 -33.28
N LEU MA 186 -33.63 6.75 -32.76
CA LEU MA 186 -33.32 6.41 -31.37
C LEU MA 186 -33.94 7.37 -30.37
N LEU MA 187 -34.81 8.28 -30.80
CA LEU MA 187 -35.36 9.29 -29.90
C LEU MA 187 -36.88 9.25 -29.78
N ALA MA 188 -37.59 9.03 -30.88
CA ALA MA 188 -39.05 8.97 -30.83
C ALA MA 188 -39.56 7.91 -29.85
N PRO MA 189 -39.09 6.65 -29.90
CA PRO MA 189 -39.53 5.67 -28.89
C PRO MA 189 -38.81 5.78 -27.57
N PHE MA 190 -38.05 6.85 -27.33
CA PHE MA 190 -37.42 7.09 -26.04
C PHE MA 190 -38.24 7.99 -25.14
N THR MA 191 -38.82 9.07 -25.70
CA THR MA 191 -39.69 9.93 -24.91
C THR MA 191 -41.02 9.26 -24.57
N LEU MA 192 -41.32 8.11 -25.18
CA LEU MA 192 -42.52 7.37 -24.83
C LEU MA 192 -42.35 6.55 -23.57
N TYR MA 193 -41.11 6.15 -23.25
CA TYR MA 193 -40.81 5.36 -22.06
C TYR MA 193 -40.20 6.21 -20.96
N GLU MA 194 -40.59 7.48 -20.87
CA GLU MA 194 -40.07 8.36 -19.83
C GLU MA 194 -40.49 7.88 -18.46
N GLY MA 195 -39.79 8.38 -17.44
CA GLY MA 195 -40.17 8.15 -16.04
C GLY MA 195 -40.34 6.70 -15.67
N ARG MA 196 -39.68 5.79 -16.39
CA ARG MA 196 -39.80 4.37 -16.10
C ARG MA 196 -38.49 3.62 -16.08
N LEU MA 197 -37.36 4.22 -16.47
CA LEU MA 197 -36.11 3.50 -16.55
C LEU MA 197 -35.44 3.37 -15.19
N ALA MA 198 -36.18 2.89 -14.20
CA ALA MA 198 -35.62 2.57 -12.89
C ALA MA 198 -35.50 1.07 -12.66
N ASP MA 199 -36.60 0.33 -12.79
CA ASP MA 199 -36.53 -1.12 -12.77
C ASP MA 199 -35.94 -1.62 -14.07
N ARG MA 200 -35.26 -2.77 -14.02
CA ARG MA 200 -34.57 -3.27 -15.20
C ARG MA 200 -35.52 -3.79 -16.27
N VAL MA 201 -36.73 -4.22 -15.90
CA VAL MA 201 -37.66 -4.76 -16.87
C VAL MA 201 -38.12 -3.73 -17.89
N ALA MA 202 -38.06 -2.44 -17.56
CA ALA MA 202 -38.43 -1.38 -18.48
C ALA MA 202 -37.29 -1.00 -19.43
N CYS MA 203 -36.09 -0.79 -18.91
CA CYS MA 203 -34.94 -0.56 -19.77
C CYS MA 203 -34.68 -1.75 -20.69
N ALA MA 204 -34.96 -2.96 -20.21
CA ALA MA 204 -34.80 -4.15 -21.04
C ALA MA 204 -35.77 -4.18 -22.20
N ALA MA 205 -36.96 -3.61 -22.05
CA ALA MA 205 -37.89 -3.49 -23.15
C ALA MA 205 -37.57 -2.33 -24.08
N LEU MA 206 -37.01 -1.25 -23.53
CA LEU MA 206 -36.66 -0.10 -24.37
C LEU MA 206 -35.65 -0.48 -25.45
N VAL MA 207 -34.64 -1.28 -25.09
CA VAL MA 207 -33.62 -1.63 -26.07
C VAL MA 207 -34.17 -2.62 -27.09
N SER MA 208 -35.04 -3.53 -26.67
CA SER MA 208 -35.70 -4.43 -27.62
C SER MA 208 -36.60 -3.67 -28.57
N GLU MA 209 -37.14 -2.53 -28.16
CA GLU MA 209 -37.87 -1.65 -29.06
C GLU MA 209 -36.96 -0.88 -30.01
N LEU MA 210 -35.85 -0.34 -29.49
CA LEU MA 210 -34.92 0.41 -30.33
C LEU MA 210 -34.32 -0.47 -31.42
N LYS MA 211 -33.94 -1.70 -31.06
CA LYS MA 211 -33.34 -2.60 -32.05
C LYS MA 211 -34.29 -2.84 -33.22
N ARG MA 212 -35.60 -2.81 -32.97
CA ARG MA 212 -36.56 -2.92 -34.05
C ARG MA 212 -36.70 -1.60 -34.80
N ARG MA 213 -36.77 -0.49 -34.07
CA ARG MA 213 -37.04 0.80 -34.70
C ARG MA 213 -35.89 1.27 -35.57
N VAL MA 214 -34.68 0.72 -35.38
CA VAL MA 214 -33.52 1.26 -36.09
C VAL MA 214 -33.47 0.73 -37.52
N ARG MA 215 -34.00 -0.46 -37.75
CA ARG MA 215 -33.80 -1.14 -39.04
C ARG MA 215 -35.01 -1.07 -39.97
N ASP MA 216 -36.03 -0.28 -39.62
CA ASP MA 216 -37.22 -0.18 -40.43
C ASP MA 216 -37.66 1.24 -40.71
N ASP MA 217 -37.19 2.20 -39.93
CA ASP MA 217 -37.52 3.61 -40.11
C ASP MA 217 -36.24 4.45 -40.08
N THR MA 218 -35.23 4.00 -40.83
CA THR MA 218 -33.99 4.75 -40.99
C THR MA 218 -33.83 5.31 -42.40
N PHE MA 219 -34.80 5.11 -43.28
CA PHE MA 219 -34.74 5.64 -44.64
C PHE MA 219 -36.17 5.93 -45.07
N PHE MA 220 -36.63 7.16 -44.91
CA PHE MA 220 -37.92 7.55 -45.43
C PHE MA 220 -37.74 8.36 -46.71
N LEU MA 221 -38.85 8.48 -47.46
CA LEU MA 221 -38.93 9.05 -48.80
C LEU MA 221 -37.98 8.36 -49.79
N THR MA 222 -37.45 7.20 -49.43
CA THR MA 222 -36.75 6.36 -50.40
C THR MA 222 -37.24 4.92 -50.37
N LYS MA 223 -37.52 4.37 -49.19
CA LYS MA 223 -38.14 3.06 -49.07
C LYS MA 223 -39.66 3.14 -48.97
N HIS MA 224 -40.19 4.33 -48.68
CA HIS MA 224 -41.64 4.60 -48.67
C HIS MA 224 -41.87 5.78 -49.60
N GLU MA 225 -41.99 5.49 -50.90
CA GLU MA 225 -42.16 6.52 -51.92
C GLU MA 225 -43.51 6.47 -52.61
N ARG MA 226 -44.18 5.32 -52.59
CA ARG MA 226 -45.54 5.20 -53.08
C ARG MA 226 -46.56 5.72 -52.09
N ASN MA 227 -46.12 6.13 -50.90
CA ASN MA 227 -46.99 6.71 -49.89
C ASN MA 227 -46.82 8.22 -49.87
N LYS MA 228 -47.84 8.91 -49.38
CA LYS MA 228 -47.81 10.37 -49.29
C LYS MA 228 -47.99 10.80 -47.84
N ASP MA 229 -48.90 10.15 -47.13
CA ASP MA 229 -49.19 10.54 -45.75
C ASP MA 229 -48.12 10.09 -44.76
N ALA MA 230 -47.45 8.96 -45.05
CA ALA MA 230 -46.44 8.46 -44.13
C ALA MA 230 -45.26 9.43 -44.01
N VAL MA 231 -44.86 10.02 -45.14
CA VAL MA 231 -43.73 10.97 -45.12
C VAL MA 231 -44.07 12.18 -44.27
N LEU MA 232 -45.26 12.75 -44.48
CA LEU MA 232 -45.68 13.91 -43.71
C LEU MA 232 -45.84 13.57 -42.23
N ASP MA 233 -46.33 12.36 -41.94
CA ASP MA 233 -46.48 11.94 -40.55
C ASP MA 233 -45.12 11.80 -39.88
N ARG MA 234 -44.15 11.20 -40.57
CA ARG MA 234 -42.80 11.11 -40.03
C ARG MA 234 -42.20 12.49 -39.79
N LEU MA 235 -42.42 13.41 -40.73
CA LEU MA 235 -41.90 14.76 -40.56
C LEU MA 235 -42.55 15.46 -39.38
N SER MA 236 -43.86 15.28 -39.19
CA SER MA 236 -44.52 15.88 -38.03
C SER MA 236 -44.00 15.29 -36.73
N ASP MA 237 -43.76 13.97 -36.71
CA ASP MA 237 -43.18 13.35 -35.53
C ASP MA 237 -41.80 13.91 -35.23
N LEU MA 238 -40.99 14.12 -36.27
CA LEU MA 238 -39.68 14.73 -36.09
C LEU MA 238 -39.82 16.12 -35.48
N VAL MA 239 -40.69 16.97 -36.07
CA VAL MA 239 -40.80 18.35 -35.62
C VAL MA 239 -41.41 18.45 -34.22
N ASN MA 240 -42.25 17.50 -33.83
CA ASN MA 240 -42.89 17.55 -32.52
C ASN MA 240 -42.12 16.83 -31.43
N CYS MA 241 -41.06 16.11 -31.76
CA CYS MA 241 -40.39 15.29 -30.77
C CYS MA 241 -39.62 16.12 -29.75
N THR MA 242 -38.94 17.16 -30.19
CA THR MA 242 -38.13 18.00 -29.31
C THR MA 242 -38.99 19.09 -28.66
N ALA MA 243 -38.45 19.67 -27.59
CA ALA MA 243 -39.16 20.66 -26.79
C ALA MA 243 -38.47 22.02 -26.90
N PRO MA 244 -39.25 23.09 -27.07
CA PRO MA 244 -38.65 24.41 -27.27
C PRO MA 244 -37.91 24.91 -26.03
N SER MA 245 -36.94 25.77 -26.28
CA SER MA 245 -36.03 26.30 -25.26
C SER MA 245 -36.58 27.61 -24.69
N VAL MA 246 -35.74 28.35 -23.98
CA VAL MA 246 -36.20 29.57 -23.30
C VAL MA 246 -36.75 30.58 -24.29
N ALA MA 247 -37.52 31.53 -23.78
CA ALA MA 247 -38.13 32.58 -24.59
C ALA MA 247 -37.41 33.89 -24.29
N VAL MA 248 -36.64 34.36 -25.28
CA VAL MA 248 -36.00 35.67 -25.22
C VAL MA 248 -36.80 36.62 -26.11
N ALA MA 249 -37.05 37.83 -25.61
CA ALA MA 249 -37.92 38.78 -26.27
C ALA MA 249 -37.21 39.57 -27.36
N ARG MA 250 -35.97 39.20 -27.71
CA ARG MA 250 -35.21 39.94 -28.71
C ARG MA 250 -35.14 39.24 -30.07
N MET MA 251 -35.63 38.00 -30.17
CA MET MA 251 -35.63 37.33 -31.47
C MET MA 251 -36.68 37.96 -32.39
N THR MA 252 -37.94 37.91 -31.98
CA THR MA 252 -39.05 38.55 -32.70
C THR MA 252 -39.10 38.16 -34.18
N HIS MA 253 -38.59 36.98 -34.52
CA HIS MA 253 -38.79 36.44 -35.86
C HIS MA 253 -40.28 36.24 -36.11
N ALA MA 254 -40.73 36.56 -37.32
CA ALA MA 254 -42.14 36.51 -37.61
C ALA MA 254 -42.38 36.54 -39.11
N ASP MA 255 -43.48 35.93 -39.53
CA ASP MA 255 -43.95 36.02 -40.90
C ASP MA 255 -44.41 37.44 -41.21
N THR MA 256 -44.49 37.75 -42.51
CA THR MA 256 -45.00 39.06 -42.94
C THR MA 256 -46.35 39.38 -42.32
N GLN MA 257 -47.20 38.36 -42.12
CA GLN MA 257 -48.56 38.57 -41.66
C GLN MA 257 -48.71 38.44 -40.15
N GLY MA 258 -48.37 37.28 -39.60
CA GLY MA 258 -48.80 36.97 -38.23
C GLY MA 258 -47.83 36.30 -37.30
N ARG MA 259 -48.26 35.18 -36.74
CA ARG MA 259 -47.60 34.55 -35.60
C ARG MA 259 -46.12 34.28 -35.88
N PRO MA 260 -45.30 34.18 -34.84
CA PRO MA 260 -43.86 34.00 -35.04
C PRO MA 260 -43.52 32.63 -35.59
N VAL MA 261 -42.33 32.55 -36.20
CA VAL MA 261 -41.82 31.30 -36.74
C VAL MA 261 -41.23 30.51 -35.58
N ASP MA 262 -40.93 29.24 -35.82
CA ASP MA 262 -40.48 28.41 -34.71
C ASP MA 262 -39.10 27.80 -34.90
N GLY MA 263 -38.77 27.34 -36.10
CA GLY MA 263 -37.50 26.67 -36.28
C GLY MA 263 -37.16 26.55 -37.75
N VAL MA 264 -36.06 25.83 -38.00
CA VAL MA 264 -35.55 25.63 -39.35
C VAL MA 264 -35.57 24.14 -39.68
N LEU MA 265 -35.78 23.85 -40.95
CA LEU MA 265 -35.62 22.51 -41.49
C LEU MA 265 -34.54 22.61 -42.56
N VAL MA 266 -33.29 22.53 -42.14
CA VAL MA 266 -32.17 22.64 -43.07
C VAL MA 266 -31.87 21.27 -43.65
N THR MA 267 -31.74 21.20 -44.97
CA THR MA 267 -31.56 19.94 -45.65
C THR MA 267 -30.83 20.20 -46.96
N THR MA 268 -30.32 19.12 -47.56
CA THR MA 268 -29.62 19.23 -48.82
C THR MA 268 -30.56 19.72 -49.91
N ALA MA 269 -29.97 20.28 -50.97
CA ALA MA 269 -30.75 20.77 -52.10
C ALA MA 269 -31.56 19.68 -52.78
N GLY MA 270 -31.14 18.42 -52.67
CA GLY MA 270 -31.85 17.32 -53.30
C GLY MA 270 -33.22 17.05 -52.70
N VAL MA 271 -33.24 16.80 -51.39
CA VAL MA 271 -34.50 16.51 -50.72
C VAL MA 271 -35.47 17.68 -50.81
N ARG MA 272 -34.95 18.91 -50.86
CA ARG MA 272 -35.84 20.08 -50.93
C ARG MA 272 -36.74 20.02 -52.16
N GLN MA 273 -36.19 19.61 -53.30
CA GLN MA 273 -37.02 19.52 -54.51
C GLN MA 273 -38.06 18.42 -54.39
N ARG MA 274 -37.69 17.29 -53.79
CA ARG MA 274 -38.66 16.21 -53.60
C ARG MA 274 -39.70 16.55 -52.55
N LEU MA 275 -39.47 17.57 -51.73
CA LEU MA 275 -40.46 17.96 -50.72
C LEU MA 275 -41.37 19.09 -51.19
N LEU MA 276 -40.79 20.20 -51.63
CA LEU MA 276 -41.59 21.39 -51.91
C LEU MA 276 -42.60 21.20 -53.03
N HIS MA 277 -42.40 20.19 -53.89
CA HIS MA 277 -43.20 20.06 -55.10
C HIS MA 277 -44.31 19.04 -55.01
N HIS MA 278 -44.31 18.16 -53.99
CA HIS MA 278 -45.36 17.16 -53.90
C HIS MA 278 -45.97 16.98 -52.52
N VAL MA 279 -45.31 17.36 -51.44
CA VAL MA 279 -45.79 17.03 -50.10
C VAL MA 279 -46.08 18.26 -49.24
N LEU MA 280 -45.44 19.39 -49.48
CA LEU MA 280 -45.58 20.57 -48.63
C LEU MA 280 -45.98 21.77 -49.47
N THR MA 281 -46.98 22.51 -49.00
CA THR MA 281 -47.43 23.73 -49.65
C THR MA 281 -46.77 24.94 -48.99
N LEU MA 282 -46.35 25.89 -49.82
CA LEU MA 282 -45.64 27.06 -49.32
C LEU MA 282 -46.57 27.94 -48.51
N ALA MA 283 -46.15 28.29 -47.28
CA ALA MA 283 -46.94 29.19 -46.45
C ALA MA 283 -46.84 30.62 -46.96
N ASP MA 284 -45.64 31.18 -47.00
CA ASP MA 284 -45.40 32.47 -47.61
C ASP MA 284 -43.91 32.57 -47.96
N THR MA 285 -43.60 33.45 -48.91
CA THR MA 285 -42.26 33.55 -49.46
C THR MA 285 -41.53 34.81 -48.99
N HIS MA 286 -41.85 35.29 -47.79
CA HIS MA 286 -41.18 36.46 -47.23
C HIS MA 286 -41.29 36.40 -45.71
N ALA MA 287 -40.36 37.04 -45.03
CA ALA MA 287 -40.32 37.01 -43.57
C ALA MA 287 -39.68 38.29 -43.05
N ASP MA 288 -39.85 38.51 -41.74
CA ASP MA 288 -39.27 39.66 -41.05
C ASP MA 288 -38.26 39.16 -40.04
N VAL MA 289 -37.07 39.75 -40.03
CA VAL MA 289 -35.95 39.26 -39.23
C VAL MA 289 -35.29 40.45 -38.56
N PRO MA 290 -34.83 40.28 -37.31
CA PRO MA 290 -33.98 41.31 -36.68
C PRO MA 290 -32.76 41.62 -37.54
N VAL MA 291 -32.12 42.73 -37.22
CA VAL MA 291 -31.11 43.30 -38.12
C VAL MA 291 -29.78 43.51 -37.38
N THR MA 292 -29.80 43.40 -36.06
CA THR MA 292 -28.62 43.67 -35.26
C THR MA 292 -28.50 42.64 -34.15
N TYR MA 293 -27.28 42.32 -33.76
CA TYR MA 293 -27.03 41.41 -32.66
C TYR MA 293 -27.34 42.13 -31.34
N GLY MA 294 -27.04 41.47 -30.23
CA GLY MA 294 -27.13 42.10 -28.93
C GLY MA 294 -25.75 42.49 -28.44
N GLU MA 295 -25.67 43.39 -27.46
CA GLU MA 295 -24.40 43.81 -26.89
C GLU MA 295 -24.30 43.31 -25.46
N MET MA 296 -23.07 43.03 -25.03
CA MET MA 296 -22.80 42.57 -23.67
C MET MA 296 -21.43 43.07 -23.27
N VAL MA 297 -21.39 44.19 -22.56
CA VAL MA 297 -20.15 44.82 -22.14
C VAL MA 297 -20.12 44.87 -20.61
N ILE MA 298 -18.92 44.77 -20.05
CA ILE MA 298 -18.74 44.90 -18.60
C ILE MA 298 -18.44 46.37 -18.33
N ALA MA 299 -19.43 47.09 -17.80
CA ALA MA 299 -19.34 48.54 -17.66
C ALA MA 299 -19.81 48.97 -16.27
N ASN MA 300 -18.91 49.61 -15.53
CA ASN MA 300 -19.17 50.46 -14.36
C ASN MA 300 -19.73 49.73 -13.15
N THR MA 301 -20.10 48.47 -13.29
CA THR MA 301 -20.32 47.71 -12.06
C THR MA 301 -19.65 46.34 -12.12
N ASN MA 302 -19.63 45.69 -13.29
CA ASN MA 302 -18.84 44.48 -13.45
C ASN MA 302 -17.35 44.77 -13.41
N LEU MA 303 -16.96 46.03 -13.59
CA LEU MA 303 -15.53 46.35 -13.66
C LEU MA 303 -14.86 46.13 -12.32
N VAL MA 304 -15.44 46.64 -11.24
CA VAL MA 304 -14.84 46.47 -9.92
C VAL MA 304 -14.74 44.99 -9.57
N THR MA 305 -15.81 44.23 -9.82
CA THR MA 305 -15.79 42.80 -9.52
C THR MA 305 -14.72 42.09 -10.34
N ALA MA 306 -14.74 42.27 -11.66
CA ALA MA 306 -13.77 41.61 -12.52
C ALA MA 306 -12.34 42.05 -12.24
N LEU MA 307 -12.13 43.18 -11.57
CA LEU MA 307 -10.76 43.60 -11.35
C LEU MA 307 -10.23 43.23 -9.97
N VAL MA 308 -10.92 43.61 -8.89
CA VAL MA 308 -10.47 43.23 -7.54
C VAL MA 308 -10.89 41.81 -7.19
N MET MA 309 -12.14 41.45 -7.49
CA MET MA 309 -12.65 40.13 -7.10
C MET MA 309 -12.14 39.06 -8.05
N GLY MA 310 -12.47 39.17 -9.34
CA GLY MA 310 -12.07 38.17 -10.30
C GLY MA 310 -13.24 37.41 -10.87
N LYS MA 311 -14.46 37.89 -10.63
CA LYS MA 311 -15.67 37.27 -11.14
C LYS MA 311 -16.54 38.34 -11.76
N ALA MA 312 -17.61 37.91 -12.43
CA ALA MA 312 -18.53 38.82 -13.09
C ALA MA 312 -19.85 38.10 -13.32
N VAL MA 313 -20.91 38.88 -13.53
CA VAL MA 313 -22.23 38.35 -13.82
C VAL MA 313 -22.84 39.16 -14.95
N SER MA 314 -23.69 38.51 -15.74
CA SER MA 314 -24.27 39.14 -16.92
C SER MA 314 -25.14 40.34 -16.53
N ASN MA 315 -26.21 40.10 -15.78
CA ASN MA 315 -27.16 41.15 -15.43
C ASN MA 315 -26.83 41.82 -14.10
N MET MA 316 -25.59 42.30 -13.97
CA MET MA 316 -25.18 42.93 -12.72
C MET MA 316 -25.99 44.19 -12.42
N ASP MA 317 -26.35 44.95 -13.45
CA ASP MA 317 -27.15 46.14 -13.26
C ASP MA 317 -28.46 45.83 -12.55
N ASP MA 318 -29.17 44.79 -13.01
CA ASP MA 318 -30.47 44.48 -12.44
C ASP MA 318 -30.38 43.87 -11.05
N VAL MA 319 -29.40 42.99 -10.82
CA VAL MA 319 -29.23 42.43 -9.48
C VAL MA 319 -28.83 43.51 -8.49
N ALA MA 320 -28.09 44.52 -8.95
CA ALA MA 320 -27.80 45.68 -8.12
C ALA MA 320 -29.06 46.47 -7.83
N ARG MA 321 -29.84 46.77 -8.88
CA ARG MA 321 -31.06 47.55 -8.71
C ARG MA 321 -32.06 46.85 -7.79
N TYR MA 322 -32.01 45.52 -7.72
CA TYR MA 322 -32.97 44.81 -6.88
C TYR MA 322 -32.46 44.57 -5.46
N LEU MA 323 -31.21 44.14 -5.32
CA LEU MA 323 -30.69 43.80 -3.98
C LEU MA 323 -30.78 44.99 -3.04
N LEU MA 324 -30.36 46.16 -3.48
CA LEU MA 324 -30.60 47.40 -2.77
C LEU MA 324 -31.77 48.12 -3.41
N GLY MA 325 -32.40 49.01 -2.64
CA GLY MA 325 -33.63 49.64 -3.10
C GLY MA 325 -33.44 50.46 -4.37
N GLY MA 326 -32.37 51.24 -4.44
CA GLY MA 326 -32.11 52.05 -5.60
C GLY MA 326 -33.08 53.21 -5.75
N GLY MA 337 -35.39 47.18 -34.45
CA GLY MA 337 -34.78 47.09 -35.76
C GLY MA 337 -35.20 45.85 -36.54
N SER MA 338 -36.11 46.04 -37.50
CA SER MA 338 -36.64 44.95 -38.29
C SER MA 338 -36.43 45.23 -39.77
N ALA MA 339 -36.45 44.15 -40.56
CA ALA MA 339 -36.29 44.23 -42.00
C ALA MA 339 -37.23 43.20 -42.63
N ARG MA 340 -37.04 42.93 -43.91
CA ARG MA 340 -37.85 41.95 -44.62
C ARG MA 340 -37.01 41.33 -45.72
N VAL MA 341 -36.83 40.01 -45.65
CA VAL MA 341 -36.04 39.26 -46.60
C VAL MA 341 -36.95 38.25 -47.30
N ARG MA 342 -36.36 37.52 -48.24
CA ARG MA 342 -37.07 36.47 -48.98
C ARG MA 342 -36.64 35.12 -48.42
N ALA MA 343 -37.58 34.42 -47.79
CA ALA MA 343 -37.33 33.08 -47.26
C ALA MA 343 -38.47 32.17 -47.72
N ASP MA 344 -38.46 30.94 -47.23
CA ASP MA 344 -39.44 29.92 -47.64
C ASP MA 344 -40.07 29.34 -46.38
N LEU MA 345 -41.22 29.89 -45.99
CA LEU MA 345 -41.94 29.41 -44.82
C LEU MA 345 -42.86 28.27 -45.19
N VAL MA 346 -43.06 27.35 -44.24
CA VAL MA 346 -43.93 26.20 -44.43
C VAL MA 346 -44.60 25.88 -43.10
N VAL MA 347 -45.71 25.15 -43.18
CA VAL MA 347 -46.40 24.65 -41.99
C VAL MA 347 -46.29 23.13 -41.98
N VAL MA 348 -45.81 22.59 -40.87
CA VAL MA 348 -45.65 21.15 -40.68
C VAL MA 348 -46.19 20.81 -39.31
N GLY MA 349 -46.85 19.66 -39.21
CA GLY MA 349 -47.53 19.30 -37.98
C GLY MA 349 -48.56 20.36 -37.63
N ASP MA 350 -48.27 21.14 -36.58
CA ASP MA 350 -49.07 22.32 -36.26
C ASP MA 350 -48.23 23.55 -36.03
N ARG MA 351 -46.94 23.51 -36.39
CA ARG MA 351 -46.01 24.61 -36.18
C ARG MA 351 -45.72 25.29 -37.51
N LEU MA 352 -45.00 26.43 -37.42
CA LEU MA 352 -44.57 27.18 -38.60
C LEU MA 352 -43.04 27.26 -38.54
N VAL MA 353 -42.38 26.69 -39.55
CA VAL MA 353 -40.93 26.56 -39.54
C VAL MA 353 -40.36 27.05 -40.87
N PHE MA 354 -39.09 27.45 -40.83
CA PHE MA 354 -38.37 27.75 -42.05
C PHE MA 354 -38.08 26.47 -42.83
N LEU MA 355 -37.65 26.64 -44.08
CA LEU MA 355 -37.24 25.52 -44.93
C LEU MA 355 -36.15 26.05 -45.85
N GLU MA 356 -34.90 25.78 -45.51
CA GLU MA 356 -33.76 26.36 -46.19
C GLU MA 356 -32.78 25.27 -46.63
N ALA MA 357 -32.19 25.48 -47.80
CA ALA MA 357 -31.11 24.63 -48.30
C ALA MA 357 -29.94 25.54 -48.64
N LEU MA 358 -28.80 25.29 -48.01
CA LEU MA 358 -27.63 26.18 -48.11
C LEU MA 358 -26.56 25.63 -49.04
N GLU MA 359 -26.96 24.99 -50.14
CA GLU MA 359 -26.00 24.40 -51.06
C GLU MA 359 -25.59 25.36 -52.19
N LYS MA 360 -26.43 26.32 -52.52
CA LYS MA 360 -26.17 27.26 -53.61
C LYS MA 360 -25.74 28.63 -53.11
N ARG MA 361 -26.37 29.11 -52.03
CA ARG MA 361 -25.93 30.37 -51.41
C ARG MA 361 -24.53 30.23 -50.83
N VAL MA 362 -24.37 29.29 -49.90
CA VAL MA 362 -23.09 29.01 -49.28
C VAL MA 362 -22.53 27.72 -49.90
N TYR MA 363 -21.24 27.49 -49.69
CA TYR MA 363 -20.58 26.22 -49.96
C TYR MA 363 -20.36 25.97 -51.45
N GLN MA 364 -20.87 26.84 -52.31
CA GLN MA 364 -20.76 26.64 -53.75
C GLN MA 364 -19.41 27.12 -54.27
N ALA MA 365 -18.85 26.36 -55.21
CA ALA MA 365 -17.63 26.70 -55.91
C ALA MA 365 -16.43 26.87 -54.98
N THR MA 366 -16.48 26.26 -53.81
CA THR MA 366 -15.34 26.24 -52.89
C THR MA 366 -15.13 24.82 -52.41
N GLN MA 367 -13.89 24.51 -52.02
CA GLN MA 367 -13.46 23.14 -51.81
C GLN MA 367 -13.89 22.56 -50.47
N VAL MA 368 -14.84 23.19 -49.76
CA VAL MA 368 -15.34 22.63 -48.51
C VAL MA 368 -16.55 21.75 -48.84
N PRO MA 369 -16.66 20.56 -48.26
CA PRO MA 369 -17.84 19.72 -48.49
C PRO MA 369 -19.00 20.09 -47.58
N TYR MA 370 -20.20 19.94 -48.12
CA TYR MA 370 -21.41 20.20 -47.35
C TYR MA 370 -21.42 19.34 -46.09
N PRO MA 371 -21.82 19.88 -44.94
CA PRO MA 371 -21.82 19.11 -43.70
C PRO MA 371 -23.03 18.23 -43.50
N LEU MA 372 -24.12 18.44 -44.24
CA LEU MA 372 -25.34 17.68 -44.06
C LEU MA 372 -25.31 16.33 -44.76
N VAL MA 373 -24.22 15.98 -45.43
CA VAL MA 373 -24.07 14.65 -46.04
C VAL MA 373 -23.38 13.79 -45.00
N GLY MA 374 -24.17 13.14 -44.14
CA GLY MA 374 -23.64 12.32 -43.08
C GLY MA 374 -22.97 11.05 -43.57
N ASN MA 375 -22.62 10.16 -42.63
CA ASN MA 375 -21.95 8.91 -42.98
C ASN MA 375 -22.52 7.82 -42.09
N LEU MA 376 -23.37 6.97 -42.66
CA LEU MA 376 -23.92 5.85 -41.92
C LEU MA 376 -22.92 4.70 -41.90
N ASP MA 377 -22.95 3.92 -40.81
CA ASP MA 377 -21.99 2.85 -40.63
C ASP MA 377 -22.71 1.60 -40.15
N VAL MA 378 -22.43 0.48 -40.82
CA VAL MA 378 -22.99 -0.82 -40.45
C VAL MA 378 -21.87 -1.84 -40.54
N THR MA 379 -21.94 -2.87 -39.71
CA THR MA 379 -21.04 -4.00 -39.76
C THR MA 379 -21.81 -5.22 -40.23
N PHE MA 380 -21.19 -6.01 -41.10
CA PHE MA 380 -21.81 -7.22 -41.64
C PHE MA 380 -21.12 -8.45 -41.07
N VAL MA 381 -21.80 -9.59 -41.16
CA VAL MA 381 -21.29 -10.84 -40.62
C VAL MA 381 -21.97 -12.00 -41.34
N MET MA 382 -21.19 -13.03 -41.66
CA MET MA 382 -21.73 -14.19 -42.37
C MET MA 382 -20.94 -15.43 -42.02
N PRO MA 383 -21.59 -16.57 -41.85
CA PRO MA 383 -20.87 -17.80 -41.53
C PRO MA 383 -20.23 -18.40 -42.77
N LEU MA 384 -19.06 -18.99 -42.57
CA LEU MA 384 -18.31 -19.56 -43.70
C LEU MA 384 -18.61 -21.05 -43.90
N GLY MA 385 -18.30 -21.88 -42.89
CA GLY MA 385 -18.34 -23.31 -43.10
C GLY MA 385 -19.11 -24.09 -42.07
N VAL MA 386 -20.24 -23.55 -41.61
CA VAL MA 386 -21.07 -24.30 -40.67
C VAL MA 386 -21.70 -25.49 -41.38
N PHE MA 387 -22.17 -26.44 -40.58
CA PHE MA 387 -22.76 -27.68 -41.09
C PHE MA 387 -23.97 -28.02 -40.22
N LYS MA 388 -25.16 -27.92 -40.82
CA LYS MA 388 -26.39 -28.13 -40.10
C LYS MA 388 -26.50 -29.58 -39.61
N PRO MA 389 -27.29 -29.85 -38.56
CA PRO MA 389 -27.40 -31.22 -38.06
C PRO MA 389 -28.13 -32.14 -39.03
N ALA MA 390 -28.32 -33.40 -38.65
CA ALA MA 390 -28.93 -34.37 -39.55
C ALA MA 390 -30.39 -34.10 -39.80
N ALA MA 391 -31.04 -33.34 -38.91
CA ALA MA 391 -32.48 -33.14 -38.98
C ALA MA 391 -32.88 -32.00 -39.91
N ASP MA 392 -31.93 -31.26 -40.47
CA ASP MA 392 -32.23 -30.09 -41.28
C ASP MA 392 -31.73 -30.21 -42.72
N ARG MA 393 -31.21 -31.37 -43.12
CA ARG MA 393 -30.73 -31.58 -44.48
C ARG MA 393 -31.87 -32.18 -45.28
N TYR MA 394 -32.62 -31.33 -45.97
CA TYR MA 394 -33.84 -31.74 -46.67
C TYR MA 394 -34.09 -30.80 -47.84
N ALA MA 395 -34.48 -31.37 -48.98
CA ALA MA 395 -34.90 -30.58 -50.13
C ALA MA 395 -36.35 -30.16 -49.96
N ARG MA 396 -36.67 -28.94 -50.36
CA ARG MA 396 -38.05 -28.47 -50.23
C ARG MA 396 -39.00 -29.17 -51.18
N HIS MA 397 -38.54 -29.55 -52.37
CA HIS MA 397 -39.37 -30.23 -53.35
C HIS MA 397 -38.63 -31.45 -53.87
N ALA MA 398 -39.39 -32.34 -54.53
CA ALA MA 398 -38.78 -33.50 -55.16
C ALA MA 398 -37.80 -33.10 -56.26
N GLY MA 399 -38.18 -32.11 -57.07
CA GLY MA 399 -37.29 -31.65 -58.11
C GLY MA 399 -36.27 -30.69 -57.55
N SER MA 400 -35.07 -31.20 -57.32
CA SER MA 400 -34.00 -30.44 -56.71
C SER MA 400 -33.21 -29.71 -57.79
N PHE MA 401 -32.07 -29.15 -57.43
CA PHE MA 401 -31.07 -28.74 -58.42
C PHE MA 401 -30.38 -30.03 -58.86
N ALA MA 402 -31.09 -30.78 -59.70
CA ALA MA 402 -30.65 -32.11 -60.08
C ALA MA 402 -29.26 -32.04 -60.73
N PRO MA 403 -28.33 -32.87 -60.27
CA PRO MA 403 -27.01 -32.91 -60.87
C PRO MA 403 -27.09 -33.56 -62.25
N THR MA 404 -25.99 -33.45 -62.98
CA THR MA 404 -25.90 -34.11 -64.27
C THR MA 404 -26.06 -35.62 -64.05
N PRO MA 405 -26.84 -36.31 -64.88
CA PRO MA 405 -27.03 -37.75 -64.68
C PRO MA 405 -25.74 -38.53 -64.88
N GLY MA 406 -25.34 -39.30 -63.89
CA GLY MA 406 -24.10 -40.07 -63.96
C GLY MA 406 -23.03 -39.49 -63.06
N LEU MA 407 -23.44 -38.87 -61.97
CA LEU MA 407 -22.52 -38.23 -61.03
C LEU MA 407 -23.22 -38.13 -59.69
N PRO MA 408 -22.50 -38.29 -58.57
CA PRO MA 408 -23.12 -38.08 -57.27
C PRO MA 408 -23.36 -36.60 -57.02
N ASP MA 409 -24.52 -36.30 -56.43
CA ASP MA 409 -24.96 -34.94 -56.18
C ASP MA 409 -23.94 -34.18 -55.35
N PRO MA 410 -23.23 -33.21 -55.93
CA PRO MA 410 -22.21 -32.47 -55.19
C PRO MA 410 -22.76 -31.45 -54.20
N ARG MA 411 -24.08 -31.39 -54.01
CA ARG MA 411 -24.67 -30.46 -53.07
C ARG MA 411 -24.70 -30.99 -51.64
N THR MA 412 -24.63 -32.31 -51.46
CA THR MA 412 -24.74 -32.92 -50.14
C THR MA 412 -23.49 -32.74 -49.29
N HIS MA 413 -22.33 -32.59 -49.92
CA HIS MA 413 -21.08 -32.41 -49.18
C HIS MA 413 -21.15 -31.18 -48.29
N PRO MA 414 -20.32 -31.13 -47.24
CA PRO MA 414 -20.25 -29.92 -46.42
C PRO MA 414 -19.72 -28.75 -47.22
N PRO MA 415 -20.28 -27.57 -47.03
CA PRO MA 415 -19.83 -26.40 -47.79
C PRO MA 415 -18.48 -25.90 -47.30
N ARG MA 416 -17.77 -25.20 -48.19
CA ARG MA 416 -16.48 -24.62 -47.82
C ARG MA 416 -16.28 -23.22 -48.38
N ALA MA 417 -17.35 -22.54 -48.79
CA ALA MA 417 -17.24 -21.19 -49.34
C ALA MA 417 -18.60 -20.52 -49.27
N VAL MA 418 -18.61 -19.20 -49.43
CA VAL MA 418 -19.83 -18.41 -49.42
C VAL MA 418 -19.83 -17.48 -50.61
N HIS MA 419 -21.04 -17.09 -51.03
CA HIS MA 419 -21.22 -16.09 -52.07
C HIS MA 419 -22.14 -15.00 -51.56
N PHE MA 420 -21.85 -13.76 -51.95
CA PHE MA 420 -22.68 -12.61 -51.63
C PHE MA 420 -22.63 -11.64 -52.79
N PHE MA 421 -23.13 -10.43 -52.57
CA PHE MA 421 -23.21 -9.42 -53.62
C PHE MA 421 -22.31 -8.23 -53.30
N ASN MA 422 -21.76 -7.65 -54.35
CA ASN MA 422 -20.88 -6.49 -54.25
C ASN MA 422 -21.73 -5.22 -54.14
N LYS MA 423 -21.09 -4.06 -54.23
CA LYS MA 423 -21.83 -2.80 -54.27
C LYS MA 423 -22.63 -2.69 -55.55
N ASP MA 424 -21.97 -2.81 -56.70
CA ASP MA 424 -22.67 -2.75 -57.97
C ASP MA 424 -23.53 -3.99 -58.20
N GLY MA 425 -23.06 -5.16 -57.77
CA GLY MA 425 -23.86 -6.36 -57.90
C GLY MA 425 -23.12 -7.60 -58.31
N VAL MA 426 -21.89 -7.44 -58.80
CA VAL MA 426 -21.08 -8.57 -59.24
C VAL MA 426 -20.88 -9.54 -58.08
N PRO MA 427 -21.04 -10.84 -58.29
CA PRO MA 427 -20.87 -11.81 -57.19
C PRO MA 427 -19.41 -11.92 -56.75
N CYS MA 428 -19.22 -11.84 -55.43
CA CYS MA 428 -17.90 -11.83 -54.83
C CYS MA 428 -17.84 -12.90 -53.76
N HIS MA 429 -17.05 -13.95 -54.01
CA HIS MA 429 -17.05 -15.13 -53.16
C HIS MA 429 -15.84 -15.15 -52.23
N VAL MA 430 -16.10 -15.54 -50.98
CA VAL MA 430 -15.07 -15.70 -49.97
C VAL MA 430 -14.96 -17.19 -49.63
N THR MA 431 -13.73 -17.71 -49.61
CA THR MA 431 -13.51 -19.11 -49.29
C THR MA 431 -12.42 -19.20 -48.23
N PHE MA 432 -12.08 -20.43 -47.87
CA PHE MA 432 -11.03 -20.68 -46.88
C PHE MA 432 -9.70 -20.09 -47.33
N GLU MA 433 -9.45 -20.07 -48.63
CA GLU MA 433 -8.15 -19.65 -49.16
C GLU MA 433 -7.73 -18.28 -48.67
N HIS MA 434 -8.67 -17.37 -48.44
CA HIS MA 434 -8.32 -16.05 -47.92
C HIS MA 434 -8.00 -16.09 -46.43
N ALA MA 435 -8.46 -17.12 -45.73
CA ALA MA 435 -8.23 -17.23 -44.29
C ALA MA 435 -6.79 -17.58 -43.94
N MET MA 436 -5.96 -17.89 -44.93
CA MET MA 436 -4.55 -18.19 -44.67
C MET MA 436 -3.83 -17.02 -44.02
N GLY MA 437 -4.32 -15.79 -44.21
CA GLY MA 437 -3.72 -14.63 -43.58
C GLY MA 437 -3.88 -14.59 -42.07
N THR MA 438 -4.78 -15.40 -41.51
CA THR MA 438 -4.97 -15.48 -40.07
C THR MA 438 -4.65 -16.86 -39.51
N LEU MA 439 -5.23 -17.91 -40.07
CA LEU MA 439 -5.04 -19.26 -39.55
C LEU MA 439 -3.67 -19.84 -39.91
N CYS MA 440 -2.80 -19.05 -40.53
CA CYS MA 440 -1.40 -19.42 -40.75
C CYS MA 440 -0.56 -18.24 -40.26
N HIS MA 441 -0.30 -18.22 -38.95
CA HIS MA 441 0.47 -17.18 -38.29
C HIS MA 441 0.84 -17.67 -36.89
N PRO MA 442 2.08 -17.43 -36.45
CA PRO MA 442 2.49 -17.95 -35.14
C PRO MA 442 1.59 -17.55 -33.98
N SER MA 443 0.74 -16.53 -34.15
CA SER MA 443 -0.25 -16.21 -33.12
C SER MA 443 -1.19 -17.36 -32.85
N PHE MA 444 -1.40 -18.24 -33.84
CA PHE MA 444 -2.25 -19.41 -33.67
C PHE MA 444 -1.73 -20.36 -32.59
N LEU MA 445 -0.50 -20.18 -32.14
CA LEU MA 445 0.13 -21.03 -31.13
C LEU MA 445 0.63 -20.19 -29.96
N ASP MA 446 -0.12 -19.16 -29.61
CA ASP MA 446 0.21 -18.25 -28.51
C ASP MA 446 -0.67 -18.66 -27.34
N VAL MA 447 -0.09 -19.39 -26.39
CA VAL MA 447 -0.78 -19.80 -25.18
C VAL MA 447 0.04 -19.52 -23.93
N ASP MA 448 1.13 -18.75 -24.07
CA ASP MA 448 1.98 -18.48 -22.92
C ASP MA 448 1.30 -17.54 -21.94
N ALA MA 449 0.56 -16.56 -22.44
CA ALA MA 449 -0.17 -15.65 -21.55
C ALA MA 449 -1.39 -16.31 -20.93
N THR MA 450 -2.07 -17.19 -21.68
CA THR MA 450 -3.27 -17.83 -21.16
C THR MA 450 -2.95 -18.71 -19.96
N LEU MA 451 -1.84 -19.44 -20.02
CA LEU MA 451 -1.43 -20.26 -18.89
C LEU MA 451 -1.10 -19.40 -17.67
N ALA MA 452 -0.18 -18.44 -17.84
CA ALA MA 452 0.18 -17.53 -16.76
C ALA MA 452 -1.02 -16.77 -16.21
N ALA MA 453 -2.10 -16.66 -16.96
CA ALA MA 453 -3.34 -16.09 -16.44
C ALA MA 453 -4.27 -17.13 -15.83
N LEU MA 454 -4.08 -18.41 -16.14
CA LEU MA 454 -4.91 -19.47 -15.61
C LEU MA 454 -4.40 -20.03 -14.29
N ARG MA 455 -3.13 -19.82 -13.97
CA ARG MA 455 -2.56 -20.31 -12.72
C ARG MA 455 -2.81 -19.36 -11.55
N GLN MA 456 -3.65 -18.33 -11.73
CA GLN MA 456 -3.92 -17.39 -10.65
C GLN MA 456 -4.73 -18.05 -9.55
N GLU MA 457 -5.82 -18.72 -9.90
CA GLU MA 457 -6.46 -19.63 -8.96
C GLU MA 457 -5.45 -20.72 -8.60
N PRO MA 458 -5.24 -21.02 -7.31
CA PRO MA 458 -4.10 -21.86 -6.92
C PRO MA 458 -4.09 -23.24 -7.58
N ALA MA 459 -5.11 -24.06 -7.32
CA ALA MA 459 -5.18 -25.41 -7.87
C ALA MA 459 -6.46 -26.12 -7.45
N GLU MA 460 -6.77 -27.22 -8.13
CA GLU MA 460 -7.85 -28.12 -7.69
C GLU MA 460 -7.63 -29.46 -8.40
N VAL MA 461 -7.36 -30.50 -7.62
CA VAL MA 461 -7.09 -31.83 -8.18
C VAL MA 461 -8.36 -32.65 -8.20
N GLN MA 462 -9.02 -32.73 -9.37
CA GLN MA 462 -10.21 -33.55 -9.49
C GLN MA 462 -9.87 -35.02 -9.47
N CYS MA 463 -9.10 -35.47 -10.47
CA CYS MA 463 -8.66 -36.85 -10.57
C CYS MA 463 -7.19 -36.86 -10.96
N ALA MA 464 -6.63 -38.05 -11.16
CA ALA MA 464 -5.23 -38.15 -11.53
C ALA MA 464 -4.93 -39.26 -12.55
N PHE MA 465 -5.94 -39.79 -13.24
CA PHE MA 465 -5.70 -40.94 -14.09
C PHE MA 465 -5.12 -40.55 -15.45
N GLY MA 466 -5.89 -39.80 -16.24
CA GLY MA 466 -5.53 -39.55 -17.61
C GLY MA 466 -4.49 -38.49 -17.85
N ALA MA 467 -3.84 -37.99 -16.80
CA ALA MA 467 -2.88 -36.90 -16.95
C ALA MA 467 -1.61 -37.21 -16.18
N TYR MA 468 -1.19 -38.46 -16.17
CA TYR MA 468 0.04 -38.84 -15.49
C TYR MA 468 0.59 -40.12 -16.09
N VAL MA 469 1.89 -40.13 -16.38
CA VAL MA 469 2.58 -41.31 -16.86
C VAL MA 469 3.72 -41.62 -15.91
N ALA MA 470 4.47 -42.69 -16.19
CA ALA MA 470 5.59 -43.08 -15.35
C ALA MA 470 6.48 -44.03 -16.13
N ASP MA 471 7.75 -44.06 -15.74
CA ASP MA 471 8.67 -45.04 -16.30
C ASP MA 471 8.41 -46.40 -15.67
N ALA MA 472 8.85 -47.45 -16.35
CA ALA MA 472 8.66 -48.81 -15.89
C ALA MA 472 10.02 -49.48 -15.70
N ARG MA 473 10.13 -50.26 -14.64
CA ARG MA 473 11.32 -51.05 -14.38
C ARG MA 473 11.22 -52.40 -15.06
N PRO MA 474 12.23 -53.25 -14.92
CA PRO MA 474 12.09 -54.65 -15.35
C PRO MA 474 11.01 -55.38 -14.56
N ASP MA 475 10.90 -56.70 -14.78
CA ASP MA 475 9.67 -57.47 -14.49
C ASP MA 475 8.59 -57.02 -15.46
N ALA MA 476 8.82 -57.26 -16.74
CA ALA MA 476 8.01 -56.66 -17.80
C ALA MA 476 6.64 -57.33 -17.93
N LEU MA 477 5.61 -56.48 -17.97
CA LEU MA 477 4.33 -56.68 -18.67
C LEU MA 477 3.37 -57.65 -17.99
N VAL MA 478 3.75 -58.35 -16.93
CA VAL MA 478 2.80 -59.21 -16.26
C VAL MA 478 2.60 -58.75 -14.83
N GLY MA 479 3.69 -58.76 -14.05
CA GLY MA 479 3.64 -58.17 -12.73
C GLY MA 479 3.27 -56.70 -12.76
N LEU MA 480 3.64 -56.00 -13.83
CA LEU MA 480 3.23 -54.61 -13.96
C LEU MA 480 1.73 -54.47 -14.07
N MET MA 481 1.08 -55.36 -14.84
CA MET MA 481 -0.37 -55.32 -14.95
C MET MA 481 -1.04 -55.57 -13.61
N GLN MA 482 -0.53 -56.54 -12.85
CA GLN MA 482 -1.10 -56.82 -11.54
C GLN MA 482 -0.93 -55.65 -10.60
N ARG MA 483 0.28 -55.11 -10.51
CA ARG MA 483 0.54 -53.99 -9.61
C ARG MA 483 -0.17 -52.72 -10.05
N PHE MA 484 -0.54 -52.63 -11.33
CA PHE MA 484 -1.30 -51.48 -11.81
C PHE MA 484 -2.77 -51.62 -11.49
N LEU MA 485 -3.34 -52.81 -11.75
CA LEU MA 485 -4.77 -53.02 -11.48
C LEU MA 485 -5.07 -53.07 -10.00
N GLU MA 486 -4.12 -53.46 -9.15
CA GLU MA 486 -4.38 -53.47 -7.71
C GLU MA 486 -4.61 -52.07 -7.18
N GLU MA 487 -4.09 -51.04 -7.85
CA GLU MA 487 -4.19 -49.68 -7.36
C GLU MA 487 -4.94 -48.73 -8.29
N TRP MA 488 -5.39 -49.20 -9.46
CA TRP MA 488 -6.18 -48.35 -10.35
C TRP MA 488 -7.34 -47.66 -9.66
N PRO MA 489 -8.27 -48.36 -8.98
CA PRO MA 489 -9.39 -47.63 -8.36
C PRO MA 489 -8.95 -46.60 -7.33
N GLY MA 490 -7.79 -46.78 -6.71
CA GLY MA 490 -7.22 -45.76 -5.85
C GLY MA 490 -6.68 -44.56 -6.59
N MET MA 491 -6.51 -44.66 -7.91
CA MET MA 491 -6.06 -43.54 -8.73
C MET MA 491 -7.20 -42.75 -9.35
N MET MA 492 -8.40 -43.34 -9.46
CA MET MA 492 -9.59 -42.65 -9.95
C MET MA 492 -10.55 -42.45 -8.80
N PRO MA 493 -10.47 -41.34 -8.07
CA PRO MA 493 -11.43 -41.10 -6.98
C PRO MA 493 -12.84 -40.95 -7.49
N VAL MA 494 -13.01 -40.11 -8.50
CA VAL MA 494 -14.30 -39.91 -9.17
C VAL MA 494 -14.12 -40.20 -10.65
N ARG MA 495 -15.21 -40.08 -11.39
CA ARG MA 495 -15.22 -40.42 -12.81
C ARG MA 495 -14.35 -39.44 -13.59
N PRO MA 496 -13.45 -39.93 -14.44
CA PRO MA 496 -12.65 -39.01 -15.27
C PRO MA 496 -13.53 -38.30 -16.29
N ARG MA 497 -13.40 -36.97 -16.33
CA ARG MA 497 -14.28 -36.16 -17.18
C ARG MA 497 -14.00 -36.36 -18.67
N TRP MA 498 -12.78 -36.79 -19.01
CA TRP MA 498 -12.38 -36.83 -20.42
C TRP MA 498 -12.96 -38.05 -21.14
N ALA MA 499 -12.83 -39.24 -20.54
CA ALA MA 499 -13.18 -40.48 -21.24
C ALA MA 499 -14.67 -40.51 -21.57
N ALA MA 500 -15.51 -40.56 -20.55
CA ALA MA 500 -16.93 -40.39 -20.78
C ALA MA 500 -17.19 -38.96 -21.26
N PRO MA 501 -17.87 -38.80 -22.39
CA PRO MA 501 -18.12 -37.44 -22.91
C PRO MA 501 -18.98 -36.66 -21.95
N ALA MA 502 -18.80 -35.34 -21.97
CA ALA MA 502 -19.59 -34.48 -21.09
C ALA MA 502 -21.06 -34.49 -21.53
N ALA MA 503 -21.33 -33.95 -22.72
CA ALA MA 503 -22.67 -33.94 -23.29
C ALA MA 503 -22.64 -33.41 -24.71
N ALA MA 504 -23.82 -33.23 -25.30
CA ALA MA 504 -23.93 -32.50 -26.56
C ALA MA 504 -24.22 -31.03 -26.30
N ASP MA 505 -25.31 -30.74 -25.58
CA ASP MA 505 -25.68 -29.38 -25.26
C ASP MA 505 -25.33 -28.95 -23.84
N GLN MA 506 -25.26 -29.88 -22.89
CA GLN MA 506 -24.92 -29.53 -21.52
C GLN MA 506 -23.46 -29.16 -21.35
N LEU MA 507 -22.66 -29.19 -22.42
CA LEU MA 507 -21.33 -28.62 -22.35
C LEU MA 507 -21.40 -27.09 -22.34
N LEU MA 508 -22.32 -26.53 -23.12
CA LEU MA 508 -22.55 -25.10 -23.13
C LEU MA 508 -23.53 -24.64 -22.04
N ALA MA 509 -24.00 -25.57 -21.21
CA ALA MA 509 -24.88 -25.20 -20.11
C ALA MA 509 -24.13 -24.22 -19.18
N PRO MA 510 -24.84 -23.24 -18.62
CA PRO MA 510 -24.17 -22.11 -17.95
C PRO MA 510 -23.54 -22.44 -16.60
N GLY MA 511 -23.42 -23.70 -16.22
CA GLY MA 511 -22.90 -23.98 -14.89
C GLY MA 511 -21.78 -25.00 -14.79
N ASN MA 512 -21.54 -25.75 -15.86
CA ASN MA 512 -20.56 -26.83 -15.77
C ASN MA 512 -19.15 -26.28 -15.63
N ALA MA 513 -18.23 -27.16 -15.21
CA ALA MA 513 -16.83 -26.80 -14.98
C ALA MA 513 -15.95 -27.21 -16.16
N ASP MA 514 -16.49 -27.14 -17.37
CA ASP MA 514 -15.77 -27.55 -18.57
C ASP MA 514 -15.55 -26.43 -19.57
N LEU MA 515 -16.46 -25.45 -19.63
CA LEU MA 515 -16.21 -24.26 -20.42
C LEU MA 515 -15.02 -23.47 -19.87
N ARG MA 516 -14.77 -23.60 -18.57
CA ARG MA 516 -13.63 -22.92 -17.94
C ARG MA 516 -12.29 -23.42 -18.45
N LEU MA 517 -12.26 -24.56 -19.14
CA LEU MA 517 -11.03 -25.13 -19.64
C LEU MA 517 -11.06 -25.40 -21.14
N GLU MA 518 -12.04 -24.84 -21.86
CA GLU MA 518 -12.16 -24.98 -23.31
C GLU MA 518 -12.14 -23.59 -23.90
N LEU MA 519 -10.95 -23.10 -24.25
CA LEU MA 519 -10.79 -21.73 -24.72
C LEU MA 519 -9.80 -21.65 -25.88
N HIS MA 520 -9.67 -22.75 -26.63
CA HIS MA 520 -8.81 -22.75 -27.81
C HIS MA 520 -9.09 -23.98 -28.69
N PRO MA 521 -9.00 -23.84 -30.01
CA PRO MA 521 -9.31 -24.98 -30.88
C PRO MA 521 -8.16 -25.93 -31.13
N ALA MA 522 -6.93 -25.57 -30.78
CA ALA MA 522 -5.78 -26.43 -31.07
C ALA MA 522 -4.97 -26.70 -29.81
N PHE MA 523 -5.62 -26.67 -28.65
CA PHE MA 523 -4.93 -26.89 -27.38
C PHE MA 523 -5.87 -27.56 -26.40
N ASP MA 524 -5.28 -28.30 -25.46
CA ASP MA 524 -6.00 -28.96 -24.39
C ASP MA 524 -5.44 -28.52 -23.05
N PHE MA 525 -6.30 -28.05 -22.17
CA PHE MA 525 -5.90 -27.59 -20.84
C PHE MA 525 -6.59 -28.46 -19.80
N PHE MA 526 -5.80 -29.16 -19.00
CA PHE MA 526 -6.31 -30.08 -17.99
C PHE MA 526 -5.64 -29.78 -16.66
N VAL MA 527 -5.92 -30.64 -15.66
CA VAL MA 527 -5.29 -30.54 -14.35
C VAL MA 527 -4.48 -31.81 -14.13
N ALA MA 528 -3.20 -31.64 -13.81
CA ALA MA 528 -2.28 -32.75 -13.63
C ALA MA 528 -1.42 -32.51 -12.41
N PRO MA 529 -0.97 -33.58 -11.74
CA PRO MA 529 -0.13 -33.40 -10.56
C PRO MA 529 1.19 -32.75 -10.91
N GLU MA 530 1.61 -31.79 -10.08
CA GLU MA 530 2.82 -31.01 -10.32
C GLU MA 530 4.04 -31.89 -9.98
N VAL MA 531 4.46 -32.65 -10.98
CA VAL MA 531 5.67 -33.45 -10.93
C VAL MA 531 6.35 -33.38 -12.29
N ASP MA 532 7.46 -34.09 -12.43
CA ASP MA 532 8.10 -34.29 -13.72
C ASP MA 532 7.58 -35.58 -14.33
N VAL MA 533 7.40 -35.57 -15.65
CA VAL MA 533 6.89 -36.71 -16.39
C VAL MA 533 7.98 -37.21 -17.32
N PRO MA 534 8.25 -38.52 -17.37
CA PRO MA 534 7.66 -39.55 -16.50
C PRO MA 534 8.15 -39.47 -15.06
N GLY MA 535 7.56 -40.25 -14.16
CA GLY MA 535 7.92 -40.17 -12.76
C GLY MA 535 7.77 -41.50 -12.03
N PRO MA 536 7.56 -41.44 -10.73
CA PRO MA 536 7.44 -42.66 -9.92
C PRO MA 536 6.20 -43.46 -10.32
N PHE MA 537 6.23 -44.75 -9.95
CA PHE MA 537 5.13 -45.65 -10.27
C PHE MA 537 3.88 -45.36 -9.45
N ALA MA 538 4.03 -44.88 -8.22
CA ALA MA 538 2.91 -44.52 -7.37
C ALA MA 538 2.66 -43.03 -7.49
N VAL MA 539 1.41 -42.64 -7.70
CA VAL MA 539 1.04 -41.24 -7.90
C VAL MA 539 1.18 -40.49 -6.59
N PRO MA 540 1.90 -39.36 -6.58
CA PRO MA 540 2.02 -38.56 -5.35
C PRO MA 540 0.76 -37.76 -5.09
N GLN MA 541 0.66 -37.24 -3.87
CA GLN MA 541 -0.49 -36.47 -3.43
C GLN MA 541 -0.24 -34.97 -3.51
N VAL MA 542 0.69 -34.54 -4.35
CA VAL MA 542 1.02 -33.13 -4.50
C VAL MA 542 -0.15 -32.41 -5.16
N MET MA 543 -0.31 -31.14 -4.83
CA MET MA 543 -1.33 -30.32 -5.50
C MET MA 543 -0.98 -30.18 -6.97
N GLY MA 544 -2.02 -30.06 -7.80
CA GLY MA 544 -1.86 -30.08 -9.23
C GLY MA 544 -1.61 -28.71 -9.83
N GLN MA 545 -1.46 -28.71 -11.16
CA GLN MA 545 -1.28 -27.49 -11.93
C GLN MA 545 -2.28 -27.52 -13.08
N VAL MA 546 -2.14 -26.56 -14.00
CA VAL MA 546 -2.93 -26.53 -15.22
C VAL MA 546 -1.92 -26.52 -16.37
N ARG MA 547 -1.81 -27.65 -17.07
CA ARG MA 547 -0.87 -27.78 -18.17
C ARG MA 547 -1.60 -27.62 -19.51
N ALA MA 548 -0.87 -27.86 -20.59
CA ALA MA 548 -1.40 -27.76 -21.93
C ALA MA 548 -0.81 -28.88 -22.78
N MET MA 549 -1.41 -29.08 -23.96
CA MET MA 549 -0.88 -30.01 -24.95
C MET MA 549 -1.60 -29.79 -26.28
N PRO MA 550 -0.86 -29.65 -27.38
CA PRO MA 550 -1.52 -29.41 -28.66
C PRO MA 550 -2.19 -30.66 -29.21
N ARG MA 551 -3.41 -30.49 -29.70
CA ARG MA 551 -4.09 -31.55 -30.44
C ARG MA 551 -3.44 -31.65 -31.81
N ILE MA 552 -2.43 -32.52 -31.94
CA ILE MA 552 -1.67 -32.61 -33.18
C ILE MA 552 -2.56 -32.98 -34.35
N ILE MA 553 -3.70 -33.60 -34.09
CA ILE MA 553 -4.58 -34.12 -35.14
C ILE MA 553 -5.94 -33.46 -35.01
N ASN MA 554 -6.49 -33.02 -36.14
CA ASN MA 554 -7.79 -32.34 -36.16
C ASN MA 554 -8.95 -33.24 -35.74
N GLY MA 555 -8.70 -34.53 -35.52
CA GLY MA 555 -9.74 -35.39 -34.98
C GLY MA 555 -9.91 -35.26 -33.49
N ASN MA 556 -8.87 -34.85 -32.77
CA ASN MA 556 -8.92 -34.73 -31.32
C ASN MA 556 -9.88 -33.66 -30.84
N ILE MA 557 -10.50 -32.90 -31.75
CA ILE MA 557 -11.56 -31.98 -31.34
C ILE MA 557 -12.66 -32.77 -30.67
N PRO MA 558 -13.14 -32.38 -29.49
CA PRO MA 558 -14.19 -33.16 -28.81
C PRO MA 558 -15.45 -33.25 -29.66
N LEU MA 559 -16.14 -34.39 -29.51
CA LEU MA 559 -17.33 -34.66 -30.31
C LEU MA 559 -18.41 -33.59 -30.14
N ALA MA 560 -18.54 -33.00 -28.95
CA ALA MA 560 -19.57 -32.00 -28.72
C ALA MA 560 -19.39 -30.76 -29.60
N LEU MA 561 -18.18 -30.52 -30.11
CA LEU MA 561 -17.92 -29.38 -30.99
C LEU MA 561 -17.54 -29.82 -32.39
N CYS MA 562 -17.61 -31.11 -32.68
CA CYS MA 562 -17.35 -31.67 -34.00
C CYS MA 562 -18.09 -32.99 -34.10
N PRO MA 563 -19.42 -32.96 -34.21
CA PRO MA 563 -20.21 -34.18 -34.06
C PRO MA 563 -19.89 -35.22 -35.13
N VAL MA 564 -20.24 -36.47 -34.81
CA VAL MA 564 -19.96 -37.61 -35.67
C VAL MA 564 -20.57 -37.43 -37.07
N ASP MA 565 -21.69 -36.71 -37.16
CA ASP MA 565 -22.36 -36.55 -38.45
C ASP MA 565 -21.48 -35.82 -39.45
N PHE MA 566 -20.89 -34.70 -39.05
CA PHE MA 566 -20.00 -33.99 -39.97
C PHE MA 566 -18.78 -34.83 -40.30
N ARG MA 567 -18.28 -35.59 -39.32
CA ARG MA 567 -17.12 -36.44 -39.56
C ARG MA 567 -17.38 -37.45 -40.68
N ASP MA 568 -18.39 -38.31 -40.49
CA ASP MA 568 -18.64 -39.32 -41.51
C ASP MA 568 -19.25 -38.70 -42.77
N ALA MA 569 -19.76 -37.47 -42.71
CA ALA MA 569 -20.16 -36.78 -43.93
C ALA MA 569 -18.95 -36.43 -44.78
N ARG MA 570 -17.93 -35.82 -44.17
CA ARG MA 570 -16.67 -35.59 -44.88
C ARG MA 570 -16.08 -36.90 -45.36
N GLY MA 571 -16.23 -37.96 -44.57
CA GLY MA 571 -15.81 -39.29 -44.98
C GLY MA 571 -16.46 -39.75 -46.27
N PHE MA 572 -17.79 -39.72 -46.31
CA PHE MA 572 -18.51 -40.04 -47.53
C PHE MA 572 -18.09 -39.14 -48.69
N GLU MA 573 -17.79 -37.88 -48.40
CA GLU MA 573 -17.36 -36.96 -49.45
C GLU MA 573 -16.04 -37.40 -50.08
N LEU MA 574 -15.09 -37.81 -49.25
CA LEU MA 574 -13.79 -38.21 -49.78
C LEU MA 574 -13.79 -39.59 -50.42
N SER MA 575 -14.92 -40.31 -50.37
CA SER MA 575 -14.95 -41.68 -50.86
C SER MA 575 -15.58 -41.84 -52.24
N VAL MA 576 -15.72 -40.77 -53.01
CA VAL MA 576 -16.38 -40.86 -54.30
C VAL MA 576 -15.36 -41.25 -55.37
N ASP MA 577 -15.52 -42.45 -55.93
CA ASP MA 577 -14.74 -42.96 -57.07
C ASP MA 577 -13.25 -43.02 -56.79
N ARG MA 578 -12.83 -42.86 -55.53
CA ARG MA 578 -11.44 -43.11 -55.18
C ARG MA 578 -11.16 -44.62 -55.15
N HIS MA 579 -11.86 -45.33 -54.28
CA HIS MA 579 -11.83 -46.79 -54.25
C HIS MA 579 -13.03 -47.25 -53.43
N ARG MA 580 -13.35 -48.54 -53.55
CA ARG MA 580 -14.42 -49.13 -52.78
C ARG MA 580 -14.02 -50.55 -52.39
N LEU MA 581 -14.78 -51.12 -51.47
CA LEU MA 581 -14.59 -52.49 -51.03
C LEU MA 581 -15.84 -53.28 -51.42
N ALA MA 582 -15.68 -54.19 -52.38
CA ALA MA 582 -16.80 -54.97 -52.85
C ALA MA 582 -17.45 -55.71 -51.68
N PRO MA 583 -18.77 -55.75 -51.61
CA PRO MA 583 -19.44 -56.40 -50.46
C PRO MA 583 -18.98 -57.82 -50.21
N ALA MA 584 -18.50 -58.53 -51.24
CA ALA MA 584 -17.91 -59.85 -51.03
C ALA MA 584 -16.73 -59.82 -50.07
N THR MA 585 -15.97 -58.72 -50.03
CA THR MA 585 -14.81 -58.63 -49.17
C THR MA 585 -15.17 -58.10 -47.79
N VAL MA 586 -16.05 -57.10 -47.74
CA VAL MA 586 -16.44 -56.55 -46.45
C VAL MA 586 -17.22 -57.58 -45.65
N ALA MA 587 -18.04 -58.40 -46.32
CA ALA MA 587 -18.76 -59.46 -45.63
C ALA MA 587 -17.83 -60.49 -45.04
N ALA MA 588 -16.67 -60.72 -45.65
CA ALA MA 588 -15.69 -61.65 -45.13
C ALA MA 588 -14.92 -61.06 -43.95
N VAL MA 589 -14.41 -59.83 -44.10
CA VAL MA 589 -13.57 -59.27 -43.05
C VAL MA 589 -14.40 -58.93 -41.82
N ARG MA 590 -15.63 -58.42 -42.01
CA ARG MA 590 -16.49 -58.16 -40.86
C ARG MA 590 -16.84 -59.45 -40.15
N GLY MA 591 -17.13 -60.52 -40.90
CA GLY MA 591 -17.38 -61.81 -40.27
C GLY MA 591 -16.20 -62.31 -39.48
N ALA MA 592 -14.99 -62.19 -40.04
CA ALA MA 592 -13.80 -62.63 -39.32
C ALA MA 592 -13.59 -61.82 -38.04
N PHE MA 593 -13.74 -60.49 -38.12
CA PHE MA 593 -13.54 -59.65 -36.95
C PHE MA 593 -14.64 -59.77 -35.92
N ARG MA 594 -15.83 -60.21 -36.32
CA ARG MA 594 -16.98 -60.27 -35.43
C ARG MA 594 -17.18 -61.64 -34.79
N ASP MA 595 -16.55 -62.68 -35.33
CA ASP MA 595 -16.80 -64.03 -34.86
C ASP MA 595 -16.16 -64.24 -33.48
N ALA MA 596 -16.87 -64.98 -32.63
CA ALA MA 596 -16.41 -65.24 -31.27
C ALA MA 596 -15.55 -66.49 -31.17
N ASN MA 597 -15.75 -67.46 -32.04
CA ASN MA 597 -15.06 -68.75 -31.97
C ASN MA 597 -13.93 -68.86 -32.98
N TYR MA 598 -13.18 -67.78 -33.18
CA TYR MA 598 -11.98 -67.84 -33.99
C TYR MA 598 -11.07 -68.96 -33.48
N PRO MA 599 -10.53 -69.80 -34.35
CA PRO MA 599 -9.70 -70.92 -33.89
C PRO MA 599 -8.39 -70.43 -33.29
N MET MA 600 -8.13 -70.84 -32.03
CA MET MA 600 -6.93 -70.42 -31.32
C MET MA 600 -5.66 -70.85 -32.03
N VAL MA 601 -5.72 -71.96 -32.78
CA VAL MA 601 -4.55 -72.45 -33.49
C VAL MA 601 -3.98 -71.39 -34.42
N PHE MA 602 -4.84 -70.51 -34.95
CA PHE MA 602 -4.35 -69.44 -35.80
C PHE MA 602 -3.60 -68.39 -34.99
N TYR MA 603 -4.10 -68.09 -33.78
CA TYR MA 603 -3.35 -67.22 -32.89
C TYR MA 603 -1.98 -67.80 -32.56
N ILE MA 604 -1.93 -69.11 -32.31
CA ILE MA 604 -0.67 -69.75 -31.98
C ILE MA 604 0.29 -69.71 -33.17
N ILE MA 605 -0.21 -69.97 -34.37
CA ILE MA 605 0.63 -69.92 -35.56
C ILE MA 605 1.16 -68.51 -35.78
N GLU MA 606 0.30 -67.51 -35.56
CA GLU MA 606 0.74 -66.13 -35.74
C GLU MA 606 1.81 -65.76 -34.72
N ALA MA 607 1.60 -66.15 -33.46
CA ALA MA 607 2.60 -65.86 -32.43
C ALA MA 607 3.93 -66.53 -32.73
N VAL MA 608 3.90 -67.80 -33.17
CA VAL MA 608 5.14 -68.50 -33.46
C VAL MA 608 5.81 -67.97 -34.73
N ILE MA 609 5.05 -67.38 -35.65
CA ILE MA 609 5.67 -66.76 -36.82
C ILE MA 609 6.31 -65.44 -36.44
N HIS MA 610 5.64 -64.66 -35.59
CA HIS MA 610 6.12 -63.37 -35.08
C HIS MA 610 6.72 -62.50 -36.20
N GLY MA 611 6.04 -62.49 -37.34
CA GLY MA 611 6.37 -61.58 -38.41
C GLY MA 611 7.72 -61.81 -39.06
N SER MA 612 8.17 -63.05 -39.17
CA SER MA 612 9.43 -63.35 -39.81
C SER MA 612 9.27 -63.47 -41.32
N GLU MA 613 10.37 -63.21 -42.03
CA GLU MA 613 10.40 -63.44 -43.47
C GLU MA 613 10.79 -64.87 -43.80
N ARG MA 614 11.66 -65.48 -42.99
CA ARG MA 614 12.07 -66.86 -43.23
C ARG MA 614 11.06 -67.85 -42.67
N THR MA 615 10.58 -67.60 -41.45
CA THR MA 615 9.63 -68.52 -40.83
C THR MA 615 8.37 -68.67 -41.66
N PHE MA 616 7.85 -67.58 -42.22
CA PHE MA 616 6.65 -67.68 -43.05
C PHE MA 616 6.96 -68.43 -44.35
N CYS MA 617 8.09 -68.13 -44.98
CA CYS MA 617 8.44 -68.84 -46.21
C CYS MA 617 8.67 -70.32 -45.97
N ALA MA 618 8.95 -70.70 -44.72
CA ALA MA 618 9.02 -72.12 -44.36
C ALA MA 618 7.63 -72.70 -44.12
N LEU MA 619 6.82 -72.02 -43.32
CA LEU MA 619 5.53 -72.55 -42.88
C LEU MA 619 4.40 -72.33 -43.90
N ALA MA 620 4.71 -71.77 -45.06
CA ALA MA 620 3.72 -71.49 -46.10
C ALA MA 620 2.74 -72.63 -46.37
N ARG MA 621 3.23 -73.87 -46.41
CA ARG MA 621 2.34 -75.00 -46.68
C ARG MA 621 1.28 -75.14 -45.60
N LEU MA 622 1.70 -75.08 -44.33
CA LEU MA 622 0.75 -75.16 -43.24
C LEU MA 622 -0.20 -73.96 -43.24
N VAL MA 623 0.33 -72.77 -43.52
CA VAL MA 623 -0.52 -71.58 -43.58
C VAL MA 623 -1.59 -71.75 -44.66
N ALA MA 624 -1.20 -72.35 -45.80
CA ALA MA 624 -2.16 -72.61 -46.87
C ALA MA 624 -3.22 -73.60 -46.43
N GLN MA 625 -2.81 -74.66 -45.72
CA GLN MA 625 -3.79 -75.62 -45.22
C GLN MA 625 -4.78 -74.95 -44.30
N CYS MA 626 -4.30 -74.09 -43.39
CA CYS MA 626 -5.19 -73.40 -42.46
C CYS MA 626 -6.16 -72.49 -43.19
N ILE MA 627 -5.65 -71.66 -44.11
CA ILE MA 627 -6.52 -70.73 -44.83
C ILE MA 627 -7.57 -71.48 -45.65
N GLN MA 628 -7.12 -72.53 -46.36
CA GLN MA 628 -8.04 -73.35 -47.15
C GLN MA 628 -9.14 -73.92 -46.28
N SER MA 629 -8.78 -74.51 -45.14
CA SER MA 629 -9.79 -75.12 -44.28
C SER MA 629 -10.76 -74.08 -43.75
N TYR MA 630 -10.24 -72.95 -43.26
CA TYR MA 630 -11.13 -71.96 -42.67
C TYR MA 630 -12.08 -71.36 -43.71
N TRP MA 631 -11.58 -71.10 -44.92
CA TRP MA 631 -12.44 -70.52 -45.95
C TRP MA 631 -13.46 -71.53 -46.44
N ARG MA 632 -13.00 -72.73 -46.80
CA ARG MA 632 -13.91 -73.80 -47.21
C ARG MA 632 -14.92 -74.16 -46.13
N ASN MA 633 -14.65 -73.83 -44.87
CA ASN MA 633 -15.60 -74.06 -43.79
C ASN MA 633 -16.60 -72.93 -43.60
N THR MA 634 -16.14 -71.69 -43.40
CA THR MA 634 -17.05 -70.62 -42.99
C THR MA 634 -17.03 -69.39 -43.89
N HIS MA 635 -16.34 -69.43 -45.03
CA HIS MA 635 -16.39 -68.35 -46.03
C HIS MA 635 -15.87 -67.03 -45.47
N ASN MA 636 -14.95 -67.11 -44.52
CA ASN MA 636 -14.33 -65.93 -43.93
C ASN MA 636 -12.85 -65.88 -44.33
N ALA MA 637 -12.17 -64.84 -43.85
CA ALA MA 637 -10.74 -64.71 -43.99
C ALA MA 637 -10.07 -64.97 -42.64
N ALA MA 638 -8.77 -65.21 -42.67
CA ALA MA 638 -8.01 -65.48 -41.46
C ALA MA 638 -6.72 -64.67 -41.47
N PHE MA 639 -6.09 -64.62 -40.30
CA PHE MA 639 -4.83 -63.90 -40.10
C PHE MA 639 -4.94 -62.42 -40.41
N VAL MA 640 -6.16 -61.89 -40.51
CA VAL MA 640 -6.35 -60.48 -40.83
C VAL MA 640 -5.97 -59.57 -39.68
N ASN MA 641 -5.85 -60.11 -38.47
CA ASN MA 641 -5.44 -59.29 -37.33
C ASN MA 641 -4.04 -58.69 -37.55
N ASN MA 642 -3.04 -59.55 -37.72
CA ASN MA 642 -1.70 -59.08 -38.02
C ASN MA 642 -1.66 -58.50 -39.43
N PHE MA 643 -0.72 -57.57 -39.65
CA PHE MA 643 -0.55 -56.92 -40.95
C PHE MA 643 0.58 -57.54 -41.77
N TYR MA 644 1.71 -57.81 -41.14
CA TYR MA 644 2.79 -58.48 -41.86
C TYR MA 644 2.31 -59.81 -42.42
N MET MA 645 1.40 -60.49 -41.71
CA MET MA 645 0.83 -61.73 -42.22
C MET MA 645 0.03 -61.50 -43.48
N VAL MA 646 -0.89 -60.53 -43.47
CA VAL MA 646 -1.72 -60.29 -44.65
C VAL MA 646 -0.93 -59.72 -45.81
N MET MA 647 0.22 -59.11 -45.54
CA MET MA 647 1.13 -58.76 -46.63
C MET MA 647 1.80 -60.01 -47.20
N TYR MA 648 2.33 -60.86 -46.32
CA TYR MA 648 2.97 -62.09 -46.77
C TYR MA 648 2.03 -62.98 -47.55
N ILE MA 649 0.73 -62.96 -47.20
CA ILE MA 649 -0.26 -63.80 -47.86
C ILE MA 649 -0.27 -63.52 -49.35
N ASN MA 650 -0.56 -62.29 -49.74
CA ASN MA 650 -0.65 -61.95 -51.15
C ASN MA 650 0.71 -61.76 -51.80
N THR MA 651 1.79 -61.62 -51.03
CA THR MA 651 3.09 -61.53 -51.70
C THR MA 651 3.62 -62.90 -52.10
N TYR MA 652 3.48 -63.90 -51.24
CA TYR MA 652 4.03 -65.22 -51.52
C TYR MA 652 3.02 -66.22 -52.03
N LEU MA 653 1.83 -66.30 -51.41
CA LEU MA 653 0.87 -67.31 -51.82
C LEU MA 653 0.18 -66.92 -53.12
N GLY MA 654 -0.56 -65.81 -53.09
CA GLY MA 654 -1.03 -65.11 -54.28
C GLY MA 654 -1.64 -65.95 -55.38
N ASN MA 655 -0.99 -65.99 -56.54
CA ASN MA 655 -1.50 -66.68 -57.73
C ASN MA 655 -1.37 -68.20 -57.63
N GLY MA 656 -0.98 -68.72 -56.47
CA GLY MA 656 -0.73 -70.14 -56.32
C GLY MA 656 -1.82 -70.94 -55.65
N GLU MA 657 -1.55 -71.39 -54.44
CA GLU MA 657 -2.39 -72.33 -53.69
C GLU MA 657 -3.67 -71.74 -53.11
N LEU MA 658 -4.16 -70.55 -53.45
CA LEU MA 658 -5.45 -70.13 -52.91
C LEU MA 658 -6.54 -70.19 -53.97
N PRO MA 659 -7.78 -70.44 -53.57
CA PRO MA 659 -8.88 -70.48 -54.56
C PRO MA 659 -9.14 -69.10 -55.12
N GLU MA 660 -9.71 -69.08 -56.32
CA GLU MA 660 -10.00 -67.85 -57.04
C GLU MA 660 -10.89 -66.89 -56.27
N ASP MA 661 -11.72 -67.39 -55.36
CA ASP MA 661 -12.68 -66.56 -54.64
C ASP MA 661 -12.15 -66.05 -53.31
N CYS MA 662 -10.97 -66.51 -52.88
CA CYS MA 662 -10.41 -66.12 -51.60
C CYS MA 662 -9.26 -65.14 -51.69
N ALA MA 663 -8.37 -65.27 -52.68
CA ALA MA 663 -7.26 -64.34 -52.81
C ALA MA 663 -7.73 -62.91 -53.07
N ALA MA 664 -8.95 -62.74 -53.61
CA ALA MA 664 -9.47 -61.40 -53.87
C ALA MA 664 -9.54 -60.58 -52.59
N VAL MA 665 -9.89 -61.22 -51.47
CA VAL MA 665 -10.00 -60.48 -50.21
C VAL MA 665 -8.63 -60.00 -49.74
N TYR MA 666 -7.65 -60.89 -49.74
CA TYR MA 666 -6.31 -60.52 -49.29
C TYR MA 666 -5.59 -59.62 -50.29
N LYS MA 667 -6.10 -59.48 -51.51
CA LYS MA 667 -5.59 -58.49 -52.45
C LYS MA 667 -6.29 -57.14 -52.31
N ASP MA 668 -7.59 -57.14 -52.03
CA ASP MA 668 -8.31 -55.90 -51.79
C ASP MA 668 -7.83 -55.24 -50.50
N LEU MA 669 -7.69 -56.01 -49.42
CA LEU MA 669 -7.20 -55.48 -48.16
C LEU MA 669 -5.81 -54.89 -48.26
N LEU MA 670 -5.11 -55.07 -49.38
CA LEU MA 670 -3.82 -54.44 -49.61
C LEU MA 670 -3.91 -53.27 -50.57
N GLU MA 671 -4.59 -53.43 -51.70
CA GLU MA 671 -4.70 -52.32 -52.65
C GLU MA 671 -5.53 -51.17 -52.09
N HIS MA 672 -6.45 -51.45 -51.16
CA HIS MA 672 -7.17 -50.37 -50.49
C HIS MA 672 -6.23 -49.55 -49.62
N VAL MA 673 -5.29 -50.20 -48.93
CA VAL MA 673 -4.27 -49.47 -48.18
C VAL MA 673 -3.38 -48.69 -49.13
N HIS MA 674 -3.08 -49.27 -50.30
CA HIS MA 674 -2.34 -48.52 -51.32
C HIS MA 674 -3.08 -47.24 -51.72
N ALA MA 675 -4.38 -47.35 -51.94
CA ALA MA 675 -5.18 -46.19 -52.32
C ALA MA 675 -5.20 -45.15 -51.19
N LEU MA 676 -5.35 -45.61 -49.94
CA LEU MA 676 -5.32 -44.69 -48.81
C LEU MA 676 -3.98 -43.96 -48.72
N ARG MA 677 -2.88 -44.67 -48.96
CA ARG MA 677 -1.58 -44.02 -49.06
C ARG MA 677 -1.56 -43.01 -50.19
N ARG MA 678 -2.21 -43.33 -51.31
CA ARG MA 678 -2.28 -42.39 -52.43
C ARG MA 678 -3.10 -41.16 -52.06
N LEU MA 679 -3.98 -41.26 -51.08
CA LEU MA 679 -4.84 -40.14 -50.72
C LEU MA 679 -4.04 -38.93 -50.27
N ILE MA 680 -3.26 -39.07 -49.19
CA ILE MA 680 -2.54 -37.94 -48.61
C ILE MA 680 -1.48 -37.39 -49.56
N GLY MA 681 -1.10 -38.15 -50.59
CA GLY MA 681 -0.17 -37.63 -51.58
C GLY MA 681 -0.76 -36.55 -52.47
N GLU MA 682 -2.06 -36.55 -52.69
CA GLU MA 682 -2.72 -35.59 -53.57
C GLU MA 682 -3.34 -34.43 -52.82
N PHE MA 683 -3.22 -34.40 -51.49
CA PHE MA 683 -3.68 -33.27 -50.70
C PHE MA 683 -2.52 -32.48 -50.10
N THR MA 684 -1.33 -32.64 -50.67
CA THR MA 684 -0.15 -31.91 -50.23
C THR MA 684 0.45 -31.21 -51.44
N LEU MA 685 0.44 -29.88 -51.43
CA LEU MA 685 1.21 -29.17 -52.43
C LEU MA 685 2.68 -29.54 -52.26
N PRO MA 686 3.43 -29.63 -53.37
CA PRO MA 686 4.84 -30.00 -53.26
C PRO MA 686 5.60 -28.96 -52.45
N GLY MA 687 6.35 -29.43 -51.45
CA GLY MA 687 7.09 -28.54 -50.59
C GLY MA 687 8.55 -28.91 -50.41
N ASP MA 688 9.31 -28.04 -49.76
CA ASP MA 688 10.72 -28.21 -49.48
C ASP MA 688 10.88 -28.83 -48.10
N PRO MA 689 11.87 -29.72 -47.92
CA PRO MA 689 12.13 -30.29 -46.59
C PRO MA 689 12.37 -29.21 -45.55
N LEU MA 690 11.46 -29.11 -44.58
CA LEU MA 690 11.53 -28.01 -43.61
C LEU MA 690 12.35 -28.40 -42.39
N GLY MA 691 11.93 -29.44 -41.68
CA GLY MA 691 12.72 -29.95 -40.57
C GLY MA 691 13.50 -31.18 -40.99
N ASN MA 692 14.08 -31.13 -42.19
CA ASN MA 692 14.66 -32.31 -42.84
C ASN MA 692 13.64 -33.43 -42.93
N GLN MA 693 12.41 -33.07 -43.33
CA GLN MA 693 11.32 -34.00 -43.46
C GLN MA 693 10.51 -33.60 -44.69
N PRO MA 694 10.07 -34.56 -45.49
CA PRO MA 694 9.23 -34.21 -46.65
C PRO MA 694 7.89 -33.63 -46.21
N GLN MA 695 7.39 -32.70 -47.03
CA GLN MA 695 6.14 -32.03 -46.68
C GLN MA 695 4.97 -33.00 -46.60
N GLU MA 696 5.01 -34.06 -47.41
CA GLU MA 696 4.03 -35.13 -47.29
C GLU MA 696 3.95 -35.68 -45.88
N GLU MA 697 5.06 -35.70 -45.15
CA GLU MA 697 5.05 -36.00 -43.72
C GLU MA 697 4.57 -34.85 -42.86
N LEU MA 698 5.13 -33.65 -43.07
CA LEU MA 698 4.83 -32.53 -42.19
C LEU MA 698 3.36 -32.16 -42.18
N ASN MA 699 2.65 -32.40 -43.28
CA ASN MA 699 1.21 -32.11 -43.30
C ASN MA 699 0.43 -33.15 -42.50
N HIS MA 700 0.57 -34.42 -42.86
CA HIS MA 700 -0.19 -35.48 -42.20
C HIS MA 700 0.47 -35.88 -40.88
N ALA MA 701 -0.12 -36.87 -40.22
CA ALA MA 701 0.40 -37.40 -38.97
C ALA MA 701 0.75 -38.88 -39.02
N LEU MA 702 0.12 -39.65 -39.91
CA LEU MA 702 0.43 -41.07 -40.01
C LEU MA 702 1.59 -41.33 -40.97
N ALA MA 703 1.85 -40.41 -41.89
CA ALA MA 703 3.08 -40.48 -42.67
C ALA MA 703 4.29 -39.99 -41.90
N ASP MA 704 4.13 -39.70 -40.62
CA ASP MA 704 5.23 -39.24 -39.79
C ASP MA 704 6.19 -40.39 -39.50
N ALA MA 705 7.48 -40.11 -39.65
CA ALA MA 705 8.51 -41.11 -39.37
C ALA MA 705 8.81 -41.25 -37.89
N THR MA 706 8.20 -40.41 -37.04
CA THR MA 706 8.52 -40.42 -35.62
C THR MA 706 7.44 -41.07 -34.77
N LEU MA 707 6.21 -41.17 -35.27
CA LEU MA 707 5.16 -41.83 -34.52
C LEU MA 707 5.24 -43.33 -34.74
N LEU MA 708 5.37 -44.09 -33.64
CA LEU MA 708 5.49 -45.53 -33.75
C LEU MA 708 4.13 -46.16 -34.04
N PRO MA 709 4.12 -47.28 -34.76
CA PRO MA 709 2.90 -48.07 -34.91
C PRO MA 709 2.46 -48.62 -33.56
N PRO MA 710 1.25 -49.17 -33.46
CA PRO MA 710 0.84 -49.76 -32.17
C PRO MA 710 1.60 -51.05 -31.87
N LEU MA 711 2.00 -51.78 -32.90
CA LEU MA 711 2.74 -53.03 -32.74
C LEU MA 711 3.88 -53.05 -33.75
N ILE MA 712 5.08 -53.39 -33.28
CA ILE MA 712 6.23 -53.56 -34.15
C ILE MA 712 6.73 -54.99 -33.96
N TRP MA 713 7.35 -55.52 -35.00
CA TRP MA 713 7.81 -56.91 -35.01
C TRP MA 713 9.31 -57.03 -35.23
N ASP MA 714 10.02 -55.93 -35.41
CA ASP MA 714 11.47 -55.93 -35.59
C ASP MA 714 11.98 -54.55 -35.21
N CYS MA 715 13.23 -54.26 -35.58
CA CYS MA 715 13.88 -52.99 -35.29
C CYS MA 715 13.98 -52.10 -36.52
N ASP MA 716 12.96 -52.15 -37.39
CA ASP MA 716 12.90 -51.24 -38.53
C ASP MA 716 12.51 -49.82 -38.13
N PRO MA 717 11.40 -49.60 -37.44
CA PRO MA 717 11.02 -48.21 -37.12
C PRO MA 717 11.94 -47.57 -36.10
N ILE MA 718 12.32 -48.30 -35.05
CA ILE MA 718 13.21 -47.74 -34.03
C ILE MA 718 14.55 -47.31 -34.62
N LEU MA 719 14.98 -47.92 -35.72
CA LEU MA 719 16.21 -47.54 -36.39
C LEU MA 719 16.01 -46.41 -37.40
N TYR MA 720 14.91 -46.45 -38.17
CA TYR MA 720 14.61 -45.33 -39.05
C TYR MA 720 14.28 -44.05 -38.29
N ARG MA 721 14.01 -44.15 -36.99
CA ARG MA 721 13.51 -43.03 -36.20
C ARG MA 721 14.60 -42.14 -35.62
N ASP MA 722 15.63 -42.72 -35.00
CA ASP MA 722 16.61 -41.94 -34.25
C ASP MA 722 17.33 -40.90 -35.11
N GLY MA 723 17.28 -41.02 -36.43
CA GLY MA 723 17.99 -40.08 -37.29
C GLY MA 723 17.51 -38.66 -37.11
N LEU MA 724 16.19 -38.47 -37.04
CA LEU MA 724 15.63 -37.13 -36.94
C LEU MA 724 15.91 -36.56 -35.54
N ALA MA 725 16.94 -35.72 -35.44
CA ALA MA 725 17.34 -35.14 -34.17
C ALA MA 725 16.81 -33.73 -33.95
N GLU MA 726 16.30 -33.07 -35.00
CA GLU MA 726 15.79 -31.71 -34.84
C GLU MA 726 14.63 -31.67 -33.85
N ARG MA 727 14.01 -32.82 -33.60
CA ARG MA 727 13.11 -33.02 -32.48
C ARG MA 727 13.69 -34.18 -31.70
N LEU MA 728 14.54 -33.87 -30.72
CA LEU MA 728 15.30 -34.89 -30.01
C LEU MA 728 14.37 -35.95 -29.42
N PRO MA 729 14.37 -37.15 -29.97
CA PRO MA 729 13.51 -38.21 -29.45
C PRO MA 729 14.26 -39.08 -28.45
N GLU MA 730 13.49 -39.85 -27.69
CA GLU MA 730 14.08 -40.80 -26.76
C GLU MA 730 13.13 -41.98 -26.61
N LEU MA 731 13.62 -43.16 -26.96
CA LEU MA 731 12.86 -44.40 -26.88
C LEU MA 731 13.34 -45.19 -25.67
N ARG MA 732 12.41 -45.50 -24.77
CA ARG MA 732 12.73 -46.17 -23.51
C ARG MA 732 12.14 -47.57 -23.54
N VAL MA 733 13.00 -48.58 -23.47
CA VAL MA 733 12.59 -49.97 -23.44
C VAL MA 733 12.81 -50.44 -22.00
N ASN MA 734 11.77 -50.33 -21.17
CA ASN MA 734 11.80 -50.81 -19.79
C ASN MA 734 12.84 -50.08 -18.95
N GLY MA 735 13.46 -49.04 -19.50
CA GLY MA 735 14.45 -48.28 -18.77
C GLY MA 735 15.75 -48.07 -19.54
N ALA MA 736 16.21 -49.09 -20.26
CA ALA MA 736 17.43 -49.00 -21.05
C ALA MA 736 17.12 -48.38 -22.41
N HIS MA 737 18.17 -47.95 -23.11
CA HIS MA 737 17.96 -47.41 -24.44
C HIS MA 737 17.41 -48.49 -25.36
N PHE MA 738 18.27 -49.44 -25.71
CA PHE MA 738 17.99 -50.76 -26.28
C PHE MA 738 19.33 -51.40 -26.59
N GLN MA 739 19.33 -52.72 -26.74
CA GLN MA 739 20.51 -53.44 -27.19
C GLN MA 739 20.15 -54.24 -28.44
N HIS MA 740 20.80 -53.91 -29.55
CA HIS MA 740 20.49 -54.46 -30.88
C HIS MA 740 21.01 -55.89 -30.94
N ILE MA 741 20.34 -56.78 -30.22
CA ILE MA 741 20.74 -58.18 -30.19
C ILE MA 741 20.16 -58.90 -31.41
N LEU MA 742 20.88 -59.91 -31.86
CA LEU MA 742 20.56 -60.57 -33.12
C LEU MA 742 19.73 -61.83 -32.85
N TRP MA 743 19.56 -62.67 -33.86
CA TRP MA 743 18.81 -63.92 -33.72
C TRP MA 743 19.38 -64.76 -32.58
N VAL MA 744 18.51 -65.59 -32.01
CA VAL MA 744 18.87 -66.44 -30.89
C VAL MA 744 18.41 -67.86 -31.20
N GLU MA 745 18.97 -68.83 -30.48
CA GLU MA 745 18.67 -70.24 -30.66
C GLU MA 745 18.23 -70.85 -29.33
N MET MA 746 17.68 -72.06 -29.43
CA MET MA 746 17.34 -72.81 -28.22
C MET MA 746 18.54 -73.08 -27.34
N ALA MA 747 19.76 -72.93 -27.87
CA ALA MA 747 20.97 -73.03 -27.05
C ALA MA 747 20.89 -72.10 -25.85
N GLN MA 748 20.59 -70.82 -26.09
CA GLN MA 748 20.33 -69.87 -25.02
C GLN MA 748 19.09 -69.06 -25.40
N VAL MA 749 18.04 -69.17 -24.57
CA VAL MA 749 16.79 -68.46 -24.80
C VAL MA 749 16.54 -67.41 -23.73
N ASN MA 750 16.76 -67.75 -22.47
CA ASN MA 750 16.67 -66.78 -21.36
C ASN MA 750 15.30 -66.10 -21.34
N PHE MA 751 14.28 -66.90 -21.02
CA PHE MA 751 12.91 -66.42 -20.94
C PHE MA 751 12.72 -65.42 -19.81
N ARG MA 752 13.81 -65.09 -19.11
CA ARG MA 752 13.75 -64.24 -17.93
C ARG MA 752 14.45 -62.90 -18.10
N ASN MA 753 15.17 -62.69 -19.21
CA ASN MA 753 15.84 -61.41 -19.39
C ASN MA 753 14.81 -60.29 -19.50
N VAL MA 754 15.09 -59.16 -18.86
CA VAL MA 754 14.10 -58.11 -18.69
C VAL MA 754 14.66 -56.74 -19.08
N GLY MA 755 15.96 -56.70 -19.39
CA GLY MA 755 16.57 -55.46 -19.83
C GLY MA 755 16.07 -55.00 -21.18
N GLY MA 756 16.74 -54.00 -21.76
CA GLY MA 756 16.34 -53.51 -23.07
C GLY MA 756 16.99 -54.32 -24.17
N GLY MA 757 16.26 -55.30 -24.70
CA GLY MA 757 16.77 -56.15 -25.75
C GLY MA 757 15.69 -56.56 -26.73
N LEU MA 758 15.89 -56.27 -28.00
CA LEU MA 758 14.90 -56.57 -29.03
C LEU MA 758 15.55 -57.43 -30.11
N VAL MA 759 14.77 -58.31 -30.71
CA VAL MA 759 15.32 -59.35 -31.57
C VAL MA 759 14.93 -59.10 -33.01
N HIS MA 760 15.87 -59.39 -33.91
CA HIS MA 760 15.62 -59.45 -35.34
C HIS MA 760 15.32 -60.91 -35.68
N ASN MA 761 14.05 -61.20 -35.98
CA ASN MA 761 13.66 -62.57 -36.27
C ASN MA 761 14.37 -63.10 -37.51
N ARG MA 762 15.36 -63.98 -37.31
CA ARG MA 762 16.21 -64.47 -38.38
C ARG MA 762 16.69 -63.28 -39.19
N PRO MA 763 17.69 -62.56 -38.69
CA PRO MA 763 17.82 -61.11 -38.94
C PRO MA 763 17.41 -60.65 -40.33
N VAL MA 764 17.90 -61.32 -41.36
CA VAL MA 764 17.66 -60.94 -42.75
C VAL MA 764 17.24 -62.18 -43.51
N ARG MA 765 16.99 -61.99 -44.81
CA ARG MA 765 16.79 -63.11 -45.72
C ARG MA 765 18.13 -63.70 -46.16
N ASN MA 766 19.03 -62.84 -46.64
CA ASN MA 766 20.28 -63.29 -47.25
C ASN MA 766 21.54 -62.78 -46.55
N GLU MA 767 21.64 -61.45 -46.35
CA GLU MA 767 22.94 -60.81 -46.22
C GLU MA 767 23.70 -61.27 -44.98
N ASN MA 768 23.09 -61.12 -43.80
CA ASN MA 768 23.75 -61.38 -42.52
C ASN MA 768 24.96 -60.46 -42.35
N GLN MA 769 24.68 -59.16 -42.34
CA GLN MA 769 25.67 -58.10 -42.23
C GLN MA 769 25.36 -57.24 -41.01
N PRO MA 770 26.32 -56.44 -40.54
CA PRO MA 770 26.11 -55.71 -39.28
C PRO MA 770 25.10 -54.59 -39.42
N LEU MA 771 23.99 -54.70 -38.67
CA LEU MA 771 23.13 -53.58 -38.27
C LEU MA 771 22.58 -52.85 -39.49
N HIS MA 772 21.71 -53.54 -40.22
CA HIS MA 772 20.97 -52.90 -41.30
C HIS MA 772 19.54 -53.41 -41.31
N PRO MA 773 18.57 -52.53 -41.55
CA PRO MA 773 17.18 -52.97 -41.65
C PRO MA 773 16.96 -53.84 -42.87
N HIS MA 774 15.78 -54.47 -42.93
CA HIS MA 774 15.46 -55.43 -43.97
C HIS MA 774 14.11 -55.13 -44.63
N HIS MA 775 13.77 -53.84 -44.73
CA HIS MA 775 12.58 -53.39 -45.43
C HIS MA 775 12.74 -51.90 -45.69
N ASP MA 776 11.99 -51.39 -46.67
CA ASP MA 776 12.08 -49.98 -47.01
C ASP MA 776 11.47 -49.12 -45.91
N ALA MA 777 11.52 -47.81 -46.10
CA ALA MA 777 10.96 -46.90 -45.11
C ALA MA 777 9.43 -46.95 -45.10
N GLU MA 778 8.82 -46.97 -46.27
CA GLU MA 778 7.37 -46.86 -46.37
C GLU MA 778 6.63 -48.14 -45.97
N TRP MA 779 7.27 -49.09 -45.30
CA TRP MA 779 6.54 -50.24 -44.78
C TRP MA 779 5.79 -49.88 -43.50
N SER MA 780 6.46 -49.20 -42.59
CA SER MA 780 5.85 -48.85 -41.32
C SER MA 780 4.69 -47.89 -41.51
N VAL MA 781 4.71 -47.08 -42.56
CA VAL MA 781 3.62 -46.15 -42.78
C VAL MA 781 2.39 -46.88 -43.32
N LEU MA 782 2.59 -47.87 -44.18
CA LEU MA 782 1.49 -48.74 -44.59
C LEU MA 782 0.91 -49.46 -43.37
N SER MA 783 1.78 -49.95 -42.49
CA SER MA 783 1.30 -50.64 -41.29
C SER MA 783 0.51 -49.71 -40.39
N LYS MA 784 1.00 -48.48 -40.21
CA LYS MA 784 0.28 -47.50 -39.39
C LYS MA 784 -1.07 -47.16 -40.01
N ILE MA 785 -1.10 -46.89 -41.31
CA ILE MA 785 -2.36 -46.63 -42.00
C ILE MA 785 -3.34 -47.76 -41.75
N TYR MA 786 -2.89 -49.00 -41.94
CA TYR MA 786 -3.73 -50.16 -41.70
C TYR MA 786 -4.30 -50.13 -40.29
N TYR MA 787 -3.42 -50.22 -39.28
CA TYR MA 787 -3.88 -50.43 -37.92
C TYR MA 787 -4.68 -49.24 -37.39
N TYR MA 788 -4.42 -48.03 -37.87
CA TYR MA 788 -5.09 -46.85 -37.35
C TYR MA 788 -6.33 -46.45 -38.13
N ALA MA 789 -6.53 -46.96 -39.36
CA ALA MA 789 -7.68 -46.51 -40.13
C ALA MA 789 -8.56 -47.62 -40.67
N VAL MA 790 -8.10 -48.86 -40.80
CA VAL MA 790 -8.87 -49.94 -41.39
C VAL MA 790 -9.36 -50.93 -40.35
N VAL MA 791 -8.49 -51.31 -39.41
CA VAL MA 791 -8.85 -52.22 -38.33
C VAL MA 791 -10.03 -51.68 -37.53
N PRO MA 792 -9.99 -50.45 -36.99
CA PRO MA 792 -11.14 -49.96 -36.21
C PRO MA 792 -12.41 -49.82 -37.02
N ALA MA 793 -12.31 -49.65 -38.34
CA ALA MA 793 -13.52 -49.58 -39.16
C ALA MA 793 -14.30 -50.88 -39.13
N PHE MA 794 -13.59 -52.01 -39.08
CA PHE MA 794 -14.25 -53.32 -38.98
C PHE MA 794 -14.55 -53.70 -37.53
N SER MA 795 -13.57 -53.53 -36.64
CA SER MA 795 -13.71 -54.03 -35.28
C SER MA 795 -14.71 -53.20 -34.48
N ARG MA 796 -14.65 -51.87 -34.63
CA ARG MA 796 -15.55 -50.95 -33.95
C ARG MA 796 -15.50 -51.14 -32.44
N GLY MA 797 -14.31 -50.95 -31.88
CA GLY MA 797 -14.11 -51.05 -30.44
C GLY MA 797 -14.28 -52.46 -29.91
N ASN MA 798 -13.66 -53.43 -30.57
CA ASN MA 798 -13.72 -54.82 -30.13
C ASN MA 798 -12.31 -55.41 -30.01
N CYS MA 799 -11.38 -54.89 -30.80
CA CYS MA 799 -10.01 -55.40 -30.77
C CYS MA 799 -9.35 -55.08 -29.44
N CYS MA 800 -8.21 -55.73 -29.20
CA CYS MA 800 -7.44 -55.51 -27.98
C CYS MA 800 -6.04 -56.10 -28.17
N THR MA 801 -5.03 -55.28 -27.89
CA THR MA 801 -3.65 -55.75 -27.96
C THR MA 801 -3.30 -56.49 -26.67
N MET MA 802 -2.63 -57.62 -26.80
CA MET MA 802 -2.34 -58.48 -25.67
C MET MA 802 -0.90 -58.97 -25.73
N GLY MA 803 -0.38 -59.35 -24.57
CA GLY MA 803 0.97 -59.86 -24.45
C GLY MA 803 0.96 -61.37 -24.32
N VAL MA 804 1.72 -62.02 -25.19
CA VAL MA 804 1.75 -63.49 -25.27
C VAL MA 804 2.56 -64.06 -24.11
N ARG MA 805 2.45 -65.36 -23.90
CA ARG MA 805 3.27 -66.09 -22.94
C ARG MA 805 4.11 -67.07 -23.75
N TYR MA 806 5.25 -66.60 -24.26
CA TYR MA 806 6.08 -67.41 -25.14
C TYR MA 806 6.58 -68.69 -24.48
N ASP MA 807 6.81 -68.67 -23.17
CA ASP MA 807 7.26 -69.87 -22.48
C ASP MA 807 6.27 -71.01 -22.62
N ARG MA 808 4.98 -70.71 -22.47
CA ARG MA 808 3.95 -71.74 -22.48
C ARG MA 808 3.60 -72.22 -23.88
N VAL MA 809 3.72 -71.35 -24.89
CA VAL MA 809 3.38 -71.74 -26.26
C VAL MA 809 4.41 -72.69 -26.83
N TYR MA 810 5.68 -72.45 -26.53
CA TYR MA 810 6.75 -73.25 -27.13
C TYR MA 810 6.72 -74.68 -26.63
N GLN MA 811 6.45 -74.88 -25.34
CA GLN MA 811 6.34 -76.23 -24.80
C GLN MA 811 5.23 -77.02 -25.49
N LEU MA 812 4.13 -76.36 -25.86
CA LEU MA 812 3.02 -77.02 -26.53
C LEU MA 812 3.28 -77.30 -28.00
N VAL MA 813 3.79 -76.31 -28.75
CA VAL MA 813 3.96 -76.49 -30.19
C VAL MA 813 4.93 -77.62 -30.52
N GLN MA 814 5.84 -77.95 -29.59
CA GLN MA 814 6.77 -79.05 -29.81
C GLN MA 814 6.14 -80.42 -29.55
N THR MA 815 5.12 -80.49 -28.70
CA THR MA 815 4.49 -81.75 -28.34
C THR MA 815 3.58 -82.21 -29.47
N MET MA 816 4.20 -82.73 -30.53
CA MET MA 816 3.48 -83.27 -31.67
C MET MA 816 3.54 -84.80 -31.66
N VAL MA 817 2.50 -85.42 -32.17
CA VAL MA 817 2.41 -86.88 -32.26
C VAL MA 817 2.41 -87.26 -33.74
N VAL MA 818 3.50 -87.86 -34.19
CA VAL MA 818 3.66 -88.23 -35.59
C VAL MA 818 4.09 -89.69 -35.67
N PRO MA 819 3.38 -90.54 -36.40
CA PRO MA 819 3.85 -91.91 -36.61
C PRO MA 819 4.95 -91.96 -37.66
N GLU MA 820 5.39 -93.15 -38.03
CA GLU MA 820 6.35 -93.32 -39.09
C GLU MA 820 5.68 -94.04 -40.27
N THR MA 821 5.68 -93.39 -41.42
CA THR MA 821 5.08 -93.96 -42.62
C THR MA 821 5.82 -93.40 -43.83
N ASP MA 822 6.04 -94.27 -44.82
CA ASP MA 822 6.80 -93.90 -46.00
C ASP MA 822 6.15 -92.74 -46.75
N GLU MA 823 4.94 -92.96 -47.24
CA GLU MA 823 4.25 -91.99 -48.09
C GLU MA 823 3.01 -91.45 -47.39
N GLU MA 824 2.45 -90.39 -47.97
CA GLU MA 824 1.19 -89.84 -47.51
C GLU MA 824 0.08 -90.87 -47.72
N VAL MA 825 -0.81 -91.01 -46.75
CA VAL MA 825 -1.86 -92.02 -46.83
C VAL MA 825 -3.22 -91.36 -46.73
N GLY MA 826 -3.28 -90.20 -46.09
CA GLY MA 826 -4.53 -89.46 -46.01
C GLY MA 826 -5.18 -89.51 -44.65
N THR MA 827 -6.50 -89.32 -44.60
CA THR MA 827 -7.24 -89.22 -43.35
C THR MA 827 -7.80 -90.53 -42.84
N ASP MA 828 -8.17 -91.45 -43.73
CA ASP MA 828 -8.87 -92.67 -43.29
C ASP MA 828 -7.97 -93.60 -42.49
N ASP MA 829 -6.69 -93.63 -42.79
CA ASP MA 829 -5.79 -94.59 -42.15
C ASP MA 829 -5.73 -94.34 -40.64
N PRO MA 830 -5.70 -95.39 -39.81
CA PRO MA 830 -5.42 -95.18 -38.39
C PRO MA 830 -4.05 -94.58 -38.10
N ARG MA 831 -3.23 -94.33 -39.12
CA ARG MA 831 -1.94 -93.69 -38.89
C ARG MA 831 -1.97 -92.18 -39.05
N HIS MA 832 -3.06 -91.62 -39.57
CA HIS MA 832 -3.13 -90.19 -39.76
C HIS MA 832 -3.08 -89.48 -38.40
N PRO MA 833 -2.39 -88.34 -38.29
CA PRO MA 833 -2.23 -87.70 -36.98
C PRO MA 833 -3.52 -87.18 -36.36
N LEU MA 834 -4.64 -87.17 -37.09
CA LEU MA 834 -5.91 -86.75 -36.52
C LEU MA 834 -6.87 -87.91 -36.36
N HIS MA 835 -6.45 -89.13 -36.69
CA HIS MA 835 -7.28 -90.29 -36.43
C HIS MA 835 -7.38 -90.53 -34.93
N PRO MA 836 -8.55 -90.93 -34.43
CA PRO MA 836 -8.76 -90.97 -32.96
C PRO MA 836 -7.89 -91.96 -32.18
N ARG MA 837 -7.07 -92.79 -32.82
CA ARG MA 837 -6.16 -93.63 -32.04
C ARG MA 837 -5.03 -92.81 -31.45
N ASN MA 838 -4.22 -92.18 -32.31
CA ASN MA 838 -3.08 -91.39 -31.87
C ASN MA 838 -3.46 -89.99 -31.41
N LEU MA 839 -4.76 -89.73 -31.23
CA LEU MA 839 -5.22 -88.46 -30.67
C LEU MA 839 -4.93 -88.52 -29.17
N VAL MA 840 -3.67 -88.28 -28.83
CA VAL MA 840 -3.25 -88.32 -27.43
C VAL MA 840 -3.84 -87.07 -26.78
N PRO MA 841 -4.24 -87.15 -25.52
CA PRO MA 841 -4.75 -85.96 -24.85
C PRO MA 841 -3.67 -84.91 -24.65
N ASN MA 842 -4.12 -83.66 -24.54
CA ASN MA 842 -3.32 -82.56 -24.00
C ASN MA 842 -2.08 -82.26 -24.84
N SER MA 843 -2.16 -82.50 -26.14
CA SER MA 843 -1.05 -82.30 -27.06
C SER MA 843 -1.46 -81.30 -28.14
N LEU MA 844 -0.60 -81.17 -29.16
CA LEU MA 844 -0.88 -80.23 -30.25
C LEU MA 844 -2.04 -80.69 -31.12
N ASN MA 845 -2.09 -81.97 -31.46
CA ASN MA 845 -3.10 -82.47 -32.40
C ASN MA 845 -4.51 -82.14 -31.94
N VAL MA 846 -4.73 -82.10 -30.62
CA VAL MA 846 -6.07 -81.81 -30.11
C VAL MA 846 -6.49 -80.39 -30.46
N LEU MA 847 -5.51 -79.49 -30.62
CA LEU MA 847 -5.82 -78.13 -31.02
C LEU MA 847 -6.37 -78.10 -32.44
N PHE MA 848 -5.60 -78.60 -33.41
CA PHE MA 848 -6.09 -78.71 -34.77
C PHE MA 848 -7.43 -79.44 -34.84
N HIS MA 849 -7.63 -80.46 -34.01
CA HIS MA 849 -8.92 -81.14 -33.97
C HIS MA 849 -10.03 -80.25 -33.43
N ASN MA 850 -9.71 -79.33 -32.51
CA ASN MA 850 -10.72 -78.42 -31.98
C ASN MA 850 -11.26 -77.44 -33.02
N ALA MA 851 -10.52 -77.20 -34.09
CA ALA MA 851 -10.87 -76.19 -35.06
C ALA MA 851 -11.37 -76.77 -36.38
N CYS MA 852 -11.55 -78.09 -36.46
CA CYS MA 852 -12.04 -78.76 -37.66
C CYS MA 852 -11.13 -78.52 -38.87
N VAL MA 853 -9.92 -78.02 -38.63
CA VAL MA 853 -8.97 -77.77 -39.70
C VAL MA 853 -8.40 -79.09 -40.17
N ALA MA 854 -8.08 -79.16 -41.46
CA ALA MA 854 -7.55 -80.37 -42.09
C ALA MA 854 -6.13 -80.09 -42.54
N VAL MA 855 -5.17 -80.83 -42.01
CA VAL MA 855 -3.77 -80.68 -42.33
C VAL MA 855 -3.08 -82.04 -42.25
N ASP MA 856 -2.22 -82.33 -43.22
CA ASP MA 856 -1.46 -83.57 -43.26
C ASP MA 856 -0.30 -83.51 -42.27
N ALA MA 857 0.18 -84.70 -41.88
CA ALA MA 857 1.30 -84.80 -40.95
C ALA MA 857 2.57 -84.17 -41.51
N ASP MA 858 2.74 -84.18 -42.84
CA ASP MA 858 3.92 -83.57 -43.45
C ASP MA 858 4.05 -82.11 -43.05
N ALA MA 859 3.00 -81.33 -43.25
CA ALA MA 859 3.01 -79.93 -42.85
C ALA MA 859 3.25 -79.79 -41.35
N MET MA 860 2.74 -80.74 -40.56
CA MET MA 860 2.95 -80.68 -39.11
C MET MA 860 4.42 -80.85 -38.76
N LEU MA 861 5.14 -81.69 -39.52
CA LEU MA 861 6.57 -81.87 -39.26
C LEU MA 861 7.36 -80.58 -39.44
N ILE MA 862 6.94 -79.71 -40.36
CA ILE MA 862 7.67 -78.46 -40.61
C ILE MA 862 7.68 -77.56 -39.39
N LEU MA 863 6.71 -77.71 -38.48
CA LEU MA 863 6.60 -76.86 -37.31
C LEU MA 863 7.85 -76.84 -36.45
N GLN MA 864 8.78 -77.79 -36.63
CA GLN MA 864 10.03 -77.76 -35.89
C GLN MA 864 10.93 -76.60 -36.31
N GLU MA 865 10.75 -76.06 -37.52
CA GLU MA 865 11.66 -75.06 -38.05
C GLU MA 865 11.75 -73.82 -37.16
N THR MA 866 10.72 -73.54 -36.37
CA THR MA 866 10.76 -72.36 -35.51
C THR MA 866 11.81 -72.47 -34.39
N VAL MA 867 12.61 -73.53 -34.33
CA VAL MA 867 13.66 -73.59 -33.33
C VAL MA 867 14.90 -72.81 -33.79
N THR MA 868 15.14 -72.70 -35.09
CA THR MA 868 16.27 -71.93 -35.58
C THR MA 868 16.08 -70.43 -35.40
N ASN MA 869 14.84 -69.98 -35.24
CA ASN MA 869 14.54 -68.56 -35.04
C ASN MA 869 13.52 -68.47 -33.92
N MET MA 870 13.92 -67.89 -32.79
CA MET MA 870 13.08 -67.86 -31.61
C MET MA 870 12.55 -66.45 -31.39
N ALA MA 871 11.61 -66.32 -30.45
CA ALA MA 871 11.08 -65.04 -30.03
C ALA MA 871 11.07 -65.06 -28.50
N GLU MA 872 11.89 -64.21 -27.90
CA GLU MA 872 12.20 -64.34 -26.48
C GLU MA 872 11.00 -63.99 -25.61
N ARG MA 873 10.51 -62.76 -25.71
CA ARG MA 873 9.38 -62.32 -24.93
C ARG MA 873 8.70 -61.16 -25.67
N THR MA 874 7.60 -60.69 -25.11
CA THR MA 874 6.95 -59.47 -25.58
C THR MA 874 7.11 -58.37 -24.53
N THR MA 875 7.37 -57.16 -25.01
CA THR MA 875 7.81 -56.09 -24.15
C THR MA 875 7.24 -54.75 -24.60
N PRO MA 876 6.96 -53.84 -23.67
CA PRO MA 876 6.39 -52.55 -24.03
C PRO MA 876 7.44 -51.49 -24.30
N LEU MA 877 7.02 -50.47 -25.04
CA LEU MA 877 7.86 -49.31 -25.32
C LEU MA 877 7.19 -48.05 -24.79
N LEU MA 878 7.91 -46.94 -24.87
CA LEU MA 878 7.34 -45.63 -24.55
C LEU MA 878 8.10 -44.59 -25.38
N ALA MA 879 7.53 -44.20 -26.51
CA ALA MA 879 8.15 -43.22 -27.39
C ALA MA 879 7.92 -41.82 -26.84
N SER MA 880 8.73 -40.87 -27.32
CA SER MA 880 8.64 -39.49 -26.87
C SER MA 880 9.32 -38.56 -27.87
N VAL MA 881 8.59 -37.56 -28.35
CA VAL MA 881 9.10 -36.62 -29.34
C VAL MA 881 8.73 -35.21 -28.94
N ALA MA 882 9.47 -34.25 -29.48
CA ALA MA 882 9.07 -32.86 -29.41
C ALA MA 882 8.11 -32.55 -30.55
N PRO MA 883 7.25 -31.55 -30.37
CA PRO MA 883 6.36 -31.15 -31.48
C PRO MA 883 7.16 -30.68 -32.69
N ASP MA 884 6.53 -30.78 -33.86
CA ASP MA 884 7.26 -30.66 -35.12
C ASP MA 884 7.60 -29.21 -35.44
N ALA MA 885 8.14 -28.98 -36.63
CA ALA MA 885 8.49 -27.64 -37.06
C ALA MA 885 7.27 -26.73 -37.17
N GLY MA 886 6.07 -27.30 -37.20
CA GLY MA 886 4.85 -26.52 -37.17
C GLY MA 886 4.60 -25.88 -35.82
N MET MA 887 4.34 -26.71 -34.81
CA MET MA 887 4.12 -26.20 -33.46
C MET MA 887 5.46 -26.06 -32.73
N ALA MA 888 6.34 -25.23 -33.27
CA ALA MA 888 7.69 -25.05 -32.74
C ALA MA 888 7.92 -23.63 -32.23
N THR MA 889 6.96 -23.09 -31.49
CA THR MA 889 7.16 -21.80 -30.87
C THR MA 889 7.89 -21.97 -29.53
N VAL MA 890 8.28 -20.84 -28.93
CA VAL MA 890 9.05 -20.89 -27.70
C VAL MA 890 8.23 -21.51 -26.57
N ALA MA 891 6.91 -21.36 -26.62
CA ALA MA 891 6.03 -21.91 -25.61
C ALA MA 891 5.65 -23.37 -25.87
N THR MA 892 6.27 -24.00 -26.87
CA THR MA 892 5.98 -25.40 -27.19
C THR MA 892 7.25 -26.25 -27.15
N ARG MA 893 8.28 -25.80 -26.42
CA ARG MA 893 9.51 -26.58 -26.33
C ARG MA 893 9.34 -27.82 -25.47
N ASP MA 894 8.71 -27.70 -24.31
CA ASP MA 894 8.59 -28.80 -23.36
C ASP MA 894 7.29 -29.57 -23.50
N MET MA 895 6.38 -29.15 -24.38
CA MET MA 895 5.11 -29.83 -24.53
C MET MA 895 5.28 -31.08 -25.38
N ARG MA 896 6.18 -31.96 -24.96
CA ARG MA 896 6.46 -33.19 -25.68
C ARG MA 896 5.30 -34.17 -25.53
N THR MA 897 5.35 -35.24 -26.32
CA THR MA 897 4.33 -36.26 -26.30
C THR MA 897 4.90 -37.55 -25.72
N HIS MA 898 4.00 -38.50 -25.46
CA HIS MA 898 4.39 -39.80 -24.93
C HIS MA 898 3.39 -40.83 -25.44
N ASP MA 899 3.90 -41.88 -26.06
CA ASP MA 899 3.04 -42.89 -26.65
C ASP MA 899 3.72 -44.24 -26.49
N GLY MA 900 2.89 -45.28 -26.40
CA GLY MA 900 3.36 -46.63 -26.17
C GLY MA 900 3.27 -47.48 -27.42
N SER MA 901 3.85 -48.68 -27.30
CA SER MA 901 3.83 -49.68 -28.36
C SER MA 901 4.36 -50.98 -27.76
N LEU MA 902 3.85 -52.10 -28.27
CA LEU MA 902 4.24 -53.43 -27.81
C LEU MA 902 5.12 -54.09 -28.86
N HIS MA 903 6.25 -54.64 -28.43
CA HIS MA 903 7.14 -55.38 -29.31
C HIS MA 903 6.83 -56.86 -29.23
N HIS MA 904 6.74 -57.51 -30.39
CA HIS MA 904 6.44 -58.94 -30.49
C HIS MA 904 5.16 -59.29 -29.75
N GLY MA 905 4.26 -58.33 -29.61
CA GLY MA 905 2.97 -58.57 -29.00
C GLY MA 905 2.02 -59.21 -29.98
N LEU MA 906 0.72 -59.08 -29.71
CA LEU MA 906 -0.27 -59.63 -30.62
C LEU MA 906 -1.61 -58.97 -30.36
N LEU MA 907 -2.43 -58.89 -31.40
CA LEU MA 907 -3.72 -58.24 -31.36
C LEU MA 907 -4.79 -59.25 -31.74
N MET MA 908 -5.65 -59.60 -30.80
CA MET MA 908 -6.79 -60.45 -31.09
C MET MA 908 -8.05 -59.60 -31.27
N MET MA 909 -9.07 -60.19 -31.89
CA MET MA 909 -10.22 -59.44 -32.34
C MET MA 909 -11.38 -59.48 -31.35
N ALA MA 910 -11.83 -60.67 -30.98
CA ALA MA 910 -12.99 -60.81 -30.11
C ALA MA 910 -12.71 -61.88 -29.06
N TYR MA 911 -12.99 -61.53 -27.80
CA TYR MA 911 -12.76 -62.44 -26.69
C TYR MA 911 -13.86 -63.49 -26.62
N GLN MA 912 -13.44 -64.73 -26.40
CA GLN MA 912 -14.37 -65.85 -26.19
C GLN MA 912 -14.32 -66.22 -24.73
N PRO MA 913 -15.22 -65.71 -23.90
CA PRO MA 913 -15.14 -65.96 -22.46
C PRO MA 913 -15.83 -67.24 -22.04
N ASN MA 914 -16.77 -67.72 -22.85
CA ASN MA 914 -17.61 -68.85 -22.46
C ASN MA 914 -16.98 -70.21 -22.77
N ASP MA 915 -15.83 -70.24 -23.44
CA ASP MA 915 -15.21 -71.50 -23.77
C ASP MA 915 -14.55 -72.12 -22.54
N ALA MA 916 -14.57 -73.45 -22.49
CA ALA MA 916 -13.99 -74.17 -21.36
C ALA MA 916 -12.97 -75.24 -21.77
N THR MA 917 -12.75 -75.45 -23.06
CA THR MA 917 -11.75 -76.43 -23.47
C THR MA 917 -10.33 -75.93 -23.31
N LEU MA 918 -10.15 -74.70 -22.83
CA LEU MA 918 -8.85 -74.17 -22.45
C LEU MA 918 -9.03 -73.30 -21.22
N LEU MA 919 -7.92 -73.03 -20.53
CA LEU MA 919 -7.93 -72.01 -19.51
C LEU MA 919 -7.99 -70.64 -20.18
N GLU MA 920 -8.56 -69.66 -19.47
CA GLU MA 920 -8.82 -68.36 -20.09
C GLU MA 920 -7.52 -67.66 -20.45
N GLY MA 921 -6.70 -67.34 -19.46
CA GLY MA 921 -5.42 -66.70 -19.70
C GLY MA 921 -4.30 -67.71 -19.88
N ALA MA 922 -4.57 -68.76 -20.67
CA ALA MA 922 -3.59 -69.81 -20.86
C ALA MA 922 -2.40 -69.32 -21.69
N PHE MA 923 -2.65 -68.45 -22.64
CA PHE MA 923 -1.56 -68.02 -23.52
C PHE MA 923 -1.36 -66.51 -23.55
N PHE MA 924 -2.44 -65.73 -23.59
CA PHE MA 924 -2.35 -64.29 -23.78
C PHE MA 924 -2.99 -63.56 -22.60
N TYR MA 925 -2.32 -62.50 -22.14
CA TYR MA 925 -2.82 -61.63 -21.10
C TYR MA 925 -3.08 -60.23 -21.68
N PRO MA 926 -4.11 -59.54 -21.20
CA PRO MA 926 -4.46 -58.25 -21.78
C PRO MA 926 -3.47 -57.16 -21.41
N ALA MA 927 -3.15 -56.33 -22.40
CA ALA MA 927 -2.27 -55.19 -22.22
C ALA MA 927 -2.53 -54.16 -23.32
N PRO MA 928 -3.58 -53.36 -23.21
CA PRO MA 928 -3.85 -52.35 -24.22
C PRO MA 928 -2.76 -51.29 -24.26
N VAL MA 929 -2.70 -50.58 -25.39
CA VAL MA 929 -1.64 -49.60 -25.62
C VAL MA 929 -2.21 -48.22 -25.91
N ASN MA 930 -3.27 -48.12 -26.72
CA ASN MA 930 -3.87 -46.85 -27.05
C ASN MA 930 -5.35 -46.90 -26.74
N ALA MA 931 -5.99 -45.74 -26.77
CA ALA MA 931 -7.42 -45.68 -26.48
C ALA MA 931 -8.24 -46.50 -27.45
N LEU MA 932 -7.77 -46.63 -28.70
CA LEU MA 932 -8.49 -47.45 -29.68
C LEU MA 932 -8.47 -48.92 -29.29
N PHE MA 933 -7.27 -49.52 -29.24
CA PHE MA 933 -7.14 -50.95 -29.00
C PHE MA 933 -7.24 -51.27 -27.51
N ALA MA 934 -8.45 -51.06 -26.98
CA ALA MA 934 -8.70 -51.34 -25.56
C ALA MA 934 -10.19 -51.63 -25.42
N CYS MA 935 -10.54 -52.91 -25.34
CA CYS MA 935 -11.89 -53.31 -24.99
C CYS MA 935 -12.01 -53.44 -23.47
N ALA MA 936 -13.22 -53.75 -23.00
CA ALA MA 936 -13.48 -53.88 -21.58
C ALA MA 936 -13.56 -55.33 -21.11
N ASP MA 937 -14.22 -56.20 -21.87
CA ASP MA 937 -14.39 -57.59 -21.50
C ASP MA 937 -13.15 -58.43 -21.79
N HIS MA 938 -12.05 -57.82 -22.19
CA HIS MA 938 -10.80 -58.54 -22.41
C HIS MA 938 -9.98 -58.72 -21.15
N LEU MA 939 -10.32 -58.00 -20.08
CA LEU MA 939 -9.61 -58.16 -18.81
C LEU MA 939 -9.96 -59.45 -18.10
N GLY MA 940 -11.01 -60.15 -18.53
CA GLY MA 940 -11.36 -61.43 -17.95
C GLY MA 940 -10.33 -62.52 -18.20
N ALA MA 941 -9.39 -62.28 -19.12
CA ALA MA 941 -8.31 -63.24 -19.33
C ALA MA 941 -7.24 -63.14 -18.26
N MET MA 942 -7.26 -62.09 -17.45
CA MET MA 942 -6.30 -61.97 -16.35
C MET MA 942 -6.68 -62.93 -15.22
N ARG MA 943 -5.68 -63.25 -14.41
CA ARG MA 943 -5.85 -64.14 -13.27
C ARG MA 943 -6.06 -63.31 -12.01
N ASP MA 944 -6.94 -63.80 -11.14
CA ASP MA 944 -7.19 -63.19 -9.82
C ASP MA 944 -7.70 -61.76 -9.96
N VAL MA 945 -8.60 -61.56 -10.93
CA VAL MA 945 -9.21 -60.27 -11.18
C VAL MA 945 -10.59 -60.27 -10.52
N GLY MA 946 -10.87 -59.24 -9.73
CA GLY MA 946 -12.09 -59.17 -8.96
C GLY MA 946 -13.20 -58.42 -9.66
N ALA MA 947 -14.18 -57.97 -8.87
CA ALA MA 947 -15.32 -57.22 -9.39
C ALA MA 947 -15.16 -55.72 -9.28
N GLU MA 948 -14.28 -55.23 -8.41
CA GLU MA 948 -14.15 -53.78 -8.21
C GLU MA 948 -13.53 -53.11 -9.44
N VAL MA 949 -12.70 -53.83 -10.19
CA VAL MA 949 -12.03 -53.21 -11.34
C VAL MA 949 -12.84 -53.39 -12.62
N ARG MA 950 -13.43 -54.56 -12.84
CA ARG MA 950 -14.27 -54.76 -14.02
C ARG MA 950 -15.57 -53.97 -13.94
N ALA MA 951 -15.94 -53.48 -12.76
CA ALA MA 951 -17.10 -52.59 -12.65
C ALA MA 951 -16.81 -51.25 -13.30
N ALA MA 952 -15.58 -50.76 -13.18
CA ALA MA 952 -15.18 -49.45 -13.69
C ALA MA 952 -14.35 -49.56 -14.97
N ALA MA 953 -14.59 -50.61 -15.76
CA ALA MA 953 -13.80 -50.85 -16.95
C ALA MA 953 -14.57 -50.63 -18.25
N GLN MA 954 -15.90 -50.55 -18.20
CA GLN MA 954 -16.71 -50.43 -19.40
C GLN MA 954 -16.87 -48.99 -19.88
N HIS MA 955 -16.69 -48.01 -19.01
CA HIS MA 955 -16.91 -46.62 -19.36
C HIS MA 955 -15.62 -45.81 -19.49
N VAL MA 956 -14.49 -46.37 -19.07
CA VAL MA 956 -13.19 -45.74 -19.29
C VAL MA 956 -12.22 -46.78 -19.83
N PRO MA 957 -11.30 -46.35 -20.69
CA PRO MA 957 -10.34 -47.30 -21.25
C PRO MA 957 -9.39 -47.85 -20.19
N CYS MA 958 -8.66 -48.90 -20.56
CA CYS MA 958 -7.79 -49.61 -19.63
C CYS MA 958 -6.31 -49.38 -19.97
N VAL MA 959 -5.99 -48.28 -20.63
CA VAL MA 959 -4.61 -47.95 -20.97
C VAL MA 959 -3.84 -47.71 -19.68
N PRO MA 960 -2.86 -48.56 -19.35
CA PRO MA 960 -2.12 -48.38 -18.10
C PRO MA 960 -1.24 -47.14 -18.13
N HIS MA 961 -0.82 -46.72 -16.94
CA HIS MA 961 -0.10 -45.46 -16.78
C HIS MA 961 1.40 -45.60 -17.00
N PHE MA 962 1.86 -46.71 -17.58
CA PHE MA 962 3.24 -46.82 -18.05
C PHE MA 962 3.32 -46.95 -19.56
N LEU MA 963 2.25 -46.59 -20.27
CA LEU MA 963 2.20 -46.65 -21.73
C LEU MA 963 1.61 -45.38 -22.35
N GLY MA 964 1.50 -44.31 -21.57
CA GLY MA 964 0.99 -43.06 -22.08
C GLY MA 964 -0.50 -42.88 -21.89
N ALA MA 965 -0.90 -41.82 -21.19
CA ALA MA 965 -2.30 -41.58 -20.89
C ALA MA 965 -2.96 -40.82 -22.04
N ASN MA 966 -4.25 -40.53 -21.88
CA ASN MA 966 -5.06 -39.94 -22.93
C ASN MA 966 -4.95 -38.43 -23.01
N TYR MA 967 -3.96 -37.84 -22.33
CA TYR MA 967 -3.65 -36.43 -22.50
C TYR MA 967 -2.28 -36.20 -23.09
N TYR MA 968 -1.33 -37.10 -22.86
CA TYR MA 968 0.03 -36.98 -23.38
C TYR MA 968 0.24 -37.82 -24.63
N ALA MA 969 -0.81 -38.45 -25.14
CA ALA MA 969 -0.70 -39.26 -26.35
C ALA MA 969 -0.90 -38.39 -27.59
N THR MA 970 -0.75 -39.02 -28.75
CA THR MA 970 -0.96 -38.35 -30.03
C THR MA 970 -2.25 -38.80 -30.71
N VAL MA 971 -2.96 -39.75 -30.12
CA VAL MA 971 -4.25 -40.22 -30.62
C VAL MA 971 -5.16 -40.29 -29.41
N ARG MA 972 -6.00 -39.28 -29.22
CA ARG MA 972 -6.74 -39.11 -27.97
C ARG MA 972 -7.97 -40.00 -27.96
N GLN MA 973 -8.85 -39.78 -26.98
CA GLN MA 973 -10.02 -40.65 -26.81
C GLN MA 973 -11.09 -40.44 -27.88
N PRO MA 974 -11.53 -39.20 -28.17
CA PRO MA 974 -12.73 -39.06 -29.03
C PRO MA 974 -12.60 -39.71 -30.40
N VAL MA 975 -11.41 -39.69 -31.01
CA VAL MA 975 -11.24 -40.33 -32.30
C VAL MA 975 -11.53 -41.83 -32.24
N ALA MA 976 -11.32 -42.45 -31.07
CA ALA MA 976 -11.75 -43.81 -30.86
C ALA MA 976 -13.24 -43.89 -30.53
N GLN MA 977 -13.73 -42.99 -29.68
CA GLN MA 977 -15.16 -42.91 -29.41
C GLN MA 977 -15.95 -42.68 -30.69
N HIS MA 978 -15.33 -42.02 -31.68
CA HIS MA 978 -15.96 -41.86 -32.99
C HIS MA 978 -16.27 -43.22 -33.60
N ALA MA 979 -15.25 -44.07 -33.77
CA ALA MA 979 -15.43 -45.37 -34.39
C ALA MA 979 -16.35 -46.29 -33.60
N ALA MA 980 -16.69 -45.94 -32.36
CA ALA MA 980 -17.54 -46.78 -31.53
C ALA MA 980 -19.03 -46.56 -31.75
N GLN MA 981 -19.46 -45.32 -32.02
CA GLN MA 981 -20.88 -45.01 -32.17
C GLN MA 981 -21.14 -44.32 -33.51
N SER MA 982 -20.56 -44.85 -34.58
CA SER MA 982 -20.74 -44.30 -35.93
C SER MA 982 -21.27 -45.41 -36.82
N ARG MA 983 -22.59 -45.59 -36.84
CA ARG MA 983 -23.24 -46.58 -37.70
C ARG MA 983 -23.38 -45.99 -39.10
N ALA MA 984 -22.27 -45.99 -39.82
CA ALA MA 984 -22.15 -45.21 -41.06
C ALA MA 984 -21.46 -45.99 -42.17
N ASP MA 985 -21.92 -47.23 -42.42
CA ASP MA 985 -21.50 -47.93 -43.63
C ASP MA 985 -19.99 -48.11 -43.73
N GLU MA 986 -19.45 -49.02 -42.93
CA GLU MA 986 -18.04 -49.10 -42.56
C GLU MA 986 -17.03 -48.95 -43.70
N ASN MA 987 -17.47 -49.02 -44.95
CA ASN MA 987 -16.59 -48.61 -46.05
C ASN MA 987 -16.20 -47.14 -45.90
N THR MA 988 -17.20 -46.25 -45.84
CA THR MA 988 -16.94 -44.82 -45.77
C THR MA 988 -16.29 -44.40 -44.45
N LEU MA 989 -16.61 -45.09 -43.35
CA LEU MA 989 -15.98 -44.80 -42.06
C LEU MA 989 -14.46 -44.89 -42.16
N SER MA 990 -13.95 -45.78 -43.00
CA SER MA 990 -12.50 -45.87 -43.19
C SER MA 990 -11.93 -44.57 -43.72
N TYR MA 991 -12.51 -44.05 -44.80
CA TYR MA 991 -12.07 -42.77 -45.36
C TYR MA 991 -12.27 -41.64 -44.35
N ALA MA 992 -13.31 -41.73 -43.53
CA ALA MA 992 -13.54 -40.70 -42.52
C ALA MA 992 -12.40 -40.67 -41.50
N LEU MA 993 -12.09 -41.83 -40.92
CA LEU MA 993 -10.96 -41.91 -39.99
C LEU MA 993 -9.65 -41.53 -40.67
N MET MA 994 -9.51 -41.85 -41.96
CA MET MA 994 -8.32 -41.48 -42.70
C MET MA 994 -8.16 -39.97 -42.78
N ALA MA 995 -9.21 -39.27 -43.21
CA ALA MA 995 -9.17 -37.81 -43.29
C ALA MA 995 -9.03 -37.18 -41.91
N GLY MA 996 -9.49 -37.87 -40.86
CA GLY MA 996 -9.36 -37.34 -39.53
C GLY MA 996 -7.98 -37.52 -38.92
N TYR MA 997 -6.93 -37.45 -39.75
CA TYR MA 997 -5.56 -37.56 -39.26
C TYR MA 997 -4.66 -36.50 -39.88
N PHE MA 998 -5.21 -35.32 -40.18
CA PHE MA 998 -4.44 -34.21 -40.74
C PHE MA 998 -4.04 -33.26 -39.62
N LYS MA 999 -2.77 -32.86 -39.63
CA LYS MA 999 -2.24 -32.06 -38.54
C LYS MA 999 -2.81 -30.64 -38.55
N MET MA 1000 -3.02 -30.10 -37.36
CA MET MA 1000 -3.52 -28.74 -37.17
C MET MA 1000 -2.32 -27.84 -36.83
N SER MA 1001 -1.84 -27.13 -37.83
CA SER MA 1001 -0.69 -26.23 -37.70
C SER MA 1001 -0.64 -25.31 -38.91
N PRO MA 1002 -0.08 -24.11 -38.76
CA PRO MA 1002 0.02 -23.20 -39.92
C PRO MA 1002 0.66 -23.82 -41.15
N VAL MA 1003 1.82 -24.48 -40.98
CA VAL MA 1003 2.51 -25.10 -42.09
C VAL MA 1003 1.69 -26.23 -42.69
N ALA MA 1004 0.81 -26.84 -41.92
CA ALA MA 1004 -0.12 -27.83 -42.46
C ALA MA 1004 -1.36 -27.19 -43.06
N PHE MA 1005 -1.79 -26.05 -42.51
CA PHE MA 1005 -2.93 -25.35 -43.09
C PHE MA 1005 -2.60 -24.82 -44.47
N THR MA 1006 -1.35 -24.41 -44.71
CA THR MA 1006 -0.99 -23.88 -46.02
C THR MA 1006 -1.15 -24.93 -47.11
N HIS MA 1007 -1.29 -26.20 -46.75
CA HIS MA 1007 -1.62 -27.26 -47.69
C HIS MA 1007 -3.11 -27.60 -47.65
N GLN MA 1008 -3.62 -27.85 -46.44
CA GLN MA 1008 -5.02 -28.28 -46.30
C GLN MA 1008 -5.98 -27.26 -46.88
N LEU MA 1009 -5.86 -26.01 -46.44
CA LEU MA 1009 -6.81 -24.98 -46.87
C LEU MA 1009 -6.69 -24.70 -48.36
N ARG MA 1010 -5.52 -24.97 -48.94
CA ARG MA 1010 -5.35 -24.68 -50.37
C ARG MA 1010 -5.70 -25.86 -51.26
N ARG MA 1011 -5.85 -27.06 -50.72
CA ARG MA 1011 -6.26 -28.22 -51.52
C ARG MA 1011 -7.74 -28.54 -51.36
N GLN MA 1012 -8.55 -27.54 -51.00
CA GLN MA 1012 -10.01 -27.67 -50.98
C GLN MA 1012 -10.47 -28.79 -50.04
N LEU MA 1013 -9.91 -28.80 -48.83
CA LEU MA 1013 -10.33 -29.71 -47.79
C LEU MA 1013 -10.82 -28.92 -46.58
N HIS MA 1014 -12.01 -29.26 -46.10
CA HIS MA 1014 -12.64 -28.53 -45.01
C HIS MA 1014 -12.19 -29.10 -43.67
N PRO MA 1015 -11.40 -28.36 -42.89
CA PRO MA 1015 -11.04 -28.84 -41.54
C PRO MA 1015 -12.22 -28.76 -40.59
N GLY MA 1016 -12.00 -29.13 -39.33
CA GLY MA 1016 -13.08 -29.13 -38.35
C GLY MA 1016 -13.37 -27.76 -37.77
N PHE MA 1017 -13.19 -26.73 -38.58
CA PHE MA 1017 -13.42 -25.35 -38.15
C PHE MA 1017 -14.69 -24.81 -38.81
N ALA MA 1018 -15.04 -23.59 -38.41
CA ALA MA 1018 -16.12 -22.84 -39.06
C ALA MA 1018 -15.85 -21.37 -38.80
N LEU MA 1019 -15.44 -20.65 -39.82
CA LEU MA 1019 -15.06 -19.25 -39.63
C LEU MA 1019 -16.28 -18.34 -39.74
N THR MA 1020 -16.16 -17.17 -39.11
CA THR MA 1020 -17.24 -16.20 -39.06
C THR MA 1020 -16.69 -14.86 -39.51
N VAL MA 1021 -16.99 -14.49 -40.75
CA VAL MA 1021 -16.42 -13.30 -41.38
C VAL MA 1021 -17.13 -12.07 -40.86
N VAL MA 1022 -16.38 -10.99 -40.64
CA VAL MA 1022 -16.90 -9.72 -40.17
C VAL MA 1022 -16.30 -8.61 -41.00
N ARG MA 1023 -17.10 -7.61 -41.35
CA ARG MA 1023 -16.63 -6.48 -42.14
C ARG MA 1023 -17.57 -5.31 -41.94
N GLN MA 1024 -16.99 -4.12 -41.81
CA GLN MA 1024 -17.73 -2.89 -41.58
C GLN MA 1024 -17.80 -2.08 -42.86
N ASP MA 1025 -18.98 -1.51 -43.13
CA ASP MA 1025 -19.22 -0.77 -44.36
C ASP MA 1025 -19.78 0.61 -44.02
N ARG MA 1026 -19.52 1.56 -44.91
CA ARG MA 1026 -19.90 2.95 -44.72
C ARG MA 1026 -20.79 3.40 -45.87
N PHE MA 1027 -21.73 4.28 -45.56
CA PHE MA 1027 -22.65 4.82 -46.55
C PHE MA 1027 -22.87 6.30 -46.29
N ALA MA 1028 -22.83 7.11 -47.34
CA ALA MA 1028 -23.14 8.52 -47.26
C ALA MA 1028 -24.63 8.72 -47.52
N THR MA 1029 -25.29 9.44 -46.62
CA THR MA 1029 -26.72 9.66 -46.70
C THR MA 1029 -27.01 11.15 -46.75
N GLU MA 1030 -28.29 11.48 -46.84
CA GLU MA 1030 -28.78 12.85 -46.79
C GLU MA 1030 -29.68 13.01 -45.58
N ASN MA 1031 -29.37 14.00 -44.75
CA ASN MA 1031 -30.04 14.18 -43.48
C ASN MA 1031 -31.02 15.36 -43.56
N VAL MA 1032 -31.92 15.41 -42.59
CA VAL MA 1032 -32.87 16.50 -42.45
C VAL MA 1032 -32.79 16.96 -41.00
N LEU MA 1033 -32.15 18.10 -40.77
CA LEU MA 1033 -31.90 18.60 -39.42
C LEU MA 1033 -33.04 19.51 -38.97
N PHE MA 1034 -33.24 19.56 -37.66
CA PHE MA 1034 -34.23 20.44 -37.07
C PHE MA 1034 -33.62 21.17 -35.89
N ALA MA 1035 -34.05 22.42 -35.71
CA ALA MA 1035 -33.60 23.25 -34.61
C ALA MA 1035 -34.79 24.07 -34.13
N GLU MA 1036 -34.59 24.79 -33.03
CA GLU MA 1036 -35.68 25.46 -32.35
C GLU MA 1036 -35.50 26.98 -32.36
N LYS MA 1037 -36.40 27.65 -31.64
CA LYS MA 1037 -36.46 29.11 -31.67
C LYS MA 1037 -35.17 29.74 -31.16
N ALA MA 1038 -34.58 29.16 -30.10
CA ALA MA 1038 -33.30 29.63 -29.59
C ALA MA 1038 -32.57 28.42 -29.02
N SER MA 1039 -31.74 27.78 -29.83
CA SER MA 1039 -31.13 26.51 -29.47
C SER MA 1039 -29.63 26.61 -29.28
N GLU MA 1040 -29.06 27.81 -29.34
CA GLU MA 1040 -27.63 28.00 -29.15
C GLU MA 1040 -27.37 29.41 -28.66
N SER MA 1041 -26.77 29.53 -27.48
CA SER MA 1041 -26.28 30.81 -26.98
C SER MA 1041 -24.91 31.04 -27.61
N TYR MA 1042 -24.84 31.95 -28.57
CA TYR MA 1042 -23.68 32.11 -29.44
C TYR MA 1042 -23.03 33.46 -29.19
N PHE MA 1043 -21.74 33.44 -28.85
CA PHE MA 1043 -21.00 34.66 -28.52
C PHE MA 1043 -19.84 34.82 -29.49
N MET MA 1044 -19.70 36.02 -30.05
CA MET MA 1044 -18.65 36.36 -30.98
C MET MA 1044 -17.72 37.39 -30.37
N GLY MA 1045 -16.42 37.13 -30.44
CA GLY MA 1045 -15.41 37.98 -29.88
C GLY MA 1045 -15.03 39.13 -30.79
N GLN MA 1046 -13.80 39.62 -30.63
CA GLN MA 1046 -13.30 40.74 -31.42
C GLN MA 1046 -12.11 40.28 -32.24
N MET MA 1047 -12.04 40.75 -33.48
CA MET MA 1047 -11.07 40.25 -34.44
C MET MA 1047 -9.63 40.52 -33.97
N GLN MA 1048 -8.68 39.85 -34.61
CA GLN MA 1048 -7.27 39.96 -34.24
C GLN MA 1048 -6.42 39.74 -35.48
N VAL MA 1049 -5.41 40.57 -35.66
CA VAL MA 1049 -4.53 40.51 -36.83
C VAL MA 1049 -3.14 40.07 -36.37
N ALA MA 1050 -2.52 39.17 -37.14
CA ALA MA 1050 -1.19 38.68 -36.84
C ALA MA 1050 -0.35 38.78 -38.11
N ARG MA 1051 0.58 39.73 -38.14
CA ARG MA 1051 1.43 39.96 -39.29
C ARG MA 1051 2.73 39.19 -39.15
N THR MA 1052 2.96 38.25 -40.05
CA THR MA 1052 4.22 37.53 -40.13
C THR MA 1052 4.89 37.82 -41.45
N GLU MA 1053 6.13 37.35 -41.58
CA GLU MA 1053 6.93 37.52 -42.80
C GLU MA 1053 7.46 36.15 -43.20
N SER MA 1054 6.97 35.63 -44.33
CA SER MA 1054 7.40 34.32 -44.83
C SER MA 1054 7.49 34.42 -46.35
N GLY MA 1055 8.72 34.51 -46.85
CA GLY MA 1055 8.95 34.57 -48.28
C GLY MA 1055 8.89 35.98 -48.84
N GLY MA 1056 9.35 36.95 -48.06
CA GLY MA 1056 9.33 38.34 -48.50
C GLY MA 1056 7.95 38.94 -48.49
N GLY MA 1057 7.02 38.31 -49.21
CA GLY MA 1057 5.65 38.80 -49.25
C GLY MA 1057 5.00 38.70 -47.88
N LEU MA 1058 4.63 39.85 -47.33
CA LEU MA 1058 3.93 39.90 -46.05
C LEU MA 1058 2.69 39.00 -46.09
N HIS MA 1059 2.46 38.28 -44.99
CA HIS MA 1059 1.49 37.18 -44.94
C HIS MA 1059 0.56 37.41 -43.75
N LEU MA 1060 -0.53 38.12 -43.98
CA LEU MA 1060 -1.48 38.39 -42.91
C LEU MA 1060 -2.28 37.13 -42.58
N GLN MA 1061 -2.91 37.14 -41.40
CA GLN MA 1061 -3.71 36.02 -40.95
C GLN MA 1061 -4.64 36.51 -39.86
N LEU MA 1062 -5.95 36.43 -40.11
CA LEU MA 1062 -6.94 36.94 -39.19
C LEU MA 1062 -7.33 35.86 -38.16
N THR MA 1063 -8.18 36.24 -37.21
CA THR MA 1063 -8.63 35.36 -36.15
C THR MA 1063 -9.80 36.02 -35.44
N GLN MA 1064 -10.81 35.21 -35.09
CA GLN MA 1064 -11.97 35.70 -34.35
C GLN MA 1064 -12.37 34.63 -33.35
N PRO MA 1065 -12.00 34.78 -32.08
CA PRO MA 1065 -12.39 33.80 -31.06
C PRO MA 1065 -13.88 33.90 -30.78
N ARG MA 1066 -14.54 32.74 -30.75
CA ARG MA 1066 -15.98 32.67 -30.53
C ARG MA 1066 -16.29 31.47 -29.63
N ALA MA 1067 -17.41 31.56 -28.94
CA ALA MA 1067 -17.80 30.51 -28.01
C ALA MA 1067 -19.32 30.32 -28.10
N ASN MA 1068 -19.77 29.16 -27.64
CA ASN MA 1068 -21.18 28.83 -27.71
C ASN MA 1068 -21.55 27.85 -26.61
N VAL MA 1069 -22.85 27.73 -26.36
CA VAL MA 1069 -23.38 26.80 -25.39
C VAL MA 1069 -24.87 26.63 -25.66
N ASP MA 1070 -25.35 25.40 -25.53
CA ASP MA 1070 -26.79 25.18 -25.58
C ASP MA 1070 -27.45 25.81 -24.38
N LEU MA 1071 -28.66 26.34 -24.59
CA LEU MA 1071 -29.39 27.00 -23.52
C LEU MA 1071 -30.75 26.36 -23.31
N GLY MA 1072 -30.85 25.07 -23.58
CA GLY MA 1072 -32.11 24.36 -23.41
C GLY MA 1072 -31.98 23.03 -22.70
N VAL MA 1073 -32.76 22.84 -21.64
CA VAL MA 1073 -32.86 21.54 -21.00
C VAL MA 1073 -33.59 20.58 -21.94
N GLY MA 1074 -33.09 19.35 -22.02
CA GLY MA 1074 -33.62 18.39 -22.97
C GLY MA 1074 -33.08 18.64 -24.36
N PHE MA 1075 -33.43 17.72 -25.26
CA PHE MA 1075 -32.93 17.81 -26.63
C PHE MA 1075 -33.64 18.91 -27.41
N THR MA 1076 -32.87 19.63 -28.23
CA THR MA 1076 -33.40 20.73 -29.03
C THR MA 1076 -32.97 20.62 -30.48
N ALA MA 1077 -32.58 19.42 -30.90
CA ALA MA 1077 -32.15 19.18 -32.28
C ALA MA 1077 -32.12 17.69 -32.54
N ALA MA 1078 -32.55 17.30 -33.73
CA ALA MA 1078 -32.60 15.89 -34.12
C ALA MA 1078 -32.77 15.81 -35.63
N TYR MA 1079 -32.06 14.87 -36.25
CA TYR MA 1079 -32.14 14.67 -37.70
C TYR MA 1079 -32.63 13.28 -38.01
N ALA MA 1080 -32.89 13.04 -39.31
CA ALA MA 1080 -33.60 11.85 -39.75
C ALA MA 1080 -32.89 11.01 -40.79
N ALA MA 1081 -31.96 11.58 -41.56
CA ALA MA 1081 -31.19 10.84 -42.57
C ALA MA 1081 -32.12 10.17 -43.59
N ALA MA 1082 -32.78 11.04 -44.37
CA ALA MA 1082 -33.90 10.60 -45.20
C ALA MA 1082 -33.42 9.78 -46.39
N ALA MA 1083 -32.64 10.38 -47.29
CA ALA MA 1083 -32.34 9.79 -48.58
C ALA MA 1083 -31.08 8.93 -48.50
N LEU MA 1084 -30.60 8.48 -49.66
CA LEU MA 1084 -29.46 7.57 -49.72
C LEU MA 1084 -28.64 7.87 -50.97
N ARG MA 1085 -27.40 8.31 -50.77
CA ARG MA 1085 -26.44 8.41 -51.86
C ARG MA 1085 -25.78 7.05 -52.06
N ALA MA 1086 -24.71 7.02 -52.85
CA ALA MA 1086 -24.04 5.77 -53.11
C ALA MA 1086 -23.23 5.33 -51.90
N PRO MA 1087 -23.00 4.02 -51.76
CA PRO MA 1087 -22.09 3.54 -50.71
C PRO MA 1087 -20.68 4.05 -50.98
N VAL MA 1088 -20.14 4.78 -50.00
CA VAL MA 1088 -18.81 5.38 -50.18
C VAL MA 1088 -17.74 4.30 -50.27
N THR MA 1089 -17.91 3.19 -49.56
CA THR MA 1089 -16.95 2.10 -49.60
C THR MA 1089 -17.49 0.93 -50.41
N ASP MA 1090 -16.58 0.21 -51.04
CA ASP MA 1090 -16.92 -1.07 -51.62
C ASP MA 1090 -17.31 -2.05 -50.52
N MET MA 1091 -18.16 -3.01 -50.86
CA MET MA 1091 -18.53 -4.11 -49.97
C MET MA 1091 -17.80 -5.38 -50.38
N GLY MA 1092 -16.57 -5.24 -50.87
CA GLY MA 1092 -15.82 -6.34 -51.41
C GLY MA 1092 -15.18 -7.21 -50.36
N ASN MA 1093 -14.20 -8.02 -50.81
CA ASN MA 1093 -13.48 -8.94 -49.94
C ASN MA 1093 -12.00 -8.59 -49.95
N LEU MA 1094 -11.40 -8.60 -48.76
CA LEU MA 1094 -9.98 -8.34 -48.59
C LEU MA 1094 -9.52 -8.99 -47.29
N PRO MA 1095 -8.90 -10.15 -47.35
CA PRO MA 1095 -8.53 -10.86 -46.12
C PRO MA 1095 -7.45 -10.09 -45.35
N GLN MA 1096 -7.66 -9.93 -44.06
CA GLN MA 1096 -6.67 -9.27 -43.22
C GLN MA 1096 -5.46 -10.17 -43.04
N ASN MA 1097 -4.28 -9.60 -43.20
CA ASN MA 1097 -3.03 -10.34 -43.13
C ASN MA 1097 -2.31 -9.95 -41.84
N LEU MA 1098 -2.27 -10.88 -40.89
CA LEU MA 1098 -1.68 -10.61 -39.59
C LEU MA 1098 -0.16 -10.52 -39.63
N PHE MA 1099 0.47 -10.86 -40.74
CA PHE MA 1099 1.93 -10.84 -40.82
C PHE MA 1099 2.53 -9.45 -40.71
N ALA MA 1100 1.71 -8.39 -40.68
CA ALA MA 1100 2.19 -7.04 -40.52
C ALA MA 1100 2.07 -6.53 -39.08
N THR MA 1101 1.93 -7.43 -38.12
CA THR MA 1101 1.80 -7.06 -36.72
C THR MA 1101 3.00 -7.55 -35.92
N ARG MA 1102 2.97 -7.31 -34.61
CA ARG MA 1102 4.02 -7.76 -33.72
C ARG MA 1102 3.41 -8.54 -32.57
N GLY MA 1103 4.21 -8.82 -31.53
CA GLY MA 1103 3.70 -9.40 -30.32
C GLY MA 1103 3.55 -10.91 -30.32
N ALA MA 1104 3.48 -11.53 -31.49
CA ALA MA 1104 3.37 -12.99 -31.54
C ALA MA 1104 4.76 -13.58 -31.68
N PRO MA 1105 5.24 -14.34 -30.71
CA PRO MA 1105 6.59 -14.91 -30.79
C PRO MA 1105 6.70 -15.84 -31.99
N PRO MA 1106 7.60 -15.54 -32.92
CA PRO MA 1106 7.71 -16.36 -34.13
C PRO MA 1106 8.20 -17.77 -33.81
N MET MA 1107 8.09 -18.64 -34.82
CA MET MA 1107 8.45 -20.03 -34.64
C MET MA 1107 9.97 -20.18 -34.62
N LEU MA 1108 10.46 -21.13 -33.82
CA LEU MA 1108 11.89 -21.19 -33.54
C LEU MA 1108 12.71 -21.49 -34.79
N ASP MA 1109 12.22 -22.39 -35.64
CA ASP MA 1109 12.94 -22.75 -36.86
C ASP MA 1109 12.86 -21.58 -37.82
N ALA MA 1110 14.01 -20.93 -38.06
CA ALA MA 1110 14.03 -19.73 -38.90
C ALA MA 1110 13.66 -20.03 -40.35
N ASP MA 1111 13.69 -21.30 -40.76
CA ASP MA 1111 13.24 -21.66 -42.10
C ASP MA 1111 11.72 -21.72 -42.18
N ALA MA 1112 11.05 -22.02 -41.07
CA ALA MA 1112 9.61 -22.17 -41.07
C ALA MA 1112 8.91 -20.83 -41.36
N ASP MA 1113 9.30 -19.78 -40.64
CA ASP MA 1113 8.68 -18.49 -40.89
C ASP MA 1113 9.00 -17.96 -42.28
N ASP MA 1114 10.19 -18.27 -42.80
CA ASP MA 1114 10.53 -17.85 -44.15
C ASP MA 1114 9.70 -18.59 -45.20
N TYR MA 1115 9.41 -19.88 -44.97
CA TYR MA 1115 8.47 -20.57 -45.84
C TYR MA 1115 7.07 -19.96 -45.73
N LEU MA 1116 6.66 -19.62 -44.51
CA LEU MA 1116 5.30 -19.12 -44.29
C LEU MA 1116 5.09 -17.77 -44.97
N ARG MA 1117 5.99 -16.82 -44.73
CA ARG MA 1117 5.86 -15.49 -45.34
C ARG MA 1117 5.80 -15.57 -46.85
N ARG MA 1118 6.63 -16.41 -47.46
CA ARG MA 1118 6.73 -16.47 -48.91
C ARG MA 1118 5.49 -17.04 -49.57
N THR MA 1119 4.64 -17.76 -48.83
CA THR MA 1119 3.41 -18.31 -49.40
C THR MA 1119 2.17 -17.56 -48.97
N VAL MA 1120 2.13 -16.99 -47.75
CA VAL MA 1120 0.98 -16.21 -47.36
C VAL MA 1120 0.98 -14.86 -48.07
N ASN MA 1121 2.16 -14.33 -48.41
CA ASN MA 1121 2.27 -13.12 -49.22
C ASN MA 1121 2.46 -13.44 -50.69
N ALA MA 1122 2.16 -14.65 -51.13
CA ALA MA 1122 2.37 -15.03 -52.52
C ALA MA 1122 1.32 -14.35 -53.40
N GLY MA 1123 1.65 -13.19 -53.94
CA GLY MA 1123 0.67 -12.40 -54.65
C GLY MA 1123 -0.55 -12.03 -53.85
N ASN MA 1124 -0.44 -12.04 -52.52
CA ASN MA 1124 -1.57 -11.77 -51.65
C ASN MA 1124 -1.98 -10.30 -51.68
N ARG MA 1125 -3.16 -10.03 -51.17
CA ARG MA 1125 -3.65 -8.66 -51.07
C ARG MA 1125 -3.02 -8.01 -49.86
N LEU MA 1126 -3.03 -6.69 -49.83
CA LEU MA 1126 -2.50 -5.93 -48.69
C LEU MA 1126 -1.08 -6.37 -48.34
N ALA MA 1127 -0.89 -6.69 -47.06
CA ALA MA 1127 0.36 -7.14 -46.43
C ALA MA 1127 1.41 -6.05 -46.29
N PRO MA 1128 2.65 -6.44 -45.97
CA PRO MA 1128 3.69 -5.44 -45.78
C PRO MA 1128 4.78 -5.74 -46.79
N VAL MA 1129 5.22 -4.72 -47.52
CA VAL MA 1129 6.35 -4.86 -48.42
C VAL MA 1129 7.39 -3.87 -47.95
N PRO MA 1130 8.65 -4.27 -47.89
CA PRO MA 1130 9.71 -3.39 -47.33
C PRO MA 1130 10.05 -2.15 -48.15
N VAL MA 1131 9.07 -1.27 -48.32
CA VAL MA 1131 9.35 0.06 -48.84
C VAL MA 1131 10.07 0.87 -47.77
N PHE MA 1132 10.64 2.01 -48.18
CA PHE MA 1132 11.56 2.73 -47.32
C PHE MA 1132 10.90 3.17 -46.02
N GLY MA 1133 11.40 2.62 -44.90
CA GLY MA 1133 11.11 3.12 -43.56
C GLY MA 1133 9.66 2.93 -43.12
N GLN MA 1134 8.84 2.21 -43.88
CA GLN MA 1134 7.42 2.16 -43.54
C GLN MA 1134 6.95 0.75 -43.24
N MET MA 1135 7.43 -0.22 -44.02
CA MET MA 1135 6.92 -1.59 -43.97
C MET MA 1135 5.40 -1.59 -44.16
N LEU MA 1136 4.98 -1.01 -45.28
CA LEU MA 1136 3.59 -0.78 -45.59
C LEU MA 1136 3.35 -1.24 -47.03
N PRO MA 1137 2.18 -1.81 -47.31
CA PRO MA 1137 1.91 -2.30 -48.67
C PRO MA 1137 2.05 -1.19 -49.69
N GLN MA 1138 2.52 -1.57 -50.88
CA GLN MA 1138 2.70 -0.61 -51.95
C GLN MA 1138 1.37 0.01 -52.34
N VAL MA 1139 1.41 1.24 -52.81
CA VAL MA 1139 0.18 1.94 -53.21
C VAL MA 1139 -0.42 1.19 -54.39
N PRO MA 1140 -1.73 1.00 -54.44
CA PRO MA 1140 -2.34 0.28 -55.55
C PRO MA 1140 -2.55 1.19 -56.75
N ALA MA 1141 -2.30 0.63 -57.93
CA ALA MA 1141 -2.51 1.32 -59.20
C ALA MA 1141 -3.92 1.02 -59.68
N GLY MA 1142 -4.82 1.98 -59.49
CA GLY MA 1142 -6.19 1.82 -59.95
C GLY MA 1142 -7.17 1.43 -58.87
N LEU MA 1143 -8.42 1.87 -59.03
CA LEU MA 1143 -9.51 1.51 -58.12
C LEU MA 1143 -10.76 1.26 -58.94
N ALA MA 1144 -11.59 0.32 -58.48
CA ALA MA 1144 -12.86 0.06 -59.12
C ALA MA 1144 -14.01 0.79 -58.41
N ARG MA 1145 -13.98 0.79 -57.09
CA ARG MA 1145 -15.00 1.42 -56.28
C ARG MA 1145 -14.31 2.16 -55.15
N GLY MA 1146 -15.07 2.54 -54.12
CA GLY MA 1146 -14.51 3.22 -52.97
C GLY MA 1146 -13.49 2.39 -52.22
N GLN MA 1147 -12.95 2.95 -51.13
CA GLN MA 1147 -11.93 2.26 -50.35
C GLN MA 1147 -12.43 0.88 -49.94
N GLN MA 1148 -11.70 -0.15 -50.38
CA GLN MA 1148 -12.12 -1.52 -50.11
C GLN MA 1148 -12.10 -1.80 -48.61
N SER MA 1149 -12.99 -2.68 -48.18
CA SER MA 1149 -13.11 -3.02 -46.77
C SER MA 1149 -12.09 -4.09 -46.40
N VAL MA 1150 -12.10 -4.48 -45.12
CA VAL MA 1150 -11.23 -5.53 -44.61
C VAL MA 1150 -12.08 -6.48 -43.78
N CYS MA 1151 -11.81 -7.77 -43.90
CA CYS MA 1151 -12.56 -8.80 -43.20
C CYS MA 1151 -11.65 -9.59 -42.27
N GLU MA 1152 -12.26 -10.16 -41.22
CA GLU MA 1152 -11.54 -11.02 -40.31
C GLU MA 1152 -12.04 -12.46 -40.40
N PHE MA 1153 -11.52 -13.33 -39.55
CA PHE MA 1153 -11.93 -14.73 -39.52
C PHE MA 1153 -11.87 -15.21 -38.09
N ILE MA 1154 -13.01 -15.21 -37.41
CA ILE MA 1154 -13.12 -15.73 -36.05
C ILE MA 1154 -13.33 -17.23 -36.14
N ALA MA 1155 -12.49 -17.99 -35.44
CA ALA MA 1155 -12.68 -19.43 -35.40
C ALA MA 1155 -13.91 -19.76 -34.54
N THR MA 1156 -14.61 -20.83 -34.92
CA THR MA 1156 -15.89 -21.14 -34.31
C THR MA 1156 -16.21 -22.61 -34.59
N PRO MA 1157 -16.71 -23.35 -33.60
CA PRO MA 1157 -16.97 -24.79 -33.82
C PRO MA 1157 -18.00 -25.02 -34.89
N VAL MA 1158 -17.92 -26.20 -35.51
CA VAL MA 1158 -18.78 -26.53 -36.65
C VAL MA 1158 -20.23 -26.70 -36.21
N SER MA 1159 -20.46 -27.22 -35.02
CA SER MA 1159 -21.79 -27.57 -34.56
C SER MA 1159 -22.64 -26.36 -34.18
N VAL MA 1160 -22.14 -25.14 -34.39
CA VAL MA 1160 -22.91 -23.96 -33.99
C VAL MA 1160 -24.18 -23.87 -34.82
N ASP MA 1161 -25.24 -23.39 -34.17
CA ASP MA 1161 -26.54 -23.33 -34.81
C ASP MA 1161 -26.56 -22.28 -35.91
N LEU MA 1162 -27.16 -22.62 -37.05
CA LEU MA 1162 -27.20 -21.69 -38.17
C LEU MA 1162 -28.20 -20.55 -37.94
N ALA MA 1163 -29.35 -20.85 -37.33
CA ALA MA 1163 -30.37 -19.82 -37.12
C ALA MA 1163 -29.90 -18.71 -36.21
N TYR MA 1164 -28.79 -18.90 -35.48
CA TYR MA 1164 -28.21 -17.80 -34.71
C TYR MA 1164 -27.73 -16.66 -35.60
N PHE MA 1165 -27.57 -16.90 -36.91
CA PHE MA 1165 -27.14 -15.88 -37.84
C PHE MA 1165 -28.28 -15.32 -38.68
N ARG MA 1166 -29.50 -15.83 -38.53
CA ARG MA 1166 -30.63 -15.32 -39.30
C ARG MA 1166 -31.00 -13.91 -38.86
N ARG MA 1167 -31.34 -13.75 -37.59
CA ARG MA 1167 -31.60 -12.43 -37.05
C ARG MA 1167 -30.28 -11.71 -36.80
N ALA MA 1168 -30.36 -10.48 -36.29
CA ALA MA 1168 -29.15 -9.76 -35.93
C ALA MA 1168 -28.41 -10.49 -34.82
N CYS MA 1169 -27.10 -10.61 -34.99
CA CYS MA 1169 -26.31 -11.44 -34.09
C CYS MA 1169 -25.08 -10.68 -33.63
N ASN MA 1170 -24.34 -11.31 -32.72
CA ASN MA 1170 -23.10 -10.79 -32.19
C ASN MA 1170 -21.99 -11.79 -32.50
N PRO MA 1171 -20.90 -11.35 -33.15
CA PRO MA 1171 -19.86 -12.31 -33.56
C PRO MA 1171 -19.16 -12.99 -32.39
N ARG MA 1172 -19.24 -12.43 -31.18
CA ARG MA 1172 -18.58 -13.02 -30.03
C ARG MA 1172 -19.20 -14.37 -29.66
N GLY MA 1173 -20.52 -14.44 -29.67
CA GLY MA 1173 -21.22 -15.61 -29.17
C GLY MA 1173 -22.00 -15.24 -27.93
N ARG MA 1174 -21.39 -14.40 -27.11
CA ARG MA 1174 -22.05 -13.77 -25.97
C ARG MA 1174 -22.26 -12.30 -26.32
N ALA MA 1175 -23.49 -11.83 -26.21
CA ALA MA 1175 -23.92 -10.55 -26.77
C ALA MA 1175 -23.89 -9.43 -25.74
N ALA MA 1176 -22.88 -9.40 -24.87
CA ALA MA 1176 -22.88 -8.53 -23.70
C ALA MA 1176 -23.08 -7.06 -24.02
N GLY MA 1177 -22.13 -6.44 -24.71
CA GLY MA 1177 -22.18 -5.00 -24.86
C GLY MA 1177 -22.27 -4.31 -23.52
N GLU MA 1178 -22.98 -3.20 -23.48
CA GLU MA 1178 -23.25 -2.54 -22.20
C GLU MA 1178 -24.71 -2.21 -22.00
N VAL MA 1179 -25.43 -1.83 -23.05
CA VAL MA 1179 -26.73 -1.18 -22.90
C VAL MA 1179 -27.73 -2.08 -22.18
N HIS MA 1180 -27.61 -3.39 -22.35
CA HIS MA 1180 -28.49 -4.34 -21.69
C HIS MA 1180 -27.64 -5.31 -20.88
N GLY MA 1181 -27.49 -5.03 -19.59
CA GLY MA 1181 -26.67 -5.86 -18.73
C GLY MA 1181 -25.77 -5.07 -17.80
N GLU MA 1182 -25.71 -5.50 -16.55
CA GLU MA 1182 -24.87 -4.84 -15.55
C GLU MA 1182 -23.41 -5.25 -15.76
N GLU MA 1183 -22.54 -4.72 -14.88
CA GLU MA 1183 -21.12 -5.01 -14.98
C GLU MA 1183 -20.84 -6.43 -14.53
N GLY MA 1184 -19.89 -7.09 -15.20
CA GLY MA 1184 -19.54 -8.47 -14.93
C GLY MA 1184 -20.17 -9.46 -15.88
N LEU MA 1185 -20.90 -9.00 -16.90
CA LEU MA 1185 -21.69 -9.86 -17.77
C LEU MA 1185 -20.91 -10.37 -18.95
N MET MA 1186 -19.81 -9.71 -19.30
CA MET MA 1186 -19.11 -9.91 -20.55
C MET MA 1186 -18.18 -11.11 -20.55
N PHE MA 1187 -17.59 -11.46 -19.40
CA PHE MA 1187 -16.64 -12.56 -19.36
C PHE MA 1187 -17.04 -13.71 -18.44
N ASP MA 1188 -17.81 -13.45 -17.39
CA ASP MA 1188 -18.22 -14.54 -16.51
C ASP MA 1188 -19.11 -15.53 -17.26
N HIS MA 1189 -19.19 -16.76 -16.72
CA HIS MA 1189 -20.06 -17.76 -17.31
C HIS MA 1189 -20.81 -18.58 -16.27
N SER MA 1190 -21.01 -18.04 -15.08
CA SER MA 1190 -22.00 -18.58 -14.15
C SER MA 1190 -23.36 -17.92 -14.35
N HIS MA 1191 -23.47 -16.98 -15.29
CA HIS MA 1191 -24.72 -16.33 -15.64
C HIS MA 1191 -25.00 -16.54 -17.12
N ALA MA 1192 -26.24 -16.86 -17.44
CA ALA MA 1192 -26.59 -17.19 -18.80
C ALA MA 1192 -26.54 -15.96 -19.71
N ASP MA 1193 -26.39 -16.20 -21.00
CA ASP MA 1193 -26.42 -15.16 -22.01
C ASP MA 1193 -27.81 -14.55 -22.07
N PRO MA 1194 -27.95 -13.23 -21.94
CA PRO MA 1194 -29.28 -12.62 -22.06
C PRO MA 1194 -29.98 -12.92 -23.38
N ALA MA 1195 -29.26 -12.93 -24.50
CA ALA MA 1195 -29.88 -13.08 -25.81
C ALA MA 1195 -30.54 -14.44 -26.01
N HIS MA 1196 -29.90 -15.51 -25.54
CA HIS MA 1196 -30.41 -16.87 -25.70
C HIS MA 1196 -30.14 -17.62 -24.40
N PRO MA 1197 -30.87 -17.29 -23.33
CA PRO MA 1197 -30.51 -17.82 -22.00
C PRO MA 1197 -30.58 -19.33 -21.86
N HIS MA 1198 -30.95 -20.07 -22.91
CA HIS MA 1198 -30.79 -21.51 -22.89
C HIS MA 1198 -29.34 -21.88 -22.66
N ARG MA 1199 -28.47 -21.45 -23.56
CA ARG MA 1199 -27.03 -21.67 -23.44
C ARG MA 1199 -26.43 -20.58 -22.57
N ALA MA 1200 -25.10 -20.58 -22.45
CA ALA MA 1200 -24.36 -19.46 -21.89
C ALA MA 1200 -23.55 -18.71 -22.94
N THR MA 1201 -23.03 -19.40 -23.94
CA THR MA 1201 -22.43 -18.78 -25.11
C THR MA 1201 -22.94 -19.53 -26.32
N ALA MA 1202 -22.35 -19.26 -27.49
CA ALA MA 1202 -22.61 -20.07 -28.67
C ALA MA 1202 -21.33 -20.33 -29.44
N ASN MA 1203 -20.19 -19.96 -28.90
CA ASN MA 1203 -18.90 -20.02 -29.57
C ASN MA 1203 -17.81 -19.98 -28.51
N PRO MA 1204 -17.56 -21.11 -27.82
CA PRO MA 1204 -16.63 -21.07 -26.67
C PRO MA 1204 -15.27 -20.49 -26.99
N TRP MA 1205 -14.73 -20.73 -28.18
CA TRP MA 1205 -13.39 -20.29 -28.52
C TRP MA 1205 -13.25 -18.77 -28.61
N ALA MA 1206 -14.34 -18.01 -28.39
CA ALA MA 1206 -14.28 -16.56 -28.60
C ALA MA 1206 -15.02 -15.78 -27.53
N SER MA 1207 -15.24 -16.32 -26.33
CA SER MA 1207 -16.02 -15.61 -25.34
C SER MA 1207 -15.33 -15.45 -24.00
N GLN MA 1208 -14.68 -16.49 -23.47
CA GLN MA 1208 -14.11 -16.41 -22.14
C GLN MA 1208 -12.90 -15.47 -22.14
N ARG MA 1209 -12.52 -15.05 -20.94
CA ARG MA 1209 -11.30 -14.27 -20.77
C ARG MA 1209 -10.10 -15.09 -21.21
N HIS MA 1210 -9.24 -14.49 -22.03
CA HIS MA 1210 -8.05 -15.13 -22.57
C HIS MA 1210 -8.41 -16.36 -23.41
N SER MA 1211 -9.48 -16.24 -24.19
CA SER MA 1211 -9.82 -17.27 -25.17
C SER MA 1211 -8.91 -17.12 -26.37
N TYR MA 1212 -9.21 -17.83 -27.46
CA TYR MA 1212 -8.43 -17.69 -28.68
C TYR MA 1212 -8.65 -16.32 -29.31
N ALA MA 1213 -9.90 -16.01 -29.65
CA ALA MA 1213 -10.20 -14.74 -30.29
C ALA MA 1213 -9.86 -13.55 -29.39
N ASP MA 1214 -10.00 -13.73 -28.08
CA ASP MA 1214 -9.70 -12.65 -27.15
C ASP MA 1214 -8.25 -12.22 -27.23
N ARG MA 1215 -7.32 -13.15 -27.41
CA ARG MA 1215 -5.91 -12.82 -27.53
C ARG MA 1215 -5.55 -12.21 -28.87
N LEU MA 1216 -6.50 -12.01 -29.76
CA LEU MA 1216 -6.24 -11.47 -31.10
C LEU MA 1216 -6.85 -10.09 -31.31
N TYR MA 1217 -8.12 -9.89 -30.98
CA TYR MA 1217 -8.77 -8.64 -31.30
C TYR MA 1217 -9.26 -7.89 -30.08
N ASN MA 1218 -8.48 -7.88 -29.00
CA ASN MA 1218 -8.81 -7.12 -27.81
C ASN MA 1218 -8.17 -5.74 -27.90
N GLY MA 1219 -8.33 -4.95 -26.83
CA GLY MA 1219 -7.83 -3.60 -26.84
C GLY MA 1219 -6.54 -3.41 -26.07
N GLN MA 1220 -6.45 -4.04 -24.90
CA GLN MA 1220 -5.32 -3.86 -23.98
C GLN MA 1220 -4.37 -5.05 -24.01
N TYR MA 1221 -4.17 -5.65 -25.17
CA TYR MA 1221 -3.33 -6.84 -25.27
C TYR MA 1221 -2.19 -6.72 -26.28
N ASN MA 1222 -2.05 -5.59 -26.97
CA ASN MA 1222 -0.89 -5.30 -27.80
C ASN MA 1222 -0.75 -6.35 -28.92
N MET MA 1223 -1.76 -6.37 -29.78
CA MET MA 1223 -1.76 -7.25 -30.95
C MET MA 1223 -2.41 -6.58 -32.16
N SER MA 1224 -2.35 -5.26 -32.24
CA SER MA 1224 -2.96 -4.53 -33.33
C SER MA 1224 -1.91 -4.16 -34.38
N GLY MA 1225 -2.33 -4.13 -35.64
CA GLY MA 1225 -1.46 -3.75 -36.73
C GLY MA 1225 -1.87 -2.43 -37.34
N PRO MA 1226 -1.28 -2.09 -38.49
CA PRO MA 1226 -1.61 -0.81 -39.13
C PRO MA 1226 -2.97 -0.80 -39.81
N ALA MA 1227 -3.49 -1.96 -40.18
CA ALA MA 1227 -4.76 -2.04 -40.90
C ALA MA 1227 -5.92 -2.06 -39.93
N TYR MA 1228 -7.02 -1.42 -40.32
CA TYR MA 1228 -8.21 -1.39 -39.48
C TYR MA 1228 -8.77 -2.79 -39.33
N SER MA 1229 -9.41 -3.04 -38.18
CA SER MA 1229 -10.01 -4.32 -37.87
C SER MA 1229 -11.44 -4.09 -37.43
N PRO MA 1230 -12.43 -4.30 -38.31
CA PRO MA 1230 -13.83 -4.08 -37.94
C PRO MA 1230 -14.27 -4.77 -36.66
N CYS MA 1231 -13.74 -5.96 -36.35
CA CYS MA 1231 -14.13 -6.69 -35.15
C CYS MA 1231 -13.38 -6.22 -33.90
N PHE MA 1232 -12.74 -5.06 -33.96
CA PHE MA 1232 -12.07 -4.50 -32.78
C PHE MA 1232 -13.06 -4.06 -31.72
N LYS MA 1233 -14.14 -3.37 -32.12
CA LYS MA 1233 -15.06 -2.75 -31.18
C LYS MA 1233 -16.01 -3.73 -30.51
N PHE MA 1234 -15.76 -5.04 -30.63
CA PHE MA 1234 -16.62 -6.05 -30.01
C PHE MA 1234 -15.96 -6.74 -28.83
N PHE MA 1235 -14.66 -7.02 -28.90
CA PHE MA 1235 -13.94 -7.69 -27.83
C PHE MA 1235 -13.11 -6.72 -26.99
N THR MA 1236 -13.41 -5.43 -27.03
CA THR MA 1236 -12.68 -4.45 -26.22
C THR MA 1236 -13.55 -3.98 -25.07
N PRO MA 1237 -13.15 -4.21 -23.82
CA PRO MA 1237 -13.90 -3.67 -22.67
C PRO MA 1237 -13.49 -2.28 -22.24
N ALA MA 1238 -12.61 -1.60 -22.97
CA ALA MA 1238 -12.04 -0.32 -22.55
C ALA MA 1238 -13.09 0.72 -22.20
N GLU MA 1239 -14.35 0.53 -22.62
CA GLU MA 1239 -15.41 1.45 -22.22
C GLU MA 1239 -15.73 1.33 -20.74
N ALA MA 1240 -15.26 0.27 -20.06
CA ALA MA 1240 -15.60 0.06 -18.67
C ALA MA 1240 -15.15 1.19 -17.76
N VAL MA 1241 -13.97 1.76 -18.02
CA VAL MA 1241 -13.52 2.90 -17.21
C VAL MA 1241 -14.45 4.09 -17.40
N ALA MA 1242 -14.92 4.32 -18.61
CA ALA MA 1242 -15.89 5.38 -18.89
C ALA MA 1242 -17.28 4.75 -18.93
N LYS MA 1243 -17.76 4.36 -17.75
CA LYS MA 1243 -19.05 3.70 -17.66
C LYS MA 1243 -20.18 4.67 -18.01
N SER MA 1244 -21.40 4.15 -18.04
CA SER MA 1244 -22.57 4.91 -18.42
C SER MA 1244 -23.36 5.28 -17.18
N ARG MA 1245 -23.54 6.58 -16.96
CA ARG MA 1245 -24.38 7.07 -15.88
C ARG MA 1245 -25.74 7.55 -16.37
N GLY MA 1246 -26.08 7.28 -17.63
CA GLY MA 1246 -27.38 7.60 -18.17
C GLY MA 1246 -27.52 7.09 -19.59
N LEU MA 1247 -28.64 6.44 -19.89
CA LEU MA 1247 -28.87 5.94 -21.24
C LEU MA 1247 -28.94 7.09 -22.24
N ALA MA 1248 -29.39 8.26 -21.80
CA ALA MA 1248 -29.41 9.43 -22.67
C ALA MA 1248 -28.02 9.80 -23.16
N ARG MA 1249 -27.00 9.61 -22.31
CA ARG MA 1249 -25.63 9.86 -22.74
C ARG MA 1249 -25.24 8.93 -23.90
N LEU MA 1250 -25.61 7.66 -23.80
CA LEU MA 1250 -25.35 6.73 -24.89
C LEU MA 1250 -26.12 7.12 -26.16
N ILE MA 1251 -27.40 7.52 -26.00
CA ILE MA 1251 -28.18 7.98 -27.14
C ILE MA 1251 -27.47 9.15 -27.84
N ALA MA 1252 -27.05 10.14 -27.07
CA ALA MA 1252 -26.39 11.31 -27.64
C ALA MA 1252 -25.03 10.99 -28.24
N ASP MA 1253 -24.29 10.06 -27.64
CA ASP MA 1253 -22.95 9.76 -28.14
C ASP MA 1253 -23.00 9.14 -29.53
N THR MA 1254 -23.90 8.18 -29.74
CA THR MA 1254 -24.17 7.73 -31.10
C THR MA 1254 -24.78 8.87 -31.90
N GLY MA 1255 -24.34 9.01 -33.14
CA GLY MA 1255 -24.62 10.18 -33.93
C GLY MA 1255 -23.62 11.31 -33.76
N ALA MA 1256 -22.66 11.14 -32.85
CA ALA MA 1256 -21.57 12.09 -32.66
C ALA MA 1256 -20.23 11.38 -32.52
N ALA MA 1257 -20.14 10.13 -32.97
CA ALA MA 1257 -18.91 9.37 -32.83
C ALA MA 1257 -17.91 9.77 -33.92
N ALA MA 1258 -16.64 9.88 -33.54
CA ALA MA 1258 -15.60 10.20 -34.51
C ALA MA 1258 -15.30 8.98 -35.37
N SER MA 1259 -14.74 9.24 -36.54
CA SER MA 1259 -14.45 8.17 -37.49
C SER MA 1259 -13.14 7.49 -37.13
N PRO MA 1260 -13.13 6.21 -36.79
CA PRO MA 1260 -11.88 5.50 -36.53
C PRO MA 1260 -11.20 4.94 -37.76
N THR MA 1261 -11.69 5.25 -38.95
CA THR MA 1261 -11.07 4.84 -40.21
C THR MA 1261 -10.48 6.05 -40.92
N SER MA 1262 -9.60 5.77 -41.89
CA SER MA 1262 -8.99 6.81 -42.68
C SER MA 1262 -9.76 6.99 -43.98
N ASN MA 1263 -9.20 7.77 -44.91
CA ASN MA 1263 -9.84 8.05 -46.19
C ASN MA 1263 -8.97 7.60 -47.36
N GLY MA 1264 -7.98 6.76 -47.12
CA GLY MA 1264 -7.08 6.31 -48.17
C GLY MA 1264 -7.70 5.24 -49.04
N GLU MA 1265 -6.89 4.75 -49.98
CA GLU MA 1265 -7.31 3.71 -50.90
C GLU MA 1265 -7.59 2.39 -50.20
N TYR MA 1266 -7.16 2.23 -48.96
CA TYR MA 1266 -7.43 1.04 -48.16
C TYR MA 1266 -7.95 1.47 -46.81
N GLN MA 1267 -8.73 0.59 -46.17
CA GLN MA 1267 -9.31 0.88 -44.87
C GLN MA 1267 -8.22 0.77 -43.81
N PHE MA 1268 -7.41 1.82 -43.71
CA PHE MA 1268 -6.31 1.88 -42.77
C PHE MA 1268 -6.76 2.47 -41.43
N LYS MA 1269 -6.07 2.06 -40.36
CA LYS MA 1269 -6.30 2.65 -39.06
C LYS MA 1269 -5.93 4.12 -39.07
N ARG MA 1270 -6.79 4.95 -38.49
CA ARG MA 1270 -6.50 6.37 -38.52
C ARG MA 1270 -6.25 6.88 -37.09
N PRO MA 1271 -5.27 7.76 -36.91
CA PRO MA 1271 -5.08 8.39 -35.60
C PRO MA 1271 -6.36 9.09 -35.13
N VAL MA 1272 -6.66 8.93 -33.85
CA VAL MA 1272 -7.94 9.36 -33.29
C VAL MA 1272 -8.08 10.86 -33.20
N GLY MA 1273 -7.03 11.62 -33.50
CA GLY MA 1273 -7.04 13.05 -33.28
C GLY MA 1273 -7.99 13.86 -34.13
N ALA MA 1274 -7.71 13.94 -35.44
CA ALA MA 1274 -8.51 14.80 -36.31
C ALA MA 1274 -9.95 14.33 -36.40
N GLY MA 1275 -10.17 13.13 -36.93
CA GLY MA 1275 -11.49 12.53 -36.95
C GLY MA 1275 -12.50 13.20 -37.86
N GLU MA 1276 -13.69 12.61 -37.93
CA GLU MA 1276 -14.79 13.12 -38.74
C GLU MA 1276 -16.06 12.47 -38.24
N LEU MA 1277 -17.17 13.20 -38.37
CA LEU MA 1277 -18.43 12.74 -37.82
C LEU MA 1277 -18.95 11.53 -38.58
N VAL MA 1278 -19.26 10.46 -37.84
CA VAL MA 1278 -19.97 9.30 -38.37
C VAL MA 1278 -21.05 8.93 -37.38
N GLU MA 1279 -22.02 8.14 -37.84
CA GLU MA 1279 -23.10 7.65 -37.00
C GLU MA 1279 -23.24 6.15 -37.20
N ASP MA 1280 -23.05 5.38 -36.14
CA ASP MA 1280 -23.09 3.94 -36.19
C ASP MA 1280 -23.89 3.38 -35.03
N PRO MA 1281 -25.02 2.72 -35.29
CA PRO MA 1281 -25.78 2.12 -34.19
C PRO MA 1281 -25.12 0.90 -33.59
N CYS MA 1282 -24.25 0.22 -34.34
CA CYS MA 1282 -23.58 -0.96 -33.83
C CYS MA 1282 -22.70 -0.65 -32.62
N ALA MA 1283 -22.08 0.53 -32.57
CA ALA MA 1283 -21.31 0.93 -31.41
C ALA MA 1283 -22.15 0.99 -30.14
N LEU MA 1284 -23.46 1.16 -30.27
CA LEU MA 1284 -24.38 1.18 -29.13
C LEU MA 1284 -24.90 -0.20 -28.75
N PHE MA 1285 -25.35 -0.97 -29.74
CA PHE MA 1285 -25.95 -2.27 -29.46
C PHE MA 1285 -24.93 -3.41 -29.42
N GLN MA 1286 -23.75 -3.22 -29.99
CA GLN MA 1286 -22.75 -4.28 -30.11
C GLN MA 1286 -23.32 -5.47 -30.86
N GLU MA 1287 -23.85 -5.19 -32.04
CA GLU MA 1287 -24.58 -6.20 -32.80
C GLU MA 1287 -24.35 -5.98 -34.29
N ALA MA 1288 -24.20 -7.07 -35.02
CA ALA MA 1288 -23.95 -7.03 -36.46
C ALA MA 1288 -25.12 -7.64 -37.21
N TYR MA 1289 -25.31 -7.17 -38.45
CA TYR MA 1289 -26.42 -7.64 -39.26
C TYR MA 1289 -25.93 -8.61 -40.33
N PRO MA 1290 -26.71 -9.66 -40.61
CA PRO MA 1290 -26.33 -10.57 -41.69
C PRO MA 1290 -26.80 -10.06 -43.04
N PRO MA 1291 -25.87 -9.89 -43.98
CA PRO MA 1291 -26.25 -9.40 -45.30
C PRO MA 1291 -26.82 -10.50 -46.19
N LEU MA 1292 -27.12 -10.17 -47.44
CA LEU MA 1292 -27.62 -11.16 -48.37
C LEU MA 1292 -26.48 -12.06 -48.83
N CYS MA 1293 -26.35 -13.23 -48.24
CA CYS MA 1293 -25.34 -14.20 -48.60
C CYS MA 1293 -25.98 -15.54 -48.90
N ALA MA 1294 -25.14 -16.50 -49.31
CA ALA MA 1294 -25.57 -17.86 -49.60
C ALA MA 1294 -24.33 -18.71 -49.75
N SER MA 1295 -24.49 -20.02 -49.56
CA SER MA 1295 -23.39 -20.96 -49.60
C SER MA 1295 -23.16 -21.55 -50.99
N ASP MA 1296 -23.93 -21.13 -51.99
CA ASP MA 1296 -23.79 -21.67 -53.33
C ASP MA 1296 -24.35 -20.64 -54.30
N SER MA 1297 -23.57 -20.31 -55.33
CA SER MA 1297 -23.96 -19.27 -56.27
C SER MA 1297 -25.29 -19.60 -56.95
N ALA MA 1298 -25.57 -20.88 -57.19
CA ALA MA 1298 -26.79 -21.27 -57.87
C ALA MA 1298 -28.05 -20.97 -57.06
N LEU MA 1299 -27.91 -20.48 -55.83
CA LEU MA 1299 -29.07 -20.16 -55.01
C LEU MA 1299 -29.40 -18.67 -55.00
N LEU MA 1300 -28.51 -17.82 -55.52
CA LEU MA 1300 -28.80 -16.39 -55.67
C LEU MA 1300 -29.17 -16.12 -57.13
N ARG MA 1301 -30.39 -16.52 -57.48
CA ARG MA 1301 -30.91 -16.30 -58.82
C ARG MA 1301 -32.23 -15.55 -58.74
N THR MA 1302 -32.93 -15.39 -59.87
CA THR MA 1302 -34.21 -14.69 -59.84
C THR MA 1302 -35.29 -15.46 -59.09
N PRO MA 1303 -35.40 -16.80 -59.22
CA PRO MA 1303 -36.39 -17.49 -58.37
C PRO MA 1303 -35.81 -17.91 -57.02
N LEU MA 1304 -35.73 -16.94 -56.10
CA LEU MA 1304 -35.13 -17.17 -54.79
C LEU MA 1304 -35.79 -18.35 -54.10
N GLY MA 1305 -37.09 -18.25 -53.84
CA GLY MA 1305 -37.89 -19.39 -53.46
C GLY MA 1305 -37.42 -20.14 -52.23
N ALA MA 1306 -36.86 -21.34 -52.46
CA ALA MA 1306 -36.35 -22.17 -51.37
C ALA MA 1306 -35.33 -21.41 -50.54
N GLU MA 1307 -35.46 -21.52 -49.22
CA GLU MA 1307 -34.53 -20.88 -48.29
C GLU MA 1307 -33.33 -21.76 -47.99
N GLU MA 1308 -33.56 -23.07 -47.87
CA GLU MA 1308 -32.49 -24.05 -47.71
C GLU MA 1308 -32.78 -25.22 -48.63
N HIS MA 1309 -31.72 -25.89 -49.09
CA HIS MA 1309 -31.85 -26.99 -50.02
C HIS MA 1309 -31.29 -28.30 -49.45
N PHE MA 1310 -30.05 -28.27 -48.98
CA PHE MA 1310 -29.34 -29.42 -48.46
C PHE MA 1310 -28.34 -28.88 -47.44
N ALA MA 1311 -27.20 -29.55 -47.26
CA ALA MA 1311 -26.11 -28.97 -46.49
C ALA MA 1311 -25.89 -27.50 -46.82
N GLN MA 1312 -26.23 -27.07 -48.04
CA GLN MA 1312 -26.19 -25.66 -48.41
C GLN MA 1312 -27.21 -24.86 -47.60
N TYR MA 1313 -27.21 -23.54 -47.81
CA TYR MA 1313 -28.10 -22.67 -47.07
C TYR MA 1313 -28.10 -21.29 -47.70
N LEU MA 1314 -29.25 -20.62 -47.66
CA LEU MA 1314 -29.38 -19.23 -48.08
C LEU MA 1314 -29.81 -18.41 -46.87
N ILE MA 1315 -29.15 -17.28 -46.65
CA ILE MA 1315 -29.48 -16.36 -45.57
C ILE MA 1315 -30.10 -15.12 -46.17
N ARG MA 1316 -31.31 -14.80 -45.75
CA ARG MA 1316 -31.98 -13.58 -46.19
C ARG MA 1316 -31.23 -12.36 -45.65
N ASP MA 1317 -31.66 -11.18 -46.08
CA ASP MA 1317 -31.07 -9.93 -45.62
C ASP MA 1317 -31.94 -9.37 -44.51
N GLU MA 1318 -31.33 -9.08 -43.37
CA GLU MA 1318 -31.99 -8.33 -42.30
C GLU MA 1318 -30.98 -7.28 -41.83
N SER MA 1319 -31.01 -6.13 -42.47
CA SER MA 1319 -30.15 -5.01 -42.16
C SER MA 1319 -30.94 -3.74 -42.40
N PRO MA 1320 -30.59 -2.63 -41.76
CA PRO MA 1320 -31.32 -1.37 -41.99
C PRO MA 1320 -31.31 -0.91 -43.44
N LEU MA 1321 -30.61 -1.60 -44.33
CA LEU MA 1321 -30.53 -1.26 -45.74
C LEU MA 1321 -31.32 -2.26 -46.58
N LYS MA 1322 -32.51 -2.64 -46.10
CA LYS MA 1322 -33.34 -3.64 -46.74
C LYS MA 1322 -33.57 -3.39 -48.23
N GLY MA 1323 -33.43 -2.15 -48.69
CA GLY MA 1323 -33.58 -1.84 -50.10
C GLY MA 1323 -32.40 -1.08 -50.67
N MET NA 1 -28.58 25.89 24.89
CA MET NA 1 -27.38 25.30 25.44
C MET NA 1 -26.49 24.78 24.31
N GLU NA 2 -26.71 25.31 23.13
CA GLU NA 2 -25.97 24.92 21.93
C GLU NA 2 -24.61 25.60 21.91
N VAL NA 3 -23.56 24.80 21.83
CA VAL NA 3 -22.19 25.30 21.85
C VAL NA 3 -21.68 25.38 20.42
N ASP NA 4 -20.77 26.32 20.18
CA ASP NA 4 -20.10 26.41 18.90
C ASP NA 4 -18.61 26.18 19.08
N ILE NA 5 -17.95 25.72 18.03
CA ILE NA 5 -16.55 25.37 18.09
C ILE NA 5 -15.80 26.23 17.07
N ALA NA 6 -14.87 27.05 17.56
CA ALA NA 6 -13.96 27.73 16.67
C ALA NA 6 -13.22 26.70 15.82
N LEU NA 7 -12.99 27.04 14.56
CA LEU NA 7 -12.36 26.12 13.61
C LEU NA 7 -11.17 26.79 12.95
N PRO NA 8 -9.94 26.40 13.30
CA PRO NA 8 -8.77 26.97 12.64
C PRO NA 8 -8.74 26.55 11.18
N THR NA 9 -8.92 27.52 10.29
CA THR NA 9 -9.17 27.23 8.88
C THR NA 9 -8.11 26.31 8.30
N LEU NA 10 -8.55 25.22 7.68
CA LEU NA 10 -7.61 24.21 7.23
C LEU NA 10 -7.20 24.38 5.78
N SER NA 11 -8.13 24.15 4.86
CA SER NA 11 -7.87 24.08 3.43
C SER NA 11 -9.17 23.80 2.69
N PRO NA 12 -9.20 23.93 1.38
CA PRO NA 12 -10.26 23.27 0.60
C PRO NA 12 -10.05 21.77 0.62
N GLY NA 13 -11.05 21.05 0.13
CA GLY NA 13 -10.96 19.60 0.08
C GLY NA 13 -11.13 18.93 1.43
N ASP NA 14 -10.28 19.26 2.39
CA ASP NA 14 -10.42 18.70 3.73
C ASP NA 14 -11.69 19.21 4.40
N LEU NA 15 -12.03 20.49 4.19
CA LEU NA 15 -13.24 21.03 4.78
C LEU NA 15 -14.48 20.31 4.27
N SER NA 16 -14.45 19.82 3.03
CA SER NA 16 -15.54 18.98 2.56
C SER NA 16 -15.66 17.72 3.41
N ALA NA 17 -14.53 17.09 3.71
CA ALA NA 17 -14.54 15.90 4.55
C ALA NA 17 -15.10 16.23 5.93
N LEU NA 18 -14.72 17.38 6.50
CA LEU NA 18 -15.30 17.78 7.76
C LEU NA 18 -16.79 18.03 7.64
N GLN NA 19 -17.25 18.51 6.48
CA GLN NA 19 -18.68 18.70 6.27
C GLN NA 19 -19.42 17.37 6.19
N ARG NA 20 -18.73 16.31 5.75
CA ARG NA 20 -19.39 15.03 5.61
C ARG NA 20 -19.76 14.42 6.95
N CYS NA 21 -19.07 14.78 8.03
CA CYS NA 21 -19.37 14.24 9.36
C CYS NA 21 -20.36 15.11 10.11
N GLU NA 22 -21.48 15.42 9.45
CA GLU NA 22 -22.49 16.32 9.99
C GLU NA 22 -23.45 15.60 10.94
N GLY NA 23 -23.17 14.35 11.30
CA GLY NA 23 -24.12 13.67 12.14
C GLY NA 23 -23.57 12.96 13.34
N ARG NA 24 -22.24 12.86 13.44
CA ARG NA 24 -21.64 12.06 14.49
C ARG NA 24 -21.69 12.80 15.83
N VAL NA 25 -21.10 12.18 16.85
CA VAL NA 25 -21.09 12.71 18.19
C VAL NA 25 -19.67 13.02 18.60
N VAL NA 26 -19.53 14.02 19.47
CA VAL NA 26 -18.24 14.46 19.96
C VAL NA 26 -18.37 14.69 21.45
N PHE NA 27 -17.27 14.45 22.17
CA PHE NA 27 -17.29 14.49 23.62
C PHE NA 27 -16.60 15.77 24.08
N LEU NA 28 -17.39 16.74 24.53
CA LEU NA 28 -16.87 18.01 25.00
C LEU NA 28 -16.21 17.81 26.35
N GLU NA 29 -15.73 18.89 26.93
CA GLU NA 29 -15.21 18.86 28.29
C GLU NA 29 -16.12 19.56 29.27
N THR NA 30 -16.43 20.83 29.06
CA THR NA 30 -17.31 21.55 29.96
C THR NA 30 -18.31 22.35 29.14
N LEU NA 31 -19.47 22.60 29.74
CA LEU NA 31 -20.53 23.31 29.05
C LEU NA 31 -20.26 24.80 29.00
N ARG NA 32 -19.44 25.23 28.05
CA ARG NA 32 -19.23 26.64 27.78
C ARG NA 32 -19.63 26.93 26.35
N ARG NA 33 -20.15 28.11 26.13
CA ARG NA 33 -20.64 28.45 24.80
C ARG NA 33 -19.56 28.65 23.82
N HIS NA 34 -18.30 28.31 24.12
CA HIS NA 34 -17.22 28.40 23.16
C HIS NA 34 -16.23 27.29 23.43
N ALA NA 35 -15.54 26.84 22.37
CA ALA NA 35 -14.56 25.79 22.50
C ALA NA 35 -13.72 25.74 21.23
N THR NA 36 -12.47 25.31 21.37
CA THR NA 36 -11.56 25.19 20.25
C THR NA 36 -11.49 23.74 19.80
N LEU NA 37 -11.39 23.54 18.49
CA LEU NA 37 -11.34 22.18 17.93
C LEU NA 37 -10.21 21.38 18.56
N ARG NA 38 -9.10 22.05 18.89
CA ARG NA 38 -7.98 21.35 19.51
C ARG NA 38 -8.39 20.66 20.80
N GLU NA 39 -9.48 21.11 21.43
CA GLU NA 39 -9.89 20.53 22.70
C GLU NA 39 -10.56 19.18 22.50
N VAL NA 40 -11.51 19.11 21.56
CA VAL NA 40 -12.25 17.86 21.34
C VAL NA 40 -11.47 17.06 20.31
N ALA NA 41 -10.43 16.39 20.79
CA ALA NA 41 -9.58 15.60 19.90
C ALA NA 41 -8.90 14.52 20.72
N LEU NA 42 -8.73 13.36 20.12
CA LEU NA 42 -8.15 12.20 20.77
C LEU NA 42 -7.25 11.51 19.75
N PRO NA 43 -6.09 11.02 20.16
CA PRO NA 43 -5.23 10.30 19.20
C PRO NA 43 -5.94 9.06 18.68
N CYS NA 44 -6.28 9.04 17.39
CA CYS NA 44 -7.20 8.00 16.91
C CYS NA 44 -6.62 6.61 17.00
N GLY NA 45 -5.33 6.47 17.32
CA GLY NA 45 -4.83 5.19 17.80
C GLY NA 45 -4.66 5.24 19.30
N GLY NA 46 -5.60 4.66 20.05
CA GLY NA 46 -5.57 4.79 21.49
C GLY NA 46 -6.08 3.55 22.19
N ASP NA 47 -5.88 3.53 23.50
CA ASP NA 47 -6.33 2.41 24.32
C ASP NA 47 -7.84 2.47 24.50
N VAL NA 48 -8.51 1.35 24.25
CA VAL NA 48 -9.96 1.36 24.28
C VAL NA 48 -10.48 1.51 25.71
N LEU NA 49 -9.82 0.89 26.68
CA LEU NA 49 -10.31 0.97 28.04
C LEU NA 49 -10.26 2.39 28.57
N ALA NA 50 -9.14 3.10 28.36
CA ALA NA 50 -9.02 4.45 28.88
C ALA NA 50 -9.99 5.40 28.19
N ALA NA 51 -10.19 5.22 26.88
CA ALA NA 51 -11.16 6.05 26.19
C ALA NA 51 -12.57 5.80 26.71
N MET NA 52 -12.90 4.54 26.96
CA MET NA 52 -14.24 4.22 27.46
C MET NA 52 -14.43 4.73 28.89
N ALA NA 53 -13.34 4.82 29.64
CA ALA NA 53 -13.43 5.41 30.97
C ALA NA 53 -13.55 6.92 30.90
N ALA NA 54 -12.91 7.54 29.90
CA ALA NA 54 -12.98 8.99 29.78
C ALA NA 54 -14.33 9.44 29.25
N TYR NA 55 -14.99 8.61 28.44
CA TYR NA 55 -16.30 8.96 27.92
C TYR NA 55 -17.30 9.30 29.02
N ARG NA 56 -17.01 8.93 30.27
CA ARG NA 56 -17.94 9.24 31.36
C ARG NA 56 -17.72 10.65 31.88
N ARG NA 57 -16.47 11.09 31.98
CA ARG NA 57 -16.17 12.41 32.53
C ARG NA 57 -16.39 13.52 31.53
N ARG NA 58 -17.13 13.28 30.47
CA ARG NA 58 -17.38 14.28 29.44
C ARG NA 58 -18.88 14.39 29.20
N PHE NA 59 -19.25 15.13 28.16
CA PHE NA 59 -20.64 15.26 27.75
C PHE NA 59 -20.74 14.89 26.28
N ALA NA 60 -21.72 14.07 25.93
CA ALA NA 60 -21.97 13.79 24.54
C ALA NA 60 -22.57 15.03 23.87
N ALA NA 61 -22.31 15.16 22.57
CA ALA NA 61 -22.85 16.27 21.80
C ALA NA 61 -22.73 15.94 20.33
N VAL NA 62 -23.77 16.23 19.57
CA VAL NA 62 -23.83 15.87 18.16
C VAL NA 62 -23.50 17.07 17.31
N ILE NA 63 -22.80 16.84 16.22
CA ILE NA 63 -22.35 17.90 15.32
C ILE NA 63 -23.51 18.25 14.39
N THR NA 64 -24.15 19.38 14.60
CA THR NA 64 -25.10 19.90 13.62
C THR NA 64 -24.30 20.65 12.54
N ARG NA 65 -24.98 21.48 11.75
CA ARG NA 65 -24.39 22.05 10.56
C ARG NA 65 -23.06 22.73 10.84
N VAL NA 66 -22.18 22.67 9.85
CA VAL NA 66 -20.82 23.18 9.96
C VAL NA 66 -20.62 24.24 8.89
N THR NA 67 -19.74 25.19 9.16
CA THR NA 67 -19.35 26.24 8.23
C THR NA 67 -17.86 26.47 8.36
N PRO NA 68 -17.21 26.96 7.30
CA PRO NA 68 -15.77 27.23 7.37
C PRO NA 68 -15.32 28.00 8.59
N HIS NA 69 -16.23 28.76 9.19
CA HIS NA 69 -15.89 29.52 10.39
C HIS NA 69 -15.97 28.69 11.65
N ARG NA 70 -17.03 27.91 11.81
CA ARG NA 70 -17.31 27.26 13.09
C ARG NA 70 -18.23 26.08 12.84
N MET NA 71 -18.42 25.27 13.87
CA MET NA 71 -19.37 24.18 13.82
C MET NA 71 -20.15 24.14 15.12
N LEU NA 72 -21.42 23.76 15.01
CA LEU NA 72 -22.37 23.85 16.11
C LEU NA 72 -22.65 22.46 16.66
N ALA NA 73 -22.68 22.34 17.98
CA ALA NA 73 -22.97 21.10 18.65
C ALA NA 73 -24.13 21.29 19.60
N THR NA 74 -24.72 20.18 20.03
CA THR NA 74 -25.84 20.21 20.97
C THR NA 74 -25.65 19.11 21.99
N PRO NA 75 -25.44 19.43 23.25
CA PRO NA 75 -25.20 18.39 24.25
C PRO NA 75 -26.44 17.53 24.45
N LEU NA 76 -26.22 16.31 24.95
CA LEU NA 76 -27.30 15.37 25.16
C LEU NA 76 -27.67 15.18 26.62
N GLY NA 77 -26.72 15.34 27.56
CA GLY NA 77 -27.02 15.11 28.95
C GLY NA 77 -28.07 16.05 29.50
N VAL NA 78 -27.71 17.33 29.64
CA VAL NA 78 -28.67 18.34 30.05
C VAL NA 78 -29.57 18.60 28.85
N GLY NA 79 -30.76 19.10 29.08
CA GLY NA 79 -31.67 19.42 27.99
C GLY NA 79 -33.05 19.75 28.48
N GLY NA 80 -33.83 20.38 27.60
CA GLY NA 80 -35.19 20.74 27.91
C GLY NA 80 -36.21 19.92 27.13
N ARG NA 81 -36.99 19.11 27.84
CA ARG NA 81 -38.06 18.30 27.27
C ARG NA 81 -37.55 17.23 26.30
N GLY NA 82 -36.23 17.07 26.22
CA GLY NA 82 -35.67 16.08 25.31
C GLY NA 82 -36.09 16.29 23.87
N GLN NA 83 -35.65 17.39 23.28
CA GLN NA 83 -36.04 17.70 21.92
C GLN NA 83 -35.43 16.71 20.94
N SER NA 84 -36.05 16.62 19.77
CA SER NA 84 -35.55 15.72 18.73
C SER NA 84 -34.22 16.24 18.20
N LEU NA 85 -33.56 15.39 17.40
CA LEU NA 85 -32.27 15.71 16.80
C LEU NA 85 -31.89 14.57 15.87
N VAL NA 86 -31.02 14.87 14.92
CA VAL NA 86 -30.61 13.94 13.89
C VAL NA 86 -29.29 13.31 14.30
N LEU NA 87 -29.07 12.08 13.84
CA LEU NA 87 -27.89 11.32 14.25
C LEU NA 87 -27.45 10.44 13.09
N GLN NA 88 -26.15 10.43 12.82
CA GLN NA 88 -25.59 9.60 11.77
C GLN NA 88 -25.14 8.28 12.38
N ASN NA 89 -25.80 7.19 12.02
CA ASN NA 89 -25.39 5.89 12.50
C ASN NA 89 -24.04 5.52 11.91
N THR NA 90 -23.14 5.03 12.75
CA THR NA 90 -21.79 4.75 12.30
C THR NA 90 -21.26 3.41 12.83
N GLY NA 91 -22.13 2.55 13.34
CA GLY NA 91 -21.72 1.24 13.77
C GLY NA 91 -21.41 0.34 12.60
N PRO NA 92 -21.21 -0.94 12.87
CA PRO NA 92 -20.92 -1.87 11.77
C PRO NA 92 -22.19 -2.39 11.12
N PHE NA 93 -23.29 -2.39 11.87
CA PHE NA 93 -24.55 -2.91 11.36
C PHE NA 93 -25.68 -1.97 11.73
N ASP NA 94 -26.77 -2.08 10.96
CA ASP NA 94 -27.87 -1.15 11.05
C ASP NA 94 -28.58 -1.27 12.40
N LEU NA 95 -29.49 -0.33 12.65
CA LEU NA 95 -30.31 -0.32 13.84
C LEU NA 95 -31.75 -0.04 13.45
N THR NA 96 -32.67 -0.73 14.10
CA THR NA 96 -34.07 -0.71 13.71
C THR NA 96 -34.79 0.49 14.34
N ASN NA 97 -36.10 0.47 14.26
CA ASN NA 97 -36.94 1.52 14.83
C ASN NA 97 -37.38 1.10 16.21
N GLY NA 98 -37.40 2.05 17.15
CA GLY NA 98 -37.83 1.77 18.49
C GLY NA 98 -36.89 0.91 19.31
N ASP NA 99 -35.68 1.41 19.56
CA ASP NA 99 -34.73 0.75 20.45
C ASP NA 99 -33.81 1.80 21.04
N HIS NA 100 -32.78 1.36 21.75
CA HIS NA 100 -31.88 2.26 22.46
C HIS NA 100 -30.48 2.11 21.90
N VAL NA 101 -29.78 3.25 21.75
CA VAL NA 101 -28.43 3.26 21.23
C VAL NA 101 -27.47 3.44 22.39
N CYS NA 102 -26.25 2.96 22.21
CA CYS NA 102 -25.19 3.11 23.20
C CYS NA 102 -23.91 3.53 22.50
N LEU NA 103 -23.04 4.18 23.24
CA LEU NA 103 -21.80 4.75 22.70
C LEU NA 103 -20.62 3.93 23.19
N VAL NA 104 -19.96 3.24 22.27
CA VAL NA 104 -18.76 2.46 22.58
C VAL NA 104 -17.63 2.91 21.67
N PRO NA 105 -16.38 2.84 22.11
CA PRO NA 105 -15.26 3.24 21.26
C PRO NA 105 -15.16 2.34 20.05
N PRO NA 106 -14.35 2.69 19.06
CA PRO NA 106 -14.23 1.84 17.87
C PRO NA 106 -13.53 0.54 18.20
N LEU NA 107 -14.30 -0.40 18.78
CA LEU NA 107 -13.72 -1.63 19.28
C LEU NA 107 -13.00 -2.41 18.18
N LEU NA 108 -13.66 -2.58 17.04
CA LEU NA 108 -13.07 -3.29 15.91
C LEU NA 108 -12.14 -2.33 15.18
N GLY NA 109 -11.74 -2.70 13.96
CA GLY NA 109 -10.95 -1.85 13.10
C GLY NA 109 -11.46 -0.42 13.07
N ASP NA 110 -10.56 0.55 13.22
CA ASP NA 110 -10.93 1.91 13.51
C ASP NA 110 -11.03 2.74 12.23
N GLU NA 111 -11.86 3.78 12.31
CA GLU NA 111 -11.89 4.85 11.32
C GLU NA 111 -11.70 6.17 12.05
N CYS NA 112 -10.84 7.02 11.52
CA CYS NA 112 -10.57 8.28 12.19
C CYS NA 112 -10.25 9.35 11.16
N LEU NA 113 -10.84 10.53 11.34
CA LEU NA 113 -10.50 11.65 10.48
C LEU NA 113 -9.06 12.08 10.74
N ARG NA 114 -8.32 12.30 9.67
CA ARG NA 114 -6.94 12.77 9.74
C ARG NA 114 -6.88 14.13 9.06
N LEU NA 115 -7.09 15.19 9.84
CA LEU NA 115 -7.11 16.56 9.34
C LEU NA 115 -5.67 17.04 9.19
N THR NA 116 -5.03 16.60 8.10
CA THR NA 116 -3.61 16.81 7.93
C THR NA 116 -3.23 18.28 7.85
N SER NA 117 -4.19 19.15 7.53
CA SER NA 117 -3.87 20.58 7.45
C SER NA 117 -3.73 21.17 8.84
N ALA NA 118 -4.59 20.77 9.77
CA ALA NA 118 -4.52 21.27 11.14
C ALA NA 118 -3.66 20.40 12.04
N ASN NA 119 -3.27 19.22 11.57
CA ASN NA 119 -2.42 18.30 12.32
C ASN NA 119 -3.08 17.88 13.65
N LEU NA 120 -4.26 17.29 13.51
CA LEU NA 120 -4.95 16.68 14.64
C LEU NA 120 -5.89 15.62 14.12
N GLU NA 121 -6.25 14.68 15.00
CA GLU NA 121 -7.08 13.55 14.65
C GLU NA 121 -8.36 13.59 15.46
N LEU NA 122 -9.37 12.86 14.99
CA LEU NA 122 -10.64 12.78 15.66
C LEU NA 122 -11.11 11.32 15.71
N ARG NA 123 -11.75 10.95 16.81
CA ARG NA 123 -12.40 9.66 16.95
C ARG NA 123 -13.89 9.86 17.13
N PHE NA 124 -14.67 9.16 16.34
CA PHE NA 124 -16.13 9.27 16.43
C PHE NA 124 -16.68 7.92 16.86
N PRO NA 125 -17.23 7.80 18.06
CA PRO NA 125 -17.55 6.47 18.60
C PRO NA 125 -18.67 5.81 17.84
N MET NA 126 -18.71 4.49 17.91
CA MET NA 126 -19.73 3.74 17.22
C MET NA 126 -21.09 3.96 17.88
N THR NA 127 -22.14 3.66 17.13
CA THR NA 127 -23.52 3.81 17.60
C THR NA 127 -24.19 2.46 17.47
N LEU NA 128 -24.40 1.80 18.61
CA LEU NA 128 -24.90 0.44 18.57
C LEU NA 128 -26.20 0.31 19.33
N PRO NA 129 -27.12 -0.53 18.85
CA PRO NA 129 -28.24 -0.93 19.69
C PRO NA 129 -27.73 -1.64 20.93
N LEU NA 130 -28.57 -1.66 21.97
CA LEU NA 130 -28.08 -2.02 23.30
C LEU NA 130 -27.58 -3.46 23.35
N ALA NA 131 -28.47 -4.43 23.11
CA ALA NA 131 -28.11 -5.83 23.28
C ALA NA 131 -27.00 -6.24 22.32
N GLN NA 132 -27.08 -5.78 21.06
CA GLN NA 132 -26.05 -6.14 20.10
C GLN NA 132 -24.68 -5.64 20.55
N ALA NA 133 -24.63 -4.47 21.18
CA ALA NA 133 -23.35 -3.96 21.67
C ALA NA 133 -22.85 -4.78 22.85
N ARG NA 134 -23.75 -5.03 23.81
CA ARG NA 134 -23.37 -5.83 24.98
C ARG NA 134 -22.89 -7.22 24.56
N GLU NA 135 -23.33 -7.70 23.41
CA GLU NA 135 -22.84 -8.99 22.93
C GLU NA 135 -21.60 -8.87 22.05
N LEU NA 136 -21.44 -7.76 21.32
CA LEU NA 136 -20.26 -7.60 20.49
C LEU NA 136 -19.00 -7.43 21.34
N THR NA 137 -19.12 -6.70 22.45
CA THR NA 137 -18.00 -6.58 23.37
C THR NA 137 -17.54 -7.97 23.83
N ALA NA 138 -18.49 -8.79 24.26
CA ALA NA 138 -18.16 -10.15 24.68
C ALA NA 138 -17.56 -10.94 23.53
N ARG NA 139 -18.05 -10.73 22.31
CA ARG NA 139 -17.51 -11.45 21.16
C ARG NA 139 -16.03 -11.17 21.00
N VAL NA 140 -15.65 -9.89 20.93
CA VAL NA 140 -14.24 -9.57 20.69
C VAL NA 140 -13.39 -10.04 21.85
N VAL NA 141 -13.88 -9.89 23.09
CA VAL NA 141 -13.09 -10.31 24.24
C VAL NA 141 -12.90 -11.82 24.23
N ALA NA 142 -13.94 -12.58 23.90
CA ALA NA 142 -13.85 -14.02 23.90
C ALA NA 142 -12.93 -14.53 22.79
N ARG NA 143 -12.95 -13.87 21.63
CA ARG NA 143 -12.00 -14.26 20.59
C ARG NA 143 -10.57 -14.02 21.05
N ALA NA 144 -10.30 -12.87 21.65
CA ALA NA 144 -8.95 -12.61 22.14
C ALA NA 144 -8.54 -13.65 23.19
N ALA NA 145 -9.48 -14.02 24.06
CA ALA NA 145 -9.18 -15.00 25.10
C ALA NA 145 -8.85 -16.35 24.51
N GLU NA 146 -9.69 -16.82 23.58
CA GLU NA 146 -9.42 -18.10 22.92
C GLU NA 146 -8.05 -18.07 22.25
N THR NA 147 -7.69 -16.95 21.63
CA THR NA 147 -6.36 -16.83 21.07
C THR NA 147 -5.28 -16.92 22.15
N LEU NA 148 -5.56 -16.38 23.34
CA LEU NA 148 -4.53 -16.24 24.36
C LEU NA 148 -3.92 -17.59 24.74
N ARG NA 149 -4.75 -18.60 24.94
CA ARG NA 149 -4.23 -19.89 25.37
C ARG NA 149 -3.65 -20.72 24.23
N GLY NA 150 -3.51 -20.13 23.04
CA GLY NA 150 -2.84 -20.81 21.94
C GLY NA 150 -3.57 -22.02 21.41
N GLY NA 151 -4.86 -22.15 21.72
CA GLY NA 151 -5.65 -23.28 21.26
C GLY NA 151 -6.01 -23.15 19.79
N ALA NA 152 -7.13 -23.76 19.41
CA ALA NA 152 -7.61 -23.71 18.04
C ALA NA 152 -7.93 -22.27 17.66
N PRO NA 153 -7.12 -21.64 16.79
CA PRO NA 153 -7.25 -20.19 16.58
C PRO NA 153 -8.52 -19.77 15.87
N ALA NA 154 -9.25 -20.70 15.26
CA ALA NA 154 -10.46 -20.35 14.52
C ALA NA 154 -11.53 -21.42 14.72
N ARG NA 155 -12.79 -20.97 14.73
CA ARG NA 155 -13.92 -21.88 14.81
C ARG NA 155 -15.02 -21.54 13.81
N GLY NA 156 -14.80 -20.57 12.93
CA GLY NA 156 -15.78 -20.23 11.91
C GLY NA 156 -17.09 -19.70 12.42
N ALA NA 157 -17.21 -19.41 13.72
CA ALA NA 157 -18.46 -18.94 14.32
C ALA NA 157 -18.27 -17.63 15.07
N ASP NA 158 -17.35 -16.79 14.63
CA ASP NA 158 -17.22 -15.43 15.16
C ASP NA 158 -18.00 -14.45 14.30
N VAL NA 159 -19.27 -14.74 14.09
CA VAL NA 159 -20.13 -13.96 13.20
C VAL NA 159 -21.35 -13.49 13.99
N VAL NA 160 -21.88 -12.34 13.56
CA VAL NA 160 -23.02 -11.72 14.23
C VAL NA 160 -24.04 -11.34 13.18
N PHE NA 161 -25.28 -11.74 13.39
CA PHE NA 161 -26.36 -11.37 12.50
C PHE NA 161 -27.01 -10.07 12.97
N SER NA 162 -27.64 -9.38 12.03
CA SER NA 162 -28.46 -8.22 12.36
C SER NA 162 -29.38 -7.98 11.17
N ASN NA 163 -30.67 -8.24 11.34
CA ASN NA 163 -31.67 -8.07 10.30
C ASN NA 163 -31.29 -8.85 9.05
N GLY NA 164 -31.09 -10.14 9.23
CA GLY NA 164 -30.83 -11.02 8.10
C GLY NA 164 -29.37 -11.11 7.72
N ARG NA 165 -28.80 -10.01 7.23
CA ARG NA 165 -27.45 -10.05 6.67
C ARG NA 165 -26.46 -10.56 7.70
N ARG NA 166 -25.53 -11.39 7.24
CA ARG NA 166 -24.48 -11.91 8.10
C ARG NA 166 -23.29 -10.95 8.09
N TYR NA 167 -22.78 -10.62 9.27
CA TYR NA 167 -21.59 -9.80 9.36
C TYR NA 167 -20.37 -10.65 9.71
N GLN NA 168 -19.21 -10.21 9.25
CA GLN NA 168 -18.01 -11.02 9.27
C GLN NA 168 -17.13 -10.81 10.48
N LEU NA 169 -17.26 -9.66 11.19
CA LEU NA 169 -16.39 -9.36 12.33
C LEU NA 169 -14.94 -9.32 11.89
N PRO NA 170 -14.50 -8.22 11.27
CA PRO NA 170 -13.22 -8.17 10.55
C PRO NA 170 -12.07 -8.76 11.36
N PRO NA 171 -11.03 -9.24 10.68
CA PRO NA 171 -9.94 -9.94 11.36
C PRO NA 171 -9.27 -9.06 12.40
N PRO NA 172 -8.88 -9.63 13.54
CA PRO NA 172 -8.46 -8.84 14.71
C PRO NA 172 -6.99 -8.43 14.68
N HIS NA 173 -6.54 -7.91 13.54
CA HIS NA 173 -5.19 -7.36 13.46
C HIS NA 173 -5.11 -6.11 12.60
N ARG NA 174 -6.25 -5.51 12.21
CA ARG NA 174 -6.24 -4.55 11.13
C ARG NA 174 -5.55 -3.24 11.49
N ASP NA 175 -6.08 -2.50 12.46
CA ASP NA 175 -5.38 -1.27 12.83
C ASP NA 175 -4.41 -1.52 13.97
N ASN NA 176 -4.95 -1.82 15.16
CA ASN NA 176 -4.11 -2.29 16.26
C ASN NA 176 -4.86 -3.25 17.18
N ALA NA 177 -5.81 -4.02 16.64
CA ALA NA 177 -6.70 -4.82 17.49
C ALA NA 177 -5.95 -5.78 18.40
N GLU NA 178 -4.70 -6.11 18.09
CA GLU NA 178 -3.87 -6.88 18.99
C GLU NA 178 -3.19 -6.03 20.04
N ALA NA 179 -3.34 -4.71 19.99
CA ALA NA 179 -2.70 -3.83 20.96
C ALA NA 179 -3.66 -2.88 21.66
N ALA NA 180 -4.65 -2.33 20.95
CA ALA NA 180 -5.57 -1.40 21.58
C ALA NA 180 -6.73 -2.10 22.28
N THR NA 181 -6.71 -3.41 22.38
CA THR NA 181 -7.75 -4.11 23.10
C THR NA 181 -7.18 -5.02 24.18
N ARG NA 182 -5.87 -5.25 24.18
CA ARG NA 182 -5.24 -6.08 25.21
C ARG NA 182 -5.66 -5.64 26.61
N SER NA 183 -5.67 -4.33 26.84
CA SER NA 183 -6.03 -3.81 28.16
C SER NA 183 -7.40 -4.31 28.59
N LEU NA 184 -8.38 -4.26 27.69
CA LEU NA 184 -9.75 -4.62 28.05
C LEU NA 184 -9.85 -6.09 28.41
N VAL NA 185 -9.33 -6.96 27.55
CA VAL NA 185 -9.47 -8.40 27.79
C VAL NA 185 -8.73 -8.79 29.05
N LEU NA 186 -7.55 -8.21 29.28
CA LEU NA 186 -6.84 -8.49 30.52
C LEU NA 186 -7.66 -8.08 31.73
N ASN NA 187 -8.11 -6.82 31.75
CA ASN NA 187 -8.82 -6.29 32.90
C ASN NA 187 -10.15 -6.99 33.14
N MET NA 188 -10.71 -7.66 32.13
CA MET NA 188 -11.96 -8.37 32.36
C MET NA 188 -11.72 -9.81 32.81
N ILE NA 189 -10.88 -10.55 32.08
CA ILE NA 189 -10.61 -11.94 32.44
C ILE NA 189 -10.05 -12.04 33.85
N PHE NA 190 -9.14 -11.13 34.20
CA PHE NA 190 -8.54 -11.17 35.52
C PHE NA 190 -9.59 -11.05 36.62
N LEU NA 191 -10.47 -10.07 36.48
CA LEU NA 191 -11.49 -9.86 37.50
C LEU NA 191 -12.42 -11.06 37.60
N LEU NA 192 -12.77 -11.66 36.45
CA LEU NA 192 -13.63 -12.83 36.48
C LEU NA 192 -12.99 -13.96 37.28
N ASN NA 193 -11.72 -14.26 36.97
CA ASN NA 193 -11.01 -15.31 37.69
C ASN NA 193 -10.93 -14.99 39.17
N GLU NA 194 -10.71 -13.72 39.52
CA GLU NA 194 -10.55 -13.37 40.92
C GLU NA 194 -11.86 -13.56 41.68
N GLY NA 195 -12.97 -13.16 41.07
CA GLY NA 195 -14.26 -13.41 41.70
C GLY NA 195 -14.50 -14.88 41.95
N ALA NA 196 -14.22 -15.70 40.94
CA ALA NA 196 -14.39 -17.14 41.10
C ALA NA 196 -13.54 -17.67 42.25
N VAL NA 197 -12.27 -17.25 42.31
CA VAL NA 197 -11.36 -17.75 43.33
C VAL NA 197 -11.84 -17.33 44.71
N ILE NA 198 -12.26 -16.08 44.88
CA ILE NA 198 -12.72 -15.62 46.18
C ILE NA 198 -13.93 -16.43 46.62
N LEU NA 199 -14.90 -16.62 45.72
CA LEU NA 199 -16.07 -17.41 46.09
C LEU NA 199 -15.67 -18.79 46.55
N LEU NA 200 -14.84 -19.48 45.75
CA LEU NA 200 -14.46 -20.84 46.10
C LEU NA 200 -13.66 -20.88 47.40
N SER NA 201 -12.93 -19.82 47.72
CA SER NA 201 -12.18 -19.78 48.96
C SER NA 201 -13.10 -19.57 50.16
N LEU NA 202 -14.22 -18.88 49.96
CA LEU NA 202 -15.15 -18.71 51.06
C LEU NA 202 -16.01 -19.94 51.30
N ILE NA 203 -16.29 -20.70 50.24
CA ILE NA 203 -17.10 -21.92 50.33
C ILE NA 203 -16.30 -23.07 49.73
N PRO NA 204 -15.41 -23.71 50.48
CA PRO NA 204 -14.48 -24.66 49.86
C PRO NA 204 -15.16 -25.88 49.27
N ASN NA 205 -16.27 -26.32 49.85
CA ASN NA 205 -16.91 -27.56 49.45
C ASN NA 205 -18.06 -27.36 48.47
N LEU NA 206 -18.03 -26.27 47.70
CA LEU NA 206 -19.13 -26.03 46.75
C LEU NA 206 -19.11 -27.03 45.62
N LEU NA 207 -17.93 -27.31 45.05
CA LEU NA 207 -17.83 -28.18 43.90
C LEU NA 207 -17.66 -29.64 44.26
N THR NA 208 -18.01 -30.03 45.49
CA THR NA 208 -18.03 -31.44 45.88
C THR NA 208 -19.40 -31.85 46.37
N LEU NA 209 -20.43 -31.11 46.02
CA LEU NA 209 -21.80 -31.50 46.35
C LEU NA 209 -22.36 -32.36 45.23
N GLY NA 210 -23.61 -32.81 45.41
CA GLY NA 210 -24.26 -33.60 44.40
C GLY NA 210 -24.25 -32.95 43.04
N ALA NA 211 -23.93 -33.71 42.00
CA ALA NA 211 -23.84 -33.13 40.67
C ALA NA 211 -25.17 -32.54 40.20
N GLN NA 212 -26.28 -33.07 40.70
CA GLN NA 212 -27.58 -32.57 40.30
C GLN NA 212 -28.55 -32.39 41.46
N ASP NA 213 -28.27 -32.95 42.64
CA ASP NA 213 -29.17 -32.82 43.78
C ASP NA 213 -28.62 -31.98 44.91
N GLY NA 214 -27.31 -31.74 44.96
CA GLY NA 214 -26.73 -30.96 46.04
C GLY NA 214 -26.54 -29.50 45.68
N TYR NA 215 -25.94 -29.24 44.52
CA TYR NA 215 -25.66 -27.87 44.13
C TYR NA 215 -26.96 -27.10 43.90
N ALA NA 216 -27.91 -27.71 43.19
CA ALA NA 216 -29.19 -27.05 42.96
C ALA NA 216 -29.91 -26.79 44.27
N ASN NA 217 -29.85 -27.75 45.20
CA ASN NA 217 -30.50 -27.56 46.49
C ASN NA 217 -29.86 -26.43 47.27
N ALA NA 218 -28.52 -26.35 47.24
CA ALA NA 218 -27.84 -25.26 47.92
C ALA NA 218 -28.22 -23.92 47.33
N VAL NA 219 -28.26 -23.83 45.99
CA VAL NA 219 -28.61 -22.56 45.36
C VAL NA 219 -30.04 -22.17 45.68
N ILE NA 220 -30.96 -23.13 45.67
CA ILE NA 220 -32.35 -22.79 45.93
C ILE NA 220 -32.57 -22.43 47.39
N GLN NA 221 -31.80 -23.03 48.29
CA GLN NA 221 -31.89 -22.67 49.70
C GLN NA 221 -31.33 -21.29 49.93
N LEU NA 222 -30.22 -20.98 49.26
CA LEU NA 222 -29.60 -19.66 49.40
C LEU NA 222 -30.51 -18.57 48.86
N GLY NA 223 -31.15 -18.81 47.71
CA GLY NA 223 -32.07 -17.84 47.18
C GLY NA 223 -33.29 -17.62 48.06
N SER NA 224 -33.72 -18.67 48.74
CA SER NA 224 -34.83 -18.61 49.67
C SER NA 224 -34.33 -18.12 51.03
N ALA NA 225 -35.10 -18.37 52.08
CA ALA NA 225 -34.86 -17.77 53.39
C ALA NA 225 -33.59 -18.25 54.07
N THR NA 226 -33.41 -17.84 55.32
CA THR NA 226 -32.21 -17.74 56.16
C THR NA 226 -31.62 -19.08 56.62
N ARG NA 227 -31.97 -20.26 56.11
CA ARG NA 227 -31.33 -21.48 56.57
C ARG NA 227 -29.82 -21.41 56.40
N GLU NA 228 -29.36 -21.22 55.16
CA GLU NA 228 -27.97 -20.95 54.84
C GLU NA 228 -27.02 -22.09 55.19
N LEU NA 229 -27.56 -23.24 55.61
CA LEU NA 229 -26.75 -24.41 55.95
C LEU NA 229 -25.68 -24.06 56.97
N GLY NA 230 -26.10 -23.38 58.04
CA GLY NA 230 -25.17 -22.84 58.99
C GLY NA 230 -24.35 -21.73 58.37
N GLN NA 231 -23.12 -21.57 58.85
CA GLN NA 231 -22.16 -20.68 58.21
C GLN NA 231 -21.66 -21.38 56.96
N LEU NA 232 -22.49 -21.33 55.90
CA LEU NA 232 -22.11 -21.90 54.62
C LEU NA 232 -20.70 -21.47 54.23
N VAL NA 233 -20.29 -20.29 54.67
CA VAL NA 233 -18.91 -19.84 54.55
C VAL NA 233 -18.17 -20.34 55.79
N ARG NA 234 -17.33 -21.37 55.60
CA ARG NA 234 -16.53 -21.86 56.71
C ARG NA 234 -15.55 -20.79 57.14
N GLN NA 235 -15.26 -20.73 58.44
CA GLN NA 235 -14.35 -19.73 58.98
C GLN NA 235 -12.96 -19.91 58.37
N PRO NA 236 -12.50 -18.94 57.59
CA PRO NA 236 -11.18 -19.07 56.95
C PRO NA 236 -10.07 -19.15 57.99
N PRO NA 237 -8.93 -19.72 57.63
CA PRO NA 237 -7.84 -19.84 58.60
C PRO NA 237 -7.35 -18.48 59.02
N PRO NA 238 -6.75 -18.37 60.20
CA PRO NA 238 -6.32 -17.06 60.73
C PRO NA 238 -5.08 -16.57 60.01
N PRO NA 239 -5.01 -15.27 59.70
CA PRO NA 239 -3.92 -14.75 58.86
C PRO NA 239 -2.58 -14.66 59.57
N LEU NA 240 -1.58 -14.14 58.85
CA LEU NA 240 -0.23 -13.94 59.38
C LEU NA 240 -0.12 -12.57 60.04
N PRO NA 241 1.02 -12.29 60.71
CA PRO NA 241 1.15 -11.02 61.46
C PRO NA 241 1.37 -9.79 60.62
N GLN NA 242 1.00 -9.82 59.34
CA GLN NA 242 0.99 -8.72 58.38
C GLN NA 242 2.36 -8.12 58.11
N ASP NA 243 3.43 -8.71 58.64
CA ASP NA 243 4.76 -8.45 58.11
C ASP NA 243 5.38 -9.67 57.48
N HIS NA 244 4.91 -10.87 57.82
CA HIS NA 244 5.33 -12.06 57.10
C HIS NA 244 5.02 -11.87 55.62
N ALA NA 245 5.99 -12.22 54.77
CA ALA NA 245 5.89 -11.93 53.34
C ALA NA 245 4.80 -12.71 52.63
N ARG NA 246 4.01 -13.51 53.34
CA ARG NA 246 2.99 -14.35 52.72
C ARG NA 246 1.65 -14.16 53.41
N ARG NA 247 1.37 -12.94 53.85
CA ARG NA 247 0.08 -12.65 54.47
C ARG NA 247 -1.01 -12.64 53.42
N PHE NA 248 -2.18 -13.19 53.78
CA PHE NA 248 -3.32 -13.21 52.86
C PHE NA 248 -4.59 -13.11 53.69
N CYS NA 249 -5.15 -11.91 53.77
CA CYS NA 249 -6.44 -11.68 54.41
C CYS NA 249 -7.52 -11.71 53.34
N VAL NA 250 -8.34 -12.76 53.35
CA VAL NA 250 -9.28 -12.99 52.26
C VAL NA 250 -10.31 -11.87 52.17
N PHE NA 251 -10.71 -11.30 53.31
CA PHE NA 251 -11.83 -10.36 53.28
C PHE NA 251 -11.43 -9.03 52.65
N GLU NA 252 -10.21 -8.57 52.90
CA GLU NA 252 -9.75 -7.37 52.22
C GLU NA 252 -9.66 -7.60 50.72
N ALA NA 253 -9.29 -8.82 50.31
CA ALA NA 253 -9.30 -9.15 48.89
C ALA NA 253 -10.71 -9.10 48.32
N LEU NA 254 -11.68 -9.60 49.08
CA LEU NA 254 -13.06 -9.51 48.63
C LEU NA 254 -13.49 -8.05 48.50
N GLU NA 255 -13.04 -7.22 49.43
CA GLU NA 255 -13.36 -5.80 49.38
C GLU NA 255 -12.81 -5.16 48.11
N ALA NA 256 -11.52 -5.37 47.85
CA ALA NA 256 -10.92 -4.85 46.63
C ALA NA 256 -11.65 -5.35 45.39
N TRP NA 257 -12.06 -6.62 45.41
CA TRP NA 257 -12.75 -7.17 44.24
C TRP NA 257 -14.10 -6.50 44.04
N ILE NA 258 -14.86 -6.29 45.12
CA ILE NA 258 -16.14 -5.60 44.98
C ILE NA 258 -15.93 -4.24 44.35
N ALA NA 259 -14.97 -3.49 44.89
CA ALA NA 259 -14.73 -2.14 44.38
C ALA NA 259 -14.36 -2.16 42.90
N SER NA 260 -13.40 -3.00 42.53
CA SER NA 260 -12.93 -3.03 41.15
C SER NA 260 -14.03 -3.50 40.20
N ALA NA 261 -14.83 -4.48 40.62
CA ALA NA 261 -15.91 -4.97 39.78
C ALA NA 261 -16.95 -3.89 39.56
N SER NA 262 -17.34 -3.18 40.61
CA SER NA 262 -18.30 -2.10 40.45
C SER NA 262 -17.77 -1.04 39.48
N ARG NA 263 -16.53 -0.62 39.69
CA ARG NA 263 -15.95 0.40 38.82
C ARG NA 263 -15.92 -0.06 37.37
N LEU NA 264 -15.53 -1.31 37.12
CA LEU NA 264 -15.48 -1.79 35.75
C LEU NA 264 -16.88 -1.89 35.16
N GLY NA 265 -17.86 -2.24 35.97
CA GLY NA 265 -19.22 -2.34 35.46
C GLY NA 265 -19.79 -0.99 35.09
N ASP NA 266 -19.40 0.05 35.81
CA ASP NA 266 -19.91 1.37 35.49
C ASP NA 266 -19.23 1.98 34.26
N THR NA 267 -17.97 1.65 34.01
CA THR NA 267 -17.26 2.18 32.84
C THR NA 267 -17.39 1.22 31.67
N LEU NA 268 -18.63 0.94 31.31
CA LEU NA 268 -18.91 0.12 30.14
C LEU NA 268 -20.09 0.61 29.34
N GLY NA 269 -20.62 1.80 29.62
CA GLY NA 269 -21.83 2.25 28.98
C GLY NA 269 -23.00 1.39 29.36
N THR NA 270 -23.64 0.77 28.37
CA THR NA 270 -24.81 -0.08 28.55
C THR NA 270 -25.92 0.60 29.33
N ARG NA 271 -25.87 1.92 29.46
CA ARG NA 271 -27.00 2.71 29.93
C ARG NA 271 -27.43 3.59 28.79
N PRO NA 272 -28.62 3.37 28.22
CA PRO NA 272 -28.98 4.03 26.97
C PRO NA 272 -28.83 5.54 27.04
N VAL NA 273 -28.36 6.11 25.94
CA VAL NA 273 -28.21 7.56 25.82
C VAL NA 273 -29.27 8.18 24.92
N ALA NA 274 -29.95 7.40 24.10
CA ALA NA 274 -30.94 7.94 23.19
C ALA NA 274 -31.87 6.81 22.78
N ARG NA 275 -32.83 7.12 21.91
CA ARG NA 275 -33.81 6.14 21.47
C ARG NA 275 -34.32 6.59 20.10
N VAL NA 276 -34.29 5.68 19.13
CA VAL NA 276 -34.69 6.05 17.78
C VAL NA 276 -36.21 6.10 17.72
N CYS NA 277 -36.74 7.23 17.29
CA CYS NA 277 -38.18 7.39 17.10
C CYS NA 277 -38.46 7.86 15.70
N ILE NA 278 -37.79 7.23 14.72
CA ILE NA 278 -37.90 7.66 13.34
C ILE NA 278 -39.36 7.70 12.92
N PHE NA 279 -39.67 8.63 12.03
CA PHE NA 279 -41.04 8.88 11.61
C PHE NA 279 -40.99 9.56 10.26
N ASP NA 280 -41.84 9.09 9.34
CA ASP NA 280 -41.79 9.51 7.95
C ASP NA 280 -40.43 9.21 7.32
N GLY NA 281 -40.15 7.90 7.24
CA GLY NA 281 -38.94 7.43 6.62
C GLY NA 281 -38.92 5.92 6.51
N PRO NA 282 -37.92 5.37 5.83
CA PRO NA 282 -37.77 3.92 5.79
C PRO NA 282 -37.52 3.36 7.17
N PRO NA 283 -38.33 2.39 7.60
CA PRO NA 283 -38.30 1.97 9.01
C PRO NA 283 -36.98 1.40 9.49
N THR NA 284 -36.06 1.08 8.59
CA THR NA 284 -34.77 0.49 8.97
C THR NA 284 -33.66 1.31 8.33
N VAL NA 285 -32.86 1.98 9.16
CA VAL NA 285 -31.83 2.88 8.68
C VAL NA 285 -30.54 2.09 8.47
N PRO NA 286 -29.95 2.10 7.29
CA PRO NA 286 -28.71 1.37 7.07
C PRO NA 286 -27.54 2.16 7.63
N PRO NA 287 -26.38 1.52 7.80
CA PRO NA 287 -25.20 2.27 8.26
C PRO NA 287 -24.87 3.43 7.34
N GLY NA 288 -24.31 4.48 7.93
CA GLY NA 288 -23.89 5.65 7.19
C GLY NA 288 -24.97 6.66 6.90
N GLU NA 289 -26.23 6.34 7.16
CA GLU NA 289 -27.34 7.24 6.84
C GLU NA 289 -28.00 7.73 8.11
N LYS NA 290 -28.41 9.00 8.08
CA LYS NA 290 -28.93 9.66 9.27
C LYS NA 290 -30.25 9.03 9.70
N ALA NA 291 -30.63 9.28 10.96
CA ALA NA 291 -31.80 8.66 11.54
C ALA NA 291 -32.32 9.54 12.67
N ALA NA 292 -33.60 9.88 12.61
CA ALA NA 292 -34.20 10.73 13.62
C ALA NA 292 -34.20 10.04 14.98
N VAL NA 293 -33.79 10.77 16.00
CA VAL NA 293 -33.65 10.24 17.35
C VAL NA 293 -34.16 11.28 18.34
N VAL NA 294 -34.75 10.80 19.43
CA VAL NA 294 -35.04 11.63 20.59
C VAL NA 294 -34.13 11.20 21.73
N GLU NA 295 -33.51 12.15 22.39
CA GLU NA 295 -32.68 11.81 23.54
C GLU NA 295 -33.55 11.25 24.65
N VAL NA 296 -32.97 10.36 25.45
CA VAL NA 296 -33.73 9.71 26.51
C VAL NA 296 -33.94 10.66 27.68
N ARG OA 3 -24.35 31.54 -3.29
CA ARG OA 3 -24.05 30.70 -4.46
C ARG OA 3 -25.22 30.55 -5.44
N PRO OA 4 -26.45 30.34 -4.96
CA PRO OA 4 -27.58 30.29 -5.89
C PRO OA 4 -27.85 31.65 -6.53
N ALA OA 5 -28.70 31.63 -7.53
CA ALA OA 5 -29.05 32.86 -8.25
C ALA OA 5 -29.89 33.77 -7.36
N ILE OA 6 -29.93 35.05 -7.73
CA ILE OA 6 -30.76 36.04 -7.04
C ILE OA 6 -31.86 36.57 -7.94
N LEU OA 7 -31.53 36.91 -9.18
CA LEU OA 7 -32.50 37.41 -10.14
C LEU OA 7 -32.47 36.56 -11.40
N PRO OA 8 -33.44 35.69 -11.61
CA PRO OA 8 -33.50 34.96 -12.88
C PRO OA 8 -33.59 35.90 -14.07
N SER OA 9 -32.99 35.49 -15.18
CA SER OA 9 -32.95 36.29 -16.39
C SER OA 9 -34.01 35.87 -17.39
N GLY OA 10 -34.02 34.60 -17.78
CA GLY OA 10 -35.00 34.11 -18.72
C GLY OA 10 -35.81 32.94 -18.18
N GLN OA 11 -37.12 32.96 -18.40
CA GLN OA 11 -37.94 31.84 -18.00
C GLN OA 11 -37.82 30.70 -19.02
N ILE OA 12 -38.18 29.50 -18.58
CA ILE OA 12 -38.15 28.32 -19.42
C ILE OA 12 -39.56 28.02 -19.91
N LEU OA 13 -39.71 27.86 -21.23
CA LEU OA 13 -41.01 27.63 -21.84
C LEU OA 13 -41.52 26.21 -21.67
N SER OA 14 -40.63 25.21 -21.65
CA SER OA 14 -41.03 23.81 -21.71
C SER OA 14 -40.45 23.06 -20.53
N ASN OA 15 -41.31 22.46 -19.72
CA ASN OA 15 -40.87 21.59 -18.66
C ASN OA 15 -40.53 20.21 -19.22
N ILE OA 16 -39.69 19.49 -18.48
CA ILE OA 16 -39.30 18.14 -18.87
C ILE OA 16 -38.79 17.44 -17.61
N GLU OA 17 -38.74 16.11 -17.65
CA GLU OA 17 -38.11 15.36 -16.57
C GLU OA 17 -36.61 15.58 -16.64
N VAL OA 18 -36.04 16.08 -15.54
CA VAL OA 18 -34.64 16.47 -15.55
C VAL OA 18 -33.73 15.28 -15.32
N HIS OA 19 -34.13 14.34 -14.45
CA HIS OA 19 -33.28 13.22 -14.10
C HIS OA 19 -33.00 12.30 -15.28
N SER OA 20 -33.83 12.36 -16.33
CA SER OA 20 -33.51 11.65 -17.56
C SER OA 20 -32.27 12.23 -18.21
N HIS OA 21 -32.24 13.54 -18.39
CA HIS OA 21 -31.17 14.21 -19.15
C HIS OA 21 -30.09 14.76 -18.21
N ARG OA 22 -29.50 13.84 -17.43
CA ARG OA 22 -28.31 14.20 -16.67
C ARG OA 22 -27.11 14.42 -17.58
N ALA OA 23 -27.10 13.78 -18.75
CA ALA OA 23 -25.92 13.81 -19.61
C ALA OA 23 -25.65 15.20 -20.16
N LEU OA 24 -26.71 15.98 -20.41
CA LEU OA 24 -26.53 17.30 -20.98
C LEU OA 24 -25.86 18.29 -20.04
N PHE OA 25 -25.91 18.04 -18.73
CA PHE OA 25 -25.45 18.98 -17.73
C PHE OA 25 -24.09 18.55 -17.18
N ASP OA 26 -23.35 19.53 -16.66
CA ASP OA 26 -21.99 19.29 -16.20
C ASP OA 26 -21.88 19.08 -14.69
N ILE OA 27 -22.60 19.85 -13.88
CA ILE OA 27 -22.80 19.54 -12.47
C ILE OA 27 -24.29 19.31 -12.26
N PHE OA 28 -24.64 18.48 -11.28
CA PHE OA 28 -26.03 18.15 -11.06
C PHE OA 28 -26.25 17.93 -9.57
N LYS OA 29 -27.15 18.72 -8.99
CA LYS OA 29 -27.51 18.58 -7.58
C LYS OA 29 -29.02 18.71 -7.47
N ARG OA 30 -29.66 17.70 -6.90
CA ARG OA 30 -31.12 17.68 -6.75
C ARG OA 30 -31.46 17.30 -5.32
N PHE OA 31 -31.79 18.30 -4.51
CA PHE OA 31 -32.14 18.09 -3.12
C PHE OA 31 -33.65 18.03 -2.97
N ARG OA 32 -34.12 17.31 -1.96
CA ARG OA 32 -35.54 17.03 -1.84
C ARG OA 32 -36.34 18.32 -1.72
N SER OA 33 -36.21 19.03 -0.61
CA SER OA 33 -36.98 20.26 -0.42
C SER OA 33 -36.35 21.07 0.70
N ASP OA 34 -35.92 22.28 0.36
CA ASP OA 34 -35.41 23.23 1.34
C ASP OA 34 -34.26 22.63 2.15
N ASP OA 35 -33.14 22.34 1.50
CA ASP OA 35 -32.00 21.84 2.25
C ASP OA 35 -31.36 22.96 3.07
N ASN OA 36 -30.25 22.63 3.72
CA ASN OA 36 -29.67 23.54 4.69
C ASN OA 36 -28.63 24.49 4.11
N ASN OA 37 -28.10 24.21 2.92
CA ASN OA 37 -26.97 24.98 2.41
C ASN OA 37 -27.41 26.34 1.86
N LEU OA 38 -28.64 26.42 1.33
CA LEU OA 38 -29.06 27.63 0.62
C LEU OA 38 -29.00 28.87 1.50
N TYR OA 39 -29.21 28.73 2.80
CA TYR OA 39 -29.32 29.90 3.66
C TYR OA 39 -28.03 30.19 4.42
N GLY OA 40 -26.87 29.92 3.83
CA GLY OA 40 -25.62 30.32 4.44
C GLY OA 40 -25.04 31.56 3.78
N ALA OA 41 -25.02 32.65 4.52
CA ALA OA 41 -24.39 33.90 4.06
C ALA OA 41 -23.10 34.04 4.85
N GLU OA 42 -22.06 33.37 4.38
CA GLU OA 42 -20.77 33.40 5.04
C GLU OA 42 -19.70 33.79 4.03
N PHE OA 43 -19.28 35.05 4.08
CA PHE OA 43 -18.29 35.57 3.15
C PHE OA 43 -16.97 35.71 3.88
N ASP OA 44 -15.98 36.21 3.15
CA ASP OA 44 -14.63 36.39 3.67
C ASP OA 44 -13.90 37.35 2.74
N ALA OA 45 -13.18 38.31 3.31
CA ALA OA 45 -12.51 39.28 2.46
C ALA OA 45 -11.46 40.05 3.23
N LEU OA 46 -10.59 40.71 2.47
CA LEU OA 46 -9.52 41.51 3.03
C LEU OA 46 -10.08 42.82 3.59
N LEU OA 47 -9.62 43.18 4.78
CA LEU OA 47 -10.07 44.42 5.40
C LEU OA 47 -9.32 45.63 4.83
N GLY OA 48 -8.00 45.66 4.97
CA GLY OA 48 -7.25 46.78 4.47
C GLY OA 48 -5.95 46.33 3.84
N THR OA 49 -5.46 47.16 2.92
CA THR OA 49 -4.16 46.96 2.30
C THR OA 49 -3.29 48.16 2.63
N TYR OA 50 -1.99 48.00 2.43
CA TYR OA 50 -1.02 49.01 2.86
C TYR OA 50 0.17 49.03 1.92
N CYS OA 51 0.49 50.22 1.42
CA CYS OA 51 1.56 50.44 0.47
C CYS OA 51 2.72 51.14 1.15
N SER OA 52 3.92 50.59 1.01
CA SER OA 52 5.10 51.16 1.64
C SER OA 52 5.80 52.09 0.67
N THR OA 53 5.64 53.39 0.87
CA THR OA 53 6.30 54.38 0.05
C THR OA 53 7.80 54.39 0.34
N LEU OA 54 8.59 54.74 -0.68
CA LEU OA 54 10.03 54.81 -0.52
C LEU OA 54 10.41 56.07 0.25
N SER OA 55 11.59 56.02 0.88
CA SER OA 55 12.13 57.14 1.64
C SER OA 55 13.26 57.75 0.83
N LEU OA 56 12.96 58.83 0.12
CA LEU OA 56 13.94 59.46 -0.76
C LEU OA 56 14.96 60.23 0.07
N VAL OA 57 16.24 59.89 -0.12
CA VAL OA 57 17.34 60.54 0.58
C VAL OA 57 18.28 61.12 -0.48
N ARG OA 58 18.76 62.34 -0.24
CA ARG OA 58 19.66 63.01 -1.17
C ARG OA 58 21.00 63.25 -0.50
N PHE OA 59 22.08 63.10 -1.28
CA PHE OA 59 23.43 63.16 -0.74
C PHE OA 59 23.80 64.53 -0.21
N LEU OA 60 23.20 65.60 -0.75
CA LEU OA 60 23.53 66.95 -0.34
C LEU OA 60 23.09 67.26 1.08
N GLU OA 61 22.17 66.48 1.66
CA GLU OA 61 21.67 66.74 2.99
C GLU OA 61 22.35 65.91 4.07
N LEU OA 62 23.31 65.07 3.71
CA LEU OA 62 23.95 64.24 4.71
C LEU OA 62 25.15 64.94 5.34
N GLY OA 63 25.75 64.30 6.34
CA GLY OA 63 26.96 64.84 6.95
C GLY OA 63 28.17 64.77 6.04
N LEU OA 64 28.33 63.65 5.34
CA LEU OA 64 29.51 63.41 4.51
C LEU OA 64 29.64 64.40 3.35
N SER OA 65 28.64 65.26 3.13
CA SER OA 65 28.77 66.29 2.10
C SER OA 65 30.00 67.15 2.32
N VAL OA 66 30.33 67.47 3.58
CA VAL OA 66 31.47 68.32 3.89
C VAL OA 66 32.80 67.61 3.73
N ALA OA 67 32.80 66.34 3.36
CA ALA OA 67 34.05 65.61 3.19
C ALA OA 67 34.65 65.81 1.80
N CYS OA 68 33.81 65.88 0.77
CA CYS OA 68 34.26 65.93 -0.62
C CYS OA 68 33.52 67.02 -1.37
N VAL OA 69 34.25 67.69 -2.26
CA VAL OA 69 33.64 68.62 -3.21
C VAL OA 69 33.30 67.84 -4.48
N CYS OA 70 32.07 67.97 -4.94
CA CYS OA 70 31.59 67.20 -6.08
C CYS OA 70 31.43 68.12 -7.29
N THR OA 71 31.53 67.52 -8.48
CA THR OA 71 31.52 68.28 -9.71
C THR OA 71 30.74 67.52 -10.78
N LYS OA 72 29.77 68.21 -11.39
CA LYS OA 72 29.03 67.66 -12.52
C LYS OA 72 29.89 67.85 -13.76
N PHE OA 73 30.60 66.78 -14.15
CA PHE OA 73 31.48 66.82 -15.30
C PHE OA 73 30.91 65.92 -16.39
N PRO OA 74 30.16 66.45 -17.35
CA PRO OA 74 29.44 65.56 -18.29
C PRO OA 74 30.34 64.84 -19.28
N GLU OA 75 31.57 65.31 -19.50
CA GLU OA 75 32.47 64.69 -20.46
C GLU OA 75 33.53 63.81 -19.81
N LEU OA 76 33.24 63.23 -18.65
CA LEU OA 76 34.25 62.47 -17.93
C LEU OA 76 34.72 61.24 -18.72
N SER OA 77 33.79 60.50 -19.33
CA SER OA 77 34.15 59.30 -20.08
C SER OA 77 35.10 59.60 -21.24
N TYR OA 78 35.32 60.87 -21.57
CA TYR OA 78 36.18 61.26 -22.68
C TYR OA 78 37.64 61.40 -22.30
N VAL OA 79 37.96 61.41 -21.00
CA VAL OA 79 39.28 61.84 -20.56
C VAL OA 79 40.24 60.65 -20.58
N ALA OA 80 41.48 60.93 -20.97
CA ALA OA 80 42.60 60.04 -20.74
C ALA OA 80 43.10 60.25 -19.33
N GLU OA 81 44.31 59.77 -19.02
CA GLU OA 81 44.89 60.00 -17.70
C GLU OA 81 44.91 61.49 -17.36
N GLY OA 82 44.20 61.87 -16.31
CA GLY OA 82 44.09 63.27 -15.92
C GLY OA 82 44.67 63.47 -14.53
N THR OA 83 45.23 64.66 -14.30
CA THR OA 83 45.96 64.91 -13.05
C THR OA 83 45.55 66.21 -12.40
N ILE OA 84 46.21 66.55 -11.29
CA ILE OA 84 46.18 67.88 -10.71
C ILE OA 84 47.60 68.21 -10.27
N GLN OA 85 47.90 69.50 -10.20
CA GLN OA 85 49.26 69.97 -9.92
C GLN OA 85 49.29 70.80 -8.65
N PHE OA 86 50.37 70.62 -7.88
CA PHE OA 86 50.57 71.35 -6.63
C PHE OA 86 51.91 72.07 -6.66
N GLU OA 87 52.05 73.02 -5.73
CA GLU OA 87 53.34 73.64 -5.46
C GLU OA 87 53.24 74.29 -4.09
N VAL OA 88 54.21 74.01 -3.22
CA VAL OA 88 54.23 74.53 -1.87
C VAL OA 88 55.61 75.09 -1.58
N GLN OA 89 55.68 75.96 -0.57
CA GLN OA 89 56.92 76.59 -0.17
C GLN OA 89 57.06 76.49 1.33
N GLN OA 90 58.02 75.71 1.79
CA GLN OA 90 58.25 75.57 3.22
C GLN OA 90 58.99 76.79 3.74
N PRO OA 91 58.53 77.36 4.86
CA PRO OA 91 59.21 78.53 5.42
C PRO OA 91 60.61 78.16 5.90
N MET OA 92 61.41 79.21 6.12
CA MET OA 92 62.77 79.01 6.59
C MET OA 92 63.08 80.07 7.63
N ILE OA 93 63.83 79.68 8.65
CA ILE OA 93 64.20 80.56 9.75
C ILE OA 93 65.69 80.87 9.63
N ALA OA 94 66.04 82.14 9.81
CA ALA OA 94 67.43 82.53 9.83
C ALA OA 94 68.14 81.87 11.02
N ARG OA 95 69.46 81.72 10.89
CA ARG OA 95 70.24 81.11 11.95
C ARG OA 95 71.58 81.83 12.09
N ASP OA 96 71.91 82.21 13.32
CA ASP OA 96 73.23 82.75 13.66
C ASP OA 96 74.18 81.58 13.74
N GLY OA 97 74.89 81.30 12.65
CA GLY OA 97 75.71 80.12 12.61
C GLY OA 97 76.88 80.17 11.66
N PRO OA 98 78.03 79.68 12.13
CA PRO OA 98 79.09 79.29 11.19
C PRO OA 98 78.70 78.12 10.30
N HIS OA 99 77.58 77.47 10.58
CA HIS OA 99 76.96 76.59 9.61
C HIS OA 99 76.39 77.41 8.47
N PRO OA 100 76.66 77.05 7.22
CA PRO OA 100 76.08 77.82 6.10
C PRO OA 100 74.56 77.74 6.10
N ALA OA 101 73.92 78.89 5.88
CA ALA OA 101 72.48 78.98 5.98
C ALA OA 101 71.82 78.18 4.85
N ASP OA 102 70.48 78.14 4.89
CA ASP OA 102 69.70 77.34 3.97
C ASP OA 102 68.81 78.26 3.13
N GLN OA 103 68.93 78.13 1.81
CA GLN OA 103 68.04 78.84 0.91
C GLN OA 103 66.63 78.29 1.04
N PRO OA 104 65.61 79.06 0.65
CA PRO OA 104 64.25 78.51 0.62
C PRO OA 104 64.14 77.40 -0.40
N VAL OA 105 63.26 76.44 -0.12
CA VAL OA 105 63.06 75.28 -0.98
C VAL OA 105 61.71 75.39 -1.66
N HIS OA 106 61.59 74.79 -2.83
CA HIS OA 106 60.35 74.74 -3.58
C HIS OA 106 60.02 73.29 -3.91
N ASN OA 107 58.74 72.95 -3.88
CA ASN OA 107 58.28 71.59 -4.09
C ASN OA 107 57.22 71.56 -5.20
N TYR OA 108 57.30 70.52 -6.03
CA TYR OA 108 56.33 70.28 -7.09
C TYR OA 108 55.87 68.84 -7.03
N MET OA 109 54.55 68.63 -7.06
CA MET OA 109 53.99 67.30 -7.01
C MET OA 109 52.70 67.11 -7.80
N ILE OA 110 52.69 66.08 -8.65
CA ILE OA 110 51.51 65.76 -9.45
C ILE OA 110 50.94 64.45 -8.94
N LYS OA 111 49.62 64.34 -8.95
CA LYS OA 111 48.93 63.11 -8.61
C LYS OA 111 47.80 62.89 -9.59
N ARG OA 112 47.36 61.64 -9.71
CA ARG OA 112 46.49 61.21 -10.78
C ARG OA 112 45.18 60.67 -10.23
N LEU OA 113 44.18 60.59 -11.11
CA LEU OA 113 42.84 60.19 -10.69
C LEU OA 113 42.75 58.67 -10.54
N ASP OA 114 41.58 58.23 -10.09
CA ASP OA 114 41.20 56.82 -10.08
C ASP OA 114 39.84 56.69 -10.72
N ARG OA 115 39.62 55.56 -11.39
CA ARG OA 115 38.43 55.35 -12.20
C ARG OA 115 37.52 54.34 -11.52
N ARG OA 116 36.27 54.74 -11.29
CA ARG OA 116 35.26 53.85 -10.72
C ARG OA 116 33.95 54.07 -11.47
N SER OA 117 33.00 53.18 -11.21
CA SER OA 117 31.67 53.29 -11.79
C SER OA 117 30.66 52.82 -10.75
N LEU OA 118 29.39 52.85 -11.14
CA LEU OA 118 28.30 52.37 -10.29
C LEU OA 118 27.25 51.73 -11.18
N ASN OA 119 26.98 50.45 -10.96
CA ASN OA 119 26.08 49.68 -11.81
C ASN OA 119 24.76 49.41 -11.10
N ALA OA 120 23.68 49.49 -11.87
CA ALA OA 120 22.35 49.22 -11.34
C ALA OA 120 21.44 48.67 -12.44
N ALA OA 121 21.07 47.41 -12.32
CA ALA OA 121 20.19 46.78 -13.31
C ALA OA 121 18.75 47.18 -13.06
N PHE OA 122 17.94 47.05 -14.10
CA PHE OA 122 16.55 47.50 -14.06
C PHE OA 122 15.79 46.76 -15.15
N SER OA 123 14.83 45.94 -14.77
CA SER OA 123 14.21 45.01 -15.71
C SER OA 123 12.77 45.42 -16.01
N ILE OA 124 12.21 44.73 -17.01
CA ILE OA 124 10.83 44.90 -17.45
C ILE OA 124 10.32 43.54 -17.89
N ALA OA 125 9.12 43.18 -17.46
CA ALA OA 125 8.54 41.90 -17.82
C ALA OA 125 8.19 41.86 -19.31
N VAL OA 126 7.78 40.68 -19.76
CA VAL OA 126 7.51 40.49 -21.19
C VAL OA 126 6.17 41.10 -21.58
N GLU OA 127 5.29 41.29 -20.59
CA GLU OA 127 3.93 41.75 -20.87
C GLU OA 127 3.83 43.27 -20.72
N ALA OA 128 4.58 43.83 -19.79
CA ALA OA 128 4.70 45.28 -19.70
C ALA OA 128 5.23 45.89 -20.99
N LEU OA 129 6.17 45.21 -21.65
CA LEU OA 129 6.69 45.69 -22.93
C LEU OA 129 5.57 45.85 -23.96
N GLY OA 130 4.54 45.01 -23.89
CA GLY OA 130 3.40 45.16 -24.76
C GLY OA 130 2.49 46.28 -24.32
N LEU OA 131 2.17 46.32 -23.02
CA LEU OA 131 1.20 47.30 -22.53
C LEU OA 131 1.71 48.73 -22.67
N ILE OA 132 2.95 49.00 -22.28
CA ILE OA 132 3.44 50.38 -22.33
C ILE OA 132 3.70 50.81 -23.77
N SER OA 133 4.05 49.85 -24.64
CA SER OA 133 4.31 50.17 -26.04
C SER OA 133 3.06 50.71 -26.72
N GLY OA 134 1.98 49.92 -26.71
CA GLY OA 134 0.73 50.39 -27.28
C GLY OA 134 0.08 49.44 -28.27
N GLU OA 135 0.54 48.19 -28.32
CA GLU OA 135 -0.02 47.25 -29.29
C GLU OA 135 -1.22 46.49 -28.72
N ASN OA 136 -1.13 46.04 -27.47
CA ASN OA 136 -2.20 45.26 -26.88
C ASN OA 136 -3.39 46.09 -26.44
N LEU OA 137 -3.23 47.40 -26.28
CA LEU OA 137 -4.36 48.24 -25.91
C LEU OA 137 -5.40 48.24 -27.02
N ASP OA 138 -6.67 48.25 -26.63
CA ASP OA 138 -7.78 48.36 -27.58
C ASP OA 138 -8.98 48.93 -26.83
N GLY OA 139 -10.11 49.03 -27.53
CA GLY OA 139 -11.29 49.63 -26.96
C GLY OA 139 -11.94 48.78 -25.90
N THR OA 140 -11.18 48.43 -24.87
CA THR OA 140 -11.65 47.60 -23.77
C THR OA 140 -11.25 48.26 -22.46
N HIS OA 141 -12.25 48.55 -21.61
CA HIS OA 141 -11.97 49.24 -20.36
C HIS OA 141 -11.01 48.46 -19.47
N ILE OA 142 -10.93 47.15 -19.64
CA ILE OA 142 -9.96 46.35 -18.90
C ILE OA 142 -8.54 46.73 -19.32
N SER OA 143 -8.30 46.83 -20.62
CA SER OA 143 -6.96 47.14 -21.12
C SER OA 143 -6.44 48.45 -20.55
N SER OA 144 -7.34 49.42 -20.36
CA SER OA 144 -6.93 50.69 -19.74
C SER OA 144 -6.45 50.48 -18.31
N ALA OA 145 -7.14 49.63 -17.56
CA ALA OA 145 -6.74 49.36 -16.19
C ALA OA 145 -5.35 48.71 -16.14
N MET OA 146 -5.11 47.75 -17.03
CA MET OA 146 -3.81 47.10 -17.06
C MET OA 146 -2.72 48.05 -17.52
N ARG OA 147 -3.03 48.96 -18.45
CA ARG OA 147 -2.08 49.98 -18.84
C ARG OA 147 -1.71 50.87 -17.65
N LEU OA 148 -2.71 51.30 -16.90
CA LEU OA 148 -2.45 52.08 -15.69
C LEU OA 148 -1.57 51.31 -14.72
N ARG OA 149 -1.87 50.03 -14.52
CA ARG OA 149 -1.10 49.20 -13.61
C ARG OA 149 0.36 49.11 -14.04
N ALA OA 150 0.60 48.83 -15.32
CA ALA OA 150 1.97 48.69 -15.80
C ALA OA 150 2.73 50.01 -15.73
N ILE OA 151 2.08 51.12 -16.06
CA ILE OA 151 2.74 52.42 -15.98
C ILE OA 151 3.11 52.73 -14.53
N GLN OA 152 2.18 52.48 -13.60
CA GLN OA 152 2.47 52.72 -12.19
C GLN OA 152 3.64 51.86 -11.71
N GLN OA 153 3.66 50.59 -12.12
CA GLN OA 153 4.74 49.69 -11.70
C GLN OA 153 6.09 50.17 -12.21
N LEU OA 154 6.18 50.49 -13.51
CA LEU OA 154 7.44 50.98 -14.05
C LEU OA 154 7.85 52.30 -13.40
N ALA OA 155 6.88 53.15 -13.08
CA ALA OA 155 7.19 54.43 -12.44
C ALA OA 155 7.82 54.21 -11.08
N ARG OA 156 7.18 53.39 -10.24
CA ARG OA 156 7.75 53.12 -8.92
C ARG OA 156 9.11 52.46 -9.04
N ASN OA 157 9.27 51.57 -10.02
CA ASN OA 157 10.52 50.85 -10.19
C ASN OA 157 11.66 51.79 -10.56
N VAL OA 158 11.41 52.69 -11.52
CA VAL OA 158 12.47 53.60 -11.94
C VAL OA 158 12.74 54.64 -10.85
N GLN OA 159 11.71 55.04 -10.10
CA GLN OA 159 11.93 55.92 -8.97
C GLN OA 159 12.85 55.26 -7.94
N ALA OA 160 12.67 53.96 -7.71
CA ALA OA 160 13.55 53.25 -6.79
C ALA OA 160 14.97 53.15 -7.33
N VAL OA 161 15.12 52.79 -8.60
CA VAL OA 161 16.47 52.56 -9.13
C VAL OA 161 17.27 53.86 -9.24
N LEU OA 162 16.63 54.99 -9.58
CA LEU OA 162 17.36 56.25 -9.61
C LEU OA 162 17.80 56.69 -8.23
N ASP OA 163 17.12 56.25 -7.18
CA ASP OA 163 17.53 56.58 -5.81
C ASP OA 163 18.80 55.84 -5.42
N SER OA 164 19.08 54.69 -6.04
CA SER OA 164 20.27 53.92 -5.69
C SER OA 164 21.56 54.71 -5.94
N PHE OA 165 21.52 55.69 -6.83
CA PHE OA 165 22.71 56.47 -7.16
C PHE OA 165 22.97 57.59 -6.16
N GLU OA 166 22.33 57.54 -4.99
CA GLU OA 166 22.63 58.45 -3.88
C GLU OA 166 23.19 57.69 -2.67
N ARG OA 167 22.48 56.66 -2.24
CA ARG OA 167 23.04 55.73 -1.27
C ARG OA 167 24.35 55.13 -1.80
N GLY OA 168 24.41 54.87 -3.10
CA GLY OA 168 25.64 54.39 -3.70
C GLY OA 168 26.78 55.39 -3.61
N THR OA 169 26.48 56.67 -3.86
CA THR OA 169 27.49 57.71 -3.73
C THR OA 169 27.99 57.81 -2.30
N ALA OA 170 27.07 57.75 -1.33
CA ALA OA 170 27.46 57.79 0.07
C ALA OA 170 28.37 56.62 0.42
N ASP OA 171 27.97 55.41 0.03
CA ASP OA 171 28.78 54.23 0.31
C ASP OA 171 30.14 54.33 -0.39
N GLN OA 172 30.17 54.89 -1.60
CA GLN OA 172 31.42 55.04 -2.32
C GLN OA 172 32.37 55.97 -1.58
N MET OA 173 31.87 57.11 -1.13
CA MET OA 173 32.71 58.04 -0.37
C MET OA 173 33.21 57.39 0.91
N LEU OA 174 32.33 56.67 1.61
CA LEU OA 174 32.75 56.00 2.84
C LEU OA 174 33.86 54.98 2.55
N ARG OA 175 33.67 54.16 1.51
CA ARG OA 175 34.70 53.20 1.13
C ARG OA 175 36.03 53.89 0.87
N VAL OA 176 36.04 54.87 -0.03
CA VAL OA 176 37.32 55.47 -0.42
C VAL OA 176 37.96 56.24 0.72
N LEU OA 177 37.18 56.74 1.68
CA LEU OA 177 37.78 57.38 2.84
C LEU OA 177 38.36 56.37 3.81
N MET OA 178 37.67 55.25 4.04
CA MET OA 178 38.17 54.21 4.93
C MET OA 178 39.49 53.61 4.46
N GLU OA 179 39.84 53.76 3.19
CA GLU OA 179 41.09 53.23 2.65
C GLU OA 179 42.25 54.20 2.79
N LYS OA 180 42.03 55.49 2.56
CA LYS OA 180 43.09 56.48 2.59
C LYS OA 180 43.58 56.78 4.01
N ALA OA 181 42.80 56.45 5.03
CA ALA OA 181 43.21 56.90 6.35
C ALA OA 181 43.92 55.80 7.11
N PRO OA 182 45.00 56.15 7.82
CA PRO OA 182 45.65 55.19 8.71
C PRO OA 182 45.06 55.27 10.11
N PRO OA 183 45.29 54.27 10.95
CA PRO OA 183 44.74 54.31 12.31
C PRO OA 183 45.42 55.37 13.16
N LEU OA 184 44.66 55.89 14.13
CA LEU OA 184 45.15 56.99 14.95
C LEU OA 184 46.38 56.61 15.75
N SER OA 185 46.37 55.43 16.38
CA SER OA 185 47.45 55.04 17.30
C SER OA 185 48.83 55.21 16.68
N LEU OA 186 48.96 54.98 15.38
CA LEU OA 186 50.24 55.13 14.72
C LEU OA 186 50.52 56.55 14.25
N LEU OA 187 49.51 57.22 13.69
CA LEU OA 187 49.73 58.55 13.12
C LEU OA 187 50.06 59.58 14.20
N ALA OA 188 49.49 59.44 15.39
CA ALA OA 188 49.61 60.50 16.39
C ALA OA 188 51.05 60.71 16.84
N PRO OA 189 51.75 59.73 17.42
CA PRO OA 189 53.14 59.99 17.85
C PRO OA 189 54.11 60.12 16.69
N PHE OA 190 53.69 59.81 15.46
CA PHE OA 190 54.56 59.96 14.30
C PHE OA 190 54.90 61.43 14.08
N THR OA 191 53.88 62.30 14.09
CA THR OA 191 54.12 63.73 13.89
C THR OA 191 54.95 64.35 15.00
N LEU OA 192 55.02 63.70 16.17
CA LEU OA 192 55.76 64.26 17.29
C LEU OA 192 57.25 64.25 17.04
N TYR OA 193 57.74 63.29 16.26
CA TYR OA 193 59.16 63.17 15.95
C TYR OA 193 59.53 63.78 14.61
N GLU OA 194 58.85 64.84 14.20
CA GLU OA 194 59.06 65.40 12.88
C GLU OA 194 60.46 66.02 12.77
N GLY OA 195 60.99 66.02 11.54
CA GLY OA 195 62.33 66.51 11.28
C GLY OA 195 63.44 65.55 11.61
N ARG OA 196 63.18 64.54 12.44
CA ARG OA 196 64.20 63.62 12.91
C ARG OA 196 63.95 62.20 12.40
N LEU OA 197 63.55 62.09 11.13
CA LEU OA 197 63.34 60.80 10.49
C LEU OA 197 64.63 60.23 9.90
N ALA OA 198 65.66 61.06 9.72
CA ALA OA 198 66.85 60.68 8.96
C ALA OA 198 68.02 60.23 9.83
N ASP OA 199 67.86 60.19 11.14
CA ASP OA 199 68.88 59.62 12.02
C ASP OA 199 68.34 58.32 12.59
N ARG OA 200 69.12 57.24 12.45
CA ARG OA 200 68.60 55.90 12.69
C ARG OA 200 68.22 55.66 14.14
N VAL OA 201 68.90 56.33 15.09
CA VAL OA 201 68.61 56.11 16.49
C VAL OA 201 67.23 56.66 16.85
N ALA OA 202 66.86 57.81 16.30
CA ALA OA 202 65.50 58.29 16.50
C ALA OA 202 64.49 57.41 15.78
N CYS OA 203 64.85 56.88 14.62
CA CYS OA 203 63.98 55.94 13.93
C CYS OA 203 63.71 54.70 14.77
N ALA OA 204 64.72 54.24 15.52
CA ALA OA 204 64.54 53.08 16.39
C ALA OA 204 63.75 53.44 17.64
N ALA OA 205 64.01 54.61 18.21
CA ALA OA 205 63.21 55.07 19.34
C ALA OA 205 61.75 55.30 18.95
N LEU OA 206 61.48 55.53 17.66
CA LEU OA 206 60.11 55.74 17.21
C LEU OA 206 59.29 54.45 17.26
N VAL OA 207 59.88 53.32 16.87
CA VAL OA 207 59.13 52.08 16.92
C VAL OA 207 58.91 51.64 18.35
N SER OA 208 59.80 52.06 19.26
CA SER OA 208 59.56 51.82 20.69
C SER OA 208 58.28 52.49 21.16
N GLU OA 209 58.05 53.73 20.75
CA GLU OA 209 56.81 54.42 21.09
C GLU OA 209 55.61 53.88 20.32
N LEU OA 210 55.81 53.44 19.08
CA LEU OA 210 54.71 52.86 18.31
C LEU OA 210 54.20 51.57 18.96
N LYS OA 211 55.12 50.68 19.33
CA LYS OA 211 54.73 49.43 19.99
C LYS OA 211 53.97 49.69 21.28
N ARG OA 212 54.41 50.68 22.07
CA ARG OA 212 53.73 51.01 23.31
C ARG OA 212 52.39 51.68 23.08
N ARG OA 213 52.27 52.49 22.02
CA ARG OA 213 51.02 53.18 21.74
C ARG OA 213 49.97 52.24 21.16
N VAL OA 214 50.39 51.14 20.51
CA VAL OA 214 49.42 50.20 19.97
C VAL OA 214 48.65 49.50 21.08
N ARG OA 215 49.32 49.14 22.17
CA ARG OA 215 48.73 48.26 23.17
C ARG OA 215 48.15 49.01 24.38
N ASP OA 216 47.93 50.31 24.26
CA ASP OA 216 47.26 50.99 25.37
C ASP OA 216 46.12 51.88 24.93
N ASP OA 217 46.21 52.47 23.73
CA ASP OA 217 45.22 53.44 23.29
C ASP OA 217 44.49 52.98 22.05
N THR OA 218 44.15 51.69 21.97
CA THR OA 218 43.51 51.15 20.79
C THR OA 218 42.05 50.78 21.02
N PHE OA 219 41.56 50.81 22.25
CA PHE OA 219 40.17 50.49 22.54
C PHE OA 219 39.61 51.43 23.60
N PHE OA 220 39.85 52.74 23.43
CA PHE OA 220 39.31 53.71 24.37
C PHE OA 220 37.78 53.68 24.35
N LEU OA 221 37.19 54.24 25.42
CA LEU OA 221 35.77 54.18 25.74
C LEU OA 221 35.25 52.74 25.79
N THR OA 222 36.16 51.77 25.85
CA THR OA 222 35.84 50.40 26.21
C THR OA 222 36.55 49.95 27.47
N LYS OA 223 37.76 50.46 27.71
CA LYS OA 223 38.48 50.27 28.96
C LYS OA 223 38.50 51.54 29.80
N HIS OA 224 37.74 52.56 29.41
CA HIS OA 224 37.70 53.83 30.13
C HIS OA 224 36.29 54.40 30.26
N GLU OA 225 35.26 53.56 30.17
CA GLU OA 225 33.88 54.04 30.24
C GLU OA 225 33.62 54.82 31.53
N ARG OA 226 34.27 54.43 32.63
CA ARG OA 226 34.06 55.11 33.90
C ARG OA 226 34.67 56.50 33.93
N ASN OA 227 35.69 56.76 33.12
CA ASN OA 227 36.38 58.04 33.08
C ASN OA 227 35.77 58.92 31.99
N LYS OA 228 35.65 60.22 32.27
CA LYS OA 228 35.19 61.18 31.27
C LYS OA 228 36.33 61.87 30.55
N ASP OA 229 37.47 62.07 31.22
CA ASP OA 229 38.53 62.92 30.68
C ASP OA 229 39.20 62.29 29.48
N ALA OA 230 39.74 61.08 29.65
CA ALA OA 230 40.56 60.45 28.61
C ALA OA 230 39.82 60.39 27.27
N VAL OA 231 38.50 60.18 27.30
CA VAL OA 231 37.73 60.11 26.07
C VAL OA 231 37.79 61.44 25.32
N LEU OA 232 37.49 62.54 26.01
CA LEU OA 232 37.51 63.85 25.37
C LEU OA 232 38.93 64.23 24.93
N ASP OA 233 39.92 63.85 25.73
CA ASP OA 233 41.31 64.09 25.35
C ASP OA 233 41.65 63.37 24.05
N ARG OA 234 41.26 62.11 23.93
CA ARG OA 234 41.54 61.34 22.72
C ARG OA 234 40.80 61.91 21.52
N LEU OA 235 39.56 62.36 21.71
CA LEU OA 235 38.82 62.96 20.61
C LEU OA 235 39.48 64.26 20.15
N SER OA 236 39.94 65.07 21.10
CA SER OA 236 40.68 66.28 20.75
C SER OA 236 41.95 65.93 19.98
N ASP OA 237 42.67 64.90 20.43
CA ASP OA 237 43.87 64.46 19.72
C ASP OA 237 43.53 64.04 18.29
N LEU OA 238 42.41 63.34 18.12
CA LEU OA 238 41.99 62.91 16.79
C LEU OA 238 41.70 64.12 15.90
N VAL OA 239 40.94 65.09 16.40
CA VAL OA 239 40.58 66.22 15.57
C VAL OA 239 41.79 67.12 15.29
N ASN OA 240 42.79 67.11 16.17
CA ASN OA 240 43.93 67.99 15.99
C ASN OA 240 45.08 67.34 15.23
N CYS OA 241 45.12 66.02 15.13
CA CYS OA 241 46.27 65.35 14.54
C CYS OA 241 46.36 65.53 13.02
N THR OA 242 45.23 65.69 12.34
CA THR OA 242 45.21 65.81 10.89
C THR OA 242 45.53 67.24 10.47
N ALA OA 243 45.52 67.47 9.16
CA ALA OA 243 45.88 68.75 8.59
C ALA OA 243 44.78 69.26 7.68
N PRO OA 244 44.39 70.54 7.79
CA PRO OA 244 43.34 71.07 6.92
C PRO OA 244 43.78 71.14 5.47
N SER OA 245 42.81 70.99 4.58
CA SER OA 245 43.07 70.90 3.15
C SER OA 245 42.93 72.27 2.48
N VAL OA 246 42.89 72.28 1.14
CA VAL OA 246 42.82 73.51 0.38
C VAL OA 246 41.48 74.22 0.63
N ALA OA 247 41.53 75.54 0.65
CA ALA OA 247 40.37 76.39 0.89
C ALA OA 247 39.66 76.64 -0.44
N VAL OA 248 38.51 76.01 -0.62
CA VAL OA 248 37.62 76.29 -1.74
C VAL OA 248 36.51 77.22 -1.26
N ALA OA 249 36.01 78.07 -2.14
CA ALA OA 249 35.04 79.10 -1.79
C ALA OA 249 33.62 78.77 -2.24
N ARG OA 250 33.23 77.50 -2.17
CA ARG OA 250 31.89 77.09 -2.60
C ARG OA 250 31.10 76.37 -1.51
N MET OA 251 31.76 75.78 -0.52
CA MET OA 251 31.05 74.96 0.46
C MET OA 251 30.15 75.80 1.36
N THR OA 252 30.77 76.70 2.12
CA THR OA 252 30.03 77.63 3.00
C THR OA 252 29.11 76.89 3.96
N HIS OA 253 29.46 75.65 4.31
CA HIS OA 253 28.77 74.98 5.42
C HIS OA 253 29.01 75.78 6.69
N ALA OA 254 27.95 75.98 7.47
CA ALA OA 254 28.09 76.83 8.65
C ALA OA 254 26.95 76.56 9.61
N ASP OA 255 27.14 77.05 10.84
CA ASP OA 255 26.09 77.04 11.85
C ASP OA 255 24.93 77.92 11.40
N THR OA 256 23.77 77.68 12.00
CA THR OA 256 22.60 78.51 11.71
C THR OA 256 22.84 79.98 12.02
N GLN OA 257 23.81 80.29 12.89
CA GLN OA 257 24.07 81.67 13.30
C GLN OA 257 25.45 82.16 12.88
N GLY OA 258 26.50 81.41 13.21
CA GLY OA 258 27.85 81.95 13.10
C GLY OA 258 28.86 81.18 12.27
N ARG OA 259 29.94 80.76 12.93
CA ARG OA 259 31.15 80.32 12.26
C ARG OA 259 30.91 79.06 11.41
N PRO OA 260 31.81 78.79 10.46
CA PRO OA 260 31.65 77.61 9.61
C PRO OA 260 32.22 76.34 10.24
N VAL OA 261 31.76 75.20 9.70
CA VAL OA 261 32.17 73.90 10.20
C VAL OA 261 33.52 73.50 9.58
N ASP OA 262 34.13 72.47 10.15
CA ASP OA 262 35.40 71.98 9.65
C ASP OA 262 35.39 70.52 9.23
N GLY OA 263 34.73 69.64 9.98
CA GLY OA 263 34.87 68.22 9.67
C GLY OA 263 33.65 67.43 10.07
N VAL OA 264 33.76 66.11 9.86
CA VAL OA 264 32.68 65.17 10.16
C VAL OA 264 33.26 64.01 10.96
N LEU OA 265 32.50 63.55 11.94
CA LEU OA 265 32.84 62.37 12.74
C LEU OA 265 31.76 61.32 12.47
N VAL OA 266 31.94 60.55 11.41
CA VAL OA 266 31.00 59.49 11.04
C VAL OA 266 31.32 58.24 11.87
N THR OA 267 30.31 57.73 12.56
CA THR OA 267 30.51 56.63 13.50
C THR OA 267 29.35 55.66 13.37
N THR OA 268 29.32 54.69 14.28
CA THR OA 268 28.21 53.75 14.35
C THR OA 268 27.15 54.26 15.32
N ALA OA 269 25.96 53.69 15.23
CA ALA OA 269 24.82 54.15 16.01
C ALA OA 269 25.02 53.99 17.52
N GLY OA 270 25.86 53.05 17.96
CA GLY OA 270 26.04 52.82 19.38
C GLY OA 270 27.00 53.78 20.04
N VAL OA 271 28.18 53.94 19.44
CA VAL OA 271 29.18 54.84 20.01
C VAL OA 271 28.71 56.29 19.92
N ARG OA 272 27.92 56.62 18.89
CA ARG OA 272 27.35 57.96 18.81
C ARG OA 272 26.48 58.25 20.04
N GLN OA 273 25.56 57.34 20.36
CA GLN OA 273 24.76 57.50 21.56
C GLN OA 273 25.63 57.57 22.81
N ARG OA 274 26.51 56.59 22.99
CA ARG OA 274 27.35 56.55 24.19
C ARG OA 274 28.24 57.78 24.33
N LEU OA 275 28.44 58.54 23.26
CA LEU OA 275 29.15 59.81 23.36
C LEU OA 275 28.24 61.01 23.63
N LEU OA 276 27.11 61.09 22.93
CA LEU OA 276 26.26 62.28 22.97
C LEU OA 276 25.57 62.51 24.31
N HIS OA 277 25.71 61.58 25.27
CA HIS OA 277 25.01 61.71 26.54
C HIS OA 277 25.92 61.84 27.75
N HIS OA 278 27.22 61.62 27.61
CA HIS OA 278 28.10 61.64 28.77
C HIS OA 278 29.43 62.38 28.58
N VAL OA 279 29.85 62.68 27.35
CA VAL OA 279 31.18 63.24 27.15
C VAL OA 279 31.13 64.54 26.35
N LEU OA 280 30.06 64.74 25.58
CA LEU OA 280 29.96 65.88 24.68
C LEU OA 280 28.67 66.65 24.94
N THR OA 281 28.65 67.90 24.51
CA THR OA 281 27.50 68.77 24.60
C THR OA 281 27.16 69.31 23.22
N LEU OA 282 25.88 69.20 22.84
CA LEU OA 282 25.43 69.62 21.52
C LEU OA 282 25.52 71.15 21.42
N ALA OA 283 26.10 71.62 20.30
CA ALA OA 283 26.24 73.05 20.08
C ALA OA 283 24.99 73.63 19.43
N ASP OA 284 24.56 73.04 18.31
CA ASP OA 284 23.34 73.47 17.64
C ASP OA 284 22.73 72.28 16.94
N THR OA 285 21.50 72.47 16.45
CA THR OA 285 20.71 71.40 15.86
C THR OA 285 20.31 71.73 14.42
N HIS OA 286 21.07 72.60 13.76
CA HIS OA 286 20.76 73.02 12.41
C HIS OA 286 22.05 73.39 11.70
N ALA OA 287 21.95 73.58 10.39
CA ALA OA 287 23.10 73.96 9.56
C ALA OA 287 22.58 74.45 8.22
N ASP OA 288 23.44 75.18 7.50
CA ASP OA 288 23.13 75.74 6.19
C ASP OA 288 24.10 75.14 5.18
N VAL OA 289 23.57 74.38 4.22
CA VAL OA 289 24.40 73.64 3.27
C VAL OA 289 24.06 74.08 1.85
N PRO OA 290 24.94 73.88 0.88
CA PRO OA 290 24.61 74.21 -0.52
C PRO OA 290 23.46 73.35 -1.02
N VAL OA 291 22.87 73.81 -2.13
CA VAL OA 291 21.64 73.21 -2.64
C VAL OA 291 21.92 72.40 -3.91
N THR OA 292 23.04 72.67 -4.56
CA THR OA 292 23.36 71.97 -5.80
C THR OA 292 24.87 71.97 -6.01
N TYR OA 293 25.30 71.15 -6.96
CA TYR OA 293 26.71 71.00 -7.24
C TYR OA 293 27.24 72.18 -8.05
N GLY OA 294 28.57 72.27 -8.13
CA GLY OA 294 29.22 73.08 -9.13
C GLY OA 294 29.56 72.22 -10.33
N GLU OA 295 29.71 72.86 -11.48
CA GLU OA 295 29.94 72.14 -12.72
C GLU OA 295 31.23 72.61 -13.37
N MET OA 296 31.75 71.77 -14.26
CA MET OA 296 32.89 72.12 -15.09
C MET OA 296 32.61 71.61 -16.50
N VAL OA 297 32.51 72.53 -17.45
CA VAL OA 297 32.23 72.20 -18.83
C VAL OA 297 33.32 72.83 -19.70
N ILE OA 298 33.75 72.11 -20.72
CA ILE OA 298 34.68 72.64 -21.70
C ILE OA 298 33.91 73.59 -22.60
N ALA OA 299 34.42 74.80 -22.77
CA ALA OA 299 33.64 75.83 -23.45
C ALA OA 299 34.54 76.93 -23.96
N ASN OA 300 34.45 77.19 -25.27
CA ASN OA 300 34.84 78.42 -25.96
C ASN OA 300 36.34 78.71 -25.94
N THR OA 301 37.10 77.98 -25.13
CA THR OA 301 38.55 77.93 -25.31
C THR OA 301 39.09 76.52 -25.21
N ASN OA 302 38.54 75.70 -24.31
CA ASN OA 302 38.98 74.32 -24.18
C ASN OA 302 38.51 73.46 -25.34
N LEU OA 303 37.47 73.90 -26.06
CA LEU OA 303 36.98 73.14 -27.20
C LEU OA 303 38.09 72.96 -28.24
N VAL OA 304 38.63 74.07 -28.75
CA VAL OA 304 39.65 73.99 -29.79
C VAL OA 304 40.89 73.27 -29.26
N THR OA 305 41.24 73.50 -27.99
CA THR OA 305 42.43 72.86 -27.44
C THR OA 305 42.27 71.35 -27.42
N ALA OA 306 41.20 70.87 -26.80
CA ALA OA 306 40.96 69.43 -26.74
C ALA OA 306 40.79 68.83 -28.13
N LEU OA 307 40.34 69.62 -29.11
CA LEU OA 307 40.17 69.08 -30.45
C LEU OA 307 41.52 68.93 -31.17
N VAL OA 308 42.25 70.03 -31.35
CA VAL OA 308 43.47 70.00 -32.16
C VAL OA 308 44.70 69.67 -31.32
N MET OA 309 44.92 70.40 -30.22
CA MET OA 309 46.14 70.18 -29.44
C MET OA 309 46.07 68.88 -28.66
N GLY OA 310 44.91 68.54 -28.15
CA GLY OA 310 44.71 67.29 -27.45
C GLY OA 310 44.77 67.35 -25.94
N LYS OA 311 44.57 68.52 -25.34
CA LYS OA 311 44.62 68.68 -23.90
C LYS OA 311 43.59 69.70 -23.46
N ALA OA 312 43.35 69.74 -22.15
CA ALA OA 312 42.41 70.70 -21.57
C ALA OA 312 42.90 71.08 -20.18
N VAL OA 313 42.30 72.14 -19.64
CA VAL OA 313 42.62 72.67 -18.31
C VAL OA 313 41.34 73.22 -17.70
N SER OA 314 41.23 73.11 -16.37
CA SER OA 314 40.06 73.60 -15.66
C SER OA 314 39.82 75.08 -15.92
N ASN OA 315 40.78 75.92 -15.54
CA ASN OA 315 40.62 77.38 -15.60
C ASN OA 315 41.27 77.99 -16.82
N MET OA 316 41.20 77.32 -17.97
CA MET OA 316 41.83 77.82 -19.19
C MET OA 316 41.34 79.22 -19.54
N ASP OA 317 40.04 79.48 -19.38
CA ASP OA 317 39.52 80.82 -19.64
C ASP OA 317 40.21 81.87 -18.78
N ASP OA 318 40.41 81.56 -17.49
CA ASP OA 318 40.96 82.55 -16.57
C ASP OA 318 42.44 82.80 -16.82
N VAL OA 319 43.20 81.72 -17.04
CA VAL OA 319 44.62 81.90 -17.33
C VAL OA 319 44.82 82.59 -18.67
N ALA OA 320 43.92 82.35 -19.63
CA ALA OA 320 43.96 83.11 -20.87
C ALA OA 320 43.69 84.59 -20.62
N ARG OA 321 42.60 84.91 -19.93
CA ARG OA 321 42.22 86.29 -19.71
C ARG OA 321 43.26 87.05 -18.90
N TYR OA 322 44.01 86.36 -18.03
CA TYR OA 322 45.03 87.07 -17.27
C TYR OA 322 46.35 87.16 -18.05
N LEU OA 323 46.73 86.09 -18.74
CA LEU OA 323 47.96 86.12 -19.52
C LEU OA 323 47.78 86.96 -20.78
N LEU OA 324 46.77 86.64 -21.58
CA LEU OA 324 46.41 87.49 -22.71
C LEU OA 324 45.70 88.74 -22.21
N GLY OA 325 46.28 89.90 -22.48
CA GLY OA 325 45.70 91.16 -22.03
C GLY OA 325 44.34 91.42 -22.61
N GLY OA 326 44.28 91.62 -23.93
CA GLY OA 326 43.02 91.88 -24.61
C GLY OA 326 43.17 92.73 -25.85
N GLY OA 337 22.58 80.63 -2.23
CA GLY OA 337 21.43 79.80 -2.00
C GLY OA 337 21.73 78.57 -1.15
N SER OA 338 21.11 78.51 0.02
CA SER OA 338 21.30 77.38 0.94
C SER OA 338 19.98 77.05 1.60
N ALA OA 339 19.93 75.88 2.21
CA ALA OA 339 18.74 75.40 2.91
C ALA OA 339 19.04 75.28 4.41
N ARG OA 340 17.99 74.99 5.18
CA ARG OA 340 18.08 74.85 6.63
C ARG OA 340 17.67 73.43 7.02
N VAL OA 341 18.62 72.68 7.57
CA VAL OA 341 18.42 71.24 7.79
C VAL OA 341 18.65 70.91 9.25
N ARG OA 342 18.37 69.66 9.64
CA ARG OA 342 18.56 69.19 11.02
C ARG OA 342 19.75 68.23 11.03
N ALA OA 343 20.84 68.67 11.64
CA ALA OA 343 22.02 67.85 11.89
C ALA OA 343 22.53 68.19 13.28
N ASP OA 344 23.47 67.38 13.76
CA ASP OA 344 24.06 67.58 15.08
C ASP OA 344 25.47 68.14 14.90
N LEU OA 345 25.70 69.35 15.41
CA LEU OA 345 27.00 70.00 15.35
C LEU OA 345 27.57 70.07 16.76
N VAL OA 346 28.75 69.49 16.94
CA VAL OA 346 29.38 69.40 18.25
C VAL OA 346 30.69 70.17 18.23
N VAL OA 347 31.20 70.45 19.43
CA VAL OA 347 32.46 71.17 19.60
C VAL OA 347 33.45 70.23 20.27
N VAL OA 348 34.50 69.87 19.54
CA VAL OA 348 35.53 68.96 20.02
C VAL OA 348 36.88 69.63 19.80
N GLY OA 349 37.78 69.50 20.77
CA GLY OA 349 39.04 70.22 20.71
C GLY OA 349 38.80 71.72 20.69
N ASP OA 350 39.02 72.35 19.55
CA ASP OA 350 38.74 73.77 19.37
C ASP OA 350 37.73 74.07 18.28
N ARG OA 351 37.34 73.09 17.47
CA ARG OA 351 36.57 73.33 16.27
C ARG OA 351 35.10 72.94 16.47
N LEU OA 352 34.31 73.19 15.42
CA LEU OA 352 32.89 72.85 15.37
C LEU OA 352 32.69 71.92 14.18
N VAL OA 353 32.56 70.63 14.45
CA VAL OA 353 32.52 69.63 13.39
C VAL OA 353 31.19 68.89 13.41
N PHE OA 354 30.89 68.19 12.31
CA PHE OA 354 29.67 67.40 12.19
C PHE OA 354 29.78 66.13 13.05
N LEU OA 355 28.62 65.52 13.33
CA LEU OA 355 28.57 64.26 14.05
C LEU OA 355 27.33 63.50 13.55
N GLU OA 356 27.55 62.59 12.62
CA GLU OA 356 26.46 61.84 12.00
C GLU OA 356 26.79 60.36 12.01
N ALA OA 357 25.75 59.54 12.09
CA ALA OA 357 25.87 58.08 12.00
C ALA OA 357 24.84 57.59 10.99
N LEU OA 358 25.32 57.03 9.89
CA LEU OA 358 24.48 56.70 8.74
C LEU OA 358 23.97 55.26 8.77
N GLU OA 359 23.81 54.67 9.96
CA GLU OA 359 23.27 53.32 10.03
C GLU OA 359 21.79 53.25 9.71
N LYS OA 360 21.05 54.36 9.87
CA LYS OA 360 19.60 54.36 9.69
C LYS OA 360 19.18 55.00 8.38
N ARG OA 361 19.62 56.24 8.12
CA ARG OA 361 19.26 56.91 6.86
C ARG OA 361 19.70 56.10 5.66
N VAL OA 362 20.91 55.55 5.70
CA VAL OA 362 21.40 54.66 4.67
C VAL OA 362 21.73 53.33 5.34
N TYR OA 363 21.90 52.29 4.52
CA TYR OA 363 22.27 50.94 4.93
C TYR OA 363 21.16 50.22 5.69
N GLN OA 364 20.04 50.87 5.95
CA GLN OA 364 18.89 50.20 6.54
C GLN OA 364 18.06 49.57 5.42
N ALA OA 365 17.47 48.41 5.71
CA ALA OA 365 16.65 47.68 4.74
C ALA OA 365 17.42 47.38 3.45
N THR OA 366 18.67 46.96 3.58
CA THR OA 366 19.49 46.54 2.45
C THR OA 366 20.50 45.50 2.92
N GLN OA 367 21.12 44.84 1.94
CA GLN OA 367 21.93 43.66 2.22
C GLN OA 367 23.42 43.94 2.33
N VAL OA 368 23.84 45.19 2.22
CA VAL OA 368 25.26 45.52 2.30
C VAL OA 368 25.64 45.84 3.74
N PRO OA 369 26.70 45.26 4.28
CA PRO OA 369 27.10 45.58 5.65
C PRO OA 369 27.70 46.97 5.77
N TYR OA 370 27.51 47.56 6.94
CA TYR OA 370 28.11 48.86 7.22
C TYR OA 370 29.63 48.76 7.11
N PRO OA 371 30.30 49.67 6.42
CA PRO OA 371 31.74 49.54 6.22
C PRO OA 371 32.56 50.13 7.36
N LEU OA 372 31.91 50.40 8.50
CA LEU OA 372 32.59 50.96 9.66
C LEU OA 372 32.78 49.96 10.78
N VAL OA 373 32.41 48.71 10.57
CA VAL OA 373 32.66 47.64 11.57
C VAL OA 373 34.04 47.08 11.25
N GLY OA 374 35.05 47.77 11.77
CA GLY OA 374 36.43 47.40 11.50
C GLY OA 374 36.78 46.02 12.02
N ASN OA 375 37.86 45.48 11.46
CA ASN OA 375 38.32 44.13 11.78
C ASN OA 375 39.76 44.20 12.28
N LEU OA 376 39.93 44.08 13.59
CA LEU OA 376 41.27 43.95 14.15
C LEU OA 376 41.80 42.54 13.90
N ASP OA 377 43.12 42.40 14.01
CA ASP OA 377 43.75 41.11 13.73
C ASP OA 377 45.08 41.05 14.46
N VAL OA 378 45.18 40.18 15.45
CA VAL OA 378 46.42 39.95 16.18
C VAL OA 378 46.77 38.48 16.10
N THR OA 379 47.98 38.15 16.56
CA THR OA 379 48.47 36.78 16.57
C THR OA 379 49.08 36.48 17.94
N PHE OA 380 48.41 35.63 18.70
CA PHE OA 380 48.88 35.22 20.01
C PHE OA 380 49.91 34.11 19.88
N VAL OA 381 50.82 34.04 20.85
CA VAL OA 381 51.84 32.99 20.92
C VAL OA 381 51.97 32.56 22.37
N MET OA 382 52.21 31.26 22.58
CA MET OA 382 52.37 30.73 23.93
C MET OA 382 53.33 29.55 23.90
N PRO OA 383 54.22 29.45 24.89
CA PRO OA 383 55.16 28.32 24.91
C PRO OA 383 54.52 27.10 25.53
N LEU OA 384 54.79 25.94 24.91
CA LEU OA 384 54.11 24.71 25.31
C LEU OA 384 54.86 23.93 26.39
N GLY OA 385 56.08 23.50 26.09
CA GLY OA 385 56.77 22.57 26.97
C GLY OA 385 58.12 23.01 27.47
N VAL OA 386 58.29 24.32 27.70
CA VAL OA 386 59.56 24.83 28.21
C VAL OA 386 59.79 24.29 29.63
N PHE OA 387 61.05 24.26 30.04
CA PHE OA 387 61.45 23.80 31.36
C PHE OA 387 62.41 24.82 31.95
N LYS OA 388 61.96 25.53 32.98
CA LYS OA 388 62.77 26.54 33.61
C LYS OA 388 64.04 25.93 34.19
N PRO OA 389 65.14 26.68 34.21
CA PRO OA 389 66.38 26.16 34.82
C PRO OA 389 66.21 25.87 36.30
N ALA OA 390 67.22 25.25 36.92
CA ALA OA 390 67.10 24.80 38.30
C ALA OA 390 66.99 25.95 39.30
N ALA OA 391 67.67 27.07 39.04
CA ALA OA 391 67.65 28.19 39.97
C ALA OA 391 66.32 28.94 39.99
N ASP OA 392 65.36 28.54 39.16
CA ASP OA 392 64.08 29.23 39.08
C ASP OA 392 62.91 28.36 39.51
N ARG OA 393 63.17 27.14 39.99
CA ARG OA 393 62.13 26.28 40.55
C ARG OA 393 62.09 26.51 42.05
N TYR OA 394 61.03 27.15 42.53
CA TYR OA 394 60.93 27.54 43.93
C TYR OA 394 59.51 27.99 44.23
N ALA OA 395 59.03 27.64 45.42
CA ALA OA 395 57.71 28.07 45.85
C ALA OA 395 57.71 29.57 46.16
N ARG OA 396 56.52 30.16 46.18
CA ARG OA 396 56.38 31.56 46.59
C ARG OA 396 56.11 31.65 48.08
N HIS OA 397 55.59 30.57 48.66
CA HIS OA 397 55.33 30.48 50.10
C HIS OA 397 55.54 29.06 50.58
N ALA OA 398 55.72 28.91 51.89
CA ALA OA 398 55.85 27.59 52.48
C ALA OA 398 54.56 26.78 52.29
N GLY OA 399 53.41 27.45 52.34
CA GLY OA 399 52.15 26.79 52.06
C GLY OA 399 51.84 26.81 50.59
N SER OA 400 52.17 25.73 49.90
CA SER OA 400 52.02 25.62 48.46
C SER OA 400 50.67 24.99 48.13
N PHE OA 401 50.49 24.61 46.87
CA PHE OA 401 49.40 23.71 46.49
C PHE OA 401 49.81 22.29 46.91
N ALA OA 402 49.87 22.11 48.23
CA ALA OA 402 50.35 20.84 48.78
C ALA OA 402 49.46 19.70 48.30
N PRO OA 403 50.04 18.58 47.89
CA PRO OA 403 49.24 17.46 47.40
C PRO OA 403 48.64 16.70 48.58
N THR OA 404 47.76 15.76 48.25
CA THR OA 404 47.19 14.90 49.27
C THR OA 404 48.30 14.11 49.95
N PRO OA 405 48.17 13.82 51.25
CA PRO OA 405 49.25 13.12 51.95
C PRO OA 405 49.43 11.69 51.47
N GLY OA 406 50.61 11.38 50.91
CA GLY OA 406 50.94 10.03 50.54
C GLY OA 406 51.12 9.82 49.06
N LEU OA 407 50.96 10.86 48.26
CA LEU OA 407 51.20 10.78 46.83
C LEU OA 407 52.29 11.75 46.44
N PRO OA 408 53.07 11.43 45.41
CA PRO OA 408 54.15 12.33 45.00
C PRO OA 408 53.60 13.64 44.47
N ASP OA 409 54.39 14.69 44.60
CA ASP OA 409 53.97 16.02 44.20
C ASP OA 409 53.91 16.12 42.68
N PRO OA 410 52.73 16.25 42.08
CA PRO OA 410 52.65 16.42 40.62
C PRO OA 410 53.05 17.80 40.15
N ARG OA 411 53.65 18.61 41.01
CA ARG OA 411 53.96 20.00 40.72
C ARG OA 411 55.43 20.27 40.49
N THR OA 412 56.32 19.29 40.67
CA THR OA 412 57.74 19.50 40.46
C THR OA 412 58.25 18.85 39.18
N HIS OA 413 57.38 18.40 38.35
CA HIS OA 413 57.75 17.70 37.13
C HIS OA 413 57.71 18.65 35.93
N PRO OA 414 58.46 18.34 34.88
CA PRO OA 414 58.45 19.19 33.70
C PRO OA 414 57.08 19.20 33.06
N PRO OA 415 56.55 20.38 32.73
CA PRO OA 415 55.19 20.46 32.19
C PRO OA 415 55.07 19.80 30.83
N ARG OA 416 53.84 19.40 30.49
CA ARG OA 416 53.58 18.76 29.22
C ARG OA 416 52.29 19.25 28.58
N ALA OA 417 51.86 20.47 28.94
CA ALA OA 417 50.63 21.03 28.39
C ALA OA 417 50.56 22.51 28.78
N VAL OA 418 49.59 23.20 28.18
CA VAL OA 418 49.28 24.58 28.53
C VAL OA 418 47.76 24.71 28.61
N HIS OA 419 47.32 25.69 29.41
CA HIS OA 419 45.91 25.98 29.58
C HIS OA 419 45.68 27.47 29.40
N PHE OA 420 44.53 27.82 28.83
CA PHE OA 420 44.17 29.21 28.60
C PHE OA 420 42.65 29.29 28.51
N PHE OA 421 42.16 30.48 28.18
CA PHE OA 421 40.72 30.73 28.14
C PHE OA 421 40.23 30.88 26.71
N ASN OA 422 38.98 30.54 26.48
CA ASN OA 422 38.37 30.59 25.16
C ASN OA 422 37.73 31.97 24.97
N LYS OA 423 36.93 32.12 23.90
CA LYS OA 423 36.25 33.37 23.65
C LYS OA 423 35.22 33.67 24.74
N ASP OA 424 34.45 32.67 25.15
CA ASP OA 424 33.44 32.86 26.18
C ASP OA 424 33.98 32.70 27.59
N GLY OA 425 35.12 32.04 27.77
CA GLY OA 425 35.68 31.78 29.07
C GLY OA 425 35.76 30.31 29.45
N VAL OA 426 35.33 29.42 28.56
CA VAL OA 426 35.47 27.98 28.83
C VAL OA 426 36.94 27.60 28.71
N PRO OA 427 37.52 26.93 29.71
CA PRO OA 427 38.95 26.61 29.64
C PRO OA 427 39.22 25.48 28.64
N CYS OA 428 39.89 25.83 27.55
CA CYS OA 428 40.37 24.87 26.58
C CYS OA 428 41.88 24.75 26.73
N HIS OA 429 42.40 23.52 26.60
CA HIS OA 429 43.80 23.26 26.81
C HIS OA 429 44.41 22.60 25.59
N VAL OA 430 45.72 22.81 25.41
CA VAL OA 430 46.49 22.16 24.38
C VAL OA 430 47.59 21.35 25.04
N THR OA 431 47.78 20.12 24.58
CA THR OA 431 48.82 19.23 25.08
C THR OA 431 49.70 18.80 23.91
N PHE OA 432 50.70 17.97 24.21
CA PHE OA 432 51.58 17.44 23.17
C PHE OA 432 50.82 16.60 22.15
N GLU OA 433 49.71 15.99 22.56
CA GLU OA 433 48.95 15.11 21.67
C GLU OA 433 48.50 15.83 20.41
N HIS OA 434 48.14 17.10 20.50
CA HIS OA 434 47.67 17.84 19.32
C HIS OA 434 48.78 18.09 18.32
N ALA OA 435 50.01 17.67 18.59
CA ALA OA 435 51.14 17.98 17.73
C ALA OA 435 51.47 16.87 16.75
N MET OA 436 50.84 15.70 16.87
CA MET OA 436 51.13 14.59 15.96
C MET OA 436 50.96 14.99 14.50
N GLY OA 437 49.92 15.77 14.20
CA GLY OA 437 49.68 16.21 12.84
C GLY OA 437 50.81 17.02 12.22
N THR OA 438 51.84 17.35 12.99
CA THR OA 438 53.01 18.07 12.50
C THR OA 438 54.30 17.31 12.70
N LEU OA 439 54.45 16.60 13.81
CA LEU OA 439 55.65 15.82 14.09
C LEU OA 439 55.53 14.38 13.63
N CYS OA 440 54.44 14.02 12.96
CA CYS OA 440 54.25 12.67 12.38
C CYS OA 440 53.90 12.88 10.91
N HIS OA 441 54.93 13.05 10.09
CA HIS OA 441 54.79 13.30 8.66
C HIS OA 441 56.16 13.16 8.03
N PRO OA 442 56.30 12.41 6.93
CA PRO OA 442 57.62 12.27 6.28
C PRO OA 442 58.34 13.59 6.03
N SER OA 443 57.61 14.71 6.00
CA SER OA 443 58.24 16.02 5.93
C SER OA 443 59.12 16.30 7.14
N PHE OA 444 58.97 15.54 8.22
CA PHE OA 444 59.85 15.67 9.38
C PHE OA 444 61.28 15.26 9.05
N LEU OA 445 61.51 14.55 7.95
CA LEU OA 445 62.83 14.04 7.61
C LEU OA 445 63.21 14.35 6.17
N ASP OA 446 63.04 15.59 5.74
CA ASP OA 446 63.43 16.01 4.40
C ASP OA 446 64.66 16.93 4.52
N VAL OA 447 65.84 16.30 4.57
CA VAL OA 447 67.10 17.03 4.65
C VAL OA 447 67.70 17.24 3.26
N ASP OA 448 66.93 16.99 2.20
CA ASP OA 448 67.49 17.04 0.85
C ASP OA 448 67.88 18.46 0.47
N ALA OA 449 66.91 19.38 0.51
CA ALA OA 449 67.19 20.77 0.14
C ALA OA 449 68.26 21.39 1.02
N THR OA 450 68.22 21.11 2.33
CA THR OA 450 69.23 21.63 3.25
C THR OA 450 70.62 21.15 2.86
N LEU OA 451 70.77 19.84 2.64
CA LEU OA 451 72.08 19.31 2.30
C LEU OA 451 72.58 19.88 0.97
N ALA OA 452 71.72 19.87 -0.05
CA ALA OA 452 72.10 20.41 -1.34
C ALA OA 452 72.38 21.91 -1.30
N ALA OA 453 71.88 22.63 -0.29
CA ALA OA 453 72.13 24.07 -0.19
C ALA OA 453 73.36 24.40 0.66
N LEU OA 454 73.72 23.56 1.63
CA LEU OA 454 74.89 23.84 2.46
C LEU OA 454 76.22 23.47 1.80
N ARG OA 455 76.21 22.85 0.62
CA ARG OA 455 77.44 22.52 -0.08
C ARG OA 455 77.91 23.64 -0.99
N GLN OA 456 77.48 24.88 -0.75
CA GLN OA 456 77.88 25.98 -1.62
C GLN OA 456 79.27 26.50 -1.26
N GLU OA 457 79.61 26.49 0.02
CA GLU OA 457 80.99 26.66 0.44
C GLU OA 457 81.83 25.58 -0.24
N PRO OA 458 83.02 25.90 -0.77
CA PRO OA 458 83.76 24.90 -1.56
C PRO OA 458 84.10 23.63 -0.80
N ALA OA 459 84.87 23.74 0.28
CA ALA OA 459 85.29 22.57 1.05
C ALA OA 459 86.09 23.03 2.26
N GLU OA 460 86.04 22.21 3.32
CA GLU OA 460 86.86 22.41 4.51
C GLU OA 460 86.77 21.20 5.43
N VAL OA 461 87.90 20.77 5.98
CA VAL OA 461 87.92 19.72 6.99
C VAL OA 461 88.89 20.12 8.10
N GLN OA 462 88.35 20.54 9.25
CA GLN OA 462 89.20 21.04 10.32
C GLN OA 462 89.89 19.89 11.05
N CYS OA 463 89.11 19.01 11.66
CA CYS OA 463 89.60 17.77 12.23
C CYS OA 463 88.77 16.63 11.68
N ALA OA 464 89.43 15.53 11.31
CA ALA OA 464 88.77 14.42 10.65
C ALA OA 464 88.87 13.14 11.47
N PHE OA 465 88.65 13.24 12.79
CA PHE OA 465 88.68 12.08 13.67
C PHE OA 465 87.28 11.51 13.87
N GLY OA 466 86.36 12.31 14.40
CA GLY OA 466 85.02 11.84 14.72
C GLY OA 466 84.14 11.56 13.53
N ALA OA 467 84.64 11.72 12.31
CA ALA OA 467 83.83 11.56 11.10
C ALA OA 467 84.55 10.70 10.08
N TYR OA 468 85.20 9.63 10.54
CA TYR OA 468 85.86 8.70 9.62
C TYR OA 468 85.91 7.33 10.25
N VAL OA 469 85.42 6.33 9.53
CA VAL OA 469 85.53 4.93 9.91
C VAL OA 469 86.42 4.24 8.88
N ALA OA 470 87.11 3.20 9.32
CA ALA OA 470 88.01 2.47 8.44
C ALA OA 470 87.96 0.98 8.79
N ASP OA 471 87.95 0.15 7.76
CA ASP OA 471 87.94 -1.30 7.94
C ASP OA 471 89.37 -1.82 7.81
N ALA OA 472 89.86 -2.46 8.86
CA ALA OA 472 91.24 -2.91 8.90
C ALA OA 472 91.34 -4.38 8.48
N ARG OA 473 92.57 -4.87 8.40
CA ARG OA 473 92.87 -6.22 7.95
C ARG OA 473 93.12 -7.14 9.13
N PRO OA 474 93.30 -8.46 8.91
CA PRO OA 474 93.62 -9.36 10.02
C PRO OA 474 95.00 -9.12 10.64
N ASP OA 475 95.42 -10.03 11.52
CA ASP OA 475 96.51 -9.82 12.49
C ASP OA 475 96.09 -8.74 13.49
N ALA OA 476 94.99 -9.02 14.20
CA ALA OA 476 94.15 -8.00 14.80
C ALA OA 476 94.37 -7.87 16.31
N LEU OA 477 93.93 -6.71 16.81
CA LEU OA 477 93.70 -6.33 18.19
C LEU OA 477 94.94 -6.20 19.07
N VAL OA 478 96.14 -6.46 18.55
CA VAL OA 478 97.33 -6.13 19.33
C VAL OA 478 98.20 -5.18 18.53
N GLY OA 479 98.54 -5.55 17.30
CA GLY OA 479 99.18 -4.60 16.41
C GLY OA 479 98.23 -3.56 15.85
N LEU OA 480 96.93 -3.80 15.91
CA LEU OA 480 95.98 -2.84 15.35
C LEU OA 480 95.91 -1.57 16.19
N MET OA 481 95.65 -1.71 17.49
CA MET OA 481 95.64 -0.52 18.34
C MET OA 481 97.05 0.05 18.49
N GLN OA 482 98.07 -0.81 18.52
CA GLN OA 482 99.45 -0.33 18.56
C GLN OA 482 99.74 0.57 17.37
N ARG OA 483 99.27 0.18 16.18
CA ARG OA 483 99.36 1.05 15.02
C ARG OA 483 98.49 2.28 15.17
N PHE OA 484 97.29 2.13 15.74
CA PHE OA 484 96.35 3.24 15.83
C PHE OA 484 96.89 4.38 16.68
N LEU OA 485 97.56 4.07 17.78
CA LEU OA 485 98.01 5.11 18.71
C LEU OA 485 99.16 5.93 18.17
N GLU OA 486 99.53 5.81 16.90
CA GLU OA 486 100.60 6.60 16.34
C GLU OA 486 100.12 7.72 15.42
N GLU OA 487 99.13 7.46 14.58
CA GLU OA 487 98.62 8.46 13.66
C GLU OA 487 97.53 9.33 14.27
N TRP OA 488 97.12 9.04 15.51
CA TRP OA 488 96.12 9.89 16.16
C TRP OA 488 96.60 11.34 16.33
N PRO OA 489 97.84 11.63 16.79
CA PRO OA 489 98.30 13.02 16.81
C PRO OA 489 98.14 13.71 15.46
N GLY OA 490 98.58 13.04 14.40
CA GLY OA 490 98.40 13.58 13.06
C GLY OA 490 96.96 13.64 12.61
N MET OA 491 96.12 12.71 13.08
CA MET OA 491 94.71 12.70 12.72
C MET OA 491 93.90 13.78 13.40
N MET OA 492 94.45 14.44 14.42
CA MET OA 492 93.78 15.51 15.14
C MET OA 492 94.66 16.76 15.07
N PRO OA 493 94.68 17.45 13.93
CA PRO OA 493 95.44 18.70 13.85
C PRO OA 493 94.91 19.76 14.81
N VAL OA 494 93.59 19.78 15.03
CA VAL OA 494 92.97 20.61 16.06
C VAL OA 494 92.10 19.69 16.91
N ARG OA 495 91.52 20.26 17.94
CA ARG OA 495 90.70 19.49 18.87
C ARG OA 495 89.27 19.38 18.36
N PRO OA 496 88.71 18.19 18.25
CA PRO OA 496 87.38 18.03 17.63
C PRO OA 496 86.30 18.73 18.45
N ARG OA 497 85.43 19.45 17.74
CA ARG OA 497 84.44 20.28 18.41
C ARG OA 497 83.33 19.45 19.04
N TRP OA 498 83.14 18.21 18.56
CA TRP OA 498 82.06 17.38 19.09
C TRP OA 498 82.41 16.86 20.48
N ALA OA 499 83.68 16.49 20.71
CA ALA OA 499 84.06 15.90 21.98
C ALA OA 499 83.98 16.93 23.11
N ALA OA 500 84.75 18.00 23.00
CA ALA OA 500 84.64 19.10 23.93
C ALA OA 500 83.42 19.93 23.59
N PRO OA 501 82.35 19.89 24.39
CA PRO OA 501 81.15 20.66 24.06
C PRO OA 501 81.44 22.15 24.09
N ALA OA 502 80.54 22.92 23.51
CA ALA OA 502 80.80 24.36 23.35
C ALA OA 502 80.59 25.10 24.66
N ALA OA 503 79.34 25.17 25.14
CA ALA OA 503 79.00 25.95 26.31
C ALA OA 503 77.53 25.71 26.65
N ALA OA 504 77.01 26.48 27.60
CA ALA OA 504 75.58 26.52 27.85
C ALA OA 504 74.89 27.51 26.92
N ASP OA 505 75.51 28.66 26.67
CA ASP OA 505 74.90 29.70 25.85
C ASP OA 505 75.77 30.19 24.70
N GLN OA 506 77.09 30.09 24.80
CA GLN OA 506 77.97 30.62 23.76
C GLN OA 506 77.77 29.94 22.41
N LEU OA 507 76.97 28.86 22.34
CA LEU OA 507 76.54 28.36 21.04
C LEU OA 507 75.72 29.39 20.29
N LEU OA 508 75.02 30.27 21.02
CA LEU OA 508 74.23 31.33 20.43
C LEU OA 508 74.97 32.65 20.36
N ALA OA 509 76.29 32.63 20.57
CA ALA OA 509 77.09 33.83 20.38
C ALA OA 509 77.08 34.24 18.91
N PRO OA 510 77.21 35.52 18.61
CA PRO OA 510 76.99 35.99 17.24
C PRO OA 510 78.07 35.63 16.24
N GLY OA 511 79.12 34.91 16.62
CA GLY OA 511 80.19 34.67 15.68
C GLY OA 511 80.76 33.26 15.61
N ASN OA 512 80.31 32.38 16.49
CA ASN OA 512 80.89 31.04 16.54
C ASN OA 512 80.53 30.25 15.29
N ALA OA 513 81.26 29.16 15.07
CA ALA OA 513 81.11 28.34 13.88
C ALA OA 513 80.29 27.07 14.15
N ASP OA 514 79.44 27.07 15.17
CA ASP OA 514 78.57 25.94 15.47
C ASP OA 514 77.13 26.18 15.06
N LEU OA 515 76.66 27.42 15.17
CA LEU OA 515 75.30 27.74 14.75
C LEU OA 515 75.11 27.49 13.26
N ARG OA 516 76.18 27.62 12.47
CA ARG OA 516 76.12 27.37 11.04
C ARG OA 516 75.81 25.91 10.71
N LEU OA 517 75.86 25.00 11.69
CA LEU OA 517 75.67 23.58 11.43
C LEU OA 517 74.67 22.91 12.35
N GLU OA 518 73.88 23.66 13.10
CA GLU OA 518 72.81 23.09 13.93
C GLU OA 518 71.51 23.81 13.57
N LEU OA 519 70.75 23.19 12.68
CA LEU OA 519 69.53 23.81 12.15
C LEU OA 519 68.43 22.77 12.02
N HIS OA 520 68.49 21.71 12.81
CA HIS OA 520 67.46 20.68 12.79
C HIS OA 520 67.53 19.84 14.06
N PRO OA 521 66.39 19.58 14.72
CA PRO OA 521 66.41 18.83 15.98
C PRO OA 521 66.57 17.33 15.82
N ALA OA 522 66.78 16.81 14.61
CA ALA OA 522 66.88 15.37 14.44
C ALA OA 522 67.98 14.95 13.47
N PHE OA 523 68.93 15.83 13.15
CA PHE OA 523 69.98 15.52 12.20
C PHE OA 523 71.25 16.28 12.56
N ASP OA 524 72.38 15.60 12.48
CA ASP OA 524 73.68 16.19 12.77
C ASP OA 524 74.38 16.54 11.45
N PHE OA 525 74.96 17.74 11.40
CA PHE OA 525 75.59 18.25 10.20
C PHE OA 525 77.05 18.55 10.50
N PHE OA 526 77.94 17.72 9.98
CA PHE OA 526 79.38 17.87 10.18
C PHE OA 526 80.07 17.78 8.83
N VAL OA 527 81.40 17.86 8.86
CA VAL OA 527 82.23 17.73 7.68
C VAL OA 527 82.78 16.31 7.62
N ALA OA 528 83.15 15.88 6.42
CA ALA OA 528 83.67 14.53 6.21
C ALA OA 528 84.57 14.54 4.99
N PRO OA 529 85.68 13.81 5.02
CA PRO OA 529 86.51 13.68 3.83
C PRO OA 529 85.74 12.99 2.72
N GLU OA 530 85.89 13.50 1.49
CA GLU OA 530 85.10 13.01 0.36
C GLU OA 530 85.64 11.65 -0.06
N VAL OA 531 85.36 10.66 0.79
CA VAL OA 531 85.67 9.26 0.54
C VAL OA 531 84.51 8.43 1.10
N ASP OA 532 84.13 7.39 0.36
CA ASP OA 532 83.13 6.46 0.86
C ASP OA 532 83.65 5.75 2.12
N VAL OA 533 82.72 5.20 2.89
CA VAL OA 533 83.07 4.56 4.15
C VAL OA 533 82.49 3.15 4.19
N PRO OA 534 83.17 2.17 4.81
CA PRO OA 534 84.49 2.33 5.43
C PRO OA 534 85.63 2.23 4.42
N GLY OA 535 86.72 2.96 4.67
CA GLY OA 535 87.81 3.04 3.72
C GLY OA 535 89.11 2.46 4.22
N PRO OA 536 90.23 2.91 3.65
CA PRO OA 536 91.53 2.38 4.05
C PRO OA 536 91.92 2.82 5.44
N PHE OA 537 92.80 2.03 6.07
CA PHE OA 537 93.17 2.29 7.46
C PHE OA 537 94.03 3.54 7.57
N ALA OA 538 94.76 3.91 6.52
CA ALA OA 538 95.50 5.16 6.49
C ALA OA 538 94.58 6.27 6.01
N VAL OA 539 94.72 7.45 6.58
CA VAL OA 539 93.77 8.53 6.31
C VAL OA 539 94.23 9.32 5.10
N PRO OA 540 93.36 9.59 4.13
CA PRO OA 540 93.73 10.39 2.96
C PRO OA 540 93.62 11.88 3.27
N GLN OA 541 93.89 12.70 2.25
CA GLN OA 541 93.95 14.15 2.43
C GLN OA 541 93.05 14.90 1.46
N VAL OA 542 91.91 14.31 1.10
CA VAL OA 542 91.00 14.96 0.17
C VAL OA 542 90.24 16.18 0.67
N MET OA 543 89.55 16.85 -0.24
CA MET OA 543 88.66 17.95 0.17
C MET OA 543 87.43 17.57 0.96
N GLY OA 544 87.04 18.40 1.93
CA GLY OA 544 86.03 18.00 2.88
C GLY OA 544 84.70 18.20 2.17
N GLN OA 545 83.72 17.45 2.63
CA GLN OA 545 82.33 17.58 2.23
C GLN OA 545 81.49 17.85 3.48
N VAL OA 546 80.18 17.82 3.32
CA VAL OA 546 79.25 17.97 4.44
C VAL OA 546 78.25 16.83 4.33
N ARG OA 547 78.29 15.91 5.29
CA ARG OA 547 77.37 14.77 5.29
C ARG OA 547 76.24 15.04 6.29
N ALA OA 548 75.29 14.10 6.36
CA ALA OA 548 74.17 14.22 7.27
C ALA OA 548 73.86 12.85 7.83
N MET OA 549 73.68 12.79 9.16
CA MET OA 549 73.44 11.54 9.83
C MET OA 549 72.36 11.76 10.88
N PRO OA 550 71.31 10.94 10.90
CA PRO OA 550 70.19 11.18 11.80
C PRO OA 550 70.54 10.81 13.23
N ARG OA 551 70.10 11.64 14.18
CA ARG OA 551 70.12 11.26 15.59
C ARG OA 551 69.03 10.22 15.81
N ILE OA 552 69.41 8.95 15.89
CA ILE OA 552 68.42 7.91 16.09
C ILE OA 552 67.77 8.05 17.46
N ILE OA 553 68.50 8.60 18.43
CA ILE OA 553 68.02 8.70 19.80
C ILE OA 553 67.85 10.16 20.17
N ASN OA 554 66.81 10.45 20.94
CA ASN OA 554 66.62 11.78 21.51
C ASN OA 554 67.66 12.13 22.56
N GLY OA 555 68.48 11.17 22.98
CA GLY OA 555 69.54 11.44 23.92
C GLY OA 555 70.70 12.20 23.29
N ASN OA 556 70.90 12.00 21.99
CA ASN OA 556 72.01 12.62 21.28
C ASN OA 556 71.86 14.12 21.10
N ILE OA 557 70.79 14.73 21.62
CA ILE OA 557 70.67 16.18 21.55
C ILE OA 557 71.85 16.82 22.26
N PRO OA 558 72.57 17.75 21.64
CA PRO OA 558 73.70 18.38 22.32
C PRO OA 558 73.25 19.08 23.60
N LEU OA 559 74.10 18.99 24.63
CA LEU OA 559 73.74 19.45 25.96
C LEU OA 559 73.35 20.93 26.00
N ALA OA 560 73.83 21.74 25.06
CA ALA OA 560 73.47 23.15 25.02
C ALA OA 560 71.99 23.37 24.77
N LEU OA 561 71.31 22.41 24.15
CA LEU OA 561 69.89 22.53 23.83
C LEU OA 561 69.04 21.51 24.58
N CYS OA 562 69.63 20.77 25.51
CA CYS OA 562 68.97 19.81 26.37
C CYS OA 562 69.83 19.60 27.61
N PRO OA 563 69.68 20.45 28.62
CA PRO OA 563 70.64 20.43 29.74
C PRO OA 563 70.57 19.15 30.55
N VAL OA 564 71.57 18.97 31.40
CA VAL OA 564 71.60 17.81 32.29
C VAL OA 564 70.45 17.87 33.29
N ASP OA 565 70.03 19.08 33.67
CA ASP OA 565 69.00 19.22 34.69
C ASP OA 565 67.65 18.76 34.17
N PHE OA 566 67.29 19.13 32.94
CA PHE OA 566 66.06 18.63 32.35
C PHE OA 566 66.04 17.11 32.30
N ARG OA 567 67.18 16.50 31.94
CA ARG OA 567 67.23 15.05 31.84
C ARG OA 567 67.04 14.39 33.19
N ASP OA 568 67.75 14.88 34.22
CA ASP OA 568 67.58 14.27 35.54
C ASP OA 568 66.19 14.52 36.10
N ALA OA 569 65.56 15.64 35.75
CA ALA OA 569 64.19 15.91 36.18
C ALA OA 569 63.22 14.93 35.54
N ARG OA 570 63.34 14.74 34.22
CA ARG OA 570 62.52 13.73 33.54
C ARG OA 570 62.71 12.35 34.16
N GLY OA 571 63.97 11.99 34.44
CA GLY OA 571 64.23 10.72 35.09
C GLY OA 571 63.53 10.59 36.42
N PHE OA 572 63.77 11.54 37.32
CA PHE OA 572 63.12 11.51 38.64
C PHE OA 572 61.61 11.45 38.50
N GLU OA 573 61.05 12.12 37.50
CA GLU OA 573 59.62 11.98 37.23
C GLU OA 573 59.26 10.53 36.97
N LEU OA 574 59.94 9.88 36.03
CA LEU OA 574 59.64 8.49 35.74
C LEU OA 574 59.99 7.54 36.90
N SER OA 575 60.89 7.94 37.78
CA SER OA 575 61.44 7.01 38.77
C SER OA 575 60.54 6.83 39.99
N VAL OA 576 59.39 7.47 40.03
CA VAL OA 576 58.50 7.34 41.18
C VAL OA 576 57.82 5.97 41.13
N ASP OA 577 57.78 5.31 42.29
CA ASP OA 577 56.91 4.16 42.57
C ASP OA 577 57.05 3.01 41.56
N ARG OA 578 58.10 2.99 40.74
CA ARG OA 578 58.26 1.89 39.79
C ARG OA 578 59.17 0.79 40.35
N HIS OA 579 60.41 1.13 40.68
CA HIS OA 579 61.27 0.22 41.42
C HIS OA 579 62.45 1.02 41.97
N ARG OA 580 62.89 0.65 43.17
CA ARG OA 580 63.98 1.34 43.84
C ARG OA 580 65.10 0.36 44.16
N LEU OA 581 66.31 0.90 44.28
CA LEU OA 581 67.46 0.12 44.71
C LEU OA 581 67.66 0.36 46.20
N ALA OA 582 67.74 -0.73 46.96
CA ALA OA 582 67.95 -0.61 48.40
C ALA OA 582 69.28 0.07 48.69
N PRO OA 583 69.39 0.80 49.80
CA PRO OA 583 70.65 1.47 50.11
C PRO OA 583 71.82 0.52 50.25
N ALA OA 584 71.61 -0.67 50.83
CA ALA OA 584 72.67 -1.65 50.92
C ALA OA 584 73.18 -2.07 49.54
N THR OA 585 72.25 -2.34 48.61
CA THR OA 585 72.63 -2.74 47.27
C THR OA 585 73.48 -1.69 46.58
N VAL OA 586 73.02 -0.43 46.60
CA VAL OA 586 73.76 0.63 45.90
C VAL OA 586 75.09 0.88 46.59
N ALA OA 587 75.13 0.83 47.92
CA ALA OA 587 76.40 0.98 48.63
C ALA OA 587 77.40 -0.09 48.19
N ALA OA 588 76.98 -1.36 48.20
CA ALA OA 588 77.87 -2.44 47.84
C ALA OA 588 78.35 -2.32 46.40
N VAL OA 589 77.42 -2.08 45.47
CA VAL OA 589 77.79 -2.04 44.06
C VAL OA 589 78.70 -0.86 43.75
N ARG OA 590 78.38 0.31 44.32
CA ARG OA 590 79.24 1.48 44.13
C ARG OA 590 80.62 1.24 44.72
N GLY OA 591 80.70 0.68 45.92
CA GLY OA 591 81.99 0.38 46.50
C GLY OA 591 82.79 -0.58 45.64
N ALA OA 592 82.12 -1.58 45.06
CA ALA OA 592 82.80 -2.50 44.15
C ALA OA 592 83.38 -1.78 42.95
N PHE OA 593 82.53 -0.98 42.26
CA PHE OA 593 83.00 -0.28 41.07
C PHE OA 593 84.07 0.76 41.41
N ARG OA 594 84.09 1.24 42.65
CA ARG OA 594 85.06 2.24 43.08
C ARG OA 594 86.29 1.63 43.74
N ASP OA 595 86.25 0.34 44.04
CA ASP OA 595 87.40 -0.34 44.65
C ASP OA 595 88.62 -0.19 43.74
N ALA OA 596 89.72 0.27 44.30
CA ALA OA 596 90.94 0.47 43.52
C ALA OA 596 91.78 -0.80 43.44
N ASN OA 597 91.67 -1.70 44.42
CA ASN OA 597 92.46 -2.93 44.45
C ASN OA 597 91.58 -4.17 44.27
N TYR OA 598 90.65 -4.11 43.32
CA TYR OA 598 89.90 -5.28 42.93
C TYR OA 598 90.84 -6.45 42.66
N PRO OA 599 90.63 -7.60 43.28
CA PRO OA 599 91.58 -8.71 43.12
C PRO OA 599 91.58 -9.26 41.71
N MET OA 600 92.77 -9.25 41.10
CA MET OA 600 92.92 -9.69 39.72
C MET OA 600 92.44 -11.12 39.49
N VAL OA 601 92.46 -11.96 40.52
CA VAL OA 601 92.01 -13.35 40.36
C VAL OA 601 90.56 -13.40 39.89
N PHE OA 602 89.77 -12.39 40.23
CA PHE OA 602 88.39 -12.34 39.76
C PHE OA 602 88.34 -12.14 38.25
N TYR OA 603 89.13 -11.19 37.73
CA TYR OA 603 89.22 -11.00 36.28
C TYR OA 603 89.76 -12.25 35.60
N ILE OA 604 90.68 -12.97 36.26
CA ILE OA 604 91.23 -14.19 35.68
C ILE OA 604 90.14 -15.25 35.56
N ILE OA 605 89.40 -15.49 36.64
CA ILE OA 605 88.31 -16.47 36.62
C ILE OA 605 87.28 -16.08 35.58
N GLU OA 606 86.98 -14.77 35.47
CA GLU OA 606 86.06 -14.29 34.45
C GLU OA 606 86.54 -14.65 33.06
N ALA OA 607 87.69 -14.11 32.64
CA ALA OA 607 88.23 -14.38 31.32
C ALA OA 607 88.38 -15.88 31.05
N VAL OA 608 88.49 -16.68 32.11
CA VAL OA 608 88.47 -18.13 31.94
C VAL OA 608 87.08 -18.62 31.58
N ILE OA 609 86.04 -18.16 32.29
CA ILE OA 609 84.69 -18.64 32.04
C ILE OA 609 84.20 -18.19 30.66
N HIS OA 610 84.47 -16.95 30.29
CA HIS OA 610 84.08 -16.35 29.01
C HIS OA 610 82.65 -16.69 28.62
N GLY OA 611 81.74 -16.55 29.57
CA GLY OA 611 80.32 -16.65 29.31
C GLY OA 611 79.80 -18.04 29.01
N SER OA 612 80.62 -19.08 29.14
CA SER OA 612 80.15 -20.43 28.90
C SER OA 612 79.15 -20.85 29.97
N GLU OA 613 78.57 -22.03 29.79
CA GLU OA 613 77.57 -22.56 30.70
C GLU OA 613 78.03 -23.81 31.44
N ARG OA 614 78.66 -24.74 30.73
CA ARG OA 614 79.22 -25.91 31.42
C ARG OA 614 80.30 -25.49 32.41
N THR OA 615 81.20 -24.60 31.99
CA THR OA 615 82.34 -24.23 32.83
C THR OA 615 81.90 -23.54 34.10
N PHE OA 616 80.84 -22.73 34.03
CA PHE OA 616 80.38 -22.04 35.24
C PHE OA 616 79.78 -23.01 36.24
N CYS OA 617 78.88 -23.89 35.79
CA CYS OA 617 78.33 -24.88 36.72
C CYS OA 617 79.42 -25.80 37.25
N ALA OA 618 80.51 -25.97 36.50
CA ALA OA 618 81.64 -26.74 37.02
C ALA OA 618 82.38 -25.97 38.10
N LEU OA 619 82.64 -24.69 37.88
CA LEU OA 619 83.42 -23.87 38.81
C LEU OA 619 82.58 -23.27 39.94
N ALA OA 620 81.28 -23.59 39.98
CA ALA OA 620 80.35 -23.12 41.01
C ALA OA 620 80.95 -23.08 42.40
N ARG OA 621 81.67 -24.14 42.80
CA ARG OA 621 82.26 -24.19 44.14
C ARG OA 621 83.23 -23.04 44.35
N LEU OA 622 84.19 -22.87 43.44
CA LEU OA 622 85.18 -21.80 43.61
C LEU OA 622 84.54 -20.43 43.51
N VAL OA 623 83.56 -20.28 42.63
CA VAL OA 623 82.85 -18.99 42.52
C VAL OA 623 82.15 -18.67 43.83
N ALA OA 624 81.50 -19.65 44.44
CA ALA OA 624 80.85 -19.44 45.72
C ALA OA 624 81.88 -19.06 46.79
N GLN OA 625 83.01 -19.77 46.82
CA GLN OA 625 84.05 -19.47 47.80
C GLN OA 625 84.54 -18.04 47.65
N CYS OA 626 84.80 -17.60 46.42
CA CYS OA 626 85.34 -16.27 46.21
C CYS OA 626 84.33 -15.19 46.57
N ILE OA 627 83.07 -15.36 46.15
CA ILE OA 627 82.03 -14.39 46.51
C ILE OA 627 81.91 -14.30 48.03
N GLN OA 628 81.86 -15.46 48.70
CA GLN OA 628 81.75 -15.49 50.15
C GLN OA 628 82.91 -14.76 50.82
N SER OA 629 84.13 -15.05 50.38
CA SER OA 629 85.30 -14.44 51.00
C SER OA 629 85.31 -12.93 50.77
N TYR OA 630 85.07 -12.49 49.54
CA TYR OA 630 85.04 -11.06 49.27
C TYR OA 630 83.97 -10.35 50.08
N TRP OA 631 82.81 -10.99 50.26
CA TRP OA 631 81.77 -10.38 51.08
C TRP OA 631 82.22 -10.25 52.53
N ARG OA 632 82.64 -11.36 53.15
CA ARG OA 632 83.02 -11.29 54.56
C ARG OA 632 84.31 -10.51 54.79
N ASN OA 633 85.02 -10.12 53.73
CA ASN OA 633 86.24 -9.32 53.88
C ASN OA 633 86.06 -7.84 53.57
N THR OA 634 85.13 -7.47 52.69
CA THR OA 634 85.00 -6.06 52.31
C THR OA 634 83.57 -5.56 52.29
N HIS OA 635 82.56 -6.43 52.31
CA HIS OA 635 81.15 -6.05 52.24
C HIS OA 635 80.81 -5.41 50.89
N ASN OA 636 81.32 -6.01 49.82
CA ASN OA 636 81.00 -5.60 48.46
C ASN OA 636 80.48 -6.78 47.66
N ALA OA 637 80.26 -6.59 46.37
CA ALA OA 637 79.87 -7.66 45.47
C ALA OA 637 81.02 -7.96 44.52
N ALA OA 638 80.87 -9.04 43.75
CA ALA OA 638 81.91 -9.48 42.84
C ALA OA 638 81.30 -9.91 41.52
N PHE OA 639 82.12 -9.87 40.47
CA PHE OA 639 81.73 -10.22 39.10
C PHE OA 639 80.56 -9.38 38.60
N VAL OA 640 80.24 -8.28 39.28
CA VAL OA 640 79.15 -7.41 38.82
C VAL OA 640 79.48 -6.68 37.54
N ASN OA 641 80.74 -6.72 37.08
CA ASN OA 641 81.08 -6.17 35.78
C ASN OA 641 80.44 -6.99 34.67
N ASN OA 642 80.68 -8.30 34.66
CA ASN OA 642 80.05 -9.18 33.69
C ASN OA 642 78.57 -9.35 34.02
N PHE OA 643 77.76 -9.55 32.97
CA PHE OA 643 76.32 -9.69 33.11
C PHE OA 643 75.88 -11.16 33.16
N TYR OA 644 76.39 -11.99 32.24
CA TYR OA 644 76.06 -13.40 32.29
C TYR OA 644 76.47 -14.01 33.62
N MET OA 645 77.55 -13.50 34.23
CA MET OA 645 77.98 -14.02 35.51
C MET OA 645 77.00 -13.68 36.61
N VAL OA 646 76.60 -12.41 36.71
CA VAL OA 646 75.64 -12.02 37.74
C VAL OA 646 74.29 -12.68 37.50
N MET OA 647 74.00 -13.07 36.26
CA MET OA 647 72.78 -13.83 36.00
C MET OA 647 72.91 -15.25 36.54
N TYR OA 648 73.98 -15.96 36.14
CA TYR OA 648 74.18 -17.32 36.60
C TYR OA 648 74.26 -17.41 38.12
N ILE OA 649 74.78 -16.36 38.77
CA ILE OA 649 74.90 -16.34 40.22
C ILE OA 649 73.55 -16.61 40.87
N ASN OA 650 72.57 -15.73 40.61
CA ASN OA 650 71.25 -15.91 41.17
C ASN OA 650 70.47 -17.04 40.49
N THR OA 651 70.91 -17.49 39.32
CA THR OA 651 70.21 -18.60 38.67
C THR OA 651 70.49 -19.92 39.35
N TYR OA 652 71.75 -20.18 39.70
CA TYR OA 652 72.15 -21.46 40.28
C TYR OA 652 72.50 -21.38 41.75
N LEU OA 653 73.39 -20.46 42.14
CA LEU OA 653 73.77 -20.36 43.55
C LEU OA 653 72.57 -19.99 44.40
N GLY OA 654 72.02 -18.80 44.21
CA GLY OA 654 70.76 -18.39 44.79
C GLY OA 654 70.56 -18.75 46.24
N ASN OA 655 69.63 -19.67 46.49
CA ASN OA 655 69.31 -20.17 47.82
C ASN OA 655 70.40 -21.06 48.39
N GLY OA 656 71.50 -21.25 47.68
CA GLY OA 656 72.51 -22.22 48.11
C GLY OA 656 73.57 -21.68 49.03
N GLU OA 657 74.83 -21.80 48.62
CA GLU OA 657 75.96 -21.55 49.50
C GLU OA 657 76.14 -20.08 49.86
N LEU OA 658 75.37 -19.19 49.25
CA LEU OA 658 75.55 -17.78 49.52
C LEU OA 658 74.75 -17.36 50.75
N PRO OA 659 75.25 -16.39 51.52
CA PRO OA 659 74.47 -15.88 52.65
C PRO OA 659 73.25 -15.11 52.15
N GLU OA 660 72.24 -15.03 53.01
CA GLU OA 660 71.02 -14.32 52.64
C GLU OA 660 71.31 -12.87 52.26
N ASP OA 661 71.98 -12.13 53.15
CA ASP OA 661 72.22 -10.72 52.93
C ASP OA 661 73.08 -10.43 51.69
N CYS OA 662 73.78 -11.43 51.16
CA CYS OA 662 74.64 -11.22 50.00
C CYS OA 662 73.88 -11.46 48.70
N ALA OA 663 73.14 -12.57 48.59
CA ALA OA 663 72.34 -12.83 47.41
C ALA OA 663 71.29 -11.74 47.18
N ALA OA 664 70.97 -10.96 48.22
CA ALA OA 664 70.02 -9.86 48.06
C ALA OA 664 70.43 -8.92 46.93
N VAL OA 665 71.72 -8.58 46.85
CA VAL OA 665 72.16 -7.65 45.81
C VAL OA 665 72.13 -8.32 44.44
N TYR OA 666 72.51 -9.60 44.39
CA TYR OA 666 72.50 -10.31 43.12
C TYR OA 666 71.09 -10.66 42.66
N LYS OA 667 70.08 -10.41 43.49
CA LYS OA 667 68.69 -10.49 43.04
C LYS OA 667 68.09 -9.12 42.74
N ASP OA 668 68.46 -8.09 43.51
CA ASP OA 668 67.91 -6.76 43.28
C ASP OA 668 68.50 -6.14 42.01
N LEU OA 669 69.80 -6.31 41.78
CA LEU OA 669 70.41 -5.79 40.57
C LEU OA 669 69.79 -6.40 39.32
N LEU OA 670 69.17 -7.56 39.43
CA LEU OA 670 68.50 -8.23 38.31
C LEU OA 670 67.04 -7.82 38.18
N GLU OA 671 66.32 -7.76 39.30
CA GLU OA 671 64.93 -7.31 39.23
C GLU OA 671 64.83 -5.84 38.84
N HIS OA 672 65.87 -5.03 39.11
CA HIS OA 672 65.87 -3.67 38.58
C HIS OA 672 65.96 -3.67 37.06
N VAL OA 673 66.79 -4.54 36.50
CA VAL OA 673 66.83 -4.72 35.05
C VAL OA 673 65.47 -5.16 34.52
N HIS OA 674 64.79 -6.03 35.26
CA HIS OA 674 63.45 -6.47 34.85
C HIS OA 674 62.46 -5.31 34.85
N ALA OA 675 62.51 -4.46 35.88
CA ALA OA 675 61.65 -3.29 35.92
C ALA OA 675 61.94 -2.36 34.75
N LEU OA 676 63.21 -2.17 34.43
CA LEU OA 676 63.57 -1.37 33.27
C LEU OA 676 63.02 -1.97 31.98
N ARG OA 677 63.04 -3.30 31.87
CA ARG OA 677 62.48 -3.96 30.70
C ARG OA 677 60.98 -3.74 30.62
N ARG OA 678 60.30 -3.76 31.76
CA ARG OA 678 58.85 -3.56 31.76
C ARG OA 678 58.49 -2.12 31.43
N LEU OA 679 59.36 -1.17 31.80
CA LEU OA 679 59.09 0.25 31.54
C LEU OA 679 58.85 0.50 30.07
N ILE OA 680 59.78 0.08 29.21
CA ILE OA 680 59.72 0.38 27.79
C ILE OA 680 58.56 -0.37 27.15
N GLY OA 681 57.97 -1.33 27.87
CA GLY OA 681 56.81 -2.03 27.38
C GLY OA 681 55.53 -1.28 27.68
N GLU OA 682 55.58 -0.38 28.66
CA GLU OA 682 54.47 0.48 29.03
C GLU OA 682 54.55 1.85 28.34
N PHE OA 683 55.29 1.93 27.24
CA PHE OA 683 55.28 3.15 26.46
C PHE OA 683 55.15 2.84 24.97
N THR OA 684 54.35 1.83 24.64
CA THR OA 684 54.10 1.44 23.25
C THR OA 684 52.62 1.12 23.10
N LEU OA 685 51.94 1.86 22.25
CA LEU OA 685 50.60 1.50 21.86
C LEU OA 685 50.63 0.19 21.06
N PRO OA 686 49.68 -0.71 21.30
CA PRO OA 686 49.60 -1.93 20.48
C PRO OA 686 49.34 -1.59 19.03
N GLY OA 687 49.97 -2.37 18.14
CA GLY OA 687 49.92 -2.07 16.73
C GLY OA 687 49.92 -3.28 15.82
N ASP OA 688 50.86 -3.30 14.88
CA ASP OA 688 51.05 -4.37 13.93
C ASP OA 688 52.51 -4.34 13.49
N PRO OA 689 53.13 -5.50 13.26
CA PRO OA 689 54.51 -5.51 12.75
C PRO OA 689 54.65 -4.72 11.46
N LEU OA 690 55.34 -3.58 11.51
CA LEU OA 690 55.40 -2.70 10.35
C LEU OA 690 56.48 -3.14 9.37
N GLY OA 691 57.74 -3.12 9.80
CA GLY OA 691 58.84 -3.49 8.95
C GLY OA 691 59.28 -4.91 9.20
N ASN OA 692 58.30 -5.81 9.33
CA ASN OA 692 58.55 -7.17 9.81
C ASN OA 692 59.24 -7.14 11.16
N GLN OA 693 58.75 -6.26 12.04
CA GLN OA 693 59.34 -5.95 13.31
C GLN OA 693 58.25 -5.41 14.22
N PRO OA 694 58.11 -5.92 15.44
CA PRO OA 694 57.10 -5.40 16.35
C PRO OA 694 57.30 -3.92 16.62
N GLN OA 695 56.21 -3.22 16.94
CA GLN OA 695 56.24 -1.78 17.10
C GLN OA 695 57.20 -1.35 18.20
N GLU OA 696 57.33 -2.15 19.26
CA GLU OA 696 58.18 -1.77 20.39
C GLU OA 696 59.61 -1.53 19.97
N GLU OA 697 60.10 -2.27 18.97
CA GLU OA 697 61.47 -2.05 18.50
C GLU OA 697 61.58 -0.72 17.76
N LEU OA 698 60.48 -0.23 17.18
CA LEU OA 698 60.49 1.08 16.54
C LEU OA 698 60.41 2.22 17.55
N ASN OA 699 59.72 2.02 18.68
CA ASN OA 699 59.62 3.07 19.69
C ASN OA 699 60.95 3.24 20.41
N HIS OA 700 61.39 2.21 21.11
CA HIS OA 700 62.67 2.28 21.81
C HIS OA 700 63.80 1.97 20.83
N ALA OA 701 65.04 2.16 21.29
CA ALA OA 701 66.21 1.83 20.51
C ALA OA 701 66.96 0.62 21.05
N LEU OA 702 67.02 0.46 22.38
CA LEU OA 702 67.72 -0.68 22.97
C LEU OA 702 66.98 -1.99 22.73
N ALA OA 703 65.64 -1.97 22.75
CA ALA OA 703 64.88 -3.18 22.53
C ALA OA 703 65.09 -3.77 21.14
N ASP OA 704 65.54 -2.96 20.18
CA ASP OA 704 65.70 -3.40 18.80
C ASP OA 704 66.70 -4.54 18.71
N ALA OA 705 66.74 -5.18 17.54
CA ALA OA 705 67.57 -6.36 17.34
C ALA OA 705 68.77 -6.11 16.45
N THR OA 706 68.85 -4.97 15.77
CA THR OA 706 69.97 -4.66 14.89
C THR OA 706 71.08 -3.90 15.58
N LEU OA 707 71.00 -3.71 16.89
CA LEU OA 707 72.03 -3.02 17.65
C LEU OA 707 72.74 -4.03 18.54
N LEU OA 708 73.98 -4.36 18.17
CA LEU OA 708 74.72 -5.34 18.95
C LEU OA 708 75.06 -4.77 20.32
N PRO OA 709 74.90 -5.57 21.38
CA PRO OA 709 75.42 -5.17 22.69
C PRO OA 709 76.92 -4.91 22.59
N PRO OA 710 77.47 -4.08 23.48
CA PRO OA 710 78.90 -3.76 23.37
C PRO OA 710 79.80 -4.98 23.51
N LEU OA 711 79.44 -5.92 24.37
CA LEU OA 711 80.22 -7.14 24.59
C LEU OA 711 79.30 -8.34 24.36
N ILE OA 712 79.71 -9.23 23.47
CA ILE OA 712 79.01 -10.49 23.26
C ILE OA 712 79.86 -11.61 23.83
N TRP OA 713 79.22 -12.77 24.02
CA TRP OA 713 79.90 -13.95 24.53
C TRP OA 713 79.74 -15.17 23.65
N ASP OA 714 78.81 -15.16 22.71
CA ASP OA 714 78.64 -16.23 21.74
C ASP OA 714 77.96 -15.65 20.51
N CYS OA 715 77.63 -16.51 19.55
CA CYS OA 715 77.01 -16.07 18.30
C CYS OA 715 75.52 -15.76 18.45
N ASP OA 716 75.01 -15.71 19.69
CA ASP OA 716 73.58 -15.54 19.88
C ASP OA 716 73.03 -14.27 19.21
N PRO OA 717 73.50 -13.07 19.52
CA PRO OA 717 72.88 -11.87 18.92
C PRO OA 717 73.05 -11.79 17.42
N ILE OA 718 73.97 -12.54 16.83
CA ILE OA 718 74.14 -12.54 15.38
C ILE OA 718 73.12 -13.44 14.70
N LEU OA 719 72.75 -14.56 15.34
CA LEU OA 719 71.77 -15.48 14.74
C LEU OA 719 70.42 -14.83 14.57
N TYR OA 720 69.96 -14.09 15.59
CA TYR OA 720 68.69 -13.37 15.48
C TYR OA 720 68.79 -12.16 14.57
N ARG OA 721 70.00 -11.78 14.17
CA ARG OA 721 70.18 -10.52 13.45
C ARG OA 721 69.88 -10.66 11.96
N ASP OA 722 70.52 -11.63 11.30
CA ASP OA 722 70.41 -11.77 9.85
C ASP OA 722 68.97 -11.95 9.37
N GLY OA 723 68.04 -12.30 10.24
CA GLY OA 723 66.67 -12.52 9.87
C GLY OA 723 65.95 -11.29 9.36
N LEU OA 724 66.59 -10.11 9.40
CA LEU OA 724 65.97 -8.87 8.92
C LEU OA 724 66.73 -8.39 7.69
N ALA OA 725 66.27 -8.84 6.53
CA ALA OA 725 66.84 -8.41 5.26
C ALA OA 725 66.17 -7.16 4.71
N GLU OA 726 65.32 -6.50 5.49
CA GLU OA 726 64.60 -5.32 4.98
C GLU OA 726 65.52 -4.11 4.94
N ARG OA 727 66.18 -3.80 6.06
CA ARG OA 727 67.27 -2.82 6.09
C ARG OA 727 68.56 -3.62 6.16
N LEU OA 728 69.30 -3.66 5.05
CA LEU OA 728 70.40 -4.58 4.85
C LEU OA 728 71.44 -4.50 5.97
N PRO OA 729 71.53 -5.52 6.82
CA PRO OA 729 72.59 -5.56 7.83
C PRO OA 729 73.81 -6.29 7.32
N GLU OA 730 74.98 -5.71 7.60
CA GLU OA 730 76.25 -6.32 7.24
C GLU OA 730 77.08 -6.43 8.50
N LEU OA 731 77.79 -7.55 8.64
CA LEU OA 731 78.70 -7.77 9.76
C LEU OA 731 80.07 -8.13 9.21
N ARG OA 732 81.07 -7.33 9.55
CA ARG OA 732 82.43 -7.49 9.03
C ARG OA 732 83.36 -7.73 10.20
N VAL OA 733 83.64 -8.99 10.50
CA VAL OA 733 84.61 -9.36 11.53
C VAL OA 733 85.98 -9.35 10.85
N ASN OA 734 86.63 -8.18 10.88
CA ASN OA 734 87.93 -7.93 10.29
C ASN OA 734 87.91 -7.99 8.77
N GLY OA 735 86.76 -8.27 8.16
CA GLY OA 735 86.66 -8.36 6.71
C GLY OA 735 86.02 -9.65 6.26
N ALA OA 736 86.36 -10.75 6.92
CA ALA OA 736 85.68 -12.01 6.66
C ALA OA 736 84.24 -11.92 7.15
N HIS OA 737 83.35 -12.68 6.51
CA HIS OA 737 81.93 -12.59 6.88
C HIS OA 737 81.76 -13.04 8.33
N PHE OA 738 81.92 -14.34 8.56
CA PHE OA 738 82.29 -14.97 9.83
C PHE OA 738 82.21 -16.47 9.59
N GLN OA 739 82.72 -17.25 10.55
CA GLN OA 739 82.69 -18.70 10.46
C GLN OA 739 82.30 -19.27 11.82
N HIS OA 740 81.10 -19.85 11.89
CA HIS OA 740 80.52 -20.34 13.14
C HIS OA 740 81.21 -21.66 13.51
N ILE OA 741 82.40 -21.53 14.09
CA ILE OA 741 83.12 -22.69 14.59
C ILE OA 741 82.59 -23.05 15.96
N LEU OA 742 82.44 -24.35 16.21
CA LEU OA 742 81.92 -24.82 17.49
C LEU OA 742 83.06 -24.79 18.51
N TRP OA 743 82.85 -25.44 19.65
CA TRP OA 743 83.84 -25.46 20.71
C TRP OA 743 85.17 -26.01 20.22
N VAL OA 744 86.23 -25.66 20.93
CA VAL OA 744 87.57 -26.15 20.65
C VAL OA 744 88.16 -26.73 21.93
N GLU OA 745 89.14 -27.61 21.76
CA GLU OA 745 89.76 -28.31 22.88
C GLU OA 745 91.26 -28.00 22.91
N MET OA 746 91.96 -28.68 23.82
CA MET OA 746 93.39 -28.43 24.00
C MET OA 746 94.19 -28.77 22.74
N ALA OA 747 93.79 -29.80 22.01
CA ALA OA 747 94.57 -30.28 20.87
C ALA OA 747 94.77 -29.17 19.84
N GLN OA 748 93.68 -28.59 19.35
CA GLN OA 748 93.72 -27.53 18.36
C GLN OA 748 93.31 -26.23 19.03
N VAL OA 749 94.24 -25.27 19.08
CA VAL OA 749 94.00 -23.97 19.70
C VAL OA 749 94.25 -22.83 18.71
N ASN OA 750 95.45 -22.78 18.13
CA ASN OA 750 95.82 -21.77 17.15
C ASN OA 750 95.60 -20.36 17.70
N PHE OA 751 96.39 -20.04 18.73
CA PHE OA 751 96.24 -18.79 19.45
C PHE OA 751 96.65 -17.59 18.60
N ARG OA 752 96.98 -17.81 17.33
CA ARG OA 752 97.41 -16.74 16.45
C ARG OA 752 96.55 -16.65 15.19
N ASN OA 753 95.51 -17.46 15.07
CA ASN OA 753 94.65 -17.42 13.91
C ASN OA 753 93.92 -16.07 13.85
N VAL OA 754 93.86 -15.49 12.66
CA VAL OA 754 93.37 -14.12 12.54
C VAL OA 754 92.28 -14.03 11.48
N GLY OA 755 91.81 -15.19 11.02
CA GLY OA 755 90.67 -15.21 10.12
C GLY OA 755 89.40 -14.83 10.82
N GLY OA 756 88.30 -14.84 10.07
CA GLY OA 756 87.02 -14.56 10.68
C GLY OA 756 86.42 -15.82 11.26
N GLY OA 757 86.62 -16.03 12.56
CA GLY OA 757 86.15 -17.21 13.23
C GLY OA 757 85.72 -16.91 14.65
N LEU OA 758 84.48 -17.29 14.98
CA LEU OA 758 83.87 -16.93 16.26
C LEU OA 758 83.61 -18.20 17.05
N VAL OA 759 84.25 -18.31 18.21
CA VAL OA 759 84.16 -19.51 19.04
C VAL OA 759 82.83 -19.45 19.79
N HIS OA 760 81.83 -20.17 19.29
CA HIS OA 760 80.55 -20.31 19.97
C HIS OA 760 80.78 -21.27 21.13
N ASN OA 761 81.30 -20.72 22.22
CA ASN OA 761 81.86 -21.50 23.33
C ASN OA 761 80.91 -22.60 23.78
N ARG OA 762 81.34 -23.85 23.56
CA ARG OA 762 80.54 -25.06 23.83
C ARG OA 762 79.12 -24.82 23.34
N PRO OA 763 78.88 -24.84 22.01
CA PRO OA 763 77.62 -24.34 21.45
C PRO OA 763 76.37 -24.85 22.14
N VAL OA 764 76.49 -25.98 22.82
CA VAL OA 764 75.36 -26.61 23.49
C VAL OA 764 75.76 -26.93 24.92
N ARG OA 765 74.74 -26.98 25.80
CA ARG OA 765 74.91 -27.67 27.07
C ARG OA 765 74.63 -29.15 26.91
N ASN OA 766 73.64 -29.51 26.10
CA ASN OA 766 73.20 -30.88 25.91
C ASN OA 766 73.21 -31.35 24.47
N GLU OA 767 72.66 -30.54 23.56
CA GLU OA 767 72.11 -31.06 22.31
C GLU OA 767 73.19 -31.59 21.36
N ASN OA 768 74.16 -30.73 21.02
CA ASN OA 768 75.11 -31.00 19.94
C ASN OA 768 74.38 -31.16 18.61
N GLN OA 769 73.52 -30.20 18.31
CA GLN OA 769 72.75 -30.13 17.08
C GLN OA 769 73.14 -28.90 16.29
N PRO OA 770 73.05 -28.94 14.97
CA PRO OA 770 73.74 -27.93 14.14
C PRO OA 770 73.04 -26.58 14.16
N LEU OA 771 73.84 -25.52 14.39
CA LEU OA 771 73.52 -24.15 14.00
C LEU OA 771 72.23 -23.66 14.66
N HIS OA 772 72.21 -23.76 15.99
CA HIS OA 772 71.06 -23.32 16.77
C HIS OA 772 71.57 -22.65 18.03
N PRO OA 773 71.07 -21.45 18.36
CA PRO OA 773 71.52 -20.74 19.55
C PRO OA 773 70.98 -21.40 20.81
N HIS OA 774 71.35 -20.84 21.97
CA HIS OA 774 70.98 -21.40 23.25
C HIS OA 774 70.46 -20.33 24.21
N HIS OA 775 69.77 -19.33 23.69
CA HIS OA 775 69.10 -18.30 24.48
C HIS OA 775 68.04 -17.65 23.62
N ASP OA 776 67.01 -17.11 24.26
CA ASP OA 776 65.94 -16.48 23.50
C ASP OA 776 66.37 -15.07 23.08
N ALA OA 777 65.41 -14.32 22.54
CA ALA OA 777 65.72 -13.00 22.00
C ALA OA 777 65.95 -11.99 23.12
N GLU OA 778 65.11 -12.04 24.17
CA GLU OA 778 65.16 -11.03 25.22
C GLU OA 778 66.45 -11.03 26.01
N TRP OA 779 67.31 -12.04 25.83
CA TRP OA 779 68.59 -12.04 26.53
C TRP OA 779 69.46 -10.87 26.07
N SER OA 780 69.54 -10.66 24.75
CA SER OA 780 70.25 -9.50 24.23
C SER OA 780 69.64 -8.20 24.73
N VAL OA 781 68.32 -8.16 24.87
CA VAL OA 781 67.66 -6.95 25.34
C VAL OA 781 68.07 -6.65 26.79
N LEU OA 782 68.02 -7.66 27.65
CA LEU OA 782 68.47 -7.48 29.03
C LEU OA 782 69.93 -7.07 29.08
N SER OA 783 70.78 -7.67 28.24
CA SER OA 783 72.19 -7.31 28.24
C SER OA 783 72.38 -5.85 27.83
N LYS OA 784 71.67 -5.41 26.78
CA LYS OA 784 71.73 -4.01 26.37
C LYS OA 784 71.28 -3.10 27.50
N ILE OA 785 70.17 -3.45 28.16
CA ILE OA 785 69.68 -2.64 29.27
C ILE OA 785 70.77 -2.50 30.34
N TYR OA 786 71.35 -3.62 30.75
CA TYR OA 786 72.34 -3.60 31.82
C TYR OA 786 73.56 -2.77 31.43
N TYR OA 787 74.06 -2.95 30.21
CA TYR OA 787 75.31 -2.30 29.84
C TYR OA 787 75.12 -0.85 29.40
N TYR OA 788 73.90 -0.42 29.06
CA TYR OA 788 73.70 0.94 28.60
C TYR OA 788 72.95 1.82 29.59
N ALA OA 789 72.34 1.25 30.64
CA ALA OA 789 71.57 2.03 31.58
C ALA OA 789 72.04 1.91 33.02
N VAL OA 790 72.47 0.74 33.46
CA VAL OA 790 72.83 0.51 34.85
C VAL OA 790 74.30 0.75 35.11
N VAL OA 791 75.18 0.21 34.26
CA VAL OA 791 76.62 0.35 34.46
C VAL OA 791 77.07 1.81 34.42
N PRO OA 792 76.79 2.59 33.37
CA PRO OA 792 77.29 3.98 33.34
C PRO OA 792 76.74 4.84 34.47
N ALA OA 793 75.58 4.48 35.03
CA ALA OA 793 75.07 5.21 36.19
C ALA OA 793 76.01 5.09 37.38
N PHE OA 794 76.34 3.85 37.78
CA PHE OA 794 77.29 3.64 38.86
C PHE OA 794 78.67 4.19 38.51
N SER OA 795 79.19 3.86 37.33
CA SER OA 795 80.57 4.18 36.99
C SER OA 795 80.81 5.69 36.89
N ARG OA 796 79.98 6.38 36.12
CA ARG OA 796 80.18 7.79 35.80
C ARG OA 796 81.53 8.00 35.11
N GLY OA 797 81.78 7.21 34.09
CA GLY OA 797 82.97 7.37 33.27
C GLY OA 797 84.25 6.83 33.86
N ASN OA 798 84.26 5.53 34.19
CA ASN OA 798 85.47 4.87 34.66
C ASN OA 798 85.81 3.59 33.93
N CYS OA 799 84.82 2.80 33.51
CA CYS OA 799 85.08 1.49 32.94
C CYS OA 799 85.75 1.61 31.57
N CYS OA 800 86.14 0.45 31.04
CA CYS OA 800 86.79 0.39 29.74
C CYS OA 800 86.74 -1.06 29.26
N THR OA 801 86.13 -1.28 28.10
CA THR OA 801 86.19 -2.60 27.48
C THR OA 801 87.63 -2.92 27.14
N MET OA 802 88.18 -3.98 27.73
CA MET OA 802 89.59 -4.29 27.56
C MET OA 802 89.75 -5.70 27.00
N GLY OA 803 90.73 -5.85 26.11
CA GLY OA 803 91.00 -7.15 25.50
C GLY OA 803 91.96 -7.96 26.35
N VAL OA 804 91.76 -9.27 26.31
CA VAL OA 804 92.52 -10.18 27.16
C VAL OA 804 93.64 -10.84 26.35
N ARG OA 805 94.61 -11.39 27.06
CA ARG OA 805 95.70 -12.14 26.46
C ARG OA 805 95.53 -13.60 26.89
N TYR OA 806 94.79 -14.35 26.07
CA TYR OA 806 94.44 -15.73 26.43
C TYR OA 806 95.66 -16.64 26.44
N ASP OA 807 96.67 -16.34 25.63
CA ASP OA 807 97.86 -17.18 25.59
C ASP OA 807 98.75 -16.97 26.81
N ARG OA 808 98.60 -15.86 27.50
CA ARG OA 808 99.41 -15.56 28.68
C ARG OA 808 98.64 -15.75 29.99
N VAL OA 809 97.46 -16.38 29.94
CA VAL OA 809 96.70 -16.71 31.12
C VAL OA 809 96.55 -18.21 31.31
N TYR OA 810 96.32 -18.94 30.21
CA TYR OA 810 96.00 -20.37 30.33
C TYR OA 810 97.18 -21.17 30.85
N GLN OA 811 98.40 -20.87 30.41
CA GLN OA 811 99.54 -21.61 30.89
C GLN OA 811 99.91 -21.21 32.32
N LEU OA 812 99.48 -20.03 32.76
CA LEU OA 812 99.56 -19.70 34.18
C LEU OA 812 98.58 -20.54 35.00
N VAL OA 813 97.32 -20.55 34.58
CA VAL OA 813 96.22 -21.12 35.34
C VAL OA 813 96.37 -22.63 35.41
N GLN OA 814 97.35 -23.18 34.69
CA GLN OA 814 97.69 -24.58 34.78
C GLN OA 814 98.78 -24.88 35.80
N THR OA 815 99.41 -23.86 36.38
CA THR OA 815 100.50 -24.03 37.33
C THR OA 815 99.94 -23.91 38.74
N MET OA 816 99.53 -25.05 39.31
CA MET OA 816 98.98 -25.11 40.66
C MET OA 816 99.75 -26.15 41.44
N VAL OA 817 100.50 -25.72 42.45
CA VAL OA 817 101.19 -26.64 43.36
C VAL OA 817 100.20 -26.98 44.48
N VAL OA 818 99.50 -28.10 44.31
CA VAL OA 818 98.54 -28.58 45.29
C VAL OA 818 99.00 -29.95 45.77
N PRO OA 819 99.53 -30.06 46.99
CA PRO OA 819 100.07 -31.34 47.44
C PRO OA 819 98.97 -32.39 47.63
N GLU OA 820 99.40 -33.64 47.64
CA GLU OA 820 98.48 -34.76 47.66
C GLU OA 820 97.98 -35.04 49.07
N THR OA 821 96.70 -35.36 49.18
CA THR OA 821 96.09 -35.68 50.46
C THR OA 821 95.05 -36.78 50.25
N ASP OA 822 94.64 -37.40 51.36
CA ASP OA 822 93.60 -38.40 51.36
C ASP OA 822 92.36 -37.98 52.13
N GLU OA 823 92.44 -36.89 52.89
CA GLU OA 823 91.34 -36.40 53.72
C GLU OA 823 91.42 -34.88 53.80
N GLU OA 824 90.32 -34.27 54.24
CA GLU OA 824 90.24 -32.82 54.35
C GLU OA 824 91.24 -32.33 55.40
N VAL OA 825 92.30 -31.66 54.96
CA VAL OA 825 93.39 -31.28 55.84
C VAL OA 825 93.19 -29.91 56.47
N GLY OA 826 92.42 -29.03 55.83
CA GLY OA 826 92.30 -27.71 56.41
C GLY OA 826 93.53 -26.87 56.13
N THR OA 827 93.60 -25.73 56.82
CA THR OA 827 94.64 -24.74 56.61
C THR OA 827 95.73 -24.81 57.69
N ASP OA 828 95.51 -25.60 58.74
CA ASP OA 828 96.52 -25.70 59.80
C ASP OA 828 97.77 -26.44 59.33
N ASP OA 829 97.60 -27.59 58.63
CA ASP OA 829 98.77 -28.37 58.25
C ASP OA 829 99.36 -27.88 56.94
N PRO OA 830 100.68 -28.06 56.75
CA PRO OA 830 101.32 -27.58 55.52
C PRO OA 830 100.78 -28.19 54.24
N ARG OA 831 99.99 -29.26 54.34
CA ARG OA 831 99.39 -29.87 53.17
C ARG OA 831 98.32 -29.00 52.52
N HIS OA 832 98.10 -27.78 53.02
CA HIS OA 832 97.11 -26.87 52.46
C HIS OA 832 97.68 -26.17 51.23
N PRO OA 833 96.86 -25.92 50.20
CA PRO OA 833 97.39 -25.31 48.97
C PRO OA 833 97.87 -23.88 49.16
N LEU OA 834 97.41 -23.18 50.20
CA LEU OA 834 97.79 -21.81 50.45
C LEU OA 834 98.80 -21.68 51.58
N HIS OA 835 99.23 -22.80 52.16
CA HIS OA 835 100.21 -22.76 53.24
C HIS OA 835 101.51 -22.13 52.75
N PRO OA 836 102.17 -21.32 53.57
CA PRO OA 836 103.37 -20.59 53.10
C PRO OA 836 104.55 -21.48 52.74
N ARG OA 837 104.60 -22.74 53.18
CA ARG OA 837 105.77 -23.57 52.90
C ARG OA 837 105.84 -23.97 51.43
N ASN OA 838 104.69 -24.23 50.80
CA ASN OA 838 104.63 -24.68 49.43
C ASN OA 838 104.13 -23.61 48.48
N LEU OA 839 104.45 -22.35 48.75
CA LEU OA 839 104.04 -21.23 47.92
C LEU OA 839 105.25 -20.77 47.10
N VAL OA 840 105.24 -21.13 45.81
CA VAL OA 840 106.32 -20.80 44.88
C VAL OA 840 105.91 -19.61 44.04
N PRO OA 841 106.80 -18.65 43.78
CA PRO OA 841 106.45 -17.53 42.91
C PRO OA 841 106.15 -17.98 41.50
N ASN OA 842 105.57 -17.06 40.74
CA ASN OA 842 105.18 -17.28 39.34
C ASN OA 842 104.14 -18.40 39.21
N SER OA 843 103.46 -18.77 40.30
CA SER OA 843 102.40 -19.76 40.26
C SER OA 843 101.05 -19.05 40.46
N LEU OA 844 99.97 -19.84 40.44
CA LEU OA 844 98.64 -19.25 40.57
C LEU OA 844 98.25 -19.09 42.04
N ASN OA 845 98.74 -19.97 42.91
CA ASN OA 845 98.39 -19.91 44.32
C ASN OA 845 98.75 -18.57 44.95
N VAL OA 846 99.92 -18.03 44.60
CA VAL OA 846 100.35 -16.77 45.19
C VAL OA 846 99.41 -15.64 44.82
N LEU OA 847 98.85 -15.67 43.61
CA LEU OA 847 97.83 -14.70 43.25
C LEU OA 847 96.62 -14.80 44.17
N PHE OA 848 96.21 -16.03 44.49
CA PHE OA 848 95.10 -16.22 45.43
C PHE OA 848 95.43 -15.70 46.81
N HIS OA 849 96.69 -15.87 47.27
CA HIS OA 849 97.10 -15.27 48.53
C HIS OA 849 97.15 -13.76 48.46
N ASN OA 850 97.34 -13.18 47.27
CA ASN OA 850 97.32 -11.74 47.12
C ASN OA 850 95.92 -11.16 47.28
N ALA OA 851 94.89 -11.96 47.04
CA ALA OA 851 93.51 -11.52 47.19
C ALA OA 851 92.94 -11.83 48.56
N CYS OA 852 93.72 -12.44 49.45
CA CYS OA 852 93.31 -12.85 50.78
C CYS OA 852 92.15 -13.84 50.77
N VAL OA 853 91.79 -14.37 49.59
CA VAL OA 853 90.70 -15.34 49.49
C VAL OA 853 91.22 -16.69 49.94
N ALA OA 854 90.45 -17.35 50.81
CA ALA OA 854 90.82 -18.65 51.34
C ALA OA 854 89.97 -19.72 50.68
N VAL OA 855 90.56 -20.48 49.76
CA VAL OA 855 89.83 -21.48 49.00
C VAL OA 855 90.31 -22.87 49.41
N ASP OA 856 89.41 -23.83 49.25
CA ASP OA 856 89.77 -25.24 49.42
C ASP OA 856 90.68 -25.67 48.28
N ALA OA 857 91.37 -26.80 48.49
CA ALA OA 857 92.23 -27.35 47.46
C ALA OA 857 91.43 -27.82 46.24
N ASP OA 858 90.25 -28.40 46.49
CA ASP OA 858 89.46 -28.95 45.39
C ASP OA 858 89.04 -27.87 44.41
N ALA OA 859 88.80 -26.64 44.89
CA ALA OA 859 88.51 -25.54 43.98
C ALA OA 859 89.67 -25.31 43.02
N MET OA 860 90.90 -25.31 43.54
CA MET OA 860 92.07 -25.20 42.68
C MET OA 860 92.20 -26.39 41.75
N LEU OA 861 91.79 -27.58 42.20
CA LEU OA 861 92.01 -28.79 41.42
C LEU OA 861 91.03 -28.90 40.25
N ILE OA 862 89.75 -28.62 40.47
CA ILE OA 862 88.72 -28.80 39.46
C ILE OA 862 88.92 -27.81 38.32
N LEU OA 863 89.88 -26.90 38.50
CA LEU OA 863 90.17 -25.86 37.51
C LEU OA 863 90.58 -26.44 36.16
N GLN OA 864 91.01 -27.70 36.10
CA GLN OA 864 91.41 -28.31 34.84
C GLN OA 864 90.24 -28.50 33.88
N GLU OA 865 89.01 -28.45 34.39
CA GLU OA 865 87.84 -28.58 33.51
C GLU OA 865 87.81 -27.51 32.44
N THR OA 866 88.52 -26.40 32.63
CA THR OA 866 88.49 -25.27 31.72
C THR OA 866 89.43 -25.45 30.53
N VAL OA 867 89.93 -26.67 30.28
CA VAL OA 867 90.69 -26.94 29.08
C VAL OA 867 89.84 -27.63 28.01
N THR OA 868 88.78 -28.34 28.41
CA THR OA 868 87.86 -28.94 27.45
C THR OA 868 87.10 -27.91 26.63
N ASN OA 869 87.00 -26.68 27.12
CA ASN OA 869 86.28 -25.61 26.42
C ASN OA 869 87.15 -24.35 26.49
N MET OA 870 87.99 -24.17 25.48
CA MET OA 870 88.92 -23.05 25.43
C MET OA 870 88.25 -21.83 24.80
N ALA OA 871 89.08 -20.82 24.52
CA ALA OA 871 88.64 -19.63 23.81
C ALA OA 871 89.86 -19.03 23.14
N GLU OA 872 89.91 -19.11 21.81
CA GLU OA 872 91.14 -18.78 21.08
C GLU OA 872 91.57 -17.34 21.34
N ARG OA 873 90.76 -16.39 20.94
CA ARG OA 873 91.14 -14.98 20.98
C ARG OA 873 89.90 -14.13 21.10
N THR OA 874 90.12 -12.85 21.41
CA THR OA 874 89.07 -11.85 21.27
C THR OA 874 89.17 -11.24 19.88
N THR OA 875 88.05 -10.72 19.39
CA THR OA 875 87.90 -10.28 18.01
C THR OA 875 87.03 -9.04 17.97
N PRO OA 876 87.36 -8.06 17.14
CA PRO OA 876 86.50 -6.88 16.99
C PRO OA 876 85.38 -7.16 16.00
N LEU OA 877 84.33 -6.36 16.11
CA LEU OA 877 83.16 -6.47 15.26
C LEU OA 877 82.86 -5.11 14.64
N LEU OA 878 82.02 -5.11 13.62
CA LEU OA 878 81.67 -3.86 12.94
C LEU OA 878 80.29 -4.06 12.32
N ALA OA 879 79.27 -3.53 12.97
CA ALA OA 879 77.92 -3.60 12.45
C ALA OA 879 77.72 -2.58 11.33
N SER OA 880 76.64 -2.75 10.58
CA SER OA 880 76.29 -1.81 9.52
C SER OA 880 74.80 -1.90 9.27
N VAL OA 881 74.05 -0.91 9.73
CA VAL OA 881 72.60 -0.90 9.62
C VAL OA 881 72.16 0.37 8.91
N ALA OA 882 71.30 0.23 7.92
CA ALA OA 882 70.61 1.37 7.37
C ALA OA 882 69.42 1.72 8.25
N PRO OA 883 68.99 2.99 8.26
CA PRO OA 883 67.88 3.38 9.12
C PRO OA 883 66.63 2.54 8.87
N ASP OA 884 65.79 2.45 9.90
CA ASP OA 884 64.68 1.50 9.90
C ASP OA 884 63.49 2.08 9.16
N ALA OA 885 62.35 1.38 9.23
CA ALA OA 885 61.14 1.83 8.56
C ALA OA 885 60.56 3.08 9.19
N GLY OA 886 61.09 3.54 10.32
CA GLY OA 886 60.70 4.81 10.88
C GLY OA 886 61.27 5.97 10.10
N MET OA 887 62.59 6.06 10.05
CA MET OA 887 63.28 7.08 9.24
C MET OA 887 63.69 6.51 7.89
N ALA OA 888 62.70 6.13 7.07
CA ALA OA 888 62.94 5.45 5.80
C ALA OA 888 62.60 6.32 4.60
N THR OA 889 62.91 7.60 4.64
CA THR OA 889 62.68 8.46 3.49
C THR OA 889 63.81 8.28 2.48
N VAL OA 890 63.52 8.61 1.21
CA VAL OA 890 64.50 8.46 0.14
C VAL OA 890 65.78 9.22 0.47
N ALA OA 891 65.67 10.30 1.24
CA ALA OA 891 66.85 11.04 1.70
C ALA OA 891 67.62 10.31 2.77
N THR OA 892 67.16 9.12 3.17
CA THR OA 892 67.82 8.32 4.19
C THR OA 892 68.21 6.94 3.68
N ARG OA 893 68.03 6.67 2.39
CA ARG OA 893 68.34 5.37 1.82
C ARG OA 893 69.81 4.99 1.95
N ASP OA 894 70.68 5.94 2.31
CA ASP OA 894 72.11 5.71 2.32
C ASP OA 894 72.77 5.87 3.68
N MET OA 895 72.14 6.59 4.61
CA MET OA 895 72.81 6.93 5.86
C MET OA 895 72.95 5.72 6.77
N ARG OA 896 73.74 4.74 6.36
CA ARG OA 896 73.99 3.58 7.20
C ARG OA 896 74.85 3.97 8.40
N THR OA 897 74.61 3.32 9.51
CA THR OA 897 75.36 3.57 10.73
C THR OA 897 76.38 2.47 10.97
N HIS OA 898 77.46 2.82 11.66
CA HIS OA 898 78.51 1.89 12.00
C HIS OA 898 78.80 1.97 13.49
N ASP OA 899 78.80 0.82 14.15
CA ASP OA 899 79.16 0.74 15.56
C ASP OA 899 79.69 -0.65 15.85
N GLY OA 900 80.85 -0.71 16.48
CA GLY OA 900 81.52 -1.96 16.74
C GLY OA 900 81.09 -2.59 18.05
N SER OA 901 81.78 -3.67 18.39
CA SER OA 901 81.58 -4.42 19.63
C SER OA 901 82.83 -5.29 19.81
N LEU OA 902 82.84 -6.09 20.87
CA LEU OA 902 83.94 -6.99 21.14
C LEU OA 902 83.40 -8.37 21.47
N HIS OA 903 84.10 -9.40 21.01
CA HIS OA 903 83.73 -10.78 21.26
C HIS OA 903 84.78 -11.42 22.15
N HIS OA 904 84.33 -12.07 23.22
CA HIS OA 904 85.22 -12.67 24.22
C HIS OA 904 86.21 -11.64 24.77
N GLY OA 905 85.70 -10.44 25.02
CA GLY OA 905 86.45 -9.39 25.68
C GLY OA 905 86.17 -9.36 27.16
N LEU OA 906 86.51 -8.24 27.78
CA LEU OA 906 86.31 -8.10 29.22
C LEU OA 906 86.19 -6.63 29.56
N LEU OA 907 85.22 -6.29 30.41
CA LEU OA 907 85.05 -4.94 30.92
C LEU OA 907 85.54 -4.89 32.35
N MET OA 908 86.61 -4.14 32.60
CA MET OA 908 87.12 -3.94 33.94
C MET OA 908 86.76 -2.56 34.48
N MET OA 909 86.69 -2.47 35.80
CA MET OA 909 86.03 -1.34 36.47
C MET OA 909 87.00 -0.20 36.78
N ALA OA 910 87.98 -0.45 37.63
CA ALA OA 910 88.92 0.60 38.04
C ALA OA 910 90.34 0.15 37.75
N TYR OA 911 91.18 1.13 37.43
CA TYR OA 911 92.57 0.88 37.10
C TYR OA 911 93.43 0.93 38.36
N GLN OA 912 94.52 0.17 38.34
CA GLN OA 912 95.48 0.12 39.44
C GLN OA 912 96.87 0.38 38.89
N PRO OA 913 97.26 1.65 38.75
CA PRO OA 913 98.56 1.96 38.17
C PRO OA 913 99.72 1.72 39.14
N ASN OA 914 99.43 1.74 40.44
CA ASN OA 914 100.46 1.81 41.45
C ASN OA 914 100.80 0.46 42.07
N ASP OA 915 100.31 -0.63 41.49
CA ASP OA 915 100.65 -1.96 41.97
C ASP OA 915 101.98 -2.41 41.37
N ALA OA 916 102.77 -3.10 42.18
CA ALA OA 916 104.07 -3.60 41.74
C ALA OA 916 104.17 -5.11 41.70
N THR OA 917 103.19 -5.83 42.25
CA THR OA 917 103.20 -7.30 42.18
C THR OA 917 102.86 -7.81 40.79
N LEU OA 918 102.46 -6.95 39.87
CA LEU OA 918 102.17 -7.34 38.50
C LEU OA 918 102.79 -6.34 37.54
N LEU OA 919 102.98 -6.79 36.30
CA LEU OA 919 103.23 -5.87 35.21
C LEU OA 919 102.03 -4.94 35.03
N GLU OA 920 102.27 -3.80 34.37
CA GLU OA 920 101.18 -2.90 34.05
C GLU OA 920 100.26 -3.51 32.99
N GLY OA 921 100.82 -3.91 31.87
CA GLY OA 921 100.07 -4.64 30.86
C GLY OA 921 100.22 -6.14 31.04
N ALA OA 922 99.77 -6.66 32.18
CA ALA OA 922 99.98 -8.07 32.51
C ALA OA 922 99.25 -9.00 31.55
N PHE OA 923 97.92 -8.94 31.54
CA PHE OA 923 97.11 -9.86 30.74
C PHE OA 923 96.03 -9.13 29.95
N PHE OA 924 95.84 -7.84 30.17
CA PHE OA 924 94.79 -7.08 29.50
C PHE OA 924 95.40 -5.88 28.79
N TYR OA 925 94.79 -5.51 27.67
CA TYR OA 925 95.17 -4.34 26.90
C TYR OA 925 93.87 -3.61 26.56
N PRO OA 926 93.87 -2.28 26.65
CA PRO OA 926 92.60 -1.54 26.52
C PRO OA 926 92.07 -1.59 25.10
N ALA OA 927 90.74 -1.57 25.00
CA ALA OA 927 90.08 -1.63 23.71
C ALA OA 927 88.69 -1.01 23.80
N PRO OA 928 88.59 0.31 23.93
CA PRO OA 928 87.29 0.95 24.08
C PRO OA 928 86.43 0.75 22.83
N VAL OA 929 85.14 0.56 23.05
CA VAL OA 929 84.18 0.34 21.99
C VAL OA 929 83.31 1.58 21.75
N ASN OA 930 83.00 2.32 22.81
CA ASN OA 930 82.16 3.50 22.68
C ASN OA 930 82.59 4.53 23.71
N ALA OA 931 82.06 5.74 23.58
CA ALA OA 931 82.44 6.84 24.46
C ALA OA 931 82.13 6.56 25.92
N LEU OA 932 81.17 5.69 26.23
CA LEU OA 932 80.83 5.42 27.61
C LEU OA 932 81.92 4.59 28.29
N PHE OA 933 82.30 3.47 27.67
CA PHE OA 933 83.35 2.60 28.20
C PHE OA 933 84.71 2.94 27.62
N ALA OA 934 85.09 4.22 27.70
CA ALA OA 934 86.39 4.69 27.19
C ALA OA 934 87.00 5.61 28.24
N CYS OA 935 87.72 5.02 29.19
CA CYS OA 935 88.40 5.81 30.20
C CYS OA 935 89.69 6.40 29.62
N ALA OA 936 90.38 7.20 30.43
CA ALA OA 936 91.58 7.88 29.98
C ALA OA 936 92.86 7.18 30.45
N ASP OA 937 93.00 7.02 31.77
CA ASP OA 937 94.22 6.48 32.36
C ASP OA 937 94.52 5.04 31.91
N HIS OA 938 93.49 4.29 31.51
CA HIS OA 938 93.69 2.89 31.15
C HIS OA 938 94.58 2.72 29.93
N LEU OA 939 94.85 3.79 29.18
CA LEU OA 939 95.89 3.72 28.16
C LEU OA 939 97.26 3.45 28.77
N GLY OA 940 97.41 3.63 30.09
CA GLY OA 940 98.59 3.19 30.80
C GLY OA 940 98.82 1.69 30.79
N ALA OA 941 97.83 0.92 30.35
CA ALA OA 941 98.00 -0.53 30.22
C ALA OA 941 98.73 -0.91 28.94
N MET OA 942 99.06 0.05 28.09
CA MET OA 942 99.72 -0.27 26.84
C MET OA 942 101.24 -0.15 26.97
N ARG OA 943 101.94 -0.63 25.96
CA ARG OA 943 103.39 -0.67 25.96
C ARG OA 943 103.94 0.40 25.02
N ASP OA 944 104.79 1.27 25.56
CA ASP OA 944 105.48 2.31 24.80
C ASP OA 944 104.49 3.23 24.09
N VAL OA 945 103.68 3.91 24.90
CA VAL OA 945 102.74 4.91 24.42
C VAL OA 945 103.22 6.27 24.89
N GLY OA 946 103.62 7.12 23.95
CA GLY OA 946 104.23 8.39 24.26
C GLY OA 946 103.27 9.36 24.94
N ALA OA 947 103.85 10.42 25.50
CA ALA OA 947 103.09 11.43 26.20
C ALA OA 947 102.31 12.36 25.27
N GLU OA 948 102.65 12.37 23.98
CA GLU OA 948 101.93 13.23 23.03
C GLU OA 948 100.44 12.90 23.00
N VAL OA 949 100.09 11.62 23.09
CA VAL OA 949 98.68 11.22 23.09
C VAL OA 949 98.08 11.28 24.50
N ARG OA 950 98.88 10.94 25.52
CA ARG OA 950 98.38 11.01 26.89
C ARG OA 950 97.99 12.42 27.29
N ALA OA 951 98.44 13.42 26.53
CA ALA OA 951 97.98 14.79 26.75
C ALA OA 951 96.62 15.06 26.13
N ALA OA 952 96.21 14.26 25.15
CA ALA OA 952 94.91 14.39 24.50
C ALA OA 952 94.08 13.12 24.72
N ALA OA 953 94.21 12.52 25.91
CA ALA OA 953 93.48 11.32 26.25
C ALA OA 953 92.38 11.55 27.28
N GLN OA 954 92.30 12.74 27.86
CA GLN OA 954 91.32 13.03 28.90
C GLN OA 954 90.20 13.95 28.44
N HIS OA 955 90.45 14.79 27.44
CA HIS OA 955 89.41 15.63 26.88
C HIS OA 955 88.67 14.94 25.74
N VAL OA 956 89.32 13.99 25.08
CA VAL OA 956 88.74 13.24 23.98
C VAL OA 956 88.89 11.76 24.30
N PRO OA 957 87.84 10.96 24.20
CA PRO OA 957 87.98 9.51 24.39
C PRO OA 957 88.81 8.89 23.29
N CYS OA 958 89.04 7.59 23.41
CA CYS OA 958 90.04 6.88 22.62
C CYS OA 958 89.41 5.80 21.75
N VAL OA 959 88.22 6.06 21.22
CA VAL OA 959 87.56 5.11 20.33
C VAL OA 959 88.38 4.99 19.05
N PRO OA 960 88.90 3.81 18.75
CA PRO OA 960 89.74 3.67 17.55
C PRO OA 960 88.92 3.77 16.28
N HIS OA 961 89.52 4.39 15.26
CA HIS OA 961 88.82 4.71 14.03
C HIS OA 961 88.52 3.48 13.17
N PHE OA 962 88.81 2.28 13.65
CA PHE OA 962 88.32 1.06 13.02
C PHE OA 962 87.15 0.46 13.80
N LEU OA 963 86.69 1.13 14.86
CA LEU OA 963 85.56 0.66 15.65
C LEU OA 963 84.41 1.66 15.59
N GLY OA 964 84.44 2.58 14.62
CA GLY OA 964 83.38 3.56 14.47
C GLY OA 964 83.59 4.78 15.35
N ALA OA 965 83.47 5.97 14.79
CA ALA OA 965 83.64 7.21 15.52
C ALA OA 965 82.31 7.64 16.13
N ASN OA 966 82.26 8.87 16.63
CA ASN OA 966 81.12 9.38 17.38
C ASN OA 966 80.10 10.09 16.49
N TYR OA 967 80.16 9.90 15.18
CA TYR OA 967 79.16 10.45 14.30
C TYR OA 967 78.38 9.38 13.52
N TYR OA 968 78.95 8.20 13.33
CA TYR OA 968 78.27 7.09 12.70
C TYR OA 968 77.77 6.06 13.69
N ALA OA 969 78.12 6.19 14.96
CA ALA OA 969 77.66 5.26 15.99
C ALA OA 969 76.31 5.69 16.53
N THR OA 970 75.53 4.70 16.98
CA THR OA 970 74.17 4.95 17.43
C THR OA 970 74.11 5.47 18.85
N VAL OA 971 75.24 5.55 19.55
CA VAL OA 971 75.31 6.08 20.91
C VAL OA 971 76.38 7.15 20.90
N ARG OA 972 75.98 8.41 20.72
CA ARG OA 972 76.90 9.50 20.45
C ARG OA 972 77.57 9.97 21.74
N GLN OA 973 78.26 11.11 21.65
CA GLN OA 973 79.05 11.60 22.79
C GLN OA 973 78.20 12.22 23.89
N PRO OA 974 77.26 13.15 23.60
CA PRO OA 974 76.57 13.82 24.72
C PRO OA 974 75.85 12.89 25.66
N VAL OA 975 75.29 11.78 25.16
CA VAL OA 975 74.64 10.83 26.04
C VAL OA 975 75.65 10.20 27.00
N ALA OA 976 76.91 10.10 26.58
CA ALA OA 976 77.96 9.66 27.49
C ALA OA 976 78.35 10.76 28.46
N GLN OA 977 78.43 12.01 27.98
CA GLN OA 977 78.84 13.11 28.84
C GLN OA 977 77.83 13.37 29.95
N HIS OA 978 76.54 13.17 29.68
CA HIS OA 978 75.53 13.37 30.73
C HIS OA 978 75.74 12.39 31.87
N ALA OA 979 76.23 11.19 31.57
CA ALA OA 979 76.54 10.23 32.62
C ALA OA 979 77.83 10.56 33.35
N ALA OA 980 78.52 11.63 32.97
CA ALA OA 980 79.79 11.98 33.57
C ALA OA 980 79.72 13.20 34.49
N GLN OA 981 78.71 14.05 34.33
CA GLN OA 981 78.56 15.24 35.15
C GLN OA 981 77.13 15.38 35.65
N SER OA 982 76.53 14.25 36.05
CA SER OA 982 75.19 14.22 36.62
C SER OA 982 75.29 13.65 38.02
N ARG OA 983 75.37 14.54 39.02
CA ARG OA 983 75.42 14.16 40.42
C ARG OA 983 73.99 14.17 40.95
N ALA OA 984 73.24 13.14 40.56
CA ALA OA 984 71.79 13.15 40.71
C ALA OA 984 71.27 11.81 41.23
N ASP OA 985 71.81 11.33 42.35
CA ASP OA 985 71.23 10.20 43.07
C ASP OA 985 71.17 8.95 42.19
N GLU OA 986 72.36 8.35 42.02
CA GLU OA 986 72.64 7.33 41.03
C GLU OA 986 71.48 6.35 40.78
N ASN OA 987 70.63 6.14 41.78
CA ASN OA 987 69.41 5.35 41.56
C ASN OA 987 68.59 5.92 40.40
N THR OA 988 68.15 7.17 40.52
CA THR OA 988 67.34 7.80 39.48
C THR OA 988 68.10 7.99 38.17
N LEU OA 989 69.43 7.93 38.21
CA LEU OA 989 70.21 8.08 36.98
C LEU OA 989 69.95 6.94 36.01
N SER OA 990 69.67 5.75 36.52
CA SER OA 990 69.31 4.63 35.65
C SER OA 990 68.06 4.95 34.85
N TYR OA 991 66.99 5.37 35.53
CA TYR OA 991 65.76 5.76 34.83
C TYR OA 991 66.02 6.92 33.87
N ALA OA 992 66.84 7.89 34.27
CA ALA OA 992 67.13 9.02 33.40
C ALA OA 992 67.77 8.55 32.09
N LEU OA 993 68.84 7.74 32.21
CA LEU OA 993 69.49 7.21 31.02
C LEU OA 993 68.55 6.36 30.19
N MET OA 994 67.71 5.54 30.82
CA MET OA 994 66.75 4.72 30.09
C MET OA 994 65.81 5.58 29.27
N ALA OA 995 65.21 6.59 29.90
CA ALA OA 995 64.33 7.50 29.18
C ALA OA 995 65.08 8.24 28.08
N GLY OA 996 66.38 8.45 28.25
CA GLY OA 996 67.17 9.08 27.23
C GLY OA 996 67.41 8.21 26.00
N TYR OA 997 66.84 7.00 25.99
CA TYR OA 997 67.08 6.04 24.91
C TYR OA 997 65.83 5.76 24.10
N PHE OA 998 64.98 6.76 23.91
CA PHE OA 998 63.81 6.64 23.05
C PHE OA 998 64.13 7.23 21.67
N LYS OA 999 63.61 6.58 20.63
CA LYS OA 999 63.92 6.97 19.26
C LYS OA 999 63.29 8.31 18.91
N MET OA 1000 63.59 8.77 17.69
CA MET OA 1000 62.99 9.99 17.14
C MET OA 1000 62.54 9.68 15.72
N SER OA 1001 61.27 9.30 15.57
CA SER OA 1001 60.66 9.01 14.29
C SER OA 1001 59.16 9.24 14.42
N PRO OA 1002 58.48 9.58 13.33
CA PRO OA 1002 57.01 9.68 13.40
C PRO OA 1002 56.36 8.44 14.00
N VAL OA 1003 56.82 7.26 13.59
CA VAL OA 1003 56.29 6.01 14.15
C VAL OA 1003 56.58 5.92 15.64
N ALA OA 1004 57.66 6.56 16.10
CA ALA OA 1004 57.92 6.60 17.54
C ALA OA 1004 57.11 7.68 18.23
N PHE OA 1005 56.87 8.79 17.54
CA PHE OA 1005 56.15 9.90 18.17
C PHE OA 1005 54.68 9.56 18.36
N THR OA 1006 54.08 8.81 17.42
CA THR OA 1006 52.69 8.41 17.60
C THR OA 1006 52.47 7.59 18.87
N HIS OA 1007 53.54 7.03 19.45
CA HIS OA 1007 53.49 6.39 20.75
C HIS OA 1007 53.85 7.34 21.87
N GLN OA 1008 54.98 8.05 21.73
CA GLN OA 1008 55.51 8.85 22.82
C GLN OA 1008 54.58 10.01 23.17
N LEU OA 1009 54.15 10.76 22.15
CA LEU OA 1009 53.32 11.94 22.43
C LEU OA 1009 51.96 11.56 22.99
N ARG OA 1010 51.50 10.34 22.74
CA ARG OA 1010 50.20 9.91 23.22
C ARG OA 1010 50.25 9.23 24.58
N ARG OA 1011 51.37 8.61 24.96
CA ARG OA 1011 51.48 7.95 26.25
C ARG OA 1011 52.05 8.87 27.33
N GLN OA 1012 51.91 10.18 27.14
CA GLN OA 1012 52.21 11.18 28.17
C GLN OA 1012 53.69 11.23 28.53
N LEU OA 1013 54.58 10.96 27.58
CA LEU OA 1013 56.01 11.06 27.81
C LEU OA 1013 56.53 12.35 27.19
N HIS OA 1014 57.41 13.04 27.91
CA HIS OA 1014 57.90 14.34 27.50
C HIS OA 1014 59.21 14.17 26.73
N PRO OA 1015 59.22 14.39 25.40
CA PRO OA 1015 60.48 14.31 24.66
C PRO OA 1015 61.31 15.56 24.80
N GLY OA 1016 62.42 15.64 24.07
CA GLY OA 1016 63.36 16.73 24.24
C GLY OA 1016 63.11 17.94 23.36
N PHE OA 1017 61.88 18.46 23.37
CA PHE OA 1017 61.55 19.70 22.68
C PHE OA 1017 60.68 20.57 23.56
N ALA OA 1018 60.27 21.71 23.00
CA ALA OA 1018 59.31 22.59 23.65
C ALA OA 1018 58.64 23.41 22.55
N LEU OA 1019 57.45 23.00 22.14
CA LEU OA 1019 56.79 23.65 21.03
C LEU OA 1019 56.31 25.05 21.42
N THR OA 1020 56.11 25.89 20.41
CA THR OA 1020 55.67 27.29 20.62
C THR OA 1020 54.38 27.47 19.82
N VAL OA 1021 53.24 27.33 20.51
CA VAL OA 1021 51.95 27.45 19.86
C VAL OA 1021 51.77 28.84 19.27
N VAL OA 1022 51.25 28.90 18.05
CA VAL OA 1022 50.96 30.17 17.37
C VAL OA 1022 49.58 30.07 16.75
N ARG OA 1023 48.86 31.19 16.73
CA ARG OA 1023 47.54 31.27 16.11
C ARG OA 1023 47.14 32.72 15.97
N GLN OA 1024 46.23 32.98 15.03
CA GLN OA 1024 45.82 34.34 14.67
C GLN OA 1024 44.32 34.50 14.89
N ASP OA 1025 43.93 35.59 15.57
CA ASP OA 1025 42.54 35.87 15.88
C ASP OA 1025 42.15 37.24 15.35
N ARG OA 1026 40.88 37.36 14.96
CA ARG OA 1026 40.32 38.61 14.45
C ARG OA 1026 39.30 39.17 15.43
N PHE OA 1027 38.99 40.46 15.27
CA PHE OA 1027 38.08 41.14 16.18
C PHE OA 1027 37.28 42.19 15.43
N ALA OA 1028 35.97 42.17 15.65
CA ALA OA 1028 35.06 43.18 15.11
C ALA OA 1028 35.00 44.36 16.08
N THR OA 1029 35.29 45.54 15.56
CA THR OA 1029 35.31 46.75 16.37
C THR OA 1029 34.28 47.75 15.85
N GLU OA 1030 34.08 48.82 16.61
CA GLU OA 1030 33.21 49.93 16.21
C GLU OA 1030 34.10 51.16 16.08
N ASN OA 1031 34.39 51.54 14.84
CA ASN OA 1031 35.43 52.52 14.58
C ASN OA 1031 34.85 53.94 14.55
N VAL OA 1032 35.74 54.92 14.70
CA VAL OA 1032 35.39 56.33 14.71
C VAL OA 1032 36.23 57.01 13.63
N LEU OA 1033 35.61 57.32 12.50
CA LEU OA 1033 36.31 57.93 11.38
C LEU OA 1033 36.12 59.44 11.42
N PHE OA 1034 37.16 60.16 10.98
CA PHE OA 1034 37.17 61.61 10.98
C PHE OA 1034 37.76 62.10 9.66
N ALA OA 1035 37.12 63.09 9.06
CA ALA OA 1035 37.51 63.69 7.79
C ALA OA 1035 37.78 65.17 7.99
N GLU OA 1036 37.96 65.88 6.87
CA GLU OA 1036 38.32 67.29 6.90
C GLU OA 1036 37.43 68.10 5.96
N LYS OA 1037 37.71 69.41 5.88
CA LYS OA 1037 36.84 70.35 5.18
C LYS OA 1037 36.64 69.99 3.72
N ALA OA 1038 37.69 69.58 3.03
CA ALA OA 1038 37.53 69.02 1.68
C ALA OA 1038 38.73 68.10 1.44
N SER OA 1039 38.53 66.80 1.69
CA SER OA 1039 39.59 65.84 1.52
C SER OA 1039 39.66 65.27 0.11
N GLU OA 1040 38.53 65.21 -0.59
CA GLU OA 1040 38.46 64.48 -1.85
C GLU OA 1040 37.86 65.34 -2.93
N SER OA 1041 38.64 65.66 -3.95
CA SER OA 1041 38.09 66.19 -5.19
C SER OA 1041 37.37 65.05 -5.92
N TYR OA 1042 36.14 65.31 -6.32
CA TYR OA 1042 35.21 64.25 -6.71
C TYR OA 1042 34.46 64.68 -7.96
N PHE OA 1043 34.38 63.77 -8.94
CA PHE OA 1043 33.79 64.08 -10.23
C PHE OA 1043 32.73 63.03 -10.59
N MET OA 1044 31.62 63.50 -11.15
CA MET OA 1044 30.55 62.65 -11.63
C MET OA 1044 30.40 62.86 -13.13
N GLY OA 1045 30.05 61.79 -13.84
CA GLY OA 1045 29.93 61.87 -15.28
C GLY OA 1045 28.49 61.98 -15.75
N GLN OA 1046 28.13 61.16 -16.74
CA GLN OA 1046 26.77 61.14 -17.25
C GLN OA 1046 26.34 59.68 -17.41
N MET OA 1047 25.18 59.36 -16.85
CA MET OA 1047 24.66 58.00 -16.95
C MET OA 1047 24.40 57.64 -18.41
N GLN OA 1048 24.65 56.38 -18.76
CA GLN OA 1048 24.43 55.88 -20.11
C GLN OA 1048 23.68 54.57 -20.03
N VAL OA 1049 22.53 54.51 -20.69
CA VAL OA 1049 21.69 53.32 -20.68
C VAL OA 1049 22.22 52.34 -21.73
N ALA OA 1050 21.98 51.06 -21.48
CA ALA OA 1050 22.27 50.00 -22.44
C ALA OA 1050 21.18 48.94 -22.30
N ARG OA 1051 20.49 48.65 -23.40
CA ARG OA 1051 19.31 47.81 -23.38
C ARG OA 1051 19.52 46.60 -24.27
N THR OA 1052 19.24 45.42 -23.73
CA THR OA 1052 19.24 44.17 -24.49
C THR OA 1052 17.99 43.39 -24.14
N GLU OA 1053 17.40 42.76 -25.15
CA GLU OA 1053 16.24 41.89 -24.92
C GLU OA 1053 16.71 40.54 -24.41
N SER OA 1054 16.12 40.09 -23.31
CA SER OA 1054 16.50 38.80 -22.72
C SER OA 1054 15.30 38.24 -21.97
N GLY OA 1055 14.97 36.98 -22.26
CA GLY OA 1055 13.84 36.34 -21.61
C GLY OA 1055 12.51 36.99 -21.91
N GLY OA 1056 12.24 37.29 -23.16
CA GLY OA 1056 10.97 37.88 -23.56
C GLY OA 1056 10.86 39.39 -23.40
N GLY OA 1057 11.43 39.93 -22.33
CA GLY OA 1057 11.31 41.34 -22.04
C GLY OA 1057 12.62 42.09 -22.00
N LEU OA 1058 12.53 43.43 -21.99
CA LEU OA 1058 13.73 44.26 -21.93
C LEU OA 1058 14.46 44.06 -20.61
N HIS OA 1059 15.79 44.19 -20.67
CA HIS OA 1059 16.65 44.14 -19.50
C HIS OA 1059 17.54 45.37 -19.56
N LEU OA 1060 17.06 46.48 -19.01
CA LEU OA 1060 17.81 47.73 -19.02
C LEU OA 1060 18.97 47.66 -18.04
N GLN OA 1061 19.98 48.49 -18.29
CA GLN OA 1061 21.13 48.59 -17.38
C GLN OA 1061 21.59 50.03 -17.32
N LEU OA 1062 21.83 50.52 -16.11
CA LEU OA 1062 22.36 51.85 -15.89
C LEU OA 1062 23.79 51.77 -15.38
N THR OA 1063 24.54 52.84 -15.60
CA THR OA 1063 25.92 52.93 -15.16
C THR OA 1063 26.35 54.39 -15.19
N GLN OA 1064 27.34 54.71 -14.37
CA GLN OA 1064 27.83 56.08 -14.31
C GLN OA 1064 29.33 56.09 -14.03
N PRO OA 1065 30.14 56.61 -14.95
CA PRO OA 1065 31.58 56.71 -14.69
C PRO OA 1065 31.86 57.91 -13.79
N ARG OA 1066 32.62 57.66 -12.73
CA ARG OA 1066 32.97 58.72 -11.80
C ARG OA 1066 34.40 58.54 -11.33
N ALA OA 1067 35.11 59.65 -11.21
CA ALA OA 1067 36.51 59.64 -10.80
C ALA OA 1067 36.69 60.54 -9.59
N ASN OA 1068 37.68 60.20 -8.77
CA ASN OA 1068 37.95 60.92 -7.53
C ASN OA 1068 39.45 61.04 -7.33
N VAL OA 1069 39.83 61.96 -6.45
CA VAL OA 1069 41.25 62.19 -6.13
C VAL OA 1069 41.32 63.01 -4.85
N ASP OA 1070 42.34 62.73 -4.05
CA ASP OA 1070 42.60 63.54 -2.87
C ASP OA 1070 43.23 64.87 -3.26
N LEU OA 1071 42.90 65.92 -2.50
CA LEU OA 1071 43.50 67.23 -2.75
C LEU OA 1071 44.14 67.79 -1.49
N GLY OA 1072 44.59 66.93 -0.58
CA GLY OA 1072 45.21 67.39 0.63
C GLY OA 1072 46.64 66.89 0.78
N VAL OA 1073 47.60 67.81 0.78
CA VAL OA 1073 48.98 67.44 1.05
C VAL OA 1073 49.09 66.91 2.47
N GLY OA 1074 49.76 65.77 2.61
CA GLY OA 1074 49.80 65.10 3.89
C GLY OA 1074 48.55 64.28 4.12
N PHE OA 1075 48.23 64.10 5.40
CA PHE OA 1075 47.09 63.29 5.80
C PHE OA 1075 45.88 64.16 6.11
N THR OA 1076 44.69 63.69 5.70
CA THR OA 1076 43.45 64.43 5.87
C THR OA 1076 42.35 63.57 6.49
N ALA OA 1077 42.69 62.43 7.06
CA ALA OA 1077 41.68 61.52 7.60
C ALA OA 1077 42.36 60.50 8.50
N ALA OA 1078 41.63 60.04 9.52
CA ALA OA 1078 42.13 59.05 10.45
C ALA OA 1078 40.97 58.44 11.21
N TYR OA 1079 41.08 57.16 11.56
CA TYR OA 1079 40.08 56.46 12.34
C TYR OA 1079 40.69 55.94 13.63
N ALA OA 1080 39.86 55.82 14.66
CA ALA OA 1080 40.35 55.52 16.00
C ALA OA 1080 39.99 54.12 16.50
N ALA OA 1081 38.92 53.51 15.98
CA ALA OA 1081 38.48 52.18 16.40
C ALA OA 1081 38.21 52.14 17.90
N ALA OA 1082 37.22 52.94 18.32
CA ALA OA 1082 36.95 53.14 19.73
C ALA OA 1082 36.47 51.85 20.41
N ALA OA 1083 35.31 51.34 19.99
CA ALA OA 1083 34.63 50.29 20.74
C ALA OA 1083 35.08 48.91 20.24
N LEU OA 1084 34.49 47.86 20.83
CA LEU OA 1084 34.89 46.49 20.52
C LEU OA 1084 33.65 45.62 20.54
N ARG OA 1085 33.26 45.12 19.37
CA ARG OA 1085 32.17 44.16 19.27
C ARG OA 1085 32.67 42.78 19.70
N ALA OA 1086 31.81 41.77 19.52
CA ALA OA 1086 32.18 40.42 19.89
C ALA OA 1086 33.31 39.92 18.99
N PRO OA 1087 34.30 39.24 19.57
CA PRO OA 1087 35.36 38.65 18.73
C PRO OA 1087 34.79 37.66 17.75
N VAL OA 1088 35.07 37.89 16.46
CA VAL OA 1088 34.38 37.14 15.41
C VAL OA 1088 34.85 35.70 15.37
N THR OA 1089 36.15 35.46 15.45
CA THR OA 1089 36.68 34.11 15.37
C THR OA 1089 36.74 33.49 16.76
N ASP OA 1090 36.63 32.16 16.78
CA ASP OA 1090 36.79 31.43 18.03
C ASP OA 1090 38.21 31.58 18.53
N MET OA 1091 38.36 31.74 19.85
CA MET OA 1091 39.67 31.72 20.47
C MET OA 1091 40.07 30.32 20.90
N GLY OA 1092 39.43 29.29 20.37
CA GLY OA 1092 39.74 27.93 20.74
C GLY OA 1092 40.97 27.39 20.03
N ASN OA 1093 41.08 26.06 19.95
CA ASN OA 1093 42.24 25.44 19.35
C ASN OA 1093 41.79 24.53 18.21
N LEU OA 1094 42.65 24.42 17.21
CA LEU OA 1094 42.49 23.44 16.14
C LEU OA 1094 43.87 23.13 15.57
N PRO OA 1095 44.45 21.99 15.91
CA PRO OA 1095 45.78 21.66 15.41
C PRO OA 1095 45.76 21.48 13.89
N GLN OA 1096 46.80 22.01 13.23
CA GLN OA 1096 46.89 21.87 11.79
C GLN OA 1096 47.46 20.51 11.42
N ASN OA 1097 46.75 19.81 10.53
CA ASN OA 1097 47.17 18.49 10.05
C ASN OA 1097 47.92 18.70 8.74
N LEU OA 1098 49.19 18.32 8.73
CA LEU OA 1098 50.01 18.50 7.53
C LEU OA 1098 49.70 17.49 6.43
N PHE OA 1099 48.94 16.44 6.71
CA PHE OA 1099 48.58 15.49 5.66
C PHE OA 1099 47.64 16.08 4.61
N ALA OA 1100 47.17 17.31 4.81
CA ALA OA 1100 46.27 17.96 3.86
C ALA OA 1100 47.01 18.68 2.74
N THR OA 1101 48.31 18.47 2.61
CA THR OA 1101 49.13 19.16 1.63
C THR OA 1101 49.73 18.16 0.65
N ARG OA 1102 50.60 18.67 -0.22
CA ARG OA 1102 51.29 17.89 -1.21
C ARG OA 1102 52.73 18.37 -1.30
N GLY OA 1103 53.56 17.62 -2.01
CA GLY OA 1103 54.96 17.94 -2.18
C GLY OA 1103 55.88 17.31 -1.16
N ALA OA 1104 55.35 16.57 -0.19
CA ALA OA 1104 56.17 15.87 0.78
C ALA OA 1104 56.58 14.53 0.19
N PRO OA 1105 57.87 14.26 0.03
CA PRO OA 1105 58.30 12.96 -0.47
C PRO OA 1105 57.95 11.87 0.53
N PRO OA 1106 57.12 10.92 0.14
CA PRO OA 1106 56.67 9.88 1.07
C PRO OA 1106 57.82 8.96 1.46
N MET OA 1107 57.52 8.04 2.37
CA MET OA 1107 58.53 7.12 2.87
C MET OA 1107 58.72 5.95 1.90
N LEU OA 1108 59.66 5.07 2.24
CA LEU OA 1108 60.01 3.98 1.34
C LEU OA 1108 59.09 2.78 1.53
N ASP OA 1109 58.97 2.29 2.76
CA ASP OA 1109 58.05 1.19 3.06
C ASP OA 1109 56.64 1.78 3.04
N ALA OA 1110 55.85 1.39 2.05
CA ALA OA 1110 54.53 1.96 1.84
C ALA OA 1110 53.58 1.71 3.01
N ASP OA 1111 53.85 0.71 3.84
CA ASP OA 1111 52.95 0.42 4.95
C ASP OA 1111 53.02 1.49 6.03
N ALA OA 1112 54.21 2.06 6.24
CA ALA OA 1112 54.38 3.07 7.28
C ALA OA 1112 53.56 4.32 6.96
N ASP OA 1113 53.60 4.77 5.71
CA ASP OA 1113 52.83 5.94 5.32
C ASP OA 1113 51.35 5.75 5.63
N ASP OA 1114 50.77 4.62 5.21
CA ASP OA 1114 49.35 4.39 5.41
C ASP OA 1114 49.02 4.16 6.89
N TYR OA 1115 49.94 3.57 7.65
CA TYR OA 1115 49.72 3.44 9.08
C TYR OA 1115 49.66 4.81 9.75
N LEU OA 1116 50.55 5.71 9.36
CA LEU OA 1116 50.49 7.08 9.88
C LEU OA 1116 49.19 7.76 9.47
N ARG OA 1117 48.78 7.59 8.22
CA ARG OA 1117 47.53 8.18 7.76
C ARG OA 1117 46.34 7.66 8.58
N ARG OA 1118 46.35 6.38 8.91
CA ARG OA 1118 45.22 5.81 9.65
C ARG OA 1118 45.26 6.12 11.14
N THR OA 1119 46.44 6.39 11.70
CA THR OA 1119 46.50 6.72 13.12
C THR OA 1119 46.31 8.20 13.40
N VAL OA 1120 46.69 9.08 12.48
CA VAL OA 1120 46.56 10.51 12.72
C VAL OA 1120 45.19 11.01 12.31
N ASN OA 1121 44.72 10.62 11.12
CA ASN OA 1121 43.47 11.14 10.60
C ASN OA 1121 42.28 10.70 11.45
N ALA OA 1122 42.40 9.59 12.15
CA ALA OA 1122 41.31 9.13 13.01
C ALA OA 1122 41.09 10.13 14.15
N GLY OA 1123 39.85 10.61 14.25
CA GLY OA 1123 39.51 11.55 15.31
C GLY OA 1123 40.12 12.92 15.12
N ASN OA 1124 39.67 13.65 14.10
CA ASN OA 1124 40.20 14.98 13.82
C ASN OA 1124 39.15 15.76 13.03
N ARG OA 1125 38.93 17.01 13.42
CA ARG OA 1125 37.98 17.86 12.70
C ARG OA 1125 38.67 18.42 11.46
N LEU OA 1126 39.30 17.52 10.71
CA LEU OA 1126 40.21 17.85 9.63
C LEU OA 1126 40.49 16.52 8.93
N ALA OA 1127 41.57 16.42 8.13
CA ALA OA 1127 41.91 15.16 7.48
C ALA OA 1127 40.83 14.76 6.47
N PRO OA 1128 40.79 15.42 5.31
CA PRO OA 1128 39.70 15.23 4.35
C PRO OA 1128 39.42 13.78 3.96
N VAL OA 1129 38.23 13.56 3.43
CA VAL OA 1129 37.74 12.23 3.06
C VAL OA 1129 38.30 11.86 1.69
N PRO OA 1130 38.19 10.60 1.26
CA PRO OA 1130 38.58 10.28 -0.13
C PRO OA 1130 37.59 10.84 -1.14
N VAL OA 1131 37.32 12.14 -1.04
CA VAL OA 1131 36.39 12.83 -1.93
C VAL OA 1131 37.08 12.95 -3.28
N PHE OA 1132 36.30 13.23 -4.33
CA PHE OA 1132 36.82 13.12 -5.70
C PHE OA 1132 37.84 14.22 -6.01
N GLY OA 1133 38.97 14.18 -5.32
CA GLY OA 1133 40.09 15.09 -5.56
C GLY OA 1133 39.72 16.55 -5.30
N GLN OA 1134 38.77 16.78 -4.39
CA GLN OA 1134 38.51 18.15 -3.96
C GLN OA 1134 39.40 18.58 -2.81
N MET OA 1135 39.87 17.62 -1.99
CA MET OA 1135 40.87 17.86 -0.96
C MET OA 1135 40.40 18.91 0.05
N LEU OA 1136 39.24 18.66 0.63
CA LEU OA 1136 38.66 19.55 1.61
C LEU OA 1136 38.07 18.74 2.74
N PRO OA 1137 38.30 19.13 3.99
CA PRO OA 1137 37.66 18.43 5.11
C PRO OA 1137 36.16 18.63 5.09
N GLN OA 1138 35.44 17.57 5.46
CA GLN OA 1138 33.99 17.58 5.37
C GLN OA 1138 33.41 18.68 6.24
N VAL OA 1139 32.28 19.22 5.81
CA VAL OA 1139 31.65 20.35 6.51
C VAL OA 1139 31.17 19.89 7.88
N PRO OA 1140 31.45 20.63 8.94
CA PRO OA 1140 31.02 20.22 10.27
C PRO OA 1140 29.53 20.40 10.47
N ALA OA 1141 28.98 19.60 11.40
CA ALA OA 1141 27.55 19.62 11.71
C ALA OA 1141 27.27 20.69 12.76
N GLY OA 1142 27.13 21.93 12.27
CA GLY OA 1142 26.75 23.02 13.14
C GLY OA 1142 27.89 23.62 13.93
N LEU OA 1143 28.00 24.94 13.92
CA LEU OA 1143 28.97 25.64 14.74
C LEU OA 1143 28.34 25.99 16.09
N ALA OA 1144 29.20 26.29 17.06
CA ALA OA 1144 28.77 26.79 18.36
C ALA OA 1144 29.25 28.20 18.65
N ARG OA 1145 30.47 28.53 18.24
CA ARG OA 1145 31.03 29.87 18.40
C ARG OA 1145 31.58 30.28 17.04
N GLY OA 1146 32.31 31.38 16.99
CA GLY OA 1146 32.89 31.85 15.75
C GLY OA 1146 33.80 30.83 15.07
N GLN OA 1147 34.27 31.14 13.87
CA GLN OA 1147 35.08 30.20 13.13
C GLN OA 1147 36.34 29.84 13.91
N GLN OA 1148 36.57 28.54 14.05
CA GLN OA 1148 37.65 28.05 14.88
C GLN OA 1148 38.97 28.28 14.16
N SER OA 1149 39.87 29.00 14.83
CA SER OA 1149 41.17 29.31 14.24
C SER OA 1149 42.01 28.03 14.12
N VAL OA 1150 43.21 28.18 13.57
CA VAL OA 1150 44.12 27.07 13.39
C VAL OA 1150 45.41 27.37 14.15
N CYS OA 1151 45.97 26.36 14.81
CA CYS OA 1151 47.15 26.52 15.64
C CYS OA 1151 48.35 25.85 14.99
N GLU OA 1152 49.52 26.44 15.18
CA GLU OA 1152 50.76 25.92 14.62
C GLU OA 1152 51.63 25.35 15.74
N PHE OA 1153 52.70 24.66 15.35
CA PHE OA 1153 53.66 24.08 16.28
C PHE OA 1153 55.04 24.25 15.69
N ILE OA 1154 55.93 24.89 16.44
CA ILE OA 1154 57.33 25.09 16.04
C ILE OA 1154 58.22 24.45 17.09
N ALA OA 1155 59.18 23.64 16.64
CA ALA OA 1155 60.13 23.05 17.55
C ALA OA 1155 61.06 24.12 18.13
N THR OA 1156 61.63 23.82 19.30
CA THR OA 1156 62.40 24.79 20.06
C THR OA 1156 63.19 24.06 21.12
N PRO OA 1157 64.46 24.42 21.34
CA PRO OA 1157 65.22 23.77 22.42
C PRO OA 1157 64.58 24.00 23.78
N VAL OA 1158 64.69 22.98 24.65
CA VAL OA 1158 64.07 23.04 25.95
C VAL OA 1158 64.68 24.14 26.81
N SER OA 1159 65.95 24.44 26.58
CA SER OA 1159 66.67 25.43 27.36
C SER OA 1159 66.38 26.87 26.94
N VAL OA 1160 65.34 27.09 26.12
CA VAL OA 1160 64.97 28.45 25.77
C VAL OA 1160 64.52 29.17 27.03
N ASP OA 1161 64.94 30.42 27.17
CA ASP OA 1161 64.58 31.20 28.34
C ASP OA 1161 63.08 31.47 28.36
N LEU OA 1162 62.49 31.46 29.55
CA LEU OA 1162 61.08 31.77 29.68
C LEU OA 1162 60.79 33.25 29.48
N ALA OA 1163 61.68 34.13 29.89
CA ALA OA 1163 61.46 35.56 29.78
C ALA OA 1163 61.29 36.04 28.34
N TYR OA 1164 61.62 35.21 27.35
CA TYR OA 1164 61.46 35.64 25.97
C TYR OA 1164 59.99 35.66 25.55
N PHE OA 1165 59.15 34.82 26.17
CA PHE OA 1165 57.73 34.79 25.86
C PHE OA 1165 56.91 35.64 26.83
N ARG OA 1166 57.55 36.35 27.74
CA ARG OA 1166 56.85 37.20 28.69
C ARG OA 1166 56.31 38.47 28.03
N ARG OA 1167 57.17 39.22 27.37
CA ARG OA 1167 56.75 40.40 26.62
C ARG OA 1167 56.38 39.97 25.20
N ALA OA 1168 56.03 40.94 24.36
CA ALA OA 1168 55.79 40.65 22.96
C ALA OA 1168 57.09 40.24 22.28
N CYS OA 1169 57.09 39.05 21.68
CA CYS OA 1169 58.30 38.51 21.09
C CYS OA 1169 58.03 38.13 19.65
N ASN OA 1170 59.01 37.44 19.04
CA ASN OA 1170 58.91 36.99 17.68
C ASN OA 1170 59.00 35.47 17.67
N PRO OA 1171 58.06 34.78 17.02
CA PRO OA 1171 58.12 33.30 17.01
C PRO OA 1171 59.37 32.75 16.35
N ARG OA 1172 60.02 33.52 15.48
CA ARG OA 1172 61.19 33.03 14.77
C ARG OA 1172 62.39 32.88 15.72
N GLY OA 1173 62.41 33.67 16.80
CA GLY OA 1173 63.56 33.68 17.68
C GLY OA 1173 64.41 34.91 17.43
N ARG OA 1174 64.56 35.27 16.17
CA ARG OA 1174 65.19 36.53 15.79
C ARG OA 1174 64.20 37.68 15.92
N ALA OA 1175 64.60 38.83 15.40
CA ALA OA 1175 63.73 40.00 15.26
C ALA OA 1175 63.86 40.59 13.87
N ALA OA 1176 63.67 39.76 12.84
CA ALA OA 1176 63.97 40.15 11.47
C ALA OA 1176 63.24 41.41 11.05
N GLY OA 1177 61.92 41.33 10.92
CA GLY OA 1177 61.10 42.48 10.59
C GLY OA 1177 61.59 43.31 9.42
N GLU OA 1178 61.06 44.51 9.28
CA GLU OA 1178 61.64 45.49 8.36
C GLU OA 1178 61.85 46.84 9.00
N VAL OA 1179 60.95 47.27 9.90
CA VAL OA 1179 60.97 48.65 10.36
C VAL OA 1179 62.13 48.92 11.31
N HIS OA 1180 62.58 47.94 12.09
CA HIS OA 1180 63.75 48.09 12.94
C HIS OA 1180 64.86 47.22 12.35
N GLY OA 1181 65.66 47.82 11.47
CA GLY OA 1181 66.74 47.11 10.83
C GLY OA 1181 66.66 47.14 9.32
N GLU OA 1182 67.81 47.15 8.65
CA GLU OA 1182 67.84 47.12 7.20
C GLU OA 1182 67.91 45.69 6.69
N GLU OA 1183 68.17 45.55 5.39
CA GLU OA 1183 68.24 44.23 4.76
C GLU OA 1183 69.38 43.41 5.36
N GLY OA 1184 69.29 42.09 5.21
CA GLY OA 1184 70.31 41.18 5.67
C GLY OA 1184 70.29 40.91 7.16
N LEU OA 1185 69.47 41.63 7.92
CA LEU OA 1185 69.29 41.41 9.34
C LEU OA 1185 68.57 40.10 9.64
N MET OA 1186 67.97 39.50 8.63
CA MET OA 1186 67.04 38.39 8.80
C MET OA 1186 67.71 37.03 8.84
N PHE OA 1187 68.80 36.84 8.10
CA PHE OA 1187 69.41 35.51 7.98
C PHE OA 1187 70.89 35.48 8.28
N ASP OA 1188 71.65 36.54 7.98
CA ASP OA 1188 73.06 36.55 8.33
C ASP OA 1188 73.24 36.50 9.83
N HIS OA 1189 73.99 35.51 10.31
CA HIS OA 1189 74.19 35.29 11.73
C HIS OA 1189 75.59 35.66 12.19
N SER OA 1190 76.19 36.65 11.53
CA SER OA 1190 77.42 37.27 12.01
C SER OA 1190 77.15 38.55 12.78
N HIS OA 1191 75.91 39.03 12.77
CA HIS OA 1191 75.46 40.14 13.60
C HIS OA 1191 74.44 39.63 14.60
N ALA OA 1192 74.40 40.29 15.75
CA ALA OA 1192 73.52 39.82 16.82
C ALA OA 1192 72.10 40.33 16.61
N ASP OA 1193 71.16 39.69 17.30
CA ASP OA 1193 69.76 40.08 17.24
C ASP OA 1193 69.60 41.50 17.73
N PRO OA 1194 68.73 42.32 17.13
CA PRO OA 1194 68.48 43.65 17.67
C PRO OA 1194 67.71 43.63 18.98
N ALA OA 1195 66.62 42.87 19.08
CA ALA OA 1195 65.73 42.90 20.24
C ALA OA 1195 66.41 42.47 21.53
N HIS OA 1196 66.91 41.24 21.60
CA HIS OA 1196 67.62 40.72 22.77
C HIS OA 1196 69.09 40.56 22.39
N PRO OA 1197 69.86 41.64 22.44
CA PRO OA 1197 71.13 41.68 21.70
C PRO OA 1197 72.28 40.91 22.33
N HIS OA 1198 72.09 40.27 23.48
CA HIS OA 1198 73.19 39.50 24.06
C HIS OA 1198 73.53 38.29 23.20
N ARG OA 1199 72.51 37.63 22.65
CA ARG OA 1199 72.69 36.43 21.85
C ARG OA 1199 72.71 36.79 20.37
N ALA OA 1200 72.77 35.75 19.54
CA ALA OA 1200 72.56 35.90 18.10
C ALA OA 1200 71.14 35.55 17.71
N THR OA 1201 70.56 34.53 18.32
CA THR OA 1201 69.17 34.16 18.12
C THR OA 1201 68.66 33.53 19.41
N ALA OA 1202 67.44 33.01 19.36
CA ALA OA 1202 66.86 32.34 20.53
C ALA OA 1202 66.32 30.96 20.17
N ASN OA 1203 66.45 30.53 18.92
CA ASN OA 1203 65.93 29.26 18.46
C ASN OA 1203 66.69 28.86 17.20
N PRO OA 1204 67.85 28.21 17.33
CA PRO OA 1204 68.62 27.83 16.13
C PRO OA 1204 67.83 27.01 15.15
N TRP OA 1205 66.91 26.16 15.62
CA TRP OA 1205 66.12 25.32 14.74
C TRP OA 1205 65.08 26.10 13.95
N ALA OA 1206 64.85 27.38 14.25
CA ALA OA 1206 63.83 28.11 13.51
C ALA OA 1206 64.30 29.50 13.07
N SER OA 1207 65.61 29.72 12.98
CA SER OA 1207 66.13 31.03 12.60
C SER OA 1207 67.00 30.99 11.36
N GLN OA 1208 67.86 29.98 11.23
CA GLN OA 1208 68.78 29.94 10.09
C GLN OA 1208 68.04 29.66 8.80
N ARG OA 1209 68.61 30.16 7.70
CA ARG OA 1209 68.09 29.84 6.38
C ARG OA 1209 68.16 28.34 6.14
N HIS OA 1210 67.10 27.79 5.55
CA HIS OA 1210 66.97 26.36 5.30
C HIS OA 1210 67.01 25.54 6.59
N SER OA 1211 66.57 26.14 7.70
CA SER OA 1211 66.40 25.38 8.92
C SER OA 1211 65.18 24.45 8.80
N TYR OA 1212 64.92 23.69 9.86
CA TYR OA 1212 63.76 22.81 9.83
C TYR OA 1212 62.46 23.60 9.71
N ALA OA 1213 62.17 24.45 10.70
CA ALA OA 1213 60.94 25.22 10.71
C ALA OA 1213 60.80 26.11 9.48
N ASP OA 1214 61.92 26.54 8.90
CA ASP OA 1214 61.87 27.32 7.67
C ASP OA 1214 61.32 26.49 6.51
N ARG OA 1215 61.78 25.24 6.38
CA ARG OA 1215 61.31 24.35 5.33
C ARG OA 1215 59.81 24.06 5.41
N LEU OA 1216 59.14 24.46 6.49
CA LEU OA 1216 57.72 24.23 6.63
C LEU OA 1216 56.86 25.47 6.36
N TYR OA 1217 57.28 26.64 6.83
CA TYR OA 1217 56.43 27.82 6.77
C TYR OA 1217 57.12 28.98 6.05
N ASN OA 1218 57.85 28.68 4.99
CA ASN OA 1218 58.43 29.72 4.16
C ASN OA 1218 57.53 29.99 2.95
N GLY OA 1219 57.82 31.10 2.26
CA GLY OA 1219 56.98 31.51 1.16
C GLY OA 1219 57.35 30.91 -0.18
N GLN OA 1220 58.61 30.53 -0.35
CA GLN OA 1220 59.11 30.07 -1.64
C GLN OA 1220 59.53 28.59 -1.62
N TYR OA 1221 59.10 27.84 -0.61
CA TYR OA 1221 59.45 26.44 -0.50
C TYR OA 1221 58.24 25.52 -0.68
N ASN OA 1222 57.04 26.08 -0.79
CA ASN OA 1222 55.87 25.40 -1.36
C ASN OA 1222 55.51 24.14 -0.57
N MET OA 1223 55.13 24.36 0.69
CA MET OA 1223 54.48 23.35 1.51
C MET OA 1223 53.01 23.69 1.70
N SER OA 1224 52.43 24.38 0.73
CA SER OA 1224 51.12 25.01 0.87
C SER OA 1224 50.00 23.97 0.89
N GLY OA 1225 48.91 24.34 1.56
CA GLY OA 1225 47.73 23.51 1.64
C GLY OA 1225 46.47 24.36 1.70
N PRO OA 1226 45.33 23.74 1.99
CA PRO OA 1226 44.08 24.50 2.03
C PRO OA 1226 43.91 25.30 3.30
N ALA OA 1227 44.49 24.83 4.41
CA ALA OA 1227 44.32 25.48 5.69
C ALA OA 1227 45.24 26.69 5.79
N TYR OA 1228 44.71 27.74 6.44
CA TYR OA 1228 45.50 28.95 6.64
C TYR OA 1228 46.69 28.67 7.56
N SER OA 1229 47.77 29.40 7.33
CA SER OA 1229 48.98 29.27 8.13
C SER OA 1229 49.18 30.57 8.91
N PRO OA 1230 48.94 30.57 10.22
CA PRO OA 1230 49.07 31.82 10.99
C PRO OA 1230 50.48 32.38 11.00
N CYS OA 1231 51.49 31.50 10.99
CA CYS OA 1231 52.90 31.93 11.04
C CYS OA 1231 53.48 32.15 9.65
N PHE OA 1232 52.65 32.39 8.64
CA PHE OA 1232 53.15 32.65 7.30
C PHE OA 1232 53.90 33.97 7.23
N LYS OA 1233 53.30 35.04 7.77
CA LYS OA 1233 53.84 36.39 7.62
C LYS OA 1233 55.11 36.62 8.44
N PHE OA 1234 55.66 35.59 9.09
CA PHE OA 1234 56.90 35.72 9.83
C PHE OA 1234 58.10 35.17 9.06
N PHE OA 1235 58.07 33.89 8.67
CA PHE OA 1235 59.20 33.22 8.05
C PHE OA 1235 59.35 33.55 6.57
N THR OA 1236 58.49 34.41 6.02
CA THR OA 1236 58.48 34.69 4.60
C THR OA 1236 58.96 36.10 4.32
N PRO OA 1237 60.11 36.28 3.67
CA PRO OA 1237 60.61 37.64 3.43
C PRO OA 1237 60.09 38.25 2.15
N ALA OA 1238 59.01 37.70 1.59
CA ALA OA 1238 58.51 38.12 0.29
C ALA OA 1238 58.12 39.59 0.24
N GLU OA 1239 58.02 40.27 1.39
CA GLU OA 1239 57.75 41.70 1.40
C GLU OA 1239 58.99 42.51 1.07
N ALA OA 1240 60.16 41.89 0.99
CA ALA OA 1240 61.40 42.63 0.78
C ALA OA 1240 61.51 43.13 -0.65
N VAL OA 1241 60.94 42.39 -1.62
CA VAL OA 1241 61.03 42.81 -3.01
C VAL OA 1241 60.26 44.09 -3.25
N ALA OA 1242 59.11 44.26 -2.59
CA ALA OA 1242 58.36 45.52 -2.65
C ALA OA 1242 58.74 46.41 -1.47
N LYS OA 1243 60.02 46.75 -1.43
CA LYS OA 1243 60.57 47.60 -0.37
C LYS OA 1243 59.85 48.95 -0.35
N SER OA 1244 59.60 49.46 0.85
CA SER OA 1244 58.95 50.74 1.02
C SER OA 1244 59.98 51.81 1.36
N ARG OA 1245 59.83 52.98 0.74
CA ARG OA 1245 60.84 54.03 0.87
C ARG OA 1245 60.70 54.80 2.18
N GLY OA 1246 59.56 55.47 2.37
CA GLY OA 1246 59.33 56.19 3.60
C GLY OA 1246 58.58 55.37 4.62
N LEU OA 1247 58.66 55.82 5.88
CA LEU OA 1247 57.88 55.18 6.92
C LEU OA 1247 56.40 55.51 6.79
N ALA OA 1248 56.08 56.69 6.26
CA ALA OA 1248 54.68 57.08 6.07
C ALA OA 1248 53.96 56.09 5.16
N ARG OA 1249 54.63 55.61 4.12
CA ARG OA 1249 54.04 54.59 3.26
C ARG OA 1249 53.71 53.34 4.04
N LEU OA 1250 54.61 52.93 4.94
CA LEU OA 1250 54.36 51.74 5.76
C LEU OA 1250 53.17 51.96 6.69
N ILE OA 1251 53.09 53.13 7.32
CA ILE OA 1251 51.95 53.43 8.19
C ILE OA 1251 50.65 53.41 7.40
N ALA OA 1252 50.66 53.99 6.19
CA ALA OA 1252 49.47 54.00 5.35
C ALA OA 1252 49.07 52.60 4.92
N ASP OA 1253 50.04 51.72 4.70
CA ASP OA 1253 49.72 50.36 4.29
C ASP OA 1253 48.94 49.63 5.39
N THR OA 1254 49.17 50.00 6.64
CA THR OA 1254 48.36 49.47 7.73
C THR OA 1254 47.01 50.18 7.76
N GLY OA 1255 45.97 49.43 8.05
CA GLY OA 1255 44.61 49.92 7.96
C GLY OA 1255 43.97 49.75 6.60
N ALA OA 1256 44.73 49.24 5.63
CA ALA OA 1256 44.21 48.98 4.28
C ALA OA 1256 44.75 47.65 3.75
N ALA OA 1257 45.16 46.76 4.64
CA ALA OA 1257 45.73 45.49 4.21
C ALA OA 1257 44.63 44.50 3.84
N ALA OA 1258 44.99 43.56 2.97
CA ALA OA 1258 44.05 42.55 2.49
C ALA OA 1258 44.00 41.38 3.46
N SER OA 1259 42.79 40.93 3.77
CA SER OA 1259 42.60 39.82 4.70
C SER OA 1259 42.97 38.52 4.02
N PRO OA 1260 44.00 37.81 4.50
CA PRO OA 1260 44.42 36.56 3.87
C PRO OA 1260 43.58 35.35 4.24
N THR OA 1261 42.68 35.48 5.21
CA THR OA 1261 41.86 34.37 5.67
C THR OA 1261 40.48 34.42 5.00
N SER OA 1262 39.84 33.27 4.91
CA SER OA 1262 38.53 33.17 4.28
C SER OA 1262 37.46 33.62 5.27
N ASN OA 1263 36.20 33.40 4.91
CA ASN OA 1263 35.08 33.70 5.80
C ASN OA 1263 34.17 32.52 6.03
N GLY OA 1264 34.57 31.30 5.62
CA GLY OA 1264 33.78 30.12 5.89
C GLY OA 1264 33.85 29.70 7.34
N GLU OA 1265 33.30 28.53 7.66
CA GLU OA 1265 33.29 28.03 9.02
C GLU OA 1265 34.67 27.71 9.56
N TYR OA 1266 35.64 27.41 8.69
CA TYR OA 1266 37.02 27.18 9.10
C TYR OA 1266 37.89 28.31 8.57
N GLN OA 1267 39.16 28.28 8.94
CA GLN OA 1267 40.11 29.32 8.56
C GLN OA 1267 40.93 28.81 7.36
N PHE OA 1268 40.48 29.15 6.16
CA PHE OA 1268 41.10 28.70 4.92
C PHE OA 1268 41.75 29.89 4.22
N LYS OA 1269 42.58 29.57 3.23
CA LYS OA 1269 43.08 30.61 2.33
C LYS OA 1269 41.92 31.32 1.67
N ARG OA 1270 41.97 32.65 1.69
CA ARG OA 1270 40.87 33.44 1.15
C ARG OA 1270 40.69 33.13 -0.34
N PRO OA 1271 39.48 32.83 -0.78
CA PRO OA 1271 39.25 32.73 -2.23
C PRO OA 1271 39.52 34.07 -2.90
N VAL OA 1272 39.98 33.99 -4.13
CA VAL OA 1272 40.46 35.18 -4.85
C VAL OA 1272 39.33 36.18 -5.07
N GLY OA 1273 38.09 35.75 -4.83
CA GLY OA 1273 36.93 36.54 -5.21
C GLY OA 1273 36.69 37.81 -4.42
N ALA OA 1274 36.47 37.68 -3.11
CA ALA OA 1274 35.90 38.80 -2.36
C ALA OA 1274 36.94 39.87 -2.04
N GLY OA 1275 37.93 39.54 -1.22
CA GLY OA 1275 38.84 40.54 -0.70
C GLY OA 1275 38.16 41.44 0.30
N GLU OA 1276 38.92 42.01 1.23
CA GLU OA 1276 38.36 42.88 2.26
C GLU OA 1276 39.49 43.67 2.89
N LEU OA 1277 39.13 44.67 3.69
CA LEU OA 1277 40.07 45.46 4.46
C LEU OA 1277 40.22 44.87 5.85
N VAL OA 1278 41.40 45.04 6.44
CA VAL OA 1278 41.67 44.57 7.79
C VAL OA 1278 42.93 45.27 8.28
N GLU OA 1279 42.98 45.56 9.58
CA GLU OA 1279 44.13 46.20 10.19
C GLU OA 1279 44.80 45.19 11.11
N ASP OA 1280 46.11 45.06 10.98
CA ASP OA 1280 46.90 44.14 11.80
C ASP OA 1280 48.24 44.78 12.11
N PRO OA 1281 48.52 45.12 13.38
CA PRO OA 1281 49.85 45.66 13.70
C PRO OA 1281 50.96 44.64 13.53
N CYS OA 1282 50.64 43.35 13.61
CA CYS OA 1282 51.64 42.31 13.41
C CYS OA 1282 52.37 42.45 12.08
N ALA OA 1283 51.64 42.80 11.02
CA ALA OA 1283 52.26 42.98 9.71
C ALA OA 1283 53.27 44.11 9.68
N LEU OA 1284 53.23 45.01 10.66
CA LEU OA 1284 54.17 46.11 10.76
C LEU OA 1284 55.37 45.80 11.64
N PHE OA 1285 55.16 45.20 12.80
CA PHE OA 1285 56.23 44.95 13.76
C PHE OA 1285 56.84 43.56 13.63
N GLN OA 1286 56.15 42.60 13.00
CA GLN OA 1286 56.55 41.20 13.02
C GLN OA 1286 56.70 40.72 14.46
N GLU OA 1287 55.64 40.92 15.24
CA GLU OA 1287 55.65 40.64 16.66
C GLU OA 1287 54.32 40.02 17.06
N ALA OA 1288 54.38 39.11 18.05
CA ALA OA 1288 53.20 38.44 18.56
C ALA OA 1288 53.02 38.83 20.03
N TYR OA 1289 51.82 38.58 20.54
CA TYR OA 1289 51.52 38.92 21.91
C TYR OA 1289 51.25 37.65 22.72
N PRO OA 1290 51.65 37.63 23.99
CA PRO OA 1290 51.32 36.50 24.85
C PRO OA 1290 49.96 36.72 25.50
N PRO OA 1291 49.03 35.79 25.33
CA PRO OA 1291 47.74 35.90 26.00
C PRO OA 1291 47.78 35.25 27.38
N LEU OA 1292 46.71 35.41 28.16
CA LEU OA 1292 46.64 34.80 29.48
C LEU OA 1292 46.66 33.29 29.31
N CYS OA 1293 47.74 32.66 29.75
CA CYS OA 1293 47.90 31.22 29.66
C CYS OA 1293 48.78 30.75 30.82
N ALA OA 1294 48.70 29.46 31.11
CA ALA OA 1294 49.44 28.90 32.22
C ALA OA 1294 49.69 27.42 31.96
N SER OA 1295 50.63 26.86 32.71
CA SER OA 1295 51.00 25.46 32.58
C SER OA 1295 50.22 24.55 33.52
N ASP OA 1296 49.16 25.04 34.16
CA ASP OA 1296 48.38 24.26 35.09
C ASP OA 1296 47.05 24.97 35.31
N SER OA 1297 45.96 24.23 35.21
CA SER OA 1297 44.64 24.80 35.41
C SER OA 1297 44.42 25.31 36.82
N ALA OA 1298 45.27 24.90 37.77
CA ALA OA 1298 45.15 25.36 39.14
C ALA OA 1298 45.65 26.78 39.34
N LEU OA 1299 46.39 27.33 38.39
CA LEU OA 1299 46.94 28.69 38.51
C LEU OA 1299 45.96 29.75 38.03
N LEU OA 1300 44.93 29.39 37.27
CA LEU OA 1300 43.96 30.34 36.77
C LEU OA 1300 42.71 30.34 37.64
N ARG OA 1301 42.85 30.92 38.83
CA ARG OA 1301 41.77 31.09 39.77
C ARG OA 1301 41.64 32.56 40.12
N THR OA 1302 40.50 32.92 40.69
CA THR OA 1302 40.22 34.33 40.98
C THR OA 1302 41.30 35.00 41.82
N PRO OA 1303 41.92 34.35 42.84
CA PRO OA 1303 43.13 34.97 43.41
C PRO OA 1303 44.40 34.50 42.68
N LEU OA 1304 44.66 35.13 41.53
CA LEU OA 1304 45.80 34.74 40.70
C LEU OA 1304 47.10 34.79 41.50
N GLY OA 1305 47.48 35.99 41.95
CA GLY OA 1305 48.63 36.14 42.82
C GLY OA 1305 49.95 35.65 42.27
N ALA OA 1306 50.46 34.54 42.80
CA ALA OA 1306 51.77 34.03 42.41
C ALA OA 1306 51.77 33.70 40.92
N GLU OA 1307 52.80 34.17 40.23
CA GLU OA 1307 52.92 33.98 38.79
C GLU OA 1307 53.87 32.85 38.41
N GLU OA 1308 54.74 32.42 39.33
CA GLU OA 1308 55.46 31.17 39.21
C GLU OA 1308 55.32 30.42 40.53
N HIS OA 1309 55.05 29.13 40.44
CA HIS OA 1309 54.88 28.31 41.63
C HIS OA 1309 56.01 27.32 41.84
N PHE OA 1310 56.28 26.49 40.83
CA PHE OA 1310 57.26 25.41 40.83
C PHE OA 1310 57.79 25.34 39.41
N ALA OA 1311 58.27 24.17 38.98
CA ALA OA 1311 58.63 23.95 37.59
C ALA OA 1311 57.57 24.52 36.62
N GLN OA 1312 56.31 24.58 37.04
CA GLN OA 1312 55.28 25.19 36.22
C GLN OA 1312 55.50 26.70 36.11
N TYR OA 1313 54.60 27.37 35.39
CA TYR OA 1313 54.75 28.79 35.17
C TYR OA 1313 53.43 29.37 34.67
N LEU OA 1314 53.18 30.62 35.04
CA LEU OA 1314 52.04 31.38 34.55
C LEU OA 1314 52.56 32.58 33.77
N ILE OA 1315 51.77 33.02 32.79
CA ILE OA 1315 52.14 34.15 31.94
C ILE OA 1315 51.02 35.18 32.04
N ARG OA 1316 51.30 36.32 32.66
CA ARG OA 1316 50.34 37.40 32.69
C ARG OA 1316 50.01 37.86 31.28
N ASP OA 1317 48.79 38.34 31.10
CA ASP OA 1317 48.33 38.76 29.78
C ASP OA 1317 48.90 40.12 29.43
N GLU OA 1318 49.55 40.22 28.27
CA GLU OA 1318 50.06 41.49 27.75
C GLU OA 1318 49.73 41.51 26.26
N SER OA 1319 48.64 42.18 25.93
CA SER OA 1319 48.19 42.29 24.54
C SER OA 1319 47.43 43.60 24.41
N PRO OA 1320 47.14 44.03 23.17
CA PRO OA 1320 46.26 45.20 22.99
C PRO OA 1320 44.85 44.95 23.49
N LEU OA 1321 44.63 43.78 24.09
CA LEU OA 1321 43.34 43.42 24.69
C LEU OA 1321 43.45 43.27 26.19
N LYS OA 1322 44.11 44.22 26.85
CA LYS OA 1322 44.20 44.19 28.31
C LYS OA 1322 42.85 44.37 28.99
N GLY OA 1323 41.77 44.53 28.21
CA GLY OA 1323 40.42 44.57 28.74
C GLY OA 1323 39.45 43.87 27.81
N ARG PA 3 75.55 123.39 85.16
CA ARG PA 3 75.92 123.65 86.55
C ARG PA 3 76.03 125.14 86.90
N PRO PA 4 76.75 125.94 86.11
CA PRO PA 4 76.86 127.37 86.43
C PRO PA 4 75.53 128.08 86.19
N ALA PA 5 75.34 129.17 86.94
CA ALA PA 5 74.10 129.91 86.87
C ALA PA 5 73.93 130.58 85.51
N ILE PA 6 72.67 130.69 85.08
CA ILE PA 6 72.37 131.36 83.82
C ILE PA 6 72.50 132.87 84.00
N LEU PA 7 71.68 133.44 84.86
CA LEU PA 7 71.69 134.87 85.10
C LEU PA 7 71.80 135.16 86.58
N PRO PA 8 72.60 136.15 86.98
CA PRO PA 8 72.83 136.38 88.41
C PRO PA 8 71.64 137.01 89.10
N SER PA 9 71.32 136.50 90.29
CA SER PA 9 70.26 137.07 91.09
C SER PA 9 70.61 138.47 91.58
N GLY PA 10 71.81 138.63 92.15
CA GLY PA 10 72.28 139.91 92.60
C GLY PA 10 73.79 140.03 92.50
N GLN PA 11 74.28 141.08 91.85
CA GLN PA 11 75.71 141.23 91.62
C GLN PA 11 76.39 141.76 92.87
N ILE PA 12 77.60 141.30 93.12
CA ILE PA 12 78.36 141.67 94.31
C ILE PA 12 79.33 142.78 93.95
N LEU PA 13 79.71 143.56 94.97
CA LEU PA 13 80.71 144.62 94.83
C LEU PA 13 81.83 144.31 95.83
N SER PA 14 82.89 143.69 95.33
CA SER PA 14 84.04 143.36 96.16
C SER PA 14 85.19 142.95 95.25
N ASN PA 15 86.38 143.44 95.56
CA ASN PA 15 87.59 143.15 94.79
C ASN PA 15 88.56 142.29 95.58
N ILE PA 16 88.12 141.72 96.71
CA ILE PA 16 88.99 140.88 97.52
C ILE PA 16 89.27 139.58 96.75
N GLU PA 17 90.50 139.10 96.83
CA GLU PA 17 90.83 137.85 96.17
C GLU PA 17 90.24 136.69 96.96
N VAL PA 18 89.85 135.64 96.23
CA VAL PA 18 89.12 134.53 96.82
C VAL PA 18 90.02 133.37 97.24
N HIS PA 19 91.17 133.18 96.59
CA HIS PA 19 92.03 132.05 96.91
C HIS PA 19 92.51 132.11 98.36
N SER PA 20 92.74 133.32 98.86
CA SER PA 20 93.22 133.46 100.24
C SER PA 20 92.18 132.99 101.24
N HIS PA 21 90.94 133.46 101.09
CA HIS PA 21 89.85 133.09 102.01
C HIS PA 21 89.10 131.86 101.49
N ARG PA 22 89.84 130.79 101.18
CA ARG PA 22 89.23 129.61 100.57
C ARG PA 22 88.65 128.64 101.59
N ALA PA 23 89.03 128.75 102.86
CA ALA PA 23 88.40 127.94 103.90
C ALA PA 23 86.99 128.41 104.23
N LEU PA 24 86.64 129.65 103.90
CA LEU PA 24 85.32 130.19 104.18
C LEU PA 24 84.31 129.79 103.09
N PHE PA 25 84.29 128.50 102.78
CA PHE PA 25 83.45 127.96 101.72
C PHE PA 25 83.28 126.47 101.98
N ASP PA 26 82.46 125.84 101.14
CA ASP PA 26 82.34 124.38 101.14
C ASP PA 26 82.92 123.77 99.88
N ILE PA 27 82.46 124.21 98.71
CA ILE PA 27 83.00 123.78 97.43
C ILE PA 27 83.81 124.93 96.84
N PHE PA 28 85.04 124.66 96.45
CA PHE PA 28 85.90 125.67 95.85
C PHE PA 28 86.46 125.13 94.54
N LYS PA 29 86.49 126.00 93.53
CA LYS PA 29 86.97 125.59 92.21
C LYS PA 29 87.34 126.84 91.42
N ARG PA 30 88.60 126.91 90.97
CA ARG PA 30 89.06 127.97 90.10
C ARG PA 30 89.78 127.36 88.91
N PHE PA 31 89.83 128.12 87.82
CA PHE PA 31 90.35 127.60 86.56
C PHE PA 31 90.69 128.77 85.66
N ARG PA 32 91.72 128.57 84.83
CA ARG PA 32 92.08 129.58 83.84
C ARG PA 32 90.99 129.69 82.79
N SER PA 33 90.98 130.83 82.09
CA SER PA 33 89.83 131.24 81.29
C SER PA 33 89.35 130.16 80.34
N ASP PA 34 88.02 130.04 80.23
CA ASP PA 34 87.35 129.29 79.17
C ASP PA 34 87.77 127.81 79.15
N ASP PA 35 87.37 127.11 80.21
CA ASP PA 35 87.56 125.66 80.25
C ASP PA 35 86.63 124.99 79.24
N ASN PA 36 86.73 123.65 79.16
CA ASN PA 36 86.01 122.86 78.19
C ASN PA 36 84.66 122.35 78.69
N ASN PA 37 84.64 121.67 79.84
CA ASN PA 37 83.44 120.95 80.30
C ASN PA 37 82.32 121.88 80.75
N LEU PA 38 82.46 123.19 80.56
CA LEU PA 38 81.42 124.13 80.96
C LEU PA 38 80.31 124.27 79.92
N TYR PA 39 80.47 123.68 78.74
CA TYR PA 39 79.54 123.88 77.64
C TYR PA 39 78.67 122.67 77.34
N GLY PA 40 78.91 121.53 77.98
CA GLY PA 40 78.09 120.36 77.75
C GLY PA 40 76.86 120.38 78.64
N ALA PA 41 75.69 120.22 78.02
CA ALA PA 41 74.42 120.22 78.74
C ALA PA 41 73.72 118.89 78.50
N GLU PA 42 73.54 118.12 79.57
CA GLU PA 42 72.96 116.79 79.47
C GLU PA 42 71.90 116.61 80.55
N PHE PA 43 70.88 115.81 80.24
CA PHE PA 43 69.78 115.60 81.17
C PHE PA 43 69.21 114.19 81.05
N ASP PA 44 68.30 113.84 81.95
CA ASP PA 44 67.58 112.57 81.89
C ASP PA 44 66.10 112.86 82.01
N ALA PA 45 65.28 112.10 81.27
CA ALA PA 45 63.87 112.40 81.13
C ALA PA 45 63.06 111.12 81.06
N LEU PA 46 61.87 111.16 81.65
CA LEU PA 46 60.87 110.12 81.44
C LEU PA 46 60.00 110.52 80.26
N LEU PA 47 59.59 109.53 79.46
CA LEU PA 47 58.99 109.83 78.17
C LEU PA 47 57.50 109.54 78.15
N GLY PA 48 56.94 109.11 79.27
CA GLY PA 48 55.51 108.94 79.36
C GLY PA 48 55.09 108.24 80.64
N THR PA 49 53.94 108.67 81.15
CA THR PA 49 53.28 108.01 82.26
C THR PA 49 51.93 107.48 81.78
N TYR PA 50 51.65 106.22 82.07
CA TYR PA 50 50.49 105.54 81.51
C TYR PA 50 49.57 105.09 82.63
N CYS PA 51 48.35 105.62 82.63
CA CYS PA 51 47.38 105.40 83.70
C CYS PA 51 46.39 104.33 83.28
N SER PA 52 46.36 103.24 84.03
CA SER PA 52 45.36 102.21 83.81
C SER PA 52 44.10 102.53 84.61
N THR PA 53 42.95 102.46 83.93
CA THR PA 53 41.66 102.68 84.57
C THR PA 53 40.86 101.38 84.46
N LEU PA 54 40.28 100.96 85.57
CA LEU PA 54 39.55 99.70 85.59
C LEU PA 54 38.23 99.83 84.83
N SER PA 55 37.83 98.73 84.20
CA SER PA 55 36.53 98.66 83.56
C SER PA 55 35.49 98.22 84.57
N LEU PA 56 34.45 99.03 84.74
CA LEU PA 56 33.41 98.76 85.71
C LEU PA 56 32.26 98.04 85.02
N VAL PA 57 31.74 97.00 85.66
CA VAL PA 57 30.64 96.21 85.12
C VAL PA 57 29.45 96.30 86.06
N ARG PA 58 28.25 96.20 85.49
CA ARG PA 58 27.02 96.24 86.24
C ARG PA 58 26.28 94.92 86.02
N PHE PA 59 25.66 94.42 87.09
CA PHE PA 59 25.03 93.10 87.01
C PHE PA 59 23.90 93.09 85.98
N LEU PA 60 23.14 94.17 85.89
CA LEU PA 60 22.00 94.20 85.00
C LEU PA 60 22.39 94.15 83.52
N GLU PA 61 23.53 94.73 83.14
CA GLU PA 61 23.93 94.71 81.74
C GLU PA 61 24.46 93.34 81.31
N LEU PA 62 24.85 92.50 82.28
CA LEU PA 62 25.34 91.17 81.96
C LEU PA 62 24.21 90.29 81.43
N GLY PA 63 24.60 89.25 80.69
CA GLY PA 63 23.61 88.30 80.20
C GLY PA 63 23.08 87.38 81.29
N LEU PA 64 23.92 87.09 82.29
CA LEU PA 64 23.50 86.26 83.40
C LEU PA 64 22.35 86.87 84.19
N SER PA 65 22.23 88.20 84.19
CA SER PA 65 21.23 88.90 84.99
C SER PA 65 19.84 88.31 84.86
N VAL PA 66 19.51 87.76 83.68
CA VAL PA 66 18.20 87.16 83.49
C VAL PA 66 17.97 85.92 84.36
N ALA PA 67 19.03 85.38 84.96
CA ALA PA 67 18.87 84.16 85.73
C ALA PA 67 18.03 84.36 86.99
N CYS PA 68 18.17 85.50 87.65
CA CYS PA 68 17.60 85.71 88.98
C CYS PA 68 16.80 86.99 89.02
N VAL PA 69 15.63 86.93 89.64
CA VAL PA 69 14.86 88.13 89.96
C VAL PA 69 15.45 88.74 91.22
N CYS PA 70 15.83 90.02 91.13
CA CYS PA 70 16.50 90.72 92.22
C CYS PA 70 15.60 91.81 92.78
N THR PA 71 15.57 91.95 94.10
CA THR PA 71 14.72 92.93 94.76
C THR PA 71 15.45 93.57 95.93
N LYS PA 72 15.47 94.89 95.97
CA LYS PA 72 16.02 95.60 97.12
C LYS PA 72 15.03 95.48 98.27
N PHE PA 73 15.51 94.98 99.40
CA PHE PA 73 14.75 94.85 100.64
C PHE PA 73 15.56 95.55 101.73
N PRO PA 74 15.43 96.87 101.89
CA PRO PA 74 16.32 97.61 102.79
C PRO PA 74 16.14 97.28 104.27
N GLU PA 75 15.22 96.35 104.60
CA GLU PA 75 14.98 95.98 105.99
C GLU PA 75 15.46 94.56 106.30
N LEU PA 76 16.37 94.01 105.49
CA LEU PA 76 16.78 92.62 105.66
C LEU PA 76 17.54 92.37 106.95
N SER PA 77 18.04 93.41 107.62
CA SER PA 77 18.79 93.20 108.85
C SER PA 77 17.87 92.72 109.98
N TYR PA 78 16.67 93.26 110.06
CA TYR PA 78 15.74 92.90 111.14
C TYR PA 78 14.94 91.64 110.85
N VAL PA 79 15.32 90.84 109.87
CA VAL PA 79 14.50 89.74 109.39
C VAL PA 79 15.08 88.43 109.92
N ALA PA 80 14.23 87.64 110.58
CA ALA PA 80 14.55 86.27 110.95
C ALA PA 80 14.38 85.39 109.72
N GLU PA 81 14.30 84.07 109.92
CA GLU PA 81 14.15 83.17 108.77
C GLU PA 81 12.96 83.57 107.90
N GLY PA 82 13.05 83.23 106.62
CA GLY PA 82 12.01 83.57 105.66
C GLY PA 82 11.52 82.32 104.97
N THR PA 83 10.25 82.37 104.54
CA THR PA 83 9.61 81.24 103.89
C THR PA 83 8.88 81.74 102.64
N ILE PA 84 8.49 80.79 101.79
CA ILE PA 84 7.60 81.04 100.67
C ILE PA 84 6.64 79.85 100.59
N GLN PA 85 5.52 80.06 99.92
CA GLN PA 85 4.46 79.06 99.86
C GLN PA 85 4.32 78.55 98.43
N PHE PA 86 3.94 77.27 98.33
CA PHE PA 86 3.68 76.64 97.03
C PHE PA 86 2.41 75.81 97.17
N GLU PA 87 1.36 76.23 96.47
CA GLU PA 87 0.18 75.40 96.28
C GLU PA 87 0.21 74.92 94.83
N VAL PA 88 -0.10 73.65 94.61
CA VAL PA 88 -0.15 73.10 93.27
C VAL PA 88 -1.12 71.92 93.27
N GLN PA 89 -1.84 71.78 92.18
CA GLN PA 89 -2.92 70.81 92.04
C GLN PA 89 -2.65 69.97 90.80
N GLN PA 90 -2.37 68.68 91.03
CA GLN PA 90 -2.01 67.97 89.81
C GLN PA 90 -3.26 67.58 89.03
N PRO PA 91 -3.18 67.61 87.69
CA PRO PA 91 -4.30 67.11 86.90
C PRO PA 91 -4.43 65.61 87.04
N MET PA 92 -5.65 65.13 86.84
CA MET PA 92 -5.93 63.72 86.96
C MET PA 92 -6.67 63.24 85.72
N ILE PA 93 -6.68 61.93 85.53
CA ILE PA 93 -7.20 61.30 84.33
C ILE PA 93 -8.21 60.23 84.70
N ALA PA 94 -9.43 60.36 84.16
CA ALA PA 94 -10.43 59.33 84.32
C ALA PA 94 -10.15 58.19 83.35
N ARG PA 95 -9.97 56.99 83.89
CA ARG PA 95 -9.68 55.82 83.09
C ARG PA 95 -10.57 54.67 83.52
N ASP PA 96 -11.15 53.99 82.55
CA ASP PA 96 -12.04 52.87 82.83
C ASP PA 96 -11.25 51.70 83.43
N GLY PA 97 -11.95 50.89 84.21
CA GLY PA 97 -11.36 49.70 84.78
C GLY PA 97 -11.35 49.72 86.29
N PRO PA 98 -11.03 48.58 86.89
CA PRO PA 98 -10.94 48.53 88.36
C PRO PA 98 -9.78 49.32 88.93
N HIS PA 99 -8.73 49.56 88.13
CA HIS PA 99 -7.60 50.35 88.61
C HIS PA 99 -8.06 51.76 88.95
N PRO PA 100 -7.64 52.31 90.09
CA PRO PA 100 -8.32 53.51 90.62
C PRO PA 100 -7.95 54.76 89.85
N ALA PA 101 -8.98 55.43 89.32
CA ALA PA 101 -8.86 56.81 88.87
C ALA PA 101 -9.10 57.68 90.09
N ASP PA 102 -8.04 57.91 90.86
CA ASP PA 102 -8.16 58.46 92.20
C ASP PA 102 -8.64 59.91 92.17
N GLN PA 103 -8.97 60.41 93.36
CA GLN PA 103 -9.35 61.81 93.52
C GLN PA 103 -8.22 62.71 93.06
N PRO PA 104 -8.54 63.96 92.70
CA PRO PA 104 -7.46 64.92 92.43
C PRO PA 104 -6.70 65.22 93.70
N VAL PA 105 -5.38 65.28 93.57
CA VAL PA 105 -4.49 65.40 94.71
C VAL PA 105 -4.06 66.85 94.88
N HIS PA 106 -4.04 67.30 96.12
CA HIS PA 106 -3.48 68.60 96.47
C HIS PA 106 -2.27 68.40 97.36
N ASN PA 107 -1.49 69.46 97.53
CA ASN PA 107 -0.32 69.42 98.41
C ASN PA 107 0.21 70.83 98.59
N TYR PA 108 0.61 71.14 99.82
CA TYR PA 108 1.18 72.44 100.15
C TYR PA 108 2.65 72.26 100.49
N MET PA 109 3.53 72.89 99.72
CA MET PA 109 4.97 72.77 99.88
C MET PA 109 5.54 74.11 100.28
N ILE PA 110 6.30 74.12 101.37
CA ILE PA 110 6.93 75.34 101.87
C ILE PA 110 8.44 75.22 101.69
N LYS PA 111 9.10 76.37 101.62
CA LYS PA 111 10.53 76.42 101.36
C LYS PA 111 11.15 77.55 102.16
N ARG PA 112 12.23 77.25 102.86
CA ARG PA 112 12.86 78.18 103.79
C ARG PA 112 13.97 78.96 103.11
N LEU PA 113 14.25 80.14 103.66
CA LEU PA 113 15.24 81.06 103.10
C LEU PA 113 16.62 80.77 103.66
N ASP PA 114 17.64 81.00 102.82
CA ASP PA 114 19.03 80.86 103.22
C ASP PA 114 19.68 82.23 103.21
N ARG PA 115 20.74 82.38 104.00
CA ARG PA 115 21.39 83.67 104.20
C ARG PA 115 22.89 83.56 103.96
N ARG PA 116 23.45 84.63 103.41
CA ARG PA 116 24.89 84.80 103.30
C ARG PA 116 25.18 86.28 103.14
N SER PA 117 26.46 86.63 103.20
CA SER PA 117 26.86 88.03 103.20
C SER PA 117 28.05 88.25 102.29
N LEU PA 118 28.14 89.47 101.76
CA LEU PA 118 29.31 89.94 101.04
C LEU PA 118 30.02 90.97 101.89
N ASN PA 119 31.24 91.31 101.49
CA ASN PA 119 32.07 92.19 102.31
C ASN PA 119 33.31 92.61 101.53
N ALA PA 120 33.78 93.82 101.82
CA ALA PA 120 35.00 94.36 101.23
C ALA PA 120 35.60 95.38 102.18
N ALA PA 121 36.90 95.59 102.05
CA ALA PA 121 37.63 96.48 102.96
C ALA PA 121 38.53 97.41 102.18
N PHE PA 122 38.70 98.62 102.71
CA PHE PA 122 39.62 99.61 102.16
C PHE PA 122 39.90 100.64 103.24
N SER PA 123 41.13 101.14 103.25
CA SER PA 123 41.57 102.07 104.28
C SER PA 123 42.02 103.37 103.65
N ILE PA 124 42.31 104.35 104.51
CA ILE PA 124 42.89 105.62 104.11
C ILE PA 124 43.92 106.01 105.16
N ALA PA 125 45.12 106.37 104.70
CA ALA PA 125 46.19 106.68 105.62
C ALA PA 125 45.88 107.96 106.41
N VAL PA 126 46.53 108.07 107.57
CA VAL PA 126 46.24 109.17 108.48
C VAL PA 126 46.64 110.51 107.88
N GLU PA 127 47.71 110.53 107.07
CA GLU PA 127 48.13 111.77 106.42
C GLU PA 127 47.07 112.24 105.45
N ALA PA 128 46.49 111.32 104.67
CA ALA PA 128 45.40 111.69 103.78
C ALA PA 128 44.17 112.15 104.57
N LEU PA 129 43.89 111.49 105.70
CA LEU PA 129 42.80 111.94 106.55
C LEU PA 129 43.01 113.38 106.99
N GLY PA 130 44.23 113.74 107.37
CA GLY PA 130 44.51 115.12 107.75
C GLY PA 130 44.34 116.08 106.58
N LEU PA 131 44.97 115.76 105.44
CA LEU PA 131 44.92 116.65 104.29
C LEU PA 131 43.50 116.79 103.73
N ILE PA 132 42.61 115.85 104.02
CA ILE PA 132 41.25 115.96 103.52
C ILE PA 132 40.39 116.79 104.47
N SER PA 133 40.53 116.56 105.78
CA SER PA 133 39.70 117.24 106.75
C SER PA 133 39.94 118.74 106.80
N GLY PA 134 41.11 119.19 106.38
CA GLY PA 134 41.45 120.60 106.50
C GLY PA 134 42.03 120.98 107.84
N GLU PA 135 42.61 120.02 108.57
CA GLU PA 135 43.20 120.30 109.87
C GLU PA 135 44.70 120.51 109.82
N ASN PA 136 45.34 120.22 108.68
CA ASN PA 136 46.78 120.39 108.52
C ASN PA 136 47.13 121.25 107.32
N LEU PA 137 46.13 121.78 106.62
CA LEU PA 137 46.37 122.61 105.45
C LEU PA 137 47.00 123.93 105.89
N ASP PA 138 48.02 124.37 105.16
CA ASP PA 138 48.72 125.61 105.42
C ASP PA 138 48.56 126.55 104.24
N GLY PA 139 48.86 127.83 104.48
CA GLY PA 139 48.80 128.82 103.42
C GLY PA 139 49.97 128.69 102.46
N THR PA 140 50.18 127.48 101.95
CA THR PA 140 51.27 127.17 101.04
C THR PA 140 50.70 126.41 99.85
N HIS PA 141 51.02 126.87 98.64
CA HIS PA 141 50.57 126.18 97.44
C HIS PA 141 51.05 124.74 97.40
N ILE PA 142 52.25 124.47 97.92
CA ILE PA 142 52.80 123.13 97.95
C ILE PA 142 51.92 122.13 98.68
N SER PA 143 51.04 122.60 99.56
CA SER PA 143 50.16 121.73 100.35
C SER PA 143 48.83 121.47 99.69
N SER PA 144 48.23 122.50 99.05
CA SER PA 144 46.96 122.32 98.36
C SER PA 144 47.07 121.24 97.29
N ALA PA 145 48.21 121.19 96.58
CA ALA PA 145 48.40 120.15 95.58
C ALA PA 145 48.40 118.77 96.21
N MET PA 146 49.04 118.63 97.38
CA MET PA 146 49.03 117.35 98.07
C MET PA 146 47.62 116.97 98.51
N ARG PA 147 46.84 117.96 98.97
CA ARG PA 147 45.46 117.69 99.33
C ARG PA 147 44.67 117.21 98.12
N LEU PA 148 44.90 117.82 96.96
CA LEU PA 148 44.22 117.38 95.75
C LEU PA 148 44.63 115.96 95.38
N ARG PA 149 45.92 115.63 95.56
CA ARG PA 149 46.37 114.27 95.29
C ARG PA 149 45.67 113.27 96.21
N ALA PA 150 45.55 113.60 97.50
CA ALA PA 150 44.90 112.70 98.44
C ALA PA 150 43.43 112.53 98.11
N ILE PA 151 42.75 113.63 97.79
CA ILE PA 151 41.33 113.55 97.43
C ILE PA 151 41.14 112.84 96.10
N GLN PA 152 42.17 112.76 95.27
CA GLN PA 152 42.09 111.96 94.06
C GLN PA 152 42.24 110.47 94.37
N GLN PA 153 43.22 110.13 95.21
CA GLN PA 153 43.40 108.73 95.57
C GLN PA 153 42.19 108.17 96.31
N LEU PA 154 41.57 109.00 97.15
CA LEU PA 154 40.36 108.56 97.85
C LEU PA 154 39.27 108.12 96.88
N ALA PA 155 39.01 108.95 95.87
CA ALA PA 155 37.99 108.61 94.89
C ALA PA 155 38.40 107.40 94.06
N ARG PA 156 39.67 107.32 93.67
CA ARG PA 156 40.16 106.17 92.92
C ARG PA 156 40.00 104.88 93.71
N ASN PA 157 40.11 104.94 95.03
CA ASN PA 157 39.98 103.77 95.90
C ASN PA 157 38.53 103.38 96.13
N VAL PA 158 37.67 104.38 96.39
CA VAL PA 158 36.26 104.11 96.60
C VAL PA 158 35.61 103.59 95.32
N GLN PA 159 36.02 104.11 94.16
CA GLN PA 159 35.49 103.62 92.89
C GLN PA 159 35.87 102.15 92.68
N ALA PA 160 36.98 101.72 93.29
CA ALA PA 160 37.38 100.33 93.19
C ALA PA 160 36.57 99.45 94.12
N VAL PA 161 36.43 99.87 95.39
CA VAL PA 161 35.74 99.01 96.36
C VAL PA 161 34.25 98.94 96.04
N LEU PA 162 33.66 100.04 95.57
CA LEU PA 162 32.25 100.05 95.21
C LEU PA 162 31.95 99.11 94.04
N ASP PA 163 32.87 99.00 93.08
CA ASP PA 163 32.72 98.07 91.98
C ASP PA 163 32.70 96.62 92.46
N SER PA 164 33.49 96.30 93.48
CA SER PA 164 33.62 94.93 93.96
C SER PA 164 32.28 94.29 94.31
N PHE PA 165 31.26 95.09 94.63
CA PHE PA 165 29.92 94.58 94.91
C PHE PA 165 29.11 94.31 93.64
N GLU PA 166 29.75 94.34 92.47
CA GLU PA 166 29.16 93.87 91.23
C GLU PA 166 29.76 92.57 90.76
N ARG PA 167 31.10 92.51 90.67
CA ARG PA 167 31.76 91.22 90.47
C ARG PA 167 31.41 90.27 91.60
N GLY PA 168 31.17 90.79 92.81
CA GLY PA 168 30.78 89.93 93.92
C GLY PA 168 29.49 89.19 93.66
N THR PA 169 28.44 89.91 93.27
CA THR PA 169 27.17 89.24 92.98
C THR PA 169 27.28 88.39 91.72
N ALA PA 170 28.09 88.82 90.75
CA ALA PA 170 28.30 88.00 89.56
C ALA PA 170 28.93 86.66 89.90
N ASP PA 171 29.81 86.64 90.90
CA ASP PA 171 30.41 85.38 91.33
C ASP PA 171 29.49 84.59 92.24
N GLN PA 172 28.73 85.29 93.08
CA GLN PA 172 27.84 84.61 94.02
C GLN PA 172 26.70 83.89 93.31
N MET PA 173 26.14 84.51 92.28
CA MET PA 173 25.09 83.85 91.51
C MET PA 173 25.59 82.55 90.92
N LEU PA 174 26.81 82.55 90.38
CA LEU PA 174 27.35 81.34 89.78
C LEU PA 174 27.68 80.30 90.84
N ARG PA 175 28.27 80.72 91.96
CA ARG PA 175 28.59 79.78 93.03
C ARG PA 175 27.34 79.11 93.56
N VAL PA 176 26.22 79.83 93.61
CA VAL PA 176 24.98 79.22 94.05
C VAL PA 176 24.36 78.34 92.97
N LEU PA 177 24.27 78.82 91.73
CA LEU PA 177 23.68 78.03 90.66
C LEU PA 177 24.43 76.72 90.44
N MET PA 178 25.75 76.71 90.71
CA MET PA 178 26.51 75.47 90.63
C MET PA 178 26.25 74.55 91.81
N GLU PA 179 25.40 74.95 92.75
CA GLU PA 179 25.11 74.09 93.90
C GLU PA 179 23.78 73.36 93.74
N LYS PA 180 22.77 74.01 93.15
CA LYS PA 180 21.50 73.35 92.92
C LYS PA 180 21.55 72.37 91.77
N ALA PA 181 22.51 72.53 90.86
CA ALA PA 181 22.44 71.86 89.57
C ALA PA 181 22.91 70.40 89.69
N PRO PA 182 22.09 69.43 89.30
CA PRO PA 182 22.58 68.07 89.13
C PRO PA 182 23.19 67.92 87.74
N PRO PA 183 23.96 66.86 87.52
CA PRO PA 183 24.54 66.65 86.18
C PRO PA 183 23.50 66.15 85.20
N LEU PA 184 23.60 66.64 83.96
CA LEU PA 184 22.63 66.28 82.93
C LEU PA 184 22.58 64.77 82.69
N SER PA 185 23.74 64.11 82.72
CA SER PA 185 23.80 62.68 82.45
C SER PA 185 22.82 61.91 83.33
N LEU PA 186 22.85 62.19 84.64
CA LEU PA 186 21.89 61.54 85.54
C LEU PA 186 20.51 62.18 85.50
N LEU PA 187 20.30 63.18 84.64
CA LEU PA 187 19.02 63.87 84.61
C LEU PA 187 18.16 63.49 83.41
N ALA PA 188 18.76 63.36 82.23
CA ALA PA 188 17.99 63.12 81.01
C ALA PA 188 17.12 61.88 81.09
N PRO PA 189 17.63 60.67 81.41
CA PRO PA 189 16.74 59.51 81.46
C PRO PA 189 15.76 59.51 82.62
N PHE PA 190 16.03 60.29 83.68
CA PHE PA 190 15.10 60.39 84.80
C PHE PA 190 13.74 60.94 84.37
N THR PA 191 13.70 61.79 83.33
CA THR PA 191 12.43 62.33 82.88
C THR PA 191 11.62 61.32 82.10
N LEU PA 192 12.28 60.32 81.49
CA LEU PA 192 11.55 59.32 80.72
C LEU PA 192 10.71 58.42 81.61
N TYR PA 193 11.31 57.90 82.68
CA TYR PA 193 10.66 56.89 83.53
C TYR PA 193 9.85 57.52 84.66
N GLU PA 194 9.38 58.76 84.49
CA GLU PA 194 8.52 59.39 85.48
C GLU PA 194 7.21 58.62 85.63
N GLY PA 195 6.57 58.78 86.78
CA GLY PA 195 5.31 58.12 87.05
C GLY PA 195 5.36 56.62 87.13
N ARG PA 196 6.51 56.00 86.83
CA ARG PA 196 6.66 54.56 86.86
C ARG PA 196 7.38 54.05 88.09
N LEU PA 197 8.04 54.93 88.86
CA LEU PA 197 8.91 54.50 89.94
C LEU PA 197 8.10 54.18 91.20
N ALA PA 198 7.07 53.36 91.01
CA ALA PA 198 6.30 52.80 92.10
C ALA PA 198 6.58 51.32 92.32
N ASP PA 199 6.82 50.55 91.26
CA ASP PA 199 7.23 49.16 91.38
C ASP PA 199 8.76 49.07 91.50
N ARG PA 200 9.27 47.85 91.50
CA ARG PA 200 10.70 47.62 91.54
C ARG PA 200 11.32 47.46 90.16
N VAL PA 201 10.60 46.86 89.21
CA VAL PA 201 11.18 46.52 87.91
C VAL PA 201 11.55 47.78 87.14
N ALA PA 202 10.68 48.80 87.18
CA ALA PA 202 10.98 50.04 86.47
C ALA PA 202 12.20 50.74 87.07
N CYS PA 203 12.34 50.69 88.40
CA CYS PA 203 13.51 51.30 89.03
C CYS PA 203 14.78 50.55 88.66
N ALA PA 204 14.69 49.22 88.58
CA ALA PA 204 15.85 48.44 88.15
C ALA PA 204 16.25 48.81 86.73
N ALA PA 205 15.28 48.90 85.82
CA ALA PA 205 15.59 49.35 84.46
C ALA PA 205 16.18 50.76 84.45
N LEU PA 206 15.69 51.63 85.31
CA LEU PA 206 16.17 53.00 85.35
C LEU PA 206 17.64 53.07 85.79
N VAL PA 207 18.00 52.33 86.85
CA VAL PA 207 19.39 52.34 87.28
C VAL PA 207 20.29 51.66 86.25
N SER PA 208 19.81 50.60 85.61
CA SER PA 208 20.60 49.95 84.57
C SER PA 208 20.81 50.87 83.37
N GLU PA 209 19.88 51.79 83.12
CA GLU PA 209 20.07 52.75 82.04
C GLU PA 209 20.99 53.90 82.46
N LEU PA 210 20.87 54.35 83.70
CA LEU PA 210 21.76 55.38 84.22
C LEU PA 210 23.21 54.94 84.12
N LYS PA 211 23.49 53.69 84.48
CA LYS PA 211 24.86 53.19 84.44
C LYS PA 211 25.46 53.30 83.04
N ARG PA 212 24.69 52.99 82.01
CA ARG PA 212 25.19 53.12 80.64
C ARG PA 212 25.27 54.58 80.22
N ARG PA 213 24.31 55.39 80.64
CA ARG PA 213 24.27 56.79 80.22
C ARG PA 213 25.49 57.55 80.70
N VAL PA 214 25.82 57.44 81.98
CA VAL PA 214 26.94 58.22 82.51
C VAL PA 214 28.25 57.77 81.89
N ARG PA 215 28.41 56.47 81.66
CA ARG PA 215 29.66 55.90 81.17
C ARG PA 215 29.81 56.02 79.66
N ASP PA 216 28.92 56.75 78.99
CA ASP PA 216 28.98 56.87 77.54
C ASP PA 216 29.06 58.32 77.06
N ASP PA 217 28.31 59.23 77.65
CA ASP PA 217 28.24 60.60 77.17
C ASP PA 217 28.47 61.59 78.31
N THR PA 218 29.43 61.30 79.17
CA THR PA 218 29.87 62.25 80.18
C THR PA 218 30.96 63.18 79.68
N PHE PA 219 31.37 63.02 78.41
CA PHE PA 219 32.34 63.93 77.79
C PHE PA 219 31.98 64.00 76.30
N PHE PA 220 31.19 65.00 75.95
CA PHE PA 220 30.94 65.29 74.54
C PHE PA 220 31.80 66.47 74.10
N LEU PA 221 31.81 66.71 72.79
CA LEU PA 221 32.67 67.68 72.11
C LEU PA 221 34.14 67.49 72.44
N THR PA 222 34.50 66.33 73.00
CA THR PA 222 35.87 65.86 73.01
C THR PA 222 35.98 64.40 72.58
N LYS PA 223 34.95 63.60 72.84
CA LYS PA 223 34.87 62.24 72.33
C LYS PA 223 34.07 62.15 71.04
N HIS PA 224 33.24 63.15 70.76
CA HIS PA 224 32.39 63.18 69.57
C HIS PA 224 32.45 64.54 68.91
N GLU PA 225 33.62 65.19 68.97
CA GLU PA 225 33.76 66.50 68.35
C GLU PA 225 33.71 66.41 66.83
N ARG PA 226 34.30 65.36 66.25
CA ARG PA 226 34.26 65.19 64.81
C ARG PA 226 32.81 65.12 64.32
N ASN PA 227 32.00 64.25 64.92
CA ASN PA 227 30.58 64.24 64.63
C ASN PA 227 29.96 65.59 64.97
N LYS PA 228 28.91 65.95 64.24
CA LYS PA 228 28.27 67.24 64.39
C LYS PA 228 26.87 67.16 65.00
N ASP PA 229 26.12 66.10 64.70
CA ASP PA 229 24.73 66.03 65.14
C ASP PA 229 24.60 65.60 66.59
N ALA PA 230 25.50 64.73 67.07
CA ALA PA 230 25.37 64.22 68.43
C ALA PA 230 25.56 65.33 69.46
N VAL PA 231 26.53 66.22 69.23
CA VAL PA 231 26.73 67.34 70.15
C VAL PA 231 25.50 68.22 70.19
N LEU PA 232 24.92 68.54 69.03
CA LEU PA 232 23.70 69.33 68.98
C LEU PA 232 22.55 68.64 69.70
N ASP PA 233 22.46 67.31 69.60
CA ASP PA 233 21.39 66.60 70.29
C ASP PA 233 21.59 66.64 71.80
N ARG PA 234 22.83 66.47 72.25
CA ARG PA 234 23.11 66.61 73.68
C ARG PA 234 22.73 68.00 74.18
N LEU PA 235 23.05 69.03 73.38
CA LEU PA 235 22.71 70.39 73.79
C LEU PA 235 21.21 70.60 73.84
N SER PA 236 20.48 70.10 72.83
CA SER PA 236 19.02 70.21 72.84
C SER PA 236 18.42 69.53 74.05
N ASP PA 237 18.90 68.33 74.39
CA ASP PA 237 18.43 67.65 75.59
C ASP PA 237 18.72 68.47 76.84
N LEU PA 238 19.93 69.01 76.95
CA LEU PA 238 20.29 69.80 78.12
C LEU PA 238 19.38 71.01 78.29
N VAL PA 239 19.04 71.67 77.18
CA VAL PA 239 18.22 72.87 77.28
C VAL PA 239 16.75 72.53 77.52
N ASN PA 240 16.28 71.41 76.96
CA ASN PA 240 14.87 71.04 77.07
C ASN PA 240 14.62 69.94 78.09
N CYS PA 241 15.52 69.77 79.07
CA CYS PA 241 15.27 68.83 80.16
C CYS PA 241 14.60 69.48 81.37
N THR PA 242 15.05 70.66 81.76
CA THR PA 242 14.51 71.33 82.94
C THR PA 242 13.13 71.93 82.64
N ALA PA 243 12.42 72.29 83.71
CA ALA PA 243 11.11 72.89 83.56
C ALA PA 243 11.16 74.38 83.91
N PRO PA 244 10.33 75.20 83.30
CA PRO PA 244 10.33 76.63 83.63
C PRO PA 244 9.62 76.89 84.95
N SER PA 245 10.11 77.91 85.66
CA SER PA 245 9.54 78.29 86.95
C SER PA 245 8.40 79.28 86.74
N VAL PA 246 7.96 79.91 87.82
CA VAL PA 246 6.87 80.88 87.72
C VAL PA 246 7.31 82.07 86.89
N ALA PA 247 6.36 82.65 86.16
CA ALA PA 247 6.62 83.83 85.34
C ALA PA 247 6.40 85.09 86.16
N VAL PA 248 7.16 86.14 85.84
CA VAL PA 248 7.05 87.42 86.52
C VAL PA 248 7.07 88.53 85.46
N ALA PA 249 6.26 89.55 85.71
CA ALA PA 249 6.05 90.60 84.72
C ALA PA 249 7.22 91.57 84.61
N ARG PA 250 8.13 91.59 85.59
CA ARG PA 250 9.16 92.62 85.63
C ARG PA 250 10.42 92.25 84.85
N MET PA 251 10.47 91.08 84.21
CA MET PA 251 11.69 90.70 83.49
C MET PA 251 11.75 91.33 82.10
N THR PA 252 10.82 90.95 81.23
CA THR PA 252 10.72 91.47 79.86
C THR PA 252 12.05 91.30 79.10
N HIS PA 253 12.95 90.44 79.58
CA HIS PA 253 14.19 90.14 78.85
C HIS PA 253 13.85 89.54 77.50
N ALA PA 254 14.18 90.23 76.41
CA ALA PA 254 13.68 89.83 75.11
C ALA PA 254 14.71 90.11 74.02
N ASP PA 255 14.42 89.58 72.84
CA ASP PA 255 15.18 89.92 71.64
C ASP PA 255 14.80 91.33 71.17
N THR PA 256 15.68 91.92 70.35
CA THR PA 256 15.45 93.28 69.88
C THR PA 256 14.16 93.42 69.06
N GLN PA 257 13.76 92.39 68.33
CA GLN PA 257 12.62 92.49 67.43
C GLN PA 257 11.46 91.58 67.79
N GLY PA 258 11.71 90.41 68.39
CA GLY PA 258 10.66 89.43 68.56
C GLY PA 258 10.41 88.93 69.96
N ARG PA 259 10.53 87.60 70.13
CA ARG PA 259 10.15 86.81 71.29
C ARG PA 259 11.12 87.03 72.44
N PRO PA 260 10.72 86.67 73.66
CA PRO PA 260 11.62 86.83 74.81
C PRO PA 260 12.67 85.73 74.86
N VAL PA 261 13.65 85.93 75.75
CA VAL PA 261 14.71 84.95 75.98
C VAL PA 261 14.29 84.07 77.15
N ASP PA 262 14.78 82.84 77.21
CA ASP PA 262 14.34 81.87 78.19
C ASP PA 262 15.42 81.41 79.15
N GLY PA 263 16.69 81.44 78.78
CA GLY PA 263 17.71 80.95 79.67
C GLY PA 263 19.09 81.44 79.31
N VAL PA 264 20.08 80.94 80.05
CA VAL PA 264 21.48 81.29 79.85
C VAL PA 264 22.29 80.00 79.73
N LEU PA 265 23.39 80.09 79.00
CA LEU PA 265 24.37 79.02 78.92
C LEU PA 265 25.72 79.61 79.29
N VAL PA 266 26.00 79.68 80.59
CA VAL PA 266 27.27 80.19 81.08
C VAL PA 266 28.31 79.09 80.95
N THR PA 267 29.44 79.41 80.32
CA THR PA 267 30.44 78.40 79.98
C THR PA 267 31.84 79.00 80.06
N THR PA 268 32.87 78.16 80.14
CA THR PA 268 34.23 78.64 80.06
C THR PA 268 34.51 79.18 78.66
N ALA PA 269 35.63 79.90 78.53
CA ALA PA 269 35.89 80.64 77.31
C ALA PA 269 36.23 79.74 76.12
N GLY PA 270 36.85 78.59 76.36
CA GLY PA 270 37.24 77.72 75.27
C GLY PA 270 36.08 76.97 74.64
N VAL PA 271 35.22 76.41 75.50
CA VAL PA 271 34.07 75.64 75.01
C VAL PA 271 33.12 76.55 74.23
N ARG PA 272 32.99 77.80 74.66
CA ARG PA 272 32.15 78.75 73.94
C ARG PA 272 32.66 78.95 72.52
N GLN PA 273 33.96 79.22 72.37
CA GLN PA 273 34.53 79.39 71.05
C GLN PA 273 34.40 78.12 70.22
N ARG PA 274 34.54 76.96 70.85
CA ARG PA 274 34.45 75.71 70.09
C ARG PA 274 33.02 75.43 69.65
N LEU PA 275 32.04 75.93 70.40
CA LEU PA 275 30.65 75.72 70.02
C LEU PA 275 30.18 76.72 68.97
N LEU PA 276 30.66 77.97 69.05
CA LEU PA 276 30.13 79.01 68.17
C LEU PA 276 30.49 78.75 66.70
N HIS PA 277 31.71 78.30 66.41
CA HIS PA 277 32.17 78.23 65.04
C HIS PA 277 31.68 77.00 64.29
N HIS PA 278 31.42 75.90 65.00
CA HIS PA 278 31.22 74.61 64.33
C HIS PA 278 29.82 74.04 64.49
N VAL PA 279 29.14 74.26 65.60
CA VAL PA 279 27.87 73.57 65.84
C VAL PA 279 26.75 74.56 66.12
N LEU PA 280 27.06 75.85 66.10
CA LEU PA 280 26.06 76.87 66.43
C LEU PA 280 26.25 78.07 65.53
N THR PA 281 25.35 79.04 65.68
CA THR PA 281 25.39 80.29 64.92
C THR PA 281 24.51 81.31 65.64
N LEU PA 282 25.05 82.50 65.83
CA LEU PA 282 24.35 83.58 66.51
C LEU PA 282 22.99 83.88 65.86
N ALA PA 283 21.92 83.74 66.63
CA ALA PA 283 20.61 84.16 66.14
C ALA PA 283 20.54 85.69 66.05
N ASP PA 284 20.78 86.37 67.16
CA ASP PA 284 20.85 87.82 67.20
C ASP PA 284 21.98 88.24 68.12
N THR PA 285 22.58 89.40 67.80
CA THR PA 285 23.75 89.88 68.52
C THR PA 285 23.45 91.05 69.44
N HIS PA 286 22.17 91.31 69.72
CA HIS PA 286 21.80 92.41 70.59
C HIS PA 286 20.57 92.01 71.41
N ALA PA 287 20.35 92.71 72.51
CA ALA PA 287 19.25 92.40 73.41
C ALA PA 287 18.93 93.64 74.23
N ASP PA 288 17.68 93.72 74.68
CA ASP PA 288 17.22 94.79 75.53
C ASP PA 288 16.73 94.22 76.86
N VAL PA 289 17.23 94.80 77.96
CA VAL PA 289 17.00 94.26 79.30
C VAL PA 289 16.47 95.38 80.18
N PRO PA 290 15.83 95.03 81.29
CA PRO PA 290 15.44 96.05 82.27
C PRO PA 290 16.66 96.75 82.86
N VAL PA 291 16.42 97.94 83.39
CA VAL PA 291 17.49 98.82 83.83
C VAL PA 291 17.40 99.04 85.33
N THR PA 292 16.33 98.55 85.93
CA THR PA 292 16.18 98.63 87.37
C THR PA 292 15.34 97.44 87.83
N TYR PA 293 15.44 97.12 89.11
CA TYR PA 293 14.73 95.99 89.69
C TYR PA 293 13.83 96.48 90.82
N GLY PA 294 12.83 95.66 91.15
CA GLY PA 294 11.75 96.09 92.01
C GLY PA 294 12.20 96.32 93.45
N GLU PA 295 11.22 96.65 94.28
CA GLU PA 295 11.47 96.95 95.69
C GLU PA 295 10.45 96.20 96.54
N MET PA 296 10.75 96.11 97.84
CA MET PA 296 9.81 95.54 98.80
C MET PA 296 9.94 96.34 100.09
N VAL PA 297 9.09 97.34 100.25
CA VAL PA 297 9.03 98.15 101.46
C VAL PA 297 7.80 97.73 102.25
N ILE PA 298 7.98 97.60 103.56
CA ILE PA 298 6.89 97.24 104.46
C ILE PA 298 6.45 98.52 105.16
N ALA PA 299 5.20 98.93 104.94
CA ALA PA 299 4.72 100.19 105.50
C ALA PA 299 3.22 100.29 105.38
N ASN PA 300 2.62 100.99 106.35
CA ASN PA 300 1.28 101.59 106.30
C ASN PA 300 0.16 100.56 106.33
N THR PA 301 0.50 99.29 106.19
CA THR PA 301 -0.52 98.25 106.31
C THR PA 301 -0.02 97.12 107.20
N ASN PA 302 1.27 96.81 107.10
CA ASN PA 302 1.89 95.75 107.87
C ASN PA 302 2.95 96.26 108.82
N LEU PA 303 3.17 97.58 108.87
CA LEU PA 303 4.04 98.14 109.90
C LEU PA 303 3.53 97.80 111.29
N VAL PA 304 2.21 97.84 111.47
CA VAL PA 304 1.62 97.58 112.79
C VAL PA 304 1.91 96.15 113.23
N THR PA 305 1.78 95.18 112.31
CA THR PA 305 2.00 93.80 112.70
C THR PA 305 3.49 93.51 112.84
N ALA PA 306 4.31 94.08 111.95
CA ALA PA 306 5.76 93.93 112.09
C ALA PA 306 6.25 94.46 113.42
N LEU PA 307 5.59 95.49 113.95
CA LEU PA 307 5.98 96.03 115.24
C LEU PA 307 5.42 95.21 116.40
N VAL PA 308 4.09 95.06 116.47
CA VAL PA 308 3.52 94.49 117.69
C VAL PA 308 3.57 92.95 117.67
N MET PA 309 3.23 92.31 116.55
CA MET PA 309 3.10 90.85 116.57
C MET PA 309 4.44 90.17 116.33
N GLY PA 310 5.07 90.44 115.19
CA GLY PA 310 6.33 89.81 114.86
C GLY PA 310 6.32 89.14 113.51
N LYS PA 311 5.24 89.33 112.75
CA LYS PA 311 5.11 88.74 111.43
C LYS PA 311 4.77 89.82 110.41
N ALA PA 312 4.91 89.45 109.14
CA ALA PA 312 4.53 90.30 108.03
C ALA PA 312 4.25 89.43 106.82
N VAL PA 313 3.62 90.04 105.81
CA VAL PA 313 3.27 89.36 104.56
C VAL PA 313 3.63 90.30 103.42
N SER PA 314 4.27 89.74 102.38
CA SER PA 314 4.77 90.56 101.28
C SER PA 314 3.67 91.12 100.41
N ASN PA 315 2.42 90.67 100.57
CA ASN PA 315 1.30 91.24 99.84
C ASN PA 315 0.09 91.40 100.75
N MET PA 316 0.34 91.93 101.96
CA MET PA 316 -0.76 92.08 102.92
C MET PA 316 -1.81 93.08 102.42
N ASP PA 317 -1.40 94.03 101.57
CA ASP PA 317 -2.36 94.95 100.97
C ASP PA 317 -3.45 94.21 100.24
N ASP PA 318 -3.07 93.24 99.40
CA ASP PA 318 -4.04 92.46 98.64
C ASP PA 318 -4.87 91.57 99.57
N VAL PA 319 -4.25 91.04 100.63
CA VAL PA 319 -4.99 90.21 101.58
C VAL PA 319 -6.10 91.01 102.23
N ALA PA 320 -5.78 92.22 102.69
CA ALA PA 320 -6.80 93.09 103.26
C ALA PA 320 -7.84 93.47 102.22
N ARG PA 321 -7.41 93.76 100.99
CA ARG PA 321 -8.36 94.09 99.93
C ARG PA 321 -9.31 92.93 99.63
N TYR PA 322 -8.86 91.71 99.87
CA TYR PA 322 -9.70 90.54 99.61
C TYR PA 322 -10.65 90.25 100.76
N LEU PA 323 -10.15 90.28 102.00
CA LEU PA 323 -10.99 89.93 103.15
C LEU PA 323 -12.09 90.96 103.36
N LEU PA 324 -11.75 92.24 103.25
CA LEU PA 324 -12.74 93.31 103.27
C LEU PA 324 -12.79 93.96 101.89
N GLY PA 325 -14.01 94.19 101.39
CA GLY PA 325 -14.23 94.70 100.06
C GLY PA 325 -13.45 95.95 99.72
N GLY PA 326 -13.43 96.92 100.62
CA GLY PA 326 -12.69 98.15 100.41
C GLY PA 326 -13.03 99.24 101.40
N GLY PA 337 12.10 100.29 83.28
CA GLY PA 337 12.67 100.83 82.06
C GLY PA 337 13.17 99.78 81.10
N SER PA 338 13.81 100.21 80.02
CA SER PA 338 14.35 99.31 79.02
C SER PA 338 15.53 99.98 78.31
N ALA PA 339 16.57 99.20 78.04
CA ALA PA 339 17.72 99.69 77.30
C ALA PA 339 18.35 98.52 76.55
N ARG PA 340 18.81 98.80 75.33
CA ARG PA 340 19.39 97.79 74.47
C ARG PA 340 20.89 97.71 74.73
N VAL PA 341 21.40 96.50 74.98
CA VAL PA 341 22.81 96.28 75.20
C VAL PA 341 23.31 95.23 74.22
N ARG PA 342 24.62 94.98 74.23
CA ARG PA 342 25.25 94.01 73.35
C ARG PA 342 25.36 92.69 74.08
N ALA PA 343 24.96 91.60 73.41
CA ALA PA 343 25.01 90.27 73.99
C ALA PA 343 25.04 89.26 72.84
N ASP PA 344 25.05 87.99 73.20
CA ASP PA 344 25.10 86.90 72.22
C ASP PA 344 23.92 85.96 72.47
N LEU PA 345 22.89 86.08 71.65
CA LEU PA 345 21.73 85.21 71.72
C LEU PA 345 21.83 84.12 70.66
N VAL PA 346 21.63 82.88 71.09
CA VAL PA 346 21.66 81.74 70.18
C VAL PA 346 20.38 80.94 70.39
N VAL PA 347 19.94 80.26 69.34
CA VAL PA 347 18.75 79.43 69.39
C VAL PA 347 19.19 77.97 69.41
N VAL PA 348 18.57 77.19 70.28
CA VAL PA 348 18.85 75.76 70.41
C VAL PA 348 17.53 75.04 70.66
N GLY PA 349 17.35 73.89 70.01
CA GLY PA 349 16.07 73.23 70.05
C GLY PA 349 14.99 74.16 69.54
N ASP PA 350 14.00 74.44 70.38
CA ASP PA 350 12.94 75.38 70.05
C ASP PA 350 12.99 76.61 70.97
N ARG PA 351 14.17 76.89 71.53
CA ARG PA 351 14.28 77.89 72.57
C ARG PA 351 15.46 78.82 72.27
N LEU PA 352 15.31 80.09 72.66
CA LEU PA 352 16.30 81.12 72.46
C LEU PA 352 16.90 81.48 73.82
N VAL PA 353 18.22 81.35 73.95
CA VAL PA 353 18.90 81.52 75.21
C VAL PA 353 20.11 82.43 75.03
N PHE PA 354 20.54 83.04 76.13
CA PHE PA 354 21.81 83.76 76.16
C PHE PA 354 22.97 82.77 76.02
N LEU PA 355 24.17 83.32 75.85
CA LEU PA 355 25.37 82.50 75.80
C LEU PA 355 26.54 83.38 76.22
N GLU PA 356 26.98 83.23 77.47
CA GLU PA 356 27.99 84.09 78.05
C GLU PA 356 29.17 83.26 78.56
N ALA PA 357 30.33 83.91 78.61
CA ALA PA 357 31.54 83.33 79.20
C ALA PA 357 32.15 84.43 80.05
N LEU PA 358 32.04 84.30 81.38
CA LEU PA 358 32.43 85.34 82.31
C LEU PA 358 33.89 85.26 82.73
N GLU PA 359 34.75 84.70 81.87
CA GLU PA 359 36.17 84.65 82.20
C GLU PA 359 36.88 85.97 81.90
N LYS PA 360 36.47 86.65 80.83
CA LYS PA 360 37.08 87.93 80.48
C LYS PA 360 36.43 89.09 81.24
N ARG PA 361 35.10 89.12 81.32
CA ARG PA 361 34.41 90.18 82.04
C ARG PA 361 34.79 90.17 83.52
N VAL PA 362 34.46 89.09 84.21
CA VAL PA 362 34.76 88.95 85.62
C VAL PA 362 35.89 87.95 85.77
N TYR PA 363 36.50 87.92 86.96
CA TYR PA 363 37.54 86.96 87.35
C TYR PA 363 38.88 87.27 86.70
N GLN PA 364 38.92 88.25 85.81
CA GLN PA 364 40.18 88.63 85.18
C GLN PA 364 41.07 89.36 86.17
N ALA PA 365 42.36 89.09 86.09
CA ALA PA 365 43.38 89.79 86.87
C ALA PA 365 43.15 89.71 88.38
N THR PA 366 42.35 88.75 88.83
CA THR PA 366 42.14 88.53 90.25
C THR PA 366 42.45 87.07 90.59
N GLN PA 367 42.74 86.83 91.87
CA GLN PA 367 43.22 85.52 92.29
C GLN PA 367 42.10 84.50 92.46
N VAL PA 368 40.85 84.91 92.34
CA VAL PA 368 39.74 83.96 92.54
C VAL PA 368 39.57 83.11 91.29
N PRO PA 369 39.56 81.79 91.40
CA PRO PA 369 39.43 80.94 90.21
C PRO PA 369 38.04 81.01 89.59
N TYR PA 370 37.94 80.43 88.41
CA TYR PA 370 36.66 80.36 87.71
C TYR PA 370 35.86 79.19 88.26
N PRO PA 371 34.61 79.42 88.70
CA PRO PA 371 33.89 78.38 89.44
C PRO PA 371 33.30 77.27 88.59
N LEU PA 372 33.44 77.32 87.26
CA LEU PA 372 32.91 76.27 86.41
C LEU PA 372 33.98 75.26 85.98
N VAL PA 373 35.05 75.14 86.75
CA VAL PA 373 36.04 74.10 86.52
C VAL PA 373 35.64 72.94 87.43
N GLY PA 374 34.90 71.99 86.86
CA GLY PA 374 34.39 70.88 87.63
C GLY PA 374 35.50 69.93 88.05
N ASN PA 375 35.11 68.94 88.87
CA ASN PA 375 36.04 67.94 89.38
C ASN PA 375 35.34 66.60 89.39
N LEU PA 376 35.59 65.79 88.35
CA LEU PA 376 35.06 64.44 88.30
C LEU PA 376 35.81 63.56 89.29
N ASP PA 377 35.21 62.43 89.66
CA ASP PA 377 35.84 61.50 90.60
C ASP PA 377 35.63 60.08 90.08
N VAL PA 378 36.72 59.38 89.82
CA VAL PA 378 36.68 58.02 89.30
C VAL PA 378 37.54 57.14 90.20
N THR PA 379 37.05 55.94 90.49
CA THR PA 379 37.79 54.95 91.27
C THR PA 379 38.02 53.73 90.38
N PHE PA 380 39.29 53.34 90.22
CA PHE PA 380 39.63 52.22 89.38
C PHE PA 380 39.84 50.95 90.20
N VAL PA 381 39.83 49.82 89.51
CA VAL PA 381 40.04 48.52 90.12
C VAL PA 381 40.74 47.62 89.12
N MET PA 382 41.62 46.75 89.61
CA MET PA 382 42.35 45.86 88.74
C MET PA 382 42.78 44.61 89.49
N PRO PA 383 42.38 43.42 89.03
CA PRO PA 383 42.81 42.19 89.70
C PRO PA 383 44.30 41.93 89.47
N LEU PA 384 44.96 41.45 90.52
CA LEU PA 384 46.42 41.33 90.50
C LEU PA 384 46.89 39.94 90.07
N GLY PA 385 46.52 38.90 90.81
CA GLY PA 385 47.12 37.60 90.61
C GLY PA 385 46.16 36.45 90.48
N VAL PA 386 45.03 36.68 89.81
CA VAL PA 386 44.07 35.61 89.58
C VAL PA 386 44.66 34.56 88.63
N PHE PA 387 44.05 33.38 88.64
CA PHE PA 387 44.50 32.28 87.79
C PHE PA 387 43.28 31.66 87.13
N LYS PA 388 43.20 31.77 85.81
CA LYS PA 388 42.04 31.33 85.05
C LYS PA 388 41.95 29.80 85.04
N PRO PA 389 40.73 29.26 84.86
CA PRO PA 389 40.58 27.79 84.86
C PRO PA 389 41.26 27.12 83.67
N ALA PA 390 41.15 25.79 83.60
CA ALA PA 390 41.93 25.02 82.65
C ALA PA 390 41.48 25.27 81.21
N ALA PA 391 40.17 25.42 80.99
CA ALA PA 391 39.66 25.59 79.64
C ALA PA 391 39.90 26.98 79.08
N ASP PA 392 40.66 27.83 79.77
CA ASP PA 392 40.87 29.20 79.34
C ASP PA 392 42.33 29.49 78.98
N ARG PA 393 43.28 28.74 79.51
CA ARG PA 393 44.69 28.99 79.19
C ARG PA 393 44.96 28.45 77.80
N TYR PA 394 44.56 29.24 76.78
CA TYR PA 394 44.77 28.90 75.39
C TYR PA 394 45.55 30.02 74.72
N ALA PA 395 46.23 29.68 73.63
CA ALA PA 395 46.91 30.67 72.79
C ALA PA 395 46.06 30.90 71.53
N ARG PA 396 45.99 32.15 71.09
CA ARG PA 396 45.07 32.49 70.01
C ARG PA 396 45.54 31.94 68.67
N HIS PA 397 46.81 32.19 68.33
CA HIS PA 397 47.36 31.77 67.05
C HIS PA 397 48.49 30.77 67.26
N ALA PA 398 48.95 30.20 66.14
CA ALA PA 398 50.07 29.26 66.18
C ALA PA 398 51.36 29.95 66.55
N GLY PA 399 51.75 30.97 65.78
CA GLY PA 399 52.93 31.72 66.11
C GLY PA 399 52.60 32.83 67.10
N SER PA 400 52.76 32.51 68.37
CA SER PA 400 52.42 33.36 69.48
C SER PA 400 53.64 34.17 69.91
N PHE PA 401 53.60 34.77 71.09
CA PHE PA 401 54.78 35.40 71.67
C PHE PA 401 55.75 34.28 72.05
N ALA PA 402 56.43 33.76 71.03
CA ALA PA 402 57.25 32.58 71.20
C ALA PA 402 58.45 32.89 72.08
N PRO PA 403 58.82 31.98 72.97
CA PRO PA 403 59.92 32.24 73.90
C PRO PA 403 61.27 32.11 73.22
N THR PA 404 62.30 32.51 73.95
CA THR PA 404 63.67 32.35 73.48
C THR PA 404 63.99 30.86 73.37
N PRO PA 405 64.48 30.38 72.23
CA PRO PA 405 64.70 28.94 72.07
C PRO PA 405 65.67 28.39 73.10
N GLY PA 406 65.44 27.15 73.52
CA GLY PA 406 66.22 26.51 74.56
C GLY PA 406 65.78 26.82 75.97
N LEU PA 407 64.72 27.62 76.15
CA LEU PA 407 64.23 27.98 77.46
C LEU PA 407 62.74 27.67 77.52
N PRO PA 408 62.28 27.02 78.59
CA PRO PA 408 60.85 26.71 78.70
C PRO PA 408 60.01 27.98 78.68
N ASP PA 409 58.77 27.84 78.20
CA ASP PA 409 57.87 28.97 78.01
C ASP PA 409 57.61 29.68 79.34
N PRO PA 410 58.09 30.91 79.49
CA PRO PA 410 57.92 31.60 80.78
C PRO PA 410 56.56 32.29 80.91
N ARG PA 411 55.63 31.97 80.02
CA ARG PA 411 54.33 32.61 80.02
C ARG PA 411 53.22 31.73 80.60
N THR PA 412 53.47 30.44 80.84
CA THR PA 412 52.44 29.54 81.36
C THR PA 412 52.43 29.48 82.88
N HIS PA 413 52.90 30.53 83.55
CA HIS PA 413 52.97 30.55 84.99
C HIS PA 413 51.99 31.57 85.56
N PRO PA 414 51.49 31.35 86.77
CA PRO PA 414 50.55 32.30 87.37
C PRO PA 414 51.17 33.67 87.50
N PRO PA 415 50.49 34.71 86.99
CA PRO PA 415 51.07 36.05 87.01
C PRO PA 415 51.09 36.64 88.41
N ARG PA 416 52.04 37.55 88.62
CA ARG PA 416 52.20 38.18 89.93
C ARG PA 416 52.45 39.68 89.79
N ALA PA 417 51.95 40.30 88.73
CA ALA PA 417 52.14 41.73 88.53
C ALA PA 417 51.14 42.22 87.49
N VAL PA 418 50.91 43.53 87.49
CA VAL PA 418 50.08 44.18 86.49
C VAL PA 418 50.81 45.41 85.99
N HIS PA 419 50.70 45.67 84.69
CA HIS PA 419 51.24 46.87 84.08
C HIS PA 419 50.08 47.74 83.61
N PHE PA 420 50.24 49.05 83.74
CA PHE PA 420 49.20 49.98 83.33
C PHE PA 420 49.85 51.35 83.14
N PHE PA 421 49.08 52.28 82.58
CA PHE PA 421 49.61 53.53 82.09
C PHE PA 421 49.35 54.67 83.07
N ASN PA 422 50.25 55.65 83.06
CA ASN PA 422 50.26 56.75 84.00
C ASN PA 422 49.44 57.92 83.44
N LYS PA 423 49.54 59.08 84.08
CA LYS PA 423 48.82 60.26 83.60
C LYS PA 423 49.38 60.74 82.27
N ASP PA 424 50.72 60.78 82.16
CA ASP PA 424 51.34 61.24 80.91
C ASP PA 424 51.37 60.12 79.89
N GLY PA 425 51.61 58.89 80.34
CA GLY PA 425 51.65 57.76 79.43
C GLY PA 425 52.71 56.73 79.75
N VAL PA 426 53.64 57.08 80.63
CA VAL PA 426 54.72 56.17 81.02
C VAL PA 426 54.13 54.93 81.68
N PRO PA 427 54.65 53.74 81.38
CA PRO PA 427 54.19 52.54 82.08
C PRO PA 427 54.64 52.50 83.53
N CYS PA 428 53.77 51.92 84.36
CA CYS PA 428 54.03 51.83 85.80
C CYS PA 428 53.35 50.58 86.32
N HIS PA 429 54.09 49.78 87.08
CA HIS PA 429 53.64 48.45 87.46
C HIS PA 429 53.34 48.38 88.95
N VAL PA 430 52.50 47.42 89.31
CA VAL PA 430 52.16 47.10 90.68
C VAL PA 430 52.37 45.62 90.89
N THR PA 431 53.03 45.25 91.98
CA THR PA 431 53.37 43.86 92.24
C THR PA 431 53.21 43.58 93.74
N PHE PA 432 53.26 42.30 94.09
CA PHE PA 432 53.09 41.87 95.48
C PHE PA 432 54.06 42.60 96.41
N GLU PA 433 55.24 42.97 95.92
CA GLU PA 433 56.24 43.65 96.74
C GLU PA 433 55.71 44.95 97.34
N HIS PA 434 54.63 45.51 96.80
CA HIS PA 434 54.06 46.73 97.34
C HIS PA 434 52.99 46.46 98.38
N ALA PA 435 52.35 45.30 98.34
CA ALA PA 435 51.28 44.99 99.28
C ALA PA 435 51.81 44.55 100.64
N MET PA 436 53.12 44.66 100.88
CA MET PA 436 53.66 44.33 102.19
C MET PA 436 53.13 45.28 103.25
N GLY PA 437 52.76 46.50 102.86
CA GLY PA 437 52.20 47.46 103.79
C GLY PA 437 50.87 47.08 104.39
N THR PA 438 50.24 46.01 103.88
CA THR PA 438 48.97 45.54 104.42
C THR PA 438 49.05 44.13 104.95
N LEU PA 439 49.59 43.19 104.17
CA LEU PA 439 49.63 41.79 104.59
C LEU PA 439 50.61 41.55 105.74
N CYS PA 440 51.57 42.45 105.93
CA CYS PA 440 52.54 42.34 107.02
C CYS PA 440 52.18 43.39 108.06
N HIS PA 441 51.29 43.02 108.98
CA HIS PA 441 50.84 43.90 110.06
C HIS PA 441 50.04 43.08 111.07
N PRO PA 442 50.09 43.43 112.35
CA PRO PA 442 49.29 42.73 113.36
C PRO PA 442 47.80 42.63 113.02
N SER PA 443 47.28 43.58 112.25
CA SER PA 443 45.87 43.53 111.86
C SER PA 443 45.51 42.27 111.08
N PHE PA 444 46.48 41.67 110.39
CA PHE PA 444 46.25 40.43 109.66
C PHE PA 444 45.76 39.31 110.57
N LEU PA 445 46.11 39.35 111.86
CA LEU PA 445 45.76 38.29 112.80
C LEU PA 445 44.77 38.73 113.86
N ASP PA 446 44.18 39.92 113.72
CA ASP PA 446 43.21 40.43 114.69
C ASP PA 446 41.86 39.76 114.44
N VAL PA 447 41.52 38.76 115.26
CA VAL PA 447 40.32 37.97 115.08
C VAL PA 447 39.42 37.96 116.30
N ASP PA 448 39.90 38.47 117.44
CA ASP PA 448 39.14 38.37 118.69
C ASP PA 448 37.78 39.03 118.58
N ALA PA 449 37.71 40.21 117.93
CA ALA PA 449 36.42 40.86 117.74
C ALA PA 449 35.47 39.99 116.93
N THR PA 450 36.02 39.25 115.96
CA THR PA 450 35.18 38.37 115.14
C THR PA 450 34.59 37.25 115.97
N LEU PA 451 35.42 36.55 116.75
CA LEU PA 451 34.91 35.48 117.60
C LEU PA 451 33.92 36.02 118.63
N ALA PA 452 34.14 37.24 119.10
CA ALA PA 452 33.18 37.85 120.01
C ALA PA 452 31.84 38.08 119.32
N ALA PA 453 31.86 38.61 118.09
CA ALA PA 453 30.63 38.87 117.37
C ALA PA 453 29.95 37.61 116.89
N LEU PA 454 30.66 36.48 116.82
CA LEU PA 454 30.08 35.24 116.32
C LEU PA 454 29.46 34.37 117.40
N ARG PA 455 29.77 34.61 118.67
CA ARG PA 455 29.14 33.88 119.76
C ARG PA 455 27.75 34.41 120.10
N GLN PA 456 27.28 35.44 119.39
CA GLN PA 456 25.94 35.95 119.62
C GLN PA 456 24.86 34.97 119.20
N GLU PA 457 25.16 34.02 118.32
CA GLU PA 457 24.24 32.95 118.07
C GLU PA 457 24.18 32.03 119.29
N PRO PA 458 23.02 31.44 119.59
CA PRO PA 458 22.92 30.59 120.78
C PRO PA 458 23.83 29.38 120.71
N ALA PA 459 23.66 28.55 119.68
CA ALA PA 459 24.47 27.35 119.51
C ALA PA 459 24.11 26.68 118.20
N GLU PA 460 24.93 25.70 117.82
CA GLU PA 460 24.76 24.85 116.64
C GLU PA 460 25.65 23.63 116.82
N VAL PA 461 25.12 22.45 116.54
CA VAL PA 461 25.91 21.24 116.49
C VAL PA 461 25.70 20.60 115.12
N GLN PA 462 26.79 20.39 114.39
CA GLN PA 462 26.75 19.76 113.07
C GLN PA 462 27.72 18.62 112.93
N CYS PA 463 28.57 18.38 113.94
CA CYS PA 463 29.59 17.34 113.91
C CYS PA 463 30.23 17.29 115.28
N ALA PA 464 30.87 16.17 115.58
CA ALA PA 464 31.59 16.03 116.85
C ALA PA 464 32.99 15.47 116.63
N PHE PA 465 33.16 14.65 115.60
CA PHE PA 465 34.39 13.86 115.45
C PHE PA 465 35.57 14.69 115.00
N GLY PA 466 35.34 15.76 114.25
CA GLY PA 466 36.44 16.50 113.64
C GLY PA 466 37.17 17.44 114.58
N ALA PA 467 36.58 17.79 115.71
CA ALA PA 467 37.13 18.85 116.56
C ALA PA 467 37.14 18.42 118.03
N TYR PA 468 37.70 17.24 118.30
CA TYR PA 468 37.86 16.81 119.69
C TYR PA 468 39.04 15.86 119.79
N VAL PA 469 39.81 16.00 120.87
CA VAL PA 469 40.91 15.09 121.17
C VAL PA 469 40.77 14.61 122.61
N ALA PA 470 41.62 13.66 123.00
CA ALA PA 470 41.59 13.12 124.36
C ALA PA 470 43.01 12.73 124.74
N ASP PA 471 43.18 12.28 125.98
CA ASP PA 471 44.47 11.87 126.50
C ASP PA 471 44.52 10.35 126.63
N ALA PA 472 45.57 9.76 126.07
CA ALA PA 472 45.76 8.32 126.13
C ALA PA 472 46.06 7.88 127.56
N ARG PA 473 45.45 6.79 127.98
CA ARG PA 473 45.73 6.19 129.26
C ARG PA 473 46.72 5.05 129.06
N PRO PA 474 47.15 4.34 130.12
CA PRO PA 474 47.90 3.10 129.91
C PRO PA 474 47.06 2.04 129.22
N ASP PA 475 47.62 0.84 129.04
CA ASP PA 475 47.00 -0.22 128.23
C ASP PA 475 46.92 0.22 126.77
N ALA PA 476 48.10 0.38 126.16
CA ALA PA 476 48.27 1.09 124.90
C ALA PA 476 48.13 0.19 123.68
N LEU PA 477 47.62 0.79 122.60
CA LEU PA 477 47.65 0.33 121.21
C LEU PA 477 46.75 -0.85 120.93
N VAL PA 478 46.12 -1.44 121.94
CA VAL PA 478 45.19 -2.55 121.75
C VAL PA 478 43.81 -2.19 122.25
N GLY PA 479 43.72 -1.61 123.44
CA GLY PA 479 42.44 -1.15 123.94
C GLY PA 479 41.99 0.12 123.27
N LEU PA 480 42.93 1.03 123.04
CA LEU PA 480 42.60 2.30 122.41
C LEU PA 480 41.99 2.12 121.02
N MET PA 481 42.62 1.29 120.18
CA MET PA 481 42.13 1.15 118.81
C MET PA 481 40.78 0.46 118.76
N GLN PA 482 40.62 -0.60 119.55
CA GLN PA 482 39.30 -1.25 119.63
C GLN PA 482 38.25 -0.27 120.08
N ARG PA 483 38.47 0.40 121.22
CA ARG PA 483 37.49 1.30 121.78
C ARG PA 483 37.21 2.52 120.91
N PHE PA 484 38.17 2.94 120.09
CA PHE PA 484 37.90 4.05 119.19
C PHE PA 484 37.09 3.60 117.98
N LEU PA 485 37.50 2.51 117.33
CA LEU PA 485 36.79 2.06 116.14
C LEU PA 485 35.36 1.64 116.47
N GLU PA 486 35.13 1.05 117.64
CA GLU PA 486 33.79 0.59 117.97
C GLU PA 486 32.89 1.75 118.36
N GLU PA 487 33.45 2.77 119.03
CA GLU PA 487 32.70 3.95 119.43
C GLU PA 487 32.71 5.04 118.34
N TRP PA 488 33.15 4.70 117.13
CA TRP PA 488 33.21 5.68 116.05
C TRP PA 488 31.82 6.01 115.49
N PRO PA 489 30.97 5.02 115.17
CA PRO PA 489 29.63 5.36 114.68
C PRO PA 489 28.81 6.18 115.66
N GLY PA 490 29.04 5.99 116.96
CA GLY PA 490 28.38 6.82 117.95
C GLY PA 490 28.91 8.24 118.02
N MET PA 491 29.98 8.56 117.28
CA MET PA 491 30.63 9.85 117.38
C MET PA 491 30.27 10.81 116.25
N MET PA 492 29.94 10.30 115.07
CA MET PA 492 29.49 11.15 113.97
C MET PA 492 28.16 10.70 113.42
N PRO PA 493 27.03 11.13 114.01
CA PRO PA 493 25.72 10.79 113.47
C PRO PA 493 25.33 11.56 112.22
N VAL PA 494 26.06 12.62 111.86
CA VAL PA 494 25.77 13.42 110.69
C VAL PA 494 27.06 13.50 109.87
N ARG PA 495 26.98 14.07 108.68
CA ARG PA 495 28.13 14.14 107.81
C ARG PA 495 29.17 15.09 108.39
N PRO PA 496 30.44 14.70 108.44
CA PRO PA 496 31.49 15.66 108.81
C PRO PA 496 31.70 16.67 107.69
N ARG PA 497 31.59 17.95 108.05
CA ARG PA 497 31.69 19.01 107.05
C ARG PA 497 33.04 18.97 106.34
N TRP PA 498 34.12 19.03 107.11
CA TRP PA 498 35.47 19.08 106.56
C TRP PA 498 35.84 17.84 105.76
N ALA PA 499 35.07 16.76 105.89
CA ALA PA 499 35.41 15.50 105.25
C ALA PA 499 35.47 15.63 103.73
N ALA PA 500 34.34 15.96 103.12
CA ALA PA 500 34.29 16.20 101.69
C ALA PA 500 33.93 17.66 101.43
N PRO PA 501 34.73 18.37 100.64
CA PRO PA 501 34.42 19.78 100.37
C PRO PA 501 33.10 19.92 99.63
N ALA PA 502 32.60 21.15 99.59
CA ALA PA 502 31.29 21.39 99.00
C ALA PA 502 31.35 21.28 97.47
N ALA PA 503 32.07 22.22 96.84
CA ALA PA 503 32.24 22.22 95.39
C ALA PA 503 33.21 23.32 94.98
N ALA PA 504 33.40 23.52 93.68
CA ALA PA 504 34.08 24.71 93.21
C ALA PA 504 33.09 25.89 93.11
N ASP PA 505 31.82 25.60 92.86
CA ASP PA 505 30.79 26.63 92.73
C ASP PA 505 29.70 26.54 93.77
N GLN PA 506 29.26 25.33 94.13
CA GLN PA 506 28.18 25.16 95.10
C GLN PA 506 28.57 25.57 96.50
N LEU PA 507 29.84 25.89 96.74
CA LEU PA 507 30.17 26.54 97.99
C LEU PA 507 29.56 27.93 98.06
N LEU PA 508 29.57 28.66 96.95
CA LEU PA 508 29.03 30.02 96.90
C LEU PA 508 27.54 30.07 96.64
N ALA PA 509 26.84 28.95 96.82
CA ALA PA 509 25.39 28.96 96.70
C ALA PA 509 24.80 29.80 97.83
N PRO PA 510 23.68 30.49 97.59
CA PRO PA 510 23.11 31.37 98.62
C PRO PA 510 22.45 30.65 99.78
N GLY PA 511 22.56 29.33 99.90
CA GLY PA 511 21.85 28.64 100.97
C GLY PA 511 22.71 27.84 101.93
N ASN PA 512 23.86 27.36 101.48
CA ASN PA 512 24.63 26.44 102.30
C ASN PA 512 25.22 27.15 103.51
N ALA PA 513 25.49 26.37 104.56
CA ALA PA 513 25.98 26.89 105.83
C ALA PA 513 27.50 26.92 105.89
N ASP PA 514 28.16 27.04 104.74
CA ASP PA 514 29.62 27.09 104.70
C ASP PA 514 30.17 28.50 104.61
N LEU PA 515 29.49 29.42 103.92
CA LEU PA 515 29.90 30.81 103.95
C LEU PA 515 29.92 31.36 105.37
N ARG PA 516 29.04 30.86 106.23
CA ARG PA 516 28.88 31.39 107.58
C ARG PA 516 30.12 31.24 108.44
N LEU PA 517 31.18 30.60 107.93
CA LEU PA 517 32.40 30.43 108.72
C LEU PA 517 33.64 30.88 107.96
N GLU PA 518 33.63 30.75 106.63
CA GLU PA 518 34.80 31.06 105.81
C GLU PA 518 34.86 32.57 105.60
N LEU PA 519 35.49 33.27 106.55
CA LEU PA 519 35.62 34.72 106.44
C LEU PA 519 37.01 35.18 106.88
N HIS PA 520 38.04 34.40 106.54
CA HIS PA 520 39.41 34.81 106.78
C HIS PA 520 40.39 33.96 105.98
N PRO PA 521 41.33 34.57 105.25
CA PRO PA 521 42.26 33.80 104.43
C PRO PA 521 43.31 33.03 105.22
N ALA PA 522 43.52 33.33 106.50
CA ALA PA 522 44.51 32.62 107.31
C ALA PA 522 43.92 32.18 108.65
N PHE PA 523 42.65 31.77 108.64
CA PHE PA 523 42.01 31.32 109.86
C PHE PA 523 40.85 30.38 109.52
N ASP PA 524 40.62 29.42 110.40
CA ASP PA 524 39.55 28.44 110.27
C ASP PA 524 38.62 28.56 111.46
N PHE PA 525 37.32 28.58 111.19
CA PHE PA 525 36.30 28.61 112.23
C PHE PA 525 35.45 27.34 112.14
N PHE PA 526 35.01 26.86 113.29
CA PHE PA 526 34.22 25.64 113.35
C PHE PA 526 33.41 25.63 114.65
N VAL PA 527 32.69 24.54 114.88
CA VAL PA 527 31.94 24.32 116.11
C VAL PA 527 32.56 23.14 116.83
N ALA PA 528 32.47 23.14 118.16
CA ALA PA 528 33.15 22.17 118.99
C ALA PA 528 32.45 22.07 120.34
N PRO PA 529 32.69 21.00 121.09
CA PRO PA 529 32.07 20.90 122.41
C PRO PA 529 32.75 21.80 123.43
N GLU PA 530 31.96 22.28 124.39
CA GLU PA 530 32.46 23.17 125.44
C GLU PA 530 33.23 22.34 126.46
N VAL PA 531 34.44 21.93 126.05
CA VAL PA 531 35.37 21.20 126.89
C VAL PA 531 36.75 21.81 126.68
N ASP PA 532 37.69 21.50 127.56
CA ASP PA 532 39.08 21.86 127.35
C ASP PA 532 39.75 20.80 126.49
N VAL PA 533 40.99 21.07 126.08
CA VAL PA 533 41.74 20.17 125.21
C VAL PA 533 43.05 19.77 125.88
N PRO PA 534 43.38 18.48 125.95
CA PRO PA 534 42.45 17.41 125.59
C PRO PA 534 41.44 17.14 126.69
N GLY PA 535 40.77 15.99 126.65
CA GLY PA 535 39.80 15.66 127.66
C GLY PA 535 39.64 14.17 127.87
N PRO PA 536 38.50 13.76 128.41
CA PRO PA 536 38.25 12.33 128.61
C PRO PA 536 38.08 11.60 127.30
N PHE PA 537 38.16 10.27 127.38
CA PHE PA 537 37.99 9.44 126.19
C PHE PA 537 36.53 9.36 125.76
N ALA PA 538 35.60 9.67 126.64
CA ALA PA 538 34.18 9.73 126.32
C ALA PA 538 33.81 11.18 126.04
N VAL PA 539 33.43 11.48 124.80
CA VAL PA 539 33.00 12.83 124.44
C VAL PA 539 31.64 13.08 125.07
N PRO PA 540 31.49 14.15 125.85
CA PRO PA 540 30.21 14.41 126.51
C PRO PA 540 29.24 15.15 125.60
N GLN PA 541 27.96 15.05 125.95
CA GLN PA 541 26.90 15.76 125.24
C GLN PA 541 26.76 17.18 125.78
N VAL PA 542 27.81 17.98 125.63
CA VAL PA 542 27.86 19.33 126.18
C VAL PA 542 27.52 20.32 125.08
N MET PA 543 27.00 21.49 125.50
CA MET PA 543 26.72 22.61 124.62
C MET PA 543 27.90 22.87 123.69
N GLY PA 544 27.59 23.34 122.48
CA GLY PA 544 28.59 23.64 121.47
C GLY PA 544 28.93 25.11 121.44
N GLN PA 545 30.19 25.41 121.12
CA GLN PA 545 30.67 26.77 120.99
C GLN PA 545 31.66 26.83 119.84
N VAL PA 546 31.83 28.04 119.30
CA VAL PA 546 32.65 28.27 118.12
C VAL PA 546 34.07 28.56 118.56
N ARG PA 547 35.01 27.81 118.00
CA ARG PA 547 36.43 28.02 118.25
C ARG PA 547 37.05 28.70 117.05
N ALA PA 548 38.37 28.83 117.09
CA ALA PA 548 39.13 29.35 115.98
C ALA PA 548 40.54 28.78 116.05
N MET PA 549 41.10 28.50 114.87
CA MET PA 549 42.46 27.97 114.78
C MET PA 549 43.10 28.50 113.52
N PRO PA 550 44.38 28.86 113.54
CA PRO PA 550 45.01 29.44 112.35
C PRO PA 550 45.50 28.35 111.41
N ARG PA 551 45.24 28.53 110.12
CA ARG PA 551 45.80 27.64 109.11
C ARG PA 551 47.29 27.95 108.99
N ILE PA 552 48.13 27.14 109.62
CA ILE PA 552 49.56 27.43 109.70
C ILE PA 552 50.18 27.42 108.31
N ILE PA 553 49.72 26.54 107.44
CA ILE PA 553 50.33 26.31 106.14
C ILE PA 553 49.39 26.83 105.05
N ASN PA 554 49.98 27.54 104.08
CA ASN PA 554 49.20 28.12 102.99
C ASN PA 554 48.57 27.08 102.08
N GLY PA 555 48.98 25.82 102.17
CA GLY PA 555 48.35 24.79 101.36
C GLY PA 555 47.04 24.33 101.95
N ASN PA 556 46.81 24.68 103.22
CA ASN PA 556 45.60 24.28 103.92
C ASN PA 556 44.36 25.06 103.49
N ILE PA 557 44.49 26.01 102.57
CA ILE PA 557 43.30 26.66 102.04
C ILE PA 557 42.39 25.60 101.42
N PRO PA 558 41.10 25.56 101.76
CA PRO PA 558 40.23 24.52 101.20
C PRO PA 558 40.25 24.53 99.68
N LEU PA 559 40.13 23.33 99.10
CA LEU PA 559 40.29 23.15 97.66
C LEU PA 559 39.34 24.02 96.85
N ALA PA 560 38.19 24.37 97.42
CA ALA PA 560 37.22 25.19 96.69
C ALA PA 560 37.81 26.56 96.34
N LEU PA 561 38.55 27.16 97.26
CA LEU PA 561 39.11 28.49 97.07
C LEU PA 561 40.57 28.45 96.63
N CYS PA 562 41.05 27.27 96.23
CA CYS PA 562 42.39 27.11 95.68
C CYS PA 562 42.41 25.82 94.86
N PRO PA 563 42.08 25.89 93.57
CA PRO PA 563 41.95 24.66 92.77
C PRO PA 563 43.27 23.92 92.63
N VAL PA 564 43.16 22.65 92.27
CA VAL PA 564 44.32 21.77 92.21
C VAL PA 564 45.26 22.16 91.07
N ASP PA 565 44.71 22.53 89.91
CA ASP PA 565 45.55 22.89 88.77
C ASP PA 565 46.45 24.07 89.10
N PHE PA 566 45.98 24.99 89.94
CA PHE PA 566 46.79 26.15 90.31
C PHE PA 566 48.01 25.74 91.12
N ARG PA 567 47.81 24.87 92.12
CA ARG PA 567 48.94 24.36 92.89
C ARG PA 567 49.91 23.59 92.01
N ASP PA 568 49.38 22.76 91.11
CA ASP PA 568 50.26 22.00 90.22
C ASP PA 568 51.03 22.92 89.28
N ALA PA 569 50.41 24.01 88.83
CA ALA PA 569 51.11 24.96 87.97
C ALA PA 569 52.20 25.70 88.72
N ARG PA 570 51.92 26.10 89.96
CA ARG PA 570 52.97 26.73 90.77
C ARG PA 570 54.13 25.77 91.00
N GLY PA 571 53.84 24.52 91.32
CA GLY PA 571 54.88 23.52 91.47
C GLY PA 571 55.70 23.33 90.22
N PHE PA 572 55.03 23.18 89.08
CA PHE PA 572 55.73 23.07 87.80
C PHE PA 572 56.61 24.28 87.53
N GLU PA 573 56.13 25.47 87.90
CA GLU PA 573 56.98 26.65 87.82
C GLU PA 573 58.24 26.47 88.65
N LEU PA 574 58.09 26.02 89.89
CA LEU PA 574 59.28 25.70 90.69
C LEU PA 574 60.10 24.57 90.09
N SER PA 575 59.46 23.63 89.39
CA SER PA 575 60.12 22.40 88.97
C SER PA 575 60.93 22.55 87.69
N VAL PA 576 61.08 23.76 87.15
CA VAL PA 576 61.91 23.93 85.96
C VAL PA 576 63.37 23.92 86.35
N ASP PA 577 64.17 23.14 85.61
CA ASP PA 577 65.63 23.07 85.72
C ASP PA 577 66.17 23.16 87.13
N ARG PA 578 65.54 22.46 88.07
CA ARG PA 578 66.09 22.33 89.43
C ARG PA 578 66.57 20.92 89.72
N HIS PA 579 65.70 19.92 89.56
CA HIS PA 579 66.09 18.52 89.63
C HIS PA 579 64.96 17.71 89.03
N ARG PA 580 65.31 16.53 88.51
CA ARG PA 580 64.34 15.71 87.80
C ARG PA 580 64.63 14.25 88.09
N LEU PA 581 63.59 13.51 88.44
CA LEU PA 581 63.69 12.08 88.68
C LEU PA 581 63.74 11.36 87.35
N ALA PA 582 64.89 10.79 87.03
CA ALA PA 582 65.06 10.07 85.77
C ALA PA 582 63.97 9.00 85.64
N PRO PA 583 63.43 8.78 84.43
CA PRO PA 583 62.30 7.84 84.29
C PRO PA 583 62.59 6.45 84.82
N ALA PA 584 63.85 6.00 84.80
CA ALA PA 584 64.17 4.69 85.36
C ALA PA 584 63.96 4.67 86.87
N THR PA 585 64.22 5.80 87.54
CA THR PA 585 64.04 5.87 88.98
C THR PA 585 62.57 5.73 89.37
N VAL PA 586 61.71 6.57 88.77
CA VAL PA 586 60.29 6.52 89.08
C VAL PA 586 59.68 5.19 88.63
N ALA PA 587 60.16 4.64 87.51
CA ALA PA 587 59.65 3.36 87.02
C ALA PA 587 59.77 2.28 88.07
N ALA PA 588 60.82 2.32 88.90
CA ALA PA 588 61.00 1.35 89.96
C ALA PA 588 60.30 1.75 91.26
N VAL PA 589 60.39 3.03 91.63
CA VAL PA 589 59.81 3.47 92.90
C VAL PA 589 58.29 3.34 92.87
N ARG PA 590 57.66 3.83 91.80
CA ARG PA 590 56.21 3.71 91.66
C ARG PA 590 55.79 2.26 91.54
N GLY PA 591 56.60 1.43 90.86
CA GLY PA 591 56.28 0.02 90.79
C GLY PA 591 56.30 -0.64 92.16
N ALA PA 592 57.22 -0.22 93.02
CA ALA PA 592 57.24 -0.74 94.38
C ALA PA 592 56.05 -0.26 95.18
N PHE PA 593 55.74 1.03 95.10
CA PHE PA 593 54.62 1.59 95.86
C PHE PA 593 53.27 1.12 95.36
N ARG PA 594 53.18 0.65 94.12
CA ARG PA 594 51.92 0.23 93.52
C ARG PA 594 51.70 -1.28 93.60
N ASP PA 595 52.76 -2.07 93.50
CA ASP PA 595 52.64 -3.51 93.62
C ASP PA 595 52.03 -3.90 94.95
N ALA PA 596 51.09 -4.84 94.92
CA ALA PA 596 50.44 -5.33 96.13
C ALA PA 596 50.98 -6.65 96.61
N ASN PA 597 52.02 -7.19 95.97
CA ASN PA 597 52.67 -8.42 96.37
C ASN PA 597 54.03 -8.15 96.99
N TYR PA 598 54.15 -7.06 97.75
CA TYR PA 598 55.41 -6.75 98.40
C TYR PA 598 55.77 -7.85 99.40
N PRO PA 599 57.00 -8.37 99.37
CA PRO PA 599 57.39 -9.45 100.29
C PRO PA 599 57.22 -9.02 101.74
N MET PA 600 56.35 -9.73 102.46
CA MET PA 600 56.13 -9.45 103.88
C MET PA 600 57.42 -9.59 104.68
N VAL PA 601 58.33 -10.47 104.25
CA VAL PA 601 59.60 -10.64 104.94
C VAL PA 601 60.42 -9.37 104.89
N PHE PA 602 60.21 -8.53 103.86
CA PHE PA 602 60.88 -7.24 103.83
C PHE PA 602 60.41 -6.36 104.98
N TYR PA 603 59.10 -6.32 105.22
CA TYR PA 603 58.57 -5.61 106.39
C TYR PA 603 59.12 -6.21 107.68
N ILE PA 604 59.27 -7.54 107.72
CA ILE PA 604 59.80 -8.19 108.91
C ILE PA 604 61.22 -7.73 109.20
N ILE PA 605 62.09 -7.76 108.19
CA ILE PA 605 63.47 -7.33 108.37
C ILE PA 605 63.52 -5.86 108.76
N GLU PA 606 62.75 -5.02 108.06
CA GLU PA 606 62.74 -3.60 108.40
C GLU PA 606 62.31 -3.38 109.84
N ALA PA 607 61.31 -4.13 110.31
CA ALA PA 607 60.86 -4.00 111.68
C ALA PA 607 61.93 -4.40 112.68
N VAL PA 608 62.56 -5.56 112.47
CA VAL PA 608 63.56 -6.01 113.44
C VAL PA 608 64.80 -5.13 113.40
N ILE PA 609 65.00 -4.38 112.32
CA ILE PA 609 66.13 -3.42 112.30
C ILE PA 609 65.79 -2.19 113.13
N HIS PA 610 64.59 -1.64 112.94
CA HIS PA 610 64.11 -0.42 113.60
C HIS PA 610 65.17 0.67 113.67
N GLY PA 611 65.81 0.93 112.53
CA GLY PA 611 66.70 2.05 112.37
C GLY PA 611 67.97 2.04 113.18
N SER PA 612 68.25 0.96 113.90
CA SER PA 612 69.47 0.88 114.69
C SER PA 612 70.70 0.89 113.78
N GLU PA 613 71.58 1.87 113.98
CA GLU PA 613 72.79 1.98 113.17
C GLU PA 613 73.62 0.70 113.23
N ARG PA 614 73.82 0.18 114.44
CA ARG PA 614 74.65 -1.02 114.60
C ARG PA 614 74.02 -2.23 113.94
N THR PA 615 72.72 -2.45 114.18
CA THR PA 615 72.06 -3.67 113.70
C THR PA 615 72.07 -3.75 112.19
N PHE PA 616 71.86 -2.62 111.51
CA PHE PA 616 71.93 -2.62 110.05
C PHE PA 616 73.35 -2.86 109.57
N CYS PA 617 74.34 -2.26 110.25
CA CYS PA 617 75.73 -2.53 109.91
C CYS PA 617 76.06 -4.01 110.08
N ALA PA 618 75.32 -4.70 110.93
CA ALA PA 618 75.50 -6.15 111.05
C ALA PA 618 74.82 -6.90 109.91
N LEU PA 619 73.53 -6.63 109.69
CA LEU PA 619 72.72 -7.39 108.74
C LEU PA 619 72.83 -6.89 107.30
N ALA PA 620 73.80 -6.02 107.02
CA ALA PA 620 74.03 -5.54 105.65
C ALA PA 620 74.10 -6.68 104.63
N ARG PA 621 74.67 -7.82 105.01
CA ARG PA 621 74.78 -8.93 104.05
C ARG PA 621 73.42 -9.42 103.60
N LEU PA 622 72.56 -9.77 104.57
CA LEU PA 622 71.20 -10.18 104.24
C LEU PA 622 70.46 -9.09 103.48
N VAL PA 623 70.70 -7.82 103.85
CA VAL PA 623 70.00 -6.72 103.18
C VAL PA 623 70.36 -6.68 101.70
N ALA PA 624 71.65 -6.74 101.40
CA ALA PA 624 72.08 -6.73 100.00
C ALA PA 624 71.58 -7.94 99.25
N GLN PA 625 71.53 -9.10 99.92
CA GLN PA 625 70.98 -10.30 99.30
C GLN PA 625 69.53 -10.08 98.87
N CYS PA 626 68.70 -9.59 99.79
CA CYS PA 626 67.30 -9.33 99.46
C CYS PA 626 67.17 -8.31 98.33
N ILE PA 627 67.98 -7.25 98.37
CA ILE PA 627 67.89 -6.23 97.32
C ILE PA 627 68.19 -6.84 95.96
N GLN PA 628 69.30 -7.58 95.87
CA GLN PA 628 69.66 -8.22 94.61
C GLN PA 628 68.55 -9.12 94.10
N SER PA 629 68.02 -9.97 94.98
CA SER PA 629 66.99 -10.93 94.56
C SER PA 629 65.74 -10.22 94.06
N TYR PA 630 65.23 -9.27 94.85
CA TYR PA 630 64.00 -8.59 94.46
C TYR PA 630 64.20 -7.80 93.17
N TRP PA 631 65.37 -7.19 92.99
CA TRP PA 631 65.62 -6.44 91.76
C TRP PA 631 65.62 -7.38 90.56
N ARG PA 632 66.47 -8.40 90.57
CA ARG PA 632 66.54 -9.30 89.43
C ARG PA 632 65.25 -10.09 89.23
N ASN PA 633 64.35 -10.07 90.21
CA ASN PA 633 63.07 -10.74 90.04
C ASN PA 633 61.99 -9.82 89.46
N THR PA 634 61.97 -8.53 89.83
CA THR PA 634 60.86 -7.68 89.43
C THR PA 634 61.27 -6.30 88.92
N HIS PA 635 62.53 -5.89 89.09
CA HIS PA 635 63.01 -4.56 88.66
C HIS PA 635 62.31 -3.43 89.42
N ASN PA 636 62.47 -3.43 90.74
CA ASN PA 636 61.91 -2.39 91.59
C ASN PA 636 62.90 -2.06 92.70
N ALA PA 637 62.58 -1.04 93.48
CA ALA PA 637 63.33 -0.76 94.69
C ALA PA 637 62.71 -1.52 95.87
N ALA PA 638 63.47 -1.57 96.96
CA ALA PA 638 62.99 -2.24 98.17
C ALA PA 638 63.42 -1.44 99.39
N PHE PA 639 62.67 -1.62 100.48
CA PHE PA 639 62.88 -0.86 101.71
C PHE PA 639 62.83 0.64 101.45
N VAL PA 640 61.90 1.05 100.60
CA VAL PA 640 61.74 2.47 100.27
C VAL PA 640 60.77 3.16 101.23
N ASN PA 641 59.95 2.40 101.96
CA ASN PA 641 59.03 3.01 102.91
C ASN PA 641 59.77 3.73 104.01
N ASN PA 642 60.74 3.06 104.62
CA ASN PA 642 61.56 3.69 105.66
C ASN PA 642 62.53 4.68 105.03
N PHE PA 643 62.90 5.69 105.80
CA PHE PA 643 63.84 6.73 105.39
C PHE PA 643 65.23 6.51 105.95
N TYR PA 644 65.33 6.23 107.25
CA TYR PA 644 66.61 5.84 107.83
C TYR PA 644 67.19 4.64 107.10
N MET PA 645 66.33 3.70 106.68
CA MET PA 645 66.81 2.54 105.93
C MET PA 645 67.40 2.95 104.60
N VAL PA 646 66.67 3.74 103.81
CA VAL PA 646 67.15 4.14 102.49
C VAL PA 646 68.42 4.98 102.61
N MET PA 647 68.60 5.68 103.74
CA MET PA 647 69.83 6.45 103.92
C MET PA 647 71.00 5.56 104.32
N TYR PA 648 70.77 4.62 105.24
CA TYR PA 648 71.84 3.69 105.58
C TYR PA 648 72.27 2.89 104.37
N ILE PA 649 71.32 2.63 103.46
CA ILE PA 649 71.62 1.88 102.23
C ILE PA 649 72.72 2.58 101.46
N ASN PA 650 72.48 3.82 101.03
CA ASN PA 650 73.47 4.51 100.21
C ASN PA 650 74.57 5.16 101.02
N THR PA 651 74.58 5.00 102.34
CA THR PA 651 75.79 5.35 103.07
C THR PA 651 76.76 4.17 103.15
N TYR PA 652 76.27 2.98 103.48
CA TYR PA 652 77.13 1.83 103.72
C TYR PA 652 77.21 0.89 102.53
N LEU PA 653 76.06 0.39 102.06
CA LEU PA 653 76.05 -0.54 100.94
C LEU PA 653 76.65 0.13 99.71
N GLY PA 654 76.03 1.22 99.26
CA GLY PA 654 76.62 2.15 98.32
C GLY PA 654 77.44 1.58 97.17
N ASN PA 655 78.71 1.98 97.11
CA ASN PA 655 79.60 1.60 96.02
C ASN PA 655 79.89 0.11 95.96
N GLY PA 656 79.50 -0.67 96.96
CA GLY PA 656 79.98 -2.03 97.07
C GLY PA 656 79.11 -3.09 96.40
N GLU PA 657 78.54 -3.99 97.20
CA GLU PA 657 77.81 -5.15 96.70
C GLU PA 657 76.64 -4.79 95.79
N LEU PA 658 76.11 -3.59 95.89
CA LEU PA 658 74.94 -3.33 95.07
C LEU PA 658 75.35 -3.18 93.61
N PRO PA 659 74.50 -3.64 92.69
CA PRO PA 659 74.86 -3.62 91.27
C PRO PA 659 75.04 -2.21 90.75
N GLU PA 660 75.74 -2.10 89.63
CA GLU PA 660 76.08 -0.82 89.03
C GLU PA 660 74.86 0.03 88.69
N ASP PA 661 73.77 -0.57 88.24
CA ASP PA 661 72.62 0.19 87.77
C ASP PA 661 71.41 0.11 88.70
N CYS PA 662 71.51 -0.56 89.85
CA CYS PA 662 70.43 -0.59 90.82
C CYS PA 662 70.59 0.41 91.96
N ALA PA 663 71.84 0.73 92.33
CA ALA PA 663 72.07 1.76 93.33
C ALA PA 663 71.72 3.15 92.81
N ALA PA 664 71.50 3.30 91.50
CA ALA PA 664 71.16 4.60 90.93
C ALA PA 664 69.89 5.15 91.55
N VAL PA 665 68.89 4.30 91.80
CA VAL PA 665 67.64 4.77 92.37
C VAL PA 665 67.85 5.27 93.79
N TYR PA 666 68.69 4.57 94.57
CA TYR PA 666 68.90 4.96 95.96
C TYR PA 666 69.78 6.21 96.06
N LYS PA 667 70.64 6.46 95.06
CA LYS PA 667 71.39 7.71 95.07
C LYS PA 667 70.54 8.87 94.58
N ASP PA 668 69.76 8.65 93.52
CA ASP PA 668 68.84 9.67 93.03
C ASP PA 668 67.88 10.11 94.11
N LEU PA 669 67.07 9.16 94.63
CA LEU PA 669 66.06 9.46 95.63
C LEU PA 669 66.59 10.30 96.79
N LEU PA 670 67.89 10.24 97.07
CA LEU PA 670 68.44 11.08 98.12
C LEU PA 670 68.94 12.42 97.60
N GLU PA 671 69.52 12.46 96.40
CA GLU PA 671 69.86 13.76 95.83
C GLU PA 671 68.62 14.62 95.64
N HIS PA 672 67.47 13.98 95.37
CA HIS PA 672 66.22 14.71 95.23
C HIS PA 672 65.83 15.39 96.53
N VAL PA 673 65.90 14.66 97.65
CA VAL PA 673 65.59 15.25 98.95
C VAL PA 673 66.60 16.33 99.30
N HIS PA 674 67.86 16.13 98.92
CA HIS PA 674 68.87 17.17 99.13
C HIS PA 674 68.49 18.45 98.40
N ALA PA 675 68.07 18.34 97.14
CA ALA PA 675 67.70 19.52 96.38
C ALA PA 675 66.42 20.16 96.92
N LEU PA 676 65.48 19.33 97.40
CA LEU PA 676 64.27 19.87 97.98
C LEU PA 676 64.56 20.63 99.27
N ARG PA 677 65.56 20.18 100.03
CA ARG PA 677 66.02 20.96 101.18
C ARG PA 677 66.69 22.25 100.70
N ARG PA 678 67.49 22.16 99.64
CA ARG PA 678 68.15 23.34 99.09
C ARG PA 678 67.15 24.42 98.71
N LEU PA 679 66.03 24.04 98.11
CA LEU PA 679 65.05 25.03 97.64
C LEU PA 679 64.57 25.93 98.77
N ILE PA 680 64.22 25.33 99.92
CA ILE PA 680 63.65 26.08 101.03
C ILE PA 680 64.55 27.21 101.50
N GLY PA 681 65.87 27.07 101.33
CA GLY PA 681 66.79 28.12 101.72
C GLY PA 681 66.80 29.29 100.76
N GLU PA 682 66.60 29.01 99.48
CA GLU PA 682 66.69 30.06 98.46
C GLU PA 682 65.39 30.85 98.31
N PHE PA 683 64.37 30.55 99.11
CA PHE PA 683 63.16 31.35 99.15
C PHE PA 683 63.02 32.11 100.47
N THR PA 684 64.13 32.34 101.16
CA THR PA 684 64.15 33.03 102.44
C THR PA 684 65.36 33.96 102.50
N LEU PA 685 65.12 35.18 102.96
CA LEU PA 685 66.15 36.20 103.07
C LEU PA 685 66.94 36.02 104.36
N PRO PA 686 68.21 36.46 104.38
CA PRO PA 686 68.99 36.35 105.62
C PRO PA 686 68.50 37.34 106.65
N GLY PA 687 68.03 36.81 107.78
CA GLY PA 687 67.56 37.63 108.88
C GLY PA 687 68.22 37.26 110.19
N ASP PA 688 67.83 37.96 111.26
CA ASP PA 688 68.42 37.75 112.57
C ASP PA 688 67.44 36.92 113.39
N PRO PA 689 67.93 36.02 114.24
CA PRO PA 689 67.03 35.14 115.00
C PRO PA 689 66.07 35.95 115.86
N LEU PA 690 64.76 35.70 115.66
CA LEU PA 690 63.73 36.39 116.42
C LEU PA 690 63.42 35.67 117.73
N GLY PA 691 62.94 34.44 117.65
CA GLY PA 691 62.51 33.73 118.84
C GLY PA 691 63.46 32.63 119.27
N ASN PA 692 64.76 32.95 119.27
CA ASN PA 692 65.82 31.95 119.38
C ASN PA 692 65.71 30.90 118.26
N GLN PA 693 65.09 31.29 117.15
CA GLN PA 693 64.85 30.43 116.02
C GLN PA 693 65.41 31.08 114.76
N PRO PA 694 66.20 30.35 113.97
CA PRO PA 694 66.66 30.92 112.70
C PRO PA 694 65.49 31.24 111.78
N GLN PA 695 65.73 32.19 110.87
CA GLN PA 695 64.68 32.60 109.94
C GLN PA 695 64.21 31.43 109.07
N GLU PA 696 65.09 30.48 108.79
CA GLU PA 696 64.77 29.39 107.89
C GLU PA 696 63.60 28.55 108.38
N GLU PA 697 63.39 28.47 109.70
CA GLU PA 697 62.25 27.76 110.25
C GLU PA 697 61.11 28.68 110.64
N LEU PA 698 61.25 29.99 110.40
CA LEU PA 698 60.10 30.89 110.55
C LEU PA 698 59.35 31.02 109.23
N ASN PA 699 60.05 30.87 108.11
CA ASN PA 699 59.42 30.94 106.80
C ASN PA 699 58.65 29.67 106.50
N HIS PA 700 59.35 28.54 106.44
CA HIS PA 700 58.74 27.28 106.05
C HIS PA 700 58.05 26.66 107.27
N ALA PA 701 57.51 25.45 107.09
CA ALA PA 701 56.93 24.69 108.19
C ALA PA 701 57.63 23.37 108.43
N LEU PA 702 58.45 22.90 107.49
CA LEU PA 702 59.20 21.65 107.66
C LEU PA 702 60.58 21.89 108.26
N ALA PA 703 61.15 23.08 108.04
CA ALA PA 703 62.39 23.44 108.72
C ALA PA 703 62.21 23.59 110.22
N ASP PA 704 60.98 23.65 110.70
CA ASP PA 704 60.71 23.76 112.12
C ASP PA 704 61.27 22.57 112.88
N ALA PA 705 61.75 22.83 114.10
CA ALA PA 705 62.17 21.78 115.00
C ALA PA 705 61.09 21.39 116.01
N THR PA 706 60.11 22.25 116.25
CA THR PA 706 59.03 21.94 117.18
C THR PA 706 58.02 20.95 116.60
N LEU PA 707 57.99 20.78 115.28
CA LEU PA 707 57.08 19.84 114.66
C LEU PA 707 57.64 18.44 114.76
N LEU PA 708 56.76 17.46 114.90
CA LEU PA 708 57.42 16.16 114.93
C LEU PA 708 57.23 15.44 113.60
N PRO PA 709 58.25 14.69 113.17
CA PRO PA 709 58.07 13.78 112.04
C PRO PA 709 56.96 12.80 112.34
N PRO PA 710 56.26 12.31 111.31
CA PRO PA 710 55.12 11.41 111.57
C PRO PA 710 55.54 10.12 112.25
N LEU PA 711 56.76 9.66 112.02
CA LEU PA 711 57.30 8.48 112.68
C LEU PA 711 58.70 8.78 113.16
N ILE PA 712 59.02 8.33 114.38
CA ILE PA 712 60.34 8.52 114.96
C ILE PA 712 60.86 7.17 115.41
N TRP PA 713 62.18 7.03 115.42
CA TRP PA 713 62.82 5.79 115.80
C TRP PA 713 63.70 5.91 117.04
N ASP PA 714 63.93 7.11 117.54
CA ASP PA 714 64.65 7.32 118.78
C ASP PA 714 64.12 8.60 119.44
N CYS PA 715 64.85 9.12 120.42
CA CYS PA 715 64.48 10.35 121.10
C CYS PA 715 65.19 11.56 120.55
N ASP PA 716 65.75 11.46 119.33
CA ASP PA 716 66.51 12.58 118.77
C ASP PA 716 65.65 13.82 118.56
N PRO PA 717 64.56 13.79 117.79
CA PRO PA 717 63.75 15.01 117.64
C PRO PA 717 63.08 15.44 118.92
N ILE PA 718 62.83 14.52 119.85
CA ILE PA 718 62.26 14.89 121.14
C ILE PA 718 63.27 15.70 121.95
N LEU PA 719 64.50 15.19 122.07
CA LEU PA 719 65.54 15.89 122.82
C LEU PA 719 65.80 17.28 122.23
N TYR PA 720 65.87 17.40 120.91
CA TYR PA 720 66.05 18.70 120.27
C TYR PA 720 64.87 19.64 120.51
N ARG PA 721 63.68 19.11 120.77
CA ARG PA 721 62.48 19.93 120.75
C ARG PA 721 62.41 20.88 121.95
N ASP PA 722 62.65 20.37 123.15
CA ASP PA 722 62.52 21.20 124.35
C ASP PA 722 63.50 22.37 124.36
N GLY PA 723 64.55 22.33 123.54
CA GLY PA 723 65.46 23.46 123.45
C GLY PA 723 64.74 24.75 123.08
N LEU PA 724 63.68 24.64 122.30
CA LEU PA 724 62.84 25.80 122.00
C LEU PA 724 61.81 25.99 123.11
N ALA PA 725 62.05 26.97 123.98
CA ALA PA 725 61.24 27.15 125.18
C ALA PA 725 60.41 28.43 125.20
N GLU PA 726 60.52 29.28 124.18
CA GLU PA 726 59.69 30.48 124.11
C GLU PA 726 58.21 30.13 124.02
N ARG PA 727 57.81 29.51 122.90
CA ARG PA 727 56.45 28.99 122.78
C ARG PA 727 56.43 27.69 123.55
N LEU PA 728 55.87 27.73 124.76
CA LEU PA 728 55.95 26.63 125.71
C LEU PA 728 55.52 25.32 125.05
N PRO PA 729 56.44 24.39 124.86
CA PRO PA 729 56.08 23.08 124.31
C PRO PA 729 55.70 22.11 125.42
N GLU PA 730 55.12 20.99 124.99
CA GLU PA 730 54.77 19.93 125.92
C GLU PA 730 54.52 18.66 125.12
N LEU PA 731 54.87 17.53 125.72
CA LEU PA 731 54.70 16.24 125.08
C LEU PA 731 54.23 15.24 126.12
N ARG PA 732 53.26 14.41 125.77
CA ARG PA 732 52.72 13.41 126.68
C ARG PA 732 52.55 12.10 125.93
N VAL PA 733 52.97 11.01 126.60
CA VAL PA 733 52.95 9.67 126.02
C VAL PA 733 52.12 8.80 126.95
N ASN PA 734 50.85 8.60 126.63
CA ASN PA 734 49.93 7.72 127.35
C ASN PA 734 49.69 8.14 128.80
N GLY PA 735 50.15 9.32 129.20
CA GLY PA 735 49.91 9.79 130.54
C GLY PA 735 51.17 10.23 131.27
N ALA PA 736 52.32 9.81 130.78
CA ALA PA 736 53.61 10.22 131.32
C ALA PA 736 54.28 11.18 130.36
N HIS PA 737 55.10 12.07 130.91
CA HIS PA 737 55.77 13.06 130.07
C HIS PA 737 56.70 12.36 129.08
N PHE PA 738 57.80 11.80 129.60
CA PHE PA 738 58.63 10.79 128.94
C PHE PA 738 59.81 10.52 129.85
N GLN PA 739 60.46 9.38 129.63
CA GLN PA 739 61.70 9.02 130.32
C GLN PA 739 62.65 8.37 129.31
N HIS PA 740 63.93 8.70 129.41
CA HIS PA 740 64.93 8.11 128.53
C HIS PA 740 65.51 6.86 129.19
N ILE PA 741 65.42 5.74 128.49
CA ILE PA 741 66.04 4.49 128.91
C ILE PA 741 66.95 4.02 127.80
N LEU PA 742 68.07 3.40 128.18
CA LEU PA 742 69.11 3.03 127.24
C LEU PA 742 68.74 1.70 126.59
N TRP PA 743 69.68 1.06 125.90
CA TRP PA 743 69.39 -0.19 125.22
C TRP PA 743 68.90 -1.23 126.23
N VAL PA 744 68.04 -2.13 125.74
CA VAL PA 744 67.45 -3.18 126.57
C VAL PA 744 68.08 -4.50 126.16
N GLU PA 745 68.41 -5.31 127.16
CA GLU PA 745 68.98 -6.64 126.95
C GLU PA 745 67.87 -7.68 127.01
N MET PA 746 68.20 -8.90 126.58
CA MET PA 746 67.23 -10.00 126.63
C MET PA 746 66.83 -10.36 128.05
N ALA PA 747 67.62 -9.96 129.05
CA ALA PA 747 67.32 -10.30 130.44
C ALA PA 747 65.91 -9.85 130.82
N GLN PA 748 65.53 -8.63 130.43
CA GLN PA 748 64.20 -8.11 130.68
C GLN PA 748 63.68 -7.45 129.41
N VAL PA 749 62.43 -7.74 129.07
CA VAL PA 749 61.80 -7.10 127.91
C VAL PA 749 60.51 -6.43 128.34
N ASN PA 750 59.60 -7.21 128.95
CA ASN PA 750 58.35 -6.70 129.51
C ASN PA 750 57.52 -5.97 128.45
N PHE PA 751 57.03 -6.76 127.49
CA PHE PA 751 56.21 -6.22 126.41
C PHE PA 751 54.99 -5.47 126.94
N ARG PA 752 54.55 -5.77 128.16
CA ARG PA 752 53.29 -5.24 128.66
C ARG PA 752 53.40 -3.84 129.27
N ASN PA 753 54.60 -3.28 129.43
CA ASN PA 753 54.73 -1.96 130.02
C ASN PA 753 54.20 -0.89 129.06
N VAL PA 754 53.60 0.15 129.63
CA VAL PA 754 52.86 1.13 128.85
C VAL PA 754 53.37 2.53 129.12
N GLY PA 755 54.06 2.72 130.24
CA GLY PA 755 54.48 4.04 130.66
C GLY PA 755 55.46 4.72 129.72
N GLY PA 756 55.97 5.88 130.13
CA GLY PA 756 56.86 6.64 129.28
C GLY PA 756 58.24 6.02 129.12
N GLY PA 757 58.27 4.76 128.67
CA GLY PA 757 59.53 4.10 128.41
C GLY PA 757 59.90 4.15 126.94
N LEU PA 758 60.79 5.07 126.59
CA LEU PA 758 61.25 5.26 125.22
C LEU PA 758 62.68 4.74 125.13
N VAL PA 759 62.88 3.70 124.33
CA VAL PA 759 64.17 3.04 124.21
C VAL PA 759 64.94 3.64 123.04
N HIS PA 760 66.26 3.57 123.13
CA HIS PA 760 67.10 3.85 121.98
C HIS PA 760 67.49 2.54 121.30
N ASN PA 761 67.68 2.61 119.99
CA ASN PA 761 67.97 1.44 119.16
C ASN PA 761 69.48 1.29 119.08
N ARG PA 762 70.05 0.56 120.06
CA ARG PA 762 71.49 0.50 120.27
C ARG PA 762 71.99 1.95 120.33
N PRO PA 763 71.75 2.63 121.46
CA PRO PA 763 71.76 4.10 121.49
C PRO PA 763 72.93 4.75 120.79
N VAL PA 764 74.08 4.09 120.83
CA VAL PA 764 75.30 4.64 120.26
C VAL PA 764 76.06 3.51 119.57
N ARG PA 765 76.78 3.87 118.51
CA ARG PA 765 77.71 2.92 117.91
C ARG PA 765 78.98 2.80 118.74
N ASN PA 766 79.44 3.91 119.32
CA ASN PA 766 80.76 3.94 119.94
C ASN PA 766 80.80 4.50 121.36
N GLU PA 767 80.04 5.56 121.64
CA GLU PA 767 80.43 6.44 122.73
C GLU PA 767 80.04 5.89 124.09
N ASN PA 768 78.81 5.43 124.25
CA ASN PA 768 78.29 4.93 125.51
C ASN PA 768 78.40 6.00 126.61
N GLN PA 769 77.91 7.18 126.27
CA GLN PA 769 77.94 8.37 127.12
C GLN PA 769 76.51 8.72 127.55
N PRO PA 770 76.35 9.57 128.59
CA PRO PA 770 75.02 9.86 129.12
C PRO PA 770 74.26 10.90 128.31
N LEU PA 771 73.15 10.47 127.69
CA LEU PA 771 72.11 11.36 127.18
C LEU PA 771 72.65 12.36 126.16
N HIS PA 772 73.12 11.81 125.04
CA HIS PA 772 73.54 12.64 123.91
C HIS PA 772 72.95 12.06 122.64
N PRO PA 773 72.45 12.89 121.73
CA PRO PA 773 71.92 12.38 120.46
C PRO PA 773 73.05 11.85 119.59
N HIS PA 774 72.67 11.05 118.59
CA HIS PA 774 73.63 10.50 117.64
C HIS PA 774 73.35 10.95 116.21
N HIS PA 775 72.68 12.09 116.06
CA HIS PA 775 72.42 12.68 114.74
C HIS PA 775 72.24 14.17 114.93
N ASP PA 776 72.70 14.95 113.94
CA ASP PA 776 72.52 16.39 113.98
C ASP PA 776 71.07 16.72 113.66
N ALA PA 777 70.70 18.00 113.80
CA ALA PA 777 69.32 18.41 113.57
C ALA PA 777 68.97 18.36 112.08
N GLU PA 778 69.98 18.39 111.22
CA GLU PA 778 69.77 18.35 109.77
C GLU PA 778 69.30 16.98 109.29
N TRP PA 779 69.03 16.06 110.21
CA TRP PA 779 68.49 14.73 109.94
C TRP PA 779 66.97 14.71 109.97
N SER PA 780 66.39 15.24 111.05
CA SER PA 780 64.94 15.25 111.20
C SER PA 780 64.26 16.09 110.12
N VAL PA 781 64.92 17.15 109.64
CA VAL PA 781 64.30 17.97 108.61
C VAL PA 781 64.24 17.22 107.29
N LEU PA 782 65.28 16.44 106.97
CA LEU PA 782 65.23 15.61 105.77
C LEU PA 782 64.21 14.50 105.92
N SER PA 783 64.05 13.98 107.15
CA SER PA 783 63.01 13.00 107.41
C SER PA 783 61.64 13.58 107.15
N LYS PA 784 61.39 14.79 107.67
CA LYS PA 784 60.12 15.47 107.44
C LYS PA 784 59.88 15.68 105.95
N ILE PA 785 60.92 16.14 105.23
CA ILE PA 785 60.79 16.35 103.79
C ILE PA 785 60.37 15.06 103.11
N TYR PA 786 61.11 13.97 103.36
CA TYR PA 786 60.83 12.71 102.68
C TYR PA 786 59.42 12.22 102.99
N TYR PA 787 58.99 12.34 104.25
CA TYR PA 787 57.70 11.75 104.60
C TYR PA 787 56.53 12.64 104.22
N TYR PA 788 56.74 13.95 104.08
CA TYR PA 788 55.62 14.84 103.82
C TYR PA 788 55.51 15.28 102.37
N ALA PA 789 56.58 15.19 101.58
CA ALA PA 789 56.56 15.74 100.23
C ALA PA 789 56.94 14.75 99.13
N VAL PA 790 57.54 13.61 99.46
CA VAL PA 790 58.04 12.67 98.47
C VAL PA 790 57.19 11.40 98.44
N VAL PA 791 56.95 10.80 99.60
CA VAL PA 791 56.06 9.63 99.67
C VAL PA 791 54.68 9.93 99.10
N PRO PA 792 53.97 10.99 99.52
CA PRO PA 792 52.64 11.24 98.94
C PRO PA 792 52.64 11.49 97.44
N ALA PA 793 53.79 11.76 96.83
CA ALA PA 793 53.83 11.93 95.38
C ALA PA 793 53.65 10.60 94.67
N PHE PA 794 54.17 9.51 95.23
CA PHE PA 794 54.05 8.19 94.62
C PHE PA 794 52.87 7.41 95.17
N SER PA 795 52.58 7.56 96.47
CA SER PA 795 51.50 6.79 97.07
C SER PA 795 50.13 7.33 96.67
N ARG PA 796 49.99 8.66 96.59
CA ARG PA 796 48.74 9.32 96.20
C ARG PA 796 47.57 8.83 97.05
N GLY PA 797 47.77 8.89 98.36
CA GLY PA 797 46.75 8.50 99.31
C GLY PA 797 46.47 7.01 99.32
N ASN PA 798 47.51 6.20 99.49
CA ASN PA 798 47.36 4.76 99.58
C ASN PA 798 48.10 4.13 100.74
N CYS PA 799 49.16 4.76 101.25
CA CYS PA 799 49.91 4.17 102.34
C CYS PA 799 49.11 4.21 103.63
N CYS PA 800 49.67 3.58 104.66
CA CYS PA 800 49.02 3.52 105.97
C CYS PA 800 50.07 3.12 106.98
N THR PA 801 50.24 3.93 108.02
CA THR PA 801 51.22 3.62 109.06
C THR PA 801 50.63 2.64 110.08
N MET PA 802 51.46 1.71 110.54
CA MET PA 802 51.01 0.62 111.38
C MET PA 802 51.97 0.40 112.52
N GLY PA 803 51.43 -0.14 113.62
CA GLY PA 803 52.24 -0.63 114.72
C GLY PA 803 52.31 -2.14 114.67
N VAL PA 804 53.32 -2.69 115.34
CA VAL PA 804 53.62 -4.11 115.23
C VAL PA 804 53.45 -4.79 116.58
N ARG PA 805 53.16 -6.09 116.52
CA ARG PA 805 53.11 -6.95 117.70
C ARG PA 805 54.49 -7.59 117.84
N TYR PA 806 55.37 -6.93 118.60
CA TYR PA 806 56.74 -7.43 118.74
C TYR PA 806 56.82 -8.80 119.39
N ASP PA 807 55.88 -9.13 120.28
CA ASP PA 807 55.86 -10.45 120.90
C ASP PA 807 55.49 -11.56 119.90
N ARG PA 808 55.15 -11.20 118.67
CA ARG PA 808 54.82 -12.18 117.65
C ARG PA 808 55.87 -12.28 116.55
N VAL PA 809 56.75 -11.29 116.42
CA VAL PA 809 57.76 -11.26 115.36
C VAL PA 809 59.12 -11.77 115.87
N TYR PA 810 59.52 -11.35 117.07
CA TYR PA 810 60.67 -11.97 117.70
C TYR PA 810 60.41 -13.45 117.97
N GLN PA 811 59.19 -13.79 118.36
CA GLN PA 811 58.80 -15.17 118.55
C GLN PA 811 58.88 -15.99 117.28
N LEU PA 812 59.08 -15.35 116.13
CA LEU PA 812 59.27 -16.04 114.85
C LEU PA 812 60.70 -16.04 114.37
N VAL PA 813 61.35 -14.87 114.30
CA VAL PA 813 62.71 -14.81 113.78
C VAL PA 813 63.67 -15.58 114.69
N GLN PA 814 63.27 -15.84 115.93
CA GLN PA 814 64.05 -16.69 116.82
C GLN PA 814 63.82 -18.17 116.56
N THR PA 815 62.93 -18.53 115.65
CA THR PA 815 62.68 -19.93 115.27
C THR PA 815 63.19 -20.12 113.85
N MET PA 816 64.39 -20.69 113.73
CA MET PA 816 65.02 -20.88 112.44
C MET PA 816 65.44 -22.34 112.29
N VAL PA 817 65.78 -22.72 111.06
CA VAL PA 817 66.27 -24.06 110.77
C VAL PA 817 67.42 -23.95 109.77
N VAL PA 818 68.57 -24.50 110.14
CA VAL PA 818 69.75 -24.49 109.27
C VAL PA 818 70.48 -25.81 109.41
N PRO PA 819 71.27 -26.18 108.39
CA PRO PA 819 72.06 -27.42 108.49
C PRO PA 819 73.32 -27.23 109.30
N GLU PA 820 74.16 -28.26 109.34
CA GLU PA 820 75.44 -28.23 110.04
C GLU PA 820 76.55 -28.51 109.02
N THR PA 821 77.06 -27.45 108.40
CA THR PA 821 78.13 -27.56 107.41
C THR PA 821 79.26 -26.61 107.77
N ASP PA 822 80.43 -26.88 107.22
CA ASP PA 822 81.62 -26.07 107.48
C ASP PA 822 81.77 -24.93 106.48
N GLU PA 823 81.61 -25.22 105.20
CA GLU PA 823 81.79 -24.23 104.14
C GLU PA 823 80.50 -24.09 103.33
N GLU PA 824 80.49 -23.09 102.45
CA GLU PA 824 79.32 -22.86 101.61
C GLU PA 824 79.02 -24.07 100.75
N VAL PA 825 77.74 -24.25 100.42
CA VAL PA 825 77.25 -25.49 99.83
C VAL PA 825 76.65 -25.29 98.45
N GLY PA 826 75.81 -24.27 98.28
CA GLY PA 826 75.09 -24.12 97.03
C GLY PA 826 73.65 -24.61 97.15
N THR PA 827 72.75 -24.08 96.33
CA THR PA 827 71.34 -24.45 96.43
C THR PA 827 71.04 -25.85 95.88
N ASP PA 828 72.05 -26.55 95.35
CA ASP PA 828 71.79 -27.83 94.71
C ASP PA 828 71.65 -28.95 95.75
N ASP PA 829 72.60 -29.06 96.67
CA ASP PA 829 72.55 -30.14 97.65
C ASP PA 829 71.42 -29.90 98.64
N PRO PA 830 70.83 -30.96 99.21
CA PRO PA 830 69.72 -30.79 100.16
C PRO PA 830 70.09 -30.07 101.43
N ARG PA 831 71.38 -29.77 101.66
CA ARG PA 831 71.77 -29.08 102.88
C ARG PA 831 71.28 -27.64 102.91
N HIS PA 832 71.17 -27.01 101.75
CA HIS PA 832 70.81 -25.60 101.70
C HIS PA 832 69.53 -25.35 102.48
N PRO PA 833 69.49 -24.32 103.34
CA PRO PA 833 68.32 -24.12 104.20
C PRO PA 833 67.03 -23.85 103.44
N LEU PA 834 67.10 -23.48 102.17
CA LEU PA 834 65.93 -23.25 101.34
C LEU PA 834 65.54 -24.48 100.53
N HIS PA 835 66.26 -25.60 100.67
CA HIS PA 835 65.91 -26.79 99.93
C HIS PA 835 64.63 -27.40 100.49
N PRO PA 836 63.71 -27.84 99.63
CA PRO PA 836 62.41 -28.34 100.12
C PRO PA 836 62.50 -29.47 101.13
N ARG PA 837 63.68 -30.01 101.38
CA ARG PA 837 63.83 -31.07 102.37
C ARG PA 837 63.55 -30.55 103.77
N ASN PA 838 64.16 -29.41 104.15
CA ASN PA 838 64.12 -28.91 105.52
C ASN PA 838 63.17 -27.72 105.65
N LEU PA 839 62.14 -27.67 104.82
CA LEU PA 839 61.11 -26.63 104.92
C LEU PA 839 60.05 -27.04 105.94
N VAL PA 840 60.47 -27.02 107.19
CA VAL PA 840 59.54 -27.34 108.29
C VAL PA 840 58.53 -26.21 108.43
N PRO PA 841 57.25 -26.49 108.71
CA PRO PA 841 56.24 -25.43 108.76
C PRO PA 841 56.58 -24.37 109.80
N ASN PA 842 55.97 -23.19 109.59
CA ASN PA 842 55.96 -22.09 110.56
C ASN PA 842 57.36 -21.66 110.98
N SER PA 843 58.37 -22.02 110.20
CA SER PA 843 59.74 -21.60 110.44
C SER PA 843 59.99 -20.28 109.73
N LEU PA 844 61.27 -19.88 109.67
CA LEU PA 844 61.62 -18.66 108.96
C LEU PA 844 61.93 -18.92 107.49
N ASN PA 845 62.57 -20.05 107.18
CA ASN PA 845 62.93 -20.34 105.79
C ASN PA 845 61.71 -20.38 104.88
N VAL PA 846 60.55 -20.76 105.41
CA VAL PA 846 59.36 -20.87 104.58
C VAL PA 846 58.90 -19.49 104.13
N LEU PA 847 59.10 -18.48 104.97
CA LEU PA 847 58.76 -17.12 104.58
C LEU PA 847 59.74 -16.57 103.54
N PHE PA 848 61.01 -17.00 103.60
CA PHE PA 848 61.98 -16.56 102.61
C PHE PA 848 61.73 -17.21 101.26
N HIS PA 849 61.57 -18.54 101.23
CA HIS PA 849 61.17 -19.22 100.01
C HIS PA 849 59.80 -18.78 99.52
N ASN PA 850 58.97 -18.25 100.42
CA ASN PA 850 57.69 -17.66 100.03
C ASN PA 850 57.89 -16.44 99.16
N ALA PA 851 59.00 -15.72 99.34
CA ALA PA 851 59.26 -14.48 98.63
C ALA PA 851 60.21 -14.66 97.45
N CYS PA 852 60.63 -15.90 97.18
CA CYS PA 852 61.56 -16.20 96.08
C CYS PA 852 62.86 -15.41 96.23
N VAL PA 853 63.30 -15.22 97.47
CA VAL PA 853 64.53 -14.51 97.75
C VAL PA 853 65.64 -15.52 97.97
N ALA PA 854 66.80 -15.26 97.37
CA ALA PA 854 67.96 -16.14 97.46
C ALA PA 854 68.86 -15.65 98.58
N VAL PA 855 69.20 -16.56 99.51
CA VAL PA 855 70.02 -16.23 100.68
C VAL PA 855 71.04 -17.34 100.89
N ASP PA 856 71.97 -17.09 101.81
CA ASP PA 856 72.97 -18.06 102.19
C ASP PA 856 72.63 -18.61 103.58
N ALA PA 857 73.47 -19.50 104.11
CA ALA PA 857 73.25 -20.02 105.44
C ALA PA 857 73.63 -19.01 106.51
N ASP PA 858 74.83 -18.44 106.42
CA ASP PA 858 75.24 -17.41 107.38
C ASP PA 858 74.40 -16.16 107.26
N ALA PA 859 73.90 -15.86 106.05
CA ALA PA 859 72.99 -14.73 105.87
C ALA PA 859 71.77 -14.84 106.76
N MET PA 860 71.34 -16.06 107.08
CA MET PA 860 70.28 -16.28 108.05
C MET PA 860 70.81 -16.49 109.46
N LEU PA 861 72.00 -17.06 109.61
CA LEU PA 861 72.58 -17.26 110.93
C LEU PA 861 72.80 -15.95 111.67
N ILE PA 862 73.22 -14.92 110.95
CA ILE PA 862 73.56 -13.62 111.52
C ILE PA 862 72.32 -12.98 112.14
N LEU PA 863 71.14 -13.52 111.82
CA LEU PA 863 69.89 -12.97 112.33
C LEU PA 863 69.64 -12.78 113.83
N GLN PA 864 70.36 -13.50 114.68
CA GLN PA 864 70.23 -13.22 116.11
C GLN PA 864 71.26 -12.19 116.73
N GLU PA 865 72.06 -11.63 115.81
CA GLU PA 865 73.05 -10.64 116.21
C GLU PA 865 72.16 -9.51 116.73
N THR PA 866 70.92 -9.45 116.27
CA THR PA 866 69.99 -8.44 116.77
C THR PA 866 69.55 -8.71 118.20
N VAL PA 867 69.84 -9.90 118.75
CA VAL PA 867 69.30 -10.28 120.05
C VAL PA 867 69.79 -9.38 121.18
N THR PA 868 70.81 -8.57 120.93
CA THR PA 868 71.35 -7.66 121.94
C THR PA 868 70.68 -6.30 121.94
N ASN PA 869 69.75 -6.04 121.02
CA ASN PA 869 69.13 -4.72 120.90
C ASN PA 869 67.66 -4.93 120.54
N MET PA 870 66.80 -4.86 121.54
CA MET PA 870 65.39 -5.16 121.39
C MET PA 870 64.58 -3.91 121.07
N ALA PA 871 63.27 -4.07 120.99
CA ALA PA 871 62.34 -2.96 120.83
C ALA PA 871 61.06 -3.38 121.53
N GLU PA 872 60.76 -2.73 122.66
CA GLU PA 872 59.69 -3.18 123.53
C GLU PA 872 58.34 -3.19 122.80
N ARG PA 873 57.94 -2.05 122.27
CA ARG PA 873 56.65 -1.92 121.61
C ARG PA 873 56.66 -0.65 120.79
N THR PA 874 55.54 -0.40 120.10
CA THR PA 874 55.31 0.87 119.45
C THR PA 874 54.34 1.67 120.31
N THR PA 875 54.53 2.98 120.34
CA THR PA 875 53.80 3.84 121.25
C THR PA 875 53.41 5.14 120.55
N PRO PA 876 52.28 5.73 120.92
CA PRO PA 876 51.85 6.98 120.29
C PRO PA 876 52.40 8.20 121.00
N LEU PA 877 52.38 9.32 120.28
CA LEU PA 877 52.83 10.59 120.82
C LEU PA 877 51.79 11.66 120.48
N LEU PA 878 51.86 12.77 121.20
CA LEU PA 878 50.93 13.87 120.97
C LEU PA 878 51.62 15.16 121.44
N ALA PA 879 52.13 15.93 120.48
CA ALA PA 879 52.72 17.21 120.81
C ALA PA 879 51.62 18.25 121.04
N SER PA 880 52.01 19.37 121.64
CA SER PA 880 51.09 20.50 121.83
C SER PA 880 51.93 21.75 121.89
N VAL PA 881 51.98 22.49 120.79
CA VAL PA 881 52.89 23.62 120.65
C VAL PA 881 52.09 24.90 120.47
N ALA PA 882 52.53 25.96 121.12
CA ALA PA 882 52.01 27.28 120.85
C ALA PA 882 52.58 27.78 119.53
N PRO PA 883 51.92 28.75 118.90
CA PRO PA 883 52.44 29.31 117.64
C PRO PA 883 53.77 30.02 117.87
N ASP PA 884 54.51 30.22 116.77
CA ASP PA 884 55.82 30.85 116.83
C ASP PA 884 55.66 32.36 117.05
N ALA PA 885 56.79 33.07 116.98
CA ALA PA 885 56.77 34.51 117.28
C ALA PA 885 55.94 35.28 116.26
N GLY PA 886 55.84 34.76 115.04
CA GLY PA 886 55.09 35.45 114.00
C GLY PA 886 53.61 35.56 114.29
N MET PA 887 52.91 34.43 114.31
CA MET PA 887 51.47 34.40 114.57
C MET PA 887 51.18 34.30 116.06
N ALA PA 888 51.73 35.23 116.85
CA ALA PA 888 51.65 35.18 118.30
C ALA PA 888 51.14 36.49 118.88
N THR PA 889 50.04 37.01 118.35
CA THR PA 889 49.43 38.17 118.97
C THR PA 889 48.70 37.75 120.25
N VAL PA 890 48.05 38.72 120.89
CA VAL PA 890 47.36 38.44 122.14
C VAL PA 890 46.20 37.48 121.92
N ALA PA 891 45.58 37.53 120.74
CA ALA PA 891 44.44 36.67 120.45
C ALA PA 891 44.84 35.23 120.14
N THR PA 892 46.13 34.92 120.05
CA THR PA 892 46.59 33.58 119.73
C THR PA 892 47.50 33.00 120.81
N ARG PA 893 47.35 33.45 122.06
CA ARG PA 893 48.18 32.92 123.14
C ARG PA 893 47.72 31.54 123.59
N ASP PA 894 46.53 31.10 123.16
CA ASP PA 894 46.00 29.80 123.54
C ASP PA 894 45.73 28.89 122.36
N MET PA 895 45.82 29.39 121.12
CA MET PA 895 45.53 28.60 119.93
C MET PA 895 46.72 27.68 119.66
N ARG PA 896 46.77 26.57 120.39
CA ARG PA 896 47.84 25.61 120.29
C ARG PA 896 47.42 24.43 119.42
N THR PA 897 48.40 23.86 118.73
CA THR PA 897 48.16 22.76 117.80
C THR PA 897 48.58 21.44 118.41
N HIS PA 898 47.95 20.36 117.96
CA HIS PA 898 48.24 19.01 118.40
C HIS PA 898 48.44 18.13 117.19
N ASP PA 899 49.34 17.15 117.29
CA ASP PA 899 49.54 16.20 116.21
C ASP PA 899 50.04 14.88 116.78
N GLY PA 900 49.81 13.81 116.03
CA GLY PA 900 50.29 12.50 116.42
C GLY PA 900 51.69 12.23 115.92
N SER PA 901 52.19 11.07 116.30
CA SER PA 901 53.50 10.56 115.89
C SER PA 901 53.60 9.14 116.42
N LEU PA 902 54.57 8.40 115.90
CA LEU PA 902 54.74 7.00 116.27
C LEU PA 902 56.21 6.71 116.54
N HIS PA 903 56.47 6.03 117.64
CA HIS PA 903 57.81 5.59 118.00
C HIS PA 903 57.92 4.10 117.69
N HIS PA 904 58.88 3.75 116.84
CA HIS PA 904 59.08 2.37 116.39
C HIS PA 904 57.80 1.82 115.74
N GLY PA 905 57.25 2.61 114.84
CA GLY PA 905 56.09 2.22 114.06
C GLY PA 905 56.49 1.62 112.73
N LEU PA 906 55.57 1.65 111.78
CA LEU PA 906 55.85 1.11 110.46
C LEU PA 906 54.83 1.62 109.45
N LEU PA 907 55.31 1.95 108.26
CA LEU PA 907 54.48 2.48 107.18
C LEU PA 907 54.33 1.41 106.11
N MET PA 908 53.14 0.79 106.07
CA MET PA 908 52.82 -0.18 105.05
C MET PA 908 52.36 0.54 103.78
N MET PA 909 52.72 -0.03 102.62
CA MET PA 909 52.47 0.66 101.36
C MET PA 909 51.13 0.24 100.74
N ALA PA 910 50.95 -1.05 100.47
CA ALA PA 910 49.77 -1.55 99.79
C ALA PA 910 49.28 -2.81 100.49
N TYR PA 911 48.09 -2.73 101.07
CA TYR PA 911 47.52 -3.89 101.75
C TYR PA 911 47.20 -4.99 100.76
N GLN PA 912 47.35 -6.23 101.21
CA GLN PA 912 47.05 -7.42 100.41
C GLN PA 912 45.93 -8.20 101.07
N PRO PA 913 44.67 -7.86 100.83
CA PRO PA 913 43.57 -8.53 101.51
C PRO PA 913 43.30 -9.94 101.02
N ASN PA 914 43.87 -10.31 99.87
CA ASN PA 914 43.53 -11.57 99.21
C ASN PA 914 44.68 -12.57 99.20
N ASP PA 915 45.52 -12.56 100.23
CA ASP PA 915 46.54 -13.58 100.40
C ASP PA 915 45.99 -14.72 101.25
N ALA PA 916 46.66 -15.88 101.18
CA ALA PA 916 46.20 -17.06 101.91
C ALA PA 916 47.25 -17.62 102.87
N THR PA 917 48.52 -17.21 102.76
CA THR PA 917 49.56 -17.80 103.58
C THR PA 917 49.63 -17.19 104.97
N LEU PA 918 48.90 -16.11 105.23
CA LEU PA 918 48.94 -15.42 106.52
C LEU PA 918 47.55 -14.94 106.88
N LEU PA 919 47.30 -14.85 108.19
CA LEU PA 919 46.13 -14.16 108.67
C LEU PA 919 46.30 -12.65 108.48
N GLU PA 920 45.19 -11.93 108.60
CA GLU PA 920 45.19 -10.49 108.39
C GLU PA 920 46.18 -9.78 109.33
N GLY PA 921 45.92 -9.84 110.63
CA GLY PA 921 46.76 -9.17 111.61
C GLY PA 921 47.81 -10.09 112.21
N ALA PA 922 48.56 -10.79 111.35
CA ALA PA 922 49.57 -11.71 111.85
C ALA PA 922 50.70 -10.99 112.58
N PHE PA 923 51.08 -9.80 112.11
CA PHE PA 923 52.17 -9.07 112.74
C PHE PA 923 51.77 -7.64 113.07
N PHE PA 924 50.97 -7.02 112.20
CA PHE PA 924 50.75 -5.58 112.23
C PHE PA 924 49.28 -5.26 112.46
N TYR PA 925 49.01 -4.01 112.83
CA TYR PA 925 47.67 -3.48 113.01
C TYR PA 925 47.66 -2.01 112.64
N PRO PA 926 46.57 -1.53 112.05
CA PRO PA 926 46.56 -0.14 111.56
C PRO PA 926 46.47 0.88 112.68
N ALA PA 927 47.28 1.91 112.55
CA ALA PA 927 47.29 3.03 113.49
C ALA PA 927 47.58 4.32 112.75
N PRO PA 928 46.62 4.82 111.97
CA PRO PA 928 46.87 6.04 111.18
C PRO PA 928 47.16 7.23 112.06
N VAL PA 929 48.07 8.08 111.60
CA VAL PA 929 48.53 9.23 112.37
C VAL PA 929 48.02 10.56 111.83
N ASN PA 930 47.93 10.73 110.52
CA ASN PA 930 47.50 11.99 109.94
C ASN PA 930 46.59 11.68 108.76
N ALA PA 931 46.23 12.71 108.00
CA ALA PA 931 45.34 12.52 106.86
C ALA PA 931 46.07 11.89 105.67
N LEU PA 932 47.39 12.09 105.59
CA LEU PA 932 48.14 11.53 104.47
C LEU PA 932 48.30 10.03 104.60
N PHE PA 933 48.86 9.56 105.72
CA PHE PA 933 49.18 8.15 105.90
C PHE PA 933 48.03 7.42 106.58
N ALA PA 934 46.87 7.48 105.92
CA ALA PA 934 45.67 6.84 106.45
C ALA PA 934 44.84 6.36 105.26
N CYS PA 935 45.04 5.11 104.86
CA CYS PA 935 44.22 4.54 103.80
C CYS PA 935 42.92 4.00 104.38
N ALA PA 936 42.03 3.57 103.50
CA ALA PA 936 40.71 3.13 103.95
C ALA PA 936 40.61 1.62 104.10
N ASP PA 937 41.16 0.87 103.16
CA ASP PA 937 41.00 -0.58 103.16
C ASP PA 937 41.92 -1.28 104.15
N HIS PA 938 42.92 -0.59 104.69
CA HIS PA 938 43.83 -1.22 105.63
C HIS PA 938 43.15 -1.58 106.95
N LEU PA 939 42.02 -0.95 107.27
CA LEU PA 939 41.26 -1.34 108.45
C LEU PA 939 40.82 -2.79 108.42
N GLY PA 940 40.76 -3.41 107.23
CA GLY PA 940 40.51 -4.82 107.10
C GLY PA 940 41.55 -5.73 107.72
N ALA PA 941 42.56 -5.15 108.38
CA ALA PA 941 43.54 -5.93 109.14
C ALA PA 941 43.19 -6.05 110.62
N MET PA 942 41.97 -5.67 111.02
CA MET PA 942 41.57 -5.79 112.41
C MET PA 942 40.90 -7.13 112.67
N ARG PA 943 41.17 -7.68 113.85
CA ARG PA 943 40.50 -8.88 114.30
C ARG PA 943 39.20 -8.50 115.00
N ASP PA 944 38.14 -9.24 114.67
CA ASP PA 944 36.79 -8.94 115.15
C ASP PA 944 36.31 -7.58 114.65
N VAL PA 945 36.79 -7.19 113.46
CA VAL PA 945 36.41 -5.92 112.87
C VAL PA 945 34.91 -5.92 112.56
N GLY PA 946 34.27 -4.76 112.74
CA GLY PA 946 32.87 -4.62 112.42
C GLY PA 946 32.66 -4.39 110.93
N ALA PA 947 31.40 -4.15 110.58
CA ALA PA 947 31.02 -3.86 109.21
C ALA PA 947 30.46 -2.46 109.02
N GLU PA 948 29.76 -1.91 110.01
CA GLU PA 948 29.26 -0.55 109.92
C GLU PA 948 30.37 0.49 109.95
N VAL PA 949 31.57 0.12 110.37
CA VAL PA 949 32.69 1.05 110.46
C VAL PA 949 33.50 1.00 109.17
N ARG PA 950 33.52 -0.15 108.51
CA ARG PA 950 34.21 -0.25 107.23
C ARG PA 950 33.37 0.25 106.07
N ALA PA 951 32.07 0.44 106.27
CA ALA PA 951 31.20 0.96 105.22
C ALA PA 951 31.22 2.48 105.17
N ALA PA 952 31.39 3.14 106.32
CA ALA PA 952 31.44 4.59 106.39
C ALA PA 952 32.87 5.12 106.47
N ALA PA 953 33.86 4.28 106.19
CA ALA PA 953 35.26 4.68 106.25
C ALA PA 953 35.83 5.14 104.92
N GLN PA 954 35.12 4.89 103.82
CA GLN PA 954 35.61 5.27 102.49
C GLN PA 954 35.44 6.75 102.20
N HIS PA 955 34.93 7.55 103.13
CA HIS PA 955 34.76 8.99 102.92
C HIS PA 955 35.60 9.84 103.86
N VAL PA 956 35.75 9.43 105.11
CA VAL PA 956 36.51 10.20 106.09
C VAL PA 956 37.76 9.40 106.47
N PRO PA 957 38.88 10.07 106.77
CA PRO PA 957 40.04 9.34 107.29
C PRO PA 957 39.76 8.80 108.68
N CYS PA 958 40.31 7.62 108.95
CA CYS PA 958 40.06 6.89 110.19
C CYS PA 958 41.03 7.27 111.30
N VAL PA 959 41.63 8.45 111.22
CA VAL PA 959 42.60 8.89 112.23
C VAL PA 959 41.91 8.94 113.59
N PRO PA 960 42.49 8.34 114.63
CA PRO PA 960 41.82 8.31 115.93
C PRO PA 960 41.97 9.63 116.66
N HIS PA 961 40.95 9.96 117.46
CA HIS PA 961 40.93 11.23 118.17
C HIS PA 961 41.94 11.28 119.32
N PHE PA 962 42.59 10.18 119.66
CA PHE PA 962 43.68 10.22 120.62
C PHE PA 962 45.04 10.42 119.97
N LEU PA 963 45.06 10.74 118.67
CA LEU PA 963 46.28 11.04 117.94
C LEU PA 963 46.20 12.40 117.26
N GLY PA 964 45.18 13.19 117.62
CA GLY PA 964 45.01 14.51 117.03
C GLY PA 964 44.01 14.54 115.90
N ALA PA 965 42.97 15.36 116.05
CA ALA PA 965 41.95 15.47 115.02
C ALA PA 965 42.45 16.33 113.87
N ASN PA 966 41.54 16.64 112.94
CA ASN PA 966 41.89 17.31 111.68
C ASN PA 966 41.61 18.80 111.71
N TYR PA 967 41.42 19.37 112.89
CA TYR PA 967 41.38 20.82 113.03
C TYR PA 967 42.58 21.29 113.84
N TYR PA 968 42.95 20.51 114.84
CA TYR PA 968 44.07 20.85 115.71
C TYR PA 968 45.41 20.36 115.16
N ALA PA 969 45.40 19.70 114.01
CA ALA PA 969 46.62 19.23 113.38
C ALA PA 969 47.16 20.30 112.43
N THR PA 970 48.46 20.19 112.12
CA THR PA 970 49.14 21.21 111.33
C THR PA 970 49.22 20.87 109.85
N VAL PA 971 48.81 19.66 109.46
CA VAL PA 971 48.70 19.29 108.05
C VAL PA 971 47.28 18.75 107.87
N ARG PA 972 46.37 19.62 107.45
CA ARG PA 972 44.94 19.33 107.52
C ARG PA 972 44.51 18.44 106.36
N GLN PA 973 43.19 18.28 106.20
CA GLN PA 973 42.66 17.37 105.18
C GLN PA 973 42.86 17.88 103.76
N PRO PA 974 42.60 19.15 103.42
CA PRO PA 974 42.74 19.56 102.02
C PRO PA 974 44.12 19.31 101.43
N VAL PA 975 45.19 19.50 102.20
CA VAL PA 975 46.52 19.20 101.69
C VAL PA 975 46.63 17.73 101.31
N ALA PA 976 46.10 16.84 102.14
CA ALA PA 976 46.07 15.42 101.78
C ALA PA 976 45.19 15.17 100.56
N GLN PA 977 43.97 15.71 100.58
CA GLN PA 977 43.04 15.51 99.47
C GLN PA 977 43.62 15.97 98.14
N HIS PA 978 44.53 16.95 98.17
CA HIS PA 978 45.12 17.45 96.93
C HIS PA 978 45.99 16.38 96.27
N ALA PA 979 46.77 15.66 97.06
CA ALA PA 979 47.69 14.66 96.55
C ALA PA 979 47.00 13.34 96.26
N ALA PA 980 45.68 13.33 96.13
CA ALA PA 980 44.94 12.11 95.87
C ALA PA 980 44.07 12.16 94.61
N GLN PA 981 43.97 13.32 93.96
CA GLN PA 981 43.11 13.43 92.78
C GLN PA 981 43.78 14.20 91.65
N SER PA 982 45.04 13.91 91.34
CA SER PA 982 45.76 14.62 90.29
C SER PA 982 46.81 13.72 89.64
N ARG PA 983 46.49 13.19 88.44
CA ARG PA 983 47.49 12.50 87.62
C ARG PA 983 48.31 13.56 86.90
N ALA PA 984 49.29 14.09 87.62
CA ALA PA 984 50.04 15.26 87.16
C ALA PA 984 51.53 15.07 87.35
N ASP PA 985 52.07 13.93 86.91
CA ASP PA 985 53.51 13.77 86.73
C ASP PA 985 54.25 13.90 88.07
N GLU PA 986 54.13 12.82 88.85
CA GLU PA 986 54.63 12.73 90.23
C GLU PA 986 56.01 13.33 90.44
N ASN PA 987 56.79 13.45 89.36
CA ASN PA 987 58.03 14.23 89.40
C ASN PA 987 57.78 15.62 89.96
N THR PA 988 56.76 16.32 89.46
CA THR PA 988 56.48 17.70 89.86
C THR PA 988 55.49 17.82 90.99
N LEU PA 989 54.69 16.77 91.26
CA LEU PA 989 53.79 16.79 92.41
C LEU PA 989 54.57 16.99 93.70
N SER PA 990 55.80 16.46 93.76
CA SER PA 990 56.66 16.68 94.91
C SER PA 990 56.95 18.16 95.12
N TYR PA 991 57.42 18.85 94.07
CA TYR PA 991 57.68 20.28 94.17
C TYR PA 991 56.42 21.05 94.53
N ALA PA 992 55.28 20.64 93.97
CA ALA PA 992 54.01 21.31 94.30
C ALA PA 992 53.71 21.20 95.78
N LEU PA 993 53.74 19.98 96.33
CA LEU PA 993 53.48 19.80 97.76
C LEU PA 993 54.52 20.52 98.60
N MET PA 994 55.75 20.63 98.11
CA MET PA 994 56.78 21.36 98.84
C MET PA 994 56.44 22.84 98.92
N ALA PA 995 56.15 23.46 97.78
CA ALA PA 995 55.76 24.86 97.77
C ALA PA 995 54.49 25.08 98.60
N GLY PA 996 53.64 24.07 98.69
CA GLY PA 996 52.45 24.18 99.50
C GLY PA 996 52.71 23.95 100.98
N TYR PA 997 53.89 24.36 101.46
CA TYR PA 997 54.23 24.20 102.87
C TYR PA 997 54.70 25.48 103.54
N PHE PA 998 54.85 26.57 102.82
CA PHE PA 998 55.23 27.83 103.43
C PHE PA 998 54.12 28.33 104.36
N LYS PA 999 54.52 29.11 105.36
CA LYS PA 999 53.57 29.56 106.37
C LYS PA 999 52.81 30.78 105.89
N MET PA 1000 51.76 31.14 106.64
CA MET PA 1000 50.91 32.29 106.33
C MET PA 1000 50.89 33.20 107.55
N SER PA 1001 51.86 34.10 107.64
CA SER PA 1001 51.96 35.08 108.71
C SER PA 1001 52.87 36.20 108.25
N PRO PA 1002 52.68 37.41 108.78
CA PRO PA 1002 53.45 38.57 108.28
C PRO PA 1002 54.94 38.34 108.15
N VAL PA 1003 55.58 37.77 109.18
CA VAL PA 1003 57.01 37.54 109.14
C VAL PA 1003 57.39 36.57 108.03
N ALA PA 1004 56.54 35.58 107.73
CA ALA PA 1004 56.76 34.70 106.61
C ALA PA 1004 56.52 35.38 105.27
N PHE PA 1005 55.54 36.28 105.20
CA PHE PA 1005 55.30 37.01 103.97
C PHE PA 1005 56.47 37.90 103.62
N THR PA 1006 57.11 38.52 104.62
CA THR PA 1006 58.27 39.38 104.39
C THR PA 1006 59.39 38.66 103.62
N HIS PA 1007 59.32 37.34 103.53
CA HIS PA 1007 60.26 36.59 102.69
C HIS PA 1007 59.58 36.01 101.45
N GLN PA 1008 58.41 35.38 101.63
CA GLN PA 1008 57.69 34.77 100.52
C GLN PA 1008 57.47 35.78 99.39
N LEU PA 1009 56.94 36.96 99.73
CA LEU PA 1009 56.70 37.97 98.70
C LEU PA 1009 57.99 38.47 98.11
N ARG PA 1010 58.92 38.92 98.95
CA ARG PA 1010 60.15 39.55 98.47
C ARG PA 1010 60.96 38.63 97.58
N ARG PA 1011 60.79 37.31 97.71
CA ARG PA 1011 61.54 36.38 96.88
C ARG PA 1011 60.70 35.81 95.74
N GLN PA 1012 59.72 36.58 95.24
CA GLN PA 1012 59.02 36.29 93.98
C GLN PA 1012 58.38 34.91 94.01
N LEU PA 1013 57.51 34.70 95.00
CA LEU PA 1013 56.71 33.50 95.13
C LEU PA 1013 55.25 33.92 95.21
N HIS PA 1014 54.40 33.19 94.48
CA HIS PA 1014 52.98 33.50 94.46
C HIS PA 1014 52.26 32.67 95.53
N PRO PA 1015 51.83 33.27 96.64
CA PRO PA 1015 51.04 32.51 97.61
C PRO PA 1015 49.62 32.30 97.12
N GLY PA 1016 48.79 31.65 97.93
CA GLY PA 1016 47.44 31.35 97.50
C GLY PA 1016 46.49 32.53 97.63
N PHE PA 1017 46.97 33.72 97.28
CA PHE PA 1017 46.18 34.94 97.38
C PHE PA 1017 45.99 35.54 95.99
N ALA PA 1018 44.97 36.39 95.90
CA ALA PA 1018 44.79 37.27 94.75
C ALA PA 1018 44.34 38.61 95.30
N LEU PA 1019 44.97 39.68 94.84
CA LEU PA 1019 44.74 41.00 95.41
C LEU PA 1019 43.91 41.86 94.48
N THR PA 1020 43.01 42.64 95.08
CA THR PA 1020 42.13 43.55 94.36
C THR PA 1020 42.59 44.97 94.65
N VAL PA 1021 43.23 45.60 93.68
CA VAL PA 1021 43.80 46.93 93.86
C VAL PA 1021 42.72 47.97 93.56
N VAL PA 1022 42.60 48.97 94.42
CA VAL PA 1022 41.63 50.05 94.25
C VAL PA 1022 42.33 51.37 94.52
N ARG PA 1023 41.98 52.39 93.73
CA ARG PA 1023 42.51 53.74 93.94
C ARG PA 1023 41.57 54.72 93.28
N GLN PA 1024 41.45 55.91 93.86
CA GLN PA 1024 40.52 56.93 93.41
C GLN PA 1024 41.28 58.08 92.78
N ASP PA 1025 40.74 58.61 91.68
CA ASP PA 1025 41.32 59.75 90.99
C ASP PA 1025 40.31 60.89 90.92
N ARG PA 1026 40.83 62.07 90.60
CA ARG PA 1026 40.04 63.28 90.39
C ARG PA 1026 40.51 63.92 89.10
N PHE PA 1027 39.58 64.52 88.36
CA PHE PA 1027 39.87 65.07 87.05
C PHE PA 1027 39.42 66.52 86.98
N ALA PA 1028 40.02 67.26 86.06
CA ALA PA 1028 39.65 68.64 85.78
C ALA PA 1028 38.70 68.62 84.60
N THR PA 1029 37.52 69.23 84.78
CA THR PA 1029 36.47 69.20 83.79
C THR PA 1029 35.86 70.58 83.63
N GLU PA 1030 35.48 70.92 82.39
CA GLU PA 1030 34.77 72.15 82.09
C GLU PA 1030 33.30 71.84 81.90
N ASN PA 1031 32.46 72.41 82.75
CA ASN PA 1031 31.04 72.14 82.69
C ASN PA 1031 30.36 73.19 81.81
N VAL PA 1032 29.10 72.93 81.47
CA VAL PA 1032 28.27 73.85 80.71
C VAL PA 1032 26.97 74.00 81.47
N LEU PA 1033 26.83 75.08 82.23
CA LEU PA 1033 25.69 75.29 83.09
C LEU PA 1033 24.54 75.96 82.34
N PHE PA 1034 23.32 75.55 82.68
CA PHE PA 1034 22.11 76.11 82.09
C PHE PA 1034 21.14 76.48 83.20
N ALA PA 1035 20.44 77.60 83.03
CA ALA PA 1035 19.43 78.05 83.97
C ALA PA 1035 18.19 78.48 83.19
N GLU PA 1036 17.11 78.72 83.90
CA GLU PA 1036 15.83 79.01 83.27
C GLU PA 1036 15.51 80.50 83.40
N LYS PA 1037 14.29 80.86 82.99
CA LYS PA 1037 13.88 82.26 82.95
C LYS PA 1037 14.09 82.96 84.29
N ALA PA 1038 13.62 82.37 85.38
CA ALA PA 1038 13.80 82.96 86.71
C ALA PA 1038 13.93 81.81 87.71
N SER PA 1039 15.17 81.45 88.03
CA SER PA 1039 15.44 80.32 88.91
C SER PA 1039 15.90 80.75 90.30
N GLU PA 1040 16.01 82.04 90.57
CA GLU PA 1040 16.52 82.50 91.85
C GLU PA 1040 15.82 83.79 92.26
N SER PA 1041 15.08 83.73 93.37
CA SER PA 1041 14.66 84.92 94.07
C SER PA 1041 15.85 85.40 94.89
N TYR PA 1042 16.27 86.64 94.67
CA TYR PA 1042 17.52 87.15 95.21
C TYR PA 1042 17.23 88.47 95.91
N PHE PA 1043 17.38 88.48 97.23
CA PHE PA 1043 17.13 89.68 98.02
C PHE PA 1043 18.45 90.30 98.44
N MET PA 1044 18.67 91.55 98.04
CA MET PA 1044 19.86 92.32 98.41
C MET PA 1044 19.45 93.32 99.48
N GLY PA 1045 20.03 93.20 100.68
CA GLY PA 1045 19.72 94.10 101.77
C GLY PA 1045 20.30 95.48 101.58
N GLN PA 1046 20.52 96.19 102.68
CA GLN PA 1046 21.06 97.54 102.64
C GLN PA 1046 22.50 97.54 103.14
N MET PA 1047 23.38 98.18 102.38
CA MET PA 1047 24.79 98.24 102.71
C MET PA 1047 25.02 99.06 103.98
N GLN PA 1048 25.89 98.56 104.84
CA GLN PA 1048 26.26 99.27 106.06
C GLN PA 1048 27.76 99.21 106.24
N VAL PA 1049 28.29 100.10 107.09
CA VAL PA 1049 29.72 100.28 107.27
C VAL PA 1049 30.04 100.05 108.74
N ALA PA 1050 31.13 99.33 108.99
CA ALA PA 1050 31.66 99.11 110.34
C ALA PA 1050 33.11 99.57 110.34
N ARG PA 1051 33.33 100.81 110.76
CA ARG PA 1051 34.66 101.42 110.72
C ARG PA 1051 35.36 101.27 112.06
N THR PA 1052 36.70 101.29 112.01
CA THR PA 1052 37.53 101.23 113.19
C THR PA 1052 38.73 102.14 113.00
N GLU PA 1053 39.39 102.45 114.11
CA GLU PA 1053 40.57 103.30 114.10
C GLU PA 1053 41.73 102.54 114.73
N SER PA 1054 42.89 102.56 114.06
CA SER PA 1054 44.11 101.92 114.58
C SER PA 1054 45.29 102.84 114.28
N GLY PA 1055 45.59 103.74 115.21
CA GLY PA 1055 46.75 104.61 115.11
C GLY PA 1055 46.80 105.41 113.82
N GLY PA 1056 47.74 105.07 112.95
CA GLY PA 1056 47.82 105.72 111.66
C GLY PA 1056 46.94 105.06 110.62
N GLY PA 1057 45.77 105.63 110.38
CA GLY PA 1057 44.86 105.09 109.38
C GLY PA 1057 43.45 104.86 109.89
N LEU PA 1058 42.47 104.98 109.01
CA LEU PA 1058 41.07 104.69 109.31
C LEU PA 1058 40.65 103.51 108.45
N HIS PA 1059 40.36 102.38 109.09
CA HIS PA 1059 40.06 101.14 108.41
C HIS PA 1059 38.55 100.98 108.30
N LEU PA 1060 38.04 100.95 107.07
CA LEU PA 1060 36.61 100.83 106.80
C LEU PA 1060 36.30 99.45 106.26
N GLN PA 1061 35.22 98.84 106.76
CA GLN PA 1061 34.75 97.55 106.30
C GLN PA 1061 33.28 97.64 105.95
N LEU PA 1062 32.94 97.29 104.72
CA LEU PA 1062 31.57 97.29 104.24
C LEU PA 1062 31.02 95.88 104.21
N THR PA 1063 29.75 95.73 104.56
CA THR PA 1063 29.03 94.48 104.36
C THR PA 1063 27.68 94.81 103.74
N GLN PA 1064 27.06 93.80 103.16
CA GLN PA 1064 25.75 93.94 102.55
C GLN PA 1064 25.01 92.61 102.65
N PRO PA 1065 24.19 92.43 103.69
CA PRO PA 1065 23.51 91.14 103.86
C PRO PA 1065 22.55 90.86 102.72
N ARG PA 1066 22.42 89.59 102.37
CA ARG PA 1066 21.54 89.22 101.27
C ARG PA 1066 21.06 87.78 101.49
N ALA PA 1067 19.97 87.43 100.81
CA ALA PA 1067 19.35 86.14 100.99
C ALA PA 1067 18.79 85.67 99.64
N ASN PA 1068 18.73 84.35 99.47
CA ASN PA 1068 18.30 83.75 98.23
C ASN PA 1068 17.57 82.45 98.52
N VAL PA 1069 16.63 82.11 97.64
CA VAL PA 1069 15.90 80.85 97.70
C VAL PA 1069 15.31 80.58 96.32
N ASP PA 1070 15.46 79.35 95.84
CA ASP PA 1070 14.99 79.04 94.49
C ASP PA 1070 13.47 79.01 94.45
N LEU PA 1071 12.90 79.66 93.43
CA LEU PA 1071 11.47 79.76 93.26
C LEU PA 1071 10.94 78.87 92.13
N GLY PA 1072 11.59 77.73 91.93
CA GLY PA 1072 11.14 76.75 90.95
C GLY PA 1072 10.94 75.39 91.61
N VAL PA 1073 9.81 74.76 91.32
CA VAL PA 1073 9.53 73.41 91.79
C VAL PA 1073 10.18 72.43 90.82
N GLY PA 1074 10.83 71.41 91.37
CA GLY PA 1074 11.65 70.52 90.57
C GLY PA 1074 12.91 71.22 90.07
N PHE PA 1075 13.78 70.42 89.47
CA PHE PA 1075 15.06 70.92 88.99
C PHE PA 1075 14.85 72.01 87.96
N THR PA 1076 15.63 73.09 88.07
CA THR PA 1076 15.55 74.22 87.15
C THR PA 1076 16.89 74.56 86.52
N ALA PA 1077 17.96 73.84 86.87
CA ALA PA 1077 19.28 74.16 86.37
C ALA PA 1077 20.14 72.90 86.42
N ALA PA 1078 20.94 72.68 85.37
CA ALA PA 1078 21.78 71.51 85.30
C ALA PA 1078 22.95 71.78 84.36
N TYR PA 1079 24.05 71.08 84.60
CA TYR PA 1079 25.27 71.20 83.81
C TYR PA 1079 25.56 69.88 83.12
N ALA PA 1080 26.64 69.85 82.31
CA ALA PA 1080 26.80 68.77 81.36
C ALA PA 1080 28.18 68.11 81.38
N ALA PA 1081 29.21 68.81 81.88
CA ALA PA 1081 30.58 68.31 81.91
C ALA PA 1081 31.07 67.97 80.50
N ALA PA 1082 31.20 69.03 79.69
CA ALA PA 1082 31.47 68.84 78.28
C ALA PA 1082 32.92 68.47 78.01
N ALA PA 1083 33.86 69.37 78.33
CA ALA PA 1083 35.25 69.18 77.96
C ALA PA 1083 35.97 68.38 79.05
N LEU PA 1084 37.30 68.28 78.92
CA LEU PA 1084 38.11 67.54 79.88
C LEU PA 1084 39.54 68.06 79.82
N ARG PA 1085 40.01 68.61 80.94
CA ARG PA 1085 41.39 69.03 81.05
C ARG PA 1085 42.25 67.84 81.52
N ALA PA 1086 43.51 68.13 81.84
CA ALA PA 1086 44.39 67.10 82.34
C ALA PA 1086 43.93 66.62 83.71
N PRO PA 1087 44.14 65.35 84.03
CA PRO PA 1087 43.79 64.85 85.37
C PRO PA 1087 44.62 65.55 86.44
N VAL PA 1088 43.92 66.09 87.45
CA VAL PA 1088 44.58 66.85 88.50
C VAL PA 1088 45.45 65.97 89.39
N THR PA 1089 45.16 64.67 89.46
CA THR PA 1089 45.90 63.76 90.32
C THR PA 1089 46.69 62.78 89.48
N ASP PA 1090 47.81 62.31 90.04
CA ASP PA 1090 48.58 61.26 89.40
C ASP PA 1090 47.78 59.97 89.36
N MET PA 1091 48.03 59.15 88.33
CA MET PA 1091 47.43 57.84 88.20
C MET PA 1091 48.40 56.72 88.51
N GLY PA 1092 49.52 57.03 89.18
CA GLY PA 1092 50.53 56.05 89.49
C GLY PA 1092 50.12 55.11 90.60
N ASN PA 1093 51.12 54.59 91.31
CA ASN PA 1093 50.87 53.68 92.41
C ASN PA 1093 51.55 54.18 93.68
N LEU PA 1094 50.93 53.89 94.80
CA LEU PA 1094 51.47 54.17 96.12
C LEU PA 1094 50.88 53.20 97.12
N PRO PA 1095 51.67 52.30 97.67
CA PRO PA 1095 51.13 51.32 98.63
C PRO PA 1095 50.75 51.99 99.93
N GLN PA 1096 49.51 51.76 100.37
CA GLN PA 1096 49.12 52.23 101.69
C GLN PA 1096 49.79 51.37 102.75
N ASN PA 1097 50.37 52.02 103.74
CA ASN PA 1097 51.13 51.36 104.79
C ASN PA 1097 50.35 51.51 106.09
N LEU PA 1098 49.82 50.40 106.59
CA LEU PA 1098 49.00 50.42 107.79
C LEU PA 1098 49.81 50.60 109.06
N PHE PA 1099 51.14 50.55 108.99
CA PHE PA 1099 51.97 50.81 110.16
C PHE PA 1099 51.88 52.24 110.64
N ALA PA 1100 51.40 53.16 109.80
CA ALA PA 1100 51.12 54.52 110.25
C ALA PA 1100 49.87 54.60 111.10
N THR PA 1101 48.90 53.73 110.87
CA THR PA 1101 47.63 53.77 111.57
C THR PA 1101 47.79 53.30 113.01
N ARG PA 1102 46.89 53.77 113.88
CA ARG PA 1102 46.82 53.32 115.26
C ARG PA 1102 45.50 52.62 115.50
N GLY PA 1103 45.50 51.63 116.38
CA GLY PA 1103 44.28 50.96 116.75
C GLY PA 1103 44.33 49.45 116.64
N ALA PA 1104 45.49 48.91 116.30
CA ALA PA 1104 45.65 47.47 116.20
C ALA PA 1104 46.50 46.95 117.36
N PRO PA 1105 46.14 45.81 117.94
CA PRO PA 1105 46.93 45.27 119.05
C PRO PA 1105 48.28 44.79 118.56
N PRO PA 1106 49.36 45.25 119.18
CA PRO PA 1106 50.71 44.88 118.71
C PRO PA 1106 50.97 43.40 118.93
N MET PA 1107 52.08 42.94 118.34
CA MET PA 1107 52.51 41.57 118.56
C MET PA 1107 52.94 41.38 120.01
N LEU PA 1108 52.83 40.14 120.49
CA LEU PA 1108 53.28 39.83 121.84
C LEU PA 1108 54.78 40.07 121.97
N ASP PA 1109 55.58 39.34 121.21
CA ASP PA 1109 57.02 39.53 121.25
C ASP PA 1109 57.39 40.87 120.63
N ALA PA 1110 58.33 41.57 121.29
CA ALA PA 1110 58.69 42.91 120.87
C ALA PA 1110 59.62 42.89 119.66
N ASP PA 1111 60.63 42.01 119.67
CA ASP PA 1111 61.59 41.96 118.58
C ASP PA 1111 60.90 41.59 117.27
N ALA PA 1112 59.97 40.64 117.31
CA ALA PA 1112 59.24 40.26 116.10
C ALA PA 1112 58.45 41.43 115.53
N ASP PA 1113 58.05 42.37 116.38
CA ASP PA 1113 57.29 43.53 115.91
C ASP PA 1113 58.20 44.62 115.37
N ASP PA 1114 59.25 44.96 116.10
CA ASP PA 1114 60.16 46.00 115.61
C ASP PA 1114 60.91 45.54 114.38
N TYR PA 1115 61.09 44.23 114.18
CA TYR PA 1115 61.68 43.74 112.94
C TYR PA 1115 60.79 44.09 111.75
N LEU PA 1116 59.49 43.82 111.86
CA LEU PA 1116 58.56 44.24 110.82
C LEU PA 1116 58.61 45.75 110.61
N ARG PA 1117 58.53 46.51 111.70
CA ARG PA 1117 58.54 47.96 111.61
C ARG PA 1117 59.79 48.46 110.90
N ARG PA 1118 60.91 47.76 111.06
CA ARG PA 1118 62.16 48.17 110.42
C ARG PA 1118 62.22 47.70 108.98
N THR PA 1119 61.64 46.55 108.67
CA THR PA 1119 61.78 45.98 107.33
C THR PA 1119 60.81 46.61 106.34
N VAL PA 1120 59.51 46.63 106.67
CA VAL PA 1120 58.53 47.12 105.72
C VAL PA 1120 58.73 48.59 105.39
N ASN PA 1121 59.27 49.36 106.32
CA ASN PA 1121 59.47 50.80 106.13
C ASN PA 1121 60.81 51.12 105.49
N ALA PA 1122 61.40 50.17 104.76
CA ALA PA 1122 62.71 50.39 104.15
C ALA PA 1122 62.53 51.35 102.98
N GLY PA 1123 62.70 52.65 103.25
CA GLY PA 1123 62.52 53.66 102.23
C GLY PA 1123 61.11 53.77 101.69
N ASN PA 1124 60.12 53.26 102.41
CA ASN PA 1124 58.74 53.36 101.96
C ASN PA 1124 58.32 54.83 101.90
N ARG PA 1125 57.38 55.14 100.99
CA ARG PA 1125 57.15 56.52 100.62
C ARG PA 1125 56.35 57.27 101.70
N LEU PA 1126 55.35 56.64 102.28
CA LEU PA 1126 54.52 57.30 103.28
C LEU PA 1126 54.71 56.72 104.68
N ALA PA 1127 55.81 56.02 104.92
CA ALA PA 1127 56.09 55.50 106.25
C ALA PA 1127 56.23 56.65 107.25
N PRO PA 1128 55.79 56.45 108.49
CA PRO PA 1128 55.88 57.51 109.49
C PRO PA 1128 57.33 57.82 109.84
N VAL PA 1129 57.55 59.06 110.26
CA VAL PA 1129 58.90 59.56 110.54
C VAL PA 1129 58.93 60.17 111.92
N PRO PA 1130 60.01 59.92 112.67
CA PRO PA 1130 60.15 60.56 113.99
C PRO PA 1130 60.39 62.05 113.88
N VAL PA 1131 59.31 62.81 113.76
CA VAL PA 1131 59.38 64.26 113.63
C VAL PA 1131 58.83 64.81 114.94
N PHE PA 1132 58.84 66.13 115.13
CA PHE PA 1132 58.65 66.70 116.46
C PHE PA 1132 57.23 66.47 116.95
N GLY PA 1133 56.92 65.22 117.31
CA GLY PA 1133 55.64 64.77 117.84
C GLY PA 1133 54.50 64.88 116.83
N GLN PA 1134 54.80 65.04 115.55
CA GLN PA 1134 53.74 65.05 114.54
C GLN PA 1134 53.39 63.63 114.09
N MET PA 1135 54.40 62.82 113.79
CA MET PA 1135 54.23 61.43 113.35
C MET PA 1135 53.44 61.38 112.04
N LEU PA 1136 53.98 62.09 111.05
CA LEU PA 1136 53.39 62.17 109.71
C LEU PA 1136 54.48 61.87 108.70
N PRO PA 1137 54.11 61.49 107.47
CA PRO PA 1137 55.14 61.30 106.44
C PRO PA 1137 55.78 62.63 106.06
N GLN PA 1138 57.07 62.57 105.70
CA GLN PA 1138 57.82 63.76 105.39
C GLN PA 1138 57.42 64.31 104.03
N VAL PA 1139 57.60 65.62 103.85
CA VAL PA 1139 57.28 66.25 102.56
C VAL PA 1139 58.22 65.68 101.50
N PRO PA 1140 57.72 65.35 100.31
CA PRO PA 1140 58.54 64.65 99.34
C PRO PA 1140 59.49 65.58 98.61
N ALA PA 1141 60.32 64.98 97.74
CA ALA PA 1141 61.34 65.71 97.01
C ALA PA 1141 60.83 65.99 95.61
N GLY PA 1142 60.08 67.06 95.48
CA GLY PA 1142 59.60 67.42 94.16
C GLY PA 1142 58.38 66.64 93.75
N LEU PA 1143 57.56 67.24 92.89
CA LEU PA 1143 56.44 66.57 92.27
C LEU PA 1143 56.64 66.53 90.76
N ALA PA 1144 56.34 65.38 90.17
CA ALA PA 1144 56.42 65.21 88.74
C ALA PA 1144 55.11 65.49 88.03
N ARG PA 1145 54.00 65.06 88.62
CA ARG PA 1145 52.66 65.29 88.07
C ARG PA 1145 51.77 65.66 89.24
N GLY PA 1146 50.45 65.59 89.03
CA GLY PA 1146 49.51 65.91 90.08
C GLY PA 1146 49.71 65.06 91.32
N GLN PA 1147 48.97 65.44 92.37
CA GLN PA 1147 49.10 64.76 93.66
C GLN PA 1147 48.91 63.26 93.49
N GLN PA 1148 49.70 62.49 94.22
CA GLN PA 1148 49.73 61.04 94.05
C GLN PA 1148 48.64 60.38 94.88
N SER PA 1149 47.93 59.45 94.27
CA SER PA 1149 46.84 58.75 94.93
C SER PA 1149 47.38 57.69 95.87
N VAL PA 1150 46.45 56.90 96.43
CA VAL PA 1150 46.79 55.81 97.33
C VAL PA 1150 46.05 54.56 96.87
N CYS PA 1151 46.73 53.43 96.92
CA CYS PA 1151 46.15 52.13 96.58
C CYS PA 1151 45.89 51.34 97.85
N GLU PA 1152 45.03 50.33 97.73
CA GLU PA 1152 44.82 49.35 98.77
C GLU PA 1152 45.02 47.95 98.21
N PHE PA 1153 44.73 46.95 99.03
CA PHE PA 1153 44.79 45.56 98.62
C PHE PA 1153 43.73 44.80 99.39
N ILE PA 1154 42.93 44.01 98.67
CA ILE PA 1154 41.82 43.27 99.25
C ILE PA 1154 42.04 41.79 98.96
N ALA PA 1155 42.01 40.97 100.01
CA ALA PA 1155 42.18 39.54 99.84
C ALA PA 1155 41.06 38.97 98.97
N THR PA 1156 41.43 38.07 98.05
CA THR PA 1156 40.49 37.50 97.10
C THR PA 1156 40.99 36.13 96.72
N PRO PA 1157 40.14 35.10 96.71
CA PRO PA 1157 40.60 33.76 96.32
C PRO PA 1157 41.10 33.73 94.89
N VAL PA 1158 42.09 32.86 94.65
CA VAL PA 1158 42.76 32.80 93.35
C VAL PA 1158 41.78 32.36 92.27
N SER PA 1159 40.75 31.60 92.64
CA SER PA 1159 39.83 31.03 91.66
C SER PA 1159 38.64 31.94 91.37
N VAL PA 1160 38.73 33.24 91.66
CA VAL PA 1160 37.62 34.13 91.35
C VAL PA 1160 37.48 34.25 89.84
N ASP PA 1161 36.23 34.35 89.39
CA ASP PA 1161 35.94 34.43 87.95
C ASP PA 1161 36.50 35.73 87.40
N LEU PA 1162 37.54 35.63 86.57
CA LEU PA 1162 38.16 36.81 85.98
C LEU PA 1162 37.14 37.69 85.25
N ALA PA 1163 36.13 37.10 84.62
CA ALA PA 1163 35.12 37.87 83.92
C ALA PA 1163 34.35 38.83 84.83
N TYR PA 1164 34.50 38.68 86.15
CA TYR PA 1164 33.86 39.62 87.07
C TYR PA 1164 34.49 41.01 87.02
N PHE PA 1165 35.68 41.14 86.42
CA PHE PA 1165 36.39 42.41 86.41
C PHE PA 1165 36.35 43.11 85.06
N ARG PA 1166 36.01 42.42 83.97
CA ARG PA 1166 36.05 43.05 82.66
C ARG PA 1166 35.03 44.17 82.53
N ARG PA 1167 33.84 43.99 83.11
CA ARG PA 1167 32.85 45.05 83.15
C ARG PA 1167 33.13 45.95 84.36
N ALA PA 1168 32.20 46.85 84.65
CA ALA PA 1168 32.23 47.56 85.92
C ALA PA 1168 31.77 46.60 87.01
N CYS PA 1169 32.35 46.73 88.20
CA CYS PA 1169 32.06 45.78 89.26
C CYS PA 1169 32.18 46.47 90.61
N ASN PA 1170 31.86 45.73 91.66
CA ASN PA 1170 31.97 46.20 93.04
C ASN PA 1170 33.11 45.42 93.67
N PRO PA 1171 34.13 46.08 94.23
CA PRO PA 1171 35.25 45.34 94.83
C PRO PA 1171 34.84 44.47 96.01
N ARG PA 1172 33.84 44.88 96.78
CA ARG PA 1172 33.39 44.10 97.93
C ARG PA 1172 32.98 42.70 97.50
N GLY PA 1173 32.46 42.55 96.30
CA GLY PA 1173 31.91 41.29 95.82
C GLY PA 1173 30.40 41.23 95.84
N ARG PA 1174 29.73 42.19 96.48
CA ARG PA 1174 28.29 42.27 96.50
C ARG PA 1174 27.87 43.67 96.08
N ALA PA 1175 27.07 43.77 95.03
CA ALA PA 1175 26.58 45.07 94.55
C ALA PA 1175 25.51 45.57 95.52
N ALA PA 1176 25.97 45.87 96.73
CA ALA PA 1176 25.07 46.33 97.79
C ALA PA 1176 24.41 47.66 97.42
N GLY PA 1177 25.21 48.72 97.33
CA GLY PA 1177 24.71 50.05 97.02
C GLY PA 1177 23.49 50.45 97.82
N GLU PA 1178 22.73 51.40 97.32
CA GLU PA 1178 21.38 51.64 97.79
C GLU PA 1178 20.39 51.77 96.64
N VAL PA 1179 20.81 52.37 95.53
CA VAL PA 1179 19.89 52.64 94.43
C VAL PA 1179 19.28 51.36 93.88
N HIS PA 1180 20.04 50.28 93.81
CA HIS PA 1180 19.52 48.97 93.43
C HIS PA 1180 19.64 48.06 94.64
N GLY PA 1181 18.54 47.87 95.36
CA GLY PA 1181 18.52 47.03 96.52
C GLY PA 1181 17.95 47.69 97.75
N GLU PA 1182 16.99 47.03 98.40
CA GLU PA 1182 16.41 47.50 99.63
C GLU PA 1182 17.35 47.23 100.80
N GLU PA 1183 16.83 47.41 102.02
CA GLU PA 1183 17.64 47.20 103.20
C GLU PA 1183 17.79 45.72 103.51
N GLY PA 1184 18.81 45.38 104.29
CA GLY PA 1184 19.14 44.01 104.58
C GLY PA 1184 19.86 43.29 103.46
N LEU PA 1185 20.40 44.03 102.49
CA LEU PA 1185 21.00 43.46 101.29
C LEU PA 1185 22.51 43.58 101.26
N MET PA 1186 23.12 44.15 102.28
CA MET PA 1186 24.56 44.32 102.34
C MET PA 1186 25.26 43.10 102.92
N PHE PA 1187 24.68 42.47 103.95
CA PHE PA 1187 25.39 41.45 104.71
C PHE PA 1187 24.69 40.10 104.75
N ASP PA 1188 23.36 40.06 104.59
CA ASP PA 1188 22.66 38.77 104.60
C ASP PA 1188 23.17 37.90 103.46
N HIS PA 1189 23.11 36.58 103.67
CA HIS PA 1189 23.59 35.62 102.68
C HIS PA 1189 22.56 34.55 102.38
N SER PA 1190 21.30 34.76 102.76
CA SER PA 1190 20.21 33.91 102.33
C SER PA 1190 19.61 34.36 101.01
N HIS PA 1191 19.92 35.58 100.58
CA HIS PA 1191 19.45 36.13 99.32
C HIS PA 1191 20.61 36.19 98.33
N ALA PA 1192 20.32 35.96 97.06
CA ALA PA 1192 21.36 35.98 96.05
C ALA PA 1192 21.79 37.42 95.77
N ASP PA 1193 22.99 37.55 95.22
CA ASP PA 1193 23.51 38.85 94.81
C ASP PA 1193 22.74 39.34 93.59
N PRO PA 1194 22.21 40.57 93.61
CA PRO PA 1194 21.44 41.04 92.44
C PRO PA 1194 22.27 41.15 91.17
N ALA PA 1195 23.48 41.68 91.26
CA ALA PA 1195 24.29 41.92 90.06
C ALA PA 1195 24.66 40.64 89.34
N HIS PA 1196 24.90 39.55 90.06
CA HIS PA 1196 25.25 38.27 89.46
C HIS PA 1196 24.44 37.19 90.15
N PRO PA 1197 23.24 36.89 89.63
CA PRO PA 1197 22.27 36.10 90.38
C PRO PA 1197 22.75 34.69 90.75
N HIS PA 1198 23.76 34.14 90.08
CA HIS PA 1198 24.21 32.80 90.40
C HIS PA 1198 24.72 32.70 91.83
N ARG PA 1199 25.79 33.42 92.13
CA ARG PA 1199 26.52 33.26 93.37
C ARG PA 1199 26.10 34.29 94.39
N ALA PA 1200 25.97 33.85 95.65
CA ALA PA 1200 25.62 34.77 96.72
C ALA PA 1200 26.70 35.82 96.95
N THR PA 1201 27.91 35.56 96.45
CA THR PA 1201 29.03 36.48 96.61
C THR PA 1201 29.97 36.26 95.43
N ALA PA 1202 31.04 37.04 95.37
CA ALA PA 1202 32.14 36.78 94.45
C ALA PA 1202 33.48 36.72 95.17
N ASN PA 1203 33.51 37.01 96.47
CA ASN PA 1203 34.73 37.05 97.26
C ASN PA 1203 34.35 36.90 98.73
N PRO PA 1204 34.21 35.66 99.23
CA PRO PA 1204 33.73 35.47 100.61
C PRO PA 1204 34.51 36.26 101.66
N TRP PA 1205 35.82 36.36 101.52
CA TRP PA 1205 36.63 37.05 102.51
C TRP PA 1205 36.36 38.56 102.58
N ALA PA 1206 35.46 39.12 101.77
CA ALA PA 1206 35.24 40.56 101.81
C ALA PA 1206 33.77 40.94 101.85
N SER PA 1207 32.88 40.02 102.24
CA SER PA 1207 31.46 40.29 102.17
C SER PA 1207 30.74 40.08 103.50
N GLN PA 1208 31.00 38.97 104.19
CA GLN PA 1208 30.30 38.70 105.44
C GLN PA 1208 30.59 39.79 106.47
N ARG PA 1209 29.60 40.04 107.31
CA ARG PA 1209 29.80 40.93 108.45
C ARG PA 1209 30.92 40.38 109.33
N HIS PA 1210 31.83 41.27 109.72
CA HIS PA 1210 33.02 40.91 110.50
C HIS PA 1210 33.93 39.94 109.74
N SER PA 1211 34.02 40.11 108.42
CA SER PA 1211 34.99 39.35 107.64
C SER PA 1211 36.36 40.01 107.76
N TYR PA 1212 37.37 39.42 107.14
CA TYR PA 1212 38.72 39.97 107.22
C TYR PA 1212 38.78 41.36 106.60
N ALA PA 1213 38.42 41.47 105.32
CA ALA PA 1213 38.48 42.75 104.62
C ALA PA 1213 37.51 43.77 105.21
N ASP PA 1214 36.39 43.32 105.78
CA ASP PA 1214 35.44 44.26 106.38
C ASP PA 1214 36.05 44.95 107.58
N ARG PA 1215 36.65 44.18 108.49
CA ARG PA 1215 37.27 44.71 109.70
C ARG PA 1215 38.45 45.62 109.42
N LEU PA 1216 38.88 45.77 108.18
CA LEU PA 1216 40.03 46.59 107.82
C LEU PA 1216 39.64 48.00 107.38
N TYR PA 1217 38.48 48.18 106.78
CA TYR PA 1217 38.12 49.45 106.17
C TYR PA 1217 36.73 49.94 106.52
N ASN PA 1218 35.98 49.21 107.37
CA ASN PA 1218 34.64 49.64 107.74
C ASN PA 1218 34.69 50.97 108.48
N GLY PA 1219 33.53 51.62 108.57
CA GLY PA 1219 33.48 52.93 109.22
C GLY PA 1219 33.31 52.85 110.72
N GLN PA 1220 32.57 51.86 111.21
CA GLN PA 1220 32.27 51.72 112.62
C GLN PA 1220 33.29 50.86 113.37
N TYR PA 1221 34.52 50.71 112.86
CA TYR PA 1221 35.48 49.83 113.49
C TYR PA 1221 36.83 50.52 113.71
N ASN PA 1222 36.84 51.85 113.68
CA ASN PA 1222 37.95 52.68 114.18
C ASN PA 1222 39.31 52.16 113.73
N MET PA 1223 39.44 51.94 112.43
CA MET PA 1223 40.68 51.43 111.84
C MET PA 1223 41.15 52.36 110.73
N SER PA 1224 41.15 53.66 111.01
CA SER PA 1224 41.53 54.67 110.03
C SER PA 1224 42.59 55.58 110.63
N GLY PA 1225 43.58 55.94 109.83
CA GLY PA 1225 44.66 56.80 110.26
C GLY PA 1225 44.64 58.14 109.56
N PRO PA 1226 45.83 58.66 109.25
CA PRO PA 1226 45.91 59.99 108.62
C PRO PA 1226 45.74 59.95 107.11
N ALA PA 1227 46.01 58.80 106.50
CA ALA PA 1227 45.90 58.68 105.05
C ALA PA 1227 44.44 58.66 104.62
N TYR PA 1228 44.22 58.58 103.32
CA TYR PA 1228 42.87 58.44 102.76
C TYR PA 1228 42.68 57.01 102.27
N SER PA 1229 41.45 56.51 102.42
CA SER PA 1229 41.09 55.16 102.04
C SER PA 1229 40.09 55.22 100.89
N PRO PA 1230 40.56 55.17 99.64
CA PRO PA 1230 39.62 55.10 98.51
C PRO PA 1230 38.59 53.99 98.62
N CYS PA 1231 38.91 52.88 99.27
CA CYS PA 1231 37.98 51.76 99.41
C CYS PA 1231 37.06 51.91 100.63
N PHE PA 1232 36.93 53.13 101.17
CA PHE PA 1232 36.05 53.37 102.30
C PHE PA 1232 34.59 53.48 101.89
N LYS PA 1233 34.30 54.11 100.75
CA LYS PA 1233 32.92 54.34 100.32
C LYS PA 1233 32.21 53.06 99.91
N PHE PA 1234 32.82 51.89 100.10
CA PHE PA 1234 32.21 50.61 99.78
C PHE PA 1234 31.90 49.77 101.01
N PHE PA 1235 32.84 49.69 101.97
CA PHE PA 1235 32.71 48.81 103.12
C PHE PA 1235 32.08 49.51 104.32
N THR PA 1236 31.54 50.71 104.13
CA THR PA 1236 30.84 51.42 105.21
C THR PA 1236 29.34 51.34 104.92
N PRO PA 1237 28.58 50.67 105.79
CA PRO PA 1237 27.12 50.71 105.67
C PRO PA 1237 26.50 52.04 106.05
N ALA PA 1238 27.30 53.07 106.33
CA ALA PA 1238 26.79 54.32 106.88
C ALA PA 1238 25.76 54.99 105.97
N GLU PA 1239 25.70 54.64 104.69
CA GLU PA 1239 24.60 55.15 103.88
C GLU PA 1239 23.26 54.55 104.25
N ALA PA 1240 23.26 53.52 105.11
CA ALA PA 1240 22.03 52.93 105.59
C ALA PA 1240 21.26 53.87 106.51
N VAL PA 1241 21.97 54.59 107.39
CA VAL PA 1241 21.31 55.56 108.24
C VAL PA 1241 20.76 56.73 107.43
N ALA PA 1242 21.32 56.96 106.23
CA ALA PA 1242 20.78 57.95 105.30
C ALA PA 1242 19.90 57.21 104.31
N LYS PA 1243 18.69 56.88 104.75
CA LYS PA 1243 17.78 56.05 103.97
C LYS PA 1243 17.23 56.82 102.77
N SER PA 1244 16.41 56.13 101.99
CA SER PA 1244 15.89 56.67 100.73
C SER PA 1244 14.56 57.38 100.98
N ARG PA 1245 14.57 58.71 100.88
CA ARG PA 1245 13.35 59.51 100.89
C ARG PA 1245 12.89 59.86 99.48
N GLY PA 1246 13.59 59.40 98.47
CA GLY PA 1246 13.28 59.67 97.07
C GLY PA 1246 14.54 59.56 96.24
N LEU PA 1247 14.38 58.99 95.05
CA LEU PA 1247 15.51 58.84 94.14
C LEU PA 1247 16.05 60.19 93.69
N ALA PA 1248 15.17 61.20 93.60
CA ALA PA 1248 15.60 62.53 93.20
C ALA PA 1248 16.62 63.11 94.17
N ARG PA 1249 16.49 62.79 95.46
CA ARG PA 1249 17.47 63.25 96.43
C ARG PA 1249 18.85 62.69 96.13
N LEU PA 1250 18.93 61.39 95.84
CA LEU PA 1250 20.20 60.79 95.48
C LEU PA 1250 20.76 61.40 94.19
N ILE PA 1251 19.91 61.58 93.19
CA ILE PA 1251 20.37 62.17 91.92
C ILE PA 1251 20.92 63.57 92.16
N ALA PA 1252 20.25 64.36 93.00
CA ALA PA 1252 20.71 65.71 93.28
C ALA PA 1252 21.95 65.72 94.17
N ASP PA 1253 22.18 64.66 94.95
CA ASP PA 1253 23.35 64.62 95.83
C ASP PA 1253 24.64 64.65 95.03
N THR PA 1254 24.72 63.82 93.98
CA THR PA 1254 25.90 63.82 93.10
C THR PA 1254 26.11 65.22 92.53
N GLY PA 1255 27.25 65.83 92.87
CA GLY PA 1255 27.48 67.24 92.62
C GLY PA 1255 27.36 68.10 93.86
N ALA PA 1256 27.17 67.50 95.04
CA ALA PA 1256 27.06 68.24 96.29
C ALA PA 1256 27.86 67.59 97.41
N ALA PA 1257 28.67 66.59 97.10
CA ALA PA 1257 29.46 65.90 98.11
C ALA PA 1257 30.67 66.74 98.49
N ALA PA 1258 31.09 66.61 99.75
CA ALA PA 1258 32.31 67.28 100.19
C ALA PA 1258 33.52 66.44 99.84
N SER PA 1259 34.53 67.07 99.26
CA SER PA 1259 35.73 66.35 98.85
C SER PA 1259 36.43 65.77 100.06
N PRO PA 1260 36.60 64.45 100.15
CA PRO PA 1260 37.25 63.87 101.33
C PRO PA 1260 38.77 64.04 101.34
N THR PA 1261 39.36 64.51 100.26
CA THR PA 1261 40.81 64.61 100.15
C THR PA 1261 41.28 66.05 100.34
N SER PA 1262 42.53 66.19 100.76
CA SER PA 1262 43.16 67.49 100.91
C SER PA 1262 43.72 67.96 99.58
N ASN PA 1263 44.53 69.01 99.62
CA ASN PA 1263 45.18 69.55 98.43
C ASN PA 1263 46.70 69.55 98.56
N GLY PA 1264 47.23 68.75 99.48
CA GLY PA 1264 48.67 68.58 99.59
C GLY PA 1264 49.21 67.67 98.52
N GLU PA 1265 50.37 67.07 98.80
CA GLU PA 1265 51.02 66.15 97.87
C GLU PA 1265 50.64 64.70 98.14
N TYR PA 1266 49.74 64.45 99.09
CA TYR PA 1266 49.34 63.10 99.42
C TYR PA 1266 47.86 63.12 99.76
N GLN PA 1267 47.13 62.08 99.31
CA GLN PA 1267 45.70 62.04 99.54
C GLN PA 1267 45.45 61.82 101.02
N PHE PA 1268 45.24 62.90 101.76
CA PHE PA 1268 45.06 62.84 103.20
C PHE PA 1268 43.59 63.04 103.54
N LYS PA 1269 43.18 62.46 104.67
CA LYS PA 1269 41.81 62.63 105.14
C LYS PA 1269 41.58 64.11 105.43
N ARG PA 1270 40.79 64.75 104.58
CA ARG PA 1270 40.68 66.20 104.65
C ARG PA 1270 39.93 66.63 105.90
N PRO PA 1271 40.38 67.69 106.57
CA PRO PA 1271 39.56 68.29 107.63
C PRO PA 1271 38.17 68.62 107.11
N VAL PA 1272 37.15 68.09 107.78
CA VAL PA 1272 35.78 68.14 107.31
C VAL PA 1272 35.27 69.58 107.30
N GLY PA 1273 36.03 70.48 107.91
CA GLY PA 1273 35.62 71.86 108.07
C GLY PA 1273 35.36 72.63 106.79
N ALA PA 1274 36.39 72.88 106.00
CA ALA PA 1274 36.28 73.75 104.83
C ALA PA 1274 35.39 73.15 103.76
N GLY PA 1275 35.79 72.01 103.19
CA GLY PA 1275 35.02 71.35 102.17
C GLY PA 1275 35.21 71.98 100.79
N GLU PA 1276 35.05 71.13 99.77
CA GLU PA 1276 35.16 71.55 98.38
C GLU PA 1276 34.28 70.62 97.53
N LEU PA 1277 33.67 71.19 96.50
CA LEU PA 1277 32.66 70.49 95.73
C LEU PA 1277 33.28 69.52 94.74
N VAL PA 1278 32.79 68.28 94.74
CA VAL PA 1278 33.13 67.27 93.74
C VAL PA 1278 31.86 66.55 93.34
N GLU PA 1279 31.85 66.01 92.12
CA GLU PA 1279 30.74 65.19 91.63
C GLU PA 1279 31.28 63.79 91.34
N ASP PA 1280 30.64 62.78 91.93
CA ASP PA 1280 31.09 61.42 91.74
C ASP PA 1280 29.93 60.48 91.48
N PRO PA 1281 30.09 59.54 90.56
CA PRO PA 1281 29.04 58.55 90.31
C PRO PA 1281 29.10 57.40 91.28
N CYS PA 1282 30.30 57.11 91.82
CA CYS PA 1282 30.48 55.95 92.68
C CYS PA 1282 29.67 56.06 93.96
N ALA PA 1283 29.45 57.27 94.46
CA ALA PA 1283 28.65 57.44 95.66
C ALA PA 1283 27.18 57.08 95.45
N LEU PA 1284 26.74 56.89 94.21
CA LEU PA 1284 25.37 56.51 93.90
C LEU PA 1284 25.26 55.06 93.44
N PHE PA 1285 26.16 54.60 92.57
CA PHE PA 1285 26.09 53.24 92.08
C PHE PA 1285 26.86 52.27 92.98
N GLN PA 1286 27.87 52.76 93.69
CA GLN PA 1286 28.82 51.92 94.43
C GLN PA 1286 29.44 50.87 93.51
N GLU PA 1287 30.14 51.36 92.50
CA GLU PA 1287 30.71 50.49 91.48
C GLU PA 1287 32.03 51.09 91.00
N ALA PA 1288 33.00 50.21 90.74
CA ALA PA 1288 34.31 50.62 90.27
C ALA PA 1288 34.46 50.33 88.79
N TYR PA 1289 35.44 50.99 88.17
CA TYR PA 1289 35.66 50.89 86.73
C TYR PA 1289 37.07 50.40 86.45
N PRO PA 1290 37.21 49.37 85.61
CA PRO PA 1290 38.54 48.83 85.33
C PRO PA 1290 39.22 49.60 84.21
N PRO PA 1291 40.44 50.07 84.43
CA PRO PA 1291 41.17 50.77 83.37
C PRO PA 1291 41.92 49.84 82.45
N LEU PA 1292 42.67 50.38 81.50
CA LEU PA 1292 43.46 49.56 80.60
C LEU PA 1292 44.67 48.98 81.33
N CYS PA 1293 44.51 47.77 81.85
CA CYS PA 1293 45.57 47.10 82.59
C CYS PA 1293 45.87 45.76 81.92
N ALA PA 1294 47.03 45.20 82.27
CA ALA PA 1294 47.46 43.94 81.68
C ALA PA 1294 48.48 43.30 82.61
N SER PA 1295 48.52 41.97 82.61
CA SER PA 1295 49.45 41.21 83.43
C SER PA 1295 50.73 40.84 82.68
N ASP PA 1296 51.06 41.58 81.61
CA ASP PA 1296 52.28 41.34 80.86
C ASP PA 1296 52.54 42.60 80.05
N SER PA 1297 53.75 43.17 80.20
CA SER PA 1297 54.10 44.37 79.46
C SER PA 1297 54.06 44.17 77.96
N ALA PA 1298 54.21 42.93 77.48
CA ALA PA 1298 54.22 42.69 76.04
C ALA PA 1298 52.83 42.79 75.42
N LEU PA 1299 51.77 42.73 76.22
CA LEU PA 1299 50.42 42.82 75.70
C LEU PA 1299 49.96 44.26 75.46
N LEU PA 1300 50.64 45.24 76.05
CA LEU PA 1300 50.31 46.65 75.85
C LEU PA 1300 51.25 47.20 74.79
N ARG PA 1301 50.92 46.96 73.52
CA ARG PA 1301 51.75 47.35 72.40
C ARG PA 1301 50.89 48.08 71.38
N THR PA 1302 51.52 48.46 70.25
CA THR PA 1302 50.77 49.14 69.20
C THR PA 1302 49.61 48.32 68.66
N PRO PA 1303 49.77 47.02 68.31
CA PRO PA 1303 48.57 46.21 68.02
C PRO PA 1303 48.03 45.57 69.28
N LEU PA 1304 46.77 45.84 69.62
CA LEU PA 1304 46.19 45.29 70.85
C LEU PA 1304 45.85 43.83 70.67
N GLY PA 1305 44.94 43.52 69.75
CA GLY PA 1305 44.68 42.13 69.41
C GLY PA 1305 44.01 41.36 70.52
N ALA PA 1306 44.50 40.15 70.76
CA ALA PA 1306 43.83 39.21 71.66
C ALA PA 1306 43.94 39.67 73.11
N GLU PA 1307 42.83 39.56 73.84
CA GLU PA 1307 42.80 39.88 75.25
C GLU PA 1307 43.32 38.74 76.12
N GLU PA 1308 43.54 37.56 75.52
CA GLU PA 1308 44.15 36.43 76.23
C GLU PA 1308 45.23 35.83 75.33
N HIS PA 1309 46.37 35.51 75.94
CA HIS PA 1309 47.44 34.79 75.27
C HIS PA 1309 47.74 33.45 75.93
N PHE PA 1310 47.89 33.46 77.25
CA PHE PA 1310 48.10 32.28 78.06
C PHE PA 1310 47.54 32.62 79.43
N ALA PA 1311 48.04 32.01 80.50
CA ALA PA 1311 47.62 32.35 81.86
C ALA PA 1311 47.54 33.86 82.09
N GLN PA 1312 48.28 34.66 81.32
CA GLN PA 1312 48.20 36.11 81.40
C GLN PA 1312 46.85 36.61 80.88
N TYR PA 1313 46.66 37.93 80.94
CA TYR PA 1313 45.42 38.53 80.46
C TYR PA 1313 45.63 40.01 80.21
N LEU PA 1314 44.81 40.58 79.35
CA LEU PA 1314 44.75 42.01 79.11
C LEU PA 1314 43.29 42.45 79.24
N ILE PA 1315 43.02 43.36 80.16
CA ILE PA 1315 41.67 43.80 80.46
C ILE PA 1315 41.43 45.11 79.73
N ARG PA 1316 40.40 45.13 78.88
CA ARG PA 1316 40.03 46.33 78.14
C ARG PA 1316 39.57 47.43 79.09
N ASP PA 1317 39.43 48.63 78.55
CA ASP PA 1317 38.97 49.78 79.32
C ASP PA 1317 37.47 49.94 79.13
N GLU PA 1318 36.73 49.90 80.22
CA GLU PA 1318 35.31 50.26 80.23
C GLU PA 1318 35.13 51.27 81.36
N SER PA 1319 35.37 52.53 81.04
CA SER PA 1319 35.31 53.63 81.98
C SER PA 1319 34.93 54.89 81.22
N PRO PA 1320 34.40 55.90 81.90
CA PRO PA 1320 34.00 57.13 81.21
C PRO PA 1320 35.09 57.77 80.36
N LEU PA 1321 36.31 57.26 80.43
CA LEU PA 1321 37.46 57.78 79.70
C LEU PA 1321 37.87 56.85 78.57
N LYS PA 1322 36.90 56.34 77.82
CA LYS PA 1322 37.19 55.39 76.74
C LYS PA 1322 38.06 55.99 75.63
N GLY PA 1323 38.41 57.28 75.72
CA GLY PA 1323 39.24 57.92 74.71
C GLY PA 1323 39.58 59.35 75.09
N ARG QA 24 -5.22 38.41 -117.33
CA ARG QA 24 -5.19 37.60 -116.12
C ARG QA 24 -4.75 36.17 -116.41
N ALA QA 25 -4.56 35.39 -115.37
CA ALA QA 25 -4.11 34.02 -115.49
C ALA QA 25 -5.23 33.07 -115.11
N ARG QA 26 -5.12 31.82 -115.56
CA ARG QA 26 -6.14 30.83 -115.30
C ARG QA 26 -5.59 29.69 -114.46
N LEU QA 27 -6.45 29.14 -113.60
CA LEU QA 27 -6.01 28.26 -112.54
C LEU QA 27 -6.55 26.86 -112.71
N ILE QA 28 -6.05 25.96 -111.87
CA ILE QA 28 -6.48 24.58 -111.80
C ILE QA 28 -6.76 24.26 -110.33
N ARG QA 29 -7.84 23.54 -110.07
CA ARG QA 29 -8.12 23.05 -108.73
C ARG QA 29 -8.24 21.53 -108.78
N GLN QA 30 -7.54 20.85 -107.89
CA GLN QA 30 -7.56 19.39 -107.84
C GLN QA 30 -7.60 18.95 -106.39
N VAL QA 31 -8.77 18.47 -105.95
CA VAL QA 31 -8.88 17.88 -104.63
C VAL QA 31 -8.08 16.59 -104.57
N THR QA 32 -7.44 16.33 -103.44
CA THR QA 32 -6.52 15.21 -103.32
C THR QA 32 -6.19 14.96 -101.86
N LEU QA 33 -5.27 14.02 -101.64
CA LEU QA 33 -4.84 13.64 -100.32
C LEU QA 33 -3.59 14.41 -99.90
N ALA QA 34 -3.49 14.69 -98.62
CA ALA QA 34 -2.33 15.39 -98.07
C ALA QA 34 -1.17 14.43 -97.85
N ASP QA 35 -0.79 13.74 -98.92
CA ASP QA 35 0.30 12.77 -98.88
C ASP QA 35 1.66 13.38 -99.14
N PHE QA 36 1.84 14.00 -100.29
CA PHE QA 36 3.15 14.45 -100.75
C PHE QA 36 3.30 15.96 -100.80
N CYS QA 37 2.24 16.70 -101.10
CA CYS QA 37 2.30 18.16 -101.10
C CYS QA 37 1.41 18.63 -99.96
N GLU QA 38 1.95 19.47 -99.08
CA GLU QA 38 1.18 19.67 -97.87
C GLU QA 38 0.96 21.18 -97.69
N PRO QA 39 -0.09 21.73 -98.31
CA PRO QA 39 -0.15 23.17 -98.60
C PRO QA 39 -0.22 24.07 -97.37
N GLN QA 40 -0.46 23.53 -96.19
CA GLN QA 40 -0.31 24.34 -94.99
C GLN QA 40 1.13 24.38 -94.51
N ALA QA 41 1.91 23.30 -94.70
CA ALA QA 41 3.30 23.29 -94.28
C ALA QA 41 4.17 24.27 -95.05
N GLU QA 42 4.02 24.41 -96.36
CA GLU QA 42 4.81 25.36 -97.14
C GLU QA 42 3.96 26.60 -97.40
N ARG QA 43 4.62 27.73 -97.62
CA ARG QA 43 3.82 28.88 -98.03
C ARG QA 43 3.63 28.85 -99.54
N PRO QA 44 2.75 29.65 -100.12
CA PRO QA 44 2.52 29.56 -101.57
C PRO QA 44 3.78 29.83 -102.37
N GLY QA 45 3.69 29.58 -103.66
CA GLY QA 45 4.78 29.85 -104.57
C GLY QA 45 5.84 28.78 -104.68
N LEU QA 46 5.43 27.57 -105.07
CA LEU QA 46 6.38 26.50 -105.37
C LEU QA 46 5.69 25.50 -106.28
N VAL QA 47 6.42 24.97 -107.26
CA VAL QA 47 5.79 24.19 -108.33
C VAL QA 47 5.30 22.87 -107.76
N VAL QA 48 4.18 22.39 -108.30
CA VAL QA 48 3.59 21.13 -107.90
C VAL QA 48 3.50 20.24 -109.13
N LEU QA 49 3.50 18.94 -108.91
CA LEU QA 49 3.49 17.97 -110.00
C LEU QA 49 2.27 17.07 -109.87
N ALA QA 50 1.80 16.56 -110.99
CA ALA QA 50 0.68 15.62 -111.01
C ALA QA 50 1.23 14.22 -111.23
N LEU QA 51 0.84 13.29 -110.35
CA LEU QA 51 1.30 11.91 -110.41
C LEU QA 51 0.25 11.04 -111.09
N ARG QA 52 0.70 10.31 -112.10
CA ARG QA 52 -0.08 9.32 -112.83
C ARG QA 52 -0.70 8.31 -111.88
N HIS QA 53 -1.77 7.68 -112.33
CA HIS QA 53 -2.32 6.54 -111.62
C HIS QA 53 -1.32 5.39 -111.68
N PRO QA 54 -0.96 4.79 -110.56
CA PRO QA 54 0.13 3.80 -110.57
C PRO QA 54 -0.24 2.48 -111.20
N ALA QA 55 -1.54 2.19 -111.37
CA ALA QA 55 -1.94 0.90 -111.92
C ALA QA 55 -1.36 0.71 -113.32
N ASP QA 56 -1.47 1.71 -114.18
CA ASP QA 56 -0.98 1.53 -115.54
C ASP QA 56 0.54 1.50 -115.59
N LEU QA 57 1.23 2.17 -114.66
CA LEU QA 57 2.68 2.02 -114.57
C LEU QA 57 3.06 0.58 -114.24
N ALA QA 58 2.44 0.03 -113.19
CA ALA QA 58 2.71 -1.34 -112.82
C ALA QA 58 2.41 -2.30 -113.97
N GLY QA 59 1.34 -2.01 -114.72
CA GLY QA 59 1.02 -2.86 -115.86
C GLY QA 59 2.04 -2.76 -116.97
N ALA QA 60 2.31 -1.53 -117.44
CA ALA QA 60 3.25 -1.32 -118.54
C ALA QA 60 4.64 -1.84 -118.21
N ALA QA 61 5.00 -1.89 -116.92
CA ALA QA 61 6.26 -2.55 -116.55
C ALA QA 61 6.32 -3.96 -117.12
N TYR QA 62 5.27 -4.75 -116.90
CA TYR QA 62 5.25 -6.16 -117.30
C TYR QA 62 5.78 -6.37 -118.71
N ALA QA 63 5.56 -5.40 -119.59
CA ALA QA 63 6.08 -5.48 -120.95
C ALA QA 63 7.29 -4.58 -121.19
N ALA QA 64 7.64 -3.72 -120.24
CA ALA QA 64 8.67 -2.71 -120.48
C ALA QA 64 10.02 -3.01 -119.86
N THR QA 65 10.08 -3.74 -118.75
CA THR QA 65 11.39 -4.02 -118.16
C THR QA 65 12.22 -4.84 -119.13
N PRO QA 66 13.51 -4.55 -119.26
CA PRO QA 66 14.32 -5.17 -120.31
C PRO QA 66 14.56 -6.64 -120.00
N PRO QA 67 15.22 -7.37 -120.91
CA PRO QA 67 15.54 -8.78 -120.62
C PRO QA 67 16.58 -8.89 -119.51
N GLY QA 68 16.52 -10.01 -118.81
CA GLY QA 68 17.45 -10.28 -117.73
C GLY QA 68 17.06 -9.73 -116.37
N LYS QA 69 16.53 -8.51 -116.35
CA LYS QA 69 16.18 -7.87 -115.10
C LYS QA 69 14.90 -8.48 -114.52
N ASN QA 70 14.53 -7.99 -113.34
CA ASN QA 70 13.27 -8.37 -112.74
C ASN QA 70 12.11 -7.72 -113.49
N HIS QA 71 10.95 -8.38 -113.45
CA HIS QA 71 9.78 -7.92 -114.17
C HIS QA 71 8.57 -7.74 -113.25
N ARG QA 72 8.76 -7.84 -111.94
CA ARG QA 72 7.69 -7.56 -111.00
C ARG QA 72 8.15 -6.74 -109.80
N ASP QA 73 9.36 -6.20 -109.84
CA ASP QA 73 9.89 -5.50 -108.68
C ASP QA 73 9.23 -4.14 -108.47
N LEU QA 74 8.75 -3.52 -109.54
CA LEU QA 74 8.01 -2.27 -109.38
C LEU QA 74 6.65 -2.52 -108.72
N GLU QA 75 5.97 -3.60 -109.11
CA GLU QA 75 4.79 -4.06 -108.38
C GLU QA 75 5.03 -4.04 -106.88
N GLU QA 76 6.10 -4.71 -106.44
CA GLU QA 76 6.40 -4.81 -105.02
C GLU QA 76 6.73 -3.45 -104.43
N ALA QA 77 7.57 -2.68 -105.12
CA ALA QA 77 7.96 -1.37 -104.61
C ALA QA 77 6.75 -0.48 -104.40
N TRP QA 78 5.78 -0.53 -105.32
CA TRP QA 78 4.55 0.23 -105.12
C TRP QA 78 3.74 -0.33 -103.96
N LEU QA 79 3.51 -1.65 -103.94
CA LEU QA 79 2.72 -2.24 -102.86
C LEU QA 79 3.31 -1.93 -101.50
N ALA QA 80 4.60 -1.66 -101.42
CA ALA QA 80 5.25 -1.30 -100.17
C ALA QA 80 4.94 0.13 -99.72
N LEU QA 81 4.04 0.85 -100.39
CA LEU QA 81 3.73 2.23 -100.04
C LEU QA 81 2.23 2.38 -99.81
N ASP QA 82 1.65 1.47 -99.04
CA ASP QA 82 0.22 1.44 -98.82
C ASP QA 82 -0.17 1.12 -97.38
N ARG QA 94 -7.77 9.63 -104.29
CA ARG QA 94 -6.42 9.08 -104.33
C ARG QA 94 -5.40 10.17 -104.07
N ALA QA 95 -4.15 9.75 -103.77
CA ALA QA 95 -3.05 10.70 -103.65
C ALA QA 95 -2.45 10.99 -105.01
N SER QA 96 -2.49 12.26 -105.42
CA SER QA 96 -2.22 12.60 -106.82
C SER QA 96 -1.10 13.62 -107.00
N VAL QA 97 -0.98 14.61 -106.13
CA VAL QA 97 0.00 15.67 -106.35
C VAL QA 97 1.23 15.38 -105.51
N VAL QA 98 2.35 16.01 -105.90
CA VAL QA 98 3.59 15.92 -105.16
C VAL QA 98 4.32 17.24 -105.37
N SER QA 99 4.65 17.92 -104.27
CA SER QA 99 5.38 19.17 -104.37
C SER QA 99 6.82 18.86 -104.74
N LEU QA 100 7.40 19.70 -105.60
CA LEU QA 100 8.81 19.56 -105.91
C LEU QA 100 9.66 19.65 -104.66
N ASN QA 101 9.27 20.50 -103.71
CA ASN QA 101 9.99 20.58 -102.45
C ASN QA 101 10.09 19.22 -101.78
N PHE QA 102 9.09 18.37 -101.97
CA PHE QA 102 9.13 17.03 -101.42
C PHE QA 102 9.95 16.08 -102.28
N LEU QA 103 9.79 16.17 -103.59
CA LEU QA 103 10.46 15.21 -104.48
C LEU QA 103 11.97 15.39 -104.48
N VAL QA 104 12.44 16.64 -104.47
CA VAL QA 104 13.87 16.90 -104.51
C VAL QA 104 14.56 16.23 -103.32
N ALA QA 105 13.87 16.12 -102.19
CA ALA QA 105 14.47 15.49 -101.02
C ALA QA 105 14.71 14.01 -101.26
N ALA QA 106 13.78 13.33 -101.92
CA ALA QA 106 13.92 11.90 -102.19
C ALA QA 106 14.70 11.65 -103.48
N ALA QA 107 15.89 12.22 -103.57
CA ALA QA 107 16.80 11.91 -104.65
C ALA QA 107 18.21 11.86 -104.10
N GLU QA 108 19.16 11.52 -104.95
CA GLU QA 108 20.57 11.63 -104.58
C GLU QA 108 20.87 13.06 -104.17
N ASN QA 109 20.82 13.97 -105.13
CA ASN QA 109 21.24 15.33 -104.85
C ASN QA 109 20.21 16.07 -104.01
N ALA QA 110 20.70 16.72 -102.95
CA ALA QA 110 19.93 17.37 -101.90
C ALA QA 110 20.93 17.88 -100.87
N ASP QA 111 20.61 19.01 -100.25
CA ASP QA 111 21.43 19.45 -99.14
C ASP QA 111 20.67 19.14 -97.86
N ASP QA 112 21.33 18.46 -96.90
CA ASP QA 112 20.61 17.85 -95.78
C ASP QA 112 19.77 18.85 -94.99
N ALA QA 113 20.04 20.15 -95.14
CA ALA QA 113 19.18 21.13 -94.50
C ALA QA 113 17.73 20.96 -94.97
N LEU QA 114 17.53 20.71 -96.25
CA LEU QA 114 16.19 20.56 -96.78
C LEU QA 114 15.55 19.26 -96.34
N ARG QA 115 16.35 18.18 -96.22
CA ARG QA 115 15.82 16.98 -95.61
C ARG QA 115 15.31 17.26 -94.20
N ALA QA 116 16.12 17.94 -93.39
CA ALA QA 116 15.70 18.25 -92.03
C ALA QA 116 14.43 19.09 -92.02
N HIS QA 117 14.34 20.07 -92.93
CA HIS QA 117 13.14 20.89 -93.03
C HIS QA 117 11.91 20.05 -93.36
N VAL QA 118 11.99 19.25 -94.42
CA VAL QA 118 10.87 18.41 -94.81
C VAL QA 118 10.47 17.47 -93.69
N THR QA 119 11.46 16.92 -92.98
CA THR QA 119 11.13 15.95 -91.92
C THR QA 119 10.48 16.60 -90.72
N THR QA 120 11.08 17.67 -90.18
CA THR QA 120 10.64 18.24 -88.92
C THR QA 120 9.57 19.31 -89.07
N ASN QA 121 9.28 19.72 -90.30
CA ASN QA 121 8.39 20.83 -90.57
C ASN QA 121 7.07 20.39 -91.17
N TYR QA 122 7.07 19.26 -91.87
CA TYR QA 122 5.83 18.58 -92.22
C TYR QA 122 5.15 18.07 -90.97
N ARG QA 123 3.86 18.38 -90.82
CA ARG QA 123 3.11 17.88 -89.68
C ARG QA 123 2.98 16.36 -89.67
N ASP QA 124 3.08 15.75 -90.84
CA ASP QA 124 2.38 14.48 -91.01
C ASP QA 124 3.12 13.35 -90.30
N ARG QA 125 2.33 12.40 -89.80
CA ARG QA 125 2.81 11.11 -89.31
C ARG QA 125 3.70 10.41 -90.34
N ARG QA 126 4.56 9.52 -89.85
CA ARG QA 126 5.21 8.46 -90.61
C ARG QA 126 5.92 8.99 -91.86
N THR QA 127 6.22 10.29 -91.87
CA THR QA 127 6.63 10.98 -93.09
C THR QA 127 8.00 10.52 -93.60
N ALA QA 128 9.00 10.43 -92.71
CA ALA QA 128 10.34 10.03 -93.14
C ALA QA 128 10.32 8.64 -93.77
N ALA QA 129 9.56 7.73 -93.16
CA ALA QA 129 9.40 6.40 -93.76
C ALA QA 129 8.84 6.49 -95.17
N ARG QA 130 7.80 7.30 -95.35
CA ARG QA 130 7.23 7.48 -96.69
C ARG QA 130 8.25 8.03 -97.67
N LEU QA 131 9.07 8.99 -97.23
CA LEU QA 131 10.11 9.52 -98.10
C LEU QA 131 11.06 8.43 -98.54
N GLU QA 132 11.42 7.55 -97.61
CA GLU QA 132 12.30 6.42 -97.94
C GLU QA 132 11.66 5.52 -98.98
N ARG QA 133 10.38 5.18 -98.77
CA ARG QA 133 9.68 4.30 -99.70
C ARG QA 133 9.59 4.94 -101.08
N PHE QA 134 9.32 6.24 -101.14
CA PHE QA 134 9.25 6.94 -102.43
C PHE QA 134 10.59 6.90 -103.14
N ALA QA 135 11.68 7.07 -102.39
CA ALA QA 135 13.01 6.90 -102.98
C ALA QA 135 13.14 5.54 -103.63
N THR QA 136 12.74 4.49 -102.89
CA THR QA 136 12.82 3.14 -103.45
C THR QA 136 11.94 3.00 -104.68
N VAL QA 137 10.81 3.69 -104.69
CA VAL QA 137 9.92 3.62 -105.85
C VAL QA 137 10.59 4.19 -107.08
N LEU QA 138 11.15 5.40 -106.97
CA LEU QA 138 11.78 6.01 -108.14
C LEU QA 138 12.99 5.21 -108.61
N ARG QA 139 13.80 4.71 -107.67
CA ARG QA 139 14.91 3.86 -108.07
C ARG QA 139 14.45 2.57 -108.75
N ALA QA 140 13.28 2.06 -108.38
CA ALA QA 140 12.73 0.92 -109.12
C ALA QA 140 12.25 1.34 -110.50
N MET QA 141 11.68 2.54 -110.61
CA MET QA 141 11.15 3.02 -111.87
C MET QA 141 12.22 3.07 -112.95
N ILE QA 142 13.40 3.60 -112.61
CA ILE QA 142 14.47 3.67 -113.61
C ILE QA 142 15.01 2.29 -113.91
N ARG QA 143 15.04 1.40 -112.92
CA ARG QA 143 15.52 0.05 -113.17
C ARG QA 143 14.60 -0.70 -114.14
N SER QA 144 13.30 -0.43 -114.09
CA SER QA 144 12.33 -1.14 -114.92
C SER QA 144 12.10 -0.45 -116.26
N HIS QA 145 12.92 0.53 -116.61
CA HIS QA 145 12.83 1.25 -117.88
C HIS QA 145 11.45 1.86 -118.13
N VAL QA 146 10.72 2.17 -117.07
CA VAL QA 146 9.59 3.07 -117.17
C VAL QA 146 9.97 4.32 -116.41
N PHE QA 147 10.43 5.33 -117.13
CA PHE QA 147 11.11 6.44 -116.51
C PHE QA 147 10.11 7.40 -115.87
N PRO QA 148 10.51 8.03 -114.75
CA PRO QA 148 9.55 8.87 -114.01
C PRO QA 148 9.06 10.06 -114.82
N HIS QA 149 9.82 10.53 -115.81
CA HIS QA 149 9.33 11.61 -116.65
C HIS QA 149 8.07 11.20 -117.40
N ARG QA 150 7.85 9.90 -117.59
CA ARG QA 150 6.58 9.39 -118.09
C ARG QA 150 5.61 9.07 -116.95
N ALA QA 151 5.80 9.68 -115.79
CA ALA QA 151 4.91 9.45 -114.66
C ALA QA 151 4.60 10.71 -113.87
N LEU QA 152 5.11 11.88 -114.28
CA LEU QA 152 4.94 13.12 -113.53
C LEU QA 152 4.77 14.29 -114.50
N HIS QA 153 3.52 14.62 -114.81
CA HIS QA 153 3.24 15.88 -115.49
C HIS QA 153 3.32 17.01 -114.48
N VAL QA 154 3.65 18.21 -114.96
CA VAL QA 154 3.95 19.34 -114.10
C VAL QA 154 2.80 20.34 -114.18
N LEU QA 155 2.32 20.76 -113.02
CA LEU QA 155 1.35 21.84 -112.93
C LEU QA 155 2.08 23.12 -112.52
N GLY QA 156 1.33 24.19 -112.32
CA GLY QA 156 1.91 25.46 -111.93
C GLY QA 156 2.21 25.52 -110.44
N GLY QA 157 2.46 26.74 -109.96
CA GLY QA 157 2.75 26.96 -108.56
C GLY QA 157 1.47 27.16 -107.76
N LEU QA 158 1.36 26.43 -106.66
CA LEU QA 158 0.16 26.49 -105.84
C LEU QA 158 0.04 27.86 -105.18
N LEU QA 159 -1.19 28.26 -104.92
CA LEU QA 159 -1.42 29.50 -104.19
C LEU QA 159 -2.39 29.36 -103.04
N GLY QA 160 -3.37 28.46 -103.15
CA GLY QA 160 -4.41 28.36 -102.16
C GLY QA 160 -4.77 26.91 -101.85
N HIS QA 161 -5.50 26.74 -100.76
CA HIS QA 161 -5.88 25.41 -100.29
C HIS QA 161 -6.87 25.52 -99.15
N VAL QA 162 -7.81 24.59 -99.10
CA VAL QA 162 -8.65 24.36 -97.93
C VAL QA 162 -8.50 22.89 -97.57
N THR QA 163 -8.29 22.62 -96.29
CA THR QA 163 -7.93 21.27 -95.86
C THR QA 163 -8.97 20.77 -94.85
N GLN QA 164 -9.46 19.55 -95.06
CA GLN QA 164 -10.12 18.80 -94.02
C GLN QA 164 -9.05 18.03 -93.26
N ASP QA 165 -9.44 17.01 -92.49
CA ASP QA 165 -8.46 16.15 -91.85
C ASP QA 165 -7.90 15.17 -92.88
N ARG QA 166 -6.66 15.40 -93.31
CA ARG QA 166 -5.97 14.57 -94.30
C ARG QA 166 -6.76 14.52 -95.62
N LEU QA 167 -7.19 15.69 -96.10
CA LEU QA 167 -7.74 15.80 -97.44
C LEU QA 167 -7.71 17.28 -97.84
N ALA QA 168 -7.03 17.58 -98.95
CA ALA QA 168 -6.77 18.96 -99.34
C ALA QA 168 -7.32 19.22 -100.73
N SER QA 169 -7.37 20.51 -101.10
CA SER QA 169 -7.75 20.94 -102.45
C SER QA 169 -6.81 22.08 -102.82
N VAL QA 170 -5.69 21.74 -103.43
CA VAL QA 170 -4.70 22.74 -103.82
C VAL QA 170 -5.17 23.45 -105.09
N THR QA 171 -4.63 24.64 -105.32
CA THR QA 171 -4.98 25.45 -106.49
C THR QA 171 -3.69 26.08 -107.00
N CYS QA 172 -3.38 25.86 -108.27
CA CYS QA 172 -2.15 26.35 -108.87
C CYS QA 172 -2.47 27.08 -110.16
N VAL QA 173 -1.61 28.04 -110.52
CA VAL QA 173 -1.71 28.69 -111.82
C VAL QA 173 -1.35 27.70 -112.92
N ALA QA 174 -1.74 28.03 -114.15
CA ALA QA 174 -1.44 27.20 -115.30
C ALA QA 174 -0.90 27.97 -116.49
N ARG QA 175 -1.28 29.23 -116.67
CA ARG QA 175 -0.72 30.08 -117.70
C ARG QA 175 -0.57 31.48 -117.11
N GLY QA 176 -0.09 32.40 -117.91
CA GLY QA 176 0.09 33.75 -117.43
C GLY QA 176 1.16 33.82 -116.35
N ASP QA 177 1.35 35.03 -115.84
CA ASP QA 177 2.38 35.25 -114.84
C ASP QA 177 1.80 34.99 -113.46
N GLN QA 178 2.68 34.57 -112.55
CA GLN QA 178 2.26 34.10 -111.24
C GLN QA 178 1.44 35.15 -110.49
N GLU QA 179 1.95 36.37 -110.41
CA GLU QA 179 1.38 37.39 -109.54
C GLU QA 179 0.13 38.05 -110.12
N ALA QA 180 -0.46 37.47 -111.16
CA ALA QA 180 -1.80 37.89 -111.55
C ALA QA 180 -2.86 37.26 -110.65
N ALA QA 181 -2.46 36.34 -109.77
CA ALA QA 181 -3.40 35.62 -108.92
C ALA QA 181 -3.77 36.47 -107.70
N ARG QA 182 -4.44 35.86 -106.73
CA ARG QA 182 -4.86 36.57 -105.53
C ARG QA 182 -5.00 35.54 -104.41
N THR QA 183 -4.00 35.50 -103.52
CA THR QA 183 -3.99 34.54 -102.43
C THR QA 183 -4.80 35.07 -101.25
N ASN QA 184 -5.37 34.18 -100.46
CA ASN QA 184 -6.19 34.56 -99.31
C ASN QA 184 -5.37 34.63 -98.03
N ASP QA 185 -4.11 34.99 -98.16
CA ASP QA 185 -3.25 35.19 -96.99
C ASP QA 185 -3.56 36.50 -96.28
N MET QA 186 -3.78 37.58 -97.04
CA MET QA 186 -3.99 38.95 -96.59
C MET QA 186 -2.76 39.59 -95.97
N ALA QA 187 -1.66 38.87 -95.83
CA ALA QA 187 -0.38 39.49 -95.54
C ALA QA 187 0.42 39.78 -96.80
N ALA QA 188 0.40 38.85 -97.74
CA ALA QA 188 1.00 39.03 -99.07
C ALA QA 188 0.00 38.46 -100.07
N ARG QA 189 -0.88 39.33 -100.59
CA ARG QA 189 -1.87 38.91 -101.56
C ARG QA 189 -1.21 38.19 -102.72
N ARG QA 190 -0.28 38.85 -103.40
CA ARG QA 190 0.44 38.20 -104.49
C ARG QA 190 1.50 37.30 -103.91
N SER QA 191 2.26 36.63 -104.77
CA SER QA 191 3.27 35.68 -104.34
C SER QA 191 4.48 35.79 -105.26
N GLN QA 192 5.34 34.79 -105.22
CA GLN QA 192 6.42 34.61 -106.18
C GLN QA 192 6.57 33.12 -106.41
N VAL QA 193 7.70 32.71 -106.98
CA VAL QA 193 8.00 31.30 -107.19
C VAL QA 193 9.27 30.96 -106.44
N HIS QA 194 9.20 29.95 -105.59
CA HIS QA 194 10.32 29.55 -104.74
C HIS QA 194 10.83 28.19 -105.19
N VAL QA 195 12.14 28.08 -105.38
CA VAL QA 195 12.78 26.83 -105.78
C VAL QA 195 13.93 26.56 -104.83
N PRO QA 196 14.08 25.33 -104.33
CA PRO QA 196 15.21 25.03 -103.44
C PRO QA 196 16.54 25.29 -104.14
N ALA QA 197 17.28 26.26 -103.62
CA ALA QA 197 18.52 26.70 -104.25
C ALA QA 197 19.56 25.59 -104.36
N CYS QA 198 19.41 24.52 -103.57
CA CYS QA 198 20.32 23.40 -103.68
C CYS QA 198 20.29 22.73 -105.05
N ALA QA 199 19.14 22.77 -105.72
CA ALA QA 199 18.97 22.10 -107.00
C ALA QA 199 19.06 23.03 -108.20
N LEU QA 200 18.93 24.34 -108.02
CA LEU QA 200 18.93 25.27 -109.14
C LEU QA 200 20.32 25.31 -109.76
N MET QA 201 20.45 24.77 -110.97
CA MET QA 201 21.73 24.78 -111.69
C MET QA 201 21.59 25.77 -112.84
N ASP QA 202 22.33 26.87 -112.74
CA ASP QA 202 22.39 27.79 -113.86
C ASP QA 202 23.27 27.20 -114.95
N VAL QA 203 23.04 27.65 -116.18
CA VAL QA 203 23.72 27.11 -117.36
C VAL QA 203 24.65 28.12 -118.02
N ASP QA 204 24.16 29.34 -118.31
CA ASP QA 204 24.97 30.25 -119.13
C ASP QA 204 26.26 30.63 -118.42
N ARG QA 205 26.14 31.20 -117.23
CA ARG QA 205 27.28 31.49 -116.37
C ARG QA 205 28.08 30.23 -116.10
N GLU QA 206 27.44 29.06 -116.14
CA GLU QA 206 28.12 27.78 -116.09
C GLU QA 206 28.88 27.49 -117.37
N LEU QA 207 28.20 27.53 -118.52
CA LEU QA 207 28.89 27.24 -119.77
C LEU QA 207 29.80 28.38 -120.22
N ARG QA 208 29.72 29.54 -119.58
CA ARG QA 208 30.49 30.72 -119.96
C ARG QA 208 30.24 31.08 -121.43
N LEU QA 209 28.98 31.42 -121.72
CA LEU QA 209 28.64 31.93 -123.04
C LEU QA 209 29.07 33.37 -123.24
N GLY QA 210 29.59 34.03 -122.20
CA GLY QA 210 29.88 35.44 -122.29
C GLY QA 210 28.67 36.32 -122.49
N GLY QA 211 27.47 35.76 -122.32
CA GLY QA 211 26.26 36.49 -122.60
C GLY QA 211 25.90 37.48 -121.53
N ASP QA 212 24.80 38.20 -121.75
CA ASP QA 212 24.32 39.21 -120.82
C ASP QA 212 22.88 38.91 -120.44
N ASP QA 213 22.64 38.84 -119.13
CA ASP QA 213 21.37 38.33 -118.63
C ASP QA 213 20.22 39.22 -119.07
N GLY QA 214 19.33 38.68 -119.89
CA GLY QA 214 18.10 39.35 -120.21
C GLY QA 214 16.91 38.55 -119.76
N LEU QA 215 16.08 38.13 -120.71
CA LEU QA 215 15.00 37.19 -120.44
C LEU QA 215 15.51 35.79 -120.70
N ARG QA 216 15.40 34.92 -119.70
CA ARG QA 216 15.90 33.55 -119.82
C ARG QA 216 14.77 32.56 -119.62
N PHE QA 217 14.90 31.42 -120.29
CA PHE QA 217 13.93 30.34 -120.15
C PHE QA 217 14.14 29.63 -118.82
N ALA QA 218 13.27 28.67 -118.53
CA ALA QA 218 13.36 27.88 -117.32
C ALA QA 218 13.01 26.44 -117.63
N TYR QA 219 13.90 25.53 -117.29
CA TYR QA 219 13.73 24.12 -117.60
C TYR QA 219 13.89 23.28 -116.35
N LEU QA 220 12.94 22.38 -116.11
CA LEU QA 220 13.06 21.35 -115.10
C LEU QA 220 13.60 20.09 -115.76
N VAL QA 221 14.75 19.61 -115.30
CA VAL QA 221 15.44 18.50 -115.94
C VAL QA 221 15.58 17.35 -114.95
N PHE QA 222 15.52 16.13 -115.47
CA PHE QA 222 15.81 14.92 -114.73
C PHE QA 222 17.12 14.31 -115.22
N VAL QA 223 17.82 13.65 -114.31
CA VAL QA 223 19.07 12.99 -114.63
C VAL QA 223 18.97 11.54 -114.17
N TYR QA 224 18.96 10.61 -115.12
CA TYR QA 224 18.96 9.20 -114.81
C TYR QA 224 20.39 8.67 -114.75
N THR QA 225 20.56 7.55 -114.07
CA THR QA 225 21.81 6.79 -114.12
C THR QA 225 21.45 5.33 -113.93
N GLN QA 226 22.04 4.44 -114.73
CA GLN QA 226 21.59 3.06 -114.80
C GLN QA 226 22.77 2.12 -114.54
N ARG QA 227 22.79 1.53 -113.36
CA ARG QA 227 23.69 0.46 -113.01
C ARG QA 227 22.92 -0.45 -112.07
N HIS QA 228 22.77 -1.71 -112.44
CA HIS QA 228 21.76 -2.56 -111.81
C HIS QA 228 22.01 -2.71 -110.31
N ARG QA 229 20.96 -2.45 -109.52
CA ARG QA 229 20.98 -2.41 -108.07
C ARG QA 229 21.87 -1.33 -107.49
N ARG QA 230 22.52 -0.53 -108.32
CA ARG QA 230 23.28 0.62 -107.85
C ARG QA 230 23.00 1.78 -108.80
N GLU QA 231 21.90 2.50 -108.55
CA GLU QA 231 21.45 3.55 -109.44
C GLU QA 231 20.70 4.60 -108.64
N ALA QA 232 20.52 5.77 -109.23
CA ALA QA 232 19.87 6.87 -108.54
C ALA QA 232 19.33 7.85 -109.57
N LEU QA 233 18.69 8.91 -109.07
CA LEU QA 233 18.10 9.95 -109.89
C LEU QA 233 18.52 11.31 -109.33
N ARG QA 234 18.90 12.22 -110.22
CA ARG QA 234 19.27 13.57 -109.84
C ARG QA 234 18.31 14.56 -110.49
N VAL QA 235 17.87 15.54 -109.71
CA VAL QA 235 16.94 16.55 -110.17
C VAL QA 235 17.66 17.89 -110.24
N HIS QA 236 17.19 18.76 -111.13
CA HIS QA 236 17.73 20.10 -111.26
C HIS QA 236 16.63 21.01 -111.80
N VAL QA 237 16.85 22.32 -111.64
CA VAL QA 237 16.00 23.31 -112.27
C VAL QA 237 16.94 24.27 -113.00
N ALA QA 238 16.87 24.28 -114.33
CA ALA QA 238 17.85 24.96 -115.15
C ALA QA 238 17.21 26.16 -115.82
N VAL QA 239 17.94 27.27 -115.81
CA VAL QA 239 17.54 28.49 -116.51
C VAL QA 239 18.66 28.87 -117.46
N SER QA 240 18.30 29.45 -118.60
CA SER QA 240 19.25 29.88 -119.61
C SER QA 240 18.48 30.58 -120.71
N ARG QA 241 19.22 31.14 -121.66
CA ARG QA 241 18.65 31.67 -122.89
C ARG QA 241 18.55 30.62 -123.99
N LEU QA 242 19.07 29.43 -123.75
CA LEU QA 242 19.13 28.40 -124.78
C LEU QA 242 17.74 27.85 -125.06
N PRO QA 243 17.17 28.07 -126.24
CA PRO QA 243 15.85 27.49 -126.54
C PRO QA 243 15.90 25.99 -126.75
N GLU QA 244 17.05 25.44 -127.12
CA GLU QA 244 17.15 24.01 -127.42
C GLU QA 244 18.30 23.45 -126.59
N LEU QA 245 17.96 22.65 -125.57
CA LEU QA 245 18.97 22.14 -124.67
C LEU QA 245 19.94 21.22 -125.39
N GLY QA 246 19.48 20.03 -125.77
CA GLY QA 246 20.23 19.14 -126.64
C GLY QA 246 21.70 19.00 -126.31
N ASP QA 247 22.53 19.51 -127.22
CA ASP QA 247 23.97 19.42 -127.07
C ASP QA 247 24.44 20.00 -125.75
N ALA QA 248 23.70 20.99 -125.22
CA ALA QA 248 24.11 21.62 -123.97
C ALA QA 248 24.11 20.61 -122.83
N LEU QA 249 23.03 19.85 -122.68
CA LEU QA 249 23.04 18.79 -121.67
C LEU QA 249 23.95 17.65 -122.07
N SER QA 250 24.00 17.31 -123.36
CA SER QA 250 24.87 16.22 -123.79
C SER QA 250 26.30 16.45 -123.35
N PHE QA 251 26.74 17.71 -123.32
CA PHE QA 251 28.05 18.03 -122.79
C PHE QA 251 28.04 18.21 -121.28
N LEU QA 252 26.98 18.83 -120.73
CA LEU QA 252 26.90 19.03 -119.29
C LEU QA 252 26.98 17.72 -118.53
N LEU QA 253 26.27 16.70 -119.00
CA LEU QA 253 26.17 15.42 -118.30
C LEU QA 253 27.07 14.36 -118.93
N ALA QA 254 28.26 14.76 -119.39
CA ALA QA 254 29.10 13.86 -120.19
C ALA QA 254 29.44 12.59 -119.43
N GLY QA 255 29.83 12.73 -118.16
CA GLY QA 255 30.19 11.55 -117.39
C GLY QA 255 29.05 10.58 -117.25
N THR QA 256 27.83 11.10 -117.05
CA THR QA 256 26.66 10.25 -116.91
C THR QA 256 26.39 9.46 -118.18
N ARG QA 257 26.39 10.13 -119.34
CA ARG QA 257 26.19 9.42 -120.59
C ARG QA 257 27.29 8.39 -120.83
N VAL QA 258 28.54 8.76 -120.55
CA VAL QA 258 29.65 7.84 -120.73
C VAL QA 258 29.43 6.57 -119.90
N ASP QA 259 29.32 6.71 -118.59
CA ASP QA 259 29.25 5.52 -117.75
C ASP QA 259 27.89 4.84 -117.82
N ASN QA 260 26.92 5.46 -118.51
CA ASN QA 260 25.62 4.85 -118.68
C ASN QA 260 25.52 4.03 -119.96
N ALA QA 261 26.27 4.39 -121.00
CA ALA QA 261 26.19 3.63 -122.24
C ALA QA 261 26.86 2.28 -122.13
N ILE QA 262 27.83 2.13 -121.22
CA ILE QA 262 28.64 0.92 -121.17
C ILE QA 262 28.12 -0.07 -120.13
N HIS QA 263 27.70 0.42 -118.97
CA HIS QA 263 27.13 -0.42 -117.93
C HIS QA 263 25.63 -0.61 -118.08
N GLY QA 264 25.04 -0.15 -119.18
CA GLY QA 264 23.60 -0.19 -119.33
C GLY QA 264 23.08 -1.48 -119.92
N THR QA 265 23.87 -2.11 -120.80
CA THR QA 265 23.46 -3.35 -121.46
C THR QA 265 23.66 -4.57 -120.57
N ASP QA 266 24.16 -4.36 -119.36
CA ASP QA 266 24.48 -5.45 -118.46
C ASP QA 266 23.26 -6.32 -118.18
N GLU QA 267 23.54 -7.58 -117.84
CA GLU QA 267 22.56 -8.62 -117.53
C GLU QA 267 21.85 -9.14 -118.77
N ALA QA 268 22.22 -8.65 -119.95
CA ALA QA 268 21.67 -9.14 -121.21
C ALA QA 268 22.67 -10.10 -121.84
N ASP QA 269 22.25 -11.36 -122.01
CA ASP QA 269 23.10 -12.35 -122.65
C ASP QA 269 23.37 -11.96 -124.09
N ALA QA 270 24.58 -11.50 -124.37
CA ALA QA 270 24.99 -11.35 -125.74
C ALA QA 270 25.58 -12.66 -126.23
N PRO QA 271 25.39 -13.01 -127.50
CA PRO QA 271 25.98 -14.25 -128.02
C PRO QA 271 27.49 -14.15 -128.12
N ALA QA 272 28.10 -15.17 -128.71
CA ALA QA 272 29.56 -15.20 -128.88
C ALA QA 272 29.95 -14.23 -129.99
N ALA QA 273 31.20 -14.31 -130.42
CA ALA QA 273 31.71 -13.40 -131.44
C ALA QA 273 30.77 -13.38 -132.65
N PRO QA 274 30.44 -12.21 -133.19
CA PRO QA 274 29.47 -12.15 -134.28
C PRO QA 274 30.00 -12.84 -135.53
N ALA QA 275 29.11 -13.57 -136.20
CA ALA QA 275 29.49 -14.31 -137.39
C ALA QA 275 29.88 -13.35 -138.51
N ALA QA 276 30.78 -13.81 -139.38
CA ALA QA 276 31.21 -12.99 -140.51
C ALA QA 276 30.06 -12.74 -141.48
N ALA QA 277 29.03 -13.60 -141.46
CA ALA QA 277 27.86 -13.37 -142.28
C ALA QA 277 27.09 -12.13 -141.86
N ALA QA 278 27.33 -11.61 -140.66
CA ALA QA 278 26.67 -10.40 -140.21
C ALA QA 278 27.15 -9.17 -140.97
N ALA QA 279 28.34 -9.21 -141.57
CA ALA QA 279 28.84 -8.09 -142.34
C ALA QA 279 27.95 -7.89 -143.56
N PHE QA 280 27.14 -6.85 -143.53
CA PHE QA 280 26.21 -6.59 -144.62
C PHE QA 280 26.98 -6.29 -145.90
N PRO QA 281 26.84 -7.11 -146.94
CA PRO QA 281 27.65 -6.94 -148.15
C PRO QA 281 27.25 -5.68 -148.91
N ALA QA 282 28.23 -4.81 -149.15
CA ALA QA 282 28.00 -3.61 -149.94
C ALA QA 282 28.60 -3.69 -151.34
N TYR QA 283 29.52 -4.63 -151.60
CA TYR QA 283 30.21 -4.66 -152.88
C TYR QA 283 29.31 -5.09 -154.01
N LEU QA 284 28.09 -5.50 -153.68
CA LEU QA 284 27.21 -6.20 -154.60
C LEU QA 284 26.10 -5.33 -155.16
N PHE QA 285 26.08 -4.05 -154.84
CA PHE QA 285 24.99 -3.17 -155.29
C PHE QA 285 25.13 -2.84 -156.77
N ASN QA 286 26.25 -2.26 -157.15
CA ASN QA 286 26.49 -1.87 -158.54
C ASN QA 286 27.37 -2.84 -159.28
N ASP QA 287 27.32 -4.12 -158.93
CA ASP QA 287 27.90 -5.21 -159.70
C ASP QA 287 27.06 -5.46 -160.94
N PRO QA 288 27.57 -5.23 -162.15
CA PRO QA 288 26.77 -5.56 -163.34
C PRO QA 288 26.50 -7.04 -163.46
N ARG QA 289 27.52 -7.87 -163.26
CA ARG QA 289 27.38 -9.32 -163.23
C ARG QA 289 27.26 -9.81 -161.79
N SER QA 290 26.08 -10.26 -161.41
CA SER QA 290 25.86 -10.84 -160.09
C SER QA 290 24.58 -11.66 -160.12
N ALA QA 291 24.46 -12.56 -159.16
CA ALA QA 291 23.25 -13.37 -159.05
C ALA QA 291 22.06 -12.48 -158.75
N ARG QA 292 20.95 -12.72 -159.43
CA ARG QA 292 19.80 -11.83 -159.33
C ARG QA 292 18.55 -12.67 -159.28
N CYS QA 293 17.48 -12.07 -158.77
CA CYS QA 293 16.22 -12.80 -158.63
C CYS QA 293 15.04 -11.85 -158.72
N PRO QA 294 14.23 -11.93 -159.77
CA PRO QA 294 13.03 -11.10 -159.84
C PRO QA 294 12.00 -11.51 -158.81
N THR QA 295 11.13 -10.56 -158.46
CA THR QA 295 10.06 -10.83 -157.52
C THR QA 295 9.10 -11.87 -158.10
N GLY QA 296 8.30 -12.47 -157.23
CA GLY QA 296 7.34 -13.46 -157.67
C GLY QA 296 7.88 -14.87 -157.77
N ARG QA 297 9.16 -15.05 -157.55
CA ARG QA 297 9.76 -16.38 -157.43
C ARG QA 297 10.60 -16.45 -156.16
N LEU QA 298 10.01 -16.02 -155.04
CA LEU QA 298 10.65 -16.13 -153.74
C LEU QA 298 9.80 -16.94 -152.77
N ASN QA 299 9.84 -18.28 -152.90
CA ASN QA 299 9.53 -19.14 -151.76
C ASN QA 299 10.68 -20.07 -151.43
N THR QA 300 10.97 -21.03 -152.31
CA THR QA 300 12.07 -22.01 -152.28
C THR QA 300 12.30 -22.49 -153.72
N PRO QA 301 12.61 -21.59 -154.65
CA PRO QA 301 12.94 -22.03 -156.00
C PRO QA 301 14.41 -22.39 -156.12
N ALA QA 302 14.87 -22.56 -157.36
CA ALA QA 302 16.31 -22.62 -157.60
C ALA QA 302 16.89 -21.22 -157.49
N ALA QA 303 16.74 -20.61 -156.31
CA ALA QA 303 17.30 -19.29 -156.01
C ALA QA 303 18.21 -19.32 -154.81
N GLU QA 304 18.75 -20.48 -154.46
CA GLU QA 304 19.54 -20.63 -153.26
C GLU QA 304 20.91 -19.98 -153.38
N ALA QA 305 21.26 -19.53 -154.58
CA ALA QA 305 22.56 -18.93 -154.88
C ALA QA 305 22.69 -17.52 -154.33
N LEU QA 306 21.68 -17.00 -153.66
CA LEU QA 306 21.81 -15.66 -153.11
C LEU QA 306 22.64 -15.70 -151.82
N PRO QA 307 23.48 -14.70 -151.59
CA PRO QA 307 24.28 -14.70 -150.36
C PRO QA 307 23.39 -14.56 -149.15
N VAL QA 308 23.82 -15.16 -148.04
CA VAL QA 308 23.08 -15.07 -146.80
C VAL QA 308 23.65 -13.92 -145.97
N TRP QA 309 22.78 -13.19 -145.29
CA TRP QA 309 23.17 -12.13 -144.39
C TRP QA 309 22.21 -12.12 -143.21
N ALA QA 310 22.75 -12.32 -142.01
CA ALA QA 310 21.93 -12.42 -140.80
C ALA QA 310 22.25 -11.24 -139.89
N PRO QA 311 21.58 -10.11 -140.06
CA PRO QA 311 21.73 -9.01 -139.09
C PRO QA 311 21.37 -9.47 -137.68
N ASP QA 312 22.38 -9.51 -136.81
CA ASP QA 312 22.27 -10.15 -135.52
C ASP QA 312 22.46 -9.18 -134.36
N MET QA 313 21.35 -8.70 -133.79
CA MET QA 313 21.40 -7.67 -132.76
C MET QA 313 20.67 -8.12 -131.51
N ARG QA 314 21.45 -8.62 -130.55
CA ARG QA 314 20.91 -9.25 -129.34
C ARG QA 314 21.83 -8.91 -128.18
N GLY QA 315 21.47 -7.85 -127.45
CA GLY QA 315 22.22 -7.43 -126.28
C GLY QA 315 22.99 -6.14 -126.43
N ARG QA 316 22.96 -5.52 -127.60
CA ARG QA 316 23.66 -4.26 -127.80
C ARG QA 316 22.88 -3.11 -127.16
N ALA QA 317 23.47 -1.93 -127.18
CA ALA QA 317 22.89 -0.77 -126.51
C ALA QA 317 21.72 -0.24 -127.32
N THR QA 318 20.51 -0.37 -126.79
CA THR QA 318 19.34 0.23 -127.40
C THR QA 318 19.23 1.68 -126.93
N ARG QA 319 18.22 2.39 -127.45
CA ARG QA 319 18.10 3.79 -127.07
C ARG QA 319 17.74 3.94 -125.60
N ASN QA 320 16.75 3.17 -125.12
CA ASN QA 320 16.36 3.22 -123.72
C ASN QA 320 17.52 2.84 -122.81
N SER QA 321 18.54 2.18 -123.35
CA SER QA 321 19.73 1.84 -122.59
C SER QA 321 20.64 3.04 -122.41
N CYS QA 322 20.60 3.99 -123.34
CA CYS QA 322 21.47 5.14 -123.30
C CYS QA 322 20.74 6.39 -122.85
N MET QA 323 19.49 6.26 -122.43
CA MET QA 323 18.77 7.37 -121.82
C MET QA 323 19.48 7.80 -120.55
N TYR QA 324 19.74 9.10 -120.45
CA TYR QA 324 20.41 9.64 -119.27
C TYR QA 324 19.74 10.88 -118.69
N ALA QA 325 18.98 11.63 -119.48
CA ALA QA 325 18.35 12.84 -118.98
C ALA QA 325 17.04 13.07 -119.73
N ALA QA 326 16.17 13.88 -119.13
CA ALA QA 326 14.93 14.30 -119.76
C ALA QA 326 14.57 15.67 -119.20
N TYR QA 327 14.06 16.55 -120.06
CA TYR QA 327 13.74 17.90 -119.64
C TYR QA 327 12.41 18.35 -120.23
N VAL QA 328 11.89 19.44 -119.68
CA VAL QA 328 10.62 20.01 -120.10
C VAL QA 328 10.64 21.50 -119.79
N ARG QA 329 10.15 22.30 -120.73
CA ARG QA 329 10.19 23.74 -120.57
C ARG QA 329 9.14 24.19 -119.58
N LEU QA 330 9.48 25.17 -118.75
CA LEU QA 330 8.58 25.67 -117.71
C LEU QA 330 8.03 27.05 -117.99
N GLY QA 331 8.83 27.97 -118.49
CA GLY QA 331 8.39 29.33 -118.71
C GLY QA 331 9.58 30.25 -118.88
N THR QA 332 9.33 31.54 -118.66
CA THR QA 332 10.34 32.58 -118.85
C THR QA 332 10.57 33.31 -117.54
N VAL QA 333 11.80 33.81 -117.37
CA VAL QA 333 12.24 34.39 -116.11
C VAL QA 333 13.10 35.62 -116.39
N GLU QA 334 12.91 36.63 -115.55
CA GLU QA 334 13.80 37.78 -115.46
C GLU QA 334 15.05 37.52 -114.62
N ARG QA 335 14.88 37.20 -113.34
CA ARG QA 335 15.96 37.30 -112.38
C ARG QA 335 15.87 36.17 -111.36
N VAL QA 336 17.02 35.84 -110.77
CA VAL QA 336 17.09 34.87 -109.68
C VAL QA 336 17.97 35.46 -108.59
N VAL QA 337 17.40 35.56 -107.39
CA VAL QA 337 18.15 36.04 -106.23
C VAL QA 337 18.06 34.98 -105.14
N ARG QA 338 19.10 34.90 -104.32
CA ARG QA 338 19.24 33.85 -103.31
C ARG QA 338 19.27 34.48 -101.93
N ARG QA 339 18.48 33.92 -101.02
CA ARG QA 339 18.05 34.63 -99.83
C ARG QA 339 17.10 33.72 -99.04
N ALA QA 340 17.15 33.86 -97.72
CA ALA QA 340 16.42 32.94 -96.83
C ALA QA 340 15.21 33.61 -96.20
N LEU QA 348 17.35 27.94 -93.94
CA LEU QA 348 17.08 27.22 -95.18
C LEU QA 348 17.30 28.11 -96.40
N PRO QA 349 18.17 27.67 -97.31
CA PRO QA 349 18.45 28.47 -98.51
C PRO QA 349 17.34 28.28 -99.55
N LEU QA 350 17.02 29.37 -100.26
CA LEU QA 350 15.99 29.35 -101.28
C LEU QA 350 16.44 30.16 -102.48
N ALA QA 351 15.53 30.31 -103.46
CA ALA QA 351 15.84 31.03 -104.70
C ALA QA 351 14.53 31.61 -105.24
N HIS QA 352 14.33 32.90 -105.00
CA HIS QA 352 13.12 33.57 -105.43
C HIS QA 352 13.20 33.91 -106.91
N MET QA 353 12.18 33.53 -107.68
CA MET QA 353 12.11 33.88 -109.08
C MET QA 353 11.75 35.35 -109.23
N GLU QA 354 11.57 35.78 -110.47
CA GLU QA 354 11.27 37.18 -110.73
C GLU QA 354 10.43 37.25 -112.00
N ARG QA 355 9.14 37.56 -111.85
CA ARG QA 355 8.24 37.72 -113.00
C ARG QA 355 8.14 36.42 -113.80
N PHE QA 356 7.88 35.31 -113.11
CA PHE QA 356 7.76 34.02 -113.77
C PHE QA 356 6.47 34.01 -114.59
N THR QA 357 6.57 33.62 -115.86
CA THR QA 357 5.40 33.48 -116.72
C THR QA 357 5.23 32.00 -117.01
N TRP QA 358 4.15 31.43 -116.52
CA TRP QA 358 3.92 29.99 -116.66
C TRP QA 358 3.55 29.65 -118.10
N ASP QA 359 4.38 28.80 -118.72
CA ASP QA 359 4.15 28.28 -120.06
C ASP QA 359 4.75 26.86 -120.07
N VAL QA 360 3.91 25.89 -119.83
CA VAL QA 360 4.40 24.51 -119.72
C VAL QA 360 4.46 23.89 -121.10
N GLY QA 361 5.52 23.13 -121.36
CA GLY QA 361 5.69 22.45 -122.63
C GLY QA 361 5.63 20.95 -122.49
N ALA QA 362 5.99 20.25 -123.56
CA ALA QA 362 5.96 18.80 -123.56
C ALA QA 362 7.31 18.26 -123.13
N TRP QA 363 7.31 16.96 -122.79
CA TRP QA 363 8.53 16.33 -122.33
C TRP QA 363 9.44 16.14 -123.54
N GLU QA 364 10.67 15.72 -123.26
CA GLU QA 364 11.69 15.56 -124.28
C GLU QA 364 12.69 14.53 -123.78
N GLU QA 365 13.19 13.71 -124.68
CA GLU QA 365 14.22 12.75 -124.35
C GLU QA 365 15.61 13.32 -124.61
N CYS QA 366 16.60 12.79 -123.89
CA CYS QA 366 18.00 13.15 -124.09
C CYS QA 366 18.81 11.88 -123.95
N PHE QA 367 19.10 11.23 -125.08
CA PHE QA 367 19.79 9.95 -125.10
C PHE QA 367 21.06 9.97 -125.93
N PHE QA 368 21.07 10.67 -127.04
CA PHE QA 368 22.23 10.71 -127.92
C PHE QA 368 23.35 11.53 -127.30
N MET RA 1 -45.37 18.36 38.76
CA MET RA 1 -45.80 17.98 40.10
C MET RA 1 -44.87 18.56 41.16
N GLU RA 2 -45.46 18.98 42.27
CA GLU RA 2 -44.73 19.65 43.35
C GLU RA 2 -45.27 19.12 44.67
N VAL RA 3 -44.50 18.25 45.32
CA VAL RA 3 -44.94 17.72 46.60
C VAL RA 3 -44.98 18.84 47.61
N ASP RA 4 -46.08 18.92 48.36
CA ASP RA 4 -46.30 19.95 49.36
C ASP RA 4 -46.22 19.30 50.73
N ILE RA 5 -45.26 19.73 51.54
CA ILE RA 5 -45.08 19.25 52.90
C ILE RA 5 -45.59 20.32 53.85
N ALA RA 6 -46.61 19.99 54.63
CA ALA RA 6 -47.16 20.91 55.61
C ALA RA 6 -46.37 20.84 56.90
N LEU RA 7 -46.41 21.93 57.66
CA LEU RA 7 -45.64 22.06 58.88
C LEU RA 7 -46.57 22.34 60.06
N PRO RA 8 -46.29 21.77 61.22
CA PRO RA 8 -46.99 22.19 62.43
C PRO RA 8 -46.43 23.53 62.89
N THR RA 9 -46.98 24.05 63.98
CA THR RA 9 -46.44 25.28 64.53
C THR RA 9 -45.07 25.01 65.14
N LEU RA 10 -44.15 25.95 64.95
CA LEU RA 10 -42.75 25.73 65.29
C LEU RA 10 -42.23 26.89 66.15
N SER RA 11 -41.32 26.56 67.06
CA SER RA 11 -40.66 27.59 67.84
C SER RA 11 -39.62 28.31 66.99
N PRO RA 12 -39.41 29.61 67.21
CA PRO RA 12 -38.41 30.33 66.42
C PRO RA 12 -37.00 29.82 66.63
N GLY RA 13 -36.77 29.00 67.65
CA GLY RA 13 -35.45 28.43 67.85
C GLY RA 13 -35.07 27.39 66.82
N ASP RA 14 -36.05 26.75 66.18
CA ASP RA 14 -35.78 25.72 65.18
C ASP RA 14 -36.33 26.04 63.81
N LEU RA 15 -37.32 26.92 63.68
CA LEU RA 15 -37.76 27.32 62.36
C LEU RA 15 -36.61 27.93 61.57
N SER RA 16 -35.83 28.81 62.22
CA SER RA 16 -34.70 29.44 61.57
C SER RA 16 -33.59 28.46 61.23
N ALA RA 17 -33.52 27.34 61.95
CA ALA RA 17 -32.56 26.30 61.58
C ALA RA 17 -33.07 25.48 60.40
N LEU RA 18 -34.38 25.25 60.35
CA LEU RA 18 -34.96 24.55 59.21
C LEU RA 18 -34.85 25.38 57.94
N GLN RA 19 -34.89 26.71 58.07
CA GLN RA 19 -34.72 27.55 56.88
C GLN RA 19 -33.41 27.27 56.17
N ARG RA 20 -32.38 26.89 56.92
CA ARG RA 20 -31.07 26.68 56.33
C ARG RA 20 -30.96 25.37 55.55
N CYS RA 21 -31.96 24.51 55.65
CA CYS RA 21 -31.97 23.23 54.94
C CYS RA 21 -32.70 23.34 53.60
N GLU RA 22 -32.28 24.28 52.77
CA GLU RA 22 -33.01 24.58 51.54
C GLU RA 22 -32.59 23.73 50.35
N GLY RA 23 -31.50 22.98 50.46
CA GLY RA 23 -31.06 22.20 49.32
C GLY RA 23 -30.73 20.77 49.65
N ARG RA 24 -31.45 20.18 50.60
CA ARG RA 24 -31.23 18.79 50.98
C ARG RA 24 -32.45 17.96 50.59
N VAL RA 25 -32.28 16.65 50.67
CA VAL RA 25 -33.22 15.70 50.09
C VAL RA 25 -33.84 14.88 51.20
N VAL RA 26 -35.13 14.58 51.06
CA VAL RA 26 -35.87 13.77 52.01
C VAL RA 26 -36.54 12.63 51.25
N PHE RA 27 -37.02 11.63 51.99
CA PHE RA 27 -37.51 10.39 51.40
C PHE RA 27 -38.96 10.16 51.81
N LEU RA 28 -39.89 10.51 50.93
CA LEU RA 28 -41.29 10.16 51.15
C LEU RA 28 -41.48 8.66 50.98
N GLU RA 29 -42.72 8.22 51.09
CA GLU RA 29 -43.08 6.84 50.88
C GLU RA 29 -44.13 6.66 49.80
N THR RA 30 -45.05 7.62 49.67
CA THR RA 30 -46.05 7.64 48.62
C THR RA 30 -46.10 9.03 48.02
N LEU RA 31 -46.45 9.12 46.74
CA LEU RA 31 -46.32 10.37 45.98
C LEU RA 31 -47.63 11.14 45.91
N ARG RA 32 -48.41 11.15 46.98
CA ARG RA 32 -49.57 12.02 46.96
C ARG RA 32 -49.12 13.48 46.88
N ARG RA 33 -50.05 14.34 46.45
CA ARG RA 33 -49.70 15.75 46.27
C ARG RA 33 -49.41 16.43 47.59
N HIS RA 34 -50.11 16.02 48.65
CA HIS RA 34 -49.92 16.58 49.97
C HIS RA 34 -49.38 15.51 50.91
N ALA RA 35 -48.66 15.95 51.94
CA ALA RA 35 -48.09 15.05 52.93
C ALA RA 35 -47.59 15.87 54.10
N THR RA 36 -47.83 15.37 55.31
CA THR RA 36 -47.42 16.09 56.51
C THR RA 36 -45.95 15.81 56.80
N LEU RA 37 -45.32 16.73 57.53
CA LEU RA 37 -43.91 16.58 57.85
C LEU RA 37 -43.65 15.32 58.66
N ARG RA 38 -44.52 15.03 59.63
CA ARG RA 38 -44.35 13.87 60.49
C ARG RA 38 -44.15 12.60 59.67
N GLU RA 39 -44.87 12.48 58.55
CA GLU RA 39 -44.72 11.30 57.71
C GLU RA 39 -43.30 11.14 57.22
N VAL RA 40 -42.79 12.11 56.48
CA VAL RA 40 -41.45 11.99 55.94
C VAL RA 40 -40.42 12.27 57.03
N ALA RA 41 -39.94 11.22 57.67
CA ALA RA 41 -39.02 11.35 58.79
C ALA RA 41 -38.45 9.99 59.10
N LEU RA 42 -37.17 9.97 59.43
CA LEU RA 42 -36.47 8.74 59.74
C LEU RA 42 -35.95 8.78 61.17
N PRO RA 43 -35.89 7.64 61.84
CA PRO RA 43 -35.38 7.62 63.21
C PRO RA 43 -33.91 8.01 63.24
N CYS RA 44 -33.42 8.28 64.45
CA CYS RA 44 -32.02 8.66 64.61
C CYS RA 44 -31.11 7.57 64.07
N GLY RA 45 -29.86 7.96 63.80
CA GLY RA 45 -28.90 7.09 63.14
C GLY RA 45 -28.76 5.69 63.72
N GLY RA 46 -28.66 4.71 62.83
CA GLY RA 46 -28.41 3.34 63.24
C GLY RA 46 -28.42 2.39 62.05
N ASP RA 47 -27.44 1.49 62.00
CA ASP RA 47 -27.38 0.42 61.00
C ASP RA 47 -27.38 1.00 59.58
N VAL RA 48 -26.26 1.67 59.27
CA VAL RA 48 -26.10 2.31 57.96
C VAL RA 48 -26.41 1.33 56.84
N LEU RA 49 -26.20 0.03 57.07
CA LEU RA 49 -26.55 -0.96 56.06
C LEU RA 49 -28.06 -1.04 55.87
N ALA RA 50 -28.81 -1.10 56.97
CA ALA RA 50 -30.27 -1.14 56.86
C ALA RA 50 -30.80 0.10 56.17
N ALA RA 51 -30.32 1.28 56.58
CA ALA RA 51 -30.76 2.52 55.96
C ALA RA 51 -30.48 2.51 54.47
N MET RA 52 -29.24 2.15 54.09
CA MET RA 52 -28.90 2.08 52.68
C MET RA 52 -29.79 1.09 51.94
N ALA RA 53 -30.25 0.06 52.64
CA ALA RA 53 -31.21 -0.85 52.02
C ALA RA 53 -32.59 -0.22 51.92
N ALA RA 54 -32.87 0.79 52.74
CA ALA RA 54 -34.19 1.39 52.73
C ALA RA 54 -34.33 2.44 51.64
N TYR RA 55 -33.24 3.12 51.29
CA TYR RA 55 -33.30 4.13 50.24
C TYR RA 55 -33.76 3.54 48.91
N ARG RA 56 -33.56 2.23 48.72
CA ARG RA 56 -33.99 1.60 47.48
C ARG RA 56 -35.51 1.50 47.39
N ARG RA 57 -36.18 1.37 48.53
CA ARG RA 57 -37.61 1.13 48.56
C ARG RA 57 -38.44 2.42 48.53
N ARG RA 58 -37.79 3.58 48.45
CA ARG RA 58 -38.52 4.83 48.43
C ARG RA 58 -37.84 5.76 47.43
N PHE RA 59 -38.63 6.63 46.81
CA PHE RA 59 -38.12 7.59 45.86
C PHE RA 59 -37.90 8.92 46.54
N ALA RA 60 -36.80 9.59 46.19
CA ALA RA 60 -36.34 10.76 46.90
C ALA RA 60 -37.21 11.97 46.57
N ALA RA 61 -36.87 13.09 47.18
CA ALA RA 61 -37.51 14.37 46.92
C ALA RA 61 -36.66 15.46 47.52
N VAL RA 62 -36.37 16.50 46.75
CA VAL RA 62 -35.58 17.63 47.22
C VAL RA 62 -36.53 18.79 47.46
N ILE RA 63 -36.21 19.62 48.45
CA ILE RA 63 -37.08 20.72 48.84
C ILE RA 63 -36.48 22.03 48.34
N THR RA 64 -37.35 22.99 48.07
CA THR RA 64 -36.92 24.26 47.49
C THR RA 64 -37.25 25.46 48.36
N ARG RA 65 -38.48 25.58 48.85
CA ARG RA 65 -38.89 26.74 49.62
C ARG RA 65 -39.40 26.33 50.99
N VAL RA 66 -39.23 27.23 51.95
CA VAL RA 66 -39.66 27.01 53.33
C VAL RA 66 -40.37 28.26 53.81
N THR RA 67 -41.69 28.24 53.79
CA THR RA 67 -42.51 29.33 54.28
C THR RA 67 -42.97 29.06 55.70
N PRO RA 68 -43.42 30.09 56.42
CA PRO RA 68 -43.88 29.87 57.80
C PRO RA 68 -45.03 28.88 57.93
N HIS RA 69 -45.68 28.52 56.83
CA HIS RA 69 -46.71 27.49 56.86
C HIS RA 69 -46.33 26.25 56.08
N ARG RA 70 -45.64 26.38 54.97
CA ARG RA 70 -45.63 25.38 53.92
C ARG RA 70 -44.20 25.18 53.44
N MET RA 71 -43.89 23.94 53.06
CA MET RA 71 -42.54 23.61 52.63
C MET RA 71 -42.63 22.69 51.43
N LEU RA 72 -42.19 23.19 50.28
CA LEU RA 72 -42.39 22.47 49.03
C LEU RA 72 -41.35 21.37 48.88
N ALA RA 73 -41.45 20.62 47.79
CA ALA RA 73 -40.50 19.55 47.48
C ALA RA 73 -40.60 19.26 46.00
N THR RA 74 -39.79 18.34 45.53
CA THR RA 74 -39.85 17.93 44.13
C THR RA 74 -39.50 16.45 43.99
N PRO RA 75 -40.44 15.63 43.53
CA PRO RA 75 -40.15 14.19 43.38
C PRO RA 75 -39.05 14.00 42.37
N LEU RA 76 -37.95 13.38 42.80
CA LEU RA 76 -36.73 13.46 42.02
C LEU RA 76 -36.86 12.81 40.65
N GLY RA 77 -36.98 11.49 40.59
CA GLY RA 77 -37.18 10.88 39.29
C GLY RA 77 -38.39 9.97 39.23
N VAL RA 78 -39.45 10.40 38.55
CA VAL RA 78 -40.58 9.53 38.29
C VAL RA 78 -40.93 9.57 36.80
N GLY RA 79 -40.72 10.72 36.17
CA GLY RA 79 -40.98 10.83 34.75
C GLY RA 79 -40.05 11.77 34.02
N GLY RA 80 -39.13 12.40 34.75
CA GLY RA 80 -38.30 13.44 34.19
C GLY RA 80 -36.82 13.08 34.23
N ARG RA 81 -36.07 13.63 33.29
CA ARG RA 81 -34.63 13.45 33.27
C ARG RA 81 -33.87 14.75 33.03
N GLY RA 82 -34.55 15.89 32.97
CA GLY RA 82 -33.87 17.14 32.71
C GLY RA 82 -34.36 18.29 33.56
N GLN RA 83 -35.07 17.97 34.65
CA GLN RA 83 -35.56 19.02 35.55
C GLN RA 83 -34.38 19.54 36.35
N SER RA 84 -33.67 20.50 35.76
CA SER RA 84 -32.50 21.08 36.41
C SER RA 84 -32.91 21.80 37.69
N LEU RA 85 -32.43 21.29 38.82
CA LEU RA 85 -32.69 21.87 40.12
C LEU RA 85 -31.34 22.07 40.82
N VAL RA 86 -31.40 22.56 42.06
CA VAL RA 86 -30.19 22.79 42.84
C VAL RA 86 -30.34 22.05 44.17
N LEU RA 87 -29.27 21.38 44.60
CA LEU RA 87 -29.24 20.75 45.90
C LEU RA 87 -27.85 20.93 46.49
N GLN RA 88 -27.80 21.16 47.80
CA GLN RA 88 -26.53 21.45 48.44
C GLN RA 88 -25.83 20.15 48.82
N ASN RA 89 -24.50 20.22 48.82
CA ASN RA 89 -23.68 19.08 49.18
C ASN RA 89 -23.51 19.03 50.68
N THR RA 90 -23.48 17.81 51.24
CA THR RA 90 -23.23 17.66 52.65
C THR RA 90 -22.27 16.51 52.94
N GLY RA 91 -21.59 15.99 51.92
CA GLY RA 91 -20.59 14.97 52.11
C GLY RA 91 -19.22 15.58 52.24
N PRO RA 92 -18.30 14.85 52.83
CA PRO RA 92 -16.97 15.42 53.10
C PRO RA 92 -16.21 15.74 51.82
N PHE RA 93 -16.12 14.78 50.91
CA PHE RA 93 -15.40 15.00 49.67
C PHE RA 93 -16.13 16.01 48.80
N ASP RA 94 -15.41 16.97 48.27
CA ASP RA 94 -16.02 17.96 47.39
C ASP RA 94 -16.23 17.35 46.00
N LEU RA 95 -17.45 17.45 45.51
CA LEU RA 95 -17.81 16.86 44.22
C LEU RA 95 -17.53 17.85 43.11
N THR RA 96 -16.85 17.40 42.07
CA THR RA 96 -16.45 18.26 40.97
C THR RA 96 -17.42 18.14 39.81
N ASN RA 97 -17.24 19.02 38.83
CA ASN RA 97 -18.10 19.02 37.66
C ASN RA 97 -17.91 17.73 36.87
N GLY RA 98 -18.99 17.27 36.25
CA GLY RA 98 -18.91 16.16 35.32
C GLY RA 98 -19.45 14.85 35.81
N ASP RA 99 -19.24 14.54 37.09
CA ASP RA 99 -19.54 13.22 37.60
C ASP RA 99 -20.91 13.16 38.27
N HIS RA 100 -21.42 11.94 38.41
CA HIS RA 100 -22.70 11.71 39.04
C HIS RA 100 -22.56 11.71 40.55
N VAL RA 101 -23.70 11.74 41.22
CA VAL RA 101 -23.75 11.74 42.68
C VAL RA 101 -24.73 10.66 43.13
N CYS RA 102 -24.42 10.02 44.25
CA CYS RA 102 -25.27 8.98 44.82
C CYS RA 102 -25.52 9.27 46.30
N LEU RA 103 -26.73 8.94 46.75
CA LEU RA 103 -27.13 9.19 48.12
C LEU RA 103 -26.68 8.05 49.02
N VAL RA 104 -26.12 8.40 50.17
CA VAL RA 104 -25.54 7.42 51.09
C VAL RA 104 -25.95 7.82 52.51
N PRO RA 105 -26.32 6.88 53.37
CA PRO RA 105 -26.69 7.25 54.73
C PRO RA 105 -25.51 7.87 55.47
N PRO RA 106 -25.76 8.68 56.48
CA PRO RA 106 -24.67 9.40 57.14
C PRO RA 106 -23.94 8.51 58.12
N LEU RA 107 -22.68 8.86 58.34
CA LEU RA 107 -21.81 8.13 59.26
C LEU RA 107 -21.66 8.89 60.56
N LEU RA 108 -21.48 8.13 61.64
CA LEU RA 108 -21.20 8.66 62.97
C LEU RA 108 -22.43 9.35 63.56
N GLY RA 109 -23.51 9.43 62.78
CA GLY RA 109 -24.67 10.17 63.23
C GLY RA 109 -24.35 11.65 63.28
N ASP RA 110 -24.79 12.31 64.35
CA ASP RA 110 -24.51 13.71 64.65
C ASP RA 110 -25.13 14.68 63.67
N GLU RA 111 -25.79 14.21 62.61
CA GLU RA 111 -26.43 15.08 61.65
C GLU RA 111 -27.94 14.89 61.83
N CYS RA 112 -28.50 15.59 62.79
CA CYS RA 112 -29.90 15.46 63.14
C CYS RA 112 -30.40 16.83 63.56
N LEU RA 113 -31.22 17.45 62.72
CA LEU RA 113 -31.84 18.71 63.13
C LEU RA 113 -32.93 18.39 64.14
N ARG RA 114 -32.53 18.02 65.35
CA ARG RA 114 -33.48 17.59 66.37
C ARG RA 114 -34.44 18.70 66.72
N LEU RA 115 -35.69 18.55 66.32
CA LEU RA 115 -36.74 19.51 66.61
C LEU RA 115 -37.45 19.07 67.89
N THR RA 116 -37.40 19.91 68.92
CA THR RA 116 -37.97 19.55 70.21
C THR RA 116 -39.47 19.79 70.23
N SER RA 117 -39.92 20.92 69.69
CA SER RA 117 -41.33 21.26 69.72
C SER RA 117 -42.17 20.19 69.02
N ALA RA 118 -41.77 19.80 67.82
CA ALA RA 118 -42.47 18.75 67.09
C ALA RA 118 -42.15 17.36 67.61
N ASN RA 119 -41.12 17.21 68.43
CA ASN RA 119 -40.70 15.92 68.98
C ASN RA 119 -40.41 14.93 67.87
N LEU RA 120 -39.44 15.28 67.04
CA LEU RA 120 -38.96 14.41 65.98
C LEU RA 120 -37.61 14.92 65.51
N GLU RA 121 -36.92 14.09 64.74
CA GLU RA 121 -35.62 14.45 64.21
C GLU RA 121 -35.50 13.91 62.80
N LEU RA 122 -34.74 14.63 61.97
CA LEU RA 122 -34.53 14.25 60.58
C LEU RA 122 -33.06 13.90 60.38
N ARG RA 123 -32.80 13.00 59.43
CA ARG RA 123 -31.45 12.64 59.06
C ARG RA 123 -31.37 12.71 57.53
N PHE RA 124 -30.88 13.83 57.02
CA PHE RA 124 -30.76 13.98 55.59
C PHE RA 124 -29.56 13.20 55.11
N PRO RA 125 -29.69 12.42 54.05
CA PRO RA 125 -28.56 11.61 53.58
C PRO RA 125 -27.50 12.49 52.95
N MET RA 126 -26.26 12.04 53.07
CA MET RA 126 -25.18 12.78 52.45
C MET RA 126 -25.05 12.42 50.98
N THR RA 127 -24.35 13.27 50.24
CA THR RA 127 -24.20 13.12 48.80
C THR RA 127 -22.73 12.93 48.47
N LEU RA 128 -22.40 11.80 47.85
CA LEU RA 128 -21.04 11.49 47.48
C LEU RA 128 -20.95 11.23 45.99
N PRO RA 129 -19.80 11.49 45.38
CA PRO RA 129 -19.58 11.07 44.00
C PRO RA 129 -19.65 9.56 43.90
N LEU RA 130 -19.88 9.09 42.67
CA LEU RA 130 -20.03 7.65 42.44
C LEU RA 130 -18.78 6.89 42.85
N ALA RA 131 -17.62 7.37 42.40
CA ALA RA 131 -16.37 6.63 42.56
C ALA RA 131 -16.10 6.29 44.02
N GLN RA 132 -16.49 7.16 44.94
CA GLN RA 132 -16.24 6.91 46.36
C GLN RA 132 -17.39 6.21 47.05
N ALA RA 133 -18.62 6.43 46.59
CA ALA RA 133 -19.74 5.69 47.15
C ALA RA 133 -19.61 4.20 46.90
N ARG RA 134 -19.14 3.83 45.71
CA ARG RA 134 -18.89 2.42 45.43
C ARG RA 134 -17.92 1.84 46.46
N GLU RA 135 -16.80 2.53 46.70
CA GLU RA 135 -15.79 2.04 47.64
C GLU RA 135 -16.34 1.94 49.05
N LEU RA 136 -17.16 2.91 49.46
CA LEU RA 136 -17.73 2.85 50.80
C LEU RA 136 -18.64 1.64 50.95
N THR RA 137 -19.51 1.41 49.95
CA THR RA 137 -20.36 0.23 50.00
C THR RA 137 -19.51 -1.04 50.05
N ALA RA 138 -18.43 -1.07 49.27
CA ALA RA 138 -17.53 -2.21 49.30
C ALA RA 138 -17.01 -2.47 50.70
N ARG RA 139 -16.50 -1.42 51.35
CA ARG RA 139 -15.94 -1.58 52.69
C ARG RA 139 -17.00 -2.08 53.66
N VAL RA 140 -18.20 -1.50 53.63
CA VAL RA 140 -19.20 -1.87 54.62
C VAL RA 140 -19.67 -3.30 54.39
N VAL RA 141 -19.90 -3.69 53.14
CA VAL RA 141 -20.38 -5.04 52.88
C VAL RA 141 -19.31 -6.07 53.21
N ALA RA 142 -18.04 -5.76 52.91
CA ALA RA 142 -16.96 -6.68 53.31
C ALA RA 142 -16.93 -6.83 54.82
N ARG RA 143 -17.04 -5.72 55.56
CA ARG RA 143 -17.05 -5.80 57.02
C ARG RA 143 -18.21 -6.64 57.50
N ALA RA 144 -19.37 -6.52 56.84
CA ALA RA 144 -20.50 -7.37 57.21
C ALA RA 144 -20.19 -8.84 56.93
N ALA RA 145 -19.45 -9.10 55.86
CA ALA RA 145 -19.07 -10.48 55.56
C ALA RA 145 -18.06 -11.01 56.56
N GLU RA 146 -17.31 -10.12 57.22
CA GLU RA 146 -16.35 -10.57 58.23
C GLU RA 146 -17.07 -11.24 59.39
N THR RA 147 -18.09 -10.58 59.94
CA THR RA 147 -18.92 -11.22 60.95
C THR RA 147 -19.76 -12.30 60.27
N LEU RA 148 -19.56 -13.55 60.66
CA LEU RA 148 -20.13 -14.67 59.93
C LEU RA 148 -21.63 -14.73 60.11
N GLN RA 168 -16.17 6.48 63.90
CA GLN RA 168 -16.23 6.61 62.44
C GLN RA 168 -16.81 5.34 61.81
N LEU RA 169 -17.07 4.34 62.65
CA LEU RA 169 -17.54 3.05 62.16
C LEU RA 169 -18.51 2.42 63.16
N PRO RA 170 -19.75 2.16 62.76
CA PRO RA 170 -20.68 1.46 63.64
C PRO RA 170 -20.66 -0.03 63.39
N PRO RA 171 -20.95 -0.86 64.39
CA PRO RA 171 -20.97 -2.31 64.18
C PRO RA 171 -22.26 -2.77 63.55
N PRO RA 172 -22.25 -3.92 62.86
CA PRO RA 172 -23.47 -4.42 62.22
C PRO RA 172 -24.46 -4.99 63.22
N HIS RA 173 -25.53 -5.61 62.73
CA HIS RA 173 -26.61 -6.07 63.58
C HIS RA 173 -26.92 -7.56 63.43
N ARG RA 174 -26.29 -8.26 62.49
CA ARG RA 174 -26.40 -9.71 62.36
C ARG RA 174 -27.80 -10.17 61.97
N ASP RA 175 -28.73 -9.24 61.81
CA ASP RA 175 -30.06 -9.59 61.35
C ASP RA 175 -30.31 -9.23 59.90
N ASN RA 176 -29.66 -8.16 59.42
CA ASN RA 176 -29.75 -7.75 58.02
C ASN RA 176 -28.44 -7.94 57.27
N ALA RA 177 -27.30 -7.92 57.97
CA ALA RA 177 -26.03 -8.21 57.34
C ALA RA 177 -26.07 -9.52 56.58
N GLU RA 178 -26.83 -10.49 57.10
CA GLU RA 178 -27.01 -11.73 56.38
C GLU RA 178 -27.70 -11.52 55.04
N ALA RA 179 -28.61 -10.55 54.95
CA ALA RA 179 -29.26 -10.28 53.67
C ALA RA 179 -28.28 -9.75 52.65
N ALA RA 180 -27.41 -8.82 53.08
CA ALA RA 180 -26.36 -8.32 52.19
C ALA RA 180 -25.45 -9.46 51.75
N THR RA 181 -25.04 -10.30 52.70
CA THR RA 181 -24.20 -11.44 52.36
C THR RA 181 -24.89 -12.34 51.36
N ARG RA 182 -26.21 -12.54 51.51
CA ARG RA 182 -26.95 -13.41 50.61
C ARG RA 182 -26.94 -12.83 49.20
N SER RA 183 -27.28 -11.55 49.07
CA SER RA 183 -27.25 -10.92 47.76
C SER RA 183 -25.87 -11.05 47.12
N LEU RA 184 -24.82 -10.76 47.88
CA LEU RA 184 -23.47 -10.82 47.34
C LEU RA 184 -23.12 -12.23 46.89
N VAL RA 185 -23.39 -13.22 47.73
CA VAL RA 185 -22.97 -14.57 47.41
C VAL RA 185 -23.77 -15.12 46.25
N LEU RA 186 -25.02 -14.67 46.07
CA LEU RA 186 -25.76 -15.10 44.88
C LEU RA 186 -25.15 -14.51 43.62
N ASN RA 187 -24.94 -13.20 43.62
CA ASN RA 187 -24.34 -12.56 42.45
C ASN RA 187 -22.98 -13.13 42.13
N MET RA 188 -22.27 -13.67 43.12
CA MET RA 188 -20.99 -14.29 42.84
C MET RA 188 -21.13 -15.74 42.38
N ILE RA 189 -22.03 -16.50 42.99
CA ILE RA 189 -22.21 -17.90 42.62
C ILE RA 189 -22.58 -18.01 41.15
N PHE RA 190 -23.47 -17.15 40.68
CA PHE RA 190 -23.91 -17.34 39.30
C PHE RA 190 -22.87 -16.92 38.27
N LEU RA 191 -21.63 -16.69 38.68
CA LEU RA 191 -20.55 -16.47 37.74
C LEU RA 191 -19.90 -17.77 37.32
N LEU RA 192 -20.03 -18.83 38.12
CA LEU RA 192 -19.40 -20.10 37.83
C LEU RA 192 -20.11 -20.83 36.71
N ASN RA 193 -19.47 -20.92 35.55
CA ASN RA 193 -20.05 -21.59 34.39
C ASN RA 193 -19.04 -22.56 33.80
N GLU RA 194 -19.55 -23.59 33.12
CA GLU RA 194 -18.67 -24.53 32.43
C GLU RA 194 -17.79 -23.83 31.42
N GLY RA 195 -18.09 -22.59 31.07
CA GLY RA 195 -17.19 -21.80 30.27
C GLY RA 195 -16.20 -21.08 31.15
N ALA RA 196 -16.64 -20.72 32.36
CA ALA RA 196 -15.79 -19.96 33.25
C ALA RA 196 -14.55 -20.76 33.64
N VAL RA 197 -14.67 -22.08 33.70
CA VAL RA 197 -13.50 -22.90 34.04
C VAL RA 197 -12.46 -22.82 32.94
N ILE RA 198 -12.89 -22.69 31.68
CA ILE RA 198 -11.95 -22.53 30.59
C ILE RA 198 -11.08 -21.30 30.82
N LEU RA 199 -11.70 -20.19 31.20
CA LEU RA 199 -10.93 -19.01 31.55
C LEU RA 199 -10.07 -19.28 32.78
N LEU RA 200 -10.64 -19.95 33.79
CA LEU RA 200 -9.90 -20.31 34.99
C LEU RA 200 -8.69 -21.17 34.70
N SER RA 201 -8.57 -21.70 33.50
CA SER RA 201 -7.48 -22.61 33.21
C SER RA 201 -6.19 -21.88 32.87
N LEU RA 202 -6.25 -20.62 32.44
CA LEU RA 202 -5.08 -19.91 31.95
C LEU RA 202 -4.49 -18.94 32.97
N ILE RA 203 -4.73 -19.15 34.26
CA ILE RA 203 -4.10 -18.33 35.28
C ILE RA 203 -2.58 -18.32 35.14
N PRO RA 204 -1.90 -19.46 35.01
CA PRO RA 204 -0.45 -19.38 34.78
C PRO RA 204 -0.10 -18.78 33.43
N ASN RA 205 -0.87 -19.08 32.39
CA ASN RA 205 -0.66 -18.44 31.10
C ASN RA 205 -0.94 -16.95 31.17
N LEU RA 206 -1.70 -16.49 32.16
CA LEU RA 206 -1.88 -15.06 32.36
C LEU RA 206 -0.70 -14.46 33.11
N LEU RA 207 -0.24 -15.14 34.16
CA LEU RA 207 0.90 -14.62 34.93
C LEU RA 207 2.13 -14.51 34.05
N THR RA 208 2.39 -15.53 33.24
CA THR RA 208 3.54 -15.46 32.35
C THR RA 208 3.41 -14.33 31.35
N LEU RA 209 2.18 -14.01 30.94
CA LEU RA 209 1.97 -12.84 30.10
C LEU RA 209 2.19 -11.55 30.88
N GLY RA 210 1.92 -11.56 32.17
CA GLY RA 210 2.13 -10.38 32.99
C GLY RA 210 3.58 -10.21 33.39
N ALA RA 211 4.49 -10.69 32.55
CA ALA RA 211 5.91 -10.56 32.80
C ALA RA 211 6.70 -9.94 31.67
N GLN RA 212 6.38 -10.25 30.42
CA GLN RA 212 7.14 -9.69 29.31
C GLN RA 212 6.83 -8.22 29.10
N ASP RA 213 5.70 -7.72 29.59
CA ASP RA 213 5.27 -6.35 29.37
C ASP RA 213 5.07 -5.65 30.71
N GLY RA 214 4.79 -4.36 30.64
CA GLY RA 214 4.58 -3.56 31.83
C GLY RA 214 3.13 -3.35 32.19
N TYR RA 215 2.32 -2.99 31.20
CA TYR RA 215 0.89 -2.79 31.43
C TYR RA 215 0.23 -4.07 31.88
N ALA RA 216 0.61 -5.20 31.27
CA ALA RA 216 0.05 -6.49 31.66
C ALA RA 216 0.27 -6.76 33.13
N ASN RA 217 1.46 -6.45 33.65
CA ASN RA 217 1.68 -6.59 35.08
C ASN RA 217 0.94 -5.53 35.87
N ALA RA 218 0.73 -4.36 35.26
CA ALA RA 218 0.09 -3.28 36.00
C ALA RA 218 -1.36 -3.58 36.30
N VAL RA 219 -2.07 -4.22 35.38
CA VAL RA 219 -3.49 -4.46 35.60
C VAL RA 219 -3.73 -5.41 36.76
N ILE RA 220 -2.79 -6.29 37.06
CA ILE RA 220 -2.93 -7.22 38.18
C ILE RA 220 -2.59 -6.49 39.48
N GLN RA 221 -3.43 -6.67 40.50
CA GLN RA 221 -3.23 -5.97 41.76
C GLN RA 221 -2.07 -6.59 42.52
N LEU RA 222 -1.87 -6.12 43.76
CA LEU RA 222 -0.75 -6.55 44.59
C LEU RA 222 -1.15 -7.69 45.54
N GLY RA 223 -2.19 -7.48 46.35
CA GLY RA 223 -2.80 -8.55 47.10
C GLY RA 223 -3.84 -9.23 46.24
N SER RA 224 -3.39 -9.68 45.07
CA SER RA 224 -4.29 -9.96 43.96
C SER RA 224 -5.28 -11.07 44.25
N ALA RA 225 -5.01 -11.92 45.23
CA ALA RA 225 -5.83 -13.08 45.57
C ALA RA 225 -5.91 -14.09 44.43
N THR RA 226 -5.15 -13.88 43.37
CA THR RA 226 -4.99 -14.87 42.30
C THR RA 226 -3.54 -15.22 42.07
N ARG RA 227 -2.63 -14.24 42.13
CA ARG RA 227 -1.22 -14.57 42.11
C ARG RA 227 -0.84 -15.46 43.28
N GLU RA 228 -1.54 -15.32 44.40
CA GLU RA 228 -1.38 -16.22 45.52
C GLU RA 228 -1.84 -17.64 45.17
N LEU RA 229 -2.54 -17.82 44.06
CA LEU RA 229 -3.03 -19.13 43.65
C LEU RA 229 -2.25 -19.71 42.49
N GLY RA 230 -1.98 -18.91 41.45
CA GLY RA 230 -1.29 -19.42 40.29
C GLY RA 230 0.10 -19.94 40.58
N GLN RA 231 0.68 -19.54 41.70
CA GLN RA 231 2.00 -20.02 42.11
C GLN RA 231 1.93 -21.06 43.21
N LEU RA 232 0.76 -21.65 43.46
CA LEU RA 232 0.59 -22.65 44.50
C LEU RA 232 -0.12 -23.92 44.06
N VAL RA 233 -0.88 -23.88 42.98
CA VAL RA 233 -1.71 -25.01 42.57
C VAL RA 233 -1.64 -25.15 41.06
N ARG RA 234 -1.44 -26.36 40.58
CA ARG RA 234 -1.51 -26.65 39.15
C ARG RA 234 -2.86 -27.27 38.83
N GLN RA 235 -3.43 -26.88 37.70
CA GLN RA 235 -4.69 -27.43 37.26
C GLN RA 235 -4.53 -28.10 35.91
N PRO RA 236 -5.22 -29.21 35.65
CA PRO RA 236 -5.02 -29.95 34.42
C PRO RA 236 -5.80 -29.32 33.28
N PRO RA 237 -5.58 -29.75 32.04
CA PRO RA 237 -6.39 -29.26 30.92
C PRO RA 237 -7.87 -29.48 31.18
N PRO RA 238 -8.71 -28.55 30.74
CA PRO RA 238 -10.13 -28.63 31.09
C PRO RA 238 -10.80 -29.76 30.34
N PRO RA 239 -11.83 -30.37 30.93
CA PRO RA 239 -12.58 -31.42 30.21
C PRO RA 239 -13.42 -30.80 29.10
N LEU RA 240 -13.30 -31.34 27.91
CA LEU RA 240 -14.08 -30.83 26.79
C LEU RA 240 -15.56 -30.91 27.14
N PRO RA 241 -16.30 -29.80 27.07
CA PRO RA 241 -17.71 -29.85 27.41
C PRO RA 241 -18.52 -30.56 26.34
N GLN RA 242 -19.75 -30.92 26.72
CA GLN RA 242 -20.64 -31.57 25.78
C GLN RA 242 -20.86 -30.72 24.55
N ASP RA 243 -20.59 -31.29 23.38
CA ASP RA 243 -20.77 -30.63 22.10
C ASP RA 243 -19.88 -29.39 21.98
N HIS RA 244 -18.57 -29.63 22.05
CA HIS RA 244 -17.60 -28.56 21.84
C HIS RA 244 -17.45 -28.19 20.39
N ALA RA 245 -18.35 -28.64 19.53
CA ALA RA 245 -18.36 -28.30 18.12
C ALA RA 245 -19.47 -27.34 17.75
N ARG RA 246 -20.67 -27.54 18.28
CA ARG RA 246 -21.80 -26.70 17.92
C ARG RA 246 -21.67 -25.32 18.55
N ARG RA 247 -21.53 -25.27 19.87
CA ARG RA 247 -21.53 -24.03 20.63
C ARG RA 247 -20.18 -23.80 21.27
N PHE RA 248 -20.01 -22.59 21.79
CA PHE RA 248 -18.78 -22.17 22.46
C PHE RA 248 -19.19 -21.47 23.75
N CYS RA 249 -18.51 -21.84 24.84
CA CYS RA 249 -18.96 -21.49 26.18
C CYS RA 249 -18.32 -20.22 26.73
N VAL RA 250 -17.05 -19.96 26.40
CA VAL RA 250 -16.36 -18.78 26.92
C VAL RA 250 -17.16 -17.52 26.61
N PHE RA 251 -17.70 -17.45 25.39
CA PHE RA 251 -18.48 -16.28 25.02
C PHE RA 251 -19.70 -16.11 25.92
N GLU RA 252 -20.40 -17.20 26.20
CA GLU RA 252 -21.59 -17.11 27.03
C GLU RA 252 -21.25 -16.68 28.45
N ALA RA 253 -20.19 -17.26 29.02
CA ALA RA 253 -19.80 -16.89 30.36
C ALA RA 253 -19.40 -15.42 30.43
N LEU RA 254 -18.69 -14.94 29.42
CA LEU RA 254 -18.27 -13.54 29.44
C LEU RA 254 -19.45 -12.59 29.29
N GLU RA 255 -20.41 -12.93 28.41
CA GLU RA 255 -21.60 -12.11 28.29
C GLU RA 255 -22.37 -12.07 29.61
N ALA RA 256 -22.51 -13.22 30.26
CA ALA RA 256 -23.17 -13.26 31.55
C ALA RA 256 -22.45 -12.38 32.57
N TRP RA 257 -21.12 -12.42 32.56
CA TRP RA 257 -20.39 -11.64 33.55
C TRP RA 257 -20.53 -10.15 33.29
N ILE RA 258 -20.55 -9.73 32.02
CA ILE RA 258 -20.80 -8.33 31.72
C ILE RA 258 -22.17 -7.92 32.25
N ALA RA 259 -23.19 -8.73 31.94
CA ALA RA 259 -24.54 -8.43 32.37
C ALA RA 259 -24.62 -8.29 33.88
N SER RA 260 -23.88 -9.12 34.61
CA SER RA 260 -23.92 -9.05 36.07
C SER RA 260 -23.18 -7.81 36.58
N ALA RA 261 -21.92 -7.63 36.15
CA ALA RA 261 -21.11 -6.56 36.70
C ALA RA 261 -21.65 -5.19 36.36
N SER RA 262 -22.40 -5.07 35.26
CA SER RA 262 -23.02 -3.79 34.93
C SER RA 262 -24.05 -3.39 35.98
N ARG RA 263 -24.51 -4.33 36.80
CA ARG RA 263 -25.56 -4.07 37.77
C ARG RA 263 -25.19 -4.63 39.13
N LEU RA 264 -23.91 -4.81 39.40
CA LEU RA 264 -23.49 -5.25 40.72
C LEU RA 264 -23.36 -4.09 41.69
N GLY RA 265 -22.91 -2.94 41.22
CA GLY RA 265 -22.72 -1.82 42.12
C GLY RA 265 -24.01 -1.33 42.72
N ASP RA 266 -25.07 -1.23 41.90
CA ASP RA 266 -26.31 -0.66 42.38
C ASP RA 266 -27.02 -1.61 43.33
N THR RA 267 -26.96 -2.91 43.07
CA THR RA 267 -27.68 -3.89 43.88
C THR RA 267 -27.22 -3.89 45.33
N LEU RA 268 -26.03 -3.39 45.62
CA LEU RA 268 -25.57 -3.23 47.00
C LEU RA 268 -25.69 -1.82 47.53
N GLY RA 269 -25.46 -0.81 46.70
CA GLY RA 269 -25.60 0.56 47.13
C GLY RA 269 -26.84 1.22 46.57
N THR RA 270 -26.66 2.22 45.72
CA THR RA 270 -27.78 2.93 45.13
C THR RA 270 -27.33 3.49 43.79
N ARG RA 271 -28.23 3.47 42.81
CA ARG RA 271 -27.91 4.02 41.51
C ARG RA 271 -27.54 5.49 41.63
N PRO RA 272 -26.60 5.97 40.82
CA PRO RA 272 -26.35 7.42 40.82
C PRO RA 272 -27.60 8.15 40.40
N VAL RA 273 -27.97 9.15 41.18
CA VAL RA 273 -29.28 9.77 41.02
C VAL RA 273 -29.27 11.02 40.16
N ALA RA 274 -28.14 11.74 40.10
CA ALA RA 274 -28.06 12.96 39.32
C ALA RA 274 -26.60 13.25 39.00
N ARG RA 275 -26.38 13.92 37.88
CA ARG RA 275 -25.04 14.32 37.49
C ARG RA 275 -24.93 15.83 37.53
N VAL RA 276 -23.75 16.31 37.89
CA VAL RA 276 -23.55 17.73 38.16
C VAL RA 276 -23.22 18.46 36.86
N CYS RA 277 -23.92 19.55 36.61
CA CYS RA 277 -23.61 20.43 35.49
C CYS RA 277 -23.66 21.86 36.00
N ILE RA 278 -22.62 22.63 35.70
CA ILE RA 278 -22.57 24.03 36.09
C ILE RA 278 -22.09 24.84 34.89
N PHE RA 279 -22.77 25.94 34.60
CA PHE RA 279 -22.50 26.69 33.39
C PHE RA 279 -21.50 27.81 33.58
N ASP RA 280 -21.44 28.40 34.75
CA ASP RA 280 -20.60 29.58 34.93
C ASP RA 280 -19.68 29.50 36.13
N GLY RA 281 -20.12 28.92 37.24
CA GLY RA 281 -19.36 28.96 38.46
C GLY RA 281 -18.06 28.18 38.37
N PRO RA 282 -17.23 28.28 39.40
CA PRO RA 282 -15.98 27.53 39.41
C PRO RA 282 -16.27 26.04 39.39
N PRO RA 283 -15.42 25.25 38.75
CA PRO RA 283 -15.73 23.83 38.53
C PRO RA 283 -16.01 23.05 39.80
N THR RA 284 -15.06 23.03 40.72
CA THR RA 284 -15.21 22.26 41.94
C THR RA 284 -16.01 23.05 42.97
N VAL RA 285 -17.01 22.41 43.57
CA VAL RA 285 -17.80 23.06 44.60
C VAL RA 285 -17.46 22.43 45.95
N PRO RA 286 -17.20 23.24 46.97
CA PRO RA 286 -16.75 22.70 48.25
C PRO RA 286 -17.92 22.18 49.06
N PRO RA 287 -17.64 21.49 50.17
CA PRO RA 287 -18.75 21.03 51.03
C PRO RA 287 -19.54 22.19 51.60
N GLY RA 288 -20.84 21.95 51.79
CA GLY RA 288 -21.70 22.95 52.39
C GLY RA 288 -22.17 24.04 51.47
N GLU RA 289 -21.96 23.91 50.16
CA GLU RA 289 -22.31 24.95 49.22
C GLU RA 289 -23.18 24.38 48.11
N LYS RA 290 -24.22 25.12 47.74
CA LYS RA 290 -25.16 24.65 46.74
C LYS RA 290 -24.53 24.64 45.36
N ALA RA 291 -24.97 23.70 44.52
CA ALA RA 291 -24.44 23.56 43.17
C ALA RA 291 -25.53 22.99 42.28
N ALA RA 292 -25.69 23.59 41.10
CA ALA RA 292 -26.71 23.15 40.16
C ALA RA 292 -26.49 21.68 39.79
N VAL RA 293 -27.51 21.09 39.20
CA VAL RA 293 -27.49 19.66 38.90
C VAL RA 293 -28.56 19.37 37.87
N VAL RA 294 -28.43 18.24 37.19
CA VAL RA 294 -29.50 17.66 36.40
C VAL RA 294 -29.62 16.19 36.79
N GLU RA 295 -30.85 15.69 36.86
CA GLU RA 295 -31.08 14.34 37.31
C GLU RA 295 -31.01 13.36 36.16
N VAL RA 296 -30.88 12.08 36.50
CA VAL RA 296 -30.85 11.02 35.52
C VAL RA 296 -31.77 9.89 35.94
N ARG SA 24 -84.38 2.58 -151.97
CA ARG SA 24 -83.93 2.47 -153.35
C ARG SA 24 -82.98 1.29 -153.52
N ALA SA 25 -82.60 1.02 -154.76
CA ALA SA 25 -81.73 -0.10 -155.07
C ALA SA 25 -80.38 0.42 -155.54
N ARG SA 26 -79.37 -0.44 -155.47
CA ARG SA 26 -78.02 -0.05 -155.85
C ARG SA 26 -77.54 -0.87 -157.03
N LEU SA 27 -76.74 -0.22 -157.88
CA LEU SA 27 -76.44 -0.75 -159.20
C LEU SA 27 -74.96 -1.08 -159.34
N ILE SA 28 -74.65 -1.74 -160.46
CA ILE SA 28 -73.29 -2.09 -160.84
C ILE SA 28 -73.10 -1.63 -162.28
N ARG SA 29 -71.93 -1.05 -162.58
CA ARG SA 29 -71.58 -0.71 -163.95
C ARG SA 29 -70.28 -1.42 -164.30
N GLN SA 30 -70.26 -2.11 -165.44
CA GLN SA 30 -69.07 -2.83 -165.88
C GLN SA 30 -68.90 -2.63 -167.37
N VAL SA 31 -67.92 -1.82 -167.75
CA VAL SA 31 -67.58 -1.68 -169.17
C VAL SA 31 -67.00 -2.99 -169.68
N THR SA 32 -67.32 -3.33 -170.92
CA THR SA 32 -66.95 -4.64 -171.46
C THR SA 32 -67.15 -4.64 -172.97
N LEU SA 33 -66.94 -5.81 -173.56
CA LEU SA 33 -67.08 -6.00 -174.99
C LEU SA 33 -68.47 -6.51 -175.34
N ALA SA 34 -68.95 -6.10 -176.51
CA ALA SA 34 -70.26 -6.52 -177.00
C ALA SA 34 -70.17 -7.91 -177.63
N ASP SA 35 -69.68 -8.87 -176.85
CA ASP SA 35 -69.50 -10.24 -177.32
C ASP SA 35 -70.74 -11.10 -177.10
N PHE SA 36 -71.17 -11.23 -175.84
CA PHE SA 36 -72.20 -12.17 -175.47
C PHE SA 36 -73.51 -11.53 -175.04
N CYS SA 37 -73.47 -10.37 -174.39
CA CYS SA 37 -74.68 -9.66 -174.00
C CYS SA 37 -74.72 -8.39 -174.85
N GLU SA 38 -75.84 -8.16 -175.52
CA GLU SA 38 -75.75 -7.10 -176.51
C GLU SA 38 -76.87 -6.08 -176.24
N PRO SA 39 -76.63 -5.12 -175.35
CA PRO SA 39 -77.72 -4.40 -174.67
C PRO SA 39 -78.58 -3.55 -175.58
N GLN SA 40 -78.19 -3.31 -176.82
CA GLN SA 40 -79.12 -2.70 -177.75
C GLN SA 40 -80.04 -3.72 -178.41
N ALA SA 41 -79.56 -4.95 -178.63
CA ALA SA 41 -80.41 -5.98 -179.24
C ALA SA 41 -81.60 -6.39 -178.35
N GLU SA 42 -81.42 -6.54 -177.04
CA GLU SA 42 -82.52 -6.90 -176.15
C GLU SA 42 -83.02 -5.64 -175.46
N ARG SA 43 -84.27 -5.64 -175.03
CA ARG SA 43 -84.68 -4.50 -174.21
C ARG SA 43 -84.33 -4.78 -172.75
N PRO SA 44 -84.38 -3.80 -171.85
CA PRO SA 44 -83.96 -4.05 -170.47
C PRO SA 44 -84.78 -5.15 -169.81
N GLY SA 45 -84.32 -5.55 -168.64
CA GLY SA 45 -85.04 -6.54 -167.86
C GLY SA 45 -84.75 -7.99 -168.19
N LEU SA 46 -83.48 -8.39 -168.09
CA LEU SA 46 -83.10 -9.79 -168.22
C LEU SA 46 -81.77 -9.99 -167.53
N VAL SA 47 -81.60 -11.12 -166.85
CA VAL SA 47 -80.46 -11.30 -165.98
C VAL SA 47 -79.19 -11.44 -166.80
N VAL SA 48 -78.09 -10.92 -166.27
CA VAL SA 48 -76.79 -10.99 -166.90
C VAL SA 48 -75.84 -11.71 -165.96
N LEU SA 49 -74.81 -12.34 -166.53
CA LEU SA 49 -73.86 -13.11 -165.76
C LEU SA 49 -72.47 -12.56 -165.96
N ALA SA 50 -71.62 -12.74 -164.96
CA ALA SA 50 -70.22 -12.33 -165.04
C ALA SA 50 -69.36 -13.56 -165.30
N LEU SA 51 -68.52 -13.48 -166.33
CA LEU SA 51 -67.66 -14.59 -166.71
C LEU SA 51 -66.25 -14.38 -166.17
N ARG SA 52 -65.77 -15.39 -165.46
CA ARG SA 52 -64.42 -15.47 -164.93
C ARG SA 52 -63.39 -15.24 -166.03
N HIS SA 53 -62.20 -14.81 -165.62
CA HIS SA 53 -61.07 -14.77 -166.54
C HIS SA 53 -60.71 -16.20 -166.93
N PRO SA 54 -60.58 -16.50 -168.22
CA PRO SA 54 -60.39 -17.89 -168.62
C PRO SA 54 -59.01 -18.45 -168.33
N ALA SA 55 -58.03 -17.59 -168.07
CA ALA SA 55 -56.68 -18.08 -167.83
C ALA SA 55 -56.64 -19.03 -166.65
N ASP SA 56 -57.26 -18.66 -165.54
CA ASP SA 56 -57.19 -19.51 -164.36
C ASP SA 56 -58.02 -20.77 -164.54
N LEU SA 57 -59.09 -20.74 -165.33
CA LEU SA 57 -59.81 -21.96 -165.66
C LEU SA 57 -58.90 -22.92 -166.42
N ALA SA 58 -58.27 -22.43 -167.48
CA ALA SA 58 -57.36 -23.27 -168.26
C ALA SA 58 -56.24 -23.82 -167.38
N GLY SA 59 -55.76 -23.01 -166.43
CA GLY SA 59 -54.73 -23.49 -165.54
C GLY SA 59 -55.22 -24.58 -164.59
N ALA SA 60 -56.29 -24.28 -163.85
CA ALA SA 60 -56.84 -25.23 -162.89
C ALA SA 60 -57.26 -26.53 -163.53
N ALA SA 61 -57.60 -26.51 -164.82
CA ALA SA 61 -57.84 -27.76 -165.52
C ALA SA 61 -56.65 -28.70 -165.37
N TYR SA 62 -55.44 -28.20 -165.66
CA TYR SA 62 -54.23 -29.03 -165.66
C TYR SA 62 -54.16 -29.94 -164.45
N ALA SA 63 -54.69 -29.51 -163.31
CA ALA SA 63 -54.72 -30.32 -162.11
C ALA SA 63 -56.08 -30.91 -161.81
N ALA SA 64 -57.13 -30.49 -162.52
CA ALA SA 64 -58.49 -30.86 -162.16
C ALA SA 64 -59.10 -31.95 -163.02
N THR SA 65 -58.71 -32.08 -164.29
CA THR SA 65 -59.32 -33.12 -165.11
C THR SA 65 -58.97 -34.50 -164.54
N PRO SA 66 -59.93 -35.41 -164.51
CA PRO SA 66 -59.73 -36.68 -163.80
C PRO SA 66 -58.72 -37.56 -164.52
N PRO SA 67 -58.37 -38.72 -163.95
CA PRO SA 67 -57.47 -39.63 -164.66
C PRO SA 67 -58.12 -40.23 -165.88
N GLY SA 68 -57.28 -40.58 -166.86
CA GLY SA 68 -57.75 -41.19 -168.09
C GLY SA 68 -58.19 -40.21 -169.16
N LYS SA 69 -58.87 -39.15 -168.78
CA LYS SA 69 -59.37 -38.20 -169.75
C LYS SA 69 -58.25 -37.31 -170.29
N ASN SA 70 -58.61 -36.44 -171.23
CA ASN SA 70 -57.67 -35.46 -171.73
C ASN SA 70 -57.43 -34.38 -170.67
N HIS SA 71 -56.24 -33.78 -170.73
CA HIS SA 71 -55.84 -32.78 -169.75
C HIS SA 71 -55.44 -31.46 -170.40
N ARG SA 72 -55.66 -31.31 -171.71
CA ARG SA 72 -55.42 -30.04 -172.38
C ARG SA 72 -56.53 -29.66 -173.36
N ASP SA 73 -57.65 -30.38 -173.34
CA ASP SA 73 -58.69 -30.14 -174.33
C ASP SA 73 -59.45 -28.85 -174.07
N LEU SA 74 -59.52 -28.41 -172.81
CA LEU SA 74 -60.14 -27.12 -172.53
C LEU SA 74 -59.26 -25.97 -173.02
N GLU SA 75 -57.94 -26.09 -172.85
CA GLU SA 75 -57.01 -25.17 -173.51
C GLU SA 75 -57.37 -24.95 -174.96
N GLU SA 76 -57.52 -26.05 -175.71
CA GLU SA 76 -57.81 -25.95 -177.13
C GLU SA 76 -59.19 -25.36 -177.38
N ALA SA 77 -60.19 -25.83 -176.62
CA ALA SA 77 -61.55 -25.33 -176.80
C ALA SA 77 -61.61 -23.83 -176.59
N TRP SA 78 -60.89 -23.32 -175.59
CA TRP SA 78 -60.83 -21.88 -175.42
C TRP SA 78 -60.09 -21.19 -176.55
N LEU SA 79 -58.89 -21.69 -176.89
CA LEU SA 79 -58.13 -21.06 -177.98
C LEU SA 79 -58.92 -21.01 -179.27
N ALA SA 80 -59.88 -21.91 -179.45
CA ALA SA 80 -60.73 -21.90 -180.64
C ALA SA 80 -61.76 -20.78 -180.62
N LEU SA 81 -61.75 -19.87 -179.66
CA LEU SA 81 -62.75 -18.80 -179.58
C LEU SA 81 -62.05 -17.44 -179.54
N ASP SA 82 -61.10 -17.25 -180.44
CA ASP SA 82 -60.30 -16.04 -180.45
C ASP SA 82 -60.03 -15.50 -181.86
N ARG SA 94 -61.57 -6.77 -171.90
CA ARG SA 94 -61.88 -8.17 -172.20
C ARG SA 94 -63.39 -8.37 -172.29
N ALA SA 95 -63.81 -9.49 -172.86
CA ALA SA 95 -65.21 -9.87 -172.88
C ALA SA 95 -65.60 -10.57 -171.57
N SER SA 96 -66.54 -9.99 -170.84
CA SER SA 96 -66.76 -10.41 -169.46
C SER SA 96 -68.19 -10.85 -169.15
N VAL SA 97 -69.20 -10.19 -169.72
CA VAL SA 97 -70.57 -10.49 -169.37
C VAL SA 97 -71.16 -11.42 -170.41
N VAL SA 98 -72.24 -12.11 -170.03
CA VAL SA 98 -72.99 -12.95 -170.94
C VAL SA 98 -74.44 -12.92 -170.48
N SER SA 99 -75.34 -12.54 -171.38
CA SER SA 99 -76.75 -12.53 -171.04
C SER SA 99 -77.27 -13.95 -170.98
N LEU SA 100 -78.15 -14.21 -170.02
CA LEU SA 100 -78.79 -15.51 -169.95
C LEU SA 100 -79.52 -15.82 -171.25
N ASN SA 101 -80.14 -14.80 -171.86
CA ASN SA 101 -80.80 -15.01 -173.14
C ASN SA 101 -79.86 -15.62 -174.16
N PHE SA 102 -78.57 -15.29 -174.08
CA PHE SA 102 -77.58 -15.88 -174.98
C PHE SA 102 -77.16 -17.26 -174.52
N LEU SA 103 -76.94 -17.45 -173.22
CA LEU SA 103 -76.41 -18.72 -172.73
C LEU SA 103 -77.41 -19.85 -172.90
N VAL SA 104 -78.69 -19.58 -172.63
CA VAL SA 104 -79.71 -20.62 -172.74
C VAL SA 104 -79.75 -21.21 -174.14
N ALA SA 105 -79.43 -20.40 -175.15
CA ALA SA 105 -79.42 -20.90 -176.52
C ALA SA 105 -78.32 -21.94 -176.72
N ALA SA 106 -77.15 -21.71 -176.15
CA ALA SA 106 -76.04 -22.64 -176.31
C ALA SA 106 -76.08 -23.73 -175.26
N ALA SA 107 -77.21 -24.43 -175.19
CA ALA SA 107 -77.30 -25.62 -174.37
C ALA SA 107 -78.16 -26.64 -175.10
N GLU SA 108 -78.28 -27.83 -174.52
CA GLU SA 108 -79.22 -28.81 -175.04
C GLU SA 108 -80.63 -28.21 -175.08
N ASN SA 109 -81.19 -27.94 -173.91
CA ASN SA 109 -82.57 -27.51 -173.86
C ASN SA 109 -82.71 -26.05 -174.31
N ALA SA 110 -83.67 -25.84 -175.21
CA ALA SA 110 -83.92 -24.60 -175.94
C ALA SA 110 -85.05 -24.87 -176.91
N ASP SA 111 -85.87 -23.86 -177.14
CA ASP SA 111 -86.86 -23.99 -178.20
C ASP SA 111 -86.37 -23.18 -179.40
N ASP SA 112 -86.34 -23.82 -180.58
CA ASP SA 112 -85.61 -23.26 -181.72
C ASP SA 112 -86.05 -21.85 -182.08
N ALA SA 113 -87.23 -21.42 -181.62
CA ALA SA 113 -87.64 -20.04 -181.84
C ALA SA 113 -86.62 -19.08 -181.24
N LEU SA 114 -86.11 -19.41 -180.05
CA LEU SA 114 -85.14 -18.53 -179.40
C LEU SA 114 -83.79 -18.57 -180.09
N ARG SA 115 -83.40 -19.74 -180.61
CA ARG SA 115 -82.21 -19.77 -181.46
C ARG SA 115 -82.35 -18.84 -182.64
N ALA SA 116 -83.49 -18.91 -183.34
CA ALA SA 116 -83.71 -18.05 -184.49
C ALA SA 116 -83.66 -16.58 -184.09
N HIS SA 117 -84.27 -16.25 -182.94
CA HIS SA 117 -84.24 -14.87 -182.46
C HIS SA 117 -82.81 -14.40 -182.20
N VAL SA 118 -82.05 -15.17 -181.42
CA VAL SA 118 -80.67 -14.79 -181.12
C VAL SA 118 -79.85 -14.66 -182.39
N THR SA 119 -80.07 -15.55 -183.36
CA THR SA 119 -79.27 -15.51 -184.58
C THR SA 119 -79.60 -14.32 -185.46
N THR SA 120 -80.89 -14.10 -185.75
CA THR SA 120 -81.29 -13.11 -186.75
C THR SA 120 -81.53 -11.74 -186.15
N ASN SA 121 -81.51 -11.61 -184.84
CA ASN SA 121 -81.87 -10.39 -184.14
C ASN SA 121 -80.67 -9.70 -183.52
N TYR SA 122 -79.65 -10.49 -183.15
CA TYR SA 122 -78.34 -9.92 -182.83
C TYR SA 122 -77.73 -9.29 -184.07
N ARG SA 123 -77.27 -8.04 -183.94
CA ARG SA 123 -76.61 -7.39 -185.07
C ARG SA 123 -75.32 -8.08 -185.47
N ASP SA 124 -74.70 -8.79 -184.54
CA ASP SA 124 -73.25 -8.92 -184.62
C ASP SA 124 -72.86 -9.92 -185.72
N ARG SA 125 -71.72 -9.65 -186.34
CA ARG SA 125 -71.02 -10.57 -187.22
C ARG SA 125 -70.80 -11.92 -186.55
N ARG SA 126 -70.64 -12.96 -187.40
CA ARG SA 126 -70.04 -14.24 -187.05
C ARG SA 126 -70.69 -14.87 -185.81
N THR SA 127 -71.91 -14.45 -185.49
CA THR SA 127 -72.52 -14.76 -184.20
C THR SA 127 -72.84 -16.23 -184.04
N ALA SA 128 -73.47 -16.86 -185.04
CA ALA SA 128 -73.84 -18.26 -184.93
C ALA SA 128 -72.61 -19.14 -184.71
N ALA SA 129 -71.52 -18.84 -185.42
CA ALA SA 129 -70.27 -19.55 -185.21
C ALA SA 129 -69.82 -19.43 -183.76
N ARG SA 130 -69.85 -18.22 -183.21
CA ARG SA 130 -69.47 -18.02 -181.82
C ARG SA 130 -70.37 -18.83 -180.87
N LEU SA 131 -71.67 -18.88 -181.15
CA LEU SA 131 -72.56 -19.67 -180.32
C LEU SA 131 -72.13 -21.13 -180.33
N GLU SA 132 -71.78 -21.64 -181.51
CA GLU SA 132 -71.32 -23.02 -181.62
C GLU SA 132 -70.06 -23.25 -180.80
N ARG SA 133 -69.09 -22.33 -180.91
CA ARG SA 133 -67.84 -22.47 -180.17
C ARG SA 133 -68.11 -22.43 -178.66
N PHE SA 134 -69.00 -21.55 -178.21
CA PHE SA 134 -69.34 -21.48 -176.79
C PHE SA 134 -69.95 -22.79 -176.31
N ALA SA 135 -70.83 -23.38 -177.13
CA ALA SA 135 -71.35 -24.69 -176.79
C ALA SA 135 -70.22 -25.69 -176.59
N THR SA 136 -69.27 -25.71 -177.50
CA THR SA 136 -68.13 -26.63 -177.36
C THR SA 136 -67.33 -26.33 -176.10
N VAL SA 137 -67.24 -25.04 -175.74
CA VAL SA 137 -66.51 -24.66 -174.53
C VAL SA 137 -67.17 -25.25 -173.30
N LEU SA 138 -68.48 -25.05 -173.15
CA LEU SA 138 -69.16 -25.55 -171.96
C LEU SA 138 -69.13 -27.08 -171.90
N ARG SA 139 -69.31 -27.73 -173.05
CA ARG SA 139 -69.20 -29.19 -173.05
C ARG SA 139 -67.80 -29.66 -172.70
N ALA SA 140 -66.77 -28.87 -173.02
CA ALA SA 140 -65.44 -29.22 -172.56
C ALA SA 140 -65.29 -28.99 -171.06
N MET SA 141 -65.93 -27.93 -170.54
CA MET SA 141 -65.82 -27.59 -169.13
C MET SA 141 -66.31 -28.73 -168.25
N ILE SA 142 -67.45 -29.32 -168.59
CA ILE SA 142 -67.97 -30.41 -167.78
C ILE SA 142 -67.11 -31.65 -167.93
N ARG SA 143 -66.56 -31.87 -169.13
CA ARG SA 143 -65.70 -33.03 -169.32
C ARG SA 143 -64.43 -32.93 -168.48
N SER SA 144 -63.92 -31.72 -168.27
CA SER SA 144 -62.68 -31.54 -167.54
C SER SA 144 -62.89 -31.33 -166.04
N HIS SA 145 -64.10 -31.60 -165.56
CA HIS SA 145 -64.44 -31.49 -164.14
C HIS SA 145 -64.12 -30.12 -163.55
N VAL SA 146 -64.12 -29.08 -164.36
CA VAL SA 146 -64.19 -27.72 -163.87
C VAL SA 146 -65.53 -27.17 -164.30
N PHE SA 147 -66.50 -27.22 -163.40
CA PHE SA 147 -67.88 -27.03 -163.78
C PHE SA 147 -68.19 -25.55 -163.99
N PRO SA 148 -69.08 -25.25 -164.94
CA PRO SA 148 -69.34 -23.83 -165.27
C PRO SA 148 -69.91 -23.03 -164.11
N HIS SA 149 -70.56 -23.68 -163.15
CA HIS SA 149 -71.03 -22.94 -161.99
C HIS SA 149 -69.88 -22.33 -161.21
N ARG SA 150 -68.67 -22.87 -161.35
CA ARG SA 150 -67.46 -22.25 -160.84
C ARG SA 150 -66.83 -21.33 -161.87
N ALA SA 151 -67.61 -20.84 -162.84
CA ALA SA 151 -67.08 -19.94 -163.85
C ALA SA 151 -68.04 -18.82 -164.21
N LEU SA 152 -69.21 -18.75 -163.57
CA LEU SA 152 -70.24 -17.76 -163.94
C LEU SA 152 -70.94 -17.27 -162.66
N HIS SA 153 -70.46 -16.18 -162.11
CA HIS SA 153 -71.20 -15.47 -161.07
C HIS SA 153 -72.33 -14.69 -161.74
N VAL SA 154 -73.41 -14.46 -160.99
CA VAL SA 154 -74.62 -13.88 -161.55
C VAL SA 154 -74.77 -12.45 -161.04
N LEU SA 155 -75.00 -11.53 -161.96
CA LEU SA 155 -75.35 -10.16 -161.61
C LEU SA 155 -76.85 -9.98 -161.75
N GLY SA 156 -77.33 -8.75 -161.55
CA GLY SA 156 -78.75 -8.46 -161.65
C GLY SA 156 -79.18 -8.27 -163.09
N GLY SA 157 -80.39 -7.72 -163.24
CA GLY SA 157 -80.94 -7.46 -164.56
C GLY SA 157 -80.50 -6.11 -165.08
N LEU SA 158 -80.01 -6.10 -166.32
CA LEU SA 158 -79.50 -4.87 -166.90
C LEU SA 158 -80.64 -3.90 -167.15
N LEU SA 159 -80.31 -2.62 -167.12
CA LEU SA 159 -81.29 -1.60 -167.44
C LEU SA 159 -80.79 -0.56 -168.44
N GLY SA 160 -79.49 -0.26 -168.44
CA GLY SA 160 -78.96 0.80 -169.27
C GLY SA 160 -77.64 0.41 -169.90
N HIS SA 161 -77.24 1.21 -170.90
CA HIS SA 161 -76.03 0.95 -171.64
C HIS SA 161 -75.72 2.12 -172.56
N VAL SA 162 -74.45 2.41 -172.74
CA VAL SA 162 -73.96 3.29 -173.79
C VAL SA 162 -72.90 2.50 -174.57
N THR SA 163 -72.99 2.54 -175.89
CA THR SA 163 -72.17 1.67 -176.72
C THR SA 163 -71.34 2.52 -177.66
N GLN SA 164 -70.03 2.22 -177.72
CA GLN SA 164 -69.20 2.65 -178.84
C GLN SA 164 -69.30 1.59 -179.91
N ASP SA 165 -68.38 1.59 -180.87
CA ASP SA 165 -68.33 0.51 -181.85
C ASP SA 165 -67.69 -0.73 -181.23
N ARG SA 166 -68.53 -1.72 -180.92
CA ARG SA 166 -68.09 -2.98 -180.30
C ARG SA 166 -67.41 -2.72 -178.96
N LEU SA 167 -68.04 -1.90 -178.12
CA LEU SA 167 -67.62 -1.76 -176.72
C LEU SA 167 -68.76 -1.12 -175.95
N ALA SA 168 -69.23 -1.81 -174.91
CA ALA SA 168 -70.44 -1.42 -174.19
C ALA SA 168 -70.13 -1.21 -172.72
N SER SA 169 -71.09 -0.59 -172.02
CA SER SA 169 -71.03 -0.43 -170.56
C SER SA 169 -72.42 -0.69 -170.02
N VAL SA 170 -72.70 -1.96 -169.69
CA VAL SA 170 -74.01 -2.34 -169.19
C VAL SA 170 -74.12 -1.92 -167.73
N THR SA 171 -75.36 -1.81 -167.25
CA THR SA 171 -75.64 -1.43 -165.87
C THR SA 171 -76.81 -2.28 -165.39
N CYS SA 172 -76.62 -2.99 -164.28
CA CYS SA 172 -77.63 -3.88 -163.74
C CYS SA 172 -77.84 -3.59 -162.27
N VAL SA 173 -79.06 -3.89 -161.78
CA VAL SA 173 -79.32 -3.82 -160.37
C VAL SA 173 -78.56 -4.92 -159.64
N ALA SA 174 -78.42 -4.76 -158.33
CA ALA SA 174 -77.76 -5.75 -157.49
C ALA SA 174 -78.50 -6.11 -156.23
N ARG SA 175 -79.28 -5.19 -155.66
CA ARG SA 175 -80.13 -5.47 -154.52
C ARG SA 175 -81.44 -4.72 -154.73
N GLY SA 176 -82.35 -4.85 -153.78
CA GLY SA 176 -83.60 -4.17 -153.90
C GLY SA 176 -84.43 -4.70 -155.04
N ASP SA 177 -85.60 -4.08 -155.23
CA ASP SA 177 -86.50 -4.55 -156.26
C ASP SA 177 -86.17 -3.85 -157.57
N GLN SA 178 -86.47 -4.53 -158.67
CA GLN SA 178 -86.05 -4.08 -160.00
C GLN SA 178 -86.54 -2.67 -160.31
N GLU SA 179 -87.84 -2.43 -160.12
CA GLU SA 179 -88.46 -1.20 -160.59
C GLU SA 179 -88.20 -0.01 -159.68
N ALA SA 180 -87.24 -0.11 -158.76
CA ALA SA 180 -86.75 1.09 -158.09
C ALA SA 180 -85.79 1.88 -158.97
N ALA SA 181 -85.40 1.31 -160.11
CA ALA SA 181 -84.41 1.92 -160.99
C ALA SA 181 -85.07 2.99 -161.86
N ARG SA 182 -84.33 3.48 -162.86
CA ARG SA 182 -84.86 4.52 -163.75
C ARG SA 182 -84.11 4.39 -165.08
N THR SA 183 -84.79 3.81 -166.07
CA THR SA 183 -84.17 3.58 -167.38
C THR SA 183 -84.32 4.84 -168.24
N ASN SA 184 -83.39 5.05 -169.16
CA ASN SA 184 -83.41 6.23 -170.03
C ASN SA 184 -84.11 5.94 -171.35
N ASP SA 185 -85.10 5.06 -171.31
CA ASP SA 185 -85.93 4.78 -172.47
C ASP SA 185 -86.92 5.91 -172.75
N MET SA 186 -87.55 6.44 -171.71
CA MET SA 186 -88.61 7.45 -171.73
C MET SA 186 -89.92 6.95 -172.32
N ALA SA 187 -89.98 5.71 -172.80
CA ALA SA 187 -91.25 5.08 -173.09
C ALA SA 187 -91.76 4.24 -171.92
N ALA SA 188 -90.85 3.51 -171.28
CA ALA SA 188 -91.14 2.77 -170.05
C ALA SA 188 -89.96 3.02 -169.11
N ARG SA 189 -90.10 4.04 -168.27
CA ARG SA 189 -89.04 4.37 -167.31
C ARG SA 189 -88.66 3.15 -166.48
N ARG SA 190 -89.61 2.55 -165.80
CA ARG SA 190 -89.35 1.35 -165.03
C ARG SA 190 -89.30 0.15 -165.99
N SER SA 191 -89.07 -1.03 -165.45
CA SER SA 191 -88.93 -2.23 -166.26
C SER SA 191 -89.57 -3.39 -165.53
N GLN SA 192 -89.25 -4.60 -165.96
CA GLN SA 192 -89.57 -5.83 -165.25
C GLN SA 192 -88.41 -6.79 -165.46
N VAL SA 193 -88.64 -8.07 -165.19
CA VAL SA 193 -87.64 -9.10 -165.41
C VAL SA 193 -88.20 -10.11 -166.41
N HIS SA 194 -87.46 -10.35 -167.48
CA HIS SA 194 -87.91 -11.24 -168.55
C HIS SA 194 -87.03 -12.48 -168.56
N VAL SA 195 -87.66 -13.64 -168.60
CA VAL SA 195 -86.95 -14.92 -168.65
C VAL SA 195 -87.52 -15.75 -169.80
N PRO SA 196 -86.68 -16.37 -170.63
CA PRO SA 196 -87.21 -17.20 -171.71
C PRO SA 196 -88.08 -18.33 -171.15
N ALA SA 197 -89.36 -18.29 -171.50
CA ALA SA 197 -90.32 -19.23 -170.94
C ALA SA 197 -89.99 -20.68 -171.29
N CYS SA 198 -89.16 -20.91 -172.30
CA CYS SA 198 -88.76 -22.26 -172.65
C CYS SA 198 -88.00 -22.94 -171.52
N ALA SA 199 -87.27 -22.19 -170.70
CA ALA SA 199 -86.44 -22.73 -169.65
C ALA SA 199 -87.06 -22.65 -168.27
N LEU SA 200 -88.07 -21.81 -168.06
CA LEU SA 200 -88.67 -21.64 -166.74
C LEU SA 200 -89.40 -22.90 -166.33
N MET SA 201 -88.85 -23.61 -165.35
CA MET SA 201 -89.47 -24.84 -164.84
C MET SA 201 -90.03 -24.52 -163.45
N ASP SA 202 -91.35 -24.52 -163.35
CA ASP SA 202 -91.96 -24.40 -162.04
C ASP SA 202 -91.83 -25.71 -161.29
N VAL SA 203 -91.86 -25.62 -159.96
CA VAL SA 203 -91.63 -26.76 -159.08
C VAL SA 203 -92.89 -27.18 -158.32
N ASP SA 204 -93.56 -26.23 -157.64
CA ASP SA 204 -94.64 -26.62 -156.72
C ASP SA 204 -95.78 -27.29 -157.47
N ARG SA 205 -96.36 -26.58 -158.43
CA ARG SA 205 -97.36 -27.11 -159.32
C ARG SA 205 -96.84 -28.34 -160.05
N GLU SA 206 -95.52 -28.44 -160.23
CA GLU SA 206 -94.88 -29.65 -160.73
C GLU SA 206 -94.88 -30.76 -159.69
N LEU SA 207 -94.36 -30.50 -158.50
CA LEU SA 207 -94.32 -31.54 -157.47
C LEU SA 207 -95.69 -31.81 -156.85
N ARG SA 208 -96.68 -30.98 -157.15
CA ARG SA 208 -98.01 -31.08 -156.57
C ARG SA 208 -97.95 -31.09 -155.04
N LEU SA 209 -97.47 -29.97 -154.49
CA LEU SA 209 -97.50 -29.78 -153.04
C LEU SA 209 -98.88 -29.44 -152.52
N GLY SA 210 -99.85 -29.24 -153.41
CA GLY SA 210 -101.16 -28.76 -152.97
C GLY SA 210 -101.14 -27.39 -152.37
N GLY SA 211 -100.05 -26.65 -152.52
CA GLY SA 211 -99.90 -25.37 -151.88
C GLY SA 211 -100.66 -24.27 -152.58
N ASP SA 212 -100.59 -23.07 -152.03
CA ASP SA 212 -101.27 -21.91 -152.56
C ASP SA 212 -100.27 -20.79 -152.81
N ASP SA 213 -100.26 -20.29 -154.04
CA ASP SA 213 -99.21 -19.38 -154.48
C ASP SA 213 -99.22 -18.11 -153.65
N GLY SA 214 -98.14 -17.89 -152.89
CA GLY SA 214 -97.95 -16.61 -152.23
C GLY SA 214 -96.69 -15.95 -152.72
N LEU SA 215 -95.73 -15.76 -151.82
CA LEU SA 215 -94.40 -15.28 -152.18
C LEU SA 215 -93.51 -16.50 -152.38
N ARG SA 216 -92.89 -16.59 -153.55
CA ARG SA 216 -92.06 -17.74 -153.88
C ARG SA 216 -90.65 -17.29 -154.18
N PHE SA 217 -89.69 -18.16 -153.87
CA PHE SA 217 -88.29 -17.90 -154.18
C PHE SA 217 -88.04 -18.08 -155.67
N ALA SA 218 -86.80 -17.79 -156.07
CA ALA SA 218 -86.40 -17.95 -157.47
C ALA SA 218 -84.99 -18.50 -157.51
N TYR SA 219 -84.80 -19.61 -158.21
CA TYR SA 219 -83.51 -20.28 -158.27
C TYR SA 219 -83.12 -20.51 -159.73
N LEU SA 220 -81.89 -20.14 -160.06
CA LEU SA 220 -81.27 -20.50 -161.32
C LEU SA 220 -80.45 -21.76 -161.10
N VAL SA 221 -80.78 -22.82 -161.83
CA VAL SA 221 -80.18 -24.14 -161.63
C VAL SA 221 -79.48 -24.59 -162.90
N PHE SA 222 -78.39 -25.31 -162.74
CA PHE SA 222 -77.68 -25.96 -163.82
C PHE SA 222 -77.85 -27.48 -163.71
N VAL SA 223 -77.86 -28.15 -164.85
CA VAL SA 223 -77.98 -29.60 -164.90
C VAL SA 223 -76.82 -30.14 -165.71
N TYR SA 224 -75.92 -30.87 -165.06
CA TYR SA 224 -74.82 -31.51 -165.75
C TYR SA 224 -75.21 -32.93 -166.14
N THR SA 225 -74.50 -33.47 -167.14
CA THR SA 225 -74.59 -34.89 -167.46
C THR SA 225 -73.23 -35.30 -168.00
N GLN SA 226 -72.73 -36.46 -167.56
CA GLN SA 226 -71.35 -36.84 -167.80
C GLN SA 226 -71.29 -38.21 -168.47
N ARG SA 227 -71.00 -38.21 -169.76
CA ARG SA 227 -70.69 -39.41 -170.51
C ARG SA 227 -69.67 -39.00 -171.56
N HIS SA 228 -68.50 -39.63 -171.52
CA HIS SA 228 -67.33 -39.09 -172.21
C HIS SA 228 -67.58 -38.96 -173.71
N ARG SA 229 -67.31 -37.77 -174.24
CA ARG SA 229 -67.57 -37.37 -175.62
C ARG SA 229 -69.04 -37.37 -176.00
N ARG SA 230 -69.93 -37.71 -175.08
CA ARG SA 230 -71.37 -37.60 -175.32
C ARG SA 230 -72.01 -37.03 -174.06
N GLU SA 231 -72.00 -35.70 -173.95
CA GLU SA 231 -72.46 -35.02 -172.74
C GLU SA 231 -73.00 -33.65 -173.12
N ALA SA 232 -73.75 -33.06 -172.22
CA ALA SA 232 -74.38 -31.77 -172.48
C ALA SA 232 -74.72 -31.10 -171.16
N LEU SA 233 -75.29 -29.90 -171.25
CA LEU SA 233 -75.68 -29.10 -170.10
C LEU SA 233 -77.09 -28.59 -170.32
N ARG SA 234 -77.92 -28.66 -169.28
CA ARG SA 234 -79.29 -28.16 -169.32
C ARG SA 234 -79.44 -27.04 -168.31
N VAL SA 235 -80.10 -25.97 -168.71
CA VAL SA 235 -80.32 -24.81 -167.86
C VAL SA 235 -81.80 -24.72 -167.53
N HIS SA 236 -82.11 -24.13 -166.38
CA HIS SA 236 -83.48 -23.90 -165.96
C HIS SA 236 -83.52 -22.69 -165.05
N VAL SA 237 -84.73 -22.14 -164.88
CA VAL SA 237 -84.96 -21.11 -163.88
C VAL SA 237 -86.15 -21.57 -163.05
N ALA SA 238 -85.92 -21.86 -161.78
CA ALA SA 238 -86.89 -22.53 -160.94
C ALA SA 238 -87.42 -21.57 -159.90
N VAL SA 239 -88.73 -21.57 -159.71
CA VAL SA 239 -89.38 -20.81 -158.65
C VAL SA 239 -90.19 -21.78 -157.80
N SER SA 240 -90.28 -21.49 -156.51
CA SER SA 240 -91.02 -22.31 -155.57
C SER SA 240 -90.98 -21.61 -154.21
N ARG SA 241 -91.72 -22.18 -153.25
CA ARG SA 241 -91.63 -21.77 -151.86
C ARG SA 241 -90.56 -22.52 -151.09
N LEU SA 242 -89.93 -23.51 -151.71
CA LEU SA 242 -88.98 -24.36 -151.02
C LEU SA 242 -87.70 -23.60 -150.71
N PRO SA 243 -87.38 -23.34 -149.45
CA PRO SA 243 -86.11 -22.65 -149.15
C PRO SA 243 -84.89 -23.53 -149.37
N GLU SA 244 -85.05 -24.84 -149.32
CA GLU SA 244 -83.91 -25.74 -149.44
C GLU SA 244 -84.23 -26.74 -150.54
N LEU SA 245 -83.53 -26.61 -151.68
CA LEU SA 245 -83.84 -27.45 -152.82
C LEU SA 245 -83.53 -28.91 -152.52
N GLY SA 246 -82.25 -29.25 -152.42
CA GLY SA 246 -81.83 -30.56 -151.95
C GLY SA 246 -82.59 -31.74 -152.51
N ASP SA 247 -83.34 -32.39 -151.61
CA ASP SA 247 -84.11 -33.57 -151.98
C ASP SA 247 -85.05 -33.29 -153.14
N ALA SA 248 -85.51 -32.04 -153.28
CA ALA SA 248 -86.43 -31.71 -154.35
C ALA SA 248 -85.79 -31.92 -155.71
N LEU SA 249 -84.57 -31.40 -155.91
CA LEU SA 249 -83.88 -31.69 -157.16
C LEU SA 249 -83.41 -33.13 -157.23
N SER SA 250 -82.96 -33.68 -156.10
CA SER SA 250 -82.51 -35.07 -156.11
C SER SA 250 -83.57 -36.00 -156.67
N PHE SA 251 -84.85 -35.70 -156.41
CA PHE SA 251 -85.94 -36.46 -157.01
C PHE SA 251 -86.31 -35.94 -158.39
N LEU SA 252 -86.29 -34.62 -158.59
CA LEU SA 252 -86.62 -34.05 -159.91
C LEU SA 252 -85.72 -34.59 -161.00
N LEU SA 253 -84.42 -34.68 -160.73
CA LEU SA 253 -83.43 -35.09 -161.72
C LEU SA 253 -82.99 -36.53 -161.54
N ALA SA 254 -83.91 -37.40 -161.16
CA ALA SA 254 -83.55 -38.76 -160.77
C ALA SA 254 -82.83 -39.50 -161.89
N GLY SA 255 -83.35 -39.41 -163.12
CA GLY SA 255 -82.71 -40.10 -164.22
C GLY SA 255 -81.30 -39.63 -164.46
N THR SA 256 -81.06 -38.33 -164.33
CA THR SA 256 -79.73 -37.78 -164.53
C THR SA 256 -78.74 -38.32 -163.50
N ARG SA 257 -79.11 -38.28 -162.23
CA ARG SA 257 -78.23 -38.81 -161.19
C ARG SA 257 -78.00 -40.31 -161.41
N VAL SA 258 -79.05 -41.06 -161.75
CA VAL SA 258 -78.90 -42.48 -161.98
C VAL SA 258 -77.88 -42.75 -163.08
N ASP SA 259 -78.12 -42.22 -164.28
CA ASP SA 259 -77.24 -42.57 -165.39
C ASP SA 259 -75.91 -41.83 -165.32
N ASN SA 260 -75.76 -40.92 -164.36
CA ASN SA 260 -74.50 -40.21 -164.18
C ASN SA 260 -73.59 -40.90 -163.18
N ALA SA 261 -74.15 -41.59 -162.19
CA ALA SA 261 -73.31 -42.26 -161.21
C ALA SA 261 -72.61 -43.49 -161.78
N ILE SA 262 -73.16 -44.10 -162.82
CA ILE SA 262 -72.65 -45.38 -163.32
C ILE SA 262 -71.72 -45.19 -164.50
N HIS SA 263 -72.05 -44.28 -165.41
CA HIS SA 263 -71.19 -43.97 -166.55
C HIS SA 263 -70.16 -42.90 -166.26
N GLY SA 264 -70.05 -42.47 -165.00
CA GLY SA 264 -69.17 -41.37 -164.67
C GLY SA 264 -67.74 -41.77 -164.38
N THR SA 265 -67.54 -42.98 -163.83
CA THR SA 265 -66.21 -43.46 -163.48
C THR SA 265 -65.47 -44.01 -164.68
N ASP SA 266 -66.11 -43.99 -165.85
CA ASP SA 266 -65.55 -44.58 -167.06
C ASP SA 266 -64.19 -43.97 -167.39
N GLU SA 267 -63.37 -44.75 -168.09
CA GLU SA 267 -62.03 -44.41 -168.54
C GLU SA 267 -61.01 -44.44 -167.40
N ALA SA 268 -61.44 -44.80 -166.19
CA ALA SA 268 -60.56 -44.95 -165.05
C ALA SA 268 -60.25 -46.42 -164.86
N ASP SA 269 -58.97 -46.79 -164.98
CA ASP SA 269 -58.55 -48.16 -164.76
C ASP SA 269 -58.80 -48.56 -163.32
N ALA SA 270 -59.82 -49.38 -163.11
CA ALA SA 270 -59.96 -50.01 -161.81
C ALA SA 270 -59.17 -51.31 -161.78
N PRO SA 271 -58.58 -51.66 -160.65
CA PRO SA 271 -57.84 -52.93 -160.57
C PRO SA 271 -58.77 -54.13 -160.65
N ALA SA 272 -58.20 -55.32 -160.46
CA ALA SA 272 -58.97 -56.55 -160.52
C ALA SA 272 -59.81 -56.67 -159.25
N ALA SA 273 -60.40 -57.84 -159.03
CA ALA SA 273 -61.27 -58.06 -157.89
C ALA SA 273 -60.57 -57.61 -156.60
N PRO SA 274 -61.25 -56.88 -155.73
CA PRO SA 274 -60.59 -56.35 -154.53
C PRO SA 274 -60.14 -57.47 -153.60
N ALA SA 275 -58.94 -57.31 -153.04
CA ALA SA 275 -58.38 -58.31 -152.16
C ALA SA 275 -59.22 -58.44 -150.90
N ALA SA 276 -59.22 -59.65 -150.32
CA ALA SA 276 -59.96 -59.87 -149.08
C ALA SA 276 -59.37 -59.07 -147.92
N ALA SA 277 -58.09 -58.68 -148.04
CA ALA SA 277 -57.49 -57.82 -147.03
C ALA SA 277 -58.12 -56.45 -146.97
N ALA SA 278 -58.86 -56.06 -148.02
CA ALA SA 278 -59.54 -54.77 -148.01
C ALA SA 278 -60.68 -54.72 -147.02
N ALA SA 279 -61.23 -55.87 -146.64
CA ALA SA 279 -62.32 -55.90 -145.66
C ALA SA 279 -61.79 -55.40 -144.33
N PHE SA 280 -62.17 -54.20 -143.95
CA PHE SA 280 -61.70 -53.59 -142.72
C PHE SA 280 -62.18 -54.41 -141.52
N PRO SA 281 -61.28 -55.01 -140.74
CA PRO SA 281 -61.71 -55.90 -139.65
C PRO SA 281 -62.37 -55.13 -138.53
N ALA SA 282 -63.60 -55.53 -138.19
CA ALA SA 282 -64.33 -54.95 -137.08
C ALA SA 282 -64.39 -55.84 -135.86
N TYR SA 283 -64.12 -57.14 -136.00
CA TYR SA 283 -64.29 -58.07 -134.89
C TYR SA 283 -63.26 -57.86 -133.80
N LEU SA 284 -62.28 -57.00 -134.05
CA LEU SA 284 -61.08 -56.89 -133.25
C LEU SA 284 -61.07 -55.69 -132.32
N PHE SA 285 -62.16 -54.92 -132.28
CA PHE SA 285 -62.18 -53.70 -131.46
C PHE SA 285 -62.30 -54.03 -129.98
N ASN SA 286 -63.36 -54.75 -129.61
CA ASN SA 286 -63.60 -55.11 -128.21
C ASN SA 286 -63.19 -56.54 -127.90
N ASP SA 287 -62.19 -57.06 -128.58
CA ASP SA 287 -61.52 -58.31 -128.22
C ASP SA 287 -60.65 -58.08 -127.00
N PRO SA 288 -60.95 -58.71 -125.85
CA PRO SA 288 -60.05 -58.55 -124.70
C PRO SA 288 -58.68 -59.12 -124.94
N ARG SA 289 -58.61 -60.33 -125.52
CA ARG SA 289 -57.36 -60.96 -125.92
C ARG SA 289 -57.11 -60.73 -127.40
N SER SA 290 -56.14 -59.90 -127.72
CA SER SA 290 -55.74 -59.68 -129.11
C SER SA 290 -54.35 -59.07 -129.12
N ALA SA 291 -53.68 -59.18 -130.27
CA ALA SA 291 -52.37 -58.59 -130.42
C ALA SA 291 -52.46 -57.08 -130.30
N ARG SA 292 -51.54 -56.49 -129.56
CA ARG SA 292 -51.62 -55.07 -129.25
C ARG SA 292 -50.23 -54.47 -129.36
N CYS SA 293 -50.18 -53.15 -129.53
CA CYS SA 293 -48.90 -52.48 -129.70
C CYS SA 293 -49.00 -51.05 -129.18
N PRO SA 294 -48.31 -50.72 -128.09
CA PRO SA 294 -48.29 -49.34 -127.62
C PRO SA 294 -47.53 -48.43 -128.58
N THR SA 295 -47.86 -47.15 -128.52
CA THR SA 295 -47.17 -46.16 -129.34
C THR SA 295 -45.69 -46.07 -128.93
N GLY SA 296 -44.88 -45.51 -129.82
CA GLY SA 296 -43.48 -45.36 -129.54
C GLY SA 296 -42.63 -46.54 -129.89
N ARG SA 297 -43.23 -47.64 -130.34
CA ARG SA 297 -42.52 -48.77 -130.91
C ARG SA 297 -43.13 -49.14 -132.24
N LEU SA 298 -43.31 -48.15 -133.11
CA LEU SA 298 -43.78 -48.37 -134.48
C LEU SA 298 -42.78 -47.85 -135.49
N ASN SA 299 -41.71 -48.60 -135.74
CA ASN SA 299 -41.01 -48.49 -137.01
C ASN SA 299 -40.95 -49.82 -137.76
N THR SA 300 -40.22 -50.79 -137.21
CA THR SA 300 -40.03 -52.18 -137.66
C THR SA 300 -39.57 -53.00 -136.46
N PRO SA 301 -40.33 -53.04 -135.38
CA PRO SA 301 -39.96 -53.90 -134.24
C PRO SA 301 -40.49 -55.30 -134.44
N ALA SA 302 -40.43 -56.11 -133.38
CA ALA SA 302 -41.16 -57.37 -133.37
C ALA SA 302 -42.64 -57.08 -133.17
N ALA SA 303 -43.22 -56.34 -134.11
CA ALA SA 303 -44.64 -56.02 -134.10
C ALA SA 303 -45.24 -56.54 -135.39
N GLU SA 304 -44.61 -57.52 -136.02
CA GLU SA 304 -45.05 -58.03 -137.30
C GLU SA 304 -46.44 -58.70 -137.27
N ALA SA 305 -46.83 -59.11 -136.07
CA ALA SA 305 -48.09 -59.79 -135.82
C ALA SA 305 -49.39 -59.02 -135.96
N LEU SA 306 -49.34 -57.75 -136.33
CA LEU SA 306 -50.58 -57.02 -136.50
C LEU SA 306 -51.20 -57.37 -137.85
N PRO SA 307 -52.53 -57.48 -137.92
CA PRO SA 307 -53.18 -57.78 -139.19
C PRO SA 307 -52.96 -56.66 -140.20
N VAL SA 308 -52.89 -57.02 -141.46
CA VAL SA 308 -52.73 -56.04 -142.53
C VAL SA 308 -54.11 -55.69 -143.08
N TRP SA 309 -54.30 -54.41 -143.40
CA TRP SA 309 -55.53 -53.95 -144.02
C TRP SA 309 -55.15 -52.85 -145.00
N ALA SA 310 -55.47 -53.06 -146.28
CA ALA SA 310 -55.12 -52.13 -147.35
C ALA SA 310 -56.39 -51.53 -147.94
N PRO SA 311 -56.90 -50.44 -147.37
CA PRO SA 311 -58.01 -49.73 -148.01
C PRO SA 311 -57.54 -49.21 -149.35
N ASP SA 312 -58.14 -49.73 -150.42
CA ASP SA 312 -57.62 -49.53 -151.77
C ASP SA 312 -58.79 -49.00 -152.60
N MET SA 313 -58.75 -47.72 -152.93
CA MET SA 313 -59.86 -47.06 -153.61
C MET SA 313 -59.26 -46.37 -154.83
N ARG SA 314 -59.44 -47.00 -155.99
CA ARG SA 314 -58.82 -46.57 -157.23
C ARG SA 314 -59.80 -46.82 -158.38
N GLY SA 315 -60.55 -45.80 -158.74
CA GLY SA 315 -61.49 -45.87 -159.83
C GLY SA 315 -62.95 -45.86 -159.45
N ARG SA 316 -63.27 -45.83 -158.16
CA ARG SA 316 -64.66 -45.81 -157.72
C ARG SA 316 -65.22 -44.41 -157.91
N ALA SA 317 -66.52 -44.27 -157.65
CA ALA SA 317 -67.23 -43.03 -157.89
C ALA SA 317 -66.88 -42.01 -156.81
N THR SA 318 -66.17 -40.96 -157.18
CA THR SA 318 -65.90 -39.86 -156.28
C THR SA 318 -67.07 -38.89 -156.30
N ARG SA 319 -67.00 -37.84 -155.48
CA ARG SA 319 -68.12 -36.91 -155.44
C ARG SA 319 -68.26 -36.14 -156.75
N ASN SA 320 -67.15 -35.61 -157.27
CA ASN SA 320 -67.18 -34.91 -158.54
C ASN SA 320 -67.66 -35.80 -159.67
N SER SA 321 -67.61 -37.11 -159.48
CA SER SA 321 -68.13 -38.06 -160.46
C SER SA 321 -69.66 -38.12 -160.43
N CYS SA 322 -70.26 -37.83 -159.29
CA CYS SA 322 -71.70 -37.93 -159.13
C CYS SA 322 -72.36 -36.57 -159.11
N MET SA 323 -71.60 -35.51 -159.37
CA MET SA 323 -72.18 -34.19 -159.55
C MET SA 323 -73.13 -34.20 -160.74
N TYR SA 324 -74.35 -33.72 -160.51
CA TYR SA 324 -75.34 -33.66 -161.58
C TYR SA 324 -76.04 -32.32 -161.70
N ALA SA 325 -76.09 -31.53 -160.64
CA ALA SA 325 -76.79 -30.24 -160.69
C ALA SA 325 -76.13 -29.27 -159.74
N ALA SA 326 -76.39 -27.98 -159.97
CA ALA SA 326 -75.94 -26.93 -159.08
C ALA SA 326 -76.92 -25.77 -159.18
N TYR SA 327 -77.22 -25.13 -158.05
CA TYR SA 327 -78.19 -24.05 -158.04
C TYR SA 327 -77.71 -22.90 -157.16
N VAL SA 328 -78.38 -21.77 -157.32
CA VAL SA 328 -78.05 -20.55 -156.58
C VAL SA 328 -79.31 -19.72 -156.47
N ARG SA 329 -79.55 -19.16 -155.29
CA ARG SA 329 -80.76 -18.39 -155.05
C ARG SA 329 -80.68 -17.04 -155.73
N LEU SA 330 -81.79 -16.60 -156.30
CA LEU SA 330 -81.83 -15.33 -157.03
C LEU SA 330 -82.60 -14.24 -156.31
N GLY SA 331 -83.72 -14.55 -155.69
CA GLY SA 331 -84.55 -13.54 -155.04
C GLY SA 331 -85.94 -14.08 -154.80
N THR SA 332 -86.87 -13.14 -154.63
CA THR SA 332 -88.25 -13.47 -154.30
C THR SA 332 -89.18 -12.93 -155.37
N VAL SA 333 -90.31 -13.62 -155.57
CA VAL SA 333 -91.21 -13.33 -156.67
C VAL SA 333 -92.65 -13.47 -156.20
N GLU SA 334 -93.49 -12.57 -156.69
CA GLU SA 334 -94.95 -12.67 -156.58
C GLU SA 334 -95.57 -13.58 -157.62
N ARG SA 335 -95.39 -13.29 -158.91
CA ARG SA 335 -96.23 -13.84 -159.95
C ARG SA 335 -95.42 -14.09 -161.20
N VAL SA 336 -95.89 -15.03 -162.02
CA VAL SA 336 -95.31 -15.29 -163.33
C VAL SA 336 -96.45 -15.41 -164.34
N VAL SA 337 -96.40 -14.58 -165.38
CA VAL SA 337 -97.38 -14.61 -166.46
C VAL SA 337 -96.63 -14.81 -167.77
N ARG SA 338 -97.28 -15.47 -168.72
CA ARG SA 338 -96.66 -15.86 -169.97
C ARG SA 338 -97.39 -15.19 -171.13
N ARG SA 339 -96.63 -14.59 -172.03
CA ARG SA 339 -97.13 -13.55 -172.91
C ARG SA 339 -95.99 -13.04 -173.77
N ALA SA 340 -96.31 -12.66 -175.01
CA ALA SA 340 -95.30 -12.31 -176.00
C ALA SA 340 -95.25 -10.81 -176.25
N LEU SA 348 -92.20 -14.87 -180.25
CA LEU SA 348 -91.28 -15.37 -179.23
C LEU SA 348 -91.94 -15.41 -177.85
N PRO SA 349 -91.95 -16.59 -177.23
CA PRO SA 349 -92.56 -16.72 -175.91
C PRO SA 349 -91.64 -16.20 -174.82
N LEU SA 350 -92.23 -15.56 -173.80
CA LEU SA 350 -91.47 -15.01 -172.69
C LEU SA 350 -92.21 -15.28 -171.39
N ALA SA 351 -91.67 -14.73 -170.29
CA ALA SA 351 -92.23 -14.94 -168.95
C ALA SA 351 -91.88 -13.72 -168.10
N HIS SA 352 -92.86 -12.82 -167.95
CA HIS SA 352 -92.65 -11.60 -167.18
C HIS SA 352 -92.74 -11.90 -165.70
N MET SA 353 -91.75 -11.47 -164.94
CA MET SA 353 -91.78 -11.60 -163.48
C MET SA 353 -92.73 -10.56 -162.93
N GLU SA 354 -92.81 -10.48 -161.60
CA GLU SA 354 -93.73 -9.56 -160.97
C GLU SA 354 -93.13 -9.22 -159.61
N ARG SA 355 -92.66 -7.99 -159.43
CA ARG SA 355 -92.11 -7.54 -158.17
C ARG SA 355 -90.88 -8.35 -157.74
N PHE SA 356 -89.94 -8.52 -158.66
CA PHE SA 356 -88.73 -9.26 -158.37
C PHE SA 356 -87.86 -8.44 -157.42
N THR SA 357 -87.41 -9.06 -156.33
CA THR SA 357 -86.50 -8.43 -155.39
C THR SA 357 -85.17 -9.14 -155.49
N TRP SA 358 -84.16 -8.41 -155.97
CA TRP SA 358 -82.86 -9.02 -156.19
C TRP SA 358 -82.15 -9.28 -154.86
N ASP SA 359 -81.84 -10.55 -154.61
CA ASP SA 359 -81.09 -11.01 -153.46
C ASP SA 359 -80.28 -12.23 -153.92
N VAL SA 360 -79.04 -11.99 -154.29
CA VAL SA 360 -78.22 -13.07 -154.84
C VAL SA 360 -77.55 -13.81 -153.71
N GLY SA 361 -77.50 -15.13 -153.82
CA GLY SA 361 -76.86 -15.97 -152.83
C GLY SA 361 -75.62 -16.66 -153.35
N ALA SA 362 -75.11 -17.59 -152.58
CA ALA SA 362 -73.92 -18.33 -152.97
C ALA SA 362 -74.30 -19.59 -153.72
N TRP SA 363 -73.31 -20.18 -154.40
CA TRP SA 363 -73.56 -21.37 -155.18
C TRP SA 363 -73.76 -22.55 -154.24
N GLU SA 364 -74.19 -23.67 -154.81
CA GLU SA 364 -74.50 -24.86 -154.03
C GLU SA 364 -74.27 -26.07 -154.93
N GLU SA 365 -73.76 -27.13 -154.33
CA GLU SA 365 -73.59 -28.39 -155.03
C GLU SA 365 -74.79 -29.29 -154.82
N CYS SA 366 -75.03 -30.18 -155.79
CA CYS SA 366 -76.09 -31.17 -155.70
C CYS SA 366 -75.53 -32.46 -156.30
N PHE SA 367 -75.01 -33.33 -155.44
CA PHE SA 367 -74.37 -34.56 -155.87
C PHE SA 367 -74.98 -35.81 -155.25
N PHE SA 368 -75.39 -35.74 -154.00
CA PHE SA 368 -75.94 -36.91 -153.31
C PHE SA 368 -77.33 -37.22 -153.84
N ARG TA 3 -161.42 -19.41 38.59
CA ARG TA 3 -160.76 -19.92 37.40
C ARG TA 3 -161.52 -19.65 36.09
N PRO TA 4 -162.82 -20.02 36.01
CA PRO TA 4 -163.53 -19.88 34.72
C PRO TA 4 -163.78 -18.44 34.33
N ALA TA 5 -164.47 -18.24 33.22
CA ALA TA 5 -164.65 -16.92 32.64
C ALA TA 5 -165.41 -16.00 33.59
N ILE TA 6 -165.13 -14.70 33.43
CA ILE TA 6 -165.84 -13.67 34.19
C ILE TA 6 -166.86 -12.93 33.32
N LEU TA 7 -166.56 -12.71 32.05
CA LEU TA 7 -167.51 -12.08 31.13
C LEU TA 7 -167.53 -12.90 29.84
N PRO TA 8 -168.63 -13.58 29.54
CA PRO TA 8 -168.66 -14.48 28.38
C PRO TA 8 -168.44 -13.72 27.08
N SER TA 9 -167.59 -14.29 26.23
CA SER TA 9 -167.26 -13.65 24.96
C SER TA 9 -168.45 -13.64 24.02
N GLY TA 10 -168.98 -14.82 23.68
CA GLY TA 10 -170.11 -14.91 22.79
C GLY TA 10 -171.04 -16.03 23.20
N GLN TA 11 -172.28 -15.95 22.70
CA GLN TA 11 -173.30 -16.91 23.08
C GLN TA 11 -173.15 -18.20 22.29
N ILE TA 12 -173.36 -19.32 22.96
CA ILE TA 12 -173.30 -20.64 22.32
C ILE TA 12 -174.55 -20.84 21.49
N LEU TA 13 -174.42 -21.55 20.37
CA LEU TA 13 -175.48 -21.58 19.37
C LEU TA 13 -176.61 -22.53 19.73
N SER TA 14 -176.31 -23.83 19.84
CA SER TA 14 -177.35 -24.83 19.99
C SER TA 14 -176.95 -25.84 21.06
N ASN TA 15 -177.94 -26.30 21.82
CA ASN TA 15 -177.68 -27.25 22.88
C ASN TA 15 -177.34 -28.62 22.31
N ILE TA 16 -176.70 -29.44 23.15
CA ILE TA 16 -176.38 -30.82 22.82
C ILE TA 16 -176.03 -31.55 24.10
N GLU TA 17 -176.37 -32.84 24.18
CA GLU TA 17 -176.07 -33.64 25.36
C GLU TA 17 -174.58 -33.94 25.36
N VAL TA 18 -173.83 -33.19 26.17
CA VAL TA 18 -172.38 -33.10 26.01
C VAL TA 18 -171.65 -34.38 26.38
N HIS TA 19 -172.19 -35.18 27.30
CA HIS TA 19 -171.46 -36.36 27.78
C HIS TA 19 -171.13 -37.33 26.65
N SER TA 20 -171.86 -37.26 25.53
CA SER TA 20 -171.52 -38.08 24.37
C SER TA 20 -170.23 -37.58 23.71
N HIS TA 21 -170.19 -36.30 23.34
CA HIS TA 21 -169.05 -35.73 22.65
C HIS TA 21 -167.92 -35.39 23.63
N ARG TA 22 -167.50 -36.43 24.35
CA ARG TA 22 -166.40 -36.33 25.30
C ARG TA 22 -165.04 -36.49 24.62
N ALA TA 23 -165.01 -36.79 23.32
CA ALA TA 23 -163.76 -37.08 22.62
C ALA TA 23 -163.28 -35.91 21.75
N LEU TA 24 -163.99 -34.79 21.73
CA LEU TA 24 -163.63 -33.67 20.89
C LEU TA 24 -162.98 -32.52 21.67
N PHE TA 25 -162.54 -32.75 22.90
CA PHE TA 25 -162.04 -31.68 23.75
C PHE TA 25 -160.71 -32.07 24.39
N ASP TA 26 -160.13 -31.13 25.12
CA ASP TA 26 -158.84 -31.34 25.79
C ASP TA 26 -159.04 -31.85 27.22
N ILE TA 27 -159.73 -31.09 28.05
CA ILE TA 27 -160.13 -31.48 29.39
C ILE TA 27 -161.63 -31.27 29.49
N PHE TA 28 -162.28 -32.04 30.37
CA PHE TA 28 -163.73 -32.02 30.43
C PHE TA 28 -164.15 -32.43 31.83
N LYS TA 29 -164.68 -31.47 32.59
CA LYS TA 29 -165.12 -31.72 33.95
C LYS TA 29 -166.53 -31.16 34.14
N ARG TA 30 -167.29 -31.82 35.01
CA ARG TA 30 -168.66 -31.42 35.29
C ARG TA 30 -168.97 -31.70 36.75
N PHE TA 31 -169.38 -30.67 37.48
CA PHE TA 31 -169.82 -30.81 38.85
C PHE TA 31 -171.35 -30.80 38.88
N ARG TA 32 -171.90 -31.38 39.96
CA ARG TA 32 -173.34 -31.56 40.03
C ARG TA 32 -174.07 -30.22 40.01
N SER TA 33 -173.86 -29.39 41.03
CA SER TA 33 -174.47 -28.06 41.06
C SER TA 33 -173.66 -27.17 41.99
N ASP TA 34 -172.92 -26.21 41.41
CA ASP TA 34 -172.25 -25.15 42.15
C ASP TA 34 -171.28 -25.73 43.19
N ASP TA 35 -170.22 -26.36 42.66
CA ASP TA 35 -169.21 -26.97 43.51
C ASP TA 35 -168.48 -25.91 44.34
N ASN TA 36 -167.56 -26.40 45.19
CA ASN TA 36 -166.99 -25.55 46.23
C ASN TA 36 -165.80 -24.73 45.73
N ASN TA 37 -164.83 -25.39 45.09
CA ASN TA 37 -163.58 -24.73 44.71
C ASN TA 37 -163.80 -23.49 43.84
N LEU TA 38 -164.96 -23.37 43.20
CA LEU TA 38 -165.20 -22.28 42.27
C LEU TA 38 -165.02 -20.92 42.95
N TYR TA 39 -165.61 -20.74 44.13
CA TYR TA 39 -165.68 -19.42 44.74
C TYR TA 39 -164.41 -19.03 45.48
N GLY TA 40 -163.55 -19.99 45.83
CA GLY TA 40 -162.32 -19.67 46.53
C GLY TA 40 -161.29 -19.05 45.61
N ALA TA 41 -161.03 -17.75 45.79
CA ALA TA 41 -160.11 -17.01 44.93
C ALA TA 41 -158.93 -16.54 45.78
N GLU TA 42 -157.89 -17.35 45.84
CA GLU TA 42 -156.63 -16.97 46.45
C GLU TA 42 -155.65 -16.56 45.36
N PHE TA 43 -154.95 -15.45 45.57
CA PHE TA 43 -154.07 -14.89 44.56
C PHE TA 43 -152.66 -14.76 45.10
N ASP TA 44 -151.70 -15.25 44.33
CA ASP TA 44 -150.29 -15.20 44.67
C ASP TA 44 -149.71 -13.87 44.22
N ALA TA 45 -149.08 -13.15 45.14
CA ALA TA 45 -148.62 -11.80 44.86
C ALA TA 45 -147.17 -11.62 45.23
N LEU TA 46 -146.56 -10.56 44.69
CA LEU TA 46 -145.27 -10.06 45.12
C LEU TA 46 -145.43 -8.59 45.49
N LEU TA 47 -144.65 -8.15 46.48
CA LEU TA 47 -144.94 -6.89 47.15
C LEU TA 47 -143.84 -5.84 47.00
N GLY TA 48 -142.63 -6.22 46.64
CA GLY TA 48 -141.59 -5.23 46.47
C GLY TA 48 -140.43 -5.64 45.60
N THR TA 49 -140.10 -4.81 44.61
CA THR TA 49 -138.89 -4.96 43.83
C THR TA 49 -137.83 -4.02 44.38
N TYR TA 50 -136.58 -4.46 44.32
CA TYR TA 50 -135.50 -3.67 44.92
C TYR TA 50 -134.31 -3.69 43.98
N CYS TA 51 -134.02 -2.53 43.39
CA CYS TA 51 -132.96 -2.36 42.42
C CYS TA 51 -131.72 -1.80 43.11
N SER TA 52 -130.55 -2.19 42.61
CA SER TA 52 -129.29 -1.68 43.11
C SER TA 52 -128.56 -0.92 42.01
N THR TA 53 -127.82 0.10 42.41
CA THR TA 53 -127.02 0.89 41.50
C THR TA 53 -125.57 0.83 41.90
N LEU TA 54 -124.68 0.72 40.92
CA LEU TA 54 -123.26 0.64 41.19
C LEU TA 54 -122.73 1.96 41.73
N SER TA 55 -121.56 1.92 42.33
CA SER TA 55 -120.91 3.10 42.88
C SER TA 55 -119.78 3.51 41.94
N LEU TA 56 -119.91 4.69 41.34
CA LEU TA 56 -118.90 5.20 40.41
C LEU TA 56 -117.82 5.94 41.18
N VAL TA 57 -116.56 5.67 40.83
CA VAL TA 57 -115.42 6.35 41.43
C VAL TA 57 -114.41 6.69 40.35
N ARG TA 58 -113.95 7.95 40.33
CA ARG TA 58 -112.88 8.38 39.45
C ARG TA 58 -111.58 8.37 40.23
N PHE TA 59 -110.51 7.89 39.59
CA PHE TA 59 -109.24 7.71 40.29
C PHE TA 59 -108.68 9.02 40.82
N LEU TA 60 -108.94 10.14 40.13
CA LEU TA 60 -108.37 11.40 40.55
C LEU TA 60 -108.94 11.88 41.88
N GLU TA 61 -110.17 11.50 42.19
CA GLU TA 61 -110.79 11.96 43.44
C GLU TA 61 -110.24 11.22 44.65
N LEU TA 62 -109.69 10.04 44.45
CA LEU TA 62 -109.06 9.31 45.55
C LEU TA 62 -107.81 10.06 46.02
N GLY TA 63 -107.45 9.81 47.28
CA GLY TA 63 -106.26 10.43 47.84
C GLY TA 63 -104.97 9.92 47.26
N LEU TA 64 -104.98 8.71 46.70
CA LEU TA 64 -103.78 8.09 46.14
C LEU TA 64 -103.26 8.81 44.90
N SER TA 65 -104.05 9.69 44.29
CA SER TA 65 -103.66 10.30 43.02
C SER TA 65 -102.32 11.02 43.14
N VAL TA 66 -102.10 11.75 44.24
CA VAL TA 66 -100.86 12.49 44.41
C VAL TA 66 -99.63 11.59 44.48
N ALA TA 67 -99.83 10.28 44.61
CA ALA TA 67 -98.71 9.35 44.60
C ALA TA 67 -98.23 9.02 43.20
N CYS TA 68 -98.71 9.75 42.19
CA CYS TA 68 -98.39 9.40 40.80
C CYS TA 68 -98.82 10.53 39.88
N VAL TA 69 -97.96 10.83 38.90
CA VAL TA 69 -98.34 11.70 37.79
C VAL TA 69 -98.77 10.83 36.62
N CYS TA 70 -99.87 11.21 35.98
CA CYS TA 70 -100.44 10.44 34.89
C CYS TA 70 -100.55 11.32 33.64
N THR TA 71 -100.21 10.75 32.50
CA THR TA 71 -100.29 11.46 31.23
C THR TA 71 -100.88 10.55 30.16
N LYS TA 72 -101.63 11.15 29.24
CA LYS TA 72 -102.26 10.42 28.15
C LYS TA 72 -101.31 10.42 26.96
N PHE TA 73 -100.95 9.22 26.50
CA PHE TA 73 -99.94 9.02 25.46
C PHE TA 73 -100.53 8.07 24.43
N PRO TA 74 -101.40 8.56 23.55
CA PRO TA 74 -102.14 7.66 22.65
C PRO TA 74 -101.27 6.93 21.63
N GLU TA 75 -99.95 7.11 21.67
CA GLU TA 75 -99.05 6.41 20.77
C GLU TA 75 -98.22 5.35 21.46
N LEU TA 76 -98.41 5.15 22.76
CA LEU TA 76 -97.60 4.19 23.52
C LEU TA 76 -97.58 2.81 22.89
N SER TA 77 -98.66 2.43 22.20
CA SER TA 77 -98.70 1.15 21.49
C SER TA 77 -97.56 1.02 20.48
N TYR TA 78 -96.99 2.12 20.03
CA TYR TA 78 -95.97 2.09 18.98
C TYR TA 78 -94.57 1.96 19.53
N VAL TA 79 -94.29 2.58 20.67
CA VAL TA 79 -92.91 2.72 21.13
C VAL TA 79 -92.35 1.38 21.54
N ALA TA 80 -91.07 1.17 21.24
CA ALA TA 80 -90.28 0.12 21.87
C ALA TA 80 -89.83 0.65 23.23
N GLU TA 81 -88.87 -0.02 23.86
CA GLU TA 81 -88.39 0.41 25.18
C GLU TA 81 -87.97 1.87 25.19
N GLY TA 82 -88.69 2.69 25.96
CA GLY TA 82 -88.31 4.06 26.20
C GLY TA 82 -87.56 4.19 27.49
N THR TA 83 -86.90 5.34 27.68
CA THR TA 83 -86.07 5.56 28.84
C THR TA 83 -86.23 6.99 29.33
N ILE TA 84 -85.56 7.30 30.44
CA ILE TA 84 -85.44 8.65 30.96
C ILE TA 84 -84.04 8.78 31.56
N GLN TA 85 -83.51 10.00 31.55
CA GLN TA 85 -82.15 10.25 31.98
C GLN TA 85 -82.14 11.13 33.22
N PHE TA 86 -81.17 10.88 34.09
CA PHE TA 86 -80.94 11.68 35.28
C PHE TA 86 -79.54 12.25 35.24
N GLU TA 87 -79.39 13.52 35.60
CA GLU TA 87 -78.09 14.19 35.63
C GLU TA 87 -77.93 14.86 36.98
N VAL TA 88 -77.29 14.17 37.92
CA VAL TA 88 -77.17 14.66 39.29
C VAL TA 88 -75.70 14.93 39.58
N GLN TA 89 -75.47 15.97 40.39
CA GLN TA 89 -74.12 16.41 40.74
C GLN TA 89 -73.99 16.42 42.26
N GLN TA 90 -72.96 15.76 42.76
CA GLN TA 90 -72.79 15.61 44.20
C GLN TA 90 -72.05 16.81 44.77
N PRO TA 91 -72.61 17.51 45.76
CA PRO TA 91 -71.85 18.56 46.44
C PRO TA 91 -70.69 17.94 47.22
N MET TA 92 -69.66 18.75 47.42
CA MET TA 92 -68.42 18.26 47.99
C MET TA 92 -67.86 19.24 49.02
N ILE TA 93 -66.95 18.73 49.83
CA ILE TA 93 -66.36 19.46 50.94
C ILE TA 93 -64.85 19.52 50.78
N ALA TA 94 -64.27 20.64 51.20
CA ALA TA 94 -62.83 20.85 51.19
C ALA TA 94 -62.30 20.93 52.61
N ARG TA 95 -61.11 20.39 52.81
CA ARG TA 95 -60.45 20.39 54.10
C ARG TA 95 -58.99 19.97 53.88
N ASP TA 96 -58.18 20.18 54.91
CA ASP TA 96 -56.80 19.70 54.87
C ASP TA 96 -56.80 18.17 54.89
N GLY TA 97 -56.48 17.57 53.75
CA GLY TA 97 -56.54 16.14 53.61
C GLY TA 97 -55.19 15.51 53.37
N PRO TA 98 -54.73 14.69 54.31
CA PRO TA 98 -53.55 13.85 54.03
C PRO TA 98 -53.79 12.92 52.87
N HIS TA 99 -55.04 12.51 52.65
CA HIS TA 99 -55.45 11.90 51.40
C HIS TA 99 -55.68 12.98 50.35
N PRO TA 100 -55.52 12.65 49.06
CA PRO TA 100 -55.72 13.68 48.03
C PRO TA 100 -57.14 14.23 48.08
N ALA TA 101 -57.23 15.56 48.22
CA ALA TA 101 -58.53 16.21 48.27
C ALA TA 101 -59.29 15.95 46.98
N ASP TA 102 -60.55 15.55 47.12
CA ASP TA 102 -61.32 15.08 45.98
C ASP TA 102 -61.73 16.24 45.08
N GLN TA 103 -62.00 15.90 43.83
CA GLN TA 103 -62.57 16.76 42.83
C GLN TA 103 -64.09 16.61 42.81
N PRO TA 104 -64.82 17.62 42.35
CA PRO TA 104 -66.27 17.46 42.26
C PRO TA 104 -66.62 16.42 41.21
N VAL TA 105 -67.62 15.59 41.52
CA VAL TA 105 -67.95 14.43 40.71
C VAL TA 105 -69.39 14.54 40.23
N HIS TA 106 -69.59 14.23 38.94
CA HIS TA 106 -70.91 14.11 38.35
C HIS TA 106 -71.18 12.66 38.00
N ASN TA 107 -72.38 12.43 37.45
CA ASN TA 107 -72.75 11.15 36.88
C ASN TA 107 -74.12 11.28 36.23
N TYR TA 108 -74.50 10.25 35.47
CA TYR TA 108 -75.80 10.21 34.81
C TYR TA 108 -76.28 8.77 34.74
N MET TA 109 -77.58 8.57 35.01
CA MET TA 109 -78.20 7.26 34.96
C MET TA 109 -79.41 7.32 34.04
N ILE TA 110 -79.88 6.14 33.60
CA ILE TA 110 -81.10 6.04 32.83
C ILE TA 110 -81.99 4.98 33.47
N LYS TA 111 -83.29 5.21 33.44
CA LYS TA 111 -84.28 4.25 33.88
C LYS TA 111 -85.04 3.73 32.67
N ARG TA 112 -85.33 2.44 32.68
CA ARG TA 112 -86.07 1.82 31.58
C ARG TA 112 -87.57 1.83 31.92
N LEU TA 113 -88.37 1.37 30.96
CA LEU TA 113 -89.82 1.36 31.08
C LEU TA 113 -90.33 -0.06 31.24
N ASP TA 114 -91.22 -0.25 32.21
CA ASP TA 114 -91.91 -1.52 32.42
C ASP TA 114 -93.34 -1.38 31.91
N ARG TA 115 -93.77 -2.35 31.12
CA ARG TA 115 -95.05 -2.26 30.41
C ARG TA 115 -96.05 -3.26 30.95
N ARG TA 116 -97.30 -2.84 31.04
CA ARG TA 116 -98.39 -3.69 31.50
C ARG TA 116 -99.60 -3.45 30.59
N SER TA 117 -100.63 -4.28 30.73
CA SER TA 117 -101.79 -4.16 29.86
C SER TA 117 -103.04 -4.60 30.59
N LEU TA 118 -103.95 -3.65 30.83
CA LEU TA 118 -105.25 -3.90 31.44
C LEU TA 118 -106.19 -4.43 30.39
N ASN TA 119 -106.88 -5.55 30.69
CA ASN TA 119 -107.85 -6.12 29.78
C ASN TA 119 -109.00 -6.71 30.58
N ALA TA 120 -110.20 -6.14 30.39
CA ALA TA 120 -111.43 -6.67 30.96
C ALA TA 120 -112.43 -6.89 29.83
N ALA TA 121 -113.10 -8.03 29.84
CA ALA TA 121 -113.94 -8.44 28.73
C ALA TA 121 -115.36 -8.71 29.19
N PHE TA 122 -116.31 -8.47 28.30
CA PHE TA 122 -117.72 -8.78 28.52
C PHE TA 122 -118.30 -9.31 27.21
N SER TA 123 -119.51 -9.86 27.29
CA SER TA 123 -120.15 -10.45 26.12
C SER TA 123 -121.66 -10.29 26.23
N ILE TA 124 -122.32 -10.34 25.08
CA ILE TA 124 -123.77 -10.27 24.99
C ILE TA 124 -124.26 -11.47 24.20
N ALA TA 125 -125.54 -11.79 24.40
CA ALA TA 125 -126.13 -13.01 23.87
C ALA TA 125 -126.78 -12.76 22.51
N VAL TA 126 -127.33 -13.83 21.93
CA VAL TA 126 -127.79 -13.80 20.55
C VAL TA 126 -129.22 -13.27 20.43
N GLU TA 127 -130.12 -13.69 21.31
CA GLU TA 127 -131.50 -13.25 21.23
C GLU TA 127 -131.62 -11.74 21.40
N ALA TA 128 -130.70 -11.13 22.14
CA ALA TA 128 -130.68 -9.68 22.32
C ALA TA 128 -129.91 -8.99 21.21
N LEU TA 129 -128.80 -9.58 20.76
CA LEU TA 129 -128.08 -9.05 19.60
C LEU TA 129 -129.00 -8.89 18.40
N GLY TA 130 -129.81 -9.93 18.11
CA GLY TA 130 -130.77 -9.82 17.04
C GLY TA 130 -131.69 -8.63 17.19
N LEU TA 131 -132.09 -8.34 18.44
CA LEU TA 131 -132.94 -7.18 18.68
C LEU TA 131 -132.21 -5.88 18.39
N ILE TA 132 -130.99 -5.72 18.92
CA ILE TA 132 -130.25 -4.49 18.67
C ILE TA 132 -129.86 -4.38 17.19
N SER TA 133 -129.63 -5.51 16.54
CA SER TA 133 -129.32 -5.49 15.11
C SER TA 133 -130.51 -5.02 14.30
N GLY TA 134 -131.65 -5.69 14.45
CA GLY TA 134 -132.85 -5.40 13.68
C GLY TA 134 -133.43 -6.59 12.95
N GLU TA 135 -132.69 -7.70 12.85
CA GLU TA 135 -133.23 -8.89 12.18
C GLU TA 135 -134.45 -9.42 12.91
N ASN TA 136 -134.29 -9.83 14.17
CA ASN TA 136 -135.41 -10.32 14.96
C ASN TA 136 -136.47 -9.26 15.23
N LEU TA 137 -136.16 -7.99 14.97
CA LEU TA 137 -137.13 -6.93 15.20
C LEU TA 137 -138.33 -7.11 14.28
N ASP TA 138 -139.52 -6.80 14.79
CA ASP TA 138 -140.76 -6.99 14.08
C ASP TA 138 -141.57 -5.69 14.09
N GLY TA 139 -142.61 -5.67 13.26
CA GLY TA 139 -143.52 -4.54 13.24
C GLY TA 139 -144.66 -4.72 14.22
N THR TA 140 -144.38 -5.40 15.32
CA THR TA 140 -145.34 -5.64 16.39
C THR TA 140 -145.08 -4.67 17.54
N HIS TA 141 -146.01 -4.65 18.48
CA HIS TA 141 -145.88 -3.81 19.67
C HIS TA 141 -145.32 -4.56 20.87
N ILE TA 142 -145.04 -5.85 20.73
CA ILE TA 142 -144.46 -6.63 21.82
C ILE TA 142 -142.94 -6.74 21.69
N SER TA 143 -142.38 -6.58 20.50
CA SER TA 143 -140.93 -6.66 20.34
C SER TA 143 -140.23 -5.40 20.84
N SER TA 144 -140.92 -4.26 20.79
CA SER TA 144 -140.32 -3.01 21.24
C SER TA 144 -139.87 -3.08 22.69
N ALA TA 145 -140.69 -3.65 23.57
CA ALA TA 145 -140.32 -3.75 24.97
C ALA TA 145 -139.11 -4.67 25.16
N MET TA 146 -139.05 -5.76 24.41
CA MET TA 146 -137.91 -6.65 24.50
C MET TA 146 -136.64 -5.96 24.03
N ARG TA 147 -136.72 -5.18 22.96
CA ARG TA 147 -135.55 -4.42 22.51
C ARG TA 147 -135.12 -3.40 23.56
N LEU TA 148 -136.10 -2.74 24.19
CA LEU TA 148 -135.78 -1.80 25.27
C LEU TA 148 -135.04 -2.49 26.40
N ARG TA 149 -135.54 -3.66 26.82
CA ARG TA 149 -134.90 -4.38 27.92
C ARG TA 149 -133.48 -4.81 27.53
N ALA TA 150 -133.29 -5.28 26.30
CA ALA TA 150 -131.97 -5.72 25.87
C ALA TA 150 -130.98 -4.56 25.81
N ILE TA 151 -131.40 -3.42 25.25
CA ILE TA 151 -130.50 -2.29 25.18
C ILE TA 151 -130.20 -1.75 26.58
N GLN TA 152 -131.17 -1.82 27.50
CA GLN TA 152 -130.90 -1.39 28.86
C GLN TA 152 -129.89 -2.29 29.54
N GLN TA 153 -130.01 -3.61 29.33
CA GLN TA 153 -129.04 -4.54 29.89
C GLN TA 153 -127.64 -4.27 29.33
N LEU TA 154 -127.54 -4.04 28.02
CA LEU TA 154 -126.24 -3.74 27.43
C LEU TA 154 -125.67 -2.43 27.98
N ALA TA 155 -126.55 -1.45 28.22
CA ALA TA 155 -126.09 -0.18 28.79
C ALA TA 155 -125.51 -0.39 30.18
N ARG TA 156 -126.23 -1.10 31.04
CA ARG TA 156 -125.71 -1.39 32.38
C ARG TA 156 -124.41 -2.17 32.31
N ASN TA 157 -124.32 -3.11 31.37
CA ASN TA 157 -123.13 -3.95 31.25
C ASN TA 157 -121.91 -3.13 30.83
N VAL TA 158 -122.07 -2.28 29.82
CA VAL TA 158 -120.95 -1.46 29.38
C VAL TA 158 -120.60 -0.42 30.45
N GLN TA 159 -121.60 0.04 31.22
CA GLN TA 159 -121.30 0.92 32.34
C GLN TA 159 -120.43 0.22 33.36
N ALA TA 160 -120.74 -1.05 33.65
CA ALA TA 160 -119.93 -1.79 34.61
C ALA TA 160 -118.52 -2.03 34.10
N VAL TA 161 -118.37 -2.48 32.86
CA VAL TA 161 -117.04 -2.86 32.37
C VAL TA 161 -116.18 -1.64 32.09
N LEU TA 162 -116.76 -0.54 31.59
CA LEU TA 162 -115.97 0.65 31.33
C LEU TA 162 -115.42 1.25 32.61
N ASP TA 163 -116.17 1.17 33.71
CA ASP TA 163 -115.71 1.69 34.98
C ASP TA 163 -114.69 0.78 35.65
N SER TA 164 -114.65 -0.51 35.26
CA SER TA 164 -113.73 -1.44 35.88
C SER TA 164 -112.27 -0.98 35.80
N PHE TA 165 -111.93 -0.17 34.80
CA PHE TA 165 -110.54 0.26 34.64
C PHE TA 165 -110.14 1.29 35.68
N GLU TA 166 -111.09 2.04 36.23
CA GLU TA 166 -110.77 2.97 37.30
C GLU TA 166 -110.26 2.23 38.53
N ARG TA 167 -111.05 1.29 39.03
CA ARG TA 167 -110.57 0.44 40.12
C ARG TA 167 -109.34 -0.35 39.71
N GLY TA 168 -109.24 -0.71 38.42
CA GLY TA 168 -108.08 -1.44 37.96
C GLY TA 168 -106.78 -0.66 38.14
N THR TA 169 -106.80 0.61 37.74
CA THR TA 169 -105.59 1.43 37.92
C THR TA 169 -105.39 1.80 39.37
N ALA TA 170 -106.47 1.96 40.14
CA ALA TA 170 -106.32 2.19 41.57
C ALA TA 170 -105.65 1.01 42.26
N ASP TA 171 -105.84 -0.20 41.72
CA ASP TA 171 -105.16 -1.38 42.27
C ASP TA 171 -103.75 -1.54 41.73
N GLN TA 172 -103.55 -1.26 40.44
CA GLN TA 172 -102.22 -1.39 39.85
C GLN TA 172 -101.24 -0.43 40.49
N MET TA 173 -101.68 0.80 40.80
CA MET TA 173 -100.81 1.75 41.47
C MET TA 173 -100.30 1.18 42.80
N LEU TA 174 -101.20 0.61 43.59
CA LEU TA 174 -100.79 0.01 44.86
C LEU TA 174 -99.86 -1.17 44.64
N ARG TA 175 -100.20 -2.05 43.70
CA ARG TA 175 -99.40 -3.25 43.48
C ARG TA 175 -98.02 -2.95 42.92
N VAL TA 176 -97.81 -1.78 42.31
CA VAL TA 176 -96.49 -1.43 41.82
C VAL TA 176 -95.76 -0.55 42.83
N LEU TA 177 -96.49 0.14 43.70
CA LEU TA 177 -95.84 0.90 44.76
C LEU TA 177 -95.30 -0.01 45.85
N MET TA 178 -96.07 -1.03 46.25
CA MET TA 178 -95.61 -1.93 47.30
C MET TA 178 -94.40 -2.75 46.88
N GLU TA 179 -94.18 -2.91 45.57
CA GLU TA 179 -93.04 -3.70 45.10
C GLU TA 179 -91.71 -2.99 45.27
N LYS TA 180 -91.71 -1.68 45.52
CA LYS TA 180 -90.48 -0.92 45.67
C LYS TA 180 -90.11 -0.67 47.13
N ALA TA 181 -91.10 -0.44 47.98
CA ALA TA 181 -90.85 0.00 49.34
C ALA TA 181 -90.08 -1.03 50.14
N PRO TA 182 -88.87 -0.73 50.61
CA PRO TA 182 -88.19 -1.61 51.54
C PRO TA 182 -88.74 -1.39 52.94
N PRO TA 183 -88.83 -2.45 53.75
CA PRO TA 183 -89.38 -2.29 55.10
C PRO TA 183 -88.56 -1.30 55.92
N LEU TA 184 -89.26 -0.48 56.69
CA LEU TA 184 -88.60 0.58 57.44
C LEU TA 184 -87.54 0.03 58.39
N SER TA 185 -87.79 -1.14 58.97
CA SER TA 185 -86.85 -1.72 59.94
C SER TA 185 -85.43 -1.78 59.38
N LEU TA 186 -85.28 -1.95 58.07
CA LEU TA 186 -83.98 -2.03 57.43
C LEU TA 186 -83.62 -0.75 56.66
N LEU TA 187 -84.29 0.37 56.94
CA LEU TA 187 -84.04 1.58 56.18
C LEU TA 187 -83.48 2.71 57.03
N ALA TA 188 -84.16 3.10 58.11
CA ALA TA 188 -83.67 4.21 58.92
C ALA TA 188 -82.33 3.92 59.59
N PRO TA 189 -82.08 2.74 60.15
CA PRO TA 189 -80.72 2.41 60.61
C PRO TA 189 -79.73 2.11 59.49
N PHE TA 190 -80.09 2.37 58.24
CA PHE TA 190 -79.15 2.35 57.12
C PHE TA 190 -78.80 3.75 56.66
N THR TA 191 -79.79 4.64 56.53
CA THR TA 191 -79.51 6.03 56.22
C THR TA 191 -78.88 6.78 57.38
N LEU TA 192 -78.81 6.16 58.56
CA LEU TA 192 -78.03 6.72 59.66
C LEU TA 192 -76.54 6.57 59.43
N TYR TA 193 -76.13 5.66 58.55
CA TYR TA 193 -74.73 5.41 58.23
C TYR TA 193 -74.39 5.85 56.81
N GLU TA 194 -74.94 6.98 56.38
CA GLU TA 194 -74.69 7.46 55.04
C GLU TA 194 -73.25 7.94 54.90
N GLY TA 195 -72.68 7.71 53.72
CA GLY TA 195 -71.33 8.15 53.45
C GLY TA 195 -70.26 7.55 54.33
N ARG TA 196 -70.52 6.38 54.93
CA ARG TA 196 -69.54 5.73 55.78
C ARG TA 196 -69.33 4.25 55.48
N LEU TA 197 -70.25 3.60 54.74
CA LEU TA 197 -70.16 2.16 54.51
C LEU TA 197 -69.17 1.84 53.39
N ALA TA 198 -67.95 2.35 53.54
CA ALA TA 198 -66.86 2.10 52.62
C ALA TA 198 -65.84 1.09 53.13
N ASP TA 199 -65.68 0.98 54.45
CA ASP TA 199 -64.73 0.07 55.05
C ASP TA 199 -65.46 -1.06 55.76
N ARG TA 200 -64.69 -2.08 56.16
CA ARG TA 200 -65.28 -3.30 56.69
C ARG TA 200 -65.90 -3.09 58.06
N VAL TA 201 -65.30 -2.22 58.88
CA VAL TA 201 -65.75 -2.05 60.25
C VAL TA 201 -67.17 -1.50 60.29
N ALA TA 202 -67.44 -0.45 59.53
CA ALA TA 202 -68.78 0.14 59.54
C ALA TA 202 -69.79 -0.79 58.90
N CYS TA 203 -69.44 -1.43 57.79
CA CYS TA 203 -70.35 -2.37 57.15
C CYS TA 203 -70.67 -3.55 58.05
N ALA TA 204 -69.74 -3.92 58.94
CA ALA TA 204 -70.00 -5.00 59.87
C ALA TA 204 -70.82 -4.53 61.07
N ALA TA 205 -70.64 -3.29 61.50
CA ALA TA 205 -71.51 -2.73 62.53
C ALA TA 205 -72.95 -2.60 62.03
N LEU TA 206 -73.12 -2.37 60.72
CA LEU TA 206 -74.47 -2.18 60.18
C LEU TA 206 -75.31 -3.44 60.31
N VAL TA 207 -74.75 -4.61 60.00
CA VAL TA 207 -75.55 -5.83 60.07
C VAL TA 207 -75.90 -6.15 61.52
N SER TA 208 -75.02 -5.85 62.46
CA SER TA 208 -75.33 -6.08 63.86
C SER TA 208 -76.33 -5.07 64.41
N GLU TA 209 -76.41 -3.88 63.80
CA GLU TA 209 -77.48 -2.96 64.16
C GLU TA 209 -78.82 -3.42 63.59
N LEU TA 210 -78.81 -3.93 62.35
CA LEU TA 210 -80.06 -4.35 61.71
C LEU TA 210 -80.62 -5.61 62.35
N LYS TA 211 -79.75 -6.55 62.74
CA LYS TA 211 -80.21 -7.75 63.42
C LYS TA 211 -80.99 -7.42 64.69
N ARG TA 212 -80.60 -6.35 65.39
CA ARG TA 212 -81.32 -5.94 66.58
C ARG TA 212 -82.56 -5.13 66.23
N ARG TA 213 -82.46 -4.26 65.22
CA ARG TA 213 -83.60 -3.41 64.86
C ARG TA 213 -84.77 -4.26 64.37
N VAL TA 214 -84.49 -5.36 63.68
CA VAL TA 214 -85.57 -6.21 63.17
C VAL TA 214 -86.36 -6.80 64.33
N ARG TA 215 -85.69 -7.50 65.23
CA ARG TA 215 -86.36 -8.26 66.28
C ARG TA 215 -86.82 -7.38 67.44
N ASP TA 216 -86.79 -6.06 67.29
CA ASP TA 216 -87.31 -5.15 68.31
C ASP TA 216 -88.30 -4.12 67.78
N ASP TA 217 -88.32 -3.87 66.47
CA ASP TA 217 -89.19 -2.84 65.89
C ASP TA 217 -90.17 -3.40 64.88
N THR TA 218 -90.01 -4.65 64.44
CA THR TA 218 -90.82 -5.21 63.36
C THR TA 218 -92.32 -5.03 63.58
N PHE TA 219 -92.74 -4.70 64.79
CA PHE TA 219 -94.12 -4.30 65.03
C PHE TA 219 -94.14 -3.15 66.04
N PHE TA 220 -95.00 -2.17 65.79
CA PHE TA 220 -95.42 -1.24 66.82
C PHE TA 220 -96.93 -1.29 66.93
N LEU TA 221 -97.45 -0.67 67.98
CA LEU TA 221 -98.86 -0.70 68.38
C LEU TA 221 -99.39 -2.12 68.56
N THR TA 222 -98.50 -3.12 68.53
CA THR TA 222 -98.83 -4.49 68.89
C THR TA 222 -98.10 -4.91 70.16
N LYS TA 223 -96.77 -4.79 70.18
CA LYS TA 223 -96.01 -5.01 71.40
C LYS TA 223 -96.21 -3.84 72.36
N HIS TA 224 -95.84 -2.64 71.93
CA HIS TA 224 -95.99 -1.42 72.72
C HIS TA 224 -97.10 -0.58 72.10
N GLU TA 225 -98.26 -0.55 72.76
CA GLU TA 225 -99.42 0.20 72.28
C GLU TA 225 -99.90 1.26 73.25
N ARG TA 226 -99.67 1.09 74.56
CA ARG TA 226 -100.10 2.09 75.53
C ARG TA 226 -99.22 3.32 75.55
N ASN TA 227 -97.97 3.20 75.11
CA ASN TA 227 -97.07 4.35 75.02
C ASN TA 227 -97.53 5.21 73.86
N LYS TA 228 -98.30 6.26 74.18
CA LYS TA 228 -98.95 7.06 73.14
C LYS TA 228 -97.92 7.71 72.20
N ASP TA 229 -96.79 8.14 72.75
CA ASP TA 229 -95.82 8.89 71.95
C ASP TA 229 -94.90 7.98 71.13
N ALA TA 230 -94.81 6.69 71.47
CA ALA TA 230 -93.90 5.80 70.75
C ALA TA 230 -94.31 5.64 69.29
N VAL TA 231 -95.60 5.35 69.06
CA VAL TA 231 -96.08 5.17 67.68
C VAL TA 231 -95.98 6.47 66.90
N LEU TA 232 -96.23 7.61 67.55
CA LEU TA 232 -96.10 8.89 66.88
C LEU TA 232 -94.66 9.16 66.48
N ASP TA 233 -93.72 8.88 67.37
CA ASP TA 233 -92.30 9.02 67.04
C ASP TA 233 -91.93 8.13 65.86
N ARG TA 234 -92.38 6.87 65.87
CA ARG TA 234 -92.06 5.96 64.79
C ARG TA 234 -92.67 6.43 63.47
N LEU TA 235 -93.88 7.01 63.51
CA LEU TA 235 -94.49 7.50 62.28
C LEU TA 235 -93.76 8.72 61.75
N SER TA 236 -93.35 9.64 62.64
CA SER TA 236 -92.51 10.75 62.20
C SER TA 236 -91.24 10.25 61.54
N ASP TA 237 -90.62 9.21 62.12
CA ASP TA 237 -89.44 8.61 61.52
C ASP TA 237 -89.76 8.04 60.13
N LEU TA 238 -90.89 7.36 60.00
CA LEU TA 238 -91.26 6.77 58.71
C LEU TA 238 -91.46 7.85 57.65
N VAL TA 239 -92.06 8.97 58.02
CA VAL TA 239 -92.29 10.02 57.04
C VAL TA 239 -90.99 10.78 56.74
N ASN TA 240 -90.05 10.82 57.68
CA ASN TA 240 -88.80 11.52 57.45
C ASN TA 240 -87.63 10.57 57.17
N CYS TA 241 -87.92 9.36 56.72
CA CYS TA 241 -86.87 8.43 56.33
C CYS TA 241 -86.57 8.45 54.83
N THR TA 242 -87.54 8.79 54.00
CA THR TA 242 -87.37 8.84 52.56
C THR TA 242 -87.19 10.27 52.09
N ALA TA 243 -86.80 10.42 50.82
CA ALA TA 243 -86.52 11.70 50.23
C ALA TA 243 -87.55 12.03 49.15
N PRO TA 244 -87.82 13.31 48.90
CA PRO TA 244 -88.79 13.66 47.84
C PRO TA 244 -88.22 13.37 46.46
N SER TA 245 -89.08 13.49 45.47
CA SER TA 245 -88.68 13.32 44.08
C SER TA 245 -88.78 14.65 43.35
N VAL TA 246 -88.64 14.62 42.02
CA VAL TA 246 -88.82 15.81 41.20
C VAL TA 246 -90.13 16.51 41.53
N ALA TA 247 -90.09 17.84 41.56
CA ALA TA 247 -91.27 18.66 41.75
C ALA TA 247 -91.70 19.21 40.39
N VAL TA 248 -92.85 18.77 39.91
CA VAL TA 248 -93.47 19.32 38.72
C VAL TA 248 -94.48 20.37 39.15
N ALA TA 249 -94.63 21.42 38.35
CA ALA TA 249 -95.56 22.49 38.64
C ALA TA 249 -96.98 22.17 38.20
N ARG TA 250 -97.29 20.89 38.02
CA ARG TA 250 -98.60 20.45 37.56
C ARG TA 250 -99.45 19.80 38.65
N MET TA 251 -98.86 19.40 39.76
CA MET TA 251 -99.61 18.67 40.78
C MET TA 251 -100.58 19.59 41.51
N THR TA 252 -100.06 20.63 42.16
CA THR TA 252 -100.85 21.64 42.88
C THR TA 252 -101.72 21.04 43.97
N HIS TA 253 -101.49 19.78 44.35
CA HIS TA 253 -102.25 19.16 45.42
C HIS TA 253 -102.11 19.99 46.69
N ALA TA 254 -103.20 20.62 47.13
CA ALA TA 254 -103.12 21.61 48.18
C ALA TA 254 -104.34 21.54 49.07
N ASP TA 255 -104.14 21.87 50.34
CA ASP TA 255 -105.23 22.03 51.29
C ASP TA 255 -106.07 23.25 50.90
N THR TA 256 -107.32 23.25 51.38
CA THR TA 256 -108.22 24.36 51.08
C THR TA 256 -107.73 25.69 51.64
N GLN TA 257 -106.69 25.69 52.48
CA GLN TA 257 -106.16 26.92 53.05
C GLN TA 257 -104.73 27.19 52.64
N GLY TA 258 -103.79 26.27 52.89
CA GLY TA 258 -102.39 26.60 52.81
C GLY TA 258 -101.47 25.69 52.01
N ARG TA 259 -100.45 25.16 52.70
CA ARG TA 259 -99.34 24.48 52.05
C ARG TA 259 -99.80 23.24 51.28
N PRO TA 260 -99.02 22.80 50.31
CA PRO TA 260 -99.36 21.59 49.57
C PRO TA 260 -99.07 20.33 50.35
N VAL TA 261 -99.77 19.25 49.99
CA VAL TA 261 -99.58 17.95 50.63
C VAL TA 261 -98.29 17.35 50.10
N ASP TA 262 -97.79 16.30 50.76
CA ASP TA 262 -96.47 15.76 50.45
C ASP TA 262 -96.53 14.28 50.11
N GLY TA 263 -97.50 13.56 50.64
CA GLY TA 263 -97.59 12.13 50.36
C GLY TA 263 -98.84 11.55 50.96
N VAL TA 264 -99.02 10.25 50.72
CA VAL TA 264 -100.16 9.51 51.24
C VAL TA 264 -99.67 8.48 52.24
N LEU TA 265 -100.53 8.15 53.19
CA LEU TA 265 -100.31 7.05 54.13
C LEU TA 265 -101.47 6.08 53.95
N VAL TA 266 -101.36 5.20 52.96
CA VAL TA 266 -102.40 4.21 52.71
C VAL TA 266 -102.21 3.06 53.70
N THR TA 267 -103.29 2.67 54.35
CA THR TA 267 -103.24 1.65 55.38
C THR TA 267 -104.53 0.84 55.34
N THR TA 268 -104.51 -0.29 56.03
CA THR TA 268 -105.71 -1.11 56.14
C THR TA 268 -106.78 -0.36 56.93
N ALA TA 269 -108.01 -0.88 56.85
CA ALA TA 269 -109.15 -0.15 57.40
C ALA TA 269 -109.07 -0.02 58.91
N GLY TA 270 -108.72 -1.10 59.61
CA GLY TA 270 -108.75 -1.08 61.06
C GLY TA 270 -107.68 -0.19 61.68
N VAL TA 271 -106.50 -0.15 61.07
CA VAL TA 271 -105.40 0.63 61.63
C VAL TA 271 -105.75 2.11 61.62
N ARG TA 272 -106.41 2.58 60.55
CA ARG TA 272 -106.83 3.97 60.51
C ARG TA 272 -107.80 4.30 61.64
N GLN TA 273 -108.80 3.44 61.86
CA GLN TA 273 -109.75 3.66 62.94
C GLN TA 273 -109.07 3.64 64.30
N ARG TA 274 -108.04 2.80 64.47
CA ARG TA 274 -107.35 2.76 65.75
C ARG TA 274 -106.46 3.98 65.95
N LEU TA 275 -105.89 4.52 64.88
CA LEU TA 275 -104.96 5.64 65.02
C LEU TA 275 -105.69 6.96 65.18
N LEU TA 276 -106.68 7.23 64.33
CA LEU TA 276 -107.27 8.57 64.25
C LEU TA 276 -107.95 9.03 65.52
N HIS TA 277 -108.21 8.13 66.48
CA HIS TA 277 -108.92 8.49 67.69
C HIS TA 277 -108.02 8.75 68.88
N HIS TA 278 -106.74 8.36 68.81
CA HIS TA 278 -105.88 8.47 69.99
C HIS TA 278 -104.60 9.25 69.74
N VAL TA 279 -104.00 9.13 68.55
CA VAL TA 279 -102.67 9.65 68.31
C VAL TA 279 -102.64 10.82 67.33
N LEU TA 280 -103.61 10.92 66.41
CA LEU TA 280 -103.60 11.95 65.39
C LEU TA 280 -104.96 12.63 65.31
N THR TA 281 -104.95 13.85 64.79
CA THR TA 281 -106.17 14.63 64.59
C THR TA 281 -106.17 15.19 63.18
N LEU TA 282 -107.37 15.30 62.61
CA LEU TA 282 -107.51 15.76 61.24
C LEU TA 282 -107.19 17.24 61.13
N ALA TA 283 -106.11 17.56 60.40
CA ALA TA 283 -105.81 18.96 60.10
C ALA TA 283 -106.93 19.58 59.28
N ASP TA 284 -107.50 18.82 58.35
CA ASP TA 284 -108.65 19.27 57.57
C ASP TA 284 -109.26 18.05 56.90
N THR TA 285 -110.55 18.15 56.58
CA THR TA 285 -111.28 17.09 55.91
C THR TA 285 -111.63 17.43 54.47
N HIS TA 286 -111.03 18.48 53.91
CA HIS TA 286 -111.25 18.87 52.52
C HIS TA 286 -109.91 19.04 51.83
N ALA TA 287 -109.95 19.21 50.51
CA ALA TA 287 -108.73 19.32 49.72
C ALA TA 287 -109.03 20.02 48.40
N ASP TA 288 -107.99 20.15 47.57
CA ASP TA 288 -108.09 20.78 46.26
C ASP TA 288 -107.05 20.11 45.36
N VAL TA 289 -107.54 19.36 44.36
CA VAL TA 289 -106.67 18.56 43.51
C VAL TA 289 -106.97 18.91 42.05
N PRO TA 290 -106.05 18.57 41.14
CA PRO TA 290 -106.33 18.76 39.71
C PRO TA 290 -107.46 17.85 39.25
N VAL TA 291 -107.91 18.09 38.03
CA VAL TA 291 -109.08 17.40 37.49
C VAL TA 291 -108.76 16.81 36.13
N THR TA 292 -107.66 17.23 35.53
CA THR TA 292 -107.28 16.79 34.19
C THR TA 292 -106.02 15.94 34.24
N TYR TA 293 -105.55 15.57 33.07
CA TYR TA 293 -104.34 14.78 32.90
C TYR TA 293 -103.31 15.59 32.12
N GLY TA 294 -102.19 14.95 31.81
CA GLY TA 294 -101.13 15.56 31.00
C GLY TA 294 -101.14 14.97 29.60
N GLU TA 295 -101.08 15.83 28.60
CA GLU TA 295 -101.08 15.40 27.21
C GLU TA 295 -99.66 15.40 26.66
N MET TA 296 -99.37 14.40 25.83
CA MET TA 296 -98.08 14.33 25.15
C MET TA 296 -98.31 13.58 23.86
N VAL TA 297 -98.41 14.30 22.75
CA VAL TA 297 -98.69 13.72 21.44
C VAL TA 297 -97.59 14.15 20.48
N ILE TA 298 -97.18 13.23 19.60
CA ILE TA 298 -96.12 13.52 18.66
C ILE TA 298 -96.68 14.39 17.54
N ALA TA 299 -96.18 15.61 17.41
CA ALA TA 299 -96.71 16.54 16.42
C ALA TA 299 -95.71 17.64 16.14
N ASN TA 300 -95.58 17.97 14.85
CA ASN TA 300 -95.08 19.23 14.31
C ASN TA 300 -93.58 19.46 14.48
N THR TA 301 -92.91 18.67 15.31
CA THR TA 301 -91.45 18.68 15.27
C THR TA 301 -90.90 17.26 15.31
N ASN TA 302 -91.52 16.40 16.10
CA ASN TA 302 -91.05 15.04 16.29
C ASN TA 302 -91.50 14.09 15.19
N LEU TA 303 -92.45 14.49 14.36
CA LEU TA 303 -93.02 13.56 13.40
C LEU TA 303 -92.00 13.13 12.36
N VAL TA 304 -91.22 14.08 11.84
CA VAL TA 304 -90.28 13.76 10.77
C VAL TA 304 -89.21 12.78 11.27
N THR TA 305 -88.72 13.00 12.49
CA THR TA 305 -87.67 12.12 12.99
C THR TA 305 -88.22 10.79 13.47
N ALA TA 306 -89.45 10.76 14.00
CA ALA TA 306 -90.08 9.50 14.34
C ALA TA 306 -90.40 8.68 13.10
N LEU TA 307 -90.59 9.33 11.95
CA LEU TA 307 -90.96 8.60 10.74
C LEU TA 307 -89.78 8.22 9.86
N VAL TA 308 -88.68 8.98 9.86
CA VAL TA 308 -87.55 8.69 9.00
C VAL TA 308 -86.33 8.20 9.78
N MET TA 309 -86.20 8.61 11.05
CA MET TA 309 -85.02 8.26 11.82
C MET TA 309 -85.29 7.08 12.76
N GLY TA 310 -86.27 7.22 13.64
CA GLY TA 310 -86.64 6.11 14.50
C GLY TA 310 -86.74 6.43 15.98
N LYS TA 311 -86.60 7.71 16.34
CA LYS TA 311 -86.82 8.14 17.71
C LYS TA 311 -87.39 9.56 17.72
N ALA TA 312 -87.84 9.99 18.89
CA ALA TA 312 -88.36 11.33 19.07
C ALA TA 312 -88.35 11.67 20.54
N VAL TA 313 -87.62 12.72 20.92
CA VAL TA 313 -87.41 13.04 22.31
C VAL TA 313 -88.70 13.58 22.91
N SER TA 314 -88.75 13.68 24.23
CA SER TA 314 -89.96 14.14 24.90
C SER TA 314 -90.26 15.60 24.56
N ASN TA 315 -89.25 16.46 24.68
CA ASN TA 315 -89.41 17.90 24.41
C ASN TA 315 -88.44 18.26 23.30
N MET TA 316 -88.87 18.08 22.05
CA MET TA 316 -88.06 18.49 20.91
C MET TA 316 -88.30 19.96 20.56
N ASP TA 317 -89.48 20.48 20.89
CA ASP TA 317 -89.75 21.90 20.65
C ASP TA 317 -88.78 22.78 21.44
N ASP TA 318 -88.47 22.39 22.66
CA ASP TA 318 -87.53 23.15 23.48
C ASP TA 318 -86.10 23.06 22.93
N VAL TA 319 -85.69 21.86 22.51
CA VAL TA 319 -84.37 21.71 21.92
C VAL TA 319 -84.24 22.55 20.65
N ALA TA 320 -85.31 22.60 19.86
CA ALA TA 320 -85.31 23.48 18.69
C ALA TA 320 -85.24 24.95 19.09
N ARG TA 321 -86.00 25.33 20.11
CA ARG TA 321 -85.96 26.71 20.60
C ARG TA 321 -84.57 27.11 21.05
N TYR TA 322 -83.82 26.17 21.65
CA TYR TA 322 -82.52 26.49 22.23
C TYR TA 322 -81.39 26.42 21.20
N LEU TA 323 -81.21 25.25 20.58
CA LEU TA 323 -79.98 24.99 19.82
C LEU TA 323 -79.80 26.00 18.71
N LEU TA 324 -80.81 26.18 17.87
CA LEU TA 324 -80.89 27.31 16.98
C LEU TA 324 -81.73 28.41 17.62
N GLY TA 325 -81.85 29.53 16.92
CA GLY TA 325 -82.57 30.67 17.48
C GLY TA 325 -84.05 30.45 17.62
N GLY TA 326 -84.76 30.33 16.50
CA GLY TA 326 -86.20 30.18 16.52
C GLY TA 326 -86.93 31.36 15.90
N GLY TA 337 -106.66 22.39 35.65
CA GLY TA 337 -107.84 22.98 36.25
C GLY TA 337 -107.80 23.00 37.77
N SER TA 338 -108.95 22.72 38.39
CA SER TA 338 -109.05 22.66 39.85
C SER TA 338 -110.30 21.86 40.20
N ALA TA 339 -110.52 21.67 41.49
CA ALA TA 339 -111.66 20.92 42.01
C ALA TA 339 -111.69 21.11 43.53
N ARG TA 340 -112.60 20.41 44.19
CA ARG TA 340 -112.58 20.30 45.65
C ARG TA 340 -113.31 19.02 46.03
N VAL TA 341 -112.58 18.08 46.63
CA VAL TA 341 -113.13 16.79 47.02
C VAL TA 341 -113.01 16.68 48.53
N ARG TA 342 -113.72 15.72 49.12
CA ARG TA 342 -113.63 15.43 50.54
C ARG TA 342 -112.66 14.28 50.76
N ALA TA 343 -111.69 14.48 51.63
CA ALA TA 343 -110.69 13.46 51.94
C ALA TA 343 -110.25 13.66 53.39
N ASP TA 344 -109.17 12.98 53.76
CA ASP TA 344 -108.61 13.06 55.10
C ASP TA 344 -107.16 13.52 55.00
N LEU TA 345 -106.86 14.66 55.62
CA LEU TA 345 -105.50 15.20 55.64
C LEU TA 345 -105.06 15.34 57.09
N VAL TA 346 -103.92 14.74 57.42
CA VAL TA 346 -103.38 14.77 58.77
C VAL TA 346 -102.00 15.41 58.73
N VAL TA 347 -101.52 15.80 59.90
CA VAL TA 347 -100.22 16.46 60.06
C VAL TA 347 -99.34 15.57 60.93
N VAL TA 348 -98.13 15.28 60.45
CA VAL TA 348 -97.17 14.45 61.14
C VAL TA 348 -95.78 15.04 60.94
N GLY TA 349 -95.02 15.15 62.02
CA GLY TA 349 -93.71 15.76 61.95
C GLY TA 349 -93.80 17.20 61.49
N ASP TA 350 -93.38 17.45 60.24
CA ASP TA 350 -93.53 18.77 59.64
C ASP TA 350 -94.23 18.68 58.28
N ARG TA 351 -95.07 17.67 58.08
CA ARG TA 351 -95.66 17.41 56.78
C ARG TA 351 -97.18 17.21 56.91
N LEU TA 352 -97.90 17.73 55.92
CA LEU TA 352 -99.32 17.48 55.77
C LEU TA 352 -99.48 16.40 54.70
N VAL TA 353 -100.03 15.26 55.10
CA VAL TA 353 -100.10 14.09 54.23
C VAL TA 353 -101.53 13.60 54.11
N PHE TA 354 -101.83 12.98 52.98
CA PHE TA 354 -103.09 12.27 52.82
C PHE TA 354 -103.09 11.03 53.71
N LEU TA 355 -104.30 10.52 53.99
CA LEU TA 355 -104.45 9.32 54.80
C LEU TA 355 -105.76 8.67 54.38
N GLU TA 356 -105.67 7.63 53.55
CA GLU TA 356 -106.85 7.01 52.94
C GLU TA 356 -106.73 5.50 52.97
N ALA TA 357 -107.73 4.84 53.51
CA ALA TA 357 -107.87 3.39 53.46
C ALA TA 357 -108.83 3.04 52.33
N LEU TA 358 -108.44 2.07 51.49
CA LEU TA 358 -109.16 1.78 50.25
C LEU TA 358 -110.01 0.52 50.36
N GLU TA 359 -110.67 0.30 51.50
CA GLU TA 359 -111.55 -0.84 51.66
C GLU TA 359 -112.99 -0.54 51.26
N LYS TA 360 -113.49 0.64 51.59
CA LYS TA 360 -114.89 0.95 51.38
C LYS TA 360 -115.18 1.58 50.01
N ARG TA 361 -114.17 2.13 49.35
CA ARG TA 361 -114.36 2.69 48.02
C ARG TA 361 -114.03 1.68 46.93
N VAL TA 362 -112.93 0.94 47.11
CA VAL TA 362 -112.52 -0.09 46.17
C VAL TA 362 -112.37 -1.38 46.95
N TYR TA 363 -112.35 -2.50 46.20
CA TYR TA 363 -112.12 -3.84 46.72
C TYR TA 363 -113.32 -4.39 47.48
N GLN TA 364 -114.35 -3.56 47.69
CA GLN TA 364 -115.51 -4.02 48.43
C GLN TA 364 -116.42 -4.85 47.53
N ALA TA 365 -116.79 -6.03 48.02
CA ALA TA 365 -117.66 -6.97 47.30
C ALA TA 365 -117.06 -7.34 45.95
N THR TA 366 -115.87 -7.95 46.00
CA THR TA 366 -115.21 -8.49 44.83
C THR TA 366 -114.11 -9.44 45.29
N GLN TA 367 -113.97 -10.55 44.58
CA GLN TA 367 -113.14 -11.67 45.01
C GLN TA 367 -111.65 -11.35 45.06
N VAL TA 368 -111.23 -10.16 44.67
CA VAL TA 368 -109.82 -9.78 44.71
C VAL TA 368 -109.44 -9.52 46.17
N PRO TA 369 -108.23 -9.84 46.60
CA PRO TA 369 -107.81 -9.49 47.95
C PRO TA 369 -107.13 -8.13 48.02
N TYR TA 370 -107.18 -7.55 49.22
CA TYR TA 370 -106.46 -6.31 49.47
C TYR TA 370 -104.96 -6.54 49.29
N PRO TA 371 -104.25 -5.65 48.61
CA PRO TA 371 -102.82 -5.87 48.37
C PRO TA 371 -101.92 -5.49 49.54
N LEU TA 372 -102.47 -4.96 50.63
CA LEU TA 372 -101.65 -4.46 51.73
C LEU TA 372 -101.64 -5.38 52.94
N VAL TA 373 -102.29 -6.53 52.87
CA VAL TA 373 -102.14 -7.51 53.94
C VAL TA 373 -100.85 -8.29 53.69
N GLY TA 374 -99.75 -7.75 54.18
CA GLY TA 374 -98.46 -8.34 53.94
C GLY TA 374 -98.31 -9.71 54.55
N ASN TA 375 -97.30 -10.44 54.09
CA ASN TA 375 -97.01 -11.78 54.57
C ASN TA 375 -95.58 -11.80 55.10
N LEU TA 376 -95.44 -11.75 56.42
CA LEU TA 376 -94.13 -11.93 57.04
C LEU TA 376 -93.76 -13.41 57.05
N ASP TA 377 -92.46 -13.68 56.91
CA ASP TA 377 -91.96 -15.04 56.89
C ASP TA 377 -90.83 -15.17 57.88
N VAL TA 378 -90.96 -16.10 58.83
CA VAL TA 378 -89.95 -16.35 59.84
C VAL TA 378 -89.68 -17.85 59.88
N THR TA 379 -88.42 -18.22 60.08
CA THR TA 379 -88.03 -19.62 60.23
C THR TA 379 -87.49 -19.83 61.63
N PHE TA 380 -87.74 -21.01 62.18
CA PHE TA 380 -87.37 -21.34 63.55
C PHE TA 380 -86.32 -22.45 63.57
N VAL TA 381 -85.81 -22.72 64.77
CA VAL TA 381 -84.86 -23.80 64.97
C VAL TA 381 -84.80 -24.12 66.47
N MET TA 382 -84.73 -25.41 66.79
CA MET TA 382 -84.65 -25.83 68.17
C MET TA 382 -83.81 -27.09 68.26
N PRO TA 383 -82.84 -27.15 69.17
CA PRO TA 383 -82.01 -28.36 69.30
C PRO TA 383 -82.81 -29.49 69.90
N LEU TA 384 -82.60 -30.69 69.35
CA LEU TA 384 -83.43 -31.83 69.73
C LEU TA 384 -82.87 -32.60 70.93
N GLY TA 385 -81.66 -33.15 70.80
CA GLY TA 385 -81.17 -34.06 71.81
C GLY TA 385 -79.76 -33.79 72.27
N VAL TA 386 -79.36 -32.51 72.29
CA VAL TA 386 -78.03 -32.16 72.77
C VAL TA 386 -77.89 -32.52 74.24
N PHE TA 387 -76.65 -32.67 74.68
CA PHE TA 387 -76.35 -33.07 76.05
C PHE TA 387 -75.24 -32.17 76.57
N LYS TA 388 -75.60 -31.25 77.46
CA LYS TA 388 -74.67 -30.27 77.99
C LYS TA 388 -73.54 -30.98 78.74
N PRO TA 389 -72.37 -30.36 78.83
CA PRO TA 389 -71.24 -30.98 79.56
C PRO TA 389 -71.56 -31.13 81.05
N ALA TA 390 -70.65 -31.84 81.74
CA ALA TA 390 -70.88 -32.20 83.13
C ALA TA 390 -70.98 -30.99 84.03
N ALA TA 391 -70.28 -29.90 83.69
CA ALA TA 391 -70.28 -28.72 84.56
C ALA TA 391 -71.62 -28.02 84.60
N ASP TA 392 -72.53 -28.31 83.67
CA ASP TA 392 -73.80 -27.60 83.56
C ASP TA 392 -74.98 -28.52 83.79
N ARG TA 393 -74.86 -29.42 84.78
CA ARG TA 393 -75.97 -30.25 85.23
C ARG TA 393 -76.14 -29.99 86.72
N TYR TA 394 -76.94 -28.98 87.04
CA TYR TA 394 -77.07 -28.50 88.40
C TYR TA 394 -78.53 -28.13 88.67
N ALA TA 395 -79.05 -28.57 89.81
CA ALA TA 395 -80.37 -28.12 90.25
C ALA TA 395 -80.26 -26.73 90.85
N ARG TA 396 -81.14 -25.83 90.42
CA ARG TA 396 -81.05 -24.45 90.88
C ARG TA 396 -81.25 -24.35 92.38
N HIS TA 397 -82.37 -24.87 92.88
CA HIS TA 397 -82.64 -24.92 94.31
C HIS TA 397 -82.47 -26.36 94.81
N ALA TA 398 -82.39 -26.49 96.13
CA ALA TA 398 -82.18 -27.80 96.74
C ALA TA 398 -83.34 -28.73 96.42
N GLY TA 399 -84.57 -28.24 96.55
CA GLY TA 399 -85.72 -29.03 96.19
C GLY TA 399 -86.06 -28.90 94.72
N SER TA 400 -85.59 -29.87 93.93
CA SER TA 400 -85.80 -29.88 92.49
C SER TA 400 -87.21 -30.40 92.20
N PHE TA 401 -87.45 -30.73 90.93
CA PHE TA 401 -88.70 -31.39 90.55
C PHE TA 401 -88.64 -32.82 91.09
N ALA TA 402 -88.83 -32.93 92.40
CA ALA TA 402 -88.55 -34.19 93.09
C ALA TA 402 -89.46 -35.29 92.57
N PRO TA 403 -88.94 -36.49 92.37
CA PRO TA 403 -89.75 -37.60 91.87
C PRO TA 403 -90.41 -38.37 92.99
N THR TA 404 -91.24 -39.33 92.59
CA THR TA 404 -91.96 -40.17 93.55
C THR TA 404 -90.97 -40.83 94.51
N PRO TA 405 -91.19 -40.74 95.82
CA PRO TA 405 -90.23 -41.30 96.77
C PRO TA 405 -90.06 -42.80 96.60
N GLY TA 406 -88.82 -43.26 96.77
CA GLY TA 406 -88.50 -44.66 96.58
C GLY TA 406 -88.39 -45.10 95.15
N LEU TA 407 -88.17 -44.18 94.22
CA LEU TA 407 -88.05 -44.47 92.80
C LEU TA 407 -86.94 -43.62 92.21
N PRO TA 408 -86.29 -44.09 91.15
CA PRO TA 408 -85.22 -43.30 90.54
C PRO TA 408 -85.76 -42.06 89.84
N ASP TA 409 -84.85 -41.12 89.59
CA ASP TA 409 -85.22 -39.84 89.01
C ASP TA 409 -85.00 -39.87 87.51
N PRO TA 410 -86.01 -39.59 86.70
CA PRO TA 410 -85.84 -39.65 85.23
C PRO TA 410 -85.32 -38.36 84.61
N ARG TA 411 -84.78 -37.46 85.44
CA ARG TA 411 -84.29 -36.17 84.92
C ARG TA 411 -82.84 -36.23 84.46
N THR TA 412 -81.98 -36.94 85.20
CA THR TA 412 -80.54 -36.92 84.93
C THR TA 412 -80.16 -37.62 83.63
N HIS TA 413 -81.09 -38.07 82.87
CA HIS TA 413 -80.84 -38.82 81.65
C HIS TA 413 -80.88 -37.89 80.44
N PRO TA 414 -80.17 -38.22 79.36
CA PRO TA 414 -80.14 -37.35 78.19
C PRO TA 414 -81.53 -37.27 77.56
N PRO TA 415 -81.94 -36.08 77.14
CA PRO TA 415 -83.28 -35.92 76.57
C PRO TA 415 -83.40 -36.53 75.19
N ARG TA 416 -84.60 -37.00 74.88
CA ARG TA 416 -84.91 -37.59 73.58
C ARG TA 416 -86.24 -37.06 73.06
N ALA TA 417 -86.51 -35.78 73.32
CA ALA TA 417 -87.74 -35.14 72.87
C ALA TA 417 -87.62 -33.64 73.14
N VAL TA 418 -88.49 -32.87 72.49
CA VAL TA 418 -88.64 -31.45 72.75
C VAL TA 418 -90.12 -31.13 72.84
N HIS TA 419 -90.46 -30.18 73.70
CA HIS TA 419 -91.85 -29.81 73.96
C HIS TA 419 -92.01 -28.32 73.74
N PHE TA 420 -92.72 -27.95 72.68
CA PHE TA 420 -92.97 -26.55 72.35
C PHE TA 420 -94.46 -26.33 72.14
N PHE TA 421 -94.84 -25.08 71.90
CA PHE TA 421 -96.24 -24.69 71.83
C PHE TA 421 -96.69 -24.49 70.40
N ASN TA 422 -97.99 -24.69 70.18
CA ASN TA 422 -98.61 -24.58 68.87
C ASN TA 422 -99.10 -23.15 68.66
N LYS TA 423 -99.90 -22.93 67.62
CA LYS TA 423 -100.49 -21.61 67.39
C LYS TA 423 -101.58 -21.31 68.41
N ASP TA 424 -102.54 -22.22 68.54
CA ASP TA 424 -103.68 -21.98 69.43
C ASP TA 424 -103.24 -22.02 70.89
N GLY TA 425 -102.34 -22.92 71.25
CA GLY TA 425 -101.86 -23.01 72.62
C GLY TA 425 -101.66 -24.43 73.10
N VAL TA 426 -102.07 -25.40 72.28
CA VAL TA 426 -101.92 -26.81 72.66
C VAL TA 426 -100.46 -27.20 72.53
N PRO TA 427 -99.91 -27.96 73.48
CA PRO TA 427 -98.54 -28.46 73.32
C PRO TA 427 -98.45 -29.53 72.24
N CYS TA 428 -97.27 -29.61 71.63
CA CYS TA 428 -97.04 -30.57 70.55
C CYS TA 428 -95.57 -30.96 70.59
N HIS TA 429 -95.30 -32.25 70.80
CA HIS TA 429 -93.95 -32.71 71.09
C HIS TA 429 -93.33 -33.37 69.85
N VAL TA 430 -92.13 -32.93 69.51
CA VAL TA 430 -91.33 -33.53 68.45
C VAL TA 430 -90.34 -34.50 69.09
N THR TA 431 -90.27 -35.71 68.54
CA THR TA 431 -89.40 -36.75 69.10
C THR TA 431 -88.65 -37.45 67.97
N PHE TA 432 -87.69 -38.29 68.37
CA PHE TA 432 -86.84 -38.98 67.41
C PHE TA 432 -87.66 -39.80 66.41
N GLU TA 433 -88.77 -40.38 66.86
CA GLU TA 433 -89.61 -41.19 65.97
C GLU TA 433 -90.00 -40.43 64.71
N HIS TA 434 -90.16 -39.10 64.80
CA HIS TA 434 -90.49 -38.30 63.64
C HIS TA 434 -89.30 -38.07 62.71
N ALA TA 435 -88.14 -38.64 63.03
CA ALA TA 435 -86.97 -38.53 62.17
C ALA TA 435 -86.75 -39.77 61.31
N MET TA 436 -87.57 -40.81 61.49
CA MET TA 436 -87.49 -41.97 60.62
C MET TA 436 -87.71 -41.60 59.16
N GLY TA 437 -88.37 -40.48 58.88
CA GLY TA 437 -88.53 -40.02 57.51
C GLY TA 437 -87.24 -39.54 56.87
N THR TA 438 -86.18 -39.35 57.64
CA THR TA 438 -84.90 -38.91 57.11
C THR TA 438 -83.78 -39.92 57.31
N LEU TA 439 -83.64 -40.48 58.51
CA LEU TA 439 -82.58 -41.43 58.80
C LEU TA 439 -82.95 -42.87 58.46
N CYS TA 440 -84.02 -43.07 57.68
CA CYS TA 440 -84.34 -44.37 57.09
C CYS TA 440 -84.55 -44.12 55.60
N HIS TA 441 -83.45 -44.14 54.84
CA HIS TA 441 -83.47 -43.89 53.42
C HIS TA 441 -82.11 -44.24 52.82
N PRO TA 442 -82.07 -44.72 51.57
CA PRO TA 442 -80.76 -45.03 50.95
C PRO TA 442 -79.81 -43.85 50.92
N SER TA 443 -80.32 -42.62 50.77
CA SER TA 443 -79.44 -41.45 50.71
C SER TA 443 -78.59 -41.30 51.96
N PHE TA 444 -79.01 -41.87 53.09
CA PHE TA 444 -78.20 -41.84 54.30
C PHE TA 444 -76.89 -42.61 54.13
N LEU TA 445 -76.82 -43.53 53.17
CA LEU TA 445 -75.64 -44.33 52.91
C LEU TA 445 -74.99 -43.98 51.57
N ASP TA 446 -75.21 -42.76 51.08
CA ASP TA 446 -74.72 -42.31 49.78
C ASP TA 446 -73.41 -41.57 50.00
N VAL TA 447 -72.32 -42.15 49.52
CA VAL TA 447 -71.00 -41.49 49.54
C VAL TA 447 -70.39 -41.37 48.16
N ASP TA 448 -71.00 -41.95 47.13
CA ASP TA 448 -70.37 -42.06 45.83
C ASP TA 448 -70.06 -40.70 45.20
N ALA TA 449 -70.58 -39.62 45.75
CA ALA TA 449 -70.24 -38.27 45.32
C ALA TA 449 -69.16 -37.63 46.20
N THR TA 450 -69.23 -37.87 47.51
CA THR TA 450 -68.18 -37.39 48.41
C THR TA 450 -66.81 -37.89 47.96
N LEU TA 451 -66.66 -39.21 47.84
CA LEU TA 451 -65.39 -39.77 47.41
C LEU TA 451 -65.02 -39.30 46.01
N ALA TA 452 -66.00 -39.29 45.10
CA ALA TA 452 -65.74 -38.84 43.73
C ALA TA 452 -65.13 -37.45 43.69
N ALA TA 453 -65.55 -36.56 44.59
CA ALA TA 453 -65.02 -35.21 44.60
C ALA TA 453 -63.78 -35.05 45.48
N LEU TA 454 -63.60 -35.89 46.50
CA LEU TA 454 -62.49 -35.71 47.43
C LEU TA 454 -61.14 -36.07 46.80
N ARG TA 455 -61.14 -36.98 45.84
CA ARG TA 455 -59.89 -37.48 45.25
C ARG TA 455 -59.19 -36.45 44.36
N GLN TA 456 -59.64 -35.19 44.27
CA GLN TA 456 -58.99 -34.25 43.38
C GLN TA 456 -57.70 -33.69 43.97
N GLU TA 457 -57.64 -33.50 45.29
CA GLU TA 457 -56.35 -33.28 45.93
C GLU TA 457 -55.48 -34.52 45.74
N PRO TA 458 -54.20 -34.36 45.40
CA PRO TA 458 -53.41 -35.52 44.99
C PRO TA 458 -53.30 -36.62 46.06
N ALA TA 459 -52.70 -36.31 47.20
CA ALA TA 459 -52.50 -37.28 48.27
C ALA TA 459 -51.81 -36.60 49.44
N GLU TA 460 -51.91 -37.23 50.61
CA GLU TA 460 -51.16 -36.83 51.80
C GLU TA 460 -50.66 -38.08 52.53
N VAL TA 461 -50.10 -39.03 51.78
CA VAL TA 461 -49.66 -40.29 52.37
C VAL TA 461 -48.53 -40.03 53.36
N GLN TA 462 -48.81 -40.22 54.63
CA GLN TA 462 -47.85 -39.98 55.70
C GLN TA 462 -47.69 -41.17 56.64
N CYS TA 463 -48.76 -41.93 56.88
CA CYS TA 463 -48.72 -43.08 57.77
C CYS TA 463 -49.68 -44.13 57.23
N ALA TA 464 -49.17 -45.36 57.11
CA ALA TA 464 -49.95 -46.47 56.57
C ALA TA 464 -50.22 -47.57 57.59
N PHE TA 465 -49.67 -47.46 58.80
CA PHE TA 465 -49.86 -48.49 59.81
C PHE TA 465 -51.32 -48.66 60.21
N GLY TA 466 -52.12 -47.60 60.10
CA GLY TA 466 -53.50 -47.66 60.53
C GLY TA 466 -54.52 -48.08 59.48
N ALA TA 467 -54.13 -48.09 58.20
CA ALA TA 467 -55.09 -48.30 57.13
C ALA TA 467 -54.57 -49.30 56.11
N TYR TA 468 -53.83 -50.31 56.55
CA TYR TA 468 -53.33 -51.31 55.61
C TYR TA 468 -53.21 -52.66 56.29
N VAL TA 469 -53.74 -53.70 55.64
CA VAL TA 469 -53.60 -55.07 56.09
C VAL TA 469 -52.76 -55.82 55.05
N ALA TA 470 -52.47 -57.09 55.32
CA ALA TA 470 -51.66 -57.87 54.40
C ALA TA 470 -51.83 -59.35 54.71
N ASP TA 471 -51.74 -60.17 53.66
CA ASP TA 471 -51.71 -61.61 53.85
C ASP TA 471 -50.48 -62.00 54.65
N ALA TA 472 -50.55 -63.18 55.26
CA ALA TA 472 -49.47 -63.72 56.08
C ALA TA 472 -49.19 -65.15 55.65
N ARG TA 473 -47.94 -65.44 55.35
CA ARG TA 473 -47.53 -66.76 54.90
C ARG TA 473 -47.40 -67.68 56.11
N PRO TA 474 -47.08 -68.96 55.90
CA PRO TA 474 -46.92 -69.89 57.04
C PRO TA 474 -45.72 -69.56 57.94
N ASP TA 475 -45.42 -70.46 58.87
CA ASP TA 475 -44.50 -70.21 60.00
C ASP TA 475 -45.08 -69.15 60.94
N ALA TA 476 -46.21 -69.53 61.53
CA ALA TA 476 -47.11 -68.59 62.19
C ALA TA 476 -46.62 -68.15 63.56
N LEU TA 477 -46.82 -66.85 63.83
CA LEU TA 477 -46.95 -66.25 65.17
C LEU TA 477 -45.68 -66.20 65.99
N VAL TA 478 -44.53 -66.56 65.43
CA VAL TA 478 -43.27 -66.21 66.09
C VAL TA 478 -42.42 -65.42 65.11
N GLY TA 479 -42.04 -66.07 64.00
CA GLY TA 479 -41.33 -65.37 62.96
C GLY TA 479 -42.12 -64.19 62.41
N LEU TA 480 -43.45 -64.32 62.38
CA LEU TA 480 -44.29 -63.20 61.97
C LEU TA 480 -44.13 -62.03 62.92
N MET TA 481 -44.16 -62.28 64.23
CA MET TA 481 -44.02 -61.21 65.22
C MET TA 481 -42.65 -60.54 65.11
N GLN TA 482 -41.59 -61.33 65.02
CA GLN TA 482 -40.25 -60.77 64.86
C GLN TA 482 -40.16 -59.92 63.60
N ARG TA 483 -40.50 -60.50 62.45
CA ARG TA 483 -40.43 -59.77 61.18
C ARG TA 483 -41.34 -58.55 61.18
N PHE TA 484 -42.36 -58.50 62.03
CA PHE TA 484 -43.20 -57.31 62.11
C PHE TA 484 -42.55 -56.22 62.97
N LEU TA 485 -42.29 -56.53 64.24
CA LEU TA 485 -41.76 -55.52 65.16
C LEU TA 485 -40.43 -54.98 64.66
N GLU TA 486 -39.56 -55.86 64.14
CA GLU TA 486 -38.30 -55.44 63.53
C GLU TA 486 -38.52 -54.51 62.34
N GLU TA 487 -39.76 -54.37 61.86
CA GLU TA 487 -40.09 -53.51 60.73
C GLU TA 487 -41.03 -52.37 61.12
N TRP TA 488 -41.60 -52.41 62.33
CA TRP TA 488 -42.58 -51.40 62.74
C TRP TA 488 -42.12 -49.96 62.55
N PRO TA 489 -40.94 -49.54 63.03
CA PRO TA 489 -40.59 -48.11 62.95
C PRO TA 489 -40.51 -47.58 61.52
N GLY TA 490 -40.37 -48.43 60.52
CA GLY TA 490 -40.33 -47.98 59.15
C GLY TA 490 -41.71 -47.70 58.57
N MET TA 491 -42.73 -47.72 59.43
CA MET TA 491 -44.11 -47.52 58.99
C MET TA 491 -44.80 -46.34 59.65
N MET TA 492 -44.22 -45.77 60.70
CA MET TA 492 -44.80 -44.63 61.43
C MET TA 492 -43.84 -43.45 61.35
N PRO TA 493 -43.78 -42.76 60.21
CA PRO TA 493 -42.94 -41.54 60.16
C PRO TA 493 -43.36 -40.49 61.17
N VAL TA 494 -44.64 -40.10 61.15
CA VAL TA 494 -45.18 -39.19 62.15
C VAL TA 494 -46.20 -39.95 63.00
N ARG TA 495 -46.68 -39.31 64.06
CA ARG TA 495 -47.69 -39.93 64.90
C ARG TA 495 -48.94 -40.26 64.08
N PRO TA 496 -49.48 -41.48 64.21
CA PRO TA 496 -50.76 -41.77 63.54
C PRO TA 496 -51.89 -40.99 64.21
N ARG TA 497 -52.70 -40.32 63.38
CA ARG TA 497 -53.77 -39.48 63.89
C ARG TA 497 -54.75 -40.28 64.74
N TRP TA 498 -55.34 -41.33 64.15
CA TRP TA 498 -56.39 -42.09 64.79
C TRP TA 498 -56.01 -42.65 66.15
N ALA TA 499 -54.72 -42.79 66.44
CA ALA TA 499 -54.31 -43.34 67.71
C ALA TA 499 -54.34 -42.32 68.83
N ALA TA 500 -54.16 -41.03 68.52
CA ALA TA 500 -54.15 -39.96 69.52
C ALA TA 500 -55.06 -38.83 69.05
N PRO TA 501 -56.38 -38.96 69.22
CA PRO TA 501 -57.27 -37.86 68.85
C PRO TA 501 -56.97 -36.62 69.68
N ALA TA 502 -57.31 -35.46 69.11
CA ALA TA 502 -56.80 -34.19 69.65
C ALA TA 502 -57.60 -33.69 70.84
N ALA TA 503 -58.86 -33.31 70.61
CA ALA TA 503 -59.70 -32.73 71.66
C ALA TA 503 -61.06 -32.39 71.06
N ALA TA 504 -61.97 -31.96 71.94
CA ALA TA 504 -63.27 -31.47 71.49
C ALA TA 504 -63.16 -30.11 70.83
N ASP TA 505 -62.20 -29.28 71.24
CA ASP TA 505 -62.02 -27.96 70.65
C ASP TA 505 -60.92 -27.91 69.60
N GLN TA 506 -59.80 -28.61 69.83
CA GLN TA 506 -58.71 -28.61 68.88
C GLN TA 506 -59.09 -29.25 67.55
N LEU TA 507 -60.06 -30.17 67.55
CA LEU TA 507 -60.58 -30.68 66.29
C LEU TA 507 -61.39 -29.64 65.53
N LEU TA 508 -61.86 -28.59 66.21
CA LEU TA 508 -62.59 -27.52 65.58
C LEU TA 508 -61.73 -26.28 65.34
N ALA TA 509 -60.42 -26.39 65.50
CA ALA TA 509 -59.52 -25.28 65.27
C ALA TA 509 -59.65 -24.81 63.81
N PRO TA 510 -59.48 -23.52 63.56
CA PRO TA 510 -59.80 -22.96 62.23
C PRO TA 510 -58.79 -23.30 61.14
N GLY TA 511 -57.86 -24.23 61.37
CA GLY TA 511 -56.93 -24.62 60.33
C GLY TA 511 -56.54 -26.08 60.36
N ASN TA 512 -57.28 -26.90 61.10
CA ASN TA 512 -56.87 -28.27 61.39
C ASN TA 512 -56.74 -29.09 60.11
N ALA TA 513 -55.99 -30.19 60.22
CA ALA TA 513 -55.76 -31.12 59.13
C ALA TA 513 -56.64 -32.36 59.23
N ASP TA 514 -57.78 -32.24 59.92
CA ASP TA 514 -58.73 -33.35 60.04
C ASP TA 514 -60.11 -33.01 59.52
N LEU TA 515 -60.56 -31.77 59.70
CA LEU TA 515 -61.89 -31.38 59.21
C LEU TA 515 -61.98 -31.43 57.69
N ARG TA 516 -60.84 -31.48 57.00
CA ARG TA 516 -60.84 -31.77 55.57
C ARG TA 516 -61.22 -33.21 55.28
N LEU TA 517 -61.35 -34.05 56.31
CA LEU TA 517 -61.72 -35.45 56.16
C LEU TA 517 -63.10 -35.75 56.74
N GLU TA 518 -63.31 -35.42 58.01
CA GLU TA 518 -64.56 -35.75 58.70
C GLU TA 518 -65.69 -34.89 58.15
N LEU TA 519 -66.55 -35.50 57.33
CA LEU TA 519 -67.71 -34.79 56.80
C LEU TA 519 -68.96 -35.67 56.74
N HIS TA 520 -69.02 -36.70 57.59
CA HIS TA 520 -70.18 -37.59 57.56
C HIS TA 520 -70.21 -38.39 58.86
N PRO TA 521 -71.39 -38.61 59.45
CA PRO TA 521 -71.45 -39.34 60.72
C PRO TA 521 -71.29 -40.84 60.59
N ALA TA 522 -71.85 -41.44 59.54
CA ALA TA 522 -71.92 -42.89 59.41
C ALA TA 522 -70.79 -43.47 58.58
N PHE TA 523 -69.70 -42.74 58.41
CA PHE TA 523 -68.62 -43.19 57.54
C PHE TA 523 -67.29 -42.70 58.11
N ASP TA 524 -66.21 -43.13 57.46
CA ASP TA 524 -64.87 -42.65 57.76
C ASP TA 524 -64.20 -42.24 56.46
N PHE TA 525 -63.12 -41.47 56.59
CA PHE TA 525 -62.33 -41.08 55.43
C PHE TA 525 -60.89 -40.93 55.87
N PHE TA 526 -59.97 -41.51 55.10
CA PHE TA 526 -58.56 -41.50 55.45
C PHE TA 526 -57.75 -41.63 54.16
N VAL TA 527 -56.44 -41.82 54.30
CA VAL TA 527 -55.55 -42.07 53.18
C VAL TA 527 -55.04 -43.50 53.28
N ALA TA 528 -54.98 -44.19 52.15
CA ALA TA 528 -54.56 -45.57 52.09
C ALA TA 528 -53.65 -45.77 50.89
N PRO TA 529 -52.65 -46.64 51.00
CA PRO TA 529 -51.80 -46.93 49.84
C PRO TA 529 -52.63 -47.53 48.71
N GLU TA 530 -52.38 -47.03 47.50
CA GLU TA 530 -53.19 -47.43 46.34
C GLU TA 530 -52.83 -48.85 45.93
N VAL TA 531 -53.15 -49.82 46.79
CA VAL TA 531 -52.85 -51.22 46.56
C VAL TA 531 -54.05 -52.04 47.02
N ASP TA 532 -54.40 -53.07 46.24
CA ASP TA 532 -55.48 -53.95 46.63
C ASP TA 532 -55.18 -54.63 47.96
N VAL TA 533 -56.16 -54.62 48.85
CA VAL TA 533 -56.01 -55.24 50.17
C VAL TA 533 -56.82 -56.53 50.19
N PRO TA 534 -56.32 -57.61 50.82
CA PRO TA 534 -55.01 -57.70 51.47
C PRO TA 534 -53.84 -57.69 50.49
N GLY TA 535 -52.62 -57.54 50.99
CA GLY TA 535 -51.46 -57.44 50.13
C GLY TA 535 -50.26 -58.19 50.68
N PRO TA 536 -49.07 -57.83 50.20
CA PRO TA 536 -47.85 -58.49 50.68
C PRO TA 536 -47.41 -57.95 52.03
N PHE TA 537 -46.61 -58.77 52.71
CA PHE TA 537 -46.18 -58.44 54.07
C PHE TA 537 -45.31 -57.18 54.09
N ALA TA 538 -44.55 -56.93 53.04
CA ALA TA 538 -43.76 -55.71 52.93
C ALA TA 538 -44.62 -54.60 52.35
N VAL TA 539 -44.66 -53.47 53.04
CA VAL TA 539 -45.51 -52.36 52.60
C VAL TA 539 -44.93 -51.75 51.33
N PRO TA 540 -45.75 -51.44 50.33
CA PRO TA 540 -45.26 -50.74 49.14
C PRO TA 540 -45.34 -49.23 49.28
N GLN TA 541 -44.56 -48.55 48.45
CA GLN TA 541 -44.40 -47.09 48.51
C GLN TA 541 -45.22 -46.39 47.43
N VAL TA 542 -46.41 -46.91 47.12
CA VAL TA 542 -47.29 -46.22 46.18
C VAL TA 542 -47.93 -45.03 46.87
N MET TA 543 -48.35 -44.06 46.05
CA MET TA 543 -49.01 -42.87 46.57
C MET TA 543 -50.32 -43.24 47.26
N GLY TA 544 -50.67 -42.46 48.29
CA GLY TA 544 -51.88 -42.72 49.03
C GLY TA 544 -53.13 -42.29 48.29
N GLN TA 545 -54.27 -42.79 48.76
CA GLN TA 545 -55.56 -42.46 48.18
C GLN TA 545 -56.62 -42.44 49.27
N VAL TA 546 -57.72 -41.74 48.99
CA VAL TA 546 -58.74 -41.44 49.99
C VAL TA 546 -59.85 -42.47 49.83
N ARG TA 547 -59.78 -43.54 50.61
CA ARG TA 547 -60.84 -44.54 50.67
C ARG TA 547 -61.74 -44.27 51.87
N ALA TA 548 -62.90 -44.93 51.88
CA ALA TA 548 -63.88 -44.74 52.93
C ALA TA 548 -64.26 -46.09 53.52
N MET TA 549 -64.85 -46.05 54.72
CA MET TA 549 -65.27 -47.26 55.41
C MET TA 549 -66.41 -46.86 56.35
N PRO TA 550 -67.46 -47.67 56.46
CA PRO TA 550 -68.60 -47.27 57.30
C PRO TA 550 -68.40 -47.65 58.76
N ARG TA 551 -68.76 -46.73 59.65
CA ARG TA 551 -68.77 -47.01 61.08
C ARG TA 551 -69.95 -47.93 61.36
N ILE TA 552 -69.70 -49.23 61.46
CA ILE TA 552 -70.78 -50.18 61.69
C ILE TA 552 -71.40 -49.96 63.06
N ILE TA 553 -70.60 -49.54 64.03
CA ILE TA 553 -71.02 -49.43 65.42
C ILE TA 553 -70.98 -47.96 65.81
N ASN TA 554 -72.04 -47.52 66.50
CA ASN TA 554 -72.12 -46.11 66.92
C ASN TA 554 -71.10 -45.76 67.99
N GLY TA 555 -70.31 -46.72 68.48
CA GLY TA 555 -69.23 -46.44 69.38
C GLY TA 555 -67.92 -46.09 68.70
N ASN TA 556 -67.92 -45.99 67.37
CA ASN TA 556 -66.74 -45.62 66.61
C ASN TA 556 -66.67 -44.13 66.31
N ILE TA 557 -67.67 -43.36 66.72
CA ILE TA 557 -67.58 -41.90 66.61
C ILE TA 557 -66.37 -41.43 67.42
N PRO TA 558 -65.52 -40.57 66.86
CA PRO TA 558 -64.38 -40.07 67.64
C PRO TA 558 -64.85 -39.32 68.88
N LEU TA 559 -64.03 -39.39 69.93
CA LEU TA 559 -64.45 -38.87 71.23
C LEU TA 559 -64.72 -37.37 71.21
N ALA TA 560 -64.22 -36.65 70.20
CA ALA TA 560 -64.52 -35.22 70.11
C ALA TA 560 -65.97 -34.95 69.75
N LEU TA 561 -66.71 -35.96 69.31
CA LEU TA 561 -68.11 -35.79 68.95
C LEU TA 561 -69.04 -36.71 69.75
N CYS TA 562 -68.51 -37.37 70.78
CA CYS TA 562 -69.30 -38.22 71.66
C CYS TA 562 -68.53 -38.43 72.95
N PRO TA 563 -68.48 -37.42 73.83
CA PRO TA 563 -67.58 -37.50 74.98
C PRO TA 563 -67.96 -38.62 75.94
N VAL TA 564 -66.97 -39.02 76.74
CA VAL TA 564 -67.15 -40.12 77.70
C VAL TA 564 -68.29 -39.82 78.67
N ASP TA 565 -68.51 -38.54 78.98
CA ASP TA 565 -69.61 -38.17 79.85
C ASP TA 565 -70.94 -38.62 79.29
N PHE TA 566 -71.21 -38.32 78.02
CA PHE TA 566 -72.47 -38.69 77.41
C PHE TA 566 -72.66 -40.21 77.40
N ARG TA 567 -71.58 -40.95 77.12
CA ARG TA 567 -71.72 -42.40 77.02
C ARG TA 567 -71.97 -43.02 78.40
N ASP TA 568 -71.27 -42.55 79.42
CA ASP TA 568 -71.57 -43.04 80.76
C ASP TA 568 -72.96 -42.63 81.22
N ALA TA 569 -73.45 -41.48 80.75
CA ALA TA 569 -74.81 -41.08 81.05
C ALA TA 569 -75.82 -42.01 80.39
N ARG TA 570 -75.60 -42.36 79.13
CA ARG TA 570 -76.47 -43.32 78.45
C ARG TA 570 -76.43 -44.67 79.15
N GLY TA 571 -75.25 -45.06 79.63
CA GLY TA 571 -75.15 -46.29 80.41
C GLY TA 571 -75.98 -46.23 81.67
N PHE TA 572 -75.77 -45.19 82.48
CA PHE TA 572 -76.59 -44.96 83.68
C PHE TA 572 -78.07 -44.99 83.35
N GLU TA 573 -78.45 -44.48 82.17
CA GLU TA 573 -79.83 -44.58 81.72
C GLU TA 573 -80.26 -46.03 81.57
N LEU TA 574 -79.55 -46.80 80.75
CA LEU TA 574 -79.89 -48.20 80.57
C LEU TA 574 -79.63 -49.04 81.82
N SER TA 575 -78.66 -48.66 82.64
CA SER TA 575 -78.25 -49.50 83.76
C SER TA 575 -79.31 -49.56 84.86
N VAL TA 576 -80.26 -48.62 84.86
CA VAL TA 576 -81.15 -48.51 86.01
C VAL TA 576 -82.07 -49.73 86.11
N ASP TA 577 -82.07 -50.33 87.31
CA ASP TA 577 -83.05 -51.33 87.74
C ASP TA 577 -83.25 -52.49 86.75
N ARG TA 578 -82.26 -52.76 85.90
CA ARG TA 578 -82.31 -53.95 85.06
C ARG TA 578 -81.60 -55.13 85.71
N HIS TA 579 -80.30 -54.99 85.95
CA HIS TA 579 -79.56 -55.96 86.76
C HIS TA 579 -78.22 -55.35 87.14
N ARG TA 580 -77.73 -55.73 88.31
CA ARG TA 580 -76.52 -55.16 88.88
C ARG TA 580 -75.56 -56.28 89.29
N LEU TA 581 -74.44 -55.88 89.89
CA LEU TA 581 -73.44 -56.80 90.42
C LEU TA 581 -73.16 -56.37 91.85
N ALA TA 582 -73.54 -57.21 92.81
CA ALA TA 582 -73.32 -56.90 94.21
C ALA TA 582 -71.85 -56.64 94.47
N PRO TA 583 -71.52 -55.72 95.39
CA PRO TA 583 -70.10 -55.38 95.62
C PRO TA 583 -69.26 -56.58 96.01
N ALA TA 584 -69.86 -57.60 96.63
CA ALA TA 584 -69.10 -58.81 96.95
C ALA TA 584 -68.59 -59.51 95.71
N THR TA 585 -69.23 -59.30 94.56
CA THR TA 585 -68.76 -59.87 93.31
C THR TA 585 -67.65 -59.02 92.69
N VAL TA 586 -67.93 -57.75 92.44
CA VAL TA 586 -67.01 -56.95 91.66
C VAL TA 586 -65.77 -56.61 92.47
N ALA TA 587 -65.92 -56.41 93.79
CA ALA TA 587 -64.77 -56.11 94.62
C ALA TA 587 -63.79 -57.27 94.66
N ALA TA 588 -64.22 -58.47 94.27
CA ALA TA 588 -63.34 -59.62 94.13
C ALA TA 588 -62.84 -59.81 92.71
N VAL TA 589 -63.71 -59.60 91.71
CA VAL TA 589 -63.28 -59.82 90.33
C VAL TA 589 -62.29 -58.74 89.88
N ARG TA 590 -62.53 -57.48 90.25
CA ARG TA 590 -61.55 -56.45 89.94
C ARG TA 590 -60.25 -56.67 90.71
N GLY TA 591 -60.32 -57.20 91.93
CA GLY TA 591 -59.12 -57.59 92.63
C GLY TA 591 -58.35 -58.69 91.92
N ALA TA 592 -59.08 -59.61 91.30
CA ALA TA 592 -58.43 -60.66 90.52
C ALA TA 592 -57.81 -60.10 89.24
N PHE TA 593 -58.43 -59.08 88.66
CA PHE TA 593 -57.93 -58.50 87.42
C PHE TA 593 -56.72 -57.60 87.67
N ARG TA 594 -56.75 -56.83 88.75
CA ARG TA 594 -55.65 -55.93 89.12
C ARG TA 594 -54.48 -56.64 89.74
N ASP TA 595 -54.49 -57.97 89.72
CA ASP TA 595 -53.41 -58.74 90.32
C ASP TA 595 -52.15 -58.63 89.46
N ALA TA 596 -51.01 -58.83 90.12
CA ALA TA 596 -49.72 -58.85 89.44
C ALA TA 596 -48.99 -60.17 89.55
N ASN TA 597 -49.33 -61.01 90.52
CA ASN TA 597 -48.69 -62.31 90.71
C ASN TA 597 -49.68 -63.45 90.50
N TYR TA 598 -50.50 -63.33 89.46
CA TYR TA 598 -51.43 -64.39 89.11
C TYR TA 598 -50.66 -65.68 88.88
N PRO TA 599 -50.97 -66.75 89.61
CA PRO TA 599 -50.15 -67.97 89.53
C PRO TA 599 -50.09 -68.53 88.11
N MET TA 600 -48.86 -68.70 87.62
CA MET TA 600 -48.66 -69.18 86.25
C MET TA 600 -49.22 -70.59 86.06
N VAL TA 601 -49.24 -71.41 87.11
CA VAL TA 601 -49.76 -72.77 87.00
C VAL TA 601 -51.21 -72.75 86.53
N PHE TA 602 -51.95 -71.69 86.85
CA PHE TA 602 -53.31 -71.56 86.34
C PHE TA 602 -53.31 -71.36 84.83
N TYR TA 603 -52.44 -70.48 84.34
CA TYR TA 603 -52.28 -70.30 82.89
C TYR TA 603 -51.86 -71.60 82.22
N ILE TA 604 -51.05 -72.41 82.89
CA ILE TA 604 -50.57 -73.66 82.30
C ILE TA 604 -51.71 -74.68 82.22
N ILE TA 605 -52.44 -74.83 83.33
CA ILE TA 605 -53.66 -75.65 83.33
C ILE TA 605 -54.57 -75.21 82.20
N GLU TA 606 -54.69 -73.90 82.01
CA GLU TA 606 -55.59 -73.39 80.97
C GLU TA 606 -55.10 -73.77 79.58
N ALA TA 607 -53.85 -73.44 79.26
CA ALA TA 607 -53.31 -73.74 77.95
C ALA TA 607 -53.36 -75.23 77.64
N VAL TA 608 -53.24 -76.08 78.66
CA VAL TA 608 -53.33 -77.51 78.38
C VAL TA 608 -54.79 -77.97 78.30
N ILE TA 609 -55.73 -77.23 78.89
CA ILE TA 609 -57.13 -77.52 78.65
C ILE TA 609 -57.59 -76.97 77.31
N HIS TA 610 -57.04 -75.83 76.90
CA HIS TA 610 -57.35 -75.17 75.62
C HIS TA 610 -58.84 -75.18 75.32
N GLY TA 611 -59.67 -74.93 76.32
CA GLY TA 611 -61.10 -74.98 76.12
C GLY TA 611 -61.62 -76.36 75.83
N SER TA 612 -61.06 -77.38 76.48
CA SER TA 612 -61.53 -78.74 76.28
C SER TA 612 -62.96 -78.90 76.82
N GLU TA 613 -63.61 -79.98 76.39
CA GLU TA 613 -64.91 -80.36 76.93
C GLU TA 613 -64.84 -81.60 77.82
N ARG TA 614 -64.06 -82.60 77.42
CA ARG TA 614 -63.92 -83.82 78.21
C ARG TA 614 -62.78 -83.71 79.22
N THR TA 615 -61.66 -83.11 78.82
CA THR TA 615 -60.51 -83.03 79.73
C THR TA 615 -60.82 -82.15 80.94
N PHE TA 616 -61.69 -81.17 80.79
CA PHE TA 616 -62.12 -80.39 81.96
C PHE TA 616 -62.89 -81.27 82.93
N CYS TA 617 -63.82 -82.07 82.42
CA CYS TA 617 -64.56 -82.98 83.29
C CYS TA 617 -63.65 -84.03 83.89
N ALA TA 618 -62.50 -84.31 83.26
CA ALA TA 618 -61.56 -85.28 83.83
C ALA TA 618 -60.63 -84.63 84.86
N LEU TA 619 -60.38 -83.34 84.75
CA LEU TA 619 -59.50 -82.63 85.68
C LEU TA 619 -60.27 -81.79 86.71
N ALA TA 620 -61.59 -81.91 86.72
CA ALA TA 620 -62.45 -81.22 87.68
C ALA TA 620 -61.94 -81.26 89.12
N ARG TA 621 -61.42 -82.41 89.57
CA ARG TA 621 -60.95 -82.50 90.95
C ARG TA 621 -59.81 -81.52 91.21
N LEU TA 622 -58.77 -81.57 90.37
CA LEU TA 622 -57.65 -80.65 90.53
C LEU TA 622 -58.09 -79.21 90.39
N VAL TA 623 -59.00 -78.94 89.45
CA VAL TA 623 -59.45 -77.56 89.23
C VAL TA 623 -60.16 -77.03 90.47
N ALA TA 624 -61.07 -77.81 91.03
CA ALA TA 624 -61.77 -77.40 92.24
C ALA TA 624 -60.79 -77.22 93.40
N GLN TA 625 -59.82 -78.13 93.51
CA GLN TA 625 -58.83 -78.02 94.58
C GLN TA 625 -58.07 -76.70 94.50
N CYS TA 626 -57.55 -76.37 93.32
CA CYS TA 626 -56.73 -75.16 93.21
C CYS TA 626 -57.59 -73.90 93.36
N ILE TA 627 -58.84 -73.94 92.85
CA ILE TA 627 -59.73 -72.80 93.05
C ILE TA 627 -59.97 -72.56 94.54
N GLN TA 628 -60.30 -73.63 95.28
CA GLN TA 628 -60.52 -73.50 96.71
C GLN TA 628 -59.28 -72.97 97.41
N SER TA 629 -58.11 -73.48 97.03
CA SER TA 629 -56.86 -73.04 97.64
C SER TA 629 -56.66 -71.54 97.43
N TYR TA 630 -56.74 -71.08 96.18
CA TYR TA 630 -56.51 -69.66 95.90
C TYR TA 630 -57.54 -68.79 96.60
N TRP TA 631 -58.79 -69.25 96.66
CA TRP TA 631 -59.83 -68.47 97.33
C TRP TA 631 -59.52 -68.31 98.81
N ARG TA 632 -59.27 -69.42 99.51
CA ARG TA 632 -58.91 -69.32 100.92
C ARG TA 632 -57.60 -68.56 101.11
N ASN TA 633 -56.78 -68.46 100.06
CA ASN TA 633 -55.55 -67.68 100.15
C ASN TA 633 -55.84 -66.19 100.18
N THR TA 634 -56.46 -65.65 99.12
CA THR TA 634 -56.49 -64.20 99.01
C THR TA 634 -57.85 -63.66 98.57
N HIS TA 635 -58.91 -64.47 98.61
CA HIS TA 635 -60.27 -64.00 98.36
C HIS TA 635 -60.47 -63.42 96.97
N ASN TA 636 -59.61 -63.76 96.01
CA ASN TA 636 -59.71 -63.25 94.66
C ASN TA 636 -60.06 -64.40 93.72
N ALA TA 637 -61.08 -64.20 92.88
CA ALA TA 637 -61.51 -65.24 91.96
C ALA TA 637 -60.38 -65.60 91.00
N ALA TA 638 -60.54 -66.74 90.34
CA ALA TA 638 -59.51 -67.26 89.45
C ALA TA 638 -60.15 -67.78 88.18
N PHE TA 639 -59.31 -67.93 87.15
CA PHE TA 639 -59.72 -68.41 85.83
C PHE TA 639 -60.74 -67.49 85.17
N VAL TA 640 -60.89 -66.27 85.67
CA VAL TA 640 -61.88 -65.33 85.15
C VAL TA 640 -61.62 -64.94 83.70
N ASN TA 641 -60.42 -65.22 83.19
CA ASN TA 641 -60.06 -64.80 81.84
C ASN TA 641 -60.95 -65.47 80.79
N ASN TA 642 -60.97 -66.79 80.76
CA ASN TA 642 -61.59 -67.54 79.67
C ASN TA 642 -63.07 -67.79 79.96
N PHE TA 643 -63.90 -67.51 78.96
CA PHE TA 643 -65.34 -67.69 79.10
C PHE TA 643 -65.73 -69.15 79.20
N TYR TA 644 -65.06 -70.02 78.43
CA TYR TA 644 -65.40 -71.44 78.48
C TYR TA 644 -65.18 -72.01 79.87
N MET TA 645 -64.16 -71.55 80.58
CA MET TA 645 -63.89 -72.07 81.91
C MET TA 645 -64.92 -71.57 82.92
N VAL TA 646 -65.30 -70.30 82.85
CA VAL TA 646 -66.33 -69.79 83.76
C VAL TA 646 -67.67 -70.42 83.46
N MET TA 647 -67.88 -70.88 82.22
CA MET TA 647 -69.09 -71.65 81.92
C MET TA 647 -69.02 -73.03 82.53
N TYR TA 648 -67.90 -73.73 82.32
CA TYR TA 648 -67.77 -75.10 82.82
C TYR TA 648 -67.81 -75.15 84.33
N ILE TA 649 -67.27 -74.12 85.01
CA ILE TA 649 -67.27 -74.09 86.47
C ILE TA 649 -68.70 -74.19 87.00
N ASN TA 650 -69.56 -73.25 86.60
CA ASN TA 650 -70.92 -73.21 87.12
C ASN TA 650 -71.88 -74.13 86.38
N THR TA 651 -71.41 -74.88 85.37
CA THR TA 651 -72.23 -75.95 84.83
C THR TA 651 -71.92 -77.31 85.43
N TYR TA 652 -70.68 -77.56 85.87
CA TYR TA 652 -70.29 -78.85 86.41
C TYR TA 652 -70.06 -78.82 87.91
N LEU TA 653 -69.15 -77.95 88.38
CA LEU TA 653 -68.86 -77.90 89.81
C LEU TA 653 -70.08 -77.43 90.59
N GLY TA 654 -70.49 -76.18 90.39
CA GLY TA 654 -71.76 -75.69 90.90
C GLY TA 654 -71.95 -75.90 92.39
N ASN TA 655 -72.85 -76.83 92.74
CA ASN TA 655 -73.14 -77.19 94.11
C ASN TA 655 -72.14 -78.19 94.69
N GLY TA 656 -70.96 -78.29 94.08
CA GLY TA 656 -70.01 -79.32 94.47
C GLY TA 656 -68.96 -78.89 95.48
N GLU TA 657 -67.69 -79.08 95.12
CA GLU TA 657 -66.57 -78.91 96.05
C GLU TA 657 -66.33 -77.46 96.45
N LEU TA 658 -66.97 -76.49 95.84
CA LEU TA 658 -66.66 -75.11 96.15
C LEU TA 658 -67.53 -74.62 97.30
N PRO TA 659 -67.03 -73.63 98.06
CA PRO TA 659 -67.86 -73.07 99.13
C PRO TA 659 -69.02 -72.27 98.56
N GLU TA 660 -70.11 -72.26 99.31
CA GLU TA 660 -71.32 -71.60 98.85
C GLU TA 660 -71.26 -70.09 98.94
N ASP TA 661 -70.13 -69.51 99.37
CA ASP TA 661 -69.95 -68.08 99.37
C ASP TA 661 -68.90 -67.62 98.36
N CYS TA 662 -68.31 -68.56 97.61
CA CYS TA 662 -67.38 -68.23 96.54
C CYS TA 662 -67.93 -68.52 95.15
N ALA TA 663 -68.74 -69.57 95.00
CA ALA TA 663 -69.40 -69.84 93.73
C ALA TA 663 -70.41 -68.77 93.35
N ALA TA 664 -70.77 -67.89 94.29
CA ALA TA 664 -71.72 -66.83 94.00
C ALA TA 664 -71.21 -65.91 92.89
N VAL TA 665 -69.90 -65.65 92.86
CA VAL TA 665 -69.36 -64.78 91.81
C VAL TA 665 -69.34 -65.50 90.47
N TYR TA 666 -69.05 -66.81 90.49
CA TYR TA 666 -69.08 -67.60 89.26
C TYR TA 666 -70.49 -67.74 88.72
N LYS TA 667 -71.50 -67.60 89.56
CA LYS TA 667 -72.88 -67.53 89.07
C LYS TA 667 -73.24 -66.12 88.62
N ASP TA 668 -72.73 -65.11 89.32
CA ASP TA 668 -73.07 -63.72 89.02
C ASP TA 668 -72.55 -63.32 87.64
N LEU TA 669 -71.32 -63.70 87.30
CA LEU TA 669 -70.79 -63.34 85.99
C LEU TA 669 -71.67 -63.91 84.87
N LEU TA 670 -72.05 -65.19 84.99
CA LEU TA 670 -72.84 -65.82 83.94
C LEU TA 670 -74.24 -65.22 83.85
N GLU TA 671 -74.90 -64.99 85.00
CA GLU TA 671 -76.22 -64.39 84.93
C GLU TA 671 -76.15 -62.96 84.40
N HIS TA 672 -75.06 -62.25 84.65
CA HIS TA 672 -74.88 -60.93 84.06
C HIS TA 672 -74.78 -61.01 82.55
N VAL TA 673 -74.03 -61.99 82.05
CA VAL TA 673 -73.97 -62.21 80.60
C VAL TA 673 -75.37 -62.51 80.06
N HIS TA 674 -76.14 -63.32 80.79
CA HIS TA 674 -77.48 -63.66 80.33
C HIS TA 674 -78.41 -62.45 80.34
N ALA TA 675 -78.23 -61.55 81.31
CA ALA TA 675 -79.04 -60.34 81.34
C ALA TA 675 -78.68 -59.40 80.21
N LEU TA 676 -77.38 -59.27 79.92
CA LEU TA 676 -76.97 -58.51 78.74
C LEU TA 676 -77.52 -59.12 77.47
N ARG TA 677 -77.68 -60.45 77.44
CA ARG TA 677 -78.35 -61.09 76.32
C ARG TA 677 -79.82 -60.69 76.25
N ARG TA 678 -80.51 -60.71 77.40
CA ARG TA 678 -81.90 -60.28 77.44
C ARG TA 678 -82.05 -58.83 76.99
N LEU TA 679 -81.00 -58.02 77.16
CA LEU TA 679 -81.08 -56.61 76.80
C LEU TA 679 -81.37 -56.42 75.31
N ILE TA 680 -80.63 -57.11 74.45
CA ILE TA 680 -80.77 -56.88 73.00
C ILE TA 680 -82.12 -57.38 72.52
N GLY TA 681 -82.62 -58.47 73.11
CA GLY TA 681 -83.91 -59.01 72.71
C GLY TA 681 -85.07 -58.12 73.11
N GLU TA 682 -84.78 -56.98 73.73
CA GLU TA 682 -85.82 -56.05 74.17
C GLU TA 682 -85.67 -54.67 73.56
N PHE TA 683 -84.79 -54.50 72.57
CA PHE TA 683 -84.62 -53.23 71.87
C PHE TA 683 -84.78 -53.39 70.36
N THR TA 684 -85.43 -54.46 69.92
CA THR TA 684 -85.69 -54.69 68.50
C THR TA 684 -87.13 -55.14 68.34
N LEU TA 685 -87.85 -54.48 67.45
CA LEU TA 685 -89.21 -54.93 67.19
C LEU TA 685 -89.17 -56.22 66.38
N PRO TA 686 -89.94 -57.24 66.77
CA PRO TA 686 -89.87 -58.54 66.08
C PRO TA 686 -90.39 -58.43 64.67
N GLY TA 687 -89.52 -58.72 63.70
CA GLY TA 687 -89.90 -58.66 62.30
C GLY TA 687 -89.74 -59.99 61.60
N ASP TA 688 -89.13 -59.99 60.42
CA ASP TA 688 -88.95 -61.20 59.64
C ASP TA 688 -87.58 -61.17 59.00
N PRO TA 689 -86.84 -62.30 58.99
CA PRO TA 689 -85.49 -62.29 58.42
C PRO TA 689 -85.41 -61.67 57.03
N LEU TA 690 -84.67 -60.57 56.92
CA LEU TA 690 -84.65 -59.80 55.69
C LEU TA 690 -83.67 -60.40 54.67
N GLY TA 691 -82.39 -60.43 55.00
CA GLY TA 691 -81.39 -60.99 54.10
C GLY TA 691 -80.96 -62.36 54.57
N ASN TA 692 -81.92 -63.16 55.01
CA ASN TA 692 -81.66 -64.45 55.66
C ASN TA 692 -80.70 -64.27 56.82
N GLN TA 693 -80.96 -63.25 57.64
CA GLN TA 693 -80.25 -63.00 58.87
C GLN TA 693 -81.29 -62.55 59.88
N PRO TA 694 -81.31 -63.16 61.07
CA PRO TA 694 -82.36 -62.84 62.04
C PRO TA 694 -82.34 -61.38 62.45
N GLN TA 695 -83.52 -60.85 62.77
CA GLN TA 695 -83.63 -59.45 63.16
C GLN TA 695 -82.87 -59.16 64.44
N GLU TA 696 -82.81 -60.13 65.36
CA GLU TA 696 -82.07 -59.93 66.60
C GLU TA 696 -80.57 -59.93 66.39
N GLU TA 697 -80.09 -59.99 65.15
CA GLU TA 697 -78.68 -59.89 64.83
C GLU TA 697 -78.38 -58.88 63.74
N LEU TA 698 -79.39 -58.29 63.11
CA LEU TA 698 -79.16 -57.23 62.13
C LEU TA 698 -79.02 -55.87 62.79
N ASN TA 699 -79.60 -55.71 63.99
CA ASN TA 699 -79.53 -54.45 64.71
C ASN TA 699 -78.31 -54.35 65.61
N HIS TA 700 -77.90 -55.47 66.22
CA HIS TA 700 -76.76 -55.50 67.12
C HIS TA 700 -75.56 -56.14 66.42
N ALA TA 701 -74.42 -55.46 66.48
CA ALA TA 701 -73.21 -55.93 65.83
C ALA TA 701 -72.48 -57.00 66.65
N LEU TA 702 -73.16 -57.59 67.64
CA LEU TA 702 -72.60 -58.67 68.44
C LEU TA 702 -73.33 -59.98 68.23
N ALA TA 703 -74.67 -59.98 68.33
CA ALA TA 703 -75.43 -61.19 68.06
C ALA TA 703 -75.25 -61.67 66.62
N ASP TA 704 -74.75 -60.80 65.74
CA ASP TA 704 -74.45 -61.18 64.37
C ASP TA 704 -73.51 -62.38 64.33
N ALA TA 705 -73.72 -63.26 63.36
CA ALA TA 705 -72.89 -64.45 63.21
C ALA TA 705 -71.71 -64.23 62.28
N THR TA 706 -71.74 -63.20 61.44
CA THR TA 706 -70.64 -62.91 60.54
C THR TA 706 -69.45 -62.26 61.24
N LEU TA 707 -69.58 -61.95 62.53
CA LEU TA 707 -68.46 -61.43 63.32
C LEU TA 707 -67.83 -62.59 64.09
N LEU TA 708 -66.51 -62.63 64.08
CA LEU TA 708 -65.84 -63.69 64.82
C LEU TA 708 -65.47 -63.21 66.22
N PRO TA 709 -65.61 -64.06 67.23
CA PRO TA 709 -65.11 -63.71 68.56
C PRO TA 709 -63.61 -63.51 68.52
N PRO TA 710 -63.06 -62.72 69.45
CA PRO TA 710 -61.59 -62.52 69.44
C PRO TA 710 -60.81 -63.78 69.71
N LEU TA 711 -61.39 -64.77 70.37
CA LEU TA 711 -60.71 -66.02 70.67
C LEU TA 711 -61.67 -67.17 70.40
N ILE TA 712 -61.37 -67.97 69.40
CA ILE TA 712 -62.11 -69.19 69.13
C ILE TA 712 -61.35 -70.36 69.74
N TRP TA 713 -62.07 -71.44 70.00
CA TRP TA 713 -61.47 -72.66 70.52
C TRP TA 713 -61.90 -73.91 69.78
N ASP TA 714 -62.96 -73.84 68.98
CA ASP TA 714 -63.41 -74.96 68.17
C ASP TA 714 -64.06 -74.41 66.91
N CYS TA 715 -64.18 -75.28 65.91
CA CYS TA 715 -64.70 -74.88 64.61
C CYS TA 715 -66.16 -74.48 64.61
N ASP TA 716 -66.84 -74.53 65.76
CA ASP TA 716 -68.29 -74.26 65.76
C ASP TA 716 -68.61 -72.82 65.37
N PRO TA 717 -67.98 -71.78 65.94
CA PRO TA 717 -68.25 -70.41 65.47
C PRO TA 717 -67.79 -70.16 64.05
N ILE TA 718 -67.23 -71.17 63.38
CA ILE TA 718 -66.84 -71.09 61.99
C ILE TA 718 -67.77 -71.90 61.09
N LEU TA 719 -68.22 -73.07 61.57
CA LEU TA 719 -69.18 -73.84 60.79
C LEU TA 719 -70.55 -73.19 60.77
N TYR TA 720 -70.91 -72.47 61.84
CA TYR TA 720 -72.12 -71.66 61.84
C TYR TA 720 -72.06 -70.48 60.89
N ARG TA 721 -70.89 -70.21 60.31
CA ARG TA 721 -70.61 -68.96 59.61
C ARG TA 721 -70.75 -69.07 58.10
N ASP TA 722 -70.13 -70.08 57.48
CA ASP TA 722 -70.11 -70.18 56.03
C ASP TA 722 -71.49 -70.30 55.40
N GLY TA 723 -72.53 -70.55 56.20
CA GLY TA 723 -73.87 -70.64 55.64
C GLY TA 723 -74.41 -69.30 55.18
N LEU TA 724 -74.05 -68.22 55.89
CA LEU TA 724 -74.54 -66.89 55.56
C LEU TA 724 -73.88 -66.38 54.29
N ALA TA 725 -74.53 -66.58 53.15
CA ALA TA 725 -73.89 -66.40 51.85
C ALA TA 725 -74.29 -65.14 51.11
N GLU TA 726 -75.45 -64.54 51.43
CA GLU TA 726 -75.94 -63.43 50.62
C GLU TA 726 -75.00 -62.24 50.64
N ARG TA 727 -74.20 -62.10 51.71
CA ARG TA 727 -73.06 -61.18 51.72
C ARG TA 727 -71.83 -62.07 51.90
N LEU TA 728 -71.08 -62.24 50.83
CA LEU TA 728 -70.07 -63.29 50.75
C LEU TA 728 -69.04 -63.16 51.88
N PRO TA 729 -68.94 -64.15 52.76
CA PRO TA 729 -67.89 -64.13 53.79
C PRO TA 729 -66.59 -64.69 53.27
N GLU TA 730 -65.55 -64.69 54.09
CA GLU TA 730 -64.26 -65.21 53.69
C GLU TA 730 -63.39 -65.40 54.93
N LEU TA 731 -62.64 -66.50 54.96
CA LEU TA 731 -61.76 -66.82 56.06
C LEU TA 731 -60.42 -67.29 55.52
N ARG TA 732 -59.35 -66.93 56.23
CA ARG TA 732 -58.00 -67.30 55.82
C ARG TA 732 -57.19 -67.66 57.05
N VAL TA 733 -56.53 -68.80 57.00
CA VAL TA 733 -55.59 -69.21 58.04
C VAL TA 733 -54.24 -69.38 57.34
N ASN TA 734 -53.46 -68.30 57.31
CA ASN TA 734 -52.14 -68.22 56.70
C ASN TA 734 -52.15 -68.45 55.19
N GLY TA 735 -53.32 -68.60 54.57
CA GLY TA 735 -53.38 -68.71 53.13
C GLY TA 735 -54.30 -69.80 52.61
N ALA TA 736 -54.37 -70.91 53.32
CA ALA TA 736 -55.27 -72.00 52.96
C ALA TA 736 -56.70 -71.65 53.37
N HIS TA 737 -57.67 -72.31 52.74
CA HIS TA 737 -59.06 -72.06 53.11
C HIS TA 737 -59.27 -72.45 54.56
N PHE TA 738 -59.25 -73.76 54.85
CA PHE TA 738 -58.98 -74.39 56.13
C PHE TA 738 -59.16 -75.89 55.94
N GLN TA 739 -58.58 -76.67 56.84
CA GLN TA 739 -58.64 -78.13 56.77
C GLN TA 739 -59.13 -78.65 58.11
N HIS TA 740 -60.42 -78.93 58.20
CA HIS TA 740 -61.06 -79.35 59.44
C HIS TA 740 -60.62 -80.77 59.77
N ILE TA 741 -59.65 -80.90 60.67
CA ILE TA 741 -59.15 -82.19 61.12
C ILE TA 741 -59.60 -82.41 62.56
N LEU TA 742 -59.75 -83.68 62.92
CA LEU TA 742 -60.24 -84.08 64.23
C LEU TA 742 -59.07 -84.27 65.18
N TRP TA 743 -59.32 -84.92 66.33
CA TRP TA 743 -58.35 -85.10 67.41
C TRP TA 743 -57.02 -85.70 66.97
N VAL TA 744 -55.96 -85.45 67.75
CA VAL TA 744 -54.63 -85.96 67.48
C VAL TA 744 -54.02 -86.48 68.78
N GLU TA 745 -52.88 -87.17 68.64
CA GLU TA 745 -52.14 -87.67 69.80
C GLU TA 745 -50.64 -87.67 69.49
N MET TA 746 -49.88 -88.33 70.34
CA MET TA 746 -48.45 -88.51 70.15
C MET TA 746 -48.12 -89.33 68.91
N ALA TA 747 -49.14 -89.95 68.28
CA ALA TA 747 -48.91 -90.65 67.02
C ALA TA 747 -48.27 -89.73 65.98
N GLN TA 748 -48.60 -88.44 66.04
CA GLN TA 748 -47.92 -87.42 65.25
C GLN TA 748 -48.29 -86.04 65.78
N VAL TA 749 -47.30 -85.17 65.96
CA VAL TA 749 -47.59 -83.80 66.39
C VAL TA 749 -47.02 -82.81 65.40
N ASN TA 750 -45.70 -82.78 65.29
CA ASN TA 750 -44.98 -81.85 64.42
C ASN TA 750 -45.45 -80.41 64.66
N PHE TA 751 -45.13 -79.93 65.87
CA PHE TA 751 -45.45 -78.54 66.24
C PHE TA 751 -45.05 -77.55 65.15
N ARG TA 752 -44.04 -77.89 64.36
CA ARG TA 752 -43.60 -77.05 63.25
C ARG TA 752 -44.56 -77.08 62.06
N ASN TA 753 -45.74 -77.66 62.23
CA ASN TA 753 -46.76 -77.56 61.19
C ASN TA 753 -47.21 -76.11 61.05
N VAL TA 754 -47.44 -75.69 59.82
CA VAL TA 754 -47.64 -74.28 59.51
C VAL TA 754 -48.89 -74.07 58.66
N GLY TA 755 -49.41 -75.15 58.10
CA GLY TA 755 -50.48 -75.05 57.14
C GLY TA 755 -51.79 -74.57 57.75
N GLY TA 756 -52.81 -74.56 56.91
CA GLY TA 756 -54.13 -74.14 57.35
C GLY TA 756 -54.96 -75.31 57.83
N GLY TA 757 -54.98 -75.52 59.14
CA GLY TA 757 -55.77 -76.59 59.72
C GLY TA 757 -55.86 -76.46 61.23
N LEU TA 758 -57.07 -76.49 61.75
CA LEU TA 758 -57.34 -76.32 63.17
C LEU TA 758 -57.41 -77.71 63.82
N VAL TA 759 -57.88 -77.73 65.06
CA VAL TA 759 -58.05 -78.98 65.80
C VAL TA 759 -59.13 -78.78 66.85
N HIS TA 760 -59.92 -79.83 67.09
CA HIS TA 760 -60.97 -79.79 68.10
C HIS TA 760 -60.44 -80.32 69.42
N ASN TA 761 -60.99 -79.80 70.51
CA ASN TA 761 -60.55 -80.11 71.87
C ASN TA 761 -61.19 -81.41 72.34
N ARG TA 762 -60.58 -82.53 71.93
CA ARG TA 762 -61.19 -83.85 72.12
C ARG TA 762 -62.61 -83.74 71.57
N PRO TA 763 -62.75 -83.72 70.25
CA PRO TA 763 -63.88 -83.03 69.59
C PRO TA 763 -65.24 -83.27 70.20
N VAL TA 764 -65.65 -84.52 70.24
CA VAL TA 764 -67.02 -84.87 70.57
C VAL TA 764 -67.04 -85.55 71.92
N ARG TA 765 -68.13 -85.36 72.65
CA ARG TA 765 -68.36 -86.06 73.91
C ARG TA 765 -69.24 -87.28 73.76
N ASN TA 766 -70.20 -87.26 72.84
CA ASN TA 766 -71.16 -88.36 72.72
C ASN TA 766 -71.16 -89.07 71.38
N GLU TA 767 -71.34 -88.35 70.27
CA GLU TA 767 -71.76 -89.00 69.03
C GLU TA 767 -70.60 -89.50 68.19
N ASN TA 768 -69.62 -88.64 67.92
CA ASN TA 768 -68.50 -88.93 67.03
C ASN TA 768 -69.00 -89.22 65.61
N GLN TA 769 -69.58 -88.19 65.01
CA GLN TA 769 -70.02 -88.23 63.62
C GLN TA 769 -69.51 -86.99 62.90
N PRO TA 770 -69.28 -87.07 61.59
CA PRO TA 770 -68.54 -86.00 60.90
C PRO TA 770 -69.38 -84.75 60.69
N LEU TA 771 -68.68 -83.60 60.70
CA LEU TA 771 -69.22 -82.30 60.29
C LEU TA 771 -70.44 -81.91 61.13
N HIS TA 772 -70.19 -81.71 62.43
CA HIS TA 772 -71.23 -81.16 63.26
C HIS TA 772 -70.64 -80.32 64.37
N PRO TA 773 -71.21 -79.15 64.64
CA PRO TA 773 -70.80 -78.39 65.83
C PRO TA 773 -71.38 -79.00 67.09
N HIS TA 774 -70.61 -78.92 68.18
CA HIS TA 774 -71.02 -79.51 69.45
C HIS TA 774 -71.44 -78.46 70.47
N HIS TA 775 -71.93 -77.31 70.00
CA HIS TA 775 -72.54 -76.30 70.84
C HIS TA 775 -73.47 -75.47 69.97
N ASP TA 776 -74.47 -74.86 70.59
CA ASP TA 776 -75.52 -74.19 69.83
C ASP TA 776 -75.05 -72.81 69.37
N ALA TA 777 -75.98 -72.01 68.85
CA ALA TA 777 -75.64 -70.74 68.23
C ALA TA 777 -75.35 -69.66 69.27
N GLU TA 778 -76.26 -69.49 70.24
CA GLU TA 778 -76.15 -68.41 71.22
C GLU TA 778 -74.87 -68.50 72.07
N TRP TA 779 -74.21 -69.66 72.07
CA TRP TA 779 -72.94 -69.78 72.78
C TRP TA 779 -71.93 -68.76 72.27
N SER TA 780 -71.83 -68.61 70.94
CA SER TA 780 -70.91 -67.63 70.38
C SER TA 780 -71.32 -66.21 70.72
N VAL TA 781 -72.63 -65.95 70.76
CA VAL TA 781 -73.10 -64.62 71.16
C VAL TA 781 -72.67 -64.32 72.59
N LEU TA 782 -72.84 -65.30 73.49
CA LEU TA 782 -72.40 -65.11 74.87
C LEU TA 782 -70.90 -64.87 74.95
N SER TA 783 -70.12 -65.59 74.13
CA SER TA 783 -68.68 -65.40 74.10
C SER TA 783 -68.32 -63.98 73.69
N LYS TA 784 -68.92 -63.50 72.60
CA LYS TA 784 -68.67 -62.13 72.16
C LYS TA 784 -69.07 -61.12 73.23
N ILE TA 785 -70.21 -61.34 73.88
CA ILE TA 785 -70.65 -60.47 74.97
C ILE TA 785 -69.57 -60.37 76.03
N TYR TA 786 -69.15 -61.53 76.54
CA TYR TA 786 -68.13 -61.55 77.59
C TYR TA 786 -66.87 -60.83 77.16
N TYR TA 787 -66.37 -61.13 75.96
CA TYR TA 787 -65.05 -60.64 75.58
C TYR TA 787 -65.06 -59.21 75.05
N TYR TA 788 -66.22 -58.64 74.74
CA TYR TA 788 -66.26 -57.28 74.22
C TYR TA 788 -66.96 -56.27 75.13
N ALA TA 789 -67.69 -56.72 76.15
CA ALA TA 789 -68.41 -55.77 77.00
C ALA TA 789 -68.23 -55.99 78.49
N VAL TA 790 -67.58 -57.07 78.92
CA VAL TA 790 -67.41 -57.37 80.33
C VAL TA 790 -65.95 -57.36 80.74
N VAL TA 791 -65.08 -57.99 79.94
CA VAL TA 791 -63.65 -58.02 80.23
C VAL TA 791 -63.08 -56.60 80.31
N PRO TA 792 -63.18 -55.77 79.27
CA PRO TA 792 -62.55 -54.44 79.35
C PRO TA 792 -63.11 -53.57 80.45
N ALA TA 793 -64.38 -53.75 80.82
CA ALA TA 793 -64.94 -52.99 81.93
C ALA TA 793 -64.20 -53.25 83.23
N PHE TA 794 -63.63 -54.45 83.39
CA PHE TA 794 -62.84 -54.79 84.57
C PHE TA 794 -61.36 -54.50 84.36
N SER TA 795 -60.78 -55.08 83.32
CA SER TA 795 -59.34 -54.94 83.06
C SER TA 795 -58.97 -53.48 82.81
N ARG TA 796 -59.79 -52.77 82.04
CA ARG TA 796 -59.54 -51.37 81.68
C ARG TA 796 -58.17 -51.20 81.03
N GLY TA 797 -58.00 -51.88 79.89
CA GLY TA 797 -56.78 -51.78 79.14
C GLY TA 797 -55.56 -52.44 79.77
N ASN TA 798 -55.77 -53.56 80.45
CA ASN TA 798 -54.67 -54.37 80.96
C ASN TA 798 -54.49 -55.68 80.22
N CYS TA 799 -55.58 -56.30 79.78
CA CYS TA 799 -55.50 -57.60 79.16
C CYS TA 799 -54.88 -57.52 77.76
N CYS TA 800 -54.18 -58.59 77.39
CA CYS TA 800 -53.56 -58.70 76.08
C CYS TA 800 -53.46 -60.16 75.70
N THR TA 801 -54.03 -60.51 74.56
CA THR TA 801 -54.01 -61.90 74.12
C THR TA 801 -52.58 -62.39 73.93
N MET TA 802 -52.39 -63.69 74.13
CA MET TA 802 -51.07 -64.30 74.06
C MET TA 802 -51.15 -65.62 73.30
N GLY TA 803 -50.15 -65.87 72.46
CA GLY TA 803 -50.04 -67.14 71.78
C GLY TA 803 -49.09 -68.08 72.49
N VAL TA 804 -49.61 -69.18 73.01
CA VAL TA 804 -48.86 -70.09 73.87
C VAL TA 804 -47.83 -70.85 73.06
N ARG TA 805 -46.89 -71.49 73.75
CA ARG TA 805 -45.90 -72.38 73.15
C ARG TA 805 -46.23 -73.79 73.62
N TYR TA 806 -47.10 -74.47 72.86
CA TYR TA 806 -47.62 -75.77 73.29
C TYR TA 806 -46.54 -76.82 73.45
N ASP TA 807 -45.52 -76.80 72.59
CA ASP TA 807 -44.39 -77.72 72.77
C ASP TA 807 -43.77 -77.58 74.15
N ARG TA 808 -43.47 -76.34 74.56
CA ARG TA 808 -42.87 -76.11 75.86
C ARG TA 808 -43.79 -76.53 77.00
N VAL TA 809 -45.08 -76.16 76.92
CA VAL TA 809 -46.01 -76.47 78.00
C VAL TA 809 -46.19 -77.97 78.14
N TYR TA 810 -46.42 -78.66 77.02
CA TYR TA 810 -46.56 -80.11 77.05
C TYR TA 810 -45.30 -80.77 77.59
N GLN TA 811 -44.12 -80.30 77.16
CA GLN TA 811 -42.88 -80.88 77.65
C GLN TA 811 -42.74 -80.68 79.15
N LEU TA 812 -43.20 -79.54 79.67
CA LEU TA 812 -43.09 -79.26 81.09
C LEU TA 812 -44.05 -80.10 81.91
N VAL TA 813 -45.32 -80.18 81.49
CA VAL TA 813 -46.36 -80.83 82.30
C VAL TA 813 -46.12 -82.33 82.47
N GLN TA 814 -45.31 -82.93 81.61
CA GLN TA 814 -45.02 -84.35 81.75
C GLN TA 814 -44.04 -84.65 82.88
N THR TA 815 -43.09 -83.74 83.13
CA THR TA 815 -42.01 -83.98 84.08
C THR TA 815 -42.56 -83.91 85.50
N MET TA 816 -43.33 -84.94 85.86
CA MET TA 816 -43.88 -85.07 87.20
C MET TA 816 -43.04 -86.04 88.02
N VAL TA 817 -43.05 -85.85 89.34
CA VAL TA 817 -42.49 -86.81 90.28
C VAL TA 817 -43.56 -87.09 91.33
N VAL TA 818 -43.83 -88.37 91.56
CA VAL TA 818 -44.83 -88.78 92.54
C VAL TA 818 -44.33 -90.03 93.25
N PRO TA 819 -44.38 -90.07 94.58
CA PRO TA 819 -43.97 -91.29 95.30
C PRO TA 819 -45.01 -92.41 95.18
N GLU TA 820 -44.77 -93.50 95.89
CA GLU TA 820 -45.64 -94.68 95.86
C GLU TA 820 -46.26 -94.86 97.23
N THR TA 821 -47.55 -94.55 97.35
CA THR TA 821 -48.27 -94.63 98.61
C THR TA 821 -49.47 -95.56 98.48
N ASP TA 822 -49.96 -96.01 99.63
CA ASP TA 822 -51.16 -96.82 99.72
C ASP TA 822 -52.42 -96.00 99.95
N GLU TA 823 -52.31 -94.90 100.69
CA GLU TA 823 -53.44 -94.04 101.02
C GLU TA 823 -52.97 -92.60 101.06
N GLU TA 824 -53.94 -91.68 101.09
CA GLU TA 824 -53.64 -90.26 101.09
C GLU TA 824 -53.16 -89.83 102.47
N VAL TA 825 -51.91 -89.38 102.55
CA VAL TA 825 -51.21 -89.20 103.82
C VAL TA 825 -51.35 -87.76 104.34
N GLY TA 826 -51.26 -86.77 103.47
CA GLY TA 826 -51.27 -85.40 103.92
C GLY TA 826 -49.93 -84.71 103.72
N THR TA 827 -49.97 -83.37 103.69
CA THR TA 827 -48.78 -82.60 103.37
C THR TA 827 -47.70 -82.75 104.42
N ASP TA 828 -48.06 -83.05 105.67
CA ASP TA 828 -47.07 -83.09 106.74
C ASP TA 828 -46.11 -84.28 106.55
N ASP TA 829 -46.58 -85.36 105.95
CA ASP TA 829 -45.75 -86.54 105.81
C ASP TA 829 -44.72 -86.34 104.70
N PRO TA 830 -43.47 -86.79 104.90
CA PRO TA 830 -42.45 -86.63 103.85
C PRO TA 830 -42.68 -87.50 102.62
N ARG TA 831 -43.79 -88.22 102.54
CA ARG TA 831 -44.17 -88.91 101.31
C ARG TA 831 -45.25 -88.17 100.54
N HIS TA 832 -45.57 -86.95 100.93
CA HIS TA 832 -46.47 -86.12 100.13
C HIS TA 832 -45.70 -85.53 98.96
N PRO TA 833 -46.33 -85.42 97.78
CA PRO TA 833 -45.62 -84.88 96.61
C PRO TA 833 -45.19 -83.43 96.74
N LEU TA 834 -45.63 -82.73 97.78
CA LEU TA 834 -45.24 -81.34 97.99
C LEU TA 834 -44.17 -81.15 99.06
N HIS TA 835 -43.79 -82.23 99.76
CA HIS TA 835 -42.85 -82.11 100.86
C HIS TA 835 -41.49 -81.65 100.36
N PRO TA 836 -40.73 -80.90 101.18
CA PRO TA 836 -39.39 -80.47 100.77
C PRO TA 836 -38.43 -81.63 100.49
N ARG TA 837 -38.77 -82.86 100.88
CA ARG TA 837 -37.89 -83.98 100.59
C ARG TA 837 -37.82 -84.26 99.10
N ASN TA 838 -38.97 -84.54 98.47
CA ASN TA 838 -39.03 -84.92 97.07
C ASN TA 838 -39.38 -83.73 96.17
N LEU TA 839 -39.13 -82.51 96.63
CA LEU TA 839 -39.33 -81.32 95.81
C LEU TA 839 -38.13 -81.24 94.86
N VAL TA 840 -38.20 -82.01 93.79
CA VAL TA 840 -37.09 -82.09 92.84
C VAL TA 840 -36.94 -80.75 92.11
N PRO TA 841 -35.74 -80.23 91.96
CA PRO TA 841 -35.58 -78.89 91.38
C PRO TA 841 -35.95 -78.84 89.90
N ASN TA 842 -36.38 -77.65 89.48
CA ASN TA 842 -36.63 -77.35 88.07
C ASN TA 842 -37.53 -78.41 87.43
N SER TA 843 -38.75 -78.51 87.94
CA SER TA 843 -39.67 -79.59 87.65
C SER TA 843 -41.08 -79.02 87.47
N LEU TA 844 -42.07 -79.90 87.59
CA LEU TA 844 -43.45 -79.45 87.61
C LEU TA 844 -43.91 -79.10 89.02
N ASN TA 845 -43.53 -79.92 90.01
CA ASN TA 845 -43.99 -79.71 91.38
C ASN TA 845 -43.52 -78.36 91.92
N VAL TA 846 -42.36 -77.88 91.48
CA VAL TA 846 -41.87 -76.58 91.95
C VAL TA 846 -42.82 -75.47 91.55
N LEU TA 847 -43.51 -75.63 90.42
CA LEU TA 847 -44.52 -74.64 90.03
C LEU TA 847 -45.67 -74.64 91.01
N PHE TA 848 -46.21 -75.81 91.35
CA PHE TA 848 -47.30 -75.88 92.31
C PHE TA 848 -46.86 -75.47 93.72
N HIS TA 849 -45.56 -75.47 94.02
CA HIS TA 849 -45.14 -74.93 95.30
C HIS TA 849 -44.94 -73.41 95.24
N ASN TA 850 -44.55 -72.88 94.08
CA ASN TA 850 -44.33 -71.45 93.96
C ASN TA 850 -45.61 -70.66 94.19
N ALA TA 851 -46.73 -71.13 93.66
CA ALA TA 851 -48.02 -70.49 93.86
C ALA TA 851 -48.62 -70.81 95.22
N CYS TA 852 -47.92 -71.59 96.04
CA CYS TA 852 -48.35 -71.96 97.39
C CYS TA 852 -49.67 -72.73 97.39
N VAL TA 853 -50.13 -73.20 96.23
CA VAL TA 853 -51.38 -73.94 96.14
C VAL TA 853 -51.22 -75.29 96.82
N ALA TA 854 -52.29 -75.74 97.48
CA ALA TA 854 -52.33 -77.03 98.15
C ALA TA 854 -53.12 -78.00 97.28
N VAL TA 855 -52.40 -78.88 96.59
CA VAL TA 855 -53.00 -79.89 95.73
C VAL TA 855 -52.72 -81.27 96.32
N ASP TA 856 -53.47 -82.26 95.83
CA ASP TA 856 -53.30 -83.63 96.27
C ASP TA 856 -52.31 -84.36 95.36
N ALA TA 857 -52.06 -85.62 95.66
CA ALA TA 857 -51.16 -86.44 94.84
C ALA TA 857 -51.89 -86.98 93.61
N ASP TA 858 -52.96 -87.74 93.83
CA ASP TA 858 -53.73 -88.29 92.72
C ASP TA 858 -54.27 -87.19 91.81
N ALA TA 859 -54.54 -86.01 92.39
CA ALA TA 859 -54.99 -84.88 91.57
C ALA TA 859 -53.96 -84.54 90.49
N MET TA 860 -52.72 -84.28 90.91
CA MET TA 860 -51.65 -84.08 89.93
C MET TA 860 -51.50 -85.29 89.03
N LEU TA 861 -51.74 -86.49 89.56
CA LEU TA 861 -51.58 -87.71 88.78
C LEU TA 861 -52.52 -87.74 87.59
N ILE TA 862 -53.75 -87.25 87.76
CA ILE TA 862 -54.77 -87.28 86.70
C ILE TA 862 -54.24 -86.67 85.41
N LEU TA 863 -53.23 -85.81 85.52
CA LEU TA 863 -52.75 -85.04 84.38
C LEU TA 863 -52.30 -85.89 83.21
N GLN TA 864 -52.13 -87.20 83.39
CA GLN TA 864 -51.70 -88.06 82.28
C GLN TA 864 -52.75 -88.13 81.18
N GLU TA 865 -54.04 -88.03 81.53
CA GLU TA 865 -55.10 -88.07 80.54
C GLU TA 865 -55.03 -86.88 79.59
N THR TA 866 -54.29 -85.83 79.94
CA THR TA 866 -54.19 -84.63 79.12
C THR TA 866 -53.33 -84.79 77.88
N VAL TA 867 -52.95 -86.02 77.53
CA VAL TA 867 -52.16 -86.26 76.33
C VAL TA 867 -52.97 -86.97 75.24
N THR TA 868 -54.03 -87.69 75.59
CA THR TA 868 -54.86 -88.34 74.58
C THR TA 868 -55.64 -87.35 73.74
N ASN TA 869 -55.57 -86.05 74.05
CA ASN TA 869 -56.21 -85.01 73.25
C ASN TA 869 -55.36 -83.75 73.42
N MET TA 870 -54.49 -83.50 72.45
CA MET TA 870 -53.55 -82.40 72.55
C MET TA 870 -53.90 -81.30 71.55
N ALA TA 871 -53.11 -80.23 71.58
CA ALA TA 871 -53.32 -79.07 70.74
C ALA TA 871 -52.03 -78.75 69.99
N GLU TA 872 -52.13 -78.60 68.67
CA GLU TA 872 -50.94 -78.37 67.85
C GLU TA 872 -50.26 -77.06 68.21
N ARG TA 873 -50.95 -75.95 67.99
CA ARG TA 873 -50.36 -74.62 68.11
C ARG TA 873 -51.48 -73.60 68.08
N THR TA 874 -51.14 -72.37 68.47
CA THR TA 874 -52.05 -71.24 68.33
C THR TA 874 -51.85 -70.63 66.95
N THR TA 875 -52.93 -70.50 66.20
CA THR TA 875 -52.84 -70.01 64.83
C THR TA 875 -53.71 -68.78 64.64
N PRO TA 876 -53.28 -67.83 63.82
CA PRO TA 876 -54.08 -66.64 63.56
C PRO TA 876 -55.10 -66.87 62.46
N LEU TA 877 -56.09 -65.97 62.42
CA LEU TA 877 -57.12 -65.97 61.39
C LEU TA 877 -57.29 -64.56 60.87
N LEU TA 878 -58.04 -64.43 59.78
CA LEU TA 878 -58.40 -63.11 59.25
C LEU TA 878 -59.76 -63.26 58.56
N ALA TA 879 -60.82 -62.94 59.31
CA ALA TA 879 -62.16 -62.94 58.74
C ALA TA 879 -62.40 -61.65 57.97
N SER TA 880 -63.03 -61.77 56.81
CA SER TA 880 -63.28 -60.63 55.94
C SER TA 880 -64.66 -60.77 55.34
N VAL TA 881 -65.57 -59.89 55.72
CA VAL TA 881 -66.96 -59.97 55.29
C VAL TA 881 -67.41 -58.61 54.78
N ALA TA 882 -68.27 -58.63 53.77
CA ALA TA 882 -68.88 -57.43 53.25
C ALA TA 882 -70.00 -56.97 54.19
N PRO TA 883 -70.40 -55.70 54.13
CA PRO TA 883 -71.46 -55.22 55.01
C PRO TA 883 -72.76 -56.00 54.83
N ASP TA 884 -73.63 -55.88 55.83
CA ASP TA 884 -74.81 -56.73 55.92
C ASP TA 884 -75.89 -56.25 54.96
N ALA TA 885 -77.10 -56.78 55.12
CA ALA TA 885 -78.22 -56.41 54.25
C ALA TA 885 -78.59 -54.93 54.39
N GLY TA 886 -78.25 -54.30 55.51
CA GLY TA 886 -78.53 -52.89 55.70
C GLY TA 886 -77.69 -51.98 54.83
N MET TA 887 -76.39 -51.95 55.08
CA MET TA 887 -75.46 -51.15 54.29
C MET TA 887 -75.24 -51.85 52.95
N ALA TA 888 -76.22 -51.72 52.07
CA ALA TA 888 -76.26 -52.48 50.82
C ALA TA 888 -76.27 -51.61 49.58
N THR TA 889 -76.07 -50.30 49.71
CA THR TA 889 -76.06 -49.42 48.55
C THR TA 889 -74.97 -49.85 47.58
N VAL TA 890 -75.25 -49.74 46.28
CA VAL TA 890 -74.30 -50.13 45.24
C VAL TA 890 -72.95 -49.45 45.43
N ALA TA 891 -72.92 -48.30 46.11
CA ALA TA 891 -71.68 -47.63 46.46
C ALA TA 891 -70.97 -48.27 47.65
N THR TA 892 -71.43 -49.45 48.12
CA THR TA 892 -70.86 -50.07 49.30
C THR TA 892 -70.55 -51.55 49.12
N ARG TA 893 -70.88 -52.15 47.97
CA ARG TA 893 -70.66 -53.59 47.78
C ARG TA 893 -69.19 -53.98 47.92
N ASP TA 894 -68.27 -53.03 47.78
CA ASP TA 894 -66.85 -53.31 47.90
C ASP TA 894 -66.27 -52.97 49.28
N MET TA 895 -66.93 -52.08 50.02
CA MET TA 895 -66.40 -51.62 51.30
C MET TA 895 -66.52 -52.69 52.37
N ARG TA 896 -65.67 -53.72 52.31
CA ARG TA 896 -65.72 -54.82 53.24
C ARG TA 896 -64.90 -54.50 54.48
N THR TA 897 -64.82 -55.46 55.40
CA THR TA 897 -64.09 -55.30 56.64
C THR TA 897 -63.06 -56.42 56.79
N HIS TA 898 -62.24 -56.28 57.84
CA HIS TA 898 -61.22 -57.28 58.17
C HIS TA 898 -60.96 -57.22 59.66
N ASP TA 899 -60.86 -58.40 60.29
CA ASP TA 899 -60.52 -58.49 61.70
C ASP TA 899 -60.12 -59.92 62.00
N GLY TA 900 -58.98 -60.10 62.65
CA GLY TA 900 -58.44 -61.42 62.91
C GLY TA 900 -58.85 -61.97 64.25
N SER TA 901 -58.16 -63.04 64.64
CA SER TA 901 -58.38 -63.71 65.92
C SER TA 901 -57.26 -64.74 66.07
N LEU TA 902 -57.24 -65.39 67.24
CA LEU TA 902 -56.27 -66.43 67.55
C LEU TA 902 -57.01 -67.69 67.94
N HIS TA 903 -56.68 -68.80 67.28
CA HIS TA 903 -57.28 -70.09 67.55
C HIS TA 903 -56.44 -70.84 68.58
N HIS TA 904 -57.09 -71.28 69.65
CA HIS TA 904 -56.40 -71.89 70.79
C HIS TA 904 -55.42 -70.93 71.45
N GLY TA 905 -55.76 -69.64 71.43
CA GLY TA 905 -54.92 -68.62 72.04
C GLY TA 905 -55.07 -68.58 73.55
N LEU TA 906 -54.88 -67.39 74.11
CA LEU TA 906 -55.01 -67.21 75.55
C LEU TA 906 -55.07 -65.73 75.87
N LEU TA 907 -55.89 -65.39 76.87
CA LEU TA 907 -55.99 -64.03 77.37
C LEU TA 907 -55.48 -64.03 78.81
N MET TA 908 -54.51 -63.16 79.09
CA MET TA 908 -53.90 -63.08 80.41
C MET TA 908 -54.27 -61.78 81.09
N MET TA 909 -54.22 -61.79 82.42
CA MET TA 909 -54.77 -60.68 83.21
C MET TA 909 -53.87 -59.46 83.17
N ALA TA 910 -52.65 -59.60 83.67
CA ALA TA 910 -51.69 -58.50 83.69
C ALA TA 910 -50.28 -59.09 83.67
N TYR TA 911 -49.38 -58.41 82.98
CA TYR TA 911 -48.02 -58.93 82.86
C TYR TA 911 -47.27 -58.79 84.19
N GLN TA 912 -46.53 -59.84 84.54
CA GLN TA 912 -45.69 -59.86 85.71
C GLN TA 912 -44.25 -59.62 85.28
N PRO TA 913 -43.78 -58.37 85.27
CA PRO TA 913 -42.47 -58.08 84.67
C PRO TA 913 -41.30 -58.27 85.63
N ASN TA 914 -41.54 -58.09 86.93
CA ASN TA 914 -40.47 -58.05 87.90
C ASN TA 914 -40.21 -59.41 88.56
N ASP TA 915 -40.75 -60.48 87.99
CA ASP TA 915 -40.49 -61.81 88.50
C ASP TA 915 -39.12 -62.29 88.04
N ALA TA 916 -38.45 -63.05 88.90
CA ALA TA 916 -37.14 -63.58 88.62
C ALA TA 916 -37.10 -65.10 88.64
N THR TA 917 -38.13 -65.74 89.19
CA THR TA 917 -38.16 -67.19 89.32
C THR TA 917 -38.32 -67.90 87.97
N LEU TA 918 -38.60 -67.18 86.89
CA LEU TA 918 -38.83 -67.81 85.59
C LEU TA 918 -38.33 -66.90 84.48
N LEU TA 919 -38.14 -67.49 83.31
CA LEU TA 919 -37.90 -66.72 82.09
C LEU TA 919 -39.13 -65.87 81.76
N GLU TA 920 -38.93 -64.89 80.88
CA GLU TA 920 -40.02 -64.02 80.47
C GLU TA 920 -40.83 -64.64 79.33
N GLY TA 921 -40.19 -64.88 78.19
CA GLY TA 921 -40.88 -65.38 77.02
C GLY TA 921 -40.88 -66.89 76.89
N ALA TA 922 -40.67 -67.57 78.02
CA ALA TA 922 -40.54 -69.03 78.00
C ALA TA 922 -41.83 -69.72 77.57
N PHE TA 923 -42.97 -69.06 77.67
CA PHE TA 923 -44.22 -69.77 77.40
C PHE TA 923 -45.11 -69.07 76.38
N PHE TA 924 -45.20 -67.75 76.43
CA PHE TA 924 -46.23 -67.02 75.69
C PHE TA 924 -45.61 -65.86 74.93
N TYR TA 925 -45.65 -65.93 73.60
CA TYR TA 925 -45.29 -64.72 72.89
C TYR TA 925 -46.48 -63.78 72.81
N PRO TA 926 -46.26 -62.48 72.79
CA PRO TA 926 -47.39 -61.55 72.67
C PRO TA 926 -47.93 -61.51 71.26
N ALA TA 927 -49.24 -61.37 71.14
CA ALA TA 927 -49.92 -61.31 69.85
C ALA TA 927 -51.26 -60.60 70.02
N PRO TA 928 -51.29 -59.28 69.94
CA PRO TA 928 -52.55 -58.56 70.08
C PRO TA 928 -53.40 -58.66 68.83
N VAL TA 929 -54.70 -58.82 69.04
CA VAL TA 929 -55.65 -58.97 67.94
C VAL TA 929 -56.49 -57.73 67.71
N ASN TA 930 -56.80 -56.96 68.74
CA ASN TA 930 -57.66 -55.80 68.61
C ASN TA 930 -57.09 -54.65 69.44
N ALA TA 931 -57.68 -53.47 69.28
CA ALA TA 931 -57.17 -52.30 69.99
C ALA TA 931 -57.33 -52.43 71.49
N LEU TA 932 -58.41 -53.07 71.95
CA LEU TA 932 -58.62 -53.21 73.39
C LEU TA 932 -57.56 -54.10 74.03
N PHE TA 933 -57.22 -55.21 73.37
CA PHE TA 933 -56.31 -56.20 73.93
C PHE TA 933 -54.89 -55.98 73.42
N ALA TA 934 -54.35 -54.79 73.69
CA ALA TA 934 -52.98 -54.48 73.28
C ALA TA 934 -52.38 -53.54 74.33
N CYS TA 935 -51.68 -54.13 75.29
CA CYS TA 935 -50.94 -53.38 76.29
C CYS TA 935 -49.52 -53.14 75.81
N ALA TA 936 -48.75 -52.41 76.62
CA ALA TA 936 -47.33 -52.20 76.35
C ALA TA 936 -46.41 -52.99 77.27
N ASP TA 937 -46.89 -53.39 78.45
CA ASP TA 937 -46.08 -54.21 79.35
C ASP TA 937 -45.79 -55.59 78.77
N HIS TA 938 -46.64 -56.08 77.87
CA HIS TA 938 -46.46 -57.42 77.32
C HIS TA 938 -45.44 -57.46 76.19
N LEU TA 939 -45.09 -56.32 75.61
CA LEU TA 939 -44.09 -56.31 74.55
C LEU TA 939 -42.71 -56.73 75.05
N GLY TA 940 -42.49 -56.69 76.36
CA GLY TA 940 -41.29 -57.22 76.95
C GLY TA 940 -41.29 -58.71 77.18
N ALA TA 941 -42.43 -59.37 76.92
CA ALA TA 941 -42.47 -60.82 77.07
C ALA TA 941 -41.64 -61.50 75.99
N MET TA 942 -41.88 -61.16 74.73
CA MET TA 942 -41.07 -61.71 73.64
C MET TA 942 -39.62 -61.30 73.81
N ARG TA 943 -38.71 -62.19 73.42
CA ARG TA 943 -37.30 -61.98 73.63
C ARG TA 943 -36.70 -61.13 72.51
N ASP TA 944 -35.63 -60.41 72.85
CA ASP TA 944 -34.85 -59.63 71.89
C ASP TA 944 -35.73 -58.59 71.18
N VAL TA 945 -36.56 -57.92 71.96
CA VAL TA 945 -37.38 -56.82 71.46
C VAL TA 945 -36.57 -55.54 71.53
N GLY TA 946 -36.84 -54.61 70.61
CA GLY TA 946 -36.15 -53.34 70.64
C GLY TA 946 -36.54 -52.51 71.85
N ALA TA 947 -35.61 -51.67 72.28
CA ALA TA 947 -35.87 -50.76 73.38
C ALA TA 947 -36.40 -49.42 72.92
N GLU TA 948 -36.10 -49.03 71.68
CA GLU TA 948 -36.67 -47.80 71.13
C GLU TA 948 -38.12 -47.98 70.73
N VAL TA 949 -38.49 -49.17 70.25
CA VAL TA 949 -39.87 -49.41 69.84
C VAL TA 949 -40.83 -49.39 71.02
N ARG TA 950 -40.33 -49.65 72.24
CA ARG TA 950 -41.17 -49.55 73.41
C ARG TA 950 -41.62 -48.12 73.69
N ALA TA 951 -40.90 -47.14 73.13
CA ALA TA 951 -41.33 -45.75 73.29
C ALA TA 951 -42.61 -45.48 72.52
N ALA TA 952 -42.63 -45.81 71.22
CA ALA TA 952 -43.82 -45.58 70.41
C ALA TA 952 -44.96 -46.50 70.81
N ALA TA 953 -44.64 -47.75 71.18
CA ALA TA 953 -45.67 -48.71 71.57
C ALA TA 953 -46.45 -48.27 72.82
N GLN TA 954 -45.99 -47.26 73.54
CA GLN TA 954 -46.68 -46.82 74.74
C GLN TA 954 -48.04 -46.20 74.41
N HIS TA 955 -48.05 -45.22 73.51
CA HIS TA 955 -49.26 -44.46 73.24
C HIS TA 955 -50.13 -45.05 72.14
N VAL TA 956 -49.56 -45.87 71.26
CA VAL TA 956 -50.32 -46.44 70.15
C VAL TA 956 -50.44 -47.94 70.35
N PRO TA 957 -51.53 -48.56 69.90
CA PRO TA 957 -51.62 -50.02 69.98
C PRO TA 957 -50.71 -50.69 68.97
N CYS TA 958 -50.35 -51.94 69.26
CA CYS TA 958 -49.32 -52.66 68.51
C CYS TA 958 -49.88 -53.88 67.79
N VAL TA 959 -51.14 -53.84 67.38
CA VAL TA 959 -51.70 -54.96 66.62
C VAL TA 959 -50.92 -55.12 65.32
N PRO TA 960 -50.38 -56.30 65.01
CA PRO TA 960 -49.58 -56.44 63.79
C PRO TA 960 -50.43 -56.21 62.55
N HIS TA 961 -49.79 -55.66 61.53
CA HIS TA 961 -50.53 -55.23 60.34
C HIS TA 961 -51.02 -56.39 59.49
N PHE TA 962 -50.88 -57.64 59.92
CA PHE TA 962 -51.49 -58.77 59.23
C PHE TA 962 -52.65 -59.37 60.03
N LEU TA 963 -53.04 -58.73 61.13
CA LEU TA 963 -54.20 -59.15 61.91
C LEU TA 963 -55.26 -58.06 61.98
N GLY TA 964 -55.30 -57.18 60.99
CA GLY TA 964 -56.30 -56.14 60.94
C GLY TA 964 -55.84 -54.83 61.52
N ALA TA 965 -55.73 -53.80 60.69
CA ALA TA 965 -55.38 -52.47 61.17
C ALA TA 965 -56.61 -51.85 61.84
N ASN TA 966 -56.51 -50.59 62.24
CA ASN TA 966 -57.55 -49.97 63.06
C ASN TA 966 -58.41 -49.00 62.26
N TYR TA 967 -58.46 -49.16 60.94
CA TYR TA 967 -59.50 -48.58 60.12
C TYR TA 967 -60.40 -49.61 59.44
N TYR TA 968 -59.89 -50.80 59.12
CA TYR TA 968 -60.67 -51.86 58.51
C TYR TA 968 -61.30 -52.78 59.55
N ALA TA 969 -60.97 -52.60 60.82
CA ALA TA 969 -61.57 -53.42 61.87
C ALA TA 969 -63.03 -53.02 62.08
N THR TA 970 -63.75 -53.88 62.79
CA THR TA 970 -65.14 -53.64 63.15
C THR TA 970 -65.29 -53.05 64.55
N VAL TA 971 -64.20 -52.97 65.30
CA VAL TA 971 -64.18 -52.34 66.62
C VAL TA 971 -62.99 -51.38 66.60
N ARG TA 972 -63.25 -50.12 66.26
CA ARG TA 972 -62.19 -49.17 65.98
C ARG TA 972 -61.50 -48.74 67.28
N GLN TA 973 -60.58 -47.78 67.15
CA GLN TA 973 -59.84 -47.28 68.31
C GLN TA 973 -60.72 -46.60 69.35
N PRO TA 974 -61.48 -45.54 69.01
CA PRO TA 974 -62.09 -44.69 70.06
C PRO TA 974 -62.89 -45.45 71.12
N VAL TA 975 -63.46 -46.60 70.78
CA VAL TA 975 -64.19 -47.36 71.80
C VAL TA 975 -63.23 -47.96 72.82
N ALA TA 976 -62.06 -48.41 72.37
CA ALA TA 976 -61.05 -48.87 73.31
C ALA TA 976 -60.53 -47.73 74.17
N GLN TA 977 -60.46 -46.52 73.60
CA GLN TA 977 -60.10 -45.35 74.40
C GLN TA 977 -61.16 -45.06 75.47
N HIS TA 978 -62.44 -45.14 75.08
CA HIS TA 978 -63.51 -44.98 76.05
C HIS TA 978 -63.41 -46.01 77.16
N ALA TA 979 -63.10 -47.26 76.82
CA ALA TA 979 -62.99 -48.33 77.81
C ALA TA 979 -61.85 -48.11 78.79
N ALA TA 980 -61.02 -47.07 78.61
CA ALA TA 980 -59.92 -46.83 79.53
C ALA TA 980 -59.83 -45.36 79.95
N GLN TA 981 -60.87 -44.56 79.74
CA GLN TA 981 -60.88 -43.17 80.16
C GLN TA 981 -62.00 -42.81 81.11
N SER TA 982 -63.05 -43.63 81.20
CA SER TA 982 -64.06 -43.41 82.22
C SER TA 982 -63.48 -43.68 83.60
N ARG TA 983 -64.06 -43.06 84.61
CA ARG TA 983 -63.59 -43.15 85.98
C ARG TA 983 -64.75 -43.39 86.94
N ALA TA 984 -65.73 -44.19 86.52
CA ALA TA 984 -66.98 -44.30 87.26
C ALA TA 984 -67.53 -45.71 87.14
N ASP TA 985 -67.82 -46.32 88.29
CA ASP TA 985 -68.84 -47.36 88.44
C ASP TA 985 -68.69 -48.45 87.37
N GLU TA 986 -67.63 -49.22 87.54
CA GLU TA 986 -67.31 -50.31 86.62
C GLU TA 986 -68.50 -51.24 86.32
N ASN TA 987 -69.58 -51.17 87.11
CA ASN TA 987 -70.81 -51.83 86.72
C ASN TA 987 -71.45 -51.13 85.52
N THR TA 988 -71.81 -49.86 85.67
CA THR TA 988 -72.50 -49.13 84.61
C THR TA 988 -71.66 -49.01 83.35
N LEU TA 989 -70.33 -49.13 83.45
CA LEU TA 989 -69.49 -49.14 82.27
C LEU TA 989 -69.84 -50.30 81.35
N SER TA 990 -70.20 -51.44 81.92
CA SER TA 990 -70.63 -52.58 81.12
C SER TA 990 -71.83 -52.22 80.25
N TYR TA 991 -72.86 -51.63 80.86
CA TYR TA 991 -74.05 -51.25 80.10
C TYR TA 991 -73.74 -50.17 79.08
N ALA TA 992 -72.87 -49.22 79.45
CA ALA TA 992 -72.50 -48.17 78.50
C ALA TA 992 -71.83 -48.77 77.28
N LEU TA 993 -70.82 -49.62 77.49
CA LEU TA 993 -70.15 -50.28 76.37
C LEU TA 993 -71.13 -51.08 75.54
N MET TA 994 -72.00 -51.85 76.19
CA MET TA 994 -72.98 -52.66 75.45
C MET TA 994 -73.87 -51.80 74.58
N ALA TA 995 -74.47 -50.76 75.16
CA ALA TA 995 -75.30 -49.85 74.37
C ALA TA 995 -74.49 -49.19 73.25
N GLY TA 996 -73.19 -49.05 73.45
CA GLY TA 996 -72.33 -48.55 72.39
C GLY TA 996 -71.98 -49.64 71.39
N TYR TA 997 -72.93 -50.54 71.11
CA TYR TA 997 -72.72 -51.62 70.16
C TYR TA 997 -73.96 -51.86 69.29
N PHE TA 998 -74.84 -50.87 69.18
CA PHE TA 998 -75.99 -50.96 68.29
C PHE TA 998 -75.57 -50.46 66.91
N LYS TA 999 -75.95 -51.18 65.86
CA LYS TA 999 -75.52 -50.85 64.53
C LYS TA 999 -76.02 -49.47 64.11
N MET TA 1000 -75.41 -48.93 63.06
CA MET TA 1000 -75.80 -47.64 62.48
C MET TA 1000 -76.12 -47.89 61.01
N SER TA 1001 -77.38 -48.22 60.74
CA SER TA 1001 -77.90 -48.50 59.41
C SER TA 1001 -79.39 -48.20 59.47
N PRO TA 1002 -79.99 -47.70 58.39
CA PRO TA 1002 -81.43 -47.37 58.45
C PRO TA 1002 -82.29 -48.51 58.95
N VAL TA 1003 -81.98 -49.74 58.53
CA VAL TA 1003 -82.69 -50.93 59.01
C VAL TA 1003 -82.50 -51.15 60.51
N ALA TA 1004 -81.51 -50.50 61.12
CA ALA TA 1004 -81.33 -50.53 62.56
C ALA TA 1004 -81.89 -49.31 63.27
N PHE TA 1005 -81.85 -48.14 62.62
CA PHE TA 1005 -82.50 -46.97 63.17
C PHE TA 1005 -84.00 -47.20 63.29
N THR TA 1006 -84.60 -47.88 62.31
CA THR TA 1006 -86.04 -48.16 62.35
C THR TA 1006 -86.42 -49.08 63.51
N HIS TA 1007 -85.46 -49.52 64.32
CA HIS TA 1007 -85.73 -50.20 65.58
C HIS TA 1007 -85.29 -49.36 66.77
N GLN TA 1008 -84.06 -48.83 66.72
CA GLN TA 1008 -83.54 -47.98 67.79
C GLN TA 1008 -84.49 -46.83 68.10
N LEU TA 1009 -84.78 -46.00 67.10
CA LEU TA 1009 -85.60 -44.82 67.33
C LEU TA 1009 -86.99 -45.20 67.82
N ARG TA 1010 -87.55 -46.30 67.31
CA ARG TA 1010 -88.89 -46.70 67.71
C ARG TA 1010 -88.93 -47.19 69.15
N ARG TA 1011 -87.83 -47.79 69.64
CA ARG TA 1011 -87.83 -48.42 70.95
C ARG TA 1011 -87.38 -47.50 72.07
N GLN TA 1012 -87.46 -46.18 71.88
CA GLN TA 1012 -87.15 -45.19 72.91
C GLN TA 1012 -85.72 -45.36 73.42
N LEU TA 1013 -84.78 -45.16 72.49
CA LEU TA 1013 -83.36 -45.19 72.80
C LEU TA 1013 -82.67 -44.05 72.07
N HIS TA 1014 -81.70 -43.43 72.74
CA HIS TA 1014 -80.99 -42.30 72.18
C HIS TA 1014 -79.71 -42.79 71.51
N PRO TA 1015 -79.59 -42.71 70.19
CA PRO TA 1015 -78.31 -42.99 69.55
C PRO TA 1015 -77.35 -41.83 69.71
N GLY TA 1016 -76.12 -42.03 69.25
CA GLY TA 1016 -75.09 -41.02 69.38
C GLY TA 1016 -75.27 -39.87 68.40
N PHE TA 1017 -76.48 -39.32 68.34
CA PHE TA 1017 -76.82 -38.25 67.43
C PHE TA 1017 -77.40 -37.06 68.19
N ALA TA 1018 -77.65 -36.00 67.44
CA ALA TA 1018 -78.39 -34.84 67.95
C ALA TA 1018 -78.93 -34.11 66.74
N LEU TA 1019 -80.24 -33.99 66.65
CA LEU TA 1019 -80.88 -33.41 65.48
C LEU TA 1019 -81.18 -31.93 65.71
N THR TA 1020 -81.52 -31.25 64.62
CA THR TA 1020 -81.72 -29.80 64.64
C THR TA 1020 -82.94 -29.51 63.76
N VAL TA 1021 -84.09 -29.35 64.40
CA VAL TA 1021 -85.35 -29.19 63.67
C VAL TA 1021 -85.44 -27.77 63.14
N VAL TA 1022 -85.84 -27.65 61.87
CA VAL TA 1022 -86.02 -26.36 61.22
C VAL TA 1022 -87.36 -26.36 60.51
N ARG TA 1023 -88.07 -25.25 60.58
CA ARG TA 1023 -89.37 -25.10 59.95
C ARG TA 1023 -89.61 -23.63 59.63
N GLN TA 1024 -90.59 -23.38 58.78
CA GLN TA 1024 -90.85 -22.03 58.28
C GLN TA 1024 -92.32 -21.68 58.47
N ASP TA 1025 -92.56 -20.49 59.01
CA ASP TA 1025 -93.91 -20.01 59.29
C ASP TA 1025 -94.16 -18.72 58.51
N ARG TA 1026 -95.43 -18.33 58.44
CA ARG TA 1026 -95.85 -17.13 57.73
C ARG TA 1026 -96.99 -16.48 58.51
N PHE TA 1027 -96.91 -15.17 58.70
CA PHE TA 1027 -97.86 -14.43 59.51
C PHE TA 1027 -98.46 -13.30 58.69
N ALA TA 1028 -99.79 -13.29 58.60
CA ALA TA 1028 -100.49 -12.24 57.88
C ALA TA 1028 -100.47 -10.96 58.72
N THR TA 1029 -99.83 -9.93 58.18
CA THR TA 1029 -99.66 -8.66 58.89
C THR TA 1029 -100.45 -7.57 58.19
N GLU TA 1030 -100.41 -6.38 58.81
CA GLU TA 1030 -101.09 -5.20 58.28
C GLU TA 1030 -100.05 -4.08 58.14
N ASN TA 1031 -99.74 -3.73 56.90
CA ASN TA 1031 -98.70 -2.75 56.62
C ASN TA 1031 -99.29 -1.35 56.53
N VAL TA 1032 -98.40 -0.35 56.65
CA VAL TA 1032 -98.77 1.06 56.54
C VAL TA 1032 -97.83 1.66 55.50
N LEU TA 1033 -98.25 1.65 54.24
CA LEU TA 1033 -97.41 2.12 53.16
C LEU TA 1033 -97.34 3.64 53.14
N PHE TA 1034 -96.37 4.18 52.40
CA PHE TA 1034 -96.17 5.61 52.31
C PHE TA 1034 -95.58 5.93 50.94
N ALA TA 1035 -96.14 6.93 50.28
CA ALA TA 1035 -95.70 7.39 48.97
C ALA TA 1035 -95.28 8.86 49.09
N GLU TA 1036 -94.97 9.47 47.96
CA GLU TA 1036 -94.45 10.84 47.95
C GLU TA 1036 -95.17 11.69 46.92
N LYS TA 1037 -94.88 12.99 46.97
CA LYS TA 1037 -95.59 14.00 46.19
C LYS TA 1037 -95.68 13.65 44.72
N ALA TA 1038 -94.63 13.03 44.17
CA ALA TA 1038 -94.70 12.47 42.83
C ALA TA 1038 -93.65 11.37 42.76
N SER TA 1039 -94.08 10.12 42.92
CA SER TA 1039 -93.16 9.00 42.98
C SER TA 1039 -93.24 8.11 41.75
N GLU TA 1040 -94.19 8.34 40.85
CA GLU TA 1040 -94.35 7.47 39.69
C GLU TA 1040 -94.75 8.30 38.49
N SER TA 1041 -93.99 8.17 37.40
CA SER TA 1041 -94.46 8.56 36.07
C SER TA 1041 -95.19 7.36 35.49
N TYR TA 1042 -96.29 7.62 34.80
CA TYR TA 1042 -97.29 6.60 34.49
C TYR TA 1042 -98.03 7.03 33.24
N PHE TA 1043 -97.91 6.23 32.18
CA PHE TA 1043 -98.38 6.59 30.85
C PHE TA 1043 -99.56 5.71 30.48
N MET TA 1044 -100.70 6.33 30.20
CA MET TA 1044 -101.91 5.62 29.83
C MET TA 1044 -102.02 5.59 28.32
N GLY TA 1045 -102.04 4.38 27.75
CA GLY TA 1045 -102.26 4.24 26.33
C GLY TA 1045 -103.70 4.54 25.95
N GLN TA 1046 -104.03 4.21 24.71
CA GLN TA 1046 -105.37 4.42 24.18
C GLN TA 1046 -106.14 3.11 24.19
N MET TA 1047 -107.38 3.17 24.63
CA MET TA 1047 -108.23 1.98 24.70
C MET TA 1047 -108.31 1.28 23.35
N GLN TA 1048 -108.27 -0.04 23.37
CA GLN TA 1048 -108.45 -0.85 22.18
C GLN TA 1048 -109.77 -1.62 22.28
N VAL TA 1049 -110.03 -2.44 21.28
CA VAL TA 1049 -111.26 -3.24 21.24
C VAL TA 1049 -111.04 -4.37 20.24
N ALA TA 1050 -111.76 -5.47 20.46
CA ALA TA 1050 -111.66 -6.62 19.57
C ALA TA 1050 -112.96 -7.42 19.68
N ARG TA 1051 -113.74 -7.43 18.61
CA ARG TA 1051 -115.01 -8.14 18.56
C ARG TA 1051 -114.76 -9.52 17.96
N THR TA 1052 -114.89 -10.56 18.79
CA THR TA 1052 -114.71 -11.93 18.37
C THR TA 1052 -116.03 -12.67 18.53
N GLU TA 1053 -116.45 -13.36 17.48
CA GLU TA 1053 -117.72 -14.08 17.52
C GLU TA 1053 -117.56 -15.43 18.21
N SER TA 1054 -118.67 -15.91 18.78
CA SER TA 1054 -118.71 -17.25 19.35
C SER TA 1054 -120.16 -17.66 19.49
N GLY TA 1055 -120.58 -18.67 18.73
CA GLY TA 1055 -121.94 -19.17 18.81
C GLY TA 1055 -123.00 -18.11 18.56
N GLY TA 1056 -122.78 -17.24 17.59
CA GLY TA 1056 -123.69 -16.14 17.32
C GLY TA 1056 -123.74 -15.07 18.38
N GLY TA 1057 -122.99 -15.21 19.46
CA GLY TA 1057 -122.95 -14.24 20.54
C GLY TA 1057 -121.64 -13.47 20.51
N LEU TA 1058 -121.74 -12.15 20.40
CA LEU TA 1058 -120.57 -11.30 20.44
C LEU TA 1058 -119.83 -11.47 21.76
N HIS TA 1059 -118.50 -11.55 21.68
CA HIS TA 1059 -117.63 -11.65 22.84
C HIS TA 1059 -116.56 -10.57 22.69
N LEU TA 1060 -116.87 -9.37 23.18
CA LEU TA 1060 -115.89 -8.30 23.18
C LEU TA 1060 -114.76 -8.64 24.15
N GLN TA 1061 -113.61 -8.01 23.93
CA GLN TA 1061 -112.48 -8.14 24.85
C GLN TA 1061 -111.73 -6.80 24.82
N LEU TA 1062 -112.07 -5.93 25.76
CA LEU TA 1062 -111.40 -4.65 25.85
C LEU TA 1062 -109.98 -4.84 26.38
N THR TA 1063 -109.15 -3.83 26.15
CA THR TA 1063 -107.77 -3.86 26.61
C THR TA 1063 -107.21 -2.45 26.53
N GLN TA 1064 -106.14 -2.23 27.30
CA GLN TA 1064 -105.49 -0.92 27.31
C GLN TA 1064 -104.03 -1.07 27.71
N PRO TA 1065 -103.09 -0.71 26.84
CA PRO TA 1065 -101.68 -0.76 27.21
C PRO TA 1065 -101.30 0.43 28.08
N ARG TA 1066 -100.38 0.19 29.01
CA ARG TA 1066 -99.88 1.26 29.86
C ARG TA 1066 -98.56 0.84 30.49
N ALA TA 1067 -97.63 1.79 30.59
CA ALA TA 1067 -96.30 1.52 31.12
C ALA TA 1067 -95.99 2.56 32.19
N ASN TA 1068 -95.19 2.13 33.18
CA ASN TA 1068 -94.85 2.97 34.31
C ASN TA 1068 -93.33 3.04 34.47
N VAL TA 1069 -92.90 3.96 35.33
CA VAL TA 1069 -91.49 4.10 35.70
C VAL TA 1069 -91.39 4.96 36.95
N ASP TA 1070 -90.44 4.65 37.81
CA ASP TA 1070 -90.08 5.57 38.88
C ASP TA 1070 -89.40 6.80 38.30
N LEU TA 1071 -89.50 7.91 39.03
CA LEU TA 1071 -88.80 9.12 38.59
C LEU TA 1071 -88.13 9.84 39.76
N GLY TA 1072 -87.81 9.12 40.83
CA GLY TA 1072 -87.11 9.72 41.95
C GLY TA 1072 -85.88 8.92 42.36
N VAL TA 1073 -84.71 9.55 42.28
CA VAL TA 1073 -83.49 8.93 42.79
C VAL TA 1073 -83.61 8.77 44.29
N GLY TA 1074 -83.11 7.67 44.81
CA GLY TA 1074 -83.32 7.33 46.20
C GLY TA 1074 -84.73 6.82 46.44
N PHE TA 1075 -84.90 6.15 47.59
CA PHE TA 1075 -86.17 5.51 47.90
C PHE TA 1075 -87.27 6.54 48.06
N THR TA 1076 -88.47 6.19 47.57
CA THR TA 1076 -89.64 7.04 47.68
C THR TA 1076 -90.85 6.25 48.19
N ALA TA 1077 -90.61 5.23 49.01
CA ALA TA 1077 -91.69 4.39 49.50
C ALA TA 1077 -91.17 3.54 50.65
N ALA TA 1078 -91.99 3.38 51.68
CA ALA TA 1078 -91.63 2.57 52.83
C ALA TA 1078 -92.89 2.27 53.64
N TYR TA 1079 -92.86 1.16 54.38
CA TYR TA 1079 -93.95 0.77 55.27
C TYR TA 1079 -93.37 0.22 56.56
N ALA TA 1080 -94.25 -0.18 57.48
CA ALA TA 1080 -93.83 -0.47 58.86
C ALA TA 1080 -94.38 -1.76 59.45
N ALA TA 1081 -95.46 -2.34 58.93
CA ALA TA 1081 -96.02 -3.59 59.43
C ALA TA 1081 -96.40 -3.49 60.91
N ALA TA 1082 -97.40 -2.63 61.16
CA ALA TA 1082 -97.78 -2.31 62.53
C ALA TA 1082 -98.44 -3.49 63.23
N ALA TA 1083 -99.57 -3.96 62.71
CA ALA TA 1083 -100.39 -4.92 63.43
C ALA TA 1083 -99.99 -6.35 63.07
N LEU TA 1084 -100.76 -7.33 63.55
CA LEU TA 1084 -100.47 -8.74 63.28
C LEU TA 1084 -101.77 -9.52 63.38
N ARG TA 1085 -102.21 -10.08 62.26
CA ARG TA 1085 -103.39 -10.93 62.24
C ARG TA 1085 -103.00 -12.33 62.69
N ALA TA 1086 -103.92 -13.29 62.51
CA ALA TA 1086 -103.63 -14.66 62.91
C ALA TA 1086 -102.53 -15.24 62.03
N PRO TA 1087 -101.60 -16.00 62.61
CA PRO TA 1087 -100.61 -16.71 61.80
C PRO TA 1087 -101.29 -17.63 60.80
N VAL TA 1088 -101.09 -17.34 59.51
CA VAL TA 1088 -101.80 -18.07 58.46
C VAL TA 1088 -101.40 -19.54 58.43
N THR TA 1089 -100.25 -19.89 59.00
CA THR TA 1089 -99.74 -21.25 58.98
C THR TA 1089 -99.88 -21.89 60.35
N ASP TA 1090 -99.81 -23.21 60.36
CA ASP TA 1090 -99.71 -23.96 61.61
C ASP TA 1090 -98.25 -24.00 62.05
N MET TA 1091 -98.05 -24.07 63.37
CA MET TA 1091 -96.74 -24.26 63.95
C MET TA 1091 -96.56 -25.67 64.50
N GLY TA 1092 -97.31 -26.62 63.98
CA GLY TA 1092 -97.24 -28.00 64.42
C GLY TA 1092 -96.07 -28.74 63.81
N ASN TA 1093 -96.06 -30.06 64.02
CA ASN TA 1093 -95.01 -30.92 63.52
C ASN TA 1093 -95.48 -31.69 62.30
N LEU TA 1094 -94.58 -31.86 61.35
CA LEU TA 1094 -94.85 -32.64 60.14
C LEU TA 1094 -93.53 -33.14 59.59
N PRO TA 1095 -93.20 -34.41 59.80
CA PRO TA 1095 -91.90 -34.93 59.33
C PRO TA 1095 -91.84 -34.93 57.82
N GLN TA 1096 -90.73 -34.43 57.28
CA GLN TA 1096 -90.51 -34.48 55.85
C GLN TA 1096 -90.02 -35.87 55.46
N ASN TA 1097 -90.77 -36.55 54.62
CA ASN TA 1097 -90.49 -37.92 54.23
C ASN TA 1097 -89.71 -37.90 52.93
N LEU TA 1098 -88.47 -38.41 52.96
CA LEU TA 1098 -87.62 -38.42 51.78
C LEU TA 1098 -88.01 -39.50 50.78
N PHE TA 1099 -89.05 -40.28 51.03
CA PHE TA 1099 -89.48 -41.27 50.05
C PHE TA 1099 -90.38 -40.66 48.97
N ALA TA 1100 -90.41 -39.33 48.85
CA ALA TA 1100 -91.16 -38.65 47.82
C ALA TA 1100 -90.26 -37.93 46.83
N THR TA 1101 -88.96 -38.25 46.83
CA THR TA 1101 -88.02 -37.64 45.91
C THR TA 1101 -87.34 -38.73 45.08
N ARG TA 1102 -86.80 -38.31 43.93
CA ARG TA 1102 -86.14 -39.20 42.99
C ARG TA 1102 -84.63 -39.02 43.10
N GLY TA 1103 -83.91 -39.82 42.31
CA GLY TA 1103 -82.47 -39.67 42.22
C GLY TA 1103 -81.69 -40.22 43.40
N ALA TA 1104 -82.27 -41.14 44.15
CA ALA TA 1104 -81.52 -41.78 45.23
C ALA TA 1104 -81.14 -43.18 44.84
N PRO TA 1105 -79.89 -43.58 44.98
CA PRO TA 1105 -79.48 -44.93 44.57
C PRO TA 1105 -80.04 -45.97 45.53
N PRO TA 1106 -81.01 -46.77 45.09
CA PRO TA 1106 -81.67 -47.70 46.00
C PRO TA 1106 -80.77 -48.88 46.34
N MET TA 1107 -81.15 -49.58 47.40
CA MET TA 1107 -80.40 -50.74 47.85
C MET TA 1107 -80.65 -51.93 46.93
N LEU TA 1108 -79.63 -52.77 46.79
CA LEU TA 1108 -79.72 -53.90 45.87
C LEU TA 1108 -80.79 -54.88 46.31
N ASP TA 1109 -80.97 -55.07 47.62
CA ASP TA 1109 -81.95 -56.01 48.12
C ASP TA 1109 -83.34 -55.41 47.95
N ALA TA 1110 -84.01 -55.74 46.85
CA ALA TA 1110 -85.33 -55.19 46.55
C ALA TA 1110 -86.33 -55.46 47.66
N ASP TA 1111 -86.08 -56.47 48.50
CA ASP TA 1111 -86.94 -56.71 49.64
C ASP TA 1111 -86.64 -55.77 50.80
N ALA TA 1112 -85.38 -55.35 50.93
CA ALA TA 1112 -85.02 -54.43 52.02
C ALA TA 1112 -85.65 -53.06 51.82
N ASP TA 1113 -85.66 -52.56 50.58
CA ASP TA 1113 -86.30 -51.27 50.32
C ASP TA 1113 -87.79 -51.35 50.60
N ASP TA 1114 -88.41 -52.49 50.30
CA ASP TA 1114 -89.82 -52.66 50.64
C ASP TA 1114 -90.03 -52.67 52.14
N TYR TA 1115 -89.12 -53.35 52.87
CA TYR TA 1115 -89.22 -53.36 54.32
C TYR TA 1115 -89.08 -51.96 54.91
N LEU TA 1116 -88.26 -51.12 54.28
CA LEU TA 1116 -88.15 -49.73 54.72
C LEU TA 1116 -89.43 -48.97 54.42
N ARG TA 1117 -89.84 -48.93 53.15
CA ARG TA 1117 -91.04 -48.21 52.76
C ARG TA 1117 -92.29 -48.66 53.51
N ARG TA 1118 -92.29 -49.90 54.03
CA ARG TA 1118 -93.43 -50.38 54.79
C ARG TA 1118 -93.51 -49.74 56.17
N THR TA 1119 -92.36 -49.51 56.82
CA THR TA 1119 -92.36 -48.97 58.16
C THR TA 1119 -92.33 -47.45 58.17
N VAL TA 1120 -91.62 -46.83 57.24
CA VAL TA 1120 -91.58 -45.36 57.19
C VAL TA 1120 -92.98 -44.80 56.99
N ASN TA 1121 -93.76 -45.42 56.11
CA ASN TA 1121 -95.14 -45.02 55.86
C ASN TA 1121 -96.13 -45.89 56.62
N ALA TA 1122 -95.71 -46.52 57.71
CA ALA TA 1122 -96.61 -47.35 58.52
C ALA TA 1122 -97.48 -46.43 59.36
N GLY TA 1123 -98.45 -45.81 58.70
CA GLY TA 1123 -99.30 -44.84 59.33
C GLY TA 1123 -98.79 -43.41 59.25
N ASN TA 1124 -97.71 -43.18 58.53
CA ASN TA 1124 -97.23 -41.82 58.30
C ASN TA 1124 -98.20 -41.10 57.38
N ARG TA 1125 -98.08 -39.77 57.36
CA ARG TA 1125 -98.85 -38.84 56.55
C ARG TA 1125 -98.28 -38.73 55.14
N LEU TA 1126 -98.45 -37.56 54.55
CA LEU TA 1126 -98.49 -37.25 53.13
C LEU TA 1126 -97.77 -38.20 52.18
N ALA TA 1127 -96.53 -38.57 52.46
CA ALA TA 1127 -95.58 -39.08 51.48
C ALA TA 1127 -96.20 -40.01 50.42
N PRO TA 1128 -96.74 -41.16 50.77
CA PRO TA 1128 -96.99 -42.19 49.76
C PRO TA 1128 -98.39 -42.19 49.17
N VAL TA 1129 -98.44 -42.57 47.89
CA VAL TA 1129 -99.62 -43.17 47.26
C VAL TA 1129 -99.17 -43.70 45.90
N PRO TA 1130 -99.55 -44.92 45.52
CA PRO TA 1130 -99.17 -45.41 44.18
C PRO TA 1130 -99.95 -44.70 43.07
N VAL TA 1131 -99.25 -43.87 42.31
CA VAL TA 1131 -99.83 -43.07 41.23
C VAL TA 1131 -98.83 -43.02 40.08
N PHE TA 1132 -99.22 -42.31 39.02
CA PHE TA 1132 -98.35 -42.09 37.87
C PHE TA 1132 -97.96 -40.62 37.82
N GLY TA 1133 -96.69 -40.33 38.07
CA GLY TA 1133 -96.09 -39.01 37.84
C GLY TA 1133 -96.70 -37.94 38.74
N GLN TA 1134 -97.64 -38.32 39.59
CA GLN TA 1134 -98.23 -37.36 40.52
C GLN TA 1134 -97.39 -37.21 41.77
N MET TA 1135 -97.06 -38.33 42.42
CA MET TA 1135 -96.18 -38.36 43.59
C MET TA 1135 -96.68 -37.46 44.71
N LEU TA 1136 -97.96 -37.11 44.67
CA LEU TA 1136 -98.54 -36.23 45.67
C LEU TA 1136 -99.23 -37.02 46.75
N PRO TA 1137 -99.37 -36.46 47.94
CA PRO TA 1137 -100.21 -37.11 48.96
C PRO TA 1137 -101.67 -37.11 48.55
N GLN TA 1138 -102.41 -38.05 49.12
CA GLN TA 1138 -103.85 -38.04 48.95
C GLN TA 1138 -104.45 -36.84 49.68
N VAL TA 1139 -105.62 -36.42 49.23
CA VAL TA 1139 -106.26 -35.24 49.83
C VAL TA 1139 -106.53 -35.51 51.30
N PRO TA 1140 -106.09 -34.64 52.21
CA PRO TA 1140 -106.35 -34.88 53.64
C PRO TA 1140 -107.78 -34.52 53.99
N ALA TA 1141 -108.45 -35.44 54.70
CA ALA TA 1141 -109.83 -35.21 55.09
C ALA TA 1141 -109.91 -34.20 56.22
N GLY TA 1142 -110.39 -33.00 55.92
CA GLY TA 1142 -110.58 -31.99 56.94
C GLY TA 1142 -109.31 -31.27 57.30
N LEU TA 1143 -109.38 -29.94 57.42
CA LEU TA 1143 -108.25 -29.12 57.83
C LEU TA 1143 -108.66 -28.34 59.07
N ALA TA 1144 -107.88 -28.50 60.14
CA ALA TA 1144 -108.25 -27.87 61.41
C ALA TA 1144 -107.83 -26.41 61.44
N ARG TA 1145 -106.53 -26.14 61.30
CA ARG TA 1145 -106.00 -24.80 61.42
C ARG TA 1145 -105.22 -24.45 60.17
N GLY TA 1146 -104.46 -23.36 60.19
CA GLY TA 1146 -103.69 -22.92 59.04
C GLY TA 1146 -102.84 -24.00 58.42
N GLN TA 1147 -102.44 -23.82 57.16
CA GLN TA 1147 -101.75 -24.87 56.42
C GLN TA 1147 -100.56 -25.40 57.20
N GLN TA 1148 -100.45 -26.72 57.26
CA GLN TA 1148 -99.47 -27.37 58.11
C GLN TA 1148 -98.07 -27.18 57.56
N SER TA 1149 -97.13 -26.90 58.45
CA SER TA 1149 -95.75 -26.65 58.06
C SER TA 1149 -95.05 -27.97 57.81
N VAL TA 1150 -93.72 -27.93 57.70
CA VAL TA 1150 -92.92 -29.14 57.49
C VAL TA 1150 -91.58 -28.94 58.17
N CYS TA 1151 -91.13 -29.96 58.91
CA CYS TA 1151 -89.90 -29.90 59.68
C CYS TA 1151 -88.81 -30.71 59.01
N GLU TA 1152 -87.57 -30.25 59.14
CA GLU TA 1152 -86.41 -30.95 58.65
C GLU TA 1152 -85.69 -31.61 59.81
N PHE TA 1153 -84.56 -32.25 59.51
CA PHE TA 1153 -83.70 -32.83 60.53
C PHE TA 1153 -82.27 -32.79 60.00
N ILE TA 1154 -81.42 -32.00 60.64
CA ILE TA 1154 -80.02 -31.86 60.25
C ILE TA 1154 -79.17 -32.47 61.36
N ALA TA 1155 -78.41 -33.50 61.02
CA ALA TA 1155 -77.58 -34.18 62.01
C ALA TA 1155 -76.58 -33.20 62.63
N THR TA 1156 -76.16 -33.53 63.85
CA THR TA 1156 -75.31 -32.66 64.64
C THR TA 1156 -74.69 -33.47 65.76
N PRO TA 1157 -73.40 -33.33 66.03
CA PRO TA 1157 -72.78 -34.07 67.14
C PRO TA 1157 -73.45 -33.74 68.47
N VAL TA 1158 -73.47 -34.73 69.35
CA VAL TA 1158 -74.07 -34.56 70.68
C VAL TA 1158 -73.39 -33.43 71.44
N SER TA 1159 -72.06 -33.38 71.39
CA SER TA 1159 -71.28 -32.45 72.19
C SER TA 1159 -71.34 -31.02 71.67
N VAL TA 1160 -72.23 -30.72 70.73
CA VAL TA 1160 -72.38 -29.33 70.28
C VAL TA 1160 -72.81 -28.47 71.46
N ASP TA 1161 -72.40 -27.21 71.42
CA ASP TA 1161 -72.78 -26.28 72.48
C ASP TA 1161 -74.30 -26.10 72.50
N LEU TA 1162 -74.83 -25.74 73.67
CA LEU TA 1162 -76.25 -25.46 73.76
C LEU TA 1162 -76.55 -23.97 73.65
N ALA TA 1163 -75.74 -23.13 74.30
CA ALA TA 1163 -75.91 -21.68 74.19
C ALA TA 1163 -75.80 -21.18 72.76
N TYR TA 1164 -75.25 -22.00 71.85
CA TYR TA 1164 -75.25 -21.65 70.42
C TYR TA 1164 -76.64 -21.30 69.92
N PHE TA 1165 -77.68 -21.96 70.45
CA PHE TA 1165 -79.04 -21.79 69.95
C PHE TA 1165 -79.85 -20.79 70.75
N ARG TA 1166 -79.34 -20.32 71.89
CA ARG TA 1166 -80.07 -19.31 72.67
C ARG TA 1166 -80.30 -18.05 71.86
N ARG TA 1167 -79.22 -17.43 71.39
CA ARG TA 1167 -79.34 -16.31 70.47
C ARG TA 1167 -79.79 -16.79 69.11
N ALA TA 1168 -80.13 -15.84 68.24
CA ALA TA 1168 -80.46 -16.15 66.87
C ALA TA 1168 -79.23 -16.68 66.15
N CYS TA 1169 -79.27 -17.94 65.72
CA CYS TA 1169 -78.10 -18.62 65.20
C CYS TA 1169 -78.32 -19.03 63.75
N ASN TA 1170 -77.35 -19.76 63.22
CA ASN TA 1170 -77.41 -20.31 61.88
C ASN TA 1170 -77.35 -21.83 61.95
N PRO TA 1171 -78.28 -22.55 61.34
CA PRO TA 1171 -78.31 -24.01 61.49
C PRO TA 1171 -77.14 -24.71 60.81
N ARG TA 1172 -76.56 -24.11 59.77
CA ARG TA 1172 -75.45 -24.76 59.05
C ARG TA 1172 -74.24 -24.96 59.96
N GLY TA 1173 -73.94 -23.96 60.79
CA GLY TA 1173 -72.76 -24.00 61.63
C GLY TA 1173 -71.85 -22.83 61.34
N ARG TA 1174 -71.72 -22.50 60.05
CA ARG TA 1174 -71.07 -21.28 59.62
C ARG TA 1174 -72.16 -20.29 59.21
N ALA TA 1175 -72.10 -19.09 59.77
CA ALA TA 1175 -73.14 -18.08 59.57
C ALA TA 1175 -72.93 -17.25 58.32
N ALA TA 1176 -72.22 -17.79 57.32
CA ALA TA 1176 -71.64 -17.01 56.24
C ALA TA 1176 -72.64 -16.14 55.50
N GLY TA 1177 -73.60 -16.75 54.81
CA GLY TA 1177 -74.46 -15.97 53.93
C GLY TA 1177 -73.63 -15.16 52.95
N GLU TA 1178 -74.08 -13.95 52.66
CA GLU TA 1178 -73.28 -13.06 51.83
C GLU TA 1178 -73.10 -11.68 52.43
N VAL TA 1179 -74.10 -11.16 53.15
CA VAL TA 1179 -74.14 -9.74 53.49
C VAL TA 1179 -72.90 -9.33 54.27
N HIS TA 1180 -72.41 -10.19 55.14
CA HIS TA 1180 -71.24 -9.89 55.95
C HIS TA 1180 -70.10 -10.81 55.53
N GLY TA 1181 -69.29 -10.35 54.59
CA GLY TA 1181 -68.17 -11.13 54.10
C GLY TA 1181 -68.28 -11.49 52.63
N GLU TA 1182 -67.18 -11.36 51.90
CA GLU TA 1182 -67.17 -11.59 50.47
C GLU TA 1182 -66.91 -13.06 50.16
N GLU TA 1183 -66.63 -13.36 48.89
CA GLU TA 1183 -66.37 -14.73 48.47
C GLU TA 1183 -65.11 -15.26 49.14
N GLY TA 1184 -65.11 -16.56 49.45
CA GLY TA 1184 -64.07 -17.21 50.22
C GLY TA 1184 -64.46 -17.48 51.66
N LEU TA 1185 -65.71 -17.18 52.01
CA LEU TA 1185 -66.19 -17.27 53.38
C LEU TA 1185 -67.19 -18.42 53.56
N MET TA 1186 -67.78 -18.91 52.49
CA MET TA 1186 -68.91 -19.83 52.55
C MET TA 1186 -68.50 -21.26 52.84
N PHE TA 1187 -67.34 -21.70 52.34
CA PHE TA 1187 -66.96 -23.11 52.49
C PHE TA 1187 -65.52 -23.34 52.94
N ASP TA 1188 -64.63 -22.36 52.82
CA ASP TA 1188 -63.26 -22.57 53.24
C ASP TA 1188 -63.19 -22.78 54.75
N HIS TA 1189 -62.09 -23.39 55.19
CA HIS TA 1189 -61.85 -23.59 56.61
C HIS TA 1189 -60.39 -23.32 56.97
N SER TA 1190 -59.73 -22.47 56.19
CA SER TA 1190 -58.45 -21.90 56.63
C SER TA 1190 -58.68 -20.71 57.56
N HIS TA 1191 -59.63 -19.86 57.22
CA HIS TA 1191 -60.08 -18.82 58.13
C HIS TA 1191 -60.95 -19.41 59.22
N ALA TA 1192 -61.42 -18.53 60.10
CA ALA TA 1192 -62.35 -18.95 61.15
C ALA TA 1192 -63.77 -18.52 60.78
N ASP TA 1193 -64.70 -18.84 61.67
CA ASP TA 1193 -66.06 -18.35 61.53
C ASP TA 1193 -66.09 -16.85 61.83
N PRO TA 1194 -66.76 -16.04 61.01
CA PRO TA 1194 -66.85 -14.60 61.29
C PRO TA 1194 -67.81 -14.25 62.41
N ALA TA 1195 -68.51 -15.21 62.98
CA ALA TA 1195 -69.46 -14.95 64.06
C ALA TA 1195 -68.94 -15.37 65.42
N HIS TA 1196 -68.54 -16.64 65.58
CA HIS TA 1196 -68.02 -17.17 66.84
C HIS TA 1196 -66.58 -17.60 66.61
N PRO TA 1197 -65.65 -16.65 66.52
CA PRO TA 1197 -64.33 -16.94 65.95
C PRO TA 1197 -63.41 -17.78 66.83
N HIS TA 1198 -63.87 -18.30 67.97
CA HIS TA 1198 -63.04 -19.24 68.72
C HIS TA 1198 -62.70 -20.44 67.86
N ARG TA 1199 -63.67 -20.94 67.12
CA ARG TA 1199 -63.61 -22.20 66.39
C ARG TA 1199 -63.83 -21.95 64.90
N ALA TA 1200 -63.62 -23.00 64.11
CA ALA TA 1200 -63.91 -22.93 62.69
C ALA TA 1200 -65.41 -23.03 62.42
N THR TA 1201 -66.02 -24.15 62.80
CA THR TA 1201 -67.45 -24.36 62.72
C THR TA 1201 -67.94 -24.92 64.05
N ALA TA 1202 -69.23 -25.23 64.12
CA ALA TA 1202 -69.82 -25.86 65.29
C ALA TA 1202 -70.63 -27.09 64.93
N ASN TA 1203 -70.58 -27.54 63.68
CA ASN TA 1203 -71.27 -28.74 63.23
C ASN TA 1203 -70.61 -29.20 61.93
N PRO TA 1204 -69.48 -29.89 62.02
CA PRO TA 1204 -68.75 -30.26 60.79
C PRO TA 1204 -69.50 -31.22 59.89
N TRP TA 1205 -70.61 -31.79 60.35
CA TRP TA 1205 -71.40 -32.66 59.49
C TRP TA 1205 -72.32 -31.90 58.56
N ALA TA 1206 -72.33 -30.56 58.63
CA ALA TA 1206 -73.18 -29.79 57.73
C ALA TA 1206 -72.52 -28.52 57.20
N SER TA 1207 -71.21 -28.37 57.34
CA SER TA 1207 -70.53 -27.14 56.96
C SER TA 1207 -69.64 -27.28 55.74
N GLN TA 1208 -68.74 -28.25 55.73
CA GLN TA 1208 -67.85 -28.44 54.58
C GLN TA 1208 -68.66 -28.77 53.34
N ARG TA 1209 -68.13 -28.39 52.18
CA ARG TA 1209 -68.73 -28.79 50.92
C ARG TA 1209 -68.74 -30.31 50.81
N HIS TA 1210 -69.79 -30.83 50.17
CA HIS TA 1210 -69.98 -32.27 49.99
C HIS TA 1210 -70.13 -32.99 51.33
N SER TA 1211 -70.60 -32.30 52.35
CA SER TA 1211 -70.85 -32.95 53.63
C SER TA 1211 -72.14 -33.77 53.55
N TYR TA 1212 -72.55 -34.36 54.67
CA TYR TA 1212 -73.80 -35.14 54.67
C TYR TA 1212 -74.98 -34.26 54.31
N ALA TA 1213 -75.23 -33.23 55.12
CA ALA TA 1213 -76.37 -32.33 54.85
C ALA TA 1213 -76.24 -31.68 53.48
N ASP TA 1214 -75.03 -31.28 53.09
CA ASP TA 1214 -74.81 -30.65 51.80
C ASP TA 1214 -75.14 -31.57 50.63
N ARG TA 1215 -75.16 -32.89 50.86
CA ARG TA 1215 -75.65 -33.80 49.83
C ARG TA 1215 -77.17 -33.86 49.77
N LEU TA 1216 -77.84 -33.38 50.80
CA LEU TA 1216 -79.29 -33.54 50.92
C LEU TA 1216 -80.05 -32.24 50.67
N TYR TA 1217 -79.74 -31.18 51.40
CA TYR TA 1217 -80.51 -29.94 51.36
C TYR TA 1217 -79.86 -28.85 50.54
N ASN TA 1218 -79.05 -29.22 49.54
CA ASN TA 1218 -78.41 -28.25 48.67
C ASN TA 1218 -79.23 -28.11 47.38
N GLY TA 1219 -78.78 -27.23 46.50
CA GLY TA 1219 -79.51 -26.92 45.29
C GLY TA 1219 -79.22 -27.81 44.11
N GLN TA 1220 -77.95 -27.91 43.72
CA GLN TA 1220 -77.56 -28.48 42.43
C GLN TA 1220 -77.02 -29.90 42.56
N TYR TA 1221 -77.58 -30.72 43.44
CA TYR TA 1221 -77.15 -32.11 43.57
C TYR TA 1221 -78.28 -33.09 43.31
N ASN TA 1222 -79.32 -32.65 42.58
CA ASN TA 1222 -80.39 -33.51 42.10
C ASN TA 1222 -81.10 -34.26 43.24
N MET TA 1223 -81.73 -33.48 44.11
CA MET TA 1223 -82.48 -34.00 45.24
C MET TA 1223 -83.83 -33.31 45.34
N SER TA 1224 -84.54 -33.22 44.21
CA SER TA 1224 -85.77 -32.48 44.12
C SER TA 1224 -86.96 -33.34 44.58
N GLY TA 1225 -87.98 -32.65 45.13
CA GLY TA 1225 -89.20 -33.29 45.53
C GLY TA 1225 -90.33 -32.29 45.63
N PRO TA 1226 -91.57 -32.78 45.68
CA PRO TA 1226 -92.72 -31.86 45.78
C PRO TA 1226 -92.87 -31.21 47.14
N ALA TA 1227 -92.17 -31.70 48.16
CA ALA TA 1227 -92.21 -31.08 49.47
C ALA TA 1227 -91.31 -29.85 49.49
N TYR TA 1228 -91.69 -28.87 50.32
CA TYR TA 1228 -90.89 -27.69 50.50
C TYR TA 1228 -89.90 -27.89 51.64
N SER TA 1229 -88.67 -27.44 51.43
CA SER TA 1229 -87.61 -27.56 52.42
C SER TA 1229 -87.17 -26.18 52.87
N PRO TA 1230 -87.58 -25.73 54.06
CA PRO TA 1230 -87.18 -24.39 54.52
C PRO TA 1230 -85.68 -24.18 54.57
N CYS TA 1231 -84.90 -25.23 54.78
CA CYS TA 1231 -83.45 -25.13 54.84
C CYS TA 1231 -82.80 -25.19 53.45
N PHE TA 1232 -83.56 -24.88 52.40
CA PHE TA 1232 -82.99 -24.79 51.06
C PHE TA 1232 -82.23 -23.49 50.87
N LYS TA 1233 -82.73 -22.39 51.43
CA LYS TA 1233 -82.05 -21.10 51.31
C LYS TA 1233 -80.86 -20.96 52.25
N PHE TA 1234 -80.65 -21.92 53.15
CA PHE TA 1234 -79.51 -21.88 54.04
C PHE TA 1234 -78.29 -22.60 53.46
N PHE TA 1235 -78.51 -23.59 52.59
CA PHE TA 1235 -77.43 -24.44 52.11
C PHE TA 1235 -77.06 -24.16 50.66
N THR TA 1236 -77.83 -23.35 49.94
CA THR TA 1236 -77.55 -23.09 48.53
C THR TA 1236 -76.47 -22.02 48.40
N PRO TA 1237 -75.38 -22.27 47.69
CA PRO TA 1237 -74.44 -21.20 47.33
C PRO TA 1237 -74.76 -20.49 46.02
N ALA TA 1238 -75.95 -20.71 45.45
CA ALA TA 1238 -76.28 -20.19 44.13
C ALA TA 1238 -76.38 -18.67 44.09
N GLU TA 1239 -76.35 -18.00 45.24
CA GLU TA 1239 -76.39 -16.53 45.25
C GLU TA 1239 -75.21 -15.91 44.52
N ALA TA 1240 -74.11 -16.65 44.36
CA ALA TA 1240 -72.87 -16.11 43.81
C ALA TA 1240 -73.00 -15.72 42.34
N VAL TA 1241 -74.04 -16.14 41.64
CA VAL TA 1241 -74.20 -15.71 40.26
C VAL TA 1241 -74.86 -14.33 40.19
N ALA TA 1242 -75.90 -14.12 41.01
CA ALA TA 1242 -76.50 -12.80 41.16
C ALA TA 1242 -75.98 -12.15 42.44
N LYS TA 1243 -74.68 -11.87 42.45
CA LYS TA 1243 -74.05 -11.30 43.62
C LYS TA 1243 -74.57 -9.88 43.89
N SER TA 1244 -74.18 -9.34 45.03
CA SER TA 1244 -74.66 -8.05 45.49
C SER TA 1244 -73.70 -6.96 45.05
N ARG TA 1245 -74.19 -6.06 44.19
CA ARG TA 1245 -73.45 -4.87 43.80
C ARG TA 1245 -73.96 -3.62 44.52
N GLY TA 1246 -74.47 -3.78 45.74
CA GLY TA 1246 -74.88 -2.69 46.58
C GLY TA 1246 -75.72 -3.19 47.74
N LEU TA 1247 -75.49 -2.66 48.94
CA LEU TA 1247 -76.28 -3.09 50.09
C LEU TA 1247 -77.74 -2.71 49.92
N ALA TA 1248 -78.01 -1.59 49.24
CA ALA TA 1248 -79.40 -1.20 48.99
C ALA TA 1248 -80.12 -2.23 48.14
N ARG TA 1249 -79.41 -2.90 47.24
CA ARG TA 1249 -80.03 -3.95 46.44
C ARG TA 1249 -80.53 -5.08 47.33
N LEU TA 1250 -79.72 -5.51 48.31
CA LEU TA 1250 -80.17 -6.55 49.22
C LEU TA 1250 -81.24 -6.05 50.18
N ILE TA 1251 -81.22 -4.76 50.50
CA ILE TA 1251 -82.27 -4.19 51.36
C ILE TA 1251 -83.61 -4.21 50.64
N ALA TA 1252 -83.62 -3.82 49.36
CA ALA TA 1252 -84.86 -3.68 48.62
C ALA TA 1252 -85.32 -4.99 47.97
N ASP TA 1253 -84.43 -5.97 47.81
CA ASP TA 1253 -84.84 -7.23 47.19
C ASP TA 1253 -85.81 -7.98 48.09
N THR TA 1254 -85.51 -8.06 49.38
CA THR TA 1254 -86.53 -8.49 50.33
C THR TA 1254 -87.60 -7.42 50.43
N GLY TA 1255 -88.77 -7.83 50.91
CA GLY TA 1255 -89.94 -6.97 50.87
C GLY TA 1255 -90.71 -7.03 49.57
N ALA TA 1256 -90.17 -7.68 48.54
CA ALA TA 1256 -90.90 -7.91 47.30
C ALA TA 1256 -90.64 -9.30 46.74
N ALA TA 1257 -89.93 -10.16 47.48
CA ALA TA 1257 -89.53 -11.46 46.95
C ALA TA 1257 -90.73 -12.32 46.60
N ALA TA 1258 -90.49 -13.29 45.72
CA ALA TA 1258 -91.55 -14.18 45.28
C ALA TA 1258 -91.78 -15.27 46.32
N SER TA 1259 -93.05 -15.58 46.56
CA SER TA 1259 -93.39 -16.64 47.50
C SER TA 1259 -92.89 -17.98 46.97
N PRO TA 1260 -92.13 -18.74 47.76
CA PRO TA 1260 -91.71 -20.07 47.32
C PRO TA 1260 -92.68 -21.18 47.68
N THR TA 1261 -93.66 -20.90 48.54
CA THR TA 1261 -94.57 -21.92 49.04
C THR TA 1261 -95.85 -21.95 48.22
N SER TA 1262 -96.63 -23.01 48.43
CA SER TA 1262 -97.91 -23.17 47.76
C SER TA 1262 -98.96 -22.32 48.47
N ASN TA 1263 -100.23 -22.53 48.11
CA ASN TA 1263 -101.34 -21.87 48.79
C ASN TA 1263 -102.44 -22.86 49.16
N GLY TA 1264 -102.13 -24.15 49.16
CA GLY TA 1264 -103.08 -25.20 49.45
C GLY TA 1264 -103.03 -25.64 50.90
N GLU TA 1265 -103.52 -26.85 51.15
CA GLU TA 1265 -103.63 -27.40 52.50
C GLU TA 1265 -102.34 -28.04 52.97
N TYR TA 1266 -101.24 -27.84 52.26
CA TYR TA 1266 -99.93 -28.32 52.68
C TYR TA 1266 -98.89 -27.32 52.20
N GLN TA 1267 -97.62 -27.59 52.50
CA GLN TA 1267 -96.52 -26.70 52.15
C GLN TA 1267 -95.72 -27.35 51.03
N PHE TA 1268 -96.15 -27.09 49.80
CA PHE TA 1268 -95.48 -27.62 48.62
C PHE TA 1268 -94.83 -26.49 47.83
N LYS TA 1269 -93.87 -26.86 46.99
CA LYS TA 1269 -93.23 -25.91 46.10
C LYS TA 1269 -94.28 -25.20 45.27
N ARG TA 1270 -94.18 -23.88 45.18
CA ARG TA 1270 -95.24 -23.07 44.60
C ARG TA 1270 -95.53 -23.52 43.17
N PRO TA 1271 -96.80 -23.53 42.76
CA PRO TA 1271 -97.11 -23.75 41.35
C PRO TA 1271 -96.42 -22.70 40.47
N VAL TA 1272 -96.23 -23.05 39.20
CA VAL TA 1272 -95.50 -22.19 38.29
C VAL TA 1272 -96.29 -20.92 37.97
N GLY TA 1273 -97.61 -20.94 38.13
CA GLY TA 1273 -98.46 -19.87 37.63
C GLY TA 1273 -98.43 -18.53 38.34
N ALA TA 1274 -98.95 -18.49 39.58
CA ALA TA 1274 -99.40 -17.22 40.16
C ALA TA 1274 -98.28 -16.28 40.59
N GLY TA 1275 -97.49 -16.68 41.58
CA GLY TA 1275 -96.54 -15.78 42.20
C GLY TA 1275 -97.21 -14.82 43.17
N GLU TA 1276 -96.41 -14.31 44.10
CA GLU TA 1276 -96.88 -13.40 45.14
C GLU TA 1276 -95.66 -12.77 45.80
N LEU TA 1277 -95.91 -11.73 46.59
CA LEU TA 1277 -94.86 -10.95 47.23
C LEU TA 1277 -94.84 -11.24 48.72
N VAL TA 1278 -93.68 -11.66 49.22
CA VAL TA 1278 -93.51 -12.07 50.62
C VAL TA 1278 -92.16 -11.54 51.10
N GLU TA 1279 -92.12 -11.13 52.37
CA GLU TA 1279 -90.91 -10.57 52.98
C GLU TA 1279 -90.24 -11.60 53.86
N ASP TA 1280 -88.94 -11.42 54.07
CA ASP TA 1280 -88.13 -12.38 54.84
C ASP TA 1280 -86.88 -11.70 55.37
N PRO TA 1281 -86.97 -11.07 56.54
CA PRO TA 1281 -85.75 -10.56 57.18
C PRO TA 1281 -84.76 -11.65 57.58
N CYS TA 1282 -85.12 -12.93 57.40
CA CYS TA 1282 -84.18 -14.01 57.66
C CYS TA 1282 -83.28 -14.25 56.46
N ALA TA 1283 -83.87 -14.35 55.26
CA ALA TA 1283 -83.10 -14.65 54.05
C ALA TA 1283 -82.07 -13.58 53.73
N LEU TA 1284 -82.18 -12.39 54.32
CA LEU TA 1284 -81.13 -11.38 54.15
C LEU TA 1284 -79.92 -11.69 55.01
N PHE TA 1285 -80.13 -12.26 56.20
CA PHE TA 1285 -79.05 -12.62 57.10
C PHE TA 1285 -78.72 -14.10 57.10
N GLN TA 1286 -79.59 -14.94 56.54
CA GLN TA 1286 -79.40 -16.39 56.46
C GLN TA 1286 -79.16 -16.98 57.84
N GLU TA 1287 -80.18 -16.84 58.69
CA GLU TA 1287 -80.10 -17.32 60.07
C GLU TA 1287 -81.51 -17.45 60.62
N ALA TA 1288 -81.67 -18.33 61.60
CA ALA TA 1288 -82.96 -18.64 62.18
C ALA TA 1288 -83.03 -18.16 63.63
N TYR TA 1289 -84.26 -18.13 64.15
CA TYR TA 1289 -84.54 -17.74 65.53
C TYR TA 1289 -85.05 -18.94 66.32
N PRO TA 1290 -84.81 -18.97 67.62
CA PRO TA 1290 -85.32 -20.08 68.44
C PRO TA 1290 -86.68 -19.76 69.01
N PRO TA 1291 -87.60 -20.71 69.01
CA PRO TA 1291 -88.89 -20.52 69.66
C PRO TA 1291 -88.84 -20.98 71.12
N LEU TA 1292 -89.95 -20.73 71.82
CA LEU TA 1292 -90.02 -21.09 73.23
C LEU TA 1292 -90.18 -22.60 73.38
N CYS TA 1293 -89.16 -23.34 73.02
CA CYS TA 1293 -89.19 -24.79 73.16
C CYS TA 1293 -88.77 -25.16 74.58
N ALA TA 1294 -88.59 -26.46 74.83
CA ALA TA 1294 -88.21 -26.98 76.14
C ALA TA 1294 -87.92 -28.46 75.97
N SER TA 1295 -87.21 -29.01 76.96
CA SER TA 1295 -86.81 -30.41 76.93
C SER TA 1295 -87.69 -31.29 77.80
N ASP TA 1296 -88.72 -30.73 78.44
CA ASP TA 1296 -89.60 -31.51 79.28
C ASP TA 1296 -90.92 -30.76 79.41
N SER TA 1297 -92.02 -31.49 79.26
CA SER TA 1297 -93.35 -30.88 79.30
C SER TA 1297 -93.58 -30.09 80.59
N ALA TA 1298 -92.89 -30.45 81.67
CA ALA TA 1298 -93.11 -29.79 82.95
C ALA TA 1298 -92.61 -28.35 82.96
N LEU TA 1299 -91.55 -28.06 82.21
CA LEU TA 1299 -90.90 -26.76 82.30
C LEU TA 1299 -91.73 -25.63 81.69
N LEU TA 1300 -92.88 -25.92 81.10
CA LEU TA 1300 -93.76 -24.90 80.54
C LEU TA 1300 -95.00 -24.81 81.43
N ARG TA 1301 -94.97 -23.92 82.41
CA ARG TA 1301 -96.07 -23.73 83.35
C ARG TA 1301 -96.22 -22.23 83.58
N THR TA 1302 -97.01 -21.86 84.60
CA THR TA 1302 -97.17 -20.44 84.91
C THR TA 1302 -95.88 -19.84 85.47
N PRO TA 1303 -95.28 -20.37 86.55
CA PRO TA 1303 -93.96 -19.87 86.95
C PRO TA 1303 -92.86 -20.54 86.14
N LEU TA 1304 -92.27 -19.79 85.22
CA LEU TA 1304 -91.20 -20.33 84.39
C LEU TA 1304 -89.95 -20.59 85.23
N GLY TA 1305 -89.40 -19.53 85.84
CA GLY TA 1305 -88.32 -19.69 86.78
C GLY TA 1305 -87.05 -20.23 86.19
N ALA TA 1306 -86.77 -21.51 86.48
CA ALA TA 1306 -85.53 -22.14 86.05
C ALA TA 1306 -85.37 -22.07 84.55
N GLU TA 1307 -84.10 -22.01 84.12
CA GLU TA 1307 -83.75 -21.99 82.70
C GLU TA 1307 -82.95 -23.22 82.31
N GLU TA 1308 -82.18 -23.76 83.25
CA GLU TA 1308 -81.53 -25.05 83.13
C GLU TA 1308 -81.69 -25.75 84.47
N HIS TA 1309 -82.10 -27.02 84.43
CA HIS TA 1309 -82.44 -27.75 85.65
C HIS TA 1309 -81.56 -28.96 85.88
N PHE TA 1310 -81.39 -29.78 84.85
CA PHE TA 1310 -80.59 -31.00 84.89
C PHE TA 1310 -80.11 -31.23 83.46
N ALA TA 1311 -79.85 -32.48 83.08
CA ALA TA 1311 -79.71 -32.80 81.67
C ALA TA 1311 -80.75 -32.08 80.80
N GLN TA 1312 -81.96 -31.88 81.34
CA GLN TA 1312 -82.99 -31.12 80.66
C GLN TA 1312 -82.58 -29.66 80.51
N TYR TA 1313 -83.37 -28.91 79.74
CA TYR TA 1313 -83.05 -27.51 79.47
C TYR TA 1313 -84.27 -26.82 78.88
N LEU TA 1314 -84.32 -25.50 79.07
CA LEU TA 1314 -85.37 -24.65 78.53
C LEU TA 1314 -84.73 -23.49 77.79
N ILE TA 1315 -85.36 -23.06 76.69
CA ILE TA 1315 -84.84 -21.99 75.85
C ILE TA 1315 -85.85 -20.84 75.84
N ARG TA 1316 -85.33 -19.62 75.84
CA ARG TA 1316 -86.12 -18.41 75.73
C ARG TA 1316 -86.64 -18.27 74.30
N ASP TA 1317 -87.46 -17.25 74.06
CA ASP TA 1317 -88.05 -16.98 72.76
C ASP TA 1317 -87.50 -15.66 72.26
N GLU TA 1318 -86.35 -15.72 71.60
CA GLU TA 1318 -85.72 -14.53 71.02
C GLU TA 1318 -86.09 -14.48 69.54
N SER TA 1319 -87.33 -14.11 69.28
CA SER TA 1319 -87.90 -14.06 67.94
C SER TA 1319 -88.51 -12.69 67.73
N PRO TA 1320 -88.77 -12.29 66.49
CA PRO TA 1320 -89.48 -11.04 66.24
C PRO TA 1320 -90.92 -11.04 66.72
N LEU TA 1321 -91.40 -12.13 67.34
CA LEU TA 1321 -92.79 -12.23 67.77
C LEU TA 1321 -92.89 -12.44 69.27
N LYS TA 1322 -92.17 -11.65 70.06
CA LYS TA 1322 -92.24 -11.75 71.51
C LYS TA 1322 -93.45 -11.05 72.09
N GLY TA 1323 -94.45 -10.73 71.28
CA GLY TA 1323 -95.69 -10.16 71.77
C GLY TA 1323 -96.89 -11.05 71.52
N MET UA 1 5.53 35.18 -34.98
CA MET UA 1 5.14 33.78 -35.09
C MET UA 1 5.05 33.12 -33.72
N GLU UA 2 3.86 33.10 -33.18
CA GLU UA 2 3.59 32.54 -31.87
C GLU UA 2 2.43 31.57 -31.99
N VAL UA 3 2.33 30.65 -31.04
CA VAL UA 3 1.25 29.67 -31.05
C VAL UA 3 0.77 29.46 -29.63
N ASP UA 4 -0.54 29.53 -29.45
CA ASP UA 4 -1.15 29.25 -28.16
C ASP UA 4 -1.65 27.82 -28.14
N ILE UA 5 -2.26 27.44 -27.03
CA ILE UA 5 -2.74 26.08 -26.84
C ILE UA 5 -4.02 26.14 -26.02
N ALA UA 6 -5.11 25.63 -26.59
CA ALA UA 6 -6.34 25.52 -25.81
C ALA UA 6 -6.12 24.55 -24.67
N LEU UA 7 -6.80 24.80 -23.54
CA LEU UA 7 -6.56 24.04 -22.35
C LEU UA 7 -7.91 23.75 -21.67
N PRO UA 8 -8.25 22.48 -21.47
CA PRO UA 8 -9.54 22.15 -20.86
C PRO UA 8 -9.54 22.48 -19.37
N THR UA 9 -10.73 22.53 -18.80
CA THR UA 9 -10.86 22.80 -17.36
C THR UA 9 -10.32 21.61 -16.59
N LEU UA 10 -9.14 21.75 -16.01
CA LEU UA 10 -8.54 20.62 -15.31
C LEU UA 10 -9.10 20.50 -13.89
N SER UA 11 -8.74 21.43 -13.02
CA SER UA 11 -9.18 21.52 -11.64
C SER UA 11 -8.48 22.70 -10.99
N PRO UA 12 -8.88 23.12 -9.81
CA PRO UA 12 -7.99 23.96 -9.00
C PRO UA 12 -6.79 23.15 -8.52
N GLY UA 13 -5.72 23.86 -8.19
CA GLY UA 13 -4.54 23.20 -7.69
C GLY UA 13 -3.72 22.51 -8.77
N ASP UA 14 -4.36 21.65 -9.57
CA ASP UA 14 -3.64 20.97 -10.63
C ASP UA 14 -3.16 21.96 -11.69
N LEU UA 15 -3.95 23.00 -11.95
CA LEU UA 15 -3.46 24.06 -12.81
C LEU UA 15 -2.23 24.71 -12.22
N SER UA 16 -2.25 24.99 -10.92
CA SER UA 16 -1.05 25.47 -10.26
C SER UA 16 0.08 24.46 -10.36
N ALA UA 17 -0.26 23.17 -10.40
CA ALA UA 17 0.77 22.15 -10.57
C ALA UA 17 1.43 22.26 -11.93
N LEU UA 18 0.63 22.41 -12.99
CA LEU UA 18 1.20 22.63 -14.32
C LEU UA 18 1.97 23.93 -14.39
N GLN UA 19 1.59 24.92 -13.59
CA GLN UA 19 2.23 26.23 -13.59
C GLN UA 19 3.70 26.18 -13.20
N ARG UA 20 4.21 25.04 -12.77
CA ARG UA 20 5.64 24.91 -12.51
C ARG UA 20 6.42 24.50 -13.74
N CYS UA 21 5.79 24.42 -14.90
CA CYS UA 21 6.45 23.98 -16.12
C CYS UA 21 6.38 25.11 -17.14
N GLU UA 22 7.34 26.02 -17.06
CA GLU UA 22 7.36 27.22 -17.91
C GLU UA 22 8.60 27.30 -18.78
N GLY UA 23 9.40 26.26 -18.87
CA GLY UA 23 10.53 26.28 -19.77
C GLY UA 23 10.61 25.00 -20.56
N ARG UA 24 9.82 24.01 -20.14
CA ARG UA 24 9.89 22.70 -20.76
C ARG UA 24 9.34 22.77 -22.17
N VAL UA 25 10.00 22.11 -23.10
CA VAL UA 25 9.64 22.18 -24.51
C VAL UA 25 8.64 21.07 -24.82
N VAL UA 26 7.66 21.39 -25.65
CA VAL UA 26 6.68 20.42 -26.12
C VAL UA 26 6.70 20.43 -27.63
N PHE UA 27 6.48 19.26 -28.23
CA PHE UA 27 6.55 19.12 -29.67
C PHE UA 27 5.17 19.31 -30.27
N LEU UA 28 5.03 20.27 -31.15
CA LEU UA 28 3.76 20.53 -31.82
C LEU UA 28 3.67 19.65 -33.07
N GLU UA 29 2.62 19.86 -33.86
CA GLU UA 29 2.44 19.13 -35.10
C GLU UA 29 2.53 20.02 -36.32
N THR UA 30 1.73 21.09 -36.38
CA THR UA 30 1.84 22.07 -37.45
C THR UA 30 1.61 23.45 -36.87
N LEU UA 31 2.26 24.45 -37.48
CA LEU UA 31 2.31 25.79 -36.90
C LEU UA 31 1.01 26.55 -37.19
N ARG UA 32 -0.07 26.03 -36.65
CA ARG UA 32 -1.34 26.72 -36.67
C ARG UA 32 -1.53 27.50 -35.37
N ARG UA 33 -2.17 28.64 -35.47
CA ARG UA 33 -2.31 29.51 -34.30
C ARG UA 33 -3.26 28.99 -33.28
N HIS UA 34 -3.75 27.76 -33.36
CA HIS UA 34 -4.63 27.23 -32.31
C HIS UA 34 -4.37 25.73 -32.18
N ALA UA 35 -3.94 25.32 -31.00
CA ALA UA 35 -3.76 23.90 -30.71
C ALA UA 35 -4.51 23.54 -29.44
N THR UA 36 -4.58 22.25 -29.12
CA THR UA 36 -5.26 21.83 -27.90
C THR UA 36 -4.37 20.85 -27.17
N LEU UA 37 -4.44 20.89 -25.83
CA LEU UA 37 -3.59 20.05 -25.00
C LEU UA 37 -3.73 18.57 -25.35
N ARG UA 38 -4.92 18.15 -25.75
CA ARG UA 38 -5.15 16.75 -26.10
C ARG UA 38 -4.26 16.29 -27.23
N GLU UA 39 -3.73 17.20 -28.05
CA GLU UA 39 -2.89 16.83 -29.18
C GLU UA 39 -1.43 16.64 -28.81
N VAL UA 40 -0.92 17.42 -27.87
CA VAL UA 40 0.47 17.33 -27.45
C VAL UA 40 0.49 16.47 -26.18
N ALA UA 41 0.64 15.17 -26.37
CA ALA UA 41 0.61 14.24 -25.24
C ALA UA 41 1.16 12.90 -25.71
N LEU UA 42 1.87 12.23 -24.82
CA LEU UA 42 2.47 10.93 -25.10
C LEU UA 42 2.41 10.10 -23.82
N PRO UA 43 2.14 8.80 -23.95
CA PRO UA 43 2.12 7.95 -22.75
C PRO UA 43 3.49 7.90 -22.11
N CYS UA 44 3.56 8.23 -20.82
CA CYS UA 44 4.86 8.43 -20.21
C CYS UA 44 5.56 7.11 -19.95
N GLY UA 45 4.93 6.00 -20.31
CA GLY UA 45 5.67 4.77 -20.52
C GLY UA 45 5.71 4.46 -22.00
N GLY UA 46 6.84 4.72 -22.65
CA GLY UA 46 6.91 4.58 -24.10
C GLY UA 46 8.31 4.23 -24.56
N ASP UA 47 8.37 3.67 -25.75
CA ASP UA 47 9.65 3.28 -26.34
C ASP UA 47 10.45 4.52 -26.72
N VAL UA 48 11.69 4.60 -26.22
CA VAL UA 48 12.49 5.78 -26.45
C VAL UA 48 12.79 5.95 -27.93
N LEU UA 49 13.00 4.86 -28.66
CA LEU UA 49 13.38 4.98 -30.06
C LEU UA 49 12.26 5.52 -30.92
N ALA UA 50 11.03 5.04 -30.71
CA ALA UA 50 9.90 5.50 -31.52
C ALA UA 50 9.68 7.00 -31.32
N ALA UA 51 9.57 7.44 -30.07
CA ALA UA 51 9.37 8.85 -29.81
C ALA UA 51 10.55 9.67 -30.31
N MET UA 52 11.76 9.15 -30.17
CA MET UA 52 12.94 9.88 -30.65
C MET UA 52 12.88 10.07 -32.15
N ALA UA 53 12.41 9.05 -32.88
CA ALA UA 53 12.20 9.21 -34.31
C ALA UA 53 11.13 10.24 -34.59
N ALA UA 54 10.05 10.22 -33.81
CA ALA UA 54 8.96 11.17 -34.00
C ALA UA 54 9.39 12.60 -33.72
N TYR UA 55 10.46 12.81 -32.97
CA TYR UA 55 10.91 14.17 -32.68
C TYR UA 55 11.31 14.92 -33.94
N ARG UA 56 11.66 14.19 -35.01
CA ARG UA 56 12.03 14.87 -36.25
C ARG UA 56 10.83 15.18 -37.12
N ARG UA 57 9.79 14.37 -37.06
CA ARG UA 57 8.59 14.61 -37.84
C ARG UA 57 7.74 15.74 -37.27
N ARG UA 58 8.21 16.44 -36.24
CA ARG UA 58 7.41 17.47 -35.61
C ARG UA 58 8.20 18.77 -35.50
N PHE UA 59 7.65 19.75 -34.80
CA PHE UA 59 8.35 20.99 -34.52
C PHE UA 59 8.47 21.18 -33.02
N ALA UA 60 9.60 21.72 -32.59
CA ALA UA 60 9.77 22.02 -31.18
C ALA UA 60 9.09 23.34 -30.84
N ALA UA 61 8.81 23.51 -29.56
CA ALA UA 61 8.12 24.70 -29.08
C ALA UA 61 8.31 24.81 -27.59
N VAL UA 62 8.40 26.03 -27.09
CA VAL UA 62 8.74 26.30 -25.71
C VAL UA 62 7.56 26.97 -25.01
N ILE UA 63 7.20 26.45 -23.85
CA ILE UA 63 6.07 26.96 -23.09
C ILE UA 63 6.45 28.26 -22.42
N THR UA 64 5.78 29.34 -22.80
CA THR UA 64 5.86 30.61 -22.11
C THR UA 64 4.72 30.66 -21.08
N ARG UA 65 4.38 31.84 -20.57
CA ARG UA 65 3.39 32.00 -19.50
C ARG UA 65 2.15 31.15 -19.76
N VAL UA 66 1.57 30.64 -18.67
CA VAL UA 66 0.37 29.82 -18.73
C VAL UA 66 -0.70 30.49 -17.87
N THR UA 67 -1.93 30.50 -18.36
CA THR UA 67 -3.08 31.09 -17.69
C THR UA 67 -4.22 30.09 -17.63
N PRO UA 68 -5.16 30.23 -16.69
CA PRO UA 68 -6.25 29.27 -16.57
C PRO UA 68 -6.98 29.01 -17.88
N HIS UA 69 -6.86 29.94 -18.83
CA HIS UA 69 -7.56 29.82 -20.10
C HIS UA 69 -6.76 29.06 -21.13
N ARG UA 70 -5.46 29.32 -21.24
CA ARG UA 70 -4.64 28.76 -22.31
C ARG UA 70 -3.19 28.78 -21.87
N MET UA 71 -2.32 28.32 -22.75
CA MET UA 71 -0.88 28.42 -22.54
C MET UA 71 -0.22 28.81 -23.86
N LEU UA 72 0.78 29.67 -23.76
CA LEU UA 72 1.46 30.18 -24.94
C LEU UA 72 2.73 29.39 -25.19
N ALA UA 73 3.03 29.16 -26.46
CA ALA UA 73 4.23 28.43 -26.85
C ALA UA 73 4.95 29.20 -27.94
N THR UA 74 6.26 28.95 -28.04
CA THR UA 74 7.08 29.61 -29.05
C THR UA 74 7.90 28.56 -29.75
N PRO UA 75 7.88 28.48 -31.08
CA PRO UA 75 8.62 27.45 -31.78
C PRO UA 75 10.10 27.79 -31.87
N LEU UA 76 10.88 26.78 -32.22
CA LEU UA 76 12.34 26.89 -32.28
C LEU UA 76 12.91 26.87 -33.68
N GLY UA 77 12.37 26.02 -34.56
CA GLY UA 77 12.94 25.87 -35.89
C GLY UA 77 12.90 27.12 -36.72
N VAL UA 78 11.71 27.55 -37.14
CA VAL UA 78 11.59 28.79 -37.89
C VAL UA 78 11.94 29.96 -36.97
N GLY UA 79 12.78 30.85 -37.46
CA GLY UA 79 13.31 31.90 -36.61
C GLY UA 79 13.60 33.15 -37.38
N GLY UA 80 13.80 34.23 -36.64
CA GLY UA 80 14.27 35.48 -37.21
C GLY UA 80 15.18 36.20 -36.23
N ARG UA 81 16.42 36.45 -36.65
CA ARG UA 81 17.41 37.15 -35.85
C ARG UA 81 17.74 36.43 -34.54
N GLY UA 82 17.12 35.28 -34.32
CA GLY UA 82 17.35 34.51 -33.11
C GLY UA 82 16.96 35.21 -31.83
N GLN UA 83 15.67 35.45 -31.64
CA GLN UA 83 15.22 35.99 -30.37
C GLN UA 83 15.54 35.02 -29.24
N SER UA 84 15.96 35.58 -28.10
CA SER UA 84 16.22 34.75 -26.94
C SER UA 84 14.91 34.22 -26.37
N LEU UA 85 15.04 33.29 -25.42
CA LEU UA 85 13.87 32.77 -24.72
C LEU UA 85 14.33 31.96 -23.52
N VAL UA 86 13.66 32.15 -22.40
CA VAL UA 86 13.96 31.38 -21.21
C VAL UA 86 13.76 29.90 -21.48
N LEU UA 87 14.52 29.06 -20.78
CA LEU UA 87 14.44 27.63 -20.99
C LEU UA 87 14.82 26.91 -19.71
N GLN UA 88 13.91 26.11 -19.18
CA GLN UA 88 14.13 25.42 -17.91
C GLN UA 88 14.92 24.15 -18.18
N ASN UA 89 16.11 24.07 -17.59
CA ASN UA 89 16.91 22.86 -17.71
C ASN UA 89 16.32 21.74 -16.88
N THR UA 90 16.37 20.52 -17.41
CA THR UA 90 15.81 19.38 -16.73
C THR UA 90 16.70 18.14 -16.79
N GLY UA 91 17.92 18.27 -17.32
CA GLY UA 91 18.81 17.14 -17.41
C GLY UA 91 19.30 16.70 -16.04
N PRO UA 92 20.13 15.68 -16.03
CA PRO UA 92 20.65 15.16 -14.76
C PRO UA 92 21.79 15.98 -14.20
N PHE UA 93 22.62 16.53 -15.08
CA PHE UA 93 23.77 17.33 -14.66
C PHE UA 93 23.67 18.72 -15.24
N ASP UA 94 24.31 19.67 -14.56
CA ASP UA 94 24.24 21.06 -14.98
C ASP UA 94 24.86 21.23 -16.37
N LEU UA 95 24.69 22.43 -16.91
CA LEU UA 95 25.23 22.79 -18.21
C LEU UA 95 25.89 24.14 -18.11
N THR UA 96 27.08 24.26 -18.68
CA THR UA 96 27.85 25.48 -18.55
C THR UA 96 27.51 26.46 -19.66
N ASN UA 97 27.79 27.74 -19.41
CA ASN UA 97 27.55 28.77 -20.39
C ASN UA 97 28.57 28.66 -21.52
N GLY UA 98 28.09 28.67 -22.76
CA GLY UA 98 28.98 28.62 -23.90
C GLY UA 98 29.02 27.27 -24.60
N ASP UA 99 27.87 26.62 -24.73
CA ASP UA 99 27.82 25.36 -25.46
C ASP UA 99 26.52 25.25 -26.25
N HIS UA 100 26.24 24.08 -26.81
CA HIS UA 100 25.06 23.85 -27.62
C HIS UA 100 24.27 22.70 -27.02
N VAL UA 101 23.03 22.96 -26.67
CA VAL UA 101 22.19 21.96 -26.00
C VAL UA 101 21.42 21.17 -27.04
N CYS UA 102 21.07 19.94 -26.69
CA CYS UA 102 20.31 19.06 -27.56
C CYS UA 102 19.12 18.48 -26.80
N LEU UA 103 18.22 17.85 -27.54
CA LEU UA 103 16.98 17.33 -26.99
C LEU UA 103 16.96 15.81 -27.10
N VAL UA 104 16.70 15.14 -25.98
CA VAL UA 104 16.68 13.68 -25.92
C VAL UA 104 15.52 13.24 -25.06
N PRO UA 105 14.80 12.20 -25.49
CA PRO UA 105 13.71 11.64 -24.69
C PRO UA 105 14.19 11.27 -23.30
N PRO UA 106 13.28 11.09 -22.34
CA PRO UA 106 13.71 10.86 -20.96
C PRO UA 106 14.41 9.52 -20.83
N LEU UA 107 15.66 9.48 -21.28
CA LEU UA 107 16.39 8.23 -21.40
C LEU UA 107 16.52 7.54 -20.05
N LEU UA 108 16.82 8.29 -19.00
CA LEU UA 108 16.99 7.75 -17.67
C LEU UA 108 15.63 7.50 -17.04
N GLY UA 109 15.62 7.30 -15.72
CA GLY UA 109 14.37 7.24 -14.96
C GLY UA 109 13.45 8.37 -15.36
N ASP UA 110 12.28 8.02 -15.88
CA ASP UA 110 11.43 9.01 -16.52
C ASP UA 110 10.77 9.93 -15.51
N GLU UA 111 10.46 11.14 -15.97
CA GLU UA 111 9.56 12.05 -15.26
C GLU UA 111 8.42 12.37 -16.20
N CYS UA 112 7.19 12.21 -15.72
CA CYS UA 112 6.02 12.51 -16.53
C CYS UA 112 4.98 13.22 -15.68
N LEU UA 113 4.53 14.38 -16.14
CA LEU UA 113 3.54 15.16 -15.42
C LEU UA 113 2.17 14.53 -15.70
N ARG UA 114 1.75 13.67 -14.79
CA ARG UA 114 0.46 13.03 -14.91
C ARG UA 114 -0.65 13.97 -14.47
N LEU UA 115 -1.60 14.23 -15.36
CA LEU UA 115 -2.78 15.04 -15.05
C LEU UA 115 -3.96 14.09 -14.95
N THR UA 116 -4.33 13.73 -13.72
CA THR UA 116 -5.46 12.83 -13.52
C THR UA 116 -6.78 13.49 -13.93
N SER UA 117 -6.86 14.81 -13.81
CA SER UA 117 -8.13 15.50 -14.06
C SER UA 117 -8.57 15.35 -15.50
N ALA UA 118 -7.71 15.73 -16.45
CA ALA UA 118 -8.06 15.69 -17.87
C ALA UA 118 -7.79 14.35 -18.52
N ASN UA 119 -7.38 13.34 -17.76
CA ASN UA 119 -7.16 11.99 -18.27
C ASN UA 119 -6.16 12.01 -19.43
N LEU UA 120 -4.94 12.44 -19.13
CA LEU UA 120 -3.86 12.44 -20.11
C LEU UA 120 -2.54 12.59 -19.39
N GLU UA 121 -1.46 12.36 -20.13
CA GLU UA 121 -0.11 12.37 -19.59
C GLU UA 121 0.81 13.18 -20.46
N LEU UA 122 1.75 13.89 -19.83
CA LEU UA 122 2.73 14.70 -20.53
C LEU UA 122 4.13 14.16 -20.28
N ARG UA 123 5.01 14.37 -21.26
CA ARG UA 123 6.34 13.77 -21.24
C ARG UA 123 7.32 14.76 -21.83
N PHE UA 124 8.06 15.44 -20.97
CA PHE UA 124 8.93 16.47 -21.50
C PHE UA 124 10.35 15.93 -21.69
N PRO UA 125 11.03 16.32 -22.75
CA PRO UA 125 12.36 15.77 -23.03
C PRO UA 125 13.44 16.48 -22.22
N MET UA 126 14.55 15.78 -22.07
CA MET UA 126 15.69 16.33 -21.34
C MET UA 126 16.44 17.34 -22.21
N THR UA 127 17.36 18.06 -21.57
CA THR UA 127 18.21 19.03 -22.25
C THR UA 127 19.64 18.75 -21.85
N LEU UA 128 20.46 18.30 -22.80
CA LEU UA 128 21.82 17.94 -22.49
C LEU UA 128 22.80 18.74 -23.35
N PRO UA 129 23.93 19.15 -22.79
CA PRO UA 129 25.01 19.67 -23.64
C PRO UA 129 25.48 18.60 -24.61
N LEU UA 130 25.94 19.06 -25.78
CA LEU UA 130 26.22 18.13 -26.88
C LEU UA 130 27.22 17.05 -26.46
N ALA UA 131 28.31 17.46 -25.83
CA ALA UA 131 29.36 16.51 -25.47
C ALA UA 131 28.82 15.35 -24.66
N GLN UA 132 28.17 15.66 -23.53
CA GLN UA 132 27.63 14.61 -22.67
C GLN UA 132 26.45 13.89 -23.29
N ALA UA 133 25.76 14.51 -24.25
CA ALA UA 133 24.68 13.81 -24.93
C ALA UA 133 25.22 12.73 -25.85
N ARG UA 134 26.36 12.99 -26.49
CA ARG UA 134 27.04 11.98 -27.27
C ARG UA 134 27.48 10.79 -26.41
N GLU UA 135 27.49 10.95 -25.09
CA GLU UA 135 28.08 9.97 -24.18
C GLU UA 135 27.06 9.22 -23.34
N LEU UA 136 25.99 9.89 -22.91
CA LEU UA 136 25.04 9.27 -21.99
C LEU UA 136 24.30 8.11 -22.64
N THR UA 137 23.88 8.28 -23.89
CA THR UA 137 23.21 7.21 -24.60
C THR UA 137 24.13 6.00 -24.74
N ALA UA 138 25.37 6.23 -25.16
CA ALA UA 138 26.33 5.14 -25.25
C ALA UA 138 26.52 4.47 -23.89
N ARG UA 139 26.54 5.26 -22.83
CA ARG UA 139 26.67 4.70 -21.49
C ARG UA 139 25.55 3.71 -21.19
N VAL UA 140 24.31 4.16 -21.38
CA VAL UA 140 23.18 3.29 -21.06
C VAL UA 140 23.17 2.06 -21.96
N VAL UA 141 23.47 2.22 -23.24
CA VAL UA 141 23.46 1.08 -24.14
C VAL UA 141 24.55 0.08 -23.76
N ALA UA 142 25.71 0.58 -23.32
CA ALA UA 142 26.79 -0.32 -22.95
C ALA UA 142 26.47 -1.06 -21.67
N ARG UA 143 25.83 -0.39 -20.70
CA ARG UA 143 25.40 -1.08 -19.50
C ARG UA 143 24.38 -2.16 -19.84
N ALA UA 144 23.45 -1.86 -20.74
CA ALA UA 144 22.51 -2.88 -21.17
C ALA UA 144 23.20 -4.03 -21.88
N ALA UA 145 24.27 -3.73 -22.63
CA ALA UA 145 25.02 -4.79 -23.31
C ALA UA 145 25.69 -5.71 -22.29
N GLU UA 146 26.38 -5.13 -21.31
CA GLU UA 146 26.95 -5.93 -20.24
C GLU UA 146 25.88 -6.77 -19.55
N THR UA 147 24.69 -6.20 -19.38
CA THR UA 147 23.58 -6.98 -18.80
C THR UA 147 23.18 -8.14 -19.71
N LEU UA 148 23.24 -7.94 -21.02
CA LEU UA 148 22.75 -8.95 -21.96
C LEU UA 148 23.46 -10.29 -21.82
N ARG UA 149 24.69 -10.31 -21.32
CA ARG UA 149 25.40 -11.57 -21.13
C ARG UA 149 26.25 -11.53 -19.88
N ALA UA 157 32.08 2.90 -13.20
CA ALA UA 157 31.21 2.18 -14.12
C ALA UA 157 30.01 3.04 -14.52
N ASP UA 158 29.05 3.17 -13.63
CA ASP UA 158 27.89 4.02 -13.86
C ASP UA 158 28.12 5.43 -13.33
N VAL UA 159 29.23 6.03 -13.71
CA VAL UA 159 29.59 7.36 -13.23
C VAL UA 159 29.82 8.28 -14.42
N VAL UA 160 29.36 9.52 -14.29
CA VAL UA 160 29.68 10.56 -15.25
C VAL UA 160 30.06 11.81 -14.48
N PHE UA 161 31.01 12.56 -15.01
CA PHE UA 161 31.53 13.75 -14.38
C PHE UA 161 31.17 14.96 -15.23
N SER UA 162 30.67 16.00 -14.58
CA SER UA 162 30.37 17.25 -15.29
C SER UA 162 30.43 18.38 -14.25
N ASN UA 163 31.51 19.16 -14.30
CA ASN UA 163 31.74 20.26 -13.38
C ASN UA 163 31.71 19.78 -11.93
N GLY UA 164 32.68 18.93 -11.60
CA GLY UA 164 32.89 18.50 -10.24
C GLY UA 164 32.12 17.28 -9.81
N ARG UA 165 30.80 17.40 -9.72
CA ARG UA 165 29.98 16.33 -9.18
C ARG UA 165 30.14 15.05 -9.99
N ARG UA 166 30.36 13.94 -9.29
CA ARG UA 166 30.30 12.62 -9.91
C ARG UA 166 28.87 12.12 -9.82
N TYR UA 167 28.28 11.77 -10.96
CA TYR UA 167 26.89 11.35 -11.01
C TYR UA 167 26.78 9.83 -10.94
N GLN UA 168 25.61 9.36 -10.50
CA GLN UA 168 25.44 7.97 -10.10
C GLN UA 168 24.78 7.09 -11.15
N LEU UA 169 24.04 7.66 -12.12
CA LEU UA 169 23.36 6.88 -13.13
C LEU UA 169 22.43 5.84 -12.50
N PRO UA 170 21.24 6.25 -12.04
CA PRO UA 170 20.37 5.38 -11.22
C PRO UA 170 20.27 3.97 -11.77
N PRO UA 171 20.08 2.99 -10.89
CA PRO UA 171 20.18 1.60 -11.32
C PRO UA 171 19.12 1.28 -12.36
N PRO UA 172 19.38 0.31 -13.23
CA PRO UA 172 18.41 -0.01 -14.28
C PRO UA 172 17.23 -0.79 -13.71
N HIS UA 173 16.16 -0.82 -14.49
CA HIS UA 173 14.97 -1.63 -14.22
C HIS UA 173 14.30 -1.25 -12.89
N ARG UA 174 14.80 -0.21 -12.23
CA ARG UA 174 14.11 0.31 -11.06
C ARG UA 174 12.73 0.81 -11.44
N ASP UA 175 12.63 1.51 -12.58
CA ASP UA 175 11.34 1.95 -13.08
C ASP UA 175 10.43 0.75 -13.36
N ASN UA 176 9.13 1.03 -13.44
CA ASN UA 176 8.21 -0.01 -13.87
C ASN UA 176 8.44 -0.41 -15.32
N ALA UA 177 9.26 0.34 -16.06
CA ALA UA 177 9.53 0.08 -17.47
C ALA UA 177 11.02 -0.26 -17.62
N GLU UA 178 11.35 -1.53 -17.40
CA GLU UA 178 12.68 -2.02 -17.72
C GLU UA 178 12.91 -2.10 -19.23
N ALA UA 179 11.85 -2.40 -19.98
CA ALA UA 179 11.93 -2.53 -21.43
C ALA UA 179 11.70 -1.22 -22.16
N ALA UA 180 11.97 -0.10 -21.50
CA ALA UA 180 11.83 1.19 -22.19
C ALA UA 180 12.92 1.37 -23.22
N THR UA 181 14.13 0.90 -22.93
CA THR UA 181 15.27 1.10 -23.80
C THR UA 181 15.63 -0.15 -24.59
N ARG UA 182 14.82 -1.20 -24.51
CA ARG UA 182 15.19 -2.47 -25.12
C ARG UA 182 15.35 -2.33 -26.63
N SER UA 183 14.35 -1.72 -27.29
CA SER UA 183 14.41 -1.55 -28.73
C SER UA 183 15.67 -0.78 -29.14
N LEU UA 184 16.02 0.25 -28.38
CA LEU UA 184 17.17 1.07 -28.73
C LEU UA 184 18.46 0.26 -28.70
N VAL UA 185 18.70 -0.46 -27.60
CA VAL UA 185 19.93 -1.20 -27.47
C VAL UA 185 20.00 -2.30 -28.53
N LEU UA 186 18.86 -2.94 -28.82
CA LEU UA 186 18.86 -3.98 -29.84
C LEU UA 186 19.24 -3.41 -31.20
N ASN UA 187 18.53 -2.37 -31.63
CA ASN UA 187 18.77 -1.79 -32.93
C ASN UA 187 20.15 -1.17 -33.05
N MET UA 188 20.76 -0.76 -31.93
CA MET UA 188 22.07 -0.14 -31.97
C MET UA 188 23.19 -1.18 -32.03
N ILE UA 189 23.05 -2.27 -31.28
CA ILE UA 189 24.06 -3.32 -31.32
C ILE UA 189 24.03 -4.04 -32.66
N PHE UA 190 22.82 -4.30 -33.17
CA PHE UA 190 22.69 -5.14 -34.35
C PHE UA 190 23.39 -4.53 -35.55
N LEU UA 191 23.23 -3.22 -35.76
CA LEU UA 191 23.78 -2.60 -36.95
C LEU UA 191 25.30 -2.61 -36.94
N LEU UA 192 25.90 -2.45 -35.77
CA LEU UA 192 27.36 -2.54 -35.68
C LEU UA 192 27.83 -3.95 -35.99
N ASN UA 193 27.15 -4.95 -35.41
CA ASN UA 193 27.47 -6.33 -35.75
C ASN UA 193 27.42 -6.53 -37.26
N GLU UA 194 26.36 -6.02 -37.87
CA GLU UA 194 26.15 -6.12 -39.31
C GLU UA 194 27.33 -5.52 -40.06
N GLY UA 195 27.70 -4.29 -39.70
CA GLY UA 195 28.79 -3.63 -40.40
C GLY UA 195 30.08 -4.42 -40.34
N ALA UA 196 30.43 -4.89 -39.14
CA ALA UA 196 31.64 -5.70 -39.01
C ALA UA 196 31.57 -6.94 -39.88
N VAL UA 197 30.43 -7.64 -39.85
CA VAL UA 197 30.31 -8.88 -40.60
C VAL UA 197 30.45 -8.61 -42.09
N ILE UA 198 29.85 -7.51 -42.57
CA ILE UA 198 29.94 -7.21 -44.00
C ILE UA 198 31.36 -6.87 -44.39
N LEU UA 199 32.03 -6.04 -43.60
CA LEU UA 199 33.41 -5.73 -43.91
C LEU UA 199 34.24 -6.99 -44.02
N LEU UA 200 34.14 -7.87 -43.03
CA LEU UA 200 34.92 -9.10 -43.08
C LEU UA 200 34.50 -9.99 -44.25
N SER UA 201 33.24 -9.91 -44.66
CA SER UA 201 32.77 -10.73 -45.78
C SER UA 201 33.32 -10.24 -47.11
N LEU UA 202 33.47 -8.92 -47.27
CA LEU UA 202 34.05 -8.41 -48.50
C LEU UA 202 35.56 -8.55 -48.51
N ILE UA 203 36.19 -8.38 -47.36
CA ILE UA 203 37.64 -8.44 -47.24
C ILE UA 203 38.01 -9.53 -46.24
N PRO UA 204 38.02 -10.80 -46.64
CA PRO UA 204 38.24 -11.87 -45.67
C PRO UA 204 39.62 -11.87 -45.06
N ASN UA 205 40.65 -11.56 -45.85
CA ASN UA 205 42.02 -11.65 -45.40
C ASN UA 205 42.46 -10.45 -44.56
N LEU UA 206 41.51 -9.65 -44.04
CA LEU UA 206 41.91 -8.43 -43.35
C LEU UA 206 42.53 -8.74 -41.99
N LEU UA 207 41.90 -9.59 -41.19
CA LEU UA 207 42.37 -9.82 -39.84
C LEU UA 207 43.64 -10.66 -39.78
N THR UA 208 44.01 -11.32 -40.87
CA THR UA 208 45.20 -12.17 -40.91
C THR UA 208 46.43 -11.41 -41.38
N LEU UA 209 46.40 -10.08 -41.37
CA LEU UA 209 47.55 -9.29 -41.74
C LEU UA 209 48.47 -9.12 -40.53
N GLY UA 210 49.53 -8.35 -40.69
CA GLY UA 210 50.42 -8.09 -39.58
C GLY UA 210 49.74 -7.27 -38.51
N ALA UA 211 49.61 -7.83 -37.31
CA ALA UA 211 48.88 -7.18 -36.24
C ALA UA 211 49.48 -5.84 -35.83
N GLN UA 212 50.65 -5.48 -36.36
CA GLN UA 212 51.21 -4.18 -36.05
C GLN UA 212 51.70 -3.46 -37.29
N ASP UA 213 52.01 -4.22 -38.36
CA ASP UA 213 52.50 -3.61 -39.59
C ASP UA 213 51.57 -3.82 -40.78
N GLY UA 214 51.22 -5.07 -41.08
CA GLY UA 214 50.44 -5.35 -42.27
C GLY UA 214 49.10 -4.63 -42.26
N TYR UA 215 48.36 -4.75 -41.15
CA TYR UA 215 47.12 -4.02 -41.02
C TYR UA 215 47.35 -2.52 -41.08
N ALA UA 216 48.42 -2.05 -40.43
CA ALA UA 216 48.75 -0.63 -40.48
C ALA UA 216 49.16 -0.21 -41.89
N ASN UA 217 49.89 -1.05 -42.59
CA ASN UA 217 50.24 -0.74 -43.98
C ASN UA 217 48.99 -0.61 -44.83
N ALA UA 218 48.04 -1.53 -44.66
CA ALA UA 218 46.80 -1.47 -45.43
C ALA UA 218 46.05 -0.18 -45.13
N VAL UA 219 45.88 0.14 -43.85
CA VAL UA 219 45.09 1.33 -43.53
C VAL UA 219 45.80 2.60 -43.96
N ILE UA 220 47.14 2.61 -43.96
CA ILE UA 220 47.84 3.84 -44.30
C ILE UA 220 47.89 4.03 -45.81
N GLN UA 221 47.92 2.95 -46.58
CA GLN UA 221 47.89 3.14 -48.02
C GLN UA 221 46.48 3.12 -48.57
N LEU UA 222 45.48 2.92 -47.72
CA LEU UA 222 44.10 3.09 -48.16
C LEU UA 222 43.70 4.55 -48.18
N GLY UA 223 44.19 5.36 -47.24
CA GLY UA 223 43.90 6.79 -47.25
C GLY UA 223 44.59 7.50 -48.39
N SER UA 224 45.73 6.99 -48.85
CA SER UA 224 46.41 7.54 -50.01
C SER UA 224 45.74 7.06 -51.28
N ALA UA 225 46.40 7.21 -52.41
CA ALA UA 225 45.77 7.04 -53.72
C ALA UA 225 45.52 5.59 -54.12
N THR UA 226 45.25 5.39 -55.40
CA THR UA 226 44.40 4.33 -55.93
C THR UA 226 44.89 2.91 -55.69
N ARG UA 227 46.05 2.69 -55.07
CA ARG UA 227 46.69 1.38 -55.11
C ARG UA 227 45.72 0.24 -54.82
N GLU UA 228 45.19 0.19 -53.60
CA GLU UA 228 44.10 -0.71 -53.23
C GLU UA 228 44.39 -2.16 -53.60
N LEU UA 229 45.67 -2.52 -53.75
CA LEU UA 229 46.07 -3.86 -54.15
C LEU UA 229 45.26 -4.34 -55.35
N GLY UA 230 45.02 -3.43 -56.29
CA GLY UA 230 44.07 -3.68 -57.35
C GLY UA 230 42.67 -3.83 -56.79
N GLN UA 231 42.11 -5.03 -56.87
CA GLN UA 231 40.82 -5.34 -56.27
C GLN UA 231 41.06 -5.95 -54.90
N LEU UA 232 41.35 -5.09 -53.93
CA LEU UA 232 41.57 -5.55 -52.56
C LEU UA 232 40.34 -6.30 -52.04
N VAL UA 233 39.16 -5.74 -52.24
CA VAL UA 233 37.94 -6.50 -51.97
C VAL UA 233 37.93 -7.65 -52.96
N ARG UA 234 37.97 -8.87 -52.44
CA ARG UA 234 37.98 -10.05 -53.30
C ARG UA 234 36.62 -10.25 -53.95
N GLN UA 235 36.64 -10.81 -55.14
CA GLN UA 235 35.40 -11.13 -55.84
C GLN UA 235 34.67 -12.24 -55.10
N PRO UA 236 33.49 -11.97 -54.51
CA PRO UA 236 32.78 -13.02 -53.80
C PRO UA 236 32.28 -14.07 -54.77
N PRO UA 237 32.06 -15.30 -54.31
CA PRO UA 237 31.61 -16.35 -55.22
C PRO UA 237 30.19 -16.07 -55.70
N PRO UA 238 29.86 -16.46 -56.93
CA PRO UA 238 28.55 -16.11 -57.46
C PRO UA 238 27.45 -16.81 -56.68
N PRO UA 239 26.26 -16.21 -56.62
CA PRO UA 239 25.19 -16.75 -55.78
C PRO UA 239 24.51 -17.99 -56.35
N LEU UA 240 23.48 -18.46 -55.63
CA LEU UA 240 22.67 -19.60 -56.02
C LEU UA 240 21.74 -19.18 -57.16
N PRO UA 241 20.86 -20.08 -57.64
CA PRO UA 241 19.96 -19.71 -58.74
C PRO UA 241 18.85 -18.75 -58.33
N GLN UA 242 19.03 -18.06 -57.20
CA GLN UA 242 18.22 -16.94 -56.70
C GLN UA 242 16.75 -17.29 -56.47
N ASP UA 243 16.40 -18.56 -56.53
CA ASP UA 243 15.16 -19.04 -55.93
C ASP UA 243 15.42 -20.05 -54.84
N HIS UA 244 16.66 -20.45 -54.64
CA HIS UA 244 17.06 -21.33 -53.56
C HIS UA 244 16.69 -20.73 -52.21
N ALA UA 245 16.60 -21.59 -51.21
CA ALA UA 245 16.37 -21.16 -49.84
C ALA UA 245 17.65 -20.76 -49.13
N ARG UA 246 18.75 -20.61 -49.86
CA ARG UA 246 20.04 -20.26 -49.25
C ARG UA 246 20.73 -19.11 -49.97
N ARG UA 247 20.08 -18.47 -50.93
CA ARG UA 247 20.74 -17.42 -51.69
C ARG UA 247 21.08 -16.24 -50.79
N PHE UA 248 22.21 -15.60 -51.07
CA PHE UA 248 22.65 -14.47 -50.28
C PHE UA 248 23.57 -13.60 -51.14
N CYS UA 249 23.03 -12.50 -51.66
CA CYS UA 249 23.81 -11.53 -52.41
C CYS UA 249 24.32 -10.49 -51.42
N VAL UA 250 25.64 -10.43 -51.25
CA VAL UA 250 26.22 -9.58 -50.22
C VAL UA 250 25.95 -8.11 -50.50
N PHE UA 251 25.86 -7.72 -51.78
CA PHE UA 251 25.69 -6.31 -52.11
C PHE UA 251 24.30 -5.80 -51.74
N GLU UA 252 23.27 -6.64 -51.83
CA GLU UA 252 21.96 -6.24 -51.34
C GLU UA 252 22.02 -5.94 -49.85
N ALA UA 253 22.72 -6.78 -49.10
CA ALA UA 253 22.86 -6.53 -47.67
C ALA UA 253 23.66 -5.26 -47.42
N LEU UA 254 24.67 -5.00 -48.23
CA LEU UA 254 25.43 -3.77 -48.10
C LEU UA 254 24.53 -2.56 -48.30
N GLU UA 255 23.71 -2.58 -49.34
CA GLU UA 255 22.78 -1.49 -49.59
C GLU UA 255 21.83 -1.29 -48.42
N ALA UA 256 21.21 -2.38 -47.96
CA ALA UA 256 20.28 -2.27 -46.84
C ALA UA 256 20.99 -1.72 -45.61
N TRP UA 257 22.23 -2.11 -45.37
CA TRP UA 257 22.93 -1.63 -44.20
C TRP UA 257 23.25 -0.15 -44.31
N ILE UA 258 23.70 0.30 -45.49
CA ILE UA 258 23.93 1.73 -45.67
C ILE UA 258 22.67 2.50 -45.32
N ALA UA 259 21.54 2.07 -45.86
CA ALA UA 259 20.29 2.77 -45.61
C ALA UA 259 19.96 2.80 -44.12
N SER UA 260 19.95 1.62 -43.49
CA SER UA 260 19.50 1.55 -42.09
C SER UA 260 20.45 2.31 -41.17
N ALA UA 261 21.75 2.24 -41.43
CA ALA UA 261 22.71 2.94 -40.60
C ALA UA 261 22.57 4.44 -40.75
N SER UA 262 22.39 4.93 -41.99
CA SER UA 262 22.18 6.35 -42.18
C SER UA 262 20.92 6.82 -41.47
N ARG UA 263 19.85 6.03 -41.53
CA ARG UA 263 18.63 6.39 -40.82
C ARG UA 263 18.87 6.47 -39.32
N LEU UA 264 19.47 5.42 -38.75
CA LEU UA 264 19.69 5.40 -37.30
C LEU UA 264 20.59 6.53 -36.87
N GLY UA 265 21.55 6.91 -37.70
CA GLY UA 265 22.37 8.06 -37.37
C GLY UA 265 21.59 9.35 -37.38
N ASP UA 266 20.71 9.51 -38.38
CA ASP UA 266 19.98 10.76 -38.50
C ASP UA 266 18.98 10.96 -37.37
N THR UA 267 18.31 9.89 -36.94
CA THR UA 267 17.31 10.03 -35.88
C THR UA 267 17.90 9.84 -34.49
N LEU UA 268 19.02 10.53 -34.23
CA LEU UA 268 19.69 10.39 -32.95
C LEU UA 268 20.09 11.75 -32.39
N GLY UA 269 19.32 12.79 -32.73
CA GLY UA 269 19.66 14.12 -32.29
C GLY UA 269 21.06 14.50 -32.73
N THR UA 270 21.94 14.73 -31.76
CA THR UA 270 23.33 15.08 -32.05
C THR UA 270 23.40 16.24 -33.04
N ARG UA 271 22.42 17.13 -32.97
CA ARG UA 271 22.42 18.32 -33.79
C ARG UA 271 22.09 19.51 -32.91
N PRO UA 272 22.99 20.48 -32.81
CA PRO UA 272 22.74 21.65 -31.96
C PRO UA 272 21.46 22.36 -32.31
N VAL UA 273 20.51 22.35 -31.38
CA VAL UA 273 19.25 23.05 -31.57
C VAL UA 273 19.25 24.42 -30.89
N ALA UA 274 20.04 24.62 -29.86
CA ALA UA 274 20.05 25.87 -29.11
C ALA UA 274 21.39 26.02 -28.41
N ARG UA 275 21.67 27.23 -27.96
CA ARG UA 275 22.98 27.57 -27.40
C ARG UA 275 22.79 28.57 -26.29
N VAL UA 276 23.34 28.26 -25.11
CA VAL UA 276 23.13 29.12 -23.95
C VAL UA 276 24.02 30.35 -24.07
N CYS UA 277 23.43 31.52 -23.86
CA CYS UA 277 24.11 32.80 -23.98
C CYS UA 277 23.73 33.70 -22.80
N ILE UA 278 23.81 33.14 -21.59
CA ILE UA 278 23.35 33.84 -20.41
C ILE UA 278 24.09 35.16 -20.24
N PHE UA 279 23.37 36.17 -19.77
CA PHE UA 279 23.90 37.52 -19.61
C PHE UA 279 23.30 38.12 -18.36
N ASP UA 280 24.16 38.67 -17.49
CA ASP UA 280 23.75 39.24 -16.22
C ASP UA 280 23.01 38.21 -15.37
N GLY UA 281 23.73 37.14 -15.04
CA GLY UA 281 23.23 36.09 -14.19
C GLY UA 281 24.36 35.23 -13.70
N PRO UA 282 24.07 34.29 -12.81
CA PRO UA 282 25.11 33.37 -12.32
C PRO UA 282 25.79 32.67 -13.48
N PRO UA 283 27.03 32.21 -13.30
CA PRO UA 283 27.76 31.67 -14.45
C PRO UA 283 27.25 30.31 -14.90
N THR UA 284 26.86 29.45 -13.96
CA THR UA 284 26.39 28.12 -14.27
C THR UA 284 25.00 27.92 -13.71
N VAL UA 285 24.15 27.24 -14.45
CA VAL UA 285 22.76 27.01 -14.05
C VAL UA 285 22.63 25.58 -13.56
N PRO UA 286 22.01 25.35 -12.40
CA PRO UA 286 21.86 23.99 -11.88
C PRO UA 286 20.57 23.36 -12.39
N PRO UA 287 20.44 22.05 -12.31
CA PRO UA 287 19.21 21.39 -12.78
C PRO UA 287 17.99 21.92 -12.04
N GLY UA 288 16.99 22.35 -12.81
CA GLY UA 288 15.75 22.83 -12.28
C GLY UA 288 15.59 24.34 -12.28
N GLU UA 289 16.68 25.08 -12.42
CA GLU UA 289 16.64 26.53 -12.46
C GLU UA 289 16.56 26.99 -13.91
N LYS UA 290 15.68 27.94 -14.19
CA LYS UA 290 15.54 28.43 -15.54
C LYS UA 290 16.80 29.14 -15.99
N ALA UA 291 16.98 29.24 -17.31
CA ALA UA 291 18.15 29.86 -17.89
C ALA UA 291 17.74 30.61 -19.15
N ALA UA 292 18.72 31.25 -19.79
CA ALA UA 292 18.50 32.00 -21.01
C ALA UA 292 19.27 31.35 -22.15
N VAL UA 293 18.63 31.25 -23.31
CA VAL UA 293 19.22 30.55 -24.45
C VAL UA 293 18.85 31.28 -25.73
N VAL UA 294 19.74 31.21 -26.71
CA VAL UA 294 19.48 31.73 -28.04
C VAL UA 294 19.38 30.54 -28.99
N GLU UA 295 18.46 30.62 -29.95
CA GLU UA 295 18.30 29.54 -30.90
C GLU UA 295 19.51 29.46 -31.82
N VAL UA 296 19.53 28.43 -32.66
CA VAL UA 296 20.62 28.26 -33.61
C VAL UA 296 20.07 28.07 -35.03
N ARG VA 3 7.69 93.72 121.46
CA ARG VA 3 6.73 93.06 122.35
C ARG VA 3 6.21 93.89 123.55
N PRO VA 4 6.90 94.95 123.97
CA PRO VA 4 6.25 95.89 124.91
C PRO VA 4 5.17 96.69 124.19
N ALA VA 5 4.01 96.77 124.83
CA ALA VA 5 2.82 97.34 124.18
C ALA VA 5 3.08 98.76 123.70
N ILE VA 6 2.38 99.14 122.63
CA ILE VA 6 2.61 100.45 122.01
C ILE VA 6 1.80 101.53 122.73
N LEU VA 7 0.48 101.40 122.72
CA LEU VA 7 -0.41 102.42 123.27
C LEU VA 7 -1.32 101.77 124.29
N PRO VA 8 -1.07 101.98 125.59
CA PRO VA 8 -1.90 101.32 126.61
C PRO VA 8 -3.36 101.76 126.51
N SER VA 9 -4.26 100.80 126.69
CA SER VA 9 -5.69 101.09 126.67
C SER VA 9 -6.10 101.86 127.92
N GLY VA 10 -5.85 101.28 129.10
CA GLY VA 10 -6.09 101.96 130.34
C GLY VA 10 -4.87 101.84 131.24
N GLN VA 11 -4.79 102.75 132.21
CA GLN VA 11 -3.66 102.81 133.12
C GLN VA 11 -4.13 102.61 134.55
N ILE VA 12 -3.26 101.98 135.35
CA ILE VA 12 -3.60 101.61 136.71
C ILE VA 12 -4.00 102.84 137.53
N LEU VA 13 -4.88 102.62 138.51
CA LEU VA 13 -5.31 103.70 139.39
C LEU VA 13 -4.26 104.00 140.46
N SER VA 14 -3.93 103.01 141.29
CA SER VA 14 -3.08 103.21 142.45
C SER VA 14 -1.68 102.64 142.22
N ASN VA 15 -0.73 103.14 142.99
CA ASN VA 15 0.64 102.66 142.97
C ASN VA 15 0.84 101.59 144.02
N ILE VA 16 1.87 100.77 143.83
CA ILE VA 16 2.22 99.72 144.78
C ILE VA 16 3.63 99.25 144.45
N GLU VA 17 4.37 98.88 145.49
CA GLU VA 17 5.73 98.36 145.32
C GLU VA 17 5.64 96.97 144.72
N VAL VA 18 5.81 96.88 143.40
CA VAL VA 18 5.48 95.65 142.67
C VAL VA 18 6.42 94.51 143.06
N HIS VA 19 7.70 94.81 143.30
CA HIS VA 19 8.65 93.76 143.62
C HIS VA 19 8.29 93.01 144.89
N SER VA 20 7.52 93.64 145.78
CA SER VA 20 6.99 92.92 146.94
C SER VA 20 5.85 91.99 146.58
N HIS VA 21 5.12 92.28 145.50
CA HIS VA 21 3.99 91.48 145.04
C HIS VA 21 4.34 90.68 143.80
N ARG VA 22 5.56 90.15 143.73
CA ARG VA 22 6.03 89.41 142.57
C ARG VA 22 5.25 88.12 142.32
N ALA VA 23 4.48 87.64 143.30
CA ALA VA 23 3.88 86.32 143.18
C ALA VA 23 2.63 86.33 142.31
N LEU VA 24 1.86 87.42 142.34
CA LEU VA 24 0.55 87.44 141.68
C LEU VA 24 0.66 87.25 140.17
N PHE VA 25 1.78 87.67 139.57
CA PHE VA 25 1.91 87.67 138.12
C PHE VA 25 2.61 86.39 137.66
N ASP VA 26 2.93 86.34 136.36
CA ASP VA 26 3.64 85.22 135.76
C ASP VA 26 4.99 85.62 135.19
N ILE VA 27 5.02 86.69 134.39
CA ILE VA 27 6.24 87.17 133.76
C ILE VA 27 6.56 88.54 134.36
N PHE VA 28 7.76 88.67 134.93
CA PHE VA 28 8.12 89.85 135.71
C PHE VA 28 9.55 90.25 135.37
N LYS VA 29 9.75 91.55 135.13
CA LYS VA 29 11.07 92.08 134.80
C LYS VA 29 11.23 93.47 135.40
N ARG VA 30 12.47 93.79 135.76
CA ARG VA 30 12.82 95.09 136.35
C ARG VA 30 13.73 95.82 135.38
N PHE VA 31 13.44 97.10 135.15
CA PHE VA 31 14.13 97.86 134.11
C PHE VA 31 15.36 98.61 134.61
N ARG VA 32 15.17 99.52 135.56
CA ARG VA 32 16.25 100.40 136.03
C ARG VA 32 16.82 101.22 134.87
N SER VA 33 15.98 102.12 134.35
CA SER VA 33 16.33 103.10 133.33
C SER VA 33 16.69 102.44 131.99
N ASP VA 34 15.67 101.81 131.41
CA ASP VA 34 15.61 101.52 129.98
C ASP VA 34 16.75 100.61 129.52
N ASP VA 35 16.68 99.35 129.96
CA ASP VA 35 17.60 98.34 129.44
C ASP VA 35 17.53 98.29 127.92
N ASN VA 36 18.62 97.83 127.31
CA ASN VA 36 18.83 97.82 125.87
C ASN VA 36 17.95 96.80 125.13
N ASN VA 37 17.22 95.95 125.85
CA ASN VA 37 16.54 94.82 125.21
C ASN VA 37 15.33 95.23 124.39
N LEU VA 38 14.71 96.38 124.69
CA LEU VA 38 13.41 96.68 124.10
C LEU VA 38 13.53 97.35 122.73
N TYR VA 39 14.55 98.16 122.51
CA TYR VA 39 14.65 98.94 121.27
C TYR VA 39 14.82 98.07 120.04
N GLY VA 40 15.10 96.78 120.19
CA GLY VA 40 15.20 95.90 119.05
C GLY VA 40 13.87 95.74 118.33
N ALA VA 41 13.96 95.31 117.08
CA ALA VA 41 12.77 95.10 116.26
C ALA VA 41 13.04 93.91 115.35
N GLU VA 42 12.58 92.73 115.75
CA GLU VA 42 12.77 91.52 114.97
C GLU VA 42 11.40 91.00 114.57
N PHE VA 43 11.33 90.44 113.36
CA PHE VA 43 10.06 89.96 112.83
C PHE VA 43 10.33 88.90 111.77
N ASP VA 44 9.31 88.12 111.45
CA ASP VA 44 9.42 86.98 110.56
C ASP VA 44 8.33 87.07 109.50
N ALA VA 45 8.72 87.09 108.23
CA ALA VA 45 7.76 87.29 107.15
C ALA VA 45 7.98 86.27 106.04
N LEU VA 46 6.88 85.71 105.56
CA LEU VA 46 6.95 84.98 104.29
C LEU VA 46 7.12 85.96 103.15
N LEU VA 47 7.75 85.50 102.07
CA LEU VA 47 8.21 86.42 101.03
C LEU VA 47 7.33 86.43 99.79
N GLY VA 48 6.55 85.39 99.54
CA GLY VA 48 5.70 85.39 98.37
C GLY VA 48 4.88 84.12 98.26
N THR VA 49 3.61 84.29 97.94
CA THR VA 49 2.71 83.18 97.65
C THR VA 49 2.91 82.73 96.21
N TYR VA 50 2.55 81.49 95.94
CA TYR VA 50 2.69 80.96 94.59
C TYR VA 50 1.56 79.97 94.33
N CYS VA 51 0.67 80.35 93.41
CA CYS VA 51 -0.55 79.62 93.12
C CYS VA 51 -0.46 78.98 91.74
N SER VA 52 -0.47 77.65 91.72
CA SER VA 52 -0.50 76.93 90.45
C SER VA 52 -1.86 77.11 89.78
N THR VA 53 -1.92 76.70 88.51
CA THR VA 53 -3.17 76.76 87.78
C THR VA 53 -3.34 75.50 86.94
N LEU VA 54 -4.32 75.50 86.03
CA LEU VA 54 -4.62 74.32 85.23
C LEU VA 54 -4.68 74.69 83.77
N SER VA 55 -4.10 73.84 82.92
CA SER VA 55 -4.12 74.03 81.47
C SER VA 55 -5.38 73.38 80.94
N LEU VA 56 -6.39 74.20 80.64
CA LEU VA 56 -7.64 73.68 80.09
C LEU VA 56 -7.40 73.01 78.75
N VAL VA 57 -7.87 71.77 78.62
CA VAL VA 57 -7.76 71.01 77.39
C VAL VA 57 -9.16 70.67 76.91
N ARG VA 58 -9.39 70.85 75.61
CA ARG VA 58 -10.64 70.47 74.97
C ARG VA 58 -10.32 69.45 73.89
N PHE VA 59 -11.16 68.41 73.79
CA PHE VA 59 -10.83 67.29 72.92
C PHE VA 59 -10.84 67.69 71.46
N LEU VA 60 -11.84 68.45 71.02
CA LEU VA 60 -11.93 68.85 69.62
C LEU VA 60 -10.76 69.71 69.17
N GLU VA 61 -10.07 70.36 70.11
CA GLU VA 61 -8.92 71.19 69.74
C GLU VA 61 -7.78 70.34 69.18
N LEU VA 62 -7.59 69.14 69.70
CA LEU VA 62 -6.55 68.27 69.18
C LEU VA 62 -6.93 67.75 67.79
N GLY VA 63 -5.91 67.49 66.98
CA GLY VA 63 -6.14 66.90 65.67
C GLY VA 63 -6.57 65.46 65.73
N LEU VA 64 -6.12 64.73 66.76
CA LEU VA 64 -6.52 63.34 66.95
C LEU VA 64 -8.03 63.15 66.88
N SER VA 65 -8.81 64.20 67.17
CA SER VA 65 -10.26 64.10 67.06
C SER VA 65 -10.71 63.70 65.66
N VAL VA 66 -9.89 63.96 64.64
CA VAL VA 66 -10.27 63.60 63.28
C VAL VA 66 -10.49 62.10 63.17
N ALA VA 67 -9.70 61.30 63.88
CA ALA VA 67 -9.73 59.84 63.75
C ALA VA 67 -11.06 59.23 64.16
N CYS VA 68 -12.00 60.03 64.67
CA CYS VA 68 -13.28 59.50 65.12
C CYS VA 68 -14.37 60.53 64.86
N VAL VA 69 -15.60 60.04 64.80
CA VAL VA 69 -16.79 60.88 64.74
C VAL VA 69 -17.47 60.79 66.10
N CYS VA 70 -17.52 61.91 66.81
CA CYS VA 70 -18.14 61.98 68.12
C CYS VA 70 -19.60 62.39 67.99
N THR VA 71 -20.50 61.61 68.57
CA THR VA 71 -21.92 61.89 68.53
C THR VA 71 -22.50 61.73 69.92
N LYS VA 72 -23.22 62.74 70.40
CA LYS VA 72 -23.87 62.65 71.69
C LYS VA 72 -25.12 61.79 71.58
N PHE VA 73 -25.29 60.90 72.57
CA PHE VA 73 -26.36 59.91 72.58
C PHE VA 73 -26.98 59.94 73.97
N PRO VA 74 -27.89 60.88 74.23
CA PRO VA 74 -28.45 61.01 75.58
C PRO VA 74 -29.33 59.84 76.00
N GLU VA 75 -29.46 58.80 75.18
CA GLU VA 75 -30.26 57.63 75.50
C GLU VA 75 -29.46 56.33 75.40
N LEU VA 76 -28.12 56.41 75.38
CA LEU VA 76 -27.31 55.21 75.33
C LEU VA 76 -27.37 54.39 76.60
N SER VA 77 -27.87 54.97 77.70
CA SER VA 77 -27.90 54.24 78.97
C SER VA 77 -28.76 52.99 78.88
N TYR VA 78 -29.91 53.09 78.19
CA TYR VA 78 -30.87 52.01 78.17
C TYR VA 78 -30.73 51.09 76.97
N VAL VA 79 -29.87 51.42 76.01
CA VAL VA 79 -29.73 50.58 74.82
C VAL VA 79 -28.78 49.44 75.12
N ALA VA 80 -29.15 48.23 74.72
CA ALA VA 80 -28.25 47.09 74.78
C ALA VA 80 -27.51 47.02 73.44
N GLU VA 81 -26.90 45.88 73.15
CA GLU VA 81 -26.00 45.77 72.02
C GLU VA 81 -26.64 46.27 70.73
N GLY VA 82 -25.87 47.04 69.96
CA GLY VA 82 -26.33 47.61 68.71
C GLY VA 82 -25.46 47.16 67.55
N THR VA 83 -25.94 47.47 66.34
CA THR VA 83 -25.30 46.99 65.13
C THR VA 83 -25.23 48.11 64.10
N ILE VA 84 -24.46 47.86 63.04
CA ILE VA 84 -24.48 48.65 61.82
C ILE VA 84 -24.39 47.67 60.65
N GLN VA 85 -25.21 47.89 59.63
CA GLN VA 85 -25.26 46.98 58.49
C GLN VA 85 -24.15 47.33 57.50
N PHE VA 86 -24.16 46.66 56.35
CA PHE VA 86 -23.22 46.91 55.27
C PHE VA 86 -23.75 46.26 54.00
N GLU VA 87 -23.60 46.97 52.88
CA GLU VA 87 -23.86 46.42 51.56
C GLU VA 87 -22.75 46.90 50.62
N VAL VA 88 -22.13 45.97 49.91
CA VAL VA 88 -21.01 46.28 49.02
C VAL VA 88 -20.95 45.22 47.94
N GLN VA 89 -20.59 45.64 46.73
CA GLN VA 89 -20.77 44.84 45.53
C GLN VA 89 -19.45 44.79 44.77
N GLN VA 90 -18.80 43.63 44.78
CA GLN VA 90 -17.54 43.47 44.06
C GLN VA 90 -17.78 43.55 42.56
N PRO VA 91 -16.99 44.34 41.83
CA PRO VA 91 -17.14 44.39 40.38
C PRO VA 91 -16.46 43.20 39.71
N MET VA 92 -16.89 42.95 38.48
CA MET VA 92 -16.44 41.78 37.72
C MET VA 92 -16.06 42.19 36.31
N ILE VA 93 -15.23 41.37 35.68
CA ILE VA 93 -14.76 41.59 34.32
C ILE VA 93 -14.98 40.32 33.52
N ALA VA 94 -15.35 40.48 32.25
CA ALA VA 94 -15.53 39.34 31.36
C ALA VA 94 -14.19 38.66 31.08
N ARG VA 95 -14.27 37.40 30.66
CA ARG VA 95 -13.08 36.58 30.48
C ARG VA 95 -13.27 35.64 29.30
N ASP VA 96 -12.18 35.30 28.65
CA ASP VA 96 -12.18 34.42 27.49
C ASP VA 96 -11.40 33.15 27.77
N GLY VA 97 -11.82 32.05 27.13
CA GLY VA 97 -11.03 30.86 27.06
C GLY VA 97 -11.44 29.78 28.03
N PRO VA 98 -10.45 29.01 28.52
CA PRO VA 98 -10.76 27.85 29.36
C PRO VA 98 -11.54 28.19 30.61
N HIS VA 99 -11.10 29.21 31.34
CA HIS VA 99 -11.82 29.60 32.55
C HIS VA 99 -13.21 30.12 32.19
N PRO VA 100 -14.20 29.91 33.04
CA PRO VA 100 -15.56 30.33 32.73
C PRO VA 100 -15.82 31.78 33.16
N ALA VA 101 -16.99 32.27 32.78
CA ALA VA 101 -17.41 33.60 33.19
C ALA VA 101 -17.80 33.59 34.67
N ASP VA 102 -17.76 34.77 35.27
CA ASP VA 102 -18.12 34.94 36.67
C ASP VA 102 -19.30 35.89 36.79
N GLN VA 103 -20.16 35.65 37.76
CA GLN VA 103 -21.29 36.52 38.04
C GLN VA 103 -20.89 37.59 39.05
N PRO VA 104 -21.64 38.68 39.12
CA PRO VA 104 -21.34 39.69 40.14
C PRO VA 104 -21.82 39.22 41.51
N VAL VA 105 -20.90 39.19 42.46
CA VAL VA 105 -21.18 38.71 43.81
C VAL VA 105 -21.42 39.89 44.73
N HIS VA 106 -22.35 39.73 45.66
CA HIS VA 106 -22.58 40.68 46.73
C HIS VA 106 -22.26 40.02 48.06
N ASN VA 107 -22.39 40.79 49.12
CA ASN VA 107 -22.24 40.26 50.47
C ASN VA 107 -22.80 41.26 51.47
N TYR VA 108 -23.63 40.77 52.39
CA TYR VA 108 -24.18 41.57 53.47
C TYR VA 108 -23.55 41.14 54.79
N MET VA 109 -23.00 42.09 55.53
CA MET VA 109 -22.40 41.78 56.81
C MET VA 109 -22.71 42.89 57.79
N ILE VA 110 -22.85 42.53 59.06
CA ILE VA 110 -23.09 43.47 60.13
C ILE VA 110 -22.05 43.26 61.22
N LYS VA 111 -21.85 44.29 62.03
CA LYS VA 111 -20.85 44.25 63.10
C LYS VA 111 -21.39 44.92 64.34
N ARG VA 112 -21.02 44.39 65.49
CA ARG VA 112 -21.56 44.82 66.77
C ARG VA 112 -20.70 45.92 67.39
N LEU VA 113 -21.28 46.62 68.36
CA LEU VA 113 -20.59 47.65 69.10
C LEU VA 113 -19.79 47.06 70.24
N ASP VA 114 -18.93 47.88 70.83
CA ASP VA 114 -18.26 47.57 72.08
C ASP VA 114 -18.63 48.63 73.11
N ARG VA 115 -18.85 48.19 74.35
CA ARG VA 115 -19.38 49.05 75.40
C ARG VA 115 -18.39 49.16 76.54
N ARG VA 116 -17.98 50.39 76.85
CA ARG VA 116 -17.08 50.66 77.96
C ARG VA 116 -17.73 51.68 78.90
N SER VA 117 -16.96 52.17 79.87
CA SER VA 117 -17.46 53.16 80.81
C SER VA 117 -16.31 54.10 81.18
N LEU VA 118 -16.56 54.95 82.17
CA LEU VA 118 -15.55 55.82 82.76
C LEU VA 118 -16.03 56.18 84.16
N ASN VA 119 -15.11 56.61 85.01
CA ASN VA 119 -15.48 57.03 86.36
C ASN VA 119 -14.38 57.92 86.93
N ALA VA 120 -14.73 58.59 88.03
CA ALA VA 120 -13.81 59.50 88.72
C ALA VA 120 -14.27 59.59 90.18
N ALA VA 121 -13.50 60.31 90.98
CA ALA VA 121 -13.77 60.43 92.41
C ALA VA 121 -13.68 61.90 92.83
N PHE VA 122 -14.61 62.30 93.69
CA PHE VA 122 -14.81 63.71 94.05
C PHE VA 122 -15.10 63.87 95.54
N SER VA 123 -14.51 63.03 96.39
CA SER VA 123 -14.84 63.04 97.81
C SER VA 123 -14.52 64.38 98.45
N ILE VA 124 -15.55 65.09 98.90
CA ILE VA 124 -15.39 66.35 99.59
C ILE VA 124 -15.56 66.11 101.09
N ALA VA 125 -14.94 66.97 101.89
CA ALA VA 125 -14.84 66.75 103.32
C ALA VA 125 -16.19 66.94 104.01
N VAL VA 126 -16.18 66.77 105.33
CA VAL VA 126 -17.39 66.91 106.13
C VAL VA 126 -17.56 68.34 106.63
N GLU VA 127 -16.45 69.00 106.98
CA GLU VA 127 -16.52 70.37 107.48
C GLU VA 127 -17.05 71.31 106.39
N ALA VA 128 -16.55 71.17 105.17
CA ALA VA 128 -17.08 71.96 104.06
C ALA VA 128 -18.54 71.62 103.79
N LEU VA 129 -18.88 70.33 103.82
CA LEU VA 129 -20.27 69.90 103.67
C LEU VA 129 -21.18 70.67 104.62
N GLY VA 130 -20.80 70.73 105.91
CA GLY VA 130 -21.57 71.47 106.88
C GLY VA 130 -21.60 72.96 106.62
N LEU VA 131 -20.42 73.56 106.44
CA LEU VA 131 -20.32 75.02 106.39
C LEU VA 131 -21.01 75.61 105.17
N ILE VA 132 -20.93 74.92 104.02
CA ILE VA 132 -21.61 75.42 102.83
C ILE VA 132 -23.12 75.49 103.07
N SER VA 133 -23.69 74.41 103.59
CA SER VA 133 -25.10 74.40 103.94
C SER VA 133 -25.44 75.42 105.03
N GLY VA 134 -24.44 75.87 105.77
CA GLY VA 134 -24.65 76.87 106.81
C GLY VA 134 -25.32 76.35 108.06
N GLU VA 135 -25.56 75.04 108.17
CA GLU VA 135 -26.24 74.51 109.34
C GLU VA 135 -25.47 74.80 110.62
N ASN VA 136 -24.14 74.83 110.57
CA ASN VA 136 -23.32 75.15 111.71
C ASN VA 136 -22.66 76.53 111.60
N LEU VA 137 -23.14 77.36 110.69
CA LEU VA 137 -22.56 78.68 110.49
C LEU VA 137 -23.09 79.63 111.54
N ASP VA 138 -22.22 80.08 112.44
CA ASP VA 138 -22.56 81.05 113.46
C ASP VA 138 -22.15 82.44 112.98
N GLY VA 139 -22.95 83.44 113.32
CA GLY VA 139 -22.76 84.76 112.76
C GLY VA 139 -21.53 85.48 113.26
N THR VA 140 -20.37 84.85 113.12
CA THR VA 140 -19.10 85.43 113.46
C THR VA 140 -18.36 85.81 112.18
N HIS VA 141 -17.71 86.98 112.19
CA HIS VA 141 -16.97 87.43 111.03
C HIS VA 141 -15.85 86.48 110.64
N ILE VA 142 -15.52 85.51 111.49
CA ILE VA 142 -14.51 84.51 111.17
C ILE VA 142 -15.09 83.28 110.49
N SER VA 143 -16.41 83.06 110.58
CA SER VA 143 -17.01 81.88 109.97
C SER VA 143 -17.21 82.06 108.47
N SER VA 144 -17.69 83.23 108.05
CA SER VA 144 -17.91 83.49 106.64
C SER VA 144 -16.63 83.32 105.83
N ALA VA 145 -15.48 83.64 106.42
CA ALA VA 145 -14.21 83.39 105.74
C ALA VA 145 -14.01 81.90 105.48
N MET VA 146 -14.32 81.06 106.48
CA MET VA 146 -14.22 79.62 106.27
C MET VA 146 -15.21 79.14 105.21
N ARG VA 147 -16.41 79.74 105.18
CA ARG VA 147 -17.37 79.43 104.12
C ARG VA 147 -16.78 79.73 102.76
N LEU VA 148 -16.21 80.92 102.59
CA LEU VA 148 -15.59 81.29 101.32
C LEU VA 148 -14.49 80.31 100.93
N ARG VA 149 -13.64 79.94 101.90
CA ARG VA 149 -12.54 79.03 101.61
C ARG VA 149 -13.05 77.66 101.17
N ALA VA 150 -14.07 77.15 101.86
CA ALA VA 150 -14.62 75.84 101.50
C ALA VA 150 -15.28 75.87 100.13
N ILE VA 151 -16.01 76.96 99.83
CA ILE VA 151 -16.62 77.09 98.51
C ILE VA 151 -15.56 77.10 97.43
N GLN VA 152 -14.49 77.88 97.65
CA GLN VA 152 -13.44 77.95 96.63
C GLN VA 152 -12.75 76.60 96.45
N GLN VA 153 -12.54 75.87 97.54
CA GLN VA 153 -11.97 74.52 97.44
C GLN VA 153 -12.86 73.62 96.60
N LEU VA 154 -14.16 73.61 96.90
CA LEU VA 154 -15.09 72.78 96.14
C LEU VA 154 -15.09 73.16 94.66
N ALA VA 155 -15.00 74.47 94.36
CA ALA VA 155 -15.01 74.90 92.97
C ALA VA 155 -13.74 74.47 92.25
N ARG VA 156 -12.58 74.70 92.86
CA ARG VA 156 -11.32 74.27 92.25
C ARG VA 156 -11.28 72.76 92.09
N ASN VA 157 -12.03 72.03 92.92
CA ASN VA 157 -12.06 70.57 92.82
C ASN VA 157 -12.96 70.10 91.68
N VAL VA 158 -14.17 70.67 91.58
CA VAL VA 158 -15.11 70.23 90.56
C VAL VA 158 -14.62 70.65 89.17
N GLN VA 159 -14.01 71.83 89.06
CA GLN VA 159 -13.46 72.27 87.78
C GLN VA 159 -12.40 71.30 87.27
N ALA VA 160 -11.66 70.67 88.17
CA ALA VA 160 -10.65 69.70 87.76
C ALA VA 160 -11.28 68.34 87.46
N VAL VA 161 -12.26 67.91 88.26
CA VAL VA 161 -12.83 66.59 88.03
C VAL VA 161 -13.60 66.55 86.71
N LEU VA 162 -14.28 67.64 86.36
CA LEU VA 162 -14.96 67.67 85.07
C LEU VA 162 -13.98 67.83 83.91
N ASP VA 163 -12.77 68.36 84.17
CA ASP VA 163 -11.72 68.41 83.16
C ASP VA 163 -11.20 67.02 82.80
N SER VA 164 -11.44 66.02 83.64
CA SER VA 164 -10.82 64.72 83.42
C SER VA 164 -11.51 63.90 82.34
N PHE VA 165 -12.77 64.20 82.04
CA PHE VA 165 -13.51 63.48 81.01
C PHE VA 165 -13.17 63.93 79.60
N GLU VA 166 -12.29 64.91 79.43
CA GLU VA 166 -11.79 65.31 78.11
C GLU VA 166 -10.52 64.54 77.78
N ARG VA 167 -9.50 64.68 78.63
CA ARG VA 167 -8.33 63.81 78.52
C ARG VA 167 -8.72 62.35 78.58
N GLY VA 168 -9.86 62.03 79.22
CA GLY VA 168 -10.30 60.65 79.27
C GLY VA 168 -10.69 60.11 77.90
N THR VA 169 -11.50 60.87 77.15
CA THR VA 169 -11.80 60.47 75.79
C THR VA 169 -10.54 60.49 74.92
N ALA VA 170 -9.65 61.45 75.15
CA ALA VA 170 -8.38 61.46 74.44
C ALA VA 170 -7.60 60.17 74.67
N ASP VA 171 -7.67 59.62 75.89
CA ASP VA 171 -7.00 58.37 76.19
C ASP VA 171 -7.71 57.19 75.55
N GLN VA 172 -9.03 57.15 75.67
CA GLN VA 172 -9.79 56.02 75.15
C GLN VA 172 -9.68 55.91 73.63
N MET VA 173 -9.52 57.05 72.95
CA MET VA 173 -9.31 57.00 71.51
C MET VA 173 -8.04 56.24 71.17
N LEU VA 174 -6.95 56.54 71.87
CA LEU VA 174 -5.71 55.79 71.67
C LEU VA 174 -5.89 54.33 72.05
N ARG VA 175 -6.57 54.06 73.16
CA ARG VA 175 -6.76 52.69 73.60
C ARG VA 175 -7.47 51.85 72.55
N VAL VA 176 -8.51 52.42 71.91
CA VAL VA 176 -9.23 51.63 70.92
C VAL VA 176 -8.49 51.59 69.58
N LEU VA 177 -7.82 52.69 69.20
CA LEU VA 177 -7.12 52.71 67.93
C LEU VA 177 -5.89 51.83 67.92
N MET VA 178 -5.30 51.56 69.08
CA MET VA 178 -4.17 50.63 69.11
C MET VA 178 -4.64 49.18 68.94
N GLU VA 179 -5.75 48.82 69.58
CA GLU VA 179 -6.23 47.43 69.57
C GLU VA 179 -6.68 46.96 68.19
N LYS VA 180 -6.72 47.85 67.20
CA LYS VA 180 -7.10 47.48 65.84
C LYS VA 180 -5.89 47.27 64.94
N ALA VA 181 -5.00 48.25 64.90
CA ALA VA 181 -3.91 48.28 63.93
C ALA VA 181 -3.05 47.03 64.00
N PRO VA 182 -3.00 46.23 62.94
CA PRO VA 182 -1.98 45.19 62.85
C PRO VA 182 -0.65 45.79 62.44
N PRO VA 183 0.46 45.23 62.89
CA PRO VA 183 1.77 45.80 62.55
C PRO VA 183 1.98 45.87 61.05
N LEU VA 184 2.63 46.96 60.62
CA LEU VA 184 2.77 47.22 59.19
C LEU VA 184 3.54 46.11 58.49
N SER VA 185 4.55 45.55 59.15
CA SER VA 185 5.37 44.50 58.55
C SER VA 185 4.51 43.34 58.07
N LEU VA 186 3.50 42.95 58.87
CA LEU VA 186 2.60 41.87 58.50
C LEU VA 186 1.45 42.32 57.61
N LEU VA 187 1.56 43.49 56.98
CA LEU VA 187 0.47 44.00 56.16
C LEU VA 187 0.96 44.39 54.78
N ALA VA 188 2.24 44.77 54.67
CA ALA VA 188 2.81 45.11 53.37
C ALA VA 188 2.81 43.97 52.37
N PRO VA 189 3.09 42.70 52.75
CA PRO VA 189 2.97 41.62 51.75
C PRO VA 189 1.56 41.07 51.66
N PHE VA 190 0.75 41.26 52.70
CA PHE VA 190 -0.62 40.77 52.67
C PHE VA 190 -1.46 41.49 51.62
N THR VA 191 -1.08 42.72 51.27
CA THR VA 191 -1.76 43.47 50.22
C THR VA 191 -1.19 43.22 48.84
N LEU VA 192 -0.32 42.22 48.69
CA LEU VA 192 0.22 41.87 47.39
C LEU VA 192 -0.43 40.62 46.81
N TYR VA 193 -0.89 39.69 47.64
CA TYR VA 193 -1.57 38.48 47.20
C TYR VA 193 -3.06 38.50 47.56
N GLU VA 194 -3.68 39.67 47.53
CA GLU VA 194 -5.12 39.76 47.78
C GLU VA 194 -5.91 39.02 46.71
N GLY VA 195 -7.10 38.57 47.09
CA GLY VA 195 -8.04 37.96 46.17
C GLY VA 195 -7.59 36.66 45.54
N ARG VA 196 -6.43 36.12 45.94
CA ARG VA 196 -5.93 34.88 45.36
C ARG VA 196 -5.50 33.86 46.40
N LEU VA 197 -5.67 34.15 47.69
CA LEU VA 197 -5.15 33.28 48.73
C LEU VA 197 -6.22 32.29 49.18
N ALA VA 198 -6.59 31.43 48.24
CA ALA VA 198 -7.49 30.32 48.50
C ALA VA 198 -6.77 28.98 48.40
N ASP VA 199 -6.07 28.72 47.31
CA ASP VA 199 -5.32 27.48 47.16
C ASP VA 199 -4.06 27.50 48.00
N ARG VA 200 -3.51 26.31 48.25
CA ARG VA 200 -2.37 26.17 49.15
C ARG VA 200 -1.13 26.88 48.63
N VAL VA 201 -0.92 26.83 47.30
CA VAL VA 201 0.33 27.31 46.72
C VAL VA 201 0.50 28.80 46.94
N ALA VA 202 -0.59 29.54 47.04
CA ALA VA 202 -0.50 30.98 47.28
C ALA VA 202 -0.14 31.28 48.73
N CYS VA 203 -0.93 30.78 49.67
CA CYS VA 203 -0.67 31.00 51.09
C CYS VA 203 0.71 30.50 51.50
N ALA VA 204 1.23 29.47 50.83
CA ALA VA 204 2.58 28.99 51.13
C ALA VA 204 3.59 30.12 50.95
N ALA VA 205 3.68 30.67 49.75
CA ALA VA 205 4.60 31.77 49.50
C ALA VA 205 4.26 32.99 50.35
N LEU VA 206 2.98 33.21 50.64
CA LEU VA 206 2.60 34.36 51.46
C LEU VA 206 3.22 34.27 52.84
N VAL VA 207 3.04 33.14 53.53
CA VAL VA 207 3.61 33.00 54.86
C VAL VA 207 5.13 32.90 54.80
N SER VA 208 5.66 32.33 53.72
CA SER VA 208 7.12 32.26 53.58
C SER VA 208 7.74 33.64 53.41
N GLU VA 209 7.02 34.58 52.83
CA GLU VA 209 7.49 35.96 52.74
C GLU VA 209 7.22 36.74 54.01
N LEU VA 210 6.12 36.44 54.71
CA LEU VA 210 5.88 37.05 56.01
C LEU VA 210 7.01 36.73 56.98
N LYS VA 211 7.41 35.46 57.05
CA LYS VA 211 8.50 35.05 57.92
C LYS VA 211 9.78 35.84 57.69
N ARG VA 212 10.00 36.32 56.47
CA ARG VA 212 11.15 37.15 56.16
C ARG VA 212 10.88 38.62 56.42
N ARG VA 213 9.63 39.05 56.30
CA ARG VA 213 9.29 40.44 56.52
C ARG VA 213 9.31 40.81 58.01
N VAL VA 214 9.14 39.82 58.90
CA VAL VA 214 9.18 40.13 60.33
C VAL VA 214 10.61 40.52 60.74
N ARG VA 215 11.58 39.68 60.42
CA ARG VA 215 12.94 39.83 60.96
C ARG VA 215 13.81 40.77 60.14
N ASP VA 216 13.24 41.64 59.33
CA ASP VA 216 14.05 42.62 58.62
C ASP VA 216 13.57 44.05 58.78
N ASP VA 217 12.26 44.24 58.97
CA ASP VA 217 11.69 45.59 58.93
C ASP VA 217 10.81 45.85 60.15
N THR VA 218 11.28 45.46 61.33
CA THR VA 218 10.58 45.74 62.57
C THR VA 218 11.14 46.95 63.31
N PHE VA 219 12.14 47.61 62.74
CA PHE VA 219 12.74 48.80 63.35
C PHE VA 219 13.33 49.63 62.24
N PHE VA 220 12.84 50.86 62.06
CA PHE VA 220 13.51 51.82 61.19
C PHE VA 220 13.85 53.08 61.98
N LEU VA 221 14.61 53.96 61.32
CA LEU VA 221 15.19 55.18 61.88
C LEU VA 221 15.99 54.91 63.16
N THR VA 222 16.31 53.65 63.41
CA THR VA 222 17.29 53.27 64.42
C THR VA 222 18.36 52.34 63.86
N LYS VA 223 17.98 51.43 62.95
CA LYS VA 223 18.96 50.64 62.22
C LYS VA 223 19.44 51.35 60.97
N HIS VA 224 18.64 52.27 60.42
CA HIS VA 224 18.97 52.96 59.17
C HIS VA 224 18.71 54.46 59.37
N GLU VA 225 19.72 55.16 59.88
CA GLU VA 225 19.74 56.62 59.84
C GLU VA 225 20.60 57.14 58.70
N ARG VA 226 21.41 56.27 58.08
CA ARG VA 226 22.20 56.66 56.93
C ARG VA 226 21.32 56.83 55.70
N ASN VA 227 20.51 55.82 55.38
CA ASN VA 227 19.58 55.87 54.27
C ASN VA 227 18.42 56.78 54.66
N LYS VA 228 18.64 58.09 54.53
CA LYS VA 228 17.59 59.05 54.88
C LYS VA 228 16.36 58.86 54.02
N ASP VA 229 16.54 58.50 52.75
CA ASP VA 229 15.40 58.37 51.86
C ASP VA 229 14.62 57.08 52.11
N ALA VA 230 15.28 56.04 52.64
CA ALA VA 230 14.57 54.81 52.96
C ALA VA 230 13.51 55.03 54.03
N VAL VA 231 13.76 55.97 54.95
CA VAL VA 231 12.79 56.29 55.99
C VAL VA 231 11.53 56.88 55.36
N LEU VA 232 11.70 57.84 54.45
CA LEU VA 232 10.55 58.42 53.79
C LEU VA 232 9.82 57.39 52.94
N ASP VA 233 10.58 56.49 52.32
CA ASP VA 233 9.99 55.36 51.61
C ASP VA 233 9.06 54.58 52.53
N ARG VA 234 9.56 54.18 53.70
CA ARG VA 234 8.75 53.39 54.62
C ARG VA 234 7.54 54.16 55.12
N LEU VA 235 7.69 55.45 55.39
CA LEU VA 235 6.54 56.25 55.83
C LEU VA 235 5.48 56.33 54.74
N SER VA 236 5.88 56.53 53.49
CA SER VA 236 4.91 56.53 52.40
C SER VA 236 4.19 55.18 52.30
N ASP VA 237 4.94 54.09 52.46
CA ASP VA 237 4.33 52.76 52.49
C ASP VA 237 3.28 52.68 53.59
N LEU VA 238 3.65 53.10 54.80
CA LEU VA 238 2.74 53.05 55.95
C LEU VA 238 1.47 53.84 55.68
N VAL VA 239 1.61 55.03 55.10
CA VAL VA 239 0.43 55.85 54.83
C VAL VA 239 -0.47 55.18 53.80
N ASN VA 240 0.09 54.80 52.65
CA ASN VA 240 -0.74 54.30 51.57
C ASN VA 240 -1.30 52.91 51.81
N CYS VA 241 -0.72 52.13 52.74
CA CYS VA 241 -1.13 50.75 52.89
C CYS VA 241 -2.56 50.62 53.42
N THR VA 242 -3.03 51.58 54.21
CA THR VA 242 -4.36 51.52 54.77
C THR VA 242 -5.41 51.87 53.71
N ALA VA 243 -6.68 51.83 54.11
CA ALA VA 243 -7.78 52.06 53.18
C ALA VA 243 -8.77 53.06 53.78
N PRO VA 244 -9.35 53.93 52.97
CA PRO VA 244 -10.30 54.91 53.49
C PRO VA 244 -11.62 54.26 53.88
N SER VA 245 -12.19 54.76 54.96
CA SER VA 245 -13.48 54.28 55.44
C SER VA 245 -14.60 55.06 54.74
N VAL VA 246 -15.83 54.85 55.19
CA VAL VA 246 -16.97 55.56 54.58
C VAL VA 246 -16.87 57.04 54.90
N ALA VA 247 -17.21 57.88 53.93
CA ALA VA 247 -17.07 59.32 54.05
C ALA VA 247 -18.38 59.93 54.55
N VAL VA 248 -18.30 60.65 55.67
CA VAL VA 248 -19.40 61.46 56.17
C VAL VA 248 -19.13 62.91 55.79
N ALA VA 249 -20.15 63.61 55.32
CA ALA VA 249 -20.00 64.96 54.78
C ALA VA 249 -20.13 66.04 55.83
N ARG VA 250 -19.85 65.72 57.09
CA ARG VA 250 -19.99 66.67 58.19
C ARG VA 250 -18.70 67.00 58.91
N MET VA 251 -17.65 66.20 58.76
CA MET VA 251 -16.39 66.46 59.46
C MET VA 251 -15.78 67.77 59.00
N THR VA 252 -15.47 67.89 57.71
CA THR VA 252 -14.94 69.11 57.11
C THR VA 252 -13.62 69.54 57.75
N HIS VA 253 -12.87 68.59 58.30
CA HIS VA 253 -11.49 68.86 58.70
C HIS VA 253 -10.71 69.29 57.46
N ALA VA 254 -10.03 70.44 57.56
CA ALA VA 254 -9.39 70.99 56.37
C ALA VA 254 -8.24 71.90 56.78
N ASP VA 255 -7.39 72.19 55.79
CA ASP VA 255 -6.25 73.08 55.98
C ASP VA 255 -6.73 74.52 56.08
N THR VA 256 -5.81 75.40 56.49
CA THR VA 256 -6.13 76.81 56.64
C THR VA 256 -6.12 77.56 55.32
N GLN VA 257 -5.66 76.95 54.24
CA GLN VA 257 -5.65 77.58 52.93
C GLN VA 257 -6.17 76.70 51.80
N GLY VA 258 -6.21 75.38 51.97
CA GLY VA 258 -6.51 74.50 50.85
C GLY VA 258 -7.43 73.33 51.12
N ARG VA 259 -6.97 72.15 50.75
CA ARG VA 259 -7.79 70.94 50.66
C ARG VA 259 -7.94 70.30 52.04
N PRO VA 260 -8.88 69.35 52.17
CA PRO VA 260 -9.07 68.69 53.47
C PRO VA 260 -7.85 67.87 53.88
N VAL VA 261 -7.76 67.63 55.19
CA VAL VA 261 -6.71 66.81 55.77
C VAL VA 261 -7.09 65.35 55.61
N ASP VA 262 -6.15 64.44 55.83
CA ASP VA 262 -6.48 63.04 55.60
C ASP VA 262 -6.35 62.17 56.84
N GLY VA 263 -5.25 62.26 57.58
CA GLY VA 263 -5.03 61.35 58.68
C GLY VA 263 -4.22 61.97 59.80
N VAL VA 264 -3.87 61.13 60.77
CA VAL VA 264 -3.13 61.56 61.95
C VAL VA 264 -2.00 60.58 62.21
N LEU VA 265 -0.86 61.10 62.62
CA LEU VA 265 0.32 60.30 62.97
C LEU VA 265 0.65 60.57 64.43
N VAL VA 266 0.00 59.83 65.33
CA VAL VA 266 0.28 59.96 66.75
C VAL VA 266 1.52 59.13 67.08
N THR VA 267 2.46 59.73 67.82
CA THR VA 267 3.69 59.04 68.18
C THR VA 267 4.22 59.67 69.46
N THR VA 268 5.31 59.11 69.97
CA THR VA 268 5.95 59.63 71.15
C THR VA 268 6.71 60.91 70.83
N ALA VA 269 6.94 61.73 71.87
CA ALA VA 269 7.62 63.00 71.67
C ALA VA 269 9.07 62.80 71.22
N GLY VA 270 9.73 61.76 71.71
CA GLY VA 270 11.13 61.52 71.37
C GLY VA 270 11.37 61.24 69.90
N VAL VA 271 10.33 60.92 69.15
CA VAL VA 271 10.46 60.60 67.73
C VAL VA 271 10.05 61.80 66.90
N ARG VA 272 9.18 62.64 67.47
CA ARG VA 272 8.75 63.85 66.78
C ARG VA 272 9.93 64.78 66.52
N GLN VA 273 10.82 64.93 67.49
CA GLN VA 273 11.97 65.81 67.33
C GLN VA 273 13.02 65.22 66.39
N ARG VA 274 13.01 63.90 66.21
CA ARG VA 274 13.87 63.29 65.19
C ARG VA 274 13.31 63.51 63.80
N LEU VA 275 12.00 63.32 63.64
CA LEU VA 275 11.38 63.40 62.32
C LEU VA 275 11.29 64.83 61.82
N LEU VA 276 10.69 65.72 62.61
CA LEU VA 276 10.39 67.07 62.16
C LEU VA 276 11.63 67.96 62.01
N HIS VA 277 12.85 67.41 62.17
CA HIS VA 277 14.05 68.22 62.09
C HIS VA 277 15.08 67.73 61.09
N HIS VA 278 14.94 66.52 60.55
CA HIS VA 278 15.93 66.00 59.62
C HIS VA 278 15.38 65.36 58.35
N VAL VA 279 14.13 64.89 58.34
CA VAL VA 279 13.62 64.18 57.18
C VAL VA 279 12.35 64.78 56.61
N LEU VA 280 11.57 65.54 57.38
CA LEU VA 280 10.31 66.09 56.91
C LEU VA 280 10.31 67.60 57.05
N THR VA 281 9.29 68.23 56.46
CA THR VA 281 9.09 69.67 56.54
C THR VA 281 7.67 69.95 57.00
N LEU VA 282 7.54 70.86 57.96
CA LEU VA 282 6.23 71.22 58.49
C LEU VA 282 5.40 71.89 57.39
N ALA VA 283 4.21 71.34 57.15
CA ALA VA 283 3.36 71.87 56.09
C ALA VA 283 2.75 73.21 56.50
N ASP VA 284 1.95 73.22 57.55
CA ASP VA 284 1.30 74.43 58.03
C ASP VA 284 1.14 74.34 59.53
N THR VA 285 1.03 75.51 60.17
CA THR VA 285 0.95 75.60 61.62
C THR VA 285 -0.45 75.96 62.10
N HIS VA 286 -1.47 75.76 61.27
CA HIS VA 286 -2.83 76.09 61.64
C HIS VA 286 -3.79 75.20 60.87
N ALA VA 287 -4.97 74.99 61.42
CA ALA VA 287 -5.99 74.17 60.78
C ALA VA 287 -7.36 74.64 61.22
N ASP VA 288 -8.39 74.19 60.50
CA ASP VA 288 -9.77 74.51 60.80
C ASP VA 288 -10.52 73.21 61.06
N VAL VA 289 -11.06 73.08 62.27
CA VAL VA 289 -11.71 71.84 62.71
C VAL VA 289 -13.16 72.18 63.01
N PRO VA 290 -14.03 71.18 63.10
CA PRO VA 290 -15.39 71.42 63.57
C PRO VA 290 -15.40 71.84 65.03
N VAL VA 291 -16.55 72.37 65.46
CA VAL VA 291 -16.71 72.89 66.81
C VAL VA 291 -17.90 72.27 67.54
N THR VA 292 -18.70 71.45 66.87
CA THR VA 292 -19.87 70.84 67.47
C THR VA 292 -19.81 69.32 67.33
N TYR VA 293 -20.61 68.65 68.14
CA TYR VA 293 -20.75 67.20 68.07
C TYR VA 293 -21.86 66.85 67.10
N GLY VA 294 -22.25 65.58 67.06
CA GLY VA 294 -23.43 65.12 66.37
C GLY VA 294 -24.45 64.65 67.38
N GLU VA 295 -25.73 64.75 67.02
CA GLU VA 295 -26.82 64.43 67.93
C GLU VA 295 -27.65 63.30 67.34
N MET VA 296 -27.57 62.12 67.94
CA MET VA 296 -28.34 60.95 67.53
C MET VA 296 -29.40 60.73 68.61
N VAL VA 297 -30.52 61.41 68.47
CA VAL VA 297 -31.60 61.40 69.46
C VAL VA 297 -32.79 60.64 68.87
N ILE VA 298 -33.52 59.95 69.73
CA ILE VA 298 -34.66 59.14 69.33
C ILE VA 298 -35.93 59.83 69.81
N ALA VA 299 -36.83 60.13 68.88
CA ALA VA 299 -38.08 60.81 69.21
C ALA VA 299 -39.02 60.80 68.02
N ASN VA 300 -40.31 60.61 68.32
CA ASN VA 300 -41.52 60.83 67.52
C ASN VA 300 -41.75 59.83 66.39
N THR VA 301 -40.77 59.03 66.01
CA THR VA 301 -41.05 57.92 65.12
C THR VA 301 -40.35 56.68 65.66
N ASN VA 302 -39.15 56.87 66.19
CA ASN VA 302 -38.45 55.79 66.89
C ASN VA 302 -39.16 55.45 68.19
N LEU VA 303 -39.60 56.47 68.92
CA LEU VA 303 -40.20 56.33 70.25
C LEU VA 303 -41.24 55.22 70.32
N VAL VA 304 -42.19 55.23 69.37
CA VAL VA 304 -43.26 54.25 69.38
C VAL VA 304 -42.70 52.84 69.20
N THR VA 305 -41.70 52.68 68.33
CA THR VA 305 -41.11 51.37 68.10
C THR VA 305 -40.33 50.91 69.32
N ALA VA 306 -39.48 51.78 69.87
CA ALA VA 306 -38.70 51.44 71.04
C ALA VA 306 -39.59 51.08 72.23
N LEU VA 307 -40.80 51.64 72.28
CA LEU VA 307 -41.69 51.31 73.39
C LEU VA 307 -42.48 50.03 73.11
N VAL VA 308 -43.24 49.98 72.02
CA VAL VA 308 -44.16 48.86 71.84
C VAL VA 308 -43.41 47.60 71.37
N MET VA 309 -42.44 47.74 70.47
CA MET VA 309 -41.70 46.58 69.99
C MET VA 309 -40.31 46.52 70.62
N GLY VA 310 -39.58 47.62 70.60
CA GLY VA 310 -38.31 47.70 71.30
C GLY VA 310 -37.07 47.54 70.45
N LYS VA 311 -37.14 47.99 69.20
CA LYS VA 311 -35.97 48.18 68.37
C LYS VA 311 -36.17 49.43 67.52
N ALA VA 312 -35.08 50.16 67.30
CA ALA VA 312 -35.17 51.44 66.60
C ALA VA 312 -34.00 51.59 65.64
N VAL VA 313 -34.24 52.28 64.54
CA VAL VA 313 -33.19 52.63 63.59
C VAL VA 313 -32.96 54.13 63.68
N SER VA 314 -31.72 54.54 63.47
CA SER VA 314 -31.35 55.96 63.57
C SER VA 314 -32.19 56.81 62.61
N ASN VA 315 -32.14 56.51 61.32
CA ASN VA 315 -32.83 57.30 60.31
C ASN VA 315 -34.18 56.67 59.95
N MET VA 316 -35.04 56.54 60.96
CA MET VA 316 -36.35 55.94 60.73
C MET VA 316 -37.25 56.84 59.89
N ASP VA 317 -37.27 58.15 60.21
CA ASP VA 317 -38.15 59.06 59.50
C ASP VA 317 -37.81 59.18 58.01
N ASP VA 318 -36.53 59.10 57.65
CA ASP VA 318 -36.17 59.14 56.24
C ASP VA 318 -36.69 57.92 55.50
N VAL VA 319 -36.54 56.74 56.11
CA VAL VA 319 -37.10 55.52 55.53
C VAL VA 319 -38.62 55.65 55.41
N ALA VA 320 -39.26 56.25 56.42
CA ALA VA 320 -40.70 56.48 56.34
C ALA VA 320 -41.07 57.34 55.15
N ARG VA 321 -40.41 58.49 55.02
CA ARG VA 321 -40.71 59.40 53.91
C ARG VA 321 -40.50 58.71 52.56
N TYR VA 322 -39.40 57.98 52.42
CA TYR VA 322 -39.13 57.31 51.15
C TYR VA 322 -40.13 56.20 50.86
N LEU VA 323 -40.61 55.52 51.91
CA LEU VA 323 -41.44 54.33 51.71
C LEU VA 323 -42.91 54.71 51.55
N LEU VA 324 -43.49 55.33 52.57
CA LEU VA 324 -44.85 55.85 52.46
C LEU VA 324 -44.79 57.22 51.80
N GLY VA 325 -45.63 57.42 50.79
CA GLY VA 325 -45.55 58.65 50.00
C GLY VA 325 -45.72 59.90 50.84
N GLY VA 326 -46.86 60.02 51.52
CA GLY VA 326 -47.13 61.18 52.34
C GLY VA 326 -47.84 62.28 51.57
N GLY VA 337 -20.45 74.62 61.99
CA GLY VA 337 -19.51 75.68 62.27
C GLY VA 337 -18.07 75.25 62.17
N SER VA 338 -17.14 76.20 62.26
CA SER VA 338 -15.72 75.90 62.16
C SER VA 338 -14.93 76.96 62.91
N ALA VA 339 -13.82 76.53 63.51
CA ALA VA 339 -12.90 77.42 64.20
C ALA VA 339 -11.48 77.04 63.84
N ARG VA 340 -10.55 77.96 64.09
CA ARG VA 340 -9.15 77.78 63.73
C ARG VA 340 -8.37 77.44 64.99
N VAL VA 341 -7.53 76.41 64.91
CA VAL VA 341 -6.79 75.91 66.06
C VAL VA 341 -5.34 75.69 65.66
N ARG VA 342 -4.44 75.93 66.61
CA ARG VA 342 -3.01 75.71 66.41
C ARG VA 342 -2.76 74.21 66.30
N ALA VA 343 -2.30 73.77 65.14
CA ALA VA 343 -2.08 72.35 64.88
C ALA VA 343 -0.67 72.15 64.32
N ASP VA 344 -0.39 70.91 63.89
CA ASP VA 344 0.93 70.51 63.41
C ASP VA 344 0.72 69.59 62.21
N LEU VA 345 0.78 70.18 61.01
CA LEU VA 345 0.49 69.47 59.77
C LEU VA 345 1.77 69.07 59.04
N VAL VA 346 1.62 68.11 58.13
CA VAL VA 346 2.74 67.56 57.36
C VAL VA 346 2.19 66.81 56.17
N VAL VA 347 2.96 66.76 55.08
CA VAL VA 347 2.57 66.04 53.87
C VAL VA 347 3.51 64.86 53.68
N VAL VA 348 2.94 63.70 53.36
CA VAL VA 348 3.68 62.47 53.12
C VAL VA 348 3.00 61.70 52.00
N GLY VA 349 3.75 60.78 51.39
CA GLY VA 349 3.23 60.03 50.26
C GLY VA 349 2.81 60.98 49.17
N ASP VA 350 1.50 61.15 49.01
CA ASP VA 350 0.94 62.32 48.32
C ASP VA 350 -0.16 62.96 49.14
N ARG VA 351 -0.30 62.58 50.41
CA ARG VA 351 -1.41 62.96 51.25
C ARG VA 351 -0.96 63.91 52.36
N LEU VA 352 -1.93 64.65 52.89
CA LEU VA 352 -1.71 65.60 53.97
C LEU VA 352 -2.28 65.00 55.25
N VAL VA 353 -1.43 64.80 56.26
CA VAL VA 353 -1.83 64.17 57.50
C VAL VA 353 -1.43 65.05 58.67
N PHE VA 354 -2.12 64.86 59.78
CA PHE VA 354 -1.78 65.53 61.03
C PHE VA 354 -0.51 64.90 61.62
N LEU VA 355 -0.03 65.49 62.72
CA LEU VA 355 1.09 64.92 63.46
C LEU VA 355 1.03 65.47 64.87
N GLU VA 356 0.77 64.60 65.84
CA GLU VA 356 0.64 65.02 67.23
C GLU VA 356 1.33 64.02 68.14
N ALA VA 357 1.95 64.55 69.19
CA ALA VA 357 2.46 63.77 70.30
C ALA VA 357 1.79 64.25 71.57
N LEU VA 358 1.35 63.31 72.41
CA LEU VA 358 0.54 63.63 73.57
C LEU VA 358 1.23 63.26 74.87
N GLU VA 359 2.54 63.41 74.93
CA GLU VA 359 3.29 63.29 76.18
C GLU VA 359 3.55 64.65 76.82
N LYS VA 360 3.01 65.72 76.24
CA LYS VA 360 3.12 67.06 76.82
C LYS VA 360 1.77 67.64 77.18
N ARG VA 361 0.82 67.66 76.25
CA ARG VA 361 -0.50 68.21 76.52
C ARG VA 361 -1.24 67.39 77.58
N VAL VA 362 -1.54 66.13 77.25
CA VAL VA 362 -2.24 65.25 78.17
C VAL VA 362 -1.27 64.16 78.62
N TYR VA 363 -1.73 63.30 79.53
CA TYR VA 363 -0.96 62.21 80.14
C TYR VA 363 0.15 62.71 81.05
N GLN VA 364 0.37 64.02 81.14
CA GLN VA 364 1.51 64.57 81.86
C GLN VA 364 1.19 64.72 83.34
N ALA VA 365 2.23 64.56 84.16
CA ALA VA 365 2.21 64.82 85.59
C ALA VA 365 1.31 63.88 86.39
N THR VA 366 0.67 62.93 85.72
CA THR VA 366 -0.17 61.94 86.40
C THR VA 366 0.38 60.54 86.15
N GLN VA 367 0.10 59.65 87.08
CA GLN VA 367 0.78 58.36 87.13
C GLN VA 367 0.35 57.39 86.04
N VAL VA 368 -0.56 57.78 85.14
CA VAL VA 368 -0.95 56.89 84.04
C VAL VA 368 0.21 56.83 83.05
N PRO VA 369 0.56 55.66 82.53
CA PRO VA 369 1.63 55.57 81.54
C PRO VA 369 1.12 55.78 80.12
N TYR VA 370 2.04 56.19 79.25
CA TYR VA 370 1.71 56.41 77.86
C TYR VA 370 1.24 55.12 77.21
N PRO VA 371 0.20 55.16 76.38
CA PRO VA 371 -0.33 53.92 75.77
C PRO VA 371 0.25 53.57 74.41
N LEU VA 372 1.28 54.25 73.92
CA LEU VA 372 1.93 53.84 72.68
C LEU VA 372 3.17 53.00 72.89
N VAL VA 373 3.73 52.98 74.10
CA VAL VA 373 4.91 52.16 74.35
C VAL VA 373 4.51 50.70 74.19
N GLY VA 374 4.95 50.07 73.10
CA GLY VA 374 4.62 48.70 72.83
C GLY VA 374 5.49 47.75 73.62
N ASN VA 375 5.14 46.46 73.53
CA ASN VA 375 5.90 45.39 74.19
C ASN VA 375 6.09 44.28 73.17
N LEU VA 376 7.14 44.38 72.38
CA LEU VA 376 7.48 43.29 71.46
C LEU VA 376 8.00 42.12 72.27
N ASP VA 377 7.42 40.94 72.01
CA ASP VA 377 7.74 39.74 72.78
C ASP VA 377 8.20 38.65 71.83
N VAL VA 378 9.51 38.38 71.84
CA VAL VA 378 10.13 37.34 71.04
C VAL VA 378 10.72 36.30 72.00
N THR VA 379 10.60 35.03 71.63
CA THR VA 379 11.07 33.93 72.46
C THR VA 379 12.23 33.23 71.77
N PHE VA 380 13.36 33.16 72.45
CA PHE VA 380 14.57 32.61 71.86
C PHE VA 380 14.59 31.09 71.97
N VAL VA 381 15.68 30.49 71.48
CA VAL VA 381 15.93 29.05 71.54
C VAL VA 381 17.41 28.81 71.28
N MET VA 382 17.99 27.82 71.95
CA MET VA 382 19.40 27.52 71.71
C MET VA 382 19.72 26.11 72.20
N PRO VA 383 20.61 25.39 71.52
CA PRO VA 383 20.97 24.04 71.96
C PRO VA 383 21.90 24.08 73.16
N LEU VA 384 22.06 22.91 73.79
CA LEU VA 384 22.99 22.78 74.90
C LEU VA 384 24.12 21.79 74.60
N GLY VA 385 23.80 20.54 74.28
CA GLY VA 385 24.82 19.51 74.23
C GLY VA 385 24.84 18.64 72.99
N VAL VA 386 24.50 19.22 71.85
CA VAL VA 386 24.54 18.46 70.61
C VAL VA 386 26.00 18.15 70.26
N PHE VA 387 26.21 17.03 69.58
CA PHE VA 387 27.53 16.59 69.14
C PHE VA 387 27.53 16.53 67.63
N LYS VA 388 28.25 17.47 67.00
CA LYS VA 388 28.29 17.54 65.56
C LYS VA 388 28.82 16.23 64.99
N PRO VA 389 28.28 15.76 63.85
CA PRO VA 389 28.68 14.44 63.34
C PRO VA 389 30.17 14.37 63.03
N ALA VA 390 30.68 13.14 62.99
CA ALA VA 390 32.10 12.87 62.85
C ALA VA 390 32.69 13.34 61.53
N ALA VA 391 31.89 13.91 60.63
CA ALA VA 391 32.40 14.46 59.39
C ALA VA 391 32.84 15.91 59.55
N ASP VA 392 32.12 16.69 60.34
CA ASP VA 392 32.30 18.14 60.41
C ASP VA 392 32.91 18.59 61.73
N ARG VA 393 33.86 17.82 62.25
CA ARG VA 393 34.70 18.26 63.37
C ARG VA 393 36.05 18.66 62.78
N TYR VA 394 36.09 19.90 62.26
CA TYR VA 394 37.21 20.38 61.49
C TYR VA 394 37.65 21.75 61.99
N ALA VA 395 38.93 22.04 61.84
CA ALA VA 395 39.45 23.37 62.08
C ALA VA 395 39.32 24.22 60.83
N ARG VA 396 39.25 25.53 61.01
CA ARG VA 396 39.19 26.44 59.88
C ARG VA 396 40.57 26.89 59.44
N HIS VA 397 41.49 27.09 60.39
CA HIS VA 397 42.86 27.48 60.10
C HIS VA 397 43.81 26.57 60.88
N ALA VA 398 45.03 26.42 60.36
CA ALA VA 398 46.02 25.59 61.02
C ALA VA 398 46.37 26.12 62.40
N GLY VA 399 46.32 27.45 62.58
CA GLY VA 399 46.57 28.02 63.89
C GLY VA 399 45.31 27.99 64.72
N SER VA 400 45.22 26.99 65.59
CA SER VA 400 44.01 26.75 66.36
C SER VA 400 44.05 27.58 67.64
N PHE VA 401 43.09 27.34 68.53
CA PHE VA 401 43.19 27.81 69.91
C PHE VA 401 44.09 26.82 70.67
N ALA VA 402 45.37 26.89 70.34
CA ALA VA 402 46.32 25.89 70.81
C ALA VA 402 46.35 25.89 72.34
N PRO VA 403 46.19 24.73 72.98
CA PRO VA 403 46.26 24.68 74.44
C PRO VA 403 47.68 24.93 74.92
N THR VA 404 47.82 24.97 76.23
CA THR VA 404 49.14 25.13 76.84
C THR VA 404 50.00 23.92 76.51
N PRO VA 405 51.21 24.12 75.97
CA PRO VA 405 52.06 22.96 75.62
C PRO VA 405 52.37 22.11 76.84
N GLY VA 406 51.87 20.87 76.82
CA GLY VA 406 52.01 19.95 77.93
C GLY VA 406 50.70 19.39 78.45
N LEU VA 407 49.56 19.97 78.06
CA LEU VA 407 48.26 19.49 78.52
C LEU VA 407 47.40 19.09 77.34
N PRO VA 408 46.65 18.00 77.44
CA PRO VA 408 45.79 17.57 76.33
C PRO VA 408 44.72 18.62 76.03
N ASP VA 409 44.23 18.58 74.79
CA ASP VA 409 43.35 19.62 74.31
C ASP VA 409 41.97 19.49 74.94
N PRO VA 410 41.34 20.60 75.33
CA PRO VA 410 39.98 20.55 75.88
C PRO VA 410 38.87 20.77 74.87
N ARG VA 411 39.18 21.17 73.64
CA ARG VA 411 38.14 21.42 72.65
C ARG VA 411 37.66 20.16 71.95
N THR VA 412 38.48 19.10 71.93
CA THR VA 412 38.08 17.87 71.27
C THR VA 412 36.99 17.14 72.06
N HIS VA 413 36.96 17.29 73.38
CA HIS VA 413 35.91 16.71 74.19
C HIS VA 413 34.55 17.29 73.78
N PRO VA 414 33.47 16.55 74.01
CA PRO VA 414 32.14 17.08 73.72
C PRO VA 414 31.84 18.32 74.55
N PRO VA 415 30.89 19.14 74.12
CA PRO VA 415 30.53 20.33 74.89
C PRO VA 415 29.41 20.06 75.88
N ARG VA 416 29.50 20.75 77.02
CA ARG VA 416 28.47 20.62 78.06
C ARG VA 416 28.09 21.98 78.64
N ALA VA 417 28.09 23.02 77.82
CA ALA VA 417 27.70 24.35 78.26
C ALA VA 417 27.50 25.23 77.03
N VAL VA 418 26.79 26.33 77.24
CA VAL VA 418 26.61 27.36 76.22
C VAL VA 418 26.78 28.72 76.86
N HIS VA 419 27.50 29.61 76.19
CA HIS VA 419 27.77 30.95 76.68
C HIS VA 419 27.07 31.95 75.76
N PHE VA 420 26.18 32.75 76.33
CA PHE VA 420 25.50 33.80 75.58
C PHE VA 420 25.68 35.13 76.30
N PHE VA 421 25.00 36.17 75.86
CA PHE VA 421 25.15 37.50 76.43
C PHE VA 421 23.86 37.95 77.09
N ASN VA 422 24.01 38.84 78.07
CA ASN VA 422 22.90 39.42 78.81
C ASN VA 422 22.54 40.77 78.18
N LYS VA 423 21.58 41.47 78.79
CA LYS VA 423 21.19 42.78 78.29
C LYS VA 423 22.32 43.79 78.45
N ASP VA 424 23.09 43.68 79.53
CA ASP VA 424 24.16 44.62 79.83
C ASP VA 424 25.47 44.27 79.12
N GLY VA 425 25.45 43.33 78.18
CA GLY VA 425 26.68 42.84 77.58
C GLY VA 425 27.50 41.94 78.48
N VAL VA 426 27.20 41.90 79.78
CA VAL VA 426 27.88 41.00 80.70
C VAL VA 426 27.58 39.56 80.30
N PRO VA 427 28.55 38.65 80.31
CA PRO VA 427 28.28 37.27 79.89
C PRO VA 427 27.75 36.40 81.03
N CYS VA 428 26.98 35.39 80.63
CA CYS VA 428 26.46 34.38 81.54
C CYS VA 428 26.52 33.03 80.85
N HIS VA 429 26.44 31.97 81.65
CA HIS VA 429 26.59 30.62 81.15
C HIS VA 429 25.51 29.72 81.73
N VAL VA 430 25.23 28.63 81.02
CA VAL VA 430 24.20 27.67 81.42
C VAL VA 430 24.75 26.27 81.20
N THR VA 431 24.65 25.42 82.23
CA THR VA 431 25.06 24.04 82.16
C THR VA 431 23.99 23.16 82.80
N PHE VA 432 24.20 21.84 82.70
CA PHE VA 432 23.24 20.88 83.24
C PHE VA 432 22.92 21.13 84.72
N GLU VA 433 23.86 21.74 85.44
CA GLU VA 433 23.63 22.10 86.84
C GLU VA 433 22.34 22.91 86.99
N HIS VA 434 22.11 23.88 86.12
CA HIS VA 434 20.85 24.61 86.16
C HIS VA 434 19.70 23.74 85.67
N ALA VA 435 19.97 22.82 84.74
CA ALA VA 435 18.93 21.95 84.22
C ALA VA 435 18.48 20.90 85.21
N MET VA 436 19.14 20.77 86.37
CA MET VA 436 18.75 19.76 87.34
C MET VA 436 17.28 19.85 87.70
N GLY VA 437 16.75 21.06 87.82
CA GLY VA 437 15.38 21.27 88.32
C GLY VA 437 14.31 20.60 87.49
N THR VA 438 14.65 20.01 86.35
CA THR VA 438 13.67 19.35 85.50
C THR VA 438 13.92 17.87 85.32
N LEU VA 439 15.17 17.43 85.30
CA LEU VA 439 15.50 16.03 85.13
C LEU VA 439 15.61 15.27 86.45
N CYS VA 440 15.23 15.91 87.56
CA CYS VA 440 15.17 15.25 88.88
C CYS VA 440 13.80 15.56 89.46
N HIS VA 441 12.81 14.74 89.11
CA HIS VA 441 11.44 14.95 89.55
C HIS VA 441 10.66 13.67 89.29
N PRO VA 442 9.71 13.33 90.15
CA PRO VA 442 8.89 12.12 89.90
C PRO VA 442 8.21 12.11 88.54
N SER VA 443 7.88 13.28 87.99
CA SER VA 443 7.26 13.35 86.67
C SER VA 443 8.15 12.75 85.58
N PHE VA 444 9.46 12.67 85.83
CA PHE VA 444 10.37 12.03 84.88
C PHE VA 444 10.09 10.54 84.71
N LEU VA 445 9.26 9.96 85.56
CA LEU VA 445 8.91 8.54 85.46
C LEU VA 445 7.40 8.39 85.33
N ASP VA 446 6.80 9.19 84.46
CA ASP VA 446 5.34 9.21 84.28
C ASP VA 446 5.01 8.47 83.00
N VAL VA 447 4.76 7.17 83.13
CA VAL VA 447 4.38 6.34 81.99
C VAL VA 447 2.93 5.87 82.06
N ASP VA 448 2.31 5.87 83.25
CA ASP VA 448 0.95 5.36 83.39
C ASP VA 448 -0.01 6.05 82.42
N ALA VA 449 0.12 7.37 82.26
CA ALA VA 449 -0.70 8.08 81.29
C ALA VA 449 -0.38 7.63 79.87
N THR VA 450 0.92 7.50 79.55
CA THR VA 450 1.32 7.12 78.20
C THR VA 450 0.76 5.76 77.83
N LEU VA 451 0.94 4.76 78.70
CA LEU VA 451 0.39 3.44 78.44
C LEU VA 451 -1.14 3.46 78.39
N ALA VA 452 -1.76 4.03 79.43
CA ALA VA 452 -3.22 4.07 79.50
C ALA VA 452 -3.84 4.76 78.30
N ALA VA 453 -3.09 5.61 77.59
CA ALA VA 453 -3.61 6.25 76.39
C ALA VA 453 -3.17 5.57 75.10
N LEU VA 454 -2.10 4.79 75.13
CA LEU VA 454 -1.56 4.18 73.91
C LEU VA 454 -2.21 2.85 73.58
N ARG VA 455 -2.90 2.21 74.52
CA ARG VA 455 -3.47 0.89 74.28
C ARG VA 455 -4.80 0.93 73.54
N GLN VA 456 -5.10 2.02 72.83
CA GLN VA 456 -6.36 2.09 72.09
C GLN VA 456 -6.34 1.20 70.85
N GLU VA 457 -5.18 1.03 70.23
CA GLU VA 457 -5.06 0.04 69.18
C GLU VA 457 -5.32 -1.34 69.76
N PRO VA 458 -6.17 -2.16 69.13
CA PRO VA 458 -6.55 -3.44 69.75
C PRO VA 458 -5.35 -4.35 70.02
N ALA VA 459 -4.62 -4.75 68.99
CA ALA VA 459 -3.45 -5.62 69.17
C ALA VA 459 -2.73 -5.91 67.87
N GLU VA 460 -1.43 -6.21 67.97
CA GLU VA 460 -0.64 -6.75 66.87
C GLU VA 460 0.65 -7.33 67.44
N VAL VA 461 0.96 -8.58 67.09
CA VAL VA 461 2.13 -9.28 67.60
C VAL VA 461 3.02 -9.61 66.41
N GLN VA 462 4.01 -8.75 66.16
CA GLN VA 462 4.97 -9.02 65.09
C GLN VA 462 5.75 -10.30 65.38
N CYS VA 463 6.53 -10.28 66.47
CA CYS VA 463 7.29 -11.44 66.91
C CYS VA 463 7.15 -11.55 68.43
N ALA VA 464 7.68 -12.65 68.98
CA ALA VA 464 7.63 -12.85 70.42
C ALA VA 464 8.94 -13.31 71.02
N PHE VA 465 9.95 -13.64 70.21
CA PHE VA 465 11.22 -14.12 70.75
C PHE VA 465 11.93 -13.05 71.57
N GLY VA 466 11.66 -11.78 71.29
CA GLY VA 466 12.37 -10.71 71.96
C GLY VA 466 11.79 -10.24 73.27
N ALA VA 467 10.59 -10.65 73.63
CA ALA VA 467 9.94 -10.17 74.84
C ALA VA 467 9.23 -11.30 75.58
N TYR VA 468 9.88 -12.45 75.71
CA TYR VA 468 9.27 -13.56 76.44
C TYR VA 468 10.34 -14.36 77.16
N VAL VA 469 10.09 -14.64 78.43
CA VAL VA 469 10.95 -15.50 79.24
C VAL VA 469 10.17 -16.74 79.62
N ALA VA 470 10.81 -17.69 80.30
CA ALA VA 470 10.14 -18.92 80.70
C ALA VA 470 10.91 -19.57 81.83
N ASP VA 471 10.17 -20.18 82.75
CA ASP VA 471 10.77 -20.89 83.88
C ASP VA 471 11.10 -22.31 83.43
N ALA VA 472 12.38 -22.62 83.38
CA ALA VA 472 12.80 -23.96 82.97
C ALA VA 472 12.38 -24.99 84.01
N ARG VA 473 12.48 -26.25 83.61
CA ARG VA 473 12.24 -27.40 84.47
C ARG VA 473 13.55 -28.16 84.66
N PRO VA 474 13.57 -29.13 85.59
CA PRO VA 474 14.81 -29.92 85.77
C PRO VA 474 15.21 -30.69 84.52
N ASP VA 475 16.34 -31.39 84.58
CA ASP VA 475 16.96 -32.03 83.42
C ASP VA 475 17.32 -30.99 82.37
N ALA VA 476 18.27 -30.13 82.74
CA ALA VA 476 18.56 -28.91 82.02
C ALA VA 476 19.96 -28.88 81.42
N LEU VA 477 20.10 -28.02 80.42
CA LEU VA 477 21.37 -27.52 79.90
C LEU VA 477 22.19 -28.56 79.14
N VAL VA 478 21.62 -29.72 78.83
CA VAL VA 478 22.27 -30.60 77.85
C VAL VA 478 21.28 -30.87 76.72
N GLY VA 479 20.13 -31.44 77.07
CA GLY VA 479 19.03 -31.60 76.14
C GLY VA 479 18.03 -30.47 76.18
N LEU VA 480 18.09 -29.63 77.22
CA LEU VA 480 17.20 -28.48 77.29
C LEU VA 480 17.48 -27.49 76.16
N MET VA 481 18.75 -27.20 75.91
CA MET VA 481 19.10 -26.37 74.76
C MET VA 481 18.62 -26.99 73.46
N GLN VA 482 18.64 -28.32 73.38
CA GLN VA 482 18.12 -28.99 72.18
C GLN VA 482 16.62 -28.78 72.04
N ARG VA 483 15.88 -28.91 73.15
CA ARG VA 483 14.45 -28.64 73.11
C ARG VA 483 14.17 -27.19 72.73
N PHE VA 484 15.08 -26.28 73.10
CA PHE VA 484 14.93 -24.87 72.73
C PHE VA 484 15.14 -24.66 71.23
N LEU VA 485 16.34 -25.02 70.75
CA LEU VA 485 16.72 -24.70 69.36
C LEU VA 485 15.76 -25.33 68.35
N GLU VA 486 15.09 -26.42 68.73
CA GLU VA 486 14.23 -27.12 67.77
C GLU VA 486 13.08 -26.24 67.28
N GLU VA 487 12.55 -25.37 68.15
CA GLU VA 487 11.45 -24.50 67.76
C GLU VA 487 11.84 -23.03 67.83
N TRP VA 488 13.13 -22.73 67.74
CA TRP VA 488 13.60 -21.34 67.64
C TRP VA 488 12.91 -20.56 66.52
N PRO VA 489 12.76 -21.07 65.30
CA PRO VA 489 11.96 -20.35 64.30
C PRO VA 489 10.49 -20.28 64.66
N GLY VA 490 9.99 -21.17 65.52
CA GLY VA 490 8.60 -21.12 65.93
C GLY VA 490 8.21 -19.84 66.64
N MET VA 491 9.19 -19.07 67.10
CA MET VA 491 8.94 -17.78 67.72
C MET VA 491 9.16 -16.62 66.78
N MET VA 492 9.90 -16.82 65.69
CA MET VA 492 10.28 -15.74 64.78
C MET VA 492 9.64 -15.96 63.41
N PRO VA 493 8.45 -15.40 63.16
CA PRO VA 493 7.98 -15.34 61.76
C PRO VA 493 8.81 -14.38 60.92
N VAL VA 494 9.30 -13.29 61.53
CA VAL VA 494 10.03 -12.25 60.83
C VAL VA 494 11.19 -11.81 61.71
N ARG VA 495 12.14 -11.09 61.11
CA ARG VA 495 13.26 -10.56 61.86
C ARG VA 495 12.77 -9.66 62.99
N PRO VA 496 13.33 -9.78 64.19
CA PRO VA 496 12.92 -8.88 65.28
C PRO VA 496 13.59 -7.52 65.14
N ARG VA 497 12.77 -6.47 65.20
CA ARG VA 497 13.25 -5.11 64.95
C ARG VA 497 14.42 -4.73 65.85
N TRP VA 498 14.42 -5.20 67.09
CA TRP VA 498 15.44 -4.76 68.04
C TRP VA 498 16.83 -5.25 67.64
N ALA VA 499 16.94 -6.52 67.24
CA ALA VA 499 18.25 -7.11 66.99
C ALA VA 499 18.88 -6.55 65.72
N ALA VA 500 18.24 -6.75 64.58
CA ALA VA 500 18.69 -6.13 63.35
C ALA VA 500 18.53 -4.62 63.48
N PRO VA 501 19.62 -3.85 63.48
CA PRO VA 501 19.50 -2.40 63.72
C PRO VA 501 18.55 -1.74 62.74
N ALA VA 502 17.92 -0.66 63.20
CA ALA VA 502 16.84 -0.06 62.41
C ALA VA 502 17.39 0.80 61.27
N ALA VA 503 18.04 1.90 61.61
CA ALA VA 503 18.61 2.82 60.63
C ALA VA 503 19.26 3.98 61.38
N ALA VA 504 19.94 4.85 60.62
CA ALA VA 504 20.45 6.11 61.15
C ALA VA 504 19.54 7.28 60.75
N ASP VA 505 19.34 7.48 59.45
CA ASP VA 505 18.39 8.46 58.94
C ASP VA 505 17.03 7.84 58.64
N GLN VA 506 17.01 6.67 58.04
CA GLN VA 506 15.78 6.00 57.64
C GLN VA 506 14.95 5.55 58.80
N LEU VA 507 15.37 5.81 60.04
CA LEU VA 507 14.46 5.62 61.17
C LEU VA 507 13.44 6.75 61.25
N LEU VA 508 13.87 7.99 61.10
CA LEU VA 508 12.98 9.14 61.20
C LEU VA 508 12.12 9.34 59.95
N ALA VA 509 12.14 8.40 59.01
CA ALA VA 509 11.25 8.48 57.86
C ALA VA 509 9.79 8.35 58.32
N PRO VA 510 8.85 8.91 57.57
CA PRO VA 510 7.46 8.94 58.01
C PRO VA 510 6.72 7.61 57.98
N GLY VA 511 7.40 6.49 57.74
CA GLY VA 511 6.67 5.24 57.59
C GLY VA 511 6.96 4.13 58.60
N ASN VA 512 8.18 4.07 59.10
CA ASN VA 512 8.62 2.88 59.82
C ASN VA 512 7.84 2.70 61.13
N ALA VA 513 7.96 1.50 61.69
CA ALA VA 513 7.17 1.08 62.84
C ALA VA 513 7.95 1.19 64.15
N ASP VA 514 8.79 2.19 64.28
CA ASP VA 514 9.52 2.44 65.53
C ASP VA 514 9.14 3.75 66.18
N LEU VA 515 8.98 4.83 65.39
CA LEU VA 515 8.52 6.10 65.95
C LEU VA 515 7.23 5.95 66.74
N ARG VA 516 6.36 5.03 66.31
CA ARG VA 516 5.12 4.75 67.03
C ARG VA 516 5.35 4.20 68.42
N LEU VA 517 6.58 3.75 68.74
CA LEU VA 517 6.85 3.14 70.03
C LEU VA 517 8.11 3.71 70.68
N GLU VA 518 8.52 4.93 70.33
CA GLU VA 518 9.76 5.52 70.85
C GLU VA 518 9.50 6.96 71.26
N LEU VA 519 9.06 7.17 72.50
CA LEU VA 519 8.65 8.50 72.93
C LEU VA 519 9.03 8.81 74.38
N HIS VA 520 10.11 8.21 74.89
CA HIS VA 520 10.63 8.59 76.19
C HIS VA 520 12.07 8.09 76.34
N PRO VA 521 13.01 8.97 76.74
CA PRO VA 521 14.42 8.56 76.81
C PRO VA 521 14.72 7.53 77.89
N ALA VA 522 13.81 7.27 78.83
CA ALA VA 522 14.07 6.38 79.94
C ALA VA 522 13.25 5.11 79.92
N PHE VA 523 12.34 4.94 78.95
CA PHE VA 523 11.46 3.79 78.91
C PHE VA 523 11.34 3.27 77.48
N ASP VA 524 11.09 1.97 77.35
CA ASP VA 524 10.86 1.33 76.06
C ASP VA 524 9.44 0.80 75.99
N PHE VA 525 8.94 0.68 74.77
CA PHE VA 525 7.59 0.20 74.52
C PHE VA 525 7.64 -0.84 73.41
N PHE VA 526 7.28 -2.08 73.72
CA PHE VA 526 7.26 -3.17 72.76
C PHE VA 526 5.98 -3.97 72.97
N VAL VA 527 5.71 -4.87 72.03
CA VAL VA 527 4.54 -5.74 72.10
C VAL VA 527 4.98 -7.10 72.61
N ALA VA 528 4.12 -7.75 73.39
CA ALA VA 528 4.46 -8.99 74.04
C ALA VA 528 3.19 -9.80 74.22
N PRO VA 529 3.31 -11.12 74.38
CA PRO VA 529 2.12 -11.95 74.59
C PRO VA 529 1.43 -11.59 75.91
N GLU VA 530 0.10 -11.50 75.87
CA GLU VA 530 -0.69 -11.13 77.04
C GLU VA 530 -0.72 -12.31 77.99
N VAL VA 531 0.38 -12.48 78.72
CA VAL VA 531 0.56 -13.53 79.71
C VAL VA 531 1.18 -12.92 80.96
N ASP VA 532 1.47 -13.77 81.94
CA ASP VA 532 2.27 -13.39 83.09
C ASP VA 532 3.69 -13.91 82.93
N VAL VA 533 4.65 -13.18 83.48
CA VAL VA 533 6.06 -13.52 83.30
C VAL VA 533 6.66 -13.92 84.64
N PRO VA 534 7.45 -15.00 84.69
CA PRO VA 534 7.75 -15.88 83.55
C PRO VA 534 6.65 -16.91 83.32
N GLY VA 535 6.48 -17.33 82.06
CA GLY VA 535 5.44 -18.26 81.71
C GLY VA 535 5.98 -19.60 81.25
N PRO VA 536 5.11 -20.42 80.66
CA PRO VA 536 5.55 -21.75 80.21
C PRO VA 536 6.56 -21.68 79.07
N PHE VA 537 7.04 -22.84 78.62
CA PHE VA 537 8.11 -22.87 77.63
C PHE VA 537 7.61 -22.41 76.26
N ALA VA 538 6.64 -23.13 75.70
CA ALA VA 538 6.13 -22.80 74.38
C ALA VA 538 5.36 -21.49 74.43
N VAL VA 539 5.66 -20.59 73.49
CA VAL VA 539 5.00 -19.29 73.42
C VAL VA 539 3.53 -19.49 73.05
N PRO VA 540 2.60 -19.15 73.94
CA PRO VA 540 1.19 -19.30 73.60
C PRO VA 540 0.76 -18.27 72.55
N GLN VA 541 -0.25 -18.64 71.78
CA GLN VA 541 -0.77 -17.79 70.72
C GLN VA 541 -1.76 -16.75 71.23
N VAL VA 542 -1.74 -16.45 72.52
CA VAL VA 542 -2.67 -15.47 73.07
C VAL VA 542 -2.38 -14.10 72.45
N MET VA 543 -3.40 -13.23 72.50
CA MET VA 543 -3.30 -11.89 71.93
C MET VA 543 -2.18 -11.11 72.62
N GLY VA 544 -1.83 -9.97 72.02
CA GLY VA 544 -0.72 -9.19 72.54
C GLY VA 544 -1.09 -7.85 73.14
N GLN VA 545 -0.23 -7.34 74.02
CA GLN VA 545 -0.39 -6.02 74.60
C GLN VA 545 0.86 -5.20 74.35
N VAL VA 546 0.96 -4.03 74.98
CA VAL VA 546 2.19 -3.24 75.00
C VAL VA 546 2.56 -2.97 76.45
N ARG VA 547 3.84 -3.15 76.77
CA ARG VA 547 4.33 -2.89 78.12
C ARG VA 547 5.46 -1.88 78.07
N ALA VA 548 5.81 -1.36 79.23
CA ALA VA 548 6.92 -0.44 79.39
C ALA VA 548 8.03 -1.12 80.20
N MET VA 549 9.27 -0.77 79.88
CA MET VA 549 10.43 -1.31 80.58
C MET VA 549 11.48 -0.21 80.69
N PRO VA 550 12.08 -0.03 81.87
CA PRO VA 550 12.97 1.11 82.08
C PRO VA 550 14.34 0.89 81.46
N ARG VA 551 14.84 1.90 80.75
CA ARG VA 551 16.21 1.92 80.24
C ARG VA 551 17.12 2.24 81.41
N ILE VA 552 17.40 1.22 82.23
CA ILE VA 552 18.12 1.42 83.48
C ILE VA 552 19.48 2.05 83.23
N ILE VA 553 20.06 1.83 82.04
CA ILE VA 553 21.40 2.27 81.72
C ILE VA 553 21.33 3.22 80.53
N ASN VA 554 22.12 4.30 80.59
CA ASN VA 554 22.17 5.24 79.47
C ASN VA 554 22.71 4.59 78.20
N GLY VA 555 23.55 3.56 78.34
CA GLY VA 555 24.02 2.82 77.18
C GLY VA 555 22.91 2.14 76.41
N ASN VA 556 21.78 1.86 77.05
CA ASN VA 556 20.66 1.22 76.38
C ASN VA 556 19.97 2.12 75.37
N ILE VA 557 20.42 3.36 75.20
CA ILE VA 557 19.82 4.23 74.19
C ILE VA 557 20.09 3.64 72.81
N PRO VA 558 19.09 3.44 71.96
CA PRO VA 558 19.33 2.86 70.63
C PRO VA 558 20.33 3.68 69.84
N LEU VA 559 21.12 2.98 69.02
CA LEU VA 559 22.24 3.61 68.31
C LEU VA 559 21.78 4.71 67.36
N ALA VA 560 20.54 4.68 66.90
CA ALA VA 560 20.03 5.74 66.04
C ALA VA 560 19.92 7.08 66.74
N LEU VA 561 19.97 7.11 68.07
CA LEU VA 561 19.83 8.34 68.82
C LEU VA 561 21.03 8.64 69.70
N CYS VA 562 22.03 7.75 69.73
CA CYS VA 562 23.28 7.99 70.43
C CYS VA 562 24.36 7.21 69.69
N PRO VA 563 25.04 7.86 68.75
CA PRO VA 563 25.80 7.12 67.73
C PRO VA 563 27.03 6.40 68.25
N VAL VA 564 27.70 5.67 67.36
CA VAL VA 564 28.90 4.91 67.72
C VAL VA 564 30.15 5.77 67.74
N ASP VA 565 30.03 7.08 67.49
CA ASP VA 565 31.16 8.00 67.53
C ASP VA 565 31.15 8.88 68.77
N PHE VA 566 29.97 9.34 69.20
CA PHE VA 566 29.91 10.15 70.40
C PHE VA 566 30.36 9.36 71.63
N ARG VA 567 30.04 8.07 71.68
CA ARG VA 567 30.46 7.26 72.82
C ARG VA 567 31.97 7.12 72.86
N ASP VA 568 32.59 6.86 71.71
CA ASP VA 568 34.04 6.79 71.65
C ASP VA 568 34.67 8.12 72.02
N ALA VA 569 34.06 9.22 71.60
CA ALA VA 569 34.57 10.54 71.97
C ALA VA 569 34.49 10.78 73.48
N ARG VA 570 33.37 10.40 74.10
CA ARG VA 570 33.23 10.55 75.54
C ARG VA 570 34.25 9.70 76.28
N GLY VA 571 34.44 8.46 75.83
CA GLY VA 571 35.47 7.63 76.43
C GLY VA 571 36.86 8.23 76.29
N PHE VA 572 37.16 8.74 75.09
CA PHE VA 572 38.46 9.38 74.86
C PHE VA 572 38.63 10.61 75.73
N GLU VA 573 37.55 11.30 76.09
CA GLU VA 573 37.65 12.36 77.08
C GLU VA 573 37.99 11.79 78.44
N LEU VA 574 37.22 10.79 78.89
CA LEU VA 574 37.44 10.23 80.22
C LEU VA 574 38.75 9.48 80.33
N SER VA 575 39.50 9.32 79.25
CA SER VA 575 40.75 8.55 79.25
C SER VA 575 41.98 9.44 79.32
N VAL VA 576 41.86 10.60 79.97
CA VAL VA 576 43.01 11.43 80.31
C VAL VA 576 42.96 11.70 81.81
N ASP VA 577 44.13 11.78 82.43
CA ASP VA 577 44.28 11.96 83.87
C ASP VA 577 43.80 10.74 84.67
N ARG VA 578 43.58 9.60 84.01
CA ARG VA 578 43.12 8.41 84.71
C ARG VA 578 44.12 7.25 84.67
N HIS VA 579 44.45 6.75 83.47
CA HIS VA 579 45.31 5.58 83.35
C HIS VA 579 45.53 5.26 81.87
N ARG VA 580 46.56 4.47 81.60
CA ARG VA 580 46.90 4.00 80.25
C ARG VA 580 47.11 2.49 80.26
N LEU VA 581 47.58 1.96 79.12
CA LEU VA 581 47.95 0.56 78.99
C LEU VA 581 49.24 0.46 78.19
N ALA VA 582 49.99 -0.61 78.43
CA ALA VA 582 51.21 -0.84 77.68
C ALA VA 582 50.87 -1.42 76.31
N PRO VA 583 51.57 -1.02 75.24
CA PRO VA 583 51.30 -1.62 73.93
C PRO VA 583 51.57 -3.12 73.88
N ALA VA 584 52.61 -3.58 74.57
CA ALA VA 584 52.89 -5.02 74.60
C ALA VA 584 51.81 -5.78 75.36
N THR VA 585 51.25 -5.18 76.40
CA THR VA 585 50.15 -5.82 77.14
C THR VA 585 48.99 -6.12 76.21
N VAL VA 586 48.61 -5.15 75.35
CA VAL VA 586 47.51 -5.37 74.44
C VAL VA 586 47.92 -6.34 73.33
N ALA VA 587 49.13 -6.17 72.79
CA ALA VA 587 49.63 -7.10 71.78
C ALA VA 587 49.72 -8.53 72.29
N ALA VA 588 49.69 -8.72 73.61
CA ALA VA 588 49.62 -10.06 74.20
C ALA VA 588 48.19 -10.52 74.44
N VAL VA 589 47.35 -9.69 75.06
CA VAL VA 589 46.01 -10.14 75.40
C VAL VA 589 45.16 -10.33 74.14
N ARG VA 590 45.27 -9.41 73.17
CA ARG VA 590 44.56 -9.60 71.91
C ARG VA 590 45.15 -10.76 71.12
N GLY VA 591 46.47 -10.91 71.13
CA GLY VA 591 47.08 -12.07 70.52
C GLY VA 591 46.57 -13.38 71.08
N ALA VA 592 46.21 -13.38 72.36
CA ALA VA 592 45.56 -14.55 72.95
C ALA VA 592 44.12 -14.67 72.46
N PHE VA 593 43.34 -13.60 72.59
CA PHE VA 593 41.91 -13.64 72.27
C PHE VA 593 41.65 -13.94 70.79
N ARG VA 594 42.63 -13.73 69.92
CA ARG VA 594 42.48 -14.04 68.51
C ARG VA 594 43.10 -15.37 68.12
N ASP VA 595 43.72 -16.08 69.06
CA ASP VA 595 44.37 -17.36 68.77
C ASP VA 595 43.29 -18.41 68.58
N ALA VA 596 42.96 -18.72 67.33
CA ALA VA 596 42.01 -19.79 67.04
C ALA VA 596 42.54 -21.14 67.48
N ASN VA 597 43.84 -21.25 67.73
CA ASN VA 597 44.47 -22.49 68.20
C ASN VA 597 44.78 -22.44 69.69
N TYR VA 598 43.91 -21.83 70.49
CA TYR VA 598 44.02 -21.90 71.94
C TYR VA 598 44.03 -23.37 72.34
N PRO VA 599 45.15 -23.88 72.86
CA PRO VA 599 45.25 -25.32 73.13
C PRO VA 599 44.21 -25.75 74.16
N MET VA 600 43.41 -26.75 73.79
CA MET VA 600 42.28 -27.17 74.61
C MET VA 600 42.68 -27.57 76.02
N VAL VA 601 43.96 -27.94 76.23
CA VAL VA 601 44.40 -28.33 77.57
C VAL VA 601 44.27 -27.17 78.56
N PHE VA 602 44.43 -25.94 78.08
CA PHE VA 602 44.19 -24.79 78.95
C PHE VA 602 42.73 -24.73 79.37
N TYR VA 603 41.81 -25.02 78.44
CA TYR VA 603 40.40 -25.08 78.81
C TYR VA 603 40.14 -26.24 79.78
N ILE VA 604 40.86 -27.34 79.63
CA ILE VA 604 40.68 -28.49 80.53
C ILE VA 604 41.09 -28.12 81.94
N ILE VA 605 42.27 -27.50 82.08
CA ILE VA 605 42.72 -27.05 83.40
C ILE VA 605 41.76 -26.00 83.96
N GLU VA 606 41.26 -25.12 83.10
CA GLU VA 606 40.31 -24.09 83.53
C GLU VA 606 39.02 -24.71 84.06
N ALA VA 607 38.56 -25.79 83.43
CA ALA VA 607 37.33 -26.44 83.88
C ALA VA 607 37.54 -27.25 85.15
N VAL VA 608 38.70 -27.92 85.27
CA VAL VA 608 38.93 -28.74 86.45
C VAL VA 608 39.25 -27.88 87.66
N ILE VA 609 39.81 -26.68 87.44
CA ILE VA 609 40.08 -25.78 88.56
C ILE VA 609 38.79 -25.25 89.16
N HIS VA 610 37.69 -25.33 88.42
CA HIS VA 610 36.35 -24.90 88.83
C HIS VA 610 36.34 -23.60 89.62
N GLY VA 611 37.22 -22.66 89.25
CA GLY VA 611 37.23 -21.32 89.82
C GLY VA 611 37.41 -21.22 91.32
N SER VA 612 37.65 -22.34 92.00
CA SER VA 612 37.78 -22.34 93.45
C SER VA 612 39.19 -21.93 93.85
N GLU VA 613 39.52 -22.05 95.13
CA GLU VA 613 40.79 -21.60 95.66
C GLU VA 613 41.78 -22.74 95.88
N ARG VA 614 41.42 -23.73 96.69
CA ARG VA 614 42.38 -24.72 97.16
C ARG VA 614 43.00 -25.49 96.00
N THR VA 615 42.18 -25.89 95.02
CA THR VA 615 42.70 -26.63 93.87
C THR VA 615 43.78 -25.84 93.16
N PHE VA 616 43.67 -24.52 93.13
CA PHE VA 616 44.70 -23.71 92.48
C PHE VA 616 45.98 -23.67 93.31
N CYS VA 617 45.86 -23.54 94.62
CA CYS VA 617 47.05 -23.60 95.47
C CYS VA 617 47.73 -24.95 95.35
N ALA VA 618 46.98 -25.99 94.98
CA ALA VA 618 47.59 -27.29 94.72
C ALA VA 618 48.26 -27.33 93.35
N LEU VA 619 47.60 -26.81 92.33
CA LEU VA 619 48.04 -26.97 90.95
C LEU VA 619 48.95 -25.84 90.47
N ALA VA 620 49.35 -24.93 91.36
CA ALA VA 620 50.24 -23.82 91.03
C ALA VA 620 51.38 -24.19 90.07
N ARG VA 621 52.10 -25.27 90.37
CA ARG VA 621 53.27 -25.61 89.56
C ARG VA 621 52.88 -25.95 88.12
N LEU VA 622 51.81 -26.73 87.96
CA LEU VA 622 51.34 -27.07 86.61
C LEU VA 622 50.89 -25.83 85.87
N VAL VA 623 50.14 -24.95 86.54
CA VAL VA 623 49.71 -23.71 85.90
C VAL VA 623 50.90 -22.89 85.44
N ALA VA 624 51.94 -22.81 86.29
CA ALA VA 624 53.15 -22.08 85.92
C ALA VA 624 53.82 -22.71 84.71
N GLN VA 625 53.90 -24.05 84.68
CA GLN VA 625 54.48 -24.74 83.53
C GLN VA 625 53.74 -24.35 82.24
N CYS VA 626 52.41 -24.43 82.26
CA CYS VA 626 51.63 -24.09 81.07
C CYS VA 626 51.84 -22.64 80.65
N ILE VA 627 51.84 -21.71 81.61
CA ILE VA 627 52.01 -20.30 81.26
C ILE VA 627 53.39 -20.08 80.65
N GLN VA 628 54.43 -20.69 81.23
CA GLN VA 628 55.78 -20.54 80.70
C GLN VA 628 55.86 -21.04 79.27
N SER VA 629 55.31 -22.24 79.02
CA SER VA 629 55.36 -22.80 77.69
C SER VA 629 54.64 -21.90 76.69
N TYR VA 630 53.44 -21.44 77.05
CA TYR VA 630 52.67 -20.63 76.11
C TYR VA 630 53.36 -19.31 75.82
N TRP VA 631 54.01 -18.72 76.84
CA TRP VA 631 54.68 -17.44 76.62
C TRP VA 631 55.91 -17.60 75.75
N ARG VA 632 56.77 -18.58 76.07
CA ARG VA 632 57.93 -18.80 75.22
C ARG VA 632 57.54 -19.35 73.85
N ASN VA 633 56.30 -19.75 73.67
CA ASN VA 633 55.84 -20.30 72.39
C ASN VA 633 55.26 -19.22 71.47
N THR VA 634 54.25 -18.48 71.93
CA THR VA 634 53.52 -17.57 71.05
C THR VA 634 53.56 -16.12 71.51
N HIS VA 635 54.30 -15.79 72.58
CA HIS VA 635 54.38 -14.43 73.11
C HIS VA 635 52.98 -13.86 73.39
N ASN VA 636 52.12 -14.69 73.97
CA ASN VA 636 50.79 -14.30 74.39
C ASN VA 636 50.59 -14.70 75.84
N ALA VA 637 49.52 -14.17 76.43
CA ALA VA 637 49.14 -14.57 77.78
C ALA VA 637 48.27 -15.81 77.71
N ALA VA 638 47.72 -16.21 78.85
CA ALA VA 638 46.84 -17.36 78.91
C ALA VA 638 45.96 -17.26 80.14
N PHE VA 639 44.89 -18.06 80.15
CA PHE VA 639 43.90 -18.09 81.22
C PHE VA 639 43.23 -16.74 81.45
N VAL VA 640 43.39 -15.79 80.52
CA VAL VA 640 42.82 -14.46 80.69
C VAL VA 640 41.31 -14.45 80.54
N ASN VA 641 40.71 -15.57 80.12
CA ASN VA 641 39.27 -15.63 79.96
C ASN VA 641 38.54 -15.72 81.29
N ASN VA 642 39.23 -16.07 82.37
CA ASN VA 642 38.62 -16.27 83.67
C ASN VA 642 39.20 -15.26 84.67
N PHE VA 643 38.30 -14.54 85.34
CA PHE VA 643 38.73 -13.51 86.29
C PHE VA 643 39.39 -14.12 87.52
N TYR VA 644 38.81 -15.18 88.06
CA TYR VA 644 39.41 -15.85 89.22
C TYR VA 644 40.83 -16.33 88.92
N MET VA 645 41.05 -16.84 87.71
CA MET VA 645 42.38 -17.36 87.37
C MET VA 645 43.38 -16.23 87.22
N VAL VA 646 43.03 -15.16 86.49
CA VAL VA 646 43.95 -14.05 86.33
C VAL VA 646 44.22 -13.38 87.67
N MET VA 647 43.26 -13.44 88.59
CA MET VA 647 43.49 -12.93 89.93
C MET VA 647 44.49 -13.81 90.69
N TYR VA 648 44.19 -15.11 90.79
CA TYR VA 648 45.05 -16.02 91.54
C TYR VA 648 46.47 -16.03 91.00
N ILE VA 649 46.63 -15.88 89.68
CA ILE VA 649 47.96 -15.91 89.07
C ILE VA 649 48.85 -14.86 89.72
N ASN VA 650 48.46 -13.58 89.63
CA ASN VA 650 49.31 -12.50 90.12
C ASN VA 650 49.06 -12.19 91.59
N THR VA 651 48.21 -12.94 92.29
CA THR VA 651 48.13 -12.79 93.72
C THR VA 651 48.86 -13.88 94.49
N TYR VA 652 49.17 -15.01 93.85
CA TYR VA 652 50.01 -16.03 94.47
C TYR VA 652 51.36 -16.15 93.79
N LEU VA 653 51.40 -16.40 92.49
CA LEU VA 653 52.68 -16.57 91.81
C LEU VA 653 53.47 -15.26 91.79
N GLY VA 654 52.91 -14.23 91.15
CA GLY VA 654 53.45 -12.89 91.23
C GLY VA 654 54.94 -12.81 90.95
N ASN VA 655 55.73 -12.58 92.00
CA ASN VA 655 57.18 -12.55 91.97
C ASN VA 655 57.82 -13.90 91.70
N GLY VA 656 57.05 -14.96 91.45
CA GLY VA 656 57.62 -16.29 91.39
C GLY VA 656 58.14 -16.73 90.03
N GLU VA 657 57.58 -17.81 89.51
CA GLU VA 657 58.09 -18.46 88.31
C GLU VA 657 57.80 -17.69 87.03
N LEU VA 658 56.91 -16.71 87.07
CA LEU VA 658 56.62 -15.98 85.84
C LEU VA 658 57.74 -15.01 85.55
N PRO VA 659 58.26 -14.96 84.33
CA PRO VA 659 59.44 -14.15 84.05
C PRO VA 659 59.18 -12.67 84.28
N GLU VA 660 60.27 -11.91 84.35
CA GLU VA 660 60.23 -10.48 84.62
C GLU VA 660 59.58 -9.68 83.50
N ASP VA 661 59.19 -10.32 82.40
CA ASP VA 661 58.53 -9.63 81.30
C ASP VA 661 57.16 -10.21 80.97
N CYS VA 662 56.76 -11.30 81.60
CA CYS VA 662 55.45 -11.92 81.41
C CYS VA 662 54.45 -11.56 82.49
N ALA VA 663 54.90 -11.45 83.74
CA ALA VA 663 53.99 -11.11 84.83
C ALA VA 663 53.43 -9.70 84.69
N ALA VA 664 54.18 -8.80 84.04
CA ALA VA 664 53.72 -7.43 83.85
C ALA VA 664 52.37 -7.39 83.12
N VAL VA 665 52.14 -8.34 82.23
CA VAL VA 665 50.83 -8.44 81.57
C VAL VA 665 49.72 -8.56 82.61
N TYR VA 666 49.84 -9.56 83.49
CA TYR VA 666 48.82 -9.79 84.51
C TYR VA 666 48.79 -8.71 85.57
N LYS VA 667 49.88 -7.98 85.75
CA LYS VA 667 49.89 -6.86 86.70
C LYS VA 667 49.12 -5.67 86.15
N ASP VA 668 49.43 -5.27 84.91
CA ASP VA 668 48.69 -4.21 84.25
C ASP VA 668 47.22 -4.56 84.12
N LEU VA 669 46.93 -5.80 83.72
CA LEU VA 669 45.55 -6.23 83.50
C LEU VA 669 44.71 -6.23 84.77
N LEU VA 670 45.33 -6.19 85.94
CA LEU VA 670 44.60 -6.10 87.20
C LEU VA 670 44.55 -4.69 87.76
N GLU VA 671 45.66 -3.96 87.73
CA GLU VA 671 45.62 -2.58 88.16
C GLU VA 671 44.72 -1.73 87.28
N HIS VA 672 44.50 -2.14 86.02
CA HIS VA 672 43.55 -1.45 85.16
C HIS VA 672 42.13 -1.62 85.68
N VAL VA 673 41.76 -2.84 86.06
CA VAL VA 673 40.47 -3.07 86.70
C VAL VA 673 40.36 -2.24 87.96
N HIS VA 674 41.45 -2.15 88.74
CA HIS VA 674 41.42 -1.37 89.97
C HIS VA 674 41.18 0.11 89.68
N ALA VA 675 41.84 0.67 88.66
CA ALA VA 675 41.63 2.07 88.34
C ALA VA 675 40.22 2.31 87.80
N LEU VA 676 39.70 1.36 87.02
CA LEU VA 676 38.33 1.49 86.53
C LEU VA 676 37.35 1.46 87.70
N ARG VA 677 37.65 0.70 88.74
CA ARG VA 677 36.82 0.74 89.95
C ARG VA 677 36.95 2.09 90.65
N ARG VA 678 38.18 2.63 90.71
CA ARG VA 678 38.39 3.95 91.27
C ARG VA 678 37.56 5.01 90.55
N LEU VA 679 37.36 4.84 89.25
CA LEU VA 679 36.62 5.83 88.48
C LEU VA 679 35.18 5.95 88.97
N ILE VA 680 34.56 4.82 89.36
CA ILE VA 680 33.15 4.82 89.72
C ILE VA 680 32.86 5.79 90.86
N GLY VA 681 33.78 5.91 91.80
CA GLY VA 681 33.57 6.75 92.96
C GLY VA 681 33.69 8.24 92.70
N GLU VA 682 34.63 8.64 91.85
CA GLU VA 682 34.88 10.06 91.63
C GLU VA 682 33.76 10.75 90.86
N PHE VA 683 32.69 10.06 90.50
CA PHE VA 683 31.50 10.69 89.95
C PHE VA 683 30.32 10.59 90.91
N THR VA 684 30.54 10.12 92.13
CA THR VA 684 29.50 9.95 93.13
C THR VA 684 29.66 11.00 94.21
N LEU VA 685 28.53 11.55 94.67
CA LEU VA 685 28.54 12.53 95.75
C LEU VA 685 28.32 11.82 97.07
N PRO VA 686 29.29 11.83 97.99
CA PRO VA 686 29.14 11.06 99.24
C PRO VA 686 27.92 11.50 100.03
N GLY VA 687 26.97 10.57 100.18
CA GLY VA 687 25.74 10.85 100.89
C GLY VA 687 25.38 9.82 101.93
N ASP VA 688 24.08 9.63 102.16
CA ASP VA 688 23.57 8.71 103.17
C ASP VA 688 22.81 7.58 102.50
N PRO VA 689 22.86 6.39 103.09
CA PRO VA 689 22.13 5.26 102.49
C PRO VA 689 20.64 5.55 102.38
N LEU VA 690 20.03 5.08 101.30
CA LEU VA 690 18.64 5.36 100.99
C LEU VA 690 17.75 4.14 101.08
N GLY VA 691 18.06 3.08 100.33
CA GLY VA 691 17.36 1.82 100.46
C GLY VA 691 18.28 0.80 101.09
N ASN VA 692 18.98 1.23 102.15
CA ASN VA 692 20.08 0.46 102.74
C ASN VA 692 21.18 0.21 101.70
N GLN VA 693 21.41 1.20 100.85
CA GLN VA 693 22.39 1.12 99.79
C GLN VA 693 23.15 2.44 99.70
N PRO VA 694 24.49 2.39 99.61
CA PRO VA 694 25.25 3.64 99.49
C PRO VA 694 25.04 4.30 98.14
N GLN VA 695 25.18 5.63 98.12
CA GLN VA 695 25.02 6.39 96.89
C GLN VA 695 26.01 5.95 95.82
N GLU VA 696 27.22 5.54 96.23
CA GLU VA 696 28.22 5.06 95.28
C GLU VA 696 27.81 3.77 94.59
N GLU VA 697 26.63 3.23 94.91
CA GLU VA 697 26.07 2.06 94.24
C GLU VA 697 24.84 2.40 93.42
N LEU VA 698 23.97 3.28 93.92
CA LEU VA 698 22.79 3.67 93.18
C LEU VA 698 23.11 4.58 91.99
N ASN VA 699 24.31 5.18 91.98
CA ASN VA 699 24.71 6.00 90.84
C ASN VA 699 25.04 5.12 89.64
N HIS VA 700 26.04 4.26 89.79
CA HIS VA 700 26.40 3.32 88.73
C HIS VA 700 25.44 2.14 88.75
N ALA VA 701 25.71 1.13 87.94
CA ALA VA 701 24.99 -0.13 87.99
C ALA VA 701 25.87 -1.32 88.25
N LEU VA 702 27.12 -1.30 87.78
CA LEU VA 702 28.04 -2.38 88.06
C LEU VA 702 28.53 -2.36 89.50
N ALA VA 703 28.51 -1.20 90.16
CA ALA VA 703 28.85 -1.15 91.57
C ALA VA 703 27.82 -1.84 92.45
N ASP VA 704 26.64 -2.14 91.91
CA ASP VA 704 25.60 -2.78 92.70
C ASP VA 704 25.91 -4.26 92.91
N ALA VA 705 25.26 -4.83 93.93
CA ALA VA 705 25.35 -6.26 94.19
C ALA VA 705 24.13 -7.02 93.70
N THR VA 706 22.99 -6.34 93.51
CA THR VA 706 21.76 -7.01 93.09
C THR VA 706 21.80 -7.47 91.63
N LEU VA 707 22.88 -7.18 90.91
CA LEU VA 707 23.08 -7.65 89.55
C LEU VA 707 24.12 -8.75 89.57
N LEU VA 708 23.74 -9.95 89.15
CA LEU VA 708 24.64 -11.08 89.20
C LEU VA 708 25.68 -10.98 88.09
N PRO VA 709 26.93 -11.32 88.36
CA PRO VA 709 27.93 -11.40 87.29
C PRO VA 709 27.53 -12.44 86.27
N PRO VA 710 28.04 -12.35 85.03
CA PRO VA 710 27.63 -13.32 84.02
C PRO VA 710 28.05 -14.74 84.36
N LEU VA 711 29.23 -14.93 84.93
CA LEU VA 711 29.69 -16.23 85.39
C LEU VA 711 30.09 -16.15 86.86
N ILE VA 712 29.82 -17.21 87.60
CA ILE VA 712 30.23 -17.31 89.00
C ILE VA 712 30.88 -18.66 89.22
N TRP VA 713 31.64 -18.75 90.32
CA TRP VA 713 32.31 -19.99 90.69
C TRP VA 713 32.17 -20.25 92.17
N ASP VA 714 31.15 -19.68 92.80
CA ASP VA 714 30.90 -19.74 94.23
C ASP VA 714 29.48 -19.23 94.46
N CYS VA 715 29.13 -18.99 95.73
CA CYS VA 715 27.91 -18.25 96.03
C CYS VA 715 28.19 -17.09 96.97
N ASP VA 716 29.40 -16.52 96.89
CA ASP VA 716 29.62 -15.20 97.50
C ASP VA 716 28.56 -14.18 97.10
N PRO VA 717 28.16 -14.07 95.81
CA PRO VA 717 27.06 -13.15 95.47
C PRO VA 717 25.73 -13.60 96.04
N ILE VA 718 25.41 -14.89 95.89
CA ILE VA 718 24.11 -15.40 96.31
C ILE VA 718 23.87 -15.16 97.80
N LEU VA 719 24.93 -15.17 98.60
CA LEU VA 719 24.81 -14.83 100.01
C LEU VA 719 24.94 -13.35 100.26
N TYR VA 720 25.49 -12.58 99.32
CA TYR VA 720 25.47 -11.13 99.42
C TYR VA 720 24.11 -10.57 98.97
N ARG VA 721 23.40 -11.30 98.12
CA ARG VA 721 22.19 -10.78 97.51
C ARG VA 721 20.99 -10.77 98.45
N ASP VA 722 20.93 -11.73 99.37
CA ASP VA 722 19.76 -11.83 100.25
C ASP VA 722 19.68 -10.67 101.23
N GLY VA 723 20.80 -9.98 101.49
CA GLY VA 723 20.79 -8.84 102.39
C GLY VA 723 19.92 -7.69 101.93
N LEU VA 724 19.45 -7.71 100.69
CA LEU VA 724 18.54 -6.69 100.19
C LEU VA 724 17.11 -7.18 100.35
N ALA VA 725 16.28 -6.35 100.98
CA ALA VA 725 14.90 -6.74 101.23
C ALA VA 725 13.87 -5.65 100.91
N GLU VA 726 14.28 -4.41 100.69
CA GLU VA 726 13.32 -3.37 100.33
C GLU VA 726 12.73 -3.64 98.95
N ARG VA 727 13.57 -3.62 97.92
CA ARG VA 727 13.16 -4.06 96.58
C ARG VA 727 13.34 -5.57 96.55
N LEU VA 728 12.24 -6.29 96.72
CA LEU VA 728 12.25 -7.74 96.96
C LEU VA 728 12.99 -8.48 95.85
N PRO VA 729 14.13 -9.07 96.16
CA PRO VA 729 14.85 -9.90 95.19
C PRO VA 729 14.43 -11.36 95.31
N GLU VA 730 14.76 -12.12 94.28
CA GLU VA 730 14.42 -13.54 94.25
C GLU VA 730 15.29 -14.22 93.20
N LEU VA 731 15.73 -15.43 93.52
CA LEU VA 731 16.56 -16.25 92.64
C LEU VA 731 15.92 -17.62 92.49
N ARG VA 732 15.66 -18.02 91.26
CA ARG VA 732 15.04 -19.30 90.95
C ARG VA 732 15.96 -20.08 90.03
N VAL VA 733 16.39 -21.26 90.46
CA VAL VA 733 17.25 -22.13 89.68
C VAL VA 733 16.45 -23.39 89.36
N ASN VA 734 16.16 -23.57 88.08
CA ASN VA 734 15.44 -24.74 87.58
C ASN VA 734 14.10 -24.96 88.27
N GLY VA 735 13.51 -23.91 88.83
CA GLY VA 735 12.22 -24.00 89.48
C GLY VA 735 12.29 -24.03 91.00
N ALA VA 736 13.23 -24.78 91.55
CA ALA VA 736 13.41 -24.81 93.00
C ALA VA 736 14.20 -23.60 93.45
N HIS VA 737 14.01 -23.22 94.71
CA HIS VA 737 14.63 -22.00 95.22
C HIS VA 737 16.15 -22.11 95.16
N PHE VA 738 16.72 -22.94 96.02
CA PHE VA 738 18.06 -23.52 95.93
C PHE VA 738 18.29 -24.32 97.20
N GLN VA 739 19.25 -25.24 97.14
CA GLN VA 739 19.69 -26.01 98.31
C GLN VA 739 21.19 -25.87 98.40
N HIS VA 740 21.67 -24.98 99.27
CA HIS VA 740 23.10 -24.72 99.39
C HIS VA 740 23.76 -25.92 100.06
N ILE VA 741 24.48 -26.71 99.28
CA ILE VA 741 25.26 -27.83 99.78
C ILE VA 741 26.72 -27.48 99.68
N LEU VA 742 27.50 -27.98 100.63
CA LEU VA 742 28.92 -27.67 100.69
C LEU VA 742 29.68 -28.56 99.70
N TRP VA 743 31.00 -28.61 99.82
CA TRP VA 743 31.83 -29.39 98.91
C TRP VA 743 31.41 -30.86 98.93
N VAL VA 744 31.68 -31.54 97.82
CA VAL VA 744 31.36 -32.95 97.65
C VAL VA 744 32.66 -33.75 97.62
N GLU VA 745 32.52 -35.07 97.61
CA GLU VA 745 33.65 -35.98 97.53
C GLU VA 745 33.38 -37.05 96.48
N MET VA 746 34.46 -37.75 96.11
CA MET VA 746 34.37 -38.72 95.01
C MET VA 746 33.51 -39.93 95.35
N ALA VA 747 33.19 -40.15 96.62
CA ALA VA 747 32.39 -41.30 97.02
C ALA VA 747 31.00 -41.25 96.40
N GLN VA 748 30.23 -40.22 96.72
CA GLN VA 748 28.92 -40.00 96.12
C GLN VA 748 28.96 -38.70 95.34
N VAL VA 749 28.50 -38.73 94.09
CA VAL VA 749 28.64 -37.59 93.20
C VAL VA 749 27.30 -37.18 92.60
N ASN VA 750 26.60 -38.14 92.00
CA ASN VA 750 25.34 -37.88 91.27
C ASN VA 750 25.57 -36.90 90.12
N PHE VA 751 26.32 -37.38 89.13
CA PHE VA 751 26.56 -36.65 87.89
C PHE VA 751 25.26 -36.20 87.21
N ARG VA 752 24.13 -36.78 87.60
CA ARG VA 752 22.87 -36.54 86.91
C ARG VA 752 21.84 -35.76 87.73
N ASN VA 753 22.20 -35.29 88.92
CA ASN VA 753 21.24 -34.52 89.71
C ASN VA 753 20.89 -33.21 89.01
N VAL VA 754 19.61 -32.85 89.04
CA VAL VA 754 19.12 -31.70 88.30
C VAL VA 754 18.32 -30.78 89.19
N GLY VA 755 18.44 -30.97 90.50
CA GLY VA 755 17.82 -30.07 91.44
C GLY VA 755 18.58 -28.75 91.54
N GLY VA 756 18.01 -27.82 92.29
CA GLY VA 756 18.67 -26.55 92.49
C GLY VA 756 19.61 -26.58 93.68
N GLY VA 757 20.89 -26.80 93.40
CA GLY VA 757 21.89 -26.84 94.46
C GLY VA 757 23.30 -26.60 93.95
N LEU VA 758 23.99 -25.65 94.55
CA LEU VA 758 25.34 -25.27 94.16
C LEU VA 758 26.35 -25.79 95.18
N VAL VA 759 27.62 -25.50 94.95
CA VAL VA 759 28.70 -25.99 95.80
C VAL VA 759 29.75 -24.90 95.97
N HIS VA 760 30.31 -24.83 97.17
CA HIS VA 760 31.53 -24.06 97.45
C HIS VA 760 32.66 -25.07 97.52
N ASN VA 761 33.43 -25.16 96.44
CA ASN VA 761 34.47 -26.19 96.34
C ASN VA 761 35.55 -25.95 97.39
N ARG VA 762 35.83 -26.99 98.19
CA ARG VA 762 36.69 -26.88 99.35
C ARG VA 762 36.23 -25.67 100.16
N PRO VA 763 35.11 -25.82 100.91
CA PRO VA 763 34.25 -24.68 101.24
C PRO VA 763 34.97 -23.38 101.54
N VAL VA 764 35.97 -23.46 102.40
CA VAL VA 764 36.81 -22.32 102.73
C VAL VA 764 38.26 -22.77 102.63
N ARG VA 765 39.15 -21.80 102.45
CA ARG VA 765 40.57 -22.09 102.53
C ARG VA 765 40.95 -22.60 103.92
N ASN VA 766 40.38 -21.99 104.96
CA ASN VA 766 40.86 -22.20 106.32
C ASN VA 766 39.80 -22.70 107.28
N GLU VA 767 38.61 -22.10 107.30
CA GLU VA 767 37.76 -22.15 108.49
C GLU VA 767 37.13 -23.52 108.70
N ASN VA 768 36.34 -24.00 107.75
CA ASN VA 768 35.39 -25.09 107.99
C ASN VA 768 34.40 -24.69 109.07
N GLN VA 769 33.60 -23.67 108.76
CA GLN VA 769 32.62 -23.08 109.65
C GLN VA 769 31.27 -23.06 108.97
N PRO VA 770 30.18 -22.81 109.72
CA PRO VA 770 28.84 -22.88 109.13
C PRO VA 770 28.52 -21.68 108.25
N LEU VA 771 28.51 -21.89 106.93
CA LEU VA 771 27.86 -21.01 105.96
C LEU VA 771 28.39 -19.58 106.05
N HIS VA 772 29.66 -19.44 105.69
CA HIS VA 772 30.21 -18.09 105.63
C HIS VA 772 30.92 -17.86 104.30
N PRO VA 773 30.66 -16.73 103.66
CA PRO VA 773 31.40 -16.37 102.44
C PRO VA 773 32.89 -16.23 102.73
N HIS VA 774 33.70 -16.34 101.67
CA HIS VA 774 35.15 -16.31 101.81
C HIS VA 774 35.81 -15.23 100.97
N HIS VA 775 35.07 -14.20 100.58
CA HIS VA 775 35.65 -13.09 99.84
C HIS VA 775 34.80 -11.84 100.04
N ASP VA 776 35.47 -10.68 100.00
CA ASP VA 776 34.83 -9.41 100.30
C ASP VA 776 33.80 -9.05 99.24
N ALA VA 777 33.01 -8.02 99.53
CA ALA VA 777 31.94 -7.60 98.62
C ALA VA 777 32.47 -6.99 97.33
N GLU VA 778 33.64 -6.34 97.37
CA GLU VA 778 34.25 -5.76 96.18
C GLU VA 778 34.65 -6.82 95.15
N TRP VA 779 34.67 -8.09 95.54
CA TRP VA 779 35.11 -9.16 94.65
C TRP VA 779 34.17 -9.29 93.45
N SER VA 780 32.88 -9.50 93.71
CA SER VA 780 31.92 -9.61 92.61
C SER VA 780 31.87 -8.33 91.79
N VAL VA 781 32.10 -7.18 92.43
CA VAL VA 781 32.11 -5.91 91.71
C VAL VA 781 33.22 -5.89 90.68
N LEU VA 782 34.44 -6.25 91.11
CA LEU VA 782 35.55 -6.32 90.15
C LEU VA 782 35.31 -7.39 89.10
N SER VA 783 34.69 -8.51 89.46
CA SER VA 783 34.38 -9.54 88.47
C SER VA 783 33.46 -8.99 87.39
N LYS VA 784 32.42 -8.26 87.80
CA LYS VA 784 31.52 -7.65 86.84
C LYS VA 784 32.24 -6.61 85.99
N ILE VA 785 33.08 -5.79 86.62
CA ILE VA 785 33.86 -4.80 85.87
C ILE VA 785 34.65 -5.47 84.77
N TYR VA 786 35.38 -6.53 85.11
CA TYR VA 786 36.14 -7.28 84.12
C TYR VA 786 35.23 -7.80 83.01
N TYR VA 787 34.23 -8.60 83.38
CA TYR VA 787 33.48 -9.34 82.37
C TYR VA 787 32.58 -8.45 81.52
N TYR VA 788 32.30 -7.21 81.93
CA TYR VA 788 31.48 -6.33 81.12
C TYR VA 788 32.23 -5.18 80.47
N ALA VA 789 33.44 -4.86 80.94
CA ALA VA 789 34.10 -3.64 80.48
C ALA VA 789 35.48 -3.84 79.87
N VAL VA 790 36.11 -5.01 80.00
CA VAL VA 790 37.40 -5.25 79.37
C VAL VA 790 37.39 -6.48 78.47
N VAL VA 791 36.52 -7.46 78.69
CA VAL VA 791 36.40 -8.61 77.79
C VAL VA 791 35.85 -8.14 76.44
N PRO VA 792 34.71 -7.44 76.36
CA PRO VA 792 34.26 -6.95 75.05
C PRO VA 792 35.20 -5.96 74.41
N ALA VA 793 36.10 -5.34 75.19
CA ALA VA 793 37.12 -4.48 74.60
C ALA VA 793 38.12 -5.26 73.77
N PHE VA 794 38.26 -6.57 74.01
CA PHE VA 794 39.14 -7.43 73.23
C PHE VA 794 38.40 -8.45 72.39
N SER VA 795 37.10 -8.61 72.57
CA SER VA 795 36.32 -9.62 71.87
C SER VA 795 35.65 -9.08 70.61
N ARG VA 796 34.87 -8.00 70.74
CA ARG VA 796 34.10 -7.45 69.62
C ARG VA 796 33.14 -8.48 69.04
N GLY VA 797 32.61 -9.35 69.91
CA GLY VA 797 31.61 -10.31 69.48
C GLY VA 797 32.10 -11.71 69.27
N ASN VA 798 33.25 -12.09 69.84
CA ASN VA 798 33.80 -13.43 69.67
C ASN VA 798 33.63 -14.31 70.89
N CYS VA 799 33.52 -13.73 72.08
CA CYS VA 799 33.43 -14.51 73.30
C CYS VA 799 32.01 -15.01 73.53
N CYS VA 800 31.92 -16.23 74.04
CA CYS VA 800 30.63 -16.84 74.36
C CYS VA 800 30.80 -17.71 75.60
N THR VA 801 29.68 -18.13 76.17
CA THR VA 801 29.65 -18.87 77.42
C THR VA 801 29.23 -20.31 77.14
N MET VA 802 30.04 -21.27 77.59
CA MET VA 802 29.81 -22.68 77.32
C MET VA 802 29.45 -23.43 78.59
N GLY VA 803 28.71 -24.51 78.42
CA GLY VA 803 28.44 -25.42 79.51
C GLY VA 803 29.29 -26.66 79.34
N VAL VA 804 30.19 -26.90 80.28
CA VAL VA 804 31.12 -28.01 80.18
C VAL VA 804 30.40 -29.33 80.43
N ARG VA 805 31.06 -30.44 80.10
CA ARG VA 805 30.51 -31.77 80.34
C ARG VA 805 31.37 -32.45 81.41
N TYR VA 806 30.84 -32.52 82.63
CA TYR VA 806 31.57 -33.04 83.79
C TYR VA 806 31.57 -34.56 83.87
N ASP VA 807 31.25 -35.26 82.79
CA ASP VA 807 31.42 -36.70 82.70
C ASP VA 807 32.61 -37.07 81.82
N ARG VA 808 32.75 -36.40 80.67
CA ARG VA 808 33.83 -36.67 79.75
C ARG VA 808 35.12 -35.93 80.08
N VAL VA 809 35.15 -35.13 81.16
CA VAL VA 809 36.34 -34.41 81.55
C VAL VA 809 37.01 -35.06 82.76
N TYR VA 810 36.24 -35.39 83.79
CA TYR VA 810 36.80 -36.11 84.93
C TYR VA 810 37.36 -37.46 84.51
N GLN VA 811 36.70 -38.11 83.54
CA GLN VA 811 37.22 -39.38 83.05
C GLN VA 811 38.53 -39.21 82.32
N LEU VA 812 38.67 -38.14 81.53
CA LEU VA 812 39.90 -37.91 80.79
C LEU VA 812 41.04 -37.48 81.70
N VAL VA 813 40.75 -36.71 82.73
CA VAL VA 813 41.81 -36.10 83.53
C VAL VA 813 42.58 -37.13 84.36
N GLN VA 814 41.99 -38.29 84.61
CA GLN VA 814 42.66 -39.33 85.39
C GLN VA 814 43.53 -40.25 84.55
N THR VA 815 43.36 -40.26 83.22
CA THR VA 815 44.09 -41.16 82.35
C THR VA 815 45.53 -40.66 82.23
N MET VA 816 46.31 -40.91 83.27
CA MET VA 816 47.72 -40.55 83.30
C MET VA 816 48.57 -41.74 82.91
N VAL VA 817 49.71 -41.47 82.29
CA VAL VA 817 50.66 -42.50 81.87
C VAL VA 817 52.05 -42.05 82.34
N VAL VA 818 52.45 -42.50 83.51
CA VAL VA 818 53.73 -42.11 84.11
C VAL VA 818 54.35 -43.28 84.85
N PRO VA 819 55.59 -43.65 84.55
CA PRO VA 819 56.28 -44.68 85.32
C PRO VA 819 56.93 -44.08 86.58
N GLU VA 820 57.37 -44.99 87.45
CA GLU VA 820 57.98 -44.61 88.72
C GLU VA 820 59.49 -44.52 88.53
N THR VA 821 60.03 -43.31 88.66
CA THR VA 821 61.46 -43.05 88.48
C THR VA 821 61.99 -42.33 89.71
N ASP VA 822 63.23 -42.66 90.09
CA ASP VA 822 63.85 -42.04 91.26
C ASP VA 822 63.97 -40.53 91.08
N GLU VA 823 64.64 -40.10 90.02
CA GLU VA 823 64.79 -38.68 89.71
C GLU VA 823 64.30 -38.40 88.31
N GLU VA 824 63.46 -37.37 88.18
CA GLU VA 824 62.99 -36.95 86.86
C GLU VA 824 64.14 -36.31 86.10
N VAL VA 825 64.29 -36.68 84.84
CA VAL VA 825 65.47 -36.34 84.05
C VAL VA 825 65.15 -35.34 82.94
N GLY VA 826 64.18 -35.64 82.08
CA GLY VA 826 63.90 -34.77 80.96
C GLY VA 826 63.33 -35.47 79.75
N THR VA 827 63.04 -34.70 78.70
CA THR VA 827 62.25 -35.17 77.56
C THR VA 827 62.95 -36.24 76.72
N ASP VA 828 64.23 -36.52 76.98
CA ASP VA 828 64.97 -37.43 76.11
C ASP VA 828 64.95 -38.87 76.59
N ASP VA 829 64.75 -39.11 77.88
CA ASP VA 829 64.72 -40.48 78.37
C ASP VA 829 63.43 -41.17 77.92
N PRO VA 830 63.49 -42.44 77.55
CA PRO VA 830 62.27 -43.16 77.13
C PRO VA 830 61.18 -43.18 78.20
N ARG VA 831 61.53 -43.11 79.47
CA ARG VA 831 60.53 -43.15 80.54
C ARG VA 831 59.86 -41.81 80.77
N HIS VA 832 60.31 -40.74 80.11
CA HIS VA 832 59.69 -39.44 80.30
C HIS VA 832 58.23 -39.50 79.87
N PRO VA 833 57.34 -38.79 80.59
CA PRO VA 833 55.91 -38.88 80.25
C PRO VA 833 55.54 -38.33 78.89
N LEU VA 834 56.47 -37.66 78.19
CA LEU VA 834 56.16 -37.03 76.91
C LEU VA 834 56.92 -37.64 75.74
N HIS VA 835 57.81 -38.60 75.98
CA HIS VA 835 58.41 -39.31 74.86
C HIS VA 835 57.34 -40.17 74.18
N PRO VA 836 57.44 -40.37 72.86
CA PRO VA 836 56.36 -41.10 72.14
C PRO VA 836 56.21 -42.57 72.50
N ARG VA 837 56.97 -43.05 73.48
CA ARG VA 837 56.88 -44.47 73.84
C ARG VA 837 55.54 -44.82 74.46
N ASN VA 838 54.96 -43.90 75.24
CA ASN VA 838 53.77 -44.20 76.03
C ASN VA 838 52.54 -43.41 75.61
N LEU VA 839 52.63 -42.57 74.57
CA LEU VA 839 51.50 -41.74 74.20
C LEU VA 839 50.43 -42.55 73.47
N VAL VA 840 49.80 -43.48 74.18
CA VAL VA 840 48.64 -44.20 73.63
C VAL VA 840 47.52 -43.19 73.39
N PRO VA 841 46.73 -43.33 72.33
CA PRO VA 841 45.59 -42.42 72.15
C PRO VA 841 44.52 -42.65 73.22
N ASN VA 842 43.48 -41.84 73.15
CA ASN VA 842 42.41 -41.82 74.15
C ASN VA 842 42.94 -41.50 75.55
N SER VA 843 44.15 -40.95 75.63
CA SER VA 843 44.81 -40.63 76.89
C SER VA 843 44.91 -39.11 77.05
N LEU VA 844 45.62 -38.68 78.09
CA LEU VA 844 45.79 -37.26 78.37
C LEU VA 844 47.09 -36.69 77.82
N ASN VA 845 48.18 -37.46 77.86
CA ASN VA 845 49.47 -36.94 77.39
C ASN VA 845 49.43 -36.51 75.94
N VAL VA 846 48.54 -37.09 75.13
CA VAL VA 846 48.41 -36.66 73.75
C VAL VA 846 47.95 -35.22 73.68
N LEU VA 847 47.03 -34.82 74.56
CA LEU VA 847 46.56 -33.44 74.59
C LEU VA 847 47.69 -32.47 74.92
N PHE VA 848 48.68 -32.93 75.69
CA PHE VA 848 49.82 -32.07 76.00
C PHE VA 848 50.84 -32.06 74.87
N HIS VA 849 51.01 -33.19 74.17
CA HIS VA 849 51.99 -33.19 73.07
C HIS VA 849 51.48 -32.43 71.86
N ASN VA 850 50.20 -32.59 71.51
CA ASN VA 850 49.68 -31.87 70.34
C ASN VA 850 49.54 -30.37 70.59
N ALA VA 851 49.93 -29.89 71.77
CA ALA VA 851 49.95 -28.47 72.06
C ALA VA 851 51.37 -27.95 72.27
N CYS VA 852 52.38 -28.79 72.05
CA CYS VA 852 53.80 -28.45 72.18
C CYS VA 852 54.18 -27.97 73.56
N VAL VA 853 53.29 -28.10 74.55
CA VAL VA 853 53.57 -27.63 75.90
C VAL VA 853 54.48 -28.63 76.61
N ALA VA 854 55.51 -28.11 77.27
CA ALA VA 854 56.41 -28.93 78.07
C ALA VA 854 55.89 -28.99 79.50
N VAL VA 855 55.79 -30.20 80.03
CA VAL VA 855 55.24 -30.41 81.37
C VAL VA 855 56.07 -31.48 82.09
N ASP VA 856 56.19 -31.32 83.40
CA ASP VA 856 56.89 -32.30 84.22
C ASP VA 856 55.95 -33.44 84.60
N ALA VA 857 56.54 -34.61 84.83
CA ALA VA 857 55.75 -35.79 85.19
C ALA VA 857 55.06 -35.58 86.53
N ASP VA 858 55.80 -35.11 87.54
CA ASP VA 858 55.24 -34.92 88.87
C ASP VA 858 54.06 -33.97 88.85
N ALA VA 859 54.17 -32.88 88.08
CA ALA VA 859 53.05 -31.96 87.94
C ALA VA 859 51.82 -32.68 87.39
N MET VA 860 52.00 -33.44 86.30
CA MET VA 860 50.90 -34.21 85.74
C MET VA 860 50.31 -35.18 86.75
N LEU VA 861 51.12 -35.65 87.70
CA LEU VA 861 50.59 -36.52 88.75
C LEU VA 861 49.87 -35.74 89.84
N ILE VA 862 50.21 -34.46 90.05
CA ILE VA 862 49.60 -33.67 91.10
C ILE VA 862 48.09 -33.53 90.92
N LEU VA 863 47.59 -33.69 89.68
CA LEU VA 863 46.19 -33.44 89.38
C LEU VA 863 45.22 -34.35 90.14
N GLN VA 864 45.74 -35.24 90.99
CA GLN VA 864 44.86 -36.12 91.76
C GLN VA 864 44.08 -35.35 92.81
N GLU VA 865 44.65 -34.27 93.36
CA GLU VA 865 43.97 -33.52 94.42
C GLU VA 865 42.59 -33.05 93.99
N THR VA 866 42.36 -32.93 92.68
CA THR VA 866 41.02 -32.69 92.16
C THR VA 866 40.03 -33.71 92.69
N VAL VA 867 40.43 -34.99 92.74
CA VAL VA 867 39.47 -36.05 93.07
C VAL VA 867 38.96 -35.96 94.49
N THR VA 868 39.47 -35.02 95.28
CA THR VA 868 38.90 -34.72 96.58
C THR VA 868 37.84 -33.63 96.53
N ASN VA 869 37.83 -32.82 95.47
CA ASN VA 869 36.96 -31.65 95.34
C ASN VA 869 36.43 -31.62 93.92
N MET VA 870 35.22 -32.14 93.70
CA MET VA 870 34.65 -32.29 92.38
C MET VA 870 33.79 -31.08 92.02
N ALA VA 871 33.06 -31.20 90.91
CA ALA VA 871 32.10 -30.18 90.48
C ALA VA 871 30.97 -30.90 89.74
N GLU VA 872 29.73 -30.59 90.10
CA GLU VA 872 28.59 -31.36 89.60
C GLU VA 872 28.29 -31.05 88.13
N ARG VA 873 27.92 -29.81 87.84
CA ARG VA 873 27.43 -29.46 86.51
C ARG VA 873 27.33 -27.94 86.41
N THR VA 874 27.20 -27.45 85.19
CA THR VA 874 26.91 -26.03 84.96
C THR VA 874 25.42 -25.81 85.17
N THR VA 875 25.07 -25.01 86.18
CA THR VA 875 23.63 -24.89 86.23
C THR VA 875 23.19 -23.51 85.74
N PRO VA 876 22.06 -23.42 85.06
CA PRO VA 876 21.57 -22.10 84.63
C PRO VA 876 20.76 -21.41 85.72
N LEU VA 877 21.04 -20.12 85.89
CA LEU VA 877 20.34 -19.29 86.86
C LEU VA 877 19.46 -18.28 86.13
N LEU VA 878 18.36 -17.90 86.79
CA LEU VA 878 17.46 -16.86 86.29
C LEU VA 878 17.27 -15.87 87.44
N ALA VA 879 18.09 -14.83 87.46
CA ALA VA 879 17.99 -13.83 88.50
C ALA VA 879 16.74 -12.97 88.30
N SER VA 880 16.34 -12.28 89.36
CA SER VA 880 15.14 -11.45 89.32
C SER VA 880 15.28 -10.37 90.38
N VAL VA 881 14.71 -9.20 90.08
CA VAL VA 881 14.81 -8.05 90.98
C VAL VA 881 13.66 -7.10 90.66
N ALA VA 882 13.36 -6.22 91.60
CA ALA VA 882 12.51 -5.07 91.41
C ALA VA 882 13.36 -3.84 91.08
N PRO VA 883 12.79 -2.79 90.51
CA PRO VA 883 13.59 -1.60 90.20
C PRO VA 883 14.11 -0.93 91.47
N ASP VA 884 15.15 -0.12 91.29
CA ASP VA 884 15.89 0.43 92.41
C ASP VA 884 15.08 1.51 93.13
N ALA VA 885 15.70 2.09 94.16
CA ALA VA 885 15.03 3.14 94.94
C ALA VA 885 14.91 4.45 94.15
N GLY VA 886 15.72 4.62 93.11
CA GLY VA 886 15.64 5.82 92.29
C GLY VA 886 14.46 5.78 91.34
N MET VA 887 14.28 4.66 90.65
CA MET VA 887 13.09 4.44 89.83
C MET VA 887 12.08 3.62 90.63
N ALA VA 888 11.49 4.27 91.63
CA ALA VA 888 10.60 3.62 92.57
C ALA VA 888 9.21 4.23 92.58
N THR VA 889 8.80 4.91 91.51
CA THR VA 889 7.49 5.51 91.45
C THR VA 889 6.41 4.44 91.50
N VAL VA 890 5.27 4.79 92.11
CA VAL VA 890 4.17 3.84 92.25
C VAL VA 890 3.63 3.39 90.90
N ALA VA 891 3.87 4.17 89.84
CA ALA VA 891 3.46 3.74 88.51
C ALA VA 891 4.26 2.53 88.04
N THR VA 892 5.54 2.46 88.38
CA THR VA 892 6.43 1.39 87.95
C THR VA 892 6.74 0.43 89.09
N ARG VA 893 5.74 0.14 89.93
CA ARG VA 893 5.95 -0.75 91.06
C ARG VA 893 6.35 -2.16 90.61
N ASP VA 894 5.75 -2.63 89.52
CA ASP VA 894 5.86 -4.03 89.13
C ASP VA 894 6.64 -4.24 87.84
N MET VA 895 7.22 -3.18 87.28
CA MET VA 895 8.04 -3.30 86.07
C MET VA 895 9.41 -3.83 86.49
N ARG VA 896 9.49 -5.14 86.65
CA ARG VA 896 10.68 -5.82 87.13
C ARG VA 896 11.57 -6.23 85.96
N THR VA 897 12.82 -6.57 86.28
CA THR VA 897 13.79 -6.98 85.28
C THR VA 897 14.23 -8.41 85.54
N HIS VA 898 14.79 -9.03 84.51
CA HIS VA 898 15.19 -10.42 84.56
C HIS VA 898 16.49 -10.63 83.81
N ASP VA 899 17.34 -11.48 84.34
CA ASP VA 899 18.61 -11.82 83.71
C ASP VA 899 19.10 -13.12 84.31
N GLY VA 900 20.12 -13.70 83.68
CA GLY VA 900 20.60 -15.01 84.05
C GLY VA 900 22.11 -15.05 84.18
N SER VA 901 22.59 -16.20 84.65
CA SER VA 901 24.02 -16.47 84.77
C SER VA 901 24.20 -17.98 84.84
N LEU VA 902 25.46 -18.39 84.82
CA LEU VA 902 25.81 -19.80 84.87
C LEU VA 902 26.81 -20.05 86.00
N HIS VA 903 26.60 -21.14 86.73
CA HIS VA 903 27.55 -21.61 87.73
C HIS VA 903 28.47 -22.64 87.10
N HIS VA 904 29.75 -22.55 87.43
CA HIS VA 904 30.77 -23.47 86.91
C HIS VA 904 30.85 -23.47 85.40
N GLY VA 905 30.42 -22.40 84.74
CA GLY VA 905 30.48 -22.31 83.30
C GLY VA 905 31.88 -22.07 82.80
N LEU VA 906 31.98 -21.38 81.67
CA LEU VA 906 33.26 -21.03 81.08
C LEU VA 906 33.02 -20.04 79.95
N LEU VA 907 34.00 -19.17 79.72
CA LEU VA 907 33.91 -18.14 78.68
C LEU VA 907 35.01 -18.43 77.66
N MET VA 908 34.70 -19.17 76.62
CA MET VA 908 35.67 -19.48 75.58
C MET VA 908 35.75 -18.31 74.61
N MET VA 909 36.97 -18.00 74.17
CA MET VA 909 37.23 -16.79 73.40
C MET VA 909 37.23 -17.03 71.90
N ALA VA 910 38.12 -17.88 71.40
CA ALA VA 910 38.32 -18.07 69.98
C ALA VA 910 37.92 -19.48 69.60
N TYR VA 911 36.85 -19.59 68.83
CA TYR VA 911 36.33 -20.89 68.44
C TYR VA 911 37.12 -21.45 67.25
N GLN VA 912 37.14 -22.78 67.16
CA GLN VA 912 37.89 -23.49 66.12
C GLN VA 912 36.98 -24.50 65.43
N PRO VA 913 36.48 -24.19 64.24
CA PRO VA 913 35.64 -25.16 63.51
C PRO VA 913 36.44 -26.09 62.64
N ASN VA 914 37.68 -25.73 62.34
CA ASN VA 914 38.43 -26.30 61.23
C ASN VA 914 39.43 -27.36 61.67
N ASP VA 915 39.42 -27.74 62.94
CA ASP VA 915 40.33 -28.74 63.47
C ASP VA 915 39.67 -30.11 63.49
N ALA VA 916 40.49 -31.14 63.29
CA ALA VA 916 39.99 -32.51 63.30
C ALA VA 916 40.73 -33.39 64.29
N THR VA 917 41.72 -32.85 65.00
CA THR VA 917 42.46 -33.65 65.98
C THR VA 917 41.60 -34.06 67.17
N LEU VA 918 40.47 -33.40 67.38
CA LEU VA 918 39.54 -33.76 68.44
C LEU VA 918 38.12 -33.63 67.94
N LEU VA 919 37.20 -34.31 68.62
CA LEU VA 919 35.78 -34.14 68.35
C LEU VA 919 35.33 -32.76 68.83
N GLU VA 920 34.57 -32.06 67.99
CA GLU VA 920 34.22 -30.68 68.28
C GLU VA 920 33.29 -30.59 69.48
N GLY VA 921 32.10 -31.18 69.37
CA GLY VA 921 31.13 -31.08 70.44
C GLY VA 921 31.23 -32.21 71.44
N ALA VA 922 32.36 -32.30 72.12
CA ALA VA 922 32.61 -33.34 73.11
C ALA VA 922 32.69 -32.79 74.53
N PHE VA 923 33.55 -31.80 74.75
CA PHE VA 923 33.76 -31.25 76.09
C PHE VA 923 32.78 -30.13 76.42
N PHE VA 924 32.71 -29.12 75.56
CA PHE VA 924 31.95 -27.91 75.82
C PHE VA 924 30.83 -27.76 74.80
N TYR VA 925 29.67 -27.33 75.27
CA TYR VA 925 28.56 -26.99 74.40
C TYR VA 925 28.16 -25.53 74.61
N PRO VA 926 27.61 -24.87 73.60
CA PRO VA 926 27.29 -23.45 73.74
C PRO VA 926 26.04 -23.23 74.57
N ALA VA 927 26.08 -22.16 75.37
CA ALA VA 927 24.95 -21.72 76.17
C ALA VA 927 25.11 -20.23 76.47
N PRO VA 928 24.75 -19.36 75.53
CA PRO VA 928 24.93 -17.92 75.76
C PRO VA 928 23.96 -17.40 76.81
N VAL VA 929 24.41 -16.36 77.53
CA VAL VA 929 23.61 -15.78 78.59
C VAL VA 929 23.15 -14.36 78.28
N ASN VA 930 23.97 -13.56 77.59
CA ASN VA 930 23.62 -12.19 77.29
C ASN VA 930 24.04 -11.86 75.86
N ALA VA 931 23.64 -10.67 75.40
CA ALA VA 931 23.88 -10.28 74.02
C ALA VA 931 25.38 -10.19 73.71
N LEU VA 932 26.20 -9.85 74.70
CA LEU VA 932 27.64 -9.76 74.44
C LEU VA 932 28.25 -11.14 74.27
N PHE VA 933 27.85 -12.11 75.09
CA PHE VA 933 28.45 -13.44 75.08
C PHE VA 933 27.65 -14.39 74.20
N ALA VA 934 27.54 -14.02 72.91
CA ALA VA 934 26.81 -14.86 71.96
C ALA VA 934 27.35 -14.59 70.56
N CYS VA 935 28.22 -15.47 70.09
CA CYS VA 935 28.61 -15.49 68.68
C CYS VA 935 27.76 -16.52 67.95
N ALA VA 936 28.13 -16.85 66.72
CA ALA VA 936 27.40 -17.83 65.93
C ALA VA 936 28.20 -19.10 65.66
N ASP VA 937 29.50 -18.98 65.40
CA ASP VA 937 30.32 -20.17 65.16
C ASP VA 937 30.42 -21.06 66.38
N HIS VA 938 30.28 -20.51 67.59
CA HIS VA 938 30.22 -21.36 68.78
C HIS VA 938 29.05 -22.33 68.72
N LEU VA 939 27.95 -21.94 68.09
CA LEU VA 939 26.81 -22.83 67.91
C LEU VA 939 27.13 -24.00 67.00
N GLY VA 940 28.17 -23.89 66.17
CA GLY VA 940 28.60 -25.03 65.38
C GLY VA 940 28.97 -26.23 66.21
N ALA VA 941 29.47 -26.00 67.42
CA ALA VA 941 29.80 -27.09 68.33
C ALA VA 941 28.58 -27.85 68.82
N MET VA 942 27.38 -27.28 68.67
CA MET VA 942 26.17 -28.01 69.03
C MET VA 942 25.97 -29.19 68.09
N ARG VA 943 25.47 -30.29 68.65
CA ARG VA 943 25.41 -31.56 67.93
C ARG VA 943 24.11 -31.68 67.15
N ASP VA 944 24.22 -32.12 65.90
CA ASP VA 944 23.08 -32.42 65.03
C ASP VA 944 22.14 -31.24 64.90
N VAL VA 945 22.67 -30.15 64.33
CA VAL VA 945 21.89 -28.98 63.97
C VAL VA 945 22.30 -28.57 62.56
N GLY VA 946 21.33 -28.19 61.75
CA GLY VA 946 21.55 -27.95 60.33
C GLY VA 946 21.81 -26.51 59.98
N ALA VA 947 21.45 -26.15 58.75
CA ALA VA 947 21.61 -24.78 58.26
C ALA VA 947 20.26 -24.08 58.07
N GLU VA 948 19.16 -24.73 58.45
CA GLU VA 948 17.86 -24.08 58.45
C GLU VA 948 17.72 -23.06 59.57
N VAL VA 949 18.52 -23.21 60.63
CA VAL VA 949 18.48 -22.30 61.76
C VAL VA 949 19.79 -21.52 61.92
N ARG VA 950 20.92 -22.08 61.51
CA ARG VA 950 22.18 -21.35 61.61
C ARG VA 950 22.30 -20.29 60.53
N ALA VA 951 21.68 -20.48 59.36
CA ALA VA 951 21.77 -19.49 58.30
C ALA VA 951 20.97 -18.23 58.63
N ALA VA 952 20.12 -18.28 59.64
CA ALA VA 952 19.38 -17.11 60.11
C ALA VA 952 19.73 -16.79 61.56
N ALA VA 953 20.93 -17.17 61.99
CA ALA VA 953 21.36 -16.95 63.36
C ALA VA 953 22.65 -16.14 63.48
N GLN VA 954 23.32 -15.84 62.37
CA GLN VA 954 24.51 -15.00 62.42
C GLN VA 954 24.19 -13.51 62.49
N HIS VA 955 22.94 -13.15 62.75
CA HIS VA 955 22.52 -11.76 62.78
C HIS VA 955 21.82 -11.36 64.07
N VAL VA 956 21.08 -12.26 64.69
CA VAL VA 956 20.38 -12.00 65.95
C VAL VA 956 21.13 -12.70 67.06
N PRO VA 957 21.36 -12.06 68.20
CA PRO VA 957 21.92 -12.78 69.36
C PRO VA 957 20.98 -13.87 69.82
N CYS VA 958 21.50 -15.09 69.92
CA CYS VA 958 20.69 -16.30 70.06
C CYS VA 958 20.58 -16.76 71.51
N VAL VA 959 20.48 -15.82 72.45
CA VAL VA 959 20.29 -16.22 73.85
C VAL VA 959 19.02 -17.05 73.97
N PRO VA 960 19.00 -18.10 74.79
CA PRO VA 960 17.77 -18.88 74.94
C PRO VA 960 16.72 -18.13 75.74
N HIS VA 961 15.46 -18.47 75.49
CA HIS VA 961 14.35 -17.76 76.10
C HIS VA 961 14.09 -18.14 77.55
N PHE VA 962 15.00 -18.90 78.18
CA PHE VA 962 14.96 -19.12 79.62
C PHE VA 962 16.12 -18.44 80.32
N LEU VA 963 16.82 -17.53 79.63
CA LEU VA 963 17.90 -16.76 80.21
C LEU VA 963 17.72 -15.27 79.92
N GLY VA 964 16.51 -14.85 79.60
CA GLY VA 964 16.22 -13.44 79.37
C GLY VA 964 16.46 -13.00 77.94
N ALA VA 965 15.43 -12.42 77.32
CA ALA VA 965 15.59 -11.80 76.01
C ALA VA 965 16.21 -10.41 76.22
N ASN VA 966 16.29 -9.62 75.16
CA ASN VA 966 16.91 -8.31 75.24
C ASN VA 966 15.89 -7.19 75.47
N TYR VA 967 14.74 -7.53 76.06
CA TYR VA 967 13.80 -6.53 76.54
C TYR VA 967 13.61 -6.56 78.05
N TYR VA 968 13.93 -7.66 78.72
CA TYR VA 968 13.90 -7.73 80.17
C TYR VA 968 15.29 -7.77 80.79
N ALA VA 969 16.33 -7.95 79.99
CA ALA VA 969 17.69 -7.94 80.51
C ALA VA 969 18.09 -6.54 80.94
N THR VA 970 19.08 -6.48 81.82
CA THR VA 970 19.64 -5.21 82.27
C THR VA 970 20.83 -4.77 81.43
N VAL VA 971 21.23 -5.58 80.45
CA VAL VA 971 22.24 -5.19 79.46
C VAL VA 971 21.63 -5.53 78.10
N ARG VA 972 21.03 -4.53 77.46
CA ARG VA 972 20.20 -4.76 76.28
C ARG VA 972 21.09 -4.99 75.06
N GLN VA 973 20.45 -5.05 73.89
CA GLN VA 973 21.18 -5.31 72.65
C GLN VA 973 22.10 -4.17 72.23
N PRO VA 974 21.67 -2.91 72.21
CA PRO VA 974 22.49 -1.87 71.53
C PRO VA 974 23.90 -1.74 72.07
N VAL VA 975 24.11 -1.86 73.37
CA VAL VA 975 25.47 -1.75 73.92
C VAL VA 975 26.35 -2.86 73.37
N ALA VA 976 25.79 -4.06 73.19
CA ALA VA 976 26.55 -5.15 72.59
C ALA VA 976 26.94 -4.82 71.15
N GLN VA 977 26.00 -4.29 70.37
CA GLN VA 977 26.30 -3.93 68.99
C GLN VA 977 27.40 -2.87 68.94
N HIS VA 978 27.30 -1.85 69.77
CA HIS VA 978 28.36 -0.84 69.85
C HIS VA 978 29.71 -1.49 70.15
N ALA VA 979 29.75 -2.33 71.19
CA ALA VA 979 30.97 -3.05 71.51
C ALA VA 979 31.43 -3.96 70.38
N ALA VA 980 30.55 -4.29 69.43
CA ALA VA 980 30.91 -5.18 68.34
C ALA VA 980 31.44 -4.44 67.11
N GLN VA 981 30.95 -3.23 66.84
CA GLN VA 981 31.37 -2.51 65.65
C GLN VA 981 31.93 -1.13 66.00
N SER VA 982 32.58 -1.00 67.15
CA SER VA 982 33.30 0.21 67.47
C SER VA 982 34.40 0.47 66.44
N ARG VA 983 34.90 1.69 66.40
CA ARG VA 983 35.82 2.08 65.34
C ARG VA 983 37.21 1.51 65.57
N ALA VA 984 37.88 1.94 66.63
CA ALA VA 984 39.25 1.53 66.94
C ALA VA 984 39.56 1.95 68.36
N ASP VA 985 40.84 1.83 68.75
CA ASP VA 985 41.33 2.31 70.04
C ASP VA 985 40.65 1.56 71.19
N GLU VA 986 40.89 0.26 71.24
CA GLU VA 986 40.29 -0.60 72.26
C GLU VA 986 40.58 -0.12 73.68
N ASN VA 987 41.70 0.58 73.88
CA ASN VA 987 42.01 1.13 75.20
C ASN VA 987 40.91 2.08 75.66
N THR VA 988 40.68 3.15 74.91
CA THR VA 988 39.61 4.08 75.24
C THR VA 988 38.24 3.43 75.13
N LEU VA 989 38.11 2.35 74.37
CA LEU VA 989 36.84 1.62 74.31
C LEU VA 989 36.45 1.09 75.69
N SER VA 990 37.43 0.71 76.50
CA SER VA 990 37.13 0.26 77.87
C SER VA 990 36.48 1.38 78.67
N TYR VA 991 37.10 2.55 78.69
CA TYR VA 991 36.52 3.69 79.40
C TYR VA 991 35.15 4.05 78.84
N ALA VA 992 34.99 3.96 77.52
CA ALA VA 992 33.72 4.31 76.90
C ALA VA 992 32.62 3.35 77.35
N LEU VA 993 32.88 2.04 77.26
CA LEU VA 993 31.91 1.06 77.73
C LEU VA 993 31.58 1.26 79.20
N MET VA 994 32.61 1.54 80.02
CA MET VA 994 32.37 1.70 81.44
C MET VA 994 31.52 2.94 81.73
N ALA VA 995 31.83 4.07 81.10
CA ALA VA 995 31.03 5.27 81.26
C ALA VA 995 29.65 5.11 80.66
N GLY VA 996 29.47 4.14 79.77
CA GLY VA 996 28.14 3.84 79.28
C GLY VA 996 27.34 2.98 80.24
N TYR VA 997 27.80 2.88 81.50
CA TYR VA 997 27.14 2.04 82.51
C TYR VA 997 26.64 2.88 83.67
N PHE VA 998 26.20 4.11 83.42
CA PHE VA 998 25.65 4.97 84.46
C PHE VA 998 24.13 5.00 84.36
N LYS VA 999 23.48 5.00 85.52
CA LYS VA 999 22.03 4.88 85.57
C LYS VA 999 21.36 6.16 85.09
N MET VA 1000 20.08 6.02 84.75
CA MET VA 1000 19.24 7.14 84.31
C MET VA 1000 18.06 7.22 85.28
N SER VA 1001 18.27 7.94 86.38
CA SER VA 1001 17.29 8.06 87.45
C SER VA 1001 17.58 9.37 88.16
N PRO VA 1002 16.56 10.09 88.62
CA PRO VA 1002 16.81 11.42 89.22
C PRO VA 1002 17.91 11.43 90.28
N VAL VA 1003 17.90 10.46 91.19
CA VAL VA 1003 18.91 10.39 92.24
C VAL VA 1003 20.28 10.02 91.71
N ALA VA 1004 20.39 9.68 90.42
CA ALA VA 1004 21.67 9.49 89.76
C ALA VA 1004 22.07 10.65 88.87
N PHE VA 1005 21.10 11.30 88.21
CA PHE VA 1005 21.36 12.56 87.54
C PHE VA 1005 21.94 13.58 88.51
N THR VA 1006 21.37 13.66 89.73
CA THR VA 1006 21.83 14.64 90.70
C THR VA 1006 23.28 14.42 91.12
N HIS VA 1007 23.92 13.34 90.68
CA HIS VA 1007 25.36 13.15 90.79
C HIS VA 1007 26.06 13.43 89.46
N GLN VA 1008 25.61 12.75 88.41
CA GLN VA 1008 26.32 12.77 87.13
C GLN VA 1008 26.37 14.19 86.55
N LEU VA 1009 25.24 14.90 86.57
CA LEU VA 1009 25.22 16.28 86.10
C LEU VA 1009 26.19 17.13 86.90
N ARG VA 1010 26.14 17.03 88.23
CA ARG VA 1010 26.97 17.84 89.11
C ARG VA 1010 28.45 17.46 89.04
N ARG VA 1011 28.80 16.38 88.35
CA ARG VA 1011 30.21 16.05 88.16
C ARG VA 1011 30.64 16.12 86.69
N GLN VA 1012 29.84 16.74 85.83
CA GLN VA 1012 30.21 17.05 84.45
C GLN VA 1012 30.44 15.80 83.60
N LEU VA 1013 29.73 14.72 83.90
CA LEU VA 1013 29.67 13.56 83.00
C LEU VA 1013 28.54 13.85 82.04
N HIS VA 1014 28.88 14.21 80.81
CA HIS VA 1014 27.88 14.53 79.79
C HIS VA 1014 27.03 13.29 79.51
N PRO VA 1015 25.76 13.30 79.90
CA PRO VA 1015 24.91 12.12 79.72
C PRO VA 1015 24.39 12.02 78.29
N GLY VA 1016 23.59 11.00 78.04
CA GLY VA 1016 23.08 10.75 76.70
C GLY VA 1016 21.84 11.54 76.36
N PHE VA 1017 21.95 12.87 76.40
CA PHE VA 1017 20.86 13.76 76.01
C PHE VA 1017 21.45 14.93 75.25
N ALA VA 1018 20.58 15.81 74.77
CA ALA VA 1018 20.99 17.09 74.19
C ALA VA 1018 19.86 18.08 74.50
N LEU VA 1019 20.00 18.78 75.61
CA LEU VA 1019 18.91 19.61 76.09
C LEU VA 1019 18.71 20.83 75.19
N THR VA 1020 17.44 21.19 75.00
CA THR VA 1020 17.06 22.33 74.18
C THR VA 1020 16.48 23.41 75.09
N VAL VA 1021 17.10 24.58 75.09
CA VAL VA 1021 16.74 25.65 76.00
C VAL VA 1021 15.91 26.68 75.26
N VAL VA 1022 14.85 27.16 75.92
CA VAL VA 1022 13.98 28.20 75.38
C VAL VA 1022 13.62 29.16 76.51
N ARG VA 1023 13.21 30.36 76.13
CA ARG VA 1023 12.84 31.40 77.07
C ARG VA 1023 12.17 32.54 76.31
N GLN VA 1024 11.48 33.40 77.04
CA GLN VA 1024 10.73 34.50 76.46
C GLN VA 1024 11.25 35.82 77.01
N ASP VA 1025 11.39 36.81 76.13
CA ASP VA 1025 11.82 38.14 76.49
C ASP VA 1025 10.74 39.16 76.16
N ARG VA 1026 10.93 40.38 76.61
CA ARG VA 1026 9.98 41.46 76.40
C ARG VA 1026 10.74 42.76 76.16
N PHE VA 1027 10.57 43.34 74.99
CA PHE VA 1027 11.25 44.57 74.61
C PHE VA 1027 10.22 45.69 74.42
N ALA VA 1028 10.42 46.80 75.12
CA ALA VA 1028 9.53 47.93 75.04
C ALA VA 1028 9.93 48.82 73.88
N THR VA 1029 8.97 49.18 73.03
CA THR VA 1029 9.24 49.95 71.83
C THR VA 1029 8.32 51.16 71.77
N GLU VA 1030 8.86 52.24 71.21
CA GLU VA 1030 8.08 53.42 70.87
C GLU VA 1030 7.60 53.28 69.42
N ASN VA 1031 6.29 53.25 69.23
CA ASN VA 1031 5.71 52.92 67.95
C ASN VA 1031 5.16 54.18 67.27
N VAL VA 1032 4.64 54.02 66.05
CA VAL VA 1032 4.11 55.13 65.26
C VAL VA 1032 2.80 54.67 64.65
N LEU VA 1033 1.70 55.23 65.12
CA LEU VA 1033 0.36 54.83 64.70
C LEU VA 1033 -0.19 55.80 63.66
N PHE VA 1034 -1.01 55.26 62.76
CA PHE VA 1034 -1.70 56.06 61.76
C PHE VA 1034 -3.14 55.56 61.64
N ALA VA 1035 -4.06 56.49 61.39
CA ALA VA 1035 -5.46 56.17 61.20
C ALA VA 1035 -6.02 57.06 60.10
N GLU VA 1036 -7.13 56.61 59.52
CA GLU VA 1036 -7.69 57.32 58.37
C GLU VA 1036 -8.66 58.41 58.85
N LYS VA 1037 -9.25 59.12 57.88
CA LYS VA 1037 -9.98 60.35 58.17
C LYS VA 1037 -11.11 60.14 59.17
N ALA VA 1038 -11.82 59.01 59.07
CA ALA VA 1038 -12.91 58.73 60.00
C ALA VA 1038 -12.96 57.22 60.19
N SER VA 1039 -12.31 56.73 61.24
CA SER VA 1039 -12.15 55.30 61.44
C SER VA 1039 -12.79 54.79 62.72
N GLU VA 1040 -13.55 55.63 63.42
CA GLU VA 1040 -14.22 55.19 64.64
C GLU VA 1040 -15.54 55.94 64.78
N SER VA 1041 -16.65 55.23 64.65
CA SER VA 1041 -17.93 55.75 65.08
C SER VA 1041 -17.98 55.69 66.60
N TYR VA 1042 -18.28 56.82 67.23
CA TYR VA 1042 -18.04 57.01 68.66
C TYR VA 1042 -19.23 57.71 69.29
N PHE VA 1043 -19.69 57.20 70.43
CA PHE VA 1043 -20.91 57.64 71.07
C PHE VA 1043 -20.65 57.92 72.53
N MET VA 1044 -21.16 59.06 73.02
CA MET VA 1044 -21.03 59.46 74.41
C MET VA 1044 -22.39 59.41 75.09
N GLY VA 1045 -22.46 58.73 76.22
CA GLY VA 1045 -23.68 58.64 77.00
C GLY VA 1045 -23.96 59.92 77.77
N GLN VA 1046 -24.59 59.77 78.92
CA GLN VA 1046 -24.89 60.88 79.80
C GLN VA 1046 -24.24 60.65 81.16
N MET VA 1047 -23.61 61.69 81.69
CA MET VA 1047 -22.88 61.57 82.94
C MET VA 1047 -23.82 61.17 84.07
N GLN VA 1048 -23.36 60.24 84.90
CA GLN VA 1048 -24.16 59.75 86.02
C GLN VA 1048 -23.30 59.77 87.28
N VAL VA 1049 -23.95 60.04 88.42
CA VAL VA 1049 -23.28 60.13 89.70
C VAL VA 1049 -24.11 59.40 90.74
N ALA VA 1050 -23.47 59.01 91.84
CA ALA VA 1050 -24.16 58.33 92.93
C ALA VA 1050 -23.54 58.82 94.23
N ARG VA 1051 -24.17 59.81 94.85
CA ARG VA 1051 -23.67 60.33 96.12
C ARG VA 1051 -23.94 59.33 97.24
N THR VA 1052 -22.96 59.18 98.12
CA THR VA 1052 -23.10 58.32 99.29
C THR VA 1052 -22.10 58.77 100.34
N GLU VA 1053 -22.42 58.50 101.60
CA GLU VA 1053 -21.62 58.94 102.73
C GLU VA 1053 -20.81 57.79 103.28
N SER VA 1054 -19.53 58.04 103.55
CA SER VA 1054 -18.66 57.04 104.17
C SER VA 1054 -17.63 57.81 105.00
N GLY VA 1055 -17.83 57.81 106.32
CA GLY VA 1055 -16.93 58.53 107.21
C GLY VA 1055 -17.24 60.01 107.31
N GLY VA 1056 -18.45 60.34 107.75
CA GLY VA 1056 -18.82 61.71 107.98
C GLY VA 1056 -19.34 62.46 106.77
N GLY VA 1057 -18.45 62.74 105.81
CA GLY VA 1057 -18.78 63.58 104.68
C GLY VA 1057 -19.16 62.78 103.44
N LEU VA 1058 -19.56 63.52 102.41
CA LEU VA 1058 -19.99 62.92 101.16
C LEU VA 1058 -18.81 62.34 100.40
N HIS VA 1059 -19.12 61.46 99.45
CA HIS VA 1059 -18.14 60.93 98.52
C HIS VA 1059 -18.87 60.67 97.20
N LEU VA 1060 -18.80 61.65 96.30
CA LEU VA 1060 -19.42 61.49 95.00
C LEU VA 1060 -18.57 60.56 94.12
N GLN VA 1061 -19.17 60.11 93.02
CA GLN VA 1061 -18.46 59.28 92.05
C GLN VA 1061 -19.12 59.48 90.69
N LEU VA 1062 -18.49 60.29 89.85
CA LEU VA 1062 -18.99 60.50 88.51
C LEU VA 1062 -18.75 59.25 87.67
N THR VA 1063 -19.55 59.10 86.62
CA THR VA 1063 -19.54 57.92 85.77
C THR VA 1063 -20.24 58.27 84.46
N GLN VA 1064 -19.76 57.69 83.36
CA GLN VA 1064 -20.36 57.95 82.07
C GLN VA 1064 -20.16 56.76 81.15
N PRO VA 1065 -21.21 56.31 80.46
CA PRO VA 1065 -21.05 55.24 79.48
C PRO VA 1065 -20.71 55.78 78.10
N ARG VA 1066 -20.04 54.94 77.32
CA ARG VA 1066 -19.66 55.30 75.96
C ARG VA 1066 -19.38 54.02 75.18
N ALA VA 1067 -19.67 54.07 73.89
CA ALA VA 1067 -19.53 52.91 73.02
C ALA VA 1067 -18.86 53.32 71.73
N ASN VA 1068 -18.07 52.42 71.15
CA ASN VA 1068 -17.36 52.68 69.91
C ASN VA 1068 -17.39 51.44 69.05
N VAL VA 1069 -17.18 51.65 67.75
CA VAL VA 1069 -17.10 50.57 66.78
C VAL VA 1069 -16.35 51.08 65.56
N ASP VA 1070 -15.61 50.19 64.91
CA ASP VA 1070 -15.08 50.51 63.60
C ASP VA 1070 -16.23 50.74 62.62
N LEU VA 1071 -15.96 51.54 61.59
CA LEU VA 1071 -16.96 51.74 60.54
C LEU VA 1071 -16.34 51.64 59.15
N GLY VA 1072 -15.11 51.13 59.04
CA GLY VA 1072 -14.49 50.99 57.74
C GLY VA 1072 -14.15 49.55 57.39
N VAL VA 1073 -14.75 49.05 56.31
CA VAL VA 1073 -14.37 47.73 55.81
C VAL VA 1073 -12.91 47.78 55.39
N GLY VA 1074 -12.19 46.70 55.68
CA GLY VA 1074 -10.76 46.71 55.48
C GLY VA 1074 -10.06 47.48 56.58
N PHE VA 1075 -8.78 47.18 56.81
CA PHE VA 1075 -8.07 47.80 57.92
C PHE VA 1075 -7.95 49.30 57.73
N THR VA 1076 -8.06 50.04 58.83
CA THR VA 1076 -8.02 51.50 58.82
C THR VA 1076 -6.97 52.06 59.77
N ALA VA 1077 -6.01 51.24 60.19
CA ALA VA 1077 -5.00 51.68 61.14
C ALA VA 1077 -3.82 50.74 61.07
N ALA VA 1078 -2.62 51.31 61.24
CA ALA VA 1078 -1.39 50.51 61.19
C ALA VA 1078 -0.35 51.17 62.08
N TYR VA 1079 0.67 50.39 62.44
CA TYR VA 1079 1.81 50.91 63.19
C TYR VA 1079 3.07 50.19 62.75
N ALA VA 1080 4.22 50.85 62.95
CA ALA VA 1080 5.46 50.41 62.34
C ALA VA 1080 6.62 50.18 63.30
N ALA VA 1081 6.47 50.48 64.59
CA ALA VA 1081 7.47 50.19 65.60
C ALA VA 1081 8.81 50.84 65.25
N ALA VA 1082 8.80 52.18 65.27
CA ALA VA 1082 9.95 52.94 64.82
C ALA VA 1082 11.13 52.81 65.77
N ALA VA 1083 10.97 53.26 67.01
CA ALA VA 1083 12.10 53.35 67.92
C ALA VA 1083 12.31 52.02 68.64
N LEU VA 1084 13.20 52.03 69.64
CA LEU VA 1084 13.45 50.84 70.45
C LEU VA 1084 14.01 51.29 71.79
N ARG VA 1085 13.25 51.08 72.85
CA ARG VA 1085 13.71 51.36 74.20
C ARG VA 1085 14.57 50.19 74.70
N ALA VA 1086 14.89 50.20 75.98
CA ALA VA 1086 15.65 49.11 76.57
C ALA VA 1086 14.76 47.89 76.77
N PRO VA 1087 15.35 46.70 76.82
CA PRO VA 1087 14.55 45.50 77.15
C PRO VA 1087 13.96 45.62 78.54
N VAL VA 1088 12.63 45.60 78.61
CA VAL VA 1088 11.95 45.77 79.89
C VAL VA 1088 12.16 44.59 80.82
N THR VA 1089 12.63 43.46 80.29
CA THR VA 1089 12.97 42.31 81.10
C THR VA 1089 14.42 41.91 80.83
N ASP VA 1090 15.02 41.24 81.80
CA ASP VA 1090 16.36 40.72 81.63
C ASP VA 1090 16.36 39.58 80.61
N MET VA 1091 17.51 39.38 79.97
CA MET VA 1091 17.75 38.23 79.10
C MET VA 1091 18.67 37.21 79.77
N GLY VA 1092 18.68 37.18 81.10
CA GLY VA 1092 19.56 36.31 81.84
C GLY VA 1092 19.11 34.87 81.82
N ASN VA 1093 19.62 34.11 82.78
CA ASN VA 1093 19.28 32.70 82.95
C ASN VA 1093 18.66 32.49 84.32
N LEU VA 1094 17.66 31.63 84.36
CA LEU VA 1094 16.94 31.30 85.58
C LEU VA 1094 16.32 29.92 85.42
N PRO VA 1095 16.94 28.90 86.01
CA PRO VA 1095 16.47 27.52 85.77
C PRO VA 1095 15.11 27.28 86.39
N GLN VA 1096 14.15 26.90 85.55
CA GLN VA 1096 12.83 26.55 86.04
C GLN VA 1096 12.91 25.30 86.91
N ASN VA 1097 12.13 25.32 87.99
CA ASN VA 1097 11.97 24.14 88.83
C ASN VA 1097 10.58 23.56 88.63
N LEU VA 1098 10.43 22.28 88.95
CA LEU VA 1098 9.16 21.57 88.88
C LEU VA 1098 8.70 21.10 90.25
N PHE VA 1099 9.36 21.52 91.33
CA PHE VA 1099 8.89 21.24 92.68
C PHE VA 1099 7.86 22.25 93.15
N ALA VA 1100 7.23 22.97 92.23
CA ALA VA 1100 6.18 23.93 92.55
C ALA VA 1100 4.86 23.57 91.90
N THR VA 1101 4.80 22.52 91.10
CA THR VA 1101 3.58 22.11 90.41
C THR VA 1101 2.91 20.98 91.16
N ARG VA 1102 1.71 20.63 90.70
CA ARG VA 1102 0.91 19.57 91.29
C ARG VA 1102 0.55 18.55 90.21
N GLY VA 1103 -0.12 17.48 90.63
CA GLY VA 1103 -0.41 16.41 89.71
C GLY VA 1103 0.74 15.46 89.47
N ALA VA 1104 1.54 15.19 90.50
CA ALA VA 1104 2.72 14.36 90.38
C ALA VA 1104 2.64 13.20 91.36
N PRO VA 1105 2.76 11.96 90.90
CA PRO VA 1105 2.79 10.83 91.82
C PRO VA 1105 4.12 10.78 92.56
N PRO VA 1106 4.10 10.72 93.88
CA PRO VA 1106 5.34 10.80 94.64
C PRO VA 1106 6.14 9.51 94.59
N MET VA 1107 7.44 9.65 94.80
CA MET VA 1107 8.31 8.49 94.89
C MET VA 1107 7.94 7.65 96.11
N LEU VA 1108 8.06 6.33 95.98
CA LEU VA 1108 7.56 5.44 97.03
C LEU VA 1108 8.36 5.58 98.31
N ASP VA 1109 9.69 5.66 98.20
CA ASP VA 1109 10.54 5.76 99.37
C ASP VA 1109 10.40 7.14 100.00
N ALA VA 1110 9.95 7.18 101.26
CA ALA VA 1110 9.71 8.46 101.94
C ALA VA 1110 10.98 9.29 102.10
N ASP VA 1111 12.15 8.69 101.88
CA ASP VA 1111 13.41 9.41 102.01
C ASP VA 1111 13.97 9.88 100.68
N ALA VA 1112 13.69 9.14 99.59
CA ALA VA 1112 14.25 9.50 98.29
C ALA VA 1112 13.75 10.85 97.81
N ASP VA 1113 12.44 11.08 97.89
CA ASP VA 1113 11.88 12.34 97.41
C ASP VA 1113 12.37 13.52 98.26
N ASP VA 1114 12.47 13.32 99.58
CA ASP VA 1114 12.96 14.39 100.43
C ASP VA 1114 14.44 14.68 100.17
N TYR VA 1115 15.22 13.64 99.85
CA TYR VA 1115 16.61 13.85 99.45
C TYR VA 1115 16.69 14.65 98.16
N LEU VA 1116 15.82 14.34 97.19
CA LEU VA 1116 15.76 15.13 95.97
C LEU VA 1116 15.44 16.60 96.28
N ARG VA 1117 14.45 16.82 97.14
CA ARG VA 1117 14.10 18.19 97.52
C ARG VA 1117 15.27 18.90 98.18
N ARG VA 1118 15.99 18.21 99.06
CA ARG VA 1118 17.09 18.83 99.80
C ARG VA 1118 18.33 19.05 98.94
N THR VA 1119 18.49 18.33 97.83
CA THR VA 1119 19.59 18.58 96.92
C THR VA 1119 19.22 19.40 95.70
N VAL VA 1120 17.95 19.75 95.53
CA VAL VA 1120 17.59 20.65 94.43
C VAL VA 1120 17.48 22.11 94.90
N ASN VA 1121 16.77 22.37 95.99
CA ASN VA 1121 16.56 23.73 96.45
C ASN VA 1121 17.78 24.35 97.11
N ALA VA 1122 18.80 23.56 97.42
CA ALA VA 1122 19.98 24.09 98.09
C ALA VA 1122 20.80 24.93 97.12
N GLY VA 1123 20.56 26.23 97.12
CA GLY VA 1123 21.19 27.11 96.17
C GLY VA 1123 20.43 27.16 94.86
N ASN VA 1124 19.12 27.40 94.94
CA ASN VA 1124 18.28 27.47 93.76
C ASN VA 1124 17.17 28.48 94.03
N ARG VA 1125 17.12 29.53 93.23
CA ARG VA 1125 16.11 30.56 93.39
C ARG VA 1125 14.71 30.00 93.33
N LEU VA 1126 13.78 30.70 93.97
CA LEU VA 1126 12.34 30.66 93.74
C LEU VA 1126 11.71 29.29 93.96
N ALA VA 1127 12.47 28.26 94.30
CA ALA VA 1127 11.85 26.94 94.19
C ALA VA 1127 10.81 26.69 95.28
N PRO VA 1128 11.17 26.50 96.58
CA PRO VA 1128 10.14 26.28 97.60
C PRO VA 1128 9.80 27.47 98.48
N VAL VA 1129 8.53 27.61 98.85
CA VAL VA 1129 8.09 28.20 100.11
C VAL VA 1129 6.78 27.52 100.49
N PRO VA 1130 6.76 26.70 101.54
CA PRO VA 1130 5.52 26.04 101.97
C PRO VA 1130 4.61 26.94 102.78
N VAL VA 1131 4.43 28.18 102.32
CA VAL VA 1131 3.44 29.05 102.93
C VAL VA 1131 2.05 28.54 102.59
N PHE VA 1132 1.08 28.91 103.42
CA PHE VA 1132 -0.18 28.18 103.49
C PHE VA 1132 -0.93 28.27 102.16
N GLY VA 1133 -0.95 27.14 101.43
CA GLY VA 1133 -1.75 26.95 100.23
C GLY VA 1133 -1.38 27.91 99.11
N GLN VA 1134 -0.10 28.25 98.99
CA GLN VA 1134 0.32 29.15 97.91
C GLN VA 1134 1.42 28.59 97.03
N MET VA 1135 2.44 27.96 97.62
CA MET VA 1135 3.61 27.48 96.87
C MET VA 1135 4.20 28.61 96.03
N LEU VA 1136 4.49 29.73 96.69
CA LEU VA 1136 4.99 30.92 96.04
C LEU VA 1136 6.42 31.19 96.48
N PRO VA 1137 7.34 31.49 95.56
CA PRO VA 1137 8.72 31.78 95.96
C PRO VA 1137 8.81 32.99 96.89
N GLN VA 1138 9.73 32.90 97.84
CA GLN VA 1138 9.95 34.00 98.76
C GLN VA 1138 10.50 35.20 97.98
N VAL VA 1139 10.15 36.40 98.46
CA VAL VA 1139 10.54 37.60 97.71
C VAL VA 1139 12.04 37.77 97.77
N PRO VA 1140 12.71 38.01 96.65
CA PRO VA 1140 14.10 38.47 96.69
C PRO VA 1140 14.11 39.98 96.82
N ALA VA 1141 15.16 40.48 97.44
CA ALA VA 1141 15.32 41.92 97.63
C ALA VA 1141 16.46 42.36 96.73
N GLY VA 1142 16.21 43.41 95.95
CA GLY VA 1142 17.23 43.99 95.10
C GLY VA 1142 17.31 43.35 93.72
N LEU VA 1143 17.09 44.15 92.69
CA LEU VA 1143 17.25 43.72 91.31
C LEU VA 1143 18.00 44.78 90.53
N ALA VA 1144 19.08 44.38 89.87
CA ALA VA 1144 19.86 45.29 89.05
C ALA VA 1144 19.46 45.24 87.58
N ARG VA 1145 18.67 44.26 87.18
CA ARG VA 1145 18.15 44.15 85.83
C ARG VA 1145 16.68 43.76 85.92
N GLY VA 1146 16.01 43.78 84.76
CA GLY VA 1146 14.58 43.55 84.71
C GLY VA 1146 14.14 42.20 85.24
N GLN VA 1147 12.82 41.97 85.31
CA GLN VA 1147 12.30 40.72 85.84
C GLN VA 1147 12.86 39.54 85.04
N GLN VA 1148 13.71 38.75 85.68
CA GLN VA 1148 14.44 37.70 84.99
C GLN VA 1148 13.47 36.66 84.43
N SER VA 1149 13.74 36.21 83.21
CA SER VA 1149 12.85 35.29 82.53
C SER VA 1149 13.00 33.89 83.11
N VAL VA 1150 12.31 32.93 82.51
CA VAL VA 1150 12.33 31.55 82.94
C VAL VA 1150 12.80 30.70 81.76
N CYS VA 1151 13.77 29.83 82.00
CA CYS VA 1151 14.37 28.99 80.96
C CYS VA 1151 13.85 27.57 81.12
N GLU VA 1152 13.19 27.07 80.07
CA GLU VA 1152 12.67 25.71 80.04
C GLU VA 1152 13.78 24.73 79.66
N PHE VA 1153 13.41 23.46 79.48
CA PHE VA 1153 14.35 22.42 79.06
C PHE VA 1153 13.57 21.33 78.34
N ILE VA 1154 14.12 20.87 77.22
CA ILE VA 1154 13.49 19.84 76.40
C ILE VA 1154 14.58 18.88 75.95
N ALA VA 1155 14.44 17.60 76.27
CA ALA VA 1155 15.43 16.62 75.87
C ALA VA 1155 15.39 16.40 74.35
N THR VA 1156 16.51 15.92 73.81
CA THR VA 1156 16.68 15.75 72.38
C THR VA 1156 17.80 14.75 72.16
N PRO VA 1157 17.69 13.84 71.18
CA PRO VA 1157 18.80 12.95 70.88
C PRO VA 1157 20.06 13.73 70.50
N VAL VA 1158 21.21 13.11 70.77
CA VAL VA 1158 22.48 13.80 70.60
C VAL VA 1158 22.81 14.03 69.13
N SER VA 1159 22.42 13.10 68.26
CA SER VA 1159 22.78 13.18 66.85
C SER VA 1159 21.88 14.10 66.06
N VAL VA 1160 21.14 14.99 66.74
CA VAL VA 1160 20.30 15.96 66.03
C VAL VA 1160 21.17 16.87 65.18
N ASP VA 1161 20.68 17.20 63.98
CA ASP VA 1161 21.43 18.06 63.07
C ASP VA 1161 21.51 19.48 63.63
N LEU VA 1162 22.74 19.95 63.85
CA LEU VA 1162 22.94 21.30 64.36
C LEU VA 1162 22.40 22.35 63.39
N ALA VA 1163 22.41 22.05 62.10
CA ALA VA 1163 21.87 22.99 61.10
C ALA VA 1163 20.41 23.34 61.37
N TYR VA 1164 19.69 22.51 62.12
CA TYR VA 1164 18.29 22.79 62.42
C TYR VA 1164 18.11 24.02 63.30
N PHE VA 1165 19.17 24.51 63.94
CA PHE VA 1165 19.04 25.63 64.86
C PHE VA 1165 19.62 26.94 64.34
N ARG VA 1166 20.45 26.90 63.30
CA ARG VA 1166 21.06 28.12 62.77
C ARG VA 1166 19.99 29.12 62.34
N ARG VA 1167 19.19 28.75 61.35
CA ARG VA 1167 18.01 29.52 61.02
C ARG VA 1167 16.92 29.24 62.06
N ALA VA 1168 15.87 30.04 62.04
CA ALA VA 1168 14.78 29.85 62.98
C ALA VA 1168 14.17 28.46 62.83
N CYS VA 1169 13.63 27.95 63.93
CA CYS VA 1169 13.10 26.59 63.93
C CYS VA 1169 11.94 26.52 64.92
N ASN VA 1170 11.53 25.29 65.23
CA ASN VA 1170 10.49 24.97 66.19
C ASN VA 1170 11.04 24.01 67.23
N PRO VA 1171 10.73 24.21 68.51
CA PRO VA 1171 11.36 23.38 69.55
C PRO VA 1171 11.03 21.90 69.46
N ARG VA 1172 9.78 21.54 69.18
CA ARG VA 1172 9.41 20.13 69.19
C ARG VA 1172 10.06 19.37 68.03
N GLY VA 1173 10.17 19.99 66.87
CA GLY VA 1173 10.70 19.32 65.70
C GLY VA 1173 9.69 19.29 64.59
N ARG VA 1174 8.42 19.07 64.94
CA ARG VA 1174 7.32 19.22 64.00
C ARG VA 1174 6.86 20.67 64.03
N ALA VA 1175 7.00 21.36 62.90
CA ALA VA 1175 6.84 22.81 62.83
C ALA VA 1175 5.41 23.21 62.51
N ALA VA 1176 4.43 22.46 63.03
CA ALA VA 1176 3.05 22.55 62.56
C ALA VA 1176 2.50 23.97 62.62
N GLY VA 1177 2.35 24.52 63.83
CA GLY VA 1177 1.60 25.75 63.89
C GLY VA 1177 0.17 25.52 63.41
N GLU VA 1178 -0.46 26.59 62.95
CA GLU VA 1178 -1.79 26.47 62.35
C GLU VA 1178 -1.83 27.17 61.01
N VAL VA 1179 -0.99 28.19 60.85
CA VAL VA 1179 -1.06 29.05 59.66
C VAL VA 1179 -0.76 28.25 58.40
N HIS VA 1180 0.21 27.34 58.45
CA HIS VA 1180 0.55 26.50 57.30
C HIS VA 1180 0.35 25.05 57.72
N GLY VA 1181 -0.81 24.51 57.39
CA GLY VA 1181 -1.15 23.14 57.76
C GLY VA 1181 -2.53 23.03 58.35
N GLU VA 1182 -3.35 22.14 57.76
CA GLU VA 1182 -4.70 21.92 58.23
C GLU VA 1182 -4.67 21.16 59.57
N GLU VA 1183 -5.86 20.87 60.09
CA GLU VA 1183 -5.95 20.07 61.30
C GLU VA 1183 -5.58 18.62 60.98
N GLY VA 1184 -4.64 18.07 61.74
CA GLY VA 1184 -4.21 16.71 61.54
C GLY VA 1184 -2.72 16.59 61.25
N LEU VA 1185 -2.07 17.74 61.07
CA LEU VA 1185 -0.64 17.79 60.74
C LEU VA 1185 0.25 17.75 61.98
N MET VA 1186 -0.33 17.94 63.16
CA MET VA 1186 0.46 18.16 64.36
C MET VA 1186 0.90 16.89 65.06
N PHE VA 1187 0.09 15.83 65.03
CA PHE VA 1187 0.40 14.64 65.80
C PHE VA 1187 0.62 13.38 64.95
N ASP VA 1188 0.11 13.34 63.73
CA ASP VA 1188 0.39 12.22 62.84
C ASP VA 1188 1.88 12.17 62.51
N HIS VA 1189 2.32 11.00 62.07
CA HIS VA 1189 3.71 10.82 61.66
C HIS VA 1189 3.80 10.00 60.37
N SER VA 1190 2.91 10.29 59.42
CA SER VA 1190 3.03 9.82 58.06
C SER VA 1190 3.24 10.94 57.06
N HIS VA 1191 2.68 12.12 57.33
CA HIS VA 1191 2.93 13.30 56.54
C HIS VA 1191 4.18 13.98 57.08
N ALA VA 1192 5.15 14.21 56.19
CA ALA VA 1192 6.47 14.64 56.62
C ALA VA 1192 6.43 16.03 57.25
N ASP VA 1193 7.54 16.40 57.88
CA ASP VA 1193 7.68 17.69 58.51
C ASP VA 1193 7.56 18.79 57.45
N PRO VA 1194 6.58 19.69 57.56
CA PRO VA 1194 6.41 20.72 56.52
C PRO VA 1194 7.40 21.86 56.61
N ALA VA 1195 8.53 21.69 57.31
CA ALA VA 1195 9.62 22.66 57.27
C ALA VA 1195 10.94 22.04 56.79
N HIS VA 1196 11.16 20.75 57.04
CA HIS VA 1196 12.33 20.04 56.53
C HIS VA 1196 11.85 18.70 56.01
N PRO VA 1197 11.31 18.67 54.80
CA PRO VA 1197 10.54 17.51 54.35
C PRO VA 1197 11.34 16.22 54.18
N HIS VA 1198 12.64 16.23 54.47
CA HIS VA 1198 13.42 15.00 54.39
C HIS VA 1198 12.84 13.92 55.31
N ARG VA 1199 12.86 14.20 56.61
CA ARG VA 1199 12.32 13.32 57.63
C ARG VA 1199 10.85 13.62 57.84
N ALA VA 1200 10.27 13.06 58.90
CA ALA VA 1200 8.92 13.37 59.32
C ALA VA 1200 8.90 14.21 60.60
N THR VA 1201 9.75 13.88 61.55
CA THR VA 1201 9.96 14.67 62.75
C THR VA 1201 11.46 14.75 63.03
N ALA VA 1202 11.85 15.75 63.80
CA ALA VA 1202 13.25 15.95 64.15
C ALA VA 1202 13.55 15.58 65.60
N ASN VA 1203 12.58 15.07 66.34
CA ASN VA 1203 12.76 14.71 67.74
C ASN VA 1203 11.71 13.68 68.15
N PRO VA 1204 12.05 12.40 68.15
CA PRO VA 1204 11.06 11.37 68.55
C PRO VA 1204 10.64 11.46 70.00
N TRP VA 1205 11.22 12.35 70.80
CA TRP VA 1205 10.91 12.44 72.22
C TRP VA 1205 10.12 13.69 72.58
N ALA VA 1206 9.71 14.50 71.59
CA ALA VA 1206 8.95 15.70 71.88
C ALA VA 1206 7.82 15.97 70.89
N SER VA 1207 7.50 15.04 70.00
CA SER VA 1207 6.56 15.35 68.93
C SER VA 1207 5.34 14.45 68.92
N GLN VA 1208 5.49 13.16 69.16
CA GLN VA 1208 4.32 12.28 69.25
C GLN VA 1208 3.42 12.71 70.39
N ARG VA 1209 2.13 12.43 70.26
CA ARG VA 1209 1.22 12.64 71.37
C ARG VA 1209 1.62 11.76 72.55
N HIS VA 1210 1.38 12.26 73.75
CA HIS VA 1210 1.75 11.59 75.00
C HIS VA 1210 3.24 11.30 75.09
N SER VA 1211 4.06 12.05 74.37
CA SER VA 1211 5.51 11.92 74.53
C SER VA 1211 5.94 12.49 75.89
N TYR VA 1212 7.20 12.24 76.24
CA TYR VA 1212 7.73 12.76 77.51
C TYR VA 1212 7.61 14.27 77.56
N ALA VA 1213 8.25 14.95 76.59
CA ALA VA 1213 8.25 16.41 76.59
C ALA VA 1213 6.86 17.00 76.43
N ASP VA 1214 5.87 16.19 76.04
CA ASP VA 1214 4.51 16.71 75.89
C ASP VA 1214 3.75 16.70 77.20
N ARG VA 1215 3.93 15.66 78.02
CA ARG VA 1215 3.20 15.53 79.27
C ARG VA 1215 3.61 16.58 80.28
N LEU VA 1216 4.59 17.41 79.94
CA LEU VA 1216 5.04 18.48 80.82
C LEU VA 1216 4.51 19.85 80.42
N TYR VA 1217 4.15 20.05 79.16
CA TYR VA 1217 3.77 21.38 78.68
C TYR VA 1217 2.55 21.31 77.76
N ASN VA 1218 1.56 20.50 78.12
CA ASN VA 1218 0.33 20.42 77.34
C ASN VA 1218 -0.82 21.04 78.13
N GLY VA 1219 -1.72 21.69 77.40
CA GLY VA 1219 -2.75 22.51 78.02
C GLY VA 1219 -3.85 21.72 78.71
N GLN VA 1220 -4.05 20.47 78.33
CA GLN VA 1220 -5.15 19.67 78.87
C GLN VA 1220 -4.66 18.43 79.61
N TYR VA 1221 -3.40 18.45 80.06
CA TYR VA 1221 -2.89 17.42 80.96
C TYR VA 1221 -2.62 17.94 82.36
N ASN VA 1222 -2.57 19.27 82.54
CA ASN VA 1222 -2.71 19.94 83.83
C ASN VA 1222 -1.63 19.51 84.82
N MET VA 1223 -0.39 19.88 84.46
CA MET VA 1223 0.72 19.91 85.40
C MET VA 1223 1.19 21.35 85.57
N SER VA 1224 0.23 22.28 85.66
CA SER VA 1224 0.51 23.71 85.67
C SER VA 1224 0.90 24.16 87.07
N GLY VA 1225 2.04 24.86 87.16
CA GLY VA 1225 2.48 25.43 88.41
C GLY VA 1225 2.36 26.94 88.40
N PRO VA 1226 2.99 27.60 89.38
CA PRO VA 1226 2.88 29.05 89.47
C PRO VA 1226 3.74 29.79 88.45
N ALA VA 1227 4.94 29.27 88.20
CA ALA VA 1227 5.86 29.94 87.30
C ALA VA 1227 5.36 29.91 85.87
N TYR VA 1228 5.75 30.92 85.10
CA TYR VA 1228 5.40 30.94 83.68
C TYR VA 1228 6.23 29.90 82.93
N SER VA 1229 5.71 29.49 81.78
CA SER VA 1229 6.35 28.49 80.94
C SER VA 1229 6.37 29.01 79.50
N PRO VA 1230 7.52 29.48 79.01
CA PRO VA 1230 7.58 30.03 77.66
C PRO VA 1230 7.13 29.08 76.56
N CYS VA 1231 7.34 27.77 76.71
CA CYS VA 1231 6.98 26.81 75.68
C CYS VA 1231 5.56 26.29 75.82
N PHE VA 1232 4.77 26.85 76.74
CA PHE VA 1232 3.38 26.44 76.88
C PHE VA 1232 2.57 26.70 75.60
N LYS VA 1233 3.03 27.61 74.74
CA LYS VA 1233 2.30 27.96 73.54
C LYS VA 1233 2.81 27.23 72.30
N PHE VA 1234 3.65 26.23 72.47
CA PHE VA 1234 4.06 25.34 71.38
C PHE VA 1234 3.47 23.94 71.50
N PHE VA 1235 3.46 23.37 72.70
CA PHE VA 1235 2.90 22.05 72.93
C PHE VA 1235 1.44 22.10 73.34
N THR VA 1236 0.71 23.15 72.95
CA THR VA 1236 -0.72 23.29 73.25
C THR VA 1236 -1.46 23.52 71.94
N PRO VA 1237 -1.94 22.45 71.32
CA PRO VA 1237 -2.67 22.60 70.05
C PRO VA 1237 -4.10 23.07 70.24
N ALA VA 1238 -4.41 23.60 71.43
CA ALA VA 1238 -5.77 23.96 71.80
C ALA VA 1238 -6.46 24.87 70.78
N GLU VA 1239 -5.71 25.45 69.85
CA GLU VA 1239 -6.29 26.29 68.81
C GLU VA 1239 -7.09 25.45 67.81
N ALA VA 1240 -7.18 24.14 68.06
CA ALA VA 1240 -8.04 23.29 67.24
C ALA VA 1240 -9.51 23.67 67.39
N VAL VA 1241 -9.93 24.03 68.60
CA VAL VA 1241 -11.27 24.60 68.76
C VAL VA 1241 -11.30 26.06 68.36
N ALA VA 1242 -10.16 26.73 68.37
CA ALA VA 1242 -10.05 28.10 67.87
C ALA VA 1242 -9.73 28.11 66.37
N LYS VA 1243 -10.56 27.40 65.61
CA LYS VA 1243 -10.35 27.30 64.17
C LYS VA 1243 -10.50 28.67 63.51
N SER VA 1244 -9.96 28.79 62.30
CA SER VA 1244 -9.92 30.05 61.57
C SER VA 1244 -10.87 30.00 60.38
N ARG VA 1245 -11.55 31.11 60.15
CA ARG VA 1245 -12.28 31.32 58.90
C ARG VA 1245 -11.58 32.36 58.03
N GLY VA 1246 -10.30 32.62 58.29
CA GLY VA 1246 -9.53 33.56 57.49
C GLY VA 1246 -8.15 33.74 58.07
N LEU VA 1247 -7.25 34.25 57.24
CA LEU VA 1247 -5.91 34.56 57.69
C LEU VA 1247 -5.83 35.94 58.32
N ALA VA 1248 -6.62 36.89 57.81
CA ALA VA 1248 -6.62 38.25 58.35
C ALA VA 1248 -7.00 38.25 59.83
N ARG VA 1249 -7.82 37.29 60.26
CA ARG VA 1249 -8.12 37.16 61.69
C ARG VA 1249 -6.84 36.96 62.49
N LEU VA 1250 -5.99 36.03 62.06
CA LEU VA 1250 -4.72 35.82 62.75
C LEU VA 1250 -3.81 37.03 62.62
N ILE VA 1251 -3.81 37.68 61.46
CA ILE VA 1251 -2.99 38.89 61.28
C ILE VA 1251 -3.37 39.94 62.31
N ALA VA 1252 -4.66 40.24 62.43
CA ALA VA 1252 -5.12 41.23 63.39
C ALA VA 1252 -4.99 40.75 64.82
N ASP VA 1253 -4.94 39.44 65.05
CA ASP VA 1253 -4.80 38.92 66.40
C ASP VA 1253 -3.46 39.35 67.02
N THR VA 1254 -2.36 39.00 66.35
CA THR VA 1254 -1.06 39.48 66.78
C THR VA 1254 -1.02 40.99 66.74
N GLY VA 1255 -0.48 41.59 67.80
CA GLY VA 1255 -0.60 43.01 68.04
C GLY VA 1255 -1.79 43.39 68.90
N ALA VA 1256 -2.64 42.43 69.25
CA ALA VA 1256 -3.79 42.65 70.11
C ALA VA 1256 -3.96 41.50 71.10
N ALA VA 1257 -2.87 40.82 71.44
CA ALA VA 1257 -2.93 39.65 72.31
C ALA VA 1257 -2.81 40.04 73.76
N ALA VA 1258 -3.57 39.37 74.62
CA ALA VA 1258 -3.47 39.59 76.06
C ALA VA 1258 -2.16 38.99 76.57
N SER VA 1259 -1.43 39.77 77.35
CA SER VA 1259 -0.15 39.33 77.86
C SER VA 1259 -0.33 38.08 78.71
N PRO VA 1260 0.57 37.10 78.60
CA PRO VA 1260 0.53 35.93 79.50
C PRO VA 1260 1.42 36.04 80.71
N THR VA 1261 2.27 37.06 80.79
CA THR VA 1261 3.22 37.22 81.88
C THR VA 1261 2.69 38.20 82.93
N SER VA 1262 3.19 38.04 84.15
CA SER VA 1262 2.79 38.89 85.25
C SER VA 1262 3.55 40.21 85.17
N ASN VA 1263 3.45 41.02 86.22
CA ASN VA 1263 4.13 42.31 86.26
C ASN VA 1263 5.06 42.44 87.48
N GLY VA 1264 5.31 41.34 88.19
CA GLY VA 1264 6.07 41.37 89.42
C GLY VA 1264 7.57 41.25 89.20
N GLU VA 1265 8.24 40.72 90.23
CA GLU VA 1265 9.69 40.62 90.23
C GLU VA 1265 10.20 39.37 89.53
N TYR VA 1266 9.31 38.46 89.12
CA TYR VA 1266 9.69 37.32 88.31
C TYR VA 1266 8.74 37.20 87.12
N GLN VA 1267 8.85 36.12 86.35
CA GLN VA 1267 7.89 35.82 85.30
C GLN VA 1267 6.93 34.77 85.83
N PHE VA 1268 5.93 35.24 86.56
CA PHE VA 1268 4.90 34.36 87.11
C PHE VA 1268 3.84 34.09 86.06
N LYS VA 1269 2.75 33.45 86.47
CA LYS VA 1269 1.59 33.27 85.61
C LYS VA 1269 0.64 34.44 85.82
N ARG VA 1270 0.33 35.15 84.73
CA ARG VA 1270 -0.50 36.33 84.83
C ARG VA 1270 -1.93 35.95 85.19
N PRO VA 1271 -2.49 36.51 86.26
CA PRO VA 1271 -3.93 36.36 86.47
C PRO VA 1271 -4.70 37.01 85.34
N VAL VA 1272 -5.71 36.30 84.84
CA VAL VA 1272 -6.44 36.74 83.65
C VAL VA 1272 -7.11 38.09 83.85
N GLY VA 1273 -7.49 38.42 85.09
CA GLY VA 1273 -8.31 39.60 85.32
C GLY VA 1273 -7.67 40.91 84.93
N ALA VA 1274 -6.34 40.95 84.85
CA ALA VA 1274 -5.66 42.22 84.61
C ALA VA 1274 -5.78 42.65 83.15
N GLY VA 1275 -5.27 41.85 82.22
CA GLY VA 1275 -5.33 42.20 80.81
C GLY VA 1275 -4.24 43.17 80.39
N GLU VA 1276 -3.68 42.98 79.20
CA GLU VA 1276 -2.54 43.78 78.77
C GLU VA 1276 -2.38 43.66 77.25
N LEU VA 1277 -1.90 44.75 76.64
CA LEU VA 1277 -1.67 44.81 75.21
C LEU VA 1277 -0.28 44.28 74.88
N VAL VA 1278 -0.21 43.28 74.02
CA VAL VA 1278 1.05 42.62 73.67
C VAL VA 1278 1.02 42.22 72.21
N GLU VA 1279 2.15 42.40 71.52
CA GLU VA 1279 2.31 42.03 70.11
C GLU VA 1279 3.32 40.89 70.03
N ASP VA 1280 2.85 39.72 69.59
CA ASP VA 1280 3.67 38.52 69.53
C ASP VA 1280 3.67 37.87 68.15
N PRO VA 1281 4.66 38.16 67.32
CA PRO VA 1281 4.77 37.44 66.04
C PRO VA 1281 5.06 35.95 66.22
N CYS VA 1282 5.69 35.58 67.33
CA CYS VA 1282 6.02 34.18 67.58
C CYS VA 1282 4.79 33.29 67.53
N ALA VA 1283 3.72 33.68 68.22
CA ALA VA 1283 2.53 32.83 68.30
C ALA VA 1283 1.90 32.62 66.93
N LEU VA 1284 2.03 33.59 66.03
CA LEU VA 1284 1.52 33.41 64.67
C LEU VA 1284 2.27 32.32 63.93
N PHE VA 1285 3.60 32.31 64.04
CA PHE VA 1285 4.42 31.31 63.35
C PHE VA 1285 4.70 30.07 64.19
N GLN VA 1286 4.52 30.15 65.50
CA GLN VA 1286 4.94 29.10 66.42
C GLN VA 1286 6.40 28.73 66.16
N GLU VA 1287 7.26 29.73 66.37
CA GLU VA 1287 8.64 29.69 65.90
C GLU VA 1287 9.49 30.49 66.87
N ALA VA 1288 10.77 30.11 66.98
CA ALA VA 1288 11.69 30.78 67.87
C ALA VA 1288 12.99 31.09 67.14
N TYR VA 1289 13.60 32.22 67.51
CA TYR VA 1289 14.84 32.64 66.87
C TYR VA 1289 16.02 32.40 67.80
N PRO VA 1290 17.15 31.94 67.27
CA PRO VA 1290 18.31 31.69 68.11
C PRO VA 1290 19.08 32.97 68.36
N PRO VA 1291 19.56 33.18 69.58
CA PRO VA 1291 20.35 34.38 69.88
C PRO VA 1291 21.82 34.19 69.56
N LEU VA 1292 22.64 35.21 69.82
CA LEU VA 1292 24.08 35.07 69.63
C LEU VA 1292 24.66 34.19 70.73
N CYS VA 1293 24.73 32.89 70.48
CA CYS VA 1293 25.21 31.94 71.46
C CYS VA 1293 26.40 31.18 70.92
N ALA VA 1294 27.22 30.67 71.83
CA ALA VA 1294 28.39 29.89 71.48
C ALA VA 1294 28.51 28.74 72.45
N SER VA 1295 29.47 27.86 72.19
CA SER VA 1295 29.67 26.66 73.00
C SER VA 1295 30.98 26.71 73.79
N ASP VA 1296 31.69 27.84 73.73
CA ASP VA 1296 32.90 28.02 74.52
C ASP VA 1296 33.20 29.51 74.56
N SER VA 1297 33.35 30.05 75.78
CA SER VA 1297 33.54 31.49 75.95
C SER VA 1297 34.69 32.02 75.10
N ALA VA 1298 35.66 31.17 74.76
CA ALA VA 1298 36.75 31.60 73.89
C ALA VA 1298 36.24 31.97 72.50
N LEU VA 1299 35.22 31.28 72.01
CA LEU VA 1299 34.66 31.61 70.70
C LEU VA 1299 34.07 33.01 70.69
N LEU VA 1300 33.10 33.26 71.58
CA LEU VA 1300 32.50 34.59 71.70
C LEU VA 1300 33.54 35.55 72.25
N ARG VA 1301 34.06 36.44 71.41
CA ARG VA 1301 35.13 37.33 71.79
C ARG VA 1301 35.22 38.46 70.77
N THR VA 1302 36.04 39.46 71.07
CA THR VA 1302 36.16 40.61 70.18
C THR VA 1302 36.64 40.23 68.78
N PRO VA 1303 37.55 39.27 68.58
CA PRO VA 1303 37.71 38.73 67.22
C PRO VA 1303 36.49 37.91 66.83
N LEU VA 1304 36.05 38.06 65.59
CA LEU VA 1304 34.83 37.39 65.15
C LEU VA 1304 35.00 35.88 65.22
N GLY VA 1305 36.10 35.36 64.70
CA GLY VA 1305 36.35 33.94 64.69
C GLY VA 1305 35.49 33.21 63.67
N ALA VA 1306 36.02 32.09 63.19
CA ALA VA 1306 35.27 31.27 62.26
C ALA VA 1306 34.01 30.73 62.92
N GLU VA 1307 33.14 30.12 62.11
CA GLU VA 1307 31.86 29.66 62.63
C GLU VA 1307 32.03 28.42 63.49
N GLU VA 1308 32.85 27.48 63.03
CA GLU VA 1308 33.18 26.26 63.77
C GLU VA 1308 34.70 26.17 63.96
N HIS VA 1309 35.10 25.59 65.09
CA HIS VA 1309 36.50 25.32 65.37
C HIS VA 1309 36.79 23.84 65.55
N PHE VA 1310 36.04 23.18 66.43
CA PHE VA 1310 36.18 21.77 66.72
C PHE VA 1310 34.83 21.25 67.19
N ALA VA 1311 34.80 20.22 68.03
CA ALA VA 1311 33.57 19.78 68.67
C ALA VA 1311 32.72 20.93 69.17
N GLN VA 1312 33.36 22.06 69.54
CA GLN VA 1312 32.63 23.27 69.91
C GLN VA 1312 31.87 23.83 68.70
N TYR VA 1313 30.99 24.80 68.95
CA TYR VA 1313 30.22 25.36 67.86
C TYR VA 1313 29.71 26.75 68.25
N LEU VA 1314 29.47 27.57 67.24
CA LEU VA 1314 28.97 28.92 67.40
C LEU VA 1314 27.74 29.09 66.52
N ILE VA 1315 26.90 30.06 66.88
CA ILE VA 1315 25.63 30.29 66.20
C ILE VA 1315 25.44 31.79 66.00
N ARG VA 1316 25.34 32.20 64.74
CA ARG VA 1316 25.04 33.59 64.43
C ARG VA 1316 23.62 33.93 64.89
N ASP VA 1317 23.38 35.21 65.12
CA ASP VA 1317 22.11 35.68 65.67
C ASP VA 1317 21.20 36.10 64.50
N GLU VA 1318 20.13 35.34 64.30
CA GLU VA 1318 19.14 35.61 63.27
C GLU VA 1318 17.81 35.85 63.98
N SER VA 1319 17.59 37.09 64.38
CA SER VA 1319 16.39 37.47 65.11
C SER VA 1319 16.07 38.92 64.75
N PRO VA 1320 14.83 39.37 64.98
CA PRO VA 1320 14.48 40.74 64.60
C PRO VA 1320 15.25 41.81 65.36
N LEU VA 1321 16.18 41.38 66.22
CA LEU VA 1321 17.02 42.32 66.95
C LEU VA 1321 18.48 42.18 66.56
N LYS VA 1322 18.75 42.08 65.26
CA LYS VA 1322 20.12 42.04 64.78
C LYS VA 1322 20.87 43.35 65.01
N GLY VA 1323 20.20 44.38 65.50
CA GLY VA 1323 20.85 45.65 65.79
C GLY VA 1323 20.36 46.26 67.08
N MET WA 1 -13.52 36.32 -133.08
CA MET WA 1 -13.42 35.46 -134.25
C MET WA 1 -14.24 34.19 -134.06
N GLU WA 2 -15.51 34.27 -134.42
CA GLU WA 2 -16.40 33.12 -134.41
C GLU WA 2 -17.03 32.96 -135.78
N VAL WA 3 -17.28 31.72 -136.18
CA VAL WA 3 -17.85 31.43 -137.49
C VAL WA 3 -19.02 30.48 -137.32
N ASP WA 4 -20.03 30.67 -138.15
CA ASP WA 4 -21.19 29.79 -138.21
C ASP WA 4 -21.15 28.96 -139.48
N ILE WA 5 -21.93 27.89 -139.48
CA ILE WA 5 -22.06 27.01 -140.64
C ILE WA 5 -23.53 26.95 -141.02
N ALA WA 6 -23.80 27.08 -142.31
CA ALA WA 6 -25.18 27.01 -142.80
C ALA WA 6 -25.65 25.56 -142.80
N LEU WA 7 -26.78 25.31 -142.16
CA LEU WA 7 -27.36 23.97 -142.09
C LEU WA 7 -28.49 23.85 -143.09
N PRO WA 8 -28.46 22.88 -143.99
CA PRO WA 8 -29.63 22.64 -144.86
C PRO WA 8 -30.79 22.03 -144.09
N THR WA 9 -31.93 21.90 -144.74
CA THR WA 9 -33.15 21.38 -144.13
C THR WA 9 -33.04 19.87 -143.98
N LEU WA 10 -32.62 19.40 -142.79
CA LEU WA 10 -32.38 17.96 -142.68
C LEU WA 10 -33.65 17.18 -142.41
N SER WA 11 -34.20 17.28 -141.18
CA SER WA 11 -35.41 16.57 -140.76
C SER WA 11 -35.74 16.88 -139.31
N PRO WA 12 -36.91 16.51 -138.80
CA PRO WA 12 -37.04 16.36 -137.35
C PRO WA 12 -36.28 15.14 -136.87
N GLY WA 13 -35.91 15.15 -135.60
CA GLY WA 13 -35.18 14.05 -135.02
C GLY WA 13 -33.69 14.02 -135.35
N ASP WA 14 -33.34 14.02 -136.63
CA ASP WA 14 -31.92 14.00 -137.01
C ASP WA 14 -31.22 15.26 -136.54
N LEU WA 15 -31.87 16.41 -136.68
CA LEU WA 15 -31.36 17.65 -136.09
C LEU WA 15 -31.02 17.45 -134.62
N SER WA 16 -31.80 16.62 -133.91
CA SER WA 16 -31.50 16.36 -132.51
C SER WA 16 -30.25 15.50 -132.36
N ALA WA 17 -30.08 14.50 -133.22
CA ALA WA 17 -28.85 13.74 -133.21
C ALA WA 17 -27.64 14.65 -133.42
N LEU WA 18 -27.80 15.67 -134.26
CA LEU WA 18 -26.69 16.61 -134.47
C LEU WA 18 -26.47 17.48 -133.25
N GLN WA 19 -27.54 18.03 -132.66
CA GLN WA 19 -27.36 18.91 -131.51
C GLN WA 19 -26.73 18.15 -130.35
N ARG WA 20 -26.92 16.83 -130.31
CA ARG WA 20 -26.20 16.04 -129.32
C ARG WA 20 -24.72 15.91 -129.65
N CYS WA 21 -24.27 16.41 -130.80
CA CYS WA 21 -22.84 16.55 -131.07
C CYS WA 21 -22.51 18.05 -131.03
N GLU WA 22 -22.23 18.55 -129.83
CA GLU WA 22 -22.09 19.97 -129.60
C GLU WA 22 -20.71 20.38 -129.10
N GLY WA 23 -19.74 19.48 -129.11
CA GLY WA 23 -18.43 19.82 -128.60
C GLY WA 23 -17.29 19.30 -129.44
N ARG WA 24 -17.59 18.54 -130.48
CA ARG WA 24 -16.57 17.92 -131.29
C ARG WA 24 -16.05 18.90 -132.34
N VAL WA 25 -14.84 18.63 -132.80
CA VAL WA 25 -14.13 19.53 -133.70
C VAL WA 25 -14.50 19.20 -135.14
N VAL WA 26 -14.43 20.22 -135.99
CA VAL WA 26 -14.56 20.06 -137.44
C VAL WA 26 -13.59 21.01 -138.10
N PHE WA 27 -13.04 20.59 -139.24
CA PHE WA 27 -11.96 21.32 -139.87
C PHE WA 27 -12.50 22.20 -140.99
N LEU WA 28 -12.47 23.51 -140.79
CA LEU WA 28 -12.82 24.45 -141.83
C LEU WA 28 -11.74 24.45 -142.91
N GLU WA 29 -11.92 25.30 -143.92
CA GLU WA 29 -10.93 25.45 -144.98
C GLU WA 29 -10.30 26.83 -144.98
N THR WA 30 -11.11 27.88 -145.07
CA THR WA 30 -10.61 29.24 -145.06
C THR WA 30 -11.44 30.06 -144.07
N LEU WA 31 -10.76 30.87 -143.27
CA LEU WA 31 -11.40 31.58 -142.17
C LEU WA 31 -12.29 32.67 -142.74
N ARG WA 32 -13.49 32.28 -143.14
CA ARG WA 32 -14.50 33.19 -143.66
C ARG WA 32 -15.76 33.06 -142.83
N ARG WA 33 -16.43 34.18 -142.61
CA ARG WA 33 -17.57 34.22 -141.72
C ARG WA 33 -18.79 33.46 -142.24
N HIS WA 34 -18.70 32.79 -143.39
CA HIS WA 34 -19.86 32.03 -143.89
C HIS WA 34 -19.35 30.82 -144.66
N ALA WA 35 -19.58 29.64 -144.09
CA ALA WA 35 -19.27 28.38 -144.76
C ALA WA 35 -20.45 27.43 -144.58
N THR WA 36 -20.57 26.48 -145.50
CA THR WA 36 -21.73 25.61 -145.57
C THR WA 36 -21.38 24.22 -145.07
N LEU WA 37 -22.43 23.44 -144.77
CA LEU WA 37 -22.21 22.08 -144.26
C LEU WA 37 -21.53 21.22 -145.31
N ARG WA 38 -21.95 21.35 -146.57
CA ARG WA 38 -21.37 20.55 -147.63
C ARG WA 38 -19.86 20.70 -147.69
N GLU WA 39 -19.34 21.81 -147.21
CA GLU WA 39 -17.90 22.05 -147.25
C GLU WA 39 -17.17 21.20 -146.21
N VAL WA 40 -17.63 21.24 -144.96
CA VAL WA 40 -16.93 20.57 -143.86
C VAL WA 40 -17.47 19.14 -143.77
N ALA WA 41 -16.96 18.28 -144.63
CA ALA WA 41 -17.43 16.90 -144.66
C ALA WA 41 -16.47 16.07 -145.51
N LEU WA 42 -16.21 14.85 -145.05
CA LEU WA 42 -15.29 13.94 -145.70
C LEU WA 42 -15.99 12.58 -145.83
N PRO WA 43 -15.60 11.75 -146.79
CA PRO WA 43 -16.11 10.37 -146.81
C PRO WA 43 -15.78 9.70 -145.48
N CYS WA 44 -16.76 9.01 -144.89
CA CYS WA 44 -16.60 8.62 -143.48
C CYS WA 44 -15.77 7.33 -143.37
N GLY WA 45 -15.54 6.66 -144.49
CA GLY WA 45 -14.54 5.61 -144.54
C GLY WA 45 -13.47 5.97 -145.55
N GLY WA 46 -12.26 6.29 -145.07
CA GLY WA 46 -11.22 6.76 -145.97
C GLY WA 46 -9.82 6.44 -145.46
N ASP WA 47 -8.85 6.77 -146.31
CA ASP WA 47 -7.45 6.54 -145.98
C ASP WA 47 -7.01 7.42 -144.83
N VAL WA 48 -6.61 6.80 -143.72
CA VAL WA 48 -6.28 7.56 -142.52
C VAL WA 48 -5.06 8.45 -142.76
N LEU WA 49 -4.13 8.03 -143.62
CA LEU WA 49 -2.97 8.86 -143.90
C LEU WA 49 -3.36 10.12 -144.66
N ALA WA 50 -4.22 9.98 -145.68
CA ALA WA 50 -4.71 11.14 -146.39
C ALA WA 50 -5.48 12.07 -145.46
N ALA WA 51 -6.28 11.49 -144.55
CA ALA WA 51 -7.00 12.31 -143.58
C ALA WA 51 -6.02 13.07 -142.69
N MET WA 52 -4.95 12.42 -142.28
CA MET WA 52 -3.95 13.09 -141.45
C MET WA 52 -3.28 14.21 -142.22
N ALA WA 53 -3.01 14.01 -143.51
CA ALA WA 53 -2.44 15.07 -144.33
C ALA WA 53 -3.40 16.24 -144.44
N ALA WA 54 -4.69 15.96 -144.59
CA ALA WA 54 -5.69 17.02 -144.66
C ALA WA 54 -5.80 17.77 -143.34
N TYR WA 55 -5.64 17.07 -142.22
CA TYR WA 55 -5.76 17.70 -140.91
C TYR WA 55 -4.74 18.76 -140.66
N ARG WA 56 -3.78 18.96 -141.56
CA ARG WA 56 -2.80 20.03 -141.41
C ARG WA 56 -3.01 21.16 -142.38
N ARG WA 57 -3.61 20.91 -143.53
CA ARG WA 57 -3.89 21.93 -144.52
C ARG WA 57 -5.11 22.74 -144.17
N ARG WA 58 -5.65 22.54 -142.98
CA ARG WA 58 -6.90 23.17 -142.57
C ARG WA 58 -6.73 23.77 -141.18
N PHE WA 59 -7.76 24.48 -140.75
CA PHE WA 59 -7.81 25.06 -139.41
C PHE WA 59 -8.84 24.31 -138.58
N ALA WA 60 -8.45 23.93 -137.37
CA ALA WA 60 -9.39 23.30 -136.46
C ALA WA 60 -10.47 24.32 -136.06
N ALA WA 61 -11.59 23.78 -135.59
CA ALA WA 61 -12.70 24.61 -135.13
C ALA WA 61 -13.66 23.74 -134.34
N VAL WA 62 -14.04 24.21 -133.15
CA VAL WA 62 -14.89 23.45 -132.24
C VAL WA 62 -16.30 24.01 -132.32
N ILE WA 63 -17.28 23.12 -132.33
CA ILE WA 63 -18.67 23.49 -132.55
C ILE WA 63 -19.27 24.02 -131.24
N THR WA 64 -19.73 25.26 -131.27
CA THR WA 64 -20.50 25.82 -130.17
C THR WA 64 -21.98 25.57 -130.45
N ARG WA 65 -22.87 26.28 -129.74
CA ARG WA 65 -24.31 26.03 -129.80
C ARG WA 65 -24.80 25.79 -131.21
N VAL WA 66 -25.59 24.73 -131.38
CA VAL WA 66 -26.23 24.40 -132.64
C VAL WA 66 -27.71 24.74 -132.54
N THR WA 67 -28.25 25.23 -133.65
CA THR WA 67 -29.65 25.62 -133.72
C THR WA 67 -30.16 25.26 -135.10
N PRO WA 68 -31.47 25.03 -135.26
CA PRO WA 68 -32.02 24.63 -136.57
C PRO WA 68 -31.52 25.46 -137.74
N HIS WA 69 -31.16 26.72 -137.51
CA HIS WA 69 -30.67 27.57 -138.59
C HIS WA 69 -29.20 27.30 -138.90
N ARG WA 70 -28.32 27.58 -137.94
CA ARG WA 70 -26.89 27.47 -138.18
C ARG WA 70 -26.24 26.84 -136.96
N MET WA 71 -24.91 26.72 -137.00
CA MET WA 71 -24.14 26.27 -135.85
C MET WA 71 -22.83 27.02 -135.84
N LEU WA 72 -22.57 27.75 -134.76
CA LEU WA 72 -21.35 28.54 -134.66
C LEU WA 72 -20.16 27.62 -134.40
N ALA WA 73 -18.97 28.19 -134.58
CA ALA WA 73 -17.74 27.42 -134.37
C ALA WA 73 -16.62 28.39 -134.06
N THR WA 74 -15.73 27.98 -133.14
CA THR WA 74 -14.60 28.78 -132.76
C THR WA 74 -13.32 28.12 -133.26
N PRO WA 75 -12.49 28.80 -134.03
CA PRO WA 75 -11.22 28.21 -134.47
C PRO WA 75 -10.24 28.14 -133.31
N LEU WA 76 -9.24 27.28 -133.48
CA LEU WA 76 -8.28 27.01 -132.40
C LEU WA 76 -6.97 27.77 -132.59
N GLY WA 77 -6.29 27.56 -133.71
CA GLY WA 77 -4.97 28.12 -133.94
C GLY WA 77 -4.92 29.63 -133.77
N VAL WA 78 -5.58 30.35 -134.67
CA VAL WA 78 -5.66 31.79 -134.54
C VAL WA 78 -6.47 32.14 -133.28
N GLY WA 79 -6.17 33.30 -132.72
CA GLY WA 79 -6.89 33.80 -131.57
C GLY WA 79 -5.98 34.49 -130.60
N GLY WA 80 -6.60 35.13 -129.60
CA GLY WA 80 -5.85 35.86 -128.61
C GLY WA 80 -6.37 35.55 -127.21
N ARG WA 81 -5.48 35.72 -126.24
CA ARG WA 81 -5.73 35.53 -124.81
C ARG WA 81 -6.11 34.10 -124.46
N GLY WA 82 -6.09 33.18 -125.42
CA GLY WA 82 -6.42 31.78 -125.17
C GLY WA 82 -7.74 31.59 -124.45
N GLN WA 83 -8.82 32.11 -125.03
CA GLN WA 83 -10.14 31.96 -124.42
C GLN WA 83 -10.49 30.48 -124.31
N SER WA 84 -11.11 30.11 -123.20
CA SER WA 84 -11.46 28.73 -122.97
C SER WA 84 -12.69 28.36 -123.78
N LEU WA 85 -12.99 27.06 -123.80
CA LEU WA 85 -14.13 26.55 -124.54
C LEU WA 85 -14.37 25.10 -124.14
N VAL WA 86 -15.64 24.72 -124.04
CA VAL WA 86 -15.97 23.35 -123.70
C VAL WA 86 -15.62 22.46 -124.88
N LEU WA 87 -15.16 21.24 -124.57
CA LEU WA 87 -14.74 20.31 -125.60
C LEU WA 87 -15.21 18.91 -125.20
N GLN WA 88 -15.98 18.27 -126.07
CA GLN WA 88 -16.47 16.93 -125.79
C GLN WA 88 -15.39 15.91 -126.09
N ASN WA 89 -15.08 15.06 -125.10
CA ASN WA 89 -14.09 14.00 -125.30
C ASN WA 89 -14.70 12.85 -126.06
N THR WA 90 -13.99 12.40 -127.09
CA THR WA 90 -14.44 11.29 -127.92
C THR WA 90 -13.38 10.20 -128.02
N GLY WA 91 -12.38 10.21 -127.14
CA GLY WA 91 -11.36 9.20 -127.14
C GLY WA 91 -11.86 7.90 -126.55
N PRO WA 92 -11.19 6.80 -126.88
CA PRO WA 92 -11.60 5.50 -126.31
C PRO WA 92 -11.48 5.47 -124.80
N PHE WA 93 -10.29 5.74 -124.27
CA PHE WA 93 -10.04 5.80 -122.84
C PHE WA 93 -10.02 7.25 -122.39
N ASP WA 94 -10.44 7.48 -121.16
CA ASP WA 94 -10.63 8.84 -120.65
C ASP WA 94 -9.29 9.55 -120.47
N LEU WA 95 -9.37 10.82 -120.08
CA LEU WA 95 -8.21 11.63 -119.80
C LEU WA 95 -8.46 12.43 -118.53
N THR WA 96 -7.39 12.73 -117.81
CA THR WA 96 -7.48 13.37 -116.52
C THR WA 96 -7.16 14.86 -116.62
N ASN WA 97 -7.13 15.53 -115.49
CA ASN WA 97 -6.83 16.96 -115.46
C ASN WA 97 -5.37 17.21 -115.78
N GLY WA 98 -5.10 18.33 -116.44
CA GLY WA 98 -3.74 18.77 -116.67
C GLY WA 98 -2.90 17.83 -117.49
N ASP WA 99 -3.31 17.60 -118.73
CA ASP WA 99 -2.49 16.86 -119.68
C ASP WA 99 -2.84 17.34 -121.08
N HIS WA 100 -1.84 17.36 -121.95
CA HIS WA 100 -2.02 17.89 -123.29
C HIS WA 100 -2.81 16.88 -124.12
N VAL WA 101 -3.71 17.39 -124.96
CA VAL WA 101 -4.56 16.56 -125.79
C VAL WA 101 -4.16 16.76 -127.25
N CYS WA 102 -4.39 15.75 -128.07
CA CYS WA 102 -4.07 15.86 -129.49
C CYS WA 102 -5.15 15.20 -130.32
N LEU WA 103 -5.12 15.51 -131.61
CA LEU WA 103 -6.16 15.10 -132.55
C LEU WA 103 -5.60 14.01 -133.46
N VAL WA 104 -6.32 12.90 -133.54
CA VAL WA 104 -6.02 11.84 -134.51
C VAL WA 104 -7.33 11.35 -135.10
N PRO WA 105 -7.28 10.87 -136.34
CA PRO WA 105 -8.48 10.33 -136.97
C PRO WA 105 -8.98 9.10 -136.23
N PRO WA 106 -10.18 8.62 -136.53
CA PRO WA 106 -10.65 7.40 -135.88
C PRO WA 106 -9.88 6.19 -136.37
N LEU WA 107 -8.70 5.98 -135.79
CA LEU WA 107 -7.81 4.90 -136.23
C LEU WA 107 -8.50 3.54 -136.15
N LEU WA 108 -9.12 3.25 -135.02
CA LEU WA 108 -9.76 1.96 -134.80
C LEU WA 108 -11.13 1.96 -135.48
N GLY WA 109 -11.96 0.97 -135.14
CA GLY WA 109 -13.31 0.88 -135.66
C GLY WA 109 -14.03 2.21 -135.70
N ASP WA 110 -14.36 2.66 -136.90
CA ASP WA 110 -14.83 4.03 -137.10
C ASP WA 110 -16.23 4.22 -136.50
N GLU WA 111 -16.56 5.48 -136.26
CA GLU WA 111 -17.90 5.86 -135.81
C GLU WA 111 -18.27 7.13 -136.55
N CYS WA 112 -18.90 6.98 -137.71
CA CYS WA 112 -19.34 8.08 -138.54
C CYS WA 112 -20.71 8.54 -138.05
N LEU WA 113 -20.94 9.83 -138.11
CA LEU WA 113 -22.29 10.36 -137.99
C LEU WA 113 -22.84 10.56 -139.39
N ARG WA 114 -24.01 9.99 -139.66
CA ARG WA 114 -24.57 9.93 -141.00
C ARG WA 114 -25.95 10.60 -141.00
N LEU WA 115 -26.08 11.69 -141.76
CA LEU WA 115 -27.35 12.36 -141.98
C LEU WA 115 -28.02 11.76 -143.20
N THR WA 116 -29.15 11.08 -142.98
CA THR WA 116 -29.78 10.36 -144.07
C THR WA 116 -30.38 11.32 -145.10
N SER WA 117 -31.12 12.33 -144.65
CA SER WA 117 -31.90 13.15 -145.57
C SER WA 117 -31.00 14.13 -146.33
N ALA WA 118 -30.07 14.76 -145.64
CA ALA WA 118 -29.11 15.64 -146.30
C ALA WA 118 -28.28 14.91 -147.34
N ASN WA 119 -28.02 13.62 -147.12
CA ASN WA 119 -27.14 12.81 -147.96
C ASN WA 119 -25.69 13.29 -147.85
N LEU WA 120 -25.25 13.46 -146.60
CA LEU WA 120 -23.87 13.82 -146.28
C LEU WA 120 -23.50 13.23 -144.94
N GLU WA 121 -22.24 12.82 -144.80
CA GLU WA 121 -21.71 12.22 -143.58
C GLU WA 121 -20.54 13.04 -143.06
N LEU WA 122 -20.29 12.92 -141.76
CA LEU WA 122 -19.27 13.70 -141.07
C LEU WA 122 -18.31 12.79 -140.33
N ARG WA 123 -17.06 13.25 -140.20
CA ARG WA 123 -16.02 12.56 -139.46
C ARG WA 123 -15.61 13.40 -138.26
N PHE WA 124 -15.56 12.78 -137.09
CA PHE WA 124 -15.16 13.46 -135.88
C PHE WA 124 -13.93 12.79 -135.27
N PRO WA 125 -12.77 13.44 -135.31
CA PRO WA 125 -11.54 12.77 -134.87
C PRO WA 125 -11.46 12.63 -133.36
N MET WA 126 -10.72 11.60 -132.93
CA MET WA 126 -10.59 11.34 -131.51
C MET WA 126 -9.70 12.36 -130.84
N THR WA 127 -9.80 12.42 -129.51
CA THR WA 127 -9.03 13.36 -128.69
C THR WA 127 -8.26 12.55 -127.65
N LEU WA 128 -6.97 12.40 -127.87
CA LEU WA 128 -6.18 11.55 -126.98
C LEU WA 128 -5.17 12.36 -126.19
N PRO WA 129 -4.83 11.94 -124.98
CA PRO WA 129 -3.65 12.50 -124.31
C PRO WA 129 -2.41 12.25 -125.15
N LEU WA 130 -1.41 13.10 -124.95
CA LEU WA 130 -0.23 13.12 -125.82
C LEU WA 130 0.49 11.77 -125.85
N ALA WA 131 0.86 11.26 -124.68
CA ALA WA 131 1.63 10.03 -124.60
C ALA WA 131 0.86 8.89 -125.27
N GLN WA 132 -0.36 8.64 -124.81
CA GLN WA 132 -1.14 7.54 -125.36
C GLN WA 132 -1.47 7.75 -126.82
N ALA WA 133 -1.55 9.01 -127.28
CA ALA WA 133 -1.72 9.25 -128.70
C ALA WA 133 -0.48 8.79 -129.47
N ARG WA 134 0.70 9.10 -128.94
CA ARG WA 134 1.92 8.58 -129.54
C ARG WA 134 1.96 7.06 -129.51
N GLU WA 135 1.30 6.44 -128.52
CA GLU WA 135 1.38 5.01 -128.30
C GLU WA 135 0.38 4.18 -129.11
N LEU WA 136 -0.84 4.67 -129.31
CA LEU WA 136 -1.90 3.85 -129.89
C LEU WA 136 -1.61 3.51 -131.34
N THR WA 137 -1.10 4.48 -132.10
CA THR WA 137 -0.76 4.21 -133.49
C THR WA 137 0.34 3.16 -133.58
N ALA WA 138 1.34 3.23 -132.69
CA ALA WA 138 2.36 2.21 -132.65
C ALA WA 138 1.77 0.85 -132.34
N ARG WA 139 0.81 0.80 -131.41
CA ARG WA 139 0.13 -0.44 -131.08
C ARG WA 139 -0.53 -1.05 -132.31
N VAL WA 140 -1.29 -0.25 -133.05
CA VAL WA 140 -2.06 -0.81 -134.16
C VAL WA 140 -1.14 -1.21 -135.32
N VAL WA 141 -0.08 -0.43 -135.57
CA VAL WA 141 0.81 -0.81 -136.67
C VAL WA 141 1.63 -2.03 -136.28
N ALA WA 142 1.93 -2.19 -134.99
CA ALA WA 142 2.58 -3.41 -134.54
C ALA WA 142 1.67 -4.63 -134.74
N ARG WA 143 0.37 -4.48 -134.45
CA ARG WA 143 -0.54 -5.58 -134.71
C ARG WA 143 -0.58 -5.93 -136.19
N ALA WA 144 -0.62 -4.92 -137.06
CA ALA WA 144 -0.66 -5.18 -138.49
C ALA WA 144 0.63 -5.86 -138.96
N ALA WA 145 1.77 -5.41 -138.44
CA ALA WA 145 3.04 -6.04 -138.82
C ALA WA 145 3.11 -7.48 -138.32
N GLU WA 146 2.53 -7.76 -137.14
CA GLU WA 146 2.51 -9.13 -136.66
C GLU WA 146 1.64 -10.02 -137.53
N THR WA 147 0.43 -9.57 -137.85
CA THR WA 147 -0.41 -10.38 -138.74
C THR WA 147 0.14 -10.42 -140.17
N LEU WA 148 1.12 -9.58 -140.50
CA LEU WA 148 1.68 -9.60 -141.84
C LEU WA 148 2.54 -10.83 -142.09
N ARG WA 149 3.33 -11.25 -141.10
CA ARG WA 149 4.30 -12.31 -141.30
C ARG WA 149 3.80 -13.69 -140.88
N GLY WA 150 2.55 -13.80 -140.44
CA GLY WA 150 1.99 -15.10 -140.12
C GLY WA 150 2.55 -15.77 -138.90
N GLY WA 151 3.12 -15.00 -137.97
CA GLY WA 151 3.68 -15.58 -136.77
C GLY WA 151 2.65 -16.04 -135.77
N ALA WA 152 2.99 -16.01 -134.48
CA ALA WA 152 2.06 -16.40 -133.44
C ALA WA 152 0.83 -15.49 -133.47
N PRO WA 153 -0.35 -16.02 -133.12
CA PRO WA 153 -1.59 -15.23 -133.26
C PRO WA 153 -1.60 -13.97 -132.41
N ALA WA 154 -1.45 -14.14 -131.11
CA ALA WA 154 -1.48 -13.01 -130.20
C ALA WA 154 -1.06 -13.49 -128.82
N ARG WA 155 -0.35 -12.63 -128.12
CA ARG WA 155 0.09 -12.93 -126.78
C ARG WA 155 -0.65 -12.12 -125.75
N GLY WA 156 -1.75 -11.47 -126.16
CA GLY WA 156 -2.50 -10.58 -125.30
C GLY WA 156 -1.99 -9.16 -125.29
N ALA WA 157 -1.21 -8.77 -126.30
CA ALA WA 157 -0.62 -7.45 -126.36
C ALA WA 157 -1.60 -6.39 -126.83
N ASP WA 158 -2.83 -6.76 -127.17
CA ASP WA 158 -3.82 -5.80 -127.63
C ASP WA 158 -4.58 -5.18 -126.46
N VAL WA 159 -3.83 -4.70 -125.47
CA VAL WA 159 -4.39 -4.04 -124.29
C VAL WA 159 -3.57 -2.79 -124.03
N VAL WA 160 -4.25 -1.75 -123.56
CA VAL WA 160 -3.60 -0.50 -123.16
C VAL WA 160 -4.18 -0.09 -121.82
N PHE WA 161 -3.31 0.20 -120.86
CA PHE WA 161 -3.71 0.64 -119.54
C PHE WA 161 -3.65 2.16 -119.48
N SER WA 162 -4.69 2.77 -118.90
CA SER WA 162 -4.72 4.22 -118.74
C SER WA 162 -5.74 4.58 -117.67
N ASN WA 163 -5.26 5.17 -116.56
CA ASN WA 163 -6.12 5.65 -115.49
C ASN WA 163 -7.00 4.53 -114.94
N GLY WA 164 -6.35 3.53 -114.35
CA GLY WA 164 -7.05 2.44 -113.72
C GLY WA 164 -7.45 1.32 -114.67
N ARG WA 165 -8.39 1.61 -115.57
CA ARG WA 165 -8.95 0.58 -116.43
C ARG WA 165 -7.94 0.19 -117.51
N ARG WA 166 -8.35 -0.78 -118.33
CA ARG WA 166 -7.57 -1.25 -119.47
C ARG WA 166 -8.49 -1.39 -120.67
N TYR WA 167 -8.05 -0.85 -121.80
CA TYR WA 167 -8.86 -0.88 -123.01
C TYR WA 167 -8.66 -2.20 -123.75
N GLN WA 168 -9.70 -2.61 -124.47
CA GLN WA 168 -9.70 -3.92 -125.11
C GLN WA 168 -9.04 -3.92 -126.48
N LEU WA 169 -8.95 -2.78 -127.14
CA LEU WA 169 -8.41 -2.71 -128.50
C LEU WA 169 -9.15 -3.68 -129.42
N PRO WA 170 -10.35 -3.33 -129.87
CA PRO WA 170 -11.22 -4.28 -130.59
C PRO WA 170 -10.50 -4.98 -131.73
N PRO WA 171 -11.00 -6.14 -132.15
CA PRO WA 171 -10.32 -6.89 -133.20
C PRO WA 171 -10.23 -6.06 -134.46
N PRO WA 172 -9.28 -6.37 -135.34
CA PRO WA 172 -9.12 -5.58 -136.56
C PRO WA 172 -10.17 -5.97 -137.60
N HIS WA 173 -10.23 -5.14 -138.64
CA HIS WA 173 -11.05 -5.39 -139.82
C HIS WA 173 -12.52 -5.60 -139.47
N ARG WA 174 -12.96 -5.03 -138.34
CA ARG WA 174 -14.36 -5.14 -137.97
C ARG WA 174 -15.22 -4.44 -139.02
N ASP WA 175 -15.12 -3.12 -139.15
CA ASP WA 175 -15.77 -2.44 -140.28
C ASP WA 175 -14.84 -2.39 -141.49
N ASN WA 176 -13.77 -1.59 -141.41
CA ASN WA 176 -12.75 -1.55 -142.45
C ASN WA 176 -11.36 -1.28 -141.88
N ALA WA 177 -11.13 -1.66 -140.62
CA ALA WA 177 -9.88 -1.29 -139.94
C ALA WA 177 -8.66 -1.77 -140.72
N GLU WA 178 -8.77 -2.90 -141.40
CA GLU WA 178 -7.65 -3.39 -142.20
C GLU WA 178 -7.38 -2.47 -143.39
N ALA WA 179 -8.43 -1.92 -144.00
CA ALA WA 179 -8.27 -1.16 -145.22
C ALA WA 179 -7.93 0.30 -144.96
N ALA WA 180 -8.59 0.92 -143.98
CA ALA WA 180 -8.39 2.34 -143.73
C ALA WA 180 -7.00 2.64 -143.22
N THR WA 181 -6.31 1.66 -142.65
CA THR WA 181 -5.01 1.87 -142.00
C THR WA 181 -3.87 1.19 -142.72
N ARG WA 182 -4.08 0.69 -143.93
CA ARG WA 182 -3.06 -0.11 -144.61
C ARG WA 182 -1.92 0.78 -145.11
N SER WA 183 -2.25 1.89 -145.75
CA SER WA 183 -1.21 2.75 -146.33
C SER WA 183 -0.30 3.30 -145.24
N LEU WA 184 -0.86 3.61 -144.07
CA LEU WA 184 -0.03 4.06 -142.96
C LEU WA 184 0.96 2.98 -142.54
N VAL WA 185 0.47 1.76 -142.33
CA VAL WA 185 1.33 0.65 -141.96
C VAL WA 185 2.46 0.50 -142.96
N LEU WA 186 2.12 0.52 -144.25
CA LEU WA 186 3.14 0.31 -145.27
C LEU WA 186 4.15 1.44 -145.28
N ASN WA 187 3.66 2.69 -145.30
CA ASN WA 187 4.54 3.86 -145.33
C ASN WA 187 5.45 3.92 -144.11
N MET WA 188 5.04 3.31 -143.00
CA MET WA 188 5.90 3.34 -141.81
C MET WA 188 6.93 2.22 -141.84
N ILE WA 189 6.48 0.98 -142.07
CA ILE WA 189 7.42 -0.14 -142.02
C ILE WA 189 8.44 -0.03 -143.15
N PHE WA 190 7.99 0.39 -144.33
CA PHE WA 190 8.93 0.53 -145.44
C PHE WA 190 9.97 1.59 -145.13
N LEU WA 191 9.55 2.68 -144.48
CA LEU WA 191 10.49 3.76 -144.20
C LEU WA 191 11.52 3.35 -143.15
N LEU WA 192 11.08 2.65 -142.10
CA LEU WA 192 12.06 2.20 -141.10
C LEU WA 192 13.05 1.22 -141.71
N ASN WA 193 12.54 0.27 -142.49
CA ASN WA 193 13.38 -0.66 -143.24
C ASN WA 193 14.40 0.08 -144.09
N GLU WA 194 13.94 1.08 -144.84
CA GLU WA 194 14.83 1.84 -145.71
C GLU WA 194 15.92 2.54 -144.91
N GLY WA 195 15.53 3.27 -143.87
CA GLY WA 195 16.53 3.98 -143.09
C GLY WA 195 17.59 3.04 -142.53
N ALA WA 196 17.16 1.89 -142.02
CA ALA WA 196 18.11 0.94 -141.44
C ALA WA 196 19.09 0.44 -142.49
N VAL WA 197 18.58 0.04 -143.66
CA VAL WA 197 19.48 -0.51 -144.67
C VAL WA 197 20.41 0.56 -145.21
N ILE WA 198 19.93 1.81 -145.35
CA ILE WA 198 20.82 2.87 -145.80
C ILE WA 198 21.95 3.06 -144.80
N LEU WA 199 21.60 3.21 -143.52
CA LEU WA 199 22.61 3.26 -142.47
C LEU WA 199 23.64 2.16 -142.66
N LEU WA 200 23.19 0.93 -142.72
CA LEU WA 200 24.11 -0.20 -142.75
C LEU WA 200 24.97 -0.18 -144.00
N SER WA 201 24.45 0.35 -145.11
CA SER WA 201 25.26 0.48 -146.31
C SER WA 201 26.32 1.57 -146.16
N LEU WA 202 25.99 2.64 -145.43
CA LEU WA 202 26.95 3.73 -145.27
C LEU WA 202 28.14 3.33 -144.42
N ILE WA 203 27.91 2.55 -143.35
CA ILE WA 203 28.99 2.07 -142.50
C ILE WA 203 28.96 0.54 -142.51
N PRO WA 204 29.95 -0.11 -143.08
CA PRO WA 204 29.87 -1.57 -143.29
C PRO WA 204 29.93 -2.42 -142.02
N ASN WA 205 30.94 -2.20 -141.17
CA ASN WA 205 31.30 -3.16 -140.14
C ASN WA 205 30.61 -2.89 -138.81
N LEU WA 206 29.43 -2.29 -138.81
CA LEU WA 206 28.79 -1.94 -137.55
C LEU WA 206 28.40 -3.19 -136.77
N LEU WA 207 27.60 -4.06 -137.38
CA LEU WA 207 27.04 -5.20 -136.65
C LEU WA 207 28.11 -6.19 -136.23
N THR WA 208 29.22 -6.24 -136.96
CA THR WA 208 30.28 -7.20 -136.70
C THR WA 208 31.27 -6.72 -135.63
N LEU WA 209 31.03 -5.55 -135.04
CA LEU WA 209 31.92 -5.02 -134.01
C LEU WA 209 31.61 -5.70 -132.68
N GLY WA 210 32.32 -5.31 -131.63
CA GLY WA 210 32.08 -5.86 -130.32
C GLY WA 210 30.69 -5.56 -129.82
N ALA WA 211 29.92 -6.60 -129.51
CA ALA WA 211 28.54 -6.42 -129.06
C ALA WA 211 28.44 -5.79 -127.68
N GLN WA 212 29.56 -5.65 -126.97
CA GLN WA 212 29.56 -5.01 -125.66
C GLN WA 212 30.64 -3.95 -125.50
N ASP WA 213 31.69 -3.95 -126.32
CA ASP WA 213 32.72 -2.91 -126.26
C ASP WA 213 32.81 -2.14 -127.57
N GLY WA 214 33.00 -2.82 -128.70
CA GLY WA 214 33.22 -2.11 -129.95
C GLY WA 214 32.04 -1.26 -130.36
N TYR WA 215 30.83 -1.83 -130.30
CA TYR WA 215 29.63 -1.06 -130.57
C TYR WA 215 29.52 0.12 -129.61
N ALA WA 216 29.62 -0.15 -128.32
CA ALA WA 216 29.55 0.91 -127.33
C ALA WA 216 30.64 1.94 -127.56
N ASN WA 217 31.85 1.49 -127.91
CA ASN WA 217 32.93 2.44 -128.13
C ASN WA 217 32.64 3.35 -129.31
N ALA WA 218 32.11 2.78 -130.40
CA ALA WA 218 31.74 3.60 -131.55
C ALA WA 218 30.71 4.63 -131.15
N VAL WA 219 29.69 4.22 -130.39
CA VAL WA 219 28.62 5.16 -130.02
C VAL WA 219 29.17 6.27 -129.13
N ILE WA 220 30.01 5.92 -128.15
CA ILE WA 220 30.47 6.93 -127.21
C ILE WA 220 31.49 7.85 -127.85
N GLN WA 221 32.24 7.36 -128.84
CA GLN WA 221 33.17 8.25 -129.52
C GLN WA 221 32.47 9.12 -130.56
N LEU WA 222 31.37 8.65 -131.12
CA LEU WA 222 30.60 9.50 -132.03
C LEU WA 222 29.87 10.60 -131.26
N GLY WA 223 29.16 10.22 -130.18
CA GLY WA 223 28.45 11.23 -129.40
C GLY WA 223 29.36 12.30 -128.84
N SER WA 224 30.58 11.93 -128.48
CA SER WA 224 31.60 12.87 -128.05
C SER WA 224 32.27 13.48 -129.28
N ALA WA 225 33.45 14.09 -129.07
CA ALA WA 225 34.11 14.84 -130.13
C ALA WA 225 34.38 13.95 -131.35
N THR WA 226 34.85 14.59 -132.42
CA THR WA 226 34.69 14.14 -133.79
C THR WA 226 35.87 13.31 -134.29
N ARG WA 227 36.47 12.46 -133.45
CA ARG WA 227 37.51 11.56 -133.94
C ARG WA 227 37.01 10.80 -135.17
N GLU WA 228 35.94 10.01 -135.00
CA GLU WA 228 35.19 9.45 -136.13
C GLU WA 228 36.10 8.72 -137.12
N LEU WA 229 37.21 8.18 -136.63
CA LEU WA 229 38.29 7.64 -137.45
C LEU WA 229 38.81 8.69 -138.44
N GLY WA 230 38.35 9.93 -138.28
CA GLY WA 230 38.34 10.85 -139.40
C GLY WA 230 37.10 10.57 -140.22
N GLN WA 231 37.28 9.86 -141.33
CA GLN WA 231 36.17 9.46 -142.19
C GLN WA 231 35.83 7.99 -141.90
N LEU WA 232 35.19 7.76 -140.76
CA LEU WA 232 34.72 6.41 -140.41
C LEU WA 232 33.80 5.85 -141.49
N VAL WA 233 32.92 6.68 -142.04
CA VAL WA 233 32.11 6.28 -143.17
C VAL WA 233 33.03 5.98 -144.35
N ARG WA 234 33.01 4.73 -144.80
CA ARG WA 234 33.87 4.30 -145.89
C ARG WA 234 33.30 4.81 -147.21
N GLN WA 235 34.20 5.21 -148.11
CA GLN WA 235 33.79 5.70 -149.41
C GLN WA 235 33.13 4.58 -150.22
N PRO WA 236 31.83 4.65 -150.45
CA PRO WA 236 31.16 3.61 -151.22
C PRO WA 236 31.70 3.56 -152.63
N PRO WA 237 31.57 2.43 -153.31
CA PRO WA 237 32.15 2.29 -154.65
C PRO WA 237 31.44 3.20 -155.64
N PRO WA 238 32.16 3.74 -156.62
CA PRO WA 238 31.56 4.65 -157.59
C PRO WA 238 30.52 3.93 -158.44
N PRO WA 239 29.50 4.63 -158.92
CA PRO WA 239 28.43 3.97 -159.66
C PRO WA 239 28.72 3.79 -161.14
N LEU WA 240 27.73 3.28 -161.86
CA LEU WA 240 27.83 2.93 -163.27
C LEU WA 240 27.81 4.19 -164.13
N PRO WA 241 27.84 4.06 -165.48
CA PRO WA 241 27.87 5.26 -166.32
C PRO WA 241 26.58 6.07 -166.32
N GLN WA 242 25.70 5.81 -165.35
CA GLN WA 242 24.51 6.59 -165.01
C GLN WA 242 23.35 6.32 -165.93
N ASP WA 243 23.52 5.49 -166.96
CA ASP WA 243 22.44 5.08 -167.83
C ASP WA 243 22.13 3.59 -167.72
N HIS WA 244 22.94 2.85 -166.97
CA HIS WA 244 22.74 1.42 -166.82
C HIS WA 244 21.48 1.12 -166.02
N ALA WA 245 21.03 -0.13 -166.12
CA ALA WA 245 19.86 -0.59 -165.39
C ALA WA 245 20.15 -0.85 -163.92
N ARG WA 246 21.41 -0.79 -163.50
CA ARG WA 246 21.78 -1.18 -162.13
C ARG WA 246 22.58 -0.09 -161.43
N ARG WA 247 22.48 1.14 -161.91
CA ARG WA 247 23.12 2.25 -161.23
C ARG WA 247 22.46 2.48 -159.87
N PHE WA 248 23.28 2.74 -158.86
CA PHE WA 248 22.77 2.94 -157.51
C PHE WA 248 23.69 3.93 -156.79
N CYS WA 249 23.32 5.21 -156.82
CA CYS WA 249 24.00 6.24 -156.05
C CYS WA 249 23.34 6.28 -154.68
N VAL WA 250 24.07 5.89 -153.64
CA VAL WA 250 23.44 5.74 -152.33
C VAL WA 250 23.01 7.10 -151.79
N PHE WA 251 23.66 8.18 -152.22
CA PHE WA 251 23.41 9.49 -151.62
C PHE WA 251 22.11 10.11 -152.12
N GLU WA 252 21.70 9.84 -153.35
CA GLU WA 252 20.38 10.28 -153.79
C GLU WA 252 19.29 9.56 -153.02
N ALA WA 253 19.48 8.27 -152.75
CA ALA WA 253 18.55 7.56 -151.90
C ALA WA 253 18.55 8.14 -150.49
N LEU WA 254 19.72 8.59 -150.03
CA LEU WA 254 19.81 9.22 -148.72
C LEU WA 254 19.00 10.51 -148.67
N GLU WA 255 19.16 11.39 -149.67
CA GLU WA 255 18.39 12.62 -149.67
C GLU WA 255 16.89 12.34 -149.78
N ALA WA 256 16.51 11.38 -150.63
CA ALA WA 256 15.10 11.01 -150.74
C ALA WA 256 14.57 10.50 -149.42
N TRP WA 257 15.39 9.76 -148.68
CA TRP WA 257 14.92 9.23 -147.40
C TRP WA 257 14.79 10.31 -146.35
N ILE WA 258 15.77 11.23 -146.26
CA ILE WA 258 15.63 12.35 -145.34
C ILE WA 258 14.34 13.10 -145.63
N ALA WA 259 14.09 13.38 -146.92
CA ALA WA 259 12.88 14.08 -147.30
C ALA WA 259 11.63 13.33 -146.84
N SER WA 260 11.57 12.03 -147.16
CA SER WA 260 10.36 11.27 -146.87
C SER WA 260 10.17 11.11 -145.38
N ALA WA 261 11.25 10.90 -144.63
CA ALA WA 261 11.13 10.77 -143.19
C ALA WA 261 10.62 12.06 -142.55
N SER WA 262 11.16 13.19 -142.99
CA SER WA 262 10.67 14.47 -142.48
C SER WA 262 9.19 14.65 -142.81
N ARG WA 263 8.82 14.46 -144.07
CA ARG WA 263 7.44 14.67 -144.49
C ARG WA 263 6.48 13.72 -143.79
N LEU WA 264 6.93 12.51 -143.45
CA LEU WA 264 6.11 11.63 -142.63
C LEU WA 264 5.98 12.19 -141.23
N GLY WA 265 7.11 12.51 -140.59
CA GLY WA 265 7.07 12.98 -139.22
C GLY WA 265 6.18 14.19 -139.03
N ASP WA 266 6.08 15.03 -140.06
CA ASP WA 266 5.18 16.18 -139.98
C ASP WA 266 3.74 15.72 -139.81
N THR WA 267 3.29 14.80 -140.65
CA THR WA 267 1.90 14.33 -140.64
C THR WA 267 1.71 13.21 -139.62
N LEU WA 268 2.10 13.47 -138.36
CA LEU WA 268 1.88 12.50 -137.29
C LEU WA 268 1.32 13.15 -136.03
N GLY WA 269 0.85 14.38 -136.11
CA GLY WA 269 0.42 15.05 -134.89
C GLY WA 269 1.62 15.26 -133.99
N THR WA 270 1.59 14.60 -132.84
CA THR WA 270 2.62 14.74 -131.79
C THR WA 270 2.97 16.21 -131.56
N ARG WA 271 1.96 17.06 -131.64
CA ARG WA 271 2.10 18.46 -131.30
C ARG WA 271 0.82 18.89 -130.61
N PRO WA 272 0.89 19.31 -129.34
CA PRO WA 272 -0.34 19.58 -128.58
C PRO WA 272 -1.19 20.64 -129.25
N VAL WA 273 -2.50 20.44 -129.16
CA VAL WA 273 -3.46 21.42 -129.66
C VAL WA 273 -4.19 22.14 -128.54
N ALA WA 274 -4.32 21.52 -127.37
CA ALA WA 274 -4.99 22.16 -126.25
C ALA WA 274 -4.39 21.61 -124.97
N ARG WA 275 -4.98 21.98 -123.83
CA ARG WA 275 -4.48 21.55 -122.54
C ARG WA 275 -5.61 21.67 -121.54
N VAL WA 276 -6.10 20.54 -121.04
CA VAL WA 276 -7.26 20.56 -120.15
C VAL WA 276 -6.90 21.27 -118.86
N CYS WA 277 -7.79 22.13 -118.38
CA CYS WA 277 -7.60 22.90 -117.16
C CYS WA 277 -8.88 22.91 -116.33
N ILE WA 278 -9.45 21.73 -116.11
CA ILE WA 278 -10.76 21.67 -115.46
C ILE WA 278 -10.72 22.34 -114.09
N PHE WA 279 -11.80 23.05 -113.77
CA PHE WA 279 -11.99 23.76 -112.52
C PHE WA 279 -13.48 23.78 -112.25
N ASP WA 280 -13.90 23.50 -111.02
CA ASP WA 280 -15.31 23.28 -110.69
C ASP WA 280 -15.87 22.12 -111.51
N GLY WA 281 -15.34 20.94 -111.20
CA GLY WA 281 -15.82 19.71 -111.81
C GLY WA 281 -15.04 18.51 -111.32
N PRO WA 282 -15.39 17.34 -111.83
CA PRO WA 282 -14.60 16.13 -111.51
C PRO WA 282 -13.22 16.23 -112.11
N PRO WA 283 -12.19 15.84 -111.37
CA PRO WA 283 -10.81 15.98 -111.88
C PRO WA 283 -10.52 15.13 -113.10
N THR WA 284 -11.37 14.15 -113.39
CA THR WA 284 -11.22 13.30 -114.57
C THR WA 284 -12.55 13.26 -115.30
N VAL WA 285 -12.49 13.30 -116.63
CA VAL WA 285 -13.69 13.27 -117.45
C VAL WA 285 -13.71 11.93 -118.20
N PRO WA 286 -14.79 11.16 -118.08
CA PRO WA 286 -14.87 9.89 -118.81
C PRO WA 286 -15.20 10.13 -120.27
N PRO WA 287 -15.06 9.11 -121.12
CA PRO WA 287 -15.35 9.31 -122.55
C PRO WA 287 -16.82 9.60 -122.78
N GLY WA 288 -17.10 10.60 -123.60
CA GLY WA 288 -18.46 11.03 -123.86
C GLY WA 288 -18.95 12.18 -123.02
N GLU WA 289 -18.06 12.84 -122.27
CA GLU WA 289 -18.41 13.99 -121.46
C GLU WA 289 -17.64 15.21 -121.95
N LYS WA 290 -17.89 16.35 -121.31
CA LYS WA 290 -17.42 17.64 -121.78
C LYS WA 290 -16.54 18.27 -120.72
N ALA WA 291 -15.31 18.61 -121.10
CA ALA WA 291 -14.35 19.21 -120.19
C ALA WA 291 -14.00 20.62 -120.65
N ALA WA 292 -13.80 21.50 -119.68
CA ALA WA 292 -13.36 22.86 -119.96
C ALA WA 292 -11.87 22.81 -120.28
N VAL WA 293 -11.52 23.13 -121.52
CA VAL WA 293 -10.15 23.04 -121.98
C VAL WA 293 -9.66 24.43 -122.34
N VAL WA 294 -8.35 24.64 -122.20
CA VAL WA 294 -7.70 25.87 -122.58
C VAL WA 294 -6.82 25.58 -123.77
N GLU WA 295 -7.07 26.28 -124.88
CA GLU WA 295 -6.22 26.14 -126.05
C GLU WA 295 -4.79 26.58 -125.72
N VAL WA 296 -3.82 25.88 -126.28
CA VAL WA 296 -2.42 26.24 -126.04
C VAL WA 296 -2.15 27.62 -126.60
N ARG XA 3 -125.53 -12.62 -111.51
CA ARG XA 3 -125.56 -11.18 -111.29
C ARG XA 3 -126.72 -10.54 -112.05
N PRO XA 4 -127.55 -9.78 -111.35
CA PRO XA 4 -128.69 -9.13 -111.99
C PRO XA 4 -128.30 -7.81 -112.63
N ALA XA 5 -129.22 -7.28 -113.43
CA ALA XA 5 -129.11 -5.95 -114.01
C ALA XA 5 -130.11 -5.03 -113.33
N ILE XA 6 -129.66 -3.83 -112.98
CA ILE XA 6 -130.45 -2.95 -112.12
C ILE XA 6 -131.64 -2.38 -112.89
N LEU XA 7 -131.37 -1.59 -113.93
CA LEU XA 7 -132.41 -0.95 -114.71
C LEU XA 7 -132.32 -1.43 -116.15
N PRO XA 8 -133.35 -2.08 -116.68
CA PRO XA 8 -133.25 -2.68 -118.02
C PRO XA 8 -133.07 -1.65 -119.10
N SER XA 9 -132.44 -2.08 -120.19
CA SER XA 9 -132.22 -1.21 -121.34
C SER XA 9 -133.47 -1.15 -122.22
N GLY XA 10 -133.94 -2.29 -122.69
CA GLY XA 10 -135.13 -2.34 -123.52
C GLY XA 10 -135.97 -3.54 -123.18
N GLN XA 11 -137.27 -3.42 -123.44
CA GLN XA 11 -138.20 -4.51 -123.18
C GLN XA 11 -138.27 -5.45 -124.38
N ILE XA 12 -138.65 -6.70 -124.11
CA ILE XA 12 -138.73 -7.75 -125.13
C ILE XA 12 -140.20 -8.11 -125.32
N LEU XA 13 -140.59 -8.38 -126.56
CA LEU XA 13 -141.99 -8.52 -126.93
C LEU XA 13 -142.30 -9.92 -127.46
N SER XA 14 -141.48 -10.91 -127.12
CA SER XA 14 -141.70 -12.29 -127.54
C SER XA 14 -141.93 -13.15 -126.31
N ASN XA 15 -143.08 -13.83 -126.28
CA ASN XA 15 -143.45 -14.71 -125.18
C ASN XA 15 -143.25 -16.16 -125.64
N ILE XA 16 -142.10 -16.72 -125.29
CA ILE XA 16 -141.75 -18.08 -125.67
C ILE XA 16 -141.15 -18.79 -124.47
N GLU XA 17 -141.33 -20.11 -124.43
CA GLU XA 17 -140.69 -20.94 -123.44
C GLU XA 17 -139.18 -20.88 -123.63
N VAL XA 18 -138.44 -20.78 -122.53
CA VAL XA 18 -137.01 -20.55 -122.62
C VAL XA 18 -136.19 -21.82 -122.43
N HIS XA 19 -136.66 -22.75 -121.58
CA HIS XA 19 -135.90 -23.97 -121.32
C HIS XA 19 -135.76 -24.84 -122.56
N SER XA 20 -136.69 -24.73 -123.51
CA SER XA 20 -136.59 -25.51 -124.73
C SER XA 20 -135.54 -24.94 -125.69
N HIS XA 21 -135.11 -23.70 -125.47
CA HIS XA 21 -134.13 -23.04 -126.33
C HIS XA 21 -132.88 -22.63 -125.56
N ARG XA 22 -132.48 -23.42 -124.56
CA ARG XA 22 -131.25 -23.14 -123.83
C ARG XA 22 -130.01 -23.33 -124.68
N ALA XA 23 -130.09 -24.10 -125.78
CA ALA XA 23 -128.91 -24.36 -126.60
C ALA XA 23 -128.41 -23.10 -127.28
N LEU XA 24 -129.31 -22.24 -127.72
CA LEU XA 24 -128.92 -21.01 -128.40
C LEU XA 24 -128.11 -20.09 -127.48
N PHE XA 25 -128.24 -20.26 -126.17
CA PHE XA 25 -127.67 -19.33 -125.22
C PHE XA 25 -126.24 -19.70 -124.84
N ASP XA 26 -125.59 -18.78 -124.13
CA ASP XA 26 -124.21 -18.94 -123.69
C ASP XA 26 -124.14 -19.42 -122.24
N ILE XA 27 -124.75 -18.68 -121.33
CA ILE XA 27 -124.85 -19.05 -119.92
C ILE XA 27 -126.33 -19.09 -119.57
N PHE XA 28 -126.77 -20.16 -118.91
CA PHE XA 28 -128.17 -20.32 -118.54
C PHE XA 28 -128.33 -20.15 -117.03
N LYS XA 29 -129.58 -19.94 -116.63
CA LYS XA 29 -129.97 -19.65 -115.26
C LYS XA 29 -131.46 -19.90 -115.12
N ARG XA 30 -131.86 -20.47 -113.99
CA ARG XA 30 -133.27 -20.68 -113.71
C ARG XA 30 -133.43 -21.06 -112.24
N PHE XA 31 -134.60 -20.72 -111.69
CA PHE XA 31 -134.92 -21.00 -110.31
C PHE XA 31 -136.41 -20.79 -110.09
N ARG XA 32 -136.96 -21.49 -109.11
CA ARG XA 32 -138.41 -21.49 -108.90
C ARG XA 32 -138.91 -20.08 -108.59
N SER XA 33 -138.50 -19.52 -107.46
CA SER XA 33 -138.95 -18.18 -107.10
C SER XA 33 -138.06 -17.55 -106.05
N ASP XA 34 -137.35 -16.48 -106.41
CA ASP XA 34 -136.66 -15.60 -105.47
C ASP XA 34 -135.65 -16.37 -104.62
N ASP XA 35 -134.63 -16.90 -105.30
CA ASP XA 35 -133.59 -17.66 -104.61
C ASP XA 35 -132.72 -16.74 -103.77
N ASN XA 36 -132.10 -17.33 -102.74
CA ASN XA 36 -131.35 -16.59 -101.73
C ASN XA 36 -129.89 -16.33 -102.12
N ASN XA 37 -129.56 -16.36 -103.41
CA ASN XA 37 -128.20 -16.12 -103.84
C ASN XA 37 -127.98 -14.70 -104.33
N LEU XA 38 -128.91 -14.19 -105.15
CA LEU XA 38 -128.70 -12.90 -105.80
C LEU XA 38 -128.81 -11.72 -104.85
N TYR XA 39 -129.30 -11.93 -103.62
CA TYR XA 39 -129.48 -10.81 -102.69
C TYR XA 39 -128.20 -10.42 -101.98
N GLY XA 40 -127.17 -11.25 -102.01
CA GLY XA 40 -125.89 -10.88 -101.44
C GLY XA 40 -125.05 -10.08 -102.42
N ALA XA 41 -124.52 -8.96 -101.96
CA ALA XA 41 -123.69 -8.08 -102.79
C ALA XA 41 -122.28 -8.07 -102.20
N GLU XA 42 -121.36 -8.77 -102.86
CA GLU XA 42 -119.96 -8.82 -102.43
C GLU XA 42 -119.08 -8.26 -103.54
N PHE XA 43 -118.36 -7.20 -103.19
CA PHE XA 43 -117.46 -6.53 -104.12
C PHE XA 43 -116.03 -6.70 -103.65
N ASP XA 44 -115.09 -6.48 -104.57
CA ASP XA 44 -113.66 -6.53 -104.27
C ASP XA 44 -113.05 -5.18 -104.62
N ALA XA 45 -112.37 -4.58 -103.64
CA ALA XA 45 -111.90 -3.22 -103.78
C ALA XA 45 -110.49 -3.09 -103.24
N LEU XA 46 -109.73 -2.16 -103.80
CA LEU XA 46 -108.45 -1.77 -103.25
C LEU XA 46 -108.63 -0.54 -102.37
N LEU XA 47 -107.87 -0.50 -101.28
CA LEU XA 47 -108.08 0.48 -100.22
C LEU XA 47 -106.95 1.51 -100.14
N GLY XA 48 -106.40 1.89 -101.29
CA GLY XA 48 -105.42 2.96 -101.32
C GLY XA 48 -104.12 2.58 -101.99
N THR XA 49 -103.70 3.36 -102.97
CA THR XA 49 -102.42 3.19 -103.63
C THR XA 49 -101.41 4.16 -103.01
N TYR XA 50 -100.13 3.84 -103.19
CA TYR XA 50 -99.07 4.63 -102.55
C TYR XA 50 -98.00 4.93 -103.61
N CYS XA 51 -97.73 6.21 -103.82
CA CYS XA 51 -96.82 6.68 -104.84
C CYS XA 51 -95.54 7.23 -104.21
N SER XA 52 -94.43 7.01 -104.90
CA SER XA 52 -93.11 7.42 -104.45
C SER XA 52 -92.54 8.48 -105.37
N THR XA 53 -91.58 9.23 -104.84
CA THR XA 53 -90.90 10.28 -105.58
C THR XA 53 -89.39 10.04 -105.49
N LEU XA 54 -88.63 10.88 -106.18
CA LEU XA 54 -87.19 10.69 -106.32
C LEU XA 54 -86.46 11.85 -105.65
N SER XA 55 -85.43 11.53 -104.87
CA SER XA 55 -84.64 12.54 -104.17
C SER XA 55 -83.56 13.07 -105.11
N LEU XA 56 -83.73 14.30 -105.56
CA LEU XA 56 -82.68 14.94 -106.35
C LEU XA 56 -81.48 15.25 -105.46
N VAL XA 57 -80.31 15.26 -106.08
CA VAL XA 57 -79.06 15.56 -105.38
C VAL XA 57 -78.21 16.44 -106.29
N ARG XA 58 -77.65 17.51 -105.73
CA ARG XA 58 -76.84 18.46 -106.47
C ARG XA 58 -75.41 18.38 -105.97
N PHE XA 59 -74.48 18.16 -106.92
CA PHE XA 59 -73.10 17.83 -106.54
C PHE XA 59 -72.43 18.97 -105.79
N LEU XA 60 -72.69 20.22 -106.20
CA LEU XA 60 -72.07 21.35 -105.50
C LEU XA 60 -72.56 21.49 -104.07
N GLU XA 61 -73.81 21.11 -103.79
CA GLU XA 61 -74.31 21.13 -102.43
C GLU XA 61 -73.70 20.04 -101.56
N LEU XA 62 -72.99 19.09 -102.15
CA LEU XA 62 -72.22 18.12 -101.39
C LEU XA 62 -70.94 18.79 -100.90
N GLY XA 63 -70.16 18.09 -100.08
CA GLY XA 63 -68.91 18.63 -99.61
C GLY XA 63 -67.72 18.06 -100.35
N LEU XA 64 -67.94 16.93 -101.03
CA LEU XA 64 -66.90 16.33 -101.86
C LEU XA 64 -66.41 17.26 -102.96
N SER XA 65 -67.16 18.33 -103.27
CA SER XA 65 -66.74 19.27 -104.29
C SER XA 65 -65.44 20.00 -103.93
N VAL XA 66 -65.08 20.06 -102.66
CA VAL XA 66 -63.88 20.79 -102.24
C VAL XA 66 -62.66 19.97 -102.62
N ALA XA 67 -62.87 18.78 -103.19
CA ALA XA 67 -61.78 17.96 -103.67
C ALA XA 67 -61.25 18.41 -105.03
N CYS XA 68 -62.11 18.96 -105.89
CA CYS XA 68 -61.72 19.24 -107.26
C CYS XA 68 -62.28 20.58 -107.70
N VAL XA 69 -61.56 21.23 -108.61
CA VAL XA 69 -62.06 22.41 -109.30
C VAL XA 69 -62.76 21.95 -110.57
N CYS XA 70 -63.91 22.55 -110.85
CA CYS XA 70 -64.73 22.16 -111.99
C CYS XA 70 -64.85 23.32 -112.97
N THR XA 71 -64.79 23.02 -114.26
CA THR XA 71 -64.94 24.02 -115.30
C THR XA 71 -65.69 23.42 -116.49
N LYS XA 72 -66.35 24.30 -117.25
CA LYS XA 72 -67.09 23.90 -118.43
C LYS XA 72 -66.29 24.25 -119.68
N PHE XA 73 -65.87 23.23 -120.41
CA PHE XA 73 -65.05 23.39 -121.61
C PHE XA 73 -65.74 22.67 -122.77
N PRO XA 74 -66.76 23.31 -123.36
CA PRO XA 74 -67.53 22.64 -124.42
C PRO XA 74 -66.73 22.31 -125.67
N GLU XA 75 -65.44 22.64 -125.73
CA GLU XA 75 -64.57 22.26 -126.83
C GLU XA 75 -63.75 21.02 -126.50
N LEU XA 76 -64.11 20.30 -125.43
CA LEU XA 76 -63.32 19.16 -124.97
C LEU XA 76 -63.20 18.09 -126.05
N SER XA 77 -64.23 17.87 -126.85
CA SER XA 77 -64.13 16.94 -127.96
C SER XA 77 -63.12 17.38 -129.00
N TYR XA 78 -62.56 18.58 -128.87
CA TYR XA 78 -61.63 19.13 -129.85
C TYR XA 78 -60.23 19.37 -129.30
N VAL XA 79 -59.85 18.74 -128.20
CA VAL XA 79 -58.49 18.86 -127.70
C VAL XA 79 -57.76 17.54 -127.91
N ALA XA 80 -56.55 17.63 -128.46
CA ALA XA 80 -55.66 16.47 -128.57
C ALA XA 80 -55.00 16.24 -127.23
N GLU XA 81 -53.94 15.44 -127.21
CA GLU XA 81 -53.20 15.20 -125.98
C GLU XA 81 -52.85 16.52 -125.32
N GLY XA 82 -53.46 16.80 -124.17
CA GLY XA 82 -53.32 18.09 -123.50
C GLY XA 82 -52.61 17.90 -122.18
N THR XA 83 -51.83 18.92 -121.81
CA THR XA 83 -50.93 18.83 -120.67
C THR XA 83 -51.06 20.07 -119.78
N ILE XA 84 -50.28 20.08 -118.71
CA ILE XA 84 -50.04 21.25 -117.89
C ILE XA 84 -48.53 21.35 -117.68
N GLN XA 85 -48.11 22.39 -116.98
CA GLN XA 85 -46.69 22.65 -116.76
C GLN XA 85 -46.39 22.90 -115.29
N PHE XA 86 -45.10 22.96 -114.98
CA PHE XA 86 -44.63 23.20 -113.61
C PHE XA 86 -43.25 23.81 -113.68
N GLU XA 87 -43.01 24.77 -112.79
CA GLU XA 87 -41.68 25.37 -112.63
C GLU XA 87 -41.43 25.56 -111.14
N VAL XA 88 -40.82 24.57 -110.51
CA VAL XA 88 -40.49 24.64 -109.09
C VAL XA 88 -38.99 24.78 -108.94
N GLN XA 89 -38.58 25.47 -107.87
CA GLN XA 89 -37.17 25.74 -107.62
C GLN XA 89 -36.93 25.59 -106.12
N GLN XA 90 -36.23 24.52 -105.74
CA GLN XA 90 -35.99 24.23 -104.33
C GLN XA 90 -34.99 25.21 -103.75
N PRO XA 91 -34.98 25.37 -102.42
CA PRO XA 91 -33.93 26.16 -101.78
C PRO XA 91 -32.62 25.38 -101.73
N MET XA 92 -31.61 25.97 -101.10
CA MET XA 92 -30.33 25.30 -100.88
C MET XA 92 -29.60 26.03 -99.76
N ILE XA 93 -28.83 25.29 -98.98
CA ILE XA 93 -28.02 25.88 -97.93
C ILE XA 93 -26.55 25.78 -98.33
N ALA XA 94 -25.80 26.85 -98.07
CA ALA XA 94 -24.38 26.87 -98.37
C ALA XA 94 -23.62 26.19 -97.25
N ARG XA 95 -22.67 25.34 -97.61
CA ARG XA 95 -21.86 24.61 -96.66
C ARG XA 95 -20.39 24.93 -96.88
N ASP XA 96 -19.57 24.62 -95.89
CA ASP XA 96 -18.13 24.77 -96.02
C ASP XA 96 -17.51 23.44 -96.43
N GLY XA 97 -16.18 23.42 -96.47
CA GLY XA 97 -15.46 22.22 -96.83
C GLY XA 97 -14.78 22.36 -98.19
N PRO XA 98 -14.10 21.30 -98.62
CA PRO XA 98 -13.33 21.39 -99.87
C PRO XA 98 -14.18 21.27 -101.11
N HIS XA 99 -15.39 20.72 -101.02
CA HIS XA 99 -16.22 20.54 -102.19
C HIS XA 99 -16.86 21.86 -102.62
N PRO XA 100 -17.05 22.06 -103.91
CA PRO XA 100 -17.80 23.24 -104.37
C PRO XA 100 -19.28 23.10 -104.04
N ALA XA 101 -19.88 24.23 -103.68
CA ALA XA 101 -21.30 24.23 -103.38
C ALA XA 101 -22.10 23.94 -104.64
N ASP XA 102 -23.34 23.52 -104.45
CA ASP XA 102 -24.21 23.19 -105.56
C ASP XA 102 -24.96 24.43 -106.05
N GLN XA 103 -24.99 24.59 -107.36
CA GLN XA 103 -25.77 25.66 -107.95
C GLN XA 103 -27.26 25.43 -107.68
N PRO XA 104 -28.01 26.49 -107.43
CA PRO XA 104 -29.46 26.33 -107.20
C PRO XA 104 -30.12 25.64 -108.39
N VAL XA 105 -30.84 24.57 -108.09
CA VAL XA 105 -31.34 23.66 -109.12
C VAL XA 105 -32.69 24.13 -109.65
N HIS XA 106 -32.88 23.96 -110.96
CA HIS XA 106 -34.16 24.17 -111.60
C HIS XA 106 -34.63 22.86 -112.20
N ASN XA 107 -35.94 22.76 -112.44
CA ASN XA 107 -36.52 21.57 -113.04
C ASN XA 107 -37.92 21.86 -113.54
N TYR XA 108 -38.27 21.27 -114.68
CA TYR XA 108 -39.60 21.37 -115.25
C TYR XA 108 -40.19 19.99 -115.45
N MET XA 109 -41.52 19.92 -115.41
CA MET XA 109 -42.22 18.65 -115.59
C MET XA 109 -43.61 18.94 -116.11
N ILE XA 110 -44.19 17.95 -116.80
CA ILE XA 110 -45.49 18.08 -117.42
C ILE XA 110 -46.33 16.85 -117.10
N LYS XA 111 -47.61 17.08 -116.85
CA LYS XA 111 -48.57 16.03 -116.59
C LYS XA 111 -49.58 15.96 -117.73
N ARG XA 112 -49.92 14.76 -118.15
CA ARG XA 112 -50.83 14.56 -119.28
C ARG XA 112 -52.26 14.35 -118.80
N LEU XA 113 -53.20 14.81 -119.61
CA LEU XA 113 -54.62 14.64 -119.32
C LEU XA 113 -54.98 13.16 -119.23
N ASP XA 114 -56.04 12.87 -118.50
CA ASP XA 114 -56.63 11.53 -118.45
C ASP XA 114 -58.09 11.63 -118.84
N ARG XA 115 -58.50 10.84 -119.83
CA ARG XA 115 -59.80 10.97 -120.47
C ARG XA 115 -60.76 9.93 -119.94
N ARG XA 116 -61.99 10.36 -119.67
CA ARG XA 116 -63.03 9.48 -119.15
C ARG XA 116 -64.34 9.82 -119.88
N SER XA 117 -65.43 9.19 -119.45
CA SER XA 117 -66.72 9.41 -120.08
C SER XA 117 -67.81 8.90 -119.14
N LEU XA 118 -69.01 9.46 -119.31
CA LEU XA 118 -70.21 9.00 -118.65
C LEU XA 118 -71.29 8.76 -119.68
N ASN XA 119 -72.23 7.87 -119.35
CA ASN XA 119 -73.31 7.54 -120.27
C ASN XA 119 -74.42 6.84 -119.51
N ALA XA 120 -75.59 6.76 -120.14
CA ALA XA 120 -76.77 6.17 -119.52
C ALA XA 120 -77.78 5.84 -120.61
N ALA XA 121 -78.75 5.00 -120.24
CA ALA XA 121 -79.79 4.53 -121.16
C ALA XA 121 -81.11 5.22 -120.87
N PHE XA 122 -81.92 5.37 -121.91
CA PHE XA 122 -83.19 6.09 -121.84
C PHE XA 122 -84.27 5.41 -122.67
N SER XA 123 -84.25 4.07 -122.73
CA SER XA 123 -85.10 3.34 -123.66
C SER XA 123 -86.58 3.56 -123.36
N ILE XA 124 -87.35 3.79 -124.42
CA ILE XA 124 -88.80 3.85 -124.37
C ILE XA 124 -89.35 2.82 -125.34
N ALA XA 125 -90.59 2.41 -125.10
CA ALA XA 125 -91.21 1.36 -125.91
C ALA XA 125 -91.59 1.90 -127.29
N VAL XA 126 -92.31 1.07 -128.04
CA VAL XA 126 -92.75 1.42 -129.39
C VAL XA 126 -94.21 1.83 -129.43
N GLU XA 127 -95.05 1.21 -128.59
CA GLU XA 127 -96.47 1.53 -128.59
C GLU XA 127 -96.71 2.96 -128.13
N ALA XA 128 -95.87 3.49 -127.24
CA ALA XA 128 -96.05 4.84 -126.73
C ALA XA 128 -95.59 5.90 -127.72
N LEU XA 129 -94.83 5.52 -128.76
CA LEU XA 129 -94.41 6.50 -129.75
C LEU XA 129 -95.57 6.95 -130.62
N GLY XA 130 -96.51 6.06 -130.92
CA GLY XA 130 -97.70 6.47 -131.63
C GLY XA 130 -98.57 7.45 -130.86
N LEU XA 131 -98.49 7.40 -129.52
CA LEU XA 131 -99.23 8.35 -128.71
C LEU XA 131 -98.44 9.64 -128.48
N ILE XA 132 -97.11 9.55 -128.46
CA ILE XA 132 -96.28 10.72 -128.25
C ILE XA 132 -96.33 11.63 -129.47
N SER XA 133 -95.96 11.08 -130.64
CA SER XA 133 -95.96 11.85 -131.87
C SER XA 133 -97.35 12.28 -132.31
N GLY XA 134 -98.40 11.82 -131.64
CA GLY XA 134 -99.75 12.09 -132.07
C GLY XA 134 -100.15 11.40 -133.35
N GLU XA 135 -99.29 10.56 -133.91
CA GLU XA 135 -99.58 9.89 -135.16
C GLU XA 135 -100.70 8.86 -135.00
N ASN XA 136 -100.55 7.94 -134.06
CA ASN XA 136 -101.56 6.92 -133.82
C ASN XA 136 -102.71 7.41 -132.96
N LEU XA 137 -102.64 8.63 -132.44
CA LEU XA 137 -103.72 9.15 -131.62
C LEU XA 137 -104.98 9.35 -132.45
N ASP XA 138 -106.04 8.64 -132.08
CA ASP XA 138 -107.35 8.87 -132.67
C ASP XA 138 -108.18 9.75 -131.74
N GLY XA 139 -109.29 10.26 -132.27
CA GLY XA 139 -110.11 11.16 -131.49
C GLY XA 139 -111.12 10.45 -130.62
N THR XA 140 -110.74 10.22 -129.37
CA THR XA 140 -111.58 9.55 -128.38
C THR XA 140 -111.18 10.02 -126.99
N HIS XA 141 -112.16 10.04 -126.09
CA HIS XA 141 -111.86 10.35 -124.69
C HIS XA 141 -111.08 9.23 -124.01
N ILE XA 142 -110.93 8.08 -124.67
CA ILE XA 142 -110.09 7.00 -124.18
C ILE XA 142 -108.64 7.15 -124.61
N SER XA 143 -108.37 7.92 -125.65
CA SER XA 143 -107.03 8.08 -126.21
C SER XA 143 -106.23 9.17 -125.49
N SER XA 144 -106.80 10.37 -125.33
CA SER XA 144 -106.09 11.45 -124.66
C SER XA 144 -105.69 11.06 -123.24
N ALA XA 145 -106.53 10.28 -122.56
CA ALA XA 145 -106.17 9.78 -121.23
C ALA XA 145 -104.90 8.95 -121.26
N MET XA 146 -104.66 8.22 -122.34
CA MET XA 146 -103.44 7.42 -122.45
C MET XA 146 -102.25 8.24 -122.94
N ARG XA 147 -102.48 9.23 -123.81
CA ARG XA 147 -101.40 10.13 -124.19
C ARG XA 147 -100.87 10.88 -122.97
N LEU XA 148 -101.77 11.30 -122.07
CA LEU XA 148 -101.33 11.96 -120.85
C LEU XA 148 -100.40 11.06 -120.06
N ARG XA 149 -100.77 9.79 -119.89
CA ARG XA 149 -99.93 8.87 -119.12
C ARG XA 149 -98.60 8.61 -119.83
N ALA XA 150 -98.62 8.53 -121.16
CA ALA XA 150 -97.37 8.31 -121.90
C ALA XA 150 -96.42 9.47 -121.71
N ILE XA 151 -96.92 10.71 -121.83
CA ILE XA 151 -96.08 11.88 -121.61
C ILE XA 151 -95.60 11.92 -120.17
N GLN XA 152 -96.46 11.54 -119.22
CA GLN XA 152 -96.07 11.51 -117.81
C GLN XA 152 -94.94 10.51 -117.58
N GLN XA 153 -95.02 9.35 -118.22
CA GLN XA 153 -93.97 8.35 -118.10
C GLN XA 153 -92.65 8.87 -118.68
N LEU XA 154 -92.72 9.47 -119.88
CA LEU XA 154 -91.51 10.02 -120.47
C LEU XA 154 -90.89 11.09 -119.58
N ALA XA 155 -91.72 11.92 -118.95
CA ALA XA 155 -91.21 12.97 -118.07
C ALA XA 155 -90.54 12.37 -116.84
N ARG XA 156 -91.21 11.43 -116.17
CA ARG XA 156 -90.64 10.82 -114.98
C ARG XA 156 -89.41 9.98 -115.32
N ASN XA 157 -89.26 9.62 -116.60
CA ASN XA 157 -88.08 8.88 -117.03
C ASN XA 157 -86.90 9.81 -117.30
N VAL XA 158 -87.15 10.91 -118.02
CA VAL XA 158 -86.07 11.85 -118.31
C VAL XA 158 -85.62 12.55 -117.03
N GLN XA 159 -86.53 12.72 -116.07
CA GLN XA 159 -86.13 13.31 -114.80
C GLN XA 159 -85.14 12.41 -114.07
N ALA XA 160 -85.30 11.10 -114.20
CA ALA XA 160 -84.35 10.17 -113.60
C ALA XA 160 -83.03 10.13 -114.36
N VAL XA 161 -83.07 10.08 -115.69
CA VAL XA 161 -81.81 10.00 -116.43
C VAL XA 161 -80.99 11.27 -116.26
N LEU XA 162 -81.64 12.44 -116.19
CA LEU XA 162 -80.89 13.67 -115.94
C LEU XA 162 -80.25 13.66 -114.56
N ASP XA 163 -80.94 13.10 -113.56
CA ASP XA 163 -80.37 13.02 -112.21
C ASP XA 163 -79.11 12.14 -112.19
N SER XA 164 -79.05 11.14 -113.07
CA SER XA 164 -77.91 10.23 -113.10
C SER XA 164 -76.59 10.94 -113.31
N PHE XA 165 -76.60 12.11 -113.97
CA PHE XA 165 -75.38 12.84 -114.28
C PHE XA 165 -74.90 13.70 -113.12
N GLU XA 166 -75.48 13.55 -111.94
CA GLU XA 166 -74.95 14.14 -110.71
C GLU XA 166 -74.31 13.09 -109.82
N ARG XA 167 -75.04 12.02 -109.52
CA ARG XA 167 -74.45 10.90 -108.82
C ARG XA 167 -73.31 10.27 -109.63
N GLY XA 168 -73.39 10.35 -110.96
CA GLY XA 168 -72.28 9.89 -111.78
C GLY XA 168 -71.00 10.64 -111.48
N THR XA 169 -71.06 11.97 -111.41
CA THR XA 169 -69.89 12.75 -111.06
C THR XA 169 -69.45 12.48 -109.62
N ALA XA 170 -70.41 12.39 -108.70
CA ALA XA 170 -70.09 12.14 -107.31
C ALA XA 170 -69.39 10.79 -107.13
N ASP XA 171 -69.70 9.83 -108.00
CA ASP XA 171 -69.03 8.52 -107.99
C ASP XA 171 -67.69 8.57 -108.69
N GLN XA 172 -67.61 9.28 -109.82
CA GLN XA 172 -66.35 9.36 -110.56
C GLN XA 172 -65.28 10.03 -109.73
N MET XA 173 -65.66 11.00 -108.90
CA MET XA 173 -64.68 11.64 -108.03
C MET XA 173 -64.00 10.63 -107.12
N LEU XA 174 -64.80 9.80 -106.44
CA LEU XA 174 -64.24 8.78 -105.56
C LEU XA 174 -63.45 7.75 -106.35
N ARG XA 175 -63.96 7.37 -107.53
CA ARG XA 175 -63.30 6.36 -108.34
C ARG XA 175 -61.91 6.81 -108.79
N VAL XA 176 -61.74 8.10 -109.07
CA VAL XA 176 -60.43 8.58 -109.47
C VAL XA 176 -59.56 8.92 -108.26
N LEU XA 177 -60.15 9.34 -107.15
CA LEU XA 177 -59.34 9.64 -105.97
C LEU XA 177 -58.78 8.38 -105.34
N MET XA 178 -59.52 7.27 -105.39
CA MET XA 178 -59.03 6.02 -104.85
C MET XA 178 -57.75 5.51 -105.54
N GLU XA 179 -57.62 5.68 -106.85
CA GLU XA 179 -56.43 5.21 -107.55
C GLU XA 179 -55.20 6.07 -107.29
N LYS XA 180 -55.37 7.27 -106.75
CA LYS XA 180 -54.27 8.19 -106.52
C LYS XA 180 -53.71 8.13 -105.10
N ALA XA 181 -54.42 7.53 -104.17
CA ALA XA 181 -54.02 7.57 -102.77
C ALA XA 181 -53.20 6.35 -102.41
N PRO XA 182 -51.91 6.49 -102.10
CA PRO XA 182 -51.15 5.38 -101.55
C PRO XA 182 -51.55 5.16 -100.10
N PRO XA 183 -51.41 3.93 -99.60
CA PRO XA 183 -51.81 3.66 -98.22
C PRO XA 183 -50.94 4.43 -97.23
N LEU XA 184 -51.54 4.80 -96.11
CA LEU XA 184 -50.80 5.58 -95.10
C LEU XA 184 -49.69 4.74 -94.48
N SER XA 185 -49.99 3.50 -94.11
CA SER XA 185 -49.00 2.63 -93.46
C SER XA 185 -47.71 2.58 -94.27
N LEU XA 186 -47.82 2.52 -95.60
CA LEU XA 186 -46.67 2.52 -96.48
C LEU XA 186 -46.14 3.92 -96.78
N LEU XA 187 -46.65 4.96 -96.11
CA LEU XA 187 -46.26 6.33 -96.41
C LEU XA 187 -45.64 7.05 -95.23
N ALA XA 188 -46.22 6.91 -94.04
CA ALA XA 188 -45.70 7.60 -92.85
C ALA XA 188 -44.20 7.40 -92.62
N PRO XA 189 -43.61 6.20 -92.79
CA PRO XA 189 -42.15 6.12 -92.72
C PRO XA 189 -41.47 6.79 -93.91
N PHE XA 190 -42.10 6.70 -95.09
CA PHE XA 190 -41.51 7.29 -96.29
C PHE XA 190 -41.36 8.80 -96.16
N THR XA 191 -42.20 9.43 -95.34
CA THR XA 191 -42.05 10.87 -95.10
C THR XA 191 -41.05 11.18 -93.99
N LEU XA 192 -40.50 10.16 -93.34
CA LEU XA 192 -39.52 10.36 -92.29
C LEU XA 192 -38.09 10.26 -92.80
N TYR XA 193 -37.87 9.48 -93.86
CA TYR XA 193 -36.56 9.35 -94.47
C TYR XA 193 -36.46 10.10 -95.81
N GLU XA 194 -37.22 11.17 -95.97
CA GLU XA 194 -37.11 11.99 -97.19
C GLU XA 194 -35.72 12.61 -97.27
N GLY XA 195 -35.29 12.85 -98.52
CA GLY XA 195 -33.97 13.43 -98.75
C GLY XA 195 -32.80 12.62 -98.26
N ARG XA 196 -33.03 11.37 -97.83
CA ARG XA 196 -31.97 10.50 -97.36
C ARG XA 196 -31.83 9.24 -98.21
N LEU XA 197 -32.76 8.98 -99.11
CA LEU XA 197 -32.78 7.79 -99.95
C LEU XA 197 -31.62 7.75 -100.95
N ALA XA 198 -30.77 8.77 -100.94
CA ALA XA 198 -29.63 8.84 -101.86
C ALA XA 198 -28.76 7.60 -101.76
N ASP XA 199 -28.22 7.32 -100.57
CA ASP XA 199 -27.31 6.19 -100.41
C ASP XA 199 -28.10 4.88 -100.32
N ARG XA 200 -27.37 3.77 -100.39
CA ARG XA 200 -27.99 2.45 -100.45
C ARG XA 200 -28.38 1.93 -99.07
N VAL XA 201 -27.57 2.24 -98.05
CA VAL XA 201 -27.83 1.72 -96.71
C VAL XA 201 -29.12 2.28 -96.14
N ALA XA 202 -29.40 3.57 -96.36
CA ALA XA 202 -30.66 4.13 -95.88
C ALA XA 202 -31.85 3.52 -96.62
N CYS XA 203 -31.71 3.31 -97.92
CA CYS XA 203 -32.76 2.61 -98.67
C CYS XA 203 -33.00 1.22 -98.14
N ALA XA 204 -31.94 0.53 -97.72
CA ALA XA 204 -32.11 -0.79 -97.11
C ALA XA 204 -32.83 -0.69 -95.78
N ALA XA 205 -32.39 0.21 -94.90
CA ALA XA 205 -33.03 0.38 -93.60
C ALA XA 205 -34.48 0.83 -93.72
N LEU XA 206 -34.87 1.40 -94.86
CA LEU XA 206 -36.24 1.86 -95.03
C LEU XA 206 -37.23 0.71 -95.13
N VAL XA 207 -36.98 -0.24 -96.03
CA VAL XA 207 -37.97 -1.30 -96.23
C VAL XA 207 -38.07 -2.22 -95.02
N SER XA 208 -36.96 -2.39 -94.27
CA SER XA 208 -36.99 -3.15 -93.04
C SER XA 208 -37.84 -2.50 -91.96
N GLU XA 209 -38.22 -1.24 -92.14
CA GLU XA 209 -39.19 -0.55 -91.28
C GLU XA 209 -40.57 -0.50 -91.90
N LEU XA 210 -40.63 -0.37 -93.23
CA LEU XA 210 -41.91 -0.50 -93.93
C LEU XA 210 -42.59 -1.82 -93.60
N LYS XA 211 -41.83 -2.91 -93.59
CA LYS XA 211 -42.41 -4.21 -93.24
C LYS XA 211 -42.99 -4.19 -91.83
N ARG XA 212 -42.23 -3.66 -90.87
CA ARG XA 212 -42.69 -3.62 -89.48
C ARG XA 212 -43.92 -2.73 -89.34
N ARG XA 213 -44.04 -1.69 -90.16
CA ARG XA 213 -45.21 -0.82 -90.11
C ARG XA 213 -46.44 -1.51 -90.70
N VAL XA 214 -46.32 -2.03 -91.91
CA VAL XA 214 -47.48 -2.57 -92.61
C VAL XA 214 -48.08 -3.77 -91.89
N ARG XA 215 -47.28 -4.52 -91.13
CA ARG XA 215 -47.77 -5.72 -90.45
C ARG XA 215 -48.14 -5.46 -89.00
N ASP XA 216 -48.10 -4.21 -88.54
CA ASP XA 216 -48.53 -3.88 -87.19
C ASP XA 216 -49.67 -2.87 -87.16
N ASP XA 217 -49.56 -1.78 -87.92
CA ASP XA 217 -50.49 -0.67 -87.85
C ASP XA 217 -51.31 -0.53 -89.13
N THR XA 218 -51.77 -1.64 -89.68
CA THR XA 218 -52.66 -1.61 -90.83
C THR XA 218 -54.12 -1.77 -90.45
N PHE XA 219 -54.43 -1.85 -89.15
CA PHE XA 219 -55.81 -1.96 -88.71
C PHE XA 219 -55.93 -1.25 -87.37
N PHE XA 220 -56.31 0.02 -87.41
CA PHE XA 220 -56.63 0.76 -86.20
C PHE XA 220 -58.13 0.79 -86.02
N LEU XA 221 -58.58 1.30 -84.86
CA LEU XA 221 -59.98 1.50 -84.52
C LEU XA 221 -60.72 0.18 -84.31
N THR XA 222 -60.08 -0.96 -84.57
CA THR XA 222 -60.71 -2.25 -84.36
C THR XA 222 -59.79 -3.14 -83.51
N LYS XA 223 -58.53 -2.75 -83.41
CA LYS XA 223 -57.57 -3.41 -82.53
C LYS XA 223 -57.19 -2.55 -81.33
N HIS XA 224 -57.19 -1.23 -81.50
CA HIS XA 224 -56.96 -0.29 -80.41
C HIS XA 224 -58.23 0.43 -80.01
N GLU XA 225 -59.39 -0.21 -80.21
CA GLU XA 225 -60.66 0.39 -79.80
C GLU XA 225 -60.69 0.68 -78.31
N ARG XA 226 -60.00 -0.13 -77.51
CA ARG XA 226 -59.88 0.15 -76.07
C ARG XA 226 -59.12 1.46 -75.84
N ASN XA 227 -58.07 1.68 -76.62
CA ASN XA 227 -57.34 2.94 -76.57
C ASN XA 227 -58.13 4.03 -77.27
N LYS XA 228 -57.80 5.28 -76.94
CA LYS XA 228 -58.39 6.44 -77.60
C LYS XA 228 -57.35 7.32 -78.28
N ASP XA 229 -56.22 7.58 -77.62
CA ASP XA 229 -55.23 8.50 -78.15
C ASP XA 229 -54.54 7.97 -79.40
N ALA XA 230 -54.42 6.65 -79.54
CA ALA XA 230 -53.85 6.09 -80.76
C ALA XA 230 -54.70 6.43 -81.97
N VAL XA 231 -56.03 6.39 -81.81
CA VAL XA 231 -56.93 6.75 -82.90
C VAL XA 231 -56.67 8.17 -83.38
N LEU XA 232 -56.68 9.12 -82.45
CA LEU XA 232 -56.48 10.53 -82.82
C LEU XA 232 -55.08 10.78 -83.35
N ASP XA 233 -54.07 10.10 -82.82
CA ASP XA 233 -52.72 10.23 -83.36
C ASP XA 233 -52.67 9.76 -84.81
N ARG XA 234 -53.31 8.61 -85.09
CA ARG XA 234 -53.36 8.12 -86.46
C ARG XA 234 -54.06 9.11 -87.37
N LEU XA 235 -55.18 9.68 -86.91
CA LEU XA 235 -55.91 10.63 -87.74
C LEU XA 235 -55.09 11.88 -88.01
N SER XA 236 -54.37 12.38 -86.99
CA SER XA 236 -53.52 13.55 -87.19
C SER XA 236 -52.40 13.25 -88.18
N ASP XA 237 -51.75 12.10 -88.03
CA ASP XA 237 -50.69 11.73 -88.96
C ASP XA 237 -51.23 11.61 -90.38
N LEU XA 238 -52.45 11.08 -90.53
CA LEU XA 238 -53.05 10.95 -91.86
C LEU XA 238 -53.30 12.32 -92.47
N VAL XA 239 -53.87 13.25 -91.68
CA VAL XA 239 -54.22 14.55 -92.25
C VAL XA 239 -52.99 15.42 -92.47
N ASN XA 240 -51.89 15.13 -91.78
CA ASN XA 240 -50.69 15.96 -91.91
C ASN XA 240 -49.59 15.31 -92.73
N CYS XA 241 -49.78 14.09 -93.22
CA CYS XA 241 -48.74 13.44 -94.01
C CYS XA 241 -48.70 13.92 -95.45
N THR XA 242 -49.82 14.35 -96.00
CA THR XA 242 -49.89 14.75 -97.41
C THR XA 242 -49.36 16.19 -97.56
N ALA XA 243 -49.57 16.77 -98.74
CA ALA XA 243 -49.05 18.09 -99.06
C ALA XA 243 -50.13 18.97 -99.64
N PRO XA 244 -50.15 20.26 -99.32
CA PRO XA 244 -51.12 21.18 -99.91
C PRO XA 244 -50.77 21.48 -101.36
N SER XA 245 -51.80 21.56 -102.20
CA SER XA 245 -51.63 21.74 -103.62
C SER XA 245 -51.65 23.23 -103.98
N VAL XA 246 -51.78 23.52 -105.28
CA VAL XA 246 -51.82 24.90 -105.76
C VAL XA 246 -52.97 25.66 -105.10
N ALA XA 247 -52.75 26.96 -104.90
CA ALA XA 247 -53.78 27.86 -104.41
C ALA XA 247 -54.55 28.41 -105.60
N VAL XA 248 -55.87 28.26 -105.56
CA VAL XA 248 -56.77 28.88 -106.53
C VAL XA 248 -57.69 29.81 -105.76
N ALA XA 249 -57.96 30.98 -106.34
CA ALA XA 249 -58.69 32.04 -105.66
C ALA XA 249 -60.19 32.01 -105.94
N ARG XA 250 -60.74 30.82 -106.18
CA ARG XA 250 -62.16 30.67 -106.46
C ARG XA 250 -62.91 29.83 -105.44
N MET XA 251 -62.28 28.81 -104.86
CA MET XA 251 -62.98 27.86 -104.01
C MET XA 251 -63.73 28.56 -102.89
N THR XA 252 -62.99 29.24 -102.00
CA THR XA 252 -63.57 29.95 -100.86
C THR XA 252 -64.50 29.05 -100.05
N HIS XA 253 -64.25 27.74 -100.10
CA HIS XA 253 -65.01 26.79 -99.29
C HIS XA 253 -64.73 27.08 -97.84
N ALA XA 254 -65.69 27.66 -97.14
CA ALA XA 254 -65.45 28.19 -95.81
C ALA XA 254 -66.56 27.75 -94.86
N ASP XA 255 -66.24 27.74 -93.57
CA ASP XA 255 -67.23 27.54 -92.54
C ASP XA 255 -68.15 28.76 -92.45
N THR XA 256 -69.15 28.66 -91.57
CA THR XA 256 -70.08 29.76 -91.39
C THR XA 256 -69.41 31.02 -90.85
N GLN XA 257 -68.34 30.87 -90.07
CA GLN XA 257 -67.78 31.99 -89.32
C GLN XA 257 -66.46 32.50 -89.89
N GLY XA 258 -65.46 31.63 -90.01
CA GLY XA 258 -64.10 32.11 -90.23
C GLY XA 258 -63.28 31.42 -91.30
N ARG XA 259 -62.12 30.92 -90.89
CA ARG XA 259 -61.13 30.39 -91.82
C ARG XA 259 -61.71 29.23 -92.63
N PRO XA 260 -61.27 29.06 -93.87
CA PRO XA 260 -61.86 28.05 -94.75
C PRO XA 260 -61.45 26.64 -94.37
N VAL XA 261 -62.17 25.68 -94.97
CA VAL XA 261 -61.88 24.26 -94.82
C VAL XA 261 -60.67 23.91 -95.66
N ASP XA 262 -60.13 22.70 -95.49
CA ASP XA 262 -58.96 22.28 -96.26
C ASP XA 262 -59.09 20.95 -96.99
N GLY XA 263 -60.11 20.15 -96.70
CA GLY XA 263 -60.22 18.86 -97.36
C GLY XA 263 -61.48 18.12 -97.00
N VAL XA 264 -61.41 16.79 -97.10
CA VAL XA 264 -62.56 15.92 -96.86
C VAL XA 264 -62.07 14.60 -96.27
N LEU XA 265 -62.87 14.05 -95.36
CA LEU XA 265 -62.72 12.68 -94.86
C LEU XA 265 -63.94 11.89 -95.32
N VAL XA 266 -63.83 11.26 -96.47
CA VAL XA 266 -64.91 10.41 -96.98
C VAL XA 266 -64.74 9.02 -96.42
N THR XA 267 -65.84 8.42 -95.98
CA THR XA 267 -65.79 7.17 -95.24
C THR XA 267 -67.18 6.56 -95.22
N THR XA 268 -67.23 5.23 -95.08
CA THR XA 268 -68.50 4.52 -94.96
C THR XA 268 -69.21 4.91 -93.66
N ALA XA 269 -70.42 4.36 -93.48
CA ALA XA 269 -71.31 4.83 -92.44
C ALA XA 269 -70.93 4.32 -91.05
N GLY XA 270 -70.54 3.04 -90.93
CA GLY XA 270 -70.26 2.49 -89.61
C GLY XA 270 -69.08 3.17 -88.94
N VAL XA 271 -68.00 3.38 -89.68
CA VAL XA 271 -66.82 4.06 -89.14
C VAL XA 271 -67.19 5.49 -88.75
N ARG XA 272 -67.96 6.18 -89.59
CA ARG XA 272 -68.42 7.52 -89.25
C ARG XA 272 -69.19 7.53 -87.94
N GLN XA 273 -70.18 6.64 -87.81
CA GLN XA 273 -70.97 6.58 -86.59
C GLN XA 273 -70.09 6.29 -85.37
N ARG XA 274 -69.10 5.43 -85.51
CA ARG XA 274 -68.22 5.14 -84.39
C ARG XA 274 -67.32 6.33 -84.05
N LEU XA 275 -66.94 7.13 -85.04
CA LEU XA 275 -66.04 8.25 -84.80
C LEU XA 275 -66.76 9.42 -84.16
N LEU XA 276 -67.95 9.76 -84.65
CA LEU XA 276 -68.64 10.95 -84.17
C LEU XA 276 -69.15 10.84 -82.74
N HIS XA 277 -69.10 9.67 -82.11
CA HIS XA 277 -69.75 9.49 -80.83
C HIS XA 277 -68.79 9.40 -79.65
N HIS XA 278 -67.51 9.13 -79.87
CA HIS XA 278 -66.61 8.90 -78.75
C HIS XA 278 -65.29 9.66 -78.84
N VAL XA 279 -64.83 9.98 -80.05
CA VAL XA 279 -63.47 10.50 -80.20
C VAL XA 279 -63.43 11.84 -80.93
N LEU XA 280 -64.40 12.10 -81.80
CA LEU XA 280 -64.45 13.35 -82.55
C LEU XA 280 -65.67 14.16 -82.15
N THR XA 281 -65.48 15.47 -82.02
CA THR XA 281 -66.55 16.40 -81.67
C THR XA 281 -66.90 17.23 -82.90
N LEU XA 282 -68.18 17.24 -83.26
CA LEU XA 282 -68.65 18.05 -84.38
C LEU XA 282 -68.37 19.53 -84.15
N ALA XA 283 -67.45 20.09 -84.94
CA ALA XA 283 -67.13 21.52 -84.79
C ALA XA 283 -68.30 22.40 -85.20
N ASP XA 284 -68.70 22.33 -86.47
CA ASP XA 284 -69.79 23.15 -86.98
C ASP XA 284 -70.58 22.33 -87.99
N THR XA 285 -71.85 22.69 -88.16
CA THR XA 285 -72.76 21.92 -88.99
C THR XA 285 -73.29 22.78 -90.14
N HIS XA 286 -72.57 23.85 -90.49
CA HIS XA 286 -73.04 24.73 -91.56
C HIS XA 286 -71.83 25.34 -92.27
N ALA XA 287 -71.84 25.23 -93.60
CA ALA XA 287 -70.75 25.75 -94.42
C ALA XA 287 -71.26 26.76 -95.43
N ASP XA 288 -70.36 27.27 -96.28
CA ASP XA 288 -70.73 28.23 -97.32
C ASP XA 288 -69.88 27.90 -98.54
N VAL XA 289 -70.53 27.43 -99.60
CA VAL XA 289 -69.85 26.88 -100.76
C VAL XA 289 -70.12 27.74 -101.99
N PRO XA 290 -69.35 27.61 -103.07
CA PRO XA 290 -69.72 28.30 -104.32
C PRO XA 290 -71.00 27.77 -104.93
N VAL XA 291 -71.44 28.36 -106.04
CA VAL XA 291 -72.76 28.06 -106.59
C VAL XA 291 -72.67 27.59 -108.03
N THR XA 292 -71.57 27.91 -108.71
CA THR XA 292 -71.49 27.70 -110.14
C THR XA 292 -70.16 27.06 -110.51
N TYR XA 293 -70.08 26.63 -111.76
CA TYR XA 293 -68.86 26.03 -112.29
C TYR XA 293 -67.94 27.11 -112.85
N GLY XA 294 -66.78 26.69 -113.36
CA GLY XA 294 -65.87 27.59 -114.01
C GLY XA 294 -66.07 27.57 -115.52
N GLU XA 295 -65.62 28.64 -116.17
CA GLU XA 295 -65.77 28.79 -117.61
C GLU XA 295 -64.41 28.89 -118.26
N MET XA 296 -64.25 28.21 -119.39
CA MET XA 296 -63.01 28.25 -120.16
C MET XA 296 -63.39 28.07 -121.63
N VAL XA 297 -63.47 29.17 -122.36
CA VAL XA 297 -63.83 29.14 -123.78
C VAL XA 297 -62.74 29.84 -124.58
N ILE XA 298 -62.37 29.25 -125.70
CA ILE XA 298 -61.48 29.89 -126.65
C ILE XA 298 -62.23 31.07 -127.28
N ALA XA 299 -61.60 32.24 -127.31
CA ALA XA 299 -62.32 33.43 -127.76
C ALA XA 299 -61.33 34.48 -128.24
N ASN XA 300 -61.36 34.75 -129.55
CA ASN XA 300 -60.87 35.94 -130.23
C ASN XA 300 -59.35 36.11 -130.18
N THR XA 301 -58.67 35.26 -129.43
CA THR XA 301 -57.21 35.18 -129.54
C THR XA 301 -56.71 33.76 -129.65
N ASN XA 302 -57.32 32.83 -128.90
CA ASN XA 302 -56.99 31.42 -129.05
C ASN XA 302 -57.59 30.83 -130.31
N LEU XA 303 -58.62 31.47 -130.86
CA LEU XA 303 -59.26 30.97 -132.07
C LEU XA 303 -58.28 30.94 -133.24
N VAL XA 304 -57.58 32.05 -133.47
CA VAL XA 304 -56.68 32.15 -134.62
C VAL XA 304 -55.53 31.15 -134.50
N THR XA 305 -54.90 31.09 -133.31
CA THR XA 305 -53.78 30.18 -133.14
C THR XA 305 -54.22 28.73 -133.23
N ALA XA 306 -55.34 28.38 -132.59
CA ALA XA 306 -55.89 27.04 -132.70
C ALA XA 306 -56.24 26.67 -134.13
N LEU XA 307 -56.65 27.65 -134.95
CA LEU XA 307 -57.06 27.36 -136.31
C LEU XA 307 -55.90 27.25 -137.29
N VAL XA 308 -54.88 28.11 -137.19
CA VAL XA 308 -53.81 28.12 -138.18
C VAL XA 308 -52.53 27.47 -137.67
N MET XA 309 -52.15 27.67 -136.41
CA MET XA 309 -50.89 27.12 -135.90
C MET XA 309 -51.08 25.71 -135.36
N GLY XA 310 -51.98 25.54 -134.39
CA GLY XA 310 -52.28 24.22 -133.89
C GLY XA 310 -52.19 24.09 -132.38
N LYS XA 311 -51.97 25.21 -131.70
CA LYS XA 311 -51.87 25.23 -130.25
C LYS XA 311 -52.85 26.22 -129.66
N ALA XA 312 -53.02 26.13 -128.34
CA ALA XA 312 -53.91 27.03 -127.61
C ALA XA 312 -53.56 26.93 -126.13
N VAL XA 313 -53.26 28.06 -125.51
CA VAL XA 313 -52.92 28.09 -124.11
C VAL XA 313 -54.14 28.55 -123.32
N SER XA 314 -54.09 28.38 -122.00
CA SER XA 314 -55.25 28.69 -121.16
C SER XA 314 -55.41 30.19 -120.98
N ASN XA 315 -54.41 30.85 -120.39
CA ASN XA 315 -54.47 32.28 -120.14
C ASN XA 315 -53.74 33.05 -121.24
N MET XA 316 -54.26 32.93 -122.46
CA MET XA 316 -53.67 33.66 -123.58
C MET XA 316 -53.93 35.16 -123.49
N ASP XA 317 -55.04 35.56 -122.88
CA ASP XA 317 -55.37 36.98 -122.79
C ASP XA 317 -54.33 37.73 -121.96
N ASP XA 318 -53.92 37.15 -120.83
CA ASP XA 318 -52.95 37.84 -119.97
C ASP XA 318 -51.56 37.83 -120.59
N VAL XA 319 -51.18 36.74 -121.25
CA VAL XA 319 -49.90 36.70 -121.95
C VAL XA 319 -49.88 37.75 -123.06
N ALA XA 320 -51.01 37.93 -123.74
CA ALA XA 320 -51.12 39.00 -124.73
C ALA XA 320 -50.98 40.38 -124.08
N ARG XA 321 -51.69 40.59 -122.97
CA ARG XA 321 -51.63 41.88 -122.29
C ARG XA 321 -50.24 42.20 -121.78
N TYR XA 322 -49.44 41.16 -121.48
CA TYR XA 322 -48.11 41.40 -120.92
C TYR XA 322 -47.03 41.51 -122.00
N LEU XA 323 -47.06 40.65 -123.01
CA LEU XA 323 -46.02 40.65 -124.04
C LEU XA 323 -45.98 41.98 -124.77
N LEU XA 324 -47.05 42.33 -125.46
CA LEU XA 324 -47.15 43.64 -126.07
C LEU XA 324 -47.57 44.67 -125.02
N GLY XA 325 -47.63 45.94 -125.45
CA GLY XA 325 -47.92 47.01 -124.50
C GLY XA 325 -49.29 46.88 -123.88
N GLY XA 326 -50.34 46.87 -124.70
CA GLY XA 326 -51.69 46.75 -124.21
C GLY XA 326 -52.42 48.08 -124.15
N GLY XA 337 -70.16 34.34 -106.36
CA GLY XA 337 -71.35 33.79 -105.73
C GLY XA 337 -71.06 33.07 -104.44
N SER XA 338 -72.12 32.72 -103.71
CA SER XA 338 -72.01 32.01 -102.44
C SER XA 338 -73.37 31.42 -102.10
N ALA XA 339 -73.37 30.48 -101.17
CA ALA XA 339 -74.60 29.79 -100.76
C ALA XA 339 -74.43 29.30 -99.34
N ARG XA 340 -75.44 28.60 -98.84
CA ARG XA 340 -75.38 27.99 -97.51
C ARG XA 340 -75.98 26.60 -97.60
N VAL XA 341 -75.23 25.61 -97.11
CA VAL XA 341 -75.68 24.23 -97.05
C VAL XA 341 -75.40 23.68 -95.66
N ARG XA 342 -75.91 22.48 -95.40
CA ARG XA 342 -75.70 21.78 -94.14
C ARG XA 342 -74.70 20.67 -94.39
N ALA XA 343 -73.52 20.80 -93.81
CA ALA XA 343 -72.46 19.80 -93.89
C ALA XA 343 -71.91 19.56 -92.50
N ASP XA 344 -70.90 18.72 -92.39
CA ASP XA 344 -70.32 18.33 -91.10
C ASP XA 344 -68.86 18.77 -91.08
N LEU XA 345 -68.56 19.77 -90.26
CA LEU XA 345 -67.21 20.29 -90.11
C LEU XA 345 -66.61 19.79 -88.80
N VAL XA 346 -65.38 19.28 -88.86
CA VAL XA 346 -64.68 18.72 -87.72
C VAL XA 346 -63.24 19.19 -87.74
N VAL XA 347 -62.70 19.47 -86.55
CA VAL XA 347 -61.32 19.89 -86.38
C VAL XA 347 -60.50 18.69 -85.91
N VAL XA 348 -59.41 18.41 -86.62
CA VAL XA 348 -58.43 17.42 -86.21
C VAL XA 348 -57.05 18.05 -86.32
N GLY XA 349 -56.17 17.73 -85.38
CA GLY XA 349 -54.85 18.34 -85.32
C GLY XA 349 -54.94 19.84 -85.22
N ASP XA 350 -54.55 20.53 -86.30
CA ASP XA 350 -54.72 21.98 -86.37
C ASP XA 350 -55.52 22.36 -87.62
N ARG XA 351 -56.07 21.39 -88.34
CA ARG XA 351 -56.76 21.62 -89.59
C ARG XA 351 -58.27 21.63 -89.34
N LEU XA 352 -59.05 22.04 -90.35
CA LEU XA 352 -60.50 22.11 -90.22
C LEU XA 352 -61.08 21.49 -91.49
N VAL XA 353 -61.49 20.23 -91.38
CA VAL XA 353 -61.73 19.36 -92.53
C VAL XA 353 -63.18 18.90 -92.52
N PHE XA 354 -63.70 18.60 -93.71
CA PHE XA 354 -65.04 18.03 -93.86
C PHE XA 354 -65.08 16.62 -93.30
N LEU XA 355 -66.30 16.09 -93.20
CA LEU XA 355 -66.52 14.69 -92.81
C LEU XA 355 -67.83 14.23 -93.44
N GLU XA 356 -67.74 13.26 -94.34
CA GLU XA 356 -68.88 12.84 -95.15
C GLU XA 356 -69.05 11.34 -95.14
N ALA XA 357 -70.30 10.89 -95.20
CA ALA XA 357 -70.66 9.53 -95.55
C ALA XA 357 -71.59 9.59 -96.76
N LEU XA 358 -71.28 8.82 -97.80
CA LEU XA 358 -72.01 8.87 -99.06
C LEU XA 358 -72.67 7.54 -99.38
N GLU XA 359 -73.27 6.91 -98.38
CA GLU XA 359 -74.06 5.70 -98.57
C GLU XA 359 -75.55 5.97 -98.66
N LYS XA 360 -76.03 7.02 -98.01
CA LYS XA 360 -77.46 7.36 -97.98
C LYS XA 360 -77.84 8.40 -99.01
N ARG XA 361 -77.11 9.51 -99.08
CA ARG XA 361 -77.40 10.53 -100.08
C ARG XA 361 -77.19 9.98 -101.49
N VAL XA 362 -76.09 9.25 -101.69
CA VAL XA 362 -75.81 8.61 -102.97
C VAL XA 362 -75.54 7.13 -102.69
N TYR XA 363 -75.61 6.32 -103.75
CA TYR XA 363 -75.35 4.88 -103.72
C TYR XA 363 -76.47 4.09 -103.06
N GLN XA 364 -77.46 4.78 -102.49
CA GLN XA 364 -78.54 4.12 -101.78
C GLN XA 364 -79.59 3.61 -102.77
N ALA XA 365 -79.95 2.34 -102.62
CA ALA XA 365 -80.94 1.68 -103.46
C ALA XA 365 -80.53 1.72 -104.94
N THR XA 366 -79.33 1.24 -105.19
CA THR XA 366 -78.82 1.08 -106.55
C THR XA 366 -77.83 -0.06 -106.55
N GLN XA 367 -77.77 -0.78 -107.67
CA GLN XA 367 -77.03 -2.04 -107.75
C GLN XA 367 -75.54 -1.85 -107.96
N VAL XA 368 -75.01 -0.66 -107.70
CA VAL XA 368 -73.58 -0.39 -107.81
C VAL XA 368 -72.97 -0.45 -106.40
N PRO XA 369 -71.86 -1.15 -106.21
CA PRO XA 369 -71.28 -1.25 -104.87
C PRO XA 369 -70.59 0.04 -104.46
N TYR XA 370 -70.36 0.15 -103.16
CA TYR XA 370 -69.64 1.30 -102.61
C TYR XA 370 -68.14 1.13 -102.80
N PRO XA 371 -67.43 2.14 -103.28
CA PRO XA 371 -66.02 1.98 -103.65
C PRO XA 371 -65.00 2.22 -102.56
N LEU XA 372 -65.39 2.41 -101.30
CA LEU XA 372 -64.41 2.50 -100.23
C LEU XA 372 -64.23 1.18 -99.49
N VAL XA 373 -65.06 0.19 -99.79
CA VAL XA 373 -64.92 -1.15 -99.17
C VAL XA 373 -63.81 -1.84 -99.96
N GLY XA 374 -62.58 -1.66 -99.49
CA GLY XA 374 -61.42 -2.18 -100.20
C GLY XA 374 -61.31 -3.68 -100.17
N ASN XA 375 -60.19 -4.20 -100.66
CA ASN XA 375 -59.94 -5.64 -100.70
C ASN XA 375 -58.45 -5.85 -100.41
N LEU XA 376 -58.12 -6.05 -99.15
CA LEU XA 376 -56.74 -6.35 -98.78
C LEU XA 376 -56.33 -7.69 -99.38
N ASP XA 377 -55.02 -7.86 -99.55
CA ASP XA 377 -54.49 -9.10 -100.10
C ASP XA 377 -53.29 -9.53 -99.29
N VAL XA 378 -53.29 -10.78 -98.84
CA VAL XA 378 -52.15 -11.38 -98.18
C VAL XA 378 -51.95 -12.77 -98.78
N THR XA 379 -50.78 -13.34 -98.52
CA THR XA 379 -50.41 -14.65 -99.03
C THR XA 379 -49.78 -15.47 -97.93
N PHE XA 380 -50.42 -16.58 -97.58
CA PHE XA 380 -49.96 -17.43 -96.50
C PHE XA 380 -49.05 -18.54 -97.03
N VAL XA 381 -48.10 -18.96 -96.18
CA VAL XA 381 -47.22 -20.08 -96.48
C VAL XA 381 -47.07 -20.91 -95.22
N MET XA 382 -46.89 -22.22 -95.40
CA MET XA 382 -46.71 -23.11 -94.27
C MET XA 382 -45.90 -24.31 -94.73
N PRO XA 383 -44.88 -24.71 -93.96
CA PRO XA 383 -44.14 -25.92 -94.30
C PRO XA 383 -44.99 -27.15 -94.03
N LEU XA 384 -44.81 -28.18 -94.87
CA LEU XA 384 -45.64 -29.37 -94.79
C LEU XA 384 -45.01 -30.47 -93.94
N GLY XA 385 -43.84 -30.96 -94.33
CA GLY XA 385 -43.28 -32.13 -93.69
C GLY XA 385 -41.80 -32.05 -93.33
N VAL XA 386 -41.34 -30.86 -92.94
CA VAL XA 386 -39.92 -30.69 -92.60
C VAL XA 386 -39.59 -31.54 -91.38
N PHE XA 387 -38.32 -31.87 -91.22
CA PHE XA 387 -37.88 -32.72 -90.11
C PHE XA 387 -36.70 -32.04 -89.44
N LYS XA 388 -36.86 -31.70 -88.16
CA LYS XA 388 -35.85 -30.97 -87.43
C LYS XA 388 -34.67 -31.88 -87.08
N PRO XA 389 -33.47 -31.31 -86.91
CA PRO XA 389 -32.30 -32.13 -86.58
C PRO XA 389 -32.40 -32.77 -85.20
N ALA XA 390 -31.37 -33.55 -84.84
CA ALA XA 390 -31.42 -34.32 -83.59
C ALA XA 390 -31.27 -33.45 -82.35
N ALA XA 391 -30.76 -32.23 -82.48
CA ALA XA 391 -30.46 -31.44 -81.29
C ALA XA 391 -31.68 -30.75 -80.71
N ASP XA 392 -32.63 -30.33 -81.55
CA ASP XA 392 -33.76 -29.53 -81.10
C ASP XA 392 -35.05 -30.33 -81.02
N ARG XA 393 -34.94 -31.64 -80.83
CA ARG XA 393 -36.09 -32.51 -80.58
C ARG XA 393 -36.11 -32.79 -79.07
N TYR XA 394 -37.01 -32.11 -78.36
CA TYR XA 394 -36.97 -32.14 -76.90
C TYR XA 394 -38.35 -31.85 -76.34
N ALA XA 395 -38.66 -32.45 -75.20
CA ALA XA 395 -39.89 -32.16 -74.48
C ALA XA 395 -39.69 -30.90 -73.63
N ARG XA 396 -40.66 -30.00 -73.65
CA ARG XA 396 -40.57 -28.78 -72.85
C ARG XA 396 -40.81 -29.08 -71.38
N HIS XA 397 -41.49 -30.17 -71.08
CA HIS XA 397 -41.74 -30.60 -69.71
C HIS XA 397 -41.57 -32.11 -69.59
N ALA XA 398 -41.28 -32.56 -68.38
CA ALA XA 398 -41.12 -34.00 -68.14
C ALA XA 398 -42.42 -34.74 -68.35
N GLY XA 399 -43.54 -34.17 -67.93
CA GLY XA 399 -44.82 -34.80 -68.19
C GLY XA 399 -45.29 -34.40 -69.56
N SER XA 400 -45.02 -35.26 -70.53
CA SER XA 400 -45.22 -34.95 -71.94
C SER XA 400 -46.66 -35.28 -72.33
N PHE XA 401 -46.94 -35.24 -73.63
CA PHE XA 401 -48.22 -35.72 -74.15
C PHE XA 401 -48.18 -37.25 -74.13
N ALA XA 402 -48.31 -37.79 -72.92
CA ALA XA 402 -48.05 -39.21 -72.70
C ALA XA 402 -49.05 -40.06 -73.46
N PRO XA 403 -48.59 -41.01 -74.26
CA PRO XA 403 -49.50 -41.93 -74.96
C PRO XA 403 -50.00 -42.99 -73.99
N THR XA 404 -50.85 -43.88 -74.51
CA THR XA 404 -51.42 -44.95 -73.71
C THR XA 404 -50.33 -45.88 -73.21
N PRO XA 405 -50.26 -46.18 -71.92
CA PRO XA 405 -49.23 -47.10 -71.41
C PRO XA 405 -49.34 -48.46 -72.07
N GLY XA 406 -48.26 -48.86 -72.75
CA GLY XA 406 -48.23 -50.13 -73.45
C GLY XA 406 -48.24 -49.98 -74.95
N LEU XA 407 -47.90 -48.79 -75.43
CA LEU XA 407 -47.86 -48.51 -76.86
C LEU XA 407 -46.64 -47.66 -77.15
N PRO XA 408 -46.07 -47.75 -78.35
CA PRO XA 408 -45.01 -46.82 -78.74
C PRO XA 408 -45.58 -45.44 -79.00
N ASP XA 409 -44.83 -44.43 -78.59
CA ASP XA 409 -45.31 -43.06 -78.74
C ASP XA 409 -45.41 -42.70 -80.21
N PRO XA 410 -46.54 -42.13 -80.66
CA PRO XA 410 -46.65 -41.68 -82.05
C PRO XA 410 -46.10 -40.29 -82.32
N ARG XA 411 -45.30 -39.73 -81.40
CA ARG XA 411 -44.88 -38.34 -81.53
C ARG XA 411 -43.51 -38.20 -82.20
N THR XA 412 -42.50 -38.95 -81.75
CA THR XA 412 -41.17 -38.83 -82.33
C THR XA 412 -41.13 -39.14 -83.81
N HIS XA 413 -42.15 -39.83 -84.34
CA HIS XA 413 -42.19 -40.16 -85.74
C HIS XA 413 -42.21 -38.89 -86.60
N PRO XA 414 -41.57 -38.91 -87.76
CA PRO XA 414 -41.55 -37.72 -88.62
C PRO XA 414 -42.94 -37.38 -89.09
N PRO XA 415 -43.40 -36.16 -88.87
CA PRO XA 415 -44.75 -35.77 -89.25
C PRO XA 415 -44.91 -35.68 -90.77
N ARG XA 416 -46.16 -35.86 -91.21
CA ARG XA 416 -46.46 -35.83 -92.64
C ARG XA 416 -47.74 -35.07 -92.94
N ALA XA 417 -48.15 -34.18 -92.05
CA ALA XA 417 -49.38 -33.42 -92.24
C ALA XA 417 -49.30 -32.14 -91.43
N VAL XA 418 -50.24 -31.22 -91.69
CA VAL XA 418 -50.33 -29.96 -90.98
C VAL XA 418 -51.78 -29.75 -90.55
N HIS XA 419 -51.99 -28.68 -89.79
CA HIS XA 419 -53.31 -28.31 -89.32
C HIS XA 419 -53.37 -26.80 -89.19
N PHE XA 420 -54.54 -26.23 -89.47
CA PHE XA 420 -54.76 -24.80 -89.28
C PHE XA 420 -56.26 -24.57 -89.13
N PHE XA 421 -56.66 -23.31 -89.18
CA PHE XA 421 -58.05 -22.92 -88.93
C PHE XA 421 -58.67 -22.34 -90.20
N ASN XA 422 -59.98 -22.53 -90.32
CA ASN XA 422 -60.73 -22.02 -91.46
C ASN XA 422 -61.23 -20.61 -91.12
N LYS XA 423 -61.94 -19.98 -92.06
CA LYS XA 423 -62.44 -18.63 -91.83
C LYS XA 423 -63.34 -18.58 -90.59
N ASP XA 424 -64.39 -19.38 -90.56
CA ASP XA 424 -65.25 -19.45 -89.39
C ASP XA 424 -64.48 -19.92 -88.15
N GLY XA 425 -63.51 -20.80 -88.33
CA GLY XA 425 -62.74 -21.36 -87.24
C GLY XA 425 -62.74 -22.87 -87.18
N VAL XA 426 -63.43 -23.56 -88.07
CA VAL XA 426 -63.43 -25.03 -88.03
C VAL XA 426 -62.06 -25.55 -88.43
N PRO XA 427 -61.49 -26.52 -87.71
CA PRO XA 427 -60.21 -27.09 -88.12
C PRO XA 427 -60.31 -27.75 -89.48
N CYS XA 428 -59.19 -27.74 -90.20
CA CYS XA 428 -59.12 -28.28 -91.55
C CYS XA 428 -57.66 -28.56 -91.87
N HIS XA 429 -57.34 -29.81 -92.18
CA HIS XA 429 -55.97 -30.26 -92.28
C HIS XA 429 -55.58 -30.48 -93.73
N VAL XA 430 -54.26 -30.58 -93.94
CA VAL XA 430 -53.67 -30.79 -95.26
C VAL XA 430 -52.60 -31.86 -95.14
N THR XA 431 -52.63 -32.82 -96.07
CA THR XA 431 -51.79 -34.01 -95.98
C THR XA 431 -51.18 -34.25 -97.37
N PHE XA 432 -50.12 -35.06 -97.40
CA PHE XA 432 -49.44 -35.41 -98.66
C PHE XA 432 -50.43 -35.85 -99.74
N GLU XA 433 -51.53 -36.47 -99.34
CA GLU XA 433 -52.51 -36.98 -100.30
C GLU XA 433 -52.96 -35.90 -101.29
N HIS XA 434 -53.16 -34.68 -100.80
CA HIS XA 434 -53.61 -33.60 -101.67
C HIS XA 434 -52.55 -33.19 -102.69
N ALA XA 435 -51.27 -33.38 -102.37
CA ALA XA 435 -50.19 -33.04 -103.29
C ALA XA 435 -50.15 -33.95 -104.51
N MET XA 436 -51.01 -34.98 -104.57
CA MET XA 436 -51.05 -35.87 -105.72
C MET XA 436 -51.26 -35.12 -107.02
N GLY XA 437 -51.97 -33.99 -106.97
CA GLY XA 437 -52.25 -33.20 -108.16
C GLY XA 437 -51.05 -32.47 -108.72
N THR XA 438 -49.90 -32.57 -108.04
CA THR XA 438 -48.68 -31.91 -108.48
C THR XA 438 -47.57 -32.88 -108.81
N LEU XA 439 -47.27 -33.82 -107.91
CA LEU XA 439 -46.17 -34.76 -108.09
C LEU XA 439 -46.53 -35.94 -108.96
N CYS XA 440 -47.79 -36.08 -109.35
CA CYS XA 440 -48.24 -37.14 -110.26
C CYS XA 440 -48.73 -36.49 -111.53
N HIS XA 441 -47.80 -36.22 -112.44
CA HIS XA 441 -48.08 -35.51 -113.70
C HIS XA 441 -46.85 -35.61 -114.60
N PRO XA 442 -47.03 -35.63 -115.92
CA PRO XA 442 -45.86 -35.67 -116.81
C PRO XA 442 -44.88 -34.53 -116.60
N SER XA 443 -45.33 -33.38 -116.11
CA SER XA 443 -44.43 -32.25 -115.88
C SER XA 443 -43.27 -32.60 -114.97
N PHE XA 444 -43.47 -33.54 -114.05
CA PHE XA 444 -42.41 -33.95 -113.13
C PHE XA 444 -41.17 -34.46 -113.86
N LEU XA 445 -41.29 -34.84 -115.12
CA LEU XA 445 -40.20 -35.43 -115.90
C LEU XA 445 -39.98 -34.67 -117.19
N ASP XA 446 -39.94 -33.34 -117.10
CA ASP XA 446 -39.65 -32.46 -118.23
C ASP XA 446 -38.23 -31.94 -118.05
N VAL XA 447 -37.27 -32.55 -118.76
CA VAL XA 447 -35.87 -32.16 -118.67
C VAL XA 447 -35.29 -31.76 -120.01
N ASP XA 448 -36.09 -31.73 -121.07
CA ASP XA 448 -35.56 -31.38 -122.38
C ASP XA 448 -35.07 -29.93 -122.41
N ALA XA 449 -35.91 -29.00 -121.96
CA ALA XA 449 -35.53 -27.59 -121.98
C ALA XA 449 -34.37 -27.32 -121.04
N THR XA 450 -34.37 -27.95 -119.86
CA THR XA 450 -33.29 -27.75 -118.91
C THR XA 450 -31.94 -28.09 -119.52
N LEU XA 451 -31.79 -29.32 -120.03
CA LEU XA 451 -30.52 -29.71 -120.62
C LEU XA 451 -30.22 -28.89 -121.86
N ALA XA 452 -31.24 -28.61 -122.68
CA ALA XA 452 -31.01 -27.85 -123.90
C ALA XA 452 -30.51 -26.43 -123.62
N ALA XA 453 -30.85 -25.89 -122.44
CA ALA XA 453 -30.39 -24.56 -122.06
C ALA XA 453 -29.12 -24.58 -121.21
N LEU XA 454 -28.79 -25.72 -120.59
CA LEU XA 454 -27.62 -25.79 -119.74
C LEU XA 454 -26.33 -26.04 -120.50
N ARG XA 455 -26.41 -26.61 -121.71
CA ARG XA 455 -25.22 -26.89 -122.52
C ARG XA 455 -24.69 -25.65 -123.22
N GLN XA 456 -25.26 -24.47 -122.94
CA GLN XA 456 -24.75 -23.24 -123.54
C GLN XA 456 -23.37 -22.90 -123.03
N GLU XA 457 -23.06 -23.25 -121.79
CA GLU XA 457 -21.69 -23.21 -121.31
C GLU XA 457 -20.83 -24.14 -122.17
N PRO XA 458 -19.60 -23.74 -122.54
CA PRO XA 458 -18.83 -24.57 -123.48
C PRO XA 458 -18.55 -25.98 -123.00
N ALA XA 459 -17.78 -26.14 -121.92
CA ALA XA 459 -17.48 -27.46 -121.35
C ALA XA 459 -16.55 -27.30 -120.15
N GLU XA 460 -16.48 -28.36 -119.34
CA GLU XA 460 -15.48 -28.52 -118.30
C GLU XA 460 -15.28 -30.02 -118.07
N VAL XA 461 -14.05 -30.44 -117.85
CA VAL XA 461 -13.74 -31.83 -117.51
C VAL XA 461 -12.86 -31.78 -116.26
N GLN XA 462 -13.42 -32.21 -115.13
CA GLN XA 462 -12.68 -32.25 -113.88
C GLN XA 462 -12.28 -33.69 -113.52
N CYS XA 463 -13.27 -34.58 -113.46
CA CYS XA 463 -13.03 -35.99 -113.23
C CYS XA 463 -13.97 -36.80 -114.12
N ALA XA 464 -13.48 -37.95 -114.59
CA ALA XA 464 -14.23 -38.81 -115.47
C ALA XA 464 -14.29 -40.24 -114.95
N PHE XA 465 -14.14 -40.41 -113.65
CA PHE XA 465 -14.11 -41.73 -113.03
C PHE XA 465 -15.49 -42.32 -112.78
N GLY XA 466 -16.49 -41.47 -112.54
CA GLY XA 466 -17.81 -41.98 -112.23
C GLY XA 466 -18.86 -41.74 -113.30
N ALA XA 467 -18.43 -41.34 -114.50
CA ALA XA 467 -19.35 -41.02 -115.58
C ALA XA 467 -18.86 -41.57 -116.90
N TYR XA 468 -18.35 -42.79 -116.92
CA TYR XA 468 -17.95 -43.43 -118.17
C TYR XA 468 -17.88 -44.94 -117.95
N VAL XA 469 -18.74 -45.67 -118.66
CA VAL XA 469 -18.66 -47.13 -118.68
C VAL XA 469 -18.10 -47.54 -120.04
N ALA XA 470 -17.42 -48.68 -120.06
CA ALA XA 470 -16.88 -49.22 -121.31
C ALA XA 470 -16.93 -50.72 -121.26
N ASP XA 471 -17.30 -51.35 -122.37
CA ASP XA 471 -17.32 -52.79 -122.44
C ASP XA 471 -15.89 -53.33 -122.51
N ALA XA 472 -15.75 -54.62 -122.22
CA ALA XA 472 -14.45 -55.26 -122.18
C ALA XA 472 -14.39 -56.36 -123.23
N ARG XA 473 -13.16 -56.72 -123.59
CA ARG XA 473 -12.90 -57.82 -124.50
C ARG XA 473 -12.83 -59.11 -123.70
N PRO XA 474 -12.62 -60.27 -124.33
CA PRO XA 474 -12.32 -61.47 -123.53
C PRO XA 474 -11.02 -61.33 -122.75
N ASP XA 475 -10.62 -62.39 -122.04
CA ASP XA 475 -9.50 -62.34 -121.10
C ASP XA 475 -9.78 -61.33 -119.99
N ALA XA 476 -10.79 -61.67 -119.19
CA ALA XA 476 -11.29 -60.78 -118.16
C ALA XA 476 -11.06 -61.34 -116.77
N LEU XA 477 -11.04 -60.43 -115.80
CA LEU XA 477 -11.19 -60.69 -114.37
C LEU XA 477 -9.91 -61.24 -113.73
N VAL XA 478 -8.85 -61.46 -114.50
CA VAL XA 478 -7.57 -61.84 -113.91
C VAL XA 478 -6.50 -60.83 -114.33
N GLY XA 479 -6.53 -60.41 -115.59
CA GLY XA 479 -5.61 -59.42 -116.10
C GLY XA 479 -6.32 -58.11 -116.36
N LEU XA 480 -7.65 -58.21 -116.49
CA LEU XA 480 -8.47 -57.03 -116.74
C LEU XA 480 -8.40 -56.06 -115.57
N MET XA 481 -8.53 -56.56 -114.34
CA MET XA 481 -8.38 -55.72 -113.16
C MET XA 481 -6.98 -55.11 -113.08
N GLN XA 482 -5.95 -55.88 -113.48
CA GLN XA 482 -4.60 -55.32 -113.51
C GLN XA 482 -4.54 -54.13 -114.45
N ARG XA 483 -4.84 -54.35 -115.74
CA ARG XA 483 -4.86 -53.27 -116.71
C ARG XA 483 -5.71 -52.08 -116.26
N PHE XA 484 -6.79 -52.33 -115.53
CA PHE XA 484 -7.59 -51.24 -114.99
C PHE XA 484 -6.81 -50.43 -113.97
N LEU XA 485 -6.30 -51.09 -112.92
CA LEU XA 485 -5.57 -50.38 -111.87
C LEU XA 485 -4.36 -49.64 -112.41
N GLU XA 486 -3.69 -50.19 -113.43
CA GLU XA 486 -2.45 -49.59 -113.91
C GLU XA 486 -2.70 -48.17 -114.43
N GLU XA 487 -3.84 -47.95 -115.07
CA GLU XA 487 -4.17 -46.65 -115.64
C GLU XA 487 -5.22 -45.89 -114.85
N TRP XA 488 -5.68 -46.43 -113.73
CA TRP XA 488 -6.71 -45.75 -112.94
C TRP XA 488 -6.28 -44.36 -112.47
N PRO XA 489 -5.07 -44.15 -111.93
CA PRO XA 489 -4.68 -42.79 -111.56
C PRO XA 489 -4.70 -41.80 -112.72
N GLY XA 490 -4.59 -42.28 -113.96
CA GLY XA 490 -4.69 -41.42 -115.11
C GLY XA 490 -6.08 -40.92 -115.42
N MET XA 491 -7.09 -41.41 -114.70
CA MET XA 491 -8.46 -40.96 -114.88
C MET XA 491 -8.94 -40.03 -113.77
N MET XA 492 -8.17 -39.89 -112.70
CA MET XA 492 -8.56 -39.10 -111.53
C MET XA 492 -7.46 -38.07 -111.24
N PRO XA 493 -7.39 -37.00 -112.03
CA PRO XA 493 -6.46 -35.90 -111.68
C PRO XA 493 -6.90 -35.13 -110.45
N VAL XA 494 -8.20 -35.02 -110.20
CA VAL XA 494 -8.74 -34.43 -108.99
C VAL XA 494 -9.74 -35.43 -108.41
N ARG XA 495 -9.84 -35.44 -107.08
CA ARG XA 495 -10.74 -36.36 -106.42
C ARG XA 495 -12.17 -36.10 -106.88
N PRO XA 496 -12.95 -37.14 -107.18
CA PRO XA 496 -14.30 -36.93 -107.72
C PRO XA 496 -15.20 -36.24 -106.71
N ARG XA 497 -16.09 -35.37 -107.22
CA ARG XA 497 -17.00 -34.63 -106.36
C ARG XA 497 -18.00 -35.55 -105.68
N TRP XA 498 -18.62 -36.45 -106.45
CA TRP XA 498 -19.59 -37.39 -105.88
C TRP XA 498 -18.96 -38.32 -104.85
N ALA XA 499 -17.66 -38.57 -104.96
CA ALA XA 499 -17.00 -39.51 -104.05
C ALA XA 499 -17.12 -39.04 -102.60
N ALA XA 500 -16.54 -37.88 -102.30
CA ALA XA 500 -16.68 -37.27 -100.99
C ALA XA 500 -17.75 -36.19 -101.08
N PRO XA 501 -18.89 -36.34 -100.41
CA PRO XA 501 -19.91 -35.29 -100.47
C PRO XA 501 -19.36 -33.97 -99.93
N ALA XA 502 -19.92 -32.87 -100.42
CA ALA XA 502 -19.37 -31.56 -100.10
C ALA XA 502 -19.39 -31.30 -98.61
N ALA XA 503 -20.59 -31.11 -98.04
CA ALA XA 503 -20.75 -30.86 -96.61
C ALA XA 503 -22.23 -30.89 -96.29
N ALA XA 504 -22.57 -30.46 -95.07
CA ALA XA 504 -23.97 -30.31 -94.70
C ALA XA 504 -24.53 -28.97 -95.17
N ASP XA 505 -23.72 -27.91 -95.18
CA ASP XA 505 -24.17 -26.62 -95.68
C ASP XA 505 -23.20 -25.94 -96.65
N GLN XA 506 -21.97 -26.43 -96.79
CA GLN XA 506 -21.12 -25.93 -97.86
C GLN XA 506 -21.65 -26.32 -99.23
N LEU XA 507 -22.61 -27.23 -99.31
CA LEU XA 507 -23.39 -27.36 -100.53
C LEU XA 507 -24.18 -26.09 -100.80
N LEU XA 508 -24.72 -25.46 -99.75
CA LEU XA 508 -25.42 -24.20 -99.86
C LEU XA 508 -24.49 -22.99 -99.81
N ALA XA 509 -23.19 -23.19 -100.05
CA ALA XA 509 -22.23 -22.11 -100.03
C ALA XA 509 -22.54 -21.11 -101.15
N PRO XA 510 -22.07 -19.87 -101.02
CA PRO XA 510 -22.35 -18.86 -102.04
C PRO XA 510 -21.41 -18.88 -103.22
N GLY XA 511 -20.43 -19.77 -103.26
CA GLY XA 511 -19.47 -19.77 -104.36
C GLY XA 511 -19.06 -21.14 -104.85
N ASN XA 512 -19.60 -22.20 -104.27
CA ASN XA 512 -19.22 -23.54 -104.68
C ASN XA 512 -19.76 -23.85 -106.08
N ALA XA 513 -19.21 -24.89 -106.70
CA ALA XA 513 -19.56 -25.28 -108.05
C ALA XA 513 -20.57 -26.44 -108.07
N ASP XA 514 -21.33 -26.62 -107.00
CA ASP XA 514 -22.29 -27.71 -106.92
C ASP XA 514 -23.73 -27.25 -107.07
N LEU XA 515 -24.09 -26.10 -106.49
CA LEU XA 515 -25.44 -25.57 -106.67
C LEU XA 515 -25.77 -25.37 -108.15
N ARG XA 516 -24.77 -25.13 -108.98
CA ARG XA 516 -24.96 -24.99 -110.40
C ARG XA 516 -25.45 -26.27 -111.06
N LEU XA 517 -25.32 -27.42 -110.38
CA LEU XA 517 -25.64 -28.71 -110.98
C LEU XA 517 -26.65 -29.53 -110.19
N GLU XA 518 -27.30 -28.94 -109.19
CA GLU XA 518 -28.29 -29.64 -108.37
C GLU XA 518 -29.56 -28.79 -108.34
N LEU XA 519 -30.50 -29.10 -109.24
CA LEU XA 519 -31.66 -28.25 -109.46
C LEU XA 519 -32.91 -29.07 -109.72
N HIS XA 520 -32.94 -30.32 -109.25
CA HIS XA 520 -34.11 -31.15 -109.45
C HIS XA 520 -34.12 -32.32 -108.46
N PRO XA 521 -35.28 -32.63 -107.87
CA PRO XA 521 -35.34 -33.70 -106.86
C PRO XA 521 -35.43 -35.10 -107.43
N ALA XA 522 -35.31 -35.29 -108.75
CA ALA XA 522 -35.42 -36.61 -109.33
C ALA XA 522 -34.36 -36.85 -110.40
N PHE XA 523 -33.28 -36.08 -110.37
CA PHE XA 523 -32.30 -36.15 -111.46
C PHE XA 523 -30.93 -35.75 -110.91
N ASP XA 524 -29.92 -36.53 -111.27
CA ASP XA 524 -28.53 -36.23 -110.94
C ASP XA 524 -27.84 -35.76 -112.21
N PHE XA 525 -27.66 -34.45 -112.33
CA PHE XA 525 -26.98 -33.86 -113.47
C PHE XA 525 -25.47 -33.85 -113.22
N PHE XA 526 -24.70 -34.16 -114.26
CA PHE XA 526 -23.25 -34.19 -114.14
C PHE XA 526 -22.63 -33.87 -115.50
N VAL XA 527 -21.32 -33.99 -115.59
CA VAL XA 527 -20.57 -33.80 -116.82
C VAL XA 527 -19.94 -35.14 -117.19
N ALA XA 528 -19.85 -35.41 -118.48
CA ALA XA 528 -19.34 -36.68 -118.98
C ALA XA 528 -18.62 -36.49 -120.31
N PRO XA 529 -17.67 -37.36 -120.62
CA PRO XA 529 -17.03 -37.32 -121.95
C PRO XA 529 -18.05 -37.58 -123.05
N GLU XA 530 -18.03 -36.72 -124.06
CA GLU XA 530 -19.04 -36.75 -125.13
C GLU XA 530 -18.75 -37.92 -126.06
N VAL XA 531 -19.03 -39.12 -125.55
CA VAL XA 531 -18.88 -40.37 -126.30
C VAL XA 531 -20.01 -41.31 -125.87
N ASP XA 532 -20.51 -42.09 -126.82
CA ASP XA 532 -21.57 -43.06 -126.57
C ASP XA 532 -21.05 -44.13 -125.62
N VAL XA 533 -21.91 -44.58 -124.70
CA VAL XA 533 -21.56 -45.57 -123.69
C VAL XA 533 -22.31 -46.86 -123.99
N PRO XA 534 -21.66 -48.04 -123.91
CA PRO XA 534 -20.25 -48.28 -123.61
C PRO XA 534 -19.33 -48.03 -124.79
N GLY XA 535 -18.04 -47.85 -124.53
CA GLY XA 535 -17.09 -47.54 -125.57
C GLY XA 535 -15.75 -48.25 -125.39
N PRO XA 536 -14.69 -47.64 -125.92
CA PRO XA 536 -13.37 -48.28 -125.82
C PRO XA 536 -12.84 -48.27 -124.39
N PHE XA 537 -11.87 -49.14 -124.16
CA PHE XA 537 -11.33 -49.31 -122.80
C PHE XA 537 -10.56 -48.09 -122.33
N ALA XA 538 -9.74 -47.49 -123.19
CA ALA XA 538 -9.02 -46.29 -122.84
C ALA XA 538 -9.92 -45.09 -123.03
N VAL XA 539 -10.03 -44.27 -121.99
CA VAL XA 539 -10.90 -43.10 -122.05
C VAL XA 539 -10.39 -42.14 -123.12
N PRO XA 540 -11.25 -41.64 -124.01
CA PRO XA 540 -10.79 -40.63 -124.98
C PRO XA 540 -10.56 -39.29 -124.32
N GLN XA 541 -10.06 -38.32 -125.07
CA GLN XA 541 -9.76 -37.00 -124.53
C GLN XA 541 -10.73 -35.94 -125.06
N VAL XA 542 -11.99 -36.33 -125.23
CA VAL XA 542 -12.99 -35.42 -125.80
C VAL XA 542 -13.49 -34.46 -124.73
N MET XA 543 -13.96 -33.30 -125.17
CA MET XA 543 -14.58 -32.34 -124.27
C MET XA 543 -15.90 -32.91 -123.74
N GLY XA 544 -16.38 -32.32 -122.65
CA GLY XA 544 -17.52 -32.85 -121.94
C GLY XA 544 -18.81 -32.10 -122.19
N GLN XA 545 -19.91 -32.85 -122.11
CA GLN XA 545 -21.26 -32.33 -122.14
C GLN XA 545 -21.86 -32.42 -120.74
N VAL XA 546 -23.12 -32.04 -120.61
CA VAL XA 546 -23.82 -32.10 -119.33
C VAL XA 546 -24.98 -33.08 -119.51
N ARG XA 547 -24.74 -34.34 -119.18
CA ARG XA 547 -25.77 -35.37 -119.33
C ARG XA 547 -26.64 -35.39 -118.07
N ALA XA 548 -27.57 -36.34 -118.01
CA ALA XA 548 -28.47 -36.45 -116.87
C ALA XA 548 -28.82 -37.92 -116.67
N MET XA 549 -29.47 -38.19 -115.55
CA MET XA 549 -29.80 -39.54 -115.13
C MET XA 549 -30.85 -39.45 -114.03
N PRO XA 550 -31.95 -40.20 -114.13
CA PRO XA 550 -32.99 -40.10 -113.11
C PRO XA 550 -32.60 -40.83 -111.84
N ARG XA 551 -32.87 -40.20 -110.70
CA ARG XA 551 -32.66 -40.86 -109.42
C ARG XA 551 -33.75 -41.92 -109.28
N ILE XA 552 -33.43 -43.15 -109.71
CA ILE XA 552 -34.41 -44.24 -109.66
C ILE XA 552 -34.96 -44.41 -108.26
N ILE XA 553 -34.11 -44.23 -107.24
CA ILE XA 553 -34.49 -44.45 -105.86
C ILE XA 553 -34.48 -43.13 -105.12
N ASN XA 554 -35.43 -42.99 -104.20
CA ASN XA 554 -35.46 -41.80 -103.34
C ASN XA 554 -34.25 -41.72 -102.43
N GLY XA 555 -33.63 -42.85 -102.08
CA GLY XA 555 -32.41 -42.83 -101.30
C GLY XA 555 -31.23 -42.22 -102.02
N ASN XA 556 -31.26 -42.19 -103.35
CA ASN XA 556 -30.16 -41.65 -104.13
C ASN XA 556 -30.00 -40.14 -103.98
N ILE XA 557 -30.91 -39.48 -103.26
CA ILE XA 557 -30.72 -38.05 -102.98
C ILE XA 557 -29.49 -37.88 -102.08
N PRO XA 558 -28.60 -36.94 -102.38
CA PRO XA 558 -27.38 -36.79 -101.57
C PRO XA 558 -27.70 -36.46 -100.12
N LEU XA 559 -26.80 -36.89 -99.24
CA LEU XA 559 -26.99 -36.76 -97.80
C LEU XA 559 -27.20 -35.32 -97.34
N ALA XA 560 -26.65 -34.34 -98.07
CA ALA XA 560 -26.78 -32.95 -97.65
C ALA XA 560 -28.24 -32.50 -97.62
N LEU XA 561 -29.03 -32.89 -98.61
CA LEU XA 561 -30.45 -32.53 -98.66
C LEU XA 561 -31.33 -33.57 -97.99
N CYS XA 562 -30.73 -34.55 -97.32
CA CYS XA 562 -31.44 -35.53 -96.51
C CYS XA 562 -30.48 -36.13 -95.50
N PRO XA 563 -30.45 -35.61 -94.27
CA PRO XA 563 -29.49 -36.12 -93.29
C PRO XA 563 -29.75 -37.58 -92.97
N VAL XA 564 -28.69 -38.25 -92.51
CA VAL XA 564 -28.81 -39.64 -92.07
C VAL XA 564 -29.81 -39.76 -90.94
N ASP XA 565 -29.94 -38.72 -90.12
CA ASP XA 565 -30.86 -38.74 -88.99
C ASP XA 565 -32.31 -38.96 -89.45
N PHE XA 566 -32.73 -38.28 -90.51
CA PHE XA 566 -34.10 -38.42 -90.97
C PHE XA 566 -34.36 -39.83 -91.50
N ARG XA 567 -33.43 -40.37 -92.29
CA ARG XA 567 -33.58 -41.73 -92.77
C ARG XA 567 -33.70 -42.71 -91.62
N ASP XA 568 -32.87 -42.54 -90.58
CA ASP XA 568 -32.91 -43.46 -89.45
C ASP XA 568 -34.19 -43.29 -88.65
N ALA XA 569 -34.73 -42.08 -88.60
CA ALA XA 569 -36.01 -41.87 -87.95
C ALA XA 569 -37.14 -42.57 -88.72
N ARG XA 570 -37.14 -42.44 -90.05
CA ARG XA 570 -38.12 -43.16 -90.86
C ARG XA 570 -37.99 -44.66 -90.66
N GLY XA 571 -36.77 -45.16 -90.57
CA GLY XA 571 -36.53 -46.56 -90.28
C GLY XA 571 -37.15 -47.00 -88.97
N PHE XA 572 -36.76 -46.36 -87.87
CA PHE XA 572 -37.36 -46.66 -86.57
C PHE XA 572 -38.88 -46.54 -86.61
N GLU XA 573 -39.40 -45.65 -87.46
CA GLU XA 573 -40.85 -45.56 -87.63
C GLU XA 573 -41.40 -46.86 -88.20
N LEU XA 574 -40.91 -47.28 -89.36
CA LEU XA 574 -41.45 -48.48 -90.00
C LEU XA 574 -41.04 -49.76 -89.29
N SER XA 575 -40.25 -49.69 -88.22
CA SER XA 575 -39.70 -50.89 -87.59
C SER XA 575 -40.52 -51.40 -86.40
N VAL XA 576 -41.49 -50.63 -85.93
CA VAL XA 576 -42.23 -51.02 -84.73
C VAL XA 576 -43.15 -52.18 -85.04
N ASP XA 577 -43.24 -53.12 -84.10
CA ASP XA 577 -44.28 -54.16 -84.02
C ASP XA 577 -44.42 -54.99 -85.30
N ARG XA 578 -43.45 -54.91 -86.22
CA ARG XA 578 -43.48 -55.72 -87.43
C ARG XA 578 -42.64 -56.98 -87.28
N HIS XA 579 -41.34 -56.81 -87.03
CA HIS XA 579 -40.46 -57.92 -86.68
C HIS XA 579 -39.19 -57.34 -86.09
N ARG XA 580 -38.51 -58.14 -85.27
CA ARG XA 580 -37.27 -57.72 -84.63
C ARG XA 580 -36.26 -58.87 -84.73
N LEU XA 581 -35.06 -58.60 -84.25
CA LEU XA 581 -33.97 -59.56 -84.25
C LEU XA 581 -33.58 -59.80 -82.80
N ALA XA 582 -33.79 -61.02 -82.32
CA ALA XA 582 -33.48 -61.35 -80.94
C ALA XA 582 -32.01 -61.04 -80.65
N PRO XA 583 -31.69 -60.44 -79.51
CA PRO XA 583 -30.32 -59.99 -79.27
C PRO XA 583 -29.27 -61.08 -79.40
N ALA XA 584 -29.63 -62.34 -79.13
CA ALA XA 584 -28.67 -63.42 -79.35
C ALA XA 584 -28.37 -63.58 -80.84
N THR XA 585 -29.39 -63.46 -81.69
CA THR XA 585 -29.17 -63.59 -83.12
C THR XA 585 -28.19 -62.54 -83.65
N VAL XA 586 -28.39 -61.28 -83.28
CA VAL XA 586 -27.49 -60.24 -83.74
C VAL XA 586 -26.12 -60.39 -83.10
N ALA XA 587 -26.08 -60.76 -81.81
CA ALA XA 587 -24.79 -61.00 -81.16
C ALA XA 587 -23.99 -62.10 -81.85
N ALA XA 588 -24.67 -63.06 -82.47
CA ALA XA 588 -23.97 -64.10 -83.23
C ALA XA 588 -23.55 -63.59 -84.60
N VAL XA 589 -24.49 -63.02 -85.36
CA VAL XA 589 -24.20 -62.70 -86.77
C VAL XA 589 -23.21 -61.54 -86.87
N ARG XA 590 -23.33 -60.54 -86.01
CA ARG XA 590 -22.40 -59.42 -86.05
C ARG XA 590 -20.99 -59.87 -85.68
N GLY XA 591 -20.87 -60.71 -84.65
CA GLY XA 591 -19.57 -61.26 -84.31
C GLY XA 591 -18.99 -62.08 -85.44
N ALA XA 592 -19.84 -62.81 -86.16
CA ALA XA 592 -19.36 -63.56 -87.33
C ALA XA 592 -18.86 -62.61 -88.40
N PHE XA 593 -19.54 -61.48 -88.58
CA PHE XA 593 -19.14 -60.53 -89.63
C PHE XA 593 -17.87 -59.78 -89.27
N ARG XA 594 -17.68 -59.46 -88.00
CA ARG XA 594 -16.53 -58.69 -87.56
C ARG XA 594 -15.30 -59.55 -87.26
N ASP XA 595 -15.44 -60.87 -87.36
CA ASP XA 595 -14.29 -61.74 -87.14
C ASP XA 595 -13.22 -61.49 -88.19
N ALA XA 596 -11.96 -61.60 -87.77
CA ALA XA 596 -10.84 -61.38 -88.66
C ALA XA 596 -10.11 -62.65 -89.06
N ASN XA 597 -10.14 -63.69 -88.22
CA ASN XA 597 -9.49 -64.96 -88.48
C ASN XA 597 -10.50 -66.02 -88.92
N TYR XA 598 -11.49 -65.60 -89.71
CA TYR XA 598 -12.48 -66.52 -90.24
C TYR XA 598 -11.78 -67.66 -90.98
N PRO XA 599 -12.22 -68.91 -90.80
CA PRO XA 599 -11.52 -70.03 -91.42
C PRO XA 599 -11.69 -70.04 -92.93
N MET XA 600 -10.57 -70.13 -93.65
CA MET XA 600 -10.62 -70.13 -95.11
C MET XA 600 -11.27 -71.39 -95.66
N VAL XA 601 -11.31 -72.47 -94.86
CA VAL XA 601 -11.95 -73.71 -95.31
C VAL XA 601 -13.40 -73.45 -95.68
N PHE XA 602 -14.05 -72.55 -94.96
CA PHE XA 602 -15.44 -72.23 -95.24
C PHE XA 602 -15.58 -71.58 -96.61
N TYR XA 603 -14.65 -70.68 -96.96
CA TYR XA 603 -14.67 -70.08 -98.29
C TYR XA 603 -14.34 -71.11 -99.37
N ILE XA 604 -13.45 -72.05 -99.06
CA ILE XA 604 -13.16 -73.13 -100.01
C ILE XA 604 -14.42 -73.93 -100.31
N ILE XA 605 -15.15 -74.32 -99.26
CA ILE XA 605 -16.40 -75.05 -99.44
C ILE XA 605 -17.40 -74.20 -100.22
N GLU XA 606 -17.50 -72.92 -99.87
CA GLU XA 606 -18.45 -72.03 -100.52
C GLU XA 606 -18.17 -71.87 -102.00
N ALA XA 607 -16.89 -71.86 -102.38
CA ALA XA 607 -16.54 -71.72 -103.79
C ALA XA 607 -16.70 -73.03 -104.54
N VAL XA 608 -16.45 -74.16 -103.88
CA VAL XA 608 -16.59 -75.43 -104.57
C VAL XA 608 -18.05 -75.80 -104.75
N ILE XA 609 -18.94 -75.30 -103.89
CA ILE XA 609 -20.34 -75.74 -103.94
C ILE XA 609 -21.13 -74.94 -104.95
N HIS XA 610 -20.87 -73.63 -105.02
CA HIS XA 610 -21.51 -72.68 -105.95
C HIS XA 610 -23.02 -72.94 -106.10
N GLY XA 611 -23.70 -73.08 -104.97
CA GLY XA 611 -25.15 -73.12 -104.94
C GLY XA 611 -25.83 -74.30 -105.60
N SER XA 612 -25.08 -75.33 -105.99
CA SER XA 612 -25.71 -76.51 -106.57
C SER XA 612 -26.44 -77.29 -105.47
N GLU XA 613 -27.77 -77.30 -105.54
CA GLU XA 613 -28.57 -78.00 -104.55
C GLU XA 613 -28.17 -79.46 -104.41
N ARG XA 614 -27.76 -80.11 -105.51
CA ARG XA 614 -27.29 -81.48 -105.44
C ARG XA 614 -25.99 -81.59 -104.66
N THR XA 615 -25.01 -80.73 -104.98
CA THR XA 615 -23.73 -80.77 -104.28
C THR XA 615 -23.88 -80.45 -102.80
N PHE XA 616 -24.84 -79.57 -102.47
CA PHE XA 616 -25.10 -79.29 -101.06
C PHE XA 616 -25.70 -80.50 -100.36
N CYS XA 617 -26.71 -81.11 -100.98
CA CYS XA 617 -27.27 -82.33 -100.42
C CYS XA 617 -26.24 -83.44 -100.31
N ALA XA 618 -25.17 -83.38 -101.09
CA ALA XA 618 -24.08 -84.33 -101.00
C ALA XA 618 -23.16 -84.04 -99.82
N LEU XA 619 -22.63 -82.83 -99.72
CA LEU XA 619 -21.73 -82.48 -98.62
C LEU XA 619 -22.46 -82.03 -97.35
N ALA XA 620 -23.77 -82.31 -97.26
CA ALA XA 620 -24.55 -82.07 -96.04
C ALA XA 620 -23.82 -82.49 -94.76
N ARG XA 621 -23.24 -83.68 -94.75
CA ARG XA 621 -22.53 -84.16 -93.57
C ARG XA 621 -21.39 -83.22 -93.19
N LEU XA 622 -20.58 -82.83 -94.17
CA LEU XA 622 -19.43 -81.98 -93.90
C LEU XA 622 -19.88 -80.60 -93.42
N VAL XA 623 -20.92 -80.03 -94.03
CA VAL XA 623 -21.33 -78.69 -93.63
C VAL XA 623 -21.95 -78.71 -92.24
N ALA XA 624 -22.68 -79.79 -91.91
CA ALA XA 624 -23.17 -79.93 -90.54
C ALA XA 624 -22.02 -80.01 -89.54
N GLN XA 625 -20.99 -80.80 -89.86
CA GLN XA 625 -19.81 -80.88 -89.01
C GLN XA 625 -19.18 -79.51 -88.82
N CYS XA 626 -19.02 -78.76 -89.92
CA CYS XA 626 -18.38 -77.45 -89.86
C CYS XA 626 -19.18 -76.50 -88.98
N ILE XA 627 -20.50 -76.46 -89.16
CA ILE XA 627 -21.32 -75.56 -88.36
C ILE XA 627 -21.24 -75.93 -86.90
N GLN XA 628 -21.32 -77.23 -86.58
CA GLN XA 628 -21.22 -77.68 -85.20
C GLN XA 628 -19.91 -77.23 -84.56
N SER XA 629 -18.79 -77.51 -85.25
CA SER XA 629 -17.48 -77.18 -84.70
C SER XA 629 -17.32 -75.68 -84.50
N TYR XA 630 -17.64 -74.89 -85.53
CA TYR XA 630 -17.45 -73.45 -85.42
C TYR XA 630 -18.37 -72.84 -84.38
N TRP XA 631 -19.56 -73.42 -84.19
CA TRP XA 631 -20.49 -72.90 -83.19
C TRP XA 631 -19.96 -73.15 -81.79
N ARG XA 632 -19.51 -74.37 -81.52
CA ARG XA 632 -18.95 -74.60 -80.19
C ARG XA 632 -17.55 -74.03 -80.03
N ASN XA 633 -16.95 -73.50 -81.09
CA ASN XA 633 -15.60 -72.96 -81.00
C ASN XA 633 -15.56 -71.44 -80.95
N THR XA 634 -16.61 -70.75 -81.43
CA THR XA 634 -16.63 -69.30 -81.37
C THR XA 634 -17.95 -68.71 -80.88
N HIS XA 635 -19.00 -69.52 -80.74
CA HIS XA 635 -20.35 -69.01 -80.47
C HIS XA 635 -20.79 -67.99 -81.53
N ASN XA 636 -20.41 -68.24 -82.77
CA ASN XA 636 -20.82 -67.44 -83.91
C ASN XA 636 -21.53 -68.31 -84.94
N ALA XA 637 -22.28 -67.67 -85.83
CA ALA XA 637 -22.83 -68.40 -86.95
C ALA XA 637 -21.79 -68.51 -88.06
N ALA XA 638 -22.05 -69.39 -89.02
CA ALA XA 638 -21.15 -69.59 -90.15
C ALA XA 638 -21.97 -69.70 -91.43
N PHE XA 639 -21.30 -69.49 -92.56
CA PHE XA 639 -21.92 -69.55 -93.88
C PHE XA 639 -23.08 -68.55 -93.97
N VAL XA 640 -22.79 -67.32 -93.58
CA VAL XA 640 -23.77 -66.24 -93.63
C VAL XA 640 -23.57 -65.33 -94.83
N ASN XA 641 -22.36 -65.23 -95.36
CA ASN XA 641 -22.11 -64.36 -96.50
C ASN XA 641 -22.89 -64.80 -97.73
N ASN XA 642 -23.12 -66.11 -97.86
CA ASN XA 642 -23.90 -66.62 -98.98
C ASN XA 642 -25.38 -66.71 -98.60
N PHE XA 643 -26.24 -66.58 -99.60
CA PHE XA 643 -27.68 -66.63 -99.41
C PHE XA 643 -28.28 -67.99 -99.76
N TYR XA 644 -27.93 -68.52 -100.93
CA TYR XA 644 -28.32 -69.88 -101.27
C TYR XA 644 -27.96 -70.85 -100.16
N MET XA 645 -26.80 -70.65 -99.53
CA MET XA 645 -26.36 -71.55 -98.47
C MET XA 645 -27.22 -71.42 -97.22
N VAL XA 646 -27.45 -70.18 -96.76
CA VAL XA 646 -28.24 -69.99 -95.55
C VAL XA 646 -29.68 -70.44 -95.74
N MET XA 647 -30.17 -70.44 -96.98
CA MET XA 647 -31.48 -71.02 -97.27
C MET XA 647 -31.44 -72.55 -97.28
N TYR XA 648 -30.45 -73.13 -97.97
CA TYR XA 648 -30.28 -74.58 -97.98
C TYR XA 648 -30.15 -75.12 -96.56
N ILE XA 649 -29.51 -74.38 -95.67
CA ILE XA 649 -29.28 -74.86 -94.30
C ILE XA 649 -30.62 -75.14 -93.62
N ASN XA 650 -31.45 -74.11 -93.47
CA ASN XA 650 -32.70 -74.29 -92.77
C ASN XA 650 -33.80 -74.85 -93.67
N THR XA 651 -33.48 -75.27 -94.89
CA THR XA 651 -34.43 -76.09 -95.62
C THR XA 651 -34.08 -77.57 -95.59
N TYR XA 652 -32.82 -77.94 -95.35
CA TYR XA 652 -32.43 -79.33 -95.32
C TYR XA 652 -31.99 -79.81 -93.94
N LEU XA 653 -30.98 -79.15 -93.35
CA LEU XA 653 -30.54 -79.55 -92.02
C LEU XA 653 -31.58 -79.20 -90.97
N GLY XA 654 -31.85 -77.90 -90.80
CA GLY XA 654 -33.03 -77.41 -90.12
C GLY XA 654 -33.44 -78.13 -88.84
N ASN XA 655 -34.60 -78.77 -88.89
CA ASN XA 655 -35.13 -79.55 -87.77
C ASN XA 655 -34.16 -80.62 -87.28
N GLY XA 656 -33.21 -81.06 -88.11
CA GLY XA 656 -32.42 -82.22 -87.80
C GLY XA 656 -31.25 -82.00 -86.86
N GLU XA 657 -30.08 -82.49 -87.28
CA GLU XA 657 -28.94 -82.68 -86.38
C GLU XA 657 -28.28 -81.38 -85.95
N LEU XA 658 -28.77 -80.23 -86.37
CA LEU XA 658 -28.14 -79.01 -85.90
C LEU XA 658 -28.52 -78.74 -84.45
N PRO XA 659 -27.61 -78.17 -83.67
CA PRO XA 659 -27.96 -77.78 -82.29
C PRO XA 659 -29.14 -76.81 -82.28
N GLU XA 660 -30.08 -77.07 -81.38
CA GLU XA 660 -31.37 -76.37 -81.34
C GLU XA 660 -31.22 -74.89 -81.16
N ASP XA 661 -30.27 -74.46 -80.33
CA ASP XA 661 -29.99 -73.05 -80.15
C ASP XA 661 -29.11 -72.48 -81.26
N CYS XA 662 -28.67 -73.31 -82.21
CA CYS XA 662 -27.92 -72.85 -83.37
C CYS XA 662 -28.76 -72.83 -84.63
N ALA XA 663 -29.96 -73.44 -84.60
CA ALA XA 663 -30.90 -73.34 -85.71
C ALA XA 663 -31.77 -72.09 -85.62
N ALA XA 664 -31.99 -71.58 -84.40
CA ALA XA 664 -32.81 -70.39 -84.23
C ALA XA 664 -32.23 -69.20 -84.97
N VAL XA 665 -30.90 -69.07 -84.98
CA VAL XA 665 -30.28 -67.90 -85.61
C VAL XA 665 -30.55 -67.89 -87.11
N TYR XA 666 -30.40 -69.05 -87.77
CA TYR XA 666 -30.72 -69.13 -89.19
C TYR XA 666 -32.21 -68.91 -89.44
N LYS XA 667 -33.06 -69.56 -88.63
CA LYS XA 667 -34.50 -69.41 -88.80
C LYS XA 667 -34.92 -67.94 -88.70
N ASP XA 668 -34.33 -67.20 -87.78
CA ASP XA 668 -34.66 -65.79 -87.63
C ASP XA 668 -34.08 -64.96 -88.78
N LEU XA 669 -32.83 -65.22 -89.16
CA LEU XA 669 -32.23 -64.50 -90.26
C LEU XA 669 -32.99 -64.69 -91.56
N LEU XA 670 -33.79 -65.76 -91.67
CA LEU XA 670 -34.65 -65.97 -92.83
C LEU XA 670 -36.05 -65.40 -92.67
N GLU XA 671 -36.70 -65.63 -91.52
CA GLU XA 671 -38.05 -65.11 -91.35
C GLU XA 671 -38.07 -63.59 -91.32
N HIS XA 672 -36.99 -62.96 -90.86
CA HIS XA 672 -36.90 -61.51 -90.94
C HIS XA 672 -36.87 -61.02 -92.37
N VAL XA 673 -36.11 -61.70 -93.24
CA VAL XA 673 -36.11 -61.37 -94.66
C VAL XA 673 -37.51 -61.55 -95.24
N HIS XA 674 -38.22 -62.59 -94.81
CA HIS XA 674 -39.58 -62.77 -95.31
C HIS XA 674 -40.52 -61.67 -94.82
N ALA XA 675 -40.31 -61.17 -93.61
CA ALA XA 675 -41.09 -60.03 -93.14
C ALA XA 675 -40.80 -58.78 -93.96
N LEU XA 676 -39.52 -58.54 -94.27
CA LEU XA 676 -39.16 -57.41 -95.12
C LEU XA 676 -39.75 -57.56 -96.51
N ARG XA 677 -39.89 -58.79 -96.99
CA ARG XA 677 -40.56 -59.01 -98.28
C ARG XA 677 -42.06 -58.71 -98.17
N ARG XA 678 -42.67 -59.13 -97.06
CA ARG XA 678 -44.08 -58.80 -96.81
C ARG XA 678 -44.30 -57.29 -96.73
N LEU XA 679 -43.26 -56.55 -96.34
CA LEU XA 679 -43.39 -55.10 -96.18
C LEU XA 679 -43.88 -54.44 -97.47
N ILE XA 680 -43.11 -54.58 -98.56
CA ILE XA 680 -43.47 -53.89 -99.79
C ILE XA 680 -44.81 -54.36 -100.35
N GLY XA 681 -45.27 -55.54 -99.97
CA GLY XA 681 -46.58 -56.01 -100.37
C GLY XA 681 -47.75 -55.32 -99.71
N GLU XA 682 -47.49 -54.31 -98.87
CA GLU XA 682 -48.54 -53.60 -98.17
C GLU XA 682 -48.55 -52.10 -98.46
N PHE XA 683 -47.43 -51.54 -98.93
CA PHE XA 683 -47.34 -50.12 -99.26
C PHE XA 683 -47.76 -49.84 -100.69
N THR XA 684 -48.48 -50.76 -101.33
CA THR XA 684 -48.90 -50.62 -102.72
C THR XA 684 -50.37 -50.94 -102.83
N LEU XA 685 -51.14 -50.02 -103.37
CA LEU XA 685 -52.53 -50.32 -103.69
C LEU XA 685 -52.59 -51.32 -104.85
N PRO XA 686 -53.42 -52.35 -104.75
CA PRO XA 686 -53.49 -53.34 -105.83
C PRO XA 686 -54.04 -52.72 -107.11
N GLY XA 687 -53.38 -53.01 -108.22
CA GLY XA 687 -53.81 -52.52 -109.51
C GLY XA 687 -53.59 -53.55 -110.61
N ASP XA 688 -53.73 -53.13 -111.86
CA ASP XA 688 -53.58 -54.02 -113.00
C ASP XA 688 -52.16 -53.91 -113.55
N PRO XA 689 -51.66 -54.97 -114.19
CA PRO XA 689 -50.34 -54.89 -114.83
C PRO XA 689 -50.28 -53.78 -115.87
N LEU XA 690 -49.44 -52.77 -115.61
CA LEU XA 690 -49.40 -51.58 -116.44
C LEU XA 690 -48.39 -51.68 -117.58
N GLY XA 691 -47.17 -52.11 -117.30
CA GLY XA 691 -46.18 -52.30 -118.33
C GLY XA 691 -45.87 -53.77 -118.53
N ASN XA 692 -46.91 -54.61 -118.53
CA ASN XA 692 -46.77 -56.06 -118.49
C ASN XA 692 -46.03 -56.50 -117.23
N GLN XA 693 -46.00 -55.63 -116.22
CA GLN XA 693 -45.39 -55.86 -114.94
C GLN XA 693 -46.44 -55.56 -113.88
N PRO XA 694 -46.53 -56.38 -112.83
CA PRO XA 694 -47.51 -56.12 -111.77
C PRO XA 694 -47.21 -54.82 -111.04
N GLN XA 695 -48.22 -54.31 -110.35
CA GLN XA 695 -48.11 -52.98 -109.74
C GLN XA 695 -47.03 -52.93 -108.67
N GLU XA 696 -46.79 -54.04 -107.98
CA GLU XA 696 -45.77 -54.04 -106.92
C GLU XA 696 -44.35 -54.03 -107.46
N GLU XA 697 -44.18 -53.91 -108.77
CA GLU XA 697 -42.87 -53.85 -109.40
C GLU XA 697 -42.48 -52.45 -109.81
N LEU XA 698 -43.41 -51.50 -109.82
CA LEU XA 698 -43.11 -50.12 -110.14
C LEU XA 698 -42.96 -49.24 -108.90
N ASN XA 699 -43.59 -49.62 -107.79
CA ASN XA 699 -43.44 -48.86 -106.55
C ASN XA 699 -42.04 -49.04 -105.97
N HIS XA 700 -41.65 -50.28 -105.71
CA HIS XA 700 -40.33 -50.58 -105.20
C HIS XA 700 -39.35 -50.82 -106.35
N ALA XA 701 -38.13 -51.20 -106.02
CA ALA XA 701 -37.13 -51.55 -107.01
C ALA XA 701 -36.40 -52.85 -106.67
N LEU XA 702 -36.70 -53.46 -105.53
CA LEU XA 702 -36.20 -54.78 -105.21
C LEU XA 702 -37.18 -55.87 -105.59
N ALA XA 703 -38.44 -55.52 -105.86
CA ALA XA 703 -39.38 -56.42 -106.52
C ALA XA 703 -39.25 -56.38 -108.03
N ASP XA 704 -38.40 -55.49 -108.54
CA ASP XA 704 -38.10 -55.47 -109.97
C ASP XA 704 -37.48 -56.78 -110.41
N ALA XA 705 -37.69 -57.13 -111.67
CA ALA XA 705 -37.13 -58.35 -112.23
C ALA XA 705 -35.98 -58.09 -113.20
N THR XA 706 -35.95 -56.93 -113.84
CA THR XA 706 -34.89 -56.59 -114.78
C THR XA 706 -33.64 -56.05 -114.09
N LEU XA 707 -33.61 -56.02 -112.77
CA LEU XA 707 -32.43 -55.61 -112.02
C LEU XA 707 -31.79 -56.84 -111.40
N LEU XA 708 -30.60 -57.18 -111.84
CA LEU XA 708 -29.94 -58.38 -111.36
C LEU XA 708 -29.44 -58.17 -109.94
N PRO XA 709 -29.41 -59.24 -109.13
CA PRO XA 709 -28.69 -59.18 -107.86
C PRO XA 709 -27.21 -58.99 -108.12
N PRO XA 710 -26.43 -58.61 -107.10
CA PRO XA 710 -24.98 -58.47 -107.32
C PRO XA 710 -24.29 -59.78 -107.66
N LEU XA 711 -24.83 -60.91 -107.20
CA LEU XA 711 -24.23 -62.22 -107.48
C LEU XA 711 -25.33 -63.17 -107.93
N ILE XA 712 -25.08 -63.88 -109.03
CA ILE XA 712 -25.97 -64.93 -109.51
C ILE XA 712 -25.18 -66.22 -109.60
N TRP XA 713 -25.87 -67.34 -109.43
CA TRP XA 713 -25.24 -68.65 -109.42
C TRP XA 713 -25.79 -69.58 -110.50
N ASP XA 714 -26.69 -69.09 -111.34
CA ASP XA 714 -27.21 -69.82 -112.48
C ASP XA 714 -27.93 -68.81 -113.37
N CYS XA 715 -28.30 -69.25 -114.57
CA CYS XA 715 -29.00 -68.39 -115.50
C CYS XA 715 -30.47 -68.17 -115.13
N ASP XA 716 -30.88 -68.58 -113.93
CA ASP XA 716 -32.27 -68.41 -113.51
C ASP XA 716 -32.73 -66.95 -113.58
N PRO XA 717 -32.02 -65.97 -113.00
CA PRO XA 717 -32.50 -64.58 -113.13
C PRO XA 717 -32.44 -64.06 -114.56
N ILE XA 718 -31.49 -64.53 -115.36
CA ILE XA 718 -31.37 -64.02 -116.72
C ILE XA 718 -32.41 -64.64 -117.64
N LEU XA 719 -32.97 -65.79 -117.26
CA LEU XA 719 -34.06 -66.36 -118.05
C LEU XA 719 -35.37 -65.62 -117.79
N TYR XA 720 -35.61 -65.23 -116.54
CA TYR XA 720 -36.81 -64.48 -116.20
C TYR XA 720 -36.77 -63.04 -116.68
N ARG XA 721 -35.63 -62.58 -117.19
CA ARG XA 721 -35.43 -61.18 -117.57
C ARG XA 721 -35.89 -60.88 -118.99
N ASP XA 722 -35.36 -61.60 -119.99
CA ASP XA 722 -35.66 -61.30 -121.38
C ASP XA 722 -37.14 -61.47 -121.72
N GLY XA 723 -37.92 -62.16 -120.88
CA GLY XA 723 -39.35 -62.27 -121.11
C GLY XA 723 -40.07 -60.93 -121.17
N LEU XA 724 -39.43 -59.88 -120.65
CA LEU XA 724 -39.96 -58.52 -120.74
C LEU XA 724 -39.28 -57.82 -121.93
N ALA XA 725 -40.09 -57.42 -122.91
CA ALA XA 725 -39.60 -56.76 -124.10
C ALA XA 725 -40.01 -55.29 -124.20
N GLU XA 726 -40.74 -54.78 -123.20
CA GLU XA 726 -41.27 -53.43 -123.29
C GLU XA 726 -40.17 -52.39 -123.27
N ARG XA 727 -39.39 -52.35 -122.20
CA ARG XA 727 -38.20 -51.52 -122.11
C ARG XA 727 -37.02 -52.39 -122.56
N LEU XA 728 -36.61 -52.20 -123.82
CA LEU XA 728 -35.70 -53.10 -124.52
C LEU XA 728 -34.39 -53.29 -123.76
N PRO XA 729 -34.18 -54.45 -123.16
CA PRO XA 729 -32.92 -54.72 -122.47
C PRO XA 729 -31.97 -55.53 -123.34
N GLU XA 730 -30.70 -55.52 -122.94
CA GLU XA 730 -29.70 -56.38 -123.55
C GLU XA 730 -28.62 -56.66 -122.52
N LEU XA 731 -28.31 -57.93 -122.31
CA LEU XA 731 -27.24 -58.32 -121.41
C LEU XA 731 -25.98 -58.59 -122.22
N ARG XA 732 -24.83 -58.32 -121.60
CA ARG XA 732 -23.54 -58.49 -122.23
C ARG XA 732 -22.61 -59.22 -121.27
N VAL XA 733 -22.14 -60.39 -121.66
CA VAL XA 733 -21.12 -61.12 -120.91
C VAL XA 733 -19.85 -61.05 -121.75
N ASN XA 734 -18.91 -60.21 -121.31
CA ASN XA 734 -17.58 -60.04 -121.89
C ASN XA 734 -17.62 -59.54 -123.33
N GLY XA 735 -18.79 -59.21 -123.88
CA GLY XA 735 -18.87 -58.71 -125.23
C GLY XA 735 -19.77 -59.51 -126.14
N ALA XA 736 -19.71 -60.84 -126.03
CA ALA XA 736 -20.60 -61.71 -126.79
C ALA XA 736 -21.93 -61.82 -126.06
N HIS XA 737 -22.96 -62.26 -126.79
CA HIS XA 737 -24.31 -62.23 -126.25
C HIS XA 737 -24.41 -63.13 -125.01
N PHE XA 738 -24.48 -64.45 -125.24
CA PHE XA 738 -23.99 -65.51 -124.36
C PHE XA 738 -24.43 -66.84 -124.95
N GLN XA 739 -23.77 -67.94 -124.57
CA GLN XA 739 -24.14 -69.27 -125.02
C GLN XA 739 -24.40 -70.13 -123.79
N HIS XA 740 -25.67 -70.43 -123.54
CA HIS XA 740 -26.06 -71.18 -122.34
C HIS XA 740 -25.60 -72.62 -122.49
N ILE XA 741 -24.79 -73.08 -121.54
CA ILE XA 741 -24.31 -74.45 -121.50
C ILE XA 741 -24.70 -75.05 -120.15
N LEU XA 742 -24.92 -76.35 -120.15
CA LEU XA 742 -25.42 -77.05 -118.98
C LEU XA 742 -24.25 -77.54 -118.13
N TRP XA 743 -24.55 -78.44 -117.18
CA TRP XA 743 -23.56 -79.00 -116.27
C TRP XA 743 -22.34 -79.55 -117.00
N VAL XA 744 -21.21 -79.65 -116.29
CA VAL XA 744 -19.94 -80.03 -116.88
C VAL XA 744 -19.29 -81.10 -116.03
N GLU XA 745 -18.60 -82.03 -116.69
CA GLU XA 745 -17.85 -83.09 -116.02
C GLU XA 745 -16.36 -82.78 -116.09
N MET XA 746 -15.57 -83.61 -115.39
CA MET XA 746 -14.13 -83.43 -115.36
C MET XA 746 -13.48 -83.64 -116.73
N ALA XA 747 -14.08 -84.47 -117.59
CA ALA XA 747 -13.49 -84.76 -118.89
C ALA XA 747 -13.37 -83.51 -119.75
N GLN XA 748 -14.21 -82.51 -119.51
CA GLN XA 748 -14.14 -81.23 -120.23
C GLN XA 748 -14.30 -80.10 -119.22
N VAL XA 749 -13.24 -79.32 -119.02
CA VAL XA 749 -13.24 -78.18 -118.11
C VAL XA 749 -12.84 -76.90 -118.82
N ASN XA 750 -11.69 -76.90 -119.50
CA ASN XA 750 -11.20 -75.76 -120.26
C ASN XA 750 -11.17 -74.49 -119.40
N PHE XA 751 -10.29 -74.53 -118.41
CA PHE XA 751 -10.12 -73.40 -117.49
C PHE XA 751 -9.74 -72.11 -118.20
N ARG XA 752 -9.22 -72.19 -119.42
CA ARG XA 752 -8.72 -71.01 -120.13
C ARG XA 752 -9.77 -70.30 -120.96
N ASN XA 753 -10.94 -70.90 -121.16
CA ASN XA 753 -11.95 -70.28 -122.01
C ASN XA 753 -12.39 -68.94 -121.43
N VAL XA 754 -12.65 -68.00 -122.33
CA VAL XA 754 -13.02 -66.63 -121.95
C VAL XA 754 -14.25 -66.19 -122.72
N GLY XA 755 -14.82 -67.08 -123.52
CA GLY XA 755 -16.01 -66.76 -124.28
C GLY XA 755 -17.21 -66.47 -123.39
N GLY XA 756 -18.27 -65.92 -123.98
CA GLY XA 756 -19.45 -65.58 -123.21
C GLY XA 756 -20.40 -66.74 -123.08
N GLY XA 757 -20.35 -67.42 -121.94
CA GLY XA 757 -21.24 -68.54 -121.68
C GLY XA 757 -21.21 -69.00 -120.24
N LEU XA 758 -22.38 -69.09 -119.62
CA LEU XA 758 -22.51 -69.47 -118.22
C LEU XA 758 -22.99 -70.92 -118.13
N VAL XA 759 -22.90 -71.49 -116.93
CA VAL XA 759 -23.17 -72.91 -116.73
C VAL XA 759 -24.33 -73.06 -115.76
N HIS XA 760 -25.20 -74.03 -116.03
CA HIS XA 760 -26.19 -74.47 -115.06
C HIS XA 760 -25.61 -75.60 -114.22
N ASN XA 761 -25.45 -75.36 -112.92
CA ASN XA 761 -24.88 -76.36 -112.03
C ASN XA 761 -25.86 -77.52 -111.86
N ARG XA 762 -25.58 -78.65 -112.53
CA ARG XA 762 -26.44 -79.82 -112.49
C ARG XA 762 -27.87 -79.41 -112.82
N PRO XA 763 -28.19 -79.22 -114.11
CA PRO XA 763 -29.31 -78.36 -114.52
C PRO XA 763 -30.54 -78.40 -113.62
N VAL XA 764 -30.82 -79.57 -113.06
CA VAL XA 764 -32.03 -79.82 -112.31
C VAL XA 764 -31.73 -80.89 -111.27
N ARG XA 765 -32.71 -81.17 -110.42
CA ARG XA 765 -32.62 -82.34 -109.56
C ARG XA 765 -33.07 -83.60 -110.30
N ASN XA 766 -34.12 -83.51 -111.12
CA ASN XA 766 -34.73 -84.70 -111.71
C ASN XA 766 -34.97 -84.63 -113.21
N GLU XA 767 -35.41 -83.47 -113.72
CA GLU XA 767 -36.02 -83.40 -115.04
C GLU XA 767 -35.02 -83.76 -116.15
N ASN XA 768 -33.95 -82.98 -116.27
CA ASN XA 768 -33.04 -83.02 -117.43
C ASN XA 768 -33.81 -82.65 -118.70
N GLN XA 769 -34.59 -81.59 -118.61
CA GLN XA 769 -35.31 -81.00 -119.72
C GLN XA 769 -34.60 -79.71 -120.13
N PRO XA 770 -34.45 -79.45 -121.43
CA PRO XA 770 -33.66 -78.29 -121.85
C PRO XA 770 -34.32 -76.97 -121.48
N LEU XA 771 -33.55 -76.11 -120.82
CA LEU XA 771 -33.86 -74.69 -120.65
C LEU XA 771 -35.17 -74.46 -119.90
N HIS XA 772 -35.17 -74.88 -118.63
CA HIS XA 772 -36.25 -74.52 -117.72
C HIS XA 772 -35.63 -74.14 -116.38
N PRO XA 773 -36.11 -73.06 -115.74
CA PRO XA 773 -35.50 -72.63 -114.49
C PRO XA 773 -35.95 -73.48 -113.32
N HIS XA 774 -34.98 -73.89 -112.50
CA HIS XA 774 -35.23 -74.79 -111.37
C HIS XA 774 -35.37 -74.02 -110.06
N HIS XA 775 -35.89 -72.80 -110.14
CA HIS XA 775 -36.24 -72.01 -108.96
C HIS XA 775 -37.31 -71.00 -109.35
N ASP XA 776 -38.21 -70.73 -108.40
CA ASP XA 776 -39.28 -69.78 -108.64
C ASP XA 776 -38.74 -68.38 -108.87
N ALA XA 777 -39.62 -67.49 -109.32
CA ALA XA 777 -39.21 -66.11 -109.61
C ALA XA 777 -38.94 -65.33 -108.33
N GLU XA 778 -39.73 -65.55 -107.28
CA GLU XA 778 -39.57 -64.82 -106.04
C GLU XA 778 -38.20 -65.06 -105.39
N TRP XA 779 -37.52 -66.13 -105.77
CA TRP XA 779 -36.20 -66.44 -105.23
C TRP XA 779 -35.23 -65.28 -105.47
N SER XA 780 -35.16 -64.80 -106.71
CA SER XA 780 -34.30 -63.66 -107.02
C SER XA 780 -34.67 -62.44 -106.19
N VAL XA 781 -35.96 -62.24 -105.93
CA VAL XA 781 -36.40 -61.10 -105.11
C VAL XA 781 -35.84 -61.25 -103.70
N LEU XA 782 -35.96 -62.45 -103.13
CA LEU XA 782 -35.42 -62.69 -101.79
C LEU XA 782 -33.91 -62.45 -101.76
N SER XA 783 -33.20 -62.90 -102.79
CA SER XA 783 -31.76 -62.72 -102.81
C SER XA 783 -31.39 -61.24 -102.89
N LYS XA 784 -32.09 -60.48 -103.74
CA LYS XA 784 -31.86 -59.05 -103.81
C LYS XA 784 -32.14 -58.38 -102.47
N ILE XA 785 -33.21 -58.79 -101.80
CA ILE XA 785 -33.52 -58.26 -100.47
C ILE XA 785 -32.35 -58.49 -99.52
N TYR XA 786 -31.89 -59.74 -99.44
CA TYR XA 786 -30.81 -60.08 -98.51
C TYR XA 786 -29.55 -59.29 -98.83
N TYR XA 787 -29.22 -59.15 -100.11
CA TYR XA 787 -27.93 -58.57 -100.46
C TYR XA 787 -27.97 -57.05 -100.61
N TYR XA 788 -29.15 -56.43 -100.50
CA TYR XA 788 -29.22 -54.97 -100.54
C TYR XA 788 -29.79 -54.35 -99.26
N ALA XA 789 -30.30 -55.15 -98.32
CA ALA XA 789 -30.89 -54.58 -97.12
C ALA XA 789 -30.44 -55.23 -95.81
N VAL XA 790 -29.80 -56.40 -95.85
CA VAL XA 790 -29.40 -57.11 -94.64
C VAL XA 790 -27.89 -57.18 -94.50
N VAL XA 791 -27.18 -57.48 -95.58
CA VAL XA 791 -25.72 -57.54 -95.57
C VAL XA 791 -25.13 -56.21 -95.13
N PRO XA 792 -25.41 -55.09 -95.81
CA PRO XA 792 -24.81 -53.81 -95.39
C PRO XA 792 -25.31 -53.33 -94.04
N ALA XA 793 -26.49 -53.78 -93.61
CA ALA XA 793 -26.97 -53.44 -92.27
C ALA XA 793 -26.06 -54.01 -91.20
N PHE XA 794 -25.25 -55.01 -91.54
CA PHE XA 794 -24.31 -55.64 -90.62
C PHE XA 794 -22.86 -55.26 -90.91
N SER XA 795 -22.40 -55.47 -92.14
CA SER XA 795 -20.99 -55.28 -92.47
C SER XA 795 -20.59 -53.81 -92.33
N ARG XA 796 -21.48 -52.89 -92.70
CA ARG XA 796 -21.25 -51.45 -92.56
C ARG XA 796 -19.99 -51.02 -93.32
N GLY XA 797 -19.73 -51.71 -94.43
CA GLY XA 797 -18.61 -51.35 -95.28
C GLY XA 797 -17.33 -52.13 -95.03
N ASN XA 798 -17.45 -53.44 -94.93
CA ASN XA 798 -16.29 -54.32 -94.77
C ASN XA 798 -16.28 -55.45 -95.78
N CYS XA 799 -17.45 -55.90 -96.24
CA CYS XA 799 -17.50 -56.97 -97.21
C CYS XA 799 -17.17 -56.44 -98.61
N CYS XA 800 -16.60 -57.31 -99.43
CA CYS XA 800 -16.21 -56.94 -100.79
C CYS XA 800 -16.32 -58.18 -101.66
N THR XA 801 -17.27 -58.16 -102.60
CA THR XA 801 -17.41 -59.26 -103.55
C THR XA 801 -16.09 -59.51 -104.25
N MET XA 802 -15.80 -60.78 -104.52
CA MET XA 802 -14.50 -61.16 -105.05
C MET XA 802 -14.67 -62.21 -106.14
N GLY XA 803 -13.61 -62.37 -106.92
CA GLY XA 803 -13.55 -63.34 -108.00
C GLY XA 803 -12.66 -64.50 -107.60
N VAL XA 804 -13.18 -65.71 -107.80
CA VAL XA 804 -12.52 -66.93 -107.34
C VAL XA 804 -11.35 -67.26 -108.25
N ARG XA 805 -10.47 -68.16 -107.80
CA ARG XA 805 -9.44 -68.74 -108.64
C ARG XA 805 -9.70 -70.24 -108.67
N TYR XA 806 -10.50 -70.69 -109.64
CA TYR XA 806 -10.93 -72.08 -109.70
C TYR XA 806 -9.84 -73.05 -110.13
N ASP XA 807 -8.61 -72.57 -110.34
CA ASP XA 807 -7.50 -73.48 -110.62
C ASP XA 807 -6.92 -74.04 -109.33
N ARG XA 808 -6.41 -73.14 -108.48
CA ARG XA 808 -5.74 -73.54 -107.24
C ARG XA 808 -6.68 -74.22 -106.25
N VAL XA 809 -7.96 -73.86 -106.22
CA VAL XA 809 -8.88 -74.48 -105.27
C VAL XA 809 -9.19 -75.92 -105.67
N TYR XA 810 -9.37 -76.18 -106.97
CA TYR XA 810 -9.64 -77.54 -107.41
C TYR XA 810 -8.37 -78.39 -107.35
N GLN XA 811 -7.22 -77.81 -107.69
CA GLN XA 811 -5.96 -78.52 -107.51
C GLN XA 811 -5.73 -78.93 -106.06
N LEU XA 812 -6.25 -78.17 -105.11
CA LEU XA 812 -6.11 -78.46 -103.68
C LEU XA 812 -7.15 -79.45 -103.16
N VAL XA 813 -8.42 -79.30 -103.54
CA VAL XA 813 -9.49 -80.05 -102.91
C VAL XA 813 -9.45 -81.53 -103.27
N GLN XA 814 -8.53 -81.96 -104.14
CA GLN XA 814 -8.35 -83.37 -104.44
C GLN XA 814 -7.27 -84.01 -103.58
N THR XA 815 -6.27 -83.24 -103.14
CA THR XA 815 -5.09 -83.77 -102.47
C THR XA 815 -5.39 -83.96 -100.98
N MET XA 816 -5.95 -85.12 -100.66
CA MET XA 816 -6.12 -85.56 -99.28
C MET XA 816 -5.28 -86.81 -99.03
N VAL XA 817 -5.13 -87.13 -97.74
CA VAL XA 817 -4.48 -88.35 -97.32
C VAL XA 817 -5.33 -88.98 -96.23
N VAL XA 818 -5.77 -90.21 -96.44
CA VAL XA 818 -6.60 -90.93 -95.49
C VAL XA 818 -6.15 -92.39 -95.42
N PRO XA 819 -5.79 -92.89 -94.25
CA PRO XA 819 -5.48 -94.33 -94.13
C PRO XA 819 -6.75 -95.15 -94.21
N GLU XA 820 -6.59 -96.42 -94.57
CA GLU XA 820 -7.70 -97.35 -94.68
C GLU XA 820 -7.95 -98.00 -93.33
N THR XA 821 -9.23 -98.21 -93.01
CA THR XA 821 -9.64 -98.83 -91.76
C THR XA 821 -10.83 -99.72 -92.02
N ASP XA 822 -11.38 -100.28 -90.95
CA ASP XA 822 -12.60 -101.09 -91.02
C ASP XA 822 -13.77 -100.49 -90.25
N GLU XA 823 -13.52 -99.89 -89.09
CA GLU XA 823 -14.58 -99.33 -88.25
C GLU XA 823 -14.22 -97.90 -87.85
N GLU XA 824 -15.05 -97.27 -87.02
CA GLU XA 824 -14.76 -95.92 -86.57
C GLU XA 824 -13.38 -95.87 -85.90
N VAL XA 825 -12.66 -94.77 -86.14
CA VAL XA 825 -11.24 -94.72 -85.82
C VAL XA 825 -10.98 -94.08 -84.47
N GLY XA 826 -11.77 -93.07 -84.10
CA GLY XA 826 -11.47 -92.30 -82.92
C GLY XA 826 -10.32 -91.34 -83.15
N THR XA 827 -10.32 -90.21 -82.44
CA THR XA 827 -9.33 -89.17 -82.68
C THR XA 827 -7.92 -89.59 -82.30
N ASP XA 828 -7.77 -90.48 -81.31
CA ASP XA 828 -6.44 -90.83 -80.83
C ASP XA 828 -5.73 -91.80 -81.77
N ASP XA 829 -6.47 -92.66 -82.44
CA ASP XA 829 -5.86 -93.64 -83.34
C ASP XA 829 -5.12 -92.94 -84.47
N PRO XA 830 -3.80 -93.18 -84.63
CA PRO XA 830 -3.05 -92.50 -85.70
C PRO XA 830 -3.60 -92.76 -87.10
N ARG XA 831 -4.52 -93.71 -87.22
CA ARG XA 831 -5.29 -93.84 -88.45
C ARG XA 831 -6.39 -92.80 -88.57
N HIS XA 832 -6.47 -91.85 -87.64
CA HIS XA 832 -7.39 -90.73 -87.79
C HIS XA 832 -6.93 -89.83 -88.94
N PRO XA 833 -7.86 -89.24 -89.68
CA PRO XA 833 -7.46 -88.37 -90.79
C PRO XA 833 -6.81 -87.07 -90.34
N LEU XA 834 -6.83 -86.75 -89.05
CA LEU XA 834 -6.25 -85.52 -88.53
C LEU XA 834 -5.25 -85.75 -87.42
N HIS XA 835 -4.60 -86.92 -87.39
CA HIS XA 835 -3.52 -87.13 -86.43
C HIS XA 835 -2.25 -86.45 -86.92
N PRO XA 836 -1.47 -85.84 -86.02
CA PRO XA 836 -0.25 -85.15 -86.44
C PRO XA 836 0.79 -86.06 -87.08
N ARG XA 837 0.49 -87.36 -87.19
CA ARG XA 837 1.38 -88.27 -87.88
C ARG XA 837 1.22 -88.16 -89.40
N ASN XA 838 -0.01 -88.21 -89.90
CA ASN XA 838 -0.29 -88.17 -91.32
C ASN XA 838 -0.70 -86.76 -91.78
N LEU XA 839 -0.10 -85.73 -91.18
CA LEU XA 839 -0.33 -84.35 -91.58
C LEU XA 839 0.80 -83.92 -92.51
N VAL XA 840 0.67 -84.32 -93.77
CA VAL XA 840 1.60 -83.92 -94.82
C VAL XA 840 1.50 -82.41 -95.01
N PRO XA 841 2.55 -81.74 -95.49
CA PRO XA 841 2.46 -80.29 -95.72
C PRO XA 841 1.59 -79.99 -96.93
N ASN XA 842 1.21 -78.71 -97.05
CA ASN XA 842 0.52 -78.16 -98.22
C ASN XA 842 -0.60 -79.07 -98.72
N SER XA 843 -1.38 -79.60 -97.80
CA SER XA 843 -2.50 -80.48 -98.15
C SER XA 843 -3.77 -79.95 -97.51
N LEU XA 844 -4.92 -80.45 -98.00
CA LEU XA 844 -6.21 -80.01 -97.49
C LEU XA 844 -6.34 -80.29 -95.99
N ASN XA 845 -5.79 -81.41 -95.52
CA ASN XA 845 -5.88 -81.75 -94.10
C ASN XA 845 -5.34 -80.62 -93.22
N VAL XA 846 -4.25 -79.98 -93.65
CA VAL XA 846 -3.71 -78.85 -92.90
C VAL XA 846 -4.75 -77.77 -92.75
N LEU XA 847 -5.51 -77.48 -93.81
CA LEU XA 847 -6.54 -76.46 -93.74
C LEU XA 847 -7.56 -76.78 -92.67
N PHE XA 848 -8.09 -78.01 -92.68
CA PHE XA 848 -9.08 -78.40 -91.68
C PHE XA 848 -8.50 -78.34 -90.27
N HIS XA 849 -7.23 -78.70 -90.12
CA HIS XA 849 -6.63 -78.67 -88.79
C HIS XA 849 -6.40 -77.26 -88.28
N ASN XA 850 -6.12 -76.31 -89.18
CA ASN XA 850 -5.83 -74.95 -88.75
C ASN XA 850 -7.01 -74.31 -88.03
N ALA XA 851 -8.23 -74.64 -88.44
CA ALA XA 851 -9.42 -74.05 -87.86
C ALA XA 851 -10.00 -74.86 -86.70
N CYS XA 852 -9.31 -75.90 -86.27
CA CYS XA 852 -9.75 -76.75 -85.15
C CYS XA 852 -11.13 -77.34 -85.42
N VAL XA 853 -11.41 -77.63 -86.68
CA VAL XA 853 -12.69 -78.21 -87.08
C VAL XA 853 -12.62 -79.73 -86.91
N ALA XA 854 -13.55 -80.28 -86.13
CA ALA XA 854 -13.59 -81.70 -85.83
C ALA XA 854 -14.42 -82.41 -86.89
N VAL XA 855 -13.74 -83.11 -87.81
CA VAL XA 855 -14.38 -83.87 -88.87
C VAL XA 855 -13.86 -85.29 -88.83
N ASP XA 856 -14.65 -86.20 -89.39
CA ASP XA 856 -14.23 -87.59 -89.57
C ASP XA 856 -13.87 -87.85 -91.03
N ALA XA 857 -13.12 -88.94 -91.25
CA ALA XA 857 -12.69 -89.28 -92.60
C ALA XA 857 -13.86 -89.54 -93.52
N ASP XA 858 -14.97 -90.06 -92.96
CA ASP XA 858 -16.18 -90.27 -93.75
C ASP XA 858 -16.60 -88.99 -94.48
N ALA XA 859 -16.69 -87.88 -93.75
CA ALA XA 859 -17.03 -86.61 -94.36
C ALA XA 859 -15.99 -86.18 -95.39
N MET XA 860 -14.70 -86.37 -95.08
CA MET XA 860 -13.65 -85.83 -95.94
C MET XA 860 -13.56 -86.58 -97.27
N LEU XA 861 -13.89 -87.87 -97.28
CA LEU XA 861 -13.88 -88.61 -98.53
C LEU XA 861 -14.89 -88.06 -99.53
N ILE XA 862 -16.04 -87.58 -99.05
CA ILE XA 862 -17.13 -87.16 -99.92
C ILE XA 862 -16.76 -85.99 -100.83
N LEU XA 863 -15.72 -85.23 -100.49
CA LEU XA 863 -15.36 -84.06 -101.28
C LEU XA 863 -15.06 -84.39 -102.73
N GLN XA 864 -14.94 -85.67 -103.07
CA GLN XA 864 -14.80 -86.07 -104.47
C GLN XA 864 -16.08 -85.90 -105.27
N GLU XA 865 -17.21 -85.61 -104.61
CA GLU XA 865 -18.48 -85.46 -105.31
C GLU XA 865 -18.48 -84.26 -106.26
N THR XA 866 -17.67 -83.23 -106.00
CA THR XA 866 -17.66 -82.04 -106.85
C THR XA 866 -17.13 -82.31 -108.24
N VAL XA 867 -16.41 -83.42 -108.46
CA VAL XA 867 -15.77 -83.67 -109.74
C VAL XA 867 -16.78 -83.88 -110.86
N THR XA 868 -18.00 -84.33 -110.54
CA THR XA 868 -18.99 -84.57 -111.58
C THR XA 868 -19.76 -83.31 -111.98
N ASN XA 869 -19.65 -82.22 -111.21
CA ASN XA 869 -20.29 -80.94 -111.54
C ASN XA 869 -19.26 -79.85 -111.30
N MET XA 870 -18.53 -79.50 -112.35
CA MET XA 870 -17.41 -78.59 -112.22
C MET XA 870 -17.87 -77.14 -112.32
N ALA XA 871 -16.93 -76.22 -112.08
CA ALA XA 871 -17.13 -74.79 -112.28
C ALA XA 871 -15.86 -74.23 -112.86
N GLU XA 872 -15.96 -73.57 -114.02
CA GLU XA 872 -14.78 -73.20 -114.79
C GLU XA 872 -14.13 -71.93 -114.29
N ARG XA 873 -14.94 -70.89 -114.04
CA ARG XA 873 -14.43 -69.57 -113.69
C ARG XA 873 -15.60 -68.70 -113.27
N THR XA 874 -15.28 -67.65 -112.51
CA THR XA 874 -16.26 -66.61 -112.26
C THR XA 874 -16.11 -65.53 -113.32
N THR XA 875 -17.25 -64.93 -113.71
CA THR XA 875 -17.30 -64.06 -114.87
C THR XA 875 -18.02 -62.76 -114.54
N PRO XA 876 -17.67 -61.67 -115.22
CA PRO XA 876 -18.35 -60.40 -114.97
C PRO XA 876 -19.59 -60.26 -115.85
N LEU XA 877 -20.43 -59.28 -115.48
CA LEU XA 877 -21.66 -59.02 -116.19
C LEU XA 877 -21.86 -57.51 -116.33
N LEU XA 878 -22.67 -57.13 -117.31
CA LEU XA 878 -23.07 -55.73 -117.47
C LEU XA 878 -24.50 -55.74 -117.98
N ALA XA 879 -25.45 -55.56 -117.05
CA ALA XA 879 -26.85 -55.44 -117.43
C ALA XA 879 -27.10 -54.07 -118.06
N SER XA 880 -28.23 -53.96 -118.75
CA SER XA 880 -28.61 -52.72 -119.41
C SER XA 880 -30.11 -52.70 -119.62
N VAL XA 881 -30.79 -51.69 -119.09
CA VAL XA 881 -32.24 -51.61 -119.21
C VAL XA 881 -32.65 -50.14 -119.28
N ALA XA 882 -33.61 -49.85 -120.16
CA ALA XA 882 -34.19 -48.52 -120.23
C ALA XA 882 -35.05 -48.28 -118.98
N PRO XA 883 -35.39 -47.03 -118.69
CA PRO XA 883 -36.28 -46.76 -117.55
C PRO XA 883 -37.61 -47.47 -117.73
N ASP XA 884 -38.27 -47.75 -116.59
CA ASP XA 884 -39.51 -48.51 -116.60
C ASP XA 884 -40.65 -47.64 -117.13
N ALA XA 885 -41.86 -48.19 -117.12
CA ALA XA 885 -43.00 -47.51 -117.72
C ALA XA 885 -43.44 -46.29 -116.92
N GLY XA 886 -42.99 -46.16 -115.68
CA GLY XA 886 -43.30 -44.98 -114.90
C GLY XA 886 -42.58 -43.75 -115.39
N MET XA 887 -41.26 -43.82 -115.45
CA MET XA 887 -40.43 -42.73 -115.98
C MET XA 887 -40.14 -42.96 -117.47
N ALA XA 888 -41.22 -42.99 -118.25
CA ALA XA 888 -41.11 -43.35 -119.66
C ALA XA 888 -41.56 -42.22 -120.57
N THR XA 889 -41.10 -41.01 -120.28
CA THR XA 889 -41.40 -39.87 -121.14
C THR XA 889 -40.45 -39.85 -122.34
N VAL XA 890 -40.60 -38.83 -123.18
CA VAL XA 890 -39.74 -38.74 -124.36
C VAL XA 890 -38.35 -38.21 -123.98
N ALA XA 891 -38.26 -37.37 -122.96
CA ALA XA 891 -36.97 -36.89 -122.49
C ALA XA 891 -36.22 -37.93 -121.68
N THR XA 892 -36.79 -39.11 -121.51
CA THR XA 892 -36.20 -40.20 -120.74
C THR XA 892 -36.18 -41.48 -121.55
N ARG XA 893 -36.04 -41.36 -122.88
CA ARG XA 893 -36.08 -42.54 -123.73
C ARG XA 893 -34.76 -43.28 -123.72
N ASP XA 894 -33.67 -42.61 -124.09
CA ASP XA 894 -32.35 -43.23 -124.20
C ASP XA 894 -31.57 -43.18 -122.91
N MET XA 895 -32.21 -42.86 -121.78
CA MET XA 895 -31.52 -42.64 -120.52
C MET XA 895 -31.56 -43.94 -119.71
N ARG XA 896 -30.95 -44.97 -120.30
CA ARG XA 896 -30.88 -46.29 -119.70
C ARG XA 896 -29.91 -46.29 -118.52
N THR XA 897 -29.85 -47.43 -117.82
CA THR XA 897 -28.90 -47.60 -116.74
C THR XA 897 -27.86 -48.64 -117.15
N HIS XA 898 -26.90 -48.88 -116.25
CA HIS XA 898 -25.84 -49.85 -116.51
C HIS XA 898 -25.39 -50.41 -115.16
N ASP XA 899 -25.75 -51.66 -114.89
CA ASP XA 899 -25.39 -52.34 -113.66
C ASP XA 899 -24.53 -53.55 -113.98
N GLY XA 900 -23.71 -53.95 -113.01
CA GLY XA 900 -22.86 -55.11 -113.17
C GLY XA 900 -23.28 -56.22 -112.22
N SER XA 901 -22.64 -57.37 -112.39
CA SER XA 901 -22.83 -58.53 -111.53
C SER XA 901 -21.74 -59.52 -111.84
N LEU XA 902 -21.59 -60.53 -110.98
CA LEU XA 902 -20.63 -61.60 -111.15
C LEU XA 902 -21.32 -62.94 -111.05
N HIS XA 903 -20.98 -63.84 -111.97
CA HIS XA 903 -21.50 -65.20 -111.95
C HIS XA 903 -20.46 -66.09 -111.28
N HIS XA 904 -20.92 -66.90 -110.31
CA HIS XA 904 -20.07 -67.85 -109.59
C HIS XA 904 -18.99 -67.14 -108.78
N GLY XA 905 -19.19 -65.86 -108.47
CA GLY XA 905 -18.27 -65.10 -107.65
C GLY XA 905 -18.37 -65.50 -106.19
N LEU XA 906 -17.95 -64.61 -105.32
CA LEU XA 906 -18.07 -64.87 -103.89
C LEU XA 906 -18.02 -63.55 -103.14
N LEU XA 907 -18.82 -63.47 -102.09
CA LEU XA 907 -18.78 -62.37 -101.13
C LEU XA 907 -18.00 -62.85 -99.92
N MET XA 908 -16.79 -62.31 -99.74
CA MET XA 908 -16.05 -62.57 -98.51
C MET XA 908 -16.31 -61.45 -97.52
N MET XA 909 -16.31 -61.81 -96.24
CA MET XA 909 -16.91 -60.98 -95.20
C MET XA 909 -15.96 -59.90 -94.69
N ALA XA 910 -14.82 -60.29 -94.13
CA ALA XA 910 -13.85 -59.36 -93.57
C ALA XA 910 -12.46 -59.80 -93.99
N TYR XA 911 -11.72 -58.89 -94.61
CA TYR XA 911 -10.36 -59.20 -95.06
C TYR XA 911 -9.47 -59.54 -93.87
N GLN XA 912 -8.44 -60.35 -94.15
CA GLN XA 912 -7.44 -60.70 -93.16
C GLN XA 912 -6.06 -60.49 -93.78
N PRO XA 913 -5.47 -59.32 -93.60
CA PRO XA 913 -4.14 -59.07 -94.16
C PRO XA 913 -3.01 -59.58 -93.27
N ASN XA 914 -3.26 -59.61 -91.97
CA ASN XA 914 -2.19 -59.89 -91.01
C ASN XA 914 -1.93 -61.38 -90.82
N ASP XA 915 -2.58 -62.24 -91.60
CA ASP XA 915 -2.23 -63.65 -91.59
C ASP XA 915 -0.93 -63.87 -92.37
N ALA XA 916 -0.26 -64.99 -92.08
CA ALA XA 916 0.96 -65.34 -92.76
C ALA XA 916 1.01 -66.78 -93.23
N THR XA 917 0.05 -67.62 -92.83
CA THR XA 917 0.04 -69.02 -93.23
C THR XA 917 -0.41 -69.24 -94.66
N LEU XA 918 -0.73 -68.18 -95.41
CA LEU XA 918 -1.18 -68.30 -96.78
C LEU XA 918 -0.71 -67.12 -97.60
N LEU XA 919 -0.53 -67.36 -98.90
CA LEU XA 919 -0.36 -66.28 -99.86
C LEU XA 919 -1.60 -65.39 -99.88
N GLU XA 920 -1.39 -64.09 -100.09
CA GLU XA 920 -2.51 -63.17 -100.10
C GLU XA 920 -3.40 -63.39 -101.32
N GLY XA 921 -2.84 -63.33 -102.51
CA GLY XA 921 -3.59 -63.60 -103.72
C GLY XA 921 -3.60 -65.08 -104.07
N ALA XA 922 -3.89 -65.92 -103.09
CA ALA XA 922 -3.82 -67.37 -103.30
C ALA XA 922 -5.05 -67.90 -104.02
N PHE XA 923 -6.23 -67.73 -103.41
CA PHE XA 923 -7.46 -68.32 -103.94
C PHE XA 923 -8.41 -67.31 -104.56
N PHE XA 924 -8.26 -66.02 -104.25
CA PHE XA 924 -9.24 -65.03 -104.66
C PHE XA 924 -8.53 -63.74 -105.10
N TYR XA 925 -9.33 -62.80 -105.59
CA TYR XA 925 -8.86 -61.48 -105.95
C TYR XA 925 -10.03 -60.51 -105.86
N PRO XA 926 -9.79 -59.23 -105.62
CA PRO XA 926 -10.90 -58.29 -105.49
C PRO XA 926 -11.48 -57.89 -106.83
N ALA XA 927 -12.80 -57.79 -106.86
CA ALA XA 927 -13.55 -57.37 -108.04
C ALA XA 927 -14.89 -56.81 -107.59
N PRO XA 928 -14.91 -55.64 -106.93
CA PRO XA 928 -16.17 -55.12 -106.39
C PRO XA 928 -17.15 -54.76 -107.50
N VAL XA 929 -18.43 -54.96 -107.22
CA VAL XA 929 -19.44 -54.79 -108.26
C VAL XA 929 -20.26 -53.52 -108.05
N ASN XA 930 -20.40 -53.05 -106.82
CA ASN XA 930 -21.23 -51.89 -106.53
C ASN XA 930 -20.60 -51.07 -105.43
N ALA XA 931 -21.20 -49.90 -105.17
CA ALA XA 931 -20.65 -48.98 -104.18
C ALA XA 931 -20.70 -49.56 -102.77
N LEU XA 932 -21.74 -50.33 -102.46
CA LEU XA 932 -21.86 -50.92 -101.13
C LEU XA 932 -20.70 -51.87 -100.83
N PHE XA 933 -20.44 -52.80 -101.75
CA PHE XA 933 -19.42 -53.83 -101.54
C PHE XA 933 -18.12 -53.44 -102.23
N ALA XA 934 -17.48 -52.40 -101.69
CA ALA XA 934 -16.20 -51.93 -102.24
C ALA XA 934 -15.42 -51.27 -101.11
N CYS XA 935 -14.47 -52.02 -100.55
CA CYS XA 935 -13.62 -51.54 -99.49
C CYS XA 935 -12.21 -51.25 -100.03
N ALA XA 936 -11.31 -50.91 -99.10
CA ALA XA 936 -9.93 -50.58 -99.44
C ALA XA 936 -8.95 -51.69 -99.11
N ASP XA 937 -9.05 -52.29 -97.92
CA ASP XA 937 -8.08 -53.28 -97.47
C ASP XA 937 -8.14 -54.58 -98.28
N HIS XA 938 -9.15 -54.76 -99.14
CA HIS XA 938 -9.21 -55.91 -100.01
C HIS XA 938 -8.39 -55.75 -101.28
N LEU XA 939 -7.92 -54.54 -101.56
CA LEU XA 939 -7.05 -54.34 -102.72
C LEU XA 939 -5.63 -54.82 -102.47
N GLY XA 940 -5.28 -55.08 -101.21
CA GLY XA 940 -4.00 -55.69 -100.91
C GLY XA 940 -3.86 -57.13 -101.35
N ALA XA 941 -4.98 -57.84 -101.51
CA ALA XA 941 -4.97 -59.19 -102.05
C ALA XA 941 -4.45 -59.25 -103.48
N MET XA 942 -4.45 -58.12 -104.18
CA MET XA 942 -3.95 -58.09 -105.55
C MET XA 942 -2.43 -58.03 -105.56
N ARG XA 943 -1.86 -58.62 -106.60
CA ARG XA 943 -0.42 -58.63 -106.84
C ARG XA 943 -0.06 -57.50 -107.81
N ASP XA 944 1.17 -57.01 -107.70
CA ASP XA 944 1.68 -55.90 -108.51
C ASP XA 944 0.91 -54.61 -108.24
N VAL XA 945 0.73 -54.32 -106.96
CA VAL XA 945 0.07 -53.11 -106.50
C VAL XA 945 1.12 -52.20 -105.87
N GLY XA 946 1.06 -50.92 -106.20
CA GLY XA 946 1.92 -49.93 -105.59
C GLY XA 946 1.21 -49.14 -104.50
N ALA XA 947 1.93 -48.17 -103.95
CA ALA XA 947 1.35 -47.28 -102.96
C ALA XA 947 0.52 -46.16 -103.58
N GLU XA 948 0.79 -45.82 -104.85
CA GLU XA 948 0.09 -44.70 -105.48
C GLU XA 948 -1.41 -44.94 -105.57
N VAL XA 949 -1.83 -46.20 -105.61
CA VAL XA 949 -3.26 -46.54 -105.74
C VAL XA 949 -3.84 -46.99 -104.40
N ARG XA 950 -3.08 -47.77 -103.62
CA ARG XA 950 -3.59 -48.21 -102.32
C ARG XA 950 -3.72 -47.07 -101.33
N ALA XA 951 -2.92 -46.01 -101.47
CA ALA XA 951 -3.05 -44.84 -100.63
C ALA XA 951 -4.12 -43.88 -101.12
N ALA XA 952 -4.85 -44.23 -102.17
CA ALA XA 952 -5.87 -43.36 -102.73
C ALA XA 952 -7.26 -44.00 -102.81
N ALA XA 953 -7.38 -45.30 -102.66
CA ALA XA 953 -8.66 -45.98 -102.76
C ALA XA 953 -9.46 -45.94 -101.46
N GLN XA 954 -8.92 -45.33 -100.41
CA GLN XA 954 -9.64 -45.27 -99.14
C GLN XA 954 -10.88 -44.39 -99.24
N HIS XA 955 -10.76 -43.23 -99.91
CA HIS XA 955 -11.84 -42.26 -99.97
C HIS XA 955 -12.72 -42.43 -101.20
N VAL XA 956 -12.43 -43.39 -102.06
CA VAL XA 956 -13.23 -43.59 -103.29
C VAL XA 956 -13.55 -45.07 -103.42
N PRO XA 957 -14.79 -45.43 -103.75
CA PRO XA 957 -15.06 -46.83 -104.13
C PRO XA 957 -14.30 -47.19 -105.39
N CYS XA 958 -13.93 -48.46 -105.47
CA CYS XA 958 -13.00 -48.94 -106.50
C CYS XA 958 -13.71 -49.80 -107.54
N VAL XA 959 -14.91 -49.40 -107.96
CA VAL XA 959 -15.61 -50.09 -109.04
C VAL XA 959 -14.93 -49.71 -110.35
N PRO XA 960 -14.58 -50.68 -111.19
CA PRO XA 960 -13.92 -50.37 -112.46
C PRO XA 960 -14.93 -50.05 -113.56
N HIS XA 961 -14.42 -49.46 -114.64
CA HIS XA 961 -15.27 -48.95 -115.71
C HIS XA 961 -15.69 -50.03 -116.70
N PHE XA 962 -15.59 -51.31 -116.31
CA PHE XA 962 -16.23 -52.39 -117.04
C PHE XA 962 -17.28 -53.10 -116.19
N LEU XA 963 -17.60 -52.53 -115.02
CA LEU XA 963 -18.68 -53.05 -114.19
C LEU XA 963 -19.72 -51.99 -113.84
N GLY XA 964 -19.62 -50.79 -114.40
CA GLY XA 964 -20.61 -49.76 -114.18
C GLY XA 964 -20.20 -48.72 -113.15
N ALA XA 965 -20.00 -47.48 -113.60
CA ALA XA 965 -19.58 -46.41 -112.71
C ALA XA 965 -20.76 -46.01 -111.82
N ASN XA 966 -20.53 -45.01 -110.96
CA ASN XA 966 -21.57 -44.59 -110.02
C ASN XA 966 -22.79 -44.03 -110.74
N TYR XA 967 -22.60 -42.95 -111.49
CA TYR XA 967 -23.71 -42.19 -112.06
C TYR XA 967 -24.54 -43.01 -113.05
N TYR XA 968 -24.05 -44.13 -113.55
CA TYR XA 968 -24.79 -44.94 -114.50
C TYR XA 968 -25.44 -46.17 -113.88
N ALA XA 969 -25.24 -46.41 -112.59
CA ALA XA 969 -25.85 -47.55 -111.93
C ALA XA 969 -27.24 -47.18 -111.39
N THR XA 970 -27.91 -48.17 -110.80
CA THR XA 970 -29.22 -47.98 -110.20
C THR XA 970 -29.15 -47.75 -108.69
N VAL XA 971 -28.00 -47.99 -108.08
CA VAL XA 971 -27.82 -47.80 -106.65
C VAL XA 971 -26.56 -46.98 -106.44
N ARG XA 972 -26.71 -45.68 -106.21
CA ARG XA 972 -25.58 -44.75 -106.21
C ARG XA 972 -24.84 -44.81 -104.89
N GLN XA 973 -23.78 -44.03 -104.78
CA GLN XA 973 -22.93 -43.92 -103.60
C GLN XA 973 -23.66 -43.53 -102.32
N PRO XA 974 -24.52 -42.49 -102.33
CA PRO XA 974 -25.08 -41.99 -101.05
C PRO XA 974 -25.71 -43.05 -100.17
N VAL XA 975 -26.43 -44.02 -100.75
CA VAL XA 975 -27.09 -45.03 -99.93
C VAL XA 975 -26.08 -45.90 -99.20
N ALA XA 976 -24.96 -46.24 -99.83
CA ALA XA 976 -23.90 -46.99 -99.14
C ALA XA 976 -23.23 -46.15 -98.08
N GLN XA 977 -22.94 -44.88 -98.38
CA GLN XA 977 -22.39 -43.97 -97.38
C GLN XA 977 -23.30 -43.87 -96.16
N HIS XA 978 -24.62 -43.96 -96.38
CA HIS XA 978 -25.53 -44.05 -95.25
C HIS XA 978 -25.27 -45.29 -94.40
N ALA XA 979 -24.94 -46.41 -95.05
CA ALA XA 979 -24.70 -47.64 -94.30
C ALA XA 979 -23.33 -47.65 -93.65
N ALA XA 980 -22.49 -46.65 -93.95
CA ALA XA 980 -21.14 -46.61 -93.40
C ALA XA 980 -21.00 -45.66 -92.22
N GLN XA 981 -21.90 -44.68 -92.08
CA GLN XA 981 -21.80 -43.70 -91.01
C GLN XA 981 -23.16 -43.46 -90.36
N SER XA 982 -23.91 -44.54 -90.16
CA SER XA 982 -25.17 -44.50 -89.42
C SER XA 982 -25.07 -45.54 -88.31
N ARG XA 983 -25.30 -45.11 -87.07
CA ARG XA 983 -25.12 -45.98 -85.90
C ARG XA 983 -26.40 -45.93 -85.08
N ALA XA 984 -27.38 -46.75 -85.50
CA ALA XA 984 -28.72 -46.67 -84.94
C ALA XA 984 -29.34 -48.04 -84.77
N ASP XA 985 -28.62 -48.98 -84.14
CA ASP XA 985 -29.20 -50.26 -83.74
C ASP XA 985 -29.69 -51.04 -84.97
N GLU XA 986 -28.70 -51.62 -85.67
CA GLU XA 986 -28.82 -52.25 -86.98
C GLU XA 986 -30.18 -52.89 -87.26
N ASN XA 987 -30.82 -53.44 -86.23
CA ASN XA 987 -32.21 -53.88 -86.36
C ASN XA 987 -33.07 -52.85 -87.09
N THR XA 988 -33.05 -51.60 -86.64
CA THR XA 988 -33.84 -50.56 -87.30
C THR XA 988 -33.14 -50.02 -88.55
N LEU XA 989 -31.81 -50.09 -88.59
CA LEU XA 989 -31.09 -49.69 -89.80
C LEU XA 989 -31.50 -50.54 -90.99
N SER XA 990 -31.86 -51.80 -90.75
CA SER XA 990 -32.35 -52.66 -91.84
C SER XA 990 -33.61 -52.07 -92.46
N TYR XA 991 -34.60 -51.76 -91.63
CA TYR XA 991 -35.83 -51.16 -92.14
C TYR XA 991 -35.57 -49.80 -92.79
N ALA XA 992 -34.63 -49.02 -92.25
CA ALA XA 992 -34.31 -47.74 -92.87
C ALA XA 992 -33.75 -47.93 -94.27
N LEU XA 993 -32.75 -48.81 -94.40
CA LEU XA 993 -32.17 -49.11 -95.71
C LEU XA 993 -33.22 -49.63 -96.67
N MET XA 994 -34.12 -50.50 -96.20
CA MET XA 994 -35.13 -51.07 -97.09
C MET XA 994 -36.12 -50.00 -97.54
N ALA XA 995 -36.69 -49.25 -96.59
CA ALA XA 995 -37.59 -48.16 -96.93
C ALA XA 995 -36.95 -47.15 -97.87
N GLY XA 996 -35.63 -47.01 -97.84
CA GLY XA 996 -34.97 -46.17 -98.81
C GLY XA 996 -34.75 -46.85 -100.15
N TYR XA 997 -35.74 -47.64 -100.59
CA TYR XA 997 -35.62 -48.35 -101.86
C TYR XA 997 -36.88 -48.25 -102.70
N PHE XA 998 -37.72 -47.25 -102.44
CA PHE XA 998 -38.93 -47.05 -103.21
C PHE XA 998 -38.63 -46.14 -104.40
N LYS XA 999 -39.31 -46.40 -105.52
CA LYS XA 999 -39.05 -45.63 -106.72
C LYS XA 999 -39.62 -44.22 -106.62
N MET XA 1000 -39.14 -43.34 -107.49
CA MET XA 1000 -39.62 -41.97 -107.58
C MET XA 1000 -40.12 -41.72 -109.00
N SER XA 1001 -41.43 -41.78 -109.16
CA SER XA 1001 -42.12 -41.61 -110.43
C SER XA 1001 -43.60 -41.48 -110.12
N PRO XA 1002 -44.35 -40.72 -110.92
CA PRO XA 1002 -45.79 -40.55 -110.61
C PRO XA 1002 -46.51 -41.86 -110.30
N VAL XA 1003 -46.16 -42.95 -110.97
CA VAL XA 1003 -46.80 -44.24 -110.68
C VAL XA 1003 -46.43 -44.72 -109.28
N ALA XA 1004 -45.21 -44.43 -108.84
CA ALA XA 1004 -44.80 -44.85 -107.50
C ALA XA 1004 -45.37 -43.93 -106.43
N PHE XA 1005 -45.34 -42.62 -106.68
CA PHE XA 1005 -45.98 -41.67 -105.78
C PHE XA 1005 -47.45 -42.01 -105.59
N THR XA 1006 -48.10 -42.52 -106.65
CA THR XA 1006 -49.50 -42.90 -106.60
C THR XA 1006 -49.80 -43.77 -105.40
N HIS XA 1007 -49.04 -44.84 -105.19
CA HIS XA 1007 -49.23 -45.69 -104.04
C HIS XA 1007 -48.61 -45.08 -102.77
N GLN XA 1008 -47.41 -44.52 -102.89
CA GLN XA 1008 -46.69 -44.02 -101.72
C GLN XA 1008 -47.51 -43.00 -100.95
N LEU XA 1009 -47.83 -41.87 -101.58
CA LEU XA 1009 -48.49 -40.77 -100.87
C LEU XA 1009 -49.79 -41.23 -100.24
N ARG XA 1010 -50.51 -42.12 -100.91
CA ARG XA 1010 -51.83 -42.52 -100.45
C ARG XA 1010 -51.76 -43.55 -99.33
N ARG XA 1011 -50.71 -44.38 -99.31
CA ARG XA 1011 -50.60 -45.45 -98.31
C ARG XA 1011 -49.90 -45.02 -97.03
N GLN XA 1012 -49.87 -43.72 -96.74
CA GLN XA 1012 -49.33 -43.20 -95.48
C GLN XA 1012 -47.85 -43.57 -95.31
N LEU XA 1013 -47.04 -43.12 -96.25
CA LEU XA 1013 -45.59 -43.21 -96.15
C LEU XA 1013 -45.01 -41.83 -96.42
N HIS XA 1014 -43.86 -41.54 -95.82
CA HIS XA 1014 -43.21 -40.25 -95.97
C HIS XA 1014 -42.02 -40.36 -96.91
N PRO XA 1015 -42.10 -39.84 -98.13
CA PRO XA 1015 -40.90 -39.76 -98.98
C PRO XA 1015 -39.95 -38.68 -98.49
N GLY XA 1016 -38.79 -38.56 -99.13
CA GLY XA 1016 -37.78 -37.65 -98.66
C GLY XA 1016 -37.94 -36.23 -99.16
N PHE XA 1017 -39.14 -35.69 -99.08
CA PHE XA 1017 -39.44 -34.33 -99.49
C PHE XA 1017 -39.77 -33.46 -98.29
N ALA XA 1018 -40.10 -32.20 -98.59
CA ALA XA 1018 -40.69 -31.29 -97.62
C ALA XA 1018 -41.38 -30.20 -98.42
N LEU XA 1019 -42.70 -30.19 -98.42
CA LEU XA 1019 -43.41 -29.26 -99.28
C LEU XA 1019 -43.73 -27.96 -98.55
N THR XA 1020 -43.98 -26.91 -99.33
CA THR XA 1020 -44.32 -25.59 -98.82
C THR XA 1020 -45.65 -25.18 -99.45
N VAL XA 1021 -46.72 -25.25 -98.65
CA VAL XA 1021 -48.03 -24.85 -99.14
C VAL XA 1021 -48.10 -23.33 -99.23
N VAL XA 1022 -48.60 -22.84 -100.37
CA VAL XA 1022 -48.83 -21.41 -100.56
C VAL XA 1022 -50.29 -21.23 -100.97
N ARG XA 1023 -50.83 -20.05 -100.67
CA ARG XA 1023 -52.22 -19.74 -100.98
C ARG XA 1023 -52.45 -18.26 -100.75
N GLN XA 1024 -53.43 -17.71 -101.46
CA GLN XA 1024 -53.69 -16.28 -101.46
C GLN XA 1024 -55.14 -16.02 -101.05
N ASP XA 1025 -55.32 -15.03 -100.18
CA ASP XA 1025 -56.63 -14.66 -99.67
C ASP XA 1025 -56.90 -13.17 -99.93
N ARG XA 1026 -58.15 -12.78 -99.70
CA ARG XA 1026 -58.59 -11.40 -99.90
C ARG XA 1026 -59.52 -11.01 -98.76
N PHE XA 1027 -59.41 -9.76 -98.31
CA PHE XA 1027 -60.14 -9.29 -97.14
C PHE XA 1027 -60.79 -7.95 -97.43
N ALA XA 1028 -62.10 -7.87 -97.20
CA ALA XA 1028 -62.86 -6.64 -97.40
C ALA XA 1028 -62.65 -5.73 -96.20
N THR XA 1029 -62.25 -4.49 -96.48
CA THR XA 1029 -61.87 -3.53 -95.45
C THR XA 1029 -62.63 -2.23 -95.63
N GLU XA 1030 -62.54 -1.36 -94.61
CA GLU XA 1030 -63.26 -0.09 -94.57
C GLU XA 1030 -62.22 1.02 -94.50
N ASN XA 1031 -62.09 1.75 -95.61
CA ASN XA 1031 -61.04 2.75 -95.74
C ASN XA 1031 -61.53 4.12 -95.29
N VAL XA 1032 -60.58 5.03 -95.14
CA VAL XA 1032 -60.83 6.41 -94.76
C VAL XA 1032 -59.97 7.29 -95.64
N LEU XA 1033 -60.54 7.81 -96.73
CA LEU XA 1033 -59.78 8.61 -97.68
C LEU XA 1033 -59.79 10.08 -97.28
N PHE XA 1034 -58.67 10.75 -97.58
CA PHE XA 1034 -58.50 12.16 -97.34
C PHE XA 1034 -58.09 12.83 -98.64
N ALA XA 1035 -58.45 14.10 -98.78
CA ALA XA 1035 -58.06 14.91 -99.93
C ALA XA 1035 -57.82 16.33 -99.46
N GLU XA 1036 -57.34 17.18 -100.36
CA GLU XA 1036 -56.87 18.52 -100.02
C GLU XA 1036 -57.68 19.59 -100.73
N LYS XA 1037 -57.23 20.86 -100.56
CA LYS XA 1037 -57.99 22.01 -101.05
C LYS XA 1037 -58.38 21.90 -102.52
N ALA XA 1038 -57.42 21.60 -103.38
CA ALA XA 1038 -57.76 21.32 -104.79
C ALA XA 1038 -56.76 20.25 -105.26
N SER XA 1039 -57.18 19.00 -105.15
CA SER XA 1039 -56.36 17.86 -105.52
C SER XA 1039 -56.69 17.33 -106.90
N GLU XA 1040 -57.52 18.03 -107.66
CA GLU XA 1040 -57.97 17.53 -108.95
C GLU XA 1040 -58.50 18.66 -109.81
N SER XA 1041 -58.13 18.66 -111.08
CA SER XA 1041 -58.67 19.59 -112.07
C SER XA 1041 -59.59 18.82 -113.01
N TYR XA 1042 -60.81 19.32 -113.20
CA TYR XA 1042 -61.91 18.54 -113.75
C TYR XA 1042 -62.58 19.32 -114.86
N PHE XA 1043 -62.63 18.72 -116.06
CA PHE XA 1043 -63.17 19.36 -117.25
C PHE XA 1043 -64.44 18.65 -117.69
N MET XA 1044 -65.55 19.36 -117.69
CA MET XA 1044 -66.83 18.84 -118.17
C MET XA 1044 -67.08 19.33 -119.59
N GLY XA 1045 -67.30 18.41 -120.50
CA GLY XA 1045 -67.54 18.75 -121.89
C GLY XA 1045 -68.98 19.13 -122.19
N GLN XA 1046 -69.46 18.76 -123.37
CA GLN XA 1046 -70.81 19.07 -123.81
C GLN XA 1046 -71.58 17.78 -124.05
N MET XA 1047 -72.70 17.63 -123.36
CA MET XA 1047 -73.54 16.45 -123.53
C MET XA 1047 -74.05 16.35 -124.96
N GLN XA 1048 -74.23 15.12 -125.44
CA GLN XA 1048 -74.76 14.88 -126.77
C GLN XA 1048 -75.53 13.56 -126.76
N VAL XA 1049 -76.57 13.48 -127.59
CA VAL XA 1049 -77.48 12.33 -127.60
C VAL XA 1049 -77.18 11.48 -128.83
N ALA XA 1050 -77.39 10.18 -128.70
CA ALA XA 1050 -77.22 9.23 -129.79
C ALA XA 1050 -78.38 8.25 -129.77
N ARG XA 1051 -79.24 8.30 -130.79
CA ARG XA 1051 -80.42 7.46 -130.86
C ARG XA 1051 -80.20 6.29 -131.81
N THR XA 1052 -80.78 5.15 -131.45
CA THR XA 1052 -80.77 3.95 -132.29
C THR XA 1052 -82.12 3.26 -132.15
N GLU XA 1053 -82.40 2.33 -133.06
CA GLU XA 1053 -83.63 1.55 -133.04
C GLU XA 1053 -83.28 0.10 -132.73
N SER XA 1054 -83.78 -0.40 -131.61
CA SER XA 1054 -83.63 -1.79 -131.23
C SER XA 1054 -84.58 -2.07 -130.07
N GLY XA 1055 -85.08 -3.30 -130.00
CA GLY XA 1055 -86.13 -3.60 -129.05
C GLY XA 1055 -87.43 -2.90 -129.36
N GLY XA 1056 -87.76 -2.73 -130.64
CA GLY XA 1056 -88.99 -2.09 -131.05
C GLY XA 1056 -88.97 -0.58 -130.87
N GLY XA 1057 -88.94 -0.13 -129.62
CA GLY XA 1057 -88.97 1.28 -129.33
C GLY XA 1057 -87.63 1.97 -129.53
N LEU XA 1058 -87.67 3.29 -129.44
CA LEU XA 1058 -86.46 4.09 -129.52
C LEU XA 1058 -85.50 3.73 -128.39
N HIS XA 1059 -84.21 3.86 -128.66
CA HIS XA 1059 -83.16 3.57 -127.68
C HIS XA 1059 -82.27 4.80 -127.57
N LEU XA 1060 -82.62 5.70 -126.65
CA LEU XA 1060 -81.81 6.90 -126.43
C LEU XA 1060 -80.63 6.57 -125.53
N GLN XA 1061 -79.51 7.25 -125.78
CA GLN XA 1061 -78.26 6.96 -125.09
C GLN XA 1061 -77.50 8.27 -124.94
N LEU XA 1062 -77.52 8.83 -123.73
CA LEU XA 1062 -76.81 10.07 -123.47
C LEU XA 1062 -75.34 9.79 -123.22
N THR XA 1063 -74.51 10.76 -123.60
CA THR XA 1063 -73.07 10.68 -123.41
C THR XA 1063 -72.54 12.06 -123.04
N GLN XA 1064 -71.42 12.06 -122.31
CA GLN XA 1064 -70.77 13.33 -121.96
C GLN XA 1064 -69.28 13.12 -121.82
N PRO XA 1065 -68.47 13.65 -122.74
CA PRO XA 1065 -67.01 13.51 -122.63
C PRO XA 1065 -66.49 14.41 -121.51
N ARG XA 1066 -65.60 13.85 -120.69
CA ARG XA 1066 -65.02 14.60 -119.58
C ARG XA 1066 -63.67 13.98 -119.23
N ALA XA 1067 -62.74 14.85 -118.83
CA ALA XA 1067 -61.36 14.45 -118.58
C ALA XA 1067 -60.86 15.15 -117.31
N ASN XA 1068 -59.78 14.61 -116.75
CA ASN XA 1068 -59.24 15.13 -115.50
C ASN XA 1068 -57.73 14.95 -115.47
N VAL XA 1069 -57.09 15.70 -114.57
CA VAL XA 1069 -55.66 15.57 -114.32
C VAL XA 1069 -55.36 16.21 -112.98
N ASP XA 1070 -54.45 15.59 -112.23
CA ASP XA 1070 -54.10 16.09 -110.91
C ASP XA 1070 -53.37 17.42 -111.01
N LEU XA 1071 -53.32 18.15 -109.89
CA LEU XA 1071 -52.72 19.47 -109.87
C LEU XA 1071 -51.81 19.65 -108.66
N GLY XA 1072 -51.24 18.57 -108.16
CA GLY XA 1072 -50.41 18.63 -106.96
C GLY XA 1072 -49.14 17.83 -107.10
N VAL XA 1073 -48.01 18.50 -106.88
CA VAL XA 1073 -46.72 17.82 -106.83
C VAL XA 1073 -46.62 17.05 -105.52
N GLY XA 1074 -46.31 15.76 -105.63
CA GLY XA 1074 -46.35 14.90 -104.47
C GLY XA 1074 -47.75 14.36 -104.24
N PHE XA 1075 -47.87 13.29 -103.47
CA PHE XA 1075 -49.18 12.70 -103.22
C PHE XA 1075 -50.09 13.67 -102.48
N THR XA 1076 -51.32 13.81 -102.98
CA THR XA 1076 -52.28 14.76 -102.44
C THR XA 1076 -53.49 14.07 -101.84
N ALA XA 1077 -53.46 12.74 -101.72
CA ALA XA 1077 -54.57 12.00 -101.14
C ALA XA 1077 -54.03 10.72 -100.53
N ALA XA 1078 -54.68 10.28 -99.45
CA ALA XA 1078 -54.24 9.07 -98.77
C ALA XA 1078 -55.42 8.48 -98.02
N TYR XA 1079 -55.34 7.18 -97.75
CA TYR XA 1079 -56.34 6.46 -96.97
C TYR XA 1079 -55.67 5.68 -95.85
N ALA XA 1080 -56.49 5.03 -95.04
CA ALA XA 1080 -55.99 4.34 -93.85
C ALA XA 1080 -56.44 2.90 -93.73
N ALA XA 1081 -57.57 2.52 -94.32
CA ALA XA 1081 -58.10 1.16 -94.24
C ALA XA 1081 -58.30 0.74 -92.77
N ALA XA 1082 -59.24 1.43 -92.12
CA ALA XA 1082 -59.39 1.36 -90.68
C ALA XA 1082 -59.96 0.03 -90.19
N ALA XA 1083 -61.19 -0.29 -90.57
CA ALA XA 1083 -61.91 -1.40 -89.97
C ALA XA 1083 -61.71 -2.67 -90.81
N LEU XA 1084 -62.49 -3.70 -90.50
CA LEU XA 1084 -62.36 -5.01 -91.16
C LEU XA 1084 -63.70 -5.72 -91.15
N ARG XA 1085 -64.21 -6.06 -92.33
CA ARG XA 1085 -65.33 -6.96 -92.48
C ARG XA 1085 -64.83 -8.39 -92.65
N ALA XA 1086 -65.78 -9.31 -92.85
CA ALA XA 1086 -65.44 -10.72 -92.96
C ALA XA 1086 -64.56 -10.96 -94.17
N PRO XA 1087 -63.63 -11.90 -94.08
CA PRO XA 1087 -62.81 -12.26 -95.25
C PRO XA 1087 -63.68 -12.75 -96.39
N VAL XA 1088 -63.66 -12.01 -97.50
CA VAL XA 1088 -64.52 -12.32 -98.64
C VAL XA 1088 -64.27 -13.73 -99.14
N THR XA 1089 -63.04 -14.21 -99.03
CA THR XA 1089 -62.68 -15.52 -99.53
C THR XA 1089 -62.64 -16.55 -98.41
N ASP XA 1090 -62.56 -17.82 -98.80
CA ASP XA 1090 -62.37 -18.90 -97.86
C ASP XA 1090 -60.89 -19.02 -97.49
N MET XA 1091 -60.64 -19.60 -96.32
CA MET XA 1091 -59.28 -19.89 -95.87
C MET XA 1091 -59.01 -21.39 -95.84
N GLY XA 1092 -59.81 -22.17 -96.54
CA GLY XA 1092 -59.70 -23.62 -96.56
C GLY XA 1092 -58.55 -24.10 -97.43
N ASN XA 1093 -58.69 -25.33 -97.91
CA ASN XA 1093 -57.68 -25.95 -98.77
C ASN XA 1093 -58.33 -26.42 -100.05
N LEU XA 1094 -57.57 -26.39 -101.14
CA LEU XA 1094 -58.04 -26.81 -102.45
C LEU XA 1094 -56.83 -27.10 -103.30
N PRO XA 1095 -56.35 -28.35 -103.29
CA PRO XA 1095 -55.09 -28.66 -103.98
C PRO XA 1095 -55.22 -28.47 -105.49
N GLN XA 1096 -54.22 -27.80 -106.06
CA GLN XA 1096 -54.23 -27.56 -107.49
C GLN XA 1096 -54.03 -28.86 -108.25
N ASN XA 1097 -54.70 -28.97 -109.40
CA ASN XA 1097 -54.63 -30.14 -110.26
C ASN XA 1097 -53.99 -29.71 -111.58
N LEU XA 1098 -52.74 -30.09 -111.79
CA LEU XA 1098 -51.98 -29.66 -112.95
C LEU XA 1098 -52.45 -30.31 -114.25
N PHE XA 1099 -53.35 -31.29 -114.19
CA PHE XA 1099 -53.78 -31.98 -115.41
C PHE XA 1099 -54.66 -31.12 -116.31
N ALA XA 1100 -55.11 -29.96 -115.83
CA ALA XA 1100 -55.94 -29.07 -116.63
C ALA XA 1100 -55.13 -28.09 -117.46
N THR XA 1101 -53.86 -28.41 -117.71
CA THR XA 1101 -52.95 -27.54 -118.44
C THR XA 1101 -52.47 -28.23 -119.71
N ARG XA 1102 -51.52 -27.60 -120.40
CA ARG XA 1102 -50.94 -28.15 -121.61
C ARG XA 1102 -49.43 -27.98 -121.60
N GLY XA 1103 -48.78 -28.23 -122.72
CA GLY XA 1103 -47.36 -28.02 -122.86
C GLY XA 1103 -46.46 -29.08 -122.24
N ALA XA 1104 -47.00 -29.92 -121.36
CA ALA XA 1104 -46.20 -30.97 -120.73
C ALA XA 1104 -46.21 -32.20 -121.62
N PRO XA 1105 -45.09 -32.58 -122.22
CA PRO XA 1105 -45.07 -33.78 -123.06
C PRO XA 1105 -45.40 -35.02 -122.26
N PRO XA 1106 -46.50 -35.69 -122.58
CA PRO XA 1106 -46.93 -36.83 -121.76
C PRO XA 1106 -46.06 -38.06 -121.94
N MET XA 1107 -46.43 -39.15 -121.29
CA MET XA 1107 -45.68 -40.40 -121.35
C MET XA 1107 -46.09 -41.22 -122.57
N LEU XA 1108 -45.20 -42.11 -122.98
CA LEU XA 1108 -45.41 -42.88 -124.21
C LEU XA 1108 -46.58 -43.84 -124.07
N ASP XA 1109 -46.49 -44.76 -123.12
CA ASP XA 1109 -47.52 -45.78 -122.95
C ASP XA 1109 -48.82 -45.11 -122.49
N ALA XA 1110 -49.83 -45.13 -123.37
CA ALA XA 1110 -51.08 -44.45 -123.09
C ALA XA 1110 -51.80 -45.02 -121.87
N ASP XA 1111 -51.58 -46.31 -121.57
CA ASP XA 1111 -52.22 -46.93 -120.43
C ASP XA 1111 -51.81 -46.26 -119.12
N ALA XA 1112 -50.55 -45.83 -119.03
CA ALA XA 1112 -50.07 -45.21 -117.80
C ALA XA 1112 -50.70 -43.83 -117.59
N ASP XA 1113 -50.71 -43.00 -118.62
CA ASP XA 1113 -51.40 -41.71 -118.52
C ASP XA 1113 -52.87 -41.91 -118.21
N ASP XA 1114 -53.47 -42.94 -118.81
CA ASP XA 1114 -54.87 -43.28 -118.53
C ASP XA 1114 -55.08 -43.58 -117.05
N TYR XA 1115 -54.28 -44.50 -116.51
CA TYR XA 1115 -54.38 -44.85 -115.09
C TYR XA 1115 -54.17 -43.63 -114.21
N LEU XA 1116 -53.20 -42.78 -114.57
CA LEU XA 1116 -52.98 -41.56 -113.80
C LEU XA 1116 -54.23 -40.71 -113.75
N ARG XA 1117 -54.72 -40.27 -114.92
CA ARG XA 1117 -55.92 -39.44 -114.98
C ARG XA 1117 -57.08 -40.07 -114.23
N ARG XA 1118 -57.23 -41.39 -114.29
CA ARG XA 1118 -58.34 -42.04 -113.62
C ARG XA 1118 -58.15 -42.21 -112.13
N THR XA 1119 -56.92 -42.11 -111.62
CA THR XA 1119 -56.73 -42.22 -110.18
C THR XA 1119 -56.49 -40.88 -109.49
N VAL XA 1120 -56.20 -39.82 -110.23
CA VAL XA 1120 -56.01 -38.51 -109.62
C VAL XA 1120 -57.31 -37.70 -109.63
N ASN XA 1121 -58.02 -37.72 -110.75
CA ASN XA 1121 -59.30 -37.03 -110.88
C ASN XA 1121 -60.43 -37.76 -110.17
N ALA XA 1122 -60.15 -38.91 -109.56
CA ALA XA 1122 -61.20 -39.75 -108.97
C ALA XA 1122 -61.71 -39.08 -107.69
N GLY XA 1123 -62.56 -38.08 -107.86
CA GLY XA 1123 -63.11 -37.33 -106.77
C GLY XA 1123 -62.42 -36.00 -106.49
N ASN XA 1124 -61.29 -35.73 -107.12
CA ASN XA 1124 -60.63 -34.45 -106.93
C ASN XA 1124 -61.41 -33.34 -107.61
N ARG XA 1125 -61.60 -32.24 -106.90
CA ARG XA 1125 -62.38 -31.13 -107.43
C ARG XA 1125 -61.66 -30.50 -108.62
N LEU XA 1126 -62.41 -29.69 -109.37
CA LEU XA 1126 -61.95 -29.02 -110.59
C LEU XA 1126 -61.21 -29.95 -111.54
N ALA XA 1127 -61.49 -31.24 -111.47
CA ALA XA 1127 -60.99 -32.16 -112.47
C ALA XA 1127 -61.60 -31.78 -113.82
N PRO XA 1128 -60.78 -31.46 -114.83
CA PRO XA 1128 -61.35 -31.06 -116.13
C PRO XA 1128 -62.26 -32.15 -116.70
N VAL XA 1129 -63.56 -31.86 -116.73
CA VAL XA 1129 -64.55 -32.83 -117.19
C VAL XA 1129 -65.11 -32.32 -118.51
N PRO XA 1130 -65.30 -33.22 -119.50
CA PRO XA 1130 -65.78 -32.79 -120.81
C PRO XA 1130 -67.28 -32.56 -120.92
N VAL XA 1131 -67.66 -31.38 -121.41
CA VAL XA 1131 -69.05 -30.99 -121.60
C VAL XA 1131 -69.09 -30.06 -122.79
N PHE XA 1132 -70.12 -29.20 -122.85
CA PHE XA 1132 -70.20 -28.22 -123.92
C PHE XA 1132 -68.99 -27.32 -123.74
N GLY XA 1133 -68.26 -27.09 -124.83
CA GLY XA 1133 -67.01 -26.31 -124.89
C GLY XA 1133 -65.89 -26.92 -124.05
N GLN XA 1134 -65.10 -27.77 -124.71
CA GLN XA 1134 -63.98 -28.51 -124.14
C GLN XA 1134 -63.19 -27.90 -122.99
N MET XA 1135 -63.03 -28.70 -121.94
CA MET XA 1135 -62.30 -28.40 -120.69
C MET XA 1135 -62.87 -27.28 -119.82
N LEU XA 1136 -63.54 -27.69 -118.74
CA LEU XA 1136 -64.14 -26.73 -117.82
C LEU XA 1136 -64.45 -27.41 -116.48
N PRO XA 1137 -63.83 -26.91 -115.41
CA PRO XA 1137 -64.06 -27.47 -114.07
C PRO XA 1137 -65.55 -27.44 -113.76
N GLN XA 1138 -66.09 -28.57 -113.35
CA GLN XA 1138 -67.51 -28.68 -113.02
C GLN XA 1138 -67.91 -27.61 -112.01
N VAL XA 1139 -68.99 -26.90 -112.32
CA VAL XA 1139 -69.52 -25.89 -111.39
C VAL XA 1139 -70.09 -26.60 -110.17
N PRO XA 1140 -69.70 -26.21 -108.96
CA PRO XA 1140 -70.18 -26.91 -107.77
C PRO XA 1140 -71.64 -26.61 -107.48
N ALA XA 1141 -72.24 -27.49 -106.71
CA ALA XA 1141 -73.58 -27.28 -106.18
C ALA XA 1141 -73.49 -26.72 -104.76
N GLY XA 1142 -73.76 -25.42 -104.66
CA GLY XA 1142 -73.83 -24.74 -103.38
C GLY XA 1142 -72.45 -24.44 -102.81
N LEU XA 1143 -72.32 -23.24 -102.24
CA LEU XA 1143 -71.11 -22.85 -101.52
C LEU XA 1143 -71.45 -22.67 -100.05
N ALA XA 1144 -70.59 -23.17 -99.17
CA ALA XA 1144 -70.80 -23.00 -97.73
C ALA XA 1144 -70.28 -21.67 -97.22
N ARG XA 1145 -69.12 -21.24 -97.71
CA ARG XA 1145 -68.50 -20.01 -97.24
C ARG XA 1145 -67.98 -19.21 -98.42
N GLY XA 1146 -67.15 -18.20 -98.16
CA GLY XA 1146 -66.57 -17.39 -99.22
C GLY XA 1146 -65.87 -18.23 -100.27
N GLN XA 1147 -65.61 -17.59 -101.42
CA GLN XA 1147 -65.05 -18.29 -102.56
C GLN XA 1147 -63.78 -19.05 -102.19
N GLN XA 1148 -63.60 -20.21 -102.80
CA GLN XA 1148 -62.59 -21.16 -102.37
C GLN XA 1148 -61.22 -20.76 -102.94
N SER XA 1149 -60.21 -20.82 -102.08
CA SER XA 1149 -58.85 -20.44 -102.45
C SER XA 1149 -58.21 -21.57 -103.27
N VAL XA 1150 -56.94 -21.40 -103.61
CA VAL XA 1150 -56.18 -22.41 -104.34
C VAL XA 1150 -54.83 -22.56 -103.68
N CYS XA 1151 -54.42 -23.80 -103.43
CA CYS XA 1151 -53.15 -24.10 -102.80
C CYS XA 1151 -52.21 -24.78 -103.78
N GLU XA 1152 -50.92 -24.48 -103.65
CA GLU XA 1152 -49.90 -25.03 -104.52
C GLU XA 1152 -48.94 -25.89 -103.68
N PHE XA 1153 -47.91 -26.42 -104.33
CA PHE XA 1153 -46.95 -27.28 -103.65
C PHE XA 1153 -45.59 -27.11 -104.29
N ILE XA 1154 -44.57 -26.94 -103.46
CA ILE XA 1154 -43.20 -26.69 -103.91
C ILE XA 1154 -42.28 -27.68 -103.21
N ALA XA 1155 -41.52 -28.44 -104.00
CA ALA XA 1155 -40.54 -29.36 -103.43
C ALA XA 1155 -39.42 -28.58 -102.75
N THR XA 1156 -39.00 -29.09 -101.59
CA THR XA 1156 -37.98 -28.46 -100.77
C THR XA 1156 -37.31 -29.55 -99.96
N PRO XA 1157 -35.99 -29.52 -99.81
CA PRO XA 1157 -35.31 -30.56 -99.03
C PRO XA 1157 -35.85 -30.63 -97.60
N VAL XA 1158 -35.83 -31.84 -97.04
CA VAL XA 1158 -36.40 -32.06 -95.71
C VAL XA 1158 -35.60 -31.38 -94.61
N SER XA 1159 -34.32 -31.06 -94.88
CA SER XA 1159 -33.43 -30.57 -93.85
C SER XA 1159 -33.37 -29.05 -93.78
N VAL XA 1160 -34.25 -28.34 -94.47
CA VAL XA 1160 -34.26 -26.89 -94.40
C VAL XA 1160 -34.54 -26.45 -92.98
N ASP XA 1161 -34.00 -25.29 -92.61
CA ASP XA 1161 -34.17 -24.78 -91.26
C ASP XA 1161 -35.61 -24.33 -91.03
N LEU XA 1162 -36.24 -24.90 -90.00
CA LEU XA 1162 -37.63 -24.57 -89.70
C LEU XA 1162 -37.85 -23.08 -89.49
N ALA XA 1163 -37.02 -22.46 -88.65
CA ALA XA 1163 -37.18 -21.04 -88.31
C ALA XA 1163 -37.26 -20.14 -89.53
N TYR XA 1164 -36.76 -20.59 -90.68
CA TYR XA 1164 -36.94 -19.84 -91.92
C TYR XA 1164 -38.41 -19.58 -92.25
N PHE XA 1165 -39.33 -20.35 -91.65
CA PHE XA 1165 -40.76 -20.17 -91.90
C PHE XA 1165 -41.49 -19.49 -90.76
N ARG XA 1166 -40.91 -19.40 -89.57
CA ARG XA 1166 -41.61 -18.79 -88.44
C ARG XA 1166 -41.83 -17.31 -88.64
N ARG XA 1167 -40.83 -16.60 -89.19
CA ARG XA 1167 -40.99 -15.19 -89.50
C ARG XA 1167 -41.40 -15.05 -90.97
N ALA XA 1168 -41.61 -13.81 -91.41
CA ALA XA 1168 -41.96 -13.57 -92.81
C ALA XA 1168 -40.84 -14.07 -93.71
N CYS XA 1169 -41.20 -14.87 -94.71
CA CYS XA 1169 -40.23 -15.50 -95.59
C CYS XA 1169 -40.73 -15.47 -97.02
N ASN XA 1170 -39.86 -15.93 -97.92
CA ASN XA 1170 -40.17 -16.03 -99.33
C ASN XA 1170 -40.23 -17.51 -99.71
N PRO XA 1171 -41.28 -17.95 -100.39
CA PRO XA 1171 -41.36 -19.37 -100.76
C PRO XA 1171 -40.27 -19.81 -101.72
N ARG XA 1172 -39.65 -18.88 -102.43
CA ARG XA 1172 -38.54 -19.23 -103.32
C ARG XA 1172 -37.37 -19.79 -102.53
N GLY XA 1173 -36.89 -19.04 -101.54
CA GLY XA 1173 -35.72 -19.40 -100.77
C GLY XA 1173 -34.67 -18.32 -100.88
N ARG XA 1174 -34.52 -17.80 -102.10
CA ARG XA 1174 -33.81 -16.55 -102.30
C ARG XA 1174 -34.82 -15.41 -102.25
N ALA XA 1175 -34.67 -14.51 -101.28
CA ALA XA 1175 -35.67 -13.50 -100.97
C ALA XA 1175 -35.54 -12.27 -101.86
N ALA XA 1176 -34.96 -12.44 -103.06
CA ALA XA 1176 -34.61 -11.36 -103.96
C ALA XA 1176 -35.67 -10.28 -104.12
N GLY XA 1177 -36.83 -10.63 -104.68
CA GLY XA 1177 -37.75 -9.59 -105.07
C GLY XA 1177 -37.07 -8.58 -105.97
N GLU XA 1178 -37.48 -7.34 -105.81
CA GLU XA 1178 -36.78 -6.25 -106.49
C GLU XA 1178 -36.41 -5.11 -105.57
N VAL XA 1179 -37.25 -4.81 -104.57
CA VAL XA 1179 -37.11 -3.56 -103.83
C VAL XA 1179 -35.76 -3.44 -103.15
N HIS XA 1180 -35.19 -4.55 -102.68
CA HIS XA 1180 -33.87 -4.54 -102.05
C HIS XA 1180 -32.91 -5.32 -102.96
N GLY XA 1181 -32.32 -4.62 -103.92
CA GLY XA 1181 -31.40 -5.26 -104.84
C GLY XA 1181 -31.68 -4.92 -106.29
N GLU XA 1182 -30.63 -4.86 -107.10
CA GLU XA 1182 -30.76 -4.49 -108.50
C GLU XA 1182 -30.86 -5.74 -109.36
N GLU XA 1183 -30.81 -5.54 -110.68
CA GLU XA 1183 -30.80 -6.66 -111.60
C GLU XA 1183 -29.53 -7.48 -111.43
N GLY XA 1184 -29.69 -8.80 -111.47
CA GLY XA 1184 -28.61 -9.73 -111.22
C GLY XA 1184 -28.70 -10.40 -109.86
N LEU XA 1185 -29.54 -9.89 -108.96
CA LEU XA 1185 -29.77 -10.53 -107.68
C LEU XA 1185 -31.06 -11.35 -107.66
N MET XA 1186 -31.41 -11.97 -108.79
CA MET XA 1186 -32.57 -12.85 -108.84
C MET XA 1186 -32.19 -14.27 -109.23
N PHE XA 1187 -31.30 -14.44 -110.20
CA PHE XA 1187 -30.94 -15.78 -110.66
C PHE XA 1187 -29.45 -16.08 -110.55
N ASP XA 1188 -28.62 -15.10 -110.25
CA ASP XA 1188 -27.19 -15.35 -110.02
C ASP XA 1188 -26.98 -15.90 -108.61
N HIS XA 1189 -25.98 -16.78 -108.48
CA HIS XA 1189 -25.67 -17.39 -107.20
C HIS XA 1189 -24.23 -17.14 -106.79
N SER XA 1190 -23.57 -16.18 -107.44
CA SER XA 1190 -22.23 -15.77 -107.04
C SER XA 1190 -22.25 -14.86 -105.81
N HIS XA 1191 -23.42 -14.33 -105.45
CA HIS XA 1191 -23.56 -13.41 -104.33
C HIS XA 1191 -24.37 -14.08 -103.22
N ALA XA 1192 -24.32 -13.47 -102.05
CA ALA XA 1192 -25.02 -14.02 -100.90
C ALA XA 1192 -26.49 -13.61 -100.93
N ASP XA 1193 -27.32 -14.40 -100.26
CA ASP XA 1193 -28.74 -14.11 -100.17
C ASP XA 1193 -28.97 -12.84 -99.35
N PRO XA 1194 -29.78 -11.90 -99.83
CA PRO XA 1194 -29.97 -10.63 -99.10
C PRO XA 1194 -30.90 -10.74 -97.91
N ALA XA 1195 -31.22 -11.94 -97.43
CA ALA XA 1195 -31.97 -12.11 -96.19
C ALA XA 1195 -31.18 -12.85 -95.12
N HIS XA 1196 -30.65 -14.03 -95.43
CA HIS XA 1196 -29.78 -14.78 -94.55
C HIS XA 1196 -28.44 -14.94 -95.25
N PRO XA 1197 -27.56 -13.95 -95.15
CA PRO XA 1197 -26.29 -14.00 -95.89
C PRO XA 1197 -25.39 -15.18 -95.56
N HIS XA 1198 -25.66 -15.93 -94.48
CA HIS XA 1198 -24.87 -17.12 -94.18
C HIS XA 1198 -24.86 -18.08 -95.36
N ARG XA 1199 -26.03 -18.58 -95.72
CA ARG XA 1199 -26.18 -19.51 -96.83
C ARG XA 1199 -26.29 -18.73 -98.14
N ALA XA 1200 -26.31 -19.43 -99.26
CA ALA XA 1200 -26.62 -18.85 -100.55
C ALA XA 1200 -28.11 -18.88 -100.84
N THR XA 1201 -28.76 -20.01 -100.62
CA THR XA 1201 -30.19 -20.15 -100.77
C THR XA 1201 -30.69 -21.03 -99.63
N ALA XA 1202 -32.01 -21.23 -99.53
CA ALA XA 1202 -32.57 -22.18 -98.59
C ALA XA 1202 -33.28 -23.33 -99.29
N ASN XA 1203 -33.31 -23.33 -100.62
CA ASN XA 1203 -34.05 -24.31 -101.41
C ASN XA 1203 -33.52 -24.35 -102.83
N PRO XA 1204 -32.46 -25.11 -103.09
CA PRO XA 1204 -31.93 -25.18 -104.47
C PRO XA 1204 -32.97 -25.65 -105.48
N TRP XA 1205 -33.86 -26.55 -105.09
CA TRP XA 1205 -34.86 -27.06 -106.05
C TRP XA 1205 -35.82 -25.98 -106.54
N ALA XA 1206 -35.78 -24.77 -105.98
CA ALA XA 1206 -36.72 -23.72 -106.40
C ALA XA 1206 -36.07 -22.35 -106.57
N SER XA 1207 -34.77 -22.27 -106.74
CA SER XA 1207 -34.14 -20.94 -106.85
C SER XA 1207 -33.41 -20.70 -108.16
N GLN XA 1208 -32.53 -21.62 -108.57
CA GLN XA 1208 -31.71 -21.36 -109.74
C GLN XA 1208 -32.58 -21.24 -111.00
N ARG XA 1209 -32.05 -20.51 -111.98
CA ARG XA 1209 -32.70 -20.45 -113.29
C ARG XA 1209 -32.88 -21.86 -113.84
N HIS XA 1210 -34.08 -22.13 -114.34
CA HIS XA 1210 -34.45 -23.46 -114.85
C HIS XA 1210 -34.43 -24.51 -113.74
N SER XA 1211 -34.83 -24.11 -112.53
CA SER XA 1211 -35.00 -25.06 -111.44
C SER XA 1211 -36.17 -25.98 -111.75
N TYR XA 1212 -36.43 -26.94 -110.86
CA TYR XA 1212 -37.61 -27.78 -111.01
C TYR XA 1212 -38.88 -26.95 -110.89
N ALA XA 1213 -39.03 -26.23 -109.78
CA ALA XA 1213 -40.22 -25.42 -109.56
C ALA XA 1213 -40.33 -24.28 -110.56
N ASP XA 1214 -39.20 -23.79 -111.07
CA ASP XA 1214 -39.22 -22.66 -111.99
C ASP XA 1214 -39.97 -23.02 -113.27
N ARG XA 1215 -39.68 -24.19 -113.84
CA ARG XA 1215 -40.40 -24.65 -115.03
C ARG XA 1215 -41.90 -24.80 -114.80
N LEU XA 1216 -42.35 -24.77 -113.55
CA LEU XA 1216 -43.76 -24.96 -113.23
C LEU XA 1216 -44.51 -23.67 -112.97
N TYR XA 1217 -43.92 -22.71 -112.25
CA TYR XA 1217 -44.62 -21.48 -111.88
C TYR XA 1217 -43.90 -20.25 -112.39
N ASN XA 1218 -43.40 -20.30 -113.62
CA ASN XA 1218 -42.83 -19.11 -114.23
C ASN XA 1218 -43.86 -18.47 -115.15
N GLY XA 1219 -43.50 -17.35 -115.76
CA GLY XA 1219 -44.45 -16.57 -116.53
C GLY XA 1219 -44.31 -16.67 -118.03
N GLN XA 1220 -43.10 -16.99 -118.49
CA GLN XA 1220 -42.80 -16.99 -119.92
C GLN XA 1220 -42.43 -18.38 -120.45
N TYR XA 1221 -42.81 -19.42 -119.72
CA TYR XA 1221 -42.41 -20.79 -120.05
C TYR XA 1221 -43.55 -21.65 -120.53
N ASN XA 1222 -44.71 -21.06 -120.86
CA ASN XA 1222 -45.84 -21.77 -121.44
C ASN XA 1222 -46.31 -22.91 -120.52
N MET XA 1223 -46.80 -22.54 -119.34
CA MET XA 1223 -47.40 -23.48 -118.41
C MET XA 1223 -48.63 -22.85 -117.77
N SER XA 1224 -49.41 -22.15 -118.59
CA SER XA 1224 -50.60 -21.47 -118.10
C SER XA 1224 -51.77 -22.45 -118.01
N GLY XA 1225 -52.49 -22.37 -116.89
CA GLY XA 1225 -53.69 -23.12 -116.72
C GLY XA 1225 -54.88 -22.19 -116.56
N PRO XA 1226 -56.09 -22.75 -116.56
CA PRO XA 1226 -57.28 -21.91 -116.34
C PRO XA 1226 -57.34 -21.39 -114.92
N ALA XA 1227 -56.84 -22.19 -113.98
CA ALA XA 1227 -56.90 -21.85 -112.57
C ALA XA 1227 -55.83 -20.84 -112.21
N TYR XA 1228 -56.09 -20.11 -111.12
CA TYR XA 1228 -55.14 -19.14 -110.60
C TYR XA 1228 -54.07 -19.84 -109.79
N SER XA 1229 -52.84 -19.34 -109.91
CA SER XA 1229 -51.71 -19.86 -109.14
C SER XA 1229 -51.17 -18.73 -108.27
N PRO XA 1230 -51.35 -18.81 -106.94
CA PRO XA 1230 -50.92 -17.71 -106.07
C PRO XA 1230 -49.42 -17.42 -106.13
N CYS XA 1231 -48.59 -18.45 -106.27
CA CYS XA 1231 -47.15 -18.28 -106.33
C CYS XA 1231 -46.66 -17.86 -107.71
N PHE XA 1232 -47.54 -17.36 -108.57
CA PHE XA 1232 -47.11 -16.88 -109.87
C PHE XA 1232 -46.31 -15.59 -109.73
N LYS XA 1233 -46.68 -14.73 -108.79
CA LYS XA 1233 -46.01 -13.44 -108.63
C LYS XA 1233 -44.70 -13.54 -107.85
N PHE XA 1234 -44.19 -14.74 -107.62
CA PHE XA 1234 -42.92 -14.93 -106.92
C PHE XA 1234 -41.81 -15.46 -107.82
N PHE XA 1235 -42.13 -16.36 -108.74
CA PHE XA 1235 -41.14 -16.95 -109.64
C PHE XA 1235 -41.08 -16.26 -111.00
N THR XA 1236 -41.44 -14.98 -111.09
CA THR XA 1236 -41.35 -14.31 -112.37
C THR XA 1236 -40.71 -12.93 -112.23
N PRO XA 1237 -39.85 -12.55 -113.18
CA PRO XA 1237 -39.27 -11.19 -113.13
C PRO XA 1237 -40.13 -10.18 -113.86
N ALA XA 1238 -41.39 -10.54 -114.14
CA ALA XA 1238 -42.26 -9.69 -114.94
C ALA XA 1238 -42.42 -8.30 -114.33
N GLU XA 1239 -42.43 -8.20 -113.00
CA GLU XA 1239 -42.48 -6.89 -112.36
C GLU XA 1239 -41.23 -6.07 -112.70
N ALA XA 1240 -40.11 -6.74 -112.92
CA ALA XA 1240 -38.87 -6.06 -113.27
C ALA XA 1240 -38.72 -5.84 -114.76
N VAL XA 1241 -39.41 -6.63 -115.60
CA VAL XA 1241 -39.40 -6.38 -117.03
C VAL XA 1241 -40.01 -5.02 -117.33
N ALA XA 1242 -41.08 -4.67 -116.61
CA ALA XA 1242 -41.61 -3.31 -116.62
C ALA XA 1242 -41.07 -2.56 -115.39
N LYS XA 1243 -39.77 -2.27 -115.46
CA LYS XA 1243 -39.03 -1.76 -114.30
C LYS XA 1243 -39.53 -0.39 -113.86
N SER XA 1244 -39.99 -0.30 -112.62
CA SER XA 1244 -40.35 0.98 -112.02
C SER XA 1244 -39.09 1.73 -111.64
N ARG XA 1245 -39.01 3.01 -112.03
CA ARG XA 1245 -37.78 3.77 -111.83
C ARG XA 1245 -37.58 4.16 -110.37
N GLY XA 1246 -38.51 4.95 -109.82
CA GLY XA 1246 -38.41 5.43 -108.46
C GLY XA 1246 -39.26 4.63 -107.50
N LEU XA 1247 -38.75 4.47 -106.27
CA LEU XA 1247 -39.50 3.78 -105.23
C LEU XA 1247 -40.91 4.35 -105.08
N ALA XA 1248 -41.07 5.65 -105.34
CA ALA XA 1248 -42.41 6.24 -105.33
C ALA XA 1248 -43.33 5.55 -106.32
N ARG XA 1249 -42.81 5.08 -107.44
CA ARG XA 1249 -43.64 4.34 -108.40
C ARG XA 1249 -44.14 3.04 -107.80
N LEU XA 1250 -43.26 2.31 -107.10
CA LEU XA 1250 -43.67 1.08 -106.44
C LEU XA 1250 -44.71 1.36 -105.37
N ILE XA 1251 -44.54 2.44 -104.60
CA ILE XA 1251 -45.52 2.80 -103.59
C ILE XA 1251 -46.87 3.10 -104.25
N ALA XA 1252 -46.86 3.94 -105.28
CA ALA XA 1252 -48.10 4.32 -105.96
C ALA XA 1252 -48.73 3.13 -106.66
N ASP XA 1253 -47.97 2.06 -106.94
CA ASP XA 1253 -48.55 0.88 -107.53
C ASP XA 1253 -49.44 0.15 -106.54
N THR XA 1254 -48.95 -0.04 -105.31
CA THR XA 1254 -49.75 -0.68 -104.28
C THR XA 1254 -50.92 0.22 -103.90
N GLY XA 1255 -52.12 -0.36 -103.88
CA GLY XA 1255 -53.35 0.37 -103.69
C GLY XA 1255 -54.23 0.42 -104.91
N ALA XA 1256 -53.68 0.16 -106.10
CA ALA XA 1256 -54.47 0.18 -107.33
C ALA XA 1256 -54.11 -0.96 -108.27
N ALA XA 1257 -53.54 -2.05 -107.77
CA ALA XA 1257 -53.19 -3.18 -108.62
C ALA XA 1257 -54.43 -3.79 -109.24
N ALA XA 1258 -54.36 -4.13 -110.52
CA ALA XA 1258 -55.47 -4.77 -111.19
C ALA XA 1258 -55.66 -6.19 -110.65
N SER XA 1259 -56.91 -6.53 -110.33
CA SER XA 1259 -57.19 -7.84 -109.76
C SER XA 1259 -56.86 -8.94 -110.76
N PRO XA 1260 -56.08 -9.94 -110.38
CA PRO XA 1260 -55.78 -11.05 -111.30
C PRO XA 1260 -56.82 -12.15 -111.25
N THR XA 1261 -57.64 -12.14 -110.21
CA THR XA 1261 -58.60 -13.21 -109.95
C THR XA 1261 -60.01 -12.80 -110.39
N SER XA 1262 -60.80 -13.82 -110.70
CA SER XA 1262 -62.19 -13.62 -111.10
C SER XA 1262 -63.07 -13.50 -109.86
N ASN XA 1263 -64.38 -13.40 -110.06
CA ASN XA 1263 -65.33 -13.33 -108.96
C ASN XA 1263 -66.18 -14.58 -108.85
N GLY XA 1264 -65.84 -15.64 -109.57
CA GLY XA 1264 -66.62 -16.86 -109.55
C GLY XA 1264 -66.50 -17.64 -108.26
N GLU XA 1265 -66.95 -18.90 -108.30
CA GLU XA 1265 -66.96 -19.76 -107.13
C GLU XA 1265 -65.64 -20.49 -106.94
N TYR XA 1266 -64.83 -20.59 -107.98
CA TYR XA 1266 -63.47 -21.10 -107.89
C TYR XA 1266 -62.53 -20.00 -108.33
N GLN XA 1267 -61.40 -19.87 -107.64
CA GLN XA 1267 -60.49 -18.75 -107.86
C GLN XA 1267 -59.77 -18.98 -109.19
N PHE XA 1268 -60.43 -18.59 -110.27
CA PHE XA 1268 -59.92 -18.75 -111.63
C PHE XA 1268 -59.19 -17.50 -112.07
N LYS XA 1269 -58.39 -17.65 -113.13
CA LYS XA 1269 -57.75 -16.51 -113.75
C LYS XA 1269 -58.77 -15.71 -114.54
N ARG XA 1270 -58.64 -14.39 -114.48
CA ARG XA 1270 -59.56 -13.47 -115.13
C ARG XA 1270 -58.83 -12.68 -116.19
N PRO XA 1271 -59.53 -12.24 -117.24
CA PRO XA 1271 -58.91 -11.31 -118.19
C PRO XA 1271 -58.36 -10.06 -117.50
N VAL XA 1272 -57.48 -9.34 -118.19
CA VAL XA 1272 -56.72 -8.27 -117.55
C VAL XA 1272 -57.46 -6.93 -117.53
N GLY XA 1273 -58.40 -6.73 -118.45
CA GLY XA 1273 -59.00 -5.42 -118.61
C GLY XA 1273 -60.45 -5.29 -118.19
N ALA XA 1274 -60.87 -6.07 -117.19
CA ALA XA 1274 -62.23 -5.94 -116.68
C ALA XA 1274 -62.32 -4.79 -115.67
N GLY XA 1275 -61.39 -4.73 -114.73
CA GLY XA 1275 -61.28 -3.59 -113.84
C GLY XA 1275 -61.66 -3.88 -112.40
N GLU XA 1276 -60.68 -3.80 -111.50
CA GLU XA 1276 -60.90 -3.93 -110.07
C GLU XA 1276 -59.67 -3.40 -109.36
N LEU XA 1277 -59.83 -3.09 -108.08
CA LEU XA 1277 -58.78 -2.43 -107.30
C LEU XA 1277 -58.51 -3.22 -106.03
N VAL XA 1278 -57.25 -3.61 -105.85
CA VAL XA 1278 -56.82 -4.35 -104.67
C VAL XA 1278 -55.44 -3.84 -104.27
N GLU XA 1279 -55.23 -3.68 -102.97
CA GLU XA 1279 -53.93 -3.29 -102.42
C GLU XA 1279 -53.26 -4.54 -101.88
N ASP XA 1280 -52.01 -4.76 -102.25
CA ASP XA 1280 -51.29 -5.96 -101.85
C ASP XA 1280 -49.85 -5.62 -101.49
N PRO XA 1281 -49.46 -5.80 -100.24
CA PRO XA 1281 -48.05 -5.59 -99.87
C PRO XA 1281 -47.16 -6.70 -100.43
N CYS XA 1282 -47.77 -7.86 -100.73
CA CYS XA 1282 -47.03 -9.00 -101.22
C CYS XA 1282 -46.37 -8.71 -102.56
N ALA XA 1283 -46.97 -7.89 -103.42
CA ALA XA 1283 -46.38 -7.58 -104.71
C ALA XA 1283 -45.20 -6.64 -104.61
N LEU XA 1284 -45.13 -5.83 -103.56
CA LEU XA 1284 -44.02 -4.89 -103.36
C LEU XA 1284 -42.87 -5.52 -102.59
N PHE XA 1285 -43.18 -6.42 -101.65
CA PHE XA 1285 -42.16 -7.03 -100.81
C PHE XA 1285 -41.74 -8.42 -101.28
N GLN XA 1286 -42.51 -9.05 -102.16
CA GLN XA 1286 -42.25 -10.41 -102.62
C GLN XA 1286 -42.10 -11.35 -101.42
N GLU XA 1287 -43.09 -11.31 -100.55
CA GLU XA 1287 -42.99 -11.93 -99.24
C GLU XA 1287 -44.32 -12.60 -98.90
N ALA XA 1288 -44.27 -13.54 -97.96
CA ALA XA 1288 -45.46 -14.24 -97.49
C ALA XA 1288 -45.37 -14.41 -95.98
N TYR XA 1289 -46.53 -14.39 -95.33
CA TYR XA 1289 -46.55 -14.51 -93.88
C TYR XA 1289 -47.08 -15.87 -93.46
N PRO XA 1290 -46.59 -16.45 -92.38
CA PRO XA 1290 -47.09 -17.75 -91.94
C PRO XA 1290 -48.31 -17.58 -91.04
N PRO XA 1291 -49.38 -18.32 -91.31
CA PRO XA 1291 -50.56 -18.25 -90.45
C PRO XA 1291 -50.42 -19.13 -89.23
N LEU XA 1292 -51.44 -19.17 -88.38
CA LEU XA 1292 -51.41 -20.01 -87.18
C LEU XA 1292 -51.58 -21.47 -87.61
N CYS XA 1293 -50.45 -22.15 -87.83
CA CYS XA 1293 -50.46 -23.54 -88.26
C CYS XA 1293 -49.74 -24.39 -87.23
N ALA XA 1294 -50.01 -25.70 -87.29
CA ALA XA 1294 -49.38 -26.64 -86.37
C ALA XA 1294 -49.32 -28.00 -87.05
N SER XA 1295 -48.25 -28.73 -86.75
CA SER XA 1295 -47.99 -30.02 -87.36
C SER XA 1295 -48.65 -31.18 -86.60
N ASP XA 1296 -49.54 -30.88 -85.66
CA ASP XA 1296 -50.39 -31.86 -85.00
C ASP XA 1296 -51.55 -31.15 -84.34
N SER XA 1297 -52.75 -31.64 -84.60
CA SER XA 1297 -53.97 -31.03 -84.07
C SER XA 1297 -53.98 -30.98 -82.53
N ALA XA 1298 -53.16 -31.78 -81.87
CA ALA XA 1298 -53.16 -31.77 -80.41
C ALA XA 1298 -52.55 -30.49 -79.84
N LEU XA 1299 -51.75 -29.78 -80.64
CA LEU XA 1299 -51.06 -28.60 -80.14
C LEU XA 1299 -51.90 -27.33 -80.24
N LEU XA 1300 -53.05 -27.37 -80.90
CA LEU XA 1300 -53.95 -26.22 -80.99
C LEU XA 1300 -55.12 -26.47 -80.03
N ARG XA 1301 -54.92 -26.15 -78.76
CA ARG XA 1301 -55.93 -26.33 -77.74
C ARG XA 1301 -56.04 -25.04 -76.93
N THR XA 1302 -57.03 -24.99 -76.04
CA THR XA 1302 -57.30 -23.76 -75.29
C THR XA 1302 -56.08 -23.24 -74.53
N PRO XA 1303 -55.18 -24.06 -73.99
CA PRO XA 1303 -53.85 -23.54 -73.67
C PRO XA 1303 -52.91 -23.78 -74.85
N LEU XA 1304 -52.17 -22.72 -75.22
CA LEU XA 1304 -51.38 -22.79 -76.44
C LEU XA 1304 -50.18 -23.72 -76.26
N GLY XA 1305 -49.50 -23.61 -75.13
CA GLY XA 1305 -48.45 -24.55 -74.79
C GLY XA 1305 -47.15 -24.30 -75.52
N ALA XA 1306 -46.32 -25.34 -75.52
CA ALA XA 1306 -45.00 -25.24 -76.09
C ALA XA 1306 -45.06 -25.16 -77.61
N GLU XA 1307 -44.24 -24.28 -78.17
CA GLU XA 1307 -44.06 -24.22 -79.62
C GLU XA 1307 -43.39 -25.48 -80.15
N GLU XA 1308 -42.89 -26.35 -79.27
CA GLU XA 1308 -42.17 -27.54 -79.65
C GLU XA 1308 -42.39 -28.61 -78.59
N HIS XA 1309 -42.72 -29.82 -79.02
CA HIS XA 1309 -42.85 -30.96 -78.11
C HIS XA 1309 -41.91 -32.10 -78.47
N PHE XA 1310 -41.89 -32.49 -79.73
CA PHE XA 1310 -41.02 -33.54 -80.26
C PHE XA 1310 -40.83 -33.19 -81.72
N ALA XA 1311 -40.60 -34.19 -82.57
CA ALA XA 1311 -40.53 -33.97 -84.02
C ALA XA 1311 -41.61 -33.01 -84.53
N GLN XA 1312 -42.75 -32.92 -83.84
CA GLN XA 1312 -43.80 -31.98 -84.21
C GLN XA 1312 -43.37 -30.54 -83.94
N TYR XA 1313 -44.20 -29.59 -84.39
CA TYR XA 1313 -43.90 -28.18 -84.20
C TYR XA 1313 -45.18 -27.36 -84.38
N LEU XA 1314 -45.22 -26.20 -83.72
CA LEU XA 1314 -46.31 -25.25 -83.85
C LEU XA 1314 -45.74 -23.89 -84.20
N ILE XA 1315 -46.37 -23.21 -85.15
CA ILE XA 1315 -45.89 -21.93 -85.66
C ILE XA 1315 -46.85 -20.85 -85.19
N ARG XA 1316 -46.33 -19.85 -84.49
CA ARG XA 1316 -47.15 -18.75 -84.03
C ARG XA 1316 -47.58 -17.87 -85.20
N ASP XA 1317 -48.77 -17.30 -85.09
CA ASP XA 1317 -49.32 -16.44 -86.12
C ASP XA 1317 -48.49 -15.16 -86.21
N GLU XA 1318 -48.06 -14.82 -87.42
CA GLU XA 1318 -47.33 -13.58 -87.66
C GLU XA 1318 -47.80 -13.05 -89.01
N SER XA 1319 -48.78 -12.15 -88.97
CA SER XA 1319 -49.38 -11.60 -90.17
C SER XA 1319 -49.99 -10.25 -89.81
N PRO XA 1320 -50.31 -9.42 -90.80
CA PRO XA 1320 -51.04 -8.17 -90.50
C PRO XA 1320 -52.39 -8.40 -89.83
N LEU XA 1321 -52.81 -9.65 -89.64
CA LEU XA 1321 -54.13 -9.98 -89.11
C LEU XA 1321 -54.03 -10.72 -87.78
N LYS XA 1322 -53.19 -10.22 -86.86
CA LYS XA 1322 -53.00 -10.88 -85.58
C LYS XA 1322 -54.26 -10.90 -84.72
N GLY XA 1323 -55.34 -10.25 -85.15
CA GLY XA 1323 -56.58 -10.28 -84.41
C GLY XA 1323 -57.77 -10.69 -85.27
N MET YA 1 -75.38 3.37 -136.27
CA MET YA 1 -74.55 2.94 -135.15
C MET YA 1 -73.08 3.20 -135.47
N GLU YA 2 -72.34 3.68 -134.46
CA GLU YA 2 -70.95 4.05 -134.64
C GLU YA 2 -70.27 4.04 -133.28
N VAL YA 3 -69.03 3.56 -133.23
CA VAL YA 3 -68.27 3.50 -131.99
C VAL YA 3 -66.86 3.99 -132.27
N ASP YA 4 -66.32 4.78 -131.34
CA ASP YA 4 -64.93 5.19 -131.42
C ASP YA 4 -64.07 4.29 -130.53
N ILE YA 5 -62.77 4.58 -130.50
CA ILE YA 5 -61.83 3.81 -129.70
C ILE YA 5 -60.91 4.80 -128.99
N ALA YA 6 -60.81 4.67 -127.67
CA ALA YA 6 -59.93 5.56 -126.91
C ALA YA 6 -58.49 5.27 -127.31
N LEU YA 7 -57.91 6.16 -128.11
CA LEU YA 7 -56.58 5.94 -128.68
C LEU YA 7 -55.53 6.48 -127.72
N PRO YA 8 -54.72 5.63 -127.10
CA PRO YA 8 -53.75 6.13 -126.12
C PRO YA 8 -52.71 7.02 -126.77
N THR YA 9 -51.92 7.67 -125.91
CA THR YA 9 -50.90 8.63 -126.33
C THR YA 9 -49.72 7.85 -126.91
N LEU YA 10 -49.72 7.67 -128.24
CA LEU YA 10 -48.75 6.75 -128.82
C LEU YA 10 -47.39 7.40 -129.02
N SER YA 11 -47.29 8.31 -129.99
CA SER YA 11 -46.01 8.87 -130.40
C SER YA 11 -46.22 9.84 -131.56
N PRO YA 12 -45.27 10.71 -131.85
CA PRO YA 12 -45.22 11.32 -133.17
C PRO YA 12 -44.65 10.33 -134.18
N GLY YA 13 -45.02 10.52 -135.44
CA GLY YA 13 -44.51 9.68 -136.50
C GLY YA 13 -45.24 8.35 -136.65
N ASP YA 14 -45.32 7.57 -135.57
CA ASP YA 14 -45.95 6.26 -135.67
C ASP YA 14 -47.46 6.38 -135.82
N LEU YA 15 -48.06 7.44 -135.27
CA LEU YA 15 -49.47 7.70 -135.53
C LEU YA 15 -49.70 7.88 -137.04
N SER YA 16 -48.76 8.53 -137.72
CA SER YA 16 -48.83 8.66 -139.17
C SER YA 16 -48.59 7.33 -139.87
N ALA YA 17 -48.17 6.30 -139.15
CA ALA YA 17 -48.13 4.95 -139.69
C ALA YA 17 -49.42 4.19 -139.45
N LEU YA 18 -50.05 4.39 -138.30
CA LEU YA 18 -51.37 3.83 -138.08
C LEU YA 18 -52.38 4.41 -139.06
N GLN YA 19 -52.24 5.70 -139.37
CA GLN YA 19 -53.16 6.36 -140.30
C GLN YA 19 -53.22 5.66 -141.65
N ARG YA 20 -52.16 4.93 -142.01
CA ARG YA 20 -52.16 4.18 -143.27
C ARG YA 20 -53.18 3.04 -143.28
N CYS YA 21 -53.80 2.74 -142.15
CA CYS YA 21 -54.78 1.66 -142.05
C CYS YA 21 -56.15 2.30 -141.83
N GLU YA 22 -56.80 2.67 -142.92
CA GLU YA 22 -58.12 3.28 -142.87
C GLU YA 22 -59.19 2.38 -143.48
N GLY YA 23 -58.90 1.11 -143.70
CA GLY YA 23 -59.88 0.19 -144.23
C GLY YA 23 -59.87 -1.18 -143.58
N ARG YA 24 -58.92 -1.44 -142.69
CA ARG YA 24 -58.84 -2.73 -142.04
C ARG YA 24 -60.05 -2.96 -141.14
N VAL YA 25 -60.33 -4.22 -140.83
CA VAL YA 25 -61.46 -4.58 -140.00
C VAL YA 25 -60.96 -5.10 -138.66
N VAL YA 26 -61.54 -4.62 -137.58
CA VAL YA 26 -61.12 -4.97 -136.23
C VAL YA 26 -62.32 -5.49 -135.46
N PHE YA 27 -62.05 -6.39 -134.51
CA PHE YA 27 -63.08 -7.10 -133.78
C PHE YA 27 -63.21 -6.55 -132.38
N LEU YA 28 -64.40 -6.07 -132.04
CA LEU YA 28 -64.68 -5.50 -130.72
C LEU YA 28 -65.12 -6.63 -129.79
N GLU YA 29 -65.65 -6.27 -128.62
CA GLU YA 29 -66.25 -7.24 -127.72
C GLU YA 29 -67.76 -7.06 -127.62
N THR YA 30 -68.23 -5.83 -127.43
CA THR YA 30 -69.64 -5.53 -127.32
C THR YA 30 -69.88 -4.12 -127.82
N LEU YA 31 -71.10 -3.87 -128.27
CA LEU YA 31 -71.42 -2.60 -128.88
C LEU YA 31 -71.70 -1.52 -127.85
N ARG YA 32 -70.66 -0.82 -127.41
CA ARG YA 32 -70.79 0.37 -126.60
C ARG YA 32 -70.43 1.58 -127.43
N ARG YA 33 -70.57 2.76 -126.84
CA ARG YA 33 -70.16 3.99 -127.51
C ARG YA 33 -68.72 4.37 -127.21
N HIS YA 34 -68.01 3.57 -126.42
CA HIS YA 34 -66.64 3.88 -126.03
C HIS YA 34 -65.91 2.57 -125.83
N ALA YA 35 -64.81 2.39 -126.56
CA ALA YA 35 -63.96 1.22 -126.38
C ALA YA 35 -62.55 1.67 -126.03
N THR YA 36 -61.61 0.75 -125.98
CA THR YA 36 -60.22 1.10 -125.75
C THR YA 36 -59.33 0.26 -126.65
N LEU YA 37 -58.26 0.88 -127.15
CA LEU YA 37 -57.30 0.15 -127.97
C LEU YA 37 -56.62 -0.97 -127.19
N ARG YA 38 -56.70 -0.93 -125.86
CA ARG YA 38 -56.06 -1.96 -125.05
C ARG YA 38 -56.65 -3.32 -125.31
N GLU YA 39 -57.96 -3.38 -125.59
CA GLU YA 39 -58.63 -4.66 -125.74
C GLU YA 39 -58.76 -5.11 -127.19
N VAL YA 40 -58.85 -4.20 -128.15
CA VAL YA 40 -59.01 -4.59 -129.56
C VAL YA 40 -57.59 -4.83 -130.07
N ALA YA 41 -57.07 -6.00 -129.76
CA ALA YA 41 -55.66 -6.30 -129.93
C ALA YA 41 -55.45 -7.78 -129.69
N LEU YA 42 -54.48 -8.33 -130.42
CA LEU YA 42 -54.11 -9.73 -130.30
C LEU YA 42 -52.61 -9.83 -130.40
N PRO YA 43 -52.01 -10.91 -129.90
CA PRO YA 43 -50.58 -11.13 -130.13
C PRO YA 43 -50.28 -11.19 -131.61
N CYS YA 44 -49.19 -10.53 -132.02
CA CYS YA 44 -48.81 -10.54 -133.43
C CYS YA 44 -48.59 -11.97 -133.92
N GLY YA 45 -48.19 -12.87 -133.03
CA GLY YA 45 -48.07 -14.27 -133.39
C GLY YA 45 -48.86 -15.17 -132.45
N GLY YA 46 -49.89 -15.81 -132.98
CA GLY YA 46 -50.70 -16.73 -132.20
C GLY YA 46 -51.29 -17.78 -133.11
N ASP YA 47 -51.82 -18.84 -132.51
CA ASP YA 47 -52.37 -19.93 -133.31
C ASP YA 47 -53.54 -19.42 -134.14
N VAL YA 48 -53.74 -20.03 -135.31
CA VAL YA 48 -54.81 -19.58 -136.18
C VAL YA 48 -56.13 -20.23 -135.81
N LEU YA 49 -56.10 -21.39 -135.15
CA LEU YA 49 -57.34 -22.08 -134.80
C LEU YA 49 -58.13 -21.28 -133.78
N ALA YA 50 -57.50 -20.95 -132.64
CA ALA YA 50 -58.23 -20.25 -131.59
C ALA YA 50 -58.60 -18.84 -132.02
N ALA YA 51 -57.77 -18.22 -132.87
CA ALA YA 51 -58.13 -16.91 -133.41
C ALA YA 51 -59.36 -17.01 -134.30
N MET YA 52 -59.39 -18.02 -135.17
CA MET YA 52 -60.56 -18.24 -136.01
C MET YA 52 -61.79 -18.54 -135.17
N ALA YA 53 -61.61 -19.20 -134.02
CA ALA YA 53 -62.75 -19.49 -133.15
C ALA YA 53 -63.21 -18.24 -132.42
N ALA YA 54 -62.28 -17.37 -132.05
CA ALA YA 54 -62.64 -16.12 -131.39
C ALA YA 54 -63.29 -15.14 -132.34
N TYR YA 55 -62.98 -15.23 -133.64
CA TYR YA 55 -63.60 -14.35 -134.62
C TYR YA 55 -65.12 -14.47 -134.66
N ARG YA 56 -65.68 -15.50 -134.04
CA ARG YA 56 -67.13 -15.67 -133.99
C ARG YA 56 -67.74 -15.12 -132.71
N ARG YA 57 -67.06 -15.30 -131.57
CA ARG YA 57 -67.58 -14.77 -130.32
C ARG YA 57 -67.57 -13.26 -130.26
N ARG YA 58 -67.13 -12.58 -131.31
CA ARG YA 58 -67.02 -11.13 -131.31
C ARG YA 58 -67.76 -10.55 -132.52
N PHE YA 59 -67.79 -9.23 -132.60
CA PHE YA 59 -68.42 -8.51 -133.69
C PHE YA 59 -67.36 -7.89 -134.58
N ALA YA 60 -67.69 -7.74 -135.84
CA ALA YA 60 -66.81 -7.10 -136.82
C ALA YA 60 -67.12 -5.61 -136.92
N ALA YA 61 -66.12 -4.86 -137.39
CA ALA YA 61 -66.25 -3.42 -137.56
C ALA YA 61 -65.08 -2.92 -138.39
N VAL YA 62 -65.33 -1.92 -139.22
CA VAL YA 62 -64.31 -1.35 -140.07
C VAL YA 62 -63.84 -0.03 -139.46
N ILE YA 63 -62.73 0.49 -139.99
CA ILE YA 63 -62.09 1.67 -139.44
C ILE YA 63 -62.32 2.81 -140.43
N THR YA 64 -63.09 3.81 -140.02
CA THR YA 64 -63.21 5.05 -140.77
C THR YA 64 -62.09 5.98 -140.30
N ARG YA 65 -62.17 7.26 -140.64
CA ARG YA 65 -61.11 8.22 -140.33
C ARG YA 65 -60.53 8.05 -138.93
N VAL YA 66 -59.21 8.08 -138.84
CA VAL YA 66 -58.49 7.99 -137.58
C VAL YA 66 -57.93 9.37 -137.25
N THR YA 67 -58.10 9.80 -136.01
CA THR YA 67 -57.70 11.13 -135.59
C THR YA 67 -56.83 11.02 -134.35
N PRO YA 68 -55.92 11.98 -134.15
CA PRO YA 68 -55.03 11.90 -132.98
C PRO YA 68 -55.76 11.74 -131.67
N HIS YA 69 -57.00 12.21 -131.60
CA HIS YA 69 -57.80 12.00 -130.39
C HIS YA 69 -58.30 10.58 -130.29
N ARG YA 70 -58.81 10.04 -131.40
CA ARG YA 70 -59.52 8.76 -131.41
C ARG YA 70 -59.80 8.39 -132.86
N MET YA 71 -60.11 7.12 -133.08
CA MET YA 71 -60.54 6.63 -134.37
C MET YA 71 -61.97 6.10 -134.26
N LEU YA 72 -62.74 6.33 -135.31
CA LEU YA 72 -64.14 5.92 -135.32
C LEU YA 72 -64.30 4.62 -136.10
N ALA YA 73 -65.32 3.86 -135.73
CA ALA YA 73 -65.54 2.55 -136.32
C ALA YA 73 -67.03 2.30 -136.48
N THR YA 74 -67.37 1.55 -137.53
CA THR YA 74 -68.76 1.19 -137.82
C THR YA 74 -68.87 -0.32 -137.88
N PRO YA 75 -69.83 -0.93 -137.21
CA PRO YA 75 -69.94 -2.39 -137.22
C PRO YA 75 -70.58 -2.88 -138.49
N LEU YA 76 -70.38 -4.17 -138.76
CA LEU YA 76 -70.84 -4.77 -140.00
C LEU YA 76 -72.17 -5.51 -139.83
N GLY YA 77 -72.21 -6.48 -138.94
CA GLY YA 77 -73.38 -7.34 -138.78
C GLY YA 77 -74.67 -6.58 -138.53
N VAL YA 78 -74.76 -5.94 -137.36
CA VAL YA 78 -75.91 -5.10 -137.02
C VAL YA 78 -75.96 -3.94 -138.01
N GLY YA 79 -77.12 -3.33 -138.15
CA GLY YA 79 -77.29 -2.21 -139.04
C GLY YA 79 -78.67 -2.24 -139.65
N GLY YA 80 -78.84 -1.46 -140.71
CA GLY YA 80 -80.12 -1.39 -141.38
C GLY YA 80 -80.01 -1.17 -142.87
N ARG YA 81 -80.70 -2.01 -143.65
CA ARG YA 81 -80.81 -1.91 -145.10
C ARG YA 81 -79.48 -2.08 -145.82
N GLY YA 82 -78.39 -2.34 -145.10
CA GLY YA 82 -77.10 -2.53 -145.73
C GLY YA 82 -76.45 -1.29 -146.30
N GLN YA 83 -76.02 -0.37 -145.43
CA GLN YA 83 -75.34 0.84 -145.87
C GLN YA 83 -74.01 0.51 -146.54
N SER YA 84 -73.45 1.50 -147.22
CA SER YA 84 -72.19 1.35 -147.94
C SER YA 84 -71.02 1.71 -147.03
N LEU YA 85 -69.82 1.30 -147.46
CA LEU YA 85 -68.61 1.50 -146.67
C LEU YA 85 -67.41 1.11 -147.51
N VAL YA 86 -66.24 1.54 -147.05
CA VAL YA 86 -64.98 1.29 -147.73
C VAL YA 86 -64.26 0.14 -147.03
N LEU YA 87 -63.55 -0.67 -147.82
CA LEU YA 87 -62.90 -1.86 -147.28
C LEU YA 87 -61.56 -2.03 -147.99
N GLN YA 88 -60.48 -1.57 -147.33
CA GLN YA 88 -59.15 -1.72 -147.91
C GLN YA 88 -58.79 -3.19 -148.01
N ASN YA 89 -58.60 -3.67 -149.23
CA ASN YA 89 -58.21 -5.06 -149.43
C ASN YA 89 -56.78 -5.26 -148.94
N THR YA 90 -56.55 -6.40 -148.28
CA THR YA 90 -55.22 -6.73 -147.79
C THR YA 90 -54.74 -8.09 -148.27
N GLY YA 91 -55.56 -8.82 -149.03
CA GLY YA 91 -55.26 -10.19 -149.36
C GLY YA 91 -54.02 -10.38 -150.19
N PRO YA 92 -53.72 -11.63 -150.54
CA PRO YA 92 -52.54 -11.90 -151.36
C PRO YA 92 -52.78 -11.57 -152.83
N PHE YA 93 -54.03 -11.72 -153.25
CA PHE YA 93 -54.42 -11.43 -154.62
C PHE YA 93 -55.68 -10.57 -154.61
N ASP YA 94 -55.93 -9.94 -155.75
CA ASP YA 94 -57.03 -9.00 -155.85
C ASP YA 94 -58.38 -9.72 -155.79
N LEU YA 95 -59.43 -8.93 -155.59
CA LEU YA 95 -60.81 -9.41 -155.55
C LEU YA 95 -61.59 -8.69 -156.64
N THR YA 96 -62.34 -9.46 -157.43
CA THR YA 96 -63.04 -8.91 -158.58
C THR YA 96 -64.36 -8.26 -158.16
N ASN YA 97 -65.02 -7.66 -159.13
CA ASN YA 97 -66.26 -6.95 -158.90
C ASN YA 97 -67.44 -7.92 -158.95
N GLY YA 98 -68.44 -7.67 -158.11
CA GLY YA 98 -69.59 -8.53 -158.03
C GLY YA 98 -69.26 -9.90 -157.45
N ASP YA 99 -68.89 -9.94 -156.18
CA ASP YA 99 -68.60 -11.20 -155.52
C ASP YA 99 -68.76 -11.02 -154.02
N HIS YA 100 -68.34 -12.03 -153.24
CA HIS YA 100 -68.43 -12.03 -151.80
C HIS YA 100 -67.03 -12.05 -151.20
N VAL YA 101 -66.94 -11.64 -149.94
CA VAL YA 101 -65.68 -11.64 -149.22
C VAL YA 101 -65.86 -12.42 -147.93
N CYS YA 102 -64.79 -13.05 -147.49
CA CYS YA 102 -64.74 -13.75 -146.21
C CYS YA 102 -63.56 -13.22 -145.40
N LEU YA 103 -63.56 -13.55 -144.12
CA LEU YA 103 -62.55 -13.06 -143.19
C LEU YA 103 -61.83 -14.26 -142.58
N VAL YA 104 -60.57 -14.44 -142.94
CA VAL YA 104 -59.74 -15.50 -142.37
C VAL YA 104 -58.50 -14.85 -141.76
N PRO YA 105 -57.95 -15.43 -140.70
CA PRO YA 105 -56.73 -14.87 -140.10
C PRO YA 105 -55.56 -15.03 -141.06
N PRO YA 106 -54.44 -14.35 -140.80
CA PRO YA 106 -53.32 -14.40 -141.75
C PRO YA 106 -52.56 -15.71 -141.72
N LEU YA 107 -53.05 -16.71 -142.46
CA LEU YA 107 -52.39 -18.01 -142.49
C LEU YA 107 -50.97 -17.92 -143.07
N LEU YA 108 -50.78 -17.04 -144.05
CA LEU YA 108 -49.47 -16.90 -144.69
C LEU YA 108 -48.55 -16.07 -143.82
N GLY YA 109 -47.43 -15.62 -144.38
CA GLY YA 109 -46.50 -14.75 -143.68
C GLY YA 109 -47.21 -13.61 -142.97
N ASP YA 110 -47.10 -13.60 -141.64
CA ASP YA 110 -47.91 -12.72 -140.82
C ASP YA 110 -47.62 -11.26 -141.10
N GLU YA 111 -48.64 -10.44 -140.95
CA GLU YA 111 -48.50 -8.99 -140.95
C GLU YA 111 -49.10 -8.48 -139.64
N CYS YA 112 -48.50 -7.43 -139.08
CA CYS YA 112 -49.02 -6.84 -137.87
C CYS YA 112 -48.39 -5.48 -137.66
N LEU YA 113 -49.17 -4.55 -137.12
CA LEU YA 113 -48.71 -3.19 -136.86
C LEU YA 113 -48.06 -3.17 -135.49
N ARG YA 114 -46.73 -3.31 -135.46
CA ARG YA 114 -46.04 -3.33 -134.18
C ARG YA 114 -46.01 -1.93 -133.59
N LEU YA 115 -47.02 -1.61 -132.79
CA LEU YA 115 -47.03 -0.35 -132.06
C LEU YA 115 -46.00 -0.45 -130.95
N THR YA 116 -44.77 -0.03 -131.24
CA THR YA 116 -43.72 -0.15 -130.24
C THR YA 116 -43.80 0.96 -129.20
N SER YA 117 -44.59 2.00 -129.46
CA SER YA 117 -44.63 3.13 -128.54
C SER YA 117 -45.30 2.74 -127.22
N ALA YA 118 -46.57 2.36 -127.26
CA ALA YA 118 -47.26 1.97 -126.04
C ALA YA 118 -47.20 0.47 -125.77
N ASN YA 119 -46.32 -0.26 -126.47
CA ASN YA 119 -46.10 -1.68 -126.21
C ASN YA 119 -47.40 -2.47 -126.37
N LEU YA 120 -47.86 -2.55 -127.62
CA LEU YA 120 -48.92 -3.49 -127.99
C LEU YA 120 -48.93 -3.66 -129.50
N GLU YA 121 -49.54 -4.74 -129.95
CA GLU YA 121 -49.52 -5.12 -131.36
C GLU YA 121 -50.94 -5.38 -131.85
N LEU YA 122 -51.21 -4.95 -133.07
CA LEU YA 122 -52.48 -5.19 -133.73
C LEU YA 122 -52.30 -6.20 -134.85
N ARG YA 123 -53.32 -7.03 -135.05
CA ARG YA 123 -53.27 -8.10 -136.04
C ARG YA 123 -54.57 -8.07 -136.83
N PHE YA 124 -54.53 -7.55 -138.03
CA PHE YA 124 -55.73 -7.45 -138.84
C PHE YA 124 -55.91 -8.71 -139.68
N PRO YA 125 -57.15 -9.14 -139.89
CA PRO YA 125 -57.41 -10.33 -140.68
C PRO YA 125 -57.35 -10.03 -142.18
N MET YA 126 -57.50 -11.09 -142.96
CA MET YA 126 -57.40 -10.96 -144.40
C MET YA 126 -58.79 -10.89 -145.02
N THR YA 127 -58.83 -10.48 -146.29
CA THR YA 127 -60.08 -10.31 -147.02
C THR YA 127 -59.96 -11.08 -148.34
N LEU YA 128 -60.67 -12.20 -148.44
CA LEU YA 128 -60.54 -13.03 -149.61
C LEU YA 128 -61.90 -13.33 -150.23
N PRO YA 129 -61.98 -13.41 -151.56
CA PRO YA 129 -63.20 -13.89 -152.20
C PRO YA 129 -63.50 -15.33 -151.78
N LEU YA 130 -64.79 -15.65 -151.71
CA LEU YA 130 -65.21 -16.94 -151.16
C LEU YA 130 -64.58 -18.11 -151.90
N ALA YA 131 -64.58 -18.05 -153.24
CA ALA YA 131 -64.14 -19.18 -154.05
C ALA YA 131 -62.73 -19.60 -153.66
N GLN YA 132 -61.79 -18.66 -153.67
CA GLN YA 132 -60.41 -18.98 -153.37
C GLN YA 132 -60.19 -19.17 -151.87
N ALA YA 133 -61.01 -18.54 -151.04
CA ALA YA 133 -60.86 -18.68 -149.59
C ALA YA 133 -61.27 -20.05 -149.10
N ARG YA 134 -62.19 -20.71 -149.79
CA ARG YA 134 -62.56 -22.07 -149.43
C ARG YA 134 -61.43 -23.06 -149.66
N GLU YA 135 -60.43 -22.71 -150.47
CA GLU YA 135 -59.38 -23.65 -150.83
C GLU YA 135 -57.97 -23.19 -150.45
N LEU YA 136 -57.77 -21.93 -150.08
CA LEU YA 136 -56.43 -21.51 -149.65
C LEU YA 136 -56.01 -22.24 -148.38
N THR YA 137 -56.92 -22.30 -147.40
CA THR YA 137 -56.64 -23.07 -146.19
C THR YA 137 -56.30 -24.51 -146.53
N ALA YA 138 -57.05 -25.08 -147.48
CA ALA YA 138 -56.75 -26.44 -147.94
C ALA YA 138 -55.35 -26.52 -148.52
N ARG YA 139 -54.91 -25.50 -149.26
CA ARG YA 139 -53.55 -25.49 -149.79
C ARG YA 139 -52.54 -25.55 -148.66
N VAL YA 140 -52.70 -24.67 -147.67
CA VAL YA 140 -51.78 -24.61 -146.53
C VAL YA 140 -51.69 -25.98 -145.85
N VAL YA 141 -52.84 -26.56 -145.55
CA VAL YA 141 -52.85 -27.79 -144.76
C VAL YA 141 -52.41 -28.99 -145.60
N ALA YA 142 -52.71 -28.99 -146.90
CA ALA YA 142 -52.22 -30.07 -147.75
C ALA YA 142 -50.70 -30.03 -147.85
N ARG YA 143 -50.13 -28.83 -147.94
CA ARG YA 143 -48.69 -28.69 -147.90
C ARG YA 143 -48.13 -29.24 -146.59
N ALA YA 144 -48.69 -28.80 -145.46
CA ALA YA 144 -48.22 -29.27 -144.17
C ALA YA 144 -48.30 -30.79 -144.07
N ALA YA 145 -49.38 -31.38 -144.59
CA ALA YA 145 -49.57 -32.81 -144.49
C ALA YA 145 -48.55 -33.56 -145.34
N GLU YA 146 -48.34 -33.12 -146.59
CA GLU YA 146 -47.36 -33.80 -147.41
C GLU YA 146 -45.96 -33.64 -146.83
N THR YA 147 -45.71 -32.56 -146.09
CA THR YA 147 -44.43 -32.46 -145.39
C THR YA 147 -44.37 -33.42 -144.20
N LEU YA 148 -45.51 -33.71 -143.58
CA LEU YA 148 -45.54 -34.53 -142.38
C LEU YA 148 -44.89 -35.89 -142.61
N ARG YA 149 -45.42 -36.67 -143.54
CA ARG YA 149 -44.99 -38.05 -143.75
C ARG YA 149 -43.64 -38.18 -144.41
N GLY YA 150 -42.90 -37.09 -144.64
CA GLY YA 150 -41.59 -37.19 -145.25
C GLY YA 150 -41.62 -37.63 -146.70
N GLY YA 151 -42.51 -37.05 -147.50
CA GLY YA 151 -42.69 -37.49 -148.86
C GLY YA 151 -41.75 -36.85 -149.86
N ALA YA 152 -42.19 -36.74 -151.11
CA ALA YA 152 -41.40 -36.05 -152.11
C ALA YA 152 -41.13 -34.61 -151.65
N PRO YA 153 -39.94 -34.08 -151.94
CA PRO YA 153 -39.63 -32.72 -151.51
C PRO YA 153 -40.64 -31.69 -152.00
N ALA YA 154 -41.06 -31.78 -153.25
CA ALA YA 154 -42.03 -30.85 -153.80
C ALA YA 154 -42.60 -31.43 -155.08
N ARG YA 155 -43.62 -30.76 -155.61
CA ARG YA 155 -44.24 -31.14 -156.87
C ARG YA 155 -44.48 -29.98 -157.83
N GLY YA 156 -44.44 -28.73 -157.35
CA GLY YA 156 -44.73 -27.60 -158.20
C GLY YA 156 -46.19 -27.21 -158.13
N ALA YA 157 -46.80 -27.42 -156.97
CA ALA YA 157 -48.23 -27.19 -156.77
C ALA YA 157 -48.51 -26.11 -155.74
N ASP YA 158 -47.50 -25.36 -155.31
CA ASP YA 158 -47.68 -24.26 -154.38
C ASP YA 158 -47.93 -22.95 -155.13
N VAL YA 159 -48.90 -23.00 -156.03
CA VAL YA 159 -49.28 -21.85 -156.83
C VAL YA 159 -50.79 -21.79 -156.89
N VAL YA 160 -51.33 -20.57 -156.95
CA VAL YA 160 -52.76 -20.37 -157.11
C VAL YA 160 -52.96 -19.32 -158.18
N PHE YA 161 -53.82 -19.62 -159.15
CA PHE YA 161 -54.13 -18.67 -160.21
C PHE YA 161 -55.33 -17.82 -159.81
N SER YA 162 -55.23 -16.52 -160.08
CA SER YA 162 -56.33 -15.61 -159.78
C SER YA 162 -56.12 -14.36 -160.63
N ASN YA 163 -57.03 -14.13 -161.58
CA ASN YA 163 -56.94 -12.98 -162.47
C ASN YA 163 -55.58 -12.96 -163.20
N GLY YA 164 -55.06 -14.13 -163.52
CA GLY YA 164 -53.80 -14.24 -164.26
C GLY YA 164 -52.52 -14.26 -163.45
N ARG YA 165 -52.32 -13.27 -162.58
CA ARG YA 165 -51.09 -13.15 -161.81
C ARG YA 165 -51.03 -14.28 -160.79
N ARG YA 166 -50.24 -15.30 -161.12
CA ARG YA 166 -50.15 -16.50 -160.28
C ARG YA 166 -49.36 -16.21 -159.03
N TYR YA 167 -49.97 -16.45 -157.86
CA TYR YA 167 -49.30 -16.23 -156.60
C TYR YA 167 -48.30 -17.34 -156.31
N GLN YA 168 -47.34 -17.04 -155.45
CA GLN YA 168 -46.21 -17.95 -155.21
C GLN YA 168 -46.36 -18.75 -153.92
N LEU YA 169 -47.26 -18.37 -153.01
CA LEU YA 169 -47.41 -19.05 -151.73
C LEU YA 169 -46.08 -19.11 -150.99
N PRO YA 170 -45.66 -18.00 -150.38
CA PRO YA 170 -44.32 -17.92 -149.78
C PRO YA 170 -44.01 -19.11 -148.89
N PRO YA 171 -42.73 -19.46 -148.76
CA PRO YA 171 -42.38 -20.71 -148.09
C PRO YA 171 -42.69 -20.63 -146.60
N PRO YA 172 -42.90 -21.77 -145.94
CA PRO YA 172 -43.24 -21.77 -144.52
C PRO YA 172 -42.00 -21.48 -143.68
N HIS YA 173 -42.25 -21.23 -142.39
CA HIS YA 173 -41.20 -20.96 -141.42
C HIS YA 173 -40.29 -19.82 -141.88
N ARG YA 174 -40.90 -18.80 -142.48
CA ARG YA 174 -40.18 -17.62 -142.91
C ARG YA 174 -40.54 -16.40 -142.08
N ASP YA 175 -41.83 -16.08 -141.97
CA ASP YA 175 -42.29 -14.94 -141.18
C ASP YA 175 -42.87 -15.36 -139.84
N ASN YA 176 -43.60 -16.47 -139.81
CA ASN YA 176 -44.17 -17.02 -138.60
C ASN YA 176 -43.38 -18.24 -138.15
N ALA YA 177 -43.81 -18.83 -137.05
CA ALA YA 177 -43.33 -20.16 -136.71
C ALA YA 177 -44.18 -21.20 -137.41
N GLU YA 178 -43.58 -22.36 -137.68
CA GLU YA 178 -44.37 -23.46 -138.22
C GLU YA 178 -45.52 -23.83 -137.29
N ALA YA 179 -45.41 -23.51 -136.01
CA ALA YA 179 -46.45 -23.80 -135.03
C ALA YA 179 -47.60 -22.81 -135.09
N ALA YA 180 -47.57 -21.84 -136.00
CA ALA YA 180 -48.66 -20.87 -136.07
C ALA YA 180 -49.93 -21.50 -136.61
N THR YA 181 -49.82 -22.53 -137.45
CA THR YA 181 -50.97 -23.16 -138.06
C THR YA 181 -51.00 -24.67 -137.88
N ARG YA 182 -50.14 -25.23 -137.02
CA ARG YA 182 -50.08 -26.68 -136.88
C ARG YA 182 -51.31 -27.23 -136.18
N SER YA 183 -51.88 -26.45 -135.25
CA SER YA 183 -53.07 -26.93 -134.54
C SER YA 183 -54.24 -27.10 -135.50
N LEU YA 184 -54.37 -26.19 -136.47
CA LEU YA 184 -55.39 -26.36 -137.49
C LEU YA 184 -55.17 -27.63 -138.28
N VAL YA 185 -53.92 -27.91 -138.66
CA VAL YA 185 -53.62 -29.10 -139.45
C VAL YA 185 -53.99 -30.36 -138.67
N LEU YA 186 -53.56 -30.43 -137.41
CA LEU YA 186 -53.89 -31.60 -136.59
C LEU YA 186 -55.40 -31.76 -136.46
N ASN YA 187 -56.08 -30.70 -136.03
CA ASN YA 187 -57.52 -30.78 -135.80
C ASN YA 187 -58.29 -31.06 -137.07
N MET YA 188 -57.72 -30.79 -138.24
CA MET YA 188 -58.53 -31.11 -139.41
C MET YA 188 -58.23 -32.48 -139.98
N ILE YA 189 -56.98 -32.93 -139.90
CA ILE YA 189 -56.66 -34.26 -140.41
C ILE YA 189 -57.24 -35.35 -139.49
N PHE YA 190 -57.07 -35.17 -138.18
CA PHE YA 190 -57.52 -36.18 -137.24
C PHE YA 190 -59.03 -36.41 -137.34
N LEU YA 191 -59.80 -35.35 -137.59
CA LEU YA 191 -61.24 -35.50 -137.65
C LEU YA 191 -61.66 -36.31 -138.87
N LEU YA 192 -61.06 -36.04 -140.03
CA LEU YA 192 -61.40 -36.83 -141.22
C LEU YA 192 -61.00 -38.28 -141.04
N ASN YA 193 -59.82 -38.52 -140.45
CA ASN YA 193 -59.42 -39.90 -140.20
C ASN YA 193 -60.44 -40.60 -139.31
N GLU YA 194 -60.88 -39.93 -138.25
CA GLU YA 194 -61.86 -40.54 -137.35
C GLU YA 194 -63.19 -40.80 -138.07
N GLY YA 195 -63.61 -39.87 -138.93
CA GLY YA 195 -64.83 -40.10 -139.68
C GLY YA 195 -64.75 -41.32 -140.56
N ALA YA 196 -63.66 -41.46 -141.31
CA ALA YA 196 -63.49 -42.63 -142.16
C ALA YA 196 -63.47 -43.90 -141.32
N VAL YA 197 -62.78 -43.87 -140.17
CA VAL YA 197 -62.72 -45.04 -139.30
C VAL YA 197 -64.12 -45.45 -138.86
N ILE YA 198 -64.88 -44.49 -138.34
CA ILE YA 198 -66.20 -44.83 -137.80
C ILE YA 198 -67.11 -45.34 -138.90
N LEU YA 199 -67.01 -44.76 -140.10
CA LEU YA 199 -67.86 -45.22 -141.19
C LEU YA 199 -67.52 -46.64 -141.57
N LEU YA 200 -66.24 -46.93 -141.82
CA LEU YA 200 -65.87 -48.28 -142.20
C LEU YA 200 -66.17 -49.28 -141.10
N SER YA 201 -66.19 -48.86 -139.83
CA SER YA 201 -66.59 -49.76 -138.77
C SER YA 201 -68.09 -50.04 -138.81
N LEU YA 202 -68.88 -49.07 -139.25
CA LEU YA 202 -70.31 -49.33 -139.39
C LEU YA 202 -70.60 -50.24 -140.58
N ILE YA 203 -69.95 -49.98 -141.72
CA ILE YA 203 -70.16 -50.79 -142.90
C ILE YA 203 -68.86 -51.52 -143.25
N PRO YA 204 -68.66 -52.74 -142.74
CA PRO YA 204 -67.38 -53.42 -142.99
C PRO YA 204 -67.17 -53.81 -144.45
N ASN YA 205 -68.20 -54.37 -145.08
CA ASN YA 205 -68.09 -54.87 -146.45
C ASN YA 205 -68.08 -53.76 -147.51
N LEU YA 206 -68.06 -52.49 -147.13
CA LEU YA 206 -68.12 -51.42 -148.13
C LEU YA 206 -66.99 -51.51 -149.15
N LEU YA 207 -65.80 -51.92 -148.72
CA LEU YA 207 -64.64 -51.83 -149.58
C LEU YA 207 -64.37 -53.13 -150.36
N THR YA 208 -64.89 -54.26 -149.91
CA THR YA 208 -64.73 -55.51 -150.64
C THR YA 208 -65.76 -55.68 -151.75
N LEU YA 209 -66.65 -54.70 -151.92
CA LEU YA 209 -67.61 -54.76 -153.01
C LEU YA 209 -66.88 -54.58 -154.34
N GLY YA 210 -67.63 -54.74 -155.44
CA GLY YA 210 -67.08 -54.52 -156.76
C GLY YA 210 -66.48 -53.15 -156.92
N ALA YA 211 -65.23 -53.11 -157.38
CA ALA YA 211 -64.51 -51.84 -157.49
C ALA YA 211 -65.20 -50.85 -158.43
N GLN YA 212 -66.19 -51.28 -159.21
CA GLN YA 212 -66.93 -50.35 -160.04
C GLN YA 212 -68.43 -50.58 -160.07
N ASP YA 213 -68.94 -51.68 -159.53
CA ASP YA 213 -70.36 -51.99 -159.58
C ASP YA 213 -71.00 -52.04 -158.20
N GLY YA 214 -70.44 -52.84 -157.28
CA GLY YA 214 -71.05 -52.97 -155.96
C GLY YA 214 -71.11 -51.65 -155.22
N TYR YA 215 -70.03 -50.88 -155.26
CA TYR YA 215 -70.01 -49.58 -154.59
C TYR YA 215 -71.01 -48.62 -155.22
N ALA YA 216 -70.99 -48.54 -156.55
CA ALA YA 216 -71.89 -47.63 -157.25
C ALA YA 216 -73.35 -48.03 -157.05
N ASN YA 217 -73.63 -49.34 -157.08
CA ASN YA 217 -75.00 -49.77 -156.85
C ASN YA 217 -75.44 -49.48 -155.42
N ALA YA 218 -74.54 -49.69 -154.46
CA ALA YA 218 -74.86 -49.38 -153.07
C ALA YA 218 -75.23 -47.91 -152.91
N VAL YA 219 -74.42 -47.01 -153.49
CA VAL YA 219 -74.70 -45.58 -153.33
C VAL YA 219 -75.96 -45.19 -154.07
N ILE YA 220 -76.18 -45.75 -155.26
CA ILE YA 220 -77.35 -45.36 -156.04
C ILE YA 220 -78.63 -45.85 -155.38
N GLN YA 221 -78.56 -46.95 -154.64
CA GLN YA 221 -79.75 -47.44 -153.95
C GLN YA 221 -79.92 -46.78 -152.59
N LEU YA 222 -78.83 -46.29 -152.00
CA LEU YA 222 -78.94 -45.59 -150.72
C LEU YA 222 -79.50 -44.18 -150.92
N GLY YA 223 -78.91 -43.42 -151.85
CA GLY YA 223 -79.43 -42.10 -152.14
C GLY YA 223 -80.86 -42.12 -152.63
N SER YA 224 -81.26 -43.22 -153.26
CA SER YA 224 -82.63 -43.46 -153.67
C SER YA 224 -83.47 -43.96 -152.49
N ALA YA 225 -84.59 -44.59 -152.77
CA ALA YA 225 -85.55 -44.97 -151.76
C ALA YA 225 -84.97 -46.07 -150.87
N THR YA 226 -85.83 -46.63 -150.02
CA THR YA 226 -85.43 -47.29 -148.77
C THR YA 226 -85.17 -48.79 -148.95
N ARG YA 227 -84.58 -49.20 -150.08
CA ARG YA 227 -84.08 -50.56 -150.22
C ARG YA 227 -83.27 -50.97 -148.99
N GLU YA 228 -82.13 -50.32 -148.78
CA GLU YA 228 -81.32 -50.44 -147.57
C GLU YA 228 -80.98 -51.89 -147.20
N LEU YA 229 -81.19 -52.83 -148.10
CA LEU YA 229 -80.96 -54.26 -147.86
C LEU YA 229 -81.48 -54.67 -146.48
N GLY YA 230 -82.70 -54.24 -146.18
CA GLY YA 230 -83.21 -54.34 -144.83
C GLY YA 230 -82.41 -53.43 -143.91
N GLN YA 231 -81.57 -54.02 -143.07
CA GLN YA 231 -80.58 -53.28 -142.29
C GLN YA 231 -79.23 -53.49 -142.97
N LEU YA 232 -78.83 -52.53 -143.79
CA LEU YA 232 -77.57 -52.65 -144.53
C LEU YA 232 -76.37 -52.57 -143.59
N VAL YA 233 -76.42 -51.65 -142.62
CA VAL YA 233 -75.35 -51.56 -141.64
C VAL YA 233 -75.33 -52.82 -140.79
N ARG YA 234 -74.14 -53.25 -140.40
CA ARG YA 234 -73.97 -54.50 -139.70
C ARG YA 234 -74.16 -54.32 -138.20
N GLN YA 235 -74.44 -55.43 -137.52
CA GLN YA 235 -74.68 -55.40 -136.08
C GLN YA 235 -73.36 -55.39 -135.35
N PRO YA 236 -73.13 -54.45 -134.44
CA PRO YA 236 -71.85 -54.39 -133.73
C PRO YA 236 -71.82 -55.36 -132.56
N PRO YA 237 -70.66 -55.89 -132.21
CA PRO YA 237 -70.56 -56.80 -131.06
C PRO YA 237 -70.82 -56.05 -129.77
N PRO YA 238 -71.13 -56.76 -128.68
CA PRO YA 238 -71.40 -56.09 -127.42
C PRO YA 238 -70.13 -55.43 -126.88
N PRO YA 239 -70.27 -54.36 -126.09
CA PRO YA 239 -69.09 -53.69 -125.53
C PRO YA 239 -68.60 -54.32 -124.23
N LEU YA 240 -67.60 -53.69 -123.62
CA LEU YA 240 -67.05 -54.14 -122.34
C LEU YA 240 -67.91 -53.63 -121.18
N PRO YA 241 -67.69 -54.14 -119.96
CA PRO YA 241 -68.58 -53.80 -118.85
C PRO YA 241 -68.33 -52.44 -118.19
N GLN YA 242 -67.63 -51.54 -118.87
CA GLN YA 242 -67.34 -50.16 -118.50
C GLN YA 242 -66.26 -50.05 -117.42
N ASP YA 243 -65.83 -51.14 -116.80
CA ASP YA 243 -64.69 -51.10 -115.90
C ASP YA 243 -63.44 -51.65 -116.55
N HIS YA 244 -63.59 -52.48 -117.57
CA HIS YA 244 -62.45 -52.93 -118.35
C HIS YA 244 -61.89 -51.76 -119.15
N ALA YA 245 -60.58 -51.56 -119.08
CA ALA YA 245 -59.94 -50.40 -119.68
C ALA YA 245 -60.04 -50.37 -121.20
N ARG YA 246 -60.71 -51.36 -121.81
CA ARG YA 246 -60.80 -51.45 -123.26
C ARG YA 246 -62.23 -51.33 -123.76
N ARG YA 247 -63.07 -50.61 -123.04
CA ARG YA 247 -64.43 -50.41 -123.51
C ARG YA 247 -64.44 -49.46 -124.70
N PHE YA 248 -65.24 -49.79 -125.71
CA PHE YA 248 -65.33 -48.98 -126.91
C PHE YA 248 -66.76 -49.12 -127.45
N CYS YA 249 -67.58 -48.12 -127.17
CA CYS YA 249 -68.94 -48.08 -127.70
C CYS YA 249 -68.90 -47.27 -128.99
N VAL YA 250 -69.28 -47.91 -130.10
CA VAL YA 250 -69.21 -47.28 -131.41
C VAL YA 250 -70.05 -46.01 -131.44
N PHE YA 251 -71.26 -46.08 -130.89
CA PHE YA 251 -72.20 -44.98 -131.04
C PHE YA 251 -71.80 -43.77 -130.21
N GLU YA 252 -71.17 -43.99 -129.05
CA GLU YA 252 -70.60 -42.86 -128.32
C GLU YA 252 -69.58 -42.13 -129.18
N ALA YA 253 -68.68 -42.88 -129.82
CA ALA YA 253 -67.71 -42.27 -130.72
C ALA YA 253 -68.40 -41.54 -131.86
N LEU YA 254 -69.50 -42.09 -132.36
CA LEU YA 254 -70.23 -41.43 -133.43
C LEU YA 254 -70.77 -40.08 -132.98
N GLU YA 255 -71.40 -40.04 -131.81
CA GLU YA 255 -71.88 -38.78 -131.28
C GLU YA 255 -70.74 -37.78 -131.13
N ALA YA 256 -69.62 -38.23 -130.56
CA ALA YA 256 -68.48 -37.34 -130.37
C ALA YA 256 -68.01 -36.76 -131.70
N TRP YA 257 -67.93 -37.61 -132.73
CA TRP YA 257 -67.45 -37.14 -134.02
C TRP YA 257 -68.43 -36.18 -134.67
N ILE YA 258 -69.73 -36.47 -134.59
CA ILE YA 258 -70.72 -35.55 -135.13
C ILE YA 258 -70.56 -34.18 -134.48
N ALA YA 259 -70.49 -34.15 -133.15
CA ALA YA 259 -70.39 -32.88 -132.44
C ALA YA 259 -69.12 -32.13 -132.83
N SER YA 260 -67.98 -32.82 -132.84
CA SER YA 260 -66.73 -32.13 -133.11
C SER YA 260 -66.68 -31.65 -134.55
N ALA YA 261 -67.19 -32.44 -135.49
CA ALA YA 261 -67.20 -32.01 -136.88
C ALA YA 261 -68.10 -30.80 -137.08
N SER YA 262 -69.25 -30.77 -136.39
CA SER YA 262 -70.08 -29.58 -136.46
C SER YA 262 -69.33 -28.37 -135.92
N ARG YA 263 -68.71 -28.52 -134.75
CA ARG YA 263 -68.00 -27.41 -134.13
C ARG YA 263 -66.91 -26.88 -135.04
N LEU YA 264 -66.15 -27.77 -135.69
CA LEU YA 264 -65.18 -27.32 -136.67
C LEU YA 264 -65.88 -26.60 -137.82
N GLY YA 265 -66.73 -27.33 -138.56
CA GLY YA 265 -67.30 -26.79 -139.78
C GLY YA 265 -67.94 -25.44 -139.60
N ASP YA 266 -68.44 -25.15 -138.40
CA ASP YA 266 -68.92 -23.81 -138.12
C ASP YA 266 -67.76 -22.80 -138.16
N THR YA 267 -66.80 -22.94 -137.25
CA THR YA 267 -65.75 -21.93 -137.04
C THR YA 267 -64.69 -22.05 -138.13
N LEU YA 268 -65.12 -21.87 -139.38
CA LEU YA 268 -64.18 -21.91 -140.50
C LEU YA 268 -64.34 -20.70 -141.41
N GLY YA 269 -65.11 -19.71 -141.01
CA GLY YA 269 -65.46 -18.65 -141.95
C GLY YA 269 -66.37 -19.19 -143.02
N THR YA 270 -65.95 -19.09 -144.29
CA THR YA 270 -66.68 -19.65 -145.43
C THR YA 270 -68.12 -19.16 -145.50
N ARG YA 271 -68.42 -18.07 -144.78
CA ARG YA 271 -69.74 -17.46 -144.78
C ARG YA 271 -69.56 -15.99 -145.18
N PRO YA 272 -70.25 -15.53 -146.22
CA PRO YA 272 -70.04 -14.16 -146.69
C PRO YA 272 -70.43 -13.14 -145.63
N VAL YA 273 -69.66 -12.07 -145.56
CA VAL YA 273 -69.88 -11.02 -144.57
C VAL YA 273 -70.12 -9.72 -145.31
N ALA YA 274 -69.66 -9.66 -146.55
CA ALA YA 274 -69.85 -8.46 -147.36
C ALA YA 274 -69.75 -8.85 -148.83
N ARG YA 275 -70.10 -7.91 -149.69
CA ARG YA 275 -70.19 -8.15 -151.13
C ARG YA 275 -69.82 -6.88 -151.85
N VAL YA 276 -68.96 -6.98 -152.85
CA VAL YA 276 -68.40 -5.82 -153.52
C VAL YA 276 -69.40 -5.32 -154.57
N CYS YA 277 -69.67 -4.02 -154.54
CA CYS YA 277 -70.57 -3.39 -155.50
C CYS YA 277 -69.96 -2.09 -156.00
N ILE YA 278 -68.69 -2.15 -156.40
CA ILE YA 278 -67.96 -0.97 -156.84
C ILE YA 278 -68.71 -0.26 -157.96
N PHE YA 279 -68.47 1.04 -158.07
CA PHE YA 279 -69.19 1.89 -159.02
C PHE YA 279 -68.35 3.12 -159.27
N ASP YA 280 -68.25 3.53 -160.54
CA ASP YA 280 -67.43 4.67 -160.95
C ASP YA 280 -66.01 4.52 -160.44
N GLY YA 281 -65.33 3.49 -160.94
CA GLY YA 281 -63.96 3.22 -160.59
C GLY YA 281 -63.34 2.16 -161.48
N PRO YA 282 -62.09 1.80 -161.20
CA PRO YA 282 -61.47 0.71 -161.94
C PRO YA 282 -62.20 -0.59 -161.69
N PRO YA 283 -62.28 -1.46 -162.70
CA PRO YA 283 -63.18 -2.62 -162.58
C PRO YA 283 -62.81 -3.58 -161.47
N THR YA 284 -61.52 -3.77 -161.20
CA THR YA 284 -61.07 -4.68 -160.16
C THR YA 284 -59.97 -4.01 -159.36
N VAL YA 285 -59.91 -4.33 -158.07
CA VAL YA 285 -59.06 -3.63 -157.12
C VAL YA 285 -57.87 -4.53 -156.80
N PRO YA 286 -56.68 -4.22 -157.31
CA PRO YA 286 -55.47 -4.97 -156.89
C PRO YA 286 -55.30 -4.93 -155.39
N PRO YA 287 -54.43 -5.78 -154.83
CA PRO YA 287 -54.25 -5.80 -153.38
C PRO YA 287 -53.45 -4.60 -152.90
N GLY YA 288 -53.92 -3.97 -151.83
CA GLY YA 288 -53.22 -2.87 -151.19
C GLY YA 288 -54.01 -1.59 -151.06
N GLU YA 289 -55.05 -1.40 -151.88
CA GLU YA 289 -55.81 -0.16 -151.87
C GLU YA 289 -57.28 -0.46 -151.61
N LYS YA 290 -58.05 0.60 -151.40
CA LYS YA 290 -59.40 0.49 -150.88
C LYS YA 290 -60.40 0.18 -151.99
N ALA YA 291 -61.63 -0.10 -151.57
CA ALA YA 291 -62.68 -0.52 -152.48
C ALA YA 291 -64.04 -0.34 -151.79
N ALA YA 292 -65.05 -0.02 -152.60
CA ALA YA 292 -66.40 0.12 -152.08
C ALA YA 292 -67.09 -1.22 -152.02
N VAL YA 293 -67.88 -1.43 -150.97
CA VAL YA 293 -68.47 -2.72 -150.66
C VAL YA 293 -69.79 -2.48 -149.96
N VAL YA 294 -70.70 -3.45 -150.06
CA VAL YA 294 -71.94 -3.44 -149.30
C VAL YA 294 -71.96 -4.68 -148.40
#